data_9BYR
#
_entry.id   9BYR
#
_cell.length_a   1.00
_cell.length_b   1.00
_cell.length_c   1.00
_cell.angle_alpha   90.00
_cell.angle_beta   90.00
_cell.angle_gamma   90.00
#
_symmetry.space_group_name_H-M   'P 1'
#
loop_
_entity.id
_entity.type
_entity.pdbx_description
1 polymer 'Major DNA-binding protein'
2 polymer "DNA(5'-D(*GP*CP*AP*GP*AP*AP*TP*CP*GP*CP*CP*C)-3')"
3 polymer "DNA(5'-D(*AP*GP*CP*TP*CP*GP*AP*TP*TP*TP*TP*T)-3')"
4 non-polymer 'ZINC ION'
#
loop_
_entity_poly.entity_id
_entity_poly.type
_entity_poly.pdbx_seq_one_letter_code
_entity_poly.pdbx_strand_id
1 'polypeptide(L)'
;MQGAQTSEDNLGSQSQPGPCGYIYFYPLATYPLREVATLGTGYAGHRCLTVPLLCGITVEPGFSINVKALHRRPDPNCGL
LRATSYHRDIYVFHNAHMVPPIFEGPGLEALCGETREVFGYDAYSALPRESSKPGDFFPEGLDPSAYLGAVAITEAFKER
LYSGNLVAIPSLKQEVAVGQSASVRVPLYDKEVFPEGVPQLRQFYNSDLSRCMHEALYTGLAQALRVRRVGKLVELLEKQ
SLQDQAKVAKVAPLKEFPASTISHPDSGALMIVDSAACELAVSYAPAMLEASHETPASLNYDSWPLFADCEGPEARVAAL
HRYNASLAPHVSTQIFATNSVLYVSGVSKSTGQGKESLFNSFYMTHGLGTLQEGTWDPCRRPCFSGWGGPDVTGTNGPGN
YAVEHLVYAASFSPNLLARYAYYLQFCQGQKSSLTPVPETGSYVAGAAASPMCSLCEGRAPAVCLNTLFFRLRDRFPPVM
STQRRDPYVISGASGSYNETDFLGNFLNFIDKEDDGQRPDDEPRYTYWQLNQNLLERLSRLGIDAEGKLEKEPHGPRDFV
KMFKDVDAAVDAEVVQFMNSMAKNNITYKDLVKSCYHVMQYSCNPFAQPACPIFTQLFYRSLLTILQDISLPICMCYEND
NPGLGQSPPEWLKGHYQTLCTNFRSLAIDKGVLTAKEAKVVHGEPTCDLPDLDAALQGRVYGRRLPVRMSKVLMLCPRNI
KIKNRVVFTGENAALQNSFIKSTTRRENYIINGPYMKFLNTYHKTLFPDTKLSSLYLWHNFSRRRSVPVPSGASAEEYSD
LALFVDGGSRAHEESNVIDVVPGNLVTYAKQRLNNAILKACGQTQFYISLIQGLVPRTQSVPARDYPHVLGTRAVESAAA
YAEATSSLTATTVVCAATDCLSQVCKARPVVTLPVTINKYTGVNGNNQIFQAGNLGYFMGRGVDRNLLQAPGAGLRKQAG
GSSMRKKFVFATPTLGLTVKRRTQAATTYEIENIRAGLEAIISQKQEEDCVFDVVCNLVDAMGEACASLTRDDAEYLLGR
FSVLADSVLETLATIASSGIEWTAEAARDFLEGVWGGPGAAQDNFISVAEPVSTASQASAGLLLGGGGQGSGGRRKRRLA
TVLPGLEV
;
N,M,L,O,K,P,J,Q,I,R,H,S,G,T,F,U,E,V,D,W,C,X,B,A
2 'polydeoxyribonucleotide' (DG)(DC)(DA)(DG)(DA)(DA)(DT)(DC)(DG)(DC)(DC)(DC) n,o,p,q,r,s,t,u,v,w,x
3 'polydeoxyribonucleotide' (DA)(DG)(DC)(DT)(DC)(DG)(DA)(DT)(DT)(DT)(DT)(DT) l,k,j,i,h,g,f,e,d,c,b
#
loop_
_chem_comp.id
_chem_comp.type
_chem_comp.name
_chem_comp.formula
DA DNA linking 2'-DEOXYADENOSINE-5'-MONOPHOSPHATE 'C10 H14 N5 O6 P'
DC DNA linking 2'-DEOXYCYTIDINE-5'-MONOPHOSPHATE 'C9 H14 N3 O7 P'
DG DNA linking 2'-DEOXYGUANOSINE-5'-MONOPHOSPHATE 'C10 H14 N5 O7 P'
DT DNA linking THYMIDINE-5'-MONOPHOSPHATE 'C10 H15 N2 O8 P'
ZN non-polymer 'ZINC ION' 'Zn 2'
#
# COMPACT_ATOMS: atom_id res chain seq x y z
N ASP A 9 -244.02 20.29 -53.46
CA ASP A 9 -244.55 21.53 -52.89
C ASP A 9 -245.83 21.99 -53.60
N ASN A 10 -246.60 22.92 -53.01
CA ASN A 10 -247.93 23.32 -53.50
C ASN A 10 -248.28 24.79 -53.21
N LEU A 11 -249.27 25.32 -53.95
CA LEU A 11 -249.73 26.71 -53.83
C LEU A 11 -250.25 27.09 -52.43
N GLY A 12 -250.77 26.12 -51.66
CA GLY A 12 -251.20 26.33 -50.28
C GLY A 12 -250.04 26.62 -49.34
N SER A 13 -249.03 25.74 -49.32
CA SER A 13 -247.78 25.92 -48.56
C SER A 13 -247.08 27.24 -48.85
N GLN A 14 -247.10 27.68 -50.11
CA GLN A 14 -246.45 28.91 -50.58
C GLN A 14 -247.19 30.22 -50.26
N SER A 15 -248.49 30.17 -49.91
CA SER A 15 -249.28 31.37 -49.61
C SER A 15 -248.88 32.03 -48.27
N GLN A 16 -248.96 33.35 -48.18
CA GLN A 16 -248.54 34.14 -47.01
C GLN A 16 -249.65 34.35 -45.97
N PRO A 17 -249.31 34.53 -44.67
CA PRO A 17 -250.19 35.09 -43.65
C PRO A 17 -250.94 36.36 -44.05
N GLY A 18 -252.16 36.56 -43.53
CA GLY A 18 -252.97 37.76 -43.75
C GLY A 18 -254.33 37.74 -43.03
N PRO A 19 -255.15 38.78 -43.22
CA PRO A 19 -256.48 38.91 -42.63
C PRO A 19 -257.53 37.99 -43.28
N CYS A 20 -258.73 37.90 -42.70
CA CYS A 20 -259.85 37.09 -43.20
C CYS A 20 -260.58 37.73 -44.40
N GLY A 21 -260.41 39.03 -44.64
CA GLY A 21 -260.98 39.81 -45.74
C GLY A 21 -260.53 41.28 -45.67
N TYR A 22 -261.06 42.12 -46.57
CA TYR A 22 -260.81 43.57 -46.62
C TYR A 22 -262.10 44.37 -46.91
N ILE A 23 -262.20 45.57 -46.35
CA ILE A 23 -263.09 46.61 -46.85
C ILE A 23 -262.28 47.54 -47.78
N TYR A 24 -262.69 47.71 -49.03
CA TYR A 24 -262.13 48.69 -49.97
C TYR A 24 -262.98 49.96 -50.00
N PHE A 25 -262.32 51.13 -49.99
CA PHE A 25 -262.94 52.45 -50.18
C PHE A 25 -262.43 53.11 -51.47
N TYR A 26 -263.31 53.44 -52.42
CA TYR A 26 -262.96 54.06 -53.70
C TYR A 26 -263.47 55.50 -53.81
N PRO A 27 -262.66 56.49 -54.27
CA PRO A 27 -263.10 57.87 -54.37
C PRO A 27 -264.12 58.11 -55.49
N LEU A 28 -265.29 58.65 -55.15
CA LEU A 28 -266.37 58.90 -56.10
C LEU A 28 -266.03 59.92 -57.21
N ALA A 29 -265.13 60.87 -56.95
CA ALA A 29 -264.74 61.89 -57.93
C ALA A 29 -264.00 61.31 -59.17
N THR A 30 -263.31 60.18 -59.04
CA THR A 30 -262.45 59.61 -60.11
C THR A 30 -262.76 58.17 -60.51
N TYR A 31 -263.46 57.38 -59.69
CA TYR A 31 -263.74 55.97 -59.97
C TYR A 31 -264.69 55.77 -61.18
N PRO A 32 -264.45 54.79 -62.09
CA PRO A 32 -265.22 54.60 -63.32
C PRO A 32 -266.57 53.88 -63.09
N LEU A 33 -267.54 54.58 -62.53
CA LEU A 33 -268.85 54.06 -62.12
C LEU A 33 -269.67 53.40 -63.25
N ARG A 34 -269.65 53.93 -64.49
CA ARG A 34 -270.39 53.33 -65.61
C ARG A 34 -269.75 52.05 -66.12
N GLU A 35 -268.43 51.88 -66.05
CA GLU A 35 -267.78 50.62 -66.39
C GLU A 35 -268.17 49.51 -65.42
N VAL A 36 -268.02 49.70 -64.09
CA VAL A 36 -268.39 48.65 -63.12
C VAL A 36 -269.87 48.29 -63.20
N ALA A 37 -270.76 49.23 -63.48
CA ALA A 37 -272.18 48.94 -63.65
C ALA A 37 -272.47 47.93 -64.77
N THR A 38 -271.70 47.90 -65.88
CA THR A 38 -271.88 46.89 -66.94
C THR A 38 -271.51 45.47 -66.52
N LEU A 39 -270.66 45.30 -65.51
CA LEU A 39 -270.31 44.01 -64.93
C LEU A 39 -271.12 43.68 -63.66
N GLY A 40 -272.00 44.56 -63.19
CA GLY A 40 -272.73 44.42 -61.92
C GLY A 40 -274.12 43.80 -62.00
N THR A 41 -274.75 43.62 -60.83
CA THR A 41 -276.12 43.11 -60.64
C THR A 41 -277.10 44.16 -60.11
N GLY A 42 -276.93 45.43 -60.48
CA GLY A 42 -277.75 46.53 -59.97
C GLY A 42 -279.18 46.56 -60.54
N TYR A 43 -280.18 46.66 -59.68
CA TYR A 43 -281.58 46.91 -60.04
C TYR A 43 -282.01 48.32 -59.61
N ALA A 44 -283.09 48.88 -60.15
CA ALA A 44 -283.57 50.21 -59.77
C ALA A 44 -284.07 50.25 -58.31
N GLY A 45 -283.50 51.13 -57.49
CA GLY A 45 -283.80 51.25 -56.06
C GLY A 45 -282.92 50.41 -55.11
N HIS A 46 -281.88 49.73 -55.61
CA HIS A 46 -281.00 48.87 -54.80
C HIS A 46 -280.30 49.61 -53.65
N ARG A 47 -279.97 48.87 -52.59
CA ARG A 47 -279.17 49.33 -51.45
C ARG A 47 -277.85 48.56 -51.34
N CYS A 48 -277.72 47.45 -52.07
CA CYS A 48 -276.51 46.65 -52.23
C CYS A 48 -276.48 45.98 -53.63
N LEU A 49 -275.30 45.65 -54.16
CA LEU A 49 -275.11 44.85 -55.38
C LEU A 49 -273.78 44.10 -55.41
N THR A 50 -273.67 43.11 -56.29
CA THR A 50 -272.45 42.34 -56.55
C THR A 50 -271.76 42.75 -57.84
N VAL A 51 -270.44 42.69 -57.81
CA VAL A 51 -269.50 42.92 -58.93
C VAL A 51 -268.39 41.85 -58.86
N PRO A 52 -267.69 41.54 -59.97
CA PRO A 52 -266.58 40.59 -59.95
C PRO A 52 -265.30 41.14 -59.26
N LEU A 53 -264.49 40.27 -58.66
CA LEU A 53 -263.13 40.57 -58.22
C LEU A 53 -262.16 40.62 -59.43
N LEU A 54 -261.63 41.79 -59.78
CA LEU A 54 -260.72 42.03 -60.92
C LEU A 54 -259.58 43.00 -60.58
N CYS A 55 -258.35 42.62 -60.91
CA CYS A 55 -257.17 43.47 -60.74
C CYS A 55 -257.24 44.68 -61.69
N GLY A 56 -257.16 45.89 -61.15
CA GLY A 56 -257.19 47.14 -61.90
C GLY A 56 -258.57 47.80 -62.03
N ILE A 57 -259.63 47.23 -61.46
CA ILE A 57 -260.93 47.92 -61.34
C ILE A 57 -261.65 47.69 -60.01
N THR A 58 -261.55 46.53 -59.36
CA THR A 58 -262.15 46.31 -58.03
C THR A 58 -261.12 45.96 -56.96
N VAL A 59 -259.94 45.42 -57.31
CA VAL A 59 -258.78 45.28 -56.41
C VAL A 59 -257.51 45.80 -57.09
N GLU A 60 -256.46 46.11 -56.33
CA GLU A 60 -255.20 46.62 -56.89
C GLU A 60 -254.44 45.53 -57.66
N PRO A 61 -253.61 45.89 -58.66
CA PRO A 61 -252.72 44.94 -59.32
C PRO A 61 -251.84 44.17 -58.34
N GLY A 62 -251.67 42.86 -58.55
CA GLY A 62 -250.87 42.00 -57.70
C GLY A 62 -251.58 41.48 -56.44
N PHE A 63 -252.91 41.61 -56.35
CA PHE A 63 -253.72 41.03 -55.29
C PHE A 63 -253.49 39.51 -55.18
N SER A 64 -253.20 39.01 -53.97
CA SER A 64 -253.06 37.58 -53.70
C SER A 64 -254.42 36.91 -53.50
N ILE A 65 -254.87 36.06 -54.42
CA ILE A 65 -256.13 35.32 -54.26
C ILE A 65 -256.02 34.14 -53.27
N ASN A 66 -254.82 33.64 -52.96
CA ASN A 66 -254.58 32.59 -51.96
C ASN A 66 -253.89 33.18 -50.72
N VAL A 67 -254.31 32.81 -49.52
CA VAL A 67 -253.76 33.31 -48.24
C VAL A 67 -253.79 32.27 -47.13
N LYS A 68 -252.94 32.44 -46.12
CA LYS A 68 -253.12 31.85 -44.79
C LYS A 68 -253.81 32.88 -43.90
N ALA A 69 -255.08 32.66 -43.57
CA ALA A 69 -255.87 33.60 -42.76
C ALA A 69 -255.62 33.37 -41.26
N LEU A 70 -255.22 34.40 -40.51
CA LEU A 70 -255.13 34.37 -39.05
C LEU A 70 -256.53 34.52 -38.44
N HIS A 71 -257.10 33.42 -37.93
CA HIS A 71 -258.52 33.39 -37.55
C HIS A 71 -258.80 33.13 -36.06
N ARG A 72 -257.86 32.57 -35.30
CA ARG A 72 -258.01 32.28 -33.88
C ARG A 72 -256.70 32.51 -33.11
N ARG A 73 -256.77 33.18 -31.96
CA ARG A 73 -255.68 33.18 -30.96
C ARG A 73 -256.13 32.39 -29.72
N PRO A 74 -255.68 31.13 -29.52
CA PRO A 74 -256.06 30.33 -28.34
C PRO A 74 -255.69 30.99 -27.00
N ASP A 75 -254.59 31.74 -27.00
CA ASP A 75 -254.22 32.72 -25.97
C ASP A 75 -253.47 33.88 -26.68
N PRO A 76 -253.27 35.04 -26.03
CA PRO A 76 -252.61 36.23 -26.61
C PRO A 76 -251.23 36.01 -27.27
N ASN A 77 -250.58 34.86 -27.08
CA ASN A 77 -249.22 34.57 -27.53
C ASN A 77 -249.13 33.46 -28.59
N CYS A 78 -250.25 32.93 -29.10
CA CYS A 78 -250.28 31.93 -30.15
C CYS A 78 -251.32 32.26 -31.23
N GLY A 79 -250.98 32.13 -32.51
CA GLY A 79 -251.91 32.26 -33.63
C GLY A 79 -252.16 30.94 -34.37
N LEU A 80 -253.38 30.76 -34.89
CA LEU A 80 -253.72 29.65 -35.78
C LEU A 80 -254.01 30.14 -37.21
N LEU A 81 -253.52 29.42 -38.21
CA LEU A 81 -253.63 29.75 -39.63
C LEU A 81 -254.49 28.75 -40.42
N ARG A 82 -255.43 29.25 -41.23
CA ARG A 82 -256.25 28.48 -42.18
C ARG A 82 -255.89 28.87 -43.60
N ALA A 83 -255.52 27.91 -44.45
CA ALA A 83 -255.25 28.16 -45.87
C ALA A 83 -256.56 28.24 -46.67
N THR A 84 -256.80 29.33 -47.39
CA THR A 84 -258.03 29.56 -48.15
C THR A 84 -257.77 30.47 -49.35
N SER A 85 -258.51 30.25 -50.44
CA SER A 85 -258.66 31.23 -51.50
C SER A 85 -259.76 32.26 -51.19
N TYR A 86 -259.76 33.37 -51.92
CA TYR A 86 -260.82 34.38 -51.91
C TYR A 86 -262.14 33.90 -52.50
N HIS A 87 -263.25 34.49 -52.06
CA HIS A 87 -264.53 34.40 -52.76
C HIS A 87 -264.52 35.25 -54.03
N ARG A 88 -265.09 34.70 -55.09
CA ARG A 88 -265.11 35.26 -56.45
C ARG A 88 -265.86 36.61 -56.61
N ASP A 89 -266.92 36.86 -55.85
CA ASP A 89 -267.72 38.09 -55.90
C ASP A 89 -267.32 39.11 -54.81
N ILE A 90 -267.39 40.38 -55.14
CA ILE A 90 -267.29 41.54 -54.24
C ILE A 90 -268.68 42.15 -54.01
N TYR A 91 -269.00 42.48 -52.76
CA TYR A 91 -270.29 43.06 -52.34
C TYR A 91 -270.16 44.55 -52.05
N VAL A 92 -270.86 45.39 -52.82
CA VAL A 92 -270.82 46.87 -52.76
C VAL A 92 -271.97 47.40 -51.90
N PHE A 93 -271.70 47.92 -50.70
CA PHE A 93 -272.70 48.13 -49.65
C PHE A 93 -272.85 49.58 -49.13
N HIS A 94 -271.86 50.46 -49.30
CA HIS A 94 -271.88 51.87 -48.84
C HIS A 94 -271.87 52.83 -50.03
N ASN A 95 -272.82 53.77 -50.09
CA ASN A 95 -273.13 54.66 -51.24
C ASN A 95 -273.45 53.91 -52.55
N ALA A 96 -273.99 52.69 -52.48
CA ALA A 96 -274.29 51.83 -53.63
C ALA A 96 -275.27 52.45 -54.66
N HIS A 97 -276.10 53.42 -54.27
CA HIS A 97 -276.96 54.21 -55.14
C HIS A 97 -276.20 54.98 -56.23
N MET A 98 -274.90 55.23 -56.06
CA MET A 98 -274.02 55.86 -57.04
C MET A 98 -273.64 54.96 -58.22
N VAL A 99 -273.80 53.64 -58.14
CA VAL A 99 -273.55 52.70 -59.25
C VAL A 99 -274.85 52.53 -60.06
N PRO A 100 -274.89 52.85 -61.37
CA PRO A 100 -276.07 52.64 -62.22
C PRO A 100 -276.60 51.18 -62.23
N PRO A 101 -277.92 50.97 -62.37
CA PRO A 101 -278.49 49.63 -62.55
C PRO A 101 -278.12 49.01 -63.92
N ILE A 102 -278.09 47.68 -64.01
CA ILE A 102 -277.93 46.92 -65.27
C ILE A 102 -279.25 46.82 -66.07
N PHE A 103 -280.40 46.93 -65.40
CA PHE A 103 -281.75 46.81 -65.96
C PHE A 103 -282.68 47.91 -65.42
N GLU A 104 -283.46 48.56 -66.27
CA GLU A 104 -284.23 49.76 -65.89
C GLU A 104 -285.64 49.47 -65.35
N GLY A 105 -286.17 48.26 -65.52
CA GLY A 105 -287.54 47.95 -65.14
C GLY A 105 -287.79 48.07 -63.62
N PRO A 106 -288.86 48.75 -63.18
CA PRO A 106 -289.19 48.93 -61.76
C PRO A 106 -289.90 47.71 -61.11
N GLY A 107 -289.98 47.71 -59.77
CA GLY A 107 -290.83 46.81 -58.99
C GLY A 107 -290.30 45.41 -58.68
N LEU A 108 -289.01 45.12 -58.88
CA LEU A 108 -288.49 43.76 -58.79
C LEU A 108 -288.40 43.22 -57.36
N GLU A 109 -288.16 44.09 -56.38
CA GLU A 109 -287.97 43.69 -54.98
C GLU A 109 -289.24 43.12 -54.35
N ALA A 110 -290.41 43.74 -54.60
CA ALA A 110 -291.72 43.26 -54.18
C ALA A 110 -292.15 41.99 -54.92
N LEU A 111 -291.90 41.88 -56.23
CA LEU A 111 -292.16 40.68 -57.02
C LEU A 111 -291.39 39.46 -56.49
N CYS A 112 -290.10 39.64 -56.17
CA CYS A 112 -289.28 38.61 -55.54
C CYS A 112 -289.81 38.20 -54.16
N GLY A 113 -290.26 39.17 -53.34
CA GLY A 113 -290.78 38.92 -52.00
C GLY A 113 -292.07 38.12 -51.98
N GLU A 114 -293.00 38.47 -52.87
CA GLU A 114 -294.27 37.76 -53.08
C GLU A 114 -294.04 36.32 -53.56
N THR A 115 -293.15 36.12 -54.55
CA THR A 115 -292.91 34.81 -55.15
C THR A 115 -292.16 33.86 -54.23
N ARG A 116 -291.22 34.37 -53.40
CA ARG A 116 -290.51 33.59 -52.38
C ARG A 116 -291.48 32.97 -51.36
N GLU A 117 -292.55 33.68 -51.01
CA GLU A 117 -293.55 33.22 -50.04
C GLU A 117 -294.43 32.10 -50.61
N VAL A 118 -294.92 32.19 -51.86
CA VAL A 118 -295.76 31.13 -52.46
C VAL A 118 -295.00 29.82 -52.69
N PHE A 119 -293.69 29.85 -52.94
CA PHE A 119 -292.84 28.65 -52.98
C PHE A 119 -292.39 28.16 -51.60
N GLY A 120 -292.75 28.84 -50.52
CA GLY A 120 -292.44 28.45 -49.14
C GLY A 120 -290.99 28.68 -48.71
N TYR A 121 -290.25 29.58 -49.37
CA TYR A 121 -288.84 29.87 -49.06
C TYR A 121 -288.63 30.91 -47.95
N ASP A 122 -287.57 30.70 -47.20
CA ASP A 122 -287.10 31.51 -46.07
C ASP A 122 -286.51 32.88 -46.50
N ALA A 123 -287.10 33.99 -46.05
CA ALA A 123 -286.57 35.35 -46.23
C ALA A 123 -285.45 35.71 -45.24
N TYR A 124 -284.58 36.67 -45.56
CA TYR A 124 -283.54 37.10 -44.62
C TYR A 124 -284.14 37.72 -43.35
N SER A 125 -283.76 37.22 -42.18
CA SER A 125 -284.14 37.81 -40.89
C SER A 125 -282.97 38.58 -40.28
N ALA A 126 -283.14 39.88 -40.11
CA ALA A 126 -282.12 40.78 -39.58
C ALA A 126 -281.79 40.52 -38.09
N LEU A 127 -280.54 40.76 -37.71
CA LEU A 127 -280.12 40.80 -36.31
C LEU A 127 -280.88 41.93 -35.55
N PRO A 128 -281.01 41.85 -34.21
CA PRO A 128 -281.66 42.91 -33.42
C PRO A 128 -280.84 44.20 -33.26
N ARG A 129 -279.52 44.18 -33.48
CA ARG A 129 -278.69 45.40 -33.55
C ARG A 129 -278.94 46.26 -34.80
N GLU A 130 -278.56 47.53 -34.77
CA GLU A 130 -278.36 48.33 -35.99
C GLU A 130 -277.11 47.91 -36.79
N SER A 131 -277.09 48.21 -38.09
CA SER A 131 -275.86 48.24 -38.90
C SER A 131 -274.76 49.13 -38.31
N SER A 132 -273.49 48.73 -38.49
CA SER A 132 -272.32 49.53 -38.11
C SER A 132 -272.36 50.92 -38.75
N LYS A 133 -272.24 51.97 -37.94
CA LYS A 133 -272.13 53.36 -38.40
C LYS A 133 -270.79 53.59 -39.11
N PRO A 134 -270.72 54.46 -40.14
CA PRO A 134 -269.49 54.72 -40.88
C PRO A 134 -268.25 54.98 -40.02
N GLY A 135 -268.35 55.84 -39.01
CA GLY A 135 -267.25 56.16 -38.10
C GLY A 135 -266.65 54.96 -37.34
N ASP A 136 -267.32 53.82 -37.29
CA ASP A 136 -266.80 52.58 -36.71
C ASP A 136 -265.85 51.81 -37.63
N PHE A 137 -266.00 51.90 -38.96
CA PHE A 137 -265.22 51.10 -39.92
C PHE A 137 -264.41 51.91 -40.94
N PHE A 138 -264.71 53.20 -41.14
CA PHE A 138 -263.89 54.10 -41.94
C PHE A 138 -262.51 54.39 -41.31
N PRO A 139 -261.43 54.48 -42.11
CA PRO A 139 -260.17 55.08 -41.69
C PRO A 139 -260.32 56.49 -41.09
N GLU A 140 -259.33 56.93 -40.33
CA GLU A 140 -259.26 58.29 -39.76
C GLU A 140 -259.26 59.39 -40.84
N GLY A 141 -260.16 60.37 -40.71
CA GLY A 141 -260.18 61.59 -41.51
C GLY A 141 -260.90 61.52 -42.87
N LEU A 142 -261.09 60.34 -43.47
CA LEU A 142 -261.88 60.20 -44.69
C LEU A 142 -263.36 60.53 -44.47
N ASP A 143 -263.94 61.31 -45.37
CA ASP A 143 -265.35 61.67 -45.39
C ASP A 143 -266.24 60.52 -45.94
N PRO A 144 -267.18 59.95 -45.17
CA PRO A 144 -268.04 58.89 -45.66
C PRO A 144 -268.88 59.25 -46.90
N SER A 145 -269.20 60.53 -47.12
CA SER A 145 -269.96 60.98 -48.29
C SER A 145 -269.15 61.00 -49.60
N ALA A 146 -267.81 60.95 -49.52
CA ALA A 146 -266.91 61.05 -50.67
C ALA A 146 -266.48 59.71 -51.28
N TYR A 147 -266.82 58.58 -50.66
CA TYR A 147 -266.31 57.26 -51.02
C TYR A 147 -267.40 56.21 -51.26
N LEU A 148 -267.12 55.23 -52.12
CA LEU A 148 -267.89 54.01 -52.34
C LEU A 148 -267.27 52.86 -51.52
N GLY A 149 -268.06 52.09 -50.76
CA GLY A 149 -267.55 51.00 -49.89
C GLY A 149 -267.98 49.59 -50.30
N ALA A 150 -267.04 48.65 -50.33
CA ALA A 150 -267.27 47.26 -50.75
C ALA A 150 -266.39 46.25 -49.99
N VAL A 151 -266.86 45.02 -49.81
CA VAL A 151 -266.14 43.93 -49.11
C VAL A 151 -265.60 42.88 -50.08
N ALA A 152 -264.33 42.51 -49.92
CA ALA A 152 -263.72 41.30 -50.47
C ALA A 152 -263.50 40.29 -49.32
N ILE A 153 -263.89 39.03 -49.50
CA ILE A 153 -263.97 38.05 -48.40
C ILE A 153 -263.37 36.71 -48.77
N THR A 154 -262.72 36.03 -47.82
CA THR A 154 -262.21 34.68 -48.06
C THR A 154 -263.31 33.62 -48.02
N GLU A 155 -263.17 32.58 -48.83
CA GLU A 155 -264.21 31.57 -49.03
C GLU A 155 -264.56 30.79 -47.76
N ALA A 156 -263.61 30.62 -46.83
CA ALA A 156 -263.79 29.94 -45.54
C ALA A 156 -264.50 30.77 -44.45
N PHE A 157 -264.51 32.09 -44.53
CA PHE A 157 -265.06 33.01 -43.51
C PHE A 157 -266.23 33.90 -43.99
N LYS A 158 -266.80 33.62 -45.16
CA LYS A 158 -267.97 34.37 -45.70
C LYS A 158 -269.27 34.15 -44.90
N GLU A 159 -269.50 33.03 -44.23
CA GLU A 159 -270.64 32.90 -43.32
C GLU A 159 -270.46 33.76 -42.05
N ARG A 160 -269.22 33.95 -41.58
CA ARG A 160 -268.90 34.87 -40.48
C ARG A 160 -269.17 36.33 -40.84
N LEU A 161 -268.92 36.73 -42.10
CA LEU A 161 -269.33 38.04 -42.63
C LEU A 161 -270.86 38.21 -42.57
N TYR A 162 -271.60 37.23 -43.10
CA TYR A 162 -273.06 37.19 -43.06
C TYR A 162 -273.62 37.31 -41.63
N SER A 163 -273.04 36.59 -40.66
CA SER A 163 -273.53 36.50 -39.28
C SER A 163 -273.05 37.62 -38.35
N GLY A 164 -272.24 38.57 -38.82
CA GLY A 164 -271.80 39.74 -38.03
C GLY A 164 -270.68 39.44 -37.03
N ASN A 165 -269.86 38.42 -37.30
CA ASN A 165 -268.81 37.92 -36.41
C ASN A 165 -267.37 38.33 -36.80
N LEU A 166 -267.18 39.18 -37.82
CA LEU A 166 -265.88 39.78 -38.13
C LEU A 166 -265.68 41.13 -37.42
N VAL A 167 -264.44 41.53 -37.22
CA VAL A 167 -264.00 42.80 -36.65
C VAL A 167 -263.18 43.58 -37.70
N ALA A 168 -263.51 44.84 -37.96
CA ALA A 168 -262.69 45.74 -38.77
C ALA A 168 -261.69 46.53 -37.90
N ILE A 169 -260.47 46.75 -38.37
CA ILE A 169 -259.40 47.45 -37.63
C ILE A 169 -258.89 48.67 -38.42
N PRO A 170 -259.60 49.82 -38.40
CA PRO A 170 -259.25 51.01 -39.16
C PRO A 170 -257.82 51.54 -39.01
N SER A 171 -257.15 51.34 -37.87
CA SER A 171 -255.76 51.80 -37.68
C SER A 171 -254.76 51.09 -38.59
N LEU A 172 -255.06 49.87 -39.03
CA LEU A 172 -254.25 49.09 -39.96
C LEU A 172 -254.53 49.39 -41.44
N LYS A 173 -255.07 50.58 -41.78
CA LYS A 173 -255.31 50.99 -43.17
C LYS A 173 -254.06 50.88 -44.06
N GLN A 174 -254.29 50.59 -45.33
CA GLN A 174 -253.27 50.60 -46.38
C GLN A 174 -253.77 51.36 -47.59
N GLU A 175 -252.92 52.19 -48.20
CA GLU A 175 -253.27 52.98 -49.38
C GLU A 175 -252.83 52.25 -50.65
N VAL A 176 -253.75 52.10 -51.61
CA VAL A 176 -253.61 51.23 -52.79
C VAL A 176 -254.15 51.91 -54.04
N ALA A 177 -253.50 51.72 -55.18
CA ALA A 177 -253.96 52.24 -56.47
C ALA A 177 -254.86 51.21 -57.17
N VAL A 178 -256.10 51.58 -57.50
CA VAL A 178 -257.05 50.71 -58.22
C VAL A 178 -257.37 51.33 -59.56
N GLY A 179 -256.67 50.89 -60.61
CA GLY A 179 -256.61 51.59 -61.88
C GLY A 179 -255.98 52.97 -61.70
N GLN A 180 -256.68 54.04 -62.08
CA GLN A 180 -256.24 55.42 -61.81
C GLN A 180 -256.50 55.88 -60.36
N SER A 181 -257.49 55.30 -59.68
CA SER A 181 -258.06 55.88 -58.44
C SER A 181 -257.23 55.57 -57.20
N ALA A 182 -256.88 56.61 -56.44
CA ALA A 182 -256.24 56.50 -55.14
C ALA A 182 -257.23 55.95 -54.09
N SER A 183 -257.14 54.67 -53.77
CA SER A 183 -258.09 53.97 -52.90
C SER A 183 -257.49 53.61 -51.54
N VAL A 184 -258.29 53.14 -50.61
CA VAL A 184 -257.83 52.69 -49.27
C VAL A 184 -258.43 51.33 -48.95
N ARG A 185 -257.73 50.45 -48.24
CA ARG A 185 -258.32 49.24 -47.66
C ARG A 185 -258.08 49.09 -46.16
N VAL A 186 -259.04 48.49 -45.45
CA VAL A 186 -259.00 48.16 -44.01
C VAL A 186 -259.15 46.65 -43.86
N PRO A 187 -258.37 45.95 -43.02
CA PRO A 187 -258.48 44.51 -42.85
C PRO A 187 -259.69 44.08 -41.98
N LEU A 188 -260.17 42.86 -42.19
CA LEU A 188 -261.18 42.17 -41.37
C LEU A 188 -260.59 40.92 -40.68
N TYR A 189 -260.84 40.75 -39.38
CA TYR A 189 -260.41 39.57 -38.61
C TYR A 189 -261.60 38.90 -37.89
N ASP A 190 -261.65 37.57 -37.80
CA ASP A 190 -262.67 36.87 -37.01
C ASP A 190 -262.57 37.23 -35.51
N LYS A 191 -263.70 37.49 -34.82
CA LYS A 191 -263.70 37.85 -33.39
C LYS A 191 -262.96 36.84 -32.49
N GLU A 192 -262.74 35.61 -32.93
CA GLU A 192 -261.89 34.63 -32.25
C GLU A 192 -260.39 34.95 -32.20
N VAL A 193 -259.89 36.01 -32.86
CA VAL A 193 -258.54 36.54 -32.59
C VAL A 193 -258.47 37.41 -31.33
N PHE A 194 -259.57 37.67 -30.64
CA PHE A 194 -259.61 38.41 -29.37
C PHE A 194 -260.12 37.52 -28.23
N PRO A 195 -259.28 36.64 -27.63
CA PRO A 195 -259.70 35.73 -26.57
C PRO A 195 -260.30 36.41 -25.33
N GLU A 196 -259.90 37.65 -25.00
CA GLU A 196 -260.51 38.40 -23.88
C GLU A 196 -261.87 39.03 -24.24
N GLY A 197 -262.28 38.93 -25.49
CA GLY A 197 -263.52 39.49 -26.05
C GLY A 197 -263.41 40.94 -26.53
N VAL A 198 -264.25 41.30 -27.49
CA VAL A 198 -264.56 42.67 -27.92
C VAL A 198 -266.08 42.92 -27.75
N PRO A 199 -266.55 44.13 -27.43
CA PRO A 199 -267.99 44.42 -27.27
C PRO A 199 -268.82 44.05 -28.50
N GLN A 200 -270.05 43.58 -28.33
CA GLN A 200 -270.88 43.11 -29.45
C GLN A 200 -271.09 44.18 -30.55
N LEU A 201 -271.19 45.47 -30.20
CA LEU A 201 -271.28 46.56 -31.19
C LEU A 201 -269.94 46.95 -31.86
N ARG A 202 -268.79 46.46 -31.37
CA ARG A 202 -267.48 46.66 -32.01
C ARG A 202 -267.24 45.73 -33.21
N GLN A 203 -268.01 44.65 -33.34
CA GLN A 203 -268.05 43.77 -34.52
C GLN A 203 -268.72 44.46 -35.72
N PHE A 204 -268.33 44.09 -36.93
CA PHE A 204 -268.84 44.67 -38.18
C PHE A 204 -270.12 43.99 -38.64
N TYR A 205 -271.18 44.75 -38.86
CA TYR A 205 -272.44 44.25 -39.41
C TYR A 205 -273.08 45.22 -40.40
N ASN A 206 -273.56 44.74 -41.53
CA ASN A 206 -274.42 45.52 -42.41
C ASN A 206 -275.60 44.67 -42.91
N SER A 207 -276.81 45.10 -42.58
CA SER A 207 -278.02 44.34 -42.88
C SER A 207 -278.32 44.25 -44.38
N ASP A 208 -278.02 45.29 -45.18
CA ASP A 208 -278.20 45.22 -46.63
C ASP A 208 -277.23 44.25 -47.30
N LEU A 209 -275.97 44.19 -46.84
CA LEU A 209 -274.99 43.21 -47.30
C LEU A 209 -275.43 41.78 -46.96
N SER A 210 -275.83 41.50 -45.72
CA SER A 210 -276.27 40.16 -45.32
C SER A 210 -277.52 39.70 -46.11
N ARG A 211 -278.53 40.57 -46.27
CA ARG A 211 -279.69 40.32 -47.13
C ARG A 211 -279.32 40.03 -48.59
N CYS A 212 -278.38 40.78 -49.19
CA CYS A 212 -277.90 40.52 -50.53
C CYS A 212 -277.26 39.12 -50.67
N MET A 213 -276.35 38.73 -49.77
CA MET A 213 -275.81 37.36 -49.71
C MET A 213 -276.87 36.27 -49.54
N HIS A 214 -277.89 36.50 -48.72
CA HIS A 214 -278.99 35.55 -48.52
C HIS A 214 -279.68 35.19 -49.83
N GLU A 215 -280.01 36.22 -50.61
CA GLU A 215 -280.73 36.12 -51.88
C GLU A 215 -279.82 35.70 -53.03
N ALA A 216 -278.71 36.39 -53.28
CA ALA A 216 -277.87 36.20 -54.45
C ALA A 216 -276.87 35.03 -54.32
N LEU A 217 -276.50 34.58 -53.12
CA LEU A 217 -275.59 33.46 -52.91
C LEU A 217 -276.28 32.20 -52.36
N TYR A 218 -276.79 32.26 -51.14
CA TYR A 218 -277.20 31.06 -50.39
C TYR A 218 -278.52 30.42 -50.87
N THR A 219 -279.48 31.21 -51.35
CA THR A 219 -280.77 30.67 -51.82
C THR A 219 -280.61 29.72 -53.02
N GLY A 220 -279.70 29.99 -53.96
CA GLY A 220 -279.44 29.11 -55.09
C GLY A 220 -278.75 27.80 -54.69
N LEU A 221 -277.91 27.81 -53.66
CA LEU A 221 -277.30 26.60 -53.08
C LEU A 221 -278.34 25.72 -52.39
N ALA A 222 -279.28 26.33 -51.67
CA ALA A 222 -280.44 25.65 -51.11
C ALA A 222 -281.33 25.02 -52.19
N GLN A 223 -281.64 25.74 -53.27
CA GLN A 223 -282.36 25.20 -54.43
C GLN A 223 -281.64 23.98 -55.05
N ALA A 224 -280.31 24.00 -55.19
CA ALA A 224 -279.53 22.87 -55.69
C ALA A 224 -279.58 21.59 -54.80
N LEU A 225 -279.90 21.72 -53.52
CA LEU A 225 -280.08 20.60 -52.56
C LEU A 225 -281.56 20.22 -52.33
N ARG A 226 -282.52 20.99 -52.88
CA ARG A 226 -283.97 20.95 -52.58
C ARG A 226 -284.27 21.14 -51.08
N VAL A 227 -283.69 22.19 -50.50
CA VAL A 227 -283.90 22.70 -49.12
C VAL A 227 -284.60 24.07 -49.18
N ARG A 228 -285.60 24.34 -48.33
CA ARG A 228 -286.31 25.64 -48.23
C ARG A 228 -285.79 26.57 -47.13
N ARG A 229 -285.23 26.02 -46.07
CA ARG A 229 -284.74 26.68 -44.85
C ARG A 229 -283.32 27.24 -45.05
N VAL A 230 -283.22 28.37 -45.75
CA VAL A 230 -281.94 28.97 -46.17
C VAL A 230 -281.09 29.40 -44.97
N GLY A 231 -281.67 30.04 -43.95
CA GLY A 231 -280.96 30.49 -42.76
C GLY A 231 -280.31 29.36 -41.95
N LYS A 232 -280.99 28.21 -41.84
CA LYS A 232 -280.43 26.97 -41.28
C LYS A 232 -279.34 26.34 -42.14
N LEU A 233 -279.41 26.41 -43.47
CA LEU A 233 -278.28 26.03 -44.33
C LEU A 233 -277.05 26.93 -44.08
N VAL A 234 -277.20 28.24 -43.92
CA VAL A 234 -276.06 29.12 -43.62
C VAL A 234 -275.42 28.78 -42.26
N GLU A 235 -276.22 28.52 -41.22
CA GLU A 235 -275.71 28.12 -39.91
C GLU A 235 -274.90 26.82 -39.94
N LEU A 236 -275.36 25.78 -40.67
CA LEU A 236 -274.61 24.53 -40.74
C LEU A 236 -273.34 24.61 -41.60
N LEU A 237 -273.28 25.48 -42.62
CA LEU A 237 -272.06 25.74 -43.38
C LEU A 237 -271.01 26.47 -42.53
N GLU A 238 -271.40 27.42 -41.67
CA GLU A 238 -270.48 28.11 -40.75
C GLU A 238 -269.81 27.15 -39.76
N LYS A 239 -270.60 26.34 -39.06
CA LYS A 239 -270.09 25.34 -38.11
C LYS A 239 -269.23 24.27 -38.78
N GLN A 240 -269.53 23.87 -40.02
CA GLN A 240 -268.67 22.99 -40.80
C GLN A 240 -267.29 23.61 -41.07
N SER A 241 -267.21 24.92 -41.34
CA SER A 241 -265.94 25.60 -41.56
C SER A 241 -265.14 25.78 -40.25
N LEU A 242 -265.78 26.17 -39.15
CA LEU A 242 -265.06 26.54 -37.91
C LEU A 242 -264.78 25.39 -36.94
N GLN A 243 -265.53 24.28 -37.02
CA GLN A 243 -265.48 23.18 -36.06
C GLN A 243 -265.23 21.81 -36.73
N ASP A 244 -264.69 21.81 -37.95
CA ASP A 244 -264.21 20.63 -38.69
C ASP A 244 -265.22 19.49 -38.91
N GLN A 245 -266.52 19.80 -39.02
CA GLN A 245 -267.62 18.82 -39.03
C GLN A 245 -267.85 18.09 -40.37
N ALA A 246 -266.87 18.04 -41.28
CA ALA A 246 -267.05 17.49 -42.63
C ALA A 246 -267.52 16.01 -42.66
N LYS A 247 -267.07 15.16 -41.74
CA LYS A 247 -267.47 13.75 -41.61
C LYS A 247 -268.73 13.51 -40.76
N VAL A 248 -269.41 14.55 -40.28
CA VAL A 248 -270.67 14.46 -39.51
C VAL A 248 -271.86 14.77 -40.41
N ALA A 249 -272.92 13.94 -40.39
CA ALA A 249 -274.15 14.20 -41.14
C ALA A 249 -274.91 15.42 -40.56
N LYS A 250 -275.47 16.28 -41.42
CA LYS A 250 -276.01 17.59 -41.01
C LYS A 250 -277.20 18.11 -41.83
N VAL A 251 -277.30 17.84 -43.14
CA VAL A 251 -278.43 18.35 -43.95
C VAL A 251 -279.68 17.49 -43.90
N ALA A 252 -279.59 16.19 -43.56
CA ALA A 252 -280.73 15.27 -43.63
C ALA A 252 -282.03 15.76 -42.94
N PRO A 253 -282.01 16.40 -41.75
CA PRO A 253 -283.22 16.96 -41.13
C PRO A 253 -283.96 18.02 -41.96
N LEU A 254 -283.24 18.79 -42.80
CA LEU A 254 -283.82 19.85 -43.63
C LEU A 254 -284.47 19.34 -44.93
N LYS A 255 -284.26 18.07 -45.30
CA LYS A 255 -284.77 17.47 -46.55
C LYS A 255 -286.30 17.36 -46.58
N GLU A 256 -286.85 17.34 -47.79
CA GLU A 256 -288.28 17.24 -48.10
C GLU A 256 -288.49 16.41 -49.37
N PHE A 257 -289.60 15.67 -49.46
CA PHE A 257 -289.82 14.69 -50.52
C PHE A 257 -291.20 14.84 -51.19
N PRO A 258 -291.31 14.64 -52.52
CA PRO A 258 -292.60 14.69 -53.25
C PRO A 258 -293.36 13.36 -53.17
N ALA A 259 -294.64 13.37 -53.55
CA ALA A 259 -295.54 12.22 -53.54
C ALA A 259 -295.07 11.04 -54.41
N SER A 260 -294.36 11.30 -55.51
CA SER A 260 -293.74 10.25 -56.35
C SER A 260 -292.65 9.46 -55.62
N THR A 261 -291.95 10.08 -54.67
CA THR A 261 -290.97 9.41 -53.81
C THR A 261 -291.62 8.72 -52.61
N ILE A 262 -292.63 9.34 -51.99
CA ILE A 262 -293.34 8.77 -50.83
C ILE A 262 -294.19 7.54 -51.21
N SER A 263 -294.82 7.54 -52.38
CA SER A 263 -295.65 6.43 -52.89
C SER A 263 -294.84 5.29 -53.55
N HIS A 264 -293.51 5.42 -53.64
CA HIS A 264 -292.64 4.50 -54.36
C HIS A 264 -292.48 3.14 -53.65
N PRO A 265 -292.44 2.00 -54.36
CA PRO A 265 -292.22 0.68 -53.74
C PRO A 265 -290.88 0.57 -52.99
N ASP A 266 -289.84 1.25 -53.47
CA ASP A 266 -288.52 1.38 -52.83
C ASP A 266 -288.33 2.70 -52.05
N SER A 267 -289.40 3.37 -51.64
CA SER A 267 -289.34 4.71 -51.03
C SER A 267 -288.35 4.84 -49.86
N GLY A 268 -288.22 3.83 -48.99
CA GLY A 268 -287.29 3.88 -47.86
C GLY A 268 -285.82 3.94 -48.28
N ALA A 269 -285.43 3.17 -49.29
CA ALA A 269 -284.09 3.22 -49.88
C ALA A 269 -283.85 4.49 -50.70
N LEU A 270 -284.87 4.98 -51.42
CA LEU A 270 -284.80 6.22 -52.17
C LEU A 270 -284.58 7.44 -51.26
N MET A 271 -285.30 7.54 -50.13
CA MET A 271 -285.09 8.62 -49.16
C MET A 271 -283.68 8.63 -48.55
N ILE A 272 -283.08 7.45 -48.30
CA ILE A 272 -281.69 7.33 -47.83
C ILE A 272 -280.70 7.73 -48.93
N VAL A 273 -280.85 7.27 -50.18
CA VAL A 273 -279.91 7.63 -51.26
C VAL A 273 -279.95 9.11 -51.61
N ASP A 274 -281.13 9.72 -51.74
CA ASP A 274 -281.33 11.16 -51.99
C ASP A 274 -280.71 12.02 -50.87
N SER A 275 -280.91 11.63 -49.61
CA SER A 275 -280.31 12.31 -48.46
C SER A 275 -278.78 12.19 -48.42
N ALA A 276 -278.23 10.99 -48.62
CA ALA A 276 -276.78 10.76 -48.58
C ALA A 276 -276.03 11.50 -49.71
N ALA A 277 -276.60 11.55 -50.92
CA ALA A 277 -276.06 12.35 -52.02
C ALA A 277 -275.93 13.84 -51.67
N CYS A 278 -276.95 14.43 -51.04
CA CYS A 278 -276.90 15.83 -50.60
C CYS A 278 -275.88 16.06 -49.48
N GLU A 279 -275.81 15.16 -48.49
CA GLU A 279 -274.80 15.24 -47.42
C GLU A 279 -273.37 15.26 -47.99
N LEU A 280 -273.07 14.38 -48.95
CA LEU A 280 -271.76 14.31 -49.61
C LEU A 280 -271.44 15.58 -50.41
N ALA A 281 -272.40 16.14 -51.15
CA ALA A 281 -272.20 17.40 -51.86
C ALA A 281 -271.87 18.56 -50.90
N VAL A 282 -272.56 18.65 -49.76
CA VAL A 282 -272.24 19.63 -48.71
C VAL A 282 -270.91 19.37 -48.00
N SER A 283 -270.46 18.13 -47.83
CA SER A 283 -269.12 17.84 -47.31
C SER A 283 -268.01 18.27 -48.26
N TYR A 284 -268.11 17.95 -49.56
CA TYR A 284 -266.99 18.09 -50.49
C TYR A 284 -266.96 19.37 -51.33
N ALA A 285 -268.09 19.97 -51.72
CA ALA A 285 -268.06 21.18 -52.56
C ALA A 285 -267.39 22.38 -51.89
N PRO A 286 -267.71 22.78 -50.64
CA PRO A 286 -266.99 23.84 -49.94
C PRO A 286 -265.48 23.61 -49.82
N ALA A 287 -265.03 22.38 -49.53
CA ALA A 287 -263.60 22.05 -49.46
C ALA A 287 -262.86 22.33 -50.77
N MET A 288 -263.40 21.89 -51.90
CA MET A 288 -262.83 22.16 -53.23
C MET A 288 -262.89 23.63 -53.61
N LEU A 289 -263.93 24.37 -53.25
CA LEU A 289 -264.02 25.81 -53.49
C LEU A 289 -263.04 26.64 -52.65
N GLU A 290 -262.79 26.27 -51.40
CA GLU A 290 -261.83 26.92 -50.48
C GLU A 290 -260.35 26.67 -50.86
N ALA A 291 -260.04 25.60 -51.60
CA ALA A 291 -258.67 25.22 -51.96
C ALA A 291 -257.87 26.33 -52.67
N SER A 292 -256.54 26.21 -52.71
CA SER A 292 -255.68 27.19 -53.39
C SER A 292 -255.76 27.02 -54.91
N HIS A 293 -256.01 28.09 -55.66
CA HIS A 293 -256.24 28.04 -57.11
C HIS A 293 -255.14 28.79 -57.88
N GLU A 294 -254.85 28.36 -59.10
CA GLU A 294 -254.01 29.13 -60.04
C GLU A 294 -254.64 30.50 -60.39
N THR A 295 -253.82 31.53 -60.62
CA THR A 295 -254.28 32.88 -61.01
C THR A 295 -254.31 33.01 -62.55
N PRO A 296 -255.48 33.04 -63.20
CA PRO A 296 -255.56 33.19 -64.66
C PRO A 296 -255.11 34.56 -65.17
N ALA A 297 -254.61 34.66 -66.39
CA ALA A 297 -254.27 35.94 -67.03
C ALA A 297 -255.51 36.82 -67.32
N SER A 298 -256.70 36.22 -67.40
CA SER A 298 -257.97 36.93 -67.59
C SER A 298 -258.41 37.75 -66.38
N LEU A 299 -257.81 37.56 -65.21
CA LEU A 299 -258.13 38.30 -63.98
C LEU A 299 -257.55 39.74 -63.97
N ASN A 300 -256.70 40.08 -64.94
CA ASN A 300 -256.05 41.38 -65.05
C ASN A 300 -256.75 42.30 -66.06
N TYR A 301 -257.62 43.19 -65.60
CA TYR A 301 -258.54 43.98 -66.42
C TYR A 301 -257.85 44.99 -67.35
N ASP A 302 -256.68 45.51 -66.98
CA ASP A 302 -255.94 46.48 -67.78
C ASP A 302 -255.15 45.84 -68.95
N SER A 303 -254.89 44.53 -68.92
CA SER A 303 -254.35 43.80 -70.07
C SER A 303 -255.43 43.14 -70.97
N TRP A 304 -256.73 43.33 -70.73
CA TRP A 304 -257.77 42.79 -71.62
C TRP A 304 -257.64 43.35 -73.04
N PRO A 305 -257.44 42.51 -74.08
CA PRO A 305 -257.35 42.98 -75.46
C PRO A 305 -258.57 43.74 -75.99
N LEU A 306 -259.78 43.48 -75.49
CA LEU A 306 -261.00 44.09 -76.06
C LEU A 306 -261.03 45.62 -76.02
N PHE A 307 -260.28 46.27 -75.12
CA PHE A 307 -260.13 47.73 -75.03
C PHE A 307 -259.10 48.34 -75.98
N ALA A 308 -258.31 47.56 -76.71
CA ALA A 308 -257.09 48.04 -77.38
C ALA A 308 -257.28 49.17 -78.41
N ASP A 309 -258.41 49.23 -79.10
CA ASP A 309 -258.74 50.30 -80.06
C ASP A 309 -259.60 51.44 -79.46
N CYS A 310 -259.95 51.41 -78.17
CA CYS A 310 -260.84 52.39 -77.53
C CYS A 310 -260.15 53.74 -77.24
N GLU A 311 -260.84 54.85 -77.54
CA GLU A 311 -260.45 56.19 -77.09
C GLU A 311 -261.58 56.82 -76.24
N GLY A 312 -261.31 57.04 -74.95
CA GLY A 312 -262.21 57.68 -74.00
C GLY A 312 -263.30 56.77 -73.39
N PRO A 313 -264.04 57.26 -72.38
CA PRO A 313 -264.98 56.46 -71.59
C PRO A 313 -266.16 55.86 -72.38
N GLU A 314 -266.71 56.57 -73.37
CA GLU A 314 -267.86 56.06 -74.14
C GLU A 314 -267.50 54.84 -74.98
N ALA A 315 -266.32 54.84 -75.61
CA ALA A 315 -265.81 53.70 -76.36
C ALA A 315 -265.57 52.48 -75.45
N ARG A 316 -265.07 52.69 -74.22
CA ARG A 316 -264.86 51.60 -73.24
C ARG A 316 -266.18 50.97 -72.78
N VAL A 317 -267.21 51.77 -72.48
CA VAL A 317 -268.55 51.25 -72.12
C VAL A 317 -269.20 50.50 -73.28
N ALA A 318 -269.13 51.02 -74.51
CA ALA A 318 -269.67 50.33 -75.69
C ALA A 318 -268.94 49.01 -76.01
N ALA A 319 -267.64 48.91 -75.74
CA ALA A 319 -266.88 47.68 -75.86
C ALA A 319 -267.30 46.62 -74.83
N LEU A 320 -267.61 47.00 -73.60
CA LEU A 320 -268.16 46.10 -72.57
C LEU A 320 -269.55 45.58 -72.96
N HIS A 321 -270.43 46.41 -73.53
CA HIS A 321 -271.72 45.93 -74.01
C HIS A 321 -271.60 44.89 -75.14
N ARG A 322 -270.68 45.04 -76.11
CA ARG A 322 -270.38 44.01 -77.11
C ARG A 322 -269.84 42.73 -76.48
N TYR A 323 -268.95 42.84 -75.50
CA TYR A 323 -268.47 41.70 -74.72
C TYR A 323 -269.63 40.94 -74.05
N ASN A 324 -270.56 41.62 -73.38
CA ASN A 324 -271.72 40.99 -72.75
C ASN A 324 -272.64 40.28 -73.73
N ALA A 325 -272.91 40.85 -74.91
CA ALA A 325 -273.70 40.20 -75.94
C ALA A 325 -273.09 38.85 -76.40
N SER A 326 -271.77 38.73 -76.48
CA SER A 326 -271.10 37.46 -76.80
C SER A 326 -271.27 36.35 -75.75
N LEU A 327 -271.60 36.68 -74.49
CA LEU A 327 -271.92 35.71 -73.42
C LEU A 327 -273.41 35.37 -73.30
N ALA A 328 -274.32 36.21 -73.81
CA ALA A 328 -275.77 36.03 -73.62
C ALA A 328 -276.33 34.64 -74.01
N PRO A 329 -275.92 33.97 -75.10
CA PRO A 329 -276.47 32.65 -75.45
C PRO A 329 -276.25 31.58 -74.39
N HIS A 330 -275.16 31.64 -73.61
CA HIS A 330 -274.93 30.76 -72.46
C HIS A 330 -275.99 30.99 -71.38
N VAL A 331 -276.29 32.24 -71.05
CA VAL A 331 -277.27 32.61 -70.02
C VAL A 331 -278.69 32.30 -70.48
N SER A 332 -279.08 32.67 -71.70
CA SER A 332 -280.44 32.39 -72.20
C SER A 332 -280.71 30.91 -72.41
N THR A 333 -279.70 30.10 -72.73
CA THR A 333 -279.85 28.63 -72.79
C THR A 333 -280.22 28.05 -71.44
N GLN A 334 -279.61 28.49 -70.34
CA GLN A 334 -279.97 28.07 -68.99
C GLN A 334 -281.37 28.54 -68.55
N ILE A 335 -282.00 29.50 -69.22
CA ILE A 335 -283.41 29.87 -69.00
C ILE A 335 -284.35 29.07 -69.93
N PHE A 336 -284.06 28.97 -71.23
CA PHE A 336 -284.96 28.39 -72.22
C PHE A 336 -284.96 26.86 -72.25
N ALA A 337 -283.90 26.17 -71.83
CA ALA A 337 -283.80 24.71 -71.90
C ALA A 337 -284.62 24.00 -70.81
N THR A 338 -285.48 23.06 -71.19
CA THR A 338 -286.30 22.27 -70.23
C THR A 338 -285.42 21.48 -69.25
N ASN A 339 -284.22 21.05 -69.68
CA ASN A 339 -283.24 20.31 -68.89
C ASN A 339 -282.06 21.16 -68.37
N SER A 340 -282.29 22.46 -68.15
CA SER A 340 -281.36 23.36 -67.45
C SER A 340 -281.08 22.90 -66.00
N VAL A 341 -279.84 23.12 -65.52
CA VAL A 341 -279.44 22.87 -64.11
C VAL A 341 -280.31 23.65 -63.10
N LEU A 342 -280.89 24.77 -63.50
CA LEU A 342 -281.81 25.58 -62.69
C LEU A 342 -283.16 24.91 -62.41
N TYR A 343 -283.53 23.86 -63.15
CA TYR A 343 -284.82 23.15 -63.04
C TYR A 343 -284.70 21.70 -62.53
N VAL A 344 -283.56 21.30 -61.99
CA VAL A 344 -283.37 19.99 -61.35
C VAL A 344 -284.32 19.83 -60.15
N SER A 345 -285.10 18.75 -60.15
CA SER A 345 -286.23 18.51 -59.24
C SER A 345 -285.96 17.48 -58.15
N GLY A 346 -284.90 16.67 -58.22
CA GLY A 346 -284.59 15.63 -57.24
C GLY A 346 -284.00 14.35 -57.81
N VAL A 347 -284.11 13.26 -57.05
CA VAL A 347 -283.62 11.91 -57.40
C VAL A 347 -284.79 10.95 -57.53
N SER A 348 -284.77 10.05 -58.52
CA SER A 348 -285.77 9.01 -58.71
C SER A 348 -285.14 7.66 -59.10
N LYS A 349 -285.93 6.58 -59.05
CA LYS A 349 -285.49 5.21 -59.34
C LYS A 349 -286.31 4.57 -60.46
N SER A 350 -285.62 3.85 -61.34
CA SER A 350 -286.16 3.17 -62.52
C SER A 350 -287.39 2.28 -62.24
N GLU A 356 -283.23 0.91 -67.06
CA GLU A 356 -281.87 1.23 -66.62
C GLU A 356 -281.14 0.01 -66.04
N SER A 357 -279.83 -0.11 -66.31
CA SER A 357 -278.95 -1.06 -65.65
C SER A 357 -278.73 -0.74 -64.16
N LEU A 358 -278.20 -1.69 -63.39
CA LEU A 358 -278.11 -1.59 -61.93
C LEU A 358 -277.50 -0.29 -61.42
N PHE A 359 -276.32 0.09 -61.90
CA PHE A 359 -275.64 1.31 -61.45
C PHE A 359 -276.26 2.60 -61.96
N ASN A 360 -277.01 2.56 -63.07
CA ASN A 360 -277.79 3.69 -63.58
C ASN A 360 -279.21 3.79 -62.98
N SER A 361 -279.65 2.84 -62.15
CA SER A 361 -281.05 2.73 -61.70
C SER A 361 -281.56 3.90 -60.86
N PHE A 362 -280.71 4.56 -60.07
CA PHE A 362 -281.01 5.87 -59.46
C PHE A 362 -280.45 6.99 -60.33
N TYR A 363 -281.21 8.07 -60.54
CA TYR A 363 -280.84 9.17 -61.43
C TYR A 363 -281.46 10.52 -61.05
N MET A 364 -280.87 11.62 -61.53
CA MET A 364 -281.37 13.00 -61.36
C MET A 364 -282.57 13.29 -62.27
N THR A 365 -283.59 13.97 -61.76
CA THR A 365 -284.81 14.39 -62.48
C THR A 365 -284.92 15.91 -62.63
N HIS A 366 -285.71 16.39 -63.59
CA HIS A 366 -286.04 17.80 -63.79
C HIS A 366 -287.54 18.03 -63.96
N GLY A 367 -288.02 19.22 -63.60
CA GLY A 367 -289.39 19.65 -63.90
C GLY A 367 -289.93 20.72 -62.96
N LEU A 368 -290.39 21.84 -63.52
CA LEU A 368 -291.02 22.94 -62.76
C LEU A 368 -292.37 22.56 -62.15
N GLY A 369 -293.13 21.65 -62.77
CA GLY A 369 -294.37 21.13 -62.19
C GLY A 369 -294.11 20.40 -60.88
N THR A 370 -293.07 19.55 -60.82
CA THR A 370 -292.64 18.89 -59.59
C THR A 370 -292.24 19.89 -58.50
N LEU A 371 -291.53 20.96 -58.87
CA LEU A 371 -291.09 21.99 -57.94
C LEU A 371 -292.25 22.81 -57.34
N GLN A 372 -293.43 22.87 -57.97
CA GLN A 372 -294.62 23.51 -57.39
C GLN A 372 -295.37 22.65 -56.36
N GLU A 373 -295.19 21.32 -56.32
CA GLU A 373 -296.01 20.41 -55.49
C GLU A 373 -295.75 20.52 -53.99
N GLY A 374 -296.71 20.08 -53.17
CA GLY A 374 -296.50 19.85 -51.74
C GLY A 374 -295.54 18.69 -51.46
N THR A 375 -295.00 18.65 -50.25
CA THR A 375 -293.93 17.75 -49.81
C THR A 375 -294.18 17.14 -48.42
N TRP A 376 -293.39 16.13 -48.07
CA TRP A 376 -293.35 15.44 -46.78
C TRP A 376 -291.94 15.43 -46.19
N ASP A 377 -291.82 15.43 -44.87
CA ASP A 377 -290.54 15.45 -44.14
C ASP A 377 -289.89 14.04 -44.04
N PRO A 378 -288.66 13.91 -43.51
CA PRO A 378 -287.98 12.62 -43.33
C PRO A 378 -288.72 11.58 -42.47
N CYS A 379 -289.73 11.98 -41.68
CA CYS A 379 -290.59 11.10 -40.88
C CYS A 379 -291.98 10.91 -41.52
N ARG A 380 -292.11 11.18 -42.83
CA ARG A 380 -293.33 11.01 -43.64
C ARG A 380 -294.52 11.87 -43.19
N ARG A 381 -294.30 12.97 -42.47
CA ARG A 381 -295.33 13.93 -42.10
C ARG A 381 -295.47 15.03 -43.17
N PRO A 382 -296.65 15.63 -43.38
CA PRO A 382 -296.82 16.76 -44.29
C PRO A 382 -295.88 17.93 -43.97
N CYS A 383 -295.36 18.63 -44.98
CA CYS A 383 -294.36 19.68 -44.82
C CYS A 383 -294.78 20.98 -45.57
N PHE A 384 -294.29 21.25 -46.77
CA PHE A 384 -294.84 22.32 -47.63
C PHE A 384 -296.17 21.85 -48.27
N SER A 385 -297.16 22.74 -48.40
CA SER A 385 -298.48 22.42 -48.95
C SER A 385 -298.62 22.59 -50.47
N GLY A 386 -297.60 23.11 -51.17
CA GLY A 386 -297.65 23.32 -52.62
C GLY A 386 -298.19 24.68 -53.05
N TRP A 387 -298.12 24.94 -54.34
CA TRP A 387 -298.68 26.14 -54.99
C TRP A 387 -299.45 25.76 -56.26
N GLY A 388 -300.65 26.34 -56.45
CA GLY A 388 -301.53 26.04 -57.57
C GLY A 388 -301.18 26.75 -58.89
N GLY A 389 -300.14 27.57 -58.91
CA GLY A 389 -299.80 28.43 -60.04
C GLY A 389 -300.53 29.79 -60.04
N PRO A 390 -300.25 30.65 -61.03
CA PRO A 390 -300.83 31.99 -61.16
C PRO A 390 -302.36 32.00 -61.15
N GLY A 394 -301.47 35.38 -66.55
CA GLY A 394 -300.56 36.17 -67.37
C GLY A 394 -300.65 35.84 -68.87
N THR A 395 -299.90 36.58 -69.69
CA THR A 395 -300.05 36.58 -71.16
C THR A 395 -299.72 35.25 -71.86
N ASN A 396 -298.97 34.33 -71.24
CA ASN A 396 -298.69 33.00 -71.81
C ASN A 396 -299.78 31.95 -71.50
N GLY A 397 -300.78 32.26 -70.69
CA GLY A 397 -301.97 31.43 -70.44
C GLY A 397 -301.80 30.23 -69.48
N PRO A 398 -302.90 29.50 -69.20
CA PRO A 398 -302.97 28.45 -68.19
C PRO A 398 -302.05 27.24 -68.44
N GLY A 399 -301.42 26.73 -67.38
CA GLY A 399 -300.52 25.55 -67.42
C GLY A 399 -299.16 25.79 -68.09
N ASN A 400 -298.91 27.01 -68.56
CA ASN A 400 -297.68 27.38 -69.26
C ASN A 400 -296.73 28.16 -68.34
N TYR A 401 -295.46 28.27 -68.73
CA TYR A 401 -294.42 29.03 -68.03
C TYR A 401 -294.86 30.49 -67.86
N ALA A 402 -294.70 31.05 -66.66
CA ALA A 402 -295.10 32.39 -66.27
C ALA A 402 -293.91 33.17 -65.68
N VAL A 403 -294.07 34.47 -65.48
CA VAL A 403 -292.99 35.30 -64.92
C VAL A 403 -292.51 34.78 -63.54
N GLU A 404 -293.36 34.18 -62.72
CA GLU A 404 -292.96 33.55 -61.46
C GLU A 404 -291.93 32.42 -61.63
N HIS A 405 -291.96 31.66 -62.75
CA HIS A 405 -290.94 30.65 -63.02
C HIS A 405 -289.57 31.25 -63.35
N LEU A 406 -289.54 32.40 -64.03
CA LEU A 406 -288.30 33.18 -64.21
C LEU A 406 -287.79 33.71 -62.86
N VAL A 407 -288.67 34.18 -61.98
CA VAL A 407 -288.27 34.62 -60.62
C VAL A 407 -287.69 33.44 -59.82
N TYR A 408 -288.29 32.25 -59.87
CA TYR A 408 -287.75 31.01 -59.30
C TYR A 408 -286.36 30.61 -59.86
N ALA A 409 -286.14 30.72 -61.18
CA ALA A 409 -284.83 30.50 -61.80
C ALA A 409 -283.75 31.47 -61.27
N ALA A 410 -284.11 32.72 -61.01
CA ALA A 410 -283.24 33.75 -60.44
C ALA A 410 -283.13 33.71 -58.89
N SER A 411 -283.53 32.62 -58.21
CA SER A 411 -283.45 32.46 -56.74
C SER A 411 -284.16 33.53 -55.91
N PHE A 412 -285.23 34.12 -56.43
CA PHE A 412 -286.00 35.19 -55.78
C PHE A 412 -285.12 36.40 -55.41
N SER A 413 -284.05 36.65 -56.16
CA SER A 413 -283.08 37.71 -55.93
C SER A 413 -283.29 38.81 -56.95
N PRO A 414 -283.64 40.04 -56.54
CA PRO A 414 -283.76 41.16 -57.47
C PRO A 414 -282.44 41.51 -58.18
N ASN A 415 -281.29 41.33 -57.53
CA ASN A 415 -279.97 41.50 -58.14
C ASN A 415 -279.73 40.50 -59.30
N LEU A 416 -279.92 39.19 -59.08
CA LEU A 416 -279.78 38.19 -60.13
C LEU A 416 -280.84 38.37 -61.24
N LEU A 417 -282.10 38.62 -60.89
CA LEU A 417 -283.19 38.79 -61.85
C LEU A 417 -282.96 39.97 -62.80
N ALA A 418 -282.45 41.10 -62.30
CA ALA A 418 -282.04 42.24 -63.11
C ALA A 418 -280.98 41.88 -64.16
N ARG A 419 -279.91 41.16 -63.81
CA ARG A 419 -278.88 40.73 -64.78
C ARG A 419 -279.38 39.65 -65.76
N TYR A 420 -280.26 38.73 -65.36
CA TYR A 420 -280.94 37.83 -66.30
C TYR A 420 -281.78 38.60 -67.34
N ALA A 421 -282.57 39.59 -66.92
CA ALA A 421 -283.37 40.41 -67.82
C ALA A 421 -282.51 41.21 -68.80
N TYR A 422 -281.39 41.76 -68.35
CA TYR A 422 -280.40 42.39 -69.22
C TYR A 422 -279.86 41.44 -70.31
N TYR A 423 -279.52 40.18 -70.01
CA TYR A 423 -279.11 39.22 -71.04
C TYR A 423 -280.27 38.83 -71.98
N LEU A 424 -281.50 38.65 -71.48
CA LEU A 424 -282.67 38.34 -72.31
C LEU A 424 -283.03 39.47 -73.31
N GLN A 425 -282.72 40.73 -73.02
CA GLN A 425 -282.85 41.84 -73.96
C GLN A 425 -282.00 41.73 -75.25
N PHE A 426 -280.95 40.90 -75.31
CA PHE A 426 -280.22 40.60 -76.54
C PHE A 426 -280.88 39.54 -77.44
N CYS A 427 -281.87 38.79 -76.93
CA CYS A 427 -282.49 37.67 -77.64
C CYS A 427 -283.54 38.11 -78.66
N GLN A 428 -283.58 37.43 -79.82
CA GLN A 428 -284.62 37.58 -80.83
C GLN A 428 -285.94 36.95 -80.37
N GLY A 429 -287.06 37.57 -80.73
CA GLY A 429 -288.38 36.98 -80.60
C GLY A 429 -288.68 35.96 -81.70
N GLN A 430 -289.42 34.91 -81.36
CA GLN A 430 -289.87 33.89 -82.30
C GLN A 430 -291.36 33.63 -82.08
N LYS A 431 -292.23 34.32 -82.83
CA LYS A 431 -293.68 34.14 -82.78
C LYS A 431 -294.08 32.72 -83.24
N SER A 432 -294.92 32.03 -82.47
CA SER A 432 -295.45 30.69 -82.76
C SER A 432 -296.34 30.66 -84.01
N VAL A 437 -300.55 37.89 -83.11
CA VAL A 437 -300.06 38.67 -81.96
C VAL A 437 -300.12 40.17 -82.28
N PRO A 438 -300.49 41.04 -81.33
CA PRO A 438 -300.40 42.49 -81.49
C PRO A 438 -299.02 42.97 -81.96
N GLU A 439 -298.97 44.03 -82.77
CA GLU A 439 -297.71 44.68 -83.13
C GLU A 439 -297.03 45.29 -81.90
N THR A 440 -295.70 45.38 -81.89
CA THR A 440 -294.95 45.78 -80.68
C THR A 440 -295.43 47.14 -80.14
N GLY A 441 -295.58 48.14 -81.01
CA GLY A 441 -295.99 49.48 -80.63
C GLY A 441 -297.43 49.60 -80.13
N SER A 442 -298.36 48.78 -80.65
CA SER A 442 -299.72 48.72 -80.10
C SER A 442 -299.82 47.88 -78.81
N TYR A 443 -298.85 47.00 -78.51
CA TYR A 443 -298.72 46.43 -77.16
C TYR A 443 -298.15 47.45 -76.17
N VAL A 444 -297.04 48.12 -76.51
CA VAL A 444 -296.40 49.13 -75.64
C VAL A 444 -297.30 50.33 -75.33
N ALA A 445 -298.02 50.87 -76.30
CA ALA A 445 -299.00 51.94 -76.05
C ALA A 445 -300.34 51.42 -75.46
N GLY A 446 -300.68 50.16 -75.73
CA GLY A 446 -301.89 49.49 -75.25
C GLY A 446 -301.70 48.82 -73.89
N ALA A 447 -301.86 47.49 -73.81
CA ALA A 447 -301.92 46.76 -72.55
C ALA A 447 -300.70 46.94 -71.59
N ALA A 448 -299.50 47.25 -72.09
CA ALA A 448 -298.35 47.50 -71.22
C ALA A 448 -298.50 48.79 -70.36
N ALA A 449 -299.30 49.76 -70.80
CA ALA A 449 -299.53 51.04 -70.14
C ALA A 449 -300.73 51.03 -69.16
N SER A 450 -301.36 49.87 -68.94
CA SER A 450 -302.49 49.69 -68.03
C SER A 450 -302.10 49.94 -66.55
N PRO A 451 -302.91 50.66 -65.75
CA PRO A 451 -302.63 50.90 -64.34
C PRO A 451 -302.66 49.63 -63.47
N MET A 452 -303.10 48.49 -64.03
CA MET A 452 -303.13 47.19 -63.38
C MET A 452 -301.76 46.48 -63.26
N CYS A 453 -300.70 46.91 -63.97
CA CYS A 453 -299.36 46.32 -63.86
C CYS A 453 -298.81 46.48 -62.42
N SER A 454 -298.52 45.36 -61.75
CA SER A 454 -297.94 45.34 -60.39
C SER A 454 -296.45 45.69 -60.33
N LEU A 455 -295.82 46.06 -61.46
CA LEU A 455 -294.41 46.40 -61.54
C LEU A 455 -294.17 47.88 -61.86
N CYS A 456 -294.74 48.40 -62.95
CA CYS A 456 -294.55 49.79 -63.41
C CYS A 456 -295.76 50.71 -63.21
N GLU A 457 -296.92 50.19 -62.78
CA GLU A 457 -298.21 50.89 -62.78
C GLU A 457 -298.60 51.45 -64.16
N GLY A 458 -298.04 50.91 -65.25
CA GLY A 458 -298.16 51.45 -66.60
C GLY A 458 -297.25 52.65 -66.89
N ARG A 459 -296.44 53.12 -65.94
CA ARG A 459 -295.61 54.33 -66.04
C ARG A 459 -294.18 54.11 -66.60
N ALA A 460 -293.81 52.88 -66.99
CA ALA A 460 -292.54 52.56 -67.68
C ALA A 460 -292.69 51.42 -68.72
N PRO A 461 -293.64 51.52 -69.68
CA PRO A 461 -294.15 50.37 -70.41
C PRO A 461 -293.15 49.71 -71.37
N ALA A 462 -292.15 50.44 -71.88
CA ALA A 462 -291.20 49.91 -72.86
C ALA A 462 -290.10 49.03 -72.24
N VAL A 463 -289.65 49.31 -71.02
CA VAL A 463 -288.63 48.53 -70.28
C VAL A 463 -289.18 47.52 -69.26
N CYS A 464 -290.47 47.57 -68.91
CA CYS A 464 -291.09 46.68 -67.93
C CYS A 464 -290.78 45.19 -68.20
N LEU A 465 -290.51 44.42 -67.12
CA LEU A 465 -290.25 42.99 -67.19
C LEU A 465 -291.40 42.22 -67.87
N ASN A 466 -292.66 42.62 -67.66
CA ASN A 466 -293.80 42.01 -68.32
C ASN A 466 -293.80 42.24 -69.85
N THR A 467 -293.24 43.35 -70.33
CA THR A 467 -293.06 43.62 -71.78
C THR A 467 -291.98 42.73 -72.37
N LEU A 468 -290.83 42.58 -71.70
CA LEU A 468 -289.77 41.64 -72.11
C LEU A 468 -290.28 40.20 -72.13
N PHE A 469 -291.01 39.80 -71.10
CA PHE A 469 -291.64 38.48 -71.02
C PHE A 469 -292.64 38.24 -72.16
N PHE A 470 -293.50 39.22 -72.48
CA PHE A 470 -294.44 39.12 -73.60
C PHE A 470 -293.73 38.91 -74.95
N ARG A 471 -292.63 39.61 -75.19
CA ARG A 471 -291.81 39.51 -76.40
C ARG A 471 -291.16 38.13 -76.61
N LEU A 472 -290.68 37.47 -75.54
CA LEU A 472 -289.96 36.20 -75.57
C LEU A 472 -290.80 34.95 -75.24
N ARG A 473 -292.11 35.13 -75.08
CA ARG A 473 -293.12 34.19 -74.57
C ARG A 473 -293.09 32.77 -75.14
N ASP A 474 -293.02 32.62 -76.45
CA ASP A 474 -292.99 31.33 -77.14
C ASP A 474 -291.65 30.58 -77.04
N ARG A 475 -290.60 31.17 -76.44
CA ARG A 475 -289.29 30.52 -76.23
C ARG A 475 -289.10 29.87 -74.85
N PHE A 476 -289.92 30.20 -73.85
CA PHE A 476 -289.85 29.58 -72.53
C PHE A 476 -290.26 28.10 -72.57
N PRO A 477 -289.69 27.23 -71.72
CA PRO A 477 -289.95 25.79 -71.75
C PRO A 477 -291.37 25.42 -71.27
N PRO A 478 -291.85 24.19 -71.49
CA PRO A 478 -293.07 23.68 -70.84
C PRO A 478 -292.87 23.38 -69.35
N VAL A 479 -293.95 23.27 -68.58
CA VAL A 479 -293.95 22.99 -67.13
C VAL A 479 -294.23 21.50 -66.89
N MET A 480 -293.23 20.75 -66.40
CA MET A 480 -293.21 19.28 -66.41
C MET A 480 -293.32 18.64 -65.03
N SER A 481 -294.08 17.54 -64.92
CA SER A 481 -294.30 16.76 -63.69
C SER A 481 -293.84 15.30 -63.76
N THR A 482 -293.07 14.91 -64.78
CA THR A 482 -292.61 13.53 -65.03
C THR A 482 -291.23 13.22 -64.44
N GLN A 483 -290.82 11.95 -64.42
CA GLN A 483 -289.63 11.45 -63.71
C GLN A 483 -288.63 10.68 -64.62
N ARG A 484 -288.54 11.00 -65.91
CA ARG A 484 -287.62 10.38 -66.89
C ARG A 484 -286.14 10.71 -66.66
N ARG A 485 -285.23 9.79 -67.02
CA ARG A 485 -283.76 9.94 -66.98
C ARG A 485 -283.21 10.69 -68.20
N ASP A 486 -283.09 12.01 -68.10
CA ASP A 486 -282.52 12.89 -69.13
C ASP A 486 -281.16 13.49 -68.71
N PRO A 487 -280.31 13.92 -69.67
CA PRO A 487 -279.14 14.75 -69.42
C PRO A 487 -279.52 16.13 -68.83
N TYR A 488 -278.61 16.80 -68.12
CA TYR A 488 -278.78 18.17 -67.66
C TYR A 488 -277.73 19.12 -68.25
N VAL A 489 -278.04 20.41 -68.40
CA VAL A 489 -277.20 21.39 -69.10
C VAL A 489 -276.30 22.17 -68.13
N ILE A 490 -275.00 22.22 -68.37
CA ILE A 490 -273.99 22.92 -67.56
C ILE A 490 -273.29 24.04 -68.35
N SER A 491 -272.79 25.07 -67.65
CA SER A 491 -272.07 26.22 -68.24
C SER A 491 -270.79 26.51 -67.47
N GLY A 492 -269.73 26.91 -68.16
CA GLY A 492 -268.49 27.37 -67.51
C GLY A 492 -267.29 27.42 -68.43
N ALA A 493 -266.12 27.73 -67.87
CA ALA A 493 -264.83 27.74 -68.57
C ALA A 493 -264.35 26.33 -68.96
N SER A 494 -263.74 26.22 -70.13
CA SER A 494 -263.04 25.00 -70.56
C SER A 494 -261.61 24.92 -70.04
N GLY A 495 -261.09 23.71 -69.88
CA GLY A 495 -259.72 23.41 -69.48
C GLY A 495 -258.71 23.54 -70.63
N SER A 496 -257.44 23.23 -70.33
CA SER A 496 -256.30 23.43 -71.25
C SER A 496 -256.25 22.44 -72.42
N TYR A 497 -256.64 21.17 -72.22
CA TYR A 497 -256.37 20.09 -73.19
C TYR A 497 -257.65 19.43 -73.69
N ASN A 498 -258.19 19.94 -74.79
CA ASN A 498 -259.39 19.43 -75.45
C ASN A 498 -259.00 18.66 -76.72
N GLU A 499 -259.65 17.54 -77.00
CA GLU A 499 -259.37 16.68 -78.15
C GLU A 499 -260.63 16.57 -79.00
N THR A 500 -260.77 17.48 -79.97
CA THR A 500 -262.02 17.74 -80.73
C THR A 500 -261.81 17.86 -82.25
N ASP A 501 -260.65 17.46 -82.79
CA ASP A 501 -260.52 17.12 -84.22
C ASP A 501 -261.33 15.85 -84.57
N PHE A 502 -261.53 15.54 -85.86
CA PHE A 502 -262.46 14.52 -86.33
C PHE A 502 -262.32 13.12 -85.69
N LEU A 503 -261.12 12.67 -85.32
CA LEU A 503 -260.89 11.39 -84.60
C LEU A 503 -260.54 11.58 -83.11
N GLY A 504 -260.83 12.73 -82.51
CA GLY A 504 -260.73 12.95 -81.07
C GLY A 504 -259.36 12.62 -80.47
N ASN A 505 -259.34 11.76 -79.45
CA ASN A 505 -258.14 11.34 -78.74
C ASN A 505 -257.36 10.17 -79.40
N PHE A 506 -257.65 9.77 -80.64
CA PHE A 506 -256.86 8.79 -81.40
C PHE A 506 -255.37 9.17 -81.44
N LEU A 507 -254.46 8.27 -81.07
CA LEU A 507 -253.00 8.48 -81.06
C LEU A 507 -252.58 9.85 -80.46
N ASN A 508 -253.17 10.26 -79.33
CA ASN A 508 -252.81 11.51 -78.68
C ASN A 508 -251.39 11.48 -78.08
N PHE A 509 -250.95 10.32 -77.60
CA PHE A 509 -249.62 10.03 -77.06
C PHE A 509 -249.10 8.68 -77.58
N ILE A 510 -247.79 8.46 -77.47
CA ILE A 510 -247.06 7.25 -77.90
C ILE A 510 -246.28 6.65 -76.72
N TYR A 525 -246.00 8.81 -85.35
CA TYR A 525 -246.11 10.06 -84.61
C TYR A 525 -247.55 10.33 -84.13
N THR A 526 -247.73 11.21 -83.13
CA THR A 526 -249.06 11.53 -82.57
C THR A 526 -249.96 12.21 -83.61
N TYR A 527 -251.27 12.06 -83.44
CA TYR A 527 -252.28 12.72 -84.28
C TYR A 527 -252.16 14.24 -84.20
N TRP A 528 -251.79 14.79 -83.04
CA TRP A 528 -251.46 16.21 -82.89
C TRP A 528 -250.30 16.62 -83.80
N GLN A 529 -249.20 15.85 -83.82
CA GLN A 529 -248.06 16.13 -84.69
C GLN A 529 -248.44 16.01 -86.18
N LEU A 530 -249.24 15.01 -86.56
CA LEU A 530 -249.76 14.88 -87.93
C LEU A 530 -250.54 16.12 -88.39
N ASN A 531 -251.38 16.70 -87.52
CA ASN A 531 -252.10 17.91 -87.85
C ASN A 531 -251.16 19.12 -87.95
N GLN A 532 -250.15 19.24 -87.08
CA GLN A 532 -249.11 20.28 -87.22
C GLN A 532 -248.31 20.16 -88.53
N ASN A 533 -247.97 18.94 -88.97
CA ASN A 533 -247.31 18.72 -90.26
C ASN A 533 -248.16 19.19 -91.44
N LEU A 534 -249.47 18.91 -91.43
CA LEU A 534 -250.37 19.34 -92.49
C LEU A 534 -250.46 20.88 -92.57
N LEU A 535 -250.58 21.58 -91.44
CA LEU A 535 -250.58 23.06 -91.42
C LEU A 535 -249.27 23.66 -91.98
N GLU A 536 -248.12 23.03 -91.72
CA GLU A 536 -246.84 23.41 -92.33
C GLU A 536 -246.84 23.26 -93.86
N ARG A 537 -247.33 22.14 -94.41
CA ARG A 537 -247.48 21.99 -95.87
C ARG A 537 -248.43 23.03 -96.46
N LEU A 538 -249.55 23.31 -95.80
CA LEU A 538 -250.51 24.33 -96.25
C LEU A 538 -249.93 25.75 -96.21
N SER A 539 -249.01 26.04 -95.28
CA SER A 539 -248.27 27.30 -95.24
C SER A 539 -247.38 27.50 -96.49
N ARG A 540 -246.67 26.45 -96.94
CA ARG A 540 -245.91 26.47 -98.22
C ARG A 540 -246.79 26.66 -99.47
N LEU A 541 -248.08 26.34 -99.41
CA LEU A 541 -249.06 26.64 -100.46
C LEU A 541 -249.69 28.05 -100.36
N GLY A 542 -249.34 28.84 -99.35
CA GLY A 542 -249.89 30.19 -99.12
C GLY A 542 -251.22 30.25 -98.37
N ILE A 543 -251.56 29.22 -97.59
CA ILE A 543 -252.82 29.09 -96.82
C ILE A 543 -252.52 29.14 -95.31
N ASP A 544 -253.17 30.03 -94.55
CA ASP A 544 -253.00 30.12 -93.08
C ASP A 544 -253.89 29.14 -92.27
N ALA A 545 -253.74 29.13 -90.94
CA ALA A 545 -254.47 28.24 -90.03
C ALA A 545 -256.01 28.44 -89.99
N GLU A 546 -256.52 29.57 -90.48
CA GLU A 546 -257.96 29.86 -90.64
C GLU A 546 -258.42 29.74 -92.10
N GLY A 547 -257.55 29.28 -93.00
CA GLY A 547 -257.83 29.05 -94.40
C GLY A 547 -257.80 30.28 -95.30
N LYS A 548 -257.23 31.42 -94.85
CA LYS A 548 -257.07 32.62 -95.68
C LYS A 548 -255.89 32.46 -96.66
N LEU A 549 -256.06 32.88 -97.91
CA LEU A 549 -255.01 32.86 -98.93
C LEU A 549 -254.18 34.13 -98.92
N GLU A 550 -252.86 33.99 -99.14
CA GLU A 550 -251.99 35.12 -99.50
C GLU A 550 -252.19 35.60 -100.96
N LYS A 551 -252.76 34.76 -101.83
CA LYS A 551 -253.09 35.09 -103.22
C LYS A 551 -254.36 34.36 -103.70
N GLU A 552 -255.41 35.13 -104.00
CA GLU A 552 -256.69 34.60 -104.47
C GLU A 552 -256.62 34.11 -105.94
N PRO A 553 -257.33 33.03 -106.32
CA PRO A 553 -257.23 32.46 -107.66
C PRO A 553 -257.76 33.40 -108.75
N HIS A 554 -256.96 33.56 -109.80
CA HIS A 554 -257.20 34.49 -110.91
C HIS A 554 -258.30 34.07 -111.91
N GLY A 555 -258.61 32.77 -112.02
CA GLY A 555 -259.44 32.22 -113.10
C GLY A 555 -259.48 30.68 -113.08
N PRO A 556 -260.09 30.02 -114.08
CA PRO A 556 -260.26 28.57 -114.11
C PRO A 556 -258.99 27.75 -113.87
N ARG A 557 -257.87 28.05 -114.57
CA ARG A 557 -256.59 27.33 -114.39
C ARG A 557 -256.10 27.45 -112.96
N ASP A 558 -256.12 28.66 -112.41
CA ASP A 558 -255.64 28.95 -111.06
C ASP A 558 -256.50 28.29 -109.97
N PHE A 559 -257.82 28.20 -110.20
CA PHE A 559 -258.75 27.53 -109.30
C PHE A 559 -258.50 26.01 -109.26
N VAL A 560 -258.31 25.37 -110.42
CA VAL A 560 -257.93 23.94 -110.48
C VAL A 560 -256.54 23.71 -109.85
N LYS A 561 -255.55 24.52 -110.21
CA LYS A 561 -254.18 24.43 -109.68
C LYS A 561 -254.15 24.54 -108.15
N MET A 562 -254.87 25.49 -107.57
CA MET A 562 -255.02 25.64 -106.12
C MET A 562 -255.44 24.34 -105.42
N PHE A 563 -256.49 23.66 -105.91
CA PHE A 563 -256.94 22.40 -105.31
C PHE A 563 -255.99 21.23 -105.56
N LYS A 564 -255.46 21.05 -106.77
CA LYS A 564 -254.59 19.90 -107.07
C LYS A 564 -253.33 19.90 -106.21
N ASP A 565 -252.78 21.08 -105.91
CA ASP A 565 -251.67 21.21 -104.95
C ASP A 565 -252.04 20.81 -103.51
N VAL A 566 -253.23 21.17 -103.01
CA VAL A 566 -253.68 20.73 -101.68
C VAL A 566 -253.91 19.22 -101.63
N ASP A 567 -254.56 18.65 -102.64
CA ASP A 567 -254.76 17.20 -102.72
C ASP A 567 -253.43 16.43 -102.72
N ALA A 568 -252.47 16.85 -103.54
CA ALA A 568 -251.13 16.25 -103.54
C ALA A 568 -250.40 16.42 -102.20
N ALA A 569 -250.51 17.58 -101.54
CA ALA A 569 -249.92 17.81 -100.22
C ALA A 569 -250.52 16.94 -99.11
N VAL A 570 -251.84 16.70 -99.11
CA VAL A 570 -252.50 15.78 -98.17
C VAL A 570 -252.08 14.33 -98.45
N ASP A 571 -252.08 13.92 -99.72
CA ASP A 571 -251.76 12.55 -100.12
C ASP A 571 -250.29 12.19 -99.83
N ALA A 572 -249.36 13.15 -99.91
CA ALA A 572 -247.99 12.98 -99.45
C ALA A 572 -247.89 12.70 -97.94
N GLU A 573 -248.64 13.42 -97.10
CA GLU A 573 -248.60 13.23 -95.64
C GLU A 573 -249.24 11.90 -95.19
N VAL A 574 -250.29 11.43 -95.88
CA VAL A 574 -250.88 10.10 -95.60
C VAL A 574 -249.84 8.98 -95.74
N VAL A 575 -248.99 9.03 -96.79
CA VAL A 575 -247.94 8.05 -97.00
C VAL A 575 -246.92 8.06 -95.86
N GLN A 576 -246.38 9.22 -95.50
CA GLN A 576 -245.39 9.30 -94.41
C GLN A 576 -245.96 8.82 -93.07
N PHE A 577 -247.24 9.12 -92.78
CA PHE A 577 -247.93 8.60 -91.61
C PHE A 577 -248.12 7.08 -91.65
N MET A 578 -248.66 6.51 -92.73
CA MET A 578 -248.86 5.06 -92.86
C MET A 578 -247.54 4.27 -92.80
N ASN A 579 -246.44 4.81 -93.31
CA ASN A 579 -245.10 4.24 -93.13
C ASN A 579 -244.69 4.19 -91.66
N SER A 580 -244.94 5.25 -90.87
CA SER A 580 -244.65 5.24 -89.43
C SER A 580 -245.45 4.18 -88.69
N MET A 581 -246.77 4.04 -88.95
CA MET A 581 -247.58 3.03 -88.28
C MET A 581 -247.13 1.60 -88.62
N ALA A 582 -246.74 1.36 -89.87
CA ALA A 582 -246.25 0.06 -90.33
C ALA A 582 -244.93 -0.36 -89.67
N LYS A 583 -243.88 0.49 -89.73
CA LYS A 583 -242.54 0.11 -89.23
C LYS A 583 -242.47 -0.08 -87.70
N ASN A 584 -243.41 0.49 -86.96
CA ASN A 584 -243.54 0.34 -85.51
C ASN A 584 -244.53 -0.77 -85.08
N ASN A 585 -245.17 -1.47 -86.03
CA ASN A 585 -246.22 -2.48 -85.77
C ASN A 585 -247.38 -1.98 -84.86
N ILE A 586 -247.73 -0.69 -84.92
CA ILE A 586 -248.79 -0.10 -84.09
C ILE A 586 -250.16 -0.59 -84.59
N THR A 587 -251.05 -1.02 -83.70
CA THR A 587 -252.36 -1.57 -84.03
C THR A 587 -253.44 -0.50 -84.30
N TYR A 588 -253.11 0.47 -85.17
CA TYR A 588 -253.95 1.65 -85.45
C TYR A 588 -255.37 1.30 -85.90
N LYS A 589 -255.50 0.19 -86.64
CA LYS A 589 -256.75 -0.42 -87.12
C LYS A 589 -257.72 -0.84 -86.00
N ASP A 590 -257.24 -1.14 -84.80
CA ASP A 590 -258.08 -1.32 -83.60
C ASP A 590 -258.16 -0.08 -82.72
N LEU A 591 -257.12 0.78 -82.67
CA LEU A 591 -257.16 2.03 -81.92
C LEU A 591 -258.21 3.03 -82.44
N VAL A 592 -258.55 3.04 -83.73
CA VAL A 592 -259.66 3.85 -84.27
C VAL A 592 -261.01 3.48 -83.64
N LYS A 593 -261.29 2.19 -83.43
CA LYS A 593 -262.59 1.70 -82.89
C LYS A 593 -262.92 2.28 -81.51
N SER A 594 -261.91 2.53 -80.68
CA SER A 594 -262.10 3.01 -79.29
C SER A 594 -261.81 4.51 -79.09
N CYS A 595 -261.68 5.34 -80.14
CA CYS A 595 -261.41 6.77 -79.95
C CYS A 595 -262.66 7.59 -79.55
N TYR A 596 -262.47 8.62 -78.73
CA TYR A 596 -263.49 9.54 -78.20
C TYR A 596 -263.11 10.99 -78.47
N HIS A 597 -264.07 11.87 -78.73
CA HIS A 597 -263.90 13.31 -78.49
C HIS A 597 -263.85 13.58 -76.98
N VAL A 598 -262.98 14.49 -76.55
CA VAL A 598 -262.85 14.86 -75.14
C VAL A 598 -262.89 16.38 -74.95
N MET A 599 -263.68 16.86 -74.00
CA MET A 599 -263.67 18.25 -73.53
C MET A 599 -263.44 18.32 -72.02
N GLN A 600 -262.67 19.28 -71.55
CA GLN A 600 -262.42 19.51 -70.14
C GLN A 600 -263.28 20.66 -69.63
N TYR A 601 -264.11 20.42 -68.62
CA TYR A 601 -264.80 21.46 -67.85
C TYR A 601 -263.93 21.83 -66.65
N SER A 602 -263.48 23.09 -66.57
CA SER A 602 -262.56 23.56 -65.51
C SER A 602 -263.23 23.61 -64.14
N CYS A 603 -262.50 23.27 -63.06
CA CYS A 603 -262.98 23.40 -61.68
C CYS A 603 -262.40 24.59 -60.91
N ASN A 604 -261.71 25.52 -61.58
CA ASN A 604 -261.22 26.76 -60.96
C ASN A 604 -262.33 27.84 -60.99
N PRO A 605 -262.78 28.39 -59.84
CA PRO A 605 -263.77 29.47 -59.83
C PRO A 605 -263.25 30.79 -60.45
N PHE A 606 -261.94 31.05 -60.45
CA PHE A 606 -261.36 32.25 -61.05
C PHE A 606 -261.20 32.18 -62.57
N ALA A 607 -261.30 31.00 -63.19
CA ALA A 607 -261.29 30.82 -64.64
C ALA A 607 -262.60 31.20 -65.34
N GLN A 608 -263.72 31.33 -64.61
CA GLN A 608 -265.04 31.68 -65.15
C GLN A 608 -265.08 33.12 -65.70
N PRO A 609 -265.98 33.47 -66.64
CA PRO A 609 -266.10 34.84 -67.14
C PRO A 609 -266.54 35.83 -66.05
N ALA A 610 -266.12 37.09 -66.15
CA ALA A 610 -266.38 38.15 -65.18
C ALA A 610 -267.85 38.66 -65.16
N CYS A 611 -268.76 37.79 -64.72
CA CYS A 611 -270.18 38.00 -64.53
C CYS A 611 -270.63 37.29 -63.24
N PRO A 612 -271.38 37.97 -62.34
CA PRO A 612 -271.94 37.33 -61.15
C PRO A 612 -272.95 36.20 -61.40
N ILE A 613 -273.60 36.11 -62.58
CA ILE A 613 -274.48 34.97 -62.91
C ILE A 613 -273.66 33.69 -63.09
N PHE A 614 -272.45 33.78 -63.64
CA PHE A 614 -271.56 32.63 -63.78
C PHE A 614 -271.06 32.07 -62.43
N THR A 615 -271.05 32.85 -61.34
CA THR A 615 -270.84 32.31 -59.98
C THR A 615 -271.91 31.27 -59.63
N GLN A 616 -273.19 31.61 -59.78
CA GLN A 616 -274.30 30.69 -59.53
C GLN A 616 -274.33 29.49 -60.50
N LEU A 617 -274.12 29.70 -61.79
CA LEU A 617 -274.07 28.59 -62.75
C LEU A 617 -272.92 27.61 -62.46
N PHE A 618 -271.73 28.08 -62.09
CA PHE A 618 -270.61 27.22 -61.73
C PHE A 618 -270.87 26.42 -60.44
N TYR A 619 -271.26 27.08 -59.35
CA TYR A 619 -271.54 26.43 -58.05
C TYR A 619 -272.64 25.37 -58.17
N ARG A 620 -273.75 25.67 -58.86
CA ARG A 620 -274.86 24.72 -59.06
C ARG A 620 -274.52 23.57 -60.01
N SER A 621 -273.67 23.79 -61.01
CA SER A 621 -273.15 22.70 -61.84
C SER A 621 -272.29 21.73 -61.02
N LEU A 622 -271.38 22.24 -60.20
CA LEU A 622 -270.54 21.43 -59.31
C LEU A 622 -271.35 20.61 -58.29
N LEU A 623 -272.29 21.23 -57.57
CA LEU A 623 -273.15 20.52 -56.61
C LEU A 623 -273.96 19.40 -57.27
N THR A 624 -274.46 19.64 -58.48
CA THR A 624 -275.23 18.63 -59.23
C THR A 624 -274.38 17.44 -59.68
N ILE A 625 -273.16 17.69 -60.15
CA ILE A 625 -272.25 16.63 -60.60
C ILE A 625 -271.80 15.76 -59.42
N LEU A 626 -271.54 16.32 -58.25
CA LEU A 626 -271.19 15.55 -57.06
C LEU A 626 -272.32 14.67 -56.56
N GLN A 627 -273.57 15.13 -56.64
CA GLN A 627 -274.74 14.28 -56.33
C GLN A 627 -274.84 13.11 -57.30
N ASP A 628 -274.78 13.36 -58.61
CA ASP A 628 -274.93 12.33 -59.64
C ASP A 628 -273.82 11.27 -59.60
N ILE A 629 -272.57 11.65 -59.30
CA ILE A 629 -271.46 10.71 -59.07
C ILE A 629 -271.71 9.83 -57.83
N SER A 630 -272.31 10.38 -56.77
CA SER A 630 -272.49 9.65 -55.50
C SER A 630 -273.59 8.57 -55.52
N LEU A 631 -274.54 8.62 -56.45
CA LEU A 631 -275.74 7.76 -56.40
C LEU A 631 -275.44 6.25 -56.28
N PRO A 632 -274.61 5.62 -57.14
CA PRO A 632 -274.37 4.18 -57.03
C PRO A 632 -273.50 3.80 -55.82
N ILE A 633 -272.64 4.70 -55.34
CA ILE A 633 -271.83 4.50 -54.13
C ILE A 633 -272.74 4.37 -52.90
N CYS A 634 -273.75 5.23 -52.78
CA CYS A 634 -274.77 5.17 -51.73
C CYS A 634 -275.65 3.93 -51.85
N MET A 635 -276.10 3.58 -53.06
CA MET A 635 -276.91 2.39 -53.33
C MET A 635 -276.20 1.10 -52.90
N CYS A 636 -274.93 0.91 -53.26
CA CYS A 636 -274.21 -0.31 -52.90
C CYS A 636 -273.98 -0.42 -51.38
N TYR A 637 -273.65 0.69 -50.71
CA TYR A 637 -273.52 0.69 -49.26
C TYR A 637 -274.85 0.39 -48.56
N GLU A 638 -275.97 0.94 -49.04
CA GLU A 638 -277.29 0.68 -48.46
C GLU A 638 -277.80 -0.74 -48.74
N ASN A 639 -277.51 -1.34 -49.91
CA ASN A 639 -277.80 -2.75 -50.18
C ASN A 639 -277.11 -3.68 -49.17
N ASP A 640 -275.91 -3.34 -48.68
CA ASP A 640 -275.19 -4.07 -47.65
C ASP A 640 -275.61 -3.73 -46.21
N ASN A 641 -276.22 -2.55 -45.99
CA ASN A 641 -276.57 -2.00 -44.68
C ASN A 641 -277.99 -1.41 -44.71
N PRO A 642 -279.04 -2.25 -44.84
CA PRO A 642 -280.38 -1.80 -45.21
C PRO A 642 -281.03 -0.83 -44.22
N GLY A 643 -281.95 -0.01 -44.73
CA GLY A 643 -282.67 0.99 -43.94
C GLY A 643 -283.59 0.41 -42.85
N LEU A 644 -284.22 -0.75 -43.10
CA LEU A 644 -285.06 -1.47 -42.12
C LEU A 644 -286.11 -0.57 -41.42
N GLY A 645 -286.73 0.34 -42.17
CA GLY A 645 -287.73 1.28 -41.67
C GLY A 645 -287.19 2.49 -40.89
N GLN A 646 -285.87 2.63 -40.71
CA GLN A 646 -285.27 3.85 -40.14
C GLN A 646 -285.50 5.06 -41.06
N SER A 647 -285.67 6.24 -40.48
CA SER A 647 -285.61 7.50 -41.22
C SER A 647 -284.15 7.82 -41.61
N PRO A 648 -283.89 8.58 -42.70
CA PRO A 648 -282.53 8.87 -43.12
C PRO A 648 -281.63 9.53 -42.04
N PRO A 649 -282.08 10.51 -41.23
CA PRO A 649 -281.25 11.07 -40.15
C PRO A 649 -280.80 10.05 -39.09
N GLU A 650 -281.64 9.06 -38.76
CA GLU A 650 -281.26 7.95 -37.87
C GLU A 650 -280.23 7.03 -38.52
N TRP A 651 -280.44 6.63 -39.77
CA TRP A 651 -279.53 5.74 -40.50
C TRP A 651 -278.14 6.37 -40.74
N LEU A 652 -278.10 7.67 -41.10
CA LEU A 652 -276.86 8.43 -41.31
C LEU A 652 -276.02 8.59 -40.04
N LYS A 653 -276.66 8.64 -38.86
CA LYS A 653 -275.97 8.82 -37.57
C LYS A 653 -274.93 7.73 -37.31
N GLY A 654 -275.24 6.47 -37.62
CA GLY A 654 -274.30 5.36 -37.60
C GLY A 654 -273.38 5.28 -38.83
N HIS A 655 -273.92 5.47 -40.04
CA HIS A 655 -273.21 5.09 -41.27
C HIS A 655 -272.40 6.18 -42.00
N TYR A 656 -272.62 7.47 -41.72
CA TYR A 656 -272.10 8.53 -42.62
C TYR A 656 -270.57 8.65 -42.64
N GLN A 657 -269.87 8.51 -41.50
CA GLN A 657 -268.40 8.58 -41.46
C GLN A 657 -267.73 7.57 -42.41
N THR A 658 -268.26 6.36 -42.47
CA THR A 658 -267.77 5.32 -43.39
C THR A 658 -268.10 5.68 -44.84
N LEU A 659 -269.31 6.17 -45.11
CA LEU A 659 -269.73 6.58 -46.45
C LEU A 659 -268.87 7.73 -47.04
N CYS A 660 -268.41 8.71 -46.24
CA CYS A 660 -267.46 9.73 -46.68
C CYS A 660 -266.16 9.15 -47.28
N THR A 661 -265.64 8.10 -46.64
CA THR A 661 -264.36 7.47 -47.00
C THR A 661 -264.51 6.59 -48.25
N ASN A 662 -265.63 5.89 -48.40
CA ASN A 662 -265.99 5.25 -49.67
C ASN A 662 -266.08 6.28 -50.80
N PHE A 663 -266.76 7.41 -50.60
CA PHE A 663 -266.86 8.44 -51.64
C PHE A 663 -265.49 8.95 -52.08
N ARG A 664 -264.61 9.35 -51.15
CA ARG A 664 -263.24 9.81 -51.47
C ARG A 664 -262.44 8.79 -52.30
N SER A 665 -262.64 7.50 -52.05
CA SER A 665 -261.94 6.41 -52.76
C SER A 665 -262.54 6.07 -54.14
N LEU A 666 -263.85 6.26 -54.32
CA LEU A 666 -264.60 5.78 -55.49
C LEU A 666 -265.11 6.89 -56.44
N ALA A 667 -265.14 8.16 -56.01
CA ALA A 667 -265.57 9.27 -56.86
C ALA A 667 -264.44 9.87 -57.71
N ILE A 668 -263.20 9.81 -57.24
CA ILE A 668 -262.05 10.56 -57.80
C ILE A 668 -261.10 9.62 -58.55
N ASP A 669 -260.60 10.05 -59.70
CA ASP A 669 -259.78 9.26 -60.65
C ASP A 669 -260.49 8.04 -61.28
N LYS A 670 -261.82 7.94 -61.19
CA LYS A 670 -262.62 6.83 -61.76
C LYS A 670 -263.34 7.15 -63.07
N GLY A 671 -263.04 8.29 -63.71
CA GLY A 671 -263.37 8.60 -65.10
C GLY A 671 -264.10 9.91 -65.38
N VAL A 672 -264.52 10.66 -64.36
CA VAL A 672 -265.18 11.98 -64.53
C VAL A 672 -264.41 13.08 -63.83
N LEU A 673 -264.23 12.98 -62.52
CA LEU A 673 -263.66 14.03 -61.67
C LEU A 673 -262.21 13.70 -61.32
N THR A 674 -261.31 14.65 -61.50
CA THR A 674 -259.92 14.56 -61.01
C THR A 674 -259.65 15.63 -59.97
N ALA A 675 -258.99 15.24 -58.89
CA ALA A 675 -258.59 16.11 -57.79
C ALA A 675 -257.30 15.57 -57.14
N LYS A 676 -256.46 16.45 -56.61
CA LYS A 676 -255.19 16.11 -55.97
C LYS A 676 -255.26 16.45 -54.48
N GLU A 677 -255.03 15.48 -53.59
CA GLU A 677 -254.81 15.77 -52.18
C GLU A 677 -253.39 16.26 -51.91
N ALA A 678 -253.25 17.16 -50.95
CA ALA A 678 -251.98 17.75 -50.56
C ALA A 678 -251.95 18.11 -49.07
N LYS A 679 -250.76 18.17 -48.48
CA LYS A 679 -250.52 18.72 -47.15
C LYS A 679 -250.00 20.15 -47.22
N VAL A 680 -250.54 21.03 -46.40
CA VAL A 680 -250.14 22.44 -46.32
C VAL A 680 -249.24 22.62 -45.10
N VAL A 681 -248.08 23.23 -45.31
CA VAL A 681 -247.09 23.49 -44.24
C VAL A 681 -246.63 24.94 -44.27
N HIS A 682 -246.37 25.51 -43.09
CA HIS A 682 -245.77 26.85 -42.95
C HIS A 682 -244.31 26.73 -42.50
N GLY A 683 -243.41 27.47 -43.16
CA GLY A 683 -241.95 27.30 -42.98
C GLY A 683 -241.39 27.90 -41.70
N GLU A 684 -241.74 29.14 -41.37
CA GLU A 684 -241.25 29.83 -40.16
C GLU A 684 -242.05 29.46 -38.90
N PRO A 685 -241.44 29.44 -37.70
CA PRO A 685 -242.15 29.18 -36.43
C PRO A 685 -242.91 30.41 -35.91
N THR A 686 -242.59 31.60 -36.42
CA THR A 686 -243.22 32.90 -36.12
C THR A 686 -243.38 33.70 -37.41
N CYS A 687 -244.22 34.74 -37.46
CA CYS A 687 -244.27 35.63 -38.62
C CYS A 687 -244.52 37.09 -38.25
N ASP A 688 -244.07 38.02 -39.10
CA ASP A 688 -244.23 39.47 -38.88
C ASP A 688 -245.70 39.88 -39.06
N LEU A 689 -246.35 40.27 -37.97
CA LEU A 689 -247.77 40.63 -37.94
C LEU A 689 -247.99 41.85 -37.03
N PRO A 690 -249.07 42.64 -37.22
CA PRO A 690 -249.36 43.77 -36.36
C PRO A 690 -249.85 43.29 -34.98
N ASP A 691 -249.56 44.06 -33.94
CA ASP A 691 -250.05 43.81 -32.59
C ASP A 691 -251.56 44.15 -32.51
N LEU A 692 -252.42 43.14 -32.63
CA LEU A 692 -253.86 43.35 -32.81
C LEU A 692 -254.53 43.96 -31.57
N ASP A 693 -253.98 43.72 -30.38
CA ASP A 693 -254.43 44.36 -29.14
C ASP A 693 -254.13 45.87 -29.15
N ALA A 694 -252.93 46.28 -29.58
CA ALA A 694 -252.62 47.69 -29.76
C ALA A 694 -253.42 48.34 -30.91
N ALA A 695 -253.63 47.61 -32.01
CA ALA A 695 -254.35 48.09 -33.19
C ALA A 695 -255.84 48.35 -32.90
N LEU A 696 -256.48 47.52 -32.07
CA LEU A 696 -257.83 47.75 -31.56
C LEU A 696 -257.94 49.06 -30.75
N GLN A 697 -256.86 49.48 -30.07
CA GLN A 697 -256.77 50.77 -29.36
C GLN A 697 -256.13 51.90 -30.19
N GLY A 698 -255.89 51.70 -31.50
CA GLY A 698 -255.42 52.74 -32.42
C GLY A 698 -253.90 52.88 -32.57
N ARG A 699 -253.09 52.06 -31.90
CA ARG A 699 -251.62 52.08 -31.94
C ARG A 699 -251.08 50.99 -32.86
N VAL A 700 -250.20 51.34 -33.80
CA VAL A 700 -249.72 50.44 -34.86
C VAL A 700 -248.23 50.13 -34.71
N TYR A 701 -247.89 48.86 -34.43
CA TYR A 701 -246.51 48.35 -34.46
C TYR A 701 -246.47 46.81 -34.60
N GLY A 702 -245.32 46.29 -35.04
CA GLY A 702 -245.14 44.87 -35.38
C GLY A 702 -244.74 43.96 -34.22
N ARG A 703 -245.02 42.65 -34.36
CA ARG A 703 -244.69 41.57 -33.43
C ARG A 703 -244.42 40.28 -34.23
N ARG A 704 -243.54 39.41 -33.74
CA ARG A 704 -243.30 38.07 -34.33
C ARG A 704 -244.06 36.98 -33.56
N LEU A 705 -245.35 36.90 -33.84
CA LEU A 705 -246.28 35.97 -33.19
C LEU A 705 -245.95 34.50 -33.59
N PRO A 706 -245.83 33.56 -32.63
CA PRO A 706 -245.81 32.12 -32.90
C PRO A 706 -247.06 31.64 -33.65
N VAL A 707 -246.89 30.82 -34.69
CA VAL A 707 -248.00 30.37 -35.56
C VAL A 707 -247.95 28.88 -35.89
N ARG A 708 -249.12 28.27 -36.06
CA ARG A 708 -249.28 26.90 -36.57
C ARG A 708 -250.58 26.72 -37.36
N MET A 709 -250.65 25.74 -38.26
CA MET A 709 -251.84 25.49 -39.08
C MET A 709 -252.99 24.86 -38.26
N SER A 710 -254.22 25.34 -38.41
CA SER A 710 -255.41 24.71 -37.81
C SER A 710 -255.99 23.56 -38.67
N LYS A 711 -255.64 23.49 -39.96
CA LYS A 711 -255.94 22.37 -40.87
C LYS A 711 -254.74 22.10 -41.77
N VAL A 712 -254.42 20.83 -42.02
CA VAL A 712 -253.25 20.41 -42.81
C VAL A 712 -253.64 19.86 -44.18
N LEU A 713 -254.74 19.10 -44.29
CA LEU A 713 -255.18 18.51 -45.56
C LEU A 713 -255.93 19.52 -46.45
N MET A 714 -255.64 19.50 -47.75
CA MET A 714 -256.31 20.28 -48.80
C MET A 714 -256.64 19.39 -49.99
N LEU A 715 -257.83 19.56 -50.58
CA LEU A 715 -258.30 18.80 -51.75
C LEU A 715 -258.42 19.74 -52.95
N CYS A 716 -257.38 19.83 -53.76
CA CYS A 716 -257.31 20.71 -54.92
C CYS A 716 -258.08 20.10 -56.11
N PRO A 717 -259.19 20.69 -56.58
CA PRO A 717 -259.91 20.16 -57.74
C PRO A 717 -259.17 20.50 -59.05
N ARG A 718 -259.32 19.68 -60.09
CA ARG A 718 -258.63 19.88 -61.38
C ARG A 718 -259.60 20.04 -62.55
N ASN A 719 -260.19 18.96 -63.07
CA ASN A 719 -261.15 19.01 -64.18
C ASN A 719 -262.29 18.00 -64.02
N ILE A 720 -263.42 18.30 -64.66
CA ILE A 720 -264.48 17.36 -65.00
C ILE A 720 -264.35 17.04 -66.49
N LYS A 721 -264.37 15.76 -66.87
CA LYS A 721 -264.07 15.29 -68.23
C LYS A 721 -265.33 14.83 -68.95
N ILE A 722 -265.60 15.38 -70.12
CA ILE A 722 -266.76 15.07 -70.97
C ILE A 722 -266.31 14.27 -72.20
N LYS A 723 -266.97 13.16 -72.53
CA LYS A 723 -266.59 12.22 -73.59
C LYS A 723 -267.71 11.99 -74.60
N ASN A 724 -267.38 11.85 -75.87
CA ASN A 724 -268.33 11.43 -76.92
C ASN A 724 -267.70 10.39 -77.88
N ARG A 725 -268.35 9.25 -78.12
CA ARG A 725 -267.81 8.16 -78.95
C ARG A 725 -267.83 8.52 -80.44
N VAL A 726 -266.72 8.26 -81.15
CA VAL A 726 -266.56 8.64 -82.55
C VAL A 726 -267.13 7.60 -83.53
N VAL A 727 -266.83 6.32 -83.37
CA VAL A 727 -267.12 5.28 -84.37
C VAL A 727 -268.25 4.36 -83.90
N PHE A 728 -269.29 4.29 -84.73
CA PHE A 728 -270.30 3.24 -84.68
C PHE A 728 -269.78 1.99 -85.41
N THR A 729 -269.76 0.85 -84.73
CA THR A 729 -269.15 -0.42 -85.22
C THR A 729 -270.15 -1.39 -85.87
N GLY A 730 -271.42 -1.03 -86.03
CA GLY A 730 -272.45 -1.90 -86.59
C GLY A 730 -272.97 -3.02 -85.67
N GLU A 731 -272.43 -3.15 -84.46
CA GLU A 731 -272.76 -4.26 -83.53
C GLU A 731 -274.19 -4.20 -82.97
N ASN A 732 -274.70 -3.00 -82.67
CA ASN A 732 -276.06 -2.82 -82.16
C ASN A 732 -277.05 -2.69 -83.34
N ALA A 733 -277.69 -3.81 -83.70
CA ALA A 733 -278.49 -3.96 -84.92
C ALA A 733 -279.72 -3.04 -85.01
N ALA A 734 -280.23 -2.52 -83.89
CA ALA A 734 -281.35 -1.58 -83.88
C ALA A 734 -280.97 -0.18 -84.42
N LEU A 735 -279.69 0.19 -84.39
CA LEU A 735 -279.23 1.56 -84.64
C LEU A 735 -278.74 1.84 -86.07
N GLN A 736 -278.43 0.80 -86.86
CA GLN A 736 -277.67 0.93 -88.12
C GLN A 736 -278.26 1.96 -89.09
N ASN A 737 -279.59 2.08 -89.18
CA ASN A 737 -280.27 2.96 -90.14
C ASN A 737 -279.96 4.45 -89.93
N SER A 738 -279.51 4.86 -88.75
CA SER A 738 -279.06 6.24 -88.51
C SER A 738 -277.62 6.49 -89.01
N PHE A 739 -276.77 5.47 -89.11
CA PHE A 739 -275.34 5.61 -89.45
C PHE A 739 -274.96 5.15 -90.88
N ILE A 740 -275.77 4.33 -91.55
CA ILE A 740 -275.37 3.63 -92.77
C ILE A 740 -275.02 4.56 -93.95
N LYS A 741 -273.90 4.28 -94.63
CA LYS A 741 -273.38 4.99 -95.81
C LYS A 741 -273.98 4.41 -97.10
N SER A 742 -274.75 5.22 -97.82
CA SER A 742 -275.22 4.91 -99.18
C SER A 742 -274.13 5.10 -100.25
N THR A 743 -274.23 4.42 -101.40
CA THR A 743 -273.24 4.48 -102.49
C THR A 743 -273.83 4.86 -103.86
N THR A 744 -275.15 4.93 -104.02
CA THR A 744 -275.79 5.20 -105.32
C THR A 744 -275.61 6.67 -105.78
N ARG A 745 -275.51 6.86 -107.10
CA ARG A 745 -275.19 8.12 -107.78
C ARG A 745 -276.36 9.12 -107.75
N ARG A 746 -276.31 10.09 -106.83
CA ARG A 746 -277.33 11.15 -106.66
C ARG A 746 -277.17 12.27 -107.68
N GLU A 747 -278.24 13.03 -107.93
CA GLU A 747 -278.20 14.25 -108.75
C GLU A 747 -277.63 15.47 -108.00
N ASN A 748 -277.68 15.51 -106.66
CA ASN A 748 -277.16 16.62 -105.85
C ASN A 748 -275.63 16.58 -105.62
N TYR A 749 -274.89 15.68 -106.27
CA TYR A 749 -273.51 15.35 -105.93
C TYR A 749 -272.52 16.51 -106.07
N ILE A 750 -272.75 17.48 -106.96
CA ILE A 750 -271.92 18.68 -107.04
C ILE A 750 -272.36 19.68 -105.97
N ILE A 751 -273.64 20.05 -105.91
CA ILE A 751 -274.14 21.12 -105.02
C ILE A 751 -274.10 20.74 -103.52
N ASN A 752 -274.19 19.46 -103.17
CA ASN A 752 -273.92 18.91 -101.84
C ASN A 752 -272.51 18.27 -101.73
N GLY A 753 -271.64 18.54 -102.70
CA GLY A 753 -270.27 18.04 -102.75
C GLY A 753 -269.24 18.98 -102.15
N PRO A 754 -267.94 18.63 -102.24
CA PRO A 754 -266.87 19.34 -101.53
C PRO A 754 -266.50 20.72 -102.12
N TYR A 755 -266.95 21.07 -103.32
CA TYR A 755 -266.53 22.31 -104.00
C TYR A 755 -267.53 23.47 -103.97
N MET A 756 -268.81 23.24 -103.67
CA MET A 756 -269.87 24.23 -103.89
C MET A 756 -269.66 25.56 -103.17
N LYS A 757 -269.19 25.55 -101.92
CA LYS A 757 -268.88 26.80 -101.18
C LYS A 757 -267.77 27.62 -101.83
N PHE A 758 -266.72 26.99 -102.35
CA PHE A 758 -265.67 27.67 -103.11
C PHE A 758 -266.14 28.15 -104.48
N LEU A 759 -266.92 27.33 -105.21
CA LEU A 759 -267.53 27.72 -106.48
C LEU A 759 -268.46 28.93 -106.34
N ASN A 760 -269.06 29.14 -105.16
CA ASN A 760 -269.81 30.33 -104.83
C ASN A 760 -268.90 31.52 -104.45
N THR A 761 -267.96 31.34 -103.52
CA THR A 761 -267.02 32.40 -103.11
C THR A 761 -266.25 33.02 -104.28
N TYR A 762 -265.88 32.23 -105.28
CA TYR A 762 -265.12 32.66 -106.47
C TYR A 762 -265.97 32.84 -107.74
N HIS A 763 -267.30 32.86 -107.64
CA HIS A 763 -268.21 32.90 -108.80
C HIS A 763 -267.95 34.09 -109.75
N LYS A 764 -267.78 35.30 -109.21
CA LYS A 764 -267.51 36.50 -110.01
C LYS A 764 -266.14 36.51 -110.71
N THR A 765 -265.16 35.74 -110.22
CA THR A 765 -263.87 35.54 -110.93
C THR A 765 -263.92 34.37 -111.93
N LEU A 766 -264.68 33.29 -111.67
CA LEU A 766 -264.88 32.21 -112.64
C LEU A 766 -265.78 32.59 -113.81
N PHE A 767 -266.89 33.31 -113.58
CA PHE A 767 -267.85 33.66 -114.63
C PHE A 767 -268.17 35.17 -114.60
N PRO A 768 -267.25 36.04 -115.06
CA PRO A 768 -267.40 37.50 -115.02
C PRO A 768 -268.73 37.99 -115.61
N ASP A 769 -269.45 38.79 -114.83
CA ASP A 769 -270.74 39.41 -115.16
C ASP A 769 -271.88 38.46 -115.61
N THR A 770 -271.88 37.17 -115.24
CA THR A 770 -273.03 36.29 -115.54
C THR A 770 -274.26 36.61 -114.69
N LYS A 771 -275.46 36.50 -115.26
CA LYS A 771 -276.74 36.71 -114.54
C LYS A 771 -277.14 35.52 -113.65
N LEU A 772 -276.63 34.33 -113.97
CA LEU A 772 -276.97 33.05 -113.33
C LEU A 772 -276.53 33.01 -111.85
N SER A 773 -277.33 32.43 -110.98
CA SER A 773 -276.87 32.01 -109.65
C SER A 773 -275.87 30.86 -109.76
N SER A 774 -274.90 30.80 -108.85
CA SER A 774 -273.92 29.71 -108.80
C SER A 774 -274.59 28.34 -108.60
N LEU A 775 -275.64 28.28 -107.77
CA LEU A 775 -276.45 27.09 -107.55
C LEU A 775 -277.12 26.59 -108.83
N TYR A 776 -277.75 27.47 -109.60
CA TYR A 776 -278.37 27.06 -110.85
C TYR A 776 -277.33 26.68 -111.93
N LEU A 777 -276.21 27.38 -112.05
CA LEU A 777 -275.16 27.06 -113.02
C LEU A 777 -274.66 25.61 -112.86
N TRP A 778 -274.29 25.22 -111.64
CA TRP A 778 -273.80 23.89 -111.33
C TRP A 778 -274.88 22.80 -111.24
N HIS A 779 -276.15 23.15 -110.97
CA HIS A 779 -277.26 22.19 -111.06
C HIS A 779 -277.67 21.92 -112.52
N ASN A 780 -277.64 22.94 -113.38
CA ASN A 780 -277.79 22.81 -114.83
C ASN A 780 -276.68 21.94 -115.41
N PHE A 781 -275.43 22.14 -114.99
CA PHE A 781 -274.33 21.25 -115.39
C PHE A 781 -274.56 19.81 -114.92
N SER A 782 -274.96 19.62 -113.67
CA SER A 782 -275.35 18.34 -113.06
C SER A 782 -276.50 17.59 -113.75
N ARG A 783 -277.21 18.19 -114.70
CA ARG A 783 -278.35 17.57 -115.40
C ARG A 783 -278.31 17.66 -116.93
N ARG A 784 -277.63 18.65 -117.50
CA ARG A 784 -277.57 18.90 -118.95
C ARG A 784 -276.16 18.85 -119.55
N ARG A 785 -275.12 18.71 -118.72
CA ARG A 785 -273.71 18.61 -119.15
C ARG A 785 -273.24 19.80 -120.01
N SER A 786 -273.50 21.04 -119.59
CA SER A 786 -273.04 22.24 -120.31
C SER A 786 -272.64 23.40 -119.40
N VAL A 787 -271.72 24.25 -119.87
CA VAL A 787 -271.06 25.31 -119.08
C VAL A 787 -270.88 26.58 -119.93
N PRO A 788 -271.14 27.78 -119.41
CA PRO A 788 -271.02 29.02 -120.18
C PRO A 788 -269.57 29.52 -120.27
N VAL A 789 -269.13 29.99 -121.45
CA VAL A 789 -267.75 30.50 -121.66
C VAL A 789 -267.77 32.02 -121.85
N PRO A 790 -267.15 32.82 -120.95
CA PRO A 790 -267.10 34.28 -121.07
C PRO A 790 -266.55 34.78 -122.42
N SER A 791 -266.93 36.00 -122.82
CA SER A 791 -266.88 36.46 -124.22
C SER A 791 -265.49 36.38 -124.89
N GLY A 792 -264.41 36.66 -124.15
CA GLY A 792 -263.03 36.51 -124.63
C GLY A 792 -262.29 35.27 -124.12
N ALA A 793 -262.84 34.54 -123.14
CA ALA A 793 -262.18 33.38 -122.55
C ALA A 793 -262.17 32.15 -123.47
N SER A 794 -261.28 31.18 -123.23
CA SER A 794 -261.08 30.01 -124.10
C SER A 794 -262.02 28.85 -123.73
N ALA A 795 -262.55 28.13 -124.72
CA ALA A 795 -263.53 27.07 -124.47
C ALA A 795 -262.95 25.89 -123.66
N GLU A 796 -261.75 25.41 -124.01
CA GLU A 796 -261.27 24.15 -123.46
C GLU A 796 -260.86 24.25 -121.98
N GLU A 797 -260.37 25.42 -121.58
CA GLU A 797 -260.13 25.83 -120.20
C GLU A 797 -261.37 25.65 -119.29
N TYR A 798 -262.57 25.97 -119.78
CA TYR A 798 -263.81 25.72 -119.04
C TYR A 798 -264.27 24.28 -119.13
N SER A 799 -264.03 23.58 -120.25
CA SER A 799 -264.30 22.14 -120.30
C SER A 799 -263.46 21.36 -119.27
N ASP A 800 -262.22 21.80 -119.00
CA ASP A 800 -261.39 21.20 -117.95
C ASP A 800 -261.90 21.49 -116.53
N LEU A 801 -262.22 22.75 -116.22
CA LEU A 801 -262.85 23.14 -114.95
C LEU A 801 -264.08 22.27 -114.60
N ALA A 802 -264.95 22.06 -115.58
CA ALA A 802 -266.13 21.23 -115.43
C ALA A 802 -265.78 19.77 -115.10
N LEU A 803 -264.80 19.18 -115.80
CA LEU A 803 -264.35 17.82 -115.53
C LEU A 803 -263.63 17.67 -114.19
N PHE A 804 -262.91 18.70 -113.70
CA PHE A 804 -262.35 18.66 -112.35
C PHE A 804 -263.45 18.57 -111.27
N VAL A 805 -264.49 19.40 -111.38
CA VAL A 805 -265.62 19.47 -110.45
C VAL A 805 -266.40 18.17 -110.46
N ASP A 806 -266.73 17.66 -111.63
CA ASP A 806 -267.41 16.38 -111.79
C ASP A 806 -266.62 15.21 -111.18
N GLY A 807 -265.33 15.10 -111.54
CA GLY A 807 -264.46 14.02 -111.10
C GLY A 807 -264.34 13.96 -109.58
N GLY A 808 -263.93 15.06 -108.95
CA GLY A 808 -263.79 15.12 -107.49
C GLY A 808 -265.11 14.93 -106.75
N SER A 809 -266.22 15.44 -107.28
CA SER A 809 -267.53 15.26 -106.65
C SER A 809 -267.98 13.79 -106.65
N ARG A 810 -267.82 13.03 -107.74
CA ARG A 810 -268.09 11.58 -107.75
C ARG A 810 -267.11 10.78 -106.87
N ALA A 811 -265.83 11.14 -106.85
CA ALA A 811 -264.87 10.50 -105.93
C ALA A 811 -265.22 10.73 -104.45
N HIS A 812 -265.67 11.93 -104.11
CA HIS A 812 -266.15 12.27 -102.75
C HIS A 812 -267.44 11.51 -102.41
N GLU A 813 -268.39 11.40 -103.34
CA GLU A 813 -269.65 10.66 -103.17
C GLU A 813 -269.40 9.18 -102.81
N GLU A 814 -268.46 8.54 -103.50
CA GLU A 814 -267.97 7.19 -103.21
C GLU A 814 -267.26 7.09 -101.84
N SER A 815 -266.24 7.90 -101.59
CA SER A 815 -265.32 7.70 -100.46
C SER A 815 -265.72 8.32 -99.10
N ASN A 816 -266.59 9.34 -99.05
CA ASN A 816 -266.75 10.15 -97.84
C ASN A 816 -267.59 9.51 -96.72
N VAL A 817 -267.08 9.55 -95.48
CA VAL A 817 -267.80 9.16 -94.25
C VAL A 817 -267.88 10.27 -93.19
N ILE A 818 -267.52 11.50 -93.55
CA ILE A 818 -267.56 12.69 -92.70
C ILE A 818 -268.61 13.67 -93.25
N ASP A 819 -269.76 13.79 -92.60
CA ASP A 819 -270.95 14.46 -93.16
C ASP A 819 -270.90 16.01 -93.07
N VAL A 820 -269.95 16.62 -93.77
CA VAL A 820 -269.62 18.07 -93.76
C VAL A 820 -269.41 18.57 -95.19
N VAL A 821 -269.90 19.77 -95.48
CA VAL A 821 -269.56 20.55 -96.68
C VAL A 821 -268.55 21.63 -96.26
N PRO A 822 -267.26 21.52 -96.57
CA PRO A 822 -266.23 22.36 -95.96
C PRO A 822 -266.25 23.81 -96.46
N GLY A 823 -266.09 24.78 -95.55
CA GLY A 823 -266.10 26.21 -95.89
C GLY A 823 -264.76 26.85 -96.24
N ASN A 824 -263.64 26.23 -95.87
CA ASN A 824 -262.28 26.75 -96.07
C ASN A 824 -261.29 25.63 -96.40
N LEU A 825 -260.15 25.96 -97.00
CA LEU A 825 -259.17 24.97 -97.48
C LEU A 825 -258.55 24.12 -96.36
N VAL A 826 -258.43 24.64 -95.13
CA VAL A 826 -257.95 23.84 -93.98
C VAL A 826 -258.95 22.75 -93.60
N THR A 827 -260.24 23.07 -93.56
CA THR A 827 -261.28 22.06 -93.29
C THR A 827 -261.40 21.07 -94.44
N TYR A 828 -261.36 21.53 -95.71
CA TYR A 828 -261.30 20.66 -96.88
C TYR A 828 -260.12 19.66 -96.81
N ALA A 829 -258.92 20.14 -96.50
CA ALA A 829 -257.72 19.32 -96.33
C ALA A 829 -257.84 18.30 -95.19
N LYS A 830 -258.28 18.73 -94.00
CA LYS A 830 -258.50 17.84 -92.84
C LYS A 830 -259.57 16.79 -93.08
N GLN A 831 -260.63 17.08 -93.82
CA GLN A 831 -261.62 16.09 -94.23
C GLN A 831 -260.98 15.01 -95.14
N ARG A 832 -260.21 15.43 -96.17
CA ARG A 832 -259.51 14.51 -97.09
C ARG A 832 -258.56 13.57 -96.35
N LEU A 833 -257.81 14.11 -95.38
CA LEU A 833 -256.88 13.35 -94.53
C LEU A 833 -257.59 12.28 -93.68
N ASN A 834 -258.64 12.64 -92.95
CA ASN A 834 -259.32 11.72 -92.04
C ASN A 834 -260.15 10.64 -92.78
N ASN A 835 -260.73 10.96 -93.94
CA ASN A 835 -261.30 9.95 -94.84
C ASN A 835 -260.24 8.92 -95.31
N ALA A 836 -258.97 9.29 -95.45
CA ALA A 836 -257.91 8.35 -95.81
C ALA A 836 -257.56 7.38 -94.67
N ILE A 837 -257.46 7.87 -93.44
CA ILE A 837 -257.13 7.06 -92.26
C ILE A 837 -258.25 6.04 -91.98
N LEU A 838 -259.51 6.45 -92.05
CA LEU A 838 -260.66 5.56 -91.85
C LEU A 838 -260.73 4.44 -92.89
N LYS A 839 -260.34 4.71 -94.13
CA LYS A 839 -260.25 3.70 -95.19
C LYS A 839 -259.15 2.66 -94.95
N ALA A 840 -257.96 3.08 -94.50
CA ALA A 840 -256.91 2.17 -94.07
C ALA A 840 -257.32 1.29 -92.88
N CYS A 841 -258.20 1.79 -92.00
CA CYS A 841 -258.78 1.02 -90.90
C CYS A 841 -259.98 0.12 -91.30
N GLY A 842 -260.39 0.11 -92.57
CA GLY A 842 -261.58 -0.62 -93.03
C GLY A 842 -262.93 -0.04 -92.58
N GLN A 843 -262.98 1.22 -92.13
CA GLN A 843 -264.20 1.92 -91.71
C GLN A 843 -264.85 2.63 -92.90
N THR A 844 -265.76 1.94 -93.58
CA THR A 844 -266.33 2.35 -94.88
C THR A 844 -267.86 2.26 -94.95
N GLN A 845 -268.49 1.55 -94.01
CA GLN A 845 -269.92 1.23 -94.03
C GLN A 845 -270.79 2.30 -93.34
N PHE A 846 -270.20 3.12 -92.47
CA PHE A 846 -270.91 4.04 -91.59
C PHE A 846 -270.30 5.44 -91.56
N TYR A 847 -271.14 6.47 -91.44
CA TYR A 847 -270.71 7.79 -91.00
C TYR A 847 -270.17 7.75 -89.55
N ILE A 848 -269.17 8.58 -89.27
CA ILE A 848 -268.71 8.84 -87.88
C ILE A 848 -269.59 9.87 -87.16
N SER A 849 -269.60 9.89 -85.82
CA SER A 849 -270.21 10.98 -85.04
C SER A 849 -269.51 12.32 -85.26
N LEU A 850 -270.26 13.42 -85.25
CA LEU A 850 -269.76 14.79 -85.31
C LEU A 850 -270.14 15.59 -84.06
N ILE A 851 -269.27 16.48 -83.58
CA ILE A 851 -269.66 17.59 -82.68
C ILE A 851 -269.56 18.91 -83.46
N GLN A 852 -270.61 19.73 -83.45
CA GLN A 852 -270.60 21.08 -84.03
C GLN A 852 -270.68 22.16 -82.95
N GLY A 853 -269.84 23.18 -83.08
CA GLY A 853 -269.87 24.37 -82.21
C GLY A 853 -270.85 25.42 -82.72
N LEU A 854 -271.71 25.93 -81.86
CA LEU A 854 -272.57 27.09 -82.11
C LEU A 854 -271.89 28.34 -81.52
N VAL A 855 -271.51 29.29 -82.36
CA VAL A 855 -270.69 30.46 -81.98
C VAL A 855 -271.49 31.77 -82.11
N PRO A 856 -271.58 32.60 -81.05
CA PRO A 856 -272.32 33.88 -81.09
C PRO A 856 -271.78 34.91 -82.08
N ARG A 857 -272.68 35.50 -82.88
CA ARG A 857 -272.44 36.65 -83.76
C ARG A 857 -273.32 37.82 -83.36
N THR A 858 -272.74 39.00 -83.15
CA THR A 858 -273.44 40.19 -82.65
C THR A 858 -273.75 41.14 -83.80
N GLN A 859 -275.00 41.61 -83.92
CA GLN A 859 -275.47 42.43 -85.05
C GLN A 859 -276.37 43.60 -84.60
N SER A 860 -276.28 44.75 -85.28
CA SER A 860 -277.14 45.92 -85.04
C SER A 860 -278.34 45.91 -86.00
N VAL A 861 -279.54 46.08 -85.47
CA VAL A 861 -280.83 45.97 -86.20
C VAL A 861 -281.73 47.17 -85.89
N PRO A 862 -282.73 47.49 -86.72
CA PRO A 862 -283.67 48.58 -86.43
C PRO A 862 -284.52 48.29 -85.18
N ALA A 863 -284.68 49.25 -84.29
CA ALA A 863 -285.24 49.06 -82.94
C ALA A 863 -286.76 48.81 -82.88
N ARG A 864 -287.48 48.79 -84.01
CA ARG A 864 -288.95 48.68 -84.10
C ARG A 864 -289.56 47.60 -83.19
N ASP A 865 -288.98 46.41 -83.14
CA ASP A 865 -289.42 45.30 -82.28
C ASP A 865 -288.52 45.06 -81.05
N TYR A 866 -287.73 46.04 -80.63
CA TYR A 866 -286.81 45.97 -79.49
C TYR A 866 -287.07 47.14 -78.52
N PRO A 867 -288.25 47.18 -77.85
CA PRO A 867 -288.79 48.37 -77.22
C PRO A 867 -287.94 48.91 -76.07
N HIS A 868 -287.09 48.11 -75.44
CA HIS A 868 -286.27 48.52 -74.31
C HIS A 868 -285.27 49.66 -74.61
N VAL A 869 -284.97 49.97 -75.88
CA VAL A 869 -284.10 51.12 -76.22
C VAL A 869 -284.71 52.48 -75.86
N LEU A 870 -286.03 52.56 -75.67
CA LEU A 870 -286.74 53.80 -75.30
C LEU A 870 -286.55 54.20 -73.83
N GLY A 871 -286.08 53.31 -72.96
CA GLY A 871 -285.88 53.58 -71.54
C GLY A 871 -287.18 53.65 -70.72
N THR A 872 -287.15 54.30 -69.55
CA THR A 872 -288.30 54.48 -68.64
C THR A 872 -289.32 55.53 -69.10
N ARG A 873 -289.10 56.13 -70.27
CA ARG A 873 -290.00 57.03 -71.03
C ARG A 873 -291.47 56.60 -71.00
N ALA A 874 -292.39 57.54 -70.80
CA ALA A 874 -293.82 57.32 -70.99
C ALA A 874 -294.18 57.28 -72.48
N VAL A 875 -295.00 56.30 -72.90
CA VAL A 875 -295.43 56.12 -74.30
C VAL A 875 -296.95 56.30 -74.37
N GLU A 876 -297.41 57.28 -75.16
CA GLU A 876 -298.81 57.72 -75.19
C GLU A 876 -299.60 57.18 -76.39
N SER A 877 -298.96 56.91 -77.53
CA SER A 877 -299.61 56.35 -78.72
C SER A 877 -298.66 55.48 -79.56
N ALA A 878 -299.23 54.59 -80.38
CA ALA A 878 -298.45 53.74 -81.30
C ALA A 878 -297.72 54.56 -82.37
N ALA A 879 -298.30 55.68 -82.81
CA ALA A 879 -297.64 56.61 -83.72
C ALA A 879 -296.40 57.27 -83.10
N ALA A 880 -296.46 57.64 -81.81
CA ALA A 880 -295.29 58.15 -81.09
C ALA A 880 -294.22 57.06 -80.86
N TYR A 881 -294.61 55.81 -80.58
CA TYR A 881 -293.67 54.67 -80.50
C TYR A 881 -292.95 54.44 -81.84
N ALA A 882 -293.68 54.44 -82.95
CA ALA A 882 -293.11 54.32 -84.29
C ALA A 882 -292.17 55.48 -84.63
N GLU A 883 -292.54 56.72 -84.29
CA GLU A 883 -291.68 57.89 -84.49
C GLU A 883 -290.40 57.79 -83.67
N ALA A 884 -290.49 57.52 -82.37
CA ALA A 884 -289.34 57.45 -81.47
C ALA A 884 -288.37 56.30 -81.81
N THR A 885 -288.85 55.17 -82.31
CA THR A 885 -287.99 54.04 -82.72
C THR A 885 -287.44 54.20 -84.15
N SER A 886 -288.03 55.01 -85.04
CA SER A 886 -287.65 55.10 -86.46
C SER A 886 -286.17 55.42 -86.73
N SER A 887 -285.51 56.14 -85.83
CA SER A 887 -284.11 56.55 -85.93
C SER A 887 -283.12 55.74 -85.08
N LEU A 888 -283.57 54.67 -84.41
CA LEU A 888 -282.81 53.93 -83.39
C LEU A 888 -282.47 52.49 -83.79
N THR A 889 -281.34 51.98 -83.29
CA THR A 889 -280.89 50.60 -83.50
C THR A 889 -280.65 49.86 -82.18
N ALA A 890 -280.94 48.56 -82.17
CA ALA A 890 -280.72 47.64 -81.07
C ALA A 890 -279.65 46.61 -81.41
N THR A 891 -278.79 46.27 -80.45
CA THR A 891 -277.85 45.16 -80.56
C THR A 891 -278.56 43.84 -80.27
N THR A 892 -278.39 42.83 -81.12
CA THR A 892 -278.95 41.48 -80.95
C THR A 892 -277.89 40.42 -81.23
N VAL A 893 -278.13 39.20 -80.78
CA VAL A 893 -277.20 38.08 -80.94
C VAL A 893 -277.91 36.88 -81.56
N VAL A 894 -277.25 36.22 -82.51
CA VAL A 894 -277.63 34.92 -83.09
C VAL A 894 -276.42 34.00 -83.07
N CYS A 895 -276.63 32.69 -83.13
CA CYS A 895 -275.53 31.71 -83.19
C CYS A 895 -275.37 31.14 -84.62
N ALA A 896 -274.12 30.98 -85.06
CA ALA A 896 -273.76 30.34 -86.32
C ALA A 896 -273.03 29.00 -86.11
N ALA A 897 -273.37 27.98 -86.89
CA ALA A 897 -272.72 26.68 -86.80
C ALA A 897 -271.35 26.70 -87.48
N THR A 898 -270.30 26.39 -86.72
CA THR A 898 -268.97 26.09 -87.25
C THR A 898 -268.92 24.63 -87.74
N ASP A 899 -268.18 24.39 -88.81
CA ASP A 899 -267.87 23.05 -89.36
C ASP A 899 -266.58 22.43 -88.79
N CYS A 900 -265.95 23.09 -87.80
CA CYS A 900 -264.60 22.82 -87.33
C CYS A 900 -264.38 23.24 -85.84
N LEU A 901 -264.96 22.47 -84.91
CA LEU A 901 -264.86 22.74 -83.47
C LEU A 901 -263.42 22.89 -82.94
N SER A 902 -262.44 22.18 -83.49
CA SER A 902 -261.08 22.17 -82.96
C SER A 902 -260.37 23.52 -82.97
N GLN A 903 -260.58 24.39 -83.99
CA GLN A 903 -260.03 25.75 -83.98
C GLN A 903 -260.67 26.65 -82.90
N VAL A 904 -261.96 26.46 -82.61
CA VAL A 904 -262.63 27.16 -81.50
C VAL A 904 -262.06 26.73 -80.15
N CYS A 905 -261.81 25.43 -79.94
CA CYS A 905 -261.18 24.93 -78.70
C CYS A 905 -259.75 25.46 -78.45
N LYS A 906 -259.00 25.84 -79.48
CA LYS A 906 -257.69 26.52 -79.32
C LYS A 906 -257.79 27.93 -78.72
N ALA A 907 -258.94 28.60 -78.86
CA ALA A 907 -259.20 29.94 -78.33
C ALA A 907 -259.73 29.97 -76.86
N ARG A 908 -259.55 28.88 -76.11
CA ARG A 908 -259.90 28.69 -74.68
C ARG A 908 -261.34 29.13 -74.34
N PRO A 909 -262.37 28.49 -74.94
CA PRO A 909 -263.73 29.02 -74.94
C PRO A 909 -264.48 28.88 -73.61
N VAL A 910 -265.42 29.78 -73.36
CA VAL A 910 -266.57 29.55 -72.46
C VAL A 910 -267.54 28.62 -73.15
N VAL A 911 -268.00 27.55 -72.49
CA VAL A 911 -268.83 26.49 -73.09
C VAL A 911 -270.14 26.22 -72.34
N THR A 912 -271.17 25.80 -73.07
CA THR A 912 -272.43 25.26 -72.52
C THR A 912 -272.82 23.98 -73.24
N LEU A 913 -273.09 22.90 -72.50
CA LEU A 913 -273.32 21.56 -73.05
C LEU A 913 -274.25 20.69 -72.16
N PRO A 914 -274.94 19.68 -72.72
CA PRO A 914 -275.71 18.69 -71.96
C PRO A 914 -274.86 17.49 -71.53
N VAL A 915 -275.01 16.97 -70.31
CA VAL A 915 -274.31 15.75 -69.85
C VAL A 915 -275.20 14.76 -69.11
N THR A 916 -274.97 13.46 -69.34
CA THR A 916 -275.43 12.36 -68.48
C THR A 916 -274.20 11.66 -67.90
N ILE A 917 -274.16 11.37 -66.60
CA ILE A 917 -273.07 10.55 -66.02
C ILE A 917 -273.52 9.09 -65.93
N ASN A 918 -272.96 8.24 -66.79
CA ASN A 918 -273.21 6.80 -66.86
C ASN A 918 -272.18 6.03 -66.03
N LYS A 919 -272.58 4.95 -65.37
CA LYS A 919 -271.72 4.17 -64.48
C LYS A 919 -271.74 2.68 -64.85
N TYR A 920 -270.60 2.02 -64.79
CA TYR A 920 -270.41 0.66 -65.30
C TYR A 920 -269.29 -0.10 -64.55
N THR A 921 -269.32 -1.42 -64.64
CA THR A 921 -268.31 -2.31 -64.03
C THR A 921 -266.99 -2.29 -64.80
N GLY A 922 -265.86 -2.54 -64.14
CA GLY A 922 -264.59 -2.79 -64.82
C GLY A 922 -264.54 -4.09 -65.65
N VAL A 923 -263.51 -4.22 -66.49
CA VAL A 923 -263.23 -5.42 -67.32
C VAL A 923 -262.33 -6.44 -66.61
N ASN A 924 -262.06 -7.57 -67.27
CA ASN A 924 -261.09 -8.60 -66.84
C ASN A 924 -261.38 -9.13 -65.42
N GLY A 925 -262.66 -9.33 -65.09
CA GLY A 925 -263.10 -9.86 -63.80
C GLY A 925 -263.15 -8.83 -62.66
N ASN A 926 -262.82 -7.56 -62.91
CA ASN A 926 -262.90 -6.51 -61.90
C ASN A 926 -264.35 -6.23 -61.44
N ASN A 927 -264.54 -5.85 -60.18
CA ASN A 927 -265.87 -5.57 -59.60
C ASN A 927 -266.07 -4.10 -59.15
N GLN A 928 -265.13 -3.20 -59.44
CA GLN A 928 -265.26 -1.76 -59.16
C GLN A 928 -266.21 -1.05 -60.13
N ILE A 929 -266.70 0.12 -59.74
CA ILE A 929 -267.54 1.01 -60.56
C ILE A 929 -266.68 2.11 -61.17
N PHE A 930 -266.81 2.34 -62.47
CA PHE A 930 -266.20 3.44 -63.24
C PHE A 930 -267.28 4.33 -63.85
N GLN A 931 -266.98 5.59 -64.14
CA GLN A 931 -267.94 6.56 -64.68
C GLN A 931 -267.48 7.22 -65.98
N ALA A 932 -268.44 7.60 -66.83
CA ALA A 932 -268.22 8.52 -67.95
C ALA A 932 -269.28 9.62 -67.95
N GLY A 933 -268.86 10.86 -68.17
CA GLY A 933 -269.75 11.98 -68.45
C GLY A 933 -269.96 12.08 -69.95
N ASN A 934 -271.08 11.59 -70.46
CA ASN A 934 -271.33 11.53 -71.89
C ASN A 934 -272.14 12.72 -72.38
N LEU A 935 -271.69 13.32 -73.48
CA LEU A 935 -272.34 14.45 -74.15
C LEU A 935 -273.73 14.03 -74.66
N GLY A 936 -274.75 14.79 -74.27
CA GLY A 936 -276.16 14.53 -74.60
C GLY A 936 -276.79 15.60 -75.49
N TYR A 937 -278.09 15.83 -75.31
CA TYR A 937 -278.93 16.70 -76.13
C TYR A 937 -279.65 17.79 -75.31
N PHE A 938 -279.92 18.93 -75.94
CA PHE A 938 -280.74 20.00 -75.37
C PHE A 938 -282.24 19.68 -75.51
N MET A 939 -283.03 19.99 -74.49
CA MET A 939 -284.50 19.90 -74.53
C MET A 939 -285.14 21.28 -74.56
N GLY A 940 -286.20 21.43 -75.35
CA GLY A 940 -287.01 22.65 -75.45
C GLY A 940 -286.79 23.39 -76.77
N ARG A 941 -287.86 23.68 -77.51
CA ARG A 941 -287.80 24.26 -78.86
C ARG A 941 -287.36 25.73 -78.90
N GLY A 942 -287.33 26.45 -77.78
CA GLY A 942 -286.90 27.84 -77.73
C GLY A 942 -285.39 28.08 -77.61
N VAL A 943 -284.57 27.03 -77.46
CA VAL A 943 -283.14 27.17 -77.16
C VAL A 943 -282.36 27.84 -78.29
N ASP A 944 -282.35 27.28 -79.50
CA ASP A 944 -281.74 27.89 -80.69
C ASP A 944 -282.32 27.32 -81.99
N ARG A 945 -282.60 28.17 -82.97
CA ARG A 945 -283.17 27.75 -84.27
C ARG A 945 -282.33 26.72 -85.03
N ASN A 946 -281.01 26.64 -84.85
CA ASN A 946 -280.17 25.63 -85.47
C ASN A 946 -280.45 24.20 -84.96
N LEU A 947 -281.05 24.06 -83.77
CA LEU A 947 -281.44 22.77 -83.18
C LEU A 947 -282.80 22.26 -83.68
N LEU A 948 -283.61 23.07 -84.37
CA LEU A 948 -284.94 22.70 -84.86
C LEU A 948 -284.89 21.69 -86.01
N GLN A 949 -285.44 20.50 -85.81
CA GLN A 949 -285.65 19.50 -86.88
C GLN A 949 -286.96 19.76 -87.64
N SER A 963 -280.51 14.32 -83.79
CA SER A 963 -279.91 13.18 -84.46
C SER A 963 -279.02 12.35 -83.54
N MET A 964 -278.87 11.05 -83.85
CA MET A 964 -277.86 10.19 -83.25
C MET A 964 -276.43 10.69 -83.53
N ARG A 965 -276.16 11.13 -84.77
CA ARG A 965 -274.79 11.29 -85.29
C ARG A 965 -274.25 12.72 -85.36
N LYS A 966 -275.06 13.73 -84.99
CA LYS A 966 -274.59 15.12 -84.75
C LYS A 966 -275.03 15.61 -83.38
N LYS A 967 -274.09 16.13 -82.60
CA LYS A 967 -274.31 16.78 -81.29
C LYS A 967 -273.75 18.21 -81.28
N PHE A 968 -274.29 19.07 -80.44
CA PHE A 968 -273.96 20.50 -80.38
C PHE A 968 -273.42 20.95 -79.02
N VAL A 969 -272.51 21.91 -79.04
CA VAL A 969 -271.99 22.68 -77.89
C VAL A 969 -272.04 24.17 -78.23
N PHE A 970 -272.46 25.04 -77.32
CA PHE A 970 -272.28 26.50 -77.50
C PHE A 970 -270.88 26.91 -77.04
N ALA A 971 -270.15 27.73 -77.80
CA ALA A 971 -268.81 28.18 -77.47
C ALA A 971 -268.55 29.68 -77.77
N THR A 972 -267.98 30.42 -76.82
CA THR A 972 -267.48 31.81 -77.03
C THR A 972 -265.97 31.86 -76.73
N PRO A 973 -265.11 32.26 -77.67
CA PRO A 973 -263.65 32.32 -77.43
C PRO A 973 -263.22 33.41 -76.43
N THR A 974 -262.11 33.20 -75.70
CA THR A 974 -261.54 34.22 -74.78
C THR A 974 -260.21 34.82 -75.24
N LEU A 975 -259.40 34.13 -76.06
CA LEU A 975 -258.23 34.74 -76.71
C LEU A 975 -258.63 35.91 -77.63
N GLY A 976 -258.02 37.08 -77.45
CA GLY A 976 -258.36 38.31 -78.16
C GLY A 976 -259.54 39.07 -77.59
N LEU A 977 -260.18 38.57 -76.53
CA LEU A 977 -261.19 39.30 -75.75
C LEU A 977 -260.60 39.68 -74.39
N THR A 978 -260.31 38.71 -73.52
CA THR A 978 -259.81 38.92 -72.15
C THR A 978 -258.38 38.40 -71.92
N VAL A 979 -257.84 37.58 -72.83
CA VAL A 979 -256.47 37.03 -72.80
C VAL A 979 -255.73 37.35 -74.10
N LYS A 980 -254.47 37.80 -74.01
CA LYS A 980 -253.67 38.24 -75.18
C LYS A 980 -253.03 37.06 -75.92
N ARG A 981 -253.07 37.08 -77.26
CA ARG A 981 -252.41 36.08 -78.12
C ARG A 981 -250.88 36.15 -78.03
N THR A 988 -238.07 36.03 -87.13
CA THR A 988 -236.77 35.85 -87.80
C THR A 988 -236.26 37.11 -88.49
N TYR A 989 -234.95 37.21 -88.69
CA TYR A 989 -234.36 38.14 -89.66
C TYR A 989 -234.60 37.65 -91.09
N GLU A 990 -234.72 38.55 -92.06
CA GLU A 990 -234.92 38.17 -93.46
C GLU A 990 -233.78 37.30 -94.04
N ILE A 991 -232.53 37.51 -93.59
CA ILE A 991 -231.40 36.64 -93.96
C ILE A 991 -231.55 35.19 -93.47
N GLU A 992 -232.32 34.92 -92.41
CA GLU A 992 -232.65 33.55 -92.01
C GLU A 992 -233.66 32.90 -92.98
N ASN A 993 -234.62 33.67 -93.50
CA ASN A 993 -235.63 33.19 -94.43
C ASN A 993 -235.04 32.92 -95.82
N ILE A 994 -234.16 33.80 -96.33
CA ILE A 994 -233.40 33.52 -97.57
C ILE A 994 -232.62 32.21 -97.42
N ARG A 995 -231.86 32.06 -96.32
CA ARG A 995 -231.07 30.86 -96.01
C ARG A 995 -231.91 29.58 -95.93
N ALA A 996 -233.05 29.60 -95.24
CA ALA A 996 -233.95 28.46 -95.20
C ALA A 996 -234.48 28.08 -96.61
N GLY A 997 -234.89 29.05 -97.42
CA GLY A 997 -235.38 28.80 -98.78
C GLY A 997 -234.33 28.22 -99.72
N LEU A 998 -233.06 28.62 -99.59
CA LEU A 998 -231.95 28.00 -100.33
C LEU A 998 -231.64 26.58 -99.88
N GLU A 999 -231.59 26.30 -98.58
CA GLU A 999 -231.41 24.92 -98.11
C GLU A 999 -232.59 24.02 -98.51
N ALA A 1000 -233.81 24.55 -98.61
CA ALA A 1000 -234.98 23.84 -99.11
C ALA A 1000 -234.88 23.49 -100.61
N ILE A 1001 -234.32 24.37 -101.45
CA ILE A 1001 -234.05 24.06 -102.87
C ILE A 1001 -232.95 23.00 -103.00
N ILE A 1002 -231.76 23.26 -102.44
CA ILE A 1002 -230.58 22.43 -102.68
C ILE A 1002 -230.78 20.98 -102.16
N SER A 1003 -231.49 20.82 -101.04
CA SER A 1003 -231.83 19.51 -100.47
C SER A 1003 -232.84 18.69 -101.29
N GLN A 1004 -233.53 19.30 -102.27
CA GLN A 1004 -234.54 18.65 -103.11
C GLN A 1004 -234.11 18.47 -104.58
N LYS A 1005 -233.34 19.40 -105.15
CA LYS A 1005 -232.97 19.38 -106.57
C LYS A 1005 -232.14 18.13 -106.91
N GLN A 1006 -232.67 17.26 -107.77
CA GLN A 1006 -232.07 15.98 -108.19
C GLN A 1006 -232.06 15.83 -109.71
N GLU A 1007 -231.05 15.14 -110.23
CA GLU A 1007 -230.85 14.88 -111.66
C GLU A 1007 -230.58 16.12 -112.53
N GLU A 1008 -230.32 17.28 -111.91
CA GLU A 1008 -229.91 18.53 -112.56
C GLU A 1008 -229.03 19.39 -111.63
N ASP A 1009 -228.10 20.16 -112.20
CA ASP A 1009 -227.26 21.09 -111.44
C ASP A 1009 -228.05 22.32 -110.95
N CYS A 1010 -227.89 22.71 -109.68
CA CYS A 1010 -228.79 23.65 -108.98
C CYS A 1010 -228.43 25.15 -109.08
N VAL A 1011 -227.27 25.53 -109.64
CA VAL A 1011 -226.75 26.92 -109.53
C VAL A 1011 -227.67 27.96 -110.16
N PHE A 1012 -228.30 27.69 -111.31
CA PHE A 1012 -229.26 28.61 -111.93
C PHE A 1012 -230.52 28.80 -111.08
N ASP A 1013 -231.05 27.76 -110.45
CA ASP A 1013 -232.22 27.89 -109.56
C ASP A 1013 -231.92 28.59 -108.23
N VAL A 1014 -230.69 28.49 -107.72
CA VAL A 1014 -230.21 29.28 -106.57
C VAL A 1014 -230.03 30.74 -106.94
N VAL A 1015 -229.37 31.03 -108.07
CA VAL A 1015 -229.18 32.40 -108.57
C VAL A 1015 -230.52 33.10 -108.83
N CYS A 1016 -231.53 32.42 -109.38
CA CYS A 1016 -232.85 33.01 -109.56
C CYS A 1016 -233.54 33.35 -108.24
N ASN A 1017 -233.45 32.49 -107.22
CA ASN A 1017 -234.00 32.80 -105.91
C ASN A 1017 -233.30 34.00 -105.22
N LEU A 1018 -231.97 34.14 -105.36
CA LEU A 1018 -231.25 35.34 -104.88
C LEU A 1018 -231.66 36.61 -105.64
N VAL A 1019 -231.72 36.57 -106.97
CA VAL A 1019 -232.13 37.74 -107.78
C VAL A 1019 -233.59 38.12 -107.49
N ASP A 1020 -234.48 37.17 -107.20
CA ASP A 1020 -235.83 37.48 -106.75
C ASP A 1020 -235.83 38.18 -105.37
N ALA A 1021 -235.10 37.66 -104.37
CA ALA A 1021 -235.13 38.18 -103.00
C ALA A 1021 -234.32 39.47 -102.76
N MET A 1022 -233.27 39.73 -103.56
CA MET A 1022 -232.36 40.86 -103.38
C MET A 1022 -232.26 41.80 -104.59
N GLY A 1023 -232.67 41.38 -105.79
CA GLY A 1023 -232.64 42.22 -106.99
C GLY A 1023 -231.25 42.79 -107.29
N GLU A 1024 -231.19 44.10 -107.49
CA GLU A 1024 -229.95 44.84 -107.80
C GLU A 1024 -228.85 44.71 -106.73
N ALA A 1025 -229.21 44.42 -105.48
CA ALA A 1025 -228.24 44.19 -104.40
C ALA A 1025 -227.38 42.91 -104.59
N CYS A 1026 -227.74 42.00 -105.50
CA CYS A 1026 -226.87 40.87 -105.87
C CYS A 1026 -225.56 41.31 -106.55
N ALA A 1027 -225.55 42.47 -107.22
CA ALA A 1027 -224.42 42.95 -108.02
C ALA A 1027 -223.11 43.12 -107.22
N SER A 1028 -223.19 43.25 -105.89
CA SER A 1028 -222.06 43.39 -104.98
C SER A 1028 -222.04 42.36 -103.85
N LEU A 1029 -222.76 41.23 -103.99
CA LEU A 1029 -222.81 40.17 -102.98
C LEU A 1029 -221.39 39.61 -102.73
N THR A 1030 -220.90 39.72 -101.50
CA THR A 1030 -219.54 39.27 -101.14
C THR A 1030 -219.53 37.78 -100.82
N ARG A 1031 -218.35 37.13 -100.80
CA ARG A 1031 -218.22 35.71 -100.47
C ARG A 1031 -218.62 35.39 -99.03
N ASP A 1032 -218.32 36.26 -98.08
CA ASP A 1032 -218.74 36.07 -96.67
C ASP A 1032 -220.26 36.09 -96.51
N ASP A 1033 -220.98 37.00 -97.19
CA ASP A 1033 -222.44 36.99 -97.22
C ASP A 1033 -222.98 35.75 -97.97
N ALA A 1034 -222.44 35.42 -99.15
CA ALA A 1034 -222.89 34.25 -99.91
C ALA A 1034 -222.72 32.93 -99.13
N GLU A 1035 -221.57 32.72 -98.48
CA GLU A 1035 -221.35 31.53 -97.64
C GLU A 1035 -222.35 31.42 -96.48
N TYR A 1036 -222.72 32.53 -95.80
CA TYR A 1036 -223.75 32.50 -94.77
C TYR A 1036 -225.13 32.09 -95.32
N LEU A 1037 -225.56 32.67 -96.45
CA LEU A 1037 -226.87 32.40 -97.07
C LEU A 1037 -226.98 30.96 -97.57
N LEU A 1038 -225.91 30.37 -98.12
CA LEU A 1038 -225.89 28.97 -98.56
C LEU A 1038 -225.88 27.95 -97.41
N GLY A 1039 -225.61 28.36 -96.18
CA GLY A 1039 -225.71 27.51 -94.99
C GLY A 1039 -224.83 26.25 -95.07
N ARG A 1040 -225.44 25.07 -94.94
CA ARG A 1040 -224.81 23.75 -95.06
C ARG A 1040 -224.05 23.54 -96.38
N PHE A 1041 -224.49 24.17 -97.45
CA PHE A 1041 -223.98 24.01 -98.81
C PHE A 1041 -223.03 25.13 -99.24
N SER A 1042 -222.34 25.79 -98.29
CA SER A 1042 -221.45 26.93 -98.54
C SER A 1042 -220.34 26.69 -99.56
N VAL A 1043 -220.01 25.43 -99.85
CA VAL A 1043 -219.10 25.06 -100.95
C VAL A 1043 -219.53 25.63 -102.32
N LEU A 1044 -220.82 25.89 -102.53
CA LEU A 1044 -221.36 26.38 -103.80
C LEU A 1044 -221.00 27.85 -104.14
N ALA A 1045 -220.49 28.62 -103.16
CA ALA A 1045 -220.37 30.09 -103.23
C ALA A 1045 -219.57 30.61 -104.43
N ASP A 1046 -218.42 30.02 -104.77
CA ASP A 1046 -217.62 30.48 -105.93
C ASP A 1046 -218.38 30.40 -107.25
N SER A 1047 -219.16 29.34 -107.44
CA SER A 1047 -219.94 29.13 -108.67
C SER A 1047 -221.16 30.07 -108.75
N VAL A 1048 -221.80 30.38 -107.62
CA VAL A 1048 -222.83 31.42 -107.53
C VAL A 1048 -222.26 32.81 -107.89
N LEU A 1049 -221.13 33.20 -107.32
CA LEU A 1049 -220.54 34.52 -107.58
C LEU A 1049 -220.03 34.68 -109.00
N GLU A 1050 -219.39 33.65 -109.58
CA GLU A 1050 -219.05 33.64 -111.00
C GLU A 1050 -220.30 33.76 -111.89
N THR A 1051 -221.41 33.11 -111.53
CA THR A 1051 -222.68 33.24 -112.26
C THR A 1051 -223.29 34.65 -112.14
N LEU A 1052 -223.31 35.28 -110.95
CA LEU A 1052 -223.85 36.64 -110.76
C LEU A 1052 -223.05 37.72 -111.52
N ALA A 1053 -221.73 37.59 -111.62
CA ALA A 1053 -220.92 38.45 -112.48
C ALA A 1053 -221.32 38.38 -113.96
N THR A 1054 -221.75 37.22 -114.50
CA THR A 1054 -222.24 37.15 -115.90
C THR A 1054 -223.56 37.92 -116.10
N ILE A 1055 -224.46 37.94 -115.11
CA ILE A 1055 -225.69 38.74 -115.16
C ILE A 1055 -225.35 40.23 -115.07
N ALA A 1056 -224.49 40.63 -114.12
CA ALA A 1056 -224.03 42.00 -113.97
C ALA A 1056 -223.39 42.60 -115.24
N SER A 1057 -222.47 41.86 -115.87
CA SER A 1057 -221.70 42.32 -117.04
C SER A 1057 -222.46 42.22 -118.38
N SER A 1058 -223.44 41.32 -118.51
CA SER A 1058 -224.28 41.23 -119.72
C SER A 1058 -225.37 42.30 -119.82
N GLY A 1059 -225.55 43.14 -118.79
CA GLY A 1059 -226.36 44.36 -118.85
C GLY A 1059 -227.89 44.15 -118.88
N ILE A 1060 -228.37 42.93 -118.64
CA ILE A 1060 -229.80 42.69 -118.35
C ILE A 1060 -230.18 43.25 -116.97
N GLU A 1061 -231.45 43.59 -116.79
CA GLU A 1061 -231.97 44.05 -115.49
C GLU A 1061 -232.09 42.91 -114.46
N TRP A 1062 -232.02 43.26 -113.17
CA TRP A 1062 -232.05 42.31 -112.05
C TRP A 1062 -233.47 41.83 -111.71
N THR A 1063 -233.99 40.89 -112.50
CA THR A 1063 -235.25 40.19 -112.21
C THR A 1063 -235.18 38.71 -112.63
N ALA A 1064 -235.91 37.83 -111.94
CA ALA A 1064 -235.87 36.39 -112.15
C ALA A 1064 -236.25 35.97 -113.59
N GLU A 1065 -237.16 36.71 -114.24
CA GLU A 1065 -237.57 36.49 -115.63
C GLU A 1065 -236.43 36.79 -116.62
N ALA A 1066 -235.72 37.91 -116.46
CA ALA A 1066 -234.56 38.27 -117.26
C ALA A 1066 -233.35 37.36 -116.99
N ALA A 1067 -233.16 36.93 -115.74
CA ALA A 1067 -232.07 36.03 -115.34
C ALA A 1067 -232.17 34.68 -116.09
N ARG A 1068 -233.34 34.04 -116.11
CA ARG A 1068 -233.56 32.84 -116.92
C ARG A 1068 -233.37 33.08 -118.41
N ASP A 1069 -233.93 34.15 -118.96
CA ASP A 1069 -233.79 34.49 -120.38
C ASP A 1069 -232.32 34.65 -120.83
N PHE A 1070 -231.43 35.19 -119.99
CA PHE A 1070 -229.99 35.18 -120.27
C PHE A 1070 -229.34 33.81 -120.04
N LEU A 1071 -229.49 33.21 -118.85
CA LEU A 1071 -228.79 31.98 -118.46
C LEU A 1071 -229.11 30.79 -119.37
N GLU A 1072 -230.39 30.56 -119.66
CA GLU A 1072 -230.85 29.41 -120.45
C GLU A 1072 -230.57 29.55 -121.96
N GLY A 1073 -230.28 30.77 -122.44
CA GLY A 1073 -229.77 31.02 -123.79
C GLY A 1073 -228.25 30.83 -123.88
N VAL A 1074 -227.50 31.40 -122.92
CA VAL A 1074 -226.06 31.15 -122.71
C VAL A 1074 -225.84 29.78 -122.10
N ASP A 1083 -222.10 14.85 -121.67
CA ASP A 1083 -220.65 14.76 -121.40
C ASP A 1083 -220.16 13.30 -121.41
N ASN A 1084 -218.84 13.09 -121.46
CA ASN A 1084 -218.25 11.79 -121.11
C ASN A 1084 -218.60 11.46 -119.65
N PHE A 1085 -218.95 10.21 -119.35
CA PHE A 1085 -219.26 9.74 -117.99
C PHE A 1085 -219.01 8.23 -117.90
N ILE A 1086 -217.91 7.80 -117.27
CA ILE A 1086 -217.64 6.38 -117.01
C ILE A 1086 -218.33 5.91 -115.73
N SER A 1087 -218.82 4.68 -115.71
CA SER A 1087 -219.39 4.05 -114.50
C SER A 1087 -218.30 3.41 -113.62
N VAL A 1088 -218.52 3.34 -112.30
CA VAL A 1088 -217.54 2.92 -111.29
C VAL A 1088 -218.11 1.77 -110.45
N ALA A 1089 -217.26 0.79 -110.10
CA ALA A 1089 -217.65 -0.45 -109.42
C ALA A 1089 -218.43 -0.23 -108.11
N THR B 988 -295.32 24.95 -84.88
CA THR B 988 -294.07 25.49 -85.40
C THR B 988 -293.92 27.00 -85.16
N TYR B 989 -292.68 27.50 -85.14
CA TYR B 989 -292.40 28.92 -85.30
C TYR B 989 -292.60 29.35 -86.77
N GLU B 990 -293.00 30.59 -87.01
CA GLU B 990 -293.19 31.09 -88.39
C GLU B 990 -291.92 31.02 -89.25
N ILE B 991 -290.73 31.20 -88.66
CA ILE B 991 -289.45 31.01 -89.36
C ILE B 991 -289.21 29.57 -89.85
N GLU B 992 -289.83 28.55 -89.24
CA GLU B 992 -289.81 27.18 -89.77
C GLU B 992 -290.70 27.03 -91.01
N ASN B 993 -291.84 27.71 -91.05
CA ASN B 993 -292.77 27.67 -92.18
C ASN B 993 -292.22 28.42 -93.39
N ILE B 994 -291.61 29.61 -93.20
CA ILE B 994 -290.90 30.30 -94.29
C ILE B 994 -289.81 29.39 -94.88
N ARG B 995 -288.96 28.79 -94.02
CA ARG B 995 -287.90 27.87 -94.41
C ARG B 995 -288.41 26.64 -95.18
N ALA B 996 -289.46 25.98 -94.72
CA ALA B 996 -290.07 24.87 -95.46
C ALA B 996 -290.58 25.29 -96.85
N GLY B 997 -291.26 26.44 -96.96
CA GLY B 997 -291.77 26.95 -98.24
C GLY B 997 -290.67 27.30 -99.24
N LEU B 998 -289.53 27.82 -98.79
CA LEU B 998 -288.36 28.05 -99.65
C LEU B 998 -287.70 26.75 -100.10
N GLU B 999 -287.48 25.77 -99.22
CA GLU B 999 -286.96 24.47 -99.63
C GLU B 999 -287.91 23.74 -100.61
N ALA B 1000 -289.23 23.94 -100.47
CA ALA B 1000 -290.22 23.41 -101.41
C ALA B 1000 -290.15 24.07 -102.80
N ILE B 1001 -289.87 25.37 -102.91
CA ILE B 1001 -289.63 26.04 -104.21
C ILE B 1001 -288.31 25.56 -104.83
N ILE B 1002 -287.19 25.68 -104.12
CA ILE B 1002 -285.87 25.46 -104.71
C ILE B 1002 -285.68 24.01 -105.16
N SER B 1003 -286.25 23.04 -104.43
CA SER B 1003 -286.23 21.61 -104.78
C SER B 1003 -287.07 21.26 -106.01
N GLN B 1004 -287.95 22.15 -106.49
CA GLN B 1004 -288.83 21.90 -107.64
C GLN B 1004 -288.48 22.75 -108.89
N LYS B 1005 -287.98 23.98 -108.73
CA LYS B 1005 -287.71 24.90 -109.84
C LYS B 1005 -286.63 24.32 -110.78
N GLN B 1006 -286.99 24.04 -112.03
CA GLN B 1006 -286.14 23.45 -113.06
C GLN B 1006 -286.20 24.24 -114.37
N GLU B 1007 -285.09 24.25 -115.10
CA GLU B 1007 -284.92 24.95 -116.40
C GLU B 1007 -285.01 26.48 -116.32
N GLU B 1008 -285.00 27.07 -115.11
CA GLU B 1008 -284.93 28.51 -114.85
C GLU B 1008 -284.22 28.82 -113.52
N ASP B 1009 -283.55 29.96 -113.44
CA ASP B 1009 -282.90 30.42 -112.21
C ASP B 1009 -283.93 30.90 -111.16
N CYS B 1010 -283.79 30.47 -109.89
CA CYS B 1010 -284.83 30.58 -108.86
C CYS B 1010 -284.84 31.88 -108.01
N VAL B 1011 -283.85 32.77 -108.13
CA VAL B 1011 -283.66 33.88 -107.17
C VAL B 1011 -284.85 34.86 -107.14
N PHE B 1012 -285.46 35.18 -108.27
CA PHE B 1012 -286.65 36.05 -108.32
C PHE B 1012 -287.87 35.40 -107.64
N ASP B 1013 -288.10 34.09 -107.79
CA ASP B 1013 -289.21 33.40 -107.12
C ASP B 1013 -288.99 33.23 -105.61
N VAL B 1014 -287.74 33.11 -105.14
CA VAL B 1014 -287.38 33.14 -103.72
C VAL B 1014 -287.58 34.53 -103.13
N VAL B 1015 -287.08 35.57 -103.81
CA VAL B 1015 -287.26 36.96 -103.37
C VAL B 1015 -288.74 37.36 -103.29
N CYS B 1016 -289.59 36.93 -104.21
CA CYS B 1016 -291.03 37.20 -104.15
C CYS B 1016 -291.69 36.51 -102.94
N ASN B 1017 -291.33 35.26 -102.63
CA ASN B 1017 -291.85 34.58 -101.43
C ASN B 1017 -291.41 35.26 -100.11
N LEU B 1018 -290.17 35.76 -100.02
CA LEU B 1018 -289.72 36.56 -98.88
C LEU B 1018 -290.47 37.89 -98.75
N VAL B 1019 -290.60 38.65 -99.84
CA VAL B 1019 -291.33 39.93 -99.84
C VAL B 1019 -292.81 39.71 -99.50
N ASP B 1020 -293.44 38.61 -99.93
CA ASP B 1020 -294.79 38.27 -99.50
C ASP B 1020 -294.87 37.98 -97.98
N ALA B 1021 -293.97 37.17 -97.43
CA ALA B 1021 -294.04 36.74 -96.02
C ALA B 1021 -293.53 37.77 -95.00
N MET B 1022 -292.64 38.68 -95.38
CA MET B 1022 -292.01 39.66 -94.48
C MET B 1022 -292.22 41.12 -94.89
N GLY B 1023 -292.58 41.42 -96.14
CA GLY B 1023 -292.83 42.79 -96.59
C GLY B 1023 -291.64 43.72 -96.37
N GLU B 1024 -291.91 44.87 -95.75
CA GLU B 1024 -290.91 45.90 -95.45
C GLU B 1024 -289.74 45.41 -94.57
N ALA B 1025 -289.94 44.36 -93.77
CA ALA B 1025 -288.87 43.77 -92.96
C ALA B 1025 -287.75 43.09 -93.79
N CYS B 1026 -287.93 42.87 -95.09
CA CYS B 1026 -286.85 42.41 -95.98
C CYS B 1026 -285.73 43.45 -96.14
N ALA B 1027 -286.03 44.73 -95.99
CA ALA B 1027 -285.11 45.84 -96.23
C ALA B 1027 -283.82 45.80 -95.38
N SER B 1028 -283.85 45.09 -94.25
CA SER B 1028 -282.73 44.92 -93.33
C SER B 1028 -282.39 43.45 -93.05
N LEU B 1029 -282.83 42.51 -93.88
CA LEU B 1029 -282.55 41.07 -93.71
C LEU B 1029 -281.04 40.83 -93.72
N THR B 1030 -280.50 40.29 -92.63
CA THR B 1030 -279.05 40.03 -92.47
C THR B 1030 -278.66 38.69 -93.10
N ARG B 1031 -277.37 38.46 -93.37
CA ARG B 1031 -276.89 37.20 -93.94
C ARG B 1031 -277.09 35.99 -93.01
N ASP B 1032 -276.96 36.17 -91.70
CA ASP B 1032 -277.22 35.09 -90.74
C ASP B 1032 -278.70 34.66 -90.72
N ASP B 1033 -279.65 35.60 -90.79
CA ASP B 1033 -281.06 35.28 -90.96
C ASP B 1033 -281.34 34.64 -92.33
N ALA B 1034 -280.83 35.22 -93.43
CA ALA B 1034 -281.03 34.67 -94.78
C ALA B 1034 -280.51 33.24 -94.92
N GLU B 1035 -279.30 32.93 -94.42
CA GLU B 1035 -278.75 31.58 -94.42
C GLU B 1035 -279.61 30.57 -93.66
N TYR B 1036 -280.18 30.93 -92.50
CA TYR B 1036 -281.11 30.05 -91.79
C TYR B 1036 -282.39 29.76 -92.60
N LEU B 1037 -283.01 30.79 -93.19
CA LEU B 1037 -284.25 30.64 -93.96
C LEU B 1037 -284.06 29.80 -95.23
N LEU B 1038 -282.92 29.92 -95.91
CA LEU B 1038 -282.59 29.12 -97.10
C LEU B 1038 -282.27 27.64 -96.79
N GLY B 1039 -282.02 27.29 -95.53
CA GLY B 1039 -281.83 25.90 -95.10
C GLY B 1039 -280.69 25.18 -95.81
N ARG B 1040 -281.00 24.05 -96.47
CA ARG B 1040 -280.07 23.25 -97.30
C ARG B 1040 -279.38 24.06 -98.41
N PHE B 1041 -280.03 25.09 -98.93
CA PHE B 1041 -279.59 25.88 -100.07
C PHE B 1041 -278.95 27.22 -99.66
N SER B 1042 -278.38 27.32 -98.46
CA SER B 1042 -277.81 28.55 -97.90
C SER B 1042 -276.74 29.23 -98.75
N VAL B 1043 -276.14 28.52 -99.70
CA VAL B 1043 -275.25 29.09 -100.71
C VAL B 1043 -275.88 30.24 -101.52
N LEU B 1044 -277.21 30.28 -101.64
CA LEU B 1044 -277.94 31.29 -102.42
C LEU B 1044 -277.95 32.69 -101.78
N ALA B 1045 -277.59 32.83 -100.50
CA ALA B 1045 -277.81 34.02 -99.67
C ALA B 1045 -277.25 35.33 -100.25
N ASP B 1046 -276.01 35.35 -100.77
CA ASP B 1046 -275.43 36.57 -101.34
C ASP B 1046 -276.23 37.12 -102.53
N SER B 1047 -276.75 36.24 -103.38
CA SER B 1047 -277.54 36.64 -104.55
C SER B 1047 -278.94 37.13 -104.18
N VAL B 1048 -279.57 36.55 -103.14
CA VAL B 1048 -280.81 37.05 -102.54
C VAL B 1048 -280.61 38.47 -101.96
N LEU B 1049 -279.57 38.69 -101.16
CA LEU B 1049 -279.32 40.00 -100.53
C LEU B 1049 -278.96 41.09 -101.53
N GLU B 1050 -278.14 40.77 -102.54
CA GLU B 1050 -277.89 41.69 -103.67
C GLU B 1050 -279.19 42.03 -104.42
N THR B 1051 -280.10 41.07 -104.61
CA THR B 1051 -281.41 41.31 -105.24
C THR B 1051 -282.33 42.18 -104.35
N LEU B 1052 -282.41 41.95 -103.04
CA LEU B 1052 -283.24 42.76 -102.12
C LEU B 1052 -282.78 44.22 -102.02
N ALA B 1053 -281.47 44.49 -102.05
CA ALA B 1053 -280.94 45.85 -102.16
C ALA B 1053 -281.41 46.60 -103.43
N THR B 1054 -281.60 45.92 -104.58
CA THR B 1054 -282.15 46.59 -105.78
C THR B 1054 -283.61 47.00 -105.60
N ILE B 1055 -284.43 46.21 -104.88
CA ILE B 1055 -285.82 46.58 -104.56
C ILE B 1055 -285.84 47.76 -103.57
N ALA B 1056 -285.03 47.69 -102.50
CA ALA B 1056 -284.90 48.75 -101.52
C ALA B 1056 -284.50 50.11 -102.14
N SER B 1057 -283.48 50.14 -102.99
CA SER B 1057 -282.92 51.37 -103.59
C SER B 1057 -283.72 51.92 -104.78
N SER B 1058 -284.47 51.08 -105.51
CA SER B 1058 -285.33 51.54 -106.61
C SER B 1058 -286.66 52.17 -106.15
N GLY B 1059 -286.95 52.17 -104.85
CA GLY B 1059 -288.04 52.95 -104.25
C GLY B 1059 -289.47 52.46 -104.53
N ILE B 1060 -289.64 51.27 -105.11
CA ILE B 1060 -290.94 50.58 -105.15
C ILE B 1060 -291.35 50.10 -103.74
N GLU B 1061 -292.65 49.96 -103.51
CA GLU B 1061 -293.18 49.42 -102.25
C GLU B 1061 -292.96 47.91 -102.11
N TRP B 1062 -292.89 47.42 -100.87
CA TRP B 1062 -292.63 46.01 -100.54
C TRP B 1062 -293.86 45.11 -100.68
N THR B 1063 -294.19 44.74 -101.92
CA THR B 1063 -295.23 43.74 -102.22
C THR B 1063 -294.84 42.88 -103.42
N ALA B 1064 -295.30 41.62 -103.45
CA ALA B 1064 -294.93 40.65 -104.48
C ALA B 1064 -295.30 41.10 -105.90
N GLU B 1065 -296.39 41.85 -106.07
CA GLU B 1065 -296.82 42.41 -107.35
C GLU B 1065 -295.85 43.50 -107.86
N ALA B 1066 -295.43 44.43 -107.00
CA ALA B 1066 -294.44 45.44 -107.33
C ALA B 1066 -293.03 44.84 -107.54
N ALA B 1067 -292.66 43.81 -106.77
CA ALA B 1067 -291.38 43.14 -106.90
C ALA B 1067 -291.19 42.53 -108.30
N ARG B 1068 -292.18 41.78 -108.81
CA ARG B 1068 -292.16 41.28 -110.19
C ARG B 1068 -292.12 42.41 -111.22
N ASP B 1069 -292.97 43.43 -111.08
CA ASP B 1069 -293.00 44.57 -112.00
C ASP B 1069 -291.64 45.29 -112.12
N PHE B 1070 -290.85 45.41 -111.05
CA PHE B 1070 -289.48 45.91 -111.16
C PHE B 1070 -288.50 44.86 -111.73
N LEU B 1071 -288.44 43.66 -111.14
CA LEU B 1071 -287.44 42.64 -111.49
C LEU B 1071 -287.53 42.18 -112.96
N GLU B 1072 -288.73 41.90 -113.44
CA GLU B 1072 -288.95 41.37 -114.80
C GLU B 1072 -288.82 42.45 -115.89
N GLY B 1073 -288.86 43.74 -115.54
CA GLY B 1073 -288.51 44.86 -116.41
C GLY B 1073 -286.99 45.11 -116.46
N VAL B 1074 -286.34 45.15 -115.30
CA VAL B 1074 -284.88 45.17 -115.14
C VAL B 1074 -284.30 43.79 -115.45
N ASP B 1083 -277.09 32.90 -123.62
CA ASP B 1083 -275.66 33.01 -123.32
C ASP B 1083 -274.83 32.00 -124.15
N ASN B 1084 -273.51 32.17 -124.19
CA ASN B 1084 -272.61 31.10 -124.63
C ASN B 1084 -272.77 29.90 -123.70
N PHE B 1085 -272.79 28.67 -124.22
CA PHE B 1085 -272.89 27.43 -123.45
C PHE B 1085 -272.29 26.27 -124.25
N ILE B 1086 -271.09 25.82 -123.90
CA ILE B 1086 -270.46 24.63 -124.51
C ILE B 1086 -270.93 23.35 -123.81
N SER B 1087 -271.12 22.28 -124.58
CA SER B 1087 -271.43 20.94 -124.05
C SER B 1087 -270.17 20.17 -123.62
N VAL B 1088 -270.29 19.29 -122.63
CA VAL B 1088 -269.17 18.58 -121.98
C VAL B 1088 -269.38 17.06 -122.03
N ALA B 1089 -268.31 16.30 -122.26
CA ALA B 1089 -268.36 14.85 -122.50
C ALA B 1089 -269.06 14.05 -121.38
N ASP D 9 -275.80 -18.54 -59.24
CA ASP D 9 -276.07 -19.46 -58.14
C ASP D 9 -274.78 -19.95 -57.45
N ASN D 10 -274.86 -20.53 -56.25
CA ASN D 10 -273.69 -20.90 -55.44
C ASN D 10 -273.90 -22.11 -54.51
N LEU D 11 -272.81 -22.72 -54.04
CA LEU D 11 -272.81 -23.89 -53.15
C LEU D 11 -273.51 -23.64 -51.80
N GLY D 12 -273.56 -22.40 -51.31
CA GLY D 12 -274.29 -22.02 -50.10
C GLY D 12 -275.79 -22.18 -50.26
N SER D 13 -276.37 -21.54 -51.28
CA SER D 13 -277.79 -21.63 -51.66
C SER D 13 -278.25 -23.07 -51.87
N GLN D 14 -277.40 -23.93 -52.45
CA GLN D 14 -277.69 -25.32 -52.76
C GLN D 14 -277.62 -26.29 -51.58
N SER D 15 -276.99 -25.92 -50.45
CA SER D 15 -276.87 -26.81 -49.27
C SER D 15 -278.21 -27.00 -48.54
N GLN D 16 -278.43 -28.18 -47.94
CA GLN D 16 -279.68 -28.57 -47.28
C GLN D 16 -279.71 -28.24 -45.77
N PRO D 17 -280.90 -28.01 -45.18
CA PRO D 17 -281.13 -28.01 -43.73
C PRO D 17 -280.52 -29.21 -42.98
N GLY D 18 -280.10 -29.01 -41.74
CA GLY D 18 -279.57 -30.06 -40.86
C GLY D 18 -279.15 -29.59 -39.47
N PRO D 19 -278.61 -30.48 -38.63
CA PRO D 19 -278.16 -30.18 -37.27
C PRO D 19 -276.84 -29.39 -37.22
N CYS D 20 -276.45 -28.90 -36.04
CA CYS D 20 -275.20 -28.16 -35.81
C CYS D 20 -273.94 -29.05 -35.80
N GLY D 21 -274.09 -30.37 -35.61
CA GLY D 21 -273.05 -31.39 -35.58
C GLY D 21 -273.63 -32.79 -35.35
N TYR D 22 -272.76 -33.80 -35.23
CA TYR D 22 -273.13 -35.20 -34.91
C TYR D 22 -272.17 -35.84 -33.91
N ILE D 23 -272.69 -36.76 -33.08
CA ILE D 23 -271.88 -37.75 -32.37
C ILE D 23 -271.91 -39.06 -33.17
N TYR D 24 -270.76 -39.58 -33.59
CA TYR D 24 -270.62 -40.90 -34.20
C TYR D 24 -270.23 -41.95 -33.15
N PHE D 25 -270.87 -43.12 -33.20
CA PHE D 25 -270.54 -44.30 -32.41
C PHE D 25 -270.05 -45.45 -33.34
N TYR D 26 -268.82 -45.94 -33.15
CA TYR D 26 -268.23 -47.03 -33.95
C TYR D 26 -268.02 -48.31 -33.14
N PRO D 27 -268.39 -49.50 -33.65
CA PRO D 27 -268.24 -50.76 -32.92
C PRO D 27 -266.78 -51.21 -32.78
N LEU D 28 -266.33 -51.44 -31.54
CA LEU D 28 -264.95 -51.83 -31.24
C LEU D 28 -264.57 -53.21 -31.84
N ALA D 29 -265.52 -54.13 -32.01
CA ALA D 29 -265.25 -55.47 -32.52
C ALA D 29 -264.75 -55.50 -33.98
N THR D 30 -265.15 -54.53 -34.82
CA THR D 30 -264.83 -54.51 -36.26
C THR D 30 -264.06 -53.28 -36.76
N TYR D 31 -264.08 -52.15 -36.04
CA TYR D 31 -263.47 -50.89 -36.50
C TYR D 31 -261.93 -50.98 -36.60
N PRO D 32 -261.28 -50.43 -37.66
CA PRO D 32 -259.83 -50.57 -37.90
C PRO D 32 -258.98 -49.59 -37.05
N LEU D 33 -258.82 -49.89 -35.76
CA LEU D 33 -258.15 -49.03 -34.77
C LEU D 33 -256.68 -48.69 -35.10
N ARG D 34 -255.88 -49.63 -35.66
CA ARG D 34 -254.49 -49.35 -36.03
C ARG D 34 -254.37 -48.45 -37.25
N GLU D 35 -255.30 -48.48 -38.20
CA GLU D 35 -255.31 -47.53 -39.32
C GLU D 35 -255.58 -46.10 -38.83
N VAL D 36 -256.64 -45.84 -38.06
CA VAL D 36 -256.91 -44.48 -37.58
C VAL D 36 -255.79 -43.93 -36.70
N ALA D 37 -255.13 -44.77 -35.91
CA ALA D 37 -254.00 -44.35 -35.10
C ALA D 37 -252.84 -43.75 -35.92
N THR D 38 -252.57 -44.22 -37.15
CA THR D 38 -251.51 -43.64 -38.01
C THR D 38 -251.84 -42.24 -38.52
N LEU D 39 -253.12 -41.86 -38.60
CA LEU D 39 -253.59 -40.53 -38.96
C LEU D 39 -253.90 -39.64 -37.74
N GLY D 40 -253.77 -40.15 -36.51
CA GLY D 40 -254.18 -39.47 -35.27
C GLY D 40 -253.07 -38.73 -34.52
N THR D 41 -253.46 -38.06 -33.43
CA THR D 41 -252.58 -37.30 -32.50
C THR D 41 -252.48 -37.93 -31.12
N GLY D 42 -252.55 -39.26 -31.00
CA GLY D 42 -252.52 -39.95 -29.70
C GLY D 42 -251.15 -39.96 -29.02
N TYR D 43 -251.09 -39.60 -27.76
CA TYR D 43 -249.92 -39.75 -26.87
C TYR D 43 -250.17 -40.84 -25.82
N ALA D 44 -249.15 -41.36 -25.16
CA ALA D 44 -249.29 -42.38 -24.12
C ALA D 44 -250.04 -41.84 -22.89
N GLY D 45 -251.15 -42.47 -22.51
CA GLY D 45 -252.03 -42.05 -21.41
C GLY D 45 -253.13 -41.05 -21.76
N HIS D 46 -253.36 -40.74 -23.05
CA HIS D 46 -254.41 -39.80 -23.49
C HIS D 46 -255.82 -40.19 -23.04
N ARG D 47 -256.69 -39.19 -22.89
CA ARG D 47 -258.13 -39.33 -22.61
C ARG D 47 -258.98 -38.79 -23.77
N CYS D 48 -258.38 -38.05 -24.70
CA CYS D 48 -258.95 -37.57 -25.94
C CYS D 48 -257.87 -37.44 -27.05
N LEU D 49 -258.24 -37.52 -28.33
CA LEU D 49 -257.36 -37.23 -29.47
C LEU D 49 -258.12 -36.75 -30.72
N THR D 50 -257.40 -36.15 -31.66
CA THR D 50 -257.92 -35.72 -32.96
C THR D 50 -257.51 -36.65 -34.10
N VAL D 51 -258.42 -36.78 -35.06
CA VAL D 51 -258.29 -37.52 -36.32
C VAL D 51 -258.92 -36.69 -37.45
N PRO D 52 -258.55 -36.89 -38.73
CA PRO D 52 -259.17 -36.18 -39.85
C PRO D 52 -260.61 -36.65 -40.14
N LEU D 53 -261.46 -35.76 -40.67
CA LEU D 53 -262.75 -36.11 -41.29
C LEU D 53 -262.53 -36.73 -42.68
N LEU D 54 -262.81 -38.02 -42.88
CA LEU D 54 -262.64 -38.78 -44.12
C LEU D 54 -263.80 -39.75 -44.39
N CYS D 55 -264.33 -39.73 -45.61
CA CYS D 55 -265.39 -40.64 -46.04
C CYS D 55 -264.88 -42.07 -46.15
N GLY D 56 -265.51 -43.01 -45.44
CA GLY D 56 -265.15 -44.42 -45.43
C GLY D 56 -264.21 -44.86 -44.29
N ILE D 57 -263.81 -43.96 -43.39
CA ILE D 57 -263.13 -44.35 -42.14
C ILE D 57 -263.57 -43.55 -40.91
N THR D 58 -263.91 -42.28 -41.01
CA THR D 58 -264.44 -41.50 -39.86
C THR D 58 -265.85 -40.96 -40.08
N VAL D 59 -266.31 -40.76 -41.32
CA VAL D 59 -267.73 -40.51 -41.67
C VAL D 59 -268.17 -41.44 -42.80
N GLU D 60 -269.46 -41.64 -42.98
CA GLU D 60 -269.99 -42.49 -44.05
C GLU D 60 -269.78 -41.88 -45.44
N PRO D 61 -269.67 -42.70 -46.50
CA PRO D 61 -269.64 -42.21 -47.88
C PRO D 61 -270.84 -41.30 -48.19
N GLY D 62 -270.60 -40.20 -48.90
CA GLY D 62 -271.63 -39.24 -49.26
C GLY D 62 -271.98 -38.22 -48.17
N PHE D 63 -271.17 -38.10 -47.10
CA PHE D 63 -271.30 -37.05 -46.10
C PHE D 63 -271.26 -35.66 -46.75
N SER D 64 -272.20 -34.79 -46.40
CA SER D 64 -272.24 -33.41 -46.91
C SER D 64 -271.46 -32.47 -46.00
N ILE D 65 -270.36 -31.90 -46.50
CA ILE D 65 -269.52 -30.96 -45.75
C ILE D 65 -270.11 -29.56 -45.65
N ASN D 66 -271.07 -29.17 -46.50
CA ASN D 66 -271.78 -27.89 -46.45
C ASN D 66 -273.23 -28.10 -46.00
N VAL D 67 -273.76 -27.25 -45.12
CA VAL D 67 -275.13 -27.38 -44.56
C VAL D 67 -275.75 -26.02 -44.25
N LYS D 68 -277.08 -25.98 -44.18
CA LYS D 68 -277.83 -24.94 -43.47
C LYS D 68 -278.18 -25.46 -42.07
N ALA D 69 -277.50 -24.97 -41.04
CA ALA D 69 -277.70 -25.43 -39.67
C ALA D 69 -278.92 -24.74 -39.02
N LEU D 70 -279.89 -25.49 -38.51
CA LEU D 70 -280.98 -24.95 -37.69
C LEU D 70 -280.48 -24.66 -36.26
N HIS D 71 -280.29 -23.38 -35.92
CA HIS D 71 -279.60 -23.00 -34.69
C HIS D 71 -280.44 -22.20 -33.69
N ARG D 72 -281.55 -21.60 -34.10
CA ARG D 72 -282.44 -20.81 -33.23
C ARG D 72 -283.91 -20.96 -33.62
N ARG D 73 -284.79 -21.15 -32.64
CA ARG D 73 -286.24 -20.97 -32.81
C ARG D 73 -286.69 -19.75 -32.01
N PRO D 74 -286.93 -18.57 -32.63
CA PRO D 74 -287.39 -17.38 -31.91
C PRO D 74 -288.72 -17.58 -31.16
N ASP D 75 -289.60 -18.41 -31.71
CA ASP D 75 -290.76 -19.02 -31.05
C ASP D 75 -290.93 -20.45 -31.61
N PRO D 76 -291.74 -21.32 -30.98
CA PRO D 76 -291.91 -22.72 -31.41
C PRO D 76 -292.32 -22.95 -32.87
N ASN D 77 -292.74 -21.92 -33.60
CA ASN D 77 -293.29 -22.02 -34.96
C ASN D 77 -292.42 -21.36 -36.04
N CYS D 78 -291.20 -20.91 -35.73
CA CYS D 78 -290.26 -20.34 -36.69
C CYS D 78 -288.83 -20.86 -36.47
N GLY D 79 -288.12 -21.22 -37.53
CA GLY D 79 -286.71 -21.60 -37.50
C GLY D 79 -285.80 -20.60 -38.21
N LEU D 80 -284.59 -20.42 -37.70
CA LEU D 80 -283.53 -19.66 -38.38
C LEU D 80 -282.37 -20.56 -38.83
N LEU D 81 -281.89 -20.35 -40.06
CA LEU D 81 -280.87 -21.15 -40.73
C LEU D 81 -279.56 -20.37 -40.95
N ARG D 82 -278.42 -20.96 -40.59
CA ARG D 82 -277.06 -20.46 -40.81
C ARG D 82 -276.32 -21.35 -41.80
N ALA D 83 -275.80 -20.83 -42.90
CA ALA D 83 -275.01 -21.60 -43.85
C ALA D 83 -273.55 -21.74 -43.36
N THR D 84 -273.04 -22.97 -43.26
CA THR D 84 -271.69 -23.25 -42.75
C THR D 84 -271.13 -24.55 -43.34
N SER D 85 -269.83 -24.59 -43.55
CA SER D 85 -269.10 -25.85 -43.74
C SER D 85 -268.76 -26.52 -42.40
N TYR D 86 -268.41 -27.81 -42.45
CA TYR D 86 -267.87 -28.57 -41.32
C TYR D 86 -266.46 -28.13 -40.91
N HIS D 87 -266.12 -28.35 -39.64
CA HIS D 87 -264.74 -28.31 -39.16
C HIS D 87 -263.98 -29.56 -39.63
N ARG D 88 -262.73 -29.35 -40.05
CA ARG D 88 -261.84 -30.34 -40.65
C ARG D 88 -261.42 -31.50 -39.74
N ASP D 89 -261.28 -31.29 -38.43
CA ASP D 89 -260.91 -32.32 -37.45
C ASP D 89 -262.12 -32.94 -36.73
N ILE D 90 -262.04 -34.22 -36.42
CA ILE D 90 -262.95 -34.98 -35.55
C ILE D 90 -262.28 -35.26 -34.21
N TYR D 91 -263.00 -35.07 -33.11
CA TYR D 91 -262.52 -35.24 -31.74
C TYR D 91 -263.04 -36.54 -31.11
N VAL D 92 -262.15 -37.49 -30.81
CA VAL D 92 -262.45 -38.83 -30.30
C VAL D 92 -262.35 -38.85 -28.77
N PHE D 93 -263.47 -38.98 -28.05
CA PHE D 93 -263.59 -38.65 -26.62
C PHE D 93 -264.10 -39.75 -25.68
N HIS D 94 -264.80 -40.77 -26.18
CA HIS D 94 -265.35 -41.89 -25.39
C HIS D 94 -264.65 -43.21 -25.76
N ASN D 95 -264.11 -43.93 -24.76
CA ASN D 95 -263.22 -45.10 -24.93
C ASN D 95 -261.94 -44.82 -25.75
N ALA D 96 -261.43 -43.59 -25.74
CA ALA D 96 -260.27 -43.17 -26.53
C ALA D 96 -258.96 -43.95 -26.25
N HIS D 97 -258.82 -44.59 -25.08
CA HIS D 97 -257.71 -45.47 -24.72
C HIS D 97 -257.57 -46.68 -25.67
N MET D 98 -258.63 -47.06 -26.39
CA MET D 98 -258.63 -48.12 -27.40
C MET D 98 -257.89 -47.76 -28.69
N VAL D 99 -257.61 -46.48 -28.99
CA VAL D 99 -256.83 -46.06 -30.16
C VAL D 99 -255.35 -45.97 -29.78
N PRO D 100 -254.44 -46.73 -30.42
CA PRO D 100 -252.99 -46.64 -30.16
C PRO D 100 -252.40 -45.21 -30.29
N PRO D 101 -251.37 -44.85 -29.51
CA PRO D 101 -250.65 -43.59 -29.68
C PRO D 101 -249.81 -43.57 -30.98
N ILE D 102 -249.55 -42.38 -31.51
CA ILE D 102 -248.64 -42.16 -32.65
C ILE D 102 -247.16 -42.12 -32.22
N PHE D 103 -246.87 -41.78 -30.96
CA PHE D 103 -245.53 -41.67 -30.38
C PHE D 103 -245.47 -42.33 -29.01
N GLU D 104 -244.45 -43.14 -28.73
CA GLU D 104 -244.37 -43.99 -27.52
C GLU D 104 -243.75 -43.31 -26.29
N GLY D 105 -243.13 -42.15 -26.42
CA GLY D 105 -242.43 -41.48 -25.33
C GLY D 105 -243.35 -41.06 -24.18
N PRO D 106 -243.07 -41.38 -22.91
CA PRO D 106 -243.90 -41.02 -21.76
C PRO D 106 -243.71 -39.56 -21.28
N GLY D 107 -244.61 -39.07 -20.42
CA GLY D 107 -244.44 -37.84 -19.64
C GLY D 107 -244.80 -36.50 -20.30
N LEU D 108 -245.46 -36.50 -21.48
CA LEU D 108 -245.67 -35.27 -22.26
C LEU D 108 -246.67 -34.30 -21.65
N GLU D 109 -247.68 -34.79 -20.93
CA GLU D 109 -248.74 -33.98 -20.37
C GLU D 109 -248.25 -33.02 -19.26
N ALA D 110 -247.38 -33.51 -18.36
CA ALA D 110 -246.70 -32.70 -17.35
C ALA D 110 -245.69 -31.71 -17.95
N LEU D 111 -244.91 -32.13 -18.96
CA LEU D 111 -243.97 -31.26 -19.68
C LEU D 111 -244.69 -30.07 -20.31
N CYS D 112 -245.83 -30.30 -20.97
CA CYS D 112 -246.66 -29.24 -21.54
C CYS D 112 -247.20 -28.28 -20.47
N GLY D 113 -247.66 -28.80 -19.33
CA GLY D 113 -248.22 -27.99 -18.24
C GLY D 113 -247.21 -27.07 -17.58
N GLU D 114 -246.00 -27.58 -17.31
CA GLU D 114 -244.89 -26.80 -16.77
C GLU D 114 -244.46 -25.69 -17.75
N THR D 115 -244.34 -26.00 -19.03
CA THR D 115 -243.87 -25.06 -20.06
C THR D 115 -244.91 -23.97 -20.36
N ARG D 116 -246.21 -24.30 -20.35
CA ARG D 116 -247.31 -23.34 -20.52
C ARG D 116 -247.28 -22.26 -19.42
N GLU D 117 -246.94 -22.64 -18.20
CA GLU D 117 -246.88 -21.72 -17.06
C GLU D 117 -245.69 -20.76 -17.17
N VAL D 118 -244.48 -21.20 -17.53
CA VAL D 118 -243.31 -20.30 -17.64
C VAL D 118 -243.45 -19.28 -18.77
N PHE D 119 -244.17 -19.58 -19.86
CA PHE D 119 -244.52 -18.61 -20.90
C PHE D 119 -245.75 -17.73 -20.55
N GLY D 120 -246.39 -17.94 -19.41
CA GLY D 120 -247.53 -17.15 -18.94
C GLY D 120 -248.86 -17.42 -19.67
N TYR D 121 -249.02 -18.59 -20.29
CA TYR D 121 -250.23 -18.96 -21.02
C TYR D 121 -251.34 -19.56 -20.14
N ASP D 122 -252.57 -19.31 -20.55
CA ASP D 122 -253.81 -19.75 -19.91
C ASP D 122 -254.11 -21.26 -20.11
N ALA D 123 -254.22 -22.03 -19.02
CA ALA D 123 -254.65 -23.43 -19.02
C ALA D 123 -256.19 -23.58 -19.12
N TYR D 124 -256.70 -24.71 -19.59
CA TYR D 124 -258.14 -24.94 -19.64
C TYR D 124 -258.76 -24.96 -18.24
N SER D 125 -259.80 -24.16 -18.01
CA SER D 125 -260.56 -24.15 -16.77
C SER D 125 -261.90 -24.86 -16.97
N ALA D 126 -262.07 -25.99 -16.29
CA ALA D 126 -263.27 -26.81 -16.39
C ALA D 126 -264.53 -26.13 -15.80
N LEU D 127 -265.69 -26.40 -16.40
CA LEU D 127 -266.99 -26.03 -15.83
C LEU D 127 -267.20 -26.66 -14.45
N PRO D 128 -268.05 -26.10 -13.57
CA PRO D 128 -268.35 -26.69 -12.26
C PRO D 128 -269.22 -27.97 -12.31
N ARG D 129 -269.96 -28.23 -13.39
CA ARG D 129 -270.69 -29.51 -13.60
C ARG D 129 -269.74 -30.71 -13.87
N GLU D 130 -270.22 -31.92 -13.69
CA GLU D 130 -269.59 -33.12 -14.28
C GLU D 130 -269.80 -33.22 -15.81
N SER D 131 -268.92 -33.96 -16.50
CA SER D 131 -269.18 -34.45 -17.87
C SER D 131 -270.48 -35.25 -17.99
N SER D 132 -271.15 -35.16 -19.13
CA SER D 132 -272.36 -35.94 -19.45
C SER D 132 -272.11 -37.44 -19.29
N LYS D 133 -272.95 -38.13 -18.52
CA LYS D 133 -272.92 -39.58 -18.38
C LYS D 133 -273.33 -40.27 -19.68
N PRO D 134 -272.76 -41.43 -20.04
CA PRO D 134 -273.07 -42.13 -21.29
C PRO D 134 -274.56 -42.28 -21.60
N GLY D 135 -275.37 -42.71 -20.64
CA GLY D 135 -276.82 -42.86 -20.78
C GLY D 135 -277.60 -41.58 -21.16
N ASP D 136 -277.01 -40.39 -21.05
CA ASP D 136 -277.59 -39.12 -21.50
C ASP D 136 -277.46 -38.89 -23.01
N PHE D 137 -276.41 -39.40 -23.67
CA PHE D 137 -276.13 -39.11 -25.10
C PHE D 137 -276.08 -40.35 -26.01
N PHE D 138 -275.91 -41.56 -25.46
CA PHE D 138 -276.01 -42.81 -26.22
C PHE D 138 -277.44 -43.07 -26.73
N PRO D 139 -277.60 -43.61 -27.95
CA PRO D 139 -278.85 -44.19 -28.42
C PRO D 139 -279.42 -45.26 -27.47
N GLU D 140 -280.72 -45.55 -27.60
CA GLU D 140 -281.40 -46.62 -26.85
C GLU D 140 -280.80 -48.02 -27.10
N GLY D 141 -280.48 -48.74 -26.02
CA GLY D 141 -280.07 -50.15 -26.05
C GLY D 141 -278.59 -50.43 -26.35
N LEU D 142 -277.84 -49.53 -26.98
CA LEU D 142 -276.39 -49.72 -27.22
C LEU D 142 -275.61 -49.73 -25.89
N ASP D 143 -274.68 -50.68 -25.76
CA ASP D 143 -273.77 -50.80 -24.63
C ASP D 143 -272.60 -49.79 -24.73
N PRO D 144 -272.43 -48.83 -23.80
CA PRO D 144 -271.32 -47.88 -23.85
C PRO D 144 -269.93 -48.52 -23.85
N SER D 145 -269.76 -49.71 -23.27
CA SER D 145 -268.48 -50.43 -23.26
C SER D 145 -268.10 -51.05 -24.62
N ALA D 146 -269.05 -51.21 -25.55
CA ALA D 146 -268.84 -51.84 -26.85
C ALA D 146 -268.47 -50.87 -28.00
N TYR D 147 -268.48 -49.56 -27.75
CA TYR D 147 -268.36 -48.53 -28.79
C TYR D 147 -267.28 -47.47 -28.52
N LEU D 148 -266.72 -46.92 -29.58
CA LEU D 148 -265.85 -45.73 -29.61
C LEU D 148 -266.69 -44.49 -29.94
N GLY D 149 -266.59 -43.39 -29.19
CA GLY D 149 -267.39 -42.18 -29.44
C GLY D 149 -266.58 -40.94 -29.86
N ALA D 150 -267.04 -40.23 -30.88
CA ALA D 150 -266.38 -39.05 -31.46
C ALA D 150 -267.36 -37.99 -31.99
N VAL D 151 -266.97 -36.71 -31.99
CA VAL D 151 -267.78 -35.57 -32.47
C VAL D 151 -267.28 -35.04 -33.81
N ALA D 152 -268.20 -34.85 -34.76
CA ALA D 152 -268.04 -34.01 -35.94
C ALA D 152 -268.85 -32.71 -35.77
N ILE D 153 -268.27 -31.55 -36.04
CA ILE D 153 -268.84 -30.25 -35.66
C ILE D 153 -268.77 -29.22 -36.79
N THR D 154 -269.78 -28.37 -36.93
CA THR D 154 -269.75 -27.28 -37.90
C THR D 154 -268.85 -26.13 -37.46
N GLU D 155 -268.21 -25.46 -38.42
CA GLU D 155 -267.20 -24.44 -38.17
C GLU D 155 -267.77 -23.21 -37.41
N ALA D 156 -269.05 -22.88 -37.60
CA ALA D 156 -269.74 -21.78 -36.94
C ALA D 156 -270.16 -22.04 -35.47
N PHE D 157 -270.30 -23.30 -35.04
CA PHE D 157 -270.81 -23.70 -33.72
C PHE D 157 -269.80 -24.49 -32.85
N LYS D 158 -268.52 -24.57 -33.24
CA LYS D 158 -267.47 -25.26 -32.47
C LYS D 158 -267.14 -24.58 -31.12
N GLU D 159 -267.32 -23.28 -30.95
CA GLU D 159 -267.17 -22.66 -29.62
C GLU D 159 -268.32 -23.05 -28.68
N ARG D 160 -269.54 -23.26 -29.20
CA ARG D 160 -270.69 -23.78 -28.45
C ARG D 160 -270.47 -25.21 -27.98
N LEU D 161 -269.79 -26.05 -28.76
CA LEU D 161 -269.33 -27.37 -28.33
C LEU D 161 -268.37 -27.26 -27.14
N TYR D 162 -267.33 -26.43 -27.26
CA TYR D 162 -266.37 -26.14 -26.20
C TYR D 162 -267.04 -25.67 -24.90
N SER D 163 -268.01 -24.75 -25.00
CA SER D 163 -268.66 -24.10 -23.86
C SER D 163 -269.82 -24.90 -23.23
N GLY D 164 -270.19 -26.07 -23.78
CA GLY D 164 -271.23 -26.93 -23.21
C GLY D 164 -272.67 -26.49 -23.51
N ASN D 165 -272.88 -25.77 -24.61
CA ASN D 165 -274.15 -25.17 -25.02
C ASN D 165 -274.90 -25.92 -26.14
N LEU D 166 -274.44 -27.08 -26.62
CA LEU D 166 -275.18 -27.94 -27.53
C LEU D 166 -276.03 -28.98 -26.77
N VAL D 167 -277.07 -29.49 -27.41
CA VAL D 167 -277.98 -30.52 -26.93
C VAL D 167 -277.92 -31.74 -27.87
N ALA D 168 -277.70 -32.95 -27.35
CA ALA D 168 -277.82 -34.20 -28.09
C ALA D 168 -279.25 -34.78 -28.01
N ILE D 169 -279.77 -35.36 -29.10
CA ILE D 169 -281.14 -35.89 -29.18
C ILE D 169 -281.12 -37.38 -29.61
N PRO D 170 -280.83 -38.32 -28.71
CA PRO D 170 -280.70 -39.75 -29.02
C PRO D 170 -281.86 -40.40 -29.78
N SER D 171 -283.10 -39.96 -29.63
CA SER D 171 -284.26 -40.53 -30.34
C SER D 171 -284.17 -40.32 -31.86
N LEU D 172 -283.47 -39.29 -32.32
CA LEU D 172 -283.21 -39.01 -33.73
C LEU D 172 -282.00 -39.77 -34.30
N LYS D 173 -281.59 -40.91 -33.70
CA LYS D 173 -280.50 -41.75 -34.23
C LYS D 173 -280.68 -42.11 -35.70
N GLN D 174 -279.58 -42.26 -36.41
CA GLN D 174 -279.50 -42.81 -37.75
C GLN D 174 -278.41 -43.87 -37.85
N GLU D 175 -278.68 -44.99 -38.48
CA GLU D 175 -277.73 -46.08 -38.69
C GLU D 175 -276.99 -45.88 -40.02
N VAL D 176 -275.66 -45.95 -40.00
CA VAL D 176 -274.77 -45.58 -41.11
C VAL D 176 -273.60 -46.56 -41.24
N ALA D 177 -273.18 -46.87 -42.46
CA ALA D 177 -272.03 -47.73 -42.72
C ALA D 177 -270.75 -46.89 -42.87
N VAL D 178 -269.74 -47.14 -42.04
CA VAL D 178 -268.45 -46.42 -42.10
C VAL D 178 -267.36 -47.42 -42.46
N GLY D 179 -266.99 -47.46 -43.74
CA GLY D 179 -266.23 -48.58 -44.30
C GLY D 179 -267.03 -49.87 -44.19
N GLN D 180 -266.47 -50.90 -43.54
CA GLN D 180 -267.22 -52.13 -43.22
C GLN D 180 -268.14 -51.99 -42.00
N SER D 181 -267.83 -51.09 -41.06
CA SER D 181 -268.41 -51.11 -39.72
C SER D 181 -269.83 -50.52 -39.65
N ALA D 182 -270.75 -51.27 -39.06
CA ALA D 182 -272.11 -50.84 -38.76
C ALA D 182 -272.10 -49.81 -37.62
N SER D 183 -272.20 -48.52 -37.95
CA SER D 183 -272.07 -47.41 -36.99
C SER D 183 -273.42 -46.73 -36.75
N VAL D 184 -273.49 -45.84 -35.76
CA VAL D 184 -274.68 -45.03 -35.46
C VAL D 184 -274.27 -43.57 -35.33
N ARG D 185 -275.13 -42.62 -35.72
CA ARG D 185 -274.94 -41.19 -35.37
C ARG D 185 -276.15 -40.57 -34.69
N VAL D 186 -275.92 -39.64 -33.77
CA VAL D 186 -276.93 -38.82 -33.06
C VAL D 186 -276.70 -37.35 -33.40
N PRO D 187 -277.73 -36.54 -33.70
CA PRO D 187 -277.54 -35.12 -34.02
C PRO D 187 -277.29 -34.25 -32.77
N LEU D 188 -276.62 -33.11 -32.97
CA LEU D 188 -276.42 -32.03 -31.99
C LEU D 188 -277.13 -30.74 -32.45
N TYR D 189 -277.89 -30.08 -31.56
CA TYR D 189 -278.53 -28.78 -31.82
C TYR D 189 -278.13 -27.73 -30.76
N ASP D 190 -277.95 -26.46 -31.14
CA ASP D 190 -277.71 -25.38 -30.17
C ASP D 190 -278.91 -25.19 -29.23
N LYS D 191 -278.69 -25.00 -27.92
CA LYS D 191 -279.79 -24.87 -26.94
C LYS D 191 -280.79 -23.74 -27.27
N GLU D 192 -280.43 -22.78 -28.11
CA GLU D 192 -281.34 -21.77 -28.64
C GLU D 192 -282.44 -22.28 -29.58
N VAL D 193 -282.46 -23.57 -29.97
CA VAL D 193 -283.65 -24.19 -30.59
C VAL D 193 -284.74 -24.56 -29.58
N PHE D 194 -284.52 -24.41 -28.28
CA PHE D 194 -285.52 -24.65 -27.24
C PHE D 194 -285.88 -23.35 -26.50
N PRO D 195 -286.77 -22.50 -27.05
CA PRO D 195 -287.11 -21.21 -26.43
C PRO D 195 -287.71 -21.31 -25.02
N GLU D 196 -288.41 -22.39 -24.65
CA GLU D 196 -288.87 -22.58 -23.26
C GLU D 196 -287.73 -23.02 -22.29
N GLY D 197 -286.54 -23.28 -22.82
CA GLY D 197 -285.38 -23.77 -22.09
C GLY D 197 -285.35 -25.30 -21.93
N VAL D 198 -284.14 -25.83 -21.73
CA VAL D 198 -283.86 -27.20 -21.28
C VAL D 198 -283.01 -27.14 -19.99
N PRO D 199 -283.12 -28.09 -19.05
CA PRO D 199 -282.31 -28.10 -17.83
C PRO D 199 -280.80 -28.05 -18.11
N GLN D 200 -280.01 -27.38 -17.27
CA GLN D 200 -278.57 -27.21 -17.50
C GLN D 200 -277.81 -28.54 -17.65
N LEU D 201 -278.20 -29.60 -16.94
CA LEU D 201 -277.59 -30.94 -17.10
C LEU D 201 -278.08 -31.74 -18.32
N ARG D 202 -279.13 -31.28 -19.02
CA ARG D 202 -279.60 -31.89 -20.27
C ARG D 202 -278.75 -31.49 -21.49
N GLN D 203 -277.95 -30.43 -21.39
CA GLN D 203 -276.95 -30.03 -22.37
C GLN D 203 -275.74 -30.99 -22.38
N PHE D 204 -275.07 -31.11 -23.52
CA PHE D 204 -273.92 -32.00 -23.69
C PHE D 204 -272.60 -31.32 -23.30
N TYR D 205 -271.83 -31.93 -22.41
CA TYR D 205 -270.51 -31.43 -22.01
C TYR D 205 -269.52 -32.57 -21.78
N ASN D 206 -268.30 -32.47 -22.29
CA ASN D 206 -267.22 -33.37 -21.92
C ASN D 206 -265.93 -32.59 -21.65
N SER D 207 -265.41 -32.70 -20.44
CA SER D 207 -264.24 -31.93 -20.00
C SER D 207 -262.96 -32.31 -20.75
N ASP D 208 -262.75 -33.59 -21.08
CA ASP D 208 -261.59 -34.01 -21.85
C ASP D 208 -261.62 -33.48 -23.29
N LEU D 209 -262.79 -33.47 -23.92
CA LEU D 209 -262.99 -32.86 -25.25
C LEU D 209 -262.70 -31.36 -25.23
N SER D 210 -263.26 -30.60 -24.28
CA SER D 210 -263.02 -29.15 -24.22
C SER D 210 -261.54 -28.82 -23.96
N ARG D 211 -260.89 -29.54 -23.03
CA ARG D 211 -259.43 -29.42 -22.79
C ARG D 211 -258.59 -29.73 -24.04
N CYS D 212 -258.92 -30.76 -24.81
CA CYS D 212 -258.24 -31.08 -26.06
C CYS D 212 -258.36 -29.93 -27.08
N MET D 213 -259.56 -29.41 -27.33
CA MET D 213 -259.76 -28.21 -28.18
C MET D 213 -258.98 -26.98 -27.70
N HIS D 214 -258.92 -26.74 -26.39
CA HIS D 214 -258.18 -25.62 -25.81
C HIS D 214 -256.70 -25.64 -26.23
N GLU D 215 -256.07 -26.80 -26.09
CA GLU D 215 -254.66 -27.02 -26.37
C GLU D 215 -254.38 -27.19 -27.87
N ALA D 216 -255.08 -28.09 -28.55
CA ALA D 216 -254.77 -28.45 -29.94
C ALA D 216 -255.35 -27.48 -30.98
N LEU D 217 -256.40 -26.71 -30.70
CA LEU D 217 -256.99 -25.74 -31.63
C LEU D 217 -256.72 -24.29 -31.23
N TYR D 218 -257.27 -23.83 -30.12
CA TYR D 218 -257.33 -22.40 -29.80
C TYR D 218 -256.00 -21.78 -29.36
N THR D 219 -255.12 -22.51 -28.68
CA THR D 219 -253.83 -21.98 -28.23
C THR D 219 -252.93 -21.55 -29.40
N GLY D 220 -252.90 -22.27 -30.50
CA GLY D 220 -252.14 -21.89 -31.68
C GLY D 220 -252.68 -20.65 -32.39
N LEU D 221 -253.99 -20.43 -32.39
CA LEU D 221 -254.62 -19.21 -32.89
C LEU D 221 -254.27 -17.99 -32.02
N ALA D 222 -254.25 -18.15 -30.70
CA ALA D 222 -253.77 -17.14 -29.77
C ALA D 222 -252.28 -16.81 -30.00
N GLN D 223 -251.41 -17.81 -30.19
CA GLN D 223 -250.00 -17.59 -30.56
C GLN D 223 -249.86 -16.81 -31.88
N ALA D 224 -250.67 -17.09 -32.91
CA ALA D 224 -250.66 -16.35 -34.17
C ALA D 224 -251.03 -14.85 -34.05
N LEU D 225 -251.80 -14.46 -33.02
CA LEU D 225 -252.17 -13.07 -32.71
C LEU D 225 -251.27 -12.41 -31.63
N ARG D 226 -250.37 -13.17 -31.00
CA ARG D 226 -249.60 -12.82 -29.78
C ARG D 226 -250.50 -12.42 -28.60
N VAL D 227 -251.45 -13.28 -28.27
CA VAL D 227 -252.37 -13.23 -27.12
C VAL D 227 -252.07 -14.40 -26.17
N ARG D 228 -252.06 -14.18 -24.84
CA ARG D 228 -251.87 -15.23 -23.81
C ARG D 228 -253.16 -15.78 -23.20
N ARG D 229 -254.21 -14.96 -23.19
CA ARG D 229 -255.53 -15.23 -22.57
C ARG D 229 -256.43 -16.04 -23.51
N VAL D 230 -256.16 -17.34 -23.60
CA VAL D 230 -256.83 -18.25 -24.57
C VAL D 230 -258.33 -18.36 -24.30
N GLY D 231 -258.77 -18.52 -23.05
CA GLY D 231 -260.18 -18.61 -22.68
C GLY D 231 -261.02 -17.39 -23.08
N LYS D 232 -260.47 -16.17 -22.92
CA LYS D 232 -261.07 -14.92 -23.42
C LYS D 232 -261.08 -14.82 -24.95
N LEU D 233 -260.08 -15.34 -25.67
CA LEU D 233 -260.16 -15.47 -27.13
C LEU D 233 -261.31 -16.41 -27.57
N VAL D 234 -261.54 -17.54 -26.89
CA VAL D 234 -262.67 -18.43 -27.22
C VAL D 234 -264.02 -17.73 -26.99
N GLU D 235 -264.17 -17.00 -25.88
CA GLU D 235 -265.40 -16.25 -25.58
C GLU D 235 -265.72 -15.18 -26.63
N LEU D 236 -264.74 -14.40 -27.10
CA LEU D 236 -265.01 -13.39 -28.12
C LEU D 236 -265.26 -13.98 -29.52
N LEU D 237 -264.70 -15.13 -29.88
CA LEU D 237 -265.03 -15.83 -31.13
C LEU D 237 -266.46 -16.37 -31.12
N GLU D 238 -266.95 -16.90 -30.00
CA GLU D 238 -268.34 -17.37 -29.86
C GLU D 238 -269.36 -16.24 -30.09
N LYS D 239 -269.19 -15.12 -29.38
CA LYS D 239 -270.08 -13.95 -29.51
C LYS D 239 -270.01 -13.33 -30.91
N GLN D 240 -268.87 -13.33 -31.57
CA GLN D 240 -268.76 -12.92 -32.97
C GLN D 240 -269.60 -13.80 -33.91
N SER D 241 -269.64 -15.13 -33.69
CA SER D 241 -270.45 -16.03 -34.49
C SER D 241 -271.95 -15.86 -34.23
N LEU D 242 -272.38 -15.73 -32.98
CA LEU D 242 -273.80 -15.76 -32.62
C LEU D 242 -274.51 -14.40 -32.62
N GLN D 243 -273.78 -13.28 -32.52
CA GLN D 243 -274.34 -11.93 -32.37
C GLN D 243 -273.82 -10.95 -33.43
N ASP D 244 -273.29 -11.46 -34.55
CA ASP D 244 -272.90 -10.70 -35.76
C ASP D 244 -271.88 -9.57 -35.54
N GLN D 245 -270.96 -9.70 -34.57
CA GLN D 245 -270.06 -8.63 -34.13
C GLN D 245 -268.82 -8.38 -35.04
N ALA D 246 -268.83 -8.81 -36.30
CA ALA D 246 -267.66 -8.73 -37.19
C ALA D 246 -267.09 -7.30 -37.37
N LYS D 247 -267.92 -6.27 -37.43
CA LYS D 247 -267.49 -4.85 -37.56
C LYS D 247 -267.25 -4.13 -36.23
N VAL D 248 -267.27 -4.82 -35.09
CA VAL D 248 -266.96 -4.26 -33.76
C VAL D 248 -265.56 -4.70 -33.33
N ALA D 249 -264.72 -3.77 -32.86
CA ALA D 249 -263.40 -4.09 -32.33
C ALA D 249 -263.50 -4.88 -31.00
N LYS D 250 -262.64 -5.89 -30.79
CA LYS D 250 -262.78 -6.86 -29.70
C LYS D 250 -261.47 -7.45 -29.16
N VAL D 251 -260.42 -7.63 -29.97
CA VAL D 251 -259.16 -8.24 -29.48
C VAL D 251 -258.21 -7.23 -28.85
N ALA D 252 -258.29 -5.94 -29.17
CA ALA D 252 -257.32 -4.93 -28.72
C ALA D 252 -257.02 -4.93 -27.20
N PRO D 253 -257.99 -5.09 -26.27
CA PRO D 253 -257.70 -5.21 -24.84
C PRO D 253 -256.79 -6.37 -24.43
N LEU D 254 -256.79 -7.48 -25.17
CA LEU D 254 -255.96 -8.67 -24.89
C LEU D 254 -254.51 -8.54 -25.37
N LYS D 255 -254.18 -7.53 -26.19
CA LYS D 255 -252.84 -7.34 -26.79
C LYS D 255 -251.75 -7.00 -25.75
N GLU D 256 -250.52 -7.34 -26.08
CA GLU D 256 -249.30 -7.12 -25.29
C GLU D 256 -248.12 -6.76 -26.20
N PHE D 257 -247.20 -5.93 -25.71
CA PHE D 257 -246.13 -5.34 -26.52
C PHE D 257 -244.74 -5.51 -25.89
N PRO D 258 -243.68 -5.76 -26.66
CA PRO D 258 -242.30 -5.86 -26.17
C PRO D 258 -241.62 -4.49 -26.02
N ALA D 259 -240.49 -4.44 -25.32
CA ALA D 259 -239.70 -3.23 -25.07
C ALA D 259 -239.21 -2.54 -26.35
N SER D 260 -238.94 -3.27 -27.43
CA SER D 260 -238.59 -2.72 -28.75
C SER D 260 -239.73 -1.93 -29.40
N THR D 261 -241.00 -2.25 -29.08
CA THR D 261 -242.18 -1.48 -29.50
C THR D 261 -242.47 -0.31 -28.56
N ILE D 262 -242.34 -0.50 -27.24
CA ILE D 262 -242.61 0.56 -26.25
C ILE D 262 -241.56 1.68 -26.29
N SER D 263 -240.29 1.35 -26.52
CA SER D 263 -239.17 2.32 -26.62
C SER D 263 -239.07 2.99 -28.01
N HIS D 264 -239.94 2.65 -28.96
CA HIS D 264 -239.84 3.13 -30.35
C HIS D 264 -240.28 4.60 -30.50
N PRO D 265 -239.64 5.41 -31.36
CA PRO D 265 -240.04 6.81 -31.58
C PRO D 265 -241.45 6.95 -32.17
N ASP D 266 -241.91 5.98 -32.97
CA ASP D 266 -243.27 5.89 -33.49
C ASP D 266 -244.17 4.92 -32.71
N SER D 267 -243.84 4.61 -31.44
CA SER D 267 -244.56 3.60 -30.64
C SER D 267 -246.08 3.74 -30.62
N GLY D 268 -246.63 4.96 -30.54
CA GLY D 268 -248.08 5.17 -30.53
C GLY D 268 -248.77 4.71 -31.83
N ALA D 269 -248.19 5.03 -32.98
CA ALA D 269 -248.67 4.58 -34.28
C ALA D 269 -248.44 3.06 -34.50
N LEU D 270 -247.33 2.52 -34.00
CA LEU D 270 -247.03 1.10 -34.07
C LEU D 270 -248.02 0.25 -33.26
N MET D 271 -248.36 0.65 -32.04
CA MET D 271 -249.36 -0.05 -31.22
C MET D 271 -250.76 -0.04 -31.87
N ILE D 272 -251.16 1.05 -32.54
CA ILE D 272 -252.41 1.11 -33.32
C ILE D 272 -252.36 0.21 -34.56
N VAL D 273 -251.29 0.21 -35.36
CA VAL D 273 -251.20 -0.64 -36.56
C VAL D 273 -251.17 -2.13 -36.22
N ASP D 274 -250.38 -2.54 -35.22
CA ASP D 274 -250.30 -3.93 -34.75
C ASP D 274 -251.64 -4.44 -34.20
N SER D 275 -252.35 -3.61 -33.42
CA SER D 275 -253.69 -3.94 -32.93
C SER D 275 -254.74 -4.04 -34.04
N ALA D 276 -254.77 -3.09 -34.97
CA ALA D 276 -255.75 -3.09 -36.07
C ALA D 276 -255.55 -4.26 -37.04
N ALA D 277 -254.31 -4.65 -37.33
CA ALA D 277 -254.02 -5.84 -38.12
C ALA D 277 -254.59 -7.13 -37.48
N CYS D 278 -254.45 -7.29 -36.16
CA CYS D 278 -255.01 -8.44 -35.44
C CYS D 278 -256.54 -8.42 -35.41
N GLU D 279 -257.17 -7.27 -35.19
CA GLU D 279 -258.63 -7.13 -35.27
C GLU D 279 -259.17 -7.58 -36.62
N LEU D 280 -258.55 -7.15 -37.73
CA LEU D 280 -258.95 -7.50 -39.08
C LEU D 280 -258.79 -9.01 -39.36
N ALA D 281 -257.71 -9.65 -38.93
CA ALA D 281 -257.53 -11.10 -39.05
C ALA D 281 -258.63 -11.88 -38.30
N VAL D 282 -259.00 -11.46 -37.09
CA VAL D 282 -260.12 -12.05 -36.34
C VAL D 282 -261.49 -11.76 -36.96
N SER D 283 -261.71 -10.62 -37.61
CA SER D 283 -262.95 -10.38 -38.37
C SER D 283 -263.08 -11.28 -39.60
N TYR D 284 -262.03 -11.42 -40.42
CA TYR D 284 -262.13 -12.06 -41.75
C TYR D 284 -261.76 -13.54 -41.81
N ALA D 285 -260.80 -14.05 -41.03
CA ALA D 285 -260.40 -15.46 -41.13
C ALA D 285 -261.54 -16.45 -40.78
N PRO D 286 -262.29 -16.31 -39.68
CA PRO D 286 -263.42 -17.18 -39.40
C PRO D 286 -264.51 -17.17 -40.48
N ALA D 287 -264.85 -16.01 -41.05
CA ALA D 287 -265.82 -15.91 -42.14
C ALA D 287 -265.42 -16.74 -43.37
N MET D 288 -264.16 -16.64 -43.80
CA MET D 288 -263.65 -17.43 -44.91
C MET D 288 -263.56 -18.93 -44.59
N LEU D 289 -263.22 -19.31 -43.37
CA LEU D 289 -263.20 -20.72 -42.95
C LEU D 289 -264.61 -21.34 -42.86
N GLU D 290 -265.63 -20.59 -42.41
CA GLU D 290 -267.04 -21.03 -42.35
C GLU D 290 -267.72 -21.16 -43.72
N ALA D 291 -267.24 -20.47 -44.75
CA ALA D 291 -267.85 -20.44 -46.09
C ALA D 291 -268.05 -21.85 -46.71
N SER D 292 -268.91 -21.97 -47.72
CA SER D 292 -269.16 -23.25 -48.39
C SER D 292 -267.99 -23.61 -49.32
N HIS D 293 -267.45 -24.82 -49.21
CA HIS D 293 -266.24 -25.25 -49.94
C HIS D 293 -266.53 -26.38 -50.92
N GLU D 294 -265.78 -26.46 -52.02
CA GLU D 294 -265.80 -27.62 -52.93
C GLU D 294 -265.33 -28.91 -52.22
N THR D 295 -265.88 -30.06 -52.59
CA THR D 295 -265.50 -31.37 -52.03
C THR D 295 -264.39 -32.01 -52.88
N PRO D 296 -263.14 -32.13 -52.42
CA PRO D 296 -262.06 -32.76 -53.18
C PRO D 296 -262.24 -34.28 -53.33
N ALA D 297 -261.70 -34.87 -54.40
CA ALA D 297 -261.67 -36.33 -54.56
C ALA D 297 -260.78 -37.05 -53.53
N SER D 298 -259.83 -36.34 -52.92
CA SER D 298 -258.94 -36.87 -51.88
C SER D 298 -259.63 -37.13 -50.55
N LEU D 299 -260.86 -36.63 -50.34
CA LEU D 299 -261.63 -36.85 -49.13
C LEU D 299 -262.25 -38.27 -49.02
N ASN D 300 -262.19 -39.04 -50.10
CA ASN D 300 -262.75 -40.39 -50.20
C ASN D 300 -261.68 -41.47 -49.98
N TYR D 301 -261.56 -41.99 -48.76
CA TYR D 301 -260.47 -42.87 -48.31
C TYR D 301 -260.45 -44.24 -49.01
N ASP D 302 -261.61 -44.75 -49.45
CA ASP D 302 -261.69 -46.04 -50.12
C ASP D 302 -261.29 -45.98 -51.61
N SER D 303 -261.27 -44.82 -52.26
CA SER D 303 -260.67 -44.63 -53.58
C SER D 303 -259.20 -44.19 -53.58
N TRP D 304 -258.51 -44.07 -52.43
CA TRP D 304 -257.08 -43.72 -52.40
C TRP D 304 -256.23 -44.76 -53.15
N PRO D 305 -255.49 -44.38 -54.20
CA PRO D 305 -254.63 -45.30 -54.94
C PRO D 305 -253.53 -45.99 -54.12
N LEU D 306 -253.03 -45.38 -53.04
CA LEU D 306 -251.89 -45.93 -52.29
C LEU D 306 -252.12 -47.33 -51.72
N PHE D 307 -253.37 -47.75 -51.49
CA PHE D 307 -253.76 -49.08 -51.04
C PHE D 307 -253.88 -50.15 -52.14
N ALA D 308 -253.80 -49.80 -53.43
CA ALA D 308 -254.24 -50.67 -54.52
C ALA D 308 -253.54 -52.04 -54.64
N ASP D 309 -252.28 -52.17 -54.21
CA ASP D 309 -251.52 -53.44 -54.17
C ASP D 309 -251.52 -54.13 -52.78
N CYS D 310 -252.18 -53.58 -51.76
CA CYS D 310 -252.19 -54.13 -50.39
C CYS D 310 -253.10 -55.36 -50.26
N GLU D 311 -252.63 -56.40 -49.58
CA GLU D 311 -253.45 -57.51 -49.09
C GLU D 311 -253.36 -57.64 -47.56
N GLY D 312 -254.50 -57.46 -46.88
CA GLY D 312 -254.63 -57.60 -45.43
C GLY D 312 -254.22 -56.35 -44.61
N PRO D 313 -254.53 -56.35 -43.30
CA PRO D 313 -254.34 -55.18 -42.44
C PRO D 313 -252.88 -54.71 -42.25
N GLU D 314 -251.91 -55.62 -42.21
CA GLU D 314 -250.49 -55.26 -42.04
C GLU D 314 -249.95 -54.47 -43.22
N ALA D 315 -250.30 -54.85 -44.45
CA ALA D 315 -249.93 -54.14 -45.66
C ALA D 315 -250.56 -52.73 -45.71
N ARG D 316 -251.81 -52.58 -45.25
CA ARG D 316 -252.49 -51.27 -45.19
C ARG D 316 -251.84 -50.32 -44.18
N VAL D 317 -251.49 -50.77 -42.98
CA VAL D 317 -250.75 -49.97 -41.99
C VAL D 317 -249.36 -49.58 -42.49
N ALA D 318 -248.61 -50.50 -43.10
CA ALA D 318 -247.30 -50.21 -43.65
C ALA D 318 -247.35 -49.20 -44.83
N ALA D 319 -248.39 -49.23 -45.65
CA ALA D 319 -248.65 -48.25 -46.71
C ALA D 319 -248.91 -46.84 -46.16
N LEU D 320 -249.66 -46.73 -45.05
CA LEU D 320 -249.88 -45.45 -44.36
C LEU D 320 -248.58 -44.88 -43.77
N HIS D 321 -247.70 -45.72 -43.21
CA HIS D 321 -246.40 -45.26 -42.73
C HIS D 321 -245.51 -44.70 -43.86
N ARG D 322 -245.47 -45.33 -45.04
CA ARG D 322 -244.79 -44.76 -46.24
C ARG D 322 -245.42 -43.43 -46.67
N TYR D 323 -246.74 -43.34 -46.68
CA TYR D 323 -247.44 -42.08 -46.95
C TYR D 323 -247.02 -40.97 -45.98
N ASN D 324 -246.99 -41.22 -44.68
CA ASN D 324 -246.55 -40.25 -43.67
C ASN D 324 -245.10 -39.79 -43.86
N ALA D 325 -244.17 -40.70 -44.17
CA ALA D 325 -242.78 -40.34 -44.45
C ALA D 325 -242.65 -39.34 -45.61
N SER D 326 -243.48 -39.46 -46.65
CA SER D 326 -243.49 -38.50 -47.78
C SER D 326 -243.96 -37.07 -47.41
N LEU D 327 -244.69 -36.88 -46.30
CA LEU D 327 -245.08 -35.58 -45.76
C LEU D 327 -244.10 -34.99 -44.73
N ALA D 328 -243.23 -35.80 -44.09
CA ALA D 328 -242.36 -35.35 -43.01
C ALA D 328 -241.49 -34.11 -43.34
N PRO D 329 -240.89 -33.93 -44.53
CA PRO D 329 -240.08 -32.75 -44.84
C PRO D 329 -240.84 -31.43 -44.73
N HIS D 330 -242.15 -31.40 -45.02
CA HIS D 330 -242.98 -30.22 -44.78
C HIS D 330 -243.07 -29.88 -43.28
N VAL D 331 -243.31 -30.88 -42.44
CA VAL D 331 -243.43 -30.69 -40.98
C VAL D 331 -242.08 -30.34 -40.34
N SER D 332 -240.99 -31.03 -40.67
CA SER D 332 -239.67 -30.75 -40.10
C SER D 332 -239.12 -29.39 -40.55
N THR D 333 -239.45 -28.92 -41.75
CA THR D 333 -239.06 -27.57 -42.20
C THR D 333 -239.69 -26.49 -41.33
N GLN D 334 -240.96 -26.62 -40.96
CA GLN D 334 -241.63 -25.71 -40.02
C GLN D 334 -241.06 -25.77 -38.58
N ILE D 335 -240.31 -26.79 -38.20
CA ILE D 335 -239.56 -26.82 -36.94
C ILE D 335 -238.13 -26.27 -37.09
N PHE D 336 -237.38 -26.69 -38.10
CA PHE D 336 -235.96 -26.35 -38.26
C PHE D 336 -235.71 -24.94 -38.81
N ALA D 337 -236.62 -24.32 -39.55
CA ALA D 337 -236.40 -23.02 -40.17
C ALA D 337 -236.53 -21.85 -39.19
N THR D 338 -235.53 -20.97 -39.13
CA THR D 338 -235.54 -19.77 -38.27
C THR D 338 -236.72 -18.85 -38.57
N ASN D 339 -237.16 -18.80 -39.83
CA ASN D 339 -238.28 -18.00 -40.33
C ASN D 339 -239.57 -18.79 -40.56
N SER D 340 -239.78 -19.87 -39.82
CA SER D 340 -241.05 -20.60 -39.74
C SER D 340 -242.20 -19.73 -39.25
N VAL D 341 -243.42 -19.95 -39.76
CA VAL D 341 -244.66 -19.31 -39.28
C VAL D 341 -244.91 -19.55 -37.79
N LEU D 342 -244.41 -20.65 -37.22
CA LEU D 342 -244.52 -20.96 -35.79
C LEU D 342 -243.71 -20.01 -34.88
N TYR D 343 -242.76 -19.24 -35.41
CA TYR D 343 -241.87 -18.34 -34.66
C TYR D 343 -242.09 -16.83 -34.95
N VAL D 344 -243.19 -16.45 -35.59
CA VAL D 344 -243.57 -15.04 -35.81
C VAL D 344 -243.75 -14.33 -34.47
N SER D 345 -243.08 -13.19 -34.30
CA SER D 345 -242.93 -12.49 -33.02
C SER D 345 -243.73 -11.19 -32.91
N GLY D 346 -244.25 -10.62 -34.00
CA GLY D 346 -245.00 -9.36 -33.99
C GLY D 346 -244.78 -8.47 -35.20
N VAL D 347 -245.07 -7.18 -35.05
CA VAL D 347 -244.94 -6.14 -36.08
C VAL D 347 -243.89 -5.12 -35.66
N SER D 348 -243.06 -4.64 -36.59
CA SER D 348 -242.07 -3.59 -36.34
C SER D 348 -242.03 -2.57 -37.48
N LYS D 349 -241.40 -1.42 -37.24
CA LYS D 349 -241.28 -0.31 -38.21
C LYS D 349 -239.81 0.02 -38.50
N SER D 350 -239.51 0.28 -39.77
CA SER D 350 -238.18 0.58 -40.30
C SER D 350 -237.40 1.67 -39.53
N GLU D 356 -236.53 0.49 -45.95
CA GLU D 356 -237.83 0.18 -46.56
C GLU D 356 -238.51 1.40 -47.19
N SER D 357 -239.17 1.21 -48.34
CA SER D 357 -240.08 2.20 -48.94
C SER D 357 -241.36 2.38 -48.10
N LEU D 358 -242.13 3.44 -48.35
CA LEU D 358 -243.24 3.87 -47.50
C LEU D 358 -244.25 2.75 -47.18
N PHE D 359 -244.77 2.04 -48.19
CA PHE D 359 -245.76 0.98 -47.98
C PHE D 359 -245.17 -0.30 -47.36
N ASN D 360 -243.87 -0.52 -47.49
CA ASN D 360 -243.14 -1.62 -46.84
C ASN D 360 -242.64 -1.30 -45.41
N SER D 361 -242.78 -0.05 -44.94
CA SER D 361 -242.12 0.43 -43.71
C SER D 361 -242.57 -0.27 -42.42
N PHE D 362 -243.81 -0.75 -42.33
CA PHE D 362 -244.26 -1.69 -41.28
C PHE D 362 -244.18 -3.13 -41.82
N TYR D 363 -243.67 -4.07 -41.03
CA TYR D 363 -243.48 -5.47 -41.43
C TYR D 363 -243.56 -6.48 -40.28
N MET D 364 -243.79 -7.76 -40.62
CA MET D 364 -243.78 -8.89 -39.68
C MET D 364 -242.36 -9.29 -39.25
N THR D 365 -242.14 -9.57 -37.97
CA THR D 365 -240.87 -10.02 -37.40
C THR D 365 -240.92 -11.47 -36.88
N HIS D 366 -239.77 -12.12 -36.73
CA HIS D 366 -239.63 -13.45 -36.13
C HIS D 366 -238.53 -13.48 -35.06
N GLY D 367 -238.65 -14.39 -34.09
CA GLY D 367 -237.58 -14.67 -33.13
C GLY D 367 -238.06 -15.24 -31.80
N LEU D 368 -237.52 -16.40 -31.41
CA LEU D 368 -237.80 -17.06 -30.12
C LEU D 368 -237.26 -16.28 -28.93
N GLY D 369 -236.15 -15.56 -29.07
CA GLY D 369 -235.64 -14.68 -28.01
C GLY D 369 -236.65 -13.59 -27.65
N THR D 370 -237.27 -12.96 -28.66
CA THR D 370 -238.34 -11.98 -28.47
C THR D 370 -239.56 -12.58 -27.77
N LEU D 371 -239.94 -13.81 -28.12
CA LEU D 371 -241.07 -14.50 -27.52
C LEU D 371 -240.85 -14.88 -26.04
N GLN D 372 -239.60 -14.96 -25.55
CA GLN D 372 -239.31 -15.16 -24.12
C GLN D 372 -239.41 -13.89 -23.26
N GLU D 373 -239.39 -12.69 -23.84
CA GLU D 373 -239.29 -11.42 -23.07
C GLU D 373 -240.57 -11.04 -22.32
N GLY D 374 -240.44 -10.19 -21.30
CA GLY D 374 -241.55 -9.50 -20.66
C GLY D 374 -242.22 -8.47 -21.59
N THR D 375 -243.45 -8.09 -21.24
CA THR D 375 -244.36 -7.27 -22.06
C THR D 375 -245.06 -6.18 -21.25
N TRP D 376 -245.69 -5.24 -21.96
CA TRP D 376 -246.54 -4.16 -21.45
C TRP D 376 -247.91 -4.19 -22.13
N ASP D 377 -248.95 -3.73 -21.43
CA ASP D 377 -250.35 -3.70 -21.91
C ASP D 377 -250.65 -2.48 -22.82
N PRO D 378 -251.86 -2.37 -23.43
CA PRO D 378 -252.24 -1.22 -24.26
C PRO D 378 -252.21 0.16 -23.56
N CYS D 379 -252.14 0.22 -22.23
CA CYS D 379 -251.99 1.44 -21.44
C CYS D 379 -250.57 1.60 -20.89
N ARG D 380 -249.59 0.92 -21.49
CA ARG D 380 -248.15 0.96 -21.17
C ARG D 380 -247.81 0.53 -19.73
N ARG D 381 -248.66 -0.23 -19.06
CA ARG D 381 -248.39 -0.83 -17.74
C ARG D 381 -247.71 -2.20 -17.91
N PRO D 382 -246.83 -2.63 -16.99
CA PRO D 382 -246.21 -3.97 -17.04
C PRO D 382 -247.25 -5.10 -17.09
N CYS D 383 -246.97 -6.16 -17.85
CA CYS D 383 -247.91 -7.24 -18.13
C CYS D 383 -247.30 -8.63 -17.82
N PHE D 384 -246.78 -9.36 -18.80
CA PHE D 384 -245.96 -10.57 -18.56
C PHE D 384 -244.54 -10.18 -18.12
N SER D 385 -243.94 -10.90 -17.18
CA SER D 385 -242.60 -10.62 -16.65
C SER D 385 -241.44 -11.23 -17.44
N GLY D 386 -241.69 -12.12 -18.42
CA GLY D 386 -240.65 -12.81 -19.17
C GLY D 386 -240.12 -14.09 -18.52
N TRP D 387 -239.33 -14.84 -19.26
CA TRP D 387 -238.67 -16.07 -18.82
C TRP D 387 -237.17 -16.05 -19.17
N GLY D 388 -236.33 -16.45 -18.21
CA GLY D 388 -234.87 -16.44 -18.36
C GLY D 388 -234.30 -17.59 -19.21
N GLY D 389 -235.14 -18.53 -19.65
CA GLY D 389 -234.73 -19.77 -20.31
C GLY D 389 -234.41 -20.90 -19.32
N PRO D 390 -234.00 -22.08 -19.82
CA PRO D 390 -233.67 -23.25 -19.01
C PRO D 390 -232.58 -23.00 -17.96
N GLY D 394 -230.02 -28.32 -20.53
CA GLY D 394 -230.14 -29.42 -21.49
C GLY D 394 -228.93 -29.61 -22.41
N THR D 395 -228.96 -30.68 -23.20
CA THR D 395 -227.78 -31.16 -23.97
C THR D 395 -227.30 -30.21 -25.08
N ASN D 396 -228.11 -29.26 -25.57
CA ASN D 396 -227.70 -28.26 -26.57
C ASN D 396 -226.98 -27.03 -25.97
N GLY D 397 -226.90 -26.91 -24.64
CA GLY D 397 -226.16 -25.86 -23.93
C GLY D 397 -226.82 -24.46 -23.88
N PRO D 398 -226.19 -23.50 -23.16
CA PRO D 398 -226.73 -22.17 -22.87
C PRO D 398 -226.96 -21.30 -24.11
N GLY D 399 -228.05 -20.52 -24.13
CA GLY D 399 -228.40 -19.59 -25.22
C GLY D 399 -228.90 -20.25 -26.52
N ASN D 400 -228.91 -21.58 -26.57
CA ASN D 400 -229.33 -22.36 -27.73
C ASN D 400 -230.77 -22.91 -27.57
N TYR D 401 -231.35 -23.37 -28.68
CA TYR D 401 -232.67 -23.99 -28.71
C TYR D 401 -232.73 -25.21 -27.78
N ALA D 402 -233.80 -25.33 -27.01
CA ALA D 402 -234.03 -26.35 -26.00
C ALA D 402 -235.37 -27.05 -26.22
N VAL D 403 -235.63 -28.17 -25.53
CA VAL D 403 -236.89 -28.90 -25.69
C VAL D 403 -238.13 -28.02 -25.39
N GLU D 404 -238.03 -27.05 -24.49
CA GLU D 404 -239.09 -26.08 -24.23
C GLU D 404 -239.50 -25.27 -25.48
N HIS D 405 -238.57 -24.94 -26.38
CA HIS D 405 -238.88 -24.27 -27.64
C HIS D 405 -239.66 -25.16 -28.61
N LEU D 406 -239.40 -26.47 -28.63
CA LEU D 406 -240.22 -27.45 -29.36
C LEU D 406 -241.62 -27.54 -28.74
N VAL D 407 -241.75 -27.54 -27.41
CA VAL D 407 -243.06 -27.52 -26.74
C VAL D 407 -243.84 -26.25 -27.09
N TYR D 408 -243.20 -25.07 -27.08
CA TYR D 408 -243.78 -23.82 -27.57
C TYR D 408 -244.25 -23.87 -29.04
N ALA D 409 -243.47 -24.46 -29.97
CA ALA D 409 -243.89 -24.68 -31.35
C ALA D 409 -245.15 -25.56 -31.47
N ALA D 410 -245.30 -26.57 -30.61
CA ALA D 410 -246.48 -27.43 -30.53
C ALA D 410 -247.65 -26.88 -29.69
N SER D 411 -247.69 -25.57 -29.39
CA SER D 411 -248.78 -24.92 -28.62
C SER D 411 -249.07 -25.51 -27.24
N PHE D 412 -248.05 -26.07 -26.57
CA PHE D 412 -248.17 -26.71 -25.25
C PHE D 412 -249.22 -27.84 -25.24
N SER D 413 -249.43 -28.49 -26.38
CA SER D 413 -250.43 -29.55 -26.57
C SER D 413 -249.73 -30.90 -26.64
N PRO D 414 -249.97 -31.84 -25.71
CA PRO D 414 -249.39 -33.17 -25.79
C PRO D 414 -249.83 -33.95 -27.03
N ASN D 415 -251.05 -33.74 -27.54
CA ASN D 415 -251.53 -34.32 -28.79
C ASN D 415 -250.71 -33.84 -30.01
N LEU D 416 -250.54 -32.52 -30.20
CA LEU D 416 -249.72 -31.98 -31.29
C LEU D 416 -248.24 -32.38 -31.15
N LEU D 417 -247.67 -32.30 -29.94
CA LEU D 417 -246.26 -32.63 -29.67
C LEU D 417 -245.94 -34.09 -30.00
N ALA D 418 -246.81 -35.04 -29.66
CA ALA D 418 -246.67 -36.44 -30.04
C ALA D 418 -246.58 -36.64 -31.57
N ARG D 419 -247.44 -36.00 -32.37
CA ARG D 419 -247.37 -36.09 -33.83
C ARG D 419 -246.15 -35.36 -34.44
N TYR D 420 -245.70 -34.23 -33.89
CA TYR D 420 -244.42 -33.61 -34.28
C TYR D 420 -243.24 -34.57 -34.04
N ALA D 421 -243.15 -35.21 -32.87
CA ALA D 421 -242.09 -36.15 -32.56
C ALA D 421 -242.10 -37.37 -33.50
N TYR D 422 -243.28 -37.90 -33.83
CA TYR D 422 -243.42 -38.93 -34.85
C TYR D 422 -242.84 -38.54 -36.23
N TYR D 423 -243.08 -37.32 -36.72
CA TYR D 423 -242.46 -36.86 -37.96
C TYR D 423 -240.94 -36.66 -37.84
N LEU D 424 -240.45 -36.11 -36.73
CA LEU D 424 -239.01 -35.94 -36.49
C LEU D 424 -238.25 -37.27 -36.44
N GLN D 425 -238.86 -38.39 -36.05
CA GLN D 425 -238.26 -39.73 -36.13
C GLN D 425 -237.89 -40.19 -37.55
N PHE D 426 -238.43 -39.61 -38.62
CA PHE D 426 -238.00 -39.88 -40.00
C PHE D 426 -236.74 -39.10 -40.43
N CYS D 427 -236.31 -38.09 -39.67
CA CYS D 427 -235.21 -37.20 -40.03
C CYS D 427 -233.82 -37.80 -39.73
N GLN D 428 -232.86 -37.58 -40.63
CA GLN D 428 -231.45 -37.90 -40.45
C GLN D 428 -230.78 -36.96 -39.44
N GLY D 429 -229.85 -37.50 -38.65
CA GLY D 429 -228.95 -36.70 -37.83
C GLY D 429 -227.81 -36.08 -38.65
N GLN D 430 -227.37 -34.88 -38.26
CA GLN D 430 -226.23 -34.19 -38.86
C GLN D 430 -225.35 -33.63 -37.76
N LYS D 431 -224.34 -34.40 -37.33
CA LYS D 431 -223.37 -33.97 -36.31
C LYS D 431 -222.56 -32.76 -36.81
N SER D 432 -222.46 -31.71 -35.99
CA SER D 432 -221.74 -30.47 -36.28
C SER D 432 -220.23 -30.67 -36.44
N VAL D 437 -219.04 -36.50 -30.20
CA VAL D 437 -220.33 -36.89 -29.62
C VAL D 437 -220.31 -38.39 -29.24
N PRO D 438 -220.89 -38.80 -28.09
CA PRO D 438 -221.06 -40.21 -27.76
C PRO D 438 -221.75 -41.02 -28.88
N GLU D 439 -221.36 -42.28 -29.04
CA GLU D 439 -222.06 -43.21 -29.93
C GLU D 439 -223.50 -43.43 -29.46
N THR D 440 -224.43 -43.72 -30.38
CA THR D 440 -225.87 -43.80 -30.06
C THR D 440 -226.15 -44.79 -28.92
N GLY D 441 -225.59 -45.99 -28.98
CA GLY D 441 -225.79 -47.05 -27.99
C GLY D 441 -225.17 -46.75 -26.63
N SER D 442 -224.04 -46.04 -26.57
CA SER D 442 -223.48 -45.58 -25.28
C SER D 442 -224.22 -44.35 -24.72
N TYR D 443 -224.95 -43.57 -25.53
CA TYR D 443 -225.90 -42.59 -25.02
C TYR D 443 -227.17 -43.27 -24.48
N VAL D 444 -227.80 -44.17 -25.25
CA VAL D 444 -229.03 -44.88 -24.84
C VAL D 444 -228.82 -45.75 -23.57
N ALA D 445 -227.70 -46.46 -23.44
CA ALA D 445 -227.41 -47.22 -22.22
C ALA D 445 -226.83 -46.35 -21.08
N GLY D 446 -226.23 -45.21 -21.41
CA GLY D 446 -225.64 -44.25 -20.47
C GLY D 446 -226.62 -43.17 -20.04
N ALA D 447 -226.37 -41.91 -20.37
CA ALA D 447 -227.10 -40.74 -19.85
C ALA D 447 -228.62 -40.77 -20.12
N ALA D 448 -229.12 -41.45 -21.15
CA ALA D 448 -230.57 -41.58 -21.36
C ALA D 448 -231.29 -42.40 -20.27
N ALA D 449 -230.59 -43.32 -19.60
CA ALA D 449 -231.10 -44.23 -18.58
C ALA D 449 -231.03 -43.67 -17.14
N SER D 450 -230.62 -42.40 -16.97
CA SER D 450 -230.49 -41.77 -15.65
C SER D 450 -231.86 -41.53 -14.98
N PRO D 451 -232.02 -41.83 -13.67
CA PRO D 451 -233.27 -41.63 -12.95
C PRO D 451 -233.64 -40.14 -12.78
N MET D 452 -232.74 -39.21 -13.10
CA MET D 452 -232.99 -37.77 -13.12
C MET D 452 -233.93 -37.29 -14.25
N CYS D 453 -234.18 -38.09 -15.31
CA CYS D 453 -235.05 -37.70 -16.41
C CYS D 453 -236.52 -37.56 -15.97
N SER D 454 -237.08 -36.35 -16.03
CA SER D 454 -238.47 -36.04 -15.64
C SER D 454 -239.55 -36.51 -16.63
N LEU D 455 -239.16 -37.16 -17.75
CA LEU D 455 -240.10 -37.73 -18.72
C LEU D 455 -240.31 -39.24 -18.53
N CYS D 456 -239.23 -40.04 -18.44
CA CYS D 456 -239.29 -41.50 -18.36
C CYS D 456 -238.65 -42.12 -17.12
N GLU D 457 -238.06 -41.35 -16.20
CA GLU D 457 -237.30 -41.86 -15.03
C GLU D 457 -236.15 -42.82 -15.42
N GLY D 458 -235.65 -42.74 -16.66
CA GLY D 458 -234.70 -43.69 -17.23
C GLY D 458 -235.31 -45.01 -17.70
N ARG D 459 -236.61 -45.26 -17.46
CA ARG D 459 -237.31 -46.54 -17.73
C ARG D 459 -237.82 -46.73 -19.16
N ALA D 460 -237.55 -45.79 -20.09
CA ALA D 460 -237.82 -45.92 -21.53
C ALA D 460 -236.78 -45.15 -22.40
N PRO D 461 -235.49 -45.51 -22.35
CA PRO D 461 -234.43 -44.63 -22.84
C PRO D 461 -234.36 -44.47 -24.37
N ALA D 462 -234.82 -45.44 -25.16
CA ALA D 462 -234.66 -45.45 -26.60
C ALA D 462 -235.72 -44.59 -27.35
N VAL D 463 -236.95 -44.51 -26.84
CA VAL D 463 -238.05 -43.69 -27.42
C VAL D 463 -238.24 -42.32 -26.77
N CYS D 464 -237.63 -42.05 -25.61
CA CYS D 464 -237.82 -40.78 -24.90
C CYS D 464 -237.58 -39.54 -25.79
N LEU D 465 -238.39 -38.49 -25.60
CA LEU D 465 -238.30 -37.24 -26.36
C LEU D 465 -236.93 -36.58 -26.22
N ASN D 466 -236.29 -36.65 -25.05
CA ASN D 466 -234.93 -36.16 -24.85
C ASN D 466 -233.88 -36.94 -25.66
N THR D 467 -234.07 -38.23 -25.94
CA THR D 467 -233.20 -39.00 -26.84
C THR D 467 -233.35 -38.54 -28.29
N LEU D 468 -234.59 -38.36 -28.77
CA LEU D 468 -234.86 -37.79 -30.09
C LEU D 468 -234.28 -36.38 -30.24
N PHE D 469 -234.46 -35.54 -29.24
CA PHE D 469 -233.89 -34.19 -29.20
C PHE D 469 -232.36 -34.20 -29.26
N PHE D 470 -231.70 -35.08 -28.50
CA PHE D 470 -230.24 -35.22 -28.52
C PHE D 470 -229.72 -35.62 -29.91
N ARG D 471 -230.40 -36.53 -30.60
CA ARG D 471 -230.08 -37.00 -31.95
C ARG D 471 -230.15 -35.88 -33.02
N LEU D 472 -231.14 -34.98 -32.94
CA LEU D 472 -231.40 -33.92 -33.92
C LEU D 472 -230.87 -32.52 -33.54
N ARG D 473 -230.13 -32.43 -32.44
CA ARG D 473 -229.66 -31.23 -31.74
C ARG D 473 -229.06 -30.11 -32.62
N ASP D 474 -228.15 -30.47 -33.53
CA ASP D 474 -227.46 -29.54 -34.43
C ASP D 474 -228.32 -29.04 -35.60
N ARG D 475 -229.56 -29.52 -35.78
CA ARG D 475 -230.51 -29.05 -36.81
C ARG D 475 -231.52 -28.01 -36.33
N PHE D 476 -231.73 -27.83 -35.02
CA PHE D 476 -232.63 -26.79 -34.51
C PHE D 476 -232.07 -25.39 -34.76
N PRO D 477 -232.92 -24.36 -34.95
CA PRO D 477 -232.50 -23.00 -35.28
C PRO D 477 -231.83 -22.27 -34.10
N PRO D 478 -231.17 -21.13 -34.32
CA PRO D 478 -230.71 -20.24 -33.25
C PRO D 478 -231.88 -19.46 -32.59
N VAL D 479 -231.68 -18.96 -31.38
CA VAL D 479 -232.68 -18.19 -30.61
C VAL D 479 -232.44 -16.69 -30.80
N MET D 480 -233.34 -15.99 -31.50
CA MET D 480 -233.12 -14.62 -32.04
C MET D 480 -233.94 -13.54 -31.34
N SER D 481 -233.34 -12.37 -31.12
CA SER D 481 -233.96 -11.19 -30.49
C SER D 481 -234.01 -9.94 -31.41
N THR D 482 -233.66 -10.06 -32.69
CA THR D 482 -233.61 -8.93 -33.66
C THR D 482 -234.94 -8.67 -34.39
N GLN D 483 -235.01 -7.56 -35.12
CA GLN D 483 -236.25 -7.01 -35.71
C GLN D 483 -236.14 -6.75 -37.23
N ARG D 484 -235.33 -7.53 -37.97
CA ARG D 484 -235.13 -7.46 -39.43
C ARG D 484 -236.37 -7.91 -40.25
N ARG D 485 -236.58 -7.34 -41.44
CA ARG D 485 -237.63 -7.68 -42.41
C ARG D 485 -237.26 -8.90 -43.28
N ASP D 486 -237.61 -10.10 -42.85
CA ASP D 486 -237.40 -11.36 -43.57
C ASP D 486 -238.73 -11.95 -44.11
N PRO D 487 -238.68 -12.83 -45.14
CA PRO D 487 -239.79 -13.69 -45.54
C PRO D 487 -240.15 -14.69 -44.43
N TYR D 488 -241.37 -15.21 -44.42
CA TYR D 488 -241.80 -16.31 -43.53
C TYR D 488 -242.25 -17.55 -44.33
N VAL D 489 -242.15 -18.73 -43.73
CA VAL D 489 -242.37 -20.02 -44.42
C VAL D 489 -243.80 -20.54 -44.20
N ILE D 490 -244.52 -20.87 -45.27
CA ILE D 490 -245.90 -21.39 -45.26
C ILE D 490 -245.97 -22.80 -45.84
N SER D 491 -246.97 -23.59 -45.42
CA SER D 491 -247.22 -24.97 -45.88
C SER D 491 -248.68 -25.19 -46.24
N GLY D 492 -248.98 -25.98 -47.26
CA GLY D 492 -250.34 -26.38 -47.60
C GLY D 492 -250.51 -26.92 -49.01
N ALA D 493 -251.74 -27.17 -49.41
CA ALA D 493 -252.11 -27.62 -50.75
C ALA D 493 -251.95 -26.53 -51.82
N SER D 494 -251.47 -26.92 -53.00
CA SER D 494 -251.44 -26.04 -54.17
C SER D 494 -252.78 -26.04 -54.93
N GLY D 495 -253.05 -24.94 -55.64
CA GLY D 495 -254.19 -24.79 -56.53
C GLY D 495 -254.04 -25.49 -57.88
N SER D 496 -255.05 -25.39 -58.72
CA SER D 496 -255.12 -26.11 -60.00
C SER D 496 -254.28 -25.52 -61.14
N TYR D 497 -254.02 -24.20 -61.16
CA TYR D 497 -253.39 -23.52 -62.30
C TYR D 497 -252.06 -22.86 -61.92
N ASN D 498 -250.97 -23.62 -62.06
CA ASN D 498 -249.60 -23.18 -61.77
C ASN D 498 -248.81 -22.99 -63.07
N GLU D 499 -247.96 -21.97 -63.14
CA GLU D 499 -247.16 -21.63 -64.32
C GLU D 499 -245.67 -21.65 -63.94
N THR D 500 -245.04 -22.81 -64.11
CA THR D 500 -243.70 -23.12 -63.59
C THR D 500 -242.77 -23.79 -64.62
N ASP D 501 -243.10 -23.77 -65.91
CA ASP D 501 -242.10 -23.98 -66.99
C ASP D 501 -241.10 -22.80 -67.06
N PHE D 502 -240.00 -22.91 -67.82
CA PHE D 502 -238.86 -21.99 -67.79
C PHE D 502 -239.20 -20.50 -67.97
N LEU D 503 -240.20 -20.14 -68.78
CA LEU D 503 -240.68 -18.76 -68.96
C LEU D 503 -242.01 -18.46 -68.25
N GLY D 504 -242.42 -19.28 -67.29
CA GLY D 504 -243.55 -18.99 -66.41
C GLY D 504 -244.86 -18.68 -67.13
N ASN D 505 -245.48 -17.55 -66.82
CA ASN D 505 -246.74 -17.09 -67.39
C ASN D 505 -246.64 -16.38 -68.77
N PHE D 506 -245.49 -16.39 -69.43
CA PHE D 506 -245.33 -15.90 -70.81
C PHE D 506 -246.37 -16.50 -71.77
N LEU D 507 -247.13 -15.68 -72.51
CA LEU D 507 -248.15 -16.12 -73.50
C LEU D 507 -249.09 -17.22 -72.97
N ASN D 508 -249.55 -17.13 -71.72
CA ASN D 508 -250.47 -18.11 -71.14
C ASN D 508 -251.87 -18.07 -71.79
N PHE D 509 -252.31 -16.89 -72.25
CA PHE D 509 -253.56 -16.65 -72.96
C PHE D 509 -253.32 -15.67 -74.14
N ILE D 510 -254.26 -15.65 -75.10
CA ILE D 510 -254.27 -14.75 -76.25
C ILE D 510 -255.58 -13.95 -76.29
N TYR D 525 -249.85 -19.07 -81.04
CA TYR D 525 -250.49 -19.96 -80.07
C TYR D 525 -249.89 -19.81 -78.66
N THR D 526 -250.64 -20.18 -77.61
CA THR D 526 -250.17 -20.06 -76.22
C THR D 526 -248.93 -20.90 -75.92
N TYR D 527 -248.13 -20.48 -74.93
CA TYR D 527 -246.95 -21.23 -74.48
C TYR D 527 -247.34 -22.62 -73.97
N TRP D 528 -248.51 -22.77 -73.34
CA TRP D 528 -249.06 -24.07 -72.99
C TRP D 528 -249.28 -24.97 -74.20
N GLN D 529 -249.89 -24.45 -75.28
CA GLN D 529 -250.05 -25.19 -76.53
C GLN D 529 -248.71 -25.55 -77.19
N LEU D 530 -247.75 -24.63 -77.20
CA LEU D 530 -246.39 -24.90 -77.70
C LEU D 530 -245.72 -26.09 -77.00
N ASN D 531 -245.87 -26.19 -75.69
CA ASN D 531 -245.34 -27.33 -74.93
C ASN D 531 -246.10 -28.64 -75.26
N GLN D 532 -247.43 -28.59 -75.43
CA GLN D 532 -248.20 -29.75 -75.90
C GLN D 532 -247.80 -30.22 -77.31
N ASN D 533 -247.50 -29.30 -78.24
CA ASN D 533 -247.00 -29.65 -79.57
C ASN D 533 -245.66 -30.40 -79.49
N LEU D 534 -244.72 -29.91 -78.68
CA LEU D 534 -243.41 -30.56 -78.51
C LEU D 534 -243.54 -31.98 -77.95
N LEU D 535 -244.37 -32.21 -76.92
CA LEU D 535 -244.59 -33.55 -76.38
C LEU D 535 -245.18 -34.53 -77.42
N GLU D 536 -246.05 -34.07 -78.32
CA GLU D 536 -246.53 -34.86 -79.45
C GLU D 536 -245.43 -35.24 -80.44
N ARG D 537 -244.55 -34.30 -80.83
CA ARG D 537 -243.38 -34.63 -81.67
C ARG D 537 -242.46 -35.66 -80.99
N LEU D 538 -242.22 -35.51 -79.68
CA LEU D 538 -241.39 -36.45 -78.93
C LEU D 538 -242.04 -37.84 -78.81
N SER D 539 -243.38 -37.92 -78.78
CA SER D 539 -244.11 -39.19 -78.85
C SER D 539 -243.84 -39.94 -80.17
N ARG D 540 -243.83 -39.25 -81.32
CA ARG D 540 -243.42 -39.83 -82.61
C ARG D 540 -241.97 -40.31 -82.68
N LEU D 541 -241.09 -39.78 -81.81
CA LEU D 541 -239.70 -40.27 -81.65
C LEU D 541 -239.56 -41.43 -80.63
N GLY D 542 -240.66 -41.87 -80.02
CA GLY D 542 -240.65 -42.97 -79.03
C GLY D 542 -240.32 -42.55 -77.59
N ILE D 543 -240.44 -41.26 -77.25
CA ILE D 543 -240.12 -40.69 -75.93
C ILE D 543 -241.42 -40.27 -75.22
N ASP D 544 -241.67 -40.73 -73.98
CA ASP D 544 -242.86 -40.33 -73.18
C ASP D 544 -242.70 -39.01 -72.39
N ALA D 545 -243.75 -38.58 -71.70
CA ALA D 545 -243.81 -37.33 -70.94
C ALA D 545 -242.82 -37.23 -69.75
N GLU D 546 -242.27 -38.35 -69.26
CA GLU D 546 -241.22 -38.40 -68.22
C GLU D 546 -239.84 -38.74 -68.82
N GLY D 547 -239.73 -38.77 -70.16
CA GLY D 547 -238.48 -38.98 -70.88
C GLY D 547 -238.04 -40.44 -71.02
N LYS D 548 -238.90 -41.43 -70.75
CA LYS D 548 -238.58 -42.85 -70.97
C LYS D 548 -238.67 -43.22 -72.47
N LEU D 549 -237.73 -44.01 -72.96
CA LEU D 549 -237.73 -44.55 -74.32
C LEU D 549 -238.53 -45.85 -74.42
N GLU D 550 -239.27 -46.03 -75.52
CA GLU D 550 -239.80 -47.35 -75.91
C GLU D 550 -238.74 -48.26 -76.56
N LYS D 551 -237.59 -47.71 -76.99
CA LYS D 551 -236.42 -48.44 -77.50
C LYS D 551 -235.11 -47.72 -77.16
N GLU D 552 -234.30 -48.31 -76.28
CA GLU D 552 -233.01 -47.73 -75.84
C GLU D 552 -231.91 -47.84 -76.94
N PRO D 553 -230.94 -46.90 -76.99
CA PRO D 553 -229.93 -46.86 -78.05
C PRO D 553 -228.96 -48.04 -78.01
N HIS D 554 -228.74 -48.66 -79.17
CA HIS D 554 -227.91 -49.85 -79.37
C HIS D 554 -226.39 -49.64 -79.28
N GLY D 555 -225.88 -48.44 -79.57
CA GLY D 555 -224.46 -48.18 -79.82
C GLY D 555 -224.21 -46.74 -80.30
N PRO D 556 -222.98 -46.38 -80.70
CA PRO D 556 -222.62 -45.02 -81.11
C PRO D 556 -223.53 -44.39 -82.17
N ARG D 557 -223.84 -45.10 -83.28
CA ARG D 557 -224.73 -44.60 -84.34
C ARG D 557 -226.11 -44.29 -83.79
N ASP D 558 -226.68 -45.20 -83.02
CA ASP D 558 -228.02 -45.08 -82.46
C ASP D 558 -228.10 -43.95 -81.41
N PHE D 559 -227.03 -43.74 -80.63
CA PHE D 559 -226.93 -42.64 -79.69
C PHE D 559 -226.89 -41.27 -80.39
N VAL D 560 -226.09 -41.11 -81.45
CA VAL D 560 -226.08 -39.88 -82.26
C VAL D 560 -227.42 -39.66 -82.95
N LYS D 561 -227.99 -40.70 -83.58
CA LYS D 561 -229.29 -40.65 -84.26
C LYS D 561 -230.41 -40.20 -83.31
N MET D 562 -230.48 -40.75 -82.10
CA MET D 562 -231.43 -40.36 -81.06
C MET D 562 -231.42 -38.85 -80.79
N PHE D 563 -230.26 -38.22 -80.61
CA PHE D 563 -230.17 -36.78 -80.36
C PHE D 563 -230.46 -35.93 -81.60
N LYS D 564 -229.93 -36.29 -82.78
CA LYS D 564 -230.14 -35.49 -84.00
C LYS D 564 -231.62 -35.39 -84.37
N ASP D 565 -232.39 -36.45 -84.15
CA ASP D 565 -233.85 -36.42 -84.31
C ASP D 565 -234.57 -35.45 -83.34
N VAL D 566 -234.19 -35.43 -82.06
CA VAL D 566 -234.78 -34.48 -81.09
C VAL D 566 -234.42 -33.03 -81.42
N ASP D 567 -233.16 -32.76 -81.78
CA ASP D 567 -232.74 -31.42 -82.21
C ASP D 567 -233.54 -30.94 -83.43
N ALA D 568 -233.67 -31.77 -84.48
CA ALA D 568 -234.48 -31.43 -85.65
C ALA D 568 -235.98 -31.23 -85.30
N ALA D 569 -236.55 -32.03 -84.40
CA ALA D 569 -237.94 -31.86 -83.95
C ALA D 569 -238.17 -30.55 -83.18
N VAL D 570 -237.25 -30.12 -82.31
CA VAL D 570 -237.33 -28.83 -81.61
C VAL D 570 -237.17 -27.67 -82.59
N ASP D 571 -236.20 -27.77 -83.51
CA ASP D 571 -235.91 -26.70 -84.46
C ASP D 571 -237.06 -26.48 -85.47
N ALA D 572 -237.78 -27.53 -85.87
CA ALA D 572 -239.03 -27.41 -86.61
C ALA D 572 -240.12 -26.63 -85.86
N GLU D 573 -240.32 -26.91 -84.57
CA GLU D 573 -241.36 -26.23 -83.77
C GLU D 573 -241.05 -24.75 -83.51
N VAL D 574 -239.77 -24.37 -83.36
CA VAL D 574 -239.39 -22.95 -83.22
C VAL D 574 -239.80 -22.14 -84.46
N VAL D 575 -239.61 -22.68 -85.66
CA VAL D 575 -240.01 -22.02 -86.92
C VAL D 575 -241.51 -21.79 -86.95
N GLN D 576 -242.34 -22.82 -86.74
CA GLN D 576 -243.80 -22.65 -86.75
C GLN D 576 -244.28 -21.66 -85.68
N PHE D 577 -243.65 -21.65 -84.51
CA PHE D 577 -243.97 -20.68 -83.47
C PHE D 577 -243.60 -19.24 -83.87
N MET D 578 -242.37 -18.99 -84.35
CA MET D 578 -241.96 -17.64 -84.77
C MET D 578 -242.78 -17.11 -85.97
N ASN D 579 -243.23 -17.98 -86.88
CA ASN D 579 -244.19 -17.61 -87.94
C ASN D 579 -245.52 -17.12 -87.35
N SER D 580 -246.06 -17.79 -86.33
CA SER D 580 -247.28 -17.37 -85.64
C SER D 580 -247.12 -15.98 -85.00
N MET D 581 -246.02 -15.72 -84.30
CA MET D 581 -245.79 -14.42 -83.65
C MET D 581 -245.69 -13.28 -84.68
N ALA D 582 -245.02 -13.53 -85.81
CA ALA D 582 -244.84 -12.54 -86.88
C ALA D 582 -246.17 -12.15 -87.57
N LYS D 583 -246.95 -13.13 -88.05
CA LYS D 583 -248.16 -12.84 -88.85
C LYS D 583 -249.28 -12.16 -88.05
N ASN D 584 -249.30 -12.34 -86.73
CA ASN D 584 -250.24 -11.70 -85.81
C ASN D 584 -249.73 -10.38 -85.21
N ASN D 585 -248.53 -9.89 -85.57
CA ASN D 585 -247.91 -8.69 -84.99
C ASN D 585 -247.80 -8.70 -83.44
N ILE D 586 -247.60 -9.87 -82.83
CA ILE D 586 -247.52 -9.98 -81.36
C ILE D 586 -246.15 -9.50 -80.87
N THR D 587 -246.11 -8.61 -79.87
CA THR D 587 -244.88 -8.02 -79.32
C THR D 587 -244.15 -8.94 -78.32
N TYR D 588 -243.87 -10.18 -78.72
CA TYR D 588 -243.30 -11.23 -77.86
C TYR D 588 -241.96 -10.84 -77.21
N LYS D 589 -241.16 -10.05 -77.93
CA LYS D 589 -239.88 -9.46 -77.54
C LYS D 589 -239.96 -8.53 -76.32
N ASP D 590 -241.11 -7.91 -76.05
CA ASP D 590 -241.36 -7.18 -74.79
C ASP D 590 -242.12 -8.02 -73.76
N LEU D 591 -242.99 -8.95 -74.17
CA LEU D 591 -243.70 -9.83 -73.23
C LEU D 591 -242.77 -10.76 -72.44
N VAL D 592 -241.62 -11.17 -72.98
CA VAL D 592 -240.57 -11.90 -72.23
C VAL D 592 -240.07 -11.10 -71.02
N LYS D 593 -239.84 -9.80 -71.14
CA LYS D 593 -239.28 -8.95 -70.06
C LYS D 593 -240.14 -8.97 -68.79
N SER D 594 -241.45 -9.04 -68.93
CA SER D 594 -242.41 -8.98 -67.81
C SER D 594 -242.98 -10.34 -67.39
N CYS D 595 -242.43 -11.49 -67.80
CA CYS D 595 -242.97 -12.79 -67.38
C CYS D 595 -242.54 -13.21 -65.96
N TYR D 596 -243.42 -13.91 -65.24
CA TYR D 596 -243.23 -14.42 -63.88
C TYR D 596 -243.53 -15.92 -63.79
N HIS D 597 -242.82 -16.65 -62.95
CA HIS D 597 -243.34 -17.93 -62.43
C HIS D 597 -244.52 -17.65 -61.48
N VAL D 598 -245.56 -18.47 -61.53
CA VAL D 598 -246.73 -18.33 -60.66
C VAL D 598 -247.07 -19.66 -59.99
N MET D 599 -247.28 -19.64 -58.68
CA MET D 599 -247.84 -20.76 -57.91
C MET D 599 -249.08 -20.33 -57.16
N GLN D 600 -250.10 -21.18 -57.11
CA GLN D 600 -251.33 -20.93 -56.36
C GLN D 600 -251.28 -21.69 -55.03
N TYR D 601 -251.45 -20.99 -53.90
CA TYR D 601 -251.68 -21.57 -52.59
C TYR D 601 -253.19 -21.62 -52.33
N SER D 602 -253.75 -22.82 -52.13
CA SER D 602 -255.20 -23.03 -52.00
C SER D 602 -255.75 -22.51 -50.67
N CYS D 603 -256.96 -21.95 -50.66
CA CYS D 603 -257.66 -21.51 -49.44
C CYS D 603 -258.80 -22.45 -49.00
N ASN D 604 -258.95 -23.63 -49.60
CA ASN D 604 -259.91 -24.64 -49.13
C ASN D 604 -259.30 -25.47 -47.98
N PRO D 605 -259.89 -25.51 -46.77
CA PRO D 605 -259.39 -26.34 -45.68
C PRO D 605 -259.50 -27.86 -45.96
N PHE D 606 -260.43 -28.30 -46.81
CA PHE D 606 -260.59 -29.72 -47.15
C PHE D 606 -259.59 -30.22 -48.21
N ALA D 607 -258.91 -29.32 -48.92
CA ALA D 607 -257.85 -29.66 -49.88
C ALA D 607 -256.51 -30.04 -49.21
N GLN D 608 -256.30 -29.74 -47.93
CA GLN D 608 -255.06 -30.02 -47.19
C GLN D 608 -254.86 -31.53 -46.99
N PRO D 609 -253.63 -32.04 -46.79
CA PRO D 609 -253.41 -33.47 -46.52
C PRO D 609 -254.05 -33.92 -45.21
N ALA D 610 -254.47 -35.19 -45.12
CA ALA D 610 -255.19 -35.77 -43.99
C ALA D 610 -254.30 -36.01 -42.75
N CYS D 611 -253.83 -34.92 -42.15
CA CYS D 611 -253.05 -34.85 -40.91
C CYS D 611 -253.57 -33.68 -40.05
N PRO D 612 -253.80 -33.86 -38.74
CA PRO D 612 -254.16 -32.77 -37.83
C PRO D 612 -253.11 -31.66 -37.65
N ILE D 613 -251.81 -31.88 -37.94
CA ILE D 613 -250.80 -30.79 -37.91
C ILE D 613 -251.03 -29.81 -39.05
N PHE D 614 -251.46 -30.27 -40.23
CA PHE D 614 -251.79 -29.39 -41.34
C PHE D 614 -253.00 -28.50 -41.08
N THR D 615 -253.92 -28.85 -40.17
CA THR D 615 -254.96 -27.92 -39.68
C THR D 615 -254.32 -26.67 -39.06
N GLN D 616 -253.39 -26.83 -38.12
CA GLN D 616 -252.67 -25.71 -37.49
C GLN D 616 -251.78 -24.93 -38.47
N LEU D 617 -251.01 -25.61 -39.33
CA LEU D 617 -250.18 -24.93 -40.32
C LEU D 617 -251.03 -24.11 -41.32
N PHE D 618 -252.17 -24.60 -41.79
CA PHE D 618 -253.05 -23.85 -42.68
C PHE D 618 -253.67 -22.62 -42.00
N TYR D 619 -254.31 -22.78 -40.84
CA TYR D 619 -254.96 -21.68 -40.10
C TYR D 619 -253.95 -20.57 -39.74
N ARG D 620 -252.76 -20.92 -39.26
CA ARG D 620 -251.71 -19.95 -38.90
C ARG D 620 -251.07 -19.27 -40.11
N SER D 621 -250.94 -19.95 -41.24
CA SER D 621 -250.53 -19.32 -42.50
C SER D 621 -251.55 -18.28 -42.97
N LEU D 622 -252.85 -18.60 -42.93
CA LEU D 622 -253.91 -17.66 -43.30
C LEU D 622 -253.97 -16.43 -42.39
N LEU D 623 -253.96 -16.59 -41.07
CA LEU D 623 -253.97 -15.46 -40.12
C LEU D 623 -252.77 -14.53 -40.33
N THR D 624 -251.59 -15.09 -40.61
CA THR D 624 -250.36 -14.32 -40.86
C THR D 624 -250.44 -13.52 -42.15
N ILE D 625 -250.95 -14.11 -43.23
CA ILE D 625 -251.09 -13.43 -44.52
C ILE D 625 -252.09 -12.28 -44.44
N LEU D 626 -253.21 -12.44 -43.74
CA LEU D 626 -254.17 -11.36 -43.54
C LEU D 626 -253.61 -10.20 -42.73
N GLN D 627 -252.79 -10.46 -41.72
CA GLN D 627 -252.09 -9.39 -41.00
C GLN D 627 -251.12 -8.63 -41.92
N ASP D 628 -250.27 -9.32 -42.67
CA ASP D 628 -249.27 -8.71 -43.54
C ASP D 628 -249.88 -7.86 -44.67
N ILE D 629 -250.99 -8.30 -45.27
CA ILE D 629 -251.77 -7.52 -46.24
C ILE D 629 -252.36 -6.25 -45.61
N SER D 630 -252.82 -6.29 -44.36
CA SER D 630 -253.50 -5.17 -43.72
C SER D 630 -252.59 -4.00 -43.31
N LEU D 631 -251.27 -4.20 -43.16
CA LEU D 631 -250.37 -3.20 -42.57
C LEU D 631 -250.42 -1.80 -43.25
N PRO D 632 -250.26 -1.66 -44.58
CA PRO D 632 -250.26 -0.34 -45.21
C PRO D 632 -251.65 0.30 -45.25
N ILE D 633 -252.73 -0.49 -45.27
CA ILE D 633 -254.11 -0.01 -45.20
C ILE D 633 -254.35 0.70 -43.85
N CYS D 634 -253.88 0.11 -42.75
CA CYS D 634 -253.96 0.68 -41.41
C CYS D 634 -253.08 1.94 -41.27
N MET D 635 -251.84 1.90 -41.80
CA MET D 635 -250.91 3.03 -41.79
C MET D 635 -251.50 4.26 -42.49
N CYS D 636 -252.06 4.11 -43.69
CA CYS D 636 -252.63 5.25 -44.42
C CYS D 636 -253.84 5.85 -43.71
N TYR D 637 -254.73 5.01 -43.15
CA TYR D 637 -255.86 5.49 -42.37
C TYR D 637 -255.42 6.22 -41.10
N GLU D 638 -254.41 5.71 -40.37
CA GLU D 638 -253.91 6.37 -39.15
C GLU D 638 -253.14 7.67 -39.47
N ASN D 639 -252.39 7.76 -40.57
CA ASN D 639 -251.78 9.02 -41.02
C ASN D 639 -252.82 10.13 -41.22
N ASP D 640 -254.04 9.81 -41.66
CA ASP D 640 -255.16 10.74 -41.82
C ASP D 640 -255.99 10.96 -40.53
N ASN D 641 -255.93 10.03 -39.58
CA ASN D 641 -256.72 10.00 -38.35
C ASN D 641 -255.82 9.66 -37.14
N PRO D 642 -254.89 10.55 -36.76
CA PRO D 642 -253.78 10.22 -35.87
C PRO D 642 -254.20 9.79 -34.46
N GLY D 643 -253.33 9.03 -33.81
CA GLY D 643 -253.55 8.49 -32.46
C GLY D 643 -253.65 9.54 -31.36
N LEU D 644 -252.88 10.64 -31.45
CA LEU D 644 -252.92 11.78 -30.52
C LEU D 644 -252.85 11.38 -29.03
N GLY D 645 -252.03 10.36 -28.72
CA GLY D 645 -251.85 9.83 -27.37
C GLY D 645 -252.95 8.88 -26.85
N GLN D 646 -254.01 8.61 -27.63
CA GLN D 646 -254.99 7.59 -27.30
C GLN D 646 -254.38 6.18 -27.26
N SER D 647 -254.84 5.31 -26.37
CA SER D 647 -254.56 3.87 -26.45
C SER D 647 -255.31 3.23 -27.62
N PRO D 648 -254.82 2.12 -28.20
CA PRO D 648 -255.48 1.50 -29.34
C PRO D 648 -256.96 1.13 -29.12
N PRO D 649 -257.41 0.58 -27.98
CA PRO D 649 -258.83 0.30 -27.74
C PRO D 649 -259.73 1.55 -27.79
N GLU D 650 -259.25 2.70 -27.29
CA GLU D 650 -259.97 3.98 -27.41
C GLU D 650 -260.06 4.45 -28.87
N TRP D 651 -258.95 4.40 -29.62
CA TRP D 651 -258.90 4.81 -31.02
C TRP D 651 -259.77 3.91 -31.92
N LEU D 652 -259.75 2.59 -31.70
CA LEU D 652 -260.56 1.63 -32.46
C LEU D 652 -262.07 1.78 -32.23
N LYS D 653 -262.49 2.23 -31.04
CA LYS D 653 -263.91 2.44 -30.70
C LYS D 653 -264.61 3.38 -31.70
N GLY D 654 -263.96 4.47 -32.10
CA GLY D 654 -264.45 5.36 -33.15
C GLY D 654 -264.20 4.87 -34.58
N HIS D 655 -263.02 4.32 -34.88
CA HIS D 655 -262.56 4.14 -36.26
C HIS D 655 -262.78 2.76 -36.89
N TYR D 656 -263.00 1.69 -36.12
CA TYR D 656 -262.87 0.33 -36.66
C TYR D 656 -263.92 -0.05 -37.73
N GLN D 657 -265.17 0.38 -37.60
CA GLN D 657 -266.21 0.10 -38.58
C GLN D 657 -265.86 0.62 -39.98
N THR D 658 -265.20 1.79 -40.06
CA THR D 658 -264.70 2.35 -41.32
C THR D 658 -263.51 1.54 -41.86
N LEU D 659 -262.56 1.19 -40.99
CA LEU D 659 -261.38 0.41 -41.35
C LEU D 659 -261.72 -1.00 -41.90
N CYS D 660 -262.76 -1.68 -41.42
CA CYS D 660 -263.27 -2.93 -42.03
C CYS D 660 -263.62 -2.78 -43.51
N THR D 661 -264.28 -1.68 -43.87
CA THR D 661 -264.76 -1.41 -45.24
C THR D 661 -263.61 -1.02 -46.17
N ASN D 662 -262.65 -0.24 -45.68
CA ASN D 662 -261.38 -0.02 -46.39
C ASN D 662 -260.67 -1.34 -46.68
N PHE D 663 -260.52 -2.23 -45.69
CA PHE D 663 -259.85 -3.51 -45.89
C PHE D 663 -260.53 -4.37 -46.97
N ARG D 664 -261.85 -4.57 -46.90
CA ARG D 664 -262.62 -5.32 -47.90
C ARG D 664 -262.45 -4.78 -49.33
N SER D 665 -262.28 -3.47 -49.48
CA SER D 665 -262.10 -2.81 -50.79
C SER D 665 -260.65 -2.85 -51.32
N LEU D 666 -259.65 -2.91 -50.44
CA LEU D 666 -258.23 -2.74 -50.78
C LEU D 666 -257.37 -4.00 -50.63
N ALA D 667 -257.84 -5.04 -49.94
CA ALA D 667 -257.10 -6.29 -49.75
C ALA D 667 -257.37 -7.34 -50.83
N ILE D 668 -258.57 -7.36 -51.41
CA ILE D 668 -259.06 -8.45 -52.27
C ILE D 668 -259.03 -8.03 -53.75
N ASP D 669 -258.61 -8.93 -54.64
CA ASP D 669 -258.37 -8.67 -56.07
C ASP D 669 -257.26 -7.63 -56.38
N LYS D 670 -256.34 -7.36 -55.44
CA LYS D 670 -255.25 -6.38 -55.61
C LYS D 670 -253.85 -7.00 -55.75
N GLY D 671 -253.76 -8.31 -55.97
CA GLY D 671 -252.57 -9.03 -56.46
C GLY D 671 -252.07 -10.18 -55.60
N VAL D 672 -252.65 -10.44 -54.43
CA VAL D 672 -252.29 -11.59 -53.57
C VAL D 672 -253.48 -12.48 -53.30
N LEU D 673 -254.53 -11.96 -52.69
CA LEU D 673 -255.69 -12.71 -52.22
C LEU D 673 -256.87 -12.52 -53.17
N THR D 674 -257.54 -13.60 -53.55
CA THR D 674 -258.80 -13.55 -54.29
C THR D 674 -259.92 -14.23 -53.49
N ALA D 675 -261.09 -13.61 -53.49
CA ALA D 675 -262.30 -14.10 -52.84
C ALA D 675 -263.54 -13.57 -53.57
N LYS D 676 -264.63 -14.31 -53.53
CA LYS D 676 -265.90 -13.95 -54.19
C LYS D 676 -266.98 -13.74 -53.13
N GLU D 677 -267.63 -12.57 -53.11
CA GLU D 677 -268.84 -12.39 -52.31
C GLU D 677 -270.06 -13.03 -52.99
N ALA D 678 -270.98 -13.54 -52.18
CA ALA D 678 -272.21 -14.19 -52.62
C ALA D 678 -273.36 -13.98 -51.63
N LYS D 679 -274.59 -13.97 -52.14
CA LYS D 679 -275.82 -14.04 -51.34
C LYS D 679 -276.30 -15.49 -51.25
N VAL D 680 -276.70 -15.92 -50.07
CA VAL D 680 -277.24 -17.26 -49.81
C VAL D 680 -278.76 -17.16 -49.66
N VAL D 681 -279.49 -18.00 -50.40
CA VAL D 681 -280.97 -18.04 -50.36
C VAL D 681 -281.47 -19.46 -50.20
N HIS D 682 -282.57 -19.63 -49.47
CA HIS D 682 -283.32 -20.89 -49.40
C HIS D 682 -284.63 -20.80 -50.20
N GLY D 683 -284.91 -21.79 -51.04
CA GLY D 683 -286.01 -21.73 -52.00
C GLY D 683 -287.40 -21.92 -51.36
N GLU D 684 -287.58 -22.96 -50.56
CA GLU D 684 -288.87 -23.26 -49.91
C GLU D 684 -289.16 -22.36 -48.68
N PRO D 685 -290.43 -22.01 -48.40
CA PRO D 685 -290.81 -21.23 -47.22
C PRO D 685 -290.89 -22.08 -45.93
N THR D 686 -291.00 -23.41 -46.08
CA THR D 686 -291.01 -24.42 -45.01
C THR D 686 -290.10 -25.59 -45.41
N CYS D 687 -289.63 -26.42 -44.48
CA CYS D 687 -288.91 -27.65 -44.84
C CYS D 687 -289.19 -28.84 -43.91
N ASP D 688 -289.01 -30.05 -44.41
CA ASP D 688 -289.27 -31.31 -43.67
C ASP D 688 -288.22 -31.52 -42.58
N LEU D 689 -288.61 -31.38 -41.31
CA LEU D 689 -287.72 -31.49 -40.16
C LEU D 689 -288.39 -32.26 -39.02
N PRO D 690 -287.63 -32.87 -38.08
CA PRO D 690 -288.20 -33.58 -36.95
C PRO D 690 -288.79 -32.61 -35.93
N ASP D 691 -289.88 -33.01 -35.25
CA ASP D 691 -290.47 -32.21 -34.19
C ASP D 691 -289.58 -32.28 -32.92
N LEU D 692 -288.76 -31.25 -32.71
CA LEU D 692 -287.70 -31.26 -31.70
C LEU D 692 -288.25 -31.29 -30.27
N ASP D 693 -289.46 -30.75 -30.03
CA ASP D 693 -290.15 -30.85 -28.75
C ASP D 693 -290.59 -32.29 -28.44
N ALA D 694 -291.16 -33.02 -29.40
CA ALA D 694 -291.44 -34.44 -29.27
C ALA D 694 -290.16 -35.30 -29.14
N ALA D 695 -289.10 -34.97 -29.91
CA ALA D 695 -287.85 -35.73 -29.92
C ALA D 695 -287.09 -35.61 -28.58
N LEU D 696 -287.15 -34.44 -27.93
CA LEU D 696 -286.64 -34.24 -26.57
C LEU D 696 -287.34 -35.17 -25.56
N GLN D 697 -288.63 -35.46 -25.76
CA GLN D 697 -289.40 -36.42 -24.95
C GLN D 697 -289.42 -37.85 -25.52
N GLY D 698 -288.57 -38.16 -26.52
CA GLY D 698 -288.39 -39.52 -27.05
C GLY D 698 -289.35 -39.97 -28.16
N ARG D 699 -290.24 -39.10 -28.65
CA ARG D 699 -291.22 -39.38 -29.71
C ARG D 699 -290.76 -38.79 -31.04
N VAL D 700 -290.76 -39.57 -32.12
CA VAL D 700 -290.20 -39.20 -33.42
C VAL D 700 -291.29 -39.05 -34.49
N TYR D 701 -291.49 -37.84 -35.00
CA TYR D 701 -292.31 -37.57 -36.18
C TYR D 701 -291.96 -36.22 -36.84
N GLY D 702 -292.36 -36.05 -38.10
CA GLY D 702 -292.01 -34.89 -38.93
C GLY D 702 -292.97 -33.69 -38.82
N ARG D 703 -292.45 -32.51 -39.15
CA ARG D 703 -293.19 -31.24 -39.23
C ARG D 703 -292.63 -30.39 -40.38
N ARG D 704 -293.46 -29.62 -41.08
CA ARG D 704 -292.98 -28.62 -42.07
C ARG D 704 -292.85 -27.25 -41.41
N LEU D 705 -291.73 -27.05 -40.73
CA LEU D 705 -291.39 -25.83 -40.00
C LEU D 705 -291.13 -24.66 -40.96
N PRO D 706 -291.75 -23.48 -40.79
CA PRO D 706 -291.36 -22.25 -41.47
C PRO D 706 -289.92 -21.84 -41.18
N VAL D 707 -289.15 -21.46 -42.21
CA VAL D 707 -287.70 -21.18 -42.09
C VAL D 707 -287.25 -19.94 -42.86
N ARG D 708 -286.25 -19.24 -42.32
CA ARG D 708 -285.54 -18.13 -42.98
C ARG D 708 -284.05 -18.03 -42.59
N MET D 709 -283.22 -17.43 -43.43
CA MET D 709 -281.79 -17.27 -43.17
C MET D 709 -281.51 -16.23 -42.08
N SER D 710 -280.63 -16.53 -41.12
CA SER D 710 -280.13 -15.57 -40.12
C SER D 710 -278.95 -14.71 -40.61
N LYS D 711 -278.26 -15.16 -41.66
CA LYS D 711 -277.21 -14.42 -42.40
C LYS D 711 -277.32 -14.67 -43.90
N VAL D 712 -277.14 -13.64 -44.71
CA VAL D 712 -277.31 -13.73 -46.19
C VAL D 712 -275.99 -13.59 -46.93
N LEU D 713 -275.07 -12.74 -46.48
CA LEU D 713 -273.76 -12.55 -47.13
C LEU D 713 -272.75 -13.66 -46.74
N MET D 714 -272.02 -14.15 -47.74
CA MET D 714 -270.94 -15.14 -47.61
C MET D 714 -269.70 -14.68 -48.41
N LEU D 715 -268.51 -14.88 -47.86
CA LEU D 715 -267.24 -14.51 -48.49
C LEU D 715 -266.42 -15.77 -48.79
N CYS D 716 -266.54 -16.29 -50.01
CA CYS D 716 -265.90 -17.53 -50.45
C CYS D 716 -264.42 -17.26 -50.83
N PRO D 717 -263.43 -17.79 -50.10
CA PRO D 717 -262.03 -17.61 -50.45
C PRO D 717 -261.65 -18.49 -51.65
N ARG D 718 -260.68 -18.07 -52.47
CA ARG D 718 -260.23 -18.82 -53.65
C ARG D 718 -258.76 -19.23 -53.57
N ASN D 719 -257.81 -18.35 -53.85
CA ASN D 719 -256.38 -18.62 -53.79
C ASN D 719 -255.58 -17.45 -53.21
N ILE D 720 -254.39 -17.77 -52.70
CA ILE D 720 -253.28 -16.83 -52.47
C ILE D 720 -252.23 -17.08 -53.58
N LYS D 721 -251.76 -16.03 -54.24
CA LYS D 721 -250.89 -16.13 -55.43
C LYS D 721 -249.45 -15.76 -55.11
N ILE D 722 -248.51 -16.64 -55.44
CA ILE D 722 -247.06 -16.46 -55.23
C ILE D 722 -246.39 -16.20 -56.59
N LYS D 723 -245.53 -15.19 -56.69
CA LYS D 723 -244.88 -14.74 -57.93
C LYS D 723 -243.36 -14.73 -57.81
N ASN D 724 -242.65 -15.02 -58.90
CA ASN D 724 -241.19 -14.88 -59.00
C ASN D 724 -240.76 -14.38 -60.38
N ARG D 725 -240.04 -13.27 -60.47
CA ARG D 725 -239.59 -12.66 -61.74
C ARG D 725 -238.57 -13.54 -62.47
N VAL D 726 -238.75 -13.73 -63.78
CA VAL D 726 -237.92 -14.63 -64.60
C VAL D 726 -236.65 -13.94 -65.13
N VAL D 727 -236.77 -12.75 -65.70
CA VAL D 727 -235.69 -12.08 -66.44
C VAL D 727 -235.12 -10.90 -65.66
N PHE D 728 -233.82 -10.93 -65.42
CA PHE D 728 -233.02 -9.77 -65.03
C PHE D 728 -232.67 -8.95 -66.28
N THR D 729 -233.03 -7.66 -66.31
CA THR D 729 -232.89 -6.77 -67.48
C THR D 729 -231.58 -5.97 -67.51
N GLY D 730 -230.66 -6.17 -66.57
CA GLY D 730 -229.39 -5.43 -66.52
C GLY D 730 -229.48 -4.00 -66.00
N GLU D 731 -230.68 -3.48 -65.69
CA GLU D 731 -230.89 -2.08 -65.31
C GLU D 731 -230.30 -1.71 -63.94
N ASN D 732 -230.48 -2.57 -62.92
CA ASN D 732 -229.91 -2.34 -61.59
C ASN D 732 -228.42 -2.75 -61.57
N ALA D 733 -227.54 -1.77 -61.72
CA ALA D 733 -226.10 -1.98 -61.93
C ALA D 733 -225.35 -2.67 -60.77
N ALA D 734 -225.93 -2.69 -59.56
CA ALA D 734 -225.37 -3.39 -58.41
C ALA D 734 -225.51 -4.93 -58.48
N LEU D 735 -226.47 -5.44 -59.28
CA LEU D 735 -226.83 -6.87 -59.31
C LEU D 735 -226.09 -7.68 -60.39
N GLN D 736 -225.56 -7.04 -61.44
CA GLN D 736 -225.16 -7.70 -62.69
C GLN D 736 -224.19 -8.88 -62.48
N ASN D 737 -223.27 -8.79 -61.52
CA ASN D 737 -222.23 -9.81 -61.29
C ASN D 737 -222.80 -11.19 -60.89
N SER D 738 -224.02 -11.25 -60.36
CA SER D 738 -224.69 -12.52 -60.07
C SER D 738 -225.34 -13.17 -61.31
N PHE D 739 -225.72 -12.39 -62.33
CA PHE D 739 -226.46 -12.86 -63.51
C PHE D 739 -225.62 -12.98 -64.79
N ILE D 740 -224.45 -12.35 -64.89
CA ILE D 740 -223.73 -12.20 -66.17
C ILE D 740 -223.28 -13.53 -66.80
N LYS D 741 -223.57 -13.69 -68.10
CA LYS D 741 -223.17 -14.83 -68.92
C LYS D 741 -221.72 -14.67 -69.42
N SER D 742 -220.84 -15.60 -69.06
CA SER D 742 -219.50 -15.70 -69.63
C SER D 742 -219.51 -16.40 -71.00
N THR D 743 -218.52 -16.11 -71.86
CA THR D 743 -218.43 -16.66 -73.23
C THR D 743 -217.09 -17.40 -73.50
N THR D 744 -216.09 -17.30 -72.63
CA THR D 744 -214.75 -17.92 -72.85
C THR D 744 -214.76 -19.46 -72.75
N ARG D 745 -213.90 -20.11 -73.53
CA ARG D 745 -213.81 -21.56 -73.72
C ARG D 745 -213.17 -22.27 -72.51
N ARG D 746 -213.99 -22.92 -71.69
CA ARG D 746 -213.55 -23.67 -70.49
C ARG D 746 -213.15 -25.11 -70.80
N GLU D 747 -212.38 -25.73 -69.91
CA GLU D 747 -212.01 -27.16 -70.01
C GLU D 747 -213.14 -28.11 -69.56
N ASN D 748 -214.06 -27.68 -68.70
CA ASN D 748 -215.17 -28.51 -68.20
C ASN D 748 -216.38 -28.62 -69.17
N TYR D 749 -216.27 -28.12 -70.40
CA TYR D 749 -217.39 -27.89 -71.31
C TYR D 749 -218.17 -29.16 -71.68
N ILE D 750 -217.53 -30.34 -71.71
CA ILE D 750 -218.23 -31.61 -71.94
C ILE D 750 -218.87 -32.09 -70.64
N ILE D 751 -218.10 -32.22 -69.55
CA ILE D 751 -218.57 -32.81 -68.29
C ILE D 751 -219.63 -31.95 -67.55
N ASN D 752 -219.61 -30.62 -67.73
CA ASN D 752 -220.69 -29.70 -67.32
C ASN D 752 -221.61 -29.31 -68.49
N GLY D 753 -221.52 -30.03 -69.62
CA GLY D 753 -222.31 -29.79 -70.82
C GLY D 753 -223.63 -30.56 -70.88
N PRO D 754 -224.36 -30.48 -72.01
CA PRO D 754 -225.70 -31.01 -72.12
C PRO D 754 -225.80 -32.56 -72.21
N TYR D 755 -224.69 -33.28 -72.41
CA TYR D 755 -224.70 -34.72 -72.69
C TYR D 755 -224.20 -35.64 -71.57
N MET D 756 -223.51 -35.12 -70.55
CA MET D 756 -222.78 -35.95 -69.58
C MET D 756 -223.66 -36.97 -68.84
N LYS D 757 -224.87 -36.60 -68.43
CA LYS D 757 -225.79 -37.53 -67.75
C LYS D 757 -226.22 -38.70 -68.66
N PHE D 758 -226.45 -38.47 -69.96
CA PHE D 758 -226.74 -39.54 -70.93
C PHE D 758 -225.51 -40.38 -71.25
N LEU D 759 -224.34 -39.76 -71.43
CA LEU D 759 -223.07 -40.47 -71.61
C LEU D 759 -222.74 -41.40 -70.44
N ASN D 760 -223.19 -41.06 -69.22
CA ASN D 760 -223.12 -41.93 -68.07
C ASN D 760 -224.19 -43.03 -68.07
N THR D 761 -225.47 -42.70 -68.27
CA THR D 761 -226.58 -43.68 -68.31
C THR D 761 -226.35 -44.78 -69.33
N TYR D 762 -225.74 -44.48 -70.47
CA TYR D 762 -225.47 -45.41 -71.58
C TYR D 762 -224.01 -45.88 -71.67
N HIS D 763 -223.17 -45.63 -70.65
CA HIS D 763 -221.74 -45.95 -70.69
C HIS D 763 -221.44 -47.41 -71.03
N LYS D 764 -222.12 -48.37 -70.39
CA LYS D 764 -221.92 -49.81 -70.64
C LYS D 764 -222.34 -50.27 -72.04
N THR D 765 -223.24 -49.55 -72.73
CA THR D 765 -223.57 -49.82 -74.16
C THR D 765 -222.61 -49.10 -75.13
N LEU D 766 -222.12 -47.89 -74.81
CA LEU D 766 -221.12 -47.19 -75.62
C LEU D 766 -219.72 -47.81 -75.54
N PHE D 767 -219.25 -48.22 -74.37
CA PHE D 767 -217.90 -48.76 -74.18
C PHE D 767 -217.93 -50.09 -73.38
N PRO D 768 -218.30 -51.22 -74.02
CA PRO D 768 -218.45 -52.52 -73.38
C PRO D 768 -217.21 -52.96 -72.60
N ASP D 769 -217.42 -53.33 -71.33
CA ASP D 769 -216.41 -53.82 -70.38
C ASP D 769 -215.15 -52.94 -70.17
N THR D 770 -215.22 -51.62 -70.39
CA THR D 770 -214.09 -50.72 -70.09
C THR D 770 -213.92 -50.50 -68.58
N LYS D 771 -212.67 -50.38 -68.12
CA LYS D 771 -212.36 -50.11 -66.69
C LYS D 771 -212.58 -48.64 -66.29
N LEU D 772 -212.53 -47.73 -67.26
CA LEU D 772 -212.58 -46.28 -67.07
C LEU D 772 -213.93 -45.80 -66.50
N SER D 773 -213.92 -44.83 -65.59
CA SER D 773 -215.11 -44.06 -65.26
C SER D 773 -215.51 -43.17 -66.44
N SER D 774 -216.82 -42.97 -66.63
CA SER D 774 -217.36 -42.11 -67.69
C SER D 774 -216.82 -40.67 -67.58
N LEU D 775 -216.70 -40.14 -66.37
CA LEU D 775 -216.14 -38.82 -66.06
C LEU D 775 -214.69 -38.72 -66.51
N TYR D 776 -213.84 -39.71 -66.22
CA TYR D 776 -212.45 -39.67 -66.66
C TYR D 776 -212.31 -39.85 -68.19
N LEU D 777 -213.11 -40.72 -68.83
CA LEU D 777 -213.05 -40.93 -70.28
C LEU D 777 -213.28 -39.61 -71.04
N TRP D 778 -214.33 -38.87 -70.69
CA TRP D 778 -214.68 -37.61 -71.33
C TRP D 778 -213.84 -36.42 -70.88
N HIS D 779 -213.24 -36.43 -69.70
CA HIS D 779 -212.26 -35.41 -69.29
C HIS D 779 -210.90 -35.62 -69.98
N ASN D 780 -210.47 -36.87 -70.14
CA ASN D 780 -209.31 -37.25 -70.95
C ASN D 780 -209.51 -36.81 -72.40
N PHE D 781 -210.68 -37.06 -72.99
CA PHE D 781 -211.00 -36.55 -74.32
C PHE D 781 -210.96 -35.01 -74.38
N SER D 782 -211.55 -34.33 -73.40
CA SER D 782 -211.52 -32.87 -73.21
C SER D 782 -210.13 -32.24 -73.05
N ARG D 783 -209.05 -33.02 -72.87
CA ARG D 783 -207.68 -32.49 -72.71
C ARG D 783 -206.63 -33.12 -73.61
N ARG D 784 -206.82 -34.35 -74.09
CA ARG D 784 -205.86 -35.11 -74.92
C ARG D 784 -206.38 -35.47 -76.32
N ARG D 785 -207.66 -35.23 -76.61
CA ARG D 785 -208.30 -35.50 -77.91
C ARG D 785 -208.19 -36.96 -78.36
N SER D 786 -208.54 -37.92 -77.49
CA SER D 786 -208.52 -39.35 -77.83
C SER D 786 -209.63 -40.17 -77.16
N VAL D 787 -210.03 -41.27 -77.81
CA VAL D 787 -211.21 -42.08 -77.45
C VAL D 787 -210.91 -43.58 -77.65
N PRO D 788 -211.29 -44.49 -76.73
CA PRO D 788 -211.00 -45.91 -76.85
C PRO D 788 -212.01 -46.64 -77.77
N VAL D 789 -211.55 -47.52 -78.66
CA VAL D 789 -212.45 -48.28 -79.57
C VAL D 789 -212.51 -49.76 -79.15
N PRO D 790 -213.69 -50.31 -78.77
CA PRO D 790 -213.85 -51.72 -78.38
C PRO D 790 -213.31 -52.73 -79.41
N SER D 791 -212.92 -53.93 -78.94
CA SER D 791 -212.02 -54.86 -79.64
C SER D 791 -212.43 -55.22 -81.08
N GLY D 792 -213.72 -55.43 -81.34
CA GLY D 792 -214.27 -55.69 -82.68
C GLY D 792 -214.99 -54.50 -83.35
N ALA D 793 -215.18 -53.39 -82.63
CA ALA D 793 -215.89 -52.21 -83.15
C ALA D 793 -215.03 -51.38 -84.14
N SER D 794 -215.67 -50.51 -84.92
CA SER D 794 -215.02 -49.73 -86.00
C SER D 794 -214.49 -48.38 -85.51
N ALA D 795 -213.34 -47.92 -86.01
CA ALA D 795 -212.72 -46.69 -85.52
C ALA D 795 -213.53 -45.42 -85.85
N GLU D 796 -214.03 -45.30 -87.08
CA GLU D 796 -214.58 -44.02 -87.54
C GLU D 796 -215.92 -43.67 -86.89
N GLU D 797 -216.73 -44.68 -86.60
CA GLU D 797 -217.94 -44.63 -85.79
C GLU D 797 -217.74 -43.96 -84.42
N TYR D 798 -216.63 -44.25 -83.73
CA TYR D 798 -216.26 -43.57 -82.48
C TYR D 798 -215.65 -42.20 -82.70
N SER D 799 -214.90 -41.97 -83.79
CA SER D 799 -214.45 -40.62 -84.11
C SER D 799 -215.64 -39.68 -84.38
N ASP D 800 -216.73 -40.18 -84.97
CA ASP D 800 -217.95 -39.41 -85.16
C ASP D 800 -218.67 -39.08 -83.84
N LEU D 801 -218.88 -40.07 -82.97
CA LEU D 801 -219.42 -39.87 -81.61
C LEU D 801 -218.68 -38.76 -80.86
N ALA D 802 -217.35 -38.78 -80.89
CA ALA D 802 -216.52 -37.78 -80.26
C ALA D 802 -216.77 -36.38 -80.83
N LEU D 803 -216.80 -36.23 -82.16
CA LEU D 803 -217.07 -34.95 -82.80
C LEU D 803 -218.51 -34.46 -82.55
N PHE D 804 -219.50 -35.34 -82.41
CA PHE D 804 -220.85 -34.93 -82.02
C PHE D 804 -220.89 -34.31 -80.61
N VAL D 805 -220.27 -34.98 -79.64
CA VAL D 805 -220.19 -34.54 -78.24
C VAL D 805 -219.45 -33.21 -78.12
N ASP D 806 -218.31 -33.09 -78.80
CA ASP D 806 -217.51 -31.86 -78.83
C ASP D 806 -218.31 -30.68 -79.43
N GLY D 807 -218.88 -30.89 -80.62
CA GLY D 807 -219.61 -29.86 -81.35
C GLY D 807 -220.78 -29.30 -80.56
N GLY D 808 -221.67 -30.17 -80.08
CA GLY D 808 -222.82 -29.75 -79.28
C GLY D 808 -222.44 -29.12 -77.95
N SER D 809 -221.37 -29.60 -77.30
CA SER D 809 -220.92 -29.02 -76.03
C SER D 809 -220.41 -27.58 -76.21
N ARG D 810 -219.61 -27.26 -77.24
CA ARG D 810 -219.20 -25.88 -77.55
C ARG D 810 -220.37 -25.00 -78.00
N ALA D 811 -221.31 -25.51 -78.78
CA ALA D 811 -222.50 -24.75 -79.17
C ALA D 811 -223.38 -24.39 -77.97
N HIS D 812 -223.54 -25.30 -77.01
CA HIS D 812 -224.22 -25.06 -75.74
C HIS D 812 -223.47 -24.06 -74.86
N GLU D 813 -222.13 -24.16 -74.78
CA GLU D 813 -221.28 -23.23 -74.04
C GLU D 813 -221.46 -21.79 -74.52
N GLU D 814 -221.49 -21.57 -75.84
CA GLU D 814 -221.79 -20.28 -76.48
C GLU D 814 -223.22 -19.80 -76.18
N SER D 815 -224.25 -20.60 -76.48
CA SER D 815 -225.64 -20.13 -76.54
C SER D 815 -226.45 -20.19 -75.23
N ASN D 816 -226.09 -21.00 -74.23
CA ASN D 816 -227.00 -21.32 -73.12
C ASN D 816 -227.14 -20.21 -72.05
N VAL D 817 -228.38 -19.91 -71.66
CA VAL D 817 -228.72 -19.00 -70.53
C VAL D 817 -229.62 -19.65 -69.44
N ILE D 818 -229.77 -20.97 -69.49
CA ILE D 818 -230.55 -21.78 -68.55
C ILE D 818 -229.59 -22.70 -67.79
N ASP D 819 -229.26 -22.40 -66.54
CA ASP D 819 -228.18 -23.05 -65.77
C ASP D 819 -228.55 -24.44 -65.20
N VAL D 820 -228.80 -25.41 -66.09
CA VAL D 820 -229.24 -26.77 -65.82
C VAL D 820 -228.45 -27.78 -66.66
N VAL D 821 -228.04 -28.90 -66.06
CA VAL D 821 -227.57 -30.09 -66.78
C VAL D 821 -228.73 -31.08 -66.85
N PRO D 822 -229.37 -31.31 -68.02
CA PRO D 822 -230.64 -32.04 -68.09
C PRO D 822 -230.48 -33.55 -67.85
N GLY D 823 -231.36 -34.15 -67.06
CA GLY D 823 -231.33 -35.58 -66.75
C GLY D 823 -232.08 -36.50 -67.71
N ASN D 824 -233.04 -35.98 -68.47
CA ASN D 824 -233.90 -36.75 -69.38
C ASN D 824 -234.15 -35.99 -70.69
N LEU D 825 -234.57 -36.70 -71.75
CA LEU D 825 -234.73 -36.13 -73.08
C LEU D 825 -235.81 -35.04 -73.18
N VAL D 826 -236.86 -35.08 -72.35
CA VAL D 826 -237.88 -34.02 -72.31
C VAL D 826 -237.31 -32.73 -71.73
N THR D 827 -236.51 -32.80 -70.68
CA THR D 827 -235.85 -31.60 -70.11
C THR D 827 -234.79 -31.08 -71.08
N TYR D 828 -233.99 -31.95 -71.71
CA TYR D 828 -233.06 -31.57 -72.78
C TYR D 828 -233.75 -30.83 -73.92
N ALA D 829 -234.86 -31.35 -74.44
CA ALA D 829 -235.67 -30.74 -75.49
C ALA D 829 -236.21 -29.37 -75.07
N LYS D 830 -236.84 -29.26 -73.90
CA LYS D 830 -237.38 -28.00 -73.37
C LYS D 830 -236.32 -26.94 -73.10
N GLN D 831 -235.12 -27.30 -72.65
CA GLN D 831 -234.01 -26.37 -72.56
C GLN D 831 -233.61 -25.81 -73.94
N ARG D 832 -233.48 -26.68 -74.97
CA ARG D 832 -233.16 -26.25 -76.35
C ARG D 832 -234.19 -25.26 -76.89
N LEU D 833 -235.48 -25.53 -76.67
CA LEU D 833 -236.59 -24.67 -77.09
C LEU D 833 -236.56 -23.27 -76.43
N ASN D 834 -236.41 -23.21 -75.11
CA ASN D 834 -236.46 -21.92 -74.40
C ASN D 834 -235.20 -21.07 -74.61
N ASN D 835 -234.02 -21.67 -74.80
CA ASN D 835 -232.83 -20.95 -75.28
C ASN D 835 -233.05 -20.33 -76.67
N ALA D 836 -233.89 -20.91 -77.53
CA ALA D 836 -234.20 -20.33 -78.84
C ALA D 836 -235.12 -19.10 -78.74
N ILE D 837 -236.14 -19.11 -77.88
CA ILE D 837 -237.05 -17.97 -77.69
C ILE D 837 -236.30 -16.76 -77.11
N LEU D 838 -235.46 -16.98 -76.08
CA LEU D 838 -234.67 -15.92 -75.46
C LEU D 838 -233.70 -15.26 -76.45
N LYS D 839 -233.12 -16.02 -77.37
CA LYS D 839 -232.27 -15.49 -78.44
C LYS D 839 -233.04 -14.59 -79.42
N ALA D 840 -234.23 -15.02 -79.86
CA ALA D 840 -235.10 -14.19 -80.69
C ALA D 840 -235.55 -12.89 -79.99
N CYS D 841 -235.65 -12.89 -78.65
CA CYS D 841 -235.93 -11.70 -77.85
C CYS D 841 -234.69 -10.83 -77.55
N GLY D 842 -233.50 -11.18 -78.04
CA GLY D 842 -232.26 -10.48 -77.69
C GLY D 842 -231.74 -10.68 -76.26
N GLN D 843 -232.29 -11.63 -75.50
CA GLN D 843 -231.90 -11.94 -74.12
C GLN D 843 -230.72 -12.92 -74.11
N THR D 844 -229.50 -12.37 -74.16
CA THR D 844 -228.25 -13.13 -74.35
C THR D 844 -227.14 -12.81 -73.35
N GLN D 845 -227.27 -11.71 -72.59
CA GLN D 845 -226.24 -11.22 -71.69
C GLN D 845 -226.29 -11.85 -70.28
N PHE D 846 -227.44 -12.40 -69.88
CA PHE D 846 -227.73 -12.83 -68.51
C PHE D 846 -228.38 -14.21 -68.44
N TYR D 847 -228.06 -15.00 -67.42
CA TYR D 847 -228.87 -16.14 -67.01
C TYR D 847 -230.27 -15.72 -66.55
N ILE D 848 -231.28 -16.56 -66.77
CA ILE D 848 -232.63 -16.38 -66.19
C ILE D 848 -232.72 -16.92 -64.75
N SER D 849 -233.69 -16.44 -63.95
CA SER D 849 -234.01 -17.05 -62.64
C SER D 849 -234.53 -18.49 -62.80
N LEU D 850 -234.18 -19.38 -61.89
CA LEU D 850 -234.71 -20.75 -61.80
C LEU D 850 -235.47 -20.98 -60.49
N ILE D 851 -236.54 -21.79 -60.52
CA ILE D 851 -237.11 -22.43 -59.33
C ILE D 851 -236.84 -23.93 -59.40
N GLN D 852 -236.27 -24.53 -58.35
CA GLN D 852 -236.06 -25.97 -58.24
C GLN D 852 -236.94 -26.60 -57.14
N GLY D 853 -237.56 -27.73 -57.45
CA GLY D 853 -238.36 -28.51 -56.51
C GLY D 853 -237.50 -29.51 -55.74
N LEU D 854 -237.62 -29.55 -54.43
CA LEU D 854 -237.04 -30.57 -53.55
C LEU D 854 -238.12 -31.63 -53.26
N VAL D 855 -237.92 -32.86 -53.71
CA VAL D 855 -238.94 -33.94 -53.65
C VAL D 855 -238.52 -35.06 -52.69
N PRO D 856 -239.35 -35.45 -51.71
CA PRO D 856 -239.03 -36.52 -50.75
C PRO D 856 -238.84 -37.91 -51.38
N ARG D 857 -237.75 -38.59 -51.02
CA ARG D 857 -237.45 -40.00 -51.30
C ARG D 857 -237.34 -40.79 -50.00
N THR D 858 -238.08 -41.88 -49.89
CA THR D 858 -238.14 -42.71 -48.67
C THR D 858 -237.25 -43.93 -48.83
N GLN D 859 -236.38 -44.20 -47.86
CA GLN D 859 -235.35 -45.26 -47.91
C GLN D 859 -235.26 -46.05 -46.59
N SER D 860 -234.97 -47.36 -46.66
CA SER D 860 -234.75 -48.22 -45.48
C SER D 860 -233.25 -48.36 -45.19
N VAL D 861 -232.85 -48.16 -43.94
CA VAL D 861 -231.44 -48.10 -43.49
C VAL D 861 -231.23 -48.97 -42.24
N PRO D 862 -230.00 -49.38 -41.90
CA PRO D 862 -229.76 -50.14 -40.67
C PRO D 862 -230.05 -49.28 -39.42
N ALA D 863 -230.77 -49.83 -38.44
CA ALA D 863 -231.36 -49.07 -37.33
C ALA D 863 -230.36 -48.64 -36.23
N ARG D 864 -229.07 -48.89 -36.41
CA ARG D 864 -227.98 -48.63 -35.45
C ARG D 864 -228.02 -47.23 -34.83
N ASP D 865 -228.25 -46.18 -35.63
CA ASP D 865 -228.38 -44.79 -35.16
C ASP D 865 -229.84 -44.27 -35.16
N TYR D 866 -230.83 -45.16 -35.13
CA TYR D 866 -232.27 -44.83 -35.14
C TYR D 866 -232.98 -45.53 -33.96
N PRO D 867 -232.68 -45.14 -32.70
CA PRO D 867 -232.95 -45.94 -31.52
C PRO D 867 -234.44 -46.17 -31.22
N HIS D 868 -235.34 -45.35 -31.74
CA HIS D 868 -236.78 -45.48 -31.53
C HIS D 868 -237.40 -46.79 -32.05
N VAL D 869 -236.73 -47.56 -32.90
CA VAL D 869 -237.23 -48.89 -33.32
C VAL D 869 -237.30 -49.89 -32.16
N LEU D 870 -236.57 -49.68 -31.06
CA LEU D 870 -236.57 -50.58 -29.91
C LEU D 870 -237.83 -50.49 -29.04
N GLY D 871 -238.64 -49.43 -29.16
CA GLY D 871 -239.82 -49.20 -28.35
C GLY D 871 -239.52 -48.80 -26.90
N THR D 872 -240.49 -49.02 -26.00
CA THR D 872 -240.40 -48.68 -24.56
C THR D 872 -239.50 -49.62 -23.73
N ARG D 873 -238.88 -50.60 -24.38
CA ARG D 873 -237.90 -51.56 -23.87
C ARG D 873 -236.86 -50.93 -22.94
N ALA D 874 -236.54 -51.58 -21.83
CA ALA D 874 -235.41 -51.21 -20.98
C ALA D 874 -234.09 -51.65 -21.62
N VAL D 875 -233.10 -50.75 -21.70
CA VAL D 875 -231.77 -51.02 -22.29
C VAL D 875 -230.71 -50.97 -21.20
N GLU D 876 -229.98 -52.07 -21.01
CA GLU D 876 -229.08 -52.26 -19.86
C GLU D 876 -227.59 -52.08 -20.20
N SER D 877 -227.16 -52.34 -21.44
CA SER D 877 -225.77 -52.16 -21.88
C SER D 877 -225.66 -51.77 -23.35
N ALA D 878 -224.53 -51.15 -23.75
CA ALA D 878 -224.27 -50.82 -25.14
C ALA D 878 -224.11 -52.07 -26.02
N ALA D 879 -223.58 -53.16 -25.46
CA ALA D 879 -223.52 -54.46 -26.14
C ALA D 879 -224.92 -55.04 -26.42
N ALA D 880 -225.87 -54.91 -25.48
CA ALA D 880 -227.26 -55.30 -25.69
C ALA D 880 -227.96 -54.41 -26.73
N TYR D 881 -227.73 -53.09 -26.72
CA TYR D 881 -228.25 -52.16 -27.74
C TYR D 881 -227.76 -52.53 -29.16
N ALA D 882 -226.45 -52.79 -29.29
CA ALA D 882 -225.85 -53.23 -30.55
C ALA D 882 -226.41 -54.57 -31.02
N GLU D 883 -226.56 -55.55 -30.12
CA GLU D 883 -227.16 -56.85 -30.45
C GLU D 883 -228.61 -56.70 -30.93
N ALA D 884 -229.46 -55.98 -30.17
CA ALA D 884 -230.88 -55.82 -30.48
C ALA D 884 -231.14 -55.07 -31.80
N THR D 885 -230.30 -54.09 -32.15
CA THR D 885 -230.45 -53.31 -33.39
C THR D 885 -229.79 -53.97 -34.61
N SER D 886 -228.87 -54.94 -34.43
CA SER D 886 -228.10 -55.57 -35.54
C SER D 886 -228.94 -56.22 -36.63
N SER D 887 -230.16 -56.64 -36.32
CA SER D 887 -231.11 -57.30 -37.24
C SER D 887 -232.28 -56.41 -37.71
N LEU D 888 -232.26 -55.10 -37.40
CA LEU D 888 -233.39 -54.17 -37.59
C LEU D 888 -233.09 -53.03 -38.57
N THR D 889 -234.13 -52.57 -39.28
CA THR D 889 -234.05 -51.45 -40.21
C THR D 889 -235.07 -50.35 -39.89
N ALA D 890 -234.67 -49.10 -40.12
CA ALA D 890 -235.48 -47.91 -39.90
C ALA D 890 -235.82 -47.24 -41.24
N THR D 891 -237.03 -46.72 -41.37
CA THR D 891 -237.44 -45.87 -42.50
C THR D 891 -236.93 -44.44 -42.29
N THR D 892 -236.27 -43.85 -43.28
CA THR D 892 -235.80 -42.45 -43.25
C THR D 892 -236.14 -41.74 -44.56
N VAL D 893 -236.15 -40.41 -44.53
CA VAL D 893 -236.49 -39.57 -45.69
C VAL D 893 -235.37 -38.59 -45.99
N VAL D 894 -235.05 -38.41 -47.26
CA VAL D 894 -234.17 -37.36 -47.79
C VAL D 894 -234.86 -36.68 -48.97
N CYS D 895 -234.46 -35.46 -49.32
CA CYS D 895 -234.99 -34.75 -50.48
C CYS D 895 -234.00 -34.74 -51.65
N ALA D 896 -234.50 -34.99 -52.87
CA ALA D 896 -233.74 -34.91 -54.12
C ALA D 896 -234.17 -33.70 -54.97
N ALA D 897 -233.21 -32.97 -55.54
CA ALA D 897 -233.50 -31.83 -56.40
C ALA D 897 -233.97 -32.32 -57.79
N THR D 898 -235.16 -31.89 -58.19
CA THR D 898 -235.66 -32.01 -59.56
C THR D 898 -235.14 -30.86 -60.43
N ASP D 899 -234.79 -31.15 -61.68
CA ASP D 899 -234.38 -30.17 -62.70
C ASP D 899 -235.56 -29.57 -63.50
N CYS D 900 -236.81 -29.89 -63.12
CA CYS D 900 -238.02 -29.64 -63.90
C CYS D 900 -239.29 -29.55 -63.01
N LEU D 901 -239.46 -28.43 -62.31
CA LEU D 901 -240.61 -28.20 -61.40
C LEU D 901 -241.99 -28.39 -62.07
N SER D 902 -242.12 -28.09 -63.37
CA SER D 902 -243.43 -28.11 -64.04
C SER D 902 -244.12 -29.48 -64.08
N GLN D 903 -243.39 -30.59 -64.24
CA GLN D 903 -244.00 -31.94 -64.16
C GLN D 903 -244.46 -32.30 -62.74
N VAL D 904 -243.78 -31.82 -61.70
CA VAL D 904 -244.25 -31.99 -60.31
C VAL D 904 -245.54 -31.19 -60.06
N CYS D 905 -245.64 -29.96 -60.56
CA CYS D 905 -246.86 -29.15 -60.44
C CYS D 905 -248.09 -29.75 -61.14
N LYS D 906 -247.93 -30.61 -62.16
CA LYS D 906 -249.04 -31.38 -62.76
C LYS D 906 -249.62 -32.46 -61.82
N ALA D 907 -248.87 -32.94 -60.84
CA ALA D 907 -249.30 -33.94 -59.86
C ALA D 907 -250.00 -33.36 -58.61
N ARG D 908 -250.48 -32.12 -58.68
CA ARG D 908 -251.23 -31.39 -57.64
C ARG D 908 -250.56 -31.45 -56.24
N PRO D 909 -249.33 -30.94 -56.09
CA PRO D 909 -248.49 -31.23 -54.92
C PRO D 909 -248.90 -30.48 -53.64
N VAL D 910 -248.59 -31.08 -52.50
CA VAL D 910 -248.44 -30.37 -51.22
C VAL D 910 -247.13 -29.59 -51.26
N VAL D 911 -247.14 -28.31 -50.90
CA VAL D 911 -245.98 -27.41 -51.05
C VAL D 911 -245.58 -26.70 -49.75
N THR D 912 -244.29 -26.42 -49.58
CA THR D 912 -243.75 -25.53 -48.54
C THR D 912 -242.77 -24.54 -49.13
N LEU D 913 -242.97 -23.25 -48.88
CA LEU D 913 -242.19 -22.16 -49.50
C LEU D 913 -242.07 -20.90 -48.61
N PRO D 914 -241.04 -20.06 -48.80
CA PRO D 914 -240.90 -18.76 -48.13
C PRO D 914 -241.60 -17.63 -48.92
N VAL D 915 -242.29 -16.70 -48.27
CA VAL D 915 -242.92 -15.54 -48.93
C VAL D 915 -242.69 -14.22 -48.19
N THR D 916 -242.47 -13.14 -48.95
CA THR D 916 -242.59 -11.74 -48.50
C THR D 916 -243.73 -11.06 -49.26
N ILE D 917 -244.65 -10.36 -48.61
CA ILE D 917 -245.67 -9.57 -49.31
C ILE D 917 -245.19 -8.12 -49.43
N ASN D 918 -244.85 -7.72 -50.66
CA ASN D 918 -244.40 -6.37 -51.01
C ASN D 918 -245.53 -5.53 -51.59
N LYS D 919 -245.59 -4.24 -51.24
CA LYS D 919 -246.70 -3.34 -51.60
C LYS D 919 -246.18 -2.10 -52.34
N TYR D 920 -246.91 -1.65 -53.35
CA TYR D 920 -246.46 -0.61 -54.29
C TYR D 920 -247.64 0.15 -54.90
N THR D 921 -247.39 1.36 -55.41
CA THR D 921 -248.40 2.22 -56.05
C THR D 921 -248.72 1.75 -57.47
N GLY D 922 -249.93 2.01 -57.97
CA GLY D 922 -250.26 1.80 -59.39
C GLY D 922 -249.49 2.71 -60.37
N VAL D 923 -249.47 2.35 -61.64
CA VAL D 923 -248.85 3.13 -62.74
C VAL D 923 -249.83 4.12 -63.39
N ASN D 924 -249.38 4.84 -64.44
CA ASN D 924 -250.19 5.75 -65.25
C ASN D 924 -250.92 6.82 -64.42
N GLY D 925 -250.23 7.37 -63.43
CA GLY D 925 -250.74 8.43 -62.55
C GLY D 925 -251.65 7.98 -61.40
N ASN D 926 -251.88 6.67 -61.24
CA ASN D 926 -252.73 6.14 -60.17
C ASN D 926 -252.09 6.27 -58.77
N ASN D 927 -252.92 6.26 -57.72
CA ASN D 927 -252.50 6.43 -56.32
C ASN D 927 -252.95 5.29 -55.38
N GLN D 928 -253.57 4.22 -55.89
CA GLN D 928 -253.96 3.04 -55.09
C GLN D 928 -252.77 2.11 -54.81
N ILE D 929 -252.92 1.24 -53.82
CA ILE D 929 -251.91 0.26 -53.40
C ILE D 929 -252.22 -1.11 -54.00
N PHE D 930 -251.22 -1.75 -54.58
CA PHE D 930 -251.24 -3.13 -55.09
C PHE D 930 -250.21 -3.98 -54.35
N GLN D 931 -250.41 -5.30 -54.30
CA GLN D 931 -249.51 -6.22 -53.58
C GLN D 931 -248.97 -7.34 -54.47
N ALA D 932 -247.78 -7.84 -54.16
CA ALA D 932 -247.27 -9.11 -54.67
C ALA D 932 -246.71 -9.97 -53.54
N GLY D 933 -247.01 -11.26 -53.54
CA GLY D 933 -246.36 -12.26 -52.69
C GLY D 933 -245.15 -12.81 -53.41
N ASN D 934 -243.97 -12.25 -53.16
CA ASN D 934 -242.74 -12.66 -53.84
C ASN D 934 -242.08 -13.85 -53.13
N LEU D 935 -241.70 -14.88 -53.89
CA LEU D 935 -240.98 -16.06 -53.40
C LEU D 935 -239.60 -15.69 -52.83
N GLY D 936 -239.30 -16.14 -51.60
CA GLY D 936 -238.08 -15.80 -50.87
C GLY D 936 -237.17 -16.99 -50.57
N TYR D 937 -236.43 -16.92 -49.47
CA TYR D 937 -235.40 -17.87 -49.05
C TYR D 937 -235.68 -18.48 -47.67
N PHE D 938 -235.22 -19.70 -47.44
CA PHE D 938 -235.25 -20.37 -46.13
C PHE D 938 -234.08 -19.89 -45.24
N MET D 939 -234.33 -19.71 -43.95
CA MET D 939 -233.29 -19.40 -42.96
C MET D 939 -233.04 -20.59 -42.02
N GLY D 940 -231.78 -20.84 -41.68
CA GLY D 940 -231.34 -21.87 -40.73
C GLY D 940 -230.67 -23.06 -41.41
N ARG D 941 -229.43 -23.39 -41.02
CA ARG D 941 -228.61 -24.41 -41.69
C ARG D 941 -229.15 -25.84 -41.53
N GLY D 942 -230.02 -26.11 -40.56
CA GLY D 942 -230.60 -27.43 -40.33
C GLY D 942 -231.71 -27.85 -41.29
N VAL D 943 -232.25 -26.95 -42.12
CA VAL D 943 -233.44 -27.20 -42.95
C VAL D 943 -233.22 -28.34 -43.97
N ASP D 944 -232.28 -28.24 -44.89
CA ASP D 944 -231.95 -29.33 -45.83
C ASP D 944 -230.54 -29.19 -46.40
N ARG D 945 -229.79 -30.28 -46.50
CA ARG D 945 -228.42 -30.27 -47.02
C ARG D 945 -228.28 -29.69 -48.44
N ASN D 946 -229.30 -29.77 -49.30
CA ASN D 946 -229.26 -29.16 -50.64
C ASN D 946 -229.23 -27.62 -50.61
N LEU D 947 -229.65 -27.00 -49.52
CA LEU D 947 -229.61 -25.55 -49.32
C LEU D 947 -228.25 -25.03 -48.79
N LEU D 948 -227.32 -25.91 -48.40
CA LEU D 948 -226.02 -25.54 -47.85
C LEU D 948 -225.04 -25.01 -48.91
N GLN D 949 -224.65 -23.74 -48.81
CA GLN D 949 -223.55 -23.14 -49.58
C GLN D 949 -222.19 -23.49 -48.99
N SER D 963 -228.30 -17.88 -53.43
CA SER D 963 -228.05 -17.17 -54.68
C SER D 963 -229.23 -16.26 -55.07
N MET D 964 -228.93 -15.17 -55.78
CA MET D 964 -229.92 -14.35 -56.49
C MET D 964 -230.80 -15.18 -57.46
N ARG D 965 -230.19 -16.13 -58.17
CA ARG D 965 -230.75 -16.69 -59.42
C ARG D 965 -231.28 -18.12 -59.33
N LYS D 966 -231.20 -18.78 -58.18
CA LYS D 966 -231.90 -20.05 -57.89
C LYS D 966 -232.68 -19.98 -56.58
N LYS D 967 -233.95 -20.35 -56.62
CA LYS D 967 -234.85 -20.47 -55.45
C LYS D 967 -235.42 -21.89 -55.34
N PHE D 968 -235.80 -22.31 -54.15
CA PHE D 968 -236.27 -23.66 -53.85
C PHE D 968 -237.68 -23.68 -53.25
N VAL D 969 -238.44 -24.73 -53.58
CA VAL D 969 -239.74 -25.11 -52.97
C VAL D 969 -239.69 -26.60 -52.60
N PHE D 970 -240.22 -27.01 -51.46
CA PHE D 970 -240.46 -28.44 -51.19
C PHE D 970 -241.80 -28.88 -51.79
N ALA D 971 -241.86 -29.99 -52.51
CA ALA D 971 -243.09 -30.50 -53.12
C ALA D 971 -243.28 -32.03 -52.95
N THR D 972 -244.47 -32.48 -52.52
CA THR D 972 -244.86 -33.91 -52.53
C THR D 972 -246.09 -34.10 -53.42
N PRO D 973 -246.09 -34.96 -54.45
CA PRO D 973 -247.26 -35.16 -55.33
C PRO D 973 -248.45 -35.86 -54.63
N THR D 974 -249.68 -35.58 -55.06
CA THR D 974 -250.90 -36.28 -54.58
C THR D 974 -251.58 -37.20 -55.61
N LEU D 975 -251.43 -36.97 -56.91
CA LEU D 975 -251.88 -37.92 -57.94
C LEU D 975 -251.12 -39.26 -57.81
N GLY D 976 -251.85 -40.36 -57.72
CA GLY D 976 -251.31 -41.70 -57.48
C GLY D 976 -251.03 -42.04 -56.03
N LEU D 977 -251.30 -41.12 -55.10
CA LEU D 977 -251.28 -41.36 -53.66
C LEU D 977 -252.72 -41.35 -53.11
N THR D 978 -253.39 -40.20 -53.13
CA THR D 978 -254.74 -40.01 -52.59
C THR D 978 -255.79 -39.67 -53.67
N VAL D 979 -255.36 -39.30 -54.88
CA VAL D 979 -256.22 -38.99 -56.04
C VAL D 979 -255.82 -39.87 -57.24
N LYS D 980 -256.81 -40.45 -57.93
CA LYS D 980 -256.59 -41.39 -59.05
C LYS D 980 -256.27 -40.66 -60.37
N ARG D 981 -255.27 -41.15 -61.13
CA ARG D 981 -254.93 -40.63 -62.48
C ARG D 981 -256.03 -40.90 -63.50
N ASP F 9 -186.56 38.92 -55.85
CA ASP F 9 -186.73 40.34 -56.16
C ASP F 9 -187.94 40.58 -57.09
N ASN F 10 -188.42 41.83 -57.22
CA ASN F 10 -189.65 42.16 -57.94
C ASN F 10 -189.63 43.54 -58.61
N LEU F 11 -190.54 43.75 -59.58
CA LEU F 11 -190.66 45.00 -60.35
C LEU F 11 -190.94 46.24 -59.47
N GLY F 12 -191.60 46.08 -58.33
CA GLY F 12 -191.85 47.16 -57.38
C GLY F 12 -190.57 47.67 -56.72
N SER F 13 -189.79 46.76 -56.12
CA SER F 13 -188.48 47.05 -55.53
C SER F 13 -187.51 47.72 -56.50
N GLN F 14 -187.55 47.33 -57.78
CA GLN F 14 -186.68 47.83 -58.85
C GLN F 14 -187.06 49.21 -59.42
N SER F 15 -188.30 49.68 -59.19
CA SER F 15 -188.76 50.98 -59.72
C SER F 15 -188.12 52.19 -59.02
N GLN F 16 -187.88 53.28 -59.75
CA GLN F 16 -187.18 54.47 -59.25
C GLN F 16 -188.12 55.52 -58.61
N PRO F 17 -187.62 56.35 -57.67
CA PRO F 17 -188.26 57.59 -57.23
C PRO F 17 -188.73 58.52 -58.37
N GLY F 18 -189.82 59.26 -58.15
CA GLY F 18 -190.35 60.24 -59.08
C GLY F 18 -191.60 60.98 -58.59
N PRO F 19 -192.18 61.86 -59.42
CA PRO F 19 -193.39 62.63 -59.11
C PRO F 19 -194.68 61.78 -59.16
N CYS F 20 -195.80 62.34 -58.71
CA CYS F 20 -197.12 61.69 -58.71
C CYS F 20 -197.80 61.64 -60.09
N GLY F 21 -197.36 62.46 -61.05
CA GLY F 21 -197.82 62.55 -62.43
C GLY F 21 -197.05 63.60 -63.23
N TYR F 22 -197.44 63.84 -64.48
CA TYR F 22 -196.89 64.87 -65.37
C TYR F 22 -197.97 65.62 -66.16
N ILE F 23 -197.74 66.90 -66.44
CA ILE F 23 -198.42 67.62 -67.53
C ILE F 23 -197.50 67.58 -68.76
N TYR F 24 -197.98 67.07 -69.89
CA TYR F 24 -197.30 67.14 -71.19
C TYR F 24 -197.83 68.30 -72.03
N PHE F 25 -196.93 69.04 -72.67
CA PHE F 25 -197.24 70.09 -73.66
C PHE F 25 -196.71 69.72 -75.04
N TYR F 26 -197.57 69.61 -76.06
CA TYR F 26 -197.20 69.24 -77.44
C TYR F 26 -197.39 70.42 -78.42
N PRO F 27 -196.42 70.71 -79.31
CA PRO F 27 -196.53 71.82 -80.26
C PRO F 27 -197.57 71.57 -81.36
N LEU F 28 -198.54 72.48 -81.49
CA LEU F 28 -199.63 72.35 -82.47
C LEU F 28 -199.17 72.41 -83.93
N ALA F 29 -198.05 73.08 -84.24
CA ALA F 29 -197.52 73.18 -85.59
C ALA F 29 -197.06 71.84 -86.20
N THR F 30 -196.62 70.87 -85.38
CA THR F 30 -196.03 69.60 -85.83
C THR F 30 -196.69 68.32 -85.31
N TYR F 31 -197.49 68.37 -84.24
CA TYR F 31 -198.10 67.19 -83.64
C TYR F 31 -199.17 66.54 -84.55
N PRO F 32 -199.24 65.18 -84.67
CA PRO F 32 -200.14 64.49 -85.60
C PRO F 32 -201.60 64.39 -85.08
N LEU F 33 -202.34 65.50 -85.11
CA LEU F 33 -203.69 65.64 -84.55
C LEU F 33 -204.73 64.67 -85.12
N ARG F 34 -204.70 64.34 -86.42
CA ARG F 34 -205.66 63.39 -87.01
C ARG F 34 -205.39 61.94 -86.62
N GLU F 35 -204.13 61.54 -86.38
CA GLU F 35 -203.82 60.22 -85.84
C GLU F 35 -204.36 60.03 -84.43
N VAL F 36 -204.06 60.94 -83.47
CA VAL F 36 -204.57 60.78 -82.10
C VAL F 36 -206.09 60.81 -82.04
N ALA F 37 -206.77 61.58 -82.89
CA ALA F 37 -208.22 61.60 -82.95
C ALA F 37 -208.84 60.22 -83.26
N THR F 38 -208.19 59.37 -84.07
CA THR F 38 -208.70 57.99 -84.33
C THR F 38 -208.62 57.06 -83.12
N LEU F 39 -207.75 57.34 -82.16
CA LEU F 39 -207.65 56.60 -80.90
C LEU F 39 -208.40 57.29 -79.74
N GLY F 40 -209.00 58.46 -79.94
CA GLY F 40 -209.62 59.28 -78.90
C GLY F 40 -211.13 59.08 -78.69
N THR F 41 -211.67 59.79 -77.69
CA THR F 41 -213.10 59.83 -77.32
C THR F 41 -213.76 61.19 -77.58
N GLY F 42 -213.34 61.91 -78.63
CA GLY F 42 -213.84 63.25 -78.94
C GLY F 42 -215.26 63.28 -79.51
N TYR F 43 -216.14 64.09 -78.94
CA TYR F 43 -217.47 64.41 -79.47
C TYR F 43 -217.52 65.85 -80.00
N ALA F 44 -218.49 66.22 -80.82
CA ALA F 44 -218.62 67.58 -81.35
C ALA F 44 -218.96 68.59 -80.24
N GLY F 45 -218.13 69.62 -80.07
CA GLY F 45 -218.26 70.63 -79.02
C GLY F 45 -217.51 70.33 -77.70
N HIS F 46 -216.70 69.27 -77.63
CA HIS F 46 -215.98 68.89 -76.40
C HIS F 46 -215.02 69.97 -75.88
N ARG F 47 -214.79 69.95 -74.57
CA ARG F 47 -213.79 70.79 -73.87
C ARG F 47 -212.68 69.95 -73.24
N CYS F 48 -212.87 68.63 -73.15
CA CYS F 48 -211.91 67.63 -72.73
C CYS F 48 -212.15 66.28 -73.45
N LEU F 49 -211.13 65.44 -73.59
CA LEU F 49 -211.25 64.05 -74.09
C LEU F 49 -210.12 63.14 -73.58
N THR F 50 -210.33 61.83 -73.67
CA THR F 50 -209.34 60.80 -73.34
C THR F 50 -208.70 60.18 -74.59
N VAL F 51 -207.43 59.84 -74.43
CA VAL F 51 -206.57 59.13 -75.39
C VAL F 51 -205.73 58.08 -74.63
N PRO F 52 -205.22 57.02 -75.29
CA PRO F 52 -204.36 56.04 -74.63
C PRO F 52 -202.95 56.57 -74.33
N LEU F 53 -202.30 56.06 -73.27
CA LEU F 53 -200.86 56.23 -73.02
C LEU F 53 -200.02 55.32 -73.94
N LEU F 54 -199.28 55.88 -74.89
CA LEU F 54 -198.45 55.17 -75.88
C LEU F 54 -197.09 55.86 -76.11
N CYS F 55 -196.02 55.08 -76.06
CA CYS F 55 -194.66 55.56 -76.37
C CYS F 55 -194.53 55.94 -77.85
N GLY F 56 -194.13 57.18 -78.13
CA GLY F 56 -193.95 57.69 -79.49
C GLY F 56 -195.13 58.45 -80.07
N ILE F 57 -196.25 58.61 -79.34
CA ILE F 57 -197.34 59.51 -79.75
C ILE F 57 -197.97 60.30 -78.59
N THR F 58 -198.09 59.77 -77.38
CA THR F 58 -198.59 60.53 -76.22
C THR F 58 -197.58 60.64 -75.09
N VAL F 59 -196.59 59.75 -74.96
CA VAL F 59 -195.41 59.90 -74.09
C VAL F 59 -194.13 59.59 -74.85
N GLU F 60 -192.97 60.03 -74.36
CA GLU F 60 -191.68 59.79 -75.03
C GLU F 60 -191.25 58.32 -74.94
N PRO F 61 -190.47 57.81 -75.90
CA PRO F 61 -189.88 56.47 -75.81
C PRO F 61 -189.11 56.26 -74.50
N GLY F 62 -189.26 55.08 -73.90
CA GLY F 62 -188.61 54.73 -72.64
C GLY F 62 -189.31 55.24 -71.37
N PHE F 63 -190.56 55.72 -71.46
CA PHE F 63 -191.37 56.09 -70.31
C PHE F 63 -191.50 54.93 -69.30
N SER F 64 -191.22 55.19 -68.03
CA SER F 64 -191.39 54.21 -66.95
C SER F 64 -192.84 54.16 -66.48
N ILE F 65 -193.55 53.06 -66.74
CA ILE F 65 -194.93 52.88 -66.24
C ILE F 65 -195.00 52.54 -64.75
N ASN F 66 -193.93 52.05 -64.13
CA ASN F 66 -193.84 51.78 -62.68
C ASN F 66 -192.93 52.80 -62.00
N VAL F 67 -193.31 53.33 -60.83
CA VAL F 67 -192.54 54.34 -60.08
C VAL F 67 -192.71 54.20 -58.57
N LYS F 68 -191.75 54.73 -57.81
CA LYS F 68 -191.94 55.11 -56.41
C LYS F 68 -192.31 56.60 -56.35
N ALA F 69 -193.56 56.93 -56.04
CA ALA F 69 -194.02 58.31 -56.00
C ALA F 69 -193.70 58.98 -54.65
N LEU F 70 -193.00 60.11 -54.65
CA LEU F 70 -192.80 60.94 -53.45
C LEU F 70 -194.06 61.74 -53.14
N HIS F 71 -194.82 61.33 -52.12
CA HIS F 71 -196.16 61.87 -51.89
C HIS F 71 -196.37 62.62 -50.56
N ARG F 72 -195.51 62.42 -49.56
CA ARG F 72 -195.59 63.08 -48.25
C ARG F 72 -194.21 63.41 -47.70
N ARG F 73 -194.02 64.62 -47.18
CA ARG F 73 -192.86 64.95 -46.31
C ARG F 73 -193.38 65.19 -44.88
N PRO F 74 -193.21 64.23 -43.93
CA PRO F 74 -193.65 64.41 -42.54
C PRO F 74 -193.01 65.61 -41.84
N ASP F 75 -191.78 65.95 -42.21
CA ASP F 75 -191.09 67.21 -41.96
C ASP F 75 -190.18 67.51 -43.15
N PRO F 76 -189.65 68.74 -43.31
CA PRO F 76 -188.80 69.15 -44.45
C PRO F 76 -187.56 68.27 -44.75
N ASN F 77 -187.19 67.34 -43.88
CA ASN F 77 -185.98 66.52 -43.96
C ASN F 77 -186.24 65.02 -44.15
N CYS F 78 -187.50 64.58 -44.31
CA CYS F 78 -187.85 63.18 -44.57
C CYS F 78 -188.88 63.05 -45.69
N GLY F 79 -188.69 62.11 -46.61
CA GLY F 79 -189.67 61.75 -47.65
C GLY F 79 -190.28 60.37 -47.47
N LEU F 80 -191.55 60.22 -47.84
CA LEU F 80 -192.22 58.92 -47.93
C LEU F 80 -192.52 58.52 -49.38
N LEU F 81 -192.30 57.24 -49.72
CA LEU F 81 -192.46 56.68 -51.07
C LEU F 81 -193.59 55.64 -51.14
N ARG F 82 -194.45 55.78 -52.16
CA ARG F 82 -195.51 54.82 -52.51
C ARG F 82 -195.20 54.18 -53.86
N ALA F 83 -195.14 52.86 -53.95
CA ALA F 83 -194.95 52.15 -55.22
C ALA F 83 -196.28 52.03 -55.98
N THR F 84 -196.32 52.51 -57.23
CA THR F 84 -197.54 52.53 -58.05
C THR F 84 -197.19 52.46 -59.53
N SER F 85 -198.04 51.81 -60.32
CA SER F 85 -198.07 51.97 -61.77
C SER F 85 -198.87 53.21 -62.21
N TYR F 86 -198.68 53.63 -63.45
CA TYR F 86 -199.47 54.67 -64.12
C TYR F 86 -200.93 54.26 -64.39
N HIS F 87 -201.82 55.24 -64.46
CA HIS F 87 -203.14 55.06 -65.05
C HIS F 87 -203.05 54.94 -66.57
N ARG F 88 -203.83 54.04 -67.14
CA ARG F 88 -203.85 53.67 -68.56
C ARG F 88 -204.27 54.79 -69.54
N ASP F 89 -205.18 55.68 -69.15
CA ASP F 89 -205.67 56.79 -69.98
C ASP F 89 -204.96 58.12 -69.69
N ILE F 90 -204.77 58.93 -70.72
CA ILE F 90 -204.32 60.32 -70.68
C ILE F 90 -205.50 61.26 -70.96
N TYR F 91 -205.63 62.32 -70.17
CA TYR F 91 -206.71 63.32 -70.26
C TYR F 91 -206.22 64.63 -70.92
N VAL F 92 -206.76 64.98 -72.08
CA VAL F 92 -206.39 66.13 -72.91
C VAL F 92 -207.31 67.33 -72.61
N PHE F 93 -206.81 68.38 -71.95
CA PHE F 93 -207.64 69.40 -71.30
C PHE F 93 -207.40 70.86 -71.75
N HIS F 94 -206.26 71.20 -72.35
CA HIS F 94 -205.92 72.56 -72.82
C HIS F 94 -205.79 72.60 -74.35
N ASN F 95 -206.51 73.50 -75.03
CA ASN F 95 -206.70 73.57 -76.49
C ASN F 95 -207.31 72.30 -77.12
N ALA F 96 -208.10 71.53 -76.36
CA ALA F 96 -208.70 70.27 -76.80
C ALA F 96 -209.59 70.36 -78.05
N HIS F 97 -210.14 71.54 -78.36
CA HIS F 97 -210.88 71.83 -79.60
C HIS F 97 -210.06 71.60 -80.89
N MET F 98 -208.73 71.59 -80.80
CA MET F 98 -207.82 71.28 -81.90
C MET F 98 -207.76 69.79 -82.29
N VAL F 99 -208.22 68.86 -81.44
CA VAL F 99 -208.29 67.43 -81.76
C VAL F 99 -209.66 67.12 -82.40
N PRO F 100 -209.74 66.59 -83.63
CA PRO F 100 -211.02 66.22 -84.25
C PRO F 100 -211.87 65.21 -83.43
N PRO F 101 -213.21 65.27 -83.51
CA PRO F 101 -214.07 64.27 -82.89
C PRO F 101 -213.99 62.91 -83.59
N ILE F 102 -214.27 61.82 -82.87
CA ILE F 102 -214.40 60.45 -83.41
C ILE F 102 -215.77 60.21 -84.08
N PHE F 103 -216.81 60.96 -83.68
CA PHE F 103 -218.19 60.86 -84.16
C PHE F 103 -218.79 62.24 -84.43
N GLU F 104 -219.47 62.42 -85.56
CA GLU F 104 -219.91 63.75 -86.02
C GLU F 104 -221.29 64.19 -85.50
N GLY F 105 -222.11 63.29 -84.96
CA GLY F 105 -223.47 63.60 -84.56
C GLY F 105 -223.55 64.63 -83.43
N PRO F 106 -224.39 65.69 -83.55
CA PRO F 106 -224.53 66.74 -82.54
C PRO F 106 -225.44 66.37 -81.35
N GLY F 107 -225.40 67.17 -80.29
CA GLY F 107 -226.37 67.15 -79.17
C GLY F 107 -226.15 66.12 -78.05
N LEU F 108 -224.97 65.48 -77.96
CA LEU F 108 -224.77 64.36 -77.03
C LEU F 108 -224.68 64.78 -75.56
N GLU F 109 -224.16 65.97 -75.29
CA GLU F 109 -223.94 66.44 -73.92
C GLU F 109 -225.25 66.69 -73.15
N ALA F 110 -226.25 67.28 -73.80
CA ALA F 110 -227.60 67.48 -73.27
C ALA F 110 -228.38 66.16 -73.12
N LEU F 111 -228.27 65.25 -74.10
CA LEU F 111 -228.87 63.92 -74.02
C LEU F 111 -228.35 63.11 -72.82
N CYS F 112 -227.04 63.13 -72.60
CA CYS F 112 -226.41 62.52 -71.42
C CYS F 112 -226.91 63.15 -70.11
N GLY F 113 -227.04 64.47 -70.06
CA GLY F 113 -227.48 65.22 -68.87
C GLY F 113 -228.92 64.91 -68.47
N GLU F 114 -229.82 64.87 -69.45
CA GLU F 114 -231.22 64.51 -69.28
C GLU F 114 -231.38 63.06 -68.79
N THR F 115 -230.65 62.11 -69.40
CA THR F 115 -230.78 60.68 -69.09
C THR F 115 -230.17 60.32 -67.73
N ARG F 116 -229.08 60.98 -67.31
CA ARG F 116 -228.48 60.82 -65.98
C ARG F 116 -229.47 61.18 -64.86
N GLU F 117 -230.30 62.19 -65.07
CA GLU F 117 -231.29 62.64 -64.09
C GLU F 117 -232.45 61.65 -63.94
N VAL F 118 -233.01 61.10 -65.02
CA VAL F 118 -234.13 60.13 -64.92
C VAL F 118 -233.72 58.80 -64.26
N PHE F 119 -232.46 58.37 -64.41
CA PHE F 119 -231.92 57.21 -63.67
C PHE F 119 -231.47 57.55 -62.23
N GLY F 120 -231.56 58.80 -61.80
CA GLY F 120 -231.23 59.24 -60.45
C GLY F 120 -229.73 59.34 -60.16
N TYR F 121 -228.86 59.46 -61.17
CA TYR F 121 -227.41 59.53 -61.01
C TYR F 121 -226.87 60.94 -60.71
N ASP F 122 -225.81 60.97 -59.92
CA ASP F 122 -225.08 62.15 -59.47
C ASP F 122 -224.24 62.81 -60.59
N ALA F 123 -224.50 64.08 -60.93
CA ALA F 123 -223.70 64.89 -61.85
C ALA F 123 -222.44 65.49 -61.20
N TYR F 124 -221.40 65.83 -61.97
CA TYR F 124 -220.21 66.47 -61.40
C TYR F 124 -220.54 67.84 -60.80
N SER F 125 -220.17 68.07 -59.54
CA SER F 125 -220.30 69.37 -58.88
C SER F 125 -218.93 70.04 -58.78
N ALA F 126 -218.78 71.19 -59.42
CA ALA F 126 -217.54 71.95 -59.48
C ALA F 126 -217.15 72.55 -58.12
N LEU F 127 -215.84 72.67 -57.86
CA LEU F 127 -215.30 73.44 -56.73
C LEU F 127 -215.70 74.93 -56.85
N PRO F 128 -215.73 75.70 -55.75
CA PRO F 128 -216.05 77.14 -55.79
C PRO F 128 -214.94 78.03 -56.37
N ARG F 129 -213.68 77.58 -56.46
CA ARG F 129 -212.60 78.28 -57.19
C ARG F 129 -212.77 78.25 -58.71
N GLU F 130 -212.11 79.15 -59.42
CA GLU F 130 -211.84 79.01 -60.87
C GLU F 130 -210.80 77.91 -61.17
N SER F 131 -210.83 77.37 -62.39
CA SER F 131 -209.70 76.61 -62.97
C SER F 131 -208.37 77.38 -62.97
N SER F 132 -207.26 76.68 -62.78
CA SER F 132 -205.90 77.23 -62.88
C SER F 132 -205.68 77.93 -64.21
N LYS F 133 -205.24 79.19 -64.19
CA LYS F 133 -204.87 79.96 -65.36
C LYS F 133 -203.58 79.40 -66.00
N PRO F 134 -203.40 79.45 -67.33
CA PRO F 134 -202.22 78.91 -68.01
C PRO F 134 -200.89 79.33 -67.39
N GLY F 135 -200.70 80.62 -67.10
CA GLY F 135 -199.47 81.14 -66.49
C GLY F 135 -199.09 80.53 -65.12
N ASP F 136 -200.01 79.84 -64.45
CA ASP F 136 -199.73 79.10 -63.21
C ASP F 136 -199.07 77.73 -63.43
N PHE F 137 -199.31 77.06 -64.56
CA PHE F 137 -198.83 75.68 -64.79
C PHE F 137 -197.94 75.52 -66.03
N PHE F 138 -197.96 76.46 -66.99
CA PHE F 138 -197.03 76.48 -68.11
C PHE F 138 -195.58 76.74 -67.68
N PRO F 139 -194.58 76.09 -68.31
CA PRO F 139 -193.17 76.49 -68.24
C PRO F 139 -192.95 77.97 -68.62
N GLU F 140 -191.82 78.53 -68.21
CA GLU F 140 -191.39 79.89 -68.56
C GLU F 140 -191.23 80.10 -70.08
N GLY F 141 -191.87 81.14 -70.61
CA GLY F 141 -191.69 81.61 -71.99
C GLY F 141 -192.52 80.93 -73.08
N LEU F 142 -193.03 79.70 -72.87
CA LEU F 142 -193.93 79.06 -73.82
C LEU F 142 -195.28 79.80 -73.93
N ASP F 143 -195.75 80.00 -75.15
CA ASP F 143 -197.03 80.60 -75.47
C ASP F 143 -198.20 79.59 -75.30
N PRO F 144 -199.17 79.84 -74.40
CA PRO F 144 -200.31 78.94 -74.22
C PRO F 144 -201.14 78.69 -75.48
N SER F 145 -201.18 79.62 -76.44
CA SER F 145 -201.92 79.44 -77.70
C SER F 145 -201.25 78.49 -78.69
N ALA F 146 -199.96 78.18 -78.52
CA ALA F 146 -199.16 77.37 -79.44
C ALA F 146 -199.11 75.86 -79.10
N TYR F 147 -199.64 75.45 -77.94
CA TYR F 147 -199.49 74.09 -77.41
C TYR F 147 -200.81 73.40 -77.05
N LEU F 148 -200.83 72.07 -77.13
CA LEU F 148 -201.88 71.18 -76.64
C LEU F 148 -201.46 70.64 -75.26
N GLY F 149 -202.34 70.69 -74.24
CA GLY F 149 -202.01 70.25 -72.87
C GLY F 149 -202.79 69.02 -72.37
N ALA F 150 -202.09 68.05 -71.78
CA ALA F 150 -202.68 66.79 -71.31
C ALA F 150 -201.99 66.26 -70.04
N VAL F 151 -202.70 65.52 -69.18
CA VAL F 151 -202.20 64.93 -67.93
C VAL F 151 -202.01 63.41 -68.04
N ALA F 152 -200.84 62.93 -67.61
CA ALA F 152 -200.57 61.52 -67.28
C ALA F 152 -200.49 61.38 -65.76
N ILE F 153 -201.16 60.40 -65.16
CA ILE F 153 -201.38 60.32 -63.71
C ILE F 153 -201.13 58.92 -63.16
N THR F 154 -200.57 58.81 -61.96
CA THR F 154 -200.40 57.51 -61.31
C THR F 154 -201.70 56.99 -60.71
N GLU F 155 -201.88 55.67 -60.74
CA GLU F 155 -203.15 55.00 -60.36
C GLU F 155 -203.54 55.24 -58.90
N ALA F 156 -202.58 55.45 -57.99
CA ALA F 156 -202.79 55.73 -56.57
C ALA F 156 -203.19 57.18 -56.23
N PHE F 157 -202.90 58.17 -57.09
CA PHE F 157 -203.13 59.60 -56.86
C PHE F 157 -204.11 60.27 -57.85
N LYS F 158 -204.84 59.51 -58.67
CA LYS F 158 -205.85 60.03 -59.61
C LYS F 158 -207.08 60.66 -58.93
N GLU F 159 -207.49 60.24 -57.74
CA GLU F 159 -208.55 60.96 -57.01
C GLU F 159 -208.06 62.33 -56.50
N ARG F 160 -206.78 62.45 -56.15
CA ARG F 160 -206.15 63.74 -55.79
C ARG F 160 -206.12 64.71 -56.98
N LEU F 161 -205.91 64.21 -58.21
CA LEU F 161 -206.05 65.00 -59.44
C LEU F 161 -207.48 65.53 -59.60
N TYR F 162 -208.47 64.65 -59.48
CA TYR F 162 -209.89 64.98 -59.52
C TYR F 162 -210.27 66.05 -58.49
N SER F 163 -209.79 65.94 -57.25
CA SER F 163 -210.16 66.80 -56.12
C SER F 163 -209.36 68.11 -56.01
N GLY F 164 -208.39 68.36 -56.91
CA GLY F 164 -207.63 69.62 -56.94
C GLY F 164 -206.52 69.72 -55.89
N ASN F 165 -205.99 68.59 -55.44
CA ASN F 165 -205.01 68.47 -54.35
C ASN F 165 -203.55 68.22 -54.83
N LEU F 166 -203.26 68.22 -56.12
CA LEU F 166 -201.89 68.20 -56.65
C LEU F 166 -201.34 69.61 -56.87
N VAL F 167 -200.02 69.74 -56.87
CA VAL F 167 -199.25 70.95 -57.15
C VAL F 167 -198.38 70.72 -58.39
N ALA F 168 -198.42 71.62 -59.37
CA ALA F 168 -197.49 71.64 -60.51
C ALA F 168 -196.27 72.53 -60.21
N ILE F 169 -195.08 72.12 -60.64
CA ILE F 169 -193.81 72.86 -60.40
C ILE F 169 -193.11 73.20 -61.72
N PRO F 170 -193.54 74.26 -62.44
CA PRO F 170 -192.99 74.65 -63.74
C PRO F 170 -191.47 74.81 -63.84
N SER F 171 -190.76 75.16 -62.76
CA SER F 171 -189.29 75.31 -62.79
C SER F 171 -188.57 73.98 -63.04
N LEU F 172 -189.18 72.86 -62.67
CA LEU F 172 -188.67 71.52 -62.90
C LEU F 172 -188.99 70.93 -64.29
N LYS F 173 -189.26 71.77 -65.30
CA LYS F 173 -189.54 71.33 -66.68
C LYS F 173 -188.44 70.41 -67.23
N GLN F 174 -188.84 69.49 -68.09
CA GLN F 174 -187.94 68.63 -68.86
C GLN F 174 -188.37 68.62 -70.33
N GLU F 175 -187.41 68.70 -71.26
CA GLU F 175 -187.68 68.69 -72.70
C GLU F 175 -187.53 67.27 -73.25
N VAL F 176 -188.54 66.80 -73.98
CA VAL F 176 -188.71 65.40 -74.40
C VAL F 176 -189.19 65.31 -75.84
N ALA F 177 -188.71 64.33 -76.60
CA ALA F 177 -189.15 64.08 -77.97
C ALA F 177 -190.32 63.08 -77.98
N VAL F 178 -191.48 63.46 -78.54
CA VAL F 178 -192.66 62.59 -78.65
C VAL F 178 -192.95 62.35 -80.13
N GLY F 179 -192.46 61.22 -80.64
CA GLY F 179 -192.37 60.99 -82.09
C GLY F 179 -191.41 62.01 -82.72
N GLN F 180 -191.89 62.77 -83.71
CA GLN F 180 -191.11 63.89 -84.28
C GLN F 180 -191.13 65.16 -83.41
N SER F 181 -192.17 65.36 -82.59
CA SER F 181 -192.47 66.67 -81.99
C SER F 181 -191.63 66.98 -80.75
N ALA F 182 -190.98 68.14 -80.74
CA ALA F 182 -190.27 68.68 -79.59
C ALA F 182 -191.25 69.12 -78.50
N SER F 183 -191.44 68.30 -77.47
CA SER F 183 -192.44 68.50 -76.42
C SER F 183 -191.81 68.88 -75.08
N VAL F 184 -192.62 69.27 -74.09
CA VAL F 184 -192.14 69.60 -72.74
C VAL F 184 -193.01 68.89 -71.70
N ARG F 185 -192.47 68.48 -70.56
CA ARG F 185 -193.26 68.02 -69.42
C ARG F 185 -192.93 68.75 -68.11
N VAL F 186 -193.94 68.93 -67.26
CA VAL F 186 -193.85 69.52 -65.90
C VAL F 186 -194.33 68.49 -64.89
N PRO F 187 -193.64 68.26 -63.76
CA PRO F 187 -194.07 67.28 -62.76
C PRO F 187 -195.26 67.75 -61.89
N LEU F 188 -196.02 66.80 -61.35
CA LEU F 188 -197.08 67.00 -60.36
C LEU F 188 -196.73 66.30 -59.02
N TYR F 189 -196.89 66.99 -57.90
CA TYR F 189 -196.68 66.45 -56.55
C TYR F 189 -197.93 66.64 -55.65
N ASP F 190 -198.26 65.69 -54.79
CA ASP F 190 -199.35 65.86 -53.81
C ASP F 190 -199.03 67.00 -52.82
N LYS F 191 -200.00 67.87 -52.49
CA LYS F 191 -199.79 68.99 -51.57
C LYS F 191 -199.22 68.59 -50.19
N GLU F 192 -199.32 67.32 -49.80
CA GLU F 192 -198.67 66.76 -48.61
C GLU F 192 -197.13 66.69 -48.66
N VAL F 193 -196.47 67.00 -49.79
CA VAL F 193 -195.02 67.25 -49.80
C VAL F 193 -194.63 68.64 -49.30
N PHE F 194 -195.59 69.52 -48.98
CA PHE F 194 -195.33 70.84 -48.41
C PHE F 194 -195.94 70.96 -47.00
N PRO F 195 -195.26 70.44 -45.95
CA PRO F 195 -195.78 70.47 -44.58
C PRO F 195 -196.09 71.87 -44.03
N GLU F 196 -195.39 72.93 -44.48
CA GLU F 196 -195.71 74.31 -44.08
C GLU F 196 -196.91 74.91 -44.83
N GLY F 197 -197.46 74.19 -45.80
CA GLY F 197 -198.58 74.58 -46.66
C GLY F 197 -198.18 75.39 -47.90
N VAL F 198 -199.00 75.28 -48.93
CA VAL F 198 -199.03 76.17 -50.13
C VAL F 198 -200.42 76.82 -50.23
N PRO F 199 -200.57 78.06 -50.74
CA PRO F 199 -201.88 78.71 -50.87
C PRO F 199 -202.89 77.89 -51.70
N GLN F 200 -204.18 77.92 -51.36
CA GLN F 200 -205.19 77.10 -52.03
C GLN F 200 -205.26 77.31 -53.55
N LEU F 201 -205.01 78.54 -54.05
CA LEU F 201 -204.94 78.80 -55.50
C LEU F 201 -203.62 78.39 -56.18
N ARG F 202 -202.58 78.03 -55.42
CA ARG F 202 -201.31 77.49 -55.96
C ARG F 202 -201.40 76.01 -56.35
N GLN F 203 -202.40 75.29 -55.87
CA GLN F 203 -202.76 73.93 -56.29
C GLN F 203 -203.35 73.90 -57.71
N PHE F 204 -203.17 72.80 -58.43
CA PHE F 204 -203.64 72.63 -59.80
C PHE F 204 -205.09 72.13 -59.85
N TYR F 205 -205.96 72.85 -60.55
CA TYR F 205 -207.35 72.43 -60.77
C TYR F 205 -207.83 72.75 -62.18
N ASN F 206 -208.51 71.81 -62.84
CA ASN F 206 -209.25 72.09 -64.06
C ASN F 206 -210.63 71.43 -64.03
N SER F 207 -211.68 72.23 -64.10
CA SER F 207 -213.05 71.77 -63.97
C SER F 207 -213.49 70.87 -65.14
N ASP F 208 -213.04 71.12 -66.37
CA ASP F 208 -213.37 70.26 -67.51
C ASP F 208 -212.70 68.88 -67.40
N LEU F 209 -211.45 68.81 -66.91
CA LEU F 209 -210.77 67.56 -66.62
C LEU F 209 -211.49 66.75 -65.53
N SER F 210 -211.84 67.38 -64.39
CA SER F 210 -212.53 66.68 -63.31
C SER F 210 -213.92 66.17 -63.74
N ARG F 211 -214.70 66.97 -64.47
CA ARG F 211 -215.97 66.54 -65.08
C ARG F 211 -215.80 65.37 -66.06
N CYS F 212 -214.79 65.37 -66.92
CA CYS F 212 -214.50 64.26 -67.80
C CYS F 212 -214.21 62.95 -67.04
N MET F 213 -213.34 62.97 -66.02
CA MET F 213 -213.12 61.82 -65.13
C MET F 213 -214.39 61.33 -64.42
N HIS F 214 -215.25 62.24 -63.95
CA HIS F 214 -216.52 61.89 -63.30
C HIS F 214 -217.38 61.00 -64.18
N GLU F 215 -217.54 61.40 -65.44
CA GLU F 215 -218.37 60.74 -66.43
C GLU F 215 -217.69 59.51 -67.05
N ALA F 216 -216.48 59.65 -67.59
CA ALA F 216 -215.81 58.60 -68.35
C ALA F 216 -215.11 57.55 -67.49
N LEU F 217 -214.73 57.82 -66.24
CA LEU F 217 -214.09 56.86 -65.34
C LEU F 217 -215.00 56.39 -64.20
N TYR F 218 -215.37 57.28 -63.29
CA TYR F 218 -215.98 56.89 -62.00
C TYR F 218 -217.43 56.43 -62.10
N THR F 219 -218.24 56.98 -63.01
CA THR F 219 -219.65 56.60 -63.15
C THR F 219 -219.83 55.12 -63.53
N GLY F 220 -218.96 54.55 -64.38
CA GLY F 220 -219.01 53.15 -64.74
C GLY F 220 -218.61 52.21 -63.60
N LEU F 221 -217.70 52.62 -62.72
CA LEU F 221 -217.33 51.89 -61.50
C LEU F 221 -218.48 51.87 -60.49
N ALA F 222 -219.19 53.00 -60.35
CA ALA F 222 -220.42 53.08 -59.56
C ALA F 222 -221.53 52.16 -60.11
N GLN F 223 -221.76 52.15 -61.43
CA GLN F 223 -222.68 51.22 -62.07
C GLN F 223 -222.32 49.74 -61.81
N ALA F 224 -221.04 49.36 -61.84
CA ALA F 224 -220.59 48.01 -61.50
C ALA F 224 -220.84 47.57 -60.04
N LEU F 225 -221.02 48.49 -59.10
CA LEU F 225 -221.36 48.24 -57.69
C LEU F 225 -222.86 48.44 -57.37
N ARG F 226 -223.66 48.94 -58.33
CA ARG F 226 -225.05 49.43 -58.16
C ARG F 226 -225.16 50.54 -57.10
N VAL F 227 -224.30 51.55 -57.21
CA VAL F 227 -224.27 52.81 -56.44
C VAL F 227 -224.63 53.99 -57.35
N ARG F 228 -225.47 54.94 -56.90
CA ARG F 228 -225.85 56.17 -57.64
C ARG F 228 -225.03 57.43 -57.29
N ARG F 229 -224.52 57.48 -56.06
CA ARG F 229 -223.77 58.61 -55.46
C ARG F 229 -222.30 58.58 -55.86
N VAL F 230 -221.99 59.01 -57.09
CA VAL F 230 -220.65 58.92 -57.70
C VAL F 230 -219.62 59.76 -56.94
N GLY F 231 -219.95 60.99 -56.55
CA GLY F 231 -219.05 61.88 -55.81
C GLY F 231 -218.62 61.33 -54.45
N LYS F 232 -219.52 60.67 -53.72
CA LYS F 232 -219.21 59.92 -52.49
C LYS F 232 -218.38 58.67 -52.72
N LEU F 233 -218.55 57.95 -53.84
CA LEU F 233 -217.62 56.88 -54.23
C LEU F 233 -216.20 57.42 -54.48
N VAL F 234 -216.03 58.57 -55.15
CA VAL F 234 -214.70 59.16 -55.35
C VAL F 234 -214.03 59.54 -54.02
N GLU F 235 -214.77 60.15 -53.09
CA GLU F 235 -214.25 60.50 -51.76
C GLU F 235 -213.77 59.29 -50.97
N LEU F 236 -214.52 58.17 -50.95
CA LEU F 236 -214.09 56.99 -50.21
C LEU F 236 -212.91 56.24 -50.87
N LEU F 237 -212.75 56.28 -52.20
CA LEU F 237 -211.56 55.74 -52.88
C LEU F 237 -210.30 56.56 -52.56
N GLU F 238 -210.40 57.89 -52.47
CA GLU F 238 -209.26 58.76 -52.09
C GLU F 238 -208.74 58.44 -50.68
N LYS F 239 -209.63 58.42 -49.68
CA LYS F 239 -209.28 58.10 -48.30
C LYS F 239 -208.75 56.67 -48.14
N GLN F 240 -209.24 55.71 -48.92
CA GLN F 240 -208.68 54.36 -48.95
C GLN F 240 -207.22 54.35 -49.45
N SER F 241 -206.88 55.17 -50.44
CA SER F 241 -205.50 55.27 -50.94
C SER F 241 -204.57 55.99 -49.95
N LEU F 242 -205.00 57.10 -49.34
CA LEU F 242 -204.11 57.94 -48.52
C LEU F 242 -204.02 57.57 -47.04
N GLN F 243 -205.00 56.85 -46.49
CA GLN F 243 -205.12 56.56 -45.06
C GLN F 243 -205.25 55.05 -44.76
N ASP F 244 -204.84 54.19 -45.71
CA ASP F 244 -204.70 52.73 -45.57
C ASP F 244 -205.98 51.97 -45.13
N GLN F 245 -207.17 52.44 -45.49
CA GLN F 245 -208.46 51.95 -44.98
C GLN F 245 -208.97 50.64 -45.64
N ALA F 246 -208.12 49.83 -46.28
CA ALA F 246 -208.55 48.65 -47.03
C ALA F 246 -209.34 47.61 -46.20
N LYS F 247 -209.00 47.40 -44.93
CA LYS F 247 -209.72 46.47 -44.01
C LYS F 247 -210.90 47.10 -43.26
N VAL F 248 -211.29 48.34 -43.56
CA VAL F 248 -212.45 49.03 -42.96
C VAL F 248 -213.63 49.02 -43.95
N ALA F 249 -214.83 48.65 -43.51
CA ALA F 249 -216.03 48.69 -44.35
C ALA F 249 -216.43 50.16 -44.66
N LYS F 250 -216.86 50.44 -45.89
CA LYS F 250 -217.07 51.81 -46.38
C LYS F 250 -218.16 52.01 -47.44
N VAL F 251 -218.44 51.06 -48.32
CA VAL F 251 -219.49 51.23 -49.35
C VAL F 251 -220.89 50.90 -48.87
N ALA F 252 -221.07 50.08 -47.83
CA ALA F 252 -222.39 49.60 -47.41
C ALA F 252 -223.47 50.69 -47.24
N PRO F 253 -223.21 51.88 -46.66
CA PRO F 253 -224.19 52.97 -46.59
C PRO F 253 -224.73 53.47 -47.93
N LEU F 254 -223.95 53.40 -49.00
CA LEU F 254 -224.34 53.86 -50.34
C LEU F 254 -225.21 52.84 -51.12
N LYS F 255 -225.33 51.60 -50.64
CA LYS F 255 -226.08 50.52 -51.32
C LYS F 255 -227.59 50.78 -51.38
N GLU F 256 -228.23 50.17 -52.37
CA GLU F 256 -229.66 50.25 -52.65
C GLU F 256 -230.17 48.91 -53.20
N PHE F 257 -231.42 48.55 -52.90
CA PHE F 257 -231.97 47.22 -53.18
C PHE F 257 -233.32 47.26 -53.90
N PRO F 258 -233.61 46.36 -54.84
CA PRO F 258 -234.89 46.25 -55.53
C PRO F 258 -235.94 45.46 -54.73
N ALA F 259 -237.21 45.55 -55.13
CA ALA F 259 -238.34 44.89 -54.49
C ALA F 259 -238.24 43.35 -54.45
N SER F 260 -237.59 42.72 -55.44
CA SER F 260 -237.32 41.27 -55.45
C SER F 260 -236.36 40.84 -54.33
N THR F 261 -235.45 41.72 -53.89
CA THR F 261 -234.57 41.48 -52.73
C THR F 261 -235.27 41.81 -51.41
N ILE F 262 -236.05 42.90 -51.34
CA ILE F 262 -236.75 43.32 -50.11
C ILE F 262 -237.89 42.35 -49.74
N SER F 263 -238.62 41.80 -50.73
CA SER F 263 -239.71 40.84 -50.53
C SER F 263 -239.25 39.38 -50.32
N HIS F 264 -237.94 39.11 -50.38
CA HIS F 264 -237.38 37.77 -50.35
C HIS F 264 -237.47 37.11 -48.96
N PRO F 265 -237.76 35.80 -48.85
CA PRO F 265 -237.79 35.11 -47.56
C PRO F 265 -236.45 35.14 -46.80
N ASP F 266 -235.32 35.14 -47.52
CA ASP F 266 -233.97 35.30 -46.99
C ASP F 266 -233.40 36.73 -47.14
N SER F 267 -234.24 37.76 -47.28
CA SER F 267 -233.83 39.13 -47.60
C SER F 267 -232.73 39.69 -46.67
N GLY F 268 -232.76 39.40 -45.37
CA GLY F 268 -231.75 39.88 -44.42
C GLY F 268 -230.34 39.33 -44.70
N ALA F 269 -230.23 38.04 -45.03
CA ALA F 269 -228.97 37.41 -45.44
C ALA F 269 -228.53 37.86 -46.85
N LEU F 270 -229.46 38.04 -47.77
CA LEU F 270 -229.18 38.54 -49.10
C LEU F 270 -228.62 39.97 -49.09
N MET F 271 -229.18 40.88 -48.30
CA MET F 271 -228.64 42.24 -48.16
C MET F 271 -227.23 42.26 -47.57
N ILE F 272 -226.88 41.38 -46.64
CA ILE F 272 -225.53 41.22 -46.10
C ILE F 272 -224.56 40.65 -47.15
N VAL F 273 -224.93 39.60 -47.88
CA VAL F 273 -224.05 38.99 -48.90
C VAL F 273 -223.77 39.94 -50.08
N ASP F 274 -224.79 40.60 -50.61
CA ASP F 274 -224.67 41.61 -51.69
C ASP F 274 -223.78 42.80 -51.27
N SER F 275 -223.94 43.29 -50.03
CA SER F 275 -223.10 44.37 -49.48
C SER F 275 -221.64 43.92 -49.27
N ALA F 276 -221.39 42.76 -48.68
CA ALA F 276 -220.05 42.27 -48.42
C ALA F 276 -219.25 41.97 -49.70
N ALA F 277 -219.90 41.43 -50.75
CA ALA F 277 -219.29 41.26 -52.06
C ALA F 277 -218.80 42.59 -52.67
N CYS F 278 -219.59 43.66 -52.58
CA CYS F 278 -219.19 44.98 -53.07
C CYS F 278 -218.05 45.58 -52.24
N GLU F 279 -218.09 45.47 -50.90
CA GLU F 279 -216.99 45.92 -50.03
C GLU F 279 -215.66 45.26 -50.41
N LEU F 280 -215.65 43.94 -50.63
CA LEU F 280 -214.47 43.18 -51.02
C LEU F 280 -213.94 43.60 -52.40
N ALA F 281 -214.81 43.82 -53.39
CA ALA F 281 -214.39 44.33 -54.70
C ALA F 281 -213.72 45.71 -54.60
N VAL F 282 -214.26 46.63 -53.78
CA VAL F 282 -213.64 47.94 -53.52
C VAL F 282 -212.33 47.84 -52.70
N SER F 283 -212.17 46.88 -51.80
CA SER F 283 -210.89 46.64 -51.12
C SER F 283 -209.80 46.14 -52.07
N TYR F 284 -210.09 45.15 -52.92
CA TYR F 284 -209.06 44.43 -53.67
C TYR F 284 -208.81 44.92 -55.11
N ALA F 285 -209.80 45.41 -55.86
CA ALA F 285 -209.58 45.84 -57.24
C ALA F 285 -208.58 47.01 -57.39
N PRO F 286 -208.69 48.12 -56.63
CA PRO F 286 -207.69 49.19 -56.67
C PRO F 286 -206.26 48.72 -56.33
N ALA F 287 -206.07 47.84 -55.34
CA ALA F 287 -204.77 47.30 -54.98
C ALA F 287 -204.11 46.55 -56.16
N MET F 288 -204.85 45.67 -56.82
CA MET F 288 -204.35 44.96 -58.01
C MET F 288 -204.09 45.88 -59.21
N LEU F 289 -204.90 46.91 -59.42
CA LEU F 289 -204.69 47.90 -60.49
C LEU F 289 -203.47 48.80 -60.24
N GLU F 290 -203.20 49.20 -58.99
CA GLU F 290 -202.03 50.00 -58.60
C GLU F 290 -200.69 49.25 -58.64
N ALA F 291 -200.70 47.91 -58.58
CA ALA F 291 -199.50 47.07 -58.55
C ALA F 291 -198.53 47.32 -59.72
N SER F 292 -197.27 46.90 -59.60
CA SER F 292 -196.28 47.04 -60.67
C SER F 292 -196.53 46.02 -61.79
N HIS F 293 -196.59 46.46 -63.05
CA HIS F 293 -196.95 45.62 -64.20
C HIS F 293 -195.80 45.48 -65.19
N GLU F 294 -195.71 44.36 -65.89
CA GLU F 294 -194.82 44.19 -67.04
C GLU F 294 -195.14 45.18 -68.17
N THR F 295 -194.13 45.64 -68.93
CA THR F 295 -194.30 46.55 -70.08
C THR F 295 -194.44 45.75 -71.38
N PRO F 296 -195.63 45.67 -72.01
CA PRO F 296 -195.81 44.93 -73.26
C PRO F 296 -195.11 45.59 -74.45
N ALA F 297 -194.70 44.82 -75.46
CA ALA F 297 -194.14 45.34 -76.71
C ALA F 297 -195.17 46.15 -77.55
N SER F 298 -196.46 45.92 -77.33
CA SER F 298 -197.56 46.64 -78.00
C SER F 298 -197.69 48.10 -77.54
N LEU F 299 -197.04 48.51 -76.44
CA LEU F 299 -197.06 49.88 -75.94
C LEU F 299 -196.18 50.85 -76.75
N ASN F 300 -195.37 50.35 -77.67
CA ASN F 300 -194.45 51.11 -78.50
C ASN F 300 -195.01 51.39 -79.90
N TYR F 301 -195.60 52.56 -80.11
CA TYR F 301 -196.39 52.90 -81.30
C TYR F 301 -195.57 52.97 -82.60
N ASP F 302 -194.28 53.30 -82.53
CA ASP F 302 -193.42 53.40 -83.71
C ASP F 302 -192.91 52.04 -84.21
N SER F 303 -192.95 50.98 -83.39
CA SER F 303 -192.71 49.60 -83.84
C SER F 303 -193.97 48.82 -84.24
N TRP F 304 -195.17 49.42 -84.24
CA TRP F 304 -196.38 48.72 -84.69
C TRP F 304 -196.26 48.27 -86.16
N PRO F 305 -196.35 46.97 -86.48
CA PRO F 305 -196.28 46.49 -87.86
C PRO F 305 -197.34 47.04 -88.81
N LEU F 306 -198.53 47.42 -88.34
CA LEU F 306 -199.62 47.85 -89.22
C LEU F 306 -199.29 49.06 -90.12
N PHE F 307 -198.33 49.91 -89.74
CA PHE F 307 -197.86 51.05 -90.52
C PHE F 307 -196.80 50.72 -91.59
N ALA F 308 -196.28 49.49 -91.66
CA ALA F 308 -195.05 49.18 -92.39
C ALA F 308 -195.07 49.48 -93.90
N ASP F 309 -196.21 49.38 -94.57
CA ASP F 309 -196.37 49.72 -96.00
C ASP F 309 -196.89 51.16 -96.25
N CYS F 310 -197.12 51.99 -95.22
CA CYS F 310 -197.70 53.33 -95.36
C CYS F 310 -196.71 54.37 -95.89
N GLU F 311 -197.14 55.22 -96.83
CA GLU F 311 -196.41 56.42 -97.24
C GLU F 311 -197.28 57.67 -97.01
N GLY F 312 -196.86 58.54 -96.09
CA GLY F 312 -197.49 59.82 -95.78
C GLY F 312 -198.70 59.74 -94.82
N PRO F 313 -199.22 60.89 -94.35
CA PRO F 313 -200.25 60.96 -93.31
C PRO F 313 -201.60 60.31 -93.66
N GLU F 314 -202.06 60.40 -94.91
CA GLU F 314 -203.35 59.82 -95.30
C GLU F 314 -203.36 58.30 -95.21
N ALA F 315 -202.28 57.66 -95.64
CA ALA F 315 -202.12 56.21 -95.53
C ALA F 315 -202.07 55.75 -94.06
N ARG F 316 -201.44 56.51 -93.17
CA ARG F 316 -201.39 56.21 -91.73
C ARG F 316 -202.77 56.32 -91.06
N VAL F 317 -203.56 57.35 -91.37
CA VAL F 317 -204.93 57.49 -90.85
C VAL F 317 -205.85 56.37 -91.38
N ALA F 318 -205.77 56.03 -92.67
CA ALA F 318 -206.56 54.93 -93.24
C ALA F 318 -206.19 53.54 -92.66
N ALA F 319 -204.93 53.32 -92.29
CA ALA F 319 -204.47 52.12 -91.60
C ALA F 319 -205.03 52.01 -90.17
N LEU F 320 -205.14 53.13 -89.44
CA LEU F 320 -205.78 53.16 -88.13
C LEU F 320 -207.28 52.87 -88.21
N HIS F 321 -208.00 53.37 -89.21
CA HIS F 321 -209.41 53.03 -89.41
C HIS F 321 -209.63 51.52 -89.68
N ARG F 322 -208.78 50.86 -90.48
CA ARG F 322 -208.83 49.39 -90.66
C ARG F 322 -208.54 48.65 -89.34
N TYR F 323 -207.56 49.10 -88.58
CA TYR F 323 -207.29 48.57 -87.24
C TYR F 323 -208.52 48.66 -86.32
N ASN F 324 -209.21 49.81 -86.26
CA ASN F 324 -210.41 49.97 -85.45
C ASN F 324 -211.56 49.06 -85.88
N ALA F 325 -211.80 48.87 -87.17
CA ALA F 325 -212.82 47.94 -87.67
C ALA F 325 -212.58 46.49 -87.19
N SER F 326 -211.32 46.03 -87.09
CA SER F 326 -211.00 44.71 -86.55
C SER F 326 -211.32 44.52 -85.05
N LEU F 327 -211.45 45.59 -84.26
CA LEU F 327 -211.88 45.56 -82.85
C LEU F 327 -213.40 45.72 -82.66
N ALA F 328 -214.13 46.28 -83.61
CA ALA F 328 -215.56 46.60 -83.46
C ALA F 328 -216.45 45.44 -82.98
N PRO F 329 -216.31 44.17 -83.41
CA PRO F 329 -217.17 43.08 -82.95
C PRO F 329 -217.12 42.83 -81.44
N HIS F 330 -215.97 43.08 -80.79
CA HIS F 330 -215.84 43.04 -79.33
C HIS F 330 -216.73 44.10 -78.67
N VAL F 331 -216.69 45.34 -79.17
CA VAL F 331 -217.47 46.46 -78.64
C VAL F 331 -218.96 46.28 -78.92
N SER F 332 -219.37 45.94 -80.14
CA SER F 332 -220.79 45.76 -80.46
C SER F 332 -221.41 44.55 -79.75
N THR F 333 -220.65 43.50 -79.47
CA THR F 333 -221.13 42.37 -78.65
C THR F 333 -221.50 42.80 -77.24
N GLN F 334 -220.71 43.65 -76.59
CA GLN F 334 -221.03 44.22 -75.28
C GLN F 334 -222.24 45.17 -75.30
N ILE F 335 -222.69 45.66 -76.45
CA ILE F 335 -223.96 46.41 -76.59
C ILE F 335 -225.13 45.47 -76.91
N PHE F 336 -224.99 44.56 -77.88
CA PHE F 336 -226.08 43.73 -78.38
C PHE F 336 -226.44 42.54 -77.49
N ALA F 337 -225.53 42.00 -76.67
CA ALA F 337 -225.78 40.81 -75.86
C ALA F 337 -226.63 41.10 -74.61
N THR F 338 -227.72 40.37 -74.41
CA THR F 338 -228.60 40.51 -73.23
C THR F 338 -227.85 40.29 -71.91
N ASN F 339 -226.82 39.42 -71.92
CA ASN F 339 -225.97 39.09 -70.77
C ASN F 339 -224.58 39.77 -70.80
N SER F 340 -224.48 40.95 -71.41
CA SER F 340 -223.32 41.84 -71.32
C SER F 340 -223.01 42.28 -69.87
N VAL F 341 -221.73 42.44 -69.55
CA VAL F 341 -221.26 42.99 -68.25
C VAL F 341 -221.84 44.39 -67.95
N LEU F 342 -222.17 45.17 -68.98
CA LEU F 342 -222.80 46.48 -68.88
C LEU F 342 -224.25 46.44 -68.34
N TYR F 343 -224.92 45.29 -68.33
CA TYR F 343 -226.31 45.12 -67.91
C TYR F 343 -226.49 44.28 -66.63
N VAL F 344 -225.43 44.02 -65.88
CA VAL F 344 -225.48 43.34 -64.57
C VAL F 344 -226.33 44.15 -63.58
N SER F 345 -227.34 43.52 -62.99
CA SER F 345 -228.40 44.14 -62.19
C SER F 345 -228.28 43.93 -60.68
N GLY F 346 -227.44 43.00 -60.19
CA GLY F 346 -227.29 42.71 -58.77
C GLY F 346 -227.07 41.24 -58.42
N VAL F 347 -227.35 40.88 -57.16
CA VAL F 347 -227.21 39.52 -56.61
C VAL F 347 -228.59 38.99 -56.22
N SER F 348 -228.85 37.71 -56.47
CA SER F 348 -230.09 37.03 -56.06
C SER F 348 -229.82 35.61 -55.53
N LYS F 349 -230.82 35.00 -54.90
CA LYS F 349 -230.73 33.67 -54.29
C LYS F 349 -231.78 32.71 -54.85
N SER F 350 -231.35 31.47 -55.08
CA SER F 350 -232.15 30.37 -55.65
C SER F 350 -233.51 30.15 -54.99
N GLU F 356 -230.23 25.24 -57.75
CA GLU F 356 -228.80 25.43 -57.50
C GLU F 356 -228.32 24.66 -56.26
N SER F 357 -227.11 24.11 -56.32
CA SER F 357 -226.40 23.54 -55.16
C SER F 357 -225.99 24.63 -54.15
N LEU F 358 -225.62 24.23 -52.93
CA LEU F 358 -225.37 25.15 -51.80
C LEU F 358 -224.44 26.31 -52.14
N PHE F 359 -223.25 26.04 -52.67
CA PHE F 359 -222.27 27.07 -52.99
C PHE F 359 -222.62 27.92 -54.23
N ASN F 360 -223.46 27.42 -55.13
CA ASN F 360 -224.01 28.15 -56.26
C ASN F 360 -225.30 28.94 -55.94
N SER F 361 -225.87 28.79 -54.74
CA SER F 361 -227.21 29.30 -54.40
C SER F 361 -227.35 30.83 -54.46
N PHE F 362 -226.32 31.60 -54.16
CA PHE F 362 -226.25 33.04 -54.47
C PHE F 362 -225.54 33.26 -55.82
N TYR F 363 -226.05 34.14 -56.66
CA TYR F 363 -225.51 34.38 -58.00
C TYR F 363 -225.77 35.79 -58.56
N MET F 364 -224.99 36.20 -59.56
CA MET F 364 -225.14 37.48 -60.27
C MET F 364 -226.32 37.45 -61.26
N THR F 365 -227.11 38.52 -61.32
CA THR F 365 -228.26 38.70 -62.23
C THR F 365 -228.04 39.81 -63.27
N HIS F 366 -228.78 39.80 -64.37
CA HIS F 366 -228.79 40.84 -65.40
C HIS F 366 -230.21 41.28 -65.76
N GLY F 367 -230.37 42.52 -66.22
CA GLY F 367 -231.62 43.00 -66.79
C GLY F 367 -231.82 44.51 -66.72
N LEU F 368 -232.05 45.14 -67.87
CA LEU F 368 -232.34 46.58 -67.97
C LEU F 368 -233.69 46.98 -67.33
N GLY F 369 -234.69 46.10 -67.34
CA GLY F 369 -235.95 46.33 -66.65
C GLY F 369 -235.75 46.48 -65.14
N THR F 370 -234.94 45.63 -64.53
CA THR F 370 -234.56 45.74 -63.12
C THR F 370 -233.85 47.05 -62.82
N LEU F 371 -232.94 47.49 -63.70
CA LEU F 371 -232.19 48.74 -63.54
C LEU F 371 -233.07 50.00 -63.64
N GLN F 372 -234.26 49.95 -64.24
CA GLN F 372 -235.22 51.07 -64.25
C GLN F 372 -236.05 51.20 -62.96
N GLU F 373 -236.18 50.16 -62.13
CA GLU F 373 -237.11 50.14 -60.97
C GLU F 373 -236.68 51.06 -59.82
N GLY F 374 -237.65 51.43 -58.96
CA GLY F 374 -237.37 52.05 -57.67
C GLY F 374 -236.68 51.10 -56.69
N THR F 375 -236.05 51.66 -55.66
CA THR F 375 -235.18 50.97 -54.70
C THR F 375 -235.44 51.39 -53.25
N TRP F 376 -234.87 50.63 -52.31
CA TRP F 376 -234.88 50.86 -50.86
C TRP F 376 -233.46 50.86 -50.30
N ASP F 377 -233.22 51.62 -49.23
CA ASP F 377 -231.92 51.76 -48.56
C ASP F 377 -231.59 50.59 -47.61
N PRO F 378 -230.38 50.50 -47.02
CA PRO F 378 -230.00 49.46 -46.07
C PRO F 378 -230.88 49.35 -44.81
N CYS F 379 -231.69 50.35 -44.48
CA CYS F 379 -232.65 50.37 -43.38
C CYS F 379 -234.10 50.17 -43.86
N ARG F 380 -234.29 49.63 -45.07
CA ARG F 380 -235.58 49.31 -45.71
C ARG F 380 -236.50 50.51 -45.95
N ARG F 381 -235.96 51.73 -46.00
CA ARG F 381 -236.72 52.94 -46.35
C ARG F 381 -236.69 53.18 -47.86
N PRO F 382 -237.72 53.80 -48.47
CA PRO F 382 -237.71 54.17 -49.89
C PRO F 382 -236.50 55.04 -50.27
N CYS F 383 -235.93 54.85 -51.46
CA CYS F 383 -234.71 55.51 -51.90
C CYS F 383 -234.88 56.17 -53.28
N PHE F 384 -234.45 55.55 -54.38
CA PHE F 384 -234.82 56.00 -55.74
C PHE F 384 -236.26 55.57 -56.07
N SER F 385 -237.03 56.41 -56.76
CA SER F 385 -238.44 56.15 -57.10
C SER F 385 -238.68 55.42 -58.43
N GLY F 386 -237.64 55.16 -59.23
CA GLY F 386 -237.75 54.48 -60.51
C GLY F 386 -238.01 55.40 -61.71
N TRP F 387 -238.01 54.82 -62.90
CA TRP F 387 -238.34 55.48 -64.16
C TRP F 387 -239.29 54.62 -65.01
N GLY F 388 -240.33 55.24 -65.58
CA GLY F 388 -241.36 54.54 -66.36
C GLY F 388 -240.97 54.22 -67.81
N GLY F 389 -239.78 54.60 -68.25
CA GLY F 389 -239.35 54.51 -69.64
C GLY F 389 -239.76 55.73 -70.49
N PRO F 390 -239.37 55.74 -71.79
CA PRO F 390 -239.64 56.84 -72.72
C PRO F 390 -241.12 57.21 -72.83
N GLY F 394 -239.97 56.40 -79.11
CA GLY F 394 -238.98 56.29 -80.18
C GLY F 394 -239.28 55.17 -81.19
N THR F 395 -238.46 55.07 -82.24
CA THR F 395 -238.75 54.24 -83.41
C THR F 395 -238.79 52.73 -83.16
N ASN F 396 -238.22 52.21 -82.07
CA ASN F 396 -238.30 50.78 -81.71
C ASN F 396 -239.57 50.41 -80.91
N GLY F 397 -240.40 51.37 -80.51
CA GLY F 397 -241.71 51.16 -79.90
C GLY F 397 -241.74 50.77 -78.40
N PRO F 398 -242.95 50.63 -77.82
CA PRO F 398 -243.16 50.44 -76.37
C PRO F 398 -242.58 49.15 -75.79
N GLY F 399 -241.98 49.24 -74.60
CA GLY F 399 -241.39 48.10 -73.89
C GLY F 399 -240.07 47.56 -74.46
N ASN F 400 -239.58 48.15 -75.55
CA ASN F 400 -238.37 47.74 -76.26
C ASN F 400 -237.19 48.65 -75.91
N TYR F 401 -235.97 48.19 -76.22
CA TYR F 401 -234.73 48.96 -76.04
C TYR F 401 -234.80 50.28 -76.81
N ALA F 402 -234.41 51.38 -76.16
CA ALA F 402 -234.46 52.75 -76.67
C ALA F 402 -233.08 53.41 -76.59
N VAL F 403 -232.91 54.58 -77.22
CA VAL F 403 -231.62 55.28 -77.19
C VAL F 403 -231.15 55.58 -75.75
N GLU F 404 -232.04 55.82 -74.79
CA GLU F 404 -231.69 55.98 -73.38
C GLU F 404 -230.95 54.77 -72.79
N HIS F 405 -231.26 53.54 -73.22
CA HIS F 405 -230.53 52.34 -72.77
C HIS F 405 -229.10 52.29 -73.30
N LEU F 406 -228.86 52.77 -74.53
CA LEU F 406 -227.50 52.96 -75.05
C LEU F 406 -226.77 54.05 -74.25
N VAL F 407 -227.43 55.15 -73.89
CA VAL F 407 -226.82 56.19 -73.04
C VAL F 407 -226.45 55.62 -71.65
N TYR F 408 -227.32 54.82 -71.03
CA TYR F 408 -227.02 54.08 -69.79
C TYR F 408 -225.82 53.11 -69.93
N ALA F 409 -225.70 52.35 -71.02
CA ALA F 409 -224.54 51.51 -71.30
C ALA F 409 -223.22 52.31 -71.39
N ALA F 410 -223.26 53.51 -71.94
CA ALA F 410 -222.12 54.44 -72.04
C ALA F 410 -221.89 55.31 -70.78
N SER F 411 -222.46 54.97 -69.61
CA SER F 411 -222.29 55.68 -68.33
C SER F 411 -222.65 57.17 -68.35
N PHE F 412 -223.61 57.57 -69.19
CA PHE F 412 -224.05 58.96 -69.35
C PHE F 412 -222.88 59.91 -69.72
N SER F 413 -221.86 59.39 -70.40
CA SER F 413 -220.65 60.11 -70.78
C SER F 413 -220.70 60.41 -72.28
N PRO F 414 -220.70 61.69 -72.71
CA PRO F 414 -220.67 62.02 -74.12
C PRO F 414 -219.38 61.56 -74.81
N ASN F 415 -218.24 61.53 -74.11
CA ASN F 415 -216.98 60.99 -74.62
C ASN F 415 -217.07 59.48 -74.92
N LEU F 416 -217.54 58.65 -73.98
CA LEU F 416 -217.73 57.22 -74.21
C LEU F 416 -218.81 56.96 -75.28
N LEU F 417 -219.95 57.64 -75.23
CA LEU F 417 -221.06 57.46 -76.18
C LEU F 417 -220.63 57.76 -77.63
N ALA F 418 -219.84 58.81 -77.86
CA ALA F 418 -219.27 59.10 -79.17
C ALA F 418 -218.40 57.95 -79.72
N ARG F 419 -217.51 57.35 -78.94
CA ARG F 419 -216.70 56.19 -79.39
C ARG F 419 -217.52 54.91 -79.57
N TYR F 420 -218.55 54.65 -78.76
CA TYR F 420 -219.50 53.55 -79.02
C TYR F 420 -220.22 53.73 -80.36
N ALA F 421 -220.73 54.93 -80.66
CA ALA F 421 -221.40 55.22 -81.93
C ALA F 421 -220.47 55.04 -83.13
N TYR F 422 -219.21 55.47 -83.03
CA TYR F 422 -218.18 55.20 -84.03
C TYR F 422 -217.98 53.69 -84.31
N TYR F 423 -217.92 52.83 -83.29
CA TYR F 423 -217.84 51.38 -83.52
C TYR F 423 -219.13 50.80 -84.12
N LEU F 424 -220.32 51.24 -83.68
CA LEU F 424 -221.60 50.79 -84.23
C LEU F 424 -221.77 51.15 -85.73
N GLN F 425 -221.16 52.22 -86.23
CA GLN F 425 -221.12 52.55 -87.67
C GLN F 425 -220.44 51.50 -88.58
N PHE F 426 -219.62 50.57 -88.06
CA PHE F 426 -219.10 49.44 -88.82
C PHE F 426 -220.05 48.24 -88.93
N CYS F 427 -221.14 48.21 -88.15
CA CYS F 427 -222.06 47.08 -88.09
C CYS F 427 -223.07 47.05 -89.25
N GLN F 428 -223.37 45.86 -89.76
CA GLN F 428 -224.44 45.62 -90.73
C GLN F 428 -225.82 45.73 -90.07
N GLY F 429 -226.80 46.24 -90.80
CA GLY F 429 -228.21 46.19 -90.43
C GLY F 429 -228.82 44.82 -90.73
N GLN F 430 -229.74 44.38 -89.87
CA GLN F 430 -230.51 43.15 -90.05
C GLN F 430 -231.99 43.43 -89.82
N LYS F 431 -232.74 43.72 -90.88
CA LYS F 431 -234.19 43.96 -90.83
C LYS F 431 -234.93 42.69 -90.38
N SER F 432 -235.84 42.82 -89.41
CA SER F 432 -236.69 41.74 -88.88
C SER F 432 -237.67 41.19 -89.92
N VAL F 437 -240.01 48.28 -93.78
CA VAL F 437 -239.26 49.43 -93.30
C VAL F 437 -238.99 50.42 -94.46
N PRO F 438 -239.08 51.75 -94.24
CA PRO F 438 -238.66 52.75 -95.23
C PRO F 438 -237.26 52.50 -95.80
N GLU F 439 -237.05 52.82 -97.07
CA GLU F 439 -235.71 52.81 -97.67
C GLU F 439 -234.80 53.85 -96.99
N THR F 440 -233.49 53.61 -96.95
CA THR F 440 -232.56 54.47 -96.18
C THR F 440 -232.65 55.94 -96.59
N GLY F 441 -232.66 56.23 -97.89
CA GLY F 441 -232.71 57.59 -98.42
C GLY F 441 -234.03 58.31 -98.19
N SER F 442 -235.17 57.59 -98.17
CA SER F 442 -236.45 58.19 -97.78
C SER F 442 -236.62 58.34 -96.26
N TYR F 443 -235.86 57.61 -95.43
CA TYR F 443 -235.75 57.94 -94.00
C TYR F 443 -234.87 59.17 -93.77
N VAL F 444 -233.67 59.23 -94.37
CA VAL F 444 -232.73 60.36 -94.24
C VAL F 444 -233.31 61.69 -94.76
N ALA F 445 -233.97 61.71 -95.92
CA ALA F 445 -234.65 62.90 -96.42
C ALA F 445 -236.01 63.17 -95.74
N GLY F 446 -236.65 62.13 -95.21
CA GLY F 446 -237.94 62.18 -94.50
C GLY F 446 -237.80 62.43 -93.01
N ALA F 447 -238.23 61.50 -92.17
CA ALA F 447 -238.35 61.69 -90.71
C ALA F 447 -237.05 62.10 -89.98
N ALA F 448 -235.86 61.76 -90.49
CA ALA F 448 -234.60 62.21 -89.86
C ALA F 448 -234.37 63.73 -89.95
N ALA F 449 -234.96 64.42 -90.94
CA ALA F 449 -234.84 65.86 -91.19
C ALA F 449 -235.91 66.71 -90.47
N SER F 450 -236.77 66.09 -89.65
CA SER F 450 -237.82 66.77 -88.89
C SER F 450 -237.25 67.74 -87.83
N PRO F 451 -237.79 68.95 -87.68
CA PRO F 451 -237.34 69.91 -86.67
C PRO F 451 -237.59 69.46 -85.22
N MET F 452 -238.32 68.37 -85.02
CA MET F 452 -238.59 67.75 -83.72
C MET F 452 -237.42 66.95 -83.11
N CYS F 453 -236.35 66.62 -83.87
CA CYS F 453 -235.17 65.90 -83.34
C CYS F 453 -234.49 66.75 -82.24
N SER F 454 -234.40 66.22 -81.02
CA SER F 454 -233.72 66.87 -79.88
C SER F 454 -232.19 66.81 -79.95
N LEU F 455 -231.59 66.30 -81.03
CA LEU F 455 -230.14 66.16 -81.20
C LEU F 455 -229.61 67.06 -82.33
N CYS F 456 -230.15 66.96 -83.55
CA CYS F 456 -229.68 67.69 -84.73
C CYS F 456 -230.63 68.82 -85.20
N GLU F 457 -231.83 68.93 -84.63
CA GLU F 457 -232.92 69.79 -85.13
C GLU F 457 -233.30 69.49 -86.60
N GLY F 458 -232.97 68.30 -87.10
CA GLY F 458 -233.09 67.94 -88.51
C GLY F 458 -231.96 68.47 -89.40
N ARG F 459 -230.98 69.20 -88.86
CA ARG F 459 -229.91 69.88 -89.61
C ARG F 459 -228.63 69.04 -89.83
N ALA F 460 -228.58 67.78 -89.39
CA ALA F 460 -227.50 66.82 -89.67
C ALA F 460 -227.99 65.36 -89.84
N PRO F 461 -228.98 65.10 -90.73
CA PRO F 461 -229.80 63.89 -90.66
C PRO F 461 -229.07 62.58 -90.96
N ALA F 462 -227.98 62.61 -91.74
CA ALA F 462 -227.27 61.40 -92.14
C ALA F 462 -226.34 60.81 -91.05
N VAL F 463 -225.74 61.66 -90.21
CA VAL F 463 -224.86 61.25 -89.09
C VAL F 463 -225.53 61.21 -87.71
N CYS F 464 -226.74 61.76 -87.54
CA CYS F 464 -227.45 61.80 -86.26
C CYS F 464 -227.52 60.42 -85.57
N LEU F 465 -227.34 60.40 -84.24
CA LEU F 465 -227.42 59.20 -83.42
C LEU F 465 -228.77 58.49 -83.57
N ASN F 466 -229.88 59.22 -83.72
CA ASN F 466 -231.19 58.62 -83.97
C ASN F 466 -231.26 57.89 -85.33
N THR F 467 -230.52 58.32 -86.34
CA THR F 467 -230.41 57.63 -87.65
C THR F 467 -229.61 56.33 -87.52
N LEU F 468 -228.48 56.35 -86.82
CA LEU F 468 -227.71 55.14 -86.52
C LEU F 468 -228.54 54.13 -85.71
N PHE F 469 -229.24 54.60 -84.68
CA PHE F 469 -230.14 53.78 -83.88
C PHE F 469 -231.27 53.17 -84.72
N PHE F 470 -231.90 53.94 -85.62
CA PHE F 470 -232.94 53.42 -86.51
C PHE F 470 -232.43 52.29 -87.42
N ARG F 471 -231.22 52.42 -87.96
CA ARG F 471 -230.56 51.43 -88.81
C ARG F 471 -230.27 50.09 -88.11
N LEU F 472 -229.85 50.10 -86.84
CA LEU F 472 -229.45 48.93 -86.04
C LEU F 472 -230.53 48.37 -85.10
N ARG F 473 -231.74 48.92 -85.16
CA ARG F 473 -232.89 48.74 -84.26
C ARG F 473 -233.23 47.30 -83.85
N ASP F 474 -233.31 46.39 -84.82
CA ASP F 474 -233.65 44.98 -84.59
C ASP F 474 -232.50 44.14 -83.98
N ARG F 475 -231.30 44.70 -83.79
CA ARG F 475 -230.16 44.02 -83.13
C ARG F 475 -230.01 44.29 -81.64
N PHE F 476 -230.62 45.33 -81.10
CA PHE F 476 -230.58 45.62 -79.66
C PHE F 476 -231.32 44.55 -78.84
N PRO F 477 -230.88 44.25 -77.60
CA PRO F 477 -231.48 43.20 -76.78
C PRO F 477 -232.89 43.54 -76.28
N PRO F 478 -233.66 42.58 -75.74
CA PRO F 478 -234.90 42.85 -75.00
C PRO F 478 -234.64 43.46 -73.61
N VAL F 479 -235.65 44.08 -73.00
CA VAL F 479 -235.57 44.73 -71.68
C VAL F 479 -236.17 43.80 -70.62
N MET F 480 -235.33 43.27 -69.72
CA MET F 480 -235.65 42.13 -68.84
C MET F 480 -235.77 42.48 -67.36
N SER F 481 -236.74 41.87 -66.67
CA SER F 481 -237.03 42.07 -65.23
C SER F 481 -236.92 40.79 -64.39
N THR F 482 -236.36 39.70 -64.92
CA THR F 482 -236.25 38.38 -64.27
C THR F 482 -234.93 38.17 -63.52
N GLN F 483 -234.82 37.10 -62.71
CA GLN F 483 -233.71 36.86 -61.78
C GLN F 483 -233.01 35.50 -61.98
N ARG F 484 -232.97 34.95 -63.20
CA ARG F 484 -232.31 33.68 -63.55
C ARG F 484 -230.76 33.71 -63.47
N ARG F 485 -230.13 32.57 -63.14
CA ARG F 485 -228.67 32.37 -63.11
C ARG F 485 -228.08 32.09 -64.49
N ASP F 486 -227.65 33.14 -65.19
CA ASP F 486 -226.99 33.07 -66.50
C ASP F 486 -225.50 33.45 -66.44
N PRO F 487 -224.66 33.01 -67.41
CA PRO F 487 -223.31 33.52 -67.62
C PRO F 487 -223.31 35.01 -68.00
N TYR F 488 -222.22 35.74 -67.77
CA TYR F 488 -222.02 37.12 -68.23
C TYR F 488 -220.84 37.24 -69.20
N VAL F 489 -220.85 38.22 -70.10
CA VAL F 489 -219.88 38.37 -71.20
C VAL F 489 -218.74 39.33 -70.83
N ILE F 490 -217.49 38.91 -70.97
CA ILE F 490 -216.28 39.69 -70.66
C ILE F 490 -215.42 39.91 -71.91
N SER F 491 -214.64 41.00 -71.95
CA SER F 491 -213.74 41.37 -73.05
C SER F 491 -212.36 41.75 -72.53
N GLY F 492 -211.29 41.39 -73.24
CA GLY F 492 -209.94 41.83 -72.92
C GLY F 492 -208.83 41.04 -73.61
N ALA F 493 -207.58 41.34 -73.27
CA ALA F 493 -206.40 40.63 -73.75
C ALA F 493 -206.28 39.20 -73.19
N SER F 494 -205.83 38.27 -74.01
CA SER F 494 -205.47 36.91 -73.58
C SER F 494 -204.05 36.82 -73.03
N GLY F 495 -203.82 35.86 -72.14
CA GLY F 495 -202.51 35.54 -71.56
C GLY F 495 -201.60 34.72 -72.49
N SER F 496 -200.42 34.36 -71.98
CA SER F 496 -199.36 33.70 -72.75
C SER F 496 -199.63 32.23 -73.09
N TYR F 497 -200.30 31.46 -72.21
CA TYR F 497 -200.36 29.99 -72.31
C TYR F 497 -201.80 29.49 -72.41
N ASN F 498 -202.30 29.36 -73.63
CA ASN F 498 -203.65 28.86 -73.94
C ASN F 498 -203.55 27.42 -74.46
N GLU F 499 -204.47 26.55 -74.07
CA GLU F 499 -204.51 25.13 -74.45
C GLU F 499 -205.83 24.85 -75.16
N THR F 500 -205.85 25.01 -76.48
CA THR F 500 -207.06 25.04 -77.32
C THR F 500 -206.97 24.19 -78.59
N ASP F 501 -205.99 23.29 -78.71
CA ASP F 501 -206.06 22.15 -79.65
C ASP F 501 -207.18 21.16 -79.23
N PHE F 502 -207.55 20.20 -80.09
CA PHE F 502 -208.73 19.35 -79.90
C PHE F 502 -208.86 18.63 -78.55
N LEU F 503 -207.76 18.22 -77.91
CA LEU F 503 -207.77 17.61 -76.57
C LEU F 503 -207.26 18.54 -75.45
N GLY F 504 -207.22 19.85 -75.69
CA GLY F 504 -206.94 20.85 -74.65
C GLY F 504 -205.63 20.63 -73.88
N ASN F 505 -205.72 20.58 -72.55
CA ASN F 505 -204.58 20.38 -71.65
C ASN F 505 -204.15 18.91 -71.43
N PHE F 506 -204.65 17.94 -72.21
CA PHE F 506 -204.18 16.55 -72.18
C PHE F 506 -202.64 16.46 -72.35
N LEU F 507 -201.94 15.78 -71.45
CA LEU F 507 -200.47 15.60 -71.47
C LEU F 507 -199.70 16.90 -71.78
N ASN F 508 -200.07 18.02 -71.15
CA ASN F 508 -199.38 19.30 -71.36
C ASN F 508 -197.95 19.29 -70.77
N PHE F 509 -197.75 18.57 -69.67
CA PHE F 509 -196.48 18.36 -68.97
C PHE F 509 -196.32 16.88 -68.55
N ILE F 510 -195.09 16.48 -68.24
CA ILE F 510 -194.71 15.11 -67.82
C ILE F 510 -193.98 15.17 -66.47
N TYR F 525 -194.00 11.64 -74.63
CA TYR F 525 -193.76 13.07 -74.79
C TYR F 525 -195.04 13.90 -74.67
N THR F 526 -194.92 15.21 -74.41
CA THR F 526 -196.08 16.10 -74.24
C THR F 526 -196.90 16.22 -75.53
N TYR F 527 -198.19 16.53 -75.39
CA TYR F 527 -199.09 16.77 -76.53
C TYR F 527 -198.62 17.97 -77.36
N TRP F 528 -198.03 18.98 -76.73
CA TRP F 528 -197.37 20.09 -77.44
C TRP F 528 -196.23 19.59 -78.34
N GLN F 529 -195.35 18.73 -77.83
CA GLN F 529 -194.27 18.15 -78.61
C GLN F 529 -194.79 17.26 -79.75
N LEU F 530 -195.83 16.46 -79.52
CA LEU F 530 -196.49 15.67 -80.56
C LEU F 530 -197.00 16.54 -81.73
N ASN F 531 -197.60 17.69 -81.43
CA ASN F 531 -198.06 18.60 -82.46
C ASN F 531 -196.88 19.26 -83.21
N GLN F 532 -195.79 19.62 -82.52
CA GLN F 532 -194.55 20.09 -83.18
C GLN F 532 -193.92 19.03 -84.10
N ASN F 533 -193.92 17.75 -83.71
CA ASN F 533 -193.44 16.66 -84.56
C ASN F 533 -194.27 16.53 -85.84
N LEU F 534 -195.60 16.63 -85.75
CA LEU F 534 -196.47 16.55 -86.92
C LEU F 534 -196.21 17.70 -87.91
N LEU F 535 -196.07 18.94 -87.44
CA LEU F 535 -195.72 20.08 -88.30
C LEU F 535 -194.37 19.91 -89.01
N GLU F 536 -193.37 19.30 -88.36
CA GLU F 536 -192.11 18.93 -88.98
C GLU F 536 -192.28 17.91 -90.12
N ARG F 537 -193.07 16.84 -89.92
CA ARG F 537 -193.38 15.89 -91.01
C ARG F 537 -194.10 16.57 -92.17
N LEU F 538 -195.07 17.45 -91.88
CA LEU F 538 -195.81 18.18 -92.91
C LEU F 538 -194.92 19.16 -93.69
N SER F 539 -193.88 19.72 -93.06
CA SER F 539 -192.87 20.55 -93.74
C SER F 539 -192.07 19.74 -94.77
N ARG F 540 -191.67 18.50 -94.48
CA ARG F 540 -191.04 17.57 -95.46
C ARG F 540 -191.96 17.18 -96.63
N LEU F 541 -193.27 17.28 -96.47
CA LEU F 541 -194.26 17.11 -97.57
C LEU F 541 -194.54 18.41 -98.36
N GLY F 542 -193.92 19.54 -98.00
CA GLY F 542 -194.12 20.84 -98.67
C GLY F 542 -195.34 21.65 -98.18
N ILE F 543 -195.83 21.39 -96.97
CA ILE F 543 -197.02 22.05 -96.36
C ILE F 543 -196.57 22.92 -95.17
N ASP F 544 -196.93 24.20 -95.12
CA ASP F 544 -196.61 25.10 -93.99
C ASP F 544 -197.63 25.05 -92.82
N ALA F 545 -197.36 25.79 -91.73
CA ALA F 545 -198.19 25.82 -90.52
C ALA F 545 -199.62 26.36 -90.72
N GLU F 546 -199.92 27.06 -91.82
CA GLU F 546 -201.25 27.54 -92.20
C GLU F 546 -201.86 26.69 -93.34
N GLY F 547 -201.20 25.59 -93.73
CA GLY F 547 -201.66 24.63 -94.73
C GLY F 547 -201.42 25.05 -96.18
N LYS F 548 -200.58 26.06 -96.46
CA LYS F 548 -200.22 26.45 -97.84
C LYS F 548 -199.20 25.47 -98.44
N LEU F 549 -199.38 25.10 -99.70
CA LEU F 549 -198.47 24.22 -100.43
C LEU F 549 -197.36 25.01 -101.14
N GLU F 550 -196.14 24.46 -101.13
CA GLU F 550 -195.08 24.91 -102.04
C GLU F 550 -195.28 24.45 -103.51
N LYS F 551 -196.11 23.43 -103.74
CA LYS F 551 -196.48 22.93 -105.08
C LYS F 551 -197.91 22.40 -105.11
N GLU F 552 -198.78 23.05 -105.88
CA GLU F 552 -200.19 22.67 -106.02
C GLU F 552 -200.37 21.41 -106.89
N PRO F 553 -201.34 20.52 -106.60
CA PRO F 553 -201.50 19.26 -107.32
C PRO F 553 -201.89 19.47 -108.79
N HIS F 554 -201.19 18.77 -109.68
CA HIS F 554 -201.30 18.88 -111.14
C HIS F 554 -202.55 18.24 -111.76
N GLY F 555 -203.16 17.24 -111.10
CA GLY F 555 -204.18 16.37 -111.69
C GLY F 555 -204.58 15.22 -110.75
N PRO F 556 -205.41 14.26 -111.19
CA PRO F 556 -205.92 13.15 -110.37
C PRO F 556 -204.83 12.37 -109.60
N ARG F 557 -203.76 11.92 -110.26
CA ARG F 557 -202.67 11.18 -109.61
C ARG F 557 -202.03 12.00 -108.50
N ASP F 558 -201.72 13.26 -108.78
CA ASP F 558 -201.06 14.17 -107.85
C ASP F 558 -201.95 14.52 -106.65
N PHE F 559 -203.27 14.62 -106.86
CA PHE F 559 -204.25 14.86 -105.80
C PHE F 559 -204.36 13.65 -104.85
N VAL F 560 -204.42 12.43 -105.38
CA VAL F 560 -204.38 11.20 -104.56
C VAL F 560 -203.04 11.07 -103.83
N LYS F 561 -201.91 11.25 -104.52
CA LYS F 561 -200.56 11.17 -103.96
C LYS F 561 -200.37 12.14 -102.80
N MET F 562 -200.79 13.40 -102.94
CA MET F 562 -200.77 14.41 -101.88
C MET F 562 -201.42 13.91 -100.58
N PHE F 563 -202.63 13.35 -100.63
CA PHE F 563 -203.30 12.85 -99.42
C PHE F 563 -202.66 11.58 -98.86
N LYS F 564 -202.30 10.59 -99.69
CA LYS F 564 -201.76 9.32 -99.20
C LYS F 564 -200.46 9.53 -98.42
N ASP F 565 -199.63 10.48 -98.84
CA ASP F 565 -198.44 10.90 -98.09
C ASP F 565 -198.76 11.52 -96.72
N VAL F 566 -199.78 12.38 -96.61
CA VAL F 566 -200.20 12.95 -95.32
C VAL F 566 -200.76 11.86 -94.39
N ASP F 567 -201.62 10.97 -94.90
CA ASP F 567 -202.15 9.86 -94.11
C ASP F 567 -201.03 8.97 -93.56
N ALA F 568 -200.08 8.57 -94.40
CA ALA F 568 -198.92 7.80 -93.97
C ALA F 568 -198.05 8.55 -92.94
N ALA F 569 -197.82 9.85 -93.12
CA ALA F 569 -197.09 10.67 -92.16
C ALA F 569 -197.77 10.80 -90.79
N VAL F 570 -199.10 10.93 -90.74
CA VAL F 570 -199.86 10.94 -89.47
C VAL F 570 -199.82 9.55 -88.81
N ASP F 571 -200.02 8.49 -89.58
CA ASP F 571 -200.07 7.12 -89.07
C ASP F 571 -198.69 6.67 -88.51
N ALA F 572 -197.59 7.14 -89.10
CA ALA F 572 -196.25 6.95 -88.53
C ALA F 572 -196.09 7.61 -87.15
N GLU F 573 -196.57 8.84 -86.96
CA GLU F 573 -196.44 9.55 -85.67
C GLU F 573 -197.32 8.95 -84.57
N VAL F 574 -198.51 8.42 -84.90
CA VAL F 574 -199.36 7.71 -83.93
C VAL F 574 -198.63 6.52 -83.31
N VAL F 575 -197.89 5.75 -84.11
CA VAL F 575 -197.11 4.59 -83.63
C VAL F 575 -196.03 5.05 -82.65
N GLN F 576 -195.19 6.02 -83.02
CA GLN F 576 -194.11 6.49 -82.13
C GLN F 576 -194.66 7.06 -80.82
N PHE F 577 -195.80 7.76 -80.85
CA PHE F 577 -196.48 8.23 -79.65
C PHE F 577 -197.03 7.08 -78.78
N MET F 578 -197.78 6.12 -79.34
CA MET F 578 -198.32 4.98 -78.59
C MET F 578 -197.22 4.10 -77.98
N ASN F 579 -196.06 3.95 -78.65
CA ASN F 579 -194.89 3.30 -78.07
C ASN F 579 -194.36 4.04 -76.83
N SER F 580 -194.28 5.38 -76.86
CA SER F 580 -193.88 6.16 -75.68
C SER F 580 -194.84 5.96 -74.50
N MET F 581 -196.15 6.01 -74.72
CA MET F 581 -197.13 5.83 -73.63
C MET F 581 -197.05 4.42 -73.02
N ALA F 582 -196.83 3.40 -73.85
CA ALA F 582 -196.70 2.01 -73.41
C ALA F 582 -195.45 1.77 -72.56
N LYS F 583 -194.24 2.14 -73.03
CA LYS F 583 -192.98 1.84 -72.32
C LYS F 583 -192.83 2.56 -70.98
N ASN F 584 -193.54 3.67 -70.80
CA ASN F 584 -193.58 4.45 -69.55
C ASN F 584 -194.74 4.08 -68.61
N ASN F 585 -195.61 3.14 -68.99
CA ASN F 585 -196.83 2.76 -68.25
C ASN F 585 -197.75 3.95 -67.90
N ILE F 586 -197.81 4.99 -68.74
CA ILE F 586 -198.64 6.19 -68.50
C ILE F 586 -200.11 5.85 -68.70
N THR F 587 -200.99 6.25 -67.79
CA THR F 587 -202.43 5.93 -67.81
C THR F 587 -203.24 6.87 -68.73
N TYR F 588 -202.78 7.02 -69.98
CA TYR F 588 -203.34 7.96 -70.97
C TYR F 588 -204.85 7.76 -71.21
N LYS F 589 -205.30 6.50 -71.15
CA LYS F 589 -206.69 6.04 -71.26
C LYS F 589 -207.62 6.61 -70.18
N ASP F 590 -207.12 6.98 -69.00
CA ASP F 590 -207.87 7.74 -67.99
C ASP F 590 -207.57 9.25 -68.03
N LEU F 591 -206.37 9.69 -68.43
CA LEU F 591 -206.06 11.11 -68.59
C LEU F 591 -206.89 11.83 -69.67
N VAL F 592 -207.34 11.13 -70.73
CA VAL F 592 -208.27 11.70 -71.71
C VAL F 592 -209.60 12.12 -71.07
N LYS F 593 -210.16 11.31 -70.16
CA LYS F 593 -211.47 11.57 -69.52
C LYS F 593 -211.54 12.90 -68.78
N SER F 594 -210.43 13.35 -68.19
CA SER F 594 -210.37 14.59 -67.39
C SER F 594 -209.75 15.80 -68.10
N CYS F 595 -209.52 15.78 -69.43
CA CYS F 595 -208.91 16.93 -70.12
C CYS F 595 -209.90 18.09 -70.38
N TYR F 596 -209.40 19.32 -70.32
CA TYR F 596 -210.14 20.59 -70.51
C TYR F 596 -209.45 21.46 -71.56
N HIS F 597 -210.22 22.21 -72.36
CA HIS F 597 -209.70 23.41 -73.02
C HIS F 597 -209.45 24.51 -71.96
N VAL F 598 -208.35 25.25 -72.10
CA VAL F 598 -208.01 26.36 -71.18
C VAL F 598 -207.69 27.63 -71.95
N MET F 599 -208.26 28.76 -71.52
CA MET F 599 -207.89 30.11 -71.98
C MET F 599 -207.52 30.99 -70.79
N GLN F 600 -206.51 31.83 -70.95
CA GLN F 600 -206.09 32.79 -69.93
C GLN F 600 -206.61 34.19 -70.27
N TYR F 601 -207.38 34.80 -69.38
CA TYR F 601 -207.74 36.22 -69.43
C TYR F 601 -206.69 37.01 -68.63
N SER F 602 -205.97 37.92 -69.27
CA SER F 602 -204.87 38.68 -68.66
C SER F 602 -205.39 39.70 -67.63
N CYS F 603 -204.66 39.91 -66.52
CA CYS F 603 -204.97 40.93 -65.53
C CYS F 603 -204.06 42.18 -65.58
N ASN F 604 -203.24 42.33 -66.63
CA ASN F 604 -202.43 43.52 -66.84
C ASN F 604 -203.25 44.61 -67.58
N PRO F 605 -203.46 45.82 -67.02
CA PRO F 605 -204.17 46.89 -67.73
C PRO F 605 -203.44 47.41 -68.96
N PHE F 606 -202.10 47.29 -69.04
CA PHE F 606 -201.32 47.73 -70.19
C PHE F 606 -201.31 46.74 -71.36
N ALA F 607 -201.74 45.48 -71.16
CA ALA F 607 -201.89 44.49 -72.21
C ALA F 607 -203.15 44.68 -73.08
N GLN F 608 -204.13 45.48 -72.64
CA GLN F 608 -205.38 45.73 -73.38
C GLN F 608 -205.14 46.52 -74.67
N PRO F 609 -206.03 46.45 -75.69
CA PRO F 609 -205.87 47.23 -76.92
C PRO F 609 -205.97 48.74 -76.67
N ALA F 610 -205.28 49.56 -77.48
CA ALA F 610 -205.22 51.02 -77.35
C ALA F 610 -206.52 51.75 -77.73
N CYS F 611 -207.55 51.57 -76.91
CA CYS F 611 -208.87 52.18 -77.00
C CYS F 611 -209.35 52.52 -75.56
N PRO F 612 -209.84 53.74 -75.30
CA PRO F 612 -210.42 54.10 -74.00
C PRO F 612 -211.68 53.32 -73.60
N ILE F 613 -212.44 52.71 -74.52
CA ILE F 613 -213.58 51.83 -74.17
C ILE F 613 -213.08 50.54 -73.49
N PHE F 614 -211.95 50.01 -73.92
CA PHE F 614 -211.37 48.83 -73.28
C PHE F 614 -210.89 49.07 -71.84
N THR F 615 -210.61 50.31 -71.42
CA THR F 615 -210.40 50.66 -70.00
C THR F 615 -211.64 50.33 -69.18
N GLN F 616 -212.82 50.80 -69.58
CA GLN F 616 -214.07 50.50 -68.90
C GLN F 616 -214.46 49.01 -68.96
N LEU F 617 -214.34 48.35 -70.11
CA LEU F 617 -214.63 46.92 -70.20
C LEU F 617 -213.71 46.07 -69.31
N PHE F 618 -212.42 46.37 -69.23
CA PHE F 618 -211.49 45.65 -68.35
C PHE F 618 -211.82 45.85 -66.86
N TYR F 619 -211.93 47.11 -66.40
CA TYR F 619 -212.24 47.45 -64.99
C TYR F 619 -213.57 46.83 -64.52
N ARG F 620 -214.63 46.91 -65.33
CA ARG F 620 -215.94 46.32 -65.01
C ARG F 620 -215.96 44.80 -65.05
N SER F 621 -215.18 44.16 -65.92
CA SER F 621 -215.00 42.71 -65.90
C SER F 621 -214.32 42.25 -64.62
N LEU F 622 -213.23 42.92 -64.20
CA LEU F 622 -212.53 42.61 -62.96
C LEU F 622 -213.41 42.79 -61.71
N LEU F 623 -214.12 43.91 -61.56
CA LEU F 623 -215.02 44.14 -60.42
C LEU F 623 -216.13 43.08 -60.34
N THR F 624 -216.67 42.66 -61.48
CA THR F 624 -217.72 41.62 -61.53
C THR F 624 -217.20 40.24 -61.12
N ILE F 625 -216.00 39.86 -61.57
CA ILE F 625 -215.40 38.57 -61.24
C ILE F 625 -215.06 38.48 -59.75
N LEU F 626 -214.57 39.55 -59.13
CA LEU F 626 -214.29 39.58 -57.69
C LEU F 626 -215.56 39.47 -56.84
N GLN F 627 -216.67 40.08 -57.26
CA GLN F 627 -217.96 39.89 -56.59
C GLN F 627 -218.42 38.43 -56.68
N ASP F 628 -218.42 37.83 -57.86
CA ASP F 628 -218.89 36.47 -58.08
C ASP F 628 -218.05 35.41 -57.33
N ILE F 629 -216.73 35.58 -57.25
CA ILE F 629 -215.86 34.73 -56.43
C ILE F 629 -216.18 34.86 -54.93
N SER F 630 -216.54 36.05 -54.44
CA SER F 630 -216.77 36.27 -53.01
C SER F 630 -218.08 35.71 -52.45
N LEU F 631 -219.08 35.41 -53.28
CA LEU F 631 -220.43 35.07 -52.82
C LEU F 631 -220.48 33.90 -51.81
N PRO F 632 -219.90 32.70 -52.05
CA PRO F 632 -219.98 31.61 -51.09
C PRO F 632 -219.11 31.82 -49.84
N ILE F 633 -218.04 32.61 -49.93
CA ILE F 633 -217.18 32.98 -48.80
C ILE F 633 -217.98 33.81 -47.78
N CYS F 634 -218.76 34.79 -48.27
CA CYS F 634 -219.66 35.61 -47.47
C CYS F 634 -220.82 34.79 -46.88
N MET F 635 -221.43 33.91 -47.68
CA MET F 635 -222.52 33.04 -47.23
C MET F 635 -222.09 32.13 -46.07
N CYS F 636 -220.93 31.46 -46.16
CA CYS F 636 -220.48 30.57 -45.09
C CYS F 636 -220.14 31.33 -43.81
N TYR F 637 -219.51 32.50 -43.91
CA TYR F 637 -219.25 33.34 -42.74
C TYR F 637 -220.56 33.83 -42.09
N GLU F 638 -221.56 34.24 -42.88
CA GLU F 638 -222.84 34.69 -42.34
C GLU F 638 -223.69 33.55 -41.74
N ASN F 639 -223.65 32.34 -42.32
CA ASN F 639 -224.26 31.15 -41.71
C ASN F 639 -223.72 30.87 -40.29
N ASP F 640 -222.44 31.14 -40.03
CA ASP F 640 -221.81 31.02 -38.72
C ASP F 640 -222.01 32.25 -37.80
N ASN F 641 -222.32 33.42 -38.36
CA ASN F 641 -222.40 34.70 -37.68
C ASN F 641 -223.65 35.47 -38.14
N PRO F 642 -224.87 35.01 -37.82
CA PRO F 642 -226.11 35.44 -38.47
C PRO F 642 -226.42 36.94 -38.30
N GLY F 643 -227.17 37.48 -39.25
CA GLY F 643 -227.57 38.89 -39.26
C GLY F 643 -228.49 39.30 -38.11
N LEU F 644 -229.40 38.43 -37.66
CA LEU F 644 -230.29 38.64 -36.50
C LEU F 644 -231.03 40.00 -36.54
N GLY F 645 -231.49 40.40 -37.73
CA GLY F 645 -232.20 41.66 -37.96
C GLY F 645 -231.33 42.92 -38.02
N GLN F 646 -230.00 42.83 -37.87
CA GLN F 646 -229.09 43.95 -38.11
C GLN F 646 -229.12 44.40 -39.58
N SER F 647 -228.97 45.69 -39.83
CA SER F 647 -228.68 46.21 -41.17
C SER F 647 -227.24 45.88 -41.58
N PRO F 648 -226.90 45.75 -42.88
CA PRO F 648 -225.55 45.40 -43.30
C PRO F 648 -224.44 46.33 -42.77
N PRO F 649 -224.58 47.67 -42.73
CA PRO F 649 -223.55 48.55 -42.16
C PRO F 649 -223.25 48.29 -40.67
N GLU F 650 -224.25 47.93 -39.87
CA GLU F 650 -224.06 47.51 -38.47
C GLU F 650 -223.33 46.17 -38.37
N TRP F 651 -223.74 45.16 -39.15
CA TRP F 651 -223.13 43.83 -39.14
C TRP F 651 -221.66 43.86 -39.63
N LEU F 652 -221.36 44.64 -40.68
CA LEU F 652 -220.00 44.79 -41.21
C LEU F 652 -219.04 45.48 -40.24
N LYS F 653 -219.53 46.36 -39.37
CA LYS F 653 -218.71 47.11 -38.40
C LYS F 653 -217.91 46.17 -37.47
N GLY F 654 -218.55 45.09 -36.99
CA GLY F 654 -217.88 44.02 -36.25
C GLY F 654 -217.13 43.03 -37.12
N HIS F 655 -217.71 42.57 -38.25
CA HIS F 655 -217.22 41.39 -38.96
C HIS F 655 -216.25 41.60 -40.13
N TYR F 656 -216.14 42.81 -40.70
CA TYR F 656 -215.49 42.96 -42.01
C TYR F 656 -213.98 42.69 -42.00
N GLN F 657 -213.23 43.08 -40.96
CA GLN F 657 -211.78 42.82 -40.87
C GLN F 657 -211.45 41.33 -40.98
N THR F 658 -212.24 40.47 -40.34
CA THR F 658 -212.09 39.01 -40.42
C THR F 658 -212.46 38.50 -41.82
N LEU F 659 -213.54 39.01 -42.41
CA LEU F 659 -213.97 38.63 -43.75
C LEU F 659 -212.94 38.97 -44.86
N CYS F 660 -212.20 40.08 -44.77
CA CYS F 660 -211.07 40.38 -45.67
C CYS F 660 -210.01 39.27 -45.71
N THR F 661 -209.69 38.71 -44.55
CA THR F 661 -208.63 37.71 -44.37
C THR F 661 -209.07 36.34 -44.85
N ASN F 662 -210.34 35.97 -44.63
CA ASN F 662 -210.95 34.81 -45.29
C ASN F 662 -210.91 34.96 -46.81
N PHE F 663 -211.29 36.11 -47.38
CA PHE F 663 -211.24 36.30 -48.83
C PHE F 663 -209.83 36.11 -49.39
N ARG F 664 -208.80 36.75 -48.83
CA ARG F 664 -207.41 36.60 -49.27
C ARG F 664 -206.94 35.14 -49.27
N SER F 665 -207.40 34.33 -48.32
CA SER F 665 -207.04 32.91 -48.19
C SER F 665 -207.82 31.98 -49.13
N LEU F 666 -209.06 32.32 -49.47
CA LEU F 666 -210.01 31.44 -50.17
C LEU F 666 -210.33 31.85 -51.62
N ALA F 667 -210.03 33.08 -52.04
CA ALA F 667 -210.28 33.54 -53.41
C ALA F 667 -209.12 33.23 -54.38
N ILE F 668 -207.89 33.16 -53.89
CA ILE F 668 -206.66 33.14 -54.69
C ILE F 668 -206.02 31.74 -54.67
N ASP F 669 -205.54 31.27 -55.83
CA ASP F 669 -205.01 29.91 -56.06
C ASP F 669 -206.03 28.76 -55.88
N LYS F 670 -207.34 29.06 -55.83
CA LYS F 670 -208.42 28.06 -55.68
C LYS F 670 -209.17 27.70 -56.97
N GLY F 671 -208.67 28.12 -58.14
CA GLY F 671 -209.04 27.61 -59.45
C GLY F 671 -209.48 28.63 -60.51
N VAL F 672 -209.63 29.92 -60.17
CA VAL F 672 -209.98 30.98 -61.13
C VAL F 672 -208.91 32.05 -61.19
N LEU F 673 -208.65 32.72 -60.06
CA LEU F 673 -207.78 33.89 -59.98
C LEU F 673 -206.42 33.50 -59.40
N THR F 674 -205.33 33.91 -60.05
CA THR F 674 -203.97 33.80 -59.52
C THR F 674 -203.36 35.18 -59.31
N ALA F 675 -202.72 35.37 -58.16
CA ALA F 675 -202.02 36.59 -57.77
C ALA F 675 -200.85 36.26 -56.85
N LYS F 676 -199.78 37.05 -56.90
CA LYS F 676 -198.57 36.87 -56.10
C LYS F 676 -198.42 38.03 -55.11
N GLU F 677 -198.34 37.75 -53.82
CA GLU F 677 -197.94 38.77 -52.84
C GLU F 677 -196.41 38.96 -52.82
N ALA F 678 -195.99 40.19 -52.57
CA ALA F 678 -194.59 40.57 -52.53
C ALA F 678 -194.35 41.73 -51.55
N LYS F 679 -193.13 41.84 -51.05
CA LYS F 679 -192.66 43.00 -50.28
C LYS F 679 -191.83 43.92 -51.16
N VAL F 680 -192.07 45.23 -51.07
CA VAL F 680 -191.35 46.27 -51.82
C VAL F 680 -190.33 46.91 -50.90
N VAL F 681 -189.07 46.99 -51.36
CA VAL F 681 -187.97 47.58 -50.58
C VAL F 681 -187.19 48.57 -51.44
N HIS F 682 -186.71 49.65 -50.82
CA HIS F 682 -185.79 50.60 -51.47
C HIS F 682 -184.37 50.44 -50.94
N GLY F 683 -183.39 50.41 -51.84
CA GLY F 683 -182.00 50.04 -51.51
C GLY F 683 -181.19 51.12 -50.80
N GLU F 684 -181.22 52.36 -51.31
CA GLU F 684 -180.48 53.48 -50.71
C GLU F 684 -181.24 54.15 -49.53
N PRO F 685 -180.53 54.70 -48.52
CA PRO F 685 -181.16 55.42 -47.41
C PRO F 685 -181.58 56.86 -47.77
N THR F 686 -181.04 57.40 -48.88
CA THR F 686 -181.32 58.72 -49.44
C THR F 686 -181.41 58.61 -50.96
N CYS F 687 -181.99 59.58 -51.68
CA CYS F 687 -181.94 59.58 -53.15
C CYS F 687 -181.82 60.99 -53.74
N ASP F 688 -181.24 61.10 -54.94
CA ASP F 688 -181.05 62.38 -55.64
C ASP F 688 -182.39 62.94 -56.13
N LEU F 689 -182.84 64.03 -55.53
CA LEU F 689 -184.12 64.67 -55.82
C LEU F 689 -183.99 66.20 -55.83
N PRO F 690 -184.86 66.95 -56.52
CA PRO F 690 -184.81 68.40 -56.52
C PRO F 690 -185.26 68.97 -55.17
N ASP F 691 -184.71 70.10 -54.78
CA ASP F 691 -185.12 70.82 -53.58
C ASP F 691 -186.50 71.49 -53.82
N LEU F 692 -187.58 70.84 -53.38
CA LEU F 692 -188.94 71.24 -53.73
C LEU F 692 -189.34 72.61 -53.15
N ASP F 693 -188.75 73.00 -52.02
CA ASP F 693 -188.93 74.33 -51.44
C ASP F 693 -188.29 75.41 -52.32
N ALA F 694 -187.08 75.19 -52.83
CA ALA F 694 -186.47 76.10 -53.81
C ALA F 694 -187.21 76.11 -55.16
N ALA F 695 -187.68 74.94 -55.62
CA ALA F 695 -188.37 74.78 -56.90
C ALA F 695 -189.73 75.50 -56.92
N LEU F 696 -190.46 75.51 -55.79
CA LEU F 696 -191.68 76.31 -55.61
C LEU F 696 -191.40 77.83 -55.76
N GLN F 697 -190.21 78.30 -55.40
CA GLN F 697 -189.76 79.68 -55.59
C GLN F 697 -188.95 79.91 -56.89
N GLY F 698 -188.88 78.93 -57.80
CA GLY F 698 -188.27 79.07 -59.12
C GLY F 698 -186.78 78.73 -59.23
N ARG F 699 -186.12 78.30 -58.14
CA ARG F 699 -184.70 77.94 -58.09
C ARG F 699 -184.52 76.43 -58.15
N VAL F 700 -183.65 75.94 -59.04
CA VAL F 700 -183.50 74.50 -59.33
C VAL F 700 -182.12 73.99 -58.91
N TYR F 701 -182.04 73.11 -57.93
CA TYR F 701 -180.83 72.37 -57.55
C TYR F 701 -181.14 71.10 -56.74
N GLY F 702 -180.20 70.15 -56.70
CA GLY F 702 -180.38 68.82 -56.12
C GLY F 702 -180.09 68.71 -54.61
N ARG F 703 -180.68 67.69 -53.98
CA ARG F 703 -180.52 67.32 -52.57
C ARG F 703 -180.62 65.80 -52.41
N ARG F 704 -179.92 65.21 -51.44
CA ARG F 704 -180.05 63.78 -51.10
C ARG F 704 -180.97 63.58 -49.89
N LEU F 705 -182.27 63.66 -50.15
CA LEU F 705 -183.32 63.53 -49.13
C LEU F 705 -183.38 62.10 -48.56
N PRO F 706 -183.39 61.92 -47.22
CA PRO F 706 -183.72 60.64 -46.58
C PRO F 706 -185.11 60.13 -46.97
N VAL F 707 -185.23 58.83 -47.30
CA VAL F 707 -186.48 58.24 -47.80
C VAL F 707 -186.79 56.88 -47.18
N ARG F 708 -188.09 56.59 -47.02
CA ARG F 708 -188.61 55.27 -46.62
C ARG F 708 -189.99 54.97 -47.24
N MET F 709 -190.36 53.71 -47.38
CA MET F 709 -191.64 53.31 -47.96
C MET F 709 -192.82 53.59 -46.99
N SER F 710 -193.92 54.15 -47.49
CA SER F 710 -195.17 54.30 -46.72
C SER F 710 -196.07 53.06 -46.76
N LYS F 711 -195.87 52.15 -47.72
CA LYS F 711 -196.48 50.82 -47.81
C LYS F 711 -195.47 49.78 -48.28
N VAL F 712 -195.47 48.59 -47.70
CA VAL F 712 -194.51 47.52 -48.01
C VAL F 712 -195.14 46.38 -48.81
N LEU F 713 -196.39 45.99 -48.52
CA LEU F 713 -197.08 44.89 -49.20
C LEU F 713 -197.65 45.32 -50.57
N MET F 714 -197.48 44.46 -51.58
CA MET F 714 -198.05 44.60 -52.92
C MET F 714 -198.69 43.28 -53.37
N LEU F 715 -199.85 43.34 -54.01
CA LEU F 715 -200.58 42.18 -54.53
C LEU F 715 -200.59 42.22 -56.07
N CYS F 716 -199.64 41.55 -56.70
CA CYS F 716 -199.48 41.52 -58.14
C CYS F 716 -200.47 40.54 -58.78
N PRO F 717 -201.45 40.96 -59.58
CA PRO F 717 -202.38 40.05 -60.24
C PRO F 717 -201.70 39.36 -61.44
N ARG F 718 -202.13 38.15 -61.80
CA ARG F 718 -201.53 37.37 -62.90
C ARG F 718 -202.55 37.03 -63.99
N ASN F 719 -203.40 36.03 -63.80
CA ASN F 719 -204.43 35.64 -64.78
C ASN F 719 -205.75 35.24 -64.12
N ILE F 720 -206.84 35.35 -64.90
CA ILE F 720 -208.11 34.67 -64.67
C ILE F 720 -208.19 33.51 -65.68
N LYS F 721 -208.53 32.31 -65.21
CA LYS F 721 -208.47 31.06 -66.00
C LYS F 721 -209.86 30.58 -66.38
N ILE F 722 -210.11 30.38 -67.68
CA ILE F 722 -211.39 29.90 -68.23
C ILE F 722 -211.24 28.46 -68.71
N LYS F 723 -212.16 27.57 -68.35
CA LYS F 723 -212.10 26.12 -68.61
C LYS F 723 -213.34 25.62 -69.36
N ASN F 724 -213.17 24.66 -70.29
CA ASN F 724 -214.28 23.95 -70.93
C ASN F 724 -213.99 22.44 -71.04
N ARG F 725 -214.89 21.57 -70.60
CA ARG F 725 -214.71 20.11 -70.57
C ARG F 725 -214.77 19.50 -71.97
N VAL F 726 -213.82 18.63 -72.31
CA VAL F 726 -213.71 18.03 -73.65
C VAL F 726 -214.59 16.81 -73.85
N VAL F 727 -214.57 15.84 -72.94
CA VAL F 727 -215.19 14.52 -73.14
C VAL F 727 -216.45 14.35 -72.30
N PHE F 728 -217.55 14.05 -72.98
CA PHE F 728 -218.76 13.51 -72.38
C PHE F 728 -218.61 12.00 -72.19
N THR F 729 -218.79 11.51 -70.96
CA THR F 729 -218.55 10.10 -70.55
C THR F 729 -219.78 9.20 -70.56
N GLY F 730 -220.95 9.71 -70.98
CA GLY F 730 -222.20 8.93 -70.99
C GLY F 730 -222.86 8.75 -69.61
N GLU F 731 -222.27 9.24 -68.52
CA GLU F 731 -222.76 9.01 -67.15
C GLU F 731 -224.08 9.73 -66.83
N ASN F 732 -224.28 10.96 -67.33
CA ASN F 732 -225.51 11.72 -67.14
C ASN F 732 -226.55 11.36 -68.21
N ALA F 733 -227.46 10.43 -67.88
CA ALA F 733 -228.37 9.77 -68.82
C ALA F 733 -229.36 10.72 -69.51
N ALA F 734 -229.64 11.90 -68.97
CA ALA F 734 -230.51 12.90 -69.59
C ALA F 734 -229.87 13.56 -70.84
N LEU F 735 -228.54 13.56 -70.95
CA LEU F 735 -227.80 14.37 -71.93
C LEU F 735 -227.40 13.62 -73.22
N GLN F 736 -227.39 12.28 -73.21
CA GLN F 736 -226.76 11.44 -74.24
C GLN F 736 -227.18 11.80 -75.67
N ASN F 737 -228.45 12.16 -75.90
CA ASN F 737 -228.99 12.43 -77.23
C ASN F 737 -228.33 13.62 -77.95
N SER F 738 -227.70 14.54 -77.21
CA SER F 738 -226.91 15.63 -77.80
C SER F 738 -225.51 15.19 -78.27
N PHE F 739 -224.92 14.15 -77.69
CA PHE F 739 -223.54 13.71 -77.95
C PHE F 739 -223.40 12.41 -78.77
N ILE F 740 -224.44 11.58 -78.88
CA ILE F 740 -224.32 10.21 -79.42
C ILE F 740 -223.88 10.15 -80.90
N LYS F 741 -222.91 9.27 -81.19
CA LYS F 741 -222.36 8.99 -82.52
C LYS F 741 -223.20 7.92 -83.25
N SER F 742 -223.81 8.29 -84.36
CA SER F 742 -224.48 7.36 -85.30
C SER F 742 -223.46 6.62 -86.19
N THR F 743 -223.83 5.44 -86.71
CA THR F 743 -222.94 4.59 -87.56
C THR F 743 -223.56 4.22 -88.92
N THR F 744 -224.84 4.50 -89.17
CA THR F 744 -225.51 4.09 -90.42
C THR F 744 -225.05 4.89 -91.65
N ARG F 745 -225.02 4.24 -92.82
CA ARG F 745 -224.49 4.73 -94.09
C ARG F 745 -225.38 5.80 -94.74
N ARG F 746 -225.04 7.07 -94.58
CA ARG F 746 -225.76 8.23 -95.14
C ARG F 746 -225.44 8.44 -96.63
N GLU F 747 -226.34 9.14 -97.33
CA GLU F 747 -226.08 9.58 -98.72
C GLU F 747 -225.18 10.83 -98.81
N ASN F 748 -225.11 11.67 -97.77
CA ASN F 748 -224.26 12.87 -97.75
C ASN F 748 -222.77 12.62 -97.45
N TYR F 749 -222.32 11.37 -97.38
CA TYR F 749 -221.04 10.98 -96.80
C TYR F 749 -219.82 11.56 -97.55
N ILE F 750 -219.90 11.83 -98.85
CA ILE F 750 -218.84 12.52 -99.59
C ILE F 750 -218.93 14.02 -99.35
N ILE F 751 -220.09 14.64 -99.60
CA ILE F 751 -220.24 16.11 -99.56
C ILE F 751 -220.15 16.71 -98.14
N ASN F 752 -220.50 15.95 -97.10
CA ASN F 752 -220.24 16.25 -95.69
C ASN F 752 -219.01 15.50 -95.13
N GLY F 753 -218.20 14.91 -96.01
CA GLY F 753 -216.99 14.17 -95.67
C GLY F 753 -215.71 15.00 -95.67
N PRO F 754 -214.55 14.38 -95.45
CA PRO F 754 -213.28 15.09 -95.24
C PRO F 754 -212.67 15.72 -96.50
N TYR F 755 -213.13 15.39 -97.70
CA TYR F 755 -212.50 15.84 -98.95
C TYR F 755 -213.21 16.98 -99.70
N MET F 756 -214.47 17.29 -99.40
CA MET F 756 -215.30 18.16 -100.24
C MET F 756 -214.71 19.57 -100.44
N LYS F 757 -214.15 20.19 -99.40
CA LYS F 757 -213.50 21.51 -99.53
C LYS F 757 -212.29 21.49 -100.48
N PHE F 758 -211.47 20.45 -100.45
CA PHE F 758 -210.35 20.28 -101.39
C PHE F 758 -210.84 19.95 -102.80
N LEU F 759 -211.84 19.08 -102.94
CA LEU F 759 -212.45 18.76 -104.23
C LEU F 759 -213.07 19.99 -104.91
N ASN F 760 -213.50 20.99 -104.13
CA ASN F 760 -213.91 22.29 -104.63
C ASN F 760 -212.73 23.21 -104.97
N THR F 761 -211.78 23.40 -104.07
CA THR F 761 -210.58 24.23 -104.29
C THR F 761 -209.80 23.83 -105.55
N TYR F 762 -209.72 22.54 -105.86
CA TYR F 762 -208.99 22.00 -107.02
C TYR F 762 -209.89 21.58 -108.20
N HIS F 763 -211.18 21.96 -108.21
CA HIS F 763 -212.14 21.53 -109.23
C HIS F 763 -211.70 21.82 -110.67
N LYS F 764 -211.21 23.03 -110.96
CA LYS F 764 -210.75 23.42 -112.31
C LYS F 764 -209.48 22.68 -112.77
N THR F 765 -208.66 22.14 -111.85
CA THR F 765 -207.52 21.27 -112.21
C THR F 765 -207.92 19.79 -112.33
N LEU F 766 -208.89 19.29 -111.52
CA LEU F 766 -209.41 17.92 -111.67
C LEU F 766 -210.32 17.74 -112.89
N PHE F 767 -211.20 18.68 -113.21
CA PHE F 767 -212.15 18.57 -114.32
C PHE F 767 -212.11 19.83 -115.22
N PRO F 768 -211.06 20.00 -116.05
CA PRO F 768 -210.87 21.17 -116.89
C PRO F 768 -212.10 21.52 -117.74
N ASP F 769 -212.55 22.77 -117.64
CA ASP F 769 -213.68 23.37 -118.36
C ASP F 769 -215.04 22.64 -118.23
N THR F 770 -215.31 21.87 -117.16
CA THR F 770 -216.64 21.27 -116.96
C THR F 770 -217.69 22.32 -116.54
N LYS F 771 -218.94 22.19 -117.03
CA LYS F 771 -220.05 23.08 -116.65
C LYS F 771 -220.63 22.78 -115.26
N LEU F 772 -220.45 21.56 -114.77
CA LEU F 772 -221.01 21.04 -113.52
C LEU F 772 -220.45 21.77 -112.29
N SER F 773 -221.29 22.04 -111.29
CA SER F 773 -220.81 22.40 -109.95
C SER F 773 -220.13 21.20 -109.28
N SER F 774 -219.12 21.46 -108.46
CA SER F 774 -218.41 20.44 -107.71
C SER F 774 -219.35 19.66 -106.77
N LEU F 775 -220.31 20.34 -106.14
CA LEU F 775 -221.34 19.76 -105.30
C LEU F 775 -222.22 18.77 -106.07
N TYR F 776 -222.70 19.15 -107.26
CA TYR F 776 -223.51 18.23 -108.06
C TYR F 776 -222.70 17.05 -108.62
N LEU F 777 -221.44 17.26 -109.06
CA LEU F 777 -220.60 16.18 -109.58
C LEU F 777 -220.44 15.05 -108.55
N TRP F 778 -220.05 15.38 -107.33
CA TRP F 778 -219.85 14.42 -106.24
C TRP F 778 -221.14 13.89 -105.60
N HIS F 779 -222.26 14.61 -105.67
CA HIS F 779 -223.56 14.09 -105.25
C HIS F 779 -224.16 13.11 -106.28
N ASN F 780 -223.97 13.38 -107.57
CA ASN F 780 -224.28 12.47 -108.67
C ASN F 780 -223.46 11.19 -108.54
N PHE F 781 -222.16 11.29 -108.23
CA PHE F 781 -221.34 10.11 -107.95
C PHE F 781 -221.84 9.33 -106.73
N SER F 782 -222.17 10.03 -105.64
CA SER F 782 -222.77 9.49 -104.42
C SER F 782 -224.12 8.78 -104.60
N ARG F 783 -224.77 8.85 -105.77
CA ARG F 783 -226.08 8.22 -106.03
C ARG F 783 -226.16 7.38 -107.30
N ARG F 784 -225.32 7.65 -108.31
CA ARG F 784 -225.34 6.97 -109.61
C ARG F 784 -224.04 6.23 -109.96
N ARG F 785 -222.98 6.37 -109.15
CA ARG F 785 -221.68 5.70 -109.34
C ARG F 785 -221.03 5.99 -110.71
N SER F 786 -220.96 7.25 -111.13
CA SER F 786 -220.31 7.65 -112.40
C SER F 786 -219.57 8.99 -112.33
N VAL F 787 -218.52 9.14 -113.15
CA VAL F 787 -217.57 10.26 -113.11
C VAL F 787 -217.18 10.69 -114.54
N PRO F 788 -217.10 11.99 -114.85
CA PRO F 788 -216.79 12.45 -116.20
C PRO F 788 -215.28 12.45 -116.48
N VAL F 789 -214.84 12.01 -117.66
CA VAL F 789 -213.42 11.94 -118.04
C VAL F 789 -213.10 13.01 -119.11
N PRO F 790 -212.24 14.01 -118.83
CA PRO F 790 -211.86 15.05 -119.79
C PRO F 790 -211.34 14.50 -121.14
N SER F 791 -211.47 15.30 -122.20
CA SER F 791 -211.43 14.81 -123.59
C SER F 791 -210.17 14.01 -124.00
N GLY F 792 -208.99 14.42 -123.50
CA GLY F 792 -207.73 13.68 -123.70
C GLY F 792 -207.25 12.85 -122.50
N ALA F 793 -207.86 13.00 -121.32
CA ALA F 793 -207.44 12.30 -120.11
C ALA F 793 -207.79 10.81 -120.12
N SER F 794 -207.12 10.00 -119.29
CA SER F 794 -207.28 8.54 -119.27
C SER F 794 -208.42 8.08 -118.35
N ALA F 795 -209.19 7.07 -118.75
CA ALA F 795 -210.37 6.63 -117.97
C ALA F 795 -210.00 6.07 -116.59
N GLU F 796 -208.98 5.21 -116.50
CA GLU F 796 -208.75 4.45 -115.26
C GLU F 796 -208.19 5.31 -114.13
N GLU F 797 -207.41 6.34 -114.47
CA GLU F 797 -206.97 7.42 -113.60
C GLU F 797 -208.12 8.11 -112.85
N TYR F 798 -209.26 8.36 -113.50
CA TYR F 798 -210.45 8.89 -112.85
C TYR F 798 -211.24 7.83 -112.09
N SER F 799 -211.26 6.57 -112.54
CA SER F 799 -211.86 5.50 -111.74
C SER F 799 -211.13 5.32 -110.41
N ASP F 800 -209.80 5.51 -110.36
CA ASP F 800 -209.05 5.48 -109.11
C ASP F 800 -209.34 6.67 -108.19
N LEU F 801 -209.34 7.91 -108.71
CA LEU F 801 -209.74 9.11 -107.97
C LEU F 801 -211.10 8.92 -107.25
N ALA F 802 -212.08 8.40 -107.97
CA ALA F 802 -213.40 8.13 -107.43
C ALA F 802 -213.36 7.11 -106.28
N LEU F 803 -212.61 6.02 -106.41
CA LEU F 803 -212.46 5.02 -105.36
C LEU F 803 -211.67 5.53 -104.16
N PHE F 804 -210.70 6.44 -104.32
CA PHE F 804 -210.04 7.09 -103.19
C PHE F 804 -211.04 7.91 -102.33
N VAL F 805 -211.85 8.73 -102.99
CA VAL F 805 -212.86 9.61 -102.36
C VAL F 805 -213.91 8.79 -101.65
N ASP F 806 -214.45 7.77 -102.30
CA ASP F 806 -215.42 6.85 -101.71
C ASP F 806 -214.87 6.13 -100.46
N GLY F 807 -213.68 5.53 -100.61
CA GLY F 807 -213.03 4.76 -99.55
C GLY F 807 -212.79 5.58 -98.30
N GLY F 808 -212.10 6.71 -98.43
CA GLY F 808 -211.81 7.58 -97.28
C GLY F 808 -213.06 8.19 -96.67
N SER F 809 -214.08 8.53 -97.48
CA SER F 809 -215.32 9.07 -96.95
C SER F 809 -216.09 8.06 -96.09
N ARG F 810 -216.21 6.78 -96.50
CA ARG F 810 -216.81 5.72 -95.65
C ARG F 810 -215.97 5.40 -94.43
N ALA F 811 -214.64 5.38 -94.52
CA ALA F 811 -213.77 5.20 -93.36
C ALA F 811 -213.92 6.35 -92.34
N HIS F 812 -214.05 7.58 -92.80
CA HIS F 812 -214.33 8.75 -91.96
C HIS F 812 -215.71 8.68 -91.30
N GLU F 813 -216.75 8.27 -92.04
CA GLU F 813 -218.12 8.10 -91.55
C GLU F 813 -218.19 7.12 -90.37
N GLU F 814 -217.48 5.98 -90.47
CA GLU F 814 -217.28 5.02 -89.40
C GLU F 814 -216.50 5.58 -88.20
N SER F 815 -215.30 6.11 -88.42
CA SER F 815 -214.34 6.41 -87.33
C SER F 815 -214.48 7.78 -86.64
N ASN F 816 -215.08 8.80 -87.26
CA ASN F 816 -214.94 10.19 -86.80
C ASN F 816 -215.79 10.56 -85.57
N VAL F 817 -215.18 11.20 -84.57
CA VAL F 817 -215.86 11.80 -83.40
C VAL F 817 -215.58 13.30 -83.21
N ILE F 818 -214.99 13.94 -84.22
CA ILE F 818 -214.67 15.38 -84.25
C ILE F 818 -215.52 16.05 -85.34
N ASP F 819 -216.55 16.81 -84.97
CA ASP F 819 -217.60 17.28 -85.90
C ASP F 819 -217.19 18.51 -86.75
N VAL F 820 -216.19 18.34 -87.61
CA VAL F 820 -215.55 19.36 -88.45
C VAL F 820 -215.35 18.86 -89.87
N VAL F 821 -215.57 19.73 -90.86
CA VAL F 821 -215.18 19.52 -92.26
C VAL F 821 -213.92 20.38 -92.50
N PRO F 822 -212.71 19.80 -92.60
CA PRO F 822 -211.46 20.56 -92.54
C PRO F 822 -211.20 21.40 -93.80
N GLY F 823 -210.74 22.64 -93.65
CA GLY F 823 -210.45 23.54 -94.77
C GLY F 823 -209.04 23.50 -95.35
N ASN F 824 -208.06 22.98 -94.62
CA ASN F 824 -206.65 22.94 -94.99
C ASN F 824 -205.98 21.65 -94.52
N LEU F 825 -204.85 21.28 -95.13
CA LEU F 825 -204.17 20.00 -94.85
C LEU F 825 -203.66 19.87 -93.41
N VAL F 826 -203.31 20.95 -92.72
CA VAL F 826 -202.92 20.92 -91.30
C VAL F 826 -204.10 20.54 -90.41
N THR F 827 -205.28 21.11 -90.65
CA THR F 827 -206.50 20.74 -89.90
C THR F 827 -206.95 19.33 -90.24
N TYR F 828 -206.91 18.93 -91.51
CA TYR F 828 -207.15 17.54 -91.93
C TYR F 828 -206.24 16.54 -91.21
N ALA F 829 -204.94 16.81 -91.16
CA ALA F 829 -203.95 15.99 -90.46
C ALA F 829 -204.21 15.92 -88.95
N LYS F 830 -204.42 17.05 -88.28
CA LYS F 830 -204.73 17.10 -86.84
C LYS F 830 -206.04 16.42 -86.47
N GLN F 831 -207.06 16.45 -87.31
CA GLN F 831 -208.28 15.67 -87.10
C GLN F 831 -207.98 14.16 -87.15
N ARG F 832 -207.24 13.68 -88.17
CA ARG F 832 -206.87 12.26 -88.31
C ARG F 832 -206.08 11.76 -87.10
N LEU F 833 -205.14 12.57 -86.60
CA LEU F 833 -204.34 12.27 -85.40
C LEU F 833 -205.19 12.13 -84.14
N ASN F 834 -206.06 13.08 -83.84
CA ASN F 834 -206.85 13.07 -82.60
C ASN F 834 -207.96 12.01 -82.61
N ASN F 835 -208.57 11.68 -83.77
CA ASN F 835 -209.43 10.51 -83.91
C ASN F 835 -208.68 9.20 -83.60
N ALA F 836 -207.37 9.10 -83.86
CA ALA F 836 -206.60 7.90 -83.52
C ALA F 836 -206.38 7.75 -82.00
N ILE F 837 -206.06 8.84 -81.30
CA ILE F 837 -205.82 8.83 -79.85
C ILE F 837 -207.11 8.48 -79.10
N LEU F 838 -208.25 9.06 -79.48
CA LEU F 838 -209.54 8.77 -78.86
C LEU F 838 -209.96 7.30 -79.02
N LYS F 839 -209.64 6.67 -80.17
CA LYS F 839 -209.88 5.25 -80.40
C LYS F 839 -209.02 4.34 -79.51
N ALA F 840 -207.73 4.64 -79.33
CA ALA F 840 -206.88 3.94 -78.38
C ALA F 840 -207.38 4.08 -76.91
N CYS F 841 -208.03 5.19 -76.57
CA CYS F 841 -208.67 5.38 -75.27
C CYS F 841 -210.07 4.74 -75.14
N GLY F 842 -210.59 4.07 -76.17
CA GLY F 842 -211.95 3.52 -76.18
C GLY F 842 -213.09 4.56 -76.25
N GLN F 843 -212.81 5.81 -76.65
CA GLN F 843 -213.79 6.88 -76.81
C GLN F 843 -214.36 6.87 -78.23
N THR F 844 -215.46 6.15 -78.42
CA THR F 844 -216.05 5.85 -79.75
C THR F 844 -217.56 6.09 -79.85
N GLN F 845 -218.24 6.25 -78.72
CA GLN F 845 -219.71 6.33 -78.64
C GLN F 845 -220.24 7.77 -78.77
N PHE F 846 -219.40 8.78 -78.54
CA PHE F 846 -219.80 10.19 -78.42
C PHE F 846 -218.88 11.13 -79.20
N TYR F 847 -219.46 12.18 -79.77
CA TYR F 847 -218.70 13.38 -80.17
C TYR F 847 -218.05 14.07 -78.97
N ILE F 848 -216.86 14.64 -79.16
CA ILE F 848 -216.24 15.55 -78.18
C ILE F 848 -216.79 16.98 -78.27
N SER F 849 -216.66 17.79 -77.21
CA SER F 849 -216.93 19.24 -77.28
C SER F 849 -215.97 19.96 -78.21
N LEU F 850 -216.44 21.00 -78.90
CA LEU F 850 -215.65 21.90 -79.73
C LEU F 850 -215.73 23.35 -79.24
N ILE F 851 -214.64 24.11 -79.34
CA ILE F 851 -214.68 25.58 -79.30
C ILE F 851 -214.34 26.12 -80.70
N GLN F 852 -215.17 27.00 -81.25
CA GLN F 852 -214.92 27.70 -82.52
C GLN F 852 -214.65 29.20 -82.31
N GLY F 853 -213.61 29.71 -82.97
CA GLY F 853 -213.29 31.13 -82.98
C GLY F 853 -214.04 31.87 -84.09
N LEU F 854 -214.69 32.98 -83.75
CA LEU F 854 -215.27 33.93 -84.70
C LEU F 854 -214.28 35.07 -84.93
N VAL F 855 -213.77 35.22 -86.15
CA VAL F 855 -212.67 36.15 -86.48
C VAL F 855 -213.15 37.28 -87.42
N PRO F 856 -212.96 38.56 -87.08
CA PRO F 856 -213.39 39.69 -87.91
C PRO F 856 -212.72 39.77 -89.29
N ARG F 857 -213.52 39.96 -90.34
CA ARG F 857 -213.11 40.28 -91.72
C ARG F 857 -213.67 41.62 -92.15
N THR F 858 -212.81 42.51 -92.64
CA THR F 858 -213.16 43.90 -93.01
C THR F 858 -213.35 44.02 -94.51
N GLN F 859 -214.46 44.60 -94.96
CA GLN F 859 -214.85 44.67 -96.39
C GLN F 859 -215.41 46.05 -96.80
N SER F 860 -215.12 46.51 -98.01
CA SER F 860 -215.66 47.76 -98.58
C SER F 860 -216.91 47.47 -99.42
N VAL F 861 -218.00 48.20 -99.18
CA VAL F 861 -219.33 47.98 -99.78
C VAL F 861 -219.90 49.30 -100.31
N PRO F 862 -220.88 49.30 -101.23
CA PRO F 862 -221.51 50.54 -101.71
C PRO F 862 -222.29 51.24 -100.59
N ALA F 863 -222.14 52.56 -100.47
CA ALA F 863 -222.60 53.34 -99.31
C ALA F 863 -224.13 53.54 -99.20
N ARG F 864 -224.93 53.04 -100.14
CA ARG F 864 -226.39 53.25 -100.25
C ARG F 864 -227.15 53.10 -98.93
N ASP F 865 -226.85 52.07 -98.14
CA ASP F 865 -227.45 51.83 -96.81
C ASP F 865 -226.53 52.16 -95.62
N TYR F 866 -225.50 52.98 -95.82
CA TYR F 866 -224.51 53.38 -94.80
C TYR F 866 -224.41 54.92 -94.75
N PRO F 867 -225.49 55.62 -94.31
CA PRO F 867 -225.68 57.05 -94.56
C PRO F 867 -224.63 57.95 -93.89
N HIS F 868 -223.93 57.49 -92.86
CA HIS F 868 -222.93 58.29 -92.15
C HIS F 868 -221.74 58.75 -93.01
N VAL F 869 -221.49 58.16 -94.18
CA VAL F 869 -220.42 58.63 -95.08
C VAL F 869 -220.67 60.05 -95.65
N LEU F 870 -221.90 60.54 -95.63
CA LEU F 870 -222.28 61.86 -96.12
C LEU F 870 -221.86 63.02 -95.17
N GLY F 871 -221.53 62.74 -93.91
CA GLY F 871 -221.16 63.74 -92.92
C GLY F 871 -222.33 64.58 -92.40
N THR F 872 -222.03 65.76 -91.85
CA THR F 872 -223.03 66.71 -91.30
C THR F 872 -223.82 67.49 -92.37
N ARG F 873 -223.58 67.21 -93.65
CA ARG F 873 -224.31 67.66 -94.85
C ARG F 873 -225.83 67.71 -94.66
N ALA F 874 -226.49 68.76 -95.12
CA ALA F 874 -227.94 68.82 -95.23
C ALA F 874 -228.43 67.99 -96.43
N VAL F 875 -229.49 67.19 -96.24
CA VAL F 875 -230.09 66.32 -97.27
C VAL F 875 -231.52 66.77 -97.55
N GLU F 876 -231.80 67.17 -98.79
CA GLU F 876 -233.07 67.82 -99.17
C GLU F 876 -234.07 66.89 -99.86
N SER F 877 -233.61 65.84 -100.56
CA SER F 877 -234.48 64.86 -101.22
C SER F 877 -233.83 63.47 -101.32
N ALA F 878 -234.66 62.43 -101.48
CA ALA F 878 -234.19 61.05 -101.65
C ALA F 878 -233.38 60.87 -102.96
N ALA F 879 -233.73 61.61 -104.01
CA ALA F 879 -232.97 61.63 -105.26
C ALA F 879 -231.55 62.21 -105.06
N ALA F 880 -231.41 63.27 -104.26
CA ALA F 880 -230.10 63.81 -103.91
C ALA F 880 -229.29 62.85 -103.01
N TYR F 881 -229.93 62.15 -102.06
CA TYR F 881 -229.27 61.11 -101.27
C TYR F 881 -228.74 59.96 -102.15
N ALA F 882 -229.56 59.48 -103.08
CA ALA F 882 -229.15 58.45 -104.04
C ALA F 882 -228.01 58.92 -104.94
N GLU F 883 -228.05 60.16 -105.44
CA GLU F 883 -226.97 60.74 -106.25
C GLU F 883 -225.66 60.84 -105.44
N ALA F 884 -225.70 61.44 -104.24
CA ALA F 884 -224.52 61.64 -103.41
C ALA F 884 -223.86 60.33 -102.93
N THR F 885 -224.64 59.28 -102.68
CA THR F 885 -224.10 57.96 -102.29
C THR F 885 -223.67 57.09 -103.48
N SER F 886 -224.14 57.34 -104.71
CA SER F 886 -223.89 56.48 -105.88
C SER F 886 -222.40 56.20 -106.18
N SER F 887 -221.51 57.15 -105.85
CA SER F 887 -220.07 57.06 -106.09
C SER F 887 -219.22 56.70 -104.86
N LEU F 888 -219.84 56.38 -103.71
CA LEU F 888 -219.17 56.25 -102.40
C LEU F 888 -219.21 54.82 -101.85
N THR F 889 -218.19 54.46 -101.07
CA THR F 889 -218.09 53.16 -100.38
C THR F 889 -217.90 53.33 -98.87
N ALA F 890 -218.48 52.39 -98.11
CA ALA F 890 -218.38 52.29 -96.67
C ALA F 890 -217.59 51.04 -96.25
N THR F 891 -216.76 51.15 -95.23
CA THR F 891 -216.11 49.99 -94.59
C THR F 891 -217.08 49.32 -93.62
N THR F 892 -217.23 48.01 -93.69
CA THR F 892 -218.07 47.21 -92.77
C THR F 892 -217.30 45.96 -92.31
N VAL F 893 -217.77 45.35 -91.23
CA VAL F 893 -217.14 44.17 -90.63
C VAL F 893 -218.16 43.04 -90.45
N VAL F 894 -217.75 41.83 -90.77
CA VAL F 894 -218.47 40.57 -90.50
C VAL F 894 -217.51 39.59 -89.85
N CYS F 895 -218.01 38.59 -89.12
CA CYS F 895 -217.18 37.54 -88.52
C CYS F 895 -217.28 36.22 -89.29
N ALA F 896 -216.15 35.54 -89.48
CA ALA F 896 -216.06 34.21 -90.09
C ALA F 896 -215.65 33.14 -89.07
N ALA F 897 -216.28 31.97 -89.12
CA ALA F 897 -215.94 30.86 -88.22
C ALA F 897 -214.66 30.15 -88.69
N THR F 898 -213.66 30.11 -87.82
CA THR F 898 -212.48 29.25 -87.97
C THR F 898 -212.81 27.82 -87.50
N ASP F 899 -212.24 26.83 -88.16
CA ASP F 899 -212.31 25.40 -87.79
C ASP F 899 -211.14 24.96 -86.87
N CYS F 900 -210.29 25.90 -86.43
CA CYS F 900 -208.99 25.65 -85.81
C CYS F 900 -208.56 26.80 -84.85
N LEU F 901 -209.21 26.91 -83.68
CA LEU F 901 -208.92 27.95 -82.69
C LEU F 901 -207.45 28.04 -82.26
N SER F 902 -206.72 26.93 -82.22
CA SER F 902 -205.35 26.91 -81.68
C SER F 902 -204.34 27.78 -82.46
N GLN F 903 -204.44 27.90 -83.79
CA GLN F 903 -203.59 28.81 -84.57
C GLN F 903 -203.92 30.29 -84.29
N VAL F 904 -205.18 30.63 -84.03
CA VAL F 904 -205.57 31.98 -83.60
C VAL F 904 -204.99 32.31 -82.23
N CYS F 905 -205.02 31.39 -81.26
CA CYS F 905 -204.42 31.59 -79.94
C CYS F 905 -202.90 31.80 -79.95
N LYS F 906 -202.17 31.31 -80.96
CA LYS F 906 -200.73 31.62 -81.14
C LYS F 906 -200.45 33.08 -81.52
N ALA F 907 -201.42 33.79 -82.10
CA ALA F 907 -201.32 35.19 -82.49
C ALA F 907 -201.70 36.22 -81.38
N ARG F 908 -201.69 35.77 -80.11
CA ARG F 908 -201.96 36.56 -78.88
C ARG F 908 -203.23 37.44 -78.97
N PRO F 909 -204.42 36.84 -79.13
CA PRO F 909 -205.61 37.58 -79.54
C PRO F 909 -206.25 38.43 -78.44
N VAL F 910 -206.94 39.49 -78.83
CA VAL F 910 -208.01 40.12 -78.05
C VAL F 910 -209.25 39.22 -78.12
N VAL F 911 -209.87 38.91 -76.99
CA VAL F 911 -210.96 37.93 -76.89
C VAL F 911 -212.22 38.48 -76.22
N THR F 912 -213.39 37.96 -76.61
CA THR F 912 -214.69 38.17 -75.93
C THR F 912 -215.42 36.85 -75.77
N LEU F 913 -215.86 36.53 -74.55
CA LEU F 913 -216.45 35.23 -74.20
C LEU F 913 -217.46 35.29 -73.04
N PRO F 914 -218.41 34.36 -72.92
CA PRO F 914 -219.32 34.24 -71.78
C PRO F 914 -218.73 33.36 -70.67
N VAL F 915 -218.89 33.72 -69.38
CA VAL F 915 -218.44 32.89 -68.25
C VAL F 915 -219.47 32.77 -67.12
N THR F 916 -219.57 31.59 -66.52
CA THR F 916 -220.17 31.35 -65.19
C THR F 916 -219.10 30.87 -64.24
N ILE F 917 -219.00 31.42 -63.01
CA ILE F 917 -218.09 30.87 -61.99
C ILE F 917 -218.85 29.90 -61.09
N ASN F 918 -218.57 28.61 -61.22
CA ASN F 918 -219.15 27.52 -60.44
C ASN F 918 -218.24 27.17 -59.26
N LYS F 919 -218.83 26.83 -58.10
CA LYS F 919 -218.10 26.55 -56.86
C LYS F 919 -218.49 25.19 -56.28
N TYR F 920 -217.53 24.46 -55.76
CA TYR F 920 -217.70 23.05 -55.35
C TYR F 920 -216.72 22.65 -54.23
N THR F 921 -217.05 21.58 -53.50
CA THR F 921 -216.24 21.02 -52.42
C THR F 921 -215.02 20.27 -52.96
N GLY F 922 -213.92 20.20 -52.20
CA GLY F 922 -212.81 19.30 -52.51
C GLY F 922 -213.13 17.80 -52.40
N VAL F 923 -212.24 16.96 -52.93
CA VAL F 923 -212.32 15.48 -52.86
C VAL F 923 -211.62 14.90 -51.62
N ASN F 924 -211.67 13.57 -51.45
CA ASN F 924 -210.93 12.81 -50.44
C ASN F 924 -211.20 13.31 -49.00
N GLY F 925 -212.45 13.66 -48.71
CA GLY F 925 -212.89 14.12 -47.39
C GLY F 925 -212.59 15.60 -47.10
N ASN F 926 -212.01 16.35 -48.03
CA ASN F 926 -211.75 17.77 -47.85
C ASN F 926 -213.05 18.61 -47.75
N ASN F 927 -213.05 19.69 -46.98
CA ASN F 927 -214.20 20.57 -46.76
C ASN F 927 -214.02 22.01 -47.32
N GLN F 928 -212.92 22.32 -48.01
CA GLN F 928 -212.71 23.61 -48.65
C GLN F 928 -213.56 23.80 -49.91
N ILE F 929 -213.73 25.06 -50.34
CA ILE F 929 -214.41 25.45 -51.56
C ILE F 929 -213.38 25.73 -52.67
N PHE F 930 -213.57 25.17 -53.85
CA PHE F 930 -212.80 25.41 -55.07
C PHE F 930 -213.70 25.99 -56.16
N GLN F 931 -213.13 26.72 -57.14
CA GLN F 931 -213.90 27.37 -58.21
C GLN F 931 -213.43 27.00 -59.61
N ALA F 932 -214.34 27.02 -60.59
CA ALA F 932 -214.03 27.00 -62.01
C ALA F 932 -214.80 28.10 -62.75
N GLY F 933 -214.13 28.83 -63.64
CA GLY F 933 -214.75 29.74 -64.58
C GLY F 933 -215.07 28.98 -65.85
N ASN F 934 -216.32 28.56 -66.04
CA ASN F 934 -216.71 27.72 -67.16
C ASN F 934 -217.26 28.55 -68.33
N LEU F 935 -216.79 28.25 -69.53
CA LEU F 935 -217.22 28.86 -70.77
C LEU F 935 -218.71 28.57 -71.03
N GLY F 936 -219.50 29.62 -71.24
CA GLY F 936 -220.94 29.57 -71.44
C GLY F 936 -221.39 30.02 -72.83
N TYR F 937 -222.58 30.60 -72.91
CA TYR F 937 -223.27 30.99 -74.14
C TYR F 937 -223.64 32.48 -74.18
N PHE F 938 -223.71 33.05 -75.38
CA PHE F 938 -224.20 34.40 -75.62
C PHE F 938 -225.74 34.45 -75.65
N MET F 939 -226.34 35.47 -75.06
CA MET F 939 -227.79 35.72 -75.14
C MET F 939 -228.11 36.92 -76.02
N GLY F 940 -229.17 36.82 -76.82
CA GLY F 940 -229.68 37.89 -77.68
C GLY F 940 -229.42 37.62 -79.16
N ARG F 941 -230.47 37.66 -79.99
CA ARG F 941 -230.39 37.29 -81.41
C ARG F 941 -229.63 38.28 -82.30
N GLY F 942 -229.33 39.50 -81.83
CA GLY F 942 -228.60 40.50 -82.59
C GLY F 942 -227.07 40.40 -82.53
N VAL F 943 -226.49 39.50 -81.74
CA VAL F 943 -225.05 39.43 -81.48
C VAL F 943 -224.25 39.09 -82.75
N ASP F 944 -224.48 37.94 -83.38
CA ASP F 944 -223.85 37.57 -84.65
C ASP F 944 -224.66 36.49 -85.38
N ARG F 945 -224.82 36.62 -86.70
CA ARG F 945 -225.59 35.67 -87.52
C ARG F 945 -225.09 34.22 -87.46
N ASN F 946 -223.81 33.97 -87.18
CA ASN F 946 -223.29 32.60 -87.02
C ASN F 946 -223.84 31.88 -85.77
N LEU F 947 -224.34 32.63 -84.78
CA LEU F 947 -224.95 32.07 -83.58
C LEU F 947 -226.45 31.70 -83.75
N LEU F 948 -227.09 32.11 -84.84
CA LEU F 948 -228.52 31.86 -85.10
C LEU F 948 -228.80 30.38 -85.41
N GLN F 949 -229.59 29.71 -84.58
CA GLN F 949 -230.13 28.37 -84.85
C GLN F 949 -231.39 28.41 -85.70
N SER F 963 -226.05 24.99 -78.95
CA SER F 963 -225.78 23.58 -78.77
C SER F 963 -225.02 23.27 -77.47
N MET F 964 -225.21 22.06 -76.94
CA MET F 964 -224.37 21.51 -75.88
C MET F 964 -222.90 21.38 -76.31
N ARG F 965 -222.64 20.92 -77.54
CA ARG F 965 -221.33 20.42 -77.97
C ARG F 965 -220.49 21.35 -78.84
N LYS F 966 -221.00 22.53 -79.20
CA LYS F 966 -220.22 23.63 -79.80
C LYS F 966 -220.40 24.93 -79.02
N LYS F 967 -219.29 25.57 -78.65
CA LYS F 967 -219.25 26.90 -78.02
C LYS F 967 -218.37 27.87 -78.82
N PHE F 968 -218.63 29.16 -78.69
CA PHE F 968 -217.97 30.21 -79.48
C PHE F 968 -217.23 31.23 -78.61
N VAL F 969 -216.13 31.75 -79.15
CA VAL F 969 -215.34 32.90 -78.66
C VAL F 969 -215.08 33.86 -79.83
N PHE F 970 -215.20 35.17 -79.65
CA PHE F 970 -214.71 36.14 -80.65
C PHE F 970 -213.21 36.39 -80.42
N ALA F 971 -212.39 36.40 -81.48
CA ALA F 971 -210.95 36.63 -81.39
C ALA F 971 -210.39 37.54 -82.51
N THR F 972 -209.58 38.54 -82.16
CA THR F 972 -208.80 39.38 -83.11
C THR F 972 -207.31 39.22 -82.82
N PRO F 973 -206.45 38.78 -83.75
CA PRO F 973 -205.01 38.61 -83.49
C PRO F 973 -204.25 39.95 -83.31
N THR F 974 -203.16 39.95 -82.53
CA THR F 974 -202.29 41.15 -82.37
C THR F 974 -200.89 41.02 -83.01
N LEU F 975 -200.35 39.81 -83.19
CA LEU F 975 -199.13 39.61 -83.99
C LEU F 975 -199.35 40.07 -85.45
N GLY F 976 -198.46 40.92 -85.97
CA GLY F 976 -198.57 41.53 -87.29
C GLY F 976 -199.50 42.74 -87.38
N LEU F 977 -200.14 43.14 -86.27
CA LEU F 977 -200.88 44.39 -86.15
C LEU F 977 -200.09 45.36 -85.25
N THR F 978 -199.96 45.05 -83.95
CA THR F 978 -199.29 45.91 -82.95
C THR F 978 -198.00 45.31 -82.38
N VAL F 979 -197.75 44.00 -82.57
CA VAL F 979 -196.55 43.29 -82.12
C VAL F 979 -195.87 42.58 -83.30
N LYS F 980 -194.54 42.68 -83.42
CA LYS F 980 -193.78 42.14 -84.56
C LYS F 980 -193.50 40.64 -84.41
N ARG F 981 -193.64 39.87 -85.49
CA ARG F 981 -193.32 38.43 -85.54
C ARG F 981 -191.81 38.17 -85.41
N THR F 988 -180.28 29.70 -92.21
CA THR F 988 -179.12 28.86 -92.54
C THR F 988 -178.39 29.30 -93.81
N TYR F 989 -177.11 28.95 -93.93
CA TYR F 989 -176.41 28.96 -95.21
C TYR F 989 -176.86 27.78 -96.08
N GLU F 990 -176.86 27.93 -97.40
CA GLU F 990 -177.25 26.83 -98.31
C GLU F 990 -176.39 25.56 -98.16
N ILE F 991 -175.09 25.70 -97.84
CA ILE F 991 -174.22 24.55 -97.54
C ILE F 991 -174.66 23.77 -96.28
N GLU F 992 -175.38 24.36 -95.34
CA GLU F 992 -175.99 23.62 -94.22
C GLU F 992 -177.20 22.78 -94.68
N ASN F 993 -177.99 23.29 -95.62
CA ASN F 993 -179.16 22.60 -96.15
C ASN F 993 -178.75 21.42 -97.06
N ILE F 994 -177.74 21.60 -97.92
CA ILE F 994 -177.17 20.46 -98.69
C ILE F 994 -176.70 19.37 -97.72
N ARG F 995 -175.90 19.72 -96.71
CA ARG F 995 -175.39 18.81 -95.69
C ARG F 995 -176.50 18.07 -94.92
N ALA F 996 -177.53 18.76 -94.47
CA ALA F 996 -178.68 18.11 -93.82
C ALA F 996 -179.39 17.11 -94.75
N GLY F 997 -179.62 17.46 -96.01
CA GLY F 997 -180.27 16.57 -96.98
C GLY F 997 -179.46 15.32 -97.31
N LEU F 998 -178.13 15.40 -97.35
CA LEU F 998 -177.26 14.24 -97.50
C LEU F 998 -177.24 13.34 -96.26
N GLU F 999 -177.14 13.89 -95.04
CA GLU F 999 -177.25 13.08 -93.83
C GLU F 999 -178.63 12.41 -93.71
N ALA F 1000 -179.70 13.05 -94.19
CA ALA F 1000 -181.05 12.47 -94.25
C ALA F 1000 -181.15 11.29 -95.23
N ILE F 1001 -180.47 11.32 -96.39
CA ILE F 1001 -180.40 10.18 -97.32
C ILE F 1001 -179.58 9.03 -96.70
N ILE F 1002 -178.33 9.29 -96.31
CA ILE F 1002 -177.39 8.23 -95.93
C ILE F 1002 -177.87 7.49 -94.67
N SER F 1003 -178.51 8.19 -93.72
CA SER F 1003 -179.09 7.60 -92.51
C SER F 1003 -180.32 6.72 -92.76
N GLN F 1004 -180.93 6.77 -93.95
CA GLN F 1004 -182.13 5.99 -94.30
C GLN F 1004 -181.88 4.88 -95.35
N LYS F 1005 -180.96 5.07 -96.29
CA LYS F 1005 -180.72 4.12 -97.39
C LYS F 1005 -180.23 2.77 -96.85
N GLN F 1006 -181.00 1.71 -97.05
CA GLN F 1006 -180.75 0.35 -96.58
C GLN F 1006 -180.91 -0.68 -97.70
N GLU F 1007 -180.12 -1.75 -97.62
CA GLU F 1007 -180.11 -2.87 -98.60
C GLU F 1007 -179.63 -2.49 -100.02
N GLU F 1008 -179.07 -1.29 -100.20
CA GLU F 1008 -178.43 -0.81 -101.43
C GLU F 1008 -177.31 0.20 -101.13
N ASP F 1009 -176.28 0.24 -101.98
CA ASP F 1009 -175.18 1.20 -101.87
C ASP F 1009 -175.63 2.63 -102.27
N CYS F 1010 -175.29 3.65 -101.48
CA CYS F 1010 -175.88 5.00 -101.56
C CYS F 1010 -175.20 6.01 -102.51
N VAL F 1011 -174.03 5.71 -103.10
CA VAL F 1011 -173.19 6.71 -103.79
C VAL F 1011 -173.90 7.36 -104.99
N PHE F 1012 -174.67 6.59 -105.79
CA PHE F 1012 -175.44 7.15 -106.91
C PHE F 1012 -176.55 8.10 -106.45
N ASP F 1013 -177.26 7.81 -105.35
CA ASP F 1013 -178.29 8.70 -104.81
C ASP F 1013 -177.73 9.97 -104.15
N VAL F 1014 -176.52 9.91 -103.58
CA VAL F 1014 -175.78 11.08 -103.09
C VAL F 1014 -175.30 11.94 -104.26
N VAL F 1015 -174.68 11.34 -105.27
CA VAL F 1015 -174.23 12.06 -106.49
C VAL F 1015 -175.38 12.75 -107.21
N CYS F 1016 -176.56 12.13 -107.31
CA CYS F 1016 -177.72 12.78 -107.92
C CYS F 1016 -178.21 13.99 -107.12
N ASN F 1017 -178.24 13.92 -105.79
CA ASN F 1017 -178.60 15.08 -104.96
C ASN F 1017 -177.58 16.23 -105.08
N LEU F 1018 -176.28 15.96 -105.18
CA LEU F 1018 -175.26 16.98 -105.45
C LEU F 1018 -175.43 17.61 -106.85
N VAL F 1019 -175.61 16.81 -107.89
CA VAL F 1019 -175.80 17.30 -109.27
C VAL F 1019 -177.10 18.11 -109.37
N ASP F 1020 -178.17 17.76 -108.65
CA ASP F 1020 -179.37 18.58 -108.56
C ASP F 1020 -179.10 19.95 -107.88
N ALA F 1021 -178.42 19.98 -106.73
CA ALA F 1021 -178.22 21.20 -105.95
C ALA F 1021 -177.12 22.15 -106.47
N MET F 1022 -176.11 21.62 -107.18
CA MET F 1022 -174.95 22.39 -107.64
C MET F 1022 -174.74 22.37 -109.17
N GLY F 1023 -175.33 21.42 -109.90
CA GLY F 1023 -175.20 21.34 -111.35
C GLY F 1023 -173.75 21.27 -111.83
N GLU F 1024 -173.40 22.15 -112.78
CA GLU F 1024 -172.06 22.25 -113.37
C GLU F 1024 -170.94 22.53 -112.35
N ALA F 1025 -171.25 23.14 -111.20
CA ALA F 1025 -170.28 23.38 -110.14
C ALA F 1025 -169.76 22.09 -109.46
N CYS F 1026 -170.38 20.93 -109.68
CA CYS F 1026 -169.83 19.64 -109.23
C CYS F 1026 -168.52 19.26 -109.93
N ALA F 1027 -168.29 19.75 -111.16
CA ALA F 1027 -167.15 19.38 -112.00
C ALA F 1027 -165.77 19.69 -111.36
N SER F 1028 -165.71 20.60 -110.39
CA SER F 1028 -164.51 20.99 -109.67
C SER F 1028 -164.64 20.87 -108.14
N LEU F 1029 -165.60 20.10 -107.64
CA LEU F 1029 -165.81 19.89 -106.20
C LEU F 1029 -164.55 19.27 -105.57
N THR F 1030 -163.94 19.98 -104.61
CA THR F 1030 -162.70 19.54 -103.95
C THR F 1030 -163.01 18.58 -102.79
N ARG F 1031 -162.00 17.83 -102.32
CA ARG F 1031 -162.18 16.89 -101.19
C ARG F 1031 -162.52 17.60 -99.88
N ASP F 1032 -161.96 18.78 -99.62
CA ASP F 1032 -162.29 19.56 -98.42
C ASP F 1032 -163.75 20.03 -98.40
N ASP F 1033 -164.29 20.49 -99.55
CA ASP F 1033 -165.72 20.79 -99.68
C ASP F 1033 -166.59 19.52 -99.57
N ALA F 1034 -166.24 18.45 -100.27
CA ALA F 1034 -167.00 17.19 -100.21
C ALA F 1034 -167.08 16.61 -98.80
N GLU F 1035 -165.96 16.56 -98.06
CA GLU F 1035 -165.95 16.11 -96.67
C GLU F 1035 -166.84 16.95 -95.75
N TYR F 1036 -166.89 18.29 -95.90
CA TYR F 1036 -167.82 19.12 -95.12
C TYR F 1036 -169.30 18.79 -95.44
N LEU F 1037 -169.66 18.67 -96.71
CA LEU F 1037 -171.05 18.38 -97.13
C LEU F 1037 -171.53 17.00 -96.68
N LEU F 1038 -170.68 15.99 -96.69
CA LEU F 1038 -171.01 14.64 -96.21
C LEU F 1038 -171.14 14.53 -94.68
N GLY F 1039 -170.68 15.52 -93.91
CA GLY F 1039 -170.87 15.60 -92.47
C GLY F 1039 -170.31 14.40 -91.71
N ARG F 1040 -171.17 13.71 -90.95
CA ARG F 1040 -170.87 12.46 -90.21
C ARG F 1040 -170.29 11.35 -91.08
N PHE F 1041 -170.66 11.30 -92.35
CA PHE F 1041 -170.31 10.24 -93.29
C PHE F 1041 -169.16 10.62 -94.23
N SER F 1042 -168.27 11.53 -93.83
CA SER F 1042 -167.17 12.06 -94.63
C SER F 1042 -166.22 11.01 -95.23
N VAL F 1043 -166.23 9.79 -94.69
CA VAL F 1043 -165.51 8.64 -95.27
C VAL F 1043 -165.90 8.35 -96.73
N LEU F 1044 -167.11 8.73 -97.16
CA LEU F 1044 -167.63 8.47 -98.50
C LEU F 1044 -166.97 9.31 -99.62
N ALA F 1045 -166.23 10.38 -99.26
CA ALA F 1045 -165.77 11.43 -100.18
C ALA F 1045 -164.97 10.93 -101.40
N ASP F 1046 -164.02 10.01 -101.24
CA ASP F 1046 -163.23 9.49 -102.38
C ASP F 1046 -164.10 8.80 -103.44
N SER F 1047 -165.13 8.06 -103.01
CA SER F 1047 -166.02 7.35 -103.93
C SER F 1047 -166.99 8.30 -104.65
N VAL F 1048 -167.44 9.37 -103.98
CA VAL F 1048 -168.20 10.46 -104.61
C VAL F 1048 -167.37 11.18 -105.68
N LEU F 1049 -166.13 11.56 -105.38
CA LEU F 1049 -165.28 12.29 -106.32
C LEU F 1049 -164.86 11.43 -107.52
N GLU F 1050 -164.53 10.15 -107.31
CA GLU F 1050 -164.31 9.21 -108.42
C GLU F 1050 -165.57 9.06 -109.29
N THR F 1051 -166.77 9.04 -108.70
CA THR F 1051 -168.03 9.00 -109.45
C THR F 1051 -168.29 10.29 -110.25
N LEU F 1052 -168.07 11.49 -109.68
CA LEU F 1052 -168.26 12.77 -110.37
C LEU F 1052 -167.30 12.96 -111.56
N ALA F 1053 -166.05 12.51 -111.47
CA ALA F 1053 -165.14 12.45 -112.61
C ALA F 1053 -165.67 11.60 -113.79
N THR F 1054 -166.40 10.50 -113.55
CA THR F 1054 -167.00 9.73 -114.66
C THR F 1054 -168.12 10.50 -115.38
N ILE F 1055 -168.91 11.32 -114.67
CA ILE F 1055 -169.93 12.19 -115.28
C ILE F 1055 -169.24 13.31 -116.08
N ALA F 1056 -168.24 13.97 -115.49
CA ALA F 1056 -167.47 15.01 -116.15
C ALA F 1056 -166.81 14.56 -117.48
N SER F 1057 -166.14 13.41 -117.47
CA SER F 1057 -165.39 12.89 -118.62
C SER F 1057 -166.25 12.19 -119.69
N SER F 1058 -167.42 11.65 -119.33
CA SER F 1058 -168.35 11.03 -120.30
C SER F 1058 -169.18 12.06 -121.10
N GLY F 1059 -169.07 13.36 -120.79
CA GLY F 1059 -169.59 14.44 -121.64
C GLY F 1059 -171.11 14.63 -121.64
N ILE F 1060 -171.85 13.94 -120.77
CA ILE F 1060 -173.25 14.26 -120.49
C ILE F 1060 -173.38 15.60 -119.76
N GLU F 1061 -174.53 16.27 -119.90
CA GLU F 1061 -174.82 17.52 -119.19
C GLU F 1061 -175.12 17.29 -117.69
N TRP F 1062 -174.87 18.30 -116.87
CA TRP F 1062 -175.02 18.24 -115.40
C TRP F 1062 -176.48 18.41 -114.95
N THR F 1063 -177.26 17.33 -115.05
CA THR F 1063 -178.63 17.26 -114.51
C THR F 1063 -178.92 15.87 -113.95
N ALA F 1064 -179.78 15.78 -112.93
CA ALA F 1064 -180.10 14.53 -112.23
C ALA F 1064 -180.67 13.44 -113.16
N GLU F 1065 -181.44 13.83 -114.18
CA GLU F 1065 -181.99 12.92 -115.20
C GLU F 1065 -180.90 12.30 -116.08
N ALA F 1066 -179.95 13.10 -116.57
CA ALA F 1066 -178.80 12.61 -117.34
C ALA F 1066 -177.82 11.80 -116.48
N ALA F 1067 -177.63 12.18 -115.21
CA ALA F 1067 -176.76 11.47 -114.28
C ALA F 1067 -177.20 10.01 -114.08
N ARG F 1068 -178.49 9.78 -113.80
CA ARG F 1068 -179.05 8.42 -113.74
C ARG F 1068 -178.92 7.66 -115.06
N ASP F 1069 -179.27 8.29 -116.18
CA ASP F 1069 -179.17 7.68 -117.51
C ASP F 1069 -177.75 7.19 -117.85
N PHE F 1070 -176.69 7.89 -117.43
CA PHE F 1070 -175.32 7.40 -117.55
C PHE F 1070 -174.98 6.32 -116.50
N LEU F 1071 -175.18 6.61 -115.21
CA LEU F 1071 -174.74 5.74 -114.10
C LEU F 1071 -175.41 4.36 -114.14
N GLU F 1072 -176.72 4.30 -114.32
CA GLU F 1072 -177.49 3.05 -114.30
C GLU F 1072 -177.32 2.20 -115.58
N GLY F 1073 -176.79 2.78 -116.66
CA GLY F 1073 -176.34 2.04 -117.86
C GLY F 1073 -174.92 1.49 -117.70
N VAL F 1074 -173.99 2.33 -117.22
CA VAL F 1074 -172.63 1.94 -116.81
C VAL F 1074 -172.68 1.19 -115.47
N ASP F 1083 -172.43 -10.89 -105.91
CA ASP F 1083 -171.03 -11.12 -105.54
C ASP F 1083 -170.88 -12.36 -104.64
N ASN F 1084 -169.66 -12.86 -104.46
CA ASN F 1084 -169.36 -13.78 -103.36
C ASN F 1084 -169.65 -13.09 -102.03
N PHE F 1085 -170.25 -13.79 -101.06
CA PHE F 1085 -170.55 -13.27 -99.72
C PHE F 1085 -170.65 -14.43 -98.72
N ILE F 1086 -169.64 -14.64 -97.88
CA ILE F 1086 -169.67 -15.64 -96.80
C ILE F 1086 -170.33 -15.07 -95.55
N SER F 1087 -171.10 -15.88 -94.84
CA SER F 1087 -171.70 -15.52 -93.54
C SER F 1087 -170.71 -15.74 -92.38
N VAL F 1088 -170.84 -14.95 -91.30
CA VAL F 1088 -169.90 -14.91 -90.16
C VAL F 1088 -170.64 -15.15 -88.84
N ALA F 1089 -170.02 -15.89 -87.92
CA ALA F 1089 -170.63 -16.35 -86.67
C ALA F 1089 -171.23 -15.22 -85.80
N ASP H 9 -226.78 13.16 -39.41
CA ASP H 9 -227.14 13.16 -37.99
C ASP H 9 -225.93 12.90 -37.07
N ASN H 10 -226.04 13.18 -35.75
CA ASN H 10 -224.92 13.09 -34.81
C ASN H 10 -225.33 12.77 -33.36
N LEU H 11 -224.36 12.31 -32.55
CA LEU H 11 -224.54 11.94 -31.14
C LEU H 11 -225.05 13.11 -30.26
N GLY H 12 -224.76 14.36 -30.61
CA GLY H 12 -225.27 15.55 -29.91
C GLY H 12 -226.77 15.69 -30.05
N SER H 13 -227.28 15.71 -31.29
CA SER H 13 -228.71 15.75 -31.62
C SER H 13 -229.51 14.62 -30.96
N GLN H 14 -228.93 13.43 -30.85
CA GLN H 14 -229.57 12.24 -30.30
C GLN H 14 -229.61 12.18 -28.76
N SER H 15 -228.82 12.97 -28.04
CA SER H 15 -228.79 12.96 -26.57
C SER H 15 -230.07 13.57 -25.95
N GLN H 16 -230.50 13.07 -24.79
CA GLN H 16 -231.74 13.45 -24.11
C GLN H 16 -231.56 14.62 -23.10
N PRO H 17 -232.60 15.43 -22.84
CA PRO H 17 -232.69 16.33 -21.70
C PRO H 17 -232.32 15.71 -20.35
N GLY H 18 -231.75 16.50 -19.43
CA GLY H 18 -231.40 16.10 -18.07
C GLY H 18 -230.76 17.19 -17.21
N PRO H 19 -230.35 16.87 -15.98
CA PRO H 19 -229.72 17.80 -15.03
C PRO H 19 -228.26 18.12 -15.39
N CYS H 20 -227.67 19.11 -14.71
CA CYS H 20 -226.27 19.53 -14.89
C CYS H 20 -225.24 18.55 -14.25
N GLY H 21 -225.67 17.68 -13.33
CA GLY H 21 -224.90 16.66 -12.63
C GLY H 21 -225.75 15.85 -11.65
N TYR H 22 -225.15 14.95 -10.89
CA TYR H 22 -225.79 14.14 -9.83
C TYR H 22 -224.91 14.03 -8.58
N ILE H 23 -225.54 13.93 -7.41
CA ILE H 23 -224.93 13.39 -6.19
C ILE H 23 -225.33 11.91 -6.06
N TYR H 24 -224.37 11.00 -5.99
CA TYR H 24 -224.59 9.58 -5.69
C TYR H 24 -224.36 9.31 -4.21
N PHE H 25 -225.25 8.53 -3.59
CA PHE H 25 -225.13 8.01 -2.22
C PHE H 25 -225.00 6.46 -2.24
N TYR H 26 -223.91 5.90 -1.73
CA TYR H 26 -223.65 4.44 -1.68
C TYR H 26 -223.67 3.88 -0.26
N PRO H 27 -224.34 2.76 0.02
CA PRO H 27 -224.42 2.19 1.37
C PRO H 27 -223.10 1.59 1.85
N LEU H 28 -222.60 2.04 3.00
CA LEU H 28 -221.33 1.58 3.57
C LEU H 28 -221.33 0.08 3.94
N ALA H 29 -222.47 -0.50 4.29
CA ALA H 29 -222.57 -1.90 4.70
C ALA H 29 -222.23 -2.91 3.58
N THR H 30 -222.47 -2.57 2.30
CA THR H 30 -222.28 -3.48 1.16
C THR H 30 -221.30 -3.01 0.08
N TYR H 31 -220.99 -1.71 -0.03
CA TYR H 31 -220.15 -1.16 -1.11
C TYR H 31 -218.69 -1.66 -1.03
N PRO H 32 -218.03 -2.01 -2.16
CA PRO H 32 -216.68 -2.60 -2.18
C PRO H 32 -215.56 -1.55 -2.03
N LEU H 33 -215.36 -1.05 -0.80
CA LEU H 33 -214.41 0.03 -0.47
C LEU H 33 -212.95 -0.25 -0.85
N ARG H 34 -212.45 -1.48 -0.68
CA ARG H 34 -211.06 -1.83 -1.06
C ARG H 34 -210.83 -1.88 -2.56
N GLU H 35 -211.84 -2.26 -3.36
CA GLU H 35 -211.73 -2.18 -4.82
C GLU H 35 -211.62 -0.73 -5.31
N VAL H 36 -212.53 0.18 -4.92
CA VAL H 36 -212.43 1.58 -5.36
C VAL H 36 -211.15 2.25 -4.91
N ALA H 37 -210.62 1.92 -3.72
CA ALA H 37 -209.35 2.46 -3.26
C ALA H 37 -208.16 2.15 -4.20
N THR H 38 -208.13 1.00 -4.87
CA THR H 38 -207.05 0.69 -5.84
C THR H 38 -207.09 1.54 -7.12
N LEU H 39 -208.25 2.09 -7.48
CA LEU H 39 -208.44 3.01 -8.60
C LEU H 39 -208.42 4.49 -8.17
N GLY H 40 -208.30 4.79 -6.88
CA GLY H 40 -208.42 6.15 -6.32
C GLY H 40 -207.11 6.91 -6.09
N THR H 41 -207.24 8.16 -5.64
CA THR H 41 -206.13 9.08 -5.29
C THR H 41 -206.05 9.41 -3.80
N GLY H 42 -206.41 8.46 -2.93
CA GLY H 42 -206.43 8.69 -1.48
C GLY H 42 -205.04 8.75 -0.82
N TYR H 43 -204.78 9.78 -0.03
CA TYR H 43 -203.60 9.91 0.85
C TYR H 43 -204.00 9.75 2.32
N ALA H 44 -203.06 9.50 3.23
CA ALA H 44 -203.34 9.36 4.66
C ALA H 44 -203.84 10.69 5.28
N GLY H 45 -205.02 10.69 5.89
CA GLY H 45 -205.68 11.88 6.45
C GLY H 45 -206.54 12.70 5.49
N HIS H 46 -206.82 12.22 4.28
CA HIS H 46 -207.66 12.93 3.29
C HIS H 46 -209.07 13.24 3.80
N ARG H 47 -209.68 14.30 3.25
CA ARG H 47 -211.07 14.70 3.47
C ARG H 47 -211.89 14.64 2.17
N CYS H 48 -211.22 14.51 1.02
CA CYS H 48 -211.78 14.28 -0.31
C CYS H 48 -210.79 13.47 -1.19
N LEU H 49 -211.28 12.74 -2.20
CA LEU H 49 -210.47 12.07 -3.22
C LEU H 49 -211.21 11.88 -4.55
N THR H 50 -210.47 11.61 -5.62
CA THR H 50 -210.99 11.29 -6.95
C THR H 50 -210.90 9.81 -7.28
N VAL H 51 -211.90 9.35 -8.03
CA VAL H 51 -212.06 8.01 -8.59
C VAL H 51 -212.58 8.12 -10.03
N PRO H 52 -212.39 7.12 -10.91
CA PRO H 52 -212.93 7.14 -12.26
C PRO H 52 -214.46 6.95 -12.33
N LEU H 53 -215.13 7.53 -13.32
CA LEU H 53 -216.51 7.20 -13.69
C LEU H 53 -216.56 5.83 -14.43
N LEU H 54 -217.15 4.80 -13.83
CA LEU H 54 -217.27 3.44 -14.36
C LEU H 54 -218.64 2.81 -14.08
N CYS H 55 -219.26 2.22 -15.10
CA CYS H 55 -220.54 1.52 -14.98
C CYS H 55 -220.38 0.23 -14.18
N GLY H 56 -221.14 0.08 -13.09
CA GLY H 56 -221.11 -1.09 -12.21
C GLY H 56 -220.21 -0.96 -10.98
N ILE H 57 -219.53 0.17 -10.77
CA ILE H 57 -218.84 0.45 -9.49
C ILE H 57 -218.97 1.89 -9.01
N THR H 58 -219.03 2.90 -9.88
CA THR H 58 -219.26 4.30 -9.45
C THR H 58 -220.53 4.92 -10.05
N VAL H 59 -221.03 4.45 -11.19
CA VAL H 59 -222.38 4.77 -11.71
C VAL H 59 -223.12 3.48 -12.09
N GLU H 60 -224.43 3.53 -12.20
CA GLU H 60 -225.24 2.37 -12.58
C GLU H 60 -225.03 1.96 -14.04
N PRO H 61 -225.20 0.67 -14.39
CA PRO H 61 -225.19 0.23 -15.79
C PRO H 61 -226.17 1.02 -16.66
N GLY H 62 -225.74 1.39 -17.86
CA GLY H 62 -226.56 2.18 -18.79
C GLY H 62 -226.57 3.68 -18.55
N PHE H 63 -225.66 4.21 -17.72
CA PHE H 63 -225.45 5.64 -17.55
C PHE H 63 -225.16 6.32 -18.90
N SER H 64 -225.84 7.42 -19.19
CA SER H 64 -225.61 8.19 -20.43
C SER H 64 -224.55 9.28 -20.21
N ILE H 65 -223.40 9.14 -20.88
CA ILE H 65 -222.30 10.11 -20.78
C ILE H 65 -222.54 11.39 -21.58
N ASN H 66 -223.46 11.41 -22.55
CA ASN H 66 -223.85 12.60 -23.33
C ASN H 66 -225.27 13.05 -22.94
N VAL H 67 -225.51 14.35 -22.77
CA VAL H 67 -226.81 14.90 -22.35
C VAL H 67 -227.08 16.29 -22.93
N LYS H 68 -228.35 16.68 -23.01
CA LYS H 68 -228.77 18.08 -23.10
C LYS H 68 -229.10 18.59 -21.70
N ALA H 69 -228.24 19.42 -21.11
CA ALA H 69 -228.42 19.91 -19.76
C ALA H 69 -229.37 21.12 -19.73
N LEU H 70 -230.43 21.08 -18.93
CA LEU H 70 -231.31 22.25 -18.68
C LEU H 70 -230.62 23.19 -17.68
N HIS H 71 -230.11 24.32 -18.16
CA HIS H 71 -229.25 25.19 -17.35
C HIS H 71 -229.79 26.60 -17.08
N ARG H 72 -230.77 27.09 -17.85
CA ARG H 72 -231.37 28.42 -17.68
C ARG H 72 -232.85 28.42 -18.00
N ARG H 73 -233.67 29.06 -17.16
CA ARG H 73 -235.05 29.45 -17.50
C ARG H 73 -235.13 30.97 -17.61
N PRO H 74 -235.16 31.56 -18.82
CA PRO H 74 -235.26 33.01 -19.01
C PRO H 74 -236.51 33.62 -18.36
N ASP H 75 -237.62 32.87 -18.37
CA ASP H 75 -238.82 33.06 -17.55
C ASP H 75 -239.37 31.68 -17.17
N PRO H 76 -240.28 31.56 -16.18
CA PRO H 76 -240.81 30.28 -15.70
C PRO H 76 -241.39 29.33 -16.77
N ASN H 77 -241.63 29.79 -17.99
CA ASN H 77 -242.30 29.04 -19.06
C ASN H 77 -241.42 28.69 -20.26
N CYS H 78 -240.10 28.95 -20.19
CA CYS H 78 -239.14 28.59 -21.24
C CYS H 78 -237.86 27.98 -20.66
N GLY H 79 -237.35 26.89 -21.25
CA GLY H 79 -236.07 26.29 -20.91
C GLY H 79 -235.03 26.42 -22.01
N LEU H 80 -233.75 26.57 -21.64
CA LEU H 80 -232.61 26.51 -22.55
C LEU H 80 -231.75 25.27 -22.30
N LEU H 81 -231.35 24.59 -23.38
CA LEU H 81 -230.59 23.33 -23.36
C LEU H 81 -229.17 23.49 -23.93
N ARG H 82 -228.17 22.99 -23.20
CA ARG H 82 -226.76 22.93 -23.61
C ARG H 82 -226.33 21.47 -23.80
N ALA H 83 -225.81 21.10 -24.96
CA ALA H 83 -225.31 19.75 -25.21
C ALA H 83 -223.89 19.58 -24.64
N THR H 84 -223.66 18.59 -23.79
CA THR H 84 -222.36 18.34 -23.13
C THR H 84 -222.18 16.87 -22.80
N SER H 85 -220.94 16.40 -22.85
CA SER H 85 -220.54 15.15 -22.20
C SER H 85 -220.23 15.34 -20.70
N TYR H 86 -220.20 14.24 -19.96
CA TYR H 86 -219.75 14.20 -18.56
C TYR H 86 -218.24 14.45 -18.40
N HIS H 87 -217.85 14.95 -17.24
CA HIS H 87 -216.46 14.93 -16.78
C HIS H 87 -216.05 13.51 -16.36
N ARG H 88 -214.84 13.13 -16.74
CA ARG H 88 -214.25 11.80 -16.57
C ARG H 88 -214.02 11.34 -15.12
N ASP H 89 -213.73 12.25 -14.19
CA ASP H 89 -213.51 11.95 -12.77
C ASP H 89 -214.77 12.19 -11.91
N ILE H 90 -214.94 11.37 -10.88
CA ILE H 90 -215.93 11.51 -9.80
C ILE H 90 -215.21 11.94 -8.51
N TYR H 91 -215.77 12.92 -7.80
CA TYR H 91 -215.22 13.49 -6.56
C TYR H 91 -215.98 12.96 -5.33
N VAL H 92 -215.29 12.21 -4.46
CA VAL H 92 -215.84 11.56 -3.27
C VAL H 92 -215.61 12.42 -2.02
N PHE H 93 -216.67 13.01 -1.45
CA PHE H 93 -216.57 14.15 -0.51
C PHE H 93 -217.23 13.98 0.87
N HIS H 94 -218.20 13.07 1.03
CA HIS H 94 -218.91 12.80 2.29
C HIS H 94 -218.57 11.40 2.84
N ASN H 95 -218.13 11.31 4.10
CA ASN H 95 -217.54 10.10 4.73
C ASN H 95 -216.31 9.52 3.98
N ALA H 96 -215.53 10.35 3.29
CA ALA H 96 -214.39 9.93 2.48
C ALA H 96 -213.27 9.19 3.26
N HIS H 97 -213.17 9.36 4.57
CA HIS H 97 -212.26 8.62 5.47
C HIS H 97 -212.49 7.10 5.44
N MET H 98 -213.67 6.65 5.02
CA MET H 98 -214.00 5.22 4.84
C MET H 98 -213.32 4.55 3.64
N VAL H 99 -212.79 5.31 2.67
CA VAL H 99 -212.04 4.74 1.53
C VAL H 99 -210.54 4.68 1.87
N PRO H 100 -209.89 3.50 1.87
CA PRO H 100 -208.46 3.40 2.13
C PRO H 100 -207.57 4.26 1.21
N PRO H 101 -206.42 4.76 1.68
CA PRO H 101 -205.44 5.46 0.85
C PRO H 101 -204.74 4.50 -0.14
N ILE H 102 -204.27 5.04 -1.27
CA ILE H 102 -203.43 4.33 -2.25
C ILE H 102 -201.95 4.25 -1.83
N PHE H 103 -201.48 5.20 -1.01
CA PHE H 103 -200.11 5.31 -0.53
C PHE H 103 -200.07 5.59 0.98
N GLU H 104 -199.24 4.90 1.75
CA GLU H 104 -199.25 4.94 3.22
C GLU H 104 -198.38 6.06 3.85
N GLY H 105 -197.52 6.72 3.09
CA GLY H 105 -196.59 7.70 3.62
C GLY H 105 -197.30 8.94 4.21
N PRO H 106 -196.97 9.38 5.45
CA PRO H 106 -197.59 10.54 6.08
C PRO H 106 -197.03 11.89 5.61
N GLY H 107 -197.70 13.00 5.96
CA GLY H 107 -197.20 14.36 5.86
C GLY H 107 -197.30 15.08 4.51
N LEU H 108 -198.04 14.55 3.52
CA LEU H 108 -198.04 15.08 2.15
C LEU H 108 -198.73 16.42 1.99
N GLU H 109 -199.75 16.72 2.79
CA GLU H 109 -200.55 17.93 2.68
C GLU H 109 -199.75 19.19 3.04
N ALA H 110 -198.94 19.15 4.10
CA ALA H 110 -198.00 20.22 4.48
C ALA H 110 -196.85 20.38 3.48
N LEU H 111 -196.29 19.27 2.97
CA LEU H 111 -195.24 19.30 1.93
C LEU H 111 -195.72 20.01 0.66
N CYS H 112 -196.94 19.72 0.21
CA CYS H 112 -197.55 20.37 -0.94
C CYS H 112 -197.76 21.88 -0.70
N GLY H 113 -198.22 22.27 0.50
CA GLY H 113 -198.48 23.67 0.85
C GLY H 113 -197.22 24.53 0.89
N GLU H 114 -196.15 24.01 1.48
CA GLU H 114 -194.84 24.67 1.53
C GLU H 114 -194.27 24.85 0.13
N THR H 115 -194.33 23.80 -0.71
CA THR H 115 -193.75 23.82 -2.07
C THR H 115 -194.54 24.72 -3.02
N ARG H 116 -195.88 24.78 -2.91
CA ARG H 116 -196.74 25.68 -3.69
C ARG H 116 -196.37 27.15 -3.45
N GLU H 117 -196.01 27.50 -2.22
CA GLU H 117 -195.63 28.87 -1.87
C GLU H 117 -194.27 29.28 -2.44
N VAL H 118 -193.23 28.42 -2.37
CA VAL H 118 -191.90 28.78 -2.93
C VAL H 118 -191.91 28.92 -4.46
N PHE H 119 -192.78 28.22 -5.19
CA PHE H 119 -192.99 28.43 -6.63
C PHE H 119 -193.94 29.61 -6.95
N GLY H 120 -194.52 30.28 -5.96
CA GLY H 120 -195.40 31.43 -6.13
C GLY H 120 -196.81 31.11 -6.64
N TYR H 121 -197.29 29.88 -6.45
CA TYR H 121 -198.62 29.44 -6.89
C TYR H 121 -199.75 29.77 -5.90
N ASP H 122 -200.92 30.01 -6.45
CA ASP H 122 -202.17 30.34 -5.77
C ASP H 122 -202.82 29.14 -5.04
N ALA H 123 -203.00 29.22 -3.73
CA ALA H 123 -203.74 28.25 -2.91
C ALA H 123 -205.27 28.44 -3.01
N TYR H 124 -206.06 27.40 -2.74
CA TYR H 124 -207.52 27.54 -2.75
C TYR H 124 -208.01 28.50 -1.65
N SER H 125 -208.80 29.50 -2.02
CA SER H 125 -209.43 30.43 -1.07
C SER H 125 -210.91 30.07 -0.90
N ALA H 126 -211.28 29.65 0.30
CA ALA H 126 -212.64 29.24 0.64
C ALA H 126 -213.64 30.42 0.61
N LEU H 127 -214.88 30.13 0.23
CA LEU H 127 -216.01 31.06 0.36
C LEU H 127 -216.23 31.44 1.85
N PRO H 128 -216.84 32.60 2.15
CA PRO H 128 -217.16 33.00 3.53
C PRO H 128 -218.30 32.19 4.19
N ARG H 129 -219.17 31.52 3.44
CA ARG H 129 -220.18 30.59 3.99
C ARG H 129 -219.57 29.28 4.54
N GLU H 130 -220.29 28.56 5.38
CA GLU H 130 -220.00 27.14 5.67
C GLU H 130 -220.37 26.21 4.49
N SER H 131 -219.76 25.02 4.44
CA SER H 131 -220.23 23.89 3.62
C SER H 131 -221.69 23.52 3.91
N SER H 132 -222.43 23.07 2.90
CA SER H 132 -223.80 22.57 3.03
C SER H 132 -223.88 21.45 4.08
N LYS H 133 -224.80 21.58 5.04
CA LYS H 133 -225.09 20.54 6.03
C LYS H 133 -225.76 19.33 5.36
N PRO H 134 -225.51 18.08 5.81
CA PRO H 134 -226.08 16.88 5.21
C PRO H 134 -227.59 16.93 4.95
N GLY H 135 -228.38 17.37 5.93
CA GLY H 135 -229.84 17.52 5.80
C GLY H 135 -230.33 18.46 4.68
N ASP H 136 -229.47 19.30 4.11
CA ASP H 136 -229.79 20.14 2.94
C ASP H 136 -229.74 19.39 1.61
N PHE H 137 -228.91 18.35 1.45
CA PHE H 137 -228.69 17.67 0.16
C PHE H 137 -229.02 16.17 0.17
N PHE H 138 -229.07 15.52 1.34
CA PHE H 138 -229.53 14.14 1.47
C PHE H 138 -231.02 13.96 1.13
N PRO H 139 -231.41 12.86 0.46
CA PRO H 139 -232.80 12.43 0.35
C PRO H 139 -233.52 12.31 1.71
N GLU H 140 -234.84 12.31 1.70
CA GLU H 140 -235.68 12.10 2.89
C GLU H 140 -235.45 10.74 3.56
N GLY H 141 -235.19 10.74 4.87
CA GLY H 141 -235.12 9.54 5.72
C GLY H 141 -233.78 8.80 5.75
N LEU H 142 -232.90 8.94 4.75
CA LEU H 142 -231.57 8.31 4.78
C LEU H 142 -230.69 8.90 5.89
N ASP H 143 -230.00 8.04 6.63
CA ASP H 143 -229.04 8.41 7.66
C ASP H 143 -227.68 8.83 7.06
N PRO H 144 -227.22 10.08 7.24
CA PRO H 144 -225.93 10.53 6.71
C PRO H 144 -224.73 9.70 7.18
N SER H 145 -224.78 9.08 8.37
CA SER H 145 -223.71 8.23 8.88
C SER H 145 -223.60 6.87 8.19
N ALA H 146 -224.64 6.42 7.48
CA ALA H 146 -224.70 5.10 6.83
C ALA H 146 -224.22 5.08 5.36
N TYR H 147 -223.92 6.24 4.76
CA TYR H 147 -223.65 6.39 3.33
C TYR H 147 -222.34 7.11 2.99
N LEU H 148 -221.77 6.77 1.84
CA LEU H 148 -220.66 7.46 1.19
C LEU H 148 -221.22 8.41 0.11
N GLY H 149 -220.80 9.68 0.07
CA GLY H 149 -221.32 10.67 -0.91
C GLY H 149 -220.29 11.17 -1.93
N ALA H 150 -220.67 11.22 -3.21
CA ALA H 150 -219.81 11.62 -4.32
C ALA H 150 -220.57 12.37 -5.44
N VAL H 151 -219.89 13.25 -6.18
CA VAL H 151 -220.46 14.04 -7.30
C VAL H 151 -219.98 13.53 -8.66
N ALA H 152 -220.91 13.34 -9.60
CA ALA H 152 -220.66 13.24 -11.03
C ALA H 152 -221.14 14.53 -11.72
N ILE H 153 -220.34 15.12 -12.59
CA ILE H 153 -220.56 16.50 -13.10
C ILE H 153 -220.36 16.60 -14.61
N THR H 154 -221.15 17.41 -15.30
CA THR H 154 -220.96 17.66 -16.72
C THR H 154 -219.79 18.59 -16.99
N GLU H 155 -219.11 18.39 -18.11
CA GLU H 155 -217.87 19.09 -18.46
C GLU H 155 -218.07 20.61 -18.62
N ALA H 156 -219.26 21.06 -19.06
CA ALA H 156 -219.62 22.46 -19.23
C ALA H 156 -219.95 23.23 -17.92
N PHE H 157 -220.34 22.54 -16.84
CA PHE H 157 -220.80 23.14 -15.58
C PHE H 157 -219.93 22.82 -14.35
N LYS H 158 -218.74 22.22 -14.52
CA LYS H 158 -217.81 21.91 -13.43
C LYS H 158 -217.22 23.14 -12.73
N GLU H 159 -217.06 24.29 -13.39
CA GLU H 159 -216.66 25.51 -12.68
C GLU H 159 -217.78 26.05 -11.78
N ARG H 160 -219.05 25.87 -12.15
CA ARG H 160 -220.22 26.18 -11.31
C ARG H 160 -220.29 25.31 -10.07
N LEU H 161 -219.89 24.03 -10.15
CA LEU H 161 -219.71 23.16 -8.98
C LEU H 161 -218.64 23.74 -8.03
N TYR H 162 -217.47 24.06 -8.56
CA TYR H 162 -216.37 24.68 -7.82
C TYR H 162 -216.79 25.97 -7.11
N SER H 163 -217.53 26.85 -7.80
CA SER H 163 -217.91 28.18 -7.31
C SER H 163 -219.17 28.21 -6.42
N GLY H 164 -219.83 27.08 -6.18
CA GLY H 164 -220.98 27.00 -5.27
C GLY H 164 -222.31 27.49 -5.87
N ASN H 165 -222.45 27.44 -7.19
CA ASN H 165 -223.58 27.97 -7.97
C ASN H 165 -224.59 26.90 -8.47
N LEU H 166 -224.44 25.63 -8.12
CA LEU H 166 -225.44 24.58 -8.38
C LEU H 166 -226.43 24.44 -7.22
N VAL H 167 -227.62 23.92 -7.50
CA VAL H 167 -228.70 23.63 -6.54
C VAL H 167 -229.00 22.12 -6.58
N ALA H 168 -229.01 21.45 -5.42
CA ALA H 168 -229.49 20.07 -5.28
C ALA H 168 -230.99 20.02 -4.96
N ILE H 169 -231.72 19.04 -5.52
CA ILE H 169 -233.19 18.91 -5.36
C ILE H 169 -233.55 17.51 -4.82
N PRO H 170 -233.40 17.25 -3.50
CA PRO H 170 -233.63 15.93 -2.89
C PRO H 170 -234.96 15.25 -3.19
N SER H 171 -236.06 15.99 -3.42
CA SER H 171 -237.37 15.39 -3.72
C SER H 171 -237.39 14.63 -5.06
N LEU H 172 -236.51 14.98 -6.00
CA LEU H 172 -236.33 14.30 -7.28
C LEU H 172 -235.37 13.09 -7.18
N LYS H 173 -235.18 12.48 -6.01
CA LYS H 173 -234.37 11.27 -5.86
C LYS H 173 -234.77 10.15 -6.83
N GLN H 174 -233.78 9.36 -7.23
CA GLN H 174 -233.97 8.12 -7.99
C GLN H 174 -233.15 6.99 -7.35
N GLU H 175 -233.74 5.80 -7.21
CA GLU H 175 -233.07 4.62 -6.66
C GLU H 175 -232.43 3.81 -7.79
N VAL H 176 -231.15 3.46 -7.65
CA VAL H 176 -230.32 2.87 -8.70
C VAL H 176 -229.42 1.77 -8.14
N ALA H 177 -229.19 0.70 -8.91
CA ALA H 177 -228.30 -0.39 -8.52
C ALA H 177 -226.89 -0.14 -9.06
N VAL H 178 -225.88 -0.08 -8.19
CA VAL H 178 -224.47 0.13 -8.58
C VAL H 178 -223.67 -1.11 -8.18
N GLY H 179 -223.44 -1.98 -9.17
CA GLY H 179 -223.00 -3.35 -8.90
C GLY H 179 -224.08 -4.10 -8.10
N GLN H 180 -223.71 -4.63 -6.93
CA GLN H 180 -224.68 -5.21 -5.99
C GLN H 180 -225.44 -4.17 -5.15
N SER H 181 -224.84 -2.99 -4.91
CA SER H 181 -225.29 -2.06 -3.87
C SER H 181 -226.52 -1.24 -4.25
N ALA H 182 -227.54 -1.25 -3.40
CA ALA H 182 -228.73 -0.41 -3.51
C ALA H 182 -228.38 1.05 -3.21
N SER H 183 -228.20 1.88 -4.25
CA SER H 183 -227.74 3.26 -4.14
C SER H 183 -228.87 4.26 -4.43
N VAL H 184 -228.64 5.54 -4.17
CA VAL H 184 -229.59 6.62 -4.50
C VAL H 184 -228.85 7.73 -5.25
N ARG H 185 -229.49 8.43 -6.18
CA ARG H 185 -228.95 9.69 -6.73
C ARG H 185 -229.93 10.85 -6.64
N VAL H 186 -229.40 12.07 -6.45
CA VAL H 186 -230.12 13.36 -6.44
C VAL H 186 -229.59 14.24 -7.57
N PRO H 187 -230.43 14.93 -8.37
CA PRO H 187 -229.97 15.78 -9.45
C PRO H 187 -229.41 17.14 -8.96
N LEU H 188 -228.50 17.73 -9.74
CA LEU H 188 -227.99 19.09 -9.61
C LEU H 188 -228.41 19.99 -10.78
N TYR H 189 -228.92 21.19 -10.52
CA TYR H 189 -229.26 22.19 -11.54
C TYR H 189 -228.54 23.54 -11.30
N ASP H 190 -228.11 24.25 -12.34
CA ASP H 190 -227.54 25.60 -12.20
C ASP H 190 -228.58 26.59 -11.64
N LYS H 191 -228.20 27.45 -10.68
CA LYS H 191 -229.15 28.40 -10.06
C LYS H 191 -229.89 29.31 -11.04
N GLU H 192 -229.41 29.46 -12.28
CA GLU H 192 -230.10 30.14 -13.37
C GLU H 192 -231.37 29.45 -13.89
N VAL H 193 -231.72 28.24 -13.44
CA VAL H 193 -233.07 27.68 -13.63
C VAL H 193 -234.12 28.24 -12.67
N PHE H 194 -233.75 29.09 -11.71
CA PHE H 194 -234.68 29.75 -10.80
C PHE H 194 -234.66 31.28 -11.01
N PRO H 195 -235.38 31.81 -12.01
CA PRO H 195 -235.37 33.24 -12.31
C PRO H 195 -235.84 34.15 -11.16
N GLU H 196 -236.74 33.71 -10.27
CA GLU H 196 -237.09 34.50 -9.07
C GLU H 196 -236.01 34.47 -7.97
N GLY H 197 -234.96 33.66 -8.15
CA GLY H 197 -233.87 33.44 -7.20
C GLY H 197 -234.18 32.36 -6.15
N VAL H 198 -233.11 31.79 -5.59
CA VAL H 198 -233.11 30.93 -4.40
C VAL H 198 -232.16 31.53 -3.35
N PRO H 199 -232.40 31.38 -2.03
CA PRO H 199 -231.51 31.91 -1.00
C PRO H 199 -230.05 31.42 -1.15
N GLN H 200 -229.06 32.25 -0.83
CA GLN H 200 -227.64 31.91 -1.03
C GLN H 200 -227.23 30.62 -0.31
N LEU H 201 -227.78 30.31 0.87
CA LEU H 201 -227.52 29.05 1.58
C LEU H 201 -228.29 27.84 1.05
N ARG H 202 -229.26 28.01 0.15
CA ARG H 202 -229.97 26.91 -0.52
C ARG H 202 -229.17 26.29 -1.67
N GLN H 203 -228.14 26.97 -2.17
CA GLN H 203 -227.16 26.45 -3.13
C GLN H 203 -226.21 25.43 -2.49
N PHE H 204 -225.68 24.51 -3.28
CA PHE H 204 -224.79 23.44 -2.81
C PHE H 204 -223.33 23.89 -2.82
N TYR H 205 -222.65 23.77 -1.69
CA TYR H 205 -221.21 24.07 -1.58
C TYR H 205 -220.49 23.10 -0.65
N ASN H 206 -219.34 22.58 -1.04
CA ASN H 206 -218.46 21.86 -0.13
C ASN H 206 -217.00 22.31 -0.31
N SER H 207 -216.41 22.82 0.76
CA SER H 207 -215.07 23.39 0.73
C SER H 207 -213.98 22.36 0.45
N ASP H 208 -214.10 21.13 0.97
CA ASP H 208 -213.13 20.08 0.67
C ASP H 208 -213.17 19.63 -0.80
N LEU H 209 -214.37 19.54 -1.39
CA LEU H 209 -214.53 19.26 -2.82
C LEU H 209 -213.91 20.36 -3.69
N SER H 210 -214.20 21.65 -3.42
CA SER H 210 -213.63 22.74 -4.21
C SER H 210 -212.11 22.80 -4.10
N ARG H 211 -211.54 22.64 -2.90
CA ARG H 211 -210.09 22.53 -2.69
C ARG H 211 -209.45 21.35 -3.44
N CYS H 212 -210.08 20.18 -3.45
CA CYS H 212 -209.61 19.04 -4.22
C CYS H 212 -209.55 19.34 -5.74
N MET H 213 -210.63 19.88 -6.33
CA MET H 213 -210.62 20.34 -7.73
C MET H 213 -209.54 21.39 -8.03
N HIS H 214 -209.30 22.34 -7.12
CA HIS H 214 -208.28 23.37 -7.28
C HIS H 214 -206.88 22.75 -7.50
N GLU H 215 -206.53 21.79 -6.66
CA GLU H 215 -205.24 21.12 -6.65
C GLU H 215 -205.14 20.04 -7.74
N ALA H 216 -206.08 19.10 -7.80
CA ALA H 216 -206.00 17.93 -8.67
C ALA H 216 -206.42 18.19 -10.12
N LEU H 217 -207.25 19.20 -10.41
CA LEU H 217 -207.68 19.53 -11.77
C LEU H 217 -207.05 20.82 -12.31
N TYR H 218 -207.37 21.97 -11.73
CA TYR H 218 -207.08 23.28 -12.33
C TYR H 218 -205.60 23.69 -12.27
N THR H 219 -204.87 23.33 -11.22
CA THR H 219 -203.44 23.70 -11.09
C THR H 219 -202.57 23.13 -12.22
N GLY H 220 -202.82 21.90 -12.68
CA GLY H 220 -202.10 21.31 -13.80
C GLY H 220 -202.40 21.97 -15.14
N LEU H 221 -203.63 22.46 -15.35
CA LEU H 221 -204.01 23.25 -16.53
C LEU H 221 -203.30 24.62 -16.54
N ALA H 222 -203.21 25.27 -15.38
CA ALA H 222 -202.42 26.49 -15.20
C ALA H 222 -200.92 26.25 -15.50
N GLN H 223 -200.32 25.17 -15.00
CA GLN H 223 -198.94 24.79 -15.33
C GLN H 223 -198.75 24.57 -16.84
N ALA H 224 -199.69 23.94 -17.54
CA ALA H 224 -199.62 23.76 -19.00
C ALA H 224 -199.64 25.07 -19.82
N LEU H 225 -200.20 26.16 -19.28
CA LEU H 225 -200.21 27.50 -19.88
C LEU H 225 -199.08 28.43 -19.35
N ARG H 226 -198.33 28.01 -18.33
CA ARG H 226 -197.39 28.82 -17.53
C ARG H 226 -198.06 30.05 -16.88
N VAL H 227 -199.16 29.80 -16.16
CA VAL H 227 -199.93 30.75 -15.33
C VAL H 227 -199.82 30.33 -13.85
N ARG H 228 -199.64 31.29 -12.92
CA ARG H 228 -199.60 31.05 -11.45
C ARG H 228 -200.93 31.29 -10.73
N ARG H 229 -201.75 32.18 -11.27
CA ARG H 229 -203.03 32.65 -10.71
C ARG H 229 -204.18 31.69 -11.03
N VAL H 230 -204.24 30.57 -10.32
CA VAL H 230 -205.17 29.46 -10.59
C VAL H 230 -206.63 29.88 -10.42
N GLY H 231 -206.97 30.61 -9.35
CA GLY H 231 -208.33 31.08 -9.09
C GLY H 231 -208.89 31.99 -10.19
N LYS H 232 -208.07 32.89 -10.75
CA LYS H 232 -208.41 33.69 -11.94
C LYS H 232 -208.54 32.87 -13.23
N LEU H 233 -207.75 31.80 -13.42
CA LEU H 233 -208.00 30.85 -14.51
C LEU H 233 -209.36 30.15 -14.38
N VAL H 234 -209.78 29.73 -13.19
CA VAL H 234 -211.11 29.13 -12.99
C VAL H 234 -212.24 30.12 -13.31
N GLU H 235 -212.11 31.38 -12.87
CA GLU H 235 -213.11 32.43 -13.16
C GLU H 235 -213.27 32.70 -14.66
N LEU H 236 -212.19 32.78 -15.44
CA LEU H 236 -212.30 33.01 -16.88
C LEU H 236 -212.82 31.80 -17.66
N LEU H 237 -212.57 30.56 -17.21
CA LEU H 237 -213.16 29.36 -17.83
C LEU H 237 -214.68 29.29 -17.58
N GLU H 238 -215.17 29.68 -16.40
CA GLU H 238 -216.60 29.72 -16.11
C GLU H 238 -217.35 30.70 -17.03
N LYS H 239 -216.87 31.94 -17.12
CA LYS H 239 -217.47 32.97 -17.97
C LYS H 239 -217.40 32.61 -19.46
N GLN H 240 -216.34 31.94 -19.92
CA GLN H 240 -216.27 31.39 -21.27
C GLN H 240 -217.38 30.37 -21.55
N SER H 241 -217.70 29.48 -20.59
CA SER H 241 -218.76 28.50 -20.76
C SER H 241 -220.16 29.14 -20.75
N LEU H 242 -220.43 30.09 -19.84
CA LEU H 242 -221.78 30.62 -19.63
C LEU H 242 -222.16 31.83 -20.49
N GLN H 243 -221.19 32.57 -21.03
CA GLN H 243 -221.40 33.83 -21.75
C GLN H 243 -220.77 33.83 -23.16
N ASP H 244 -220.48 32.65 -23.72
CA ASP H 244 -220.04 32.43 -25.11
C ASP H 244 -218.76 33.18 -25.54
N GLN H 245 -217.82 33.45 -24.63
CA GLN H 245 -216.66 34.33 -24.85
C GLN H 245 -215.49 33.67 -25.64
N ALA H 246 -215.71 32.60 -26.40
CA ALA H 246 -214.63 31.86 -27.07
C ALA H 246 -213.77 32.70 -28.03
N LYS H 247 -214.34 33.67 -28.76
CA LYS H 247 -213.62 34.57 -29.68
C LYS H 247 -213.09 35.87 -29.04
N VAL H 248 -213.17 36.02 -27.71
CA VAL H 248 -212.62 37.16 -26.95
C VAL H 248 -211.32 36.75 -26.26
N ALA H 249 -210.25 37.54 -26.38
CA ALA H 249 -209.00 37.30 -25.67
C ALA H 249 -209.15 37.51 -24.15
N LYS H 250 -208.54 36.65 -23.33
CA LYS H 250 -208.80 36.58 -21.88
C LYS H 250 -207.62 36.15 -21.02
N VAL H 251 -206.71 35.27 -21.47
CA VAL H 251 -205.58 34.80 -20.64
C VAL H 251 -204.37 35.71 -20.67
N ALA H 252 -204.18 36.54 -21.72
CA ALA H 252 -202.98 37.35 -21.89
C ALA H 252 -202.54 38.19 -20.65
N PRO H 253 -203.43 38.84 -19.88
CA PRO H 253 -203.06 39.53 -18.64
C PRO H 253 -202.40 38.66 -17.55
N LEU H 254 -202.72 37.36 -17.49
CA LEU H 254 -202.16 36.43 -16.51
C LEU H 254 -200.77 35.90 -16.88
N LYS H 255 -200.29 36.11 -18.11
CA LYS H 255 -199.00 35.58 -18.61
C LYS H 255 -197.77 36.20 -17.91
N GLU H 256 -196.69 35.44 -17.89
CA GLU H 256 -195.39 35.80 -17.30
C GLU H 256 -194.25 35.25 -18.17
N PHE H 257 -193.12 35.96 -18.22
CA PHE H 257 -192.02 35.68 -19.15
C PHE H 257 -190.66 35.60 -18.45
N PRO H 258 -189.76 34.70 -18.85
CA PRO H 258 -188.40 34.59 -18.30
C PRO H 258 -187.41 35.57 -18.96
N ALA H 259 -186.24 35.75 -18.35
CA ALA H 259 -185.18 36.64 -18.82
C ALA H 259 -184.66 36.30 -20.23
N SER H 260 -184.65 35.03 -20.63
CA SER H 260 -184.32 34.58 -22.00
C SER H 260 -185.31 35.09 -23.07
N THR H 261 -186.57 35.33 -22.70
CA THR H 261 -187.57 35.96 -23.58
C THR H 261 -187.51 37.47 -23.54
N ILE H 262 -187.30 38.09 -22.37
CA ILE H 262 -187.24 39.55 -22.21
C ILE H 262 -185.97 40.14 -22.86
N SER H 263 -184.83 39.46 -22.75
CA SER H 263 -183.54 39.86 -23.34
C SER H 263 -183.41 39.54 -24.85
N HIS H 264 -184.41 38.91 -25.46
CA HIS H 264 -184.34 38.44 -26.85
C HIS H 264 -184.45 39.59 -27.88
N PRO H 265 -183.70 39.55 -29.00
CA PRO H 265 -183.80 40.59 -30.04
C PRO H 265 -185.19 40.68 -30.69
N ASP H 266 -185.92 39.57 -30.78
CA ASP H 266 -187.32 39.52 -31.25
C ASP H 266 -188.34 39.44 -30.09
N SER H 267 -187.97 39.88 -28.87
CA SER H 267 -188.83 39.75 -27.67
C SER H 267 -190.26 40.23 -27.84
N GLY H 268 -190.51 41.35 -28.54
CA GLY H 268 -191.87 41.86 -28.76
C GLY H 268 -192.76 40.90 -29.56
N ALA H 269 -192.23 40.31 -30.63
CA ALA H 269 -192.92 39.31 -31.44
C ALA H 269 -193.07 37.97 -30.70
N LEU H 270 -192.06 37.58 -29.91
CA LEU H 270 -192.10 36.37 -29.08
C LEU H 270 -193.18 36.44 -28.00
N MET H 271 -193.31 37.55 -27.28
CA MET H 271 -194.37 37.73 -26.28
C MET H 271 -195.78 37.68 -26.89
N ILE H 272 -195.98 38.21 -28.10
CA ILE H 272 -197.24 38.10 -28.85
C ILE H 272 -197.52 36.67 -29.30
N VAL H 273 -196.55 35.95 -29.87
CA VAL H 273 -196.77 34.55 -30.31
C VAL H 273 -197.05 33.60 -29.14
N ASP H 274 -196.29 33.68 -28.05
CA ASP H 274 -196.48 32.87 -26.84
C ASP H 274 -197.85 33.13 -26.18
N SER H 275 -198.28 34.40 -26.11
CA SER H 275 -199.62 34.76 -25.61
C SER H 275 -200.75 34.27 -26.51
N ALA H 276 -200.66 34.46 -27.82
CA ALA H 276 -201.70 34.04 -28.76
C ALA H 276 -201.86 32.51 -28.83
N ALA H 277 -200.77 31.75 -28.75
CA ALA H 277 -200.83 30.29 -28.65
C ALA H 277 -201.62 29.82 -27.40
N CYS H 278 -201.41 30.43 -26.25
CA CYS H 278 -202.15 30.12 -25.02
C CYS H 278 -203.63 30.51 -25.11
N GLU H 279 -203.95 31.68 -25.66
CA GLU H 279 -205.34 32.09 -25.91
C GLU H 279 -206.10 31.07 -26.75
N LEU H 280 -205.49 30.60 -27.85
CA LEU H 280 -206.08 29.60 -28.75
C LEU H 280 -206.30 28.25 -28.07
N ALA H 281 -205.36 27.76 -27.26
CA ALA H 281 -205.53 26.53 -26.48
C ALA H 281 -206.70 26.62 -25.50
N VAL H 282 -206.86 27.76 -24.79
CA VAL H 282 -208.01 28.01 -23.92
C VAL H 282 -209.33 28.20 -24.68
N SER H 283 -209.34 28.74 -25.90
CA SER H 283 -210.56 28.77 -26.73
C SER H 283 -211.00 27.37 -27.18
N TYR H 284 -210.09 26.53 -27.68
CA TYR H 284 -210.45 25.29 -28.37
C TYR H 284 -210.43 24.01 -27.51
N ALA H 285 -209.55 23.87 -26.52
CA ALA H 285 -209.49 22.62 -25.73
C ALA H 285 -210.78 22.33 -24.95
N PRO H 286 -211.38 23.28 -24.20
CA PRO H 286 -212.66 23.03 -23.53
C PRO H 286 -213.81 22.66 -24.47
N ALA H 287 -213.93 23.30 -25.64
CA ALA H 287 -214.94 22.96 -26.63
C ALA H 287 -214.86 21.50 -27.10
N MET H 288 -213.66 21.03 -27.42
CA MET H 288 -213.44 19.62 -27.80
C MET H 288 -213.66 18.65 -26.65
N LEU H 289 -213.31 19.00 -25.41
CA LEU H 289 -213.58 18.16 -24.24
C LEU H 289 -215.08 18.06 -23.89
N GLU H 290 -215.85 19.14 -24.05
CA GLU H 290 -217.32 19.19 -23.83
C GLU H 290 -218.13 18.43 -24.89
N ALA H 291 -217.60 18.23 -26.10
CA ALA H 291 -218.30 17.60 -27.22
C ALA H 291 -218.88 16.21 -26.89
N SER H 292 -219.83 15.73 -27.68
CA SER H 292 -220.43 14.40 -27.48
C SER H 292 -219.46 13.29 -27.92
N HIS H 293 -219.20 12.29 -27.08
CA HIS H 293 -218.20 11.25 -27.33
C HIS H 293 -218.84 9.86 -27.46
N GLU H 294 -218.22 8.97 -28.24
CA GLU H 294 -218.58 7.54 -28.28
C GLU H 294 -218.36 6.87 -26.91
N THR H 295 -219.20 5.89 -26.55
CA THR H 295 -219.07 5.11 -25.30
C THR H 295 -218.22 3.86 -25.53
N PRO H 296 -216.98 3.75 -25.00
CA PRO H 296 -216.16 2.55 -25.17
C PRO H 296 -216.69 1.34 -24.40
N ALA H 297 -216.40 0.13 -24.86
CA ALA H 297 -216.73 -1.10 -24.12
C ALA H 297 -215.93 -1.25 -22.80
N SER H 298 -214.79 -0.57 -22.68
CA SER H 298 -213.95 -0.58 -21.48
C SER H 298 -214.56 0.19 -20.30
N LEU H 299 -215.62 0.98 -20.51
CA LEU H 299 -216.31 1.72 -19.45
C LEU H 299 -217.22 0.83 -18.57
N ASN H 300 -217.44 -0.42 -18.97
CA ASN H 300 -218.30 -1.39 -18.28
C ASN H 300 -217.49 -2.34 -17.38
N TYR H 301 -217.38 -2.03 -16.09
CA TYR H 301 -216.49 -2.71 -15.13
C TYR H 301 -216.85 -4.18 -14.87
N ASP H 302 -218.12 -4.56 -15.00
CA ASP H 302 -218.57 -5.94 -14.77
C ASP H 302 -218.29 -6.87 -15.97
N SER H 303 -218.07 -6.35 -17.17
CA SER H 303 -217.56 -7.13 -18.32
C SER H 303 -216.04 -7.15 -18.48
N TRP H 304 -215.24 -6.54 -17.59
CA TRP H 304 -213.78 -6.59 -17.68
C TRP H 304 -213.25 -8.04 -17.60
N PRO H 305 -212.54 -8.55 -18.61
CA PRO H 305 -211.98 -9.91 -18.59
C PRO H 305 -211.00 -10.20 -17.46
N LEU H 306 -210.27 -9.21 -16.93
CA LEU H 306 -209.23 -9.46 -15.93
C LEU H 306 -209.72 -10.14 -14.64
N PHE H 307 -211.02 -10.03 -14.30
CA PHE H 307 -211.65 -10.70 -13.17
C PHE H 307 -212.11 -12.14 -13.42
N ALA H 308 -212.07 -12.66 -14.65
CA ALA H 308 -212.80 -13.88 -15.04
C ALA H 308 -212.44 -15.16 -14.27
N ASP H 309 -211.21 -15.30 -13.76
CA ASP H 309 -210.77 -16.44 -12.92
C ASP H 309 -210.80 -16.15 -11.41
N CYS H 310 -211.21 -14.96 -10.96
CA CYS H 310 -211.24 -14.57 -9.54
C CYS H 310 -212.38 -15.22 -8.76
N GLU H 311 -212.09 -15.73 -7.57
CA GLU H 311 -213.10 -16.10 -6.56
C GLU H 311 -212.90 -15.31 -5.26
N GLY H 312 -213.90 -14.50 -4.89
CA GLY H 312 -213.93 -13.71 -3.66
C GLY H 312 -213.17 -12.37 -3.72
N PRO H 313 -213.36 -11.50 -2.70
CA PRO H 313 -212.83 -10.14 -2.69
C PRO H 313 -211.29 -10.02 -2.73
N GLU H 314 -210.55 -10.94 -2.08
CA GLU H 314 -209.08 -10.88 -2.07
C GLU H 314 -208.48 -11.10 -3.46
N ALA H 315 -209.02 -12.05 -4.23
CA ALA H 315 -208.61 -12.31 -5.60
C ALA H 315 -208.90 -11.11 -6.52
N ARG H 316 -210.03 -10.41 -6.32
CA ARG H 316 -210.39 -9.21 -7.10
C ARG H 316 -209.45 -8.04 -6.83
N VAL H 317 -209.11 -7.76 -5.57
CA VAL H 317 -208.12 -6.72 -5.20
C VAL H 317 -206.72 -7.05 -5.74
N ALA H 318 -206.27 -8.30 -5.63
CA ALA H 318 -204.97 -8.71 -6.17
C ALA H 318 -204.90 -8.64 -7.70
N ALA H 319 -206.00 -8.89 -8.42
CA ALA H 319 -206.11 -8.70 -9.86
C ALA H 319 -206.00 -7.23 -10.28
N LEU H 320 -206.60 -6.31 -9.52
CA LEU H 320 -206.46 -4.87 -9.73
C LEU H 320 -205.02 -4.39 -9.52
N HIS H 321 -204.30 -4.91 -8.52
CA HIS H 321 -202.89 -4.57 -8.32
C HIS H 321 -202.00 -5.03 -9.49
N ARG H 322 -202.21 -6.23 -10.07
CA ARG H 322 -201.53 -6.65 -11.31
C ARG H 322 -201.88 -5.75 -12.50
N TYR H 323 -203.13 -5.36 -12.65
CA TYR H 323 -203.56 -4.39 -13.65
C TYR H 323 -202.80 -3.05 -13.52
N ASN H 324 -202.71 -2.48 -12.32
CA ASN H 324 -201.97 -1.23 -12.07
C ASN H 324 -200.49 -1.34 -12.40
N ALA H 325 -199.81 -2.44 -12.05
CA ALA H 325 -198.42 -2.66 -12.38
C ALA H 325 -198.17 -2.62 -13.90
N SER H 326 -199.08 -3.12 -14.72
CA SER H 326 -198.98 -3.06 -16.19
C SER H 326 -199.08 -1.63 -16.79
N LEU H 327 -199.64 -0.66 -16.06
CA LEU H 327 -199.67 0.76 -16.43
C LEU H 327 -198.49 1.59 -15.89
N ALA H 328 -197.78 1.15 -14.84
CA ALA H 328 -196.73 1.93 -14.19
C ALA H 328 -195.63 2.48 -15.13
N PRO H 329 -195.12 1.76 -16.15
CA PRO H 329 -194.10 2.29 -17.04
C PRO H 329 -194.52 3.56 -17.81
N HIS H 330 -195.80 3.72 -18.13
CA HIS H 330 -196.33 4.97 -18.70
C HIS H 330 -196.19 6.13 -17.72
N VAL H 331 -196.57 5.94 -16.46
CA VAL H 331 -196.52 6.96 -15.42
C VAL H 331 -195.08 7.29 -15.03
N SER H 332 -194.21 6.30 -14.80
CA SER H 332 -192.81 6.56 -14.43
C SER H 332 -192.00 7.20 -15.55
N THR H 333 -192.32 6.92 -16.82
CA THR H 333 -191.69 7.60 -17.96
C THR H 333 -191.96 9.10 -17.95
N GLN H 334 -193.19 9.53 -17.66
CA GLN H 334 -193.54 10.94 -17.50
C GLN H 334 -192.88 11.62 -16.28
N ILE H 335 -192.35 10.86 -15.31
CA ILE H 335 -191.51 11.42 -14.23
C ILE H 335 -190.02 11.42 -14.59
N PHE H 336 -189.47 10.31 -15.10
CA PHE H 336 -188.04 10.15 -15.33
C PHE H 336 -187.51 10.86 -16.59
N ALA H 337 -188.33 11.10 -17.62
CA ALA H 337 -187.87 11.68 -18.88
C ALA H 337 -187.65 13.19 -18.81
N THR H 338 -186.47 13.67 -19.21
CA THR H 338 -186.12 15.10 -19.23
C THR H 338 -187.09 15.91 -20.12
N ASN H 339 -187.61 15.31 -21.17
CA ASN H 339 -188.56 15.90 -22.13
C ASN H 339 -190.02 15.46 -21.93
N SER H 340 -190.40 15.11 -20.69
CA SER H 340 -191.79 14.90 -20.28
C SER H 340 -192.67 16.14 -20.49
N VAL H 341 -193.94 15.94 -20.84
CA VAL H 341 -194.95 17.02 -20.93
C VAL H 341 -195.12 17.78 -19.60
N LEU H 342 -194.83 17.16 -18.46
CA LEU H 342 -194.88 17.79 -17.13
C LEU H 342 -193.78 18.86 -16.92
N TYR H 343 -192.74 18.92 -17.75
CA TYR H 343 -191.61 19.85 -17.62
C TYR H 343 -191.50 20.88 -18.77
N VAL H 344 -192.54 21.06 -19.58
CA VAL H 344 -192.60 22.10 -20.62
C VAL H 344 -192.50 23.49 -19.99
N SER H 345 -191.58 24.30 -20.48
CA SER H 345 -191.14 25.57 -19.88
C SER H 345 -191.61 26.83 -20.62
N GLY H 346 -192.08 26.74 -21.86
CA GLY H 346 -192.53 27.90 -22.65
C GLY H 346 -192.21 27.81 -24.14
N VAL H 347 -192.20 28.95 -24.80
CA VAL H 347 -191.91 29.11 -26.24
C VAL H 347 -190.63 29.90 -26.44
N SER H 348 -189.80 29.53 -27.41
CA SER H 348 -188.58 30.25 -27.77
C SER H 348 -188.41 30.35 -29.29
N LYS H 349 -187.51 31.22 -29.75
CA LYS H 349 -187.23 31.47 -31.18
C LYS H 349 -185.76 31.21 -31.50
N SER H 350 -185.53 30.59 -32.66
CA SER H 350 -184.21 30.18 -33.18
C SER H 350 -183.14 31.29 -33.16
N GLU H 356 -183.15 26.37 -37.54
CA GLU H 356 -184.53 26.07 -37.92
C GLU H 356 -184.97 26.81 -39.20
N SER H 357 -185.75 26.14 -40.04
CA SER H 357 -186.47 26.75 -41.18
C SER H 357 -187.58 27.70 -40.70
N LEU H 358 -188.12 28.55 -41.58
CA LEU H 358 -189.03 29.64 -41.22
C LEU H 358 -190.23 29.20 -40.37
N PHE H 359 -190.98 28.20 -40.80
CA PHE H 359 -192.16 27.74 -40.05
C PHE H 359 -191.83 26.98 -38.76
N ASN H 360 -190.63 26.42 -38.64
CA ASN H 360 -190.13 25.78 -37.42
C ASN H 360 -189.44 26.77 -36.44
N SER H 361 -189.24 28.03 -36.82
CA SER H 361 -188.38 28.97 -36.08
C SER H 361 -188.86 29.30 -34.65
N PHE H 362 -190.16 29.29 -34.37
CA PHE H 362 -190.71 29.29 -33.01
C PHE H 362 -191.02 27.86 -32.57
N TYR H 363 -190.67 27.48 -31.34
CA TYR H 363 -190.84 26.11 -30.83
C TYR H 363 -191.03 26.03 -29.30
N MET H 364 -191.59 24.91 -28.82
CA MET H 364 -191.75 24.60 -27.40
C MET H 364 -190.43 24.19 -26.73
N THR H 365 -190.17 24.70 -25.52
CA THR H 365 -188.98 24.39 -24.70
C THR H 365 -189.31 23.59 -23.43
N HIS H 366 -188.33 22.91 -22.85
CA HIS H 366 -188.45 22.20 -21.56
C HIS H 366 -187.30 22.55 -20.62
N GLY H 367 -187.53 22.46 -19.31
CA GLY H 367 -186.47 22.56 -18.30
C GLY H 367 -186.95 23.02 -16.94
N LEU H 368 -186.66 22.23 -15.89
CA LEU H 368 -186.96 22.56 -14.49
C LEU H 368 -186.15 23.75 -13.96
N GLY H 369 -184.92 23.95 -14.43
CA GLY H 369 -184.13 25.13 -14.08
C GLY H 369 -184.83 26.42 -14.51
N THR H 370 -185.37 26.45 -15.72
CA THR H 370 -186.17 27.58 -16.22
C THR H 370 -187.43 27.82 -15.39
N LEU H 371 -188.11 26.75 -14.97
CA LEU H 371 -189.31 26.84 -14.14
C LEU H 371 -189.03 27.38 -12.73
N GLN H 372 -187.81 27.31 -12.20
CA GLN H 372 -187.44 27.94 -10.92
C GLN H 372 -187.17 29.45 -11.00
N GLU H 373 -186.93 30.03 -12.18
CA GLU H 373 -186.47 31.43 -12.32
C GLU H 373 -187.55 32.48 -12.04
N GLY H 374 -187.13 33.71 -11.71
CA GLY H 374 -188.00 34.88 -11.69
C GLY H 374 -188.50 35.28 -13.08
N THR H 375 -189.58 36.06 -13.11
CA THR H 375 -190.33 36.43 -14.32
C THR H 375 -190.70 37.92 -14.36
N TRP H 376 -191.15 38.36 -15.53
CA TRP H 376 -191.68 39.70 -15.82
C TRP H 376 -193.09 39.60 -16.44
N ASP H 377 -193.93 40.61 -16.23
CA ASP H 377 -195.31 40.68 -16.72
C ASP H 377 -195.42 41.15 -18.19
N PRO H 378 -196.61 41.17 -18.83
CA PRO H 378 -196.79 41.64 -20.20
C PRO H 378 -196.38 43.11 -20.46
N CYS H 379 -196.18 43.93 -19.43
CA CYS H 379 -195.69 45.30 -19.52
C CYS H 379 -194.22 45.43 -19.08
N ARG H 380 -193.49 44.30 -19.09
CA ARG H 380 -192.06 44.19 -18.76
C ARG H 380 -191.68 44.63 -17.33
N ARG H 381 -192.64 44.64 -16.40
CA ARG H 381 -192.39 44.90 -14.97
C ARG H 381 -192.04 43.60 -14.24
N PRO H 382 -191.21 43.60 -13.18
CA PRO H 382 -190.93 42.39 -12.39
C PRO H 382 -192.20 41.73 -11.83
N CYS H 383 -192.23 40.40 -11.78
CA CYS H 383 -193.42 39.63 -11.41
C CYS H 383 -193.11 38.59 -10.30
N PHE H 384 -192.87 37.32 -10.62
CA PHE H 384 -192.33 36.35 -9.65
C PHE H 384 -190.83 36.58 -9.43
N SER H 385 -190.33 36.43 -8.22
CA SER H 385 -188.91 36.64 -7.86
C SER H 385 -188.00 35.42 -8.05
N GLY H 386 -188.54 34.23 -8.33
CA GLY H 386 -187.75 33.00 -8.45
C GLY H 386 -187.48 32.29 -7.13
N TRP H 387 -186.94 31.07 -7.23
CA TRP H 387 -186.55 30.23 -6.10
C TRP H 387 -185.13 29.69 -6.28
N GLY H 388 -184.32 29.74 -5.22
CA GLY H 388 -182.91 29.31 -5.26
C GLY H 388 -182.69 27.79 -5.20
N GLY H 389 -183.76 27.01 -5.07
CA GLY H 389 -183.72 25.57 -4.82
C GLY H 389 -183.56 25.21 -3.33
N PRO H 390 -183.48 23.91 -3.00
CA PRO H 390 -183.37 23.41 -1.64
C PRO H 390 -182.15 23.96 -0.88
N GLY H 394 -181.11 17.74 0.41
CA GLY H 394 -181.58 16.36 0.30
C GLY H 394 -180.53 15.37 -0.24
N THR H 395 -180.87 14.08 -0.25
CA THR H 395 -179.92 12.99 -0.50
C THR H 395 -179.33 12.94 -1.92
N ASN H 396 -179.95 13.58 -2.93
CA ASN H 396 -179.41 13.65 -4.31
C ASN H 396 -178.38 14.79 -4.51
N GLY H 397 -178.16 15.65 -3.51
CA GLY H 397 -177.13 16.70 -3.52
C GLY H 397 -177.43 17.97 -4.35
N PRO H 398 -176.54 18.98 -4.31
CA PRO H 398 -176.74 20.30 -4.91
C PRO H 398 -176.88 20.29 -6.44
N GLY H 399 -177.76 21.14 -6.98
CA GLY H 399 -177.98 21.29 -8.43
C GLY H 399 -178.72 20.13 -9.11
N ASN H 400 -179.06 19.08 -8.37
CA ASN H 400 -179.74 17.88 -8.86
C ASN H 400 -181.24 17.90 -8.50
N TYR H 401 -182.02 17.02 -9.14
CA TYR H 401 -183.44 16.84 -8.89
C TYR H 401 -183.70 16.48 -7.42
N ALA H 402 -184.69 17.10 -6.80
CA ALA H 402 -185.05 16.96 -5.39
C ALA H 402 -186.54 16.62 -5.25
N VAL H 403 -186.97 16.22 -4.05
CA VAL H 403 -188.39 15.86 -3.82
C VAL H 403 -189.35 17.01 -4.18
N GLU H 404 -188.95 18.28 -4.04
CA GLU H 404 -189.74 19.42 -4.48
C GLU H 404 -190.06 19.40 -5.99
N HIS H 405 -189.16 18.90 -6.85
CA HIS H 405 -189.43 18.74 -8.28
C HIS H 405 -190.48 17.66 -8.57
N LEU H 406 -190.52 16.57 -7.79
CA LEU H 406 -191.61 15.60 -7.85
C LEU H 406 -192.93 16.22 -7.38
N VAL H 407 -192.93 17.04 -6.33
CA VAL H 407 -194.14 17.76 -5.89
C VAL H 407 -194.63 18.72 -6.98
N TYR H 408 -193.75 19.47 -7.63
CA TYR H 408 -194.06 20.30 -8.81
C TYR H 408 -194.67 19.49 -9.99
N ALA H 409 -194.14 18.31 -10.32
CA ALA H 409 -194.71 17.41 -11.32
C ALA H 409 -196.14 16.97 -10.98
N ALA H 410 -196.44 16.73 -9.71
CA ALA H 410 -197.77 16.38 -9.20
C ALA H 410 -198.71 17.60 -8.93
N SER H 411 -198.42 18.79 -9.47
CA SER H 411 -199.25 20.00 -9.33
C SER H 411 -199.54 20.44 -7.89
N PHE H 412 -198.63 20.17 -6.95
CA PHE H 412 -198.77 20.48 -5.52
C PHE H 412 -200.05 19.87 -4.90
N SER H 413 -200.51 18.74 -5.44
CA SER H 413 -201.73 18.07 -5.03
C SER H 413 -201.37 16.81 -4.23
N PRO H 414 -201.74 16.69 -2.95
CA PRO H 414 -201.48 15.49 -2.17
C PRO H 414 -202.20 14.25 -2.73
N ASN H 415 -203.38 14.41 -3.34
CA ASN H 415 -204.09 13.32 -4.03
C ASN H 415 -203.31 12.77 -5.24
N LEU H 416 -202.86 13.64 -6.16
CA LEU H 416 -202.03 13.21 -7.31
C LEU H 416 -200.68 12.64 -6.86
N LEU H 417 -199.99 13.29 -5.90
CA LEU H 417 -198.68 12.86 -5.40
C LEU H 417 -198.73 11.46 -4.77
N ALA H 418 -199.76 11.14 -3.98
CA ALA H 418 -199.98 9.79 -3.44
C ALA H 418 -200.08 8.73 -4.54
N ARG H 419 -200.84 8.96 -5.63
CA ARG H 419 -200.92 7.99 -6.74
C ARG H 419 -199.64 7.89 -7.58
N TYR H 420 -198.89 8.98 -7.78
CA TYR H 420 -197.54 8.92 -8.37
C TYR H 420 -196.59 8.05 -7.54
N ALA H 421 -196.55 8.24 -6.21
CA ALA H 421 -195.71 7.44 -5.33
C ALA H 421 -196.08 5.95 -5.35
N TYR H 422 -197.37 5.63 -5.38
CA TYR H 422 -197.84 4.27 -5.59
C TYR H 422 -197.32 3.61 -6.88
N TYR H 423 -197.31 4.31 -8.02
CA TYR H 423 -196.72 3.78 -9.26
C TYR H 423 -195.19 3.65 -9.17
N LEU H 424 -194.48 4.62 -8.58
CA LEU H 424 -193.03 4.54 -8.39
C LEU H 424 -192.59 3.37 -7.50
N GLN H 425 -193.40 2.89 -6.57
CA GLN H 425 -193.13 1.68 -5.80
C GLN H 425 -193.01 0.37 -6.64
N PHE H 426 -193.50 0.31 -7.87
CA PHE H 426 -193.27 -0.81 -8.79
C PHE H 426 -191.91 -0.77 -9.51
N CYS H 427 -191.20 0.36 -9.48
CA CYS H 427 -189.95 0.57 -10.23
C CYS H 427 -188.72 -0.04 -9.54
N GLN H 428 -187.83 -0.63 -10.33
CA GLN H 428 -186.50 -1.10 -9.90
C GLN H 428 -185.56 0.06 -9.61
N GLY H 429 -184.70 -0.11 -8.60
CA GLY H 429 -183.57 0.78 -8.35
C GLY H 429 -182.40 0.50 -9.30
N GLN H 430 -181.67 1.55 -9.68
CA GLN H 430 -180.46 1.46 -10.50
C GLN H 430 -179.38 2.33 -9.89
N LYS H 431 -178.54 1.75 -9.02
CA LYS H 431 -177.40 2.45 -8.40
C LYS H 431 -176.39 2.90 -9.47
N SER H 432 -175.98 4.16 -9.43
CA SER H 432 -175.02 4.78 -10.36
C SER H 432 -173.61 4.18 -10.26
N VAL H 437 -173.24 3.10 -1.72
CA VAL H 437 -174.52 3.45 -1.10
C VAL H 437 -174.80 2.52 0.10
N PRO H 438 -175.36 3.02 1.22
CA PRO H 438 -175.81 2.18 2.32
C PRO H 438 -176.76 1.06 1.86
N GLU H 439 -176.69 -0.09 2.51
CA GLU H 439 -177.67 -1.17 2.30
C GLU H 439 -179.08 -0.72 2.71
N THR H 440 -180.13 -1.27 2.09
CA THR H 440 -181.50 -0.80 2.30
C THR H 440 -181.90 -0.82 3.78
N GLY H 441 -181.64 -1.92 4.49
CA GLY H 441 -181.99 -2.09 5.89
C GLY H 441 -181.19 -1.20 6.86
N SER H 442 -179.93 -0.89 6.55
CA SER H 442 -179.17 0.10 7.34
C SER H 442 -179.55 1.55 7.01
N TYR H 443 -180.15 1.84 5.85
CA TYR H 443 -180.81 3.12 5.61
C TYR H 443 -182.14 3.23 6.36
N VAL H 444 -183.03 2.23 6.24
CA VAL H 444 -184.34 2.21 6.92
C VAL H 444 -184.23 2.25 8.45
N ALA H 445 -183.29 1.52 9.06
CA ALA H 445 -183.07 1.59 10.51
C ALA H 445 -182.21 2.80 10.94
N GLY H 446 -181.39 3.33 10.02
CA GLY H 446 -180.52 4.48 10.25
C GLY H 446 -181.19 5.81 9.88
N ALA H 447 -180.66 6.52 8.89
CA ALA H 447 -181.07 7.89 8.56
C ALA H 447 -182.58 8.08 8.27
N ALA H 448 -183.32 7.06 7.81
CA ALA H 448 -184.77 7.18 7.62
C ALA H 448 -185.55 7.36 8.94
N ALA H 449 -185.01 6.89 10.07
CA ALA H 449 -185.64 6.92 11.39
C ALA H 449 -185.30 8.19 12.21
N SER H 450 -184.61 9.16 11.62
CA SER H 450 -184.22 10.40 12.30
C SER H 450 -185.42 11.31 12.61
N PRO H 451 -185.53 11.88 13.83
CA PRO H 451 -186.63 12.78 14.20
C PRO H 451 -186.64 14.10 13.43
N MET H 452 -185.57 14.42 12.68
CA MET H 452 -185.49 15.57 11.78
C MET H 452 -186.40 15.49 10.54
N CYS H 453 -186.91 14.31 10.16
CA CYS H 453 -187.77 14.16 8.97
C CYS H 453 -189.12 14.88 9.15
N SER H 454 -189.39 15.91 8.34
CA SER H 454 -190.63 16.70 8.38
C SER H 454 -191.88 16.02 7.79
N LEU H 455 -191.75 14.77 7.31
CA LEU H 455 -192.89 13.97 6.81
C LEU H 455 -193.41 12.96 7.86
N CYS H 456 -192.54 12.16 8.47
CA CYS H 456 -192.93 11.09 9.40
C CYS H 456 -192.34 11.20 10.82
N GLU H 457 -191.49 12.19 11.12
CA GLU H 457 -190.78 12.31 12.41
C GLU H 457 -189.92 11.07 12.75
N GLY H 458 -189.53 10.28 11.75
CA GLY H 458 -188.87 8.98 11.91
C GLY H 458 -189.81 7.83 12.30
N ARG H 459 -191.10 8.09 12.54
CA ARG H 459 -192.11 7.13 13.05
C ARG H 459 -192.77 6.24 11.97
N ALA H 460 -192.37 6.35 10.70
CA ALA H 460 -192.80 5.46 9.61
C ALA H 460 -191.70 5.29 8.52
N PRO H 461 -190.52 4.74 8.85
CA PRO H 461 -189.34 4.87 8.00
C PRO H 461 -189.38 4.07 6.69
N ALA H 462 -190.11 2.96 6.61
CA ALA H 462 -190.09 2.06 5.47
C ALA H 462 -190.98 2.53 4.29
N VAL H 463 -192.11 3.19 4.56
CA VAL H 463 -193.04 3.74 3.55
C VAL H 463 -192.86 5.23 3.24
N CYS H 464 -192.10 5.98 4.04
CA CYS H 464 -191.93 7.42 3.83
C CYS H 464 -191.49 7.79 2.41
N LEU H 465 -192.02 8.89 1.87
CA LEU H 465 -191.72 9.39 0.53
C LEU H 465 -190.22 9.66 0.33
N ASN H 466 -189.52 10.14 1.36
CA ASN H 466 -188.07 10.32 1.32
C ASN H 466 -187.30 8.98 1.20
N THR H 467 -187.81 7.87 1.72
CA THR H 467 -187.21 6.53 1.52
C THR H 467 -187.40 6.06 0.09
N LEU H 468 -188.60 6.22 -0.49
CA LEU H 468 -188.85 5.93 -1.90
C LEU H 468 -187.97 6.78 -2.83
N PHE H 469 -187.87 8.08 -2.55
CA PHE H 469 -187.01 9.00 -3.28
C PHE H 469 -185.53 8.59 -3.22
N PHE H 470 -185.02 8.22 -2.04
CA PHE H 470 -183.65 7.74 -1.87
C PHE H 470 -183.35 6.49 -2.71
N ARG H 471 -184.28 5.54 -2.76
CA ARG H 471 -184.20 4.30 -3.55
C ARG H 471 -184.11 4.54 -5.08
N LEU H 472 -184.86 5.51 -5.61
CA LEU H 472 -184.97 5.82 -7.05
C LEU H 472 -184.09 6.99 -7.54
N ARG H 473 -183.26 7.54 -6.67
CA ARG H 473 -182.45 8.77 -6.80
C ARG H 473 -181.70 8.96 -8.12
N ASP H 474 -180.98 7.93 -8.57
CA ASP H 474 -180.19 7.96 -9.80
C ASP H 474 -181.01 7.85 -11.11
N ARG H 475 -182.34 7.67 -11.03
CA ARG H 475 -183.25 7.63 -12.20
C ARG H 475 -183.94 8.95 -12.51
N PHE H 476 -183.99 9.92 -11.59
CA PHE H 476 -184.57 11.24 -11.85
C PHE H 476 -183.73 12.04 -12.85
N PRO H 477 -184.34 12.92 -13.68
CA PRO H 477 -183.65 13.67 -14.72
C PRO H 477 -182.73 14.77 -14.17
N PRO H 478 -181.84 15.37 -14.98
CA PRO H 478 -181.10 16.58 -14.62
C PRO H 478 -182.00 17.84 -14.64
N VAL H 479 -181.57 18.90 -13.95
CA VAL H 479 -182.30 20.19 -13.87
C VAL H 479 -181.73 21.17 -14.90
N MET H 480 -182.51 21.51 -15.93
CA MET H 480 -182.03 22.18 -17.16
C MET H 480 -182.52 23.63 -17.32
N SER H 481 -181.65 24.51 -17.79
CA SER H 481 -181.93 25.94 -18.04
C SER H 481 -181.77 26.37 -19.51
N THR H 482 -181.58 25.44 -20.45
CA THR H 482 -181.36 25.72 -21.89
C THR H 482 -182.64 25.81 -22.71
N GLN H 483 -182.53 26.25 -23.97
CA GLN H 483 -183.67 26.60 -24.85
C GLN H 483 -183.64 25.87 -26.22
N ARG H 484 -183.10 24.65 -26.29
CA ARG H 484 -183.02 23.80 -27.50
C ARG H 484 -184.39 23.24 -27.95
N ARG H 485 -184.57 23.03 -29.26
CA ARG H 485 -185.76 22.44 -29.90
C ARG H 485 -185.76 20.91 -29.85
N ASP H 486 -186.34 20.32 -28.80
CA ASP H 486 -186.49 18.87 -28.63
C ASP H 486 -187.95 18.40 -28.78
N PRO H 487 -188.20 17.12 -29.10
CA PRO H 487 -189.52 16.48 -28.96
C PRO H 487 -189.99 16.45 -27.50
N TYR H 488 -191.30 16.34 -27.26
CA TYR H 488 -191.89 16.13 -25.93
C TYR H 488 -192.67 14.81 -25.85
N VAL H 489 -192.79 14.22 -24.66
CA VAL H 489 -193.36 12.88 -24.45
C VAL H 489 -194.84 12.96 -24.07
N ILE H 490 -195.71 12.23 -24.77
CA ILE H 490 -197.17 12.17 -24.55
C ILE H 490 -197.63 10.76 -24.17
N SER H 491 -198.73 10.63 -23.43
CA SER H 491 -199.32 9.35 -22.99
C SER H 491 -200.82 9.33 -23.25
N GLY H 492 -201.38 8.18 -23.61
CA GLY H 492 -202.83 8.00 -23.74
C GLY H 492 -203.24 6.78 -24.55
N ALA H 493 -204.54 6.64 -24.80
CA ALA H 493 -205.12 5.59 -25.63
C ALA H 493 -204.80 5.76 -27.13
N SER H 494 -204.54 4.64 -27.81
CA SER H 494 -204.42 4.62 -29.27
C SER H 494 -205.78 4.48 -29.97
N GLY H 495 -205.85 4.97 -31.20
CA GLY H 495 -207.02 4.84 -32.09
C GLY H 495 -207.13 3.46 -32.73
N SER H 496 -208.18 3.27 -33.53
CA SER H 496 -208.53 1.98 -34.13
C SER H 496 -207.69 1.57 -35.34
N TYR H 497 -207.13 2.50 -36.12
CA TYR H 497 -206.47 2.19 -37.40
C TYR H 497 -204.99 2.60 -37.40
N ASN H 498 -204.12 1.69 -36.99
CA ASN H 498 -202.66 1.87 -36.93
C ASN H 498 -201.98 1.06 -38.04
N GLU H 499 -200.93 1.60 -38.64
CA GLU H 499 -200.18 0.98 -39.73
C GLU H 499 -198.71 0.82 -39.32
N THR H 500 -198.38 -0.31 -38.72
CA THR H 500 -197.10 -0.57 -38.03
C THR H 500 -196.45 -1.91 -38.39
N ASP H 501 -196.87 -2.58 -39.46
CA ASP H 501 -196.05 -3.62 -40.13
C ASP H 501 -194.83 -2.99 -40.83
N PHE H 502 -193.85 -3.79 -41.29
CA PHE H 502 -192.53 -3.32 -41.75
C PHE H 502 -192.53 -2.21 -42.80
N LEU H 503 -193.50 -2.17 -43.73
CA LEU H 503 -193.65 -1.11 -44.73
C LEU H 503 -194.82 -0.14 -44.43
N GLY H 504 -195.32 -0.11 -43.20
CA GLY H 504 -196.27 0.91 -42.73
C GLY H 504 -197.52 1.02 -43.59
N ASN H 505 -197.84 2.23 -44.06
CA ASN H 505 -199.02 2.54 -44.86
C ASN H 505 -198.88 2.25 -46.38
N PHE H 506 -197.82 1.57 -46.84
CA PHE H 506 -197.68 1.10 -48.22
C PHE H 506 -198.92 0.31 -48.70
N LEU H 507 -199.53 0.69 -49.83
CA LEU H 507 -200.70 0.01 -50.43
C LEU H 507 -201.83 -0.31 -49.41
N ASN H 508 -202.13 0.61 -48.50
CA ASN H 508 -203.20 0.43 -47.51
C ASN H 508 -204.61 0.40 -48.14
N PHE H 509 -204.80 1.13 -49.24
CA PHE H 509 -206.02 1.20 -50.04
C PHE H 509 -205.68 1.20 -51.55
N ILE H 510 -206.67 0.86 -52.39
CA ILE H 510 -206.58 0.88 -53.86
C ILE H 510 -207.67 1.78 -54.44
N TYR H 525 -203.71 -6.35 -54.81
CA TYR H 525 -204.45 -6.30 -53.54
C TYR H 525 -203.72 -5.48 -52.47
N THR H 526 -204.43 -4.98 -51.45
CA THR H 526 -203.83 -4.16 -50.38
C THR H 526 -202.78 -4.93 -49.57
N TYR H 527 -201.82 -4.21 -48.97
CA TYR H 527 -200.81 -4.79 -48.09
C TYR H 527 -201.45 -5.47 -46.87
N TRP H 528 -202.57 -4.93 -46.36
CA TRP H 528 -203.36 -5.60 -45.33
C TRP H 528 -203.89 -6.96 -45.79
N GLN H 529 -204.46 -7.05 -47.00
CA GLN H 529 -204.91 -8.32 -47.57
C GLN H 529 -203.76 -9.30 -47.79
N LEU H 530 -202.61 -8.84 -48.28
CA LEU H 530 -201.40 -9.66 -48.44
C LEU H 530 -200.96 -10.33 -47.13
N ASN H 531 -201.01 -9.59 -46.01
CA ASN H 531 -200.68 -10.14 -44.70
C ASN H 531 -201.75 -11.16 -44.24
N GLN H 532 -203.04 -10.90 -44.48
CA GLN H 532 -204.10 -11.89 -44.23
C GLN H 532 -203.94 -13.19 -45.04
N ASN H 533 -203.53 -13.11 -46.31
CA ASN H 533 -203.24 -14.29 -47.13
C ASN H 533 -202.11 -15.13 -46.54
N LEU H 534 -201.01 -14.50 -46.12
CA LEU H 534 -199.87 -15.20 -45.51
C LEU H 534 -200.28 -15.93 -44.22
N LEU H 535 -201.03 -15.30 -43.32
CA LEU H 535 -201.51 -15.97 -42.09
C LEU H 535 -202.40 -17.20 -42.38
N GLU H 536 -203.21 -17.16 -43.43
CA GLU H 536 -203.97 -18.32 -43.90
C GLU H 536 -203.07 -19.47 -44.39
N ARG H 537 -202.04 -19.19 -45.21
CA ARG H 537 -201.07 -20.22 -45.61
C ARG H 537 -200.34 -20.82 -44.39
N LEU H 538 -199.96 -20.00 -43.41
CA LEU H 538 -199.30 -20.46 -42.19
C LEU H 538 -200.24 -21.30 -41.31
N SER H 539 -201.56 -21.04 -41.33
CA SER H 539 -202.56 -21.88 -40.67
C SER H 539 -202.60 -23.31 -41.27
N ARG H 540 -202.52 -23.46 -42.60
CA ARG H 540 -202.38 -24.77 -43.27
C ARG H 540 -201.08 -25.52 -42.94
N LEU H 541 -200.03 -24.81 -42.51
CA LEU H 541 -198.79 -25.41 -41.98
C LEU H 541 -198.83 -25.73 -40.47
N GLY H 542 -199.93 -25.46 -39.79
CA GLY H 542 -200.09 -25.70 -38.34
C GLY H 542 -199.54 -24.62 -37.41
N ILE H 543 -199.33 -23.39 -37.91
CA ILE H 543 -198.77 -22.24 -37.18
C ILE H 543 -199.87 -21.19 -36.95
N ASP H 544 -200.11 -20.75 -35.71
CA ASP H 544 -201.09 -19.70 -35.38
C ASP H 544 -200.57 -18.24 -35.53
N ALA H 545 -201.42 -17.25 -35.31
CA ALA H 545 -201.12 -15.82 -35.44
C ALA H 545 -200.03 -15.28 -34.49
N GLU H 546 -199.71 -15.98 -33.40
CA GLU H 546 -198.62 -15.65 -32.46
C GLU H 546 -197.41 -16.59 -32.65
N GLY H 547 -197.43 -17.43 -33.68
CA GLY H 547 -196.34 -18.32 -34.05
C GLY H 547 -196.26 -19.64 -33.27
N LYS H 548 -197.30 -20.03 -32.52
CA LYS H 548 -197.33 -21.33 -31.82
C LYS H 548 -197.63 -22.47 -32.81
N LEU H 549 -196.95 -23.60 -32.66
CA LEU H 549 -197.20 -24.82 -33.44
C LEU H 549 -198.28 -25.70 -32.79
N GLU H 550 -199.13 -26.31 -33.61
CA GLU H 550 -199.99 -27.43 -33.18
C GLU H 550 -199.23 -28.78 -33.09
N LYS H 551 -198.02 -28.87 -33.67
CA LYS H 551 -197.11 -30.02 -33.57
C LYS H 551 -195.64 -29.57 -33.64
N GLU H 552 -194.90 -29.70 -32.55
CA GLU H 552 -193.49 -29.30 -32.44
C GLU H 552 -192.55 -30.28 -33.19
N PRO H 553 -191.40 -29.83 -33.73
CA PRO H 553 -190.50 -30.66 -34.54
C PRO H 553 -189.83 -31.78 -33.73
N HIS H 554 -189.86 -33.00 -34.27
CA HIS H 554 -189.34 -34.23 -33.66
C HIS H 554 -187.81 -34.37 -33.62
N GLY H 555 -187.08 -33.75 -34.54
CA GLY H 555 -185.66 -34.03 -34.80
C GLY H 555 -185.14 -33.27 -36.02
N PRO H 556 -183.90 -33.51 -36.48
CA PRO H 556 -183.28 -32.79 -37.59
C PRO H 556 -184.11 -32.73 -38.87
N ARG H 557 -184.67 -33.86 -39.35
CA ARG H 557 -185.51 -33.90 -40.56
C ARG H 557 -186.73 -33.00 -40.40
N ASP H 558 -187.42 -33.12 -39.27
CA ASP H 558 -188.64 -32.36 -38.99
C ASP H 558 -188.36 -30.86 -38.83
N PHE H 559 -187.21 -30.49 -38.27
CA PHE H 559 -186.77 -29.09 -38.16
C PHE H 559 -186.48 -28.47 -39.53
N VAL H 560 -185.76 -29.18 -40.42
CA VAL H 560 -185.54 -28.71 -41.79
C VAL H 560 -186.87 -28.63 -42.58
N LYS H 561 -187.71 -29.67 -42.50
CA LYS H 561 -189.02 -29.73 -43.15
C LYS H 561 -189.92 -28.55 -42.74
N MET H 562 -190.00 -28.25 -41.45
CA MET H 562 -190.74 -27.10 -40.92
C MET H 562 -190.37 -25.78 -41.60
N PHE H 563 -189.08 -25.46 -41.74
CA PHE H 563 -188.64 -24.22 -42.40
C PHE H 563 -188.84 -24.24 -43.92
N LYS H 564 -188.51 -25.33 -44.62
CA LYS H 564 -188.63 -25.39 -46.09
C LYS H 564 -190.09 -25.19 -46.54
N ASP H 565 -191.06 -25.69 -45.78
CA ASP H 565 -192.47 -25.42 -46.03
C ASP H 565 -192.86 -23.93 -45.87
N VAL H 566 -192.38 -23.23 -44.84
CA VAL H 566 -192.65 -21.79 -44.66
C VAL H 566 -191.99 -20.96 -45.78
N ASP H 567 -190.75 -21.27 -46.14
CA ASP H 567 -190.07 -20.59 -47.25
C ASP H 567 -190.84 -20.76 -48.57
N ALA H 568 -191.26 -21.98 -48.92
CA ALA H 568 -192.07 -22.22 -50.11
C ALA H 568 -193.44 -21.50 -50.05
N ALA H 569 -194.10 -21.46 -48.89
CA ALA H 569 -195.36 -20.73 -48.72
C ALA H 569 -195.22 -19.21 -48.91
N VAL H 570 -194.15 -18.59 -48.40
CA VAL H 570 -193.88 -17.15 -48.62
C VAL H 570 -193.55 -16.88 -50.08
N ASP H 571 -192.71 -17.72 -50.69
CA ASP H 571 -192.27 -17.54 -52.08
C ASP H 571 -193.42 -17.70 -53.08
N ALA H 572 -194.40 -18.57 -52.83
CA ALA H 572 -195.65 -18.63 -53.58
C ALA H 572 -196.47 -17.31 -53.51
N GLU H 573 -196.60 -16.72 -52.33
CA GLU H 573 -197.38 -15.49 -52.16
C GLU H 573 -196.71 -14.27 -52.82
N VAL H 574 -195.37 -14.19 -52.84
CA VAL H 574 -194.66 -13.10 -53.55
C VAL H 574 -194.98 -13.11 -55.05
N VAL H 575 -195.04 -14.29 -55.68
CA VAL H 575 -195.39 -14.42 -57.10
C VAL H 575 -196.80 -13.91 -57.37
N GLN H 576 -197.82 -14.38 -56.64
CA GLN H 576 -199.19 -13.92 -56.84
C GLN H 576 -199.33 -12.40 -56.61
N PHE H 577 -198.62 -11.85 -55.64
CA PHE H 577 -198.61 -10.41 -55.40
C PHE H 577 -197.95 -9.63 -56.56
N MET H 578 -196.76 -10.01 -57.02
CA MET H 578 -196.07 -9.32 -58.13
C MET H 578 -196.86 -9.43 -59.45
N ASN H 579 -197.58 -10.53 -59.70
CA ASN H 579 -198.52 -10.64 -60.83
C ASN H 579 -199.65 -9.60 -60.75
N SER H 580 -200.23 -9.39 -59.55
CA SER H 580 -201.25 -8.36 -59.34
C SER H 580 -200.73 -6.96 -59.64
N MET H 581 -199.53 -6.60 -59.17
CA MET H 581 -198.95 -5.27 -59.41
C MET H 581 -198.69 -5.02 -60.90
N ALA H 582 -198.21 -6.05 -61.62
CA ALA H 582 -197.90 -5.97 -63.05
C ALA H 582 -199.16 -5.76 -63.92
N LYS H 583 -200.18 -6.62 -63.77
CA LYS H 583 -201.36 -6.58 -64.66
C LYS H 583 -202.22 -5.32 -64.51
N ASN H 584 -202.16 -4.67 -63.34
CA ASN H 584 -202.84 -3.41 -63.04
C ASN H 584 -201.99 -2.14 -63.32
N ASN H 585 -200.76 -2.28 -63.82
CA ASN H 585 -199.83 -1.15 -64.05
C ASN H 585 -199.59 -0.27 -62.79
N ILE H 586 -199.59 -0.85 -61.58
CA ILE H 586 -199.42 -0.08 -60.33
C ILE H 586 -197.93 0.25 -60.14
N THR H 587 -197.60 1.52 -59.86
CA THR H 587 -196.21 2.00 -59.70
C THR H 587 -195.62 1.73 -58.30
N TYR H 588 -195.67 0.45 -57.87
CA TYR H 588 -195.29 0.03 -56.51
C TYR H 588 -193.84 0.41 -56.14
N LYS H 589 -192.96 0.38 -57.14
CA LYS H 589 -191.54 0.77 -57.09
C LYS H 589 -191.29 2.23 -56.67
N ASP H 590 -192.24 3.13 -56.90
CA ASP H 590 -192.21 4.50 -56.35
C ASP H 590 -193.04 4.64 -55.07
N LEU H 591 -194.13 3.90 -54.90
CA LEU H 591 -194.94 3.94 -53.67
C LEU H 591 -194.17 3.48 -52.42
N VAL H 592 -193.20 2.56 -52.54
CA VAL H 592 -192.28 2.21 -51.43
C VAL H 592 -191.52 3.42 -50.90
N LYS H 593 -190.99 4.30 -51.77
CA LYS H 593 -190.17 5.46 -51.37
C LYS H 593 -190.88 6.40 -50.39
N SER H 594 -192.18 6.57 -50.56
CA SER H 594 -192.99 7.50 -49.76
C SER H 594 -193.82 6.85 -48.64
N CYS H 595 -193.59 5.58 -48.26
CA CYS H 595 -194.37 4.96 -47.18
C CYS H 595 -193.91 5.39 -45.76
N TYR H 596 -194.87 5.48 -44.82
CA TYR H 596 -194.67 5.85 -43.42
C TYR H 596 -195.30 4.82 -42.48
N HIS H 597 -194.71 4.58 -41.31
CA HIS H 597 -195.47 4.04 -40.18
C HIS H 597 -196.45 5.10 -39.66
N VAL H 598 -197.65 4.69 -39.28
CA VAL H 598 -198.68 5.59 -38.74
C VAL H 598 -199.24 5.04 -37.44
N MET H 599 -199.33 5.87 -36.41
CA MET H 599 -200.06 5.60 -35.17
C MET H 599 -201.09 6.69 -34.91
N GLN H 600 -202.27 6.30 -34.43
CA GLN H 600 -203.34 7.22 -34.06
C GLN H 600 -203.34 7.43 -32.54
N TYR H 601 -203.24 8.66 -32.07
CA TYR H 601 -203.48 9.05 -30.68
C TYR H 601 -204.94 9.53 -30.55
N SER H 602 -205.74 8.85 -29.71
CA SER H 602 -207.18 9.11 -29.57
C SER H 602 -207.48 10.44 -28.85
N CYS H 603 -208.52 11.16 -29.26
CA CYS H 603 -208.98 12.38 -28.59
C CYS H 603 -210.25 12.20 -27.76
N ASN H 604 -210.72 10.96 -27.53
CA ASN H 604 -211.84 10.69 -26.64
C ASN H 604 -211.35 10.59 -25.17
N PRO H 605 -211.81 11.42 -24.23
CA PRO H 605 -211.42 11.31 -22.82
C PRO H 605 -211.89 10.01 -22.15
N PHE H 606 -212.98 9.38 -22.62
CA PHE H 606 -213.49 8.12 -22.06
C PHE H 606 -212.73 6.87 -22.55
N ALA H 607 -211.93 6.98 -23.60
CA ALA H 607 -211.06 5.91 -24.09
C ALA H 607 -209.79 5.68 -23.24
N GLN H 608 -209.41 6.63 -22.39
CA GLN H 608 -208.20 6.56 -21.55
C GLN H 608 -208.34 5.47 -20.46
N PRO H 609 -207.25 4.90 -19.93
CA PRO H 609 -207.33 3.91 -18.85
C PRO H 609 -207.93 4.49 -17.57
N ALA H 610 -208.62 3.67 -16.77
CA ALA H 610 -209.35 4.07 -15.56
C ALA H 610 -208.44 4.41 -14.37
N CYS H 611 -207.67 5.49 -14.50
CA CYS H 611 -206.80 6.09 -13.51
C CYS H 611 -206.94 7.63 -13.56
N PRO H 612 -207.10 8.32 -12.41
CA PRO H 612 -207.11 9.78 -12.36
C PRO H 612 -205.81 10.49 -12.82
N ILE H 613 -204.63 9.84 -12.82
CA ILE H 613 -203.40 10.45 -13.38
C ILE H 613 -203.51 10.60 -14.90
N PHE H 614 -204.14 9.64 -15.59
CA PHE H 614 -204.35 9.74 -17.03
C PHE H 614 -205.30 10.87 -17.44
N THR H 615 -206.19 11.36 -16.56
CA THR H 615 -206.93 12.61 -16.78
C THR H 615 -205.98 13.79 -17.00
N GLN H 616 -205.02 14.00 -16.08
CA GLN H 616 -204.02 15.06 -16.20
C GLN H 616 -203.07 14.87 -17.39
N LEU H 617 -202.56 13.65 -17.62
CA LEU H 617 -201.69 13.39 -18.77
C LEU H 617 -202.40 13.63 -20.11
N PHE H 618 -203.68 13.25 -20.26
CA PHE H 618 -204.44 13.50 -21.48
C PHE H 618 -204.69 15.00 -21.72
N TYR H 619 -205.24 15.72 -20.74
CA TYR H 619 -205.54 17.16 -20.84
C TYR H 619 -204.28 17.99 -21.15
N ARG H 620 -203.16 17.71 -20.48
CA ARG H 620 -201.89 18.43 -20.69
C ARG H 620 -201.23 18.08 -22.04
N SER H 621 -201.37 16.85 -22.52
CA SER H 621 -200.93 16.49 -23.89
C SER H 621 -201.73 17.26 -24.93
N LEU H 622 -203.05 17.35 -24.81
CA LEU H 622 -203.91 18.10 -25.73
C LEU H 622 -203.60 19.60 -25.75
N LEU H 623 -203.50 20.26 -24.59
CA LEU H 623 -203.18 21.69 -24.51
C LEU H 623 -201.81 22.00 -25.15
N THR H 624 -200.82 21.12 -24.95
CA THR H 624 -199.47 21.29 -25.54
C THR H 624 -199.49 21.14 -27.06
N ILE H 625 -200.22 20.17 -27.60
CA ILE H 625 -200.31 19.96 -29.04
C ILE H 625 -201.02 21.12 -29.74
N LEU H 626 -202.07 21.69 -29.15
CA LEU H 626 -202.75 22.86 -29.70
C LEU H 626 -201.85 24.11 -29.71
N GLN H 627 -201.02 24.31 -28.69
CA GLN H 627 -200.04 25.39 -28.71
C GLN H 627 -199.01 25.21 -29.84
N ASP H 628 -198.40 24.03 -29.96
CA ASP H 628 -197.38 23.74 -30.96
C ASP H 628 -197.88 23.88 -32.42
N ILE H 629 -199.11 23.44 -32.70
CA ILE H 629 -199.77 23.65 -34.00
C ILE H 629 -200.00 25.14 -34.29
N SER H 630 -200.35 25.95 -33.29
CA SER H 630 -200.69 27.37 -33.50
C SER H 630 -199.50 28.29 -33.81
N LEU H 631 -198.26 27.91 -33.48
CA LEU H 631 -197.10 28.82 -33.54
C LEU H 631 -196.89 29.50 -34.91
N PRO H 632 -196.81 28.78 -36.06
CA PRO H 632 -196.58 29.42 -37.35
C PRO H 632 -197.77 30.23 -37.86
N ILE H 633 -199.00 29.86 -37.48
CA ILE H 633 -200.23 30.60 -37.79
C ILE H 633 -200.19 32.00 -37.15
N CYS H 634 -199.77 32.09 -35.89
CA CYS H 634 -199.58 33.35 -35.17
C CYS H 634 -198.43 34.18 -35.75
N MET H 635 -197.30 33.55 -36.07
CA MET H 635 -196.14 34.21 -36.67
C MET H 635 -196.48 34.88 -38.01
N CYS H 636 -197.17 34.18 -38.91
CA CYS H 636 -197.53 34.76 -40.21
C CYS H 636 -198.50 35.93 -40.07
N TYR H 637 -199.49 35.82 -39.19
CA TYR H 637 -200.41 36.92 -38.92
C TYR H 637 -199.69 38.14 -38.32
N GLU H 638 -198.78 37.94 -37.37
CA GLU H 638 -198.02 39.05 -36.76
C GLU H 638 -197.01 39.68 -37.73
N ASN H 639 -196.37 38.91 -38.61
CA ASN H 639 -195.53 39.46 -39.68
C ASN H 639 -196.31 40.46 -40.57
N ASP H 640 -197.60 40.24 -40.81
CA ASP H 640 -198.49 41.13 -41.57
C ASP H 640 -199.12 42.24 -40.73
N ASN H 641 -199.19 42.09 -39.40
CA ASN H 641 -199.85 42.97 -38.46
C ASN H 641 -198.95 43.22 -37.23
N PRO H 642 -197.81 43.92 -37.40
CA PRO H 642 -196.73 43.92 -36.42
C PRO H 642 -197.11 44.52 -35.05
N GLY H 643 -196.37 44.12 -34.02
CA GLY H 643 -196.60 44.55 -32.64
C GLY H 643 -196.34 46.04 -32.39
N LEU H 644 -195.35 46.65 -33.07
CA LEU H 644 -195.05 48.10 -33.01
C LEU H 644 -194.93 48.65 -31.57
N GLY H 645 -194.35 47.86 -30.66
CA GLY H 645 -194.17 48.21 -29.25
C GLY H 645 -195.40 48.05 -28.34
N GLN H 646 -196.56 47.63 -28.87
CA GLN H 646 -197.73 47.28 -28.06
C GLN H 646 -197.44 46.06 -27.16
N SER H 647 -198.01 46.03 -25.96
CA SER H 647 -198.07 44.82 -25.14
C SER H 647 -199.05 43.80 -25.75
N PRO H 648 -198.88 42.50 -25.51
CA PRO H 648 -199.78 41.50 -26.10
C PRO H 648 -201.28 41.69 -25.81
N PRO H 649 -201.74 42.06 -24.58
CA PRO H 649 -203.15 42.33 -24.33
C PRO H 649 -203.74 43.46 -25.17
N GLU H 650 -202.97 44.52 -25.43
CA GLU H 650 -203.38 45.62 -26.34
C GLU H 650 -203.49 45.14 -27.79
N TRP H 651 -202.50 44.38 -28.28
CA TRP H 651 -202.48 43.85 -29.64
C TRP H 651 -203.61 42.83 -29.88
N LEU H 652 -203.88 41.95 -28.92
CA LEU H 652 -204.95 40.95 -29.00
C LEU H 652 -206.35 41.56 -29.01
N LYS H 653 -206.55 42.71 -28.36
CA LYS H 653 -207.85 43.41 -28.31
C LYS H 653 -208.41 43.71 -29.71
N GLY H 654 -207.56 44.16 -30.64
CA GLY H 654 -207.93 44.34 -32.05
C GLY H 654 -207.94 43.04 -32.88
N HIS H 655 -206.94 42.17 -32.71
CA HIS H 655 -206.66 41.09 -33.68
C HIS H 655 -207.25 39.71 -33.37
N TYR H 656 -207.63 39.40 -32.13
CA TYR H 656 -207.87 38.00 -31.74
C TYR H 656 -209.07 37.32 -32.44
N GLN H 657 -210.17 38.04 -32.68
CA GLN H 657 -211.34 37.48 -33.37
C GLN H 657 -211.00 36.97 -34.78
N THR H 658 -210.11 37.66 -35.49
CA THR H 658 -209.60 37.22 -36.80
C THR H 658 -208.69 36.00 -36.68
N LEU H 659 -207.77 36.01 -35.71
CA LEU H 659 -206.83 34.93 -35.44
C LEU H 659 -207.54 33.59 -35.07
N CYS H 660 -208.66 33.61 -34.35
CA CYS H 660 -209.49 32.42 -34.12
C CYS H 660 -209.93 31.73 -35.42
N THR H 661 -210.34 32.51 -36.41
CA THR H 661 -210.88 32.03 -37.69
C THR H 661 -209.77 31.50 -38.59
N ASN H 662 -208.60 32.16 -38.62
CA ASN H 662 -207.39 31.61 -39.23
C ASN H 662 -207.03 30.25 -38.62
N PHE H 663 -207.01 30.13 -37.29
CA PHE H 663 -206.66 28.86 -36.64
C PHE H 663 -207.61 27.72 -37.03
N ARG H 664 -208.93 27.92 -36.95
CA ARG H 664 -209.95 26.93 -37.35
C ARG H 664 -209.77 26.46 -38.80
N SER H 665 -209.34 27.33 -39.69
CA SER H 665 -209.12 27.02 -41.12
C SER H 665 -207.78 26.34 -41.43
N LEU H 666 -206.74 26.58 -40.63
CA LEU H 666 -205.36 26.17 -40.91
C LEU H 666 -204.79 25.08 -39.97
N ALA H 667 -205.42 24.81 -38.83
CA ALA H 667 -204.98 23.78 -37.88
C ALA H 667 -205.58 22.40 -38.14
N ILE H 668 -206.81 22.31 -38.67
CA ILE H 668 -207.61 21.09 -38.74
C ILE H 668 -207.61 20.52 -40.17
N ASP H 669 -207.49 19.20 -40.32
CA ASP H 669 -207.32 18.49 -41.61
C ASP H 669 -206.05 18.85 -42.40
N LYS H 670 -205.01 19.40 -41.76
CA LYS H 670 -203.74 19.79 -42.39
C LYS H 670 -202.53 18.89 -42.05
N GLY H 671 -202.78 17.74 -41.43
CA GLY H 671 -201.83 16.62 -41.33
C GLY H 671 -201.53 16.11 -39.91
N VAL H 672 -202.04 16.75 -38.85
CA VAL H 672 -201.87 16.29 -37.46
C VAL H 672 -203.21 16.04 -36.79
N LEU H 673 -204.05 17.07 -36.69
CA LEU H 673 -205.31 17.04 -35.95
C LEU H 673 -206.50 16.91 -36.89
N THR H 674 -207.43 16.01 -36.59
CA THR H 674 -208.71 15.91 -37.29
C THR H 674 -209.86 16.12 -36.33
N ALA H 675 -210.87 16.87 -36.77
CA ALA H 675 -212.08 17.17 -36.03
C ALA H 675 -213.22 17.44 -37.02
N LYS H 676 -214.47 17.15 -36.62
CA LYS H 676 -215.67 17.34 -37.44
C LYS H 676 -216.57 18.39 -36.79
N GLU H 677 -216.92 19.44 -37.52
CA GLU H 677 -217.99 20.35 -37.08
C GLU H 677 -219.39 19.75 -37.31
N ALA H 678 -220.32 20.05 -36.42
CA ALA H 678 -221.70 19.58 -36.46
C ALA H 678 -222.67 20.61 -35.88
N LYS H 679 -223.91 20.60 -36.37
CA LYS H 679 -225.04 21.31 -35.76
C LYS H 679 -225.84 20.36 -34.87
N VAL H 680 -226.21 20.83 -33.68
CA VAL H 680 -227.02 20.08 -32.71
C VAL H 680 -228.44 20.60 -32.75
N VAL H 681 -229.42 19.70 -32.90
CA VAL H 681 -230.85 20.04 -32.93
C VAL H 681 -231.66 19.16 -31.99
N HIS H 682 -232.70 19.72 -31.38
CA HIS H 682 -233.70 18.97 -30.62
C HIS H 682 -235.02 18.88 -31.39
N GLY H 683 -235.60 17.68 -31.49
CA GLY H 683 -236.74 17.43 -32.37
C GLY H 683 -238.06 17.98 -31.85
N GLU H 684 -238.41 17.70 -30.59
CA GLU H 684 -239.67 18.16 -29.98
C GLU H 684 -239.63 19.65 -29.55
N PRO H 685 -240.76 20.39 -29.63
CA PRO H 685 -240.85 21.78 -29.17
C PRO H 685 -241.00 21.91 -27.64
N THR H 686 -241.42 20.83 -26.97
CA THR H 686 -241.56 20.68 -25.51
C THR H 686 -240.99 19.33 -25.07
N CYS H 687 -240.64 19.14 -23.80
CA CYS H 687 -240.25 17.80 -23.32
C CYS H 687 -240.71 17.51 -21.88
N ASP H 688 -240.86 16.23 -21.53
CA ASP H 688 -241.34 15.77 -20.23
C ASP H 688 -240.26 16.00 -19.15
N LEU H 689 -240.50 16.95 -18.25
CA LEU H 689 -239.56 17.34 -17.20
C LEU H 689 -240.28 17.59 -15.87
N PRO H 690 -239.60 17.49 -14.71
CA PRO H 690 -240.21 17.76 -13.42
C PRO H 690 -240.47 19.25 -13.21
N ASP H 691 -241.54 19.60 -12.51
CA ASP H 691 -241.84 20.98 -12.17
C ASP H 691 -240.88 21.47 -11.06
N LEU H 692 -239.82 22.19 -11.46
CA LEU H 692 -238.72 22.54 -10.57
C LEU H 692 -239.13 23.50 -9.45
N ASP H 693 -240.16 24.33 -9.66
CA ASP H 693 -240.73 25.18 -8.61
C ASP H 693 -241.45 24.35 -7.54
N ALA H 694 -242.26 23.37 -7.91
CA ALA H 694 -242.85 22.42 -6.96
C ALA H 694 -241.79 21.53 -6.28
N ALA H 695 -240.77 21.07 -7.02
CA ALA H 695 -239.72 20.20 -6.49
C ALA H 695 -238.84 20.90 -5.45
N LEU H 696 -238.56 22.19 -5.62
CA LEU H 696 -237.89 23.03 -4.61
C LEU H 696 -238.70 23.09 -3.31
N GLN H 697 -240.04 23.05 -3.37
CA GLN H 697 -240.93 22.98 -2.21
C GLN H 697 -241.33 21.53 -1.81
N GLY H 698 -240.67 20.50 -2.36
CA GLY H 698 -240.85 19.10 -1.96
C GLY H 698 -241.98 18.33 -2.65
N ARG H 699 -242.69 18.92 -3.61
CA ARG H 699 -243.81 18.30 -4.37
C ARG H 699 -243.33 17.86 -5.75
N VAL H 700 -243.63 16.62 -6.14
CA VAL H 700 -243.10 16.00 -7.37
C VAL H 700 -244.22 15.74 -8.39
N TYR H 701 -244.19 16.41 -9.53
CA TYR H 701 -245.03 16.12 -10.69
C TYR H 701 -244.44 16.69 -12.00
N GLY H 702 -244.90 16.16 -13.13
CA GLY H 702 -244.38 16.47 -14.47
C GLY H 702 -245.03 17.68 -15.16
N ARG H 703 -244.29 18.29 -16.09
CA ARG H 703 -244.72 19.39 -16.97
C ARG H 703 -244.08 19.22 -18.35
N ARG H 704 -244.77 19.60 -19.43
CA ARG H 704 -244.18 19.68 -20.78
C ARG H 704 -243.67 21.08 -21.07
N LEU H 705 -242.47 21.37 -20.56
CA LEU H 705 -241.81 22.67 -20.69
C LEU H 705 -241.37 22.93 -22.14
N PRO H 706 -241.68 24.09 -22.74
CA PRO H 706 -241.08 24.54 -24.00
C PRO H 706 -239.56 24.68 -23.92
N VAL H 707 -238.83 24.18 -24.92
CA VAL H 707 -237.35 24.13 -24.90
C VAL H 707 -236.70 24.52 -26.21
N ARG H 708 -235.52 25.14 -26.14
CA ARG H 708 -234.63 25.43 -27.28
C ARG H 708 -233.14 25.38 -26.94
N MET H 709 -232.27 25.16 -27.91
CA MET H 709 -230.82 25.09 -27.69
C MET H 709 -230.21 26.48 -27.43
N SER H 710 -229.35 26.60 -26.42
CA SER H 710 -228.56 27.82 -26.16
C SER H 710 -227.26 27.90 -27.00
N LYS H 711 -226.79 26.77 -27.52
CA LYS H 711 -225.67 26.67 -28.48
C LYS H 711 -225.97 25.60 -29.53
N VAL H 712 -225.63 25.86 -30.80
CA VAL H 712 -225.95 24.97 -31.93
C VAL H 712 -224.70 24.31 -32.51
N LEU H 713 -223.58 25.03 -32.61
CA LEU H 713 -222.33 24.46 -33.15
C LEU H 713 -221.57 23.61 -32.12
N MET H 714 -221.06 22.46 -32.57
CA MET H 714 -220.22 21.52 -31.81
C MET H 714 -218.99 21.11 -32.64
N LEU H 715 -217.83 21.00 -32.01
CA LEU H 715 -216.57 20.60 -32.65
C LEU H 715 -216.10 19.26 -32.08
N CYS H 716 -216.45 18.17 -32.75
CA CYS H 716 -216.15 16.81 -32.33
C CYS H 716 -214.69 16.44 -32.68
N PRO H 717 -213.78 16.23 -31.72
CA PRO H 717 -212.42 15.82 -32.02
C PRO H 717 -212.36 14.35 -32.43
N ARG H 718 -211.39 13.96 -33.26
CA ARG H 718 -211.24 12.56 -33.74
C ARG H 718 -209.90 11.95 -33.33
N ASN H 719 -208.81 12.24 -34.03
CA ASN H 719 -207.47 11.72 -33.70
C ASN H 719 -206.37 12.78 -33.89
N ILE H 720 -205.25 12.56 -33.21
CA ILE H 720 -203.94 13.14 -33.53
C ILE H 720 -203.09 12.05 -34.19
N LYS H 721 -202.44 12.36 -35.32
CA LYS H 721 -201.74 11.37 -36.15
C LYS H 721 -200.22 11.50 -36.02
N ILE H 722 -199.54 10.40 -35.70
CA ILE H 722 -198.08 10.32 -35.54
C ILE H 722 -197.49 9.55 -36.73
N LYS H 723 -196.43 10.07 -37.36
CA LYS H 723 -195.82 9.52 -38.58
C LYS H 723 -194.33 9.25 -38.40
N ASN H 724 -193.81 8.20 -39.04
CA ASN H 724 -192.37 7.92 -39.10
C ASN H 724 -191.96 7.37 -40.48
N ARG H 725 -191.01 8.00 -41.18
CA ARG H 725 -190.55 7.61 -42.52
C ARG H 725 -189.83 6.26 -42.51
N VAL H 726 -190.18 5.38 -43.45
CA VAL H 726 -189.65 4.00 -43.53
C VAL H 726 -188.31 3.92 -44.27
N VAL H 727 -188.20 4.52 -45.46
CA VAL H 727 -187.06 4.34 -46.38
C VAL H 727 -186.18 5.58 -46.41
N PHE H 728 -184.90 5.39 -46.12
CA PHE H 728 -183.83 6.32 -46.44
C PHE H 728 -183.41 6.13 -47.91
N THR H 729 -183.47 7.19 -48.72
CA THR H 729 -183.22 7.15 -50.18
C THR H 729 -181.79 7.43 -50.60
N GLY H 730 -180.85 7.62 -49.67
CA GLY H 730 -179.45 7.91 -49.98
C GLY H 730 -179.16 9.35 -50.44
N GLU H 731 -180.18 10.21 -50.56
CA GLU H 731 -180.03 11.57 -51.12
C GLU H 731 -179.25 12.52 -50.20
N ASN H 732 -179.52 12.51 -48.89
CA ASN H 732 -178.80 13.33 -47.91
C ASN H 732 -177.45 12.69 -47.56
N ALA H 733 -176.38 13.14 -48.20
CA ALA H 733 -175.05 12.50 -48.15
C ALA H 733 -174.39 12.50 -46.76
N ALA H 734 -174.84 13.33 -45.83
CA ALA H 734 -174.35 13.35 -44.45
C ALA H 734 -174.85 12.15 -43.60
N LEU H 735 -175.97 11.52 -43.99
CA LEU H 735 -176.64 10.48 -43.19
C LEU H 735 -176.20 9.04 -43.51
N GLN H 736 -175.65 8.78 -44.71
CA GLN H 736 -175.52 7.44 -45.29
C GLN H 736 -174.83 6.43 -44.35
N ASN H 737 -173.83 6.84 -43.58
CA ASN H 737 -173.04 5.96 -42.72
C ASN H 737 -173.87 5.26 -41.62
N SER H 738 -175.02 5.81 -41.24
CA SER H 738 -175.93 5.18 -40.29
C SER H 738 -176.82 4.09 -40.94
N PHE H 739 -177.10 4.18 -42.24
CA PHE H 739 -178.03 3.29 -42.95
C PHE H 739 -177.37 2.24 -43.86
N ILE H 740 -176.10 2.39 -44.23
CA ILE H 740 -175.49 1.58 -45.29
C ILE H 740 -175.40 0.07 -44.98
N LYS H 741 -175.84 -0.76 -45.93
CA LYS H 741 -175.79 -2.22 -45.89
C LYS H 741 -174.40 -2.73 -46.29
N SER H 742 -173.72 -3.43 -45.39
CA SER H 742 -172.49 -4.19 -45.70
C SER H 742 -172.78 -5.53 -46.38
N THR H 743 -171.84 -6.05 -47.17
CA THR H 743 -172.00 -7.31 -47.93
C THR H 743 -170.90 -8.36 -47.62
N THR H 744 -169.83 -8.00 -46.91
CA THR H 744 -168.70 -8.92 -46.63
C THR H 744 -169.04 -10.04 -45.64
N ARG H 745 -168.43 -11.21 -45.82
CA ARG H 745 -168.70 -12.46 -45.09
C ARG H 745 -168.13 -12.43 -43.66
N ARG H 746 -168.99 -12.26 -42.66
CA ARG H 746 -168.64 -12.22 -41.24
C ARG H 746 -168.60 -13.61 -40.60
N GLU H 747 -167.91 -13.76 -39.47
CA GLU H 747 -167.90 -15.00 -38.67
C GLU H 747 -169.16 -15.19 -37.81
N ASN H 748 -169.88 -14.12 -37.45
CA ASN H 748 -171.11 -14.20 -36.63
C ASN H 748 -172.38 -14.58 -37.42
N TYR H 749 -172.27 -14.95 -38.69
CA TYR H 749 -173.39 -15.04 -39.63
C TYR H 749 -174.47 -16.06 -39.22
N ILE H 750 -174.13 -17.14 -38.50
CA ILE H 750 -175.12 -18.08 -37.98
C ILE H 750 -175.72 -17.53 -36.68
N ILE H 751 -174.90 -17.16 -35.69
CA ILE H 751 -175.40 -16.76 -34.36
C ILE H 751 -176.14 -15.41 -34.35
N ASN H 752 -175.85 -14.49 -35.28
CA ASN H 752 -176.63 -13.29 -35.58
C ASN H 752 -177.55 -13.47 -36.81
N GLY H 753 -177.73 -14.71 -37.27
CA GLY H 753 -178.55 -15.06 -38.43
C GLY H 753 -180.01 -15.36 -38.10
N PRO H 754 -180.80 -15.80 -39.10
CA PRO H 754 -182.24 -15.97 -38.96
C PRO H 754 -182.69 -17.18 -38.12
N TYR H 755 -181.80 -18.12 -37.77
CA TYR H 755 -182.17 -19.39 -37.13
C TYR H 755 -181.79 -19.55 -35.66
N MET H 756 -180.91 -18.71 -35.10
CA MET H 756 -180.31 -18.95 -33.79
C MET H 756 -181.32 -19.07 -32.65
N LYS H 757 -182.37 -18.26 -32.62
CA LYS H 757 -183.42 -18.37 -31.59
C LYS H 757 -184.18 -19.70 -31.63
N PHE H 758 -184.47 -20.24 -32.83
CA PHE H 758 -185.08 -21.56 -32.99
C PHE H 758 -184.12 -22.70 -32.66
N LEU H 759 -182.86 -22.60 -33.09
CA LEU H 759 -181.80 -23.56 -32.74
C LEU H 759 -181.60 -23.66 -31.23
N ASN H 760 -181.84 -22.57 -30.49
CA ASN H 760 -181.87 -22.58 -29.03
C ASN H 760 -183.15 -23.16 -28.45
N THR H 761 -184.34 -22.72 -28.89
CA THR H 761 -185.64 -23.23 -28.42
C THR H 761 -185.77 -24.75 -28.56
N TYR H 762 -185.20 -25.34 -29.62
CA TYR H 762 -185.26 -26.77 -29.92
C TYR H 762 -183.95 -27.53 -29.62
N HIS H 763 -183.00 -26.94 -28.90
CA HIS H 763 -181.68 -27.54 -28.64
C HIS H 763 -181.75 -28.94 -28.03
N LYS H 764 -182.59 -29.13 -27.00
CA LYS H 764 -182.75 -30.44 -26.31
C LYS H 764 -183.38 -31.52 -27.19
N THR H 765 -184.15 -31.18 -28.23
CA THR H 765 -184.66 -32.14 -29.23
C THR H 765 -183.66 -32.39 -30.38
N LEU H 766 -182.88 -31.38 -30.80
CA LEU H 766 -181.82 -31.57 -31.82
C LEU H 766 -180.60 -32.33 -31.29
N PHE H 767 -180.12 -32.07 -30.07
CA PHE H 767 -178.92 -32.69 -29.50
C PHE H 767 -179.18 -33.23 -28.08
N PRO H 768 -179.86 -34.39 -27.94
CA PRO H 768 -180.24 -34.97 -26.66
C PRO H 768 -179.07 -35.14 -25.69
N ASP H 769 -179.25 -34.63 -24.47
CA ASP H 769 -178.29 -34.68 -23.34
C ASP H 769 -176.85 -34.17 -23.62
N THR H 770 -176.64 -33.27 -24.59
CA THR H 770 -175.31 -32.67 -24.81
C THR H 770 -174.95 -31.65 -23.73
N LYS H 771 -173.68 -31.57 -23.34
CA LYS H 771 -173.19 -30.60 -22.35
C LYS H 771 -173.02 -29.18 -22.91
N LEU H 772 -172.85 -29.06 -24.23
CA LEU H 772 -172.55 -27.82 -24.95
C LEU H 772 -173.70 -26.80 -24.88
N SER H 773 -173.38 -25.51 -24.71
CA SER H 773 -174.33 -24.44 -25.00
C SER H 773 -174.62 -24.36 -26.50
N SER H 774 -175.86 -24.01 -26.85
CA SER H 774 -176.29 -23.85 -28.25
C SER H 774 -175.43 -22.80 -28.99
N LEU H 775 -175.09 -21.70 -28.32
CA LEU H 775 -174.21 -20.65 -28.83
C LEU H 775 -172.81 -21.18 -29.16
N TYR H 776 -172.19 -21.96 -28.27
CA TYR H 776 -170.88 -22.53 -28.56
C TYR H 776 -170.93 -23.61 -29.66
N LEU H 777 -171.96 -24.46 -29.70
CA LEU H 777 -172.09 -25.49 -30.74
C LEU H 777 -172.06 -24.88 -32.15
N TRP H 778 -172.88 -23.85 -32.38
CA TRP H 778 -172.99 -23.18 -33.66
C TRP H 778 -171.87 -22.19 -33.97
N HIS H 779 -171.18 -21.64 -32.97
CA HIS H 779 -169.97 -20.86 -33.19
C HIS H 779 -168.75 -21.74 -33.53
N ASN H 780 -168.64 -22.90 -32.88
CA ASN H 780 -167.67 -23.95 -33.23
C ASN H 780 -167.90 -24.43 -34.66
N PHE H 781 -169.14 -24.69 -35.06
CA PHE H 781 -169.45 -25.01 -36.45
C PHE H 781 -169.07 -23.88 -37.42
N SER H 782 -169.40 -22.63 -37.07
CA SER H 782 -169.01 -21.40 -37.79
C SER H 782 -167.51 -21.16 -37.94
N ARG H 783 -166.63 -21.90 -37.27
CA ARG H 783 -165.16 -21.72 -37.36
C ARG H 783 -164.36 -22.99 -37.64
N ARG H 784 -164.88 -24.17 -37.30
CA ARG H 784 -164.20 -25.48 -37.46
C ARG H 784 -164.91 -26.46 -38.38
N ARG H 785 -166.13 -26.14 -38.85
CA ARG H 785 -166.92 -26.98 -39.77
C ARG H 785 -167.20 -28.39 -39.24
N SER H 786 -167.67 -28.52 -38.00
CA SER H 786 -168.00 -29.84 -37.42
C SER H 786 -169.21 -29.82 -36.47
N VAL H 787 -169.92 -30.95 -36.36
CA VAL H 787 -171.21 -31.08 -35.66
C VAL H 787 -171.28 -32.42 -34.91
N PRO H 788 -171.77 -32.48 -33.66
CA PRO H 788 -171.82 -33.72 -32.89
C PRO H 788 -173.06 -34.58 -33.26
N VAL H 789 -172.90 -35.90 -33.41
CA VAL H 789 -174.02 -36.81 -33.74
C VAL H 789 -174.38 -37.69 -32.52
N PRO H 790 -175.61 -37.60 -31.97
CA PRO H 790 -176.05 -38.41 -30.83
C PRO H 790 -175.85 -39.93 -31.01
N SER H 791 -175.71 -40.66 -29.91
CA SER H 791 -175.12 -42.01 -29.85
C SER H 791 -175.72 -43.05 -30.81
N GLY H 792 -177.05 -43.05 -30.98
CA GLY H 792 -177.76 -43.92 -31.94
C GLY H 792 -178.24 -43.22 -33.22
N ALA H 793 -178.12 -41.90 -33.33
CA ALA H 793 -178.57 -41.13 -34.49
C ALA H 793 -177.65 -41.29 -35.72
N SER H 794 -178.15 -40.94 -36.92
CA SER H 794 -177.44 -41.13 -38.19
C SER H 794 -176.57 -39.92 -38.57
N ALA H 795 -175.39 -40.14 -39.16
CA ALA H 795 -174.46 -39.05 -39.47
C ALA H 795 -174.99 -38.08 -40.55
N GLU H 796 -175.55 -38.58 -41.64
CA GLU H 796 -175.83 -37.75 -42.80
C GLU H 796 -177.00 -36.78 -42.58
N GLU H 797 -177.98 -37.19 -41.80
CA GLU H 797 -179.07 -36.39 -41.26
C GLU H 797 -178.60 -35.11 -40.56
N TYR H 798 -177.52 -35.19 -39.76
CA TYR H 798 -176.91 -34.01 -39.14
C TYR H 798 -176.01 -33.23 -40.09
N SER H 799 -175.34 -33.87 -41.04
CA SER H 799 -174.62 -33.14 -42.08
C SER H 799 -175.57 -32.29 -42.94
N ASP H 800 -176.80 -32.77 -43.18
CA ASP H 800 -177.83 -31.99 -43.87
C ASP H 800 -178.33 -30.79 -43.07
N LEU H 801 -178.68 -30.99 -41.79
CA LEU H 801 -179.04 -29.90 -40.86
C LEU H 801 -178.00 -28.77 -40.87
N ALA H 802 -176.72 -29.12 -40.79
CA ALA H 802 -175.63 -28.18 -40.82
C ALA H 802 -175.60 -27.38 -42.13
N LEU H 803 -175.72 -28.04 -43.29
CA LEU H 803 -175.75 -27.37 -44.58
C LEU H 803 -177.01 -26.51 -44.78
N PHE H 804 -178.16 -26.87 -44.20
CA PHE H 804 -179.33 -26.00 -44.22
C PHE H 804 -179.11 -24.67 -43.46
N VAL H 805 -178.56 -24.76 -42.25
CA VAL H 805 -178.25 -23.61 -41.39
C VAL H 805 -177.22 -22.70 -42.03
N ASP H 806 -176.15 -23.27 -42.58
CA ASP H 806 -175.10 -22.54 -43.28
C ASP H 806 -175.65 -21.79 -44.51
N GLY H 807 -176.36 -22.52 -45.39
CA GLY H 807 -176.90 -21.99 -46.63
C GLY H 807 -177.84 -20.81 -46.41
N GLY H 808 -178.86 -20.98 -45.57
CA GLY H 808 -179.81 -19.93 -45.26
C GLY H 808 -179.17 -18.74 -44.54
N SER H 809 -178.19 -18.97 -43.66
CA SER H 809 -177.49 -17.89 -42.96
C SER H 809 -176.69 -17.00 -43.93
N ARG H 810 -175.94 -17.56 -44.89
CA ARG H 810 -175.25 -16.78 -45.94
C ARG H 810 -176.23 -16.09 -46.91
N ALA H 811 -177.34 -16.72 -47.28
CA ALA H 811 -178.34 -16.09 -48.13
C ALA H 811 -179.01 -14.88 -47.44
N HIS H 812 -179.27 -14.98 -46.14
CA HIS H 812 -179.78 -13.89 -45.31
C HIS H 812 -178.72 -12.77 -45.16
N GLU H 813 -177.45 -13.11 -44.94
CA GLU H 813 -176.34 -12.16 -44.84
C GLU H 813 -176.23 -11.30 -46.11
N GLU H 814 -176.33 -11.90 -47.29
CA GLU H 814 -176.38 -11.22 -48.58
C GLU H 814 -177.64 -10.34 -48.74
N SER H 815 -178.84 -10.88 -48.56
CA SER H 815 -180.09 -10.22 -48.98
C SER H 815 -180.77 -9.30 -47.96
N ASN H 816 -180.51 -9.42 -46.65
CA ASN H 816 -181.36 -8.79 -45.63
C ASN H 816 -181.16 -7.26 -45.44
N VAL H 817 -182.25 -6.50 -45.39
CA VAL H 817 -182.27 -5.06 -45.05
C VAL H 817 -183.19 -4.70 -43.86
N ILE H 818 -183.65 -5.71 -43.12
CA ILE H 818 -184.51 -5.59 -41.93
C ILE H 818 -183.71 -6.08 -40.70
N ASP H 819 -183.22 -5.17 -39.87
CA ASP H 819 -182.24 -5.48 -38.80
C ASP H 819 -182.87 -6.12 -37.54
N VAL H 820 -183.41 -7.33 -37.69
CA VAL H 820 -184.12 -8.12 -36.68
C VAL H 820 -183.65 -9.58 -36.70
N VAL H 821 -183.47 -10.19 -35.52
CA VAL H 821 -183.35 -11.64 -35.36
C VAL H 821 -184.71 -12.17 -34.90
N PRO H 822 -185.49 -12.89 -35.74
CA PRO H 822 -186.89 -13.19 -35.45
C PRO H 822 -187.06 -14.25 -34.35
N GLY H 823 -187.99 -14.02 -33.42
CA GLY H 823 -188.25 -14.95 -32.31
C GLY H 823 -189.28 -16.05 -32.57
N ASN H 824 -190.16 -15.88 -33.56
CA ASN H 824 -191.24 -16.80 -33.89
C ASN H 824 -191.43 -16.94 -35.41
N LEU H 825 -192.09 -18.01 -35.85
CA LEU H 825 -192.25 -18.33 -37.28
C LEU H 825 -193.05 -17.29 -38.07
N VAL H 826 -194.01 -16.59 -37.46
CA VAL H 826 -194.74 -15.50 -38.11
C VAL H 826 -193.85 -14.29 -38.39
N THR H 827 -192.99 -13.90 -37.45
CA THR H 827 -192.02 -12.82 -37.66
C THR H 827 -190.96 -13.24 -38.69
N TYR H 828 -190.45 -14.47 -38.62
CA TYR H 828 -189.56 -15.04 -39.64
C TYR H 828 -190.16 -14.98 -41.05
N ALA H 829 -191.41 -15.43 -41.21
CA ALA H 829 -192.13 -15.38 -42.48
C ALA H 829 -192.32 -13.95 -43.00
N LYS H 830 -192.80 -13.03 -42.16
CA LYS H 830 -192.98 -11.61 -42.52
C LYS H 830 -191.69 -10.89 -42.87
N GLN H 831 -190.57 -11.19 -42.22
CA GLN H 831 -189.26 -10.67 -42.63
C GLN H 831 -188.87 -11.17 -44.04
N ARG H 832 -189.04 -12.48 -44.34
CA ARG H 832 -188.75 -13.04 -45.67
C ARG H 832 -189.58 -12.34 -46.76
N LEU H 833 -190.87 -12.13 -46.52
CA LEU H 833 -191.79 -11.45 -47.44
C LEU H 833 -191.37 -9.99 -47.74
N ASN H 834 -191.10 -9.18 -46.71
CA ASN H 834 -190.80 -7.76 -46.91
C ASN H 834 -189.39 -7.54 -47.51
N ASN H 835 -188.40 -8.39 -47.22
CA ASN H 835 -187.13 -8.40 -47.95
C ASN H 835 -187.33 -8.70 -49.46
N ALA H 836 -188.35 -9.46 -49.86
CA ALA H 836 -188.63 -9.71 -51.27
C ALA H 836 -189.24 -8.49 -51.98
N ILE H 837 -190.16 -7.75 -51.36
CA ILE H 837 -190.75 -6.54 -51.95
C ILE H 837 -189.70 -5.44 -52.14
N LEU H 838 -188.85 -5.21 -51.15
CA LEU H 838 -187.78 -4.20 -51.23
C LEU H 838 -186.78 -4.50 -52.35
N LYS H 839 -186.47 -5.79 -52.60
CA LYS H 839 -185.62 -6.21 -53.71
C LYS H 839 -186.26 -5.92 -55.08
N ALA H 840 -187.54 -6.22 -55.26
CA ALA H 840 -188.28 -5.87 -56.47
C ALA H 840 -188.36 -4.35 -56.72
N CYS H 841 -188.32 -3.54 -55.66
CA CYS H 841 -188.25 -2.08 -55.75
C CYS H 841 -186.83 -1.52 -55.95
N GLY H 842 -185.79 -2.36 -56.04
CA GLY H 842 -184.39 -1.91 -56.11
C GLY H 842 -183.81 -1.35 -54.80
N GLN H 843 -184.50 -1.49 -53.66
CA GLN H 843 -184.06 -1.00 -52.35
C GLN H 843 -183.14 -2.02 -51.68
N THR H 844 -181.84 -1.93 -51.96
CA THR H 844 -180.83 -2.93 -51.58
C THR H 844 -179.58 -2.35 -50.90
N GLN H 845 -179.39 -1.02 -50.95
CA GLN H 845 -178.19 -0.34 -50.46
C GLN H 845 -178.26 0.01 -48.95
N PHE H 846 -179.47 0.10 -48.39
CA PHE H 846 -179.71 0.65 -47.05
C PHE H 846 -180.67 -0.22 -46.22
N TYR H 847 -180.43 -0.29 -44.91
CA TYR H 847 -181.45 -0.73 -43.95
C TYR H 847 -182.66 0.20 -43.92
N ILE H 848 -183.85 -0.34 -43.67
CA ILE H 848 -185.07 0.46 -43.40
C ILE H 848 -185.16 0.92 -41.93
N SER H 849 -185.90 2.00 -41.64
CA SER H 849 -186.23 2.37 -40.25
C SER H 849 -187.08 1.29 -39.57
N LEU H 850 -186.87 1.07 -38.28
CA LEU H 850 -187.68 0.19 -37.43
C LEU H 850 -188.36 0.97 -36.29
N ILE H 851 -189.58 0.58 -35.90
CA ILE H 851 -190.17 0.94 -34.60
C ILE H 851 -190.25 -0.33 -33.74
N GLN H 852 -189.75 -0.30 -32.51
CA GLN H 852 -189.87 -1.39 -31.55
C GLN H 852 -190.75 -1.02 -30.36
N GLY H 853 -191.66 -1.92 -29.97
CA GLY H 853 -192.51 -1.77 -28.79
C GLY H 853 -191.84 -2.30 -27.52
N LEU H 854 -191.84 -1.51 -26.47
CA LEU H 854 -191.43 -1.92 -25.12
C LEU H 854 -192.70 -2.29 -24.32
N VAL H 855 -192.84 -3.56 -23.93
CA VAL H 855 -194.05 -4.11 -23.32
C VAL H 855 -193.82 -4.50 -21.84
N PRO H 856 -194.63 -4.02 -20.89
CA PRO H 856 -194.48 -4.36 -19.45
C PRO H 856 -194.67 -5.84 -19.12
N ARG H 857 -193.73 -6.41 -18.36
CA ARG H 857 -193.80 -7.74 -17.73
C ARG H 857 -193.75 -7.60 -16.20
N THR H 858 -194.71 -8.20 -15.51
CA THR H 858 -194.84 -8.10 -14.04
C THR H 858 -194.27 -9.34 -13.38
N GLN H 859 -193.40 -9.18 -12.38
CA GLN H 859 -192.65 -10.26 -11.73
C GLN H 859 -192.62 -10.12 -10.19
N SER H 860 -192.65 -11.24 -9.46
CA SER H 860 -192.52 -11.25 -7.99
C SER H 860 -191.08 -11.53 -7.57
N VAL H 861 -190.53 -10.74 -6.67
CA VAL H 861 -189.11 -10.76 -6.25
C VAL H 861 -188.99 -10.74 -4.72
N PRO H 862 -187.87 -11.15 -4.11
CA PRO H 862 -187.69 -11.05 -2.66
C PRO H 862 -187.67 -9.59 -2.20
N ALA H 863 -188.41 -9.26 -1.13
CA ALA H 863 -188.69 -7.87 -0.74
C ALA H 863 -187.53 -7.12 -0.05
N ARG H 864 -186.35 -7.73 0.06
CA ARG H 864 -185.15 -7.22 0.73
C ARG H 864 -184.81 -5.76 0.38
N ASP H 865 -184.86 -5.37 -0.89
CA ASP H 865 -184.63 -4.00 -1.35
C ASP H 865 -185.92 -3.25 -1.76
N TYR H 866 -187.09 -3.67 -1.27
CA TYR H 866 -188.41 -3.09 -1.57
C TYR H 866 -189.15 -2.76 -0.26
N PRO H 867 -188.65 -1.78 0.54
CA PRO H 867 -189.00 -1.63 1.95
C PRO H 867 -190.46 -1.28 2.23
N HIS H 868 -191.21 -0.76 1.25
CA HIS H 868 -192.61 -0.38 1.41
C HIS H 868 -193.55 -1.55 1.73
N VAL H 869 -193.15 -2.82 1.55
CA VAL H 869 -193.98 -3.96 1.98
C VAL H 869 -194.17 -4.04 3.50
N LEU H 870 -193.31 -3.39 4.30
CA LEU H 870 -193.43 -3.40 5.76
C LEU H 870 -194.53 -2.50 6.32
N GLY H 871 -195.08 -1.57 5.53
CA GLY H 871 -196.11 -0.64 5.97
C GLY H 871 -195.60 0.47 6.92
N THR H 872 -196.50 1.06 7.70
CA THR H 872 -196.21 2.15 8.66
C THR H 872 -195.48 1.72 9.93
N ARG H 873 -195.16 0.42 10.04
CA ARG H 873 -194.38 -0.25 11.10
C ARG H 873 -193.13 0.54 11.52
N ALA H 874 -192.88 0.63 12.83
CA ALA H 874 -191.63 1.15 13.36
C ALA H 874 -190.50 0.11 13.18
N VAL H 875 -189.34 0.52 12.66
CA VAL H 875 -188.18 -0.35 12.43
C VAL H 875 -187.04 0.09 13.34
N GLU H 876 -186.56 -0.82 14.20
CA GLU H 876 -185.63 -0.51 15.29
C GLU H 876 -184.17 -0.92 15.02
N SER H 877 -183.93 -1.95 14.20
CA SER H 877 -182.59 -2.40 13.84
C SER H 877 -182.52 -3.01 12.43
N ALA H 878 -181.33 -3.03 11.83
CA ALA H 878 -181.11 -3.67 10.53
C ALA H 878 -181.33 -5.19 10.58
N ALA H 879 -181.02 -5.82 11.71
CA ALA H 879 -181.31 -7.24 11.96
C ALA H 879 -182.83 -7.52 11.98
N ALA H 880 -183.63 -6.64 12.59
CA ALA H 880 -185.08 -6.73 12.57
C ALA H 880 -185.66 -6.49 11.15
N TYR H 881 -185.13 -5.53 10.39
CA TYR H 881 -185.51 -5.30 8.99
C TYR H 881 -185.25 -6.54 8.11
N ALA H 882 -184.06 -7.13 8.24
CA ALA H 882 -183.69 -8.35 7.52
C ALA H 882 -184.58 -9.53 7.92
N GLU H 883 -184.88 -9.72 9.22
CA GLU H 883 -185.78 -10.77 9.70
C GLU H 883 -187.19 -10.59 9.12
N ALA H 884 -187.78 -9.39 9.25
CA ALA H 884 -189.16 -9.11 8.81
C ALA H 884 -189.35 -9.25 7.29
N THR H 885 -188.35 -8.90 6.48
CA THR H 885 -188.43 -9.02 5.01
C THR H 885 -188.05 -10.40 4.47
N SER H 886 -187.36 -11.25 5.25
CA SER H 886 -186.85 -12.57 4.79
C SER H 886 -187.93 -13.53 4.24
N SER H 887 -189.18 -13.39 4.67
CA SER H 887 -190.32 -14.20 4.26
C SER H 887 -191.29 -13.51 3.28
N LEU H 888 -190.95 -12.33 2.74
CA LEU H 888 -191.86 -11.47 1.97
C LEU H 888 -191.40 -11.24 0.53
N THR H 889 -192.36 -11.07 -0.39
CA THR H 889 -192.10 -10.77 -1.80
C THR H 889 -192.81 -9.49 -2.26
N ALA H 890 -192.17 -8.76 -3.17
CA ALA H 890 -192.66 -7.52 -3.76
C ALA H 890 -192.95 -7.72 -5.25
N THR H 891 -194.02 -7.11 -5.75
CA THR H 891 -194.32 -7.04 -7.18
C THR H 891 -193.49 -5.93 -7.83
N THR H 892 -192.81 -6.22 -8.93
CA THR H 892 -192.02 -5.24 -9.71
C THR H 892 -192.30 -5.39 -11.21
N VAL H 893 -192.00 -4.34 -11.98
CA VAL H 893 -192.25 -4.30 -13.43
C VAL H 893 -190.96 -3.98 -14.18
N VAL H 894 -190.74 -4.68 -15.28
CA VAL H 894 -189.69 -4.41 -16.27
C VAL H 894 -190.31 -4.41 -17.67
N CYS H 895 -189.68 -3.78 -18.64
CA CYS H 895 -190.13 -3.78 -20.04
C CYS H 895 -189.28 -4.71 -20.92
N ALA H 896 -189.93 -5.51 -21.77
CA ALA H 896 -189.28 -6.37 -22.78
C ALA H 896 -189.50 -5.85 -24.20
N ALA H 897 -188.45 -5.85 -25.03
CA ALA H 897 -188.56 -5.42 -26.41
C ALA H 897 -189.25 -6.50 -27.27
N THR H 898 -190.34 -6.12 -27.93
CA THR H 898 -190.99 -6.92 -28.98
C THR H 898 -190.29 -6.67 -30.33
N ASP H 899 -190.13 -7.72 -31.13
CA ASP H 899 -189.59 -7.66 -32.51
C ASP H 899 -190.68 -7.40 -33.57
N CYS H 900 -191.92 -7.13 -33.15
CA CYS H 900 -193.11 -7.11 -34.01
C CYS H 900 -194.24 -6.21 -33.44
N LEU H 901 -194.09 -4.89 -33.56
CA LEU H 901 -195.07 -3.91 -33.05
C LEU H 901 -196.51 -4.11 -33.56
N SER H 902 -196.69 -4.63 -34.78
CA SER H 902 -198.02 -4.72 -35.40
C SER H 902 -199.01 -5.64 -34.66
N GLN H 903 -198.57 -6.77 -34.07
CA GLN H 903 -199.45 -7.61 -33.25
C GLN H 903 -199.86 -6.94 -31.93
N VAL H 904 -199.00 -6.11 -31.33
CA VAL H 904 -199.36 -5.30 -30.15
C VAL H 904 -200.41 -4.24 -30.52
N CYS H 905 -200.27 -3.56 -31.66
CA CYS H 905 -201.25 -2.58 -32.12
C CYS H 905 -202.65 -3.17 -32.40
N LYS H 906 -202.78 -4.47 -32.70
CA LYS H 906 -204.09 -5.15 -32.79
C LYS H 906 -204.81 -5.28 -31.44
N ALA H 907 -204.11 -5.25 -30.31
CA ALA H 907 -204.66 -5.35 -28.96
C ALA H 907 -205.10 -3.98 -28.35
N ARG H 908 -205.29 -2.96 -29.18
CA ARG H 908 -205.75 -1.60 -28.84
C ARG H 908 -204.99 -0.98 -27.64
N PRO H 909 -203.66 -0.78 -27.74
CA PRO H 909 -202.82 -0.52 -26.58
C PRO H 909 -202.93 0.91 -26.03
N VAL H 910 -202.66 1.06 -24.73
CA VAL H 910 -202.23 2.33 -24.13
C VAL H 910 -200.79 2.60 -24.53
N VAL H 911 -200.46 3.79 -25.01
CA VAL H 911 -199.15 4.12 -25.59
C VAL H 911 -198.48 5.34 -24.94
N THR H 912 -197.15 5.34 -24.89
CA THR H 912 -196.34 6.53 -24.55
C THR H 912 -195.21 6.70 -25.56
N LEU H 913 -195.08 7.90 -26.14
CA LEU H 913 -194.15 8.18 -27.24
C LEU H 913 -193.65 9.65 -27.28
N PRO H 914 -192.48 9.94 -27.85
CA PRO H 914 -191.99 11.30 -28.08
C PRO H 914 -192.48 11.87 -29.43
N VAL H 915 -192.87 13.13 -29.51
CA VAL H 915 -193.28 13.79 -30.77
C VAL H 915 -192.69 15.18 -30.96
N THR H 916 -192.30 15.52 -32.19
CA THR H 916 -192.05 16.89 -32.68
C THR H 916 -193.07 17.22 -33.76
N ILE H 917 -193.75 18.37 -33.71
CA ILE H 917 -194.61 18.80 -34.82
C ILE H 917 -193.83 19.73 -35.76
N ASN H 918 -193.52 19.24 -36.95
CA ASN H 918 -192.80 19.95 -38.00
C ASN H 918 -193.77 20.53 -39.04
N LYS H 919 -193.48 21.75 -39.54
CA LYS H 919 -194.38 22.48 -40.44
C LYS H 919 -193.67 22.88 -41.73
N TYR H 920 -194.36 22.78 -42.86
CA TYR H 920 -193.78 22.93 -44.20
C TYR H 920 -194.81 23.43 -45.22
N THR H 921 -194.34 24.00 -46.33
CA THR H 921 -195.17 24.52 -47.44
C THR H 921 -195.72 23.39 -48.30
N GLY H 922 -196.87 23.58 -48.94
CA GLY H 922 -197.37 22.67 -49.97
C GLY H 922 -196.51 22.60 -51.24
N VAL H 923 -196.69 21.56 -52.05
CA VAL H 923 -196.02 21.35 -53.35
C VAL H 923 -196.79 21.97 -54.53
N ASN H 924 -196.28 21.80 -55.75
CA ASN H 924 -196.94 22.20 -57.01
C ASN H 924 -197.33 23.69 -57.03
N GLY H 925 -196.44 24.55 -56.52
CA GLY H 925 -196.61 26.00 -56.48
C GLY H 925 -197.49 26.54 -55.36
N ASN H 926 -197.99 25.69 -54.47
CA ASN H 926 -198.85 26.12 -53.34
C ASN H 926 -198.07 26.90 -52.27
N ASN H 927 -198.77 27.72 -51.47
CA ASN H 927 -198.21 28.57 -50.42
C ASN H 927 -198.81 28.35 -49.01
N GLN H 928 -199.71 27.38 -48.83
CA GLN H 928 -200.28 27.04 -47.52
C GLN H 928 -199.32 26.22 -46.66
N ILE H 929 -199.58 26.16 -45.35
CA ILE H 929 -198.77 25.43 -44.37
C ILE H 929 -199.45 24.08 -44.05
N PHE H 930 -198.68 23.01 -44.06
CA PHE H 930 -199.06 21.65 -43.66
C PHE H 930 -198.19 21.19 -42.48
N GLN H 931 -198.68 20.25 -41.67
CA GLN H 931 -197.96 19.76 -40.49
C GLN H 931 -197.78 18.24 -40.49
N ALA H 932 -196.71 17.76 -39.87
CA ALA H 932 -196.55 16.36 -39.49
C ALA H 932 -196.09 16.24 -38.04
N GLY H 933 -196.68 15.32 -37.29
CA GLY H 933 -196.20 14.90 -35.98
C GLY H 933 -195.23 13.76 -36.14
N ASN H 934 -193.92 14.06 -36.20
CA ASN H 934 -192.89 13.05 -36.41
C ASN H 934 -192.46 12.40 -35.08
N LEU H 935 -192.39 11.06 -35.06
CA LEU H 935 -191.93 10.27 -33.91
C LEU H 935 -190.46 10.57 -33.58
N GLY H 936 -190.15 10.88 -32.33
CA GLY H 936 -188.83 11.28 -31.86
C GLY H 936 -188.18 10.34 -30.85
N TYR H 937 -187.35 10.86 -29.96
CA TYR H 937 -186.54 10.14 -28.98
C TYR H 937 -186.82 10.56 -27.53
N PHE H 938 -186.64 9.64 -26.59
CA PHE H 938 -186.70 9.92 -25.15
C PHE H 938 -185.38 10.53 -24.64
N MET H 939 -185.46 11.50 -23.74
CA MET H 939 -184.29 12.07 -23.06
C MET H 939 -184.23 11.66 -21.59
N GLY H 940 -183.04 11.36 -21.08
CA GLY H 940 -182.77 11.03 -19.68
C GLY H 940 -182.44 9.57 -19.47
N ARG H 941 -181.29 9.24 -18.89
CA ARG H 941 -180.79 7.86 -18.74
C ARG H 941 -181.62 6.99 -17.80
N GLY H 942 -182.43 7.56 -16.93
CA GLY H 942 -183.27 6.82 -15.99
C GLY H 942 -184.53 6.20 -16.58
N VAL H 943 -184.93 6.52 -17.82
CA VAL H 943 -186.22 6.10 -18.42
C VAL H 943 -186.36 4.58 -18.53
N ASP H 944 -185.51 3.89 -19.27
CA ASP H 944 -185.53 2.42 -19.34
C ASP H 944 -184.18 1.86 -19.79
N ARG H 945 -183.71 0.78 -19.17
CA ARG H 945 -182.42 0.14 -19.52
C ARG H 945 -182.28 -0.29 -20.98
N ASN H 946 -183.37 -0.61 -21.69
CA ASN H 946 -183.31 -0.95 -23.11
C ASN H 946 -182.93 0.24 -24.01
N LEU H 947 -183.10 1.48 -23.53
CA LEU H 947 -182.70 2.70 -24.24
C LEU H 947 -181.22 3.08 -24.03
N LEU H 948 -180.48 2.41 -23.13
CA LEU H 948 -179.08 2.72 -22.83
C LEU H 948 -178.12 2.26 -23.94
N GLN H 949 -177.44 3.21 -24.59
CA GLN H 949 -176.31 2.95 -25.49
C GLN H 949 -175.01 2.71 -24.71
N SER H 963 -180.06 5.85 -32.01
CA SER H 963 -179.77 5.60 -33.42
C SER H 963 -180.72 6.34 -34.36
N MET H 964 -180.26 6.68 -35.57
CA MET H 964 -181.10 7.14 -36.67
C MET H 964 -182.22 6.13 -37.02
N ARG H 965 -181.91 4.82 -36.98
CA ARG H 965 -182.70 3.80 -37.68
C ARG H 965 -183.53 2.86 -36.79
N LYS H 966 -183.50 3.02 -35.46
CA LYS H 966 -184.44 2.38 -34.53
C LYS H 966 -185.07 3.40 -33.57
N LYS H 967 -186.39 3.40 -33.46
CA LYS H 967 -187.17 4.21 -32.52
C LYS H 967 -188.05 3.32 -31.63
N PHE H 968 -188.40 3.80 -30.44
CA PHE H 968 -189.14 3.04 -29.43
C PHE H 968 -190.46 3.72 -29.04
N VAL H 969 -191.46 2.89 -28.72
CA VAL H 969 -192.74 3.27 -28.10
C VAL H 969 -193.01 2.33 -26.91
N PHE H 970 -193.52 2.82 -25.78
CA PHE H 970 -194.05 1.94 -24.72
C PHE H 970 -195.49 1.57 -25.04
N ALA H 971 -195.88 0.30 -24.94
CA ALA H 971 -197.25 -0.17 -25.20
C ALA H 971 -197.76 -1.21 -24.18
N THR H 972 -198.97 -1.02 -23.64
CA THR H 972 -199.69 -2.02 -22.83
C THR H 972 -201.00 -2.41 -23.51
N PRO H 973 -201.30 -3.68 -23.81
CA PRO H 973 -202.56 -4.08 -24.47
C PRO H 973 -203.80 -3.92 -23.59
N THR H 974 -204.98 -3.67 -24.17
CA THR H 974 -206.27 -3.63 -23.45
C THR H 974 -207.23 -4.78 -23.77
N LEU H 975 -207.16 -5.42 -24.94
CA LEU H 975 -207.90 -6.66 -25.23
C LEU H 975 -207.46 -7.79 -24.27
N GLY H 976 -208.41 -8.41 -23.59
CA GLY H 976 -208.18 -9.43 -22.57
C GLY H 976 -207.84 -8.88 -21.17
N LEU H 977 -207.81 -7.56 -21.00
CA LEU H 977 -207.72 -6.90 -19.70
C LEU H 977 -209.06 -6.23 -19.37
N THR H 978 -209.44 -5.19 -20.11
CA THR H 978 -210.67 -4.41 -19.89
C THR H 978 -211.70 -4.54 -21.02
N VAL H 979 -211.31 -5.07 -22.18
CA VAL H 979 -212.18 -5.32 -23.35
C VAL H 979 -212.11 -6.79 -23.76
N LYS H 980 -213.25 -7.43 -24.04
CA LYS H 980 -213.36 -8.86 -24.35
C LYS H 980 -213.00 -9.16 -25.82
N ARG H 981 -212.22 -10.22 -26.07
CA ARG H 981 -211.89 -10.69 -27.44
C ARG H 981 -213.12 -11.26 -28.16
N THR H 988 -219.31 -25.88 -39.68
CA THR H 988 -219.85 -26.79 -40.70
C THR H 988 -220.36 -28.11 -40.10
N TYR H 989 -221.28 -28.77 -40.81
CA TYR H 989 -221.57 -30.19 -40.59
C TYR H 989 -220.45 -31.09 -41.15
N GLU H 990 -220.23 -32.27 -40.57
CA GLU H 990 -219.20 -33.20 -41.07
C GLU H 990 -219.43 -33.62 -42.53
N ILE H 991 -220.68 -33.78 -42.97
CA ILE H 991 -221.01 -34.06 -44.38
C ILE H 991 -220.59 -32.94 -45.34
N GLU H 992 -220.46 -31.69 -44.91
CA GLU H 992 -219.89 -30.61 -45.72
C GLU H 992 -218.37 -30.76 -45.87
N ASN H 993 -217.67 -31.22 -44.83
CA ASN H 993 -216.23 -31.44 -44.86
C ASN H 993 -215.85 -32.66 -45.71
N ILE H 994 -216.60 -33.77 -45.63
CA ILE H 994 -216.40 -34.91 -46.54
C ILE H 994 -216.57 -34.45 -48.00
N ARG H 995 -217.66 -33.74 -48.31
CA ARG H 995 -217.94 -33.18 -49.65
C ARG H 995 -216.86 -32.24 -50.17
N ALA H 996 -216.39 -31.29 -49.36
CA ALA H 996 -215.28 -30.42 -49.76
C ALA H 996 -213.99 -31.21 -50.07
N GLY H 997 -213.65 -32.21 -49.26
CA GLY H 997 -212.47 -33.06 -49.48
C GLY H 997 -212.55 -33.91 -50.75
N LEU H 998 -213.73 -34.41 -51.12
CA LEU H 998 -213.93 -35.09 -52.40
C LEU H 998 -213.85 -34.15 -53.61
N GLU H 999 -214.47 -32.97 -53.57
CA GLU H 999 -214.31 -32.00 -54.66
C GLU H 999 -212.86 -31.55 -54.83
N ALA H 1000 -212.09 -31.44 -53.74
CA ALA H 1000 -210.67 -31.10 -53.76
C ALA H 1000 -209.80 -32.20 -54.41
N ILE H 1001 -210.11 -33.49 -54.23
CA ILE H 1001 -209.46 -34.59 -54.96
C ILE H 1001 -209.82 -34.56 -56.44
N ILE H 1002 -211.11 -34.62 -56.78
CA ILE H 1002 -211.55 -34.83 -58.17
C ILE H 1002 -211.13 -33.66 -59.08
N SER H 1003 -211.15 -32.43 -58.57
CA SER H 1003 -210.71 -31.22 -59.31
C SER H 1003 -209.20 -31.19 -59.59
N GLN H 1004 -208.40 -32.02 -58.91
CA GLN H 1004 -206.93 -32.06 -59.06
C GLN H 1004 -206.42 -33.33 -59.76
N LYS H 1005 -207.10 -34.48 -59.61
CA LYS H 1005 -206.64 -35.77 -60.14
C LYS H 1005 -206.57 -35.73 -61.67
N GLN H 1006 -205.38 -35.93 -62.23
CA GLN H 1006 -205.08 -35.87 -63.67
C GLN H 1006 -204.22 -37.06 -64.11
N GLU H 1007 -204.40 -37.49 -65.35
CA GLU H 1007 -203.66 -38.60 -65.99
C GLU H 1007 -203.91 -40.00 -65.36
N GLU H 1008 -204.85 -40.13 -64.43
CA GLU H 1008 -205.29 -41.40 -63.81
C GLU H 1008 -206.79 -41.34 -63.43
N ASP H 1009 -207.48 -42.48 -63.46
CA ASP H 1009 -208.89 -42.56 -63.05
C ASP H 1009 -209.07 -42.46 -61.51
N CYS H 1010 -209.99 -41.62 -61.03
CA CYS H 1010 -210.05 -41.19 -59.62
C CYS H 1010 -210.83 -42.11 -58.64
N VAL H 1011 -211.55 -43.14 -59.11
CA VAL H 1011 -212.54 -43.86 -58.28
C VAL H 1011 -211.93 -44.53 -57.04
N PHE H 1012 -210.74 -45.15 -57.15
CA PHE H 1012 -210.06 -45.76 -56.01
C PHE H 1012 -209.64 -44.74 -54.94
N ASP H 1013 -209.19 -43.55 -55.33
CA ASP H 1013 -208.83 -42.49 -54.38
C ASP H 1013 -210.06 -41.85 -53.70
N VAL H 1014 -211.21 -41.77 -54.38
CA VAL H 1014 -212.48 -41.36 -53.77
C VAL H 1014 -212.97 -42.43 -52.78
N VAL H 1015 -212.96 -43.70 -53.17
CA VAL H 1015 -213.36 -44.80 -52.29
C VAL H 1015 -212.47 -44.90 -51.03
N CYS H 1016 -211.16 -44.69 -51.15
CA CYS H 1016 -210.28 -44.70 -49.97
C CYS H 1016 -210.61 -43.55 -49.00
N ASN H 1017 -210.89 -42.35 -49.51
CA ASN H 1017 -211.29 -41.22 -48.67
C ASN H 1017 -212.64 -41.44 -47.96
N LEU H 1018 -213.62 -42.08 -48.61
CA LEU H 1018 -214.89 -42.47 -47.97
C LEU H 1018 -214.68 -43.54 -46.88
N VAL H 1019 -213.91 -44.60 -47.18
CA VAL H 1019 -213.63 -45.67 -46.21
C VAL H 1019 -212.84 -45.14 -45.00
N ASP H 1020 -211.95 -44.16 -45.20
CA ASP H 1020 -211.30 -43.44 -44.09
C ASP H 1020 -212.32 -42.67 -43.23
N ALA H 1021 -213.16 -41.82 -43.82
CA ALA H 1021 -214.03 -40.91 -43.08
C ALA H 1021 -215.26 -41.58 -42.43
N MET H 1022 -215.76 -42.68 -43.02
CA MET H 1022 -216.99 -43.34 -42.58
C MET H 1022 -216.79 -44.80 -42.11
N GLY H 1023 -215.68 -45.45 -42.45
CA GLY H 1023 -215.41 -46.84 -42.07
C GLY H 1023 -216.50 -47.81 -42.54
N GLU H 1024 -216.97 -48.65 -41.63
CA GLU H 1024 -218.00 -49.67 -41.86
C GLU H 1024 -219.34 -49.11 -42.35
N ALA H 1025 -219.65 -47.85 -42.07
CA ALA H 1025 -220.86 -47.18 -42.57
C ALA H 1025 -220.90 -47.03 -44.11
N CYS H 1026 -219.79 -47.25 -44.83
CA CYS H 1026 -219.80 -47.31 -46.30
C CYS H 1026 -220.60 -48.50 -46.85
N ALA H 1027 -220.75 -49.59 -46.08
CA ALA H 1027 -221.40 -50.82 -46.53
C ALA H 1027 -222.86 -50.65 -46.97
N SER H 1028 -223.53 -49.59 -46.48
CA SER H 1028 -224.93 -49.27 -46.77
C SER H 1028 -225.12 -47.86 -47.33
N LEU H 1029 -224.08 -47.25 -47.91
CA LEU H 1029 -224.17 -45.92 -48.52
C LEU H 1029 -225.17 -45.94 -49.68
N THR H 1030 -226.24 -45.16 -49.60
CA THR H 1030 -227.27 -45.08 -50.64
C THR H 1030 -226.86 -44.13 -51.77
N ARG H 1031 -227.51 -44.22 -52.94
CA ARG H 1031 -227.21 -43.32 -54.07
C ARG H 1031 -227.53 -41.86 -53.76
N ASP H 1032 -228.59 -41.59 -53.00
CA ASP H 1032 -228.94 -40.22 -52.60
C ASP H 1032 -227.89 -39.57 -51.69
N ASP H 1033 -227.34 -40.31 -50.72
CA ASP H 1033 -226.20 -39.83 -49.93
C ASP H 1033 -224.92 -39.70 -50.77
N ALA H 1034 -224.57 -40.70 -51.60
CA ALA H 1034 -223.39 -40.63 -52.47
C ALA H 1034 -223.41 -39.42 -53.43
N GLU H 1035 -224.54 -39.17 -54.09
CA GLU H 1035 -224.71 -38.00 -54.95
C GLU H 1035 -224.54 -36.66 -54.21
N TYR H 1036 -225.02 -36.51 -52.97
CA TYR H 1036 -224.75 -35.30 -52.18
C TYR H 1036 -223.27 -35.12 -51.85
N LEU H 1037 -222.58 -36.18 -51.43
CA LEU H 1037 -221.16 -36.12 -51.06
C LEU H 1037 -220.25 -35.83 -52.25
N LEU H 1038 -220.54 -36.35 -53.44
CA LEU H 1038 -219.79 -36.08 -54.66
C LEU H 1038 -219.99 -34.66 -55.24
N GLY H 1039 -221.01 -33.92 -54.79
CA GLY H 1039 -221.22 -32.52 -55.15
C GLY H 1039 -221.38 -32.27 -56.66
N ARG H 1040 -220.52 -31.41 -57.22
CA ARG H 1040 -220.42 -31.11 -58.66
C ARG H 1040 -220.22 -32.35 -59.53
N PHE H 1041 -219.56 -33.38 -59.00
CA PHE H 1041 -219.17 -34.59 -59.73
C PHE H 1041 -220.13 -35.76 -59.46
N SER H 1042 -221.40 -35.51 -59.13
CA SER H 1042 -222.40 -36.53 -58.78
C SER H 1042 -222.59 -37.63 -59.82
N VAL H 1043 -222.19 -37.41 -61.07
CA VAL H 1043 -222.18 -38.44 -62.12
C VAL H 1043 -221.38 -39.69 -61.73
N LEU H 1044 -220.37 -39.56 -60.86
CA LEU H 1044 -219.48 -40.65 -60.44
C LEU H 1044 -220.14 -41.73 -59.55
N ALA H 1045 -221.34 -41.46 -59.01
CA ALA H 1045 -221.96 -42.26 -57.93
C ALA H 1045 -222.13 -43.75 -58.24
N ASP H 1046 -222.59 -44.14 -59.44
CA ASP H 1046 -222.78 -45.56 -59.80
C ASP H 1046 -221.47 -46.37 -59.75
N SER H 1047 -220.37 -45.77 -60.18
CA SER H 1047 -219.05 -46.44 -60.17
C SER H 1047 -218.46 -46.56 -58.76
N VAL H 1048 -218.70 -45.57 -57.89
CA VAL H 1048 -218.37 -45.63 -56.46
C VAL H 1048 -219.16 -46.73 -55.75
N LEU H 1049 -220.47 -46.82 -55.94
CA LEU H 1049 -221.31 -47.83 -55.29
C LEU H 1049 -220.98 -49.25 -55.75
N GLU H 1050 -220.73 -49.47 -57.04
CA GLU H 1050 -220.23 -50.76 -57.53
C GLU H 1050 -218.87 -51.11 -56.89
N THR H 1051 -217.96 -50.15 -56.75
CA THR H 1051 -216.66 -50.36 -56.10
C THR H 1051 -216.80 -50.70 -54.59
N LEU H 1052 -217.67 -50.01 -53.85
CA LEU H 1052 -217.89 -50.29 -52.42
C LEU H 1052 -218.50 -51.69 -52.17
N ALA H 1053 -219.40 -52.16 -53.05
CA ALA H 1053 -219.89 -53.54 -53.02
C ALA H 1053 -218.77 -54.59 -53.17
N THR H 1054 -217.73 -54.35 -53.96
CA THR H 1054 -216.58 -55.30 -54.06
C THR H 1054 -215.76 -55.38 -52.76
N ILE H 1055 -215.64 -54.29 -51.99
CA ILE H 1055 -215.00 -54.30 -50.68
C ILE H 1055 -215.89 -55.05 -49.67
N ALA H 1056 -217.18 -54.73 -49.61
CA ALA H 1056 -218.16 -55.39 -48.75
C ALA H 1056 -218.20 -56.93 -48.93
N SER H 1057 -218.32 -57.41 -50.17
CA SER H 1057 -218.47 -58.84 -50.50
C SER H 1057 -217.17 -59.65 -50.46
N SER H 1058 -215.99 -59.02 -50.58
CA SER H 1058 -214.69 -59.70 -50.49
C SER H 1058 -214.20 -59.93 -49.05
N GLY H 1059 -214.89 -59.39 -48.04
CA GLY H 1059 -214.69 -59.74 -46.63
C GLY H 1059 -213.43 -59.15 -45.96
N ILE H 1060 -212.71 -58.25 -46.62
CA ILE H 1060 -211.65 -57.46 -46.00
C ILE H 1060 -212.23 -56.45 -44.98
N GLU H 1061 -211.41 -56.00 -44.04
CA GLU H 1061 -211.80 -54.97 -43.06
C GLU H 1061 -212.01 -53.60 -43.72
N TRP H 1062 -212.92 -52.79 -43.17
CA TRP H 1062 -213.19 -51.41 -43.63
C TRP H 1062 -212.14 -50.43 -43.14
N THR H 1063 -210.95 -50.45 -43.75
CA THR H 1063 -209.88 -49.48 -43.50
C THR H 1063 -209.13 -49.14 -44.80
N ALA H 1064 -208.59 -47.94 -44.90
CA ALA H 1064 -207.94 -47.42 -46.11
C ALA H 1064 -206.76 -48.27 -46.59
N GLU H 1065 -206.01 -48.90 -45.68
CA GLU H 1065 -204.89 -49.79 -46.00
C GLU H 1065 -205.37 -51.10 -46.64
N ALA H 1066 -206.38 -51.75 -46.05
CA ALA H 1066 -206.98 -52.97 -46.58
C ALA H 1066 -207.71 -52.72 -47.92
N ALA H 1067 -208.35 -51.56 -48.09
CA ALA H 1067 -209.02 -51.19 -49.32
C ALA H 1067 -208.05 -51.15 -50.51
N ARG H 1068 -206.89 -50.49 -50.36
CA ARG H 1068 -205.83 -50.51 -51.40
C ARG H 1068 -205.27 -51.90 -51.63
N ASP H 1069 -204.97 -52.66 -50.57
CA ASP H 1069 -204.45 -54.04 -50.70
C ASP H 1069 -205.38 -54.96 -51.51
N PHE H 1070 -206.70 -54.81 -51.41
CA PHE H 1070 -207.64 -55.52 -52.30
C PHE H 1070 -207.70 -54.91 -53.70
N LEU H 1071 -207.99 -53.61 -53.84
CA LEU H 1071 -208.25 -52.98 -55.15
C LEU H 1071 -207.06 -53.04 -56.11
N GLU H 1072 -205.85 -52.74 -55.62
CA GLU H 1072 -204.63 -52.68 -56.43
C GLU H 1072 -204.07 -54.08 -56.80
N GLY H 1073 -204.53 -55.14 -56.15
CA GLY H 1073 -204.31 -56.54 -56.57
C GLY H 1073 -205.37 -57.03 -57.56
N VAL H 1074 -206.65 -56.75 -57.27
CA VAL H 1074 -207.78 -56.95 -58.19
C VAL H 1074 -207.78 -55.89 -59.28
N ASP H 1083 -205.18 -49.39 -73.59
CA ASP H 1083 -206.41 -49.59 -74.35
C ASP H 1083 -206.29 -49.01 -75.78
N ASN H 1084 -207.23 -49.33 -76.68
CA ASN H 1084 -207.22 -48.93 -78.09
C ASN H 1084 -207.63 -47.46 -78.29
N PHE H 1085 -206.91 -46.50 -77.70
CA PHE H 1085 -207.16 -45.07 -77.87
C PHE H 1085 -206.78 -44.59 -79.28
N ILE H 1086 -207.78 -44.19 -80.08
CA ILE H 1086 -207.55 -43.43 -81.33
C ILE H 1086 -207.53 -41.93 -81.05
N SER H 1087 -206.70 -41.18 -81.76
CA SER H 1087 -206.66 -39.71 -81.69
C SER H 1087 -207.71 -39.07 -82.60
N VAL H 1088 -208.22 -37.88 -82.24
CA VAL H 1088 -209.34 -37.20 -82.91
C VAL H 1088 -208.96 -35.77 -83.31
N ALA H 1089 -209.40 -35.32 -84.48
CA ALA H 1089 -209.00 -34.05 -85.10
C ALA H 1089 -209.25 -32.81 -84.21
N ASP J 9 -127.12 38.70 -65.13
CA ASP J 9 -126.98 39.64 -66.25
C ASP J 9 -128.18 39.55 -67.23
N ASN J 10 -128.37 40.54 -68.10
CA ASN J 10 -129.55 40.65 -68.96
C ASN J 10 -129.27 41.31 -70.34
N LEU J 11 -130.18 41.10 -71.30
CA LEU J 11 -130.06 41.63 -72.67
C LEU J 11 -129.99 43.17 -72.74
N GLY J 12 -130.56 43.87 -71.77
CA GLY J 12 -130.48 45.34 -71.68
C GLY J 12 -129.07 45.82 -71.36
N SER J 13 -128.47 45.30 -70.29
CA SER J 13 -127.08 45.58 -69.89
C SER J 13 -126.08 45.29 -71.00
N GLN J 14 -126.31 44.23 -71.78
CA GLN J 14 -125.44 43.77 -72.87
C GLN J 14 -125.54 44.59 -74.18
N SER J 15 -126.61 45.37 -74.38
CA SER J 15 -126.82 46.16 -75.62
C SER J 15 -125.85 47.36 -75.72
N GLN J 16 -125.42 47.70 -76.93
CA GLN J 16 -124.44 48.76 -77.20
C GLN J 16 -125.06 50.16 -77.38
N PRO J 17 -124.31 51.25 -77.10
CA PRO J 17 -124.61 52.61 -77.53
C PRO J 17 -124.95 52.76 -79.03
N GLY J 18 -125.81 53.71 -79.38
CA GLY J 18 -126.18 54.02 -80.76
C GLY J 18 -127.19 55.17 -80.90
N PRO J 19 -127.62 55.48 -82.13
CA PRO J 19 -128.59 56.54 -82.44
C PRO J 19 -130.03 56.15 -82.06
N CYS J 20 -130.95 57.11 -82.12
CA CYS J 20 -132.38 56.93 -81.82
C CYS J 20 -133.16 56.21 -82.94
N GLY J 21 -132.62 56.17 -84.17
CA GLY J 21 -133.17 55.52 -85.36
C GLY J 21 -132.25 55.67 -86.57
N TYR J 22 -132.67 55.19 -87.74
CA TYR J 22 -131.97 55.34 -89.02
C TYR J 22 -132.91 55.68 -90.18
N ILE J 23 -132.43 56.45 -91.15
CA ILE J 23 -133.00 56.51 -92.50
C ILE J 23 -132.22 55.54 -93.41
N TYR J 24 -132.90 54.57 -94.03
CA TYR J 24 -132.33 53.69 -95.06
C TYR J 24 -132.64 54.21 -96.46
N PHE J 25 -131.64 54.18 -97.36
CA PHE J 25 -131.79 54.48 -98.79
C PHE J 25 -131.47 53.23 -99.63
N TYR J 26 -132.42 52.75 -100.43
CA TYR J 26 -132.26 51.56 -101.30
C TYR J 26 -132.24 51.92 -102.79
N PRO J 27 -131.31 51.38 -103.61
CA PRO J 27 -131.24 51.70 -105.03
C PRO J 27 -132.39 51.09 -105.84
N LEU J 28 -133.15 51.93 -106.56
CA LEU J 28 -134.30 51.50 -107.35
C LEU J 28 -133.96 50.56 -108.51
N ALA J 29 -132.75 50.63 -109.08
CA ALA J 29 -132.33 49.78 -110.19
C ALA J 29 -132.23 48.29 -109.83
N THR J 30 -131.96 47.94 -108.56
CA THR J 30 -131.71 46.55 -108.12
C THR J 30 -132.60 46.03 -106.99
N TYR J 31 -133.27 46.89 -106.22
CA TYR J 31 -134.10 46.48 -105.07
C TYR J 31 -135.36 45.68 -105.50
N PRO J 32 -135.74 44.60 -104.80
CA PRO J 32 -136.85 43.72 -105.18
C PRO J 32 -138.24 44.28 -104.82
N LEU J 33 -138.71 45.29 -105.56
CA LEU J 33 -139.94 46.05 -105.30
C LEU J 33 -141.22 45.20 -105.25
N ARG J 34 -141.37 44.16 -106.09
CA ARG J 34 -142.56 43.29 -106.06
C ARG J 34 -142.60 42.36 -104.86
N GLU J 35 -141.46 41.91 -104.34
CA GLU J 35 -141.41 41.13 -103.10
C GLU J 35 -141.87 41.96 -101.90
N VAL J 36 -141.29 43.15 -101.65
CA VAL J 36 -141.72 43.98 -100.51
C VAL J 36 -143.18 44.39 -100.59
N ALA J 37 -143.73 44.63 -101.78
CA ALA J 37 -145.13 44.95 -101.94
C ALA J 37 -146.07 43.84 -101.40
N THR J 38 -145.72 42.54 -101.50
CA THR J 38 -146.54 41.46 -100.93
C THR J 38 -146.58 41.46 -99.40
N LEU J 39 -145.59 42.03 -98.73
CA LEU J 39 -145.56 42.20 -97.27
C LEU J 39 -146.03 43.59 -96.81
N GLY J 40 -146.37 44.50 -97.73
CA GLY J 40 -146.71 45.90 -97.43
C GLY J 40 -148.18 46.22 -97.26
N THR J 41 -148.47 47.48 -96.92
CA THR J 41 -149.82 48.06 -96.76
C THR J 41 -150.17 49.10 -97.83
N GLY J 42 -149.68 48.93 -99.06
CA GLY J 42 -149.88 49.90 -100.14
C GLY J 42 -151.32 49.91 -100.72
N TYR J 43 -151.92 51.09 -100.82
CA TYR J 43 -153.19 51.31 -101.53
C TYR J 43 -152.94 52.12 -102.81
N ALA J 44 -153.88 52.13 -103.77
CA ALA J 44 -153.73 52.89 -105.02
C ALA J 44 -153.74 54.41 -104.76
N GLY J 45 -152.69 55.11 -105.18
CA GLY J 45 -152.48 56.55 -104.95
C GLY J 45 -151.73 56.94 -103.67
N HIS J 46 -151.18 55.98 -102.91
CA HIS J 46 -150.47 56.24 -101.65
C HIS J 46 -149.26 57.17 -101.81
N ARG J 47 -148.91 57.88 -100.74
CA ARG J 47 -147.70 58.71 -100.61
C ARG J 47 -146.77 58.19 -99.52
N CYS J 48 -147.25 57.26 -98.68
CA CYS J 48 -146.50 56.53 -97.66
C CYS J 48 -147.11 55.12 -97.46
N LEU J 49 -146.33 54.14 -96.99
CA LEU J 49 -146.79 52.81 -96.56
C LEU J 49 -145.87 52.16 -95.52
N THR J 50 -146.38 51.14 -94.84
CA THR J 50 -145.63 50.32 -93.89
C THR J 50 -145.25 48.96 -94.45
N VAL J 51 -144.08 48.49 -94.04
CA VAL J 51 -143.49 47.18 -94.32
C VAL J 51 -142.85 46.63 -93.02
N PRO J 52 -142.66 45.31 -92.87
CA PRO J 52 -141.99 44.74 -91.69
C PRO J 52 -140.47 45.01 -91.66
N LEU J 53 -139.88 45.10 -90.47
CA LEU J 53 -138.43 45.05 -90.26
C LEU J 53 -137.90 43.60 -90.39
N LEU J 54 -137.12 43.29 -91.43
CA LEU J 54 -136.55 41.97 -91.73
C LEU J 54 -135.11 42.05 -92.22
N CYS J 55 -134.23 41.22 -91.65
CA CYS J 55 -132.83 41.10 -92.07
C CYS J 55 -132.74 40.48 -93.47
N GLY J 56 -132.09 41.16 -94.40
CA GLY J 56 -131.91 40.70 -95.78
C GLY J 56 -132.93 41.22 -96.79
N ILE J 57 -133.91 42.03 -96.39
CA ILE J 57 -134.80 42.74 -97.33
C ILE J 57 -135.14 44.18 -96.93
N THR J 58 -135.27 44.51 -95.64
CA THR J 58 -135.49 45.92 -95.21
C THR J 58 -134.39 46.45 -94.30
N VAL J 59 -133.63 45.60 -93.60
CA VAL J 59 -132.38 45.97 -92.90
C VAL J 59 -131.27 44.97 -93.23
N GLU J 60 -130.01 45.34 -93.01
CA GLU J 60 -128.87 44.47 -93.31
C GLU J 60 -128.78 43.28 -92.33
N PRO J 61 -128.21 42.13 -92.73
CA PRO J 61 -127.94 41.03 -91.81
C PRO J 61 -127.13 41.46 -90.58
N GLY J 62 -127.51 40.96 -89.41
CA GLY J 62 -126.85 41.30 -88.14
C GLY J 62 -127.30 42.61 -87.49
N PHE J 63 -128.42 43.20 -87.94
CA PHE J 63 -129.03 44.36 -87.31
C PHE J 63 -129.33 44.10 -85.82
N SER J 64 -128.90 45.00 -84.94
CA SER J 64 -129.20 44.94 -83.51
C SER J 64 -130.58 45.50 -83.21
N ILE J 65 -131.54 44.67 -82.81
CA ILE J 65 -132.89 45.14 -82.41
C ILE J 65 -132.91 45.79 -81.02
N ASN J 66 -131.93 45.55 -80.14
CA ASN J 66 -131.80 46.17 -78.83
C ASN J 66 -130.62 47.16 -78.82
N VAL J 67 -130.77 48.35 -78.24
CA VAL J 67 -129.74 49.40 -78.18
C VAL J 67 -129.81 50.23 -76.90
N LYS J 68 -128.69 50.87 -76.55
CA LYS J 68 -128.68 52.05 -75.67
C LYS J 68 -128.69 53.31 -76.53
N ALA J 69 -129.80 54.03 -76.59
CA ALA J 69 -129.94 55.22 -77.42
C ALA J 69 -129.36 56.47 -76.71
N LEU J 70 -128.42 57.18 -77.34
CA LEU J 70 -127.94 58.48 -76.85
C LEU J 70 -128.95 59.57 -77.19
N HIS J 71 -129.70 60.05 -76.19
CA HIS J 71 -130.86 60.92 -76.43
C HIS J 71 -130.78 62.33 -75.82
N ARG J 72 -129.91 62.57 -74.84
CA ARG J 72 -129.74 63.89 -74.20
C ARG J 72 -128.28 64.14 -73.85
N ARG J 73 -127.76 65.34 -74.15
CA ARG J 73 -126.51 65.85 -73.57
C ARG J 73 -126.84 67.00 -72.59
N PRO J 74 -126.81 66.79 -71.27
CA PRO J 74 -127.08 67.86 -70.29
C PRO J 74 -126.13 69.06 -70.40
N ASP J 75 -124.90 68.81 -70.81
CA ASP J 75 -123.92 69.77 -71.30
C ASP J 75 -123.05 69.08 -72.38
N PRO J 76 -122.28 69.81 -73.19
CA PRO J 76 -121.46 69.24 -74.28
C PRO J 76 -120.48 68.10 -73.91
N ASN J 77 -120.26 67.83 -72.62
CA ASN J 77 -119.28 66.86 -72.11
C ASN J 77 -119.90 65.66 -71.38
N CYS J 78 -121.23 65.52 -71.35
CA CYS J 78 -121.90 64.37 -70.74
C CYS J 78 -123.03 63.83 -71.64
N GLY J 79 -123.13 62.52 -71.78
CA GLY J 79 -124.24 61.85 -72.48
C GLY J 79 -125.14 61.05 -71.55
N LEU J 80 -126.43 60.99 -71.86
CA LEU J 80 -127.39 60.09 -71.20
C LEU J 80 -127.89 58.99 -72.14
N LEU J 81 -127.99 57.76 -71.63
CA LEU J 81 -128.39 56.56 -72.38
C LEU J 81 -129.73 55.97 -71.92
N ARG J 82 -130.62 55.67 -72.86
CA ARG J 82 -131.89 54.97 -72.65
C ARG J 82 -131.85 53.61 -73.33
N ALA J 83 -132.10 52.52 -72.60
CA ALA J 83 -132.18 51.18 -73.16
C ALA J 83 -133.55 50.94 -73.82
N THR J 84 -133.59 50.57 -75.09
CA THR J 84 -134.83 50.37 -75.85
C THR J 84 -134.63 49.35 -76.96
N SER J 85 -135.67 48.58 -77.27
CA SER J 85 -135.78 47.85 -78.53
C SER J 85 -136.30 48.72 -79.68
N TYR J 86 -136.12 48.26 -80.91
CA TYR J 86 -136.71 48.85 -82.12
C TYR J 86 -138.23 48.70 -82.20
N HIS J 87 -138.89 49.61 -82.91
CA HIS J 87 -140.25 49.43 -83.37
C HIS J 87 -140.32 48.42 -84.51
N ARG J 88 -141.33 47.56 -84.48
CA ARG J 88 -141.55 46.43 -85.39
C ARG J 88 -141.78 46.80 -86.87
N ASP J 89 -142.42 47.93 -87.16
CA ASP J 89 -142.71 48.40 -88.53
C ASP J 89 -141.70 49.43 -89.04
N ILE J 90 -141.41 49.39 -90.33
CA ILE J 90 -140.65 50.39 -91.10
C ILE J 90 -141.60 51.22 -91.97
N TYR J 91 -141.42 52.53 -91.99
CA TYR J 91 -142.24 53.49 -92.74
C TYR J 91 -141.52 53.99 -94.00
N VAL J 92 -142.07 53.69 -95.17
CA VAL J 92 -141.51 53.99 -96.50
C VAL J 92 -142.11 55.30 -97.05
N PHE J 93 -141.32 56.39 -97.11
CA PHE J 93 -141.83 57.75 -97.27
C PHE J 93 -141.32 58.55 -98.49
N HIS J 94 -140.18 58.20 -99.08
CA HIS J 94 -139.57 58.88 -100.24
C HIS J 94 -139.56 57.96 -101.48
N ASN J 95 -140.10 58.42 -102.61
CA ASN J 95 -140.40 57.64 -103.83
C ASN J 95 -141.33 56.44 -103.62
N ALA J 96 -142.21 56.48 -102.62
CA ALA J 96 -143.12 55.39 -102.25
C ALA J 96 -144.06 54.91 -103.37
N HIS J 97 -144.36 55.75 -104.37
CA HIS J 97 -145.11 55.41 -105.59
C HIS J 97 -144.47 54.28 -106.41
N MET J 98 -143.16 54.02 -106.24
CA MET J 98 -142.45 52.91 -106.86
C MET J 98 -142.77 51.53 -106.28
N VAL J 99 -143.35 51.43 -105.08
CA VAL J 99 -143.77 50.14 -104.49
C VAL J 99 -145.22 49.84 -104.91
N PRO J 100 -145.52 48.72 -105.59
CA PRO J 100 -146.89 48.35 -105.95
C PRO J 100 -147.89 48.26 -104.77
N PRO J 101 -149.17 48.58 -104.96
CA PRO J 101 -150.20 48.38 -103.93
C PRO J 101 -150.49 46.88 -103.66
N ILE J 102 -150.95 46.56 -102.46
CA ILE J 102 -151.43 45.21 -102.09
C ILE J 102 -152.87 44.94 -102.57
N PHE J 103 -153.67 46.00 -102.79
CA PHE J 103 -155.07 45.96 -103.20
C PHE J 103 -155.37 46.99 -104.29
N GLU J 104 -156.08 46.61 -105.36
CA GLU J 104 -156.23 47.47 -106.56
C GLU J 104 -157.43 48.42 -106.51
N GLY J 105 -158.39 48.24 -105.59
CA GLY J 105 -159.61 49.04 -105.56
C GLY J 105 -159.35 50.53 -105.28
N PRO J 106 -159.93 51.46 -106.06
CA PRO J 106 -159.75 52.90 -105.92
C PRO J 106 -160.62 53.54 -104.80
N GLY J 107 -160.31 54.78 -104.43
CA GLY J 107 -161.16 55.65 -103.59
C GLY J 107 -161.09 55.48 -102.07
N LEU J 108 -160.09 54.77 -101.53
CA LEU J 108 -160.08 54.42 -100.10
C LEU J 108 -159.78 55.60 -99.18
N GLU J 109 -158.98 56.56 -99.62
CA GLU J 109 -158.54 57.69 -98.80
C GLU J 109 -159.70 58.63 -98.44
N ALA J 110 -160.59 58.94 -99.38
CA ALA J 110 -161.80 59.72 -99.18
C ALA J 110 -162.85 58.97 -98.33
N LEU J 111 -163.03 57.67 -98.56
CA LEU J 111 -163.92 56.81 -97.74
C LEU J 111 -163.50 56.80 -96.26
N CYS J 112 -162.20 56.65 -96.00
CA CYS J 112 -161.65 56.74 -94.65
C CYS J 112 -161.87 58.11 -94.02
N GLY J 113 -161.69 59.19 -94.78
CA GLY J 113 -161.86 60.57 -94.31
C GLY J 113 -163.29 60.91 -93.91
N GLU J 114 -164.25 60.51 -94.73
CA GLU J 114 -165.68 60.65 -94.48
C GLU J 114 -166.12 59.87 -93.24
N THR J 115 -165.68 58.61 -93.11
CA THR J 115 -166.10 57.72 -92.01
C THR J 115 -165.49 58.12 -90.67
N ARG J 116 -164.25 58.63 -90.65
CA ARG J 116 -163.59 59.17 -89.45
C ARG J 116 -164.38 60.33 -88.84
N GLU J 117 -164.98 61.18 -89.68
CA GLU J 117 -165.75 62.34 -89.24
C GLU J 117 -167.10 61.93 -88.60
N VAL J 118 -167.85 60.99 -89.18
CA VAL J 118 -169.15 60.56 -88.60
C VAL J 118 -169.00 59.84 -87.26
N PHE J 119 -167.89 59.13 -87.01
CA PHE J 119 -167.57 58.55 -85.70
C PHE J 119 -166.94 59.57 -84.72
N GLY J 120 -166.71 60.82 -85.14
CA GLY J 120 -166.17 61.89 -84.29
C GLY J 120 -164.67 61.79 -84.00
N TYR J 121 -163.89 61.08 -84.82
CA TYR J 121 -162.44 60.89 -84.62
C TYR J 121 -161.58 62.02 -85.20
N ASP J 122 -160.49 62.28 -84.50
CA ASP J 122 -159.46 63.28 -84.79
C ASP J 122 -158.58 62.93 -86.03
N ALA J 123 -158.58 63.76 -87.06
CA ALA J 123 -157.69 63.65 -88.23
C ALA J 123 -156.28 64.21 -87.96
N TYR J 124 -155.26 63.76 -88.71
CA TYR J 124 -153.91 64.32 -88.56
C TYR J 124 -153.86 65.81 -88.92
N SER J 125 -153.36 66.64 -88.02
CA SER J 125 -153.12 68.07 -88.29
C SER J 125 -151.63 68.33 -88.50
N ALA J 126 -151.28 68.80 -89.70
CA ALA J 126 -149.91 69.07 -90.09
C ALA J 126 -149.27 70.25 -89.34
N LEU J 127 -147.95 70.19 -89.11
CA LEU J 127 -147.17 71.33 -88.62
C LEU J 127 -147.22 72.50 -89.65
N PRO J 128 -146.99 73.75 -89.23
CA PRO J 128 -146.97 74.90 -90.14
C PRO J 128 -145.74 74.98 -91.06
N ARG J 129 -144.63 74.29 -90.76
CA ARG J 129 -143.48 74.14 -91.68
C ARG J 129 -143.77 73.25 -92.90
N GLU J 130 -142.98 73.37 -93.96
CA GLU J 130 -142.87 72.33 -94.99
C GLU J 130 -142.15 71.07 -94.50
N SER J 131 -142.39 69.94 -95.16
CA SER J 131 -141.53 68.74 -95.09
C SER J 131 -140.06 69.04 -95.44
N SER J 132 -139.12 68.35 -94.80
CA SER J 132 -137.69 68.40 -95.10
C SER J 132 -137.42 68.08 -96.57
N LYS J 133 -136.71 68.97 -97.27
CA LYS J 133 -136.25 68.77 -98.64
C LYS J 133 -135.19 67.67 -98.72
N PRO J 134 -135.12 66.86 -99.79
CA PRO J 134 -134.15 65.77 -99.93
C PRO J 134 -132.70 66.15 -99.59
N GLY J 135 -132.20 67.27 -100.11
CA GLY J 135 -130.84 67.77 -99.84
C GLY J 135 -130.49 68.01 -98.36
N ASP J 136 -131.49 68.10 -97.47
CA ASP J 136 -131.29 68.21 -96.03
C ASP J 136 -130.98 66.88 -95.34
N PHE J 137 -131.47 65.74 -95.84
CA PHE J 137 -131.33 64.43 -95.17
C PHE J 137 -130.61 63.36 -96.00
N PHE J 138 -130.49 63.51 -97.32
CA PHE J 138 -129.67 62.64 -98.17
C PHE J 138 -128.17 62.76 -97.88
N PRO J 139 -127.41 61.66 -97.91
CA PRO J 139 -125.94 61.68 -98.00
C PRO J 139 -125.42 62.54 -99.16
N GLU J 140 -124.16 62.96 -99.08
CA GLU J 140 -123.46 63.69 -100.15
C GLU J 140 -123.38 62.90 -101.48
N GLY J 141 -123.80 63.54 -102.57
CA GLY J 141 -123.63 63.04 -103.94
C GLY J 141 -124.68 62.05 -104.45
N LEU J 142 -125.43 61.36 -103.59
CA LEU J 142 -126.54 60.50 -104.04
C LEU J 142 -127.69 61.32 -104.66
N ASP J 143 -128.19 60.84 -105.80
CA ASP J 143 -129.33 61.41 -106.51
C ASP J 143 -130.68 61.02 -105.85
N PRO J 144 -131.49 61.97 -105.36
CA PRO J 144 -132.78 61.65 -104.75
C PRO J 144 -133.75 60.90 -105.67
N SER J 145 -133.66 61.04 -106.99
CA SER J 145 -134.52 60.33 -107.95
C SER J 145 -134.16 58.85 -108.12
N ALA J 146 -132.96 58.41 -107.71
CA ALA J 146 -132.45 57.05 -107.90
C ALA J 146 -132.72 56.08 -106.72
N TYR J 147 -133.24 56.58 -105.59
CA TYR J 147 -133.35 55.82 -104.35
C TYR J 147 -134.76 55.82 -103.74
N LEU J 148 -135.09 54.75 -103.01
CA LEU J 148 -136.28 54.61 -102.16
C LEU J 148 -135.89 54.92 -100.70
N GLY J 149 -136.64 55.76 -99.99
CA GLY J 149 -136.31 56.17 -98.61
C GLY J 149 -137.31 55.71 -97.54
N ALA J 150 -136.81 55.15 -96.43
CA ALA J 150 -137.62 54.61 -95.33
C ALA J 150 -136.97 54.79 -93.95
N VAL J 151 -137.77 54.90 -92.88
CA VAL J 151 -137.31 55.08 -91.49
C VAL J 151 -137.48 53.81 -90.67
N ALA J 152 -136.44 53.41 -89.94
CA ALA J 152 -136.46 52.47 -88.83
C ALA J 152 -136.29 53.25 -87.51
N ILE J 153 -137.12 53.01 -86.50
CA ILE J 153 -137.23 53.87 -85.32
C ILE J 153 -137.27 53.06 -84.02
N THR J 154 -136.66 53.56 -82.95
CA THR J 154 -136.74 52.92 -81.65
C THR J 154 -138.07 53.17 -80.96
N GLU J 155 -138.54 52.19 -80.19
CA GLU J 155 -139.88 52.19 -79.60
C GLU J 155 -140.11 53.35 -78.61
N ALA J 156 -139.05 53.82 -77.92
CA ALA J 156 -139.07 54.93 -76.98
C ALA J 156 -139.10 56.34 -77.61
N PHE J 157 -138.67 56.51 -78.86
CA PHE J 157 -138.54 57.81 -79.54
C PHE J 157 -139.42 57.96 -80.81
N LYS J 158 -140.37 57.05 -81.06
CA LYS J 158 -141.30 57.13 -82.21
C LYS J 158 -142.30 58.29 -82.13
N GLU J 159 -142.70 58.78 -80.95
CA GLU J 159 -143.51 60.01 -80.89
C GLU J 159 -142.67 61.25 -81.26
N ARG J 160 -141.37 61.27 -80.95
CA ARG J 160 -140.44 62.32 -81.40
C ARG J 160 -140.28 62.35 -82.92
N LEU J 161 -140.29 61.19 -83.58
CA LEU J 161 -140.35 61.09 -85.05
C LEU J 161 -141.63 61.73 -85.60
N TYR J 162 -142.78 61.36 -85.05
CA TYR J 162 -144.09 61.91 -85.40
C TYR J 162 -144.12 63.44 -85.24
N SER J 163 -143.59 63.98 -84.14
CA SER J 163 -143.66 65.41 -83.78
C SER J 163 -142.57 66.28 -84.42
N GLY J 164 -141.65 65.73 -85.22
CA GLY J 164 -140.63 66.50 -85.94
C GLY J 164 -139.44 66.95 -85.07
N ASN J 165 -139.14 66.23 -83.99
CA ASN J 165 -138.13 66.55 -83.00
C ASN J 165 -136.81 65.75 -83.11
N LEU J 166 -136.64 64.90 -84.13
CA LEU J 166 -135.36 64.25 -84.43
C LEU J 166 -134.50 65.08 -85.41
N VAL J 167 -133.20 64.87 -85.39
CA VAL J 167 -132.19 65.46 -86.28
C VAL J 167 -131.51 64.34 -87.07
N ALA J 168 -131.42 64.45 -88.39
CA ALA J 168 -130.61 63.57 -89.24
C ALA J 168 -129.20 64.15 -89.45
N ILE J 169 -128.17 63.31 -89.45
CA ILE J 169 -126.76 63.72 -89.60
C ILE J 169 -126.10 63.04 -90.81
N PRO J 170 -126.34 63.52 -92.05
CA PRO J 170 -125.82 62.92 -93.28
C PRO J 170 -124.31 62.62 -93.34
N SER J 171 -123.46 63.38 -92.64
CA SER J 171 -122.01 63.14 -92.65
C SER J 171 -121.62 61.81 -92.00
N LEU J 172 -122.45 61.29 -91.08
CA LEU J 172 -122.27 60.01 -90.41
C LEU J 172 -122.83 58.81 -91.20
N LYS J 173 -123.00 58.92 -92.52
CA LYS J 173 -123.47 57.81 -93.38
C LYS J 173 -122.67 56.52 -93.19
N GLN J 174 -123.33 55.39 -93.36
CA GLN J 174 -122.71 54.06 -93.40
C GLN J 174 -123.25 53.28 -94.60
N GLU J 175 -122.38 52.57 -95.30
CA GLU J 175 -122.75 51.76 -96.47
C GLU J 175 -122.98 50.30 -96.05
N VAL J 176 -124.13 49.74 -96.42
CA VAL J 176 -124.64 48.45 -95.94
C VAL J 176 -125.25 47.63 -97.07
N ALA J 177 -125.07 46.32 -97.05
CA ALA J 177 -125.67 45.41 -98.02
C ALA J 177 -127.03 44.91 -97.52
N VAL J 178 -128.10 45.14 -98.29
CA VAL J 178 -129.47 44.67 -97.94
C VAL J 178 -129.92 43.67 -99.00
N GLY J 179 -129.75 42.38 -98.70
CA GLY J 179 -129.82 41.32 -99.71
C GLY J 179 -128.72 41.51 -100.76
N GLN J 180 -129.08 41.61 -102.04
CA GLN J 180 -128.13 41.96 -103.10
C GLN J 180 -127.78 43.45 -103.18
N SER J 181 -128.68 44.33 -102.71
CA SER J 181 -128.61 45.76 -103.04
C SER J 181 -127.63 46.55 -102.17
N ALA J 182 -126.74 47.30 -102.81
CA ALA J 182 -125.82 48.24 -102.15
C ALA J 182 -126.59 49.45 -101.62
N SER J 183 -126.88 49.48 -100.33
CA SER J 183 -127.73 50.49 -99.68
C SER J 183 -126.91 51.44 -98.79
N VAL J 184 -127.52 52.52 -98.30
CA VAL J 184 -126.88 53.47 -97.38
C VAL J 184 -127.81 53.75 -96.20
N ARG J 185 -127.27 53.98 -95.00
CA ARG J 185 -128.07 54.50 -93.87
C ARG J 185 -127.47 55.76 -93.24
N VAL J 186 -128.33 56.64 -92.75
CA VAL J 186 -128.00 57.88 -92.00
C VAL J 186 -128.62 57.80 -90.61
N PRO J 187 -127.91 58.15 -89.53
CA PRO J 187 -128.48 58.08 -88.18
C PRO J 187 -129.44 59.24 -87.85
N LEU J 188 -130.37 59.01 -86.92
CA LEU J 188 -131.27 60.00 -86.31
C LEU J 188 -130.98 60.18 -84.81
N TYR J 189 -130.89 61.43 -84.33
CA TYR J 189 -130.69 61.76 -82.92
C TYR J 189 -131.79 62.74 -82.41
N ASP J 190 -132.26 62.59 -81.17
CA ASP J 190 -133.19 63.57 -80.58
C ASP J 190 -132.55 64.96 -80.45
N LYS J 191 -133.26 66.04 -80.77
CA LYS J 191 -132.73 67.42 -80.69
C LYS J 191 -132.15 67.79 -79.31
N GLU J 192 -132.51 67.08 -78.25
CA GLU J 192 -131.91 67.20 -76.92
C GLU J 192 -130.43 66.76 -76.80
N VAL J 193 -129.82 66.17 -77.83
CA VAL J 193 -128.35 66.02 -77.89
C VAL J 193 -127.61 67.30 -78.30
N PHE J 194 -128.31 68.39 -78.63
CA PHE J 194 -127.72 69.69 -78.95
C PHE J 194 -128.17 70.76 -77.93
N PRO J 195 -127.54 70.83 -76.74
CA PRO J 195 -127.94 71.79 -75.70
C PRO J 195 -127.87 73.27 -76.13
N GLU J 196 -126.98 73.64 -77.06
CA GLU J 196 -126.94 75.02 -77.59
C GLU J 196 -128.03 75.32 -78.64
N GLY J 197 -128.81 74.31 -79.03
CA GLY J 197 -129.87 74.35 -80.03
C GLY J 197 -129.40 74.14 -81.47
N VAL J 198 -130.31 73.64 -82.29
CA VAL J 198 -130.23 73.61 -83.77
C VAL J 198 -131.44 74.37 -84.35
N PRO J 199 -131.34 75.04 -85.51
CA PRO J 199 -132.47 75.78 -86.10
C PRO J 199 -133.70 74.89 -86.34
N GLN J 200 -134.92 75.41 -86.19
CA GLN J 200 -136.14 74.61 -86.31
C GLN J 200 -136.28 73.88 -87.66
N LEU J 201 -135.82 74.46 -88.77
CA LEU J 201 -135.80 73.79 -90.08
C LEU J 201 -134.66 72.76 -90.28
N ARG J 202 -133.67 72.70 -89.38
CA ARG J 202 -132.60 71.67 -89.40
C ARG J 202 -133.07 70.32 -88.83
N GLN J 203 -134.16 70.28 -88.09
CA GLN J 203 -134.85 69.07 -87.63
C GLN J 203 -135.55 68.34 -88.79
N PHE J 204 -135.68 67.02 -88.70
CA PHE J 204 -136.30 66.17 -89.73
C PHE J 204 -137.82 66.10 -89.57
N TYR J 205 -138.55 66.43 -90.62
CA TYR J 205 -140.02 66.31 -90.66
C TYR J 205 -140.52 65.82 -92.01
N ASN J 206 -141.45 64.86 -92.02
CA ASN J 206 -142.20 64.51 -93.22
C ASN J 206 -143.70 64.35 -92.90
N SER J 207 -144.53 65.17 -93.53
CA SER J 207 -145.96 65.20 -93.24
C SER J 207 -146.69 63.91 -93.67
N ASP J 208 -146.29 63.27 -94.77
CA ASP J 208 -146.89 62.01 -95.18
C ASP J 208 -146.56 60.86 -94.22
N LEU J 209 -145.32 60.80 -93.71
CA LEU J 209 -144.92 59.86 -92.67
C LEU J 209 -145.72 60.06 -91.37
N SER J 210 -145.81 61.29 -90.86
CA SER J 210 -146.57 61.57 -89.64
C SER J 210 -148.07 61.23 -89.77
N ARG J 211 -148.70 61.60 -90.90
CA ARG J 211 -150.08 61.20 -91.22
C ARG J 211 -150.27 59.68 -91.28
N CYS J 212 -149.35 58.93 -91.90
CA CYS J 212 -149.39 57.47 -91.92
C CYS J 212 -149.35 56.86 -90.50
N MET J 213 -148.42 57.28 -89.64
CA MET J 213 -148.40 56.88 -88.22
C MET J 213 -149.68 57.22 -87.45
N HIS J 214 -150.27 58.40 -87.68
CA HIS J 214 -151.52 58.82 -87.05
C HIS J 214 -152.64 57.80 -87.29
N GLU J 215 -152.80 57.39 -88.55
CA GLU J 215 -153.84 56.49 -89.01
C GLU J 215 -153.52 55.02 -88.71
N ALA J 216 -152.35 54.52 -89.14
CA ALA J 216 -151.99 53.11 -89.07
C ALA J 216 -151.49 52.64 -87.69
N LEU J 217 -150.97 53.53 -86.84
CA LEU J 217 -150.49 53.17 -85.50
C LEU J 217 -151.39 53.70 -84.38
N TYR J 218 -151.48 55.02 -84.20
CA TYR J 218 -152.04 55.63 -82.99
C TYR J 218 -153.57 55.55 -82.90
N THR J 219 -154.30 55.62 -84.02
CA THR J 219 -155.77 55.56 -84.00
C THR J 219 -156.30 54.24 -83.43
N GLY J 220 -155.67 53.11 -83.71
CA GLY J 220 -156.06 51.81 -83.16
C GLY J 220 -155.80 51.69 -81.66
N LEU J 221 -154.74 52.31 -81.14
CA LEU J 221 -154.45 52.39 -79.70
C LEU J 221 -155.50 53.25 -78.97
N ALA J 222 -155.91 54.37 -79.58
CA ALA J 222 -157.03 55.18 -79.09
C ALA J 222 -158.35 54.41 -79.07
N GLN J 223 -158.68 53.66 -80.13
CA GLN J 223 -159.86 52.77 -80.15
C GLN J 223 -159.82 51.71 -79.03
N ALA J 224 -158.66 51.11 -78.73
CA ALA J 224 -158.51 50.17 -77.63
C ALA J 224 -158.74 50.76 -76.21
N LEU J 225 -158.61 52.07 -76.03
CA LEU J 225 -158.89 52.80 -74.78
C LEU J 225 -160.28 53.49 -74.76
N ARG J 226 -161.02 53.48 -75.87
CA ARG J 226 -162.24 54.28 -76.14
C ARG J 226 -162.01 55.80 -75.96
N VAL J 227 -160.96 56.30 -76.60
CA VAL J 227 -160.58 57.72 -76.73
C VAL J 227 -160.73 58.17 -78.19
N ARG J 228 -161.27 59.37 -78.46
CA ARG J 228 -161.43 59.96 -79.81
C ARG J 228 -160.32 60.94 -80.21
N ARG J 229 -159.71 61.60 -79.24
CA ARG J 229 -158.69 62.66 -79.38
C ARG J 229 -157.28 62.05 -79.57
N VAL J 230 -157.00 61.57 -80.78
CA VAL J 230 -155.77 60.84 -81.12
C VAL J 230 -154.52 61.70 -80.93
N GLY J 231 -154.51 62.96 -81.38
CA GLY J 231 -153.39 63.87 -81.26
C GLY J 231 -152.97 64.16 -79.81
N LYS J 232 -153.95 64.30 -78.90
CA LYS J 232 -153.72 64.39 -77.45
C LYS J 232 -153.21 63.09 -76.83
N LEU J 233 -153.63 61.91 -77.31
CA LEU J 233 -153.01 60.64 -76.90
C LEU J 233 -151.53 60.57 -77.33
N VAL J 234 -151.16 61.02 -78.53
CA VAL J 234 -149.75 61.04 -78.94
C VAL J 234 -148.91 61.98 -78.07
N GLU J 235 -149.40 63.17 -77.74
CA GLU J 235 -148.71 64.10 -76.85
C GLU J 235 -148.46 63.55 -75.45
N LEU J 236 -149.43 62.87 -74.83
CA LEU J 236 -149.23 62.29 -73.49
C LEU J 236 -148.32 61.06 -73.48
N LEU J 237 -148.26 60.26 -74.56
CA LEU J 237 -147.29 59.17 -74.69
C LEU J 237 -145.85 59.70 -74.84
N GLU J 238 -145.62 60.80 -75.56
CA GLU J 238 -144.30 61.42 -75.70
C GLU J 238 -143.75 61.91 -74.35
N LYS J 239 -144.54 62.69 -73.60
CA LYS J 239 -144.16 63.19 -72.27
C LYS J 239 -143.96 62.06 -71.26
N GLN J 240 -144.72 60.97 -71.33
CA GLN J 240 -144.49 59.78 -70.52
C GLN J 240 -143.13 59.14 -70.80
N SER J 241 -142.67 59.11 -72.05
CA SER J 241 -141.36 58.57 -72.41
C SER J 241 -140.21 59.49 -71.98
N LEU J 242 -140.32 60.81 -72.19
CA LEU J 242 -139.20 61.74 -71.98
C LEU J 242 -139.08 62.32 -70.56
N GLN J 243 -140.14 62.31 -69.77
CA GLN J 243 -140.21 62.97 -68.46
C GLN J 243 -140.66 62.02 -67.34
N ASP J 244 -140.54 60.71 -67.55
CA ASP J 244 -140.72 59.64 -66.54
C ASP J 244 -142.10 59.61 -65.83
N GLN J 245 -143.18 60.04 -66.49
CA GLN J 245 -144.50 60.26 -65.90
C GLN J 245 -145.35 58.98 -65.67
N ALA J 246 -144.76 57.78 -65.64
CA ALA J 246 -145.51 56.52 -65.55
C ALA J 246 -146.45 56.40 -64.33
N LYS J 247 -146.07 56.92 -63.17
CA LYS J 247 -146.89 56.93 -61.94
C LYS J 247 -147.85 58.12 -61.80
N VAL J 248 -147.95 59.00 -62.81
CA VAL J 248 -148.89 60.14 -62.84
C VAL J 248 -150.10 59.82 -63.70
N ALA J 249 -151.32 60.07 -63.22
CA ALA J 249 -152.54 59.89 -64.00
C ALA J 249 -152.63 60.91 -65.15
N LYS J 250 -153.07 60.50 -66.34
CA LYS J 250 -152.99 61.30 -67.57
C LYS J 250 -154.09 61.08 -68.61
N VAL J 251 -154.65 59.89 -68.77
CA VAL J 251 -155.72 59.65 -69.77
C VAL J 251 -157.12 60.00 -69.29
N ALA J 252 -157.40 60.03 -67.98
CA ALA J 252 -158.75 60.22 -67.46
C ALA J 252 -159.54 61.41 -68.05
N PRO J 253 -158.95 62.61 -68.29
CA PRO J 253 -159.66 63.72 -68.95
C PRO J 253 -160.19 63.43 -70.37
N LEU J 254 -159.52 62.55 -71.12
CA LEU J 254 -159.90 62.18 -72.50
C LEU J 254 -161.04 61.15 -72.58
N LYS J 255 -161.40 60.51 -71.46
CA LYS J 255 -162.43 59.45 -71.40
C LYS J 255 -163.85 59.95 -71.72
N GLU J 256 -164.69 59.05 -72.20
CA GLU J 256 -166.08 59.27 -72.57
C GLU J 256 -166.93 58.03 -72.25
N PHE J 257 -168.20 58.22 -71.88
CA PHE J 257 -169.05 57.16 -71.35
C PHE J 257 -170.42 57.08 -72.05
N PRO J 258 -170.98 55.88 -72.29
CA PRO J 258 -172.31 55.70 -72.88
C PRO J 258 -173.44 55.80 -71.84
N ALA J 259 -174.68 55.93 -72.31
CA ALA J 259 -175.88 56.06 -71.47
C ALA J 259 -176.13 54.88 -70.53
N SER J 260 -175.73 53.66 -70.88
CA SER J 260 -175.78 52.48 -70.01
C SER J 260 -174.88 52.59 -68.78
N THR J 261 -173.75 53.31 -68.89
CA THR J 261 -172.86 53.62 -67.76
C THR J 261 -173.35 54.83 -66.96
N ILE J 262 -173.84 55.88 -67.61
CA ILE J 262 -174.34 57.10 -66.94
C ILE J 262 -175.64 56.85 -66.14
N SER J 263 -176.54 55.99 -66.65
CA SER J 263 -177.82 55.63 -66.00
C SER J 263 -177.68 54.54 -64.92
N HIS J 264 -176.48 53.99 -64.72
CA HIS J 264 -176.25 52.84 -63.85
C HIS J 264 -176.36 53.18 -62.36
N PRO J 265 -176.93 52.31 -61.49
CA PRO J 265 -177.02 52.57 -60.06
C PRO J 265 -175.65 52.73 -59.37
N ASP J 266 -174.62 52.03 -59.87
CA ASP J 266 -173.22 52.17 -59.44
C ASP J 266 -172.35 53.04 -60.37
N SER J 267 -172.95 53.94 -61.16
CA SER J 267 -172.25 54.71 -62.20
C SER J 267 -170.99 55.43 -61.72
N GLY J 268 -170.98 56.00 -60.51
CA GLY J 268 -169.81 56.70 -59.97
C GLY J 268 -168.59 55.79 -59.76
N ALA J 269 -168.81 54.58 -59.23
CA ALA J 269 -167.76 53.56 -59.09
C ALA J 269 -167.35 52.96 -60.45
N LEU J 270 -168.29 52.76 -61.36
CA LEU J 270 -168.01 52.28 -62.72
C LEU J 270 -167.13 53.26 -63.51
N MET J 271 -167.40 54.56 -63.45
CA MET J 271 -166.56 55.56 -64.12
C MET J 271 -165.13 55.60 -63.57
N ILE J 272 -164.93 55.40 -62.26
CA ILE J 272 -163.61 55.30 -61.64
C ILE J 272 -162.90 54.00 -62.06
N VAL J 273 -163.55 52.84 -62.04
CA VAL J 273 -162.90 51.56 -62.44
C VAL J 273 -162.52 51.53 -63.92
N ASP J 274 -163.40 51.96 -64.82
CA ASP J 274 -163.13 52.07 -66.26
C ASP J 274 -161.96 53.02 -66.58
N SER J 275 -161.91 54.17 -65.90
CA SER J 275 -160.80 55.12 -66.03
C SER J 275 -159.47 54.58 -65.49
N ALA J 276 -159.46 53.97 -64.31
CA ALA J 276 -158.24 53.44 -63.71
C ALA J 276 -157.64 52.27 -64.50
N ALA J 277 -158.48 51.38 -65.06
CA ALA J 277 -158.03 50.32 -65.96
C ALA J 277 -157.29 50.86 -67.20
N CYS J 278 -157.82 51.92 -67.83
CA CYS J 278 -157.16 52.56 -68.97
C CYS J 278 -155.85 53.24 -68.59
N GLU J 279 -155.81 53.97 -67.46
CA GLU J 279 -154.57 54.58 -66.94
C GLU J 279 -153.47 53.54 -66.76
N LEU J 280 -153.78 52.39 -66.14
CA LEU J 280 -152.82 51.31 -65.92
C LEU J 280 -152.33 50.68 -67.23
N ALA J 281 -153.19 50.46 -68.22
CA ALA J 281 -152.78 49.96 -69.53
C ALA J 281 -151.81 50.93 -70.22
N VAL J 282 -152.06 52.25 -70.17
CA VAL J 282 -151.13 53.27 -70.69
C VAL J 282 -149.83 53.39 -69.88
N SER J 283 -149.82 53.14 -68.57
CA SER J 283 -148.58 53.09 -67.80
C SER J 283 -147.71 51.88 -68.18
N TYR J 284 -148.28 50.67 -68.28
CA TYR J 284 -147.50 49.43 -68.37
C TYR J 284 -147.26 48.89 -69.80
N ALA J 285 -148.18 49.05 -70.76
CA ALA J 285 -147.97 48.50 -72.10
C ALA J 285 -146.76 49.09 -72.84
N PRO J 286 -146.55 50.41 -72.91
CA PRO J 286 -145.33 50.98 -73.51
C PRO J 286 -144.03 50.50 -72.86
N ALA J 287 -143.98 50.37 -71.52
CA ALA J 287 -142.79 49.86 -70.81
C ALA J 287 -142.42 48.44 -71.25
N MET J 288 -143.39 47.53 -71.32
CA MET J 288 -143.17 46.16 -71.80
C MET J 288 -142.80 46.09 -73.29
N LEU J 289 -143.38 46.95 -74.14
CA LEU J 289 -143.02 47.01 -75.55
C LEU J 289 -141.61 47.57 -75.81
N GLU J 290 -141.16 48.55 -75.04
CA GLU J 290 -139.81 49.15 -75.12
C GLU J 290 -138.69 48.23 -74.60
N ALA J 291 -139.00 47.24 -73.75
CA ALA J 291 -138.02 46.34 -73.14
C ALA J 291 -137.13 45.60 -74.15
N SER J 292 -135.99 45.06 -73.70
CA SER J 292 -135.08 44.30 -74.57
C SER J 292 -135.65 42.91 -74.87
N HIS J 293 -135.71 42.50 -76.14
CA HIS J 293 -136.35 41.26 -76.58
C HIS J 293 -135.34 40.29 -77.20
N GLU J 294 -135.56 38.99 -77.09
CA GLU J 294 -134.82 37.97 -77.84
C GLU J 294 -135.01 38.13 -79.36
N THR J 295 -133.99 37.81 -80.16
CA THR J 295 -134.04 37.86 -81.64
C THR J 295 -134.46 36.50 -82.21
N PRO J 296 -135.68 36.33 -82.75
CA PRO J 296 -136.12 35.05 -83.32
C PRO J 296 -135.39 34.68 -84.61
N ALA J 297 -135.26 33.39 -84.92
CA ALA J 297 -134.70 32.93 -86.19
C ALA J 297 -135.57 33.28 -87.42
N SER J 298 -136.86 33.54 -87.21
CA SER J 298 -137.81 33.95 -88.25
C SER J 298 -137.57 35.37 -88.77
N LEU J 299 -136.76 36.19 -88.09
CA LEU J 299 -136.43 37.55 -88.50
C LEU J 299 -135.41 37.61 -89.67
N ASN J 300 -134.81 36.47 -90.04
CA ASN J 300 -133.80 36.36 -91.09
C ASN J 300 -134.41 35.88 -92.43
N TYR J 301 -134.73 36.78 -93.33
CA TYR J 301 -135.52 36.52 -94.55
C TYR J 301 -134.81 35.59 -95.56
N ASP J 302 -133.48 35.60 -95.61
CA ASP J 302 -132.71 34.78 -96.54
C ASP J 302 -132.57 33.30 -96.08
N SER J 303 -132.78 32.99 -94.81
CA SER J 303 -132.91 31.60 -94.32
C SER J 303 -134.34 31.06 -94.27
N TRP J 304 -135.36 31.80 -94.71
CA TRP J 304 -136.74 31.27 -94.75
C TRP J 304 -136.84 30.02 -95.64
N PRO J 305 -137.26 28.85 -95.12
CA PRO J 305 -137.41 27.64 -95.93
C PRO J 305 -138.39 27.74 -97.11
N LEU J 306 -139.42 28.60 -97.04
CA LEU J 306 -140.45 28.64 -98.09
C LEU J 306 -139.93 28.96 -99.50
N PHE J 307 -138.77 29.62 -99.63
CA PHE J 307 -138.11 29.93 -100.91
C PHE J 307 -137.25 28.78 -101.48
N ALA J 308 -137.02 27.68 -100.76
CA ALA J 308 -135.96 26.72 -101.06
C ALA J 308 -136.03 26.05 -102.45
N ASP J 309 -137.22 25.85 -103.01
CA ASP J 309 -137.41 25.29 -104.37
C ASP J 309 -137.61 26.36 -105.47
N CYS J 310 -137.56 27.66 -105.16
CA CYS J 310 -137.82 28.75 -106.12
C CYS J 310 -136.66 29.00 -107.09
N GLU J 311 -136.96 29.19 -108.38
CA GLU J 311 -136.03 29.71 -109.38
C GLU J 311 -136.56 31.00 -110.00
N GLY J 312 -135.87 32.11 -109.76
CA GLY J 312 -136.18 33.43 -110.31
C GLY J 312 -137.29 34.22 -109.59
N PRO J 313 -137.49 35.51 -109.95
CA PRO J 313 -138.39 36.42 -109.22
C PRO J 313 -139.87 36.02 -109.23
N GLU J 314 -140.40 35.46 -110.31
CA GLU J 314 -141.81 35.07 -110.38
C GLU J 314 -142.17 33.96 -109.39
N ALA J 315 -141.30 32.96 -109.27
CA ALA J 315 -141.46 31.88 -108.30
C ALA J 315 -141.41 32.39 -106.86
N ARG J 316 -140.55 33.37 -106.55
CA ARG J 316 -140.46 33.98 -105.22
C ARG J 316 -141.72 34.78 -104.85
N VAL J 317 -142.27 35.57 -105.77
CA VAL J 317 -143.53 36.30 -105.55
C VAL J 317 -144.72 35.34 -105.37
N ALA J 318 -144.83 34.29 -106.19
CA ALA J 318 -145.88 33.28 -106.04
C ALA J 318 -145.79 32.49 -104.73
N ALA J 319 -144.59 32.24 -104.21
CA ALA J 319 -144.37 31.62 -102.90
C ALA J 319 -144.82 32.53 -101.74
N LEU J 320 -144.62 33.84 -101.83
CA LEU J 320 -145.12 34.81 -100.84
C LEU J 320 -146.65 34.87 -100.85
N HIS J 321 -147.31 34.83 -102.01
CA HIS J 321 -148.77 34.77 -102.05
C HIS J 321 -149.35 33.50 -101.39
N ARG J 322 -148.75 32.32 -101.58
CA ARG J 322 -149.15 31.10 -100.83
C ARG J 322 -148.93 31.25 -99.32
N TYR J 323 -147.81 31.83 -98.91
CA TYR J 323 -147.56 32.17 -97.51
C TYR J 323 -148.66 33.07 -96.92
N ASN J 324 -149.06 34.14 -97.61
CA ASN J 324 -150.13 35.03 -97.14
C ASN J 324 -151.48 34.34 -97.03
N ALA J 325 -151.86 33.46 -97.97
CA ALA J 325 -153.09 32.70 -97.88
C ALA J 325 -153.16 31.82 -96.61
N SER J 326 -152.05 31.23 -96.17
CA SER J 326 -151.98 30.45 -94.92
C SER J 326 -152.22 31.29 -93.63
N LEU J 327 -152.04 32.61 -93.66
CA LEU J 327 -152.35 33.52 -92.55
C LEU J 327 -153.77 34.11 -92.60
N ALA J 328 -154.43 34.14 -93.76
CA ALA J 328 -155.72 34.80 -93.93
C ALA J 328 -156.82 34.42 -92.91
N PRO J 329 -157.01 33.14 -92.50
CA PRO J 329 -158.06 32.79 -91.54
C PRO J 329 -157.93 33.48 -90.18
N HIS J 330 -156.71 33.79 -89.72
CA HIS J 330 -156.48 34.61 -88.52
C HIS J 330 -157.04 36.02 -88.70
N VAL J 331 -156.77 36.66 -89.83
CA VAL J 331 -157.22 38.02 -90.14
C VAL J 331 -158.73 38.07 -90.37
N SER J 332 -159.30 37.17 -91.17
CA SER J 332 -160.75 37.17 -91.41
C SER J 332 -161.57 36.80 -90.19
N THR J 333 -161.05 35.99 -89.26
CA THR J 333 -161.71 35.72 -87.97
C THR J 333 -161.86 36.98 -87.14
N GLN J 334 -160.83 37.83 -87.07
CA GLN J 334 -160.93 39.13 -86.38
C GLN J 334 -161.88 40.13 -87.06
N ILE J 335 -162.29 39.92 -88.30
CA ILE J 335 -163.36 40.71 -88.96
C ILE J 335 -164.74 40.07 -88.74
N PHE J 336 -164.89 38.76 -88.95
CA PHE J 336 -166.18 38.07 -88.94
C PHE J 336 -166.73 37.77 -87.54
N ALA J 337 -165.90 37.64 -86.51
CA ALA J 337 -166.35 37.26 -85.16
C ALA J 337 -167.01 38.43 -84.40
N THR J 338 -168.22 38.24 -83.88
CA THR J 338 -168.94 39.26 -83.09
C THR J 338 -168.15 39.69 -81.85
N ASN J 339 -167.36 38.79 -81.26
CA ASN J 339 -166.52 39.01 -80.09
C ASN J 339 -165.02 39.21 -80.41
N SER J 340 -164.70 39.73 -81.59
CA SER J 340 -163.36 40.20 -81.97
C SER J 340 -162.84 41.32 -81.06
N VAL J 341 -161.54 41.35 -80.79
CA VAL J 341 -160.86 42.44 -80.05
C VAL J 341 -161.07 43.82 -80.70
N LEU J 342 -161.30 43.88 -82.01
CA LEU J 342 -161.60 45.10 -82.75
C LEU J 342 -162.97 45.73 -82.42
N TYR J 343 -163.88 45.00 -81.77
CA TYR J 343 -165.25 45.44 -81.43
C TYR J 343 -165.50 45.61 -79.92
N VAL J 344 -164.46 45.61 -79.09
CA VAL J 344 -164.57 45.89 -77.64
C VAL J 344 -165.13 47.29 -77.41
N SER J 345 -166.20 47.38 -76.62
CA SER J 345 -167.03 48.58 -76.44
C SER J 345 -166.84 49.30 -75.09
N GLY J 346 -166.19 48.69 -74.10
CA GLY J 346 -165.99 49.28 -72.77
C GLY J 346 -166.10 48.31 -71.60
N VAL J 347 -166.35 48.84 -70.41
CA VAL J 347 -166.48 48.10 -69.14
C VAL J 347 -167.90 48.23 -68.61
N SER J 348 -168.47 47.16 -68.06
CA SER J 348 -169.79 47.17 -67.42
C SER J 348 -169.82 46.34 -66.13
N LYS J 349 -170.88 46.48 -65.33
CA LYS J 349 -171.04 45.80 -64.04
C LYS J 349 -172.33 44.97 -64.00
N SER J 350 -172.22 43.78 -63.41
CA SER J 350 -173.28 42.78 -63.27
C SER J 350 -174.60 43.32 -62.70
N GLU J 356 -172.77 37.15 -61.72
CA GLU J 356 -171.32 37.11 -61.53
C GLU J 356 -170.93 37.15 -60.05
N SER J 357 -169.88 36.41 -59.68
CA SER J 357 -169.22 36.50 -58.36
C SER J 357 -168.50 37.85 -58.17
N LEU J 358 -168.13 38.18 -56.94
CA LEU J 358 -167.60 39.50 -56.57
C LEU J 358 -166.44 39.98 -57.47
N PHE J 359 -165.40 39.17 -57.64
CA PHE J 359 -164.23 39.56 -58.43
C PHE J 359 -164.49 39.55 -59.95
N ASN J 360 -165.49 38.82 -60.43
CA ASN J 360 -165.94 38.84 -61.82
C ASN J 360 -166.99 39.92 -62.12
N SER J 361 -167.48 40.67 -61.13
CA SER J 361 -168.64 41.57 -61.25
C SER J 361 -168.44 42.74 -62.23
N PHE J 362 -167.22 43.27 -62.39
CA PHE J 362 -166.86 44.18 -63.47
C PHE J 362 -166.22 43.38 -64.63
N TYR J 363 -166.59 43.66 -65.87
CA TYR J 363 -166.12 42.92 -67.05
C TYR J 363 -166.09 43.73 -68.35
N MET J 364 -165.32 43.28 -69.34
CA MET J 364 -165.24 43.87 -70.68
C MET J 364 -166.47 43.53 -71.55
N THR J 365 -166.99 44.49 -72.29
CA THR J 365 -168.15 44.36 -73.21
C THR J 365 -167.76 44.54 -74.68
N HIS J 366 -168.56 44.04 -75.61
CA HIS J 366 -168.42 44.23 -77.06
C HIS J 366 -169.73 44.68 -77.72
N GLY J 367 -169.64 45.39 -78.83
CA GLY J 367 -170.79 45.71 -79.67
C GLY J 367 -170.63 46.95 -80.53
N LEU J 368 -170.80 46.81 -81.84
CA LEU J 368 -170.76 47.93 -82.80
C LEU J 368 -171.92 48.92 -82.63
N GLY J 369 -173.09 48.47 -82.19
CA GLY J 369 -174.22 49.36 -81.87
C GLY J 369 -173.87 50.32 -80.74
N THR J 370 -173.22 49.84 -79.68
CA THR J 370 -172.71 50.69 -78.60
C THR J 370 -171.69 51.71 -79.09
N LEU J 371 -170.79 51.30 -79.98
CA LEU J 371 -169.76 52.19 -80.55
C LEU J 371 -170.34 53.30 -81.45
N GLN J 372 -171.55 53.18 -81.98
CA GLN J 372 -172.22 54.26 -82.73
C GLN J 372 -172.90 55.32 -81.84
N GLU J 373 -173.20 55.05 -80.57
CA GLU J 373 -174.00 55.93 -79.71
C GLU J 373 -173.29 57.24 -79.30
N GLY J 374 -174.07 58.26 -78.92
CA GLY J 374 -173.55 59.44 -78.22
C GLY J 374 -173.01 59.13 -76.82
N THR J 375 -172.20 60.04 -76.29
CA THR J 375 -171.43 59.88 -75.05
C THR J 375 -171.48 61.12 -74.16
N TRP J 376 -171.02 60.97 -72.92
CA TRP J 376 -170.86 62.01 -71.90
C TRP J 376 -169.43 62.02 -71.34
N ASP J 377 -168.94 63.19 -70.93
CA ASP J 377 -167.59 63.39 -70.39
C ASP J 377 -167.46 62.98 -68.89
N PRO J 378 -166.27 63.00 -68.29
CA PRO J 378 -166.06 62.67 -66.88
C PRO J 378 -166.83 63.54 -65.86
N CYS J 379 -167.36 64.70 -66.27
CA CYS J 379 -168.21 65.59 -65.46
C CYS J 379 -169.70 65.49 -65.83
N ARG J 380 -170.10 64.39 -66.50
CA ARG J 380 -171.48 64.06 -66.92
C ARG J 380 -172.11 65.05 -67.89
N ARG J 381 -171.32 65.83 -68.62
CA ARG J 381 -171.80 66.74 -69.67
C ARG J 381 -171.84 66.01 -71.03
N PRO J 382 -172.75 66.36 -71.96
CA PRO J 382 -172.77 65.79 -73.31
C PRO J 382 -171.42 65.96 -74.04
N CYS J 383 -171.01 64.96 -74.83
CA CYS J 383 -169.71 64.93 -75.50
C CYS J 383 -169.85 64.65 -77.01
N PHE J 384 -169.66 63.42 -77.49
CA PHE J 384 -170.03 63.03 -78.86
C PHE J 384 -171.55 62.84 -78.97
N SER J 385 -172.16 63.25 -80.08
CA SER J 385 -173.61 63.18 -80.31
C SER J 385 -174.11 61.87 -80.95
N GLY J 386 -173.23 60.96 -81.35
CA GLY J 386 -173.61 59.69 -81.98
C GLY J 386 -173.74 59.74 -83.50
N TRP J 387 -173.96 58.58 -84.11
CA TRP J 387 -174.23 58.42 -85.53
C TRP J 387 -175.42 57.47 -85.76
N GLY J 388 -176.33 57.85 -86.67
CA GLY J 388 -177.55 57.08 -86.95
C GLY J 388 -177.37 55.89 -87.88
N GLY J 389 -176.16 55.64 -88.38
CA GLY J 389 -175.88 54.64 -89.41
C GLY J 389 -176.06 55.15 -90.84
N PRO J 390 -175.79 54.30 -91.85
CA PRO J 390 -175.88 54.65 -93.27
C PRO J 390 -177.24 55.22 -93.69
N GLY J 394 -176.81 50.57 -98.13
CA GLY J 394 -175.97 49.62 -98.84
C GLY J 394 -176.60 48.24 -99.01
N THR J 395 -175.90 47.34 -99.73
CA THR J 395 -176.46 46.06 -100.18
C THR J 395 -176.84 45.06 -99.09
N ASN J 396 -176.32 45.18 -97.86
CA ASN J 396 -176.69 44.32 -96.72
C ASN J 396 -177.94 44.81 -95.96
N GLY J 397 -178.49 45.98 -96.28
CA GLY J 397 -179.76 46.49 -95.76
C GLY J 397 -179.76 47.08 -94.34
N PRO J 398 -180.92 47.60 -93.87
CA PRO J 398 -181.06 48.37 -92.63
C PRO J 398 -180.73 47.58 -91.34
N GLY J 399 -180.04 48.22 -90.40
CA GLY J 399 -179.67 47.65 -89.10
C GLY J 399 -178.56 46.59 -89.14
N ASN J 400 -178.04 46.28 -90.33
CA ASN J 400 -177.02 45.25 -90.56
C ASN J 400 -175.63 45.90 -90.74
N TYR J 401 -174.57 45.08 -90.62
CA TYR J 401 -173.19 45.48 -90.84
C TYR J 401 -173.01 46.06 -92.25
N ALA J 402 -172.34 47.20 -92.37
CA ALA J 402 -172.11 47.96 -93.60
C ALA J 402 -170.61 48.19 -93.82
N VAL J 403 -170.23 48.67 -95.01
CA VAL J 403 -168.82 48.94 -95.31
C VAL J 403 -168.17 49.92 -94.31
N GLU J 404 -168.90 50.87 -93.75
CA GLU J 404 -168.41 51.76 -92.70
C GLU J 404 -167.94 51.02 -91.44
N HIS J 405 -168.53 49.88 -91.07
CA HIS J 405 -168.07 49.07 -89.94
C HIS J 405 -166.74 48.37 -90.23
N LEU J 406 -166.49 47.95 -91.47
CA LEU J 406 -165.18 47.48 -91.91
C LEU J 406 -164.15 48.62 -91.87
N VAL J 407 -164.51 49.83 -92.28
CA VAL J 407 -163.61 51.00 -92.18
C VAL J 407 -163.28 51.31 -90.71
N TYR J 408 -164.25 51.27 -89.80
CA TYR J 408 -164.03 51.36 -88.34
C TYR J 408 -163.10 50.27 -87.79
N ALA J 409 -163.24 49.00 -88.20
CA ALA J 409 -162.32 47.91 -87.83
C ALA J 409 -160.88 48.18 -88.27
N ALA J 410 -160.67 48.78 -89.44
CA ALA J 410 -159.38 49.17 -89.99
C ALA J 410 -158.85 50.53 -89.48
N SER J 411 -159.39 51.10 -88.39
CA SER J 411 -158.95 52.38 -87.79
C SER J 411 -158.97 53.58 -88.71
N PHE J 412 -159.88 53.62 -89.69
CA PHE J 412 -159.99 54.69 -90.69
C PHE J 412 -158.68 54.93 -91.47
N SER J 413 -157.86 53.88 -91.63
CA SER J 413 -156.55 53.94 -92.27
C SER J 413 -156.64 53.29 -93.65
N PRO J 414 -156.40 54.01 -94.75
CA PRO J 414 -156.39 53.41 -96.08
C PRO J 414 -155.30 52.35 -96.25
N ASN J 415 -154.16 52.49 -95.59
CA ASN J 415 -153.10 51.47 -95.57
C ASN J 415 -153.56 50.15 -94.93
N LEU J 416 -154.12 50.18 -93.72
CA LEU J 416 -154.66 48.98 -93.06
C LEU J 416 -155.85 48.40 -93.83
N LEU J 417 -156.80 49.22 -94.29
CA LEU J 417 -157.98 48.77 -95.02
C LEU J 417 -157.63 48.04 -96.32
N ALA J 418 -156.64 48.52 -97.08
CA ALA J 418 -156.12 47.83 -98.26
C ALA J 418 -155.60 46.41 -97.95
N ARG J 419 -154.79 46.22 -96.89
CA ARG J 419 -154.31 44.87 -96.50
C ARG J 419 -155.41 43.97 -95.94
N TYR J 420 -156.41 44.49 -95.21
CA TYR J 420 -157.60 43.71 -94.83
C TYR J 420 -158.37 43.22 -96.07
N ALA J 421 -158.60 44.07 -97.06
CA ALA J 421 -159.30 43.69 -98.30
C ALA J 421 -158.53 42.62 -99.08
N TYR J 422 -157.21 42.72 -99.16
CA TYR J 422 -156.35 41.68 -99.71
C TYR J 422 -156.52 40.32 -99.03
N TYR J 423 -156.59 40.24 -97.69
CA TYR J 423 -156.85 38.97 -97.00
C TYR J 423 -158.29 38.47 -97.23
N LEU J 424 -159.30 39.34 -97.23
CA LEU J 424 -160.69 38.97 -97.51
C LEU J 424 -160.90 38.39 -98.92
N GLN J 425 -160.10 38.77 -99.91
CA GLN J 425 -160.10 38.16 -101.25
C GLN J 425 -159.76 36.65 -101.29
N PHE J 426 -159.14 36.06 -100.28
CA PHE J 426 -158.94 34.61 -100.17
C PHE J 426 -160.16 33.84 -99.62
N CYS J 427 -161.15 34.53 -99.04
CA CYS J 427 -162.30 33.91 -98.39
C CYS J 427 -163.38 33.43 -99.37
N GLN J 428 -163.98 32.27 -99.09
CA GLN J 428 -165.16 31.76 -99.81
C GLN J 428 -166.42 32.56 -99.44
N GLY J 429 -167.30 32.74 -100.41
CA GLY J 429 -168.66 33.25 -100.19
C GLY J 429 -169.59 32.17 -99.65
N GLN J 430 -170.52 32.55 -98.77
CA GLN J 430 -171.55 31.68 -98.24
C GLN J 430 -172.90 32.38 -98.33
N LYS J 431 -173.65 32.14 -99.42
CA LYS J 431 -175.00 32.68 -99.61
C LYS J 431 -175.98 32.15 -98.56
N SER J 432 -176.74 33.04 -97.92
CA SER J 432 -177.77 32.72 -96.92
C SER J 432 -178.94 31.91 -97.49
N VAL J 437 -179.91 35.58 -104.99
CA VAL J 437 -178.87 36.59 -105.24
C VAL J 437 -178.48 36.59 -106.73
N PRO J 438 -178.23 37.76 -107.36
CA PRO J 438 -177.69 37.84 -108.72
C PRO J 438 -176.43 36.99 -108.92
N GLU J 439 -176.26 36.43 -110.11
CA GLU J 439 -175.00 35.75 -110.48
C GLU J 439 -173.83 36.75 -110.50
N THR J 440 -172.60 36.29 -110.23
CA THR J 440 -171.45 37.19 -110.06
C THR J 440 -171.24 38.09 -111.26
N GLY J 441 -171.28 37.55 -112.48
CA GLY J 441 -171.06 38.29 -113.72
C GLY J 441 -172.17 39.28 -114.06
N SER J 442 -173.43 39.00 -113.70
CA SER J 442 -174.51 39.99 -113.84
C SER J 442 -174.51 41.05 -112.74
N TYR J 443 -173.87 40.82 -111.58
CA TYR J 443 -173.58 41.89 -110.63
C TYR J 443 -172.42 42.77 -111.12
N VAL J 444 -171.30 42.18 -111.54
CA VAL J 444 -170.12 42.91 -112.04
C VAL J 444 -170.41 43.75 -113.29
N ALA J 445 -171.15 43.23 -114.28
CA ALA J 445 -171.57 44.02 -115.44
C ALA J 445 -172.77 44.93 -115.15
N GLY J 446 -173.59 44.60 -114.16
CA GLY J 446 -174.77 45.35 -113.72
C GLY J 446 -174.45 46.41 -112.67
N ALA J 447 -175.02 46.30 -111.47
CA ALA J 447 -174.96 47.34 -110.44
C ALA J 447 -173.56 47.79 -110.01
N ALA J 448 -172.52 46.95 -110.11
CA ALA J 448 -171.14 47.38 -109.79
C ALA J 448 -170.58 48.44 -110.76
N ALA J 449 -171.08 48.51 -111.99
CA ALA J 449 -170.65 49.44 -113.04
C ALA J 449 -171.44 50.76 -113.07
N SER J 450 -172.34 50.98 -112.10
CA SER J 450 -173.14 52.19 -111.98
C SER J 450 -172.29 53.44 -111.67
N PRO J 451 -172.53 54.60 -112.32
CA PRO J 451 -171.78 55.84 -112.06
C PRO J 451 -172.01 56.41 -110.64
N MET J 452 -172.95 55.85 -109.88
CA MET J 452 -173.25 56.22 -108.50
C MET J 452 -172.24 55.69 -107.45
N CYS J 453 -171.35 54.74 -107.77
CA CYS J 453 -170.33 54.24 -106.83
C CYS J 453 -169.38 55.38 -106.41
N SER J 454 -169.31 55.68 -105.11
CA SER J 454 -168.41 56.71 -104.55
C SER J 454 -166.95 56.27 -104.45
N LEU J 455 -166.58 55.09 -104.96
CA LEU J 455 -165.22 54.55 -104.92
C LEU J 455 -164.58 54.45 -106.31
N CYS J 456 -165.23 53.76 -107.26
CA CYS J 456 -164.70 53.51 -108.61
C CYS J 456 -165.40 54.31 -109.73
N GLU J 457 -166.49 55.02 -109.42
CA GLU J 457 -167.40 55.63 -110.42
C GLU J 457 -167.95 54.62 -111.44
N GLY J 458 -167.96 53.32 -111.10
CA GLY J 458 -168.27 52.24 -112.03
C GLY J 458 -167.11 51.85 -112.97
N ARG J 459 -165.96 52.51 -112.90
CA ARG J 459 -164.82 52.33 -113.83
C ARG J 459 -163.79 51.26 -113.40
N ALA J 460 -164.00 50.55 -112.29
CA ALA J 460 -163.18 49.39 -111.86
C ALA J 460 -164.02 48.29 -111.16
N PRO J 461 -165.10 47.78 -111.79
CA PRO J 461 -166.17 47.09 -111.07
C PRO J 461 -165.78 45.73 -110.48
N ALA J 462 -164.78 45.03 -111.03
CA ALA J 462 -164.41 43.69 -110.57
C ALA J 462 -163.56 43.69 -109.29
N VAL J 463 -162.70 44.70 -109.07
CA VAL J 463 -161.86 44.85 -107.87
C VAL J 463 -162.41 45.79 -106.79
N CYS J 464 -163.43 46.59 -107.08
CA CYS J 464 -164.01 47.56 -106.13
C CYS J 464 -164.33 46.93 -104.77
N LEU J 465 -164.06 47.67 -103.68
CA LEU J 465 -164.35 47.26 -102.32
C LEU J 465 -165.83 46.93 -102.11
N ASN J 466 -166.75 47.65 -102.75
CA ASN J 466 -168.18 47.34 -102.69
C ASN J 466 -168.54 45.99 -103.34
N THR J 467 -167.79 45.55 -104.36
CA THR J 467 -167.95 44.22 -104.97
C THR J 467 -167.46 43.11 -104.04
N LEU J 468 -166.31 43.27 -103.40
CA LEU J 468 -165.81 42.34 -102.39
C LEU J 468 -166.78 42.25 -101.19
N PHE J 469 -167.27 43.39 -100.71
CA PHE J 469 -168.27 43.45 -99.65
C PHE J 469 -169.57 42.74 -100.03
N PHE J 470 -170.08 42.93 -101.25
CA PHE J 470 -171.27 42.25 -101.74
C PHE J 470 -171.12 40.72 -101.75
N ARG J 471 -169.95 40.21 -102.16
CA ARG J 471 -169.60 38.79 -102.20
C ARG J 471 -169.58 38.11 -100.83
N LEU J 472 -169.07 38.79 -99.78
CA LEU J 472 -168.87 38.27 -98.42
C LEU J 472 -169.98 38.65 -97.41
N ARG J 473 -171.03 39.32 -97.88
CA ARG J 473 -172.11 39.98 -97.14
C ARG J 473 -172.74 39.19 -95.98
N ASP J 474 -173.11 37.94 -96.21
CA ASP J 474 -173.74 37.07 -95.21
C ASP J 474 -172.77 36.52 -94.14
N ARG J 475 -171.46 36.79 -94.23
CA ARG J 475 -170.45 36.40 -93.21
C ARG J 475 -170.12 37.46 -92.18
N PHE J 476 -170.45 38.73 -92.41
CA PHE J 476 -170.21 39.80 -91.43
C PHE J 476 -171.11 39.64 -90.19
N PRO J 477 -170.66 40.05 -88.99
CA PRO J 477 -171.41 39.86 -87.75
C PRO J 477 -172.66 40.75 -87.65
N PRO J 478 -173.59 40.51 -86.71
CA PRO J 478 -174.67 41.45 -86.38
C PRO J 478 -174.16 42.68 -85.61
N VAL J 479 -174.95 43.75 -85.58
CA VAL J 479 -174.61 45.03 -84.90
C VAL J 479 -175.32 45.09 -83.54
N MET J 480 -174.55 45.04 -82.44
CA MET J 480 -175.05 44.75 -81.09
C MET J 480 -174.98 45.94 -80.11
N SER J 481 -176.00 46.10 -79.29
CA SER J 481 -176.11 47.17 -78.28
C SER J 481 -176.24 46.66 -76.82
N THR J 482 -175.98 45.39 -76.56
CA THR J 482 -176.13 44.74 -75.23
C THR J 482 -174.83 44.72 -74.41
N GLN J 483 -174.91 44.35 -73.12
CA GLN J 483 -173.81 44.47 -72.15
C GLN J 483 -173.46 43.14 -71.44
N ARG J 484 -173.65 41.99 -72.09
CA ARG J 484 -173.33 40.64 -71.56
C ARG J 484 -171.81 40.36 -71.39
N ARG J 485 -171.43 39.54 -70.42
CA ARG J 485 -170.06 39.06 -70.15
C ARG J 485 -169.65 37.89 -71.05
N ASP J 486 -169.06 38.17 -72.20
CA ASP J 486 -168.54 37.18 -73.15
C ASP J 486 -167.00 37.16 -73.22
N PRO J 487 -166.38 36.06 -73.66
CA PRO J 487 -164.96 36.02 -74.05
C PRO J 487 -164.65 36.93 -75.24
N TYR J 488 -163.41 37.37 -75.41
CA TYR J 488 -162.93 38.11 -76.59
C TYR J 488 -161.83 37.35 -77.34
N VAL J 489 -161.70 37.57 -78.66
CA VAL J 489 -160.81 36.80 -79.54
C VAL J 489 -159.47 37.50 -79.73
N ILE J 490 -158.35 36.80 -79.51
CA ILE J 490 -156.98 37.31 -79.64
C ILE J 490 -156.19 36.54 -80.71
N SER J 491 -155.19 37.17 -81.32
CA SER J 491 -154.31 36.58 -82.35
C SER J 491 -152.85 36.87 -82.06
N GLY J 492 -151.95 35.93 -82.34
CA GLY J 492 -150.51 36.14 -82.24
C GLY J 492 -149.68 34.86 -82.24
N ALA J 493 -148.38 35.01 -82.05
CA ALA J 493 -147.43 33.90 -81.92
C ALA J 493 -147.60 33.12 -80.61
N SER J 494 -147.43 31.80 -80.68
CA SER J 494 -147.36 30.93 -79.50
C SER J 494 -145.96 30.87 -78.89
N GLY J 495 -145.88 30.60 -77.59
CA GLY J 495 -144.64 30.40 -76.85
C GLY J 495 -144.02 29.01 -77.02
N SER J 496 -142.92 28.76 -76.32
CA SER J 496 -142.10 27.54 -76.46
C SER J 496 -142.74 26.27 -75.88
N TYR J 497 -143.47 26.36 -74.76
CA TYR J 497 -143.89 25.20 -73.97
C TYR J 497 -145.41 25.08 -73.85
N ASN J 498 -146.02 24.37 -74.79
CA ASN J 498 -147.47 24.11 -74.83
C ASN J 498 -147.74 22.67 -74.38
N GLU J 499 -148.81 22.45 -73.61
CA GLU J 499 -149.19 21.15 -73.08
C GLU J 499 -150.60 20.81 -73.57
N THR J 500 -150.68 20.15 -74.72
CA THR J 500 -151.92 19.95 -75.51
C THR J 500 -152.13 18.52 -76.00
N ASP J 501 -151.39 17.53 -75.48
CA ASP J 501 -151.80 16.11 -75.56
C ASP J 501 -153.08 15.86 -74.71
N PHE J 502 -153.73 14.70 -74.84
CA PHE J 502 -155.06 14.43 -74.29
C PHE J 502 -155.24 14.71 -72.79
N LEU J 503 -154.21 14.52 -71.94
CA LEU J 503 -154.25 14.86 -70.51
C LEU J 503 -153.45 16.12 -70.14
N GLY J 504 -153.12 16.99 -71.11
CA GLY J 504 -152.54 18.31 -70.85
C GLY J 504 -151.27 18.28 -70.01
N ASN J 505 -151.26 19.06 -68.93
CA ASN J 505 -150.13 19.19 -68.01
C ASN J 505 -150.03 18.08 -66.92
N PHE J 506 -150.79 16.99 -67.00
CA PHE J 506 -150.65 15.83 -66.11
C PHE J 506 -149.21 15.31 -66.08
N LEU J 507 -148.59 15.16 -64.89
CA LEU J 507 -147.21 14.67 -64.70
C LEU J 507 -146.19 15.31 -65.66
N ASN J 508 -146.24 16.63 -65.87
CA ASN J 508 -145.30 17.33 -66.73
C ASN J 508 -143.87 17.34 -66.15
N PHE J 509 -143.75 17.40 -64.83
CA PHE J 509 -142.51 17.36 -64.05
C PHE J 509 -142.67 16.44 -62.83
N ILE J 510 -141.54 16.03 -62.24
CA ILE J 510 -141.45 15.15 -61.05
C ILE J 510 -140.62 15.84 -59.97
N TYR J 525 -142.11 8.24 -64.37
CA TYR J 525 -141.55 9.19 -65.33
C TYR J 525 -142.60 10.20 -65.84
N THR J 526 -142.16 11.34 -66.39
CA THR J 526 -143.07 12.39 -66.88
C THR J 526 -143.94 11.90 -68.04
N TYR J 527 -145.12 12.51 -68.21
CA TYR J 527 -146.02 12.23 -69.33
C TYR J 527 -145.36 12.55 -70.67
N TRP J 528 -144.50 13.57 -70.74
CA TRP J 528 -143.67 13.83 -71.92
C TRP J 528 -142.75 12.65 -72.25
N GLN J 529 -142.04 12.10 -71.26
CA GLN J 529 -141.20 10.93 -71.45
C GLN J 529 -142.00 9.69 -71.88
N LEU J 530 -143.17 9.45 -71.29
CA LEU J 530 -144.08 8.38 -71.70
C LEU J 530 -144.46 8.46 -73.18
N ASN J 531 -144.76 9.66 -73.68
CA ASN J 531 -145.08 9.86 -75.09
C ASN J 531 -143.84 9.64 -75.98
N GLN J 532 -142.65 10.08 -75.57
CA GLN J 532 -141.40 9.76 -76.29
C GLN J 532 -141.10 8.25 -76.33
N ASN J 533 -141.36 7.51 -75.26
CA ASN J 533 -141.21 6.05 -75.25
C ASN J 533 -142.15 5.37 -76.26
N LEU J 534 -143.41 5.80 -76.34
CA LEU J 534 -144.37 5.25 -77.29
C LEU J 534 -143.93 5.48 -78.76
N LEU J 535 -143.47 6.69 -79.11
CA LEU J 535 -142.95 6.97 -80.46
C LEU J 535 -141.73 6.10 -80.82
N GLU J 536 -140.86 5.80 -79.85
CA GLU J 536 -139.76 4.84 -80.04
C GLU J 536 -140.25 3.42 -80.35
N ARG J 537 -141.24 2.90 -79.61
CA ARG J 537 -141.85 1.58 -79.93
C ARG J 537 -142.49 1.58 -81.32
N LEU J 538 -143.20 2.65 -81.69
CA LEU J 538 -143.84 2.78 -83.00
C LEU J 538 -142.81 2.85 -84.14
N SER J 539 -141.62 3.42 -83.90
CA SER J 539 -140.51 3.42 -84.85
C SER J 539 -140.01 1.99 -85.15
N ARG J 540 -139.87 1.12 -84.13
CA ARG J 540 -139.56 -0.32 -84.31
C ARG J 540 -140.63 -1.10 -85.09
N LEU J 541 -141.88 -0.64 -85.12
CA LEU J 541 -142.95 -1.18 -85.96
C LEU J 541 -142.99 -0.60 -87.40
N GLY J 542 -142.11 0.34 -87.74
CA GLY J 542 -142.07 0.99 -89.06
C GLY J 542 -143.01 2.18 -89.24
N ILE J 543 -143.45 2.82 -88.16
CA ILE J 543 -144.40 3.96 -88.16
C ILE J 543 -143.67 5.24 -87.69
N ASP J 544 -143.72 6.34 -88.46
CA ASP J 544 -143.12 7.63 -88.06
C ASP J 544 -144.02 8.53 -87.17
N ALA J 545 -143.51 9.68 -86.73
CA ALA J 545 -144.20 10.62 -85.85
C ALA J 545 -145.49 11.25 -86.44
N GLU J 546 -145.70 11.19 -87.75
CA GLU J 546 -146.92 11.64 -88.44
C GLU J 546 -147.80 10.45 -88.89
N GLY J 547 -147.44 9.23 -88.48
CA GLY J 547 -148.18 8.01 -88.75
C GLY J 547 -147.97 7.39 -90.15
N LYS J 548 -146.94 7.81 -90.91
CA LYS J 548 -146.62 7.20 -92.21
C LYS J 548 -145.90 5.86 -92.02
N LEU J 549 -146.28 4.86 -92.83
CA LEU J 549 -145.64 3.53 -92.82
C LEU J 549 -144.44 3.47 -93.76
N GLU J 550 -143.39 2.77 -93.35
CA GLU J 550 -142.32 2.31 -94.26
C GLU J 550 -142.75 1.15 -95.17
N LYS J 551 -143.81 0.41 -94.81
CA LYS J 551 -144.39 -0.69 -95.60
C LYS J 551 -145.90 -0.78 -95.42
N GLU J 552 -146.66 -0.54 -96.48
CA GLU J 552 -148.13 -0.59 -96.48
C GLU J 552 -148.65 -2.04 -96.42
N PRO J 553 -149.78 -2.33 -95.73
CA PRO J 553 -150.28 -3.69 -95.57
C PRO J 553 -150.73 -4.32 -96.90
N HIS J 554 -150.28 -5.55 -97.14
CA HIS J 554 -150.49 -6.31 -98.38
C HIS J 554 -151.90 -6.88 -98.58
N GLY J 555 -152.66 -7.11 -97.51
CA GLY J 555 -153.90 -7.89 -97.52
C GLY J 555 -154.46 -8.14 -96.11
N PRO J 556 -155.53 -8.93 -95.96
CA PRO J 556 -156.20 -9.17 -94.68
C PRO J 556 -155.28 -9.57 -93.52
N ARG J 557 -154.38 -10.56 -93.71
CA ARG J 557 -153.44 -11.00 -92.65
C ARG J 557 -152.54 -9.86 -92.21
N ASP J 558 -151.99 -9.13 -93.17
CA ASP J 558 -151.06 -8.02 -92.92
C ASP J 558 -151.75 -6.83 -92.23
N PHE J 559 -153.02 -6.56 -92.56
CA PHE J 559 -153.83 -5.52 -91.92
C PHE J 559 -154.13 -5.86 -90.46
N VAL J 560 -154.52 -7.11 -90.16
CA VAL J 560 -154.69 -7.56 -88.76
C VAL J 560 -153.36 -7.53 -87.99
N LYS J 561 -152.29 -8.08 -88.58
CA LYS J 561 -150.95 -8.11 -87.99
C LYS J 561 -150.45 -6.71 -87.63
N MET J 562 -150.58 -5.75 -88.52
CA MET J 562 -150.24 -4.33 -88.28
C MET J 562 -150.88 -3.79 -86.99
N PHE J 563 -152.18 -3.97 -86.78
CA PHE J 563 -152.86 -3.47 -85.58
C PHE J 563 -152.49 -4.27 -84.32
N LYS J 564 -152.43 -5.61 -84.37
CA LYS J 564 -152.15 -6.42 -83.16
C LYS J 564 -150.77 -6.09 -82.57
N ASP J 565 -149.79 -5.80 -83.42
CA ASP J 565 -148.48 -5.31 -82.98
C ASP J 565 -148.53 -3.93 -82.29
N VAL J 566 -149.31 -2.97 -82.79
CA VAL J 566 -149.49 -1.66 -82.12
C VAL J 566 -150.20 -1.82 -80.78
N ASP J 567 -151.28 -2.60 -80.72
CA ASP J 567 -152.00 -2.87 -79.46
C ASP J 567 -151.07 -3.49 -78.40
N ALA J 568 -150.30 -4.52 -78.76
CA ALA J 568 -149.31 -5.12 -77.86
C ALA J 568 -148.22 -4.13 -77.44
N ALA J 569 -147.72 -3.28 -78.34
CA ALA J 569 -146.74 -2.25 -78.01
C ALA J 569 -147.26 -1.17 -77.04
N VAL J 570 -148.51 -0.74 -77.17
CA VAL J 570 -149.15 0.20 -76.22
C VAL J 570 -149.37 -0.48 -74.87
N ASP J 571 -149.88 -1.71 -74.87
CA ASP J 571 -150.19 -2.44 -73.64
C ASP J 571 -148.92 -2.77 -72.83
N ALA J 572 -147.78 -3.03 -73.48
CA ALA J 572 -146.49 -3.13 -72.83
C ALA J 572 -146.06 -1.84 -72.11
N GLU J 573 -146.23 -0.67 -72.73
CA GLU J 573 -145.84 0.61 -72.12
C GLU J 573 -146.75 1.01 -70.93
N VAL J 574 -148.05 0.68 -70.97
CA VAL J 574 -148.96 0.92 -69.84
C VAL J 574 -148.46 0.20 -68.57
N VAL J 575 -148.00 -1.05 -68.70
CA VAL J 575 -147.45 -1.82 -67.57
C VAL J 575 -146.22 -1.14 -66.97
N GLN J 576 -145.22 -0.80 -67.79
CA GLN J 576 -144.00 -0.16 -67.29
C GLN J 576 -144.29 1.19 -66.62
N PHE J 577 -145.24 1.97 -67.15
CA PHE J 577 -145.70 3.20 -66.51
C PHE J 577 -146.42 2.96 -65.18
N MET J 578 -147.41 2.07 -65.12
CA MET J 578 -148.14 1.77 -63.87
C MET J 578 -147.22 1.19 -62.77
N ASN J 579 -146.18 0.41 -63.13
CA ASN J 579 -145.14 -0.02 -62.19
C ASN J 579 -144.36 1.18 -61.61
N SER J 580 -143.99 2.17 -62.42
CA SER J 580 -143.33 3.38 -61.92
C SER J 580 -144.20 4.16 -60.93
N MET J 581 -145.49 4.37 -61.24
CA MET J 581 -146.39 5.11 -60.34
C MET J 581 -146.58 4.37 -59.00
N ALA J 582 -146.67 3.04 -59.03
CA ALA J 582 -146.82 2.20 -57.84
C ALA J 582 -145.59 2.24 -56.92
N LYS J 583 -144.38 1.96 -57.43
CA LYS J 583 -143.17 1.86 -56.58
C LYS J 583 -142.75 3.18 -55.94
N ASN J 584 -143.17 4.31 -56.50
CA ASN J 584 -142.92 5.65 -55.98
C ASN J 584 -144.07 6.21 -55.10
N ASN J 585 -145.15 5.45 -54.91
CA ASN J 585 -146.37 5.89 -54.18
C ASN J 585 -146.96 7.22 -54.68
N ILE J 586 -146.84 7.54 -55.98
CA ILE J 586 -147.35 8.80 -56.56
C ILE J 586 -148.88 8.75 -56.63
N THR J 587 -149.55 9.82 -56.21
CA THR J 587 -151.03 9.89 -56.14
C THR J 587 -151.68 10.24 -57.50
N TYR J 588 -151.31 9.50 -58.56
CA TYR J 588 -151.71 9.77 -59.95
C TYR J 588 -153.24 9.81 -60.13
N LYS J 589 -153.96 8.98 -59.37
CA LYS J 589 -155.42 8.89 -59.27
C LYS J 589 -156.11 10.20 -58.82
N ASP J 590 -155.44 11.06 -58.07
CA ASP J 590 -155.91 12.42 -57.77
C ASP J 590 -155.28 13.49 -58.68
N LEU J 591 -154.05 13.31 -59.17
CA LEU J 591 -153.43 14.24 -60.13
C LEU J 591 -154.16 14.33 -61.48
N VAL J 592 -154.83 13.27 -61.94
CA VAL J 592 -155.70 13.34 -63.15
C VAL J 592 -156.85 14.34 -62.98
N LYS J 593 -157.49 14.41 -61.81
CA LYS J 593 -158.65 15.28 -61.55
C LYS J 593 -158.36 16.77 -61.77
N SER J 594 -157.13 17.21 -61.48
CA SER J 594 -156.72 18.61 -61.58
C SER J 594 -155.89 18.98 -62.82
N CYS J 595 -155.78 18.12 -63.85
CA CYS J 595 -154.99 18.45 -65.04
C CYS J 595 -155.71 19.42 -66.02
N TYR J 596 -154.93 20.28 -66.67
CA TYR J 596 -155.37 21.31 -67.63
C TYR J 596 -154.60 21.20 -68.95
N HIS J 597 -155.23 21.47 -70.08
CA HIS J 597 -154.50 21.88 -71.28
C HIS J 597 -153.92 23.29 -71.08
N VAL J 598 -152.71 23.54 -71.56
CA VAL J 598 -152.05 24.85 -71.47
C VAL J 598 -151.51 25.31 -72.82
N MET J 599 -151.77 26.55 -73.19
CA MET J 599 -151.14 27.23 -74.34
C MET J 599 -150.48 28.53 -73.88
N GLN J 600 -149.31 28.85 -74.44
CA GLN J 600 -148.61 30.09 -74.16
C GLN J 600 -148.82 31.09 -75.31
N TYR J 601 -149.36 32.26 -75.02
CA TYR J 601 -149.39 33.41 -75.94
C TYR J 601 -148.13 34.25 -75.70
N SER J 602 -147.26 34.39 -76.69
CA SER J 602 -145.98 35.10 -76.58
C SER J 602 -146.16 36.61 -76.41
N CYS J 603 -145.32 37.26 -75.59
CA CYS J 603 -145.31 38.72 -75.43
C CYS J 603 -144.15 39.42 -76.16
N ASN J 604 -143.40 38.73 -77.02
CA ASN J 604 -142.35 39.34 -77.85
C ASN J 604 -142.96 39.92 -79.15
N PRO J 605 -142.85 41.23 -79.44
CA PRO J 605 -143.33 41.80 -80.70
C PRO J 605 -142.61 41.28 -81.94
N PHE J 606 -141.35 40.85 -81.83
CA PHE J 606 -140.58 40.31 -82.95
C PHE J 606 -140.90 38.85 -83.30
N ALA J 607 -141.57 38.11 -82.41
CA ALA J 607 -142.05 36.75 -82.67
C ALA J 607 -143.29 36.67 -83.57
N GLN J 608 -144.03 37.76 -83.77
CA GLN J 608 -145.24 37.81 -84.60
C GLN J 608 -144.93 37.59 -86.09
N PRO J 609 -145.88 37.14 -86.93
CA PRO J 609 -145.66 36.96 -88.37
C PRO J 609 -145.39 38.30 -89.08
N ALA J 610 -144.60 38.28 -90.16
CA ALA J 610 -144.18 39.46 -90.92
C ALA J 610 -145.32 40.10 -91.77
N CYS J 611 -146.29 40.69 -91.08
CA CYS J 611 -147.43 41.41 -91.60
C CYS J 611 -147.70 42.64 -90.70
N PRO J 612 -147.88 43.84 -91.25
CA PRO J 612 -148.26 45.02 -90.47
C PRO J 612 -149.63 44.96 -89.78
N ILE J 613 -150.59 44.11 -90.21
CA ILE J 613 -151.85 43.92 -89.49
C ILE J 613 -151.62 43.22 -88.15
N PHE J 614 -150.68 42.29 -88.08
CA PHE J 614 -150.33 41.63 -86.82
C PHE J 614 -149.69 42.57 -85.79
N THR J 615 -149.10 43.71 -86.18
CA THR J 615 -148.70 44.77 -85.23
C THR J 615 -149.92 45.29 -84.46
N GLN J 616 -150.98 45.69 -85.16
CA GLN J 616 -152.21 46.16 -84.52
C GLN J 616 -152.94 45.08 -83.72
N LEU J 617 -153.07 43.85 -84.23
CA LEU J 617 -153.69 42.76 -83.48
C LEU J 617 -152.92 42.43 -82.19
N PHE J 618 -151.58 42.41 -82.19
CA PHE J 618 -150.78 42.17 -81.00
C PHE J 618 -150.92 43.29 -79.95
N TYR J 619 -150.72 44.55 -80.35
CA TYR J 619 -150.82 45.72 -79.45
C TYR J 619 -152.22 45.83 -78.81
N ARG J 620 -153.29 45.65 -79.58
CA ARG J 620 -154.66 45.71 -79.06
C ARG J 620 -155.04 44.51 -78.18
N SER J 621 -154.50 43.32 -78.45
CA SER J 621 -154.66 42.17 -77.55
C SER J 621 -154.00 42.43 -76.20
N LEU J 622 -152.76 42.95 -76.18
CA LEU J 622 -152.05 43.29 -74.95
C LEU J 622 -152.75 44.37 -74.13
N LEU J 623 -153.18 45.49 -74.73
CA LEU J 623 -153.90 46.55 -74.03
C LEU J 623 -155.21 46.04 -73.42
N THR J 624 -155.93 45.17 -74.11
CA THR J 624 -157.19 44.58 -73.61
C THR J 624 -156.96 43.65 -72.42
N ILE J 625 -155.93 42.81 -72.46
CA ILE J 625 -155.62 41.88 -71.38
C ILE J 625 -155.18 42.62 -70.11
N LEU J 626 -154.41 43.70 -70.22
CA LEU J 626 -154.02 44.52 -69.07
C LEU J 626 -155.21 45.22 -68.42
N GLN J 627 -156.18 45.70 -69.20
CA GLN J 627 -157.42 46.26 -68.64
C GLN J 627 -158.21 45.18 -67.88
N ASP J 628 -158.45 44.03 -68.47
CA ASP J 628 -159.23 42.95 -67.86
C ASP J 628 -158.60 42.39 -66.56
N ILE J 629 -157.27 42.27 -66.51
CA ILE J 629 -156.55 41.91 -65.27
C ILE J 629 -156.71 42.97 -64.18
N SER J 630 -156.75 44.26 -64.53
CA SER J 630 -156.80 45.34 -63.54
C SER J 630 -158.16 45.54 -62.85
N LEU J 631 -159.27 45.05 -63.42
CA LEU J 631 -160.62 45.37 -62.94
C LEU J 631 -160.85 45.09 -61.44
N PRO J 632 -160.57 43.89 -60.88
CA PRO J 632 -160.82 43.64 -59.46
C PRO J 632 -159.85 44.36 -58.53
N ILE J 633 -158.62 44.65 -58.98
CA ILE J 633 -157.61 45.43 -58.24
C ILE J 633 -158.12 46.85 -57.99
N CYS J 634 -158.69 47.49 -59.02
CA CYS J 634 -159.31 48.81 -58.95
C CYS J 634 -160.57 48.80 -58.07
N MET J 635 -161.44 47.79 -58.22
CA MET J 635 -162.65 47.63 -57.42
C MET J 635 -162.36 47.53 -55.92
N CYS J 636 -161.39 46.70 -55.51
CA CYS J 636 -161.07 46.54 -54.10
C CYS J 636 -160.47 47.82 -53.49
N TYR J 637 -159.59 48.51 -54.24
CA TYR J 637 -159.05 49.79 -53.77
C TYR J 637 -160.15 50.86 -53.65
N GLU J 638 -161.09 50.94 -54.59
CA GLU J 638 -162.19 51.90 -54.54
C GLU J 638 -163.22 51.57 -53.44
N ASN J 639 -163.50 50.29 -53.16
CA ASN J 639 -164.33 49.89 -52.02
C ASN J 639 -163.76 50.40 -50.67
N ASP J 640 -162.43 50.46 -50.54
CA ASP J 640 -161.74 51.01 -49.37
C ASP J 640 -161.58 52.54 -49.38
N ASN J 641 -161.65 53.17 -50.56
CA ASN J 641 -161.38 54.60 -50.78
C ASN J 641 -162.46 55.20 -51.72
N PRO J 642 -163.72 55.31 -51.26
CA PRO J 642 -164.87 55.55 -52.13
C PRO J 642 -164.82 56.86 -52.92
N GLY J 643 -165.51 56.89 -54.06
CA GLY J 643 -165.56 58.06 -54.94
C GLY J 643 -166.27 59.27 -54.34
N LEU J 644 -167.31 59.07 -53.52
CA LEU J 644 -168.04 60.14 -52.79
C LEU J 644 -168.45 61.33 -53.69
N GLY J 645 -168.90 61.03 -54.91
CA GLY J 645 -169.32 62.04 -55.91
C GLY J 645 -168.19 62.77 -56.64
N GLN J 646 -166.91 62.48 -56.36
CA GLN J 646 -165.79 62.99 -57.16
C GLN J 646 -165.83 62.46 -58.60
N SER J 647 -165.41 63.27 -59.57
CA SER J 647 -165.12 62.80 -60.92
C SER J 647 -163.83 61.96 -60.94
N PRO J 648 -163.65 61.02 -61.88
CA PRO J 648 -162.45 60.18 -61.91
C PRO J 648 -161.11 60.95 -61.95
N PRO J 649 -160.93 62.04 -62.74
CA PRO J 649 -159.69 62.82 -62.72
C PRO J 649 -159.33 63.44 -61.36
N GLU J 650 -160.33 63.87 -60.58
CA GLU J 650 -160.13 64.34 -59.20
C GLU J 650 -159.72 63.20 -58.27
N TRP J 651 -160.40 62.06 -58.31
CA TRP J 651 -160.11 60.90 -57.47
C TRP J 651 -158.72 60.30 -57.76
N LEU J 652 -158.34 60.19 -59.04
CA LEU J 652 -157.04 59.68 -59.46
C LEU J 652 -155.86 60.56 -59.02
N LYS J 653 -156.07 61.88 -58.90
CA LYS J 653 -155.03 62.84 -58.50
C LYS J 653 -154.39 62.49 -57.15
N GLY J 654 -155.21 62.09 -56.17
CA GLY J 654 -154.75 61.56 -54.89
C GLY J 654 -154.32 60.09 -54.93
N HIS J 655 -155.08 59.21 -55.59
CA HIS J 655 -154.93 57.76 -55.42
C HIS J 655 -154.04 57.01 -56.41
N TYR J 656 -153.70 57.57 -57.58
CA TYR J 656 -153.13 56.76 -58.66
C TYR J 656 -151.73 56.20 -58.38
N GLN J 657 -150.84 56.95 -57.74
CA GLN J 657 -149.48 56.46 -57.40
C GLN J 657 -149.51 55.17 -56.57
N THR J 658 -150.42 55.08 -55.60
CA THR J 658 -150.62 53.87 -54.80
C THR J 658 -151.20 52.74 -55.63
N LEU J 659 -152.18 53.03 -56.47
CA LEU J 659 -152.80 52.04 -57.36
C LEU J 659 -151.81 51.40 -58.36
N CYS J 660 -150.83 52.13 -58.90
CA CYS J 660 -149.73 51.56 -59.72
C CYS J 660 -148.97 50.44 -59.00
N THR J 661 -148.69 50.63 -57.71
CA THR J 661 -147.87 49.73 -56.90
C THR J 661 -148.66 48.48 -56.49
N ASN J 662 -149.95 48.63 -56.19
CA ASN J 662 -150.87 47.49 -56.07
C ASN J 662 -150.92 46.67 -57.37
N PHE J 663 -151.07 47.31 -58.54
CA PHE J 663 -151.10 46.59 -59.81
C PHE J 663 -149.82 45.77 -60.05
N ARG J 664 -148.63 46.37 -59.91
CA ARG J 664 -147.34 45.66 -60.06
C ARG J 664 -147.22 44.43 -59.14
N SER J 665 -147.78 44.49 -57.94
CA SER J 665 -147.74 43.39 -56.96
C SER J 665 -148.79 42.29 -57.21
N LEU J 666 -149.95 42.64 -57.78
CA LEU J 666 -151.13 41.76 -57.88
C LEU J 666 -151.46 41.28 -59.31
N ALA J 667 -150.91 41.91 -60.36
CA ALA J 667 -151.16 41.51 -61.73
C ALA J 667 -150.19 40.42 -62.24
N ILE J 668 -148.96 40.37 -61.72
CA ILE J 668 -147.85 39.59 -62.26
C ILE J 668 -147.55 38.38 -61.36
N ASP J 669 -147.28 37.22 -61.96
CA ASP J 669 -147.09 35.92 -61.30
C ASP J 669 -148.34 35.37 -60.54
N LYS J 670 -149.54 35.93 -60.78
CA LYS J 670 -150.79 35.51 -60.13
C LYS J 670 -151.71 34.63 -61.01
N GLY J 671 -151.22 34.15 -62.16
CA GLY J 671 -151.81 33.05 -62.93
C GLY J 671 -152.09 33.31 -64.41
N VAL J 672 -151.91 34.53 -64.92
CA VAL J 672 -152.08 34.86 -66.35
C VAL J 672 -150.81 35.41 -66.96
N LEU J 673 -150.30 36.52 -66.44
CA LEU J 673 -149.19 37.28 -67.00
C LEU J 673 -147.90 37.01 -66.21
N THR J 674 -146.82 36.68 -66.90
CA THR J 674 -145.48 36.60 -66.30
C THR J 674 -144.55 37.64 -66.92
N ALA J 675 -143.79 38.33 -66.06
CA ALA J 675 -142.81 39.33 -66.44
C ALA J 675 -141.67 39.36 -65.41
N LYS J 676 -140.46 39.69 -65.85
CA LYS J 676 -139.25 39.76 -65.00
C LYS J 676 -138.77 41.19 -64.90
N GLU J 677 -138.65 41.73 -63.70
CA GLU J 677 -137.95 43.01 -63.49
C GLU J 677 -136.42 42.82 -63.48
N ALA J 678 -135.71 43.81 -63.99
CA ALA J 678 -134.26 43.80 -64.08
C ALA J 678 -133.69 45.22 -63.98
N LYS J 679 -132.43 45.32 -63.54
CA LYS J 679 -131.65 46.56 -63.59
C LYS J 679 -130.71 46.56 -64.79
N VAL J 680 -130.64 47.67 -65.51
CA VAL J 680 -129.76 47.86 -66.67
C VAL J 680 -128.55 48.66 -66.25
N VAL J 681 -127.35 48.16 -66.57
CA VAL J 681 -126.08 48.82 -66.23
C VAL J 681 -125.16 48.89 -67.45
N HIS J 682 -124.39 49.97 -67.56
CA HIS J 682 -123.35 50.12 -68.58
C HIS J 682 -121.96 49.97 -67.95
N GLY J 683 -121.08 49.19 -68.57
CA GLY J 683 -119.80 48.78 -67.99
C GLY J 683 -118.71 49.85 -68.02
N GLU J 684 -118.50 50.50 -69.15
CA GLU J 684 -117.47 51.55 -69.30
C GLU J 684 -117.96 52.94 -68.82
N PRO J 685 -117.07 53.80 -68.27
CA PRO J 685 -117.43 55.17 -67.87
C PRO J 685 -117.53 56.14 -69.05
N THR J 686 -116.97 55.78 -70.22
CA THR J 686 -116.99 56.52 -71.49
C THR J 686 -117.23 55.55 -72.63
N CYS J 687 -117.62 56.01 -73.82
CA CYS J 687 -117.69 55.11 -74.99
C CYS J 687 -117.30 55.82 -76.30
N ASP J 688 -116.82 55.04 -77.28
CA ASP J 688 -116.39 55.57 -78.58
C ASP J 688 -117.60 56.02 -79.41
N LEU J 689 -117.74 57.32 -79.62
CA LEU J 689 -118.86 57.94 -80.33
C LEU J 689 -118.37 59.08 -81.24
N PRO J 690 -119.11 59.43 -82.31
CA PRO J 690 -118.74 60.53 -83.17
C PRO J 690 -118.94 61.89 -82.47
N ASP J 691 -118.10 62.86 -82.79
CA ASP J 691 -118.24 64.22 -82.30
C ASP J 691 -119.44 64.91 -83.00
N LEU J 692 -120.60 64.94 -82.34
CA LEU J 692 -121.86 65.34 -82.96
C LEU J 692 -121.88 66.82 -83.33
N ASP J 693 -121.14 67.68 -82.62
CA ASP J 693 -120.96 69.08 -82.97
C ASP J 693 -120.16 69.24 -84.28
N ALA J 694 -119.07 68.48 -84.47
CA ALA J 694 -118.36 68.46 -85.74
C ALA J 694 -119.19 67.82 -86.88
N ALA J 695 -119.94 66.76 -86.58
CA ALA J 695 -120.75 66.04 -87.56
C ALA J 695 -121.91 66.90 -88.10
N LEU J 696 -122.52 67.74 -87.27
CA LEU J 696 -123.51 68.74 -87.69
C LEU J 696 -122.91 69.75 -88.70
N GLN J 697 -121.61 70.06 -88.59
CA GLN J 697 -120.87 70.91 -89.55
C GLN J 697 -120.14 70.12 -90.65
N GLY J 698 -120.37 68.80 -90.79
CA GLY J 698 -119.85 67.98 -91.88
C GLY J 698 -118.49 67.31 -91.66
N ARG J 699 -117.86 67.48 -90.48
CA ARG J 699 -116.56 66.90 -90.13
C ARG J 699 -116.73 65.66 -89.25
N VAL J 700 -116.08 64.55 -89.62
CA VAL J 700 -116.28 63.24 -88.97
C VAL J 700 -115.03 62.78 -88.23
N TYR J 701 -115.08 62.68 -86.91
CA TYR J 701 -114.04 62.05 -86.07
C TYR J 701 -114.58 61.62 -84.69
N GLY J 702 -113.87 60.71 -84.03
CA GLY J 702 -114.30 60.07 -82.78
C GLY J 702 -113.92 60.83 -81.49
N ARG J 703 -114.68 60.56 -80.42
CA ARG J 703 -114.49 61.08 -79.05
C ARG J 703 -114.93 60.02 -78.03
N ARG J 704 -114.31 59.99 -76.85
CA ARG J 704 -114.73 59.13 -75.73
C ARG J 704 -115.56 59.90 -74.72
N LEU J 705 -116.84 60.12 -75.06
CA LEU J 705 -117.80 60.86 -74.26
C LEU J 705 -118.13 60.13 -72.94
N PRO J 706 -118.09 60.78 -71.77
CA PRO J 706 -118.64 60.26 -70.53
C PRO J 706 -120.14 59.95 -70.62
N VAL J 707 -120.58 58.80 -70.13
CA VAL J 707 -121.98 58.33 -70.26
C VAL J 707 -122.53 57.72 -68.98
N ARG J 708 -123.85 57.89 -68.76
CA ARG J 708 -124.63 57.24 -67.71
C ARG J 708 -126.08 56.97 -68.12
N MET J 709 -126.74 55.99 -67.50
CA MET J 709 -128.12 55.64 -67.83
C MET J 709 -129.12 56.69 -67.31
N SER J 710 -130.09 57.09 -68.13
CA SER J 710 -131.22 57.96 -67.70
C SER J 710 -132.38 57.19 -67.04
N LYS J 711 -132.46 55.87 -67.26
CA LYS J 711 -133.38 54.93 -66.57
C LYS J 711 -132.67 53.62 -66.26
N VAL J 712 -132.89 53.05 -65.08
CA VAL J 712 -132.23 51.82 -64.61
C VAL J 712 -133.16 50.61 -64.62
N LEU J 713 -134.44 50.78 -64.24
CA LEU J 713 -135.41 49.68 -64.19
C LEU J 713 -135.98 49.33 -65.57
N MET J 714 -136.11 48.03 -65.85
CA MET J 714 -136.73 47.46 -67.06
C MET J 714 -137.68 46.33 -66.68
N LEU J 715 -138.85 46.26 -67.31
CA LEU J 715 -139.87 45.23 -67.08
C LEU J 715 -140.01 44.34 -68.33
N CYS J 716 -139.27 43.23 -68.36
CA CYS J 716 -139.24 42.32 -69.49
C CYS J 716 -140.48 41.41 -69.48
N PRO J 717 -141.41 41.48 -70.46
CA PRO J 717 -142.56 40.60 -70.50
C PRO J 717 -142.16 39.19 -70.99
N ARG J 718 -142.89 38.15 -70.59
CA ARG J 718 -142.57 36.75 -70.95
C ARG J 718 -143.72 36.08 -71.70
N ASN J 719 -144.77 35.63 -71.01
CA ASN J 719 -145.92 34.98 -71.64
C ASN J 719 -147.26 35.36 -70.97
N ILE J 720 -148.34 35.24 -71.73
CA ILE J 720 -149.71 35.14 -71.25
C ILE J 720 -150.14 33.68 -71.36
N LYS J 721 -150.71 33.10 -70.29
CA LYS J 721 -150.99 31.67 -70.18
C LYS J 721 -152.48 31.38 -70.29
N ILE J 722 -152.88 30.52 -71.22
CA ILE J 722 -154.27 30.12 -71.48
C ILE J 722 -154.49 28.68 -70.99
N LYS J 723 -155.57 28.43 -70.23
CA LYS J 723 -155.86 27.14 -69.58
C LYS J 723 -157.23 26.59 -69.96
N ASN J 724 -157.36 25.28 -70.12
CA ASN J 724 -158.65 24.60 -70.29
C ASN J 724 -158.73 23.31 -69.45
N ARG J 725 -159.77 23.12 -68.65
CA ARG J 725 -159.93 21.97 -67.73
C ARG J 725 -160.24 20.67 -68.50
N VAL J 726 -159.55 19.58 -68.16
CA VAL J 726 -159.67 18.30 -68.88
C VAL J 726 -160.83 17.44 -68.37
N VAL J 727 -160.96 17.24 -67.05
CA VAL J 727 -161.88 16.24 -66.48
C VAL J 727 -163.07 16.91 -65.80
N PHE J 728 -164.26 16.53 -66.25
CA PHE J 728 -165.52 16.76 -65.54
C PHE J 728 -165.71 15.67 -64.46
N THR J 729 -165.88 16.08 -63.20
CA THR J 729 -165.93 15.17 -62.03
C THR J 729 -167.35 14.77 -61.59
N GLY J 730 -168.39 15.17 -62.31
CA GLY J 730 -169.79 14.86 -61.94
C GLY J 730 -170.36 15.69 -60.79
N GLU J 731 -169.59 16.59 -60.17
CA GLU J 731 -170.00 17.34 -58.97
C GLU J 731 -171.09 18.39 -59.24
N ASN J 732 -171.03 19.08 -60.40
CA ASN J 732 -172.04 20.06 -60.78
C ASN J 732 -173.23 19.38 -61.49
N ALA J 733 -174.28 19.08 -60.75
CA ALA J 733 -175.40 18.23 -61.17
C ALA J 733 -176.20 18.76 -62.37
N ALA J 734 -176.15 20.07 -62.66
CA ALA J 734 -176.81 20.67 -63.82
C ALA J 734 -176.15 20.28 -65.17
N LEU J 735 -174.87 19.90 -65.15
CA LEU J 735 -174.05 19.76 -66.37
C LEU J 735 -173.93 18.33 -66.91
N GLN J 736 -174.23 17.31 -66.10
CA GLN J 736 -173.88 15.89 -66.38
C GLN J 736 -174.34 15.41 -67.76
N ASN J 737 -175.50 15.85 -68.25
CA ASN J 737 -176.07 15.39 -69.52
C ASN J 737 -175.21 15.72 -70.76
N SER J 738 -174.33 16.72 -70.67
CA SER J 738 -173.38 17.02 -71.74
C SER J 738 -172.15 16.09 -71.75
N PHE J 739 -171.77 15.49 -70.61
CA PHE J 739 -170.55 14.67 -70.45
C PHE J 739 -170.78 13.17 -70.33
N ILE J 740 -171.99 12.70 -70.00
CA ILE J 740 -172.22 11.30 -69.60
C ILE J 740 -171.93 10.26 -70.71
N LYS J 741 -171.22 9.19 -70.34
CA LYS J 741 -170.87 8.05 -71.20
C LYS J 741 -171.97 6.99 -71.20
N SER J 742 -172.58 6.75 -72.36
CA SER J 742 -173.50 5.63 -72.60
C SER J 742 -172.76 4.29 -72.79
N THR J 743 -173.43 3.17 -72.53
CA THR J 743 -172.84 1.81 -72.63
C THR J 743 -173.63 0.85 -73.54
N THR J 744 -174.84 1.21 -74.01
CA THR J 744 -175.69 0.30 -74.80
C THR J 744 -175.14 0.08 -76.23
N ARG J 745 -175.37 -1.13 -76.77
CA ARG J 745 -174.83 -1.64 -78.05
C ARG J 745 -175.51 -0.99 -79.26
N ARG J 746 -174.86 0.00 -79.87
CA ARG J 746 -175.35 0.72 -81.06
C ARG J 746 -175.12 -0.08 -82.35
N GLU J 747 -175.88 0.23 -83.40
CA GLU J 747 -175.65 -0.30 -84.75
C GLU J 747 -174.50 0.39 -85.50
N ASN J 748 -174.15 1.64 -85.17
CA ASN J 748 -173.06 2.38 -85.81
C ASN J 748 -171.63 2.03 -85.30
N TYR J 749 -171.49 1.00 -84.46
CA TYR J 749 -170.27 0.75 -83.69
C TYR J 749 -169.03 0.46 -84.53
N ILE J 750 -169.15 -0.09 -85.74
CA ILE J 750 -168.01 -0.24 -86.66
C ILE J 750 -167.74 1.08 -87.37
N ILE J 751 -168.74 1.67 -88.04
CA ILE J 751 -168.55 2.86 -88.89
C ILE J 751 -168.21 4.15 -88.11
N ASN J 752 -168.64 4.25 -86.85
CA ASN J 752 -168.20 5.29 -85.88
C ASN J 752 -167.14 4.74 -84.90
N GLY J 753 -166.56 3.58 -85.19
CA GLY J 753 -165.52 2.95 -84.37
C GLY J 753 -164.10 3.29 -84.79
N PRO J 754 -163.09 2.66 -84.16
CA PRO J 754 -161.69 3.05 -84.31
C PRO J 754 -161.05 2.64 -85.64
N TYR J 755 -161.67 1.76 -86.45
CA TYR J 755 -161.06 1.22 -87.66
C TYR J 755 -161.55 1.81 -88.99
N MET J 756 -162.67 2.52 -89.03
CA MET J 756 -163.33 2.89 -90.30
C MET J 756 -162.47 3.71 -91.25
N LYS J 757 -161.69 4.68 -90.75
CA LYS J 757 -160.78 5.46 -91.60
C LYS J 757 -159.68 4.61 -92.25
N PHE J 758 -159.11 3.64 -91.54
CA PHE J 758 -158.15 2.68 -92.11
C PHE J 758 -158.81 1.69 -93.07
N LEU J 759 -160.00 1.17 -92.74
CA LEU J 759 -160.77 0.30 -93.63
C LEU J 759 -161.15 1.00 -94.95
N ASN J 760 -161.26 2.32 -94.96
CA ASN J 760 -161.41 3.11 -96.16
C ASN J 760 -160.09 3.34 -96.90
N THR J 761 -159.04 3.81 -96.21
CA THR J 761 -157.71 4.04 -96.81
C THR J 761 -157.14 2.80 -97.51
N TYR J 762 -157.38 1.61 -96.98
CA TYR J 762 -156.89 0.32 -97.53
C TYR J 762 -157.96 -0.49 -98.29
N HIS J 763 -159.11 0.09 -98.62
CA HIS J 763 -160.24 -0.63 -99.25
C HIS J 763 -159.86 -1.37 -100.54
N LYS J 764 -159.13 -0.72 -101.45
CA LYS J 764 -158.70 -1.33 -102.73
C LYS J 764 -157.68 -2.47 -102.56
N THR J 765 -156.94 -2.53 -101.45
CA THR J 765 -156.06 -3.68 -101.12
C THR J 765 -156.80 -4.79 -100.37
N LEU J 766 -157.78 -4.47 -99.50
CA LEU J 766 -158.61 -5.48 -98.83
C LEU J 766 -159.63 -6.15 -99.76
N PHE J 767 -160.30 -5.41 -100.65
CA PHE J 767 -161.33 -5.93 -101.55
C PHE J 767 -161.08 -5.51 -103.01
N PRO J 768 -160.09 -6.12 -103.69
CA PRO J 768 -159.70 -5.77 -105.05
C PRO J 768 -160.88 -5.73 -106.04
N ASP J 769 -161.03 -4.60 -106.73
CA ASP J 769 -162.05 -4.31 -107.74
C ASP J 769 -163.53 -4.48 -107.30
N THR J 770 -163.87 -4.37 -106.03
CA THR J 770 -165.29 -4.39 -105.60
C THR J 770 -166.03 -3.10 -105.97
N LYS J 771 -167.31 -3.20 -106.36
CA LYS J 771 -168.16 -2.03 -106.68
C LYS J 771 -168.67 -1.30 -105.44
N LEU J 772 -168.74 -2.00 -104.30
CA LEU J 772 -169.29 -1.52 -103.03
C LEU J 772 -168.49 -0.35 -102.44
N SER J 773 -169.16 0.66 -101.87
CA SER J 773 -168.51 1.61 -100.99
C SER J 773 -168.07 0.94 -99.69
N SER J 774 -166.95 1.40 -99.12
CA SER J 774 -166.44 0.89 -97.83
C SER J 774 -167.46 1.07 -96.69
N LEU J 775 -168.17 2.19 -96.68
CA LEU J 775 -169.25 2.49 -95.73
C LEU J 775 -170.39 1.47 -95.83
N TYR J 776 -170.87 1.16 -97.03
CA TYR J 776 -171.93 0.17 -97.18
C TYR J 776 -171.45 -1.26 -96.87
N LEU J 777 -170.23 -1.66 -97.24
CA LEU J 777 -169.69 -2.99 -96.95
C LEU J 777 -169.71 -3.29 -95.44
N TRP J 778 -169.16 -2.38 -94.63
CA TRP J 778 -169.10 -2.52 -93.19
C TRP J 778 -170.42 -2.24 -92.45
N HIS J 779 -171.35 -1.48 -93.02
CA HIS J 779 -172.70 -1.33 -92.47
C HIS J 779 -173.58 -2.55 -92.75
N ASN J 780 -173.45 -3.16 -93.93
CA ASN J 780 -174.05 -4.44 -94.28
C ASN J 780 -173.53 -5.54 -93.35
N PHE J 781 -172.22 -5.59 -93.08
CA PHE J 781 -171.67 -6.51 -92.08
C PHE J 781 -172.23 -6.27 -90.68
N SER J 782 -172.31 -4.99 -90.26
CA SER J 782 -172.92 -4.54 -89.00
C SER J 782 -174.41 -4.89 -88.82
N ARG J 783 -175.11 -5.38 -89.84
CA ARG J 783 -176.55 -5.72 -89.77
C ARG J 783 -176.92 -7.10 -90.29
N ARG J 784 -176.12 -7.70 -91.18
CA ARG J 784 -176.40 -9.00 -91.83
C ARG J 784 -175.34 -10.07 -91.56
N ARG J 785 -174.22 -9.72 -90.93
CA ARG J 785 -173.12 -10.65 -90.58
C ARG J 785 -172.54 -11.39 -91.80
N SER J 786 -172.21 -10.69 -92.88
CA SER J 786 -171.59 -11.30 -94.08
C SER J 786 -170.56 -10.40 -94.77
N VAL J 787 -169.59 -11.01 -95.43
CA VAL J 787 -168.41 -10.35 -96.01
C VAL J 787 -168.04 -10.96 -97.37
N PRO J 788 -167.70 -10.16 -98.40
CA PRO J 788 -167.38 -10.69 -99.73
C PRO J 788 -165.94 -11.20 -99.83
N VAL J 789 -165.72 -12.35 -100.48
CA VAL J 789 -164.38 -12.95 -100.65
C VAL J 789 -163.92 -12.85 -102.11
N PRO J 790 -162.83 -12.12 -102.41
CA PRO J 790 -162.30 -11.98 -103.78
C PRO J 790 -162.04 -13.31 -104.48
N SER J 791 -162.06 -13.32 -105.82
CA SER J 791 -162.25 -14.53 -106.63
C SER J 791 -161.25 -15.66 -106.38
N GLY J 792 -159.97 -15.35 -106.14
CA GLY J 792 -158.93 -16.31 -105.77
C GLY J 792 -158.55 -16.35 -104.28
N ALA J 793 -159.01 -15.39 -103.48
CA ALA J 793 -158.66 -15.29 -102.06
C ALA J 793 -159.35 -16.37 -101.19
N SER J 794 -158.82 -16.64 -100.00
CA SER J 794 -159.31 -17.72 -99.13
C SER J 794 -160.45 -17.25 -98.21
N ALA J 795 -161.47 -18.09 -97.98
CA ALA J 795 -162.63 -17.71 -97.18
C ALA J 795 -162.30 -17.39 -95.71
N GLU J 796 -161.50 -18.23 -95.05
CA GLU J 796 -161.34 -18.14 -93.60
C GLU J 796 -160.51 -16.92 -93.16
N GLU J 797 -159.55 -16.53 -93.99
CA GLU J 797 -158.81 -15.27 -93.89
C GLU J 797 -159.70 -14.03 -93.80
N TYR J 798 -160.80 -13.96 -94.56
CA TYR J 798 -161.79 -12.89 -94.45
C TYR J 798 -162.73 -13.07 -93.27
N SER J 799 -163.08 -14.29 -92.89
CA SER J 799 -163.83 -14.51 -91.64
C SER J 799 -163.06 -14.01 -90.41
N ASP J 800 -161.73 -14.14 -90.41
CA ASP J 800 -160.89 -13.60 -89.32
C ASP J 800 -160.84 -12.07 -89.33
N LEU J 801 -160.59 -11.43 -90.48
CA LEU J 801 -160.65 -9.96 -90.63
C LEU J 801 -161.95 -9.37 -90.05
N ALA J 802 -163.08 -9.97 -90.39
CA ALA J 802 -164.38 -9.56 -89.89
C ALA J 802 -164.48 -9.65 -88.35
N LEU J 803 -164.02 -10.75 -87.76
CA LEU J 803 -164.02 -10.93 -86.31
C LEU J 803 -163.04 -10.00 -85.60
N PHE J 804 -161.90 -9.62 -86.20
CA PHE J 804 -161.03 -8.60 -85.63
C PHE J 804 -161.72 -7.23 -85.51
N VAL J 805 -162.38 -6.80 -86.60
CA VAL J 805 -163.10 -5.52 -86.69
C VAL J 805 -164.25 -5.47 -85.71
N ASP J 806 -165.07 -6.53 -85.66
CA ASP J 806 -166.18 -6.65 -84.71
C ASP J 806 -165.70 -6.60 -83.24
N GLY J 807 -164.69 -7.42 -82.91
CA GLY J 807 -164.16 -7.52 -81.55
C GLY J 807 -163.64 -6.20 -81.03
N GLY J 808 -162.71 -5.57 -81.75
CA GLY J 808 -162.15 -4.29 -81.34
C GLY J 808 -163.17 -3.16 -81.31
N SER J 809 -164.13 -3.15 -82.23
CA SER J 809 -165.18 -2.13 -82.23
C SER J 809 -166.09 -2.21 -80.99
N ARG J 810 -166.54 -3.42 -80.57
CA ARG J 810 -167.29 -3.58 -79.31
C ARG J 810 -166.44 -3.29 -78.07
N ALA J 811 -165.16 -3.68 -78.03
CA ALA J 811 -164.27 -3.31 -76.94
C ALA J 811 -164.07 -1.79 -76.81
N HIS J 812 -163.95 -1.08 -77.93
CA HIS J 812 -163.88 0.38 -77.97
C HIS J 812 -165.19 1.04 -77.52
N GLU J 813 -166.35 0.51 -77.95
CA GLU J 813 -167.68 1.00 -77.55
C GLU J 813 -167.88 0.97 -76.02
N GLU J 814 -167.46 -0.13 -75.38
CA GLU J 814 -167.40 -0.28 -73.92
C GLU J 814 -166.41 0.69 -73.26
N SER J 815 -165.14 0.69 -73.66
CA SER J 815 -164.07 1.35 -72.90
C SER J 815 -163.82 2.84 -73.18
N ASN J 816 -164.22 3.39 -74.33
CA ASN J 816 -163.73 4.71 -74.77
C ASN J 816 -164.37 5.92 -74.08
N VAL J 817 -163.55 6.87 -73.61
CA VAL J 817 -163.98 8.18 -73.08
C VAL J 817 -163.35 9.38 -73.82
N ILE J 818 -162.71 9.14 -74.97
CA ILE J 818 -162.08 10.15 -75.82
C ILE J 818 -162.83 10.21 -77.16
N ASP J 819 -163.63 11.25 -77.39
CA ASP J 819 -164.61 11.31 -78.49
C ASP J 819 -164.01 11.65 -79.87
N VAL J 820 -163.15 10.77 -80.39
CA VAL J 820 -162.35 10.92 -81.62
C VAL J 820 -162.39 9.63 -82.44
N VAL J 821 -162.49 9.76 -83.77
CA VAL J 821 -162.26 8.67 -84.72
C VAL J 821 -160.87 8.90 -85.34
N PRO J 822 -159.84 8.11 -84.99
CA PRO J 822 -158.45 8.45 -85.30
C PRO J 822 -158.10 8.27 -86.79
N GLY J 823 -157.36 9.21 -87.37
CA GLY J 823 -156.97 9.16 -88.78
C GLY J 823 -155.65 8.46 -89.12
N ASN J 824 -154.77 8.28 -88.14
CA ASN J 824 -153.43 7.70 -88.32
C ASN J 824 -153.04 6.82 -87.12
N LEU J 825 -152.07 5.91 -87.30
CA LEU J 825 -151.70 4.94 -86.26
C LEU J 825 -151.11 5.59 -84.99
N VAL J 826 -150.46 6.75 -85.08
CA VAL J 826 -149.99 7.48 -83.88
C VAL J 826 -151.15 8.00 -83.03
N THR J 827 -152.18 8.56 -83.66
CA THR J 827 -153.37 9.01 -82.93
C THR J 827 -154.17 7.83 -82.39
N TYR J 828 -154.33 6.75 -83.17
CA TYR J 828 -154.91 5.48 -82.69
C TYR J 828 -154.20 4.94 -81.44
N ALA J 829 -152.86 4.88 -81.46
CA ALA J 829 -152.04 4.44 -80.34
C ALA J 829 -152.18 5.34 -79.12
N LYS J 830 -152.08 6.66 -79.28
CA LYS J 830 -152.25 7.63 -78.18
C LYS J 830 -153.64 7.62 -77.57
N GLN J 831 -154.70 7.39 -78.34
CA GLN J 831 -156.04 7.20 -77.79
C GLN J 831 -156.10 5.93 -76.91
N ARG J 832 -155.57 4.79 -77.39
CA ARG J 832 -155.55 3.52 -76.62
C ARG J 832 -154.80 3.68 -75.28
N LEU J 833 -153.67 4.39 -75.30
CA LEU J 833 -152.86 4.69 -74.12
C LEU J 833 -153.61 5.53 -73.07
N ASN J 834 -154.23 6.64 -73.48
CA ASN J 834 -154.89 7.55 -72.54
C ASN J 834 -156.21 6.99 -71.99
N ASN J 835 -156.96 6.20 -72.77
CA ASN J 835 -158.08 5.40 -72.25
C ASN J 835 -157.63 4.40 -71.17
N ALA J 836 -156.41 3.87 -71.20
CA ALA J 836 -155.90 2.98 -70.16
C ALA J 836 -155.60 3.72 -68.85
N ILE J 837 -154.98 4.90 -68.92
CA ILE J 837 -154.63 5.70 -67.74
C ILE J 837 -155.90 6.18 -67.01
N LEU J 838 -156.90 6.65 -67.75
CA LEU J 838 -158.17 7.11 -67.18
C LEU J 838 -158.93 5.97 -66.47
N LYS J 839 -158.85 4.74 -66.98
CA LYS J 839 -159.44 3.56 -66.32
C LYS J 839 -158.74 3.19 -65.01
N ALA J 840 -157.41 3.24 -64.95
CA ALA J 840 -156.66 3.08 -63.71
C ALA J 840 -156.99 4.17 -62.67
N CYS J 841 -157.35 5.38 -63.11
CA CYS J 841 -157.82 6.44 -62.22
C CYS J 841 -159.31 6.35 -61.85
N GLY J 842 -160.05 5.35 -62.31
CA GLY J 842 -161.50 5.23 -62.09
C GLY J 842 -162.36 6.24 -62.86
N GLN J 843 -161.84 6.91 -63.89
CA GLN J 843 -162.57 7.87 -64.73
C GLN J 843 -163.24 7.14 -65.91
N THR J 844 -164.49 6.73 -65.72
CA THR J 844 -165.23 5.83 -66.63
C THR J 844 -166.64 6.32 -66.96
N GLN J 845 -167.19 7.27 -66.21
CA GLN J 845 -168.57 7.72 -66.31
C GLN J 845 -168.78 8.87 -67.31
N PHE J 846 -167.72 9.59 -67.66
CA PHE J 846 -167.78 10.83 -68.45
C PHE J 846 -166.74 10.88 -69.56
N TYR J 847 -167.09 11.48 -70.69
CA TYR J 847 -166.12 11.97 -71.67
C TYR J 847 -165.23 13.08 -71.07
N ILE J 848 -163.96 13.14 -71.47
CA ILE J 848 -163.07 14.27 -71.19
C ILE J 848 -163.28 15.44 -72.16
N SER J 849 -162.89 16.67 -71.79
CA SER J 849 -162.83 17.81 -72.73
C SER J 849 -161.80 17.58 -73.84
N LEU J 850 -162.07 18.07 -75.05
CA LEU J 850 -161.16 18.09 -76.19
C LEU J 850 -160.87 19.52 -76.67
N ILE J 851 -159.65 19.79 -77.13
CA ILE J 851 -159.34 20.95 -77.98
C ILE J 851 -159.02 20.45 -79.39
N GLN J 852 -159.67 20.99 -80.41
CA GLN J 852 -159.36 20.70 -81.82
C GLN J 852 -158.73 21.91 -82.53
N GLY J 853 -157.66 21.68 -83.29
CA GLY J 853 -157.03 22.69 -84.12
C GLY J 853 -157.67 22.77 -85.50
N LEU J 854 -158.03 23.97 -85.95
CA LEU J 854 -158.45 24.27 -87.31
C LEU J 854 -157.24 24.78 -88.11
N VAL J 855 -156.81 24.05 -89.13
CA VAL J 855 -155.56 24.31 -89.87
C VAL J 855 -155.85 24.72 -91.33
N PRO J 856 -155.34 25.87 -91.81
CA PRO J 856 -155.57 26.35 -93.19
C PRO J 856 -155.01 25.42 -94.28
N ARG J 857 -155.83 25.13 -95.30
CA ARG J 857 -155.47 24.45 -96.56
C ARG J 857 -155.73 25.36 -97.75
N THR J 858 -154.75 25.55 -98.60
CA THR J 858 -154.79 26.48 -99.75
C THR J 858 -155.08 25.72 -101.04
N GLN J 859 -156.05 26.15 -101.84
CA GLN J 859 -156.52 25.45 -103.04
C GLN J 859 -156.79 26.39 -104.22
N SER J 860 -156.50 25.95 -105.45
CA SER J 860 -156.79 26.70 -106.70
C SER J 860 -158.13 26.26 -107.29
N VAL J 861 -159.00 27.21 -107.61
CA VAL J 861 -160.39 26.99 -108.06
C VAL J 861 -160.69 27.83 -109.31
N PRO J 862 -161.71 27.50 -110.12
CA PRO J 862 -162.07 28.31 -111.29
C PRO J 862 -162.58 29.69 -110.87
N ALA J 863 -162.12 30.75 -111.56
CA ALA J 863 -162.31 32.15 -111.13
C ALA J 863 -163.73 32.72 -111.28
N ARG J 864 -164.70 31.96 -111.79
CA ARG J 864 -166.06 32.39 -112.11
C ARG J 864 -166.74 33.24 -111.02
N ASP J 865 -166.61 32.86 -109.75
CA ASP J 865 -167.15 33.60 -108.60
C ASP J 865 -166.08 34.35 -107.77
N TYR J 866 -164.90 34.63 -108.34
CA TYR J 866 -163.78 35.31 -107.71
C TYR J 866 -163.33 36.51 -108.57
N PRO J 867 -164.17 37.55 -108.71
CA PRO J 867 -164.05 38.54 -109.78
C PRO J 867 -162.78 39.40 -109.71
N HIS J 868 -162.12 39.49 -108.56
CA HIS J 868 -160.91 40.31 -108.40
C HIS J 868 -159.72 39.86 -109.27
N VAL J 869 -159.71 38.66 -109.84
CA VAL J 869 -158.63 38.25 -110.76
C VAL J 869 -158.58 39.04 -112.07
N LEU J 870 -159.68 39.71 -112.44
CA LEU J 870 -159.77 40.53 -113.66
C LEU J 870 -159.03 41.88 -113.56
N GLY J 871 -158.67 42.34 -112.36
CA GLY J 871 -158.00 43.62 -112.14
C GLY J 871 -158.90 44.84 -112.32
N THR J 872 -158.30 46.02 -112.56
CA THR J 872 -159.01 47.31 -112.78
C THR J 872 -159.69 47.45 -114.15
N ARG J 873 -159.61 46.41 -114.98
CA ARG J 873 -160.32 46.21 -116.26
C ARG J 873 -161.77 46.71 -116.25
N ALA J 874 -162.20 47.39 -117.30
CA ALA J 874 -163.61 47.70 -117.53
C ALA J 874 -164.38 46.46 -118.03
N VAL J 875 -165.57 46.20 -117.47
CA VAL J 875 -166.42 45.07 -117.82
C VAL J 875 -167.73 45.58 -118.42
N GLU J 876 -168.02 45.21 -119.67
CA GLU J 876 -169.13 45.78 -120.45
C GLU J 876 -170.37 44.87 -120.52
N SER J 877 -170.22 43.55 -120.44
CA SER J 877 -171.35 42.60 -120.43
C SER J 877 -171.04 41.33 -119.62
N ALA J 878 -172.10 40.62 -119.19
CA ALA J 878 -171.97 39.35 -118.48
C ALA J 878 -171.33 38.25 -119.35
N ALA J 879 -171.59 38.26 -120.66
CA ALA J 879 -170.94 37.36 -121.61
C ALA J 879 -169.42 37.59 -121.69
N ALA J 880 -168.98 38.86 -121.67
CA ALA J 880 -167.55 39.18 -121.62
C ALA J 880 -166.91 38.80 -120.27
N TYR J 881 -167.61 38.97 -119.15
CA TYR J 881 -167.15 38.49 -117.84
C TYR J 881 -166.96 36.96 -117.81
N ALA J 882 -167.95 36.22 -118.33
CA ALA J 882 -167.87 34.77 -118.45
C ALA J 882 -166.72 34.32 -119.37
N GLU J 883 -166.51 34.99 -120.50
CA GLU J 883 -165.40 34.70 -121.41
C GLU J 883 -164.05 34.95 -120.74
N ALA J 884 -163.85 36.14 -120.14
CA ALA J 884 -162.60 36.52 -119.51
C ALA J 884 -162.22 35.65 -118.30
N THR J 885 -163.20 35.17 -117.52
CA THR J 885 -162.94 34.26 -116.39
C THR J 885 -162.81 32.79 -116.78
N SER J 886 -163.31 32.35 -117.95
CA SER J 886 -163.36 30.93 -118.34
C SER J 886 -162.01 30.20 -118.32
N SER J 887 -160.90 30.91 -118.54
CA SER J 887 -159.53 30.37 -118.58
C SER J 887 -158.70 30.64 -117.32
N LEU J 888 -159.28 31.22 -116.26
CA LEU J 888 -158.56 31.73 -115.09
C LEU J 888 -158.88 30.97 -113.79
N THR J 889 -157.91 30.94 -112.88
CA THR J 889 -158.05 30.33 -111.55
C THR J 889 -157.71 31.31 -110.42
N ALA J 890 -158.42 31.19 -109.30
CA ALA J 890 -158.24 31.95 -108.08
C ALA J 890 -157.72 31.05 -106.95
N THR J 891 -156.80 31.55 -106.12
CA THR J 891 -156.40 30.90 -104.88
C THR J 891 -157.41 31.19 -103.77
N THR J 892 -157.85 30.17 -103.06
CA THR J 892 -158.77 30.29 -101.91
C THR J 892 -158.28 29.44 -100.73
N VAL J 893 -158.79 29.73 -99.54
CA VAL J 893 -158.40 29.03 -98.31
C VAL J 893 -159.63 28.51 -97.57
N VAL J 894 -159.54 27.29 -97.07
CA VAL J 894 -160.51 26.65 -96.16
C VAL J 894 -159.75 26.06 -94.98
N CYS J 895 -160.41 25.85 -93.85
CA CYS J 895 -159.79 25.21 -92.67
C CYS J 895 -160.25 23.75 -92.50
N ALA J 896 -159.33 22.85 -92.17
CA ALA J 896 -159.59 21.45 -91.84
C ALA J 896 -159.35 21.14 -90.36
N ALA J 897 -160.23 20.36 -89.74
CA ALA J 897 -160.08 19.96 -88.34
C ALA J 897 -159.04 18.85 -88.20
N THR J 898 -158.01 19.10 -87.41
CA THR J 898 -157.08 18.07 -86.92
C THR J 898 -157.68 17.34 -85.72
N ASP J 899 -157.42 16.05 -85.60
CA ASP J 899 -157.77 15.19 -84.45
C ASP J 899 -156.67 15.13 -83.38
N CYS J 900 -155.60 15.92 -83.52
CA CYS J 900 -154.34 15.81 -82.78
C CYS J 900 -153.58 17.15 -82.68
N LEU J 901 -154.09 18.08 -81.85
CA LEU J 901 -153.49 19.42 -81.66
C LEU J 901 -152.01 19.40 -81.26
N SER J 902 -151.54 18.40 -80.51
CA SER J 902 -150.18 18.40 -79.98
C SER J 902 -149.08 18.36 -81.04
N GLN J 903 -149.26 17.67 -82.17
CA GLN J 903 -148.28 17.72 -83.28
C GLN J 903 -148.24 19.09 -83.96
N VAL J 904 -149.36 19.81 -84.05
CA VAL J 904 -149.39 21.19 -84.55
C VAL J 904 -148.64 22.13 -83.60
N CYS J 905 -148.81 22.01 -82.29
CA CYS J 905 -148.08 22.81 -81.31
C CYS J 905 -146.55 22.61 -81.33
N LYS J 906 -146.04 21.46 -81.79
CA LYS J 906 -144.58 21.26 -82.01
C LYS J 906 -144.01 22.09 -83.17
N ALA J 907 -144.83 22.52 -84.12
CA ALA J 907 -144.45 23.34 -85.28
C ALA J 907 -144.48 24.87 -85.01
N ARG J 908 -144.48 25.29 -83.74
CA ARG J 908 -144.46 26.69 -83.26
C ARG J 908 -145.49 27.61 -83.94
N PRO J 909 -146.81 27.32 -83.81
CA PRO J 909 -147.83 27.92 -84.66
C PRO J 909 -148.16 29.39 -84.33
N VAL J 910 -148.62 30.13 -85.34
CA VAL J 910 -149.45 31.32 -85.18
C VAL J 910 -150.85 30.88 -84.78
N VAL J 911 -151.44 31.46 -83.73
CA VAL J 911 -152.72 31.01 -83.15
C VAL J 911 -153.77 32.13 -83.04
N THR J 912 -155.05 31.76 -83.14
CA THR J 912 -156.20 32.63 -82.81
C THR J 912 -157.21 31.89 -81.95
N LEU J 913 -157.61 32.47 -80.82
CA LEU J 913 -158.44 31.81 -79.80
C LEU J 913 -159.31 32.80 -78.99
N PRO J 914 -160.44 32.36 -78.41
CA PRO J 914 -161.25 33.16 -77.49
C PRO J 914 -160.80 33.01 -76.03
N VAL J 915 -160.77 34.09 -75.24
CA VAL J 915 -160.43 34.03 -73.81
C VAL J 915 -161.37 34.85 -72.91
N THR J 916 -161.68 34.32 -71.73
CA THR J 916 -162.22 35.08 -70.58
C THR J 916 -161.20 35.03 -69.44
N ILE J 917 -160.88 36.15 -68.79
CA ILE J 917 -160.05 36.13 -67.58
C ILE J 917 -160.94 36.10 -66.33
N ASN J 918 -160.97 34.97 -65.65
CA ASN J 918 -161.72 34.74 -64.41
C ASN J 918 -160.83 34.96 -63.19
N LYS J 919 -161.38 35.53 -62.11
CA LYS J 919 -160.63 35.87 -60.90
C LYS J 919 -161.27 35.27 -59.65
N TYR J 920 -160.46 34.80 -58.72
CA TYR J 920 -160.91 34.00 -57.57
C TYR J 920 -159.97 34.14 -56.37
N THR J 921 -160.48 33.83 -55.18
CA THR J 921 -159.72 33.86 -53.91
C THR J 921 -158.76 32.67 -53.80
N GLY J 922 -157.66 32.82 -53.08
CA GLY J 922 -156.80 31.68 -52.70
C GLY J 922 -157.45 30.67 -51.75
N VAL J 923 -156.82 29.50 -51.59
CA VAL J 923 -157.24 28.43 -50.66
C VAL J 923 -156.59 28.56 -49.27
N ASN J 924 -156.92 27.66 -48.34
CA ASN J 924 -156.30 27.52 -47.03
C ASN J 924 -156.32 28.81 -46.20
N GLY J 925 -157.44 29.54 -46.26
CA GLY J 925 -157.65 30.78 -45.52
C GLY J 925 -157.01 32.02 -46.14
N ASN J 926 -156.34 31.91 -47.31
CA ASN J 926 -155.75 33.06 -47.99
C ASN J 926 -156.81 34.05 -48.50
N ASN J 927 -156.50 35.35 -48.54
CA ASN J 927 -157.41 36.42 -48.98
C ASN J 927 -156.94 37.15 -50.26
N GLN J 928 -155.87 36.72 -50.92
CA GLN J 928 -155.41 37.28 -52.19
C GLN J 928 -156.29 36.87 -53.37
N ILE J 929 -156.20 37.61 -54.47
CA ILE J 929 -156.88 37.35 -55.74
C ILE J 929 -155.89 36.67 -56.71
N PHE J 930 -156.31 35.57 -57.34
CA PHE J 930 -155.60 34.85 -58.40
C PHE J 930 -156.43 34.86 -59.68
N GLN J 931 -155.79 34.71 -60.85
CA GLN J 931 -156.48 34.73 -62.15
C GLN J 931 -156.22 33.50 -63.02
N ALA J 932 -157.17 33.15 -63.87
CA ALA J 932 -156.99 32.21 -64.98
C ALA J 932 -157.54 32.80 -66.27
N GLY J 933 -156.80 32.67 -67.37
CA GLY J 933 -157.28 32.95 -68.71
C GLY J 933 -157.86 31.68 -69.30
N ASN J 934 -159.19 31.54 -69.29
CA ASN J 934 -159.84 30.31 -69.72
C ASN J 934 -160.28 30.38 -71.18
N LEU J 935 -159.99 29.31 -71.93
CA LEU J 935 -160.38 29.14 -73.32
C LEU J 935 -161.90 29.11 -73.46
N GLY J 936 -162.44 29.99 -74.32
CA GLY J 936 -163.88 30.15 -74.55
C GLY J 936 -164.32 29.77 -75.96
N TYR J 937 -165.35 30.44 -76.46
CA TYR J 937 -166.03 30.17 -77.72
C TYR J 937 -166.05 31.38 -78.68
N PHE J 938 -166.08 31.11 -79.98
CA PHE J 938 -166.27 32.13 -81.02
C PHE J 938 -167.76 32.49 -81.17
N MET J 939 -168.06 33.77 -81.37
CA MET J 939 -169.41 34.25 -81.69
C MET J 939 -169.51 34.72 -83.14
N GLY J 940 -170.63 34.41 -83.80
CA GLY J 940 -170.95 34.84 -85.16
C GLY J 940 -170.87 33.69 -86.16
N ARG J 941 -171.95 33.46 -86.93
CA ARG J 941 -172.08 32.30 -87.84
C ARG J 941 -171.18 32.37 -89.08
N GLY J 942 -170.59 33.51 -89.40
CA GLY J 942 -169.70 33.65 -90.56
C GLY J 942 -168.24 33.26 -90.34
N VAL J 943 -167.82 32.91 -89.12
CA VAL J 943 -166.41 32.67 -88.77
C VAL J 943 -165.81 31.47 -89.51
N ASP J 944 -166.35 30.27 -89.35
CA ASP J 944 -165.93 29.08 -90.09
C ASP J 944 -167.02 28.00 -90.09
N ARG J 945 -167.26 27.36 -91.23
CA ARG J 945 -168.29 26.31 -91.38
C ARG J 945 -168.12 25.11 -90.43
N ASN J 946 -166.92 24.79 -89.96
CA ASN J 946 -166.71 23.72 -88.97
C ASN J 946 -167.31 24.04 -87.59
N LEU J 947 -167.55 25.32 -87.27
CA LEU J 947 -168.17 25.75 -86.03
C LEU J 947 -169.72 25.72 -86.07
N LEU J 948 -170.35 25.52 -87.23
CA LEU J 948 -171.81 25.50 -87.38
C LEU J 948 -172.44 24.25 -86.78
N GLN J 949 -173.30 24.41 -85.76
CA GLN J 949 -174.15 23.34 -85.22
C GLN J 949 -175.44 23.16 -86.02
N SER J 963 -170.48 23.33 -78.19
CA SER J 963 -170.54 22.28 -77.18
C SER J 963 -169.76 22.65 -75.90
N MET J 964 -170.19 22.08 -74.77
CA MET J 964 -169.40 22.09 -73.53
C MET J 964 -168.05 21.41 -73.69
N ARG J 965 -167.99 20.26 -74.38
CA ARG J 965 -166.88 19.31 -74.31
C ARG J 965 -165.92 19.32 -75.51
N LYS J 966 -166.17 20.12 -76.53
CA LYS J 966 -165.21 20.42 -77.62
C LYS J 966 -165.02 21.92 -77.79
N LYS J 967 -163.78 22.39 -77.79
CA LYS J 967 -163.37 23.79 -78.07
C LYS J 967 -162.37 23.84 -79.23
N PHE J 968 -162.30 24.97 -79.93
CA PHE J 968 -161.50 25.15 -81.13
C PHE J 968 -160.47 26.28 -80.99
N VAL J 969 -159.32 26.11 -81.66
CA VAL J 969 -158.27 27.11 -81.89
C VAL J 969 -157.89 27.08 -83.37
N PHE J 970 -157.69 28.23 -84.02
CA PHE J 970 -157.06 28.26 -85.36
C PHE J 970 -155.55 28.24 -85.23
N ALA J 971 -154.83 27.42 -86.01
CA ALA J 971 -153.37 27.32 -85.97
C ALA J 971 -152.72 27.23 -87.37
N THR J 972 -151.67 28.02 -87.63
CA THR J 972 -150.79 27.90 -88.82
C THR J 972 -149.35 27.62 -88.38
N PRO J 973 -148.70 26.53 -88.80
CA PRO J 973 -147.33 26.21 -88.39
C PRO J 973 -146.27 27.17 -88.98
N THR J 974 -145.15 27.39 -88.29
CA THR J 974 -144.02 28.21 -88.80
C THR J 974 -142.75 27.41 -89.13
N LEU J 975 -142.51 26.24 -88.52
CA LEU J 975 -141.44 25.32 -88.95
C LEU J 975 -141.65 24.85 -90.40
N GLY J 976 -140.65 24.99 -91.26
CA GLY J 976 -140.72 24.70 -92.69
C GLY J 976 -141.35 25.80 -93.55
N LEU J 977 -141.79 26.91 -92.95
CA LEU J 977 -142.20 28.12 -93.66
C LEU J 977 -141.15 29.21 -93.46
N THR J 978 -140.99 29.72 -92.24
CA THR J 978 -140.06 30.83 -91.89
C THR J 978 -138.91 30.42 -90.98
N VAL J 979 -138.98 29.24 -90.34
CA VAL J 979 -137.94 28.67 -89.45
C VAL J 979 -137.54 27.27 -89.93
N LYS J 980 -136.23 26.97 -89.99
CA LYS J 980 -135.70 25.70 -90.52
C LYS J 980 -135.77 24.56 -89.47
N ARG J 981 -136.17 23.36 -89.90
CA ARG J 981 -136.19 22.15 -89.04
C ARG J 981 -134.78 21.67 -88.67
N THR J 988 -125.86 8.46 -88.43
CA THR J 988 -124.94 7.35 -88.10
C THR J 988 -124.22 6.78 -89.33
N TYR J 989 -123.07 6.16 -89.12
CA TYR J 989 -122.47 5.24 -90.09
C TYR J 989 -123.24 3.91 -90.12
N GLU J 990 -123.30 3.23 -91.26
CA GLU J 990 -123.99 1.93 -91.37
C GLU J 990 -123.43 0.86 -90.41
N ILE J 991 -122.11 0.86 -90.15
CA ILE J 991 -121.49 -0.02 -89.15
C ILE J 991 -122.00 0.21 -87.72
N GLU J 992 -122.50 1.39 -87.37
CA GLU J 992 -123.17 1.63 -86.09
C GLU J 992 -124.56 0.98 -86.04
N ASN J 993 -125.30 0.97 -87.15
CA ASN J 993 -126.63 0.37 -87.25
C ASN J 993 -126.56 -1.15 -87.24
N ILE J 994 -125.60 -1.77 -87.96
CA ILE J 994 -125.35 -3.22 -87.86
C ILE J 994 -125.06 -3.59 -86.39
N ARG J 995 -124.13 -2.89 -85.74
CA ARG J 995 -123.75 -3.09 -84.33
C ARG J 995 -124.94 -2.96 -83.36
N ALA J 996 -125.77 -1.93 -83.49
CA ALA J 996 -126.97 -1.80 -82.67
C ALA J 996 -127.95 -2.97 -82.86
N GLY J 997 -128.20 -3.40 -84.10
CA GLY J 997 -129.10 -4.51 -84.39
C GLY J 997 -128.61 -5.86 -83.84
N LEU J 998 -127.30 -6.11 -83.83
CA LEU J 998 -126.72 -7.29 -83.19
C LEU J 998 -126.80 -7.24 -81.66
N GLU J 999 -126.50 -6.12 -81.01
CA GLU J 999 -126.69 -5.99 -79.57
C GLU J 999 -128.17 -6.13 -79.17
N ALA J 1000 -129.11 -5.69 -80.01
CA ALA J 1000 -130.55 -5.88 -79.82
C ALA J 1000 -130.98 -7.36 -79.90
N ILE J 1001 -130.40 -8.17 -80.80
CA ILE J 1001 -130.64 -9.62 -80.85
C ILE J 1001 -130.06 -10.32 -79.62
N ILE J 1002 -128.76 -10.16 -79.37
CA ILE J 1002 -128.05 -10.95 -78.35
C ILE J 1002 -128.59 -10.67 -76.94
N SER J 1003 -128.98 -9.42 -76.65
CA SER J 1003 -129.58 -9.02 -75.36
C SER J 1003 -131.00 -9.58 -75.14
N GLN J 1004 -131.66 -10.12 -76.16
CA GLN J 1004 -133.02 -10.67 -76.07
C GLN J 1004 -133.11 -12.19 -76.22
N LYS J 1005 -132.25 -12.82 -77.02
CA LYS J 1005 -132.30 -14.26 -77.31
C LYS J 1005 -132.09 -15.09 -76.03
N GLN J 1006 -133.09 -15.85 -75.62
CA GLN J 1006 -133.10 -16.68 -74.41
C GLN J 1006 -133.57 -18.11 -74.70
N GLU J 1007 -133.04 -19.07 -73.94
CA GLU J 1007 -133.33 -20.51 -74.05
C GLU J 1007 -132.89 -21.17 -75.38
N GLU J 1008 -132.09 -20.48 -76.20
CA GLU J 1008 -131.46 -20.98 -77.42
C GLU J 1008 -130.12 -20.28 -77.70
N ASP J 1009 -129.17 -20.97 -78.32
CA ASP J 1009 -127.89 -20.41 -78.74
C ASP J 1009 -128.04 -19.45 -79.94
N CYS J 1010 -127.43 -18.27 -79.89
CA CYS J 1010 -127.72 -17.15 -80.80
C CYS J 1010 -126.89 -17.09 -82.12
N VAL J 1011 -125.87 -17.92 -82.32
CA VAL J 1011 -124.89 -17.75 -83.42
C VAL J 1011 -125.53 -17.82 -84.81
N PHE J 1012 -126.49 -18.70 -85.05
CA PHE J 1012 -127.20 -18.77 -86.33
C PHE J 1012 -128.05 -17.52 -86.61
N ASP J 1013 -128.71 -16.94 -85.61
CA ASP J 1013 -129.48 -15.70 -85.79
C ASP J 1013 -128.60 -14.45 -85.98
N VAL J 1014 -127.39 -14.42 -85.40
CA VAL J 1014 -126.38 -13.38 -85.66
C VAL J 1014 -125.82 -13.53 -87.08
N VAL J 1015 -125.42 -14.74 -87.48
CA VAL J 1015 -124.91 -15.01 -88.83
C VAL J 1015 -125.94 -14.66 -89.91
N CYS J 1016 -127.22 -14.93 -89.71
CA CYS J 1016 -128.26 -14.54 -90.67
C CYS J 1016 -128.41 -13.02 -90.79
N ASN J 1017 -128.36 -12.27 -89.69
CA ASN J 1017 -128.39 -10.81 -89.74
C ASN J 1017 -127.16 -10.20 -90.46
N LEU J 1018 -125.95 -10.77 -90.28
CA LEU J 1018 -124.76 -10.36 -91.04
C LEU J 1018 -124.89 -10.67 -92.53
N VAL J 1019 -125.31 -11.89 -92.89
CA VAL J 1019 -125.49 -12.28 -94.30
C VAL J 1019 -126.59 -11.42 -94.97
N ASP J 1020 -127.64 -11.04 -94.26
CA ASP J 1020 -128.63 -10.08 -94.77
C ASP J 1020 -128.02 -8.69 -95.03
N ALA J 1021 -127.27 -8.13 -94.07
CA ALA J 1021 -126.75 -6.75 -94.16
C ALA J 1021 -125.51 -6.59 -95.06
N MET J 1022 -124.69 -7.63 -95.24
CA MET J 1022 -123.42 -7.57 -95.99
C MET J 1022 -123.34 -8.55 -97.17
N GLY J 1023 -124.17 -9.58 -97.23
CA GLY J 1023 -124.17 -10.55 -98.34
C GLY J 1023 -122.82 -11.20 -98.58
N GLU J 1024 -122.35 -11.16 -99.82
CA GLU J 1024 -121.07 -11.74 -100.26
C GLU J 1024 -119.85 -11.16 -99.53
N ALA J 1025 -119.93 -9.94 -99.01
CA ALA J 1025 -118.85 -9.33 -98.23
C ALA J 1025 -118.58 -10.03 -96.88
N CYS J 1026 -119.46 -10.93 -96.40
CA CYS J 1026 -119.16 -11.76 -95.23
C CYS J 1026 -118.02 -12.77 -95.47
N ALA J 1027 -117.79 -13.17 -96.73
CA ALA J 1027 -116.82 -14.21 -97.09
C ALA J 1027 -115.37 -13.89 -96.66
N SER J 1028 -115.04 -12.62 -96.43
CA SER J 1028 -113.72 -12.16 -95.99
C SER J 1028 -113.77 -11.31 -94.71
N LEU J 1029 -114.85 -11.40 -93.91
CA LEU J 1029 -114.98 -10.65 -92.66
C LEU J 1029 -113.83 -11.02 -91.70
N THR J 1030 -113.02 -10.04 -91.30
CA THR J 1030 -111.86 -10.25 -90.42
C THR J 1030 -112.29 -10.24 -88.95
N ARG J 1031 -111.44 -10.75 -88.04
CA ARG J 1031 -111.74 -10.76 -86.60
C ARG J 1031 -111.81 -9.36 -85.99
N ASP J 1032 -110.99 -8.41 -86.46
CA ASP J 1032 -111.05 -7.03 -85.99
C ASP J 1032 -112.36 -6.33 -86.38
N ASP J 1033 -112.87 -6.55 -87.59
CA ASP J 1033 -114.21 -6.07 -87.99
C ASP J 1033 -115.32 -6.79 -87.21
N ALA J 1034 -115.28 -8.12 -87.10
CA ALA J 1034 -116.29 -8.90 -86.36
C ALA J 1034 -116.38 -8.48 -84.88
N GLU J 1035 -115.26 -8.32 -84.18
CA GLU J 1035 -115.24 -7.84 -82.80
C GLU J 1035 -115.86 -6.44 -82.64
N TYR J 1036 -115.62 -5.49 -83.55
CA TYR J 1036 -116.29 -4.19 -83.50
C TYR J 1036 -117.82 -4.30 -83.66
N LEU J 1037 -118.30 -5.08 -84.64
CA LEU J 1037 -119.74 -5.23 -84.91
C LEU J 1037 -120.47 -5.92 -83.76
N LEU J 1038 -119.87 -6.91 -83.09
CA LEU J 1038 -120.45 -7.58 -81.93
C LEU J 1038 -120.50 -6.73 -80.65
N GLY J 1039 -119.77 -5.60 -80.61
CA GLY J 1039 -119.83 -4.64 -79.51
C GLY J 1039 -119.50 -5.23 -78.14
N ARG J 1040 -120.43 -5.13 -77.19
CA ARG J 1040 -120.35 -5.71 -75.83
C ARG J 1040 -120.10 -7.22 -75.81
N PHE J 1041 -120.57 -7.93 -76.83
CA PHE J 1041 -120.53 -9.39 -76.92
C PHE J 1041 -119.39 -9.91 -77.82
N SER J 1042 -118.30 -9.16 -77.96
CA SER J 1042 -117.16 -9.48 -78.85
C SER J 1042 -116.53 -10.85 -78.62
N VAL J 1043 -116.75 -11.47 -77.47
CA VAL J 1043 -116.36 -12.86 -77.19
C VAL J 1043 -116.91 -13.86 -78.22
N LEU J 1044 -118.04 -13.56 -78.87
CA LEU J 1044 -118.69 -14.46 -79.83
C LEU J 1044 -117.94 -14.61 -81.17
N ALA J 1045 -116.96 -13.74 -81.47
CA ALA J 1045 -116.36 -13.58 -82.79
C ALA J 1045 -115.79 -14.87 -83.41
N ASP J 1046 -115.05 -15.69 -82.66
CA ASP J 1046 -114.48 -16.95 -83.20
C ASP J 1046 -115.56 -17.92 -83.71
N SER J 1047 -116.68 -18.02 -82.99
CA SER J 1047 -117.77 -18.91 -83.37
C SER J 1047 -118.57 -18.40 -84.58
N VAL J 1048 -118.73 -17.08 -84.72
CA VAL J 1048 -119.26 -16.44 -85.92
C VAL J 1048 -118.38 -16.71 -87.15
N LEU J 1049 -117.06 -16.50 -87.05
CA LEU J 1049 -116.14 -16.70 -88.17
C LEU J 1049 -116.02 -18.18 -88.59
N GLU J 1050 -115.96 -19.11 -87.64
CA GLU J 1050 -116.04 -20.54 -87.93
C GLU J 1050 -117.36 -20.90 -88.64
N THR J 1051 -118.48 -20.30 -88.24
CA THR J 1051 -119.78 -20.50 -88.92
C THR J 1051 -119.80 -19.92 -90.34
N LEU J 1052 -119.28 -18.71 -90.58
CA LEU J 1052 -119.24 -18.10 -91.92
C LEU J 1052 -118.35 -18.87 -92.91
N ALA J 1053 -117.23 -19.44 -92.47
CA ALA J 1053 -116.43 -20.37 -93.28
C ALA J 1053 -117.22 -21.61 -93.75
N THR J 1054 -118.16 -22.15 -92.97
CA THR J 1054 -119.00 -23.28 -93.43
C THR J 1054 -119.98 -22.86 -94.55
N ILE J 1055 -120.51 -21.64 -94.52
CA ILE J 1055 -121.35 -21.11 -95.62
C ILE J 1055 -120.50 -20.86 -96.86
N ALA J 1056 -119.33 -20.23 -96.72
CA ALA J 1056 -118.40 -19.99 -97.82
C ALA J 1056 -117.97 -21.28 -98.55
N SER J 1057 -117.56 -22.30 -97.81
CA SER J 1057 -117.04 -23.57 -98.37
C SER J 1057 -118.11 -24.55 -98.86
N SER J 1058 -119.33 -24.51 -98.33
CA SER J 1058 -120.45 -25.34 -98.81
C SER J 1058 -121.08 -24.85 -100.12
N GLY J 1059 -120.67 -23.69 -100.65
CA GLY J 1059 -120.99 -23.24 -102.01
C GLY J 1059 -122.43 -22.77 -102.23
N ILE J 1060 -123.24 -22.61 -101.18
CA ILE J 1060 -124.52 -21.89 -101.26
C ILE J 1060 -124.30 -20.38 -101.49
N GLU J 1061 -125.28 -19.72 -102.08
CA GLU J 1061 -125.23 -18.26 -102.27
C GLU J 1061 -125.46 -17.47 -100.96
N TRP J 1062 -124.93 -16.25 -100.90
CA TRP J 1062 -124.99 -15.39 -99.71
C TRP J 1062 -126.33 -14.67 -99.55
N THR J 1063 -127.34 -15.38 -99.06
CA THR J 1063 -128.64 -14.81 -98.67
C THR J 1063 -129.19 -15.50 -97.42
N ALA J 1064 -129.97 -14.77 -96.61
CA ALA J 1064 -130.51 -15.24 -95.34
C ALA J 1064 -131.38 -16.51 -95.47
N GLU J 1065 -132.11 -16.66 -96.58
CA GLU J 1065 -132.93 -17.84 -96.88
C GLU J 1065 -132.07 -19.09 -97.13
N ALA J 1066 -131.00 -18.97 -97.92
CA ALA J 1066 -130.04 -20.06 -98.17
C ALA J 1066 -129.19 -20.39 -96.92
N ALA J 1067 -128.84 -19.38 -96.12
CA ALA J 1067 -128.07 -19.56 -94.89
C ALA J 1067 -128.82 -20.46 -93.90
N ARG J 1068 -130.11 -20.20 -93.63
CA ARG J 1068 -130.94 -21.09 -92.80
C ARG J 1068 -131.08 -22.49 -93.40
N ASP J 1069 -131.37 -22.59 -94.70
CA ASP J 1069 -131.50 -23.89 -95.38
C ASP J 1069 -130.25 -24.77 -95.26
N PHE J 1070 -129.04 -24.21 -95.27
CA PHE J 1070 -127.83 -24.98 -94.97
C PHE J 1070 -127.66 -25.25 -93.45
N LEU J 1071 -127.68 -24.21 -92.61
CA LEU J 1071 -127.36 -24.31 -91.18
C LEU J 1071 -128.32 -25.25 -90.43
N GLU J 1072 -129.62 -25.12 -90.65
CA GLU J 1072 -130.64 -25.91 -89.93
C GLU J 1072 -130.76 -27.36 -90.43
N GLY J 1073 -130.21 -27.68 -91.61
CA GLY J 1073 -130.02 -29.06 -92.08
C GLY J 1073 -128.74 -29.70 -91.52
N VAL J 1074 -127.62 -28.97 -91.56
CA VAL J 1074 -126.35 -29.33 -90.90
C VAL J 1074 -126.47 -29.10 -89.40
N ASP J 1083 -128.18 -32.75 -74.53
CA ASP J 1083 -126.83 -33.03 -73.99
C ASP J 1083 -126.90 -33.47 -72.52
N ASN J 1084 -125.80 -34.01 -71.98
CA ASN J 1084 -125.64 -34.14 -70.54
C ASN J 1084 -125.67 -32.75 -69.90
N PHE J 1085 -126.33 -32.56 -68.76
CA PHE J 1085 -126.41 -31.30 -68.02
C PHE J 1085 -126.69 -31.57 -66.53
N ILE J 1086 -125.69 -31.46 -65.68
CA ILE J 1086 -125.86 -31.58 -64.22
C ILE J 1086 -126.29 -30.24 -63.60
N SER J 1087 -127.15 -30.28 -62.61
CA SER J 1087 -127.57 -29.10 -61.83
C SER J 1087 -126.57 -28.78 -60.69
N VAL J 1088 -126.44 -27.51 -60.32
CA VAL J 1088 -125.44 -26.99 -59.37
C VAL J 1088 -126.11 -26.23 -58.22
N ALA J 1089 -125.60 -26.38 -56.99
CA ALA J 1089 -126.21 -25.86 -55.77
C ALA J 1089 -126.47 -24.34 -55.79
N ASP L 9 -170.70 38.02 -39.61
CA ASP L 9 -170.94 38.96 -38.51
C ASP L 9 -169.76 39.02 -37.52
N ASN L 10 -169.69 40.05 -36.65
CA ASN L 10 -168.54 40.29 -35.76
C ASN L 10 -168.89 41.00 -34.44
N LEU L 11 -167.99 40.90 -33.45
CA LEU L 11 -168.14 41.51 -32.12
C LEU L 11 -168.29 43.05 -32.15
N GLY L 12 -167.75 43.74 -33.16
CA GLY L 12 -167.92 45.18 -33.35
C GLY L 12 -169.36 45.55 -33.65
N SER L 13 -169.95 44.95 -34.69
CA SER L 13 -171.35 45.11 -35.09
C SER L 13 -172.34 44.82 -33.95
N GLN L 14 -172.03 43.83 -33.11
CA GLN L 14 -172.88 43.39 -32.00
C GLN L 14 -172.81 44.28 -30.74
N SER L 15 -171.80 45.14 -30.58
CA SER L 15 -171.66 46.01 -29.40
C SER L 15 -172.71 47.14 -29.36
N GLN L 16 -173.14 47.55 -28.16
CA GLN L 16 -174.21 48.54 -27.95
C GLN L 16 -173.67 49.98 -27.83
N PRO L 17 -174.49 51.00 -28.18
CA PRO L 17 -174.27 52.40 -27.81
C PRO L 17 -173.94 52.64 -26.33
N GLY L 18 -173.14 53.67 -26.04
CA GLY L 18 -172.78 54.08 -24.68
C GLY L 18 -171.84 55.29 -24.61
N PRO L 19 -171.43 55.69 -23.40
CA PRO L 19 -170.52 56.82 -23.16
C PRO L 19 -169.05 56.53 -23.52
N CYS L 20 -168.20 57.55 -23.52
CA CYS L 20 -166.76 57.44 -23.80
C CYS L 20 -165.94 56.83 -22.64
N GLY L 21 -166.49 56.81 -21.42
CA GLY L 21 -165.90 56.26 -20.20
C GLY L 21 -166.85 56.43 -18.99
N TYR L 22 -166.40 56.05 -17.80
CA TYR L 22 -167.12 56.21 -16.53
C TYR L 22 -166.20 56.67 -15.38
N ILE L 23 -166.73 57.43 -14.44
CA ILE L 23 -166.16 57.60 -13.11
C ILE L 23 -166.88 56.65 -12.14
N TYR L 24 -166.16 55.76 -11.48
CA TYR L 24 -166.67 54.90 -10.40
C TYR L 24 -166.39 55.53 -9.04
N PHE L 25 -167.37 55.50 -8.14
CA PHE L 25 -167.26 55.88 -6.73
C PHE L 25 -167.50 54.66 -5.82
N TYR L 26 -166.52 54.28 -4.99
CA TYR L 26 -166.61 53.14 -4.07
C TYR L 26 -166.64 53.56 -2.59
N PRO L 27 -167.53 53.02 -1.74
CA PRO L 27 -167.62 53.41 -0.34
C PRO L 27 -166.44 52.92 0.51
N LEU L 28 -165.76 53.84 1.19
CA LEU L 28 -164.59 53.54 2.01
C LEU L 28 -164.90 52.61 3.20
N ALA L 29 -166.12 52.63 3.75
CA ALA L 29 -166.49 51.82 4.91
C ALA L 29 -166.49 50.30 4.64
N THR L 30 -166.74 49.86 3.40
CA THR L 30 -166.86 48.43 3.04
C THR L 30 -165.89 47.91 1.98
N TYR L 31 -165.30 48.78 1.14
CA TYR L 31 -164.45 48.37 0.02
C TYR L 31 -163.14 47.69 0.47
N PRO L 32 -162.67 46.59 -0.15
CA PRO L 32 -161.50 45.82 0.27
C PRO L 32 -160.16 46.45 -0.14
N LEU L 33 -159.74 47.52 0.55
CA LEU L 33 -158.56 48.34 0.23
C LEU L 33 -157.24 47.55 0.21
N ARG L 34 -157.01 46.60 1.12
CA ARG L 34 -155.77 45.79 1.13
C ARG L 34 -155.70 44.79 -0.02
N GLU L 35 -156.82 44.26 -0.51
CA GLU L 35 -156.82 43.42 -1.72
C GLU L 35 -156.42 44.21 -2.97
N VAL L 36 -157.06 45.35 -3.26
CA VAL L 36 -156.67 46.15 -4.45
C VAL L 36 -155.23 46.63 -4.39
N ALA L 37 -154.71 46.97 -3.21
CA ALA L 37 -153.32 47.37 -3.06
C ALA L 37 -152.31 46.29 -3.55
N THR L 38 -152.59 44.99 -3.40
CA THR L 38 -151.70 43.93 -3.90
C THR L 38 -151.65 43.83 -5.43
N LEU L 39 -152.68 44.30 -6.12
CA LEU L 39 -152.74 44.39 -7.59
C LEU L 39 -152.35 45.78 -8.13
N GLY L 40 -152.06 46.76 -7.28
CA GLY L 40 -151.82 48.15 -7.65
C GLY L 40 -150.36 48.58 -7.81
N THR L 41 -150.15 49.83 -8.21
CA THR L 41 -148.85 50.49 -8.41
C THR L 41 -148.57 51.61 -7.40
N GLY L 42 -149.06 51.49 -6.17
CA GLY L 42 -148.90 52.53 -5.14
C GLY L 42 -147.50 52.66 -4.56
N TYR L 43 -146.95 53.86 -4.52
CA TYR L 43 -145.70 54.21 -3.82
C TYR L 43 -146.00 55.05 -2.57
N ALA L 44 -145.07 55.20 -1.63
CA ALA L 44 -145.26 56.01 -0.42
C ALA L 44 -145.40 57.51 -0.77
N GLY L 45 -146.49 58.15 -0.37
CA GLY L 45 -146.80 59.55 -0.67
C GLY L 45 -147.54 59.81 -1.99
N HIS L 46 -148.02 58.78 -2.70
CA HIS L 46 -148.75 58.93 -3.98
C HIS L 46 -150.01 59.80 -3.86
N ARG L 47 -150.39 60.42 -4.98
CA ARG L 47 -151.64 61.18 -5.15
C ARG L 47 -152.55 60.54 -6.21
N CYS L 48 -152.02 59.61 -7.00
CA CYS L 48 -152.73 58.76 -7.95
C CYS L 48 -152.02 57.39 -8.11
N LEU L 49 -152.75 56.34 -8.51
CA LEU L 49 -152.20 55.02 -8.87
C LEU L 49 -153.07 54.26 -9.87
N THR L 50 -152.49 53.24 -10.51
CA THR L 50 -153.18 52.32 -11.41
C THR L 50 -153.47 50.97 -10.79
N VAL L 51 -154.59 50.39 -11.18
CA VAL L 51 -155.11 49.06 -10.84
C VAL L 51 -155.70 48.41 -12.10
N PRO L 52 -155.82 47.07 -12.18
CA PRO L 52 -156.44 46.41 -13.33
C PRO L 52 -157.97 46.58 -13.37
N LEU L 53 -158.57 46.59 -14.56
CA LEU L 53 -160.02 46.43 -14.76
C LEU L 53 -160.44 44.95 -14.54
N LEU L 54 -161.21 44.65 -13.48
CA LEU L 54 -161.67 43.31 -13.10
C LEU L 54 -163.12 43.32 -12.60
N CYS L 55 -163.94 42.40 -13.12
CA CYS L 55 -165.34 42.23 -12.69
C CYS L 55 -165.41 41.68 -11.27
N GLY L 56 -166.08 42.40 -10.37
CA GLY L 56 -166.26 42.01 -8.97
C GLY L 56 -165.26 42.63 -7.99
N ILE L 57 -164.32 43.47 -8.45
CA ILE L 57 -163.48 44.28 -7.55
C ILE L 57 -163.24 45.72 -8.03
N THR L 58 -163.14 45.98 -9.34
CA THR L 58 -163.01 47.37 -9.85
C THR L 58 -164.14 47.78 -10.79
N VAL L 59 -164.83 46.86 -11.46
CA VAL L 59 -166.11 47.10 -12.16
C VAL L 59 -167.15 46.06 -11.75
N GLU L 60 -168.43 46.33 -11.97
CA GLU L 60 -169.51 45.41 -11.63
C GLU L 60 -169.52 44.16 -12.54
N PRO L 61 -170.00 43.00 -12.07
CA PRO L 61 -170.20 41.83 -12.91
C PRO L 61 -171.04 42.14 -14.15
N GLY L 62 -170.64 41.62 -15.30
CA GLY L 62 -171.34 41.85 -16.57
C GLY L 62 -170.97 43.15 -17.29
N PHE L 63 -169.91 43.85 -16.87
CA PHE L 63 -169.35 45.00 -17.58
C PHE L 63 -169.03 44.65 -19.03
N SER L 64 -169.47 45.47 -19.99
CA SER L 64 -169.17 45.27 -21.41
C SER L 64 -167.88 45.99 -21.81
N ILE L 65 -166.84 45.22 -22.18
CA ILE L 65 -165.55 45.77 -22.59
C ILE L 65 -165.55 46.33 -24.01
N ASN L 66 -166.52 45.98 -24.87
CA ASN L 66 -166.69 46.52 -26.23
C ASN L 66 -167.92 47.43 -26.28
N VAL L 67 -167.84 48.58 -26.96
CA VAL L 67 -168.94 49.56 -27.04
C VAL L 67 -168.94 50.33 -28.36
N LYS L 68 -170.09 50.88 -28.74
CA LYS L 68 -170.19 52.01 -29.69
C LYS L 68 -170.26 53.31 -28.90
N ALA L 69 -169.20 54.09 -28.86
CA ALA L 69 -169.15 55.32 -28.09
C ALA L 69 -169.79 56.49 -28.86
N LEU L 70 -170.78 57.18 -28.29
CA LEU L 70 -171.34 58.43 -28.84
C LEU L 70 -170.37 59.58 -28.56
N HIS L 71 -169.67 60.06 -29.58
CA HIS L 71 -168.55 61.00 -29.39
C HIS L 71 -168.74 62.38 -30.05
N ARG L 72 -169.64 62.51 -31.03
CA ARG L 72 -169.89 63.77 -31.74
C ARG L 72 -171.37 63.93 -32.10
N ARG L 73 -171.94 65.11 -31.88
CA ARG L 73 -173.23 65.53 -32.48
C ARG L 73 -172.96 66.65 -33.49
N PRO L 74 -172.95 66.39 -34.81
CA PRO L 74 -172.73 67.43 -35.83
C PRO L 74 -173.76 68.56 -35.78
N ASP L 75 -175.00 68.24 -35.41
CA ASP L 75 -176.06 69.15 -34.97
C ASP L 75 -176.87 68.44 -33.87
N PRO L 76 -177.71 69.15 -33.09
CA PRO L 76 -178.48 68.57 -31.98
C PRO L 76 -179.35 67.34 -32.30
N ASN L 77 -179.57 67.01 -33.57
CA ASN L 77 -180.48 65.96 -34.02
C ASN L 77 -179.79 64.77 -34.71
N CYS L 78 -178.46 64.70 -34.72
CA CYS L 78 -177.69 63.58 -35.26
C CYS L 78 -176.54 63.16 -34.34
N GLY L 79 -176.35 61.85 -34.13
CA GLY L 79 -175.21 61.31 -33.39
C GLY L 79 -174.26 60.50 -34.27
N LEU L 80 -172.96 60.55 -33.97
CA LEU L 80 -171.95 59.69 -34.58
C LEU L 80 -171.36 58.69 -33.58
N LEU L 81 -171.22 57.43 -34.00
CA LEU L 81 -170.77 56.30 -33.18
C LEU L 81 -169.41 55.76 -33.62
N ARG L 82 -168.49 55.56 -32.66
CA ARG L 82 -167.16 54.94 -32.83
C ARG L 82 -167.10 53.62 -32.09
N ALA L 83 -166.78 52.52 -32.76
CA ALA L 83 -166.61 51.22 -32.11
C ALA L 83 -165.22 51.10 -31.45
N THR L 84 -165.17 50.80 -30.16
CA THR L 84 -163.92 50.70 -29.39
C THR L 84 -164.04 49.73 -28.23
N SER L 85 -162.95 49.05 -27.90
CA SER L 85 -162.80 48.38 -26.60
C SER L 85 -162.34 49.35 -25.50
N TYR L 86 -162.50 48.94 -24.24
CA TYR L 86 -161.96 49.64 -23.07
C TYR L 86 -160.43 49.58 -22.98
N HIS L 87 -159.84 50.58 -22.32
CA HIS L 87 -158.46 50.51 -21.85
C HIS L 87 -158.34 49.58 -20.63
N ARG L 88 -157.29 48.77 -20.61
CA ARG L 88 -157.01 47.72 -19.65
C ARG L 88 -156.78 48.19 -18.19
N ASP L 89 -156.21 49.37 -17.98
CA ASP L 89 -155.95 49.94 -16.65
C ASP L 89 -157.04 50.92 -16.19
N ILE L 90 -157.32 50.94 -14.90
CA ILE L 90 -158.16 51.93 -14.19
C ILE L 90 -157.27 52.86 -13.37
N TYR L 91 -157.52 54.17 -13.42
CA TYR L 91 -156.76 55.22 -12.74
C TYR L 91 -157.51 55.73 -11.49
N VAL L 92 -156.95 55.51 -10.30
CA VAL L 92 -157.54 55.84 -8.99
C VAL L 92 -157.01 57.21 -8.50
N PHE L 93 -157.86 58.24 -8.48
CA PHE L 93 -157.42 59.65 -8.40
C PHE L 93 -158.00 60.49 -7.25
N HIS L 94 -159.12 60.11 -6.64
CA HIS L 94 -159.78 60.84 -5.53
C HIS L 94 -159.72 60.00 -4.23
N ASN L 95 -159.21 60.58 -3.13
CA ASN L 95 -158.87 59.89 -1.88
C ASN L 95 -157.87 58.72 -2.03
N ALA L 96 -156.98 58.76 -3.03
CA ALA L 96 -156.02 57.70 -3.33
C ALA L 96 -155.05 57.33 -2.18
N HIS L 97 -154.81 58.23 -1.23
CA HIS L 97 -154.03 57.99 0.00
C HIS L 97 -154.60 56.85 0.86
N MET L 98 -155.88 56.52 0.72
CA MET L 98 -156.54 55.41 1.40
C MET L 98 -156.13 54.01 0.89
N VAL L 99 -155.52 53.88 -0.29
CA VAL L 99 -155.02 52.60 -0.81
C VAL L 99 -153.55 52.41 -0.38
N PRO L 100 -153.19 51.35 0.36
CA PRO L 100 -151.80 51.09 0.75
C PRO L 100 -150.82 51.01 -0.46
N PRO L 101 -149.54 51.41 -0.28
CA PRO L 101 -148.51 51.22 -1.29
C PRO L 101 -148.13 49.73 -1.46
N ILE L 102 -147.63 49.36 -2.64
CA ILE L 102 -147.07 48.03 -2.94
C ILE L 102 -145.62 47.88 -2.45
N PHE L 103 -144.88 48.99 -2.32
CA PHE L 103 -143.48 49.06 -1.90
C PHE L 103 -143.25 50.16 -0.86
N GLU L 104 -142.54 49.89 0.22
CA GLU L 104 -142.43 50.81 1.37
C GLU L 104 -141.28 51.83 1.27
N GLY L 105 -140.35 51.70 0.33
CA GLY L 105 -139.18 52.56 0.23
C GLY L 105 -139.53 54.02 -0.08
N PRO L 106 -139.02 55.01 0.67
CA PRO L 106 -139.31 56.43 0.44
C PRO L 106 -138.48 57.07 -0.71
N GLY L 107 -138.86 58.26 -1.15
CA GLY L 107 -138.06 59.14 -2.01
C GLY L 107 -138.12 58.91 -3.52
N LEU L 108 -139.03 58.09 -4.04
CA LEU L 108 -139.01 57.67 -5.46
C LEU L 108 -139.39 58.77 -6.44
N GLU L 109 -140.25 59.71 -6.05
CA GLU L 109 -140.75 60.76 -6.92
C GLU L 109 -139.66 61.76 -7.34
N ALA L 110 -138.80 62.17 -6.40
CA ALA L 110 -137.62 63.00 -6.67
C ALA L 110 -136.54 62.26 -7.47
N LEU L 111 -136.29 60.98 -7.18
CA LEU L 111 -135.35 60.14 -7.94
C LEU L 111 -135.76 60.03 -9.42
N CYS L 112 -137.05 59.82 -9.69
CA CYS L 112 -137.58 59.78 -11.05
C CYS L 112 -137.43 61.13 -11.77
N GLY L 113 -137.68 62.25 -11.09
CA GLY L 113 -137.58 63.60 -11.66
C GLY L 113 -136.16 63.99 -12.05
N GLU L 114 -135.19 63.70 -11.18
CA GLU L 114 -133.77 63.93 -11.44
C GLU L 114 -133.29 63.09 -12.63
N THR L 115 -133.65 61.81 -12.68
CA THR L 115 -133.20 60.89 -13.73
C THR L 115 -133.84 61.18 -15.09
N ARG L 116 -135.11 61.60 -15.13
CA ARG L 116 -135.81 62.03 -16.36
C ARG L 116 -135.09 63.22 -17.02
N GLU L 117 -134.55 64.14 -16.23
CA GLU L 117 -133.86 65.32 -16.73
C GLU L 117 -132.48 64.96 -17.32
N VAL L 118 -131.66 64.11 -16.69
CA VAL L 118 -130.34 63.74 -17.25
C VAL L 118 -130.43 62.95 -18.55
N PHE L 119 -131.50 62.16 -18.78
CA PHE L 119 -131.78 61.52 -20.07
C PHE L 119 -132.46 62.45 -21.10
N GLY L 120 -132.78 63.69 -20.75
CA GLY L 120 -133.38 64.68 -21.64
C GLY L 120 -134.86 64.45 -21.96
N TYR L 121 -135.60 63.74 -21.12
CA TYR L 121 -137.02 63.44 -21.30
C TYR L 121 -137.96 64.54 -20.79
N ASP L 122 -139.09 64.67 -21.46
CA ASP L 122 -140.17 65.62 -21.21
C ASP L 122 -141.02 65.28 -19.96
N ALA L 123 -141.07 66.17 -18.97
CA ALA L 123 -141.95 66.07 -17.80
C ALA L 123 -143.40 66.52 -18.10
N TYR L 124 -144.38 66.07 -17.32
CA TYR L 124 -145.77 66.51 -17.51
C TYR L 124 -145.93 68.01 -17.26
N SER L 125 -146.50 68.75 -18.21
CA SER L 125 -146.81 70.17 -18.05
C SER L 125 -148.31 70.34 -17.82
N ALA L 126 -148.67 70.82 -16.63
CA ALA L 126 -150.06 71.03 -16.22
C ALA L 126 -150.76 72.14 -17.02
N LEU L 127 -152.06 71.98 -17.25
CA LEU L 127 -152.93 73.03 -17.78
C LEU L 127 -152.94 74.26 -16.83
N PRO L 128 -153.25 75.47 -17.33
CA PRO L 128 -153.35 76.67 -16.49
C PRO L 128 -154.59 76.72 -15.57
N ARG L 129 -155.64 75.96 -15.83
CA ARG L 129 -156.79 75.79 -14.90
C ARG L 129 -156.45 74.98 -13.65
N GLU L 130 -157.25 75.10 -12.58
CA GLU L 130 -157.27 74.11 -11.50
C GLU L 130 -157.94 72.78 -11.90
N SER L 131 -157.63 71.70 -11.19
CA SER L 131 -158.41 70.44 -11.21
C SER L 131 -159.89 70.68 -10.85
N SER L 132 -160.79 69.89 -11.45
CA SER L 132 -162.23 69.91 -11.14
C SER L 132 -162.47 69.68 -9.65
N LYS L 133 -163.25 70.57 -9.03
CA LYS L 133 -163.70 70.43 -7.63
C LYS L 133 -164.67 69.26 -7.49
N PRO L 134 -164.68 68.51 -6.37
CA PRO L 134 -165.56 67.35 -6.19
C PRO L 134 -167.03 67.60 -6.54
N GLY L 135 -167.62 68.69 -6.07
CA GLY L 135 -169.01 69.07 -6.37
C GLY L 135 -169.37 69.24 -7.86
N ASP L 136 -168.39 69.35 -8.76
CA ASP L 136 -168.59 69.37 -10.21
C ASP L 136 -168.84 67.99 -10.83
N PHE L 137 -168.27 66.91 -10.27
CA PHE L 137 -168.33 65.56 -10.87
C PHE L 137 -168.98 64.49 -9.99
N PHE L 138 -169.09 64.70 -8.68
CA PHE L 138 -169.83 63.81 -7.78
C PHE L 138 -171.35 63.83 -8.06
N PRO L 139 -172.04 62.67 -7.97
CA PRO L 139 -173.49 62.60 -7.90
C PRO L 139 -174.10 63.48 -6.80
N GLU L 140 -175.39 63.78 -6.90
CA GLU L 140 -176.16 64.53 -5.88
C GLU L 140 -176.19 63.82 -4.51
N GLY L 141 -175.84 64.55 -3.45
CA GLY L 141 -175.97 64.12 -2.06
C GLY L 141 -174.84 63.26 -1.48
N LEU L 142 -174.03 62.57 -2.31
CA LEU L 142 -172.87 61.80 -1.81
C LEU L 142 -171.80 62.71 -1.21
N ASP L 143 -171.27 62.32 -0.05
CA ASP L 143 -170.17 63.00 0.63
C ASP L 143 -168.81 62.65 -0.01
N PRO L 144 -168.06 63.62 -0.58
CA PRO L 144 -166.75 63.35 -1.17
C PRO L 144 -165.73 62.71 -0.21
N SER L 145 -165.83 62.96 1.09
CA SER L 145 -164.93 62.36 2.10
C SER L 145 -165.21 60.88 2.38
N ALA L 146 -166.38 60.36 2.00
CA ALA L 146 -166.79 58.97 2.25
C ALA L 146 -166.45 57.96 1.13
N TYR L 147 -165.94 58.43 0.00
CA TYR L 147 -165.76 57.63 -1.22
C TYR L 147 -164.35 57.67 -1.83
N LEU L 148 -163.96 56.60 -2.50
CA LEU L 148 -162.78 56.47 -3.36
C LEU L 148 -163.20 56.70 -4.83
N GLY L 149 -162.50 57.55 -5.59
CA GLY L 149 -162.86 57.83 -6.99
C GLY L 149 -161.83 57.37 -8.03
N ALA L 150 -162.29 56.73 -9.11
CA ALA L 150 -161.45 56.18 -10.18
C ALA L 150 -162.11 56.26 -11.57
N VAL L 151 -161.31 56.34 -12.64
CA VAL L 151 -161.77 56.41 -14.04
C VAL L 151 -161.53 55.10 -14.79
N ALA L 152 -162.55 54.60 -15.49
CA ALA L 152 -162.46 53.62 -16.56
C ALA L 152 -162.67 54.31 -17.92
N ILE L 153 -161.83 54.07 -18.91
CA ILE L 153 -161.78 54.86 -20.15
C ILE L 153 -161.68 53.99 -21.40
N THR L 154 -162.33 54.39 -22.49
CA THR L 154 -162.19 53.68 -23.77
C THR L 154 -160.87 53.96 -24.45
N GLU L 155 -160.34 52.98 -25.17
CA GLU L 155 -159.00 53.03 -25.77
C GLU L 155 -158.86 54.15 -26.83
N ALA L 156 -159.95 54.50 -27.53
CA ALA L 156 -159.98 55.56 -28.54
C ALA L 156 -160.03 57.00 -27.98
N PHE L 157 -160.48 57.22 -26.73
CA PHE L 157 -160.68 58.54 -26.12
C PHE L 157 -159.81 58.83 -24.88
N LYS L 158 -158.82 57.98 -24.58
CA LYS L 158 -157.89 58.17 -23.44
C LYS L 158 -156.97 59.40 -23.58
N GLU L 159 -156.62 59.86 -24.78
CA GLU L 159 -155.89 61.14 -24.92
C GLU L 159 -156.78 62.34 -24.59
N ARG L 160 -158.09 62.27 -24.88
CA ARG L 160 -159.08 63.28 -24.49
C ARG L 160 -159.25 63.38 -22.98
N LEU L 161 -159.16 62.26 -22.25
CA LEU L 161 -159.10 62.25 -20.78
C LEU L 161 -157.85 63.01 -20.29
N TYR L 162 -156.68 62.67 -20.82
CA TYR L 162 -155.41 63.33 -20.51
C TYR L 162 -155.46 64.85 -20.75
N SER L 163 -156.03 65.28 -21.88
CA SER L 163 -156.06 66.68 -22.32
C SER L 163 -157.19 67.52 -21.72
N GLY L 164 -158.09 66.95 -20.90
CA GLY L 164 -159.16 67.70 -20.21
C GLY L 164 -160.37 68.03 -21.08
N ASN L 165 -160.62 67.23 -22.11
CA ASN L 165 -161.66 67.44 -23.13
C ASN L 165 -162.92 66.55 -22.97
N LEU L 166 -163.04 65.74 -21.92
CA LEU L 166 -164.28 65.02 -21.59
C LEU L 166 -165.18 65.84 -20.65
N VAL L 167 -166.47 65.54 -20.65
CA VAL L 167 -167.50 66.12 -19.79
C VAL L 167 -168.15 65.02 -18.93
N ALA L 168 -168.22 65.20 -17.61
CA ALA L 168 -168.99 64.34 -16.70
C ALA L 168 -170.44 64.83 -16.55
N ILE L 169 -171.41 63.92 -16.46
CA ILE L 169 -172.84 64.26 -16.35
C ILE L 169 -173.47 63.58 -15.12
N PRO L 170 -173.28 64.13 -13.90
CA PRO L 170 -173.75 63.55 -12.64
C PRO L 170 -175.24 63.14 -12.58
N SER L 171 -176.14 63.82 -13.27
CA SER L 171 -177.57 63.49 -13.26
C SER L 171 -177.87 62.11 -13.87
N LEU L 172 -177.02 61.63 -14.77
CA LEU L 172 -177.09 60.30 -15.36
C LEU L 172 -176.44 59.20 -14.50
N LYS L 173 -176.30 59.39 -13.18
CA LYS L 173 -175.78 58.35 -12.26
C LYS L 173 -176.50 57.01 -12.41
N GLN L 174 -175.76 55.93 -12.18
CA GLN L 174 -176.28 54.57 -12.05
C GLN L 174 -175.70 53.90 -10.81
N GLU L 175 -176.53 53.21 -10.03
CA GLU L 175 -176.11 52.47 -8.84
C GLU L 175 -175.77 51.02 -9.21
N VAL L 176 -174.60 50.54 -8.79
CA VAL L 176 -174.01 49.27 -9.21
C VAL L 176 -173.33 48.55 -8.04
N ALA L 177 -173.42 47.23 -8.00
CA ALA L 177 -172.77 46.41 -6.97
C ALA L 177 -171.39 45.96 -7.45
N VAL L 178 -170.33 46.29 -6.72
CA VAL L 178 -168.95 45.89 -7.05
C VAL L 178 -168.42 44.99 -5.93
N GLY L 179 -168.48 43.68 -6.17
CA GLY L 179 -168.34 42.69 -5.10
C GLY L 179 -169.49 42.84 -4.11
N GLN L 180 -169.17 43.05 -2.83
CA GLN L 180 -170.16 43.39 -1.80
C GLN L 180 -170.58 44.87 -1.81
N SER L 181 -169.73 45.77 -2.28
CA SER L 181 -169.87 47.21 -2.03
C SER L 181 -170.90 47.89 -2.92
N ALA L 182 -171.82 48.64 -2.32
CA ALA L 182 -172.79 49.49 -2.99
C ALA L 182 -172.10 50.71 -3.61
N SER L 183 -171.82 50.67 -4.91
CA SER L 183 -171.04 51.70 -5.62
C SER L 183 -171.93 52.55 -6.53
N VAL L 184 -171.40 53.64 -7.08
CA VAL L 184 -172.09 54.49 -8.05
C VAL L 184 -171.19 54.72 -9.26
N ARG L 185 -171.73 54.86 -10.47
CA ARG L 185 -170.96 55.37 -11.62
C ARG L 185 -171.64 56.55 -12.32
N VAL L 186 -170.83 57.47 -12.85
CA VAL L 186 -171.23 58.64 -13.67
C VAL L 186 -170.61 58.51 -15.06
N PRO L 187 -171.33 58.77 -16.16
CA PRO L 187 -170.77 58.66 -17.51
C PRO L 187 -169.87 59.86 -17.88
N LEU L 188 -168.93 59.64 -18.80
CA LEU L 188 -168.10 60.66 -19.46
C LEU L 188 -168.40 60.74 -20.97
N TYR L 189 -168.60 61.94 -21.52
CA TYR L 189 -168.79 62.18 -22.96
C TYR L 189 -167.76 63.19 -23.51
N ASP L 190 -167.27 63.02 -24.74
CA ASP L 190 -166.40 64.00 -25.39
C ASP L 190 -167.13 65.34 -25.62
N LYS L 191 -166.50 66.49 -25.34
CA LYS L 191 -167.14 67.81 -25.48
C LYS L 191 -167.73 68.09 -26.87
N GLU L 192 -167.31 67.35 -27.90
CA GLU L 192 -167.92 67.38 -29.24
C GLU L 192 -169.37 66.84 -29.33
N VAL L 193 -169.94 66.26 -28.26
CA VAL L 193 -171.39 66.01 -28.20
C VAL L 193 -172.21 67.27 -27.85
N PHE L 194 -171.58 68.40 -27.55
CA PHE L 194 -172.25 69.67 -27.29
C PHE L 194 -171.91 70.71 -28.37
N PRO L 195 -172.56 70.69 -29.54
CA PRO L 195 -172.24 71.62 -30.64
C PRO L 195 -172.40 73.11 -30.29
N GLU L 196 -173.30 73.51 -29.38
CA GLU L 196 -173.36 74.92 -28.93
C GLU L 196 -172.24 75.30 -27.94
N GLY L 197 -171.41 74.33 -27.53
CA GLY L 197 -170.33 74.47 -26.56
C GLY L 197 -170.79 74.34 -25.11
N VAL L 198 -169.85 73.98 -24.24
CA VAL L 198 -169.94 74.04 -22.77
C VAL L 198 -168.80 74.91 -22.23
N PRO L 199 -168.96 75.64 -21.10
CA PRO L 199 -167.88 76.45 -20.53
C PRO L 199 -166.60 75.65 -20.25
N GLN L 200 -165.42 76.25 -20.42
CA GLN L 200 -164.14 75.55 -20.27
C GLN L 200 -163.97 74.89 -18.88
N LEU L 201 -164.48 75.48 -17.80
CA LEU L 201 -164.46 74.88 -16.45
C LEU L 201 -165.53 73.80 -16.21
N ARG L 202 -166.51 73.62 -17.11
CA ARG L 202 -167.50 72.54 -17.04
C ARG L 202 -166.96 71.19 -17.53
N GLN L 203 -165.84 71.18 -18.25
CA GLN L 203 -165.09 69.99 -18.64
C GLN L 203 -164.36 69.37 -17.45
N PHE L 204 -164.12 68.06 -17.48
CA PHE L 204 -163.46 67.31 -16.41
C PHE L 204 -161.94 67.32 -16.57
N TYR L 205 -161.21 67.74 -15.55
CA TYR L 205 -159.74 67.70 -15.53
C TYR L 205 -159.20 67.35 -14.15
N ASN L 206 -158.22 66.45 -14.08
CA ASN L 206 -157.46 66.24 -12.85
C ASN L 206 -155.95 66.14 -13.15
N SER L 207 -155.18 67.04 -12.56
CA SER L 207 -153.75 67.15 -12.83
C SER L 207 -152.95 65.94 -12.34
N ASP L 208 -153.31 65.32 -11.22
CA ASP L 208 -152.64 64.11 -10.75
C ASP L 208 -152.89 62.91 -11.65
N LEU L 209 -154.13 62.76 -12.16
CA LEU L 209 -154.47 61.73 -13.15
C LEU L 209 -153.68 61.91 -14.46
N SER L 210 -153.65 63.12 -15.03
CA SER L 210 -152.90 63.36 -16.28
C SER L 210 -151.40 63.12 -16.11
N ARG L 211 -150.79 63.59 -15.02
CA ARG L 211 -149.39 63.30 -14.67
C ARG L 211 -149.11 61.80 -14.52
N CYS L 212 -149.98 61.03 -13.87
CA CYS L 212 -149.85 59.59 -13.77
C CYS L 212 -149.85 58.89 -15.15
N MET L 213 -150.82 59.21 -16.03
CA MET L 213 -150.82 58.72 -17.42
C MET L 213 -149.55 59.10 -18.21
N HIS L 214 -149.04 60.32 -18.04
CA HIS L 214 -147.81 60.77 -18.69
C HIS L 214 -146.62 59.85 -18.41
N GLU L 215 -146.43 59.53 -17.13
CA GLU L 215 -145.33 58.72 -16.63
C GLU L 215 -145.57 57.21 -16.83
N ALA L 216 -146.70 56.68 -16.39
CA ALA L 216 -146.96 55.25 -16.39
C ALA L 216 -147.43 54.68 -17.73
N LEU L 217 -148.02 55.47 -18.63
CA LEU L 217 -148.48 55.01 -19.95
C LEU L 217 -147.62 55.53 -21.10
N TYR L 218 -147.62 56.84 -21.35
CA TYR L 218 -147.08 57.41 -22.58
C TYR L 218 -145.55 57.43 -22.67
N THR L 219 -144.84 57.60 -21.56
CA THR L 219 -143.36 57.64 -21.59
C THR L 219 -142.74 56.32 -22.08
N GLY L 220 -143.29 55.16 -21.73
CA GLY L 220 -142.82 53.87 -22.21
C GLY L 220 -143.07 53.66 -23.70
N LEU L 221 -144.17 54.19 -24.26
CA LEU L 221 -144.44 54.18 -25.70
C LEU L 221 -143.45 55.06 -26.47
N ALA L 222 -143.12 56.24 -25.93
CA ALA L 222 -142.05 57.09 -26.46
C ALA L 222 -140.68 56.39 -26.44
N GLN L 223 -140.32 55.71 -25.34
CA GLN L 223 -139.09 54.91 -25.27
C GLN L 223 -139.07 53.79 -26.33
N ALA L 224 -140.19 53.10 -26.59
CA ALA L 224 -140.28 52.07 -27.64
C ALA L 224 -140.06 52.61 -29.08
N LEU L 225 -140.30 53.89 -29.34
CA LEU L 225 -140.06 54.57 -30.63
C LEU L 225 -138.72 55.33 -30.67
N ARG L 226 -138.00 55.45 -29.55
CA ARG L 226 -136.83 56.33 -29.32
C ARG L 226 -137.16 57.81 -29.58
N VAL L 227 -138.21 58.30 -28.95
CA VAL L 227 -138.68 59.70 -28.91
C VAL L 227 -138.56 60.25 -27.48
N ARG L 228 -138.08 61.49 -27.29
CA ARG L 228 -137.98 62.18 -25.98
C ARG L 228 -139.15 63.11 -25.64
N ARG L 229 -139.79 63.65 -26.67
CA ARG L 229 -140.88 64.65 -26.60
C ARG L 229 -142.24 63.98 -26.36
N VAL L 230 -142.49 63.55 -25.12
CA VAL L 230 -143.67 62.76 -24.74
C VAL L 230 -144.98 63.53 -24.97
N GLY L 231 -145.06 64.80 -24.58
CA GLY L 231 -146.25 65.63 -24.76
C GLY L 231 -146.68 65.80 -26.22
N LYS L 232 -145.72 65.97 -27.14
CA LYS L 232 -145.96 65.96 -28.60
C LYS L 232 -146.38 64.59 -29.14
N LEU L 233 -145.88 63.47 -28.61
CA LEU L 233 -146.41 62.14 -28.92
C LEU L 233 -147.89 61.99 -28.50
N VAL L 234 -148.30 62.49 -27.34
CA VAL L 234 -149.71 62.45 -26.91
C VAL L 234 -150.60 63.28 -27.84
N GLU L 235 -150.16 64.48 -28.23
CA GLU L 235 -150.90 65.33 -29.16
C GLU L 235 -151.12 64.69 -30.54
N LEU L 236 -150.12 64.04 -31.13
CA LEU L 236 -150.29 63.39 -32.42
C LEU L 236 -151.13 62.11 -32.36
N LEU L 237 -151.13 61.36 -31.25
CA LEU L 237 -152.03 60.21 -31.06
C LEU L 237 -153.50 60.65 -30.95
N GLU L 238 -153.80 61.76 -30.27
CA GLU L 238 -155.15 62.30 -30.16
C GLU L 238 -155.73 62.68 -31.53
N LYS L 239 -154.98 63.47 -32.32
CA LYS L 239 -155.40 63.89 -33.66
C LYS L 239 -155.53 62.71 -34.63
N GLN L 240 -154.70 61.67 -34.51
CA GLN L 240 -154.86 60.43 -35.26
C GLN L 240 -156.20 59.73 -34.95
N SER L 241 -156.63 59.70 -33.68
CA SER L 241 -157.91 59.10 -33.30
C SER L 241 -159.11 59.92 -33.78
N LEU L 242 -159.08 61.24 -33.65
CA LEU L 242 -160.26 62.09 -33.90
C LEU L 242 -160.41 62.59 -35.34
N GLN L 243 -159.35 62.62 -36.14
CA GLN L 243 -159.32 63.20 -37.49
C GLN L 243 -158.82 62.22 -38.56
N ASP L 244 -158.86 60.91 -38.28
CA ASP L 244 -158.59 59.81 -39.22
C ASP L 244 -157.21 59.84 -39.92
N GLN L 245 -156.17 60.36 -39.28
CA GLN L 245 -154.86 60.63 -39.89
C GLN L 245 -153.93 59.39 -40.05
N ALA L 246 -154.46 58.17 -40.03
CA ALA L 246 -153.64 56.95 -40.05
C ALA L 246 -152.68 56.83 -41.25
N LYS L 247 -153.07 57.26 -42.46
CA LYS L 247 -152.24 57.24 -43.68
C LYS L 247 -151.39 58.50 -43.90
N VAL L 248 -151.33 59.42 -42.93
CA VAL L 248 -150.47 60.63 -42.97
C VAL L 248 -149.24 60.43 -42.07
N ALA L 249 -148.04 60.72 -42.57
CA ALA L 249 -146.82 60.66 -41.77
C ALA L 249 -146.80 61.76 -40.68
N LYS L 250 -146.33 61.45 -39.47
CA LYS L 250 -146.48 62.33 -38.30
C LYS L 250 -145.35 62.23 -37.25
N VAL L 251 -144.72 61.07 -37.02
CA VAL L 251 -143.67 60.96 -36.00
C VAL L 251 -142.28 61.36 -36.48
N ALA L 252 -142.00 61.33 -37.79
CA ALA L 252 -140.66 61.57 -38.32
C ALA L 252 -139.94 62.84 -37.81
N PRO L 253 -140.59 64.02 -37.64
CA PRO L 253 -139.97 65.20 -37.05
C PRO L 253 -139.44 65.03 -35.61
N LEU L 254 -140.04 64.15 -34.81
CA LEU L 254 -139.65 63.88 -33.41
C LEU L 254 -138.44 62.93 -33.29
N LYS L 255 -138.02 62.25 -34.37
CA LYS L 255 -136.95 61.25 -34.35
C LYS L 255 -135.56 61.86 -34.07
N GLU L 256 -134.67 61.03 -33.53
CA GLU L 256 -133.27 61.36 -33.18
C GLU L 256 -132.37 60.16 -33.45
N PHE L 257 -131.12 60.41 -33.83
CA PHE L 257 -130.19 59.39 -34.32
C PHE L 257 -128.82 59.43 -33.62
N PRO L 258 -128.20 58.29 -33.32
CA PRO L 258 -126.86 58.22 -32.72
C PRO L 258 -125.73 58.34 -33.76
N ALA L 259 -124.50 58.59 -33.30
CA ALA L 259 -123.30 58.74 -34.13
C ALA L 259 -122.99 57.52 -35.01
N SER L 260 -123.31 56.30 -34.58
CA SER L 260 -123.20 55.06 -35.37
C SER L 260 -124.13 55.04 -36.59
N THR L 261 -125.27 55.74 -36.54
CA THR L 261 -126.18 55.92 -37.68
C THR L 261 -125.76 57.11 -38.56
N ILE L 262 -125.33 58.23 -37.98
CA ILE L 262 -124.91 59.43 -38.73
C ILE L 262 -123.59 59.20 -39.50
N SER L 263 -122.64 58.47 -38.92
CA SER L 263 -121.34 58.14 -39.54
C SER L 263 -121.41 56.96 -40.53
N HIS L 264 -122.58 56.35 -40.73
CA HIS L 264 -122.73 55.14 -41.54
C HIS L 264 -122.65 55.42 -43.06
N PRO L 265 -122.03 54.56 -43.88
CA PRO L 265 -121.97 54.76 -45.33
C PRO L 265 -123.35 54.76 -46.02
N ASP L 266 -124.32 54.02 -45.48
CA ASP L 266 -125.73 54.03 -45.91
C ASP L 266 -126.64 54.90 -45.02
N SER L 267 -126.09 55.88 -44.29
CA SER L 267 -126.84 56.69 -43.32
C SER L 267 -128.15 57.29 -43.86
N GLY L 268 -128.19 57.78 -45.09
CA GLY L 268 -129.40 58.36 -45.67
C GLY L 268 -130.55 57.36 -45.81
N ALA L 269 -130.26 56.15 -46.28
CA ALA L 269 -131.22 55.04 -46.37
C ALA L 269 -131.62 54.50 -44.98
N LEU L 270 -130.67 54.43 -44.05
CA LEU L 270 -130.92 54.00 -42.67
C LEU L 270 -131.87 54.95 -41.92
N MET L 271 -131.67 56.27 -42.03
CA MET L 271 -132.57 57.25 -41.42
C MET L 271 -134.00 57.18 -41.98
N ILE L 272 -134.17 56.90 -43.28
CA ILE L 272 -135.49 56.67 -43.90
C ILE L 272 -136.12 55.36 -43.42
N VAL L 273 -135.40 54.23 -43.37
CA VAL L 273 -135.96 52.95 -42.91
C VAL L 273 -136.35 52.98 -41.43
N ASP L 274 -135.51 53.52 -40.55
CA ASP L 274 -135.78 53.67 -39.11
C ASP L 274 -137.00 54.58 -38.85
N SER L 275 -137.11 55.70 -39.58
CA SER L 275 -138.29 56.58 -39.49
C SER L 275 -139.58 55.92 -39.99
N ALA L 276 -139.55 55.26 -41.15
CA ALA L 276 -140.72 54.62 -41.74
C ALA L 276 -141.25 53.44 -40.89
N ALA L 277 -140.35 52.65 -40.28
CA ALA L 277 -140.74 51.62 -39.34
C ALA L 277 -141.52 52.17 -38.12
N CYS L 278 -141.07 53.29 -37.54
CA CYS L 278 -141.77 53.95 -36.44
C CYS L 278 -143.11 54.54 -36.85
N GLU L 279 -143.20 55.18 -38.02
CA GLU L 279 -144.48 55.68 -38.56
C GLU L 279 -145.52 54.55 -38.68
N LEU L 280 -145.12 53.40 -39.23
CA LEU L 280 -145.99 52.24 -39.40
C LEU L 280 -146.47 51.66 -38.06
N ALA L 281 -145.59 51.54 -37.05
CA ALA L 281 -145.98 51.10 -35.70
C ALA L 281 -147.01 52.04 -35.07
N VAL L 282 -146.85 53.36 -35.19
CA VAL L 282 -147.84 54.35 -34.74
C VAL L 282 -149.13 54.34 -35.55
N SER L 283 -149.13 54.03 -36.85
CA SER L 283 -150.36 53.84 -37.62
C SER L 283 -151.15 52.60 -37.17
N TYR L 284 -150.49 51.44 -37.01
CA TYR L 284 -151.19 50.16 -36.84
C TYR L 284 -151.40 49.68 -35.40
N ALA L 285 -150.50 49.96 -34.45
CA ALA L 285 -150.66 49.46 -33.07
C ALA L 285 -151.92 50.00 -32.36
N PRO L 286 -152.22 51.32 -32.38
CA PRO L 286 -153.46 51.84 -31.79
C PRO L 286 -154.74 51.25 -32.41
N ALA L 287 -154.80 51.06 -33.72
CA ALA L 287 -155.95 50.45 -34.40
C ALA L 287 -156.24 49.02 -33.89
N MET L 288 -155.20 48.19 -33.78
CA MET L 288 -155.34 46.84 -33.22
C MET L 288 -155.69 46.82 -31.74
N LEU L 289 -155.16 47.76 -30.94
CA LEU L 289 -155.52 47.87 -29.52
C LEU L 289 -156.97 48.35 -29.29
N GLU L 290 -157.49 49.27 -30.12
CA GLU L 290 -158.88 49.77 -30.08
C GLU L 290 -159.93 48.75 -30.53
N ALA L 291 -159.56 47.75 -31.35
CA ALA L 291 -160.47 46.76 -31.91
C ALA L 291 -161.31 46.02 -30.85
N SER L 292 -162.42 45.39 -31.27
CA SER L 292 -163.29 44.63 -30.36
C SER L 292 -162.64 43.30 -29.98
N HIS L 293 -162.55 42.97 -28.69
CA HIS L 293 -161.84 41.79 -28.18
C HIS L 293 -162.78 40.79 -27.51
N GLU L 294 -162.45 39.50 -27.55
CA GLU L 294 -163.13 38.47 -26.76
C GLU L 294 -162.96 38.71 -25.25
N THR L 295 -163.97 38.36 -24.43
CA THR L 295 -163.91 38.48 -22.97
C THR L 295 -163.40 37.19 -22.33
N PRO L 296 -162.18 37.14 -21.76
CA PRO L 296 -161.67 35.92 -21.11
C PRO L 296 -162.40 35.58 -19.81
N ALA L 297 -162.44 34.30 -19.43
CA ALA L 297 -162.97 33.87 -18.13
C ALA L 297 -162.14 34.36 -16.93
N SER L 298 -160.85 34.69 -17.15
CA SER L 298 -159.94 35.22 -16.13
C SER L 298 -160.27 36.65 -15.69
N LEU L 299 -161.13 37.37 -16.41
CA LEU L 299 -161.55 38.74 -16.06
C LEU L 299 -162.56 38.79 -14.90
N ASN L 300 -163.10 37.64 -14.48
CA ASN L 300 -164.10 37.51 -13.42
C ASN L 300 -163.45 37.13 -12.07
N TYR L 301 -163.17 38.11 -11.22
CA TYR L 301 -162.39 37.96 -9.99
C TYR L 301 -163.05 37.06 -8.91
N ASP L 302 -164.38 36.99 -8.88
CA ASP L 302 -165.10 36.18 -7.91
C ASP L 302 -165.16 34.68 -8.29
N SER L 303 -164.91 34.30 -9.55
CA SER L 303 -164.70 32.90 -9.95
C SER L 303 -163.24 32.44 -9.96
N TRP L 304 -162.25 33.26 -9.56
CA TRP L 304 -160.85 32.83 -9.49
C TRP L 304 -160.66 31.63 -8.52
N PRO L 305 -160.17 30.48 -8.98
CA PRO L 305 -159.94 29.32 -8.11
C PRO L 305 -158.97 29.55 -6.95
N LEU L 306 -157.99 30.45 -7.07
CA LEU L 306 -156.95 30.61 -6.04
C LEU L 306 -157.49 30.97 -4.65
N PHE L 307 -158.68 31.55 -4.53
CA PHE L 307 -159.37 31.87 -3.28
C PHE L 307 -160.16 30.72 -2.65
N ALA L 308 -160.34 29.57 -3.32
CA ALA L 308 -161.35 28.57 -2.96
C ALA L 308 -161.23 27.96 -1.56
N ASP L 309 -160.03 27.88 -0.97
CA ASP L 309 -159.80 27.41 0.42
C ASP L 309 -159.64 28.54 1.46
N CYS L 310 -159.73 29.81 1.07
CA CYS L 310 -159.55 30.96 1.96
C CYS L 310 -160.75 31.20 2.89
N GLU L 311 -160.49 31.45 4.17
CA GLU L 311 -161.47 32.00 5.11
C GLU L 311 -161.00 33.34 5.70
N GLY L 312 -161.75 34.41 5.44
CA GLY L 312 -161.49 35.76 5.94
C GLY L 312 -160.46 36.58 5.15
N PRO L 313 -160.35 37.90 5.43
CA PRO L 313 -159.52 38.82 4.67
C PRO L 313 -158.02 38.54 4.69
N GLU L 314 -157.45 38.05 5.79
CA GLU L 314 -156.01 37.76 5.88
C GLU L 314 -155.59 36.62 4.95
N ALA L 315 -156.40 35.57 4.86
CA ALA L 315 -156.17 34.46 3.96
C ALA L 315 -156.25 34.89 2.48
N ARG L 316 -157.17 35.80 2.14
CA ARG L 316 -157.31 36.34 0.77
C ARG L 316 -156.11 37.20 0.35
N VAL L 317 -155.60 38.08 1.22
CA VAL L 317 -154.38 38.87 0.96
C VAL L 317 -153.14 37.97 0.83
N ALA L 318 -152.98 36.97 1.71
CA ALA L 318 -151.87 36.03 1.63
C ALA L 318 -151.90 35.16 0.35
N ALA L 319 -153.08 34.80 -0.15
CA ALA L 319 -153.27 34.10 -1.42
C ALA L 319 -152.85 34.95 -2.63
N LEU L 320 -153.15 36.26 -2.61
CA LEU L 320 -152.71 37.20 -3.64
C LEU L 320 -151.19 37.37 -3.65
N HIS L 321 -150.54 37.40 -2.49
CA HIS L 321 -149.07 37.45 -2.43
C HIS L 321 -148.41 36.20 -3.02
N ARG L 322 -148.93 34.98 -2.78
CA ARG L 322 -148.47 33.75 -3.47
C ARG L 322 -148.69 33.82 -4.98
N TYR L 323 -149.84 34.32 -5.42
CA TYR L 323 -150.11 34.56 -6.83
C TYR L 323 -149.06 35.49 -7.48
N ASN L 324 -148.74 36.62 -6.85
CA ASN L 324 -147.72 37.56 -7.34
C ASN L 324 -146.32 36.93 -7.43
N ALA L 325 -145.90 36.14 -6.44
CA ALA L 325 -144.62 35.45 -6.47
C ALA L 325 -144.48 34.51 -7.69
N SER L 326 -145.57 33.85 -8.11
CA SER L 326 -145.56 33.01 -9.31
C SER L 326 -145.39 33.77 -10.65
N LEU L 327 -145.64 35.08 -10.69
CA LEU L 327 -145.38 35.96 -11.84
C LEU L 327 -144.00 36.64 -11.82
N ALA L 328 -143.33 36.76 -10.67
CA ALA L 328 -142.08 37.51 -10.53
C ALA L 328 -140.96 37.12 -11.53
N PRO L 329 -140.72 35.84 -11.87
CA PRO L 329 -139.67 35.48 -12.84
C PRO L 329 -139.85 36.09 -14.22
N HIS L 330 -141.08 36.33 -14.68
CA HIS L 330 -141.36 37.06 -15.93
C HIS L 330 -140.88 38.51 -15.82
N VAL L 331 -141.19 39.20 -14.73
CA VAL L 331 -140.81 40.60 -14.50
C VAL L 331 -139.32 40.75 -14.29
N SER L 332 -138.69 39.93 -13.44
CA SER L 332 -137.24 40.02 -13.20
C SER L 332 -136.40 39.65 -14.42
N THR L 333 -136.88 38.76 -15.29
CA THR L 333 -136.20 38.45 -16.56
C THR L 333 -136.12 39.68 -17.47
N GLN L 334 -137.19 40.46 -17.58
CA GLN L 334 -137.19 41.72 -18.33
C GLN L 334 -136.30 42.81 -17.71
N ILE L 335 -135.87 42.69 -16.45
CA ILE L 335 -134.85 43.57 -15.85
C ILE L 335 -133.43 43.01 -16.03
N PHE L 336 -133.20 41.73 -15.73
CA PHE L 336 -131.86 41.13 -15.71
C PHE L 336 -131.30 40.81 -17.10
N ALA L 337 -132.12 40.57 -18.13
CA ALA L 337 -131.64 40.15 -19.44
C ALA L 337 -131.07 41.31 -20.28
N THR L 338 -129.85 41.16 -20.79
CA THR L 338 -129.18 42.17 -21.65
C THR L 338 -130.00 42.49 -22.90
N ASN L 339 -130.74 41.51 -23.43
CA ASN L 339 -131.59 41.61 -24.61
C ASN L 339 -133.09 41.74 -24.30
N SER L 340 -133.45 42.29 -23.13
CA SER L 340 -134.81 42.70 -22.78
C SER L 340 -135.39 43.73 -23.75
N VAL L 341 -136.70 43.66 -24.01
CA VAL L 341 -137.45 44.66 -24.80
C VAL L 341 -137.33 46.08 -24.22
N LEU L 342 -137.10 46.22 -22.91
CA LEU L 342 -136.89 47.50 -22.23
C LEU L 342 -135.57 48.21 -22.63
N TYR L 343 -134.61 47.51 -23.23
CA TYR L 343 -133.29 48.05 -23.60
C TYR L 343 -133.03 48.13 -25.12
N VAL L 344 -134.08 48.02 -25.96
CA VAL L 344 -133.98 48.21 -27.43
C VAL L 344 -133.51 49.63 -27.74
N SER L 345 -132.46 49.75 -28.55
CA SER L 345 -131.72 50.99 -28.79
C SER L 345 -131.94 51.62 -30.17
N GLY L 346 -132.52 50.92 -31.14
CA GLY L 346 -132.74 51.43 -32.50
C GLY L 346 -132.58 50.40 -33.61
N VAL L 347 -132.35 50.89 -34.83
CA VAL L 347 -132.17 50.08 -36.05
C VAL L 347 -130.75 50.28 -36.58
N SER L 348 -130.11 49.21 -37.07
CA SER L 348 -128.79 49.27 -37.71
C SER L 348 -128.73 48.40 -38.96
N LYS L 349 -127.69 48.59 -39.78
CA LYS L 349 -127.48 47.86 -41.04
C LYS L 349 -126.13 47.13 -41.05
N SER L 350 -126.15 45.91 -41.58
CA SER L 350 -125.01 44.99 -41.64
C SER L 350 -123.72 45.59 -42.22
N GLU L 356 -125.20 39.21 -42.77
CA GLU L 356 -126.64 39.06 -43.00
C GLU L 356 -127.00 38.97 -44.50
N SER L 357 -127.99 38.13 -44.82
CA SER L 357 -128.63 38.09 -46.14
C SER L 357 -129.46 39.36 -46.42
N LEU L 358 -129.85 39.61 -47.67
CA LEU L 358 -130.45 40.88 -48.11
C LEU L 358 -131.65 41.32 -47.26
N PHE L 359 -132.64 40.47 -47.04
CA PHE L 359 -133.83 40.83 -46.27
C PHE L 359 -133.58 40.95 -44.76
N ASN L 360 -132.53 40.31 -44.24
CA ASN L 360 -132.09 40.44 -42.84
C ASN L 360 -131.12 41.61 -42.60
N SER L 361 -130.67 42.31 -43.64
CA SER L 361 -129.56 43.29 -43.54
C SER L 361 -129.83 44.50 -42.64
N PHE L 362 -131.08 44.96 -42.50
CA PHE L 362 -131.50 45.90 -41.47
C PHE L 362 -132.10 45.12 -40.28
N TYR L 363 -131.74 45.49 -39.04
CA TYR L 363 -132.18 44.79 -37.83
C TYR L 363 -132.26 45.69 -36.58
N MET L 364 -133.02 45.24 -35.57
CA MET L 364 -133.14 45.88 -34.25
C MET L 364 -131.89 45.67 -33.38
N THR L 365 -131.42 46.71 -32.70
CA THR L 365 -130.27 46.70 -31.78
C THR L 365 -130.68 46.92 -30.31
N HIS L 366 -129.83 46.52 -29.36
CA HIS L 366 -130.00 46.78 -27.92
C HIS L 366 -128.73 47.33 -27.29
N GLY L 367 -128.87 48.10 -26.21
CA GLY L 367 -127.74 48.54 -25.39
C GLY L 367 -127.99 49.82 -24.60
N LEU L 368 -127.80 49.76 -23.29
CA LEU L 368 -127.91 50.92 -22.38
C LEU L 368 -126.81 51.96 -22.61
N GLY L 369 -125.60 51.55 -23.01
CA GLY L 369 -124.53 52.49 -23.38
C GLY L 369 -124.95 53.38 -24.55
N THR L 370 -125.57 52.81 -25.58
CA THR L 370 -126.13 53.56 -26.71
C THR L 370 -127.22 54.53 -26.28
N LEU L 371 -128.10 54.12 -25.35
CA LEU L 371 -129.18 54.96 -24.84
C LEU L 371 -128.68 56.16 -24.01
N GLN L 372 -127.46 56.14 -23.46
CA GLN L 372 -126.84 57.29 -22.78
C GLN L 372 -126.24 58.35 -23.73
N GLU L 373 -125.98 58.03 -25.00
CA GLU L 373 -125.23 58.91 -25.91
C GLU L 373 -126.01 60.15 -26.39
N GLY L 374 -125.29 61.18 -26.84
CA GLY L 374 -125.87 62.30 -27.59
C GLY L 374 -126.38 61.90 -28.98
N THR L 375 -127.24 62.72 -29.55
CA THR L 375 -127.99 62.46 -30.78
C THR L 375 -128.01 63.66 -31.75
N TRP L 376 -128.44 63.42 -32.97
CA TRP L 376 -128.68 64.39 -34.04
C TRP L 376 -130.11 64.27 -34.59
N ASP L 377 -130.67 65.36 -35.08
CA ASP L 377 -132.04 65.44 -35.62
C ASP L 377 -132.15 64.95 -37.09
N PRO L 378 -133.35 64.85 -37.69
CA PRO L 378 -133.53 64.44 -39.09
C PRO L 378 -132.83 65.32 -40.14
N CYS L 379 -132.37 66.52 -39.79
CA CYS L 379 -131.58 67.41 -40.65
C CYS L 379 -130.09 67.42 -40.25
N ARG L 380 -129.63 66.39 -39.53
CA ARG L 380 -128.23 66.16 -39.10
C ARG L 380 -127.66 67.27 -38.20
N ARG L 381 -128.51 68.05 -37.53
CA ARG L 381 -128.09 69.05 -36.53
C ARG L 381 -128.00 68.40 -35.14
N PRO L 382 -127.11 68.84 -34.23
CA PRO L 382 -127.04 68.33 -32.86
C PRO L 382 -128.38 68.45 -32.11
N CYS L 383 -128.72 67.46 -31.28
CA CYS L 383 -130.02 67.37 -30.61
C CYS L 383 -129.87 67.16 -29.09
N PHE L 384 -129.94 65.94 -28.56
CA PHE L 384 -129.57 65.64 -27.17
C PHE L 384 -128.04 65.60 -27.02
N SER L 385 -127.49 66.10 -25.92
CA SER L 385 -126.03 66.15 -25.65
C SER L 385 -125.45 64.89 -25.02
N GLY L 386 -126.26 63.93 -24.56
CA GLY L 386 -125.80 62.73 -23.86
C GLY L 386 -125.58 62.91 -22.36
N TRP L 387 -125.36 61.79 -21.68
CA TRP L 387 -125.07 61.73 -20.24
C TRP L 387 -123.83 60.87 -19.96
N GLY L 388 -122.94 61.36 -19.08
CA GLY L 388 -121.68 60.68 -18.74
C GLY L 388 -121.82 59.50 -17.78
N GLY L 389 -123.02 59.23 -17.28
CA GLY L 389 -123.29 58.26 -16.22
C GLY L 389 -123.10 58.84 -14.80
N PRO L 390 -123.30 58.01 -13.76
CA PRO L 390 -123.19 58.42 -12.36
C PRO L 390 -121.82 59.02 -12.00
N GLY L 394 -122.13 54.76 -7.17
CA GLY L 394 -122.91 53.75 -6.47
C GLY L 394 -122.16 52.43 -6.24
N THR L 395 -122.78 51.51 -5.50
CA THR L 395 -122.12 50.30 -4.97
C THR L 395 -121.69 49.27 -6.03
N ASN L 396 -122.22 49.31 -7.26
CA ASN L 396 -121.80 48.42 -8.36
C ASN L 396 -120.55 48.93 -9.13
N GLY L 397 -120.06 50.14 -8.84
CA GLY L 397 -118.82 50.70 -9.39
C GLY L 397 -118.90 51.25 -10.83
N PRO L 398 -117.79 51.84 -11.34
CA PRO L 398 -117.73 52.54 -12.63
C PRO L 398 -117.99 51.66 -13.85
N GLY L 399 -118.70 52.18 -14.85
CA GLY L 399 -118.99 51.49 -16.12
C GLY L 399 -120.04 50.36 -16.02
N ASN L 400 -120.54 50.08 -14.82
CA ASN L 400 -121.51 49.03 -14.56
C ASN L 400 -122.94 49.60 -14.39
N TYR L 401 -123.94 48.72 -14.44
CA TYR L 401 -125.35 49.06 -14.23
C TYR L 401 -125.56 49.73 -12.86
N ALA L 402 -126.33 50.80 -12.81
CA ALA L 402 -126.60 51.62 -11.63
C ALA L 402 -128.11 51.78 -11.42
N VAL L 403 -128.52 52.29 -10.26
CA VAL L 403 -129.96 52.48 -9.97
C VAL L 403 -130.65 53.37 -11.01
N GLU L 404 -129.97 54.33 -11.62
CA GLU L 404 -130.52 55.13 -12.72
C GLU L 404 -130.95 54.28 -13.94
N HIS L 405 -130.26 53.18 -14.26
CA HIS L 405 -130.68 52.27 -15.32
C HIS L 405 -131.96 51.51 -14.98
N LEU L 406 -132.19 51.15 -13.71
CA LEU L 406 -133.47 50.62 -13.26
C LEU L 406 -134.57 51.68 -13.36
N VAL L 407 -134.30 52.94 -13.02
CA VAL L 407 -135.26 54.04 -13.18
C VAL L 407 -135.63 54.24 -14.66
N TYR L 408 -134.65 54.22 -15.57
CA TYR L 408 -134.86 54.22 -17.02
C TYR L 408 -135.72 53.03 -17.53
N ALA L 409 -135.50 51.81 -17.05
CA ALA L 409 -136.34 50.65 -17.36
C ALA L 409 -137.81 50.85 -16.92
N ALA L 410 -138.05 51.51 -15.79
CA ALA L 410 -139.38 51.84 -15.28
C ALA L 410 -139.98 53.14 -15.85
N SER L 411 -139.48 53.67 -16.97
CA SER L 411 -140.00 54.88 -17.65
C SER L 411 -140.06 56.14 -16.78
N PHE L 412 -139.16 56.29 -15.81
CA PHE L 412 -139.12 57.41 -14.86
C PHE L 412 -140.44 57.61 -14.10
N SER L 413 -141.19 56.53 -13.88
CA SER L 413 -142.50 56.53 -13.24
C SER L 413 -142.37 55.96 -11.83
N PRO L 414 -142.65 56.73 -10.76
CA PRO L 414 -142.61 56.20 -9.41
C PRO L 414 -143.64 55.09 -9.16
N ASN L 415 -144.80 55.11 -9.84
CA ASN L 415 -145.79 54.03 -9.79
C ASN L 415 -145.25 52.70 -10.37
N LEU L 416 -144.69 52.72 -11.58
CA LEU L 416 -144.09 51.52 -12.18
C LEU L 416 -142.86 51.04 -11.38
N LEU L 417 -141.97 51.94 -10.95
CA LEU L 417 -140.76 51.61 -10.20
C LEU L 417 -141.07 50.92 -8.86
N ALA L 418 -142.08 51.38 -8.11
CA ALA L 418 -142.56 50.73 -6.91
C ALA L 418 -142.99 49.27 -7.15
N ARG L 419 -143.77 48.97 -8.21
CA ARG L 419 -144.16 47.59 -8.52
C ARG L 419 -143.00 46.72 -9.04
N TYR L 420 -142.04 47.26 -9.79
CA TYR L 420 -140.80 46.54 -10.13
C TYR L 420 -140.01 46.17 -8.88
N ALA L 421 -139.82 47.08 -7.93
CA ALA L 421 -139.11 46.79 -6.68
C ALA L 421 -139.82 45.72 -5.84
N TYR L 422 -141.14 45.76 -5.76
CA TYR L 422 -141.93 44.70 -5.15
C TYR L 422 -141.67 43.30 -5.76
N TYR L 423 -141.60 43.16 -7.08
CA TYR L 423 -141.25 41.88 -7.70
C TYR L 423 -139.79 41.48 -7.44
N LEU L 424 -138.84 42.41 -7.50
CA LEU L 424 -137.42 42.13 -7.20
C LEU L 424 -137.19 41.65 -5.75
N GLN L 425 -138.02 42.03 -4.78
CA GLN L 425 -137.97 41.50 -3.42
C GLN L 425 -138.21 39.97 -3.30
N PHE L 426 -138.81 39.30 -4.29
CA PHE L 426 -138.91 37.83 -4.32
C PHE L 426 -137.64 37.12 -4.83
N CYS L 427 -136.69 37.84 -5.43
CA CYS L 427 -135.49 37.28 -6.05
C CYS L 427 -134.38 36.92 -5.04
N GLN L 428 -133.71 35.79 -5.26
CA GLN L 428 -132.51 35.39 -4.53
C GLN L 428 -131.30 36.23 -4.92
N GLY L 429 -130.43 36.50 -3.96
CA GLY L 429 -129.11 37.08 -4.21
C GLY L 429 -128.11 36.02 -4.71
N GLN L 430 -127.19 36.43 -5.58
CA GLN L 430 -126.11 35.59 -6.10
C GLN L 430 -124.80 36.38 -6.05
N LYS L 431 -124.05 36.27 -4.95
CA LYS L 431 -122.74 36.90 -4.78
C LYS L 431 -121.75 36.38 -5.83
N SER L 432 -121.05 37.28 -6.52
CA SER L 432 -120.05 36.97 -7.56
C SER L 432 -118.82 36.24 -7.01
N VAL L 437 -118.01 40.43 0.46
CA VAL L 437 -119.12 41.37 0.66
C VAL L 437 -119.52 41.43 2.15
N PRO L 438 -119.84 42.62 2.70
CA PRO L 438 -120.39 42.73 4.05
C PRO L 438 -121.61 41.82 4.28
N GLU L 439 -121.76 41.30 5.49
CA GLU L 439 -122.97 40.57 5.90
C GLU L 439 -124.19 41.50 5.85
N THR L 440 -125.38 40.93 5.61
CA THR L 440 -126.60 41.74 5.40
C THR L 440 -126.87 42.70 6.56
N GLY L 441 -126.80 42.22 7.80
CA GLY L 441 -127.07 43.02 9.00
C GLY L 441 -126.02 44.09 9.29
N SER L 442 -124.75 43.85 8.96
CA SER L 442 -123.72 44.90 9.05
C SER L 442 -123.79 45.92 7.89
N TYR L 443 -124.39 45.58 6.75
CA TYR L 443 -124.75 46.57 5.73
C TYR L 443 -125.97 47.41 6.19
N VAL L 444 -127.06 46.77 6.62
CA VAL L 444 -128.29 47.47 7.07
C VAL L 444 -128.05 48.38 8.28
N ALA L 445 -127.26 47.97 9.28
CA ALA L 445 -126.90 48.84 10.40
C ALA L 445 -125.76 49.82 10.08
N GLY L 446 -124.92 49.50 9.10
CA GLY L 446 -123.79 50.32 8.65
C GLY L 446 -124.16 51.28 7.53
N ALA L 447 -123.58 51.10 6.34
CA ALA L 447 -123.69 52.06 5.22
C ALA L 447 -125.13 52.38 4.77
N ALA L 448 -126.11 51.49 4.95
CA ALA L 448 -127.51 51.81 4.63
C ALA L 448 -128.12 52.92 5.50
N ALA L 449 -127.61 53.11 6.73
CA ALA L 449 -128.11 54.06 7.72
C ALA L 449 -127.43 55.45 7.64
N SER L 450 -126.57 55.69 6.65
CA SER L 450 -125.85 56.95 6.48
C SER L 450 -126.80 58.11 6.09
N PRO L 451 -126.66 59.31 6.71
CA PRO L 451 -127.51 60.46 6.39
C PRO L 451 -127.26 61.02 4.98
N MET L 452 -126.23 60.57 4.27
CA MET L 452 -125.96 60.90 2.87
C MET L 452 -126.96 60.31 1.86
N CYS L 453 -127.75 59.29 2.21
CA CYS L 453 -128.72 58.68 1.30
C CYS L 453 -129.85 59.64 0.91
N SER L 454 -129.93 60.01 -0.36
CA SER L 454 -130.96 60.93 -0.91
C SER L 454 -132.37 60.34 -1.04
N LEU L 455 -132.57 59.07 -0.68
CA LEU L 455 -133.89 58.41 -0.68
C LEU L 455 -134.55 58.39 0.71
N CYS L 456 -133.85 57.93 1.75
CA CYS L 456 -134.39 57.76 3.10
C CYS L 456 -133.66 58.55 4.20
N GLU L 457 -132.60 59.31 3.92
CA GLU L 457 -131.78 59.99 4.93
C GLU L 457 -131.19 59.05 6.00
N GLY L 458 -131.08 57.76 5.70
CA GLY L 458 -130.73 56.70 6.67
C GLY L 458 -131.88 56.26 7.58
N ARG L 459 -133.05 56.91 7.53
CA ARG L 459 -134.20 56.70 8.44
C ARG L 459 -135.14 55.54 8.06
N ALA L 460 -134.83 54.76 7.01
CA ALA L 460 -135.53 53.53 6.63
C ALA L 460 -134.59 52.50 5.96
N PRO L 461 -133.55 51.99 6.63
CA PRO L 461 -132.44 51.32 5.97
C PRO L 461 -132.77 49.93 5.40
N ALA L 462 -133.74 49.20 5.95
CA ALA L 462 -134.02 47.82 5.56
C ALA L 462 -134.88 47.68 4.28
N VAL L 463 -135.80 48.61 4.02
CA VAL L 463 -136.66 48.64 2.82
C VAL L 463 -136.16 49.55 1.70
N CYS L 464 -135.18 50.44 1.93
CA CYS L 464 -134.71 51.39 0.93
C CYS L 464 -134.31 50.71 -0.40
N LEU L 465 -134.62 51.36 -1.53
CA LEU L 465 -134.32 50.88 -2.87
C LEU L 465 -132.82 50.62 -3.08
N ASN L 466 -131.95 51.44 -2.50
CA ASN L 466 -130.50 51.21 -2.53
C ASN L 466 -130.07 49.94 -1.77
N THR L 467 -130.78 49.52 -0.72
CA THR L 467 -130.53 48.23 -0.04
C THR L 467 -130.93 47.06 -0.91
N LEU L 468 -132.10 47.10 -1.55
CA LEU L 468 -132.53 46.10 -2.53
C LEU L 468 -131.56 46.00 -3.72
N PHE L 469 -131.13 47.14 -4.25
CA PHE L 469 -130.15 47.21 -5.33
C PHE L 469 -128.80 46.59 -4.92
N PHE L 470 -128.29 46.90 -3.72
CA PHE L 470 -127.05 46.31 -3.21
C PHE L 470 -127.12 44.78 -3.10
N ARG L 471 -128.25 44.23 -2.65
CA ARG L 471 -128.51 42.79 -2.53
C ARG L 471 -128.50 42.05 -3.88
N LEU L 472 -129.04 42.64 -4.95
CA LEU L 472 -129.19 42.04 -6.28
C LEU L 472 -128.12 42.45 -7.31
N ARG L 473 -127.11 43.20 -6.88
CA ARG L 473 -126.06 43.88 -7.66
C ARG L 473 -125.40 43.06 -8.77
N ASP L 474 -124.98 41.84 -8.46
CA ASP L 474 -124.30 40.94 -9.40
C ASP L 474 -125.23 40.27 -10.44
N ARG L 475 -126.56 40.48 -10.37
CA ARG L 475 -127.53 39.97 -11.35
C ARG L 475 -127.93 40.96 -12.44
N PHE L 476 -127.68 42.26 -12.29
CA PHE L 476 -127.96 43.25 -13.33
C PHE L 476 -127.05 43.08 -14.55
N PRO L 477 -127.51 43.40 -15.77
CA PRO L 477 -126.75 43.19 -17.01
C PRO L 477 -125.55 44.16 -17.15
N PRO L 478 -124.62 43.92 -18.08
CA PRO L 478 -123.60 44.89 -18.49
C PRO L 478 -124.18 46.05 -19.31
N VAL L 479 -123.47 47.19 -19.36
CA VAL L 479 -123.87 48.39 -20.12
C VAL L 479 -123.18 48.40 -21.49
N MET L 480 -123.95 48.23 -22.58
CA MET L 480 -123.43 47.91 -23.92
C MET L 480 -123.59 49.03 -24.94
N SER L 481 -122.57 49.23 -25.79
CA SER L 481 -122.54 50.24 -26.87
C SER L 481 -122.40 49.65 -28.28
N THR L 482 -122.51 48.33 -28.46
CA THR L 482 -122.34 47.64 -29.75
C THR L 482 -123.64 47.51 -30.56
N GLN L 483 -123.53 47.07 -31.82
CA GLN L 483 -124.62 47.08 -32.82
C GLN L 483 -124.87 45.70 -33.47
N ARG L 484 -124.63 44.59 -32.76
CA ARG L 484 -124.85 43.20 -33.20
C ARG L 484 -126.35 42.82 -33.34
N ARG L 485 -126.68 41.92 -34.27
CA ARG L 485 -128.02 41.35 -34.52
C ARG L 485 -128.36 40.20 -33.56
N ASP L 486 -128.97 40.52 -32.42
CA ASP L 486 -129.43 39.54 -31.42
C ASP L 486 -130.98 39.43 -31.38
N PRO L 487 -131.54 38.31 -30.87
CA PRO L 487 -132.94 38.20 -30.48
C PRO L 487 -133.29 39.16 -29.33
N TYR L 488 -134.57 39.52 -29.18
CA TYR L 488 -135.08 40.29 -28.03
C TYR L 488 -136.14 39.51 -27.24
N VAL L 489 -136.29 39.80 -25.95
CA VAL L 489 -137.14 39.02 -25.02
C VAL L 489 -138.53 39.64 -24.87
N ILE L 490 -139.59 38.86 -25.06
CA ILE L 490 -141.00 39.29 -24.95
C ILE L 490 -141.74 38.54 -23.84
N SER L 491 -142.77 39.14 -23.26
CA SER L 491 -143.61 38.56 -22.19
C SER L 491 -145.10 38.73 -22.49
N GLY L 492 -145.93 37.76 -22.14
CA GLY L 492 -147.38 37.88 -22.24
C GLY L 492 -148.13 36.55 -22.19
N ALA L 493 -149.44 36.59 -22.40
CA ALA L 493 -150.31 35.43 -22.48
C ALA L 493 -150.08 34.59 -23.74
N SER L 494 -150.14 33.27 -23.61
CA SER L 494 -150.14 32.35 -24.75
C SER L 494 -151.55 32.15 -25.33
N GLY L 495 -151.61 31.80 -26.61
CA GLY L 495 -152.84 31.44 -27.32
C GLY L 495 -153.33 30.02 -27.02
N SER L 496 -154.45 29.64 -27.62
CA SER L 496 -155.13 28.36 -27.35
C SER L 496 -154.51 27.13 -28.01
N TYR L 497 -153.82 27.26 -29.15
CA TYR L 497 -153.35 26.10 -29.93
C TYR L 497 -151.82 26.09 -30.07
N ASN L 498 -151.15 25.42 -29.13
CA ASN L 498 -149.69 25.26 -29.08
C ASN L 498 -149.30 23.82 -29.43
N GLU L 499 -148.21 23.63 -30.17
CA GLU L 499 -147.71 22.32 -30.61
C GLU L 499 -146.28 22.11 -30.07
N THR L 500 -146.17 21.53 -28.89
CA THR L 500 -144.94 21.45 -28.09
C THR L 500 -144.64 20.05 -27.53
N ASP L 501 -145.30 18.99 -28.01
CA ASP L 501 -144.79 17.61 -27.86
C ASP L 501 -143.51 17.39 -28.70
N PHE L 502 -142.79 16.27 -28.52
CA PHE L 502 -141.45 16.05 -29.06
C PHE L 502 -141.28 16.28 -30.58
N LEU L 503 -142.27 15.98 -31.41
CA LEU L 503 -142.26 16.23 -32.86
C LEU L 503 -143.15 17.42 -33.29
N GLY L 504 -143.53 18.30 -32.36
CA GLY L 504 -144.17 19.58 -32.67
C GLY L 504 -145.44 19.45 -33.51
N ASN L 505 -145.50 20.16 -34.63
CA ASN L 505 -146.64 20.19 -35.55
C ASN L 505 -146.70 19.04 -36.58
N PHE L 506 -145.87 17.99 -36.46
CA PHE L 506 -145.95 16.77 -37.26
C PHE L 506 -147.37 16.17 -37.27
N LEU L 507 -147.96 15.92 -38.44
CA LEU L 507 -149.31 15.32 -38.60
C LEU L 507 -150.39 15.93 -37.68
N ASN L 508 -150.41 17.26 -37.53
CA ASN L 508 -151.40 17.96 -36.70
C ASN L 508 -152.82 17.88 -37.30
N PHE L 509 -152.92 17.84 -38.63
CA PHE L 509 -154.16 17.69 -39.40
C PHE L 509 -153.96 16.71 -40.57
N ILE L 510 -155.05 16.18 -41.12
CA ILE L 510 -155.08 15.29 -42.30
C ILE L 510 -155.99 15.89 -43.38
N TYR L 525 -154.04 8.52 -38.52
CA TYR L 525 -154.64 9.48 -37.59
C TYR L 525 -153.65 10.57 -37.17
N THR L 526 -154.14 11.73 -36.72
CA THR L 526 -153.29 12.87 -36.31
C THR L 526 -152.39 12.52 -35.11
N TYR L 527 -151.25 13.21 -35.00
CA TYR L 527 -150.32 13.05 -33.87
C TYR L 527 -151.01 13.40 -32.54
N TRP L 528 -151.92 14.38 -32.54
CA TRP L 528 -152.76 14.67 -31.38
C TRP L 528 -153.62 13.47 -30.97
N GLN L 529 -154.29 12.81 -31.92
CA GLN L 529 -155.06 11.60 -31.64
C GLN L 529 -154.18 10.44 -31.15
N LEU L 530 -153.00 10.24 -31.74
CA LEU L 530 -152.04 9.23 -31.28
C LEU L 530 -151.65 9.41 -29.80
N ASN L 531 -151.44 10.65 -29.36
CA ASN L 531 -151.15 10.93 -27.96
C ASN L 531 -152.38 10.68 -27.06
N GLN L 532 -153.59 11.02 -27.51
CA GLN L 532 -154.82 10.67 -26.78
C GLN L 532 -155.03 9.14 -26.65
N ASN L 533 -154.71 8.35 -27.68
CA ASN L 533 -154.77 6.89 -27.61
C ASN L 533 -153.81 6.33 -26.55
N LEU L 534 -152.58 6.82 -26.51
CA LEU L 534 -151.59 6.38 -25.52
C LEU L 534 -152.04 6.68 -24.08
N LEU L 535 -152.55 7.87 -23.79
CA LEU L 535 -153.07 8.21 -22.45
C LEU L 535 -154.23 7.29 -22.02
N GLU L 536 -155.11 6.89 -22.94
CA GLU L 536 -156.15 5.89 -22.67
C GLU L 536 -155.57 4.50 -22.31
N ARG L 537 -154.57 4.00 -23.06
CA ARG L 537 -153.90 2.74 -22.68
C ARG L 537 -153.24 2.85 -21.30
N LEU L 538 -152.60 3.97 -20.99
CA LEU L 538 -151.97 4.19 -19.68
C LEU L 538 -153.00 4.28 -18.55
N SER L 539 -154.21 4.78 -18.82
CA SER L 539 -155.33 4.75 -17.87
C SER L 539 -155.74 3.32 -17.49
N ARG L 540 -155.82 2.39 -18.46
CA ARG L 540 -156.02 0.95 -18.19
C ARG L 540 -154.91 0.28 -17.38
N LEU L 541 -153.69 0.83 -17.38
CA LEU L 541 -152.58 0.39 -16.52
C LEU L 541 -152.58 1.05 -15.12
N GLY L 542 -153.53 1.93 -14.82
CA GLY L 542 -153.62 2.64 -13.53
C GLY L 542 -152.76 3.90 -13.40
N ILE L 543 -152.32 4.49 -14.51
CA ILE L 543 -151.45 5.69 -14.58
C ILE L 543 -152.26 6.90 -15.10
N ASP L 544 -152.28 8.03 -14.39
CA ASP L 544 -152.98 9.26 -14.83
C ASP L 544 -152.14 10.15 -15.78
N ALA L 545 -152.74 11.26 -16.27
CA ALA L 545 -152.12 12.20 -17.20
C ALA L 545 -150.87 12.94 -16.69
N GLU L 546 -150.62 12.98 -15.38
CA GLU L 546 -149.42 13.53 -14.74
C GLU L 546 -148.47 12.42 -14.24
N GLY L 547 -148.77 11.16 -14.56
CA GLY L 547 -147.94 10.01 -14.24
C GLY L 547 -148.10 9.44 -12.83
N LYS L 548 -149.14 9.83 -12.07
CA LYS L 548 -149.42 9.25 -10.73
C LYS L 548 -150.04 7.86 -10.86
N LEU L 549 -149.63 6.92 -10.02
CA LEU L 549 -150.22 5.58 -9.93
C LEU L 549 -151.41 5.54 -8.97
N GLU L 550 -152.45 4.78 -9.32
CA GLU L 550 -153.49 4.37 -8.37
C GLU L 550 -153.06 3.21 -7.44
N LYS L 551 -151.96 2.51 -7.76
CA LYS L 551 -151.32 1.48 -6.92
C LYS L 551 -149.80 1.44 -7.13
N GLU L 552 -149.03 1.83 -6.13
CA GLU L 552 -147.57 1.87 -6.18
C GLU L 552 -146.93 0.46 -6.12
N PRO L 553 -145.75 0.22 -6.74
CA PRO L 553 -145.15 -1.11 -6.81
C PRO L 553 -144.68 -1.64 -5.45
N HIS L 554 -145.03 -2.90 -5.16
CA HIS L 554 -144.76 -3.60 -3.89
C HIS L 554 -143.31 -4.04 -3.66
N GLY L 555 -142.53 -4.28 -4.72
CA GLY L 555 -141.24 -4.97 -4.65
C GLY L 555 -140.66 -5.24 -6.05
N PRO L 556 -139.55 -5.99 -6.17
CA PRO L 556 -138.87 -6.24 -7.44
C PRO L 556 -139.76 -6.78 -8.56
N ARG L 557 -140.60 -7.79 -8.31
CA ARG L 557 -141.54 -8.35 -9.32
C ARG L 557 -142.50 -7.28 -9.82
N ASP L 558 -143.10 -6.54 -8.90
CA ASP L 558 -144.09 -5.50 -9.22
C ASP L 558 -143.46 -4.32 -9.97
N PHE L 559 -142.21 -3.96 -9.66
CA PHE L 559 -141.46 -2.93 -10.36
C PHE L 559 -141.15 -3.35 -11.81
N VAL L 560 -140.69 -4.58 -12.05
CA VAL L 560 -140.48 -5.09 -13.41
C VAL L 560 -141.81 -5.19 -14.18
N LYS L 561 -142.86 -5.75 -13.55
CA LYS L 561 -144.19 -5.88 -14.14
C LYS L 561 -144.76 -4.53 -14.58
N MET L 562 -144.66 -3.50 -13.74
CA MET L 562 -145.08 -2.13 -14.05
C MET L 562 -144.46 -1.61 -15.37
N PHE L 563 -143.15 -1.75 -15.57
CA PHE L 563 -142.50 -1.29 -16.81
C PHE L 563 -142.82 -2.17 -18.02
N LYS L 564 -142.81 -3.51 -17.90
CA LYS L 564 -143.06 -4.39 -19.04
C LYS L 564 -144.46 -4.17 -19.64
N ASP L 565 -145.45 -3.88 -18.80
CA ASP L 565 -146.79 -3.49 -19.27
C ASP L 565 -146.81 -2.16 -20.06
N VAL L 566 -146.10 -1.12 -19.62
CA VAL L 566 -146.02 0.15 -20.36
C VAL L 566 -145.29 -0.03 -21.69
N ASP L 567 -144.18 -0.76 -21.71
CA ASP L 567 -143.44 -1.07 -22.96
C ASP L 567 -144.34 -1.80 -23.96
N ALA L 568 -145.06 -2.85 -23.55
CA ALA L 568 -146.00 -3.57 -24.41
C ALA L 568 -147.16 -2.66 -24.90
N ALA L 569 -147.70 -1.78 -24.05
CA ALA L 569 -148.73 -0.83 -24.43
C ALA L 569 -148.27 0.20 -25.48
N VAL L 570 -147.04 0.73 -25.37
CA VAL L 570 -146.47 1.64 -26.38
C VAL L 570 -146.20 0.89 -27.68
N ASP L 571 -145.64 -0.32 -27.61
CA ASP L 571 -145.27 -1.10 -28.79
C ASP L 571 -146.51 -1.56 -29.59
N ALA L 572 -147.63 -1.84 -28.93
CA ALA L 572 -148.93 -2.05 -29.60
C ALA L 572 -149.41 -0.82 -30.38
N GLU L 573 -149.31 0.39 -29.80
CA GLU L 573 -149.77 1.61 -30.47
C GLU L 573 -148.90 2.00 -31.67
N VAL L 574 -147.58 1.74 -31.64
CA VAL L 574 -146.70 1.99 -32.80
C VAL L 574 -147.14 1.16 -34.01
N VAL L 575 -147.51 -0.10 -33.82
CA VAL L 575 -147.99 -0.98 -34.89
C VAL L 575 -149.27 -0.43 -35.53
N GLN L 576 -150.30 -0.12 -34.73
CA GLN L 576 -151.56 0.44 -35.27
C GLN L 576 -151.32 1.77 -36.00
N PHE L 577 -150.41 2.61 -35.51
CA PHE L 577 -150.07 3.85 -36.19
C PHE L 577 -149.34 3.61 -37.52
N MET L 578 -148.30 2.77 -37.57
CA MET L 578 -147.58 2.48 -38.82
C MET L 578 -148.47 1.79 -39.88
N ASN L 579 -149.44 0.96 -39.46
CA ASN L 579 -150.47 0.42 -40.37
C ASN L 579 -151.32 1.53 -41.00
N SER L 580 -151.74 2.54 -40.22
CA SER L 580 -152.48 3.69 -40.74
C SER L 580 -151.67 4.47 -41.79
N MET L 581 -150.39 4.75 -41.53
CA MET L 581 -149.55 5.49 -42.48
C MET L 581 -149.35 4.73 -43.79
N ALA L 582 -149.17 3.40 -43.72
CA ALA L 582 -148.98 2.54 -44.89
C ALA L 582 -150.22 2.47 -45.79
N LYS L 583 -151.40 2.13 -45.25
CA LYS L 583 -152.61 1.90 -46.06
C LYS L 583 -153.14 3.17 -46.76
N ASN L 584 -152.84 4.34 -46.22
CA ASN L 584 -153.19 5.65 -46.78
C ASN L 584 -152.09 6.26 -47.70
N ASN L 585 -150.96 5.57 -47.92
CA ASN L 585 -149.82 6.09 -48.70
C ASN L 585 -149.29 7.47 -48.21
N ILE L 586 -149.32 7.74 -46.90
CA ILE L 586 -148.88 9.03 -46.35
C ILE L 586 -147.34 9.07 -46.29
N THR L 587 -146.72 10.12 -46.79
CA THR L 587 -145.25 10.27 -46.86
C THR L 587 -144.63 10.76 -45.53
N TYR L 588 -144.92 10.06 -44.43
CA TYR L 588 -144.54 10.44 -43.06
C TYR L 588 -143.03 10.63 -42.88
N LYS L 589 -142.25 9.80 -43.60
CA LYS L 589 -140.78 9.80 -43.69
C LYS L 589 -140.18 11.11 -44.21
N ASP L 590 -140.91 11.90 -45.01
CA ASP L 590 -140.52 13.27 -45.38
C ASP L 590 -141.19 14.34 -44.51
N LEU L 591 -142.41 14.11 -44.00
CA LEU L 591 -143.08 15.06 -43.11
C LEU L 591 -142.34 15.28 -41.78
N VAL L 592 -141.61 14.29 -41.25
CA VAL L 592 -140.72 14.46 -40.09
C VAL L 592 -139.65 15.53 -40.33
N LYS L 593 -139.01 15.57 -41.51
CA LYS L 593 -137.91 16.50 -41.82
C LYS L 593 -138.31 17.97 -41.65
N SER L 594 -139.56 18.32 -41.99
CA SER L 594 -140.06 19.68 -41.97
C SER L 594 -140.92 20.05 -40.75
N CYS L 595 -140.95 19.26 -39.67
CA CYS L 595 -141.78 19.60 -38.49
C CYS L 595 -141.12 20.67 -37.58
N TYR L 596 -141.94 21.52 -36.97
CA TYR L 596 -141.56 22.60 -36.05
C TYR L 596 -142.33 22.51 -34.73
N HIS L 597 -141.71 22.89 -33.61
CA HIS L 597 -142.47 23.32 -32.44
C HIS L 597 -143.15 24.67 -32.73
N VAL L 598 -144.38 24.86 -32.28
CA VAL L 598 -145.12 26.11 -32.46
C VAL L 598 -145.69 26.59 -31.13
N MET L 599 -145.50 27.88 -30.82
CA MET L 599 -146.16 28.58 -29.71
C MET L 599 -146.91 29.80 -30.23
N GLN L 600 -148.09 30.06 -29.71
CA GLN L 600 -148.89 31.24 -30.04
C GLN L 600 -148.72 32.30 -28.95
N TYR L 601 -148.31 33.51 -29.31
CA TYR L 601 -148.34 34.70 -28.45
C TYR L 601 -149.63 35.48 -28.74
N SER L 602 -150.48 35.65 -27.73
CA SER L 602 -151.82 36.26 -27.88
C SER L 602 -151.74 37.77 -28.11
N CYS L 603 -152.62 38.33 -28.96
CA CYS L 603 -152.73 39.77 -29.19
C CYS L 603 -153.95 40.42 -28.51
N ASN L 604 -154.67 39.71 -27.62
CA ASN L 604 -155.74 40.30 -26.83
C ASN L 604 -155.16 40.98 -25.56
N PRO L 605 -155.34 42.29 -25.34
CA PRO L 605 -154.88 42.95 -24.12
C PRO L 605 -155.59 42.47 -22.85
N PHE L 606 -156.82 41.97 -22.92
CA PHE L 606 -157.56 41.44 -21.77
C PHE L 606 -157.15 40.03 -21.35
N ALA L 607 -156.43 39.28 -22.21
CA ALA L 607 -155.87 37.97 -21.88
C ALA L 607 -154.63 38.01 -20.97
N GLN L 608 -153.96 39.15 -20.83
CA GLN L 608 -152.75 39.33 -20.02
C GLN L 608 -153.04 39.16 -18.53
N PRO L 609 -152.06 38.81 -17.67
CA PRO L 609 -152.28 38.70 -16.22
C PRO L 609 -152.63 40.05 -15.59
N ALA L 610 -153.42 40.06 -14.51
CA ALA L 610 -153.95 41.26 -13.85
C ALA L 610 -152.89 42.02 -13.02
N CYS L 611 -151.90 42.58 -13.71
CA CYS L 611 -150.84 43.44 -13.23
C CYS L 611 -150.63 44.63 -14.20
N PRO L 612 -150.53 45.88 -13.70
CA PRO L 612 -150.20 47.03 -14.54
C PRO L 612 -148.82 47.01 -15.22
N ILE L 613 -147.82 46.24 -14.76
CA ILE L 613 -146.54 46.08 -15.48
C ILE L 613 -146.73 45.30 -16.79
N PHE L 614 -147.61 44.31 -16.81
CA PHE L 614 -147.92 43.58 -18.04
C PHE L 614 -148.62 44.42 -19.11
N THR L 615 -149.28 45.53 -18.76
CA THR L 615 -149.74 46.53 -19.75
C THR L 615 -148.56 47.08 -20.54
N GLN L 616 -147.52 47.56 -19.87
CA GLN L 616 -146.31 48.08 -20.53
C GLN L 616 -145.53 47.00 -21.29
N LEU L 617 -145.33 45.82 -20.72
CA LEU L 617 -144.64 44.72 -21.41
C LEU L 617 -145.38 44.28 -22.68
N PHE L 618 -146.71 44.19 -22.67
CA PHE L 618 -147.49 43.83 -23.85
C PHE L 618 -147.42 44.89 -24.96
N TYR L 619 -147.71 46.16 -24.64
CA TYR L 619 -147.68 47.28 -25.61
C TYR L 619 -146.30 47.44 -26.26
N ARG L 620 -145.22 47.36 -25.48
CA ARG L 620 -143.84 47.48 -25.98
C ARG L 620 -143.38 46.28 -26.79
N SER L 621 -143.84 45.08 -26.46
CA SER L 621 -143.60 43.88 -27.28
C SER L 621 -144.29 44.03 -28.65
N LEU L 622 -145.54 44.47 -28.70
CA LEU L 622 -146.28 44.69 -29.94
C LEU L 622 -145.64 45.77 -30.83
N LEU L 623 -145.29 46.95 -30.30
CA LEU L 623 -144.64 48.02 -31.07
C LEU L 623 -143.30 47.56 -31.66
N THR L 624 -142.52 46.77 -30.91
CA THR L 624 -141.24 46.23 -31.37
C THR L 624 -141.40 45.23 -32.50
N ILE L 625 -142.38 44.33 -32.41
CA ILE L 625 -142.62 43.31 -33.44
C ILE L 625 -143.11 43.97 -34.74
N LEU L 626 -143.95 45.00 -34.68
CA LEU L 626 -144.38 45.72 -35.88
C LEU L 626 -143.23 46.46 -36.56
N GLN L 627 -142.29 47.04 -35.81
CA GLN L 627 -141.08 47.63 -36.40
C GLN L 627 -140.24 46.57 -37.11
N ASP L 628 -139.93 45.46 -36.45
CA ASP L 628 -139.07 44.40 -37.01
C ASP L 628 -139.65 43.76 -38.29
N ILE L 629 -140.97 43.53 -38.35
CA ILE L 629 -141.66 43.07 -39.56
C ILE L 629 -141.57 44.09 -40.69
N SER L 630 -141.64 45.39 -40.41
CA SER L 630 -141.66 46.44 -41.44
C SER L 630 -140.32 46.68 -42.15
N LEU L 631 -139.18 46.30 -41.58
CA LEU L 631 -137.86 46.70 -42.09
C LEU L 631 -137.60 46.34 -43.57
N PRO L 632 -137.79 45.10 -44.05
CA PRO L 632 -137.52 44.76 -45.45
C PRO L 632 -138.53 45.36 -46.42
N ILE L 633 -139.78 45.59 -45.98
CA ILE L 633 -140.82 46.25 -46.77
C ILE L 633 -140.40 47.69 -47.10
N CYS L 634 -139.88 48.42 -46.11
CA CYS L 634 -139.35 49.78 -46.27
C CYS L 634 -138.09 49.80 -47.14
N MET L 635 -137.16 48.87 -46.94
CA MET L 635 -135.93 48.74 -47.73
C MET L 635 -136.22 48.53 -49.22
N CYS L 636 -137.12 47.62 -49.58
CA CYS L 636 -137.44 47.37 -50.99
C CYS L 636 -138.11 48.58 -51.65
N TYR L 637 -139.02 49.25 -50.95
CA TYR L 637 -139.64 50.47 -51.47
C TYR L 637 -138.62 51.60 -51.66
N GLU L 638 -137.70 51.81 -50.72
CA GLU L 638 -136.66 52.84 -50.83
C GLU L 638 -135.62 52.52 -51.91
N ASN L 639 -135.25 51.25 -52.11
CA ASN L 639 -134.39 50.84 -53.23
C ASN L 639 -134.98 51.26 -54.60
N ASP L 640 -136.31 51.24 -54.74
CA ASP L 640 -137.03 51.67 -55.95
C ASP L 640 -137.31 53.19 -56.00
N ASN L 641 -137.31 53.87 -54.86
CA ASN L 641 -137.68 55.27 -54.68
C ASN L 641 -136.65 55.98 -53.78
N PRO L 642 -135.40 56.15 -54.24
CA PRO L 642 -134.27 56.49 -53.38
C PRO L 642 -134.38 57.86 -52.68
N GLY L 643 -133.68 58.00 -51.56
CA GLY L 643 -133.69 59.20 -50.74
C GLY L 643 -133.08 60.44 -51.40
N LEU L 644 -132.03 60.28 -52.23
CA LEU L 644 -131.40 61.35 -53.03
C LEU L 644 -131.05 62.61 -52.20
N GLY L 645 -130.60 62.41 -50.97
CA GLY L 645 -130.23 63.48 -50.03
C GLY L 645 -131.38 64.18 -49.31
N GLN L 646 -132.65 63.80 -49.56
CA GLN L 646 -133.79 64.29 -48.80
C GLN L 646 -133.72 63.84 -47.33
N SER L 647 -134.19 64.66 -46.39
CA SER L 647 -134.45 64.23 -45.02
C SER L 647 -135.69 63.32 -44.96
N PRO L 648 -135.80 62.41 -43.99
CA PRO L 648 -136.95 61.49 -43.92
C PRO L 648 -138.33 62.17 -43.92
N PRO L 649 -138.59 63.28 -43.19
CA PRO L 649 -139.89 63.97 -43.25
C PRO L 649 -140.26 64.48 -44.66
N GLU L 650 -139.30 64.97 -45.44
CA GLU L 650 -139.52 65.35 -46.84
C GLU L 650 -139.85 64.14 -47.72
N TRP L 651 -139.10 63.04 -47.59
CA TRP L 651 -139.32 61.82 -48.36
C TRP L 651 -140.66 61.15 -48.04
N LEU L 652 -141.05 61.11 -46.76
CA LEU L 652 -142.32 60.53 -46.29
C LEU L 652 -143.55 61.32 -46.78
N LYS L 653 -143.43 62.64 -46.96
CA LYS L 653 -144.51 63.51 -47.44
C LYS L 653 -145.10 63.03 -48.77
N GLY L 654 -144.25 62.62 -49.72
CA GLY L 654 -144.69 62.01 -50.97
C GLY L 654 -145.05 60.52 -50.87
N HIS L 655 -144.27 59.72 -50.15
CA HIS L 655 -144.33 58.26 -50.25
C HIS L 655 -145.19 57.51 -49.21
N TYR L 656 -145.54 58.10 -48.07
CA TYR L 656 -146.06 57.32 -46.94
C TYR L 656 -147.42 56.65 -47.19
N GLN L 657 -148.35 57.32 -47.87
CA GLN L 657 -149.67 56.75 -48.18
C GLN L 657 -149.57 55.43 -48.97
N THR L 658 -148.61 55.32 -49.90
CA THR L 658 -148.33 54.09 -50.64
C THR L 658 -147.70 53.03 -49.74
N LEU L 659 -146.72 53.39 -48.91
CA LEU L 659 -146.05 52.50 -47.98
C LEU L 659 -147.00 51.86 -46.93
N CYS L 660 -148.03 52.57 -46.46
CA CYS L 660 -149.09 51.98 -45.62
C CYS L 660 -149.77 50.77 -46.27
N THR L 661 -150.09 50.88 -47.57
CA THR L 661 -150.82 49.86 -48.34
C THR L 661 -149.93 48.66 -48.66
N ASN L 662 -148.65 48.89 -48.98
CA ASN L 662 -147.66 47.81 -49.06
C ASN L 662 -147.57 47.06 -47.73
N PHE L 663 -147.46 47.75 -46.59
CA PHE L 663 -147.37 47.09 -45.29
C PHE L 663 -148.58 46.19 -45.00
N ARG L 664 -149.81 46.70 -45.15
CA ARG L 664 -151.05 45.94 -44.95
C ARG L 664 -151.11 44.67 -45.81
N SER L 665 -150.56 44.70 -47.02
CA SER L 665 -150.54 43.57 -47.95
C SER L 665 -149.42 42.55 -47.69
N LEU L 666 -148.29 42.97 -47.12
CA LEU L 666 -147.07 42.16 -47.00
C LEU L 666 -146.69 41.76 -45.56
N ALA L 667 -147.27 42.38 -44.52
CA ALA L 667 -147.00 42.05 -43.12
C ALA L 667 -147.92 40.97 -42.54
N ILE L 668 -149.17 40.88 -43.01
CA ILE L 668 -150.23 40.08 -42.39
C ILE L 668 -150.49 38.80 -43.20
N ASP L 669 -150.67 37.66 -42.52
CA ASP L 669 -150.79 36.31 -43.11
C ASP L 669 -149.53 35.82 -43.85
N LYS L 670 -148.34 36.39 -43.60
CA LYS L 670 -147.06 36.01 -44.24
C LYS L 670 -146.09 35.25 -43.34
N GLY L 671 -146.53 34.78 -42.17
CA GLY L 671 -145.86 33.77 -41.35
C GLY L 671 -145.57 34.16 -39.90
N VAL L 672 -145.83 35.39 -39.47
CA VAL L 672 -145.66 35.84 -38.07
C VAL L 672 -146.96 36.36 -37.49
N LEU L 673 -147.54 37.40 -38.08
CA LEU L 673 -148.71 38.11 -37.57
C LEU L 673 -149.96 37.71 -38.33
N THR L 674 -151.04 37.42 -37.62
CA THR L 674 -152.38 37.22 -38.21
C THR L 674 -153.37 38.23 -37.66
N ALA L 675 -154.20 38.76 -38.54
CA ALA L 675 -155.26 39.72 -38.22
C ALA L 675 -156.38 39.60 -39.26
N LYS L 676 -157.62 39.91 -38.86
CA LYS L 676 -158.81 39.84 -39.72
C LYS L 676 -159.39 41.23 -39.89
N GLU L 677 -159.55 41.70 -41.13
CA GLU L 677 -160.33 42.90 -41.40
C GLU L 677 -161.85 42.62 -41.33
N ALA L 678 -162.61 43.61 -40.86
CA ALA L 678 -164.06 43.53 -40.72
C ALA L 678 -164.72 44.90 -40.94
N LYS L 679 -165.97 44.89 -41.43
CA LYS L 679 -166.86 46.06 -41.44
C LYS L 679 -167.78 46.05 -40.23
N VAL L 680 -167.93 47.19 -39.59
CA VAL L 680 -168.80 47.38 -38.43
C VAL L 680 -170.08 48.10 -38.87
N VAL L 681 -171.24 47.54 -38.53
CA VAL L 681 -172.55 48.11 -38.86
C VAL L 681 -173.47 48.18 -37.64
N HIS L 682 -174.29 49.22 -37.57
CA HIS L 682 -175.37 49.34 -36.59
C HIS L 682 -176.73 49.10 -37.25
N GLY L 683 -177.58 48.26 -36.66
CA GLY L 683 -178.82 47.80 -37.29
C GLY L 683 -179.93 48.85 -37.31
N GLU L 684 -180.23 49.47 -36.16
CA GLU L 684 -181.29 50.47 -36.04
C GLU L 684 -180.88 51.86 -36.59
N PRO L 685 -181.82 52.64 -37.18
CA PRO L 685 -181.54 54.01 -37.65
C PRO L 685 -181.54 55.06 -36.51
N THR L 686 -182.15 54.72 -35.36
CA THR L 686 -182.20 55.52 -34.13
C THR L 686 -181.91 54.61 -32.92
N CYS L 687 -181.51 55.13 -31.76
CA CYS L 687 -181.40 54.31 -30.55
C CYS L 687 -181.80 55.05 -29.27
N ASP L 688 -182.21 54.31 -28.24
CA ASP L 688 -182.67 54.84 -26.95
C ASP L 688 -181.49 55.42 -26.15
N LEU L 689 -181.43 56.75 -26.02
CA LEU L 689 -180.34 57.45 -25.34
C LEU L 689 -180.88 58.61 -24.48
N PRO L 690 -180.14 59.06 -23.45
CA PRO L 690 -180.57 60.18 -22.62
C PRO L 690 -180.46 61.51 -23.38
N ASP L 691 -181.37 62.45 -23.10
CA ASP L 691 -181.31 63.78 -23.67
C ASP L 691 -180.18 64.59 -23.01
N LEU L 692 -179.02 64.67 -23.68
CA LEU L 692 -177.80 65.20 -23.09
C LEU L 692 -177.89 66.71 -22.81
N ASP L 693 -178.71 67.46 -23.54
CA ASP L 693 -178.99 68.87 -23.26
C ASP L 693 -179.79 69.04 -21.96
N ALA L 694 -180.83 68.24 -21.73
CA ALA L 694 -181.54 68.22 -20.45
C ALA L 694 -180.66 67.70 -19.29
N ALA L 695 -179.84 66.68 -19.53
CA ALA L 695 -178.99 66.08 -18.52
C ALA L 695 -177.88 67.04 -18.03
N LEU L 696 -177.33 67.86 -18.92
CA LEU L 696 -176.41 68.95 -18.57
C LEU L 696 -177.07 69.97 -17.62
N GLN L 697 -178.39 70.20 -17.75
CA GLN L 697 -179.17 71.05 -16.84
C GLN L 697 -179.85 70.26 -15.71
N GLY L 698 -179.49 69.00 -15.47
CA GLY L 698 -179.96 68.20 -14.33
C GLY L 698 -181.29 67.45 -14.50
N ARG L 699 -181.92 67.50 -15.67
CA ARG L 699 -183.20 66.83 -15.99
C ARG L 699 -182.97 65.56 -16.80
N VAL L 700 -183.56 64.44 -16.39
CA VAL L 700 -183.30 63.11 -16.96
C VAL L 700 -184.52 62.55 -17.70
N TYR L 701 -184.43 62.39 -19.01
CA TYR L 701 -185.42 61.65 -19.83
C TYR L 701 -184.81 61.18 -21.17
N GLY L 702 -185.47 60.21 -21.79
CA GLY L 702 -184.99 59.53 -23.00
C GLY L 702 -185.40 60.19 -24.32
N ARG L 703 -184.62 59.93 -25.37
CA ARG L 703 -184.86 60.35 -26.76
C ARG L 703 -184.39 59.25 -27.73
N ARG L 704 -185.07 59.05 -28.86
CA ARG L 704 -184.58 58.17 -29.94
C ARG L 704 -183.79 58.96 -30.97
N LEU L 705 -182.52 59.21 -30.66
CA LEU L 705 -181.59 59.98 -31.47
C LEU L 705 -181.21 59.21 -32.76
N PRO L 706 -181.31 59.81 -33.95
CA PRO L 706 -180.72 59.27 -35.19
C PRO L 706 -179.21 59.07 -35.09
N VAL L 707 -178.69 57.93 -35.54
CA VAL L 707 -177.27 57.56 -35.38
C VAL L 707 -176.66 56.92 -36.61
N ARG L 708 -175.36 57.16 -36.83
CA ARG L 708 -174.54 56.50 -37.86
C ARG L 708 -173.06 56.33 -37.44
N MET L 709 -172.36 55.37 -38.02
CA MET L 709 -170.95 55.12 -37.70
C MET L 709 -170.01 56.20 -38.27
N SER L 710 -169.07 56.70 -37.47
CA SER L 710 -168.00 57.60 -37.93
C SER L 710 -166.79 56.87 -38.55
N LYS L 711 -166.63 55.58 -38.26
CA LYS L 711 -165.64 54.66 -38.88
C LYS L 711 -166.27 53.28 -39.11
N VAL L 712 -165.98 52.65 -40.25
CA VAL L 712 -166.59 51.37 -40.64
C VAL L 712 -165.58 50.22 -40.63
N LEU L 713 -164.32 50.45 -41.04
CA LEU L 713 -163.29 49.41 -41.04
C LEU L 713 -162.66 49.20 -39.65
N MET L 714 -162.48 47.93 -39.28
CA MET L 714 -161.81 47.47 -38.06
C MET L 714 -160.79 46.37 -38.38
N LEU L 715 -159.63 46.39 -37.73
CA LEU L 715 -158.54 45.42 -37.91
C LEU L 715 -158.36 44.62 -36.62
N CYS L 716 -158.99 43.46 -36.52
CA CYS L 716 -158.98 42.60 -35.35
C CYS L 716 -157.68 41.76 -35.30
N PRO L 717 -156.77 41.96 -34.34
CA PRO L 717 -155.56 41.16 -34.23
C PRO L 717 -155.88 39.76 -33.68
N ARG L 718 -155.09 38.75 -34.03
CA ARG L 718 -155.29 37.36 -33.57
C ARG L 718 -154.11 36.83 -32.77
N ASN L 719 -153.03 36.38 -33.44
CA ASN L 719 -151.84 35.86 -32.76
C ASN L 719 -150.54 36.31 -33.46
N ILE L 720 -149.45 36.28 -32.71
CA ILE L 720 -148.07 36.24 -33.19
C ILE L 720 -147.54 34.81 -33.02
N LYS L 721 -146.95 34.23 -34.05
CA LYS L 721 -146.55 32.81 -34.08
C LYS L 721 -145.04 32.64 -33.93
N ILE L 722 -144.60 31.82 -32.96
CA ILE L 722 -143.20 31.52 -32.69
C ILE L 722 -142.89 30.08 -33.12
N LYS L 723 -141.81 29.86 -33.87
CA LYS L 723 -141.42 28.57 -34.47
C LYS L 723 -140.04 28.12 -34.04
N ASN L 724 -139.83 26.82 -33.90
CA ASN L 724 -138.49 26.23 -33.68
C ASN L 724 -138.34 24.89 -34.41
N ARG L 725 -137.33 24.75 -35.28
CA ARG L 725 -137.09 23.53 -36.08
C ARG L 725 -136.69 22.33 -35.20
N VAL L 726 -137.30 21.17 -35.46
CA VAL L 726 -137.10 19.95 -34.66
C VAL L 726 -135.89 19.12 -35.10
N VAL L 727 -135.75 18.86 -36.39
CA VAL L 727 -134.76 17.91 -36.94
C VAL L 727 -133.62 18.64 -37.64
N PHE L 728 -132.40 18.37 -37.20
CA PHE L 728 -131.17 18.64 -37.93
C PHE L 728 -130.92 17.52 -38.96
N THR L 729 -130.80 17.87 -40.25
CA THR L 729 -130.70 16.91 -41.37
C THR L 729 -129.27 16.54 -41.77
N GLY L 730 -128.25 17.03 -41.07
CA GLY L 730 -126.84 16.75 -41.39
C GLY L 730 -126.27 17.51 -42.59
N GLU L 731 -127.07 18.32 -43.28
CA GLU L 731 -126.66 19.01 -44.52
C GLU L 731 -125.61 20.10 -44.30
N ASN L 732 -125.77 20.94 -43.27
CA ASN L 732 -124.81 21.99 -42.94
C ASN L 732 -123.61 21.40 -42.15
N ALA L 733 -122.52 21.11 -42.86
CA ALA L 733 -121.38 20.35 -42.34
C ALA L 733 -120.62 21.02 -41.18
N ALA L 734 -120.79 22.32 -40.96
CA ALA L 734 -120.20 23.04 -39.83
C ALA L 734 -120.90 22.74 -38.49
N LEU L 735 -122.15 22.29 -38.50
CA LEU L 735 -122.98 22.12 -37.29
C LEU L 735 -122.92 20.73 -36.66
N GLN L 736 -122.53 19.68 -37.42
CA GLN L 736 -122.76 18.27 -37.06
C GLN L 736 -122.25 17.89 -35.66
N ASN L 737 -121.11 18.45 -35.22
CA ASN L 737 -120.49 18.09 -33.94
C ASN L 737 -121.35 18.42 -32.71
N SER L 738 -122.32 19.33 -32.82
CA SER L 738 -123.28 19.62 -31.75
C SER L 738 -124.43 18.60 -31.68
N PHE L 739 -124.80 17.96 -32.80
CA PHE L 739 -125.97 17.06 -32.91
C PHE L 739 -125.63 15.56 -32.95
N ILE L 740 -124.40 15.16 -33.24
CA ILE L 740 -124.07 13.76 -33.57
C ILE L 740 -124.31 12.77 -32.40
N LYS L 741 -125.00 11.67 -32.70
CA LYS L 741 -125.28 10.55 -31.78
C LYS L 741 -124.08 9.60 -31.69
N SER L 742 -123.51 9.45 -30.51
CA SER L 742 -122.51 8.41 -30.21
C SER L 742 -123.17 7.04 -29.98
N THR L 743 -122.44 5.94 -30.23
CA THR L 743 -122.94 4.55 -30.09
C THR L 743 -122.08 3.68 -29.14
N THR L 744 -120.90 4.13 -28.70
CA THR L 744 -120.00 3.32 -27.85
C THR L 744 -120.51 3.15 -26.41
N ARG L 745 -120.19 1.99 -25.81
CA ARG L 745 -120.69 1.53 -24.50
C ARG L 745 -120.01 2.27 -23.33
N ARG L 746 -120.73 3.20 -22.70
CA ARG L 746 -120.25 4.00 -21.55
C ARG L 746 -120.48 3.30 -20.21
N GLU L 747 -119.76 3.72 -19.18
CA GLU L 747 -119.96 3.23 -17.80
C GLU L 747 -121.16 3.88 -17.09
N ASN L 748 -121.59 5.09 -17.50
CA ASN L 748 -122.73 5.80 -16.89
C ASN L 748 -124.12 5.33 -17.38
N TYR L 749 -124.21 4.27 -18.16
CA TYR L 749 -125.39 3.89 -18.94
C TYR L 749 -126.63 3.60 -18.09
N ILE L 750 -126.49 3.13 -16.85
CA ILE L 750 -127.61 2.94 -15.93
C ILE L 750 -127.98 4.28 -15.28
N ILE L 751 -127.02 4.97 -14.64
CA ILE L 751 -127.29 6.19 -13.87
C ILE L 751 -127.71 7.40 -14.72
N ASN L 752 -127.29 7.48 -15.98
CA ASN L 752 -127.80 8.41 -17.00
C ASN L 752 -128.83 7.74 -17.95
N GLY L 753 -129.33 6.56 -17.59
CA GLY L 753 -130.29 5.80 -18.36
C GLY L 753 -131.75 6.09 -18.02
N PRO L 754 -132.70 5.34 -18.61
CA PRO L 754 -134.13 5.63 -18.52
C PRO L 754 -134.77 5.30 -17.15
N TYR L 755 -134.09 4.59 -16.24
CA TYR L 755 -134.69 4.08 -15.01
C TYR L 755 -134.24 4.75 -13.71
N MET L 756 -133.15 5.51 -13.70
CA MET L 756 -132.52 5.98 -12.46
C MET L 756 -133.43 6.79 -11.55
N LYS L 757 -134.27 7.68 -12.10
CA LYS L 757 -135.22 8.46 -11.29
C LYS L 757 -136.27 7.58 -10.60
N PHE L 758 -136.77 6.52 -11.23
CA PHE L 758 -137.68 5.55 -10.62
C PHE L 758 -136.97 4.65 -9.60
N LEU L 759 -135.76 4.18 -9.92
CA LEU L 759 -134.93 3.41 -8.99
C LEU L 759 -134.63 4.19 -7.70
N ASN L 760 -134.57 5.52 -7.77
CA ASN L 760 -134.46 6.39 -6.62
C ASN L 760 -135.81 6.59 -5.89
N THR L 761 -136.88 6.94 -6.61
CA THR L 761 -138.23 7.13 -6.01
C THR L 761 -138.72 5.90 -5.22
N TYR L 762 -138.39 4.69 -5.68
CA TYR L 762 -138.79 3.43 -5.07
C TYR L 762 -137.68 2.72 -4.27
N HIS L 763 -136.56 3.39 -3.99
CA HIS L 763 -135.40 2.77 -3.32
C HIS L 763 -135.74 2.08 -2.00
N LYS L 764 -136.51 2.74 -1.11
CA LYS L 764 -136.90 2.18 0.19
C LYS L 764 -137.84 0.97 0.10
N THR L 765 -138.59 0.79 -1.00
CA THR L 765 -139.38 -0.43 -1.25
C THR L 765 -138.57 -1.54 -1.95
N LEU L 766 -137.61 -1.20 -2.83
CA LEU L 766 -136.71 -2.19 -3.44
C LEU L 766 -135.66 -2.75 -2.48
N PHE L 767 -135.04 -1.91 -1.63
CA PHE L 767 -133.97 -2.34 -0.72
C PHE L 767 -134.23 -1.84 0.72
N PRO L 768 -135.14 -2.49 1.47
CA PRO L 768 -135.54 -2.09 2.82
C PRO L 768 -134.36 -1.91 3.78
N ASP L 769 -134.31 -0.75 4.43
CA ASP L 769 -133.31 -0.33 5.44
C ASP L 769 -131.82 -0.44 5.01
N THR L 770 -131.49 -0.39 3.71
CA THR L 770 -130.09 -0.36 3.28
C THR L 770 -129.42 1.00 3.56
N LYS L 771 -128.12 0.99 3.92
CA LYS L 771 -127.34 2.22 4.17
C LYS L 771 -126.90 2.92 2.88
N LEU L 772 -126.82 2.19 1.76
CA LEU L 772 -126.31 2.65 0.47
C LEU L 772 -127.17 3.75 -0.16
N SER L 773 -126.56 4.76 -0.78
CA SER L 773 -127.26 5.63 -1.72
C SER L 773 -127.66 4.87 -2.99
N SER L 774 -128.80 5.21 -3.57
CA SER L 774 -129.29 4.60 -4.81
C SER L 774 -128.28 4.76 -5.96
N LEU L 775 -127.64 5.92 -6.06
CA LEU L 775 -126.58 6.23 -7.03
C LEU L 775 -125.38 5.30 -6.88
N TYR L 776 -124.88 5.09 -5.65
CA TYR L 776 -123.76 4.17 -5.45
C TYR L 776 -124.14 2.70 -5.68
N LEU L 777 -125.33 2.25 -5.28
CA LEU L 777 -125.79 0.88 -5.50
C LEU L 777 -125.74 0.50 -7.00
N TRP L 778 -126.33 1.34 -7.85
CA TRP L 778 -126.38 1.11 -9.29
C TRP L 778 -125.09 1.43 -10.04
N HIS L 779 -124.21 2.28 -9.52
CA HIS L 779 -122.87 2.48 -10.07
C HIS L 779 -121.92 1.32 -9.72
N ASN L 780 -122.02 0.78 -8.51
CA ASN L 780 -121.36 -0.45 -8.08
C ASN L 780 -121.80 -1.62 -8.96
N PHE L 781 -123.10 -1.78 -9.22
CA PHE L 781 -123.58 -2.78 -10.16
C PHE L 781 -123.03 -2.57 -11.57
N SER L 782 -123.04 -1.33 -12.07
CA SER L 782 -122.44 -0.90 -13.35
C SER L 782 -120.94 -1.15 -13.51
N ARG L 783 -120.20 -1.53 -12.45
CA ARG L 783 -118.75 -1.78 -12.52
C ARG L 783 -118.28 -3.11 -11.93
N ARG L 784 -119.03 -3.70 -10.99
CA ARG L 784 -118.68 -4.95 -10.28
C ARG L 784 -119.67 -6.10 -10.50
N ARG L 785 -120.81 -5.85 -11.14
CA ARG L 785 -121.86 -6.85 -11.44
C ARG L 785 -122.39 -7.57 -10.20
N SER L 786 -122.79 -6.82 -9.15
CA SER L 786 -123.37 -7.40 -7.93
C SER L 786 -124.46 -6.54 -7.28
N VAL L 787 -125.39 -7.17 -6.57
CA VAL L 787 -126.61 -6.56 -6.03
C VAL L 787 -126.92 -7.12 -4.63
N PRO L 788 -127.31 -6.32 -3.63
CA PRO L 788 -127.60 -6.80 -2.28
C PRO L 788 -129.01 -7.39 -2.15
N VAL L 789 -129.18 -8.52 -1.48
CA VAL L 789 -130.49 -9.16 -1.28
C VAL L 789 -130.96 -9.03 0.19
N PRO L 790 -132.08 -8.35 0.48
CA PRO L 790 -132.60 -8.20 1.85
C PRO L 790 -132.77 -9.52 2.63
N SER L 791 -132.71 -9.44 3.96
CA SER L 791 -132.44 -10.58 4.86
C SER L 791 -133.35 -11.81 4.67
N GLY L 792 -134.65 -11.61 4.43
CA GLY L 792 -135.61 -12.68 4.13
C GLY L 792 -136.03 -12.81 2.66
N ALA L 793 -135.61 -11.89 1.80
CA ALA L 793 -135.96 -11.89 0.37
C ALA L 793 -135.20 -12.95 -0.45
N SER L 794 -135.70 -13.28 -1.65
CA SER L 794 -135.16 -14.35 -2.50
C SER L 794 -134.07 -13.85 -3.46
N ALA L 795 -133.03 -14.64 -3.71
CA ALA L 795 -131.90 -14.21 -4.54
C ALA L 795 -132.28 -13.98 -6.02
N GLU L 796 -133.03 -14.90 -6.63
CA GLU L 796 -133.19 -14.89 -8.09
C GLU L 796 -134.09 -13.73 -8.57
N GLU L 797 -135.08 -13.36 -7.78
CA GLU L 797 -135.91 -12.16 -7.90
C GLU L 797 -135.10 -10.86 -8.07
N TYR L 798 -134.01 -10.70 -7.31
CA TYR L 798 -133.09 -9.57 -7.47
C TYR L 798 -132.13 -9.75 -8.63
N SER L 799 -131.69 -10.96 -8.95
CA SER L 799 -130.91 -11.18 -10.17
C SER L 799 -131.72 -10.82 -11.43
N ASP L 800 -133.04 -11.06 -11.44
CA ASP L 800 -133.92 -10.64 -12.53
C ASP L 800 -134.06 -9.11 -12.63
N LEU L 801 -134.34 -8.42 -11.53
CA LEU L 801 -134.37 -6.95 -11.46
C LEU L 801 -133.09 -6.32 -12.07
N ALA L 802 -131.93 -6.84 -11.69
CA ALA L 802 -130.66 -6.39 -12.21
C ALA L 802 -130.54 -6.57 -13.74
N LEU L 803 -130.91 -7.73 -14.27
CA LEU L 803 -130.89 -7.99 -15.71
C LEU L 803 -131.93 -7.16 -16.48
N PHE L 804 -133.08 -6.82 -15.88
CA PHE L 804 -134.03 -5.89 -16.51
C PHE L 804 -133.45 -4.48 -16.67
N VAL L 805 -132.83 -3.94 -15.61
CA VAL L 805 -132.20 -2.61 -15.59
C VAL L 805 -131.05 -2.54 -16.57
N ASP L 806 -130.18 -3.55 -16.58
CA ASP L 806 -129.06 -3.65 -17.51
C ASP L 806 -129.52 -3.69 -18.97
N GLY L 807 -130.44 -4.61 -19.28
CA GLY L 807 -130.95 -4.82 -20.63
C GLY L 807 -131.57 -3.56 -21.23
N GLY L 808 -132.53 -2.96 -20.53
CA GLY L 808 -133.18 -1.73 -21.00
C GLY L 808 -132.24 -0.54 -21.08
N SER L 809 -131.26 -0.42 -20.17
CA SER L 809 -130.29 0.67 -20.22
C SER L 809 -129.38 0.58 -21.45
N ARG L 810 -128.85 -0.60 -21.83
CA ARG L 810 -128.09 -0.77 -23.09
C ARG L 810 -128.96 -0.61 -24.34
N ALA L 811 -130.21 -1.05 -24.34
CA ALA L 811 -131.11 -0.83 -25.47
C ALA L 811 -131.43 0.65 -25.70
N HIS L 812 -131.61 1.41 -24.61
CA HIS L 812 -131.76 2.86 -24.64
C HIS L 812 -130.49 3.57 -25.12
N GLU L 813 -129.31 3.14 -24.65
CA GLU L 813 -128.01 3.67 -25.05
C GLU L 813 -127.80 3.56 -26.57
N GLU L 814 -128.13 2.40 -27.15
CA GLU L 814 -128.14 2.17 -28.60
C GLU L 814 -129.16 3.06 -29.35
N SER L 815 -130.44 3.01 -28.97
CA SER L 815 -131.54 3.55 -29.79
C SER L 815 -131.90 5.03 -29.57
N ASN L 816 -131.57 5.66 -28.45
CA ASN L 816 -132.17 6.96 -28.07
C ASN L 816 -131.61 8.19 -28.82
N VAL L 817 -132.49 9.06 -29.30
CA VAL L 817 -132.15 10.37 -29.90
C VAL L 817 -132.87 11.57 -29.23
N ILE L 818 -133.48 11.35 -28.08
CA ILE L 818 -134.19 12.35 -27.27
C ILE L 818 -133.43 12.52 -25.93
N ASP L 819 -132.67 13.59 -25.77
CA ASP L 819 -131.71 13.78 -24.66
C ASP L 819 -132.36 14.19 -23.32
N VAL L 820 -133.17 13.29 -22.75
CA VAL L 820 -133.98 13.44 -21.53
C VAL L 820 -133.85 12.21 -20.64
N VAL L 821 -133.72 12.40 -19.33
CA VAL L 821 -133.92 11.35 -18.32
C VAL L 821 -135.32 11.53 -17.73
N PRO L 822 -136.30 10.67 -18.03
CA PRO L 822 -137.71 10.93 -17.72
C PRO L 822 -138.03 10.81 -16.22
N GLY L 823 -138.80 11.76 -15.68
CA GLY L 823 -139.19 11.77 -14.26
C GLY L 823 -140.46 11.00 -13.90
N ASN L 824 -141.34 10.75 -14.85
CA ASN L 824 -142.64 10.09 -14.64
C ASN L 824 -142.97 9.13 -15.79
N LEU L 825 -143.90 8.19 -15.54
CA LEU L 825 -144.24 7.13 -16.51
C LEU L 825 -144.85 7.63 -17.82
N VAL L 826 -145.56 8.76 -17.82
CA VAL L 826 -146.08 9.38 -19.06
C VAL L 826 -144.96 9.93 -19.93
N THR L 827 -143.96 10.59 -19.34
CA THR L 827 -142.79 11.07 -20.09
C THR L 827 -141.94 9.91 -20.58
N TYR L 828 -141.71 8.88 -19.75
CA TYR L 828 -141.06 7.62 -20.16
C TYR L 828 -141.75 6.97 -21.37
N ALA L 829 -143.07 6.82 -21.33
CA ALA L 829 -143.88 6.26 -22.41
C ALA L 829 -143.76 7.09 -23.70
N LYS L 830 -143.95 8.41 -23.61
CA LYS L 830 -143.83 9.33 -24.77
C LYS L 830 -142.44 9.37 -25.38
N GLN L 831 -141.37 9.27 -24.59
CA GLN L 831 -140.02 9.12 -25.13
C GLN L 831 -139.87 7.82 -25.93
N ARG L 832 -140.36 6.67 -25.40
CA ARG L 832 -140.32 5.38 -26.11
C ARG L 832 -141.05 5.45 -27.46
N LEU L 833 -142.23 6.06 -27.49
CA LEU L 833 -143.04 6.24 -28.70
C LEU L 833 -142.33 7.09 -29.78
N ASN L 834 -141.79 8.25 -29.43
CA ASN L 834 -141.18 9.15 -30.40
C ASN L 834 -139.82 8.65 -30.92
N ASN L 835 -139.03 7.94 -30.10
CA ASN L 835 -137.87 7.20 -30.58
C ASN L 835 -138.25 6.12 -31.62
N ALA L 836 -139.45 5.53 -31.56
CA ALA L 836 -139.89 4.56 -32.56
C ALA L 836 -140.26 5.21 -33.91
N ILE L 837 -140.92 6.36 -33.92
CA ILE L 837 -141.28 7.07 -35.15
C ILE L 837 -140.02 7.56 -35.89
N LEU L 838 -139.06 8.14 -35.18
CA LEU L 838 -137.80 8.61 -35.76
C LEU L 838 -136.98 7.48 -36.39
N LYS L 839 -137.00 6.27 -35.80
CA LYS L 839 -136.35 5.10 -36.38
C LYS L 839 -137.02 4.65 -37.68
N ALA L 840 -138.36 4.60 -37.74
CA ALA L 840 -139.10 4.32 -38.98
C ALA L 840 -138.83 5.36 -40.09
N CYS L 841 -138.54 6.61 -39.73
CA CYS L 841 -138.13 7.66 -40.66
C CYS L 841 -136.64 7.65 -41.05
N GLY L 842 -135.83 6.70 -40.55
CA GLY L 842 -134.38 6.68 -40.76
C GLY L 842 -133.58 7.76 -40.02
N GLN L 843 -134.19 8.49 -39.07
CA GLN L 843 -133.55 9.54 -38.29
C GLN L 843 -132.83 8.95 -37.07
N THR L 844 -131.57 8.55 -37.26
CA THR L 844 -130.78 7.77 -36.27
C THR L 844 -129.39 8.34 -36.00
N GLN L 845 -128.91 9.28 -36.81
CA GLN L 845 -127.55 9.83 -36.73
C GLN L 845 -127.42 11.01 -35.75
N PHE L 846 -128.52 11.70 -35.45
CA PHE L 846 -128.52 12.97 -34.72
C PHE L 846 -129.58 13.02 -33.61
N TYR L 847 -129.27 13.69 -32.51
CA TYR L 847 -130.28 14.17 -31.55
C TYR L 847 -131.23 15.18 -32.18
N ILE L 848 -132.49 15.19 -31.74
CA ILE L 848 -133.46 16.24 -32.09
C ILE L 848 -133.32 17.49 -31.20
N SER L 849 -133.78 18.67 -31.67
CA SER L 849 -133.91 19.87 -30.82
C SER L 849 -134.92 19.64 -29.68
N LEU L 850 -134.66 20.19 -28.51
CA LEU L 850 -135.58 20.21 -27.37
C LEU L 850 -135.96 21.65 -26.97
N ILE L 851 -137.20 21.86 -26.53
CA ILE L 851 -137.59 23.05 -25.74
C ILE L 851 -137.90 22.61 -24.30
N GLN L 852 -137.29 23.25 -23.30
CA GLN L 852 -137.59 23.02 -21.89
C GLN L 852 -138.27 24.22 -21.22
N GLY L 853 -139.31 23.96 -20.44
CA GLY L 853 -140.02 24.97 -19.66
C GLY L 853 -139.39 25.17 -18.29
N LEU L 854 -139.12 26.41 -17.91
CA LEU L 854 -138.71 26.81 -16.56
C LEU L 854 -139.96 27.28 -15.79
N VAL L 855 -140.34 26.58 -14.73
CA VAL L 855 -141.60 26.80 -14.00
C VAL L 855 -141.35 27.33 -12.58
N PRO L 856 -141.94 28.46 -12.16
CA PRO L 856 -141.76 29.01 -10.81
C PRO L 856 -142.26 28.12 -9.66
N ARG L 857 -141.42 27.92 -8.64
CA ARG L 857 -141.73 27.29 -7.35
C ARG L 857 -141.53 28.30 -6.22
N THR L 858 -142.53 28.48 -5.38
CA THR L 858 -142.54 29.46 -4.28
C THR L 858 -142.21 28.77 -2.97
N GLN L 859 -141.25 29.29 -2.20
CA GLN L 859 -140.72 28.68 -0.97
C GLN L 859 -140.53 29.70 0.17
N SER L 860 -140.76 29.29 1.42
CA SER L 860 -140.51 30.12 2.61
C SER L 860 -139.15 29.82 3.23
N VAL L 861 -138.35 30.84 3.51
CA VAL L 861 -136.95 30.74 3.97
C VAL L 861 -136.71 31.65 5.18
N PRO L 862 -135.65 31.43 6.00
CA PRO L 862 -135.35 32.34 7.10
C PRO L 862 -134.95 33.73 6.61
N ALA L 863 -135.51 34.79 7.20
CA ALA L 863 -135.43 36.16 6.67
C ALA L 863 -134.08 36.88 6.85
N ARG L 864 -133.07 36.20 7.38
CA ARG L 864 -131.73 36.72 7.70
C ARG L 864 -131.09 37.55 6.59
N ASP L 865 -131.16 37.10 5.34
CA ASP L 865 -130.66 37.83 4.16
C ASP L 865 -131.78 38.46 3.29
N TYR L 866 -132.97 38.69 3.84
CA TYR L 866 -134.14 39.27 3.17
C TYR L 866 -134.67 40.49 3.96
N PRO L 867 -133.90 41.59 4.04
CA PRO L 867 -134.09 42.63 5.05
C PRO L 867 -135.41 43.40 4.95
N HIS L 868 -136.08 43.39 3.81
CA HIS L 868 -137.34 44.10 3.60
C HIS L 868 -138.50 43.62 4.49
N VAL L 869 -138.42 42.44 5.13
CA VAL L 869 -139.44 42.01 6.10
C VAL L 869 -139.53 42.91 7.34
N LEU L 870 -138.48 43.68 7.67
CA LEU L 870 -138.47 44.57 8.82
C LEU L 870 -139.30 45.85 8.65
N GLY L 871 -139.69 46.22 7.42
CA GLY L 871 -140.43 47.44 7.14
C GLY L 871 -139.61 48.72 7.27
N THR L 872 -140.29 49.86 7.47
CA THR L 872 -139.67 51.21 7.60
C THR L 872 -138.96 51.47 8.94
N ARG L 873 -138.94 50.46 9.83
CA ARG L 873 -138.25 50.39 11.12
C ARG L 873 -136.83 50.97 11.09
N ALA L 874 -136.46 51.76 12.09
CA ALA L 874 -135.08 52.18 12.31
C ALA L 874 -134.24 51.02 12.87
N VAL L 875 -133.06 50.75 12.29
CA VAL L 875 -132.15 49.68 12.71
C VAL L 875 -130.87 50.30 13.26
N GLU L 876 -130.56 50.01 14.52
CA GLU L 876 -129.48 50.68 15.27
C GLU L 876 -128.18 49.87 15.41
N SER L 877 -128.25 48.54 15.40
CA SER L 877 -127.07 47.65 15.47
C SER L 877 -127.27 46.34 14.72
N ALA L 878 -126.17 45.68 14.34
CA ALA L 878 -126.21 44.37 13.70
C ALA L 878 -126.76 43.28 14.64
N ALA L 879 -126.51 43.40 15.95
CA ALA L 879 -127.11 42.52 16.96
C ALA L 879 -128.64 42.68 17.03
N ALA L 880 -129.16 43.90 16.93
CA ALA L 880 -130.60 44.13 16.87
C ALA L 880 -131.22 43.63 15.55
N TYR L 881 -130.54 43.79 14.40
CA TYR L 881 -130.98 43.21 13.12
C TYR L 881 -131.07 41.67 13.18
N ALA L 882 -130.04 41.02 13.72
CA ALA L 882 -130.02 39.57 13.92
C ALA L 882 -131.13 39.10 14.87
N GLU L 883 -131.35 39.80 15.99
CA GLU L 883 -132.43 39.49 16.94
C GLU L 883 -133.80 39.62 16.26
N ALA L 884 -134.09 40.75 15.61
CA ALA L 884 -135.39 41.02 14.99
C ALA L 884 -135.75 40.05 13.84
N THR L 885 -134.76 39.60 13.06
CA THR L 885 -134.98 38.65 11.95
C THR L 885 -134.97 37.18 12.39
N SER L 886 -134.43 36.83 13.56
CA SER L 886 -134.28 35.43 14.02
C SER L 886 -135.59 34.61 14.08
N SER L 887 -136.74 35.27 14.23
CA SER L 887 -138.07 34.65 14.31
C SER L 887 -138.93 34.82 13.05
N LEU L 888 -138.37 35.33 11.94
CA LEU L 888 -139.12 35.74 10.74
C LEU L 888 -138.73 34.95 9.49
N THR L 889 -139.69 34.77 8.58
CA THR L 889 -139.49 34.08 7.30
C THR L 889 -139.93 34.96 6.11
N ALA L 890 -139.21 34.83 5.00
CA ALA L 890 -139.44 35.54 3.75
C ALA L 890 -139.90 34.57 2.65
N THR L 891 -140.84 34.98 1.82
CA THR L 891 -141.23 34.25 0.60
C THR L 891 -140.22 34.52 -0.52
N THR L 892 -139.71 33.49 -1.18
CA THR L 892 -138.79 33.59 -2.33
C THR L 892 -139.23 32.65 -3.45
N VAL L 893 -138.75 32.93 -4.67
CA VAL L 893 -139.10 32.15 -5.86
C VAL L 893 -137.84 31.65 -6.56
N VAL L 894 -137.87 30.40 -7.00
CA VAL L 894 -136.86 29.77 -7.88
C VAL L 894 -137.58 29.08 -9.04
N CYS L 895 -136.90 28.83 -10.15
CA CYS L 895 -137.46 28.10 -11.28
C CYS L 895 -136.92 26.67 -11.37
N ALA L 896 -137.80 25.70 -11.63
CA ALA L 896 -137.45 24.29 -11.86
C ALA L 896 -137.65 23.89 -13.33
N ALA L 897 -136.71 23.15 -13.91
CA ALA L 897 -136.82 22.69 -15.28
C ALA L 897 -137.81 21.50 -15.37
N THR L 898 -138.83 21.65 -16.20
CA THR L 898 -139.72 20.56 -16.61
C THR L 898 -139.11 19.79 -17.79
N ASP L 899 -139.26 18.46 -17.79
CA ASP L 899 -138.84 17.56 -18.88
C ASP L 899 -139.92 17.38 -19.97
N CYS L 900 -141.03 18.11 -19.89
CA CYS L 900 -142.25 17.90 -20.68
C CYS L 900 -143.09 19.19 -20.84
N LEU L 901 -142.65 20.10 -21.72
CA LEU L 901 -143.33 21.38 -21.97
C LEU L 901 -144.82 21.25 -22.36
N SER L 902 -145.21 20.17 -23.04
CA SER L 902 -146.57 20.04 -23.57
C SER L 902 -147.69 20.00 -22.50
N GLN L 903 -147.46 19.39 -21.33
CA GLN L 903 -148.44 19.43 -20.24
C GLN L 903 -148.59 20.83 -19.61
N VAL L 904 -147.52 21.63 -19.57
CA VAL L 904 -147.58 23.04 -19.14
C VAL L 904 -148.38 23.87 -20.14
N CYS L 905 -148.18 23.68 -21.45
CA CYS L 905 -148.95 24.38 -22.48
C CYS L 905 -150.47 24.09 -22.46
N LYS L 906 -150.91 22.94 -21.93
CA LYS L 906 -152.34 22.67 -21.68
C LYS L 906 -152.97 23.53 -20.59
N ALA L 907 -152.18 24.08 -19.66
CA ALA L 907 -152.64 24.94 -18.56
C ALA L 907 -152.70 26.45 -18.91
N ARG L 908 -152.71 26.78 -20.22
CA ARG L 908 -152.82 28.14 -20.79
C ARG L 908 -151.85 29.15 -20.14
N PRO L 909 -150.52 28.94 -20.24
CA PRO L 909 -149.55 29.64 -19.41
C PRO L 909 -149.29 31.10 -19.83
N VAL L 910 -148.88 31.92 -18.87
CA VAL L 910 -148.13 33.16 -19.11
C VAL L 910 -146.69 32.78 -19.49
N VAL L 911 -146.16 33.34 -20.56
CA VAL L 911 -144.85 32.95 -21.13
C VAL L 911 -143.87 34.12 -21.28
N THR L 912 -142.57 33.85 -21.15
CA THR L 912 -141.48 34.77 -21.53
C THR L 912 -140.44 34.04 -22.36
N LEU L 913 -140.08 34.58 -23.52
CA LEU L 913 -139.19 33.93 -24.49
C LEU L 913 -138.39 34.92 -25.36
N PRO L 914 -137.23 34.53 -25.91
CA PRO L 914 -136.46 35.32 -26.87
C PRO L 914 -136.91 35.06 -28.32
N VAL L 915 -137.01 36.08 -29.16
CA VAL L 915 -137.36 35.92 -30.59
C VAL L 915 -136.48 36.75 -31.54
N THR L 916 -136.13 36.18 -32.70
CA THR L 916 -135.63 36.89 -33.88
C THR L 916 -136.62 36.73 -35.03
N ILE L 917 -137.00 37.80 -35.73
CA ILE L 917 -137.83 37.66 -36.93
C ILE L 917 -136.94 37.63 -38.17
N ASN L 918 -136.85 36.48 -38.81
CA ASN L 918 -136.06 36.23 -40.02
C ASN L 918 -136.96 36.27 -41.27
N LYS L 919 -136.45 36.85 -42.37
CA LYS L 919 -137.22 37.08 -43.60
C LYS L 919 -136.55 36.45 -44.81
N TYR L 920 -137.32 35.87 -45.71
CA TYR L 920 -136.84 35.04 -46.82
C TYR L 920 -137.81 35.05 -48.02
N THR L 921 -137.31 34.72 -49.20
CA THR L 921 -138.09 34.66 -50.45
C THR L 921 -138.95 33.39 -50.51
N GLY L 922 -140.08 33.43 -51.22
CA GLY L 922 -140.86 32.22 -51.53
C GLY L 922 -140.13 31.21 -52.44
N VAL L 923 -140.62 29.97 -52.48
CA VAL L 923 -140.11 28.88 -53.35
C VAL L 923 -140.81 28.83 -54.71
N ASN L 924 -140.46 27.85 -55.55
CA ASN L 924 -141.10 27.56 -56.84
C ASN L 924 -141.14 28.78 -57.77
N GLY L 925 -140.05 29.54 -57.82
CA GLY L 925 -139.88 30.71 -58.67
C GLY L 925 -140.51 32.01 -58.16
N ASN L 926 -141.13 32.01 -56.97
CA ASN L 926 -141.77 33.20 -56.40
C ASN L 926 -140.74 34.27 -55.94
N ASN L 927 -141.18 35.53 -55.86
CA ASN L 927 -140.35 36.69 -55.48
C ASN L 927 -140.87 37.50 -54.28
N GLN L 928 -141.95 37.07 -53.61
CA GLN L 928 -142.47 37.72 -52.41
C GLN L 928 -141.66 37.38 -51.15
N ILE L 929 -141.82 38.18 -50.10
CA ILE L 929 -141.13 38.01 -48.81
C ILE L 929 -142.07 37.33 -47.82
N PHE L 930 -141.57 36.31 -47.12
CA PHE L 930 -142.22 35.61 -46.02
C PHE L 930 -141.38 35.75 -44.74
N GLN L 931 -142.00 35.63 -43.56
CA GLN L 931 -141.32 35.79 -42.28
C GLN L 931 -141.49 34.57 -41.36
N ALA L 932 -140.52 34.33 -40.49
CA ALA L 932 -140.64 33.44 -39.34
C ALA L 932 -140.11 34.12 -38.07
N GLY L 933 -140.84 33.99 -36.97
CA GLY L 933 -140.37 34.35 -35.64
C GLY L 933 -139.69 33.15 -35.01
N ASN L 934 -138.37 33.04 -35.14
CA ASN L 934 -137.62 31.89 -34.63
C ASN L 934 -137.23 32.10 -33.15
N LEU L 935 -137.47 31.07 -32.32
CA LEU L 935 -137.11 31.03 -30.90
C LEU L 935 -135.59 31.12 -30.71
N GLY L 936 -135.12 32.04 -29.87
CA GLY L 936 -133.70 32.32 -29.63
C GLY L 936 -133.22 32.04 -28.21
N TYR L 937 -132.22 32.80 -27.76
CA TYR L 937 -131.51 32.63 -26.49
C TYR L 937 -131.57 33.88 -25.60
N PHE L 938 -131.53 33.70 -24.29
CA PHE L 938 -131.40 34.78 -23.31
C PHE L 938 -129.95 35.25 -23.17
N MET L 939 -129.73 36.55 -23.03
CA MET L 939 -128.41 37.13 -22.76
C MET L 939 -128.32 37.68 -21.33
N GLY L 940 -127.19 37.48 -20.65
CA GLY L 940 -126.89 38.00 -19.31
C GLY L 940 -126.90 36.92 -18.25
N ARG L 941 -125.80 36.77 -17.50
CA ARG L 941 -125.62 35.67 -16.53
C ARG L 941 -126.55 35.75 -15.31
N GLY L 942 -127.14 36.91 -15.01
CA GLY L 942 -128.06 37.07 -13.89
C GLY L 942 -129.47 36.54 -14.09
N VAL L 943 -129.88 36.14 -15.29
CA VAL L 943 -131.27 35.77 -15.62
C VAL L 943 -131.77 34.56 -14.81
N ASP L 944 -131.16 33.39 -14.91
CA ASP L 944 -131.52 32.22 -14.10
C ASP L 944 -130.37 31.21 -14.02
N ARG L 945 -130.11 30.64 -12.85
CA ARG L 945 -129.04 29.66 -12.64
C ARG L 945 -129.12 28.42 -13.54
N ASN L 946 -130.30 28.00 -14.00
CA ASN L 946 -130.44 26.87 -14.93
C ASN L 946 -129.88 27.17 -16.33
N LEU L 947 -129.71 28.43 -16.70
CA LEU L 947 -129.11 28.86 -17.97
C LEU L 947 -127.57 28.94 -17.92
N LEU L 948 -126.93 28.79 -16.75
CA LEU L 948 -125.48 28.89 -16.58
C LEU L 948 -124.74 27.65 -17.13
N GLN L 949 -123.91 27.83 -18.16
CA GLN L 949 -122.95 26.83 -18.64
C GLN L 949 -121.68 26.81 -17.78
N SER L 963 -126.46 26.02 -25.85
CA SER L 963 -126.34 24.92 -26.81
C SER L 963 -127.18 25.16 -28.07
N MET L 964 -126.74 24.59 -29.20
CA MET L 964 -127.55 24.47 -30.43
C MET L 964 -128.89 23.76 -30.19
N ARG L 965 -128.88 22.71 -29.35
CA ARG L 965 -129.94 21.68 -29.35
C ARG L 965 -130.90 21.69 -28.14
N LYS L 966 -130.72 22.59 -27.18
CA LYS L 966 -131.70 22.87 -26.12
C LYS L 966 -131.99 24.37 -26.01
N LYS L 967 -133.27 24.74 -26.01
CA LYS L 967 -133.78 26.11 -25.81
C LYS L 967 -134.76 26.16 -24.63
N PHE L 968 -134.88 27.32 -24.00
CA PHE L 968 -135.70 27.51 -22.79
C PHE L 968 -136.79 28.57 -22.98
N VAL L 969 -137.92 28.36 -22.31
CA VAL L 969 -139.03 29.32 -22.13
C VAL L 969 -139.42 29.36 -20.65
N PHE L 970 -139.69 30.53 -20.08
CA PHE L 970 -140.33 30.62 -18.75
C PHE L 970 -141.85 30.47 -18.88
N ALA L 971 -142.50 29.64 -18.07
CA ALA L 971 -143.96 29.44 -18.10
C ALA L 971 -144.61 29.38 -16.71
N THR L 972 -145.70 30.12 -16.48
CA THR L 972 -146.56 30.00 -15.28
C THR L 972 -147.97 29.60 -15.70
N PRO L 973 -148.58 28.51 -15.20
CA PRO L 973 -149.93 28.10 -15.58
C PRO L 973 -151.03 29.04 -15.06
N THR L 974 -152.17 29.16 -15.77
CA THR L 974 -153.35 29.92 -15.30
C THR L 974 -154.58 29.06 -14.94
N LEU L 975 -154.74 27.85 -15.50
CA LEU L 975 -155.77 26.91 -15.03
C LEU L 975 -155.53 26.50 -13.57
N GLY L 976 -156.54 26.66 -12.72
CA GLY L 976 -156.45 26.43 -11.28
C GLY L 976 -155.90 27.60 -10.47
N LEU L 977 -155.56 28.71 -11.12
CA LEU L 977 -155.21 29.98 -10.47
C LEU L 977 -156.33 31.01 -10.71
N THR L 978 -156.53 31.44 -11.95
CA THR L 978 -157.52 32.46 -12.33
C THR L 978 -158.63 31.92 -13.23
N VAL L 979 -158.47 30.73 -13.81
CA VAL L 979 -159.47 30.04 -14.66
C VAL L 979 -159.78 28.64 -14.10
N LYS L 980 -161.05 28.26 -14.03
CA LYS L 980 -161.51 26.99 -13.42
C LYS L 980 -161.35 25.81 -14.39
N ARG L 981 -160.85 24.67 -13.91
CA ARG L 981 -160.74 23.40 -14.69
C ARG L 981 -162.12 22.82 -15.02
N THR L 988 -171.93 5.71 -15.66
CA THR L 988 -172.75 4.53 -15.96
C THR L 988 -173.49 3.99 -14.73
N TYR L 989 -174.59 3.29 -14.96
CA TYR L 989 -175.18 2.40 -13.95
C TYR L 989 -174.35 1.11 -13.80
N GLU L 990 -174.35 0.49 -12.62
CA GLU L 990 -173.61 -0.76 -12.40
C GLU L 990 -174.06 -1.90 -13.32
N ILE L 991 -175.35 -1.99 -13.66
CA ILE L 991 -175.86 -2.96 -14.64
C ILE L 991 -175.29 -2.77 -16.06
N GLU L 992 -174.84 -1.57 -16.44
CA GLU L 992 -174.11 -1.37 -17.70
C GLU L 992 -172.68 -1.93 -17.64
N ASN L 993 -172.03 -1.83 -16.48
CA ASN L 993 -170.68 -2.36 -16.28
C ASN L 993 -170.67 -3.89 -16.20
N ILE L 994 -171.64 -4.52 -15.51
CA ILE L 994 -171.78 -5.99 -15.56
C ILE L 994 -171.98 -6.46 -17.02
N ARG L 995 -172.90 -5.84 -17.76
CA ARG L 995 -173.18 -6.13 -19.17
C ARG L 995 -171.95 -5.97 -20.09
N ALA L 996 -171.21 -4.88 -19.98
CA ALA L 996 -169.97 -4.71 -20.74
C ALA L 996 -168.93 -5.81 -20.44
N GLY L 997 -168.75 -6.18 -19.17
CA GLY L 997 -167.83 -7.24 -18.76
C GLY L 997 -168.21 -8.63 -19.27
N LEU L 998 -169.50 -8.96 -19.36
CA LEU L 998 -169.97 -10.20 -19.98
C LEU L 998 -169.79 -10.20 -21.50
N GLU L 999 -170.11 -9.13 -22.21
CA GLU L 999 -169.84 -9.07 -23.66
C GLU L 999 -168.35 -9.16 -23.97
N ALA L 1000 -167.48 -8.61 -23.12
CA ALA L 1000 -166.02 -8.72 -23.23
C ALA L 1000 -165.49 -10.14 -23.04
N ILE L 1001 -166.07 -10.95 -22.15
CA ILE L 1001 -165.75 -12.38 -22.02
C ILE L 1001 -166.23 -13.16 -23.26
N ILE L 1002 -167.52 -13.10 -23.59
CA ILE L 1002 -168.13 -13.97 -24.59
C ILE L 1002 -167.53 -13.72 -25.99
N SER L 1003 -167.23 -12.46 -26.33
CA SER L 1003 -166.58 -12.07 -27.60
C SER L 1003 -165.14 -12.58 -27.74
N GLN L 1004 -164.49 -13.00 -26.64
CA GLN L 1004 -163.09 -13.47 -26.66
C GLN L 1004 -162.96 -14.98 -26.42
N LYS L 1005 -163.86 -15.62 -25.67
CA LYS L 1005 -163.76 -17.03 -25.29
C LYS L 1005 -163.82 -17.93 -26.53
N GLN L 1006 -162.77 -18.69 -26.79
CA GLN L 1006 -162.60 -19.58 -27.94
C GLN L 1006 -162.07 -20.96 -27.53
N GLU L 1007 -162.45 -21.99 -28.28
CA GLU L 1007 -162.06 -23.39 -28.07
C GLU L 1007 -162.55 -24.04 -26.75
N GLU L 1008 -163.42 -23.37 -25.99
CA GLU L 1008 -164.08 -23.87 -24.77
C GLU L 1008 -165.48 -23.24 -24.60
N ASP L 1009 -166.42 -23.97 -23.99
CA ASP L 1009 -167.77 -23.45 -23.71
C ASP L 1009 -167.77 -22.42 -22.56
N CYS L 1010 -168.43 -21.27 -22.73
CA CYS L 1010 -168.26 -20.09 -21.86
C CYS L 1010 -169.14 -20.03 -20.58
N VAL L 1011 -170.12 -20.92 -20.38
CA VAL L 1011 -171.17 -20.75 -19.35
C VAL L 1011 -170.61 -20.68 -17.92
N PHE L 1012 -169.62 -21.50 -17.57
CA PHE L 1012 -168.99 -21.46 -16.25
C PHE L 1012 -168.26 -20.14 -15.97
N ASP L 1013 -167.59 -19.56 -16.96
CA ASP L 1013 -166.90 -18.26 -16.81
C ASP L 1013 -167.88 -17.07 -16.73
N VAL L 1014 -169.04 -17.15 -17.39
CA VAL L 1014 -170.13 -16.18 -17.23
C VAL L 1014 -170.76 -16.28 -15.85
N VAL L 1015 -171.08 -17.50 -15.40
CA VAL L 1015 -171.63 -17.73 -14.05
C VAL L 1015 -170.68 -17.27 -12.94
N CYS L 1016 -169.37 -17.49 -13.06
CA CYS L 1016 -168.41 -17.01 -12.06
C CYS L 1016 -168.37 -15.47 -11.99
N ASN L 1017 -168.43 -14.78 -13.13
CA ASN L 1017 -168.48 -13.32 -13.17
C ASN L 1017 -169.77 -12.76 -12.55
N LEU L 1018 -170.93 -13.39 -12.75
CA LEU L 1018 -172.19 -13.02 -12.09
C LEU L 1018 -172.12 -13.25 -10.57
N VAL L 1019 -171.66 -14.41 -10.12
CA VAL L 1019 -171.54 -14.72 -8.69
C VAL L 1019 -170.54 -13.79 -8.00
N ASP L 1020 -169.47 -13.37 -8.68
CA ASP L 1020 -168.58 -12.32 -8.18
C ASP L 1020 -169.31 -10.96 -8.02
N ALA L 1021 -169.98 -10.46 -9.06
CA ALA L 1021 -170.55 -9.11 -9.06
C ALA L 1021 -171.84 -8.96 -8.22
N MET L 1022 -172.63 -10.02 -8.07
CA MET L 1022 -173.94 -9.98 -7.40
C MET L 1022 -174.03 -10.88 -6.15
N GLY L 1023 -173.13 -11.84 -5.95
CA GLY L 1023 -173.16 -12.75 -4.81
C GLY L 1023 -174.48 -13.51 -4.67
N GLU L 1024 -175.05 -13.51 -3.47
CA GLU L 1024 -176.30 -14.20 -3.12
C GLU L 1024 -177.51 -13.73 -3.94
N ALA L 1025 -177.50 -12.51 -4.49
CA ALA L 1025 -178.56 -12.02 -5.36
C ALA L 1025 -178.70 -12.80 -6.68
N CYS L 1026 -177.75 -13.66 -7.05
CA CYS L 1026 -177.90 -14.57 -8.20
C CYS L 1026 -179.00 -15.63 -7.99
N ALA L 1027 -179.33 -15.98 -6.73
CA ALA L 1027 -180.27 -17.04 -6.39
C ALA L 1027 -181.70 -16.82 -6.94
N SER L 1028 -182.06 -15.57 -7.23
CA SER L 1028 -183.37 -15.15 -7.73
C SER L 1028 -183.28 -14.36 -9.05
N LEU L 1029 -182.19 -14.47 -9.81
CA LEU L 1029 -182.02 -13.79 -11.09
C LEU L 1029 -183.10 -14.26 -12.07
N THR L 1030 -183.96 -13.35 -12.54
CA THR L 1030 -185.04 -13.67 -13.49
C THR L 1030 -184.52 -13.70 -14.93
N ARG L 1031 -185.26 -14.32 -15.85
CA ARG L 1031 -184.89 -14.36 -17.27
C ARG L 1031 -184.82 -12.98 -17.93
N ASP L 1032 -185.72 -12.06 -17.56
CA ASP L 1032 -185.72 -10.69 -18.07
C ASP L 1032 -184.46 -9.91 -17.66
N ASP L 1033 -184.01 -10.03 -16.40
CA ASP L 1033 -182.72 -9.46 -15.98
C ASP L 1033 -181.53 -10.16 -16.65
N ALA L 1034 -181.50 -11.50 -16.70
CA ALA L 1034 -180.41 -12.25 -17.35
C ALA L 1034 -180.25 -11.88 -18.84
N GLU L 1035 -181.34 -11.82 -19.60
CA GLU L 1035 -181.32 -11.38 -21.00
C GLU L 1035 -180.78 -9.95 -21.20
N TYR L 1036 -181.09 -8.99 -20.33
CA TYR L 1036 -180.49 -7.65 -20.40
C TYR L 1036 -178.98 -7.67 -20.15
N LEU L 1037 -178.51 -8.40 -19.12
CA LEU L 1037 -177.09 -8.48 -18.76
C LEU L 1037 -176.25 -9.17 -19.85
N LEU L 1038 -176.76 -10.21 -20.49
CA LEU L 1038 -176.08 -10.91 -21.59
C LEU L 1038 -176.01 -10.11 -22.91
N GLY L 1039 -176.78 -9.03 -23.05
CA GLY L 1039 -176.70 -8.12 -24.20
C GLY L 1039 -176.93 -8.78 -25.56
N ARG L 1040 -175.95 -8.65 -26.46
CA ARG L 1040 -175.93 -9.30 -27.79
C ARG L 1040 -176.08 -10.83 -27.73
N PHE L 1041 -175.63 -11.46 -26.67
CA PHE L 1041 -175.61 -12.91 -26.48
C PHE L 1041 -176.77 -13.43 -25.64
N SER L 1042 -177.91 -12.73 -25.60
CA SER L 1042 -179.09 -13.07 -24.78
C SER L 1042 -179.62 -14.50 -24.97
N VAL L 1043 -179.30 -15.16 -26.07
CA VAL L 1043 -179.61 -16.57 -26.30
C VAL L 1043 -179.09 -17.50 -25.19
N LEU L 1044 -178.01 -17.12 -24.49
CA LEU L 1044 -177.35 -17.93 -23.46
C LEU L 1044 -178.16 -18.07 -22.15
N ALA L 1045 -179.21 -17.26 -21.94
CA ALA L 1045 -179.89 -17.08 -20.66
C ALA L 1045 -180.43 -18.38 -20.03
N ASP L 1046 -181.07 -19.28 -20.79
CA ASP L 1046 -181.61 -20.53 -20.24
C ASP L 1046 -180.53 -21.44 -19.63
N SER L 1047 -179.35 -21.50 -20.25
CA SER L 1047 -178.24 -22.31 -19.76
C SER L 1047 -177.56 -21.71 -18.52
N VAL L 1048 -177.49 -20.37 -18.44
CA VAL L 1048 -177.05 -19.65 -17.23
C VAL L 1048 -178.01 -19.89 -16.05
N LEU L 1049 -179.32 -19.76 -16.25
CA LEU L 1049 -180.29 -19.95 -15.18
C LEU L 1049 -180.35 -21.39 -14.67
N GLU L 1050 -180.28 -22.39 -15.56
CA GLU L 1050 -180.13 -23.79 -15.16
C GLU L 1050 -178.84 -24.01 -14.34
N THR L 1051 -177.72 -23.40 -14.75
CA THR L 1051 -176.44 -23.48 -14.00
C THR L 1051 -176.52 -22.82 -12.62
N LEU L 1052 -177.14 -21.64 -12.48
CA LEU L 1052 -177.30 -20.96 -11.18
C LEU L 1052 -178.18 -21.74 -10.19
N ALA L 1053 -179.24 -22.41 -10.67
CA ALA L 1053 -180.02 -23.33 -9.86
C ALA L 1053 -179.20 -24.51 -9.28
N THR L 1054 -178.20 -25.03 -9.99
CA THR L 1054 -177.31 -26.09 -9.43
C THR L 1054 -176.42 -25.58 -8.29
N ILE L 1055 -175.98 -24.31 -8.31
CA ILE L 1055 -175.25 -23.69 -7.20
C ILE L 1055 -176.19 -23.46 -6.01
N ALA L 1056 -177.36 -22.88 -6.25
CA ALA L 1056 -178.38 -22.65 -5.24
C ALA L 1056 -178.79 -23.92 -4.46
N SER L 1057 -179.13 -24.99 -5.17
CA SER L 1057 -179.63 -26.25 -4.60
C SER L 1057 -178.55 -27.16 -3.99
N SER L 1058 -177.28 -27.02 -4.39
CA SER L 1058 -176.17 -27.81 -3.82
C SER L 1058 -175.62 -27.25 -2.50
N GLY L 1059 -176.07 -26.07 -2.06
CA GLY L 1059 -175.82 -25.55 -0.71
C GLY L 1059 -174.41 -25.00 -0.44
N ILE L 1060 -173.56 -24.87 -1.46
CA ILE L 1060 -172.30 -24.13 -1.36
C ILE L 1060 -172.54 -22.63 -1.19
N GLU L 1061 -171.55 -21.91 -0.65
CA GLU L 1061 -171.60 -20.45 -0.51
C GLU L 1061 -171.56 -19.73 -1.87
N TRP L 1062 -172.21 -18.57 -1.98
CA TRP L 1062 -172.20 -17.72 -3.18
C TRP L 1062 -170.90 -16.91 -3.30
N THR L 1063 -169.81 -17.58 -3.69
CA THR L 1063 -168.53 -16.94 -4.01
C THR L 1063 -167.85 -17.63 -5.19
N ALA L 1064 -167.06 -16.88 -5.97
CA ALA L 1064 -166.42 -17.35 -7.20
C ALA L 1064 -165.51 -18.59 -6.99
N GLU L 1065 -164.84 -18.69 -5.84
CA GLU L 1065 -164.00 -19.85 -5.49
C GLU L 1065 -164.82 -21.12 -5.26
N ALA L 1066 -165.89 -21.03 -4.46
CA ALA L 1066 -166.80 -22.14 -4.20
C ALA L 1066 -167.58 -22.57 -5.46
N ALA L 1067 -167.94 -21.62 -6.33
CA ALA L 1067 -168.62 -21.91 -7.59
C ALA L 1067 -167.78 -22.81 -8.50
N ARG L 1068 -166.49 -22.50 -8.69
CA ARG L 1068 -165.57 -23.37 -9.44
C ARG L 1068 -165.35 -24.73 -8.76
N ASP L 1069 -165.13 -24.76 -7.44
CA ASP L 1069 -164.96 -26.00 -6.70
C ASP L 1069 -166.15 -26.98 -6.85
N PHE L 1070 -167.39 -26.49 -6.95
CA PHE L 1070 -168.53 -27.33 -7.29
C PHE L 1070 -168.59 -27.69 -8.78
N LEU L 1071 -168.58 -26.70 -9.69
CA LEU L 1071 -168.81 -26.94 -11.13
C LEU L 1071 -167.76 -27.83 -11.79
N GLU L 1072 -166.47 -27.59 -11.49
CA GLU L 1072 -165.35 -28.32 -12.10
C GLU L 1072 -165.16 -29.74 -11.52
N GLY L 1073 -165.79 -30.07 -10.39
CA GLY L 1073 -165.93 -31.44 -9.89
C GLY L 1073 -167.16 -32.15 -10.46
N VAL L 1074 -168.31 -31.47 -10.48
CA VAL L 1074 -169.54 -31.89 -11.16
C VAL L 1074 -169.39 -31.73 -12.67
N ASP L 1083 -166.69 -35.84 -27.81
CA ASP L 1083 -167.99 -36.15 -28.40
C ASP L 1083 -167.87 -36.58 -29.87
N ASN L 1084 -168.94 -37.14 -30.45
CA ASN L 1084 -168.96 -37.67 -31.83
C ASN L 1084 -169.05 -36.55 -32.89
N PHE L 1085 -168.07 -35.65 -32.94
CA PHE L 1085 -168.00 -34.58 -33.95
C PHE L 1085 -167.66 -35.14 -35.34
N ILE L 1086 -168.60 -35.08 -36.29
CA ILE L 1086 -168.33 -35.28 -37.72
C ILE L 1086 -167.94 -33.96 -38.39
N SER L 1087 -167.01 -34.01 -39.36
CA SER L 1087 -166.64 -32.85 -40.17
C SER L 1087 -167.60 -32.64 -41.36
N VAL L 1088 -167.79 -31.40 -41.81
CA VAL L 1088 -168.78 -31.00 -42.83
C VAL L 1088 -168.12 -30.23 -43.96
N ALA L 1089 -168.54 -30.47 -45.21
CA ALA L 1089 -167.92 -29.96 -46.43
C ALA L 1089 -167.80 -28.42 -46.48
N ASP N 9 -70.16 19.88 -68.23
CA ASP N 9 -69.91 19.91 -69.68
C ASP N 9 -71.17 19.52 -70.49
N ASN N 10 -71.19 19.79 -71.80
CA ASN N 10 -72.38 19.63 -72.64
C ASN N 10 -72.07 19.26 -74.11
N LEU N 11 -73.06 18.72 -74.82
CA LEU N 11 -72.94 18.29 -76.22
C LEU N 11 -72.53 19.41 -77.19
N GLY N 12 -72.86 20.67 -76.88
CA GLY N 12 -72.47 21.83 -77.68
C GLY N 12 -70.96 22.08 -77.61
N SER N 13 -70.41 22.19 -76.40
CA SER N 13 -68.97 22.34 -76.14
C SER N 13 -68.14 21.23 -76.78
N GLN N 14 -68.65 20.00 -76.79
CA GLN N 14 -67.99 18.80 -77.32
C GLN N 14 -68.00 18.67 -78.85
N SER N 15 -68.89 19.39 -79.56
CA SER N 15 -69.00 19.31 -81.03
C SER N 15 -67.81 19.95 -81.76
N GLN N 16 -67.40 19.39 -82.90
CA GLN N 16 -66.23 19.83 -83.68
C GLN N 16 -66.55 20.94 -84.71
N PRO N 17 -65.55 21.79 -85.07
CA PRO N 17 -65.57 22.65 -86.26
C PRO N 17 -65.99 21.93 -87.56
N GLY N 18 -66.65 22.65 -88.47
CA GLY N 18 -67.04 22.15 -89.79
C GLY N 18 -67.77 23.18 -90.67
N PRO N 19 -68.21 22.78 -91.87
CA PRO N 19 -68.96 23.62 -92.81
C PRO N 19 -70.41 23.86 -92.40
N CYS N 20 -71.10 24.78 -93.08
CA CYS N 20 -72.51 25.12 -92.83
C CYS N 20 -73.51 24.06 -93.38
N GLY N 21 -73.08 23.19 -94.28
CA GLY N 21 -73.85 22.10 -94.88
C GLY N 21 -73.01 21.28 -95.88
N TYR N 22 -73.61 20.31 -96.55
CA TYR N 22 -72.99 19.50 -97.61
C TYR N 22 -73.92 19.28 -98.80
N ILE N 23 -73.35 19.18 -100.01
CA ILE N 23 -74.00 18.55 -101.17
C ILE N 23 -73.52 17.09 -101.24
N TYR N 24 -74.43 16.12 -101.22
CA TYR N 24 -74.14 14.70 -101.47
C TYR N 24 -74.44 14.33 -102.92
N PHE N 25 -73.54 13.56 -103.55
CA PHE N 25 -73.73 12.97 -104.87
C PHE N 25 -73.76 11.43 -104.79
N TYR N 26 -74.84 10.78 -105.21
CA TYR N 26 -75.01 9.32 -105.17
C TYR N 26 -75.03 8.69 -106.58
N PRO N 27 -74.30 7.59 -106.84
CA PRO N 27 -74.27 6.96 -108.16
C PRO N 27 -75.58 6.26 -108.53
N LEU N 28 -76.18 6.65 -109.66
CA LEU N 28 -77.46 6.11 -110.13
C LEU N 28 -77.41 4.61 -110.46
N ALA N 29 -76.27 4.06 -110.86
CA ALA N 29 -76.13 2.64 -111.21
C ALA N 29 -76.33 1.69 -110.02
N THR N 30 -76.06 2.12 -108.78
CA THR N 30 -76.09 1.25 -107.59
C THR N 30 -76.99 1.72 -106.44
N TYR N 31 -77.40 3.00 -106.39
CA TYR N 31 -78.20 3.55 -105.30
C TYR N 31 -79.63 2.96 -105.24
N PRO N 32 -80.19 2.62 -104.06
CA PRO N 32 -81.50 1.96 -103.93
C PRO N 32 -82.69 2.92 -104.08
N LEU N 33 -82.98 3.35 -105.31
CA LEU N 33 -83.99 4.36 -105.64
C LEU N 33 -85.43 4.02 -105.20
N ARG N 34 -85.87 2.75 -105.25
CA ARG N 34 -87.21 2.37 -104.80
C ARG N 34 -87.36 2.37 -103.29
N GLU N 35 -86.31 2.08 -102.52
CA GLU N 35 -86.34 2.21 -101.06
C GLU N 35 -86.52 3.68 -100.64
N VAL N 36 -85.68 4.61 -101.11
CA VAL N 36 -85.82 6.03 -100.72
C VAL N 36 -87.16 6.61 -101.13
N ALA N 37 -87.72 6.20 -102.27
CA ALA N 37 -89.04 6.66 -102.69
C ALA N 37 -90.15 6.34 -101.67
N THR N 38 -90.10 5.20 -100.95
CA THR N 38 -91.09 4.89 -99.90
C THR N 38 -91.02 5.81 -98.68
N LEU N 39 -89.88 6.43 -98.42
CA LEU N 39 -89.71 7.42 -97.35
C LEU N 39 -89.83 8.89 -97.85
N GLY N 40 -90.03 9.11 -99.15
CA GLY N 40 -90.02 10.44 -99.77
C GLY N 40 -91.38 11.12 -99.94
N THR N 41 -91.36 12.35 -100.44
CA THR N 41 -92.53 13.20 -100.76
C THR N 41 -92.71 13.44 -102.27
N GLY N 42 -92.37 12.46 -103.11
CA GLY N 42 -92.43 12.60 -104.56
C GLY N 42 -93.86 12.58 -105.14
N TYR N 43 -94.21 13.56 -105.97
CA TYR N 43 -95.43 13.59 -106.77
C TYR N 43 -95.12 13.39 -108.26
N ALA N 44 -96.09 13.03 -109.10
CA ALA N 44 -95.88 12.84 -110.53
C ALA N 44 -95.54 14.17 -111.24
N GLY N 45 -94.38 14.23 -111.92
CA GLY N 45 -93.86 15.42 -112.58
C GLY N 45 -92.95 16.33 -111.73
N HIS N 46 -92.56 15.92 -110.51
CA HIS N 46 -91.72 16.71 -109.60
C HIS N 46 -90.35 17.07 -110.20
N ARG N 47 -89.78 18.18 -109.74
CA ARG N 47 -88.41 18.64 -110.04
C ARG N 47 -87.54 18.67 -108.79
N CYS N 48 -88.14 18.58 -107.60
CA CYS N 48 -87.51 18.46 -106.30
C CYS N 48 -88.40 17.63 -105.34
N LEU N 49 -87.80 16.97 -104.33
CA LEU N 49 -88.52 16.30 -103.23
C LEU N 49 -87.70 16.22 -101.94
N THR N 50 -88.36 15.96 -100.82
CA THR N 50 -87.74 15.73 -99.51
C THR N 50 -87.71 14.26 -99.12
N VAL N 51 -86.65 13.89 -98.42
CA VAL N 51 -86.38 12.58 -97.81
C VAL N 51 -85.79 12.80 -96.41
N PRO N 52 -85.88 11.82 -95.48
CA PRO N 52 -85.27 11.94 -94.15
C PRO N 52 -83.73 11.83 -94.17
N LEU N 53 -83.04 12.48 -93.24
CA LEU N 53 -81.62 12.26 -92.93
C LEU N 53 -81.44 10.94 -92.13
N LEU N 54 -80.83 9.91 -92.72
CA LEU N 54 -80.59 8.59 -92.13
C LEU N 54 -79.20 8.02 -92.45
N CYS N 55 -78.49 7.54 -91.43
CA CYS N 55 -77.19 6.90 -91.60
C CYS N 55 -77.35 5.56 -92.34
N GLY N 56 -76.63 5.39 -93.44
CA GLY N 56 -76.65 4.17 -94.25
C GLY N 56 -77.61 4.18 -95.44
N ILE N 57 -78.36 5.27 -95.68
CA ILE N 57 -79.13 5.44 -96.92
C ILE N 57 -79.11 6.87 -97.48
N THR N 58 -79.08 7.92 -96.68
CA THR N 58 -78.95 9.31 -97.17
C THR N 58 -77.70 10.03 -96.68
N VAL N 59 -77.09 9.63 -95.57
CA VAL N 59 -75.74 10.05 -95.13
C VAL N 59 -74.89 8.84 -94.72
N GLU N 60 -73.57 8.98 -94.68
CA GLU N 60 -72.68 7.87 -94.31
C GLU N 60 -72.78 7.53 -92.80
N PRO N 61 -72.52 6.28 -92.40
CA PRO N 61 -72.42 5.91 -90.99
C PRO N 61 -71.46 6.81 -90.20
N GLY N 62 -71.85 7.21 -89.00
CA GLY N 62 -71.04 8.07 -88.14
C GLY N 62 -71.15 9.57 -88.43
N PHE N 63 -72.13 10.00 -89.23
CA PHE N 63 -72.42 11.41 -89.46
C PHE N 63 -72.65 12.17 -88.14
N SER N 64 -71.98 13.30 -87.95
CA SER N 64 -72.17 14.16 -86.78
C SER N 64 -73.38 15.09 -86.98
N ILE N 65 -74.46 14.89 -86.24
CA ILE N 65 -75.63 15.79 -86.30
C ILE N 65 -75.42 17.13 -85.58
N ASN N 66 -74.45 17.25 -84.66
CA ASN N 66 -74.08 18.49 -83.98
C ASN N 66 -72.72 18.99 -84.48
N VAL N 67 -72.56 20.30 -84.73
CA VAL N 67 -71.32 20.91 -85.25
C VAL N 67 -71.12 22.33 -84.72
N LYS N 68 -69.86 22.79 -84.74
CA LYS N 68 -69.53 24.22 -84.74
C LYS N 68 -69.32 24.67 -86.19
N ALA N 69 -70.24 25.45 -86.74
CA ALA N 69 -70.17 25.90 -88.12
C ALA N 69 -69.29 27.16 -88.26
N LEU N 70 -68.27 27.12 -89.12
CA LEU N 70 -67.47 28.31 -89.47
C LEU N 70 -68.25 29.18 -90.47
N HIS N 71 -68.80 30.31 -90.01
CA HIS N 71 -69.75 31.09 -90.80
C HIS N 71 -69.31 32.52 -91.16
N ARG N 72 -68.34 33.10 -90.46
CA ARG N 72 -67.84 34.45 -90.72
C ARG N 72 -66.33 34.55 -90.48
N ARG N 73 -65.60 35.18 -91.39
CA ARG N 73 -64.22 35.65 -91.14
C ARG N 73 -64.21 37.18 -91.08
N PRO N 74 -64.13 37.81 -89.90
CA PRO N 74 -64.10 39.28 -89.77
C PRO N 74 -62.91 39.93 -90.51
N ASP N 75 -61.80 39.21 -90.59
CA ASP N 75 -60.67 39.45 -91.49
C ASP N 75 -60.06 38.08 -91.87
N PRO N 76 -59.21 37.98 -92.90
CA PRO N 76 -58.61 36.72 -93.36
C PRO N 76 -57.88 35.85 -92.31
N ASN N 77 -57.64 36.35 -91.10
CA ASN N 77 -56.85 35.70 -90.05
C ASN N 77 -57.67 35.34 -88.79
N CYS N 78 -58.98 35.55 -88.78
CA CYS N 78 -59.85 35.17 -87.66
C CYS N 78 -61.14 34.48 -88.14
N GLY N 79 -61.54 33.39 -87.49
CA GLY N 79 -62.81 32.71 -87.73
C GLY N 79 -63.79 32.83 -86.57
N LEU N 80 -65.08 32.89 -86.87
CA LEU N 80 -66.17 32.81 -85.89
C LEU N 80 -66.96 31.51 -86.01
N LEU N 81 -67.30 30.89 -84.88
CA LEU N 81 -67.99 29.60 -84.79
C LEU N 81 -69.40 29.73 -84.17
N ARG N 82 -70.40 29.12 -84.81
CA ARG N 82 -71.79 28.99 -84.31
C ARG N 82 -72.10 27.52 -84.03
N ALA N 83 -72.52 27.18 -82.82
CA ALA N 83 -72.93 25.81 -82.48
C ALA N 83 -74.37 25.55 -82.96
N THR N 84 -74.58 24.51 -83.76
CA THR N 84 -75.89 24.17 -84.34
C THR N 84 -76.00 22.67 -84.61
N SER N 85 -77.21 22.13 -84.46
CA SER N 85 -77.57 20.83 -85.04
C SER N 85 -77.97 20.94 -86.52
N TYR N 86 -77.99 19.81 -87.21
CA TYR N 86 -78.52 19.67 -88.57
C TYR N 86 -80.04 19.84 -88.66
N HIS N 87 -80.52 20.26 -89.83
CA HIS N 87 -81.93 20.15 -90.18
C HIS N 87 -82.30 18.70 -90.50
N ARG N 88 -83.47 18.28 -90.03
CA ARG N 88 -84.00 16.92 -90.10
C ARG N 88 -84.25 16.36 -91.52
N ASP N 89 -84.65 17.20 -92.47
CA ASP N 89 -84.94 16.81 -93.88
C ASP N 89 -83.75 17.08 -94.81
N ILE N 90 -83.57 16.21 -95.81
CA ILE N 90 -82.67 16.36 -96.96
C ILE N 90 -83.49 16.68 -98.21
N TYR N 91 -83.02 17.64 -99.00
CA TYR N 91 -83.66 18.12 -100.24
C TYR N 91 -82.95 17.59 -101.49
N VAL N 92 -83.63 16.77 -102.29
CA VAL N 92 -83.12 16.10 -103.49
C VAL N 92 -83.45 16.90 -104.75
N PHE N 93 -82.46 17.53 -105.39
CA PHE N 93 -82.66 18.61 -106.38
C PHE N 93 -82.08 18.38 -107.78
N HIS N 94 -81.08 17.50 -107.96
CA HIS N 94 -80.44 17.20 -109.25
C HIS N 94 -80.72 15.75 -109.69
N ASN N 95 -81.23 15.55 -110.91
CA ASN N 95 -81.78 14.28 -111.44
C ASN N 95 -82.94 13.68 -110.62
N ALA N 96 -83.71 14.51 -109.90
CA ALA N 96 -84.81 14.09 -109.03
C ALA N 96 -85.91 13.26 -109.72
N HIS N 97 -86.08 13.37 -111.03
CA HIS N 97 -86.98 12.55 -111.86
C HIS N 97 -86.67 11.04 -111.79
N MET N 98 -85.45 10.65 -111.40
CA MET N 98 -85.04 9.27 -111.18
C MET N 98 -85.60 8.62 -109.91
N VAL N 99 -86.12 9.39 -108.94
CA VAL N 99 -86.76 8.85 -107.73
C VAL N 99 -88.26 8.69 -108.00
N PRO N 100 -88.86 7.49 -107.89
CA PRO N 100 -90.30 7.28 -108.06
C PRO N 100 -91.19 8.14 -107.14
N PRO N 101 -92.39 8.55 -107.57
CA PRO N 101 -93.35 9.24 -106.71
C PRO N 101 -93.95 8.31 -105.63
N ILE N 102 -94.38 8.87 -104.50
CA ILE N 102 -95.12 8.16 -103.44
C ILE N 102 -96.61 7.99 -103.77
N PHE N 103 -97.17 8.85 -104.63
CA PHE N 103 -98.58 8.88 -105.04
C PHE N 103 -98.71 9.09 -106.56
N GLU N 104 -99.56 8.32 -107.24
CA GLU N 104 -99.63 8.29 -108.71
C GLU N 104 -100.57 9.32 -109.34
N GLY N 105 -101.46 9.94 -108.56
CA GLY N 105 -102.49 10.84 -109.10
C GLY N 105 -101.88 12.10 -109.76
N PRO N 106 -102.30 12.47 -110.97
CA PRO N 106 -101.80 13.64 -111.70
C PRO N 106 -102.42 14.99 -111.25
N GLY N 107 -101.82 16.10 -111.69
CA GLY N 107 -102.39 17.45 -111.61
C GLY N 107 -102.25 18.22 -110.29
N LEU N 108 -101.39 17.78 -109.35
CA LEU N 108 -101.35 18.35 -108.00
C LEU N 108 -100.73 19.75 -107.94
N GLU N 109 -99.78 20.05 -108.82
CA GLU N 109 -99.04 21.32 -108.80
C GLU N 109 -99.93 22.52 -109.16
N ALA N 110 -100.80 22.38 -110.17
CA ALA N 110 -101.80 23.37 -110.55
C ALA N 110 -102.92 23.53 -109.50
N LEU N 111 -103.40 22.43 -108.92
CA LEU N 111 -104.39 22.46 -107.84
C LEU N 111 -103.87 23.23 -106.61
N CYS N 112 -102.62 23.00 -106.21
CA CYS N 112 -101.96 23.74 -105.15
C CYS N 112 -101.83 25.24 -105.48
N GLY N 113 -101.48 25.57 -106.73
CA GLY N 113 -101.30 26.96 -107.17
C GLY N 113 -102.59 27.77 -107.17
N GLU N 114 -103.66 27.18 -107.66
CA GLU N 114 -105.01 27.75 -107.65
C GLU N 114 -105.52 28.00 -106.22
N THR N 115 -105.36 27.00 -105.33
CA THR N 115 -105.89 27.07 -103.96
C THR N 115 -105.11 28.04 -103.09
N ARG N 116 -103.79 28.17 -103.27
CA ARG N 116 -102.93 29.15 -102.58
C ARG N 116 -103.40 30.59 -102.86
N GLU N 117 -103.86 30.88 -104.08
CA GLU N 117 -104.32 32.20 -104.48
C GLU N 117 -105.67 32.56 -103.84
N VAL N 118 -106.66 31.66 -103.79
CA VAL N 118 -107.97 31.96 -103.16
C VAL N 118 -107.88 32.17 -101.65
N PHE N 119 -106.95 31.52 -100.95
CA PHE N 119 -106.66 31.80 -99.53
C PHE N 119 -105.75 33.03 -99.31
N GLY N 120 -105.29 33.69 -100.37
CA GLY N 120 -104.47 34.90 -100.29
C GLY N 120 -103.00 34.67 -99.89
N TYR N 121 -102.46 33.46 -100.06
CA TYR N 121 -101.08 33.12 -99.68
C TYR N 121 -100.03 33.45 -100.75
N ASP N 122 -98.86 33.83 -100.26
CA ASP N 122 -97.67 34.20 -101.03
C ASP N 122 -96.98 33.00 -101.73
N ALA N 123 -96.87 33.01 -103.05
CA ALA N 123 -96.12 32.04 -103.85
C ALA N 123 -94.60 32.31 -103.87
N TYR N 124 -93.76 31.31 -104.12
CA TYR N 124 -92.32 31.53 -104.23
C TYR N 124 -91.97 32.45 -105.41
N SER N 125 -91.22 33.53 -105.16
CA SER N 125 -90.71 34.42 -106.21
C SER N 125 -89.22 34.16 -106.43
N ALA N 126 -88.86 33.72 -107.63
CA ALA N 126 -87.50 33.39 -108.00
C ALA N 126 -86.56 34.61 -108.06
N LEU N 127 -85.28 34.41 -107.74
CA LEU N 127 -84.23 35.41 -107.99
C LEU N 127 -84.10 35.72 -109.50
N PRO N 128 -83.57 36.88 -109.89
CA PRO N 128 -83.36 37.21 -111.31
C PRO N 128 -82.20 36.46 -112.00
N ARG N 129 -81.26 35.86 -111.27
CA ARG N 129 -80.24 34.94 -111.83
C ARG N 129 -80.81 33.59 -112.28
N GLU N 130 -80.09 32.88 -113.14
CA GLU N 130 -80.30 31.43 -113.35
C GLU N 130 -79.83 30.59 -112.15
N SER N 131 -80.36 29.38 -112.00
CA SER N 131 -79.78 28.31 -111.17
C SER N 131 -78.31 28.00 -111.53
N SER N 132 -77.51 27.65 -110.52
CA SER N 132 -76.12 27.19 -110.70
C SER N 132 -76.04 26.02 -111.66
N LYS N 133 -75.21 26.12 -112.69
CA LYS N 133 -74.92 25.05 -113.63
C LYS N 133 -74.13 23.92 -112.96
N PRO N 134 -74.32 22.64 -113.33
CA PRO N 134 -73.62 21.51 -112.71
C PRO N 134 -72.10 21.69 -112.56
N GLY N 135 -71.40 22.13 -113.61
CA GLY N 135 -69.96 22.37 -113.58
C GLY N 135 -69.46 23.37 -112.52
N ASP N 136 -70.34 24.18 -111.94
CA ASP N 136 -70.02 25.09 -110.84
C ASP N 136 -69.95 24.42 -109.47
N PHE N 137 -70.71 23.33 -109.23
CA PHE N 137 -70.82 22.70 -107.91
C PHE N 137 -70.42 21.22 -107.87
N PHE N 138 -70.36 20.52 -109.01
CA PHE N 138 -69.83 19.16 -109.10
C PHE N 138 -68.31 19.10 -108.84
N PRO N 139 -67.81 18.06 -108.14
CA PRO N 139 -66.39 17.71 -108.12
C PRO N 139 -65.78 17.56 -109.52
N GLU N 140 -64.46 17.65 -109.61
CA GLU N 140 -63.69 17.43 -110.85
C GLU N 140 -63.89 16.01 -111.44
N GLY N 141 -64.24 15.93 -112.72
CA GLY N 141 -64.29 14.70 -113.50
C GLY N 141 -65.57 13.86 -113.40
N LEU N 142 -66.39 13.99 -112.35
CA LEU N 142 -67.69 13.32 -112.27
C LEU N 142 -68.66 13.82 -113.35
N ASP N 143 -69.34 12.89 -114.01
CA ASP N 143 -70.38 13.16 -115.01
C ASP N 143 -71.73 13.54 -114.34
N PRO N 144 -72.27 14.74 -114.58
CA PRO N 144 -73.56 15.15 -113.99
C PRO N 144 -74.73 14.22 -114.35
N SER N 145 -74.70 13.52 -115.49
CA SER N 145 -75.78 12.59 -115.90
C SER N 145 -75.76 11.27 -115.11
N ALA N 146 -74.66 10.92 -114.44
CA ALA N 146 -74.48 9.65 -113.74
C ALA N 146 -74.86 9.67 -112.24
N TYR N 147 -75.18 10.84 -111.67
CA TYR N 147 -75.37 11.02 -110.24
C TYR N 147 -76.69 11.68 -109.85
N LEU N 148 -77.19 11.37 -108.66
CA LEU N 148 -78.31 12.03 -107.98
C LEU N 148 -77.76 13.06 -106.98
N GLY N 149 -78.26 14.30 -106.97
CA GLY N 149 -77.74 15.36 -106.08
C GLY N 149 -78.74 15.87 -105.03
N ALA N 150 -78.30 15.99 -103.77
CA ALA N 150 -79.12 16.40 -102.64
C ALA N 150 -78.34 17.24 -101.59
N VAL N 151 -79.02 18.13 -100.87
CA VAL N 151 -78.43 19.00 -99.82
C VAL N 151 -78.81 18.55 -98.41
N ALA N 152 -77.82 18.45 -97.53
CA ALA N 152 -77.97 18.40 -96.07
C ALA N 152 -77.54 19.74 -95.48
N ILE N 153 -78.33 20.35 -94.59
CA ILE N 153 -78.15 21.73 -94.16
C ILE N 153 -78.27 21.90 -92.65
N THR N 154 -77.48 22.79 -92.05
CA THR N 154 -77.61 23.09 -90.62
C THR N 154 -78.80 23.99 -90.33
N GLU N 155 -79.42 23.80 -89.16
CA GLU N 155 -80.69 24.45 -88.79
C GLU N 155 -80.57 25.98 -88.71
N ALA N 156 -79.39 26.51 -88.37
CA ALA N 156 -79.10 27.94 -88.28
C ALA N 156 -78.86 28.66 -89.62
N PHE N 157 -78.49 27.95 -90.70
CA PHE N 157 -78.14 28.51 -92.01
C PHE N 157 -79.05 28.06 -93.17
N LYS N 158 -80.20 27.43 -92.90
CA LYS N 158 -81.17 27.00 -93.93
C LYS N 158 -81.88 28.18 -94.65
N GLU N 159 -82.07 29.33 -94.03
CA GLU N 159 -82.58 30.51 -94.76
C GLU N 159 -81.53 31.05 -95.75
N ARG N 160 -80.23 30.96 -95.41
CA ARG N 160 -79.13 31.31 -96.33
C ARG N 160 -79.08 30.38 -97.55
N LEU N 161 -79.39 29.09 -97.39
CA LEU N 161 -79.57 28.15 -98.51
C LEU N 161 -80.72 28.60 -99.42
N TYR N 162 -81.89 28.89 -98.83
CA TYR N 162 -83.06 29.42 -99.55
C TYR N 162 -82.74 30.69 -100.34
N SER N 163 -82.03 31.64 -99.74
CA SER N 163 -81.75 32.97 -100.32
C SER N 163 -80.55 33.02 -101.26
N GLY N 164 -79.84 31.91 -101.50
CA GLY N 164 -78.73 31.85 -102.45
C GLY N 164 -77.41 32.46 -101.95
N ASN N 165 -77.21 32.48 -100.63
CA ASN N 165 -76.07 33.11 -99.95
C ASN N 165 -74.97 32.12 -99.47
N LEU N 166 -75.06 30.82 -99.76
CA LEU N 166 -73.98 29.86 -99.52
C LEU N 166 -73.05 29.73 -100.73
N VAL N 167 -71.82 29.30 -100.49
CA VAL N 167 -70.78 28.99 -101.49
C VAL N 167 -70.42 27.51 -101.40
N ALA N 168 -70.41 26.78 -102.51
CA ALA N 168 -69.87 25.42 -102.61
C ALA N 168 -68.39 25.44 -103.01
N ILE N 169 -67.57 24.55 -102.44
CA ILE N 169 -66.12 24.48 -102.70
C ILE N 169 -65.72 23.08 -103.21
N PRO N 170 -65.93 22.76 -104.50
CA PRO N 170 -65.65 21.45 -105.08
C PRO N 170 -64.26 20.85 -104.84
N SER N 171 -63.21 21.66 -104.68
CA SER N 171 -61.85 21.16 -104.42
C SER N 171 -61.73 20.43 -103.08
N LEU N 172 -62.57 20.78 -102.10
CA LEU N 172 -62.63 20.14 -100.78
C LEU N 172 -63.50 18.87 -100.74
N LYS N 173 -63.73 18.19 -101.88
CA LYS N 173 -64.49 16.94 -101.93
C LYS N 173 -63.99 15.87 -100.96
N GLN N 174 -64.89 15.04 -100.46
CA GLN N 174 -64.59 13.87 -99.65
C GLN N 174 -65.37 12.66 -100.17
N GLU N 175 -64.74 11.50 -100.26
CA GLU N 175 -65.36 10.27 -100.72
C GLU N 175 -65.88 9.45 -99.54
N VAL N 176 -67.14 9.04 -99.60
CA VAL N 176 -67.89 8.45 -98.47
C VAL N 176 -68.76 7.27 -98.93
N ALA N 177 -68.86 6.23 -98.12
CA ALA N 177 -69.71 5.08 -98.40
C ALA N 177 -71.11 5.29 -97.80
N VAL N 178 -72.17 5.24 -98.62
CA VAL N 178 -73.57 5.40 -98.17
C VAL N 178 -74.31 4.09 -98.45
N GLY N 179 -74.40 3.24 -97.44
CA GLY N 179 -74.78 1.84 -97.61
C GLY N 179 -73.74 1.12 -98.47
N GLN N 180 -74.17 0.51 -99.58
CA GLN N 180 -73.24 -0.07 -100.56
C GLN N 180 -72.58 0.96 -101.49
N SER N 181 -73.22 2.11 -101.72
CA SER N 181 -72.87 3.01 -102.83
C SER N 181 -71.68 3.92 -102.53
N ALA N 182 -70.69 3.92 -103.43
CA ALA N 182 -69.55 4.82 -103.40
C ALA N 182 -69.99 6.26 -103.75
N SER N 183 -70.16 7.11 -102.75
CA SER N 183 -70.71 8.46 -102.91
C SER N 183 -69.65 9.55 -102.70
N VAL N 184 -69.97 10.80 -103.00
CA VAL N 184 -69.07 11.95 -102.79
C VAL N 184 -69.82 13.06 -102.07
N ARG N 185 -69.16 13.85 -101.22
CA ARG N 185 -69.74 15.10 -100.70
C ARG N 185 -68.83 16.31 -100.89
N VAL N 186 -69.44 17.48 -101.09
CA VAL N 186 -68.79 18.81 -101.21
C VAL N 186 -69.30 19.72 -100.10
N PRO N 187 -68.47 20.48 -99.39
CA PRO N 187 -68.92 21.36 -98.31
C PRO N 187 -69.58 22.66 -98.82
N LEU N 188 -70.47 23.24 -98.00
CA LEU N 188 -71.08 24.56 -98.18
C LEU N 188 -70.65 25.54 -97.06
N TYR N 189 -70.25 26.76 -97.43
CA TYR N 189 -69.88 27.83 -96.48
C TYR N 189 -70.69 29.12 -96.74
N ASP N 190 -71.09 29.85 -95.71
CA ASP N 190 -71.73 31.16 -95.87
C ASP N 190 -70.80 32.17 -96.55
N LYS N 191 -71.28 32.97 -97.52
CA LYS N 191 -70.44 33.95 -98.24
C LYS N 191 -69.70 34.94 -97.31
N GLU N 192 -70.13 35.11 -96.06
CA GLU N 192 -69.42 35.88 -95.04
C GLU N 192 -68.08 35.28 -94.57
N VAL N 193 -67.68 34.07 -94.99
CA VAL N 193 -66.30 33.60 -94.83
C VAL N 193 -65.32 34.18 -95.87
N PHE N 194 -65.79 34.97 -96.84
CA PHE N 194 -64.95 35.66 -97.83
C PHE N 194 -65.07 37.17 -97.69
N PRO N 195 -64.36 37.81 -96.73
CA PRO N 195 -64.46 39.26 -96.51
C PRO N 195 -64.09 40.13 -97.72
N GLU N 196 -63.23 39.67 -98.63
CA GLU N 196 -62.91 40.41 -99.87
C GLU N 196 -63.99 40.25 -100.97
N GLY N 197 -64.99 39.40 -100.73
CA GLY N 197 -66.09 39.07 -101.63
C GLY N 197 -65.79 37.95 -102.62
N VAL N 198 -66.84 37.26 -103.05
CA VAL N 198 -66.89 36.34 -104.20
C VAL N 198 -67.94 36.84 -105.22
N PRO N 199 -67.78 36.66 -106.54
CA PRO N 199 -68.76 37.12 -107.52
C PRO N 199 -70.17 36.55 -107.28
N GLN N 200 -71.23 37.32 -107.56
CA GLN N 200 -72.60 36.90 -107.26
C GLN N 200 -73.00 35.56 -107.93
N LEU N 201 -72.50 35.24 -109.12
CA LEU N 201 -72.73 33.94 -109.77
C LEU N 201 -71.86 32.78 -109.21
N ARG N 202 -70.84 33.04 -108.39
CA ARG N 202 -70.04 32.01 -107.71
C ARG N 202 -70.74 31.41 -106.48
N GLN N 203 -71.77 32.06 -105.96
CA GLN N 203 -72.67 31.55 -104.92
C GLN N 203 -73.60 30.45 -105.46
N PHE N 204 -74.01 29.52 -104.60
CA PHE N 204 -74.87 28.39 -104.97
C PHE N 204 -76.35 28.75 -104.91
N TYR N 205 -77.07 28.55 -106.01
CA TYR N 205 -78.52 28.75 -106.07
C TYR N 205 -79.23 27.68 -106.89
N ASN N 206 -80.34 27.14 -106.41
CA ASN N 206 -81.23 26.32 -107.20
C ASN N 206 -82.69 26.70 -106.96
N SER N 207 -83.37 27.15 -108.01
CA SER N 207 -84.75 27.66 -107.91
C SER N 207 -85.76 26.59 -107.54
N ASP N 208 -85.59 25.33 -108.00
CA ASP N 208 -86.49 24.24 -107.61
C ASP N 208 -86.35 23.86 -106.14
N LEU N 209 -85.12 23.85 -105.61
CA LEU N 209 -84.87 23.65 -104.18
C LEU N 209 -85.50 24.77 -103.32
N SER N 210 -85.28 26.03 -103.67
CA SER N 210 -85.86 27.16 -102.91
C SER N 210 -87.40 27.13 -102.92
N ARG N 211 -88.02 26.89 -104.09
CA ARG N 211 -89.48 26.69 -104.21
C ARG N 211 -90.00 25.52 -103.37
N CYS N 212 -89.31 24.38 -103.34
CA CYS N 212 -89.68 23.25 -102.49
C CYS N 212 -89.66 23.62 -101.00
N MET N 213 -88.61 24.26 -100.48
CA MET N 213 -88.57 24.79 -99.11
C MET N 213 -89.68 25.79 -98.80
N HIS N 214 -90.01 26.68 -99.73
CA HIS N 214 -91.10 27.66 -99.56
C HIS N 214 -92.42 26.98 -99.23
N GLU N 215 -92.76 25.95 -100.00
CA GLU N 215 -94.01 25.21 -99.91
C GLU N 215 -93.99 24.18 -98.78
N ALA N 216 -93.00 23.29 -98.73
CA ALA N 216 -92.96 22.16 -97.80
C ALA N 216 -92.47 22.52 -96.39
N LEU N 217 -91.70 23.59 -96.19
CA LEU N 217 -91.22 24.02 -94.88
C LEU N 217 -91.89 25.29 -94.36
N TYR N 218 -91.68 26.42 -95.02
CA TYR N 218 -92.00 27.74 -94.46
C TYR N 218 -93.50 28.08 -94.46
N THR N 219 -94.27 27.62 -95.44
CA THR N 219 -95.72 27.91 -95.51
C THR N 219 -96.49 27.34 -94.30
N GLY N 220 -96.14 26.17 -93.80
CA GLY N 220 -96.77 25.59 -92.62
C GLY N 220 -96.43 26.33 -91.33
N LEU N 221 -95.22 26.90 -91.20
CA LEU N 221 -94.82 27.76 -90.08
C LEU N 221 -95.59 29.08 -90.09
N ALA N 222 -95.80 29.67 -91.27
CA ALA N 222 -96.66 30.83 -91.45
C ALA N 222 -98.11 30.54 -91.06
N GLN N 223 -98.68 29.41 -91.49
CA GLN N 223 -100.02 28.96 -91.07
C GLN N 223 -100.13 28.81 -89.54
N ALA N 224 -99.12 28.26 -88.85
CA ALA N 224 -99.10 28.16 -87.39
C ALA N 224 -99.08 29.51 -86.64
N LEU N 225 -98.66 30.60 -87.27
CA LEU N 225 -98.68 31.98 -86.73
C LEU N 225 -99.88 32.83 -87.23
N ARG N 226 -100.68 32.32 -88.17
CA ARG N 226 -101.71 33.05 -88.94
C ARG N 226 -101.14 34.27 -89.69
N VAL N 227 -100.05 34.04 -90.42
CA VAL N 227 -99.38 34.99 -91.34
C VAL N 227 -99.53 34.49 -92.79
N ARG N 228 -99.82 35.37 -93.76
CA ARG N 228 -99.94 35.05 -95.21
C ARG N 228 -98.68 35.33 -96.03
N ARG N 229 -97.86 36.28 -95.61
CA ARG N 229 -96.65 36.78 -96.27
C ARG N 229 -95.44 35.90 -95.95
N VAL N 230 -95.35 34.75 -96.61
CA VAL N 230 -94.34 33.70 -96.35
C VAL N 230 -92.91 34.20 -96.63
N GLY N 231 -92.68 34.90 -97.74
CA GLY N 231 -91.36 35.44 -98.10
C GLY N 231 -90.79 36.42 -97.09
N LYS N 232 -91.65 37.30 -96.52
CA LYS N 232 -91.29 38.18 -95.40
C LYS N 232 -91.04 37.44 -94.08
N LEU N 233 -91.75 36.34 -93.79
CA LEU N 233 -91.39 35.46 -92.66
C LEU N 233 -89.99 34.83 -92.85
N VAL N 234 -89.62 34.38 -94.05
CA VAL N 234 -88.27 33.83 -94.29
C VAL N 234 -87.18 34.89 -94.08
N GLU N 235 -87.39 36.12 -94.58
CA GLU N 235 -86.44 37.22 -94.38
C GLU N 235 -86.22 37.57 -92.90
N LEU N 236 -87.26 37.63 -92.07
CA LEU N 236 -87.10 37.95 -90.65
C LEU N 236 -86.47 36.79 -89.84
N LEU N 237 -86.68 35.53 -90.22
CA LEU N 237 -85.99 34.39 -89.60
C LEU N 237 -84.47 34.39 -89.92
N GLU N 238 -84.07 34.76 -91.14
CA GLU N 238 -82.66 34.87 -91.52
C GLU N 238 -81.91 35.93 -90.69
N LYS N 239 -82.46 37.15 -90.63
CA LYS N 239 -81.88 38.24 -89.84
C LYS N 239 -81.85 37.94 -88.34
N GLN N 240 -82.84 37.22 -87.81
CA GLN N 240 -82.82 36.75 -86.42
C GLN N 240 -81.65 35.77 -86.17
N SER N 241 -81.31 34.90 -87.12
CA SER N 241 -80.18 33.98 -86.98
C SER N 241 -78.83 34.70 -87.10
N LEU N 242 -78.66 35.62 -88.07
CA LEU N 242 -77.35 36.22 -88.37
C LEU N 242 -77.00 37.48 -87.57
N GLN N 243 -77.98 38.18 -87.01
CA GLN N 243 -77.81 39.49 -86.37
C GLN N 243 -78.36 39.53 -84.93
N ASP N 244 -78.55 38.36 -84.30
CA ASP N 244 -78.90 38.18 -82.88
C ASP N 244 -80.18 38.89 -82.40
N GLN N 245 -81.19 39.06 -83.27
CA GLN N 245 -82.38 39.87 -83.02
C GLN N 245 -83.47 39.20 -82.14
N ALA N 246 -83.16 38.18 -81.34
CA ALA N 246 -84.16 37.41 -80.59
C ALA N 246 -85.01 38.26 -79.62
N LYS N 247 -84.43 39.28 -78.96
CA LYS N 247 -85.15 40.19 -78.04
C LYS N 247 -85.79 41.41 -78.72
N VAL N 248 -85.79 41.51 -80.05
CA VAL N 248 -86.44 42.58 -80.83
C VAL N 248 -87.77 42.08 -81.41
N ALA N 249 -88.86 42.83 -81.27
CA ALA N 249 -90.14 42.49 -81.88
C ALA N 249 -90.08 42.61 -83.42
N LYS N 250 -90.70 41.68 -84.15
CA LYS N 250 -90.53 41.54 -85.61
C LYS N 250 -91.73 41.00 -86.39
N VAL N 251 -92.56 40.10 -85.85
CA VAL N 251 -93.71 39.56 -86.58
C VAL N 251 -94.96 40.42 -86.51
N ALA N 252 -95.13 41.28 -85.51
CA ALA N 252 -96.37 42.05 -85.31
C ALA N 252 -96.92 42.78 -86.55
N PRO N 253 -96.10 43.43 -87.41
CA PRO N 253 -96.59 44.05 -88.66
C PRO N 253 -97.27 43.09 -89.65
N LEU N 254 -96.88 41.81 -89.68
CA LEU N 254 -97.43 40.80 -90.58
C LEU N 254 -98.76 40.21 -90.12
N LYS N 255 -99.19 40.46 -88.87
CA LYS N 255 -100.41 39.90 -88.27
C LYS N 255 -101.69 40.41 -88.93
N GLU N 256 -102.75 39.62 -88.83
CA GLU N 256 -104.08 39.87 -89.36
C GLU N 256 -105.16 39.30 -88.43
N PHE N 257 -106.32 39.94 -88.35
CA PHE N 257 -107.35 39.62 -87.35
C PHE N 257 -108.74 39.44 -87.96
N PRO N 258 -109.57 38.50 -87.47
CA PRO N 258 -110.95 38.30 -87.94
C PRO N 258 -111.95 39.25 -87.25
N ALA N 259 -113.16 39.35 -87.79
CA ALA N 259 -114.24 40.21 -87.30
C ALA N 259 -114.67 39.92 -85.86
N SER N 260 -114.57 38.66 -85.39
CA SER N 260 -114.82 38.30 -83.98
C SER N 260 -113.82 38.91 -83.00
N THR N 261 -112.58 39.17 -83.44
CA THR N 261 -111.56 39.89 -82.65
C THR N 261 -111.70 41.40 -82.77
N ILE N 262 -112.02 41.93 -83.96
CA ILE N 262 -112.18 43.38 -84.18
C ILE N 262 -113.44 43.95 -83.49
N SER N 263 -114.54 43.18 -83.47
CA SER N 263 -115.81 43.58 -82.81
C SER N 263 -115.84 43.34 -81.30
N HIS N 264 -114.77 42.78 -80.72
CA HIS N 264 -114.74 42.35 -79.31
C HIS N 264 -114.67 43.55 -78.33
N PRO N 265 -115.35 43.51 -77.17
CA PRO N 265 -115.27 44.58 -76.18
C PRO N 265 -113.85 44.82 -75.63
N ASP N 266 -113.03 43.77 -75.54
CA ASP N 266 -111.62 43.81 -75.15
C ASP N 266 -110.65 43.74 -76.36
N SER N 267 -111.09 44.09 -77.58
CA SER N 267 -110.33 43.91 -78.82
C SER N 267 -108.90 44.48 -78.78
N GLY N 268 -108.67 45.64 -78.14
CA GLY N 268 -107.33 46.24 -78.05
C GLY N 268 -106.34 45.40 -77.24
N ALA N 269 -106.78 44.82 -76.12
CA ALA N 269 -105.98 43.89 -75.31
C ALA N 269 -105.80 42.53 -76.00
N LEU N 270 -106.83 42.04 -76.69
CA LEU N 270 -106.76 40.79 -77.46
C LEU N 270 -105.76 40.87 -78.61
N MET N 271 -105.73 41.98 -79.38
CA MET N 271 -104.75 42.17 -80.44
C MET N 271 -103.30 42.22 -79.91
N ILE N 272 -103.06 42.80 -78.73
CA ILE N 272 -101.74 42.79 -78.08
C ILE N 272 -101.36 41.38 -77.58
N VAL N 273 -102.25 40.64 -76.92
CA VAL N 273 -101.94 39.29 -76.42
C VAL N 273 -101.68 38.29 -77.57
N ASP N 274 -102.51 38.28 -78.61
CA ASP N 274 -102.33 37.43 -79.80
C ASP N 274 -101.01 37.72 -80.53
N SER N 275 -100.66 39.00 -80.67
CA SER N 275 -99.38 39.42 -81.27
C SER N 275 -98.17 39.02 -80.42
N ALA N 276 -98.19 39.27 -79.11
CA ALA N 276 -97.08 38.94 -78.22
C ALA N 276 -96.82 37.44 -78.11
N ALA N 277 -97.87 36.60 -78.08
CA ALA N 277 -97.73 35.15 -78.14
C ALA N 277 -96.99 34.67 -79.39
N CYS N 278 -97.31 35.21 -80.57
CA CYS N 278 -96.61 34.88 -81.81
C CYS N 278 -95.15 35.35 -81.82
N GLU N 279 -94.87 36.57 -81.35
CA GLU N 279 -93.50 37.08 -81.22
C GLU N 279 -92.63 36.15 -80.35
N LEU N 280 -93.16 35.70 -79.21
CA LEU N 280 -92.44 34.78 -78.30
C LEU N 280 -92.20 33.42 -78.94
N ALA N 281 -93.17 32.84 -79.66
CA ALA N 281 -92.97 31.59 -80.39
C ALA N 281 -91.86 31.70 -81.45
N VAL N 282 -91.81 32.81 -82.20
CA VAL N 282 -90.72 33.08 -83.16
C VAL N 282 -89.37 33.36 -82.49
N SER N 283 -89.32 33.96 -81.30
CA SER N 283 -88.06 34.10 -80.56
C SER N 283 -87.52 32.75 -80.07
N TYR N 284 -88.34 31.89 -79.48
CA TYR N 284 -87.87 30.70 -78.75
C TYR N 284 -87.86 29.38 -79.54
N ALA N 285 -88.78 29.13 -80.48
CA ALA N 285 -88.82 27.85 -81.20
C ALA N 285 -87.55 27.60 -82.05
N PRO N 286 -87.06 28.54 -82.89
CA PRO N 286 -85.80 28.34 -83.61
C PRO N 286 -84.59 28.08 -82.71
N ALA N 287 -84.46 28.77 -81.56
CA ALA N 287 -83.37 28.53 -80.60
C ALA N 287 -83.36 27.09 -80.08
N MET N 288 -84.51 26.57 -79.65
CA MET N 288 -84.62 25.18 -79.22
C MET N 288 -84.40 24.15 -80.33
N LEU N 289 -84.83 24.44 -81.56
CA LEU N 289 -84.57 23.56 -82.71
C LEU N 289 -83.10 23.53 -83.13
N GLU N 290 -82.39 24.65 -83.08
CA GLU N 290 -80.95 24.77 -83.39
C GLU N 290 -80.02 24.12 -82.35
N ALA N 291 -80.48 23.93 -81.10
CA ALA N 291 -79.68 23.38 -80.00
C ALA N 291 -79.05 22.02 -80.30
N SER N 292 -78.03 21.62 -79.53
CA SER N 292 -77.38 20.31 -79.71
C SER N 292 -78.25 19.18 -79.16
N HIS N 293 -78.49 18.13 -79.94
CA HIS N 293 -79.43 17.04 -79.59
C HIS N 293 -78.70 15.71 -79.43
N GLU N 294 -79.20 14.82 -78.58
CA GLU N 294 -78.76 13.41 -78.52
C GLU N 294 -79.02 12.68 -79.84
N THR N 295 -78.15 11.73 -80.21
CA THR N 295 -78.30 10.89 -81.42
C THR N 295 -79.05 9.60 -81.10
N PRO N 296 -80.32 9.41 -81.51
CA PRO N 296 -81.08 8.18 -81.25
C PRO N 296 -80.53 6.97 -82.00
N ALA N 297 -80.71 5.76 -81.47
CA ALA N 297 -80.36 4.51 -82.17
C ALA N 297 -81.23 4.25 -83.41
N SER N 298 -82.41 4.86 -83.49
CA SER N 298 -83.32 4.76 -84.64
C SER N 298 -82.81 5.49 -85.89
N LEU N 299 -81.80 6.34 -85.77
CA LEU N 299 -81.21 7.07 -86.90
C LEU N 299 -80.29 6.20 -87.79
N ASN N 300 -79.99 4.98 -87.36
CA ASN N 300 -79.11 4.05 -88.06
C ASN N 300 -79.90 3.00 -88.87
N TYR N 301 -80.08 3.22 -90.17
CA TYR N 301 -80.99 2.47 -91.04
C TYR N 301 -80.59 0.99 -91.24
N ASP N 302 -79.29 0.68 -91.19
CA ASP N 302 -78.80 -0.68 -91.38
C ASP N 302 -78.95 -1.57 -90.13
N SER N 303 -79.13 -1.01 -88.92
CA SER N 303 -79.52 -1.76 -87.73
C SER N 303 -81.02 -1.83 -87.46
N TRP N 304 -81.90 -1.30 -88.33
CA TRP N 304 -83.36 -1.43 -88.16
C TRP N 304 -83.79 -2.90 -88.13
N PRO N 305 -84.41 -3.41 -87.04
CA PRO N 305 -84.89 -4.79 -86.98
C PRO N 305 -85.90 -5.20 -88.06
N LEU N 306 -86.72 -4.28 -88.58
CA LEU N 306 -87.79 -4.64 -89.53
C LEU N 306 -87.31 -5.35 -90.81
N PHE N 307 -86.04 -5.17 -91.22
CA PHE N 307 -85.44 -5.85 -92.37
C PHE N 307 -84.89 -7.25 -92.08
N ALA N 308 -84.86 -7.73 -90.83
CA ALA N 308 -84.06 -8.88 -90.41
C ALA N 308 -84.38 -10.21 -91.14
N ASP N 309 -85.63 -10.45 -91.55
CA ASP N 309 -86.04 -11.64 -92.31
C ASP N 309 -86.07 -11.43 -93.84
N CYS N 310 -85.71 -10.26 -94.37
CA CYS N 310 -85.80 -9.93 -95.80
C CYS N 310 -84.69 -10.57 -96.64
N GLU N 311 -85.04 -11.13 -97.80
CA GLU N 311 -84.09 -11.53 -98.84
C GLU N 311 -84.36 -10.78 -100.16
N GLY N 312 -83.43 -9.94 -100.57
CA GLY N 312 -83.49 -9.18 -101.83
C GLY N 312 -84.34 -7.90 -101.81
N PRO N 313 -84.27 -7.08 -102.87
CA PRO N 313 -84.89 -5.75 -102.91
C PRO N 313 -86.42 -5.73 -102.78
N GLU N 314 -87.15 -6.70 -103.35
CA GLU N 314 -88.61 -6.72 -103.28
C GLU N 314 -89.12 -6.91 -101.86
N ALA N 315 -88.50 -7.80 -101.09
CA ALA N 315 -88.82 -8.02 -99.69
C ALA N 315 -88.54 -6.76 -98.84
N ARG N 316 -87.47 -6.03 -99.11
CA ARG N 316 -87.14 -4.77 -98.41
C ARG N 316 -88.16 -3.66 -98.68
N VAL N 317 -88.59 -3.48 -99.94
CA VAL N 317 -89.65 -2.51 -100.28
C VAL N 317 -91.00 -2.89 -99.65
N ALA N 318 -91.40 -4.16 -99.69
CA ALA N 318 -92.63 -4.62 -99.06
C ALA N 318 -92.63 -4.46 -97.52
N ALA N 319 -91.47 -4.60 -96.87
CA ALA N 319 -91.30 -4.35 -95.44
C ALA N 319 -91.45 -2.86 -95.09
N LEU N 320 -90.97 -1.95 -95.93
CA LEU N 320 -91.18 -0.50 -95.75
C LEU N 320 -92.65 -0.11 -95.91
N HIS N 321 -93.39 -0.70 -96.86
CA HIS N 321 -94.83 -0.45 -96.97
C HIS N 321 -95.62 -0.90 -95.74
N ARG N 322 -95.31 -2.06 -95.12
CA ARG N 322 -95.90 -2.47 -93.83
C ARG N 322 -95.55 -1.50 -92.70
N TYR N 323 -94.30 -1.05 -92.63
CA TYR N 323 -93.88 -0.01 -91.70
C TYR N 323 -94.71 1.27 -91.85
N ASN N 324 -94.91 1.79 -93.06
CA ASN N 324 -95.72 2.99 -93.31
C ASN N 324 -97.19 2.83 -92.90
N ALA N 325 -97.82 1.67 -93.16
CA ALA N 325 -99.19 1.40 -92.72
C ALA N 325 -99.34 1.49 -91.19
N SER N 326 -98.36 1.05 -90.40
CA SER N 326 -98.37 1.20 -88.94
C SER N 326 -98.32 2.66 -88.42
N LEU N 327 -97.86 3.63 -89.22
CA LEU N 327 -97.88 5.06 -88.90
C LEU N 327 -99.12 5.80 -89.40
N ALA N 328 -99.85 5.28 -90.39
CA ALA N 328 -100.98 5.96 -91.02
C ALA N 328 -102.06 6.51 -90.06
N PRO N 329 -102.49 5.83 -88.98
CA PRO N 329 -103.52 6.35 -88.08
C PRO N 329 -103.14 7.67 -87.40
N HIS N 330 -101.86 7.92 -87.14
CA HIS N 330 -101.36 9.21 -86.64
C HIS N 330 -101.60 10.32 -87.67
N VAL N 331 -101.28 10.08 -88.94
CA VAL N 331 -101.45 11.04 -90.03
C VAL N 331 -102.92 11.27 -90.35
N SER N 332 -103.73 10.23 -90.50
CA SER N 332 -105.16 10.39 -90.80
C SER N 332 -105.95 11.03 -89.66
N THR N 333 -105.55 10.84 -88.39
CA THR N 333 -106.15 11.54 -87.26
C THR N 333 -105.96 13.05 -87.36
N GLN N 334 -104.78 13.53 -87.74
CA GLN N 334 -104.52 14.95 -87.97
C GLN N 334 -105.28 15.53 -89.18
N ILE N 335 -105.83 14.72 -90.09
CA ILE N 335 -106.74 15.17 -91.15
C ILE N 335 -108.21 15.10 -90.70
N PHE N 336 -108.66 14.00 -90.10
CA PHE N 336 -110.06 13.76 -89.77
C PHE N 336 -110.56 14.49 -88.52
N ALA N 337 -109.70 14.82 -87.54
CA ALA N 337 -110.12 15.44 -86.29
C ALA N 337 -110.45 16.93 -86.43
N THR N 338 -111.62 17.37 -85.98
CA THR N 338 -112.05 18.79 -86.02
C THR N 338 -111.10 19.68 -85.22
N ASN N 339 -110.48 19.16 -84.17
CA ASN N 339 -109.52 19.86 -83.30
C ASN N 339 -108.05 19.48 -83.56
N SER N 340 -107.72 19.11 -84.79
CA SER N 340 -106.33 18.95 -85.27
C SER N 340 -105.51 20.25 -85.18
N VAL N 341 -104.22 20.15 -84.88
CA VAL N 341 -103.26 21.28 -84.89
C VAL N 341 -103.21 22.00 -86.25
N LEU N 342 -103.52 21.32 -87.34
CA LEU N 342 -103.61 21.87 -88.70
C LEU N 342 -104.77 22.86 -88.90
N TYR N 343 -105.77 22.88 -88.02
CA TYR N 343 -106.96 23.73 -88.11
C TYR N 343 -107.07 24.82 -87.03
N VAL N 344 -106.00 25.09 -86.28
CA VAL N 344 -105.94 26.18 -85.30
C VAL N 344 -106.15 27.54 -85.99
N SER N 345 -107.12 28.31 -85.50
CA SER N 345 -107.64 29.53 -86.14
C SER N 345 -107.19 30.84 -85.47
N GLY N 346 -106.64 30.83 -84.26
CA GLY N 346 -106.21 32.03 -83.54
C GLY N 346 -106.44 32.00 -82.04
N VAL N 347 -106.47 33.19 -81.42
CA VAL N 347 -106.67 33.40 -79.98
C VAL N 347 -107.99 34.13 -79.74
N SER N 348 -108.74 33.76 -78.70
CA SER N 348 -109.98 34.44 -78.30
C SER N 348 -110.09 34.56 -76.78
N LYS N 349 -111.03 35.39 -76.30
CA LYS N 349 -111.25 35.68 -74.88
C LYS N 349 -112.67 35.33 -74.44
N SER N 350 -112.78 34.76 -73.25
CA SER N 350 -114.03 34.30 -72.62
C SER N 350 -115.15 35.35 -72.59
N GLU N 356 -114.65 30.77 -67.98
CA GLU N 356 -113.24 30.54 -67.70
C GLU N 356 -112.73 31.37 -66.51
N SER N 357 -111.85 30.79 -65.69
CA SER N 357 -111.11 31.50 -64.65
C SER N 357 -110.09 32.48 -65.24
N LEU N 358 -109.57 33.40 -64.43
CA LEU N 358 -108.73 34.53 -64.89
C LEU N 358 -107.56 34.10 -65.80
N PHE N 359 -106.74 33.15 -65.39
CA PHE N 359 -105.58 32.71 -66.16
C PHE N 359 -105.94 31.86 -67.38
N ASN N 360 -107.11 31.22 -67.40
CA ASN N 360 -107.65 30.51 -68.56
C ASN N 360 -108.45 31.40 -69.54
N SER N 361 -108.69 32.68 -69.21
CA SER N 361 -109.63 33.54 -69.95
C SER N 361 -109.24 33.82 -71.41
N PHE N 362 -107.96 33.88 -71.76
CA PHE N 362 -107.49 33.84 -73.15
C PHE N 362 -107.13 32.40 -73.53
N TYR N 363 -107.52 31.95 -74.73
CA TYR N 363 -107.31 30.57 -75.19
C TYR N 363 -107.20 30.41 -76.71
N MET N 364 -106.62 29.30 -77.16
CA MET N 364 -106.52 28.94 -78.59
C MET N 364 -107.85 28.43 -79.17
N THR N 365 -108.20 28.84 -80.38
CA THR N 365 -109.42 28.44 -81.11
C THR N 365 -109.11 27.63 -82.37
N HIS N 366 -110.08 26.85 -82.87
CA HIS N 366 -110.01 26.11 -84.13
C HIS N 366 -111.22 26.35 -85.02
N GLY N 367 -111.06 26.22 -86.33
CA GLY N 367 -112.18 26.20 -87.28
C GLY N 367 -111.81 26.61 -88.70
N LEU N 368 -112.10 25.76 -89.67
CA LEU N 368 -111.89 26.04 -91.11
C LEU N 368 -112.78 27.16 -91.65
N GLY N 369 -114.00 27.34 -91.10
CA GLY N 369 -114.87 28.46 -91.47
C GLY N 369 -114.23 29.80 -91.12
N THR N 370 -113.63 29.92 -89.94
CA THR N 370 -112.87 31.11 -89.54
C THR N 370 -111.69 31.38 -90.47
N LEU N 371 -110.96 30.34 -90.87
CA LEU N 371 -109.82 30.45 -91.78
C LEU N 371 -110.19 30.90 -93.20
N GLN N 372 -111.45 30.75 -93.64
CA GLN N 372 -111.91 31.28 -94.93
C GLN N 372 -112.28 32.79 -94.91
N GLU N 373 -112.52 33.40 -93.75
CA GLU N 373 -113.04 34.77 -93.66
C GLU N 373 -112.04 35.87 -94.05
N GLY N 374 -112.54 37.05 -94.42
CA GLY N 374 -111.73 38.27 -94.54
C GLY N 374 -111.17 38.75 -93.19
N THR N 375 -110.14 39.58 -93.25
CA THR N 375 -109.34 40.03 -92.10
C THR N 375 -109.04 41.54 -92.15
N TRP N 376 -108.54 42.06 -91.02
CA TRP N 376 -108.07 43.43 -90.82
C TRP N 376 -106.64 43.47 -90.28
N ASP N 377 -105.88 44.50 -90.61
CA ASP N 377 -104.49 44.68 -90.19
C ASP N 377 -104.34 45.24 -88.74
N PRO N 378 -103.13 45.34 -88.19
CA PRO N 378 -102.89 45.89 -86.85
C PRO N 378 -103.38 47.34 -86.62
N CYS N 379 -103.67 48.10 -87.67
CA CYS N 379 -104.23 49.46 -87.62
C CYS N 379 -105.73 49.48 -87.97
N ARG N 380 -106.41 48.33 -87.87
CA ARG N 380 -107.86 48.14 -88.11
C ARG N 380 -108.32 48.46 -89.53
N ARG N 381 -107.43 48.44 -90.52
CA ARG N 381 -107.78 48.61 -91.95
C ARG N 381 -108.09 47.25 -92.59
N PRO N 382 -108.96 47.16 -93.60
CA PRO N 382 -109.20 45.92 -94.34
C PRO N 382 -107.92 45.32 -94.93
N CYS N 383 -107.79 43.99 -94.95
CA CYS N 383 -106.58 43.28 -95.36
C CYS N 383 -106.89 42.19 -96.40
N PHE N 384 -107.01 40.92 -96.03
CA PHE N 384 -107.55 39.87 -96.92
C PHE N 384 -109.09 40.01 -97.01
N SER N 385 -109.67 39.78 -98.19
CA SER N 385 -111.12 39.91 -98.44
C SER N 385 -111.95 38.64 -98.20
N GLY N 386 -111.32 37.50 -97.91
CA GLY N 386 -112.00 36.23 -97.68
C GLY N 386 -112.24 35.40 -98.95
N TRP N 387 -112.76 34.18 -98.75
CA TRP N 387 -113.16 33.26 -99.81
C TRP N 387 -114.54 32.65 -99.52
N GLY N 388 -115.41 32.61 -100.53
CA GLY N 388 -116.78 32.12 -100.40
C GLY N 388 -116.95 30.59 -100.41
N GLY N 389 -115.86 29.84 -100.56
CA GLY N 389 -115.88 28.39 -100.75
C GLY N 389 -116.05 27.97 -102.23
N PRO N 390 -116.05 26.65 -102.51
CA PRO N 390 -116.16 26.09 -103.86
C PRO N 390 -117.39 26.58 -104.64
N GLY N 394 -118.33 20.25 -105.37
CA GLY N 394 -117.77 18.90 -105.31
C GLY N 394 -118.70 17.88 -104.66
N THR N 395 -118.27 16.61 -104.65
CA THR N 395 -119.14 15.47 -104.29
C THR N 395 -119.64 15.44 -102.84
N ASN N 396 -119.01 16.14 -101.89
CA ASN N 396 -119.48 16.25 -100.49
C ASN N 396 -120.54 17.35 -100.27
N GLY N 397 -120.83 18.18 -101.28
CA GLY N 397 -121.93 19.17 -101.25
C GLY N 397 -121.68 20.47 -100.47
N PRO N 398 -122.66 21.41 -100.50
CA PRO N 398 -122.54 22.78 -99.97
C PRO N 398 -122.30 22.87 -98.45
N GLY N 399 -121.41 23.77 -98.04
CA GLY N 399 -121.08 24.02 -96.62
C GLY N 399 -120.24 22.93 -95.94
N ASN N 400 -119.90 21.87 -96.66
CA ASN N 400 -119.14 20.73 -96.16
C ASN N 400 -117.66 20.80 -96.59
N TYR N 401 -116.81 20.02 -95.92
CA TYR N 401 -115.38 19.88 -96.24
C TYR N 401 -115.19 19.45 -97.70
N ALA N 402 -114.29 20.11 -98.42
CA ALA N 402 -113.99 19.91 -99.83
C ALA N 402 -112.50 19.62 -100.06
N VAL N 403 -112.11 19.20 -101.25
CA VAL N 403 -110.71 18.91 -101.55
C VAL N 403 -109.78 20.13 -101.29
N GLU N 404 -110.25 21.37 -101.46
CA GLU N 404 -109.50 22.57 -101.11
C GLU N 404 -109.10 22.64 -99.63
N HIS N 405 -109.91 22.12 -98.70
CA HIS N 405 -109.55 22.06 -97.28
C HIS N 405 -108.43 21.05 -97.00
N LEU N 406 -108.37 19.93 -97.72
CA LEU N 406 -107.24 19.02 -97.69
C LEU N 406 -105.97 19.70 -98.26
N VAL N 407 -106.09 20.47 -99.34
CA VAL N 407 -104.95 21.23 -99.89
C VAL N 407 -104.45 22.28 -98.88
N TYR N 408 -105.34 23.00 -98.20
CA TYR N 408 -105.00 23.89 -97.08
C TYR N 408 -104.29 23.18 -95.91
N ALA N 409 -104.75 21.99 -95.49
CA ALA N 409 -104.07 21.17 -94.49
C ALA N 409 -102.63 20.79 -94.88
N ALA N 410 -102.39 20.50 -96.16
CA ALA N 410 -101.08 20.20 -96.73
C ALA N 410 -100.23 21.44 -97.11
N SER N 411 -100.55 22.64 -96.61
CA SER N 411 -99.79 23.90 -96.86
C SER N 411 -99.61 24.27 -98.33
N PHE N 412 -100.56 23.92 -99.19
CA PHE N 412 -100.51 24.17 -100.64
C PHE N 412 -99.23 23.60 -101.31
N SER N 413 -98.68 22.53 -100.75
CA SER N 413 -97.44 21.89 -101.20
C SER N 413 -97.79 20.59 -101.92
N PRO N 414 -97.47 20.43 -103.21
CA PRO N 414 -97.70 19.18 -103.91
C PRO N 414 -96.87 18.01 -103.34
N ASN N 415 -95.68 18.26 -102.79
CA ASN N 415 -94.87 17.25 -102.11
C ASN N 415 -95.57 16.72 -100.83
N LEU N 416 -96.02 17.59 -99.93
CA LEU N 416 -96.75 17.18 -98.72
C LEU N 416 -98.09 16.52 -99.08
N LEU N 417 -98.87 17.10 -100.00
CA LEU N 417 -100.18 16.58 -100.42
C LEU N 417 -100.09 15.16 -100.98
N ALA N 418 -99.09 14.85 -101.80
CA ALA N 418 -98.81 13.51 -102.29
C ALA N 418 -98.59 12.49 -101.16
N ARG N 419 -97.77 12.80 -100.14
CA ARG N 419 -97.58 11.88 -99.00
C ARG N 419 -98.81 11.76 -98.08
N TYR N 420 -99.60 12.81 -97.89
CA TYR N 420 -100.90 12.71 -97.20
C TYR N 420 -101.85 11.75 -97.95
N ALA N 421 -101.98 11.87 -99.28
CA ALA N 421 -102.82 10.99 -100.09
C ALA N 421 -102.36 9.53 -100.01
N TYR N 422 -101.06 9.27 -100.05
CA TYR N 422 -100.51 7.95 -99.80
C TYR N 422 -100.92 7.34 -98.44
N TYR N 423 -100.90 8.09 -97.34
CA TYR N 423 -101.39 7.58 -96.05
C TYR N 423 -102.91 7.38 -96.04
N LEU N 424 -103.70 8.28 -96.63
CA LEU N 424 -105.15 8.13 -96.73
C LEU N 424 -105.59 6.88 -97.53
N GLN N 425 -104.80 6.40 -98.50
CA GLN N 425 -105.05 5.13 -99.20
C GLN N 425 -105.04 3.86 -98.31
N PHE N 426 -104.49 3.89 -97.09
CA PHE N 426 -104.61 2.79 -96.12
C PHE N 426 -105.92 2.80 -95.32
N CYS N 427 -106.70 3.89 -95.35
CA CYS N 427 -107.90 4.06 -94.54
C CYS N 427 -109.13 3.35 -95.12
N GLN N 428 -109.95 2.74 -94.25
CA GLN N 428 -111.26 2.18 -94.60
C GLN N 428 -112.28 3.29 -94.88
N GLY N 429 -113.18 3.05 -95.83
CA GLY N 429 -114.36 3.87 -96.06
C GLY N 429 -115.47 3.56 -95.05
N GLN N 430 -116.23 4.59 -94.65
CA GLN N 430 -117.39 4.46 -93.78
C GLN N 430 -118.55 5.24 -94.36
N LYS N 431 -119.40 4.58 -95.14
CA LYS N 431 -120.61 5.17 -95.74
C LYS N 431 -121.61 5.62 -94.64
N SER N 432 -122.11 6.84 -94.72
CA SER N 432 -123.10 7.42 -93.80
C SER N 432 -124.46 6.71 -93.87
N VAL N 437 -125.14 5.28 -102.12
CA VAL N 437 -123.94 5.67 -102.84
C VAL N 437 -123.67 4.70 -104.01
N PRO N 438 -123.22 5.17 -105.19
CA PRO N 438 -122.78 4.30 -106.28
C PRO N 438 -121.74 3.25 -105.84
N GLU N 439 -121.78 2.07 -106.44
CA GLU N 439 -120.74 1.04 -106.23
C GLU N 439 -119.39 1.54 -106.76
N THR N 440 -118.28 1.08 -106.17
CA THR N 440 -116.95 1.62 -106.49
C THR N 440 -116.63 1.55 -107.98
N GLY N 441 -116.88 0.42 -108.63
CA GLY N 441 -116.61 0.20 -110.05
C GLY N 441 -117.48 0.99 -110.99
N SER N 442 -118.73 1.28 -110.64
CA SER N 442 -119.59 2.20 -111.42
C SER N 442 -119.27 3.67 -111.17
N TYR N 443 -118.61 4.05 -110.06
CA TYR N 443 -118.02 5.38 -109.92
C TYR N 443 -116.74 5.51 -110.75
N VAL N 444 -115.80 4.55 -110.65
CA VAL N 444 -114.53 4.56 -111.39
C VAL N 444 -114.72 4.52 -112.92
N ALA N 445 -115.63 3.69 -113.45
CA ALA N 445 -115.96 3.70 -114.88
C ALA N 445 -116.90 4.85 -115.29
N GLY N 446 -117.70 5.36 -114.36
CA GLY N 446 -118.65 6.45 -114.55
C GLY N 446 -118.02 7.83 -114.31
N ALA N 447 -118.52 8.59 -113.33
CA ALA N 447 -118.16 10.00 -113.13
C ALA N 447 -116.66 10.29 -112.95
N ALA N 448 -115.84 9.35 -112.46
CA ALA N 448 -114.39 9.56 -112.35
C ALA N 448 -113.67 9.69 -113.71
N ALA N 449 -114.24 9.11 -114.78
CA ALA N 449 -113.69 9.11 -116.14
C ALA N 449 -114.17 10.29 -117.00
N SER N 450 -114.93 11.24 -116.44
CA SER N 450 -115.44 12.42 -117.12
C SER N 450 -114.30 13.38 -117.56
N PRO N 451 -114.32 13.94 -118.79
CA PRO N 451 -113.31 14.88 -119.26
C PRO N 451 -113.30 16.22 -118.49
N MET N 452 -114.29 16.45 -117.62
CA MET N 452 -114.39 17.62 -116.75
C MET N 452 -113.45 17.62 -115.53
N CYS N 453 -112.81 16.51 -115.15
CA CYS N 453 -111.86 16.46 -114.03
C CYS N 453 -110.65 17.37 -114.30
N SER N 454 -110.43 18.37 -113.44
CA SER N 454 -109.28 19.30 -113.54
C SER N 454 -107.94 18.70 -113.09
N LEU N 455 -107.89 17.40 -112.77
CA LEU N 455 -106.68 16.72 -112.31
C LEU N 455 -106.19 15.66 -113.31
N CYS N 456 -107.04 14.70 -113.71
CA CYS N 456 -106.68 13.60 -114.59
C CYS N 456 -107.27 13.70 -116.01
N GLU N 457 -108.15 14.66 -116.28
CA GLU N 457 -108.97 14.74 -117.51
C GLU N 457 -109.81 13.47 -117.75
N GLY N 458 -110.07 12.67 -116.71
CA GLY N 458 -110.67 11.35 -116.82
C GLY N 458 -109.72 10.23 -117.27
N ARG N 459 -108.44 10.53 -117.51
CA ARG N 459 -107.43 9.59 -118.06
C ARG N 459 -106.64 8.79 -117.01
N ALA N 460 -106.92 8.95 -115.70
CA ALA N 460 -106.35 8.14 -114.62
C ALA N 460 -107.36 7.88 -113.45
N PRO N 461 -108.56 7.36 -113.73
CA PRO N 461 -109.71 7.49 -112.83
C PRO N 461 -109.58 6.71 -111.51
N ALA N 462 -108.80 5.63 -111.46
CA ALA N 462 -108.71 4.78 -110.27
C ALA N 462 -107.77 5.36 -109.17
N VAL N 463 -106.71 6.08 -109.55
CA VAL N 463 -105.77 6.72 -108.61
C VAL N 463 -106.01 8.22 -108.36
N CYS N 464 -106.86 8.89 -109.15
CA CYS N 464 -107.13 10.33 -109.01
C CYS N 464 -107.49 10.73 -107.57
N LEU N 465 -106.98 11.89 -107.12
CA LEU N 465 -107.25 12.45 -105.80
C LEU N 465 -108.75 12.63 -105.55
N ASN N 466 -109.53 13.03 -106.56
CA ASN N 466 -110.98 13.14 -106.44
C ASN N 466 -111.67 11.79 -106.18
N THR N 467 -111.12 10.67 -106.67
CA THR N 467 -111.62 9.32 -106.38
C THR N 467 -111.32 8.92 -104.93
N LEU N 468 -110.10 9.16 -104.43
CA LEU N 468 -109.75 8.95 -103.03
C LEU N 468 -110.63 9.80 -102.10
N PHE N 469 -110.82 11.07 -102.43
CA PHE N 469 -111.70 11.97 -101.70
C PHE N 469 -113.15 11.47 -101.66
N PHE N 470 -113.69 11.02 -102.79
CA PHE N 470 -115.05 10.46 -102.86
C PHE N 470 -115.23 9.24 -101.94
N ARG N 471 -114.23 8.34 -101.88
CA ARG N 471 -114.21 7.15 -101.05
C ARG N 471 -114.23 7.44 -99.53
N LEU N 472 -113.52 8.47 -99.08
CA LEU N 472 -113.34 8.84 -97.66
C LEU N 472 -114.25 9.99 -97.16
N ARG N 473 -115.16 10.46 -98.01
CA ARG N 473 -116.02 11.64 -97.91
C ARG N 473 -116.71 11.86 -96.55
N ASP N 474 -117.37 10.84 -96.02
CA ASP N 474 -118.09 10.91 -94.74
C ASP N 474 -117.20 10.91 -93.49
N ARG N 475 -115.86 10.78 -93.62
CA ARG N 475 -114.91 10.86 -92.50
C ARG N 475 -114.27 12.23 -92.28
N PHE N 476 -114.33 13.14 -93.25
CA PHE N 476 -113.79 14.50 -93.09
C PHE N 476 -114.61 15.31 -92.08
N PRO N 477 -113.98 16.24 -91.33
CA PRO N 477 -114.66 17.01 -90.28
C PRO N 477 -115.68 18.03 -90.83
N PRO N 478 -116.57 18.61 -89.99
CA PRO N 478 -117.38 19.76 -90.37
C PRO N 478 -116.56 21.07 -90.46
N VAL N 479 -117.08 22.09 -91.14
CA VAL N 479 -116.43 23.40 -91.33
C VAL N 479 -117.01 24.42 -90.33
N MET N 480 -116.19 24.86 -89.37
CA MET N 480 -116.64 25.56 -88.15
C MET N 480 -116.23 27.03 -88.08
N SER N 481 -117.13 27.89 -87.59
CA SER N 481 -116.93 29.34 -87.43
C SER N 481 -117.06 29.85 -85.99
N THR N 482 -117.07 28.96 -84.99
CA THR N 482 -117.25 29.28 -83.56
C THR N 482 -115.94 29.48 -82.79
N GLN N 483 -116.00 29.97 -81.55
CA GLN N 483 -114.83 30.41 -80.76
C GLN N 483 -114.73 29.73 -79.37
N ARG N 484 -115.21 28.50 -79.21
CA ARG N 484 -115.15 27.70 -77.95
C ARG N 484 -113.73 27.25 -77.56
N ARG N 485 -113.47 27.12 -76.25
CA ARG N 485 -112.22 26.62 -75.65
C ARG N 485 -112.15 25.08 -75.63
N ASP N 486 -111.60 24.48 -76.68
CA ASP N 486 -111.38 23.03 -76.81
C ASP N 486 -109.90 22.64 -76.73
N PRO N 487 -109.56 21.38 -76.38
CA PRO N 487 -108.21 20.82 -76.56
C PRO N 487 -107.80 20.74 -78.04
N TYR N 488 -106.51 20.70 -78.34
CA TYR N 488 -105.98 20.47 -79.70
C TYR N 488 -105.14 19.19 -79.76
N VAL N 489 -105.05 18.54 -80.92
CA VAL N 489 -104.42 17.22 -81.11
C VAL N 489 -102.97 17.34 -81.58
N ILE N 490 -102.03 16.70 -80.90
CA ILE N 490 -100.58 16.71 -81.21
C ILE N 490 -100.07 15.31 -81.53
N SER N 491 -99.00 15.20 -82.33
CA SER N 491 -98.36 13.94 -82.74
C SER N 491 -96.85 14.01 -82.58
N GLY N 492 -96.21 12.92 -82.16
CA GLY N 492 -94.74 12.84 -82.10
C GLY N 492 -94.22 11.67 -81.28
N ALA N 493 -92.91 11.60 -81.12
CA ALA N 493 -92.21 10.62 -80.28
C ALA N 493 -92.46 10.83 -78.78
N SER N 494 -92.59 9.74 -78.03
CA SER N 494 -92.62 9.76 -76.57
C SER N 494 -91.23 9.77 -75.95
N GLY N 495 -91.12 10.32 -74.74
CA GLY N 495 -89.90 10.34 -73.93
C GLY N 495 -89.62 9.03 -73.20
N SER N 496 -88.55 9.01 -72.41
CA SER N 496 -88.03 7.81 -71.74
C SER N 496 -88.88 7.32 -70.54
N TYR N 497 -89.50 8.22 -69.77
CA TYR N 497 -90.10 7.88 -68.47
C TYR N 497 -91.60 8.20 -68.42
N ASN N 498 -92.42 7.23 -68.79
CA ASN N 498 -93.89 7.32 -68.77
C ASN N 498 -94.44 6.54 -67.58
N GLU N 499 -95.46 7.06 -66.91
CA GLU N 499 -96.08 6.46 -65.74
C GLU N 499 -97.56 6.22 -66.03
N THR N 500 -97.88 5.04 -66.56
CA THR N 500 -99.17 4.69 -67.16
C THR N 500 -99.74 3.33 -66.71
N ASP N 501 -99.19 2.71 -65.65
CA ASP N 501 -99.92 1.67 -64.89
C ASP N 501 -101.15 2.26 -64.16
N PHE N 502 -102.05 1.43 -63.62
CA PHE N 502 -103.36 1.84 -63.12
C PHE N 502 -103.36 3.00 -62.10
N LEU N 503 -102.35 3.14 -61.24
CA LEU N 503 -102.19 4.26 -60.30
C LEU N 503 -101.11 5.27 -60.70
N GLY N 504 -100.69 5.28 -61.96
CA GLY N 504 -99.82 6.33 -62.51
C GLY N 504 -98.51 6.54 -61.73
N ASN N 505 -98.24 7.79 -61.33
CA ASN N 505 -97.05 8.17 -60.58
C ASN N 505 -97.12 7.96 -59.05
N PHE N 506 -98.10 7.24 -58.51
CA PHE N 506 -98.16 6.85 -57.09
C PHE N 506 -96.86 6.14 -56.65
N LEU N 507 -96.22 6.60 -55.57
CA LEU N 507 -94.96 6.03 -55.02
C LEU N 507 -93.90 5.73 -56.10
N ASN N 508 -93.69 6.63 -57.06
CA ASN N 508 -92.67 6.45 -58.09
C ASN N 508 -91.24 6.49 -57.53
N PHE N 509 -91.01 7.31 -56.50
CA PHE N 509 -89.75 7.46 -55.76
C PHE N 509 -90.02 7.52 -54.25
N ILE N 510 -88.97 7.31 -53.45
CA ILE N 510 -88.98 7.32 -51.98
C ILE N 510 -87.95 8.31 -51.45
N TYR N 525 -91.39 0.16 -50.55
CA TYR N 525 -90.71 0.18 -51.84
C TYR N 525 -91.54 0.90 -52.92
N THR N 526 -90.91 1.34 -54.01
CA THR N 526 -91.60 2.07 -55.09
C THR N 526 -92.64 1.18 -55.79
N TYR N 527 -93.66 1.81 -56.38
CA TYR N 527 -94.69 1.12 -57.17
C TYR N 527 -94.08 0.41 -58.40
N TRP N 528 -93.02 0.98 -58.99
CA TRP N 528 -92.23 0.30 -60.02
C TRP N 528 -91.63 -1.02 -59.52
N GLN N 529 -91.00 -1.00 -58.34
CA GLN N 529 -90.44 -2.21 -57.74
C GLN N 529 -91.52 -3.24 -57.40
N LEU N 530 -92.67 -2.81 -56.87
CA LEU N 530 -93.82 -3.69 -56.62
C LEU N 530 -94.29 -4.42 -57.89
N ASN N 531 -94.35 -3.73 -59.02
CA ASN N 531 -94.72 -4.36 -60.28
C ASN N 531 -93.64 -5.33 -60.78
N GLN N 532 -92.35 -5.00 -60.62
CA GLN N 532 -91.25 -5.95 -60.90
C GLN N 532 -91.30 -7.21 -60.02
N ASN N 533 -91.63 -7.09 -58.74
CA ASN N 533 -91.81 -8.24 -57.85
C ASN N 533 -92.95 -9.17 -58.32
N LEU N 534 -94.08 -8.59 -58.74
CA LEU N 534 -95.21 -9.38 -59.24
C LEU N 534 -94.84 -10.17 -60.52
N LEU N 535 -94.16 -9.55 -61.48
CA LEU N 535 -93.68 -10.25 -62.68
C LEU N 535 -92.71 -11.41 -62.36
N GLU N 536 -91.86 -11.27 -61.35
CA GLU N 536 -91.02 -12.35 -60.84
C GLU N 536 -91.83 -13.53 -60.28
N ARG N 537 -92.85 -13.27 -59.45
CA ARG N 537 -93.76 -14.33 -58.97
C ARG N 537 -94.48 -15.02 -60.12
N LEU N 538 -94.97 -14.26 -61.10
CA LEU N 538 -95.66 -14.82 -62.27
C LEU N 538 -94.72 -15.66 -63.16
N SER N 539 -93.43 -15.34 -63.21
CA SER N 539 -92.42 -16.16 -63.89
C SER N 539 -92.26 -17.54 -63.23
N ARG N 540 -92.25 -17.64 -61.89
CA ARG N 540 -92.28 -18.93 -61.15
C ARG N 540 -93.55 -19.77 -61.38
N LEU N 541 -94.66 -19.15 -61.79
CA LEU N 541 -95.89 -19.83 -62.21
C LEU N 541 -95.91 -20.23 -63.71
N GLY N 542 -94.87 -19.91 -64.48
CA GLY N 542 -94.78 -20.20 -65.91
C GLY N 542 -95.45 -19.19 -66.84
N ILE N 543 -95.66 -17.95 -66.39
CA ILE N 543 -96.32 -16.86 -67.14
C ILE N 543 -95.30 -15.75 -67.48
N ASP N 544 -95.17 -15.35 -68.75
CA ASP N 544 -94.26 -14.25 -69.17
C ASP N 544 -94.88 -12.84 -69.05
N ALA N 545 -94.09 -11.80 -69.36
CA ALA N 545 -94.51 -10.39 -69.26
C ALA N 545 -95.66 -9.97 -70.20
N GLU N 546 -95.97 -10.76 -71.23
CA GLU N 546 -97.11 -10.55 -72.14
C GLU N 546 -98.26 -11.54 -71.84
N GLY N 547 -98.14 -12.33 -70.78
CA GLY N 547 -99.16 -13.26 -70.31
C GLY N 547 -99.19 -14.61 -71.05
N LYS N 548 -98.16 -14.98 -71.82
CA LYS N 548 -98.07 -16.29 -72.47
C LYS N 548 -97.66 -17.38 -71.47
N LEU N 549 -98.29 -18.55 -71.54
CA LEU N 549 -97.98 -19.70 -70.70
C LEU N 549 -96.89 -20.58 -71.32
N GLU N 550 -95.99 -21.11 -70.50
CA GLU N 550 -95.13 -22.23 -70.88
C GLU N 550 -95.86 -23.58 -70.94
N LYS N 551 -97.02 -23.70 -70.28
CA LYS N 551 -97.89 -24.89 -70.31
C LYS N 551 -99.37 -24.52 -70.22
N GLU N 552 -100.13 -24.81 -71.27
CA GLU N 552 -101.57 -24.53 -71.35
C GLU N 552 -102.40 -25.49 -70.47
N PRO N 553 -103.50 -25.06 -69.84
CA PRO N 553 -104.28 -25.90 -68.93
C PRO N 553 -104.96 -27.07 -69.65
N HIS N 554 -104.80 -28.26 -69.07
CA HIS N 554 -105.26 -29.54 -69.62
C HIS N 554 -106.77 -29.80 -69.54
N GLY N 555 -107.49 -29.17 -68.61
CA GLY N 555 -108.87 -29.51 -68.24
C GLY N 555 -109.36 -28.73 -67.02
N PRO N 556 -110.56 -29.02 -66.50
CA PRO N 556 -111.18 -28.29 -65.38
C PRO N 556 -110.28 -28.11 -64.15
N ARG N 557 -109.65 -29.17 -63.64
CA ARG N 557 -108.74 -29.09 -62.47
C ARG N 557 -107.59 -28.14 -62.73
N ASP N 558 -106.95 -28.28 -63.89
CA ASP N 558 -105.80 -27.47 -64.28
C ASP N 558 -106.15 -25.99 -64.49
N PHE N 559 -107.36 -25.70 -65.01
CA PHE N 559 -107.86 -24.35 -65.19
C PHE N 559 -108.13 -23.66 -63.83
N VAL N 560 -108.75 -24.36 -62.87
CA VAL N 560 -108.91 -23.84 -61.50
C VAL N 560 -107.56 -23.65 -60.82
N LYS N 561 -106.68 -24.66 -60.88
CA LYS N 561 -105.34 -24.62 -60.27
C LYS N 561 -104.51 -23.44 -60.78
N MET N 562 -104.50 -23.20 -62.09
CA MET N 562 -103.85 -22.05 -62.72
C MET N 562 -104.24 -20.71 -62.06
N PHE N 563 -105.54 -20.44 -61.89
CA PHE N 563 -105.99 -19.19 -61.27
C PHE N 563 -105.72 -19.13 -59.76
N LYS N 564 -105.96 -20.20 -59.00
CA LYS N 564 -105.77 -20.17 -57.53
C LYS N 564 -104.32 -19.87 -57.16
N ASP N 565 -103.36 -20.36 -57.93
CA ASP N 565 -101.95 -20.01 -57.77
C ASP N 565 -101.65 -18.53 -58.04
N VAL N 566 -102.24 -17.92 -59.08
CA VAL N 566 -102.06 -16.47 -59.34
C VAL N 566 -102.70 -15.63 -58.23
N ASP N 567 -103.92 -15.95 -57.79
CA ASP N 567 -104.57 -15.26 -56.68
C ASP N 567 -103.73 -15.30 -55.40
N ALA N 568 -103.23 -16.48 -55.01
CA ALA N 568 -102.34 -16.63 -53.86
C ALA N 568 -101.02 -15.84 -54.03
N ALA N 569 -100.42 -15.84 -55.23
CA ALA N 569 -99.21 -15.08 -55.50
C ALA N 569 -99.41 -13.54 -55.41
N VAL N 570 -100.54 -13.02 -55.88
CA VAL N 570 -100.89 -11.59 -55.72
C VAL N 570 -101.16 -11.25 -54.26
N ASP N 571 -101.91 -12.09 -53.55
CA ASP N 571 -102.28 -11.84 -52.16
C ASP N 571 -101.07 -11.90 -51.22
N ALA N 572 -100.07 -12.73 -51.51
CA ALA N 572 -98.77 -12.71 -50.82
C ALA N 572 -98.03 -11.37 -50.99
N GLU N 573 -97.99 -10.81 -52.20
CA GLU N 573 -97.28 -9.53 -52.44
C GLU N 573 -97.98 -8.33 -51.81
N VAL N 574 -99.32 -8.32 -51.73
CA VAL N 574 -100.07 -7.25 -51.04
C VAL N 574 -99.66 -7.16 -49.56
N VAL N 575 -99.48 -8.30 -48.88
CA VAL N 575 -99.05 -8.34 -47.48
C VAL N 575 -97.65 -7.73 -47.32
N GLN N 576 -96.66 -8.17 -48.10
CA GLN N 576 -95.30 -7.66 -47.99
C GLN N 576 -95.23 -6.15 -48.28
N PHE N 577 -96.02 -5.66 -49.24
CA PHE N 577 -96.14 -4.22 -49.50
C PHE N 577 -96.80 -3.45 -48.35
N MET N 578 -97.96 -3.88 -47.84
CA MET N 578 -98.64 -3.21 -46.72
C MET N 578 -97.79 -3.20 -45.44
N ASN N 579 -96.99 -4.24 -45.18
CA ASN N 579 -96.00 -4.24 -44.10
C ASN N 579 -94.94 -3.15 -44.28
N SER N 580 -94.42 -2.95 -45.50
CA SER N 580 -93.47 -1.86 -45.77
C SER N 580 -94.07 -0.49 -45.51
N MET N 581 -95.29 -0.22 -45.98
CA MET N 581 -95.94 1.08 -45.76
C MET N 581 -96.19 1.35 -44.27
N ALA N 582 -96.59 0.34 -43.51
CA ALA N 582 -96.82 0.43 -42.07
C ALA N 582 -95.55 0.75 -41.27
N LYS N 583 -94.48 -0.05 -41.42
CA LYS N 583 -93.26 0.11 -40.59
C LYS N 583 -92.50 1.43 -40.84
N ASN N 584 -92.71 2.06 -41.99
CA ASN N 584 -92.13 3.36 -42.36
C ASN N 584 -93.06 4.55 -42.07
N ASN N 585 -94.27 4.33 -41.54
CA ASN N 585 -95.29 5.36 -41.32
C ASN N 585 -95.62 6.23 -42.57
N ILE N 586 -95.52 5.66 -43.77
CA ILE N 586 -95.78 6.40 -45.03
C ILE N 586 -97.29 6.66 -45.17
N THR N 587 -97.69 7.89 -45.51
CA THR N 587 -99.09 8.31 -45.62
C THR N 587 -99.75 7.90 -46.96
N TYR N 588 -99.63 6.62 -47.33
CA TYR N 588 -100.07 6.09 -48.64
C TYR N 588 -101.56 6.34 -48.91
N LYS N 589 -102.38 6.33 -47.87
CA LYS N 589 -103.82 6.64 -47.85
C LYS N 589 -104.17 8.05 -48.33
N ASP N 590 -103.26 9.02 -48.19
CA ASP N 590 -103.40 10.36 -48.80
C ASP N 590 -102.63 10.49 -50.12
N LEU N 591 -101.51 9.79 -50.31
CA LEU N 591 -100.77 9.80 -51.58
C LEU N 591 -101.56 9.23 -52.77
N VAL N 592 -102.48 8.28 -52.56
CA VAL N 592 -103.40 7.80 -53.62
C VAL N 592 -104.28 8.94 -54.17
N LYS N 593 -104.81 9.82 -53.32
CA LYS N 593 -105.72 10.90 -53.73
C LYS N 593 -105.12 11.85 -54.76
N SER N 594 -103.82 12.09 -54.72
CA SER N 594 -103.12 13.04 -55.59
C SER N 594 -102.32 12.39 -56.75
N CYS N 595 -102.48 11.09 -57.04
CA CYS N 595 -101.72 10.45 -58.13
C CYS N 595 -102.28 10.78 -59.54
N TYR N 596 -101.39 10.89 -60.53
CA TYR N 596 -101.66 11.20 -61.94
C TYR N 596 -101.03 10.15 -62.86
N HIS N 597 -101.67 9.82 -63.98
CA HIS N 597 -100.95 9.27 -65.14
C HIS N 597 -100.06 10.34 -65.77
N VAL N 598 -98.86 9.98 -66.21
CA VAL N 598 -97.94 10.90 -66.86
C VAL N 598 -97.41 10.33 -68.17
N MET N 599 -97.41 11.12 -69.24
CA MET N 599 -96.73 10.82 -70.51
C MET N 599 -95.77 11.94 -70.88
N GLN N 600 -94.61 11.61 -71.43
CA GLN N 600 -93.63 12.58 -71.90
C GLN N 600 -93.70 12.71 -73.43
N TYR N 601 -93.94 13.90 -73.94
CA TYR N 601 -93.79 14.24 -75.35
C TYR N 601 -92.36 14.77 -75.57
N SER N 602 -91.57 14.08 -76.39
CA SER N 602 -90.15 14.41 -76.62
C SER N 602 -89.98 15.72 -77.41
N CYS N 603 -88.96 16.53 -77.08
CA CYS N 603 -88.60 17.75 -77.83
C CYS N 603 -87.38 17.59 -78.74
N ASN N 604 -86.87 16.38 -78.96
CA ASN N 604 -85.79 16.13 -79.90
C ASN N 604 -86.35 15.94 -81.33
N PRO N 605 -85.96 16.75 -82.34
CA PRO N 605 -86.41 16.54 -83.72
C PRO N 605 -85.91 15.24 -84.35
N PHE N 606 -84.77 14.69 -83.91
CA PHE N 606 -84.22 13.44 -84.43
C PHE N 606 -84.88 12.18 -83.85
N ALA N 607 -85.63 12.28 -82.75
CA ALA N 607 -86.42 11.18 -82.18
C ALA N 607 -87.72 10.86 -82.94
N GLN N 608 -88.20 11.74 -83.81
CA GLN N 608 -89.43 11.55 -84.59
C GLN N 608 -89.29 10.42 -85.63
N PRO N 609 -90.37 9.78 -86.10
CA PRO N 609 -90.30 8.73 -87.13
C PRO N 609 -89.80 9.28 -88.47
N ALA N 610 -89.12 8.45 -89.27
CA ALA N 610 -88.51 8.81 -90.55
C ALA N 610 -89.52 9.06 -91.69
N CYS N 611 -90.30 10.12 -91.56
CA CYS N 611 -91.29 10.62 -92.50
C CYS N 611 -91.22 12.17 -92.53
N PRO N 612 -91.17 12.81 -93.71
CA PRO N 612 -91.21 14.26 -93.82
C PRO N 612 -92.51 14.93 -93.34
N ILE N 613 -93.65 14.23 -93.24
CA ILE N 613 -94.88 14.79 -92.64
C ILE N 613 -94.70 15.00 -91.13
N PHE N 614 -93.99 14.12 -90.44
CA PHE N 614 -93.70 14.30 -89.03
C PHE N 614 -92.79 15.50 -88.71
N THR N 615 -91.99 16.00 -89.66
CA THR N 615 -91.31 17.30 -89.52
C THR N 615 -92.32 18.43 -89.31
N GLN N 616 -93.32 18.55 -90.17
CA GLN N 616 -94.37 19.56 -90.04
C GLN N 616 -95.26 19.38 -88.80
N LEU N 617 -95.69 18.15 -88.49
CA LEU N 617 -96.47 17.89 -87.28
C LEU N 617 -95.70 18.24 -85.99
N PHE N 618 -94.40 17.92 -85.89
CA PHE N 618 -93.59 18.28 -84.73
C PHE N 618 -93.40 19.79 -84.58
N TYR N 619 -92.96 20.50 -85.63
CA TYR N 619 -92.73 21.95 -85.62
C TYR N 619 -94.01 22.73 -85.28
N ARG N 620 -95.16 22.37 -85.86
CA ARG N 620 -96.45 23.03 -85.59
C ARG N 620 -97.01 22.71 -84.21
N SER N 621 -96.76 21.52 -83.67
CA SER N 621 -97.11 21.20 -82.28
C SER N 621 -96.30 22.06 -81.30
N LEU N 622 -94.99 22.19 -81.50
CA LEU N 622 -94.13 23.04 -80.67
C LEU N 622 -94.52 24.53 -80.71
N LEU N 623 -94.73 25.11 -81.90
CA LEU N 623 -95.14 26.52 -82.02
C LEU N 623 -96.48 26.77 -81.32
N THR N 624 -97.43 25.84 -81.40
CA THR N 624 -98.74 25.97 -80.74
C THR N 624 -98.64 25.91 -79.23
N ILE N 625 -97.82 25.01 -78.68
CA ILE N 625 -97.65 24.87 -77.24
C ILE N 625 -96.97 26.11 -76.64
N LEU N 626 -95.98 26.70 -77.32
CA LEU N 626 -95.34 27.93 -76.86
C LEU N 626 -96.29 29.13 -76.86
N GLN N 627 -97.19 29.24 -77.83
CA GLN N 627 -98.24 30.27 -77.81
C GLN N 627 -99.17 30.08 -76.62
N ASP N 628 -99.71 28.88 -76.41
CA ASP N 628 -100.66 28.59 -75.34
C ASP N 628 -100.07 28.80 -73.92
N ILE N 629 -98.80 28.45 -73.70
CA ILE N 629 -98.09 28.74 -72.45
C ILE N 629 -97.94 30.25 -72.23
N SER N 630 -97.72 31.05 -73.28
CA SER N 630 -97.46 32.48 -73.15
C SER N 630 -98.68 33.35 -72.82
N LEU N 631 -99.91 32.88 -73.05
CA LEU N 631 -101.11 33.72 -72.96
C LEU N 631 -101.29 34.44 -71.61
N PRO N 632 -101.25 33.80 -70.44
CA PRO N 632 -101.44 34.50 -69.17
C PRO N 632 -100.26 35.39 -68.78
N ILE N 633 -99.04 35.07 -69.23
CA ILE N 633 -97.84 35.90 -69.02
C ILE N 633 -97.99 37.26 -69.71
N CYS N 634 -98.48 37.25 -70.95
CA CYS N 634 -98.79 38.45 -71.72
C CYS N 634 -99.95 39.25 -71.11
N MET N 635 -101.03 38.57 -70.70
CA MET N 635 -102.18 39.20 -70.06
C MET N 635 -101.81 39.95 -68.77
N CYS N 636 -101.02 39.34 -67.88
CA CYS N 636 -100.64 40.00 -66.63
C CYS N 636 -99.72 41.21 -66.87
N TYR N 637 -98.78 41.11 -67.81
CA TYR N 637 -97.94 42.25 -68.17
C TYR N 637 -98.76 43.39 -68.79
N GLU N 638 -99.73 43.09 -69.67
CA GLU N 638 -100.58 44.11 -70.27
C GLU N 638 -101.58 44.74 -69.28
N ASN N 639 -102.11 43.98 -68.31
CA ASN N 639 -102.92 44.53 -67.22
C ASN N 639 -102.15 45.59 -66.41
N ASP N 640 -100.84 45.44 -66.24
CA ASP N 640 -99.96 46.42 -65.58
C ASP N 640 -99.46 47.55 -66.49
N ASN N 641 -99.49 47.34 -67.82
CA ASN N 641 -98.93 48.25 -68.83
C ASN N 641 -99.91 48.40 -70.01
N PRO N 642 -101.08 49.03 -69.81
CA PRO N 642 -102.21 48.94 -70.74
C PRO N 642 -101.93 49.47 -72.14
N GLY N 643 -102.67 48.96 -73.12
CA GLY N 643 -102.54 49.36 -74.53
C GLY N 643 -102.92 50.81 -74.82
N LEU N 644 -103.91 51.38 -74.13
CA LEU N 644 -104.32 52.80 -74.24
C LEU N 644 -104.54 53.26 -75.69
N GLY N 645 -105.13 52.40 -76.53
CA GLY N 645 -105.38 52.68 -77.95
C GLY N 645 -104.18 52.55 -78.89
N GLN N 646 -102.98 52.21 -78.40
CA GLN N 646 -101.85 51.88 -79.27
C GLN N 646 -102.10 50.62 -80.10
N SER N 647 -101.59 50.58 -81.32
CA SER N 647 -101.51 49.34 -82.11
C SER N 647 -100.44 48.40 -81.51
N PRO N 648 -100.54 47.07 -81.69
CA PRO N 648 -99.55 46.15 -81.13
C PRO N 648 -98.09 46.42 -81.53
N PRO N 649 -97.74 46.75 -82.78
CA PRO N 649 -96.36 47.08 -83.15
C PRO N 649 -95.77 48.29 -82.40
N GLU N 650 -96.59 49.32 -82.11
CA GLU N 650 -96.18 50.46 -81.28
C GLU N 650 -95.96 50.05 -79.82
N TRP N 651 -96.89 49.29 -79.23
CA TRP N 651 -96.80 48.84 -77.84
C TRP N 651 -95.61 47.89 -77.61
N LEU N 652 -95.35 46.96 -78.53
CA LEU N 652 -94.23 46.02 -78.46
C LEU N 652 -92.85 46.71 -78.56
N LYS N 653 -92.76 47.85 -79.26
CA LYS N 653 -91.50 48.60 -79.44
C LYS N 653 -90.87 48.99 -78.10
N GLY N 654 -91.67 49.45 -77.15
CA GLY N 654 -91.25 49.71 -75.77
C GLY N 654 -91.15 48.46 -74.90
N HIS N 655 -92.13 47.56 -74.96
CA HIS N 655 -92.31 46.50 -73.94
C HIS N 655 -91.67 45.14 -74.22
N TYR N 656 -91.30 44.79 -75.46
CA TYR N 656 -91.01 43.39 -75.79
C TYR N 656 -89.75 42.81 -75.13
N GLN N 657 -88.67 43.59 -74.99
CA GLN N 657 -87.43 43.12 -74.34
C GLN N 657 -87.68 42.63 -72.91
N THR N 658 -88.51 43.33 -72.14
CA THR N 658 -88.91 42.93 -70.80
C THR N 658 -89.79 41.69 -70.83
N LEU N 659 -90.75 41.62 -71.75
CA LEU N 659 -91.63 40.46 -71.90
C LEU N 659 -90.88 39.15 -72.25
N CYS N 660 -89.81 39.17 -73.05
CA CYS N 660 -88.93 38.02 -73.28
C CYS N 660 -88.37 37.41 -71.98
N THR N 661 -87.96 38.26 -71.05
CA THR N 661 -87.31 37.86 -69.80
C THR N 661 -88.33 37.32 -68.79
N ASN N 662 -89.52 37.90 -68.73
CA ASN N 662 -90.65 37.30 -68.03
C ASN N 662 -90.98 35.90 -68.58
N PHE N 663 -91.07 35.73 -69.90
CA PHE N 663 -91.35 34.42 -70.49
C PHE N 663 -90.30 33.37 -70.09
N ARG N 664 -89.00 33.66 -70.24
CA ARG N 664 -87.93 32.73 -69.85
C ARG N 664 -88.01 32.31 -68.37
N SER N 665 -88.45 33.19 -67.48
CA SER N 665 -88.58 32.91 -66.04
C SER N 665 -89.86 32.15 -65.67
N LEU N 666 -90.96 32.34 -66.41
CA LEU N 666 -92.30 31.85 -66.06
C LEU N 666 -92.84 30.71 -66.94
N ALA N 667 -92.26 30.44 -68.11
CA ALA N 667 -92.68 29.36 -68.99
C ALA N 667 -92.01 28.01 -68.67
N ILE N 668 -90.79 28.02 -68.13
CA ILE N 668 -89.92 26.84 -68.01
C ILE N 668 -89.83 26.39 -66.55
N ASP N 669 -89.87 25.08 -66.32
CA ASP N 669 -89.93 24.43 -65.00
C ASP N 669 -91.19 24.73 -64.16
N LYS N 670 -92.25 25.28 -64.76
CA LYS N 670 -93.52 25.61 -64.10
C LYS N 670 -94.66 24.61 -64.33
N GLY N 671 -94.39 23.45 -64.93
CA GLY N 671 -95.26 22.28 -64.94
C GLY N 671 -95.59 21.65 -66.29
N VAL N 672 -95.17 22.25 -67.42
CA VAL N 672 -95.39 21.68 -68.78
C VAL N 672 -94.07 21.46 -69.49
N LEU N 673 -93.29 22.52 -69.71
CA LEU N 673 -92.08 22.52 -70.52
C LEU N 673 -90.84 22.50 -69.63
N THR N 674 -89.90 21.60 -69.89
CA THR N 674 -88.57 21.60 -69.28
C THR N 674 -87.49 21.84 -70.33
N ALA N 675 -86.54 22.71 -69.99
CA ALA N 675 -85.38 23.04 -70.82
C ALA N 675 -84.20 23.43 -69.93
N LYS N 676 -82.97 23.16 -70.38
CA LYS N 676 -81.73 23.44 -69.65
C LYS N 676 -80.93 24.51 -70.40
N GLU N 677 -80.60 25.62 -69.76
CA GLU N 677 -79.63 26.56 -70.30
C GLU N 677 -78.19 26.09 -70.07
N ALA N 678 -77.31 26.40 -71.01
CA ALA N 678 -75.91 26.02 -70.97
C ALA N 678 -75.03 27.04 -71.69
N LYS N 679 -73.75 27.11 -71.32
CA LYS N 679 -72.73 27.86 -72.04
C LYS N 679 -71.89 26.93 -72.93
N VAL N 680 -71.64 27.35 -74.16
CA VAL N 680 -70.83 26.60 -75.13
C VAL N 680 -69.44 27.21 -75.19
N VAL N 681 -68.41 26.38 -75.05
CA VAL N 681 -67.00 26.80 -75.08
C VAL N 681 -66.19 25.93 -76.03
N HIS N 682 -65.21 26.52 -76.71
CA HIS N 682 -64.24 25.79 -77.52
C HIS N 682 -62.87 25.76 -76.84
N GLY N 683 -62.24 24.58 -76.80
CA GLY N 683 -61.04 24.33 -75.99
C GLY N 683 -59.74 24.91 -76.57
N GLU N 684 -59.48 24.69 -77.86
CA GLU N 684 -58.26 25.18 -78.53
C GLU N 684 -58.39 26.64 -79.00
N PRO N 685 -57.30 27.44 -79.02
CA PRO N 685 -57.32 28.81 -79.54
C PRO N 685 -57.28 28.88 -81.07
N THR N 686 -56.91 27.79 -81.74
CA THR N 686 -56.86 27.60 -83.20
C THR N 686 -57.39 26.21 -83.55
N CYS N 687 -57.76 25.94 -84.80
CA CYS N 687 -58.10 24.57 -85.21
C CYS N 687 -57.67 24.24 -86.65
N ASP N 688 -57.45 22.95 -86.93
CA ASP N 688 -57.01 22.49 -88.25
C ASP N 688 -58.15 22.60 -89.27
N LEU N 689 -58.01 23.51 -90.23
CA LEU N 689 -59.02 23.82 -91.25
C LEU N 689 -58.37 24.04 -92.62
N PRO N 690 -59.09 23.84 -93.73
CA PRO N 690 -58.54 24.09 -95.06
C PRO N 690 -58.38 25.60 -95.31
N ASP N 691 -57.38 25.97 -96.11
CA ASP N 691 -57.18 27.35 -96.53
C ASP N 691 -58.25 27.73 -97.59
N LEU N 692 -59.33 28.40 -97.17
CA LEU N 692 -60.51 28.61 -97.98
C LEU N 692 -60.23 29.54 -99.18
N ASP N 693 -59.26 30.45 -99.07
CA ASP N 693 -58.81 31.29 -100.17
C ASP N 693 -58.10 30.45 -101.25
N ALA N 694 -57.21 29.52 -100.86
CA ALA N 694 -56.62 28.58 -101.81
C ALA N 694 -57.65 27.60 -102.41
N ALA N 695 -58.59 27.12 -101.59
CA ALA N 695 -59.61 26.16 -102.00
C ALA N 695 -60.59 26.74 -103.04
N LEU N 696 -60.94 28.03 -102.92
CA LEU N 696 -61.71 28.76 -103.93
C LEU N 696 -60.98 28.81 -105.28
N GLN N 697 -59.64 28.83 -105.30
CA GLN N 697 -58.80 28.75 -106.51
C GLN N 697 -58.35 27.32 -106.86
N GLY N 698 -58.88 26.28 -106.20
CA GLY N 698 -58.64 24.87 -106.54
C GLY N 698 -57.44 24.19 -105.86
N ARG N 699 -56.71 24.88 -104.98
CA ARG N 699 -55.53 24.36 -104.25
C ARG N 699 -55.92 23.97 -102.83
N VAL N 700 -55.55 22.76 -102.41
CA VAL N 700 -55.98 22.18 -101.12
C VAL N 700 -54.81 21.98 -100.17
N TYR N 701 -54.80 22.70 -99.05
CA TYR N 701 -53.86 22.50 -97.93
C TYR N 701 -54.37 23.11 -96.61
N GLY N 702 -53.83 22.64 -95.48
CA GLY N 702 -54.29 23.00 -94.13
C GLY N 702 -53.68 24.27 -93.53
N ARG N 703 -54.39 24.86 -92.57
CA ARG N 703 -53.99 26.04 -91.78
C ARG N 703 -54.57 25.93 -90.38
N ARG N 704 -53.88 26.48 -89.36
CA ARG N 704 -54.40 26.58 -87.98
C ARG N 704 -54.97 27.96 -87.70
N LEU N 705 -56.18 28.20 -88.19
CA LEU N 705 -56.89 29.46 -88.07
C LEU N 705 -57.29 29.75 -86.60
N PRO N 706 -57.01 30.96 -86.06
CA PRO N 706 -57.57 31.42 -84.79
C PRO N 706 -59.10 31.45 -84.81
N VAL N 707 -59.75 30.95 -83.75
CA VAL N 707 -61.22 30.81 -83.68
C VAL N 707 -61.81 31.25 -82.34
N ARG N 708 -63.02 31.79 -82.36
CA ARG N 708 -63.84 32.09 -81.18
C ARG N 708 -65.35 31.95 -81.46
N MET N 709 -66.15 31.71 -80.43
CA MET N 709 -67.61 31.55 -80.59
C MET N 709 -68.31 32.89 -80.88
N SER N 710 -69.23 32.93 -81.83
CA SER N 710 -70.10 34.09 -82.09
C SER N 710 -71.35 34.14 -81.19
N LYS N 711 -71.74 33.02 -80.58
CA LYS N 711 -72.79 32.91 -79.55
C LYS N 711 -72.35 31.93 -78.46
N VAL N 712 -72.62 32.25 -77.20
CA VAL N 712 -72.20 31.43 -76.04
C VAL N 712 -73.38 30.71 -75.39
N LEU N 713 -74.56 31.33 -75.29
CA LEU N 713 -75.74 30.73 -74.66
C LEU N 713 -76.47 29.76 -75.60
N MET N 714 -76.90 28.62 -75.05
CA MET N 714 -77.72 27.60 -75.72
C MET N 714 -78.87 27.17 -74.80
N LEU N 715 -80.08 26.99 -75.37
CA LEU N 715 -81.27 26.56 -74.64
C LEU N 715 -81.69 25.16 -75.12
N CYS N 716 -81.23 24.12 -74.43
CA CYS N 716 -81.48 22.74 -74.78
C CYS N 716 -82.89 22.31 -74.32
N PRO N 717 -83.84 21.99 -75.21
CA PRO N 717 -85.16 21.53 -74.80
C PRO N 717 -85.11 20.07 -74.33
N ARG N 718 -86.02 19.67 -73.43
CA ARG N 718 -86.05 18.31 -72.87
C ARG N 718 -87.38 17.59 -73.14
N ASN N 719 -88.44 17.88 -72.40
CA ASN N 719 -89.76 17.26 -72.60
C ASN N 719 -90.91 18.24 -72.40
N ILE N 720 -92.05 17.93 -73.02
CA ILE N 720 -93.38 18.45 -72.67
C ILE N 720 -94.12 17.35 -71.91
N LYS N 721 -94.72 17.67 -70.77
CA LYS N 721 -95.31 16.70 -69.83
C LYS N 721 -96.83 16.74 -69.87
N ILE N 722 -97.47 15.60 -70.12
CA ILE N 722 -98.93 15.45 -70.20
C ILE N 722 -99.43 14.68 -68.96
N LYS N 723 -100.47 15.17 -68.29
CA LYS N 723 -101.00 14.64 -67.02
C LYS N 723 -102.48 14.29 -67.10
N ASN N 724 -102.90 13.21 -66.45
CA ASN N 724 -104.32 12.86 -66.26
C ASN N 724 -104.62 12.39 -64.84
N ARG N 725 -105.61 12.96 -64.16
CA ARG N 725 -105.95 12.64 -62.75
C ARG N 725 -106.59 11.26 -62.61
N VAL N 726 -106.14 10.46 -61.65
CA VAL N 726 -106.60 9.07 -61.46
C VAL N 726 -107.87 8.97 -60.62
N VAL N 727 -107.95 9.63 -59.47
CA VAL N 727 -109.02 9.41 -58.47
C VAL N 727 -109.98 10.59 -58.42
N PHE N 728 -111.25 10.29 -58.64
CA PHE N 728 -112.37 11.17 -58.30
C PHE N 728 -112.71 11.01 -56.81
N THR N 729 -112.71 12.11 -56.06
CA THR N 729 -112.87 12.14 -54.59
C THR N 729 -114.29 12.41 -54.09
N GLY N 730 -115.28 12.51 -54.98
CA GLY N 730 -116.67 12.80 -54.62
C GLY N 730 -116.96 14.26 -54.23
N GLU N 731 -115.97 15.14 -54.22
CA GLU N 731 -116.12 16.53 -53.75
C GLU N 731 -116.96 17.41 -54.67
N ASN N 732 -116.84 17.25 -55.99
CA ASN N 732 -117.64 18.00 -56.97
C ASN N 732 -118.99 17.30 -57.22
N ALA N 733 -120.04 17.75 -56.53
CA ALA N 733 -121.33 17.09 -56.43
C ALA N 733 -122.09 16.96 -57.77
N ALA N 734 -121.77 17.78 -58.78
CA ALA N 734 -122.37 17.69 -60.11
C ALA N 734 -121.92 16.45 -60.90
N LEU N 735 -120.75 15.88 -60.57
CA LEU N 735 -120.06 14.87 -61.39
C LEU N 735 -120.31 13.41 -60.96
N GLN N 736 -120.77 13.18 -59.73
CA GLN N 736 -120.77 11.85 -59.08
C GLN N 736 -121.41 10.74 -59.93
N ASN N 737 -122.48 11.05 -60.67
CA ASN N 737 -123.23 10.05 -61.45
C ASN N 737 -122.42 9.39 -62.58
N SER N 738 -121.33 10.01 -63.03
CA SER N 738 -120.42 9.40 -63.99
C SER N 738 -119.43 8.40 -63.35
N PHE N 739 -119.11 8.55 -62.07
CA PHE N 739 -118.10 7.74 -61.36
C PHE N 739 -118.64 6.69 -60.37
N ILE N 740 -119.89 6.80 -59.92
CA ILE N 740 -120.40 6.01 -58.77
C ILE N 740 -120.42 4.49 -59.02
N LYS N 741 -119.95 3.72 -58.03
CA LYS N 741 -119.91 2.25 -58.02
C LYS N 741 -121.22 1.68 -57.47
N SER N 742 -121.94 0.93 -58.30
CA SER N 742 -123.11 0.13 -57.88
C SER N 742 -122.71 -1.17 -57.19
N THR N 743 -123.58 -1.75 -56.35
CA THR N 743 -123.31 -2.98 -55.58
C THR N 743 -124.36 -4.10 -55.78
N THR N 744 -125.48 -3.83 -56.46
CA THR N 744 -126.57 -4.83 -56.62
C THR N 744 -126.20 -5.96 -57.58
N ARG N 745 -126.72 -7.17 -57.31
CA ARG N 745 -126.41 -8.43 -57.98
C ARG N 745 -127.02 -8.52 -59.39
N ARG N 746 -126.22 -8.26 -60.43
CA ARG N 746 -126.62 -8.31 -61.84
C ARG N 746 -126.67 -9.74 -62.38
N GLU N 747 -127.41 -9.96 -63.46
CA GLU N 747 -127.41 -11.23 -64.20
C GLU N 747 -126.19 -11.40 -65.13
N ASN N 748 -125.54 -10.32 -65.58
CA ASN N 748 -124.37 -10.37 -66.46
C ASN N 748 -123.03 -10.65 -65.73
N TYR N 749 -123.05 -10.97 -64.44
CA TYR N 749 -121.87 -10.97 -63.58
C TYR N 749 -120.78 -11.97 -64.00
N ILE N 750 -121.10 -13.09 -64.64
CA ILE N 750 -120.11 -14.01 -65.19
C ILE N 750 -119.60 -13.48 -66.53
N ILE N 751 -120.50 -13.20 -67.49
CA ILE N 751 -120.12 -12.84 -68.87
C ILE N 751 -119.45 -11.45 -68.98
N ASN N 752 -119.74 -10.51 -68.08
CA ASN N 752 -119.02 -9.24 -67.89
C ASN N 752 -118.03 -9.30 -66.70
N GLY N 753 -117.74 -10.50 -66.19
CA GLY N 753 -116.82 -10.73 -65.09
C GLY N 753 -115.38 -11.03 -65.52
N PRO N 754 -114.50 -11.35 -64.57
CA PRO N 754 -113.05 -11.46 -64.81
C PRO N 754 -112.62 -12.72 -65.58
N TYR N 755 -113.47 -13.73 -65.75
CA TYR N 755 -113.09 -15.01 -66.35
C TYR N 755 -113.53 -15.24 -67.80
N MET N 756 -114.48 -14.48 -68.34
CA MET N 756 -115.14 -14.80 -69.62
C MET N 756 -114.18 -14.93 -70.81
N LYS N 757 -113.17 -14.05 -70.93
CA LYS N 757 -112.18 -14.15 -72.00
C LYS N 757 -111.35 -15.44 -71.94
N PHE N 758 -110.96 -15.89 -70.74
CA PHE N 758 -110.28 -17.18 -70.55
C PHE N 758 -111.21 -18.37 -70.78
N LEU N 759 -112.45 -18.32 -70.30
CA LEU N 759 -113.46 -19.34 -70.54
C LEU N 759 -113.76 -19.52 -72.04
N ASN N 760 -113.59 -18.47 -72.84
CA ASN N 760 -113.66 -18.55 -74.29
C ASN N 760 -112.37 -19.11 -74.92
N THR N 761 -111.19 -18.57 -74.57
CA THR N 761 -109.89 -19.04 -75.09
C THR N 761 -109.67 -20.55 -74.87
N TYR N 762 -110.12 -21.10 -73.74
CA TYR N 762 -109.97 -22.52 -73.38
C TYR N 762 -111.24 -23.36 -73.58
N HIS N 763 -112.27 -22.86 -74.28
CA HIS N 763 -113.56 -23.54 -74.44
C HIS N 763 -113.45 -24.97 -74.99
N LYS N 764 -112.67 -25.18 -76.06
CA LYS N 764 -112.49 -26.50 -76.67
C LYS N 764 -111.72 -27.50 -75.79
N THR N 765 -110.94 -27.05 -74.81
CA THR N 765 -110.31 -27.93 -73.80
C THR N 765 -111.21 -28.17 -72.58
N LEU N 766 -112.04 -27.19 -72.16
CA LEU N 766 -113.01 -27.39 -71.09
C LEU N 766 -114.23 -28.23 -71.51
N PHE N 767 -114.78 -28.05 -72.71
CA PHE N 767 -115.97 -28.77 -73.18
C PHE N 767 -115.74 -29.36 -74.58
N PRO N 768 -114.96 -30.46 -74.69
CA PRO N 768 -114.60 -31.10 -75.96
C PRO N 768 -115.81 -31.39 -76.86
N ASP N 769 -115.75 -30.90 -78.09
CA ASP N 769 -116.76 -31.06 -79.14
C ASP N 769 -118.21 -30.60 -78.81
N THR N 770 -118.42 -29.67 -77.87
CA THR N 770 -119.77 -29.13 -77.63
C THR N 770 -120.23 -28.19 -78.75
N LYS N 771 -121.53 -28.22 -79.10
CA LYS N 771 -122.12 -27.33 -80.11
C LYS N 771 -122.37 -25.90 -79.60
N LEU N 772 -122.51 -25.74 -78.29
CA LEU N 772 -122.85 -24.49 -77.59
C LEU N 772 -121.77 -23.41 -77.77
N SER N 773 -122.16 -22.16 -77.96
CA SER N 773 -121.25 -21.03 -77.77
C SER N 773 -120.86 -20.87 -76.31
N SER N 774 -119.64 -20.42 -76.04
CA SER N 774 -119.15 -20.16 -74.68
C SER N 774 -120.03 -19.12 -73.95
N LEU N 775 -120.47 -18.08 -74.65
CA LEU N 775 -121.38 -17.05 -74.16
C LEU N 775 -122.73 -17.65 -73.72
N TYR N 776 -123.35 -18.50 -74.53
CA TYR N 776 -124.60 -19.13 -74.12
C TYR N 776 -124.43 -20.14 -72.99
N LEU N 777 -123.36 -20.94 -72.96
CA LEU N 777 -123.11 -21.90 -71.89
C LEU N 777 -123.08 -21.23 -70.51
N TRP N 778 -122.29 -20.17 -70.37
CA TRP N 778 -122.16 -19.43 -69.12
C TRP N 778 -123.32 -18.49 -68.80
N HIS N 779 -124.09 -18.02 -69.78
CA HIS N 779 -125.33 -17.28 -69.54
C HIS N 779 -126.49 -18.21 -69.09
N ASN N 780 -126.57 -19.40 -69.66
CA ASN N 780 -127.46 -20.48 -69.22
C ASN N 780 -127.14 -20.88 -67.78
N PHE N 781 -125.85 -21.04 -67.43
CA PHE N 781 -125.44 -21.28 -66.05
C PHE N 781 -125.84 -20.13 -65.12
N SER N 782 -125.60 -18.88 -65.55
CA SER N 782 -126.00 -17.64 -64.86
C SER N 782 -127.51 -17.47 -64.61
N ARG N 783 -128.38 -18.32 -65.19
CA ARG N 783 -129.84 -18.20 -65.04
C ARG N 783 -130.55 -19.51 -64.66
N ARG N 784 -129.98 -20.68 -64.96
CA ARG N 784 -130.58 -22.00 -64.71
C ARG N 784 -129.76 -22.90 -63.78
N ARG N 785 -128.55 -22.51 -63.40
CA ARG N 785 -127.65 -23.26 -62.49
C ARG N 785 -127.34 -24.68 -62.97
N SER N 786 -126.96 -24.86 -64.23
CA SER N 786 -126.58 -26.17 -64.78
C SER N 786 -125.42 -26.13 -65.79
N VAL N 787 -124.65 -27.21 -65.89
CA VAL N 787 -123.40 -27.30 -66.65
C VAL N 787 -123.29 -28.67 -67.35
N PRO N 788 -122.85 -28.74 -68.62
CA PRO N 788 -122.76 -30.01 -69.34
C PRO N 788 -121.48 -30.79 -69.00
N VAL N 789 -121.57 -32.11 -68.83
CA VAL N 789 -120.41 -32.97 -68.49
C VAL N 789 -120.05 -33.86 -69.69
N PRO N 790 -118.85 -33.72 -70.29
CA PRO N 790 -118.41 -34.55 -71.42
C PRO N 790 -118.49 -36.06 -71.16
N SER N 791 -118.62 -36.85 -72.23
CA SER N 791 -119.13 -38.23 -72.18
C SER N 791 -118.38 -39.18 -71.22
N GLY N 792 -117.05 -39.07 -71.12
CA GLY N 792 -116.22 -39.82 -70.17
C GLY N 792 -115.76 -39.04 -68.93
N ALA N 793 -115.93 -37.72 -68.90
CA ALA N 793 -115.47 -36.87 -67.79
C ALA N 793 -116.31 -37.03 -66.52
N SER N 794 -115.76 -36.65 -65.36
CA SER N 794 -116.42 -36.86 -64.05
C SER N 794 -117.35 -35.69 -63.68
N ALA N 795 -118.50 -35.97 -63.07
CA ALA N 795 -119.49 -34.94 -62.76
C ALA N 795 -118.99 -33.90 -61.75
N GLU N 796 -118.35 -34.32 -60.66
CA GLU N 796 -118.07 -33.42 -59.54
C GLU N 796 -116.96 -32.40 -59.86
N GLU N 797 -116.01 -32.80 -60.69
CA GLU N 797 -115.00 -31.95 -61.31
C GLU N 797 -115.59 -30.73 -62.04
N TYR N 798 -116.69 -30.89 -62.76
CA TYR N 798 -117.41 -29.78 -63.39
C TYR N 798 -118.29 -29.01 -62.42
N SER N 799 -118.86 -29.66 -61.39
CA SER N 799 -119.55 -28.91 -60.34
C SER N 799 -118.60 -27.96 -59.59
N ASP N 800 -117.34 -28.35 -59.40
CA ASP N 800 -116.32 -27.46 -58.81
C ASP N 800 -115.93 -26.30 -59.72
N LEU N 801 -115.63 -26.55 -61.01
CA LEU N 801 -115.38 -25.50 -62.00
C LEU N 801 -116.46 -24.41 -62.00
N ALA N 802 -117.73 -24.83 -61.98
CA ALA N 802 -118.86 -23.92 -61.93
C ALA N 802 -118.87 -23.05 -60.66
N LEU N 803 -118.62 -23.65 -59.50
CA LEU N 803 -118.55 -22.92 -58.23
C LEU N 803 -117.34 -21.99 -58.15
N PHE N 804 -116.19 -22.31 -58.76
CA PHE N 804 -115.07 -21.38 -58.85
C PHE N 804 -115.44 -20.09 -59.65
N VAL N 805 -116.07 -20.26 -60.81
CA VAL N 805 -116.49 -19.18 -61.70
C VAL N 805 -117.53 -18.30 -61.03
N ASP N 806 -118.55 -18.89 -60.42
CA ASP N 806 -119.58 -18.19 -59.67
C ASP N 806 -118.99 -17.38 -58.50
N GLY N 807 -118.18 -18.04 -57.66
CA GLY N 807 -117.58 -17.42 -56.49
C GLY N 807 -116.75 -16.20 -56.81
N GLY N 808 -115.76 -16.35 -57.70
CA GLY N 808 -114.90 -15.24 -58.09
C GLY N 808 -115.64 -14.13 -58.81
N SER N 809 -116.65 -14.45 -59.63
CA SER N 809 -117.44 -13.43 -60.33
C SER N 809 -118.26 -12.57 -59.34
N ARG N 810 -118.91 -13.14 -58.33
CA ARG N 810 -119.59 -12.35 -57.28
C ARG N 810 -118.61 -11.57 -56.40
N ALA N 811 -117.45 -12.13 -56.04
CA ALA N 811 -116.42 -11.39 -55.32
C ALA N 811 -115.88 -10.19 -56.11
N HIS N 812 -115.69 -10.34 -57.42
CA HIS N 812 -115.31 -9.25 -58.33
C HIS N 812 -116.40 -8.18 -58.45
N GLU N 813 -117.67 -8.59 -58.56
CA GLU N 813 -118.83 -7.68 -58.64
C GLU N 813 -118.92 -6.75 -57.41
N GLU N 814 -118.70 -7.30 -56.22
CA GLU N 814 -118.57 -6.57 -54.96
C GLU N 814 -117.35 -5.63 -54.93
N SER N 815 -116.14 -6.15 -55.15
CA SER N 815 -114.90 -5.43 -54.86
C SER N 815 -114.35 -4.50 -55.96
N ASN N 816 -114.71 -4.68 -57.24
CA ASN N 816 -113.97 -4.03 -58.33
C ASN N 816 -114.27 -2.54 -58.56
N VAL N 817 -113.24 -1.71 -58.70
CA VAL N 817 -113.33 -0.29 -59.09
C VAL N 817 -112.50 0.06 -60.35
N ILE N 818 -112.02 -0.95 -61.07
CA ILE N 818 -111.24 -0.83 -62.31
C ILE N 818 -112.06 -1.41 -63.47
N ASP N 819 -112.63 -0.57 -64.34
CA ASP N 819 -113.65 -0.97 -65.32
C ASP N 819 -113.09 -1.67 -66.58
N VAL N 820 -112.48 -2.85 -66.40
CA VAL N 820 -111.77 -3.64 -67.40
C VAL N 820 -112.15 -5.11 -67.31
N VAL N 821 -112.32 -5.78 -68.45
CA VAL N 821 -112.41 -7.24 -68.55
C VAL N 821 -111.05 -7.74 -69.07
N PRO N 822 -110.19 -8.36 -68.24
CA PRO N 822 -108.79 -8.60 -68.58
C PRO N 822 -108.61 -9.70 -69.65
N GLY N 823 -107.72 -9.49 -70.61
CA GLY N 823 -107.45 -10.45 -71.68
C GLY N 823 -106.35 -11.49 -71.44
N ASN N 824 -105.45 -11.24 -70.48
CA ASN N 824 -104.30 -12.09 -70.17
C ASN N 824 -104.02 -12.13 -68.67
N LEU N 825 -103.29 -13.15 -68.20
CA LEU N 825 -103.06 -13.36 -66.76
C LEU N 825 -102.26 -12.23 -66.09
N VAL N 826 -101.38 -11.53 -66.80
CA VAL N 826 -100.66 -10.36 -66.25
C VAL N 826 -101.61 -9.20 -65.97
N THR N 827 -102.55 -8.91 -66.88
CA THR N 827 -103.56 -7.87 -66.66
C THR N 827 -104.55 -8.28 -65.58
N TYR N 828 -105.00 -9.54 -65.56
CA TYR N 828 -105.81 -10.11 -64.47
C TYR N 828 -105.14 -9.93 -63.09
N ALA N 829 -103.86 -10.30 -62.98
CA ALA N 829 -103.07 -10.14 -61.76
C ALA N 829 -102.92 -8.69 -61.32
N LYS N 830 -102.54 -7.78 -62.23
CA LYS N 830 -102.40 -6.34 -61.96
C LYS N 830 -103.72 -5.67 -61.57
N GLN N 831 -104.86 -6.08 -62.12
CA GLN N 831 -106.17 -5.62 -61.67
C GLN N 831 -106.44 -6.04 -60.22
N ARG N 832 -106.22 -7.32 -59.87
CA ARG N 832 -106.41 -7.85 -58.50
C ARG N 832 -105.55 -7.09 -57.48
N LEU N 833 -104.29 -6.81 -57.83
CA LEU N 833 -103.35 -6.05 -57.00
C LEU N 833 -103.82 -4.61 -56.73
N ASN N 834 -104.21 -3.86 -57.76
CA ASN N 834 -104.58 -2.45 -57.60
C ASN N 834 -105.95 -2.27 -56.93
N ASN N 835 -106.91 -3.18 -57.13
CA ASN N 835 -108.13 -3.23 -56.33
C ASN N 835 -107.84 -3.46 -54.82
N ALA N 836 -106.76 -4.16 -54.45
CA ALA N 836 -106.40 -4.33 -53.04
C ALA N 836 -105.84 -3.05 -52.41
N ILE N 837 -104.98 -2.31 -53.13
CA ILE N 837 -104.39 -1.06 -52.64
C ILE N 837 -105.45 0.01 -52.45
N LEU N 838 -106.38 0.17 -53.40
CA LEU N 838 -107.47 1.13 -53.31
C LEU N 838 -108.40 0.85 -52.11
N LYS N 839 -108.64 -0.42 -51.78
CA LYS N 839 -109.42 -0.82 -50.60
C LYS N 839 -108.73 -0.46 -49.27
N ALA N 840 -107.42 -0.68 -49.16
CA ALA N 840 -106.64 -0.24 -48.01
C ALA N 840 -106.64 1.30 -47.86
N CYS N 841 -106.75 2.05 -48.95
CA CYS N 841 -106.90 3.51 -48.92
C CYS N 841 -108.35 3.99 -48.68
N GLY N 842 -109.33 3.10 -48.50
CA GLY N 842 -110.74 3.46 -48.36
C GLY N 842 -111.42 3.98 -49.64
N GLN N 843 -110.84 3.75 -50.83
CA GLN N 843 -111.40 4.15 -52.12
C GLN N 843 -112.30 3.03 -52.68
N THR N 844 -113.59 3.11 -52.38
CA THR N 844 -114.58 2.04 -52.62
C THR N 844 -115.87 2.51 -53.29
N GLN N 845 -116.13 3.83 -53.29
CA GLN N 845 -117.39 4.42 -53.74
C GLN N 845 -117.42 4.74 -55.25
N PHE N 846 -116.25 4.85 -55.88
CA PHE N 846 -116.09 5.35 -57.25
C PHE N 846 -115.15 4.50 -58.09
N TYR N 847 -115.45 4.37 -59.39
CA TYR N 847 -114.46 3.95 -60.39
C TYR N 847 -113.31 4.97 -60.51
N ILE N 848 -112.09 4.49 -60.76
CA ILE N 848 -110.96 5.33 -61.14
C ILE N 848 -110.98 5.70 -62.64
N SER N 849 -110.30 6.79 -63.05
CA SER N 849 -110.07 7.09 -64.47
C SER N 849 -109.19 6.02 -65.15
N LEU N 850 -109.44 5.75 -66.42
CA LEU N 850 -108.64 4.87 -67.27
C LEU N 850 -108.08 5.62 -68.49
N ILE N 851 -106.86 5.29 -68.93
CA ILE N 851 -106.37 5.61 -70.28
C ILE N 851 -106.26 4.31 -71.08
N GLN N 852 -106.85 4.26 -72.28
CA GLN N 852 -106.72 3.13 -73.20
C GLN N 852 -105.90 3.50 -74.45
N GLY N 853 -104.96 2.63 -74.83
CA GLY N 853 -104.19 2.76 -76.05
C GLY N 853 -104.90 2.15 -77.25
N LEU N 854 -105.01 2.89 -78.35
CA LEU N 854 -105.46 2.40 -79.65
C LEU N 854 -104.23 2.05 -80.50
N VAL N 855 -104.04 0.78 -80.85
CA VAL N 855 -102.83 0.26 -81.50
C VAL N 855 -103.12 -0.23 -82.94
N PRO N 856 -102.42 0.26 -83.98
CA PRO N 856 -102.63 -0.15 -85.37
C PRO N 856 -102.37 -1.63 -85.65
N ARG N 857 -103.30 -2.29 -86.34
CA ARG N 857 -103.20 -3.65 -86.92
C ARG N 857 -103.35 -3.60 -88.43
N THR N 858 -102.41 -4.19 -89.16
CA THR N 858 -102.34 -4.13 -90.63
C THR N 858 -102.87 -5.44 -91.22
N GLN N 859 -103.79 -5.36 -92.19
CA GLN N 859 -104.49 -6.51 -92.77
C GLN N 859 -104.63 -6.44 -94.29
N SER N 860 -104.54 -7.58 -95.00
CA SER N 860 -104.75 -7.68 -96.45
C SER N 860 -106.19 -8.07 -96.76
N VAL N 861 -106.85 -7.34 -97.66
CA VAL N 861 -108.28 -7.47 -97.99
C VAL N 861 -108.48 -7.51 -99.51
N PRO N 862 -109.61 -8.03 -100.03
CA PRO N 862 -109.87 -8.02 -101.47
C PRO N 862 -110.03 -6.59 -102.01
N ALA N 863 -109.39 -6.29 -103.15
CA ALA N 863 -109.25 -4.92 -103.65
C ALA N 863 -110.50 -4.25 -104.23
N ARG N 864 -111.66 -4.93 -104.25
CA ARG N 864 -112.92 -4.49 -104.86
C ARG N 864 -113.30 -3.03 -104.56
N ASP N 865 -113.17 -2.60 -103.30
CA ASP N 865 -113.44 -1.22 -102.87
C ASP N 865 -112.17 -0.38 -102.57
N TYR N 866 -111.01 -0.77 -103.12
CA TYR N 866 -109.72 -0.10 -102.92
C TYR N 866 -109.08 0.20 -104.30
N PRO N 867 -109.68 1.11 -105.10
CA PRO N 867 -109.43 1.20 -106.54
C PRO N 867 -108.00 1.63 -106.89
N HIS N 868 -107.25 2.24 -105.99
CA HIS N 868 -105.88 2.70 -106.26
C HIS N 868 -104.89 1.58 -106.60
N VAL N 869 -105.18 0.31 -106.33
CA VAL N 869 -104.29 -0.80 -106.73
C VAL N 869 -104.17 -0.98 -108.25
N LEU N 870 -105.12 -0.45 -109.04
CA LEU N 870 -105.12 -0.51 -110.50
C LEU N 870 -104.10 0.41 -111.17
N GLY N 871 -103.56 1.41 -110.46
CA GLY N 871 -102.61 2.38 -111.00
C GLY N 871 -103.22 3.42 -111.95
N THR N 872 -102.40 4.04 -112.79
CA THR N 872 -102.82 5.06 -113.78
C THR N 872 -103.55 4.50 -115.01
N ARG N 873 -103.76 3.19 -115.06
CA ARG N 873 -104.59 2.42 -116.01
C ARG N 873 -105.90 3.13 -116.41
N ALA N 874 -106.24 3.13 -117.70
CA ALA N 874 -107.56 3.54 -118.16
C ALA N 874 -108.62 2.46 -117.88
N VAL N 875 -109.79 2.85 -117.37
CA VAL N 875 -110.90 1.94 -117.03
C VAL N 875 -112.10 2.28 -117.91
N GLU N 876 -112.56 1.31 -118.71
CA GLU N 876 -113.57 1.52 -119.76
C GLU N 876 -114.98 1.05 -119.36
N SER N 877 -115.12 0.05 -118.49
CA SER N 877 -116.41 -0.43 -118.00
C SER N 877 -116.34 -0.98 -116.57
N ALA N 878 -117.49 -1.05 -115.89
CA ALA N 878 -117.59 -1.63 -114.55
C ALA N 878 -117.28 -3.14 -114.54
N ALA N 879 -117.63 -3.85 -115.62
CA ALA N 879 -117.27 -5.26 -115.78
C ALA N 879 -115.74 -5.46 -115.88
N ALA N 880 -115.03 -4.58 -116.58
CA ALA N 880 -113.57 -4.61 -116.62
C ALA N 880 -112.93 -4.24 -115.27
N TYR N 881 -113.49 -3.27 -114.54
CA TYR N 881 -113.05 -2.96 -113.16
C TYR N 881 -113.21 -4.17 -112.22
N ALA N 882 -114.37 -4.84 -112.26
CA ALA N 882 -114.62 -6.05 -111.48
C ALA N 882 -113.66 -7.19 -111.86
N GLU N 883 -113.41 -7.40 -113.15
CA GLU N 883 -112.45 -8.41 -113.62
C GLU N 883 -111.03 -8.10 -113.14
N ALA N 884 -110.54 -6.89 -113.35
CA ALA N 884 -109.18 -6.49 -112.98
C ALA N 884 -108.92 -6.52 -111.47
N THR N 885 -109.92 -6.21 -110.63
CA THR N 885 -109.78 -6.28 -109.17
C THR N 885 -110.01 -7.69 -108.59
N SER N 886 -110.68 -8.61 -109.30
CA SER N 886 -111.07 -9.93 -108.77
C SER N 886 -109.91 -10.78 -108.22
N SER N 887 -108.70 -10.60 -108.73
CA SER N 887 -107.49 -11.35 -108.34
C SER N 887 -106.53 -10.57 -107.43
N LEU N 888 -106.88 -9.36 -106.97
CA LEU N 888 -105.98 -8.42 -106.30
C LEU N 888 -106.36 -8.16 -104.84
N THR N 889 -105.36 -7.87 -104.00
CA THR N 889 -105.53 -7.50 -102.59
C THR N 889 -104.90 -6.15 -102.25
N ALA N 890 -105.53 -5.42 -101.33
CA ALA N 890 -105.09 -4.14 -100.80
C ALA N 890 -104.71 -4.27 -99.32
N THR N 891 -103.66 -3.59 -98.90
CA THR N 891 -103.30 -3.44 -97.48
C THR N 891 -104.14 -2.34 -96.85
N THR N 892 -104.75 -2.60 -95.70
CA THR N 892 -105.53 -1.62 -94.92
C THR N 892 -105.15 -1.67 -93.44
N VAL N 893 -105.49 -0.63 -92.69
CA VAL N 893 -105.18 -0.52 -91.27
C VAL N 893 -106.43 -0.21 -90.46
N VAL N 894 -106.58 -0.87 -89.32
CA VAL N 894 -107.59 -0.60 -88.29
C VAL N 894 -106.89 -0.52 -86.93
N CYS N 895 -107.49 0.14 -85.95
CA CYS N 895 -106.96 0.21 -84.58
C CYS N 895 -107.71 -0.71 -83.62
N ALA N 896 -106.98 -1.40 -82.74
CA ALA N 896 -107.52 -2.23 -81.67
C ALA N 896 -107.25 -1.64 -80.28
N ALA N 897 -108.23 -1.68 -79.38
CA ALA N 897 -108.07 -1.18 -78.03
C ALA N 897 -107.29 -2.18 -77.16
N THR N 898 -106.18 -1.74 -76.61
CA THR N 898 -105.47 -2.45 -75.53
C THR N 898 -106.12 -2.16 -74.18
N ASP N 899 -106.14 -3.15 -73.29
CA ASP N 899 -106.58 -3.04 -71.89
C ASP N 899 -105.44 -2.70 -70.92
N CYS N 900 -104.24 -2.41 -71.43
CA CYS N 900 -102.99 -2.33 -70.67
C CYS N 900 -101.95 -1.39 -71.33
N LEU N 901 -102.18 -0.08 -71.27
CA LEU N 901 -101.29 0.94 -71.87
C LEU N 901 -99.82 0.84 -71.43
N SER N 902 -99.54 0.42 -70.19
CA SER N 902 -98.16 0.44 -69.66
C SER N 902 -97.17 -0.48 -70.41
N GLN N 903 -97.59 -1.65 -70.93
CA GLN N 903 -96.71 -2.49 -71.76
C GLN N 903 -96.42 -1.84 -73.13
N VAL N 904 -97.36 -1.09 -73.70
CA VAL N 904 -97.13 -0.32 -74.94
C VAL N 904 -96.12 0.80 -74.69
N CYS N 905 -96.21 1.53 -73.57
CA CYS N 905 -95.24 2.57 -73.22
C CYS N 905 -93.80 2.07 -73.00
N LYS N 906 -93.59 0.80 -72.64
CA LYS N 906 -92.24 0.19 -72.59
C LYS N 906 -91.59 0.02 -73.96
N ALA N 907 -92.36 -0.05 -75.05
CA ALA N 907 -91.89 -0.18 -76.43
C ALA N 907 -91.57 1.16 -77.13
N ARG N 908 -91.38 2.24 -76.38
CA ARG N 908 -91.01 3.61 -76.82
C ARG N 908 -91.87 4.13 -77.99
N PRO N 909 -93.19 4.28 -77.81
CA PRO N 909 -94.12 4.46 -78.92
C PRO N 909 -94.11 5.85 -79.56
N VAL N 910 -94.46 5.92 -80.84
CA VAL N 910 -94.99 7.13 -81.49
C VAL N 910 -96.43 7.33 -81.01
N VAL N 911 -96.79 8.53 -80.56
CA VAL N 911 -98.09 8.82 -79.93
C VAL N 911 -98.86 9.98 -80.58
N THR N 912 -100.19 9.92 -80.54
CA THR N 912 -101.10 11.04 -80.89
C THR N 912 -102.18 11.20 -79.83
N LEU N 913 -102.35 12.41 -79.29
CA LEU N 913 -103.23 12.70 -78.16
C LEU N 913 -103.81 14.13 -78.17
N PRO N 914 -104.96 14.39 -77.53
CA PRO N 914 -105.50 15.73 -77.33
C PRO N 914 -104.98 16.39 -76.04
N VAL N 915 -104.66 17.69 -76.06
CA VAL N 915 -104.24 18.43 -74.84
C VAL N 915 -104.90 19.80 -74.70
N THR N 916 -105.23 20.17 -73.46
CA THR N 916 -105.50 21.56 -73.03
C THR N 916 -104.44 21.97 -72.02
N ILE N 917 -103.84 23.16 -72.14
CA ILE N 917 -102.94 23.68 -71.11
C ILE N 917 -103.71 24.61 -70.15
N ASN N 918 -103.95 24.13 -68.93
CA ASN N 918 -104.63 24.86 -67.87
C ASN N 918 -103.63 25.58 -66.95
N LYS N 919 -103.95 26.78 -66.48
CA LYS N 919 -103.06 27.61 -65.67
C LYS N 919 -103.73 28.03 -64.35
N TYR N 920 -102.98 28.04 -63.26
CA TYR N 920 -103.51 28.21 -61.91
C TYR N 920 -102.48 28.83 -60.96
N THR N 921 -102.94 29.42 -59.85
CA THR N 921 -102.11 30.03 -58.81
C THR N 921 -101.43 28.97 -57.94
N GLY N 922 -100.26 29.28 -57.36
CA GLY N 922 -99.66 28.43 -56.32
C GLY N 922 -100.44 28.37 -55.00
N VAL N 923 -100.08 27.42 -54.14
CA VAL N 923 -100.65 27.24 -52.78
C VAL N 923 -99.88 28.03 -51.70
N ASN N 924 -100.34 27.95 -50.45
CA ASN N 924 -99.66 28.50 -49.26
C ASN N 924 -99.35 30.00 -49.38
N GLY N 925 -100.28 30.76 -49.95
CA GLY N 925 -100.15 32.21 -50.12
C GLY N 925 -99.30 32.65 -51.31
N ASN N 926 -98.76 31.73 -52.12
CA ASN N 926 -97.98 32.07 -53.31
C ASN N 926 -98.84 32.77 -54.39
N ASN N 927 -98.24 33.68 -55.17
CA ASN N 927 -98.92 34.44 -56.23
C ASN N 927 -98.41 34.15 -57.66
N GLN N 928 -97.51 33.17 -57.83
CA GLN N 928 -97.03 32.75 -59.16
C GLN N 928 -98.07 31.92 -59.92
N ILE N 929 -97.90 31.81 -61.24
CA ILE N 929 -98.71 31.00 -62.14
C ILE N 929 -97.97 29.68 -62.45
N PHE N 930 -98.66 28.55 -62.31
CA PHE N 930 -98.22 27.21 -62.68
C PHE N 930 -99.11 26.63 -63.77
N GLN N 931 -98.62 25.67 -64.56
CA GLN N 931 -99.37 25.07 -65.67
C GLN N 931 -99.46 23.54 -65.60
N ALA N 932 -100.53 22.97 -66.14
CA ALA N 932 -100.63 21.55 -66.46
C ALA N 932 -101.14 21.34 -67.89
N GLY N 933 -100.52 20.42 -68.63
CA GLY N 933 -101.02 19.94 -69.90
C GLY N 933 -101.92 18.74 -69.65
N ASN N 934 -103.24 18.92 -69.66
CA ASN N 934 -104.18 17.87 -69.31
C ASN N 934 -104.71 17.14 -70.55
N LEU N 935 -104.71 15.82 -70.49
CA LEU N 935 -105.23 14.93 -71.54
C LEU N 935 -106.73 15.17 -71.75
N GLY N 936 -107.12 15.44 -72.98
CA GLY N 936 -108.49 15.75 -73.38
C GLY N 936 -109.12 14.71 -74.31
N TYR N 937 -110.01 15.16 -75.20
CA TYR N 937 -110.82 14.33 -76.09
C TYR N 937 -110.65 14.71 -77.57
N PHE N 938 -110.83 13.73 -78.46
CA PHE N 938 -110.87 13.93 -79.90
C PHE N 938 -112.25 14.45 -80.35
N MET N 939 -112.28 15.38 -81.29
CA MET N 939 -113.51 15.86 -81.94
C MET N 939 -113.61 15.37 -83.38
N GLY N 940 -114.81 14.99 -83.81
CA GLY N 940 -115.14 14.58 -85.17
C GLY N 940 -115.38 13.08 -85.29
N ARG N 941 -116.54 12.68 -85.84
CA ARG N 941 -116.98 11.28 -85.88
C ARG N 941 -116.19 10.39 -86.85
N GLY N 942 -115.38 10.95 -87.75
CA GLY N 942 -114.57 10.17 -88.69
C GLY N 942 -113.23 9.67 -88.17
N VAL N 943 -112.81 10.03 -86.96
CA VAL N 943 -111.47 9.76 -86.43
C VAL N 943 -111.19 8.25 -86.26
N ASP N 944 -111.98 7.55 -85.45
CA ASP N 944 -111.88 6.10 -85.30
C ASP N 944 -113.18 5.50 -84.74
N ARG N 945 -113.65 4.38 -85.28
CA ARG N 945 -114.88 3.70 -84.85
C ARG N 945 -114.92 3.31 -83.36
N ASN N 946 -113.78 3.08 -82.70
CA ASN N 946 -113.74 2.80 -81.26
C ASN N 946 -114.15 4.00 -80.40
N LEU N 947 -114.08 5.22 -80.92
CA LEU N 947 -114.49 6.45 -80.23
C LEU N 947 -116.01 6.73 -80.35
N LEU N 948 -116.74 6.03 -81.21
CA LEU N 948 -118.19 6.25 -81.43
C LEU N 948 -119.04 5.77 -80.25
N GLN N 949 -119.76 6.69 -79.61
CA GLN N 949 -120.78 6.39 -78.58
C GLN N 949 -122.13 6.05 -79.22
N SER N 963 -116.69 9.77 -72.70
CA SER N 963 -116.90 9.58 -71.27
C SER N 963 -115.98 10.46 -70.41
N MET N 964 -116.42 10.79 -69.20
CA MET N 964 -115.57 11.36 -68.15
C MET N 964 -114.40 10.44 -67.78
N ARG N 965 -114.67 9.13 -67.64
CA ARG N 965 -113.78 8.20 -66.93
C ARG N 965 -112.94 7.27 -67.82
N LYS N 966 -113.08 7.34 -69.15
CA LYS N 966 -112.16 6.71 -70.11
C LYS N 966 -111.66 7.73 -71.13
N LYS N 967 -110.35 7.81 -71.31
CA LYS N 967 -109.67 8.63 -72.35
C LYS N 967 -108.77 7.76 -73.23
N PHE N 968 -108.51 8.20 -74.46
CA PHE N 968 -107.77 7.45 -75.47
C PHE N 968 -106.51 8.17 -75.96
N VAL N 969 -105.48 7.39 -76.30
CA VAL N 969 -104.25 7.78 -77.00
C VAL N 969 -104.00 6.80 -78.15
N PHE N 970 -103.60 7.25 -79.33
CA PHE N 970 -103.09 6.34 -80.38
C PHE N 970 -101.61 6.06 -80.15
N ALA N 971 -101.15 4.81 -80.22
CA ALA N 971 -99.75 4.43 -80.02
C ALA N 971 -99.23 3.39 -81.04
N THR N 972 -98.06 3.61 -81.64
CA THR N 972 -97.33 2.61 -82.45
C THR N 972 -95.96 2.34 -81.83
N PRO N 973 -95.59 1.10 -81.46
CA PRO N 973 -94.29 0.80 -80.84
C PRO N 973 -93.09 0.96 -81.81
N THR N 974 -91.90 1.29 -81.31
CA THR N 974 -90.66 1.37 -82.12
C THR N 974 -89.63 0.27 -81.81
N LEU N 975 -89.60 -0.32 -80.61
CA LEU N 975 -88.79 -1.52 -80.33
C LEU N 975 -89.22 -2.70 -81.22
N GLY N 976 -88.28 -3.31 -81.91
CA GLY N 976 -88.51 -4.39 -82.88
C GLY N 976 -88.95 -3.92 -84.27
N LEU N 977 -89.09 -2.60 -84.49
CA LEU N 977 -89.28 -2.01 -85.81
C LEU N 977 -88.00 -1.27 -86.22
N THR N 978 -87.63 -0.19 -85.54
CA THR N 978 -86.47 0.66 -85.86
C THR N 978 -85.37 0.64 -84.79
N VAL N 979 -85.65 0.13 -83.59
CA VAL N 979 -84.70 0.00 -82.47
C VAL N 979 -84.65 -1.46 -81.98
N LYS N 980 -83.46 -2.01 -81.74
CA LYS N 980 -83.26 -3.42 -81.37
C LYS N 980 -83.49 -3.66 -79.86
N ARG N 981 -84.19 -4.75 -79.51
CA ARG N 981 -84.40 -5.17 -78.11
C ARG N 981 -83.10 -5.63 -77.43
N THR N 988 -77.24 -17.83 -68.65
CA THR N 988 -76.55 -18.66 -67.67
C THR N 988 -76.06 -19.99 -68.25
N TYR N 989 -75.04 -20.60 -67.63
CA TYR N 989 -74.73 -22.01 -67.83
C TYR N 989 -75.76 -22.89 -67.09
N GLU N 990 -76.04 -24.09 -67.60
CA GLU N 990 -76.99 -25.01 -66.96
C GLU N 990 -76.59 -25.40 -65.52
N ILE N 991 -75.29 -25.51 -65.22
CA ILE N 991 -74.80 -25.73 -63.85
C ILE N 991 -75.14 -24.58 -62.88
N GLU N 992 -75.36 -23.35 -63.34
CA GLU N 992 -75.87 -22.26 -62.50
C GLU N 992 -77.36 -22.45 -62.17
N ASN N 993 -78.15 -22.96 -63.12
CA ASN N 993 -79.58 -23.20 -62.92
C ASN N 993 -79.84 -24.39 -62.00
N ILE N 994 -79.09 -25.50 -62.14
CA ILE N 994 -79.14 -26.61 -61.16
C ILE N 994 -78.83 -26.09 -59.75
N ARG N 995 -77.74 -25.34 -59.59
CA ARG N 995 -77.31 -24.74 -58.32
C ARG N 995 -78.36 -23.82 -57.70
N ALA N 996 -78.97 -22.91 -58.48
CA ALA N 996 -80.05 -22.06 -57.99
C ALA N 996 -81.26 -22.87 -57.51
N GLY N 997 -81.68 -23.90 -58.27
CA GLY N 997 -82.81 -24.75 -57.88
C GLY N 997 -82.58 -25.56 -56.61
N LEU N 998 -81.35 -26.03 -56.36
CA LEU N 998 -80.98 -26.68 -55.10
C LEU N 998 -80.95 -25.70 -53.91
N GLU N 999 -80.37 -24.52 -54.06
CA GLU N 999 -80.44 -23.51 -52.98
C GLU N 999 -81.87 -23.07 -52.69
N ALA N 1000 -82.76 -23.04 -53.69
CA ALA N 1000 -84.18 -22.76 -53.52
C ALA N 1000 -84.92 -23.86 -52.74
N ILE N 1001 -84.59 -25.15 -52.92
CA ILE N 1001 -85.14 -26.25 -52.11
C ILE N 1001 -84.62 -26.17 -50.67
N ILE N 1002 -83.30 -26.18 -50.47
CA ILE N 1002 -82.71 -26.34 -49.14
C ILE N 1002 -83.06 -25.16 -48.22
N SER N 1003 -83.17 -23.93 -48.77
CA SER N 1003 -83.58 -22.73 -48.02
C SER N 1003 -85.05 -22.73 -47.60
N GLN N 1004 -85.89 -23.62 -48.14
CA GLN N 1004 -87.33 -23.70 -47.83
C GLN N 1004 -87.74 -24.96 -47.04
N LYS N 1005 -87.09 -26.10 -47.24
CA LYS N 1005 -87.47 -27.37 -46.62
C LYS N 1005 -87.33 -27.29 -45.09
N GLN N 1006 -88.44 -27.43 -44.38
CA GLN N 1006 -88.54 -27.34 -42.92
C GLN N 1006 -89.32 -28.52 -42.33
N GLU N 1007 -88.95 -28.92 -41.11
CA GLU N 1007 -89.54 -30.03 -40.35
C GLU N 1007 -89.35 -31.43 -40.98
N GLU N 1008 -88.48 -31.55 -42.00
CA GLU N 1008 -88.06 -32.81 -42.63
C GLU N 1008 -86.63 -32.72 -43.19
N ASP N 1009 -85.90 -33.83 -43.20
CA ASP N 1009 -84.55 -33.91 -43.77
C ASP N 1009 -84.59 -33.85 -45.32
N CYS N 1010 -83.73 -33.04 -45.95
CA CYS N 1010 -83.85 -32.66 -47.37
C CYS N 1010 -83.14 -33.57 -48.39
N VAL N 1011 -82.32 -34.56 -47.98
CA VAL N 1011 -81.41 -35.28 -48.89
C VAL N 1011 -82.15 -36.03 -50.01
N PHE N 1012 -83.30 -36.66 -49.74
CA PHE N 1012 -84.10 -37.34 -50.77
C PHE N 1012 -84.67 -36.35 -51.80
N ASP N 1013 -85.13 -35.17 -51.39
CA ASP N 1013 -85.63 -34.16 -52.33
C ASP N 1013 -84.53 -33.49 -53.17
N VAL N 1014 -83.30 -33.37 -52.65
CA VAL N 1014 -82.12 -32.94 -53.40
C VAL N 1014 -81.69 -34.01 -54.40
N VAL N 1015 -81.59 -35.27 -53.97
CA VAL N 1015 -81.26 -36.40 -54.86
C VAL N 1015 -82.26 -36.56 -56.00
N CYS N 1016 -83.56 -36.38 -55.77
CA CYS N 1016 -84.56 -36.44 -56.84
C CYS N 1016 -84.39 -35.30 -57.85
N ASN N 1017 -84.10 -34.07 -57.42
CA ASN N 1017 -83.82 -32.96 -58.34
C ASN N 1017 -82.55 -33.19 -59.19
N LEU N 1018 -81.48 -33.77 -58.62
CA LEU N 1018 -80.30 -34.16 -59.38
C LEU N 1018 -80.59 -35.27 -60.41
N VAL N 1019 -81.28 -36.33 -60.00
CA VAL N 1019 -81.65 -37.44 -60.90
C VAL N 1019 -82.59 -36.95 -62.02
N ASP N 1020 -83.49 -36.00 -61.76
CA ASP N 1020 -84.28 -35.36 -62.80
C ASP N 1020 -83.42 -34.56 -63.80
N ALA N 1021 -82.49 -33.72 -63.32
CA ALA N 1021 -81.70 -32.82 -64.18
C ALA N 1021 -80.52 -33.49 -64.91
N MET N 1022 -79.96 -34.58 -64.38
CA MET N 1022 -78.77 -35.24 -64.92
C MET N 1022 -78.98 -36.72 -65.27
N GLY N 1023 -80.01 -37.39 -64.76
CA GLY N 1023 -80.30 -38.79 -65.06
C GLY N 1023 -79.11 -39.72 -64.77
N GLU N 1024 -78.75 -40.54 -65.75
CA GLU N 1024 -77.66 -41.51 -65.67
C GLU N 1024 -76.29 -40.89 -65.35
N ALA N 1025 -76.08 -39.61 -65.67
CA ALA N 1025 -74.85 -38.91 -65.34
C ALA N 1025 -74.62 -38.70 -63.81
N CYS N 1026 -75.62 -38.91 -62.96
CA CYS N 1026 -75.44 -38.93 -61.51
C CYS N 1026 -74.55 -40.09 -61.02
N ALA N 1027 -74.50 -41.20 -61.76
CA ALA N 1027 -73.80 -42.42 -61.37
C ALA N 1027 -72.29 -42.23 -61.11
N SER N 1028 -71.69 -41.17 -61.67
CA SER N 1028 -70.28 -40.84 -61.51
C SER N 1028 -70.05 -39.40 -61.00
N LEU N 1029 -71.05 -38.77 -60.38
CA LEU N 1029 -70.93 -37.41 -59.83
C LEU N 1029 -69.83 -37.37 -58.77
N THR N 1030 -68.80 -36.54 -58.98
CA THR N 1030 -67.66 -36.43 -58.07
C THR N 1030 -67.96 -35.45 -56.93
N ARG N 1031 -67.17 -35.48 -55.84
CA ARG N 1031 -67.36 -34.56 -54.71
C ARG N 1031 -67.10 -33.10 -55.08
N ASP N 1032 -66.12 -32.81 -55.94
CA ASP N 1032 -65.86 -31.45 -56.41
C ASP N 1032 -67.03 -30.86 -57.22
N ASP N 1033 -67.65 -31.65 -58.10
CA ASP N 1033 -68.89 -31.24 -58.79
C ASP N 1033 -70.07 -31.10 -57.81
N ALA N 1034 -70.29 -32.08 -56.93
CA ALA N 1034 -71.38 -32.01 -55.95
C ALA N 1034 -71.28 -30.79 -55.03
N GLU N 1035 -70.10 -30.48 -54.49
CA GLU N 1035 -69.88 -29.29 -53.67
C GLU N 1035 -70.18 -27.98 -54.42
N TYR N 1036 -69.82 -27.84 -55.70
CA TYR N 1036 -70.19 -26.66 -56.49
C TYR N 1036 -71.72 -26.53 -56.66
N LEU N 1037 -72.42 -27.61 -57.00
CA LEU N 1037 -73.87 -27.60 -57.23
C LEU N 1037 -74.66 -27.28 -55.94
N LEU N 1038 -74.22 -27.78 -54.78
CA LEU N 1038 -74.84 -27.47 -53.48
C LEU N 1038 -74.61 -26.03 -52.99
N GLY N 1039 -73.67 -25.29 -53.57
CA GLY N 1039 -73.44 -23.87 -53.28
C GLY N 1039 -73.15 -23.60 -51.80
N ARG N 1040 -73.97 -22.74 -51.17
CA ARG N 1040 -73.91 -22.39 -49.73
C ARG N 1040 -73.98 -23.61 -48.80
N PHE N 1041 -74.66 -24.67 -49.21
CA PHE N 1041 -74.93 -25.85 -48.42
C PHE N 1041 -74.00 -27.03 -48.74
N SER N 1042 -72.79 -26.77 -49.24
CA SER N 1042 -71.82 -27.79 -49.67
C SER N 1042 -71.47 -28.84 -48.62
N VAL N 1043 -71.73 -28.58 -47.34
CA VAL N 1043 -71.61 -29.57 -46.27
C VAL N 1043 -72.44 -30.85 -46.52
N LEU N 1044 -73.52 -30.77 -47.29
CA LEU N 1044 -74.42 -31.89 -47.57
C LEU N 1044 -73.82 -32.98 -48.50
N ALA N 1045 -72.70 -32.69 -49.19
CA ALA N 1045 -72.18 -33.49 -50.30
C ALA N 1045 -71.93 -34.97 -49.98
N ASP N 1046 -71.34 -35.32 -48.84
CA ASP N 1046 -71.08 -36.72 -48.48
C ASP N 1046 -72.37 -37.55 -48.38
N SER N 1047 -73.43 -36.97 -47.83
CA SER N 1047 -74.72 -37.66 -47.67
C SER N 1047 -75.47 -37.81 -49.00
N VAL N 1048 -75.36 -36.84 -49.91
CA VAL N 1048 -75.83 -36.96 -51.30
C VAL N 1048 -75.11 -38.08 -52.04
N LEU N 1049 -73.78 -38.14 -52.00
CA LEU N 1049 -73.01 -39.16 -52.71
C LEU N 1049 -73.23 -40.58 -52.16
N GLU N 1050 -73.30 -40.74 -50.84
CA GLU N 1050 -73.70 -42.01 -50.22
C GLU N 1050 -75.11 -42.43 -50.66
N THR N 1051 -76.05 -41.49 -50.78
CA THR N 1051 -77.40 -41.78 -51.28
C THR N 1051 -77.41 -42.18 -52.77
N LEU N 1052 -76.68 -41.49 -53.65
CA LEU N 1052 -76.60 -41.83 -55.09
C LEU N 1052 -75.97 -43.21 -55.36
N ALA N 1053 -74.96 -43.62 -54.58
CA ALA N 1053 -74.44 -44.99 -54.62
C ALA N 1053 -75.50 -46.06 -54.31
N THR N 1054 -76.48 -45.81 -53.42
CA THR N 1054 -77.57 -46.79 -53.17
C THR N 1054 -78.50 -46.94 -54.37
N ILE N 1055 -78.77 -45.86 -55.13
CA ILE N 1055 -79.55 -45.92 -56.37
C ILE N 1055 -78.76 -46.66 -57.46
N ALA N 1056 -77.48 -46.33 -57.64
CA ALA N 1056 -76.61 -47.00 -58.60
C ALA N 1056 -76.51 -48.52 -58.39
N SER N 1057 -76.27 -48.97 -57.14
CA SER N 1057 -76.07 -50.38 -56.79
C SER N 1057 -77.35 -51.22 -56.68
N SER N 1058 -78.50 -50.60 -56.37
CA SER N 1058 -79.79 -51.30 -56.33
C SER N 1058 -80.41 -51.57 -57.72
N GLY N 1059 -79.80 -51.08 -58.80
CA GLY N 1059 -80.12 -51.48 -60.17
C GLY N 1059 -81.45 -50.94 -60.74
N ILE N 1060 -82.12 -50.01 -60.05
CA ILE N 1060 -83.23 -49.23 -60.63
C ILE N 1060 -82.71 -48.26 -61.70
N GLU N 1061 -83.56 -47.89 -62.64
CA GLU N 1061 -83.23 -46.88 -63.67
C GLU N 1061 -83.19 -45.44 -63.11
N TRP N 1062 -82.41 -44.58 -63.75
CA TRP N 1062 -82.21 -43.19 -63.32
C TRP N 1062 -83.36 -42.25 -63.71
N THR N 1063 -84.45 -42.30 -62.97
CA THR N 1063 -85.57 -41.35 -63.08
C THR N 1063 -86.16 -41.00 -61.71
N ALA N 1064 -86.71 -39.80 -61.56
CA ALA N 1064 -87.23 -39.30 -60.29
C ALA N 1064 -88.36 -40.18 -59.70
N GLU N 1065 -89.18 -40.79 -60.55
CA GLU N 1065 -90.24 -41.72 -60.14
C GLU N 1065 -89.69 -43.02 -59.54
N ALA N 1066 -88.68 -43.62 -60.16
CA ALA N 1066 -87.99 -44.81 -59.65
C ALA N 1066 -87.15 -44.49 -58.40
N ALA N 1067 -86.53 -43.31 -58.33
CA ALA N 1067 -85.73 -42.88 -57.18
C ALA N 1067 -86.59 -42.83 -55.90
N ARG N 1068 -87.76 -42.18 -55.95
CA ARG N 1068 -88.70 -42.21 -54.81
C ARG N 1068 -89.17 -43.61 -54.46
N ASP N 1069 -89.57 -44.41 -55.45
CA ASP N 1069 -90.02 -45.80 -55.23
C ASP N 1069 -88.98 -46.67 -54.51
N PHE N 1070 -87.68 -46.50 -54.77
CA PHE N 1070 -86.63 -47.16 -53.99
C PHE N 1070 -86.42 -46.50 -52.61
N LEU N 1071 -86.16 -45.19 -52.56
CA LEU N 1071 -85.78 -44.48 -51.33
C LEU N 1071 -86.84 -44.56 -50.23
N GLU N 1072 -88.11 -44.31 -50.58
CA GLU N 1072 -89.21 -44.27 -49.61
C GLU N 1072 -89.66 -45.68 -49.15
N GLY N 1073 -89.28 -46.74 -49.85
CA GLY N 1073 -89.42 -48.13 -49.40
C GLY N 1073 -88.27 -48.55 -48.48
N VAL N 1074 -87.02 -48.26 -48.87
CA VAL N 1074 -85.81 -48.41 -48.04
C VAL N 1074 -85.77 -47.30 -46.98
N ASP N 1083 -87.12 -40.88 -33.05
CA ASP N 1083 -85.83 -41.05 -32.37
C ASP N 1083 -85.88 -40.50 -30.92
N ASN N 1084 -84.88 -40.83 -30.10
CA ASN N 1084 -84.64 -40.10 -28.86
C ASN N 1084 -84.34 -38.63 -29.18
N PHE N 1085 -84.86 -37.67 -28.43
CA PHE N 1085 -84.62 -36.24 -28.60
C PHE N 1085 -84.84 -35.49 -27.27
N ILE N 1086 -83.77 -35.11 -26.58
CA ILE N 1086 -83.86 -34.29 -25.36
C ILE N 1086 -83.96 -32.80 -25.70
N SER N 1087 -84.74 -32.04 -24.94
CA SER N 1087 -84.84 -30.58 -25.06
C SER N 1087 -83.71 -29.87 -24.27
N VAL N 1088 -83.29 -28.68 -24.73
CA VAL N 1088 -82.14 -27.93 -24.21
C VAL N 1088 -82.55 -26.50 -23.79
N ALA N 1089 -81.99 -26.01 -22.69
CA ALA N 1089 -82.38 -24.74 -22.07
C ALA N 1089 -82.32 -23.53 -23.02
N ASP P 9 -110.80 44.21 -50.70
CA ASP P 9 -110.76 45.64 -50.40
C ASP P 9 -109.52 46.02 -49.56
N ASN P 10 -109.16 47.30 -49.47
CA ASN P 10 -107.93 47.77 -48.83
C ASN P 10 -108.02 49.18 -48.21
N LEU P 11 -107.08 49.51 -47.30
CA LEU P 11 -106.99 50.81 -46.61
C LEU P 11 -106.80 52.00 -47.56
N GLY P 12 -106.20 51.80 -48.73
CA GLY P 12 -106.06 52.85 -49.76
C GLY P 12 -107.41 53.27 -50.34
N SER P 13 -108.19 52.31 -50.85
CA SER P 13 -109.55 52.51 -51.37
C SER P 13 -110.48 53.19 -50.36
N GLN P 14 -110.35 52.86 -49.08
CA GLN P 14 -111.18 53.37 -47.99
C GLN P 14 -110.82 54.79 -47.51
N SER P 15 -109.64 55.33 -47.82
CA SER P 15 -109.23 56.67 -47.38
C SER P 15 -110.00 57.80 -48.11
N GLN P 16 -110.25 58.92 -47.43
CA GLN P 16 -111.04 60.04 -47.93
C GLN P 16 -110.20 61.12 -48.66
N PRO P 17 -110.79 61.87 -49.62
CA PRO P 17 -110.25 63.12 -50.14
C PRO P 17 -109.77 64.12 -49.08
N GLY P 18 -108.73 64.90 -49.40
CA GLY P 18 -108.20 65.96 -48.53
C GLY P 18 -107.00 66.73 -49.12
N PRO P 19 -106.42 67.67 -48.36
CA PRO P 19 -105.28 68.49 -48.78
C PRO P 19 -103.94 67.71 -48.78
N CYS P 20 -102.89 68.32 -49.33
CA CYS P 20 -101.53 67.75 -49.39
C CYS P 20 -100.79 67.80 -48.03
N GLY P 21 -101.23 68.63 -47.09
CA GLY P 21 -100.69 68.81 -45.74
C GLY P 21 -101.48 69.87 -44.95
N TYR P 22 -101.04 70.19 -43.74
CA TYR P 22 -101.61 71.23 -42.87
C TYR P 22 -100.53 72.06 -42.17
N ILE P 23 -100.82 73.34 -41.91
CA ILE P 23 -100.12 74.14 -40.90
C ILE P 23 -100.96 74.13 -39.61
N TYR P 24 -100.40 73.69 -38.49
CA TYR P 24 -101.00 73.79 -37.16
C TYR P 24 -100.49 75.02 -36.42
N PHE P 25 -101.40 75.76 -35.77
CA PHE P 25 -101.10 76.87 -34.87
C PHE P 25 -101.53 76.52 -33.42
N TYR P 26 -100.60 76.52 -32.46
CA TYR P 26 -100.87 76.19 -31.04
C TYR P 26 -100.69 77.42 -30.12
N PRO P 27 -101.61 77.70 -29.19
CA PRO P 27 -101.52 78.86 -28.30
C PRO P 27 -100.41 78.73 -27.25
N LEU P 28 -99.50 79.70 -27.20
CA LEU P 28 -98.36 79.69 -26.28
C LEU P 28 -98.78 79.76 -24.79
N ALA P 29 -99.92 80.37 -24.47
CA ALA P 29 -100.38 80.52 -23.08
C ALA P 29 -100.73 79.19 -22.40
N THR P 30 -101.17 78.16 -23.14
CA THR P 30 -101.63 76.87 -22.57
C THR P 30 -100.87 75.63 -23.04
N TYR P 31 -100.17 75.66 -24.19
CA TYR P 31 -99.52 74.48 -24.78
C TYR P 31 -98.35 73.95 -23.91
N PRO P 32 -98.19 72.62 -23.72
CA PRO P 32 -97.19 72.03 -22.82
C PRO P 32 -95.77 71.96 -23.44
N LEU P 33 -95.09 73.11 -23.50
CA LEU P 33 -93.78 73.29 -24.14
C LEU P 33 -92.67 72.39 -23.60
N ARG P 34 -92.60 72.14 -22.28
CA ARG P 34 -91.57 71.24 -21.69
C ARG P 34 -91.80 69.78 -22.02
N GLU P 35 -93.03 69.31 -22.18
CA GLU P 35 -93.32 67.96 -22.64
C GLU P 35 -92.84 67.74 -24.07
N VAL P 36 -93.23 68.57 -25.04
CA VAL P 36 -92.77 68.39 -26.44
C VAL P 36 -91.26 68.49 -26.57
N ALA P 37 -90.59 69.33 -25.78
CA ALA P 37 -89.14 69.42 -25.81
C ALA P 37 -88.43 68.08 -25.48
N THR P 38 -88.98 67.24 -24.60
CA THR P 38 -88.39 65.91 -24.30
C THR P 38 -88.46 64.92 -25.46
N LEU P 39 -89.42 65.08 -26.38
CA LEU P 39 -89.57 64.29 -27.59
C LEU P 39 -88.93 64.96 -28.82
N GLY P 40 -88.36 66.16 -28.71
CA GLY P 40 -87.85 66.96 -29.82
C GLY P 40 -86.35 66.86 -30.11
N THR P 41 -85.90 67.54 -31.15
CA THR P 41 -84.50 67.65 -31.61
C THR P 41 -83.90 69.05 -31.45
N GLY P 42 -84.32 69.81 -30.43
CA GLY P 42 -83.87 71.19 -30.23
C GLY P 42 -82.42 71.32 -29.73
N TYR P 43 -81.62 72.15 -30.38
CA TYR P 43 -80.27 72.58 -29.94
C TYR P 43 -80.30 74.03 -29.47
N ALA P 44 -79.29 74.50 -28.73
CA ALA P 44 -79.20 75.89 -28.27
C ALA P 44 -79.03 76.86 -29.45
N GLY P 45 -79.93 77.84 -29.59
CA GLY P 45 -79.95 78.80 -30.69
C GLY P 45 -80.70 78.38 -31.96
N HIS P 46 -81.44 77.27 -31.94
CA HIS P 46 -82.21 76.79 -33.11
C HIS P 46 -83.25 77.80 -33.62
N ARG P 47 -83.57 77.70 -34.92
CA ARG P 47 -84.63 78.46 -35.60
C ARG P 47 -85.72 77.53 -36.14
N CYS P 48 -85.47 76.22 -36.16
CA CYS P 48 -86.42 75.15 -36.48
C CYS P 48 -86.05 73.85 -35.73
N LEU P 49 -87.02 72.96 -35.48
CA LEU P 49 -86.79 71.61 -34.93
C LEU P 49 -87.88 70.62 -35.35
N THR P 50 -87.60 69.32 -35.20
CA THR P 50 -88.54 68.22 -35.42
C THR P 50 -89.07 67.62 -34.13
N VAL P 51 -90.31 67.19 -34.20
CA VAL P 51 -91.08 66.48 -33.17
C VAL P 51 -91.90 65.36 -33.82
N PRO P 52 -92.30 64.30 -33.10
CA PRO P 52 -93.16 63.24 -33.66
C PRO P 52 -94.61 63.68 -33.91
N LEU P 53 -95.28 63.11 -34.92
CA LEU P 53 -96.74 63.18 -35.08
C LEU P 53 -97.46 62.27 -34.06
N LEU P 54 -98.18 62.84 -33.09
CA LEU P 54 -98.91 62.13 -32.02
C LEU P 54 -100.27 62.77 -31.73
N CYS P 55 -101.31 61.92 -31.66
CA CYS P 55 -102.67 62.36 -31.32
C CYS P 55 -102.76 62.80 -29.86
N GLY P 56 -103.20 64.04 -29.62
CA GLY P 56 -103.34 64.61 -28.28
C GLY P 56 -102.16 65.45 -27.79
N ILE P 57 -101.10 65.63 -28.59
CA ILE P 57 -100.04 66.60 -28.30
C ILE P 57 -99.53 67.36 -29.53
N THR P 58 -99.46 66.77 -30.72
CA THR P 58 -99.06 67.50 -31.94
C THR P 58 -100.15 67.51 -33.02
N VAL P 59 -101.07 66.55 -33.05
CA VAL P 59 -102.32 66.59 -33.86
C VAL P 59 -103.52 66.27 -32.99
N GLU P 60 -104.73 66.63 -33.43
CA GLU P 60 -105.95 66.35 -32.68
C GLU P 60 -106.30 64.85 -32.66
N PRO P 61 -107.00 64.35 -31.63
CA PRO P 61 -107.51 62.98 -31.61
C PRO P 61 -108.36 62.66 -32.86
N GLY P 62 -108.16 61.48 -33.43
CA GLY P 62 -108.88 61.06 -34.64
C GLY P 62 -108.29 61.56 -35.96
N PHE P 63 -107.08 62.11 -35.96
CA PHE P 63 -106.34 62.45 -37.17
C PHE P 63 -106.21 61.24 -38.11
N SER P 64 -106.51 61.39 -39.39
CA SER P 64 -106.37 60.33 -40.38
C SER P 64 -105.00 60.36 -41.03
N ILE P 65 -104.18 59.32 -40.80
CA ILE P 65 -102.82 59.21 -41.35
C ILE P 65 -102.82 58.79 -42.83
N ASN P 66 -103.90 58.23 -43.37
CA ASN P 66 -104.04 57.87 -44.78
C ASN P 66 -105.06 58.80 -45.47
N VAL P 67 -104.78 59.28 -46.69
CA VAL P 67 -105.63 60.23 -47.43
C VAL P 67 -105.56 60.02 -48.94
N LYS P 68 -106.58 60.48 -49.65
CA LYS P 68 -106.50 60.79 -51.08
C LYS P 68 -106.24 62.29 -51.25
N ALA P 69 -105.02 62.68 -51.60
CA ALA P 69 -104.64 64.08 -51.72
C ALA P 69 -105.07 64.66 -53.09
N LEU P 70 -105.83 65.76 -53.10
CA LEU P 70 -106.14 66.51 -54.33
C LEU P 70 -104.93 67.36 -54.73
N HIS P 71 -104.21 66.96 -55.78
CA HIS P 71 -102.90 67.55 -56.11
C HIS P 71 -102.83 68.26 -57.48
N ARG P 72 -103.75 67.97 -58.40
CA ARG P 72 -103.77 68.58 -59.74
C ARG P 72 -105.19 68.81 -60.24
N ARG P 73 -105.48 69.98 -60.81
CA ARG P 73 -106.68 70.22 -61.63
C ARG P 73 -106.26 70.43 -63.09
N PRO P 74 -106.40 69.43 -63.98
CA PRO P 74 -106.03 69.57 -65.39
C PRO P 74 -106.78 70.71 -66.12
N ASP P 75 -108.03 70.95 -65.72
CA ASP P 75 -108.83 72.15 -65.99
C ASP P 75 -109.69 72.44 -64.75
N PRO P 76 -110.30 73.64 -64.61
CA PRO P 76 -111.09 74.02 -63.44
C PRO P 76 -112.22 73.08 -63.02
N ASN P 77 -112.61 72.11 -63.86
CA ASN P 77 -113.76 71.23 -63.65
C ASN P 77 -113.40 69.75 -63.44
N CYS P 78 -112.12 69.40 -63.30
CA CYS P 78 -111.66 68.04 -63.02
C CYS P 78 -110.57 68.01 -61.95
N GLY P 79 -110.65 67.10 -60.98
CA GLY P 79 -109.61 66.86 -59.97
C GLY P 79 -108.93 65.51 -60.13
N LEU P 80 -107.63 65.44 -59.82
CA LEU P 80 -106.88 64.19 -59.72
C LEU P 80 -106.46 63.89 -58.27
N LEU P 81 -106.63 62.64 -57.85
CA LEU P 81 -106.39 62.15 -56.49
C LEU P 81 -105.20 61.17 -56.42
N ARG P 82 -104.28 61.40 -55.47
CA ARG P 82 -103.14 60.52 -55.13
C ARG P 82 -103.33 59.93 -53.75
N ALA P 83 -103.30 58.61 -53.60
CA ALA P 83 -103.38 57.97 -52.29
C ALA P 83 -102.00 57.95 -51.60
N THR P 84 -101.92 58.48 -50.37
CA THR P 84 -100.66 58.60 -49.61
C THR P 84 -100.92 58.56 -48.11
N SER P 85 -99.98 58.00 -47.36
CA SER P 85 -99.88 58.23 -45.91
C SER P 85 -99.14 59.53 -45.59
N TYR P 86 -99.29 60.01 -44.34
CA TYR P 86 -98.53 61.12 -43.79
C TYR P 86 -97.04 60.79 -43.55
N HIS P 87 -96.19 61.83 -43.59
CA HIS P 87 -94.84 61.75 -43.07
C HIS P 87 -94.84 61.74 -41.53
N ARG P 88 -93.99 60.90 -40.96
CA ARG P 88 -93.89 60.60 -39.53
C ARG P 88 -93.44 61.77 -38.62
N ASP P 89 -92.61 62.68 -39.12
CA ASP P 89 -92.13 63.87 -38.38
C ASP P 89 -92.95 65.14 -38.69
N ILE P 90 -93.12 65.99 -37.69
CA ILE P 90 -93.67 67.36 -37.78
C ILE P 90 -92.53 68.37 -37.61
N TYR P 91 -92.50 69.40 -38.46
CA TYR P 91 -91.48 70.45 -38.47
C TYR P 91 -91.99 71.76 -37.85
N VAL P 92 -91.41 72.17 -36.73
CA VAL P 92 -91.82 73.34 -35.92
C VAL P 92 -90.97 74.57 -36.31
N PHE P 93 -91.56 75.57 -36.96
CA PHE P 93 -90.82 76.61 -37.72
C PHE P 93 -91.10 78.07 -37.34
N HIS P 94 -92.24 78.39 -36.71
CA HIS P 94 -92.64 79.75 -36.30
C HIS P 94 -92.67 79.87 -34.77
N ASN P 95 -91.96 80.86 -34.20
CA ASN P 95 -91.68 81.01 -32.76
C ASN P 95 -90.99 79.79 -32.11
N ALA P 96 -90.19 79.04 -32.86
CA ALA P 96 -89.52 77.83 -32.39
C ALA P 96 -88.57 78.01 -31.19
N HIS P 97 -88.06 79.22 -30.94
CA HIS P 97 -87.26 79.59 -29.77
C HIS P 97 -88.01 79.36 -28.43
N MET P 98 -89.34 79.30 -28.45
CA MET P 98 -90.18 79.00 -27.29
C MET P 98 -90.11 77.53 -26.83
N VAL P 99 -89.64 76.59 -27.65
CA VAL P 99 -89.47 75.18 -27.26
C VAL P 99 -88.06 74.96 -26.70
N PRO P 100 -87.88 74.51 -25.45
CA PRO P 100 -86.55 74.24 -24.88
C PRO P 100 -85.71 73.24 -25.71
N PRO P 101 -84.36 73.38 -25.72
CA PRO P 101 -83.48 72.39 -26.34
C PRO P 101 -83.45 71.06 -25.56
N ILE P 102 -83.14 69.95 -26.24
CA ILE P 102 -82.91 68.63 -25.64
C ILE P 102 -81.49 68.49 -25.05
N PHE P 103 -80.52 69.26 -25.56
CA PHE P 103 -79.11 69.25 -25.16
C PHE P 103 -78.57 70.67 -24.98
N GLU P 104 -77.86 70.96 -23.89
CA GLU P 104 -77.46 72.33 -23.52
C GLU P 104 -76.13 72.81 -24.11
N GLY P 105 -75.33 71.93 -24.72
CA GLY P 105 -74.00 72.28 -25.23
C GLY P 105 -74.04 73.29 -26.38
N PRO P 106 -73.27 74.40 -26.33
CA PRO P 106 -73.25 75.42 -27.39
C PRO P 106 -72.40 75.04 -28.62
N GLY P 107 -72.54 75.79 -29.71
CA GLY P 107 -71.63 75.77 -30.87
C GLY P 107 -71.85 74.70 -31.94
N LEU P 108 -72.95 73.96 -31.94
CA LEU P 108 -73.13 72.79 -32.81
C LEU P 108 -73.33 73.13 -34.28
N GLU P 109 -73.93 74.28 -34.59
CA GLU P 109 -74.25 74.68 -35.96
C GLU P 109 -73.01 74.96 -36.80
N ALA P 110 -72.01 75.65 -36.24
CA ALA P 110 -70.70 75.87 -36.86
C ALA P 110 -69.87 74.58 -36.97
N LEU P 111 -69.88 73.71 -35.96
CA LEU P 111 -69.22 72.40 -36.00
C LEU P 111 -69.75 71.53 -37.14
N CYS P 112 -71.07 71.48 -37.33
CA CYS P 112 -71.69 70.76 -38.43
C CYS P 112 -71.30 71.34 -39.80
N GLY P 113 -71.25 72.67 -39.94
CA GLY P 113 -70.90 73.34 -41.19
C GLY P 113 -69.46 73.09 -41.64
N GLU P 114 -68.52 73.17 -40.70
CA GLU P 114 -67.10 72.88 -40.95
C GLU P 114 -66.90 71.42 -41.35
N THR P 115 -67.55 70.48 -40.66
CA THR P 115 -67.39 69.04 -40.91
C THR P 115 -68.05 68.60 -42.22
N ARG P 116 -69.19 69.18 -42.59
CA ARG P 116 -69.86 68.93 -43.88
C ARG P 116 -68.95 69.29 -45.07
N GLU P 117 -68.17 70.36 -44.94
CA GLU P 117 -67.26 70.81 -45.99
C GLU P 117 -66.05 69.88 -46.16
N VAL P 118 -65.40 69.42 -45.08
CA VAL P 118 -64.24 68.51 -45.21
C VAL P 118 -64.60 67.15 -45.79
N PHE P 119 -65.82 66.64 -45.58
CA PHE P 119 -66.33 65.43 -46.24
C PHE P 119 -66.87 65.68 -47.67
N GLY P 120 -66.88 66.92 -48.16
CA GLY P 120 -67.31 67.28 -49.51
C GLY P 120 -68.83 67.23 -49.73
N TYR P 121 -69.64 67.36 -48.69
CA TYR P 121 -71.10 67.33 -48.76
C TYR P 121 -71.74 68.69 -49.08
N ASP P 122 -72.86 68.63 -49.78
CA ASP P 122 -73.68 69.76 -50.23
C ASP P 122 -74.48 70.42 -49.09
N ALA P 123 -74.26 71.72 -48.83
CA ALA P 123 -75.05 72.55 -47.90
C ALA P 123 -76.38 73.02 -48.52
N TYR P 124 -77.38 73.35 -47.70
CA TYR P 124 -78.65 73.88 -48.22
C TYR P 124 -78.45 75.23 -48.92
N SER P 125 -78.92 75.35 -50.17
CA SER P 125 -78.91 76.62 -50.92
C SER P 125 -80.31 77.22 -50.94
N ALA P 126 -80.46 78.37 -50.31
CA ALA P 126 -81.73 79.08 -50.21
C ALA P 126 -82.23 79.62 -51.56
N LEU P 127 -83.56 79.65 -51.75
CA LEU P 127 -84.20 80.33 -52.86
C LEU P 127 -83.87 81.84 -52.85
N PRO P 128 -83.94 82.55 -53.99
CA PRO P 128 -83.70 84.00 -54.04
C PRO P 128 -84.83 84.85 -53.42
N ARG P 129 -86.06 84.34 -53.25
CA ARG P 129 -87.14 85.04 -52.51
C ARG P 129 -86.90 85.08 -50.99
N GLU P 130 -87.57 85.97 -50.28
CA GLU P 130 -87.73 85.88 -48.82
C GLU P 130 -88.70 84.75 -48.40
N SER P 131 -88.58 84.27 -47.15
CA SER P 131 -89.62 83.47 -46.48
C SER P 131 -90.98 84.19 -46.44
N SER P 132 -92.07 83.42 -46.52
CA SER P 132 -93.44 83.93 -46.39
C SER P 132 -93.62 84.71 -45.09
N LYS P 133 -94.13 85.93 -45.18
CA LYS P 133 -94.49 86.76 -44.01
C LYS P 133 -95.69 86.16 -43.27
N PRO P 134 -95.78 86.24 -41.94
CA PRO P 134 -96.87 85.66 -41.15
C PRO P 134 -98.28 85.96 -41.69
N GLY P 135 -98.58 87.22 -42.02
CA GLY P 135 -99.87 87.63 -42.59
C GLY P 135 -100.29 86.95 -43.90
N ASP P 136 -99.38 86.28 -44.61
CA ASP P 136 -99.69 85.48 -45.80
C ASP P 136 -100.27 84.09 -45.49
N PHE P 137 -99.92 83.47 -44.35
CA PHE P 137 -100.30 82.08 -44.02
C PHE P 137 -101.11 81.93 -42.73
N PHE P 138 -101.08 82.90 -41.82
CA PHE P 138 -101.92 82.92 -40.63
C PHE P 138 -103.42 83.10 -40.97
N PRO P 139 -104.34 82.41 -40.25
CA PRO P 139 -105.77 82.72 -40.27
C PRO P 139 -106.08 84.19 -39.96
N GLU P 140 -107.28 84.65 -40.32
CA GLU P 140 -107.78 85.99 -40.01
C GLU P 140 -107.87 86.28 -38.51
N GLY P 141 -107.29 87.39 -38.06
CA GLY P 141 -107.41 87.92 -36.70
C GLY P 141 -106.45 87.35 -35.65
N LEU P 142 -105.89 86.15 -35.82
CA LEU P 142 -104.89 85.61 -34.89
C LEU P 142 -103.60 86.43 -34.87
N ASP P 143 -103.09 86.70 -33.68
CA ASP P 143 -101.81 87.39 -33.46
C ASP P 143 -100.61 86.44 -33.66
N PRO P 144 -99.71 86.68 -34.63
CA PRO P 144 -98.55 85.82 -34.84
C PRO P 144 -97.62 85.69 -33.63
N SER P 145 -97.56 86.68 -32.74
CA SER P 145 -96.75 86.62 -31.51
C SER P 145 -97.33 85.71 -30.42
N ALA P 146 -98.60 85.33 -30.50
CA ALA P 146 -99.29 84.51 -29.50
C ALA P 146 -99.26 82.99 -29.77
N TYR P 147 -98.75 82.55 -30.92
CA TYR P 147 -98.85 81.17 -31.39
C TYR P 147 -97.51 80.54 -31.80
N LEU P 148 -97.42 79.22 -31.66
CA LEU P 148 -96.36 78.35 -32.19
C LEU P 148 -96.82 77.74 -33.52
N GLY P 149 -96.02 77.78 -34.59
CA GLY P 149 -96.41 77.24 -35.91
C GLY P 149 -95.58 76.04 -36.39
N ALA P 150 -96.26 75.01 -36.90
CA ALA P 150 -95.64 73.76 -37.36
C ALA P 150 -96.36 73.13 -38.57
N VAL P 151 -95.65 72.39 -39.41
CA VAL P 151 -96.19 71.69 -40.60
C VAL P 151 -96.30 70.18 -40.40
N ALA P 152 -97.45 69.61 -40.74
CA ALA P 152 -97.65 68.19 -40.99
C ALA P 152 -97.82 67.96 -42.51
N ILE P 153 -97.12 66.99 -43.09
CA ILE P 153 -96.98 66.85 -44.55
C ILE P 153 -97.18 65.41 -45.03
N THR P 154 -97.79 65.21 -46.18
CA THR P 154 -97.91 63.87 -46.77
C THR P 154 -96.61 63.39 -47.39
N GLU P 155 -96.38 62.08 -47.33
CA GLU P 155 -95.11 61.47 -47.75
C GLU P 155 -94.81 61.67 -49.24
N ALA P 156 -95.83 61.75 -50.10
CA ALA P 156 -95.71 61.98 -51.53
C ALA P 156 -95.39 63.44 -51.96
N PHE P 157 -95.69 64.45 -51.12
CA PHE P 157 -95.55 65.88 -51.45
C PHE P 157 -94.55 66.65 -50.55
N LYS P 158 -93.74 65.96 -49.73
CA LYS P 158 -92.72 66.58 -48.88
C LYS P 158 -91.57 67.25 -49.65
N GLU P 159 -91.21 66.81 -50.85
CA GLU P 159 -90.23 67.54 -51.68
C GLU P 159 -90.81 68.87 -52.21
N ARG P 160 -92.12 68.93 -52.49
CA ARG P 160 -92.83 70.16 -52.86
C ARG P 160 -92.87 71.17 -51.72
N LEU P 161 -92.96 70.72 -50.46
CA LEU P 161 -92.79 71.57 -49.28
C LEU P 161 -91.38 72.19 -49.24
N TYR P 162 -90.35 71.35 -49.38
CA TYR P 162 -88.95 71.76 -49.43
C TYR P 162 -88.69 72.80 -50.54
N SER P 163 -89.23 72.58 -51.74
CA SER P 163 -88.98 73.41 -52.93
C SER P 163 -89.85 74.67 -53.03
N GLY P 164 -90.79 74.91 -52.11
CA GLY P 164 -91.61 76.14 -52.09
C GLY P 164 -92.79 76.13 -53.07
N ASN P 165 -93.28 74.96 -53.43
CA ASN P 165 -94.32 74.74 -54.44
C ASN P 165 -95.73 74.43 -53.88
N LEU P 166 -95.95 74.46 -52.56
CA LEU P 166 -97.29 74.37 -51.96
C LEU P 166 -97.91 75.77 -51.77
N VAL P 167 -99.23 75.82 -51.69
CA VAL P 167 -100.04 77.01 -51.43
C VAL P 167 -100.85 76.82 -50.13
N ALA P 168 -100.78 77.76 -49.19
CA ALA P 168 -101.66 77.81 -48.01
C ALA P 168 -102.94 78.60 -48.28
N ILE P 169 -104.08 78.16 -47.74
CA ILE P 169 -105.40 78.80 -47.96
C ILE P 169 -106.06 79.16 -46.62
N PRO P 170 -105.67 80.26 -45.96
CA PRO P 170 -106.17 80.66 -44.65
C PRO P 170 -107.69 80.73 -44.46
N SER P 171 -108.47 81.03 -45.50
CA SER P 171 -109.95 81.10 -45.39
C SER P 171 -110.58 79.74 -45.08
N LEU P 172 -109.92 78.64 -45.43
CA LEU P 172 -110.34 77.27 -45.12
C LEU P 172 -109.87 76.79 -43.73
N LYS P 173 -109.60 77.70 -42.78
CA LYS P 173 -109.25 77.34 -41.39
C LYS P 173 -110.25 76.37 -40.75
N GLN P 174 -109.76 75.52 -39.88
CA GLN P 174 -110.55 74.66 -39.01
C GLN P 174 -110.04 74.75 -37.56
N GLU P 175 -110.94 74.87 -36.59
CA GLU P 175 -110.60 74.92 -35.17
C GLU P 175 -110.63 73.51 -34.57
N VAL P 176 -109.56 73.14 -33.86
CA VAL P 176 -109.29 71.76 -33.40
C VAL P 176 -108.71 71.77 -31.98
N ALA P 177 -109.09 70.79 -31.17
CA ALA P 177 -108.57 70.63 -29.81
C ALA P 177 -107.35 69.68 -29.82
N VAL P 178 -106.19 70.16 -29.35
CA VAL P 178 -104.96 69.34 -29.27
C VAL P 178 -104.57 69.20 -27.80
N GLY P 179 -104.93 68.06 -27.22
CA GLY P 179 -104.94 67.90 -25.76
C GLY P 179 -105.94 68.87 -25.13
N GLN P 180 -105.49 69.72 -24.22
CA GLN P 180 -106.30 70.82 -23.67
C GLN P 180 -106.40 72.04 -24.60
N SER P 181 -105.40 72.26 -25.46
CA SER P 181 -105.19 73.55 -26.12
C SER P 181 -106.11 73.77 -27.32
N ALA P 182 -106.80 74.92 -27.35
CA ALA P 182 -107.61 75.39 -28.47
C ALA P 182 -106.71 75.80 -29.64
N SER P 183 -106.54 74.95 -30.63
CA SER P 183 -105.62 75.14 -31.76
C SER P 183 -106.36 75.45 -33.06
N VAL P 184 -105.65 75.84 -34.11
CA VAL P 184 -106.21 76.06 -35.44
C VAL P 184 -105.36 75.32 -36.48
N ARG P 185 -105.95 74.82 -37.57
CA ARG P 185 -105.17 74.36 -38.73
C ARG P 185 -105.62 75.00 -40.05
N VAL P 186 -104.67 75.21 -40.97
CA VAL P 186 -104.87 75.71 -42.34
C VAL P 186 -104.39 74.65 -43.34
N PRO P 187 -105.12 74.34 -44.41
CA PRO P 187 -104.70 73.34 -45.39
C PRO P 187 -103.59 73.84 -46.34
N LEU P 188 -102.78 72.92 -46.87
CA LEU P 188 -101.81 73.12 -47.94
C LEU P 188 -102.20 72.34 -49.22
N TYR P 189 -102.16 72.99 -50.39
CA TYR P 189 -102.39 72.36 -51.70
C TYR P 189 -101.22 72.57 -52.67
N ASP P 190 -100.86 71.60 -53.50
CA ASP P 190 -99.85 71.78 -54.55
C ASP P 190 -100.29 72.84 -55.58
N LYS P 191 -99.40 73.74 -56.00
CA LYS P 191 -99.74 74.83 -56.94
C LYS P 191 -100.36 74.34 -58.27
N GLU P 192 -100.20 73.07 -58.62
CA GLU P 192 -100.88 72.43 -59.75
C GLU P 192 -102.41 72.27 -59.60
N VAL P 193 -103.01 72.58 -58.44
CA VAL P 193 -104.47 72.76 -58.35
C VAL P 193 -104.96 74.11 -58.89
N PHE P 194 -104.08 75.03 -59.29
CA PHE P 194 -104.44 76.31 -59.89
C PHE P 194 -103.95 76.39 -61.35
N PRO P 195 -104.68 75.81 -62.32
CA PRO P 195 -104.26 75.81 -63.73
C PRO P 195 -104.05 77.19 -64.35
N GLU P 196 -104.76 78.25 -63.93
CA GLU P 196 -104.48 79.62 -64.41
C GLU P 196 -103.23 80.25 -63.78
N GLY P 197 -102.61 79.57 -62.80
CA GLY P 197 -101.47 80.02 -62.04
C GLY P 197 -101.83 80.89 -60.83
N VAL P 198 -100.93 80.93 -59.85
CA VAL P 198 -100.90 81.87 -58.71
C VAL P 198 -99.55 82.61 -58.71
N PRO P 199 -99.46 83.88 -58.26
CA PRO P 199 -98.19 84.61 -58.22
C PRO P 199 -97.10 83.88 -57.42
N GLN P 200 -95.84 83.98 -57.83
CA GLN P 200 -94.73 83.25 -57.18
C GLN P 200 -94.61 83.53 -55.68
N LEU P 201 -94.91 84.76 -55.21
CA LEU P 201 -94.91 85.09 -53.77
C LEU P 201 -96.18 84.63 -53.01
N ARG P 202 -97.24 84.18 -53.69
CA ARG P 202 -98.43 83.60 -53.07
C ARG P 202 -98.23 82.14 -52.61
N GLN P 203 -97.21 81.47 -53.10
CA GLN P 203 -96.77 80.14 -52.65
C GLN P 203 -96.10 80.22 -51.26
N PHE P 204 -96.16 79.14 -50.49
CA PHE P 204 -95.60 79.05 -49.15
C PHE P 204 -94.13 78.62 -49.17
N TYR P 205 -93.26 79.40 -48.54
CA TYR P 205 -91.83 79.06 -48.39
C TYR P 205 -91.27 79.49 -47.04
N ASN P 206 -90.52 78.64 -46.37
CA ASN P 206 -89.73 79.03 -45.21
C ASN P 206 -88.32 78.45 -45.28
N SER P 207 -87.33 79.33 -45.28
CA SER P 207 -85.92 78.94 -45.46
C SER P 207 -85.38 78.10 -44.29
N ASP P 208 -85.79 78.39 -43.05
CA ASP P 208 -85.36 77.59 -41.90
C ASP P 208 -85.95 76.18 -41.92
N LEU P 209 -87.21 76.02 -42.33
CA LEU P 209 -87.84 74.73 -42.53
C LEU P 209 -87.13 73.91 -43.62
N SER P 210 -86.87 74.49 -44.80
CA SER P 210 -86.20 73.76 -45.88
C SER P 210 -84.77 73.35 -45.50
N ARG P 211 -84.00 74.23 -44.85
CA ARG P 211 -82.67 73.91 -44.29
C ARG P 211 -82.72 72.78 -43.26
N CYS P 212 -83.69 72.76 -42.35
CA CYS P 212 -83.86 71.68 -41.40
C CYS P 212 -84.12 70.32 -42.08
N MET P 213 -85.06 70.26 -43.05
CA MET P 213 -85.28 69.04 -43.87
C MET P 213 -84.02 68.59 -44.63
N HIS P 214 -83.23 69.51 -45.18
CA HIS P 214 -81.99 69.21 -45.89
C HIS P 214 -81.02 68.40 -45.01
N GLU P 215 -80.81 68.88 -43.80
CA GLU P 215 -79.88 68.31 -42.83
C GLU P 215 -80.46 67.08 -42.11
N ALA P 216 -81.64 67.19 -41.52
CA ALA P 216 -82.20 66.14 -40.68
C ALA P 216 -82.90 65.00 -41.45
N LEU P 217 -83.36 65.20 -42.69
CA LEU P 217 -84.00 64.16 -43.50
C LEU P 217 -83.13 63.67 -44.66
N TYR P 218 -82.86 64.55 -45.64
CA TYR P 218 -82.31 64.13 -46.93
C TYR P 218 -80.82 63.76 -46.90
N THR P 219 -80.00 64.39 -46.06
CA THR P 219 -78.56 64.08 -45.98
C THR P 219 -78.28 62.63 -45.56
N GLY P 220 -79.06 62.08 -44.63
CA GLY P 220 -78.91 60.69 -44.20
C GLY P 220 -79.32 59.67 -45.28
N LEU P 221 -80.31 60.00 -46.12
CA LEU P 221 -80.68 59.20 -47.29
C LEU P 221 -79.58 59.20 -48.36
N ALA P 222 -78.95 60.35 -48.60
CA ALA P 222 -77.78 60.47 -49.45
C ALA P 222 -76.60 59.63 -48.91
N GLN P 223 -76.30 59.68 -47.62
CA GLN P 223 -75.29 58.83 -46.99
C GLN P 223 -75.59 57.33 -47.16
N ALA P 224 -76.85 56.90 -47.03
CA ALA P 224 -77.24 55.49 -47.27
C ALA P 224 -77.02 54.99 -48.72
N LEU P 225 -77.00 55.88 -49.71
CA LEU P 225 -76.70 55.58 -51.13
C LEU P 225 -75.23 55.84 -51.53
N ARG P 226 -74.42 56.45 -50.64
CA ARG P 226 -73.08 57.01 -50.90
C ARG P 226 -73.08 58.07 -52.02
N VAL P 227 -73.96 59.06 -51.89
CA VAL P 227 -74.10 60.27 -52.73
C VAL P 227 -73.74 61.51 -51.90
N ARG P 228 -73.01 62.48 -52.46
CA ARG P 228 -72.65 63.77 -51.81
C ARG P 228 -73.56 64.94 -52.18
N ARG P 229 -74.14 64.89 -53.38
CA ARG P 229 -74.98 65.94 -54.00
C ARG P 229 -76.43 65.87 -53.51
N VAL P 230 -76.68 66.33 -52.29
CA VAL P 230 -77.98 66.21 -51.59
C VAL P 230 -79.09 66.96 -52.33
N GLY P 231 -78.87 68.19 -52.79
CA GLY P 231 -79.85 68.98 -53.53
C GLY P 231 -80.34 68.33 -54.82
N LYS P 232 -79.44 67.70 -55.59
CA LYS P 232 -79.78 66.87 -56.75
C LYS P 232 -80.53 65.59 -56.40
N LEU P 233 -80.25 64.94 -55.27
CA LEU P 233 -81.09 63.84 -54.77
C LEU P 233 -82.53 64.30 -54.45
N VAL P 234 -82.72 65.47 -53.85
CA VAL P 234 -84.08 66.00 -53.59
C VAL P 234 -84.83 66.28 -54.89
N GLU P 235 -84.17 66.88 -55.89
CA GLU P 235 -84.76 67.14 -57.20
C GLU P 235 -85.23 65.87 -57.93
N LEU P 236 -84.43 64.80 -57.94
CA LEU P 236 -84.84 63.55 -58.60
C LEU P 236 -85.93 62.79 -57.84
N LEU P 237 -86.02 62.88 -56.51
CA LEU P 237 -87.13 62.31 -55.74
C LEU P 237 -88.46 63.04 -56.02
N GLU P 238 -88.45 64.37 -56.16
CA GLU P 238 -89.64 65.15 -56.51
C GLU P 238 -90.22 64.74 -57.87
N LYS P 239 -89.38 64.71 -58.91
CA LYS P 239 -89.79 64.33 -60.27
C LYS P 239 -90.25 62.87 -60.34
N GLN P 240 -89.66 61.96 -59.57
CA GLN P 240 -90.15 60.59 -59.43
C GLN P 240 -91.57 60.54 -58.86
N SER P 241 -91.92 61.37 -57.88
CA SER P 241 -93.26 61.40 -57.30
C SER P 241 -94.28 62.01 -58.26
N LEU P 242 -93.96 63.11 -58.95
CA LEU P 242 -94.93 63.87 -59.74
C LEU P 242 -95.08 63.44 -61.20
N GLN P 243 -94.10 62.74 -61.77
CA GLN P 243 -94.04 62.38 -63.21
C GLN P 243 -93.85 60.87 -63.44
N ASP P 244 -94.16 60.04 -62.43
CA ASP P 244 -94.21 58.57 -62.50
C ASP P 244 -92.92 57.87 -62.97
N GLN P 245 -91.74 58.43 -62.70
CA GLN P 245 -90.45 57.97 -63.25
C GLN P 245 -89.83 56.72 -62.57
N ALA P 246 -90.61 55.91 -61.86
CA ALA P 246 -90.09 54.78 -61.08
C ALA P 246 -89.26 53.76 -61.90
N LYS P 247 -89.64 53.46 -63.16
CA LYS P 247 -88.93 52.53 -64.05
C LYS P 247 -87.83 53.18 -64.91
N VAL P 248 -87.50 54.45 -64.69
CA VAL P 248 -86.40 55.17 -65.38
C VAL P 248 -85.19 55.27 -64.46
N ALA P 249 -83.99 54.95 -64.93
CA ALA P 249 -82.75 55.11 -64.16
C ALA P 249 -82.42 56.60 -63.95
N LYS P 250 -81.94 56.98 -62.77
CA LYS P 250 -81.80 58.40 -62.36
C LYS P 250 -80.66 58.71 -61.39
N VAL P 251 -80.28 57.81 -60.47
CA VAL P 251 -79.20 58.09 -59.50
C VAL P 251 -77.80 57.81 -60.02
N ALA P 252 -77.62 56.94 -61.03
CA ALA P 252 -76.31 56.52 -61.50
C ALA P 252 -75.30 57.65 -61.80
N PRO P 253 -75.65 58.79 -62.42
CA PRO P 253 -74.74 59.93 -62.60
C PRO P 253 -74.17 60.53 -61.31
N LEU P 254 -74.88 60.46 -60.19
CA LEU P 254 -74.45 61.01 -58.89
C LEU P 254 -73.47 60.09 -58.13
N LYS P 255 -73.31 58.83 -58.55
CA LYS P 255 -72.46 57.82 -57.87
C LYS P 255 -70.97 58.15 -57.90
N GLU P 256 -70.25 57.66 -56.91
CA GLU P 256 -68.80 57.80 -56.72
C GLU P 256 -68.20 56.52 -56.16
N PHE P 257 -66.95 56.21 -56.51
CA PHE P 257 -66.31 54.92 -56.22
C PHE P 257 -64.93 55.08 -55.59
N PRO P 258 -64.53 54.23 -54.62
CA PRO P 258 -63.21 54.25 -54.00
C PRO P 258 -62.16 53.47 -54.83
N ALA P 259 -60.88 53.66 -54.50
CA ALA P 259 -59.75 53.03 -55.17
C ALA P 259 -59.77 51.48 -55.12
N SER P 260 -60.32 50.87 -54.07
CA SER P 260 -60.54 49.42 -53.96
C SER P 260 -61.54 48.88 -54.98
N THR P 261 -62.49 49.70 -55.45
CA THR P 261 -63.41 49.36 -56.55
C THR P 261 -62.81 49.65 -57.92
N ILE P 262 -62.11 50.77 -58.09
CA ILE P 262 -61.50 51.16 -59.38
C ILE P 262 -60.33 50.23 -59.76
N SER P 263 -59.51 49.81 -58.79
CA SER P 263 -58.37 48.89 -58.99
C SER P 263 -58.77 47.41 -59.09
N HIS P 264 -60.05 47.07 -58.95
CA HIS P 264 -60.52 45.69 -58.90
C HIS P 264 -60.50 44.99 -60.27
N PRO P 265 -60.15 43.69 -60.36
CA PRO P 265 -60.16 42.96 -61.64
C PRO P 265 -61.55 42.86 -62.29
N ASP P 266 -62.61 42.82 -61.48
CA ASP P 266 -64.01 42.88 -61.94
C ASP P 266 -64.64 44.28 -61.82
N SER P 267 -63.84 45.36 -61.78
CA SER P 267 -64.32 46.73 -61.54
C SER P 267 -65.50 47.16 -62.43
N GLY P 268 -65.51 46.80 -63.71
CA GLY P 268 -66.62 47.17 -64.62
C GLY P 268 -67.96 46.57 -64.21
N ALA P 269 -67.98 45.29 -63.84
CA ALA P 269 -69.17 44.60 -63.32
C ALA P 269 -69.56 45.09 -61.92
N LEU P 270 -68.59 45.40 -61.07
CA LEU P 270 -68.82 45.94 -59.73
C LEU P 270 -69.48 47.33 -59.77
N MET P 271 -69.01 48.23 -60.63
CA MET P 271 -69.63 49.56 -60.79
C MET P 271 -71.07 49.48 -61.30
N ILE P 272 -71.40 48.53 -62.19
CA ILE P 272 -72.77 48.27 -62.65
C ILE P 272 -73.65 47.68 -61.52
N VAL P 273 -73.18 46.68 -60.76
CA VAL P 273 -73.98 46.09 -59.67
C VAL P 273 -74.25 47.09 -58.52
N ASP P 274 -73.24 47.85 -58.08
CA ASP P 274 -73.36 48.88 -57.05
C ASP P 274 -74.33 50.00 -57.47
N SER P 275 -74.26 50.45 -58.73
CA SER P 275 -75.19 51.45 -59.28
C SER P 275 -76.62 50.92 -59.39
N ALA P 276 -76.83 49.71 -59.91
CA ALA P 276 -78.15 49.13 -60.08
C ALA P 276 -78.86 48.85 -58.74
N ALA P 277 -78.12 48.41 -57.72
CA ALA P 277 -78.65 48.26 -56.37
C ALA P 277 -79.20 49.58 -55.78
N CYS P 278 -78.48 50.69 -55.97
CA CYS P 278 -78.93 52.01 -55.52
C CYS P 278 -80.14 52.51 -56.31
N GLU P 279 -80.17 52.33 -57.64
CA GLU P 279 -81.35 52.67 -58.46
C GLU P 279 -82.61 51.96 -57.96
N LEU P 280 -82.52 50.66 -57.67
CA LEU P 280 -83.64 49.86 -57.19
C LEU P 280 -84.12 50.31 -55.80
N ALA P 281 -83.22 50.63 -54.86
CA ALA P 281 -83.60 51.18 -53.56
C ALA P 281 -84.35 52.51 -53.68
N VAL P 282 -83.91 53.41 -54.56
CA VAL P 282 -84.62 54.67 -54.86
C VAL P 282 -85.94 54.46 -55.60
N SER P 283 -86.10 53.45 -56.45
CA SER P 283 -87.40 53.11 -57.05
C SER P 283 -88.40 52.59 -56.01
N TYR P 284 -88.02 51.66 -55.13
CA TYR P 284 -88.97 50.93 -54.29
C TYR P 284 -89.15 51.47 -52.86
N ALA P 285 -88.15 52.05 -52.19
CA ALA P 285 -88.32 52.52 -50.81
C ALA P 285 -89.37 53.64 -50.67
N PRO P 286 -89.38 54.71 -51.49
CA PRO P 286 -90.42 55.73 -51.42
C PRO P 286 -91.85 55.20 -51.65
N ALA P 287 -92.03 54.28 -52.61
CA ALA P 287 -93.34 53.65 -52.86
C ALA P 287 -93.89 52.92 -51.63
N MET P 288 -93.06 52.12 -50.96
CA MET P 288 -93.46 51.44 -49.72
C MET P 288 -93.68 52.40 -48.56
N LEU P 289 -92.92 53.47 -48.43
CA LEU P 289 -93.13 54.49 -47.40
C LEU P 289 -94.42 55.31 -47.61
N GLU P 290 -94.78 55.64 -48.85
CA GLU P 290 -96.02 56.35 -49.22
C GLU P 290 -97.30 55.52 -49.06
N ALA P 291 -97.22 54.19 -49.08
CA ALA P 291 -98.37 53.28 -49.00
C ALA P 291 -99.28 53.54 -47.79
N SER P 292 -100.52 53.05 -47.82
CA SER P 292 -101.46 53.19 -46.70
C SER P 292 -101.10 52.25 -45.57
N HIS P 293 -100.99 52.75 -44.33
CA HIS P 293 -100.51 51.98 -43.16
C HIS P 293 -101.60 51.82 -42.11
N GLU P 294 -101.57 50.73 -41.34
CA GLU P 294 -102.41 50.56 -40.13
C GLU P 294 -102.07 51.61 -39.07
N THR P 295 -103.07 52.05 -38.28
CA THR P 295 -102.87 53.01 -37.18
C THR P 295 -102.61 52.28 -35.86
N PRO P 296 -101.40 52.31 -35.28
CA PRO P 296 -101.12 51.65 -34.00
C PRO P 296 -101.81 52.32 -32.81
N ALA P 297 -102.10 51.57 -31.74
CA ALA P 297 -102.62 52.14 -30.49
C ALA P 297 -101.61 53.05 -29.76
N SER P 298 -100.31 52.88 -30.05
CA SER P 298 -99.23 53.70 -29.48
C SER P 298 -99.20 55.14 -30.00
N LEU P 299 -99.93 55.46 -31.08
CA LEU P 299 -100.01 56.81 -31.64
C LEU P 299 -100.89 57.78 -30.81
N ASN P 300 -101.64 57.25 -29.84
CA ASN P 300 -102.55 58.00 -28.99
C ASN P 300 -101.91 58.37 -27.64
N TYR P 301 -101.36 59.58 -27.52
CA TYR P 301 -100.54 60.02 -26.38
C TYR P 301 -101.30 60.11 -25.04
N ASP P 302 -102.61 60.37 -25.08
CA ASP P 302 -103.43 60.49 -23.87
C ASP P 302 -103.84 59.12 -23.28
N SER P 303 -103.77 58.02 -24.04
CA SER P 303 -103.90 56.65 -23.51
C SER P 303 -102.58 55.97 -23.14
N TRP P 304 -101.41 56.63 -23.23
CA TRP P 304 -100.14 56.02 -22.81
C TRP P 304 -100.14 55.65 -21.32
N PRO P 305 -99.97 54.37 -20.94
CA PRO P 305 -99.92 53.94 -19.54
C PRO P 305 -98.84 54.60 -18.68
N LEU P 306 -97.71 55.01 -19.24
CA LEU P 306 -96.58 55.52 -18.44
C LEU P 306 -96.92 56.75 -17.58
N PHE P 307 -97.94 57.53 -17.94
CA PHE P 307 -98.45 58.68 -17.17
C PHE P 307 -99.43 58.34 -16.04
N ALA P 308 -99.90 57.09 -15.90
CA ALA P 308 -101.09 56.76 -15.09
C ALA P 308 -101.00 57.10 -13.59
N ASP P 309 -99.81 57.13 -12.99
CA ASP P 309 -99.58 57.54 -11.59
C ASP P 309 -99.09 59.00 -11.42
N CYS P 310 -98.94 59.77 -12.50
CA CYS P 310 -98.44 61.15 -12.46
C CYS P 310 -99.48 62.14 -11.94
N GLU P 311 -99.08 63.06 -11.06
CA GLU P 311 -99.84 64.26 -10.70
C GLU P 311 -99.04 65.53 -11.00
N GLY P 312 -99.57 66.36 -11.91
CA GLY P 312 -98.98 67.65 -12.29
C GLY P 312 -97.85 67.59 -13.34
N PRO P 313 -97.43 68.75 -13.88
CA PRO P 313 -96.48 68.82 -14.99
C PRO P 313 -95.07 68.28 -14.70
N GLU P 314 -94.56 68.44 -13.48
CA GLU P 314 -93.22 67.96 -13.13
C GLU P 314 -93.13 66.43 -13.16
N ALA P 315 -94.14 65.74 -12.66
CA ALA P 315 -94.23 64.29 -12.70
C ALA P 315 -94.32 63.77 -14.14
N ARG P 316 -95.04 64.46 -15.04
CA ARG P 316 -95.16 64.10 -16.46
C ARG P 316 -93.83 64.24 -17.21
N VAL P 317 -93.09 65.33 -17.01
CA VAL P 317 -91.74 65.51 -17.59
C VAL P 317 -90.75 64.47 -17.07
N ALA P 318 -90.74 64.18 -15.76
CA ALA P 318 -89.87 63.17 -15.18
C ALA P 318 -90.19 61.73 -15.68
N ALA P 319 -91.46 61.42 -15.95
CA ALA P 319 -91.89 60.17 -16.57
C ALA P 319 -91.38 60.01 -18.00
N LEU P 320 -91.39 61.09 -18.80
CA LEU P 320 -90.83 61.11 -20.15
C LEU P 320 -89.31 60.89 -20.14
N HIS P 321 -88.58 61.47 -19.18
CA HIS P 321 -87.14 61.22 -19.05
C HIS P 321 -86.81 59.75 -18.72
N ARG P 322 -87.57 59.08 -17.85
CA ARG P 322 -87.45 57.62 -17.64
C ARG P 322 -87.76 56.81 -18.90
N TYR P 323 -88.81 57.18 -19.64
CA TYR P 323 -89.11 56.59 -20.93
C TYR P 323 -87.93 56.69 -21.92
N ASN P 324 -87.33 57.87 -22.07
CA ASN P 324 -86.17 58.08 -22.94
C ASN P 324 -84.96 57.23 -22.54
N ALA P 325 -84.64 57.12 -21.24
CA ALA P 325 -83.55 56.29 -20.76
C ALA P 325 -83.72 54.81 -21.16
N SER P 326 -84.95 54.28 -21.19
CA SER P 326 -85.22 52.90 -21.64
C SER P 326 -84.97 52.66 -23.15
N LEU P 327 -84.94 53.70 -23.99
CA LEU P 327 -84.58 53.62 -25.41
C LEU P 327 -83.08 53.87 -25.70
N ALA P 328 -82.33 54.50 -24.80
CA ALA P 328 -80.93 54.89 -25.04
C ALA P 328 -80.01 53.75 -25.53
N PRO P 329 -80.08 52.49 -25.02
CA PRO P 329 -79.21 51.41 -25.49
C PRO P 329 -79.35 51.10 -26.98
N HIS P 330 -80.54 51.27 -27.57
CA HIS P 330 -80.73 51.16 -29.03
C HIS P 330 -79.93 52.23 -29.77
N VAL P 331 -80.01 53.48 -29.33
CA VAL P 331 -79.32 54.62 -29.97
C VAL P 331 -77.81 54.53 -29.77
N SER P 332 -77.32 54.26 -28.56
CA SER P 332 -75.87 54.17 -28.32
C SER P 332 -75.22 52.96 -29.01
N THR P 333 -75.95 51.86 -29.21
CA THR P 333 -75.45 50.71 -29.98
C THR P 333 -75.16 51.10 -31.43
N GLN P 334 -76.05 51.87 -32.07
CA GLN P 334 -75.83 52.40 -33.42
C GLN P 334 -74.67 53.42 -33.51
N ILE P 335 -74.19 53.98 -32.41
CA ILE P 335 -72.96 54.79 -32.38
C ILE P 335 -71.71 53.95 -32.07
N PHE P 336 -71.75 53.08 -31.05
CA PHE P 336 -70.57 52.34 -30.59
C PHE P 336 -70.20 51.13 -31.45
N ALA P 337 -71.13 50.51 -32.19
CA ALA P 337 -70.86 49.30 -32.96
C ALA P 337 -70.10 49.57 -34.27
N THR P 338 -68.99 48.88 -34.51
CA THR P 338 -68.18 48.99 -35.74
C THR P 338 -69.01 48.68 -37.00
N ASN P 339 -69.97 47.77 -36.89
CA ASN P 339 -70.87 47.34 -37.96
C ASN P 339 -72.29 47.94 -37.89
N SER P 340 -72.41 49.14 -37.33
CA SER P 340 -73.63 49.96 -37.38
C SER P 340 -74.04 50.30 -38.82
N VAL P 341 -75.34 50.39 -39.08
CA VAL P 341 -75.90 50.86 -40.36
C VAL P 341 -75.43 52.27 -40.74
N LEU P 342 -75.09 53.11 -39.76
CA LEU P 342 -74.55 54.46 -39.97
C LEU P 342 -73.14 54.48 -40.60
N TYR P 343 -72.41 53.37 -40.61
CA TYR P 343 -71.03 53.26 -41.11
C TYR P 343 -70.88 52.37 -42.37
N VAL P 344 -71.98 52.01 -43.05
CA VAL P 344 -71.95 51.25 -44.32
C VAL P 344 -71.20 52.07 -45.39
N SER P 345 -70.21 51.44 -46.03
CA SER P 345 -69.23 52.09 -46.91
C SER P 345 -69.41 51.79 -48.40
N GLY P 346 -70.21 50.81 -48.80
CA GLY P 346 -70.41 50.44 -50.20
C GLY P 346 -70.57 48.95 -50.47
N VAL P 347 -70.32 48.54 -51.71
CA VAL P 347 -70.40 47.15 -52.19
C VAL P 347 -69.03 46.67 -52.63
N SER P 348 -68.68 45.42 -52.33
CA SER P 348 -67.43 44.80 -52.78
C SER P 348 -67.66 43.36 -53.25
N LYS P 349 -66.67 42.78 -53.95
CA LYS P 349 -66.71 41.41 -54.50
C LYS P 349 -65.57 40.56 -53.96
N SER P 350 -65.89 39.30 -53.66
CA SER P 350 -64.98 38.30 -53.07
C SER P 350 -63.64 38.15 -53.81
N GLU P 356 -66.53 33.22 -50.54
CA GLU P 356 -67.98 33.28 -50.74
C GLU P 356 -68.46 32.40 -51.91
N SER P 357 -69.62 31.77 -51.74
CA SER P 357 -70.36 31.09 -52.83
C SER P 357 -70.91 32.09 -53.86
N LEU P 358 -71.32 31.62 -55.04
CA LEU P 358 -71.67 32.47 -56.19
C LEU P 358 -72.66 33.59 -55.86
N PHE P 359 -73.80 33.27 -55.26
CA PHE P 359 -74.83 34.28 -54.94
C PHE P 359 -74.45 35.21 -53.79
N ASN P 360 -73.53 34.80 -52.91
CA ASN P 360 -72.96 35.64 -51.85
C ASN P 360 -71.75 36.47 -52.28
N SER P 361 -71.23 36.30 -53.50
CA SER P 361 -69.94 36.86 -53.92
C SER P 361 -69.86 38.39 -53.94
N PHE P 362 -70.96 39.10 -54.21
CA PHE P 362 -71.09 40.55 -53.97
C PHE P 362 -71.75 40.78 -52.60
N TYR P 363 -71.23 41.72 -51.81
CA TYR P 363 -71.72 42.01 -50.46
C TYR P 363 -71.51 43.47 -50.00
N MET P 364 -72.28 43.89 -48.99
CA MET P 364 -72.15 45.20 -48.32
C MET P 364 -70.91 45.28 -47.40
N THR P 365 -70.18 46.39 -47.45
CA THR P 365 -68.99 46.67 -46.61
C THR P 365 -69.23 47.81 -45.61
N HIS P 366 -68.44 47.88 -44.55
CA HIS P 366 -68.44 48.97 -43.56
C HIS P 366 -67.02 49.51 -43.30
N GLY P 367 -66.92 50.78 -42.90
CA GLY P 367 -65.65 51.35 -42.43
C GLY P 367 -65.55 52.86 -42.58
N LEU P 368 -65.29 53.57 -41.49
CA LEU P 368 -65.07 55.02 -41.46
C LEU P 368 -63.79 55.45 -42.18
N GLY P 369 -62.73 54.63 -42.18
CA GLY P 369 -61.52 54.90 -42.95
C GLY P 369 -61.82 54.98 -44.44
N THR P 370 -62.63 54.06 -44.97
CA THR P 370 -63.09 54.08 -46.36
C THR P 370 -63.91 55.33 -46.68
N LEU P 371 -64.77 55.76 -45.77
CA LEU P 371 -65.59 56.95 -45.94
C LEU P 371 -64.78 58.26 -45.95
N GLN P 372 -63.57 58.30 -45.41
CA GLN P 372 -62.66 59.47 -45.51
C GLN P 372 -61.92 59.58 -46.86
N GLU P 373 -61.83 58.52 -47.66
CA GLU P 373 -60.96 58.50 -48.87
C GLU P 373 -61.49 59.33 -50.04
N GLY P 374 -60.60 59.70 -50.96
CA GLY P 374 -60.97 60.24 -52.27
C GLY P 374 -61.65 59.21 -53.17
N THR P 375 -62.36 59.69 -54.19
CA THR P 375 -63.23 58.92 -55.08
C THR P 375 -63.05 59.28 -56.56
N TRP P 376 -63.62 58.44 -57.42
CA TRP P 376 -63.72 58.61 -58.88
C TRP P 376 -65.18 58.51 -59.35
N ASP P 377 -65.52 59.18 -60.44
CA ASP P 377 -66.88 59.22 -61.02
C ASP P 377 -67.20 57.99 -61.90
N PRO P 378 -68.44 57.82 -62.41
CA PRO P 378 -68.81 56.71 -63.30
C PRO P 378 -68.01 56.59 -64.61
N CYS P 379 -67.26 57.63 -65.02
CA CYS P 379 -66.37 57.63 -66.17
C CYS P 379 -64.88 57.55 -65.75
N ARG P 380 -64.61 57.08 -64.53
CA ARG P 380 -63.27 56.86 -63.95
C ARG P 380 -62.41 58.12 -63.83
N ARG P 381 -63.01 59.32 -63.83
CA ARG P 381 -62.31 60.59 -63.61
C ARG P 381 -62.26 60.90 -62.10
N PRO P 382 -61.23 61.58 -61.57
CA PRO P 382 -61.18 61.99 -60.17
C PRO P 382 -62.39 62.83 -59.74
N CYS P 383 -62.88 62.64 -58.50
CA CYS P 383 -64.11 63.25 -58.02
C CYS P 383 -63.91 63.98 -56.67
N PHE P 384 -64.21 63.36 -55.53
CA PHE P 384 -63.80 63.88 -54.21
C PHE P 384 -62.32 63.60 -53.95
N SER P 385 -61.59 64.53 -53.33
CA SER P 385 -60.14 64.39 -53.04
C SER P 385 -59.79 63.68 -51.73
N GLY P 386 -60.77 63.39 -50.86
CA GLY P 386 -60.53 62.78 -49.54
C GLY P 386 -60.17 63.77 -48.44
N TRP P 387 -60.14 63.27 -47.21
CA TRP P 387 -59.78 64.01 -46.00
C TRP P 387 -58.74 63.25 -45.17
N GLY P 388 -57.70 63.96 -44.70
CA GLY P 388 -56.60 63.36 -43.93
C GLY P 388 -56.92 63.05 -42.46
N GLY P 389 -58.12 63.41 -42.00
CA GLY P 389 -58.50 63.35 -40.58
C GLY P 389 -58.09 64.60 -39.79
N PRO P 390 -58.39 64.63 -38.48
CA PRO P 390 -58.09 65.75 -37.59
C PRO P 390 -56.59 66.13 -37.56
N GLY P 394 -57.48 65.82 -31.18
CA GLY P 394 -58.41 65.62 -30.08
C GLY P 394 -57.96 64.57 -29.05
N THR P 395 -58.71 64.45 -27.96
CA THR P 395 -58.30 63.68 -26.75
C THR P 395 -58.18 62.16 -26.97
N ASN P 396 -58.77 61.57 -28.01
CA ASN P 396 -58.64 60.13 -28.32
C ASN P 396 -57.37 59.79 -29.15
N GLY P 397 -56.61 60.79 -29.59
CA GLY P 397 -55.32 60.62 -30.29
C GLY P 397 -55.38 60.19 -31.77
N PRO P 398 -54.22 60.11 -32.45
CA PRO P 398 -54.09 59.86 -33.88
C PRO P 398 -54.63 58.51 -34.36
N GLY P 399 -55.28 58.47 -35.53
CA GLY P 399 -55.82 57.25 -36.13
C GLY P 399 -57.07 56.66 -35.47
N ASN P 400 -57.53 57.26 -34.38
CA ASN P 400 -58.69 56.84 -33.61
C ASN P 400 -59.94 57.69 -33.92
N TYR P 401 -61.10 57.21 -33.52
CA TYR P 401 -62.39 57.90 -33.66
C TYR P 401 -62.34 59.27 -32.97
N ALA P 402 -62.86 60.30 -33.62
CA ALA P 402 -62.85 61.70 -33.20
C ALA P 402 -64.27 62.28 -33.24
N VAL P 403 -64.47 63.46 -32.65
CA VAL P 403 -65.80 64.10 -32.64
C VAL P 403 -66.37 64.30 -34.05
N GLU P 404 -65.53 64.54 -35.07
CA GLU P 404 -65.96 64.61 -36.46
C GLU P 404 -66.66 63.34 -36.96
N HIS P 405 -66.26 62.14 -36.51
CA HIS P 405 -66.94 60.89 -36.83
C HIS P 405 -68.34 60.79 -36.22
N LEU P 406 -68.55 61.33 -35.01
CA LEU P 406 -69.88 61.46 -34.42
C LEU P 406 -70.72 62.47 -35.22
N VAL P 407 -70.15 63.58 -35.67
CA VAL P 407 -70.87 64.55 -36.52
C VAL P 407 -71.28 63.89 -37.86
N TYR P 408 -70.40 63.12 -38.49
CA TYR P 408 -70.71 62.29 -39.67
C TYR P 408 -71.85 61.28 -39.44
N ALA P 409 -71.87 60.57 -38.30
CA ALA P 409 -72.97 59.67 -37.92
C ALA P 409 -74.32 60.41 -37.80
N ALA P 410 -74.33 61.65 -37.30
CA ALA P 410 -75.51 62.51 -37.19
C ALA P 410 -75.85 63.30 -38.48
N SER P 411 -75.33 62.93 -39.65
CA SER P 411 -75.61 63.58 -40.95
C SER P 411 -75.32 65.07 -41.02
N PHE P 412 -74.34 65.56 -40.26
CA PHE P 412 -73.99 66.99 -40.17
C PHE P 412 -75.18 67.88 -39.78
N SER P 413 -76.13 67.35 -39.02
CA SER P 413 -77.36 68.02 -38.60
C SER P 413 -77.24 68.40 -37.13
N PRO P 414 -77.28 69.69 -36.76
CA PRO P 414 -77.25 70.08 -35.35
C PRO P 414 -78.48 69.60 -34.57
N ASN P 415 -79.66 69.47 -35.20
CA ASN P 415 -80.85 68.88 -34.59
C ASN P 415 -80.66 67.40 -34.23
N LEU P 416 -80.20 66.56 -35.16
CA LEU P 416 -79.92 65.14 -34.88
C LEU P 416 -78.78 64.98 -33.86
N LEU P 417 -77.68 65.74 -33.99
CA LEU P 417 -76.53 65.67 -33.10
C LEU P 417 -76.88 66.00 -31.65
N ALA P 418 -77.70 67.03 -31.40
CA ALA P 418 -78.22 67.35 -30.08
C ALA P 418 -78.98 66.17 -29.44
N ARG P 419 -79.87 65.49 -30.16
CA ARG P 419 -80.58 64.31 -29.61
C ARG P 419 -79.69 63.08 -29.43
N TYR P 420 -78.69 62.84 -30.28
CA TYR P 420 -77.66 61.81 -30.02
C TYR P 420 -76.88 62.09 -28.73
N ALA P 421 -76.43 63.32 -28.52
CA ALA P 421 -75.71 63.69 -27.29
C ALA P 421 -76.57 63.52 -26.04
N TYR P 422 -77.85 63.90 -26.10
CA TYR P 422 -78.80 63.61 -25.03
C TYR P 422 -78.91 62.12 -24.66
N TYR P 423 -78.96 61.20 -25.64
CA TYR P 423 -78.95 59.76 -25.34
C TYR P 423 -77.60 59.28 -24.78
N LEU P 424 -76.47 59.76 -25.31
CA LEU P 424 -75.13 59.41 -24.80
C LEU P 424 -74.91 59.86 -23.34
N GLN P 425 -75.56 60.91 -22.85
CA GLN P 425 -75.53 61.31 -21.44
C GLN P 425 -76.09 60.26 -20.45
N PHE P 426 -76.89 59.28 -20.88
CA PHE P 426 -77.31 58.15 -20.05
C PHE P 426 -76.27 57.01 -19.93
N CYS P 427 -75.23 57.01 -20.77
CA CYS P 427 -74.25 55.94 -20.84
C CYS P 427 -73.18 56.03 -19.74
N GLN P 428 -72.78 54.88 -19.18
CA GLN P 428 -71.65 54.73 -18.27
C GLN P 428 -70.31 54.88 -19.00
N GLY P 429 -69.33 55.48 -18.32
CA GLY P 429 -67.94 55.48 -18.77
C GLY P 429 -67.24 54.14 -18.47
N GLN P 430 -66.32 53.73 -19.34
CA GLN P 430 -65.49 52.54 -19.17
C GLN P 430 -64.04 52.90 -19.50
N LYS P 431 -63.26 53.29 -18.50
CA LYS P 431 -61.83 53.60 -18.66
C LYS P 431 -61.05 52.35 -19.10
N SER P 432 -60.23 52.48 -20.15
CA SER P 432 -59.41 51.41 -20.71
C SER P 432 -58.33 50.89 -19.75
N VAL P 437 -56.05 58.42 -16.22
CA VAL P 437 -56.92 59.49 -16.71
C VAL P 437 -57.18 60.51 -15.59
N PRO P 438 -57.21 61.84 -15.88
CA PRO P 438 -57.60 62.85 -14.91
C PRO P 438 -58.97 62.56 -14.26
N GLU P 439 -59.14 62.92 -13.00
CA GLU P 439 -60.45 62.86 -12.33
C GLU P 439 -61.44 63.81 -13.01
N THR P 440 -62.75 63.50 -12.96
CA THR P 440 -63.77 64.26 -13.71
C THR P 440 -63.73 65.76 -13.38
N GLY P 441 -63.68 66.11 -12.08
CA GLY P 441 -63.68 67.50 -11.63
C GLY P 441 -62.39 68.27 -11.95
N SER P 442 -61.24 67.61 -11.98
CA SER P 442 -60.00 68.25 -12.46
C SER P 442 -59.92 68.35 -13.99
N TYR P 443 -60.67 67.54 -14.76
CA TYR P 443 -60.87 67.78 -16.19
C TYR P 443 -61.84 68.97 -16.42
N VAL P 444 -63.01 68.98 -15.77
CA VAL P 444 -64.02 70.05 -15.91
C VAL P 444 -63.49 71.42 -15.48
N ALA P 445 -62.75 71.53 -14.38
CA ALA P 445 -62.12 72.79 -13.97
C ALA P 445 -60.82 73.11 -14.73
N GLY P 446 -60.14 72.09 -15.26
CA GLY P 446 -58.90 72.20 -16.02
C GLY P 446 -59.14 72.36 -17.53
N ALA P 447 -58.69 71.38 -18.33
CA ALA P 447 -58.67 71.48 -19.79
C ALA P 447 -60.04 71.76 -20.46
N ALA P 448 -61.18 71.40 -19.85
CA ALA P 448 -62.48 71.77 -20.40
C ALA P 448 -62.77 73.27 -20.41
N ALA P 449 -62.15 74.04 -19.50
CA ALA P 449 -62.35 75.48 -19.32
C ALA P 449 -61.39 76.35 -20.16
N SER P 450 -60.58 75.75 -21.04
CA SER P 450 -59.61 76.47 -21.88
C SER P 450 -60.30 77.34 -22.95
N PRO P 451 -59.86 78.60 -23.15
CA PRO P 451 -60.44 79.48 -24.17
C PRO P 451 -60.20 79.02 -25.61
N MET P 452 -59.33 78.03 -25.83
CA MET P 452 -59.11 77.39 -27.12
C MET P 452 -60.28 76.54 -27.65
N CYS P 453 -61.25 76.15 -26.82
CA CYS P 453 -62.40 75.34 -27.25
C CYS P 453 -63.32 76.10 -28.22
N SER P 454 -63.41 75.64 -29.47
CA SER P 454 -64.24 76.25 -30.53
C SER P 454 -65.76 76.02 -30.39
N LEU P 455 -66.21 75.31 -29.35
CA LEU P 455 -67.64 75.09 -29.07
C LEU P 455 -68.18 76.05 -27.99
N CYS P 456 -67.52 76.16 -26.84
CA CYS P 456 -67.98 76.95 -25.69
C CYS P 456 -67.03 78.06 -25.22
N GLU P 457 -65.85 78.25 -25.82
CA GLU P 457 -64.82 79.20 -25.37
C GLU P 457 -64.37 78.98 -23.91
N GLY P 458 -64.58 77.78 -23.36
CA GLY P 458 -64.39 77.46 -21.94
C GLY P 458 -65.54 77.92 -21.03
N ARG P 459 -66.54 78.65 -21.55
CA ARG P 459 -67.64 79.29 -20.78
C ARG P 459 -68.83 78.37 -20.45
N ALA P 460 -68.78 77.08 -20.81
CA ALA P 460 -69.77 76.05 -20.43
C ALA P 460 -69.12 74.65 -20.28
N PRO P 461 -68.18 74.43 -19.35
CA PRO P 461 -67.29 73.27 -19.40
C PRO P 461 -67.96 71.93 -19.05
N ALA P 462 -69.03 71.91 -18.26
CA ALA P 462 -69.63 70.68 -17.75
C ALA P 462 -70.59 69.99 -18.75
N VAL P 463 -71.29 70.76 -19.59
CA VAL P 463 -72.22 70.25 -20.63
C VAL P 463 -71.62 70.18 -22.04
N CYS P 464 -70.46 70.79 -22.30
CA CYS P 464 -69.86 70.80 -23.64
C CYS P 464 -69.73 69.40 -24.27
N LEU P 465 -69.96 69.31 -25.59
CA LEU P 465 -69.88 68.06 -26.34
C LEU P 465 -68.49 67.41 -26.24
N ASN P 466 -67.42 68.20 -26.20
CA ASN P 466 -66.06 67.69 -25.98
C ASN P 466 -65.86 67.07 -24.58
N THR P 467 -66.57 67.53 -23.54
CA THR P 467 -66.55 66.88 -22.21
C THR P 467 -67.27 65.53 -22.24
N LEU P 468 -68.45 65.46 -22.87
CA LEU P 468 -69.15 64.19 -23.09
C LEU P 468 -68.31 63.19 -23.90
N PHE P 469 -67.69 63.66 -24.97
CA PHE P 469 -66.80 62.85 -25.80
C PHE P 469 -65.60 62.32 -25.00
N PHE P 470 -64.96 63.16 -24.19
CA PHE P 470 -63.84 62.74 -23.34
C PHE P 470 -64.24 61.64 -22.35
N ARG P 471 -65.43 61.73 -21.74
CA ARG P 471 -65.99 60.75 -20.80
C ARG P 471 -66.23 59.37 -21.44
N LEU P 472 -66.70 59.31 -22.68
CA LEU P 472 -67.09 58.08 -23.40
C LEU P 472 -66.03 57.55 -24.39
N ARG P 473 -64.85 58.16 -24.41
CA ARG P 473 -63.74 58.00 -25.36
C ARG P 473 -63.35 56.55 -25.72
N ASP P 474 -63.19 55.70 -24.71
CA ASP P 474 -62.80 54.29 -24.87
C ASP P 474 -63.92 53.36 -25.36
N ARG P 475 -65.16 53.85 -25.54
CA ARG P 475 -66.29 53.08 -26.09
C ARG P 475 -66.55 53.30 -27.58
N PHE P 476 -66.01 54.33 -28.21
CA PHE P 476 -66.14 54.53 -29.65
C PHE P 476 -65.38 53.47 -30.46
N PRO P 477 -65.85 53.09 -31.66
CA PRO P 477 -65.24 52.02 -32.47
C PRO P 477 -63.88 52.42 -33.07
N PRO P 478 -63.10 51.47 -33.61
CA PRO P 478 -61.92 51.76 -34.42
C PRO P 478 -62.29 52.29 -35.82
N VAL P 479 -61.36 52.97 -36.50
CA VAL P 479 -61.54 53.54 -37.85
C VAL P 479 -60.96 52.57 -38.90
N MET P 480 -61.83 51.97 -39.72
CA MET P 480 -61.49 50.80 -40.55
C MET P 480 -61.47 51.09 -42.06
N SER P 481 -60.51 50.51 -42.78
CA SER P 481 -60.34 50.64 -44.23
C SER P 481 -60.44 49.31 -45.01
N THR P 482 -60.85 48.21 -44.37
CA THR P 482 -60.93 46.86 -44.98
C THR P 482 -62.28 46.56 -45.64
N GLN P 483 -62.37 45.45 -46.38
CA GLN P 483 -63.50 45.10 -47.26
C GLN P 483 -64.09 43.71 -46.97
N ARG P 484 -64.04 43.23 -45.72
CA ARG P 484 -64.60 41.93 -45.26
C ARG P 484 -66.15 41.89 -45.25
N ARG P 485 -66.73 40.71 -45.48
CA ARG P 485 -68.18 40.43 -45.45
C ARG P 485 -68.70 40.19 -44.02
N ASP P 486 -69.14 41.24 -43.34
CA ASP P 486 -69.73 41.19 -41.99
C ASP P 486 -71.26 41.47 -42.00
N PRO P 487 -72.00 41.03 -40.97
CA PRO P 487 -73.37 41.49 -40.71
C PRO P 487 -73.42 42.99 -40.38
N TYR P 488 -74.56 43.64 -40.57
CA TYR P 488 -74.81 45.03 -40.16
C TYR P 488 -75.95 45.14 -39.13
N VAL P 489 -75.94 46.16 -38.28
CA VAL P 489 -76.87 46.30 -37.15
C VAL P 489 -78.07 47.19 -37.50
N ILE P 490 -79.29 46.70 -37.28
CA ILE P 490 -80.56 47.41 -37.55
C ILE P 490 -81.36 47.65 -36.26
N SER P 491 -82.19 48.69 -36.23
CA SER P 491 -83.05 49.06 -35.09
C SER P 491 -84.48 49.34 -35.54
N GLY P 492 -85.48 48.99 -34.75
CA GLY P 492 -86.88 49.35 -35.00
C GLY P 492 -87.89 48.52 -34.23
N ALA P 493 -89.17 48.72 -34.52
CA ALA P 493 -90.28 47.96 -33.95
C ALA P 493 -90.34 46.50 -34.44
N SER P 494 -90.67 45.58 -33.55
CA SER P 494 -90.96 44.18 -33.91
C SER P 494 -92.42 44.00 -34.36
N GLY P 495 -92.65 42.97 -35.18
CA GLY P 495 -93.97 42.54 -35.62
C GLY P 495 -94.74 41.74 -34.57
N SER P 496 -95.96 41.33 -34.91
CA SER P 496 -96.89 40.66 -33.98
C SER P 496 -96.59 39.17 -33.72
N TYR P 497 -95.98 38.44 -34.66
CA TYR P 497 -95.83 36.97 -34.56
C TYR P 497 -94.37 36.54 -34.55
N ASN P 498 -93.79 36.45 -33.34
CA ASN P 498 -92.41 36.03 -33.10
C ASN P 498 -92.36 34.63 -32.49
N GLU P 499 -91.40 33.80 -32.88
CA GLU P 499 -91.23 32.42 -32.42
C GLU P 499 -89.86 32.26 -31.76
N THR P 500 -89.79 32.49 -30.46
CA THR P 500 -88.56 32.64 -29.68
C THR P 500 -88.53 31.83 -28.38
N ASP P 501 -89.43 30.86 -28.17
CA ASP P 501 -89.23 29.78 -27.19
C ASP P 501 -88.10 28.82 -27.64
N PHE P 502 -87.63 27.92 -26.77
CA PHE P 502 -86.41 27.13 -26.97
C PHE P 502 -86.30 26.36 -28.30
N LEU P 503 -87.41 25.84 -28.86
CA LEU P 503 -87.45 25.18 -30.17
C LEU P 503 -88.08 26.03 -31.28
N GLY P 504 -88.18 27.35 -31.10
CA GLY P 504 -88.55 28.29 -32.16
C GLY P 504 -89.88 27.97 -32.85
N ASN P 505 -89.86 27.87 -34.17
CA ASN P 505 -91.04 27.58 -35.01
C ASN P 505 -91.42 26.09 -35.14
N PHE P 506 -90.83 25.18 -34.36
CA PHE P 506 -91.24 23.77 -34.28
C PHE P 506 -92.75 23.62 -34.03
N LEU P 507 -93.48 22.86 -34.86
CA LEU P 507 -94.93 22.59 -34.73
C LEU P 507 -95.77 23.85 -34.45
N ASN P 508 -95.48 24.97 -35.11
CA ASN P 508 -96.24 26.22 -34.95
C ASN P 508 -97.68 26.12 -35.48
N PHE P 509 -97.90 25.32 -36.52
CA PHE P 509 -99.19 25.01 -37.14
C PHE P 509 -99.29 23.51 -37.48
N ILE P 510 -100.52 23.02 -37.68
CA ILE P 510 -100.82 21.64 -38.09
C ILE P 510 -101.65 21.65 -39.39
N TYR P 525 -101.02 18.44 -30.96
CA TYR P 525 -101.32 19.86 -30.84
C TYR P 525 -100.09 20.75 -31.07
N THR P 526 -100.27 22.02 -31.44
CA THR P 526 -99.16 22.94 -31.73
C THR P 526 -98.27 23.19 -30.51
N TYR P 527 -97.01 23.54 -30.74
CA TYR P 527 -96.06 23.90 -29.67
C TYR P 527 -96.55 25.11 -28.87
N TRP P 528 -97.22 26.06 -29.52
CA TRP P 528 -97.89 27.17 -28.83
C TRP P 528 -98.97 26.68 -27.85
N GLN P 529 -99.82 25.74 -28.27
CA GLN P 529 -100.83 25.15 -27.38
C GLN P 529 -100.19 24.35 -26.23
N LEU P 530 -99.13 23.59 -26.50
CA LEU P 530 -98.38 22.87 -25.45
C LEU P 530 -97.86 23.81 -24.36
N ASN P 531 -97.35 24.99 -24.72
CA ASN P 531 -96.90 25.97 -23.75
C ASN P 531 -98.07 26.59 -22.97
N GLN P 532 -99.21 26.85 -23.62
CA GLN P 532 -100.44 27.28 -22.92
C GLN P 532 -100.97 26.23 -21.93
N ASN P 533 -100.91 24.93 -22.25
CA ASN P 533 -101.29 23.86 -21.32
C ASN P 533 -100.39 23.86 -20.07
N LEU P 534 -99.08 23.98 -20.24
CA LEU P 534 -98.15 24.02 -19.12
C LEU P 534 -98.41 25.21 -18.18
N LEU P 535 -98.63 26.42 -18.70
CA LEU P 535 -98.96 27.59 -17.88
C LEU P 535 -100.26 27.40 -17.06
N GLU P 536 -101.26 26.73 -17.62
CA GLU P 536 -102.47 26.35 -16.88
C GLU P 536 -102.19 25.37 -15.73
N ARG P 537 -101.39 24.31 -15.94
CA ARG P 537 -100.98 23.42 -14.85
C ARG P 537 -100.21 24.18 -13.76
N LEU P 538 -99.32 25.09 -14.13
CA LEU P 538 -98.56 25.90 -13.18
C LEU P 538 -99.46 26.88 -12.39
N SER P 539 -100.55 27.37 -13.00
CA SER P 539 -101.58 28.16 -12.31
C SER P 539 -102.26 27.37 -11.18
N ARG P 540 -102.60 26.09 -11.40
CA ARG P 540 -103.11 25.19 -10.35
C ARG P 540 -102.12 24.90 -9.22
N LEU P 541 -100.81 25.06 -9.45
CA LEU P 541 -99.76 25.00 -8.43
C LEU P 541 -99.51 26.34 -7.70
N GLY P 542 -100.22 27.41 -8.06
CA GLY P 542 -100.06 28.74 -7.46
C GLY P 542 -98.93 29.61 -8.05
N ILE P 543 -98.46 29.30 -9.26
CA ILE P 543 -97.36 29.99 -9.96
C ILE P 543 -97.92 30.80 -11.16
N ASP P 544 -97.63 32.10 -11.26
CA ASP P 544 -98.07 32.93 -12.41
C ASP P 544 -97.13 32.87 -13.65
N ALA P 545 -97.50 33.56 -14.73
CA ALA P 545 -96.77 33.60 -16.00
C ALA P 545 -95.35 34.20 -15.93
N GLU P 546 -95.00 34.96 -14.88
CA GLU P 546 -93.66 35.49 -14.63
C GLU P 546 -92.94 34.73 -13.49
N GLY P 547 -93.54 33.63 -13.01
CA GLY P 547 -92.96 32.75 -12.00
C GLY P 547 -93.13 33.20 -10.56
N LYS P 548 -94.00 34.18 -10.25
CA LYS P 548 -94.30 34.59 -8.87
C LYS P 548 -95.23 33.58 -8.19
N LEU P 549 -94.97 33.26 -6.92
CA LEU P 549 -95.83 32.42 -6.08
C LEU P 549 -96.93 33.23 -5.39
N GLU P 550 -98.13 32.65 -5.29
CA GLU P 550 -99.17 33.14 -4.37
C GLU P 550 -98.93 32.71 -2.90
N LYS P 551 -98.03 31.73 -2.65
CA LYS P 551 -97.58 31.30 -1.32
C LYS P 551 -96.13 30.80 -1.36
N GLU P 552 -95.22 31.54 -0.73
CA GLU P 552 -93.79 31.21 -0.68
C GLU P 552 -93.47 30.03 0.26
N PRO P 553 -92.44 29.21 0.00
CA PRO P 553 -92.14 28.00 0.77
C PRO P 553 -91.71 28.31 2.22
N HIS P 554 -92.30 27.59 3.17
CA HIS P 554 -92.10 27.75 4.62
C HIS P 554 -90.76 27.24 5.18
N GLY P 555 -90.13 26.24 4.54
CA GLY P 555 -89.03 25.46 5.10
C GLY P 555 -88.62 24.29 4.19
N PRO P 556 -87.72 23.41 4.62
CA PRO P 556 -87.21 22.30 3.81
C PRO P 556 -88.28 21.40 3.16
N ARG P 557 -89.31 20.96 3.91
CA ARG P 557 -90.40 20.14 3.36
C ARG P 557 -91.14 20.86 2.26
N ASP P 558 -91.49 22.13 2.50
CA ASP P 558 -92.26 22.95 1.56
C ASP P 558 -91.44 23.27 0.29
N PHE P 559 -90.13 23.46 0.43
CA PHE P 559 -89.22 23.67 -0.70
C PHE P 559 -89.12 22.41 -1.59
N VAL P 560 -88.95 21.22 -1.00
CA VAL P 560 -88.97 19.96 -1.77
C VAL P 560 -90.34 19.73 -2.42
N LYS P 561 -91.44 19.90 -1.67
CA LYS P 561 -92.80 19.73 -2.16
C LYS P 561 -93.09 20.65 -3.36
N MET P 562 -92.71 21.93 -3.30
CA MET P 562 -92.84 22.88 -4.39
C MET P 562 -92.22 22.36 -5.70
N PHE P 563 -90.99 21.84 -5.69
CA PHE P 563 -90.35 21.31 -6.90
C PHE P 563 -90.94 19.98 -7.37
N LYS P 564 -91.22 19.02 -6.47
CA LYS P 564 -91.75 17.71 -6.87
C LYS P 564 -93.09 17.83 -7.58
N ASP P 565 -93.93 18.78 -7.17
CA ASP P 565 -95.19 19.08 -7.87
C ASP P 565 -94.97 19.64 -9.29
N VAL P 566 -94.02 20.56 -9.50
CA VAL P 566 -93.71 21.08 -10.86
C VAL P 566 -93.13 19.98 -11.76
N ASP P 567 -92.22 19.16 -11.25
CA ASP P 567 -91.67 18.03 -12.01
C ASP P 567 -92.78 17.05 -12.45
N ALA P 568 -93.68 16.65 -11.53
CA ALA P 568 -94.82 15.79 -11.87
C ALA P 568 -95.78 16.44 -12.88
N ALA P 569 -96.04 17.75 -12.78
CA ALA P 569 -96.87 18.48 -13.73
C ALA P 569 -96.27 18.54 -15.14
N VAL P 570 -94.96 18.75 -15.28
CA VAL P 570 -94.26 18.72 -16.58
C VAL P 570 -94.26 17.30 -17.17
N ASP P 571 -93.98 16.30 -16.34
CA ASP P 571 -93.89 14.91 -16.79
C ASP P 571 -95.25 14.35 -17.25
N ALA P 572 -96.37 14.77 -16.63
CA ALA P 572 -97.71 14.50 -17.13
C ALA P 572 -97.97 15.09 -18.54
N GLU P 573 -97.56 16.33 -18.78
CA GLU P 573 -97.79 16.99 -20.08
C GLU P 573 -96.94 16.38 -21.22
N VAL P 574 -95.72 15.90 -20.93
CA VAL P 574 -94.90 15.21 -21.93
C VAL P 574 -95.59 13.93 -22.44
N VAL P 575 -96.22 13.16 -21.56
CA VAL P 575 -96.96 11.95 -21.93
C VAL P 575 -98.13 12.28 -22.86
N GLN P 576 -99.01 13.22 -22.50
CA GLN P 576 -100.13 13.60 -23.35
C GLN P 576 -99.67 14.14 -24.71
N PHE P 577 -98.57 14.89 -24.75
CA PHE P 577 -98.00 15.36 -26.01
C PHE P 577 -97.46 14.22 -26.87
N MET P 578 -96.64 13.30 -26.34
CA MET P 578 -96.09 12.18 -27.11
C MET P 578 -97.19 11.22 -27.60
N ASN P 579 -98.28 11.03 -26.85
CA ASN P 579 -99.47 10.31 -27.32
C ASN P 579 -100.10 10.98 -28.56
N SER P 580 -100.22 12.31 -28.56
CA SER P 580 -100.73 13.04 -29.73
C SER P 580 -99.85 12.84 -30.96
N MET P 581 -98.52 12.93 -30.84
CA MET P 581 -97.61 12.75 -31.97
C MET P 581 -97.69 11.33 -32.56
N ALA P 582 -97.80 10.32 -31.69
CA ALA P 582 -97.89 8.92 -32.09
C ALA P 582 -99.18 8.59 -32.86
N LYS P 583 -100.36 8.92 -32.31
CA LYS P 583 -101.64 8.51 -32.92
C LYS P 583 -101.94 9.19 -34.27
N ASN P 584 -101.34 10.36 -34.52
CA ASN P 584 -101.43 11.10 -35.78
C ASN P 584 -100.31 10.79 -36.78
N ASN P 585 -99.37 9.87 -36.48
CA ASN P 585 -98.21 9.55 -37.32
C ASN P 585 -97.35 10.79 -37.71
N ILE P 586 -97.23 11.79 -36.83
CA ILE P 586 -96.47 13.02 -37.12
C ILE P 586 -94.96 12.74 -36.99
N THR P 587 -94.16 13.11 -37.98
CA THR P 587 -92.70 12.87 -38.00
C THR P 587 -91.90 13.91 -37.19
N TYR P 588 -92.26 14.09 -35.92
CA TYR P 588 -91.70 15.13 -35.03
C TYR P 588 -90.17 15.03 -34.87
N LYS P 589 -89.64 13.80 -34.90
CA LYS P 589 -88.22 13.43 -34.86
C LYS P 589 -87.38 13.99 -36.01
N ASP P 590 -87.98 14.29 -37.17
CA ASP P 590 -87.33 15.03 -38.26
C ASP P 590 -87.69 16.52 -38.25
N LEU P 591 -88.88 16.92 -37.81
CA LEU P 591 -89.25 18.34 -37.71
C LEU P 591 -88.39 19.13 -36.72
N VAL P 592 -87.87 18.52 -35.66
CA VAL P 592 -86.87 19.15 -34.77
C VAL P 592 -85.61 19.60 -35.52
N LYS P 593 -85.07 18.78 -36.43
CA LYS P 593 -83.82 19.08 -37.16
C LYS P 593 -83.87 20.39 -37.94
N SER P 594 -85.04 20.73 -38.50
CA SER P 594 -85.22 21.91 -39.35
C SER P 594 -85.89 23.11 -38.65
N CYS P 595 -86.02 23.15 -37.31
CA CYS P 595 -86.65 24.29 -36.65
C CYS P 595 -85.71 25.53 -36.51
N TYR P 596 -86.27 26.73 -36.58
CA TYR P 596 -85.59 28.02 -36.47
C TYR P 596 -86.26 28.92 -35.42
N HIS P 597 -85.49 29.74 -34.71
CA HIS P 597 -86.06 30.95 -34.09
C HIS P 597 -86.44 31.96 -35.17
N VAL P 598 -87.56 32.64 -35.01
CA VAL P 598 -88.02 33.67 -35.97
C VAL P 598 -88.37 34.95 -35.24
N MET P 599 -87.88 36.09 -35.73
CA MET P 599 -88.30 37.44 -35.33
C MET P 599 -88.79 38.23 -36.53
N GLN P 600 -89.84 39.00 -36.35
CA GLN P 600 -90.38 39.90 -37.38
C GLN P 600 -89.91 41.33 -37.14
N TYR P 601 -89.26 41.95 -38.11
CA TYR P 601 -88.96 43.39 -38.14
C TYR P 601 -90.07 44.10 -38.93
N SER P 602 -90.79 45.02 -38.29
CA SER P 602 -91.96 45.70 -38.87
C SER P 602 -91.58 46.71 -39.95
N CYS P 603 -92.36 46.82 -41.03
CA CYS P 603 -92.18 47.82 -42.08
C CYS P 603 -93.16 49.00 -42.01
N ASN P 604 -93.96 49.14 -40.94
CA ASN P 604 -94.81 50.31 -40.74
C ASN P 604 -94.01 51.46 -40.10
N PRO P 605 -93.87 52.65 -40.72
CA PRO P 605 -93.19 53.78 -40.10
C PRO P 605 -93.89 54.32 -38.84
N PHE P 606 -95.21 54.15 -38.69
CA PHE P 606 -95.95 54.61 -37.51
C PHE P 606 -95.84 53.67 -36.31
N ALA P 607 -95.37 52.44 -36.48
CA ALA P 607 -95.09 51.50 -35.40
C ALA P 607 -93.80 51.79 -34.62
N GLN P 608 -92.89 52.62 -35.14
CA GLN P 608 -91.61 52.96 -34.50
C GLN P 608 -91.82 53.80 -33.22
N PRO P 609 -90.89 53.81 -32.26
CA PRO P 609 -91.02 54.65 -31.06
C PRO P 609 -91.01 56.15 -31.39
N ALA P 610 -91.70 56.97 -30.59
CA ALA P 610 -91.90 58.40 -30.81
C ALA P 610 -90.63 59.25 -30.53
N CYS P 611 -89.60 59.05 -31.35
CA CYS P 611 -88.35 59.78 -31.39
C CYS P 611 -87.95 60.07 -32.86
N PRO P 612 -87.55 61.29 -33.20
CA PRO P 612 -87.04 61.62 -34.55
C PRO P 612 -85.75 60.89 -34.97
N ILE P 613 -84.92 60.35 -34.07
CA ILE P 613 -83.76 59.52 -34.45
C ILE P 613 -84.21 58.19 -35.04
N PHE P 614 -85.28 57.60 -34.53
CA PHE P 614 -85.83 56.36 -35.09
C PHE P 614 -86.40 56.53 -36.50
N THR P 615 -86.79 57.73 -36.94
CA THR P 615 -87.09 58.02 -38.36
C THR P 615 -85.87 57.71 -39.24
N GLN P 616 -84.70 58.25 -38.92
CA GLN P 616 -83.46 57.99 -39.66
C GLN P 616 -83.00 56.53 -39.57
N LEU P 617 -83.01 55.92 -38.38
CA LEU P 617 -82.64 54.51 -38.23
C LEU P 617 -83.55 53.57 -39.03
N PHE P 618 -84.87 53.80 -39.07
CA PHE P 618 -85.80 52.99 -39.86
C PHE P 618 -85.57 53.14 -41.37
N TYR P 619 -85.55 54.36 -41.90
CA TYR P 619 -85.35 54.63 -43.33
C TYR P 619 -84.01 54.07 -43.85
N ARG P 620 -82.92 54.25 -43.09
CA ARG P 620 -81.59 53.74 -43.48
C ARG P 620 -81.47 52.22 -43.35
N SER P 621 -82.16 51.59 -42.41
CA SER P 621 -82.26 50.12 -42.34
C SER P 621 -82.98 49.57 -43.57
N LEU P 622 -84.11 50.16 -43.97
CA LEU P 622 -84.87 49.75 -45.16
C LEU P 622 -84.07 49.91 -46.46
N LEU P 623 -83.45 51.06 -46.71
CA LEU P 623 -82.63 51.29 -47.91
C LEU P 623 -81.47 50.28 -48.01
N THR P 624 -80.84 49.95 -46.88
CA THR P 624 -79.74 48.97 -46.83
C THR P 624 -80.20 47.56 -47.15
N ILE P 625 -81.34 47.13 -46.60
CA ILE P 625 -81.88 45.80 -46.84
C ILE P 625 -82.30 45.61 -48.30
N LEU P 626 -82.89 46.63 -48.94
CA LEU P 626 -83.24 46.58 -50.36
C LEU P 626 -82.01 46.49 -51.26
N GLN P 627 -80.92 47.17 -50.93
CA GLN P 627 -79.65 47.01 -51.67
C GLN P 627 -79.11 45.58 -51.54
N ASP P 628 -79.00 45.05 -50.33
CA ASP P 628 -78.45 43.71 -50.07
C ASP P 628 -79.25 42.58 -50.75
N ILE P 629 -80.58 42.66 -50.77
CA ILE P 629 -81.46 41.73 -51.51
C ILE P 629 -81.22 41.83 -53.02
N SER P 630 -80.98 43.01 -53.58
CA SER P 630 -80.85 43.20 -55.03
C SER P 630 -79.54 42.67 -55.64
N LEU P 631 -78.47 42.47 -54.87
CA LEU P 631 -77.13 42.18 -55.41
C LEU P 631 -77.08 40.98 -56.37
N PRO P 632 -77.57 39.77 -56.02
CA PRO P 632 -77.48 38.61 -56.92
C PRO P 632 -78.41 38.71 -58.12
N ILE P 633 -79.54 39.42 -58.01
CA ILE P 633 -80.47 39.69 -59.12
C ILE P 633 -79.77 40.52 -60.21
N CYS P 634 -79.02 41.56 -59.81
CA CYS P 634 -78.22 42.39 -60.71
C CYS P 634 -77.05 41.61 -61.32
N MET P 635 -76.34 40.80 -60.53
CA MET P 635 -75.24 39.97 -61.00
C MET P 635 -75.68 38.98 -62.08
N CYS P 636 -76.78 38.25 -61.89
CA CYS P 636 -77.25 37.29 -62.89
C CYS P 636 -77.69 37.98 -64.19
N TYR P 637 -78.37 39.12 -64.10
CA TYR P 637 -78.75 39.88 -65.29
C TYR P 637 -77.52 40.41 -66.04
N GLU P 638 -76.50 40.93 -65.34
CA GLU P 638 -75.28 41.44 -65.98
C GLU P 638 -74.42 40.31 -66.56
N ASN P 639 -74.34 39.12 -65.94
CA ASN P 639 -73.68 37.96 -66.52
C ASN P 639 -74.27 37.59 -67.91
N ASP P 640 -75.57 37.78 -68.12
CA ASP P 640 -76.27 37.55 -69.39
C ASP P 640 -76.21 38.75 -70.35
N ASN P 641 -75.97 39.96 -69.85
CA ASN P 641 -76.01 41.23 -70.58
C ASN P 641 -74.78 42.09 -70.21
N PRO P 642 -73.57 41.67 -70.58
CA PRO P 642 -72.32 42.20 -70.01
C PRO P 642 -72.09 43.68 -70.28
N GLY P 643 -71.29 44.32 -69.42
CA GLY P 643 -70.97 45.74 -69.49
C GLY P 643 -70.16 46.16 -70.71
N LEU P 644 -69.24 45.31 -71.19
CA LEU P 644 -68.45 45.52 -72.42
C LEU P 644 -67.77 46.91 -72.49
N GLY P 645 -67.27 47.39 -71.35
CA GLY P 645 -66.61 48.70 -71.22
C GLY P 645 -67.54 49.92 -71.14
N GLN P 646 -68.86 49.76 -71.22
CA GLN P 646 -69.81 50.85 -70.98
C GLN P 646 -69.73 51.35 -69.53
N SER P 647 -69.94 52.66 -69.31
CA SER P 647 -70.18 53.20 -67.98
C SER P 647 -71.58 52.80 -67.48
N PRO P 648 -71.83 52.71 -66.16
CA PRO P 648 -73.13 52.29 -65.66
C PRO P 648 -74.33 53.12 -66.15
N PRO P 649 -74.29 54.48 -66.26
CA PRO P 649 -75.39 55.25 -66.81
C PRO P 649 -75.76 54.88 -68.26
N GLU P 650 -74.77 54.57 -69.11
CA GLU P 650 -75.01 54.10 -70.48
C GLU P 650 -75.66 52.70 -70.48
N TRP P 651 -75.16 51.77 -69.67
CA TRP P 651 -75.69 50.41 -69.57
C TRP P 651 -77.13 50.39 -69.01
N LEU P 652 -77.42 51.21 -67.98
CA LEU P 652 -78.75 51.33 -67.37
C LEU P 652 -79.80 51.91 -68.32
N LYS P 653 -79.40 52.78 -69.25
CA LYS P 653 -80.32 53.42 -70.23
C LYS P 653 -81.09 52.38 -71.05
N GLY P 654 -80.43 51.31 -71.50
CA GLY P 654 -81.07 50.18 -72.17
C GLY P 654 -81.74 49.18 -71.21
N HIS P 655 -81.11 48.83 -70.10
CA HIS P 655 -81.49 47.64 -69.31
C HIS P 655 -82.42 47.87 -68.11
N TYR P 656 -82.54 49.10 -67.58
CA TYR P 656 -83.14 49.27 -66.24
C TYR P 656 -84.63 48.91 -66.14
N GLN P 657 -85.44 49.21 -67.16
CA GLN P 657 -86.87 48.89 -67.16
C GLN P 657 -87.12 47.37 -67.00
N THR P 658 -86.27 46.54 -67.60
CA THR P 658 -86.33 45.08 -67.44
C THR P 658 -85.89 44.65 -66.04
N LEU P 659 -84.80 45.22 -65.52
CA LEU P 659 -84.26 44.94 -64.19
C LEU P 659 -85.25 45.28 -63.05
N CYS P 660 -86.07 46.34 -63.16
CA CYS P 660 -87.17 46.62 -62.22
C CYS P 660 -88.16 45.45 -62.08
N THR P 661 -88.52 44.83 -63.20
CA THR P 661 -89.52 43.75 -63.26
C THR P 661 -88.93 42.43 -62.74
N ASN P 662 -87.66 42.13 -63.04
CA ASN P 662 -86.94 41.04 -62.38
C ASN P 662 -86.92 41.23 -60.86
N PHE P 663 -86.58 42.42 -60.35
CA PHE P 663 -86.55 42.66 -58.91
C PHE P 663 -87.89 42.41 -58.24
N ARG P 664 -88.98 43.00 -58.75
CA ARG P 664 -90.35 42.79 -58.22
C ARG P 664 -90.76 41.31 -58.17
N SER P 665 -90.30 40.50 -59.10
CA SER P 665 -90.60 39.06 -59.18
C SER P 665 -89.72 38.18 -58.26
N LEU P 666 -88.48 38.60 -57.98
CA LEU P 666 -87.46 37.79 -57.31
C LEU P 666 -87.07 38.25 -55.89
N ALA P 667 -87.43 39.47 -55.48
CA ALA P 667 -87.13 39.99 -54.15
C ALA P 667 -88.22 39.72 -53.11
N ILE P 668 -89.49 39.64 -53.51
CA ILE P 668 -90.66 39.62 -52.62
C ILE P 668 -91.25 38.21 -52.52
N ASP P 669 -91.63 37.78 -51.32
CA ASP P 669 -92.08 36.41 -50.98
C ASP P 669 -91.01 35.30 -51.20
N LYS P 670 -89.72 35.64 -51.24
CA LYS P 670 -88.61 34.69 -51.43
C LYS P 670 -87.76 34.41 -50.19
N GLY P 671 -88.21 34.86 -49.01
CA GLY P 671 -87.72 34.41 -47.70
C GLY P 671 -87.24 35.52 -46.75
N VAL P 672 -87.19 36.79 -47.16
CA VAL P 672 -86.82 37.93 -46.30
C VAL P 672 -87.94 38.95 -46.25
N LEU P 673 -88.31 39.54 -47.38
CA LEU P 673 -89.25 40.65 -47.48
C LEU P 673 -90.61 40.17 -47.94
N THR P 674 -91.69 40.60 -47.28
CA THR P 674 -93.06 40.38 -47.74
C THR P 674 -93.77 41.71 -47.97
N ALA P 675 -94.52 41.78 -49.06
CA ALA P 675 -95.31 42.94 -49.46
C ALA P 675 -96.51 42.48 -50.29
N LYS P 676 -97.61 43.22 -50.25
CA LYS P 676 -98.85 42.93 -50.98
C LYS P 676 -99.12 44.03 -52.00
N GLU P 677 -99.27 43.68 -53.27
CA GLU P 677 -99.79 44.62 -54.27
C GLU P 677 -101.31 44.77 -54.16
N ALA P 678 -101.81 45.98 -54.43
CA ALA P 678 -103.22 46.33 -54.38
C ALA P 678 -103.59 47.39 -55.42
N LYS P 679 -104.83 47.37 -55.89
CA LYS P 679 -105.44 48.46 -56.68
C LYS P 679 -106.24 49.37 -55.77
N VAL P 680 -106.10 50.68 -55.95
CA VAL P 680 -106.82 51.71 -55.21
C VAL P 680 -107.93 52.27 -56.08
N VAL P 681 -109.16 52.31 -55.55
CA VAL P 681 -110.34 52.84 -56.27
C VAL P 681 -111.12 53.82 -55.40
N HIS P 682 -111.69 54.85 -56.03
CA HIS P 682 -112.64 55.76 -55.39
C HIS P 682 -114.07 55.49 -55.88
N GLY P 683 -115.03 55.37 -54.97
CA GLY P 683 -116.39 54.92 -55.29
C GLY P 683 -117.24 55.96 -56.01
N GLU P 684 -117.31 57.18 -55.48
CA GLU P 684 -118.11 58.26 -56.07
C GLU P 684 -117.44 58.91 -57.31
N PRO P 685 -118.23 59.38 -58.32
CA PRO P 685 -117.69 60.08 -59.48
C PRO P 685 -117.37 61.58 -59.21
N THR P 686 -117.94 62.13 -58.13
CA THR P 686 -117.74 63.50 -57.62
C THR P 686 -117.56 63.45 -56.11
N CYS P 687 -116.98 64.46 -55.46
CA CYS P 687 -116.97 64.52 -53.99
C CYS P 687 -117.09 65.95 -53.44
N ASP P 688 -117.59 66.08 -52.20
CA ASP P 688 -117.81 67.38 -51.53
C ASP P 688 -116.48 68.04 -51.15
N LEU P 689 -116.12 69.12 -51.83
CA LEU P 689 -114.85 69.83 -51.63
C LEU P 689 -115.06 71.35 -51.67
N PRO P 690 -114.17 72.15 -51.07
CA PRO P 690 -114.27 73.61 -51.10
C PRO P 690 -113.94 74.16 -52.50
N ASP P 691 -114.59 75.25 -52.90
CA ASP P 691 -114.28 75.92 -54.15
C ASP P 691 -112.95 76.70 -54.03
N LEU P 692 -111.86 76.09 -54.51
CA LEU P 692 -110.51 76.59 -54.27
C LEU P 692 -110.24 77.95 -54.96
N ASP P 693 -110.94 78.26 -56.05
CA ASP P 693 -110.87 79.58 -56.69
C ASP P 693 -111.52 80.67 -55.82
N ALA P 694 -112.69 80.41 -55.24
CA ALA P 694 -113.29 81.31 -54.25
C ALA P 694 -112.46 81.42 -52.95
N ALA P 695 -111.90 80.31 -52.47
CA ALA P 695 -111.13 80.26 -51.24
C ALA P 695 -109.81 81.05 -51.34
N LEU P 696 -109.15 81.03 -52.50
CA LEU P 696 -108.00 81.88 -52.80
C LEU P 696 -108.35 83.38 -52.71
N GLN P 697 -109.58 83.76 -53.05
CA GLN P 697 -110.10 85.13 -52.89
C GLN P 697 -110.85 85.37 -51.56
N GLY P 698 -110.75 84.44 -50.59
CA GLY P 698 -111.30 84.61 -49.24
C GLY P 698 -112.77 84.23 -49.03
N ARG P 699 -113.47 83.70 -50.03
CA ARG P 699 -114.88 83.28 -49.99
C ARG P 699 -114.99 81.76 -49.85
N VAL P 700 -115.79 81.28 -48.90
CA VAL P 700 -115.86 79.84 -48.54
C VAL P 700 -117.23 79.26 -48.89
N TYR P 701 -117.28 78.31 -49.83
CA TYR P 701 -118.45 77.48 -50.11
C TYR P 701 -118.07 76.18 -50.86
N GLY P 702 -118.97 75.20 -50.83
CA GLY P 702 -118.75 73.85 -51.36
C GLY P 702 -119.10 73.66 -52.83
N ARG P 703 -118.47 72.66 -53.46
CA ARG P 703 -118.71 72.21 -54.84
C ARG P 703 -118.58 70.68 -54.91
N ARG P 704 -119.36 70.00 -55.74
CA ARG P 704 -119.16 68.57 -56.04
C ARG P 704 -118.29 68.38 -57.28
N LEU P 705 -116.98 68.48 -57.09
CA LEU P 705 -115.96 68.39 -58.13
C LEU P 705 -115.86 66.94 -58.67
N PRO P 706 -115.92 66.71 -59.99
CA PRO P 706 -115.56 65.43 -60.61
C PRO P 706 -114.12 65.01 -60.30
N VAL P 707 -113.90 63.74 -59.93
CA VAL P 707 -112.59 63.24 -59.48
C VAL P 707 -112.22 61.87 -60.05
N ARG P 708 -110.93 61.64 -60.27
CA ARG P 708 -110.34 60.33 -60.62
C ARG P 708 -108.92 60.14 -60.07
N MET P 709 -108.48 58.89 -59.92
CA MET P 709 -107.14 58.58 -59.40
C MET P 709 -106.04 58.87 -60.44
N SER P 710 -104.95 59.52 -60.03
CA SER P 710 -103.74 59.70 -60.86
C SER P 710 -102.78 58.50 -60.83
N LYS P 711 -102.89 57.64 -59.81
CA LYS P 711 -102.18 56.35 -59.68
C LYS P 711 -103.10 55.29 -59.09
N VAL P 712 -103.05 54.06 -59.60
CA VAL P 712 -103.95 52.97 -59.18
C VAL P 712 -103.21 51.88 -58.41
N LEU P 713 -101.98 51.53 -58.80
CA LEU P 713 -101.19 50.50 -58.10
C LEU P 713 -100.54 51.03 -56.81
N MET P 714 -100.60 50.22 -55.75
CA MET P 714 -99.97 50.46 -54.44
C MET P 714 -99.23 49.19 -53.96
N LEU P 715 -98.05 49.35 -53.36
CA LEU P 715 -97.24 48.25 -52.85
C LEU P 715 -97.13 48.36 -51.33
N CYS P 716 -98.00 47.66 -50.60
CA CYS P 716 -98.09 47.70 -49.15
C CYS P 716 -97.01 46.80 -48.52
N PRO P 717 -96.00 47.33 -47.80
CA PRO P 717 -95.00 46.50 -47.15
C PRO P 717 -95.57 45.83 -45.90
N ARG P 718 -95.05 44.65 -45.52
CA ARG P 718 -95.52 43.91 -44.33
C ARG P 718 -94.43 43.71 -43.28
N ASN P 719 -93.54 42.74 -43.46
CA ASN P 719 -92.43 42.48 -42.53
C ASN P 719 -91.13 42.13 -43.26
N ILE P 720 -90.02 42.31 -42.56
CA ILE P 720 -88.72 41.68 -42.83
C ILE P 720 -88.51 40.57 -41.79
N LYS P 721 -88.13 39.37 -42.23
CA LYS P 721 -88.07 38.17 -41.36
C LYS P 721 -86.62 37.79 -41.03
N ILE P 722 -86.30 37.65 -39.75
CA ILE P 722 -84.98 37.27 -39.24
C ILE P 722 -85.04 35.83 -38.71
N LYS P 723 -84.07 34.99 -39.08
CA LYS P 723 -84.04 33.54 -38.77
C LYS P 723 -82.75 33.14 -38.05
N ASN P 724 -82.82 32.18 -37.14
CA ASN P 724 -81.65 31.56 -36.51
C ASN P 724 -81.84 30.06 -36.29
N ARG P 725 -80.96 29.22 -36.82
CA ARG P 725 -81.04 27.74 -36.72
C ARG P 725 -80.86 27.26 -35.27
N VAL P 726 -81.72 26.34 -34.83
CA VAL P 726 -81.75 25.84 -33.44
C VAL P 726 -80.78 24.67 -33.21
N VAL P 727 -80.79 23.66 -34.07
CA VAL P 727 -80.08 22.38 -33.87
C VAL P 727 -78.87 22.28 -34.78
N PHE P 728 -77.71 22.06 -34.17
CA PHE P 728 -76.50 21.57 -34.84
C PHE P 728 -76.59 20.03 -34.97
N THR P 729 -76.49 19.51 -36.19
CA THR P 729 -76.69 18.08 -36.51
C THR P 729 -75.40 17.23 -36.50
N GLY P 730 -74.25 17.81 -36.16
CA GLY P 730 -72.97 17.08 -36.14
C GLY P 730 -72.33 16.83 -37.51
N GLU P 731 -72.98 17.22 -38.61
CA GLU P 731 -72.52 16.92 -39.97
C GLU P 731 -71.24 17.66 -40.38
N ASN P 732 -71.15 18.96 -40.07
CA ASN P 732 -69.95 19.76 -40.35
C ASN P 732 -68.86 19.50 -39.29
N ALA P 733 -67.91 18.61 -39.60
CA ALA P 733 -66.93 18.08 -38.65
C ALA P 733 -65.97 19.13 -38.06
N ALA P 734 -65.82 20.30 -38.68
CA ALA P 734 -65.02 21.40 -38.17
C ALA P 734 -65.65 22.13 -36.96
N LEU P 735 -66.98 22.04 -36.79
CA LEU P 735 -67.72 22.82 -35.79
C LEU P 735 -67.93 22.11 -34.44
N GLN P 736 -67.83 20.77 -34.41
CA GLN P 736 -68.34 19.95 -33.29
C GLN P 736 -67.82 20.38 -31.90
N ASN P 737 -66.57 20.83 -31.81
CA ASN P 737 -65.94 21.18 -30.53
C ASN P 737 -66.62 22.35 -29.80
N SER P 738 -67.36 23.20 -30.52
CA SER P 738 -68.15 24.27 -29.89
C SER P 738 -69.49 23.79 -29.32
N PHE P 739 -70.08 22.70 -29.85
CA PHE P 739 -71.42 22.20 -29.49
C PHE P 739 -71.43 20.96 -28.60
N ILE P 740 -70.33 20.19 -28.51
CA ILE P 740 -70.34 18.85 -27.90
C ILE P 740 -70.71 18.84 -26.41
N LYS P 741 -71.66 17.96 -26.03
CA LYS P 741 -72.10 17.70 -24.65
C LYS P 741 -71.14 16.76 -23.93
N SER P 742 -70.53 17.22 -22.84
CA SER P 742 -69.76 16.38 -21.91
C SER P 742 -70.68 15.61 -20.94
N THR P 743 -70.23 14.45 -20.44
CA THR P 743 -71.02 13.58 -19.54
C THR P 743 -70.31 13.29 -18.19
N THR P 744 -69.02 13.63 -18.02
CA THR P 744 -68.26 13.32 -16.80
C THR P 744 -68.69 14.16 -15.58
N ARG P 745 -68.59 13.55 -14.39
CA ARG P 745 -69.08 14.09 -13.11
C ARG P 745 -68.17 15.20 -12.57
N ARG P 746 -68.62 16.46 -12.67
CA ARG P 746 -67.89 17.65 -12.20
C ARG P 746 -68.17 17.98 -10.73
N GLU P 747 -67.30 18.75 -10.09
CA GLU P 747 -67.50 19.25 -8.72
C GLU P 747 -68.48 20.44 -8.63
N ASN P 748 -68.65 21.22 -9.71
CA ASN P 748 -69.56 22.38 -9.72
C ASN P 748 -71.06 22.03 -9.95
N TYR P 749 -71.42 20.76 -9.95
CA TYR P 749 -72.71 20.27 -10.42
C TYR P 749 -73.93 20.82 -9.66
N ILE P 750 -73.80 21.17 -8.38
CA ILE P 750 -74.87 21.83 -7.63
C ILE P 750 -74.88 23.32 -7.92
N ILE P 751 -73.75 24.02 -7.76
CA ILE P 751 -73.69 25.49 -7.88
C ILE P 751 -73.89 26.01 -9.33
N ASN P 752 -73.56 25.22 -10.35
CA ASN P 752 -73.93 25.44 -11.75
C ASN P 752 -75.15 24.59 -12.19
N GLY P 753 -75.87 24.00 -11.24
CA GLY P 753 -77.03 23.16 -11.47
C GLY P 753 -78.37 23.91 -11.47
N PRO P 754 -79.49 23.19 -11.58
CA PRO P 754 -80.80 23.78 -11.78
C PRO P 754 -81.40 24.49 -10.54
N TYR P 755 -80.83 24.32 -9.34
CA TYR P 755 -81.43 24.80 -8.09
C TYR P 755 -80.75 26.00 -7.42
N MET P 756 -79.53 26.35 -7.79
CA MET P 756 -78.71 27.31 -7.03
C MET P 756 -79.35 28.69 -6.86
N LYS P 757 -80.02 29.23 -7.88
CA LYS P 757 -80.71 30.53 -7.78
C LYS P 757 -81.87 30.50 -6.78
N PHE P 758 -82.64 29.41 -6.70
CA PHE P 758 -83.69 29.22 -5.69
C PHE P 758 -83.13 28.99 -4.29
N LEU P 759 -82.08 28.17 -4.17
CA LEU P 759 -81.37 27.94 -2.90
C LEU P 759 -80.81 29.25 -2.32
N ASN P 760 -80.46 30.21 -3.17
CA ASN P 760 -80.08 31.56 -2.75
C ASN P 760 -81.29 32.43 -2.40
N THR P 761 -82.32 32.53 -3.25
CA THR P 761 -83.54 33.32 -3.00
C THR P 761 -84.22 32.95 -1.67
N TYR P 762 -84.20 31.68 -1.29
CA TYR P 762 -84.84 31.14 -0.07
C TYR P 762 -83.85 30.83 1.06
N HIS P 763 -82.59 31.27 0.98
CA HIS P 763 -81.54 30.94 1.97
C HIS P 763 -81.93 31.27 3.42
N LYS P 764 -82.46 32.48 3.67
CA LYS P 764 -82.88 32.92 5.01
C LYS P 764 -84.06 32.13 5.59
N THR P 765 -84.91 31.50 4.76
CA THR P 765 -85.97 30.58 5.24
C THR P 765 -85.47 29.13 5.40
N LEU P 766 -84.53 28.65 4.57
CA LEU P 766 -83.92 27.33 4.73
C LEU P 766 -82.95 27.25 5.91
N PHE P 767 -82.10 28.26 6.15
CA PHE P 767 -81.09 28.24 7.20
C PHE P 767 -81.12 29.54 8.04
N PRO P 768 -82.09 29.69 8.95
CA PRO P 768 -82.30 30.89 9.76
C PRO P 768 -81.04 31.35 10.52
N ASP P 769 -80.70 32.62 10.35
CA ASP P 769 -79.55 33.32 10.97
C ASP P 769 -78.16 32.66 10.81
N THR P 770 -77.91 31.85 9.76
CA THR P 770 -76.57 31.31 9.50
C THR P 770 -75.61 32.37 8.97
N LYS P 771 -74.33 32.30 9.35
CA LYS P 771 -73.27 33.21 8.87
C LYS P 771 -72.79 32.90 7.45
N LEU P 772 -72.96 31.65 7.01
CA LEU P 772 -72.44 31.11 5.74
C LEU P 772 -73.09 31.77 4.52
N SER P 773 -72.32 32.05 3.47
CA SER P 773 -72.89 32.31 2.14
C SER P 773 -73.53 31.05 1.56
N SER P 774 -74.61 31.22 0.80
CA SER P 774 -75.31 30.11 0.14
C SER P 774 -74.38 29.32 -0.80
N LEU P 775 -73.51 30.02 -1.53
CA LEU P 775 -72.49 29.45 -2.40
C LEU P 775 -71.50 28.56 -1.63
N TYR P 776 -70.98 29.02 -0.50
CA TYR P 776 -70.07 28.19 0.30
C TYR P 776 -70.78 27.00 0.96
N LEU P 777 -72.02 27.15 1.46
CA LEU P 777 -72.78 26.06 2.08
C LEU P 777 -72.92 24.87 1.11
N TRP P 778 -73.37 25.13 -0.11
CA TRP P 778 -73.58 24.11 -1.13
C TRP P 778 -72.30 23.62 -1.82
N HIS P 779 -71.22 24.41 -1.86
CA HIS P 779 -69.92 23.92 -2.31
C HIS P 779 -69.23 23.03 -1.27
N ASN P 780 -69.36 23.37 0.02
CA ASN P 780 -68.95 22.52 1.14
C ASN P 780 -69.70 21.20 1.11
N PHE P 781 -71.02 21.21 0.90
CA PHE P 781 -71.79 19.98 0.71
C PHE P 781 -71.30 19.17 -0.51
N SER P 782 -71.07 19.83 -1.65
CA SER P 782 -70.50 19.27 -2.89
C SER P 782 -69.10 18.64 -2.74
N ARG P 783 -68.39 18.82 -1.62
CA ARG P 783 -67.04 18.27 -1.42
C ARG P 783 -66.83 17.49 -0.11
N ARG P 784 -67.61 17.76 0.93
CA ARG P 784 -67.49 17.15 2.27
C ARG P 784 -68.73 16.36 2.72
N ARG P 785 -69.84 16.41 1.96
CA ARG P 785 -71.09 15.68 2.25
C ARG P 785 -71.69 16.00 3.63
N SER P 786 -71.83 17.29 3.98
CA SER P 786 -72.42 17.70 5.26
C SER P 786 -73.24 18.99 5.18
N VAL P 787 -74.24 19.13 6.06
CA VAL P 787 -75.25 20.20 6.04
C VAL P 787 -75.58 20.66 7.47
N PRO P 788 -75.71 21.98 7.75
CA PRO P 788 -75.98 22.47 9.09
C PRO P 788 -77.48 22.40 9.44
N VAL P 789 -77.84 21.96 10.66
CA VAL P 789 -79.25 21.88 11.10
C VAL P 789 -79.56 22.96 12.15
N PRO P 790 -80.48 23.91 11.90
CA PRO P 790 -80.86 24.97 12.86
C PRO P 790 -81.25 24.46 14.26
N SER P 791 -81.08 25.29 15.28
CA SER P 791 -81.00 24.88 16.69
C SER P 791 -82.16 24.02 17.22
N GLY P 792 -83.40 24.32 16.81
CA GLY P 792 -84.60 23.53 17.14
C GLY P 792 -85.14 22.65 16.01
N ALA P 793 -84.60 22.74 14.79
CA ALA P 793 -85.05 21.97 13.63
C ALA P 793 -84.61 20.49 13.67
N SER P 794 -85.25 19.64 12.87
CA SER P 794 -85.03 18.18 12.87
C SER P 794 -83.93 17.75 11.89
N ALA P 795 -83.10 16.76 12.23
CA ALA P 795 -81.97 16.35 11.39
C ALA P 795 -82.40 15.73 10.06
N GLU P 796 -83.38 14.82 10.07
CA GLU P 796 -83.65 14.00 8.87
C GLU P 796 -84.30 14.79 7.74
N GLU P 797 -85.12 15.78 8.07
CA GLU P 797 -85.67 16.80 7.19
C GLU P 797 -84.61 17.52 6.34
N TYR P 798 -83.46 17.86 6.95
CA TYR P 798 -82.33 18.44 6.21
C TYR P 798 -81.51 17.39 5.45
N SER P 799 -81.39 16.17 5.96
CA SER P 799 -80.77 15.10 5.17
C SER P 799 -81.56 14.80 3.90
N ASP P 800 -82.90 14.91 3.93
CA ASP P 800 -83.74 14.77 2.74
C ASP P 800 -83.55 15.91 1.73
N LEU P 801 -83.59 17.18 2.19
CA LEU P 801 -83.28 18.36 1.36
C LEU P 801 -81.95 18.19 0.59
N ALA P 802 -80.91 17.76 1.30
CA ALA P 802 -79.61 17.52 0.70
C ALA P 802 -79.65 16.45 -0.40
N LEU P 803 -80.31 15.32 -0.16
CA LEU P 803 -80.45 14.25 -1.16
C LEU P 803 -81.33 14.66 -2.34
N PHE P 804 -82.33 15.53 -2.15
CA PHE P 804 -83.10 16.08 -3.27
C PHE P 804 -82.23 16.95 -4.21
N VAL P 805 -81.44 17.86 -3.64
CA VAL P 805 -80.54 18.75 -4.38
C VAL P 805 -79.47 17.97 -5.12
N ASP P 806 -78.85 16.99 -4.45
CA ASP P 806 -77.84 16.12 -5.05
C ASP P 806 -78.41 15.30 -6.23
N GLY P 807 -79.53 14.62 -6.00
CA GLY P 807 -80.17 13.77 -7.00
C GLY P 807 -80.54 14.51 -8.26
N GLY P 808 -81.29 15.60 -8.13
CA GLY P 808 -81.69 16.42 -9.29
C GLY P 808 -80.51 17.07 -10.00
N SER P 809 -79.48 17.50 -9.26
CA SER P 809 -78.29 18.10 -9.88
C SER P 809 -77.52 17.10 -10.75
N ARG P 810 -77.29 15.85 -10.31
CA ARG P 810 -76.69 14.80 -11.14
C ARG P 810 -77.58 14.36 -12.31
N ALA P 811 -78.90 14.29 -12.14
CA ALA P 811 -79.81 13.97 -13.24
C ALA P 811 -79.81 15.06 -14.33
N HIS P 812 -79.73 16.33 -13.94
CA HIS P 812 -79.57 17.47 -14.84
C HIS P 812 -78.21 17.45 -15.55
N GLU P 813 -77.12 17.14 -14.82
CA GLU P 813 -75.77 17.03 -15.37
C GLU P 813 -75.71 15.99 -16.50
N GLU P 814 -76.34 14.81 -16.30
CA GLU P 814 -76.48 13.78 -17.32
C GLU P 814 -77.35 14.24 -18.51
N SER P 815 -78.57 14.71 -18.28
CA SER P 815 -79.58 14.88 -19.34
C SER P 815 -79.59 16.23 -20.08
N ASN P 816 -79.05 17.32 -19.53
CA ASN P 816 -79.32 18.67 -20.05
C ASN P 816 -78.56 19.05 -21.33
N VAL P 817 -79.26 19.62 -22.32
CA VAL P 817 -78.69 20.20 -23.55
C VAL P 817 -79.07 21.68 -23.79
N ILE P 818 -79.62 22.34 -22.78
CA ILE P 818 -80.03 23.74 -22.78
C ILE P 818 -79.17 24.51 -21.77
N ASP P 819 -78.18 25.27 -22.22
CA ASP P 819 -77.12 25.86 -21.37
C ASP P 819 -77.57 27.12 -20.59
N VAL P 820 -78.51 26.94 -19.66
CA VAL P 820 -79.16 27.97 -18.85
C VAL P 820 -79.25 27.52 -17.39
N VAL P 821 -78.98 28.43 -16.44
CA VAL P 821 -79.32 28.27 -15.02
C VAL P 821 -80.62 29.07 -14.76
N PRO P 822 -81.78 28.44 -14.57
CA PRO P 822 -83.07 29.14 -14.57
C PRO P 822 -83.29 30.01 -13.34
N GLY P 823 -83.80 31.23 -13.52
CA GLY P 823 -84.06 32.17 -12.43
C GLY P 823 -85.43 32.08 -11.77
N ASN P 824 -86.43 31.51 -12.45
CA ASN P 824 -87.81 31.41 -11.98
C ASN P 824 -88.44 30.06 -12.34
N LEU P 825 -89.53 29.68 -11.66
CA LEU P 825 -90.16 28.36 -11.82
C LEU P 825 -90.73 28.11 -13.22
N VAL P 826 -91.18 29.14 -13.95
CA VAL P 826 -91.64 28.99 -15.34
C VAL P 826 -90.50 28.64 -16.29
N THR P 827 -89.34 29.28 -16.13
CA THR P 827 -88.15 28.94 -16.94
C THR P 827 -87.62 27.56 -16.56
N TYR P 828 -87.56 27.23 -15.27
CA TYR P 828 -87.23 25.87 -14.79
C TYR P 828 -88.13 24.79 -15.42
N ALA P 829 -89.46 24.99 -15.39
CA ALA P 829 -90.44 24.08 -15.99
C ALA P 829 -90.25 23.93 -17.50
N LYS P 830 -90.12 25.04 -18.24
CA LYS P 830 -89.90 25.03 -19.69
C LYS P 830 -88.58 24.40 -20.11
N GLN P 831 -87.50 24.55 -19.35
CA GLN P 831 -86.25 23.82 -19.58
C GLN P 831 -86.46 22.31 -19.43
N ARG P 832 -87.15 21.84 -18.37
CA ARG P 832 -87.45 20.41 -18.15
C ARG P 832 -88.25 19.82 -19.32
N LEU P 833 -89.26 20.53 -19.80
CA LEU P 833 -90.10 20.12 -20.94
C LEU P 833 -89.30 19.98 -22.25
N ASN P 834 -88.50 20.98 -22.63
CA ASN P 834 -87.78 20.94 -23.90
C ASN P 834 -86.60 19.96 -23.90
N ASN P 835 -85.93 19.72 -22.77
CA ASN P 835 -84.99 18.60 -22.62
C ASN P 835 -85.68 17.24 -22.83
N ALA P 836 -86.97 17.08 -22.52
CA ALA P 836 -87.69 15.84 -22.78
C ALA P 836 -88.00 15.61 -24.27
N ILE P 837 -88.40 16.65 -25.02
CA ILE P 837 -88.68 16.53 -26.46
C ILE P 837 -87.40 16.18 -27.23
N LEU P 838 -86.28 16.85 -26.94
CA LEU P 838 -85.00 16.59 -27.60
C LEU P 838 -84.51 15.16 -27.37
N LYS P 839 -84.74 14.59 -26.18
CA LYS P 839 -84.42 13.18 -25.88
C LYS P 839 -85.26 12.21 -26.71
N ALA P 840 -86.57 12.43 -26.82
CA ALA P 840 -87.45 11.63 -27.70
C ALA P 840 -87.04 11.72 -29.20
N CYS P 841 -86.46 12.83 -29.62
CA CYS P 841 -85.89 12.99 -30.97
C CYS P 841 -84.48 12.42 -31.16
N GLY P 842 -83.87 11.83 -30.13
CA GLY P 842 -82.47 11.35 -30.19
C GLY P 842 -81.40 12.46 -30.18
N GLN P 843 -81.77 13.72 -29.91
CA GLN P 843 -80.85 14.86 -29.86
C GLN P 843 -80.19 14.97 -28.48
N THR P 844 -79.07 14.27 -28.29
CA THR P 844 -78.40 14.09 -26.99
C THR P 844 -76.89 14.39 -27.01
N GLN P 845 -76.28 14.52 -28.18
CA GLN P 845 -74.84 14.69 -28.33
C GLN P 845 -74.37 16.16 -28.25
N PHE P 846 -75.26 17.11 -28.51
CA PHE P 846 -74.94 18.52 -28.68
C PHE P 846 -75.88 19.47 -27.91
N TYR P 847 -75.34 20.57 -27.40
CA TYR P 847 -76.15 21.73 -26.99
C TYR P 847 -76.91 22.35 -28.17
N ILE P 848 -78.10 22.89 -27.93
CA ILE P 848 -78.83 23.70 -28.91
C ILE P 848 -78.36 25.18 -28.94
N SER P 849 -78.57 25.90 -30.04
CA SER P 849 -78.37 27.37 -30.09
C SER P 849 -79.32 28.09 -29.12
N LEU P 850 -78.86 29.16 -28.49
CA LEU P 850 -79.66 30.06 -27.66
C LEU P 850 -79.69 31.49 -28.23
N ILE P 851 -80.82 32.19 -28.10
CA ILE P 851 -80.88 33.66 -28.21
C ILE P 851 -81.17 34.25 -26.83
N GLN P 852 -80.37 35.20 -26.36
CA GLN P 852 -80.59 35.93 -25.12
C GLN P 852 -80.94 37.41 -25.35
N GLY P 853 -81.96 37.90 -24.65
CA GLY P 853 -82.36 39.31 -24.69
C GLY P 853 -81.60 40.15 -23.67
N LEU P 854 -81.03 41.27 -24.08
CA LEU P 854 -80.45 42.29 -23.21
C LEU P 854 -81.50 43.39 -22.97
N VAL P 855 -81.96 43.56 -21.73
CA VAL P 855 -83.09 44.45 -21.38
C VAL P 855 -82.61 45.65 -20.54
N PRO P 856 -82.92 46.91 -20.92
CA PRO P 856 -82.51 48.10 -20.17
C PRO P 856 -83.11 48.20 -18.75
N ARG P 857 -82.26 48.48 -17.76
CA ARG P 857 -82.60 48.84 -16.38
C ARG P 857 -82.10 50.24 -16.06
N THR P 858 -82.98 51.10 -15.57
CA THR P 858 -82.68 52.52 -15.28
C THR P 858 -82.42 52.70 -13.78
N GLN P 859 -81.32 53.34 -13.42
CA GLN P 859 -80.84 53.49 -12.03
C GLN P 859 -80.35 54.91 -11.72
N SER P 860 -80.56 55.40 -10.50
CA SER P 860 -80.06 56.70 -10.02
C SER P 860 -78.76 56.53 -9.25
N VAL P 861 -77.74 57.32 -9.57
CA VAL P 861 -76.35 57.20 -9.05
C VAL P 861 -75.83 58.57 -8.60
N PRO P 862 -74.80 58.67 -7.74
CA PRO P 862 -74.21 59.95 -7.37
C PRO P 862 -73.55 60.64 -8.57
N ALA P 863 -73.83 61.94 -8.78
CA ALA P 863 -73.49 62.65 -10.01
C ALA P 863 -72.00 63.03 -10.19
N ARG P 864 -71.13 62.60 -9.29
CA ARG P 864 -69.69 62.90 -9.25
C ARG P 864 -68.97 62.73 -10.58
N ASP P 865 -69.23 61.66 -11.33
CA ASP P 865 -68.66 61.40 -12.66
C ASP P 865 -69.67 61.61 -13.82
N TYR P 866 -70.74 62.38 -13.60
CA TYR P 866 -71.79 62.68 -14.57
C TYR P 866 -72.00 64.21 -14.70
N PRO P 867 -71.00 64.94 -15.23
CA PRO P 867 -70.88 66.39 -15.06
C PRO P 867 -71.99 67.22 -15.71
N HIS P 868 -72.74 66.67 -16.67
CA HIS P 868 -73.83 67.37 -17.34
C HIS P 868 -74.99 67.78 -16.43
N VAL P 869 -75.12 67.25 -15.21
CA VAL P 869 -76.15 67.71 -14.26
C VAL P 869 -75.94 69.17 -13.81
N LEU P 870 -74.73 69.72 -13.95
CA LEU P 870 -74.44 71.11 -13.54
C LEU P 870 -74.98 72.17 -14.51
N GLY P 871 -75.36 71.80 -15.73
CA GLY P 871 -75.84 72.74 -16.74
C GLY P 871 -74.74 73.63 -17.35
N THR P 872 -75.13 74.77 -17.92
CA THR P 872 -74.24 75.76 -18.57
C THR P 872 -73.39 76.59 -17.60
N ARG P 873 -73.52 76.34 -16.29
CA ARG P 873 -72.77 76.91 -15.17
C ARG P 873 -71.26 77.04 -15.44
N ALA P 874 -70.65 78.16 -15.09
CA ALA P 874 -69.19 78.30 -15.06
C ALA P 874 -68.59 77.56 -13.85
N VAL P 875 -67.56 76.75 -14.07
CA VAL P 875 -66.87 75.96 -13.02
C VAL P 875 -65.45 76.50 -12.85
N GLU P 876 -65.11 76.96 -11.65
CA GLU P 876 -63.87 77.69 -11.38
C GLU P 876 -62.77 76.86 -10.68
N SER P 877 -63.14 75.84 -9.90
CA SER P 877 -62.18 74.95 -9.23
C SER P 877 -62.71 73.52 -9.05
N ALA P 878 -61.81 72.55 -8.88
CA ALA P 878 -62.19 71.16 -8.61
C ALA P 878 -62.90 71.01 -7.25
N ALA P 879 -62.54 71.83 -6.26
CA ALA P 879 -63.23 71.88 -4.97
C ALA P 879 -64.67 72.39 -5.12
N ALA P 880 -64.92 73.39 -5.97
CA ALA P 880 -66.28 73.85 -6.28
C ALA P 880 -67.09 72.79 -7.06
N TYR P 881 -66.48 72.08 -8.03
CA TYR P 881 -67.13 70.96 -8.74
C TYR P 881 -67.55 69.85 -7.78
N ALA P 882 -66.66 69.44 -6.88
CA ALA P 882 -66.94 68.43 -5.86
C ALA P 882 -68.05 68.89 -4.89
N GLU P 883 -68.02 70.15 -4.44
CA GLU P 883 -69.07 70.71 -3.58
C GLU P 883 -70.43 70.71 -4.29
N ALA P 884 -70.51 71.24 -5.52
CA ALA P 884 -71.76 71.37 -6.27
C ALA P 884 -72.40 70.01 -6.63
N THR P 885 -71.60 68.98 -6.91
CA THR P 885 -72.11 67.64 -7.25
C THR P 885 -72.38 66.76 -6.02
N SER P 886 -71.85 67.07 -4.83
CA SER P 886 -71.99 66.24 -3.62
C SER P 886 -73.43 65.93 -3.18
N SER P 887 -74.40 66.79 -3.53
CA SER P 887 -75.82 66.65 -3.21
C SER P 887 -76.71 66.22 -4.38
N LEU P 888 -76.14 65.82 -5.53
CA LEU P 888 -76.86 65.59 -6.79
C LEU P 888 -76.75 64.14 -7.29
N THR P 889 -77.80 63.67 -7.96
CA THR P 889 -77.85 62.33 -8.58
C THR P 889 -78.17 62.39 -10.08
N ALA P 890 -77.58 61.47 -10.83
CA ALA P 890 -77.74 61.31 -12.27
C ALA P 890 -78.48 60.01 -12.60
N THR P 891 -79.36 60.04 -13.59
CA THR P 891 -79.99 58.84 -14.15
C THR P 891 -79.03 58.15 -15.13
N THR P 892 -78.82 56.85 -15.00
CA THR P 892 -77.99 56.05 -15.90
C THR P 892 -78.70 54.75 -16.28
N VAL P 893 -78.27 54.13 -17.38
CA VAL P 893 -78.86 52.89 -17.89
C VAL P 893 -77.81 51.81 -18.05
N VAL P 894 -78.14 50.59 -17.66
CA VAL P 894 -77.37 49.35 -17.92
C VAL P 894 -78.30 48.29 -18.47
N CYS P 895 -77.78 47.29 -19.17
CA CYS P 895 -78.56 46.16 -19.68
C CYS P 895 -78.35 44.89 -18.85
N ALA P 896 -79.44 44.18 -18.53
CA ALA P 896 -79.44 42.88 -17.87
C ALA P 896 -79.84 41.74 -18.81
N ALA P 897 -79.12 40.61 -18.76
CA ALA P 897 -79.44 39.46 -19.59
C ALA P 897 -80.67 38.72 -19.02
N THR P 898 -81.69 38.56 -19.85
CA THR P 898 -82.82 37.66 -19.60
C THR P 898 -82.48 36.23 -20.03
N ASP P 899 -82.92 35.24 -19.25
CA ASP P 899 -82.78 33.81 -19.55
C ASP P 899 -83.96 33.25 -20.39
N CYS P 900 -84.86 34.10 -20.85
CA CYS P 900 -86.16 33.74 -21.44
C CYS P 900 -86.71 34.82 -22.41
N LEU P 901 -86.15 34.91 -23.62
CA LEU P 901 -86.55 35.89 -24.63
C LEU P 901 -88.05 35.88 -24.97
N SER P 902 -88.72 34.73 -24.90
CA SER P 902 -90.12 34.60 -25.35
C SER P 902 -91.12 35.46 -24.56
N GLN P 903 -90.96 35.64 -23.24
CA GLN P 903 -91.82 36.55 -22.47
C GLN P 903 -91.61 38.03 -22.82
N VAL P 904 -90.38 38.44 -23.17
CA VAL P 904 -90.10 39.80 -23.68
C VAL P 904 -90.78 40.01 -25.04
N CYS P 905 -90.72 39.04 -25.95
CA CYS P 905 -91.40 39.13 -27.25
C CYS P 905 -92.93 39.26 -27.17
N LYS P 906 -93.57 38.79 -26.10
CA LYS P 906 -95.01 39.04 -25.84
C LYS P 906 -95.35 40.50 -25.53
N ALA P 907 -94.39 41.30 -25.06
CA ALA P 907 -94.56 42.71 -24.72
C ALA P 907 -94.31 43.68 -25.92
N ARG P 908 -94.35 43.17 -27.15
CA ARG P 908 -94.20 43.90 -28.43
C ARG P 908 -92.98 44.85 -28.44
N PRO P 909 -91.75 44.34 -28.30
CA PRO P 909 -90.58 45.16 -27.98
C PRO P 909 -90.04 45.97 -29.17
N VAL P 910 -89.39 47.09 -28.87
CA VAL P 910 -88.42 47.73 -29.74
C VAL P 910 -87.13 46.91 -29.71
N VAL P 911 -86.56 46.58 -30.87
CA VAL P 911 -85.40 45.65 -30.99
C VAL P 911 -84.22 46.24 -31.74
N THR P 912 -83.01 45.82 -31.37
CA THR P 912 -81.77 46.07 -32.14
C THR P 912 -80.97 44.78 -32.29
N LEU P 913 -80.60 44.43 -33.52
CA LEU P 913 -79.95 43.14 -33.84
C LEU P 913 -79.01 43.21 -35.06
N PRO P 914 -78.00 42.32 -35.17
CA PRO P 914 -77.16 42.19 -36.36
C PRO P 914 -77.76 41.22 -37.40
N VAL P 915 -77.70 41.53 -38.69
CA VAL P 915 -78.18 40.63 -39.77
C VAL P 915 -77.21 40.51 -40.94
N THR P 916 -77.08 39.30 -41.49
CA THR P 916 -76.52 39.03 -42.83
C THR P 916 -77.61 38.44 -43.73
N ILE P 917 -77.79 38.93 -44.95
CA ILE P 917 -78.72 38.29 -45.90
C ILE P 917 -77.94 37.33 -46.81
N ASN P 918 -78.16 36.04 -46.61
CA ASN P 918 -77.55 34.95 -47.38
C ASN P 918 -78.50 34.43 -48.45
N LYS P 919 -77.96 34.11 -49.64
CA LYS P 919 -78.75 33.73 -50.82
C LYS P 919 -78.33 32.36 -51.37
N TYR P 920 -79.28 31.55 -51.79
CA TYR P 920 -79.07 30.14 -52.16
C TYR P 920 -80.09 29.64 -53.18
N THR P 921 -79.76 28.58 -53.90
CA THR P 921 -80.64 27.95 -54.91
C THR P 921 -81.76 27.13 -54.27
N GLY P 922 -82.90 26.98 -54.95
CA GLY P 922 -83.95 26.03 -54.53
C GLY P 922 -83.52 24.56 -54.60
N VAL P 923 -84.27 23.68 -53.92
CA VAL P 923 -84.09 22.22 -53.92
C VAL P 923 -84.89 21.51 -55.03
N ASN P 924 -84.82 20.18 -55.09
CA ASN P 924 -85.60 19.33 -56.00
C ASN P 924 -85.45 19.72 -57.48
N GLY P 925 -84.22 20.03 -57.88
CA GLY P 925 -83.85 20.40 -59.25
C GLY P 925 -84.14 21.84 -59.67
N ASN P 926 -84.66 22.68 -58.77
CA ASN P 926 -84.98 24.08 -59.06
C ASN P 926 -83.71 24.95 -59.26
N ASN P 927 -83.85 26.08 -59.98
CA ASN P 927 -82.76 27.00 -60.31
C ASN P 927 -83.00 28.47 -59.88
N GLN P 928 -84.10 28.77 -59.17
CA GLN P 928 -84.37 30.10 -58.63
C GLN P 928 -83.56 30.41 -57.37
N ILE P 929 -83.46 31.70 -57.02
CA ILE P 929 -82.73 32.18 -55.84
C ILE P 929 -83.72 32.46 -54.70
N PHE P 930 -83.40 31.98 -53.50
CA PHE P 930 -84.11 32.24 -52.25
C PHE P 930 -83.18 32.93 -51.25
N GLN P 931 -83.71 33.68 -50.29
CA GLN P 931 -82.92 34.43 -49.30
C GLN P 931 -83.29 34.07 -47.85
N ALA P 932 -82.32 34.19 -46.95
CA ALA P 932 -82.57 34.22 -45.50
C ALA P 932 -81.81 35.38 -44.86
N GLY P 933 -82.46 36.10 -43.95
CA GLY P 933 -81.82 37.06 -43.07
C GLY P 933 -81.38 36.36 -41.80
N ASN P 934 -80.13 35.91 -41.74
CA ASN P 934 -79.61 35.17 -40.59
C ASN P 934 -79.09 36.12 -39.50
N LEU P 935 -79.48 35.89 -38.25
CA LEU P 935 -79.03 36.63 -37.06
C LEU P 935 -77.51 36.47 -36.85
N GLY P 936 -76.79 37.58 -36.70
CA GLY P 936 -75.34 37.62 -36.57
C GLY P 936 -74.83 38.15 -35.23
N TYR P 937 -73.66 38.79 -35.25
CA TYR P 937 -72.91 39.26 -34.08
C TYR P 937 -72.63 40.77 -34.12
N PHE P 938 -72.52 41.41 -32.96
CA PHE P 938 -72.09 42.79 -32.82
C PHE P 938 -70.57 42.92 -32.88
N MET P 939 -70.05 43.96 -33.54
CA MET P 939 -68.62 44.28 -33.55
C MET P 939 -68.32 45.54 -32.74
N GLY P 940 -67.20 45.54 -32.00
CA GLY P 940 -66.70 46.68 -31.22
C GLY P 940 -66.87 46.48 -29.72
N ARG P 941 -65.78 46.56 -28.95
CA ARG P 941 -65.78 46.26 -27.51
C ARG P 941 -66.57 47.26 -26.65
N GLY P 942 -66.86 48.45 -27.14
CA GLY P 942 -67.63 49.46 -26.42
C GLY P 942 -69.14 49.24 -26.36
N VAL P 943 -69.72 48.29 -27.12
CA VAL P 943 -71.18 48.13 -27.26
C VAL P 943 -71.87 47.79 -25.93
N ASP P 944 -71.54 46.69 -25.27
CA ASP P 944 -72.09 46.35 -23.94
C ASP P 944 -71.19 45.36 -23.20
N ARG P 945 -70.98 45.57 -21.90
CA ARG P 945 -70.13 44.69 -21.07
C ARG P 945 -70.56 43.22 -21.06
N ASN P 946 -71.83 42.89 -21.25
CA ASN P 946 -72.28 41.49 -21.34
C ASN P 946 -71.77 40.76 -22.58
N LEU P 947 -71.35 41.48 -23.63
CA LEU P 947 -70.77 40.92 -24.85
C LEU P 947 -69.26 40.67 -24.74
N LEU P 948 -68.58 41.12 -23.67
CA LEU P 948 -67.13 40.96 -23.49
C LEU P 948 -66.72 39.52 -23.12
N GLN P 949 -65.97 38.87 -24.00
CA GLN P 949 -65.27 37.59 -23.72
C GLN P 949 -63.98 37.81 -22.91
N SER P 963 -69.39 33.44 -29.25
CA SER P 963 -69.59 31.99 -29.34
C SER P 963 -70.46 31.60 -30.56
N MET P 964 -70.24 30.40 -31.09
CA MET P 964 -71.14 29.75 -32.06
C MET P 964 -72.58 29.63 -31.53
N ARG P 965 -72.76 29.32 -30.24
CA ARG P 965 -74.01 28.77 -29.70
C ARG P 965 -74.85 29.70 -28.82
N LYS P 966 -74.39 30.93 -28.57
CA LYS P 966 -75.21 32.00 -27.97
C LYS P 966 -75.16 33.29 -28.80
N LYS P 967 -76.32 33.85 -29.13
CA LYS P 967 -76.50 35.14 -29.81
C LYS P 967 -77.35 36.10 -28.98
N PHE P 968 -77.17 37.40 -29.17
CA PHE P 968 -77.83 38.45 -28.38
C PHE P 968 -78.68 39.39 -29.25
N VAL P 969 -79.77 39.88 -28.68
CA VAL P 969 -80.63 40.97 -29.19
C VAL P 969 -80.89 41.97 -28.06
N PHE P 970 -80.85 43.28 -28.32
CA PHE P 970 -81.36 44.28 -27.35
C PHE P 970 -82.87 44.42 -27.49
N ALA P 971 -83.64 44.40 -26.40
CA ALA P 971 -85.09 44.55 -26.41
C ALA P 971 -85.64 45.48 -25.30
N THR P 972 -86.52 46.43 -25.65
CA THR P 972 -87.29 47.25 -24.68
C THR P 972 -88.78 47.00 -24.88
N PRO P 973 -89.58 46.59 -23.88
CA PRO P 973 -91.01 46.34 -24.03
C PRO P 973 -91.84 47.62 -24.27
N THR P 974 -92.97 47.53 -24.98
CA THR P 974 -93.92 48.67 -25.16
C THR P 974 -95.28 48.49 -24.45
N LEU P 975 -95.74 47.27 -24.18
CA LEU P 975 -96.92 47.04 -23.32
C LEU P 975 -96.66 47.55 -21.90
N GLY P 976 -97.55 48.40 -21.38
CA GLY P 976 -97.41 49.06 -20.09
C GLY P 976 -96.56 50.33 -20.10
N LEU P 977 -96.02 50.72 -21.26
CA LEU P 977 -95.35 52.00 -21.47
C LEU P 977 -96.23 52.90 -22.35
N THR P 978 -96.42 52.54 -23.63
CA THR P 978 -97.18 53.31 -24.62
C THR P 978 -98.46 52.62 -25.09
N VAL P 979 -98.61 51.31 -24.83
CA VAL P 979 -99.80 50.49 -25.18
C VAL P 979 -100.35 49.82 -23.92
N LYS P 980 -101.67 49.84 -23.71
CA LYS P 980 -102.36 49.32 -22.52
C LYS P 980 -102.53 47.80 -22.57
N ARG P 981 -102.27 47.09 -21.46
CA ARG P 981 -102.49 45.63 -21.32
C ARG P 981 -103.99 45.28 -21.33
N THR P 988 -117.27 33.81 -12.12
CA THR P 988 -118.36 32.92 -11.71
C THR P 988 -119.11 33.40 -10.47
N TYR P 989 -120.35 32.97 -10.31
CA TYR P 989 -121.05 33.04 -9.02
C TYR P 989 -120.53 31.94 -8.07
N GLU P 990 -120.57 32.17 -6.75
CA GLU P 990 -120.12 31.18 -5.77
C GLU P 990 -120.90 29.85 -5.85
N ILE P 991 -122.20 29.88 -6.18
CA ILE P 991 -122.99 28.66 -6.42
C ILE P 991 -122.51 27.84 -7.62
N GLU P 992 -121.83 28.42 -8.61
CA GLU P 992 -121.18 27.65 -9.68
C GLU P 992 -119.91 26.94 -9.18
N ASN P 993 -119.17 27.54 -8.27
CA ASN P 993 -117.96 26.95 -7.69
C ASN P 993 -118.30 25.82 -6.71
N ILE P 994 -119.32 25.96 -5.86
CA ILE P 994 -119.81 24.84 -5.03
C ILE P 994 -120.23 23.67 -5.92
N ARG P 995 -121.03 23.90 -6.96
CA ARG P 995 -121.48 22.90 -7.94
C ARG P 995 -120.33 22.20 -8.67
N ALA P 996 -119.34 22.94 -9.18
CA ALA P 996 -118.17 22.32 -9.80
C ALA P 996 -117.40 21.42 -8.82
N GLY P 997 -117.19 21.85 -7.57
CA GLY P 997 -116.51 21.06 -6.54
C GLY P 997 -117.24 19.78 -6.14
N LEU P 998 -118.57 19.78 -6.12
CA LEU P 998 -119.36 18.56 -5.91
C LEU P 998 -119.31 17.60 -7.11
N GLU P 999 -119.44 18.09 -8.34
CA GLU P 999 -119.28 17.19 -9.51
C GLU P 999 -117.87 16.59 -9.59
N ALA P 1000 -116.84 17.33 -9.17
CA ALA P 1000 -115.46 16.84 -9.10
C ALA P 1000 -115.25 15.73 -8.05
N ILE P 1001 -115.93 15.79 -6.90
CA ILE P 1001 -115.94 14.69 -5.91
C ILE P 1001 -116.67 13.47 -6.47
N ILE P 1002 -117.94 13.62 -6.86
CA ILE P 1002 -118.82 12.48 -7.19
C ILE P 1002 -118.29 11.70 -8.41
N SER P 1003 -117.73 12.39 -9.41
CA SER P 1003 -117.13 11.78 -10.61
C SER P 1003 -115.86 10.98 -10.32
N GLN P 1004 -115.23 11.16 -9.15
CA GLN P 1004 -113.99 10.46 -8.77
C GLN P 1004 -114.18 9.42 -7.66
N LYS P 1005 -115.14 9.59 -6.74
CA LYS P 1005 -115.33 8.70 -5.59
C LYS P 1005 -115.70 7.29 -6.06
N GLN P 1006 -114.87 6.30 -5.72
CA GLN P 1006 -115.01 4.89 -6.11
C GLN P 1006 -114.77 3.96 -4.91
N GLU P 1007 -115.45 2.81 -4.92
CA GLU P 1007 -115.36 1.77 -3.89
C GLU P 1007 -115.88 2.17 -2.49
N GLU P 1008 -116.52 3.34 -2.35
CA GLU P 1008 -117.16 3.84 -1.12
C GLU P 1008 -118.37 4.74 -1.46
N ASP P 1009 -119.41 4.77 -0.61
CA ASP P 1009 -120.57 5.64 -0.79
C ASP P 1009 -120.23 7.12 -0.49
N CYS P 1010 -120.63 8.06 -1.37
CA CYS P 1010 -120.13 9.44 -1.36
C CYS P 1010 -120.86 10.46 -0.45
N VAL P 1011 -122.00 10.11 0.18
CA VAL P 1011 -122.88 11.10 0.81
C VAL P 1011 -122.22 11.88 1.96
N PHE P 1012 -121.41 11.23 2.80
CA PHE P 1012 -120.70 11.91 3.88
C PHE P 1012 -119.65 12.92 3.37
N ASP P 1013 -118.95 12.61 2.28
CA ASP P 1013 -117.98 13.55 1.68
C ASP P 1013 -118.64 14.73 0.96
N VAL P 1014 -119.84 14.54 0.39
CA VAL P 1014 -120.66 15.64 -0.16
C VAL P 1014 -121.19 16.53 0.98
N VAL P 1015 -121.74 15.94 2.03
CA VAL P 1015 -122.22 16.69 3.20
C VAL P 1015 -121.10 17.49 3.89
N CYS P 1016 -119.89 16.95 4.02
CA CYS P 1016 -118.77 17.70 4.60
C CYS P 1016 -118.38 18.91 3.75
N ASN P 1017 -118.37 18.77 2.42
CA ASN P 1017 -118.09 19.88 1.51
C ASN P 1017 -119.16 20.98 1.56
N LEU P 1018 -120.44 20.63 1.69
CA LEU P 1018 -121.52 21.61 1.91
C LEU P 1018 -121.39 22.33 3.26
N VAL P 1019 -121.16 21.59 4.36
CA VAL P 1019 -121.01 22.18 5.69
C VAL P 1019 -119.77 23.08 5.76
N ASP P 1020 -118.69 22.76 5.05
CA ASP P 1020 -117.55 23.66 4.88
C ASP P 1020 -117.93 24.96 4.14
N ALA P 1021 -118.55 24.88 2.97
CA ALA P 1021 -118.81 26.05 2.12
C ALA P 1021 -119.95 26.96 2.60
N MET P 1022 -120.94 26.42 3.30
CA MET P 1022 -122.15 27.14 3.71
C MET P 1022 -122.34 27.24 5.23
N GLY P 1023 -121.67 26.40 6.03
CA GLY P 1023 -121.82 26.40 7.49
C GLY P 1023 -123.26 26.20 7.96
N GLU P 1024 -123.70 27.04 8.87
CA GLU P 1024 -125.05 27.02 9.47
C GLU P 1024 -126.19 27.17 8.45
N ALA P 1025 -125.94 27.77 7.28
CA ALA P 1025 -126.94 27.88 6.21
C ALA P 1025 -127.36 26.51 5.61
N CYS P 1026 -126.65 25.42 5.90
CA CYS P 1026 -127.10 24.06 5.53
C CYS P 1026 -128.40 23.64 6.25
N ALA P 1027 -128.69 24.20 7.43
CA ALA P 1027 -129.82 23.80 8.26
C ALA P 1027 -131.20 23.97 7.58
N SER P 1028 -131.28 24.84 6.58
CA SER P 1028 -132.51 25.16 5.83
C SER P 1028 -132.35 24.97 4.32
N LEU P 1029 -131.37 24.17 3.86
CA LEU P 1029 -131.16 23.89 2.44
C LEU P 1029 -132.40 23.19 1.85
N THR P 1030 -133.05 23.81 0.87
CA THR P 1030 -134.25 23.25 0.22
C THR P 1030 -133.86 22.24 -0.86
N ARG P 1031 -134.81 21.39 -1.29
CA ARG P 1031 -134.57 20.42 -2.37
C ARG P 1031 -134.24 21.09 -3.71
N ASP P 1032 -134.88 22.21 -4.02
CA ASP P 1032 -134.59 22.96 -5.26
C ASP P 1032 -133.17 23.52 -5.30
N ASP P 1033 -132.65 24.06 -4.19
CA ASP P 1033 -131.24 24.46 -4.10
C ASP P 1033 -130.30 23.24 -4.13
N ALA P 1034 -130.58 22.18 -3.36
CA ALA P 1034 -129.75 20.97 -3.37
C ALA P 1034 -129.63 20.32 -4.76
N GLU P 1035 -130.73 20.17 -5.49
CA GLU P 1035 -130.73 19.67 -6.86
C GLU P 1035 -129.89 20.51 -7.83
N TYR P 1036 -129.91 21.85 -7.73
CA TYR P 1036 -129.02 22.70 -8.54
C TYR P 1036 -127.54 22.48 -8.22
N LEU P 1037 -127.17 22.42 -6.94
CA LEU P 1037 -125.79 22.25 -6.50
C LEU P 1037 -125.21 20.88 -6.88
N LEU P 1038 -126.00 19.81 -6.81
CA LEU P 1038 -125.58 18.46 -7.22
C LEU P 1038 -125.44 18.27 -8.75
N GLY P 1039 -125.95 19.18 -9.57
CA GLY P 1039 -125.76 19.19 -11.02
C GLY P 1039 -126.25 17.92 -11.72
N ARG P 1040 -125.34 17.25 -12.45
CA ARG P 1040 -125.56 15.96 -13.12
C ARG P 1040 -126.07 14.86 -12.18
N PHE P 1041 -125.69 14.91 -10.90
CA PHE P 1041 -125.98 13.89 -9.90
C PHE P 1041 -127.16 14.27 -8.99
N SER P 1042 -128.10 15.09 -9.46
CA SER P 1042 -129.26 15.59 -8.70
C SER P 1042 -130.11 14.51 -8.04
N VAL P 1043 -130.04 13.26 -8.50
CA VAL P 1043 -130.69 12.12 -7.86
C VAL P 1043 -130.30 11.95 -6.38
N LEU P 1044 -129.11 12.40 -5.97
CA LEU P 1044 -128.58 12.25 -4.62
C LEU P 1044 -129.29 13.11 -3.54
N ALA P 1045 -130.10 14.09 -3.94
CA ALA P 1045 -130.62 15.16 -3.08
C ALA P 1045 -131.39 14.66 -1.84
N ASP P 1046 -132.28 13.67 -1.95
CA ASP P 1046 -133.04 13.16 -0.80
C ASP P 1046 -132.16 12.57 0.31
N SER P 1047 -131.08 11.88 -0.06
CA SER P 1047 -130.14 11.29 0.89
C SER P 1047 -129.25 12.34 1.57
N VAL P 1048 -128.87 13.40 0.85
CA VAL P 1048 -128.18 14.57 1.41
C VAL P 1048 -129.06 15.31 2.42
N LEU P 1049 -130.32 15.59 2.09
CA LEU P 1049 -131.23 16.32 2.98
C LEU P 1049 -131.56 15.53 4.25
N GLU P 1050 -131.79 14.22 4.15
CA GLU P 1050 -131.94 13.35 5.32
C GLU P 1050 -130.66 13.37 6.19
N THR P 1051 -129.47 13.33 5.58
CA THR P 1051 -128.20 13.41 6.32
C THR P 1051 -128.02 14.77 7.03
N LEU P 1052 -128.32 15.91 6.39
CA LEU P 1052 -128.22 17.24 7.01
C LEU P 1052 -129.18 17.43 8.19
N ALA P 1053 -130.40 16.87 8.13
CA ALA P 1053 -131.30 16.84 9.28
C ALA P 1053 -130.72 16.09 10.51
N THR P 1054 -129.93 15.02 10.32
CA THR P 1054 -129.28 14.35 11.47
C THR P 1054 -128.19 15.22 12.14
N ILE P 1055 -127.48 16.07 11.40
CA ILE P 1055 -126.54 17.04 11.96
C ILE P 1055 -127.29 18.15 12.71
N ALA P 1056 -128.33 18.73 12.08
CA ALA P 1056 -129.18 19.75 12.68
C ALA P 1056 -129.81 19.33 14.03
N SER P 1057 -130.44 18.15 14.08
CA SER P 1057 -131.16 17.65 15.26
C SER P 1057 -130.27 17.06 16.36
N SER P 1058 -129.05 16.63 16.06
CA SER P 1058 -128.10 16.11 17.07
C SER P 1058 -127.33 17.20 17.82
N GLY P 1059 -127.46 18.47 17.43
CA GLY P 1059 -127.00 19.62 18.21
C GLY P 1059 -125.48 19.88 18.20
N ILE P 1060 -124.71 19.17 17.37
CA ILE P 1060 -123.31 19.51 17.11
C ILE P 1060 -123.18 20.83 16.32
N GLU P 1061 -122.01 21.47 16.40
CA GLU P 1061 -121.72 22.69 15.64
C GLU P 1061 -121.62 22.42 14.13
N TRP P 1062 -121.99 23.39 13.30
CA TRP P 1062 -121.89 23.32 11.83
C TRP P 1062 -120.45 23.56 11.35
N THR P 1063 -119.58 22.57 11.51
CA THR P 1063 -118.22 22.58 10.98
C THR P 1063 -117.81 21.19 10.49
N ALA P 1064 -116.93 21.12 9.49
CA ALA P 1064 -116.52 19.87 8.84
C ALA P 1064 -115.91 18.84 9.80
N GLU P 1065 -115.19 19.28 10.84
CA GLU P 1065 -114.60 18.42 11.87
C GLU P 1065 -115.68 17.76 12.75
N ALA P 1066 -116.63 18.56 13.26
CA ALA P 1066 -117.75 18.07 14.07
C ALA P 1066 -118.70 17.17 13.26
N ALA P 1067 -118.91 17.46 11.97
CA ALA P 1067 -119.73 16.64 11.08
C ALA P 1067 -119.20 15.21 10.97
N ARG P 1068 -117.89 15.04 10.72
CA ARG P 1068 -117.26 13.72 10.71
C ARG P 1068 -117.30 13.03 12.08
N ASP P 1069 -116.99 13.75 13.17
CA ASP P 1069 -117.05 13.19 14.52
C ASP P 1069 -118.44 12.63 14.90
N PHE P 1070 -119.53 13.23 14.43
CA PHE P 1070 -120.87 12.64 14.57
C PHE P 1070 -121.12 11.48 13.59
N LEU P 1071 -120.96 11.70 12.28
CA LEU P 1071 -121.36 10.72 11.25
C LEU P 1071 -120.59 9.40 11.34
N GLU P 1072 -119.27 9.46 11.53
CA GLU P 1072 -118.39 8.27 11.57
C GLU P 1072 -118.49 7.48 12.89
N GLY P 1073 -119.09 8.05 13.94
CA GLY P 1073 -119.50 7.33 15.15
C GLY P 1073 -120.90 6.72 15.03
N VAL P 1074 -121.85 7.50 14.52
CA VAL P 1074 -123.20 7.05 14.14
C VAL P 1074 -123.15 6.25 12.85
N ASP P 1083 -122.69 -6.58 3.43
CA ASP P 1083 -124.08 -6.86 3.05
C ASP P 1083 -124.17 -8.10 2.13
N ASN P 1084 -125.38 -8.64 1.92
CA ASN P 1084 -125.63 -9.85 1.14
C ASN P 1084 -125.55 -9.61 -0.39
N PHE P 1085 -124.40 -9.17 -0.89
CA PHE P 1085 -124.17 -8.97 -2.33
C PHE P 1085 -124.07 -10.31 -3.08
N ILE P 1086 -125.05 -10.61 -3.94
CA ILE P 1086 -124.95 -11.69 -4.94
C ILE P 1086 -124.33 -11.16 -6.24
N SER P 1087 -123.52 -11.98 -6.91
CA SER P 1087 -122.95 -11.67 -8.23
C SER P 1087 -123.93 -11.99 -9.37
N VAL P 1088 -123.86 -11.26 -10.49
CA VAL P 1088 -124.82 -11.34 -11.61
C VAL P 1088 -124.10 -11.58 -12.93
N ALA P 1089 -124.66 -12.42 -13.81
CA ALA P 1089 -124.04 -12.89 -15.04
C ALA P 1089 -123.58 -11.77 -15.99
N ASP R 9 -19.05 -8.65 -55.53
CA ASP R 9 -18.92 -9.55 -56.68
C ASP R 9 -20.28 -10.06 -57.18
N ASN R 10 -20.34 -10.63 -58.38
CA ASN R 10 -21.60 -11.01 -59.03
C ASN R 10 -21.47 -12.24 -59.96
N LEU R 11 -22.60 -12.88 -60.28
CA LEU R 11 -22.69 -14.08 -61.13
C LEU R 11 -22.13 -13.87 -62.55
N GLY R 12 -22.16 -12.65 -63.08
CA GLY R 12 -21.58 -12.30 -64.38
C GLY R 12 -20.06 -12.38 -64.37
N SER R 13 -19.41 -11.69 -63.44
CA SER R 13 -17.96 -11.73 -63.22
C SER R 13 -17.42 -13.14 -63.01
N GLN R 14 -18.18 -13.99 -62.31
CA GLN R 14 -17.82 -15.38 -61.98
C GLN R 14 -17.98 -16.39 -63.12
N SER R 15 -18.75 -16.08 -64.18
CA SER R 15 -18.98 -17.00 -65.31
C SER R 15 -17.74 -17.18 -66.19
N GLN R 16 -17.54 -18.37 -66.75
CA GLN R 16 -16.36 -18.75 -67.54
C GLN R 16 -16.50 -18.44 -69.05
N PRO R 17 -15.39 -18.21 -69.78
CA PRO R 17 -15.32 -18.26 -71.25
C PRO R 17 -15.97 -19.51 -71.89
N GLY R 18 -16.52 -19.35 -73.09
CA GLY R 18 -17.10 -20.45 -73.87
C GLY R 18 -17.67 -20.02 -75.23
N PRO R 19 -18.27 -20.96 -75.99
CA PRO R 19 -18.88 -20.72 -77.29
C PRO R 19 -20.23 -19.96 -77.20
N CYS R 20 -20.76 -19.54 -78.35
CA CYS R 20 -22.04 -18.82 -78.46
C CYS R 20 -23.28 -19.74 -78.31
N GLY R 21 -23.11 -21.05 -78.48
CA GLY R 21 -24.13 -22.10 -78.37
C GLY R 21 -23.54 -23.50 -78.62
N TYR R 22 -24.39 -24.53 -78.63
CA TYR R 22 -24.03 -25.92 -78.93
C TYR R 22 -25.07 -26.61 -79.83
N ILE R 23 -24.62 -27.52 -80.68
CA ILE R 23 -25.47 -28.56 -81.27
C ILE R 23 -25.32 -29.85 -80.43
N TYR R 24 -26.40 -30.38 -79.89
CA TYR R 24 -26.44 -31.69 -79.22
C TYR R 24 -26.92 -32.79 -80.18
N PHE R 25 -26.25 -33.94 -80.15
CA PHE R 25 -26.65 -35.15 -80.87
C PHE R 25 -26.99 -36.29 -79.88
N TYR R 26 -28.21 -36.81 -79.90
CA TYR R 26 -28.69 -37.89 -79.01
C TYR R 26 -28.93 -39.21 -79.76
N PRO R 27 -28.47 -40.37 -79.26
CA PRO R 27 -28.67 -41.65 -79.94
C PRO R 27 -30.13 -42.14 -79.91
N LEU R 28 -30.71 -42.38 -81.08
CA LEU R 28 -32.11 -42.82 -81.21
C LEU R 28 -32.41 -44.19 -80.58
N ALA R 29 -31.43 -45.10 -80.50
CA ALA R 29 -31.61 -46.43 -79.92
C ALA R 29 -31.93 -46.41 -78.41
N THR R 30 -31.48 -45.39 -77.65
CA THR R 30 -31.60 -45.34 -76.19
C THR R 30 -32.30 -44.09 -75.62
N TYR R 31 -32.42 -43.00 -76.36
CA TYR R 31 -33.02 -41.75 -75.88
C TYR R 31 -34.53 -41.88 -75.58
N PRO R 32 -35.06 -41.31 -74.48
CA PRO R 32 -36.47 -41.47 -74.06
C PRO R 32 -37.45 -40.55 -74.84
N LEU R 33 -37.72 -40.90 -76.10
CA LEU R 33 -38.51 -40.11 -77.05
C LEU R 33 -39.96 -39.80 -76.58
N ARG R 34 -40.65 -40.72 -75.90
CA ARG R 34 -42.02 -40.47 -75.40
C ARG R 34 -42.06 -39.53 -74.20
N GLU R 35 -41.03 -39.51 -73.35
CA GLU R 35 -40.93 -38.54 -72.26
C GLU R 35 -40.77 -37.11 -72.81
N VAL R 36 -39.78 -36.84 -73.68
CA VAL R 36 -39.60 -35.49 -74.23
C VAL R 36 -40.81 -35.00 -75.00
N ALA R 37 -41.53 -35.87 -75.71
CA ALA R 37 -42.74 -35.50 -76.40
C ALA R 37 -43.83 -34.91 -75.47
N THR R 38 -43.96 -35.36 -74.22
CA THR R 38 -44.92 -34.77 -73.27
C THR R 38 -44.57 -33.34 -72.84
N LEU R 39 -43.30 -32.94 -72.93
CA LEU R 39 -42.85 -31.58 -72.65
C LEU R 39 -42.69 -30.72 -73.93
N GLY R 40 -42.94 -31.28 -75.13
CA GLY R 40 -42.69 -30.62 -76.42
C GLY R 40 -43.90 -29.91 -77.05
N THR R 41 -43.64 -29.26 -78.19
CA THR R 41 -44.64 -28.56 -79.03
C THR R 41 -44.87 -29.24 -80.38
N GLY R 42 -44.81 -30.57 -80.45
CA GLY R 42 -44.95 -31.31 -81.71
C GLY R 42 -46.38 -31.37 -82.25
N TYR R 43 -46.57 -31.04 -83.51
CA TYR R 43 -47.82 -31.23 -84.26
C TYR R 43 -47.67 -32.35 -85.31
N ALA R 44 -48.75 -32.92 -85.83
CA ALA R 44 -48.69 -33.97 -86.84
C ALA R 44 -48.13 -33.44 -88.17
N GLY R 45 -47.04 -34.04 -88.67
CA GLY R 45 -46.33 -33.62 -89.89
C GLY R 45 -45.18 -32.61 -89.68
N HIS R 46 -44.81 -32.28 -88.44
CA HIS R 46 -43.75 -31.30 -88.13
C HIS R 46 -42.38 -31.67 -88.72
N ARG R 47 -41.56 -30.65 -88.99
CA ARG R 47 -40.16 -30.77 -89.41
C ARG R 47 -39.21 -30.17 -88.37
N CYS R 48 -39.72 -29.41 -87.41
CA CYS R 48 -39.04 -28.87 -86.25
C CYS R 48 -40.01 -28.74 -85.04
N LEU R 49 -39.50 -28.76 -83.81
CA LEU R 49 -40.25 -28.47 -82.58
C LEU R 49 -39.37 -27.93 -81.44
N THR R 50 -40.00 -27.33 -80.44
CA THR R 50 -39.34 -26.85 -79.21
C THR R 50 -39.60 -27.77 -78.02
N VAL R 51 -38.59 -27.86 -77.17
CA VAL R 51 -38.56 -28.57 -75.88
C VAL R 51 -37.83 -27.69 -74.85
N PRO R 52 -38.05 -27.86 -73.53
CA PRO R 52 -37.34 -27.11 -72.50
C PRO R 52 -35.87 -27.53 -72.34
N LEU R 53 -34.99 -26.61 -71.93
CA LEU R 53 -33.63 -26.90 -71.46
C LEU R 53 -33.66 -27.47 -70.01
N LEU R 54 -33.33 -28.75 -69.84
CA LEU R 54 -33.34 -29.48 -68.55
C LEU R 54 -32.12 -30.39 -68.38
N CYS R 55 -31.45 -30.31 -67.23
CA CYS R 55 -30.33 -31.19 -66.88
C CYS R 55 -30.81 -32.63 -66.68
N GLY R 56 -30.24 -33.57 -67.40
CA GLY R 56 -30.57 -34.99 -67.34
C GLY R 56 -31.59 -35.49 -68.35
N ILE R 57 -32.11 -34.64 -69.24
CA ILE R 57 -32.92 -35.07 -70.39
C ILE R 57 -32.64 -34.32 -71.69
N THR R 58 -32.33 -33.02 -71.68
CA THR R 58 -31.95 -32.29 -72.90
C THR R 58 -30.54 -31.70 -72.85
N VAL R 59 -29.95 -31.47 -71.68
CA VAL R 59 -28.52 -31.17 -71.49
C VAL R 59 -27.92 -32.03 -70.38
N GLU R 60 -26.60 -32.18 -70.33
CA GLU R 60 -25.93 -33.00 -69.31
C GLU R 60 -26.00 -32.34 -67.92
N PRO R 61 -25.96 -33.12 -66.82
CA PRO R 61 -25.85 -32.59 -65.47
C PRO R 61 -24.66 -31.62 -65.32
N GLY R 62 -24.86 -30.51 -64.61
CA GLY R 62 -23.84 -29.49 -64.40
C GLY R 62 -23.65 -28.50 -65.54
N PHE R 63 -24.57 -28.42 -66.50
CA PHE R 63 -24.58 -27.42 -67.55
C PHE R 63 -24.55 -25.99 -66.96
N SER R 64 -23.64 -25.15 -67.43
CA SER R 64 -23.57 -23.74 -67.04
C SER R 64 -24.56 -22.89 -67.84
N ILE R 65 -25.61 -22.36 -67.21
CA ILE R 65 -26.57 -21.46 -67.87
C ILE R 65 -26.02 -20.04 -68.09
N ASN R 66 -24.99 -19.60 -67.36
CA ASN R 66 -24.32 -18.32 -67.53
C ASN R 66 -22.92 -18.50 -68.13
N VAL R 67 -22.51 -17.68 -69.10
CA VAL R 67 -21.22 -17.78 -69.79
C VAL R 67 -20.67 -16.42 -70.21
N LYS R 68 -19.36 -16.33 -70.42
CA LYS R 68 -18.74 -15.29 -71.24
C LYS R 68 -18.53 -15.85 -72.65
N ALA R 69 -19.32 -15.40 -73.63
CA ALA R 69 -19.25 -15.89 -75.00
C ALA R 69 -18.14 -15.19 -75.79
N LEU R 70 -17.21 -15.94 -76.39
CA LEU R 70 -16.21 -15.41 -77.33
C LEU R 70 -16.86 -15.16 -78.70
N HIS R 71 -17.13 -13.91 -79.05
CA HIS R 71 -17.96 -13.56 -80.21
C HIS R 71 -17.26 -12.77 -81.32
N ARG R 72 -16.13 -12.11 -81.04
CA ARG R 72 -15.38 -11.32 -82.02
C ARG R 72 -13.87 -11.43 -81.79
N ARG R 73 -13.09 -11.64 -82.85
CA ARG R 73 -11.63 -11.42 -82.83
C ARG R 73 -11.29 -10.20 -83.70
N PRO R 74 -10.99 -9.01 -83.12
CA PRO R 74 -10.64 -7.81 -83.90
C PRO R 74 -9.40 -8.00 -84.79
N ASP R 75 -8.47 -8.83 -84.35
CA ASP R 75 -7.39 -9.43 -85.13
C ASP R 75 -7.12 -10.84 -84.57
N PRO R 76 -6.37 -11.72 -85.28
CA PRO R 76 -6.09 -13.10 -84.85
C PRO R 76 -5.49 -13.30 -83.45
N ASN R 77 -5.05 -12.24 -82.76
CA ASN R 77 -4.35 -12.27 -81.48
C ASN R 77 -5.12 -11.63 -80.32
N CYS R 78 -6.37 -11.18 -80.52
CA CYS R 78 -7.21 -10.61 -79.47
C CYS R 78 -8.64 -11.17 -79.52
N GLY R 79 -9.22 -11.54 -78.38
CA GLY R 79 -10.62 -11.94 -78.24
C GLY R 79 -11.47 -10.94 -77.47
N LEU R 80 -12.74 -10.80 -77.83
CA LEU R 80 -13.74 -10.05 -77.06
C LEU R 80 -14.80 -10.97 -76.45
N LEU R 81 -15.17 -10.70 -75.19
CA LEU R 81 -16.12 -11.49 -74.40
C LEU R 81 -17.42 -10.72 -74.08
N ARG R 82 -18.56 -11.37 -74.29
CA ARG R 82 -19.91 -10.89 -73.92
C ARG R 82 -20.49 -11.78 -72.83
N ALA R 83 -20.89 -11.23 -71.70
CA ALA R 83 -21.55 -12.00 -70.64
C ALA R 83 -23.05 -12.19 -70.95
N THR R 84 -23.53 -13.42 -70.98
CA THR R 84 -24.91 -13.76 -71.34
C THR R 84 -25.36 -15.06 -70.66
N SER R 85 -26.64 -15.13 -70.31
CA SER R 85 -27.30 -16.40 -70.02
C SER R 85 -27.78 -17.13 -71.29
N TYR R 86 -28.08 -18.40 -71.16
CA TYR R 86 -28.73 -19.21 -72.20
C TYR R 86 -30.18 -18.82 -72.48
N HIS R 87 -30.66 -19.09 -73.70
CA HIS R 87 -32.08 -19.08 -74.01
C HIS R 87 -32.75 -20.32 -73.41
N ARG R 88 -33.95 -20.12 -72.87
CA ARG R 88 -34.77 -21.11 -72.15
C ARG R 88 -35.23 -22.33 -72.98
N ASP R 89 -35.51 -22.16 -74.27
CA ASP R 89 -35.97 -23.23 -75.16
C ASP R 89 -34.83 -23.84 -75.99
N ILE R 90 -34.92 -25.15 -76.25
CA ILE R 90 -34.09 -25.92 -77.20
C ILE R 90 -34.90 -26.25 -78.45
N TYR R 91 -34.30 -26.08 -79.63
CA TYR R 91 -34.92 -26.31 -80.94
C TYR R 91 -34.43 -27.61 -81.57
N VAL R 92 -35.33 -28.58 -81.77
CA VAL R 92 -35.04 -29.94 -82.29
C VAL R 92 -35.29 -30.00 -83.80
N PHE R 93 -34.24 -30.10 -84.62
CA PHE R 93 -34.30 -29.82 -86.06
C PHE R 93 -33.87 -30.95 -87.01
N HIS R 94 -33.10 -31.95 -86.55
CA HIS R 94 -32.62 -33.09 -87.36
C HIS R 94 -33.24 -34.42 -86.86
N ASN R 95 -33.86 -35.19 -87.75
CA ASN R 95 -34.70 -36.37 -87.45
C ASN R 95 -35.89 -36.10 -86.52
N ALA R 96 -36.42 -34.88 -86.50
CA ALA R 96 -37.52 -34.44 -85.62
C ALA R 96 -38.82 -35.27 -85.75
N HIS R 97 -39.06 -35.92 -86.89
CA HIS R 97 -40.17 -36.87 -87.11
C HIS R 97 -40.17 -38.05 -86.13
N MET R 98 -39.04 -38.38 -85.50
CA MET R 98 -38.92 -39.41 -84.47
C MET R 98 -39.51 -39.03 -83.11
N VAL R 99 -39.78 -37.74 -82.83
CA VAL R 99 -40.43 -37.30 -81.59
C VAL R 99 -41.96 -37.26 -81.81
N PRO R 100 -42.77 -38.02 -81.04
CA PRO R 100 -44.23 -37.97 -81.16
C PRO R 100 -44.85 -36.56 -81.00
N PRO R 101 -45.98 -36.25 -81.67
CA PRO R 101 -46.71 -35.01 -81.46
C PRO R 101 -47.39 -34.95 -80.08
N ILE R 102 -47.62 -33.74 -79.55
CA ILE R 102 -48.40 -33.50 -78.33
C ILE R 102 -49.93 -33.52 -78.59
N PHE R 103 -50.36 -33.26 -79.83
CA PHE R 103 -51.75 -33.19 -80.27
C PHE R 103 -51.96 -33.90 -81.61
N GLU R 104 -52.99 -34.72 -81.76
CA GLU R 104 -53.16 -35.61 -82.92
C GLU R 104 -53.92 -34.98 -84.11
N GLY R 105 -54.60 -33.86 -83.92
CA GLY R 105 -55.44 -33.27 -84.96
C GLY R 105 -54.65 -32.82 -86.19
N PRO R 106 -55.06 -33.16 -87.42
CA PRO R 106 -54.38 -32.80 -88.66
C PRO R 106 -54.66 -31.37 -89.16
N GLY R 107 -53.88 -30.88 -90.12
CA GLY R 107 -54.15 -29.67 -90.91
C GLY R 107 -53.75 -28.32 -90.30
N LEU R 108 -52.95 -28.29 -89.23
CA LEU R 108 -52.68 -27.04 -88.50
C LEU R 108 -51.79 -26.06 -89.24
N GLU R 109 -50.85 -26.55 -90.05
CA GLU R 109 -49.87 -25.72 -90.75
C GLU R 109 -50.51 -24.81 -91.82
N ALA R 110 -51.46 -25.34 -92.60
CA ALA R 110 -52.25 -24.59 -93.57
C ALA R 110 -53.24 -23.61 -92.90
N LEU R 111 -53.89 -24.01 -91.82
CA LEU R 111 -54.77 -23.13 -91.03
C LEU R 111 -54.02 -21.90 -90.49
N CYS R 112 -52.82 -22.12 -89.94
CA CYS R 112 -51.95 -21.03 -89.49
C CYS R 112 -51.53 -20.11 -90.64
N GLY R 113 -51.20 -20.66 -91.81
CA GLY R 113 -50.76 -19.90 -92.98
C GLY R 113 -51.85 -19.00 -93.56
N GLU R 114 -53.07 -19.53 -93.68
CA GLU R 114 -54.26 -18.79 -94.10
C GLU R 114 -54.60 -17.64 -93.13
N THR R 115 -54.58 -17.91 -91.83
CA THR R 115 -54.99 -16.93 -90.80
C THR R 115 -53.96 -15.82 -90.63
N ARG R 116 -52.65 -16.11 -90.77
CA ARG R 116 -51.57 -15.12 -90.75
C ARG R 116 -51.74 -14.07 -91.86
N GLU R 117 -52.22 -14.48 -93.03
CA GLU R 117 -52.42 -13.60 -94.18
C GLU R 117 -53.62 -12.65 -93.98
N VAL R 118 -54.77 -13.12 -93.46
CA VAL R 118 -55.93 -12.23 -93.24
C VAL R 118 -55.69 -11.18 -92.16
N PHE R 119 -54.87 -11.46 -91.14
CA PHE R 119 -54.42 -10.46 -90.16
C PHE R 119 -53.27 -9.56 -90.65
N GLY R 120 -52.75 -9.78 -91.86
CA GLY R 120 -51.69 -8.97 -92.46
C GLY R 120 -50.28 -9.22 -91.90
N TYR R 121 -50.02 -10.37 -91.28
CA TYR R 121 -48.73 -10.70 -90.68
C TYR R 121 -47.71 -11.31 -91.66
N ASP R 122 -46.45 -10.97 -91.41
CA ASP R 122 -45.26 -11.39 -92.17
C ASP R 122 -44.90 -12.89 -91.96
N ALA R 123 -44.88 -13.69 -93.02
CA ALA R 123 -44.42 -15.08 -93.01
C ALA R 123 -42.87 -15.20 -93.10
N TYR R 124 -42.29 -16.30 -92.64
CA TYR R 124 -40.84 -16.51 -92.76
C TYR R 124 -40.40 -16.56 -94.22
N SER R 125 -39.43 -15.74 -94.61
CA SER R 125 -38.81 -15.79 -95.94
C SER R 125 -37.43 -16.44 -95.86
N ALA R 126 -37.25 -17.57 -96.54
CA ALA R 126 -36.02 -18.34 -96.54
C ALA R 126 -34.85 -17.62 -97.26
N LEU R 127 -33.62 -17.86 -96.79
CA LEU R 127 -32.41 -17.45 -97.51
C LEU R 127 -32.33 -18.15 -98.89
N PRO R 128 -31.60 -17.60 -99.87
CA PRO R 128 -31.43 -18.23 -101.18
C PRO R 128 -30.51 -19.47 -101.20
N ARG R 129 -29.66 -19.69 -100.19
CA ARG R 129 -28.90 -20.95 -100.03
C ARG R 129 -29.77 -22.15 -99.62
N GLU R 130 -29.28 -23.36 -99.83
CA GLU R 130 -29.81 -24.56 -99.14
C GLU R 130 -29.43 -24.59 -97.65
N SER R 131 -30.20 -25.34 -96.85
CA SER R 131 -29.79 -25.78 -95.49
C SER R 131 -28.46 -26.54 -95.49
N SER R 132 -27.67 -26.39 -94.43
CA SER R 132 -26.42 -27.14 -94.20
C SER R 132 -26.67 -28.64 -94.25
N LYS R 133 -25.91 -29.34 -95.09
CA LYS R 133 -25.91 -30.81 -95.17
C LYS R 133 -25.33 -31.44 -93.90
N PRO R 134 -25.80 -32.61 -93.45
CA PRO R 134 -25.32 -33.26 -92.23
C PRO R 134 -23.80 -33.36 -92.11
N GLY R 135 -23.10 -33.79 -93.16
CA GLY R 135 -21.63 -33.89 -93.19
C GLY R 135 -20.87 -32.59 -92.91
N ASP R 136 -21.51 -31.42 -92.99
CA ASP R 136 -20.92 -30.13 -92.63
C ASP R 136 -20.91 -29.86 -91.12
N PHE R 137 -21.85 -30.39 -90.35
CA PHE R 137 -21.99 -30.07 -88.92
C PHE R 137 -21.91 -31.28 -87.97
N PHE R 138 -22.08 -32.51 -88.46
CA PHE R 138 -21.86 -33.71 -87.68
C PHE R 138 -20.38 -33.93 -87.33
N PRO R 139 -20.06 -34.42 -86.12
CA PRO R 139 -18.74 -34.98 -85.79
C PRO R 139 -18.28 -36.06 -86.77
N GLU R 140 -16.98 -36.33 -86.82
CA GLU R 140 -16.37 -37.40 -87.61
C GLU R 140 -16.90 -38.81 -87.25
N GLY R 141 -17.35 -39.56 -88.25
CA GLY R 141 -17.71 -40.97 -88.13
C GLY R 141 -19.13 -41.29 -87.64
N LEU R 142 -19.82 -40.38 -86.95
CA LEU R 142 -21.23 -40.59 -86.56
C LEU R 142 -22.15 -40.64 -87.79
N ASP R 143 -23.06 -41.61 -87.81
CA ASP R 143 -24.08 -41.78 -88.83
C ASP R 143 -25.27 -40.80 -88.63
N PRO R 144 -25.57 -39.89 -89.57
CA PRO R 144 -26.69 -38.97 -89.44
C PRO R 144 -28.06 -39.64 -89.26
N SER R 145 -28.26 -40.86 -89.74
CA SER R 145 -29.52 -41.61 -89.59
C SER R 145 -29.74 -42.16 -88.17
N ALA R 146 -28.68 -42.26 -87.34
CA ALA R 146 -28.72 -42.86 -86.01
C ALA R 146 -28.98 -41.87 -84.85
N TYR R 147 -29.00 -40.57 -85.13
CA TYR R 147 -29.04 -39.52 -84.10
C TYR R 147 -30.17 -38.50 -84.28
N LEU R 148 -30.64 -37.92 -83.18
CA LEU R 148 -31.54 -36.77 -83.11
C LEU R 148 -30.71 -35.50 -82.89
N GLY R 149 -30.94 -34.42 -83.65
CA GLY R 149 -30.15 -33.18 -83.54
C GLY R 149 -30.94 -31.95 -83.08
N ALA R 150 -30.38 -31.20 -82.12
CA ALA R 150 -31.03 -30.02 -81.51
C ALA R 150 -30.02 -28.93 -81.13
N VAL R 151 -30.43 -27.65 -81.13
CA VAL R 151 -29.60 -26.48 -80.77
C VAL R 151 -29.96 -25.91 -79.40
N ALA R 152 -28.96 -25.66 -78.57
CA ALA R 152 -29.02 -24.81 -77.39
C ALA R 152 -28.26 -23.49 -77.69
N ILE R 153 -28.85 -22.33 -77.39
CA ILE R 153 -28.35 -21.04 -77.88
C ILE R 153 -28.32 -19.97 -76.78
N THR R 154 -27.33 -19.11 -76.77
CA THR R 154 -27.28 -17.99 -75.83
C THR R 154 -28.23 -16.86 -76.20
N GLU R 155 -28.80 -16.19 -75.21
CA GLU R 155 -29.86 -15.20 -75.39
C GLU R 155 -29.42 -13.98 -76.23
N ALA R 156 -28.12 -13.62 -76.20
CA ALA R 156 -27.54 -12.52 -76.96
C ALA R 156 -27.26 -12.82 -78.45
N PHE R 157 -27.13 -14.09 -78.86
CA PHE R 157 -26.75 -14.52 -80.21
C PHE R 157 -27.83 -15.37 -80.94
N LYS R 158 -29.05 -15.45 -80.42
CA LYS R 158 -30.16 -16.18 -81.05
C LYS R 158 -30.67 -15.56 -82.37
N GLU R 159 -30.56 -14.26 -82.59
CA GLU R 159 -30.86 -13.68 -83.91
C GLU R 159 -29.80 -14.06 -84.95
N ARG R 160 -28.54 -14.22 -84.54
CA ARG R 160 -27.45 -14.73 -85.41
C ARG R 160 -27.68 -16.19 -85.82
N LEU R 161 -28.25 -17.02 -84.93
CA LEU R 161 -28.70 -18.37 -85.28
C LEU R 161 -29.79 -18.33 -86.36
N TYR R 162 -30.83 -17.52 -86.15
CA TYR R 162 -31.92 -17.29 -87.10
C TYR R 162 -31.40 -16.85 -88.49
N SER R 163 -30.46 -15.90 -88.52
CA SER R 163 -29.95 -15.28 -89.76
C SER R 163 -28.83 -16.05 -90.46
N GLY R 164 -28.39 -17.21 -89.94
CA GLY R 164 -27.38 -18.06 -90.60
C GLY R 164 -25.94 -17.56 -90.45
N ASN R 165 -25.64 -16.80 -89.41
CA ASN R 165 -24.36 -16.15 -89.16
C ASN R 165 -23.46 -16.85 -88.11
N LEU R 166 -23.84 -18.01 -87.58
CA LEU R 166 -22.97 -18.84 -86.72
C LEU R 166 -22.17 -19.86 -87.55
N VAL R 167 -21.06 -20.31 -87.01
CA VAL R 167 -20.17 -21.36 -87.56
C VAL R 167 -20.12 -22.54 -86.57
N ALA R 168 -20.35 -23.77 -87.02
CA ALA R 168 -20.12 -24.98 -86.25
C ALA R 168 -18.69 -25.53 -86.48
N ILE R 169 -18.04 -26.04 -85.43
CA ILE R 169 -16.66 -26.57 -85.49
C ILE R 169 -16.60 -28.04 -85.04
N PRO R 170 -16.97 -29.01 -85.89
CA PRO R 170 -17.02 -30.43 -85.55
C PRO R 170 -15.76 -31.04 -84.91
N SER R 171 -14.56 -30.53 -85.18
CA SER R 171 -13.31 -31.06 -84.59
C SER R 171 -13.25 -30.85 -83.07
N LEU R 172 -13.94 -29.82 -82.56
CA LEU R 172 -14.02 -29.50 -81.13
C LEU R 172 -15.13 -30.28 -80.40
N LYS R 173 -15.59 -31.43 -80.92
CA LYS R 173 -16.60 -32.28 -80.25
C LYS R 173 -16.25 -32.63 -78.80
N GLN R 174 -17.28 -32.77 -77.98
CA GLN R 174 -17.18 -33.26 -76.60
C GLN R 174 -18.23 -34.35 -76.36
N GLU R 175 -17.85 -35.43 -75.69
CA GLU R 175 -18.76 -36.53 -75.37
C GLU R 175 -19.35 -36.35 -73.96
N VAL R 176 -20.67 -36.43 -73.85
CA VAL R 176 -21.44 -36.05 -72.65
C VAL R 176 -22.57 -37.05 -72.37
N ALA R 177 -22.82 -37.35 -71.11
CA ALA R 177 -23.92 -38.23 -70.70
C ALA R 177 -25.20 -37.41 -70.44
N VAL R 178 -26.29 -37.71 -71.15
CA VAL R 178 -27.59 -37.04 -70.97
C VAL R 178 -28.61 -38.05 -70.47
N GLY R 179 -28.81 -38.09 -69.15
CA GLY R 179 -29.48 -39.20 -68.48
C GLY R 179 -28.68 -40.49 -68.67
N GLN R 180 -29.30 -41.52 -69.22
CA GLN R 180 -28.60 -42.76 -69.59
C GLN R 180 -27.80 -42.66 -70.90
N SER R 181 -28.20 -41.77 -71.82
CA SER R 181 -27.75 -41.81 -73.22
C SER R 181 -26.38 -41.18 -73.44
N ALA R 182 -25.48 -41.93 -74.08
CA ALA R 182 -24.17 -41.45 -74.53
C ALA R 182 -24.33 -40.46 -75.70
N SER R 183 -24.25 -39.16 -75.42
CA SER R 183 -24.51 -38.09 -76.40
C SER R 183 -23.23 -37.37 -76.81
N VAL R 184 -23.30 -36.51 -77.82
CA VAL R 184 -22.17 -35.69 -78.27
C VAL R 184 -22.62 -34.23 -78.42
N ARG R 185 -21.75 -33.25 -78.16
CA ARG R 185 -22.01 -31.85 -78.53
C ARG R 185 -20.88 -31.22 -79.36
N VAL R 186 -21.24 -30.31 -80.26
CA VAL R 186 -20.34 -29.50 -81.10
C VAL R 186 -20.58 -28.02 -80.79
N PRO R 187 -19.55 -27.18 -80.62
CA PRO R 187 -19.73 -25.76 -80.32
C PRO R 187 -20.13 -24.92 -81.55
N LEU R 188 -20.81 -23.79 -81.31
CA LEU R 188 -21.15 -22.75 -82.28
C LEU R 188 -20.45 -21.42 -81.95
N TYR R 189 -19.82 -20.77 -82.94
CA TYR R 189 -19.18 -19.46 -82.80
C TYR R 189 -19.71 -18.44 -83.83
N ASP R 190 -19.87 -17.17 -83.47
CA ASP R 190 -20.25 -16.13 -84.44
C ASP R 190 -19.16 -15.95 -85.52
N LYS R 191 -19.53 -15.82 -86.80
CA LYS R 191 -18.56 -15.65 -87.91
C LYS R 191 -17.57 -14.49 -87.71
N GLU R 192 -17.86 -13.52 -86.84
CA GLU R 192 -16.94 -12.47 -86.44
C GLU R 192 -15.71 -12.93 -85.61
N VAL R 193 -15.61 -14.20 -85.20
CA VAL R 193 -14.35 -14.77 -84.69
C VAL R 193 -13.36 -15.14 -85.80
N PHE R 194 -13.72 -15.02 -87.08
CA PHE R 194 -12.82 -15.26 -88.22
C PHE R 194 -12.61 -13.97 -89.03
N PRO R 195 -11.72 -13.05 -88.60
CA PRO R 195 -11.49 -11.78 -89.29
C PRO R 195 -11.05 -11.92 -90.75
N GLU R 196 -10.36 -12.99 -91.14
CA GLU R 196 -9.99 -13.23 -92.55
C GLU R 196 -11.15 -13.79 -93.41
N GLY R 197 -12.29 -14.08 -92.78
CA GLY R 197 -13.50 -14.64 -93.38
C GLY R 197 -13.51 -16.18 -93.47
N VAL R 198 -14.71 -16.74 -93.48
CA VAL R 198 -15.03 -18.12 -93.85
C VAL R 198 -16.02 -18.12 -95.03
N PRO R 199 -16.01 -19.09 -95.97
CA PRO R 199 -16.95 -19.12 -97.10
C PRO R 199 -18.41 -19.11 -96.66
N GLN R 200 -19.30 -18.46 -97.42
CA GLN R 200 -20.72 -18.32 -97.03
C GLN R 200 -21.43 -19.67 -96.78
N LEU R 201 -21.09 -20.74 -97.51
CA LEU R 201 -21.63 -22.08 -97.26
C LEU R 201 -20.99 -22.84 -96.07
N ARG R 202 -19.89 -22.35 -95.49
CA ARG R 202 -19.28 -22.91 -94.28
C ARG R 202 -19.99 -22.49 -92.99
N GLN R 203 -20.81 -21.45 -93.03
CA GLN R 203 -21.73 -21.03 -91.96
C GLN R 203 -22.90 -22.02 -91.79
N PHE R 204 -23.43 -22.14 -90.58
CA PHE R 204 -24.53 -23.05 -90.26
C PHE R 204 -25.90 -22.42 -90.53
N TYR R 205 -26.73 -23.08 -91.33
CA TYR R 205 -28.10 -22.65 -91.60
C TYR R 205 -29.08 -23.83 -91.66
N ASN R 206 -30.24 -23.73 -91.03
CA ASN R 206 -31.34 -24.65 -91.24
C ASN R 206 -32.67 -23.89 -91.38
N SER R 207 -33.31 -24.03 -92.53
CA SER R 207 -34.53 -23.30 -92.85
C SER R 207 -35.72 -23.69 -91.97
N ASP R 208 -35.86 -24.96 -91.59
CA ASP R 208 -36.93 -25.39 -90.69
C ASP R 208 -36.76 -24.83 -89.27
N LEU R 209 -35.53 -24.78 -88.76
CA LEU R 209 -35.22 -24.13 -87.48
C LEU R 209 -35.54 -22.63 -87.51
N SER R 210 -35.08 -21.89 -88.53
CA SER R 210 -35.36 -20.46 -88.62
C SER R 210 -36.86 -20.16 -88.74
N ARG R 211 -37.62 -20.91 -89.56
CA ARG R 211 -39.08 -20.83 -89.64
C ARG R 211 -39.77 -21.12 -88.31
N CYS R 212 -39.35 -22.13 -87.56
CA CYS R 212 -39.87 -22.42 -86.23
C CYS R 212 -39.68 -21.24 -85.25
N MET R 213 -38.47 -20.66 -85.15
CA MET R 213 -38.22 -19.44 -84.37
C MET R 213 -39.07 -18.25 -84.80
N HIS R 214 -39.28 -18.04 -86.11
CA HIS R 214 -40.12 -16.96 -86.63
C HIS R 214 -41.54 -17.00 -86.05
N GLU R 215 -42.14 -18.19 -86.07
CA GLU R 215 -43.50 -18.45 -85.64
C GLU R 215 -43.62 -18.57 -84.12
N ALA R 216 -42.83 -19.44 -83.47
CA ALA R 216 -42.97 -19.76 -82.06
C ALA R 216 -42.31 -18.75 -81.11
N LEU R 217 -41.32 -17.97 -81.55
CA LEU R 217 -40.67 -16.95 -80.71
C LEU R 217 -41.02 -15.52 -81.12
N TYR R 218 -40.61 -15.07 -82.30
CA TYR R 218 -40.62 -13.65 -82.66
C TYR R 218 -42.00 -13.07 -82.97
N THR R 219 -42.92 -13.85 -83.53
CA THR R 219 -44.27 -13.36 -83.85
C THR R 219 -45.06 -12.92 -82.61
N GLY R 220 -44.93 -13.60 -81.48
CA GLY R 220 -45.58 -13.21 -80.23
C GLY R 220 -45.00 -11.94 -79.62
N LEU R 221 -43.70 -11.69 -79.78
CA LEU R 221 -43.04 -10.43 -79.37
C LEU R 221 -43.51 -9.25 -80.22
N ALA R 222 -43.68 -9.45 -81.53
CA ALA R 222 -44.28 -8.48 -82.43
C ALA R 222 -45.74 -8.18 -82.05
N GLN R 223 -46.56 -9.18 -81.75
CA GLN R 223 -47.93 -8.99 -81.24
C GLN R 223 -47.95 -8.18 -79.94
N ALA R 224 -47.04 -8.39 -79.00
CA ALA R 224 -46.93 -7.60 -77.77
C ALA R 224 -46.58 -6.11 -77.97
N LEU R 225 -45.99 -5.73 -79.10
CA LEU R 225 -45.67 -4.35 -79.49
C LEU R 225 -46.69 -3.73 -80.47
N ARG R 226 -47.65 -4.53 -80.98
CA ARG R 226 -48.56 -4.21 -82.11
C ARG R 226 -47.81 -3.83 -83.39
N VAL R 227 -46.85 -4.66 -83.78
CA VAL R 227 -46.06 -4.64 -85.02
C VAL R 227 -46.42 -5.85 -85.90
N ARG R 228 -46.59 -5.69 -87.21
CA ARG R 228 -46.87 -6.78 -88.19
C ARG R 228 -45.65 -7.33 -88.92
N ARG R 229 -44.63 -6.50 -89.10
CA ARG R 229 -43.38 -6.76 -89.85
C ARG R 229 -42.36 -7.52 -88.98
N VAL R 230 -42.57 -8.82 -88.82
CA VAL R 230 -41.78 -9.68 -87.91
C VAL R 230 -40.31 -9.77 -88.33
N GLY R 231 -40.02 -9.94 -89.61
CA GLY R 231 -38.65 -10.02 -90.13
C GLY R 231 -37.80 -8.76 -89.88
N LYS R 232 -38.41 -7.58 -90.00
CA LYS R 232 -37.80 -6.29 -89.61
C LYS R 232 -37.62 -6.14 -88.11
N LEU R 233 -38.51 -6.66 -87.26
CA LEU R 233 -38.27 -6.73 -85.81
C LEU R 233 -37.06 -7.64 -85.49
N VAL R 234 -36.88 -8.78 -86.14
CA VAL R 234 -35.69 -9.63 -85.92
C VAL R 234 -34.39 -8.91 -86.32
N GLU R 235 -34.36 -8.22 -87.46
CA GLU R 235 -33.20 -7.44 -87.89
C GLU R 235 -32.80 -6.34 -86.90
N LEU R 236 -33.75 -5.57 -86.35
CA LEU R 236 -33.41 -4.52 -85.40
C LEU R 236 -33.00 -5.06 -84.02
N LEU R 237 -33.48 -6.22 -83.58
CA LEU R 237 -33.00 -6.87 -82.35
C LEU R 237 -31.56 -7.38 -82.51
N GLU R 238 -31.17 -7.91 -83.67
CA GLU R 238 -29.79 -8.35 -83.95
C GLU R 238 -28.78 -7.20 -83.86
N LYS R 239 -29.05 -6.09 -84.58
CA LYS R 239 -28.21 -4.90 -84.56
C LYS R 239 -28.13 -4.24 -83.18
N GLN R 240 -29.21 -4.28 -82.40
CA GLN R 240 -29.18 -3.82 -81.00
C GLN R 240 -28.23 -4.67 -80.14
N SER R 241 -28.16 -5.98 -80.35
CA SER R 241 -27.23 -6.84 -79.61
C SER R 241 -25.77 -6.65 -80.05
N LEU R 242 -25.49 -6.56 -81.35
CA LEU R 242 -24.11 -6.55 -81.86
C LEU R 242 -23.44 -5.17 -81.96
N GLN R 243 -24.21 -4.09 -82.00
CA GLN R 243 -23.72 -2.72 -82.26
C GLN R 243 -24.15 -1.72 -81.17
N ASP R 244 -24.53 -2.21 -79.99
CA ASP R 244 -24.80 -1.43 -78.77
C ASP R 244 -25.88 -0.32 -78.88
N GLN R 245 -26.88 -0.49 -79.75
CA GLN R 245 -27.86 0.55 -80.13
C GLN R 245 -29.00 0.78 -79.10
N ALA R 246 -28.85 0.39 -77.83
CA ALA R 246 -29.93 0.46 -76.84
C ALA R 246 -30.51 1.89 -76.63
N LYS R 247 -29.69 2.94 -76.68
CA LYS R 247 -30.12 4.35 -76.54
C LYS R 247 -30.56 5.02 -77.86
N VAL R 248 -30.62 4.29 -78.98
CA VAL R 248 -31.09 4.80 -80.29
C VAL R 248 -32.53 4.34 -80.54
N ALA R 249 -33.43 5.23 -80.95
CA ALA R 249 -34.80 4.88 -81.32
C ALA R 249 -34.83 4.04 -82.62
N LYS R 250 -35.68 3.01 -82.69
CA LYS R 250 -35.64 2.00 -83.77
C LYS R 250 -36.98 1.36 -84.14
N VAL R 251 -37.94 1.17 -83.22
CA VAL R 251 -39.24 0.55 -83.57
C VAL R 251 -40.27 1.52 -84.12
N ALA R 252 -40.17 2.83 -83.84
CA ALA R 252 -41.21 3.80 -84.23
C ALA R 252 -41.67 3.74 -85.70
N PRO R 253 -40.81 3.56 -86.71
CA PRO R 253 -41.25 3.40 -88.11
C PRO R 253 -42.18 2.20 -88.38
N LEU R 254 -42.06 1.11 -87.61
CA LEU R 254 -42.89 -0.10 -87.77
C LEU R 254 -44.28 0.02 -87.13
N LYS R 255 -44.54 1.03 -86.31
CA LYS R 255 -45.81 1.22 -85.58
C LYS R 255 -47.01 1.50 -86.50
N GLU R 256 -48.19 1.16 -86.03
CA GLU R 256 -49.48 1.32 -86.70
C GLU R 256 -50.58 1.66 -85.68
N PHE R 257 -51.58 2.45 -86.08
CA PHE R 257 -52.57 3.02 -85.17
C PHE R 257 -54.02 2.81 -85.65
N PRO R 258 -54.98 2.55 -84.74
CA PRO R 258 -56.40 2.41 -85.08
C PRO R 258 -57.12 3.76 -85.18
N ALA R 259 -58.33 3.77 -85.75
CA ALA R 259 -59.16 4.95 -85.95
C ALA R 259 -59.54 5.68 -84.65
N SER R 260 -59.67 4.98 -83.52
CA SER R 260 -59.90 5.59 -82.20
C SER R 260 -58.71 6.44 -81.72
N THR R 261 -57.48 6.11 -82.13
CA THR R 261 -56.28 6.92 -81.86
C THR R 261 -56.12 8.05 -82.87
N ILE R 262 -56.39 7.82 -84.16
CA ILE R 262 -56.27 8.84 -85.21
C ILE R 262 -57.33 9.95 -85.09
N SER R 263 -58.55 9.62 -84.70
CA SER R 263 -59.66 10.57 -84.49
C SER R 263 -59.63 11.30 -83.15
N HIS R 264 -58.67 11.00 -82.27
CA HIS R 264 -58.62 11.49 -80.89
C HIS R 264 -58.22 12.99 -80.82
N PRO R 265 -58.81 13.80 -79.92
CA PRO R 265 -58.44 15.21 -79.76
C PRO R 265 -56.97 15.42 -79.37
N ASP R 266 -56.39 14.49 -78.61
CA ASP R 266 -54.96 14.45 -78.23
C ASP R 266 -54.13 13.46 -79.09
N SER R 267 -54.58 13.11 -80.29
CA SER R 267 -53.95 12.07 -81.13
C SER R 267 -52.44 12.23 -81.33
N GLY R 268 -51.93 13.46 -81.51
CA GLY R 268 -50.49 13.70 -81.70
C GLY R 268 -49.65 13.32 -80.48
N ALA R 269 -50.11 13.64 -79.28
CA ALA R 269 -49.47 13.23 -78.02
C ALA R 269 -49.63 11.73 -77.74
N LEU R 270 -50.79 11.16 -78.06
CA LEU R 270 -51.04 9.72 -77.94
C LEU R 270 -50.12 8.89 -78.83
N MET R 271 -49.92 9.27 -80.09
CA MET R 271 -48.99 8.57 -80.99
C MET R 271 -47.54 8.62 -80.50
N ILE R 272 -47.09 9.72 -79.89
CA ILE R 272 -45.76 9.84 -79.27
C ILE R 272 -45.66 8.97 -78.01
N VAL R 273 -46.62 8.97 -77.11
CA VAL R 273 -46.57 8.15 -75.88
C VAL R 273 -46.61 6.65 -76.16
N ASP R 274 -47.50 6.19 -77.05
CA ASP R 274 -47.59 4.79 -77.49
C ASP R 274 -46.30 4.29 -78.15
N SER R 275 -45.68 5.13 -79.00
CA SER R 275 -44.39 4.82 -79.63
C SER R 275 -43.24 4.77 -78.64
N ALA R 276 -43.12 5.74 -77.74
CA ALA R 276 -42.04 5.80 -76.76
C ALA R 276 -42.09 4.64 -75.75
N ALA R 277 -43.28 4.23 -75.31
CA ALA R 277 -43.46 3.05 -74.47
C ALA R 277 -42.93 1.76 -75.13
N CYS R 278 -43.20 1.55 -76.42
CA CYS R 278 -42.69 0.40 -77.17
C CYS R 278 -41.18 0.45 -77.35
N GLU R 279 -40.61 1.63 -77.68
CA GLU R 279 -39.15 1.81 -77.79
C GLU R 279 -38.44 1.42 -76.49
N LEU R 280 -38.96 1.87 -75.33
CA LEU R 280 -38.40 1.55 -74.02
C LEU R 280 -38.49 0.05 -73.70
N ALA R 281 -39.61 -0.61 -73.99
CA ALA R 281 -39.73 -2.06 -73.80
C ALA R 281 -38.70 -2.84 -74.64
N VAL R 282 -38.48 -2.45 -75.90
CA VAL R 282 -37.43 -3.03 -76.75
C VAL R 282 -36.00 -2.71 -76.29
N SER R 283 -35.74 -1.54 -75.70
CA SER R 283 -34.42 -1.24 -75.09
C SER R 283 -34.14 -2.11 -73.87
N TYR R 284 -35.09 -2.26 -72.94
CA TYR R 284 -34.82 -2.84 -71.62
C TYR R 284 -35.15 -4.34 -71.46
N ALA R 285 -36.17 -4.89 -72.12
CA ALA R 285 -36.51 -6.31 -71.93
C ALA R 285 -35.40 -7.28 -72.37
N PRO R 286 -34.78 -7.16 -73.57
CA PRO R 286 -33.65 -8.01 -73.95
C PRO R 286 -32.46 -7.92 -72.98
N ALA R 287 -32.11 -6.73 -72.46
CA ALA R 287 -31.03 -6.57 -71.49
C ALA R 287 -31.28 -7.37 -70.19
N MET R 288 -32.48 -7.28 -69.63
CA MET R 288 -32.85 -8.07 -68.45
C MET R 288 -32.93 -9.58 -68.72
N LEU R 289 -33.38 -10.00 -69.90
CA LEU R 289 -33.40 -11.42 -70.26
C LEU R 289 -31.99 -12.01 -70.49
N GLU R 290 -31.05 -11.25 -71.07
CA GLU R 290 -29.66 -11.67 -71.28
C GLU R 290 -28.81 -11.73 -70.00
N ALA R 291 -29.21 -11.04 -68.92
CA ALA R 291 -28.46 -10.97 -67.67
C ALA R 291 -28.15 -12.34 -67.04
N SER R 292 -27.19 -12.40 -66.12
CA SER R 292 -26.83 -13.66 -65.43
C SER R 292 -27.89 -14.01 -64.38
N HIS R 293 -28.41 -15.25 -64.39
CA HIS R 293 -29.51 -15.68 -63.53
C HIS R 293 -29.07 -16.78 -62.54
N GLU R 294 -29.69 -16.85 -61.37
CA GLU R 294 -29.55 -17.98 -60.45
C GLU R 294 -30.04 -19.29 -61.08
N THR R 295 -29.43 -20.43 -60.74
CA THR R 295 -29.84 -21.77 -61.23
C THR R 295 -30.83 -22.42 -60.24
N PRO R 296 -32.13 -22.55 -60.56
CA PRO R 296 -33.09 -23.17 -59.66
C PRO R 296 -32.88 -24.68 -59.50
N ALA R 297 -33.27 -25.26 -58.36
CA ALA R 297 -33.24 -26.72 -58.15
C ALA R 297 -34.23 -27.48 -59.04
N SER R 298 -35.27 -26.81 -59.55
CA SER R 298 -36.25 -27.39 -60.47
C SER R 298 -35.70 -27.67 -61.87
N LEU R 299 -34.52 -27.16 -62.22
CA LEU R 299 -33.86 -27.39 -63.51
C LEU R 299 -33.23 -28.78 -63.64
N ASN R 300 -33.15 -29.54 -62.54
CA ASN R 300 -32.54 -30.87 -62.47
C ASN R 300 -33.60 -32.00 -62.56
N TYR R 301 -33.82 -32.55 -63.74
CA TYR R 301 -34.92 -33.47 -64.04
C TYR R 301 -34.85 -34.82 -63.29
N ASP R 302 -33.66 -35.30 -62.98
CA ASP R 302 -33.47 -36.57 -62.28
C ASP R 302 -33.72 -36.48 -60.76
N SER R 303 -33.69 -35.28 -60.15
CA SER R 303 -34.13 -35.07 -58.77
C SER R 303 -35.60 -34.65 -58.62
N TRP R 304 -36.41 -34.58 -59.70
CA TRP R 304 -37.83 -34.26 -59.58
C TRP R 304 -38.57 -35.29 -58.70
N PRO R 305 -39.21 -34.90 -57.58
CA PRO R 305 -39.95 -35.83 -56.73
C PRO R 305 -41.11 -36.57 -57.41
N LEU R 306 -41.74 -36.01 -58.45
CA LEU R 306 -42.93 -36.62 -59.05
C LEU R 306 -42.70 -38.04 -59.62
N PHE R 307 -41.47 -38.41 -59.97
CA PHE R 307 -41.10 -39.75 -60.44
C PHE R 307 -40.84 -40.79 -59.33
N ALA R 308 -40.82 -40.41 -58.04
CA ALA R 308 -40.25 -41.23 -56.96
C ALA R 308 -40.90 -42.61 -56.77
N ASP R 309 -42.20 -42.78 -57.04
CA ASP R 309 -42.90 -44.07 -56.96
C ASP R 309 -43.01 -44.82 -58.31
N CYS R 310 -42.44 -44.30 -59.42
CA CYS R 310 -42.56 -44.89 -60.76
C CYS R 310 -41.67 -46.12 -60.97
N GLU R 311 -42.22 -47.17 -61.58
CA GLU R 311 -41.45 -48.31 -62.11
C GLU R 311 -41.66 -48.46 -63.62
N GLY R 312 -40.60 -48.25 -64.41
CA GLY R 312 -40.58 -48.40 -65.86
C GLY R 312 -41.15 -47.22 -66.67
N PRO R 313 -40.99 -47.24 -68.00
CA PRO R 313 -41.32 -46.10 -68.87
C PRO R 313 -42.80 -45.68 -68.90
N GLU R 314 -43.74 -46.62 -68.82
CA GLU R 314 -45.17 -46.29 -68.84
C GLU R 314 -45.61 -45.47 -67.62
N ALA R 315 -45.13 -45.84 -66.44
CA ALA R 315 -45.38 -45.10 -65.21
C ALA R 315 -44.80 -43.69 -65.26
N ARG R 316 -43.61 -43.51 -65.85
CA ARG R 316 -42.98 -42.17 -66.01
C ARG R 316 -43.77 -41.27 -66.97
N VAL R 317 -44.24 -41.78 -68.11
CA VAL R 317 -45.09 -41.02 -69.05
C VAL R 317 -46.43 -40.65 -68.41
N ALA R 318 -47.09 -41.57 -67.70
CA ALA R 318 -48.35 -41.29 -67.01
C ALA R 318 -48.20 -40.25 -65.87
N ALA R 319 -47.05 -40.21 -65.19
CA ALA R 319 -46.73 -39.20 -64.20
C ALA R 319 -46.55 -37.80 -64.81
N LEU R 320 -45.94 -37.70 -65.99
CA LEU R 320 -45.82 -36.44 -66.74
C LEU R 320 -47.20 -35.93 -67.20
N HIS R 321 -48.10 -36.79 -67.65
CA HIS R 321 -49.46 -36.35 -67.99
C HIS R 321 -50.24 -35.80 -66.78
N ARG R 322 -50.13 -36.39 -65.59
CA ARG R 322 -50.71 -35.81 -64.35
C ARG R 322 -50.07 -34.46 -64.00
N TYR R 323 -48.76 -34.34 -64.14
CA TYR R 323 -48.06 -33.06 -63.97
C TYR R 323 -48.62 -31.98 -64.93
N ASN R 324 -48.79 -32.27 -66.21
CA ASN R 324 -49.35 -31.33 -67.18
C ASN R 324 -50.79 -30.89 -66.86
N ALA R 325 -51.65 -31.80 -66.42
CA ALA R 325 -53.01 -31.47 -66.01
C ALA R 325 -53.03 -30.45 -64.84
N SER R 326 -52.11 -30.52 -63.89
CA SER R 326 -51.99 -29.53 -62.81
C SER R 326 -51.60 -28.10 -63.27
N LEU R 327 -51.00 -27.93 -64.46
CA LEU R 327 -50.69 -26.63 -65.06
C LEU R 327 -51.80 -26.09 -65.99
N ALA R 328 -52.69 -26.93 -66.51
CA ALA R 328 -53.68 -26.54 -67.51
C ALA R 328 -54.56 -25.31 -67.14
N PRO R 329 -55.03 -25.11 -65.90
CA PRO R 329 -55.86 -23.95 -65.56
C PRO R 329 -55.18 -22.60 -65.79
N HIS R 330 -53.84 -22.52 -65.64
CA HIS R 330 -53.06 -21.33 -65.99
C HIS R 330 -53.14 -21.04 -67.48
N VAL R 331 -52.96 -22.06 -68.32
CA VAL R 331 -52.99 -21.93 -69.79
C VAL R 331 -54.42 -21.63 -70.28
N SER R 332 -55.44 -22.35 -69.83
CA SER R 332 -56.82 -22.11 -70.27
C SER R 332 -57.36 -20.76 -69.79
N THR R 333 -56.93 -20.24 -68.65
CA THR R 333 -57.29 -18.89 -68.20
C THR R 333 -56.80 -17.82 -69.18
N GLN R 334 -55.56 -17.93 -69.67
CA GLN R 334 -55.03 -17.02 -70.70
C GLN R 334 -55.73 -17.14 -72.05
N ILE R 335 -56.50 -18.19 -72.33
CA ILE R 335 -57.38 -18.29 -73.51
C ILE R 335 -58.79 -17.75 -73.22
N PHE R 336 -59.41 -18.15 -72.11
CA PHE R 336 -60.81 -17.85 -71.80
C PHE R 336 -61.06 -16.43 -71.27
N ALA R 337 -60.08 -15.77 -70.64
CA ALA R 337 -60.27 -14.46 -70.03
C ALA R 337 -60.28 -13.31 -71.06
N THR R 338 -61.31 -12.47 -71.05
CA THR R 338 -61.42 -11.30 -71.95
C THR R 338 -60.25 -10.33 -71.79
N ASN R 339 -59.68 -10.23 -70.59
CA ASN R 339 -58.54 -9.37 -70.25
C ASN R 339 -57.20 -10.13 -70.14
N SER R 340 -57.04 -11.23 -70.87
CA SER R 340 -55.77 -11.93 -71.06
C SER R 340 -54.69 -11.04 -71.70
N VAL R 341 -53.43 -11.22 -71.32
CA VAL R 341 -52.26 -10.56 -71.94
C VAL R 341 -52.15 -10.81 -73.45
N LEU R 342 -52.68 -11.94 -73.94
CA LEU R 342 -52.74 -12.30 -75.35
C LEU R 342 -53.69 -11.42 -76.19
N TYR R 343 -54.59 -10.65 -75.57
CA TYR R 343 -55.58 -9.81 -76.23
C TYR R 343 -55.39 -8.28 -76.02
N VAL R 344 -54.23 -7.86 -75.52
CA VAL R 344 -53.86 -6.43 -75.39
C VAL R 344 -53.84 -5.77 -76.76
N SER R 345 -54.58 -4.67 -76.90
CA SER R 345 -54.89 -3.99 -78.17
C SER R 345 -54.13 -2.68 -78.40
N GLY R 346 -53.50 -2.08 -77.39
CA GLY R 346 -52.77 -0.81 -77.51
C GLY R 346 -52.89 0.12 -76.31
N VAL R 347 -52.64 1.41 -76.52
CA VAL R 347 -52.68 2.48 -75.51
C VAL R 347 -53.79 3.47 -75.85
N SER R 348 -54.53 3.95 -74.85
CA SER R 348 -55.56 4.98 -75.02
C SER R 348 -55.53 6.02 -73.89
N LYS R 349 -56.24 7.13 -74.06
CA LYS R 349 -56.28 8.25 -73.11
C LYS R 349 -57.72 8.56 -72.67
N SER R 350 -57.86 8.84 -71.38
CA SER R 350 -59.12 9.13 -70.68
C SER R 350 -60.00 10.19 -71.37
N GLU R 356 -60.14 9.30 -64.91
CA GLU R 356 -58.78 8.99 -64.45
C GLU R 356 -58.03 10.24 -63.96
N SER R 357 -57.23 10.09 -62.90
CA SER R 357 -56.28 11.11 -62.45
C SER R 357 -55.13 11.30 -63.44
N LEU R 358 -54.36 12.39 -63.31
CA LEU R 358 -53.35 12.81 -64.28
C LEU R 358 -52.37 11.69 -64.68
N PHE R 359 -51.74 11.03 -63.71
CA PHE R 359 -50.76 9.98 -64.00
C PHE R 359 -51.37 8.66 -64.48
N ASN R 360 -52.66 8.41 -64.20
CA ASN R 360 -53.41 7.27 -64.74
C ASN R 360 -54.08 7.56 -66.10
N SER R 361 -54.02 8.79 -66.62
CA SER R 361 -54.80 9.21 -67.79
C SER R 361 -54.48 8.47 -69.10
N PHE R 362 -53.24 8.04 -69.32
CA PHE R 362 -52.88 7.08 -70.37
C PHE R 362 -52.87 5.65 -69.79
N TYR R 363 -53.42 4.67 -70.51
CA TYR R 363 -53.54 3.29 -70.04
C TYR R 363 -53.59 2.24 -71.16
N MET R 364 -53.29 0.98 -70.81
CA MET R 364 -53.36 -0.18 -71.72
C MET R 364 -54.81 -0.63 -71.96
N THR R 365 -55.15 -0.97 -73.20
CA THR R 365 -56.48 -1.46 -73.64
C THR R 365 -56.44 -2.90 -74.12
N HIS R 366 -57.58 -3.60 -74.13
CA HIS R 366 -57.75 -4.94 -74.69
C HIS R 366 -58.96 -5.03 -75.63
N GLY R 367 -58.92 -5.96 -76.58
CA GLY R 367 -60.09 -6.29 -77.41
C GLY R 367 -59.74 -6.90 -78.75
N LEU R 368 -60.28 -8.08 -79.05
CA LEU R 368 -60.11 -8.76 -80.34
C LEU R 368 -60.79 -8.04 -81.51
N GLY R 369 -61.91 -7.32 -81.26
CA GLY R 369 -62.54 -6.49 -82.28
C GLY R 369 -61.61 -5.38 -82.77
N THR R 370 -60.92 -4.71 -81.86
CA THR R 370 -59.90 -3.71 -82.20
C THR R 370 -58.76 -4.30 -83.02
N LEU R 371 -58.30 -5.51 -82.66
CA LEU R 371 -57.22 -6.20 -83.38
C LEU R 371 -57.59 -6.63 -84.81
N GLN R 372 -58.88 -6.74 -85.16
CA GLN R 372 -59.32 -6.99 -86.54
C GLN R 372 -59.35 -5.75 -87.45
N GLU R 373 -59.38 -4.53 -86.91
CA GLU R 373 -59.60 -3.30 -87.69
C GLU R 373 -58.42 -2.90 -88.59
N GLY R 374 -58.69 -2.09 -89.62
CA GLY R 374 -57.66 -1.40 -90.39
C GLY R 374 -56.91 -0.34 -89.56
N THR R 375 -55.74 0.05 -90.04
CA THR R 375 -54.77 0.91 -89.34
C THR R 375 -54.16 1.99 -90.25
N TRP R 376 -53.48 2.96 -89.63
CA TRP R 376 -52.73 4.04 -90.27
C TRP R 376 -51.29 4.09 -89.76
N ASP R 377 -50.35 4.53 -90.58
CA ASP R 377 -48.92 4.63 -90.26
C ASP R 377 -48.57 5.90 -89.43
N PRO R 378 -47.31 6.05 -88.96
CA PRO R 378 -46.88 7.23 -88.20
C PRO R 378 -47.02 8.59 -88.92
N CYS R 379 -47.22 8.61 -90.24
CA CYS R 379 -47.49 9.80 -91.05
C CYS R 379 -48.98 9.94 -91.45
N ARG R 380 -49.87 9.25 -90.72
CA ARG R 380 -51.34 9.26 -90.90
C ARG R 380 -51.83 8.75 -92.25
N ARG R 381 -51.04 7.97 -92.98
CA ARG R 381 -51.44 7.32 -94.24
C ARG R 381 -52.08 5.94 -93.96
N PRO R 382 -53.02 5.45 -94.78
CA PRO R 382 -53.57 4.10 -94.64
C PRO R 382 -52.49 3.01 -94.66
N CYS R 383 -52.64 1.95 -93.87
CA CYS R 383 -51.64 0.90 -93.69
C CYS R 383 -52.24 -0.50 -93.90
N PHE R 384 -52.61 -1.24 -92.84
CA PHE R 384 -53.42 -2.46 -92.97
C PHE R 384 -54.89 -2.10 -93.22
N SER R 385 -55.59 -2.85 -94.07
CA SER R 385 -56.99 -2.59 -94.45
C SER R 385 -58.05 -3.26 -93.55
N GLY R 386 -57.66 -4.10 -92.59
CA GLY R 386 -58.57 -4.80 -91.70
C GLY R 386 -59.07 -6.16 -92.22
N TRP R 387 -59.82 -6.86 -91.37
CA TRP R 387 -60.48 -8.13 -91.70
C TRP R 387 -61.92 -8.13 -91.21
N GLY R 388 -62.86 -8.58 -92.04
CA GLY R 388 -64.29 -8.59 -91.73
C GLY R 388 -64.77 -9.75 -90.84
N GLY R 389 -63.88 -10.66 -90.44
CA GLY R 389 -64.21 -11.88 -89.73
C GLY R 389 -64.58 -13.05 -90.67
N PRO R 390 -64.88 -14.23 -90.10
CA PRO R 390 -65.20 -15.45 -90.85
C PRO R 390 -66.36 -15.28 -91.84
N GLY R 394 -68.66 -20.42 -88.71
CA GLY R 394 -68.38 -21.55 -87.81
C GLY R 394 -69.45 -21.75 -86.74
N THR R 395 -69.31 -22.81 -85.94
CA THR R 395 -70.37 -23.30 -85.04
C THR R 395 -70.75 -22.35 -83.90
N ASN R 396 -69.92 -21.37 -83.53
CA ASN R 396 -70.26 -20.36 -82.50
C ASN R 396 -71.04 -19.15 -83.05
N GLY R 397 -71.22 -19.04 -84.38
CA GLY R 397 -72.08 -18.03 -85.02
C GLY R 397 -71.52 -16.60 -85.16
N PRO R 398 -72.28 -15.70 -85.81
CA PRO R 398 -71.83 -14.35 -86.20
C PRO R 398 -71.47 -13.43 -85.03
N GLY R 399 -70.38 -12.66 -85.18
CA GLY R 399 -69.91 -11.69 -84.17
C GLY R 399 -69.27 -12.30 -82.92
N ASN R 400 -69.20 -13.63 -82.84
CA ASN R 400 -68.67 -14.38 -81.70
C ASN R 400 -67.24 -14.88 -81.98
N TYR R 401 -66.53 -15.27 -80.93
CA TYR R 401 -65.19 -15.86 -81.00
C TYR R 401 -65.20 -17.11 -81.89
N ALA R 402 -64.23 -17.23 -82.79
CA ALA R 402 -64.09 -18.29 -83.79
C ALA R 402 -62.72 -18.95 -83.69
N VAL R 403 -62.51 -20.07 -84.36
CA VAL R 403 -61.21 -20.77 -84.33
C VAL R 403 -60.05 -19.88 -84.79
N GLU R 404 -60.25 -18.92 -85.70
CA GLU R 404 -59.24 -17.95 -86.09
C GLU R 404 -58.73 -17.09 -84.92
N HIS R 405 -59.56 -16.76 -83.93
CA HIS R 405 -59.13 -16.03 -82.73
C HIS R 405 -58.22 -16.87 -81.83
N LEU R 406 -58.46 -18.18 -81.73
CA LEU R 406 -57.53 -19.11 -81.08
C LEU R 406 -56.21 -19.20 -81.85
N VAL R 407 -56.24 -19.23 -83.18
CA VAL R 407 -55.01 -19.21 -84.00
C VAL R 407 -54.22 -17.90 -83.78
N TYR R 408 -54.88 -16.74 -83.73
CA TYR R 408 -54.28 -15.46 -83.35
C TYR R 408 -53.66 -15.45 -81.94
N ALA R 409 -54.31 -16.03 -80.92
CA ALA R 409 -53.75 -16.21 -79.58
C ALA R 409 -52.47 -17.04 -79.57
N ALA R 410 -52.38 -18.08 -80.41
CA ALA R 410 -51.21 -18.93 -80.60
C ALA R 410 -50.15 -18.38 -81.57
N SER R 411 -50.17 -17.08 -81.92
CA SER R 411 -49.20 -16.43 -82.81
C SER R 411 -49.05 -17.05 -84.20
N PHE R 412 -50.11 -17.64 -84.74
CA PHE R 412 -50.11 -18.32 -86.05
C PHE R 412 -49.04 -19.42 -86.15
N SER R 413 -48.68 -20.04 -85.02
CA SER R 413 -47.64 -21.05 -84.92
C SER R 413 -48.30 -22.43 -84.73
N PRO R 414 -48.11 -23.39 -85.65
CA PRO R 414 -48.65 -24.73 -85.47
C PRO R 414 -48.05 -25.46 -84.26
N ASN R 415 -46.80 -25.20 -83.89
CA ASN R 415 -46.17 -25.73 -82.69
C ASN R 415 -46.87 -25.24 -81.39
N LEU R 416 -47.06 -23.92 -81.23
CA LEU R 416 -47.77 -23.36 -80.08
C LEU R 416 -49.25 -23.80 -80.05
N LEU R 417 -49.94 -23.75 -81.20
CA LEU R 417 -51.36 -24.12 -81.30
C LEU R 417 -51.62 -25.58 -80.90
N ALA R 418 -50.75 -26.51 -81.30
CA ALA R 418 -50.81 -27.91 -80.86
C ALA R 418 -50.72 -28.06 -79.34
N ARG R 419 -49.79 -27.39 -78.64
CA ARG R 419 -49.71 -27.45 -77.18
C ARG R 419 -50.86 -26.74 -76.46
N TYR R 420 -51.40 -25.64 -76.99
CA TYR R 420 -52.65 -25.04 -76.47
C TYR R 420 -53.83 -26.02 -76.57
N ALA R 421 -54.02 -26.71 -77.70
CA ALA R 421 -55.09 -27.68 -77.88
C ALA R 421 -54.95 -28.87 -76.92
N TYR R 422 -53.72 -29.36 -76.69
CA TYR R 422 -53.44 -30.36 -75.67
C TYR R 422 -53.88 -29.93 -74.25
N TYR R 423 -53.61 -28.69 -73.81
CA TYR R 423 -54.11 -28.21 -72.51
C TYR R 423 -55.63 -28.04 -72.49
N LEU R 424 -56.26 -27.54 -73.56
CA LEU R 424 -57.72 -27.40 -73.65
C LEU R 424 -58.46 -28.75 -73.57
N GLN R 425 -57.87 -29.86 -74.00
CA GLN R 425 -58.41 -31.22 -73.82
C GLN R 425 -58.61 -31.67 -72.35
N PHE R 426 -57.98 -31.04 -71.36
CA PHE R 426 -58.26 -31.28 -69.93
C PHE R 426 -59.48 -30.51 -69.39
N CYS R 427 -60.01 -29.53 -70.12
CA CYS R 427 -61.09 -28.66 -69.65
C CYS R 427 -62.48 -29.31 -69.78
N GLN R 428 -63.34 -29.07 -68.78
CA GLN R 428 -64.76 -29.43 -68.81
C GLN R 428 -65.55 -28.53 -69.77
N GLY R 429 -66.54 -29.10 -70.45
CA GLY R 429 -67.54 -28.35 -71.20
C GLY R 429 -68.61 -27.75 -70.28
N GLN R 430 -69.10 -26.56 -70.63
CA GLN R 430 -70.19 -25.89 -69.94
C GLN R 430 -71.21 -25.39 -70.95
N LYS R 431 -72.24 -26.19 -71.24
CA LYS R 431 -73.33 -25.83 -72.15
C LYS R 431 -74.14 -24.63 -71.61
N SER R 432 -74.37 -23.62 -72.44
CA SER R 432 -75.16 -22.42 -72.12
C SER R 432 -76.63 -22.71 -71.85
N VAL R 437 -78.20 -28.62 -77.62
CA VAL R 437 -76.99 -29.00 -78.36
C VAL R 437 -77.02 -30.51 -78.68
N PRO R 438 -76.57 -30.94 -79.87
CA PRO R 438 -76.40 -32.36 -80.20
C PRO R 438 -75.58 -33.13 -79.15
N GLU R 439 -75.91 -34.40 -78.91
CA GLU R 439 -75.09 -35.28 -78.07
C GLU R 439 -73.71 -35.49 -78.70
N THR R 440 -72.68 -35.73 -77.87
CA THR R 440 -71.29 -35.78 -78.35
C THR R 440 -71.11 -36.80 -79.49
N GLY R 441 -71.64 -38.01 -79.34
CA GLY R 441 -71.51 -39.08 -80.31
C GLY R 441 -72.27 -38.84 -81.61
N SER R 442 -73.41 -38.15 -81.58
CA SER R 442 -74.09 -37.73 -82.82
C SER R 442 -73.46 -36.51 -83.48
N TYR R 443 -72.66 -35.70 -82.77
CA TYR R 443 -71.80 -34.70 -83.42
C TYR R 443 -70.58 -35.37 -84.06
N VAL R 444 -69.87 -36.25 -83.35
CA VAL R 444 -68.68 -36.96 -83.87
C VAL R 444 -68.99 -37.86 -85.08
N ALA R 445 -70.08 -38.63 -85.06
CA ALA R 445 -70.50 -39.41 -86.23
C ALA R 445 -71.21 -38.57 -87.31
N GLY R 446 -71.82 -37.44 -86.92
CA GLY R 446 -72.52 -36.52 -87.80
C GLY R 446 -71.61 -35.44 -88.39
N ALA R 447 -71.86 -34.16 -88.09
CA ALA R 447 -71.20 -33.02 -88.75
C ALA R 447 -69.66 -33.00 -88.68
N ALA R 448 -69.02 -33.62 -87.67
CA ALA R 448 -67.55 -33.69 -87.61
C ALA R 448 -66.93 -34.56 -88.73
N ALA R 449 -67.68 -35.52 -89.27
CA ALA R 449 -67.25 -36.45 -90.31
C ALA R 449 -67.53 -35.95 -91.74
N SER R 450 -68.03 -34.73 -91.91
CA SER R 450 -68.32 -34.11 -93.21
C SER R 450 -67.05 -33.87 -94.05
N PRO R 451 -67.04 -34.17 -95.36
CA PRO R 451 -65.89 -33.93 -96.23
C PRO R 451 -65.55 -32.45 -96.42
N MET R 452 -66.39 -31.54 -95.94
CA MET R 452 -66.19 -30.08 -95.95
C MET R 452 -65.19 -29.55 -94.91
N CYS R 453 -64.77 -30.33 -93.89
CA CYS R 453 -63.77 -29.91 -92.90
C CYS R 453 -62.42 -29.61 -93.59
N SER R 454 -61.93 -28.37 -93.47
CA SER R 454 -60.63 -27.95 -94.03
C SER R 454 -59.41 -28.43 -93.23
N LEU R 455 -59.61 -29.24 -92.18
CA LEU R 455 -58.54 -29.75 -91.32
C LEU R 455 -58.36 -31.28 -91.46
N CYS R 456 -59.41 -32.07 -91.25
CA CYS R 456 -59.36 -33.54 -91.28
C CYS R 456 -60.02 -34.19 -92.52
N GLU R 457 -60.70 -33.41 -93.37
CA GLU R 457 -61.57 -33.91 -94.45
C GLU R 457 -62.67 -34.87 -93.94
N GLY R 458 -63.02 -34.81 -92.65
CA GLY R 458 -63.89 -35.76 -92.00
C GLY R 458 -63.21 -37.09 -91.61
N ARG R 459 -61.92 -37.29 -91.90
CA ARG R 459 -61.19 -38.55 -91.71
C ARG R 459 -60.50 -38.70 -90.33
N ALA R 460 -60.64 -37.74 -89.40
CA ALA R 460 -60.18 -37.84 -88.01
C ALA R 460 -61.13 -37.13 -87.00
N PRO R 461 -62.44 -37.44 -86.99
CA PRO R 461 -63.46 -36.57 -86.43
C PRO R 461 -63.40 -36.41 -84.89
N ALA R 462 -62.88 -37.38 -84.16
CA ALA R 462 -62.86 -37.34 -82.69
C ALA R 462 -61.76 -36.43 -82.10
N VAL R 463 -60.59 -36.32 -82.75
CA VAL R 463 -59.47 -35.46 -82.33
C VAL R 463 -59.38 -34.11 -83.04
N CYS R 464 -60.11 -33.88 -84.13
CA CYS R 464 -60.08 -32.63 -84.89
C CYS R 464 -60.23 -31.37 -84.01
N LEU R 465 -59.46 -30.32 -84.31
CA LEU R 465 -59.51 -29.05 -83.61
C LEU R 465 -60.91 -28.43 -83.64
N ASN R 466 -61.67 -28.58 -84.73
CA ASN R 466 -63.05 -28.11 -84.79
C ASN R 466 -63.99 -28.85 -83.83
N THR R 467 -63.72 -30.12 -83.52
CA THR R 467 -64.47 -30.89 -82.50
C THR R 467 -64.16 -30.40 -81.09
N LEU R 468 -62.89 -30.16 -80.75
CA LEU R 468 -62.49 -29.56 -79.48
C LEU R 468 -63.10 -28.17 -79.31
N PHE R 469 -63.04 -27.34 -80.35
CA PHE R 469 -63.65 -26.02 -80.36
C PHE R 469 -65.17 -26.07 -80.14
N PHE R 470 -65.88 -27.00 -80.80
CA PHE R 470 -67.31 -27.18 -80.62
C PHE R 470 -67.69 -27.53 -79.17
N ARG R 471 -66.90 -28.40 -78.52
CA ARG R 471 -67.07 -28.83 -77.13
C ARG R 471 -66.92 -27.69 -76.10
N LEU R 472 -65.97 -26.77 -76.30
CA LEU R 472 -65.62 -25.68 -75.39
C LEU R 472 -66.23 -24.31 -75.74
N ARG R 473 -67.08 -24.27 -76.75
CA ARG R 473 -67.66 -23.10 -77.43
C ARG R 473 -68.19 -21.97 -76.54
N ASP R 474 -69.00 -22.30 -75.54
CA ASP R 474 -69.61 -21.33 -74.62
C ASP R 474 -68.64 -20.77 -73.56
N ARG R 475 -67.38 -21.23 -73.49
CA ARG R 475 -66.34 -20.71 -72.58
C ARG R 475 -65.42 -19.65 -73.18
N PHE R 476 -65.35 -19.51 -74.50
CA PHE R 476 -64.54 -18.48 -75.16
C PHE R 476 -65.09 -17.07 -74.88
N PRO R 477 -64.23 -16.03 -74.81
CA PRO R 477 -64.66 -14.67 -74.47
C PRO R 477 -65.47 -14.00 -75.59
N PRO R 478 -66.15 -12.86 -75.33
CA PRO R 478 -66.73 -12.03 -76.38
C PRO R 478 -65.66 -11.24 -77.18
N VAL R 479 -66.02 -10.75 -78.36
CA VAL R 479 -65.13 -9.99 -79.26
C VAL R 479 -65.39 -8.48 -79.10
N MET R 480 -64.43 -7.74 -78.55
CA MET R 480 -64.64 -6.37 -78.03
C MET R 480 -63.92 -5.28 -78.83
N SER R 481 -64.59 -4.13 -79.01
CA SER R 481 -64.07 -2.96 -79.74
C SER R 481 -63.99 -1.67 -78.89
N THR R 482 -64.11 -1.76 -77.56
CA THR R 482 -64.12 -0.61 -76.63
C THR R 482 -62.73 -0.28 -76.04
N GLN R 483 -62.60 0.86 -75.36
CA GLN R 483 -61.32 1.42 -74.91
C GLN R 483 -61.26 1.70 -73.39
N ARG R 484 -61.98 0.95 -72.54
CA ARG R 484 -62.00 1.07 -71.07
C ARG R 484 -60.68 0.67 -70.38
N ARG R 485 -60.35 1.29 -69.24
CA ARG R 485 -59.20 0.99 -68.38
C ARG R 485 -59.45 -0.20 -67.44
N ASP R 486 -59.12 -1.41 -67.89
CA ASP R 486 -59.22 -2.66 -67.10
C ASP R 486 -57.84 -3.23 -66.71
N PRO R 487 -57.75 -4.05 -65.65
CA PRO R 487 -56.58 -4.89 -65.35
C PRO R 487 -56.30 -5.91 -66.46
N TYR R 488 -55.07 -6.40 -66.59
CA TYR R 488 -54.70 -7.50 -67.49
C TYR R 488 -54.15 -8.71 -66.72
N VAL R 489 -54.29 -9.91 -67.26
CA VAL R 489 -53.96 -11.18 -66.57
C VAL R 489 -52.55 -11.67 -66.92
N ILE R 490 -51.72 -11.97 -65.92
CA ILE R 490 -50.34 -12.45 -66.08
C ILE R 490 -50.14 -13.84 -65.47
N SER R 491 -49.19 -14.61 -65.96
CA SER R 491 -48.85 -15.97 -65.49
C SER R 491 -47.35 -16.14 -65.30
N GLY R 492 -46.92 -16.87 -64.27
CA GLY R 492 -45.51 -17.21 -64.07
C GLY R 492 -45.19 -17.74 -62.67
N ALA R 493 -43.90 -17.96 -62.41
CA ALA R 493 -43.38 -18.36 -61.12
C ALA R 493 -43.46 -17.25 -60.06
N SER R 494 -43.77 -17.62 -58.82
CA SER R 494 -43.69 -16.72 -57.67
C SER R 494 -42.28 -16.64 -57.07
N GLY R 495 -41.96 -15.52 -56.44
CA GLY R 495 -40.72 -15.27 -55.72
C GLY R 495 -40.66 -15.91 -54.33
N SER R 496 -39.57 -15.67 -53.62
CA SER R 496 -39.28 -16.30 -52.32
C SER R 496 -40.11 -15.79 -51.14
N TYR R 497 -40.47 -14.51 -51.10
CA TYR R 497 -41.03 -13.86 -49.90
C TYR R 497 -42.42 -13.27 -50.16
N ASN R 498 -43.46 -14.07 -49.93
CA ASN R 498 -44.86 -13.68 -50.08
C ASN R 498 -45.48 -13.45 -48.69
N GLU R 499 -46.32 -12.43 -48.54
CA GLU R 499 -46.97 -12.07 -47.28
C GLU R 499 -48.48 -12.12 -47.47
N THR R 500 -49.08 -13.28 -47.22
CA THR R 500 -50.45 -13.64 -47.58
C THR R 500 -51.25 -14.30 -46.45
N ASP R 501 -50.78 -14.25 -45.19
CA ASP R 501 -51.65 -14.46 -44.01
C ASP R 501 -52.67 -13.31 -43.87
N PHE R 502 -53.69 -13.44 -43.00
CA PHE R 502 -54.84 -12.53 -42.93
C PHE R 502 -54.52 -11.03 -42.82
N LEU R 503 -53.44 -10.63 -42.14
CA LEU R 503 -52.99 -9.23 -42.04
C LEU R 503 -51.76 -8.92 -42.90
N GLY R 504 -51.42 -9.75 -43.89
CA GLY R 504 -50.39 -9.45 -44.88
C GLY R 504 -49.03 -9.09 -44.30
N ASN R 505 -48.47 -7.96 -44.70
CA ASN R 505 -47.18 -7.45 -44.26
C ASN R 505 -47.17 -6.69 -42.92
N PHE R 506 -48.25 -6.72 -42.12
CA PHE R 506 -48.27 -6.16 -40.76
C PHE R 506 -47.13 -6.71 -39.90
N LEU R 507 -46.33 -5.85 -39.27
CA LEU R 507 -45.18 -6.22 -38.41
C LEU R 507 -44.29 -7.33 -39.01
N ASN R 508 -43.96 -7.25 -40.30
CA ASN R 508 -43.08 -8.22 -40.94
C ASN R 508 -41.63 -8.16 -40.43
N PHE R 509 -41.17 -6.96 -40.07
CA PHE R 509 -39.86 -6.67 -39.48
C PHE R 509 -39.99 -5.65 -38.33
N ILE R 510 -38.95 -5.57 -37.49
CA ILE R 510 -38.86 -4.67 -36.33
C ILE R 510 -37.60 -3.80 -36.43
N TYR R 525 -42.60 -8.84 -31.06
CA TYR R 525 -42.03 -9.74 -32.06
C TYR R 525 -42.77 -9.66 -33.41
N THR R 526 -42.14 -10.10 -34.50
CA THR R 526 -42.74 -10.04 -35.85
C THR R 526 -43.98 -10.93 -35.96
N TYR R 527 -44.90 -10.58 -36.86
CA TYR R 527 -46.10 -11.36 -37.16
C TYR R 527 -45.74 -12.77 -37.66
N TRP R 528 -44.64 -12.91 -38.40
CA TRP R 528 -44.09 -14.23 -38.77
C TRP R 528 -43.73 -15.06 -37.53
N GLN R 529 -43.03 -14.49 -36.56
CA GLN R 529 -42.70 -15.18 -35.32
C GLN R 529 -43.95 -15.53 -34.50
N LEU R 530 -44.94 -14.66 -34.42
CA LEU R 530 -46.23 -14.94 -33.78
C LEU R 530 -46.93 -16.17 -34.39
N ASN R 531 -46.93 -16.29 -35.71
CA ASN R 531 -47.50 -17.46 -36.36
C ASN R 531 -46.69 -18.73 -36.10
N GLN R 532 -45.35 -18.66 -36.08
CA GLN R 532 -44.50 -19.79 -35.67
C GLN R 532 -44.75 -20.23 -34.21
N ASN R 533 -44.96 -19.30 -33.28
CA ASN R 533 -45.30 -19.61 -31.89
C ASN R 533 -46.64 -20.37 -31.80
N LEU R 534 -47.66 -19.94 -32.55
CA LEU R 534 -48.96 -20.61 -32.56
C LEU R 534 -48.86 -22.06 -33.08
N LEU R 535 -48.13 -22.30 -34.17
CA LEU R 535 -47.91 -23.66 -34.68
C LEU R 535 -47.18 -24.57 -33.66
N GLU R 536 -46.24 -24.03 -32.88
CA GLU R 536 -45.61 -24.75 -31.77
C GLU R 536 -46.62 -25.15 -30.67
N ARG R 537 -47.50 -24.24 -30.23
CA ARG R 537 -48.56 -24.58 -29.28
C ARG R 537 -49.51 -25.65 -29.83
N LEU R 538 -49.89 -25.55 -31.11
CA LEU R 538 -50.76 -26.53 -31.75
C LEU R 538 -50.09 -27.92 -31.89
N SER R 539 -48.76 -27.97 -32.03
CA SER R 539 -47.99 -29.22 -32.01
C SER R 539 -48.10 -29.94 -30.65
N ARG R 540 -47.99 -29.21 -29.53
CA ARG R 540 -48.24 -29.76 -28.18
C ARG R 540 -49.67 -30.27 -27.94
N LEU R 541 -50.65 -29.79 -28.71
CA LEU R 541 -52.02 -30.32 -28.72
C LEU R 541 -52.24 -31.53 -29.68
N GLY R 542 -51.21 -31.95 -30.42
CA GLY R 542 -51.29 -33.07 -31.37
C GLY R 542 -51.80 -32.69 -32.78
N ILE R 543 -51.72 -31.42 -33.17
CA ILE R 543 -52.18 -30.89 -34.47
C ILE R 543 -50.99 -30.44 -35.33
N ASP R 544 -50.87 -30.92 -36.58
CA ASP R 544 -49.78 -30.51 -37.50
C ASP R 544 -50.08 -29.22 -38.30
N ALA R 545 -49.11 -28.76 -39.11
CA ALA R 545 -49.21 -27.53 -39.90
C ALA R 545 -50.32 -27.53 -40.98
N GLU R 546 -50.86 -28.69 -41.36
CA GLU R 546 -52.00 -28.84 -42.28
C GLU R 546 -53.30 -29.18 -41.54
N GLY R 547 -53.28 -29.17 -40.21
CA GLY R 547 -54.43 -29.41 -39.34
C GLY R 547 -54.80 -30.88 -39.13
N LYS R 548 -53.93 -31.84 -39.45
CA LYS R 548 -54.17 -33.27 -39.19
C LYS R 548 -53.92 -33.59 -37.71
N LEU R 549 -54.79 -34.41 -37.11
CA LEU R 549 -54.66 -34.86 -35.72
C LEU R 549 -53.83 -36.15 -35.61
N GLU R 550 -53.00 -36.25 -34.57
CA GLU R 550 -52.41 -37.53 -34.15
C GLU R 550 -53.42 -38.45 -33.43
N LYS R 551 -54.54 -37.91 -32.93
CA LYS R 551 -55.63 -38.66 -32.30
C LYS R 551 -57.00 -38.01 -32.54
N GLU R 552 -57.87 -38.70 -33.26
CA GLU R 552 -59.22 -38.22 -33.59
C GLU R 552 -60.16 -38.28 -32.37
N PRO R 553 -61.10 -37.32 -32.21
CA PRO R 553 -61.97 -37.26 -31.03
C PRO R 553 -62.93 -38.46 -30.94
N HIS R 554 -62.99 -39.07 -29.77
CA HIS R 554 -63.75 -40.28 -29.47
C HIS R 554 -65.27 -40.12 -29.35
N GLY R 555 -65.76 -38.92 -29.04
CA GLY R 555 -67.15 -38.68 -28.64
C GLY R 555 -67.39 -37.24 -28.17
N PRO R 556 -68.58 -36.90 -27.66
CA PRO R 556 -68.95 -35.54 -27.25
C PRO R 556 -67.94 -34.85 -26.31
N ARG R 557 -67.51 -35.50 -25.23
CA ARG R 557 -66.53 -34.93 -24.27
C ARG R 557 -65.22 -34.59 -24.96
N ASP R 558 -64.72 -35.52 -25.77
CA ASP R 558 -63.45 -35.38 -26.48
C ASP R 558 -63.50 -34.29 -27.57
N PHE R 559 -64.65 -34.12 -28.24
CA PHE R 559 -64.87 -33.07 -29.22
C PHE R 559 -64.88 -31.68 -28.57
N VAL R 560 -65.56 -31.51 -27.43
CA VAL R 560 -65.52 -30.25 -26.66
C VAL R 560 -64.11 -29.98 -26.12
N LYS R 561 -63.46 -30.98 -25.51
CA LYS R 561 -62.12 -30.87 -24.96
C LYS R 561 -61.10 -30.44 -26.02
N MET R 562 -61.13 -31.05 -27.20
CA MET R 562 -60.29 -30.66 -28.35
C MET R 562 -60.35 -29.16 -28.66
N PHE R 563 -61.54 -28.56 -28.77
CA PHE R 563 -61.68 -27.13 -29.05
C PHE R 563 -61.29 -26.24 -27.86
N LYS R 564 -61.69 -26.57 -26.63
CA LYS R 564 -61.40 -25.70 -25.47
C LYS R 564 -59.89 -25.55 -25.25
N ASP R 565 -59.11 -26.60 -25.50
CA ASP R 565 -57.65 -26.53 -25.49
C ASP R 565 -57.07 -25.61 -26.58
N VAL R 566 -57.59 -25.64 -27.81
CA VAL R 566 -57.14 -24.70 -28.87
C VAL R 566 -57.50 -23.26 -28.53
N ASP R 567 -58.73 -23.00 -28.06
CA ASP R 567 -59.14 -21.65 -27.65
C ASP R 567 -58.23 -21.10 -26.54
N ALA R 568 -57.97 -21.88 -25.49
CA ALA R 568 -57.04 -21.50 -24.42
C ALA R 568 -55.61 -21.27 -24.93
N ALA R 569 -55.11 -22.11 -25.85
CA ALA R 569 -53.78 -21.93 -26.45
C ALA R 569 -53.66 -20.65 -27.30
N VAL R 570 -54.68 -20.28 -28.06
CA VAL R 570 -54.71 -19.02 -28.82
C VAL R 570 -54.79 -17.81 -27.87
N ASP R 571 -55.66 -17.88 -26.86
CA ASP R 571 -55.86 -16.79 -25.93
C ASP R 571 -54.62 -16.52 -25.05
N ALA R 572 -53.83 -17.56 -24.72
CA ALA R 572 -52.52 -17.40 -24.09
C ALA R 572 -51.53 -16.62 -24.97
N GLU R 573 -51.46 -16.91 -26.27
CA GLU R 573 -50.52 -16.23 -27.18
C GLU R 573 -50.91 -14.76 -27.45
N VAL R 574 -52.20 -14.43 -27.48
CA VAL R 574 -52.66 -13.03 -27.62
C VAL R 574 -52.13 -12.17 -26.47
N VAL R 575 -52.15 -12.68 -25.24
CA VAL R 575 -51.63 -11.97 -24.07
C VAL R 575 -50.13 -11.69 -24.20
N GLN R 576 -49.32 -12.71 -24.49
CA GLN R 576 -47.87 -12.53 -24.62
C GLN R 576 -47.51 -11.56 -25.75
N PHE R 577 -48.24 -11.58 -26.86
CA PHE R 577 -48.09 -10.61 -27.94
C PHE R 577 -48.48 -9.17 -27.53
N MET R 578 -49.66 -8.96 -26.94
CA MET R 578 -50.11 -7.63 -26.49
C MET R 578 -49.18 -7.03 -25.42
N ASN R 579 -48.60 -7.85 -24.53
CA ASN R 579 -47.55 -7.42 -23.60
C ASN R 579 -46.30 -6.91 -24.33
N SER R 580 -45.84 -7.58 -25.38
CA SER R 580 -44.71 -7.11 -26.19
C SER R 580 -44.99 -5.76 -26.85
N MET R 581 -46.16 -5.58 -27.46
CA MET R 581 -46.50 -4.30 -28.12
C MET R 581 -46.57 -3.15 -27.10
N ALA R 582 -47.12 -3.39 -25.92
CA ALA R 582 -47.23 -2.41 -24.84
C ALA R 582 -45.86 -1.96 -24.30
N LYS R 583 -44.99 -2.88 -23.87
CA LYS R 583 -43.71 -2.53 -23.23
C LYS R 583 -42.71 -1.82 -24.15
N ASN R 584 -42.87 -1.98 -25.46
CA ASN R 584 -42.06 -1.31 -26.49
C ASN R 584 -42.69 -0.02 -27.05
N ASN R 585 -43.88 0.37 -26.58
CA ASN R 585 -44.65 1.53 -27.08
C ASN R 585 -44.87 1.52 -28.62
N ILE R 586 -44.99 0.34 -29.24
CA ILE R 586 -45.18 0.21 -30.71
C ILE R 586 -46.60 0.65 -31.07
N THR R 587 -46.76 1.47 -32.11
CA THR R 587 -48.05 2.03 -32.54
C THR R 587 -48.88 1.05 -33.42
N TYR R 588 -49.05 -0.18 -32.94
CA TYR R 588 -49.68 -1.28 -33.69
C TYR R 588 -51.11 -0.94 -34.17
N LYS R 589 -51.83 -0.15 -33.38
CA LYS R 589 -53.17 0.39 -33.64
C LYS R 589 -53.25 1.28 -34.90
N ASP R 590 -52.16 1.93 -35.30
CA ASP R 590 -52.06 2.62 -36.60
C ASP R 590 -51.37 1.77 -37.69
N LEU R 591 -50.44 0.88 -37.34
CA LEU R 591 -49.80 -0.03 -38.31
C LEU R 591 -50.78 -1.01 -38.97
N VAL R 592 -51.86 -1.43 -38.29
CA VAL R 592 -52.94 -2.24 -38.92
C VAL R 592 -53.59 -1.51 -40.10
N LYS R 593 -53.87 -0.20 -39.99
CA LYS R 593 -54.56 0.59 -41.03
C LYS R 593 -53.85 0.57 -42.38
N SER R 594 -52.52 0.51 -42.39
CA SER R 594 -51.70 0.57 -43.61
C SER R 594 -51.16 -0.78 -44.09
N CYS R 595 -51.60 -1.94 -43.56
CA CYS R 595 -51.07 -3.24 -44.00
C CYS R 595 -51.65 -3.72 -45.36
N TYR R 596 -50.82 -4.41 -46.15
CA TYR R 596 -51.13 -4.96 -47.48
C TYR R 596 -50.80 -6.45 -47.55
N HIS R 597 -51.58 -7.24 -48.29
CA HIS R 597 -51.09 -8.51 -48.83
C HIS R 597 -50.04 -8.25 -49.91
N VAL R 598 -48.98 -9.04 -49.96
CA VAL R 598 -47.92 -8.91 -50.97
C VAL R 598 -47.62 -10.25 -51.64
N MET R 599 -47.53 -10.27 -52.96
CA MET R 599 -47.03 -11.41 -53.75
C MET R 599 -45.89 -10.96 -54.66
N GLN R 600 -44.86 -11.80 -54.81
CA GLN R 600 -43.74 -11.54 -55.69
C GLN R 600 -43.89 -12.34 -56.99
N TYR R 601 -43.91 -11.67 -58.14
CA TYR R 601 -43.79 -12.28 -59.45
C TYR R 601 -42.31 -12.31 -59.85
N SER R 602 -41.73 -13.50 -60.04
CA SER R 602 -40.30 -13.68 -60.32
C SER R 602 -39.91 -13.17 -61.72
N CYS R 603 -38.73 -12.58 -61.88
CA CYS R 603 -38.19 -12.15 -63.17
C CYS R 603 -37.09 -13.06 -63.73
N ASN R 604 -36.86 -14.25 -63.14
CA ASN R 604 -35.93 -15.23 -63.67
C ASN R 604 -36.62 -16.13 -64.73
N PRO R 605 -36.14 -16.18 -65.99
CA PRO R 605 -36.73 -17.07 -67.00
C PRO R 605 -36.55 -18.55 -66.69
N PHE R 606 -35.53 -18.95 -65.93
CA PHE R 606 -35.29 -20.36 -65.55
C PHE R 606 -36.16 -20.85 -64.39
N ALA R 607 -36.79 -19.95 -63.63
CA ALA R 607 -37.75 -20.28 -62.56
C ALA R 607 -39.14 -20.72 -63.07
N GLN R 608 -39.49 -20.46 -64.32
CA GLN R 608 -40.79 -20.81 -64.93
C GLN R 608 -40.95 -22.34 -65.07
N PRO R 609 -42.18 -22.89 -65.13
CA PRO R 609 -42.41 -24.32 -65.32
C PRO R 609 -41.89 -24.81 -66.68
N ALA R 610 -41.47 -26.07 -66.78
CA ALA R 610 -40.89 -26.69 -67.97
C ALA R 610 -41.92 -26.97 -69.10
N CYS R 611 -42.44 -25.90 -69.69
CA CYS R 611 -43.36 -25.87 -70.80
C CYS R 611 -42.97 -24.71 -71.75
N PRO R 612 -42.87 -24.92 -73.07
CA PRO R 612 -42.63 -23.86 -74.03
C PRO R 612 -43.72 -22.77 -74.13
N ILE R 613 -44.97 -23.03 -73.72
CA ILE R 613 -46.00 -21.97 -73.66
C ILE R 613 -45.68 -20.94 -72.57
N PHE R 614 -45.11 -21.37 -71.44
CA PHE R 614 -44.69 -20.45 -70.40
C PHE R 614 -43.54 -19.52 -70.80
N THR R 615 -42.72 -19.86 -71.80
CA THR R 615 -41.77 -18.91 -72.43
C THR R 615 -42.50 -17.69 -73.00
N GLN R 616 -43.51 -17.91 -73.83
CA GLN R 616 -44.32 -16.84 -74.41
C GLN R 616 -45.13 -16.05 -73.37
N LEU R 617 -45.78 -16.72 -72.42
CA LEU R 617 -46.51 -16.03 -71.34
C LEU R 617 -45.59 -15.16 -70.47
N PHE R 618 -44.39 -15.61 -70.12
CA PHE R 618 -43.44 -14.81 -69.34
C PHE R 618 -42.93 -13.59 -70.13
N TYR R 619 -42.43 -13.77 -71.35
CA TYR R 619 -41.89 -12.69 -72.19
C TYR R 619 -42.96 -11.60 -72.48
N ARG R 620 -44.19 -12.00 -72.81
CA ARG R 620 -45.29 -11.06 -73.07
C ARG R 620 -45.81 -10.35 -71.81
N SER R 621 -45.77 -11.01 -70.66
CA SER R 621 -46.07 -10.35 -69.38
C SER R 621 -45.04 -9.27 -69.06
N LEU R 622 -43.75 -9.56 -69.21
CA LEU R 622 -42.67 -8.59 -69.00
C LEU R 622 -42.74 -7.39 -69.95
N LEU R 623 -42.91 -7.60 -71.25
CA LEU R 623 -43.03 -6.49 -72.23
C LEU R 623 -44.23 -5.60 -71.91
N THR R 624 -45.36 -6.17 -71.49
CA THR R 624 -46.56 -5.40 -71.13
C THR R 624 -46.37 -4.55 -69.87
N ILE R 625 -45.72 -5.10 -68.84
CA ILE R 625 -45.46 -4.38 -67.59
C ILE R 625 -44.49 -3.21 -67.81
N LEU R 626 -43.47 -3.37 -68.64
CA LEU R 626 -42.55 -2.28 -68.96
C LEU R 626 -43.22 -1.14 -69.74
N GLN R 627 -44.15 -1.45 -70.65
CA GLN R 627 -44.95 -0.42 -71.33
C GLN R 627 -45.82 0.34 -70.33
N ASP R 628 -46.58 -0.34 -69.48
CA ASP R 628 -47.49 0.27 -68.51
C ASP R 628 -46.77 1.14 -67.47
N ILE R 629 -45.59 0.74 -66.99
CA ILE R 629 -44.74 1.57 -66.12
C ILE R 629 -44.26 2.84 -66.84
N SER R 630 -43.95 2.78 -68.13
CA SER R 630 -43.38 3.91 -68.87
C SER R 630 -44.38 5.03 -69.21
N LEU R 631 -45.69 4.79 -69.20
CA LEU R 631 -46.68 5.75 -69.72
C LEU R 631 -46.60 7.15 -69.09
N PRO R 632 -46.61 7.34 -67.75
CA PRO R 632 -46.56 8.69 -67.18
C PRO R 632 -45.19 9.36 -67.32
N ILE R 633 -44.10 8.59 -67.40
CA ILE R 633 -42.75 9.10 -67.64
C ILE R 633 -42.66 9.77 -69.03
N CYS R 634 -43.23 9.13 -70.05
CA CYS R 634 -43.34 9.66 -71.40
C CYS R 634 -44.25 10.88 -71.48
N MET R 635 -45.42 10.83 -70.82
CA MET R 635 -46.37 11.95 -70.75
C MET R 635 -45.75 13.22 -70.16
N CYS R 636 -45.05 13.11 -69.02
CA CYS R 636 -44.45 14.29 -68.39
C CYS R 636 -43.31 14.88 -69.25
N TYR R 637 -42.48 14.05 -69.87
CA TYR R 637 -41.45 14.54 -70.77
C TYR R 637 -42.06 15.23 -72.01
N GLU R 638 -43.13 14.67 -72.59
CA GLU R 638 -43.79 15.28 -73.75
C GLU R 638 -44.56 16.57 -73.40
N ASN R 639 -45.17 16.67 -72.22
CA ASN R 639 -45.76 17.92 -71.73
C ASN R 639 -44.72 19.07 -71.67
N ASP R 640 -43.46 18.77 -71.35
CA ASP R 640 -42.36 19.74 -71.34
C ASP R 640 -41.71 19.96 -72.72
N ASN R 641 -41.86 19.02 -73.65
CA ASN R 641 -41.21 19.00 -74.96
C ASN R 641 -42.21 18.61 -76.06
N PRO R 642 -43.22 19.47 -76.36
CA PRO R 642 -44.40 19.08 -77.12
C PRO R 642 -44.11 18.59 -78.55
N GLY R 643 -45.02 17.77 -79.09
CA GLY R 643 -44.92 17.21 -80.43
C GLY R 643 -45.00 18.23 -81.56
N LEU R 644 -45.79 19.29 -81.41
CA LEU R 644 -45.91 20.40 -82.38
C LEU R 644 -46.12 19.94 -83.84
N GLY R 645 -46.94 18.91 -84.03
CA GLY R 645 -47.24 18.32 -85.34
C GLY R 645 -46.16 17.41 -85.93
N GLN R 646 -45.03 17.19 -85.25
CA GLN R 646 -44.05 16.18 -85.67
C GLN R 646 -44.63 14.76 -85.59
N SER R 647 -44.21 13.89 -86.51
CA SER R 647 -44.45 12.44 -86.38
C SER R 647 -43.56 11.85 -85.29
N PRO R 648 -43.95 10.73 -84.63
CA PRO R 648 -43.15 10.15 -83.57
C PRO R 648 -41.69 9.81 -83.95
N PRO R 649 -41.37 9.23 -85.12
CA PRO R 649 -39.99 8.98 -85.52
C PRO R 649 -39.10 10.24 -85.61
N GLU R 650 -39.67 11.38 -86.04
CA GLU R 650 -38.97 12.68 -86.03
C GLU R 650 -38.74 13.19 -84.60
N TRP R 651 -39.76 13.15 -83.75
CA TRP R 651 -39.66 13.61 -82.35
C TRP R 651 -38.68 12.77 -81.52
N LEU R 652 -38.69 11.44 -81.69
CA LEU R 652 -37.78 10.52 -81.00
C LEU R 652 -36.31 10.71 -81.39
N LYS R 653 -36.03 11.14 -82.62
CA LYS R 653 -34.66 11.34 -83.12
C LYS R 653 -33.86 12.32 -82.25
N GLY R 654 -34.49 13.42 -81.82
CA GLY R 654 -33.91 14.35 -80.85
C GLY R 654 -34.02 13.89 -79.40
N HIS R 655 -35.17 13.36 -78.97
CA HIS R 655 -35.49 13.20 -77.54
C HIS R 655 -35.17 11.83 -76.90
N TYR R 656 -34.98 10.75 -77.65
CA TYR R 656 -35.01 9.40 -77.07
C TYR R 656 -33.85 9.09 -76.11
N GLN R 657 -32.62 9.53 -76.39
CA GLN R 657 -31.46 9.31 -75.50
C GLN R 657 -31.72 9.84 -74.07
N THR R 658 -32.32 11.02 -73.95
CA THR R 658 -32.69 11.60 -72.65
C THR R 658 -33.82 10.80 -72.00
N LEU R 659 -34.83 10.39 -72.75
CA LEU R 659 -35.94 9.59 -72.25
C LEU R 659 -35.51 8.22 -71.69
N CYS R 660 -34.51 7.53 -72.28
CA CYS R 660 -33.92 6.31 -71.70
C CYS R 660 -33.42 6.50 -70.27
N THR R 661 -32.77 7.63 -70.00
CA THR R 661 -32.12 7.94 -68.71
C THR R 661 -33.15 8.33 -67.66
N ASN R 662 -34.20 9.08 -68.04
CA ASN R 662 -35.38 9.26 -67.20
C ASN R 662 -36.03 7.93 -66.82
N PHE R 663 -36.24 7.01 -67.78
CA PHE R 663 -36.84 5.71 -67.48
C PHE R 663 -36.01 4.92 -66.46
N ARG R 664 -34.69 4.77 -66.67
CA ARG R 664 -33.80 4.06 -65.73
C ARG R 664 -33.87 4.63 -64.30
N SER R 665 -34.05 5.94 -64.15
CA SER R 665 -34.13 6.62 -62.85
C SER R 665 -35.51 6.53 -62.17
N LEU R 666 -36.59 6.46 -62.96
CA LEU R 666 -37.98 6.58 -62.48
C LEU R 666 -38.80 5.28 -62.54
N ALA R 667 -38.38 4.25 -63.27
CA ALA R 667 -39.08 2.97 -63.35
C ALA R 667 -38.69 1.98 -62.24
N ILE R 668 -37.45 2.05 -61.74
CA ILE R 668 -36.85 1.03 -60.87
C ILE R 668 -36.74 1.53 -59.43
N ASP R 669 -37.05 0.67 -58.46
CA ASP R 669 -37.14 0.97 -57.02
C ASP R 669 -38.24 1.97 -56.63
N LYS R 670 -39.21 2.26 -57.51
CA LYS R 670 -40.33 3.18 -57.27
C LYS R 670 -41.68 2.51 -56.94
N GLY R 671 -41.69 1.20 -56.69
CA GLY R 671 -42.78 0.47 -56.05
C GLY R 671 -43.33 -0.76 -56.79
N VAL R 672 -42.89 -1.06 -58.01
CA VAL R 672 -43.31 -2.25 -58.77
C VAL R 672 -42.12 -3.13 -59.12
N LEU R 673 -41.16 -2.61 -59.87
CA LEU R 673 -40.04 -3.36 -60.44
C LEU R 673 -38.77 -3.10 -59.63
N THR R 674 -38.07 -4.15 -59.24
CA THR R 674 -36.73 -4.06 -58.66
C THR R 674 -35.70 -4.73 -59.56
N ALA R 675 -34.56 -4.06 -59.74
CA ALA R 675 -33.43 -4.54 -60.54
C ALA R 675 -32.12 -3.97 -59.97
N LYS R 676 -31.03 -4.71 -60.08
CA LYS R 676 -29.70 -4.31 -59.59
C LYS R 676 -28.75 -4.10 -60.76
N GLU R 677 -28.15 -2.92 -60.89
CA GLU R 677 -27.04 -2.72 -61.83
C GLU R 677 -25.71 -3.25 -61.26
N ALA R 678 -24.86 -3.77 -62.14
CA ALA R 678 -23.57 -4.34 -61.77
C ALA R 678 -22.56 -4.16 -62.90
N LYS R 679 -21.27 -4.14 -62.55
CA LYS R 679 -20.16 -4.21 -63.51
C LYS R 679 -19.61 -5.64 -63.60
N VAL R 680 -19.37 -6.11 -64.82
CA VAL R 680 -18.81 -7.43 -65.09
C VAL R 680 -17.33 -7.29 -65.40
N VAL R 681 -16.49 -8.07 -64.72
CA VAL R 681 -15.02 -8.05 -64.91
C VAL R 681 -14.48 -9.46 -65.08
N HIS R 682 -13.45 -9.62 -65.92
CA HIS R 682 -12.71 -10.88 -66.06
C HIS R 682 -11.34 -10.78 -65.40
N GLY R 683 -10.97 -11.81 -64.62
CA GLY R 683 -9.79 -11.77 -63.74
C GLY R 683 -8.45 -11.94 -64.46
N GLU R 684 -8.33 -12.95 -65.34
CA GLU R 684 -7.09 -13.22 -66.08
C GLU R 684 -6.95 -12.34 -67.35
N PRO R 685 -5.72 -11.97 -67.76
CA PRO R 685 -5.48 -11.21 -68.99
C PRO R 685 -5.55 -12.09 -70.27
N THR R 686 -5.46 -13.41 -70.11
CA THR R 686 -5.55 -14.43 -71.16
C THR R 686 -6.39 -15.60 -70.65
N CYS R 687 -6.90 -16.49 -71.51
CA CYS R 687 -7.55 -17.72 -71.04
C CYS R 687 -7.30 -18.92 -71.96
N ASP R 688 -7.37 -20.14 -71.40
CA ASP R 688 -7.14 -21.38 -72.15
C ASP R 688 -8.30 -21.66 -73.11
N LEU R 689 -8.05 -21.57 -74.41
CA LEU R 689 -9.05 -21.72 -75.47
C LEU R 689 -8.47 -22.50 -76.65
N PRO R 690 -9.28 -23.18 -77.47
CA PRO R 690 -8.79 -23.89 -78.65
C PRO R 690 -8.34 -22.91 -79.75
N ASP R 691 -7.35 -23.30 -80.52
CA ASP R 691 -6.89 -22.54 -81.68
C ASP R 691 -7.93 -22.65 -82.82
N LEU R 692 -8.81 -21.65 -82.95
CA LEU R 692 -9.98 -21.73 -83.82
C LEU R 692 -9.60 -21.79 -85.32
N ASP R 693 -8.46 -21.22 -85.71
CA ASP R 693 -7.92 -21.33 -87.06
C ASP R 693 -7.48 -22.76 -87.36
N ALA R 694 -6.79 -23.43 -86.44
CA ALA R 694 -6.48 -24.86 -86.59
C ALA R 694 -7.73 -25.76 -86.55
N ALA R 695 -8.69 -25.44 -85.68
CA ALA R 695 -9.91 -26.21 -85.49
C ALA R 695 -10.82 -26.18 -86.74
N LEU R 696 -10.88 -25.03 -87.44
CA LEU R 696 -11.55 -24.91 -88.75
C LEU R 696 -10.93 -25.84 -89.81
N GLN R 697 -9.63 -26.13 -89.72
CA GLN R 697 -8.91 -27.08 -90.58
C GLN R 697 -8.80 -28.50 -89.99
N GLY R 698 -9.47 -28.79 -88.88
CA GLY R 698 -9.56 -30.14 -88.29
C GLY R 698 -8.49 -30.50 -87.25
N ARG R 699 -7.56 -29.60 -86.91
CA ARG R 699 -6.48 -29.81 -85.94
C ARG R 699 -6.83 -29.19 -84.59
N VAL R 700 -6.70 -29.95 -83.50
CA VAL R 700 -7.14 -29.53 -82.16
C VAL R 700 -5.97 -29.36 -81.21
N TYR R 701 -5.72 -28.13 -80.74
CA TYR R 701 -4.77 -27.83 -79.66
C TYR R 701 -5.05 -26.45 -79.02
N GLY R 702 -4.53 -26.25 -77.80
CA GLY R 702 -4.82 -25.08 -76.95
C GLY R 702 -3.90 -23.87 -77.19
N ARG R 703 -4.40 -22.68 -76.83
CA ARG R 703 -3.71 -21.38 -76.88
C ARG R 703 -4.19 -20.50 -75.73
N ARG R 704 -3.35 -19.61 -75.20
CA ARG R 704 -3.73 -18.60 -74.20
C ARG R 704 -3.96 -17.25 -74.84
N LEU R 705 -5.13 -17.10 -75.45
CA LEU R 705 -5.55 -15.90 -76.18
C LEU R 705 -5.77 -14.71 -75.20
N PRO R 706 -5.20 -13.52 -75.46
CA PRO R 706 -5.57 -12.28 -74.77
C PRO R 706 -7.06 -11.95 -74.90
N VAL R 707 -7.71 -11.56 -73.81
CA VAL R 707 -9.18 -11.32 -73.77
C VAL R 707 -9.55 -10.06 -73.00
N ARG R 708 -10.63 -9.40 -73.44
CA ARG R 708 -11.29 -8.29 -72.72
C ARG R 708 -12.80 -8.24 -72.97
N MET R 709 -13.57 -7.64 -72.06
CA MET R 709 -15.02 -7.54 -72.18
C MET R 709 -15.44 -6.54 -73.26
N SER R 710 -16.41 -6.89 -74.13
CA SER R 710 -17.02 -5.96 -75.09
C SER R 710 -18.17 -5.12 -74.49
N LYS R 711 -18.75 -5.54 -73.35
CA LYS R 711 -19.71 -4.78 -72.53
C LYS R 711 -19.41 -4.99 -71.05
N VAL R 712 -19.51 -3.93 -70.24
CA VAL R 712 -19.20 -3.95 -68.81
C VAL R 712 -20.45 -3.88 -67.94
N LEU R 713 -21.46 -3.08 -68.32
CA LEU R 713 -22.69 -2.92 -67.53
C LEU R 713 -23.68 -4.08 -67.75
N MET R 714 -24.29 -4.55 -66.66
CA MET R 714 -25.36 -5.56 -66.63
C MET R 714 -26.51 -5.11 -65.73
N LEU R 715 -27.75 -5.32 -66.15
CA LEU R 715 -28.96 -4.98 -65.39
C LEU R 715 -29.69 -6.25 -64.97
N CYS R 716 -29.42 -6.74 -63.77
CA CYS R 716 -29.97 -7.97 -63.23
C CYS R 716 -31.40 -7.73 -62.70
N PRO R 717 -32.46 -8.31 -63.29
CA PRO R 717 -33.82 -8.14 -62.79
C PRO R 717 -34.05 -8.99 -61.54
N ARG R 718 -34.95 -8.57 -60.64
CA ARG R 718 -35.22 -9.29 -59.38
C ARG R 718 -36.68 -9.73 -59.25
N ASN R 719 -37.60 -8.83 -58.91
CA ASN R 719 -39.03 -9.16 -58.80
C ASN R 719 -39.93 -8.03 -59.30
N ILE R 720 -41.15 -8.40 -59.68
CA ILE R 720 -42.31 -7.51 -59.81
C ILE R 720 -43.22 -7.75 -58.60
N LYS R 721 -43.66 -6.69 -57.92
CA LYS R 721 -44.36 -6.76 -56.63
C LYS R 721 -45.84 -6.43 -56.79
N ILE R 722 -46.72 -7.32 -56.36
CA ILE R 722 -48.18 -7.19 -56.42
C ILE R 722 -48.74 -6.93 -55.01
N LYS R 723 -49.61 -5.93 -54.84
CA LYS R 723 -50.13 -5.47 -53.54
C LYS R 723 -51.66 -5.48 -53.50
N ASN R 724 -52.25 -5.83 -52.36
CA ASN R 724 -53.69 -5.69 -52.11
C ASN R 724 -53.98 -5.14 -50.70
N ARG R 725 -54.79 -4.09 -50.57
CA ARG R 725 -55.07 -3.43 -49.29
C ARG R 725 -55.98 -4.28 -48.39
N VAL R 726 -55.64 -4.41 -47.11
CA VAL R 726 -56.35 -5.27 -46.16
C VAL R 726 -57.56 -4.58 -45.52
N VAL R 727 -57.42 -3.36 -45.00
CA VAL R 727 -58.42 -2.71 -44.15
C VAL R 727 -59.11 -1.56 -44.88
N PHE R 728 -60.43 -1.65 -44.96
CA PHE R 728 -61.31 -0.54 -45.30
C PHE R 728 -61.57 0.30 -44.04
N THR R 729 -61.29 1.60 -44.10
CA THR R 729 -61.33 2.54 -42.95
C THR R 729 -62.63 3.34 -42.81
N GLY R 730 -63.63 3.09 -43.66
CA GLY R 730 -64.90 3.82 -43.62
C GLY R 730 -64.86 5.24 -44.22
N GLU R 731 -63.69 5.73 -44.66
CA GLU R 731 -63.51 7.11 -45.13
C GLU R 731 -64.22 7.43 -46.45
N ASN R 732 -64.24 6.48 -47.40
CA ASN R 732 -64.93 6.65 -48.68
C ASN R 732 -66.41 6.24 -48.56
N ALA R 733 -67.29 7.23 -48.35
CA ALA R 733 -68.69 7.04 -47.97
C ALA R 733 -69.54 6.30 -49.01
N ALA R 734 -69.14 6.27 -50.28
CA ALA R 734 -69.83 5.52 -51.33
C ALA R 734 -69.71 4.00 -51.20
N LEU R 735 -68.66 3.51 -50.51
CA LEU R 735 -68.27 2.09 -50.51
C LEU R 735 -68.78 1.27 -49.31
N GLN R 736 -69.19 1.93 -48.22
CA GLN R 736 -69.42 1.29 -46.91
C GLN R 736 -70.34 0.06 -46.97
N ASN R 737 -71.37 0.07 -47.82
CA ASN R 737 -72.37 -1.00 -47.89
C ASN R 737 -71.81 -2.35 -48.33
N SER R 738 -70.65 -2.38 -49.00
CA SER R 738 -69.95 -3.62 -49.34
C SER R 738 -69.15 -4.22 -48.16
N PHE R 739 -68.72 -3.40 -47.19
CA PHE R 739 -67.84 -3.82 -46.08
C PHE R 739 -68.52 -3.92 -44.71
N ILE R 740 -69.69 -3.30 -44.49
CA ILE R 740 -70.27 -3.12 -43.15
C ILE R 740 -70.62 -4.44 -42.42
N LYS R 741 -70.25 -4.55 -41.16
CA LYS R 741 -70.51 -5.68 -40.26
C LYS R 741 -71.87 -5.52 -39.56
N SER R 742 -72.80 -6.44 -39.83
CA SER R 742 -74.08 -6.56 -39.10
C SER R 742 -73.90 -7.24 -37.72
N THR R 743 -74.82 -7.00 -36.79
CA THR R 743 -74.76 -7.54 -35.41
C THR R 743 -76.02 -8.31 -34.98
N THR R 744 -77.12 -8.28 -35.76
CA THR R 744 -78.39 -8.91 -35.36
C THR R 744 -78.33 -10.45 -35.43
N ARG R 745 -79.08 -11.10 -34.52
CA ARG R 745 -79.09 -12.55 -34.28
C ARG R 745 -79.80 -13.33 -35.39
N ARG R 746 -79.05 -13.91 -36.33
CA ARG R 746 -79.55 -14.72 -37.45
C ARG R 746 -79.93 -16.14 -37.02
N GLU R 747 -80.79 -16.80 -37.80
CA GLU R 747 -81.10 -18.22 -37.63
C GLU R 747 -80.02 -19.17 -38.18
N ASN R 748 -79.20 -18.73 -39.15
CA ASN R 748 -78.12 -19.54 -39.74
C ASN R 748 -76.83 -19.61 -38.90
N TYR R 749 -76.82 -19.08 -37.68
CA TYR R 749 -75.61 -18.81 -36.91
C TYR R 749 -74.78 -20.06 -36.57
N ILE R 750 -75.39 -21.25 -36.43
CA ILE R 750 -74.65 -22.50 -36.25
C ILE R 750 -74.14 -23.00 -37.61
N ILE R 751 -75.01 -23.17 -38.60
CA ILE R 751 -74.67 -23.80 -39.90
C ILE R 751 -73.73 -22.93 -40.78
N ASN R 752 -73.76 -21.61 -40.63
CA ASN R 752 -72.78 -20.65 -41.18
C ASN R 752 -71.73 -20.20 -40.13
N GLY R 753 -71.67 -20.88 -39.00
CA GLY R 753 -70.74 -20.60 -37.92
C GLY R 753 -69.43 -21.39 -37.98
N PRO R 754 -68.57 -21.26 -36.96
CA PRO R 754 -67.21 -21.79 -36.99
C PRO R 754 -67.10 -23.32 -36.82
N TYR R 755 -68.15 -24.02 -36.42
CA TYR R 755 -68.09 -25.45 -36.09
C TYR R 755 -68.68 -26.40 -37.15
N MET R 756 -69.48 -25.92 -38.11
CA MET R 756 -70.28 -26.81 -38.97
C MET R 756 -69.46 -27.81 -39.78
N LYS R 757 -68.31 -27.43 -40.33
CA LYS R 757 -67.44 -28.37 -41.06
C LYS R 757 -66.89 -29.49 -40.17
N PHE R 758 -66.52 -29.21 -38.94
CA PHE R 758 -66.12 -30.23 -37.97
C PHE R 758 -67.29 -31.10 -37.49
N LEU R 759 -68.45 -30.50 -37.22
CA LEU R 759 -69.67 -31.23 -36.88
C LEU R 759 -70.11 -32.19 -37.99
N ASN R 760 -69.78 -31.91 -39.25
CA ASN R 760 -69.97 -32.82 -40.36
C ASN R 760 -68.87 -33.90 -40.43
N THR R 761 -67.58 -33.51 -40.41
CA THR R 761 -66.45 -34.46 -40.44
C THR R 761 -66.53 -35.54 -39.34
N TYR R 762 -67.01 -35.21 -38.15
CA TYR R 762 -67.14 -36.11 -37.00
C TYR R 762 -68.57 -36.62 -36.74
N HIS R 763 -69.51 -36.43 -37.67
CA HIS R 763 -70.93 -36.77 -37.48
C HIS R 763 -71.16 -38.23 -37.06
N LYS R 764 -70.52 -39.20 -37.74
CA LYS R 764 -70.66 -40.63 -37.41
C LYS R 764 -70.07 -41.04 -36.06
N THR R 765 -69.13 -40.26 -35.50
CA THR R 765 -68.63 -40.48 -34.12
C THR R 765 -69.48 -39.74 -33.07
N LEU R 766 -70.04 -38.56 -33.37
CA LEU R 766 -70.97 -37.86 -32.46
C LEU R 766 -72.34 -38.52 -32.37
N PHE R 767 -72.92 -38.98 -33.49
CA PHE R 767 -74.27 -39.56 -33.51
C PHE R 767 -74.28 -40.91 -34.25
N PRO R 768 -73.77 -41.99 -33.63
CA PRO R 768 -73.64 -43.31 -34.25
C PRO R 768 -74.94 -43.82 -34.86
N ASP R 769 -74.88 -44.20 -36.14
CA ASP R 769 -75.98 -44.74 -36.96
C ASP R 769 -77.26 -43.87 -37.07
N THR R 770 -77.21 -42.55 -36.89
CA THR R 770 -78.39 -41.69 -37.10
C THR R 770 -78.73 -41.54 -38.60
N LYS R 771 -80.02 -41.50 -38.95
CA LYS R 771 -80.49 -41.30 -40.34
C LYS R 771 -80.40 -39.83 -40.80
N LEU R 772 -80.39 -38.90 -39.85
CA LEU R 772 -80.41 -37.44 -40.08
C LEU R 772 -79.14 -36.95 -40.78
N SER R 773 -79.27 -36.00 -41.71
CA SER R 773 -78.13 -35.22 -42.17
C SER R 773 -77.62 -34.30 -41.07
N SER R 774 -76.31 -34.05 -41.04
CA SER R 774 -75.69 -33.13 -40.08
C SER R 774 -76.27 -31.71 -40.19
N LEU R 775 -76.54 -31.24 -41.40
CA LEU R 775 -77.18 -29.94 -41.68
C LEU R 775 -78.57 -29.86 -41.06
N TYR R 776 -79.42 -30.87 -41.24
CA TYR R 776 -80.75 -30.85 -40.64
C TYR R 776 -80.71 -30.99 -39.11
N LEU R 777 -79.83 -31.81 -38.54
CA LEU R 777 -79.71 -31.98 -37.09
C LEU R 777 -79.44 -30.64 -36.39
N TRP R 778 -78.44 -29.90 -36.86
CA TRP R 778 -78.05 -28.61 -36.29
C TRP R 778 -78.98 -27.44 -36.68
N HIS R 779 -79.70 -27.51 -37.79
CA HIS R 779 -80.74 -26.53 -38.13
C HIS R 779 -82.02 -26.73 -37.30
N ASN R 780 -82.40 -27.99 -37.04
CA ASN R 780 -83.46 -28.36 -36.11
C ASN R 780 -83.11 -27.87 -34.70
N PHE R 781 -81.88 -28.06 -34.24
CA PHE R 781 -81.43 -27.51 -32.97
C PHE R 781 -81.51 -25.97 -32.94
N SER R 782 -81.04 -25.32 -34.00
CA SER R 782 -81.13 -23.87 -34.23
C SER R 782 -82.55 -23.27 -34.23
N ARG R 783 -83.61 -24.09 -34.25
CA ARG R 783 -85.00 -23.61 -34.30
C ARG R 783 -85.93 -24.23 -33.26
N ARG R 784 -85.64 -25.43 -32.76
CA ARG R 784 -86.49 -26.18 -31.81
C ARG R 784 -85.82 -26.50 -30.48
N ARG R 785 -84.52 -26.22 -30.32
CA ARG R 785 -83.75 -26.44 -29.09
C ARG R 785 -83.77 -27.89 -28.60
N SER R 786 -83.53 -28.87 -29.48
CA SER R 786 -83.47 -30.30 -29.09
C SER R 786 -82.41 -31.10 -29.86
N VAL R 787 -81.89 -32.17 -29.22
CA VAL R 787 -80.75 -32.96 -29.69
C VAL R 787 -80.97 -34.45 -29.43
N PRO R 788 -80.65 -35.36 -30.36
CA PRO R 788 -80.89 -36.79 -30.18
C PRO R 788 -79.78 -37.46 -29.36
N VAL R 789 -80.13 -38.36 -28.42
CA VAL R 789 -79.15 -39.07 -27.57
C VAL R 789 -79.07 -40.55 -27.96
N PRO R 790 -77.92 -41.06 -28.44
CA PRO R 790 -77.74 -42.46 -28.82
C PRO R 790 -78.11 -43.47 -27.72
N SER R 791 -78.49 -44.68 -28.10
CA SER R 791 -79.27 -45.62 -27.26
C SER R 791 -78.67 -45.94 -25.88
N GLY R 792 -77.35 -46.06 -25.79
CA GLY R 792 -76.62 -46.26 -24.52
C GLY R 792 -75.92 -45.02 -23.96
N ALA R 793 -75.81 -43.93 -24.74
CA ALA R 793 -75.10 -42.71 -24.33
C ALA R 793 -75.86 -41.90 -23.27
N SER R 794 -75.17 -41.03 -22.54
CA SER R 794 -75.75 -40.26 -21.43
C SER R 794 -76.39 -38.94 -21.89
N ALA R 795 -77.52 -38.56 -21.31
CA ALA R 795 -78.26 -37.36 -21.75
C ALA R 795 -77.47 -36.05 -21.53
N GLU R 796 -76.86 -35.87 -20.35
CA GLU R 796 -76.31 -34.56 -19.99
C GLU R 796 -75.04 -34.19 -20.77
N GLU R 797 -74.26 -35.20 -21.13
CA GLU R 797 -73.13 -35.13 -22.06
C GLU R 797 -73.51 -34.49 -23.42
N TYR R 798 -74.68 -34.83 -23.98
CA TYR R 798 -75.19 -34.18 -25.19
C TYR R 798 -75.81 -32.82 -24.94
N SER R 799 -76.43 -32.59 -23.78
CA SER R 799 -76.87 -31.23 -23.42
C SER R 799 -75.69 -30.26 -23.33
N ASP R 800 -74.52 -30.71 -22.86
CA ASP R 800 -73.31 -29.88 -22.85
C ASP R 800 -72.74 -29.61 -24.25
N LEU R 801 -72.61 -30.63 -25.10
CA LEU R 801 -72.20 -30.47 -26.51
C LEU R 801 -73.04 -29.40 -27.23
N ALA R 802 -74.36 -29.45 -27.06
CA ALA R 802 -75.27 -28.47 -27.64
C ALA R 802 -75.00 -27.04 -27.14
N LEU R 803 -74.79 -26.87 -25.84
CA LEU R 803 -74.49 -25.55 -25.26
C LEU R 803 -73.09 -25.04 -25.67
N PHE R 804 -72.09 -25.90 -25.89
CA PHE R 804 -70.82 -25.46 -26.45
C PHE R 804 -70.97 -24.87 -27.86
N VAL R 805 -71.69 -25.57 -28.74
CA VAL R 805 -71.95 -25.17 -30.13
C VAL R 805 -72.73 -23.87 -30.19
N ASP R 806 -73.80 -23.76 -29.41
CA ASP R 806 -74.61 -22.54 -29.31
C ASP R 806 -73.77 -21.33 -28.82
N GLY R 807 -73.06 -21.51 -27.71
CA GLY R 807 -72.26 -20.46 -27.09
C GLY R 807 -71.21 -19.90 -28.03
N GLY R 808 -70.35 -20.75 -28.58
CA GLY R 808 -69.31 -20.31 -29.49
C GLY R 808 -69.85 -19.72 -30.78
N SER R 809 -70.95 -20.26 -31.32
CA SER R 809 -71.56 -19.71 -32.53
C SER R 809 -72.11 -18.28 -32.33
N ARG R 810 -72.80 -17.97 -31.22
CA ARG R 810 -73.21 -16.60 -30.90
C ARG R 810 -72.03 -15.67 -30.59
N ALA R 811 -70.99 -16.13 -29.90
CA ALA R 811 -69.78 -15.35 -29.69
C ALA R 811 -69.07 -15.00 -31.01
N HIS R 812 -69.00 -15.95 -31.95
CA HIS R 812 -68.46 -15.73 -33.29
C HIS R 812 -69.32 -14.74 -34.11
N GLU R 813 -70.65 -14.86 -34.05
CA GLU R 813 -71.59 -13.96 -34.73
C GLU R 813 -71.40 -12.49 -34.31
N GLU R 814 -71.21 -12.24 -33.01
CA GLU R 814 -70.85 -10.94 -32.45
C GLU R 814 -69.45 -10.47 -32.89
N SER R 815 -68.40 -11.26 -32.67
CA SER R 815 -67.01 -10.78 -32.79
C SER R 815 -66.37 -10.83 -34.19
N ASN R 816 -66.84 -11.66 -35.12
CA ASN R 816 -66.07 -11.98 -36.34
C ASN R 816 -66.07 -10.89 -37.42
N VAL R 817 -64.89 -10.56 -37.96
CA VAL R 817 -64.71 -9.68 -39.12
C VAL R 817 -63.92 -10.33 -40.29
N ILE R 818 -63.72 -11.65 -40.22
CA ILE R 818 -63.02 -12.45 -41.24
C ILE R 818 -64.03 -13.43 -41.86
N ASP R 819 -64.46 -13.18 -43.10
CA ASP R 819 -65.63 -13.86 -43.72
C ASP R 819 -65.31 -15.27 -44.26
N VAL R 820 -64.96 -16.20 -43.38
CA VAL R 820 -64.50 -17.56 -43.66
C VAL R 820 -65.18 -18.57 -42.72
N VAL R 821 -65.56 -19.73 -43.24
CA VAL R 821 -65.96 -20.91 -42.46
C VAL R 821 -64.78 -21.88 -42.47
N PRO R 822 -64.01 -22.05 -41.39
CA PRO R 822 -62.72 -22.73 -41.42
C PRO R 822 -62.85 -24.25 -41.59
N GLY R 823 -62.01 -24.86 -42.44
CA GLY R 823 -62.03 -26.31 -42.70
C GLY R 823 -61.15 -27.18 -41.80
N ASN R 824 -60.16 -26.61 -41.12
CA ASN R 824 -59.19 -27.33 -40.29
C ASN R 824 -58.81 -26.52 -39.04
N LEU R 825 -58.29 -27.18 -38.01
CA LEU R 825 -57.99 -26.53 -36.72
C LEU R 825 -56.94 -25.43 -36.80
N VAL R 826 -55.98 -25.49 -37.73
CA VAL R 826 -55.00 -24.41 -37.94
C VAL R 826 -55.66 -23.15 -38.48
N THR R 827 -56.57 -23.27 -39.44
CA THR R 827 -57.33 -22.12 -39.96
C THR R 827 -58.30 -21.58 -38.91
N TYR R 828 -59.00 -22.46 -38.19
CA TYR R 828 -59.83 -22.06 -37.04
C TYR R 828 -59.05 -21.25 -35.99
N ALA R 829 -57.86 -21.73 -35.59
CA ALA R 829 -56.97 -21.05 -34.66
C ALA R 829 -56.49 -19.69 -35.17
N LYS R 830 -55.99 -19.62 -36.41
CA LYS R 830 -55.54 -18.38 -37.05
C LYS R 830 -56.66 -17.34 -37.23
N GLN R 831 -57.89 -17.75 -37.49
CA GLN R 831 -59.03 -16.84 -37.51
C GLN R 831 -59.28 -16.24 -36.11
N ARG R 832 -59.31 -17.08 -35.06
CA ARG R 832 -59.50 -16.62 -33.66
C ARG R 832 -58.43 -15.61 -33.23
N LEU R 833 -57.17 -15.86 -33.60
CA LEU R 833 -56.03 -14.98 -33.33
C LEU R 833 -56.18 -13.60 -34.01
N ASN R 834 -56.46 -13.56 -35.30
CA ASN R 834 -56.53 -12.30 -36.05
C ASN R 834 -57.78 -11.46 -35.71
N ASN R 835 -58.92 -12.09 -35.39
CA ASN R 835 -60.06 -11.38 -34.80
C ASN R 835 -59.72 -10.73 -33.45
N ALA R 836 -58.79 -11.27 -32.66
CA ALA R 836 -58.36 -10.64 -31.41
C ALA R 836 -57.49 -9.39 -31.64
N ILE R 837 -56.56 -9.43 -32.59
CA ILE R 837 -55.68 -8.30 -32.91
C ILE R 837 -56.49 -7.12 -33.47
N LEU R 838 -57.43 -7.39 -34.38
CA LEU R 838 -58.29 -6.35 -34.97
C LEU R 838 -59.16 -5.66 -33.90
N LYS R 839 -59.64 -6.39 -32.89
CA LYS R 839 -60.40 -5.82 -31.77
C LYS R 839 -59.55 -4.91 -30.88
N ALA R 840 -58.31 -5.28 -30.56
CA ALA R 840 -57.36 -4.41 -29.86
C ALA R 840 -57.04 -3.13 -30.66
N CYS R 841 -57.08 -3.19 -31.99
CA CYS R 841 -56.92 -2.01 -32.85
C CYS R 841 -58.20 -1.18 -33.04
N GLY R 842 -59.33 -1.56 -32.43
CA GLY R 842 -60.62 -0.90 -32.64
C GLY R 842 -61.27 -1.12 -34.02
N GLN R 843 -60.84 -2.13 -34.79
CA GLN R 843 -61.40 -2.48 -36.10
C GLN R 843 -62.55 -3.49 -35.94
N THR R 844 -63.77 -2.98 -35.82
CA THR R 844 -64.97 -3.74 -35.45
C THR R 844 -66.18 -3.50 -36.35
N GLN R 845 -66.16 -2.43 -37.15
CA GLN R 845 -67.30 -1.98 -37.96
C GLN R 845 -67.36 -2.62 -39.36
N PHE R 846 -66.25 -3.17 -39.86
CA PHE R 846 -66.09 -3.62 -41.23
C PHE R 846 -65.41 -4.99 -41.33
N TYR R 847 -65.82 -5.80 -42.30
CA TYR R 847 -65.03 -6.93 -42.79
C TYR R 847 -63.69 -6.46 -43.41
N ILE R 848 -62.63 -7.25 -43.24
CA ILE R 848 -61.36 -7.06 -43.97
C ILE R 848 -61.42 -7.66 -45.39
N SER R 849 -60.56 -7.21 -46.32
CA SER R 849 -60.37 -7.87 -47.62
C SER R 849 -59.80 -9.28 -47.46
N LEU R 850 -60.19 -10.21 -48.33
CA LEU R 850 -59.65 -11.57 -48.43
C LEU R 850 -59.03 -11.83 -49.81
N ILE R 851 -57.95 -12.60 -49.88
CA ILE R 851 -57.50 -13.26 -51.12
C ILE R 851 -57.73 -14.78 -50.97
N GLN R 852 -58.40 -15.41 -51.93
CA GLN R 852 -58.58 -16.87 -51.99
C GLN R 852 -57.79 -17.49 -53.14
N GLY R 853 -57.09 -18.59 -52.86
CA GLY R 853 -56.40 -19.38 -53.87
C GLY R 853 -57.30 -20.42 -54.51
N LEU R 854 -57.33 -20.49 -55.83
CA LEU R 854 -57.97 -21.55 -56.61
C LEU R 854 -56.91 -22.59 -56.99
N VAL R 855 -57.02 -23.82 -56.49
CA VAL R 855 -55.99 -24.87 -56.62
C VAL R 855 -56.49 -26.04 -57.50
N PRO R 856 -55.77 -26.43 -58.56
CA PRO R 856 -56.16 -27.55 -59.45
C PRO R 856 -56.24 -28.92 -58.76
N ARG R 857 -57.34 -29.63 -59.00
CA ARG R 857 -57.57 -31.04 -58.63
C ARG R 857 -57.81 -31.88 -59.88
N THR R 858 -57.06 -32.96 -60.04
CA THR R 858 -57.10 -33.83 -61.24
C THR R 858 -57.94 -35.07 -60.97
N GLN R 859 -58.88 -35.41 -61.85
CA GLN R 859 -59.85 -36.50 -61.67
C GLN R 859 -60.08 -37.33 -62.95
N SER R 860 -60.28 -38.64 -62.82
CA SER R 860 -60.61 -39.55 -63.93
C SER R 860 -62.12 -39.73 -64.05
N VAL R 861 -62.68 -39.56 -65.24
CA VAL R 861 -64.13 -39.56 -65.53
C VAL R 861 -64.44 -40.46 -66.73
N PRO R 862 -65.69 -40.93 -66.92
CA PRO R 862 -66.04 -41.73 -68.10
C PRO R 862 -65.94 -40.91 -69.39
N ALA R 863 -65.35 -41.49 -70.43
CA ALA R 863 -64.94 -40.77 -71.65
C ALA R 863 -66.08 -40.33 -72.59
N ARG R 864 -67.34 -40.62 -72.27
CA ARG R 864 -68.52 -40.38 -73.12
C ARG R 864 -68.57 -39.00 -73.77
N ASP R 865 -68.26 -37.93 -73.03
CA ASP R 865 -68.20 -36.55 -73.53
C ASP R 865 -66.77 -36.00 -73.71
N TYR R 866 -65.76 -36.86 -73.82
CA TYR R 866 -64.35 -36.51 -73.98
C TYR R 866 -63.76 -37.23 -75.21
N PRO R 867 -64.21 -36.88 -76.43
CA PRO R 867 -64.05 -37.72 -77.62
C PRO R 867 -62.59 -37.91 -78.06
N HIS R 868 -61.67 -37.05 -77.66
CA HIS R 868 -60.26 -37.14 -78.05
C HIS R 868 -59.55 -38.43 -77.58
N VAL R 869 -60.08 -39.19 -76.62
CA VAL R 869 -59.47 -40.47 -76.22
C VAL R 869 -59.50 -41.55 -77.32
N LEU R 870 -60.37 -41.40 -78.34
CA LEU R 870 -60.49 -42.33 -79.46
C LEU R 870 -59.35 -42.22 -80.48
N GLY R 871 -58.57 -41.15 -80.47
CA GLY R 871 -57.47 -40.92 -81.42
C GLY R 871 -57.93 -40.56 -82.83
N THR R 872 -57.06 -40.75 -83.82
CA THR R 872 -57.31 -40.47 -85.26
C THR R 872 -58.24 -41.48 -85.96
N ARG R 873 -58.73 -42.47 -85.22
CA ARG R 873 -59.77 -43.46 -85.58
C ARG R 873 -60.91 -42.88 -86.42
N ALA R 874 -61.34 -43.58 -87.46
CA ALA R 874 -62.58 -43.26 -88.17
C ALA R 874 -63.82 -43.71 -87.36
N VAL R 875 -64.84 -42.85 -87.28
CA VAL R 875 -66.09 -43.11 -86.55
C VAL R 875 -67.25 -43.13 -87.53
N GLU R 876 -67.96 -44.25 -87.62
CA GLU R 876 -68.98 -44.50 -88.65
C GLU R 876 -70.43 -44.33 -88.15
N SER R 877 -70.70 -44.55 -86.87
CA SER R 877 -72.03 -44.36 -86.28
C SER R 877 -71.99 -43.96 -84.80
N ALA R 878 -73.07 -43.36 -84.30
CA ALA R 878 -73.19 -42.98 -82.89
C ALA R 878 -73.20 -44.20 -81.95
N ALA R 879 -73.76 -45.33 -82.40
CA ALA R 879 -73.72 -46.59 -81.67
C ALA R 879 -72.28 -47.13 -81.52
N ALA R 880 -71.45 -47.02 -82.57
CA ALA R 880 -70.04 -47.38 -82.48
C ALA R 880 -69.24 -46.41 -81.58
N TYR R 881 -69.53 -45.11 -81.60
CA TYR R 881 -68.94 -44.14 -80.66
C TYR R 881 -69.28 -44.48 -79.20
N ALA R 882 -70.54 -44.78 -78.91
CA ALA R 882 -70.99 -45.19 -77.59
C ALA R 882 -70.32 -46.51 -77.14
N GLU R 883 -70.21 -47.49 -78.03
CA GLU R 883 -69.52 -48.75 -77.74
C GLU R 883 -68.04 -48.53 -77.43
N ALA R 884 -67.32 -47.81 -78.29
CA ALA R 884 -65.88 -47.57 -78.14
C ALA R 884 -65.52 -46.75 -76.90
N THR R 885 -66.38 -45.80 -76.49
CA THR R 885 -66.15 -45.01 -75.26
C THR R 885 -66.63 -45.70 -73.98
N SER R 886 -67.53 -46.70 -74.04
CA SER R 886 -68.14 -47.32 -72.85
C SER R 886 -67.15 -47.88 -71.81
N SER R 887 -65.97 -48.32 -72.26
CA SER R 887 -64.92 -48.91 -71.41
C SER R 887 -63.75 -47.97 -71.10
N LEU R 888 -63.81 -46.69 -71.48
CA LEU R 888 -62.68 -45.75 -71.43
C LEU R 888 -62.89 -44.59 -70.45
N THR R 889 -61.80 -44.07 -69.89
CA THR R 889 -61.79 -42.91 -68.99
C THR R 889 -60.86 -41.79 -69.48
N ALA R 890 -61.26 -40.55 -69.24
CA ALA R 890 -60.53 -39.33 -69.55
C ALA R 890 -60.07 -38.63 -68.26
N THR R 891 -58.86 -38.07 -68.26
CA THR R 891 -58.38 -37.19 -67.20
C THR R 891 -58.93 -35.77 -67.41
N THR R 892 -59.50 -35.16 -66.37
CA THR R 892 -59.99 -33.78 -66.40
C THR R 892 -59.53 -33.01 -65.16
N VAL R 893 -59.58 -31.69 -65.21
CA VAL R 893 -59.15 -30.81 -64.11
C VAL R 893 -60.25 -29.83 -63.75
N VAL R 894 -60.45 -29.63 -62.45
CA VAL R 894 -61.31 -28.59 -61.85
C VAL R 894 -60.52 -27.86 -60.78
N CYS R 895 -60.88 -26.63 -60.42
CA CYS R 895 -60.25 -25.88 -59.34
C CYS R 895 -61.11 -25.86 -58.06
N ALA R 896 -60.47 -26.02 -56.90
CA ALA R 896 -61.11 -25.90 -55.59
C ALA R 896 -60.61 -24.67 -54.81
N ALA R 897 -61.51 -23.96 -54.15
CA ALA R 897 -61.15 -22.80 -53.35
C ALA R 897 -60.54 -23.22 -52.00
N THR R 898 -59.31 -22.78 -51.75
CA THR R 898 -58.69 -22.84 -50.42
C THR R 898 -59.17 -21.66 -49.56
N ASP R 899 -59.33 -21.89 -48.26
CA ASP R 899 -59.64 -20.89 -47.24
C ASP R 899 -58.39 -20.27 -46.59
N CYS R 900 -57.20 -20.60 -47.08
CA CYS R 900 -55.90 -20.36 -46.45
C CYS R 900 -54.73 -20.25 -47.46
N LEU R 901 -54.68 -19.14 -48.21
CA LEU R 901 -53.65 -18.90 -49.24
C LEU R 901 -52.20 -19.04 -48.72
N SER R 902 -51.93 -18.68 -47.46
CA SER R 902 -50.54 -18.64 -46.95
C SER R 902 -49.82 -20.00 -46.94
N GLN R 903 -50.51 -21.11 -46.68
CA GLN R 903 -49.89 -22.44 -46.78
C GLN R 903 -49.57 -22.84 -48.23
N VAL R 904 -50.37 -22.40 -49.21
CA VAL R 904 -50.08 -22.59 -50.64
C VAL R 904 -48.84 -21.79 -51.05
N CYS R 905 -48.70 -20.54 -50.60
CA CYS R 905 -47.51 -19.72 -50.87
C CYS R 905 -46.19 -20.29 -50.30
N LYS R 906 -46.22 -21.09 -49.23
CA LYS R 906 -45.03 -21.82 -48.73
C LYS R 906 -44.53 -22.91 -49.68
N ALA R 907 -45.38 -23.45 -50.55
CA ALA R 907 -45.05 -24.48 -51.55
C ALA R 907 -44.52 -23.93 -52.90
N ARG R 908 -44.04 -22.68 -52.93
CA ARG R 908 -43.43 -21.97 -54.07
C ARG R 908 -44.24 -22.09 -55.38
N PRO R 909 -45.49 -21.58 -55.43
CA PRO R 909 -46.44 -21.92 -56.48
C PRO R 909 -46.17 -21.22 -57.82
N VAL R 910 -46.60 -21.86 -58.90
CA VAL R 910 -46.91 -21.20 -60.18
C VAL R 910 -48.23 -20.46 -60.02
N VAL R 911 -48.30 -19.18 -60.41
CA VAL R 911 -49.46 -18.30 -60.16
C VAL R 911 -50.02 -17.65 -61.43
N THR R 912 -51.32 -17.38 -61.46
CA THR R 912 -52.00 -16.53 -62.46
C THR R 912 -52.94 -15.54 -61.79
N LEU R 913 -52.81 -14.26 -62.11
CA LEU R 913 -53.53 -13.17 -61.42
C LEU R 913 -53.78 -11.94 -62.33
N PRO R 914 -54.81 -11.11 -62.05
CA PRO R 914 -55.06 -9.84 -62.74
C PRO R 914 -54.30 -8.67 -62.08
N VAL R 915 -53.72 -7.75 -62.83
CA VAL R 915 -53.07 -6.54 -62.28
C VAL R 915 -53.42 -5.25 -63.03
N THR R 916 -53.58 -4.16 -62.28
CA THR R 916 -53.52 -2.77 -62.79
C THR R 916 -52.32 -2.07 -62.16
N ILE R 917 -51.49 -1.35 -62.93
CA ILE R 917 -50.43 -0.52 -62.35
C ILE R 917 -50.92 0.93 -62.20
N ASN R 918 -51.16 1.35 -60.97
CA ASN R 918 -51.60 2.69 -60.60
C ASN R 918 -50.41 3.57 -60.22
N LYS R 919 -50.44 4.86 -60.59
CA LYS R 919 -49.33 5.80 -60.37
C LYS R 919 -49.80 7.05 -59.62
N TYR R 920 -48.98 7.55 -58.70
CA TYR R 920 -49.37 8.61 -57.77
C TYR R 920 -48.16 9.44 -57.30
N THR R 921 -48.42 10.65 -56.81
CA THR R 921 -47.40 11.58 -56.29
C THR R 921 -46.89 11.13 -54.90
N GLY R 922 -45.65 11.46 -54.55
CA GLY R 922 -45.15 11.30 -53.17
C GLY R 922 -45.83 12.21 -52.13
N VAL R 923 -45.62 11.92 -50.85
CA VAL R 923 -46.11 12.71 -49.70
C VAL R 923 -45.13 13.80 -49.26
N ASN R 924 -45.50 14.59 -48.25
CA ASN R 924 -44.64 15.58 -47.57
C ASN R 924 -44.03 16.60 -48.55
N GLY R 925 -44.81 17.06 -49.53
CA GLY R 925 -44.40 18.05 -50.52
C GLY R 925 -43.55 17.49 -51.67
N ASN R 926 -43.28 16.18 -51.73
CA ASN R 926 -42.55 15.56 -52.83
C ASN R 926 -43.31 15.64 -54.16
N ASN R 927 -42.60 15.75 -55.29
CA ASN R 927 -43.19 15.85 -56.64
C ASN R 927 -42.85 14.66 -57.57
N GLN R 928 -42.18 13.61 -57.07
CA GLN R 928 -41.89 12.39 -57.83
C GLN R 928 -43.15 11.52 -58.02
N ILE R 929 -43.09 10.60 -59.00
CA ILE R 929 -44.13 9.61 -59.28
C ILE R 929 -43.70 8.26 -58.69
N PHE R 930 -44.60 7.61 -57.96
CA PHE R 930 -44.47 6.25 -57.41
C PHE R 930 -45.55 5.34 -57.99
N GLN R 931 -45.32 4.03 -58.02
CA GLN R 931 -46.27 3.05 -58.60
C GLN R 931 -46.66 1.93 -57.64
N ALA R 932 -47.87 1.40 -57.80
CA ALA R 932 -48.29 0.13 -57.20
C ALA R 932 -48.93 -0.77 -58.26
N GLY R 933 -48.58 -2.06 -58.25
CA GLY R 933 -49.27 -3.09 -59.02
C GLY R 933 -50.37 -3.68 -58.16
N ASN R 934 -51.61 -3.27 -58.37
CA ASN R 934 -52.73 -3.68 -57.54
C ASN R 934 -53.48 -4.87 -58.13
N LEU R 935 -53.75 -5.86 -57.28
CA LEU R 935 -54.52 -7.05 -57.62
C LEU R 935 -55.95 -6.69 -58.03
N GLY R 936 -56.37 -7.13 -59.21
CA GLY R 936 -57.67 -6.84 -59.80
C GLY R 936 -58.57 -8.07 -59.97
N TYR R 937 -59.41 -8.06 -61.00
CA TYR R 937 -60.44 -9.06 -61.28
C TYR R 937 -60.30 -9.70 -62.67
N PHE R 938 -60.75 -10.94 -62.81
CA PHE R 938 -60.85 -11.65 -64.08
C PHE R 938 -62.11 -11.23 -64.85
N MET R 939 -62.02 -11.05 -66.16
CA MET R 939 -63.16 -10.81 -67.05
C MET R 939 -63.47 -12.04 -67.91
N GLY R 940 -64.76 -12.33 -68.11
CA GLY R 940 -65.25 -13.39 -68.97
C GLY R 940 -65.82 -14.57 -68.18
N ARG R 941 -67.07 -14.97 -68.47
CA ARG R 941 -67.80 -15.98 -67.69
C ARG R 941 -67.29 -17.41 -67.87
N GLY R 942 -66.44 -17.69 -68.87
CA GLY R 942 -65.89 -19.03 -69.10
C GLY R 942 -64.64 -19.38 -68.30
N VAL R 943 -64.07 -18.46 -67.51
CA VAL R 943 -62.77 -18.65 -66.84
C VAL R 943 -62.82 -19.77 -65.78
N ASP R 944 -63.66 -19.67 -64.77
CA ASP R 944 -63.87 -20.72 -63.77
C ASP R 944 -65.22 -20.57 -63.05
N ARG R 945 -65.95 -21.67 -62.85
CA ARG R 945 -67.27 -21.66 -62.18
C ARG R 945 -67.27 -21.07 -60.77
N ASN R 946 -66.16 -21.10 -60.02
CA ASN R 946 -66.08 -20.45 -58.71
C ASN R 946 -66.16 -18.92 -58.75
N LEU R 947 -65.87 -18.31 -59.91
CA LEU R 947 -65.97 -16.87 -60.12
C LEU R 947 -67.40 -16.40 -60.50
N LEU R 948 -68.33 -17.30 -60.81
CA LEU R 948 -69.70 -16.96 -61.21
C LEU R 948 -70.55 -16.43 -60.04
N GLN R 949 -71.01 -15.19 -60.13
CA GLN R 949 -71.99 -14.60 -59.21
C GLN R 949 -73.43 -14.96 -59.60
N SER R 963 -66.87 -9.33 -56.24
CA SER R 963 -67.01 -8.57 -55.01
C SER R 963 -65.86 -7.58 -54.79
N MET R 964 -66.14 -6.51 -54.05
CA MET R 964 -65.12 -5.61 -53.49
C MET R 964 -64.14 -6.35 -52.57
N ARG R 965 -64.66 -7.22 -51.69
CA ARG R 965 -63.95 -7.71 -50.49
C ARG R 965 -63.38 -9.13 -50.60
N LYS R 966 -63.61 -9.84 -51.71
CA LYS R 966 -62.91 -11.10 -52.04
C LYS R 966 -62.29 -11.03 -53.43
N LYS R 967 -60.99 -11.35 -53.54
CA LYS R 967 -60.24 -11.48 -54.80
C LYS R 967 -59.61 -12.86 -54.92
N PHE R 968 -59.35 -13.32 -56.14
CA PHE R 968 -58.86 -14.66 -56.45
C PHE R 968 -57.52 -14.67 -57.19
N VAL R 969 -56.70 -15.68 -56.92
CA VAL R 969 -55.47 -16.06 -57.63
C VAL R 969 -55.52 -17.56 -57.93
N PHE R 970 -55.12 -18.01 -59.12
CA PHE R 970 -54.89 -19.44 -59.38
C PHE R 970 -53.48 -19.83 -58.93
N ALA R 971 -53.31 -20.94 -58.21
CA ALA R 971 -52.00 -21.41 -57.73
C ALA R 971 -51.80 -22.93 -57.87
N THR R 972 -50.64 -23.36 -58.40
CA THR R 972 -50.20 -24.77 -58.41
C THR R 972 -48.88 -24.90 -57.66
N PRO R 973 -48.75 -25.71 -56.59
CA PRO R 973 -47.50 -25.86 -55.83
C PRO R 973 -46.37 -26.57 -56.61
N THR R 974 -45.11 -26.25 -56.33
CA THR R 974 -43.94 -26.95 -56.93
C THR R 974 -43.13 -27.83 -55.96
N LEU R 975 -43.15 -27.56 -54.65
CA LEU R 975 -42.59 -28.49 -53.66
C LEU R 975 -43.32 -29.85 -53.68
N GLY R 976 -42.58 -30.94 -53.80
CA GLY R 976 -43.11 -32.30 -53.95
C GLY R 976 -43.54 -32.68 -55.37
N LEU R 977 -43.41 -31.76 -56.34
CA LEU R 977 -43.57 -32.05 -57.77
C LEU R 977 -42.19 -32.01 -58.45
N THR R 978 -41.56 -30.83 -58.53
CA THR R 978 -40.27 -30.61 -59.21
C THR R 978 -39.12 -30.22 -58.27
N VAL R 979 -39.41 -29.83 -57.02
CA VAL R 979 -38.44 -29.47 -55.98
C VAL R 979 -38.67 -30.32 -54.71
N LYS R 980 -37.59 -30.85 -54.12
CA LYS R 980 -37.67 -31.76 -52.95
C LYS R 980 -37.84 -31.00 -51.63
N ARG R 981 -38.71 -31.49 -50.74
CA ARG R 981 -38.92 -30.92 -49.39
C ARG R 981 -37.69 -31.14 -48.48
N THR R 988 -33.93 -36.60 -33.50
CA THR R 988 -33.35 -36.81 -32.16
C THR R 988 -33.19 -38.29 -31.80
N TYR R 989 -32.28 -38.60 -30.89
CA TYR R 989 -32.28 -39.87 -30.18
C TYR R 989 -33.40 -39.91 -29.13
N GLU R 990 -33.96 -41.09 -28.84
CA GLU R 990 -35.02 -41.21 -27.83
C GLU R 990 -34.61 -40.74 -26.43
N ILE R 991 -33.34 -40.92 -26.05
CA ILE R 991 -32.80 -40.37 -24.78
C ILE R 991 -32.81 -38.83 -24.71
N GLU R 992 -32.83 -38.12 -25.84
CA GLU R 992 -33.04 -36.65 -25.85
C GLU R 992 -34.50 -36.30 -25.56
N ASN R 993 -35.46 -37.09 -26.06
CA ASN R 993 -36.88 -36.86 -25.85
C ASN R 993 -37.30 -37.19 -24.42
N ILE R 994 -36.80 -38.28 -23.82
CA ILE R 994 -37.01 -38.55 -22.39
C ILE R 994 -36.49 -37.37 -21.55
N ARG R 995 -35.24 -36.92 -21.80
CA ARG R 995 -34.62 -35.78 -21.11
C ARG R 995 -35.41 -34.48 -21.24
N ALA R 996 -35.88 -34.12 -22.43
CA ALA R 996 -36.72 -32.94 -22.62
C ALA R 996 -38.04 -33.04 -21.82
N GLY R 997 -38.71 -34.19 -21.83
CA GLY R 997 -39.95 -34.39 -21.10
C GLY R 997 -39.80 -34.31 -19.58
N LEU R 998 -38.68 -34.78 -19.02
CA LEU R 998 -38.35 -34.60 -17.61
C LEU R 998 -38.04 -33.15 -17.24
N GLU R 999 -37.24 -32.43 -18.03
CA GLU R 999 -37.01 -31.00 -17.77
C GLU R 999 -38.29 -30.19 -17.89
N ALA R 1000 -39.23 -30.57 -18.77
CA ALA R 1000 -40.56 -29.96 -18.89
C ALA R 1000 -41.45 -30.19 -17.65
N ILE R 1001 -41.40 -31.37 -17.01
CA ILE R 1001 -42.09 -31.62 -15.73
C ILE R 1001 -41.47 -30.81 -14.59
N ILE R 1002 -40.16 -30.97 -14.35
CA ILE R 1002 -39.51 -30.42 -13.16
C ILE R 1002 -39.55 -28.88 -13.15
N SER R 1003 -39.44 -28.24 -14.32
CA SER R 1003 -39.54 -26.78 -14.48
C SER R 1003 -40.95 -26.22 -14.23
N GLN R 1004 -41.99 -27.06 -14.18
CA GLN R 1004 -43.38 -26.63 -13.98
C GLN R 1004 -43.99 -27.06 -12.62
N LYS R 1005 -43.59 -28.20 -12.06
CA LYS R 1005 -44.18 -28.74 -10.82
C LYS R 1005 -43.91 -27.79 -9.64
N GLN R 1006 -44.97 -27.24 -9.05
CA GLN R 1006 -44.94 -26.27 -7.94
C GLN R 1006 -45.89 -26.69 -6.81
N GLU R 1007 -45.51 -26.34 -5.58
CA GLU R 1007 -46.26 -26.64 -4.35
C GLU R 1007 -46.40 -28.13 -4.00
N GLU R 1008 -45.66 -29.01 -4.68
CA GLU R 1008 -45.55 -30.45 -4.42
C GLU R 1008 -44.18 -31.01 -4.83
N ASP R 1009 -43.69 -32.03 -4.12
CA ASP R 1009 -42.44 -32.71 -4.46
C ASP R 1009 -42.58 -33.59 -5.73
N CYS R 1010 -41.63 -33.50 -6.66
CA CYS R 1010 -41.77 -34.03 -8.03
C CYS R 1010 -41.34 -35.50 -8.26
N VAL R 1011 -40.71 -36.19 -7.29
CA VAL R 1011 -40.04 -37.48 -7.52
C VAL R 1011 -41.00 -38.58 -8.01
N PHE R 1012 -42.23 -38.65 -7.50
CA PHE R 1012 -43.23 -39.63 -7.96
C PHE R 1012 -43.67 -39.37 -9.42
N ASP R 1013 -43.84 -38.12 -9.82
CA ASP R 1013 -44.19 -37.78 -11.21
C ASP R 1013 -43.05 -37.99 -12.22
N VAL R 1014 -41.79 -37.84 -11.78
CA VAL R 1014 -40.60 -38.20 -12.57
C VAL R 1014 -40.48 -39.73 -12.71
N VAL R 1015 -40.61 -40.47 -11.61
CA VAL R 1015 -40.58 -41.94 -11.62
C VAL R 1015 -41.67 -42.54 -12.50
N CYS R 1016 -42.89 -41.98 -12.50
CA CYS R 1016 -43.96 -42.46 -13.38
C CYS R 1016 -43.64 -42.22 -14.86
N ASN R 1017 -43.07 -41.08 -15.23
CA ASN R 1017 -42.66 -40.81 -16.61
C ASN R 1017 -41.52 -41.76 -17.08
N LEU R 1018 -40.55 -42.09 -16.21
CA LEU R 1018 -39.53 -43.11 -16.51
C LEU R 1018 -40.12 -44.51 -16.68
N VAL R 1019 -40.99 -44.95 -15.76
CA VAL R 1019 -41.63 -46.26 -15.85
C VAL R 1019 -42.54 -46.35 -17.09
N ASP R 1020 -43.19 -45.28 -17.51
CA ASP R 1020 -43.92 -45.24 -18.78
C ASP R 1020 -42.99 -45.40 -19.99
N ALA R 1021 -41.89 -44.65 -20.06
CA ALA R 1021 -41.01 -44.63 -21.23
C ALA R 1021 -40.04 -45.83 -21.34
N MET R 1022 -39.67 -46.47 -20.24
CA MET R 1022 -38.68 -47.55 -20.19
C MET R 1022 -39.21 -48.88 -19.60
N GLY R 1023 -40.32 -48.87 -18.86
CA GLY R 1023 -40.90 -50.08 -18.28
C GLY R 1023 -39.92 -50.87 -17.42
N GLU R 1024 -39.81 -52.17 -17.69
CA GLU R 1024 -38.93 -53.10 -16.97
C GLU R 1024 -37.44 -52.71 -17.00
N ALA R 1025 -37.00 -51.95 -18.01
CA ALA R 1025 -35.62 -51.47 -18.09
C ALA R 1025 -35.25 -50.45 -16.99
N CYS R 1026 -36.21 -49.90 -16.24
CA CYS R 1026 -35.92 -49.08 -15.05
C CYS R 1026 -35.26 -49.87 -13.92
N ALA R 1027 -35.48 -51.19 -13.84
CA ALA R 1027 -35.02 -52.05 -12.76
C ALA R 1027 -33.48 -52.06 -12.56
N SER R 1028 -32.72 -51.69 -13.60
CA SER R 1028 -31.26 -51.63 -13.59
C SER R 1028 -30.71 -50.26 -14.02
N LEU R 1029 -31.52 -49.19 -13.99
CA LEU R 1029 -31.09 -47.83 -14.34
C LEU R 1029 -29.91 -47.40 -13.45
N THR R 1030 -28.76 -47.10 -14.05
CA THR R 1030 -27.55 -46.70 -13.33
C THR R 1030 -27.55 -45.21 -13.03
N ARG R 1031 -26.72 -44.74 -12.09
CA ARG R 1031 -26.62 -43.32 -11.74
C ARG R 1031 -26.09 -42.46 -12.89
N ASP R 1032 -25.16 -42.95 -13.69
CA ASP R 1032 -24.66 -42.23 -14.86
C ASP R 1032 -25.74 -42.02 -15.94
N ASP R 1033 -26.58 -43.02 -16.20
CA ASP R 1033 -27.75 -42.86 -17.08
C ASP R 1033 -28.80 -41.92 -16.46
N ALA R 1034 -29.15 -42.10 -15.18
CA ALA R 1034 -30.13 -41.24 -14.51
C ALA R 1034 -29.71 -39.76 -14.49
N GLU R 1035 -28.45 -39.45 -14.17
CA GLU R 1035 -27.93 -38.08 -14.22
C GLU R 1035 -28.02 -37.45 -15.62
N TYR R 1036 -27.74 -38.18 -16.70
CA TYR R 1036 -27.92 -37.66 -18.06
C TYR R 1036 -29.40 -37.34 -18.37
N LEU R 1037 -30.33 -38.23 -18.04
CA LEU R 1037 -31.76 -38.06 -18.31
C LEU R 1037 -32.37 -36.88 -17.53
N LEU R 1038 -31.95 -36.67 -16.28
CA LEU R 1038 -32.40 -35.53 -15.46
C LEU R 1038 -31.84 -34.17 -15.92
N GLY R 1039 -30.82 -34.14 -16.76
CA GLY R 1039 -30.29 -32.91 -17.37
C GLY R 1039 -29.83 -31.87 -16.33
N ARG R 1040 -30.40 -30.67 -16.40
CA ARG R 1040 -30.17 -29.55 -15.45
C ARG R 1040 -30.41 -29.92 -13.98
N PHE R 1041 -31.32 -30.85 -13.72
CA PHE R 1041 -31.77 -31.23 -12.38
C PHE R 1041 -31.13 -32.54 -11.88
N SER R 1042 -29.93 -32.88 -12.35
CA SER R 1042 -29.21 -34.13 -12.04
C SER R 1042 -29.00 -34.40 -10.55
N VAL R 1043 -29.11 -33.38 -9.69
CA VAL R 1043 -29.12 -33.52 -8.24
C VAL R 1043 -30.21 -34.49 -7.73
N LEU R 1044 -31.31 -34.67 -8.46
CA LEU R 1044 -32.43 -35.52 -8.07
C LEU R 1044 -32.14 -37.04 -8.12
N ALA R 1045 -31.04 -37.46 -8.78
CA ALA R 1045 -30.78 -38.86 -9.16
C ALA R 1045 -30.81 -39.87 -7.99
N ASP R 1046 -30.21 -39.58 -6.84
CA ASP R 1046 -30.22 -40.50 -5.70
C ASP R 1046 -31.63 -40.82 -5.20
N SER R 1047 -32.52 -39.82 -5.18
CA SER R 1047 -33.90 -39.99 -4.72
C SER R 1047 -34.76 -40.74 -5.73
N VAL R 1048 -34.53 -40.55 -7.03
CA VAL R 1048 -35.12 -41.37 -8.10
C VAL R 1048 -34.71 -42.85 -7.98
N LEU R 1049 -33.42 -43.14 -7.82
CA LEU R 1049 -32.92 -44.52 -7.73
C LEU R 1049 -33.38 -45.23 -6.46
N GLU R 1050 -33.38 -44.56 -5.31
CA GLU R 1050 -33.98 -45.09 -4.08
C GLU R 1050 -35.47 -45.38 -4.27
N THR R 1051 -36.22 -44.53 -4.99
CA THR R 1051 -37.63 -44.77 -5.30
C THR R 1051 -37.83 -45.98 -6.25
N LEU R 1052 -37.05 -46.12 -7.32
CA LEU R 1052 -37.15 -47.25 -8.26
C LEU R 1052 -36.83 -48.61 -7.62
N ALA R 1053 -35.88 -48.68 -6.68
CA ALA R 1053 -35.64 -49.86 -5.87
C ALA R 1053 -36.88 -50.30 -5.04
N THR R 1054 -37.71 -49.37 -4.54
CA THR R 1054 -38.94 -49.75 -3.82
C THR R 1054 -39.99 -50.39 -4.76
N ILE R 1055 -40.09 -49.95 -6.02
CA ILE R 1055 -40.96 -50.58 -7.02
C ILE R 1055 -40.42 -51.96 -7.40
N ALA R 1056 -39.12 -52.09 -7.67
CA ALA R 1056 -38.47 -53.35 -7.98
C ALA R 1056 -38.67 -54.43 -6.88
N SER R 1057 -38.43 -54.08 -5.62
CA SER R 1057 -38.49 -55.01 -4.48
C SER R 1057 -39.91 -55.32 -3.97
N SER R 1058 -40.87 -54.43 -4.16
CA SER R 1058 -42.28 -54.67 -3.79
C SER R 1058 -43.04 -55.58 -4.77
N GLY R 1059 -42.43 -55.97 -5.90
CA GLY R 1059 -42.93 -57.03 -6.77
C GLY R 1059 -44.16 -56.68 -7.63
N ILE R 1060 -44.58 -55.41 -7.67
CA ILE R 1060 -45.55 -54.93 -8.67
C ILE R 1060 -44.92 -54.90 -10.07
N GLU R 1061 -45.75 -55.01 -11.11
CA GLU R 1061 -45.30 -54.91 -12.50
C GLU R 1061 -44.93 -53.47 -12.91
N TRP R 1062 -44.05 -53.34 -13.90
CA TRP R 1062 -43.53 -52.06 -14.37
C TRP R 1062 -44.48 -51.32 -15.32
N THR R 1063 -45.51 -50.68 -14.76
CA THR R 1063 -46.42 -49.79 -15.49
C THR R 1063 -46.83 -48.58 -14.64
N ALA R 1064 -47.10 -47.44 -15.27
CA ALA R 1064 -47.41 -46.18 -14.60
C ALA R 1064 -48.64 -46.27 -13.67
N GLU R 1065 -49.64 -47.09 -14.03
CA GLU R 1065 -50.83 -47.35 -13.21
C GLU R 1065 -50.50 -48.10 -11.91
N ALA R 1066 -49.69 -49.16 -12.00
CA ALA R 1066 -49.22 -49.91 -10.83
C ALA R 1066 -48.24 -49.10 -9.96
N ALA R 1067 -47.40 -48.27 -10.59
CA ALA R 1067 -46.44 -47.42 -9.88
C ALA R 1067 -47.15 -46.44 -8.93
N ARG R 1068 -48.18 -45.71 -9.42
CA ARG R 1068 -49.02 -44.86 -8.56
C ARG R 1068 -49.74 -45.65 -7.47
N ASP R 1069 -50.36 -46.77 -7.81
CA ASP R 1069 -51.07 -47.62 -6.83
C ASP R 1069 -50.17 -48.09 -5.67
N PHE R 1070 -48.89 -48.38 -5.90
CA PHE R 1070 -47.94 -48.64 -4.82
C PHE R 1070 -47.49 -47.36 -4.09
N LEU R 1071 -46.97 -46.35 -4.82
CA LEU R 1071 -46.35 -45.16 -4.24
C LEU R 1071 -47.33 -44.34 -3.38
N GLU R 1072 -48.54 -44.09 -3.88
CA GLU R 1072 -49.54 -43.26 -3.20
C GLU R 1072 -50.22 -43.97 -2.02
N GLY R 1073 -50.12 -45.30 -1.92
CA GLY R 1073 -50.50 -46.08 -0.74
C GLY R 1073 -49.39 -46.09 0.32
N VAL R 1074 -48.15 -46.36 -0.08
CA VAL R 1074 -46.94 -46.23 0.73
C VAL R 1074 -46.59 -44.75 0.92
N ASP R 1083 -45.54 -31.18 8.12
CA ASP R 1083 -44.27 -31.17 8.85
C ASP R 1083 -44.09 -29.88 9.67
N ASN R 1084 -43.12 -29.85 10.60
CA ASN R 1084 -42.64 -28.59 11.15
C ASN R 1084 -42.06 -27.71 10.03
N PHE R 1085 -42.33 -26.40 10.04
CA PHE R 1085 -41.81 -25.45 9.05
C PHE R 1085 -41.78 -24.03 9.66
N ILE R 1086 -40.60 -23.55 10.05
CA ILE R 1086 -40.43 -22.16 10.52
C ILE R 1086 -40.24 -21.20 9.35
N SER R 1087 -40.80 -19.99 9.47
CA SER R 1087 -40.61 -18.90 8.49
C SER R 1087 -39.31 -18.12 8.76
N VAL R 1088 -38.69 -17.57 7.72
CA VAL R 1088 -37.37 -16.90 7.75
C VAL R 1088 -37.44 -15.47 7.20
N ALA R 1089 -36.72 -14.53 7.82
CA ALA R 1089 -36.80 -13.10 7.53
C ALA R 1089 -36.56 -12.75 6.06
N ASP T 9 -52.32 29.21 -58.89
CA ASP T 9 -51.95 30.49 -59.51
C ASP T 9 -50.59 31.03 -58.97
N ASN T 10 -49.97 32.00 -59.65
CA ASN T 10 -48.63 32.49 -59.32
C ASN T 10 -48.37 33.97 -59.70
N LEU T 11 -47.33 34.56 -59.10
CA LEU T 11 -46.92 35.96 -59.32
C LEU T 11 -46.55 36.27 -60.78
N GLY T 12 -46.09 35.30 -61.57
CA GLY T 12 -45.82 35.45 -62.99
C GLY T 12 -47.08 35.72 -63.80
N SER T 13 -48.08 34.84 -63.69
CA SER T 13 -49.40 34.98 -64.32
C SER T 13 -50.09 36.29 -63.98
N GLN T 14 -49.93 36.78 -62.75
CA GLN T 14 -50.57 38.00 -62.25
C GLN T 14 -49.89 39.32 -62.69
N SER T 15 -48.65 39.28 -63.17
CA SER T 15 -47.92 40.50 -63.60
C SER T 15 -48.49 41.11 -64.90
N GLN T 16 -48.44 42.43 -65.05
CA GLN T 16 -49.03 43.17 -66.18
C GLN T 16 -48.02 43.39 -67.35
N PRO T 17 -48.52 43.52 -68.60
CA PRO T 17 -47.76 44.06 -69.73
C PRO T 17 -47.00 45.36 -69.45
N GLY T 18 -45.86 45.56 -70.10
CA GLY T 18 -45.05 46.78 -70.00
C GLY T 18 -43.77 46.77 -70.86
N PRO T 19 -42.94 47.83 -70.77
CA PRO T 19 -41.70 47.97 -71.51
C PRO T 19 -40.56 47.09 -70.96
N CYS T 20 -39.44 47.01 -71.69
CA CYS T 20 -38.24 46.25 -71.30
C CYS T 20 -37.41 46.93 -70.19
N GLY T 21 -37.59 48.25 -69.97
CA GLY T 21 -36.93 49.08 -68.96
C GLY T 21 -37.42 50.53 -69.03
N TYR T 22 -36.84 51.41 -68.22
CA TYR T 22 -37.12 52.86 -68.18
C TYR T 22 -35.84 53.69 -68.05
N ILE T 23 -35.83 54.89 -68.63
CA ILE T 23 -34.90 55.97 -68.25
C ILE T 23 -35.63 56.91 -67.28
N TYR T 24 -35.10 57.11 -66.08
CA TYR T 24 -35.58 58.11 -65.12
C TYR T 24 -34.76 59.40 -65.24
N PHE T 25 -35.44 60.55 -65.22
CA PHE T 25 -34.85 61.90 -65.14
C PHE T 25 -35.24 62.58 -63.81
N TYR T 26 -34.27 62.96 -62.98
CA TYR T 26 -34.49 63.61 -61.67
C TYR T 26 -34.00 65.07 -61.65
N PRO T 27 -34.78 66.04 -61.14
CA PRO T 27 -34.36 67.44 -61.12
C PRO T 27 -33.24 67.74 -60.13
N LEU T 28 -32.14 68.32 -60.61
CA LEU T 28 -30.97 68.64 -59.78
C LEU T 28 -31.25 69.66 -58.68
N ALA T 29 -32.21 70.57 -58.85
CA ALA T 29 -32.53 71.61 -57.88
C ALA T 29 -33.10 71.07 -56.54
N THR T 30 -33.79 69.92 -56.55
CA THR T 30 -34.47 69.36 -55.37
C THR T 30 -34.03 67.95 -54.95
N TYR T 31 -33.42 67.15 -55.83
CA TYR T 31 -33.08 65.75 -55.56
C TYR T 31 -31.99 65.61 -54.46
N PRO T 32 -32.10 64.66 -53.49
CA PRO T 32 -31.17 64.53 -52.36
C PRO T 32 -29.85 63.82 -52.72
N LEU T 33 -28.95 64.52 -53.40
CA LEU T 33 -27.69 63.99 -53.94
C LEU T 33 -26.75 63.39 -52.87
N ARG T 34 -26.63 63.97 -51.68
CA ARG T 34 -25.78 63.41 -50.61
C ARG T 34 -26.32 62.13 -50.00
N GLU T 35 -27.66 61.95 -49.94
CA GLU T 35 -28.24 60.67 -49.51
C GLU T 35 -27.93 59.54 -50.49
N VAL T 36 -28.20 59.70 -51.79
CA VAL T 36 -27.90 58.62 -52.76
C VAL T 36 -26.42 58.30 -52.82
N ALA T 37 -25.52 59.28 -52.65
CA ALA T 37 -24.09 59.03 -52.63
C ALA T 37 -23.66 58.05 -51.51
N THR T 38 -24.30 58.03 -50.34
CA THR T 38 -23.98 57.06 -49.28
C THR T 38 -24.36 55.62 -49.60
N LEU T 39 -25.31 55.40 -50.51
CA LEU T 39 -25.71 54.09 -51.00
C LEU T 39 -25.04 53.73 -52.35
N GLY T 40 -24.24 54.61 -52.93
CA GLY T 40 -23.64 54.45 -54.27
C GLY T 40 -22.22 53.89 -54.33
N THR T 41 -21.71 53.71 -55.55
CA THR T 41 -20.35 53.22 -55.87
C THR T 41 -19.47 54.27 -56.55
N GLY T 42 -19.65 55.55 -56.22
CA GLY T 42 -18.90 56.64 -56.85
C GLY T 42 -17.43 56.74 -56.43
N TYR T 43 -16.53 56.83 -57.39
CA TYR T 43 -15.09 57.13 -57.20
C TYR T 43 -14.76 58.54 -57.70
N ALA T 44 -13.64 59.13 -57.32
CA ALA T 44 -13.23 60.47 -57.77
C ALA T 44 -12.93 60.48 -59.29
N GLY T 45 -13.63 61.33 -60.05
CA GLY T 45 -13.51 61.43 -61.51
C GLY T 45 -14.43 60.50 -62.32
N HIS T 46 -15.39 59.81 -61.69
CA HIS T 46 -16.32 58.90 -62.38
C HIS T 46 -17.16 59.59 -63.47
N ARG T 47 -17.58 58.80 -64.46
CA ARG T 47 -18.51 59.21 -65.54
C ARG T 47 -19.82 58.40 -65.49
N CYS T 48 -19.85 57.32 -64.71
CA CYS T 48 -21.00 56.51 -64.39
C CYS T 48 -20.87 55.87 -62.97
N LEU T 49 -21.98 55.54 -62.31
CA LEU T 49 -22.01 54.77 -61.06
C LEU T 49 -23.31 53.99 -60.86
N THR T 50 -23.29 53.01 -59.95
CA THR T 50 -24.45 52.23 -59.54
C THR T 50 -25.00 52.64 -58.19
N VAL T 51 -26.32 52.54 -58.06
CA VAL T 51 -27.14 52.78 -56.87
C VAL T 51 -28.21 51.67 -56.78
N PRO T 52 -28.78 51.38 -55.59
CA PRO T 52 -29.87 50.41 -55.47
C PRO T 52 -31.22 50.90 -56.04
N LEU T 53 -32.06 49.99 -56.53
CA LEU T 53 -33.48 50.26 -56.81
C LEU T 53 -34.30 50.32 -55.50
N LEU T 54 -34.81 51.49 -55.13
CA LEU T 54 -35.60 51.74 -53.90
C LEU T 54 -36.78 52.69 -54.14
N CYS T 55 -37.96 52.31 -53.64
CA CYS T 55 -39.17 53.12 -53.74
C CYS T 55 -39.05 54.36 -52.83
N GLY T 56 -39.20 55.55 -53.41
CA GLY T 56 -39.13 56.83 -52.71
C GLY T 56 -37.77 57.51 -52.74
N ILE T 57 -36.76 56.95 -53.40
CA ILE T 57 -35.49 57.66 -53.68
C ILE T 57 -34.92 57.40 -55.08
N THR T 58 -35.07 56.22 -55.67
CA THR T 58 -34.62 55.97 -57.06
C THR T 58 -35.75 55.55 -58.01
N VAL T 59 -36.85 54.99 -57.52
CA VAL T 59 -38.12 54.81 -58.28
C VAL T 59 -39.30 55.33 -57.46
N GLU T 60 -40.43 55.60 -58.11
CA GLU T 60 -41.63 56.09 -57.43
C GLU T 60 -42.28 55.01 -56.55
N PRO T 61 -42.99 55.39 -55.47
CA PRO T 61 -43.78 54.45 -54.68
C PRO T 61 -44.75 53.65 -55.54
N GLY T 62 -44.86 52.35 -55.27
CA GLY T 62 -45.74 51.45 -56.03
C GLY T 62 -45.15 50.92 -57.34
N PHE T 63 -43.85 51.08 -57.59
CA PHE T 63 -43.15 50.47 -58.71
C PHE T 63 -43.35 48.95 -58.72
N SER T 64 -43.70 48.37 -59.86
CA SER T 64 -43.87 46.92 -60.00
C SER T 64 -42.55 46.27 -60.45
N ILE T 65 -41.96 45.44 -59.58
CA ILE T 65 -40.71 44.73 -59.87
C ILE T 65 -40.89 43.52 -60.79
N ASN T 66 -42.10 42.98 -60.96
CA ASN T 66 -42.42 41.89 -61.88
C ASN T 66 -43.27 42.41 -63.06
N VAL T 67 -42.99 42.00 -64.30
CA VAL T 67 -43.67 42.47 -65.51
C VAL T 67 -43.75 41.40 -66.59
N LYS T 68 -44.70 41.53 -67.51
CA LYS T 68 -44.66 40.90 -68.83
C LYS T 68 -44.11 41.91 -69.84
N ALA T 69 -42.87 41.74 -70.28
CA ALA T 69 -42.21 42.68 -71.19
C ALA T 69 -42.60 42.40 -72.65
N LEU T 70 -43.11 43.39 -73.37
CA LEU T 70 -43.35 43.30 -74.83
C LEU T 70 -42.03 43.46 -75.57
N HIS T 71 -41.48 42.38 -76.12
CA HIS T 71 -40.11 42.37 -76.65
C HIS T 71 -39.99 42.08 -78.14
N ARG T 72 -41.01 41.49 -78.78
CA ARG T 72 -41.01 41.17 -80.21
C ARG T 72 -42.38 41.36 -80.85
N ARG T 73 -42.46 41.98 -82.02
CA ARG T 73 -43.64 41.92 -82.91
C ARG T 73 -43.28 41.13 -84.16
N PRO T 74 -43.70 39.85 -84.29
CA PRO T 74 -43.41 39.03 -85.47
C PRO T 74 -43.96 39.64 -86.78
N ASP T 75 -45.10 40.32 -86.70
CA ASP T 75 -45.63 41.26 -87.68
C ASP T 75 -46.33 42.41 -86.93
N PRO T 76 -46.66 43.54 -87.57
CA PRO T 76 -47.26 44.71 -86.92
C PRO T 76 -48.54 44.47 -86.11
N ASN T 77 -49.18 43.30 -86.22
CA ASN T 77 -50.48 42.98 -85.62
C ASN T 77 -50.42 41.89 -84.53
N CYS T 78 -49.23 41.43 -84.13
CA CYS T 78 -49.05 40.45 -83.05
C CYS T 78 -47.91 40.85 -82.11
N GLY T 79 -48.11 40.73 -80.79
CA GLY T 79 -47.08 40.93 -79.78
C GLY T 79 -46.71 39.65 -79.04
N LEU T 80 -45.43 39.51 -78.67
CA LEU T 80 -44.95 38.44 -77.79
C LEU T 80 -44.50 38.99 -76.42
N LEU T 81 -44.90 38.30 -75.34
CA LEU T 81 -44.66 38.70 -73.95
C LEU T 81 -43.70 37.73 -73.23
N ARG T 82 -42.70 38.28 -72.54
CA ARG T 82 -41.74 37.56 -71.67
C ARG T 82 -41.94 37.97 -70.22
N ALA T 83 -42.19 37.03 -69.31
CA ALA T 83 -42.30 37.34 -67.88
C ALA T 83 -40.91 37.46 -67.23
N THR T 84 -40.64 38.57 -66.57
CA THR T 84 -39.33 38.85 -65.94
C THR T 84 -39.48 39.79 -64.74
N SER T 85 -38.62 39.60 -63.74
CA SER T 85 -38.38 40.62 -62.71
C SER T 85 -37.35 41.67 -63.18
N TYR T 86 -37.31 42.80 -62.48
CA TYR T 86 -36.29 43.84 -62.66
C TYR T 86 -34.90 43.41 -62.17
N HIS T 87 -33.85 44.01 -62.75
CA HIS T 87 -32.51 43.98 -62.20
C HIS T 87 -32.41 44.89 -60.98
N ARG T 88 -31.71 44.40 -59.95
CA ARG T 88 -31.56 45.00 -58.62
C ARG T 88 -30.82 46.36 -58.58
N ASP T 89 -29.86 46.60 -59.46
CA ASP T 89 -29.09 47.85 -59.55
C ASP T 89 -29.65 48.82 -60.61
N ILE T 90 -29.56 50.11 -60.34
CA ILE T 90 -29.81 51.22 -61.25
C ILE T 90 -28.48 51.87 -61.65
N TYR T 91 -28.29 52.16 -62.94
CA TYR T 91 -27.07 52.74 -63.51
C TYR T 91 -27.26 54.24 -63.83
N VAL T 92 -26.52 55.11 -63.15
CA VAL T 92 -26.61 56.58 -63.23
C VAL T 92 -25.56 57.12 -64.22
N PHE T 93 -25.97 57.62 -65.38
CA PHE T 93 -25.09 57.82 -66.55
C PHE T 93 -25.03 59.24 -67.14
N HIS T 94 -26.03 60.10 -66.91
CA HIS T 94 -26.10 61.47 -67.42
C HIS T 94 -26.00 62.50 -66.28
N ASN T 95 -25.06 63.45 -66.37
CA ASN T 95 -24.66 64.36 -65.28
C ASN T 95 -24.18 63.68 -63.99
N ALA T 96 -23.60 62.47 -64.08
CA ALA T 96 -23.18 61.66 -62.94
C ALA T 96 -22.13 62.34 -62.03
N HIS T 97 -21.36 63.31 -62.52
CA HIS T 97 -20.42 64.14 -61.74
C HIS T 97 -21.09 64.91 -60.59
N MET T 98 -22.40 65.13 -60.66
CA MET T 98 -23.20 65.77 -59.61
C MET T 98 -23.42 64.89 -58.36
N VAL T 99 -23.21 63.58 -58.42
CA VAL T 99 -23.32 62.68 -57.26
C VAL T 99 -21.94 62.55 -56.58
N PRO T 100 -21.77 62.92 -55.30
CA PRO T 100 -20.50 62.76 -54.59
C PRO T 100 -19.94 61.32 -54.59
N PRO T 101 -18.60 61.13 -54.60
CA PRO T 101 -18.00 59.82 -54.44
C PRO T 101 -18.18 59.25 -53.01
N ILE T 102 -18.16 57.92 -52.87
CA ILE T 102 -18.17 57.21 -51.59
C ILE T 102 -16.77 57.15 -50.94
N PHE T 103 -15.70 57.23 -51.73
CA PHE T 103 -14.30 57.17 -51.31
C PHE T 103 -13.46 58.27 -51.98
N GLU T 104 -12.63 58.99 -51.24
CA GLU T 104 -11.92 60.19 -51.73
C GLU T 104 -10.56 59.92 -52.40
N GLY T 105 -10.02 58.71 -52.31
CA GLY T 105 -8.69 58.40 -52.82
C GLY T 105 -8.60 58.50 -54.36
N PRO T 106 -7.61 59.22 -54.93
CA PRO T 106 -7.46 59.38 -56.38
C PRO T 106 -6.79 58.17 -57.07
N GLY T 107 -6.86 58.12 -58.40
CA GLY T 107 -6.05 57.23 -59.26
C GLY T 107 -6.56 55.79 -59.48
N LEU T 108 -7.81 55.46 -59.11
CA LEU T 108 -8.29 54.07 -59.12
C LEU T 108 -8.51 53.50 -60.51
N GLU T 109 -8.88 54.33 -61.49
CA GLU T 109 -9.22 53.89 -62.84
C GLU T 109 -7.99 53.34 -63.60
N ALA T 110 -6.84 54.00 -63.50
CA ALA T 110 -5.56 53.51 -64.03
C ALA T 110 -5.03 52.27 -63.30
N LEU T 111 -5.16 52.21 -61.96
CA LEU T 111 -4.79 51.04 -61.16
C LEU T 111 -5.57 49.79 -61.59
N CYS T 112 -6.88 49.93 -61.80
CA CYS T 112 -7.71 48.84 -62.29
C CYS T 112 -7.31 48.39 -63.71
N GLY T 113 -7.00 49.31 -64.61
CA GLY T 113 -6.60 49.00 -65.99
C GLY T 113 -5.28 48.26 -66.10
N GLU T 114 -4.28 48.68 -65.34
CA GLU T 114 -2.98 48.01 -65.26
C GLU T 114 -3.12 46.59 -64.69
N THR T 115 -3.90 46.42 -63.61
CA THR T 115 -4.06 45.12 -62.94
C THR T 115 -4.89 44.13 -63.77
N ARG T 116 -5.91 44.60 -64.49
CA ARG T 116 -6.71 43.77 -65.42
C ARG T 116 -5.83 43.15 -66.52
N GLU T 117 -4.84 43.89 -67.01
CA GLU T 117 -3.94 43.43 -68.06
C GLU T 117 -2.97 42.35 -67.55
N VAL T 118 -2.35 42.50 -66.36
CA VAL T 118 -1.41 41.48 -65.85
C VAL T 118 -2.09 40.14 -65.50
N PHE T 119 -3.38 40.14 -65.13
CA PHE T 119 -4.17 38.91 -64.96
C PHE T 119 -4.75 38.37 -66.29
N GLY T 120 -4.53 39.03 -67.42
CA GLY T 120 -4.98 38.61 -68.74
C GLY T 120 -6.49 38.75 -69.00
N TYR T 121 -7.18 39.64 -68.30
CA TYR T 121 -8.61 39.88 -68.44
C TYR T 121 -8.97 40.88 -69.56
N ASP T 122 -10.12 40.65 -70.16
CA ASP T 122 -10.72 41.43 -71.25
C ASP T 122 -11.28 42.80 -70.80
N ALA T 123 -10.77 43.90 -71.35
CA ALA T 123 -11.31 45.26 -71.15
C ALA T 123 -12.55 45.54 -72.03
N TYR T 124 -13.40 46.50 -71.64
CA TYR T 124 -14.56 46.87 -72.46
C TYR T 124 -14.13 47.44 -73.81
N SER T 125 -14.65 46.89 -74.92
CA SER T 125 -14.43 47.42 -76.26
C SER T 125 -15.67 48.16 -76.74
N ALA T 126 -15.54 49.46 -76.94
CA ALA T 126 -16.62 50.35 -77.37
C ALA T 126 -17.09 50.06 -78.81
N LEU T 127 -18.39 50.25 -79.06
CA LEU T 127 -18.96 50.24 -80.41
C LEU T 127 -18.32 51.36 -81.28
N PRO T 128 -18.32 51.24 -82.62
CA PRO T 128 -17.79 52.27 -83.51
C PRO T 128 -18.67 53.54 -83.61
N ARG T 129 -19.95 53.50 -83.25
CA ARG T 129 -20.81 54.71 -83.14
C ARG T 129 -20.46 55.60 -81.94
N GLU T 130 -20.87 56.87 -81.96
CA GLU T 130 -20.94 57.69 -80.74
C GLU T 130 -22.09 57.28 -79.80
N SER T 131 -21.98 57.63 -78.51
CA SER T 131 -23.11 57.62 -77.57
C SER T 131 -24.29 58.49 -78.05
N SER T 132 -25.52 58.08 -77.75
CA SER T 132 -26.74 58.85 -78.04
C SER T 132 -26.66 60.27 -77.47
N LYS T 133 -26.91 61.27 -78.32
CA LYS T 133 -27.01 62.67 -77.90
C LYS T 133 -28.24 62.91 -77.03
N PRO T 134 -28.21 63.79 -76.02
CA PRO T 134 -29.34 64.04 -75.13
C PRO T 134 -30.69 64.25 -75.84
N GLY T 135 -30.75 65.09 -76.86
CA GLY T 135 -31.95 65.35 -77.66
C GLY T 135 -32.60 64.12 -78.33
N ASP T 136 -31.90 62.98 -78.43
CA ASP T 136 -32.47 61.71 -78.92
C ASP T 136 -33.29 60.95 -77.88
N PHE T 137 -33.00 61.08 -76.58
CA PHE T 137 -33.65 60.27 -75.52
C PHE T 137 -34.38 61.10 -74.45
N PHE T 138 -34.07 62.40 -74.30
CA PHE T 138 -34.81 63.30 -73.42
C PHE T 138 -36.26 63.55 -73.90
N PRO T 139 -37.24 63.64 -72.99
CA PRO T 139 -38.57 64.17 -73.27
C PRO T 139 -38.54 65.56 -73.93
N GLU T 140 -39.64 65.94 -74.58
CA GLU T 140 -39.83 67.28 -75.17
C GLU T 140 -39.74 68.42 -74.14
N GLY T 141 -38.91 69.43 -74.42
CA GLY T 141 -38.82 70.68 -73.66
C GLY T 141 -37.93 70.66 -72.40
N LEU T 142 -37.65 69.50 -71.80
CA LEU T 142 -36.73 69.44 -70.65
C LEU T 142 -35.29 69.80 -71.03
N ASP T 143 -34.64 70.63 -70.21
CA ASP T 143 -33.25 71.03 -70.36
C ASP T 143 -32.28 69.91 -69.87
N PRO T 144 -31.43 69.32 -70.73
CA PRO T 144 -30.48 68.30 -70.30
C PRO T 144 -29.52 68.73 -69.19
N SER T 145 -29.19 70.01 -69.07
CA SER T 145 -28.32 70.53 -68.01
C SER T 145 -29.00 70.59 -66.63
N ALA T 146 -30.33 70.52 -66.55
CA ALA T 146 -31.10 70.63 -65.30
C ALA T 146 -31.41 69.28 -64.61
N TYR T 147 -31.07 68.15 -65.23
CA TYR T 147 -31.50 66.82 -64.79
C TYR T 147 -30.36 65.81 -64.64
N LEU T 148 -30.54 64.85 -63.74
CA LEU T 148 -29.72 63.64 -63.56
C LEU T 148 -30.41 62.47 -64.29
N GLY T 149 -29.68 61.70 -65.12
CA GLY T 149 -30.27 60.57 -65.88
C GLY T 149 -29.76 59.19 -65.48
N ALA T 150 -30.66 58.22 -65.32
CA ALA T 150 -30.36 56.85 -64.89
C ALA T 150 -31.29 55.79 -65.53
N VAL T 151 -30.80 54.56 -65.71
CA VAL T 151 -31.56 53.42 -66.28
C VAL T 151 -31.97 52.40 -65.22
N ALA T 152 -33.24 52.00 -65.23
CA ALA T 152 -33.75 50.79 -64.60
C ALA T 152 -34.07 49.74 -65.68
N ILE T 153 -33.64 48.50 -65.52
CA ILE T 153 -33.64 47.49 -66.59
C ILE T 153 -34.16 46.12 -66.12
N THR T 154 -34.90 45.41 -66.96
CA THR T 154 -35.34 44.05 -66.64
C THR T 154 -34.21 43.03 -66.75
N GLU T 155 -34.25 42.01 -65.91
CA GLU T 155 -33.18 41.01 -65.79
C GLU T 155 -32.94 40.21 -67.09
N ALA T 156 -33.99 39.98 -67.88
CA ALA T 156 -33.93 39.27 -69.16
C ALA T 156 -33.34 40.09 -70.35
N PHE T 157 -33.36 41.42 -70.31
CA PHE T 157 -32.96 42.31 -71.41
C PHE T 157 -31.75 43.23 -71.08
N LYS T 158 -31.05 43.02 -69.96
CA LYS T 158 -29.85 43.80 -69.59
C LYS T 158 -28.65 43.60 -70.53
N GLU T 159 -28.47 42.47 -71.20
CA GLU T 159 -27.42 42.34 -72.22
C GLU T 159 -27.75 43.16 -73.47
N ARG T 160 -29.04 43.31 -73.83
CA ARG T 160 -29.50 44.20 -74.91
C ARG T 160 -29.24 45.67 -74.60
N LEU T 161 -29.34 46.09 -73.34
CA LEU T 161 -28.91 47.43 -72.90
C LEU T 161 -27.41 47.62 -73.14
N TYR T 162 -26.58 46.68 -72.67
CA TYR T 162 -25.13 46.67 -72.87
C TYR T 162 -24.75 46.76 -74.35
N SER T 163 -25.41 45.99 -75.22
CA SER T 163 -25.07 45.86 -76.65
C SER T 163 -25.67 46.96 -77.55
N GLY T 164 -26.47 47.89 -77.02
CA GLY T 164 -27.00 49.02 -77.78
C GLY T 164 -28.23 48.69 -78.65
N ASN T 165 -28.98 47.66 -78.28
CA ASN T 165 -30.12 47.10 -79.02
C ASN T 165 -31.51 47.50 -78.48
N LEU T 166 -31.62 48.36 -77.47
CA LEU T 166 -32.90 48.94 -77.02
C LEU T 166 -33.21 50.26 -77.74
N VAL T 167 -34.48 50.63 -77.80
CA VAL T 167 -35.01 51.88 -78.37
C VAL T 167 -35.73 52.67 -77.28
N ALA T 168 -35.40 53.95 -77.09
CA ALA T 168 -36.16 54.87 -76.22
C ALA T 168 -37.26 55.59 -77.01
N ILE T 169 -38.42 55.82 -76.39
CA ILE T 169 -39.58 56.45 -77.04
C ILE T 169 -40.07 57.68 -76.24
N PRO T 170 -39.40 58.84 -76.35
CA PRO T 170 -39.71 60.05 -75.57
C PRO T 170 -41.17 60.53 -75.56
N SER T 171 -41.94 60.31 -76.61
CA SER T 171 -43.36 60.73 -76.68
C SER T 171 -44.24 60.01 -75.66
N LEU T 172 -43.85 58.80 -75.25
CA LEU T 172 -44.52 58.01 -74.20
C LEU T 172 -44.07 58.39 -72.78
N LYS T 173 -43.54 59.60 -72.54
CA LYS T 173 -43.18 60.07 -71.19
C LYS T 173 -44.30 59.91 -70.17
N GLN T 174 -43.95 59.68 -68.92
CA GLN T 174 -44.83 59.70 -67.77
C GLN T 174 -44.22 60.53 -66.64
N GLU T 175 -44.99 61.39 -66.00
CA GLU T 175 -44.55 62.21 -64.88
C GLU T 175 -44.82 61.48 -63.56
N VAL T 176 -43.81 61.39 -62.69
CA VAL T 176 -43.81 60.56 -61.47
C VAL T 176 -43.14 61.28 -60.31
N ALA T 177 -43.64 61.09 -59.10
CA ALA T 177 -43.07 61.67 -57.89
C ALA T 177 -42.09 60.68 -57.24
N VAL T 178 -40.83 61.07 -57.07
CA VAL T 178 -39.78 60.24 -56.43
C VAL T 178 -39.32 60.92 -55.15
N GLY T 179 -39.88 60.47 -54.02
CA GLY T 179 -39.81 61.21 -52.77
C GLY T 179 -40.54 62.55 -52.92
N GLN T 180 -39.86 63.67 -52.67
CA GLN T 180 -40.38 65.01 -52.94
C GLN T 180 -40.29 65.42 -54.42
N SER T 181 -39.32 64.87 -55.17
CA SER T 181 -38.91 65.43 -56.46
C SER T 181 -39.84 65.08 -57.62
N ALA T 182 -40.28 66.09 -58.37
CA ALA T 182 -41.04 65.95 -59.60
C ALA T 182 -40.17 65.38 -60.72
N SER T 183 -40.26 64.09 -60.98
CA SER T 183 -39.39 63.37 -61.94
C SER T 183 -40.15 62.98 -63.21
N VAL T 184 -39.44 62.51 -64.23
CA VAL T 184 -40.04 62.00 -65.48
C VAL T 184 -39.44 60.63 -65.80
N ARG T 185 -40.20 59.71 -66.40
CA ARG T 185 -39.63 58.50 -67.00
C ARG T 185 -40.02 58.30 -68.48
N VAL T 186 -39.13 57.72 -69.27
CA VAL T 186 -39.32 57.32 -70.68
C VAL T 186 -39.14 55.81 -70.80
N PRO T 187 -40.00 55.07 -71.53
CA PRO T 187 -39.87 53.63 -71.68
C PRO T 187 -38.75 53.21 -72.66
N LEU T 188 -38.20 52.01 -72.47
CA LEU T 188 -37.28 51.32 -73.38
C LEU T 188 -37.91 50.04 -73.97
N TYR T 189 -37.83 49.84 -75.28
CA TYR T 189 -38.28 48.61 -75.96
C TYR T 189 -37.16 47.95 -76.78
N ASP T 190 -37.08 46.62 -76.84
CA ASP T 190 -36.13 45.93 -77.72
C ASP T 190 -36.41 46.22 -79.20
N LYS T 191 -35.38 46.48 -80.01
CA LYS T 191 -35.56 46.83 -81.44
C LYS T 191 -36.36 45.78 -82.25
N GLU T 192 -36.49 44.56 -81.76
CA GLU T 192 -37.37 43.53 -82.33
C GLU T 192 -38.89 43.82 -82.22
N VAL T 193 -39.33 44.87 -81.53
CA VAL T 193 -40.72 45.38 -81.66
C VAL T 193 -40.94 46.20 -82.93
N PHE T 194 -39.92 46.49 -83.74
CA PHE T 194 -40.05 47.20 -85.00
C PHE T 194 -39.66 46.29 -86.18
N PRO T 195 -40.57 45.41 -86.67
CA PRO T 195 -40.24 44.47 -87.75
C PRO T 195 -39.81 45.13 -89.08
N GLU T 196 -40.26 46.35 -89.42
CA GLU T 196 -39.73 47.06 -90.60
C GLU T 196 -38.32 47.66 -90.38
N GLY T 197 -37.80 47.59 -89.16
CA GLY T 197 -36.52 48.16 -88.74
C GLY T 197 -36.61 49.62 -88.32
N VAL T 198 -35.65 50.05 -87.49
CA VAL T 198 -35.34 51.45 -87.15
C VAL T 198 -33.87 51.75 -87.51
N PRO T 199 -33.49 52.97 -87.90
CA PRO T 199 -32.10 53.30 -88.21
C PRO T 199 -31.12 52.98 -87.06
N GLN T 200 -29.90 52.54 -87.36
CA GLN T 200 -28.93 52.14 -86.33
C GLN T 200 -28.65 53.24 -85.29
N LEU T 201 -28.63 54.52 -85.66
CA LEU T 201 -28.47 55.63 -84.72
C LEU T 201 -29.74 56.01 -83.92
N ARG T 202 -30.92 55.47 -84.27
CA ARG T 202 -32.16 55.65 -83.51
C ARG T 202 -32.24 54.75 -82.26
N GLN T 203 -31.42 53.72 -82.17
CA GLN T 203 -31.23 52.88 -80.99
C GLN T 203 -30.46 53.62 -79.88
N PHE T 204 -30.70 53.26 -78.63
CA PHE T 204 -30.07 53.88 -77.46
C PHE T 204 -28.73 53.23 -77.12
N TYR T 205 -27.66 54.02 -77.03
CA TYR T 205 -26.34 53.54 -76.61
C TYR T 205 -25.60 54.57 -75.75
N ASN T 206 -25.00 54.15 -74.65
CA ASN T 206 -24.07 54.98 -73.90
C ASN T 206 -22.82 54.20 -73.51
N SER T 207 -21.66 54.66 -73.97
CA SER T 207 -20.39 53.95 -73.78
C SER T 207 -19.95 53.90 -72.31
N ASP T 208 -20.20 54.94 -71.52
CA ASP T 208 -19.86 54.94 -70.09
C ASP T 208 -20.73 53.95 -69.31
N LEU T 209 -22.03 53.85 -69.63
CA LEU T 209 -22.93 52.85 -69.06
C LEU T 209 -22.49 51.42 -69.39
N SER T 210 -22.21 51.11 -70.66
CA SER T 210 -21.77 49.76 -71.05
C SER T 210 -20.44 49.37 -70.39
N ARG T 211 -19.45 50.27 -70.35
CA ARG T 211 -18.19 50.08 -69.62
C ARG T 211 -18.39 49.83 -68.12
N CYS T 212 -19.28 50.57 -67.45
CA CYS T 212 -19.62 50.35 -66.05
C CYS T 212 -20.19 48.94 -65.81
N MET T 213 -21.20 48.50 -66.60
CA MET T 213 -21.72 47.12 -66.55
C MET T 213 -20.64 46.04 -66.79
N HIS T 214 -19.72 46.27 -67.73
CA HIS T 214 -18.63 45.35 -68.03
C HIS T 214 -17.79 45.04 -66.79
N GLU T 215 -17.39 46.09 -66.08
CA GLU T 215 -16.54 46.04 -64.91
C GLU T 215 -17.30 45.64 -63.64
N ALA T 216 -18.39 46.33 -63.31
CA ALA T 216 -19.11 46.13 -62.05
C ALA T 216 -20.07 44.94 -62.03
N LEU T 217 -20.57 44.45 -63.17
CA LEU T 217 -21.48 43.29 -63.23
C LEU T 217 -20.80 42.05 -63.82
N TYR T 218 -20.43 42.08 -65.10
CA TYR T 218 -20.08 40.87 -65.84
C TYR T 218 -18.71 40.28 -65.49
N THR T 219 -17.71 41.10 -65.15
CA THR T 219 -16.36 40.60 -64.80
C THR T 219 -16.37 39.69 -63.57
N GLY T 220 -17.16 39.97 -62.55
CA GLY T 220 -17.29 39.12 -61.37
C GLY T 220 -17.98 37.78 -61.66
N LEU T 221 -18.93 37.74 -62.59
CA LEU T 221 -19.55 36.49 -63.06
C LEU T 221 -18.56 35.62 -63.84
N ALA T 222 -17.73 36.24 -64.69
CA ALA T 222 -16.61 35.56 -65.35
C ALA T 222 -15.60 34.99 -64.34
N GLN T 223 -15.20 35.75 -63.31
CA GLN T 223 -14.34 35.25 -62.23
C GLN T 223 -14.97 34.05 -61.49
N ALA T 224 -16.28 34.06 -61.21
CA ALA T 224 -16.97 32.92 -60.60
C ALA T 224 -16.97 31.62 -61.44
N LEU T 225 -16.83 31.70 -62.76
CA LEU T 225 -16.71 30.56 -63.69
C LEU T 225 -15.25 30.22 -64.06
N ARG T 226 -14.27 31.05 -63.66
CA ARG T 226 -12.86 31.04 -64.11
C ARG T 226 -12.72 31.19 -65.64
N VAL T 227 -13.36 32.22 -66.19
CA VAL T 227 -13.31 32.68 -67.59
C VAL T 227 -12.64 34.06 -67.66
N ARG T 228 -11.75 34.33 -68.62
CA ARG T 228 -11.10 35.64 -68.85
C ARG T 228 -11.77 36.51 -69.92
N ARG T 229 -12.42 35.88 -70.88
CA ARG T 229 -13.06 36.49 -72.06
C ARG T 229 -14.45 37.03 -71.73
N VAL T 230 -14.52 38.18 -71.05
CA VAL T 230 -15.76 38.77 -70.51
C VAL T 230 -16.74 39.14 -71.63
N GLY T 231 -16.30 39.77 -72.71
CA GLY T 231 -17.14 40.16 -73.84
C GLY T 231 -17.85 38.98 -74.52
N LYS T 232 -17.16 37.84 -74.69
CA LYS T 232 -17.75 36.58 -75.15
C LYS T 232 -18.73 35.95 -74.15
N LEU T 233 -18.50 36.06 -72.84
CA LEU T 233 -19.52 35.69 -71.84
C LEU T 233 -20.80 36.55 -71.97
N VAL T 234 -20.71 37.86 -72.19
CA VAL T 234 -21.90 38.71 -72.41
C VAL T 234 -22.66 38.30 -73.67
N GLU T 235 -21.97 38.03 -74.77
CA GLU T 235 -22.59 37.58 -76.02
C GLU T 235 -23.36 36.25 -75.88
N LEU T 236 -22.81 35.25 -75.18
CA LEU T 236 -23.51 33.98 -74.99
C LEU T 236 -24.69 34.07 -74.00
N LEU T 237 -24.65 34.96 -73.00
CA LEU T 237 -25.80 35.21 -72.12
C LEU T 237 -26.96 35.88 -72.87
N GLU T 238 -26.69 36.83 -73.78
CA GLU T 238 -27.71 37.47 -74.60
C GLU T 238 -28.47 36.46 -75.49
N LYS T 239 -27.73 35.65 -76.25
CA LYS T 239 -28.30 34.62 -77.12
C LYS T 239 -29.07 33.55 -76.34
N GLN T 240 -28.62 33.18 -75.14
CA GLN T 240 -29.38 32.31 -74.24
C GLN T 240 -30.73 32.91 -73.85
N SER T 241 -30.82 34.20 -73.58
CA SER T 241 -32.08 34.87 -73.25
C SER T 241 -33.02 34.98 -74.45
N LEU T 242 -32.52 35.35 -75.63
CA LEU T 242 -33.37 35.67 -76.79
C LEU T 242 -33.71 34.49 -77.70
N GLN T 243 -32.95 33.39 -77.67
CA GLN T 243 -33.07 32.26 -78.59
C GLN T 243 -33.22 30.91 -77.86
N ASP T 244 -33.61 30.93 -76.59
CA ASP T 244 -33.98 29.77 -75.76
C ASP T 244 -32.90 28.67 -75.63
N GLN T 245 -31.61 29.01 -75.67
CA GLN T 245 -30.49 28.06 -75.75
C GLN T 245 -30.11 27.38 -74.42
N ALA T 246 -30.98 27.33 -73.41
CA ALA T 246 -30.65 26.81 -72.08
C ALA T 246 -30.13 25.35 -72.06
N LYS T 247 -30.65 24.46 -72.92
CA LYS T 247 -30.21 23.05 -73.02
C LYS T 247 -29.07 22.81 -74.02
N VAL T 248 -28.46 23.86 -74.59
CA VAL T 248 -27.29 23.77 -75.48
C VAL T 248 -26.01 24.15 -74.73
N ALA T 249 -24.95 23.35 -74.83
CA ALA T 249 -23.66 23.68 -74.23
C ALA T 249 -23.00 24.88 -74.94
N LYS T 250 -22.37 25.79 -74.18
CA LYS T 250 -21.91 27.09 -74.69
C LYS T 250 -20.66 27.67 -74.02
N VAL T 251 -20.40 27.45 -72.72
CA VAL T 251 -19.23 28.03 -72.05
C VAL T 251 -17.96 27.19 -72.20
N ALA T 252 -18.05 25.89 -72.48
CA ALA T 252 -16.88 25.00 -72.50
C ALA T 252 -15.68 25.49 -73.34
N PRO T 253 -15.83 26.08 -74.55
CA PRO T 253 -14.72 26.65 -75.31
C PRO T 253 -13.94 27.77 -74.60
N LEU T 254 -14.58 28.54 -73.71
CA LEU T 254 -13.94 29.64 -72.97
C LEU T 254 -13.13 29.18 -71.76
N LYS T 255 -13.26 27.92 -71.32
CA LYS T 255 -12.61 27.37 -70.11
C LYS T 255 -11.08 27.29 -70.24
N GLU T 256 -10.40 27.34 -69.10
CA GLU T 256 -8.94 27.27 -68.94
C GLU T 256 -8.58 26.48 -67.68
N PHE T 257 -7.46 25.77 -67.69
CA PHE T 257 -7.09 24.81 -66.65
C PHE T 257 -5.66 25.02 -66.13
N PRO T 258 -5.39 24.86 -64.83
CA PRO T 258 -4.04 24.97 -64.25
C PRO T 258 -3.23 23.66 -64.38
N ALA T 259 -1.93 23.72 -64.14
CA ALA T 259 -1.00 22.60 -64.21
C ALA T 259 -1.34 21.44 -63.25
N SER T 260 -1.94 21.72 -62.09
CA SER T 260 -2.45 20.71 -61.15
C SER T 260 -3.61 19.87 -61.71
N THR T 261 -4.40 20.43 -62.63
CA THR T 261 -5.45 19.71 -63.36
C THR T 261 -4.91 18.99 -64.60
N ILE T 262 -3.99 19.61 -65.36
CA ILE T 262 -3.40 19.00 -66.57
C ILE T 262 -2.48 17.81 -66.25
N SER T 263 -1.71 17.90 -65.15
CA SER T 263 -0.81 16.83 -64.69
C SER T 263 -1.51 15.71 -63.91
N HIS T 264 -2.82 15.80 -63.69
CA HIS T 264 -3.58 14.86 -62.85
C HIS T 264 -3.79 13.49 -63.52
N PRO T 265 -3.73 12.35 -62.80
CA PRO T 265 -3.98 11.03 -63.37
C PRO T 265 -5.41 10.86 -63.93
N ASP T 266 -6.40 11.54 -63.34
CA ASP T 266 -7.78 11.60 -63.84
C ASP T 266 -8.10 12.89 -64.63
N SER T 267 -7.08 13.57 -65.18
CA SER T 267 -7.25 14.88 -65.84
C SER T 267 -8.36 14.92 -66.88
N GLY T 268 -8.56 13.89 -67.71
CA GLY T 268 -9.62 13.87 -68.72
C GLY T 268 -11.03 13.92 -68.13
N ALA T 269 -11.28 13.17 -67.06
CA ALA T 269 -12.55 13.19 -66.33
C ALA T 269 -12.73 14.50 -65.53
N LEU T 270 -11.65 15.04 -64.96
CA LEU T 270 -11.67 16.31 -64.24
C LEU T 270 -12.02 17.49 -65.15
N MET T 271 -11.44 17.58 -66.34
CA MET T 271 -11.77 18.63 -67.31
C MET T 271 -13.24 18.58 -67.76
N ILE T 272 -13.82 17.37 -67.93
CA ILE T 272 -15.25 17.19 -68.23
C ILE T 272 -16.14 17.59 -67.04
N VAL T 273 -15.84 17.18 -65.81
CA VAL T 273 -16.67 17.54 -64.64
C VAL T 273 -16.64 19.05 -64.34
N ASP T 274 -15.46 19.69 -64.37
CA ASP T 274 -15.29 21.14 -64.18
C ASP T 274 -16.03 21.96 -65.25
N SER T 275 -15.95 21.54 -66.52
CA SER T 275 -16.69 22.17 -67.62
C SER T 275 -18.21 22.01 -67.49
N ALA T 276 -18.70 20.81 -67.20
CA ALA T 276 -20.13 20.53 -67.07
C ALA T 276 -20.78 21.26 -65.89
N ALA T 277 -20.08 21.37 -64.75
CA ALA T 277 -20.54 22.18 -63.62
C ALA T 277 -20.74 23.66 -63.98
N CYS T 278 -19.81 24.26 -64.75
CA CYS T 278 -19.95 25.64 -65.21
C CYS T 278 -21.08 25.82 -66.22
N GLU T 279 -21.24 24.89 -67.18
CA GLU T 279 -22.37 24.91 -68.12
C GLU T 279 -23.72 24.92 -67.38
N LEU T 280 -23.89 24.07 -66.37
CA LEU T 280 -25.12 23.97 -65.57
C LEU T 280 -25.39 25.26 -64.78
N ALA T 281 -24.38 25.87 -64.15
CA ALA T 281 -24.53 27.16 -63.46
C ALA T 281 -24.99 28.27 -64.42
N VAL T 282 -24.44 28.35 -65.62
CA VAL T 282 -24.89 29.30 -66.67
C VAL T 282 -26.28 28.98 -67.23
N SER T 283 -26.70 27.71 -67.31
CA SER T 283 -28.09 27.36 -67.67
C SER T 283 -29.10 27.80 -66.61
N TYR T 284 -28.85 27.52 -65.33
CA TYR T 284 -29.87 27.66 -64.27
C TYR T 284 -29.83 28.97 -63.47
N ALA T 285 -28.69 29.61 -63.22
CA ALA T 285 -28.65 30.83 -62.41
C ALA T 285 -29.43 32.01 -63.03
N PRO T 286 -29.28 32.35 -64.33
CA PRO T 286 -30.07 33.40 -64.96
C PRO T 286 -31.59 33.14 -64.93
N ALA T 287 -32.04 31.91 -65.15
CA ALA T 287 -33.46 31.54 -65.07
C ALA T 287 -34.07 31.84 -63.68
N MET T 288 -33.37 31.44 -62.61
CA MET T 288 -33.81 31.73 -61.25
C MET T 288 -33.75 33.23 -60.90
N LEU T 289 -32.77 33.97 -61.40
CA LEU T 289 -32.69 35.42 -61.19
C LEU T 289 -33.78 36.19 -61.95
N GLU T 290 -34.16 35.78 -63.16
CA GLU T 290 -35.24 36.38 -63.96
C GLU T 290 -36.66 36.10 -63.42
N ALA T 291 -36.85 35.03 -62.64
CA ALA T 291 -38.16 34.63 -62.12
C ALA T 291 -38.90 35.74 -61.36
N SER T 292 -40.22 35.60 -61.18
CA SER T 292 -41.03 36.58 -60.44
C SER T 292 -40.79 36.46 -58.94
N HIS T 293 -40.48 37.56 -58.24
CA HIS T 293 -40.10 37.57 -56.82
C HIS T 293 -41.12 38.30 -55.95
N GLU T 294 -41.26 37.91 -54.70
CA GLU T 294 -42.02 38.67 -53.69
C GLU T 294 -41.40 40.05 -53.44
N THR T 295 -42.21 41.07 -53.15
CA THR T 295 -41.75 42.44 -52.83
C THR T 295 -41.56 42.60 -51.32
N PRO T 296 -40.32 42.73 -50.79
CA PRO T 296 -40.09 42.92 -49.35
C PRO T 296 -40.54 44.29 -48.85
N ALA T 297 -40.90 44.41 -47.57
CA ALA T 297 -41.20 45.71 -46.96
C ALA T 297 -39.96 46.63 -46.85
N SER T 298 -38.76 46.07 -46.88
CA SER T 298 -37.49 46.82 -46.85
C SER T 298 -37.21 47.61 -48.12
N LEU T 299 -37.92 47.36 -49.22
CA LEU T 299 -37.76 48.09 -50.48
C LEU T 299 -38.36 49.51 -50.46
N ASN T 300 -39.12 49.85 -49.42
CA ASN T 300 -39.79 51.13 -49.26
C ASN T 300 -38.99 52.09 -48.35
N TYR T 301 -38.20 52.98 -48.94
CA TYR T 301 -37.23 53.83 -48.25
C TYR T 301 -37.85 54.86 -47.28
N ASP T 302 -39.08 55.31 -47.57
CA ASP T 302 -39.75 56.30 -46.72
C ASP T 302 -40.40 55.67 -45.46
N SER T 303 -40.62 54.35 -45.40
CA SER T 303 -41.00 53.65 -44.18
C SER T 303 -39.83 53.07 -43.37
N TRP T 304 -38.55 53.27 -43.76
CA TRP T 304 -37.40 52.78 -42.98
C TRP T 304 -37.39 53.39 -41.55
N PRO T 305 -37.45 52.59 -40.49
CA PRO T 305 -37.40 53.10 -39.11
C PRO T 305 -36.14 53.88 -38.73
N LEU T 306 -34.98 53.63 -39.35
CA LEU T 306 -33.72 54.26 -38.95
C LEU T 306 -33.73 55.79 -39.01
N PHE T 307 -34.60 56.41 -39.83
CA PHE T 307 -34.79 57.86 -39.94
C PHE T 307 -35.74 58.48 -38.90
N ALA T 308 -36.45 57.70 -38.09
CA ALA T 308 -37.61 58.18 -37.32
C ALA T 308 -37.35 59.32 -36.32
N ASP T 309 -36.14 59.44 -35.77
CA ASP T 309 -35.72 60.55 -34.89
C ASP T 309 -34.94 61.67 -35.58
N CYS T 310 -34.69 61.59 -36.91
CA CYS T 310 -33.92 62.58 -37.67
C CYS T 310 -34.69 63.88 -37.93
N GLU T 311 -34.04 65.03 -37.73
CA GLU T 311 -34.51 66.34 -38.22
C GLU T 311 -33.49 66.97 -39.17
N GLY T 312 -33.89 67.19 -40.42
CA GLY T 312 -33.07 67.82 -41.46
C GLY T 312 -32.06 66.91 -42.18
N PRO T 313 -31.46 67.40 -43.28
CA PRO T 313 -30.59 66.58 -44.14
C PRO T 313 -29.31 66.05 -43.49
N GLU T 314 -28.69 66.79 -42.57
CA GLU T 314 -27.45 66.34 -41.90
C GLU T 314 -27.68 65.13 -41.01
N ALA T 315 -28.79 65.11 -40.27
CA ALA T 315 -29.18 63.97 -39.45
C ALA T 315 -29.48 62.73 -40.29
N ARG T 316 -30.11 62.88 -41.46
CA ARG T 316 -30.39 61.77 -42.39
C ARG T 316 -29.13 61.16 -42.99
N VAL T 317 -28.17 61.97 -43.43
CA VAL T 317 -26.86 61.47 -43.90
C VAL T 317 -26.06 60.77 -42.80
N ALA T 318 -26.02 61.32 -41.59
CA ALA T 318 -25.35 60.70 -40.46
C ALA T 318 -25.99 59.38 -40.02
N ALA T 319 -27.31 59.23 -40.13
CA ALA T 319 -28.03 57.99 -39.90
C ALA T 319 -27.69 56.90 -40.92
N LEU T 320 -27.53 57.26 -42.20
CA LEU T 320 -27.07 56.34 -43.25
C LEU T 320 -25.64 55.86 -43.01
N HIS T 321 -24.73 56.73 -42.55
CA HIS T 321 -23.37 56.31 -42.19
C HIS T 321 -23.33 55.30 -41.02
N ARG T 322 -24.16 55.47 -39.98
CA ARG T 322 -24.32 54.44 -38.91
C ARG T 322 -24.89 53.13 -39.47
N TYR T 323 -25.88 53.19 -40.35
CA TYR T 323 -26.40 52.02 -41.04
C TYR T 323 -25.30 51.26 -41.82
N ASN T 324 -24.48 51.95 -42.60
CA ASN T 324 -23.37 51.34 -43.34
C ASN T 324 -22.33 50.68 -42.43
N ALA T 325 -21.95 51.31 -41.31
CA ALA T 325 -21.03 50.72 -40.35
C ALA T 325 -21.53 49.37 -39.80
N SER T 326 -22.84 49.20 -39.58
CA SER T 326 -23.42 47.92 -39.14
C SER T 326 -23.35 46.79 -40.18
N LEU T 327 -23.16 47.09 -41.47
CA LEU T 327 -22.92 46.10 -42.54
C LEU T 327 -21.44 45.80 -42.81
N ALA T 328 -20.50 46.67 -42.43
CA ALA T 328 -19.07 46.52 -42.75
C ALA T 328 -18.45 45.15 -42.39
N PRO T 329 -18.74 44.51 -41.24
CA PRO T 329 -18.16 43.21 -40.91
C PRO T 329 -18.48 42.10 -41.92
N HIS T 330 -19.63 42.13 -42.58
CA HIS T 330 -19.95 41.21 -43.68
C HIS T 330 -19.00 41.43 -44.86
N VAL T 331 -18.79 42.68 -45.27
CA VAL T 331 -17.92 43.02 -46.40
C VAL T 331 -16.45 42.76 -46.10
N SER T 332 -15.93 43.16 -44.93
CA SER T 332 -14.54 42.94 -44.58
C SER T 332 -14.21 41.46 -44.36
N THR T 333 -15.15 40.64 -43.91
CA THR T 333 -14.96 39.19 -43.81
C THR T 333 -14.72 38.56 -45.19
N GLN T 334 -15.46 38.95 -46.21
CA GLN T 334 -15.23 38.51 -47.60
C GLN T 334 -13.90 39.00 -48.19
N ILE T 335 -13.23 40.00 -47.61
CA ILE T 335 -11.86 40.38 -47.99
C ILE T 335 -10.80 39.64 -47.16
N PHE T 336 -10.94 39.59 -45.83
CA PHE T 336 -9.92 39.05 -44.94
C PHE T 336 -9.87 37.52 -44.88
N ALA T 337 -10.95 36.79 -45.16
CA ALA T 337 -11.00 35.34 -45.02
C ALA T 337 -10.31 34.61 -46.19
N THR T 338 -9.39 33.69 -45.88
CA THR T 338 -8.67 32.88 -46.88
C THR T 338 -9.63 32.05 -47.75
N ASN T 339 -10.75 31.63 -47.18
CA ASN T 339 -11.79 30.83 -47.84
C ASN T 339 -13.04 31.65 -48.24
N SER T 340 -12.88 32.94 -48.52
CA SER T 340 -13.88 33.80 -49.14
C SER T 340 -14.33 33.29 -50.53
N VAL T 341 -15.60 33.46 -50.87
CA VAL T 341 -16.14 33.18 -52.21
C VAL T 341 -15.42 33.95 -53.32
N LEU T 342 -14.82 35.11 -53.02
CA LEU T 342 -14.03 35.92 -53.96
C LEU T 342 -12.70 35.25 -54.39
N TYR T 343 -12.22 34.24 -53.68
CA TYR T 343 -10.93 33.56 -53.92
C TYR T 343 -11.07 32.09 -54.38
N VAL T 344 -12.26 31.64 -54.78
CA VAL T 344 -12.48 30.29 -55.34
C VAL T 344 -11.66 30.12 -56.62
N SER T 345 -10.89 29.04 -56.69
CA SER T 345 -9.85 28.81 -57.71
C SER T 345 -10.19 27.74 -58.74
N GLY T 346 -11.21 26.89 -58.53
CA GLY T 346 -11.58 25.81 -59.44
C GLY T 346 -12.06 24.54 -58.77
N VAL T 347 -12.01 23.42 -59.50
CA VAL T 347 -12.42 22.09 -59.05
C VAL T 347 -11.20 21.16 -59.02
N SER T 348 -11.11 20.29 -58.02
CA SER T 348 -10.05 19.28 -57.90
C SER T 348 -10.60 17.93 -57.45
N LYS T 349 -9.81 16.87 -57.58
CA LYS T 349 -10.19 15.49 -57.21
C LYS T 349 -9.21 14.91 -56.19
N SER T 350 -9.76 14.18 -55.21
CA SER T 350 -9.04 13.57 -54.09
C SER T 350 -7.81 12.73 -54.49
N GLU T 356 -11.43 11.48 -49.13
CA GLU T 356 -12.85 11.72 -49.43
C GLU T 356 -13.59 10.44 -49.87
N SER T 357 -14.85 10.30 -49.44
CA SER T 357 -15.78 9.27 -49.95
C SER T 357 -16.18 9.55 -51.41
N LEU T 358 -16.77 8.57 -52.09
CA LEU T 358 -17.01 8.60 -53.54
C LEU T 358 -17.73 9.88 -54.03
N PHE T 359 -18.86 10.23 -53.44
CA PHE T 359 -19.63 11.41 -53.86
C PHE T 359 -18.97 12.74 -53.46
N ASN T 360 -18.10 12.77 -52.46
CA ASN T 360 -17.30 13.93 -52.07
C ASN T 360 -15.96 14.06 -52.83
N SER T 361 -15.58 13.08 -53.66
CA SER T 361 -14.23 12.99 -54.24
C SER T 361 -13.85 14.14 -55.18
N PHE T 362 -14.79 14.77 -55.88
CA PHE T 362 -14.59 16.06 -56.57
C PHE T 362 -15.08 17.19 -55.67
N TYR T 363 -14.32 18.29 -55.56
CA TYR T 363 -14.65 19.42 -54.69
C TYR T 363 -14.11 20.78 -55.17
N MET T 364 -14.68 21.88 -54.67
CA MET T 364 -14.24 23.26 -54.92
C MET T 364 -12.96 23.61 -54.15
N THR T 365 -12.00 24.28 -54.80
CA THR T 365 -10.74 24.74 -54.22
C THR T 365 -10.65 26.28 -54.12
N HIS T 366 -9.78 26.80 -53.26
CA HIS T 366 -9.48 28.24 -53.13
C HIS T 366 -7.97 28.51 -53.14
N GLY T 367 -7.57 29.70 -53.58
CA GLY T 367 -6.19 30.17 -53.45
C GLY T 367 -5.78 31.22 -54.48
N LEU T 368 -5.30 32.38 -54.00
CA LEU T 368 -4.78 33.46 -54.83
C LEU T 368 -3.49 33.09 -55.58
N GLY T 369 -2.63 32.24 -55.01
CA GLY T 369 -1.45 31.72 -55.70
C GLY T 369 -1.83 30.96 -56.96
N THR T 370 -2.85 30.11 -56.89
CA THR T 370 -3.40 29.38 -58.05
C THR T 370 -3.96 30.33 -59.11
N LEU T 371 -4.65 31.40 -58.69
CA LEU T 371 -5.21 32.38 -59.60
C LEU T 371 -4.15 33.22 -60.34
N GLN T 372 -2.91 33.32 -59.84
CA GLN T 372 -1.80 33.97 -60.57
C GLN T 372 -1.14 33.09 -61.66
N GLU T 373 -1.33 31.78 -61.66
CA GLU T 373 -0.58 30.85 -62.54
C GLU T 373 -1.01 30.91 -64.01
N GLY T 374 -0.13 30.46 -64.91
CA GLY T 374 -0.47 30.17 -66.30
C GLY T 374 -1.43 28.98 -66.45
N THR T 375 -2.08 28.89 -67.60
CA THR T 375 -3.16 27.94 -67.90
C THR T 375 -3.02 27.30 -69.29
N TRP T 376 -3.82 26.25 -69.53
CA TRP T 376 -3.98 25.54 -70.79
C TRP T 376 -5.45 25.49 -71.20
N ASP T 377 -5.73 25.42 -72.50
CA ASP T 377 -7.08 25.39 -73.08
C ASP T 377 -7.73 23.98 -73.08
N PRO T 378 -9.00 23.80 -73.47
CA PRO T 378 -9.66 22.49 -73.53
C PRO T 378 -9.00 21.45 -74.46
N CYS T 379 -8.09 21.85 -75.34
CA CYS T 379 -7.29 20.97 -76.20
C CYS T 379 -5.84 20.84 -75.72
N ARG T 380 -5.59 21.16 -74.44
CA ARG T 380 -4.28 21.05 -73.76
C ARG T 380 -3.17 21.91 -74.37
N ARG T 381 -3.50 22.96 -75.12
CA ARG T 381 -2.53 23.94 -75.65
C ARG T 381 -2.30 25.07 -74.64
N PRO T 382 -1.13 25.70 -74.55
CA PRO T 382 -0.89 26.84 -73.67
C PRO T 382 -1.86 28.00 -73.91
N CYS T 383 -2.29 28.69 -72.85
CA CYS T 383 -3.33 29.72 -72.90
C CYS T 383 -2.87 31.04 -72.25
N PHE T 384 -3.22 31.31 -70.99
CA PHE T 384 -2.62 32.42 -70.22
C PHE T 384 -1.20 32.04 -69.75
N SER T 385 -0.25 32.98 -69.75
CA SER T 385 1.15 32.75 -69.34
C SER T 385 1.43 32.90 -67.84
N GLY T 386 0.49 33.41 -67.05
CA GLY T 386 0.69 33.66 -65.62
C GLY T 386 1.32 35.02 -65.30
N TRP T 387 1.34 35.36 -64.02
CA TRP T 387 1.93 36.59 -63.48
C TRP T 387 2.85 36.27 -62.29
N GLY T 388 4.04 36.88 -62.26
CA GLY T 388 5.05 36.65 -61.21
C GLY T 388 4.78 37.35 -59.88
N GLY T 389 3.72 38.16 -59.80
CA GLY T 389 3.43 39.04 -58.67
C GLY T 389 4.15 40.40 -58.75
N PRO T 390 3.97 41.27 -57.74
CA PRO T 390 4.56 42.60 -57.69
C PRO T 390 6.09 42.59 -57.79
N GLY T 394 5.63 46.35 -52.58
CA GLY T 394 4.77 47.06 -51.63
C GLY T 394 5.06 46.77 -50.15
N THR T 395 4.39 47.48 -49.26
CA THR T 395 4.71 47.52 -47.82
C THR T 395 4.49 46.20 -47.07
N ASN T 396 3.71 45.25 -47.58
CA ASN T 396 3.52 43.91 -46.96
C ASN T 396 4.62 42.89 -47.33
N GLY T 397 5.55 43.23 -48.24
CA GLY T 397 6.72 42.42 -48.60
C GLY T 397 6.46 41.22 -49.52
N PRO T 398 7.53 40.50 -49.94
CA PRO T 398 7.50 39.43 -50.93
C PRO T 398 6.65 38.21 -50.52
N GLY T 399 5.93 37.61 -51.49
CA GLY T 399 5.09 36.41 -51.28
C GLY T 399 3.80 36.63 -50.48
N ASN T 400 3.56 37.85 -50.01
CA ASN T 400 2.39 38.22 -49.21
C ASN T 400 1.33 38.95 -50.06
N TYR T 401 0.12 39.07 -49.53
CA TYR T 401 -0.99 39.79 -50.15
C TYR T 401 -0.61 41.25 -50.41
N ALA T 402 -0.94 41.77 -51.60
CA ALA T 402 -0.61 43.10 -52.08
C ALA T 402 -1.88 43.83 -52.57
N VAL T 403 -1.79 45.13 -52.82
CA VAL T 403 -2.95 45.91 -53.28
C VAL T 403 -3.56 45.35 -54.57
N GLU T 404 -2.77 44.74 -55.46
CA GLU T 404 -3.27 44.06 -56.65
C GLU T 404 -4.26 42.91 -56.33
N HIS T 405 -4.09 42.18 -55.22
CA HIS T 405 -5.04 41.17 -54.79
C HIS T 405 -6.37 41.75 -54.33
N LEU T 406 -6.38 42.93 -53.70
CA LEU T 406 -7.60 43.68 -53.40
C LEU T 406 -8.28 44.14 -54.70
N VAL T 407 -7.52 44.61 -55.68
CA VAL T 407 -8.08 45.00 -57.00
C VAL T 407 -8.71 43.79 -57.70
N TYR T 408 -8.06 42.62 -57.68
CA TYR T 408 -8.61 41.35 -58.16
C TYR T 408 -9.93 40.93 -57.43
N ALA T 409 -10.02 41.07 -56.10
CA ALA T 409 -11.25 40.84 -55.33
C ALA T 409 -12.40 41.77 -55.77
N ALA T 410 -12.12 43.02 -56.12
CA ALA T 410 -13.07 44.00 -56.63
C ALA T 410 -13.33 43.92 -58.15
N SER T 411 -12.98 42.82 -58.84
CA SER T 411 -13.23 42.60 -60.28
C SER T 411 -12.64 43.66 -61.21
N PHE T 412 -11.53 44.29 -60.83
CA PHE T 412 -10.87 45.37 -61.58
C PHE T 412 -11.81 46.54 -61.89
N SER T 413 -12.80 46.78 -61.03
CA SER T 413 -13.82 47.81 -61.19
C SER T 413 -13.53 48.96 -60.23
N PRO T 414 -13.26 50.19 -60.70
CA PRO T 414 -13.05 51.33 -59.82
C PRO T 414 -14.30 51.68 -58.99
N ASN T 415 -15.51 51.45 -59.50
CA ASN T 415 -16.76 51.61 -58.74
C ASN T 415 -16.86 50.64 -57.55
N LEU T 416 -16.66 49.33 -57.76
CA LEU T 416 -16.66 48.35 -56.67
C LEU T 416 -15.50 48.60 -55.68
N LEU T 417 -14.29 48.87 -56.16
CA LEU T 417 -13.10 49.10 -55.33
C LEU T 417 -13.28 50.31 -54.40
N ALA T 418 -13.85 51.42 -54.87
CA ALA T 418 -14.19 52.57 -54.04
C ALA T 418 -15.13 52.21 -52.88
N ARG T 419 -16.20 51.43 -53.10
CA ARG T 419 -17.09 51.00 -52.01
C ARG T 419 -16.46 49.98 -51.06
N TYR T 420 -15.60 49.06 -51.53
CA TYR T 420 -14.80 48.20 -50.65
C TYR T 420 -13.90 49.03 -49.73
N ALA T 421 -13.17 50.02 -50.25
CA ALA T 421 -12.31 50.88 -49.45
C ALA T 421 -13.09 51.69 -48.41
N TYR T 422 -14.26 52.20 -48.77
CA TYR T 422 -15.17 52.83 -47.81
C TYR T 422 -15.55 51.91 -46.63
N TYR T 423 -15.88 50.63 -46.86
CA TYR T 423 -16.15 49.70 -45.76
C TYR T 423 -14.89 49.38 -44.93
N LEU T 424 -13.72 49.19 -45.57
CA LEU T 424 -12.46 48.95 -44.86
C LEU T 424 -12.04 50.12 -43.95
N GLN T 425 -12.41 51.35 -44.23
CA GLN T 425 -12.21 52.50 -43.34
C GLN T 425 -12.90 52.40 -41.96
N PHE T 426 -13.92 51.55 -41.78
CA PHE T 426 -14.50 51.27 -40.46
C PHE T 426 -13.72 50.24 -39.62
N CYS T 427 -12.77 49.52 -40.21
CA CYS T 427 -12.03 48.44 -39.55
C CYS T 427 -10.89 48.93 -38.66
N GLN T 428 -10.71 48.30 -37.50
CA GLN T 428 -9.57 48.49 -36.60
C GLN T 428 -8.29 47.89 -37.19
N GLY T 429 -7.15 48.55 -36.94
CA GLY T 429 -5.83 47.99 -37.20
C GLY T 429 -5.41 47.00 -36.11
N GLN T 430 -4.66 45.96 -36.50
CA GLN T 430 -4.09 44.97 -35.59
C GLN T 430 -2.62 44.74 -35.97
N LYS T 431 -1.70 45.48 -35.35
CA LYS T 431 -0.25 45.32 -35.56
C LYS T 431 0.21 43.92 -35.12
N SER T 432 0.96 43.23 -35.97
CA SER T 432 1.49 41.87 -35.72
C SER T 432 2.50 41.83 -34.57
N VAL T 437 6.56 49.28 -36.10
CA VAL T 437 5.90 50.01 -37.20
C VAL T 437 5.95 51.52 -36.93
N PRO T 438 6.19 52.38 -37.95
CA PRO T 438 6.07 53.82 -37.82
C PRO T 438 4.72 54.27 -37.22
N GLU T 439 4.73 55.34 -36.44
CA GLU T 439 3.49 55.97 -35.96
C GLU T 439 2.67 56.51 -37.13
N THR T 440 1.34 56.57 -37.01
CA THR T 440 0.45 56.93 -38.12
C THR T 440 0.82 58.28 -38.75
N GLY T 441 1.04 59.31 -37.93
CA GLY T 441 1.37 60.66 -38.40
C GLY T 441 2.75 60.80 -39.03
N SER T 442 3.75 60.01 -38.58
CA SER T 442 5.05 59.97 -39.26
C SER T 442 5.03 59.11 -40.53
N TYR T 443 4.08 58.19 -40.71
CA TYR T 443 3.82 57.57 -42.01
C TYR T 443 3.11 58.54 -42.97
N VAL T 444 2.01 59.18 -42.54
CA VAL T 444 1.25 60.13 -43.37
C VAL T 444 2.09 61.35 -43.82
N ALA T 445 2.92 61.93 -42.95
CA ALA T 445 3.82 63.02 -43.33
C ALA T 445 5.10 62.54 -44.04
N GLY T 446 5.51 61.28 -43.80
CA GLY T 446 6.69 60.66 -44.39
C GLY T 446 6.38 59.93 -45.69
N ALA T 447 6.55 58.60 -45.72
CA ALA T 447 6.49 57.80 -46.94
C ALA T 447 5.17 57.91 -47.74
N ALA T 448 4.03 58.23 -47.12
CA ALA T 448 2.78 58.46 -47.87
C ALA T 448 2.82 59.69 -48.80
N ALA T 449 3.65 60.69 -48.50
CA ALA T 449 3.77 61.94 -49.23
C ALA T 449 4.84 61.91 -50.35
N SER T 450 5.44 60.76 -50.63
CA SER T 450 6.47 60.60 -51.66
C SER T 450 5.90 60.78 -53.09
N PRO T 451 6.57 61.54 -53.97
CA PRO T 451 6.11 61.74 -55.36
C PRO T 451 6.16 60.47 -56.22
N MET T 452 6.77 59.39 -55.73
CA MET T 452 6.77 58.07 -56.36
C MET T 452 5.41 57.35 -56.36
N CYS T 453 4.44 57.75 -55.53
CA CYS T 453 3.12 57.10 -55.47
C CYS T 453 2.31 57.31 -56.76
N SER T 454 2.03 56.22 -57.49
CA SER T 454 1.27 56.24 -58.76
C SER T 454 -0.24 56.47 -58.62
N LEU T 455 -0.76 56.62 -57.39
CA LEU T 455 -2.17 56.94 -57.13
C LEU T 455 -2.43 58.43 -56.88
N CYS T 456 -1.67 59.07 -55.97
CA CYS T 456 -1.88 60.47 -55.57
C CYS T 456 -0.68 61.40 -55.80
N GLU T 457 0.47 60.94 -56.31
CA GLU T 457 1.70 61.73 -56.45
C GLU T 457 2.19 62.34 -55.11
N GLY T 458 1.79 61.78 -53.98
CA GLY T 458 2.01 62.35 -52.65
C GLY T 458 1.05 63.50 -52.27
N ARG T 459 0.19 63.95 -53.18
CA ARG T 459 -0.69 65.14 -53.03
C ARG T 459 -2.02 64.87 -52.31
N ALA T 460 -2.27 63.65 -51.82
CA ALA T 460 -3.42 63.30 -50.96
C ALA T 460 -3.08 62.15 -49.96
N PRO T 461 -2.13 62.34 -49.02
CA PRO T 461 -1.51 61.23 -48.31
C PRO T 461 -2.43 60.55 -47.28
N ALA T 462 -3.41 61.23 -46.69
CA ALA T 462 -4.22 60.71 -45.60
C ALA T 462 -5.37 59.79 -46.06
N VAL T 463 -5.96 60.03 -47.23
CA VAL T 463 -7.03 59.21 -47.82
C VAL T 463 -6.57 58.17 -48.86
N CYS T 464 -5.33 58.24 -49.36
CA CYS T 464 -4.84 57.34 -50.40
C CYS T 464 -5.05 55.85 -50.05
N LEU T 465 -5.40 55.03 -51.05
CA LEU T 465 -5.63 53.59 -50.90
C LEU T 465 -4.41 52.86 -50.35
N ASN T 466 -3.19 53.26 -50.71
CA ASN T 466 -1.96 52.72 -50.13
C ASN T 466 -1.80 53.04 -48.63
N THR T 467 -2.32 54.16 -48.12
CA THR T 467 -2.34 54.46 -46.68
C THR T 467 -3.32 53.55 -45.94
N LEU T 468 -4.53 53.35 -46.48
CA LEU T 468 -5.50 52.40 -45.93
C LEU T 468 -4.96 50.97 -45.93
N PHE T 469 -4.33 50.54 -47.03
CA PHE T 469 -3.69 49.24 -47.14
C PHE T 469 -2.56 49.06 -46.11
N PHE T 470 -1.70 50.05 -45.91
CA PHE T 470 -0.65 50.01 -44.91
C PHE T 470 -1.19 49.83 -43.48
N ARG T 471 -2.28 50.52 -43.14
CA ARG T 471 -2.96 50.44 -41.85
C ARG T 471 -3.54 49.05 -41.54
N LEU T 472 -4.11 48.36 -42.53
CA LEU T 472 -4.79 47.05 -42.40
C LEU T 472 -3.95 45.83 -42.79
N ARG T 473 -2.67 46.04 -43.10
CA ARG T 473 -1.68 45.11 -43.67
C ARG T 473 -1.64 43.69 -43.06
N ASP T 474 -1.58 43.61 -41.74
CA ASP T 474 -1.51 42.34 -41.00
C ASP T 474 -2.84 41.56 -40.91
N ARG T 475 -3.95 42.10 -41.44
CA ARG T 475 -5.26 41.42 -41.49
C ARG T 475 -5.57 40.74 -42.82
N PHE T 476 -4.88 41.05 -43.91
CA PHE T 476 -5.07 40.37 -45.20
C PHE T 476 -4.61 38.91 -45.15
N PRO T 477 -5.23 38.00 -45.91
CA PRO T 477 -4.92 36.56 -45.88
C PRO T 477 -3.55 36.21 -46.50
N PRO T 478 -3.03 34.99 -46.30
CA PRO T 478 -1.88 34.48 -47.06
C PRO T 478 -2.23 34.13 -48.51
N VAL T 479 -1.23 34.07 -49.39
CA VAL T 479 -1.38 33.73 -50.82
C VAL T 479 -1.11 32.24 -51.04
N MET T 480 -2.13 31.46 -51.39
CA MET T 480 -2.11 29.98 -51.33
C MET T 480 -2.14 29.30 -52.71
N SER T 481 -1.38 28.22 -52.88
CA SER T 481 -1.29 27.42 -54.10
C SER T 481 -1.72 25.95 -53.92
N THR T 482 -2.30 25.57 -52.79
CA THR T 482 -2.71 24.18 -52.47
C THR T 482 -4.14 23.84 -52.91
N GLN T 483 -4.51 22.56 -52.84
CA GLN T 483 -5.74 21.99 -53.41
C GLN T 483 -6.60 21.21 -52.38
N ARG T 484 -6.56 21.58 -51.10
CA ARG T 484 -7.34 20.98 -50.00
C ARG T 484 -8.86 21.26 -50.08
N ARG T 485 -9.70 20.34 -49.59
CA ARG T 485 -11.16 20.45 -49.49
C ARG T 485 -11.62 21.23 -48.25
N ASP T 486 -11.78 22.55 -48.37
CA ASP T 486 -12.26 23.43 -47.30
C ASP T 486 -13.69 23.96 -47.58
N PRO T 487 -14.44 24.39 -46.55
CA PRO T 487 -15.66 25.21 -46.71
C PRO T 487 -15.36 26.56 -47.35
N TYR T 488 -16.35 27.19 -47.97
CA TYR T 488 -16.27 28.58 -48.49
C TYR T 488 -17.29 29.50 -47.82
N VAL T 489 -17.00 30.80 -47.75
CA VAL T 489 -17.80 31.79 -47.00
C VAL T 489 -18.81 32.51 -47.88
N ILE T 490 -20.08 32.54 -47.49
CA ILE T 490 -21.19 33.18 -48.23
C ILE T 490 -21.83 34.30 -47.39
N SER T 491 -22.42 35.31 -48.06
CA SER T 491 -23.10 36.45 -47.43
C SER T 491 -24.46 36.70 -48.05
N GLY T 492 -25.46 37.11 -47.27
CA GLY T 492 -26.76 37.53 -47.79
C GLY T 492 -27.86 37.57 -46.75
N ALA T 493 -29.09 37.82 -47.19
CA ALA T 493 -30.29 37.81 -46.35
C ALA T 493 -30.69 36.40 -45.89
N SER T 494 -31.15 36.29 -44.64
CA SER T 494 -31.75 35.06 -44.11
C SER T 494 -33.24 34.95 -44.46
N GLY T 495 -33.74 33.72 -44.51
CA GLY T 495 -35.16 33.40 -44.69
C GLY T 495 -35.99 33.57 -43.43
N SER T 496 -37.30 33.30 -43.54
CA SER T 496 -38.27 33.54 -42.47
C SER T 496 -38.28 32.48 -41.35
N TYR T 497 -37.90 31.23 -41.61
CA TYR T 497 -38.06 30.13 -40.64
C TYR T 497 -36.72 29.49 -40.28
N ASN T 498 -36.08 30.02 -39.22
CA ASN T 498 -34.81 29.54 -38.69
C ASN T 498 -35.02 28.82 -37.35
N GLU T 499 -34.28 27.75 -37.10
CA GLU T 499 -34.37 26.92 -35.89
C GLU T 499 -33.02 26.89 -35.19
N THR T 500 -32.81 27.84 -34.27
CA THR T 500 -31.51 28.15 -33.66
C THR T 500 -31.56 28.31 -32.12
N ASP T 501 -32.63 27.87 -31.46
CA ASP T 501 -32.60 27.57 -30.00
C ASP T 501 -31.72 26.34 -29.71
N PHE T 502 -31.39 26.05 -28.45
CA PHE T 502 -30.38 25.06 -28.05
C PHE T 502 -30.53 23.65 -28.65
N LEU T 503 -31.76 23.15 -28.86
CA LEU T 503 -32.04 21.86 -29.51
C LEU T 503 -32.55 21.99 -30.95
N GLY T 504 -32.37 23.14 -31.61
CA GLY T 504 -32.60 23.31 -33.03
C GLY T 504 -34.01 22.92 -33.48
N ASN T 505 -34.12 22.05 -34.47
CA ASN T 505 -35.38 21.59 -35.06
C ASN T 505 -36.08 20.43 -34.30
N PHE T 506 -35.64 20.07 -33.08
CA PHE T 506 -36.32 19.11 -32.21
C PHE T 506 -37.81 19.46 -32.02
N LEU T 507 -38.74 18.53 -32.29
CA LEU T 507 -40.20 18.71 -32.11
C LEU T 507 -40.74 20.03 -32.70
N ASN T 508 -40.27 20.44 -33.89
CA ASN T 508 -40.73 21.66 -34.56
C ASN T 508 -42.20 21.57 -35.02
N PHE T 509 -42.66 20.37 -35.39
CA PHE T 509 -44.02 20.03 -35.78
C PHE T 509 -44.47 18.69 -35.16
N ILE T 510 -45.77 18.45 -35.11
CA ILE T 510 -46.40 17.20 -34.64
C ILE T 510 -47.30 16.61 -35.73
N TYR T 525 -46.73 19.04 -27.03
CA TYR T 525 -46.73 20.28 -27.82
C TYR T 525 -45.35 20.56 -28.45
N THR T 526 -45.30 21.37 -29.52
CA THR T 526 -44.04 21.67 -30.22
C THR T 526 -43.04 22.41 -29.33
N TYR T 527 -41.74 22.27 -29.64
CA TYR T 527 -40.66 22.98 -28.94
C TYR T 527 -40.83 24.50 -29.06
N TRP T 528 -41.33 25.00 -30.20
CA TRP T 528 -41.70 26.40 -30.36
C TRP T 528 -42.78 26.83 -29.35
N GLN T 529 -43.85 26.05 -29.18
CA GLN T 529 -44.88 26.32 -28.19
C GLN T 529 -44.34 26.27 -26.75
N LEU T 530 -43.49 25.29 -26.43
CA LEU T 530 -42.83 25.20 -25.13
C LEU T 530 -42.05 26.48 -24.77
N ASN T 531 -41.33 27.05 -25.73
CA ASN T 531 -40.61 28.31 -25.52
C ASN T 531 -41.58 29.49 -25.34
N GLN T 532 -42.68 29.55 -26.10
CA GLN T 532 -43.73 30.56 -25.88
C GLN T 532 -44.40 30.45 -24.50
N ASN T 533 -44.64 29.25 -23.97
CA ASN T 533 -45.16 29.05 -22.62
C ASN T 533 -44.20 29.61 -21.56
N LEU T 534 -42.90 29.33 -21.67
CA LEU T 534 -41.90 29.83 -20.73
C LEU T 534 -41.85 31.37 -20.71
N LEU T 535 -41.84 32.03 -21.87
CA LEU T 535 -41.85 33.51 -21.93
C LEU T 535 -43.10 34.12 -21.26
N GLU T 536 -44.27 33.47 -21.37
CA GLU T 536 -45.48 33.88 -20.64
C GLU T 536 -45.32 33.75 -19.12
N ARG T 537 -44.78 32.63 -18.60
CA ARG T 537 -44.48 32.52 -17.17
C ARG T 537 -43.50 33.59 -16.69
N LEU T 538 -42.46 33.89 -17.47
CA LEU T 538 -41.48 34.93 -17.14
C LEU T 538 -42.09 36.34 -17.18
N SER T 539 -43.10 36.59 -18.03
CA SER T 539 -43.88 37.83 -18.02
C SER T 539 -44.63 38.04 -16.69
N ARG T 540 -45.26 36.98 -16.13
CA ARG T 540 -45.86 37.03 -14.78
C ARG T 540 -44.87 37.27 -13.64
N LEU T 541 -43.57 36.98 -13.83
CA LEU T 541 -42.50 37.32 -12.90
C LEU T 541 -41.91 38.74 -13.11
N GLY T 542 -42.40 39.50 -14.08
CA GLY T 542 -41.93 40.86 -14.39
C GLY T 542 -40.69 40.94 -15.29
N ILE T 543 -40.38 39.87 -16.05
CA ILE T 543 -39.22 39.77 -16.95
C ILE T 543 -39.68 39.78 -18.42
N ASP T 544 -39.13 40.66 -19.26
CA ASP T 544 -39.47 40.72 -20.70
C ASP T 544 -38.66 39.74 -21.60
N ALA T 545 -38.96 39.71 -22.90
CA ALA T 545 -38.32 38.81 -23.88
C ALA T 545 -36.81 39.01 -24.09
N GLU T 546 -36.24 40.16 -23.68
CA GLU T 546 -34.80 40.45 -23.70
C GLU T 546 -34.17 40.38 -22.29
N GLY T 547 -34.95 39.94 -21.29
CA GLY T 547 -34.50 39.74 -19.93
C GLY T 547 -34.47 40.99 -19.05
N LYS T 548 -35.08 42.11 -19.46
CA LYS T 548 -35.19 43.32 -18.61
C LYS T 548 -36.27 43.14 -17.53
N LEU T 549 -35.98 43.60 -16.31
CA LEU T 549 -36.94 43.62 -15.20
C LEU T 549 -37.79 44.91 -15.20
N GLU T 550 -39.08 44.78 -14.87
CA GLU T 550 -39.91 45.92 -14.49
C GLU T 550 -39.67 46.42 -13.05
N LYS T 551 -38.98 45.63 -12.21
CA LYS T 551 -38.53 45.99 -10.85
C LYS T 551 -37.22 45.28 -10.49
N GLU T 552 -36.14 46.03 -10.35
CA GLU T 552 -34.81 45.50 -10.02
C GLU T 552 -34.68 45.09 -8.54
N PRO T 553 -33.86 44.07 -8.19
CA PRO T 553 -33.76 43.54 -6.83
C PRO T 553 -33.18 44.55 -5.83
N HIS T 554 -33.84 44.69 -4.68
CA HIS T 554 -33.50 45.64 -3.60
C HIS T 554 -32.26 45.28 -2.76
N GLY T 555 -31.91 44.01 -2.63
CA GLY T 555 -30.95 43.51 -1.64
C GLY T 555 -30.87 41.97 -1.64
N PRO T 556 -30.14 41.35 -0.70
CA PRO T 556 -29.94 39.90 -0.65
C PRO T 556 -31.22 39.06 -0.71
N ARG T 557 -32.25 39.38 0.09
CA ARG T 557 -33.54 38.64 0.07
C ARG T 557 -34.18 38.70 -1.31
N ASP T 558 -34.24 39.89 -1.88
CA ASP T 558 -34.87 40.13 -3.18
C ASP T 558 -34.11 39.46 -4.33
N PHE T 559 -32.78 39.39 -4.25
CA PHE T 559 -31.93 38.69 -5.21
C PHE T 559 -32.16 37.17 -5.15
N VAL T 560 -32.21 36.57 -3.96
CA VAL T 560 -32.54 35.14 -3.82
C VAL T 560 -33.97 34.85 -4.29
N LYS T 561 -34.95 35.66 -3.87
CA LYS T 561 -36.36 35.54 -4.27
C LYS T 561 -36.54 35.58 -5.78
N MET T 562 -35.90 36.53 -6.47
CA MET T 562 -35.89 36.63 -7.93
C MET T 562 -35.51 35.32 -8.63
N PHE T 563 -34.40 34.68 -8.21
CA PHE T 563 -33.98 33.40 -8.82
C PHE T 563 -34.87 32.21 -8.44
N LYS T 564 -35.27 32.07 -7.17
CA LYS T 564 -36.09 30.92 -6.74
C LYS T 564 -37.44 30.89 -7.47
N ASP T 565 -38.04 32.03 -7.77
CA ASP T 565 -39.22 32.11 -8.60
C ASP T 565 -39.01 31.65 -10.06
N VAL T 566 -37.90 32.03 -10.71
CA VAL T 566 -37.59 31.56 -12.07
C VAL T 566 -37.33 30.05 -12.10
N ASP T 567 -36.57 29.53 -11.14
CA ASP T 567 -36.34 28.08 -11.02
C ASP T 567 -37.65 27.30 -10.87
N ALA T 568 -38.54 27.72 -9.95
CA ALA T 568 -39.85 27.10 -9.78
C ALA T 568 -40.73 27.20 -11.06
N ALA T 569 -40.71 28.33 -11.77
CA ALA T 569 -41.43 28.50 -13.02
C ALA T 569 -40.94 27.57 -14.15
N VAL T 570 -39.62 27.37 -14.30
CA VAL T 570 -39.05 26.43 -15.27
C VAL T 570 -39.39 24.99 -14.89
N ASP T 571 -39.26 24.64 -13.60
CA ASP T 571 -39.49 23.28 -13.12
C ASP T 571 -40.97 22.86 -13.25
N ALA T 572 -41.93 23.78 -13.09
CA ALA T 572 -43.33 23.56 -13.42
C ALA T 572 -43.56 23.24 -14.91
N GLU T 573 -42.93 23.97 -15.83
CA GLU T 573 -43.10 23.74 -17.27
C GLU T 573 -42.49 22.41 -17.75
N VAL T 574 -41.37 21.96 -17.15
CA VAL T 574 -40.79 20.65 -17.48
C VAL T 574 -41.77 19.50 -17.18
N VAL T 575 -42.48 19.56 -16.05
CA VAL T 575 -43.48 18.56 -15.68
C VAL T 575 -44.62 18.51 -16.70
N GLN T 576 -45.25 19.65 -17.03
CA GLN T 576 -46.34 19.66 -18.02
C GLN T 576 -45.87 19.17 -19.38
N PHE T 577 -44.65 19.49 -19.79
CA PHE T 577 -44.08 18.98 -21.04
C PHE T 577 -43.85 17.47 -21.01
N MET T 578 -43.20 16.92 -19.98
CA MET T 578 -42.96 15.47 -19.88
C MET T 578 -44.27 14.66 -19.77
N ASN T 579 -45.32 15.19 -19.14
CA ASN T 579 -46.66 14.60 -19.16
C ASN T 579 -47.23 14.51 -20.59
N SER T 580 -47.07 15.56 -21.41
CA SER T 580 -47.50 15.54 -22.80
C SER T 580 -46.77 14.46 -23.61
N MET T 581 -45.44 14.33 -23.48
CA MET T 581 -44.68 13.31 -24.21
C MET T 581 -45.09 11.89 -23.83
N ALA T 582 -45.35 11.65 -22.54
CA ALA T 582 -45.76 10.34 -22.02
C ALA T 582 -47.14 9.90 -22.54
N LYS T 583 -48.18 10.73 -22.38
CA LYS T 583 -49.57 10.33 -22.71
C LYS T 583 -49.82 10.10 -24.21
N ASN T 584 -49.00 10.73 -25.07
CA ASN T 584 -49.03 10.58 -26.52
C ASN T 584 -48.06 9.49 -27.06
N ASN T 585 -47.32 8.77 -26.19
CA ASN T 585 -46.31 7.77 -26.61
C ASN T 585 -45.25 8.32 -27.59
N ILE T 586 -44.86 9.59 -27.49
CA ILE T 586 -43.88 10.20 -28.41
C ILE T 586 -42.47 9.75 -28.02
N THR T 587 -41.67 9.28 -28.98
CA THR T 587 -40.30 8.77 -28.76
C THR T 587 -39.24 9.89 -28.67
N TYR T 588 -39.46 10.86 -27.79
CA TYR T 588 -38.64 12.08 -27.66
C TYR T 588 -37.15 11.77 -27.37
N LYS T 589 -36.91 10.70 -26.62
CA LYS T 589 -35.59 10.13 -26.27
C LYS T 589 -34.74 9.71 -27.47
N ASP T 590 -35.35 9.36 -28.61
CA ASP T 590 -34.64 9.15 -29.89
C ASP T 590 -34.66 10.38 -30.79
N LEU T 591 -35.72 11.20 -30.76
CA LEU T 591 -35.78 12.43 -31.56
C LEU T 591 -34.70 13.46 -31.19
N VAL T 592 -34.23 13.51 -29.93
CA VAL T 592 -33.07 14.33 -29.53
C VAL T 592 -31.81 13.96 -30.31
N LYS T 593 -31.52 12.67 -30.51
CA LYS T 593 -30.28 12.20 -31.18
C LYS T 593 -30.12 12.76 -32.60
N SER T 594 -31.22 12.92 -33.33
CA SER T 594 -31.21 13.38 -34.72
C SER T 594 -31.57 14.86 -34.93
N CYS T 595 -31.59 15.72 -33.90
CA CYS T 595 -31.91 17.14 -34.10
C CYS T 595 -30.73 17.97 -34.65
N TYR T 596 -31.03 18.97 -35.48
CA TYR T 596 -30.08 19.90 -36.10
C TYR T 596 -30.48 21.36 -35.84
N HIS T 597 -29.51 22.26 -35.73
CA HIS T 597 -29.76 23.68 -35.99
C HIS T 597 -30.00 23.89 -37.49
N VAL T 598 -30.94 24.76 -37.85
CA VAL T 598 -31.23 25.08 -39.25
C VAL T 598 -31.25 26.58 -39.47
N MET T 599 -30.57 27.06 -40.51
CA MET T 599 -30.66 28.43 -41.01
C MET T 599 -31.06 28.43 -42.49
N GLN T 600 -31.91 29.36 -42.88
CA GLN T 600 -32.32 29.54 -44.27
C GLN T 600 -31.55 30.70 -44.90
N TYR T 601 -30.86 30.46 -46.01
CA TYR T 601 -30.27 31.50 -46.87
C TYR T 601 -31.26 31.80 -48.00
N SER T 602 -31.72 33.05 -48.09
CA SER T 602 -32.77 33.47 -49.05
C SER T 602 -32.26 33.52 -50.49
N CYS T 603 -33.08 33.13 -51.47
CA CYS T 603 -32.77 33.24 -52.90
C CYS T 603 -33.48 34.40 -53.62
N ASN T 604 -34.15 35.31 -52.90
CA ASN T 604 -34.72 36.52 -53.49
C ASN T 604 -33.64 37.63 -53.62
N PRO T 605 -33.32 38.15 -54.81
CA PRO T 605 -32.36 39.25 -54.95
C PRO T 605 -32.84 40.57 -54.32
N PHE T 606 -34.14 40.80 -54.19
CA PHE T 606 -34.69 42.01 -53.57
C PHE T 606 -34.69 41.99 -52.04
N ALA T 607 -34.50 40.83 -51.41
CA ALA T 607 -34.35 40.69 -49.96
C ALA T 607 -32.97 41.11 -49.43
N GLN T 608 -31.96 41.25 -50.28
CA GLN T 608 -30.58 41.63 -49.88
C GLN T 608 -30.52 43.08 -49.38
N PRO T 609 -29.53 43.48 -48.55
CA PRO T 609 -29.40 44.87 -48.11
C PRO T 609 -29.10 45.82 -49.26
N ALA T 610 -29.54 47.08 -49.17
CA ALA T 610 -29.45 48.10 -50.21
C ALA T 610 -28.03 48.66 -50.41
N CYS T 611 -27.11 47.80 -50.88
CA CYS T 611 -25.74 48.07 -51.26
C CYS T 611 -25.41 47.33 -52.57
N PRO T 612 -24.77 47.99 -53.56
CA PRO T 612 -24.31 47.33 -54.78
C PRO T 612 -23.24 46.24 -54.60
N ILE T 613 -22.47 46.19 -53.49
CA ILE T 613 -21.54 45.07 -53.22
C ILE T 613 -22.30 43.78 -52.93
N PHE T 614 -23.44 43.85 -52.24
CA PHE T 614 -24.28 42.69 -51.99
C PHE T 614 -24.90 42.08 -53.26
N THR T 615 -25.06 42.84 -54.35
CA THR T 615 -25.39 42.28 -55.68
C THR T 615 -24.34 41.26 -56.11
N GLN T 616 -23.06 41.61 -56.09
CA GLN T 616 -21.96 40.71 -56.45
C GLN T 616 -21.80 39.54 -55.46
N LEU T 617 -21.87 39.78 -54.15
CA LEU T 617 -21.78 38.70 -53.17
C LEU T 617 -22.93 37.69 -53.31
N PHE T 618 -24.17 38.12 -53.56
CA PHE T 618 -25.30 37.22 -53.77
C PHE T 618 -25.16 36.38 -55.05
N TYR T 619 -24.92 37.01 -56.21
CA TYR T 619 -24.77 36.32 -57.50
C TYR T 619 -23.63 35.30 -57.48
N ARG T 620 -22.47 35.64 -56.90
CA ARG T 620 -21.30 34.75 -56.81
C ARG T 620 -21.49 33.62 -55.80
N SER T 621 -22.23 33.84 -54.72
CA SER T 621 -22.63 32.77 -53.79
C SER T 621 -23.54 31.76 -54.49
N LEU T 622 -24.55 32.21 -55.24
CA LEU T 622 -25.46 31.36 -55.99
C LEU T 622 -24.75 30.52 -57.07
N LEU T 623 -23.91 31.13 -57.92
CA LEU T 623 -23.15 30.42 -58.95
C LEU T 623 -22.25 29.34 -58.35
N THR T 624 -21.61 29.62 -57.21
CA THR T 624 -20.74 28.67 -56.51
C THR T 624 -21.51 27.48 -55.95
N ILE T 625 -22.67 27.72 -55.34
CA ILE T 625 -23.49 26.66 -54.77
C ILE T 625 -24.05 25.73 -55.86
N LEU T 626 -24.46 26.26 -57.01
CA LEU T 626 -24.91 25.44 -58.14
C LEU T 626 -23.80 24.57 -58.72
N GLN T 627 -22.56 25.06 -58.79
CA GLN T 627 -21.42 24.24 -59.19
C GLN T 627 -21.17 23.10 -58.20
N ASP T 628 -21.10 23.39 -56.90
CA ASP T 628 -20.83 22.39 -55.86
C ASP T 628 -21.88 21.27 -55.78
N ILE T 629 -23.17 21.62 -55.93
CA ILE T 629 -24.27 20.63 -56.03
C ILE T 629 -24.14 19.75 -57.28
N SER T 630 -23.69 20.28 -58.41
CA SER T 630 -23.62 19.54 -59.68
C SER T 630 -22.51 18.48 -59.76
N LEU T 631 -21.46 18.57 -58.95
CA LEU T 631 -20.25 17.74 -59.12
C LEU T 631 -20.52 16.22 -59.15
N PRO T 632 -21.22 15.59 -58.19
CA PRO T 632 -21.45 14.15 -58.20
C PRO T 632 -22.42 13.70 -59.30
N ILE T 633 -23.37 14.56 -59.70
CA ILE T 633 -24.30 14.29 -60.81
C ILE T 633 -23.52 14.14 -62.13
N CYS T 634 -22.55 15.02 -62.38
CA CYS T 634 -21.65 14.95 -63.53
C CYS T 634 -20.73 13.74 -63.49
N MET T 635 -20.14 13.44 -62.33
CA MET T 635 -19.27 12.28 -62.12
C MET T 635 -19.98 10.96 -62.42
N CYS T 636 -21.20 10.75 -61.92
CA CYS T 636 -21.93 9.50 -62.17
C CYS T 636 -22.30 9.35 -63.64
N TYR T 637 -22.73 10.43 -64.31
CA TYR T 637 -23.02 10.39 -65.73
C TYR T 637 -21.76 10.09 -66.57
N GLU T 638 -20.62 10.69 -66.25
CA GLU T 638 -19.36 10.44 -66.97
C GLU T 638 -18.80 9.04 -66.71
N ASN T 639 -18.92 8.48 -65.50
CA ASN T 639 -18.57 7.09 -65.22
C ASN T 639 -19.32 6.11 -66.15
N ASP T 640 -20.57 6.40 -66.52
CA ASP T 640 -21.40 5.60 -67.45
C ASP T 640 -21.16 5.94 -68.93
N ASN T 641 -20.64 7.14 -69.24
CA ASN T 641 -20.46 7.69 -70.58
C ASN T 641 -19.06 8.32 -70.70
N PRO T 642 -17.98 7.51 -70.67
CA PRO T 642 -16.62 8.00 -70.45
C PRO T 642 -16.10 8.94 -71.54
N GLY T 643 -15.12 9.77 -71.17
CA GLY T 643 -14.52 10.76 -72.05
C GLY T 643 -13.73 10.18 -73.22
N LEU T 644 -13.05 9.04 -73.04
CA LEU T 644 -12.32 8.30 -74.10
C LEU T 644 -11.36 9.19 -74.93
N GLY T 645 -10.70 10.15 -74.28
CA GLY T 645 -9.78 11.10 -74.90
C GLY T 645 -10.41 12.28 -75.65
N GLN T 646 -11.74 12.39 -75.69
CA GLN T 646 -12.42 13.57 -76.22
C GLN T 646 -12.13 14.82 -75.36
N SER T 647 -12.05 16.00 -75.98
CA SER T 647 -12.07 17.27 -75.26
C SER T 647 -13.49 17.55 -74.72
N PRO T 648 -13.65 18.32 -73.62
CA PRO T 648 -14.98 18.57 -73.07
C PRO T 648 -16.00 19.18 -74.04
N PRO T 649 -15.68 20.15 -74.93
CA PRO T 649 -16.65 20.65 -75.92
C PRO T 649 -17.17 19.58 -76.88
N GLU T 650 -16.34 18.62 -77.31
CA GLU T 650 -16.77 17.48 -78.12
C GLU T 650 -17.70 16.54 -77.34
N TRP T 651 -17.34 16.20 -76.10
CA TRP T 651 -18.15 15.33 -75.23
C TRP T 651 -19.52 15.96 -74.88
N LEU T 652 -19.55 17.25 -74.57
CA LEU T 652 -20.78 17.99 -74.25
C LEU T 652 -21.75 18.10 -75.42
N LYS T 653 -21.24 18.13 -76.67
CA LYS T 653 -22.07 18.23 -77.88
C LYS T 653 -23.11 17.09 -77.97
N GLY T 654 -22.71 15.86 -77.64
CA GLY T 654 -23.63 14.72 -77.55
C GLY T 654 -24.43 14.66 -76.23
N HIS T 655 -23.80 14.91 -75.09
CA HIS T 655 -24.37 14.56 -73.78
C HIS T 655 -25.13 15.65 -73.02
N TYR T 656 -24.96 16.93 -73.33
CA TYR T 656 -25.40 18.01 -72.42
C TYR T 656 -26.92 18.10 -72.23
N GLN T 657 -27.72 17.90 -73.28
CA GLN T 657 -29.19 17.94 -73.17
C GLN T 657 -29.75 16.92 -72.17
N THR T 658 -29.14 15.74 -72.08
CA THR T 658 -29.48 14.72 -71.08
C THR T 658 -29.03 15.14 -69.68
N LEU T 659 -27.81 15.65 -69.54
CA LEU T 659 -27.27 16.12 -68.27
C LEU T 659 -28.08 17.27 -67.63
N CYS T 660 -28.65 18.20 -68.41
CA CYS T 660 -29.60 19.21 -67.89
C CYS T 660 -30.79 18.59 -67.15
N THR T 661 -31.37 17.52 -67.70
CA THR T 661 -32.56 16.86 -67.18
C THR T 661 -32.23 16.03 -65.93
N ASN T 662 -31.09 15.36 -65.90
CA ASN T 662 -30.56 14.75 -64.67
C ASN T 662 -30.39 15.81 -63.57
N PHE T 663 -29.77 16.95 -63.85
CA PHE T 663 -29.58 18.00 -62.85
C PHE T 663 -30.90 18.49 -62.26
N ARG T 664 -31.88 18.86 -63.09
CA ARG T 664 -33.22 19.31 -62.64
C ARG T 664 -33.91 18.29 -61.72
N SER T 665 -33.71 17.00 -61.96
CA SER T 665 -34.31 15.91 -61.18
C SER T 665 -33.57 15.58 -59.87
N LEU T 666 -32.25 15.82 -59.81
CA LEU T 666 -31.37 15.38 -58.71
C LEU T 666 -30.80 16.51 -57.83
N ALA T 667 -30.86 17.77 -58.26
CA ALA T 667 -30.36 18.91 -57.49
C ALA T 667 -31.41 19.55 -56.57
N ILE T 668 -32.69 19.50 -56.93
CA ILE T 668 -33.77 20.27 -56.30
C ILE T 668 -34.62 19.37 -55.41
N ASP T 669 -35.01 19.84 -54.22
CA ASP T 669 -35.70 19.07 -53.16
C ASP T 669 -34.92 17.87 -52.60
N LYS T 670 -33.59 17.82 -52.74
CA LYS T 670 -32.72 16.73 -52.25
C LYS T 670 -31.85 17.10 -51.03
N GLY T 671 -32.12 18.23 -50.39
CA GLY T 671 -31.63 18.57 -49.05
C GLY T 671 -30.87 19.90 -48.91
N VAL T 672 -30.59 20.62 -50.00
CA VAL T 672 -29.92 21.94 -49.97
C VAL T 672 -30.79 23.00 -50.62
N LEU T 673 -31.11 22.85 -51.90
CA LEU T 673 -31.80 23.85 -52.71
C LEU T 673 -33.28 23.48 -52.88
N THR T 674 -34.18 24.44 -52.69
CA THR T 674 -35.59 24.29 -53.02
C THR T 674 -36.02 25.32 -54.05
N ALA T 675 -36.82 24.89 -55.01
CA ALA T 675 -37.38 25.72 -56.07
C ALA T 675 -38.71 25.11 -56.55
N LYS T 676 -39.62 25.94 -57.04
CA LYS T 676 -40.94 25.53 -57.53
C LYS T 676 -41.06 25.84 -59.02
N GLU T 677 -41.37 24.84 -59.84
CA GLU T 677 -41.74 25.08 -61.23
C GLU T 677 -43.19 25.59 -61.34
N ALA T 678 -43.43 26.46 -62.31
CA ALA T 678 -44.74 27.05 -62.57
C ALA T 678 -44.95 27.34 -64.07
N LYS T 679 -46.20 27.30 -64.52
CA LYS T 679 -46.63 27.79 -65.84
C LYS T 679 -47.16 29.22 -65.72
N VAL T 680 -46.75 30.08 -66.64
CA VAL T 680 -47.19 31.49 -66.71
C VAL T 680 -48.21 31.63 -67.82
N VAL T 681 -49.36 32.22 -67.51
CA VAL T 681 -50.45 32.46 -68.47
C VAL T 681 -50.95 33.90 -68.43
N HIS T 682 -51.34 34.44 -69.58
CA HIS T 682 -52.02 35.73 -69.68
C HIS T 682 -53.51 35.53 -70.01
N GLY T 683 -54.40 36.19 -69.27
CA GLY T 683 -55.84 35.92 -69.36
C GLY T 683 -56.51 36.48 -70.61
N GLU T 684 -56.28 37.76 -70.93
CA GLU T 684 -56.88 38.41 -72.11
C GLU T 684 -56.19 38.04 -73.44
N PRO T 685 -56.92 37.95 -74.57
CA PRO T 685 -56.34 37.69 -75.90
C PRO T 685 -55.70 38.94 -76.54
N THR T 686 -56.06 40.14 -76.05
CA THR T 686 -55.53 41.45 -76.45
C THR T 686 -55.26 42.29 -75.19
N CYS T 687 -54.44 43.33 -75.25
CA CYS T 687 -54.30 44.26 -74.12
C CYS T 687 -54.09 45.72 -74.53
N ASP T 688 -54.44 46.67 -73.66
CA ASP T 688 -54.35 48.11 -73.91
C ASP T 688 -52.89 48.57 -73.91
N LEU T 689 -52.35 48.92 -75.08
CA LEU T 689 -50.96 49.32 -75.25
C LEU T 689 -50.84 50.52 -76.21
N PRO T 690 -49.76 51.31 -76.15
CA PRO T 690 -49.56 52.43 -77.05
C PRO T 690 -49.22 51.96 -78.47
N ASP T 691 -49.66 52.70 -79.49
CA ASP T 691 -49.31 52.40 -80.87
C ASP T 691 -47.84 52.80 -81.15
N LEU T 692 -46.94 51.81 -81.10
CA LEU T 692 -45.50 52.05 -81.12
C LEU T 692 -45.01 52.64 -82.45
N ASP T 693 -45.69 52.37 -83.56
CA ASP T 693 -45.40 52.99 -84.86
C ASP T 693 -45.73 54.49 -84.86
N ALA T 694 -46.89 54.89 -84.32
CA ALA T 694 -47.21 56.31 -84.12
C ALA T 694 -46.29 56.99 -83.09
N ALA T 695 -45.95 56.30 -81.99
CA ALA T 695 -45.11 56.84 -80.93
C ALA T 695 -43.67 57.11 -81.39
N LEU T 696 -43.12 56.26 -82.27
CA LEU T 696 -41.84 56.49 -82.93
C LEU T 696 -41.85 57.78 -83.77
N GLN T 697 -43.00 58.13 -84.36
CA GLN T 697 -43.19 59.40 -85.09
C GLN T 697 -43.79 60.54 -84.22
N GLY T 698 -43.82 60.38 -82.88
CA GLY T 698 -44.22 61.44 -81.95
C GLY T 698 -45.72 61.58 -81.65
N ARG T 699 -46.58 60.71 -82.19
CA ARG T 699 -48.04 60.72 -81.99
C ARG T 699 -48.46 59.65 -80.99
N VAL T 700 -49.27 60.00 -79.99
CA VAL T 700 -49.62 59.13 -78.86
C VAL T 700 -51.10 58.76 -78.88
N TYR T 701 -51.41 57.47 -79.07
CA TYR T 701 -52.75 56.90 -78.88
C TYR T 701 -52.71 55.38 -78.67
N GLY T 702 -53.79 54.82 -78.12
CA GLY T 702 -53.89 53.42 -77.71
C GLY T 702 -54.38 52.46 -78.80
N ARG T 703 -54.03 51.18 -78.66
CA ARG T 703 -54.46 50.06 -79.50
C ARG T 703 -54.65 48.80 -78.64
N ARG T 704 -55.61 47.94 -78.95
CA ARG T 704 -55.74 46.61 -78.32
C ARG T 704 -55.03 45.55 -79.14
N LEU T 705 -53.72 45.48 -78.95
CA LEU T 705 -52.81 44.56 -79.66
C LEU T 705 -53.06 43.09 -79.21
N PRO T 706 -53.25 42.14 -80.14
CA PRO T 706 -53.22 40.70 -79.84
C PRO T 706 -51.89 40.25 -79.24
N VAL T 707 -51.92 39.44 -78.18
CA VAL T 707 -50.70 39.05 -77.42
C VAL T 707 -50.67 37.59 -77.02
N ARG T 708 -49.48 37.00 -76.98
CA ARG T 708 -49.21 35.66 -76.44
C ARG T 708 -47.82 35.53 -75.79
N MET T 709 -47.64 34.56 -74.88
CA MET T 709 -46.36 34.35 -74.19
C MET T 709 -45.31 33.72 -75.11
N SER T 710 -44.07 34.24 -75.10
CA SER T 710 -42.92 33.63 -75.80
C SER T 710 -42.22 32.52 -74.98
N LYS T 711 -42.44 32.48 -73.66
CA LYS T 711 -42.01 31.42 -72.75
C LYS T 711 -43.08 31.15 -71.69
N VAL T 712 -43.33 29.88 -71.37
CA VAL T 712 -44.41 29.48 -70.44
C VAL T 712 -43.87 28.93 -69.12
N LEU T 713 -42.76 28.18 -69.12
CA LEU T 713 -42.17 27.63 -67.90
C LEU T 713 -41.31 28.66 -67.14
N MET T 714 -41.47 28.70 -65.82
CA MET T 714 -40.71 29.52 -64.88
C MET T 714 -40.22 28.67 -63.69
N LEU T 715 -38.99 28.90 -63.22
CA LEU T 715 -38.39 28.20 -62.09
C LEU T 715 -38.16 29.17 -60.93
N CYS T 716 -39.10 29.24 -60.01
CA CYS T 716 -39.07 30.16 -58.87
C CYS T 716 -38.16 29.61 -57.76
N PRO T 717 -37.02 30.24 -57.44
CA PRO T 717 -36.16 29.78 -56.34
C PRO T 717 -36.77 30.14 -54.98
N ARG T 718 -36.48 29.35 -53.93
CA ARG T 718 -37.02 29.58 -52.59
C ARG T 718 -35.91 29.81 -51.55
N ASN T 719 -35.25 28.77 -51.04
CA ASN T 719 -34.16 28.89 -50.07
C ASN T 719 -33.02 27.91 -50.35
N ILE T 720 -31.85 28.23 -49.82
CA ILE T 720 -30.74 27.32 -49.58
C ILE T 720 -30.68 27.03 -48.07
N LYS T 721 -30.60 25.77 -47.66
CA LYS T 721 -30.72 25.34 -46.26
C LYS T 721 -29.37 24.95 -45.67
N ILE T 722 -29.00 25.53 -44.53
CA ILE T 722 -27.75 25.26 -43.81
C ILE T 722 -28.06 24.48 -42.53
N LYS T 723 -27.33 23.40 -42.26
CA LYS T 723 -27.58 22.46 -41.14
C LYS T 723 -26.36 22.31 -40.25
N ASN T 724 -26.56 22.13 -38.94
CA ASN T 724 -25.50 21.79 -37.99
C ASN T 724 -25.99 20.79 -36.92
N ARG T 725 -25.34 19.62 -36.78
CA ARG T 725 -25.72 18.58 -35.82
C ARG T 725 -25.55 19.02 -34.37
N VAL T 726 -26.55 18.77 -33.53
CA VAL T 726 -26.57 19.21 -32.12
C VAL T 726 -25.87 18.24 -31.17
N VAL T 727 -26.15 16.94 -31.25
CA VAL T 727 -25.71 15.93 -30.27
C VAL T 727 -24.61 15.05 -30.86
N PHE T 728 -23.48 15.01 -30.17
CA PHE T 728 -22.46 13.96 -30.31
C PHE T 728 -22.87 12.72 -29.51
N THR T 729 -22.97 11.55 -30.16
CA THR T 729 -23.49 10.31 -29.57
C THR T 729 -22.41 9.39 -28.97
N GLY T 730 -21.14 9.80 -28.96
CA GLY T 730 -20.05 8.98 -28.43
C GLY T 730 -19.58 7.83 -29.32
N GLU T 731 -20.20 7.60 -30.48
CA GLU T 731 -19.93 6.46 -31.36
C GLU T 731 -18.55 6.53 -32.04
N ASN T 732 -18.16 7.69 -32.56
CA ASN T 732 -16.85 7.89 -33.18
C ASN T 732 -15.76 8.09 -32.10
N ALA T 733 -15.04 7.02 -31.76
CA ALA T 733 -14.13 6.98 -30.61
C ALA T 733 -12.93 7.93 -30.70
N ALA T 734 -12.59 8.44 -31.89
CA ALA T 734 -11.53 9.44 -32.08
C ALA T 734 -11.91 10.85 -31.60
N LEU T 735 -13.21 11.16 -31.50
CA LEU T 735 -13.70 12.52 -31.21
C LEU T 735 -13.95 12.81 -29.73
N GLN T 736 -14.15 11.78 -28.89
CA GLN T 736 -14.73 11.92 -27.54
C GLN T 736 -14.03 12.97 -26.67
N ASN T 737 -12.71 13.11 -26.76
CA ASN T 737 -11.92 14.02 -25.92
C ASN T 737 -12.29 15.50 -26.08
N SER T 738 -12.88 15.89 -27.20
CA SER T 738 -13.39 17.26 -27.41
C SER T 738 -14.76 17.51 -26.75
N PHE T 739 -15.59 16.48 -26.57
CA PHE T 739 -16.97 16.58 -26.08
C PHE T 739 -17.18 16.15 -24.62
N ILE T 740 -16.27 15.39 -24.01
CA ILE T 740 -16.52 14.72 -22.72
C ILE T 740 -16.77 15.68 -21.55
N LYS T 741 -17.85 15.42 -20.79
CA LYS T 741 -18.23 16.14 -19.57
C LYS T 741 -17.44 15.64 -18.36
N SER T 742 -16.67 16.53 -17.72
CA SER T 742 -16.03 16.27 -16.43
C SER T 742 -17.02 16.44 -15.25
N THR T 743 -16.79 15.76 -14.13
CA THR T 743 -17.67 15.79 -12.94
C THR T 743 -16.94 16.22 -11.64
N THR T 744 -15.61 16.32 -11.63
CA THR T 744 -14.83 16.64 -10.42
C THR T 744 -15.00 18.11 -9.97
N ARG T 745 -14.94 18.34 -8.66
CA ARG T 745 -15.20 19.62 -7.98
C ARG T 745 -14.04 20.62 -8.15
N ARG T 746 -14.23 21.62 -9.02
CA ARG T 746 -13.23 22.67 -9.32
C ARG T 746 -13.33 23.85 -8.34
N GLU T 747 -12.27 24.65 -8.24
CA GLU T 747 -12.26 25.90 -7.46
C GLU T 747 -12.97 27.08 -8.17
N ASN T 748 -13.06 27.08 -9.50
CA ASN T 748 -13.69 28.16 -10.28
C ASN T 748 -15.24 28.07 -10.36
N TYR T 749 -15.86 27.16 -9.61
CA TYR T 749 -17.27 26.76 -9.79
C TYR T 749 -18.28 27.91 -9.61
N ILE T 750 -17.98 28.92 -8.77
CA ILE T 750 -18.84 30.10 -8.63
C ILE T 750 -18.55 31.09 -9.78
N ILE T 751 -17.29 31.48 -9.99
CA ILE T 751 -16.93 32.53 -10.96
C ILE T 751 -17.13 32.11 -12.43
N ASN T 752 -17.05 30.82 -12.76
CA ASN T 752 -17.45 30.23 -14.04
C ASN T 752 -18.85 29.56 -13.96
N GLY T 753 -19.61 29.84 -12.89
CA GLY T 753 -20.94 29.29 -12.65
C GLY T 753 -22.09 30.14 -13.20
N PRO T 754 -23.34 29.76 -12.92
CA PRO T 754 -24.51 30.38 -13.54
C PRO T 754 -24.85 31.80 -13.01
N TYR T 755 -24.24 32.27 -11.92
CA TYR T 755 -24.65 33.51 -11.25
C TYR T 755 -23.68 34.68 -11.38
N MET T 756 -22.43 34.48 -11.80
CA MET T 756 -21.38 35.50 -11.71
C MET T 756 -21.70 36.81 -12.45
N LYS T 757 -22.31 36.76 -13.64
CA LYS T 757 -22.71 37.97 -14.36
C LYS T 757 -23.78 38.78 -13.63
N PHE T 758 -24.75 38.16 -12.97
CA PHE T 758 -25.75 38.84 -12.13
C PHE T 758 -25.14 39.37 -10.83
N LEU T 759 -24.28 38.59 -10.17
CA LEU T 759 -23.55 39.03 -8.98
C LEU T 759 -22.68 40.27 -9.26
N ASN T 760 -22.19 40.43 -10.49
CA ASN T 760 -21.52 41.64 -10.94
C ASN T 760 -22.49 42.79 -11.26
N THR T 761 -23.54 42.56 -12.07
CA THR T 761 -24.54 43.59 -12.42
C THR T 761 -25.18 44.23 -11.20
N TYR T 762 -25.41 43.47 -10.12
CA TYR T 762 -26.04 43.93 -8.87
C TYR T 762 -25.07 44.15 -7.71
N HIS T 763 -23.75 44.18 -7.96
CA HIS T 763 -22.73 44.29 -6.90
C HIS T 763 -22.93 45.50 -5.97
N LYS T 764 -23.18 46.69 -6.53
CA LYS T 764 -23.39 47.92 -5.75
C LYS T 764 -24.67 47.92 -4.89
N THR T 765 -25.69 47.11 -5.24
CA THR T 765 -26.89 46.91 -4.39
C THR T 765 -26.69 45.77 -3.35
N LEU T 766 -25.93 44.72 -3.66
CA LEU T 766 -25.60 43.66 -2.70
C LEU T 766 -24.59 44.10 -1.64
N PHE T 767 -23.53 44.84 -2.00
CA PHE T 767 -22.47 45.24 -1.07
C PHE T 767 -22.17 46.75 -1.19
N PRO T 768 -23.02 47.62 -0.61
CA PRO T 768 -22.91 49.07 -0.70
C PRO T 768 -21.53 49.61 -0.29
N ASP T 769 -20.94 50.42 -1.16
CA ASP T 769 -19.63 51.10 -1.01
C ASP T 769 -18.42 50.19 -0.64
N THR T 770 -18.44 48.89 -0.98
CA THR T 770 -17.26 48.03 -0.76
C THR T 770 -16.13 48.33 -1.75
N LYS T 771 -14.87 48.23 -1.32
CA LYS T 771 -13.69 48.43 -2.17
C LYS T 771 -13.39 47.24 -3.08
N LEU T 772 -13.84 46.04 -2.70
CA LEU T 772 -13.55 44.77 -3.36
C LEU T 772 -14.13 44.68 -4.78
N SER T 773 -13.40 44.10 -5.73
CA SER T 773 -13.99 43.63 -6.98
C SER T 773 -14.92 42.45 -6.74
N SER T 774 -15.99 42.35 -7.52
CA SER T 774 -16.96 41.25 -7.43
C SER T 774 -16.28 39.88 -7.64
N LEU T 775 -15.34 39.79 -8.58
CA LEU T 775 -14.53 38.61 -8.87
C LEU T 775 -13.70 38.19 -7.66
N TYR T 776 -13.02 39.10 -6.99
CA TYR T 776 -12.24 38.75 -5.80
C TYR T 776 -13.14 38.38 -4.60
N LEU T 777 -14.27 39.05 -4.38
CA LEU T 777 -15.19 38.73 -3.28
C LEU T 777 -15.66 37.27 -3.35
N TRP T 778 -16.13 36.83 -4.52
CA TRP T 778 -16.63 35.49 -4.74
C TRP T 778 -15.54 34.42 -4.90
N HIS T 779 -14.32 34.78 -5.33
CA HIS T 779 -13.18 33.86 -5.32
C HIS T 779 -12.62 33.64 -3.89
N ASN T 780 -12.58 34.70 -3.09
CA ASN T 780 -12.27 34.63 -1.66
C ASN T 780 -13.29 33.75 -0.93
N PHE T 781 -14.58 33.91 -1.21
CA PHE T 781 -15.61 33.00 -0.67
C PHE T 781 -15.39 31.55 -1.12
N SER T 782 -15.12 31.33 -2.41
CA SER T 782 -14.76 30.04 -3.02
C SER T 782 -13.52 29.34 -2.44
N ARG T 783 -12.70 30.00 -1.60
CA ARG T 783 -11.49 29.41 -1.02
C ARG T 783 -11.36 29.55 0.51
N ARG T 784 -11.98 30.55 1.12
CA ARG T 784 -11.90 30.85 2.56
C ARG T 784 -13.24 30.76 3.31
N ARG T 785 -14.36 30.58 2.61
CA ARG T 785 -15.71 30.46 3.18
C ARG T 785 -16.12 31.66 4.05
N SER T 786 -15.97 32.89 3.55
CA SER T 786 -16.37 34.10 4.28
C SER T 786 -16.91 35.23 3.39
N VAL T 787 -17.79 36.07 3.94
CA VAL T 787 -18.55 37.09 3.21
C VAL T 787 -18.67 38.38 4.05
N PRO T 788 -18.50 39.59 3.48
CA PRO T 788 -18.56 40.83 4.24
C PRO T 788 -20.02 41.31 4.46
N VAL T 789 -20.37 41.77 5.67
CA VAL T 789 -21.73 42.27 5.98
C VAL T 789 -21.72 43.80 6.14
N PRO T 790 -22.45 44.57 5.31
CA PRO T 790 -22.52 46.03 5.42
C PRO T 790 -22.91 46.57 6.82
N SER T 791 -22.49 47.79 7.14
CA SER T 791 -22.40 48.31 8.52
C SER T 791 -23.68 48.19 9.37
N GLY T 792 -24.85 48.45 8.78
CA GLY T 792 -26.16 48.28 9.44
C GLY T 792 -26.95 47.03 9.02
N ALA T 793 -26.49 46.27 8.03
CA ALA T 793 -27.18 45.07 7.54
C ALA T 793 -27.06 43.86 8.48
N SER T 794 -27.92 42.86 8.31
CA SER T 794 -28.00 41.68 9.20
C SER T 794 -27.10 40.53 8.75
N ALA T 795 -26.48 39.79 9.68
CA ALA T 795 -25.52 38.75 9.33
C ALA T 795 -26.16 37.55 8.61
N GLU T 796 -27.30 37.05 9.08
CA GLU T 796 -27.83 35.77 8.61
C GLU T 796 -28.38 35.84 7.18
N GLU T 797 -28.95 36.97 6.81
CA GLU T 797 -29.34 37.35 5.45
C GLU T 797 -28.22 37.18 4.42
N TYR T 798 -26.97 37.56 4.76
CA TYR T 798 -25.81 37.33 3.91
C TYR T 798 -25.29 35.90 3.99
N SER T 799 -25.38 35.23 5.14
CA SER T 799 -25.05 33.79 5.20
C SER T 799 -25.99 32.97 4.29
N ASP T 800 -27.26 33.36 4.17
CA ASP T 800 -28.20 32.71 3.24
C ASP T 800 -27.84 32.96 1.77
N LEU T 801 -27.60 34.21 1.37
CA LEU T 801 -27.11 34.57 0.02
C LEU T 801 -25.91 33.71 -0.40
N ALA T 802 -24.92 33.56 0.49
CA ALA T 802 -23.75 32.75 0.25
C ALA T 802 -24.10 31.28 0.01
N LEU T 803 -24.95 30.68 0.85
CA LEU T 803 -25.39 29.29 0.68
C LEU T 803 -26.24 29.09 -0.58
N PHE T 804 -27.03 30.08 -1.02
CA PHE T 804 -27.73 30.00 -2.29
C PHE T 804 -26.78 29.92 -3.50
N VAL T 805 -25.78 30.79 -3.54
CA VAL T 805 -24.76 30.87 -4.60
C VAL T 805 -23.94 29.59 -4.64
N ASP T 806 -23.49 29.10 -3.49
CA ASP T 806 -22.74 27.85 -3.37
C ASP T 806 -23.54 26.65 -3.87
N GLY T 807 -24.77 26.48 -3.35
CA GLY T 807 -25.64 25.36 -3.68
C GLY T 807 -25.94 25.26 -5.17
N GLY T 808 -26.43 26.34 -5.77
CA GLY T 808 -26.73 26.36 -7.20
C GLY T 808 -25.50 26.20 -8.08
N SER T 809 -24.35 26.75 -7.68
CA SER T 809 -23.11 26.59 -8.45
C SER T 809 -22.63 25.13 -8.49
N ARG T 810 -22.65 24.39 -7.37
CA ARG T 810 -22.33 22.94 -7.37
C ARG T 810 -23.38 22.10 -8.11
N ALA T 811 -24.67 22.42 -8.01
CA ALA T 811 -25.71 21.72 -8.77
C ALA T 811 -25.55 21.90 -10.28
N HIS T 812 -25.18 23.10 -10.72
CA HIS T 812 -24.85 23.41 -12.12
C HIS T 812 -23.58 22.69 -12.58
N GLU T 813 -22.53 22.66 -11.74
CA GLU T 813 -21.27 21.95 -12.00
C GLU T 813 -21.52 20.46 -12.28
N GLU T 814 -22.36 19.81 -11.47
CA GLU T 814 -22.80 18.42 -11.67
C GLU T 814 -23.62 18.24 -12.96
N SER T 815 -24.70 19.00 -13.14
CA SER T 815 -25.73 18.72 -14.16
C SER T 815 -25.52 19.32 -15.55
N ASN T 816 -24.71 20.38 -15.73
CA ASN T 816 -24.74 21.16 -16.97
C ASN T 816 -24.01 20.53 -18.17
N VAL T 817 -24.64 20.53 -19.35
CA VAL T 817 -24.05 20.12 -20.64
C VAL T 817 -24.12 21.20 -21.75
N ILE T 818 -24.46 22.44 -21.37
CA ILE T 818 -24.57 23.61 -22.24
C ILE T 818 -23.49 24.62 -21.83
N ASP T 819 -22.39 24.74 -22.58
CA ASP T 819 -21.18 25.47 -22.19
C ASP T 819 -21.30 27.00 -22.34
N VAL T 820 -22.19 27.62 -21.56
CA VAL T 820 -22.54 29.05 -21.58
C VAL T 820 -22.61 29.59 -20.15
N VAL T 821 -22.09 30.81 -19.91
CA VAL T 821 -22.36 31.60 -18.71
C VAL T 821 -23.44 32.64 -19.07
N PRO T 822 -24.69 32.52 -18.61
CA PRO T 822 -25.80 33.32 -19.13
C PRO T 822 -25.74 34.79 -18.68
N GLY T 823 -25.99 35.73 -19.59
CA GLY T 823 -25.96 37.16 -19.30
C GLY T 823 -27.28 37.78 -18.82
N ASN T 824 -28.42 37.14 -19.08
CA ASN T 824 -29.76 37.63 -18.75
C ASN T 824 -30.68 36.50 -18.27
N LEU T 825 -31.77 36.85 -17.58
CA LEU T 825 -32.67 35.87 -16.96
C LEU T 825 -33.39 34.95 -17.95
N VAL T 826 -33.67 35.40 -19.19
CA VAL T 826 -34.25 34.55 -20.24
C VAL T 826 -33.27 33.49 -20.71
N THR T 827 -32.00 33.82 -20.89
CA THR T 827 -30.97 32.83 -21.25
C THR T 827 -30.72 31.87 -20.09
N TYR T 828 -30.64 32.38 -18.85
CA TYR T 828 -30.56 31.55 -17.63
C TYR T 828 -31.71 30.53 -17.56
N ALA T 829 -32.95 30.97 -17.74
CA ALA T 829 -34.15 30.13 -17.75
C ALA T 829 -34.10 29.06 -18.85
N LYS T 830 -33.81 29.46 -20.09
CA LYS T 830 -33.69 28.53 -21.23
C LYS T 830 -32.56 27.51 -21.09
N GLN T 831 -31.43 27.86 -20.50
CA GLN T 831 -30.39 26.89 -20.16
C GLN T 831 -30.90 25.84 -19.14
N ARG T 832 -31.58 26.28 -18.06
CA ARG T 832 -32.16 25.36 -17.06
C ARG T 832 -33.14 24.37 -17.70
N LEU T 833 -34.02 24.86 -18.58
CA LEU T 833 -35.00 24.04 -19.30
C LEU T 833 -34.35 22.98 -20.20
N ASN T 834 -33.39 23.34 -21.04
CA ASN T 834 -32.79 22.40 -21.99
C ASN T 834 -31.85 21.39 -21.32
N ASN T 835 -31.16 21.75 -20.23
CA ASN T 835 -30.46 20.77 -19.37
C ASN T 835 -31.44 19.74 -18.77
N ALA T 836 -32.70 20.07 -18.53
CA ALA T 836 -33.70 19.11 -18.03
C ALA T 836 -34.15 18.12 -19.11
N ILE T 837 -34.37 18.54 -20.35
CA ILE T 837 -34.77 17.66 -21.45
C ILE T 837 -33.66 16.65 -21.78
N LEU T 838 -32.41 17.11 -21.86
CA LEU T 838 -31.26 16.24 -22.15
C LEU T 838 -31.06 15.17 -21.07
N LYS T 839 -31.32 15.49 -19.80
CA LYS T 839 -31.28 14.51 -18.70
C LYS T 839 -32.37 13.44 -18.83
N ALA T 840 -33.61 13.81 -19.15
CA ALA T 840 -34.68 12.86 -19.43
C ALA T 840 -34.39 11.96 -20.64
N CYS T 841 -33.61 12.43 -21.61
CA CYS T 841 -33.13 11.64 -22.74
C CYS T 841 -31.88 10.78 -22.45
N GLY T 842 -31.33 10.80 -21.23
CA GLY T 842 -30.08 10.11 -20.90
C GLY T 842 -28.81 10.74 -21.49
N GLN T 843 -28.87 11.95 -22.04
CA GLN T 843 -27.74 12.67 -22.63
C GLN T 843 -26.97 13.45 -21.54
N THR T 844 -26.02 12.78 -20.90
CA THR T 844 -25.31 13.28 -19.70
C THR T 844 -23.78 13.19 -19.80
N GLN T 845 -23.23 12.46 -20.77
CA GLN T 845 -21.79 12.18 -20.90
C GLN T 845 -21.03 13.27 -21.67
N PHE T 846 -21.72 14.05 -22.50
CA PHE T 846 -21.13 14.97 -23.48
C PHE T 846 -21.78 16.35 -23.48
N TYR T 847 -20.99 17.40 -23.71
CA TYR T 847 -21.50 18.71 -24.13
C TYR T 847 -22.20 18.64 -25.50
N ILE T 848 -23.23 19.46 -25.70
CA ILE T 848 -23.85 19.66 -27.02
C ILE T 848 -23.08 20.67 -27.89
N SER T 849 -23.21 20.63 -29.22
CA SER T 849 -22.72 21.68 -30.12
C SER T 849 -23.42 23.03 -29.86
N LEU T 850 -22.70 24.13 -29.95
CA LEU T 850 -23.24 25.49 -29.89
C LEU T 850 -23.02 26.26 -31.20
N ILE T 851 -23.95 27.13 -31.60
CA ILE T 851 -23.70 28.21 -32.57
C ILE T 851 -23.76 29.55 -31.83
N GLN T 852 -22.75 30.39 -31.98
CA GLN T 852 -22.73 31.76 -31.44
C GLN T 852 -22.77 32.82 -32.53
N GLY T 853 -23.62 33.84 -32.35
CA GLY T 853 -23.71 34.99 -33.24
C GLY T 853 -22.72 36.10 -32.87
N LEU T 854 -21.96 36.59 -33.84
CA LEU T 854 -21.13 37.78 -33.72
C LEU T 854 -21.90 38.99 -34.26
N VAL T 855 -22.22 39.96 -33.40
CA VAL T 855 -23.10 41.10 -33.73
C VAL T 855 -22.33 42.43 -33.74
N PRO T 856 -22.39 43.23 -34.82
CA PRO T 856 -21.69 44.52 -34.90
C PRO T 856 -22.15 45.58 -33.87
N ARG T 857 -21.18 46.20 -33.18
CA ARG T 857 -21.35 47.38 -32.33
C ARG T 857 -20.55 48.55 -32.88
N THR T 858 -21.18 49.70 -33.06
CA THR T 858 -20.57 50.89 -33.66
C THR T 858 -20.18 51.87 -32.56
N GLN T 859 -18.93 52.36 -32.57
CA GLN T 859 -18.35 53.20 -31.52
C GLN T 859 -17.54 54.39 -32.09
N SER T 860 -17.55 55.55 -31.41
CA SER T 860 -16.75 56.73 -31.79
C SER T 860 -15.46 56.78 -30.97
N VAL T 861 -14.33 56.99 -31.64
CA VAL T 861 -12.97 56.91 -31.05
C VAL T 861 -12.14 58.13 -31.48
N PRO T 862 -11.04 58.50 -30.78
CA PRO T 862 -10.18 59.59 -31.21
C PRO T 862 -9.48 59.27 -32.55
N ALA T 863 -9.49 60.21 -33.50
CA ALA T 863 -9.10 59.95 -34.89
C ALA T 863 -7.58 59.81 -35.15
N ARG T 864 -6.76 59.84 -34.12
CA ARG T 864 -5.28 59.79 -34.15
C ARG T 864 -4.72 58.72 -35.08
N ASP T 865 -5.25 57.49 -35.03
CA ASP T 865 -4.85 56.38 -35.91
C ASP T 865 -5.88 56.06 -37.04
N TYR T 866 -6.74 57.02 -37.40
CA TYR T 866 -7.78 56.89 -38.43
C TYR T 866 -7.66 58.03 -39.46
N PRO T 867 -6.57 58.07 -40.25
CA PRO T 867 -6.14 59.26 -40.97
C PRO T 867 -7.10 59.75 -42.06
N HIS T 868 -8.01 58.91 -42.55
CA HIS T 868 -8.98 59.27 -43.59
C HIS T 868 -9.96 60.39 -43.18
N VAL T 869 -10.11 60.73 -41.90
CA VAL T 869 -10.94 61.88 -41.49
C VAL T 869 -10.40 63.23 -41.99
N LEU T 870 -9.11 63.33 -42.34
CA LEU T 870 -8.51 64.57 -42.83
C LEU T 870 -8.88 64.93 -44.28
N GLY T 871 -9.42 64.00 -45.06
CA GLY T 871 -9.77 64.21 -46.46
C GLY T 871 -8.55 64.31 -47.40
N THR T 872 -8.74 64.94 -48.56
CA THR T 872 -7.70 65.11 -49.61
C THR T 872 -6.63 66.17 -49.28
N ARG T 873 -6.72 66.79 -48.10
CA ARG T 873 -5.79 67.74 -47.49
C ARG T 873 -4.31 67.35 -47.66
N ALA T 874 -3.45 68.30 -48.02
CA ALA T 874 -2.01 68.12 -47.98
C ALA T 874 -1.48 68.14 -46.54
N VAL T 875 -0.66 67.17 -46.15
CA VAL T 875 -0.07 67.05 -44.80
C VAL T 875 1.43 67.25 -44.89
N GLU T 876 1.95 68.27 -44.18
CA GLU T 876 3.34 68.73 -44.32
C GLU T 876 4.28 68.27 -43.19
N SER T 877 3.77 68.03 -41.98
CA SER T 877 4.56 67.54 -40.84
C SER T 877 3.76 66.65 -39.89
N ALA T 878 4.44 65.81 -39.10
CA ALA T 878 3.81 64.98 -38.08
C ALA T 878 3.18 65.82 -36.95
N ALA T 879 3.78 66.97 -36.63
CA ALA T 879 3.21 67.93 -35.68
C ALA T 879 1.89 68.54 -36.20
N ALA T 880 1.79 68.86 -37.49
CA ALA T 880 0.55 69.32 -38.11
C ALA T 880 -0.52 68.20 -38.16
N TYR T 881 -0.14 66.95 -38.47
CA TYR T 881 -1.05 65.79 -38.42
C TYR T 881 -1.64 65.59 -37.01
N ALA T 882 -0.78 65.63 -35.98
CA ALA T 882 -1.20 65.53 -34.58
C ALA T 882 -2.12 66.68 -34.16
N GLU T 883 -1.79 67.92 -34.54
CA GLU T 883 -2.63 69.09 -34.27
C GLU T 883 -4.01 68.95 -34.93
N ALA T 884 -4.07 68.65 -36.24
CA ALA T 884 -5.31 68.56 -37.00
C ALA T 884 -6.26 67.43 -36.52
N THR T 885 -5.70 66.30 -36.07
CA THR T 885 -6.51 65.16 -35.57
C THR T 885 -6.87 65.27 -34.08
N SER T 886 -6.21 66.12 -33.28
CA SER T 886 -6.42 66.23 -31.82
C SER T 886 -7.86 66.56 -31.40
N SER T 887 -8.64 67.21 -32.26
CA SER T 887 -10.04 67.60 -32.00
C SER T 887 -11.08 66.75 -32.75
N LEU T 888 -10.69 65.64 -33.39
CA LEU T 888 -11.54 64.85 -34.30
C LEU T 888 -11.77 63.41 -33.83
N THR T 889 -12.94 62.86 -34.16
CA THR T 889 -13.32 61.47 -33.84
C THR T 889 -13.71 60.69 -35.10
N ALA T 890 -13.39 59.41 -35.12
CA ALA T 890 -13.69 58.46 -36.18
C ALA T 890 -14.70 57.42 -35.71
N THR T 891 -15.63 57.03 -36.58
CA THR T 891 -16.54 55.90 -36.35
C THR T 891 -15.82 54.59 -36.66
N THR T 892 -15.87 53.61 -35.75
CA THR T 892 -15.30 52.26 -35.95
C THR T 892 -16.29 51.19 -35.51
N VAL T 893 -16.09 49.96 -35.99
CA VAL T 893 -16.97 48.82 -35.70
C VAL T 893 -16.17 47.67 -35.11
N VAL T 894 -16.72 47.02 -34.09
CA VAL T 894 -16.24 45.75 -33.50
C VAL T 894 -17.42 44.79 -33.38
N CYS T 895 -17.17 43.49 -33.29
CA CYS T 895 -18.21 42.48 -33.09
C CYS T 895 -18.21 41.95 -31.65
N ALA T 896 -19.40 41.82 -31.05
CA ALA T 896 -19.61 41.22 -29.73
C ALA T 896 -20.31 39.86 -29.83
N ALA T 897 -19.84 38.87 -29.07
CA ALA T 897 -20.46 37.54 -29.06
C ALA T 897 -21.76 37.57 -28.25
N THR T 898 -22.86 37.16 -28.89
CA THR T 898 -24.14 36.86 -28.22
C THR T 898 -24.13 35.42 -27.68
N ASP T 899 -24.71 35.21 -26.50
CA ASP T 899 -24.91 33.89 -25.87
C ASP T 899 -26.23 33.21 -26.29
N CYS T 900 -26.97 33.79 -27.24
CA CYS T 900 -28.35 33.43 -27.57
C CYS T 900 -28.73 33.80 -29.03
N LEU T 901 -28.25 33.02 -30.00
CA LEU T 901 -28.51 33.27 -31.44
C LEU T 901 -30.00 33.37 -31.81
N SER T 902 -30.89 32.66 -31.11
CA SER T 902 -32.30 32.59 -31.48
C SER T 902 -33.05 33.94 -31.44
N GLN T 903 -32.76 34.83 -30.48
CA GLN T 903 -33.35 36.19 -30.46
C GLN T 903 -32.86 37.07 -31.62
N VAL T 904 -31.61 36.91 -32.06
CA VAL T 904 -31.09 37.60 -33.26
C VAL T 904 -31.79 37.10 -34.52
N CYS T 905 -32.01 35.79 -34.67
CA CYS T 905 -32.74 35.23 -35.81
C CYS T 905 -34.21 35.69 -35.91
N LYS T 906 -34.85 36.11 -34.83
CA LYS T 906 -36.18 36.75 -34.87
C LYS T 906 -36.18 38.15 -35.52
N ALA T 907 -35.06 38.85 -35.55
CA ALA T 907 -34.89 40.18 -36.15
C ALA T 907 -34.54 40.15 -37.66
N ARG T 908 -34.78 39.03 -38.34
CA ARG T 908 -34.58 38.80 -39.79
C ARG T 908 -33.18 39.27 -40.29
N PRO T 909 -32.08 38.69 -39.78
CA PRO T 909 -30.75 39.27 -39.94
C PRO T 909 -30.13 39.09 -41.33
N VAL T 910 -29.24 39.99 -41.71
CA VAL T 910 -28.21 39.76 -42.73
C VAL T 910 -27.14 38.86 -42.13
N VAL T 911 -26.72 37.80 -42.81
CA VAL T 911 -25.81 36.77 -42.26
C VAL T 911 -24.58 36.52 -43.14
N THR T 912 -23.47 36.17 -42.51
CA THR T 912 -22.26 35.64 -43.19
C THR T 912 -21.77 34.39 -42.48
N LEU T 913 -21.56 33.29 -43.22
CA LEU T 913 -21.23 31.98 -42.67
C LEU T 913 -20.39 31.10 -43.62
N PRO T 914 -19.60 30.14 -43.11
CA PRO T 914 -18.88 29.14 -43.93
C PRO T 914 -19.75 27.91 -44.21
N VAL T 915 -19.72 27.36 -45.42
CA VAL T 915 -20.46 26.11 -45.77
C VAL T 915 -19.62 25.11 -46.58
N THR T 916 -19.79 23.82 -46.29
CA THR T 916 -19.39 22.69 -47.14
C THR T 916 -20.65 21.94 -47.59
N ILE T 917 -20.82 21.62 -48.87
CA ILE T 917 -21.92 20.75 -49.30
C ILE T 917 -21.43 19.30 -49.40
N ASN T 918 -21.90 18.46 -48.48
CA ASN T 918 -21.58 17.04 -48.40
C ASN T 918 -22.69 16.19 -49.03
N LYS T 919 -22.33 15.12 -49.73
CA LYS T 919 -23.27 14.29 -50.51
C LYS T 919 -23.17 12.81 -50.09
N TYR T 920 -24.30 12.13 -50.02
CA TYR T 920 -24.42 10.78 -49.44
C TYR T 920 -25.60 10.00 -50.04
N THR T 921 -25.56 8.68 -49.94
CA THR T 921 -26.61 7.76 -50.44
C THR T 921 -27.83 7.76 -49.52
N GLY T 922 -29.02 7.47 -50.04
CA GLY T 922 -30.21 7.21 -49.22
C GLY T 922 -30.12 5.94 -48.36
N VAL T 923 -30.98 5.83 -47.35
CA VAL T 923 -31.10 4.65 -46.45
C VAL T 923 -32.11 3.61 -46.98
N ASN T 924 -32.34 2.53 -46.22
CA ASN T 924 -33.34 1.50 -46.49
C ASN T 924 -33.21 0.88 -47.90
N GLY T 925 -31.97 0.63 -48.32
CA GLY T 925 -31.64 0.00 -49.60
C GLY T 925 -31.66 0.94 -50.82
N ASN T 926 -31.92 2.23 -50.65
CA ASN T 926 -31.95 3.20 -51.74
C ASN T 926 -30.56 3.49 -52.34
N ASN T 927 -30.51 3.97 -53.58
CA ASN T 927 -29.27 4.26 -54.33
C ASN T 927 -29.17 5.69 -54.88
N GLN T 928 -30.13 6.58 -54.57
CA GLN T 928 -30.08 7.99 -54.96
C GLN T 928 -29.13 8.82 -54.08
N ILE T 929 -28.73 9.99 -54.56
CA ILE T 929 -27.84 10.93 -53.86
C ILE T 929 -28.66 12.04 -53.19
N PHE T 930 -28.36 12.31 -51.92
CA PHE T 930 -28.91 13.41 -51.13
C PHE T 930 -27.77 14.34 -50.68
N GLN T 931 -28.08 15.61 -50.39
CA GLN T 931 -27.08 16.61 -49.99
C GLN T 931 -27.40 17.28 -48.65
N ALA T 932 -26.37 17.71 -47.93
CA ALA T 932 -26.49 18.65 -46.82
C ALA T 932 -25.46 19.77 -46.95
N GLY T 933 -25.88 21.01 -46.70
CA GLY T 933 -25.00 22.15 -46.53
C GLY T 933 -24.62 22.27 -45.07
N ASN T 934 -23.49 21.70 -44.67
CA ASN T 934 -23.05 21.70 -43.27
C ASN T 934 -22.27 22.98 -42.93
N LEU T 935 -22.61 23.63 -41.81
CA LEU T 935 -21.93 24.81 -41.28
C LEU T 935 -20.47 24.50 -40.91
N GLY T 936 -19.53 25.30 -41.40
CA GLY T 936 -18.09 25.10 -41.22
C GLY T 936 -17.38 26.20 -40.45
N TYR T 937 -16.10 26.44 -40.75
CA TYR T 937 -15.19 27.34 -40.06
C TYR T 937 -14.60 28.42 -40.98
N PHE T 938 -14.28 29.59 -40.42
CA PHE T 938 -13.56 30.66 -41.11
C PHE T 938 -12.05 30.40 -41.13
N MET T 939 -11.38 30.70 -42.23
CA MET T 939 -9.92 30.64 -42.34
C MET T 939 -9.30 32.03 -42.43
N GLY T 940 -8.17 32.24 -41.76
CA GLY T 940 -7.37 33.47 -41.78
C GLY T 940 -7.47 34.26 -40.48
N ARG T 941 -6.33 34.56 -39.84
CA ARG T 941 -6.28 35.18 -38.50
C ARG T 941 -6.79 36.63 -38.47
N GLY T 942 -6.86 37.32 -39.60
CA GLY T 942 -7.35 38.70 -39.68
C GLY T 942 -8.86 38.88 -39.61
N VAL T 943 -9.68 37.82 -39.69
CA VAL T 943 -11.14 37.92 -39.79
C VAL T 943 -11.79 38.58 -38.58
N ASP T 944 -11.66 38.07 -37.37
CA ASP T 944 -12.16 38.72 -36.15
C ASP T 944 -11.44 38.21 -34.90
N ARG T 945 -11.09 39.10 -33.98
CA ARG T 945 -10.39 38.74 -32.73
C ARG T 945 -11.11 37.70 -31.86
N ASN T 946 -12.44 37.59 -31.91
CA ASN T 946 -13.18 36.57 -31.17
C ASN T 946 -12.93 35.14 -31.70
N LEU T 947 -12.45 34.99 -32.94
CA LEU T 947 -12.09 33.69 -33.53
C LEU T 947 -10.65 33.25 -33.19
N LEU T 948 -9.82 34.09 -32.56
CA LEU T 948 -8.43 33.77 -32.22
C LEU T 948 -8.30 32.80 -31.04
N GLN T 949 -7.76 31.60 -31.29
CA GLN T 949 -7.34 30.65 -30.26
C GLN T 949 -5.98 31.02 -29.66
N SER T 963 -12.64 24.99 -32.47
CA SER T 963 -13.13 23.86 -31.69
C SER T 963 -14.15 23.02 -32.49
N MET T 964 -14.22 21.71 -32.18
CA MET T 964 -15.31 20.83 -32.62
C MET T 964 -16.70 21.36 -32.24
N ARG T 965 -16.84 21.92 -31.03
CA ARG T 965 -18.14 22.08 -30.35
C ARG T 965 -18.70 23.51 -30.27
N LYS T 966 -17.99 24.51 -30.78
CA LYS T 966 -18.51 25.88 -30.99
C LYS T 966 -18.25 26.36 -32.42
N LYS T 967 -19.29 26.85 -33.09
CA LYS T 967 -19.24 27.47 -34.43
C LYS T 967 -19.81 28.88 -34.40
N PHE T 968 -19.38 29.74 -35.31
CA PHE T 968 -19.75 31.16 -35.35
C PHE T 968 -20.43 31.55 -36.67
N VAL T 969 -21.36 32.51 -36.59
CA VAL T 969 -22.01 33.22 -37.71
C VAL T 969 -21.95 34.73 -37.42
N PHE T 970 -21.67 35.57 -38.41
CA PHE T 970 -21.89 37.02 -38.27
C PHE T 970 -23.34 37.38 -38.57
N ALA T 971 -24.02 38.17 -37.74
CA ALA T 971 -25.40 38.59 -37.93
C ALA T 971 -25.65 40.09 -37.65
N THR T 972 -26.34 40.80 -38.55
CA THR T 972 -26.85 42.17 -38.33
C THR T 972 -28.38 42.17 -38.44
N PRO T 973 -29.16 42.63 -37.45
CA PRO T 973 -30.63 42.65 -37.54
C PRO T 973 -31.19 43.67 -38.54
N THR T 974 -32.36 43.41 -39.13
CA THR T 974 -33.06 44.38 -40.01
C THR T 974 -34.35 44.96 -39.44
N LEU T 975 -35.05 44.27 -38.52
CA LEU T 975 -36.19 44.85 -37.78
C LEU T 975 -35.72 46.05 -36.93
N GLY T 976 -36.38 47.19 -37.09
CA GLY T 976 -36.01 48.46 -36.44
C GLY T 976 -34.91 49.24 -37.15
N LEU T 977 -34.39 48.75 -38.28
CA LEU T 977 -33.49 49.47 -39.17
C LEU T 977 -34.22 49.82 -40.47
N THR T 978 -34.57 48.82 -41.29
CA THR T 978 -35.22 48.99 -42.59
C THR T 978 -36.65 48.43 -42.64
N VAL T 979 -37.05 47.61 -41.66
CA VAL T 979 -38.40 47.02 -41.53
C VAL T 979 -39.00 47.37 -40.16
N LYS T 980 -40.26 47.79 -40.10
CA LYS T 980 -40.95 48.25 -38.89
C LYS T 980 -41.45 47.08 -38.02
N ARG T 981 -41.26 47.14 -36.70
CA ARG T 981 -41.77 46.15 -35.73
C ARG T 981 -43.31 46.18 -35.63
N THR T 988 -57.73 45.63 -22.26
CA THR T 988 -58.95 45.42 -21.48
C THR T 988 -59.49 46.71 -20.83
N TYR T 989 -60.78 46.75 -20.54
CA TYR T 989 -61.35 47.72 -19.60
C TYR T 989 -61.01 47.33 -18.15
N GLU T 990 -60.91 48.30 -17.24
CA GLU T 990 -60.62 48.02 -15.82
C GLU T 990 -61.68 47.11 -15.15
N ILE T 991 -62.95 47.23 -15.53
CA ILE T 991 -64.01 46.32 -15.06
C ILE T 991 -63.81 44.86 -15.48
N GLU T 992 -63.09 44.57 -16.57
CA GLU T 992 -62.71 43.20 -16.92
C GLU T 992 -61.60 42.66 -16.00
N ASN T 993 -60.67 43.51 -15.58
CA ASN T 993 -59.59 43.13 -14.68
C ASN T 993 -60.08 42.92 -13.23
N ILE T 994 -60.99 43.77 -12.72
CA ILE T 994 -61.65 43.51 -11.43
C ILE T 994 -62.38 42.16 -11.46
N ARG T 995 -63.19 41.90 -12.50
CA ARG T 995 -63.93 40.64 -12.71
C ARG T 995 -63.01 39.41 -12.79
N ALA T 996 -61.93 39.45 -13.56
CA ALA T 996 -60.97 38.35 -13.60
C ALA T 996 -60.33 38.07 -12.23
N GLY T 997 -59.96 39.11 -11.47
CA GLY T 997 -59.38 38.96 -10.13
C GLY T 997 -60.34 38.37 -9.10
N LEU T 998 -61.65 38.68 -9.18
CA LEU T 998 -62.66 38.04 -8.34
C LEU T 998 -62.92 36.58 -8.72
N GLU T 999 -63.02 36.23 -10.01
CA GLU T 999 -63.15 34.82 -10.40
C GLU T 999 -61.92 34.00 -9.99
N ALA T 1000 -60.72 34.58 -10.03
CA ALA T 1000 -59.48 33.95 -9.57
C ALA T 1000 -59.44 33.68 -8.05
N ILE T 1001 -60.01 34.55 -7.22
CA ILE T 1001 -60.18 34.29 -5.77
C ILE T 1001 -61.22 33.18 -5.55
N ILE T 1002 -62.44 33.35 -6.04
CA ILE T 1002 -63.57 32.47 -5.68
C ILE T 1002 -63.32 31.02 -6.17
N SER T 1003 -62.70 30.84 -7.33
CA SER T 1003 -62.34 29.51 -7.88
C SER T 1003 -61.25 28.79 -7.07
N GLN T 1004 -60.51 29.49 -6.20
CA GLN T 1004 -59.43 28.91 -5.39
C GLN T 1004 -59.76 28.80 -3.89
N LYS T 1005 -60.59 29.70 -3.33
CA LYS T 1005 -60.88 29.74 -1.90
C LYS T 1005 -61.60 28.45 -1.45
N GLN T 1006 -60.98 27.71 -0.53
CA GLN T 1006 -61.45 26.42 0.00
C GLN T 1006 -61.34 26.37 1.53
N GLU T 1007 -62.25 25.63 2.15
CA GLU T 1007 -62.32 25.42 3.61
C GLU T 1007 -62.64 26.68 4.45
N GLU T 1008 -62.97 27.81 3.81
CA GLU T 1008 -63.42 29.06 4.44
C GLU T 1008 -64.41 29.83 3.54
N ASP T 1009 -65.35 30.57 4.13
CA ASP T 1009 -66.30 31.40 3.38
C ASP T 1009 -65.63 32.65 2.75
N CYS T 1010 -65.87 32.94 1.46
CA CYS T 1010 -65.07 33.90 0.68
C CYS T 1010 -65.50 35.39 0.75
N VAL T 1011 -66.63 35.74 1.37
CA VAL T 1011 -67.23 37.08 1.22
C VAL T 1011 -66.33 38.22 1.72
N PHE T 1012 -65.63 38.04 2.84
CA PHE T 1012 -64.70 39.06 3.36
C PHE T 1012 -63.50 39.29 2.42
N ASP T 1013 -62.96 38.26 1.78
CA ASP T 1013 -61.86 38.40 0.82
C ASP T 1013 -62.31 39.03 -0.52
N VAL T 1014 -63.55 38.81 -0.94
CA VAL T 1014 -64.15 39.52 -2.09
C VAL T 1014 -64.37 40.99 -1.76
N VAL T 1015 -64.96 41.29 -0.61
CA VAL T 1015 -65.18 42.67 -0.16
C VAL T 1015 -63.86 43.46 -0.01
N CYS T 1016 -62.79 42.84 0.52
CA CYS T 1016 -61.50 43.53 0.61
C CYS T 1016 -60.91 43.86 -0.77
N ASN T 1017 -61.03 42.96 -1.74
CA ASN T 1017 -60.58 43.21 -3.11
C ASN T 1017 -61.37 44.33 -3.81
N LEU T 1018 -62.70 44.42 -3.60
CA LEU T 1018 -63.51 45.54 -4.08
C LEU T 1018 -63.13 46.88 -3.42
N VAL T 1019 -62.99 46.91 -2.09
CA VAL T 1019 -62.61 48.13 -1.36
C VAL T 1019 -61.19 48.59 -1.76
N ASP T 1020 -60.28 47.68 -2.05
CA ASP T 1020 -58.97 48.02 -2.63
C ASP T 1020 -59.12 48.67 -4.03
N ALA T 1021 -59.82 48.04 -4.97
CA ALA T 1021 -59.87 48.48 -6.36
C ALA T 1021 -60.75 49.72 -6.61
N MET T 1022 -61.79 49.95 -5.80
CA MET T 1022 -62.77 51.02 -6.00
C MET T 1022 -62.82 52.05 -4.85
N GLY T 1023 -62.30 51.73 -3.66
CA GLY T 1023 -62.33 52.63 -2.51
C GLY T 1023 -63.75 53.07 -2.12
N GLU T 1024 -63.93 54.37 -1.93
CA GLU T 1024 -65.20 55.00 -1.54
C GLU T 1024 -66.35 54.76 -2.52
N ALA T 1025 -66.06 54.47 -3.81
CA ALA T 1025 -67.07 54.13 -4.79
C ALA T 1025 -67.83 52.82 -4.49
N CYS T 1026 -67.37 51.98 -3.55
CA CYS T 1026 -68.14 50.82 -3.07
C CYS T 1026 -69.43 51.20 -2.34
N ALA T 1027 -69.51 52.40 -1.75
CA ALA T 1027 -70.64 52.85 -0.94
C ALA T 1027 -71.98 52.87 -1.68
N SER T 1028 -71.95 52.97 -3.02
CA SER T 1028 -73.12 53.04 -3.89
C SER T 1028 -73.12 51.94 -4.97
N LEU T 1029 -72.39 50.84 -4.79
CA LEU T 1029 -72.35 49.73 -5.74
C LEU T 1029 -73.74 49.12 -5.88
N THR T 1030 -74.31 49.14 -7.08
CA THR T 1030 -75.65 48.59 -7.35
C THR T 1030 -75.59 47.08 -7.59
N ARG T 1031 -76.72 46.38 -7.50
CA ARG T 1031 -76.78 44.93 -7.76
C ARG T 1031 -76.43 44.57 -9.20
N ASP T 1032 -76.81 45.39 -10.18
CA ASP T 1032 -76.46 45.17 -11.59
C ASP T 1032 -74.96 45.26 -11.84
N ASP T 1033 -74.25 46.23 -11.24
CA ASP T 1033 -72.79 46.28 -11.30
C ASP T 1033 -72.15 45.12 -10.53
N ALA T 1034 -72.60 44.82 -9.31
CA ALA T 1034 -72.05 43.71 -8.52
C ALA T 1034 -72.18 42.35 -9.24
N GLU T 1035 -73.34 42.04 -9.81
CA GLU T 1035 -73.55 40.82 -10.60
C GLU T 1035 -72.62 40.72 -11.82
N TYR T 1036 -72.33 41.81 -12.55
CA TYR T 1036 -71.34 41.78 -13.64
C TYR T 1036 -69.92 41.48 -13.14
N LEU T 1037 -69.49 42.12 -12.05
CA LEU T 1037 -68.14 41.94 -11.50
C LEU T 1037 -67.91 40.53 -10.94
N LEU T 1038 -68.91 39.93 -10.30
CA LEU T 1038 -68.84 38.55 -9.79
C LEU T 1038 -68.84 37.46 -10.88
N GLY T 1039 -69.20 37.79 -12.12
CA GLY T 1039 -69.13 36.88 -13.27
C GLY T 1039 -69.92 35.59 -13.11
N ARG T 1040 -69.26 34.44 -13.23
CA ARG T 1040 -69.80 33.09 -13.00
C ARG T 1040 -70.46 32.92 -11.63
N PHE T 1041 -69.99 33.63 -10.62
CA PHE T 1041 -70.42 33.51 -9.23
C PHE T 1041 -71.42 34.60 -8.81
N SER T 1042 -72.20 35.16 -9.75
CA SER T 1042 -73.15 36.26 -9.53
C SER T 1042 -74.17 36.01 -8.42
N VAL T 1043 -74.41 34.75 -8.03
CA VAL T 1043 -75.25 34.39 -6.88
C VAL T 1043 -74.80 35.07 -5.57
N LEU T 1044 -73.51 35.40 -5.44
CA LEU T 1044 -72.92 35.97 -4.22
C LEU T 1044 -73.35 37.44 -3.94
N ALA T 1045 -73.95 38.13 -4.91
CA ALA T 1045 -74.15 39.58 -4.88
C ALA T 1045 -74.92 40.11 -3.65
N ASP T 1046 -76.01 39.47 -3.21
CA ASP T 1046 -76.78 39.94 -2.05
C ASP T 1046 -75.97 39.96 -0.75
N SER T 1047 -75.10 38.96 -0.56
CA SER T 1047 -74.25 38.88 0.64
C SER T 1047 -73.09 39.89 0.62
N VAL T 1048 -72.54 40.19 -0.56
CA VAL T 1048 -71.58 41.28 -0.77
C VAL T 1048 -72.20 42.64 -0.47
N LEU T 1049 -73.39 42.95 -0.99
CA LEU T 1049 -74.03 44.24 -0.78
C LEU T 1049 -74.45 44.46 0.68
N GLU T 1050 -74.98 43.43 1.36
CA GLU T 1050 -75.21 43.49 2.81
C GLU T 1050 -73.91 43.75 3.58
N THR T 1051 -72.80 43.10 3.21
CA THR T 1051 -71.48 43.32 3.84
C THR T 1051 -70.95 44.76 3.61
N LEU T 1052 -71.05 45.31 2.39
CA LEU T 1052 -70.61 46.69 2.10
C LEU T 1052 -71.42 47.76 2.86
N ALA T 1053 -72.72 47.56 3.06
CA ALA T 1053 -73.53 48.41 3.93
C ALA T 1053 -73.04 48.44 5.39
N THR T 1054 -72.52 47.33 5.95
CA THR T 1054 -71.95 47.36 7.31
C THR T 1054 -70.65 48.19 7.41
N ILE T 1055 -69.83 48.25 6.35
CA ILE T 1055 -68.65 49.13 6.30
C ILE T 1055 -69.09 50.59 6.19
N ALA T 1056 -70.01 50.89 5.26
CA ALA T 1056 -70.58 52.22 5.06
C ALA T 1056 -71.18 52.85 6.34
N SER T 1057 -72.04 52.11 7.04
CA SER T 1057 -72.77 52.58 8.23
C SER T 1057 -71.96 52.60 9.52
N SER T 1058 -70.88 51.81 9.63
CA SER T 1058 -70.00 51.79 10.82
C SER T 1058 -68.95 52.93 10.82
N GLY T 1059 -68.83 53.71 9.74
CA GLY T 1059 -68.07 54.96 9.71
C GLY T 1059 -66.54 54.82 9.67
N ILE T 1060 -66.00 53.60 9.49
CA ILE T 1060 -64.58 53.40 9.18
C ILE T 1060 -64.23 53.91 7.78
N GLU T 1061 -62.95 54.20 7.54
CA GLU T 1061 -62.45 54.62 6.22
C GLU T 1061 -62.52 53.48 5.18
N TRP T 1062 -62.73 53.83 3.91
CA TRP T 1062 -62.76 52.88 2.79
C TRP T 1062 -61.34 52.46 2.37
N THR T 1063 -60.70 51.60 3.15
CA THR T 1063 -59.41 50.98 2.83
C THR T 1063 -59.36 49.53 3.30
N ALA T 1064 -58.60 48.68 2.61
CA ALA T 1064 -58.53 47.24 2.86
C ALA T 1064 -58.08 46.89 4.30
N GLU T 1065 -57.20 47.69 4.91
CA GLU T 1065 -56.74 47.51 6.29
C GLU T 1065 -57.87 47.77 7.31
N ALA T 1066 -58.59 48.89 7.17
CA ALA T 1066 -59.72 49.24 8.01
C ALA T 1066 -60.90 48.27 7.84
N ALA T 1067 -61.13 47.78 6.62
CA ALA T 1067 -62.19 46.79 6.35
C ALA T 1067 -61.99 45.51 7.15
N ARG T 1068 -60.77 44.94 7.15
CA ARG T 1068 -60.44 43.77 7.98
C ARG T 1068 -60.54 44.07 9.48
N ASP T 1069 -60.01 45.20 9.94
CA ASP T 1069 -60.08 45.60 11.35
C ASP T 1069 -61.52 45.70 11.89
N PHE T 1070 -62.50 46.12 11.07
CA PHE T 1070 -63.92 46.05 11.44
C PHE T 1070 -64.49 44.63 11.33
N LEU T 1071 -64.38 43.97 10.16
CA LEU T 1071 -65.05 42.69 9.89
C LEU T 1071 -64.59 41.55 10.81
N GLU T 1072 -63.28 41.42 11.03
CA GLU T 1072 -62.69 40.34 11.83
C GLU T 1072 -62.86 40.54 13.35
N GLY T 1073 -63.23 41.74 13.81
CA GLY T 1073 -63.70 42.00 15.17
C GLY T 1073 -65.20 41.77 15.33
N VAL T 1074 -66.00 42.27 14.38
CA VAL T 1074 -67.44 42.00 14.26
C VAL T 1074 -67.66 40.58 13.71
N ASP T 1083 -70.74 24.97 13.88
CA ASP T 1083 -72.17 24.83 13.64
C ASP T 1083 -72.62 23.34 13.65
N ASN T 1084 -73.92 23.07 13.71
CA ASN T 1084 -74.49 21.73 13.80
C ASN T 1084 -74.47 20.98 12.44
N PHE T 1085 -73.29 20.76 11.87
CA PHE T 1085 -73.14 20.01 10.61
C PHE T 1085 -73.39 18.50 10.81
N ILE T 1086 -74.47 17.98 10.24
CA ILE T 1086 -74.69 16.52 10.09
C ILE T 1086 -74.05 16.03 8.79
N SER T 1087 -73.51 14.81 8.80
CA SER T 1087 -72.98 14.13 7.61
C SER T 1087 -74.09 13.42 6.81
N VAL T 1088 -73.94 13.30 5.49
CA VAL T 1088 -74.98 12.78 4.57
C VAL T 1088 -74.42 11.64 3.72
N ALA T 1089 -75.23 10.60 3.46
CA ALA T 1089 -74.81 9.36 2.82
C ALA T 1089 -74.18 9.56 1.42
N ASP V 9 25.73 -33.77 -24.91
CA ASP V 9 25.60 -35.17 -25.28
C ASP V 9 24.12 -35.59 -25.46
N ASN V 10 23.86 -36.74 -26.09
CA ASN V 10 22.49 -37.16 -26.46
C ASN V 10 22.30 -38.69 -26.46
N LEU V 11 21.04 -39.14 -26.41
CA LEU V 11 20.66 -40.55 -26.37
C LEU V 11 21.13 -41.36 -27.59
N GLY V 12 21.31 -40.72 -28.74
CA GLY V 12 21.84 -41.35 -29.95
C GLY V 12 23.31 -41.72 -29.81
N SER V 13 24.16 -40.76 -29.43
CA SER V 13 25.58 -40.97 -29.14
C SER V 13 25.84 -42.05 -28.10
N GLN V 14 24.98 -42.14 -27.08
CA GLN V 14 25.08 -43.08 -25.96
C GLN V 14 24.62 -44.52 -26.29
N SER V 15 23.86 -44.74 -27.36
CA SER V 15 23.36 -46.08 -27.72
C SER V 15 24.46 -47.01 -28.25
N GLN V 16 24.37 -48.31 -27.97
CA GLN V 16 25.39 -49.31 -28.30
C GLN V 16 25.19 -49.95 -29.70
N PRO V 17 26.27 -50.43 -30.35
CA PRO V 17 26.22 -51.37 -31.49
C PRO V 17 25.29 -52.58 -31.30
N GLY V 18 24.68 -53.06 -32.38
CA GLY V 18 23.83 -54.25 -32.39
C GLY V 18 23.26 -54.61 -33.76
N PRO V 19 22.43 -55.67 -33.83
CA PRO V 19 21.78 -56.14 -35.07
C PRO V 19 20.63 -55.22 -35.53
N CYS V 20 20.11 -55.46 -36.74
CA CYS V 20 19.00 -54.70 -37.33
C CYS V 20 17.61 -55.08 -36.74
N GLY V 21 17.50 -56.23 -36.08
CA GLY V 21 16.30 -56.76 -35.43
C GLY V 21 16.56 -58.11 -34.75
N TYR V 22 15.53 -58.74 -34.19
CA TYR V 22 15.58 -60.08 -33.58
C TYR V 22 14.35 -60.93 -33.96
N ILE V 23 14.54 -62.24 -34.06
CA ILE V 23 13.45 -63.22 -33.96
C ILE V 23 13.40 -63.75 -32.51
N TYR V 24 12.27 -63.62 -31.83
CA TYR V 24 12.03 -64.22 -30.51
C TYR V 24 11.27 -65.54 -30.65
N PHE V 25 11.68 -66.56 -29.90
CA PHE V 25 11.00 -67.85 -29.77
C PHE V 25 10.50 -68.06 -28.32
N TYR V 26 9.20 -68.23 -28.10
CA TYR V 26 8.59 -68.43 -26.78
C TYR V 26 8.03 -69.84 -26.60
N PRO V 27 8.27 -70.55 -25.48
CA PRO V 27 7.77 -71.90 -25.27
C PRO V 27 6.25 -71.96 -25.03
N LEU V 28 5.55 -72.73 -25.86
CA LEU V 28 4.08 -72.86 -25.80
C LEU V 28 3.57 -73.48 -24.50
N ALA V 29 4.34 -74.33 -23.82
CA ALA V 29 3.93 -74.98 -22.57
C ALA V 29 3.74 -74.00 -21.39
N THR V 30 4.44 -72.87 -21.37
CA THR V 30 4.44 -71.92 -20.24
C THR V 30 4.06 -70.47 -20.57
N TYR V 31 4.11 -70.04 -21.83
CA TYR V 31 3.83 -68.65 -22.23
C TYR V 31 2.34 -68.26 -22.01
N PRO V 32 2.02 -67.05 -21.50
CA PRO V 32 0.65 -66.64 -21.16
C PRO V 32 -0.18 -66.19 -22.38
N LEU V 33 -0.62 -67.16 -23.20
CA LEU V 33 -1.31 -66.94 -24.48
C LEU V 33 -2.61 -66.12 -24.39
N ARG V 34 -3.42 -66.28 -23.33
CA ARG V 34 -4.66 -65.51 -23.16
C ARG V 34 -4.42 -64.05 -22.78
N GLU V 35 -3.35 -63.75 -22.04
CA GLU V 35 -2.97 -62.36 -21.75
C GLU V 35 -2.56 -61.62 -23.03
N VAL V 36 -1.62 -62.14 -23.83
CA VAL V 36 -1.20 -61.45 -25.07
C VAL V 36 -2.34 -61.28 -26.05
N ALA V 37 -3.28 -62.23 -26.13
CA ALA V 37 -4.45 -62.10 -26.99
C ALA V 37 -5.31 -60.86 -26.67
N THR V 38 -5.43 -60.44 -25.40
CA THR V 38 -6.18 -59.21 -25.06
C THR V 38 -5.52 -57.92 -25.54
N LEU V 39 -4.21 -57.92 -25.77
CA LEU V 39 -3.47 -56.81 -26.35
C LEU V 39 -3.23 -56.94 -27.87
N GLY V 40 -3.68 -58.03 -28.50
CA GLY V 40 -3.41 -58.34 -29.91
C GLY V 40 -4.49 -57.91 -30.92
N THR V 41 -4.19 -58.14 -32.20
CA THR V 41 -5.08 -57.89 -33.35
C THR V 41 -5.55 -59.18 -34.05
N GLY V 42 -5.76 -60.26 -33.30
CA GLY V 42 -6.15 -61.55 -33.86
C GLY V 42 -7.60 -61.63 -34.36
N TYR V 43 -7.83 -62.09 -35.57
CA TYR V 43 -9.14 -62.42 -36.13
C TYR V 43 -9.29 -63.94 -36.29
N ALA V 44 -10.51 -64.47 -36.43
CA ALA V 44 -10.73 -65.91 -36.61
C ALA V 44 -10.18 -66.41 -37.96
N GLY V 45 -9.28 -67.39 -37.92
CA GLY V 45 -8.59 -67.95 -39.10
C GLY V 45 -7.25 -67.28 -39.47
N HIS V 46 -6.73 -66.36 -38.66
CA HIS V 46 -5.47 -65.63 -38.93
C HIS V 46 -4.25 -66.56 -39.10
N ARG V 47 -3.27 -66.10 -39.87
CA ARG V 47 -1.96 -66.73 -40.04
C ARG V 47 -0.83 -65.85 -39.51
N CYS V 48 -1.11 -64.58 -39.23
CA CYS V 48 -0.24 -63.60 -38.59
C CYS V 48 -1.07 -62.58 -37.77
N LEU V 49 -0.47 -61.97 -36.74
CA LEU V 49 -1.05 -60.85 -35.97
C LEU V 49 0.00 -59.95 -35.32
N THR V 50 -0.41 -58.75 -34.92
CA THR V 50 0.41 -57.79 -34.20
C THR V 50 0.07 -57.72 -32.71
N VAL V 51 1.10 -57.50 -31.91
CA VAL V 51 1.09 -57.28 -30.45
C VAL V 51 2.05 -56.14 -30.12
N PRO V 52 1.90 -55.44 -28.97
CA PRO V 52 2.84 -54.39 -28.56
C PRO V 52 4.20 -54.93 -28.09
N LEU V 53 5.27 -54.15 -28.25
CA LEU V 53 6.58 -54.38 -27.62
C LEU V 53 6.54 -53.96 -26.12
N LEU V 54 6.63 -54.91 -25.20
CA LEU V 54 6.56 -54.70 -23.74
C LEU V 54 7.58 -55.57 -22.97
N CYS V 55 8.34 -54.95 -22.07
CA CYS V 55 9.27 -55.66 -21.19
C CYS V 55 8.53 -56.55 -20.19
N GLY V 56 8.85 -57.84 -20.18
CA GLY V 56 8.24 -58.83 -19.29
C GLY V 56 7.06 -59.61 -19.87
N ILE V 57 6.66 -59.37 -21.13
CA ILE V 57 5.70 -60.23 -21.83
C ILE V 57 6.01 -60.48 -23.30
N THR V 58 6.59 -59.53 -24.05
CA THR V 58 7.02 -59.77 -25.44
C THR V 58 8.51 -59.58 -25.67
N VAL V 59 9.23 -58.81 -24.83
CA VAL V 59 10.70 -58.77 -24.78
C VAL V 59 11.19 -58.90 -23.34
N GLU V 60 12.46 -59.26 -23.13
CA GLU V 60 13.02 -59.43 -21.78
C GLU V 60 13.19 -58.07 -21.07
N PRO V 61 13.15 -58.03 -19.72
CA PRO V 61 13.48 -56.84 -18.95
C PRO V 61 14.84 -56.24 -19.34
N GLY V 62 14.92 -54.93 -19.45
CA GLY V 62 16.15 -54.21 -19.82
C GLY V 62 16.45 -54.16 -21.32
N PHE V 63 15.49 -54.49 -22.19
CA PHE V 63 15.60 -54.33 -23.63
C PHE V 63 15.96 -52.88 -24.01
N SER V 64 16.99 -52.70 -24.84
CA SER V 64 17.38 -51.39 -25.36
C SER V 64 16.52 -51.00 -26.56
N ILE V 65 15.66 -49.99 -26.44
CA ILE V 65 14.85 -49.50 -27.56
C ILE V 65 15.65 -48.64 -28.56
N ASN V 66 16.81 -48.08 -28.17
CA ASN V 66 17.71 -47.32 -29.04
C ASN V 66 18.99 -48.12 -29.32
N VAL V 67 19.48 -48.15 -30.56
CA VAL V 67 20.68 -48.90 -30.98
C VAL V 67 21.44 -48.21 -32.10
N LYS V 68 22.74 -48.53 -32.22
CA LYS V 68 23.49 -48.36 -33.48
C LYS V 68 23.46 -49.67 -34.25
N ALA V 69 22.73 -49.74 -35.35
CA ALA V 69 22.57 -50.95 -36.15
C ALA V 69 23.75 -51.11 -37.13
N LEU V 70 24.45 -52.23 -37.11
CA LEU V 70 25.46 -52.59 -38.11
C LEU V 70 24.77 -53.09 -39.39
N HIS V 71 24.75 -52.27 -40.44
CA HIS V 71 23.91 -52.53 -41.62
C HIS V 71 24.67 -52.72 -42.94
N ARG V 72 25.92 -52.27 -43.05
CA ARG V 72 26.75 -52.41 -44.26
C ARG V 72 28.21 -52.66 -43.90
N ARG V 73 28.86 -53.62 -44.57
CA ARG V 73 30.33 -53.74 -44.60
C ARG V 73 30.84 -53.38 -46.01
N PRO V 74 31.41 -52.18 -46.24
CA PRO V 74 31.93 -51.79 -47.56
C PRO V 74 33.04 -52.72 -48.09
N ASP V 75 33.82 -53.31 -47.18
CA ASP V 75 34.68 -54.46 -47.37
C ASP V 75 34.72 -55.27 -46.07
N PRO V 76 35.20 -56.53 -46.07
CA PRO V 76 35.23 -57.40 -44.88
C PRO V 76 35.88 -56.84 -43.60
N ASN V 77 36.58 -55.70 -43.66
CA ASN V 77 37.35 -55.11 -42.57
C ASN V 77 36.82 -53.75 -42.08
N CYS V 78 35.68 -53.28 -42.59
CA CYS V 78 35.06 -52.03 -42.13
C CYS V 78 33.54 -52.20 -41.93
N GLY V 79 33.00 -51.67 -40.82
CA GLY V 79 31.55 -51.61 -40.57
C GLY V 79 30.99 -50.20 -40.59
N LEU V 80 29.75 -50.04 -41.05
CA LEU V 80 28.99 -48.80 -40.95
C LEU V 80 27.82 -48.93 -39.97
N LEU V 81 27.60 -47.89 -39.15
CA LEU V 81 26.57 -47.83 -38.11
C LEU V 81 25.49 -46.78 -38.39
N ARG V 82 24.22 -47.17 -38.24
CA ARG V 82 23.03 -46.30 -38.32
C ARG V 82 22.37 -46.21 -36.94
N ALA V 83 22.17 -45.03 -36.39
CA ALA V 83 21.46 -44.85 -35.13
C ALA V 83 19.94 -44.88 -35.37
N THR V 84 19.21 -45.75 -34.68
CA THR V 84 17.76 -45.94 -34.84
C THR V 84 17.11 -46.44 -33.56
N SER V 85 15.88 -46.03 -33.31
CA SER V 85 15.00 -46.70 -32.36
C SER V 85 14.28 -47.91 -32.97
N TYR V 86 13.73 -48.77 -32.12
CA TYR V 86 12.87 -49.88 -32.50
C TYR V 86 11.50 -49.44 -33.06
N HIS V 87 10.89 -50.28 -33.90
CA HIS V 87 9.49 -50.17 -34.24
C HIS V 87 8.61 -50.63 -33.07
N ARG V 88 7.53 -49.90 -32.83
CA ARG V 88 6.60 -50.07 -31.71
C ARG V 88 5.83 -51.41 -31.67
N ASP V 89 5.48 -52.00 -32.81
CA ASP V 89 4.75 -53.27 -32.91
C ASP V 89 5.68 -54.47 -33.14
N ILE V 90 5.31 -55.62 -32.58
CA ILE V 90 5.89 -56.94 -32.82
C ILE V 90 4.93 -57.78 -33.68
N TYR V 91 5.46 -58.47 -34.69
CA TYR V 91 4.71 -59.31 -35.63
C TYR V 91 4.88 -60.80 -35.32
N VAL V 92 3.80 -61.49 -34.96
CA VAL V 92 3.75 -62.90 -34.54
C VAL V 92 3.38 -63.80 -35.73
N PHE V 93 4.33 -64.59 -36.26
CA PHE V 93 4.21 -65.21 -37.59
C PHE V 93 4.33 -66.75 -37.64
N HIS V 94 4.91 -67.41 -36.63
CA HIS V 94 5.09 -68.87 -36.55
C HIS V 94 4.25 -69.48 -35.41
N ASN V 95 3.42 -70.48 -35.69
CA ASN V 95 2.38 -71.04 -34.79
C ASN V 95 1.34 -70.02 -34.28
N ALA V 96 1.08 -68.95 -35.04
CA ALA V 96 0.17 -67.87 -34.66
C ALA V 96 -1.28 -68.31 -34.35
N HIS V 97 -1.73 -69.44 -34.88
CA HIS V 97 -3.02 -70.09 -34.57
C HIS V 97 -3.20 -70.42 -33.07
N MET V 98 -2.11 -70.52 -32.31
CA MET V 98 -2.12 -70.74 -30.87
C MET V 98 -2.52 -69.51 -30.04
N VAL V 99 -2.49 -68.29 -30.59
CA VAL V 99 -2.94 -67.07 -29.90
C VAL V 99 -4.44 -66.85 -30.19
N PRO V 100 -5.33 -66.81 -29.19
CA PRO V 100 -6.76 -66.54 -29.40
C PRO V 100 -7.07 -65.22 -30.15
N PRO V 101 -8.15 -65.16 -30.95
CA PRO V 101 -8.60 -63.91 -31.57
C PRO V 101 -9.16 -62.90 -30.54
N ILE V 102 -9.09 -61.60 -30.85
CA ILE V 102 -9.71 -60.52 -30.07
C ILE V 102 -11.22 -60.39 -30.36
N PHE V 103 -11.68 -60.82 -31.54
CA PHE V 103 -13.07 -60.74 -32.02
C PHE V 103 -13.51 -62.06 -32.68
N GLU V 104 -14.70 -62.56 -32.36
CA GLU V 104 -15.13 -63.91 -32.78
C GLU V 104 -15.84 -63.97 -34.14
N GLY V 105 -16.26 -62.84 -34.71
CA GLY V 105 -17.04 -62.84 -35.95
C GLY V 105 -16.27 -63.39 -37.15
N PRO V 106 -16.84 -64.30 -37.95
CA PRO V 106 -16.19 -64.90 -39.12
C PRO V 106 -16.22 -64.03 -40.39
N GLY V 107 -15.43 -64.39 -41.40
CA GLY V 107 -15.51 -63.87 -42.77
C GLY V 107 -14.79 -62.54 -43.07
N LEU V 108 -13.92 -62.03 -42.18
CA LEU V 108 -13.36 -60.69 -42.32
C LEU V 108 -12.34 -60.56 -43.46
N GLU V 109 -11.59 -61.61 -43.75
CA GLU V 109 -10.51 -61.60 -44.74
C GLU V 109 -11.03 -61.40 -46.17
N ALA V 110 -12.13 -62.07 -46.53
CA ALA V 110 -12.83 -61.91 -47.82
C ALA V 110 -13.53 -60.55 -47.94
N LEU V 111 -14.18 -60.07 -46.87
CA LEU V 111 -14.80 -58.74 -46.82
C LEU V 111 -13.77 -57.62 -47.07
N CYS V 112 -12.60 -57.71 -46.43
CA CYS V 112 -11.49 -56.78 -46.66
C CYS V 112 -10.98 -56.85 -48.11
N GLY V 113 -10.86 -58.04 -48.70
CA GLY V 113 -10.38 -58.23 -50.06
C GLY V 113 -11.30 -57.65 -51.13
N GLU V 114 -12.60 -57.87 -50.98
CA GLU V 114 -13.65 -57.31 -51.84
C GLU V 114 -13.67 -55.78 -51.77
N THR V 115 -13.62 -55.20 -50.56
CA THR V 115 -13.73 -53.75 -50.36
C THR V 115 -12.49 -53.00 -50.82
N ARG V 116 -11.28 -53.58 -50.67
CA ARG V 116 -10.02 -53.03 -51.19
C ARG V 116 -10.07 -52.84 -52.72
N GLU V 117 -10.70 -53.76 -53.43
CA GLU V 117 -10.81 -53.72 -54.89
C GLU V 117 -11.77 -52.61 -55.37
N VAL V 118 -12.94 -52.43 -54.76
CA VAL V 118 -13.88 -51.37 -55.17
C VAL V 118 -13.35 -49.95 -54.92
N PHE V 119 -12.52 -49.74 -53.89
CA PHE V 119 -11.81 -48.47 -53.68
C PHE V 119 -10.54 -48.31 -54.53
N GLY V 120 -10.18 -49.30 -55.34
CA GLY V 120 -9.02 -49.26 -56.24
C GLY V 120 -7.66 -49.41 -55.56
N TYR V 121 -7.59 -49.98 -54.36
CA TYR V 121 -6.34 -50.15 -53.60
C TYR V 121 -5.55 -51.42 -53.96
N ASP V 122 -4.23 -51.27 -53.89
CA ASP V 122 -3.21 -52.29 -54.16
C ASP V 122 -3.15 -53.40 -53.08
N ALA V 123 -3.38 -54.67 -53.45
CA ALA V 123 -3.20 -55.84 -52.58
C ALA V 123 -1.73 -56.30 -52.47
N TYR V 124 -1.34 -57.00 -51.42
CA TYR V 124 0.02 -57.53 -51.30
C TYR V 124 0.33 -58.54 -52.40
N SER V 125 1.41 -58.35 -53.15
CA SER V 125 1.91 -59.30 -54.15
C SER V 125 3.13 -60.04 -53.61
N ALA V 126 3.02 -61.35 -53.46
CA ALA V 126 4.06 -62.20 -52.93
C ALA V 126 5.28 -62.33 -53.86
N LEU V 127 6.48 -62.49 -53.26
CA LEU V 127 7.69 -62.86 -54.01
C LEU V 127 7.53 -64.24 -54.69
N PRO V 128 8.28 -64.54 -55.76
CA PRO V 128 8.21 -65.85 -56.42
C PRO V 128 8.85 -67.02 -55.64
N ARG V 129 9.71 -66.76 -54.65
CA ARG V 129 10.21 -67.79 -53.71
C ARG V 129 9.15 -68.31 -52.72
N GLU V 130 9.36 -69.48 -52.13
CA GLU V 130 8.67 -69.88 -50.90
C GLU V 130 9.14 -69.09 -49.66
N SER V 131 8.30 -69.03 -48.63
CA SER V 131 8.71 -68.65 -47.26
C SER V 131 9.86 -69.52 -46.71
N SER V 132 10.74 -68.92 -45.91
CA SER V 132 11.82 -69.63 -45.20
C SER V 132 11.27 -70.78 -44.36
N LYS V 133 11.82 -71.98 -44.56
CA LYS V 133 11.50 -73.17 -43.75
C LYS V 133 12.04 -73.01 -42.33
N PRO V 134 11.36 -73.55 -41.29
CA PRO V 134 11.81 -73.44 -39.89
C PRO V 134 13.28 -73.75 -39.65
N GLY V 135 13.80 -74.86 -40.19
CA GLY V 135 15.20 -75.26 -40.06
C GLY V 135 16.24 -74.24 -40.56
N ASP V 136 15.84 -73.25 -41.37
CA ASP V 136 16.70 -72.16 -41.82
C ASP V 136 16.89 -71.05 -40.78
N PHE V 137 15.92 -70.80 -39.89
CA PHE V 137 15.96 -69.67 -38.95
C PHE V 137 15.86 -70.06 -37.47
N PHE V 138 15.41 -71.27 -37.14
CA PHE V 138 15.44 -71.79 -35.78
C PHE V 138 16.88 -72.06 -35.27
N PRO V 139 17.17 -71.78 -33.99
CA PRO V 139 18.37 -72.29 -33.31
C PRO V 139 18.53 -73.81 -33.43
N GLU V 140 19.74 -74.32 -33.22
CA GLU V 140 20.06 -75.75 -33.18
C GLU V 140 19.28 -76.51 -32.07
N GLY V 141 18.61 -77.59 -32.46
CA GLY V 141 17.98 -78.55 -31.53
C GLY V 141 16.58 -78.21 -31.04
N LEU V 142 16.13 -76.95 -31.07
CA LEU V 142 14.75 -76.59 -30.74
C LEU V 142 13.75 -77.16 -31.75
N ASP V 143 12.66 -77.73 -31.23
CA ASP V 143 11.54 -78.27 -32.02
C ASP V 143 10.61 -77.14 -32.50
N PRO V 144 10.42 -76.93 -33.83
CA PRO V 144 9.52 -75.90 -34.34
C PRO V 144 8.07 -76.03 -33.87
N SER V 145 7.58 -77.23 -33.55
CA SER V 145 6.21 -77.45 -33.04
C SER V 145 6.00 -77.00 -31.60
N ALA V 146 7.07 -76.79 -30.82
CA ALA V 146 7.01 -76.45 -29.39
C ALA V 146 7.05 -74.94 -29.08
N TYR V 147 7.27 -74.09 -30.07
CA TYR V 147 7.52 -72.66 -29.88
C TYR V 147 6.62 -71.74 -30.72
N LEU V 148 6.36 -70.54 -30.20
CA LEU V 148 5.71 -69.42 -30.89
C LEU V 148 6.80 -68.46 -31.43
N GLY V 149 6.75 -68.05 -32.70
CA GLY V 149 7.77 -67.18 -33.31
C GLY V 149 7.30 -65.78 -33.71
N ALA V 150 8.05 -64.75 -33.36
CA ALA V 150 7.71 -63.35 -33.63
C ALA V 150 8.94 -62.47 -33.91
N VAL V 151 8.81 -61.40 -34.70
CA VAL V 151 9.88 -60.45 -35.06
C VAL V 151 9.75 -59.12 -34.34
N ALA V 152 10.85 -58.64 -33.76
CA ALA V 152 11.05 -57.25 -33.33
C ALA V 152 12.02 -56.58 -34.30
N ILE V 153 11.72 -55.39 -34.80
CA ILE V 153 12.43 -54.77 -35.93
C ILE V 153 12.75 -53.29 -35.68
N THR V 154 13.90 -52.83 -36.14
CA THR V 154 14.24 -51.40 -36.05
C THR V 154 13.52 -50.55 -37.08
N GLU V 155 13.18 -49.32 -36.72
CA GLU V 155 12.33 -48.44 -37.53
C GLU V 155 12.95 -48.09 -38.90
N ALA V 156 14.28 -48.06 -39.01
CA ALA V 156 15.02 -47.79 -40.25
C ALA V 156 15.12 -48.96 -41.24
N PHE V 157 14.96 -50.21 -40.79
CA PHE V 157 15.13 -51.43 -41.59
C PHE V 157 13.86 -52.30 -41.73
N LYS V 158 12.68 -51.80 -41.34
CA LYS V 158 11.40 -52.52 -41.48
C LYS V 158 10.94 -52.72 -42.94
N GLU V 159 11.28 -51.85 -43.89
CA GLU V 159 11.00 -52.14 -45.31
C GLU V 159 11.89 -53.28 -45.84
N ARG V 160 13.12 -53.42 -45.34
CA ARG V 160 14.01 -54.55 -45.66
C ARG V 160 13.45 -55.88 -45.14
N LEU V 161 12.80 -55.88 -43.96
CA LEU V 161 12.06 -57.04 -43.46
C LEU V 161 10.92 -57.43 -44.41
N TYR V 162 10.08 -56.45 -44.79
CA TYR V 162 9.00 -56.63 -45.76
C TYR V 162 9.49 -57.20 -47.09
N SER V 163 10.60 -56.70 -47.64
CA SER V 163 11.13 -57.05 -48.96
C SER V 163 12.00 -58.31 -48.99
N GLY V 164 12.25 -58.98 -47.86
CA GLY V 164 13.01 -60.24 -47.81
C GLY V 164 14.52 -60.07 -47.90
N ASN V 165 15.05 -58.92 -47.51
CA ASN V 165 16.46 -58.54 -47.62
C ASN V 165 17.27 -58.64 -46.30
N LEU V 166 16.71 -59.14 -45.21
CA LEU V 166 17.46 -59.46 -43.98
C LEU V 166 17.96 -60.91 -43.98
N VAL V 167 19.00 -61.17 -43.21
CA VAL V 167 19.61 -62.49 -42.96
C VAL V 167 19.49 -62.82 -41.46
N ALA V 168 18.99 -64.00 -41.11
CA ALA V 168 19.02 -64.53 -39.74
C ALA V 168 20.29 -65.39 -39.51
N ILE V 169 20.90 -65.29 -38.33
CA ILE V 169 22.13 -66.03 -37.99
C ILE V 169 21.93 -66.90 -36.74
N PRO V 170 21.31 -68.09 -36.86
CA PRO V 170 20.99 -68.98 -35.74
C PRO V 170 22.15 -69.33 -34.79
N SER V 171 23.41 -69.35 -35.24
CA SER V 171 24.56 -69.66 -34.36
C SER V 171 24.78 -68.61 -33.29
N LEU V 172 24.36 -67.36 -33.53
CA LEU V 172 24.45 -66.26 -32.58
C LEU V 172 23.26 -66.18 -31.60
N LYS V 173 22.54 -67.29 -31.35
CA LYS V 173 21.43 -67.34 -30.37
C LYS V 173 21.81 -66.82 -29.00
N GLN V 174 20.84 -66.22 -28.30
CA GLN V 174 20.95 -65.81 -26.91
C GLN V 174 19.73 -66.28 -26.12
N GLU V 175 19.92 -66.80 -24.92
CA GLU V 175 18.83 -67.28 -24.06
C GLU V 175 18.41 -66.17 -23.09
N VAL V 176 17.11 -65.88 -23.03
CA VAL V 176 16.53 -64.72 -22.35
C VAL V 176 15.25 -65.10 -21.60
N ALA V 177 15.03 -64.53 -20.42
CA ALA V 177 13.81 -64.73 -19.64
C ALA V 177 12.75 -63.68 -20.00
N VAL V 178 11.57 -64.11 -20.45
CA VAL V 178 10.46 -63.21 -20.80
C VAL V 178 9.30 -63.48 -19.85
N GLY V 179 9.19 -62.68 -18.78
CA GLY V 179 8.36 -63.00 -17.63
C GLY V 179 8.86 -64.28 -16.95
N GLN V 180 8.00 -65.30 -16.81
CA GLN V 180 8.42 -66.61 -16.32
C GLN V 180 9.11 -67.48 -17.39
N SER V 181 8.83 -67.25 -18.68
CA SER V 181 9.15 -68.22 -19.74
C SER V 181 10.60 -68.14 -20.20
N ALA V 182 11.27 -69.29 -20.22
CA ALA V 182 12.62 -69.46 -20.79
C ALA V 182 12.58 -69.36 -22.32
N SER V 183 12.94 -68.21 -22.87
CA SER V 183 12.83 -67.90 -24.30
C SER V 183 14.20 -67.85 -24.99
N VAL V 184 14.22 -67.76 -26.32
CA VAL V 184 15.46 -67.63 -27.10
C VAL V 184 15.31 -66.50 -28.12
N ARG V 185 16.37 -65.77 -28.45
CA ARG V 185 16.38 -64.85 -29.59
C ARG V 185 17.54 -65.09 -30.56
N VAL V 186 17.30 -64.85 -31.84
CA VAL V 186 18.28 -64.90 -32.95
C VAL V 186 18.38 -63.53 -33.61
N PRO V 187 19.56 -63.00 -33.91
CA PRO V 187 19.70 -61.68 -34.53
C PRO V 187 19.38 -61.68 -36.04
N LEU V 188 18.96 -60.52 -36.55
CA LEU V 188 18.78 -60.22 -37.98
C LEU V 188 19.75 -59.13 -38.46
N TYR V 189 20.42 -59.35 -39.61
CA TYR V 189 21.33 -58.38 -40.24
C TYR V 189 20.93 -58.10 -41.70
N ASP V 190 21.06 -56.87 -42.19
CA ASP V 190 20.83 -56.56 -43.60
C ASP V 190 21.84 -57.30 -44.51
N LYS V 191 21.41 -57.87 -45.63
CA LYS V 191 22.31 -58.61 -46.55
C LYS V 191 23.53 -57.79 -47.03
N GLU V 192 23.50 -56.48 -46.94
CA GLU V 192 24.65 -55.60 -47.18
C GLU V 192 25.81 -55.72 -46.17
N VAL V 193 25.69 -56.48 -45.08
CA VAL V 193 26.85 -56.88 -44.26
C VAL V 193 27.66 -58.04 -44.86
N PHE V 194 27.23 -58.62 -45.98
CA PHE V 194 27.97 -59.68 -46.69
C PHE V 194 28.37 -59.21 -48.10
N PRO V 195 29.46 -58.43 -48.24
CA PRO V 195 29.89 -57.90 -49.55
C PRO V 195 30.18 -58.97 -50.60
N GLU V 196 30.61 -60.18 -50.23
CA GLU V 196 30.81 -61.29 -51.19
C GLU V 196 29.50 -61.99 -51.61
N GLY V 197 28.37 -61.60 -51.00
CA GLY V 197 27.03 -62.14 -51.22
C GLY V 197 26.71 -63.39 -50.39
N VAL V 198 25.41 -63.56 -50.13
CA VAL V 198 24.80 -64.81 -49.61
C VAL V 198 23.74 -65.29 -50.62
N PRO V 199 23.49 -66.61 -50.79
CA PRO V 199 22.49 -67.12 -51.73
C PRO V 199 21.08 -66.54 -51.48
N GLN V 200 20.28 -66.31 -52.52
CA GLN V 200 18.97 -65.67 -52.38
C GLN V 200 18.02 -66.41 -51.42
N LEU V 201 18.07 -67.75 -51.34
CA LEU V 201 17.29 -68.53 -50.37
C LEU V 201 17.84 -68.54 -48.93
N ARG V 202 19.07 -68.05 -48.70
CA ARG V 202 19.66 -67.89 -47.35
C ARG V 202 19.14 -66.66 -46.61
N GLN V 203 18.54 -65.69 -47.31
CA GLN V 203 17.82 -64.54 -46.77
C GLN V 203 16.49 -64.96 -46.13
N PHE V 204 16.03 -64.22 -45.12
CA PHE V 204 14.80 -64.50 -44.38
C PHE V 204 13.58 -63.89 -45.06
N TYR V 205 12.56 -64.71 -45.36
CA TYR V 205 11.29 -64.25 -45.91
C TYR V 205 10.09 -65.01 -45.32
N ASN V 206 9.03 -64.30 -44.95
CA ASN V 206 7.75 -64.91 -44.64
C ASN V 206 6.60 -64.13 -45.28
N SER V 207 5.85 -64.80 -46.15
CA SER V 207 4.79 -64.16 -46.93
C SER V 207 3.61 -63.70 -46.06
N ASP V 208 3.25 -64.42 -45.00
CA ASP V 208 2.19 -64.00 -44.09
C ASP V 208 2.57 -62.75 -43.28
N LEU V 209 3.82 -62.67 -42.83
CA LEU V 209 4.37 -61.47 -42.17
C LEU V 209 4.35 -60.25 -43.11
N SER V 210 4.86 -60.38 -44.34
CA SER V 210 4.88 -59.27 -45.30
C SER V 210 3.46 -58.79 -45.66
N ARG V 211 2.52 -59.71 -45.91
CA ARG V 211 1.09 -59.39 -46.13
C ARG V 211 0.46 -58.68 -44.92
N CYS V 212 0.73 -59.10 -43.68
CA CYS V 212 0.26 -58.42 -42.49
C CYS V 212 0.76 -56.97 -42.39
N MET V 213 2.07 -56.71 -42.59
CA MET V 213 2.62 -55.35 -42.68
C MET V 213 1.99 -54.50 -43.79
N HIS V 214 1.74 -55.08 -44.97
CA HIS V 214 1.10 -54.37 -46.09
C HIS V 214 -0.25 -53.77 -45.69
N GLU V 215 -1.08 -54.58 -45.04
CA GLU V 215 -2.43 -54.23 -44.61
C GLU V 215 -2.45 -53.41 -43.33
N ALA V 216 -1.81 -53.86 -42.25
CA ALA V 216 -1.90 -53.23 -40.94
C ALA V 216 -0.99 -52.02 -40.74
N LEU V 217 0.11 -51.87 -41.49
CA LEU V 217 1.02 -50.73 -41.40
C LEU V 217 0.94 -49.78 -42.60
N TYR V 218 1.33 -50.24 -43.79
CA TYR V 218 1.59 -49.34 -44.93
C TYR V 218 0.33 -48.79 -45.60
N THR V 219 -0.78 -49.53 -45.64
CA THR V 219 -2.02 -49.07 -46.28
C THR V 219 -2.60 -47.82 -45.60
N GLY V 220 -2.53 -47.71 -44.28
CA GLY V 220 -2.99 -46.52 -43.56
C GLY V 220 -2.11 -45.29 -43.80
N LEU V 221 -0.80 -45.46 -44.00
CA LEU V 221 0.12 -44.37 -44.38
C LEU V 221 -0.16 -43.87 -45.79
N ALA V 222 -0.47 -44.78 -46.72
CA ALA V 222 -0.93 -44.44 -48.06
C ALA V 222 -2.26 -43.67 -48.03
N GLN V 223 -3.25 -44.10 -47.25
CA GLN V 223 -4.50 -43.36 -47.03
C GLN V 223 -4.25 -41.94 -46.48
N ALA V 224 -3.33 -41.75 -45.54
CA ALA V 224 -2.97 -40.42 -45.02
C ALA V 224 -2.34 -39.46 -46.06
N LEU V 225 -1.78 -39.96 -47.15
CA LEU V 225 -1.23 -39.18 -48.27
C LEU V 225 -2.17 -39.09 -49.49
N ARG V 226 -3.30 -39.80 -49.48
CA ARG V 226 -4.22 -40.04 -50.63
C ARG V 226 -3.49 -40.67 -51.84
N VAL V 227 -2.76 -41.74 -51.58
CA VAL V 227 -2.08 -42.63 -52.55
C VAL V 227 -2.74 -44.02 -52.54
N ARG V 228 -2.98 -44.64 -53.70
CA ARG V 228 -3.55 -46.00 -53.84
C ARG V 228 -2.52 -47.12 -54.02
N ARG V 229 -1.37 -46.80 -54.59
CA ARG V 229 -0.27 -47.71 -54.96
C ARG V 229 0.65 -48.00 -53.76
N VAL V 230 0.19 -48.86 -52.85
CA VAL V 230 0.85 -49.15 -51.56
C VAL V 230 2.24 -49.78 -51.76
N GLY V 231 2.40 -50.73 -52.67
CA GLY V 231 3.68 -51.39 -52.95
C GLY V 231 4.77 -50.44 -53.44
N LYS V 232 4.42 -49.47 -54.29
CA LYS V 232 5.30 -48.36 -54.71
C LYS V 232 5.63 -47.38 -53.59
N LEU V 233 4.71 -47.10 -52.65
CA LEU V 233 5.05 -46.35 -51.44
C LEU V 233 6.07 -47.10 -50.56
N VAL V 234 5.96 -48.42 -50.39
CA VAL V 234 6.97 -49.19 -49.63
C VAL V 234 8.35 -49.15 -50.30
N GLU V 235 8.42 -49.29 -51.63
CA GLU V 235 9.69 -49.19 -52.36
C GLU V 235 10.37 -47.83 -52.21
N LEU V 236 9.65 -46.71 -52.28
CA LEU V 236 10.26 -45.40 -52.13
C LEU V 236 10.67 -45.08 -50.68
N LEU V 237 9.99 -45.61 -49.66
CA LEU V 237 10.42 -45.48 -48.27
C LEU V 237 11.71 -46.28 -48.00
N GLU V 238 11.90 -47.46 -48.58
CA GLU V 238 13.13 -48.25 -48.45
C GLU V 238 14.36 -47.52 -49.02
N LYS V 239 14.26 -47.03 -50.26
CA LYS V 239 15.33 -46.28 -50.91
C LYS V 239 15.65 -44.96 -50.20
N GLN V 240 14.65 -44.28 -49.62
CA GLN V 240 14.87 -43.11 -48.78
C GLN V 240 15.69 -43.45 -47.53
N SER V 241 15.48 -44.61 -46.90
CA SER V 241 16.27 -45.03 -45.74
C SER V 241 17.70 -45.44 -46.11
N LEU V 242 17.89 -46.21 -47.19
CA LEU V 242 19.20 -46.79 -47.52
C LEU V 242 20.13 -45.93 -48.38
N GLN V 243 19.59 -44.95 -49.11
CA GLN V 243 20.33 -44.14 -50.10
C GLN V 243 20.20 -42.63 -49.86
N ASP V 244 19.81 -42.22 -48.64
CA ASP V 244 19.81 -40.83 -48.16
C ASP V 244 18.97 -39.83 -48.98
N GLN V 245 17.89 -40.26 -49.63
CA GLN V 245 17.11 -39.48 -50.61
C GLN V 245 16.13 -38.45 -50.00
N ALA V 246 16.30 -38.03 -48.75
CA ALA V 246 15.33 -37.15 -48.07
C ALA V 246 15.07 -35.80 -48.78
N LYS V 247 16.07 -35.18 -49.40
CA LYS V 247 15.95 -33.92 -50.16
C LYS V 247 15.57 -34.09 -51.64
N VAL V 248 15.27 -35.32 -52.10
CA VAL V 248 14.81 -35.61 -53.48
C VAL V 248 13.29 -35.81 -53.50
N ALA V 249 12.57 -35.18 -54.42
CA ALA V 249 11.14 -35.39 -54.59
C ALA V 249 10.83 -36.80 -55.12
N LYS V 250 9.79 -37.47 -54.62
CA LYS V 250 9.54 -38.90 -54.87
C LYS V 250 8.07 -39.34 -54.87
N VAL V 251 7.17 -38.74 -54.08
CA VAL V 251 5.75 -39.16 -54.07
C VAL V 251 4.90 -38.52 -55.15
N ALA V 252 5.28 -37.36 -55.71
CA ALA V 252 4.44 -36.63 -56.65
C ALA V 252 3.85 -37.45 -57.83
N PRO V 253 4.59 -38.38 -58.48
CA PRO V 253 4.02 -39.24 -59.52
C PRO V 253 2.85 -40.14 -59.08
N LEU V 254 2.79 -40.55 -57.81
CA LEU V 254 1.73 -41.40 -57.26
C LEU V 254 0.44 -40.65 -56.89
N LYS V 255 0.46 -39.32 -56.87
CA LYS V 255 -0.69 -38.47 -56.48
C LYS V 255 -1.87 -38.57 -57.45
N GLU V 256 -3.05 -38.28 -56.94
CA GLU V 256 -4.34 -38.30 -57.66
C GLU V 256 -5.26 -37.20 -57.12
N PHE V 257 -6.11 -36.61 -57.97
CA PHE V 257 -6.89 -35.43 -57.65
C PHE V 257 -8.37 -35.58 -57.98
N PRO V 258 -9.31 -35.04 -57.18
CA PRO V 258 -10.74 -35.06 -57.45
C PRO V 258 -11.19 -33.91 -58.37
N ALA V 259 -12.40 -34.00 -58.91
CA ALA V 259 -12.99 -33.03 -59.83
C ALA V 259 -13.10 -31.60 -59.26
N SER V 260 -13.30 -31.45 -57.94
CA SER V 260 -13.29 -30.14 -57.26
C SER V 260 -11.93 -29.44 -57.31
N THR V 261 -10.83 -30.20 -57.37
CA THR V 261 -9.47 -29.66 -57.56
C THR V 261 -9.15 -29.42 -59.04
N ILE V 262 -9.57 -30.31 -59.94
CA ILE V 262 -9.31 -30.17 -61.39
C ILE V 262 -10.11 -29.02 -62.02
N SER V 263 -11.35 -28.78 -61.58
CA SER V 263 -12.23 -27.70 -62.06
C SER V 263 -11.94 -26.33 -61.42
N HIS V 264 -11.00 -26.25 -60.48
CA HIS V 264 -10.74 -25.05 -59.68
C HIS V 264 -10.06 -23.93 -60.49
N PRO V 265 -10.40 -22.65 -60.28
CA PRO V 265 -9.73 -21.53 -60.98
C PRO V 265 -8.22 -21.44 -60.71
N ASP V 266 -7.79 -21.83 -59.49
CA ASP V 266 -6.37 -21.93 -59.09
C ASP V 266 -5.83 -23.38 -59.13
N SER V 267 -6.43 -24.29 -59.91
CA SER V 267 -6.10 -25.72 -59.92
C SER V 267 -4.60 -26.02 -60.09
N GLY V 268 -3.87 -25.28 -60.93
CA GLY V 268 -2.43 -25.51 -61.14
C GLY V 268 -1.58 -25.25 -59.88
N ALA V 269 -1.88 -24.19 -59.13
CA ALA V 269 -1.24 -23.89 -57.85
C ALA V 269 -1.68 -24.85 -56.74
N LEU V 270 -2.95 -25.26 -56.73
CA LEU V 270 -3.48 -26.24 -55.78
C LEU V 270 -2.82 -27.61 -55.94
N MET V 271 -2.65 -28.10 -57.17
CA MET V 271 -1.95 -29.38 -57.41
C MET V 271 -0.49 -29.35 -56.96
N ILE V 272 0.22 -28.22 -57.10
CA ILE V 272 1.59 -28.04 -56.59
C ILE V 272 1.61 -27.99 -55.06
N VAL V 273 0.73 -27.24 -54.39
CA VAL V 273 0.72 -27.15 -52.92
C VAL V 273 0.36 -28.49 -52.26
N ASP V 274 -0.67 -29.18 -52.74
CA ASP V 274 -1.08 -30.51 -52.25
C ASP V 274 0.04 -31.56 -52.41
N SER V 275 0.73 -31.55 -53.55
CA SER V 275 1.88 -32.44 -53.79
C SER V 275 3.08 -32.12 -52.90
N ALA V 276 3.45 -30.85 -52.76
CA ALA V 276 4.60 -30.45 -51.93
C ALA V 276 4.39 -30.74 -50.45
N ALA V 277 3.17 -30.54 -49.92
CA ALA V 277 2.83 -30.92 -48.55
C ALA V 277 3.04 -32.42 -48.27
N CYS V 278 2.63 -33.30 -49.20
CA CYS V 278 2.83 -34.74 -49.07
C CYS V 278 4.31 -35.12 -49.17
N GLU V 279 5.07 -34.53 -50.09
CA GLU V 279 6.52 -34.76 -50.19
C GLU V 279 7.24 -34.43 -48.88
N LEU V 280 6.92 -33.29 -48.26
CA LEU V 280 7.50 -32.86 -46.98
C LEU V 280 7.13 -33.81 -45.83
N ALA V 281 5.88 -34.28 -45.74
CA ALA V 281 5.49 -35.26 -44.73
C ALA V 281 6.27 -36.57 -44.87
N VAL V 282 6.47 -37.07 -46.10
CA VAL V 282 7.30 -38.25 -46.36
C VAL V 282 8.81 -38.02 -46.10
N SER V 283 9.35 -36.82 -46.31
CA SER V 283 10.72 -36.50 -45.92
C SER V 283 10.93 -36.50 -44.40
N TYR V 284 10.04 -35.86 -43.64
CA TYR V 284 10.29 -35.58 -42.22
C TYR V 284 9.67 -36.58 -41.21
N ALA V 285 8.51 -37.18 -41.47
CA ALA V 285 7.90 -38.10 -40.50
C ALA V 285 8.76 -39.35 -40.19
N PRO V 286 9.30 -40.10 -41.18
CA PRO V 286 10.20 -41.22 -40.91
C PRO V 286 11.46 -40.82 -40.11
N ALA V 287 12.08 -39.67 -40.39
CA ALA V 287 13.24 -39.18 -39.64
C ALA V 287 12.93 -38.99 -38.15
N MET V 288 11.82 -38.32 -37.83
CA MET V 288 11.39 -38.15 -36.44
C MET V 288 10.99 -39.47 -35.75
N LEU V 289 10.38 -40.41 -36.46
CA LEU V 289 10.03 -41.73 -35.91
C LEU V 289 11.27 -42.61 -35.65
N GLU V 290 12.30 -42.56 -36.51
CA GLU V 290 13.56 -43.29 -36.35
C GLU V 290 14.47 -42.76 -35.23
N ALA V 291 14.30 -41.50 -34.81
CA ALA V 291 15.15 -40.84 -33.80
C ALA V 291 15.22 -41.60 -32.46
N SER V 292 16.22 -41.30 -31.63
CA SER V 292 16.36 -41.94 -30.32
C SER V 292 15.34 -41.36 -29.32
N HIS V 293 14.59 -42.21 -28.62
CA HIS V 293 13.48 -41.81 -27.74
C HIS V 293 13.77 -42.16 -26.28
N GLU V 294 13.23 -41.39 -25.33
CA GLU V 294 13.21 -41.76 -23.90
C GLU V 294 12.41 -43.04 -23.66
N THR V 295 12.81 -43.85 -22.67
CA THR V 295 12.11 -45.09 -22.28
C THR V 295 11.08 -44.80 -21.17
N PRO V 296 9.76 -44.82 -21.42
CA PRO V 296 8.75 -44.57 -20.39
C PRO V 296 8.67 -45.68 -19.34
N ALA V 297 8.26 -45.37 -18.11
CA ALA V 297 8.01 -46.37 -17.07
C ALA V 297 6.82 -47.30 -17.39
N SER V 298 5.91 -46.87 -18.26
CA SER V 298 4.75 -47.65 -18.72
C SER V 298 5.14 -48.83 -19.63
N LEU V 299 6.37 -48.89 -20.14
CA LEU V 299 6.85 -49.97 -20.99
C LEU V 299 7.19 -51.26 -20.21
N ASN V 300 7.19 -51.21 -18.89
CA ASN V 300 7.51 -52.33 -18.01
C ASN V 300 6.26 -53.02 -17.46
N TYR V 301 5.83 -54.13 -18.08
CA TYR V 301 4.54 -54.77 -17.84
C TYR V 301 4.40 -55.39 -16.44
N ASP V 302 5.50 -55.82 -15.82
CA ASP V 302 5.47 -56.44 -14.48
C ASP V 302 5.37 -55.40 -13.34
N SER V 303 5.68 -54.12 -13.58
CA SER V 303 5.39 -53.03 -12.63
C SER V 303 4.06 -52.32 -12.85
N TRP V 304 3.20 -52.74 -13.80
CA TRP V 304 1.88 -52.13 -13.99
C TRP V 304 1.03 -52.25 -12.71
N PRO V 305 0.57 -51.14 -12.09
CA PRO V 305 -0.29 -51.20 -10.91
C PRO V 305 -1.62 -51.94 -11.08
N LEU V 306 -2.20 -52.00 -12.28
CA LEU V 306 -3.53 -52.58 -12.47
C LEU V 306 -3.64 -54.06 -12.06
N PHE V 307 -2.54 -54.82 -12.04
CA PHE V 307 -2.48 -56.21 -11.59
C PHE V 307 -2.36 -56.41 -10.06
N ALA V 308 -2.16 -55.36 -9.26
CA ALA V 308 -1.69 -55.47 -7.88
C ALA V 308 -2.59 -56.29 -6.93
N ASP V 309 -3.90 -56.31 -7.13
CA ASP V 309 -4.85 -57.11 -6.34
C ASP V 309 -5.20 -58.48 -6.98
N CYS V 310 -4.64 -58.85 -8.14
CA CYS V 310 -4.98 -60.08 -8.86
C CYS V 310 -4.38 -61.35 -8.24
N GLU V 311 -5.17 -62.42 -8.14
CA GLU V 311 -4.68 -63.77 -7.83
C GLU V 311 -5.04 -64.75 -8.96
N GLY V 312 -4.03 -65.27 -9.63
CA GLY V 312 -4.15 -66.27 -10.70
C GLY V 312 -4.52 -65.72 -12.10
N PRO V 313 -4.47 -66.56 -13.15
CA PRO V 313 -4.63 -66.13 -14.54
C PRO V 313 -5.99 -65.50 -14.90
N GLU V 314 -7.10 -65.98 -14.33
CA GLU V 314 -8.43 -65.45 -14.65
C GLU V 314 -8.60 -64.00 -14.19
N ALA V 315 -8.10 -63.68 -12.99
CA ALA V 315 -8.12 -62.32 -12.47
C ALA V 315 -7.26 -61.37 -13.32
N ARG V 316 -6.11 -61.83 -13.83
CA ARG V 316 -5.24 -61.04 -14.71
C ARG V 316 -5.89 -60.74 -16.06
N VAL V 317 -6.55 -61.72 -16.69
CA VAL V 317 -7.30 -61.50 -17.95
C VAL V 317 -8.48 -60.56 -17.75
N ALA V 318 -9.26 -60.71 -16.68
CA ALA V 318 -10.37 -59.82 -16.37
C ALA V 318 -9.93 -58.37 -16.07
N ALA V 319 -8.76 -58.17 -15.48
CA ALA V 319 -8.15 -56.86 -15.26
C ALA V 319 -7.73 -56.18 -16.58
N LEU V 320 -7.21 -56.93 -17.56
CA LEU V 320 -6.90 -56.42 -18.89
C LEU V 320 -8.17 -56.01 -19.65
N HIS V 321 -9.27 -56.76 -19.55
CA HIS V 321 -10.53 -56.36 -20.17
C HIS V 321 -11.09 -55.03 -19.59
N ARG V 322 -11.02 -54.80 -18.27
CA ARG V 322 -11.37 -53.50 -17.67
C ARG V 322 -10.44 -52.38 -18.15
N TYR V 323 -9.14 -52.62 -18.26
CA TYR V 323 -8.19 -51.69 -18.85
C TYR V 323 -8.58 -51.30 -20.29
N ASN V 324 -8.91 -52.26 -21.15
CA ASN V 324 -9.34 -51.99 -22.53
C ASN V 324 -10.63 -51.17 -22.62
N ALA V 325 -11.63 -51.43 -21.77
CA ALA V 325 -12.85 -50.64 -21.72
C ALA V 325 -12.58 -49.16 -21.42
N SER V 326 -11.62 -48.83 -20.56
CA SER V 326 -11.21 -47.44 -20.27
C SER V 326 -10.58 -46.69 -21.47
N LEU V 327 -10.05 -47.39 -22.48
CA LEU V 327 -9.54 -46.81 -23.72
C LEU V 327 -10.57 -46.71 -24.86
N ALA V 328 -11.65 -47.49 -24.82
CA ALA V 328 -12.62 -47.58 -25.92
C ALA V 328 -13.20 -46.22 -26.41
N PRO V 329 -13.53 -45.23 -25.57
CA PRO V 329 -14.08 -43.96 -26.05
C PRO V 329 -13.15 -43.19 -26.99
N HIS V 330 -11.83 -43.31 -26.84
CA HIS V 330 -10.84 -42.76 -27.77
C HIS V 330 -10.98 -43.41 -29.15
N VAL V 331 -11.08 -44.73 -29.21
CA VAL V 331 -11.20 -45.50 -30.46
C VAL V 331 -12.55 -45.27 -31.12
N SER V 332 -13.66 -45.35 -30.38
CA SER V 332 -14.99 -45.13 -30.97
C SER V 332 -15.23 -43.69 -31.43
N THR V 333 -14.60 -42.69 -30.80
CA THR V 333 -14.65 -41.30 -31.27
C THR V 333 -14.02 -41.16 -32.65
N GLN V 334 -12.87 -41.80 -32.91
CA GLN V 334 -12.25 -41.82 -34.24
C GLN V 334 -13.07 -42.58 -35.31
N ILE V 335 -14.05 -43.40 -34.94
CA ILE V 335 -15.02 -43.99 -35.88
C ILE V 335 -16.27 -43.12 -36.05
N PHE V 336 -16.87 -42.62 -34.97
CA PHE V 336 -18.15 -41.92 -34.99
C PHE V 336 -18.05 -40.45 -35.42
N ALA V 337 -16.92 -39.77 -35.25
CA ALA V 337 -16.79 -38.35 -35.57
C ALA V 337 -16.66 -38.07 -37.07
N THR V 338 -17.48 -37.19 -37.64
CA THR V 338 -17.43 -36.80 -39.06
C THR V 338 -16.07 -36.20 -39.44
N ASN V 339 -15.40 -35.53 -38.51
CA ASN V 339 -14.09 -34.90 -38.68
C ASN V 339 -12.92 -35.69 -38.04
N SER V 340 -13.05 -37.01 -37.97
CA SER V 340 -11.96 -37.94 -37.62
C SER V 340 -10.78 -37.86 -38.60
N VAL V 341 -9.56 -38.02 -38.11
CA VAL V 341 -8.32 -38.13 -38.93
C VAL V 341 -8.40 -39.24 -39.98
N LEU V 342 -9.17 -40.30 -39.73
CA LEU V 342 -9.41 -41.42 -40.64
C LEU V 342 -10.22 -41.03 -41.91
N TYR V 343 -10.90 -39.88 -41.92
CA TYR V 343 -11.76 -39.41 -43.02
C TYR V 343 -11.23 -38.15 -43.74
N VAL V 344 -9.98 -37.77 -43.52
CA VAL V 344 -9.32 -36.66 -44.25
C VAL V 344 -9.27 -36.95 -45.75
N SER V 345 -9.78 -36.04 -46.56
CA SER V 345 -10.04 -36.21 -48.00
C SER V 345 -9.05 -35.48 -48.92
N GLY V 346 -8.24 -34.56 -48.43
CA GLY V 346 -7.28 -33.78 -49.24
C GLY V 346 -7.12 -32.32 -48.84
N VAL V 347 -6.62 -31.51 -49.77
CA VAL V 347 -6.37 -30.07 -49.61
C VAL V 347 -7.28 -29.27 -50.53
N SER V 348 -7.82 -28.15 -50.08
CA SER V 348 -8.63 -27.23 -50.89
C SER V 348 -8.30 -25.77 -50.61
N LYS V 349 -8.79 -24.85 -51.46
CA LYS V 349 -8.54 -23.41 -51.38
C LYS V 349 -9.84 -22.61 -51.28
N SER V 350 -9.83 -21.59 -50.43
CA SER V 350 -10.95 -20.69 -50.13
C SER V 350 -11.63 -20.09 -51.36
N GLU V 356 -11.45 -16.90 -45.69
CA GLU V 356 -10.17 -17.15 -45.05
C GLU V 356 -9.13 -16.05 -45.36
N SER V 357 -8.31 -15.69 -44.37
CA SER V 357 -7.13 -14.82 -44.56
C SER V 357 -6.05 -15.51 -45.39
N LEU V 358 -5.07 -14.75 -45.89
CA LEU V 358 -4.07 -15.22 -46.85
C LEU V 358 -3.37 -16.53 -46.44
N PHE V 359 -2.81 -16.59 -45.24
CA PHE V 359 -2.08 -17.78 -44.78
C PHE V 359 -3.00 -18.96 -44.42
N ASN V 360 -4.27 -18.72 -44.12
CA ASN V 360 -5.28 -19.77 -43.92
C ASN V 360 -5.98 -20.23 -45.22
N SER V 361 -5.71 -19.59 -46.36
CA SER V 361 -6.48 -19.80 -47.60
C SER V 361 -6.41 -21.22 -48.19
N PHE V 362 -5.32 -21.95 -48.03
CA PHE V 362 -5.25 -23.39 -48.27
C PHE V 362 -5.47 -24.16 -46.96
N TYR V 363 -6.27 -25.22 -46.98
CA TYR V 363 -6.62 -25.99 -45.77
C TYR V 363 -6.97 -27.47 -46.05
N MET V 364 -6.91 -28.29 -45.00
CA MET V 364 -7.28 -29.71 -45.03
C MET V 364 -8.81 -29.91 -45.05
N THR V 365 -9.30 -30.84 -45.86
CA THR V 365 -10.72 -31.20 -46.00
C THR V 365 -11.03 -32.63 -45.52
N HIS V 366 -12.28 -32.93 -45.18
CA HIS V 366 -12.76 -34.27 -44.82
C HIS V 366 -14.04 -34.65 -45.60
N GLY V 367 -14.25 -35.94 -45.81
CA GLY V 367 -15.53 -36.46 -46.34
C GLY V 367 -15.41 -37.80 -47.02
N LEU V 368 -16.20 -38.78 -46.59
CA LEU V 368 -16.28 -40.12 -47.21
C LEU V 368 -16.89 -40.10 -48.62
N GLY V 369 -17.80 -39.18 -48.91
CA GLY V 369 -18.33 -39.01 -50.26
C GLY V 369 -17.24 -38.63 -51.26
N THR V 370 -16.34 -37.71 -50.89
CA THR V 370 -15.17 -37.35 -51.70
C THR V 370 -14.25 -38.54 -51.93
N LEU V 371 -14.02 -39.36 -50.90
CA LEU V 371 -13.16 -40.53 -50.98
C LEU V 371 -13.73 -41.64 -51.90
N GLN V 372 -15.03 -41.68 -52.19
CA GLN V 372 -15.62 -42.61 -53.16
C GLN V 372 -15.46 -42.18 -54.64
N GLU V 373 -15.21 -40.90 -54.93
CA GLU V 373 -15.23 -40.37 -56.31
C GLU V 373 -14.07 -40.85 -57.19
N GLY V 374 -14.24 -40.78 -58.52
CA GLY V 374 -13.15 -40.91 -59.48
C GLY V 374 -12.15 -39.76 -59.42
N THR V 375 -10.95 -39.98 -59.95
CA THR V 375 -9.78 -39.09 -59.85
C THR V 375 -9.04 -38.92 -61.19
N TRP V 376 -8.14 -37.94 -61.23
CA TRP V 376 -7.23 -37.64 -62.35
C TRP V 376 -5.77 -37.60 -61.87
N ASP V 377 -4.84 -37.94 -62.74
CA ASP V 377 -3.39 -37.98 -62.46
C ASP V 377 -2.72 -36.58 -62.53
N PRO V 378 -1.44 -36.44 -62.16
CA PRO V 378 -0.71 -35.16 -62.24
C PRO V 378 -0.64 -34.50 -63.64
N CYS V 379 -0.93 -35.24 -64.71
CA CYS V 379 -1.00 -34.74 -66.08
C CYS V 379 -2.45 -34.56 -66.57
N ARG V 380 -3.42 -34.48 -65.64
CA ARG V 380 -4.86 -34.27 -65.87
C ARG V 380 -5.55 -35.37 -66.69
N ARG V 381 -4.99 -36.58 -66.74
CA ARG V 381 -5.61 -37.74 -67.39
C ARG V 381 -6.48 -38.51 -66.38
N PRO V 382 -7.57 -39.19 -66.80
CA PRO V 382 -8.37 -40.04 -65.93
C PRO V 382 -7.54 -41.12 -65.22
N CYS V 383 -7.84 -41.43 -63.95
CA CYS V 383 -7.06 -42.35 -63.12
C CYS V 383 -7.95 -43.44 -62.49
N PHE V 384 -8.38 -43.30 -61.22
CA PHE V 384 -9.43 -44.16 -60.65
C PHE V 384 -10.81 -43.71 -61.15
N SER V 385 -11.71 -44.67 -61.43
CA SER V 385 -13.05 -44.39 -61.97
C SER V 385 -14.15 -44.16 -60.92
N GLY V 386 -13.86 -44.32 -59.63
CA GLY V 386 -14.83 -44.14 -58.55
C GLY V 386 -15.63 -45.39 -58.19
N TRP V 387 -16.44 -45.28 -57.14
CA TRP V 387 -17.37 -46.32 -56.68
C TRP V 387 -18.75 -45.72 -56.38
N GLY V 388 -19.81 -46.38 -56.83
CA GLY V 388 -21.20 -45.91 -56.67
C GLY V 388 -21.83 -46.17 -55.29
N GLY V 389 -21.11 -46.81 -54.37
CA GLY V 389 -21.63 -47.28 -53.09
C GLY V 389 -22.30 -48.67 -53.16
N PRO V 390 -22.79 -49.19 -52.02
CA PRO V 390 -23.40 -50.50 -51.91
C PRO V 390 -24.58 -50.73 -52.88
N GLY V 394 -27.62 -52.36 -47.44
CA GLY V 394 -27.52 -52.76 -46.04
C GLY V 394 -28.52 -52.06 -45.12
N THR V 395 -28.53 -52.44 -43.84
CA THR V 395 -29.59 -52.06 -42.89
C THR V 395 -29.69 -50.56 -42.58
N ASN V 396 -28.66 -49.75 -42.81
CA ASN V 396 -28.70 -48.28 -42.61
C ASN V 396 -29.26 -47.51 -43.84
N GLY V 397 -29.52 -48.17 -44.96
CA GLY V 397 -30.20 -47.61 -46.14
C GLY V 397 -29.36 -46.70 -47.07
N PRO V 398 -29.97 -46.23 -48.17
CA PRO V 398 -29.30 -45.51 -49.26
C PRO V 398 -28.67 -44.16 -48.86
N GLY V 399 -27.46 -43.89 -49.36
CA GLY V 399 -26.73 -42.64 -49.12
C GLY V 399 -26.13 -42.49 -47.71
N ASN V 400 -26.33 -43.49 -46.85
CA ASN V 400 -25.87 -43.50 -45.46
C ASN V 400 -24.60 -44.35 -45.30
N TYR V 401 -23.90 -44.17 -44.17
CA TYR V 401 -22.73 -44.96 -43.79
C TYR V 401 -23.05 -46.45 -43.76
N ALA V 402 -22.21 -47.28 -44.35
CA ALA V 402 -22.36 -48.73 -44.49
C ALA V 402 -21.13 -49.47 -43.94
N VAL V 403 -21.22 -50.79 -43.79
CA VAL V 403 -20.09 -51.58 -43.27
C VAL V 403 -18.81 -51.39 -44.10
N GLU V 404 -18.89 -51.16 -45.41
CA GLU V 404 -17.73 -50.84 -46.25
C GLU V 404 -16.97 -49.58 -45.79
N HIS V 405 -17.64 -48.57 -45.24
CA HIS V 405 -16.96 -47.38 -44.70
C HIS V 405 -16.19 -47.69 -43.42
N LEU V 406 -16.68 -48.59 -42.57
CA LEU V 406 -15.91 -49.11 -41.44
C LEU V 406 -14.69 -49.92 -41.93
N VAL V 407 -14.83 -50.73 -42.97
CA VAL V 407 -13.69 -51.45 -43.57
C VAL V 407 -12.64 -50.47 -44.12
N TYR V 408 -13.05 -49.40 -44.81
CA TYR V 408 -12.17 -48.31 -45.24
C TYR V 408 -11.46 -47.59 -44.08
N ALA V 409 -12.13 -47.30 -42.97
CA ALA V 409 -11.52 -46.75 -41.76
C ALA V 409 -10.43 -47.66 -41.16
N ALA V 410 -10.62 -48.98 -41.21
CA ALA V 410 -9.67 -50.00 -40.77
C ALA V 410 -8.60 -50.36 -41.82
N SER V 411 -8.38 -49.58 -42.87
CA SER V 411 -7.36 -49.80 -43.93
C SER V 411 -7.45 -51.14 -44.65
N PHE V 412 -8.65 -51.71 -44.80
CA PHE V 412 -8.88 -53.01 -45.43
C PHE V 412 -8.07 -54.15 -44.78
N SER V 413 -7.76 -54.03 -43.49
CA SER V 413 -6.94 -54.97 -42.73
C SER V 413 -7.85 -55.78 -41.81
N PRO V 414 -7.93 -57.12 -41.95
CA PRO V 414 -8.72 -57.93 -41.04
C PRO V 414 -8.19 -57.90 -39.59
N ASN V 415 -6.89 -57.74 -39.39
CA ASN V 415 -6.29 -57.57 -38.06
C ASN V 415 -6.78 -56.27 -37.37
N LEU V 416 -6.68 -55.10 -38.04
CA LEU V 416 -7.17 -53.84 -37.49
C LEU V 416 -8.69 -53.86 -37.31
N LEU V 417 -9.46 -54.35 -38.29
CA LEU V 417 -10.92 -54.41 -38.25
C LEU V 417 -11.44 -55.25 -37.07
N ALA V 418 -10.82 -56.39 -36.78
CA ALA V 418 -11.12 -57.20 -35.59
C ALA V 418 -10.95 -56.43 -34.27
N ARG V 419 -9.86 -55.69 -34.06
CA ARG V 419 -9.67 -54.87 -32.85
C ARG V 419 -10.60 -53.66 -32.77
N TYR V 420 -10.94 -53.01 -33.89
CA TYR V 420 -11.99 -51.98 -33.92
C TYR V 420 -13.35 -52.54 -33.47
N ALA V 421 -13.76 -53.72 -33.98
CA ALA V 421 -15.01 -54.36 -33.60
C ALA V 421 -15.05 -54.73 -32.11
N TYR V 422 -13.95 -55.23 -31.57
CA TYR V 422 -13.79 -55.45 -30.14
C TYR V 422 -14.02 -54.18 -29.29
N TYR V 423 -13.48 -53.02 -29.67
CA TYR V 423 -13.75 -51.77 -28.94
C TYR V 423 -15.22 -51.31 -29.12
N LEU V 424 -15.81 -51.42 -30.31
CA LEU V 424 -17.21 -51.06 -30.55
C LEU V 424 -18.21 -51.91 -29.73
N GLN V 425 -17.88 -53.16 -29.37
CA GLN V 425 -18.68 -53.98 -28.45
C GLN V 425 -18.85 -53.41 -27.03
N PHE V 426 -18.03 -52.47 -26.57
CA PHE V 426 -18.24 -51.74 -25.30
C PHE V 426 -19.24 -50.57 -25.40
N CYS V 427 -19.61 -50.13 -26.61
CA CYS V 427 -20.44 -48.96 -26.82
C CYS V 427 -21.95 -49.24 -26.61
N GLN V 428 -22.66 -48.29 -26.02
CA GLN V 428 -24.12 -48.30 -25.91
C GLN V 428 -24.78 -48.00 -27.26
N GLY V 429 -25.92 -48.64 -27.52
CA GLY V 429 -26.79 -48.29 -28.64
C GLY V 429 -27.65 -47.07 -28.33
N GLN V 430 -27.91 -46.25 -29.35
CA GLN V 430 -28.79 -45.08 -29.26
C GLN V 430 -29.77 -45.10 -30.44
N LYS V 431 -30.96 -45.67 -30.25
CA LYS V 431 -32.02 -45.71 -31.26
C LYS V 431 -32.51 -44.29 -31.60
N SER V 432 -32.60 -43.96 -32.89
CA SER V 432 -33.10 -42.67 -33.40
C SER V 432 -34.58 -42.43 -33.09
N VAL V 437 -37.76 -50.12 -34.27
CA VAL V 437 -36.70 -51.11 -34.55
C VAL V 437 -37.06 -52.46 -33.92
N PRO V 438 -36.81 -53.61 -34.58
CA PRO V 438 -36.95 -54.93 -33.97
C PRO V 438 -36.23 -55.06 -32.62
N GLU V 439 -36.79 -55.85 -31.70
CA GLU V 439 -36.11 -56.20 -30.46
C GLU V 439 -34.85 -57.03 -30.73
N THR V 440 -33.82 -56.93 -29.87
CA THR V 440 -32.51 -57.55 -30.14
C THR V 440 -32.63 -59.05 -30.42
N GLY V 441 -33.39 -59.79 -29.61
CA GLY V 441 -33.55 -61.24 -29.75
C GLY V 441 -34.35 -61.66 -30.98
N SER V 442 -35.32 -60.87 -31.43
CA SER V 442 -35.99 -61.14 -32.71
C SER V 442 -35.18 -60.72 -33.94
N TYR V 443 -34.18 -59.83 -33.81
CA TYR V 443 -33.18 -59.63 -34.86
C TYR V 443 -32.18 -60.79 -34.91
N VAL V 444 -31.60 -61.19 -33.76
CA VAL V 444 -30.62 -62.29 -33.68
C VAL V 444 -31.20 -63.65 -34.12
N ALA V 445 -32.42 -64.00 -33.72
CA ALA V 445 -33.09 -65.22 -34.21
C ALA V 445 -33.69 -65.06 -35.62
N GLY V 446 -34.02 -63.83 -36.03
CA GLY V 446 -34.59 -63.49 -37.33
C GLY V 446 -33.52 -63.20 -38.38
N ALA V 447 -33.49 -61.98 -38.93
CA ALA V 447 -32.67 -61.63 -40.09
C ALA V 447 -31.15 -61.89 -39.95
N ALA V 448 -30.57 -61.90 -38.74
CA ALA V 448 -29.15 -62.23 -38.56
C ALA V 448 -28.80 -63.70 -38.89
N ALA V 449 -29.78 -64.61 -38.79
CA ALA V 449 -29.62 -66.05 -39.04
C ALA V 449 -29.90 -66.46 -40.51
N SER V 450 -30.15 -65.49 -41.40
CA SER V 450 -30.42 -65.73 -42.82
C SER V 450 -29.19 -66.31 -43.56
N PRO V 451 -29.35 -67.33 -44.43
CA PRO V 451 -28.24 -67.91 -45.20
C PRO V 451 -27.62 -66.93 -46.21
N MET V 452 -28.22 -65.77 -46.42
CA MET V 452 -27.72 -64.70 -47.29
C MET V 452 -26.56 -63.88 -46.72
N CYS V 453 -26.23 -63.95 -45.42
CA CYS V 453 -25.10 -63.23 -44.81
C CYS V 453 -23.77 -63.69 -45.46
N SER V 454 -23.03 -62.77 -46.08
CA SER V 454 -21.72 -63.05 -46.69
C SER V 454 -20.57 -63.19 -45.68
N LEU V 455 -20.85 -63.16 -44.38
CA LEU V 455 -19.84 -63.27 -43.31
C LEU V 455 -19.98 -64.56 -42.50
N CYS V 456 -21.15 -64.84 -41.93
CA CYS V 456 -21.40 -66.00 -41.07
C CYS V 456 -22.26 -67.10 -41.71
N GLU V 457 -22.85 -66.87 -42.90
CA GLU V 457 -23.88 -67.73 -43.52
C GLU V 457 -25.10 -67.93 -42.61
N GLY V 458 -25.33 -67.05 -41.63
CA GLY V 458 -26.34 -67.21 -40.59
C GLY V 458 -25.92 -68.15 -39.44
N ARG V 459 -24.72 -68.74 -39.48
CA ARG V 459 -24.24 -69.76 -38.52
C ARG V 459 -23.50 -69.20 -37.29
N ALA V 460 -23.37 -67.88 -37.14
CA ALA V 460 -22.83 -67.21 -35.93
C ALA V 460 -23.53 -65.86 -35.62
N PRO V 461 -24.88 -65.83 -35.49
CA PRO V 461 -25.65 -64.60 -35.64
C PRO V 461 -25.45 -63.58 -34.51
N ALA V 462 -25.07 -64.00 -33.30
CA ALA V 462 -24.94 -63.10 -32.15
C ALA V 462 -23.64 -62.28 -32.16
N VAL V 463 -22.53 -62.83 -32.67
CA VAL V 463 -21.22 -62.14 -32.78
C VAL V 463 -20.90 -61.52 -34.15
N CYS V 464 -21.66 -61.84 -35.21
CA CYS V 464 -21.44 -61.34 -36.56
C CYS V 464 -21.26 -59.81 -36.61
N LEU V 465 -20.32 -59.34 -37.43
CA LEU V 465 -20.05 -57.91 -37.64
C LEU V 465 -21.30 -57.16 -38.11
N ASN V 466 -22.15 -57.76 -38.94
CA ASN V 466 -23.41 -57.15 -39.37
C ASN V 466 -24.40 -56.96 -38.20
N THR V 467 -24.38 -57.81 -37.18
CA THR V 467 -25.19 -57.65 -35.96
C THR V 467 -24.68 -56.49 -35.10
N LEU V 468 -23.35 -56.38 -34.90
CA LEU V 468 -22.75 -55.23 -34.22
C LEU V 468 -23.05 -53.92 -34.95
N PHE V 469 -22.90 -53.91 -36.27
CA PHE V 469 -23.23 -52.76 -37.11
C PHE V 469 -24.71 -52.36 -37.00
N PHE V 470 -25.63 -53.32 -37.02
CA PHE V 470 -27.07 -53.06 -36.85
C PHE V 470 -27.39 -52.39 -35.50
N ARG V 471 -26.75 -52.84 -34.41
CA ARG V 471 -26.89 -52.31 -33.06
C ARG V 471 -26.44 -50.84 -32.91
N LEU V 472 -25.33 -50.45 -33.56
CA LEU V 472 -24.70 -49.12 -33.46
C LEU V 472 -25.05 -48.14 -34.60
N ARG V 473 -25.95 -48.54 -35.49
CA ARG V 473 -26.32 -47.92 -36.77
C ARG V 473 -26.55 -46.40 -36.76
N ASP V 474 -27.34 -45.90 -35.81
CA ASP V 474 -27.65 -44.47 -35.69
C ASP V 474 -26.51 -43.60 -35.12
N ARG V 475 -25.37 -44.18 -34.72
CA ARG V 475 -24.19 -43.44 -34.24
C ARG V 475 -23.12 -43.18 -35.30
N PHE V 476 -23.13 -43.87 -36.43
CA PHE V 476 -22.16 -43.63 -37.52
C PHE V 476 -22.39 -42.27 -38.18
N PRO V 477 -21.35 -41.59 -38.69
CA PRO V 477 -21.46 -40.25 -39.26
C PRO V 477 -22.21 -40.22 -40.61
N PRO V 478 -22.62 -39.05 -41.12
CA PRO V 478 -23.09 -38.91 -42.50
C PRO V 478 -21.95 -38.99 -43.54
N VAL V 479 -22.28 -39.25 -44.80
CA VAL V 479 -21.33 -39.37 -45.92
C VAL V 479 -21.28 -38.07 -46.71
N MET V 480 -20.14 -37.36 -46.65
CA MET V 480 -20.03 -35.94 -47.05
C MET V 480 -19.17 -35.71 -48.31
N SER V 481 -19.60 -34.80 -49.18
CA SER V 481 -18.92 -34.44 -50.44
C SER V 481 -18.51 -32.95 -50.53
N THR V 482 -18.55 -32.20 -49.42
CA THR V 482 -18.25 -30.75 -49.35
C THR V 482 -16.79 -30.43 -49.00
N GLN V 483 -16.38 -29.17 -49.13
CA GLN V 483 -14.97 -28.73 -49.03
C GLN V 483 -14.74 -27.61 -47.98
N ARG V 484 -15.52 -27.55 -46.91
CA ARG V 484 -15.41 -26.58 -45.80
C ARG V 484 -14.15 -26.75 -44.92
N ARG V 485 -13.62 -25.66 -44.36
CA ARG V 485 -12.49 -25.60 -43.42
C ARG V 485 -12.91 -25.92 -41.98
N ASP V 486 -12.86 -27.19 -41.59
CA ASP V 486 -13.15 -27.67 -40.22
C ASP V 486 -11.88 -28.17 -39.48
N PRO V 487 -11.89 -28.20 -38.14
CA PRO V 487 -10.88 -28.90 -37.33
C PRO V 487 -10.91 -30.42 -37.58
N TYR V 488 -9.81 -31.13 -37.32
CA TYR V 488 -9.75 -32.60 -37.36
C TYR V 488 -9.39 -33.19 -35.98
N VAL V 489 -9.82 -34.42 -35.70
CA VAL V 489 -9.70 -35.06 -34.37
C VAL V 489 -8.46 -35.94 -34.27
N ILE V 490 -7.63 -35.74 -33.25
CA ILE V 490 -6.38 -36.50 -33.00
C ILE V 490 -6.44 -37.24 -31.67
N SER V 491 -5.70 -38.34 -31.54
CA SER V 491 -5.60 -39.19 -30.33
C SER V 491 -4.16 -39.50 -29.98
N GLY V 492 -3.81 -39.56 -28.70
CA GLY V 492 -2.50 -40.00 -28.24
C GLY V 492 -2.17 -39.63 -26.80
N ALA V 493 -0.95 -39.92 -26.37
CA ALA V 493 -0.42 -39.57 -25.07
C ALA V 493 -0.19 -38.06 -24.89
N SER V 494 -0.47 -37.54 -23.70
CA SER V 494 -0.13 -36.16 -23.32
C SER V 494 1.32 -36.05 -22.80
N GLY V 495 1.90 -34.86 -22.95
CA GLY V 495 3.22 -34.51 -22.44
C GLY V 495 3.25 -34.18 -20.95
N SER V 496 4.43 -33.80 -20.46
CA SER V 496 4.68 -33.58 -19.02
C SER V 496 4.06 -32.31 -18.43
N TYR V 497 3.97 -31.21 -19.19
CA TYR V 497 3.64 -29.88 -18.65
C TYR V 497 2.40 -29.29 -19.30
N ASN V 498 1.24 -29.55 -18.70
CA ASN V 498 -0.07 -29.04 -19.13
C ASN V 498 -0.52 -27.91 -18.21
N GLU V 499 -1.12 -26.85 -18.75
CA GLU V 499 -1.58 -25.69 -18.01
C GLU V 499 -3.08 -25.52 -18.22
N THR V 500 -3.88 -26.14 -17.35
CA THR V 500 -5.33 -26.36 -17.51
C THR V 500 -6.15 -26.03 -16.26
N ASP V 501 -5.59 -25.34 -15.25
CA ASP V 501 -6.38 -24.62 -14.25
C ASP V 501 -7.14 -23.42 -14.88
N PHE V 502 -8.09 -22.80 -14.18
CA PHE V 502 -9.03 -21.82 -14.73
C PHE V 502 -8.40 -20.64 -15.52
N LEU V 503 -7.22 -20.16 -15.16
CA LEU V 503 -6.48 -19.11 -15.89
C LEU V 503 -5.28 -19.64 -16.69
N GLY V 504 -5.20 -20.94 -16.96
CA GLY V 504 -4.20 -21.52 -17.87
C GLY V 504 -2.76 -21.18 -17.53
N ASN V 505 -2.03 -20.64 -18.50
CA ASN V 505 -0.62 -20.27 -18.38
C ASN V 505 -0.36 -18.87 -17.74
N PHE V 506 -1.36 -18.20 -17.17
CA PHE V 506 -1.17 -16.95 -16.41
C PHE V 506 -0.09 -17.10 -15.32
N LEU V 507 0.92 -16.22 -15.28
CA LEU V 507 2.02 -16.24 -14.30
C LEU V 507 2.62 -17.64 -14.06
N ASN V 508 2.87 -18.41 -15.12
CA ASN V 508 3.48 -19.73 -14.99
C ASN V 508 4.94 -19.67 -14.53
N PHE V 509 5.66 -18.63 -14.94
CA PHE V 509 7.05 -18.32 -14.57
C PHE V 509 7.22 -16.83 -14.26
N ILE V 510 8.31 -16.47 -13.57
CA ILE V 510 8.67 -15.11 -13.17
C ILE V 510 10.07 -14.75 -13.69
N TYR V 525 4.58 -14.41 -6.70
CA TYR V 525 4.88 -15.83 -6.93
C TYR V 525 4.07 -16.41 -8.10
N THR V 526 4.51 -17.54 -8.68
CA THR V 526 3.83 -18.18 -9.82
C THR V 526 2.43 -18.67 -9.45
N TYR V 527 1.54 -18.75 -10.45
CA TYR V 527 0.18 -19.28 -10.29
C TYR V 527 0.21 -20.75 -9.82
N TRP V 528 1.20 -21.54 -10.26
CA TRP V 528 1.44 -22.88 -9.74
C TRP V 528 1.71 -22.87 -8.23
N GLN V 529 2.59 -21.98 -7.75
CA GLN V 529 2.87 -21.84 -6.32
C GLN V 529 1.65 -21.39 -5.53
N LEU V 530 0.85 -20.45 -6.06
CA LEU V 530 -0.40 -20.01 -5.45
C LEU V 530 -1.39 -21.17 -5.25
N ASN V 531 -1.51 -22.07 -6.23
CA ASN V 531 -2.37 -23.24 -6.09
C ASN V 531 -1.81 -24.24 -5.06
N GLN V 532 -0.49 -24.46 -5.01
CA GLN V 532 0.15 -25.26 -3.95
C GLN V 532 -0.07 -24.68 -2.55
N ASN V 533 -0.02 -23.36 -2.37
CA ASN V 533 -0.31 -22.70 -1.09
C ASN V 533 -1.76 -22.95 -0.65
N LEU V 534 -2.73 -22.86 -1.57
CA LEU V 534 -4.13 -23.12 -1.25
C LEU V 534 -4.37 -24.57 -0.80
N LEU V 535 -3.79 -25.56 -1.47
CA LEU V 535 -3.89 -26.96 -1.05
C LEU V 535 -3.29 -27.21 0.34
N GLU V 536 -2.20 -26.52 0.70
CA GLU V 536 -1.64 -26.55 2.06
C GLU V 536 -2.63 -25.99 3.12
N ARG V 537 -3.27 -24.84 2.87
CA ARG V 537 -4.30 -24.31 3.78
C ARG V 537 -5.48 -25.28 3.91
N LEU V 538 -5.94 -25.88 2.81
CA LEU V 538 -7.03 -26.85 2.83
C LEU V 538 -6.67 -28.13 3.59
N SER V 539 -5.40 -28.55 3.58
CA SER V 539 -4.90 -29.66 4.40
C SER V 539 -5.04 -29.38 5.90
N ARG V 540 -4.71 -28.17 6.38
CA ARG V 540 -4.95 -27.73 7.77
C ARG V 540 -6.44 -27.70 8.17
N LEU V 541 -7.36 -27.59 7.21
CA LEU V 541 -8.81 -27.72 7.44
C LEU V 541 -9.33 -29.17 7.38
N GLY V 542 -8.47 -30.16 7.11
CA GLY V 542 -8.85 -31.58 7.00
C GLY V 542 -9.38 -32.02 5.63
N ILE V 543 -9.07 -31.29 4.55
CA ILE V 543 -9.52 -31.55 3.17
C ILE V 543 -8.32 -31.97 2.30
N ASP V 544 -8.40 -33.11 1.59
CA ASP V 544 -7.32 -33.57 0.68
C ASP V 544 -7.42 -32.98 -0.76
N ALA V 545 -6.44 -33.31 -1.61
CA ALA V 545 -6.36 -32.81 -2.99
C ALA V 545 -7.51 -33.22 -3.92
N GLU V 546 -8.31 -34.24 -3.57
CA GLU V 546 -9.52 -34.67 -4.29
C GLU V 546 -10.80 -34.20 -3.57
N GLY V 547 -10.68 -33.41 -2.51
CA GLY V 547 -11.78 -32.84 -1.75
C GLY V 547 -12.42 -33.77 -0.72
N LYS V 548 -11.79 -34.90 -0.35
CA LYS V 548 -12.29 -35.80 0.70
C LYS V 548 -12.01 -35.22 2.09
N LEU V 549 -12.97 -35.31 3.01
CA LEU V 549 -12.83 -34.86 4.40
C LEU V 549 -12.28 -35.96 5.30
N GLU V 550 -11.41 -35.59 6.24
CA GLU V 550 -11.06 -36.45 7.39
C GLU V 550 -12.18 -36.54 8.45
N LYS V 551 -13.12 -35.58 8.46
CA LYS V 551 -14.28 -35.56 9.34
C LYS V 551 -15.51 -34.92 8.67
N GLU V 552 -16.56 -35.70 8.45
CA GLU V 552 -17.80 -35.25 7.82
C GLU V 552 -18.64 -34.36 8.77
N PRO V 553 -19.35 -33.33 8.28
CA PRO V 553 -20.10 -32.41 9.13
C PRO V 553 -21.27 -33.08 9.85
N HIS V 554 -21.36 -32.83 11.16
CA HIS V 554 -22.33 -33.45 12.08
C HIS V 554 -23.77 -32.93 11.97
N GLY V 555 -23.99 -31.72 11.47
CA GLY V 555 -25.27 -31.00 11.56
C GLY V 555 -25.16 -29.55 11.07
N PRO V 556 -26.22 -28.73 11.20
CA PRO V 556 -26.27 -27.35 10.69
C PRO V 556 -25.08 -26.47 11.08
N ARG V 557 -24.70 -26.42 12.37
CA ARG V 557 -23.55 -25.61 12.85
C ARG V 557 -22.26 -26.04 12.17
N ASP V 558 -22.02 -27.34 12.12
CA ASP V 558 -20.81 -27.92 11.55
C ASP V 558 -20.73 -27.71 10.02
N PHE V 559 -21.86 -27.75 9.32
CA PHE V 559 -21.94 -27.47 7.89
C PHE V 559 -21.62 -26.01 7.57
N VAL V 560 -22.16 -25.05 8.34
CA VAL V 560 -21.80 -23.62 8.21
C VAL V 560 -20.33 -23.39 8.56
N LYS V 561 -19.86 -23.93 9.69
CA LYS V 561 -18.48 -23.80 10.15
C LYS V 561 -17.47 -24.31 9.10
N MET V 562 -17.72 -25.47 8.51
CA MET V 562 -16.91 -26.03 7.42
C MET V 562 -16.69 -25.04 6.28
N PHE V 563 -17.74 -24.40 5.76
CA PHE V 563 -17.61 -23.43 4.67
C PHE V 563 -16.95 -22.11 5.11
N LYS V 564 -17.32 -21.55 6.27
CA LYS V 564 -16.77 -20.24 6.69
C LYS V 564 -15.25 -20.32 6.87
N ASP V 565 -14.73 -21.43 7.34
CA ASP V 565 -13.28 -21.68 7.40
C ASP V 565 -12.60 -21.73 6.02
N VAL V 566 -13.21 -22.38 5.01
CA VAL V 566 -12.67 -22.38 3.65
C VAL V 566 -12.70 -20.98 3.02
N ASP V 567 -13.81 -20.25 3.16
CA ASP V 567 -13.91 -18.87 2.66
C ASP V 567 -12.82 -17.97 3.28
N ALA V 568 -12.65 -18.01 4.60
CA ALA V 568 -11.59 -17.26 5.28
C ALA V 568 -10.17 -17.70 4.82
N ALA V 569 -9.93 -18.99 4.63
CA ALA V 569 -8.64 -19.48 4.13
C ALA V 569 -8.32 -19.03 2.68
N VAL V 570 -9.31 -18.99 1.79
CA VAL V 570 -9.14 -18.45 0.42
C VAL V 570 -8.90 -16.94 0.46
N ASP V 571 -9.68 -16.20 1.25
CA ASP V 571 -9.59 -14.76 1.33
C ASP V 571 -8.25 -14.29 1.95
N ALA V 572 -7.68 -15.05 2.88
CA ALA V 572 -6.32 -14.83 3.37
C ALA V 572 -5.25 -14.96 2.26
N GLU V 573 -5.33 -15.98 1.40
CA GLU V 573 -4.35 -16.18 0.33
C GLU V 573 -4.46 -15.13 -0.79
N VAL V 574 -5.65 -14.63 -1.10
CA VAL V 574 -5.83 -13.52 -2.06
C VAL V 574 -5.04 -12.28 -1.63
N VAL V 575 -5.08 -11.94 -0.34
CA VAL V 575 -4.34 -10.79 0.20
C VAL V 575 -2.82 -10.97 0.02
N GLN V 576 -2.26 -12.10 0.45
CA GLN V 576 -0.82 -12.34 0.32
C GLN V 576 -0.35 -12.33 -1.15
N PHE V 577 -1.18 -12.86 -2.06
CA PHE V 577 -0.90 -12.79 -3.50
C PHE V 577 -0.97 -11.34 -4.04
N MET V 578 -2.02 -10.58 -3.78
CA MET V 578 -2.15 -9.19 -4.24
C MET V 578 -1.05 -8.28 -3.68
N ASN V 579 -0.58 -8.51 -2.45
CA ASN V 579 0.60 -7.84 -1.90
C ASN V 579 1.87 -8.13 -2.72
N SER V 580 2.11 -9.39 -3.12
CA SER V 580 3.25 -9.73 -3.97
C SER V 580 3.19 -9.02 -5.33
N MET V 581 2.04 -9.01 -6.00
CA MET V 581 1.92 -8.33 -7.31
C MET V 581 2.15 -6.81 -7.20
N ALA V 582 1.66 -6.19 -6.13
CA ALA V 582 1.84 -4.76 -5.87
C ALA V 582 3.31 -4.38 -5.62
N LYS V 583 4.01 -5.02 -4.67
CA LYS V 583 5.37 -4.62 -4.28
C LYS V 583 6.42 -4.82 -5.39
N ASN V 584 6.14 -5.70 -6.35
CA ASN V 584 6.98 -5.97 -7.52
C ASN V 584 6.59 -5.17 -8.78
N ASN V 585 5.54 -4.33 -8.72
CA ASN V 585 4.99 -3.58 -9.86
C ASN V 585 4.65 -4.46 -11.09
N ILE V 586 4.25 -5.72 -10.89
CA ILE V 586 3.93 -6.65 -11.99
C ILE V 586 2.59 -6.24 -12.64
N THR V 587 2.52 -6.19 -13.97
CA THR V 587 1.35 -5.74 -14.73
C THR V 587 0.28 -6.85 -14.89
N TYR V 588 -0.11 -7.49 -13.79
CA TYR V 588 -1.01 -8.65 -13.77
C TYR V 588 -2.36 -8.38 -14.44
N LYS V 589 -2.85 -7.14 -14.32
CA LYS V 589 -4.06 -6.60 -14.95
C LYS V 589 -4.06 -6.65 -16.49
N ASP V 590 -2.89 -6.62 -17.13
CA ASP V 590 -2.75 -6.87 -18.58
C ASP V 590 -2.34 -8.32 -18.89
N LEU V 591 -1.58 -9.00 -18.02
CA LEU V 591 -1.22 -10.41 -18.21
C LEU V 591 -2.43 -11.37 -18.20
N VAL V 592 -3.52 -11.06 -17.50
CA VAL V 592 -4.77 -11.84 -17.57
C VAL V 592 -5.36 -11.84 -18.99
N LYS V 593 -5.35 -10.70 -19.71
CA LYS V 593 -5.95 -10.57 -21.04
C LYS V 593 -5.36 -11.53 -22.08
N SER V 594 -4.07 -11.86 -21.97
CA SER V 594 -3.37 -12.72 -22.93
C SER V 594 -3.14 -14.17 -22.45
N CYS V 595 -3.76 -14.65 -21.37
CA CYS V 595 -3.55 -16.04 -20.91
C CYS V 595 -4.31 -17.09 -21.75
N TYR V 596 -3.71 -18.27 -21.91
CA TYR V 596 -4.22 -19.43 -22.67
C TYR V 596 -4.21 -20.69 -21.81
N HIS V 597 -5.18 -21.58 -21.98
CA HIS V 597 -5.00 -22.99 -21.61
C HIS V 597 -4.00 -23.66 -22.58
N VAL V 598 -3.13 -24.53 -22.07
CA VAL V 598 -2.15 -25.25 -22.90
C VAL V 598 -2.19 -26.75 -22.61
N MET V 599 -2.21 -27.57 -23.65
CA MET V 599 -2.01 -29.02 -23.57
C MET V 599 -0.87 -29.46 -24.49
N GLN V 600 -0.05 -30.41 -24.04
CA GLN V 600 1.04 -30.97 -24.83
C GLN V 600 0.62 -32.33 -25.40
N TYR V 601 0.65 -32.49 -26.72
CA TYR V 601 0.54 -33.78 -27.41
C TYR V 601 1.96 -34.34 -27.61
N SER V 602 2.26 -35.49 -27.02
CA SER V 602 3.59 -36.11 -27.05
C SER V 602 3.97 -36.62 -28.44
N CYS V 603 5.23 -36.50 -28.85
CA CYS V 603 5.75 -37.06 -30.11
C CYS V 603 6.60 -38.32 -29.93
N ASN V 604 6.63 -38.93 -28.75
CA ASN V 604 7.30 -40.21 -28.52
C ASN V 604 6.36 -41.39 -28.88
N PRO V 605 6.71 -42.28 -29.82
CA PRO V 605 5.89 -43.46 -30.13
C PRO V 605 5.78 -44.47 -28.98
N PHE V 606 6.76 -44.53 -28.07
CA PHE V 606 6.73 -45.44 -26.92
C PHE V 606 5.88 -44.94 -25.75
N ALA V 607 5.49 -43.65 -25.72
CA ALA V 607 4.58 -43.09 -24.73
C ALA V 607 3.10 -43.44 -24.95
N GLN V 608 2.71 -43.92 -26.14
CA GLN V 608 1.32 -44.28 -26.49
C GLN V 608 0.84 -45.50 -25.69
N PRO V 609 -0.48 -45.71 -25.49
CA PRO V 609 -1.00 -46.90 -24.80
C PRO V 609 -0.70 -48.20 -25.57
N ALA V 610 -0.54 -49.31 -24.86
CA ALA V 610 -0.20 -50.63 -25.41
C ALA V 610 -1.34 -51.30 -26.20
N CYS V 611 -1.68 -50.73 -27.35
CA CYS V 611 -2.66 -51.17 -28.32
C CYS V 611 -2.12 -50.91 -29.74
N PRO V 612 -2.17 -51.89 -30.66
CA PRO V 612 -1.78 -51.69 -32.06
C PRO V 612 -2.64 -50.68 -32.85
N ILE V 613 -3.88 -50.36 -32.44
CA ILE V 613 -4.67 -49.30 -33.09
C ILE V 613 -4.06 -47.92 -32.82
N PHE V 614 -3.51 -47.70 -31.63
CA PHE V 614 -2.83 -46.44 -31.32
C PHE V 614 -1.55 -46.21 -32.12
N THR V 615 -0.89 -47.24 -32.67
CA THR V 615 0.18 -47.07 -33.67
C THR V 615 -0.34 -46.32 -34.90
N GLN V 616 -1.43 -46.77 -35.50
CA GLN V 616 -2.04 -46.11 -36.66
C GLN V 616 -2.59 -44.72 -36.34
N LEU V 617 -3.29 -44.53 -35.22
CA LEU V 617 -3.79 -43.21 -34.83
C LEU V 617 -2.64 -42.20 -34.61
N PHE V 618 -1.54 -42.60 -33.97
CA PHE V 618 -0.39 -41.72 -33.78
C PHE V 618 0.30 -41.33 -35.09
N TYR V 619 0.66 -42.31 -35.93
CA TYR V 619 1.33 -42.09 -37.22
C TYR V 619 0.49 -41.20 -38.16
N ARG V 620 -0.82 -41.44 -38.27
CA ARG V 620 -1.72 -40.64 -39.11
C ARG V 620 -1.98 -39.23 -38.56
N SER V 621 -1.99 -39.05 -37.23
CA SER V 621 -2.05 -37.72 -36.62
C SER V 621 -0.80 -36.91 -36.96
N LEU V 622 0.38 -37.49 -36.82
CA LEU V 622 1.65 -36.85 -37.16
C LEU V 622 1.76 -36.46 -38.64
N LEU V 623 1.45 -37.36 -39.58
CA LEU V 623 1.48 -37.07 -41.01
C LEU V 623 0.51 -35.93 -41.39
N THR V 624 -0.66 -35.89 -40.77
CA THR V 624 -1.66 -34.83 -41.01
C THR V 624 -1.20 -33.46 -40.50
N ILE V 625 -0.60 -33.41 -39.32
CA ILE V 625 -0.11 -32.16 -38.74
C ILE V 625 1.05 -31.58 -39.54
N LEU V 626 1.96 -32.41 -40.05
CA LEU V 626 3.06 -31.95 -40.91
C LEU V 626 2.57 -31.39 -42.25
N GLN V 627 1.54 -31.98 -42.85
CA GLN V 627 0.91 -31.42 -44.05
C GLN V 627 0.30 -30.05 -43.77
N ASP V 628 -0.52 -29.93 -42.72
CA ASP V 628 -1.21 -28.68 -42.37
C ASP V 628 -0.25 -27.52 -42.02
N ILE V 629 0.85 -27.81 -41.32
CA ILE V 629 1.92 -26.83 -41.07
C ILE V 629 2.59 -26.36 -42.38
N SER V 630 2.78 -27.25 -43.36
CA SER V 630 3.51 -26.92 -44.59
C SER V 630 2.74 -26.04 -45.59
N LEU V 631 1.41 -25.96 -45.52
CA LEU V 631 0.60 -25.32 -46.56
C LEU V 631 1.01 -23.87 -46.90
N PRO V 632 1.14 -22.92 -45.95
CA PRO V 632 1.50 -21.56 -46.29
C PRO V 632 2.96 -21.40 -46.72
N ILE V 633 3.87 -22.28 -46.26
CA ILE V 633 5.28 -22.31 -46.68
C ILE V 633 5.39 -22.63 -48.17
N CYS V 634 4.63 -23.62 -48.64
CA CYS V 634 4.53 -23.99 -50.05
C CYS V 634 3.87 -22.89 -50.89
N MET V 635 2.78 -22.30 -50.41
CA MET V 635 2.08 -21.20 -51.08
C MET V 635 2.99 -19.99 -51.32
N CYS V 636 3.74 -19.54 -50.32
CA CYS V 636 4.61 -18.37 -50.47
C CYS V 636 5.77 -18.65 -51.44
N TYR V 637 6.36 -19.85 -51.39
CA TYR V 637 7.41 -20.23 -52.35
C TYR V 637 6.85 -20.31 -53.79
N GLU V 638 5.66 -20.86 -53.98
CA GLU V 638 5.05 -20.94 -55.31
C GLU V 638 4.58 -19.57 -55.85
N ASN V 639 4.10 -18.66 -55.01
CA ASN V 639 3.81 -17.28 -55.41
C ASN V 639 5.05 -16.57 -55.97
N ASP V 640 6.25 -16.86 -55.46
CA ASP V 640 7.53 -16.35 -55.96
C ASP V 640 8.10 -17.13 -57.16
N ASN V 641 7.69 -18.39 -57.35
CA ASN V 641 8.23 -19.32 -58.34
C ASN V 641 7.08 -20.06 -59.06
N PRO V 642 6.26 -19.38 -59.88
CA PRO V 642 4.96 -19.88 -60.32
C PRO V 642 5.03 -21.16 -61.15
N GLY V 643 3.94 -21.93 -61.14
CA GLY V 643 3.82 -23.19 -61.86
C GLY V 643 3.87 -23.06 -63.39
N LEU V 644 3.31 -21.99 -63.96
CA LEU V 644 3.36 -21.66 -65.41
C LEU V 644 2.94 -22.85 -66.31
N GLY V 645 1.92 -23.61 -65.89
CA GLY V 645 1.41 -24.77 -66.60
C GLY V 645 2.23 -26.06 -66.47
N GLN V 646 3.34 -26.07 -65.72
CA GLN V 646 4.07 -27.30 -65.39
C GLN V 646 3.22 -28.23 -64.52
N SER V 647 3.36 -29.55 -64.70
CA SER V 647 2.85 -30.54 -63.75
C SER V 647 3.68 -30.53 -62.46
N PRO V 648 3.13 -30.92 -61.29
CA PRO V 648 3.88 -30.90 -60.04
C PRO V 648 5.20 -31.70 -60.05
N PRO V 649 5.31 -32.92 -60.64
CA PRO V 649 6.58 -33.63 -60.71
C PRO V 649 7.68 -32.88 -61.49
N GLU V 650 7.34 -32.15 -62.55
CA GLU V 650 8.28 -31.28 -63.27
C GLU V 650 8.72 -30.09 -62.42
N TRP V 651 7.79 -29.39 -61.78
CA TRP V 651 8.07 -28.23 -60.94
C TRP V 651 8.93 -28.59 -59.70
N LEU V 652 8.64 -29.71 -59.04
CA LEU V 652 9.38 -30.21 -57.88
C LEU V 652 10.82 -30.60 -58.22
N LYS V 653 11.10 -31.06 -59.44
CA LYS V 653 12.44 -31.48 -59.89
C LYS V 653 13.49 -30.36 -59.72
N GLY V 654 13.14 -29.13 -60.07
CA GLY V 654 13.95 -27.95 -59.82
C GLY V 654 13.87 -27.41 -58.38
N HIS V 655 12.66 -27.33 -57.80
CA HIS V 655 12.44 -26.55 -56.57
C HIS V 655 12.52 -27.28 -55.23
N TYR V 656 12.42 -28.61 -55.18
CA TYR V 656 12.16 -29.30 -53.91
C TYR V 656 13.31 -29.21 -52.88
N GLN V 657 14.58 -29.29 -53.30
CA GLN V 657 15.73 -29.18 -52.38
C GLN V 657 15.70 -27.86 -51.57
N THR V 658 15.37 -26.75 -52.22
CA THR V 658 15.21 -25.45 -51.55
C THR V 658 14.00 -25.44 -50.62
N LEU V 659 12.88 -26.00 -51.04
CA LEU V 659 11.66 -26.09 -50.22
C LEU V 659 11.84 -26.91 -48.93
N CYS V 660 12.63 -27.99 -48.92
CA CYS V 660 13.01 -28.72 -47.69
C CYS V 660 13.66 -27.82 -46.63
N THR V 661 14.54 -26.92 -47.07
CA THR V 661 15.33 -26.04 -46.18
C THR V 661 14.48 -24.90 -45.63
N ASN V 662 13.58 -24.34 -46.45
CA ASN V 662 12.53 -23.44 -45.95
C ASN V 662 11.66 -24.13 -44.90
N PHE V 663 11.19 -25.35 -45.14
CA PHE V 663 10.37 -26.06 -44.15
C PHE V 663 11.09 -26.24 -42.82
N ARG V 664 12.33 -26.75 -42.81
CA ARG V 664 13.13 -26.93 -41.58
C ARG V 664 13.29 -25.62 -40.78
N SER V 665 13.39 -24.48 -41.46
CA SER V 665 13.55 -23.15 -40.83
C SER V 665 12.23 -22.54 -40.32
N LEU V 666 11.11 -22.84 -40.97
CA LEU V 666 9.81 -22.17 -40.75
C LEU V 666 8.74 -23.04 -40.06
N ALA V 667 8.89 -24.36 -40.01
CA ALA V 667 7.94 -25.26 -39.35
C ALA V 667 8.21 -25.45 -37.85
N ILE V 668 9.46 -25.35 -37.41
CA ILE V 668 9.92 -25.75 -36.08
C ILE V 668 10.23 -24.52 -35.21
N ASP V 669 9.83 -24.55 -33.94
CA ASP V 669 9.91 -23.44 -32.98
C ASP V 669 9.06 -22.19 -33.33
N LYS V 670 8.11 -22.29 -34.27
CA LYS V 670 7.22 -21.20 -34.69
C LYS V 670 5.80 -21.25 -34.11
N GLY V 671 5.54 -22.12 -33.14
CA GLY V 671 4.37 -22.08 -32.25
C GLY V 671 3.53 -23.35 -32.14
N VAL V 672 3.81 -24.40 -32.92
CA VAL V 672 3.10 -25.70 -32.82
C VAL V 672 4.05 -26.83 -32.51
N LEU V 673 5.04 -27.07 -33.36
CA LEU V 673 5.94 -28.22 -33.29
C LEU V 673 7.29 -27.80 -32.73
N THR V 674 7.80 -28.54 -31.74
CA THR V 674 9.17 -28.40 -31.25
C THR V 674 9.98 -29.67 -31.51
N ALA V 675 11.20 -29.50 -31.98
CA ALA V 675 12.15 -30.58 -32.25
C ALA V 675 13.59 -30.06 -32.07
N LYS V 676 14.50 -30.93 -31.65
CA LYS V 676 15.91 -30.61 -31.42
C LYS V 676 16.78 -31.35 -32.42
N GLU V 677 17.60 -30.63 -33.19
CA GLU V 677 18.66 -31.26 -33.98
C GLU V 677 19.88 -31.61 -33.12
N ALA V 678 20.55 -32.71 -33.46
CA ALA V 678 21.71 -33.20 -32.76
C ALA V 678 22.66 -33.95 -33.71
N LYS V 679 23.94 -34.00 -33.35
CA LYS V 679 24.94 -34.86 -34.01
C LYS V 679 25.19 -36.12 -33.20
N VAL V 680 25.23 -37.27 -33.87
CA VAL V 680 25.48 -38.58 -33.26
C VAL V 680 26.94 -38.96 -33.51
N VAL V 681 27.65 -39.33 -32.45
CA VAL V 681 29.07 -39.74 -32.51
C VAL V 681 29.30 -41.04 -31.77
N HIS V 682 30.20 -41.87 -32.28
CA HIS V 682 30.66 -43.10 -31.60
C HIS V 682 32.06 -42.91 -31.04
N GLY V 683 32.28 -43.31 -29.79
CA GLY V 683 33.51 -43.00 -29.04
C GLY V 683 34.72 -43.84 -29.42
N GLU V 684 34.57 -45.17 -29.51
CA GLU V 684 35.66 -46.08 -29.87
C GLU V 684 35.90 -46.19 -31.40
N PRO V 685 37.13 -46.41 -31.87
CA PRO V 685 37.43 -46.61 -33.30
C PRO V 685 37.09 -48.03 -33.80
N THR V 686 36.91 -48.98 -32.88
CA THR V 686 36.53 -50.38 -33.11
C THR V 686 35.52 -50.81 -32.05
N CYS V 687 34.78 -51.90 -32.24
CA CYS V 687 33.93 -52.44 -31.16
C CYS V 687 33.86 -53.97 -31.17
N ASP V 688 33.58 -54.57 -30.01
CA ASP V 688 33.50 -56.02 -29.84
C ASP V 688 32.23 -56.56 -30.51
N LEU V 689 32.41 -57.32 -31.59
CA LEU V 689 31.32 -57.87 -32.41
C LEU V 689 31.64 -59.31 -32.84
N PRO V 690 30.64 -60.15 -33.15
CA PRO V 690 30.88 -61.49 -33.63
C PRO V 690 31.44 -61.49 -35.07
N ASP V 691 32.27 -62.47 -35.39
CA ASP V 691 32.78 -62.65 -36.75
C ASP V 691 31.66 -63.21 -37.66
N LEU V 692 30.99 -62.33 -38.40
CA LEU V 692 29.76 -62.67 -39.13
C LEU V 692 30.01 -63.68 -40.27
N ASP V 693 31.21 -63.70 -40.85
CA ASP V 693 31.61 -64.71 -41.82
C ASP V 693 31.73 -66.10 -41.18
N ALA V 694 32.33 -66.22 -40.00
CA ALA V 694 32.35 -67.48 -39.25
C ALA V 694 30.94 -67.89 -38.75
N ALA V 695 30.13 -66.92 -38.31
CA ALA V 695 28.80 -67.15 -37.78
C ALA V 695 27.82 -67.69 -38.85
N LEU V 696 27.94 -67.21 -40.10
CA LEU V 696 27.21 -67.74 -41.25
C LEU V 696 27.55 -69.22 -41.51
N GLN V 697 28.77 -69.67 -41.19
CA GLN V 697 29.20 -71.08 -41.27
C GLN V 697 29.07 -71.84 -39.93
N GLY V 698 28.43 -71.26 -38.91
CA GLY V 698 28.13 -71.93 -37.64
C GLY V 698 29.18 -71.83 -36.52
N ARG V 699 30.29 -71.12 -36.74
CA ARG V 699 31.38 -70.93 -35.77
C ARG V 699 31.27 -69.56 -35.09
N VAL V 700 31.33 -69.53 -33.76
CA VAL V 700 31.07 -68.32 -32.97
C VAL V 700 32.33 -67.85 -32.23
N TYR V 701 32.86 -66.68 -32.57
CA TYR V 701 33.93 -66.00 -31.84
C TYR V 701 33.99 -64.49 -32.16
N GLY V 702 34.62 -63.71 -31.27
CA GLY V 702 34.65 -62.25 -31.32
C GLY V 702 35.77 -61.64 -32.17
N ARG V 703 35.55 -60.39 -32.64
CA ARG V 703 36.49 -59.57 -33.40
C ARG V 703 36.28 -58.08 -33.05
N ARG V 704 37.34 -57.26 -33.10
CA ARG V 704 37.25 -55.80 -32.92
C ARG V 704 37.24 -55.09 -34.26
N LEU V 705 36.08 -55.10 -34.92
CA LEU V 705 35.85 -54.50 -36.23
C LEU V 705 35.96 -52.96 -36.18
N PRO V 706 36.74 -52.31 -37.06
CA PRO V 706 36.68 -50.87 -37.28
C PRO V 706 35.28 -50.37 -37.68
N VAL V 707 34.81 -49.28 -37.07
CA VAL V 707 33.44 -48.77 -37.28
C VAL V 707 33.38 -47.25 -37.44
N ARG V 708 32.43 -46.77 -38.24
CA ARG V 708 32.07 -45.35 -38.39
C ARG V 708 30.59 -45.15 -38.70
N MET V 709 30.03 -43.99 -38.38
CA MET V 709 28.61 -43.69 -38.63
C MET V 709 28.33 -43.46 -40.12
N SER V 710 27.24 -44.04 -40.65
CA SER V 710 26.75 -43.76 -42.01
C SER V 710 25.86 -42.52 -42.11
N LYS V 711 25.30 -42.05 -41.00
CA LYS V 711 24.57 -40.78 -40.85
C LYS V 711 24.93 -40.11 -39.52
N VAL V 712 25.12 -38.79 -39.52
CA VAL V 712 25.53 -38.01 -38.34
C VAL V 712 24.39 -37.18 -37.77
N LEU V 713 23.54 -36.58 -38.60
CA LEU V 713 22.43 -35.73 -38.15
C LEU V 713 21.21 -36.55 -37.70
N MET V 714 20.59 -36.13 -36.59
CA MET V 714 19.35 -36.69 -36.02
C MET V 714 18.40 -35.55 -35.63
N LEU V 715 17.11 -35.71 -35.92
CA LEU V 715 16.05 -34.74 -35.61
C LEU V 715 15.11 -35.32 -34.55
N CYS V 716 15.38 -35.05 -33.28
CA CYS V 716 14.62 -35.56 -32.15
C CYS V 716 13.31 -34.75 -31.96
N PRO V 717 12.12 -35.34 -32.16
CA PRO V 717 10.87 -34.62 -31.93
C PRO V 717 10.57 -34.49 -30.43
N ARG V 718 9.84 -33.45 -30.03
CA ARG V 718 9.52 -33.19 -28.60
C ARG V 718 8.02 -33.16 -28.33
N ASN V 719 7.32 -32.06 -28.65
CA ASN V 719 5.87 -31.95 -28.45
C ASN V 719 5.17 -31.18 -29.58
N ILE V 720 3.89 -31.45 -29.74
CA ILE V 720 2.93 -30.59 -30.45
C ILE V 720 2.09 -29.87 -29.39
N LYS V 721 1.93 -28.56 -29.52
CA LYS V 721 1.32 -27.70 -28.47
C LYS V 721 -0.07 -27.23 -28.90
N ILE V 722 -1.08 -27.48 -28.07
CA ILE V 722 -2.48 -27.10 -28.30
C ILE V 722 -2.86 -25.95 -27.36
N LYS V 723 -3.50 -24.89 -27.87
CA LYS V 723 -3.82 -23.64 -27.14
C LYS V 723 -5.30 -23.32 -27.20
N ASN V 724 -5.86 -22.78 -26.11
CA ASN V 724 -7.23 -22.23 -26.10
C ASN V 724 -7.28 -20.91 -25.31
N ARG V 725 -7.85 -19.84 -25.89
CA ARG V 725 -7.90 -18.50 -25.27
C ARG V 725 -8.88 -18.43 -24.11
N VAL V 726 -8.48 -17.84 -22.99
CA VAL V 726 -9.29 -17.80 -21.76
C VAL V 726 -10.27 -16.63 -21.73
N VAL V 727 -9.84 -15.40 -22.03
CA VAL V 727 -10.63 -14.18 -21.80
C VAL V 727 -11.12 -13.58 -23.12
N PHE V 728 -12.43 -13.44 -23.22
CA PHE V 728 -13.10 -12.58 -24.19
C PHE V 728 -13.09 -11.12 -23.71
N THR V 729 -12.54 -10.21 -24.52
CA THR V 729 -12.30 -8.79 -24.16
C THR V 729 -13.40 -7.83 -24.61
N GLY V 730 -14.50 -8.31 -25.21
CA GLY V 730 -15.58 -7.46 -25.70
C GLY V 730 -15.30 -6.72 -27.01
N GLU V 731 -14.10 -6.85 -27.59
CA GLU V 731 -13.67 -6.09 -28.78
C GLU V 731 -14.40 -6.50 -30.07
N ASN V 732 -14.68 -7.79 -30.27
CA ASN V 732 -15.42 -8.28 -31.43
C ASN V 732 -16.94 -8.22 -31.17
N ALA V 733 -17.58 -7.14 -31.65
CA ALA V 733 -18.96 -6.77 -31.33
C ALA V 733 -20.03 -7.79 -31.77
N ALA V 734 -19.74 -8.66 -32.74
CA ALA V 734 -20.65 -9.71 -33.18
C ALA V 734 -20.82 -10.84 -32.15
N LEU V 735 -19.84 -11.03 -31.24
CA LEU V 735 -19.76 -12.20 -30.37
C LEU V 735 -20.33 -12.02 -28.95
N GLN V 736 -20.51 -10.77 -28.49
CA GLN V 736 -20.76 -10.45 -27.08
C GLN V 736 -21.91 -11.24 -26.45
N ASN V 737 -22.99 -11.51 -27.20
CA ASN V 737 -24.18 -12.19 -26.68
C ASN V 737 -23.94 -13.62 -26.19
N SER V 738 -22.87 -14.28 -26.63
CA SER V 738 -22.46 -15.59 -26.11
C SER V 738 -21.71 -15.51 -24.77
N PHE V 739 -21.04 -14.40 -24.45
CA PHE V 739 -20.20 -14.23 -23.27
C PHE V 739 -20.78 -13.35 -22.15
N ILE V 740 -21.77 -12.50 -22.42
CA ILE V 740 -22.20 -11.44 -21.49
C ILE V 740 -22.75 -11.96 -20.15
N LYS V 741 -22.32 -11.36 -19.05
CA LYS V 741 -22.74 -11.64 -17.66
C LYS V 741 -23.98 -10.82 -17.29
N SER V 742 -25.09 -11.50 -17.01
CA SER V 742 -26.30 -10.89 -16.44
C SER V 742 -26.16 -10.64 -14.92
N THR V 743 -26.93 -9.70 -14.37
CA THR V 743 -26.88 -9.32 -12.93
C THR V 743 -28.24 -9.39 -12.21
N THR V 744 -29.36 -9.60 -12.93
CA THR V 744 -30.71 -9.60 -12.31
C THR V 744 -30.97 -10.84 -11.44
N ARG V 745 -31.76 -10.65 -10.37
CA ARG V 745 -32.04 -11.63 -9.31
C ARG V 745 -32.99 -12.74 -9.78
N ARG V 746 -32.44 -13.91 -10.13
CA ARG V 746 -33.18 -15.10 -10.58
C ARG V 746 -33.81 -15.87 -9.41
N GLU V 747 -34.83 -16.66 -9.69
CA GLU V 747 -35.41 -17.60 -8.72
C GLU V 747 -34.59 -18.89 -8.53
N ASN V 748 -33.78 -19.31 -9.51
CA ASN V 748 -32.94 -20.51 -9.43
C ASN V 748 -31.62 -20.33 -8.64
N TYR V 749 -31.41 -19.19 -7.98
CA TYR V 749 -30.11 -18.77 -7.45
C TYR V 749 -29.53 -19.71 -6.38
N ILE V 750 -30.35 -20.43 -5.60
CA ILE V 750 -29.87 -21.44 -4.66
C ILE V 750 -29.59 -22.74 -5.41
N ILE V 751 -30.55 -23.28 -6.16
CA ILE V 751 -30.44 -24.62 -6.80
C ILE V 751 -29.42 -24.66 -7.96
N ASN V 752 -29.16 -23.54 -8.64
CA ASN V 752 -28.06 -23.34 -9.59
C ASN V 752 -26.87 -22.57 -8.96
N GLY V 753 -26.85 -22.44 -7.62
CA GLY V 753 -25.81 -21.77 -6.87
C GLY V 753 -24.70 -22.69 -6.38
N PRO V 754 -23.74 -22.16 -5.60
CA PRO V 754 -22.53 -22.88 -5.22
C PRO V 754 -22.72 -23.98 -4.16
N TYR V 755 -23.86 -24.07 -3.48
CA TYR V 755 -24.07 -24.99 -2.36
C TYR V 755 -24.92 -26.23 -2.67
N MET V 756 -25.67 -26.28 -3.77
CA MET V 756 -26.70 -27.30 -3.99
C MET V 756 -26.17 -28.74 -3.98
N LYS V 757 -25.00 -29.01 -4.57
CA LYS V 757 -24.39 -30.35 -4.55
C LYS V 757 -24.03 -30.81 -3.14
N PHE V 758 -23.51 -29.93 -2.29
CA PHE V 758 -23.25 -30.22 -0.87
C PHE V 758 -24.53 -30.37 -0.05
N LEU V 759 -25.52 -29.50 -0.27
CA LEU V 759 -26.84 -29.61 0.38
C LEU V 759 -27.55 -30.93 0.03
N ASN V 760 -27.26 -31.52 -1.12
CA ASN V 760 -27.71 -32.86 -1.48
C ASN V 760 -26.87 -33.97 -0.83
N THR V 761 -25.54 -33.92 -0.95
CA THR V 761 -24.63 -34.91 -0.34
C THR V 761 -24.85 -35.08 1.17
N TYR V 762 -25.15 -34.01 1.90
CA TYR V 762 -25.36 -34.00 3.34
C TYR V 762 -26.85 -33.93 3.77
N HIS V 763 -27.80 -34.16 2.86
CA HIS V 763 -29.24 -34.01 3.14
C HIS V 763 -29.73 -34.85 4.33
N LYS V 764 -29.35 -36.13 4.40
CA LYS V 764 -29.76 -37.02 5.50
C LYS V 764 -29.15 -36.65 6.87
N THR V 765 -28.04 -35.91 6.91
CA THR V 765 -27.49 -35.35 8.18
C THR V 765 -28.09 -33.98 8.53
N LEU V 766 -28.41 -33.12 7.55
CA LEU V 766 -29.11 -31.85 7.79
C LEU V 766 -30.58 -32.02 8.16
N PHE V 767 -31.34 -32.91 7.51
CA PHE V 767 -32.77 -33.11 7.76
C PHE V 767 -33.10 -34.60 7.97
N PRO V 768 -32.76 -35.17 9.15
CA PRO V 768 -32.96 -36.58 9.46
C PRO V 768 -34.39 -37.08 9.18
N ASP V 769 -34.49 -38.14 8.40
CA ASP V 769 -35.73 -38.83 8.00
C ASP V 769 -36.83 -37.95 7.32
N THR V 770 -36.49 -36.83 6.68
CA THR V 770 -37.49 -36.05 5.91
C THR V 770 -37.90 -36.76 4.60
N LYS V 771 -39.19 -36.67 4.23
CA LYS V 771 -39.71 -37.23 2.97
C LYS V 771 -39.36 -36.40 1.72
N LEU V 772 -39.08 -35.10 1.92
CA LEU V 772 -38.83 -34.10 0.88
C LEU V 772 -37.54 -34.40 0.09
N SER V 773 -37.55 -34.20 -1.23
CA SER V 773 -36.32 -34.11 -2.00
C SER V 773 -35.55 -32.83 -1.64
N SER V 774 -34.22 -32.90 -1.68
CA SER V 774 -33.35 -31.75 -1.42
C SER V 774 -33.63 -30.58 -2.39
N LEU V 775 -33.89 -30.88 -3.67
CA LEU V 775 -34.27 -29.92 -4.70
C LEU V 775 -35.57 -29.19 -4.34
N TYR V 776 -36.62 -29.91 -3.93
CA TYR V 776 -37.86 -29.27 -3.54
C TYR V 776 -37.74 -28.47 -2.23
N LEU V 777 -37.01 -28.94 -1.23
CA LEU V 777 -36.81 -28.24 0.04
C LEU V 777 -36.21 -26.84 -0.19
N TRP V 778 -35.13 -26.74 -0.95
CA TRP V 778 -34.45 -25.48 -1.24
C TRP V 778 -35.14 -24.63 -2.31
N HIS V 779 -35.94 -25.20 -3.21
CA HIS V 779 -36.78 -24.41 -4.12
C HIS V 779 -38.02 -23.80 -3.42
N ASN V 780 -38.63 -24.55 -2.48
CA ASN V 780 -39.66 -24.06 -1.59
C ASN V 780 -39.12 -22.91 -0.72
N PHE V 781 -37.91 -23.05 -0.17
CA PHE V 781 -37.27 -21.94 0.55
C PHE V 781 -37.02 -20.73 -0.36
N SER V 782 -36.52 -20.95 -1.57
CA SER V 782 -36.32 -19.94 -2.62
C SER V 782 -37.58 -19.20 -3.07
N ARG V 783 -38.79 -19.61 -2.66
CA ARG V 783 -40.06 -18.97 -3.07
C ARG V 783 -41.02 -18.65 -1.93
N ARG V 784 -40.94 -19.35 -0.80
CA ARG V 784 -41.85 -19.18 0.36
C ARG V 784 -41.15 -18.77 1.66
N ARG V 785 -39.81 -18.73 1.69
CA ARG V 785 -39.01 -18.33 2.86
C ARG V 785 -39.30 -19.16 4.12
N SER V 786 -39.32 -20.48 4.02
CA SER V 786 -39.52 -21.38 5.18
C SER V 786 -38.71 -22.68 5.12
N VAL V 787 -38.38 -23.23 6.29
CA VAL V 787 -37.45 -24.37 6.46
C VAL V 787 -37.95 -25.32 7.56
N PRO V 788 -37.90 -26.65 7.38
CA PRO V 788 -38.41 -27.59 8.36
C PRO V 788 -37.40 -27.86 9.49
N VAL V 789 -37.85 -27.93 10.75
CA VAL V 789 -36.97 -28.16 11.92
C VAL V 789 -37.23 -29.56 12.49
N PRO V 790 -36.23 -30.48 12.48
CA PRO V 790 -36.38 -31.83 13.03
C PRO V 790 -36.86 -31.87 14.49
N SER V 791 -37.50 -32.98 14.89
CA SER V 791 -38.40 -33.03 16.06
C SER V 791 -37.77 -32.58 17.40
N GLY V 792 -36.49 -32.90 17.64
CA GLY V 792 -35.73 -32.44 18.81
C GLY V 792 -34.75 -31.29 18.55
N ALA V 793 -34.49 -30.94 17.29
CA ALA V 793 -33.51 -29.91 16.93
C ALA V 793 -34.01 -28.48 17.24
N SER V 794 -33.09 -27.51 17.34
CA SER V 794 -33.42 -26.13 17.74
C SER V 794 -33.81 -25.25 16.55
N ALA V 795 -34.81 -24.37 16.70
CA ALA V 795 -35.30 -23.54 15.60
C ALA V 795 -34.26 -22.57 15.05
N GLU V 796 -33.53 -21.86 15.90
CA GLU V 796 -32.71 -20.73 15.44
C GLU V 796 -31.45 -21.19 14.68
N GLU V 797 -30.91 -22.35 15.04
CA GLU V 797 -29.88 -23.08 14.32
C GLU V 797 -30.22 -23.32 12.84
N TYR V 798 -31.47 -23.66 12.52
CA TYR V 798 -31.93 -23.79 11.14
C TYR V 798 -32.24 -22.45 10.49
N SER V 799 -32.71 -21.44 11.23
CA SER V 799 -32.84 -20.10 10.67
C SER V 799 -31.47 -19.53 10.24
N ASP V 800 -30.39 -19.84 10.96
CA ASP V 800 -29.04 -19.45 10.55
C ASP V 800 -28.54 -20.19 9.30
N LEU V 801 -28.69 -21.51 9.24
CA LEU V 801 -28.37 -22.31 8.05
C LEU V 801 -29.02 -21.74 6.78
N ALA V 802 -30.30 -21.40 6.86
CA ALA V 802 -31.04 -20.81 5.76
C ALA V 802 -30.45 -19.45 5.31
N LEU V 803 -30.11 -18.58 6.26
CA LEU V 803 -29.49 -17.28 5.96
C LEU V 803 -28.06 -17.41 5.41
N PHE V 804 -27.29 -18.42 5.81
CA PHE V 804 -25.99 -18.68 5.18
C PHE V 804 -26.12 -19.04 3.68
N VAL V 805 -27.04 -19.94 3.36
CA VAL V 805 -27.31 -20.42 1.99
C VAL V 805 -27.82 -19.28 1.12
N ASP V 806 -28.78 -18.51 1.61
CA ASP V 806 -29.31 -17.34 0.91
C ASP V 806 -28.22 -16.29 0.64
N GLY V 807 -27.48 -15.91 1.68
CA GLY V 807 -26.43 -14.89 1.59
C GLY V 807 -25.36 -15.23 0.57
N GLY V 808 -24.74 -16.39 0.69
CA GLY V 808 -23.69 -16.82 -0.25
C GLY V 808 -24.21 -17.02 -1.66
N SER V 809 -25.43 -17.52 -1.84
CA SER V 809 -26.02 -17.70 -3.16
C SER V 809 -26.25 -16.36 -3.89
N ARG V 810 -26.77 -15.31 -3.23
CA ARG V 810 -26.87 -13.97 -3.83
C ARG V 810 -25.50 -13.31 -4.07
N ALA V 811 -24.53 -13.47 -3.17
CA ALA V 811 -23.17 -12.99 -3.39
C ALA V 811 -22.50 -13.66 -4.61
N HIS V 812 -22.71 -14.96 -4.80
CA HIS V 812 -22.24 -15.71 -5.97
C HIS V 812 -22.93 -15.25 -7.26
N GLU V 813 -24.25 -15.03 -7.22
CA GLU V 813 -25.04 -14.54 -8.36
C GLU V 813 -24.52 -13.20 -8.89
N GLU V 814 -24.20 -12.26 -8.00
CA GLU V 814 -23.53 -11.00 -8.29
C GLU V 814 -22.10 -11.19 -8.85
N SER V 815 -21.22 -11.89 -8.14
CA SER V 815 -19.77 -11.87 -8.43
C SER V 815 -19.26 -12.89 -9.47
N ASN V 816 -19.96 -13.99 -9.77
CA ASN V 816 -19.38 -15.12 -10.49
C ASN V 816 -19.24 -14.93 -12.01
N VAL V 817 -18.05 -15.23 -12.56
CA VAL V 817 -17.79 -15.29 -14.02
C VAL V 817 -17.24 -16.64 -14.50
N ILE V 818 -17.31 -17.66 -13.66
CA ILE V 818 -16.88 -19.04 -13.93
C ILE V 818 -18.10 -19.96 -13.92
N ASP V 819 -18.58 -20.41 -15.07
CA ASP V 819 -19.89 -21.07 -15.23
C ASP V 819 -19.91 -22.56 -14.81
N VAL V 820 -19.69 -22.82 -13.53
CA VAL V 820 -19.54 -24.15 -12.90
C VAL V 820 -20.33 -24.22 -11.59
N VAL V 821 -20.98 -25.35 -11.34
CA VAL V 821 -21.55 -25.71 -10.03
C VAL V 821 -20.60 -26.72 -9.38
N PRO V 822 -19.80 -26.36 -8.37
CA PRO V 822 -18.68 -27.18 -7.91
C PRO V 822 -19.12 -28.44 -7.15
N GLY V 823 -18.49 -29.59 -7.40
CA GLY V 823 -18.82 -30.86 -6.75
C GLY V 823 -18.08 -31.19 -5.46
N ASN V 824 -16.94 -30.54 -5.19
CA ASN V 824 -16.08 -30.81 -4.04
C ASN V 824 -15.45 -29.51 -3.51
N LEU V 825 -14.99 -29.51 -2.25
CA LEU V 825 -14.48 -28.30 -1.59
C LEU V 825 -13.22 -27.72 -2.25
N VAL V 826 -12.37 -28.52 -2.89
CA VAL V 826 -11.21 -28.02 -3.66
C VAL V 826 -11.64 -27.21 -4.88
N THR V 827 -12.63 -27.70 -5.63
CA THR V 827 -13.17 -26.96 -6.78
C THR V 827 -13.94 -25.72 -6.33
N TYR V 828 -14.74 -25.80 -5.26
CA TYR V 828 -15.38 -24.64 -4.63
C TYR V 828 -14.37 -23.56 -4.23
N ALA V 829 -13.28 -23.94 -3.56
CA ALA V 829 -12.20 -23.04 -3.16
C ALA V 829 -11.50 -22.40 -4.35
N LYS V 830 -11.09 -23.18 -5.36
CA LYS V 830 -10.45 -22.69 -6.59
C LYS V 830 -11.34 -21.76 -7.41
N GLN V 831 -12.65 -21.98 -7.45
CA GLN V 831 -13.58 -21.05 -8.08
C GLN V 831 -13.61 -19.70 -7.34
N ARG V 832 -13.71 -19.71 -6.00
CA ARG V 832 -13.70 -18.49 -5.17
C ARG V 832 -12.42 -17.67 -5.38
N LEU V 833 -11.27 -18.34 -5.43
CA LEU V 833 -9.96 -17.74 -5.67
C LEU V 833 -9.87 -17.04 -7.05
N ASN V 834 -10.24 -17.72 -8.13
CA ASN V 834 -10.10 -17.17 -9.48
C ASN V 834 -11.13 -16.06 -9.79
N ASN V 835 -12.34 -16.13 -9.23
CA ASN V 835 -13.27 -14.99 -9.24
C ASN V 835 -12.70 -13.74 -8.55
N ALA V 836 -11.84 -13.89 -7.53
CA ALA V 836 -11.20 -12.74 -6.88
C ALA V 836 -10.13 -12.09 -7.76
N ILE V 837 -9.28 -12.88 -8.44
CA ILE V 837 -8.22 -12.38 -9.31
C ILE V 837 -8.81 -11.63 -10.51
N LEU V 838 -9.85 -12.19 -11.14
CA LEU V 838 -10.53 -11.56 -12.28
C LEU V 838 -11.16 -10.20 -11.91
N LYS V 839 -11.69 -10.06 -10.68
CA LYS V 839 -12.23 -8.80 -10.18
C LYS V 839 -11.15 -7.74 -9.97
N ALA V 840 -10.00 -8.09 -9.40
CA ALA V 840 -8.85 -7.20 -9.31
C ALA V 840 -8.32 -6.75 -10.69
N CYS V 841 -8.47 -7.58 -11.72
CA CYS V 841 -8.15 -7.21 -13.10
C CYS V 841 -9.25 -6.42 -13.84
N GLY V 842 -10.38 -6.12 -13.19
CA GLY V 842 -11.53 -5.46 -13.83
C GLY V 842 -12.31 -6.32 -14.83
N GLN V 843 -12.15 -7.64 -14.82
CA GLN V 843 -12.86 -8.59 -15.70
C GLN V 843 -14.18 -9.03 -15.04
N THR V 844 -15.26 -8.31 -15.33
CA THR V 844 -16.57 -8.43 -14.64
C THR V 844 -17.76 -8.53 -15.58
N GLN V 845 -17.59 -8.19 -16.86
CA GLN V 845 -18.67 -8.08 -17.85
C GLN V 845 -18.96 -9.39 -18.59
N PHE V 846 -18.03 -10.34 -18.59
CA PHE V 846 -18.07 -11.56 -19.41
C PHE V 846 -17.69 -12.81 -18.62
N TYR V 847 -18.33 -13.94 -18.93
CA TYR V 847 -17.82 -15.27 -18.60
C TYR V 847 -16.48 -15.54 -19.29
N ILE V 848 -15.59 -16.28 -18.63
CA ILE V 848 -14.37 -16.83 -19.24
C ILE V 848 -14.66 -18.13 -20.02
N SER V 849 -13.80 -18.52 -20.97
CA SER V 849 -13.84 -19.85 -21.61
C SER V 849 -13.55 -20.98 -20.60
N LEU V 850 -14.19 -22.12 -20.77
CA LEU V 850 -13.96 -23.35 -20.00
C LEU V 850 -13.51 -24.51 -20.91
N ILE V 851 -12.61 -25.37 -20.44
CA ILE V 851 -12.40 -26.72 -20.99
C ILE V 851 -12.92 -27.75 -20.00
N GLN V 852 -13.78 -28.68 -20.42
CA GLN V 852 -14.25 -29.80 -19.61
C GLN V 852 -13.70 -31.14 -20.11
N GLY V 853 -13.22 -31.97 -19.18
CA GLY V 853 -12.78 -33.32 -19.47
C GLY V 853 -13.92 -34.33 -19.41
N LEU V 854 -14.06 -35.16 -20.44
CA LEU V 854 -14.96 -36.31 -20.46
C LEU V 854 -14.17 -37.57 -20.08
N VAL V 855 -14.49 -38.21 -18.95
CA VAL V 855 -13.70 -39.31 -18.36
C VAL V 855 -14.49 -40.63 -18.39
N PRO V 856 -13.95 -41.72 -18.96
CA PRO V 856 -14.63 -43.03 -19.04
C PRO V 856 -14.94 -43.67 -17.67
N ARG V 857 -16.18 -44.14 -17.49
CA ARG V 857 -16.65 -44.96 -16.37
C ARG V 857 -17.15 -46.31 -16.89
N THR V 858 -16.67 -47.40 -16.31
CA THR V 858 -16.96 -48.78 -16.76
C THR V 858 -18.01 -49.41 -15.86
N GLN V 859 -19.07 -49.99 -16.42
CA GLN V 859 -20.22 -50.53 -15.68
C GLN V 859 -20.71 -51.88 -16.22
N SER V 860 -21.16 -52.79 -15.34
CA SER V 860 -21.76 -54.08 -15.71
C SER V 860 -23.28 -53.97 -15.78
N VAL V 861 -23.88 -54.45 -16.87
CA VAL V 861 -25.31 -54.32 -17.18
C VAL V 861 -25.89 -55.66 -17.63
N PRO V 862 -27.22 -55.89 -17.57
CA PRO V 862 -27.82 -57.13 -18.06
C PRO V 862 -27.65 -57.29 -19.58
N ALA V 863 -27.27 -58.48 -20.03
CA ALA V 863 -26.82 -58.73 -21.40
C ALA V 863 -27.91 -58.72 -22.49
N ARG V 864 -29.18 -58.50 -22.15
CA ARG V 864 -30.35 -58.57 -23.04
C ARG V 864 -30.17 -57.87 -24.39
N ASP V 865 -29.59 -56.67 -24.41
CA ASP V 865 -29.29 -55.89 -25.63
C ASP V 865 -27.79 -55.88 -26.02
N TYR V 866 -27.00 -56.83 -25.53
CA TYR V 866 -25.55 -56.95 -25.78
C TYR V 866 -25.21 -58.36 -26.30
N PRO V 867 -25.68 -58.73 -27.51
CA PRO V 867 -25.79 -60.12 -27.96
C PRO V 867 -24.44 -60.83 -28.09
N HIS V 868 -23.32 -60.11 -28.23
CA HIS V 868 -22.00 -60.72 -28.39
C HIS V 868 -21.53 -61.58 -27.22
N VAL V 869 -22.13 -61.49 -26.02
CA VAL V 869 -21.77 -62.37 -24.90
C VAL V 869 -22.11 -63.85 -25.14
N LEU V 870 -23.00 -64.16 -26.09
CA LEU V 870 -23.40 -65.52 -26.44
C LEU V 870 -22.34 -66.30 -27.25
N GLY V 871 -21.34 -65.61 -27.84
CA GLY V 871 -20.30 -66.23 -28.65
C GLY V 871 -20.79 -66.70 -30.04
N THR V 872 -20.05 -67.62 -30.66
CA THR V 872 -20.36 -68.21 -31.99
C THR V 872 -21.52 -69.22 -32.00
N ARG V 873 -22.14 -69.45 -30.85
CA ARG V 873 -23.38 -70.21 -30.60
C ARG V 873 -24.44 -70.02 -31.69
N ALA V 874 -25.09 -71.09 -32.13
CA ALA V 874 -26.29 -71.01 -32.98
C ALA V 874 -27.52 -70.62 -32.13
N VAL V 875 -28.33 -69.70 -32.64
CA VAL V 875 -29.56 -69.20 -31.98
C VAL V 875 -30.77 -69.55 -32.82
N GLU V 876 -31.69 -70.34 -32.27
CA GLU V 876 -32.82 -70.93 -33.01
C GLU V 876 -34.16 -70.20 -32.81
N SER V 877 -34.38 -69.55 -31.66
CA SER V 877 -35.60 -68.78 -31.38
C SER V 877 -35.34 -67.59 -30.44
N ALA V 878 -36.24 -66.60 -30.47
CA ALA V 878 -36.18 -65.44 -29.57
C ALA V 878 -36.37 -65.83 -28.09
N ALA V 879 -37.18 -66.85 -27.82
CA ALA V 879 -37.34 -67.41 -26.47
C ALA V 879 -36.03 -68.03 -25.95
N ALA V 880 -35.28 -68.74 -26.79
CA ALA V 880 -33.96 -69.26 -26.42
C ALA V 880 -32.92 -68.14 -26.23
N TYR V 881 -32.94 -67.08 -27.05
CA TYR V 881 -32.09 -65.89 -26.84
C TYR V 881 -32.39 -65.21 -25.49
N ALA V 882 -33.66 -65.01 -25.16
CA ALA V 882 -34.07 -64.45 -23.88
C ALA V 882 -33.66 -65.34 -22.70
N GLU V 883 -33.82 -66.66 -22.80
CA GLU V 883 -33.38 -67.61 -21.77
C GLU V 883 -31.86 -67.55 -21.58
N ALA V 884 -31.08 -67.66 -22.65
CA ALA V 884 -29.62 -67.69 -22.59
C ALA V 884 -29.00 -66.38 -22.06
N THR V 885 -29.61 -65.23 -22.35
CA THR V 885 -29.15 -63.93 -21.83
C THR V 885 -29.65 -63.60 -20.42
N SER V 886 -30.73 -64.22 -19.93
CA SER V 886 -31.37 -63.86 -18.65
C SER V 886 -30.43 -63.90 -17.42
N SER V 887 -29.40 -64.74 -17.44
CA SER V 887 -28.44 -64.91 -16.34
C SER V 887 -27.08 -64.23 -16.58
N LEU V 888 -26.90 -63.45 -17.65
CA LEU V 888 -25.61 -62.93 -18.12
C LEU V 888 -25.51 -61.41 -18.03
N THR V 889 -24.28 -60.90 -17.83
CA THR V 889 -23.96 -59.47 -17.81
C THR V 889 -22.88 -59.09 -18.82
N ALA V 890 -23.00 -57.90 -19.38
CA ALA V 890 -22.06 -57.29 -20.32
C ALA V 890 -21.37 -56.07 -19.68
N THR V 891 -20.08 -55.89 -19.94
CA THR V 891 -19.35 -54.67 -19.59
C THR V 891 -19.61 -53.59 -20.63
N THR V 892 -19.96 -52.37 -20.21
CA THR V 892 -20.17 -51.21 -21.09
C THR V 892 -19.46 -49.98 -20.53
N VAL V 893 -19.26 -48.97 -21.36
CA VAL V 893 -18.57 -47.73 -20.98
C VAL V 893 -19.42 -46.51 -21.35
N VAL V 894 -19.47 -45.54 -20.44
CA VAL V 894 -20.05 -44.21 -20.65
C VAL V 894 -19.04 -43.16 -20.18
N CYS V 895 -19.13 -41.92 -20.64
CA CYS V 895 -18.27 -40.83 -20.20
C CYS V 895 -19.01 -39.87 -19.24
N ALA V 896 -18.34 -39.44 -18.17
CA ALA V 896 -18.83 -38.42 -17.23
C ALA V 896 -18.03 -37.11 -17.32
N ALA V 897 -18.72 -35.98 -17.27
CA ALA V 897 -18.07 -34.67 -17.31
C ALA V 897 -17.46 -34.33 -15.95
N THR V 898 -16.15 -34.09 -15.92
CA THR V 898 -15.45 -33.48 -14.79
C THR V 898 -15.62 -31.95 -14.83
N ASP V 899 -15.73 -31.32 -13.66
CA ASP V 899 -15.75 -29.86 -13.47
C ASP V 899 -14.34 -29.25 -13.25
N CYS V 900 -13.28 -30.06 -13.37
CA CYS V 900 -11.92 -29.76 -12.93
C CYS V 900 -10.84 -30.52 -13.73
N LEU V 901 -10.61 -30.12 -14.98
CA LEU V 901 -9.64 -30.77 -15.89
C LEU V 901 -8.21 -30.86 -15.30
N SER V 902 -7.77 -29.90 -14.50
CA SER V 902 -6.38 -29.84 -14.03
C SER V 902 -5.95 -31.03 -13.16
N GLN V 903 -6.83 -31.61 -12.33
CA GLN V 903 -6.50 -32.83 -11.57
C GLN V 903 -6.38 -34.06 -12.49
N VAL V 904 -7.16 -34.14 -13.57
CA VAL V 904 -7.01 -35.20 -14.58
C VAL V 904 -5.67 -35.09 -15.31
N CYS V 905 -5.24 -33.87 -15.68
CA CYS V 905 -3.94 -33.65 -16.32
C CYS V 905 -2.72 -34.02 -15.45
N LYS V 906 -2.83 -34.00 -14.11
CA LYS V 906 -1.79 -34.51 -13.21
C LYS V 906 -1.58 -36.03 -13.28
N ALA V 907 -2.59 -36.80 -13.71
CA ALA V 907 -2.55 -38.25 -13.87
C ALA V 907 -2.03 -38.75 -15.24
N ARG V 908 -1.31 -37.88 -15.98
CA ARG V 908 -0.66 -38.15 -17.28
C ARG V 908 -1.58 -38.85 -18.31
N PRO V 909 -2.69 -38.23 -18.72
CA PRO V 909 -3.77 -38.92 -19.43
C PRO V 909 -3.47 -39.23 -20.90
N VAL V 910 -4.10 -40.29 -21.41
CA VAL V 910 -4.36 -40.48 -22.85
C VAL V 910 -5.50 -39.53 -23.24
N VAL V 911 -5.34 -38.76 -24.32
CA VAL V 911 -6.27 -37.69 -24.71
C VAL V 911 -6.78 -37.82 -26.16
N THR V 912 -8.00 -37.35 -26.41
CA THR V 912 -8.56 -37.16 -27.77
C THR V 912 -9.23 -35.80 -27.88
N LEU V 913 -8.87 -35.00 -28.90
CA LEU V 913 -9.30 -33.61 -29.05
C LEU V 913 -9.37 -33.15 -30.52
N PRO V 914 -10.18 -32.13 -30.86
CA PRO V 914 -10.21 -31.50 -32.19
C PRO V 914 -9.19 -30.36 -32.31
N VAL V 915 -8.49 -30.21 -33.43
CA VAL V 915 -7.56 -29.08 -33.67
C VAL V 915 -7.70 -28.46 -35.06
N THR V 916 -7.57 -27.13 -35.14
CA THR V 916 -7.28 -26.37 -36.36
C THR V 916 -5.92 -25.70 -36.21
N ILE V 917 -5.03 -25.78 -37.20
CA ILE V 917 -3.77 -25.00 -37.16
C ILE V 917 -3.95 -23.69 -37.94
N ASN V 918 -4.00 -22.58 -37.22
CA ASN V 918 -4.12 -21.23 -37.75
C ASN V 918 -2.75 -20.57 -37.91
N LYS V 919 -2.55 -19.78 -38.97
CA LYS V 919 -1.27 -19.15 -39.30
C LYS V 919 -1.41 -17.64 -39.47
N TYR V 920 -0.44 -16.87 -38.99
CA TYR V 920 -0.53 -15.41 -38.89
C TYR V 920 0.85 -14.74 -38.95
N THR V 921 0.88 -13.46 -39.30
CA THR V 921 2.11 -12.64 -39.36
C THR V 921 2.62 -12.27 -37.96
N GLY V 922 3.92 -12.06 -37.80
CA GLY V 922 4.48 -11.46 -36.57
C GLY V 922 4.08 -10.00 -36.33
N VAL V 923 4.33 -9.50 -35.12
CA VAL V 923 4.10 -8.11 -34.70
C VAL V 923 5.31 -7.20 -34.94
N ASN V 924 5.19 -5.90 -34.64
CA ASN V 924 6.28 -4.92 -34.63
C ASN V 924 7.01 -4.83 -35.99
N GLY V 925 6.26 -4.90 -37.08
CA GLY V 925 6.79 -4.81 -38.45
C GLY V 925 7.41 -6.10 -38.98
N ASN V 926 7.40 -7.20 -38.23
CA ASN V 926 7.92 -8.50 -38.69
C ASN V 926 7.08 -9.08 -39.86
N ASN V 927 7.71 -9.81 -40.77
CA ASN V 927 7.07 -10.42 -41.95
C ASN V 927 7.08 -11.96 -41.95
N GLN V 928 7.55 -12.62 -40.89
CA GLN V 928 7.52 -14.08 -40.76
C GLN V 928 6.11 -14.61 -40.46
N ILE V 929 5.91 -15.91 -40.69
CA ILE V 929 4.68 -16.64 -40.38
C ILE V 929 4.86 -17.42 -39.07
N PHE V 930 3.90 -17.30 -38.16
CA PHE V 930 3.81 -18.05 -36.91
C PHE V 930 2.51 -18.88 -36.88
N GLN V 931 2.46 -19.96 -36.11
CA GLN V 931 1.31 -20.86 -36.04
C GLN V 931 0.77 -21.08 -34.62
N ALA V 932 -0.53 -21.35 -34.51
CA ALA V 932 -1.16 -21.88 -33.30
C ALA V 932 -2.04 -23.08 -33.65
N GLY V 933 -1.96 -24.14 -32.86
CA GLY V 933 -2.90 -25.25 -32.89
C GLY V 933 -4.04 -24.97 -31.93
N ASN V 934 -5.18 -24.51 -32.41
CA ASN V 934 -6.29 -24.11 -31.57
C ASN V 934 -7.31 -25.22 -31.38
N LEU V 935 -7.71 -25.43 -30.13
CA LEU V 935 -8.73 -26.40 -29.73
C LEU V 935 -10.08 -26.06 -30.37
N GLY V 936 -10.68 -27.02 -31.07
CA GLY V 936 -11.94 -26.87 -31.79
C GLY V 936 -13.07 -27.74 -31.25
N TYR V 937 -13.96 -28.17 -32.13
CA TYR V 937 -15.19 -28.90 -31.82
C TYR V 937 -15.29 -30.26 -32.54
N PHE V 938 -15.99 -31.21 -31.93
CA PHE V 938 -16.34 -32.50 -32.53
C PHE V 938 -17.54 -32.36 -33.47
N MET V 939 -17.51 -33.04 -34.62
CA MET V 939 -18.65 -33.15 -35.54
C MET V 939 -19.26 -34.54 -35.53
N GLY V 940 -20.59 -34.62 -35.59
CA GLY V 940 -21.37 -35.85 -35.67
C GLY V 940 -22.10 -36.18 -34.37
N ARG V 941 -23.42 -36.39 -34.43
CA ARG V 941 -24.28 -36.57 -33.25
C ARG V 941 -24.07 -37.89 -32.51
N GLY V 942 -23.39 -38.87 -33.09
CA GLY V 942 -23.13 -40.16 -32.44
C GLY V 942 -21.93 -40.22 -31.50
N VAL V 943 -21.13 -39.16 -31.40
CA VAL V 943 -19.85 -39.17 -30.67
C VAL V 943 -20.04 -39.40 -29.16
N ASP V 944 -20.77 -38.54 -28.46
CA ASP V 944 -21.10 -38.71 -27.04
C ASP V 944 -22.33 -37.89 -26.64
N ARG V 945 -23.25 -38.47 -25.87
CA ARG V 945 -24.48 -37.80 -25.42
C ARG V 945 -24.26 -36.49 -24.64
N ASN V 946 -23.13 -36.30 -23.96
CA ASN V 946 -22.82 -35.03 -23.29
C ASN V 946 -22.59 -33.85 -24.25
N LEU V 947 -22.28 -34.13 -25.53
CA LEU V 947 -22.09 -33.11 -26.57
C LEU V 947 -23.42 -32.68 -27.23
N LEU V 948 -24.53 -33.37 -26.99
CA LEU V 948 -25.84 -33.06 -27.61
C LEU V 948 -26.46 -31.78 -27.04
N GLN V 949 -26.66 -30.77 -27.88
CA GLN V 949 -27.44 -29.56 -27.55
C GLN V 949 -28.94 -29.78 -27.75
N SER V 963 -21.14 -24.77 -28.03
CA SER V 963 -21.03 -23.42 -27.50
C SER V 963 -19.70 -22.76 -27.84
N MET V 964 -19.69 -21.42 -27.92
CA MET V 964 -18.47 -20.62 -27.95
C MET V 964 -17.59 -20.83 -26.71
N ARG V 965 -18.21 -20.88 -25.51
CA ARG V 965 -17.52 -20.70 -24.22
C ARG V 965 -17.26 -21.98 -23.42
N LYS V 966 -17.71 -23.15 -23.89
CA LYS V 966 -17.32 -24.46 -23.36
C LYS V 966 -16.80 -25.37 -24.48
N LYS V 967 -15.61 -25.95 -24.29
CA LYS V 967 -15.00 -26.96 -25.18
C LYS V 967 -14.67 -28.24 -24.41
N PHE V 968 -14.60 -29.37 -25.10
CA PHE V 968 -14.43 -30.70 -24.51
C PHE V 968 -13.16 -31.42 -25.02
N VAL V 969 -12.56 -32.21 -24.13
CA VAL V 969 -11.48 -33.19 -24.41
C VAL V 969 -11.86 -34.52 -23.75
N PHE V 970 -11.65 -35.66 -24.41
CA PHE V 970 -11.73 -36.97 -23.75
C PHE V 970 -10.41 -37.30 -23.06
N ALA V 971 -10.41 -37.76 -21.81
CA ALA V 971 -9.19 -38.12 -21.07
C ALA V 971 -9.31 -39.42 -20.26
N THR V 972 -8.32 -40.31 -20.35
CA THR V 972 -8.17 -41.51 -19.48
C THR V 972 -6.85 -41.43 -18.72
N PRO V 973 -6.81 -41.45 -17.39
CA PRO V 973 -5.55 -41.37 -16.62
C PRO V 973 -4.66 -42.62 -16.75
N THR V 974 -3.33 -42.47 -16.62
CA THR V 974 -2.39 -43.61 -16.62
C THR V 974 -1.70 -43.88 -15.28
N LEU V 975 -1.57 -42.89 -14.38
CA LEU V 975 -1.14 -43.13 -12.99
C LEU V 975 -2.12 -44.05 -12.25
N GLY V 976 -1.62 -45.12 -11.64
CA GLY V 976 -2.44 -46.16 -10.98
C GLY V 976 -3.03 -47.20 -11.92
N LEU V 977 -2.80 -47.10 -13.23
CA LEU V 977 -3.12 -48.14 -14.21
C LEU V 977 -1.83 -48.80 -14.70
N THR V 978 -0.97 -48.07 -15.43
CA THR V 978 0.28 -48.57 -16.03
C THR V 978 1.55 -47.95 -15.44
N VAL V 979 1.44 -46.84 -14.69
CA VAL V 979 2.55 -46.14 -14.01
C VAL V 979 2.26 -45.99 -12.51
N LYS V 980 3.23 -46.27 -11.65
CA LYS V 980 3.06 -46.27 -10.18
C LYS V 980 3.15 -44.86 -9.59
N ARG V 981 2.27 -44.52 -8.64
CA ARG V 981 2.29 -43.23 -7.91
C ARG V 981 3.50 -43.12 -6.98
N THR V 988 7.17 -38.98 8.79
CA THR V 988 7.80 -38.47 10.01
C THR V 988 7.68 -39.43 11.19
N TYR V 989 8.59 -39.32 12.17
CA TYR V 989 8.40 -39.88 13.50
C TYR V 989 7.37 -39.04 14.29
N GLU V 990 6.61 -39.66 15.20
CA GLU V 990 5.62 -38.94 16.02
C GLU V 990 6.24 -37.82 16.87
N ILE V 991 7.48 -37.99 17.36
CA ILE V 991 8.21 -36.93 18.07
C ILE V 991 8.51 -35.70 17.20
N GLU V 992 8.56 -35.81 15.88
CA GLU V 992 8.65 -34.65 14.98
C GLU V 992 7.31 -33.90 14.91
N ASN V 993 6.19 -34.60 14.93
CA ASN V 993 4.85 -34.00 14.87
C ASN V 993 4.49 -33.31 16.19
N ILE V 994 4.81 -33.91 17.36
CA ILE V 994 4.66 -33.21 18.65
C ILE V 994 5.47 -31.91 18.65
N ARG V 995 6.76 -31.97 18.25
CA ARG V 995 7.66 -30.82 18.15
C ARG V 995 7.14 -29.71 17.22
N ALA V 996 6.66 -30.05 16.02
CA ALA V 996 6.06 -29.07 15.12
C ALA V 996 4.81 -28.39 15.74
N GLY V 997 3.93 -29.16 16.38
CA GLY V 997 2.72 -28.60 17.02
C GLY V 997 3.01 -27.67 18.19
N LEU V 998 4.07 -27.93 18.97
CA LEU V 998 4.53 -27.02 20.02
C LEU V 998 5.16 -25.75 19.47
N GLU V 999 6.03 -25.83 18.45
CA GLU V 999 6.56 -24.62 17.81
C GLU V 999 5.46 -23.78 17.15
N ALA V 1000 4.39 -24.41 16.63
CA ALA V 1000 3.21 -23.72 16.09
C ALA V 1000 2.40 -22.98 17.17
N ILE V 1001 2.27 -23.52 18.38
CA ILE V 1001 1.64 -22.81 19.52
C ILE V 1001 2.50 -21.64 19.98
N ILE V 1002 3.76 -21.90 20.34
CA ILE V 1002 4.60 -20.89 21.01
C ILE V 1002 4.88 -19.68 20.08
N SER V 1003 5.02 -19.91 18.78
CA SER V 1003 5.20 -18.85 17.78
C SER V 1003 3.96 -17.97 17.55
N GLN V 1004 2.77 -18.38 18.03
CA GLN V 1004 1.52 -17.63 17.86
C GLN V 1004 0.96 -17.02 19.16
N LYS V 1005 1.15 -17.66 20.32
CA LYS V 1005 0.58 -17.21 21.59
C LYS V 1005 1.12 -15.83 21.99
N GLN V 1006 0.25 -14.83 22.06
CA GLN V 1006 0.56 -13.43 22.37
C GLN V 1006 -0.36 -12.87 23.46
N GLU V 1007 0.18 -11.95 24.26
CA GLU V 1007 -0.52 -11.28 25.37
C GLU V 1007 -0.93 -12.21 26.54
N GLU V 1008 -0.44 -13.45 26.57
CA GLU V 1008 -0.60 -14.43 27.65
C GLU V 1008 0.59 -15.39 27.74
N ASP V 1009 0.92 -15.86 28.94
CA ASP V 1009 1.97 -16.86 29.15
C ASP V 1009 1.55 -18.27 28.66
N CYS V 1010 2.42 -18.96 27.92
CA CYS V 1010 2.07 -20.16 27.13
C CYS V 1010 2.18 -21.52 27.85
N VAL V 1011 2.72 -21.60 29.07
CA VAL V 1011 3.10 -22.89 29.71
C VAL V 1011 1.91 -23.83 29.90
N PHE V 1012 0.73 -23.33 30.30
CA PHE V 1012 -0.47 -24.15 30.44
C PHE V 1012 -0.97 -24.72 29.11
N ASP V 1013 -0.92 -23.95 28.02
CA ASP V 1013 -1.32 -24.45 26.70
C ASP V 1013 -0.30 -25.46 26.09
N VAL V 1014 0.98 -25.33 26.41
CA VAL V 1014 2.00 -26.34 26.06
C VAL V 1014 1.80 -27.63 26.87
N VAL V 1015 1.62 -27.51 28.19
CA VAL V 1015 1.35 -28.67 29.07
C VAL V 1015 0.08 -29.43 28.66
N CYS V 1016 -0.98 -28.74 28.25
CA CYS V 1016 -2.19 -29.42 27.78
C CYS V 1016 -1.95 -30.18 26.46
N ASN V 1017 -1.20 -29.64 25.51
CA ASN V 1017 -0.85 -30.35 24.29
C ASN V 1017 0.03 -31.59 24.55
N LEU V 1018 0.98 -31.54 25.49
CA LEU V 1018 1.76 -32.71 25.91
C LEU V 1018 0.87 -33.78 26.59
N VAL V 1019 0.02 -33.38 27.53
CA VAL V 1019 -0.89 -34.33 28.22
C VAL V 1019 -1.89 -34.94 27.23
N ASP V 1020 -2.35 -34.22 26.21
CA ASP V 1020 -3.16 -34.80 25.13
C ASP V 1020 -2.38 -35.84 24.31
N ALA V 1021 -1.14 -35.53 23.87
CA ALA V 1021 -0.38 -36.40 22.98
C ALA V 1021 0.31 -37.61 23.66
N MET V 1022 0.63 -37.51 24.95
CA MET V 1022 1.38 -38.53 25.70
C MET V 1022 0.64 -39.10 26.92
N GLY V 1023 -0.38 -38.42 27.44
CA GLY V 1023 -1.14 -38.88 28.60
C GLY V 1023 -0.28 -39.19 29.83
N GLU V 1024 -0.45 -40.38 30.38
CA GLU V 1024 0.27 -40.86 31.58
C GLU V 1024 1.80 -40.89 31.40
N ALA V 1025 2.31 -41.00 30.17
CA ALA V 1025 3.74 -40.95 29.90
C ALA V 1025 4.40 -39.58 30.18
N CYS V 1026 3.63 -38.50 30.40
CA CYS V 1026 4.18 -37.23 30.87
C CYS V 1026 4.76 -37.31 32.30
N ALA V 1027 4.28 -38.23 33.12
CA ALA V 1027 4.64 -38.35 34.54
C ALA V 1027 6.15 -38.57 34.79
N SER V 1028 6.88 -39.06 33.79
CA SER V 1028 8.33 -39.32 33.84
C SER V 1028 9.10 -38.62 32.71
N LEU V 1029 8.53 -37.60 32.06
CA LEU V 1029 9.20 -36.85 30.98
C LEU V 1029 10.51 -36.23 31.50
N THR V 1030 11.64 -36.60 30.91
CA THR V 1030 12.97 -36.11 31.33
C THR V 1030 13.29 -34.76 30.67
N ARG V 1031 14.27 -34.03 31.19
CA ARG V 1031 14.68 -32.73 30.61
C ARG V 1031 15.28 -32.86 29.22
N ASP V 1032 16.03 -33.92 28.93
CA ASP V 1032 16.58 -34.17 27.58
C ASP V 1032 15.48 -34.42 26.54
N ASP V 1033 14.42 -35.18 26.87
CA ASP V 1033 13.25 -35.33 26.02
C ASP V 1033 12.46 -34.01 25.89
N ALA V 1034 12.19 -33.31 26.99
CA ALA V 1034 11.46 -32.04 26.96
C ALA V 1034 12.17 -30.97 26.11
N GLU V 1035 13.48 -30.81 26.25
CA GLU V 1035 14.27 -29.88 25.43
C GLU V 1035 14.20 -30.20 23.93
N TYR V 1036 14.23 -31.48 23.52
CA TYR V 1036 14.06 -31.86 22.11
C TYR V 1036 12.66 -31.48 21.59
N LEU V 1037 11.60 -31.78 22.33
CA LEU V 1037 10.21 -31.51 21.91
C LEU V 1037 9.91 -30.00 21.80
N LEU V 1038 10.47 -29.18 22.70
CA LEU V 1038 10.33 -27.71 22.65
C LEU V 1038 11.11 -27.04 21.50
N GLY V 1039 12.05 -27.74 20.86
CA GLY V 1039 12.76 -27.26 19.68
C GLY V 1039 13.50 -25.94 19.91
N ARG V 1040 13.19 -24.91 19.10
CA ARG V 1040 13.71 -23.54 19.21
C ARG V 1040 13.52 -22.90 20.58
N PHE V 1041 12.47 -23.27 21.30
CA PHE V 1041 12.06 -22.68 22.57
C PHE V 1041 12.46 -23.52 23.78
N SER V 1042 13.53 -24.32 23.68
CA SER V 1042 13.99 -25.25 24.72
C SER V 1042 14.26 -24.62 26.09
N VAL V 1043 14.43 -23.29 26.15
CA VAL V 1043 14.51 -22.54 27.41
C VAL V 1043 13.30 -22.75 28.33
N LEU V 1044 12.13 -23.10 27.78
CA LEU V 1044 10.89 -23.29 28.54
C LEU V 1044 10.86 -24.55 29.42
N ALA V 1045 11.80 -25.51 29.22
CA ALA V 1045 11.74 -26.87 29.77
C ALA V 1045 11.59 -26.95 31.29
N ASP V 1046 12.33 -26.16 32.08
CA ASP V 1046 12.22 -26.20 33.56
C ASP V 1046 10.82 -25.85 34.05
N SER V 1047 10.16 -24.87 33.42
CA SER V 1047 8.82 -24.45 33.80
C SER V 1047 7.73 -25.46 33.40
N VAL V 1048 7.90 -26.13 32.27
CA VAL V 1048 7.06 -27.28 31.86
C VAL V 1048 7.19 -28.43 32.86
N LEU V 1049 8.40 -28.83 33.24
CA LEU V 1049 8.61 -29.95 34.16
C LEU V 1049 8.12 -29.66 35.58
N GLU V 1050 8.35 -28.45 36.09
CA GLU V 1050 7.76 -28.01 37.36
C GLU V 1050 6.22 -28.03 37.30
N THR V 1051 5.61 -27.65 36.18
CA THR V 1051 4.15 -27.72 35.99
C THR V 1051 3.64 -29.17 35.93
N LEU V 1052 4.30 -30.09 35.21
CA LEU V 1052 3.90 -31.51 35.14
C LEU V 1052 3.98 -32.24 36.48
N ALA V 1053 4.97 -31.94 37.32
CA ALA V 1053 5.02 -32.42 38.69
C ALA V 1053 3.79 -32.01 39.54
N THR V 1054 3.21 -30.81 39.35
CA THR V 1054 1.98 -30.43 40.07
C THR V 1054 0.75 -31.25 39.65
N ILE V 1055 0.66 -31.65 38.37
CA ILE V 1055 -0.41 -32.55 37.89
C ILE V 1055 -0.20 -33.96 38.45
N ALA V 1056 1.04 -34.48 38.38
CA ALA V 1056 1.39 -35.79 38.93
C ALA V 1056 1.07 -35.93 40.44
N SER V 1057 1.47 -34.94 41.25
CA SER V 1057 1.31 -34.98 42.72
C SER V 1057 -0.10 -34.62 43.23
N SER V 1058 -0.88 -33.84 42.48
CA SER V 1058 -2.27 -33.52 42.85
C SER V 1058 -3.27 -34.64 42.56
N GLY V 1059 -2.84 -35.74 41.93
CA GLY V 1059 -3.62 -36.99 41.84
C GLY V 1059 -4.81 -36.96 40.87
N ILE V 1060 -4.97 -35.92 40.05
CA ILE V 1060 -5.89 -35.93 38.91
C ILE V 1060 -5.39 -36.89 37.81
N GLU V 1061 -6.30 -37.41 37.00
CA GLU V 1061 -5.97 -38.26 35.85
C GLU V 1061 -5.34 -37.47 34.69
N TRP V 1062 -4.52 -38.14 33.87
CA TRP V 1062 -3.79 -37.54 32.75
C TRP V 1062 -4.66 -37.33 31.49
N THR V 1063 -5.48 -36.29 31.50
CA THR V 1063 -6.25 -35.84 30.33
C THR V 1063 -6.34 -34.31 30.26
N ALA V 1064 -6.42 -33.74 29.05
CA ALA V 1064 -6.42 -32.30 28.83
C ALA V 1064 -7.56 -31.57 29.55
N GLU V 1065 -8.73 -32.21 29.69
CA GLU V 1065 -9.88 -31.66 30.43
C GLU V 1065 -9.61 -31.55 31.93
N ALA V 1066 -9.03 -32.58 32.55
CA ALA V 1066 -8.64 -32.56 33.97
C ALA V 1066 -7.44 -31.63 34.22
N ALA V 1067 -6.50 -31.53 33.28
CA ALA V 1067 -5.34 -30.65 33.40
C ALA V 1067 -5.77 -29.18 33.52
N ARG V 1068 -6.66 -28.70 32.63
CA ARG V 1068 -7.23 -27.35 32.76
C ARG V 1068 -8.00 -27.15 34.06
N ASP V 1069 -8.87 -28.10 34.43
CA ASP V 1069 -9.65 -28.03 35.67
C ASP V 1069 -8.78 -27.88 36.94
N PHE V 1070 -7.61 -28.52 37.00
CA PHE V 1070 -6.65 -28.27 38.08
C PHE V 1070 -5.89 -26.93 37.91
N LEU V 1071 -5.24 -26.71 36.76
CA LEU V 1071 -4.35 -25.56 36.55
C LEU V 1071 -5.07 -24.21 36.68
N GLU V 1072 -6.24 -24.06 36.07
CA GLU V 1072 -6.99 -22.80 36.04
C GLU V 1072 -7.72 -22.51 37.38
N GLY V 1073 -7.86 -23.50 38.26
CA GLY V 1073 -8.31 -23.31 39.64
C GLY V 1073 -7.14 -22.92 40.57
N VAL V 1074 -6.02 -23.64 40.48
CA VAL V 1074 -4.75 -23.30 41.13
C VAL V 1074 -4.08 -22.12 40.42
N ASP V 1083 0.26 -7.53 38.09
CA ASP V 1083 1.57 -7.35 38.75
C ASP V 1083 2.06 -5.89 38.64
N ASN V 1084 3.09 -5.52 39.42
CA ASN V 1084 3.87 -4.31 39.14
C ASN V 1084 4.50 -4.43 37.75
N PHE V 1085 4.52 -3.36 36.97
CA PHE V 1085 5.13 -3.31 35.64
C PHE V 1085 5.50 -1.86 35.28
N ILE V 1086 6.78 -1.49 35.35
CA ILE V 1086 7.27 -0.17 34.93
C ILE V 1086 7.55 -0.16 33.43
N SER V 1087 7.25 0.95 32.75
CA SER V 1087 7.59 1.17 31.33
C SER V 1087 9.04 1.67 31.16
N VAL V 1088 9.67 1.35 30.03
CA VAL V 1088 11.10 1.61 29.74
C VAL V 1088 11.27 2.41 28.44
N ALA V 1089 12.21 3.35 28.41
CA ALA V 1089 12.41 4.30 27.32
C ALA V 1089 12.59 3.66 25.94
N ASP X 9 0.68 0.50 -52.31
CA ASP X 9 1.26 1.04 -53.54
C ASP X 9 2.73 1.50 -53.35
N ASN X 10 3.48 1.72 -54.44
CA ASN X 10 4.92 2.01 -54.39
C ASN X 10 5.44 2.88 -55.55
N LEU X 11 6.63 3.48 -55.36
CA LEU X 11 7.29 4.35 -56.35
C LEU X 11 7.60 3.65 -57.69
N GLY X 12 7.79 2.32 -57.69
CA GLY X 12 7.99 1.54 -58.92
C GLY X 12 6.74 1.53 -59.80
N SER X 13 5.60 1.12 -59.24
CA SER X 13 4.29 1.12 -59.90
C SER X 13 3.91 2.49 -60.47
N GLN X 14 4.26 3.57 -59.76
CA GLN X 14 3.92 4.95 -60.14
C GLN X 14 4.82 5.56 -61.23
N SER X 15 5.99 4.99 -61.53
CA SER X 15 6.91 5.52 -62.56
C SER X 15 6.37 5.33 -63.99
N GLN X 16 6.68 6.26 -64.89
CA GLN X 16 6.18 6.28 -66.28
C GLN X 16 7.10 5.55 -67.27
N PRO X 17 6.55 5.01 -68.39
CA PRO X 17 7.31 4.59 -69.56
C PRO X 17 8.34 5.62 -70.08
N GLY X 18 9.45 5.14 -70.64
CA GLY X 18 10.49 5.98 -71.25
C GLY X 18 11.67 5.20 -71.83
N PRO X 19 12.70 5.90 -72.36
CA PRO X 19 13.89 5.30 -72.95
C PRO X 19 14.88 4.71 -71.92
N CYS X 20 15.89 3.98 -72.39
CA CYS X 20 16.93 3.37 -71.54
C CYS X 20 17.98 4.40 -71.01
N GLY X 21 18.08 5.57 -71.63
CA GLY X 21 18.96 6.68 -71.29
C GLY X 21 18.78 7.88 -72.24
N TYR X 22 19.59 8.92 -72.08
CA TYR X 22 19.61 10.12 -72.94
C TYR X 22 21.04 10.59 -73.25
N ILE X 23 21.25 11.17 -74.43
CA ILE X 23 22.40 12.03 -74.71
C ILE X 23 21.95 13.49 -74.55
N TYR X 24 22.60 14.25 -73.68
CA TYR X 24 22.42 15.70 -73.53
C TYR X 24 23.46 16.47 -74.35
N PHE X 25 23.04 17.51 -75.07
CA PHE X 25 23.89 18.47 -75.77
C PHE X 25 23.75 19.87 -75.14
N TYR X 26 24.84 20.46 -74.63
CA TYR X 26 24.86 21.80 -74.00
C TYR X 26 25.64 22.84 -74.83
N PRO X 27 25.12 24.05 -75.05
CA PRO X 27 25.79 25.06 -75.85
C PRO X 27 27.04 25.65 -75.16
N LEU X 28 28.18 25.60 -75.83
CA LEU X 28 29.46 26.08 -75.29
C LEU X 28 29.48 27.60 -75.03
N ALA X 29 28.70 28.40 -75.78
CA ALA X 29 28.68 29.86 -75.63
C ALA X 29 28.13 30.35 -74.28
N THR X 30 27.21 29.60 -73.65
CA THR X 30 26.53 30.02 -72.40
C THR X 30 26.70 29.08 -71.20
N TYR X 31 27.07 27.81 -71.39
CA TYR X 31 27.13 26.81 -70.31
C TYR X 31 28.26 27.13 -69.28
N PRO X 32 28.03 26.99 -67.95
CA PRO X 32 29.00 27.37 -66.91
C PRO X 32 30.11 26.34 -66.69
N LEU X 33 31.09 26.29 -67.60
CA LEU X 33 32.17 25.29 -67.64
C LEU X 33 33.05 25.26 -66.37
N ARG X 34 33.37 26.40 -65.74
CA ARG X 34 34.17 26.43 -64.50
C ARG X 34 33.42 25.92 -63.29
N GLU X 35 32.10 26.08 -63.21
CA GLU X 35 31.29 25.48 -62.14
C GLU X 35 31.30 23.95 -62.23
N VAL X 36 30.96 23.35 -63.38
CA VAL X 36 30.97 21.88 -63.50
C VAL X 36 32.34 21.28 -63.25
N ALA X 37 33.42 21.95 -63.66
CA ALA X 37 34.77 21.48 -63.39
C ALA X 37 35.08 21.29 -61.89
N THR X 38 34.53 22.11 -60.98
CA THR X 38 34.74 21.93 -59.53
C THR X 38 34.06 20.69 -58.95
N LEU X 39 33.00 20.18 -59.60
CA LEU X 39 32.31 18.94 -59.24
C LEU X 39 32.79 17.73 -60.05
N GLY X 40 33.71 17.90 -61.01
CA GLY X 40 34.15 16.85 -61.94
C GLY X 40 35.43 16.09 -61.57
N THR X 41 35.79 15.11 -62.40
CA THR X 41 36.99 14.26 -62.28
C THR X 41 38.01 14.49 -63.40
N GLY X 42 38.13 15.71 -63.91
CA GLY X 42 39.03 16.03 -65.02
C GLY X 42 40.52 16.04 -64.65
N TYR X 43 41.35 15.35 -65.42
CA TYR X 43 42.82 15.41 -65.36
C TYR X 43 43.39 16.14 -66.58
N ALA X 44 44.64 16.59 -66.55
CA ALA X 44 45.27 17.27 -67.69
C ALA X 44 45.44 16.31 -68.90
N GLY X 45 44.89 16.67 -70.06
CA GLY X 45 44.91 15.84 -71.27
C GLY X 45 43.75 14.84 -71.43
N HIS X 46 42.73 14.86 -70.56
CA HIS X 46 41.58 13.94 -70.63
C HIS X 46 40.82 14.00 -71.97
N ARG X 47 40.17 12.88 -72.32
CA ARG X 47 39.27 12.75 -73.48
C ARG X 47 37.84 12.43 -73.03
N CYS X 48 37.65 12.06 -71.76
CA CYS X 48 36.37 11.87 -71.09
C CYS X 48 36.47 12.19 -69.58
N LEU X 49 35.38 12.56 -68.91
CA LEU X 49 35.29 12.72 -67.45
C LEU X 49 33.88 12.50 -66.91
N THR X 50 33.77 12.27 -65.60
CA THR X 50 32.50 12.15 -64.87
C THR X 50 32.16 13.39 -64.07
N VAL X 51 30.86 13.66 -63.99
CA VAL X 51 30.20 14.73 -63.23
C VAL X 51 28.93 14.16 -62.56
N PRO X 52 28.41 14.75 -61.48
CA PRO X 52 27.16 14.29 -60.86
C PRO X 52 25.90 14.62 -61.70
N LEU X 53 24.85 13.80 -61.61
CA LEU X 53 23.51 14.14 -62.08
C LEU X 53 22.82 15.14 -61.10
N LEU X 54 22.58 16.37 -61.54
CA LEU X 54 21.96 17.46 -60.76
C LEU X 54 20.98 18.29 -61.59
N CYS X 55 19.79 18.54 -61.05
CA CYS X 55 18.77 19.37 -61.68
C CYS X 55 19.20 20.85 -61.70
N GLY X 56 19.25 21.46 -62.88
CA GLY X 56 19.64 22.85 -63.08
C GLY X 56 21.11 23.08 -63.42
N ILE X 57 21.93 22.04 -63.55
CA ILE X 57 23.29 22.15 -64.12
C ILE X 57 23.68 21.01 -65.05
N THR X 58 23.25 19.76 -64.82
CA THR X 58 23.53 18.65 -65.75
C THR X 58 22.28 18.00 -66.33
N VAL X 59 21.12 18.09 -65.67
CA VAL X 59 19.79 17.76 -66.24
C VAL X 59 18.81 18.89 -65.99
N GLU X 60 17.70 18.95 -66.74
CA GLU X 60 16.69 19.98 -66.57
C GLU X 60 15.90 19.81 -65.25
N PRO X 61 15.37 20.89 -64.66
CA PRO X 61 14.46 20.80 -63.51
C PRO X 61 13.29 19.87 -63.78
N GLY X 62 12.94 19.04 -62.80
CA GLY X 62 11.84 18.08 -62.92
C GLY X 62 12.21 16.76 -63.61
N PHE X 63 13.49 16.47 -63.83
CA PHE X 63 13.97 15.17 -64.31
C PHE X 63 13.46 14.03 -63.42
N SER X 64 12.90 12.98 -64.01
CA SER X 64 12.45 11.81 -63.26
C SER X 64 13.55 10.76 -63.14
N ILE X 65 14.03 10.51 -61.92
CA ILE X 65 15.09 9.53 -61.64
C ILE X 65 14.59 8.08 -61.68
N ASN X 66 13.29 7.81 -61.56
CA ASN X 66 12.68 6.48 -61.67
C ASN X 66 11.88 6.36 -62.98
N VAL X 67 11.97 5.24 -63.69
CA VAL X 67 11.31 5.03 -65.00
C VAL X 67 10.93 3.56 -65.21
N LYS X 68 9.95 3.32 -66.09
CA LYS X 68 9.77 2.04 -66.77
C LYS X 68 10.44 2.10 -68.14
N ALA X 69 11.58 1.45 -68.31
CA ALA X 69 12.35 1.50 -69.56
C ALA X 69 11.79 0.49 -70.58
N LEU X 70 11.43 0.94 -71.79
CA LEU X 70 11.07 0.05 -72.90
C LEU X 70 12.35 -0.54 -73.52
N HIS X 71 12.62 -1.83 -73.27
CA HIS X 71 13.92 -2.44 -73.60
C HIS X 71 13.86 -3.58 -74.63
N ARG X 72 12.69 -4.20 -74.85
CA ARG X 72 12.52 -5.30 -75.80
C ARG X 72 11.17 -5.25 -76.49
N ARG X 73 11.13 -5.46 -77.82
CA ARG X 73 9.90 -5.78 -78.56
C ARG X 73 9.99 -7.22 -79.06
N PRO X 74 9.31 -8.20 -78.42
CA PRO X 74 9.34 -9.60 -78.86
C PRO X 74 8.83 -9.80 -80.31
N ASP X 75 7.86 -8.97 -80.72
CA ASP X 75 7.45 -8.73 -82.10
C ASP X 75 7.06 -7.24 -82.23
N PRO X 76 6.93 -6.69 -83.44
CA PRO X 76 6.61 -5.26 -83.66
C PRO X 76 5.38 -4.70 -82.94
N ASN X 77 4.51 -5.54 -82.39
CA ASN X 77 3.24 -5.15 -81.78
C ASN X 77 3.15 -5.36 -80.26
N CYS X 78 4.24 -5.73 -79.59
CA CYS X 78 4.31 -5.88 -78.13
C CYS X 78 5.57 -5.24 -77.54
N GLY X 79 5.45 -4.51 -76.43
CA GLY X 79 6.58 -3.97 -75.68
C GLY X 79 6.74 -4.60 -74.30
N LEU X 80 7.99 -4.75 -73.84
CA LEU X 80 8.30 -5.15 -72.47
C LEU X 80 8.95 -4.01 -71.67
N LEU X 81 8.52 -3.81 -70.43
CA LEU X 81 8.93 -2.73 -69.54
C LEU X 81 9.72 -3.24 -68.32
N ARG X 82 10.86 -2.62 -68.04
CA ARG X 82 11.73 -2.86 -66.86
C ARG X 82 11.72 -1.62 -65.95
N ALA X 83 11.37 -1.76 -64.69
CA ALA X 83 11.42 -0.65 -63.73
C ALA X 83 12.86 -0.46 -63.19
N THR X 84 13.40 0.75 -63.31
CA THR X 84 14.78 1.06 -62.90
C THR X 84 14.92 2.54 -62.51
N SER X 85 15.79 2.81 -61.54
CA SER X 85 16.32 4.15 -61.32
C SER X 85 17.49 4.48 -62.26
N TYR X 86 17.82 5.76 -62.38
CA TYR X 86 19.01 6.26 -63.08
C TYR X 86 20.33 5.93 -62.35
N HIS X 87 21.41 5.82 -63.11
CA HIS X 87 22.77 5.85 -62.56
C HIS X 87 23.14 7.26 -62.11
N ARG X 88 23.80 7.36 -60.97
CA ARG X 88 24.17 8.58 -60.25
C ARG X 88 25.17 9.50 -60.98
N ASP X 89 26.10 8.96 -61.77
CA ASP X 89 27.09 9.72 -62.54
C ASP X 89 26.67 9.96 -64.00
N ILE X 90 27.04 11.11 -64.56
CA ILE X 90 26.94 11.47 -65.98
C ILE X 90 28.35 11.46 -66.60
N TYR X 91 28.49 10.88 -67.79
CA TYR X 91 29.75 10.73 -68.52
C TYR X 91 29.85 11.74 -69.67
N VAL X 92 30.80 12.67 -69.61
CA VAL X 92 31.00 13.78 -70.56
C VAL X 92 32.06 13.39 -71.60
N PHE X 93 31.67 13.17 -72.86
CA PHE X 93 32.48 12.44 -73.85
C PHE X 93 32.78 13.17 -75.18
N HIS X 94 32.00 14.18 -75.57
CA HIS X 94 32.18 14.96 -76.81
C HIS X 94 32.57 16.41 -76.50
N ASN X 95 33.68 16.91 -77.08
CA ASN X 95 34.33 18.19 -76.74
C ASN X 95 34.76 18.31 -75.26
N ALA X 96 35.06 17.20 -74.57
CA ALA X 96 35.41 17.18 -73.15
C ALA X 96 36.64 18.02 -72.76
N HIS X 97 37.55 18.33 -73.69
CA HIS X 97 38.69 19.23 -73.51
C HIS X 97 38.29 20.66 -73.09
N MET X 98 37.04 21.07 -73.36
CA MET X 98 36.47 22.35 -72.95
C MET X 98 36.18 22.46 -71.45
N VAL X 99 36.11 21.36 -70.69
CA VAL X 99 35.91 21.38 -69.23
C VAL X 99 37.28 21.41 -68.53
N PRO X 100 37.62 22.41 -67.71
CA PRO X 100 38.89 22.45 -66.97
C PRO X 100 39.15 21.21 -66.08
N PRO X 101 40.41 20.79 -65.89
CA PRO X 101 40.74 19.74 -64.94
C PRO X 101 40.56 20.19 -63.47
N ILE X 102 40.32 19.23 -62.57
CA ILE X 102 40.26 19.46 -61.12
C ILE X 102 41.67 19.50 -60.47
N PHE X 103 42.67 18.88 -61.09
CA PHE X 103 44.06 18.79 -60.63
C PHE X 103 45.04 19.07 -61.77
N GLU X 104 46.06 19.89 -61.55
CA GLU X 104 46.96 20.39 -62.62
C GLU X 104 48.17 19.49 -62.91
N GLY X 105 48.47 18.49 -62.08
CA GLY X 105 49.66 17.67 -62.22
C GLY X 105 49.64 16.81 -63.51
N PRO X 106 50.71 16.83 -64.33
CA PRO X 106 50.79 16.05 -65.57
C PRO X 106 51.14 14.56 -65.37
N GLY X 107 50.98 13.74 -66.41
CA GLY X 107 51.50 12.37 -66.50
C GLY X 107 50.70 11.24 -65.86
N LEU X 108 49.45 11.45 -65.44
CA LEU X 108 48.70 10.47 -64.63
C LEU X 108 48.24 9.24 -65.43
N GLU X 109 47.98 9.39 -66.72
CA GLU X 109 47.47 8.31 -67.56
C GLU X 109 48.49 7.16 -67.76
N ALA X 110 49.76 7.51 -68.00
CA ALA X 110 50.87 6.55 -68.06
C ALA X 110 51.19 5.91 -66.70
N LEU X 111 51.16 6.68 -65.61
CA LEU X 111 51.34 6.18 -64.24
C LEU X 111 50.30 5.12 -63.88
N CYS X 112 49.03 5.37 -64.21
CA CYS X 112 47.95 4.40 -64.01
C CYS X 112 48.15 3.12 -64.84
N GLY X 113 48.58 3.24 -66.11
CA GLY X 113 48.79 2.10 -67.00
C GLY X 113 49.91 1.18 -66.54
N GLU X 114 51.04 1.75 -66.13
CA GLU X 114 52.18 1.02 -65.58
C GLU X 114 51.80 0.27 -64.30
N THR X 115 51.09 0.94 -63.38
CA THR X 115 50.72 0.39 -62.08
C THR X 115 49.64 -0.71 -62.20
N ARG X 116 48.68 -0.57 -63.12
CA ARG X 116 47.66 -1.59 -63.42
C ARG X 116 48.31 -2.91 -63.87
N GLU X 117 49.39 -2.84 -64.64
CA GLU X 117 50.10 -4.01 -65.14
C GLU X 117 50.87 -4.75 -64.03
N VAL X 118 51.59 -4.05 -63.14
CA VAL X 118 52.33 -4.73 -62.05
C VAL X 118 51.43 -5.42 -61.03
N PHE X 119 50.20 -4.93 -60.80
CA PHE X 119 49.18 -5.62 -59.98
C PHE X 119 48.41 -6.72 -60.75
N GLY X 120 48.68 -6.91 -62.06
CA GLY X 120 48.04 -7.95 -62.87
C GLY X 120 46.59 -7.68 -63.27
N TYR X 121 46.15 -6.42 -63.27
CA TYR X 121 44.78 -6.02 -63.62
C TYR X 121 44.55 -5.84 -65.13
N ASP X 122 43.34 -6.13 -65.54
CA ASP X 122 42.83 -6.06 -66.92
C ASP X 122 42.59 -4.61 -67.41
N ALA X 123 43.27 -4.19 -68.48
CA ALA X 123 43.03 -2.91 -69.17
C ALA X 123 41.82 -2.95 -70.11
N TYR X 124 41.21 -1.81 -70.43
CA TYR X 124 40.09 -1.77 -71.37
C TYR X 124 40.52 -2.21 -72.78
N SER X 125 39.81 -3.18 -73.36
CA SER X 125 40.03 -3.64 -74.73
C SER X 125 38.94 -3.08 -75.64
N ALA X 126 39.32 -2.21 -76.57
CA ALA X 126 38.41 -1.57 -77.51
C ALA X 126 37.78 -2.55 -78.51
N LEU X 127 36.53 -2.29 -78.90
CA LEU X 127 35.87 -2.97 -80.01
C LEU X 127 36.65 -2.77 -81.33
N PRO X 128 36.53 -3.66 -82.33
CA PRO X 128 37.18 -3.50 -83.64
C PRO X 128 36.57 -2.38 -84.53
N ARG X 129 35.35 -1.93 -84.30
CA ARG X 129 34.76 -0.76 -84.99
C ARG X 129 35.38 0.58 -84.54
N GLU X 130 35.23 1.63 -85.34
CA GLU X 130 35.42 3.01 -84.86
C GLU X 130 34.29 3.50 -83.94
N SER X 131 34.56 4.51 -83.10
CA SER X 131 33.53 5.31 -82.42
C SER X 131 32.52 5.93 -83.40
N SER X 132 31.26 6.05 -82.98
CA SER X 132 30.21 6.73 -83.75
C SER X 132 30.62 8.14 -84.14
N LYS X 133 30.51 8.48 -85.43
CA LYS X 133 30.73 9.83 -85.95
C LYS X 133 29.64 10.78 -85.47
N PRO X 134 29.92 12.07 -85.19
CA PRO X 134 28.94 13.03 -84.69
C PRO X 134 27.61 13.05 -85.47
N GLY X 135 27.65 13.09 -86.80
CA GLY X 135 26.45 13.07 -87.65
C GLY X 135 25.53 11.85 -87.50
N ASP X 136 25.97 10.77 -86.85
CA ASP X 136 25.13 9.61 -86.52
C ASP X 136 24.24 9.82 -85.29
N PHE X 137 24.65 10.63 -84.30
CA PHE X 137 23.93 10.77 -83.02
C PHE X 137 23.47 12.21 -82.70
N PHE X 138 24.06 13.24 -83.33
CA PHE X 138 23.59 14.62 -83.22
C PHE X 138 22.19 14.82 -83.85
N PRO X 139 21.31 15.64 -83.23
CA PRO X 139 20.09 16.15 -83.86
C PRO X 139 20.35 16.83 -85.22
N GLU X 140 19.32 16.98 -86.03
CA GLU X 140 19.35 17.69 -87.31
C GLU X 140 19.75 19.18 -87.17
N GLY X 141 20.75 19.62 -87.95
CA GLY X 141 21.15 21.02 -88.08
C GLY X 141 22.11 21.57 -87.01
N LEU X 142 22.20 20.99 -85.81
CA LEU X 142 23.17 21.42 -84.79
C LEU X 142 24.62 21.19 -85.24
N ASP X 143 25.48 22.17 -85.03
CA ASP X 143 26.91 22.09 -85.30
C ASP X 143 27.66 21.33 -84.19
N PRO X 144 28.31 20.18 -84.47
CA PRO X 144 29.06 19.44 -83.45
C PRO X 144 30.17 20.24 -82.76
N SER X 145 30.76 21.24 -83.42
CA SER X 145 31.79 22.10 -82.82
C SER X 145 31.26 23.11 -81.79
N ALA X 146 29.95 23.38 -81.78
CA ALA X 146 29.32 24.37 -80.89
C ALA X 146 28.79 23.80 -79.55
N TYR X 147 28.84 22.48 -79.35
CA TYR X 147 28.19 21.80 -78.23
C TYR X 147 29.11 20.87 -77.44
N LEU X 148 28.81 20.70 -76.15
CA LEU X 148 29.37 19.71 -75.23
C LEU X 148 28.41 18.50 -75.16
N GLY X 149 28.90 17.26 -75.31
CA GLY X 149 28.04 16.05 -75.28
C GLY X 149 28.29 15.11 -74.11
N ALA X 150 27.22 14.64 -73.46
CA ALA X 150 27.27 13.78 -72.28
C ALA X 150 26.11 12.77 -72.21
N VAL X 151 26.31 11.61 -71.59
CA VAL X 151 25.30 10.54 -71.41
C VAL X 151 24.77 10.47 -69.98
N ALA X 152 23.45 10.41 -69.82
CA ALA X 152 22.75 9.96 -68.62
C ALA X 152 22.14 8.57 -68.88
N ILE X 153 22.33 7.61 -67.98
CA ILE X 153 22.04 6.19 -68.24
C ILE X 153 21.29 5.52 -67.07
N THR X 154 20.36 4.62 -67.37
CA THR X 154 19.68 3.85 -66.32
C THR X 154 20.57 2.76 -65.74
N GLU X 155 20.38 2.47 -64.46
CA GLU X 155 21.24 1.56 -63.69
C GLU X 155 21.20 0.11 -64.23
N ALA X 156 20.07 -0.33 -64.80
CA ALA X 156 19.89 -1.65 -65.39
C ALA X 156 20.53 -1.86 -66.79
N PHE X 157 20.79 -0.79 -67.55
CA PHE X 157 21.28 -0.84 -68.94
C PHE X 157 22.68 -0.19 -69.16
N LYS X 158 23.40 0.17 -68.10
CA LYS X 158 24.76 0.75 -68.19
C LYS X 158 25.82 -0.21 -68.75
N GLU X 159 25.71 -1.53 -68.59
CA GLU X 159 26.62 -2.45 -69.27
C GLU X 159 26.38 -2.49 -70.79
N ARG X 160 25.13 -2.32 -71.23
CA ARG X 160 24.77 -2.19 -72.66
C ARG X 160 25.35 -0.92 -73.28
N LEU X 161 25.44 0.19 -72.53
CA LEU X 161 26.16 1.39 -72.95
C LEU X 161 27.65 1.09 -73.16
N TYR X 162 28.30 0.46 -72.17
CA TYR X 162 29.69 0.04 -72.24
C TYR X 162 29.98 -0.86 -73.45
N SER X 163 29.11 -1.84 -73.73
CA SER X 163 29.30 -2.86 -74.77
C SER X 163 28.87 -2.42 -76.18
N GLY X 164 28.33 -1.20 -76.36
CA GLY X 164 27.97 -0.68 -77.69
C GLY X 164 26.64 -1.21 -78.26
N ASN X 165 25.72 -1.62 -77.39
CA ASN X 165 24.45 -2.25 -77.72
C ASN X 165 23.21 -1.34 -77.61
N LEU X 166 23.35 -0.05 -77.32
CA LEU X 166 22.26 0.93 -77.39
C LEU X 166 22.17 1.59 -78.77
N VAL X 167 21.01 2.10 -79.12
CA VAL X 167 20.70 2.85 -80.36
C VAL X 167 20.23 4.26 -80.01
N ALA X 168 20.83 5.31 -80.59
CA ALA X 168 20.35 6.68 -80.50
C ALA X 168 19.35 7.01 -81.64
N ILE X 169 18.31 7.79 -81.35
CA ILE X 169 17.25 8.14 -82.32
C ILE X 169 17.10 9.67 -82.44
N PRO X 170 17.98 10.37 -83.18
CA PRO X 170 17.98 11.84 -83.29
C PRO X 170 16.65 12.51 -83.67
N SER X 171 15.77 11.87 -84.43
CA SER X 171 14.47 12.45 -84.82
C SER X 171 13.54 12.68 -83.63
N LEU X 172 13.71 11.91 -82.54
CA LEU X 172 12.98 12.07 -81.29
C LEU X 172 13.60 13.11 -80.35
N LYS X 173 14.38 14.09 -80.85
CA LYS X 173 14.93 15.18 -80.02
C LYS X 173 13.87 15.90 -79.19
N GLN X 174 14.28 16.38 -78.03
CA GLN X 174 13.50 17.28 -77.18
C GLN X 174 14.36 18.47 -76.73
N GLU X 175 13.82 19.68 -76.78
CA GLU X 175 14.51 20.90 -76.35
C GLU X 175 14.19 21.18 -74.87
N VAL X 176 15.23 21.41 -74.07
CA VAL X 176 15.15 21.48 -72.59
C VAL X 176 16.05 22.60 -72.05
N ALA X 177 15.60 23.29 -71.01
CA ALA X 177 16.37 24.34 -70.35
C ALA X 177 17.18 23.75 -69.18
N VAL X 178 18.52 23.89 -69.20
CA VAL X 178 19.41 23.41 -68.14
C VAL X 178 20.09 24.61 -67.49
N GLY X 179 19.54 25.04 -66.35
CA GLY X 179 19.86 26.36 -65.78
C GLY X 179 19.40 27.45 -66.75
N GLN X 180 20.32 28.33 -67.17
CA GLN X 180 20.06 29.30 -68.23
C GLN X 180 20.12 28.73 -69.65
N SER X 181 20.90 27.66 -69.86
CA SER X 181 21.31 27.23 -71.20
C SER X 181 20.24 26.46 -71.96
N ALA X 182 19.97 26.89 -73.20
CA ALA X 182 19.09 26.21 -74.15
C ALA X 182 19.76 24.92 -74.65
N SER X 183 19.38 23.77 -74.10
CA SER X 183 20.01 22.46 -74.38
C SER X 183 19.08 21.56 -75.21
N VAL X 184 19.61 20.45 -75.69
CA VAL X 184 18.82 19.44 -76.42
C VAL X 184 19.10 18.05 -75.83
N ARG X 185 18.13 17.14 -75.81
CA ARG X 185 18.39 15.71 -75.53
C ARG X 185 17.86 14.78 -76.61
N VAL X 186 18.56 13.67 -76.83
CA VAL X 186 18.18 12.55 -77.74
C VAL X 186 18.04 11.27 -76.91
N PRO X 187 17.00 10.45 -77.11
CA PRO X 187 16.81 9.20 -76.35
C PRO X 187 17.74 8.06 -76.83
N LEU X 188 18.06 7.14 -75.93
CA LEU X 188 18.75 5.86 -76.18
C LEU X 188 17.82 4.65 -75.92
N TYR X 189 17.76 3.69 -76.85
CA TYR X 189 17.02 2.43 -76.68
C TYR X 189 17.91 1.20 -76.87
N ASP X 190 17.71 0.12 -76.12
CA ASP X 190 18.43 -1.14 -76.34
C ASP X 190 18.11 -1.75 -77.73
N LYS X 191 19.10 -2.24 -78.47
CA LYS X 191 18.89 -2.79 -79.82
C LYS X 191 17.84 -3.91 -79.89
N GLU X 192 17.49 -4.54 -78.78
CA GLU X 192 16.38 -5.49 -78.67
C GLU X 192 14.98 -4.90 -78.85
N VAL X 193 14.81 -3.57 -78.96
CA VAL X 193 13.55 -2.97 -79.45
C VAL X 193 13.40 -3.03 -80.97
N PHE X 194 14.40 -3.50 -81.72
CA PHE X 194 14.31 -3.69 -83.18
C PHE X 194 14.41 -5.19 -83.54
N PRO X 195 13.32 -5.96 -83.46
CA PRO X 195 13.36 -7.40 -83.75
C PRO X 195 13.82 -7.77 -85.17
N GLU X 196 13.60 -6.94 -86.20
CA GLU X 196 14.17 -7.20 -87.53
C GLU X 196 15.68 -6.90 -87.63
N GLY X 197 16.27 -6.33 -86.59
CA GLY X 197 17.67 -5.91 -86.51
C GLY X 197 17.91 -4.50 -87.06
N VAL X 198 19.00 -3.88 -86.59
CA VAL X 198 19.61 -2.65 -87.14
C VAL X 198 21.07 -2.94 -87.51
N PRO X 199 21.67 -2.30 -88.53
CA PRO X 199 23.07 -2.53 -88.89
C PRO X 199 24.04 -2.28 -87.72
N GLN X 200 25.13 -3.06 -87.62
CA GLN X 200 26.07 -2.96 -86.50
C GLN X 200 26.65 -1.55 -86.30
N LEU X 201 26.89 -0.78 -87.37
CA LEU X 201 27.35 0.61 -87.26
C LEU X 201 26.25 1.64 -86.95
N ARG X 202 24.97 1.26 -86.97
CA ARG X 202 23.84 2.11 -86.55
C ARG X 202 23.68 2.18 -85.02
N GLN X 203 24.28 1.26 -84.27
CA GLN X 203 24.38 1.28 -82.81
C GLN X 203 25.37 2.35 -82.33
N PHE X 204 25.17 2.87 -81.13
CA PHE X 204 25.99 3.91 -80.53
C PHE X 204 27.19 3.34 -79.78
N TYR X 205 28.40 3.78 -80.11
CA TYR X 205 29.63 3.38 -79.41
C TYR X 205 30.62 4.54 -79.29
N ASN X 206 31.20 4.75 -78.12
CA ASN X 206 32.34 5.65 -77.97
C ASN X 206 33.44 5.00 -77.12
N SER X 207 34.63 4.85 -77.69
CA SER X 207 35.73 4.16 -77.03
C SER X 207 36.26 4.90 -75.80
N ASP X 208 36.30 6.23 -75.80
CA ASP X 208 36.73 7.00 -74.64
C ASP X 208 35.74 6.89 -73.47
N LEU X 209 34.43 6.89 -73.75
CA LEU X 209 33.39 6.65 -72.76
C LEU X 209 33.51 5.25 -72.14
N SER X 210 33.63 4.19 -72.95
CA SER X 210 33.74 2.82 -72.42
C SER X 210 35.01 2.64 -71.58
N ARG X 211 36.17 3.16 -72.03
CA ARG X 211 37.41 3.17 -71.25
C ARG X 211 37.28 3.93 -69.92
N CYS X 212 36.62 5.08 -69.88
CA CYS X 212 36.36 5.81 -68.65
C CYS X 212 35.51 4.98 -67.65
N MET X 213 34.39 4.38 -68.08
CA MET X 213 33.61 3.44 -67.25
C MET X 213 34.42 2.25 -66.74
N HIS X 214 35.29 1.67 -67.56
CA HIS X 214 36.15 0.55 -67.17
C HIS X 214 37.01 0.88 -65.95
N GLU X 215 37.66 2.03 -65.99
CA GLU X 215 38.58 2.52 -64.96
C GLU X 215 37.83 3.11 -63.76
N ALA X 216 36.94 4.07 -63.97
CA ALA X 216 36.30 4.82 -62.91
C ALA X 216 35.12 4.11 -62.23
N LEU X 217 34.45 3.16 -62.88
CA LEU X 217 33.32 2.41 -62.30
C LEU X 217 33.67 0.95 -61.97
N TYR X 218 33.94 0.13 -62.99
CA TYR X 218 33.99 -1.32 -62.84
C TYR X 218 35.24 -1.85 -62.13
N THR X 219 36.40 -1.22 -62.27
CA THR X 219 37.64 -1.67 -61.63
C THR X 219 37.54 -1.65 -60.09
N GLY X 220 36.90 -0.65 -59.49
CA GLY X 220 36.70 -0.59 -58.05
C GLY X 220 35.74 -1.65 -57.52
N LEU X 221 34.73 -2.04 -58.30
CA LEU X 221 33.83 -3.16 -57.96
C LEU X 221 34.57 -4.51 -58.01
N ALA X 222 35.43 -4.71 -59.00
CA ALA X 222 36.33 -5.86 -59.05
C ALA X 222 37.29 -5.91 -57.85
N GLN X 223 37.91 -4.79 -57.45
CA GLN X 223 38.72 -4.71 -56.24
C GLN X 223 37.93 -5.07 -54.97
N ALA X 224 36.68 -4.63 -54.84
CA ALA X 224 35.81 -5.00 -53.71
C ALA X 224 35.49 -6.51 -53.59
N LEU X 225 35.54 -7.25 -54.70
CA LEU X 225 35.35 -8.72 -54.74
C LEU X 225 36.68 -9.51 -54.75
N ARG X 226 37.84 -8.84 -54.86
CA ARG X 226 39.18 -9.41 -55.14
C ARG X 226 39.22 -10.23 -56.44
N VAL X 227 38.77 -9.62 -57.53
CA VAL X 227 38.81 -10.11 -58.92
C VAL X 227 39.73 -9.22 -59.75
N ARG X 228 40.58 -9.77 -60.64
CA ARG X 228 41.47 -9.04 -61.57
C ARG X 228 40.91 -8.86 -62.98
N ARG X 229 40.06 -9.79 -63.41
CA ARG X 229 39.48 -9.88 -64.76
C ARG X 229 38.25 -8.98 -64.90
N VAL X 230 38.48 -7.66 -65.05
CA VAL X 230 37.42 -6.63 -65.05
C VAL X 230 36.45 -6.81 -66.22
N GLY X 231 36.93 -7.05 -67.44
CA GLY X 231 36.10 -7.25 -68.62
C GLY X 231 35.12 -8.42 -68.50
N LYS X 232 35.55 -9.55 -67.92
CA LYS X 232 34.68 -10.68 -67.57
C LYS X 232 33.67 -10.36 -66.45
N LEU X 233 34.01 -9.54 -65.46
CA LEU X 233 33.03 -9.03 -64.51
C LEU X 233 31.94 -8.17 -65.19
N VAL X 234 32.28 -7.31 -66.15
CA VAL X 234 31.28 -6.54 -66.90
C VAL X 234 30.35 -7.44 -67.71
N GLU X 235 30.89 -8.45 -68.39
CA GLU X 235 30.09 -9.42 -69.15
C GLU X 235 29.08 -10.20 -68.29
N LEU X 236 29.47 -10.68 -67.10
CA LEU X 236 28.54 -11.40 -66.24
C LEU X 236 27.49 -10.50 -65.57
N LEU X 237 27.78 -9.22 -65.30
CA LEU X 237 26.78 -8.26 -64.82
C LEU X 237 25.72 -7.94 -65.90
N GLU X 238 26.11 -7.81 -67.17
CA GLU X 238 25.18 -7.59 -68.28
C GLU X 238 24.17 -8.75 -68.43
N LYS X 239 24.67 -9.98 -68.50
CA LYS X 239 23.83 -11.18 -68.62
C LYS X 239 22.92 -11.39 -67.41
N GLN X 240 23.38 -11.04 -66.19
CA GLN X 240 22.54 -11.04 -65.01
C GLN X 240 21.36 -10.05 -65.13
N SER X 241 21.56 -8.87 -65.70
CA SER X 241 20.49 -7.89 -65.90
C SER X 241 19.50 -8.33 -66.99
N LEU X 242 19.98 -8.84 -68.12
CA LEU X 242 19.12 -9.11 -69.29
C LEU X 242 18.48 -10.50 -69.33
N GLN X 243 19.01 -11.49 -68.62
CA GLN X 243 18.58 -12.90 -68.67
C GLN X 243 18.22 -13.47 -67.30
N ASP X 244 17.94 -12.61 -66.31
CA ASP X 244 17.41 -12.95 -64.98
C ASP X 244 18.24 -13.95 -64.15
N GLN X 245 19.57 -13.97 -64.31
CA GLN X 245 20.47 -14.99 -63.74
C GLN X 245 20.81 -14.81 -62.23
N ALA X 246 20.03 -14.06 -61.45
CA ALA X 246 20.35 -13.74 -60.07
C ALA X 246 20.56 -14.97 -59.15
N LYS X 247 19.81 -16.05 -59.33
CA LYS X 247 19.93 -17.31 -58.54
C LYS X 247 20.93 -18.33 -59.13
N VAL X 248 21.68 -17.98 -60.16
CA VAL X 248 22.74 -18.82 -60.76
C VAL X 248 24.12 -18.35 -60.31
N ALA X 249 24.99 -19.25 -59.84
CA ALA X 249 26.37 -18.90 -59.48
C ALA X 249 27.20 -18.52 -60.72
N LYS X 250 28.06 -17.50 -60.62
CA LYS X 250 28.74 -16.90 -61.78
C LYS X 250 30.13 -16.31 -61.51
N VAL X 251 30.42 -15.76 -60.33
CA VAL X 251 31.74 -15.16 -60.06
C VAL X 251 32.80 -16.15 -59.61
N ALA X 252 32.43 -17.31 -59.05
CA ALA X 252 33.38 -18.26 -58.46
C ALA X 252 34.59 -18.63 -59.36
N PRO X 253 34.46 -18.86 -60.68
CA PRO X 253 35.61 -19.10 -61.57
C PRO X 253 36.66 -17.97 -61.62
N LEU X 254 36.26 -16.72 -61.41
CA LEU X 254 37.15 -15.56 -61.44
C LEU X 254 37.95 -15.35 -60.14
N LYS X 255 37.60 -16.04 -59.05
CA LYS X 255 38.22 -15.88 -57.72
C LYS X 255 39.68 -16.34 -57.67
N GLU X 256 40.44 -15.76 -56.75
CA GLU X 256 41.86 -16.02 -56.49
C GLU X 256 42.15 -15.95 -54.99
N PHE X 257 43.11 -16.75 -54.50
CA PHE X 257 43.35 -16.94 -53.07
C PHE X 257 44.83 -16.77 -52.70
N PRO X 258 45.17 -16.17 -51.55
CA PRO X 258 46.54 -16.03 -51.06
C PRO X 258 47.05 -17.29 -50.33
N ALA X 259 48.36 -17.36 -50.10
CA ALA X 259 49.03 -18.48 -49.43
C ALA X 259 48.53 -18.72 -47.99
N SER X 260 48.10 -17.69 -47.26
CA SER X 260 47.47 -17.81 -45.93
C SER X 260 46.12 -18.55 -45.97
N THR X 261 45.39 -18.51 -47.08
CA THR X 261 44.16 -19.28 -47.30
C THR X 261 44.46 -20.69 -47.82
N ILE X 262 45.41 -20.86 -48.74
CA ILE X 262 45.77 -22.16 -49.31
C ILE X 262 46.45 -23.08 -48.28
N SER X 263 47.31 -22.54 -47.41
CA SER X 263 48.02 -23.28 -46.35
C SER X 263 47.15 -23.53 -45.09
N HIS X 264 45.91 -23.07 -45.06
CA HIS X 264 45.05 -23.12 -43.86
C HIS X 264 44.50 -24.55 -43.60
N PRO X 265 44.39 -25.00 -42.34
CA PRO X 265 43.83 -26.32 -42.03
C PRO X 265 42.37 -26.49 -42.46
N ASP X 266 41.58 -25.41 -42.45
CA ASP X 266 40.20 -25.38 -42.97
C ASP X 266 40.10 -24.78 -44.39
N SER X 267 41.19 -24.78 -45.18
CA SER X 267 41.24 -24.13 -46.49
C SER X 267 40.08 -24.49 -47.43
N GLY X 268 39.62 -25.74 -47.49
CA GLY X 268 38.50 -26.14 -48.34
C GLY X 268 37.17 -25.44 -48.00
N ALA X 269 36.86 -25.35 -46.70
CA ALA X 269 35.69 -24.63 -46.21
C ALA X 269 35.83 -23.10 -46.36
N LEU X 270 37.03 -22.57 -46.16
CA LEU X 270 37.34 -21.14 -46.34
C LEU X 270 37.16 -20.70 -47.80
N MET X 271 37.66 -21.46 -48.77
CA MET X 271 37.47 -21.15 -50.20
C MET X 271 36.00 -21.17 -50.62
N ILE X 272 35.17 -22.08 -50.07
CA ILE X 272 33.72 -22.10 -50.29
C ILE X 272 33.02 -20.90 -49.63
N VAL X 273 33.33 -20.54 -48.38
CA VAL X 273 32.69 -19.39 -47.71
C VAL X 273 33.04 -18.05 -48.37
N ASP X 274 34.31 -17.83 -48.71
CA ASP X 274 34.79 -16.62 -49.41
C ASP X 274 34.15 -16.47 -50.80
N SER X 275 34.04 -17.57 -51.56
CA SER X 275 33.37 -17.57 -52.86
C SER X 275 31.87 -17.31 -52.76
N ALA X 276 31.16 -17.96 -51.83
CA ALA X 276 29.72 -17.81 -51.66
C ALA X 276 29.32 -16.39 -51.19
N ALA X 277 30.12 -15.78 -50.30
CA ALA X 277 29.93 -14.38 -49.91
C ALA X 277 30.00 -13.41 -51.10
N CYS X 278 30.96 -13.60 -52.01
CA CYS X 278 31.08 -12.77 -53.22
C CYS X 278 29.93 -13.01 -54.20
N GLU X 279 29.51 -14.26 -54.42
CA GLU X 279 28.34 -14.57 -55.25
C GLU X 279 27.08 -13.84 -54.76
N LEU X 280 26.82 -13.86 -53.45
CA LEU X 280 25.67 -13.21 -52.83
C LEU X 280 25.71 -11.68 -52.97
N ALA X 281 26.88 -11.04 -52.78
CA ALA X 281 27.04 -9.61 -53.02
C ALA X 281 26.75 -9.21 -54.47
N VAL X 282 27.22 -9.99 -55.45
CA VAL X 282 26.89 -9.78 -56.88
C VAL X 282 25.42 -10.08 -57.21
N SER X 283 24.74 -11.01 -56.55
CA SER X 283 23.29 -11.21 -56.72
C SER X 283 22.48 -10.02 -56.18
N TYR X 284 22.75 -9.53 -54.98
CA TYR X 284 21.87 -8.58 -54.29
C TYR X 284 22.23 -7.09 -54.43
N ALA X 285 23.51 -6.70 -54.54
CA ALA X 285 23.85 -5.27 -54.62
C ALA X 285 23.28 -4.57 -55.88
N PRO X 286 23.40 -5.11 -57.10
CA PRO X 286 22.78 -4.51 -58.29
C PRO X 286 21.26 -4.37 -58.19
N ALA X 287 20.55 -5.37 -57.65
CA ALA X 287 19.09 -5.30 -57.47
C ALA X 287 18.67 -4.12 -56.56
N MET X 288 19.34 -3.94 -55.44
CA MET X 288 19.08 -2.80 -54.55
C MET X 288 19.47 -1.45 -55.16
N LEU X 289 20.54 -1.38 -55.94
CA LEU X 289 20.93 -0.15 -56.65
C LEU X 289 19.96 0.23 -57.77
N GLU X 290 19.41 -0.73 -58.52
CA GLU X 290 18.41 -0.52 -59.59
C GLU X 290 17.02 -0.13 -59.08
N ALA X 291 16.68 -0.44 -57.83
CA ALA X 291 15.35 -0.17 -57.25
C ALA X 291 14.92 1.29 -57.35
N SER X 292 13.61 1.57 -57.21
CA SER X 292 13.08 2.93 -57.26
C SER X 292 13.41 3.69 -55.96
N HIS X 293 13.98 4.90 -56.05
CA HIS X 293 14.47 5.67 -54.89
C HIS X 293 13.69 6.97 -54.71
N GLU X 294 13.56 7.44 -53.47
CA GLU X 294 13.06 8.80 -53.17
C GLU X 294 13.96 9.89 -53.76
N THR X 295 13.39 11.02 -54.18
CA THR X 295 14.14 12.17 -54.72
C THR X 295 14.49 13.16 -53.61
N PRO X 296 15.76 13.31 -53.18
CA PRO X 296 16.13 14.27 -52.13
C PRO X 296 16.01 15.73 -52.58
N ALA X 297 15.78 16.65 -51.66
CA ALA X 297 15.81 18.10 -51.95
C ALA X 297 17.20 18.62 -52.34
N SER X 298 18.27 17.91 -51.96
CA SER X 298 19.65 18.24 -52.29
C SER X 298 20.00 18.04 -53.77
N LEU X 299 19.16 17.34 -54.55
CA LEU X 299 19.37 17.11 -55.98
C LEU X 299 19.08 18.36 -56.86
N ASN X 300 18.47 19.39 -56.27
CA ASN X 300 18.09 20.63 -56.95
C ASN X 300 19.14 21.74 -56.75
N TYR X 301 20.06 21.91 -57.70
CA TYR X 301 21.23 22.79 -57.59
C TYR X 301 20.91 24.29 -57.49
N ASP X 302 19.78 24.73 -58.05
CA ASP X 302 19.38 26.14 -58.00
C ASP X 302 18.72 26.55 -56.67
N SER X 303 18.24 25.61 -55.85
CA SER X 303 17.82 25.86 -54.47
C SER X 303 18.91 25.65 -53.41
N TRP X 304 20.17 25.32 -53.76
CA TRP X 304 21.24 25.17 -52.76
C TRP X 304 21.50 26.48 -52.00
N PRO X 305 21.35 26.50 -50.67
CA PRO X 305 21.61 27.70 -49.87
C PRO X 305 23.03 28.28 -49.97
N LEU X 306 24.06 27.47 -50.23
CA LEU X 306 25.45 27.95 -50.20
C LEU X 306 25.74 29.10 -51.18
N PHE X 307 24.96 29.27 -52.26
CA PHE X 307 25.07 30.36 -53.22
C PHE X 307 24.34 31.66 -52.82
N ALA X 308 23.56 31.68 -51.74
CA ALA X 308 22.58 32.75 -51.49
C ALA X 308 23.14 34.19 -51.36
N ASP X 309 24.39 34.36 -50.92
CA ASP X 309 25.08 35.66 -50.85
C ASP X 309 26.02 35.94 -52.04
N CYS X 310 26.14 35.05 -53.02
CA CYS X 310 27.04 35.20 -54.17
C CYS X 310 26.53 36.21 -55.21
N GLU X 311 27.41 37.09 -55.70
CA GLU X 311 27.18 37.90 -56.89
C GLU X 311 28.24 37.61 -57.97
N GLY X 312 27.80 37.11 -59.13
CA GLY X 312 28.64 36.82 -60.29
C GLY X 312 29.40 35.47 -60.25
N PRO X 313 29.99 35.06 -61.39
CA PRO X 313 30.61 33.74 -61.54
C PRO X 313 31.80 33.46 -60.62
N GLU X 314 32.64 34.44 -60.29
CA GLU X 314 33.80 34.24 -59.41
C GLU X 314 33.39 33.87 -57.98
N ALA X 315 32.37 34.53 -57.45
CA ALA X 315 31.82 34.23 -56.13
C ALA X 315 31.21 32.83 -56.08
N ARG X 316 30.54 32.37 -57.16
CA ARG X 316 29.95 31.02 -57.25
C ARG X 316 31.02 29.93 -57.28
N VAL X 317 32.10 30.09 -58.05
CA VAL X 317 33.23 29.15 -58.06
C VAL X 317 33.95 29.11 -56.71
N ALA X 318 34.20 30.25 -56.07
CA ALA X 318 34.81 30.30 -54.75
C ALA X 318 33.95 29.66 -53.64
N ALA X 319 32.62 29.76 -53.73
CA ALA X 319 31.69 29.08 -52.84
C ALA X 319 31.72 27.55 -52.99
N LEU X 320 31.86 27.04 -54.21
CA LEU X 320 32.03 25.61 -54.48
C LEU X 320 33.36 25.08 -53.91
N HIS X 321 34.46 25.84 -54.00
CA HIS X 321 35.73 25.45 -53.38
C HIS X 321 35.64 25.35 -51.85
N ARG X 322 34.95 26.27 -51.16
CA ARG X 322 34.66 26.15 -49.71
C ARG X 322 33.80 24.92 -49.40
N TYR X 323 32.77 24.66 -50.21
CA TYR X 323 31.98 23.44 -50.09
C TYR X 323 32.84 22.16 -50.18
N ASN X 324 33.73 22.05 -51.18
CA ASN X 324 34.63 20.91 -51.34
C ASN X 324 35.58 20.72 -50.15
N ALA X 325 36.16 21.80 -49.61
CA ALA X 325 37.01 21.73 -48.43
C ALA X 325 36.29 21.11 -47.20
N SER X 326 35.00 21.38 -47.01
CA SER X 326 34.19 20.78 -45.94
C SER X 326 33.95 19.26 -46.08
N LEU X 327 34.11 18.68 -47.28
CA LEU X 327 34.06 17.23 -47.53
C LEU X 327 35.43 16.53 -47.48
N ALA X 328 36.55 17.24 -47.62
CA ALA X 328 37.89 16.63 -47.71
C ALA X 328 38.24 15.65 -46.56
N PRO X 329 37.92 15.91 -45.28
CA PRO X 329 38.25 14.97 -44.20
C PRO X 329 37.64 13.58 -44.36
N HIS X 330 36.46 13.45 -44.98
CA HIS X 330 35.88 12.14 -45.34
C HIS X 330 36.76 11.40 -46.35
N VAL X 331 37.20 12.09 -47.40
CA VAL X 331 38.02 11.50 -48.47
C VAL X 331 39.43 11.17 -47.97
N SER X 332 40.09 12.08 -47.25
CA SER X 332 41.46 11.82 -46.75
C SER X 332 41.49 10.73 -45.68
N THR X 333 40.43 10.56 -44.88
CA THR X 333 40.33 9.46 -43.92
C THR X 333 40.34 8.10 -44.62
N GLN X 334 39.62 7.95 -45.73
CA GLN X 334 39.64 6.74 -46.55
C GLN X 334 40.99 6.48 -47.24
N ILE X 335 41.89 7.46 -47.33
CA ILE X 335 43.29 7.24 -47.78
C ILE X 335 44.23 6.95 -46.60
N PHE X 336 44.18 7.72 -45.52
CA PHE X 336 45.14 7.64 -44.42
C PHE X 336 44.88 6.47 -43.45
N ALA X 337 43.66 5.96 -43.31
CA ALA X 337 43.32 4.93 -42.33
C ALA X 337 43.76 3.52 -42.79
N THR X 338 44.50 2.80 -41.94
CA THR X 338 44.96 1.43 -42.20
C THR X 338 43.79 0.47 -42.46
N ASN X 339 42.64 0.71 -41.82
CA ASN X 339 41.42 -0.08 -41.94
C ASN X 339 40.33 0.57 -42.84
N SER X 340 40.74 1.37 -43.81
CA SER X 340 39.88 1.87 -44.89
C SER X 340 39.24 0.75 -45.71
N VAL X 341 38.01 0.94 -46.17
CA VAL X 341 37.32 0.03 -47.12
C VAL X 341 38.10 -0.18 -48.42
N LEU X 342 38.94 0.78 -48.83
CA LEU X 342 39.80 0.68 -50.01
C LEU X 342 40.93 -0.37 -49.87
N TYR X 343 41.25 -0.83 -48.67
CA TYR X 343 42.35 -1.78 -48.37
C TYR X 343 41.89 -3.15 -47.86
N VAL X 344 40.60 -3.49 -48.00
CA VAL X 344 40.06 -4.83 -47.66
C VAL X 344 40.72 -5.90 -48.53
N SER X 345 41.26 -6.93 -47.89
CA SER X 345 42.15 -7.94 -48.50
C SER X 345 41.52 -9.32 -48.70
N GLY X 346 40.37 -9.63 -48.09
CA GLY X 346 39.72 -10.93 -48.19
C GLY X 346 39.04 -11.43 -46.92
N VAL X 347 38.81 -12.74 -46.85
CA VAL X 347 38.17 -13.42 -45.70
C VAL X 347 39.18 -14.37 -45.05
N SER X 348 39.17 -14.46 -43.73
CA SER X 348 40.01 -15.40 -42.96
C SER X 348 39.22 -16.05 -41.82
N LYS X 349 39.78 -17.13 -41.25
CA LYS X 349 39.16 -17.91 -40.15
C LYS X 349 40.07 -17.94 -38.92
N SER X 350 39.46 -17.81 -37.75
CA SER X 350 40.12 -17.77 -36.44
C SER X 350 41.11 -18.91 -36.18
N GLU X 356 37.74 -15.93 -31.37
CA GLU X 356 36.39 -15.63 -31.84
C GLU X 356 35.37 -16.73 -31.48
N SER X 357 34.15 -16.31 -31.12
CA SER X 357 32.99 -17.22 -30.98
C SER X 357 32.54 -17.79 -32.33
N LEU X 358 31.71 -18.85 -32.33
CA LEU X 358 31.37 -19.63 -33.52
C LEU X 358 30.90 -18.78 -34.71
N PHE X 359 29.91 -17.91 -34.52
CA PHE X 359 29.37 -17.09 -35.61
C PHE X 359 30.31 -15.96 -36.05
N ASN X 360 31.24 -15.53 -35.21
CA ASN X 360 32.29 -14.56 -35.54
C ASN X 360 33.56 -15.19 -36.15
N SER X 361 33.67 -16.52 -36.21
CA SER X 361 34.92 -17.23 -36.53
C SER X 361 35.47 -16.96 -37.94
N PHE X 362 34.62 -16.71 -38.94
CA PHE X 362 35.01 -16.16 -40.24
C PHE X 362 34.84 -14.64 -40.24
N TYR X 363 35.80 -13.89 -40.76
CA TYR X 363 35.80 -12.42 -40.76
C TYR X 363 36.56 -11.77 -41.93
N MET X 364 36.25 -10.50 -42.22
CA MET X 364 36.95 -9.68 -43.22
C MET X 364 38.34 -9.21 -42.73
N THR X 365 39.35 -9.27 -43.60
CA THR X 365 40.73 -8.82 -43.34
C THR X 365 41.13 -7.59 -44.16
N HIS X 366 42.15 -6.85 -43.74
CA HIS X 366 42.75 -5.73 -44.47
C HIS X 366 44.27 -5.84 -44.55
N GLY X 367 44.87 -5.25 -45.59
CA GLY X 367 46.33 -5.10 -45.68
C GLY X 367 46.85 -4.99 -47.10
N LEU X 368 47.60 -3.91 -47.38
CA LEU X 368 48.26 -3.68 -48.67
C LEU X 368 49.39 -4.67 -48.97
N GLY X 369 50.10 -5.17 -47.95
CA GLY X 369 51.10 -6.23 -48.11
C GLY X 369 50.47 -7.50 -48.69
N THR X 370 49.30 -7.90 -48.18
CA THR X 370 48.54 -9.03 -48.71
C THR X 370 48.11 -8.82 -50.16
N LEU X 371 47.67 -7.60 -50.50
CA LEU X 371 47.26 -7.26 -51.86
C LEU X 371 48.41 -7.27 -52.88
N GLN X 372 49.67 -7.16 -52.47
CA GLN X 372 50.84 -7.33 -53.36
C GLN X 372 51.21 -8.78 -53.67
N GLU X 373 50.77 -9.77 -52.89
CA GLU X 373 51.24 -11.16 -53.01
C GLU X 373 50.72 -11.91 -54.24
N GLY X 374 51.42 -12.98 -54.63
CA GLY X 374 50.92 -13.97 -55.60
C GLY X 374 49.74 -14.78 -55.07
N THR X 375 49.00 -15.39 -55.97
CA THR X 375 47.72 -16.09 -55.72
C THR X 375 47.63 -17.44 -56.43
N TRP X 376 46.61 -18.23 -56.04
CA TRP X 376 46.21 -19.50 -56.62
C TRP X 376 44.73 -19.48 -57.01
N ASP X 377 44.35 -20.25 -58.02
CA ASP X 377 42.98 -20.34 -58.56
C ASP X 377 42.07 -21.29 -57.75
N PRO X 378 40.75 -21.40 -58.04
CA PRO X 378 39.84 -22.32 -57.35
C PRO X 378 40.21 -23.82 -57.42
N CYS X 379 41.11 -24.23 -58.31
CA CYS X 379 41.64 -25.59 -58.43
C CYS X 379 43.07 -25.69 -57.87
N ARG X 380 43.48 -24.74 -57.02
CA ARG X 380 44.79 -24.69 -56.34
C ARG X 380 46.00 -24.62 -57.27
N ARG X 381 45.83 -24.18 -58.52
CA ARG X 381 46.94 -23.94 -59.46
C ARG X 381 47.46 -22.51 -59.32
N PRO X 382 48.75 -22.22 -59.55
CA PRO X 382 49.28 -20.85 -59.52
C PRO X 382 48.54 -19.89 -60.46
N CYS X 383 48.35 -18.64 -60.06
CA CYS X 383 47.54 -17.65 -60.78
C CYS X 383 48.31 -16.34 -61.02
N PHE X 384 48.12 -15.30 -60.19
CA PHE X 384 48.99 -14.11 -60.21
C PHE X 384 50.32 -14.41 -59.51
N SER X 385 51.45 -13.89 -60.03
CA SER X 385 52.80 -14.12 -59.47
C SER X 385 53.21 -13.16 -58.34
N GLY X 386 52.45 -12.10 -58.07
CA GLY X 386 52.82 -11.09 -57.07
C GLY X 386 53.73 -9.98 -57.59
N TRP X 387 53.92 -8.95 -56.77
CA TRP X 387 54.79 -7.81 -57.02
C TRP X 387 55.71 -7.53 -55.83
N GLY X 388 57.00 -7.29 -56.10
CA GLY X 388 58.02 -7.06 -55.06
C GLY X 388 58.00 -5.65 -54.43
N GLY X 389 57.13 -4.76 -54.93
CA GLY X 389 57.12 -3.35 -54.56
C GLY X 389 58.09 -2.49 -55.40
N PRO X 390 58.17 -1.18 -55.12
CA PRO X 390 59.02 -0.23 -55.84
C PRO X 390 60.51 -0.62 -55.83
N GLY X 394 61.22 5.50 -53.93
CA GLY X 394 60.59 6.79 -53.66
C GLY X 394 60.94 7.38 -52.28
N THR X 395 60.48 8.62 -52.04
CA THR X 395 60.92 9.43 -50.89
C THR X 395 60.50 8.91 -49.50
N ASN X 396 59.49 8.02 -49.41
CA ASN X 396 59.09 7.40 -48.12
C ASN X 396 59.93 6.15 -47.74
N GLY X 397 60.83 5.70 -48.61
CA GLY X 397 61.78 4.60 -48.34
C GLY X 397 61.22 3.16 -48.37
N PRO X 398 62.08 2.15 -48.21
CA PRO X 398 61.75 0.73 -48.37
C PRO X 398 60.71 0.20 -47.36
N GLY X 399 59.81 -0.68 -47.82
CA GLY X 399 58.77 -1.32 -46.98
C GLY X 399 57.62 -0.40 -46.56
N ASN X 400 57.66 0.87 -46.93
CA ASN X 400 56.65 1.88 -46.59
C ASN X 400 55.71 2.16 -47.76
N TYR X 401 54.59 2.82 -47.49
CA TYR X 401 53.60 3.24 -48.48
C TYR X 401 54.25 4.13 -49.55
N ALA X 402 53.94 3.90 -50.81
CA ALA X 402 54.50 4.56 -51.98
C ALA X 402 53.37 5.11 -52.88
N VAL X 403 53.71 5.96 -53.85
CA VAL X 403 52.69 6.53 -54.76
C VAL X 403 51.88 5.44 -55.49
N GLU X 404 52.47 4.28 -55.79
CA GLU X 404 51.74 3.15 -56.37
C GLU X 404 50.58 2.65 -55.48
N HIS X 405 50.68 2.71 -54.16
CA HIS X 405 49.58 2.37 -53.25
C HIS X 405 48.42 3.38 -53.32
N LEU X 406 48.72 4.67 -53.52
CA LEU X 406 47.69 5.68 -53.80
C LEU X 406 47.02 5.42 -55.17
N VAL X 407 47.78 5.03 -56.19
CA VAL X 407 47.22 4.66 -57.50
C VAL X 407 46.31 3.44 -57.37
N TYR X 408 46.70 2.40 -56.63
CA TYR X 408 45.86 1.26 -56.27
C TYR X 408 44.56 1.64 -55.53
N ALA X 409 44.60 2.56 -54.56
CA ALA X 409 43.41 3.09 -53.89
C ALA X 409 42.44 3.78 -54.86
N ALA X 410 42.95 4.50 -55.87
CA ALA X 410 42.17 5.14 -56.92
C ALA X 410 41.79 4.23 -58.11
N SER X 411 41.84 2.90 -57.97
CA SER X 411 41.46 1.92 -59.01
C SER X 411 42.17 2.06 -60.35
N PHE X 412 43.42 2.55 -60.36
CA PHE X 412 44.22 2.79 -61.56
C PHE X 412 43.51 3.72 -62.57
N SER X 413 42.67 4.62 -62.08
CA SER X 413 41.87 5.54 -62.89
C SER X 413 42.45 6.94 -62.79
N PRO X 414 42.93 7.55 -63.89
CA PRO X 414 43.43 8.93 -63.86
C PRO X 414 42.35 9.95 -63.48
N ASN X 415 41.08 9.71 -63.82
CA ASN X 415 39.95 10.55 -63.39
C ASN X 415 39.76 10.53 -61.86
N LEU X 416 39.66 9.35 -61.23
CA LEU X 416 39.55 9.24 -59.78
C LEU X 416 40.80 9.79 -59.06
N LEU X 417 42.00 9.46 -59.54
CA LEU X 417 43.27 9.89 -58.94
C LEU X 417 43.42 11.41 -58.92
N ALA X 418 43.06 12.12 -60.00
CA ALA X 418 43.01 13.57 -60.05
C ALA X 418 42.12 14.17 -58.96
N ARG X 419 40.90 13.66 -58.74
CA ARG X 419 40.02 14.17 -57.67
C ARG X 419 40.50 13.80 -56.26
N TYR X 420 41.11 12.65 -56.03
CA TYR X 420 41.79 12.33 -54.76
C TYR X 420 42.91 13.33 -54.47
N ALA X 421 43.78 13.64 -55.44
CA ALA X 421 44.86 14.61 -55.26
C ALA X 421 44.34 16.02 -54.95
N TYR X 422 43.27 16.44 -55.62
CA TYR X 422 42.59 17.68 -55.28
C TYR X 422 42.12 17.76 -53.82
N TYR X 423 41.53 16.71 -53.25
CA TYR X 423 41.16 16.69 -51.83
C TYR X 423 42.38 16.67 -50.91
N LEU X 424 43.43 15.91 -51.23
CA LEU X 424 44.67 15.88 -50.44
C LEU X 424 45.39 17.24 -50.39
N GLN X 425 45.25 18.11 -51.38
CA GLN X 425 45.76 19.49 -51.34
C GLN X 425 45.16 20.37 -50.22
N PHE X 426 44.02 20.04 -49.63
CA PHE X 426 43.48 20.73 -48.44
C PHE X 426 44.10 20.27 -47.11
N CYS X 427 44.84 19.16 -47.09
CA CYS X 427 45.39 18.56 -45.88
C CYS X 427 46.68 19.24 -45.38
N GLN X 428 46.81 19.39 -44.07
CA GLN X 428 48.03 19.85 -43.39
C GLN X 428 49.13 18.76 -43.42
N GLY X 429 50.38 19.19 -43.54
CA GLY X 429 51.54 18.33 -43.33
C GLY X 429 51.83 18.12 -41.84
N GLN X 430 52.33 16.93 -41.49
CA GLN X 430 52.75 16.58 -40.14
C GLN X 430 54.10 15.87 -40.21
N LYS X 431 55.19 16.62 -40.11
CA LYS X 431 56.57 16.08 -40.08
C LYS X 431 56.76 15.16 -38.87
N SER X 432 57.29 13.96 -39.08
CA SER X 432 57.56 12.94 -38.05
C SER X 432 58.63 13.38 -37.04
N VAL X 437 63.97 17.41 -42.47
CA VAL X 437 63.40 17.45 -43.82
C VAL X 437 63.77 18.77 -44.50
N PRO X 438 64.10 18.77 -45.82
CA PRO X 438 64.29 20.01 -46.59
C PRO X 438 63.11 20.99 -46.46
N GLU X 439 63.40 22.28 -46.47
CA GLU X 439 62.35 23.32 -46.55
C GLU X 439 61.57 23.20 -47.86
N THR X 440 60.29 23.61 -47.88
CA THR X 440 59.41 23.40 -49.04
C THR X 440 60.00 23.99 -50.32
N GLY X 441 60.49 25.23 -50.28
CA GLY X 441 61.05 25.93 -51.43
C GLY X 441 62.38 25.37 -51.92
N SER X 442 63.21 24.83 -51.04
CA SER X 442 64.44 24.11 -51.47
C SER X 442 64.14 22.69 -51.98
N TYR X 443 63.01 22.08 -51.63
CA TYR X 443 62.54 20.87 -52.32
C TYR X 443 61.97 21.20 -53.70
N VAL X 444 61.06 22.19 -53.82
CA VAL X 444 60.44 22.59 -55.10
C VAL X 444 61.47 23.09 -56.13
N ALA X 445 62.46 23.88 -55.72
CA ALA X 445 63.54 24.32 -56.62
C ALA X 445 64.64 23.25 -56.83
N GLY X 446 64.80 22.34 -55.86
CA GLY X 446 65.79 21.25 -55.89
C GLY X 446 65.23 19.97 -56.51
N ALA X 447 65.12 18.90 -55.73
CA ALA X 447 64.80 17.55 -56.23
C ALA X 447 63.48 17.44 -57.02
N ALA X 448 62.48 18.29 -56.78
CA ALA X 448 61.25 18.29 -57.59
C ALA X 448 61.46 18.67 -59.07
N ALA X 449 62.51 19.46 -59.37
CA ALA X 449 62.83 19.97 -60.70
C ALA X 449 63.77 19.06 -61.51
N SER X 450 64.10 17.87 -61.01
CA SER X 450 64.99 16.92 -61.69
C SER X 450 64.37 16.33 -62.96
N PRO X 451 65.11 16.23 -64.09
CA PRO X 451 64.60 15.68 -65.33
C PRO X 451 64.32 14.17 -65.26
N MET X 452 64.74 13.48 -64.18
CA MET X 452 64.42 12.09 -63.91
C MET X 452 62.94 11.81 -63.56
N CYS X 453 62.14 12.83 -63.19
CA CYS X 453 60.72 12.64 -62.83
C CYS X 453 59.88 12.18 -64.04
N SER X 454 59.33 10.97 -63.99
CA SER X 454 58.49 10.39 -65.06
C SER X 454 57.08 10.96 -65.17
N LEU X 455 56.70 11.92 -64.32
CA LEU X 455 55.39 12.61 -64.38
C LEU X 455 55.47 13.97 -65.10
N CYS X 456 56.41 14.84 -64.72
CA CYS X 456 56.53 16.21 -65.24
C CYS X 456 57.86 16.56 -65.90
N GLU X 457 58.85 15.65 -65.96
CA GLU X 457 60.20 15.93 -66.47
C GLU X 457 60.91 17.08 -65.74
N GLY X 458 60.49 17.42 -64.52
CA GLY X 458 60.92 18.61 -63.78
C GLY X 458 60.25 19.92 -64.22
N ARG X 459 59.43 19.91 -65.29
CA ARG X 459 58.82 21.10 -65.92
C ARG X 459 57.53 21.61 -65.27
N ALA X 460 57.07 21.01 -64.16
CA ALA X 460 55.95 21.48 -63.33
C ALA X 460 56.12 21.13 -61.83
N PRO X 461 57.16 21.63 -61.14
CA PRO X 461 57.59 21.07 -59.87
C PRO X 461 56.64 21.34 -58.69
N ALA X 462 55.87 22.42 -58.70
CA ALA X 462 55.04 22.83 -57.56
C ALA X 462 53.71 22.09 -57.44
N VAL X 463 53.09 21.70 -58.56
CA VAL X 463 51.82 20.94 -58.61
C VAL X 463 51.99 19.42 -58.78
N CYS X 464 53.17 18.92 -59.15
CA CYS X 464 53.38 17.50 -59.41
C CYS X 464 52.92 16.59 -58.25
N LEU X 465 52.32 15.43 -58.59
CA LEU X 465 51.82 14.45 -57.63
C LEU X 465 52.91 13.97 -56.66
N ASN X 466 54.15 13.81 -57.12
CA ASN X 466 55.28 13.48 -56.26
C ASN X 466 55.62 14.58 -55.24
N THR X 467 55.38 15.86 -55.54
CA THR X 467 55.53 16.96 -54.56
C THR X 467 54.45 16.90 -53.49
N LEU X 468 53.18 16.68 -53.87
CA LEU X 468 52.08 16.47 -52.94
C LEU X 468 52.33 15.24 -52.04
N PHE X 469 52.77 14.14 -52.63
CA PHE X 469 53.13 12.92 -51.90
C PHE X 469 54.26 13.16 -50.90
N PHE X 470 55.31 13.88 -51.28
CA PHE X 470 56.42 14.22 -50.39
C PHE X 470 55.96 15.05 -49.17
N ARG X 471 55.07 16.01 -49.37
CA ARG X 471 54.47 16.86 -48.34
C ARG X 471 53.65 16.08 -47.29
N LEU X 472 52.88 15.07 -47.72
CA LEU X 472 51.96 14.29 -46.86
C LEU X 472 52.51 12.92 -46.39
N ARG X 473 53.78 12.64 -46.69
CA ARG X 473 54.51 11.37 -46.53
C ARG X 473 54.30 10.62 -45.19
N ASP X 474 54.44 11.34 -44.08
CA ASP X 474 54.32 10.78 -42.72
C ASP X 474 52.87 10.51 -42.27
N ARG X 475 51.84 10.85 -43.08
CA ARG X 475 50.43 10.56 -42.81
C ARG X 475 49.89 9.30 -43.47
N PHE X 476 50.55 8.75 -44.49
CA PHE X 476 50.12 7.50 -45.12
C PHE X 476 50.28 6.30 -44.18
N PRO X 477 49.43 5.26 -44.28
CA PRO X 477 49.44 4.11 -43.38
C PRO X 477 50.66 3.18 -43.58
N PRO X 478 50.93 2.24 -42.66
CA PRO X 478 51.90 1.16 -42.89
C PRO X 478 51.37 0.10 -43.86
N VAL X 479 52.27 -0.69 -44.46
CA VAL X 479 51.94 -1.77 -45.42
C VAL X 479 51.90 -3.12 -44.67
N MET X 480 50.71 -3.72 -44.55
CA MET X 480 50.42 -4.84 -43.63
C MET X 480 50.15 -6.18 -44.32
N SER X 481 50.68 -7.27 -43.76
CA SER X 481 50.51 -8.65 -44.25
C SER X 481 49.79 -9.59 -43.26
N THR X 482 49.24 -9.09 -42.16
CA THR X 482 48.59 -9.89 -41.10
C THR X 482 47.09 -10.13 -41.34
N GLN X 483 46.47 -11.00 -40.54
CA GLN X 483 45.11 -11.52 -40.74
C GLN X 483 44.18 -11.34 -39.50
N ARG X 484 44.39 -10.29 -38.69
CA ARG X 484 43.60 -9.94 -37.49
C ARG X 484 42.16 -9.45 -37.83
N ARG X 485 41.20 -9.70 -36.94
CA ARG X 485 39.80 -9.25 -37.01
C ARG X 485 39.61 -7.80 -36.51
N ASP X 486 39.72 -6.83 -37.40
CA ASP X 486 39.49 -5.40 -37.11
C ASP X 486 38.19 -4.86 -37.74
N PRO X 487 37.63 -3.75 -37.22
CA PRO X 487 36.59 -2.97 -37.91
C PRO X 487 37.11 -2.36 -39.22
N TYR X 488 36.22 -2.03 -40.15
CA TYR X 488 36.54 -1.29 -41.38
C TYR X 488 35.79 0.04 -41.46
N VAL X 489 36.33 1.03 -42.17
CA VAL X 489 35.81 2.42 -42.20
C VAL X 489 34.91 2.65 -43.42
N ILE X 490 33.70 3.17 -43.19
CA ILE X 490 32.69 3.47 -44.23
C ILE X 490 32.36 4.96 -44.28
N SER X 491 31.94 5.46 -45.44
CA SER X 491 31.55 6.87 -45.67
C SER X 491 30.22 6.98 -46.41
N GLY X 492 29.40 7.97 -46.09
CA GLY X 492 28.17 8.25 -46.83
C GLY X 492 27.18 9.14 -46.09
N ALA X 493 26.00 9.32 -46.66
CA ALA X 493 24.89 10.06 -46.07
C ALA X 493 24.25 9.33 -44.87
N SER X 494 23.88 10.09 -43.84
CA SER X 494 23.08 9.57 -42.73
C SER X 494 21.57 9.59 -43.03
N GLY X 495 20.84 8.71 -42.37
CA GLY X 495 19.37 8.64 -42.41
C GLY X 495 18.69 9.70 -41.55
N SER X 496 17.36 9.71 -41.56
CA SER X 496 16.54 10.73 -40.90
C SER X 496 16.40 10.58 -39.37
N TYR X 497 16.48 9.37 -38.82
CA TYR X 497 16.19 9.12 -37.40
C TYR X 497 17.40 8.57 -36.64
N ASN X 498 18.20 9.47 -36.06
CA ASN X 498 19.40 9.17 -35.28
C ASN X 498 19.14 9.44 -33.79
N GLU X 499 19.66 8.61 -32.91
CA GLU X 499 19.50 8.70 -31.45
C GLU X 499 20.87 8.82 -30.79
N THR X 500 21.34 10.06 -30.61
CA THR X 500 22.72 10.40 -30.23
C THR X 500 22.81 11.44 -29.10
N ASP X 501 21.73 11.73 -28.37
CA ASP X 501 21.81 12.36 -27.03
C ASP X 501 22.45 11.38 -26.00
N PHE X 502 22.80 11.85 -24.79
CA PHE X 502 23.62 11.12 -23.82
C PHE X 502 23.13 9.70 -23.46
N LEU X 503 21.81 9.44 -23.42
CA LEU X 503 21.24 8.11 -23.18
C LEU X 503 20.66 7.45 -24.44
N GLY X 504 21.01 7.92 -25.64
CA GLY X 504 20.71 7.24 -26.89
C GLY X 504 19.23 6.98 -27.11
N ASN X 505 18.87 5.73 -27.39
CA ASN X 505 17.50 5.28 -27.65
C ASN X 505 16.63 4.98 -26.40
N PHE X 506 17.08 5.33 -25.19
CA PHE X 506 16.29 5.26 -23.95
C PHE X 506 14.92 5.95 -24.10
N LEU X 507 13.80 5.27 -23.81
CA LEU X 507 12.44 5.81 -23.88
C LEU X 507 12.13 6.60 -25.18
N ASN X 508 12.57 6.11 -26.34
CA ASN X 508 12.33 6.75 -27.62
C ASN X 508 10.84 6.71 -28.03
N PHE X 509 10.12 5.65 -27.63
CA PHE X 509 8.69 5.44 -27.84
C PHE X 509 8.04 4.87 -26.57
N ILE X 510 6.71 4.98 -26.47
CA ILE X 510 5.88 4.42 -25.37
C ILE X 510 4.80 3.50 -25.96
N TYR X 525 6.51 10.45 -20.43
CA TYR X 525 6.71 10.96 -21.79
C TYR X 525 8.05 10.49 -22.38
N THR X 526 8.20 10.47 -23.71
CA THR X 526 9.43 10.04 -24.38
C THR X 526 10.63 10.93 -24.05
N TYR X 527 11.84 10.36 -24.13
CA TYR X 527 13.09 11.11 -23.93
C TYR X 527 13.23 12.25 -24.95
N TRP X 528 12.75 12.06 -26.18
CA TRP X 528 12.66 13.13 -27.17
C TRP X 528 11.78 14.29 -26.70
N GLN X 529 10.58 14.00 -26.16
CA GLN X 529 9.71 15.02 -25.58
C GLN X 529 10.33 15.73 -24.37
N LEU X 530 10.99 14.99 -23.48
CA LEU X 530 11.71 15.56 -22.34
C LEU X 530 12.77 16.60 -22.77
N ASN X 531 13.52 16.32 -23.84
CA ASN X 531 14.48 17.27 -24.38
C ASN X 531 13.79 18.50 -25.01
N GLN X 532 12.67 18.32 -25.71
CA GLN X 532 11.87 19.45 -26.21
C GLN X 532 11.30 20.33 -25.08
N ASN X 533 10.86 19.76 -23.95
CA ASN X 533 10.42 20.52 -22.79
C ASN X 533 11.55 21.40 -22.21
N LEU X 534 12.75 20.84 -22.05
CA LEU X 534 13.89 21.58 -21.54
C LEU X 534 14.27 22.77 -22.45
N LEU X 535 14.32 22.59 -23.77
CA LEU X 535 14.59 23.70 -24.70
C LEU X 535 13.56 24.83 -24.60
N GLU X 536 12.28 24.51 -24.38
CA GLU X 536 11.24 25.51 -24.11
C GLU X 536 11.48 26.30 -22.81
N ARG X 537 11.83 25.62 -21.70
CA ARG X 537 12.20 26.33 -20.46
C ARG X 537 13.41 27.24 -20.67
N LEU X 538 14.43 26.78 -21.40
CA LEU X 538 15.62 27.58 -21.70
C LEU X 538 15.30 28.79 -22.61
N SER X 539 14.30 28.67 -23.49
CA SER X 539 13.80 29.81 -24.29
C SER X 539 13.21 30.92 -23.39
N ARG X 540 12.42 30.57 -22.35
CA ARG X 540 11.95 31.53 -21.34
C ARG X 540 13.06 32.20 -20.51
N LEU X 541 14.24 31.58 -20.42
CA LEU X 541 15.44 32.19 -19.81
C LEU X 541 16.29 33.03 -20.79
N GLY X 542 15.88 33.15 -22.05
CA GLY X 542 16.60 33.92 -23.08
C GLY X 542 17.75 33.18 -23.78
N ILE X 543 17.78 31.84 -23.72
CA ILE X 543 18.83 30.97 -24.29
C ILE X 543 18.27 30.21 -25.51
N ASP X 544 18.91 30.27 -26.68
CA ASP X 544 18.48 29.52 -27.88
C ASP X 544 19.01 28.07 -27.96
N ALA X 545 18.62 27.32 -29.00
CA ALA X 545 18.98 25.91 -29.21
C ALA X 545 20.49 25.64 -29.41
N GLU X 546 21.30 26.64 -29.74
CA GLU X 546 22.77 26.55 -29.84
C GLU X 546 23.46 27.22 -28.63
N GLY X 547 22.70 27.63 -27.62
CA GLY X 547 23.19 28.19 -26.37
C GLY X 547 23.55 29.69 -26.42
N LYS X 548 23.14 30.45 -27.45
CA LYS X 548 23.35 31.90 -27.50
C LYS X 548 22.35 32.64 -26.60
N LEU X 549 22.81 33.66 -25.89
CA LEU X 549 21.97 34.54 -25.08
C LEU X 549 21.40 35.70 -25.89
N GLU X 550 20.14 36.07 -25.63
CA GLU X 550 19.58 37.36 -26.06
C GLU X 550 20.03 38.56 -25.19
N LYS X 551 20.61 38.29 -24.00
CA LYS X 551 21.22 39.29 -23.11
C LYS X 551 22.39 38.69 -22.30
N GLU X 552 23.61 39.12 -22.59
CA GLU X 552 24.82 38.63 -21.93
C GLU X 552 24.98 39.17 -20.48
N PRO X 553 25.60 38.42 -19.55
CA PRO X 553 25.69 38.81 -18.14
C PRO X 553 26.55 40.06 -17.91
N HIS X 554 26.02 40.99 -17.11
CA HIS X 554 26.62 42.29 -16.80
C HIS X 554 27.82 42.27 -15.83
N GLY X 555 27.92 41.28 -14.95
CA GLY X 555 28.83 41.29 -13.80
C GLY X 555 28.60 40.09 -12.88
N PRO X 556 29.25 40.02 -11.70
CA PRO X 556 29.16 38.87 -10.79
C PRO X 556 27.74 38.45 -10.41
N ARG X 557 26.85 39.38 -10.02
CA ARG X 557 25.45 39.08 -9.68
C ARG X 557 24.72 38.44 -10.85
N ASP X 558 24.86 39.03 -12.03
CA ASP X 558 24.19 38.56 -13.25
C ASP X 558 24.71 37.20 -13.72
N PHE X 559 26.01 36.92 -13.53
CA PHE X 559 26.61 35.64 -13.82
C PHE X 559 26.09 34.54 -12.89
N VAL X 560 26.01 34.79 -11.58
CA VAL X 560 25.41 33.83 -10.64
C VAL X 560 23.92 33.63 -10.93
N LYS X 561 23.16 34.70 -11.14
CA LYS X 561 21.73 34.67 -11.46
C LYS X 561 21.45 33.83 -12.71
N MET X 562 22.22 34.02 -13.78
CA MET X 562 22.12 33.24 -15.02
C MET X 562 22.18 31.73 -14.76
N PHE X 563 23.16 31.23 -13.98
CA PHE X 563 23.27 29.80 -13.68
C PHE X 563 22.19 29.29 -12.72
N LYS X 564 21.86 30.03 -11.64
CA LYS X 564 20.86 29.56 -10.66
C LYS X 564 19.48 29.38 -11.31
N ASP X 565 19.12 30.21 -12.26
CA ASP X 565 17.90 30.03 -13.06
C ASP X 565 17.91 28.75 -13.93
N VAL X 566 19.01 28.43 -14.61
CA VAL X 566 19.12 27.19 -15.39
C VAL X 566 19.07 25.94 -14.50
N ASP X 567 19.78 25.95 -13.37
CA ASP X 567 19.72 24.85 -12.40
C ASP X 567 18.30 24.61 -11.88
N ALA X 568 17.57 25.68 -11.47
CA ALA X 568 16.18 25.56 -11.04
C ALA X 568 15.25 25.07 -12.17
N ALA X 569 15.45 25.51 -13.42
CA ALA X 569 14.68 25.04 -14.56
C ALA X 569 14.89 23.54 -14.88
N VAL X 570 16.12 23.04 -14.79
CA VAL X 570 16.42 21.60 -14.97
C VAL X 570 15.82 20.79 -13.83
N ASP X 571 15.97 21.25 -12.59
CA ASP X 571 15.51 20.53 -11.41
C ASP X 571 13.97 20.45 -11.34
N ALA X 572 13.23 21.46 -11.83
CA ALA X 572 11.79 21.38 -12.04
C ALA X 572 11.39 20.28 -13.05
N GLU X 573 12.09 20.17 -14.18
CA GLU X 573 11.76 19.16 -15.21
C GLU X 573 12.06 17.73 -14.75
N VAL X 574 13.09 17.50 -13.95
CA VAL X 574 13.37 16.16 -13.38
C VAL X 574 12.20 15.66 -12.51
N VAL X 575 11.61 16.53 -11.70
CA VAL X 575 10.45 16.19 -10.87
C VAL X 575 9.26 15.77 -11.72
N GLN X 576 8.85 16.59 -12.70
CA GLN X 576 7.71 16.24 -13.56
C GLN X 576 7.97 14.94 -14.34
N PHE X 577 9.20 14.69 -14.77
CA PHE X 577 9.55 13.44 -15.44
C PHE X 577 9.47 12.24 -14.49
N MET X 578 10.06 12.28 -13.30
CA MET X 578 10.02 11.17 -12.34
C MET X 578 8.58 10.88 -11.85
N ASN X 579 7.72 11.89 -11.73
CA ASN X 579 6.28 11.69 -11.47
C ASN X 579 5.60 10.90 -12.60
N SER X 580 5.90 11.19 -13.86
CA SER X 580 5.38 10.42 -15.00
C SER X 580 5.80 8.95 -14.95
N MET X 581 7.08 8.66 -14.68
CA MET X 581 7.56 7.28 -14.62
C MET X 581 6.90 6.48 -13.48
N ALA X 582 6.70 7.12 -12.32
CA ALA X 582 6.08 6.49 -11.15
C ALA X 582 4.60 6.13 -11.39
N LYS X 583 3.77 7.09 -11.81
CA LYS X 583 2.31 6.88 -11.93
C LYS X 583 1.91 5.85 -13.01
N ASN X 584 2.76 5.66 -14.02
CA ASN X 584 2.59 4.67 -15.08
C ASN X 584 3.26 3.31 -14.81
N ASN X 585 3.91 3.12 -13.65
CA ASN X 585 4.66 1.89 -13.31
C ASN X 585 5.73 1.50 -14.36
N ILE X 586 6.39 2.47 -15.02
CA ILE X 586 7.40 2.19 -16.06
C ILE X 586 8.71 1.78 -15.39
N THR X 587 9.32 0.68 -15.83
CA THR X 587 10.56 0.13 -15.26
C THR X 587 11.84 0.83 -15.79
N TYR X 588 11.89 2.16 -15.68
CA TYR X 588 12.96 3.00 -16.26
C TYR X 588 14.36 2.63 -15.76
N LYS X 589 14.44 2.19 -14.50
CA LYS X 589 15.64 1.69 -13.80
C LYS X 589 16.29 0.46 -14.44
N ASP X 590 15.54 -0.35 -15.19
CA ASP X 590 16.09 -1.42 -16.03
C ASP X 590 16.25 -1.00 -17.50
N LEU X 591 15.38 -0.13 -18.03
CA LEU X 591 15.52 0.36 -19.41
C LEU X 591 16.81 1.16 -19.66
N VAL X 592 17.37 1.85 -18.66
CA VAL X 592 18.70 2.47 -18.76
C VAL X 592 19.80 1.46 -19.08
N LYS X 593 19.81 0.28 -18.45
CA LYS X 593 20.87 -0.74 -18.63
C LYS X 593 21.02 -1.18 -20.09
N SER X 594 19.93 -1.27 -20.84
CA SER X 594 19.92 -1.75 -22.22
C SER X 594 19.87 -0.65 -23.29
N CYS X 595 20.10 0.64 -22.98
CA CYS X 595 20.06 1.68 -24.00
C CYS X 595 21.33 1.75 -24.88
N TYR X 596 21.17 2.11 -26.16
CA TYR X 596 22.24 2.25 -27.16
C TYR X 596 22.17 3.62 -27.85
N HIS X 597 23.31 4.18 -28.23
CA HIS X 597 23.33 5.18 -29.30
C HIS X 597 23.03 4.50 -30.64
N VAL X 598 22.27 5.15 -31.51
CA VAL X 598 21.93 4.63 -32.83
C VAL X 598 22.20 5.67 -33.91
N MET X 599 22.88 5.27 -34.99
CA MET X 599 23.04 6.05 -36.22
C MET X 599 22.53 5.26 -37.42
N GLN X 600 21.85 5.92 -38.34
CA GLN X 600 21.38 5.31 -39.58
C GLN X 600 22.33 5.68 -40.73
N TYR X 601 22.87 4.68 -41.43
CA TYR X 601 23.59 4.86 -42.70
C TYR X 601 22.61 4.63 -43.86
N SER X 602 22.39 5.64 -44.70
CA SER X 602 21.38 5.60 -45.77
C SER X 602 21.78 4.68 -46.93
N CYS X 603 20.83 3.97 -47.53
CA CYS X 603 21.05 3.13 -48.72
C CYS X 603 20.53 3.75 -50.03
N ASN X 604 20.12 5.02 -50.04
CA ASN X 604 19.77 5.72 -51.28
C ASN X 604 21.03 6.28 -51.97
N PRO X 605 21.36 5.90 -53.22
CA PRO X 605 22.50 6.47 -53.92
C PRO X 605 22.35 7.97 -54.25
N PHE X 606 21.14 8.51 -54.36
CA PHE X 606 20.90 9.92 -54.63
C PHE X 606 21.01 10.82 -53.38
N ALA X 607 21.01 10.26 -52.17
CA ALA X 607 21.23 10.98 -50.92
C ALA X 607 22.71 11.35 -50.67
N GLN X 608 23.67 10.74 -51.37
CA GLN X 608 25.12 10.97 -51.19
C GLN X 608 25.51 12.39 -51.66
N PRO X 609 26.61 12.98 -51.17
CA PRO X 609 27.07 14.30 -51.64
C PRO X 609 27.45 14.29 -53.12
N ALA X 610 27.29 15.41 -53.82
CA ALA X 610 27.50 15.56 -55.26
C ALA X 610 29.00 15.58 -55.66
N CYS X 611 29.66 14.44 -55.47
CA CYS X 611 31.04 14.15 -55.84
C CYS X 611 31.12 12.72 -56.44
N PRO X 612 31.79 12.51 -57.58
CA PRO X 612 32.02 11.18 -58.13
C PRO X 612 32.85 10.21 -57.27
N ILE X 613 33.68 10.67 -56.31
CA ILE X 613 34.38 9.77 -55.37
C ILE X 613 33.39 9.10 -54.41
N PHE X 614 32.35 9.81 -53.98
CA PHE X 614 31.32 9.22 -53.13
C PHE X 614 30.49 8.13 -53.81
N THR X 615 30.41 8.09 -55.15
CA THR X 615 29.86 6.94 -55.88
C THR X 615 30.65 5.67 -55.56
N GLN X 616 31.98 5.70 -55.69
CA GLN X 616 32.84 4.56 -55.36
C GLN X 616 32.83 4.20 -53.86
N LEU X 617 32.92 5.18 -52.96
CA LEU X 617 32.86 4.91 -51.52
C LEU X 617 31.52 4.28 -51.10
N PHE X 618 30.38 4.73 -51.64
CA PHE X 618 29.07 4.15 -51.34
C PHE X 618 28.95 2.69 -51.84
N TYR X 619 29.22 2.44 -53.13
CA TYR X 619 29.13 1.11 -53.74
C TYR X 619 30.04 0.09 -53.04
N ARG X 620 31.28 0.46 -52.73
CA ARG X 620 32.24 -0.42 -52.04
C ARG X 620 31.91 -0.65 -50.57
N SER X 621 31.32 0.32 -49.88
CA SER X 621 30.78 0.13 -48.53
C SER X 621 29.62 -0.88 -48.53
N LEU X 622 28.68 -0.77 -49.47
CA LEU X 622 27.56 -1.70 -49.61
C LEU X 622 28.01 -3.13 -49.94
N LEU X 623 28.88 -3.34 -50.92
CA LEU X 623 29.39 -4.68 -51.28
C LEU X 623 30.10 -5.34 -50.09
N THR X 624 30.87 -4.57 -49.32
CA THR X 624 31.59 -5.08 -48.12
C THR X 624 30.64 -5.50 -47.02
N ILE X 625 29.60 -4.71 -46.75
CA ILE X 625 28.62 -5.01 -45.70
C ILE X 625 27.81 -6.27 -46.06
N LEU X 626 27.43 -6.46 -47.32
CA LEU X 626 26.73 -7.68 -47.75
C LEU X 626 27.60 -8.93 -47.63
N GLN X 627 28.89 -8.85 -47.90
CA GLN X 627 29.81 -9.97 -47.66
C GLN X 627 29.89 -10.31 -46.17
N ASP X 628 30.13 -9.32 -45.30
CA ASP X 628 30.27 -9.53 -43.86
C ASP X 628 29.02 -10.13 -43.19
N ILE X 629 27.82 -9.69 -43.59
CA ILE X 629 26.54 -10.28 -43.15
C ILE X 629 26.40 -11.74 -43.62
N SER X 630 26.86 -12.09 -44.81
CA SER X 630 26.67 -13.44 -45.37
C SER X 630 27.53 -14.54 -44.74
N LEU X 631 28.65 -14.20 -44.07
CA LEU X 631 29.65 -15.20 -43.64
C LEU X 631 29.06 -16.35 -42.78
N PRO X 632 28.33 -16.10 -41.67
CA PRO X 632 27.82 -17.19 -40.83
C PRO X 632 26.69 -17.98 -41.50
N ILE X 633 25.91 -17.37 -42.39
CA ILE X 633 24.87 -18.04 -43.18
C ILE X 633 25.49 -19.11 -44.09
N CYS X 634 26.60 -18.77 -44.76
CA CYS X 634 27.37 -19.70 -45.60
C CYS X 634 28.03 -20.81 -44.76
N MET X 635 28.63 -20.47 -43.62
CA MET X 635 29.26 -21.43 -42.71
C MET X 635 28.27 -22.48 -42.21
N CYS X 636 27.09 -22.09 -41.74
CA CYS X 636 26.10 -23.06 -41.25
C CYS X 636 25.58 -23.98 -42.36
N TYR X 637 25.34 -23.45 -43.57
CA TYR X 637 24.94 -24.27 -44.69
C TYR X 637 26.04 -25.26 -45.11
N GLU X 638 27.31 -24.84 -45.15
CA GLU X 638 28.42 -25.73 -45.49
C GLU X 638 28.71 -26.77 -44.41
N ASN X 639 28.57 -26.45 -43.12
CA ASN X 639 28.65 -27.44 -42.04
C ASN X 639 27.64 -28.61 -42.24
N ASP X 640 26.46 -28.33 -42.79
CA ASP X 640 25.43 -29.33 -43.10
C ASP X 640 25.61 -30.01 -44.48
N ASN X 641 26.34 -29.37 -45.40
CA ASN X 641 26.52 -29.78 -46.80
C ASN X 641 28.01 -29.66 -47.19
N PRO X 642 28.90 -30.49 -46.61
CA PRO X 642 30.34 -30.26 -46.65
C PRO X 642 30.96 -30.29 -48.05
N GLY X 643 32.10 -29.63 -48.18
CA GLY X 643 32.83 -29.51 -49.45
C GLY X 643 33.40 -30.83 -49.99
N LEU X 644 33.85 -31.75 -49.12
CA LEU X 644 34.32 -33.10 -49.47
C LEU X 644 35.37 -33.11 -50.61
N GLY X 645 36.26 -32.11 -50.62
CA GLY X 645 37.31 -31.94 -51.62
C GLY X 645 36.87 -31.33 -52.97
N GLN X 646 35.59 -31.01 -53.16
CA GLN X 646 35.13 -30.26 -54.33
C GLN X 646 35.73 -28.84 -54.37
N SER X 647 36.00 -28.32 -55.56
CA SER X 647 36.29 -26.89 -55.76
C SER X 647 35.01 -26.06 -55.58
N PRO X 648 35.09 -24.78 -55.17
CA PRO X 648 33.90 -23.97 -54.96
C PRO X 648 32.95 -23.87 -56.17
N PRO X 649 33.37 -23.73 -57.43
CA PRO X 649 32.47 -23.72 -58.58
C PRO X 649 31.65 -25.01 -58.74
N GLU X 650 32.25 -26.17 -58.46
CA GLU X 650 31.53 -27.46 -58.45
C GLU X 650 30.49 -27.53 -57.32
N TRP X 651 30.86 -27.12 -56.11
CA TRP X 651 29.96 -27.13 -54.95
C TRP X 651 28.79 -26.14 -55.12
N LEU X 652 29.04 -24.94 -55.65
CA LEU X 652 28.01 -23.92 -55.90
C LEU X 652 27.01 -24.33 -56.98
N LYS X 653 27.40 -25.15 -57.96
CA LYS X 653 26.52 -25.64 -59.04
C LYS X 653 25.28 -26.35 -58.50
N GLY X 654 25.44 -27.20 -57.48
CA GLY X 654 24.32 -27.83 -56.77
C GLY X 654 23.62 -26.94 -55.74
N HIS X 655 24.38 -26.18 -54.93
CA HIS X 655 23.85 -25.55 -53.71
C HIS X 655 23.39 -24.10 -53.80
N TYR X 656 23.79 -23.32 -54.81
CA TYR X 656 23.65 -21.86 -54.74
C TYR X 656 22.20 -21.35 -54.75
N GLN X 657 21.30 -21.97 -55.51
CA GLN X 657 19.89 -21.57 -55.55
C GLN X 657 19.22 -21.64 -54.16
N THR X 658 19.57 -22.65 -53.35
CA THR X 658 19.11 -22.76 -51.96
C THR X 658 19.73 -21.69 -51.06
N LEU X 659 21.04 -21.46 -51.18
CA LEU X 659 21.76 -20.45 -50.41
C LEU X 659 21.26 -19.02 -50.65
N CYS X 660 20.82 -18.64 -51.85
CA CYS X 660 20.14 -17.36 -52.11
C CYS X 660 18.91 -17.14 -51.22
N THR X 661 18.09 -18.18 -51.05
CA THR X 661 16.82 -18.13 -50.31
C THR X 661 17.08 -18.09 -48.80
N ASN X 662 18.06 -18.84 -48.30
CA ASN X 662 18.55 -18.68 -46.93
C ASN X 662 19.01 -17.24 -46.66
N PHE X 663 19.83 -16.65 -47.54
CA PHE X 663 20.30 -15.29 -47.35
C PHE X 663 19.16 -14.27 -47.26
N ARG X 664 18.22 -14.28 -48.20
CA ARG X 664 17.03 -13.39 -48.20
C ARG X 664 16.21 -13.49 -46.90
N SER X 665 16.15 -14.67 -46.30
CA SER X 665 15.39 -14.93 -45.06
C SER X 665 16.15 -14.55 -43.78
N LEU X 666 17.48 -14.60 -43.78
CA LEU X 666 18.34 -14.47 -42.59
C LEU X 666 19.19 -13.19 -42.53
N ALA X 667 19.36 -12.46 -43.63
CA ALA X 667 20.14 -11.22 -43.67
C ALA X 667 19.31 -9.96 -43.37
N ILE X 668 18.02 -9.95 -43.72
CA ILE X 668 17.17 -8.74 -43.74
C ILE X 668 16.22 -8.74 -42.53
N ASP X 669 16.04 -7.58 -41.89
CA ASP X 669 15.28 -7.40 -40.63
C ASP X 669 15.84 -8.16 -39.42
N LYS X 670 17.12 -8.55 -39.42
CA LYS X 670 17.79 -9.28 -38.32
C LYS X 670 18.80 -8.46 -37.51
N GLY X 671 18.83 -7.14 -37.69
CA GLY X 671 19.47 -6.18 -36.80
C GLY X 671 20.49 -5.23 -37.44
N VAL X 672 20.83 -5.38 -38.72
CA VAL X 672 21.74 -4.48 -39.44
C VAL X 672 21.07 -3.86 -40.65
N LEU X 673 20.63 -4.67 -41.60
CA LEU X 673 20.10 -4.24 -42.89
C LEU X 673 18.57 -4.32 -42.90
N THR X 674 17.90 -3.27 -43.37
CA THR X 674 16.46 -3.29 -43.64
C THR X 674 16.18 -3.02 -45.11
N ALA X 675 15.23 -3.76 -45.66
CA ALA X 675 14.78 -3.64 -47.04
C ALA X 675 13.32 -4.11 -47.14
N LYS X 676 12.56 -3.57 -48.08
CA LYS X 676 11.14 -3.90 -48.31
C LYS X 676 10.99 -4.53 -49.69
N GLU X 677 10.42 -5.73 -49.76
CA GLU X 677 9.99 -6.30 -51.05
C GLU X 677 8.67 -5.67 -51.53
N ALA X 678 8.53 -5.52 -52.84
CA ALA X 678 7.36 -4.94 -53.49
C ALA X 678 7.10 -5.58 -54.86
N LYS X 679 5.83 -5.61 -55.28
CA LYS X 679 5.42 -5.94 -56.65
C LYS X 679 5.21 -4.65 -57.45
N VAL X 680 5.71 -4.60 -58.67
CA VAL X 680 5.56 -3.47 -59.59
C VAL X 680 4.49 -3.81 -60.63
N VAL X 681 3.51 -2.92 -60.81
CA VAL X 681 2.44 -3.09 -61.79
C VAL X 681 2.25 -1.84 -62.64
N HIS X 682 1.89 -2.03 -63.90
CA HIS X 682 1.47 -0.94 -64.80
C HIS X 682 -0.05 -0.99 -65.03
N GLY X 683 -0.73 0.14 -64.91
CA GLY X 683 -2.20 0.19 -64.90
C GLY X 683 -2.83 0.01 -66.28
N GLU X 684 -2.37 0.76 -67.29
CA GLU X 684 -2.92 0.70 -68.64
C GLU X 684 -2.42 -0.53 -69.44
N PRO X 685 -3.23 -1.12 -70.34
CA PRO X 685 -2.82 -2.23 -71.20
C PRO X 685 -2.00 -1.78 -72.43
N THR X 686 -2.07 -0.50 -72.78
CA THR X 686 -1.32 0.18 -73.85
C THR X 686 -0.79 1.52 -73.34
N CYS X 687 0.24 2.13 -73.95
CA CYS X 687 0.63 3.50 -73.59
C CYS X 687 1.11 4.33 -74.79
N ASP X 688 1.03 5.66 -74.68
CA ASP X 688 1.38 6.61 -75.73
C ASP X 688 2.91 6.66 -75.92
N LEU X 689 3.42 6.13 -77.03
CA LEU X 689 4.84 6.03 -77.32
C LEU X 689 5.13 6.37 -78.79
N PRO X 690 6.35 6.80 -79.16
CA PRO X 690 6.70 7.09 -80.53
C PRO X 690 6.83 5.81 -81.36
N ASP X 691 6.47 5.86 -82.65
CA ASP X 691 6.64 4.74 -83.55
C ASP X 691 8.14 4.57 -83.92
N LEU X 692 8.83 3.65 -83.24
CA LEU X 692 10.28 3.52 -83.30
C LEU X 692 10.78 3.09 -84.69
N ASP X 693 9.97 2.35 -85.46
CA ASP X 693 10.28 2.00 -86.85
C ASP X 693 10.25 3.24 -87.77
N ALA X 694 9.25 4.11 -87.65
CA ALA X 694 9.24 5.39 -88.35
C ALA X 694 10.36 6.34 -87.88
N ALA X 695 10.64 6.39 -86.57
CA ALA X 695 11.64 7.27 -85.99
C ALA X 695 13.07 6.90 -86.43
N LEU X 696 13.37 5.60 -86.59
CA LEU X 696 14.62 5.12 -87.18
C LEU X 696 14.80 5.62 -88.62
N GLN X 697 13.70 5.79 -89.38
CA GLN X 697 13.71 6.37 -90.73
C GLN X 697 13.43 7.89 -90.75
N GLY X 698 13.47 8.58 -89.60
CA GLY X 698 13.37 10.04 -89.50
C GLY X 698 11.95 10.64 -89.44
N ARG X 699 10.90 9.82 -89.40
CA ARG X 699 9.48 10.24 -89.34
C ARG X 699 8.94 10.10 -87.93
N VAL X 700 8.29 11.14 -87.40
CA VAL X 700 7.87 11.22 -85.98
C VAL X 700 6.34 11.21 -85.87
N TYR X 701 5.76 10.18 -85.28
CA TYR X 701 4.35 10.13 -84.86
C TYR X 701 4.10 9.06 -83.78
N GLY X 702 2.97 9.19 -83.07
CA GLY X 702 2.62 8.37 -81.92
C GLY X 702 1.86 7.07 -82.25
N ARG X 703 1.96 6.09 -81.35
CA ARG X 703 1.25 4.81 -81.37
C ARG X 703 0.87 4.39 -79.95
N ARG X 704 -0.26 3.74 -79.74
CA ARG X 704 -0.61 3.12 -78.45
C ARG X 704 -0.19 1.65 -78.43
N LEU X 705 1.08 1.42 -78.15
CA LEU X 705 1.72 0.11 -78.11
C LEU X 705 1.22 -0.71 -76.89
N PRO X 706 0.77 -1.96 -77.07
CA PRO X 706 0.53 -2.90 -75.96
C PRO X 706 1.79 -3.17 -75.14
N VAL X 707 1.68 -3.15 -73.81
CA VAL X 707 2.84 -3.26 -72.90
C VAL X 707 2.60 -4.17 -71.70
N ARG X 708 3.66 -4.84 -71.24
CA ARG X 708 3.69 -5.62 -69.99
C ARG X 708 5.06 -5.62 -69.31
N MET X 709 5.11 -5.86 -67.99
CA MET X 709 6.37 -5.89 -67.24
C MET X 709 7.20 -7.14 -67.53
N SER X 710 8.51 -6.99 -67.75
CA SER X 710 9.46 -8.11 -67.87
C SER X 710 9.97 -8.64 -66.52
N LYS X 711 9.85 -7.82 -65.46
CA LYS X 711 10.13 -8.20 -64.05
C LYS X 711 9.11 -7.56 -63.12
N VAL X 712 8.64 -8.29 -62.12
CA VAL X 712 7.57 -7.83 -61.19
C VAL X 712 8.10 -7.58 -59.79
N LEU X 713 9.02 -8.40 -59.27
CA LEU X 713 9.58 -8.21 -57.93
C LEU X 713 10.68 -7.14 -57.89
N MET X 714 10.64 -6.29 -56.87
CA MET X 714 11.62 -5.24 -56.56
C MET X 714 12.02 -5.30 -55.07
N LEU X 715 13.30 -5.09 -54.75
CA LEU X 715 13.83 -5.09 -53.40
C LEU X 715 14.34 -3.70 -53.04
N CYS X 716 13.51 -2.89 -52.40
CA CYS X 716 13.81 -1.51 -52.03
C CYS X 716 14.68 -1.46 -50.76
N PRO X 717 15.94 -1.02 -50.80
CA PRO X 717 16.76 -0.91 -49.61
C PRO X 717 16.35 0.31 -48.77
N ARG X 718 16.55 0.26 -47.45
CA ARG X 718 16.18 1.37 -46.53
C ARG X 718 17.38 1.93 -45.79
N ASN X 719 17.85 1.29 -44.72
CA ASN X 719 19.01 1.74 -43.95
C ASN X 719 19.91 0.56 -43.51
N ILE X 720 21.16 0.89 -43.21
CA ILE X 720 22.08 0.09 -42.39
C ILE X 720 22.19 0.76 -41.02
N LYS X 721 22.05 0.01 -39.94
CA LYS X 721 21.95 0.54 -38.57
C LYS X 721 23.23 0.31 -37.78
N ILE X 722 23.79 1.36 -37.19
CA ILE X 722 25.02 1.32 -36.38
C ILE X 722 24.65 1.55 -34.90
N LYS X 723 25.16 0.72 -33.99
CA LYS X 723 24.82 0.71 -32.55
C LYS X 723 26.06 0.88 -31.67
N ASN X 724 25.92 1.55 -30.54
CA ASN X 724 26.96 1.63 -29.51
C ASN X 724 26.36 1.60 -28.09
N ARG X 725 26.76 0.66 -27.24
CA ARG X 725 26.25 0.49 -25.87
C ARG X 725 26.63 1.66 -24.96
N VAL X 726 25.66 2.18 -24.20
CA VAL X 726 25.83 3.36 -23.34
C VAL X 726 26.40 3.03 -21.97
N VAL X 727 25.86 2.03 -21.26
CA VAL X 727 26.15 1.75 -19.86
C VAL X 727 27.01 0.48 -19.72
N PHE X 728 28.16 0.63 -19.07
CA PHE X 728 28.92 -0.48 -18.51
C PHE X 728 28.33 -0.88 -17.15
N THR X 729 27.95 -2.15 -16.98
CA THR X 729 27.23 -2.66 -15.79
C THR X 729 28.14 -3.24 -14.69
N GLY X 730 29.47 -3.18 -14.85
CA GLY X 730 30.42 -3.72 -13.87
C GLY X 730 30.57 -5.25 -13.87
N GLU X 731 29.82 -5.98 -14.69
CA GLU X 731 29.79 -7.45 -14.69
C GLU X 731 31.10 -8.09 -15.19
N ASN X 732 31.68 -7.58 -16.29
CA ASN X 732 32.95 -8.07 -16.82
C ASN X 732 34.13 -7.50 -16.01
N ALA X 733 34.64 -8.26 -15.04
CA ALA X 733 35.62 -7.81 -14.05
C ALA X 733 36.98 -7.37 -14.62
N ALA X 734 37.31 -7.75 -15.85
CA ALA X 734 38.54 -7.32 -16.54
C ALA X 734 38.49 -5.86 -17.01
N LEU X 735 37.29 -5.29 -17.21
CA LEU X 735 37.11 -3.97 -17.83
C LEU X 735 37.04 -2.79 -16.83
N GLN X 736 36.71 -3.06 -15.55
CA GLN X 736 36.28 -2.03 -14.60
C GLN X 736 37.23 -0.83 -14.49
N ASN X 737 38.55 -1.05 -14.55
CA ASN X 737 39.55 0.00 -14.37
C ASN X 737 39.49 1.12 -15.42
N SER X 738 38.90 0.87 -16.58
CA SER X 738 38.67 1.91 -17.60
C SER X 738 37.43 2.78 -17.31
N PHE X 739 36.42 2.26 -16.59
CA PHE X 739 35.14 2.94 -16.35
C PHE X 739 34.96 3.52 -14.94
N ILE X 740 35.74 3.10 -13.94
CA ILE X 740 35.46 3.39 -12.52
C ILE X 740 35.49 4.90 -12.17
N LYS X 741 34.46 5.37 -11.48
CA LYS X 741 34.31 6.73 -10.97
C LYS X 741 35.08 6.91 -9.65
N SER X 742 36.06 7.81 -9.63
CA SER X 742 36.73 8.26 -8.40
C SER X 742 35.89 9.28 -7.62
N THR X 743 36.06 9.38 -6.31
CA THR X 743 35.30 10.30 -5.42
C THR X 743 36.19 11.25 -4.60
N THR X 744 37.52 11.06 -4.56
CA THR X 744 38.44 11.88 -3.74
C THR X 744 38.61 13.31 -4.27
N ARG X 745 38.81 14.26 -3.36
CA ARG X 745 38.87 15.71 -3.59
C ARG X 745 40.18 16.14 -4.26
N ARG X 746 40.14 16.44 -5.56
CA ARG X 746 41.30 16.87 -6.37
C ARG X 746 41.52 18.39 -6.32
N GLU X 747 42.73 18.85 -6.63
CA GLU X 747 43.04 20.29 -6.76
C GLU X 747 42.55 20.92 -8.07
N ASN X 748 42.36 20.14 -9.15
CA ASN X 748 41.90 20.64 -10.45
C ASN X 748 40.37 20.85 -10.55
N TYR X 749 39.62 20.73 -9.45
CA TYR X 749 38.17 20.61 -9.45
C TYR X 749 37.42 21.81 -10.04
N ILE X 750 37.98 23.03 -9.97
CA ILE X 750 37.39 24.20 -10.62
C ILE X 750 37.79 24.22 -12.10
N ILE X 751 39.08 24.15 -12.42
CA ILE X 751 39.58 24.31 -13.81
C ILE X 751 39.19 23.14 -14.75
N ASN X 752 38.98 21.93 -14.22
CA ASN X 752 38.36 20.79 -14.92
C ASN X 752 36.86 20.62 -14.55
N GLY X 753 36.26 21.62 -13.90
CA GLY X 753 34.87 21.62 -13.48
C GLY X 753 33.88 22.19 -14.50
N PRO X 754 32.61 22.31 -14.13
CA PRO X 754 31.54 22.68 -15.04
C PRO X 754 31.53 24.16 -15.49
N TYR X 755 32.30 25.05 -14.87
CA TYR X 755 32.22 26.50 -15.10
C TYR X 755 33.39 27.13 -15.84
N MET X 756 34.53 26.46 -16.00
CA MET X 756 35.77 27.09 -16.47
C MET X 756 35.66 27.73 -17.86
N LYS X 757 34.97 27.11 -18.81
CA LYS X 757 34.77 27.69 -20.15
C LYS X 757 33.95 28.99 -20.11
N PHE X 758 32.93 29.09 -19.27
CA PHE X 758 32.16 30.33 -19.07
C PHE X 758 32.96 31.39 -18.31
N LEU X 759 33.68 31.01 -17.26
CA LEU X 759 34.59 31.90 -16.53
C LEU X 759 35.66 32.52 -17.44
N ASN X 760 36.07 31.81 -18.48
CA ASN X 760 36.94 32.33 -19.53
C ASN X 760 36.20 33.23 -20.54
N THR X 761 35.08 32.79 -21.10
CA THR X 761 34.28 33.58 -22.06
C THR X 761 33.87 34.95 -21.51
N TYR X 762 33.58 35.05 -20.21
CA TYR X 762 33.15 36.27 -19.52
C TYR X 762 34.24 36.94 -18.67
N HIS X 763 35.51 36.55 -18.80
CA HIS X 763 36.61 37.05 -17.96
C HIS X 763 36.73 38.58 -17.95
N LYS X 764 36.68 39.22 -19.13
CA LYS X 764 36.78 40.69 -19.25
C LYS X 764 35.60 41.46 -18.64
N THR X 765 34.41 40.85 -18.51
CA THR X 765 33.27 41.45 -17.77
C THR X 765 33.32 41.15 -16.26
N LEU X 766 33.82 39.98 -15.83
CA LEU X 766 34.00 39.66 -14.40
C LEU X 766 35.16 40.42 -13.76
N PHE X 767 36.30 40.56 -14.43
CA PHE X 767 37.50 41.20 -13.86
C PHE X 767 38.09 42.25 -14.83
N PRO X 768 37.48 43.44 -14.95
CA PRO X 768 37.88 44.50 -15.88
C PRO X 768 39.37 44.86 -15.79
N ASP X 769 40.04 44.85 -16.94
CA ASP X 769 41.46 45.20 -17.13
C ASP X 769 42.49 44.46 -16.22
N THR X 770 42.19 43.26 -15.72
CA THR X 770 43.18 42.47 -14.96
C THR X 770 44.26 41.88 -15.86
N LYS X 771 45.51 41.80 -15.37
CA LYS X 771 46.64 41.20 -16.11
C LYS X 771 46.62 39.67 -16.10
N LEU X 772 45.96 39.07 -15.11
CA LEU X 772 45.94 37.62 -14.85
C LEU X 772 45.25 36.83 -15.97
N SER X 773 45.77 35.66 -16.34
CA SER X 773 45.00 34.67 -17.09
C SER X 773 43.87 34.09 -16.24
N SER X 774 42.75 33.77 -16.88
CA SER X 774 41.58 33.17 -16.21
C SER X 774 41.94 31.84 -15.52
N LEU X 775 42.78 31.02 -16.17
CA LEU X 775 43.31 29.76 -15.63
C LEU X 775 44.13 29.98 -14.36
N TYR X 776 45.04 30.96 -14.32
CA TYR X 776 45.80 31.24 -13.12
C TYR X 776 44.94 31.84 -11.99
N LEU X 777 43.99 32.74 -12.29
CA LEU X 777 43.11 33.33 -11.28
C LEU X 777 42.35 32.25 -10.49
N TRP X 778 41.72 31.31 -11.19
CA TRP X 778 40.95 30.24 -10.59
C TRP X 778 41.78 29.09 -10.01
N HIS X 779 43.01 28.87 -10.50
CA HIS X 779 43.94 27.92 -9.86
C HIS X 779 44.54 28.48 -8.56
N ASN X 780 44.87 29.78 -8.54
CA ASN X 780 45.25 30.52 -7.35
C ASN X 780 44.14 30.47 -6.30
N PHE X 781 42.88 30.70 -6.69
CA PHE X 781 41.75 30.53 -5.79
C PHE X 781 41.63 29.09 -5.27
N SER X 782 41.75 28.09 -6.15
CA SER X 782 41.79 26.66 -5.84
C SER X 782 42.91 26.21 -4.88
N ARG X 783 43.91 27.05 -4.56
CA ARG X 783 45.02 26.68 -3.67
C ARG X 783 45.29 27.67 -2.53
N ARG X 784 44.93 28.94 -2.67
CA ARG X 784 45.17 30.02 -1.69
C ARG X 784 43.91 30.68 -1.13
N ARG X 785 42.72 30.35 -1.65
CA ARG X 785 41.42 30.88 -1.21
C ARG X 785 41.33 32.41 -1.26
N SER X 786 41.69 33.04 -2.37
CA SER X 786 41.60 34.50 -2.53
C SER X 786 41.24 34.95 -3.96
N VAL X 787 40.60 36.12 -4.07
CA VAL X 787 40.00 36.63 -5.32
C VAL X 787 40.21 38.15 -5.43
N PRO X 788 40.58 38.72 -6.60
CA PRO X 788 40.82 40.15 -6.74
C PRO X 788 39.53 40.95 -6.94
N VAL X 789 39.37 42.09 -6.27
CA VAL X 789 38.16 42.95 -6.41
C VAL X 789 38.49 44.23 -7.18
N PRO X 790 37.88 44.49 -8.36
CA PRO X 790 38.11 45.70 -9.16
C PRO X 790 37.94 47.03 -8.38
N SER X 791 38.63 48.09 -8.82
CA SER X 791 38.93 49.29 -8.02
C SER X 791 37.72 49.97 -7.36
N GLY X 792 36.57 50.07 -8.04
CA GLY X 792 35.32 50.59 -7.51
C GLY X 792 34.26 49.55 -7.14
N ALA X 793 34.49 48.28 -7.45
CA ALA X 793 33.53 47.20 -7.17
C ALA X 793 33.47 46.79 -5.69
N SER X 794 32.41 46.09 -5.28
CA SER X 794 32.16 45.73 -3.86
C SER X 794 32.78 44.38 -3.48
N ALA X 795 33.31 44.23 -2.26
CA ALA X 795 34.00 43.01 -1.85
C ALA X 795 33.08 41.78 -1.76
N GLU X 796 31.90 41.93 -1.15
CA GLU X 796 31.09 40.76 -0.79
C GLU X 796 30.46 40.08 -2.00
N GLU X 797 30.10 40.85 -3.02
CA GLU X 797 29.69 40.41 -4.35
C GLU X 797 30.68 39.43 -5.00
N TYR X 798 31.99 39.67 -4.88
CA TYR X 798 33.02 38.74 -5.35
C TYR X 798 33.24 37.56 -4.40
N SER X 799 33.10 37.75 -3.08
CA SER X 799 33.13 36.61 -2.16
C SER X 799 31.98 35.63 -2.45
N ASP X 800 30.81 36.11 -2.86
CA ASP X 800 29.69 35.26 -3.28
C ASP X 800 29.98 34.49 -4.57
N LEU X 801 30.45 35.18 -5.62
CA LEU X 801 30.89 34.55 -6.88
C LEU X 801 31.85 33.38 -6.62
N ALA X 802 32.85 33.60 -5.77
CA ALA X 802 33.82 32.58 -5.40
C ALA X 802 33.16 31.37 -4.74
N LEU X 803 32.27 31.58 -3.76
CA LEU X 803 31.55 30.49 -3.10
C LEU X 803 30.57 29.76 -4.03
N PHE X 804 29.98 30.44 -5.02
CA PHE X 804 29.17 29.76 -6.04
C PHE X 804 30.00 28.78 -6.90
N VAL X 805 31.15 29.23 -7.40
CA VAL X 805 32.08 28.44 -8.21
C VAL X 805 32.61 27.25 -7.44
N ASP X 806 33.05 27.47 -6.20
CA ASP X 806 33.54 26.42 -5.31
C ASP X 806 32.46 25.35 -5.03
N GLY X 807 31.27 25.79 -4.60
CA GLY X 807 30.17 24.91 -4.24
C GLY X 807 29.75 24.00 -5.39
N GLY X 808 29.43 24.58 -6.55
CA GLY X 808 29.04 23.81 -7.72
C GLY X 808 30.14 22.90 -8.24
N SER X 809 31.41 23.32 -8.19
CA SER X 809 32.52 22.49 -8.63
C SER X 809 32.69 21.23 -7.76
N ARG X 810 32.62 21.32 -6.42
CA ARG X 810 32.62 20.14 -5.53
C ARG X 810 31.37 19.27 -5.68
N ALA X 811 30.20 19.84 -5.88
CA ALA X 811 28.98 19.06 -6.14
C ALA X 811 29.05 18.26 -7.44
N HIS X 812 29.62 18.86 -8.49
CA HIS X 812 29.90 18.19 -9.77
C HIS X 812 30.96 17.10 -9.62
N GLU X 813 32.03 17.35 -8.86
CA GLU X 813 33.10 16.38 -8.58
C GLU X 813 32.54 15.11 -7.93
N GLU X 814 31.65 15.26 -6.94
CA GLU X 814 30.92 14.17 -6.30
C GLU X 814 29.98 13.43 -7.26
N SER X 815 29.07 14.13 -7.94
CA SER X 815 27.93 13.51 -8.64
C SER X 815 28.16 13.11 -10.11
N ASN X 816 29.14 13.66 -10.83
CA ASN X 816 29.19 13.53 -12.30
C ASN X 816 29.67 12.17 -12.83
N VAL X 817 28.97 11.61 -13.81
CA VAL X 817 29.36 10.38 -14.56
C VAL X 817 29.43 10.59 -16.10
N ILE X 818 29.38 11.84 -16.55
CA ILE X 818 29.44 12.25 -17.96
C ILE X 818 30.74 13.06 -18.17
N ASP X 819 31.77 12.46 -18.77
CA ASP X 819 33.13 13.02 -18.82
C ASP X 819 33.32 14.14 -19.87
N VAL X 820 32.64 15.27 -19.67
CA VAL X 820 32.58 16.45 -20.55
C VAL X 820 32.72 17.74 -19.74
N VAL X 821 33.50 18.70 -20.24
CA VAL X 821 33.48 20.09 -19.77
C VAL X 821 32.63 20.90 -20.76
N PRO X 822 31.41 21.34 -20.39
CA PRO X 822 30.45 21.90 -21.36
C PRO X 822 30.84 23.28 -21.87
N GLY X 823 30.71 23.52 -23.18
CA GLY X 823 31.05 24.80 -23.81
C GLY X 823 29.93 25.84 -23.87
N ASN X 824 28.67 25.42 -23.76
CA ASN X 824 27.49 26.29 -23.88
C ASN X 824 26.39 25.88 -22.88
N LEU X 825 25.46 26.79 -22.60
CA LEU X 825 24.42 26.58 -21.57
C LEU X 825 23.46 25.44 -21.87
N VAL X 826 23.19 25.10 -23.13
CA VAL X 826 22.37 23.94 -23.50
C VAL X 826 23.08 22.63 -23.18
N THR X 827 24.37 22.51 -23.45
CA THR X 827 25.15 21.32 -23.07
C THR X 827 25.29 21.22 -21.56
N TYR X 828 25.56 22.34 -20.87
CA TYR X 828 25.55 22.39 -19.40
C TYR X 828 24.24 21.89 -18.79
N ALA X 829 23.09 22.38 -19.29
CA ALA X 829 21.76 21.97 -18.85
C ALA X 829 21.51 20.48 -19.09
N LYS X 830 21.78 19.98 -20.31
CA LYS X 830 21.61 18.56 -20.66
C LYS X 830 22.51 17.62 -19.87
N GLN X 831 23.74 18.01 -19.53
CA GLN X 831 24.59 17.24 -18.61
C GLN X 831 23.95 17.14 -17.22
N ARG X 832 23.45 18.26 -16.65
CA ARG X 832 22.79 18.27 -15.34
C ARG X 832 21.57 17.33 -15.32
N LEU X 833 20.75 17.36 -16.37
CA LEU X 833 19.57 16.50 -16.51
C LEU X 833 19.92 15.01 -16.55
N ASN X 834 20.88 14.59 -17.38
CA ASN X 834 21.20 13.17 -17.55
C ASN X 834 21.96 12.59 -16.34
N ASN X 835 22.78 13.37 -15.64
CA ASN X 835 23.32 12.98 -14.34
C ASN X 835 22.22 12.74 -13.29
N ALA X 836 21.06 13.42 -13.38
CA ALA X 836 19.95 13.17 -12.46
C ALA X 836 19.21 11.85 -12.75
N ILE X 837 18.99 11.49 -14.02
CA ILE X 837 18.33 10.22 -14.40
C ILE X 837 19.19 9.02 -13.99
N LEU X 838 20.50 9.06 -14.25
CA LEU X 838 21.42 7.98 -13.89
C LEU X 838 21.48 7.76 -12.37
N LYS X 839 21.38 8.81 -11.56
CA LYS X 839 21.31 8.70 -10.10
C LYS X 839 20.02 8.02 -9.63
N ALA X 840 18.87 8.38 -10.19
CA ALA X 840 17.60 7.70 -9.91
C ALA X 840 17.62 6.21 -10.32
N CYS X 841 18.39 5.84 -11.33
CA CYS X 841 18.61 4.45 -11.73
C CYS X 841 19.68 3.70 -10.91
N GLY X 842 20.31 4.33 -9.90
CA GLY X 842 21.43 3.73 -9.16
C GLY X 842 22.76 3.61 -9.92
N GLN X 843 22.88 4.23 -11.09
CA GLN X 843 24.10 4.20 -11.92
C GLN X 843 25.08 5.29 -11.47
N THR X 844 25.94 4.96 -10.50
CA THR X 844 26.82 5.90 -9.80
C THR X 844 28.28 5.47 -9.72
N GLN X 845 28.60 4.20 -10.02
CA GLN X 845 29.92 3.63 -9.88
C GLN X 845 30.84 3.84 -11.10
N PHE X 846 30.26 4.09 -12.28
CA PHE X 846 30.96 4.09 -13.56
C PHE X 846 30.59 5.30 -14.44
N TYR X 847 31.56 5.82 -15.19
CA TYR X 847 31.29 6.69 -16.35
C TYR X 847 30.50 5.97 -17.43
N ILE X 848 29.64 6.69 -18.15
CA ILE X 848 28.97 6.19 -19.37
C ILE X 848 29.87 6.29 -20.63
N SER X 849 29.62 5.49 -21.67
CA SER X 849 30.25 5.67 -22.99
C SER X 849 29.86 7.01 -23.61
N LEU X 850 30.78 7.66 -24.33
CA LEU X 850 30.54 8.87 -25.11
C LEU X 850 30.81 8.64 -26.61
N ILE X 851 30.04 9.26 -27.49
CA ILE X 851 30.43 9.47 -28.91
C ILE X 851 30.70 10.97 -29.13
N GLN X 852 31.84 11.32 -29.69
CA GLN X 852 32.18 12.69 -30.06
C GLN X 852 32.27 12.88 -31.59
N GLY X 853 31.68 13.96 -32.08
CA GLY X 853 31.74 14.33 -33.51
C GLY X 853 32.96 15.20 -33.81
N LEU X 854 33.73 14.85 -34.83
CA LEU X 854 34.80 15.67 -35.39
C LEU X 854 34.25 16.45 -36.60
N VAL X 855 34.20 17.78 -36.51
CA VAL X 855 33.54 18.64 -37.51
C VAL X 855 34.57 19.51 -38.27
N PRO X 856 34.59 19.50 -39.61
CA PRO X 856 35.53 20.30 -40.41
C PRO X 856 35.37 21.83 -40.25
N ARG X 857 36.49 22.52 -40.01
CA ARG X 857 36.64 23.99 -40.03
C ARG X 857 37.62 24.40 -41.13
N THR X 858 37.21 25.31 -42.00
CA THR X 858 38.01 25.75 -43.16
C THR X 858 38.68 27.09 -42.84
N GLN X 859 39.99 27.20 -43.06
CA GLN X 859 40.82 28.36 -42.69
C GLN X 859 41.80 28.77 -43.81
N SER X 860 42.07 30.07 -43.97
CA SER X 860 43.06 30.60 -44.92
C SER X 860 44.40 30.85 -44.22
N VAL X 861 45.50 30.38 -44.80
CA VAL X 861 46.85 30.40 -44.20
C VAL X 861 47.88 30.92 -45.23
N PRO X 862 49.07 31.38 -44.82
CA PRO X 862 50.10 31.80 -45.76
C PRO X 862 50.62 30.61 -46.59
N ALA X 863 50.73 30.77 -47.91
CA ALA X 863 50.95 29.65 -48.85
C ALA X 863 52.38 29.08 -48.88
N ARG X 864 53.28 29.55 -48.02
CA ARG X 864 54.70 29.18 -47.93
C ARG X 864 54.96 27.67 -48.00
N ASP X 865 54.20 26.86 -47.26
CA ASP X 865 54.29 25.39 -47.27
C ASP X 865 53.14 24.69 -48.04
N TYR X 866 52.47 25.40 -48.95
CA TYR X 866 51.34 24.90 -49.76
C TYR X 866 51.62 25.14 -51.26
N PRO X 867 52.63 24.47 -51.85
CA PRO X 867 53.24 24.88 -53.12
C PRO X 867 52.32 24.80 -54.33
N HIS X 868 51.21 24.05 -54.28
CA HIS X 868 50.27 23.93 -55.39
C HIS X 868 49.57 25.23 -55.79
N VAL X 869 49.59 26.29 -54.98
CA VAL X 869 49.04 27.59 -55.39
C VAL X 869 49.80 28.22 -56.56
N LEU X 870 51.06 27.83 -56.82
CA LEU X 870 51.86 28.38 -57.92
C LEU X 870 51.46 27.87 -59.31
N GLY X 871 50.68 26.80 -59.41
CA GLY X 871 50.28 26.20 -60.69
C GLY X 871 51.41 25.46 -61.43
N THR X 872 51.27 25.28 -62.73
CA THR X 872 52.23 24.58 -63.61
C THR X 872 53.52 25.37 -63.92
N ARG X 873 53.65 26.57 -63.34
CA ARG X 873 54.81 27.49 -63.37
C ARG X 873 56.15 26.77 -63.19
N ALA X 874 57.15 27.13 -63.98
CA ALA X 874 58.53 26.70 -63.76
C ALA X 874 59.16 27.47 -62.59
N VAL X 875 59.80 26.77 -61.65
CA VAL X 875 60.44 27.36 -60.46
C VAL X 875 61.95 27.16 -60.55
N GLU X 876 62.71 28.26 -60.56
CA GLU X 876 64.15 28.25 -60.86
C GLU X 876 65.06 28.38 -59.62
N SER X 877 64.61 29.01 -58.55
CA SER X 877 65.37 29.15 -57.30
C SER X 877 64.47 29.20 -56.05
N ALA X 878 65.04 28.87 -54.89
CA ALA X 878 64.33 28.97 -53.61
C ALA X 878 63.97 30.43 -53.25
N ALA X 879 64.82 31.39 -53.65
CA ALA X 879 64.53 32.81 -53.50
C ALA X 879 63.32 33.25 -54.35
N ALA X 880 63.19 32.74 -55.59
CA ALA X 880 62.02 32.99 -56.42
C ALA X 880 60.75 32.32 -55.88
N TYR X 881 60.84 31.09 -55.34
CA TYR X 881 59.72 30.41 -54.66
C TYR X 881 59.21 31.21 -53.45
N ALA X 882 60.13 31.68 -52.60
CA ALA X 882 59.82 32.51 -51.45
C ALA X 882 59.19 33.85 -51.86
N GLU X 883 59.73 34.52 -52.89
CA GLU X 883 59.16 35.76 -53.42
C GLU X 883 57.73 35.55 -53.95
N ALA X 884 57.52 34.55 -54.82
CA ALA X 884 56.22 34.29 -55.44
C ALA X 884 55.12 33.89 -54.45
N THR X 885 55.47 33.17 -53.39
CA THR X 885 54.49 32.76 -52.35
C THR X 885 54.26 33.80 -51.25
N SER X 886 55.15 34.79 -51.08
CA SER X 886 55.07 35.79 -49.99
C SER X 886 53.77 36.60 -49.93
N SER X 887 53.07 36.76 -51.05
CA SER X 887 51.81 37.50 -51.18
C SER X 887 50.56 36.62 -51.33
N LEU X 888 50.67 35.29 -51.15
CA LEU X 888 49.61 34.31 -51.46
C LEU X 888 49.12 33.53 -50.23
N THR X 889 47.85 33.14 -50.24
CA THR X 889 47.22 32.34 -49.19
C THR X 889 46.58 31.07 -49.75
N ALA X 890 46.63 29.99 -48.97
CA ALA X 890 46.07 28.68 -49.28
C ALA X 890 44.90 28.36 -48.34
N THR X 891 43.84 27.74 -48.86
CA THR X 891 42.75 27.19 -48.05
C THR X 891 43.17 25.84 -47.47
N THR X 892 42.98 25.63 -46.17
CA THR X 892 43.25 24.35 -45.48
C THR X 892 42.10 23.99 -44.55
N VAL X 893 42.02 22.71 -44.18
CA VAL X 893 40.96 22.18 -43.33
C VAL X 893 41.54 21.48 -42.11
N VAL X 894 40.94 21.70 -40.95
CA VAL X 894 41.21 20.97 -39.69
C VAL X 894 39.87 20.54 -39.09
N CYS X 895 39.86 19.52 -38.23
CA CYS X 895 38.65 19.09 -37.53
C CYS X 895 38.65 19.53 -36.05
N ALA X 896 37.51 20.04 -35.56
CA ALA X 896 37.28 20.41 -34.17
C ALA X 896 36.32 19.43 -33.48
N ALA X 897 36.63 19.02 -32.25
CA ALA X 897 35.76 18.13 -31.49
C ALA X 897 34.55 18.90 -30.94
N THR X 898 33.35 18.43 -31.26
CA THR X 898 32.10 18.87 -30.64
C THR X 898 31.85 18.07 -29.35
N ASP X 899 31.34 18.73 -28.32
CA ASP X 899 30.92 18.13 -27.04
C ASP X 899 29.46 17.61 -27.04
N CYS X 900 28.78 17.66 -28.19
CA CYS X 900 27.34 17.47 -28.32
C CYS X 900 26.94 16.97 -29.73
N LEU X 901 27.16 15.67 -30.02
CA LEU X 901 26.86 15.07 -31.32
C LEU X 901 25.39 15.24 -31.78
N SER X 902 24.44 15.29 -30.85
CA SER X 902 23.01 15.30 -31.20
C SER X 902 22.56 16.53 -32.01
N GLN X 903 23.09 17.74 -31.76
CA GLN X 903 22.79 18.92 -32.59
C GLN X 903 23.36 18.81 -34.01
N VAL X 904 24.52 18.17 -34.20
CA VAL X 904 25.07 17.88 -35.54
C VAL X 904 24.19 16.89 -36.28
N CYS X 905 23.70 15.83 -35.63
CA CYS X 905 22.78 14.86 -36.25
C CYS X 905 21.44 15.46 -36.71
N LYS X 906 20.98 16.58 -36.13
CA LYS X 906 19.80 17.32 -36.63
C LYS X 906 20.04 18.01 -37.98
N ALA X 907 21.28 18.30 -38.36
CA ALA X 907 21.65 18.94 -39.62
C ALA X 907 21.88 17.95 -40.79
N ARG X 908 21.37 16.72 -40.68
CA ARG X 908 21.42 15.63 -41.68
C ARG X 908 22.83 15.41 -42.28
N PRO X 909 23.83 15.04 -41.46
CA PRO X 909 25.24 15.12 -41.85
C PRO X 909 25.69 14.01 -42.81
N VAL X 910 26.72 14.30 -43.61
CA VAL X 910 27.59 13.30 -44.22
C VAL X 910 28.51 12.74 -43.13
N VAL X 911 28.64 11.43 -43.01
CA VAL X 911 29.37 10.76 -41.91
C VAL X 911 30.45 9.79 -42.38
N THR X 912 31.52 9.65 -41.60
CA THR X 912 32.53 8.60 -41.75
C THR X 912 32.82 7.94 -40.41
N LEU X 913 32.74 6.62 -40.34
CA LEU X 913 32.84 5.86 -39.08
C LEU X 913 33.41 4.43 -39.26
N PRO X 914 34.02 3.82 -38.23
CA PRO X 914 34.46 2.42 -38.24
C PRO X 914 33.33 1.47 -37.79
N VAL X 915 33.15 0.31 -38.42
CA VAL X 915 32.17 -0.70 -38.00
C VAL X 915 32.71 -2.14 -37.99
N THR X 916 32.30 -2.93 -37.00
CA THR X 916 32.40 -4.40 -36.99
C THR X 916 30.99 -4.99 -36.96
N ILE X 917 30.66 -5.96 -37.81
CA ILE X 917 29.38 -6.66 -37.71
C ILE X 917 29.55 -7.94 -36.89
N ASN X 918 28.99 -7.95 -35.69
CA ASN X 918 29.02 -9.07 -34.74
C ASN X 918 27.71 -9.87 -34.80
N LYS X 919 27.80 -11.21 -34.71
CA LYS X 919 26.65 -12.11 -34.88
C LYS X 919 26.48 -13.02 -33.67
N TYR X 920 25.24 -13.28 -33.26
CA TYR X 920 24.90 -13.95 -32.00
C TYR X 920 23.54 -14.67 -32.09
N THR X 921 23.32 -15.65 -31.21
CA THR X 921 22.08 -16.43 -31.13
C THR X 921 20.95 -15.63 -30.46
N GLY X 922 19.70 -15.91 -30.79
CA GLY X 922 18.54 -15.38 -30.05
C GLY X 922 18.44 -15.87 -28.59
N VAL X 923 17.65 -15.18 -27.77
CA VAL X 923 17.36 -15.53 -26.36
C VAL X 923 16.13 -16.44 -26.22
N ASN X 924 15.75 -16.78 -24.99
CA ASN X 924 14.53 -17.53 -24.64
C ASN X 924 14.43 -18.87 -25.39
N GLY X 925 15.55 -19.59 -25.50
CA GLY X 925 15.65 -20.90 -26.13
C GLY X 925 15.73 -20.90 -27.66
N ASN X 926 15.75 -19.74 -28.32
CA ASN X 926 15.83 -19.63 -29.78
C ASN X 926 17.21 -20.04 -30.34
N ASN X 927 17.26 -20.44 -31.61
CA ASN X 927 18.46 -20.92 -32.31
C ASN X 927 18.82 -20.15 -33.60
N GLN X 928 18.09 -19.08 -33.94
CA GLN X 928 18.39 -18.23 -35.10
C GLN X 928 19.55 -17.26 -34.82
N ILE X 929 20.14 -16.71 -35.89
CA ILE X 929 21.26 -15.76 -35.84
C ILE X 929 20.73 -14.33 -36.00
N PHE X 930 21.18 -13.42 -35.15
CA PHE X 930 20.92 -11.98 -35.20
C PHE X 930 22.26 -11.23 -35.33
N GLN X 931 22.24 -10.02 -35.88
CA GLN X 931 23.45 -9.21 -36.10
C GLN X 931 23.37 -7.82 -35.44
N ALA X 932 24.52 -7.27 -35.06
CA ALA X 932 24.68 -5.86 -34.75
C ALA X 932 25.89 -5.28 -35.45
N GLY X 933 25.76 -4.08 -36.02
CA GLY X 933 26.88 -3.28 -36.52
C GLY X 933 27.38 -2.40 -35.40
N ASN X 934 28.39 -2.83 -34.66
CA ASN X 934 28.92 -2.09 -33.52
C ASN X 934 29.97 -1.06 -33.97
N LEU X 935 29.85 0.18 -33.48
CA LEU X 935 30.81 1.28 -33.72
C LEU X 935 32.19 0.95 -33.16
N GLY X 936 33.23 1.08 -33.96
CA GLY X 936 34.62 0.73 -33.61
C GLY X 936 35.60 1.90 -33.61
N TYR X 937 36.86 1.63 -33.91
CA TYR X 937 37.99 2.57 -33.84
C TYR X 937 38.71 2.73 -35.18
N PHE X 938 39.31 3.91 -35.42
CA PHE X 938 40.18 4.17 -36.57
C PHE X 938 41.60 3.64 -36.33
N MET X 939 42.23 3.07 -37.35
CA MET X 939 43.63 2.66 -37.32
C MET X 939 44.51 3.56 -38.18
N GLY X 940 45.72 3.88 -37.71
CA GLY X 940 46.74 4.67 -38.41
C GLY X 940 46.90 6.07 -37.85
N ARG X 941 48.12 6.44 -37.43
CA ARG X 941 48.39 7.72 -36.74
C ARG X 941 48.20 8.96 -37.61
N GLY X 942 48.18 8.83 -38.94
CA GLY X 942 47.98 9.95 -39.85
C GLY X 942 46.55 10.46 -40.00
N VAL X 943 45.53 9.76 -39.48
CA VAL X 943 44.10 10.07 -39.72
C VAL X 943 43.71 11.46 -39.19
N ASP X 944 43.82 11.74 -37.90
CA ASP X 944 43.55 13.08 -37.35
C ASP X 944 44.25 13.29 -36.00
N ARG X 945 44.84 14.46 -35.76
CA ARG X 945 45.54 14.78 -34.52
C ARG X 945 44.70 14.63 -33.25
N ASN X 946 43.37 14.80 -33.31
CA ASN X 946 42.50 14.59 -32.15
C ASN X 946 42.42 13.13 -31.69
N LEU X 947 42.76 12.16 -32.56
CA LEU X 947 42.81 10.74 -32.24
C LEU X 947 44.14 10.30 -31.61
N LEU X 948 45.17 11.15 -31.56
CA LEU X 948 46.50 10.82 -31.02
C LEU X 948 46.51 10.74 -29.48
N GLN X 949 46.78 9.55 -28.94
CA GLN X 949 47.07 9.34 -27.51
C GLN X 949 48.53 9.69 -27.17
N SER X 963 40.59 4.74 -26.22
CA SER X 963 39.93 4.42 -24.95
C SER X 963 38.71 3.50 -25.14
N MET X 964 38.39 2.70 -24.12
CA MET X 964 37.13 1.98 -24.02
C MET X 964 35.90 2.91 -24.11
N ARG X 965 35.97 4.09 -23.49
CA ARG X 965 34.79 4.89 -23.13
C ARG X 965 34.54 6.16 -23.94
N LYS X 966 35.40 6.49 -24.91
CA LYS X 966 35.14 7.52 -25.93
C LYS X 966 35.39 6.99 -27.35
N LYS X 967 34.42 7.19 -28.23
CA LYS X 967 34.49 6.86 -29.67
C LYS X 967 34.23 8.10 -30.53
N PHE X 968 34.74 8.13 -31.75
CA PHE X 968 34.67 9.28 -32.66
C PHE X 968 33.98 8.93 -33.98
N VAL X 969 33.28 9.92 -34.54
CA VAL X 969 32.71 9.94 -35.90
C VAL X 969 33.08 11.27 -36.58
N PHE X 970 33.45 11.27 -37.85
CA PHE X 970 33.56 12.52 -38.62
C PHE X 970 32.18 12.92 -39.16
N ALA X 971 31.75 14.18 -39.02
CA ALA X 971 30.46 14.67 -39.52
C ALA X 971 30.55 16.06 -40.20
N THR X 972 29.95 16.20 -41.38
CA THR X 972 29.75 17.51 -42.06
C THR X 972 28.25 17.76 -42.24
N PRO X 973 27.65 18.87 -41.77
CA PRO X 973 26.22 19.14 -41.93
C PRO X 973 25.81 19.46 -43.38
N THR X 974 24.56 19.14 -43.78
CA THR X 974 24.01 19.51 -45.11
C THR X 974 22.90 20.57 -45.07
N LEU X 975 22.15 20.73 -43.97
CA LEU X 975 21.22 21.86 -43.79
C LEU X 975 21.98 23.20 -43.81
N GLY X 976 21.57 24.13 -44.66
CA GLY X 976 22.23 25.41 -44.87
C GLY X 976 23.42 25.37 -45.85
N LEU X 977 23.73 24.20 -46.41
CA LEU X 977 24.69 24.05 -47.51
C LEU X 977 23.95 23.70 -48.79
N THR X 978 23.34 22.51 -48.87
CA THR X 978 22.63 22.00 -50.06
C THR X 978 21.12 21.83 -49.85
N VAL X 979 20.64 21.87 -48.60
CA VAL X 979 19.21 21.77 -48.22
C VAL X 979 18.81 22.98 -47.37
N LYS X 980 17.66 23.59 -47.66
CA LYS X 980 17.17 24.83 -47.01
C LYS X 980 16.52 24.54 -45.64
N ARG X 981 16.82 25.34 -44.61
CA ARG X 981 16.19 25.24 -43.27
C ARG X 981 14.70 25.64 -43.32
N THR X 988 1.81 36.14 -33.37
CA THR X 988 0.63 36.69 -32.71
C THR X 988 0.43 38.19 -33.00
N TYR X 989 -0.81 38.68 -32.89
CA TYR X 989 -1.10 40.10 -32.76
C TYR X 989 -0.73 40.60 -31.34
N GLU X 990 -0.37 41.87 -31.19
CA GLU X 990 -0.04 42.45 -29.88
C GLU X 990 -1.21 42.36 -28.87
N ILE X 991 -2.46 42.50 -29.33
CA ILE X 991 -3.65 42.30 -28.48
C ILE X 991 -3.79 40.88 -27.93
N GLU X 992 -3.23 39.85 -28.57
CA GLU X 992 -3.17 38.50 -28.01
C GLU X 992 -2.14 38.40 -26.88
N ASN X 993 -1.01 39.12 -26.99
CA ASN X 993 0.02 39.13 -25.96
C ASN X 993 -0.40 39.93 -24.73
N ILE X 994 -1.08 41.09 -24.88
CA ILE X 994 -1.67 41.80 -23.74
C ILE X 994 -2.67 40.88 -23.01
N ARG X 995 -3.59 40.24 -23.74
CA ARG X 995 -4.58 39.30 -23.20
C ARG X 995 -3.96 38.11 -22.47
N ALA X 996 -2.95 37.45 -23.03
CA ALA X 996 -2.25 36.37 -22.33
C ALA X 996 -1.59 36.84 -21.02
N GLY X 997 -0.95 38.01 -21.02
CA GLY X 997 -0.32 38.59 -19.82
C GLY X 997 -1.31 38.94 -18.71
N LEU X 998 -2.51 39.42 -19.05
CA LEU X 998 -3.58 39.63 -18.06
C LEU X 998 -4.16 38.33 -17.51
N GLU X 999 -4.44 37.32 -18.34
CA GLU X 999 -4.88 36.02 -17.82
C GLU X 999 -3.82 35.36 -16.92
N ALA X 1000 -2.54 35.55 -17.20
CA ALA X 1000 -1.42 35.07 -16.39
C ALA X 1000 -1.34 35.76 -15.01
N ILE X 1001 -1.65 37.05 -14.90
CA ILE X 1001 -1.76 37.76 -13.61
C ILE X 1001 -2.98 37.24 -12.83
N ILE X 1002 -4.19 37.33 -13.41
CA ILE X 1002 -5.44 37.11 -12.67
C ILE X 1002 -5.53 35.65 -12.18
N SER X 1003 -5.05 34.67 -12.95
CA SER X 1003 -5.01 33.25 -12.58
C SER X 1003 -4.05 32.95 -11.42
N GLN X 1004 -3.12 33.85 -11.09
CA GLN X 1004 -2.13 33.66 -10.02
C GLN X 1004 -2.37 34.55 -8.79
N LYS X 1005 -2.94 35.74 -8.94
CA LYS X 1005 -3.12 36.70 -7.84
C LYS X 1005 -4.05 36.12 -6.76
N GLN X 1006 -3.54 35.98 -5.54
CA GLN X 1006 -4.22 35.39 -4.38
C GLN X 1006 -4.03 36.24 -3.13
N GLU X 1007 -5.01 36.22 -2.23
CA GLU X 1007 -5.02 36.95 -0.96
C GLU X 1007 -5.01 38.50 -1.07
N GLU X 1008 -5.15 39.06 -2.27
CA GLU X 1008 -5.27 40.51 -2.55
C GLU X 1008 -6.15 40.76 -3.79
N ASP X 1009 -6.86 41.89 -3.83
CA ASP X 1009 -7.67 42.28 -5.00
C ASP X 1009 -6.80 42.73 -6.20
N CYS X 1010 -7.07 42.23 -7.41
CA CYS X 1010 -6.14 42.33 -8.55
C CYS X 1010 -6.24 43.62 -9.42
N VAL X 1011 -7.23 44.50 -9.22
CA VAL X 1011 -7.55 45.58 -10.18
C VAL X 1011 -6.39 46.56 -10.40
N PHE X 1012 -5.66 46.95 -9.36
CA PHE X 1012 -4.50 47.84 -9.49
C PHE X 1012 -3.35 47.22 -10.29
N ASP X 1013 -3.09 45.91 -10.15
CA ASP X 1013 -2.06 45.22 -10.92
C ASP X 1013 -2.45 45.01 -12.40
N VAL X 1014 -3.74 44.84 -12.69
CA VAL X 1014 -4.26 44.82 -14.07
C VAL X 1014 -4.15 46.21 -14.71
N VAL X 1015 -4.58 47.26 -14.02
CA VAL X 1015 -4.47 48.64 -14.49
C VAL X 1015 -3.01 49.05 -14.74
N CYS X 1016 -2.06 48.67 -13.90
CA CYS X 1016 -0.64 48.98 -14.13
C CYS X 1016 -0.10 48.30 -15.39
N ASN X 1017 -0.48 47.04 -15.64
CA ASN X 1017 -0.09 46.31 -16.85
C ASN X 1017 -0.67 46.94 -18.13
N LEU X 1018 -1.93 47.42 -18.10
CA LEU X 1018 -2.53 48.16 -19.22
C LEU X 1018 -1.83 49.51 -19.46
N VAL X 1019 -1.59 50.30 -18.41
CA VAL X 1019 -0.91 51.60 -18.54
C VAL X 1019 0.53 51.42 -19.03
N ASP X 1020 1.22 50.35 -18.66
CA ASP X 1020 2.52 49.99 -19.24
C ASP X 1020 2.41 49.69 -20.75
N ALA X 1021 1.53 48.79 -21.17
CA ALA X 1021 1.47 48.31 -22.56
C ALA X 1021 0.86 49.30 -23.56
N MET X 1022 -0.05 50.17 -23.11
CA MET X 1022 -0.79 51.10 -23.97
C MET X 1022 -0.55 52.58 -23.68
N GLY X 1023 -0.02 52.94 -22.51
CA GLY X 1023 0.23 54.33 -22.12
C GLY X 1023 -1.04 55.20 -22.18
N GLU X 1024 -0.92 56.36 -22.81
CA GLU X 1024 -2.00 57.35 -22.97
C GLU X 1024 -3.25 56.81 -23.70
N ALA X 1025 -3.12 55.77 -24.52
CA ALA X 1025 -4.26 55.13 -25.18
C ALA X 1025 -5.25 54.45 -24.20
N CYS X 1026 -4.91 54.27 -22.91
CA CYS X 1026 -5.86 53.82 -21.90
C CYS X 1026 -6.98 54.83 -21.63
N ALA X 1027 -6.76 56.12 -21.88
CA ALA X 1027 -7.71 57.20 -21.58
C ALA X 1027 -9.08 57.05 -22.29
N SER X 1028 -9.12 56.32 -23.40
CA SER X 1028 -10.31 56.09 -24.22
C SER X 1028 -10.62 54.61 -24.43
N LEU X 1029 -10.11 53.71 -23.57
CA LEU X 1029 -10.38 52.27 -23.67
C LEU X 1029 -11.89 52.01 -23.51
N THR X 1030 -12.53 51.43 -24.51
CA THR X 1030 -13.96 51.13 -24.50
C THR X 1030 -14.24 49.80 -23.78
N ARG X 1031 -15.48 49.55 -23.37
CA ARG X 1031 -15.86 48.29 -22.71
C ARG X 1031 -15.69 47.08 -23.62
N ASP X 1032 -15.97 47.20 -24.91
CA ASP X 1032 -15.78 46.12 -25.88
C ASP X 1032 -14.31 45.71 -26.05
N ASP X 1033 -13.38 46.67 -26.09
CA ASP X 1033 -11.94 46.36 -26.07
C ASP X 1033 -11.50 45.80 -24.72
N ALA X 1034 -11.91 46.38 -23.58
CA ALA X 1034 -11.56 45.89 -22.25
C ALA X 1034 -12.02 44.43 -22.02
N GLU X 1035 -13.26 44.09 -22.37
CA GLU X 1035 -13.78 42.72 -22.29
C GLU X 1035 -12.98 41.72 -23.14
N TYR X 1036 -12.52 42.07 -24.35
CA TYR X 1036 -11.65 41.19 -25.14
C TYR X 1036 -10.29 40.96 -24.46
N LEU X 1037 -9.65 42.01 -23.94
CA LEU X 1037 -8.33 41.93 -23.31
C LEU X 1037 -8.37 41.11 -22.00
N LEU X 1038 -9.42 41.23 -21.20
CA LEU X 1038 -9.60 40.46 -19.96
C LEU X 1038 -9.92 38.97 -20.18
N GLY X 1039 -10.29 38.55 -21.39
CA GLY X 1039 -10.48 37.15 -21.76
C GLY X 1039 -11.53 36.42 -20.92
N ARG X 1040 -11.12 35.32 -20.27
CA ARG X 1040 -11.93 34.53 -19.33
C ARG X 1040 -12.51 35.35 -18.17
N PHE X 1041 -11.82 36.41 -17.76
CA PHE X 1041 -12.16 37.24 -16.60
C PHE X 1041 -12.88 38.54 -17.00
N SER X 1042 -13.59 38.57 -18.14
CA SER X 1042 -14.27 39.76 -18.67
C SER X 1042 -15.24 40.45 -17.72
N VAL X 1043 -15.70 39.75 -16.67
CA VAL X 1043 -16.51 40.34 -15.60
C VAL X 1043 -15.84 41.55 -14.92
N LEU X 1044 -14.50 41.62 -14.92
CA LEU X 1044 -13.72 42.66 -14.26
C LEU X 1044 -13.81 44.06 -14.93
N ALA X 1045 -14.31 44.14 -16.17
CA ALA X 1045 -14.21 45.32 -17.03
C ALA X 1045 -14.76 46.63 -16.41
N ASP X 1046 -15.92 46.62 -15.77
CA ASP X 1046 -16.50 47.84 -15.16
C ASP X 1046 -15.60 48.46 -14.08
N SER X 1047 -14.94 47.63 -13.27
CA SER X 1047 -14.05 48.09 -12.21
C SER X 1047 -12.71 48.62 -12.75
N VAL X 1048 -12.20 48.03 -13.84
CA VAL X 1048 -11.03 48.55 -14.58
C VAL X 1048 -11.34 49.91 -15.21
N LEU X 1049 -12.47 50.08 -15.89
CA LEU X 1049 -12.82 51.34 -16.53
C LEU X 1049 -13.07 52.48 -15.53
N GLU X 1050 -13.75 52.20 -14.40
CA GLU X 1050 -13.86 53.17 -13.31
C GLU X 1050 -12.48 53.56 -12.75
N THR X 1051 -11.56 52.59 -12.59
CA THR X 1051 -10.19 52.86 -12.13
C THR X 1051 -9.39 53.72 -13.12
N LEU X 1052 -9.46 53.46 -14.44
CA LEU X 1052 -8.76 54.25 -15.46
C LEU X 1052 -9.27 55.69 -15.55
N ALA X 1053 -10.57 55.93 -15.36
CA ALA X 1053 -11.12 57.29 -15.24
C ALA X 1053 -10.52 58.08 -14.05
N THR X 1054 -10.20 57.44 -12.91
CA THR X 1054 -9.54 58.16 -11.80
C THR X 1054 -8.10 58.59 -12.14
N ILE X 1055 -7.36 57.82 -12.95
CA ILE X 1055 -6.03 58.22 -13.44
C ILE X 1055 -6.17 59.39 -14.44
N ALA X 1056 -7.07 59.25 -15.41
CA ALA X 1056 -7.35 60.28 -16.41
C ALA X 1056 -7.71 61.66 -15.81
N SER X 1057 -8.66 61.69 -14.87
CA SER X 1057 -9.19 62.92 -14.26
C SER X 1057 -8.29 63.53 -13.16
N SER X 1058 -7.40 62.76 -12.54
CA SER X 1058 -6.46 63.27 -11.53
C SER X 1058 -5.19 63.93 -12.12
N GLY X 1059 -5.00 63.86 -13.44
CA GLY X 1059 -3.99 64.66 -14.17
C GLY X 1059 -2.53 64.20 -14.00
N ILE X 1060 -2.29 63.04 -13.39
CA ILE X 1060 -0.96 62.39 -13.42
C ILE X 1060 -0.61 61.87 -14.82
N GLU X 1061 0.68 61.69 -15.09
CA GLU X 1061 1.15 61.12 -16.35
C GLU X 1061 0.78 59.63 -16.51
N TRP X 1062 0.55 59.18 -17.74
CA TRP X 1062 0.25 57.78 -18.07
C TRP X 1062 1.50 56.91 -18.07
N THR X 1063 2.01 56.59 -16.88
CA THR X 1063 3.11 55.63 -16.68
C THR X 1063 2.89 54.79 -15.43
N ALA X 1064 3.41 53.55 -15.43
CA ALA X 1064 3.19 52.58 -14.35
C ALA X 1064 3.66 53.06 -12.97
N GLU X 1065 4.73 53.88 -12.90
CA GLU X 1065 5.24 54.46 -11.65
C GLU X 1065 4.27 55.51 -11.08
N ALA X 1066 3.80 56.44 -11.90
CA ALA X 1066 2.83 57.46 -11.51
C ALA X 1066 1.45 56.86 -11.16
N ALA X 1067 1.03 55.79 -11.85
CA ALA X 1067 -0.21 55.09 -11.56
C ALA X 1067 -0.24 54.52 -10.14
N ARG X 1068 0.83 53.83 -9.71
CA ARG X 1068 0.97 53.37 -8.32
C ARG X 1068 1.05 54.51 -7.31
N ASP X 1069 1.84 55.55 -7.58
CA ASP X 1069 1.95 56.72 -6.70
C ASP X 1069 0.60 57.41 -6.43
N PHE X 1070 -0.31 57.46 -7.40
CA PHE X 1070 -1.69 57.91 -7.17
C PHE X 1070 -2.55 56.87 -6.44
N LEU X 1071 -2.67 55.65 -6.97
CA LEU X 1071 -3.62 54.64 -6.47
C LEU X 1071 -3.33 54.21 -5.02
N GLU X 1072 -2.07 53.96 -4.68
CA GLU X 1072 -1.66 53.48 -3.35
C GLU X 1072 -1.67 54.58 -2.26
N GLY X 1073 -1.76 55.86 -2.65
CA GLY X 1073 -2.06 56.99 -1.75
C GLY X 1073 -3.56 57.22 -1.58
N VAL X 1074 -4.30 57.21 -2.70
CA VAL X 1074 -5.77 57.22 -2.73
C VAL X 1074 -6.32 55.85 -2.35
N ASP X 1083 -12.58 44.52 6.93
CA ASP X 1083 -14.03 44.58 6.73
C ASP X 1083 -14.76 43.53 7.59
N ASN X 1084 -16.09 43.63 7.71
CA ASN X 1084 -16.93 42.76 8.54
C ASN X 1084 -17.17 41.37 7.91
N PHE X 1085 -16.10 40.60 7.66
CA PHE X 1085 -16.19 39.24 7.12
C PHE X 1085 -16.74 38.26 8.17
N ILE X 1086 -17.95 37.73 7.95
CA ILE X 1086 -18.47 36.56 8.69
C ILE X 1086 -18.06 35.26 8.00
N SER X 1087 -17.78 34.21 8.77
CA SER X 1087 -17.49 32.87 8.25
C SER X 1087 -18.78 32.08 7.97
N VAL X 1088 -18.76 31.16 6.99
CA VAL X 1088 -19.94 30.43 6.50
C VAL X 1088 -19.71 28.91 6.53
N ALA X 1089 -20.72 28.13 6.90
CA ALA X 1089 -20.63 26.70 7.16
C ALA X 1089 -20.08 25.88 5.97
N ASP Z 9 66.67 -44.14 17.47
CA ASP Z 9 66.22 -45.43 18.00
C ASP Z 9 64.68 -45.56 18.03
N ASN Z 10 64.13 -46.77 18.20
CA ASN Z 10 62.70 -47.03 18.07
C ASN Z 10 62.20 -48.17 18.97
N LEU Z 11 60.88 -48.22 19.22
CA LEU Z 11 60.22 -49.22 20.07
C LEU Z 11 60.42 -50.67 19.60
N GLY Z 12 60.63 -50.90 18.31
CA GLY Z 12 60.93 -52.22 17.76
C GLY Z 12 62.30 -52.74 18.19
N SER Z 13 63.35 -51.94 17.96
CA SER Z 13 64.73 -52.22 18.39
C SER Z 13 64.84 -52.49 19.89
N GLN Z 14 64.06 -51.77 20.70
CA GLN Z 14 64.05 -51.86 22.17
C GLN Z 14 63.30 -53.07 22.75
N SER Z 15 62.43 -53.72 21.97
CA SER Z 15 61.63 -54.87 22.45
C SER Z 15 62.49 -56.14 22.66
N GLN Z 16 62.15 -56.96 23.66
CA GLN Z 16 62.91 -58.15 24.05
C GLN Z 16 62.49 -59.44 23.31
N PRO Z 17 63.39 -60.43 23.14
CA PRO Z 17 63.06 -61.81 22.78
C PRO Z 17 61.92 -62.45 23.60
N GLY Z 18 61.14 -63.34 23.00
CA GLY Z 18 60.07 -64.09 23.65
C GLY Z 18 59.33 -65.07 22.74
N PRO Z 19 58.29 -65.76 23.26
CA PRO Z 19 57.48 -66.72 22.51
C PRO Z 19 56.50 -66.05 21.53
N CYS Z 20 55.84 -66.83 20.68
CA CYS Z 20 54.86 -66.38 19.69
C CYS Z 20 53.48 -66.02 20.30
N GLY Z 21 53.19 -66.49 21.51
CA GLY Z 21 51.97 -66.26 22.28
C GLY Z 21 52.00 -66.97 23.64
N TYR Z 22 50.91 -66.90 24.41
CA TYR Z 22 50.73 -67.58 25.70
C TYR Z 22 49.33 -68.21 25.84
N ILE Z 23 49.24 -69.33 26.55
CA ILE Z 23 47.99 -69.81 27.15
C ILE Z 23 47.96 -69.34 28.62
N TYR Z 24 46.94 -68.59 29.02
CA TYR Z 24 46.67 -68.22 30.42
C TYR Z 24 45.66 -69.17 31.06
N PHE Z 25 45.92 -69.60 32.30
CA PHE Z 25 45.00 -70.37 33.13
C PHE Z 25 44.59 -69.58 34.38
N TYR Z 26 43.30 -69.30 34.58
CA TYR Z 26 42.77 -68.54 35.73
C TYR Z 26 41.94 -69.42 36.68
N PRO Z 27 42.13 -69.34 38.01
CA PRO Z 27 41.39 -70.16 38.96
C PRO Z 27 39.91 -69.75 39.08
N LEU Z 28 39.00 -70.69 38.84
CA LEU Z 28 37.55 -70.44 38.88
C LEU Z 28 37.02 -70.04 40.27
N ALA Z 29 37.66 -70.46 41.37
CA ALA Z 29 37.23 -70.12 42.73
C ALA Z 29 37.34 -68.63 43.07
N THR Z 30 38.25 -67.88 42.45
CA THR Z 30 38.54 -66.47 42.79
C THR Z 30 38.43 -65.47 41.63
N TYR Z 31 38.46 -65.90 40.37
CA TYR Z 31 38.43 -65.00 39.21
C TYR Z 31 37.09 -64.26 39.06
N PRO Z 32 37.05 -62.95 38.72
CA PRO Z 32 35.83 -62.13 38.68
C PRO Z 32 35.01 -62.35 37.37
N LEU Z 33 34.33 -63.49 37.27
CA LEU Z 33 33.60 -63.94 36.08
C LEU Z 33 32.49 -62.98 35.60
N ARG Z 34 31.74 -62.31 36.48
CA ARG Z 34 30.71 -61.34 36.07
C ARG Z 34 31.28 -60.04 35.53
N GLU Z 35 32.43 -59.59 36.00
CA GLU Z 35 33.11 -58.42 35.42
C GLU Z 35 33.55 -58.69 33.98
N VAL Z 36 34.31 -59.77 33.71
CA VAL Z 36 34.76 -60.06 32.33
C VAL Z 36 33.60 -60.28 31.38
N ALA Z 37 32.49 -60.87 31.82
CA ALA Z 37 31.31 -61.04 30.99
C ALA Z 37 30.74 -59.70 30.45
N THR Z 38 30.80 -58.60 31.21
CA THR Z 38 30.36 -57.28 30.70
C THR Z 38 31.22 -56.71 29.59
N LEU Z 39 32.48 -57.13 29.48
CA LEU Z 39 33.38 -56.75 28.39
C LEU Z 39 33.46 -57.80 27.27
N GLY Z 40 32.76 -58.94 27.39
CA GLY Z 40 32.85 -60.08 26.47
C GLY Z 40 31.81 -60.12 25.35
N THR Z 41 31.94 -61.12 24.48
CA THR Z 41 31.03 -61.43 23.35
C THR Z 41 30.25 -62.74 23.53
N GLY Z 42 29.89 -63.09 24.77
CA GLY Z 42 29.21 -64.35 25.08
C GLY Z 42 27.73 -64.40 24.64
N TYR Z 43 27.33 -65.44 23.93
CA TYR Z 43 25.94 -65.75 23.61
C TYR Z 43 25.46 -66.99 24.38
N ALA Z 44 24.16 -67.23 24.52
CA ALA Z 44 23.64 -68.40 25.22
C ALA Z 44 23.97 -69.71 24.48
N GLY Z 45 24.65 -70.64 25.14
CA GLY Z 45 25.11 -71.91 24.57
C GLY Z 45 26.52 -71.89 23.96
N HIS Z 46 27.29 -70.80 24.09
CA HIS Z 46 28.64 -70.68 23.51
C HIS Z 46 29.62 -71.75 24.00
N ARG Z 47 30.62 -72.05 23.17
CA ARG Z 47 31.77 -72.92 23.48
C ARG Z 47 33.09 -72.16 23.45
N CYS Z 48 33.09 -70.95 22.89
CA CYS Z 48 34.19 -69.99 22.88
C CYS Z 48 33.66 -68.54 22.87
N LEU Z 49 34.43 -67.57 23.37
CA LEU Z 49 34.15 -66.13 23.27
C LEU Z 49 35.42 -65.27 23.30
N THR Z 50 35.29 -64.02 22.89
CA THR Z 50 36.35 -63.00 22.94
C THR Z 50 36.14 -61.99 24.07
N VAL Z 51 37.27 -61.56 24.63
CA VAL Z 51 37.41 -60.52 25.66
C VAL Z 51 38.61 -59.63 25.31
N PRO Z 52 38.70 -58.38 25.80
CA PRO Z 52 39.85 -57.51 25.56
C PRO Z 52 41.11 -57.94 26.34
N LEU Z 53 42.31 -57.66 25.80
CA LEU Z 53 43.58 -57.72 26.52
C LEU Z 53 43.74 -56.51 27.46
N LEU Z 54 43.71 -56.70 28.77
CA LEU Z 54 43.81 -55.66 29.81
C LEU Z 54 44.68 -56.09 31.00
N CYS Z 55 45.62 -55.23 31.39
CA CYS Z 55 46.46 -55.45 32.57
C CYS Z 55 45.64 -55.39 33.86
N GLY Z 56 45.68 -56.46 34.66
CA GLY Z 56 44.97 -56.56 35.93
C GLY Z 56 43.61 -57.27 35.86
N ILE Z 57 43.17 -57.75 34.70
CA ILE Z 57 42.00 -58.63 34.59
C ILE Z 57 42.14 -59.77 33.58
N THR Z 58 42.83 -59.60 32.46
CA THR Z 58 43.09 -60.70 31.50
C THR Z 58 44.57 -61.00 31.30
N VAL Z 59 45.49 -60.06 31.55
CA VAL Z 59 46.94 -60.31 31.66
C VAL Z 59 47.51 -59.65 32.92
N GLU Z 60 48.69 -60.07 33.38
CA GLU Z 60 49.30 -59.51 34.58
C GLU Z 60 49.81 -58.07 34.36
N PRO Z 61 49.88 -57.23 35.40
CA PRO Z 61 50.51 -55.92 35.32
C PRO Z 61 51.94 -55.97 34.74
N GLY Z 62 52.26 -55.02 33.86
CA GLY Z 62 53.58 -54.96 33.21
C GLY Z 62 53.76 -55.87 32.01
N PHE Z 63 52.69 -56.44 31.45
CA PHE Z 63 52.72 -57.20 30.20
C PHE Z 63 53.33 -56.39 29.06
N SER Z 64 54.31 -56.95 28.35
CA SER Z 64 54.91 -56.33 27.16
C SER Z 64 54.05 -56.57 25.92
N ILE Z 65 53.41 -55.53 25.37
CA ILE Z 65 52.65 -55.65 24.11
C ILE Z 65 53.53 -55.74 22.87
N ASN Z 66 54.80 -55.32 22.91
CA ASN Z 66 55.77 -55.44 21.81
C ASN Z 66 56.83 -56.50 22.14
N VAL Z 67 57.20 -57.35 21.19
CA VAL Z 67 58.19 -58.45 21.39
C VAL Z 67 58.99 -58.74 20.12
N LYS Z 68 60.17 -59.34 20.29
CA LYS Z 68 60.84 -60.10 19.24
C LYS Z 68 60.49 -61.58 19.40
N ALA Z 69 59.66 -62.13 18.52
CA ALA Z 69 59.21 -63.51 18.59
C ALA Z 69 60.24 -64.46 17.97
N LEU Z 70 60.70 -65.48 18.72
CA LEU Z 70 61.54 -66.55 18.18
C LEU Z 70 60.67 -67.56 17.41
N HIS Z 71 60.72 -67.54 16.09
CA HIS Z 71 59.76 -68.28 15.25
C HIS Z 71 60.36 -69.38 14.35
N ARG Z 72 61.67 -69.35 14.07
CA ARG Z 72 62.35 -70.34 13.24
C ARG Z 72 63.75 -70.64 13.75
N ARG Z 73 64.13 -71.92 13.83
CA ARG Z 73 65.54 -72.34 13.96
C ARG Z 73 66.00 -73.01 12.65
N PRO Z 74 66.78 -72.33 11.79
CA PRO Z 74 67.27 -72.93 10.54
C PRO Z 74 68.11 -74.20 10.74
N ASP Z 75 68.82 -74.27 11.85
CA ASP Z 75 69.43 -75.46 12.43
C ASP Z 75 69.40 -75.32 13.98
N PRO Z 76 69.62 -76.39 14.76
CA PRO Z 76 69.57 -76.37 16.23
C PRO Z 76 70.42 -75.31 16.95
N ASN Z 77 71.32 -74.61 16.27
CA ASN Z 77 72.28 -73.66 16.83
C ASN Z 77 72.08 -72.20 16.38
N CYS Z 78 71.02 -71.89 15.62
CA CYS Z 78 70.70 -70.53 15.20
C CYS Z 78 69.20 -70.22 15.37
N GLY Z 79 68.86 -69.05 15.91
CA GLY Z 79 67.49 -68.55 15.99
C GLY Z 79 67.22 -67.35 15.09
N LEU Z 80 66.00 -67.24 14.57
CA LEU Z 80 65.52 -66.06 13.85
C LEU Z 80 64.43 -65.32 14.63
N LEU Z 81 64.50 -63.98 14.66
CA LEU Z 81 63.59 -63.10 15.40
C LEU Z 81 62.73 -62.22 14.48
N ARG Z 82 61.42 -62.18 14.75
CA ARG Z 82 60.43 -61.29 14.10
C ARG Z 82 59.90 -60.27 15.11
N ALA Z 83 60.00 -58.98 14.83
CA ALA Z 83 59.44 -57.94 15.69
C ALA Z 83 57.92 -57.78 15.43
N THR Z 84 57.10 -57.90 16.46
CA THR Z 84 55.63 -57.84 16.36
C THR Z 84 55.00 -57.33 17.64
N SER Z 85 53.89 -56.60 17.52
CA SER Z 85 52.97 -56.37 18.63
C SER Z 85 51.99 -57.53 18.82
N TYR Z 86 51.34 -57.57 19.99
CA TYR Z 86 50.24 -58.48 20.30
C TYR Z 86 48.95 -58.18 19.50
N HIS Z 87 48.12 -59.20 19.30
CA HIS Z 87 46.74 -59.02 18.88
C HIS Z 87 45.89 -58.50 20.04
N ARG Z 88 45.00 -57.57 19.74
CA ARG Z 88 44.15 -56.83 20.67
C ARG Z 88 43.13 -57.69 21.46
N ASP Z 89 42.58 -58.75 20.88
CA ASP Z 89 41.60 -59.64 21.51
C ASP Z 89 42.25 -60.91 22.11
N ILE Z 90 41.70 -61.39 23.23
CA ILE Z 90 41.98 -62.68 23.86
C ILE Z 90 40.80 -63.64 23.62
N TYR Z 91 41.10 -64.88 23.26
CA TYR Z 91 40.12 -65.93 22.96
C TYR Z 91 40.02 -66.95 24.11
N VAL Z 92 38.85 -67.03 24.75
CA VAL Z 92 38.54 -67.87 25.92
C VAL Z 92 37.91 -69.20 25.48
N PHE Z 93 38.63 -70.32 25.59
CA PHE Z 93 38.29 -71.58 24.90
C PHE Z 93 38.09 -72.82 25.79
N HIS Z 94 38.60 -72.85 27.03
CA HIS Z 94 38.48 -73.98 27.97
C HIS Z 94 37.64 -73.59 29.20
N ASN Z 95 36.60 -74.36 29.53
CA ASN Z 95 35.54 -74.05 30.51
C ASN Z 95 34.78 -72.74 30.25
N ALA Z 96 34.67 -72.29 28.99
CA ALA Z 96 34.03 -71.04 28.59
C ALA Z 96 32.56 -70.89 29.01
N HIS Z 97 31.83 -72.00 29.25
CA HIS Z 97 30.48 -72.03 29.80
C HIS Z 97 30.35 -71.37 31.19
N MET Z 98 31.46 -71.22 31.93
CA MET Z 98 31.52 -70.52 33.21
C MET Z 98 31.45 -69.00 33.11
N VAL Z 99 31.67 -68.39 31.94
CA VAL Z 99 31.53 -66.93 31.72
C VAL Z 99 30.09 -66.63 31.28
N PRO Z 100 29.31 -65.81 32.00
CA PRO Z 100 27.95 -65.42 31.59
C PRO Z 100 27.86 -64.78 30.18
N PRO Z 101 26.76 -64.98 29.44
CA PRO Z 101 26.53 -64.29 28.17
C PRO Z 101 26.26 -62.79 28.36
N ILE Z 102 26.58 -61.97 27.33
CA ILE Z 102 26.24 -60.54 27.27
C ILE Z 102 24.77 -60.29 26.87
N PHE Z 103 24.14 -61.23 26.17
CA PHE Z 103 22.77 -61.17 25.65
C PHE Z 103 22.02 -62.49 25.89
N GLU Z 104 20.78 -62.45 26.37
CA GLU Z 104 20.05 -63.64 26.83
C GLU Z 104 19.25 -64.36 25.73
N GLY Z 105 19.01 -63.73 24.57
CA GLY Z 105 18.15 -64.31 23.53
C GLY Z 105 18.70 -65.61 22.95
N PRO Z 106 17.90 -66.67 22.83
CA PRO Z 106 18.31 -67.98 22.28
C PRO Z 106 18.36 -68.04 20.75
N GLY Z 107 18.97 -69.10 20.21
CA GLY Z 107 18.89 -69.49 18.79
C GLY Z 107 19.83 -68.79 17.80
N LEU Z 108 20.86 -68.06 18.26
CA LEU Z 108 21.68 -67.21 17.37
C LEU Z 108 22.60 -68.00 16.45
N GLU Z 109 23.10 -69.16 16.90
CA GLU Z 109 24.07 -69.96 16.15
C GLU Z 109 23.49 -70.55 14.86
N ALA Z 110 22.26 -71.06 14.90
CA ALA Z 110 21.51 -71.54 13.75
C ALA Z 110 21.08 -70.41 12.79
N LEU Z 111 20.64 -69.27 13.33
CA LEU Z 111 20.31 -68.09 12.53
C LEU Z 111 21.52 -67.58 11.71
N CYS Z 112 22.69 -67.51 12.36
CA CYS Z 112 23.94 -67.16 11.69
C CYS Z 112 24.31 -68.18 10.58
N GLY Z 113 24.14 -69.48 10.84
CA GLY Z 113 24.46 -70.55 9.90
C GLY Z 113 23.59 -70.54 8.64
N GLU Z 114 22.29 -70.35 8.82
CA GLU Z 114 21.32 -70.21 7.74
C GLU Z 114 21.61 -68.97 6.87
N THR Z 115 21.87 -67.83 7.50
CA THR Z 115 22.07 -66.56 6.78
C THR Z 115 23.40 -66.50 6.03
N ARG Z 116 24.47 -67.12 6.57
CA ARG Z 116 25.78 -67.26 5.90
C ARG Z 116 25.65 -68.02 4.57
N GLU Z 117 24.79 -69.03 4.51
CA GLU Z 117 24.57 -69.84 3.31
C GLU Z 117 23.83 -69.06 2.21
N VAL Z 118 22.77 -68.31 2.52
CA VAL Z 118 22.03 -67.53 1.50
C VAL Z 118 22.85 -66.40 0.88
N PHE Z 119 23.79 -65.80 1.63
CA PHE Z 119 24.75 -64.83 1.08
C PHE Z 119 25.96 -65.49 0.37
N GLY Z 120 26.05 -66.82 0.35
CA GLY Z 120 27.12 -67.57 -0.32
C GLY Z 120 28.47 -67.56 0.39
N TYR Z 121 28.52 -67.31 1.69
CA TYR Z 121 29.76 -67.24 2.48
C TYR Z 121 30.24 -68.60 2.98
N ASP Z 122 31.56 -68.73 3.04
CA ASP Z 122 32.33 -69.89 3.49
C ASP Z 122 32.26 -70.12 5.03
N ALA Z 123 31.75 -71.27 5.47
CA ALA Z 123 31.75 -71.69 6.87
C ALA Z 123 33.10 -72.30 7.31
N TYR Z 124 33.43 -72.30 8.61
CA TYR Z 124 34.65 -72.92 9.10
C TYR Z 124 34.66 -74.43 8.84
N SER Z 125 35.70 -74.94 8.20
CA SER Z 125 35.90 -76.38 7.99
C SER Z 125 36.99 -76.89 8.94
N ALA Z 126 36.63 -77.80 9.83
CA ALA Z 126 37.52 -78.36 10.84
C ALA Z 126 38.62 -79.26 10.24
N LEU Z 127 39.80 -79.29 10.88
CA LEU Z 127 40.85 -80.26 10.57
C LEU Z 127 40.35 -81.71 10.85
N PRO Z 128 40.94 -82.74 10.23
CA PRO Z 128 40.56 -84.14 10.47
C PRO Z 128 41.01 -84.71 11.83
N ARG Z 129 41.98 -84.10 12.52
CA ARG Z 129 42.34 -84.45 13.93
C ARG Z 129 41.27 -84.03 14.95
N GLU Z 130 41.29 -84.63 16.14
CA GLU Z 130 40.63 -84.06 17.33
C GLU Z 130 41.34 -82.81 17.87
N SER Z 131 40.63 -81.97 18.61
CA SER Z 131 41.20 -80.94 19.50
C SER Z 131 42.20 -81.54 20.52
N SER Z 132 43.25 -80.78 20.86
CA SER Z 132 44.21 -81.13 21.91
C SER Z 132 43.51 -81.40 23.24
N LYS Z 133 43.78 -82.57 23.83
CA LYS Z 133 43.30 -82.94 25.17
C LYS Z 133 43.97 -82.08 26.25
N PRO Z 134 43.29 -81.74 27.36
CA PRO Z 134 43.85 -80.92 28.42
C PRO Z 134 45.24 -81.33 28.90
N GLY Z 135 45.47 -82.61 29.16
CA GLY Z 135 46.78 -83.13 29.59
C GLY Z 135 47.96 -82.87 28.64
N ASP Z 136 47.71 -82.51 27.39
CA ASP Z 136 48.73 -82.10 26.42
C ASP Z 136 49.22 -80.66 26.59
N PHE Z 137 48.39 -79.73 27.09
CA PHE Z 137 48.73 -78.30 27.16
C PHE Z 137 48.68 -77.70 28.58
N PHE Z 138 48.02 -78.34 29.55
CA PHE Z 138 48.06 -77.95 30.95
C PHE Z 138 49.44 -78.15 31.60
N PRO Z 139 49.90 -77.24 32.47
CA PRO Z 139 51.01 -77.48 33.39
C PRO Z 139 50.84 -78.76 34.22
N GLU Z 140 51.95 -79.28 34.76
CA GLU Z 140 51.97 -80.42 35.67
C GLU Z 140 51.15 -80.20 36.95
N GLY Z 141 50.24 -81.13 37.27
CA GLY Z 141 49.51 -81.18 38.53
C GLY Z 141 48.24 -80.33 38.65
N LEU Z 142 48.06 -79.28 37.82
CA LEU Z 142 46.81 -78.51 37.80
C LEU Z 142 45.63 -79.35 37.28
N ASP Z 143 44.50 -79.26 37.97
CA ASP Z 143 43.24 -79.90 37.61
C ASP Z 143 42.51 -79.12 36.48
N PRO Z 144 42.28 -79.72 35.29
CA PRO Z 144 41.55 -79.04 34.22
C PRO Z 144 40.15 -78.55 34.58
N SER Z 145 39.46 -79.18 35.53
CA SER Z 145 38.12 -78.77 35.97
C SER Z 145 38.11 -77.50 36.85
N ALA Z 146 39.27 -77.11 37.42
CA ALA Z 146 39.40 -75.99 38.35
C ALA Z 146 39.76 -74.64 37.70
N TYR Z 147 40.07 -74.61 36.40
CA TYR Z 147 40.62 -73.45 35.71
C TYR Z 147 39.85 -73.04 34.45
N LEU Z 148 39.89 -71.76 34.12
CA LEU Z 148 39.43 -71.15 32.86
C LEU Z 148 40.65 -70.97 31.93
N GLY Z 149 40.57 -71.39 30.66
CA GLY Z 149 41.70 -71.29 29.70
C GLY Z 149 41.48 -70.35 28.51
N ALA Z 150 42.46 -69.50 28.22
CA ALA Z 150 42.39 -68.50 27.16
C ALA Z 150 43.76 -68.25 26.48
N VAL Z 151 43.77 -67.85 25.19
CA VAL Z 151 44.98 -67.57 24.40
C VAL Z 151 45.18 -66.07 24.17
N ALA Z 152 46.40 -65.58 24.41
CA ALA Z 152 46.91 -64.31 23.94
C ALA Z 152 47.92 -64.56 22.82
N ILE Z 153 47.83 -63.87 21.69
CA ILE Z 153 48.55 -64.21 20.45
C ILE Z 153 49.18 -62.99 19.79
N THR Z 154 50.37 -63.14 19.21
CA THR Z 154 51.00 -62.06 18.45
C THR Z 154 50.38 -61.86 17.07
N GLU Z 155 50.33 -60.62 16.61
CA GLU Z 155 49.62 -60.24 15.38
C GLU Z 155 50.17 -60.92 14.11
N ALA Z 156 51.48 -61.24 14.09
CA ALA Z 156 52.15 -61.92 12.98
C ALA Z 156 51.93 -63.44 12.90
N PHE Z 157 51.56 -64.11 14.00
CA PHE Z 157 51.42 -65.57 14.09
C PHE Z 157 49.98 -66.06 14.43
N LYS Z 158 48.97 -65.20 14.37
CA LYS Z 158 47.56 -65.57 14.62
C LYS Z 158 46.95 -66.49 13.54
N GLU Z 159 47.38 -66.46 12.29
CA GLU Z 159 46.95 -67.47 11.31
C GLU Z 159 47.53 -68.86 11.62
N ARG Z 160 48.76 -68.93 12.17
CA ARG Z 160 49.36 -70.18 12.65
C ARG Z 160 48.59 -70.78 13.83
N LEU Z 161 48.06 -69.95 14.72
CA LEU Z 161 47.14 -70.39 15.78
C LEU Z 161 45.86 -71.01 15.18
N TYR Z 162 45.22 -70.32 14.25
CA TYR Z 162 44.05 -70.80 13.51
C TYR Z 162 44.30 -72.15 12.82
N SER Z 163 45.44 -72.31 12.16
CA SER Z 163 45.78 -73.49 11.34
C SER Z 163 46.38 -74.66 12.12
N GLY Z 164 46.57 -74.55 13.44
CA GLY Z 164 47.05 -75.66 14.28
C GLY Z 164 48.56 -75.91 14.19
N ASN Z 165 49.35 -74.88 13.86
CA ASN Z 165 50.79 -74.95 13.61
C ASN Z 165 51.67 -74.42 14.77
N LEU Z 166 51.10 -74.03 15.92
CA LEU Z 166 51.86 -73.70 17.12
C LEU Z 166 52.06 -74.93 18.03
N VAL Z 167 53.09 -74.90 18.86
CA VAL Z 167 53.43 -75.90 19.88
C VAL Z 167 53.38 -75.24 21.27
N ALA Z 168 52.67 -75.84 22.23
CA ALA Z 168 52.71 -75.43 23.64
C ALA Z 168 53.79 -76.22 24.42
N ILE Z 169 54.50 -75.58 25.34
CA ILE Z 169 55.58 -76.19 26.12
C ILE Z 169 55.30 -76.09 27.63
N PRO Z 170 54.45 -76.95 28.21
CA PRO Z 170 54.05 -76.91 29.63
C PRO Z 170 55.18 -76.86 30.67
N SER Z 171 56.37 -77.41 30.39
CA SER Z 171 57.50 -77.37 31.34
C SER Z 171 58.01 -75.94 31.58
N LEU Z 172 57.84 -75.03 30.62
CA LEU Z 172 58.22 -73.62 30.72
C LEU Z 172 57.15 -72.74 31.39
N LYS Z 173 56.26 -73.30 32.21
CA LYS Z 173 55.24 -72.53 32.95
C LYS Z 173 55.83 -71.38 33.76
N GLN Z 174 55.06 -70.31 33.90
CA GLN Z 174 55.35 -69.18 34.77
C GLN Z 174 54.13 -68.82 35.61
N GLU Z 175 54.31 -68.54 36.90
CA GLU Z 175 53.22 -68.17 37.80
C GLU Z 175 53.11 -66.65 37.89
N VAL Z 176 51.90 -66.11 37.70
CA VAL Z 176 51.61 -64.69 37.50
C VAL Z 176 50.36 -64.26 38.26
N ALA Z 177 50.35 -63.07 38.84
CA ALA Z 177 49.18 -62.51 39.51
C ALA Z 177 48.33 -61.70 38.54
N VAL Z 178 47.05 -62.04 38.36
CA VAL Z 178 46.12 -61.32 37.49
C VAL Z 178 45.00 -60.72 38.34
N GLY Z 179 45.16 -59.44 38.69
CA GLY Z 179 44.37 -58.83 39.77
C GLY Z 179 44.66 -59.52 41.10
N GLN Z 180 43.62 -60.04 41.77
CA GLN Z 180 43.80 -60.86 42.98
C GLN Z 180 44.21 -62.31 42.68
N SER Z 181 43.88 -62.84 41.50
CA SER Z 181 43.92 -64.29 41.25
C SER Z 181 45.32 -64.83 40.92
N ALA Z 182 45.74 -65.86 41.63
CA ALA Z 182 46.97 -66.60 41.36
C ALA Z 182 46.82 -67.43 40.07
N SER Z 183 47.36 -66.95 38.96
CA SER Z 183 47.21 -67.54 37.64
C SER Z 183 48.50 -68.19 37.13
N VAL Z 184 48.43 -68.93 36.02
CA VAL Z 184 49.61 -69.56 35.39
C VAL Z 184 49.61 -69.26 33.89
N ARG Z 185 50.77 -69.10 33.26
CA ARG Z 185 50.87 -69.08 31.80
C ARG Z 185 51.88 -70.09 31.23
N VAL Z 186 51.59 -70.61 30.04
CA VAL Z 186 52.45 -71.52 29.25
C VAL Z 186 52.77 -70.87 27.91
N PRO Z 187 54.02 -70.88 27.42
CA PRO Z 187 54.36 -70.26 26.14
C PRO Z 187 53.93 -71.09 24.91
N LEU Z 188 53.71 -70.41 23.78
CA LEU Z 188 53.48 -70.98 22.46
C LEU Z 188 54.62 -70.65 21.48
N TYR Z 189 55.13 -71.63 20.74
CA TYR Z 189 56.16 -71.44 19.71
C TYR Z 189 55.72 -72.02 18.34
N ASP Z 190 56.05 -71.39 17.23
CA ASP Z 190 55.79 -71.94 15.89
C ASP Z 190 56.55 -73.26 15.66
N LYS Z 191 55.92 -74.30 15.09
CA LYS Z 191 56.57 -75.60 14.85
C LYS Z 191 57.88 -75.51 14.06
N GLU Z 192 58.14 -74.42 13.34
CA GLU Z 192 59.43 -74.13 12.69
C GLU Z 192 60.60 -73.86 13.64
N VAL Z 193 60.41 -73.77 14.96
CA VAL Z 193 61.54 -73.84 15.92
C VAL Z 193 62.03 -75.26 16.19
N PHE Z 194 61.42 -76.30 15.62
CA PHE Z 194 61.87 -77.69 15.71
C PHE Z 194 62.25 -78.25 14.34
N PRO Z 195 63.46 -77.96 13.82
CA PRO Z 195 63.88 -78.42 12.49
C PRO Z 195 63.86 -79.94 12.30
N GLU Z 196 64.06 -80.75 13.35
CA GLU Z 196 63.96 -82.22 13.26
C GLU Z 196 62.51 -82.73 13.26
N GLY Z 197 61.53 -81.83 13.45
CA GLY Z 197 60.09 -82.10 13.52
C GLY Z 197 59.59 -82.50 14.91
N VAL Z 198 58.31 -82.22 15.15
CA VAL Z 198 57.50 -82.74 16.27
C VAL Z 198 56.28 -83.50 15.69
N PRO Z 199 55.76 -84.57 16.33
CA PRO Z 199 54.60 -85.31 15.82
C PRO Z 199 53.37 -84.42 15.60
N GLN Z 200 52.56 -84.70 14.57
CA GLN Z 200 51.42 -83.85 14.23
C GLN Z 200 50.42 -83.65 15.39
N LEU Z 201 50.20 -84.65 16.25
CA LEU Z 201 49.35 -84.51 17.44
C LEU Z 201 50.02 -83.78 18.64
N ARG Z 202 51.33 -83.51 18.61
CA ARG Z 202 52.04 -82.70 19.61
C ARG Z 202 51.84 -81.20 19.43
N GLN Z 203 51.40 -80.75 18.25
CA GLN Z 203 50.97 -79.38 17.97
C GLN Z 203 49.64 -79.04 18.66
N PHE Z 204 49.42 -77.77 18.99
CA PHE Z 204 48.22 -77.29 19.68
C PHE Z 204 47.09 -76.97 18.69
N TYR Z 205 45.92 -77.57 18.89
CA TYR Z 205 44.73 -77.27 18.10
C TYR Z 205 43.46 -77.26 18.95
N ASN Z 206 42.59 -76.27 18.76
CA ASN Z 206 41.24 -76.28 19.30
C ASN Z 206 40.22 -75.82 18.25
N SER Z 207 39.29 -76.71 17.91
CA SER Z 207 38.32 -76.44 16.85
C SER Z 207 37.33 -75.33 17.19
N ASP Z 208 36.91 -75.18 18.45
CA ASP Z 208 36.04 -74.09 18.86
C ASP Z 208 36.73 -72.73 18.78
N LEU Z 209 38.00 -72.64 19.16
CA LEU Z 209 38.83 -71.44 19.00
C LEU Z 209 38.98 -71.05 17.52
N SER Z 210 39.36 -72.00 16.66
CA SER Z 210 39.52 -71.71 15.22
C SER Z 210 38.21 -71.26 14.56
N ARG Z 211 37.08 -71.92 14.85
CA ARG Z 211 35.75 -71.50 14.42
C ARG Z 211 35.37 -70.09 14.91
N CYS Z 212 35.64 -69.74 16.16
CA CYS Z 212 35.41 -68.41 16.69
C CYS Z 212 36.20 -67.33 15.92
N MET Z 213 37.51 -67.52 15.69
CA MET Z 213 38.32 -66.63 14.83
C MET Z 213 37.79 -66.51 13.39
N HIS Z 214 37.34 -67.60 12.79
CA HIS Z 214 36.76 -67.60 11.44
C HIS Z 214 35.61 -66.60 11.32
N GLU Z 215 34.67 -66.67 12.28
CA GLU Z 215 33.46 -65.87 12.32
C GLU Z 215 33.72 -64.45 12.85
N ALA Z 216 34.33 -64.29 14.02
CA ALA Z 216 34.48 -63.01 14.69
C ALA Z 216 35.63 -62.15 14.18
N LEU Z 217 36.67 -62.71 13.55
CA LEU Z 217 37.80 -61.95 13.00
C LEU Z 217 37.82 -61.92 11.46
N TYR Z 218 38.02 -63.06 10.81
CA TYR Z 218 38.35 -63.11 9.38
C TYR Z 218 37.18 -62.82 8.44
N THR Z 219 35.95 -63.18 8.79
CA THR Z 219 34.78 -62.94 7.93
C THR Z 219 34.53 -61.45 7.69
N GLY Z 220 34.72 -60.59 8.67
CA GLY Z 220 34.57 -59.15 8.52
C GLY Z 220 35.65 -58.52 7.64
N LEU Z 221 36.88 -59.04 7.66
CA LEU Z 221 37.97 -58.62 6.76
C LEU Z 221 37.68 -59.01 5.31
N ALA Z 222 37.13 -60.21 5.09
CA ALA Z 222 36.64 -60.65 3.79
C ALA Z 222 35.50 -59.75 3.28
N GLN Z 223 34.51 -59.41 4.11
CA GLN Z 223 33.45 -58.45 3.76
C GLN Z 223 34.02 -57.08 3.36
N ALA Z 224 35.04 -56.55 4.06
CA ALA Z 224 35.70 -55.29 3.69
C ALA Z 224 36.42 -55.30 2.32
N LEU Z 225 36.80 -56.46 1.79
CA LEU Z 225 37.40 -56.64 0.46
C LEU Z 225 36.40 -57.10 -0.62
N ARG Z 226 35.15 -57.40 -0.26
CA ARG Z 226 34.11 -58.08 -1.08
C ARG Z 226 34.59 -59.44 -1.63
N VAL Z 227 35.12 -60.28 -0.74
CA VAL Z 227 35.53 -61.68 -0.94
C VAL Z 227 34.60 -62.61 -0.14
N ARG Z 228 34.14 -63.74 -0.70
CA ARG Z 228 33.30 -64.76 -0.03
C ARG Z 228 34.06 -65.95 0.55
N ARG Z 229 35.21 -66.28 -0.04
CA ARG Z 229 36.08 -67.43 0.29
C ARG Z 229 37.00 -67.13 1.47
N VAL Z 230 36.46 -67.17 2.68
CA VAL Z 230 37.14 -66.76 3.93
C VAL Z 230 38.35 -67.65 4.22
N GLY Z 231 38.24 -68.97 4.08
CA GLY Z 231 39.34 -69.91 4.32
C GLY Z 231 40.55 -69.70 3.43
N LYS Z 232 40.34 -69.38 2.14
CA LYS Z 232 41.39 -68.96 1.21
C LYS Z 232 42.00 -67.59 1.54
N LEU Z 233 41.23 -66.62 2.05
CA LEU Z 233 41.81 -65.39 2.59
C LEU Z 233 42.73 -65.67 3.80
N VAL Z 234 42.37 -66.57 4.72
CA VAL Z 234 43.26 -66.92 5.85
C VAL Z 234 44.56 -67.57 5.37
N GLU Z 235 44.50 -68.49 4.41
CA GLU Z 235 45.69 -69.12 3.82
C GLU Z 235 46.66 -68.12 3.18
N LEU Z 236 46.17 -67.14 2.41
CA LEU Z 236 47.04 -66.16 1.78
C LEU Z 236 47.62 -65.13 2.76
N LEU Z 237 46.94 -64.79 3.86
CA LEU Z 237 47.49 -63.96 4.93
C LEU Z 237 48.62 -64.68 5.69
N GLU Z 238 48.50 -65.98 5.94
CA GLU Z 238 49.56 -66.78 6.60
C GLU Z 238 50.85 -66.80 5.76
N LYS Z 239 50.77 -67.15 4.49
CA LYS Z 239 51.92 -67.18 3.58
C LYS Z 239 52.53 -65.79 3.37
N GLN Z 240 51.75 -64.72 3.38
CA GLN Z 240 52.28 -63.36 3.36
C GLN Z 240 53.11 -63.03 4.61
N SER Z 241 52.72 -63.52 5.79
CA SER Z 241 53.50 -63.32 7.01
C SER Z 241 54.77 -64.16 7.05
N LEU Z 242 54.72 -65.44 6.66
CA LEU Z 242 55.85 -66.36 6.82
C LEU Z 242 56.87 -66.40 5.67
N GLN Z 243 56.48 -65.96 4.47
CA GLN Z 243 57.29 -66.08 3.24
C GLN Z 243 57.48 -64.74 2.52
N ASP Z 244 57.29 -63.62 3.22
CA ASP Z 244 57.60 -62.25 2.78
C ASP Z 244 56.92 -61.79 1.47
N GLN Z 245 55.73 -62.28 1.15
CA GLN Z 245 55.06 -62.11 -0.14
C GLN Z 245 54.35 -60.73 -0.33
N ALA Z 246 54.70 -59.69 0.42
CA ALA Z 246 53.99 -58.40 0.38
C ALA Z 246 53.94 -57.73 -1.01
N LYS Z 247 55.00 -57.83 -1.81
CA LYS Z 247 55.07 -57.28 -3.18
C LYS Z 247 54.54 -58.22 -4.28
N VAL Z 248 53.97 -59.37 -3.94
CA VAL Z 248 53.36 -60.33 -4.89
C VAL Z 248 51.83 -60.18 -4.88
N ALA Z 249 51.18 -60.09 -6.03
CA ALA Z 249 49.72 -60.05 -6.13
C ALA Z 249 49.10 -61.41 -5.72
N LYS Z 250 47.99 -61.39 -4.98
CA LYS Z 250 47.43 -62.60 -4.34
C LYS Z 250 45.91 -62.64 -4.18
N VAL Z 251 45.22 -61.52 -3.95
CA VAL Z 251 43.75 -61.53 -3.77
C VAL Z 251 42.97 -61.50 -5.07
N ALA Z 252 43.52 -61.02 -6.18
CA ALA Z 252 42.77 -60.84 -7.43
C ALA Z 252 41.94 -62.05 -7.91
N PRO Z 253 42.41 -63.32 -7.83
CA PRO Z 253 41.60 -64.49 -8.18
C PRO Z 253 40.31 -64.67 -7.35
N LEU Z 254 40.28 -64.22 -6.11
CA LEU Z 254 39.12 -64.34 -5.21
C LEU Z 254 38.05 -63.27 -5.44
N LYS Z 255 38.32 -62.22 -6.23
CA LYS Z 255 37.42 -61.10 -6.49
C LYS Z 255 36.16 -61.50 -7.28
N GLU Z 256 35.10 -60.73 -7.11
CA GLU Z 256 33.79 -60.89 -7.74
C GLU Z 256 33.15 -59.53 -8.03
N PHE Z 257 32.38 -59.41 -9.10
CA PHE Z 257 31.88 -58.13 -9.60
C PHE Z 257 30.38 -58.13 -9.88
N PRO Z 258 29.64 -57.04 -9.61
CA PRO Z 258 28.21 -56.92 -9.90
C PRO Z 258 27.93 -56.50 -11.36
N ALA Z 259 26.69 -56.62 -11.81
CA ALA Z 259 26.24 -56.29 -13.15
C ALA Z 259 26.46 -54.83 -13.55
N SER Z 260 26.41 -53.88 -12.61
CA SER Z 260 26.74 -52.46 -12.84
C SER Z 260 28.20 -52.24 -13.22
N THR Z 261 29.12 -53.08 -12.75
CA THR Z 261 30.54 -53.08 -13.15
C THR Z 261 30.78 -53.83 -14.45
N ILE Z 262 30.12 -54.97 -14.66
CA ILE Z 262 30.29 -55.78 -15.89
C ILE Z 262 29.68 -55.10 -17.14
N SER Z 263 28.56 -54.39 -16.99
CA SER Z 263 27.88 -53.66 -18.08
C SER Z 263 28.49 -52.27 -18.37
N HIS Z 264 29.50 -51.84 -17.60
CA HIS Z 264 30.06 -50.49 -17.67
C HIS Z 264 30.90 -50.25 -18.95
N PRO Z 265 30.83 -49.06 -19.58
CA PRO Z 265 31.66 -48.76 -20.76
C PRO Z 265 33.17 -48.84 -20.51
N ASP Z 266 33.61 -48.50 -19.28
CA ASP Z 266 34.99 -48.64 -18.81
C ASP Z 266 35.25 -49.90 -17.94
N SER Z 267 34.41 -50.94 -18.07
CA SER Z 267 34.44 -52.13 -17.19
C SER Z 267 35.83 -52.77 -17.05
N GLY Z 268 36.62 -52.86 -18.12
CA GLY Z 268 37.96 -53.46 -18.07
C GLY Z 268 38.94 -52.69 -17.18
N ALA Z 269 38.92 -51.36 -17.23
CA ALA Z 269 39.72 -50.50 -16.35
C ALA Z 269 39.18 -50.49 -14.91
N LEU Z 270 37.85 -50.52 -14.73
CA LEU Z 270 37.22 -50.61 -13.42
C LEU Z 270 37.57 -51.90 -12.69
N MET Z 271 37.55 -53.06 -13.36
CA MET Z 271 37.94 -54.34 -12.75
C MET Z 271 39.42 -54.35 -12.32
N ILE Z 272 40.33 -53.71 -13.07
CA ILE Z 272 41.74 -53.56 -12.69
C ILE Z 272 41.90 -52.61 -11.49
N VAL Z 273 41.24 -51.44 -11.46
CA VAL Z 273 41.36 -50.49 -10.34
C VAL Z 273 40.79 -51.05 -9.03
N ASP Z 274 39.60 -51.66 -9.06
CA ASP Z 274 38.98 -52.32 -7.90
C ASP Z 274 39.84 -53.46 -7.33
N SER Z 275 40.43 -54.28 -8.21
CA SER Z 275 41.35 -55.35 -7.81
C SER Z 275 42.66 -54.83 -7.21
N ALA Z 276 43.30 -53.83 -7.83
CA ALA Z 276 44.56 -53.28 -7.35
C ALA Z 276 44.42 -52.56 -5.99
N ALA Z 277 43.31 -51.85 -5.77
CA ALA Z 277 43.00 -51.24 -4.47
C ALA Z 277 42.92 -52.30 -3.34
N CYS Z 278 42.26 -53.43 -3.57
CA CYS Z 278 42.20 -54.52 -2.60
C CYS Z 278 43.55 -55.18 -2.35
N GLU Z 279 44.34 -55.44 -3.40
CA GLU Z 279 45.70 -55.97 -3.26
C GLU Z 279 46.57 -55.08 -2.37
N LEU Z 280 46.54 -53.76 -2.57
CA LEU Z 280 47.29 -52.80 -1.77
C LEU Z 280 46.84 -52.77 -0.31
N ALA Z 281 45.53 -52.81 -0.03
CA ALA Z 281 45.02 -52.89 1.34
C ALA Z 281 45.51 -54.16 2.06
N VAL Z 282 45.51 -55.31 1.39
CA VAL Z 282 46.06 -56.56 1.93
C VAL Z 282 47.60 -56.54 2.08
N SER Z 283 48.35 -55.84 1.24
CA SER Z 283 49.80 -55.66 1.44
C SER Z 283 50.11 -54.80 2.66
N TYR Z 284 49.44 -53.65 2.84
CA TYR Z 284 49.84 -52.64 3.82
C TYR Z 284 49.12 -52.69 5.18
N ALA Z 285 47.85 -53.07 5.27
CA ALA Z 285 47.14 -53.08 6.56
C ALA Z 285 47.75 -54.04 7.61
N PRO Z 286 48.04 -55.32 7.28
CA PRO Z 286 48.73 -56.21 8.23
C PRO Z 286 50.10 -55.69 8.71
N ALA Z 287 50.91 -55.10 7.83
CA ALA Z 287 52.21 -54.52 8.20
C ALA Z 287 52.07 -53.41 9.26
N MET Z 288 51.14 -52.47 9.07
CA MET Z 288 50.86 -51.42 10.05
C MET Z 288 50.26 -51.94 11.35
N LEU Z 289 49.42 -52.97 11.31
CA LEU Z 289 48.86 -53.60 12.52
C LEU Z 289 49.91 -54.38 13.33
N GLU Z 290 50.85 -55.07 12.68
CA GLU Z 290 51.95 -55.81 13.32
C GLU Z 290 53.03 -54.91 13.94
N ALA Z 291 53.17 -53.65 13.51
CA ALA Z 291 54.20 -52.73 13.98
C ALA Z 291 54.22 -52.53 15.51
N SER Z 292 55.32 -52.00 16.05
CA SER Z 292 55.43 -51.74 17.49
C SER Z 292 54.63 -50.49 17.88
N HIS Z 293 53.78 -50.58 18.90
CA HIS Z 293 52.85 -49.51 19.30
C HIS Z 293 53.17 -48.97 20.70
N GLU Z 294 52.89 -47.69 20.96
CA GLU Z 294 52.91 -47.12 22.31
C GLU Z 294 51.88 -47.81 23.23
N THR Z 295 52.18 -47.93 24.53
CA THR Z 295 51.28 -48.50 25.55
C THR Z 295 50.43 -47.41 26.20
N PRO Z 296 49.11 -47.29 25.93
CA PRO Z 296 48.28 -46.26 26.54
C PRO Z 296 48.05 -46.50 28.05
N ALA Z 297 47.81 -45.44 28.82
CA ALA Z 297 47.44 -45.53 30.24
C ALA Z 297 46.07 -46.20 30.47
N SER Z 298 45.19 -46.19 29.45
CA SER Z 298 43.87 -46.83 29.50
C SER Z 298 43.94 -48.36 29.50
N LEU Z 299 45.09 -48.97 29.19
CA LEU Z 299 45.27 -50.42 29.19
C LEU Z 299 45.39 -51.03 30.60
N ASN Z 300 45.51 -50.20 31.63
CA ASN Z 300 45.68 -50.61 33.02
C ASN Z 300 44.35 -50.56 33.81
N TYR Z 301 43.67 -51.69 33.94
CA TYR Z 301 42.29 -51.78 34.44
C TYR Z 301 42.13 -51.40 35.93
N ASP Z 302 43.17 -51.59 36.74
CA ASP Z 302 43.13 -51.26 38.17
C ASP Z 302 43.33 -49.76 38.46
N SER Z 303 43.87 -48.97 37.53
CA SER Z 303 43.90 -47.51 37.62
C SER Z 303 42.72 -46.80 36.93
N TRP Z 304 41.73 -47.51 36.37
CA TRP Z 304 40.54 -46.87 35.78
C TRP Z 304 39.78 -46.03 36.82
N PRO Z 305 39.61 -44.71 36.63
CA PRO Z 305 38.86 -43.87 37.57
C PRO Z 305 37.39 -44.26 37.79
N LEU Z 306 36.72 -44.90 36.83
CA LEU Z 306 35.29 -45.19 36.95
C LEU Z 306 34.91 -46.07 38.16
N PHE Z 307 35.84 -46.87 38.69
CA PHE Z 307 35.65 -47.70 39.88
C PHE Z 307 35.85 -46.96 41.23
N ALA Z 308 36.31 -45.72 41.25
CA ALA Z 308 36.86 -45.07 42.45
C ALA Z 308 35.89 -44.95 43.65
N ASP Z 309 34.60 -44.81 43.42
CA ASP Z 309 33.57 -44.77 44.48
C ASP Z 309 32.90 -46.14 44.77
N CYS Z 310 33.28 -47.23 44.10
CA CYS Z 310 32.64 -48.54 44.24
C CYS Z 310 33.03 -49.28 45.52
N GLU Z 311 32.04 -49.89 46.20
CA GLU Z 311 32.27 -50.85 47.29
C GLU Z 311 31.63 -52.21 46.95
N GLY Z 312 32.47 -53.23 46.78
CA GLY Z 312 32.05 -54.61 46.51
C GLY Z 312 31.69 -54.94 45.05
N PRO Z 313 31.49 -56.22 44.72
CA PRO Z 313 31.31 -56.69 43.34
C PRO Z 313 30.08 -56.13 42.61
N GLU Z 314 28.94 -55.94 43.27
CA GLU Z 314 27.72 -55.43 42.63
C GLU Z 314 27.90 -54.00 42.12
N ALA Z 315 28.53 -53.14 42.90
CA ALA Z 315 28.84 -51.78 42.51
C ALA Z 315 29.80 -51.73 41.31
N ARG Z 316 30.80 -52.63 41.25
CA ARG Z 316 31.73 -52.72 40.12
C ARG Z 316 31.04 -53.15 38.82
N VAL Z 317 30.16 -54.16 38.87
CA VAL Z 317 29.37 -54.58 37.69
C VAL Z 317 28.42 -53.48 37.21
N ALA Z 318 27.72 -52.80 38.12
CA ALA Z 318 26.84 -51.69 37.76
C ALA Z 318 27.59 -50.49 37.15
N ALA Z 319 28.82 -50.21 37.58
CA ALA Z 319 29.69 -49.20 37.00
C ALA Z 319 30.13 -49.55 35.57
N LEU Z 320 30.41 -50.83 35.27
CA LEU Z 320 30.70 -51.29 33.92
C LEU Z 320 29.49 -51.16 32.99
N HIS Z 321 28.28 -51.45 33.44
CA HIS Z 321 27.08 -51.24 32.64
C HIS Z 321 26.85 -49.75 32.28
N ARG Z 322 27.07 -48.80 33.21
CA ARG Z 322 27.04 -47.35 32.88
C ARG Z 322 28.13 -46.97 31.88
N TYR Z 323 29.34 -47.50 32.02
CA TYR Z 323 30.41 -47.33 31.04
C TYR Z 323 29.99 -47.80 29.64
N ASN Z 324 29.41 -48.99 29.50
CA ASN Z 324 28.93 -49.51 28.21
C ASN Z 324 27.84 -48.66 27.58
N ALA Z 325 26.87 -48.15 28.35
CA ALA Z 325 25.84 -47.24 27.84
C ALA Z 325 26.43 -45.97 27.21
N SER Z 326 27.51 -45.40 27.77
CA SER Z 326 28.20 -44.24 27.19
C SER Z 326 28.89 -44.51 25.82
N LEU Z 327 29.17 -45.77 25.46
CA LEU Z 327 29.69 -46.16 24.14
C LEU Z 327 28.61 -46.55 23.13
N ALA Z 328 27.41 -46.91 23.55
CA ALA Z 328 26.35 -47.43 22.67
C ALA Z 328 26.03 -46.56 21.43
N PRO Z 329 25.97 -45.20 21.49
CA PRO Z 329 25.66 -44.39 20.31
C PRO Z 329 26.65 -44.55 19.15
N HIS Z 330 27.93 -44.83 19.43
CA HIS Z 330 28.92 -45.17 18.40
C HIS Z 330 28.54 -46.47 17.69
N VAL Z 331 28.18 -47.51 18.43
CA VAL Z 331 27.80 -48.81 17.89
C VAL Z 331 26.48 -48.76 17.14
N SER Z 332 25.43 -48.14 17.70
CA SER Z 332 24.13 -48.05 17.03
C SER Z 332 24.16 -47.15 15.79
N THR Z 333 25.02 -46.14 15.74
CA THR Z 333 25.22 -45.34 14.52
C THR Z 333 25.75 -46.18 13.37
N GLN Z 334 26.72 -47.07 13.61
CA GLN Z 334 27.22 -48.00 12.59
C GLN Z 334 26.18 -49.05 12.15
N ILE Z 335 25.09 -49.27 12.88
CA ILE Z 335 23.94 -50.08 12.42
C ILE Z 335 22.89 -49.24 11.69
N PHE Z 336 22.49 -48.09 12.23
CA PHE Z 336 21.38 -47.29 11.71
C PHE Z 336 21.73 -46.43 10.49
N ALA Z 337 22.99 -46.03 10.28
CA ALA Z 337 23.39 -45.15 9.19
C ALA Z 337 23.45 -45.87 7.83
N THR Z 338 22.78 -45.34 6.80
CA THR Z 338 22.79 -45.91 5.44
C THR Z 338 24.21 -45.95 4.85
N ASN Z 339 25.08 -45.01 5.23
CA ASN Z 339 26.47 -44.89 4.80
C ASN Z 339 27.50 -45.39 5.85
N SER Z 340 27.12 -46.33 6.70
CA SER Z 340 28.02 -47.08 7.59
C SER Z 340 29.11 -47.84 6.82
N VAL Z 341 30.31 -47.94 7.40
CA VAL Z 341 31.43 -48.76 6.87
C VAL Z 341 31.05 -50.24 6.70
N LEU Z 342 30.09 -50.74 7.49
CA LEU Z 342 29.56 -52.10 7.41
C LEU Z 342 28.75 -52.39 6.12
N TYR Z 343 28.32 -51.36 5.38
CA TYR Z 343 27.49 -51.48 4.18
C TYR Z 343 28.20 -51.04 2.87
N VAL Z 344 29.52 -50.87 2.88
CA VAL Z 344 30.32 -50.59 1.68
C VAL Z 344 30.20 -51.73 0.66
N SER Z 345 29.82 -51.39 -0.56
CA SER Z 345 29.42 -52.33 -1.63
C SER Z 345 30.46 -52.52 -2.72
N GLY Z 346 31.48 -51.68 -2.85
CA GLY Z 346 32.50 -51.77 -3.91
C GLY Z 346 33.00 -50.42 -4.45
N VAL Z 347 33.57 -50.45 -5.65
CA VAL Z 347 34.12 -49.29 -6.37
C VAL Z 347 33.31 -49.04 -7.64
N SER Z 348 33.05 -47.78 -7.98
CA SER Z 348 32.37 -47.38 -9.22
C SER Z 348 33.02 -46.15 -9.86
N LYS Z 349 32.67 -45.85 -11.10
CA LYS Z 349 33.21 -44.74 -11.89
C LYS Z 349 32.10 -43.78 -12.38
N SER Z 350 32.40 -42.49 -12.30
CA SER Z 350 31.51 -41.37 -12.67
C SER Z 350 30.86 -41.50 -14.05
N GLU Z 356 32.13 -35.69 -11.41
CA GLU Z 356 33.39 -35.76 -10.68
C GLU Z 356 34.59 -35.31 -11.53
N SER Z 357 35.55 -34.62 -10.91
CA SER Z 357 36.86 -34.31 -11.50
C SER Z 357 37.72 -35.57 -11.69
N LEU Z 358 38.79 -35.48 -12.50
CA LEU Z 358 39.59 -36.63 -12.93
C LEU Z 358 40.04 -37.54 -11.77
N PHE Z 359 40.67 -36.99 -10.74
CA PHE Z 359 41.17 -37.79 -9.61
C PHE Z 359 40.07 -38.30 -8.67
N ASN Z 360 38.90 -37.67 -8.65
CA ASN Z 360 37.72 -38.14 -7.92
C ASN Z 360 36.84 -39.13 -8.73
N SER Z 361 37.14 -39.38 -10.01
CA SER Z 361 36.25 -40.12 -10.92
C SER Z 361 35.98 -41.58 -10.53
N PHE Z 362 36.92 -42.28 -9.90
CA PHE Z 362 36.68 -43.56 -9.22
C PHE Z 362 36.40 -43.32 -7.73
N TYR Z 363 35.41 -43.98 -7.16
CA TYR Z 363 35.00 -43.79 -5.77
C TYR Z 363 34.35 -45.02 -5.11
N MET Z 364 34.32 -45.05 -3.77
CA MET Z 364 33.67 -46.09 -2.97
C MET Z 364 32.13 -45.94 -2.95
N THR Z 365 31.40 -47.04 -3.08
CA THR Z 365 29.92 -47.11 -3.05
C THR Z 365 29.38 -47.86 -1.84
N HIS Z 366 28.12 -47.64 -1.47
CA HIS Z 366 27.40 -48.35 -0.41
C HIS Z 366 26.03 -48.84 -0.87
N GLY Z 367 25.53 -49.93 -0.28
CA GLY Z 367 24.15 -50.37 -0.46
C GLY Z 367 23.93 -51.86 -0.21
N LEU Z 368 22.99 -52.18 0.68
CA LEU Z 368 22.60 -53.57 0.99
C LEU Z 368 21.90 -54.27 -0.19
N GLY Z 369 21.18 -53.54 -1.04
CA GLY Z 369 20.57 -54.11 -2.25
C GLY Z 369 21.65 -54.63 -3.20
N THR Z 370 22.73 -53.88 -3.41
CA THR Z 370 23.88 -54.33 -4.20
C THR Z 370 24.52 -55.59 -3.62
N LEU Z 371 24.67 -55.65 -2.29
CA LEU Z 371 25.25 -56.80 -1.60
C LEU Z 371 24.41 -58.08 -1.70
N GLN Z 372 23.11 -58.01 -1.99
CA GLN Z 372 22.26 -59.19 -2.24
C GLN Z 372 22.39 -59.77 -3.67
N GLU Z 373 22.87 -59.01 -4.65
CA GLU Z 373 22.85 -59.41 -6.08
C GLU Z 373 23.81 -60.56 -6.42
N GLY Z 374 23.56 -61.26 -7.53
CA GLY Z 374 24.51 -62.17 -8.16
C GLY Z 374 25.74 -61.43 -8.73
N THR Z 375 26.81 -62.18 -8.97
CA THR Z 375 28.14 -61.68 -9.35
C THR Z 375 28.78 -62.50 -10.47
N TRP Z 376 29.86 -61.96 -11.03
CA TRP Z 376 30.72 -62.58 -12.06
C TRP Z 376 32.19 -62.56 -11.62
N ASP Z 377 32.97 -63.55 -12.05
CA ASP Z 377 34.40 -63.70 -11.71
C ASP Z 377 35.33 -62.80 -12.57
N PRO Z 378 36.65 -62.74 -12.29
CA PRO Z 378 37.61 -61.95 -13.07
C PRO Z 378 37.70 -62.30 -14.57
N CYS Z 379 37.18 -63.44 -15.02
CA CYS Z 379 37.09 -63.86 -16.42
C CYS Z 379 35.68 -63.71 -17.00
N ARG Z 380 34.83 -62.89 -16.36
CA ARG Z 380 33.45 -62.56 -16.75
C ARG Z 380 32.48 -63.76 -16.79
N ARG Z 381 32.78 -64.85 -16.08
CA ARG Z 381 31.88 -66.00 -15.93
C ARG Z 381 30.96 -65.82 -14.72
N PRO Z 382 29.73 -66.36 -14.71
CA PRO Z 382 28.84 -66.33 -13.55
C PRO Z 382 29.50 -66.92 -12.29
N CYS Z 383 29.24 -66.34 -11.11
CA CYS Z 383 29.88 -66.72 -9.85
C CYS Z 383 28.84 -66.99 -8.75
N PHE Z 384 28.55 -66.06 -7.84
CA PHE Z 384 27.40 -66.15 -6.93
C PHE Z 384 26.09 -65.82 -7.68
N SER Z 385 25.00 -66.53 -7.39
CA SER Z 385 23.70 -66.37 -8.06
C SER Z 385 22.76 -65.34 -7.43
N GLY Z 386 23.11 -64.74 -6.28
CA GLY Z 386 22.29 -63.75 -5.58
C GLY Z 386 21.28 -64.35 -4.59
N TRP Z 387 20.60 -63.46 -3.86
CA TRP Z 387 19.53 -63.80 -2.94
C TRP Z 387 18.33 -62.86 -3.12
N GLY Z 388 17.11 -63.43 -3.16
CA GLY Z 388 15.87 -62.67 -3.39
C GLY Z 388 15.31 -61.92 -2.17
N GLY Z 389 15.96 -62.02 -1.01
CA GLY Z 389 15.46 -61.51 0.26
C GLY Z 389 14.52 -62.49 0.99
N PRO Z 390 14.02 -62.10 2.18
CA PRO Z 390 13.17 -62.94 3.03
C PRO Z 390 11.90 -63.44 2.32
N GLY Z 394 9.04 -60.83 7.47
CA GLY Z 394 9.17 -60.32 8.82
C GLY Z 394 8.40 -59.02 9.08
N THR Z 395 8.41 -58.55 10.33
CA THR Z 395 7.53 -57.46 10.79
C THR Z 395 7.76 -56.09 10.14
N ASN Z 396 8.93 -55.82 9.53
CA ASN Z 396 9.18 -54.56 8.81
C ASN Z 396 8.71 -54.58 7.34
N GLY Z 397 8.22 -55.71 6.82
CA GLY Z 397 7.58 -55.82 5.50
C GLY Z 397 8.50 -55.85 4.26
N PRO Z 398 7.92 -56.01 3.05
CA PRO Z 398 8.64 -56.25 1.80
C PRO Z 398 9.55 -55.09 1.35
N GLY Z 399 10.75 -55.44 0.85
CA GLY Z 399 11.74 -54.48 0.36
C GLY Z 399 12.46 -53.65 1.42
N ASN Z 400 12.14 -53.87 2.69
CA ASN Z 400 12.69 -53.14 3.83
C ASN Z 400 13.77 -53.97 4.55
N TYR Z 401 14.58 -53.31 5.39
CA TYR Z 401 15.60 -53.93 6.23
C TYR Z 401 14.98 -55.01 7.13
N ALA Z 402 15.59 -56.18 7.20
CA ALA Z 402 15.14 -57.36 7.95
C ALA Z 402 16.23 -57.86 8.91
N VAL Z 403 15.90 -58.77 9.80
CA VAL Z 403 16.87 -59.31 10.77
C VAL Z 403 18.10 -59.93 10.06
N GLU Z 404 17.96 -60.51 8.87
CA GLU Z 404 19.09 -61.01 8.09
C GLU Z 404 20.13 -59.92 7.74
N HIS Z 405 19.71 -58.66 7.53
CA HIS Z 405 20.65 -57.56 7.30
C HIS Z 405 21.46 -57.20 8.54
N LEU Z 406 20.87 -57.29 9.74
CA LEU Z 406 21.60 -57.18 11.00
C LEU Z 406 22.58 -58.35 11.16
N VAL Z 407 22.20 -59.58 10.80
CA VAL Z 407 23.12 -60.73 10.83
C VAL Z 407 24.30 -60.52 9.86
N TYR Z 408 24.06 -60.02 8.64
CA TYR Z 408 25.10 -59.61 7.69
C TYR Z 408 26.04 -58.51 8.24
N ALA Z 409 25.53 -57.47 8.92
CA ALA Z 409 26.34 -56.46 9.59
C ALA Z 409 27.27 -57.04 10.68
N ALA Z 410 26.80 -58.04 11.41
CA ALA Z 410 27.57 -58.77 12.43
C ALA Z 410 28.46 -59.91 11.88
N SER Z 411 28.75 -59.97 10.57
CA SER Z 411 29.60 -60.98 9.93
C SER Z 411 29.19 -62.44 10.14
N PHE Z 412 27.89 -62.71 10.30
CA PHE Z 412 27.35 -64.05 10.56
C PHE Z 412 27.97 -64.72 11.80
N SER Z 413 28.39 -63.92 12.78
CA SER Z 413 29.05 -64.37 14.00
C SER Z 413 28.09 -64.26 15.17
N PRO Z 414 27.72 -65.36 15.85
CA PRO Z 414 26.86 -65.28 17.02
C PRO Z 414 27.49 -64.51 18.19
N ASN Z 415 28.82 -64.53 18.34
CA ASN Z 415 29.55 -63.73 19.33
C ASN Z 415 29.39 -62.22 19.07
N LEU Z 416 29.67 -61.73 17.85
CA LEU Z 416 29.48 -60.32 17.50
C LEU Z 416 28.01 -59.91 17.57
N LEU Z 417 27.08 -60.72 17.03
CA LEU Z 417 25.65 -60.43 17.02
C LEU Z 417 25.07 -60.26 18.43
N ALA Z 418 25.47 -61.11 19.39
CA ALA Z 418 25.10 -60.96 20.79
C ALA Z 418 25.53 -59.62 21.40
N ARG Z 419 26.76 -59.15 21.19
CA ARG Z 419 27.21 -57.84 21.68
C ARG Z 419 26.55 -56.64 20.96
N TYR Z 420 26.26 -56.74 19.65
CA TYR Z 420 25.43 -55.74 18.96
C TYR Z 420 24.03 -55.62 19.57
N ALA Z 421 23.35 -56.75 19.83
CA ALA Z 421 22.03 -56.76 20.46
C ALA Z 421 22.04 -56.16 21.86
N TYR Z 422 23.07 -56.45 22.66
CA TYR Z 422 23.28 -55.80 23.94
C TYR Z 422 23.39 -54.26 23.85
N TYR Z 423 24.12 -53.69 22.89
CA TYR Z 423 24.16 -52.24 22.70
C TYR Z 423 22.81 -51.68 22.18
N LEU Z 424 22.12 -52.36 21.27
CA LEU Z 424 20.80 -51.94 20.78
C LEU Z 424 19.72 -51.89 21.89
N GLN Z 425 19.81 -52.70 22.94
CA GLN Z 425 18.95 -52.63 24.12
C GLN Z 425 19.01 -51.30 24.92
N PHE Z 426 20.04 -50.46 24.76
CA PHE Z 426 20.08 -49.11 25.32
C PHE Z 426 19.34 -48.05 24.49
N CYS Z 427 18.96 -48.35 23.24
CA CYS Z 427 18.37 -47.39 22.32
C CYS Z 427 16.86 -47.17 22.56
N GLN Z 428 16.41 -45.93 22.42
CA GLN Z 428 14.99 -45.57 22.43
C GLN Z 428 14.29 -46.00 21.13
N GLY Z 429 13.03 -46.42 21.24
CA GLY Z 429 12.16 -46.63 20.09
C GLY Z 429 11.60 -45.32 19.55
N GLN Z 430 11.42 -45.25 18.23
CA GLN Z 430 10.81 -44.10 17.55
C GLN Z 430 9.76 -44.61 16.57
N LYS Z 431 8.50 -44.69 16.98
CA LYS Z 431 7.37 -45.10 16.13
C LYS Z 431 7.16 -44.10 14.99
N SER Z 432 7.03 -44.59 13.76
CA SER Z 432 6.76 -43.79 12.55
C SER Z 432 5.39 -43.11 12.57
N VAL Z 437 0.65 -49.11 16.04
CA VAL Z 437 1.45 -50.26 16.46
C VAL Z 437 0.87 -50.86 17.77
N PRO Z 438 0.84 -52.19 17.94
CA PRO Z 438 0.49 -52.84 19.20
C PRO Z 438 1.26 -52.29 20.40
N GLU Z 439 0.62 -52.23 21.57
CA GLU Z 439 1.32 -51.89 22.83
C GLU Z 439 2.37 -52.96 23.18
N THR Z 440 3.46 -52.59 23.86
CA THR Z 440 4.59 -53.51 24.10
C THR Z 440 4.15 -54.81 24.76
N GLY Z 441 3.32 -54.74 25.81
CA GLY Z 441 2.86 -55.90 26.55
C GLY Z 441 1.91 -56.80 25.78
N SER Z 442 1.07 -56.26 24.89
CA SER Z 442 0.26 -57.09 23.98
C SER Z 442 1.04 -57.67 22.80
N TYR Z 443 2.20 -57.11 22.44
CA TYR Z 443 3.14 -57.79 21.53
C TYR Z 443 3.88 -58.93 22.25
N VAL Z 444 4.45 -58.67 23.44
CA VAL Z 444 5.19 -59.68 24.22
C VAL Z 444 4.31 -60.88 24.64
N ALA Z 445 3.08 -60.66 25.10
CA ALA Z 445 2.15 -61.76 25.41
C ALA Z 445 1.48 -62.35 24.15
N GLY Z 446 1.37 -61.57 23.07
CA GLY Z 446 0.78 -61.95 21.80
C GLY Z 446 1.79 -62.58 20.83
N ALA Z 447 2.03 -61.98 19.67
CA ALA Z 447 2.82 -62.57 18.59
C ALA Z 447 4.25 -63.00 18.95
N ALA Z 448 4.91 -62.40 19.93
CA ALA Z 448 6.25 -62.86 20.37
C ALA Z 448 6.26 -64.25 21.00
N ALA Z 449 5.14 -64.71 21.57
CA ALA Z 449 4.97 -66.00 22.24
C ALA Z 449 4.50 -67.13 21.30
N SER Z 450 4.38 -66.87 19.99
CA SER Z 450 3.96 -67.85 18.99
C SER Z 450 4.98 -68.99 18.82
N PRO Z 451 4.55 -70.27 18.72
CA PRO Z 451 5.46 -71.40 18.52
C PRO Z 451 6.18 -71.38 17.17
N MET Z 452 5.81 -70.48 16.26
CA MET Z 452 6.45 -70.27 14.95
C MET Z 452 7.79 -69.53 14.99
N CYS Z 453 8.20 -68.88 16.10
CA CYS Z 453 9.50 -68.21 16.21
C CYS Z 453 10.66 -69.23 16.06
N SER Z 454 11.52 -69.04 15.05
CA SER Z 454 12.69 -69.90 14.80
C SER Z 454 13.86 -69.64 15.76
N LEU Z 455 13.70 -68.78 16.77
CA LEU Z 455 14.75 -68.44 17.73
C LEU Z 455 14.41 -68.93 19.16
N CYS Z 456 13.26 -68.57 19.72
CA CYS Z 456 12.84 -68.90 21.08
C CYS Z 456 11.73 -69.96 21.18
N GLU Z 457 11.12 -70.37 20.05
CA GLU Z 457 9.89 -71.17 20.01
C GLU Z 457 8.72 -70.53 20.78
N GLY Z 458 8.75 -69.22 21.03
CA GLY Z 458 7.83 -68.52 21.90
C GLY Z 458 8.13 -68.64 23.40
N ARG Z 459 9.18 -69.38 23.79
CA ARG Z 459 9.52 -69.70 25.19
C ARG Z 459 10.45 -68.68 25.89
N ALA Z 460 10.86 -67.59 25.23
CA ALA Z 460 11.62 -66.47 25.82
C ALA Z 460 11.23 -65.09 25.23
N PRO Z 461 9.94 -64.71 25.22
CA PRO Z 461 9.42 -63.68 24.33
C PRO Z 461 9.91 -62.26 24.63
N ALA Z 462 10.29 -61.94 25.87
CA ALA Z 462 10.70 -60.58 26.25
C ALA Z 462 12.14 -60.22 25.83
N VAL Z 463 13.06 -61.19 25.81
CA VAL Z 463 14.47 -61.00 25.40
C VAL Z 463 14.78 -61.41 23.96
N CYS Z 464 13.90 -62.12 23.26
CA CYS Z 464 14.11 -62.59 21.89
C CYS Z 464 14.59 -61.47 20.93
N LEU Z 465 15.54 -61.79 20.06
CA LEU Z 465 16.07 -60.88 19.06
C LEU Z 465 14.97 -60.31 18.15
N ASN Z 466 13.96 -61.09 17.80
CA ASN Z 466 12.81 -60.61 17.03
C ASN Z 466 11.97 -59.55 17.78
N THR Z 467 11.92 -59.61 19.11
CA THR Z 467 11.25 -58.58 19.94
C THR Z 467 12.05 -57.29 19.96
N LEU Z 468 13.38 -57.34 20.13
CA LEU Z 468 14.25 -56.18 20.03
C LEU Z 468 14.18 -55.54 18.64
N PHE Z 469 14.21 -56.35 17.59
CA PHE Z 469 14.05 -55.90 16.21
C PHE Z 469 12.70 -55.20 15.98
N PHE Z 470 11.61 -55.77 16.47
CA PHE Z 470 10.28 -55.16 16.37
C PHE Z 470 10.20 -53.78 17.03
N ARG Z 471 10.82 -53.61 18.20
CA ARG Z 471 10.90 -52.36 18.95
C ARG Z 471 11.65 -51.23 18.23
N LEU Z 472 12.75 -51.54 17.54
CA LEU Z 472 13.65 -50.59 16.86
C LEU Z 472 13.42 -50.44 15.34
N ARG Z 473 12.38 -51.08 14.81
CA ARG Z 473 12.04 -51.30 13.40
C ARG Z 473 12.14 -50.06 12.48
N ASP Z 474 11.55 -48.95 12.89
CA ASP Z 474 11.53 -47.70 12.12
C ASP Z 474 12.87 -46.93 12.11
N ARG Z 475 13.89 -47.37 12.85
CA ARG Z 475 15.24 -46.75 12.87
C ARG Z 475 16.25 -47.40 11.93
N PHE Z 476 16.02 -48.62 11.44
CA PHE Z 476 16.91 -49.29 10.48
C PHE Z 476 16.91 -48.57 9.12
N PRO Z 477 18.03 -48.57 8.37
CA PRO Z 477 18.15 -47.85 7.11
C PRO Z 477 17.32 -48.48 5.97
N PRO Z 478 17.11 -47.79 4.83
CA PRO Z 478 16.57 -48.40 3.62
C PRO Z 478 17.57 -49.33 2.91
N VAL Z 479 17.11 -50.20 2.03
CA VAL Z 479 17.92 -51.17 1.27
C VAL Z 479 18.17 -50.64 -0.14
N MET Z 480 19.44 -50.29 -0.45
CA MET Z 480 19.80 -49.46 -1.62
C MET Z 480 20.59 -50.21 -2.70
N SER Z 481 20.28 -49.94 -3.98
CA SER Z 481 20.92 -50.54 -5.15
C SER Z 481 21.61 -49.53 -6.09
N THR Z 482 21.81 -48.28 -5.66
CA THR Z 482 22.40 -47.18 -6.46
C THR Z 482 23.92 -47.03 -6.28
N GLN Z 483 24.57 -46.21 -7.11
CA GLN Z 483 26.03 -46.10 -7.22
C GLN Z 483 26.58 -44.66 -7.03
N ARG Z 484 25.90 -43.82 -6.25
CA ARG Z 484 26.30 -42.41 -5.95
C ARG Z 484 27.57 -42.30 -5.07
N ARG Z 485 28.35 -41.23 -5.25
CA ARG Z 485 29.55 -40.86 -4.46
C ARG Z 485 29.19 -40.15 -3.14
N ASP Z 486 29.01 -40.92 -2.07
CA ASP Z 486 28.74 -40.41 -0.71
C ASP Z 486 29.93 -40.62 0.25
N PRO Z 487 30.02 -39.84 1.35
CA PRO Z 487 30.92 -40.13 2.48
C PRO Z 487 30.57 -41.44 3.18
N TYR Z 488 31.52 -42.07 3.87
CA TYR Z 488 31.28 -43.24 4.73
C TYR Z 488 31.62 -42.95 6.21
N VAL Z 489 30.97 -43.65 7.14
CA VAL Z 489 31.07 -43.37 8.59
C VAL Z 489 32.11 -44.26 9.27
N ILE Z 490 33.04 -43.68 10.02
CA ILE Z 490 34.13 -44.37 10.74
C ILE Z 490 34.02 -44.14 12.25
N SER Z 491 34.54 -45.08 13.06
CA SER Z 491 34.54 -45.02 14.54
C SER Z 491 35.92 -45.37 15.10
N GLY Z 492 36.35 -44.71 16.16
CA GLY Z 492 37.59 -45.06 16.87
C GLY Z 492 38.09 -43.98 17.82
N ALA Z 493 39.26 -44.21 18.41
CA ALA Z 493 39.96 -43.27 19.27
C ALA Z 493 40.50 -42.04 18.52
N SER Z 494 40.42 -40.87 19.16
CA SER Z 494 41.07 -39.65 18.66
C SER Z 494 42.54 -39.55 19.08
N GLY Z 495 43.33 -38.83 18.29
CA GLY Z 495 44.74 -38.53 18.55
C GLY Z 495 44.96 -37.40 19.56
N SER Z 496 46.22 -37.05 19.80
CA SER Z 496 46.64 -36.09 20.82
C SER Z 496 46.32 -34.62 20.49
N TYR Z 497 46.40 -34.20 19.23
CA TYR Z 497 46.40 -32.78 18.84
C TYR Z 497 45.25 -32.45 17.89
N ASN Z 498 44.11 -32.05 18.46
CA ASN Z 498 42.90 -31.65 17.73
C ASN Z 498 42.76 -30.11 17.78
N GLU Z 499 42.35 -29.50 16.68
CA GLU Z 499 42.20 -28.05 16.55
C GLU Z 499 40.74 -27.74 16.18
N THR Z 500 39.90 -27.54 17.20
CA THR Z 500 38.44 -27.50 17.11
C THR Z 500 37.80 -26.32 17.87
N ASP Z 501 38.57 -25.31 18.29
CA ASP Z 501 38.02 -23.97 18.62
C ASP Z 501 37.47 -23.28 17.34
N PHE Z 502 36.73 -22.17 17.48
CA PHE Z 502 35.96 -21.54 16.39
C PHE Z 502 36.75 -21.24 15.11
N LEU Z 503 38.04 -20.89 15.17
CA LEU Z 503 38.91 -20.67 13.99
C LEU Z 503 39.92 -21.80 13.75
N GLY Z 504 39.71 -22.99 14.32
CA GLY Z 504 40.49 -24.19 14.00
C GLY Z 504 41.99 -24.03 14.15
N ASN Z 505 42.74 -24.35 13.10
CA ASN Z 505 44.20 -24.28 13.06
C ASN Z 505 44.80 -22.87 12.73
N PHE Z 506 44.00 -21.80 12.73
CA PHE Z 506 44.49 -20.42 12.61
C PHE Z 506 45.60 -20.10 13.63
N LEU Z 507 46.77 -19.61 13.19
CA LEU Z 507 47.92 -19.27 14.05
C LEU Z 507 48.24 -20.34 15.12
N ASN Z 508 48.24 -21.62 14.75
CA ASN Z 508 48.58 -22.71 15.68
C ASN Z 508 50.05 -22.69 16.09
N PHE Z 509 50.94 -22.28 15.19
CA PHE Z 509 52.38 -22.11 15.39
C PHE Z 509 52.88 -20.80 14.75
N ILE Z 510 54.07 -20.34 15.14
CA ILE Z 510 54.73 -19.12 14.67
C ILE Z 510 56.12 -19.45 14.12
N TYR Z 525 51.38 -13.87 19.18
CA TYR Z 525 51.37 -15.16 19.86
C TYR Z 525 50.37 -16.14 19.23
N THR Z 526 50.53 -17.46 19.47
CA THR Z 526 49.64 -18.49 18.90
C THR Z 526 48.21 -18.35 19.39
N TYR Z 527 47.25 -18.83 18.60
CA TYR Z 527 45.82 -18.86 18.98
C TYR Z 527 45.59 -19.72 20.22
N TRP Z 528 46.37 -20.79 20.40
CA TRP Z 528 46.37 -21.58 21.64
C TRP Z 528 46.76 -20.73 22.85
N GLN Z 529 47.84 -19.95 22.76
CA GLN Z 529 48.25 -19.04 23.84
C GLN Z 529 47.20 -17.95 24.11
N LEU Z 530 46.59 -17.37 23.08
CA LEU Z 530 45.49 -16.41 23.24
C LEU Z 530 44.32 -16.99 24.05
N ASN Z 531 43.93 -18.24 23.78
CA ASN Z 531 42.88 -18.88 24.54
C ASN Z 531 43.30 -19.17 25.99
N GLN Z 532 44.54 -19.58 26.24
CA GLN Z 532 45.09 -19.70 27.60
C GLN Z 532 45.10 -18.37 28.38
N ASN Z 533 45.44 -17.25 27.72
CA ASN Z 533 45.38 -15.92 28.34
C ASN Z 533 43.95 -15.54 28.76
N LEU Z 534 42.96 -15.82 27.91
CA LEU Z 534 41.56 -15.54 28.23
C LEU Z 534 41.07 -16.34 29.45
N LEU Z 535 41.38 -17.63 29.53
CA LEU Z 535 41.03 -18.45 30.71
C LEU Z 535 41.68 -17.94 32.01
N GLU Z 536 42.91 -17.41 31.95
CA GLU Z 536 43.55 -16.74 33.08
C GLU Z 536 42.80 -15.48 33.54
N ARG Z 537 42.39 -14.60 32.61
CA ARG Z 537 41.55 -13.43 32.95
C ARG Z 537 40.22 -13.86 33.57
N LEU Z 538 39.57 -14.88 33.02
CA LEU Z 538 38.29 -15.39 33.55
C LEU Z 538 38.45 -16.02 34.95
N SER Z 539 39.61 -16.60 35.27
CA SER Z 539 39.93 -17.08 36.61
C SER Z 539 39.98 -15.94 37.64
N ARG Z 540 40.57 -14.79 37.31
CA ARG Z 540 40.54 -13.57 38.15
C ARG Z 540 39.13 -12.98 38.37
N LEU Z 541 38.18 -13.27 37.47
CA LEU Z 541 36.76 -12.94 37.65
C LEU Z 541 35.95 -13.99 38.44
N GLY Z 542 36.56 -15.09 38.86
CA GLY Z 542 35.91 -16.18 39.61
C GLY Z 542 35.19 -17.23 38.74
N ILE Z 543 35.55 -17.37 37.47
CA ILE Z 543 34.95 -18.30 36.49
C ILE Z 543 35.96 -19.40 36.11
N ASP Z 544 35.61 -20.69 36.24
CA ASP Z 544 36.48 -21.81 35.84
C ASP Z 544 36.40 -22.19 34.34
N ALA Z 545 37.21 -23.17 33.91
CA ALA Z 545 37.30 -23.63 32.51
C ALA Z 545 36.00 -24.25 31.95
N GLU Z 546 35.06 -24.66 32.79
CA GLU Z 546 33.73 -25.17 32.40
C GLU Z 546 32.62 -24.12 32.63
N GLY Z 547 32.99 -22.89 33.01
CA GLY Z 547 32.09 -21.76 33.20
C GLY Z 547 31.36 -21.74 34.55
N LYS Z 548 31.77 -22.52 35.55
CA LYS Z 548 31.18 -22.48 36.90
C LYS Z 548 31.69 -21.27 37.68
N LEU Z 549 30.81 -20.59 38.41
CA LEU Z 549 31.14 -19.45 39.26
C LEU Z 549 31.54 -19.87 40.68
N GLU Z 550 32.53 -19.21 41.26
CA GLU Z 550 32.78 -19.27 42.71
C GLU Z 550 31.76 -18.47 43.54
N LYS Z 551 31.04 -17.52 42.91
CA LYS Z 551 29.97 -16.73 43.54
C LYS Z 551 28.86 -16.38 42.55
N GLU Z 552 27.66 -16.90 42.79
CA GLU Z 552 26.48 -16.66 41.93
C GLU Z 552 25.91 -15.23 42.11
N PRO Z 553 25.40 -14.58 41.06
CA PRO Z 553 24.92 -13.21 41.14
C PRO Z 553 23.70 -13.05 42.06
N HIS Z 554 23.77 -12.06 42.94
CA HIS Z 554 22.77 -11.78 43.98
C HIS Z 554 21.46 -11.14 43.51
N GLY Z 555 21.45 -10.45 42.37
CA GLY Z 555 20.36 -9.58 41.94
C GLY Z 555 20.71 -8.77 40.68
N PRO Z 556 19.86 -7.84 40.24
CA PRO Z 556 20.05 -7.07 39.00
C PRO Z 556 21.42 -6.40 38.86
N ARG Z 557 21.90 -5.66 39.88
CA ARG Z 557 23.22 -5.00 39.84
C ARG Z 557 24.34 -6.00 39.63
N ASP Z 558 24.31 -7.10 40.38
CA ASP Z 558 25.33 -8.13 40.35
C ASP Z 558 25.33 -8.90 39.01
N PHE Z 559 24.16 -9.11 38.40
CA PHE Z 559 24.03 -9.73 37.09
C PHE Z 559 24.62 -8.85 35.97
N VAL Z 560 24.33 -7.53 35.98
CA VAL Z 560 24.96 -6.59 35.05
C VAL Z 560 26.47 -6.51 35.27
N LYS Z 561 26.92 -6.35 36.52
CA LYS Z 561 28.33 -6.26 36.90
C LYS Z 561 29.12 -7.49 36.42
N MET Z 562 28.60 -8.70 36.64
CA MET Z 562 29.19 -9.95 36.16
C MET Z 562 29.51 -9.91 34.65
N PHE Z 563 28.57 -9.50 33.80
CA PHE Z 563 28.82 -9.43 32.36
C PHE Z 563 29.75 -8.29 31.95
N LYS Z 564 29.61 -7.07 32.51
CA LYS Z 564 30.44 -5.93 32.11
C LYS Z 564 31.92 -6.19 32.38
N ASP Z 565 32.25 -6.89 33.47
CA ASP Z 565 33.61 -7.34 33.73
C ASP Z 565 34.15 -8.36 32.71
N VAL Z 566 33.35 -9.33 32.25
CA VAL Z 566 33.76 -10.27 31.20
C VAL Z 566 33.97 -9.55 29.87
N ASP Z 567 33.04 -8.66 29.47
CA ASP Z 567 33.20 -7.86 28.24
C ASP Z 567 34.48 -7.04 28.25
N ALA Z 568 34.75 -6.32 29.35
CA ALA Z 568 36.00 -5.55 29.50
C ALA Z 568 37.24 -6.45 29.48
N ALA Z 569 37.22 -7.62 30.11
CA ALA Z 569 38.31 -8.58 30.09
C ALA Z 569 38.61 -9.14 28.68
N VAL Z 570 37.58 -9.44 27.88
CA VAL Z 570 37.75 -9.88 26.48
C VAL Z 570 38.29 -8.73 25.62
N ASP Z 571 37.74 -7.53 25.77
CA ASP Z 571 38.13 -6.37 24.96
C ASP Z 571 39.58 -5.92 25.26
N ALA Z 572 40.06 -6.08 26.50
CA ALA Z 572 41.48 -5.91 26.83
C ALA Z 572 42.40 -6.89 26.09
N GLU Z 573 42.04 -8.17 26.01
CA GLU Z 573 42.87 -9.18 25.33
C GLU Z 573 42.89 -9.00 23.80
N VAL Z 574 41.81 -8.55 23.18
CA VAL Z 574 41.78 -8.24 21.74
C VAL Z 574 42.83 -7.18 21.39
N VAL Z 575 42.97 -6.13 22.20
CA VAL Z 575 43.98 -5.07 22.00
C VAL Z 575 45.39 -5.64 22.05
N GLN Z 576 45.75 -6.38 23.10
CA GLN Z 576 47.10 -6.94 23.23
C GLN Z 576 47.44 -7.91 22.08
N PHE Z 577 46.46 -8.70 21.62
CA PHE Z 577 46.63 -9.55 20.44
C PHE Z 577 46.82 -8.74 19.15
N MET Z 578 45.95 -7.77 18.83
CA MET Z 578 46.07 -6.95 17.62
C MET Z 578 47.38 -6.13 17.59
N ASN Z 579 47.89 -5.68 18.74
CA ASN Z 579 49.22 -5.07 18.84
C ASN Z 579 50.34 -6.06 18.45
N SER Z 580 50.28 -7.32 18.89
CA SER Z 580 51.25 -8.34 18.48
C SER Z 580 51.24 -8.57 16.97
N MET Z 581 50.06 -8.73 16.34
CA MET Z 581 49.97 -8.95 14.90
C MET Z 581 50.52 -7.77 14.09
N ALA Z 582 50.25 -6.54 14.54
CA ALA Z 582 50.74 -5.32 13.91
C ALA Z 582 52.28 -5.18 13.95
N LYS Z 583 52.89 -5.25 15.14
CA LYS Z 583 54.34 -5.00 15.28
C LYS Z 583 55.24 -6.04 14.59
N ASN Z 584 54.70 -7.24 14.33
CA ASN Z 584 55.37 -8.32 13.61
C ASN Z 584 55.06 -8.36 12.11
N ASN Z 585 54.20 -7.46 11.59
CA ASN Z 585 53.73 -7.44 10.20
C ASN Z 585 53.12 -8.79 9.72
N ILE Z 586 52.50 -9.56 10.61
CA ILE Z 586 51.90 -10.87 10.27
C ILE Z 586 50.64 -10.66 9.43
N THR Z 587 50.48 -11.40 8.33
CA THR Z 587 49.35 -11.26 7.39
C THR Z 587 48.07 -11.99 7.85
N TYR Z 588 47.66 -11.73 9.10
CA TYR Z 588 46.54 -12.45 9.76
C TYR Z 588 45.23 -12.36 8.98
N LYS Z 589 45.01 -11.22 8.30
CA LYS Z 589 43.88 -10.92 7.40
C LYS Z 589 43.76 -11.88 6.20
N ASP Z 590 44.84 -12.48 5.74
CA ASP Z 590 44.81 -13.57 4.75
C ASP Z 590 44.90 -14.96 5.39
N LEU Z 591 45.57 -15.13 6.54
CA LEU Z 591 45.62 -16.42 7.24
C LEU Z 591 44.25 -16.90 7.75
N VAL Z 592 43.30 -16.01 8.08
CA VAL Z 592 41.92 -16.39 8.40
C VAL Z 592 41.24 -17.12 7.24
N LYS Z 593 41.41 -16.66 5.99
CA LYS Z 593 40.75 -17.24 4.80
C LYS Z 593 41.05 -18.72 4.59
N SER Z 594 42.24 -19.18 4.95
CA SER Z 594 42.68 -20.56 4.74
C SER Z 594 42.66 -21.46 5.99
N CYS Z 595 42.03 -21.05 7.11
CA CYS Z 595 42.00 -21.90 8.31
C CYS Z 595 40.97 -23.06 8.24
N TYR Z 596 41.31 -24.19 8.84
CA TYR Z 596 40.52 -25.43 8.91
C TYR Z 596 40.34 -25.90 10.36
N HIS Z 597 39.19 -26.49 10.69
CA HIS Z 597 39.12 -27.41 11.85
C HIS Z 597 39.88 -28.70 11.52
N VAL Z 598 40.58 -29.25 12.50
CA VAL Z 598 41.34 -30.52 12.34
C VAL Z 598 41.02 -31.49 13.46
N MET Z 599 40.76 -32.75 13.12
CA MET Z 599 40.67 -33.86 14.07
C MET Z 599 41.61 -34.99 13.66
N GLN Z 600 42.25 -35.64 14.63
CA GLN Z 600 43.13 -36.78 14.39
C GLN Z 600 42.40 -38.08 14.73
N TYR Z 601 42.30 -38.99 13.78
CA TYR Z 601 41.88 -40.38 14.00
C TYR Z 601 43.13 -41.23 14.26
N SER Z 602 43.24 -41.83 15.44
CA SER Z 602 44.42 -42.61 15.86
C SER Z 602 44.57 -43.92 15.07
N CYS Z 603 45.79 -44.32 14.75
CA CYS Z 603 46.09 -45.62 14.11
C CYS Z 603 46.67 -46.67 15.06
N ASN Z 604 46.66 -46.44 16.37
CA ASN Z 604 47.08 -47.44 17.36
C ASN Z 604 45.90 -48.37 17.73
N PRO Z 605 45.98 -49.70 17.52
CA PRO Z 605 44.92 -50.63 17.93
C PRO Z 605 44.70 -50.69 19.44
N PHE Z 606 45.72 -50.41 20.27
CA PHE Z 606 45.60 -50.42 21.73
C PHE Z 606 44.96 -49.16 22.31
N ALA Z 607 44.84 -48.07 21.55
CA ALA Z 607 44.15 -46.84 21.96
C ALA Z 607 42.61 -46.94 21.90
N GLN Z 608 42.05 -47.94 21.21
CA GLN Z 608 40.60 -48.12 21.07
C GLN Z 608 39.93 -48.51 22.41
N PRO Z 609 38.62 -48.26 22.61
CA PRO Z 609 37.92 -48.67 23.84
C PRO Z 609 37.89 -50.18 24.03
N ALA Z 610 37.88 -50.67 25.26
CA ALA Z 610 37.90 -52.09 25.63
C ALA Z 610 36.58 -52.84 25.34
N CYS Z 611 36.28 -53.01 24.06
CA CYS Z 611 35.15 -53.72 23.49
C CYS Z 611 35.62 -54.49 22.23
N PRO Z 612 35.31 -55.79 22.08
CA PRO Z 612 35.61 -56.54 20.87
C PRO Z 612 34.92 -56.05 19.58
N ILE Z 613 33.80 -55.31 19.64
CA ILE Z 613 33.20 -54.70 18.44
C ILE Z 613 34.09 -53.60 17.87
N PHE Z 614 34.77 -52.83 18.72
CA PHE Z 614 35.71 -51.82 18.26
C PHE Z 614 36.94 -52.38 17.55
N THR Z 615 37.33 -53.65 17.77
CA THR Z 615 38.33 -54.34 16.93
C THR Z 615 37.88 -54.39 15.47
N GLN Z 616 36.68 -54.87 15.19
CA GLN Z 616 36.13 -54.92 13.84
C GLN Z 616 35.89 -53.52 13.22
N LEU Z 617 35.34 -52.57 13.96
CA LEU Z 617 35.16 -51.21 13.45
C LEU Z 617 36.49 -50.53 13.11
N PHE Z 618 37.54 -50.69 13.91
CA PHE Z 618 38.86 -50.12 13.61
C PHE Z 618 39.51 -50.76 12.36
N TYR Z 619 39.59 -52.10 12.31
CA TYR Z 619 40.18 -52.83 11.18
C TYR Z 619 39.47 -52.53 9.85
N ARG Z 620 38.14 -52.51 9.83
CA ARG Z 620 37.36 -52.20 8.62
C ARG Z 620 37.42 -50.72 8.21
N SER Z 621 37.55 -49.79 9.15
CA SER Z 621 37.82 -48.39 8.84
C SER Z 621 39.17 -48.22 8.16
N LEU Z 622 40.23 -48.84 8.69
CA LEU Z 622 41.57 -48.80 8.11
C LEU Z 622 41.62 -49.41 6.70
N LEU Z 623 41.07 -50.60 6.48
CA LEU Z 623 41.04 -51.24 5.15
C LEU Z 623 40.30 -50.38 4.12
N THR Z 624 39.21 -49.73 4.51
CA THR Z 624 38.43 -48.84 3.63
C THR Z 624 39.19 -47.58 3.25
N ILE Z 625 39.89 -46.96 4.19
CA ILE Z 625 40.67 -45.74 3.94
C ILE Z 625 41.85 -46.02 3.01
N LEU Z 626 42.53 -47.15 3.16
CA LEU Z 626 43.63 -47.54 2.26
C LEU Z 626 43.15 -47.80 0.83
N GLN Z 627 41.98 -48.40 0.64
CA GLN Z 627 41.40 -48.55 -0.69
C GLN Z 627 41.09 -47.19 -1.31
N ASP Z 628 40.40 -46.30 -0.60
CA ASP Z 628 40.01 -44.99 -1.11
C ASP Z 628 41.20 -44.08 -1.47
N ILE Z 629 42.28 -44.12 -0.68
CA ILE Z 629 43.54 -43.42 -1.00
C ILE Z 629 44.18 -43.99 -2.27
N SER Z 630 44.11 -45.30 -2.52
CA SER Z 630 44.79 -45.93 -3.66
C SER Z 630 44.14 -45.69 -5.03
N LEU Z 631 42.87 -45.29 -5.10
CA LEU Z 631 42.12 -45.26 -6.36
C LEU Z 631 42.78 -44.42 -7.48
N PRO Z 632 43.18 -43.14 -7.28
CA PRO Z 632 43.79 -42.37 -8.35
C PRO Z 632 45.22 -42.80 -8.70
N ILE Z 633 45.95 -43.40 -7.75
CA ILE Z 633 47.29 -43.96 -7.98
C ILE Z 633 47.22 -45.13 -8.98
N CYS Z 634 46.24 -46.02 -8.80
CA CYS Z 634 45.95 -47.13 -9.72
C CYS Z 634 45.46 -46.64 -11.09
N MET Z 635 44.55 -45.67 -11.12
CA MET Z 635 44.04 -45.07 -12.36
C MET Z 635 45.16 -44.47 -13.23
N CYS Z 636 46.06 -43.67 -12.64
CA CYS Z 636 47.14 -43.05 -13.41
C CYS Z 636 48.13 -44.08 -13.95
N TYR Z 637 48.47 -45.10 -13.16
CA TYR Z 637 49.33 -46.19 -13.64
C TYR Z 637 48.67 -46.98 -14.76
N GLU Z 638 47.36 -47.28 -14.66
CA GLU Z 638 46.65 -48.01 -15.72
C GLU Z 638 46.43 -47.18 -17.00
N ASN Z 639 46.21 -45.86 -16.88
CA ASN Z 639 46.18 -44.97 -18.05
C ASN Z 639 47.49 -45.02 -18.87
N ASP Z 640 48.65 -45.19 -18.21
CA ASP Z 640 49.96 -45.36 -18.84
C ASP Z 640 50.26 -46.80 -19.29
N ASN Z 641 49.59 -47.80 -18.72
CA ASN Z 641 49.84 -49.23 -18.92
C ASN Z 641 48.52 -49.99 -19.11
N PRO Z 642 47.79 -49.77 -20.22
CA PRO Z 642 46.38 -50.16 -20.35
C PRO Z 642 46.13 -51.66 -20.25
N GLY Z 643 44.91 -52.02 -19.84
CA GLY Z 643 44.48 -53.41 -19.67
C GLY Z 643 44.43 -54.22 -20.97
N LEU Z 644 44.06 -53.61 -22.10
CA LEU Z 644 44.05 -54.24 -23.43
C LEU Z 644 43.34 -55.61 -23.48
N GLY Z 645 42.22 -55.73 -22.75
CA GLY Z 645 41.42 -56.96 -22.65
C GLY Z 645 41.97 -58.04 -21.73
N GLN Z 646 43.12 -57.84 -21.06
CA GLN Z 646 43.60 -58.74 -20.01
C GLN Z 646 42.65 -58.76 -18.81
N SER Z 647 42.52 -59.93 -18.16
CA SER Z 647 41.89 -60.02 -16.84
C SER Z 647 42.81 -59.42 -15.77
N PRO Z 648 42.28 -58.91 -14.62
CA PRO Z 648 43.11 -58.31 -13.60
C PRO Z 648 44.24 -59.20 -13.05
N PRO Z 649 44.06 -60.52 -12.78
CA PRO Z 649 45.15 -61.39 -12.34
C PRO Z 649 46.32 -61.51 -13.34
N GLU Z 650 46.04 -61.49 -14.65
CA GLU Z 650 47.07 -61.45 -15.68
C GLU Z 650 47.82 -60.11 -15.71
N TRP Z 651 47.10 -58.99 -15.65
CA TRP Z 651 47.69 -57.65 -15.66
C TRP Z 651 48.54 -57.37 -14.41
N LEU Z 652 48.08 -57.79 -13.23
CA LEU Z 652 48.81 -57.63 -11.96
C LEU Z 652 50.11 -58.44 -11.91
N LYS Z 653 50.19 -59.58 -12.60
CA LYS Z 653 51.37 -60.45 -12.62
C LYS Z 653 52.63 -59.72 -13.10
N GLY Z 654 52.51 -58.89 -14.13
CA GLY Z 654 53.57 -58.00 -14.59
C GLY Z 654 53.71 -56.71 -13.77
N HIS Z 655 52.60 -56.05 -13.42
CA HIS Z 655 52.63 -54.66 -12.93
C HIS Z 655 52.67 -54.44 -11.41
N TYR Z 656 52.31 -55.43 -10.58
CA TYR Z 656 52.02 -55.14 -9.16
C TYR Z 656 53.24 -54.70 -8.33
N GLN Z 657 54.43 -55.28 -8.54
CA GLN Z 657 55.64 -54.88 -7.82
C GLN Z 657 55.95 -53.38 -7.95
N THR Z 658 55.79 -52.83 -9.15
CA THR Z 658 55.96 -51.40 -9.41
C THR Z 658 54.85 -50.58 -8.75
N LEU Z 659 53.61 -51.03 -8.81
CA LEU Z 659 52.47 -50.35 -8.18
C LEU Z 659 52.59 -50.26 -6.64
N CYS Z 660 53.14 -51.26 -5.94
CA CYS Z 660 53.46 -51.16 -4.50
C CYS Z 660 54.35 -49.98 -4.15
N THR Z 661 55.36 -49.71 -4.98
CA THR Z 661 56.38 -48.68 -4.76
C THR Z 661 55.83 -47.28 -5.06
N ASN Z 662 55.00 -47.15 -6.09
CA ASN Z 662 54.20 -45.94 -6.30
C ASN Z 662 53.29 -45.66 -5.10
N PHE Z 663 52.56 -46.65 -4.58
CA PHE Z 663 51.71 -46.44 -3.42
C PHE Z 663 52.48 -45.94 -2.19
N ARG Z 664 53.59 -46.58 -1.81
CA ARG Z 664 54.43 -46.15 -0.69
C ARG Z 664 54.90 -44.70 -0.82
N SER Z 665 55.19 -44.24 -2.04
CA SER Z 665 55.66 -42.88 -2.32
C SER Z 665 54.53 -41.82 -2.36
N LEU Z 666 53.32 -42.20 -2.76
CA LEU Z 666 52.21 -41.28 -3.06
C LEU Z 666 51.04 -41.32 -2.06
N ALA Z 667 50.94 -42.34 -1.21
CA ALA Z 667 49.87 -42.44 -0.21
C ALA Z 667 50.21 -41.75 1.12
N ILE Z 668 51.49 -41.68 1.48
CA ILE Z 668 51.96 -41.29 2.81
C ILE Z 668 52.58 -39.88 2.78
N ASP Z 669 52.30 -39.06 3.80
CA ASP Z 669 52.68 -37.64 3.90
C ASP Z 669 52.07 -36.71 2.83
N LYS Z 670 51.04 -37.16 2.08
CA LYS Z 670 50.37 -36.37 1.04
C LYS Z 670 49.01 -35.77 1.45
N GLY Z 671 48.66 -35.80 2.74
CA GLY Z 671 47.60 -35.00 3.34
C GLY Z 671 46.53 -35.74 4.15
N VAL Z 672 46.53 -37.08 4.18
CA VAL Z 672 45.58 -37.87 4.98
C VAL Z 672 46.31 -38.76 5.97
N LEU Z 673 47.15 -39.67 5.49
CA LEU Z 673 47.80 -40.71 6.29
C LEU Z 673 49.26 -40.34 6.57
N THR Z 674 49.68 -40.43 7.82
CA THR Z 674 51.08 -40.30 8.22
C THR Z 674 51.59 -41.61 8.82
N ALA Z 675 52.79 -42.02 8.41
CA ALA Z 675 53.47 -43.22 8.89
C ALA Z 675 54.99 -43.01 8.82
N LYS Z 676 55.74 -43.62 9.73
CA LYS Z 676 57.20 -43.52 9.81
C LYS Z 676 57.82 -44.88 9.50
N GLU Z 677 58.71 -44.95 8.51
CA GLU Z 677 59.54 -46.14 8.30
C GLU Z 677 60.74 -46.16 9.27
N ALA Z 678 61.14 -47.35 9.70
CA ALA Z 678 62.23 -47.56 10.63
C ALA Z 678 62.93 -48.90 10.36
N LYS Z 679 64.20 -49.00 10.76
CA LYS Z 679 64.94 -50.26 10.81
C LYS Z 679 64.99 -50.82 12.23
N VAL Z 680 64.76 -52.11 12.38
CA VAL Z 680 64.79 -52.81 13.67
C VAL Z 680 66.11 -53.55 13.79
N VAL Z 681 66.81 -53.36 14.90
CA VAL Z 681 68.11 -54.01 15.17
C VAL Z 681 68.12 -54.63 16.56
N HIS Z 682 68.80 -55.77 16.71
CA HIS Z 682 69.04 -56.41 18.00
C HIS Z 682 70.51 -56.22 18.42
N GLY Z 683 70.74 -55.83 19.68
CA GLY Z 683 72.05 -55.41 20.16
C GLY Z 683 73.04 -56.53 20.43
N GLU Z 684 72.62 -57.58 21.14
CA GLU Z 684 73.47 -58.74 21.47
C GLU Z 684 73.55 -59.78 20.32
N PRO Z 685 74.68 -60.49 20.15
CA PRO Z 685 74.82 -61.56 19.15
C PRO Z 685 74.16 -62.88 19.58
N THR Z 686 73.87 -63.04 20.87
CA THR Z 686 73.19 -64.18 21.51
C THR Z 686 72.20 -63.67 22.55
N CYS Z 687 71.24 -64.47 23.01
CA CYS Z 687 70.38 -64.08 24.14
C CYS Z 687 70.01 -65.25 25.05
N ASP Z 688 69.71 -64.96 26.32
CA ASP Z 688 69.35 -65.97 27.32
C ASP Z 688 67.94 -66.53 27.03
N LEU Z 689 67.87 -67.79 26.63
CA LEU Z 689 66.64 -68.48 26.24
C LEU Z 689 66.63 -69.91 26.78
N PRO Z 690 65.45 -70.54 26.97
CA PRO Z 690 65.39 -71.92 27.41
C PRO Z 690 65.81 -72.89 26.29
N ASP Z 691 66.40 -74.01 26.67
CA ASP Z 691 66.75 -75.08 25.73
C ASP Z 691 65.47 -75.81 25.27
N LEU Z 692 64.94 -75.43 24.10
CA LEU Z 692 63.62 -75.88 23.65
C LEU Z 692 63.56 -77.39 23.37
N ASP Z 693 64.68 -78.01 22.99
CA ASP Z 693 64.79 -79.45 22.83
C ASP Z 693 64.67 -80.17 24.19
N ALA Z 694 65.34 -79.69 25.24
CA ALA Z 694 65.15 -80.22 26.58
C ALA Z 694 63.73 -79.94 27.15
N ALA Z 695 63.18 -78.76 26.88
CA ALA Z 695 61.87 -78.35 27.36
C ALA Z 695 60.72 -79.19 26.76
N LEU Z 696 60.84 -79.59 25.48
CA LEU Z 696 59.93 -80.54 24.85
C LEU Z 696 59.93 -81.91 25.54
N GLN Z 697 61.06 -82.32 26.14
CA GLN Z 697 61.20 -83.55 26.95
C GLN Z 697 61.02 -83.31 28.46
N GLY Z 698 60.60 -82.13 28.90
CA GLY Z 698 60.26 -81.83 30.30
C GLY Z 698 61.40 -81.29 31.18
N ARG Z 699 62.61 -81.11 30.65
CA ARG Z 699 63.79 -80.61 31.38
C ARG Z 699 64.01 -79.13 31.10
N VAL Z 700 64.18 -78.32 32.14
CA VAL Z 700 64.24 -76.84 32.04
C VAL Z 700 65.62 -76.31 32.42
N TYR Z 701 66.34 -75.72 31.47
CA TYR Z 701 67.59 -74.98 31.72
C TYR Z 701 67.93 -74.01 30.56
N GLY Z 702 68.77 -73.02 30.84
CA GLY Z 702 69.09 -71.91 29.92
C GLY Z 702 70.24 -72.19 28.94
N ARG Z 703 70.24 -71.45 27.83
CA ARG Z 703 71.27 -71.46 26.77
C ARG Z 703 71.39 -70.06 26.15
N ARG Z 704 72.58 -69.68 25.68
CA ARG Z 704 72.80 -68.42 24.94
C ARG Z 704 72.83 -68.66 23.44
N LEU Z 705 71.65 -68.82 22.86
CA LEU Z 705 71.45 -69.10 21.43
C LEU Z 705 71.86 -67.90 20.57
N PRO Z 706 72.68 -68.08 19.51
CA PRO Z 706 72.90 -67.07 18.48
C PRO Z 706 71.61 -66.64 17.78
N VAL Z 707 71.42 -65.33 17.58
CA VAL Z 707 70.16 -64.77 17.02
C VAL Z 707 70.40 -63.68 15.98
N ARG Z 708 69.51 -63.59 15.00
CA ARG Z 708 69.43 -62.49 14.01
C ARG Z 708 68.00 -62.22 13.55
N MET Z 709 67.72 -61.01 13.08
CA MET Z 709 66.38 -60.63 12.62
C MET Z 709 66.02 -61.28 11.27
N SER Z 710 64.81 -61.82 11.14
CA SER Z 710 64.28 -62.32 9.85
C SER Z 710 63.65 -61.23 8.98
N LYS Z 711 63.28 -60.08 9.56
CA LYS Z 711 62.84 -58.85 8.87
C LYS Z 711 63.43 -57.61 9.55
N VAL Z 712 63.88 -56.63 8.77
CA VAL Z 712 64.54 -55.41 9.27
C VAL Z 712 63.64 -54.18 9.16
N LEU Z 713 62.86 -54.03 8.08
CA LEU Z 713 61.98 -52.88 7.87
C LEU Z 713 60.67 -52.99 8.66
N MET Z 714 60.24 -51.88 9.26
CA MET Z 714 58.97 -51.71 9.97
C MET Z 714 58.29 -50.39 9.54
N LEU Z 715 56.97 -50.42 9.33
CA LEU Z 715 56.17 -49.27 8.94
C LEU Z 715 55.21 -48.88 10.08
N CYS Z 716 55.63 -47.96 10.94
CA CYS Z 716 54.88 -47.53 12.11
C CYS Z 716 53.78 -46.53 11.69
N PRO Z 717 52.48 -46.84 11.82
CA PRO Z 717 51.42 -45.89 11.50
C PRO Z 717 51.27 -44.83 12.60
N ARG Z 718 50.81 -43.62 12.26
CA ARG Z 718 50.66 -42.52 13.22
C ARG Z 718 49.22 -42.01 13.33
N ASN Z 719 48.75 -41.21 12.38
CA ASN Z 719 47.37 -40.70 12.38
C ASN Z 719 46.76 -40.63 10.98
N ILE Z 720 45.43 -40.67 10.93
CA ILE Z 720 44.61 -40.22 9.80
C ILE Z 720 44.02 -38.85 10.16
N LYS Z 721 44.13 -37.87 9.27
CA LYS Z 721 43.79 -36.47 9.55
C LYS Z 721 42.49 -36.06 8.85
N ILE Z 722 41.53 -35.55 9.59
CA ILE Z 722 40.21 -35.10 9.11
C ILE Z 722 40.14 -33.57 9.15
N LYS Z 723 39.71 -32.92 8.07
CA LYS Z 723 39.70 -31.46 7.89
C LYS Z 723 38.31 -30.92 7.56
N ASN Z 724 37.96 -29.75 8.08
CA ASN Z 724 36.74 -29.01 7.68
C ASN Z 724 37.02 -27.51 7.50
N ARG Z 725 36.63 -26.91 6.37
CA ARG Z 725 36.92 -25.50 6.06
C ARG Z 725 36.05 -24.55 6.89
N VAL Z 726 36.66 -23.50 7.46
CA VAL Z 726 35.98 -22.56 8.36
C VAL Z 726 35.25 -21.44 7.63
N VAL Z 727 35.89 -20.76 6.67
CA VAL Z 727 35.40 -19.51 6.08
C VAL Z 727 34.92 -19.72 4.65
N PHE Z 728 33.66 -19.39 4.40
CA PHE Z 728 33.11 -19.18 3.07
C PHE Z 728 33.46 -17.76 2.58
N THR Z 729 34.12 -17.65 1.42
CA THR Z 729 34.66 -16.39 0.88
C THR Z 729 33.75 -15.67 -0.13
N GLY Z 730 32.53 -16.17 -0.38
CA GLY Z 730 31.60 -15.58 -1.35
C GLY Z 730 31.93 -15.85 -2.82
N GLU Z 731 33.03 -16.55 -3.14
CA GLU Z 731 33.50 -16.76 -4.51
C GLU Z 731 32.61 -17.69 -5.35
N ASN Z 732 32.06 -18.74 -4.74
CA ASN Z 732 31.15 -19.67 -5.42
C ASN Z 732 29.70 -19.15 -5.35
N ALA Z 733 29.25 -18.47 -6.42
CA ALA Z 733 28.00 -17.70 -6.46
C ALA Z 733 26.72 -18.52 -6.26
N ALA Z 734 26.75 -19.84 -6.50
CA ALA Z 734 25.61 -20.73 -6.27
C ALA Z 734 25.29 -20.95 -4.78
N LEU Z 735 26.29 -20.76 -3.89
CA LEU Z 735 26.20 -21.18 -2.48
C LEU Z 735 25.79 -20.07 -1.50
N GLN Z 736 25.90 -18.79 -1.89
CA GLN Z 736 25.84 -17.64 -0.96
C GLN Z 736 24.61 -17.63 -0.06
N ASN Z 737 23.44 -18.07 -0.56
CA ASN Z 737 22.18 -18.03 0.19
C ASN Z 737 22.17 -18.90 1.46
N SER Z 738 23.05 -19.90 1.56
CA SER Z 738 23.21 -20.69 2.79
C SER Z 738 24.07 -19.99 3.86
N PHE Z 739 24.97 -19.07 3.47
CA PHE Z 739 25.93 -18.42 4.38
C PHE Z 739 25.63 -16.95 4.70
N ILE Z 740 24.81 -16.24 3.93
CA ILE Z 740 24.68 -14.77 4.01
C ILE Z 740 24.13 -14.26 5.36
N LYS Z 741 24.78 -13.23 5.91
CA LYS Z 741 24.42 -12.54 7.15
C LYS Z 741 23.40 -11.42 6.89
N SER Z 742 22.20 -11.54 7.45
CA SER Z 742 21.19 -10.48 7.48
C SER Z 742 21.50 -9.41 8.55
N THR Z 743 20.97 -8.19 8.38
CA THR Z 743 21.22 -7.04 9.29
C THR Z 743 19.93 -6.40 9.83
N THR Z 744 18.75 -6.74 9.33
CA THR Z 744 17.48 -6.09 9.74
C THR Z 744 17.04 -6.47 11.16
N ARG Z 745 16.40 -5.53 11.85
CA ARG Z 745 16.00 -5.60 13.27
C ARG Z 745 14.82 -6.54 13.50
N ARG Z 746 15.09 -7.76 13.96
CA ARG Z 746 14.09 -8.80 14.27
C ARG Z 746 13.42 -8.57 15.62
N GLU Z 747 12.23 -9.14 15.81
CA GLU Z 747 11.55 -9.16 17.11
C GLU Z 747 12.10 -10.23 18.08
N ASN Z 748 12.73 -11.29 17.60
CA ASN Z 748 13.32 -12.36 18.44
C ASN Z 748 14.70 -12.02 19.03
N TYR Z 749 15.19 -10.79 18.89
CA TYR Z 749 16.58 -10.43 19.15
C TYR Z 749 17.05 -10.64 20.60
N ILE Z 750 16.17 -10.56 21.60
CA ILE Z 750 16.50 -10.88 22.98
C ILE Z 750 16.46 -12.40 23.18
N ILE Z 751 15.35 -13.06 22.85
CA ILE Z 751 15.14 -14.50 23.14
C ILE Z 751 16.03 -15.43 22.31
N ASN Z 752 16.45 -15.02 21.11
CA ASN Z 752 17.50 -15.67 20.30
C ASN Z 752 18.86 -14.95 20.41
N GLY Z 753 19.01 -14.06 21.39
CA GLY Z 753 20.23 -13.31 21.65
C GLY Z 753 21.17 -13.96 22.66
N PRO Z 754 22.27 -13.28 23.03
CA PRO Z 754 23.34 -13.86 23.84
C PRO Z 754 23.02 -14.06 25.33
N TYR Z 755 21.93 -13.47 25.85
CA TYR Z 755 21.63 -13.49 27.29
C TYR Z 755 20.53 -14.45 27.73
N MET Z 756 19.70 -14.98 26.84
CA MET Z 756 18.46 -15.69 27.22
C MET Z 756 18.70 -16.91 28.12
N LYS Z 757 19.73 -17.72 27.87
CA LYS Z 757 20.06 -18.86 28.73
C LYS Z 757 20.43 -18.46 30.15
N PHE Z 758 21.18 -17.38 30.34
CA PHE Z 758 21.49 -16.81 31.66
C PHE Z 758 20.28 -16.17 32.33
N LEU Z 759 19.46 -15.42 31.58
CA LEU Z 759 18.22 -14.85 32.08
C LEU Z 759 17.22 -15.92 32.55
N ASN Z 760 17.30 -17.13 32.01
CA ASN Z 760 16.55 -18.28 32.49
C ASN Z 760 17.21 -18.93 33.73
N THR Z 761 18.50 -19.25 33.68
CA THR Z 761 19.24 -19.84 34.81
C THR Z 761 19.11 -19.03 36.10
N TYR Z 762 19.09 -17.70 36.02
CA TYR Z 762 19.00 -16.78 37.17
C TYR Z 762 17.60 -16.16 37.38
N HIS Z 763 16.55 -16.68 36.72
CA HIS Z 763 15.20 -16.11 36.78
C HIS Z 763 14.65 -15.94 38.19
N LYS Z 764 14.76 -16.97 39.05
CA LYS Z 764 14.27 -16.92 40.44
C LYS Z 764 15.05 -15.93 41.34
N THR Z 765 16.28 -15.58 41.00
CA THR Z 765 17.03 -14.51 41.71
C THR Z 765 16.76 -13.11 41.13
N LEU Z 766 16.53 -12.97 39.81
CA LEU Z 766 16.13 -11.69 39.21
C LEU Z 766 14.69 -11.29 39.52
N PHE Z 767 13.73 -12.21 39.50
CA PHE Z 767 12.31 -11.91 39.72
C PHE Z 767 11.70 -12.86 40.76
N PRO Z 768 11.99 -12.68 42.06
CA PRO Z 768 11.54 -13.55 43.14
C PRO Z 768 10.03 -13.80 43.14
N ASP Z 769 9.65 -15.07 43.14
CA ASP Z 769 8.27 -15.57 43.15
C ASP Z 769 7.33 -15.07 42.02
N THR Z 770 7.83 -14.66 40.86
CA THR Z 770 6.94 -14.31 39.73
C THR Z 770 6.30 -15.54 39.09
N LYS Z 771 5.04 -15.43 38.64
CA LYS Z 771 4.31 -16.51 37.95
C LYS Z 771 4.73 -16.68 36.48
N LEU Z 772 5.26 -15.62 35.88
CA LEU Z 772 5.64 -15.52 34.46
C LEU Z 772 6.77 -16.49 34.09
N SER Z 773 6.69 -17.11 32.92
CA SER Z 773 7.86 -17.75 32.31
C SER Z 773 8.90 -16.72 31.89
N SER Z 774 10.18 -17.08 31.96
CA SER Z 774 11.28 -16.21 31.54
C SER Z 774 11.17 -15.82 30.05
N LEU Z 775 10.74 -16.76 29.20
CA LEU Z 775 10.49 -16.55 27.77
C LEU Z 775 9.40 -15.50 27.55
N TYR Z 776 8.26 -15.60 28.24
CA TYR Z 776 7.21 -14.60 28.09
C TYR Z 776 7.59 -13.23 28.66
N LEU Z 777 8.29 -13.16 29.80
CA LEU Z 777 8.73 -11.89 30.40
C LEU Z 777 9.58 -11.06 29.40
N TRP Z 778 10.60 -11.68 28.81
CA TRP Z 778 11.49 -11.02 27.86
C TRP Z 778 10.91 -10.84 26.46
N HIS Z 779 9.93 -11.65 26.03
CA HIS Z 779 9.20 -11.42 24.79
C HIS Z 779 8.18 -10.27 24.92
N ASN Z 780 7.51 -10.16 26.06
CA ASN Z 780 6.67 -9.03 26.43
C ASN Z 780 7.49 -7.74 26.47
N PHE Z 781 8.70 -7.76 27.06
CA PHE Z 781 9.60 -6.62 27.01
C PHE Z 781 10.01 -6.27 25.58
N SER Z 782 10.36 -7.26 24.77
CA SER Z 782 10.67 -7.15 23.33
C SER Z 782 9.56 -6.58 22.45
N ARG Z 783 8.33 -6.40 22.96
CA ARG Z 783 7.19 -5.88 22.17
C ARG Z 783 6.41 -4.75 22.84
N ARG Z 784 6.43 -4.63 24.17
CA ARG Z 784 5.67 -3.63 24.94
C ARG Z 784 6.54 -2.68 25.77
N ARG Z 785 7.86 -2.91 25.84
CA ARG Z 785 8.82 -2.07 26.58
C ARG Z 785 8.47 -1.90 28.08
N SER Z 786 8.17 -2.99 28.79
CA SER Z 786 7.88 -2.94 30.24
C SER Z 786 8.40 -4.15 31.02
N VAL Z 787 8.71 -3.96 32.31
CA VAL Z 787 9.41 -4.92 33.17
C VAL Z 787 8.80 -4.91 34.59
N PRO Z 788 8.58 -6.06 35.24
CA PRO Z 788 7.97 -6.09 36.57
C PRO Z 788 8.99 -5.83 37.68
N VAL Z 789 8.63 -5.05 38.70
CA VAL Z 789 9.54 -4.72 39.83
C VAL Z 789 9.05 -5.40 41.12
N PRO Z 790 9.83 -6.34 41.72
CA PRO Z 790 9.46 -7.03 42.96
C PRO Z 790 9.09 -6.08 44.11
N SER Z 791 8.27 -6.56 45.06
CA SER Z 791 7.49 -5.72 45.97
C SER Z 791 8.30 -4.71 46.81
N GLY Z 792 9.50 -5.08 47.27
CA GLY Z 792 10.43 -4.18 47.97
C GLY Z 792 11.61 -3.65 47.13
N ALA Z 793 11.83 -4.19 45.93
CA ALA Z 793 12.96 -3.81 45.08
C ALA Z 793 12.79 -2.41 44.45
N SER Z 794 13.88 -1.79 44.00
CA SER Z 794 13.87 -0.41 43.48
C SER Z 794 13.58 -0.36 41.98
N ALA Z 795 12.80 0.63 41.52
CA ALA Z 795 12.39 0.71 40.11
C ALA Z 795 13.56 0.91 39.14
N GLU Z 796 14.49 1.82 39.44
CA GLU Z 796 15.49 2.25 38.45
C GLU Z 796 16.55 1.18 38.19
N GLU Z 797 16.87 0.39 39.20
CA GLU Z 797 17.68 -0.83 39.13
C GLU Z 797 17.18 -1.83 38.07
N TYR Z 798 15.87 -2.02 37.94
CA TYR Z 798 15.28 -2.85 36.89
C TYR Z 798 15.21 -2.13 35.55
N SER Z 799 15.00 -0.81 35.51
CA SER Z 799 15.11 -0.07 34.26
C SER Z 799 16.52 -0.17 33.65
N ASP Z 800 17.56 -0.22 34.47
CA ASP Z 800 18.94 -0.43 34.00
C ASP Z 800 19.17 -1.86 33.46
N LEU Z 801 18.76 -2.90 34.21
CA LEU Z 801 18.80 -4.29 33.75
C LEU Z 801 18.19 -4.48 32.35
N ALA Z 802 17.02 -3.89 32.14
CA ALA Z 802 16.32 -3.93 30.85
C ALA Z 802 17.14 -3.27 29.73
N LEU Z 803 17.73 -2.10 29.98
CA LEU Z 803 18.55 -1.40 29.00
C LEU Z 803 19.89 -2.13 28.73
N PHE Z 804 20.48 -2.84 29.70
CA PHE Z 804 21.64 -3.69 29.43
C PHE Z 804 21.32 -4.83 28.44
N VAL Z 805 20.21 -5.54 28.66
CA VAL Z 805 19.74 -6.66 27.84
C VAL Z 805 19.41 -6.19 26.43
N ASP Z 806 18.66 -5.10 26.29
CA ASP Z 806 18.33 -4.50 25.01
C ASP Z 806 19.58 -4.07 24.22
N GLY Z 807 20.48 -3.32 24.88
CA GLY Z 807 21.68 -2.79 24.26
C GLY Z 807 22.58 -3.90 23.71
N GLY Z 808 22.96 -4.86 24.54
CA GLY Z 808 23.82 -5.96 24.11
C GLY Z 808 23.16 -6.86 23.07
N SER Z 809 21.85 -7.09 23.16
CA SER Z 809 21.14 -7.89 22.17
C SER Z 809 21.14 -7.24 20.77
N ARG Z 810 20.89 -5.93 20.64
CA ARG Z 810 21.02 -5.22 19.35
C ARG Z 810 22.46 -5.14 18.85
N ALA Z 811 23.45 -4.93 19.72
CA ALA Z 811 24.86 -4.99 19.33
C ALA Z 811 25.28 -6.36 18.80
N HIS Z 812 24.79 -7.45 19.42
CA HIS Z 812 25.01 -8.82 18.96
C HIS Z 812 24.32 -9.09 17.62
N GLU Z 813 23.08 -8.61 17.43
CA GLU Z 813 22.32 -8.75 16.18
C GLU Z 813 23.06 -8.14 14.99
N GLU Z 814 23.63 -6.95 15.17
CA GLU Z 814 24.52 -6.29 14.21
C GLU Z 814 25.83 -7.06 13.96
N SER Z 815 26.61 -7.36 14.99
CA SER Z 815 28.00 -7.83 14.84
C SER Z 815 28.20 -9.35 14.64
N ASN Z 816 27.27 -10.22 15.03
CA ASN Z 816 27.57 -11.65 15.17
C ASN Z 816 27.62 -12.44 13.84
N VAL Z 817 28.66 -13.25 13.64
CA VAL Z 817 28.80 -14.22 12.55
C VAL Z 817 29.02 -15.67 12.99
N ILE Z 818 28.81 -15.95 14.28
CA ILE Z 818 28.94 -17.27 14.91
C ILE Z 818 27.56 -17.72 15.40
N ASP Z 819 26.91 -18.66 14.72
CA ASP Z 819 25.48 -19.00 14.91
C ASP Z 819 25.19 -19.88 16.14
N VAL Z 820 25.46 -19.37 17.33
CA VAL Z 820 25.38 -20.05 18.63
C VAL Z 820 24.70 -19.16 19.67
N VAL Z 821 23.85 -19.75 20.51
CA VAL Z 821 23.34 -19.13 21.73
C VAL Z 821 24.11 -19.74 22.91
N PRO Z 822 25.05 -19.01 23.56
CA PRO Z 822 26.00 -19.62 24.49
C PRO Z 822 25.38 -20.04 25.82
N GLY Z 823 25.75 -21.22 26.35
CA GLY Z 823 25.21 -21.74 27.60
C GLY Z 823 25.97 -21.38 28.88
N ASN Z 824 27.24 -20.96 28.78
CA ASN Z 824 28.12 -20.66 29.90
C ASN Z 824 29.04 -19.47 29.59
N LEU Z 825 29.58 -18.82 30.63
CA LEU Z 825 30.39 -17.59 30.46
C LEU Z 825 31.68 -17.80 29.65
N VAL Z 826 32.29 -18.98 29.67
CA VAL Z 826 33.47 -19.28 28.83
C VAL Z 826 33.11 -19.30 27.34
N THR Z 827 31.99 -19.92 26.97
CA THR Z 827 31.52 -19.92 25.58
C THR Z 827 31.06 -18.52 25.16
N TYR Z 828 30.34 -17.79 26.01
CA TYR Z 828 29.99 -16.38 25.79
C TYR Z 828 31.24 -15.51 25.51
N ALA Z 829 32.28 -15.64 26.34
CA ALA Z 829 33.55 -14.93 26.19
C ALA Z 829 34.27 -15.29 24.88
N LYS Z 830 34.43 -16.58 24.58
CA LYS Z 830 35.06 -17.06 23.34
C LYS Z 830 34.31 -16.65 22.07
N GLN Z 831 32.99 -16.57 22.09
CA GLN Z 831 32.21 -16.03 20.98
C GLN Z 831 32.53 -14.54 20.76
N ARG Z 832 32.52 -13.72 21.83
CA ARG Z 832 32.84 -12.29 21.76
C ARG Z 832 34.25 -12.04 21.19
N LEU Z 833 35.23 -12.83 21.61
CA LEU Z 833 36.61 -12.78 21.13
C LEU Z 833 36.73 -13.08 19.63
N ASN Z 834 36.14 -14.17 19.14
CA ASN Z 834 36.29 -14.59 17.75
C ASN Z 834 35.48 -13.70 16.78
N ASN Z 835 34.33 -13.16 17.19
CA ASN Z 835 33.65 -12.10 16.44
C ASN Z 835 34.52 -10.83 16.29
N ALA Z 836 35.40 -10.52 17.23
CA ALA Z 836 36.31 -9.38 17.11
C ALA Z 836 37.43 -9.62 16.08
N ILE Z 837 38.02 -10.81 16.07
CA ILE Z 837 39.10 -11.17 15.12
C ILE Z 837 38.58 -11.18 13.68
N LEU Z 838 37.40 -11.76 13.44
CA LEU Z 838 36.78 -11.82 12.12
C LEU Z 838 36.46 -10.41 11.57
N LYS Z 839 36.07 -9.47 12.43
CA LYS Z 839 35.84 -8.07 12.05
C LYS Z 839 37.13 -7.34 11.64
N ALA Z 840 38.22 -7.53 12.38
CA ALA Z 840 39.54 -7.02 11.99
C ALA Z 840 40.03 -7.61 10.65
N CYS Z 841 39.63 -8.83 10.31
CA CYS Z 841 39.91 -9.44 9.00
C CYS Z 841 38.94 -9.03 7.88
N GLY Z 842 37.95 -8.17 8.14
CA GLY Z 842 36.92 -7.81 7.17
C GLY Z 842 35.89 -8.91 6.84
N GLN Z 843 35.79 -9.96 7.66
CA GLN Z 843 34.83 -11.06 7.48
C GLN Z 843 33.50 -10.74 8.19
N THR Z 844 32.57 -10.12 7.46
CA THR Z 844 31.33 -9.54 8.01
C THR Z 844 30.07 -9.93 7.24
N GLN Z 845 30.20 -10.46 6.03
CA GLN Z 845 29.09 -10.74 5.11
C GLN Z 845 28.48 -12.13 5.29
N PHE Z 846 29.20 -13.06 5.92
CA PHE Z 846 28.85 -14.48 5.99
C PHE Z 846 29.03 -15.07 7.39
N TYR Z 847 28.14 -16.00 7.77
CA TYR Z 847 28.41 -16.94 8.87
C TYR Z 847 29.60 -17.84 8.56
N ILE Z 848 30.38 -18.20 9.58
CA ILE Z 848 31.41 -19.26 9.49
C ILE Z 848 30.81 -20.67 9.63
N SER Z 849 31.49 -21.71 9.15
CA SER Z 849 31.12 -23.11 9.44
C SER Z 849 31.26 -23.44 10.94
N LEU Z 850 30.38 -24.30 11.46
CA LEU Z 850 30.43 -24.83 12.81
C LEU Z 850 30.56 -26.38 12.81
N ILE Z 851 31.30 -26.95 13.75
CA ILE Z 851 31.19 -28.37 14.13
C ILE Z 851 30.54 -28.46 15.52
N GLN Z 852 29.50 -29.26 15.68
CA GLN Z 852 28.86 -29.54 16.97
C GLN Z 852 29.09 -31.00 17.41
N GLY Z 853 29.47 -31.18 18.67
CA GLY Z 853 29.60 -32.50 19.28
C GLY Z 853 28.29 -33.00 19.86
N LEU Z 854 27.90 -34.23 19.54
CA LEU Z 854 26.78 -34.95 20.16
C LEU Z 854 27.34 -35.86 21.26
N VAL Z 855 26.98 -35.61 22.51
CA VAL Z 855 27.57 -36.28 23.69
C VAL Z 855 26.54 -37.16 24.41
N PRO Z 856 26.80 -38.47 24.65
CA PRO Z 856 25.86 -39.37 25.33
C PRO Z 856 25.55 -39.00 26.78
N ARG Z 857 24.25 -38.99 27.14
CA ARG Z 857 23.71 -38.86 28.50
C ARG Z 857 22.91 -40.10 28.86
N THR Z 858 23.21 -40.72 30.00
CA THR Z 858 22.61 -41.98 30.45
C THR Z 858 21.53 -41.71 31.49
N GLN Z 859 20.33 -42.28 31.32
CA GLN Z 859 19.16 -42.01 32.17
C GLN Z 859 18.37 -43.29 32.52
N SER Z 860 17.81 -43.36 33.73
CA SER Z 860 16.94 -44.47 34.18
C SER Z 860 15.46 -44.11 33.96
N VAL Z 861 14.70 -45.00 33.35
CA VAL Z 861 13.30 -44.78 32.93
C VAL Z 861 12.42 -45.97 33.35
N PRO Z 862 11.09 -45.83 33.45
CA PRO Z 862 10.22 -46.95 33.77
C PRO Z 862 10.23 -48.02 32.66
N ALA Z 863 10.33 -49.30 33.04
CA ALA Z 863 10.60 -50.41 32.12
C ALA Z 863 9.45 -50.81 31.17
N ARG Z 864 8.28 -50.16 31.25
CA ARG Z 864 7.05 -50.51 30.51
C ARG Z 864 7.27 -50.82 29.01
N ASP Z 865 8.07 -50.01 28.31
CA ASP Z 865 8.42 -50.21 26.90
C ASP Z 865 9.85 -50.74 26.66
N TYR Z 866 10.48 -51.36 27.67
CA TYR Z 866 11.85 -51.90 27.62
C TYR Z 866 11.85 -53.36 28.08
N PRO Z 867 11.22 -54.28 27.30
CA PRO Z 867 10.81 -55.60 27.78
C PRO Z 867 11.96 -56.52 28.17
N HIS Z 868 13.18 -56.28 27.70
CA HIS Z 868 14.34 -57.12 28.00
C HIS Z 868 14.72 -57.18 29.48
N VAL Z 869 14.25 -56.27 30.35
CA VAL Z 869 14.51 -56.37 31.80
C VAL Z 869 13.87 -57.58 32.47
N LEU Z 870 12.86 -58.20 31.85
CA LEU Z 870 12.16 -59.39 32.37
C LEU Z 870 12.98 -60.69 32.24
N GLY Z 871 14.03 -60.72 31.43
CA GLY Z 871 14.86 -61.90 31.20
C GLY Z 871 14.19 -62.99 30.35
N THR Z 872 14.66 -64.23 30.44
CA THR Z 872 14.15 -65.41 29.72
C THR Z 872 12.81 -65.96 30.24
N ARG Z 873 12.24 -65.31 31.26
CA ARG Z 873 10.90 -65.50 31.84
C ARG Z 873 9.81 -65.78 30.80
N ALA Z 874 8.93 -66.74 31.05
CA ALA Z 874 7.71 -66.92 30.26
C ALA Z 874 6.65 -65.87 30.62
N VAL Z 875 6.01 -65.28 29.61
CA VAL Z 875 4.97 -64.25 29.78
C VAL Z 875 3.63 -64.77 29.24
N GLU Z 876 2.62 -64.85 30.11
CA GLU Z 876 1.35 -65.52 29.81
C GLU Z 876 0.20 -64.55 29.45
N SER Z 877 0.21 -63.31 29.96
CA SER Z 877 -0.80 -62.30 29.64
C SER Z 877 -0.24 -60.87 29.69
N ALA Z 878 -0.91 -59.93 29.03
CA ALA Z 878 -0.55 -58.51 29.06
C ALA Z 878 -0.69 -57.89 30.46
N ALA Z 879 -1.67 -58.36 31.25
CA ALA Z 879 -1.83 -57.94 32.64
C ALA Z 879 -0.64 -58.38 33.51
N ALA Z 880 -0.12 -59.60 33.31
CA ALA Z 880 1.09 -60.06 33.99
C ALA Z 880 2.35 -59.29 33.54
N TYR Z 881 2.48 -58.96 32.25
CA TYR Z 881 3.57 -58.09 31.75
C TYR Z 881 3.53 -56.69 32.40
N ALA Z 882 2.35 -56.07 32.47
CA ALA Z 882 2.16 -54.78 33.13
C ALA Z 882 2.48 -54.86 34.64
N GLU Z 883 2.05 -55.92 35.32
CA GLU Z 883 2.37 -56.12 36.75
C GLU Z 883 3.88 -56.29 36.97
N ALA Z 884 4.54 -57.17 36.22
CA ALA Z 884 5.96 -57.46 36.37
C ALA Z 884 6.87 -56.26 36.04
N THR Z 885 6.48 -55.41 35.08
CA THR Z 885 7.25 -54.20 34.75
C THR Z 885 6.93 -53.00 35.65
N SER Z 886 5.79 -52.96 36.35
CA SER Z 886 5.34 -51.79 37.13
C SER Z 886 6.34 -51.27 38.18
N SER Z 887 7.18 -52.15 38.73
CA SER Z 887 8.18 -51.84 39.76
C SER Z 887 9.62 -51.74 39.25
N LEU Z 888 9.85 -51.81 37.93
CA LEU Z 888 11.19 -51.95 37.33
C LEU Z 888 11.61 -50.74 36.48
N THR Z 889 12.92 -50.49 36.42
CA THR Z 889 13.51 -49.42 35.60
C THR Z 889 14.58 -49.96 34.63
N ALA Z 890 14.66 -49.35 33.45
CA ALA Z 890 15.63 -49.63 32.40
C ALA Z 890 16.59 -48.46 32.22
N THR Z 891 17.87 -48.73 31.99
CA THR Z 891 18.85 -47.73 31.58
C THR Z 891 18.74 -47.47 30.07
N THR Z 892 18.68 -46.20 29.66
CA THR Z 892 18.64 -45.78 28.26
C THR Z 892 19.62 -44.63 28.01
N VAL Z 893 19.96 -44.40 26.75
CA VAL Z 893 20.91 -43.36 26.35
C VAL Z 893 20.31 -42.45 25.28
N VAL Z 894 20.51 -41.15 25.43
CA VAL Z 894 20.21 -40.11 24.42
C VAL Z 894 21.44 -39.23 24.24
N CYS Z 895 21.57 -38.53 23.11
CA CYS Z 895 22.67 -37.59 22.88
C CYS Z 895 22.21 -36.13 23.01
N ALA Z 896 23.04 -35.30 23.65
CA ALA Z 896 22.85 -33.85 23.77
C ALA Z 896 23.88 -33.06 22.96
N ALA Z 897 23.44 -32.00 22.27
CA ALA Z 897 24.33 -31.15 21.50
C ALA Z 897 25.11 -30.20 22.42
N THR Z 898 26.44 -30.28 22.37
CA THR Z 898 27.34 -29.26 22.95
C THR Z 898 27.47 -28.08 21.99
N ASP Z 899 27.60 -26.87 22.54
CA ASP Z 899 27.89 -25.61 21.83
C ASP Z 899 29.39 -25.31 21.72
N CYS Z 900 30.26 -26.23 22.17
CA CYS Z 900 31.68 -26.01 22.42
C CYS Z 900 32.52 -27.31 22.30
N LEU Z 901 32.72 -27.80 21.07
CA LEU Z 901 33.47 -29.03 20.79
C LEU Z 901 34.89 -29.06 21.39
N SER Z 902 35.58 -27.93 21.49
CA SER Z 902 36.98 -27.90 21.92
C SER Z 902 37.24 -28.39 23.35
N GLN Z 903 36.33 -28.16 24.31
CA GLN Z 903 36.46 -28.72 25.66
C GLN Z 903 36.26 -30.24 25.68
N VAL Z 904 35.40 -30.79 24.81
CA VAL Z 904 35.24 -32.25 24.65
C VAL Z 904 36.52 -32.87 24.07
N CYS Z 905 37.15 -32.25 23.07
CA CYS Z 905 38.42 -32.72 22.51
C CYS Z 905 39.60 -32.74 23.50
N LYS Z 906 39.59 -31.91 24.55
CA LYS Z 906 40.59 -31.99 25.64
C LYS Z 906 40.47 -33.26 26.50
N ALA Z 907 39.30 -33.89 26.56
CA ALA Z 907 39.03 -35.12 27.31
C ALA Z 907 39.33 -36.43 26.55
N ARG Z 908 40.14 -36.36 25.48
CA ARG Z 908 40.63 -37.47 24.63
C ARG Z 908 39.51 -38.44 24.17
N PRO Z 909 38.52 -37.97 23.40
CA PRO Z 909 37.27 -38.69 23.20
C PRO Z 909 37.37 -39.88 22.22
N VAL Z 910 36.51 -40.87 22.42
CA VAL Z 910 36.09 -41.82 21.35
C VAL Z 910 35.16 -41.09 20.41
N VAL Z 911 35.39 -41.16 19.10
CA VAL Z 911 34.66 -40.37 18.09
C VAL Z 911 34.02 -41.23 16.97
N THR Z 912 32.89 -40.76 16.42
CA THR Z 912 32.28 -41.30 15.19
C THR Z 912 31.90 -40.18 14.26
N LEU Z 913 32.33 -40.25 12.98
CA LEU Z 913 32.17 -39.16 12.01
C LEU Z 913 32.09 -39.67 10.54
N PRO Z 914 31.47 -38.91 9.62
CA PRO Z 914 31.47 -39.21 8.19
C PRO Z 914 32.68 -38.60 7.46
N VAL Z 915 33.31 -39.31 6.52
CA VAL Z 915 34.42 -38.78 5.70
C VAL Z 915 34.31 -39.09 4.21
N THR Z 916 34.69 -38.13 3.37
CA THR Z 916 35.04 -38.34 1.94
C THR Z 916 36.51 -38.01 1.75
N ILE Z 917 37.29 -38.85 1.05
CA ILE Z 917 38.66 -38.49 0.69
C ILE Z 917 38.70 -37.90 -0.73
N ASN Z 918 38.93 -36.59 -0.82
CA ASN Z 918 39.05 -35.84 -2.06
C ASN Z 918 40.50 -35.71 -2.50
N LYS Z 919 40.77 -35.78 -3.80
CA LYS Z 919 42.14 -35.75 -4.36
C LYS Z 919 42.28 -34.65 -5.42
N TYR Z 920 43.41 -33.98 -5.44
CA TYR Z 920 43.64 -32.77 -6.24
C TYR Z 920 45.12 -32.57 -6.60
N THR Z 921 45.38 -31.79 -7.64
CA THR Z 921 46.74 -31.45 -8.12
C THR Z 921 47.41 -30.43 -7.19
N GLY Z 922 48.74 -30.44 -7.11
CA GLY Z 922 49.51 -29.37 -6.45
C GLY Z 922 49.43 -28.01 -7.16
N VAL Z 923 49.88 -26.95 -6.47
CA VAL Z 923 49.97 -25.58 -6.99
C VAL Z 923 51.32 -25.27 -7.66
N ASN Z 924 51.48 -24.06 -8.19
CA ASN Z 924 52.74 -23.52 -8.72
C ASN Z 924 53.37 -24.41 -9.81
N GLY Z 925 52.54 -24.97 -10.69
CA GLY Z 925 52.96 -25.82 -11.79
C GLY Z 925 53.27 -27.27 -11.42
N ASN Z 926 53.10 -27.67 -10.16
CA ASN Z 926 53.30 -29.06 -9.72
C ASN Z 926 52.28 -30.02 -10.35
N ASN Z 927 52.67 -31.27 -10.61
CA ASN Z 927 51.82 -32.31 -11.22
C ASN Z 927 51.51 -33.52 -10.30
N GLN Z 928 51.93 -33.49 -9.03
CA GLN Z 928 51.62 -34.53 -8.05
C GLN Z 928 50.16 -34.47 -7.58
N ILE Z 929 49.68 -35.57 -7.00
CA ILE Z 929 48.35 -35.70 -6.38
C ILE Z 929 48.48 -35.55 -4.86
N PHE Z 930 47.64 -34.72 -4.26
CA PHE Z 930 47.49 -34.53 -2.81
C PHE Z 930 46.07 -34.89 -2.38
N GLN Z 931 45.85 -35.26 -1.11
CA GLN Z 931 44.55 -35.69 -0.59
C GLN Z 931 44.10 -34.89 0.63
N ALA Z 932 42.78 -34.75 0.82
CA ALA Z 932 42.16 -34.31 2.06
C ALA Z 932 41.03 -35.26 2.46
N GLY Z 933 40.95 -35.63 3.72
CA GLY Z 933 39.81 -36.32 4.31
C GLY Z 933 38.84 -35.29 4.85
N ASN Z 934 37.77 -34.99 4.11
CA ASN Z 934 36.84 -33.92 4.48
C ASN Z 934 35.63 -34.47 5.23
N LEU Z 935 35.30 -33.80 6.34
CA LEU Z 935 34.14 -34.09 7.17
C LEU Z 935 32.84 -33.93 6.38
N GLY Z 936 32.01 -34.97 6.37
CA GLY Z 936 30.75 -35.03 5.62
C GLY Z 936 29.51 -35.14 6.51
N TYR Z 937 28.48 -35.81 6.02
CA TYR Z 937 27.16 -35.93 6.63
C TYR Z 937 26.73 -37.40 6.86
N PHE Z 938 25.90 -37.62 7.88
CA PHE Z 938 25.26 -38.91 8.14
C PHE Z 938 24.03 -39.11 7.24
N MET Z 939 23.84 -40.33 6.73
CA MET Z 939 22.63 -40.72 5.98
C MET Z 939 21.75 -41.66 6.80
N GLY Z 940 20.43 -41.48 6.72
CA GLY Z 940 19.42 -42.32 7.35
C GLY Z 940 18.75 -41.64 8.54
N ARG Z 941 17.40 -41.57 8.53
CA ARG Z 941 16.63 -40.82 9.53
C ARG Z 941 16.61 -41.46 10.93
N GLY Z 942 17.03 -42.70 11.10
CA GLY Z 942 17.07 -43.36 12.40
C GLY Z 942 18.31 -43.10 13.26
N VAL Z 943 19.32 -42.39 12.75
CA VAL Z 943 20.63 -42.23 13.42
C VAL Z 943 20.52 -41.47 14.75
N ASP Z 944 20.03 -40.23 14.75
CA ASP Z 944 19.78 -39.45 15.97
C ASP Z 944 18.78 -38.31 15.72
N ARG Z 945 17.82 -38.10 16.63
CA ARG Z 945 16.80 -37.06 16.51
C ARG Z 945 17.34 -35.64 16.36
N ASN Z 946 18.54 -35.31 16.86
CA ASN Z 946 19.15 -33.99 16.66
C ASN Z 946 19.54 -33.71 15.19
N LEU Z 947 19.69 -34.74 14.36
CA LEU Z 947 19.99 -34.62 12.94
C LEU Z 947 18.73 -34.40 12.07
N LEU Z 948 17.51 -34.57 12.60
CA LEU Z 948 16.26 -34.42 11.85
C LEU Z 948 15.96 -32.95 11.51
N GLN Z 949 15.89 -32.63 10.21
CA GLN Z 949 15.41 -31.34 9.71
C GLN Z 949 13.89 -31.30 9.59
N SER Z 963 22.49 -29.22 6.83
CA SER Z 963 22.91 -27.89 6.45
C SER Z 963 24.32 -27.86 5.85
N MET Z 964 24.60 -26.87 5.00
CA MET Z 964 25.95 -26.52 4.57
C MET Z 964 26.85 -26.12 5.74
N ARG Z 965 26.34 -25.32 6.67
CA ARG Z 965 27.15 -24.56 7.64
C ARG Z 965 27.21 -25.12 9.06
N LYS Z 966 26.50 -26.22 9.35
CA LYS Z 966 26.66 -27.00 10.59
C LYS Z 966 26.89 -28.48 10.28
N LYS Z 967 27.94 -29.07 10.84
CA LYS Z 967 28.27 -30.51 10.77
C LYS Z 967 28.40 -31.10 12.18
N PHE Z 968 28.17 -32.41 12.30
CA PHE Z 968 28.13 -33.13 13.58
C PHE Z 968 29.17 -34.25 13.68
N VAL Z 969 29.67 -34.47 14.89
CA VAL Z 969 30.49 -35.60 15.33
C VAL Z 969 29.91 -36.17 16.63
N PHE Z 970 29.83 -37.49 16.79
CA PHE Z 970 29.54 -38.10 18.11
C PHE Z 970 30.82 -38.22 18.92
N ALA Z 971 30.84 -37.84 20.20
CA ALA Z 971 32.01 -37.92 21.08
C ALA Z 971 31.69 -38.42 22.51
N THR Z 972 32.47 -39.38 23.02
CA THR Z 972 32.44 -39.82 24.44
C THR Z 972 33.81 -39.58 25.08
N PRO Z 973 33.95 -38.80 26.16
CA PRO Z 973 35.26 -38.55 26.80
C PRO Z 973 35.86 -39.78 27.49
N THR Z 974 37.19 -39.87 27.59
CA THR Z 974 37.89 -40.95 28.32
C THR Z 974 38.61 -40.50 29.61
N LEU Z 975 39.01 -39.23 29.73
CA LEU Z 975 39.50 -38.67 31.01
C LEU Z 975 38.41 -38.74 32.09
N GLY Z 976 38.72 -39.32 33.25
CA GLY Z 976 37.78 -39.55 34.34
C GLY Z 976 36.91 -40.80 34.19
N LEU Z 977 37.05 -41.54 33.10
CA LEU Z 977 36.45 -42.87 32.92
C LEU Z 977 37.54 -43.94 32.99
N THR Z 978 38.46 -43.98 32.03
CA THR Z 978 39.53 -44.99 31.92
C THR Z 978 40.94 -44.43 32.11
N VAL Z 979 41.12 -43.11 32.03
CA VAL Z 979 42.40 -42.38 32.22
C VAL Z 979 42.26 -41.32 33.31
N LYS Z 980 43.23 -41.23 34.23
CA LYS Z 980 43.19 -40.31 35.39
C LYS Z 980 43.61 -38.88 35.02
N ARG Z 981 42.89 -37.87 35.52
CA ARG Z 981 43.22 -36.44 35.34
C ARG Z 981 44.51 -36.06 36.08
N THR Z 988 50.20 -23.80 46.42
CA THR Z 988 51.02 -22.81 47.13
C THR Z 988 50.81 -22.83 48.65
N TYR Z 989 51.79 -22.36 49.41
CA TYR Z 989 51.61 -21.97 50.80
C TYR Z 989 50.84 -20.62 50.87
N GLU Z 990 50.05 -20.41 51.93
CA GLU Z 990 49.30 -19.15 52.09
C GLU Z 990 50.20 -17.90 52.15
N ILE Z 991 51.42 -18.01 52.71
CA ILE Z 991 52.41 -16.92 52.68
C ILE Z 991 52.88 -16.55 51.27
N GLU Z 992 52.80 -17.43 50.28
CA GLU Z 992 53.04 -17.08 48.88
C GLU Z 992 51.90 -16.25 48.29
N ASN Z 993 50.66 -16.55 48.66
CA ASN Z 993 49.47 -15.84 48.19
C ASN Z 993 49.37 -14.43 48.81
N ILE Z 994 49.66 -14.27 50.11
CA ILE Z 994 49.76 -12.94 50.72
C ILE Z 994 50.82 -12.11 49.98
N ARG Z 995 52.03 -12.66 49.78
CA ARG Z 995 53.14 -12.01 49.06
C ARG Z 995 52.78 -11.60 47.63
N ALA Z 996 52.15 -12.47 46.85
CA ALA Z 996 51.69 -12.12 45.50
C ALA Z 996 50.66 -10.97 45.52
N GLY Z 997 49.69 -10.98 46.43
CA GLY Z 997 48.69 -9.92 46.54
C GLY Z 997 49.26 -8.56 46.94
N LEU Z 998 50.30 -8.52 47.79
CA LEU Z 998 51.02 -7.29 48.11
C LEU Z 998 51.86 -6.77 46.93
N GLU Z 999 52.60 -7.62 46.22
CA GLU Z 999 53.32 -7.17 45.02
C GLU Z 999 52.35 -6.69 43.93
N ALA Z 1000 51.15 -7.25 43.83
CA ALA Z 1000 50.09 -6.79 42.92
C ALA Z 1000 49.54 -5.40 43.29
N ILE Z 1001 49.39 -5.07 44.58
CA ILE Z 1001 49.02 -3.71 45.03
C ILE Z 1001 50.14 -2.71 44.74
N ILE Z 1002 51.35 -2.96 45.25
CA ILE Z 1002 52.44 -1.97 45.24
C ILE Z 1002 52.87 -1.64 43.80
N SER Z 1003 52.86 -2.63 42.89
CA SER Z 1003 53.18 -2.44 41.47
C SER Z 1003 52.12 -1.63 40.69
N GLN Z 1004 50.93 -1.40 41.24
CA GLN Z 1004 49.84 -0.66 40.59
C GLN Z 1004 49.53 0.71 41.24
N LYS Z 1005 49.68 0.87 42.55
CA LYS Z 1005 49.32 2.09 43.27
C LYS Z 1005 50.16 3.28 42.79
N GLN Z 1006 49.53 4.28 42.20
CA GLN Z 1006 50.14 5.49 41.63
C GLN Z 1006 49.45 6.76 42.12
N GLU Z 1007 50.24 7.84 42.24
CA GLU Z 1007 49.78 9.17 42.69
C GLU Z 1007 49.29 9.23 44.15
N GLU Z 1008 49.51 8.18 44.94
CA GLU Z 1008 49.24 8.10 46.39
C GLU Z 1008 50.22 7.15 47.10
N ASP Z 1009 50.53 7.43 48.36
CA ASP Z 1009 51.38 6.56 49.19
C ASP Z 1009 50.65 5.27 49.61
N CYS Z 1010 51.29 4.10 49.48
CA CYS Z 1010 50.62 2.78 49.55
C CYS Z 1010 50.52 2.12 50.95
N VAL Z 1011 51.13 2.68 52.00
CA VAL Z 1011 51.29 1.97 53.30
C VAL Z 1011 49.94 1.62 53.96
N PHE Z 1012 48.93 2.50 53.90
CA PHE Z 1012 47.61 2.20 54.44
C PHE Z 1012 46.89 1.08 53.68
N ASP Z 1013 47.01 1.01 52.35
CA ASP Z 1013 46.41 -0.08 51.56
C ASP Z 1013 47.14 -1.43 51.75
N VAL Z 1014 48.44 -1.43 52.01
CA VAL Z 1014 49.21 -2.63 52.40
C VAL Z 1014 48.81 -3.10 53.79
N VAL Z 1015 48.76 -2.19 54.77
CA VAL Z 1015 48.34 -2.51 56.14
C VAL Z 1015 46.91 -3.07 56.19
N CYS Z 1016 45.98 -2.54 55.40
CA CYS Z 1016 44.62 -3.09 55.35
C CYS Z 1016 44.59 -4.52 54.78
N ASN Z 1017 45.35 -4.82 53.73
CA ASN Z 1017 45.45 -6.18 53.20
C ASN Z 1017 46.08 -7.18 54.20
N LEU Z 1018 47.08 -6.77 54.97
CA LEU Z 1018 47.64 -7.61 56.06
C LEU Z 1018 46.61 -7.84 57.18
N VAL Z 1019 45.94 -6.79 57.66
CA VAL Z 1019 44.92 -6.92 58.72
C VAL Z 1019 43.74 -7.78 58.24
N ASP Z 1020 43.35 -7.72 56.96
CA ASP Z 1020 42.35 -8.63 56.40
C ASP Z 1020 42.83 -10.10 56.41
N ALA Z 1021 44.05 -10.38 55.95
CA ALA Z 1021 44.56 -11.76 55.80
C ALA Z 1021 45.04 -12.42 57.10
N MET Z 1022 45.48 -11.66 58.10
CA MET Z 1022 46.05 -12.17 59.35
C MET Z 1022 45.32 -11.72 60.62
N GLY Z 1023 44.51 -10.66 60.57
CA GLY Z 1023 43.76 -10.17 61.74
C GLY Z 1023 44.64 -9.86 62.94
N GLU Z 1024 44.28 -10.42 64.09
CA GLU Z 1024 44.99 -10.24 65.37
C GLU Z 1024 46.45 -10.69 65.34
N ALA Z 1025 46.83 -11.61 64.45
CA ALA Z 1025 48.21 -12.04 64.29
C ALA Z 1025 49.16 -10.95 63.74
N CYS Z 1026 48.65 -9.83 63.22
CA CYS Z 1026 49.49 -8.67 62.86
C CYS Z 1026 50.15 -8.01 64.08
N ALA Z 1027 49.56 -8.13 65.27
CA ALA Z 1027 50.01 -7.46 66.49
C ALA Z 1027 51.46 -7.80 66.90
N SER Z 1028 51.99 -8.94 66.45
CA SER Z 1028 53.35 -9.41 66.72
C SER Z 1028 54.16 -9.72 65.45
N LEU Z 1029 53.76 -9.19 64.29
CA LEU Z 1029 54.47 -9.39 63.02
C LEU Z 1029 55.91 -8.88 63.13
N THR Z 1030 56.90 -9.76 62.95
CA THR Z 1030 58.32 -9.42 63.07
C THR Z 1030 58.86 -8.84 61.76
N ARG Z 1031 60.01 -8.17 61.79
CA ARG Z 1031 60.63 -7.59 60.58
C ARG Z 1031 61.07 -8.66 59.57
N ASP Z 1032 61.56 -9.81 60.02
CA ASP Z 1032 61.92 -10.91 59.12
C ASP Z 1032 60.71 -11.49 58.37
N ASP Z 1033 59.56 -11.66 59.03
CA ASP Z 1033 58.32 -12.03 58.37
C ASP Z 1033 57.81 -10.92 57.44
N ALA Z 1034 57.77 -9.67 57.89
CA ALA Z 1034 57.33 -8.54 57.06
C ALA Z 1034 58.16 -8.37 55.78
N GLU Z 1035 59.49 -8.44 55.87
CA GLU Z 1035 60.37 -8.38 54.70
C GLU Z 1035 60.11 -9.51 53.69
N TYR Z 1036 59.86 -10.75 54.13
CA TYR Z 1036 59.49 -11.84 53.22
C TYR Z 1036 58.16 -11.57 52.49
N LEU Z 1037 57.12 -11.12 53.20
CA LEU Z 1037 55.80 -10.86 52.63
C LEU Z 1037 55.81 -9.70 51.64
N LEU Z 1038 56.59 -8.64 51.88
CA LEU Z 1038 56.75 -7.51 50.95
C LEU Z 1038 57.55 -7.84 49.68
N GLY Z 1039 58.28 -8.96 49.64
CA GLY Z 1039 58.98 -9.44 48.45
C GLY Z 1039 59.98 -8.45 47.89
N ARG Z 1040 59.82 -8.06 46.62
CA ARG Z 1040 60.62 -7.05 45.90
C ARG Z 1040 60.68 -5.69 46.61
N PHE Z 1041 59.64 -5.33 47.34
CA PHE Z 1041 59.47 -4.02 47.98
C PHE Z 1041 59.78 -4.04 49.49
N SER Z 1042 60.65 -4.96 49.94
CA SER Z 1042 61.00 -5.15 51.36
C SER Z 1042 61.51 -3.90 52.08
N VAL Z 1043 61.95 -2.88 51.36
CA VAL Z 1043 62.29 -1.56 51.90
C VAL Z 1043 61.14 -0.92 52.71
N LEU Z 1044 59.88 -1.26 52.41
CA LEU Z 1044 58.70 -0.69 53.05
C LEU Z 1044 58.48 -1.15 54.52
N ALA Z 1045 59.18 -2.20 54.97
CA ALA Z 1045 58.89 -2.92 56.22
C ALA Z 1045 58.85 -2.04 57.49
N ASP Z 1046 59.81 -1.13 57.69
CA ASP Z 1046 59.82 -0.25 58.88
C ASP Z 1046 58.56 0.61 58.98
N SER Z 1047 58.07 1.14 57.86
CA SER Z 1047 56.89 1.98 57.83
C SER Z 1047 55.58 1.19 58.05
N VAL Z 1048 55.51 -0.05 57.56
CA VAL Z 1048 54.43 -0.99 57.88
C VAL Z 1048 54.39 -1.32 59.38
N LEU Z 1049 55.53 -1.67 59.98
CA LEU Z 1049 55.57 -2.04 61.40
C LEU Z 1049 55.28 -0.86 62.34
N GLU Z 1050 55.79 0.34 62.04
CA GLU Z 1050 55.41 1.57 62.75
C GLU Z 1050 53.90 1.84 62.63
N THR Z 1051 53.29 1.60 61.46
CA THR Z 1051 51.84 1.74 61.27
C THR Z 1051 51.04 0.70 62.06
N LEU Z 1052 51.43 -0.58 62.08
CA LEU Z 1052 50.74 -1.64 62.84
C LEU Z 1052 50.78 -1.43 64.35
N ALA Z 1053 51.88 -0.91 64.91
CA ALA Z 1053 51.94 -0.48 66.30
C ALA Z 1053 50.91 0.62 66.65
N THR Z 1054 50.56 1.54 65.74
CA THR Z 1054 49.51 2.54 66.03
C THR Z 1054 48.11 1.90 66.11
N ILE Z 1055 47.81 0.86 65.33
CA ILE Z 1055 46.56 0.11 65.41
C ILE Z 1055 46.52 -0.70 66.72
N ALA Z 1056 47.61 -1.40 67.05
CA ALA Z 1056 47.73 -2.17 68.29
C ALA Z 1056 47.51 -1.31 69.56
N SER Z 1057 48.18 -0.15 69.65
CA SER Z 1057 48.13 0.73 70.83
C SER Z 1057 46.88 1.61 70.94
N SER Z 1058 46.22 1.94 69.83
CA SER Z 1058 44.96 2.70 69.85
C SER Z 1058 43.73 1.87 70.23
N GLY Z 1059 43.86 0.55 70.42
CA GLY Z 1059 42.84 -0.30 71.04
C GLY Z 1059 41.60 -0.60 70.18
N ILE Z 1060 41.60 -0.24 68.90
CA ILE Z 1060 40.60 -0.74 67.93
C ILE Z 1060 40.80 -2.24 67.66
N GLU Z 1061 39.74 -2.93 67.26
CA GLU Z 1061 39.80 -4.34 66.88
C GLU Z 1061 40.47 -4.56 65.51
N TRP Z 1062 41.06 -5.73 65.30
CA TRP Z 1062 41.80 -6.08 64.09
C TRP Z 1062 40.90 -6.49 62.91
N THR Z 1063 40.31 -5.50 62.25
CA THR Z 1063 39.56 -5.69 61.00
C THR Z 1063 39.79 -4.53 60.03
N ALA Z 1064 39.72 -4.78 58.72
CA ALA Z 1064 40.00 -3.80 57.67
C ALA Z 1064 39.09 -2.55 57.75
N GLU Z 1065 37.84 -2.72 58.17
CA GLU Z 1065 36.88 -1.61 58.37
C GLU Z 1065 37.30 -0.69 59.53
N ALA Z 1066 37.69 -1.24 60.67
CA ALA Z 1066 38.20 -0.48 61.81
C ALA Z 1066 39.58 0.15 61.52
N ALA Z 1067 40.45 -0.54 60.77
CA ALA Z 1067 41.76 -0.04 60.40
C ALA Z 1067 41.66 1.27 59.59
N ARG Z 1068 40.82 1.31 58.55
CA ARG Z 1068 40.54 2.55 57.81
C ARG Z 1068 39.93 3.64 58.69
N ASP Z 1069 38.93 3.31 59.50
CA ASP Z 1069 38.29 4.28 60.41
C ASP Z 1069 39.27 4.95 61.38
N PHE Z 1070 40.29 4.25 61.88
CA PHE Z 1070 41.37 4.88 62.65
C PHE Z 1070 42.36 5.65 61.76
N LEU Z 1071 42.95 5.00 60.75
CA LEU Z 1071 44.04 5.57 59.94
C LEU Z 1071 43.63 6.86 59.20
N GLU Z 1072 42.46 6.85 58.55
CA GLU Z 1072 42.00 7.98 57.74
C GLU Z 1072 41.46 9.16 58.59
N GLY Z 1073 41.17 8.94 59.87
CA GLY Z 1073 40.90 10.01 60.85
C GLY Z 1073 42.19 10.61 61.43
N VAL Z 1074 43.13 9.75 61.84
CA VAL Z 1074 44.50 10.13 62.23
C VAL Z 1074 45.33 10.49 60.99
N ASP Z 1083 52.38 19.48 50.67
CA ASP Z 1083 53.74 19.73 51.16
C ASP Z 1083 54.52 20.68 50.24
N ASN Z 1084 55.65 21.21 50.69
CA ASN Z 1084 56.63 21.82 49.80
C ASN Z 1084 57.12 20.77 48.78
N PHE Z 1085 57.28 21.12 47.51
CA PHE Z 1085 57.79 20.24 46.45
C PHE Z 1085 58.41 21.08 45.33
N ILE Z 1086 59.74 21.13 45.25
CA ILE Z 1086 60.45 21.79 44.14
C ILE Z 1086 60.60 20.84 42.94
N SER Z 1087 60.49 21.37 41.73
CA SER Z 1087 60.76 20.63 40.49
C SER Z 1087 62.25 20.60 40.12
N VAL Z 1088 62.71 19.54 39.45
CA VAL Z 1088 64.12 19.26 39.15
C VAL Z 1088 64.34 19.07 37.64
N ALA Z 1089 65.45 19.59 37.12
CA ALA Z 1089 65.76 19.64 35.69
C ALA Z 1089 65.68 18.27 34.97
N ASP BA 9 46.98 -28.69 -26.41
CA ASP BA 9 47.55 -29.12 -27.68
C ASP BA 9 49.09 -28.97 -27.72
N ASN BA 10 49.78 -29.60 -28.67
CA ASN BA 10 51.25 -29.65 -28.73
C ASN BA 10 51.85 -29.77 -30.14
N LEU BA 11 53.14 -29.44 -30.29
CA LEU BA 11 53.88 -29.50 -31.56
C LEU BA 11 53.94 -30.91 -32.18
N GLY BA 12 53.85 -31.98 -31.39
CA GLY BA 12 53.78 -33.36 -31.88
C GLY BA 12 52.50 -33.64 -32.65
N SER BA 13 51.34 -33.38 -32.03
CA SER BA 13 50.01 -33.50 -32.63
C SER BA 13 49.87 -32.69 -33.92
N GLN BA 14 50.48 -31.51 -33.99
CA GLN BA 14 50.42 -30.59 -35.13
C GLN BA 14 51.32 -30.96 -36.32
N SER BA 15 52.33 -31.82 -36.14
CA SER BA 15 53.25 -32.20 -37.23
C SER BA 15 52.58 -33.11 -38.30
N GLN BA 16 52.99 -32.99 -39.56
CA GLN BA 16 52.39 -33.69 -40.70
C GLN BA 16 53.07 -35.05 -41.01
N PRO BA 17 52.34 -36.02 -41.60
CA PRO BA 17 52.90 -37.20 -42.26
C PRO BA 17 54.07 -36.92 -43.21
N GLY BA 18 55.01 -37.86 -43.32
CA GLY BA 18 56.15 -37.79 -44.24
C GLY BA 18 57.10 -39.00 -44.17
N PRO BA 19 58.20 -38.98 -44.95
CA PRO BA 19 59.20 -40.05 -45.00
C PRO BA 19 60.11 -40.10 -43.75
N CYS BA 20 60.92 -41.15 -43.63
CA CYS BA 20 61.89 -41.34 -42.53
C CYS BA 20 63.15 -40.45 -42.67
N GLY BA 21 63.43 -39.93 -43.86
CA GLY BA 21 64.56 -39.05 -44.20
C GLY BA 21 64.54 -38.64 -45.67
N TYR BA 22 65.56 -37.91 -46.13
CA TYR BA 22 65.76 -37.50 -47.54
C TYR BA 22 67.22 -37.62 -47.97
N ILE BA 23 67.45 -37.92 -49.25
CA ILE BA 23 68.71 -37.67 -49.94
C ILE BA 23 68.59 -36.34 -50.70
N TYR BA 24 69.46 -35.37 -50.42
CA TYR BA 24 69.57 -34.12 -51.18
C TYR BA 24 70.69 -34.23 -52.23
N PHE BA 25 70.42 -33.77 -53.45
CA PHE BA 25 71.39 -33.61 -54.54
C PHE BA 25 71.60 -32.12 -54.89
N TYR BA 26 72.81 -31.60 -54.77
CA TYR BA 26 73.16 -30.19 -55.06
C TYR BA 26 74.05 -30.04 -56.30
N PRO BA 27 73.78 -29.11 -57.24
CA PRO BA 27 74.59 -28.95 -58.45
C PRO BA 27 75.97 -28.34 -58.17
N LEU BA 28 77.03 -29.02 -58.59
CA LEU BA 28 78.42 -28.59 -58.39
C LEU BA 28 78.75 -27.27 -59.09
N ALA BA 29 78.10 -26.94 -60.21
CA ALA BA 29 78.39 -25.72 -60.96
C ALA BA 29 78.04 -24.41 -60.21
N THR BA 30 77.06 -24.42 -59.31
CA THR BA 30 76.57 -23.22 -58.60
C THR BA 30 76.66 -23.26 -57.07
N TYR BA 31 76.73 -24.44 -56.44
CA TYR BA 31 76.69 -24.57 -54.98
C TYR BA 31 77.93 -23.95 -54.28
N PRO BA 32 77.79 -23.22 -53.15
CA PRO BA 32 78.88 -22.50 -52.49
C PRO BA 32 79.79 -23.41 -51.62
N LEU BA 33 80.65 -24.19 -52.26
CA LEU BA 33 81.51 -25.21 -51.64
C LEU BA 33 82.46 -24.67 -50.55
N ARG BA 34 83.05 -23.48 -50.73
CA ARG BA 34 83.93 -22.88 -49.70
C ARG BA 34 83.20 -22.40 -48.47
N GLU BA 35 81.94 -21.95 -48.59
CA GLU BA 35 81.12 -21.61 -47.41
C GLU BA 35 80.81 -22.85 -46.57
N VAL BA 36 80.27 -23.93 -47.15
CA VAL BA 36 79.96 -25.14 -46.37
C VAL BA 36 81.21 -25.75 -45.73
N ALA BA 37 82.37 -25.69 -46.38
CA ALA BA 37 83.61 -26.18 -45.81
C ALA BA 37 83.99 -25.50 -44.48
N THR BA 38 83.70 -24.21 -44.28
CA THR BA 38 83.98 -23.52 -43.00
C THR BA 38 83.10 -23.99 -41.83
N LEU BA 39 81.93 -24.56 -42.11
CA LEU BA 39 81.03 -25.16 -41.13
C LEU BA 39 81.18 -26.68 -41.02
N GLY BA 40 82.04 -27.31 -41.82
CA GLY BA 40 82.19 -28.77 -41.92
C GLY BA 40 83.30 -29.41 -41.10
N THR BA 41 83.39 -30.73 -41.14
CA THR BA 41 84.40 -31.58 -40.47
C THR BA 41 85.36 -32.28 -41.44
N GLY BA 42 85.67 -31.67 -42.57
CA GLY BA 42 86.54 -32.27 -43.60
C GLY BA 42 88.02 -32.35 -43.22
N TYR BA 43 88.63 -33.52 -43.37
CA TYR BA 43 90.08 -33.74 -43.27
C TYR BA 43 90.68 -34.03 -44.65
N ALA BA 44 92.00 -33.93 -44.83
CA ALA BA 44 92.66 -34.22 -46.10
C ALA BA 44 92.54 -35.71 -46.49
N GLY BA 45 91.98 -36.01 -47.65
CA GLY BA 45 91.73 -37.37 -48.13
C GLY BA 45 90.39 -38.01 -47.71
N HIS BA 46 89.47 -37.25 -47.11
CA HIS BA 46 88.15 -37.77 -46.68
C HIS BA 46 87.31 -38.36 -47.82
N ARG BA 47 86.43 -39.30 -47.48
CA ARG BA 47 85.43 -39.89 -48.37
C ARG BA 47 84.00 -39.59 -47.91
N CYS BA 48 83.84 -39.07 -46.69
CA CYS BA 48 82.61 -38.56 -46.11
C CYS BA 48 82.90 -37.43 -45.08
N LEU BA 49 81.95 -36.51 -44.85
CA LEU BA 49 82.02 -35.51 -43.78
C LEU BA 49 80.64 -35.05 -43.29
N THR BA 50 80.59 -34.42 -42.12
CA THR BA 50 79.39 -33.81 -41.54
C THR BA 50 79.37 -32.30 -41.67
N VAL BA 51 78.17 -31.78 -41.84
CA VAL BA 51 77.79 -30.35 -41.91
C VAL BA 51 76.50 -30.14 -41.11
N PRO BA 52 76.19 -28.92 -40.63
CA PRO BA 52 74.93 -28.65 -39.94
C PRO BA 52 73.70 -28.63 -40.87
N LEU BA 53 72.52 -28.99 -40.37
CA LEU BA 53 71.23 -28.73 -41.03
C LEU BA 53 70.85 -27.23 -40.89
N LEU BA 54 70.82 -26.48 -42.00
CA LEU BA 54 70.51 -25.04 -42.06
C LEU BA 54 69.65 -24.68 -43.29
N CYS BA 55 68.58 -23.92 -43.06
CA CYS BA 55 67.70 -23.44 -44.13
C CYS BA 55 68.42 -22.39 -44.99
N GLY BA 56 68.50 -22.64 -46.30
CA GLY BA 56 69.14 -21.76 -47.27
C GLY BA 56 70.60 -22.10 -47.60
N ILE BA 57 71.17 -23.15 -47.03
CA ILE BA 57 72.48 -23.68 -47.48
C ILE BA 57 72.56 -25.22 -47.51
N THR BA 58 71.91 -25.95 -46.61
CA THR BA 58 71.88 -27.43 -46.67
C THR BA 58 70.47 -28.01 -46.82
N VAL BA 59 69.41 -27.32 -46.41
CA VAL BA 59 68.01 -27.63 -46.74
C VAL BA 59 67.30 -26.39 -47.27
N GLU BA 60 66.17 -26.57 -47.98
CA GLU BA 60 65.40 -25.44 -48.51
C GLU BA 60 64.70 -24.63 -47.41
N PRO BA 61 64.45 -23.33 -47.62
CA PRO BA 61 63.65 -22.53 -46.70
C PRO BA 61 62.28 -23.16 -46.41
N GLY BA 62 61.86 -23.15 -45.16
CA GLY BA 62 60.57 -23.73 -44.74
C GLY BA 62 60.61 -25.24 -44.50
N PHE BA 63 61.79 -25.86 -44.42
CA PHE BA 63 61.95 -27.25 -44.00
C PHE BA 63 61.31 -27.51 -42.63
N SER BA 64 60.50 -28.56 -42.50
CA SER BA 64 59.87 -28.92 -41.24
C SER BA 64 60.75 -29.90 -40.44
N ILE BA 65 61.26 -29.46 -39.29
CA ILE BA 65 62.12 -30.28 -38.43
C ILE BA 65 61.34 -31.33 -37.61
N ASN BA 66 60.03 -31.19 -37.44
CA ASN BA 66 59.15 -32.15 -36.76
C ASN BA 66 58.24 -32.86 -37.78
N VAL BA 67 58.05 -34.17 -37.68
CA VAL BA 67 57.25 -34.97 -38.62
C VAL BA 67 56.57 -36.16 -37.94
N LYS BA 68 55.50 -36.67 -38.56
CA LYS BA 68 55.00 -38.03 -38.34
C LYS BA 68 55.56 -38.93 -39.44
N ALA BA 69 56.53 -39.78 -39.12
CA ALA BA 69 57.18 -40.64 -40.10
C ALA BA 69 56.35 -41.92 -40.34
N LEU BA 70 56.00 -42.22 -41.60
CA LEU BA 70 55.38 -43.49 -41.98
C LEU BA 70 56.46 -44.59 -42.04
N HIS BA 71 56.48 -45.49 -41.06
CA HIS BA 71 57.59 -46.44 -40.88
C HIS BA 71 57.23 -47.91 -41.02
N ARG BA 72 55.95 -48.28 -40.89
CA ARG BA 72 55.49 -49.68 -41.00
C ARG BA 72 54.12 -49.77 -41.66
N ARG BA 73 53.94 -50.70 -42.60
CA ARG BA 73 52.61 -51.14 -43.07
C ARG BA 73 52.36 -52.58 -42.60
N PRO BA 74 51.56 -52.81 -41.55
CA PRO BA 74 51.26 -54.17 -41.07
C PRO BA 74 50.61 -55.07 -42.13
N ASP BA 75 49.80 -54.49 -43.00
CA ASP BA 75 49.33 -55.02 -44.28
C ASP BA 75 49.25 -53.87 -45.30
N PRO BA 76 49.14 -54.13 -46.61
CA PRO BA 76 49.11 -53.09 -47.65
C PRO BA 76 48.07 -51.98 -47.49
N ASN BA 77 47.09 -52.11 -46.58
CA ASN BA 77 45.97 -51.18 -46.42
C ASN BA 77 45.97 -50.43 -45.08
N CYS BA 78 47.02 -50.53 -44.26
CA CYS BA 78 47.16 -49.79 -43.01
C CYS BA 78 48.58 -49.21 -42.84
N GLY BA 79 48.69 -47.96 -42.40
CA GLY BA 79 49.97 -47.33 -42.05
C GLY BA 79 50.11 -47.03 -40.57
N LEU BA 80 51.32 -47.13 -40.03
CA LEU BA 80 51.66 -46.68 -38.68
C LEU BA 80 52.59 -45.47 -38.70
N LEU BA 81 52.30 -44.48 -37.84
CA LEU BA 81 53.00 -43.19 -37.75
C LEU BA 81 53.77 -43.03 -36.43
N ARG BA 82 55.03 -42.63 -36.51
CA ARG BA 82 55.91 -42.28 -35.38
C ARG BA 82 56.23 -40.79 -35.39
N ALA BA 83 55.96 -40.07 -34.31
CA ALA BA 83 56.31 -38.65 -34.20
C ALA BA 83 57.79 -38.47 -33.81
N THR BA 84 58.56 -37.72 -34.60
CA THR BA 84 60.00 -37.52 -34.37
C THR BA 84 60.47 -36.18 -34.93
N SER BA 85 61.45 -35.57 -34.28
CA SER BA 85 62.25 -34.51 -34.88
C SER BA 85 63.39 -35.06 -35.75
N TYR BA 86 63.96 -34.20 -36.60
CA TYR BA 86 65.17 -34.48 -37.37
C TYR BA 86 66.44 -34.59 -36.51
N HIS BA 87 67.42 -35.33 -37.00
CA HIS BA 87 68.80 -35.28 -36.50
C HIS BA 87 69.48 -34.00 -36.97
N ARG BA 88 70.24 -33.38 -36.07
CA ARG BA 88 70.90 -32.09 -36.21
C ARG BA 88 72.01 -32.02 -37.28
N ASP BA 89 72.74 -33.09 -37.53
CA ASP BA 89 73.80 -33.17 -38.55
C ASP BA 89 73.32 -33.78 -39.88
N ILE BA 90 73.87 -33.29 -40.98
CA ILE BA 90 73.74 -33.84 -42.35
C ILE BA 90 75.06 -34.51 -42.75
N TYR BA 91 74.98 -35.71 -43.35
CA TYR BA 91 76.12 -36.52 -43.77
C TYR BA 91 76.33 -36.44 -45.29
N VAL BA 92 77.45 -35.88 -45.74
CA VAL BA 92 77.80 -35.63 -47.14
C VAL BA 92 78.68 -36.78 -47.68
N PHE BA 93 78.15 -37.62 -48.58
CA PHE BA 93 78.72 -38.94 -48.89
C PHE BA 93 79.04 -39.23 -50.37
N HIS BA 94 78.47 -38.52 -51.34
CA HIS BA 94 78.69 -38.69 -52.78
C HIS BA 94 79.39 -37.46 -53.37
N ASN BA 95 80.52 -37.65 -54.07
CA ASN BA 95 81.45 -36.60 -54.52
C ASN BA 95 82.01 -35.71 -53.39
N ALA BA 96 82.14 -36.22 -52.17
CA ALA BA 96 82.59 -35.47 -50.99
C ALA BA 96 83.99 -34.83 -51.11
N HIS BA 97 84.86 -35.35 -51.98
CA HIS BA 97 86.18 -34.78 -52.31
C HIS BA 97 86.10 -33.34 -52.86
N MET BA 98 84.95 -32.92 -53.39
CA MET BA 98 84.69 -31.56 -53.86
C MET BA 98 84.54 -30.52 -52.75
N VAL BA 99 84.31 -30.91 -51.49
CA VAL BA 99 84.24 -29.97 -50.35
C VAL BA 99 85.64 -29.84 -49.72
N PRO BA 100 86.23 -28.63 -49.66
CA PRO BA 100 87.54 -28.42 -49.01
C PRO BA 100 87.61 -28.90 -47.54
N PRO BA 101 88.77 -29.38 -47.06
CA PRO BA 101 88.96 -29.70 -45.65
C PRO BA 101 88.99 -28.44 -44.76
N ILE BA 102 88.64 -28.59 -43.48
CA ILE BA 102 88.74 -27.54 -42.46
C ILE BA 102 90.18 -27.41 -41.89
N PHE BA 103 90.97 -28.48 -41.95
CA PHE BA 103 92.34 -28.57 -41.44
C PHE BA 103 93.27 -29.24 -42.46
N GLU BA 104 94.45 -28.68 -42.72
CA GLU BA 104 95.34 -29.12 -43.82
C GLU BA 104 96.32 -30.24 -43.45
N GLY BA 105 96.48 -30.58 -42.16
CA GLY BA 105 97.47 -31.56 -41.71
C GLY BA 105 97.18 -32.98 -42.24
N PRO BA 106 98.15 -33.69 -42.84
CA PRO BA 106 97.97 -35.04 -43.35
C PRO BA 106 98.03 -36.15 -42.28
N GLY BA 107 97.61 -37.37 -42.63
CA GLY BA 107 97.86 -38.59 -41.86
C GLY BA 107 96.88 -38.92 -40.71
N LEU BA 108 95.74 -38.25 -40.58
CA LEU BA 108 94.87 -38.37 -39.40
C LEU BA 108 94.12 -39.70 -39.32
N GLU BA 109 93.79 -40.31 -40.45
CA GLU BA 109 93.00 -41.54 -40.50
C GLU BA 109 93.75 -42.75 -39.92
N ALA BA 110 95.04 -42.90 -40.24
CA ALA BA 110 95.93 -43.91 -39.65
C ALA BA 110 96.22 -43.66 -38.16
N LEU BA 111 96.43 -42.40 -37.76
CA LEU BA 111 96.62 -42.02 -36.36
C LEU BA 111 95.40 -42.41 -35.49
N CYS BA 112 94.19 -42.15 -35.98
CA CYS BA 112 92.96 -42.54 -35.31
C CYS BA 112 92.83 -44.08 -35.19
N GLY BA 113 93.17 -44.83 -36.24
CA GLY BA 113 93.08 -46.29 -36.26
C GLY BA 113 94.03 -46.97 -35.29
N GLU BA 114 95.27 -46.51 -35.23
CA GLU BA 114 96.28 -47.00 -34.28
C GLU BA 114 95.86 -46.72 -32.83
N THR BA 115 95.38 -45.51 -32.55
CA THR BA 115 95.00 -45.09 -31.19
C THR BA 115 93.72 -45.79 -30.70
N ARG BA 116 92.74 -46.02 -31.58
CA ARG BA 116 91.52 -46.78 -31.26
C ARG BA 116 91.84 -48.20 -30.79
N GLU BA 117 92.85 -48.84 -31.39
CA GLU BA 117 93.26 -50.19 -31.04
C GLU BA 117 93.95 -50.26 -29.67
N VAL BA 118 94.88 -49.35 -29.33
CA VAL BA 118 95.55 -49.37 -28.02
C VAL BA 118 94.61 -49.11 -26.84
N PHE BA 119 93.53 -48.33 -27.02
CA PHE BA 119 92.46 -48.17 -26.01
C PHE BA 119 91.42 -49.31 -26.03
N GLY BA 120 91.54 -50.29 -26.92
CA GLY BA 120 90.65 -51.45 -26.99
C GLY BA 120 89.25 -51.17 -27.55
N TYR BA 121 89.07 -50.11 -28.35
CA TYR BA 121 87.80 -49.72 -28.94
C TYR BA 121 87.49 -50.43 -30.27
N ASP BA 122 86.21 -50.65 -30.49
CA ASP BA 122 85.61 -51.31 -31.67
C ASP BA 122 85.63 -50.43 -32.94
N ALA BA 123 86.30 -50.89 -34.01
CA ALA BA 123 86.28 -50.25 -35.33
C ALA BA 123 85.00 -50.59 -36.13
N TYR BA 124 84.62 -49.77 -37.11
CA TYR BA 124 83.46 -50.07 -37.95
C TYR BA 124 83.68 -51.34 -38.78
N SER BA 125 82.74 -52.29 -38.71
CA SER BA 125 82.75 -53.51 -39.53
C SER BA 125 81.73 -53.39 -40.64
N ALA BA 126 82.20 -53.36 -41.88
CA ALA BA 126 81.37 -53.22 -43.07
C ALA BA 126 80.47 -54.44 -43.32
N LEU BA 127 79.28 -54.22 -43.87
CA LEU BA 127 78.40 -55.27 -44.39
C LEU BA 127 79.11 -56.06 -45.52
N PRO BA 128 78.72 -57.33 -45.79
CA PRO BA 128 79.29 -58.11 -46.88
C PRO BA 128 78.85 -57.65 -48.30
N ARG BA 129 77.76 -56.91 -48.46
CA ARG BA 129 77.38 -56.29 -49.75
C ARG BA 129 78.29 -55.12 -50.15
N GLU BA 130 78.29 -54.74 -51.42
CA GLU BA 130 78.80 -53.43 -51.86
C GLU BA 130 77.86 -52.26 -51.49
N SER BA 131 78.40 -51.04 -51.41
CA SER BA 131 77.61 -49.80 -51.40
C SER BA 131 76.67 -49.70 -52.62
N SER BA 132 75.50 -49.08 -52.44
CA SER BA 132 74.55 -48.80 -53.51
C SER BA 132 75.20 -48.02 -54.65
N LYS BA 133 75.06 -48.51 -55.88
CA LYS BA 133 75.51 -47.82 -57.09
C LYS BA 133 74.67 -46.56 -57.34
N PRO BA 134 75.24 -45.46 -57.88
CA PRO BA 134 74.51 -44.21 -58.11
C PRO BA 134 73.16 -44.37 -58.82
N GLY BA 135 73.09 -45.15 -59.91
CA GLY BA 135 71.86 -45.43 -60.65
C GLY BA 135 70.72 -46.07 -59.85
N ASP BA 136 70.98 -46.63 -58.66
CA ASP BA 136 69.96 -47.15 -57.75
C ASP BA 136 69.22 -46.07 -56.94
N PHE BA 137 69.87 -44.95 -56.62
CA PHE BA 137 69.31 -43.91 -55.73
C PHE BA 137 69.18 -42.52 -56.35
N PHE BA 138 69.90 -42.22 -57.44
CA PHE BA 138 69.72 -40.99 -58.21
C PHE BA 138 68.35 -40.90 -58.91
N PRO BA 139 67.71 -39.72 -58.96
CA PRO BA 139 66.58 -39.44 -59.83
C PRO BA 139 66.87 -39.77 -61.32
N GLU BA 140 65.81 -39.93 -62.11
CA GLU BA 140 65.89 -40.15 -63.55
C GLU BA 140 66.59 -39.00 -64.31
N GLY BA 141 67.59 -39.32 -65.13
CA GLY BA 141 68.25 -38.40 -66.06
C GLY BA 141 69.39 -37.54 -65.48
N LEU BA 142 69.46 -37.30 -64.16
CA LEU BA 142 70.57 -36.56 -63.55
C LEU BA 142 71.90 -37.31 -63.68
N ASP BA 143 72.96 -36.60 -64.07
CA ASP BA 143 74.33 -37.12 -64.15
C ASP BA 143 74.99 -37.21 -62.75
N PRO BA 144 75.37 -38.40 -62.25
CA PRO BA 144 76.02 -38.53 -60.96
C PRO BA 144 77.33 -37.73 -60.82
N SER BA 145 78.05 -37.47 -61.90
CA SER BA 145 79.28 -36.67 -61.88
C SER BA 145 79.04 -35.16 -61.70
N ALA BA 146 77.83 -34.66 -61.92
CA ALA BA 146 77.47 -33.24 -61.84
C ALA BA 146 76.95 -32.77 -60.46
N TYR BA 147 76.75 -33.68 -59.52
CA TYR BA 147 76.07 -33.40 -58.25
C TYR BA 147 76.84 -33.85 -57.00
N LEU BA 148 76.62 -33.14 -55.88
CA LEU BA 148 77.04 -33.49 -54.52
C LEU BA 148 75.86 -34.17 -53.80
N GLY BA 149 76.07 -35.33 -53.16
CA GLY BA 149 74.99 -36.06 -52.46
C GLY BA 149 75.14 -36.15 -50.94
N ALA BA 150 74.05 -35.90 -50.21
CA ALA BA 150 74.02 -35.88 -48.74
C ALA BA 150 72.69 -36.37 -48.15
N VAL BA 151 72.69 -36.94 -46.94
CA VAL BA 151 71.51 -37.46 -46.23
C VAL BA 151 71.09 -36.55 -45.07
N ALA BA 152 69.81 -36.22 -44.99
CA ALA BA 152 69.12 -35.71 -43.80
C ALA BA 152 68.24 -36.82 -43.21
N ILE BA 153 68.29 -37.06 -41.90
CA ILE BA 153 67.69 -38.25 -41.27
C ILE BA 153 66.93 -37.92 -39.99
N THR BA 154 65.82 -38.60 -39.74
CA THR BA 154 65.07 -38.43 -38.49
C THR BA 154 65.77 -39.12 -37.31
N GLU BA 155 65.63 -38.53 -36.12
CA GLU BA 155 66.34 -38.96 -34.92
C GLU BA 155 65.98 -40.40 -34.49
N ALA BA 156 64.73 -40.84 -34.75
CA ALA BA 156 64.24 -42.19 -34.44
C ALA BA 156 64.73 -43.31 -35.40
N PHE BA 157 65.13 -43.00 -36.63
CA PHE BA 157 65.49 -43.97 -37.68
C PHE BA 157 66.96 -43.88 -38.16
N LYS BA 158 67.82 -43.13 -37.48
CA LYS BA 158 69.26 -43.01 -37.82
C LYS BA 158 70.06 -44.31 -37.63
N GLU BA 159 69.69 -45.21 -36.72
CA GLU BA 159 70.34 -46.52 -36.66
C GLU BA 159 69.98 -47.41 -37.86
N ARG BA 160 68.76 -47.29 -38.39
CA ARG BA 160 68.32 -47.95 -39.64
C ARG BA 160 69.09 -47.46 -40.86
N LEU BA 161 69.46 -46.18 -40.91
CA LEU BA 161 70.38 -45.64 -41.92
C LEU BA 161 71.75 -46.31 -41.83
N TYR BA 162 72.33 -46.35 -40.62
CA TYR BA 162 73.61 -47.01 -40.34
C TYR BA 162 73.62 -48.49 -40.76
N SER BA 163 72.54 -49.23 -40.44
CA SER BA 163 72.44 -50.67 -40.65
C SER BA 163 72.00 -51.09 -42.07
N GLY BA 164 71.70 -50.14 -42.97
CA GLY BA 164 71.34 -50.45 -44.36
C GLY BA 164 69.91 -50.93 -44.58
N ASN BA 165 68.99 -50.53 -43.70
CA ASN BA 165 67.58 -50.96 -43.66
C ASN BA 165 66.57 -49.93 -44.19
N LEU BA 166 66.99 -48.78 -44.72
CA LEU BA 166 66.12 -47.83 -45.42
C LEU BA 166 66.06 -48.13 -46.93
N VAL BA 167 64.99 -47.70 -47.59
CA VAL BA 167 64.75 -47.79 -49.03
C VAL BA 167 64.61 -46.38 -49.63
N ALA BA 168 65.36 -46.05 -50.69
CA ALA BA 168 65.17 -44.83 -51.47
C ALA BA 168 64.18 -45.04 -52.63
N ILE BA 169 63.34 -44.05 -52.93
CA ILE BA 169 62.30 -44.13 -53.98
C ILE BA 169 62.45 -42.99 -55.00
N PRO BA 170 63.39 -43.07 -55.95
CA PRO BA 170 63.68 -42.01 -56.92
C PRO BA 170 62.49 -41.43 -57.71
N SER BA 171 61.44 -42.20 -57.98
CA SER BA 171 60.26 -41.70 -58.72
C SER BA 171 59.50 -40.62 -57.96
N LEU BA 172 59.58 -40.61 -56.64
CA LEU BA 172 59.00 -39.58 -55.76
C LEU BA 172 59.90 -38.34 -55.59
N LYS BA 173 60.81 -38.05 -56.54
CA LYS BA 173 61.64 -36.82 -56.50
C LYS BA 173 60.83 -35.55 -56.32
N GLN BA 174 61.41 -34.57 -55.66
CA GLN BA 174 60.90 -33.20 -55.56
C GLN BA 174 62.01 -32.20 -55.87
N GLU BA 175 61.73 -31.18 -56.66
CA GLU BA 175 62.69 -30.11 -57.01
C GLU BA 175 62.56 -28.96 -56.01
N VAL BA 176 63.67 -28.51 -55.45
CA VAL BA 176 63.73 -27.56 -54.32
C VAL BA 176 64.87 -26.56 -54.51
N ALA BA 177 64.66 -25.31 -54.11
CA ALA BA 177 65.68 -24.26 -54.16
C ALA BA 177 66.44 -24.19 -52.83
N VAL BA 178 67.77 -24.37 -52.85
CA VAL BA 178 68.62 -24.30 -51.66
C VAL BA 178 69.58 -23.12 -51.81
N GLY BA 179 69.23 -21.99 -51.20
CA GLY BA 179 69.85 -20.70 -51.52
C GLY BA 179 69.55 -20.34 -52.97
N GLN BA 180 70.60 -20.11 -53.78
CA GLN BA 180 70.44 -19.91 -55.23
C GLN BA 180 70.28 -21.23 -56.02
N SER BA 181 70.80 -22.34 -55.50
CA SER BA 181 71.02 -23.57 -56.29
C SER BA 181 69.75 -24.39 -56.50
N ALA BA 182 69.48 -24.73 -57.76
CA ALA BA 182 68.41 -25.64 -58.16
C ALA BA 182 68.75 -27.09 -57.75
N SER BA 183 68.19 -27.57 -56.64
CA SER BA 183 68.52 -28.87 -56.04
C SER BA 183 67.38 -29.87 -56.23
N VAL BA 184 67.62 -31.15 -55.91
CA VAL BA 184 66.59 -32.20 -55.94
C VAL BA 184 66.64 -32.97 -54.62
N ARG BA 185 65.50 -33.47 -54.11
CA ARG BA 185 65.49 -34.45 -53.02
C ARG BA 185 64.69 -35.71 -53.35
N VAL BA 186 65.13 -36.85 -52.82
CA VAL BA 186 64.47 -38.17 -52.91
C VAL BA 186 64.13 -38.66 -51.49
N PRO BA 187 62.93 -39.19 -51.22
CA PRO BA 187 62.57 -39.66 -49.87
C PRO BA 187 63.21 -41.02 -49.51
N LEU BA 188 63.39 -41.27 -48.22
CA LEU BA 188 63.78 -42.55 -47.62
C LEU BA 188 62.66 -43.14 -46.74
N TYR BA 189 62.33 -44.42 -46.91
CA TYR BA 189 61.36 -45.14 -46.07
C TYR BA 189 61.97 -46.40 -45.43
N ASP BA 190 61.62 -46.76 -44.19
CA ASP BA 190 62.06 -48.02 -43.57
C ASP BA 190 61.50 -49.23 -44.33
N LYS BA 191 62.32 -50.28 -44.57
CA LYS BA 191 61.89 -51.46 -45.34
C LYS BA 191 60.62 -52.15 -44.80
N GLU BA 192 60.25 -51.90 -43.54
CA GLU BA 192 58.98 -52.35 -42.95
C GLU BA 192 57.71 -51.69 -43.54
N VAL BA 193 57.82 -50.69 -44.43
CA VAL BA 193 56.67 -50.25 -45.25
C VAL BA 193 56.39 -51.19 -46.44
N PHE BA 194 57.20 -52.21 -46.70
CA PHE BA 194 56.97 -53.20 -47.75
C PHE BA 194 56.74 -54.59 -47.15
N PRO BA 195 55.52 -54.92 -46.68
CA PRO BA 195 55.24 -56.22 -46.05
C PRO BA 195 55.51 -57.44 -46.93
N GLU BA 196 55.38 -57.37 -48.26
CA GLU BA 196 55.78 -58.49 -49.14
C GLU BA 196 57.30 -58.63 -49.32
N GLY BA 197 58.08 -57.69 -48.78
CA GLY BA 197 59.53 -57.60 -48.89
C GLY BA 197 60.01 -56.89 -50.16
N VAL BA 198 61.23 -56.37 -50.09
CA VAL BA 198 62.03 -55.87 -51.23
C VAL BA 198 63.37 -56.62 -51.26
N PRO BA 199 64.00 -56.86 -52.42
CA PRO BA 199 65.30 -57.54 -52.50
C PRO BA 199 66.39 -56.86 -51.64
N GLN BA 200 67.30 -57.63 -51.04
CA GLN BA 200 68.33 -57.08 -50.15
C GLN BA 200 69.19 -55.98 -50.80
N LEU BA 201 69.50 -56.08 -52.10
CA LEU BA 201 70.23 -55.04 -52.83
C LEU BA 201 69.40 -53.81 -53.25
N ARG BA 202 68.07 -53.86 -53.11
CA ARG BA 202 67.17 -52.71 -53.35
C ARG BA 202 67.15 -51.71 -52.19
N GLN BA 203 67.61 -52.11 -51.00
CA GLN BA 203 67.84 -51.24 -49.84
C GLN BA 203 69.05 -50.33 -50.04
N PHE BA 204 69.05 -49.16 -49.40
CA PHE BA 204 70.12 -48.17 -49.50
C PHE BA 204 71.23 -48.43 -48.49
N TYR BA 205 72.47 -48.54 -48.95
CA TYR BA 205 73.65 -48.68 -48.08
C TYR BA 205 74.86 -47.91 -48.62
N ASN BA 206 75.57 -47.18 -47.77
CA ASN BA 206 76.87 -46.64 -48.12
C ASN BA 206 77.88 -46.85 -46.99
N SER BA 207 78.96 -47.56 -47.28
CA SER BA 207 79.95 -47.94 -46.28
C SER BA 207 80.73 -46.75 -45.71
N ASP BA 208 81.03 -45.72 -46.51
CA ASP BA 208 81.69 -44.52 -46.01
C ASP BA 208 80.80 -43.70 -45.07
N LEU BA 209 79.50 -43.59 -45.37
CA LEU BA 209 78.52 -42.97 -44.49
C LEU BA 209 78.39 -43.71 -43.16
N SER BA 210 78.23 -45.04 -43.16
CA SER BA 210 78.12 -45.81 -41.92
C SER BA 210 79.38 -45.71 -41.05
N ARG BA 211 80.57 -45.82 -41.66
CA ARG BA 211 81.86 -45.61 -40.97
C ARG BA 211 81.99 -44.20 -40.36
N CYS BA 212 81.57 -43.15 -41.07
CA CYS BA 212 81.56 -41.80 -40.54
C CYS BA 212 80.66 -41.66 -39.29
N MET BA 213 79.41 -42.15 -39.34
CA MET BA 213 78.52 -42.21 -38.16
C MET BA 213 79.11 -43.00 -36.98
N HIS BA 214 79.77 -44.12 -37.25
CA HIS BA 214 80.41 -44.95 -36.22
C HIS BA 214 81.42 -44.14 -35.39
N GLU BA 215 82.28 -43.41 -36.07
CA GLU BA 215 83.36 -42.61 -35.49
C GLU BA 215 82.86 -41.27 -34.94
N ALA BA 216 82.15 -40.47 -35.73
CA ALA BA 216 81.77 -39.11 -35.36
C ALA BA 216 80.52 -39.02 -34.46
N LEU BA 217 79.62 -40.01 -34.45
CA LEU BA 217 78.42 -40.00 -33.60
C LEU BA 217 78.49 -41.01 -32.45
N TYR BA 218 78.51 -42.31 -32.76
CA TYR BA 218 78.27 -43.36 -31.77
C TYR BA 218 79.44 -43.60 -30.80
N THR BA 219 80.69 -43.45 -31.24
CA THR BA 219 81.87 -43.68 -30.36
C THR BA 219 81.89 -42.72 -29.17
N GLY BA 220 81.52 -41.46 -29.32
CA GLY BA 220 81.45 -40.50 -28.22
C GLY BA 220 80.34 -40.80 -27.22
N LEU BA 221 79.21 -41.36 -27.66
CA LEU BA 221 78.13 -41.85 -26.78
C LEU BA 221 78.58 -43.07 -25.96
N ALA BA 222 79.31 -44.00 -26.58
CA ALA BA 222 79.95 -45.11 -25.89
C ALA BA 222 80.96 -44.62 -24.83
N GLN BA 223 81.83 -43.65 -25.15
CA GLN BA 223 82.73 -43.04 -24.18
C GLN BA 223 81.98 -42.39 -23.01
N ALA BA 224 80.86 -41.71 -23.23
CA ALA BA 224 80.04 -41.14 -22.17
C ALA BA 224 79.43 -42.18 -21.19
N LEU BA 225 79.23 -43.43 -21.61
CA LEU BA 225 78.76 -44.55 -20.79
C LEU BA 225 79.89 -45.45 -20.23
N ARG BA 226 81.14 -45.23 -20.67
CA ARG BA 226 82.32 -46.11 -20.46
C ARG BA 226 82.09 -47.54 -21.00
N VAL BA 227 81.68 -47.62 -22.26
CA VAL BA 227 81.51 -48.84 -23.08
C VAL BA 227 82.52 -48.84 -24.24
N ARG BA 228 83.16 -49.98 -24.55
CA ARG BA 228 84.11 -50.14 -25.69
C ARG BA 228 83.49 -50.73 -26.96
N ARG BA 229 82.44 -51.53 -26.80
CA ARG BA 229 81.74 -52.29 -27.85
C ARG BA 229 80.71 -51.41 -28.58
N VAL BA 230 81.19 -50.53 -29.47
CA VAL BA 230 80.38 -49.51 -30.14
C VAL BA 230 79.30 -50.14 -31.04
N GLY BA 231 79.63 -51.15 -31.83
CA GLY BA 231 78.67 -51.85 -32.71
C GLY BA 231 77.49 -52.48 -31.97
N LYS BA 232 77.72 -53.09 -30.81
CA LYS BA 232 76.68 -53.57 -29.90
C LYS BA 232 75.85 -52.46 -29.26
N LEU BA 233 76.42 -51.30 -28.93
CA LEU BA 233 75.64 -50.12 -28.54
C LEU BA 233 74.70 -49.64 -29.67
N VAL BA 234 75.13 -49.62 -30.92
CA VAL BA 234 74.24 -49.24 -32.05
C VAL BA 234 73.09 -50.24 -32.21
N GLU BA 235 73.36 -51.54 -32.11
CA GLU BA 235 72.33 -52.58 -32.19
C GLU BA 235 71.26 -52.46 -31.10
N LEU BA 236 71.63 -52.20 -29.84
CA LEU BA 236 70.64 -52.05 -28.77
C LEU BA 236 69.85 -50.73 -28.84
N LEU BA 237 70.41 -49.65 -29.37
CA LEU BA 237 69.66 -48.41 -29.62
C LEU BA 237 68.62 -48.58 -30.73
N GLU BA 238 68.92 -49.32 -31.80
CA GLU BA 238 67.97 -49.61 -32.87
C GLU BA 238 66.75 -50.39 -32.37
N LYS BA 239 66.98 -51.49 -31.66
CA LYS BA 239 65.90 -52.32 -31.08
C LYS BA 239 65.07 -51.56 -30.03
N GLN BA 240 65.68 -50.67 -29.25
CA GLN BA 240 64.95 -49.77 -28.36
C GLN BA 240 63.99 -48.85 -29.11
N SER BA 241 64.39 -48.31 -30.27
CA SER BA 241 63.52 -47.44 -31.07
C SER BA 241 62.39 -48.22 -31.74
N LEU BA 242 62.65 -49.40 -32.30
CA LEU BA 242 61.67 -50.13 -33.13
C LEU BA 242 60.75 -51.10 -32.37
N GLN BA 243 61.14 -51.55 -31.17
CA GLN BA 243 60.42 -52.58 -30.40
C GLN BA 243 60.07 -52.13 -28.98
N ASP BA 244 60.04 -50.82 -28.73
CA ASP BA 244 59.56 -50.17 -27.49
C ASP BA 244 60.25 -50.63 -26.18
N GLN BA 245 61.53 -51.02 -26.22
CA GLN BA 245 62.24 -51.65 -25.09
C GLN BA 245 62.73 -50.69 -23.99
N ALA BA 246 62.17 -49.48 -23.86
CA ALA BA 246 62.67 -48.47 -22.92
C ALA BA 246 62.70 -48.92 -21.45
N LYS BA 247 61.72 -49.71 -20.97
CA LYS BA 247 61.66 -50.23 -19.59
C LYS BA 247 62.38 -51.58 -19.38
N VAL BA 248 63.10 -52.09 -20.38
CA VAL BA 248 63.92 -53.33 -20.29
C VAL BA 248 65.39 -52.97 -20.13
N ALA BA 249 66.10 -53.57 -19.17
CA ALA BA 249 67.55 -53.38 -19.00
C ALA BA 249 68.33 -54.01 -20.17
N LYS BA 250 69.38 -53.33 -20.65
CA LYS BA 250 70.07 -53.69 -21.91
C LYS BA 250 71.57 -53.37 -21.96
N VAL BA 251 72.07 -52.30 -21.33
CA VAL BA 251 73.50 -51.96 -21.39
C VAL BA 251 74.37 -52.67 -20.38
N ALA BA 252 73.81 -53.15 -19.26
CA ALA BA 252 74.60 -53.75 -18.17
C ALA BA 252 75.63 -54.82 -18.58
N PRO BA 253 75.35 -55.76 -19.51
CA PRO BA 253 76.36 -56.72 -20.01
C PRO BA 253 77.60 -56.10 -20.66
N LEU BA 254 77.49 -54.91 -21.28
CA LEU BA 254 78.60 -54.22 -21.94
C LEU BA 254 79.52 -53.45 -20.97
N LYS BA 255 79.12 -53.26 -19.71
CA LYS BA 255 79.87 -52.48 -18.71
C LYS BA 255 81.21 -53.11 -18.32
N GLU BA 256 82.14 -52.27 -17.87
CA GLU BA 256 83.49 -52.61 -17.43
C GLU BA 256 83.91 -51.72 -16.25
N PHE BA 257 84.71 -52.25 -15.33
CA PHE BA 257 85.03 -51.60 -14.05
C PHE BA 257 86.53 -51.56 -13.78
N PRO BA 258 87.07 -50.48 -13.20
CA PRO BA 258 88.48 -50.36 -12.81
C PRO BA 258 88.78 -51.00 -11.44
N ALA BA 259 90.06 -51.21 -11.14
CA ALA BA 259 90.54 -51.80 -9.89
C ALA BA 259 90.13 -51.04 -8.62
N SER BA 260 89.97 -49.71 -8.68
CA SER BA 260 89.43 -48.88 -7.60
C SER BA 260 87.97 -49.18 -7.26
N THR BA 261 87.18 -49.67 -8.22
CA THR BA 261 85.80 -50.14 -8.00
C THR BA 261 85.76 -51.61 -7.56
N ILE BA 262 86.60 -52.48 -8.13
CA ILE BA 262 86.63 -53.91 -7.78
C ILE BA 262 87.19 -54.15 -6.36
N SER BA 263 88.21 -53.39 -5.95
CA SER BA 263 88.83 -53.47 -4.62
C SER BA 263 88.04 -52.74 -3.52
N HIS BA 264 86.92 -52.10 -3.84
CA HIS BA 264 86.16 -51.26 -2.90
C HIS BA 264 85.37 -52.09 -1.87
N PRO BA 265 85.26 -51.66 -0.60
CA PRO BA 265 84.48 -52.38 0.41
C PRO BA 265 82.98 -52.45 0.08
N ASP BA 266 82.43 -51.46 -0.61
CA ASP BA 266 81.06 -51.45 -1.12
C ASP BA 266 80.96 -51.82 -2.63
N SER BA 267 81.95 -52.51 -3.19
CA SER BA 267 82.03 -52.81 -4.63
C SER BA 267 80.76 -53.40 -5.23
N GLY BA 268 80.05 -54.30 -4.54
CA GLY BA 268 78.80 -54.89 -5.06
C GLY BA 268 77.69 -53.87 -5.27
N ALA BA 269 77.50 -52.96 -4.32
CA ALA BA 269 76.53 -51.85 -4.42
C ALA BA 269 76.97 -50.80 -5.45
N LEU BA 270 78.28 -50.52 -5.54
CA LEU BA 270 78.83 -49.59 -6.52
C LEU BA 270 78.65 -50.07 -7.96
N MET BA 271 78.91 -51.34 -8.25
CA MET BA 271 78.67 -51.92 -9.58
C MET BA 271 77.18 -51.87 -10.01
N ILE BA 272 76.24 -52.07 -9.07
CA ILE BA 272 74.81 -51.91 -9.31
C ILE BA 272 74.42 -50.45 -9.56
N VAL BA 273 74.88 -49.49 -8.75
CA VAL BA 273 74.55 -48.06 -8.94
C VAL BA 273 75.11 -47.50 -10.26
N ASP BA 274 76.37 -47.79 -10.59
CA ASP BA 274 77.03 -47.37 -11.83
C ASP BA 274 76.32 -47.95 -13.07
N SER BA 275 75.93 -49.23 -13.03
CA SER BA 275 75.17 -49.87 -14.10
C SER BA 275 73.76 -49.29 -14.27
N ALA BA 276 73.02 -49.10 -13.18
CA ALA BA 276 71.66 -48.57 -13.22
C ALA BA 276 71.60 -47.11 -13.71
N ALA BA 277 72.57 -46.28 -13.33
CA ALA BA 277 72.69 -44.92 -13.85
C ALA BA 277 72.86 -44.90 -15.39
N CYS BA 278 73.69 -45.78 -15.96
CA CYS BA 278 73.88 -45.89 -17.39
C CYS BA 278 72.63 -46.41 -18.11
N GLU BA 279 71.95 -47.42 -17.56
CA GLU BA 279 70.68 -47.91 -18.10
C GLU BA 279 69.64 -46.79 -18.22
N LEU BA 280 69.48 -45.97 -17.18
CA LEU BA 280 68.54 -44.86 -17.15
C LEU BA 280 68.89 -43.77 -18.17
N ALA BA 281 70.17 -43.40 -18.34
CA ALA BA 281 70.60 -42.46 -19.36
C ALA BA 281 70.28 -42.96 -20.78
N VAL BA 282 70.49 -44.24 -21.08
CA VAL BA 282 70.10 -44.86 -22.36
C VAL BA 282 68.59 -44.98 -22.53
N SER BA 283 67.79 -45.19 -21.48
CA SER BA 283 66.32 -45.13 -21.58
C SER BA 283 65.80 -43.72 -21.92
N TYR BA 284 66.27 -42.67 -21.23
CA TYR BA 284 65.66 -41.35 -21.30
C TYR BA 284 66.30 -40.35 -22.29
N ALA BA 285 67.61 -40.38 -22.54
CA ALA BA 285 68.23 -39.40 -23.44
C ALA BA 285 67.71 -39.48 -24.89
N PRO BA 286 67.63 -40.66 -25.55
CA PRO BA 286 67.05 -40.76 -26.89
C PRO BA 286 65.60 -40.28 -26.98
N ALA BA 287 64.75 -40.58 -26.00
CA ALA BA 287 63.36 -40.12 -25.98
C ALA BA 287 63.25 -38.58 -25.99
N MET BA 288 64.04 -37.90 -25.15
CA MET BA 288 64.08 -36.44 -25.13
C MET BA 288 64.69 -35.84 -26.41
N LEU BA 289 65.69 -36.47 -27.02
CA LEU BA 289 66.26 -36.02 -28.29
C LEU BA 289 65.30 -36.19 -29.48
N GLU BA 290 64.51 -37.28 -29.53
CA GLU BA 290 63.49 -37.54 -30.56
C GLU BA 290 62.26 -36.64 -30.48
N ALA BA 291 61.95 -36.06 -29.32
CA ALA BA 291 60.76 -35.24 -29.09
C ALA BA 291 60.62 -34.06 -30.07
N SER BA 292 59.42 -33.49 -30.20
CA SER BA 292 59.17 -32.35 -31.10
C SER BA 292 59.75 -31.07 -30.49
N HIS BA 293 60.54 -30.30 -31.24
CA HIS BA 293 61.26 -29.12 -30.76
C HIS BA 293 60.79 -27.83 -31.43
N GLU BA 294 60.86 -26.70 -30.74
CA GLU BA 294 60.67 -25.37 -31.33
C GLU BA 294 61.72 -25.07 -32.40
N THR BA 295 61.36 -24.32 -33.45
CA THR BA 295 62.28 -23.91 -34.53
C THR BA 295 62.91 -22.55 -34.21
N PRO BA 296 64.21 -22.44 -33.88
CA PRO BA 296 64.86 -21.15 -33.60
C PRO BA 296 64.99 -20.27 -34.84
N ALA BA 297 65.03 -18.94 -34.67
CA ALA BA 297 65.33 -18.01 -35.76
C ALA BA 297 66.76 -18.13 -36.30
N SER BA 298 67.69 -18.67 -35.51
CA SER BA 298 69.09 -18.90 -35.90
C SER BA 298 69.26 -20.02 -36.93
N LEU BA 299 68.24 -20.85 -37.19
CA LEU BA 299 68.29 -21.92 -38.19
C LEU BA 299 68.18 -21.42 -39.65
N ASN BA 300 67.85 -20.14 -39.84
CA ASN BA 300 67.67 -19.50 -41.14
C ASN BA 300 68.94 -18.74 -41.59
N TYR BA 301 69.79 -19.37 -42.40
CA TYR BA 301 71.12 -18.87 -42.76
C TYR BA 301 71.11 -17.57 -43.60
N ASP BA 302 70.07 -17.34 -44.37
CA ASP BA 302 69.96 -16.13 -45.21
C ASP BA 302 69.50 -14.89 -44.42
N SER BA 303 68.91 -15.02 -43.23
CA SER BA 303 68.66 -13.91 -42.30
C SER BA 303 69.78 -13.67 -41.27
N TRP BA 304 70.89 -14.40 -41.28
CA TRP BA 304 72.00 -14.15 -40.33
C TRP BA 304 72.57 -12.73 -40.49
N PRO BA 305 72.55 -11.89 -39.45
CA PRO BA 305 73.10 -10.54 -39.51
C PRO BA 305 74.59 -10.44 -39.85
N LEU BA 306 75.41 -11.44 -39.52
CA LEU BA 306 76.87 -11.36 -39.70
C LEU BA 306 77.31 -11.11 -41.15
N PHE BA 307 76.50 -11.46 -42.16
CA PHE BA 307 76.75 -11.21 -43.58
C PHE BA 307 76.34 -9.80 -44.08
N ALA BA 308 75.66 -8.97 -43.28
CA ALA BA 308 74.93 -7.79 -43.78
C ALA BA 308 75.79 -6.72 -44.49
N ASP BA 309 77.08 -6.59 -44.18
CA ASP BA 309 78.02 -5.68 -44.85
C ASP BA 309 78.91 -6.36 -45.92
N CYS BA 310 78.76 -7.68 -46.17
CA CYS BA 310 79.58 -8.44 -47.12
C CYS BA 310 79.20 -8.16 -48.58
N GLU BA 311 80.20 -7.96 -49.45
CA GLU BA 311 80.05 -7.99 -50.90
C GLU BA 311 80.94 -9.07 -51.53
N GLY BA 312 80.31 -10.07 -52.18
CA GLY BA 312 80.99 -11.15 -52.88
C GLY BA 312 81.45 -12.34 -52.00
N PRO BA 313 81.86 -13.46 -52.62
CA PRO BA 313 82.19 -14.70 -51.92
C PRO BA 313 83.36 -14.62 -50.94
N GLU BA 314 84.39 -13.83 -51.22
CA GLU BA 314 85.56 -13.72 -50.33
C GLU BA 314 85.20 -13.07 -49.00
N ALA BA 315 84.38 -12.02 -49.02
CA ALA BA 315 83.89 -11.36 -47.83
C ALA BA 315 83.00 -12.28 -46.98
N ARG BA 316 82.18 -13.14 -47.61
CA ARG BA 316 81.33 -14.11 -46.90
C ARG BA 316 82.15 -15.20 -46.20
N VAL BA 317 83.17 -15.77 -46.85
CA VAL BA 317 84.08 -16.73 -46.23
C VAL BA 317 84.89 -16.12 -45.09
N ALA BA 318 85.41 -14.90 -45.24
CA ALA BA 318 86.13 -14.20 -44.18
C ALA BA 318 85.25 -13.85 -42.96
N ALA BA 319 83.96 -13.55 -43.18
CA ALA BA 319 82.97 -13.35 -42.12
C ALA BA 319 82.70 -14.63 -41.32
N LEU BA 320 82.63 -15.79 -41.99
CA LEU BA 320 82.49 -17.09 -41.33
C LEU BA 320 83.72 -17.44 -40.48
N HIS BA 321 84.93 -17.13 -40.94
CA HIS BA 321 86.14 -17.34 -40.14
C HIS BA 321 86.16 -16.48 -38.86
N ARG BA 322 85.73 -15.21 -38.89
CA ARG BA 322 85.55 -14.39 -37.69
C ARG BA 322 84.47 -14.97 -36.75
N TYR BA 323 83.36 -15.45 -37.29
CA TYR BA 323 82.34 -16.15 -36.53
C TYR BA 323 82.92 -17.38 -35.78
N ASN BA 324 83.68 -18.24 -36.46
CA ASN BA 324 84.32 -19.41 -35.86
C ASN BA 324 85.30 -19.04 -34.73
N ALA BA 325 86.13 -18.00 -34.91
CA ALA BA 325 87.04 -17.53 -33.87
C ALA BA 325 86.31 -17.14 -32.58
N SER BA 326 85.12 -16.54 -32.66
CA SER BA 326 84.30 -16.20 -31.48
C SER BA 326 83.75 -17.41 -30.70
N LEU BA 327 83.69 -18.61 -31.31
CA LEU BA 327 83.32 -19.87 -30.64
C LEU BA 327 84.51 -20.67 -30.09
N ALA BA 328 85.74 -20.44 -30.58
CA ALA BA 328 86.92 -21.24 -30.20
C ALA BA 328 87.16 -21.38 -28.68
N PRO BA 329 86.99 -20.36 -27.82
CA PRO BA 329 87.21 -20.51 -26.38
C PRO BA 329 86.33 -21.56 -25.71
N HIS BA 330 85.10 -21.78 -26.19
CA HIS BA 330 84.24 -22.88 -25.73
C HIS BA 330 84.86 -24.24 -26.05
N VAL BA 331 85.35 -24.44 -27.28
CA VAL BA 331 85.95 -25.69 -27.72
C VAL BA 331 87.30 -25.95 -27.05
N SER BA 332 88.19 -24.96 -26.98
CA SER BA 332 89.50 -25.14 -26.34
C SER BA 332 89.40 -25.35 -24.82
N THR BA 333 88.40 -24.79 -24.16
CA THR BA 333 88.15 -25.05 -22.73
C THR BA 333 87.83 -26.52 -22.49
N GLN BA 334 87.00 -27.15 -23.31
CA GLN BA 334 86.72 -28.59 -23.24
C GLN BA 334 87.93 -29.48 -23.57
N ILE BA 335 89.00 -28.96 -24.17
CA ILE BA 335 90.28 -29.69 -24.31
C ILE BA 335 91.24 -29.41 -23.14
N PHE BA 336 91.44 -28.15 -22.75
CA PHE BA 336 92.43 -27.77 -21.75
C PHE BA 336 92.02 -28.03 -20.31
N ALA BA 337 90.74 -28.09 -19.96
CA ALA BA 337 90.29 -28.25 -18.59
C ALA BA 337 90.40 -29.69 -18.07
N THR BA 338 91.04 -29.90 -16.93
CA THR BA 338 91.19 -31.23 -16.28
C THR BA 338 89.83 -31.87 -15.98
N ASN BA 339 88.80 -31.07 -15.69
CA ASN BA 339 87.44 -31.49 -15.37
C ASN BA 339 86.45 -31.29 -16.54
N SER BA 340 86.92 -31.35 -17.78
CA SER BA 340 86.10 -31.41 -18.99
C SER BA 340 85.19 -32.65 -19.01
N VAL BA 341 83.98 -32.51 -19.57
CA VAL BA 341 83.06 -33.63 -19.81
C VAL BA 341 83.67 -34.73 -20.68
N LEU BA 342 84.64 -34.42 -21.54
CA LEU BA 342 85.37 -35.38 -22.37
C LEU BA 342 86.27 -36.34 -21.57
N TYR BA 343 86.59 -36.04 -20.31
CA TYR BA 343 87.49 -36.83 -19.45
C TYR BA 343 86.80 -37.51 -18.24
N VAL BA 344 85.46 -37.57 -18.22
CA VAL BA 344 84.70 -38.29 -17.18
C VAL BA 344 85.06 -39.78 -17.19
N SER BA 345 85.44 -40.33 -16.03
CA SER BA 345 86.05 -41.65 -15.87
C SER BA 345 85.12 -42.70 -15.24
N GLY BA 346 84.00 -42.33 -14.63
CA GLY BA 346 83.08 -43.27 -13.97
C GLY BA 346 82.43 -42.76 -12.70
N VAL BA 347 81.95 -43.68 -11.87
CA VAL BA 347 81.28 -43.39 -10.59
C VAL BA 347 82.11 -43.94 -9.44
N SER BA 348 82.20 -43.23 -8.32
CA SER BA 348 82.89 -43.68 -7.11
C SER BA 348 82.08 -43.34 -5.85
N LYS BA 349 82.44 -43.94 -4.70
CA LYS BA 349 81.78 -43.77 -3.41
C LYS BA 349 82.75 -43.25 -2.35
N SER BA 350 82.28 -42.32 -1.53
CA SER BA 350 83.03 -41.64 -0.46
C SER BA 350 83.79 -42.58 0.48
N GLU BA 356 81.48 -36.70 2.34
CA GLU BA 356 80.18 -36.47 1.71
C GLU BA 356 79.00 -36.88 2.59
N SER BA 357 77.92 -36.10 2.56
CA SER BA 357 76.62 -36.47 3.14
C SER BA 357 75.96 -37.62 2.38
N LEU BA 358 74.93 -38.27 2.96
CA LEU BA 358 74.36 -39.52 2.46
C LEU BA 358 73.97 -39.46 0.97
N PHE BA 359 73.19 -38.48 0.54
CA PHE BA 359 72.75 -38.37 -0.84
C PHE BA 359 73.85 -37.96 -1.83
N ASN BA 360 74.92 -37.32 -1.35
CA ASN BA 360 76.11 -36.98 -2.13
C ASN BA 360 77.18 -38.10 -2.17
N SER BA 361 77.00 -39.19 -1.41
CA SER BA 361 78.06 -40.19 -1.17
C SER BA 361 78.53 -40.95 -2.43
N PHE BA 362 77.68 -41.16 -3.42
CA PHE BA 362 78.07 -41.60 -4.77
C PHE BA 362 78.21 -40.38 -5.69
N TYR BA 363 79.26 -40.31 -6.50
CA TYR BA 363 79.55 -39.17 -7.38
C TYR BA 363 80.34 -39.52 -8.66
N MET BA 364 80.28 -38.65 -9.67
CA MET BA 364 81.04 -38.75 -10.92
C MET BA 364 82.52 -38.39 -10.72
N THR BA 365 83.43 -39.16 -11.32
CA THR BA 365 84.89 -38.95 -11.30
C THR BA 365 85.46 -38.58 -12.67
N HIS BA 366 86.64 -37.96 -12.71
CA HIS BA 366 87.40 -37.65 -13.93
C HIS BA 366 88.85 -38.10 -13.84
N GLY BA 367 89.47 -38.40 -14.98
CA GLY BA 367 90.91 -38.64 -15.07
C GLY BA 367 91.34 -39.50 -16.25
N LEU BA 368 92.27 -39.00 -17.06
CA LEU BA 368 92.87 -39.73 -18.19
C LEU BA 368 93.73 -40.91 -17.76
N GLY BA 369 94.41 -40.84 -16.61
CA GLY BA 369 95.14 -41.96 -16.05
C GLY BA 369 94.24 -43.16 -15.80
N THR BA 370 93.06 -42.92 -15.22
CA THR BA 370 92.04 -43.96 -15.00
C THR BA 370 91.55 -44.57 -16.32
N LEU BA 371 91.34 -43.74 -17.34
CA LEU BA 371 90.89 -44.19 -18.66
C LEU BA 371 91.93 -45.05 -19.40
N GLN BA 372 93.22 -44.99 -19.06
CA GLN BA 372 94.26 -45.88 -19.61
C GLN BA 372 94.30 -47.28 -18.96
N GLU BA 373 93.73 -47.49 -17.77
CA GLU BA 373 93.90 -48.73 -17.00
C GLU BA 373 93.15 -49.94 -17.56
N GLY BA 374 93.58 -51.14 -17.20
CA GLY BA 374 92.81 -52.38 -17.41
C GLY BA 374 91.55 -52.45 -16.57
N THR BA 375 90.61 -53.31 -16.97
CA THR BA 375 89.25 -53.43 -16.42
C THR BA 375 88.83 -54.88 -16.19
N TRP BA 376 87.72 -55.04 -15.47
CA TRP BA 376 87.02 -56.30 -15.19
C TRP BA 376 85.54 -56.21 -15.60
N ASP BA 377 84.94 -57.33 -15.98
CA ASP BA 377 83.53 -57.42 -16.43
C ASP BA 377 82.53 -57.49 -15.26
N PRO BA 378 81.19 -57.47 -15.51
CA PRO BA 378 80.17 -57.58 -14.46
C PRO BA 378 80.22 -58.86 -13.60
N CYS BA 379 80.95 -59.90 -14.02
CA CYS BA 379 81.18 -61.13 -13.26
C CYS BA 379 82.60 -61.19 -12.67
N ARG BA 380 83.26 -60.03 -12.53
CA ARG BA 380 84.60 -59.85 -11.94
C ARG BA 380 85.73 -60.61 -12.66
N ARG BA 381 85.54 -60.98 -13.92
CA ARG BA 381 86.59 -61.59 -14.77
C ARG BA 381 87.41 -60.49 -15.47
N PRO BA 382 88.71 -60.69 -15.76
CA PRO BA 382 89.51 -59.72 -16.51
C PRO BA 382 88.91 -59.38 -17.89
N CYS BA 383 89.01 -58.13 -18.32
CA CYS BA 383 88.36 -57.63 -19.54
C CYS BA 383 89.35 -56.90 -20.47
N PHE BA 384 89.45 -55.58 -20.45
CA PHE BA 384 90.54 -54.84 -21.12
C PHE BA 384 91.84 -54.94 -20.30
N SER BA 385 92.99 -55.07 -20.96
CA SER BA 385 94.30 -55.20 -20.30
C SER BA 385 95.00 -53.88 -19.96
N GLY BA 386 94.49 -52.73 -20.41
CA GLY BA 386 95.13 -51.43 -20.20
C GLY BA 386 96.21 -51.07 -21.22
N TRP BA 387 96.66 -49.82 -21.18
CA TRP BA 387 97.72 -49.28 -22.01
C TRP BA 387 98.78 -48.54 -21.17
N GLY BA 388 100.06 -48.78 -21.45
CA GLY BA 388 101.18 -48.20 -20.70
C GLY BA 388 101.50 -46.74 -21.04
N GLY BA 389 100.80 -46.16 -22.02
CA GLY BA 389 101.10 -44.84 -22.58
C GLY BA 389 102.16 -44.88 -23.69
N PRO BA 390 102.52 -43.71 -24.26
CA PRO BA 390 103.48 -43.58 -25.35
C PRO BA 390 104.85 -44.18 -25.02
N GLY BA 394 106.95 -38.46 -27.13
CA GLY BA 394 106.60 -37.17 -27.71
C GLY BA 394 107.18 -35.96 -26.96
N THR BA 395 107.01 -34.76 -27.52
CA THR BA 395 107.69 -33.53 -27.07
C THR BA 395 107.28 -33.03 -25.67
N ASN BA 396 106.14 -33.45 -25.12
CA ASN BA 396 105.71 -33.08 -23.75
C ASN BA 396 106.31 -33.99 -22.65
N GLY BA 397 107.04 -35.06 -23.01
CA GLY BA 397 107.75 -35.94 -22.08
C GLY BA 397 106.90 -36.96 -21.29
N PRO BA 398 107.56 -37.83 -20.50
CA PRO BA 398 106.94 -38.96 -19.78
C PRO BA 398 105.90 -38.55 -18.74
N GLY BA 399 104.81 -39.31 -18.62
CA GLY BA 399 103.74 -39.10 -17.64
C GLY BA 399 102.82 -37.89 -17.92
N ASN BA 400 103.09 -37.12 -18.96
CA ASN BA 400 102.34 -35.93 -19.36
C ASN BA 400 101.38 -36.22 -20.52
N TYR BA 401 100.44 -35.31 -20.76
CA TYR BA 401 99.49 -35.36 -21.86
C TYR BA 401 100.22 -35.44 -23.22
N ALA BA 402 99.76 -36.32 -24.10
CA ALA BA 402 100.35 -36.61 -25.41
C ALA BA 402 99.30 -36.49 -26.52
N VAL BA 403 99.71 -36.50 -27.78
CA VAL BA 403 98.76 -36.38 -28.90
C VAL BA 403 97.70 -37.48 -28.89
N GLU BA 404 98.00 -38.69 -28.40
CA GLU BA 404 97.02 -39.76 -28.22
C GLU BA 404 95.85 -39.37 -27.29
N HIS BA 405 96.07 -38.55 -26.26
CA HIS BA 405 95.00 -38.05 -25.41
C HIS BA 405 94.08 -37.06 -26.13
N LEU BA 406 94.61 -36.24 -27.04
CA LEU BA 406 93.78 -35.42 -27.94
C LEU BA 406 92.97 -36.30 -28.90
N VAL BA 407 93.56 -37.36 -29.45
CA VAL BA 407 92.83 -38.31 -30.30
C VAL BA 407 91.69 -38.99 -29.52
N TYR BA 408 91.93 -39.43 -28.28
CA TYR BA 408 90.91 -39.93 -27.36
C TYR BA 408 89.78 -38.92 -27.08
N ALA BA 409 90.08 -37.64 -26.85
CA ALA BA 409 89.08 -36.58 -26.70
C ALA BA 409 88.19 -36.41 -27.96
N ALA BA 410 88.75 -36.57 -29.16
CA ALA BA 410 88.03 -36.53 -30.43
C ALA BA 410 87.39 -37.87 -30.85
N SER BA 411 87.18 -38.83 -29.94
CA SER BA 411 86.52 -40.13 -30.21
C SER BA 411 87.14 -40.96 -31.32
N PHE BA 412 88.45 -40.86 -31.54
CA PHE BA 412 89.19 -41.55 -32.61
C PHE BA 412 88.61 -41.29 -34.00
N SER BA 413 88.00 -40.12 -34.21
CA SER BA 413 87.34 -39.72 -35.45
C SER BA 413 88.22 -38.70 -36.18
N PRO BA 414 88.71 -38.98 -37.39
CA PRO BA 414 89.49 -38.00 -38.15
C PRO BA 414 88.67 -36.75 -38.53
N ASN BA 415 87.35 -36.87 -38.74
CA ASN BA 415 86.46 -35.74 -38.97
C ASN BA 415 86.38 -34.79 -37.75
N LEU BA 416 86.10 -35.31 -36.54
CA LEU BA 416 86.09 -34.51 -35.32
C LEU BA 416 87.47 -33.93 -34.99
N LEU BA 417 88.54 -34.72 -35.10
CA LEU BA 417 89.92 -34.29 -34.82
C LEU BA 417 90.37 -33.12 -35.71
N ALA BA 418 90.06 -33.16 -37.01
CA ALA BA 418 90.32 -32.04 -37.92
C ALA BA 418 89.66 -30.73 -37.47
N ARG BA 419 88.38 -30.75 -37.06
CA ARG BA 419 87.70 -29.54 -36.55
C ARG BA 419 88.22 -29.07 -35.18
N TYR BA 420 88.60 -29.97 -34.26
CA TYR BA 420 89.29 -29.60 -33.03
C TYR BA 420 90.62 -28.88 -33.33
N ALA BA 421 91.45 -29.40 -34.23
CA ALA BA 421 92.72 -28.77 -34.60
C ALA BA 421 92.51 -27.39 -35.23
N TYR BA 422 91.51 -27.23 -36.08
CA TYR BA 422 91.12 -25.92 -36.61
C TYR BA 422 90.79 -24.89 -35.50
N TYR BA 423 90.04 -25.25 -34.45
CA TYR BA 423 89.80 -24.34 -33.34
C TYR BA 423 91.06 -24.06 -32.51
N LEU BA 424 91.90 -25.06 -32.25
CA LEU BA 424 93.17 -24.88 -31.53
C LEU BA 424 94.15 -23.94 -32.26
N GLN BA 425 94.11 -23.83 -33.58
CA GLN BA 425 94.89 -22.84 -34.34
C GLN BA 425 94.58 -21.36 -34.01
N PHE BA 426 93.44 -21.02 -33.41
CA PHE BA 426 93.15 -19.68 -32.90
C PHE BA 426 93.78 -19.36 -31.53
N CYS BA 427 94.26 -20.37 -30.80
CA CYS BA 427 94.77 -20.22 -29.44
C CYS BA 427 96.22 -19.67 -29.38
N GLN BA 428 96.49 -18.79 -28.42
CA GLN BA 428 97.83 -18.30 -28.08
C GLN BA 428 98.66 -19.38 -27.39
N GLY BA 429 99.96 -19.39 -27.66
CA GLY BA 429 100.93 -20.18 -26.91
C GLY BA 429 101.30 -19.52 -25.58
N GLN BA 430 101.56 -20.32 -24.56
CA GLN BA 430 102.02 -19.88 -23.24
C GLN BA 430 103.19 -20.75 -22.79
N LYS BA 431 104.42 -20.33 -23.09
CA LYS BA 431 105.65 -21.03 -22.67
C LYS BA 431 105.75 -21.06 -21.14
N SER BA 432 106.00 -22.23 -20.56
CA SER BA 432 106.15 -22.45 -19.12
C SER BA 432 107.35 -21.73 -18.50
N VAL BA 437 112.96 -22.98 -24.94
CA VAL BA 437 112.30 -23.63 -26.08
C VAL BA 437 112.87 -23.09 -27.40
N PRO BA 438 113.09 -23.94 -28.43
CA PRO BA 438 113.46 -23.48 -29.77
C PRO BA 438 112.52 -22.40 -30.31
N GLU BA 439 113.06 -21.46 -31.09
CA GLU BA 439 112.25 -20.49 -31.83
C GLU BA 439 111.35 -21.20 -32.85
N THR BA 440 110.19 -20.63 -33.18
CA THR BA 440 109.20 -21.30 -34.04
C THR BA 440 109.79 -21.72 -35.38
N GLY BA 441 110.52 -20.83 -36.07
CA GLY BA 441 111.11 -21.10 -37.37
C GLY BA 441 112.26 -22.11 -37.36
N SER BA 442 113.04 -22.18 -36.28
CA SER BA 442 114.04 -23.24 -36.11
C SER BA 442 113.43 -24.59 -35.69
N TYR BA 443 112.23 -24.62 -35.11
CA TYR BA 443 111.47 -25.86 -34.96
C TYR BA 443 110.87 -26.32 -36.30
N VAL BA 444 110.17 -25.43 -37.03
CA VAL BA 444 109.55 -25.75 -38.33
C VAL BA 444 110.58 -26.19 -39.39
N ALA BA 445 111.74 -25.55 -39.49
CA ALA BA 445 112.80 -25.98 -40.42
C ALA BA 445 113.64 -27.15 -39.86
N GLY BA 446 113.69 -27.32 -38.54
CA GLY BA 446 114.43 -28.38 -37.85
C GLY BA 446 113.59 -29.63 -37.61
N ALA BA 447 113.33 -29.97 -36.35
CA ALA BA 447 112.70 -31.25 -35.96
C ALA BA 447 111.32 -31.52 -36.60
N ALA BA 448 110.54 -30.51 -36.99
CA ALA BA 448 109.27 -30.75 -37.70
C ALA BA 448 109.45 -31.38 -39.10
N ALA BA 449 110.60 -31.16 -39.76
CA ALA BA 449 110.91 -31.62 -41.11
C ALA BA 449 111.57 -33.02 -41.15
N SER BA 450 111.69 -33.70 -40.02
CA SER BA 450 112.33 -35.02 -39.93
C SER BA 450 111.49 -36.12 -40.64
N PRO BA 451 112.11 -37.01 -41.43
CA PRO BA 451 111.39 -38.09 -42.13
C PRO BA 451 110.81 -39.15 -41.18
N MET BA 452 111.18 -39.12 -39.89
CA MET BA 452 110.60 -39.97 -38.85
C MET BA 452 109.13 -39.67 -38.49
N CYS BA 453 108.59 -38.50 -38.85
CA CYS BA 453 107.19 -38.14 -38.54
C CYS BA 453 106.19 -39.03 -39.28
N SER BA 454 105.40 -39.83 -38.55
CA SER BA 454 104.38 -40.74 -39.10
C SER BA 454 103.10 -40.07 -39.62
N LEU BA 455 102.99 -38.74 -39.54
CA LEU BA 455 101.86 -37.98 -40.07
C LEU BA 455 102.16 -37.36 -41.46
N CYS BA 456 103.28 -36.65 -41.62
CA CYS BA 456 103.63 -35.92 -42.85
C CYS BA 456 104.95 -36.33 -43.51
N GLU BA 457 105.72 -37.27 -42.95
CA GLU BA 457 107.07 -37.65 -43.44
C GLU BA 457 108.05 -36.47 -43.52
N GLY BA 458 107.80 -35.38 -42.76
CA GLY BA 458 108.52 -34.11 -42.86
C GLY BA 458 108.09 -33.22 -44.04
N ARG BA 459 107.21 -33.69 -44.93
CA ARG BA 459 106.81 -33.02 -46.18
C ARG BA 459 105.70 -31.97 -46.05
N ALA BA 460 105.22 -31.68 -44.83
CA ALA BA 460 104.28 -30.58 -44.52
C ALA BA 460 104.50 -30.00 -43.10
N PRO BA 461 105.67 -29.42 -42.78
CA PRO BA 461 106.08 -29.18 -41.40
C PRO BA 461 105.30 -28.07 -40.68
N ALA BA 462 104.76 -27.07 -41.39
CA ALA BA 462 104.14 -25.90 -40.77
C ALA BA 462 102.68 -26.13 -40.30
N VAL BA 463 101.91 -26.97 -41.00
CA VAL BA 463 100.52 -27.33 -40.65
C VAL BA 463 100.36 -28.64 -39.89
N CYS BA 464 101.39 -29.49 -39.80
CA CYS BA 464 101.28 -30.79 -39.14
C CYS BA 464 100.73 -30.71 -37.71
N LEU BA 465 99.91 -31.68 -37.32
CA LEU BA 465 99.29 -31.76 -36.00
C LEU BA 465 100.32 -31.79 -34.87
N ASN BA 466 101.48 -32.44 -35.07
CA ASN BA 466 102.57 -32.42 -34.12
C ASN BA 466 103.21 -31.04 -33.94
N THR BA 467 103.22 -30.17 -34.96
CA THR BA 467 103.66 -28.76 -34.83
C THR BA 467 102.68 -27.95 -34.00
N LEU BA 468 101.37 -28.09 -34.25
CA LEU BA 468 100.33 -27.46 -33.43
C LEU BA 468 100.39 -27.92 -31.98
N PHE BA 469 100.55 -29.23 -31.75
CA PHE BA 469 100.71 -29.81 -30.43
C PHE BA 469 101.94 -29.25 -29.70
N PHE BA 470 103.09 -29.16 -30.37
CA PHE BA 470 104.31 -28.59 -29.80
C PHE BA 470 104.12 -27.13 -29.35
N ARG BA 471 103.43 -26.31 -30.14
CA ARG BA 471 103.11 -24.91 -29.86
C ARG BA 471 102.23 -24.72 -28.61
N LEU BA 472 101.24 -25.60 -28.38
CA LEU BA 472 100.25 -25.51 -27.29
C LEU BA 472 100.55 -26.40 -26.06
N ARG BA 473 101.70 -27.05 -26.05
CA ARG BA 473 102.16 -28.10 -25.13
C ARG BA 473 101.93 -27.83 -23.63
N ASP BA 474 102.30 -26.65 -23.16
CA ASP BA 474 102.17 -26.24 -21.75
C ASP BA 474 100.74 -25.89 -21.31
N ARG BA 475 99.74 -25.89 -22.22
CA ARG BA 475 98.32 -25.65 -21.90
C ARG BA 475 97.48 -26.91 -21.71
N PHE BA 476 97.94 -28.08 -22.16
CA PHE BA 476 97.21 -29.34 -21.94
C PHE BA 476 97.21 -29.74 -20.45
N PRO BA 477 96.16 -30.43 -19.97
CA PRO BA 477 96.01 -30.78 -18.55
C PRO BA 477 96.98 -31.88 -18.09
N PRO BA 478 97.14 -32.12 -16.78
CA PRO BA 478 97.85 -33.29 -16.25
C PRO BA 478 97.03 -34.59 -16.43
N VAL BA 479 97.71 -35.74 -16.38
CA VAL BA 479 97.09 -37.08 -16.52
C VAL BA 479 96.83 -37.68 -15.12
N MET BA 480 95.56 -37.81 -14.74
CA MET BA 480 95.14 -38.07 -13.35
C MET BA 480 94.55 -39.46 -13.11
N SER BA 481 94.88 -40.08 -11.98
CA SER BA 481 94.39 -41.41 -11.56
C SER BA 481 93.58 -41.41 -10.24
N THR BA 482 93.24 -40.24 -9.69
CA THR BA 482 92.51 -40.09 -8.41
C THR BA 482 90.98 -40.10 -8.55
N GLN BA 483 90.28 -40.17 -7.42
CA GLN BA 483 88.82 -40.41 -7.35
C GLN BA 483 88.06 -39.34 -6.53
N ARG BA 484 88.54 -38.09 -6.49
CA ARG BA 484 87.92 -36.93 -5.79
C ARG BA 484 86.60 -36.44 -6.44
N ARG BA 485 85.69 -35.91 -5.63
CA ARG BA 485 84.40 -35.32 -6.04
C ARG BA 485 84.54 -33.86 -6.52
N ASP BA 486 84.77 -33.65 -7.81
CA ASP BA 486 84.87 -32.33 -8.45
C ASP BA 486 83.66 -32.01 -9.35
N PRO BA 487 83.37 -30.72 -9.64
CA PRO BA 487 82.46 -30.32 -10.71
C PRO BA 487 82.99 -30.73 -12.09
N TYR BA 488 82.12 -30.85 -13.08
CA TYR BA 488 82.47 -31.07 -14.50
C TYR BA 488 82.00 -29.93 -15.41
N VAL BA 489 82.69 -29.71 -16.52
CA VAL BA 489 82.46 -28.54 -17.41
C VAL BA 489 81.53 -28.89 -18.57
N ILE BA 490 80.46 -28.11 -18.78
CA ILE BA 490 79.45 -28.28 -19.84
C ILE BA 490 79.44 -27.08 -20.79
N SER BA 491 79.03 -27.30 -22.06
CA SER BA 491 78.92 -26.26 -23.10
C SER BA 491 77.59 -26.34 -23.82
N GLY BA 492 77.01 -25.21 -24.22
CA GLY BA 492 75.82 -25.18 -25.06
C GLY BA 492 75.08 -23.84 -25.05
N ALA BA 493 73.92 -23.79 -25.69
CA ALA BA 493 73.03 -22.63 -25.72
C ALA BA 493 72.36 -22.35 -24.37
N SER BA 494 72.23 -21.07 -24.02
CA SER BA 494 71.43 -20.64 -22.86
C SER BA 494 69.95 -20.49 -23.20
N GLY BA 495 69.09 -20.63 -22.20
CA GLY BA 495 67.65 -20.40 -22.27
C GLY BA 495 67.26 -18.92 -22.27
N SER BA 496 65.97 -18.65 -22.35
CA SER BA 496 65.42 -17.29 -22.48
C SER BA 496 65.39 -16.46 -21.19
N TYR BA 497 65.27 -17.08 -20.00
CA TYR BA 497 65.03 -16.37 -18.74
C TYR BA 497 66.17 -16.59 -17.74
N ASN BA 498 67.18 -15.72 -17.78
CA ASN BA 498 68.35 -15.75 -16.89
C ASN BA 498 68.27 -14.58 -15.88
N GLU BA 499 68.69 -14.82 -14.63
CA GLU BA 499 68.66 -13.84 -13.55
C GLU BA 499 70.08 -13.63 -13.01
N THR BA 500 70.80 -12.67 -13.58
CA THR BA 500 72.24 -12.47 -13.40
C THR BA 500 72.64 -11.00 -13.12
N ASP BA 501 71.70 -10.12 -12.77
CA ASP BA 501 72.02 -8.86 -12.07
C ASP BA 501 72.51 -9.13 -10.63
N PHE BA 502 73.05 -8.12 -9.92
CA PHE BA 502 73.78 -8.28 -8.65
C PHE BA 502 73.04 -9.07 -7.55
N LEU BA 503 71.71 -8.96 -7.44
CA LEU BA 503 70.89 -9.73 -6.48
C LEU BA 503 70.09 -10.87 -7.13
N GLY BA 504 70.44 -11.29 -8.35
CA GLY BA 504 69.92 -12.50 -8.96
C GLY BA 504 68.39 -12.53 -9.06
N ASN BA 505 67.76 -13.59 -8.56
CA ASN BA 505 66.31 -13.81 -8.58
C ASN BA 505 65.52 -13.10 -7.46
N PHE BA 506 66.12 -12.21 -6.67
CA PHE BA 506 65.43 -11.37 -5.69
C PHE BA 506 64.22 -10.63 -6.30
N LEU BA 507 63.02 -10.75 -5.72
CA LEU BA 507 61.79 -10.09 -6.19
C LEU BA 507 61.54 -10.19 -7.71
N ASN BA 508 61.78 -11.35 -8.31
CA ASN BA 508 61.57 -11.56 -9.75
C ASN BA 508 60.07 -11.53 -10.14
N PHE BA 509 59.20 -11.96 -9.23
CA PHE BA 509 57.74 -11.94 -9.35
C PHE BA 509 57.08 -11.49 -8.03
N ILE BA 510 55.82 -11.07 -8.09
CA ILE BA 510 55.00 -10.68 -6.94
C ILE BA 510 53.71 -11.51 -6.91
N TYR BA 525 57.22 -3.18 -6.56
CA TYR BA 525 57.41 -3.65 -7.93
C TYR BA 525 58.59 -4.63 -8.05
N THR BA 526 58.60 -5.48 -9.09
CA THR BA 526 59.67 -6.48 -9.29
C THR BA 526 61.05 -5.84 -9.49
N TYR BA 527 62.11 -6.58 -9.15
CA TYR BA 527 63.49 -6.14 -9.36
C TYR BA 527 63.78 -5.89 -10.85
N TRP BA 528 63.18 -6.68 -11.75
CA TRP BA 528 63.23 -6.41 -13.19
C TRP BA 528 62.64 -5.06 -13.55
N GLN BA 529 61.46 -4.70 -13.02
CA GLN BA 529 60.85 -3.39 -13.23
C GLN BA 529 61.70 -2.26 -12.64
N LEU BA 530 62.27 -2.43 -11.44
CA LEU BA 530 63.18 -1.45 -10.84
C LEU BA 530 64.38 -1.13 -11.74
N ASN BA 531 64.97 -2.14 -12.38
CA ASN BA 531 66.06 -1.93 -13.33
C ASN BA 531 65.59 -1.21 -14.60
N GLN BA 532 64.41 -1.54 -15.13
CA GLN BA 532 63.81 -0.78 -16.24
C GLN BA 532 63.52 0.69 -15.90
N ASN BA 533 63.07 1.01 -14.69
CA ASN BA 533 62.88 2.39 -14.24
C ASN BA 533 64.20 3.17 -14.24
N LEU BA 534 65.27 2.58 -13.71
CA LEU BA 534 66.59 3.22 -13.67
C LEU BA 534 67.13 3.53 -15.09
N LEU BA 535 67.03 2.59 -16.04
CA LEU BA 535 67.45 2.83 -17.42
C LEU BA 535 66.67 3.99 -18.10
N GLU BA 536 65.38 4.13 -17.80
CA GLU BA 536 64.58 5.29 -18.24
C GLU BA 536 65.09 6.62 -17.65
N ARG BA 537 65.38 6.69 -16.34
CA ARG BA 537 65.99 7.90 -15.75
C ARG BA 537 67.34 8.23 -16.40
N LEU BA 538 68.17 7.22 -16.65
CA LEU BA 538 69.47 7.42 -17.29
C LEU BA 538 69.33 7.87 -18.76
N SER BA 539 68.27 7.47 -19.46
CA SER BA 539 67.94 7.99 -20.79
C SER BA 539 67.66 9.50 -20.78
N ARG BA 540 66.91 10.01 -19.79
CA ARG BA 540 66.72 11.47 -19.58
C ARG BA 540 68.01 12.23 -19.26
N LEU BA 541 69.04 11.58 -18.74
CA LEU BA 541 70.38 12.15 -18.55
C LEU BA 541 71.30 12.05 -19.78
N GLY BA 542 70.83 11.47 -20.89
CA GLY BA 542 71.61 11.29 -22.13
C GLY BA 542 72.52 10.08 -22.17
N ILE BA 543 72.29 9.06 -21.33
CA ILE BA 543 73.09 7.83 -21.21
C ILE BA 543 72.28 6.63 -21.75
N ASP BA 544 72.84 5.85 -22.69
CA ASP BA 544 72.17 4.64 -23.23
C ASP BA 544 72.38 3.36 -22.38
N ALA BA 545 71.77 2.24 -22.79
CA ALA BA 545 71.82 0.95 -22.09
C ALA BA 545 73.22 0.29 -22.00
N GLU BA 546 74.19 0.71 -22.80
CA GLU BA 546 75.59 0.27 -22.75
C GLU BA 546 76.50 1.36 -22.15
N GLY BA 547 75.92 2.45 -21.62
CA GLY BA 547 76.63 3.53 -20.95
C GLY BA 547 77.26 4.58 -21.85
N LYS BA 548 76.94 4.63 -23.15
CA LYS BA 548 77.44 5.69 -24.05
C LYS BA 548 76.67 7.00 -23.83
N LEU BA 549 77.39 8.12 -23.85
CA LEU BA 549 76.81 9.47 -23.77
C LEU BA 549 76.42 10.00 -25.16
N GLU BA 550 75.30 10.72 -25.24
CA GLU BA 550 74.98 11.57 -26.39
C GLU BA 550 75.73 12.92 -26.38
N LYS BA 551 76.33 13.30 -25.25
CA LYS BA 551 77.20 14.48 -25.10
C LYS BA 551 78.28 14.25 -24.02
N GLU BA 552 79.54 14.16 -24.44
CA GLU BA 552 80.69 13.92 -23.54
C GLU BA 552 81.05 15.16 -22.70
N PRO BA 553 81.59 15.01 -21.48
CA PRO BA 553 81.86 16.13 -20.58
C PRO BA 553 82.97 17.07 -21.09
N HIS BA 554 82.71 18.37 -21.04
CA HIS BA 554 83.58 19.43 -21.54
C HIS BA 554 84.82 19.75 -20.69
N GLY BA 555 84.80 19.49 -19.38
CA GLY BA 555 85.78 19.99 -18.40
C GLY BA 555 85.38 19.65 -16.96
N PRO BA 556 86.10 20.16 -15.95
CA PRO BA 556 85.85 19.85 -14.54
C PRO BA 556 84.40 20.04 -14.07
N ARG BA 557 83.76 21.18 -14.37
CA ARG BA 557 82.35 21.43 -13.99
C ARG BA 557 81.42 20.40 -14.59
N ASP BA 558 81.58 20.12 -15.88
CA ASP BA 558 80.74 19.18 -16.61
C ASP BA 558 80.94 17.73 -16.14
N PHE BA 559 82.16 17.36 -15.75
CA PHE BA 559 82.46 16.05 -15.18
C PHE BA 559 81.81 15.87 -13.80
N VAL BA 560 81.89 16.86 -12.91
CA VAL BA 560 81.18 16.81 -11.62
C VAL BA 560 79.66 16.78 -11.82
N LYS BA 561 79.11 17.67 -12.68
CA LYS BA 561 77.69 17.74 -13.00
C LYS BA 561 77.15 16.40 -13.51
N MET BA 562 77.85 15.75 -14.44
CA MET BA 562 77.51 14.42 -14.95
C MET BA 562 77.27 13.40 -13.84
N PHE BA 563 78.19 13.27 -12.87
CA PHE BA 563 78.02 12.32 -11.76
C PHE BA 563 76.94 12.73 -10.75
N LYS BA 564 76.87 14.00 -10.35
CA LYS BA 564 75.87 14.44 -9.35
C LYS BA 564 74.44 14.19 -9.83
N ASP BA 565 74.18 14.35 -11.13
CA ASP BA 565 72.88 13.99 -11.72
C ASP BA 565 72.57 12.49 -11.65
N VAL BA 566 73.52 11.59 -11.94
CA VAL BA 566 73.31 10.14 -11.81
C VAL BA 566 73.09 9.72 -10.35
N ASP BA 567 73.87 10.26 -9.42
CA ASP BA 567 73.67 9.99 -7.99
C ASP BA 567 72.27 10.41 -7.52
N ALA BA 568 71.81 11.63 -7.85
CA ALA BA 568 70.47 12.09 -7.53
C ALA BA 568 69.37 11.23 -8.20
N ALA BA 569 69.55 10.79 -9.45
CA ALA BA 569 68.61 9.91 -10.13
C ALA BA 569 68.49 8.51 -9.47
N VAL BA 570 69.59 7.92 -9.03
CA VAL BA 570 69.58 6.63 -8.30
C VAL BA 570 68.92 6.81 -6.92
N ASP BA 571 69.26 7.88 -6.20
CA ASP BA 571 68.76 8.12 -4.86
C ASP BA 571 67.24 8.41 -4.84
N ALA BA 572 66.69 9.06 -5.88
CA ALA BA 572 65.24 9.17 -6.09
C ALA BA 572 64.56 7.81 -6.27
N GLU BA 573 65.13 6.90 -7.06
CA GLU BA 573 64.52 5.58 -7.30
C GLU BA 573 64.56 4.67 -6.05
N VAL BA 574 65.58 4.76 -5.21
CA VAL BA 574 65.63 4.00 -3.95
C VAL BA 574 64.46 4.37 -3.03
N VAL BA 575 64.12 5.66 -2.93
CA VAL BA 575 62.99 6.14 -2.12
C VAL BA 575 61.67 5.56 -2.62
N GLN BA 576 61.35 5.69 -3.91
CA GLN BA 576 60.11 5.14 -4.47
C GLN BA 576 60.03 3.61 -4.29
N PHE BA 577 61.14 2.90 -4.42
CA PHE BA 577 61.18 1.47 -4.18
C PHE BA 577 60.94 1.11 -2.70
N MET BA 578 61.63 1.74 -1.75
CA MET BA 578 61.42 1.46 -0.31
C MET BA 578 60.01 1.83 0.16
N ASN BA 579 59.38 2.86 -0.40
CA ASN BA 579 57.95 3.16 -0.16
C ASN BA 579 57.04 2.01 -0.61
N SER BA 580 57.30 1.42 -1.79
CA SER BA 580 56.54 0.27 -2.27
C SER BA 580 56.67 -0.93 -1.33
N MET BA 581 57.88 -1.26 -0.86
CA MET BA 581 58.07 -2.41 0.04
C MET BA 581 57.35 -2.21 1.39
N ALA BA 582 57.37 -0.98 1.93
CA ALA BA 582 56.73 -0.63 3.19
C ALA BA 582 55.20 -0.74 3.14
N LYS BA 583 54.54 -0.08 2.17
CA LYS BA 583 53.06 -0.02 2.13
C LYS BA 583 52.38 -1.36 1.85
N ASN BA 584 53.09 -2.29 1.21
CA ASN BA 584 52.64 -3.66 0.94
C ASN BA 584 53.05 -4.69 2.01
N ASN BA 585 53.73 -4.29 3.10
CA ASN BA 585 54.24 -5.20 4.14
C ASN BA 585 55.13 -6.35 3.60
N ILE BA 586 55.92 -6.12 2.54
CA ILE BA 586 56.76 -7.17 1.93
C ILE BA 586 58.01 -7.36 2.78
N THR BA 587 58.34 -8.61 3.14
CA THR BA 587 59.50 -8.96 4.00
C THR BA 587 60.84 -9.00 3.23
N TYR BA 588 61.17 -7.91 2.51
CA TYR BA 588 62.33 -7.83 1.61
C TYR BA 588 63.66 -8.11 2.32
N LYS BA 589 63.76 -7.71 3.59
CA LYS BA 589 64.88 -7.93 4.53
C LYS BA 589 65.21 -9.41 4.78
N ASP BA 590 64.26 -10.32 4.64
CA ASP BA 590 64.51 -11.78 4.63
C ASP BA 590 64.63 -12.36 3.21
N LEU BA 591 63.93 -11.82 2.22
CA LEU BA 591 64.05 -12.29 0.83
C LEU BA 591 65.45 -12.09 0.23
N VAL BA 592 66.21 -11.08 0.65
CA VAL BA 592 67.63 -10.93 0.27
C VAL BA 592 68.48 -12.13 0.69
N LYS BA 593 68.30 -12.68 1.90
CA LYS BA 593 69.10 -13.80 2.43
C LYS BA 593 69.06 -15.04 1.55
N SER BA 594 67.91 -15.33 0.92
CA SER BA 594 67.69 -16.51 0.11
C SER BA 594 67.77 -16.30 -1.41
N CYS BA 595 68.29 -15.16 -1.92
CA CYS BA 595 68.38 -14.95 -3.37
C CYS BA 595 69.58 -15.69 -4.02
N TYR BA 596 69.38 -16.14 -5.27
CA TYR BA 596 70.37 -16.85 -6.10
C TYR BA 596 70.53 -16.19 -7.46
N HIS BA 597 71.73 -16.21 -8.04
CA HIS BA 597 71.87 -16.09 -9.50
C HIS BA 597 71.32 -17.36 -10.18
N VAL BA 598 70.64 -17.21 -11.30
CA VAL BA 598 70.09 -18.33 -12.07
C VAL BA 598 70.49 -18.23 -13.54
N MET BA 599 70.98 -19.31 -14.12
CA MET BA 599 71.19 -19.47 -15.57
C MET BA 599 70.45 -20.70 -16.07
N GLN BA 600 69.85 -20.60 -17.25
CA GLN BA 600 69.17 -21.71 -17.90
C GLN BA 600 70.07 -22.31 -18.99
N TYR BA 601 70.34 -23.61 -18.92
CA TYR BA 601 70.97 -24.38 -19.99
C TYR BA 601 69.88 -25.05 -20.84
N SER BA 602 69.81 -24.72 -22.13
CA SER BA 602 68.73 -25.18 -23.03
C SER BA 602 68.85 -26.66 -23.37
N CYS BA 603 67.72 -27.38 -23.48
CA CYS BA 603 67.66 -28.78 -23.91
C CYS BA 603 67.18 -28.97 -25.35
N ASN BA 604 67.04 -27.91 -26.16
CA ASN BA 604 66.74 -28.03 -27.58
C ASN BA 604 68.03 -28.26 -28.40
N PRO BA 605 68.18 -29.38 -29.15
CA PRO BA 605 69.36 -29.59 -29.99
C PRO BA 605 69.49 -28.59 -31.15
N PHE BA 606 68.39 -27.99 -31.63
CA PHE BA 606 68.43 -27.00 -32.71
C PHE BA 606 68.82 -25.59 -32.25
N ALA BA 607 68.79 -25.31 -30.94
CA ALA BA 607 69.27 -24.05 -30.36
C ALA BA 607 70.80 -23.92 -30.30
N GLN BA 608 71.55 -25.01 -30.42
CA GLN BA 608 73.02 -25.02 -30.34
C GLN BA 608 73.66 -24.29 -31.54
N PRO BA 609 74.90 -23.77 -31.45
CA PRO BA 609 75.57 -23.12 -32.57
C PRO BA 609 75.83 -24.09 -33.73
N ALA BA 610 75.83 -23.61 -34.98
CA ALA BA 610 75.97 -24.40 -36.20
C ALA BA 610 77.40 -24.94 -36.44
N CYS BA 611 77.84 -25.84 -35.57
CA CYS BA 611 79.08 -26.58 -35.61
C CYS BA 611 78.82 -28.06 -35.22
N PRO BA 612 79.34 -29.04 -35.97
CA PRO BA 612 79.26 -30.46 -35.60
C PRO BA 612 79.94 -30.86 -34.28
N ILE BA 613 80.92 -30.11 -33.74
CA ILE BA 613 81.50 -30.39 -32.41
C ILE BA 613 80.47 -30.13 -31.30
N PHE BA 614 79.64 -29.10 -31.44
CA PHE BA 614 78.58 -28.83 -30.48
C PHE BA 614 77.49 -29.91 -30.42
N THR BA 615 77.30 -30.72 -31.48
CA THR BA 615 76.47 -31.95 -31.40
C THR BA 615 77.01 -32.90 -30.33
N GLN BA 616 78.30 -33.24 -30.37
CA GLN BA 616 78.94 -34.10 -29.38
C GLN BA 616 78.98 -33.48 -27.97
N LEU BA 617 79.33 -32.21 -27.84
CA LEU BA 617 79.34 -31.54 -26.52
C LEU BA 617 77.93 -31.49 -25.88
N PHE BA 618 76.88 -31.23 -26.66
CA PHE BA 618 75.51 -31.24 -26.14
C PHE BA 618 75.04 -32.63 -25.68
N TYR BA 619 75.16 -33.65 -26.54
CA TYR BA 619 74.75 -35.03 -26.24
C TYR BA 619 75.48 -35.59 -25.01
N ARG BA 620 76.80 -35.37 -24.91
CA ARG BA 620 77.61 -35.85 -23.78
C ARG BA 620 77.36 -35.08 -22.48
N SER BA 621 77.03 -33.79 -22.55
CA SER BA 621 76.58 -33.03 -21.39
C SER BA 621 75.25 -33.57 -20.86
N LEU BA 622 74.27 -33.84 -21.73
CA LEU BA 622 72.98 -34.42 -21.35
C LEU BA 622 73.10 -35.81 -20.72
N LEU BA 623 73.83 -36.75 -21.34
CA LEU BA 623 74.03 -38.10 -20.79
C LEU BA 623 74.69 -38.06 -19.41
N THR BA 624 75.65 -37.16 -19.19
CA THR BA 624 76.34 -36.99 -17.91
C THR BA 624 75.41 -36.45 -16.83
N ILE BA 625 74.59 -35.46 -17.14
CA ILE BA 625 73.64 -34.88 -16.18
C ILE BA 625 72.57 -35.89 -15.76
N LEU BA 626 72.07 -36.72 -16.68
CA LEU BA 626 71.10 -37.77 -16.34
C LEU BA 626 71.71 -38.84 -15.44
N GLN BA 627 72.97 -39.22 -15.64
CA GLN BA 627 73.65 -40.13 -14.72
C GLN BA 627 73.78 -39.52 -13.31
N ASP BA 628 74.28 -38.29 -13.19
CA ASP BA 628 74.50 -37.63 -11.90
C ASP BA 628 73.20 -37.42 -11.08
N ILE BA 629 72.09 -37.07 -11.75
CA ILE BA 629 70.76 -37.00 -11.12
C ILE BA 629 70.29 -38.38 -10.62
N SER BA 630 70.57 -39.46 -11.34
CA SER BA 630 70.07 -40.80 -10.99
C SER BA 630 70.74 -41.45 -9.78
N LEU BA 631 71.95 -41.03 -9.37
CA LEU BA 631 72.75 -41.75 -8.38
C LEU BA 631 72.02 -42.00 -7.03
N PRO BA 632 71.44 -41.01 -6.34
CA PRO BA 632 70.79 -41.24 -5.06
C PRO BA 632 69.48 -42.02 -5.17
N ILE BA 633 68.77 -41.91 -6.30
CA ILE BA 633 67.55 -42.68 -6.60
C ILE BA 633 67.87 -44.18 -6.64
N CYS BA 634 68.97 -44.56 -7.31
CA CYS BA 634 69.46 -45.94 -7.37
C CYS BA 634 69.95 -46.44 -6.01
N MET BA 635 70.70 -45.62 -5.27
CA MET BA 635 71.19 -45.94 -3.93
C MET BA 635 70.06 -46.26 -2.95
N CYS BA 636 69.01 -45.43 -2.89
CA CYS BA 636 67.89 -45.67 -1.98
C CYS BA 636 67.11 -46.95 -2.34
N TYR BA 637 66.88 -47.20 -3.63
CA TYR BA 637 66.24 -48.43 -4.06
C TYR BA 637 67.08 -49.67 -3.74
N GLU BA 638 68.40 -49.64 -3.95
CA GLU BA 638 69.28 -50.77 -3.63
C GLU BA 638 69.44 -50.99 -2.11
N ASN BA 639 69.46 -49.94 -1.29
CA ASN BA 639 69.43 -50.09 0.17
C ASN BA 639 68.20 -50.89 0.65
N ASP BA 640 67.06 -50.76 -0.02
CA ASP BA 640 65.82 -51.50 0.26
C ASP BA 640 65.75 -52.88 -0.42
N ASN BA 641 66.52 -53.10 -1.50
CA ASN BA 641 66.50 -54.28 -2.35
C ASN BA 641 67.95 -54.74 -2.65
N PRO BA 642 68.69 -55.22 -1.64
CA PRO BA 642 70.14 -55.37 -1.72
C PRO BA 642 70.63 -56.35 -2.78
N GLY BA 643 71.87 -56.16 -3.23
CA GLY BA 643 72.51 -56.98 -4.26
C GLY BA 643 72.75 -58.44 -3.86
N LEU BA 644 73.07 -58.72 -2.59
CA LEU BA 644 73.23 -60.08 -2.04
C LEU BA 644 74.16 -60.99 -2.89
N GLY BA 645 75.23 -60.41 -3.44
CA GLY BA 645 76.21 -61.10 -4.29
C GLY BA 645 75.80 -61.34 -5.74
N GLN BA 646 74.60 -60.93 -6.16
CA GLN BA 646 74.21 -60.95 -7.58
C GLN BA 646 75.08 -60.00 -8.42
N SER BA 647 75.35 -60.36 -9.67
CA SER BA 647 75.91 -59.43 -10.66
C SER BA 647 74.84 -58.41 -11.09
N PRO BA 648 75.21 -57.20 -11.53
CA PRO BA 648 74.23 -56.20 -11.92
C PRO BA 648 73.22 -56.64 -12.99
N PRO BA 649 73.58 -57.37 -14.08
CA PRO BA 649 72.60 -57.86 -15.05
C PRO BA 649 71.52 -58.79 -14.45
N GLU BA 650 71.89 -59.65 -13.49
CA GLU BA 650 70.93 -60.48 -12.75
C GLU BA 650 69.99 -59.65 -11.87
N TRP BA 651 70.54 -58.69 -11.13
CA TRP BA 651 69.75 -57.80 -10.26
C TRP BA 651 68.79 -56.90 -11.05
N LEU BA 652 69.23 -56.35 -12.18
CA LEU BA 652 68.42 -55.49 -13.04
C LEU BA 652 67.26 -56.24 -13.71
N LYS BA 653 67.41 -57.54 -13.99
CA LYS BA 653 66.37 -58.38 -14.61
C LYS BA 653 65.05 -58.34 -13.83
N GLY BA 654 65.12 -58.42 -12.49
CA GLY BA 654 63.95 -58.25 -11.62
C GLY BA 654 63.54 -56.79 -11.37
N HIS BA 655 64.49 -55.90 -11.13
CA HIS BA 655 64.21 -54.57 -10.56
C HIS BA 655 64.03 -53.40 -11.53
N TYR BA 656 64.51 -53.48 -12.78
CA TYR BA 656 64.67 -52.28 -13.62
C TYR BA 656 63.35 -51.58 -14.00
N GLN BA 657 62.29 -52.33 -14.29
CA GLN BA 657 60.98 -51.75 -14.65
C GLN BA 657 60.43 -50.84 -13.54
N THR BA 658 60.64 -51.20 -12.27
CA THR BA 658 60.27 -50.37 -11.12
C THR BA 658 61.16 -49.13 -11.01
N LEU BA 659 62.49 -49.30 -11.16
CA LEU BA 659 63.45 -48.22 -11.11
C LEU BA 659 63.24 -47.13 -12.18
N CYS BA 660 62.79 -47.46 -13.40
CA CYS BA 660 62.36 -46.49 -14.41
C CYS BA 660 61.28 -45.53 -13.91
N THR BA 661 60.29 -46.06 -13.20
CA THR BA 661 59.12 -45.32 -12.71
C THR BA 661 59.49 -44.43 -11.51
N ASN BA 662 60.34 -44.92 -10.60
CA ASN BA 662 60.96 -44.09 -9.56
C ASN BA 662 61.72 -42.91 -10.19
N PHE BA 663 62.56 -43.15 -11.20
CA PHE BA 663 63.32 -42.08 -11.84
C PHE BA 663 62.41 -41.00 -12.43
N ARG BA 664 61.42 -41.36 -13.25
CA ARG BA 664 60.45 -40.42 -13.85
C ARG BA 664 59.74 -39.56 -12.80
N SER BA 665 59.46 -40.10 -11.61
CA SER BA 665 58.78 -39.41 -10.51
C SER BA 665 59.70 -38.51 -9.67
N LEU BA 666 60.99 -38.83 -9.57
CA LEU BA 666 61.95 -38.20 -8.64
C LEU BA 666 63.05 -37.35 -9.31
N ALA BA 667 63.27 -37.47 -10.62
CA ALA BA 667 64.27 -36.70 -11.34
C ALA BA 667 63.75 -35.36 -11.91
N ILE BA 668 62.47 -35.29 -12.28
CA ILE BA 668 61.89 -34.19 -13.06
C ILE BA 668 61.05 -33.27 -12.16
N ASP BA 669 61.15 -31.96 -12.34
CA ASP BA 669 60.55 -30.91 -11.49
C ASP BA 669 61.05 -30.89 -10.03
N LYS BA 670 62.22 -31.46 -9.72
CA LYS BA 670 62.80 -31.52 -8.37
C LYS BA 670 64.02 -30.60 -8.15
N GLY BA 671 64.30 -29.70 -9.09
CA GLY BA 671 65.19 -28.55 -8.92
C GLY BA 671 66.34 -28.41 -9.92
N VAL BA 672 66.53 -29.37 -10.84
CA VAL BA 672 67.55 -29.29 -11.91
C VAL BA 672 66.93 -29.39 -13.28
N LEU BA 673 66.25 -30.49 -13.58
CA LEU BA 673 65.71 -30.81 -14.90
C LEU BA 673 64.21 -30.57 -14.95
N THR BA 674 63.73 -29.89 -15.99
CA THR BA 674 62.29 -29.77 -16.28
C THR BA 674 61.95 -30.37 -17.63
N ALA BA 675 60.84 -31.08 -17.69
CA ALA BA 675 60.31 -31.71 -18.89
C ALA BA 675 58.79 -31.83 -18.77
N LYS BA 676 58.07 -31.81 -19.90
CA LYS BA 676 56.61 -31.91 -19.97
C LYS BA 676 56.22 -33.19 -20.69
N GLU BA 677 55.42 -34.05 -20.07
CA GLU BA 677 54.78 -35.15 -20.78
C GLU BA 677 53.58 -34.68 -21.62
N ALA BA 678 53.37 -35.32 -22.77
CA ALA BA 678 52.29 -35.01 -23.70
C ALA BA 678 51.81 -36.28 -24.43
N LYS BA 679 50.52 -36.28 -24.82
CA LYS BA 679 49.95 -37.26 -25.75
C LYS BA 679 49.94 -36.69 -27.16
N VAL BA 680 50.34 -37.50 -28.14
CA VAL BA 680 50.35 -37.14 -29.56
C VAL BA 680 49.16 -37.80 -30.25
N VAL BA 681 48.37 -37.01 -30.99
CA VAL BA 681 47.19 -37.49 -31.73
C VAL BA 681 47.20 -36.99 -33.16
N HIS BA 682 46.71 -37.82 -34.09
CA HIS BA 682 46.45 -37.43 -35.47
C HIS BA 682 44.94 -37.29 -35.72
N GLY BA 683 44.51 -36.18 -36.34
CA GLY BA 683 43.09 -35.84 -36.45
C GLY BA 683 42.33 -36.67 -37.48
N GLU BA 684 42.86 -36.78 -38.70
CA GLU BA 684 42.20 -37.53 -39.79
C GLU BA 684 42.38 -39.06 -39.66
N PRO BA 685 41.39 -39.88 -40.08
CA PRO BA 685 41.50 -41.35 -40.07
C PRO BA 685 42.30 -41.89 -41.27
N THR BA 686 42.46 -41.09 -42.33
CA THR BA 686 43.25 -41.37 -43.55
C THR BA 686 44.07 -40.14 -43.90
N CYS BA 687 45.14 -40.24 -44.70
CA CYS BA 687 45.84 -39.05 -45.21
C CYS BA 687 46.38 -39.22 -46.63
N ASP BA 688 46.57 -38.10 -47.34
CA ASP BA 688 47.03 -38.08 -48.74
C ASP BA 688 48.52 -38.47 -48.82
N LEU BA 689 48.81 -39.64 -49.37
CA LEU BA 689 50.17 -40.19 -49.46
C LEU BA 689 50.39 -40.86 -50.82
N PRO BA 690 51.64 -41.01 -51.29
CA PRO BA 690 51.93 -41.67 -52.55
C PRO BA 690 51.73 -43.20 -52.43
N ASP BA 691 51.30 -43.84 -53.51
CA ASP BA 691 51.16 -45.28 -53.55
C ASP BA 691 52.55 -45.94 -53.66
N LEU BA 692 53.09 -46.40 -52.51
CA LEU BA 692 54.48 -46.83 -52.41
C LEU BA 692 54.77 -48.12 -53.23
N ASP BA 693 53.77 -48.97 -53.45
CA ASP BA 693 53.89 -50.13 -54.33
C ASP BA 693 54.04 -49.72 -55.81
N ALA BA 694 53.24 -48.76 -56.29
CA ALA BA 694 53.44 -48.19 -57.62
C ALA BA 694 54.77 -47.40 -57.74
N ALA BA 695 55.15 -46.64 -56.71
CA ALA BA 695 56.36 -45.82 -56.72
C ALA BA 695 57.64 -46.67 -56.76
N LEU BA 696 57.66 -47.83 -56.10
CA LEU BA 696 58.73 -48.83 -56.20
C LEU BA 696 58.89 -49.34 -57.65
N GLN BA 697 57.80 -49.43 -58.42
CA GLN BA 697 57.81 -49.78 -59.85
C GLN BA 697 57.85 -48.55 -60.79
N GLY BA 698 58.12 -47.34 -60.28
CA GLY BA 698 58.32 -46.13 -61.08
C GLY BA 698 57.07 -45.34 -61.47
N ARG BA 699 55.87 -45.73 -61.02
CA ARG BA 699 54.59 -45.07 -61.30
C ARG BA 699 54.14 -44.22 -60.12
N VAL BA 700 53.76 -42.96 -60.36
CA VAL BA 700 53.47 -41.97 -59.30
C VAL BA 700 52.00 -41.58 -59.30
N TYR BA 701 51.27 -41.92 -58.24
CA TYR BA 701 49.91 -41.41 -57.97
C TYR BA 701 49.53 -41.53 -56.47
N GLY BA 702 48.52 -40.78 -56.05
CA GLY BA 702 48.10 -40.66 -54.66
C GLY BA 702 47.07 -41.70 -54.19
N ARG BA 703 47.03 -41.94 -52.88
CA ARG BA 703 46.08 -42.81 -52.17
C ARG BA 703 45.76 -42.20 -50.80
N ARG BA 704 44.52 -42.35 -50.32
CA ARG BA 704 44.15 -41.98 -48.93
C ARG BA 704 44.27 -43.19 -48.01
N LEU BA 705 45.50 -43.47 -47.58
CA LEU BA 705 45.85 -44.60 -46.71
C LEU BA 705 45.30 -44.40 -45.28
N PRO BA 706 44.59 -45.38 -44.70
CA PRO BA 706 44.25 -45.41 -43.28
C PRO BA 706 45.50 -45.38 -42.38
N VAL BA 707 45.50 -44.55 -41.33
CA VAL BA 707 46.69 -44.33 -40.48
C VAL BA 707 46.35 -44.28 -38.99
N ARG BA 708 47.29 -44.75 -38.16
CA ARG BA 708 47.26 -44.61 -36.69
C ARG BA 708 48.65 -44.48 -36.06
N MET BA 709 48.76 -43.90 -34.87
CA MET BA 709 50.04 -43.73 -34.17
C MET BA 709 50.58 -45.05 -33.61
N SER BA 710 51.87 -45.35 -33.80
CA SER BA 710 52.56 -46.48 -33.17
C SER BA 710 53.06 -46.19 -31.75
N LYS BA 711 53.20 -44.91 -31.38
CA LYS BA 711 53.50 -44.41 -30.02
C LYS BA 711 52.71 -43.15 -29.72
N VAL BA 712 52.17 -43.02 -28.51
CA VAL BA 712 51.31 -41.90 -28.11
C VAL BA 712 51.98 -40.96 -27.10
N LEU BA 713 52.76 -41.48 -26.15
CA LEU BA 713 53.45 -40.66 -25.16
C LEU BA 713 54.74 -40.03 -25.71
N MET BA 714 54.96 -38.75 -25.39
CA MET BA 714 56.16 -37.97 -25.72
C MET BA 714 56.64 -37.20 -24.48
N LEU BA 715 57.95 -37.13 -24.27
CA LEU BA 715 58.59 -36.42 -23.15
C LEU BA 715 59.40 -35.24 -23.67
N CYS BA 716 58.80 -34.06 -23.69
CA CYS BA 716 59.41 -32.84 -24.21
C CYS BA 716 60.36 -32.22 -23.18
N PRO BA 717 61.68 -32.16 -23.40
CA PRO BA 717 62.60 -31.55 -22.46
C PRO BA 717 62.51 -30.01 -22.54
N ARG BA 718 62.79 -29.30 -21.45
CA ARG BA 718 62.73 -27.83 -21.40
C ARG BA 718 64.08 -27.19 -21.07
N ASN BA 719 64.49 -27.15 -19.80
CA ASN BA 719 65.78 -26.59 -19.38
C ASN BA 719 66.45 -27.41 -18.29
N ILE BA 720 67.77 -27.25 -18.17
CA ILE BA 720 68.56 -27.58 -16.98
C ILE BA 720 68.91 -26.26 -16.28
N LYS BA 721 68.72 -26.17 -14.97
CA LYS BA 721 68.83 -24.92 -14.20
C LYS BA 721 70.10 -24.90 -13.35
N ILE BA 722 70.92 -23.86 -13.49
CA ILE BA 722 72.16 -23.65 -12.74
C ILE BA 722 71.96 -22.52 -11.72
N LYS BA 723 72.37 -22.73 -10.46
CA LYS BA 723 72.15 -21.81 -9.34
C LYS BA 723 73.46 -21.41 -8.66
N ASN BA 724 73.55 -20.18 -8.16
CA ASN BA 724 74.67 -19.72 -7.32
C ASN BA 724 74.19 -18.78 -6.21
N ARG BA 725 74.46 -19.09 -4.93
CA ARG BA 725 74.03 -18.29 -3.77
C ARG BA 725 74.71 -16.91 -3.73
N VAL BA 726 73.93 -15.87 -3.48
CA VAL BA 726 74.41 -14.47 -3.50
C VAL BA 726 75.00 -14.02 -2.16
N VAL BA 727 74.33 -14.27 -1.04
CA VAL BA 727 74.67 -13.72 0.27
C VAL BA 727 75.26 -14.79 1.19
N PHE BA 728 76.46 -14.53 1.68
CA PHE BA 728 77.03 -15.20 2.84
C PHE BA 728 76.48 -14.59 4.13
N THR BA 729 75.86 -15.39 5.01
CA THR BA 729 75.16 -14.92 6.22
C THR BA 729 76.02 -14.91 7.49
N GLY BA 730 77.31 -15.24 7.42
CA GLY BA 730 78.20 -15.27 8.58
C GLY BA 730 78.04 -16.48 9.50
N GLU BA 731 77.09 -17.39 9.23
CA GLU BA 731 76.77 -18.52 10.11
C GLU BA 731 77.88 -19.58 10.18
N ASN BA 732 78.46 -19.96 9.03
CA ASN BA 732 79.56 -20.92 8.97
C ASN BA 732 80.90 -20.24 9.34
N ALA BA 733 81.31 -20.37 10.61
CA ALA BA 733 82.43 -19.63 11.18
C ALA BA 733 83.81 -19.91 10.55
N ALA BA 734 83.96 -21.02 9.81
CA ALA BA 734 85.19 -21.35 9.08
C ALA BA 734 85.40 -20.50 7.82
N LEU BA 735 84.33 -19.91 7.25
CA LEU BA 735 84.37 -19.22 5.96
C LEU BA 735 84.62 -17.71 6.05
N GLN BA 736 84.34 -17.07 7.20
CA GLN BA 736 84.21 -15.61 7.32
C GLN BA 736 85.39 -14.82 6.76
N ASN BA 737 86.62 -15.31 6.91
CA ASN BA 737 87.84 -14.60 6.49
C ASN BA 737 87.91 -14.33 4.98
N SER BA 738 87.20 -15.10 4.16
CA SER BA 738 87.11 -14.85 2.71
C SER BA 738 86.09 -13.75 2.35
N PHE BA 739 85.06 -13.51 3.17
CA PHE BA 739 83.96 -12.57 2.89
C PHE BA 739 84.02 -11.25 3.66
N ILE BA 740 84.77 -11.15 4.75
CA ILE BA 740 84.67 -10.01 5.68
C ILE BA 740 85.04 -8.65 5.07
N LYS BA 741 84.18 -7.65 5.28
CA LYS BA 741 84.35 -6.26 4.86
C LYS BA 741 85.24 -5.50 5.86
N SER BA 742 86.38 -4.99 5.40
CA SER BA 742 87.23 -4.04 6.15
C SER BA 742 86.68 -2.60 6.10
N THR BA 743 86.97 -1.78 7.11
CA THR BA 743 86.48 -0.40 7.22
C THR BA 743 87.62 0.64 7.36
N THR BA 744 88.87 0.25 7.58
CA THR BA 744 89.99 1.18 7.80
C THR BA 744 90.42 1.94 6.53
N ARG BA 745 90.88 3.18 6.70
CA ARG BA 745 91.20 4.15 5.64
C ARG BA 745 92.52 3.81 4.93
N ARG BA 746 92.44 3.27 3.72
CA ARG BA 746 93.60 2.88 2.88
C ARG BA 746 94.12 4.05 2.03
N GLU BA 747 95.36 3.96 1.57
CA GLU BA 747 95.95 4.92 0.63
C GLU BA 747 95.50 4.74 -0.83
N ASN BA 748 95.07 3.54 -1.23
CA ASN BA 748 94.62 3.25 -2.61
C ASN BA 748 93.16 3.67 -2.89
N TYR BA 749 92.49 4.38 -1.99
CA TYR BA 749 91.04 4.59 -2.00
C TYR BA 749 90.52 5.33 -3.24
N ILE BA 750 91.31 6.20 -3.88
CA ILE BA 750 90.93 6.85 -5.14
C ILE BA 750 91.20 5.90 -6.31
N ILE BA 751 92.42 5.38 -6.45
CA ILE BA 751 92.82 4.57 -7.62
C ILE BA 751 92.13 3.19 -7.69
N ASN BA 752 91.73 2.61 -6.56
CA ASN BA 752 90.83 1.44 -6.48
C ASN BA 752 89.37 1.84 -6.16
N GLY BA 753 89.04 3.13 -6.28
CA GLY BA 753 87.72 3.67 -6.01
C GLY BA 753 86.79 3.71 -7.23
N PRO BA 754 85.59 4.30 -7.08
CA PRO BA 754 84.55 4.26 -8.10
C PRO BA 754 84.80 5.13 -9.35
N TYR BA 755 85.79 6.03 -9.33
CA TYR BA 755 85.98 7.04 -10.39
C TYR BA 755 87.20 6.84 -11.31
N MET BA 756 88.17 5.99 -10.95
CA MET BA 756 89.47 5.93 -11.62
C MET BA 756 89.38 5.63 -13.13
N LYS BA 757 88.49 4.72 -13.55
CA LYS BA 757 88.31 4.42 -14.98
C LYS BA 757 87.78 5.61 -15.79
N PHE BA 758 86.87 6.42 -15.23
CA PHE BA 758 86.38 7.65 -15.86
C PHE BA 758 87.45 8.76 -15.84
N LEU BA 759 88.16 8.93 -14.73
CA LEU BA 759 89.27 9.88 -14.62
C LEU BA 759 90.38 9.59 -15.66
N ASN BA 760 90.55 8.32 -16.05
CA ASN BA 760 91.42 7.93 -17.14
C ASN BA 760 90.80 8.18 -18.53
N THR BA 761 89.56 7.73 -18.78
CA THR BA 761 88.88 7.95 -20.08
C THR BA 761 88.80 9.42 -20.47
N TYR BA 762 88.64 10.33 -19.51
CA TYR BA 762 88.51 11.78 -19.72
C TYR BA 762 89.79 12.59 -19.38
N HIS BA 763 90.93 11.94 -19.17
CA HIS BA 763 92.18 12.59 -18.73
C HIS BA 763 92.61 13.76 -19.64
N LYS BA 764 92.59 13.57 -20.96
CA LYS BA 764 92.98 14.60 -21.94
C LYS BA 764 92.03 15.81 -21.98
N THR BA 765 90.76 15.67 -21.57
CA THR BA 765 89.83 16.81 -21.40
C THR BA 765 89.92 17.46 -20.02
N LEU BA 766 90.21 16.71 -18.95
CA LEU BA 766 90.43 17.28 -17.61
C LEU BA 766 91.78 18.01 -17.48
N PHE BA 767 92.88 17.48 -18.02
CA PHE BA 767 94.22 18.07 -17.89
C PHE BA 767 94.93 18.17 -19.26
N PRO BA 768 94.56 19.16 -20.11
CA PRO BA 768 95.09 19.33 -21.46
C PRO BA 768 96.62 19.36 -21.52
N ASP BA 769 97.19 18.52 -22.39
CA ASP BA 769 98.63 18.38 -22.66
C ASP BA 769 99.55 18.14 -21.44
N THR BA 770 99.05 17.57 -20.33
CA THR BA 770 99.93 17.21 -19.19
C THR BA 770 100.80 15.98 -19.50
N LYS BA 771 102.03 15.96 -19.00
CA LYS BA 771 102.95 14.81 -19.14
C LYS BA 771 102.63 13.63 -18.23
N LEU BA 772 101.94 13.89 -17.11
CA LEU BA 772 101.64 12.94 -16.04
C LEU BA 772 100.72 11.80 -16.50
N SER BA 773 100.97 10.57 -16.06
CA SER BA 773 99.96 9.51 -16.13
C SER BA 773 98.80 9.80 -15.16
N SER BA 774 97.58 9.41 -15.55
CA SER BA 774 96.39 9.59 -14.72
C SER BA 774 96.53 8.89 -13.35
N LEU BA 775 97.12 7.70 -13.32
CA LEU BA 775 97.43 6.94 -12.12
C LEU BA 775 98.37 7.69 -11.18
N TYR BA 776 99.46 8.27 -11.69
CA TYR BA 776 100.36 9.05 -10.85
C TYR BA 776 99.73 10.37 -10.36
N LEU BA 777 98.97 11.07 -11.19
CA LEU BA 777 98.31 12.33 -10.79
C LEU BA 777 97.41 12.13 -9.55
N TRP BA 778 96.54 11.12 -9.59
CA TRP BA 778 95.63 10.81 -8.51
C TRP BA 778 96.25 10.08 -7.32
N HIS BA 779 97.36 9.36 -7.49
CA HIS BA 779 98.12 8.81 -6.37
C HIS BA 779 98.94 9.89 -5.63
N ASN BA 780 99.51 10.84 -6.37
CA ASN BA 780 100.14 12.04 -5.83
C ASN BA 780 99.13 12.87 -5.04
N PHE BA 781 97.91 13.07 -5.57
CA PHE BA 781 96.84 13.71 -4.82
C PHE BA 781 96.47 12.94 -3.54
N SER BA 782 96.34 11.61 -3.64
CA SER BA 782 96.10 10.68 -2.52
C SER BA 782 97.17 10.67 -1.43
N ARG BA 783 98.34 11.30 -1.61
CA ARG BA 783 99.43 11.32 -0.61
C ARG BA 783 99.97 12.71 -0.28
N ARG BA 784 99.87 13.69 -1.18
CA ARG BA 784 100.41 15.06 -1.03
C ARG BA 784 99.35 16.16 -1.04
N ARG BA 785 98.09 15.84 -1.34
CA ARG BA 785 96.97 16.79 -1.38
C ARG BA 785 97.18 17.97 -2.33
N SER BA 786 97.57 17.72 -3.58
CA SER BA 786 97.76 18.76 -4.59
C SER BA 786 97.39 18.34 -6.03
N VAL BA 787 96.99 19.31 -6.85
CA VAL BA 787 96.41 19.09 -8.19
C VAL BA 787 96.91 20.16 -9.18
N PRO BA 788 97.29 19.83 -10.42
CA PRO BA 788 97.81 20.81 -11.38
C PRO BA 788 96.69 21.57 -12.09
N VAL BA 789 96.81 22.90 -12.26
CA VAL BA 789 95.81 23.73 -12.95
C VAL BA 789 96.32 24.19 -14.32
N PRO BA 790 95.69 23.82 -15.45
CA PRO BA 790 96.10 24.24 -16.80
C PRO BA 790 96.26 25.76 -16.97
N SER BA 791 97.11 26.17 -17.93
CA SER BA 791 97.71 27.51 -17.99
C SER BA 791 96.72 28.69 -17.94
N GLY BA 792 95.57 28.59 -18.62
CA GLY BA 792 94.49 29.59 -18.57
C GLY BA 792 93.28 29.22 -17.71
N ALA BA 793 93.22 28.01 -17.18
CA ALA BA 793 92.08 27.53 -16.38
C ALA BA 793 92.07 28.12 -14.95
N SER BA 794 90.93 28.04 -14.26
CA SER BA 794 90.72 28.65 -12.93
C SER BA 794 91.08 27.70 -11.78
N ALA BA 795 91.67 28.21 -10.69
CA ALA BA 795 92.12 27.36 -9.58
C ALA BA 795 90.98 26.67 -8.83
N GLU BA 796 89.90 27.38 -8.51
CA GLU BA 796 88.91 26.86 -7.56
C GLU BA 796 88.05 25.74 -8.16
N GLU BA 797 87.78 25.81 -9.46
CA GLU BA 797 87.20 24.76 -10.29
C GLU BA 797 87.90 23.40 -10.17
N TYR BA 798 89.24 23.39 -10.13
CA TYR BA 798 90.02 22.18 -9.89
C TYR BA 798 90.07 21.78 -8.41
N SER BA 799 90.08 22.74 -7.47
CA SER BA 799 89.95 22.40 -6.06
C SER BA 799 88.61 21.71 -5.76
N ASP BA 800 87.53 22.08 -6.46
CA ASP BA 800 86.24 21.42 -6.35
C ASP BA 800 86.25 19.99 -6.90
N LEU BA 801 86.76 19.79 -8.12
CA LEU BA 801 86.97 18.46 -8.72
C LEU BA 801 87.70 17.50 -7.77
N ALA BA 802 88.78 17.97 -7.15
CA ALA BA 802 89.55 17.20 -6.19
C ALA BA 802 88.71 16.79 -4.97
N LEU BA 803 87.97 17.72 -4.38
CA LEU BA 803 87.09 17.43 -3.24
C LEU BA 803 85.92 16.51 -3.61
N PHE BA 804 85.40 16.56 -4.83
CA PHE BA 804 84.39 15.60 -5.29
C PHE BA 804 84.93 14.16 -5.34
N VAL BA 805 86.10 13.97 -5.93
CA VAL BA 805 86.78 12.68 -6.06
C VAL BA 805 87.14 12.11 -4.70
N ASP BA 806 87.70 12.92 -3.81
CA ASP BA 806 88.03 12.54 -2.44
C ASP BA 806 86.79 12.10 -1.65
N GLY BA 807 85.75 12.94 -1.64
CA GLY BA 807 84.53 12.71 -0.88
C GLY BA 807 83.84 11.41 -1.29
N GLY BA 808 83.56 11.23 -2.58
CA GLY BA 808 82.92 10.02 -3.08
C GLY BA 808 83.77 8.77 -2.89
N SER BA 809 85.10 8.87 -3.02
CA SER BA 809 85.98 7.72 -2.81
C SER BA 809 85.96 7.24 -1.35
N ARG BA 810 86.01 8.12 -0.34
CA ARG BA 810 85.85 7.73 1.08
C ARG BA 810 84.44 7.22 1.41
N ALA BA 811 83.39 7.80 0.84
CA ALA BA 811 82.03 7.30 1.04
C ALA BA 811 81.83 5.89 0.47
N HIS BA 812 82.43 5.60 -0.69
CA HIS BA 812 82.46 4.27 -1.30
C HIS BA 812 83.28 3.28 -0.46
N GLU BA 813 84.44 3.70 0.05
CA GLU BA 813 85.32 2.90 0.92
C GLU BA 813 84.56 2.43 2.18
N GLU BA 814 83.81 3.31 2.82
CA GLU BA 814 82.92 3.00 3.95
C GLU BA 814 81.77 2.05 3.55
N SER BA 815 80.98 2.39 2.55
CA SER BA 815 79.68 1.73 2.29
C SER BA 815 79.71 0.49 1.37
N ASN BA 816 80.71 0.28 0.53
CA ASN BA 816 80.62 -0.70 -0.56
C ASN BA 816 80.78 -2.19 -0.15
N VAL BA 817 79.90 -3.05 -0.64
CA VAL BA 817 79.97 -4.53 -0.49
C VAL BA 817 79.96 -5.30 -1.83
N ILE BA 818 80.12 -4.59 -2.95
CA ILE BA 818 80.16 -5.13 -4.31
C ILE BA 818 81.57 -4.90 -4.89
N ASP BA 819 82.41 -5.93 -4.94
CA ASP BA 819 83.85 -5.81 -5.24
C ASP BA 819 84.18 -5.62 -6.74
N VAL BA 820 83.75 -4.48 -7.29
CA VAL BA 820 83.86 -4.07 -8.71
C VAL BA 820 84.33 -2.63 -8.82
N VAL BA 821 85.24 -2.34 -9.76
CA VAL BA 821 85.55 -0.99 -10.22
C VAL BA 821 84.79 -0.76 -11.54
N PRO BA 822 83.73 0.06 -11.58
CA PRO BA 822 82.82 0.10 -12.73
C PRO BA 822 83.45 0.80 -13.96
N GLY BA 823 83.26 0.23 -15.14
CA GLY BA 823 83.80 0.77 -16.39
C GLY BA 823 82.92 1.78 -17.13
N ASN BA 824 81.60 1.78 -16.87
CA ASN BA 824 80.62 2.63 -17.56
C ASN BA 824 79.55 3.14 -16.59
N LEU BA 825 78.84 4.21 -16.95
CA LEU BA 825 77.88 4.88 -16.08
C LEU BA 825 76.68 4.01 -15.68
N VAL BA 826 76.25 3.06 -16.51
CA VAL BA 826 75.18 2.11 -16.16
C VAL BA 826 75.63 1.14 -15.07
N THR BA 827 76.85 0.62 -15.13
CA THR BA 827 77.40 -0.25 -14.08
C THR BA 827 77.64 0.55 -12.80
N TYR BA 828 78.18 1.76 -12.89
CA TYR BA 828 78.30 2.69 -11.76
C TYR BA 828 76.96 2.94 -11.06
N ALA BA 829 75.92 3.27 -11.82
CA ALA BA 829 74.56 3.49 -11.30
C ALA BA 829 73.99 2.24 -10.62
N LYS BA 830 74.06 1.07 -11.27
CA LYS BA 830 73.58 -0.20 -10.70
C LYS BA 830 74.33 -0.65 -9.45
N GLN BA 831 75.63 -0.41 -9.35
CA GLN BA 831 76.38 -0.64 -8.11
C GLN BA 831 75.86 0.26 -6.97
N ARG BA 832 75.65 1.57 -7.21
CA ARG BA 832 75.10 2.50 -6.21
C ARG BA 832 73.72 2.04 -5.70
N LEU BA 833 72.84 1.61 -6.60
CA LEU BA 833 71.50 1.10 -6.28
C LEU BA 833 71.53 -0.15 -5.40
N ASN BA 834 72.32 -1.17 -5.76
CA ASN BA 834 72.32 -2.44 -5.02
C ASN BA 834 73.05 -2.33 -3.67
N ASN BA 835 74.07 -1.48 -3.52
CA ASN BA 835 74.63 -1.11 -2.21
C ASN BA 835 73.57 -0.45 -1.30
N ALA BA 836 72.58 0.26 -1.84
CA ALA BA 836 71.51 0.86 -1.03
C ALA BA 836 70.51 -0.20 -0.52
N ILE BA 837 70.12 -1.18 -1.33
CA ILE BA 837 69.18 -2.25 -0.91
C ILE BA 837 69.81 -3.12 0.19
N LEU BA 838 71.08 -3.51 0.03
CA LEU BA 838 71.79 -4.33 1.03
C LEU BA 838 71.92 -3.61 2.38
N LYS BA 839 72.11 -2.29 2.38
CA LYS BA 839 72.14 -1.48 3.61
C LYS BA 839 70.78 -1.46 4.32
N ALA BA 840 69.67 -1.28 3.59
CA ALA BA 840 68.32 -1.37 4.15
C ALA BA 840 68.00 -2.77 4.72
N CYS BA 841 68.61 -3.83 4.17
CA CYS BA 841 68.51 -5.18 4.71
C CYS BA 841 69.47 -5.50 5.87
N GLY BA 842 70.28 -4.55 6.33
CA GLY BA 842 71.31 -4.79 7.35
C GLY BA 842 72.53 -5.63 6.89
N GLN BA 843 72.68 -5.87 5.59
CA GLN BA 843 73.80 -6.64 5.02
C GLN BA 843 75.01 -5.73 4.79
N THR BA 844 75.85 -5.60 5.81
CA THR BA 844 76.97 -4.62 5.85
C THR BA 844 78.32 -5.23 6.26
N GLN BA 845 78.33 -6.45 6.79
CA GLN BA 845 79.53 -7.10 7.35
C GLN BA 845 80.36 -7.84 6.28
N PHE BA 846 79.75 -8.24 5.16
CA PHE BA 846 80.34 -9.14 4.17
C PHE BA 846 80.16 -8.65 2.73
N TYR BA 847 81.15 -8.91 1.87
CA TYR BA 847 80.97 -8.87 0.42
C TYR BA 847 79.96 -9.91 -0.06
N ILE BA 848 79.22 -9.59 -1.13
CA ILE BA 848 78.36 -10.57 -1.84
C ILE BA 848 79.16 -11.42 -2.85
N SER BA 849 78.67 -12.62 -3.21
CA SER BA 849 79.21 -13.40 -4.34
C SER BA 849 79.05 -12.65 -5.67
N LEU BA 850 80.03 -12.75 -6.57
CA LEU BA 850 79.98 -12.24 -7.94
C LEU BA 850 80.08 -13.37 -8.97
N ILE BA 851 79.39 -13.25 -10.10
CA ILE BA 851 79.69 -14.01 -11.33
C ILE BA 851 80.23 -13.04 -12.38
N GLN BA 852 81.38 -13.35 -12.98
CA GLN BA 852 81.97 -12.57 -14.08
C GLN BA 852 81.96 -13.35 -15.40
N GLY BA 853 81.56 -12.70 -16.48
CA GLY BA 853 81.59 -13.26 -17.83
C GLY BA 853 82.93 -13.02 -18.52
N LEU BA 854 83.53 -14.06 -19.09
CA LEU BA 854 84.70 -13.99 -19.96
C LEU BA 854 84.22 -13.99 -21.42
N VAL BA 855 84.45 -12.91 -22.16
CA VAL BA 855 83.90 -12.69 -23.51
C VAL BA 855 85.02 -12.68 -24.57
N PRO BA 856 84.94 -13.49 -25.64
CA PRO BA 856 85.94 -13.55 -26.71
C PRO BA 856 86.11 -12.24 -27.49
N ARG BA 857 87.36 -11.79 -27.66
CA ARG BA 857 87.80 -10.70 -28.54
C ARG BA 857 88.76 -11.25 -29.61
N THR BA 858 88.47 -10.97 -30.87
CA THR BA 858 89.25 -11.48 -32.02
C THR BA 858 90.20 -10.40 -32.52
N GLN BA 859 91.48 -10.72 -32.69
CA GLN BA 859 92.56 -9.78 -33.04
C GLN BA 859 93.51 -10.33 -34.12
N SER BA 860 94.02 -9.47 -35.00
CA SER BA 860 95.02 -9.83 -36.03
C SER BA 860 96.43 -9.50 -35.54
N VAL BA 861 97.36 -10.44 -35.66
CA VAL BA 861 98.73 -10.36 -35.11
C VAL BA 861 99.76 -10.78 -36.18
N PRO BA 862 101.05 -10.42 -36.06
CA PRO BA 862 102.07 -10.88 -37.00
C PRO BA 862 102.26 -12.41 -36.92
N ALA BA 863 102.30 -13.10 -38.07
CA ALA BA 863 102.22 -14.56 -38.14
C ALA BA 863 103.50 -15.33 -37.74
N ARG BA 864 104.53 -14.64 -37.27
CA ARG BA 864 105.85 -15.17 -36.90
C ARG BA 864 105.80 -16.44 -36.02
N ASP BA 865 104.95 -16.46 -35.00
CA ASP BA 865 104.74 -17.63 -34.12
C ASP BA 865 103.41 -18.39 -34.39
N TYR BA 866 102.83 -18.25 -35.58
CA TYR BA 866 101.56 -18.87 -35.99
C TYR BA 866 101.76 -19.64 -37.32
N PRO BA 867 102.56 -20.72 -37.33
CA PRO BA 867 103.14 -21.28 -38.54
C PRO BA 867 102.12 -21.87 -39.53
N HIS BA 868 100.90 -22.20 -39.10
CA HIS BA 868 99.87 -22.76 -39.97
C HIS BA 868 99.42 -21.84 -41.11
N VAL BA 869 99.72 -20.54 -41.09
CA VAL BA 869 99.41 -19.66 -42.24
C VAL BA 869 100.19 -20.02 -43.51
N LEU BA 870 101.31 -20.75 -43.40
CA LEU BA 870 102.12 -21.15 -44.56
C LEU BA 870 101.52 -22.29 -45.40
N GLY BA 871 100.52 -23.02 -44.88
CA GLY BA 871 99.92 -24.16 -45.55
C GLY BA 871 100.81 -25.41 -45.64
N THR BA 872 100.54 -26.30 -46.59
CA THR BA 872 101.27 -27.57 -46.81
C THR BA 872 102.66 -27.40 -47.45
N ARG BA 873 103.07 -26.16 -47.70
CA ARG BA 873 104.38 -25.71 -48.20
C ARG BA 873 105.56 -26.43 -47.56
N ALA BA 874 106.55 -26.85 -48.34
CA ALA BA 874 107.84 -27.33 -47.83
C ALA BA 874 108.69 -26.17 -47.32
N VAL BA 875 109.25 -26.28 -46.10
CA VAL BA 875 110.10 -25.25 -45.47
C VAL BA 875 111.52 -25.78 -45.35
N GLU BA 876 112.48 -25.09 -45.96
CA GLU BA 876 113.86 -25.58 -46.11
C GLU BA 876 114.87 -24.94 -45.14
N SER BA 877 114.64 -23.70 -44.69
CA SER BA 877 115.51 -23.02 -43.73
C SER BA 877 114.75 -22.05 -42.82
N ALA BA 878 115.32 -21.72 -41.66
CA ALA BA 878 114.75 -20.74 -40.74
C ALA BA 878 114.73 -19.32 -41.35
N ALA BA 879 115.72 -18.99 -42.18
CA ALA BA 879 115.73 -17.73 -42.94
C ALA BA 879 114.58 -17.65 -43.95
N ALA BA 880 114.25 -18.75 -44.64
CA ALA BA 880 113.10 -18.82 -45.53
C ALA BA 880 111.76 -18.74 -44.76
N TYR BA 881 111.64 -19.40 -43.59
CA TYR BA 881 110.46 -19.28 -42.71
C TYR BA 881 110.23 -17.83 -42.25
N ALA BA 882 111.29 -17.16 -41.80
CA ALA BA 882 111.24 -15.76 -41.40
C ALA BA 882 110.86 -14.83 -42.58
N GLU BA 883 111.45 -15.04 -43.76
CA GLU BA 883 111.10 -14.27 -44.96
C GLU BA 883 109.63 -14.46 -45.34
N ALA BA 884 109.15 -15.71 -45.45
CA ALA BA 884 107.77 -16.02 -45.87
C ALA BA 884 106.70 -15.50 -44.90
N THR BA 885 106.97 -15.49 -43.60
CA THR BA 885 106.02 -14.99 -42.58
C THR BA 885 106.10 -13.48 -42.34
N SER BA 886 107.18 -12.79 -42.75
CA SER BA 886 107.39 -11.36 -42.48
C SER BA 886 106.29 -10.41 -43.00
N SER BA 887 105.55 -10.82 -44.02
CA SER BA 887 104.46 -10.05 -44.65
C SER BA 887 103.04 -10.56 -44.31
N LEU BA 888 102.89 -11.51 -43.36
CA LEU BA 888 101.64 -12.23 -43.09
C LEU BA 888 101.11 -12.00 -41.67
N THR BA 889 99.78 -12.04 -41.53
CA THR BA 889 99.10 -11.91 -40.24
C THR BA 889 98.16 -13.09 -39.95
N ALA BA 890 98.06 -13.47 -38.69
CA ALA BA 890 97.22 -14.54 -38.19
C ALA BA 890 96.09 -13.99 -37.31
N THR BA 891 94.90 -14.56 -37.42
CA THR BA 891 93.77 -14.29 -36.50
C THR BA 891 93.96 -15.06 -35.20
N THR BA 892 93.84 -14.41 -34.05
CA THR BA 892 93.90 -15.05 -32.73
C THR BA 892 92.77 -14.54 -31.83
N VAL BA 893 92.46 -15.29 -30.78
CA VAL BA 893 91.38 -14.97 -29.84
C VAL BA 893 91.92 -14.92 -28.41
N VAL BA 894 91.47 -13.92 -27.64
CA VAL BA 894 91.67 -13.80 -26.20
C VAL BA 894 90.33 -13.49 -25.53
N CYS BA 895 90.19 -13.75 -24.24
CA CYS BA 895 88.97 -13.42 -23.48
C CYS BA 895 89.18 -12.20 -22.58
N ALA BA 896 88.21 -11.28 -22.56
CA ALA BA 896 88.17 -10.11 -21.68
C ALA BA 896 87.08 -10.25 -20.59
N ALA BA 897 87.40 -9.90 -19.35
CA ALA BA 897 86.44 -9.95 -18.26
C ALA BA 897 85.46 -8.78 -18.35
N THR BA 898 84.17 -9.09 -18.41
CA THR BA 898 83.07 -8.12 -18.23
C THR BA 898 82.78 -7.91 -16.74
N ASP BA 899 82.49 -6.67 -16.35
CA ASP BA 899 82.07 -6.29 -14.99
C ASP BA 899 80.54 -6.39 -14.78
N CYS BA 900 79.80 -6.90 -15.76
CA CYS BA 900 78.33 -6.83 -15.84
C CYS BA 900 77.73 -7.97 -16.69
N LEU BA 901 77.67 -9.19 -16.13
CA LEU BA 901 77.14 -10.37 -16.82
C LEU BA 901 75.72 -10.20 -17.37
N SER BA 902 74.86 -9.41 -16.72
CA SER BA 902 73.44 -9.30 -17.10
C SER BA 902 73.18 -8.74 -18.50
N GLN BA 903 73.98 -7.78 -19.00
CA GLN BA 903 73.84 -7.29 -20.38
C GLN BA 903 74.28 -8.34 -21.42
N VAL BA 904 75.25 -9.19 -21.11
CA VAL BA 904 75.64 -10.33 -21.98
C VAL BA 904 74.51 -11.36 -22.03
N CYS BA 905 73.87 -11.70 -20.90
CA CYS BA 905 72.73 -12.62 -20.88
C CYS BA 905 71.51 -12.14 -21.68
N LYS BA 906 71.32 -10.83 -21.90
CA LYS BA 906 70.29 -10.31 -22.83
C LYS BA 906 70.56 -10.63 -24.31
N ALA BA 907 71.80 -10.90 -24.71
CA ALA BA 907 72.19 -11.23 -26.08
C ALA BA 907 72.12 -12.74 -26.41
N ARG BA 908 71.38 -13.52 -25.61
CA ARG BA 908 71.12 -14.97 -25.76
C ARG BA 908 72.41 -15.79 -26.02
N PRO BA 909 73.37 -15.80 -25.08
CA PRO BA 909 74.74 -16.27 -25.35
C PRO BA 909 74.87 -17.79 -25.43
N VAL BA 910 75.87 -18.26 -26.18
CA VAL BA 910 76.47 -19.59 -26.02
C VAL BA 910 77.35 -19.56 -24.77
N VAL BA 911 77.21 -20.54 -23.88
CA VAL BA 911 77.88 -20.55 -22.55
C VAL BA 911 78.70 -21.80 -22.29
N THR BA 912 79.77 -21.67 -21.52
CA THR BA 912 80.54 -22.79 -20.94
C THR BA 912 80.79 -22.56 -19.46
N LEU BA 913 80.46 -23.53 -18.61
CA LEU BA 913 80.50 -23.39 -17.15
C LEU BA 913 80.75 -24.72 -16.41
N PRO BA 914 81.31 -24.71 -15.18
CA PRO BA 914 81.45 -25.89 -14.33
C PRO BA 914 80.20 -26.12 -13.45
N VAL BA 915 79.74 -27.36 -13.28
CA VAL BA 915 78.60 -27.69 -12.40
C VAL BA 915 78.85 -28.91 -11.50
N THR BA 916 78.36 -28.84 -10.26
CA THR BA 916 78.16 -29.99 -9.37
C THR BA 916 76.67 -30.14 -9.07
N ILE BA 917 76.08 -31.33 -9.19
CA ILE BA 917 74.68 -31.55 -8.76
C ILE BA 917 74.67 -32.08 -7.33
N ASN BA 918 74.21 -31.26 -6.39
CA ASN BA 918 74.09 -31.57 -4.98
C ASN BA 918 72.65 -31.94 -4.62
N LYS BA 919 72.47 -32.94 -3.74
CA LYS BA 919 71.15 -33.51 -3.40
C LYS BA 919 70.89 -33.47 -1.90
N TYR BA 920 69.68 -33.15 -1.50
CA TYR BA 920 69.30 -32.86 -0.10
C TYR BA 920 67.82 -33.18 0.17
N THR BA 921 67.49 -33.37 1.44
CA THR BA 921 66.12 -33.67 1.91
C THR BA 921 65.23 -32.42 1.90
N GLY BA 922 63.92 -32.56 1.73
CA GLY BA 922 62.97 -31.47 1.93
C GLY BA 922 62.87 -30.96 3.39
N VAL BA 923 62.32 -29.76 3.58
CA VAL BA 923 62.06 -29.14 4.90
C VAL BA 923 60.69 -29.50 5.48
N ASN BA 924 60.36 -28.95 6.65
CA ASN BA 924 59.04 -29.07 7.30
C ASN BA 924 58.61 -30.53 7.50
N GLY BA 925 59.56 -31.38 7.90
CA GLY BA 925 59.34 -32.80 8.19
C GLY BA 925 59.28 -33.73 6.97
N ASN BA 926 59.49 -33.22 5.76
CA ASN BA 926 59.48 -34.03 4.54
C ASN BA 926 60.69 -34.98 4.42
N ASN BA 927 60.56 -36.05 3.64
CA ASN BA 927 61.59 -37.09 3.44
C ASN BA 927 61.98 -37.33 1.97
N GLN BA 928 61.46 -36.56 1.01
CA GLN BA 928 61.84 -36.65 -0.40
C GLN BA 928 63.19 -35.98 -0.69
N ILE BA 929 63.79 -36.32 -1.84
CA ILE BA 929 65.07 -35.78 -2.30
C ILE BA 929 64.84 -34.67 -3.32
N PHE BA 930 65.52 -33.54 -3.15
CA PHE BA 930 65.57 -32.41 -4.07
C PHE BA 930 67.01 -32.18 -4.55
N GLN BA 931 67.19 -31.56 -5.72
CA GLN BA 931 68.53 -31.32 -6.30
C GLN BA 931 68.77 -29.84 -6.62
N ALA BA 932 70.03 -29.42 -6.57
CA ALA BA 932 70.50 -28.17 -7.16
C ALA BA 932 71.76 -28.40 -8.00
N GLY BA 933 71.82 -27.79 -9.17
CA GLY BA 933 73.03 -27.69 -9.98
C GLY BA 933 73.79 -26.44 -9.59
N ASN BA 934 74.75 -26.56 -8.68
CA ASN BA 934 75.52 -25.41 -8.18
C ASN BA 934 76.71 -25.10 -9.09
N LEU BA 935 76.89 -23.83 -9.46
CA LEU BA 935 78.02 -23.32 -10.25
C LEU BA 935 79.34 -23.52 -9.52
N GLY BA 936 80.33 -24.12 -10.18
CA GLY BA 936 81.63 -24.47 -9.61
C GLY BA 936 82.82 -23.76 -10.25
N TYR BA 937 83.98 -24.42 -10.26
CA TYR BA 937 85.28 -23.89 -10.70
C TYR BA 937 85.91 -24.72 -11.82
N PHE BA 938 86.70 -24.07 -12.67
CA PHE BA 938 87.52 -24.73 -13.70
C PHE BA 938 88.82 -25.30 -13.11
N MET BA 939 89.23 -26.48 -13.56
CA MET BA 939 90.52 -27.07 -13.19
C MET BA 939 91.50 -27.07 -14.37
N GLY BA 940 92.77 -26.80 -14.11
CA GLY BA 940 93.87 -26.83 -15.08
C GLY BA 940 94.37 -25.43 -15.46
N ARG BA 941 95.66 -25.16 -15.29
CA ARG BA 941 96.24 -23.80 -15.48
C ARG BA 941 96.23 -23.32 -16.93
N GLY BA 942 96.09 -24.20 -17.92
CA GLY BA 942 96.04 -23.84 -19.33
C GLY BA 942 94.74 -23.24 -19.84
N VAL BA 943 93.64 -23.26 -19.06
CA VAL BA 943 92.30 -22.85 -19.52
C VAL BA 943 92.23 -21.39 -19.95
N ASP BA 944 92.50 -20.42 -19.08
CA ASP BA 944 92.55 -18.99 -19.46
C ASP BA 944 93.39 -18.18 -18.46
N ARG BA 945 94.22 -17.26 -18.94
CA ARG BA 945 95.07 -16.42 -18.09
C ARG BA 945 94.31 -15.59 -17.05
N ASN BA 946 93.05 -15.22 -17.28
CA ASN BA 946 92.25 -14.50 -16.27
C ASN BA 946 91.92 -15.35 -15.03
N LEU BA 947 91.98 -16.69 -15.14
CA LEU BA 947 91.76 -17.61 -14.03
C LEU BA 947 93.03 -17.87 -13.17
N LEU BA 948 94.21 -17.38 -13.58
CA LEU BA 948 95.49 -17.59 -12.88
C LEU BA 948 95.60 -16.74 -11.60
N GLN BA 949 95.65 -17.39 -10.44
CA GLN BA 949 96.01 -16.77 -9.15
C GLN BA 949 97.53 -16.60 -9.02
N SER BA 963 88.86 -18.21 -5.75
CA SER BA 963 88.25 -17.57 -4.58
C SER BA 963 86.86 -18.13 -4.27
N MET BA 964 86.47 -18.08 -2.99
CA MET BA 964 85.09 -18.31 -2.54
C MET BA 964 84.08 -17.39 -3.24
N ARG BA 965 84.43 -16.12 -3.46
CA ARG BA 965 83.47 -15.04 -3.71
C ARG BA 965 83.42 -14.47 -5.14
N LYS BA 966 84.25 -14.98 -6.06
CA LYS BA 966 84.13 -14.74 -7.51
C LYS BA 966 84.15 -16.04 -8.31
N LYS BA 967 83.17 -16.22 -9.20
CA LYS BA 967 83.06 -17.34 -10.14
C LYS BA 967 82.99 -16.84 -11.58
N PHE BA 968 83.41 -17.66 -12.54
CA PHE BA 968 83.49 -17.29 -13.96
C PHE BA 968 82.65 -18.20 -14.86
N VAL BA 969 82.11 -17.63 -15.93
CA VAL BA 969 81.45 -18.30 -17.06
C VAL BA 969 82.03 -17.75 -18.38
N PHE BA 970 82.29 -18.59 -19.39
CA PHE BA 970 82.59 -18.10 -20.74
C PHE BA 970 81.29 -17.82 -21.49
N ALA BA 971 81.13 -16.68 -22.15
CA ALA BA 971 79.93 -16.31 -22.92
C ALA BA 971 80.24 -15.67 -24.28
N THR BA 972 79.59 -16.13 -25.35
CA THR BA 972 79.61 -15.48 -26.69
C THR BA 972 78.18 -15.08 -27.08
N PRO BA 973 77.86 -13.82 -27.39
CA PRO BA 973 76.50 -13.41 -27.78
C PRO BA 973 76.04 -13.94 -29.15
N THR BA 974 74.73 -14.16 -29.34
CA THR BA 974 74.16 -14.55 -30.66
C THR BA 974 73.30 -13.48 -31.34
N LEU BA 975 72.69 -12.54 -30.59
CA LEU BA 975 72.02 -11.36 -31.19
C LEU BA 975 73.04 -10.49 -31.95
N GLY BA 976 72.75 -10.19 -33.22
CA GLY BA 976 73.65 -9.47 -34.12
C GLY BA 976 74.71 -10.33 -34.80
N LEU BA 977 74.74 -11.63 -34.53
CA LEU BA 977 75.56 -12.60 -35.25
C LEU BA 977 74.65 -13.50 -36.12
N THR BA 978 73.81 -14.32 -35.50
CA THR BA 978 72.93 -15.29 -36.19
C THR BA 978 71.43 -14.97 -36.01
N VAL BA 979 71.07 -14.10 -35.06
CA VAL BA 979 69.69 -13.66 -34.79
C VAL BA 979 69.61 -12.13 -34.86
N LYS BA 980 68.59 -11.58 -35.52
CA LYS BA 980 68.42 -10.13 -35.76
C LYS BA 980 67.82 -9.41 -34.54
N ARG BA 981 68.36 -8.24 -34.18
CA ARG BA 981 67.84 -7.37 -33.10
C ARG BA 981 66.47 -6.78 -33.46
N THR BA 988 56.88 9.83 -32.73
CA THR BA 988 55.89 10.91 -32.60
C THR BA 988 55.98 11.93 -33.74
N TYR BA 989 54.87 12.63 -34.01
CA TYR BA 989 54.90 13.88 -34.77
C TYR BA 989 55.46 15.04 -33.92
N GLU BA 990 56.09 16.03 -34.55
CA GLU BA 990 56.63 17.19 -33.81
C GLU BA 990 55.54 17.97 -33.03
N ILE BA 991 54.31 18.07 -33.56
CA ILE BA 991 53.18 18.67 -32.85
C ILE BA 991 52.79 17.92 -31.55
N GLU BA 992 53.09 16.63 -31.42
CA GLU BA 992 52.91 15.90 -30.16
C GLU BA 992 53.99 16.29 -29.13
N ASN BA 993 55.22 16.54 -29.57
CA ASN BA 993 56.32 16.95 -28.70
C ASN BA 993 56.16 18.40 -28.21
N ILE BA 994 55.72 19.34 -29.07
CA ILE BA 994 55.37 20.70 -28.63
C ILE BA 994 54.27 20.63 -27.55
N ARG BA 995 53.18 19.89 -27.81
CA ARG BA 995 52.06 19.68 -26.88
C ARG BA 995 52.49 19.07 -25.53
N ALA BA 996 53.30 18.01 -25.53
CA ALA BA 996 53.81 17.44 -24.29
C ALA BA 996 54.66 18.46 -23.48
N GLY BA 997 55.52 19.23 -24.14
CA GLY BA 997 56.33 20.26 -23.49
C GLY BA 997 55.53 21.41 -22.88
N LEU BA 998 54.42 21.82 -23.51
CA LEU BA 998 53.51 22.80 -22.91
C LEU BA 998 52.71 22.23 -21.73
N GLU BA 999 52.18 21.02 -21.80
CA GLU BA 999 51.52 20.42 -20.64
C GLU BA 999 52.48 20.23 -19.46
N ALA BA 1000 53.76 19.92 -19.73
CA ALA BA 1000 54.81 19.81 -18.71
C ALA BA 1000 55.14 21.14 -18.01
N ILE BA 1001 55.11 22.28 -18.72
CA ILE BA 1001 55.23 23.62 -18.11
C ILE BA 1001 54.00 23.95 -17.27
N ILE BA 1002 52.80 23.91 -17.86
CA ILE BA 1002 51.58 24.44 -17.21
C ILE BA 1002 51.24 23.63 -15.94
N SER BA 1003 51.45 22.31 -15.95
CA SER BA 1003 51.22 21.42 -14.79
C SER BA 1003 52.20 21.67 -13.63
N GLN BA 1004 53.30 22.38 -13.85
CA GLN BA 1004 54.33 22.66 -12.83
C GLN BA 1004 54.36 24.13 -12.39
N LYS BA 1005 54.03 25.09 -13.26
CA LYS BA 1005 54.14 26.53 -12.96
C LYS BA 1005 53.20 26.92 -11.81
N GLN BA 1006 53.76 27.43 -10.71
CA GLN BA 1006 53.06 27.80 -9.48
C GLN BA 1006 53.53 29.17 -8.98
N GLU BA 1007 52.62 29.90 -8.32
CA GLU BA 1007 52.85 31.23 -7.73
C GLU BA 1007 53.18 32.35 -8.75
N GLU BA 1008 53.06 32.10 -10.05
CA GLU BA 1008 53.22 33.07 -11.13
C GLU BA 1008 52.32 32.72 -12.34
N ASP BA 1009 51.86 33.71 -13.09
CA ASP BA 1009 51.05 33.50 -14.31
C ASP BA 1009 51.90 32.94 -15.48
N CYS BA 1010 51.44 31.89 -16.17
CA CYS BA 1010 52.28 31.10 -17.09
C CYS BA 1010 52.38 31.60 -18.55
N VAL BA 1011 51.61 32.61 -18.98
CA VAL BA 1011 51.44 32.93 -20.42
C VAL BA 1011 52.75 33.32 -21.11
N PHE BA 1012 53.63 34.10 -20.46
CA PHE BA 1012 54.92 34.47 -21.04
C PHE BA 1012 55.86 33.26 -21.22
N ASP BA 1013 55.86 32.29 -20.31
CA ASP BA 1013 56.67 31.07 -20.45
C ASP BA 1013 56.12 30.10 -21.53
N VAL BA 1014 54.81 30.07 -21.75
CA VAL BA 1014 54.19 29.34 -22.87
C VAL BA 1014 54.54 30.01 -24.20
N VAL BA 1015 54.39 31.33 -24.30
CA VAL BA 1015 54.74 32.10 -25.50
C VAL BA 1015 56.23 31.96 -25.87
N CYS BA 1016 57.14 31.98 -24.89
CA CYS BA 1016 58.57 31.78 -25.18
C CYS BA 1016 58.86 30.38 -25.74
N ASN BA 1017 58.22 29.34 -25.21
CA ASN BA 1017 58.36 27.98 -25.73
C ASN BA 1017 57.81 27.81 -27.16
N LEU BA 1018 56.69 28.46 -27.50
CA LEU BA 1018 56.18 28.50 -28.87
C LEU BA 1018 57.11 29.24 -29.82
N VAL BA 1019 57.58 30.44 -29.45
CA VAL BA 1019 58.51 31.23 -30.28
C VAL BA 1019 59.84 30.50 -30.48
N ASP BA 1020 60.32 29.75 -29.49
CA ASP BA 1020 61.47 28.85 -29.66
C ASP BA 1020 61.19 27.74 -30.70
N ALA BA 1021 60.11 26.98 -30.55
CA ALA BA 1021 59.85 25.79 -31.37
C ALA BA 1021 59.38 26.09 -32.80
N MET BA 1022 58.70 27.22 -33.04
CA MET BA 1022 58.10 27.58 -34.32
C MET BA 1022 58.66 28.85 -34.95
N GLY BA 1023 59.34 29.72 -34.20
CA GLY BA 1023 59.88 30.98 -34.72
C GLY BA 1023 58.83 31.88 -35.36
N GLU BA 1024 59.13 32.38 -36.55
CA GLU BA 1024 58.27 33.27 -37.33
C GLU BA 1024 56.88 32.68 -37.67
N ALA BA 1025 56.73 31.35 -37.69
CA ALA BA 1025 55.44 30.71 -37.91
C ALA BA 1025 54.42 30.96 -36.78
N CYS BA 1026 54.81 31.53 -35.63
CA CYS BA 1026 53.87 31.97 -34.60
C CYS BA 1026 52.99 33.16 -35.06
N ALA BA 1027 53.45 33.96 -36.03
CA ALA BA 1027 52.77 35.18 -36.49
C ALA BA 1027 51.35 34.93 -37.05
N SER BA 1028 51.07 33.70 -37.50
CA SER BA 1028 49.80 33.28 -38.10
C SER BA 1028 49.18 32.07 -37.39
N LEU BA 1029 49.56 31.78 -36.13
CA LEU BA 1029 49.00 30.67 -35.36
C LEU BA 1029 47.49 30.87 -35.17
N THR BA 1030 46.67 29.95 -35.68
CA THR BA 1030 45.21 30.02 -35.56
C THR BA 1030 44.73 29.49 -34.22
N ARG BA 1031 43.49 29.80 -33.81
CA ARG BA 1031 42.92 29.29 -32.55
C ARG BA 1031 42.76 27.77 -32.55
N ASP BA 1032 42.43 27.16 -33.68
CA ASP BA 1032 42.30 25.70 -33.79
C ASP BA 1032 43.65 24.98 -33.59
N ASP BA 1033 44.75 25.50 -34.14
CA ASP BA 1033 46.09 24.98 -33.86
C ASP BA 1033 46.51 25.25 -32.39
N ALA BA 1034 46.32 26.47 -31.88
CA ALA BA 1034 46.66 26.80 -30.49
C ALA BA 1034 45.93 25.91 -29.47
N GLU BA 1035 44.62 25.70 -29.62
CA GLU BA 1035 43.85 24.79 -28.77
C GLU BA 1035 44.36 23.34 -28.79
N TYR BA 1036 44.78 22.80 -29.94
CA TYR BA 1036 45.40 21.46 -29.99
C TYR BA 1036 46.73 21.40 -29.23
N LEU BA 1037 47.61 22.39 -29.41
CA LEU BA 1037 48.93 22.43 -28.76
C LEU BA 1037 48.83 22.59 -27.24
N LEU BA 1038 47.89 23.38 -26.73
CA LEU BA 1038 47.65 23.56 -25.30
C LEU BA 1038 47.02 22.34 -24.60
N GLY BA 1039 46.48 21.37 -25.34
CA GLY BA 1039 45.97 20.10 -24.81
C GLY BA 1039 44.88 20.25 -23.76
N ARG BA 1040 45.10 19.71 -22.56
CA ARG BA 1040 44.22 19.82 -21.37
C ARG BA 1040 43.92 21.27 -20.99
N PHE BA 1041 44.83 22.19 -21.25
CA PHE BA 1041 44.75 23.59 -20.84
C PHE BA 1041 44.29 24.51 -21.98
N SER BA 1042 43.52 24.02 -22.95
CA SER BA 1042 43.05 24.75 -24.14
C SER BA 1042 42.31 26.06 -23.83
N VAL BA 1043 41.81 26.24 -22.62
CA VAL BA 1043 41.21 27.50 -22.17
C VAL BA 1043 42.16 28.70 -22.31
N LEU BA 1044 43.48 28.48 -22.26
CA LEU BA 1044 44.52 29.53 -22.31
C LEU BA 1044 44.65 30.23 -23.69
N ALA BA 1045 44.09 29.65 -24.76
CA ALA BA 1045 44.37 30.03 -26.15
C ALA BA 1045 44.14 31.53 -26.47
N ASP BA 1046 43.05 32.15 -26.01
CA ASP BA 1046 42.79 33.58 -26.30
C ASP BA 1046 43.86 34.52 -25.75
N SER BA 1047 44.40 34.21 -24.57
CA SER BA 1047 45.45 35.03 -23.94
C SER BA 1047 46.82 34.83 -24.61
N VAL BA 1048 47.11 33.62 -25.09
CA VAL BA 1048 48.30 33.33 -25.93
C VAL BA 1048 48.24 34.08 -27.26
N LEU BA 1049 47.11 34.03 -27.97
CA LEU BA 1049 46.98 34.71 -29.27
C LEU BA 1049 47.04 36.24 -29.16
N GLU BA 1050 46.40 36.83 -28.13
CA GLU BA 1050 46.58 38.26 -27.84
C GLU BA 1050 48.04 38.61 -27.55
N THR BA 1051 48.76 37.77 -26.78
CA THR BA 1051 50.19 37.97 -26.49
C THR BA 1051 51.07 37.87 -27.76
N LEU BA 1052 50.85 36.89 -28.64
CA LEU BA 1052 51.61 36.75 -29.89
C LEU BA 1052 51.40 37.92 -30.86
N ALA BA 1053 50.20 38.49 -30.94
CA ALA BA 1053 49.94 39.73 -31.69
C ALA BA 1053 50.78 40.94 -31.17
N THR BA 1054 51.05 41.05 -29.87
CA THR BA 1054 51.92 42.13 -29.36
C THR BA 1054 53.39 41.97 -29.79
N ILE BA 1055 53.90 40.74 -29.95
CA ILE BA 1055 55.24 40.48 -30.49
C ILE BA 1055 55.27 40.80 -31.99
N ALA BA 1056 54.29 40.31 -32.75
CA ALA BA 1056 54.14 40.58 -34.18
C ALA BA 1056 54.11 42.07 -34.53
N SER BA 1057 53.26 42.86 -33.86
CA SER BA 1057 53.05 44.29 -34.14
C SER BA 1057 54.13 45.22 -33.58
N SER BA 1058 54.89 44.81 -32.57
CA SER BA 1058 55.99 45.62 -32.02
C SER BA 1058 57.31 45.51 -32.80
N GLY BA 1059 57.39 44.63 -33.80
CA GLY BA 1059 58.48 44.60 -34.79
C GLY BA 1059 59.82 44.03 -34.29
N ILE BA 1060 59.88 43.45 -33.10
CA ILE BA 1060 61.03 42.66 -32.65
C ILE BA 1060 61.16 41.36 -33.44
N GLU BA 1061 62.37 40.78 -33.47
CA GLU BA 1061 62.62 39.49 -34.12
C GLU BA 1061 61.94 38.32 -33.37
N TRP BA 1062 61.52 37.28 -34.10
CA TRP BA 1062 60.93 36.06 -33.54
C TRP BA 1062 61.97 35.13 -32.94
N THR BA 1063 62.48 35.48 -31.76
CA THR BA 1063 63.39 34.63 -30.97
C THR BA 1063 63.09 34.76 -29.47
N ALA BA 1064 63.35 33.70 -28.70
CA ALA BA 1064 63.03 33.63 -27.28
C ALA BA 1064 63.69 34.75 -26.42
N GLU BA 1065 64.90 35.19 -26.79
CA GLU BA 1065 65.61 36.28 -26.11
C GLU BA 1065 64.92 37.64 -26.34
N ALA BA 1066 64.58 37.96 -27.59
CA ALA BA 1066 63.88 39.19 -27.95
C ALA BA 1066 62.44 39.22 -27.39
N ALA BA 1067 61.77 38.07 -27.33
CA ALA BA 1067 60.43 37.95 -26.76
C ALA BA 1067 60.40 38.38 -25.28
N ARG BA 1068 61.33 37.87 -24.46
CA ARG BA 1068 61.47 38.31 -23.06
C ARG BA 1068 61.86 39.78 -22.93
N ASP BA 1069 62.83 40.26 -23.73
CA ASP BA 1069 63.24 41.67 -23.72
C ASP BA 1069 62.08 42.65 -23.99
N PHE BA 1070 61.12 42.29 -24.86
CA PHE BA 1070 59.90 43.07 -25.03
C PHE BA 1070 58.91 42.88 -23.88
N LEU BA 1071 58.49 41.64 -23.58
CA LEU BA 1071 57.40 41.36 -22.63
C LEU BA 1071 57.69 41.83 -21.20
N GLU BA 1072 58.91 41.58 -20.70
CA GLU BA 1072 59.31 41.91 -19.32
C GLU BA 1072 59.61 43.41 -19.12
N GLY BA 1073 59.76 44.19 -20.19
CA GLY BA 1073 59.76 45.66 -20.17
C GLY BA 1073 58.36 46.26 -20.27
N VAL BA 1074 57.54 45.74 -21.20
CA VAL BA 1074 56.11 46.03 -21.33
C VAL BA 1074 55.32 45.31 -20.22
N ASP BA 1083 47.62 43.37 -6.42
CA ASP BA 1083 46.20 43.59 -6.71
C ASP BA 1083 45.34 43.44 -5.44
N ASN BA 1084 44.07 43.87 -5.48
CA ASN BA 1084 43.14 43.87 -4.35
C ASN BA 1084 42.58 42.46 -4.04
N PHE BA 1085 43.45 41.50 -3.72
CA PHE BA 1085 43.03 40.14 -3.33
C PHE BA 1085 42.38 40.11 -1.94
N ILE BA 1086 41.08 39.82 -1.87
CA ILE BA 1086 40.38 39.47 -0.62
C ILE BA 1086 40.47 37.96 -0.37
N SER BA 1087 40.60 37.55 0.89
CA SER BA 1087 40.56 36.14 1.30
C SER BA 1087 39.12 35.63 1.47
N VAL BA 1088 38.88 34.34 1.24
CA VAL BA 1088 37.54 33.72 1.21
C VAL BA 1088 37.47 32.51 2.16
N ALA BA 1089 36.35 32.34 2.86
CA ALA BA 1089 36.16 31.35 3.93
C ALA BA 1089 36.45 29.91 3.50
N ASP DA 9 107.87 -35.40 59.89
CA ASP DA 9 107.21 -35.98 61.06
C ASP DA 9 105.70 -35.73 61.06
N ASN DA 10 104.93 -36.45 61.89
CA ASN DA 10 103.46 -36.41 61.87
C ASN DA 10 102.81 -36.66 63.25
N LEU DA 11 101.54 -36.27 63.38
CA LEU DA 11 100.76 -36.40 64.64
C LEU DA 11 100.62 -37.84 65.13
N GLY DA 12 100.67 -38.84 64.25
CA GLY DA 12 100.65 -40.26 64.61
C GLY DA 12 101.91 -40.69 65.35
N SER DA 13 103.08 -40.44 64.75
CA SER DA 13 104.40 -40.69 65.34
C SER DA 13 104.58 -40.03 66.70
N GLN DA 14 104.03 -38.82 66.88
CA GLN DA 14 104.13 -38.03 68.11
C GLN DA 14 103.19 -38.45 69.25
N SER DA 15 102.14 -39.23 68.97
CA SER DA 15 101.17 -39.67 69.99
C SER DA 15 101.76 -40.71 70.97
N GLN DA 16 101.36 -40.68 72.24
CA GLN DA 16 101.87 -41.53 73.31
C GLN DA 16 101.13 -42.88 73.45
N PRO DA 17 101.80 -43.94 73.97
CA PRO DA 17 101.16 -45.15 74.49
C PRO DA 17 99.99 -44.91 75.45
N GLY DA 18 99.00 -45.80 75.46
CA GLY DA 18 97.86 -45.76 76.37
C GLY DA 18 96.86 -46.90 76.18
N PRO DA 19 95.76 -46.91 76.96
CA PRO DA 19 94.69 -47.92 76.89
C PRO DA 19 93.80 -47.76 75.64
N CYS DA 20 92.92 -48.75 75.40
CA CYS DA 20 91.98 -48.77 74.27
C CYS DA 20 90.75 -47.84 74.47
N GLY DA 21 90.47 -47.42 75.70
CA GLY DA 21 89.39 -46.53 76.11
C GLY DA 21 89.40 -46.26 77.63
N TYR DA 22 88.41 -45.53 78.13
CA TYR DA 22 88.20 -45.25 79.56
C TYR DA 22 86.73 -45.34 79.96
N ILE DA 23 86.47 -45.78 81.20
CA ILE DA 23 85.20 -45.52 81.89
C ILE DA 23 85.38 -44.27 82.78
N TYR DA 24 84.57 -43.24 82.60
CA TYR DA 24 84.51 -42.06 83.48
C TYR DA 24 83.37 -42.20 84.50
N PHE DA 25 83.64 -41.86 85.76
CA PHE DA 25 82.65 -41.77 86.84
C PHE DA 25 82.53 -40.31 87.34
N TYR DA 26 81.35 -39.71 87.26
CA TYR DA 26 81.08 -38.33 87.69
C TYR DA 26 80.18 -38.25 88.93
N PRO DA 27 80.48 -37.45 89.96
CA PRO DA 27 79.66 -37.35 91.17
C PRO DA 27 78.32 -36.65 90.94
N LEU DA 28 77.22 -37.32 91.25
CA LEU DA 28 75.87 -36.79 91.05
C LEU DA 28 75.55 -35.55 91.89
N ALA DA 29 76.17 -35.36 93.05
CA ALA DA 29 75.94 -34.20 93.92
C ALA DA 29 76.37 -32.86 93.31
N THR DA 30 77.37 -32.84 92.41
CA THR DA 30 77.96 -31.61 91.86
C THR DA 30 77.97 -31.50 90.33
N TYR DA 31 77.80 -32.59 89.57
CA TYR DA 31 77.86 -32.58 88.11
C TYR DA 31 76.70 -31.80 87.46
N PRO DA 32 76.90 -30.98 86.41
CA PRO DA 32 75.87 -30.12 85.81
C PRO DA 32 74.92 -30.88 84.86
N LEU DA 33 74.01 -31.69 85.42
CA LEU DA 33 73.11 -32.58 84.70
C LEU DA 33 72.19 -31.89 83.66
N ARG DA 34 71.68 -30.68 83.93
CA ARG DA 34 70.82 -29.96 82.97
C ARG DA 34 71.60 -29.39 81.78
N GLU DA 35 72.86 -29.00 81.96
CA GLU DA 35 73.71 -28.59 80.83
C GLU DA 35 73.98 -29.76 79.88
N VAL DA 36 74.47 -30.91 80.35
CA VAL DA 36 74.73 -32.05 79.45
C VAL DA 36 73.48 -32.54 78.74
N ALA DA 37 72.30 -32.49 79.39
CA ALA DA 37 71.05 -32.87 78.75
C ALA DA 37 70.72 -32.03 77.50
N THR DA 38 71.09 -30.74 77.44
CA THR DA 38 70.87 -29.92 76.23
C THR DA 38 71.74 -30.33 75.04
N LEU DA 39 72.88 -30.98 75.28
CA LEU DA 39 73.75 -31.53 74.23
C LEU DA 39 73.50 -33.03 73.97
N GLY DA 40 72.60 -33.69 74.71
CA GLY DA 40 72.37 -35.14 74.66
C GLY DA 40 71.26 -35.62 73.73
N THR DA 41 71.11 -36.94 73.64
CA THR DA 41 70.06 -37.66 72.87
C THR DA 41 69.06 -38.39 73.75
N GLY DA 42 68.73 -37.86 74.92
CA GLY DA 42 67.83 -38.50 75.88
C GLY DA 42 66.34 -38.47 75.48
N TYR DA 43 65.68 -39.62 75.51
CA TYR DA 43 64.23 -39.76 75.36
C TYR DA 43 63.57 -40.15 76.69
N ALA DA 44 62.27 -39.99 76.86
CA ALA DA 44 61.57 -40.37 78.10
C ALA DA 44 61.57 -41.88 78.31
N GLY DA 45 62.09 -42.36 79.43
CA GLY DA 45 62.24 -43.78 79.76
C GLY DA 45 63.56 -44.45 79.34
N HIS DA 46 64.55 -43.68 78.84
CA HIS DA 46 65.84 -44.21 78.38
C HIS DA 46 66.63 -44.96 79.47
N ARG DA 47 67.46 -45.90 79.04
CA ARG DA 47 68.42 -46.65 79.89
C ARG DA 47 69.87 -46.35 79.47
N CYS DA 48 70.07 -45.74 78.30
CA CYS DA 48 71.33 -45.25 77.79
C CYS DA 48 71.11 -44.01 76.88
N LEU DA 49 72.12 -43.13 76.74
CA LEU DA 49 72.13 -42.01 75.79
C LEU DA 49 73.55 -41.59 75.38
N THR DA 50 73.65 -40.85 74.29
CA THR DA 50 74.90 -40.26 73.79
C THR DA 50 74.99 -38.77 74.08
N VAL DA 51 76.22 -38.33 74.33
CA VAL DA 51 76.66 -36.95 74.55
C VAL DA 51 77.98 -36.73 73.79
N PRO DA 52 78.36 -35.48 73.45
CA PRO DA 52 79.65 -35.20 72.80
C PRO DA 52 80.86 -35.34 73.74
N LEU DA 53 82.04 -35.70 73.22
CA LEU DA 53 83.32 -35.59 73.92
C LEU DA 53 83.82 -34.12 73.94
N LEU DA 54 83.85 -33.49 75.11
CA LEU DA 54 84.24 -32.08 75.32
C LEU DA 54 85.11 -31.90 76.57
N CYS DA 55 86.24 -31.19 76.44
CA CYS DA 55 87.11 -30.84 77.56
C CYS DA 55 86.42 -29.86 78.50
N GLY DA 56 86.32 -30.21 79.79
CA GLY DA 56 85.70 -29.39 80.82
C GLY DA 56 84.22 -29.68 81.11
N ILE DA 57 83.60 -30.66 80.44
CA ILE DA 57 82.27 -31.15 80.81
C ILE DA 57 82.09 -32.66 80.70
N THR DA 58 82.71 -33.35 79.74
CA THR DA 58 82.65 -34.83 79.64
C THR DA 58 84.02 -35.49 79.75
N VAL DA 59 85.12 -34.82 79.44
CA VAL DA 59 86.50 -35.25 79.75
C VAL DA 59 87.30 -34.12 80.41
N GLU DA 60 88.40 -34.42 81.09
CA GLU DA 60 89.22 -33.41 81.76
C GLU DA 60 89.99 -32.53 80.75
N PRO DA 61 90.32 -31.28 81.08
CA PRO DA 61 91.18 -30.44 80.26
C PRO DA 61 92.52 -31.13 79.91
N GLY DA 62 92.96 -30.99 78.67
CA GLY DA 62 94.20 -31.60 78.19
C GLY DA 62 94.10 -33.07 77.77
N PHE DA 63 92.88 -33.61 77.61
CA PHE DA 63 92.65 -34.95 77.08
C PHE DA 63 93.32 -35.13 75.70
N SER DA 64 94.09 -36.20 75.53
CA SER DA 64 94.71 -36.55 74.25
C SER DA 64 93.73 -37.29 73.34
N ILE DA 65 93.27 -36.68 72.25
CA ILE DA 65 92.39 -37.35 71.28
C ILE DA 65 93.13 -38.36 70.37
N ASN DA 66 94.45 -38.28 70.23
CA ASN DA 66 95.29 -39.23 69.48
C ASN DA 66 96.13 -40.08 70.44
N VAL DA 67 96.24 -41.38 70.22
CA VAL DA 67 96.98 -42.32 71.08
C VAL DA 67 97.61 -43.47 70.29
N LYS DA 68 98.65 -44.09 70.85
CA LYS DA 68 99.06 -45.45 70.50
C LYS DA 68 98.42 -46.43 71.49
N ALA DA 69 97.43 -47.20 71.07
CA ALA DA 69 96.71 -48.13 71.93
C ALA DA 69 97.47 -49.47 72.07
N LEU DA 70 97.77 -49.91 73.28
CA LEU DA 70 98.32 -51.24 73.56
C LEU DA 70 97.20 -52.28 73.50
N HIS DA 71 97.15 -53.08 72.42
CA HIS DA 71 96.00 -53.94 72.14
C HIS DA 71 96.28 -55.45 72.11
N ARG DA 72 97.53 -55.87 71.95
CA ARG DA 72 97.92 -57.28 71.92
C ARG DA 72 99.27 -57.52 72.58
N ARG DA 73 99.39 -58.54 73.44
CA ARG DA 73 100.69 -59.08 73.87
C ARG DA 73 100.89 -60.48 73.26
N PRO DA 74 101.71 -60.64 72.21
CA PRO DA 74 101.97 -61.96 71.58
C PRO DA 74 102.54 -62.99 72.55
N ASP DA 75 103.31 -62.53 73.52
CA ASP DA 75 103.71 -63.24 74.75
C ASP DA 75 103.83 -62.21 75.88
N PRO DA 76 103.89 -62.63 77.16
CA PRO DA 76 103.98 -61.72 78.32
C PRO DA 76 105.08 -60.65 78.32
N ASN DA 77 106.05 -60.71 77.40
CA ASN DA 77 107.23 -59.85 77.35
C ASN DA 77 107.29 -58.94 76.10
N CYS DA 78 106.26 -58.93 75.24
CA CYS DA 78 106.19 -58.05 74.08
C CYS DA 78 104.81 -57.39 73.94
N GLY DA 79 104.77 -56.09 73.65
CA GLY DA 79 103.53 -55.35 73.34
C GLY DA 79 103.44 -54.91 71.88
N LEU DA 80 102.24 -54.87 71.33
CA LEU DA 80 101.95 -54.28 70.02
C LEU DA 80 101.10 -53.01 70.15
N LEU DA 81 101.44 -51.97 69.37
CA LEU DA 81 100.81 -50.65 69.39
C LEU DA 81 100.07 -50.33 68.08
N ARG DA 82 98.82 -49.86 68.19
CA ARG DA 82 97.99 -49.35 67.08
C ARG DA 82 97.76 -47.85 67.25
N ALA DA 83 98.10 -47.03 66.27
CA ALA DA 83 97.84 -45.59 66.29
C ALA DA 83 96.38 -45.30 65.90
N THR DA 84 95.62 -44.60 66.75
CA THR DA 84 94.20 -44.30 66.55
C THR DA 84 93.80 -43.01 67.23
N SER DA 85 92.86 -42.28 66.64
CA SER DA 85 92.10 -41.24 67.34
C SER DA 85 90.92 -41.81 68.12
N TYR DA 86 90.38 -41.02 69.04
CA TYR DA 86 89.14 -41.30 69.76
C TYR DA 86 87.88 -41.26 68.88
N HIS DA 87 86.85 -42.00 69.28
CA HIS DA 87 85.51 -41.81 68.77
C HIS DA 87 84.88 -40.54 69.33
N ARG DA 88 84.18 -39.81 68.47
CA ARG DA 88 83.57 -38.49 68.73
C ARG DA 88 82.47 -38.46 69.82
N ASP DA 89 81.67 -39.53 69.95
CA ASP DA 89 80.58 -39.63 70.94
C ASP DA 89 81.00 -40.39 72.21
N ILE DA 90 80.47 -39.98 73.35
CA ILE DA 90 80.52 -40.67 74.65
C ILE DA 90 79.16 -41.30 74.96
N TYR DA 91 79.16 -42.55 75.44
CA TYR DA 91 77.97 -43.33 75.77
C TYR DA 91 77.75 -43.40 77.29
N VAL DA 92 76.64 -42.83 77.78
CA VAL DA 92 76.28 -42.73 79.21
C VAL DA 92 75.35 -43.87 79.61
N PHE DA 93 75.82 -44.83 80.41
CA PHE DA 93 75.19 -46.15 80.58
C PHE DA 93 74.81 -46.54 82.03
N HIS DA 94 75.39 -45.94 83.06
CA HIS DA 94 75.12 -46.23 84.48
C HIS DA 94 74.49 -45.02 85.19
N ASN DA 95 73.34 -45.19 85.84
CA ASN DA 95 72.47 -44.14 86.40
C ASN DA 95 71.96 -43.11 85.36
N ALA DA 96 71.84 -43.50 84.08
CA ALA DA 96 71.45 -42.63 82.97
C ALA DA 96 70.07 -41.94 83.14
N HIS DA 97 69.16 -42.50 83.94
CA HIS DA 97 67.88 -41.92 84.33
C HIS DA 97 68.02 -40.55 85.03
N MET DA 98 69.18 -40.23 85.60
CA MET DA 98 69.50 -38.95 86.21
C MET DA 98 69.72 -37.81 85.21
N VAL DA 99 69.97 -38.08 83.93
CA VAL DA 99 70.11 -37.05 82.89
C VAL DA 99 68.74 -36.76 82.26
N PRO DA 100 68.20 -35.53 82.30
CA PRO DA 100 66.93 -35.19 81.66
C PRO DA 100 66.85 -35.51 80.16
N PRO DA 101 65.67 -35.86 79.61
CA PRO DA 101 65.49 -36.03 78.18
C PRO DA 101 65.55 -34.71 77.40
N ILE DA 102 65.93 -34.75 76.12
CA ILE DA 102 65.91 -33.61 75.20
C ILE DA 102 64.49 -33.34 74.64
N PHE DA 103 63.62 -34.35 74.61
CA PHE DA 103 62.25 -34.32 74.08
C PHE DA 103 61.27 -35.04 75.01
N GLU DA 104 60.12 -34.45 75.29
CA GLU DA 104 59.19 -34.95 76.33
C GLU DA 104 58.17 -35.98 75.83
N GLY DA 105 57.97 -36.13 74.53
CA GLY DA 105 56.93 -37.01 73.98
C GLY DA 105 57.15 -38.49 74.33
N PRO DA 106 56.13 -39.22 74.83
CA PRO DA 106 56.22 -40.63 75.19
C PRO DA 106 56.12 -41.61 74.01
N GLY DA 107 56.47 -42.88 74.24
CA GLY DA 107 56.19 -44.01 73.34
C GLY DA 107 57.17 -44.26 72.18
N LEU DA 108 58.36 -43.64 72.17
CA LEU DA 108 59.25 -43.68 71.00
C LEU DA 108 59.92 -45.05 70.79
N GLU DA 109 60.20 -45.77 71.86
CA GLU DA 109 60.92 -47.05 71.80
C GLU DA 109 60.13 -48.16 71.08
N ALA DA 110 58.83 -48.26 71.36
CA ALA DA 110 57.89 -49.16 70.68
C ALA DA 110 57.63 -48.76 69.22
N LEU DA 111 57.48 -47.46 68.94
CA LEU DA 111 57.34 -46.95 67.57
C LEU DA 111 58.56 -47.30 66.69
N CYS DA 112 59.76 -47.12 67.22
CA CYS DA 112 61.00 -47.52 66.55
C CYS DA 112 61.06 -49.04 66.30
N GLY DA 113 60.64 -49.85 67.27
CA GLY DA 113 60.66 -51.31 67.18
C GLY DA 113 59.71 -51.87 66.12
N GLU DA 114 58.50 -51.33 66.08
CA GLU DA 114 57.48 -51.66 65.06
C GLU DA 114 57.94 -51.28 63.65
N THR DA 115 58.50 -50.08 63.47
CA THR DA 115 58.90 -49.55 62.16
C THR DA 115 60.14 -50.25 61.60
N ARG DA 116 61.09 -50.63 62.46
CA ARG DA 116 62.28 -51.43 62.09
C ARG DA 116 61.89 -52.77 61.47
N GLU DA 117 60.83 -53.40 61.98
CA GLU DA 117 60.37 -54.70 61.49
C GLU DA 117 59.70 -54.60 60.11
N VAL DA 118 58.85 -53.60 59.84
CA VAL DA 118 58.21 -53.45 58.51
C VAL DA 118 59.19 -53.12 57.40
N PHE DA 119 60.28 -52.41 57.68
CA PHE DA 119 61.38 -52.19 56.73
C PHE DA 119 62.37 -53.38 56.62
N GLY DA 120 62.18 -54.44 57.41
CA GLY DA 120 63.01 -55.65 57.37
C GLY DA 120 64.39 -55.51 58.02
N TYR DA 121 64.60 -54.55 58.92
CA TYR DA 121 65.88 -54.30 59.57
C TYR DA 121 66.12 -55.15 60.82
N ASP DA 122 67.39 -55.50 61.01
CA ASP DA 122 67.94 -56.30 62.11
C ASP DA 122 67.95 -55.55 63.48
N ALA DA 123 67.25 -56.07 64.49
CA ALA DA 123 67.28 -55.56 65.87
C ALA DA 123 68.52 -56.06 66.66
N TYR DA 124 68.93 -55.35 67.71
CA TYR DA 124 70.05 -55.81 68.55
C TYR DA 124 69.72 -57.13 69.24
N SER DA 125 70.58 -58.14 69.09
CA SER DA 125 70.46 -59.42 69.81
C SER DA 125 71.50 -59.48 70.92
N ALA DA 126 71.03 -59.57 72.17
CA ALA DA 126 71.87 -59.61 73.37
C ALA DA 126 72.70 -60.90 73.48
N LEU DA 127 73.90 -60.79 74.07
CA LEU DA 127 74.69 -61.95 74.47
C LEU DA 127 73.94 -62.80 75.52
N PRO DA 128 74.25 -64.10 75.68
CA PRO DA 128 73.61 -64.95 76.69
C PRO DA 128 74.04 -64.68 78.15
N ARG DA 129 75.17 -64.00 78.39
CA ARG DA 129 75.56 -63.51 79.73
C ARG DA 129 74.70 -62.35 80.25
N GLU DA 130 74.69 -62.12 81.56
CA GLU DA 130 74.27 -60.84 82.13
C GLU DA 130 75.26 -59.70 81.85
N SER DA 131 74.79 -58.44 81.90
CA SER DA 131 75.64 -57.25 82.05
C SER DA 131 76.58 -57.32 83.27
N SER DA 132 77.79 -56.74 83.15
CA SER DA 132 78.74 -56.61 84.24
C SER DA 132 78.12 -55.88 85.44
N LYS DA 133 78.19 -56.48 86.62
CA LYS DA 133 77.75 -55.87 87.88
C LYS DA 133 78.67 -54.71 88.28
N PRO DA 134 78.17 -53.64 88.92
CA PRO DA 134 78.97 -52.48 89.31
C PRO DA 134 80.29 -52.81 90.01
N GLY DA 135 80.28 -53.70 91.01
CA GLY DA 135 81.47 -54.14 91.74
C GLY DA 135 82.60 -54.74 90.88
N ASP DA 136 82.32 -55.15 89.65
CA ASP DA 136 83.32 -55.64 88.70
C ASP DA 136 84.11 -54.53 88.00
N PHE DA 137 83.54 -53.33 87.80
CA PHE DA 137 84.17 -52.25 87.03
C PHE DA 137 84.37 -50.93 87.79
N PHE DA 138 83.67 -50.72 88.91
CA PHE DA 138 83.90 -49.58 89.80
C PHE DA 138 85.26 -49.66 90.51
N PRO DA 139 85.96 -48.52 90.69
CA PRO DA 139 87.08 -48.40 91.64
C PRO DA 139 86.73 -48.86 93.07
N GLU DA 140 87.74 -49.19 93.86
CA GLU DA 140 87.60 -49.54 95.28
C GLU DA 140 86.95 -48.42 96.12
N GLY DA 141 85.90 -48.76 96.87
CA GLY DA 141 85.27 -47.90 97.88
C GLY DA 141 84.23 -46.90 97.39
N LEU DA 142 84.20 -46.53 96.09
CA LEU DA 142 83.14 -45.67 95.55
C LEU DA 142 81.78 -46.38 95.56
N ASP DA 143 80.75 -45.67 95.99
CA ASP DA 143 79.36 -46.11 96.01
C ASP DA 143 78.71 -46.01 94.61
N PRO DA 144 78.26 -47.13 93.99
CA PRO DA 144 77.61 -47.10 92.68
C PRO DA 144 76.36 -46.20 92.60
N SER DA 145 75.65 -45.97 93.70
CA SER DA 145 74.47 -45.11 93.74
C SER DA 145 74.79 -43.61 93.67
N ALA DA 146 76.04 -43.21 93.96
CA ALA DA 146 76.47 -41.81 94.04
C ALA DA 146 77.04 -41.23 92.73
N TYR DA 147 77.25 -42.05 91.71
CA TYR DA 147 77.97 -41.67 90.48
C TYR DA 147 77.21 -41.94 89.19
N LEU DA 148 77.48 -41.15 88.16
CA LEU DA 148 77.04 -41.34 86.76
C LEU DA 148 78.19 -42.00 85.98
N GLY DA 149 77.93 -43.06 85.21
CA GLY DA 149 78.97 -43.81 84.46
C GLY DA 149 78.85 -43.74 82.93
N ALA DA 150 79.96 -43.46 82.25
CA ALA DA 150 80.00 -43.30 80.79
C ALA DA 150 81.33 -43.80 80.18
N VAL DA 151 81.32 -44.27 78.92
CA VAL DA 151 82.49 -44.77 78.18
C VAL DA 151 82.97 -43.79 77.12
N ALA DA 152 84.28 -43.53 77.09
CA ALA DA 152 85.01 -42.93 75.97
C ALA DA 152 85.84 -44.02 75.28
N ILE DA 153 85.80 -44.14 73.96
CA ILE DA 153 86.34 -45.29 73.22
C ILE DA 153 87.15 -44.88 72.00
N THR DA 154 88.22 -45.59 71.69
CA THR DA 154 89.00 -45.34 70.48
C THR DA 154 88.31 -45.87 69.23
N GLU DA 155 88.48 -45.17 68.10
CA GLU DA 155 87.76 -45.46 66.86
C GLU DA 155 88.06 -46.85 66.28
N ALA DA 156 89.26 -47.39 66.53
CA ALA DA 156 89.69 -48.72 66.08
C ALA DA 156 89.15 -49.91 66.92
N PHE DA 157 88.74 -49.70 68.17
CA PHE DA 157 88.32 -50.74 69.12
C PHE DA 157 86.85 -50.61 69.59
N LYS DA 158 86.03 -49.75 68.97
CA LYS DA 158 84.60 -49.59 69.31
C LYS DA 158 83.73 -50.82 68.97
N GLU DA 159 84.05 -51.63 67.97
CA GLU DA 159 83.33 -52.90 67.77
C GLU DA 159 83.65 -53.92 68.88
N ARG DA 160 84.87 -53.91 69.42
CA ARG DA 160 85.25 -54.73 70.59
C ARG DA 160 84.47 -54.33 71.85
N LEU DA 161 84.19 -53.03 72.04
CA LEU DA 161 83.29 -52.55 73.10
C LEU DA 161 81.87 -53.11 72.93
N TYR DA 162 81.31 -52.99 71.72
CA TYR DA 162 80.01 -53.55 71.34
C TYR DA 162 79.92 -55.06 71.61
N SER DA 163 80.95 -55.83 71.25
CA SER DA 163 80.96 -57.29 71.31
C SER DA 163 81.37 -57.88 72.68
N GLY DA 164 81.68 -57.05 73.68
CA GLY DA 164 82.00 -57.51 75.04
C GLY DA 164 83.42 -58.07 75.21
N ASN DA 165 84.37 -57.65 74.37
CA ASN DA 165 85.74 -58.16 74.31
C ASN DA 165 86.80 -57.23 74.96
N LEU DA 166 86.42 -56.14 75.61
CA LEU DA 166 87.33 -55.33 76.43
C LEU DA 166 87.35 -55.78 77.90
N VAL DA 167 88.43 -55.48 78.60
CA VAL DA 167 88.64 -55.72 80.03
C VAL DA 167 88.84 -54.38 80.75
N ALA DA 168 88.11 -54.12 81.83
CA ALA DA 168 88.34 -52.98 82.72
C ALA DA 168 89.30 -53.37 83.87
N ILE DA 169 90.20 -52.46 84.26
CA ILE DA 169 91.19 -52.71 85.33
C ILE DA 169 91.08 -51.67 86.45
N PRO DA 170 90.11 -51.81 87.39
CA PRO DA 170 89.85 -50.85 88.46
C PRO DA 170 91.05 -50.44 89.33
N SER DA 171 92.07 -51.28 89.50
CA SER DA 171 93.26 -50.92 90.31
C SER DA 171 94.07 -49.79 89.68
N LEU DA 172 94.01 -49.62 88.36
CA LEU DA 172 94.68 -48.55 87.62
C LEU DA 172 93.88 -47.24 87.56
N LYS DA 173 92.95 -46.99 88.51
CA LYS DA 173 92.18 -45.74 88.57
C LYS DA 173 93.06 -44.48 88.57
N GLN DA 174 92.54 -43.41 88.00
CA GLN DA 174 93.14 -42.07 88.04
C GLN DA 174 92.08 -41.04 88.42
N GLU DA 175 92.43 -40.10 89.29
CA GLU DA 175 91.52 -39.04 89.73
C GLU DA 175 91.73 -37.78 88.88
N VAL DA 176 90.64 -37.22 88.34
CA VAL DA 176 90.64 -36.17 87.32
C VAL DA 176 89.56 -35.13 87.60
N ALA DA 177 89.86 -33.85 87.34
CA ALA DA 177 88.89 -32.76 87.49
C ALA DA 177 88.15 -32.53 86.16
N VAL DA 178 86.82 -32.63 86.17
CA VAL DA 178 85.98 -32.40 84.97
C VAL DA 178 85.08 -31.19 85.23
N GLY DA 179 85.52 -30.02 84.76
CA GLY DA 179 84.98 -28.73 85.21
C GLY DA 179 85.21 -28.54 86.70
N GLN DA 180 84.17 -28.32 87.49
CA GLN DA 180 84.26 -28.28 88.96
C GLN DA 180 84.34 -29.66 89.61
N SER DA 181 83.81 -30.71 88.96
CA SER DA 181 83.53 -31.99 89.63
C SER DA 181 84.76 -32.89 89.76
N ALA DA 182 85.01 -33.37 90.98
CA ALA DA 182 86.04 -34.37 91.29
C ALA DA 182 85.63 -35.75 90.74
N SER DA 183 86.15 -36.14 89.59
CA SER DA 183 85.77 -37.37 88.88
C SER DA 183 86.85 -38.44 88.94
N VAL DA 184 86.55 -39.66 88.48
CA VAL DA 184 87.50 -40.77 88.42
C VAL DA 184 87.45 -41.42 87.05
N ARG DA 185 88.55 -41.94 86.51
CA ARG DA 185 88.54 -42.81 85.33
C ARG DA 185 89.27 -44.13 85.54
N VAL DA 186 88.79 -45.19 84.89
CA VAL DA 186 89.36 -46.55 84.85
C VAL DA 186 89.69 -46.92 83.41
N PRO DA 187 90.87 -47.48 83.10
CA PRO DA 187 91.23 -47.83 81.72
C PRO DA 187 90.54 -49.12 81.21
N LEU DA 188 90.37 -49.22 79.89
CA LEU DA 188 89.91 -50.40 79.15
C LEU DA 188 91.00 -50.97 78.24
N TYR DA 189 91.25 -52.28 78.26
CA TYR DA 189 92.20 -52.97 77.39
C TYR DA 189 91.53 -54.13 76.62
N ASP DA 190 91.90 -54.38 75.36
CA ASP DA 190 91.42 -55.54 74.62
C ASP DA 190 91.87 -56.86 75.27
N LYS DA 191 91.00 -57.86 75.39
CA LYS DA 191 91.34 -59.16 76.00
C LYS DA 191 92.58 -59.84 75.40
N GLU DA 192 92.99 -59.48 74.18
CA GLU DA 192 94.25 -59.93 73.56
C GLU DA 192 95.53 -59.40 74.24
N VAL DA 193 95.48 -58.51 75.23
CA VAL DA 193 96.63 -58.23 76.10
C VAL DA 193 96.86 -59.28 77.19
N PHE DA 194 95.99 -60.29 77.32
CA PHE DA 194 96.14 -61.40 78.26
C PHE DA 194 96.29 -62.74 77.51
N PRO DA 195 97.48 -63.08 77.00
CA PRO DA 195 97.69 -64.31 76.23
C PRO DA 195 97.35 -65.61 76.99
N GLU DA 196 97.47 -65.64 78.32
CA GLU DA 196 97.06 -66.82 79.11
C GLU DA 196 95.53 -66.91 79.34
N GLY DA 197 94.78 -65.90 78.91
CA GLY DA 197 93.33 -65.75 79.04
C GLY DA 197 92.87 -65.12 80.36
N VAL DA 198 91.71 -64.49 80.31
CA VAL DA 198 90.90 -64.06 81.47
C VAL DA 198 89.51 -64.72 81.39
N PRO DA 199 88.84 -65.05 82.51
CA PRO DA 199 87.52 -65.69 82.48
C PRO DA 199 86.47 -64.87 81.70
N GLN DA 200 85.54 -65.52 81.00
CA GLN DA 200 84.57 -64.82 80.14
C GLN DA 200 83.73 -63.76 80.90
N LEU DA 201 83.39 -63.97 82.17
CA LEU DA 201 82.69 -62.97 83.00
C LEU DA 201 83.59 -61.85 83.55
N ARG DA 202 84.92 -61.94 83.44
CA ARG DA 202 85.86 -60.87 83.81
C ARG DA 202 85.96 -59.76 82.75
N GLN DA 203 85.52 -60.02 81.52
CA GLN DA 203 85.37 -59.03 80.44
C GLN DA 203 84.19 -58.08 80.71
N PHE DA 204 84.27 -56.85 80.21
CA PHE DA 204 83.26 -55.82 80.40
C PHE DA 204 82.14 -55.90 79.36
N TYR DA 205 80.88 -56.00 79.80
CA TYR DA 205 79.72 -55.99 78.93
C TYR DA 205 78.56 -55.20 79.52
N ASN DA 206 77.90 -54.36 78.72
CA ASN DA 206 76.63 -53.76 79.09
C ASN DA 206 75.64 -53.81 77.92
N SER DA 207 74.52 -54.49 78.12
CA SER DA 207 73.54 -54.72 77.06
C SER DA 207 72.83 -53.43 76.61
N ASP DA 208 72.56 -52.49 77.51
CA ASP DA 208 71.96 -51.21 77.13
C ASP DA 208 72.92 -50.35 76.29
N LEU DA 209 74.21 -50.33 76.62
CA LEU DA 209 75.24 -49.67 75.82
C LEU DA 209 75.35 -50.28 74.42
N SER DA 210 75.45 -51.61 74.30
CA SER DA 210 75.55 -52.27 73.00
C SER DA 210 74.31 -52.03 72.13
N ARG DA 211 73.09 -52.13 72.69
CA ARG DA 211 71.84 -51.78 72.01
C ARG DA 211 71.81 -50.32 71.55
N CYS DA 212 72.25 -49.36 72.35
CA CYS DA 212 72.35 -47.96 71.96
C CYS DA 212 73.28 -47.75 70.75
N MET DA 213 74.50 -48.32 70.76
CA MET DA 213 75.39 -48.31 69.58
C MET DA 213 74.78 -48.96 68.33
N HIS DA 214 74.05 -50.07 68.48
CA HIS DA 214 73.39 -50.74 67.36
C HIS DA 214 72.45 -49.80 66.60
N GLU DA 215 71.62 -49.08 67.35
CA GLU DA 215 70.60 -48.17 66.84
C GLU DA 215 71.19 -46.81 66.43
N ALA DA 216 71.92 -46.13 67.30
CA ALA DA 216 72.37 -44.77 67.08
C ALA DA 216 73.63 -44.65 66.23
N LEU DA 217 74.48 -45.68 66.12
CA LEU DA 217 75.69 -45.67 65.30
C LEU DA 217 75.59 -46.56 64.04
N TYR DA 218 75.50 -47.87 64.21
CA TYR DA 218 75.70 -48.83 63.12
C TYR DA 218 74.53 -48.91 62.13
N THR DA 219 73.29 -48.73 62.56
CA THR DA 219 72.12 -48.79 61.65
C THR DA 219 72.16 -47.73 60.55
N GLY DA 220 72.61 -46.51 60.83
CA GLY DA 220 72.75 -45.46 59.84
C GLY DA 220 73.86 -45.72 58.83
N LEU DA 221 74.95 -46.39 59.23
CA LEU DA 221 76.03 -46.83 58.33
C LEU DA 221 75.54 -47.94 57.38
N ALA DA 222 74.75 -48.87 57.89
CA ALA DA 222 74.06 -49.88 57.08
C ALA DA 222 73.09 -49.24 56.06
N GLN DA 223 72.27 -48.28 56.47
CA GLN DA 223 71.40 -47.52 55.56
C GLN DA 223 72.21 -46.81 54.45
N ALA DA 224 73.37 -46.21 54.75
CA ALA DA 224 74.24 -45.59 53.75
C ALA DA 224 74.83 -46.56 52.70
N LEU DA 225 74.91 -47.86 52.98
CA LEU DA 225 75.35 -48.92 52.06
C LEU DA 225 74.19 -49.71 51.41
N ARG DA 226 72.94 -49.46 51.82
CA ARG DA 226 71.73 -50.25 51.50
C ARG DA 226 71.87 -51.73 51.91
N VAL DA 227 72.28 -51.96 53.15
CA VAL DA 227 72.37 -53.25 53.85
C VAL DA 227 71.34 -53.30 54.99
N ARG DA 228 70.62 -54.42 55.19
CA ARG DA 228 69.64 -54.63 56.28
C ARG DA 228 70.19 -55.37 57.50
N ARG DA 229 71.19 -56.22 57.30
CA ARG DA 229 71.83 -57.10 58.31
C ARG DA 229 72.89 -56.36 59.11
N VAL DA 230 72.45 -55.55 60.07
CA VAL DA 230 73.31 -54.65 60.87
C VAL DA 230 74.33 -55.41 61.71
N GLY DA 231 73.94 -56.50 62.38
CA GLY DA 231 74.83 -57.32 63.20
C GLY DA 231 75.99 -57.95 62.43
N LYS DA 232 75.73 -58.41 61.19
CA LYS DA 232 76.77 -58.88 60.25
C LYS DA 232 77.67 -57.75 59.74
N LEU DA 233 77.17 -56.53 59.53
CA LEU DA 233 78.03 -55.37 59.27
C LEU DA 233 78.97 -55.07 60.44
N VAL DA 234 78.51 -55.14 61.69
CA VAL DA 234 79.39 -54.94 62.85
C VAL DA 234 80.50 -56.00 62.94
N GLU DA 235 80.16 -57.28 62.71
CA GLU DA 235 81.16 -58.36 62.70
C GLU DA 235 82.25 -58.17 61.64
N LEU DA 236 81.90 -57.78 60.41
CA LEU DA 236 82.90 -57.58 59.36
C LEU DA 236 83.76 -56.31 59.57
N LEU DA 237 83.25 -55.26 60.21
CA LEU DA 237 84.06 -54.09 60.59
C LEU DA 237 85.07 -54.44 61.70
N GLU DA 238 84.71 -55.28 62.67
CA GLU DA 238 85.63 -55.74 63.73
C GLU DA 238 86.82 -56.52 63.16
N LYS DA 239 86.55 -57.54 62.34
CA LYS DA 239 87.59 -58.34 61.69
C LYS DA 239 88.48 -57.52 60.73
N GLN DA 240 87.92 -56.52 60.05
CA GLN DA 240 88.72 -55.58 59.25
C GLN DA 240 89.70 -54.77 60.12
N SER DA 241 89.32 -54.37 61.32
CA SER DA 241 90.21 -53.64 62.23
C SER DA 241 91.29 -54.55 62.83
N LEU DA 242 90.95 -55.77 63.28
CA LEU DA 242 91.88 -56.62 64.03
C LEU DA 242 92.76 -57.56 63.19
N GLN DA 243 92.38 -57.85 61.95
CA GLN DA 243 93.03 -58.84 61.08
C GLN DA 243 93.44 -58.27 59.72
N ASP DA 244 93.54 -56.94 59.59
CA ASP DA 244 94.08 -56.21 58.44
C ASP DA 244 93.41 -56.49 57.08
N GLN DA 245 92.12 -56.81 57.05
CA GLN DA 245 91.39 -57.29 55.86
C GLN DA 245 90.97 -56.20 54.86
N ALA DA 246 91.58 -55.01 54.85
CA ALA DA 246 91.15 -53.88 54.02
C ALA DA 246 91.13 -54.18 52.50
N LYS DA 247 92.08 -54.97 51.97
CA LYS DA 247 92.15 -55.36 50.56
C LYS DA 247 91.35 -56.64 50.20
N VAL DA 248 90.58 -57.21 51.14
CA VAL DA 248 89.71 -58.38 50.91
C VAL DA 248 88.25 -57.93 50.76
N ALA DA 249 87.54 -58.40 49.73
CA ALA DA 249 86.11 -58.12 49.55
C ALA DA 249 85.26 -58.80 50.65
N LYS DA 250 84.24 -58.11 51.17
CA LYS DA 250 83.50 -58.54 52.37
C LYS DA 250 82.03 -58.14 52.44
N VAL DA 251 81.61 -57.00 51.90
CA VAL DA 251 80.19 -56.58 51.98
C VAL DA 251 79.32 -57.17 50.87
N ALA DA 252 79.86 -57.58 49.73
CA ALA DA 252 79.07 -58.01 48.57
C ALA DA 252 77.97 -59.06 48.88
N PRO DA 253 78.17 -60.10 49.72
CA PRO DA 253 77.11 -61.03 50.09
C PRO DA 253 75.89 -60.41 50.79
N LEU DA 254 76.06 -59.31 51.51
CA LEU DA 254 74.97 -58.62 52.23
C LEU DA 254 74.12 -57.70 51.34
N LYS DA 255 74.55 -57.42 50.11
CA LYS DA 255 73.87 -56.51 49.17
C LYS DA 255 72.50 -57.02 48.70
N GLU DA 256 71.63 -56.10 48.32
CA GLU DA 256 70.27 -56.32 47.84
C GLU DA 256 69.91 -55.30 46.76
N PHE DA 257 69.09 -55.68 45.78
CA PHE DA 257 68.82 -54.87 44.58
C PHE DA 257 67.33 -54.72 44.28
N PRO DA 258 66.86 -53.54 43.81
CA PRO DA 258 65.47 -53.33 43.42
C PRO DA 258 65.17 -53.80 41.97
N ALA DA 259 63.89 -53.90 41.63
CA ALA DA 259 63.41 -54.36 40.33
C ALA DA 259 63.88 -53.50 39.14
N SER DA 260 64.12 -52.19 39.33
CA SER DA 260 64.71 -51.31 38.32
C SER DA 260 66.15 -51.67 37.96
N THR DA 261 66.90 -52.24 38.90
CA THR DA 261 68.26 -52.78 38.66
C THR DA 261 68.23 -54.19 38.08
N ILE DA 262 67.34 -55.06 38.56
CA ILE DA 262 67.22 -56.45 38.07
C ILE DA 262 66.67 -56.53 36.62
N SER DA 263 65.74 -55.66 36.26
CA SER DA 263 65.14 -55.59 34.91
C SER DA 263 66.00 -54.82 33.88
N HIS DA 264 67.14 -54.26 34.30
CA HIS DA 264 67.94 -53.36 33.47
C HIS DA 264 68.71 -54.11 32.35
N PRO DA 265 68.84 -53.56 31.13
CA PRO DA 265 69.60 -54.20 30.05
C PRO DA 265 71.08 -54.43 30.39
N ASP DA 266 71.68 -53.54 31.20
CA ASP DA 266 73.05 -53.67 31.74
C ASP DA 266 73.10 -54.18 33.19
N SER DA 267 72.07 -54.88 33.67
CA SER DA 267 71.93 -55.28 35.09
C SER DA 267 73.16 -56.00 35.66
N GLY DA 268 73.82 -56.87 34.90
CA GLY DA 268 75.01 -57.60 35.38
C GLY DA 268 76.20 -56.67 35.69
N ALA DA 269 76.45 -55.67 34.85
CA ALA DA 269 77.47 -54.65 35.08
C ALA DA 269 77.07 -53.66 36.20
N LEU DA 270 75.78 -53.31 36.29
CA LEU DA 270 75.26 -52.46 37.36
C LEU DA 270 75.40 -53.10 38.74
N MET DA 271 75.08 -54.39 38.88
CA MET DA 271 75.25 -55.10 40.16
C MET DA 271 76.73 -55.18 40.60
N ILE DA 272 77.68 -55.32 39.66
CA ILE DA 272 79.13 -55.28 39.96
C ILE DA 272 79.58 -53.86 40.36
N VAL DA 273 79.18 -52.80 39.64
CA VAL DA 273 79.58 -51.42 39.98
C VAL DA 273 79.02 -50.95 41.33
N ASP DA 274 77.73 -51.20 41.61
CA ASP DA 274 77.08 -50.87 42.89
C ASP DA 274 77.74 -51.61 44.07
N SER DA 275 78.07 -52.89 43.89
CA SER DA 275 78.78 -53.68 44.91
C SER DA 275 80.20 -53.19 45.15
N ALA DA 276 80.98 -52.94 44.10
CA ALA DA 276 82.37 -52.49 44.22
C ALA DA 276 82.50 -51.10 44.87
N ALA DA 277 81.58 -50.18 44.56
CA ALA DA 277 81.52 -48.88 45.22
C ALA DA 277 81.31 -48.99 46.75
N CYS DA 278 80.42 -49.88 47.20
CA CYS DA 278 80.21 -50.12 48.63
C CYS DA 278 81.41 -50.78 49.30
N GLU DA 279 82.04 -51.77 48.65
CA GLU DA 279 83.27 -52.40 49.17
C GLU DA 279 84.38 -51.36 49.41
N LEU DA 280 84.60 -50.45 48.45
CA LEU DA 280 85.60 -49.39 48.55
C LEU DA 280 85.29 -48.40 49.67
N ALA DA 281 84.03 -47.99 49.85
CA ALA DA 281 83.62 -47.13 50.97
C ALA DA 281 83.91 -47.79 52.32
N VAL DA 282 83.61 -49.08 52.48
CA VAL DA 282 83.94 -49.84 53.70
C VAL DA 282 85.45 -50.05 53.90
N SER DA 283 86.26 -50.18 52.84
CA SER DA 283 87.71 -50.23 52.98
C SER DA 283 88.30 -48.91 53.46
N TYR DA 284 87.90 -47.77 52.88
CA TYR DA 284 88.59 -46.49 53.08
C TYR DA 284 87.99 -45.57 54.16
N ALA DA 285 86.68 -45.53 54.39
CA ALA DA 285 86.10 -44.62 55.38
C ALA DA 285 86.57 -44.88 56.82
N PRO DA 286 86.57 -46.11 57.36
CA PRO DA 286 87.14 -46.39 58.68
C PRO DA 286 88.61 -46.00 58.83
N ALA DA 287 89.46 -46.24 57.82
CA ALA DA 287 90.87 -45.84 57.84
C ALA DA 287 91.05 -44.32 58.02
N MET DA 288 90.33 -43.52 57.25
CA MET DA 288 90.35 -42.06 57.38
C MET DA 288 89.77 -41.56 58.71
N LEU DA 289 88.72 -42.20 59.24
CA LEU DA 289 88.16 -41.84 60.55
C LEU DA 289 89.08 -42.19 61.73
N GLU DA 290 89.80 -43.31 61.67
CA GLU DA 290 90.78 -43.75 62.69
C GLU DA 290 92.07 -42.91 62.72
N ALA DA 291 92.43 -42.23 61.63
CA ALA DA 291 93.65 -41.44 61.50
C ALA DA 291 93.85 -40.38 62.61
N SER DA 292 95.07 -39.90 62.79
CA SER DA 292 95.36 -38.86 63.80
C SER DA 292 94.86 -37.49 63.32
N HIS DA 293 94.11 -36.76 64.14
CA HIS DA 293 93.45 -35.50 63.76
C HIS DA 293 94.00 -34.33 64.58
N GLU DA 294 94.00 -33.11 64.00
CA GLU DA 294 94.25 -31.88 64.75
C GLU DA 294 93.19 -31.64 65.83
N THR DA 295 93.57 -31.02 66.96
CA THR DA 295 92.64 -30.67 68.06
C THR DA 295 92.11 -29.25 67.88
N PRO DA 296 90.82 -29.04 67.52
CA PRO DA 296 90.26 -27.70 67.36
C PRO DA 296 90.12 -26.93 68.68
N ALA DA 297 90.16 -25.61 68.64
CA ALA DA 297 89.91 -24.76 69.82
C ALA DA 297 88.45 -24.84 70.31
N SER DA 298 87.52 -25.25 69.45
CA SER DA 298 86.10 -25.44 69.80
C SER DA 298 85.85 -26.64 70.71
N LEU DA 299 86.82 -27.54 70.89
CA LEU DA 299 86.70 -28.71 71.77
C LEU DA 299 86.82 -28.36 73.28
N ASN DA 300 87.18 -27.13 73.61
CA ASN DA 300 87.37 -26.65 74.97
C ASN DA 300 86.16 -25.87 75.50
N TYR DA 301 85.27 -26.52 76.25
CA TYR DA 301 83.95 -26.00 76.62
C TYR DA 301 84.01 -24.78 77.57
N ASP DA 302 85.04 -24.66 78.40
CA ASP DA 302 85.19 -23.56 79.34
C ASP DA 302 85.72 -22.26 78.69
N SER DA 303 86.33 -22.32 77.49
CA SER DA 303 86.67 -21.14 76.69
C SER DA 303 85.60 -20.74 75.66
N TRP DA 304 84.43 -21.42 75.58
CA TRP DA 304 83.37 -21.01 74.65
C TRP DA 304 82.88 -19.58 74.94
N PRO DA 305 82.98 -18.64 73.99
CA PRO DA 305 82.49 -17.27 74.19
C PRO DA 305 81.00 -17.13 74.52
N LEU DA 306 80.13 -18.05 74.09
CA LEU DA 306 78.69 -17.90 74.28
C LEU DA 306 78.24 -17.78 75.74
N PHE DA 307 79.02 -18.28 76.71
CA PHE DA 307 78.76 -18.17 78.16
C PHE DA 307 79.23 -16.85 78.79
N ALA DA 308 79.94 -15.96 78.09
CA ALA DA 308 80.70 -14.87 78.70
C ALA DA 308 79.88 -13.87 79.53
N ASP DA 309 78.62 -13.60 79.19
CA ASP DA 309 77.73 -12.72 79.95
C ASP DA 309 76.81 -13.46 80.96
N CYS DA 310 76.91 -14.79 81.10
CA CYS DA 310 76.02 -15.60 81.95
C CYS DA 310 76.35 -15.48 83.45
N GLU DA 311 75.33 -15.33 84.29
CA GLU DA 311 75.44 -15.48 85.75
C GLU DA 311 74.51 -16.60 86.26
N GLY DA 312 75.10 -17.68 86.78
CA GLY DA 312 74.39 -18.82 87.37
C GLY DA 312 73.85 -19.86 86.37
N PRO DA 313 73.36 -21.01 86.86
CA PRO DA 313 72.98 -22.15 86.03
C PRO DA 313 71.83 -21.90 85.03
N GLU DA 314 70.81 -21.11 85.39
CA GLU DA 314 69.68 -20.84 84.51
C GLU DA 314 70.09 -20.07 83.25
N ALA DA 315 70.96 -19.06 83.40
CA ALA DA 315 71.51 -18.31 82.29
C ALA DA 315 72.36 -19.19 81.36
N ARG DA 316 73.14 -20.14 81.90
CA ARG DA 316 73.93 -21.08 81.11
C ARG DA 316 73.07 -22.05 80.29
N VAL DA 317 72.00 -22.60 80.88
CA VAL DA 317 71.05 -23.46 80.14
C VAL DA 317 70.31 -22.70 79.04
N ALA DA 318 69.83 -21.47 79.33
CA ALA DA 318 69.17 -20.64 78.33
C ALA DA 318 70.11 -20.22 77.16
N ALA DA 319 71.40 -20.03 77.41
CA ALA DA 319 72.41 -19.78 76.39
C ALA DA 319 72.65 -20.99 75.48
N LEU DA 320 72.62 -22.22 76.02
CA LEU DA 320 72.71 -23.45 75.23
C LEU DA 320 71.47 -23.63 74.34
N HIS DA 321 70.26 -23.32 74.82
CA HIS DA 321 69.07 -23.39 73.97
C HIS DA 321 69.13 -22.40 72.78
N ARG DA 322 69.62 -21.16 72.96
CA ARG DA 322 69.86 -20.23 71.84
C ARG DA 322 70.92 -20.76 70.88
N TYR DA 323 72.00 -21.34 71.38
CA TYR DA 323 72.99 -22.01 70.55
C TYR DA 323 72.38 -23.13 69.69
N ASN DA 324 71.56 -24.01 70.26
CA ASN DA 324 70.88 -25.07 69.51
C ASN DA 324 69.92 -24.56 68.43
N ALA DA 325 69.16 -23.50 68.69
CA ALA DA 325 68.30 -22.88 67.68
C ALA DA 325 69.08 -22.39 66.45
N SER DA 326 70.29 -21.85 66.62
CA SER DA 326 71.15 -21.45 65.50
C SER DA 326 71.65 -22.62 64.61
N LEU DA 327 71.65 -23.86 65.08
CA LEU DA 327 71.97 -25.06 64.30
C LEU DA 327 70.75 -25.75 63.65
N ALA DA 328 69.53 -25.51 64.14
CA ALA DA 328 68.32 -26.21 63.68
C ALA DA 328 68.08 -26.20 62.15
N PRO DA 329 68.31 -25.10 61.39
CA PRO DA 329 68.08 -25.11 59.94
C PRO DA 329 68.91 -26.14 59.17
N HIS DA 330 70.12 -26.46 59.63
CA HIS DA 330 70.94 -27.54 59.08
C HIS DA 330 70.25 -28.90 59.25
N VAL DA 331 69.73 -29.18 60.45
CA VAL DA 331 69.05 -30.44 60.78
C VAL DA 331 67.71 -30.55 60.06
N SER DA 332 66.86 -29.51 60.09
CA SER DA 332 65.56 -29.56 59.41
C SER DA 332 65.67 -29.61 57.89
N THR DA 333 66.72 -29.05 57.29
CA THR DA 333 66.98 -29.19 55.85
C THR DA 333 67.23 -30.65 55.46
N GLN DA 334 68.00 -31.40 56.25
CA GLN DA 334 68.21 -32.82 56.02
C GLN DA 334 66.95 -33.69 56.23
N ILE DA 335 65.89 -33.18 56.88
CA ILE DA 335 64.58 -33.85 56.94
C ILE DA 335 63.67 -33.39 55.79
N PHE DA 336 63.55 -32.10 55.51
CA PHE DA 336 62.59 -31.55 54.55
C PHE DA 336 63.01 -31.69 53.08
N ALA DA 337 64.30 -31.78 52.76
CA ALA DA 337 64.77 -31.82 51.37
C ALA DA 337 64.59 -33.20 50.71
N THR DA 338 63.95 -33.26 49.55
CA THR DA 338 63.73 -34.51 48.79
C THR DA 338 65.05 -35.20 48.42
N ASN DA 339 66.12 -34.42 48.22
CA ASN DA 339 67.47 -34.90 47.89
C ASN DA 339 68.47 -34.87 49.07
N SER DA 340 67.97 -35.02 50.30
CA SER DA 340 68.77 -35.26 51.50
C SER DA 340 69.61 -36.54 51.42
N VAL DA 341 70.81 -36.53 52.00
CA VAL DA 341 71.68 -37.72 52.14
C VAL DA 341 71.00 -38.88 52.87
N LEU DA 342 70.03 -38.60 53.74
CA LEU DA 342 69.22 -39.60 54.46
C LEU DA 342 68.27 -40.40 53.55
N TYR DA 343 67.99 -39.96 52.32
CA TYR DA 343 67.06 -40.58 51.37
C TYR DA 343 67.73 -41.18 50.11
N VAL DA 344 69.06 -41.32 50.10
CA VAL DA 344 69.80 -41.98 49.01
C VAL DA 344 69.35 -43.44 48.88
N SER DA 345 68.96 -43.83 47.68
CA SER DA 345 68.28 -45.10 47.36
C SER DA 345 69.16 -46.14 46.65
N GLY DA 346 70.33 -45.76 46.10
CA GLY DA 346 71.21 -46.69 45.38
C GLY DA 346 71.93 -46.08 44.17
N VAL DA 347 72.37 -46.94 43.26
CA VAL DA 347 73.09 -46.58 42.02
C VAL DA 347 72.25 -46.97 40.80
N SER DA 348 72.23 -46.14 39.77
CA SER DA 348 71.55 -46.43 38.51
C SER DA 348 72.37 -45.98 37.29
N LYS DA 349 71.99 -46.42 36.10
CA LYS DA 349 72.69 -46.14 34.82
C LYS DA 349 71.76 -45.46 33.81
N SER DA 350 72.32 -44.47 33.11
CA SER DA 350 71.65 -43.64 32.11
C SER DA 350 70.88 -44.42 31.03
N GLU DA 356 73.53 -38.61 29.74
CA GLU DA 356 74.81 -38.51 30.46
C GLU DA 356 76.00 -38.92 29.56
N SER DA 357 77.13 -38.22 29.71
CA SER DA 357 78.42 -38.62 29.12
C SER DA 357 78.98 -39.89 29.77
N LEU DA 358 79.97 -40.52 29.14
CA LEU DA 358 80.49 -41.84 29.52
C LEU DA 358 80.83 -41.96 31.03
N PHE DA 359 81.65 -41.05 31.56
CA PHE DA 359 82.07 -41.10 32.96
C PHE DA 359 80.97 -40.71 33.95
N ASN DA 360 79.96 -39.96 33.52
CA ASN DA 360 78.77 -39.64 34.32
C ASN DA 360 77.64 -40.69 34.22
N SER DA 361 77.78 -41.71 33.36
CA SER DA 361 76.68 -42.63 33.02
C SER DA 361 76.14 -43.47 34.19
N PHE DA 362 76.97 -43.84 35.17
CA PHE DA 362 76.52 -44.38 36.46
C PHE DA 362 76.43 -43.25 37.49
N TYR DA 363 75.37 -43.22 38.30
CA TYR DA 363 75.13 -42.15 39.28
C TYR DA 363 74.30 -42.57 40.49
N MET DA 364 74.38 -41.80 41.58
CA MET DA 364 73.59 -41.99 42.80
C MET DA 364 72.13 -41.53 42.63
N THR DA 365 71.17 -42.30 43.15
CA THR DA 365 69.72 -42.02 43.12
C THR DA 365 69.14 -41.76 44.53
N HIS DA 366 67.99 -41.10 44.61
CA HIS DA 366 67.24 -40.87 45.84
C HIS DA 366 65.75 -41.23 45.69
N GLY DA 367 65.09 -41.61 46.78
CA GLY DA 367 63.65 -41.78 46.81
C GLY DA 367 63.14 -42.72 47.89
N LEU DA 368 62.24 -42.25 48.75
CA LEU DA 368 61.59 -43.06 49.79
C LEU DA 368 60.67 -44.15 49.24
N GLY DA 369 60.04 -43.93 48.08
CA GLY DA 369 59.24 -44.96 47.42
C GLY DA 369 60.09 -46.17 47.03
N THR DA 370 61.29 -45.95 46.48
CA THR DA 370 62.26 -47.01 46.18
C THR DA 370 62.68 -47.76 47.44
N LEU DA 371 62.91 -47.06 48.54
CA LEU DA 371 63.30 -47.66 49.82
C LEU DA 371 62.20 -48.54 50.45
N GLN DA 372 60.93 -48.37 50.10
CA GLN DA 372 59.84 -49.27 50.55
C GLN DA 372 59.72 -50.58 49.77
N GLU DA 373 60.27 -50.68 48.55
CA GLU DA 373 60.04 -51.83 47.66
C GLU DA 373 60.73 -53.14 48.12
N GLY DA 374 60.23 -54.28 47.63
CA GLY DA 374 60.94 -55.57 47.73
C GLY DA 374 62.22 -55.60 46.91
N THR DA 375 63.10 -56.55 47.22
CA THR DA 375 64.47 -56.67 46.70
C THR DA 375 64.83 -58.12 46.33
N TRP DA 376 65.95 -58.26 45.61
CA TRP DA 376 66.58 -59.53 45.22
C TRP DA 376 68.05 -59.57 45.64
N ASP DA 377 68.57 -60.77 45.93
CA ASP DA 377 69.95 -60.99 46.38
C ASP DA 377 70.98 -61.00 45.21
N PRO DA 378 72.30 -61.07 45.47
CA PRO DA 378 73.33 -61.13 44.43
C PRO DA 378 73.23 -62.30 43.44
N CYS DA 379 72.44 -63.34 43.74
CA CYS DA 379 72.16 -64.48 42.86
C CYS DA 379 70.76 -64.41 42.23
N ARG DA 380 70.16 -63.20 42.21
CA ARG DA 380 68.84 -62.89 41.61
C ARG DA 380 67.65 -63.64 42.25
N ARG DA 381 67.78 -64.12 43.48
CA ARG DA 381 66.68 -64.74 44.24
C ARG DA 381 65.92 -63.67 45.04
N PRO DA 382 64.60 -63.83 45.30
CA PRO DA 382 63.85 -62.92 46.16
C PRO DA 382 64.47 -62.77 47.56
N CYS DA 383 64.42 -61.57 48.15
CA CYS DA 383 65.08 -61.25 49.41
C CYS DA 383 64.11 -60.58 50.40
N PHE DA 384 64.09 -59.25 50.54
CA PHE DA 384 63.02 -58.54 51.27
C PHE DA 384 61.76 -58.46 50.39
N SER DA 385 60.58 -58.60 50.98
CA SER DA 385 59.28 -58.59 50.27
C SER DA 385 58.63 -57.20 50.11
N GLY DA 386 59.20 -56.15 50.70
CA GLY DA 386 58.65 -54.79 50.61
C GLY DA 386 57.63 -54.44 51.70
N TRP DA 387 57.21 -53.18 51.71
CA TRP DA 387 56.17 -52.65 52.60
C TRP DA 387 55.17 -51.78 51.81
N GLY DA 388 53.87 -51.98 52.06
CA GLY DA 388 52.80 -51.28 51.34
C GLY DA 388 52.51 -49.85 51.84
N GLY DA 389 53.22 -49.37 52.87
CA GLY DA 389 52.93 -48.10 53.54
C GLY DA 389 51.88 -48.24 54.66
N PRO DA 390 51.58 -47.12 55.36
CA PRO DA 390 50.64 -47.08 56.49
C PRO DA 390 49.24 -47.61 56.14
N GLY DA 394 47.41 -41.93 58.52
CA GLY DA 394 47.76 -40.75 59.33
C GLY DA 394 47.30 -39.43 58.71
N THR DA 395 47.51 -38.32 59.42
CA THR DA 395 46.92 -37.01 59.09
C THR DA 395 47.37 -36.38 57.77
N ASN DA 396 48.51 -36.79 57.19
CA ASN DA 396 48.96 -36.30 55.87
C ASN DA 396 48.37 -37.08 54.67
N GLY DA 397 47.63 -38.16 54.91
CA GLY DA 397 46.86 -38.89 53.88
C GLY DA 397 47.66 -39.85 52.96
N PRO DA 398 46.95 -40.58 52.07
CA PRO DA 398 47.50 -41.65 51.24
C PRO DA 398 48.59 -41.22 50.25
N GLY DA 399 49.64 -42.04 50.12
CA GLY DA 399 50.77 -41.81 49.20
C GLY DA 399 51.74 -40.68 49.61
N ASN DA 400 51.48 -40.03 50.73
CA ASN DA 400 52.26 -38.91 51.25
C ASN DA 400 53.20 -39.35 52.38
N TYR DA 401 54.20 -38.52 52.70
CA TYR DA 401 55.13 -38.72 53.80
C TYR DA 401 54.38 -38.88 55.13
N ALA DA 402 54.75 -39.87 55.92
CA ALA DA 402 54.12 -40.25 57.19
C ALA DA 402 55.16 -40.30 58.32
N VAL DA 403 54.72 -40.41 59.57
CA VAL DA 403 55.64 -40.46 60.71
C VAL DA 403 56.65 -41.62 60.60
N GLU DA 404 56.30 -42.75 59.98
CA GLU DA 404 57.24 -43.84 59.72
C GLU DA 404 58.43 -43.43 58.85
N HIS DA 405 58.28 -42.50 57.91
CA HIS DA 405 59.40 -41.98 57.11
C HIS DA 405 60.36 -41.12 57.94
N LEU DA 406 59.86 -40.37 58.92
CA LEU DA 406 60.72 -39.68 59.90
C LEU DA 406 61.44 -40.71 60.79
N VAL DA 407 60.79 -41.79 61.21
CA VAL DA 407 61.45 -42.86 61.98
C VAL DA 407 62.56 -43.52 61.14
N TYR DA 408 62.33 -43.81 59.87
CA TYR DA 408 63.36 -44.28 58.92
C TYR DA 408 64.55 -43.31 58.76
N ALA DA 409 64.30 -41.99 58.65
CA ALA DA 409 65.37 -40.97 58.63
C ALA DA 409 66.23 -40.98 59.90
N ALA DA 410 65.64 -41.22 61.06
CA ALA DA 410 66.33 -41.35 62.34
C ALA DA 410 66.91 -42.75 62.63
N SER DA 411 67.06 -43.64 61.64
CA SER DA 411 67.64 -44.98 61.79
C SER DA 411 66.96 -45.89 62.81
N PHE DA 412 65.66 -45.73 63.02
CA PHE DA 412 64.86 -46.50 63.99
C PHE DA 412 65.44 -46.41 65.42
N SER DA 413 66.10 -45.30 65.75
CA SER DA 413 66.75 -45.07 67.03
C SER DA 413 65.93 -44.08 67.85
N PRO DA 414 65.40 -44.45 69.02
CA PRO DA 414 64.67 -43.51 69.87
C PRO DA 414 65.56 -42.36 70.37
N ASN DA 415 66.86 -42.57 70.58
CA ASN DA 415 67.80 -41.51 70.93
C ASN DA 415 67.95 -40.46 69.82
N LEU DA 416 68.21 -40.87 68.57
CA LEU DA 416 68.29 -39.95 67.43
C LEU DA 416 66.94 -39.26 67.15
N LEU DA 417 65.83 -40.02 67.16
CA LEU DA 417 64.49 -39.49 66.89
C LEU DA 417 64.08 -38.40 67.89
N ALA DA 418 64.37 -38.57 69.18
CA ALA DA 418 64.17 -37.54 70.20
C ALA DA 418 64.91 -36.23 69.90
N ARG DA 419 66.19 -36.26 69.52
CA ARG DA 419 66.93 -35.04 69.16
C ARG DA 419 66.48 -34.41 67.84
N TYR DA 420 66.07 -35.19 66.83
CA TYR DA 420 65.41 -34.65 65.63
C TYR DA 420 64.12 -33.90 65.97
N ALA DA 421 63.25 -34.47 66.81
CA ALA DA 421 62.01 -33.83 67.23
C ALA DA 421 62.26 -32.52 68.00
N TYR DA 422 63.26 -32.50 68.88
CA TYR DA 422 63.71 -31.27 69.52
C TYR DA 422 64.12 -30.16 68.54
N TYR DA 423 64.88 -30.45 67.47
CA TYR DA 423 65.19 -29.45 66.46
C TYR DA 423 63.96 -29.03 65.64
N LEU DA 424 63.06 -29.95 65.26
CA LEU DA 424 61.82 -29.63 64.55
C LEU DA 424 60.88 -28.70 65.34
N GLN DA 425 60.89 -28.73 66.67
CA GLN DA 425 60.15 -27.79 67.53
C GLN DA 425 60.55 -26.30 67.36
N PHE DA 426 61.72 -25.96 66.80
CA PHE DA 426 62.08 -24.59 66.45
C PHE DA 426 61.51 -24.10 65.10
N CYS DA 427 60.98 -25.00 64.26
CA CYS DA 427 60.52 -24.68 62.92
C CYS DA 427 59.12 -24.05 62.90
N GLN DA 428 58.91 -23.06 62.02
CA GLN DA 428 57.61 -22.46 61.72
C GLN DA 428 56.73 -23.44 60.91
N GLY DA 429 55.42 -23.42 61.17
CA GLY DA 429 54.43 -24.08 60.32
C GLY DA 429 54.11 -23.27 59.07
N GLN DA 430 53.85 -23.95 57.96
CA GLN DA 430 53.43 -23.34 56.71
C GLN DA 430 52.22 -24.09 56.16
N LYS DA 431 51.01 -23.63 56.47
CA LYS DA 431 49.75 -24.22 55.97
C LYS DA 431 49.65 -24.07 54.44
N SER DA 432 49.33 -25.16 53.75
CA SER DA 432 49.13 -25.21 52.29
C SER DA 432 47.94 -24.38 51.81
N VAL DA 437 42.36 -25.94 57.90
CA VAL DA 437 42.95 -26.75 58.98
C VAL DA 437 42.37 -26.32 60.34
N PRO DA 438 42.07 -27.25 61.28
CA PRO DA 438 41.70 -26.92 62.64
C PRO DA 438 42.67 -25.93 63.33
N GLU DA 439 42.16 -25.06 64.19
CA GLU DA 439 43.02 -24.21 65.03
C GLU DA 439 43.84 -25.05 66.00
N THR DA 440 45.04 -24.59 66.41
CA THR DA 440 45.97 -25.40 67.20
C THR DA 440 45.33 -25.93 68.49
N GLY DA 441 44.63 -25.07 69.23
CA GLY DA 441 44.00 -25.43 70.50
C GLY DA 441 42.82 -26.38 70.37
N SER DA 442 42.05 -26.31 69.27
CA SER DA 442 41.00 -27.31 69.01
C SER DA 442 41.55 -28.64 68.45
N TYR DA 443 42.76 -28.67 67.88
CA TYR DA 443 43.46 -29.93 67.62
C TYR DA 443 44.01 -30.55 68.91
N VAL DA 444 44.71 -29.77 69.74
CA VAL DA 444 45.29 -30.25 71.03
C VAL DA 444 44.23 -30.73 72.02
N ALA DA 445 43.11 -30.03 72.19
CA ALA DA 445 42.01 -30.50 73.03
C ALA DA 445 41.12 -31.56 72.34
N GLY DA 446 41.09 -31.58 71.01
CA GLY DA 446 40.33 -32.51 70.18
C GLY DA 446 41.11 -33.78 69.86
N ALA DA 447 41.37 -34.05 68.58
CA ALA DA 447 41.91 -35.33 68.10
C ALA DA 447 43.26 -35.75 68.73
N ALA DA 448 44.11 -34.84 69.21
CA ALA DA 448 45.36 -35.22 69.90
C ALA DA 448 45.13 -35.94 71.24
N ALA DA 449 43.99 -35.70 71.90
CA ALA DA 449 43.63 -36.27 73.20
C ALA DA 449 42.85 -37.61 73.10
N SER DA 450 42.67 -38.15 71.90
CA SER DA 450 41.99 -39.42 71.65
C SER DA 450 42.73 -40.63 72.25
N PRO DA 451 42.04 -41.58 72.91
CA PRO DA 451 42.67 -42.77 73.49
C PRO DA 451 43.27 -43.72 72.43
N MET DA 452 43.02 -43.47 71.15
CA MET DA 452 43.57 -44.23 70.01
C MET DA 452 45.04 -43.93 69.68
N CYS DA 453 45.66 -42.86 70.20
CA CYS DA 453 47.08 -42.54 69.96
C CYS DA 453 47.99 -43.67 70.51
N SER DA 454 48.78 -44.30 69.65
CA SER DA 454 49.73 -45.38 70.03
C SER DA 454 51.00 -44.86 70.71
N LEU DA 455 51.10 -43.55 71.00
CA LEU DA 455 52.27 -42.94 71.63
C LEU DA 455 51.97 -42.41 73.03
N CYS DA 456 50.96 -41.54 73.20
CA CYS DA 456 50.61 -40.89 74.46
C CYS DA 456 49.31 -41.42 75.11
N GLU DA 457 48.54 -42.27 74.42
CA GLU DA 457 47.16 -42.66 74.80
C GLU DA 457 46.22 -41.45 74.97
N GLY DA 458 46.54 -40.30 74.37
CA GLY DA 458 45.86 -39.04 74.60
C GLY DA 458 46.26 -38.32 75.89
N ARG DA 459 47.17 -38.87 76.70
CA ARG DA 459 47.54 -38.36 78.04
C ARG DA 459 48.71 -37.36 78.05
N ALA DA 460 49.28 -36.99 76.89
CA ALA DA 460 50.31 -35.93 76.73
C ALA DA 460 50.15 -35.13 75.41
N PRO DA 461 48.98 -34.57 75.11
CA PRO DA 461 48.61 -34.19 73.75
C PRO DA 461 49.41 -33.01 73.16
N ALA DA 462 49.95 -32.11 73.99
CA ALA DA 462 50.65 -30.92 73.51
C ALA DA 462 52.09 -31.20 73.05
N VAL DA 463 52.79 -32.15 73.65
CA VAL DA 463 54.18 -32.55 73.29
C VAL DA 463 54.28 -33.79 72.39
N CYS DA 464 53.20 -34.57 72.22
CA CYS DA 464 53.21 -35.80 71.41
C CYS DA 464 53.83 -35.60 70.02
N LEU DA 465 54.61 -36.57 69.56
CA LEU DA 465 55.24 -36.57 68.23
C LEU DA 465 54.21 -36.43 67.10
N ASN DA 466 53.01 -37.03 67.24
CA ASN DA 466 51.94 -36.88 66.26
C ASN DA 466 51.41 -35.43 66.19
N THR DA 467 51.44 -34.67 67.27
CA THR DA 467 51.08 -33.24 67.29
C THR DA 467 52.13 -32.39 66.58
N LEU DA 468 53.42 -32.62 66.83
CA LEU DA 468 54.50 -31.96 66.11
C LEU DA 468 54.46 -32.28 64.60
N PHE DA 469 54.23 -33.54 64.25
CA PHE DA 469 54.05 -33.97 62.86
C PHE DA 469 52.85 -33.29 62.19
N PHE DA 470 51.71 -33.20 62.86
CA PHE DA 470 50.53 -32.51 62.34
C PHE DA 470 50.80 -31.01 62.04
N ARG DA 471 51.54 -30.33 62.91
CA ARG DA 471 51.93 -28.92 62.77
C ARG DA 471 52.83 -28.65 61.55
N LEU DA 472 53.79 -29.54 61.25
CA LEU DA 472 54.81 -29.39 60.20
C LEU DA 472 54.49 -30.12 58.87
N ARG DA 473 53.30 -30.73 58.78
CA ARG DA 473 52.81 -31.65 57.75
C ARG DA 473 53.07 -31.26 56.29
N ASP DA 474 52.76 -30.03 55.92
CA ASP DA 474 52.94 -29.51 54.54
C ASP DA 474 54.40 -29.20 54.16
N ARG DA 475 55.37 -29.33 55.07
CA ARG DA 475 56.81 -29.14 54.80
C ARG DA 475 57.59 -30.41 54.50
N PHE DA 476 57.06 -31.60 54.82
CA PHE DA 476 57.72 -32.87 54.50
C PHE DA 476 57.76 -33.13 52.99
N PRO DA 477 58.79 -33.81 52.45
CA PRO DA 477 58.95 -34.03 51.01
C PRO DA 477 57.91 -35.01 50.43
N PRO DA 478 57.75 -35.11 49.10
CA PRO DA 478 57.00 -36.19 48.46
C PRO DA 478 57.73 -37.55 48.50
N VAL DA 479 57.01 -38.64 48.30
CA VAL DA 479 57.55 -40.02 48.32
C VAL DA 479 57.79 -40.51 46.89
N MET DA 480 59.06 -40.68 46.50
CA MET DA 480 59.49 -40.82 45.10
C MET DA 480 60.00 -42.22 44.72
N SER DA 481 59.67 -42.69 43.52
CA SER DA 481 60.06 -44.00 42.98
C SER DA 481 60.88 -43.92 41.66
N THR DA 482 61.36 -42.74 41.28
CA THR DA 482 62.09 -42.50 40.01
C THR DA 482 63.62 -42.59 40.16
N GLN DA 483 64.36 -42.60 39.03
CA GLN DA 483 65.80 -42.89 38.98
C GLN DA 483 66.63 -41.77 38.29
N ARG DA 484 66.22 -40.51 38.36
CA ARG DA 484 66.92 -39.33 37.80
C ARG DA 484 68.26 -38.98 38.50
N ARG DA 485 69.22 -38.43 37.77
CA ARG DA 485 70.52 -37.93 38.25
C ARG DA 485 70.43 -36.53 38.86
N ASP DA 486 70.19 -36.44 40.16
CA ASP DA 486 70.14 -35.19 40.94
C ASP DA 486 71.34 -35.03 41.90
N PRO DA 487 71.69 -33.79 42.31
CA PRO DA 487 72.60 -33.54 43.43
C PRO DA 487 72.05 -34.06 44.76
N TYR DA 488 72.89 -34.33 45.74
CA TYR DA 488 72.49 -34.68 47.12
C TYR DA 488 73.01 -33.66 48.14
N VAL DA 489 72.31 -33.49 49.27
CA VAL DA 489 72.58 -32.44 50.28
C VAL DA 489 73.48 -32.95 51.41
N ILE DA 490 74.56 -32.25 51.71
CA ILE DA 490 75.54 -32.59 52.77
C ILE DA 490 75.62 -31.49 53.83
N SER DA 491 75.98 -31.85 55.06
CA SER DA 491 76.13 -30.93 56.21
C SER DA 491 77.45 -31.17 56.95
N GLY DA 492 78.09 -30.11 57.44
CA GLY DA 492 79.28 -30.23 58.28
C GLY DA 492 80.08 -28.93 58.43
N ALA DA 493 81.22 -29.01 59.10
CA ALA DA 493 82.16 -27.91 59.26
C ALA DA 493 82.88 -27.53 57.96
N SER DA 494 83.10 -26.23 57.76
CA SER DA 494 83.94 -25.72 56.67
C SER DA 494 85.43 -25.70 57.04
N GLY DA 495 86.29 -25.79 56.03
CA GLY DA 495 87.74 -25.70 56.14
C GLY DA 495 88.26 -24.28 56.28
N SER DA 496 89.59 -24.14 56.34
CA SER DA 496 90.28 -22.86 56.60
C SER DA 496 90.25 -21.85 55.44
N TYR DA 497 90.31 -22.30 54.18
CA TYR DA 497 90.56 -21.43 53.03
C TYR DA 497 89.43 -21.48 52.00
N ASN DA 498 88.44 -20.60 52.15
CA ASN DA 498 87.30 -20.46 51.26
C ASN DA 498 87.48 -19.22 50.37
N GLU DA 499 87.11 -19.31 49.10
CA GLU DA 499 87.25 -18.23 48.12
C GLU DA 499 85.86 -17.89 47.56
N THR DA 500 85.18 -16.95 48.21
CA THR DA 500 83.74 -16.66 48.02
C THR DA 500 83.43 -15.16 47.88
N ASP DA 501 84.42 -14.29 47.67
CA ASP DA 501 84.19 -12.95 47.09
C ASP DA 501 83.70 -13.04 45.63
N PHE DA 502 83.21 -11.94 45.04
CA PHE DA 502 82.49 -11.94 43.75
C PHE DA 502 83.22 -12.64 42.58
N LEU DA 503 84.56 -12.60 42.50
CA LEU DA 503 85.34 -13.31 41.48
C LEU DA 503 86.07 -14.56 42.02
N GLY DA 504 85.67 -15.10 43.17
CA GLY DA 504 86.16 -16.39 43.67
C GLY DA 504 87.68 -16.49 43.79
N ASN DA 505 88.26 -17.53 43.18
CA ASN DA 505 89.69 -17.81 43.19
C ASN DA 505 90.53 -17.03 42.13
N PHE DA 506 89.97 -16.03 41.44
CA PHE DA 506 90.73 -15.15 40.54
C PHE DA 506 91.96 -14.53 41.24
N LEU DA 507 93.16 -14.66 40.66
CA LEU DA 507 94.43 -14.13 41.21
C LEU DA 507 94.61 -14.40 42.72
N ASN DA 508 94.32 -15.62 43.19
CA ASN DA 508 94.49 -15.97 44.60
C ASN DA 508 95.98 -16.02 45.01
N PHE DA 509 96.85 -16.44 44.09
CA PHE DA 509 98.31 -16.49 44.23
C PHE DA 509 99.01 -15.97 42.96
N ILE DA 510 100.29 -15.64 43.07
CA ILE DA 510 101.14 -15.11 42.00
C ILE DA 510 102.39 -15.99 41.84
N TYR DA 525 99.35 -7.64 42.28
CA TYR DA 525 99.13 -8.24 43.59
C TYR DA 525 97.89 -9.16 43.62
N THR DA 526 97.80 -10.06 44.61
CA THR DA 526 96.68 -11.02 44.72
C THR DA 526 95.34 -10.30 44.95
N TYR DA 527 94.24 -10.94 44.54
CA TYR DA 527 92.87 -10.43 44.77
C TYR DA 527 92.58 -10.31 46.28
N TRP DA 528 93.13 -11.21 47.11
CA TRP DA 528 93.07 -11.09 48.56
C TRP DA 528 93.73 -9.78 49.05
N GLN DA 529 94.94 -9.46 48.57
CA GLN DA 529 95.61 -8.21 48.92
C GLN DA 529 94.84 -6.98 48.43
N LEU DA 530 94.27 -7.00 47.22
CA LEU DA 530 93.41 -5.93 46.71
C LEU DA 530 92.22 -5.65 47.63
N ASN DA 531 91.56 -6.69 48.14
CA ASN DA 531 90.46 -6.51 49.08
C ASN DA 531 90.94 -5.97 50.42
N GLN DA 532 92.09 -6.40 50.95
CA GLN DA 532 92.71 -5.79 52.14
C GLN DA 532 93.06 -4.31 51.96
N ASN DA 533 93.57 -3.90 50.79
CA ASN DA 533 93.83 -2.50 50.48
C ASN DA 533 92.56 -1.65 50.51
N LEU DA 534 91.45 -2.15 49.94
CA LEU DA 534 90.17 -1.44 49.94
C LEU DA 534 89.64 -1.23 51.37
N LEU DA 535 89.67 -2.26 52.23
CA LEU DA 535 89.26 -2.12 53.64
C LEU DA 535 90.11 -1.08 54.41
N GLU DA 536 91.42 -0.98 54.12
CA GLU DA 536 92.28 0.08 54.65
C GLU DA 536 91.84 1.49 54.22
N ARG DA 537 91.54 1.71 52.93
CA ARG DA 537 90.99 2.99 52.46
C ARG DA 537 89.65 3.32 53.13
N LEU DA 538 88.76 2.34 53.27
CA LEU DA 538 87.46 2.53 53.93
C LEU DA 538 87.61 2.84 55.43
N SER DA 539 88.64 2.33 56.10
CA SER DA 539 88.97 2.70 57.48
C SER DA 539 89.34 4.18 57.63
N ARG DA 540 90.13 4.75 56.70
CA ARG DA 540 90.41 6.20 56.64
C ARG DA 540 89.18 7.08 56.39
N LEU DA 541 88.12 6.53 55.80
CA LEU DA 541 86.81 7.20 55.65
C LEU DA 541 85.87 7.03 56.87
N GLY DA 542 86.29 6.30 57.90
CA GLY DA 542 85.47 6.03 59.10
C GLY DA 542 84.49 4.86 59.00
N ILE DA 543 84.70 3.91 58.08
CA ILE DA 543 83.85 2.75 57.82
C ILE DA 543 84.58 1.44 58.24
N ASP DA 544 83.97 0.60 59.08
CA ASP DA 544 84.57 -0.70 59.49
C ASP DA 544 84.29 -1.87 58.51
N ALA DA 545 84.84 -3.05 58.80
CA ALA DA 545 84.70 -4.25 57.96
C ALA DA 545 83.27 -4.81 57.80
N GLU DA 546 82.33 -4.41 58.67
CA GLU DA 546 80.91 -4.75 58.58
C GLU DA 546 80.06 -3.56 58.08
N GLY DA 547 80.70 -2.47 57.67
CA GLY DA 547 80.07 -1.29 57.10
C GLY DA 547 79.48 -0.31 58.11
N LYS DA 548 79.80 -0.41 59.41
CA LYS DA 548 79.35 0.55 60.43
C LYS DA 548 80.16 1.85 60.36
N LEU DA 549 79.50 2.99 60.49
CA LEU DA 549 80.13 4.32 60.50
C LEU DA 549 80.54 4.74 61.91
N GLU DA 550 81.70 5.39 62.03
CA GLU DA 550 82.06 6.15 63.25
C GLU DA 550 81.29 7.48 63.37
N LYS DA 551 80.73 8.00 62.27
CA LYS DA 551 79.90 9.22 62.24
C LYS DA 551 78.81 9.14 61.17
N GLU DA 552 77.55 9.13 61.60
CA GLU DA 552 76.39 9.06 60.70
C GLU DA 552 76.14 10.39 59.96
N PRO DA 553 75.68 10.38 58.70
CA PRO DA 553 75.50 11.61 57.92
C PRO DA 553 74.43 12.53 58.49
N HIS DA 554 74.77 13.81 58.61
CA HIS DA 554 73.93 14.86 59.22
C HIS DA 554 72.75 15.35 58.39
N GLY DA 555 72.80 15.21 57.05
CA GLY DA 555 71.88 15.87 56.12
C GLY DA 555 72.28 15.67 54.65
N PRO DA 556 71.60 16.31 53.69
CA PRO DA 556 71.84 16.14 52.26
C PRO DA 556 73.30 16.27 51.81
N ARG DA 557 74.00 17.34 52.22
CA ARG DA 557 75.43 17.56 51.87
C ARG DA 557 76.30 16.41 52.38
N ASP DA 558 76.11 16.02 53.62
CA ASP DA 558 76.88 14.97 54.28
C ASP DA 558 76.62 13.59 53.66
N PHE DA 559 75.38 13.31 53.23
CA PHE DA 559 75.01 12.08 52.54
C PHE DA 559 75.67 11.98 51.16
N VAL DA 560 75.67 13.05 50.37
CA VAL DA 560 76.39 13.09 49.09
C VAL DA 560 77.91 12.97 49.30
N LYS DA 561 78.48 13.74 50.25
CA LYS DA 561 79.90 13.73 50.58
C LYS DA 561 80.38 12.33 50.98
N MET DA 562 79.64 11.63 51.83
CA MET DA 562 79.92 10.25 52.23
C MET DA 562 80.12 9.32 51.02
N PHE DA 563 79.21 9.32 50.04
CA PHE DA 563 79.35 8.47 48.86
C PHE DA 563 80.46 8.91 47.90
N LYS DA 564 80.61 10.22 47.63
CA LYS DA 564 81.63 10.69 46.66
C LYS DA 564 83.04 10.33 47.12
N ASP DA 565 83.31 10.37 48.42
CA ASP DA 565 84.57 9.88 49.00
C ASP DA 565 84.80 8.37 48.81
N VAL DA 566 83.78 7.52 48.98
CA VAL DA 566 83.91 6.08 48.72
C VAL DA 566 84.14 5.80 47.23
N ASP DA 567 83.39 6.45 46.34
CA ASP DA 567 83.59 6.30 44.89
C ASP DA 567 85.02 6.68 44.47
N ALA DA 568 85.52 7.83 44.93
CA ALA DA 568 86.91 8.24 44.67
C ALA DA 568 87.94 7.27 45.26
N ALA DA 569 87.72 6.74 46.47
CA ALA DA 569 88.60 5.75 47.08
C ALA DA 569 88.65 4.40 46.32
N VAL DA 570 87.53 3.92 45.79
CA VAL DA 570 87.48 2.71 44.95
C VAL DA 570 88.17 2.98 43.61
N ASP DA 571 87.89 4.11 42.97
CA ASP DA 571 88.45 4.46 41.66
C ASP DA 571 89.97 4.66 41.71
N ALA DA 572 90.52 5.18 42.82
CA ALA DA 572 91.96 5.20 43.07
C ALA DA 572 92.59 3.80 43.11
N GLU DA 573 91.98 2.84 43.80
CA GLU DA 573 92.52 1.48 43.90
C GLU DA 573 92.46 0.70 42.57
N VAL DA 574 91.43 0.92 41.75
CA VAL DA 574 91.35 0.30 40.41
C VAL DA 574 92.56 0.69 39.55
N VAL DA 575 92.98 1.96 39.59
CA VAL DA 575 94.16 2.43 38.84
C VAL DA 575 95.43 1.72 39.31
N GLN DA 576 95.71 1.70 40.62
CA GLN DA 576 96.93 1.05 41.13
C GLN DA 576 96.96 -0.45 40.81
N PHE DA 577 95.81 -1.13 40.85
CA PHE DA 577 95.70 -2.52 40.43
C PHE DA 577 95.94 -2.71 38.92
N MET DA 578 95.27 -1.96 38.05
CA MET DA 578 95.46 -2.06 36.59
C MET DA 578 96.89 -1.74 36.15
N ASN DA 579 97.58 -0.81 36.83
CA ASN DA 579 99.02 -0.56 36.62
C ASN DA 579 99.87 -1.79 36.96
N SER DA 580 99.59 -2.50 38.06
CA SER DA 580 100.30 -3.74 38.41
C SER DA 580 100.11 -4.82 37.34
N MET DA 581 98.88 -5.06 36.87
CA MET DA 581 98.62 -6.08 35.83
C MET DA 581 99.34 -5.75 34.51
N ALA DA 582 99.36 -4.48 34.13
CA ALA DA 582 100.03 -4.01 32.91
C ALA DA 582 101.56 -4.20 32.95
N LYS DA 583 102.26 -3.68 33.99
CA LYS DA 583 103.73 -3.72 34.04
C LYS DA 583 104.32 -5.13 34.16
N ASN DA 584 103.54 -6.09 34.64
CA ASN DA 584 103.92 -7.51 34.74
C ASN DA 584 103.46 -8.37 33.54
N ASN DA 585 102.78 -7.79 32.54
CA ASN DA 585 102.21 -8.50 31.40
C ASN DA 585 101.30 -9.70 31.77
N ILE DA 586 100.60 -9.63 32.91
CA ILE DA 586 99.72 -10.72 33.39
C ILE DA 586 98.46 -10.78 32.51
N THR DA 587 98.06 -11.98 32.07
CA THR DA 587 96.91 -12.19 31.17
C THR DA 587 95.56 -12.21 31.91
N TYR DA 588 95.30 -11.18 32.73
CA TYR DA 588 94.13 -11.10 33.62
C TYR DA 588 92.79 -11.21 32.86
N LYS DA 589 92.76 -10.69 31.63
CA LYS DA 589 91.64 -10.75 30.67
C LYS DA 589 91.23 -12.17 30.27
N ASP DA 590 92.14 -13.15 30.32
CA ASP DA 590 91.80 -14.58 30.18
C ASP DA 590 91.65 -15.30 31.53
N LEU DA 591 92.36 -14.90 32.59
CA LEU DA 591 92.21 -15.48 33.93
C LEU DA 591 90.82 -15.26 34.54
N VAL DA 592 90.10 -14.17 34.22
CA VAL DA 592 88.70 -13.99 34.62
C VAL DA 592 87.78 -15.08 34.08
N LYS DA 593 87.95 -15.51 32.83
CA LYS DA 593 87.09 -16.52 32.18
C LYS DA 593 87.05 -17.86 32.91
N SER DA 594 88.15 -18.27 33.55
CA SER DA 594 88.28 -19.55 34.23
C SER DA 594 88.17 -19.49 35.77
N CYS DA 595 87.74 -18.38 36.38
CA CYS DA 595 87.63 -18.31 37.85
C CYS DA 595 86.38 -19.03 38.42
N TYR DA 596 86.54 -19.63 39.61
CA TYR DA 596 85.52 -20.38 40.35
C TYR DA 596 85.36 -19.85 41.78
N HIS DA 597 84.16 -19.85 42.33
CA HIS DA 597 83.99 -19.87 43.79
C HIS DA 597 84.43 -21.22 44.35
N VAL DA 598 85.10 -21.22 45.51
CA VAL DA 598 85.55 -22.46 46.17
C VAL DA 598 85.14 -22.48 47.64
N MET DA 599 84.59 -23.59 48.10
CA MET DA 599 84.35 -23.87 49.53
C MET DA 599 85.01 -25.19 49.93
N GLN DA 600 85.58 -25.25 51.13
CA GLN DA 600 86.19 -26.46 51.66
C GLN DA 600 85.24 -27.12 52.67
N TYR DA 601 84.86 -28.38 52.45
CA TYR DA 601 84.19 -29.22 53.43
C TYR DA 601 85.25 -30.00 54.22
N SER DA 602 85.33 -29.78 55.53
CA SER DA 602 86.36 -30.39 56.40
C SER DA 602 86.18 -31.90 56.56
N CYS DA 603 87.26 -32.68 56.61
CA CYS DA 603 87.23 -34.12 56.90
C CYS DA 603 87.65 -34.50 58.32
N ASN DA 604 87.81 -33.54 59.24
CA ASN DA 604 88.10 -33.81 60.64
C ASN DA 604 86.78 -34.07 61.42
N PRO DA 605 86.57 -35.23 62.06
CA PRO DA 605 85.37 -35.48 62.87
C PRO DA 605 85.28 -34.58 64.12
N PHE DA 606 86.39 -34.09 64.66
CA PHE DA 606 86.39 -33.20 65.84
C PHE DA 606 86.08 -31.74 65.50
N ALA DA 607 86.13 -31.33 64.24
CA ALA DA 607 85.74 -29.99 63.78
C ALA DA 607 84.22 -29.77 63.71
N GLN DA 608 83.40 -30.83 63.73
CA GLN DA 608 81.93 -30.75 63.63
C GLN DA 608 81.32 -30.11 64.90
N PRO DA 609 80.11 -29.52 64.85
CA PRO DA 609 79.45 -28.95 66.03
C PRO DA 609 79.13 -30.01 67.08
N ALA DA 610 79.11 -29.64 68.36
CA ALA DA 610 78.87 -30.53 69.51
C ALA DA 610 77.41 -31.01 69.64
N CYS DA 611 76.97 -31.83 68.69
CA CYS DA 611 75.69 -32.48 68.61
C CYS DA 611 75.87 -33.92 68.09
N PRO DA 612 75.29 -34.95 68.73
CA PRO DA 612 75.33 -36.32 68.22
C PRO DA 612 74.65 -36.56 66.86
N ILE DA 613 73.72 -35.71 66.40
CA ILE DA 613 73.15 -35.82 65.04
C ILE DA 613 74.20 -35.50 63.98
N PHE DA 614 75.09 -34.55 64.24
CA PHE DA 614 76.18 -34.24 63.31
C PHE DA 614 77.20 -35.36 63.15
N THR DA 615 77.35 -36.29 64.11
CA THR DA 615 78.11 -37.54 63.91
C THR DA 615 77.54 -38.35 62.74
N GLN DA 616 76.24 -38.62 62.74
CA GLN DA 616 75.58 -39.36 61.66
C GLN DA 616 75.59 -38.59 60.32
N LEU DA 617 75.30 -37.29 60.31
CA LEU DA 617 75.37 -36.50 59.08
C LEU DA 617 76.78 -36.47 58.48
N PHE DA 618 77.84 -36.34 59.27
CA PHE DA 618 79.21 -36.36 58.78
C PHE DA 618 79.60 -37.73 58.20
N TYR DA 619 79.41 -38.83 58.95
CA TYR DA 619 79.75 -40.19 58.53
C TYR DA 619 79.00 -40.60 57.24
N ARG DA 620 77.71 -40.30 57.13
CA ARG DA 620 76.89 -40.61 55.93
C ARG DA 620 77.24 -39.73 54.73
N SER DA 621 77.64 -38.48 54.93
CA SER DA 621 78.15 -37.63 53.85
C SER DA 621 79.46 -38.18 53.29
N LEU DA 622 80.40 -38.58 54.15
CA LEU DA 622 81.67 -39.19 53.73
C LEU DA 622 81.48 -40.51 52.97
N LEU DA 623 80.67 -41.46 53.48
CA LEU DA 623 80.41 -42.72 52.80
C LEU DA 623 79.77 -42.51 51.42
N THR DA 624 78.87 -41.53 51.28
CA THR DA 624 78.23 -41.21 50.00
C THR DA 624 79.19 -40.63 48.98
N ILE DA 625 80.08 -39.73 49.40
CA ILE DA 625 81.07 -39.10 48.53
C ILE DA 625 82.09 -40.12 48.02
N LEU DA 626 82.53 -41.06 48.85
CA LEU DA 626 83.45 -42.13 48.42
C LEU DA 626 82.81 -43.08 47.41
N GLN DA 627 81.53 -43.40 47.55
CA GLN DA 627 80.81 -44.18 46.54
C GLN DA 627 80.74 -43.44 45.21
N ASP DA 628 80.31 -42.18 45.20
CA ASP DA 628 80.15 -41.38 43.99
C ASP DA 628 81.48 -41.15 43.24
N ILE DA 629 82.59 -40.94 43.95
CA ILE DA 629 83.93 -40.86 43.35
C ILE DA 629 84.34 -42.19 42.70
N SER DA 630 83.98 -43.34 43.29
CA SER DA 630 84.42 -44.65 42.80
C SER DA 630 83.72 -45.14 41.52
N LEU DA 631 82.55 -44.61 41.16
CA LEU DA 631 81.72 -45.16 40.08
C LEU DA 631 82.45 -45.32 38.73
N PRO DA 632 83.12 -44.30 38.15
CA PRO DA 632 83.79 -44.47 36.86
C PRO DA 632 85.05 -45.32 36.92
N ILE DA 633 85.72 -45.37 38.08
CA ILE DA 633 86.90 -46.24 38.31
C ILE DA 633 86.50 -47.71 38.21
N CYS DA 634 85.38 -48.09 38.82
CA CYS DA 634 84.79 -49.43 38.74
C CYS DA 634 84.31 -49.76 37.33
N MET DA 635 83.62 -48.82 36.66
CA MET DA 635 83.14 -49.00 35.28
C MET DA 635 84.28 -49.29 34.30
N CYS DA 636 85.37 -48.51 34.34
CA CYS DA 636 86.48 -48.72 33.41
C CYS DA 636 87.19 -50.06 33.66
N TYR DA 637 87.39 -50.45 34.91
CA TYR DA 637 87.96 -51.75 35.23
C TYR DA 637 87.05 -52.91 34.77
N GLU DA 638 85.74 -52.80 34.95
CA GLU DA 638 84.80 -53.84 34.50
C GLU DA 638 84.65 -53.90 32.98
N ASN DA 639 84.71 -52.77 32.26
CA ASN DA 639 84.77 -52.77 30.79
C ASN DA 639 85.97 -53.57 30.25
N ASP DA 640 87.11 -53.55 30.94
CA ASP DA 640 88.31 -54.35 30.62
C ASP DA 640 88.27 -55.79 31.13
N ASN DA 641 87.46 -56.09 32.15
CA ASN DA 641 87.40 -57.37 32.85
C ASN DA 641 85.93 -57.78 33.08
N PRO DA 642 85.17 -58.12 32.02
CA PRO DA 642 83.71 -58.20 32.07
C PRO DA 642 83.16 -59.24 33.04
N GLY DA 643 81.93 -59.02 33.50
CA GLY DA 643 81.25 -59.90 34.45
C GLY DA 643 80.92 -61.29 33.90
N LEU DA 644 80.59 -61.41 32.60
CA LEU DA 644 80.34 -62.70 31.90
C LEU DA 644 79.36 -63.62 32.65
N GLY DA 645 78.30 -63.05 33.23
CA GLY DA 645 77.28 -63.77 34.00
C GLY DA 645 77.67 -64.17 35.43
N GLN DA 646 78.89 -63.87 35.90
CA GLN DA 646 79.27 -64.05 37.31
C GLN DA 646 78.43 -63.15 38.24
N SER DA 647 78.12 -63.64 39.43
CA SER DA 647 77.59 -62.79 40.52
C SER DA 647 78.70 -61.87 41.07
N PRO DA 648 78.38 -60.70 41.64
CA PRO DA 648 79.41 -59.80 42.15
C PRO DA 648 80.37 -60.41 43.19
N PRO DA 649 79.94 -61.22 44.18
CA PRO DA 649 80.86 -61.88 45.11
C PRO DA 649 81.90 -62.80 44.45
N GLU DA 650 81.52 -63.51 43.39
CA GLU DA 650 82.45 -64.32 42.59
C GLU DA 650 83.44 -63.45 41.82
N TRP DA 651 82.98 -62.40 41.14
CA TRP DA 651 83.82 -61.49 40.37
C TRP DA 651 84.83 -60.72 41.25
N LEU DA 652 84.40 -60.23 42.42
CA LEU DA 652 85.23 -59.52 43.38
C LEU DA 652 86.34 -60.39 43.98
N LYS DA 653 86.12 -61.71 44.11
CA LYS DA 653 87.10 -62.65 44.69
C LYS DA 653 88.44 -62.63 43.94
N GLY DA 654 88.40 -62.58 42.61
CA GLY DA 654 89.58 -62.38 41.78
C GLY DA 654 90.05 -60.93 41.67
N HIS DA 655 89.13 -59.97 41.49
CA HIS DA 655 89.49 -58.61 41.05
C HIS DA 655 89.70 -57.54 42.14
N TYR DA 656 89.22 -57.73 43.37
CA TYR DA 656 89.11 -56.61 44.32
C TYR DA 656 90.45 -56.03 44.79
N GLN DA 657 91.49 -56.86 45.03
CA GLN DA 657 92.81 -56.39 45.45
C GLN DA 657 93.41 -55.36 44.46
N THR DA 658 93.27 -55.62 43.16
CA THR DA 658 93.71 -54.70 42.11
C THR DA 658 92.85 -53.43 42.08
N LEU DA 659 91.53 -53.55 42.23
CA LEU DA 659 90.62 -52.42 42.27
C LEU DA 659 90.89 -51.44 43.44
N CYS DA 660 91.27 -51.92 44.64
CA CYS DA 660 91.72 -51.07 45.75
C CYS DA 660 92.87 -50.12 45.38
N THR DA 661 93.83 -50.64 44.61
CA THR DA 661 95.06 -49.92 44.24
C THR DA 661 94.79 -48.90 43.13
N ASN DA 662 93.91 -49.23 42.17
CA ASN DA 662 93.37 -48.24 41.24
C ASN DA 662 92.64 -47.12 41.97
N PHE DA 663 91.78 -47.43 42.94
CA PHE DA 663 91.07 -46.39 43.69
C PHE DA 663 92.03 -45.43 44.41
N ARG DA 664 93.01 -45.94 45.17
CA ARG DA 664 94.01 -45.12 45.86
C ARG DA 664 94.77 -44.18 44.92
N SER DA 665 95.03 -44.61 43.68
CA SER DA 665 95.76 -43.82 42.66
C SER DA 665 94.88 -42.78 41.94
N LEU DA 666 93.58 -43.05 41.78
CA LEU DA 666 92.67 -42.28 40.93
C LEU DA 666 91.60 -41.47 41.69
N ALA DA 667 91.35 -41.74 42.97
CA ALA DA 667 90.38 -40.99 43.77
C ALA DA 667 90.96 -39.74 44.43
N ILE DA 668 92.25 -39.74 44.75
CA ILE DA 668 92.91 -38.74 45.61
C ILE DA 668 93.80 -37.80 44.79
N ASP DA 669 93.77 -36.51 45.09
CA ASP DA 669 94.44 -35.42 44.35
C ASP DA 669 93.96 -35.21 42.90
N LYS DA 670 92.80 -35.78 42.51
CA LYS DA 670 92.22 -35.65 41.16
C LYS DA 670 91.06 -34.64 41.05
N GLY DA 671 90.80 -33.83 42.08
CA GLY DA 671 89.98 -32.62 42.03
C GLY DA 671 88.86 -32.48 43.05
N VAL DA 672 88.58 -33.50 43.87
CA VAL DA 672 87.56 -33.44 44.94
C VAL DA 672 88.17 -33.70 46.31
N LEU DA 673 88.77 -34.86 46.51
CA LEU DA 673 89.26 -35.35 47.81
C LEU DA 673 90.78 -35.19 47.89
N THR DA 674 91.27 -34.60 48.97
CA THR DA 674 92.70 -34.58 49.29
C THR DA 674 92.97 -35.34 50.58
N ALA DA 675 94.02 -36.16 50.57
CA ALA DA 675 94.49 -36.95 51.71
C ALA DA 675 96.00 -37.16 51.62
N LYS DA 676 96.69 -37.25 52.75
CA LYS DA 676 98.14 -37.43 52.84
C LYS DA 676 98.44 -38.81 53.44
N GLU DA 677 99.20 -39.64 52.75
CA GLU DA 677 99.75 -40.87 53.35
C GLU DA 677 101.00 -40.56 54.19
N ALA DA 678 101.18 -41.31 55.27
CA ALA DA 678 102.29 -41.16 56.20
C ALA DA 678 102.66 -42.50 56.84
N LYS DA 679 103.91 -42.61 57.28
CA LYS DA 679 104.39 -43.73 58.12
C LYS DA 679 104.43 -43.32 59.58
N VAL DA 680 103.94 -44.18 60.47
CA VAL DA 680 103.94 -43.97 61.91
C VAL DA 680 105.09 -44.76 62.53
N VAL DA 681 105.90 -44.10 63.35
CA VAL DA 681 107.05 -44.71 64.03
C VAL DA 681 107.07 -44.37 65.51
N HIS DA 682 107.50 -45.32 66.34
CA HIS DA 682 107.73 -45.09 67.77
C HIS DA 682 109.22 -45.01 68.09
N GLY DA 683 109.63 -44.01 68.88
CA GLY DA 683 111.04 -43.67 69.08
C GLY DA 683 111.78 -44.60 70.04
N GLU DA 684 111.22 -44.90 71.21
CA GLU DA 684 111.85 -45.78 72.20
C GLU DA 684 111.61 -47.28 71.91
N PRO DA 685 112.55 -48.19 72.26
CA PRO DA 685 112.38 -49.63 72.10
C PRO DA 685 111.50 -50.26 73.21
N THR DA 686 111.29 -49.55 74.32
CA THR DA 686 110.45 -49.92 75.47
C THR DA 686 109.67 -48.69 75.94
N CYS DA 687 108.61 -48.83 76.74
CA CYS DA 687 107.96 -47.67 77.34
C CYS DA 687 107.43 -47.95 78.75
N ASP DA 688 107.30 -46.91 79.58
CA ASP DA 688 106.82 -47.01 80.96
C ASP DA 688 105.32 -47.32 80.99
N LEU DA 689 104.95 -48.53 81.43
CA LEU DA 689 103.57 -49.02 81.44
C LEU DA 689 103.31 -49.82 82.73
N PRO DA 690 102.05 -49.94 83.19
CA PRO DA 690 101.74 -50.73 84.37
C PRO DA 690 101.87 -52.23 84.08
N ASP DA 691 102.24 -53.01 85.08
CA ASP DA 691 102.28 -54.46 84.98
C ASP DA 691 100.85 -55.04 84.99
N LEU DA 692 100.31 -55.34 83.80
CA LEU DA 692 98.89 -55.65 83.63
C LEU DA 692 98.50 -56.98 84.29
N ASP DA 693 99.44 -57.93 84.42
CA ASP DA 693 99.23 -59.16 85.17
C ASP DA 693 99.08 -58.89 86.68
N ALA DA 694 99.92 -58.03 87.26
CA ALA DA 694 99.74 -57.59 88.65
C ALA DA 694 98.46 -56.75 88.85
N ALA DA 695 98.14 -55.87 87.89
CA ALA DA 695 96.98 -54.98 87.97
C ALA DA 695 95.65 -55.75 87.92
N LEU DA 696 95.57 -56.84 87.15
CA LEU DA 696 94.43 -57.77 87.15
C LEU DA 696 94.22 -58.41 88.54
N GLN DA 697 95.28 -58.63 89.31
CA GLN DA 697 95.23 -59.12 90.70
C GLN DA 697 95.23 -58.00 91.76
N GLY DA 698 95.10 -56.72 91.38
CA GLY DA 698 94.94 -55.59 92.30
C GLY DA 698 96.23 -54.90 92.76
N ARG DA 699 97.41 -55.33 92.28
CA ARG DA 699 98.73 -54.76 92.64
C ARG DA 699 99.23 -53.82 91.54
N VAL DA 700 99.64 -52.62 91.91
CA VAL DA 700 100.00 -51.55 90.95
C VAL DA 700 101.49 -51.20 91.01
N TYR DA 701 102.24 -51.47 89.94
CA TYR DA 701 103.62 -51.01 89.76
C TYR DA 701 104.05 -51.02 88.28
N GLY DA 702 105.10 -50.26 87.96
CA GLY DA 702 105.56 -50.03 86.58
C GLY DA 702 106.56 -51.07 86.03
N ARG DA 703 106.61 -51.16 84.70
CA ARG DA 703 107.52 -52.02 83.92
C ARG DA 703 107.87 -51.32 82.60
N ARG DA 704 109.08 -51.56 82.06
CA ARG DA 704 109.48 -51.07 80.73
C ARG DA 704 109.34 -52.16 79.67
N LEU DA 705 108.10 -52.38 79.23
CA LEU DA 705 107.73 -53.39 78.25
C LEU DA 705 108.31 -53.07 76.85
N PRO DA 706 109.00 -54.01 76.17
CA PRO DA 706 109.33 -53.90 74.75
C PRO DA 706 108.10 -53.70 73.86
N VAL DA 707 108.15 -52.76 72.91
CA VAL DA 707 107.01 -52.39 72.07
C VAL DA 707 107.37 -52.21 70.59
N ARG DA 708 106.44 -52.53 69.70
CA ARG DA 708 106.51 -52.26 68.26
C ARG DA 708 105.13 -52.01 67.64
N MET DA 709 105.07 -51.29 66.52
CA MET DA 709 103.81 -50.98 65.84
C MET DA 709 103.20 -52.22 65.15
N SER DA 710 101.90 -52.46 65.29
CA SER DA 710 101.17 -53.49 64.52
C SER DA 710 100.72 -53.03 63.13
N LYS DA 711 100.65 -51.72 62.88
CA LYS DA 711 100.41 -51.09 61.58
C LYS DA 711 101.29 -49.85 61.42
N VAL DA 712 101.87 -49.64 60.23
CA VAL DA 712 102.80 -48.54 59.94
C VAL DA 712 102.16 -47.46 59.07
N LEU DA 713 101.35 -47.82 58.08
CA LEU DA 713 100.71 -46.86 57.17
C LEU DA 713 99.47 -46.20 57.78
N MET DA 714 99.34 -44.89 57.58
CA MET DA 714 98.19 -44.07 57.96
C MET DA 714 97.76 -43.16 56.80
N LEU DA 715 96.45 -43.02 56.57
CA LEU DA 715 95.87 -42.17 55.52
C LEU DA 715 95.12 -41.00 56.15
N CYS DA 716 95.78 -39.88 56.31
CA CYS DA 716 95.24 -38.68 56.94
C CYS DA 716 94.34 -37.91 55.96
N PRO DA 717 93.02 -37.79 56.17
CA PRO DA 717 92.15 -37.03 55.28
C PRO DA 717 92.33 -35.52 55.52
N ARG DA 718 92.09 -34.69 54.50
CA ARG DA 718 92.26 -33.23 54.59
C ARG DA 718 90.96 -32.47 54.30
N ASN DA 719 90.58 -32.30 53.03
CA ASN DA 719 89.34 -31.61 52.64
C ASN DA 719 88.65 -32.27 51.46
N ILE DA 720 87.34 -32.03 51.36
CA ILE DA 720 86.53 -32.19 50.14
C ILE DA 720 86.27 -30.79 49.57
N LYS DA 721 86.50 -30.58 48.28
CA LYS DA 721 86.49 -29.25 47.64
C LYS DA 721 85.25 -29.08 46.77
N ILE DA 722 84.47 -28.02 47.01
CA ILE DA 722 83.24 -27.69 46.27
C ILE DA 722 83.50 -26.46 45.38
N LYS DA 723 83.11 -26.51 44.11
CA LYS DA 723 83.39 -25.48 43.09
C LYS DA 723 82.12 -24.96 42.42
N ASN DA 724 82.05 -23.68 42.11
CA ASN DA 724 81.00 -23.08 41.29
C ASN DA 724 81.56 -22.08 40.27
N ARG DA 725 81.22 -22.20 38.97
CA ARG DA 725 81.75 -21.35 37.90
C ARG DA 725 81.17 -19.93 37.94
N VAL DA 726 82.03 -18.92 37.81
CA VAL DA 726 81.63 -17.51 37.93
C VAL DA 726 81.09 -16.92 36.63
N VAL DA 727 81.79 -17.09 35.50
CA VAL DA 727 81.50 -16.37 34.25
C VAL DA 727 80.88 -17.29 33.21
N PHE DA 728 79.69 -16.91 32.74
CA PHE DA 728 79.10 -17.42 31.51
C PHE DA 728 79.69 -16.68 30.30
N THR DA 729 80.24 -17.43 29.35
CA THR DA 729 81.00 -16.89 28.18
C THR DA 729 80.16 -16.74 26.89
N GLY DA 730 78.86 -17.02 26.93
CA GLY DA 730 78.00 -16.94 25.74
C GLY DA 730 78.14 -18.09 24.75
N GLU DA 731 79.04 -19.05 24.98
CA GLU DA 731 79.33 -20.14 24.02
C GLU DA 731 78.20 -21.17 23.87
N ASN DA 732 77.50 -21.50 24.95
CA ASN DA 732 76.36 -22.42 24.90
C ASN DA 732 75.06 -21.67 24.57
N ALA DA 733 74.68 -21.68 23.29
CA ALA DA 733 73.63 -20.84 22.72
C ALA DA 733 72.21 -21.09 23.29
N ALA DA 734 71.95 -22.26 23.90
CA ALA DA 734 70.68 -22.57 24.54
C ALA DA 734 70.46 -21.78 25.85
N LEU DA 735 71.53 -21.32 26.50
CA LEU DA 735 71.49 -20.79 27.88
C LEU DA 735 71.40 -19.25 27.97
N GLN DA 736 71.73 -18.52 26.91
CA GLN DA 736 71.97 -17.06 26.95
C GLN DA 736 70.85 -16.26 27.60
N ASN DA 737 69.59 -16.65 27.39
CA ASN DA 737 68.42 -15.90 27.90
C ASN DA 737 68.34 -15.82 29.42
N SER DA 738 69.00 -16.72 30.16
CA SER DA 738 69.10 -16.64 31.62
C SER DA 738 70.17 -15.64 32.10
N PHE DA 739 71.21 -15.35 31.31
CA PHE DA 739 72.35 -14.51 31.69
C PHE DA 739 72.39 -13.11 31.05
N ILE DA 740 71.67 -12.85 29.97
CA ILE DA 740 71.86 -11.65 29.15
C ILE DA 740 71.54 -10.32 29.89
N LYS DA 741 72.42 -9.33 29.75
CA LYS DA 741 72.32 -7.99 30.31
C LYS DA 741 71.54 -7.05 29.37
N SER DA 742 70.39 -6.56 29.82
CA SER DA 742 69.62 -5.50 29.15
C SER DA 742 70.23 -4.10 29.38
N THR DA 743 69.96 -3.14 28.49
CA THR DA 743 70.51 -1.77 28.56
C THR DA 743 69.43 -0.66 28.53
N THR DA 744 68.16 -0.98 28.26
CA THR DA 744 67.10 0.04 28.12
C THR DA 744 66.70 0.68 29.46
N ARG DA 745 66.33 1.97 29.41
CA ARG DA 745 66.06 2.84 30.56
C ARG DA 745 64.73 2.50 31.26
N ARG DA 746 64.78 1.77 32.36
CA ARG DA 746 63.61 1.36 33.17
C ARG DA 746 63.12 2.49 34.07
N GLU DA 747 61.85 2.42 34.50
CA GLU DA 747 61.30 3.32 35.52
C GLU DA 747 61.70 2.95 36.96
N ASN DA 748 62.05 1.69 37.25
CA ASN DA 748 62.48 1.25 38.58
C ASN DA 748 63.95 1.56 38.94
N TYR DA 749 64.66 2.33 38.12
CA TYR DA 749 66.12 2.46 38.19
C TYR DA 749 66.64 3.06 39.50
N ILE DA 750 65.88 3.91 40.19
CA ILE DA 750 66.27 4.41 41.52
C ILE DA 750 65.92 3.36 42.59
N ILE DA 751 64.67 2.89 42.65
CA ILE DA 751 64.20 2.00 43.73
C ILE DA 751 64.81 0.57 43.67
N ASN DA 752 65.21 0.10 42.50
CA ASN DA 752 66.02 -1.11 42.29
C ASN DA 752 67.52 -0.77 42.03
N GLY DA 753 67.93 0.46 42.29
CA GLY DA 753 69.29 0.94 42.12
C GLY DA 753 70.15 0.84 43.37
N PRO DA 754 71.40 1.34 43.33
CA PRO DA 754 72.39 1.14 44.39
C PRO DA 754 72.15 1.96 45.67
N TYR DA 755 71.26 2.95 45.68
CA TYR DA 755 71.09 3.86 46.82
C TYR DA 755 69.85 3.61 47.69
N MET DA 756 68.85 2.85 47.24
CA MET DA 756 67.55 2.79 47.89
C MET DA 756 67.59 2.33 49.36
N LYS DA 757 68.41 1.32 49.70
CA LYS DA 757 68.56 0.88 51.10
C LYS DA 757 69.14 1.97 52.01
N PHE DA 758 70.10 2.75 51.55
CA PHE DA 758 70.63 3.90 52.30
C PHE DA 758 69.63 5.06 52.37
N LEU DA 759 68.93 5.37 51.28
CA LEU DA 759 67.87 6.38 51.26
C LEU DA 759 66.73 6.05 52.23
N ASN DA 760 66.50 4.76 52.51
CA ASN DA 760 65.58 4.32 53.55
C ASN DA 760 66.19 4.41 54.96
N THR DA 761 67.38 3.86 55.19
CA THR DA 761 68.08 3.92 56.49
C THR DA 761 68.23 5.35 57.04
N TYR DA 762 68.47 6.33 56.17
CA TYR DA 762 68.67 7.74 56.53
C TYR DA 762 67.44 8.64 56.25
N HIS DA 763 66.27 8.08 55.98
CA HIS DA 763 65.07 8.85 55.60
C HIS DA 763 64.68 9.93 56.60
N LYS DA 764 64.65 9.62 57.91
CA LYS DA 764 64.31 10.59 58.95
C LYS DA 764 65.33 11.72 59.14
N THR DA 765 66.59 11.53 58.72
CA THR DA 765 67.60 12.63 58.69
C THR DA 765 67.57 13.41 57.38
N LEU DA 766 67.26 12.79 56.23
CA LEU DA 766 67.09 13.52 54.96
C LEU DA 766 65.79 14.32 54.88
N PHE DA 767 64.66 13.80 55.36
CA PHE DA 767 63.36 14.46 55.27
C PHE DA 767 62.65 14.48 56.64
N PRO DA 768 63.09 15.32 57.59
CA PRO DA 768 62.56 15.39 58.95
C PRO DA 768 61.03 15.52 59.01
N ASP DA 769 60.40 14.62 59.74
CA ASP DA 769 58.95 14.54 59.98
C ASP DA 769 58.04 14.45 58.73
N THR DA 770 58.52 13.98 57.58
CA THR DA 770 57.64 13.76 56.40
C THR DA 770 56.70 12.56 56.59
N LYS DA 771 55.46 12.65 56.10
CA LYS DA 771 54.46 11.56 56.15
C LYS DA 771 54.72 10.48 55.10
N LEU DA 772 55.41 10.82 54.01
CA LEU DA 772 55.67 9.97 52.85
C LEU DA 772 56.54 8.76 53.18
N SER DA 773 56.24 7.59 52.62
CA SER DA 773 57.20 6.48 52.59
C SER DA 773 58.39 6.81 51.69
N SER DA 774 59.58 6.30 52.04
CA SER DA 774 60.79 6.48 51.24
C SER DA 774 60.63 5.92 49.82
N LEU DA 775 59.96 4.78 49.68
CA LEU DA 775 59.63 4.15 48.40
C LEU DA 775 58.76 5.06 47.53
N TYR DA 776 57.69 5.65 48.07
CA TYR DA 776 56.86 6.56 47.29
C TYR DA 776 57.57 7.88 46.95
N LEU DA 777 58.36 8.46 47.86
CA LEU DA 777 59.10 9.71 47.60
C LEU DA 777 60.01 9.57 46.37
N TRP DA 778 60.84 8.54 46.32
CA TRP DA 778 61.75 8.28 45.22
C TRP DA 778 61.11 7.70 43.95
N HIS DA 779 59.95 7.04 44.04
CA HIS DA 779 59.18 6.63 42.86
C HIS DA 779 58.43 7.81 42.22
N ASN DA 780 57.89 8.73 43.04
CA ASN DA 780 57.34 10.01 42.60
C ASN DA 780 58.42 10.84 41.91
N PHE DA 781 59.63 10.92 42.46
CA PHE DA 781 60.74 11.59 41.80
C PHE DA 781 61.10 10.92 40.46
N SER DA 782 61.17 9.59 40.43
CA SER DA 782 61.37 8.76 39.24
C SER DA 782 60.33 8.91 38.12
N ARG DA 783 59.21 9.61 38.35
CA ARG DA 783 58.14 9.80 37.35
C ARG DA 783 57.67 11.24 37.16
N ARG DA 784 57.83 12.11 38.15
CA ARG DA 784 57.35 13.51 38.13
C ARG DA 784 58.47 14.55 38.27
N ARG DA 785 59.71 14.15 38.55
CA ARG DA 785 60.88 15.04 38.69
C ARG DA 785 60.71 16.12 39.76
N SER DA 786 60.25 15.76 40.97
CA SER DA 786 60.10 16.73 42.08
C SER DA 786 60.42 16.14 43.46
N VAL DA 787 60.87 16.98 44.38
CA VAL DA 787 61.41 16.61 45.70
C VAL DA 787 60.95 17.59 46.78
N PRO DA 788 60.54 17.13 47.98
CA PRO DA 788 60.06 18.02 49.03
C PRO DA 788 61.20 18.67 49.82
N VAL DA 789 61.10 19.97 50.16
CA VAL DA 789 62.14 20.70 50.91
C VAL DA 789 61.64 21.04 52.32
N PRO DA 790 62.24 20.50 53.39
CA PRO DA 790 61.85 20.79 54.79
C PRO DA 790 61.78 22.29 55.12
N SER DA 791 60.97 22.65 56.11
CA SER DA 791 60.45 24.02 56.30
C SER DA 791 61.51 25.12 56.41
N GLY DA 792 62.65 24.85 57.06
CA GLY DA 792 63.80 25.77 57.15
C GLY DA 792 64.98 25.42 56.23
N ALA DA 793 65.00 24.25 55.61
CA ALA DA 793 66.10 23.80 54.77
C ALA DA 793 66.17 24.53 53.41
N SER DA 794 67.33 24.52 52.74
CA SER DA 794 67.56 25.28 51.50
C SER DA 794 67.15 24.49 50.25
N ALA DA 795 66.56 25.14 49.25
CA ALA DA 795 66.06 24.45 48.05
C ALA DA 795 67.17 23.79 47.23
N GLU DA 796 68.28 24.48 46.98
CA GLU DA 796 69.26 24.00 45.99
C GLU DA 796 70.06 22.79 46.47
N GLU DA 797 70.30 22.71 47.78
CA GLU DA 797 70.83 21.54 48.50
C GLU DA 797 70.05 20.26 48.21
N TYR DA 798 68.71 20.31 48.16
CA TYR DA 798 67.88 19.16 47.77
C TYR DA 798 67.84 18.94 46.26
N SER DA 799 67.91 19.98 45.44
CA SER DA 799 68.06 19.79 43.99
C SER DA 799 69.37 19.04 43.66
N ASP DA 800 70.45 19.27 44.39
CA ASP DA 800 71.70 18.53 44.22
C ASP DA 800 71.59 17.07 44.67
N LEU DA 801 71.04 16.79 45.85
CA LEU DA 801 70.76 15.42 46.33
C LEU DA 801 70.01 14.58 45.28
N ALA DA 802 68.96 15.16 44.69
CA ALA DA 802 68.18 14.52 43.65
C ALA DA 802 69.01 14.19 42.41
N LEU DA 803 69.84 15.12 41.93
CA LEU DA 803 70.72 14.89 40.79
C LEU DA 803 71.84 13.89 41.08
N PHE DA 804 72.34 13.78 42.31
CA PHE DA 804 73.29 12.72 42.67
C PHE DA 804 72.66 11.32 42.53
N VAL DA 805 71.45 11.14 43.08
CA VAL DA 805 70.69 9.89 43.07
C VAL DA 805 70.35 9.47 41.65
N ASP DA 806 69.83 10.40 40.84
CA ASP DA 806 69.52 10.17 39.44
C ASP DA 806 70.77 9.76 38.62
N GLY DA 807 71.85 10.55 38.75
CA GLY DA 807 73.08 10.32 38.01
C GLY DA 807 73.69 8.95 38.27
N GLY DA 808 73.93 8.62 39.54
CA GLY DA 808 74.51 7.33 39.90
C GLY DA 808 73.59 6.15 39.57
N SER DA 809 72.27 6.31 39.70
CA SER DA 809 71.34 5.25 39.35
C SER DA 809 71.34 4.92 37.84
N ARG DA 810 71.37 5.92 36.94
CA ARG DA 810 71.52 5.68 35.49
C ARG DA 810 72.91 5.12 35.13
N ALA DA 811 73.98 5.59 35.77
CA ALA DA 811 75.32 5.02 35.55
C ALA DA 811 75.40 3.54 35.99
N HIS DA 812 74.76 3.19 37.10
CA HIS DA 812 74.64 1.80 37.57
C HIS DA 812 73.81 0.94 36.61
N GLU DA 813 72.68 1.46 36.10
CA GLU DA 813 71.80 0.77 35.15
C GLU DA 813 72.55 0.38 33.86
N GLU DA 814 73.37 1.28 33.33
CA GLU DA 814 74.29 1.04 32.22
C GLU DA 814 75.39 0.00 32.56
N SER DA 815 76.17 0.22 33.62
CA SER DA 815 77.42 -0.53 33.85
C SER DA 815 77.29 -1.87 34.61
N ASN DA 816 76.24 -2.11 35.39
CA ASN DA 816 76.24 -3.21 36.37
C ASN DA 816 76.02 -4.62 35.78
N VAL DA 817 76.86 -5.59 36.18
CA VAL DA 817 76.69 -7.02 35.87
C VAL DA 817 76.65 -7.92 37.12
N ILE DA 818 76.51 -7.33 38.30
CA ILE DA 818 76.40 -8.01 39.61
C ILE DA 818 75.00 -7.76 40.19
N ASP DA 819 74.12 -8.76 40.17
CA ASP DA 819 72.68 -8.60 40.43
C ASP DA 819 72.32 -8.50 41.93
N VAL DA 820 72.78 -7.44 42.59
CA VAL DA 820 72.67 -7.19 44.04
C VAL DA 820 72.28 -5.74 44.30
N VAL DA 821 71.40 -5.51 45.28
CA VAL DA 821 71.12 -4.19 45.85
C VAL DA 821 71.85 -4.12 47.21
N PRO DA 822 72.97 -3.38 47.34
CA PRO DA 822 73.86 -3.50 48.50
C PRO DA 822 73.27 -2.90 49.77
N GLY DA 823 73.44 -3.58 50.92
CA GLY DA 823 72.91 -3.12 52.20
C GLY DA 823 73.83 -2.25 53.06
N ASN DA 824 75.14 -2.26 52.79
CA ASN DA 824 76.15 -1.55 53.57
C ASN DA 824 77.27 -1.00 52.66
N LEU DA 825 78.02 0.00 53.13
CA LEU DA 825 79.04 0.67 52.31
C LEU DA 825 80.20 -0.24 51.87
N VAL DA 826 80.55 -1.27 52.62
CA VAL DA 826 81.56 -2.26 52.19
C VAL DA 826 81.08 -3.08 51.01
N THR DA 827 79.83 -3.54 51.01
CA THR DA 827 79.26 -4.27 49.87
C THR DA 827 79.06 -3.34 48.67
N TYR DA 828 78.59 -2.11 48.88
CA TYR DA 828 78.52 -1.07 47.82
C TYR DA 828 79.89 -0.83 47.16
N ALA DA 829 80.95 -0.66 47.96
CA ALA DA 829 82.31 -0.47 47.49
C ALA DA 829 82.84 -1.68 46.70
N LYS DA 830 82.70 -2.89 47.24
CA LYS DA 830 83.11 -4.14 46.57
C LYS DA 830 82.36 -4.41 45.27
N GLN DA 831 81.09 -4.06 45.16
CA GLN DA 831 80.35 -4.14 43.90
C GLN DA 831 80.95 -3.18 42.85
N ARG DA 832 81.21 -1.91 43.23
CA ARG DA 832 81.81 -0.90 42.32
C ARG DA 832 83.18 -1.35 41.80
N LEU DA 833 84.00 -1.93 42.67
CA LEU DA 833 85.32 -2.47 42.34
C LEU DA 833 85.25 -3.62 41.32
N ASN DA 834 84.41 -4.63 41.55
CA ASN DA 834 84.35 -5.81 40.69
C ASN DA 834 83.67 -5.53 39.34
N ASN DA 835 82.69 -4.62 39.28
CA ASN DA 835 82.18 -4.10 38.01
C ASN DA 835 83.28 -3.40 37.18
N ALA DA 836 84.29 -2.77 37.80
CA ALA DA 836 85.40 -2.16 37.07
C ALA DA 836 86.35 -3.20 36.45
N ILE DA 837 86.69 -4.26 37.18
CA ILE DA 837 87.58 -5.32 36.71
C ILE DA 837 86.95 -6.08 35.54
N LEU DA 838 85.66 -6.42 35.62
CA LEU DA 838 84.94 -7.12 34.56
C LEU DA 838 84.87 -6.29 33.27
N LYS DA 839 84.76 -4.95 33.37
CA LYS DA 839 84.79 -4.05 32.22
C LYS DA 839 86.16 -4.01 31.52
N ALA DA 840 87.25 -3.95 32.29
CA ALA DA 840 88.60 -4.07 31.75
C ALA DA 840 88.85 -5.42 31.05
N CYS DA 841 88.18 -6.50 31.50
CA CYS DA 841 88.22 -7.80 30.83
C CYS DA 841 87.27 -7.94 29.64
N GLY DA 842 86.50 -6.90 29.28
CA GLY DA 842 85.48 -6.98 28.22
C GLY DA 842 84.23 -7.81 28.56
N GLN DA 843 83.98 -8.12 29.83
CA GLN DA 843 82.80 -8.88 30.29
C GLN DA 843 81.63 -7.92 30.59
N THR DA 844 80.79 -7.68 29.59
CA THR DA 844 79.75 -6.63 29.60
C THR DA 844 78.37 -7.11 29.15
N GLN DA 845 78.29 -8.28 28.50
CA GLN DA 845 77.07 -8.80 27.87
C GLN DA 845 76.20 -9.65 28.82
N PHE DA 846 76.77 -10.15 29.91
CA PHE DA 846 76.14 -11.13 30.80
C PHE DA 846 76.32 -10.79 32.27
N TYR DA 847 75.30 -11.09 33.08
CA TYR DA 847 75.45 -11.22 34.54
C TYR DA 847 76.41 -12.37 34.91
N ILE DA 848 77.18 -12.21 35.98
CA ILE DA 848 77.95 -13.30 36.60
C ILE DA 848 77.08 -14.18 37.52
N SER DA 849 77.49 -15.42 37.80
CA SER DA 849 76.87 -16.25 38.85
C SER DA 849 77.07 -15.65 40.25
N LEU DA 850 76.07 -15.81 41.12
CA LEU DA 850 76.12 -15.44 42.54
C LEU DA 850 75.93 -16.66 43.46
N ILE DA 851 76.62 -16.69 44.60
CA ILE DA 851 76.25 -17.55 45.74
C ILE DA 851 75.72 -16.66 46.87
N GLN DA 852 74.54 -16.95 47.41
CA GLN DA 852 73.98 -16.27 48.57
C GLN DA 852 73.94 -17.19 49.81
N GLY DA 853 74.37 -16.66 50.96
CA GLY DA 853 74.29 -17.35 52.24
C GLY DA 853 72.94 -17.11 52.93
N LEU DA 854 72.29 -18.17 53.38
CA LEU DA 854 71.11 -18.12 54.24
C LEU DA 854 71.55 -18.30 55.69
N VAL DA 855 71.36 -17.28 56.53
CA VAL DA 855 71.89 -17.23 57.91
C VAL DA 855 70.76 -17.25 58.95
N PRO DA 856 70.76 -18.18 59.93
CA PRO DA 856 69.73 -18.28 60.97
C PRO DA 856 69.62 -17.06 61.89
N ARG DA 857 68.39 -16.56 62.08
CA ARG DA 857 67.99 -15.54 63.07
C ARG DA 857 66.99 -16.11 64.06
N THR DA 858 67.25 -15.97 65.35
CA THR DA 858 66.45 -16.56 66.43
C THR DA 858 65.53 -15.50 67.04
N GLN DA 859 64.23 -15.78 67.18
CA GLN DA 859 63.21 -14.82 67.62
C GLN DA 859 62.20 -15.42 68.62
N SER DA 860 61.75 -14.65 69.61
CA SER DA 860 60.71 -15.04 70.57
C SER DA 860 59.34 -14.58 70.10
N VAL DA 861 58.36 -15.48 70.09
CA VAL DA 861 56.99 -15.25 69.55
C VAL DA 861 55.93 -15.75 70.55
N PRO DA 862 54.67 -15.30 70.46
CA PRO DA 862 53.61 -15.78 71.34
C PRO DA 862 53.31 -17.28 71.10
N ALA DA 863 53.17 -18.06 72.17
CA ALA DA 863 53.14 -19.52 72.11
C ALA DA 863 51.86 -20.15 71.53
N ARG DA 864 50.85 -19.36 71.13
CA ARG DA 864 49.53 -19.81 70.68
C ARG DA 864 49.55 -20.96 69.69
N ASP DA 865 50.44 -20.94 68.69
CA ASP DA 865 50.62 -22.00 67.69
C ASP DA 865 51.89 -22.87 67.91
N TYR DA 866 52.46 -22.87 69.11
CA TYR DA 866 53.67 -23.61 69.48
C TYR DA 866 53.41 -24.49 70.72
N PRO DA 867 52.55 -25.52 70.62
CA PRO DA 867 51.91 -26.17 71.75
C PRO DA 867 52.88 -26.89 72.69
N HIS DA 868 54.08 -27.26 72.24
CA HIS DA 868 55.06 -27.97 73.05
C HIS DA 868 55.54 -27.22 74.29
N VAL DA 869 55.33 -25.91 74.41
CA VAL DA 869 55.70 -25.16 75.64
C VAL DA 869 54.87 -25.57 76.87
N LEU DA 870 53.71 -26.20 76.68
CA LEU DA 870 52.84 -26.67 77.77
C LEU DA 870 53.36 -27.92 78.48
N GLY DA 871 54.31 -28.67 77.92
CA GLY DA 871 54.85 -29.89 78.49
C GLY DA 871 53.91 -31.10 78.42
N THR DA 872 54.13 -32.10 79.27
CA THR DA 872 53.31 -33.34 79.35
C THR DA 872 51.94 -33.16 80.04
N ARG DA 873 51.61 -31.93 80.44
CA ARG DA 873 50.30 -31.45 80.93
C ARG DA 873 49.09 -32.05 80.18
N ALA DA 874 48.06 -32.45 80.92
CA ALA DA 874 46.77 -32.81 80.33
C ALA DA 874 45.98 -31.55 79.92
N VAL DA 875 45.39 -31.56 78.73
CA VAL DA 875 44.60 -30.43 78.19
C VAL DA 875 43.16 -30.87 77.99
N GLU DA 876 42.23 -30.20 78.67
CA GLU DA 876 40.82 -30.63 78.76
C GLU DA 876 39.87 -29.84 77.83
N SER DA 877 40.18 -28.58 77.49
CA SER DA 877 39.37 -27.76 76.57
C SER DA 877 40.22 -26.75 75.80
N ALA DA 878 39.69 -26.27 74.67
CA ALA DA 878 40.35 -25.24 73.86
C ALA DA 878 40.45 -23.88 74.60
N ALA DA 879 39.47 -23.57 75.44
CA ALA DA 879 39.51 -22.39 76.31
C ALA DA 879 40.65 -22.47 77.34
N ALA DA 880 40.90 -23.64 77.93
CA ALA DA 880 42.03 -23.85 78.82
C ALA DA 880 43.39 -23.80 78.08
N TYR DA 881 43.48 -24.33 76.85
CA TYR DA 881 44.67 -24.19 76.00
C TYR DA 881 44.98 -22.71 75.69
N ALA DA 882 43.96 -21.93 75.30
CA ALA DA 882 44.10 -20.50 75.05
C ALA DA 882 44.51 -19.73 76.31
N GLU DA 883 43.94 -20.05 77.47
CA GLU DA 883 44.32 -19.44 78.75
C GLU DA 883 45.77 -19.76 79.11
N ALA DA 884 46.17 -21.03 79.09
CA ALA DA 884 47.52 -21.46 79.46
C ALA DA 884 48.62 -20.93 78.53
N THR DA 885 48.34 -20.75 77.23
CA THR DA 885 49.30 -20.18 76.28
C THR DA 885 49.32 -18.65 76.27
N SER DA 886 48.28 -17.95 76.74
CA SER DA 886 48.14 -16.48 76.63
C SER DA 886 49.32 -15.68 77.22
N SER DA 887 50.00 -16.21 78.24
CA SER DA 887 51.12 -15.57 78.94
C SER DA 887 52.50 -16.10 78.55
N LEU DA 888 52.61 -16.99 77.56
CA LEU DA 888 53.83 -17.75 77.23
C LEU DA 888 54.42 -17.40 75.85
N THR DA 889 55.74 -17.52 75.73
CA THR DA 889 56.48 -17.31 74.47
C THR DA 889 57.32 -18.53 74.08
N ALA DA 890 57.42 -18.78 72.78
CA ALA DA 890 58.23 -19.82 72.16
C ALA DA 890 59.39 -19.23 71.37
N THR DA 891 60.55 -19.86 71.43
CA THR DA 891 61.70 -19.54 70.56
C THR DA 891 61.51 -20.20 69.19
N THR DA 892 61.68 -19.45 68.10
CA THR DA 892 61.61 -19.96 66.73
C THR DA 892 62.78 -19.42 65.89
N VAL DA 893 63.06 -20.06 64.76
CA VAL DA 893 64.16 -19.69 63.88
C VAL DA 893 63.66 -19.50 62.45
N VAL DA 894 64.16 -18.46 61.79
CA VAL DA 894 63.98 -18.17 60.35
C VAL DA 894 65.35 -17.86 59.75
N CYS DA 895 65.52 -18.02 58.45
CA CYS DA 895 66.77 -17.67 57.75
C CYS DA 895 66.64 -16.36 56.96
N ALA DA 896 67.67 -15.52 57.02
CA ALA DA 896 67.79 -14.29 56.24
C ALA DA 896 68.89 -14.37 55.18
N ALA DA 897 68.63 -13.86 53.98
CA ALA DA 897 69.61 -13.85 52.90
C ALA DA 897 70.64 -12.73 53.11
N THR DA 898 71.92 -13.11 53.19
CA THR DA 898 73.05 -12.18 53.11
C THR DA 898 73.35 -11.85 51.64
N ASP DA 899 73.75 -10.62 51.37
CA ASP DA 899 74.23 -10.14 50.06
C ASP DA 899 75.76 -10.28 49.88
N CYS DA 900 76.45 -10.91 50.84
CA CYS DA 900 77.90 -10.90 50.99
C CYS DA 900 78.45 -12.16 51.72
N LEU DA 901 78.43 -13.31 51.04
CA LEU DA 901 78.89 -14.60 51.61
C LEU DA 901 80.32 -14.56 52.18
N SER DA 902 81.24 -13.77 51.62
CA SER DA 902 82.64 -13.80 52.02
C SER DA 902 82.90 -13.39 53.48
N GLN DA 903 82.15 -12.44 54.05
CA GLN DA 903 82.27 -12.09 55.48
C GLN DA 903 81.76 -13.22 56.40
N VAL DA 904 80.74 -13.98 55.98
CA VAL DA 904 80.28 -15.16 56.71
C VAL DA 904 81.35 -16.27 56.69
N CYS DA 905 82.01 -16.52 55.56
CA CYS DA 905 83.10 -17.49 55.46
C CYS DA 905 84.32 -17.17 56.34
N LYS DA 906 84.58 -15.91 56.68
CA LYS DA 906 85.62 -15.52 57.66
C LYS DA 906 85.32 -15.97 59.09
N ALA DA 907 84.06 -16.18 59.44
CA ALA DA 907 83.60 -16.63 60.77
C ALA DA 907 83.57 -18.17 60.95
N ARG DA 908 84.29 -18.92 60.11
CA ARG DA 908 84.46 -20.38 60.12
C ARG DA 908 83.13 -21.17 60.27
N PRO DA 909 82.20 -21.04 59.32
CA PRO DA 909 80.81 -21.46 59.51
C PRO DA 909 80.59 -22.98 59.45
N VAL DA 910 79.56 -23.46 60.14
CA VAL DA 910 78.87 -24.72 59.84
C VAL DA 910 78.02 -24.52 58.58
N VAL DA 911 78.12 -25.41 57.60
CA VAL DA 911 77.48 -25.25 56.29
C VAL DA 911 76.60 -26.43 55.87
N THR DA 912 75.56 -26.16 55.09
CA THR DA 912 74.74 -27.18 54.38
C THR DA 912 74.53 -26.78 52.94
N LEU DA 913 74.82 -27.68 52.00
CA LEU DA 913 74.82 -27.40 50.56
C LEU DA 913 74.50 -28.63 49.68
N PRO DA 914 73.98 -28.47 48.45
CA PRO DA 914 73.80 -29.54 47.48
C PRO DA 914 75.05 -29.77 46.61
N VAL DA 915 75.42 -31.01 46.31
CA VAL DA 915 76.55 -31.32 45.41
C VAL DA 915 76.26 -32.43 44.40
N THR DA 916 76.76 -32.27 43.17
CA THR DA 916 76.93 -33.35 42.18
C THR DA 916 78.42 -33.52 41.90
N ILE DA 917 78.95 -34.75 41.90
CA ILE DA 917 80.34 -34.99 41.48
C ILE DA 917 80.37 -35.38 39.99
N ASN DA 918 80.86 -34.47 39.16
CA ASN DA 918 81.02 -34.65 37.71
C ASN DA 918 82.44 -35.13 37.38
N LYS DA 919 82.57 -36.01 36.38
CA LYS DA 919 83.85 -36.61 36.00
C LYS DA 919 84.14 -36.42 34.50
N TYR DA 920 85.39 -36.15 34.15
CA TYR DA 920 85.79 -35.74 32.80
C TYR DA 920 87.24 -36.12 32.48
N THR DA 921 87.57 -36.18 31.20
CA THR DA 921 88.92 -36.50 30.69
C THR DA 921 89.87 -35.31 30.87
N GLY DA 922 91.17 -35.56 31.01
CA GLY DA 922 92.19 -34.50 30.94
C GLY DA 922 92.34 -33.84 29.56
N VAL DA 923 93.04 -32.71 29.50
CA VAL DA 923 93.37 -31.96 28.26
C VAL DA 923 94.70 -32.42 27.63
N ASN DA 924 95.06 -31.83 26.49
CA ASN DA 924 96.36 -32.00 25.82
C ASN DA 924 96.70 -33.47 25.51
N GLY DA 925 95.70 -34.25 25.09
CA GLY DA 925 95.84 -35.66 24.75
C GLY DA 925 95.87 -36.62 25.93
N ASN DA 926 95.73 -36.15 27.17
CA ASN DA 926 95.67 -37.00 28.36
C ASN DA 926 94.43 -37.92 28.37
N ASN DA 927 94.53 -39.12 28.94
CA ASN DA 927 93.44 -40.10 29.02
C ASN DA 927 92.98 -40.42 30.46
N GLN DA 928 93.49 -39.73 31.48
CA GLN DA 928 93.06 -39.89 32.87
C GLN DA 928 91.68 -39.25 33.13
N ILE DA 929 91.03 -39.66 34.22
CA ILE DA 929 89.77 -39.10 34.71
C ILE DA 929 90.04 -38.12 35.84
N PHE DA 930 89.45 -36.93 35.78
CA PHE DA 930 89.47 -35.89 36.81
C PHE DA 930 88.04 -35.61 37.30
N GLN DA 931 87.87 -35.09 38.52
CA GLN DA 931 86.54 -34.84 39.11
C GLN DA 931 86.37 -33.39 39.59
N ALA DA 932 85.13 -32.90 39.57
CA ALA DA 932 84.72 -31.69 40.28
C ALA DA 932 83.45 -31.95 41.09
N GLY DA 933 83.40 -31.45 42.33
CA GLY DA 933 82.20 -31.40 43.14
C GLY DA 933 81.51 -30.07 42.90
N ASN DA 934 80.47 -30.04 42.07
CA ASN DA 934 79.81 -28.81 41.68
C ASN DA 934 78.59 -28.52 42.53
N LEU DA 935 78.48 -27.27 42.99
CA LEU DA 935 77.36 -26.75 43.78
C LEU DA 935 76.06 -26.82 42.97
N GLY DA 936 75.04 -27.46 43.52
CA GLY DA 936 73.74 -27.68 42.90
C GLY DA 936 72.59 -26.97 43.60
N TYR DA 937 71.40 -27.56 43.55
CA TYR DA 937 70.14 -27.01 44.03
C TYR DA 937 69.44 -27.92 45.06
N PHE DA 938 68.67 -27.31 45.97
CA PHE DA 938 67.80 -28.01 46.91
C PHE DA 938 66.48 -28.45 46.24
N MET DA 939 66.00 -29.64 46.54
CA MET DA 939 64.69 -30.13 46.11
C MET DA 939 63.69 -30.19 47.28
N GLY DA 940 62.45 -29.81 47.02
CA GLY DA 940 61.34 -29.88 47.98
C GLY DA 940 60.92 -28.50 48.49
N ARG DA 941 59.63 -28.16 48.36
CA ARG DA 941 59.10 -26.81 48.67
C ARG DA 941 59.07 -26.47 50.16
N GLY DA 942 59.25 -27.42 51.06
CA GLY DA 942 59.26 -27.17 52.50
C GLY DA 942 60.59 -26.73 53.10
N VAL DA 943 61.68 -26.69 52.34
CA VAL DA 943 63.04 -26.45 52.84
C VAL DA 943 63.21 -25.05 53.44
N ASP DA 944 62.99 -23.98 52.68
CA ASP DA 944 63.01 -22.60 53.17
C ASP DA 944 62.23 -21.65 52.24
N ARG DA 945 61.43 -20.75 52.79
CA ARG DA 945 60.63 -19.79 52.01
C ARG DA 945 61.44 -18.88 51.07
N ASN DA 946 62.71 -18.60 51.34
CA ASN DA 946 63.57 -17.83 50.43
C ASN DA 946 63.87 -18.56 49.11
N LEU DA 947 63.74 -19.89 49.07
CA LEU DA 947 63.94 -20.70 47.87
C LEU DA 947 62.69 -20.78 46.98
N LEU DA 948 61.52 -20.33 47.43
CA LEU DA 948 60.26 -20.40 46.67
C LEU DA 948 60.23 -19.40 45.50
N GLN DA 949 60.13 -19.91 44.27
CA GLN DA 949 59.89 -19.10 43.07
C GLN DA 949 58.39 -18.82 42.85
N SER DA 963 66.97 -20.70 39.91
CA SER DA 963 67.63 -19.97 38.84
C SER DA 963 68.96 -20.61 38.42
N MET DA 964 69.36 -20.41 37.16
CA MET DA 964 70.72 -20.69 36.68
C MET DA 964 71.79 -19.87 37.44
N ARG DA 965 71.52 -18.59 37.68
CA ARG DA 965 72.56 -17.60 38.04
C ARG DA 965 72.61 -17.20 39.52
N LYS DA 966 71.71 -17.72 40.36
CA LYS DA 966 71.81 -17.62 41.83
C LYS DA 966 71.72 -19.01 42.48
N LYS DA 967 72.67 -19.35 43.34
CA LYS DA 967 72.68 -20.58 44.17
C LYS DA 967 72.80 -20.24 45.66
N PHE DA 968 72.33 -21.13 46.52
CA PHE DA 968 72.24 -20.91 47.97
C PHE DA 968 73.03 -21.94 48.78
N VAL DA 969 73.57 -21.49 49.91
CA VAL DA 969 74.18 -22.30 50.99
C VAL DA 969 73.61 -21.84 52.33
N PHE DA 970 73.27 -22.75 53.25
CA PHE DA 970 72.97 -22.37 54.65
C PHE DA 970 74.26 -22.25 55.44
N ALA DA 971 74.46 -21.20 56.23
CA ALA DA 971 75.66 -20.99 57.05
C ALA DA 971 75.37 -20.47 58.47
N THR DA 972 75.97 -21.07 59.51
CA THR DA 972 75.97 -20.56 60.90
C THR DA 972 77.41 -20.30 61.34
N PRO DA 973 77.80 -19.08 61.76
CA PRO DA 973 79.18 -18.78 62.18
C PRO DA 973 79.57 -19.45 63.51
N THR DA 974 80.85 -19.75 63.73
CA THR DA 974 81.38 -20.29 65.00
C THR DA 974 82.27 -19.34 65.79
N LEU DA 975 82.95 -18.36 65.16
CA LEU DA 975 83.63 -17.28 65.88
C LEU DA 975 82.65 -16.45 66.73
N GLY DA 976 82.93 -16.27 68.01
CA GLY DA 976 82.06 -15.61 68.97
C GLY DA 976 80.93 -16.47 69.54
N LEU DA 977 80.83 -17.74 69.12
CA LEU DA 977 79.96 -18.74 69.74
C LEU DA 977 80.81 -19.76 70.51
N THR DA 978 81.62 -20.56 69.81
CA THR DA 978 82.45 -21.64 70.39
C THR DA 978 83.96 -21.39 70.27
N VAL DA 979 84.40 -20.45 69.44
CA VAL DA 979 85.80 -20.06 69.23
C VAL DA 979 85.99 -18.55 69.45
N LYS DA 980 87.02 -18.14 70.19
CA LYS DA 980 87.26 -16.73 70.57
C LYS DA 980 87.94 -15.93 69.44
N ARG DA 981 87.49 -14.70 69.19
CA ARG DA 981 88.09 -13.78 68.21
C ARG DA 981 89.48 -13.31 68.65
N THR DA 988 98.55 1.46 69.76
CA THR DA 988 99.62 2.47 69.77
C THR DA 988 99.53 3.40 70.98
N TYR DA 989 100.66 4.01 71.37
CA TYR DA 989 100.66 5.18 72.23
C TYR DA 989 100.20 6.43 71.45
N GLU DA 990 99.57 7.40 72.11
CA GLU DA 990 99.12 8.62 71.44
C GLU DA 990 100.26 9.43 70.80
N ILE DA 991 101.46 9.42 71.39
CA ILE DA 991 102.66 10.03 70.77
C ILE DA 991 103.08 9.38 69.43
N GLU DA 992 102.72 8.12 69.17
CA GLU DA 992 102.92 7.50 67.85
C GLU DA 992 101.92 8.05 66.82
N ASN DA 993 100.68 8.31 67.22
CA ASN DA 993 99.63 8.83 66.34
C ASN DA 993 99.87 10.30 66.00
N ILE DA 994 100.29 11.15 66.96
CA ILE DA 994 100.73 12.53 66.66
C ILE DA 994 101.88 12.50 65.63
N ARG DA 995 102.91 11.69 65.87
CA ARG DA 995 104.07 11.52 64.97
C ARG DA 995 103.69 11.07 63.56
N ALA DA 996 102.82 10.06 63.42
CA ALA DA 996 102.33 9.64 62.12
C ALA DA 996 101.57 10.75 61.37
N GLY DA 997 100.69 11.50 62.06
CA GLY DA 997 99.95 12.61 61.46
C GLY DA 997 100.83 13.77 60.99
N LEU DA 998 101.92 14.08 61.71
CA LEU DA 998 102.90 15.06 61.27
C LEU DA 998 103.73 14.59 60.06
N GLU DA 999 104.21 13.35 60.05
CA GLU DA 999 104.90 12.82 58.86
C GLU DA 999 103.97 12.76 57.64
N ALA DA 1000 102.67 12.52 57.83
CA ALA DA 1000 101.66 12.57 56.77
C ALA DA 1000 101.45 13.97 56.20
N ILE DA 1001 101.48 15.03 57.02
CA ILE DA 1001 101.43 16.44 56.54
C ILE DA 1001 102.71 16.80 55.78
N ILE DA 1002 103.88 16.65 56.42
CA ILE DA 1002 105.14 17.17 55.87
C ILE DA 1002 105.51 16.48 54.55
N SER DA 1003 105.21 15.18 54.41
CA SER DA 1003 105.44 14.40 53.18
C SER DA 1003 104.52 14.80 52.01
N GLN DA 1004 103.44 15.56 52.25
CA GLN DA 1004 102.48 15.98 51.21
C GLN DA 1004 102.52 17.48 50.90
N LYS DA 1005 102.81 18.36 51.87
CA LYS DA 1005 102.77 19.82 51.68
C LYS DA 1005 103.80 20.27 50.64
N GLN DA 1006 103.34 20.84 49.54
CA GLN DA 1006 104.14 21.29 48.40
C GLN DA 1006 103.77 22.72 47.98
N GLU DA 1007 104.76 23.46 47.48
CA GLU DA 1007 104.64 24.85 47.02
C GLU DA 1007 104.29 25.88 48.12
N GLU DA 1008 104.36 25.48 49.39
CA GLU DA 1008 104.20 26.34 50.58
C GLU DA 1008 105.02 25.82 51.78
N ASP DA 1009 105.50 26.72 52.64
CA ASP DA 1009 106.20 26.35 53.86
C ASP DA 1009 105.26 25.76 54.94
N CYS DA 1010 105.63 24.65 55.57
CA CYS DA 1010 104.72 23.81 56.36
C CYS DA 1010 104.60 24.16 57.86
N VAL DA 1011 105.41 25.07 58.42
CA VAL DA 1011 105.52 25.26 59.89
C VAL DA 1011 104.19 25.68 60.54
N PHE DA 1012 103.38 26.54 59.92
CA PHE DA 1012 102.07 26.93 60.45
C PHE DA 1012 101.08 25.75 60.48
N ASP DA 1013 101.06 24.88 59.47
CA ASP DA 1013 100.20 23.70 59.45
C ASP DA 1013 100.63 22.60 60.44
N VAL DA 1014 101.93 22.48 60.72
CA VAL DA 1014 102.46 21.62 61.80
C VAL DA 1014 102.10 22.17 63.18
N VAL DA 1015 102.31 23.47 63.41
CA VAL DA 1015 101.95 24.13 64.68
C VAL DA 1015 100.46 24.04 64.96
N CYS DA 1016 99.58 24.17 63.97
CA CYS DA 1016 98.15 24.00 64.17
C CYS DA 1016 97.76 22.57 64.57
N ASN DA 1017 98.37 21.55 63.96
CA ASN DA 1017 98.14 20.16 64.35
C ASN DA 1017 98.62 19.85 65.78
N LEU DA 1018 99.76 20.40 66.22
CA LEU DA 1018 100.21 20.29 67.61
C LEU DA 1018 99.26 21.00 68.59
N VAL DA 1019 98.86 22.24 68.31
CA VAL DA 1019 97.93 22.99 69.17
C VAL DA 1019 96.56 22.29 69.23
N ASP DA 1020 96.08 21.67 68.16
CA ASP DA 1020 94.88 20.83 68.20
C ASP DA 1020 95.05 19.60 69.11
N ALA DA 1021 96.14 18.85 68.98
CA ALA DA 1021 96.33 17.58 69.71
C ALA DA 1021 96.77 17.74 71.18
N MET DA 1022 97.44 18.82 71.54
CA MET DA 1022 98.00 19.04 72.88
C MET DA 1022 97.49 20.32 73.58
N GLY DA 1023 96.91 21.29 72.86
CA GLY DA 1023 96.39 22.51 73.46
C GLY DA 1023 97.41 23.28 74.29
N GLU DA 1024 97.04 23.62 75.52
CA GLU DA 1024 97.88 24.37 76.47
C GLU DA 1024 99.21 23.68 76.81
N ALA DA 1025 99.30 22.35 76.67
CA ALA DA 1025 100.55 21.61 76.88
C ALA DA 1025 101.65 21.93 75.84
N CYS DA 1026 101.35 22.61 74.73
CA CYS DA 1026 102.37 23.11 73.79
C CYS DA 1026 103.26 24.20 74.42
N ALA DA 1027 102.77 24.95 75.40
CA ALA DA 1027 103.45 26.09 76.00
C ALA DA 1027 104.82 25.76 76.62
N SER DA 1028 105.06 24.49 76.96
CA SER DA 1028 106.31 24.00 77.54
C SER DA 1028 106.93 22.83 76.76
N LEU DA 1029 106.56 22.63 75.48
CA LEU DA 1029 107.09 21.56 74.65
C LEU DA 1029 108.61 21.72 74.51
N THR DA 1030 109.38 20.72 74.94
CA THR DA 1030 110.85 20.74 74.92
C THR DA 1030 111.38 20.29 73.55
N ARG DA 1031 112.65 20.59 73.24
CA ARG DA 1031 113.26 20.17 71.96
C ARG DA 1031 113.39 18.66 71.82
N ASP DA 1032 113.67 17.94 72.90
CA ASP DA 1032 113.72 16.46 72.86
C ASP DA 1032 112.35 15.83 72.54
N ASP DA 1033 111.25 16.34 73.10
CA ASP DA 1033 109.89 15.92 72.72
C ASP DA 1033 109.56 16.34 71.28
N ALA DA 1034 109.82 17.59 70.89
CA ALA DA 1034 109.55 18.06 69.52
C ALA DA 1034 110.29 17.25 68.45
N GLU DA 1035 111.58 16.97 68.64
CA GLU DA 1035 112.35 16.12 67.73
C GLU DA 1035 111.79 14.70 67.58
N TYR DA 1036 111.32 14.07 68.65
CA TYR DA 1036 110.65 12.76 68.56
C TYR DA 1036 109.35 12.83 67.73
N LEU DA 1037 108.49 13.81 67.98
CA LEU DA 1037 107.20 13.96 67.28
C LEU DA 1037 107.37 14.26 65.80
N LEU DA 1038 108.37 15.05 65.40
CA LEU DA 1038 108.68 15.35 64.00
C LEU DA 1038 109.29 14.17 63.22
N GLY DA 1039 109.76 13.12 63.90
CA GLY DA 1039 110.25 11.89 63.28
C GLY DA 1039 111.38 12.10 62.29
N ARG DA 1040 111.19 11.69 61.04
CA ARG DA 1040 112.13 11.87 59.90
C ARG DA 1040 112.53 13.33 59.66
N PHE DA 1041 111.64 14.27 59.97
CA PHE DA 1041 111.80 15.70 59.69
C PHE DA 1041 112.23 16.51 60.92
N SER DA 1042 112.93 15.88 61.89
CA SER DA 1042 113.34 16.50 63.15
C SER DA 1042 114.16 17.79 63.02
N VAL DA 1043 114.75 18.06 61.85
CA VAL DA 1043 115.39 19.33 61.53
C VAL DA 1043 114.47 20.55 61.71
N LEU DA 1044 113.15 20.38 61.60
CA LEU DA 1044 112.17 21.47 61.72
C LEU DA 1044 111.98 22.03 63.15
N ALA DA 1045 112.49 21.33 64.19
CA ALA DA 1045 112.17 21.58 65.59
C ALA DA 1045 112.42 23.02 66.07
N ASP DA 1046 113.56 23.64 65.74
CA ASP DA 1046 113.84 25.02 66.17
C ASP DA 1046 112.81 26.03 65.66
N SER DA 1047 112.34 25.87 64.42
CA SER DA 1047 111.35 26.76 63.82
C SER DA 1047 109.95 26.57 64.40
N VAL DA 1048 109.58 25.32 64.74
CA VAL DA 1048 108.35 25.02 65.50
C VAL DA 1048 108.38 25.67 66.89
N LEU DA 1049 109.45 25.51 67.65
CA LEU DA 1049 109.56 26.06 69.01
C LEU DA 1049 109.59 27.60 69.02
N GLU DA 1050 110.32 28.24 68.11
CA GLU DA 1050 110.25 29.68 67.92
C GLU DA 1050 108.83 30.16 67.57
N THR DA 1051 108.09 29.40 66.75
CA THR DA 1051 106.69 29.72 66.43
C THR DA 1051 105.75 29.54 67.64
N LEU DA 1052 105.88 28.48 68.44
CA LEU DA 1052 105.05 28.26 69.64
C LEU DA 1052 105.25 29.33 70.73
N ALA DA 1053 106.49 29.82 70.92
CA ALA DA 1053 106.76 30.97 71.78
C ALA DA 1053 106.00 32.25 71.35
N THR DA 1054 105.78 32.50 70.05
CA THR DA 1054 104.97 33.67 69.62
C THR DA 1054 103.49 33.52 69.99
N ILE DA 1055 102.93 32.31 69.96
CA ILE DA 1055 101.55 32.06 70.41
C ILE DA 1055 101.46 32.22 71.94
N ALA DA 1056 102.40 31.63 72.68
CA ALA DA 1056 102.47 31.75 74.14
C ALA DA 1056 102.53 33.22 74.63
N SER DA 1057 103.42 34.02 74.05
CA SER DA 1057 103.67 35.42 74.46
C SER DA 1057 102.64 36.44 73.95
N SER DA 1058 101.97 36.17 72.82
CA SER DA 1058 100.90 37.05 72.31
C SER DA 1058 99.56 36.91 73.05
N GLY DA 1059 99.43 35.96 73.99
CA GLY DA 1059 98.32 35.89 74.94
C GLY DA 1059 96.98 35.42 74.36
N ILE DA 1060 96.93 34.93 73.12
CA ILE DA 1060 95.78 34.19 72.59
C ILE DA 1060 95.64 32.82 73.28
N GLU DA 1061 94.43 32.28 73.32
CA GLU DA 1061 94.16 30.94 73.85
C GLU DA 1061 94.66 29.81 72.93
N TRP DA 1062 94.97 28.66 73.51
CA TRP DA 1062 95.53 27.50 72.79
C TRP DA 1062 94.46 26.68 72.04
N THR DA 1063 94.03 27.18 70.88
CA THR DA 1063 93.15 26.46 69.94
C THR DA 1063 93.53 26.73 68.49
N ALA DA 1064 93.30 25.76 67.60
CA ALA DA 1064 93.69 25.84 66.19
C ALA DA 1064 93.07 27.04 65.46
N GLU DA 1065 91.85 27.44 65.82
CA GLU DA 1065 91.17 28.62 65.26
C GLU DA 1065 91.86 29.94 65.65
N ALA DA 1066 92.23 30.10 66.92
CA ALA DA 1066 92.98 31.26 67.40
C ALA DA 1066 94.43 31.28 66.88
N ALA DA 1067 95.06 30.11 66.74
CA ALA DA 1067 96.42 29.99 66.22
C ALA DA 1067 96.53 30.54 64.78
N ARG DA 1068 95.62 30.14 63.88
CA ARG DA 1068 95.55 30.72 62.53
C ARG DA 1068 95.26 32.21 62.54
N ASP DA 1069 94.28 32.66 63.33
CA ASP DA 1069 93.93 34.09 63.44
C ASP DA 1069 95.11 34.98 63.87
N PHE DA 1070 95.99 34.51 64.75
CA PHE DA 1070 97.25 35.22 65.05
C PHE DA 1070 98.30 35.07 63.94
N LEU DA 1071 98.65 33.84 63.55
CA LEU DA 1071 99.77 33.58 62.62
C LEU DA 1071 99.56 34.21 61.24
N GLU DA 1072 98.37 34.07 60.65
CA GLU DA 1072 98.07 34.57 59.30
C GLU DA 1072 97.88 36.10 59.25
N GLY DA 1073 97.66 36.76 60.38
CA GLY DA 1073 97.70 38.22 60.52
C GLY DA 1073 99.12 38.75 60.69
N VAL DA 1074 99.90 38.14 61.59
CA VAL DA 1074 101.35 38.36 61.75
C VAL DA 1074 102.12 37.72 60.60
N ASP DA 1083 109.98 37.02 47.37
CA ASP DA 1083 111.40 37.21 47.69
C ASP DA 1083 112.27 37.23 46.43
N ASN DA 1084 113.53 37.66 46.54
CA ASN DA 1084 114.54 37.39 45.51
C ASN DA 1084 114.71 35.87 45.36
N PHE DA 1085 114.84 35.35 44.15
CA PHE DA 1085 115.05 33.93 43.86
C PHE DA 1085 115.73 33.77 42.49
N ILE DA 1086 117.04 33.47 42.48
CA ILE DA 1086 117.77 33.18 41.23
C ILE DA 1086 117.62 31.70 40.85
N SER DA 1087 117.52 31.41 39.56
CA SER DA 1087 117.52 30.04 39.02
C SER DA 1087 118.94 29.48 38.84
N VAL DA 1088 119.11 28.16 38.96
CA VAL DA 1088 120.41 27.46 38.97
C VAL DA 1088 120.45 26.37 37.89
N ALA DA 1089 121.59 26.21 37.23
CA ALA DA 1089 121.78 25.33 36.07
C ALA DA 1089 121.36 23.87 36.32
N ASP FA 9 88.20 -45.29 14.43
CA ASP FA 9 88.56 -46.51 13.70
C ASP FA 9 90.10 -46.74 13.67
N ASN FA 10 90.56 -47.95 13.33
CA ASN FA 10 91.98 -48.33 13.39
C ASN FA 10 92.41 -49.40 12.37
N LEU FA 11 93.73 -49.49 12.14
CA LEU FA 11 94.34 -50.46 11.20
C LEU FA 11 94.04 -51.94 11.54
N GLY FA 12 93.81 -52.27 12.80
CA GLY FA 12 93.42 -53.61 13.23
C GLY FA 12 92.05 -54.02 12.71
N SER FA 13 91.03 -53.20 12.99
CA SER FA 13 89.65 -53.37 12.49
C SER FA 13 89.58 -53.48 10.97
N GLN FA 14 90.41 -52.73 10.25
CA GLN FA 14 90.43 -52.69 8.79
C GLN FA 14 91.14 -53.87 8.11
N SER FA 15 91.96 -54.65 8.82
CA SER FA 15 92.69 -55.80 8.24
C SER FA 15 91.76 -56.98 7.89
N GLN FA 16 92.07 -57.72 6.82
CA GLN FA 16 91.26 -58.82 6.30
C GLN FA 16 91.62 -60.20 6.90
N PRO FA 17 90.66 -61.15 6.97
CA PRO FA 17 90.90 -62.57 7.19
C PRO FA 17 92.01 -63.19 6.32
N GLY FA 18 92.74 -64.18 6.85
CA GLY FA 18 93.78 -64.91 6.14
C GLY FA 18 94.47 -66.01 6.97
N PRO FA 19 95.47 -66.69 6.40
CA PRO FA 19 96.23 -67.77 7.06
C PRO FA 19 97.22 -67.26 8.13
N CYS FA 20 97.79 -68.17 8.92
CA CYS FA 20 98.79 -67.88 9.95
C CYS FA 20 100.19 -67.54 9.39
N GLY FA 21 100.48 -67.89 8.14
CA GLY FA 21 101.72 -67.66 7.41
C GLY FA 21 101.68 -68.22 5.98
N TYR FA 22 102.78 -68.14 5.24
CA TYR FA 22 102.94 -68.70 3.88
C TYR FA 22 104.30 -69.37 3.69
N ILE FA 23 104.35 -70.41 2.86
CA ILE FA 23 105.59 -70.90 2.24
C ILE FA 23 105.68 -70.29 0.83
N TYR FA 24 106.74 -69.56 0.51
CA TYR FA 24 107.05 -69.07 -0.84
C TYR FA 24 108.03 -70.02 -1.55
N PHE FA 25 107.76 -70.33 -2.81
CA PHE FA 25 108.65 -71.07 -3.72
C PHE FA 25 109.13 -70.15 -4.87
N TYR FA 26 110.44 -69.94 -5.02
CA TYR FA 26 111.02 -69.10 -6.08
C TYR FA 26 111.83 -69.91 -7.10
N PRO FA 27 111.68 -69.69 -8.42
CA PRO FA 27 112.40 -70.46 -9.44
C PRO FA 27 113.89 -70.11 -9.51
N LEU FA 28 114.75 -71.13 -9.37
CA LEU FA 28 116.21 -70.96 -9.38
C LEU FA 28 116.75 -70.43 -10.72
N ALA FA 29 116.10 -70.69 -11.85
CA ALA FA 29 116.56 -70.26 -13.17
C ALA FA 29 116.56 -68.73 -13.37
N THR FA 30 115.66 -67.99 -12.70
CA THR FA 30 115.50 -66.54 -12.88
C THR FA 30 115.70 -65.67 -11.63
N TYR FA 31 115.59 -66.23 -10.41
CA TYR FA 31 115.64 -65.46 -9.16
C TYR FA 31 117.03 -64.82 -8.91
N PRO FA 32 117.14 -63.56 -8.45
CA PRO FA 32 118.41 -62.83 -8.29
C PRO FA 32 119.18 -63.22 -7.00
N LEU FA 33 119.80 -64.40 -6.99
CA LEU FA 33 120.48 -64.99 -5.83
C LEU FA 33 121.61 -64.13 -5.24
N ARG FA 34 122.42 -63.43 -6.05
CA ARG FA 34 123.50 -62.56 -5.53
C ARG FA 34 122.97 -61.29 -4.88
N GLU FA 35 121.83 -60.74 -5.32
CA GLU FA 35 121.20 -59.61 -4.62
C GLU FA 35 120.71 -59.99 -3.23
N VAL FA 36 119.91 -61.07 -3.08
CA VAL FA 36 119.43 -61.47 -1.75
C VAL FA 36 120.57 -61.83 -0.80
N ALA FA 37 121.66 -62.42 -1.30
CA ALA FA 37 122.82 -62.73 -0.47
C ALA FA 37 123.44 -61.49 0.20
N THR FA 38 123.44 -60.31 -0.42
CA THR FA 38 123.96 -59.07 0.21
C THR FA 38 123.11 -58.57 1.37
N LEU FA 39 121.81 -58.91 1.42
CA LEU FA 39 120.90 -58.60 2.50
C LEU FA 39 120.75 -59.76 3.52
N GLY FA 40 121.39 -60.91 3.30
CA GLY FA 40 121.22 -62.12 4.10
C GLY FA 40 122.25 -62.36 5.22
N THR FA 41 122.05 -63.44 5.96
CA THR FA 41 122.92 -63.91 7.08
C THR FA 41 123.63 -65.23 6.77
N GLY FA 42 123.98 -65.49 5.51
CA GLY FA 42 124.60 -66.76 5.10
C GLY FA 42 126.07 -66.91 5.53
N TYR FA 43 126.40 -68.04 6.15
CA TYR FA 43 127.78 -68.47 6.46
C TYR FA 43 128.20 -69.64 5.55
N ALA FA 44 129.49 -69.95 5.43
CA ALA FA 44 129.97 -71.07 4.62
C ALA FA 44 129.51 -72.42 5.20
N GLY FA 45 128.80 -73.24 4.42
CA GLY FA 45 128.24 -74.52 4.83
C GLY FA 45 126.84 -74.48 5.47
N HIS FA 46 126.14 -73.33 5.44
CA HIS FA 46 124.79 -73.20 6.02
C HIS FA 46 123.76 -74.16 5.41
N ARG FA 47 122.73 -74.49 6.20
CA ARG FA 47 121.56 -75.28 5.79
C ARG FA 47 120.27 -74.45 5.88
N CYS FA 48 120.32 -73.30 6.54
CA CYS FA 48 119.27 -72.28 6.63
C CYS FA 48 119.88 -70.86 6.79
N LEU FA 49 119.16 -69.80 6.38
CA LEU FA 49 119.52 -68.41 6.63
C LEU FA 49 118.30 -67.48 6.68
N THR FA 50 118.49 -66.27 7.23
CA THR FA 50 117.49 -65.20 7.27
C THR FA 50 117.77 -64.10 6.26
N VAL FA 51 116.69 -63.55 5.73
CA VAL FA 51 116.61 -62.40 4.81
C VAL FA 51 115.46 -61.48 5.24
N PRO FA 52 115.45 -60.19 4.88
CA PRO FA 52 114.34 -59.29 5.20
C PRO FA 52 113.07 -59.57 4.36
N LEU FA 53 111.88 -59.30 4.92
CA LEU FA 53 110.62 -59.21 4.16
C LEU FA 53 110.56 -57.89 3.35
N LEU FA 54 110.61 -57.96 2.02
CA LEU FA 54 110.59 -56.82 1.09
C LEU FA 54 109.72 -57.08 -0.15
N CYS FA 55 108.86 -56.13 -0.49
CA CYS FA 55 108.01 -56.20 -1.69
C CYS FA 55 108.85 -56.07 -2.96
N GLY FA 56 108.77 -57.04 -3.86
CA GLY FA 56 109.50 -57.07 -5.12
C GLY FA 56 110.82 -57.84 -5.09
N ILE FA 57 111.21 -58.45 -3.97
CA ILE FA 57 112.34 -59.40 -3.94
C ILE FA 57 112.10 -60.63 -3.04
N THR FA 58 111.39 -60.52 -1.92
CA THR FA 58 111.05 -61.69 -1.09
C THR FA 58 109.56 -61.93 -0.94
N VAL FA 59 108.69 -60.92 -1.09
CA VAL FA 59 107.23 -61.06 -1.25
C VAL FA 59 106.74 -60.27 -2.46
N GLU FA 60 105.56 -60.58 -2.98
CA GLU FA 60 104.99 -59.87 -4.12
C GLU FA 60 104.57 -58.43 -3.77
N PRO FA 61 104.58 -57.49 -4.73
CA PRO FA 61 104.03 -56.15 -4.52
C PRO FA 61 102.59 -56.18 -3.99
N GLY FA 62 102.28 -55.32 -3.03
CA GLY FA 62 100.95 -55.26 -2.41
C GLY FA 62 100.70 -56.29 -1.30
N PHE FA 63 101.72 -56.98 -0.80
CA PHE FA 63 101.63 -57.85 0.37
C PHE FA 63 101.06 -57.09 1.58
N SER FA 64 100.07 -57.65 2.26
CA SER FA 64 99.49 -57.05 3.46
C SER FA 64 100.22 -57.53 4.72
N ILE FA 65 100.89 -56.61 5.41
CA ILE FA 65 101.64 -56.91 6.65
C ILE FA 65 100.73 -57.07 7.88
N ASN FA 66 99.49 -56.58 7.85
CA ASN FA 66 98.50 -56.74 8.93
C ASN FA 66 97.38 -57.69 8.47
N VAL FA 67 96.93 -58.61 9.33
CA VAL FA 67 95.90 -59.62 9.01
C VAL FA 67 95.05 -59.99 10.22
N LYS FA 68 93.85 -60.52 9.97
CA LYS FA 68 93.10 -61.34 10.93
C LYS FA 68 93.38 -62.81 10.63
N ALA FA 69 94.17 -63.49 11.45
CA ALA FA 69 94.54 -64.88 11.22
C ALA FA 69 93.46 -65.84 11.73
N LEU FA 70 92.95 -66.74 10.89
CA LEU FA 70 92.05 -67.83 11.31
C LEU FA 70 92.87 -68.94 11.97
N HIS FA 71 92.79 -69.06 13.31
CA HIS FA 71 93.70 -69.92 14.08
C HIS FA 71 93.03 -71.07 14.83
N ARG FA 72 91.71 -71.01 15.07
CA ARG FA 72 90.96 -72.05 15.80
C ARG FA 72 89.55 -72.23 15.24
N ARG FA 73 89.11 -73.46 15.04
CA ARG FA 73 87.69 -73.81 14.84
C ARG FA 73 87.19 -74.58 16.07
N PRO FA 74 86.44 -73.97 17.00
CA PRO FA 74 85.91 -74.67 18.19
C PRO FA 74 85.00 -75.85 17.83
N ASP FA 75 84.27 -75.75 16.73
CA ASP FA 75 83.59 -76.83 16.01
C ASP FA 75 83.65 -76.52 14.50
N PRO FA 76 83.38 -77.48 13.60
CA PRO FA 76 83.49 -77.29 12.14
C PRO FA 76 82.72 -76.10 11.55
N ASN FA 77 81.82 -75.46 12.29
CA ASN FA 77 80.92 -74.40 11.81
C ASN FA 77 81.18 -73.01 12.43
N CYS FA 78 82.26 -72.84 13.21
CA CYS FA 78 82.65 -71.55 13.78
C CYS FA 78 84.17 -71.30 13.65
N GLY FA 79 84.57 -70.09 13.25
CA GLY FA 79 85.98 -69.67 13.23
C GLY FA 79 86.30 -68.59 14.24
N LEU FA 80 87.51 -68.61 14.80
CA LEU FA 80 88.04 -67.53 15.65
C LEU FA 80 89.20 -66.80 14.95
N LEU FA 81 89.19 -65.47 15.03
CA LEU FA 81 90.15 -64.57 14.38
C LEU FA 81 91.03 -63.82 15.38
N ARG FA 82 92.35 -63.82 15.14
CA ARG FA 82 93.37 -63.06 15.90
C ARG FA 82 93.99 -61.98 15.02
N ALA FA 83 93.96 -60.72 15.42
CA ALA FA 83 94.60 -59.64 14.68
C ALA FA 83 96.11 -59.59 14.98
N THR FA 84 96.95 -59.65 13.95
CA THR FA 84 98.42 -59.65 14.09
C THR FA 84 99.10 -59.05 12.86
N SER FA 85 100.24 -58.40 13.09
CA SER FA 85 101.20 -58.11 12.02
C SER FA 85 102.11 -59.30 11.71
N TYR FA 86 102.78 -59.26 10.55
CA TYR FA 86 103.83 -60.19 10.17
C TYR FA 86 105.12 -60.04 11.00
N HIS FA 87 105.89 -61.12 11.11
CA HIS FA 87 107.28 -61.07 11.56
C HIS FA 87 108.18 -60.50 10.46
N ARG FA 88 109.10 -59.65 10.85
CA ARG FA 88 110.01 -58.88 10.00
C ARG FA 88 111.01 -59.70 9.17
N ASP FA 89 111.48 -60.84 9.66
CA ASP FA 89 112.42 -61.73 8.95
C ASP FA 89 111.72 -62.89 8.22
N ILE FA 90 112.25 -63.28 7.07
CA ILE FA 90 111.91 -64.49 6.30
C ILE FA 90 113.02 -65.53 6.46
N TYR FA 91 112.65 -66.80 6.70
CA TYR FA 91 113.56 -67.92 6.91
C TYR FA 91 113.65 -68.82 5.66
N VAL FA 92 114.83 -68.88 5.03
CA VAL FA 92 115.10 -69.61 3.78
C VAL FA 92 115.66 -70.99 4.08
N PHE FA 93 114.91 -72.06 3.83
CA PHE FA 93 115.16 -73.41 4.41
C PHE FA 93 115.30 -74.58 3.42
N HIS FA 94 114.80 -74.47 2.18
CA HIS FA 94 114.86 -75.52 1.14
C HIS FA 94 115.76 -75.07 -0.03
N ASN FA 95 116.76 -75.87 -0.39
CA ASN FA 95 117.85 -75.52 -1.34
C ASN FA 95 118.66 -74.28 -0.94
N ALA FA 96 118.80 -73.98 0.36
CA ALA FA 96 119.48 -72.79 0.87
C ALA FA 96 120.97 -72.68 0.48
N HIS FA 97 121.65 -73.77 0.14
CA HIS FA 97 123.01 -73.80 -0.38
C HIS FA 97 123.19 -73.00 -1.69
N MET FA 98 122.11 -72.75 -2.43
CA MET FA 98 122.09 -71.92 -3.64
C MET FA 98 122.25 -70.42 -3.38
N VAL FA 99 122.06 -69.92 -2.15
CA VAL FA 99 122.27 -68.50 -1.81
C VAL FA 99 123.72 -68.33 -1.30
N PRO FA 100 124.55 -67.48 -1.93
CA PRO FA 100 125.92 -67.21 -1.46
C PRO FA 100 126.01 -66.73 0.00
N PRO FA 101 127.08 -67.06 0.74
CA PRO FA 101 127.33 -66.51 2.07
C PRO FA 101 127.68 -65.01 2.03
N ILE FA 102 127.42 -64.29 3.12
CA ILE FA 102 127.82 -62.89 3.32
C ILE FA 102 129.29 -62.76 3.78
N PHE FA 103 129.85 -63.79 4.42
CA PHE FA 103 131.21 -63.85 4.94
C PHE FA 103 131.90 -65.17 4.59
N GLU FA 104 133.13 -65.16 4.11
CA GLU FA 104 133.81 -66.34 3.56
C GLU FA 104 134.58 -67.20 4.59
N GLY FA 105 134.76 -66.73 5.81
CA GLY FA 105 135.56 -67.43 6.81
C GLY FA 105 134.95 -68.78 7.24
N PRO FA 106 135.70 -69.90 7.24
CA PRO FA 106 135.20 -71.22 7.62
C PRO FA 106 135.13 -71.44 9.14
N GLY FA 107 134.44 -72.51 9.57
CA GLY FA 107 134.48 -73.05 10.93
C GLY FA 107 133.57 -72.43 11.99
N LEU FA 108 132.60 -71.57 11.62
CA LEU FA 108 131.83 -70.77 12.59
C LEU FA 108 130.83 -71.60 13.41
N GLU FA 109 130.28 -72.68 12.85
CA GLU FA 109 129.26 -73.49 13.48
C GLU FA 109 129.79 -74.24 14.72
N ALA FA 110 130.99 -74.83 14.63
CA ALA FA 110 131.69 -75.44 15.76
C ALA FA 110 132.15 -74.43 16.82
N LEU FA 111 132.65 -73.26 16.40
CA LEU FA 111 133.03 -72.17 17.30
C LEU FA 111 131.84 -71.70 18.16
N CYS FA 112 130.68 -71.52 17.54
CA CYS FA 112 129.45 -71.16 18.25
C CYS FA 112 129.01 -72.26 19.25
N GLY FA 113 129.10 -73.53 18.87
CA GLY FA 113 128.71 -74.66 19.73
C GLY FA 113 129.57 -74.81 20.97
N GLU FA 114 130.89 -74.69 20.81
CA GLU FA 114 131.85 -74.73 21.92
C GLU FA 114 131.62 -73.55 22.89
N THR FA 115 131.43 -72.34 22.36
CA THR FA 115 131.26 -71.13 23.18
C THR FA 115 129.91 -71.10 23.91
N ARG FA 116 128.83 -71.60 23.30
CA ARG FA 116 127.51 -71.73 23.93
C ARG FA 116 127.57 -72.63 25.18
N GLU FA 117 128.37 -73.69 25.14
CA GLU FA 117 128.53 -74.62 26.25
C GLU FA 117 129.30 -74.01 27.42
N VAL FA 118 130.41 -73.29 27.20
CA VAL FA 118 131.17 -72.68 28.31
C VAL FA 118 130.41 -71.58 29.04
N PHE FA 119 129.50 -70.85 28.36
CA PHE FA 119 128.58 -69.90 29.01
C PHE FA 119 127.33 -70.57 29.62
N GLY FA 120 127.16 -71.89 29.50
CA GLY FA 120 126.05 -72.64 30.09
C GLY FA 120 124.70 -72.44 29.39
N TYR FA 121 124.69 -72.06 28.12
CA TYR FA 121 123.46 -71.84 27.33
C TYR FA 121 122.91 -73.12 26.67
N ASP FA 122 121.59 -73.15 26.55
CA ASP FA 122 120.79 -74.22 25.97
C ASP FA 122 120.88 -74.30 24.43
N ALA FA 123 121.34 -75.43 23.89
CA ALA FA 123 121.34 -75.73 22.45
C ALA FA 123 119.97 -76.19 21.94
N TYR FA 124 119.67 -76.06 20.64
CA TYR FA 124 118.41 -76.53 20.08
C TYR FA 124 118.29 -78.06 20.19
N SER FA 125 117.20 -78.56 20.77
CA SER FA 125 116.89 -79.99 20.84
C SER FA 125 115.81 -80.34 19.81
N ALA FA 126 116.19 -81.15 18.83
CA ALA FA 126 115.30 -81.58 17.75
C ALA FA 126 114.16 -82.49 18.23
N LEU FA 127 112.99 -82.37 17.58
CA LEU FA 127 111.88 -83.31 17.76
C LEU FA 127 112.31 -84.75 17.36
N PRO FA 128 111.65 -85.80 17.88
CA PRO FA 128 111.95 -87.19 17.50
C PRO FA 128 111.51 -87.58 16.08
N ARG FA 129 110.58 -86.87 15.44
CA ARG FA 129 110.22 -87.06 14.01
C ARG FA 129 111.32 -86.60 13.04
N GLU FA 130 111.29 -87.07 11.80
CA GLU FA 130 112.02 -86.42 10.70
C GLU FA 130 111.38 -85.09 10.25
N SER FA 131 112.16 -84.21 9.61
CA SER FA 131 111.64 -83.08 8.82
C SER FA 131 110.65 -83.51 7.74
N SER FA 132 109.65 -82.68 7.45
CA SER FA 132 108.69 -82.90 6.36
C SER FA 132 109.39 -83.11 5.03
N LYS FA 133 109.05 -84.19 4.33
CA LYS FA 133 109.53 -84.47 2.97
C LYS FA 133 108.95 -83.47 1.96
N PRO FA 134 109.69 -83.05 0.92
CA PRO FA 134 109.20 -82.07 -0.06
C PRO FA 134 107.80 -82.32 -0.61
N GLY FA 135 107.49 -83.56 -1.01
CA GLY FA 135 106.17 -83.95 -1.51
C GLY FA 135 104.99 -83.74 -0.56
N ASP FA 136 105.22 -83.51 0.75
CA ASP FA 136 104.19 -83.16 1.72
C ASP FA 136 103.77 -81.68 1.69
N PHE FA 137 104.66 -80.74 1.30
CA PHE FA 137 104.40 -79.30 1.37
C PHE FA 137 104.50 -78.57 0.03
N PHE FA 138 105.17 -79.13 -0.98
CA PHE FA 138 105.20 -78.60 -2.34
C PHE FA 138 103.82 -78.66 -3.02
N PRO FA 139 103.44 -77.64 -3.81
CA PRO FA 139 102.32 -77.70 -4.75
C PRO FA 139 102.40 -78.89 -5.71
N GLU FA 140 101.27 -79.26 -6.32
CA GLU FA 140 101.18 -80.31 -7.34
C GLU FA 140 102.04 -80.02 -8.59
N GLY FA 141 102.88 -80.98 -9.00
CA GLY FA 141 103.64 -80.95 -10.25
C GLY FA 141 104.98 -80.18 -10.23
N LEU FA 142 105.20 -79.23 -9.32
CA LEU FA 142 106.49 -78.53 -9.21
C LEU FA 142 107.63 -79.47 -8.78
N ASP FA 143 108.77 -79.38 -9.45
CA ASP FA 143 109.98 -80.12 -9.13
C ASP FA 143 110.73 -79.50 -7.93
N PRO FA 144 110.90 -80.21 -6.79
CA PRO FA 144 111.62 -79.68 -5.64
C PRO FA 144 113.06 -79.26 -5.93
N SER FA 145 113.74 -79.86 -6.91
CA SER FA 145 115.10 -79.49 -7.30
C SER FA 145 115.20 -78.15 -8.07
N ALA FA 146 114.08 -77.64 -8.61
CA ALA FA 146 114.04 -76.42 -9.43
C ALA FA 146 113.76 -75.12 -8.64
N TYR FA 147 113.44 -75.22 -7.34
CA TYR FA 147 112.95 -74.10 -6.54
C TYR FA 147 113.71 -73.87 -5.23
N LEU FA 148 113.73 -72.61 -4.77
CA LEU FA 148 114.18 -72.17 -3.45
C LEU FA 148 112.96 -72.02 -2.53
N GLY FA 149 112.97 -72.57 -1.31
CA GLY FA 149 111.83 -72.50 -0.38
C GLY FA 149 112.08 -71.69 0.89
N ALA FA 150 111.14 -70.82 1.27
CA ALA FA 150 111.23 -69.94 2.43
C ALA FA 150 109.87 -69.68 3.12
N VAL FA 151 109.87 -69.41 4.43
CA VAL FA 151 108.67 -69.13 5.24
C VAL FA 151 108.55 -67.64 5.60
N ALA FA 152 107.36 -67.07 5.39
CA ALA FA 152 106.90 -65.81 5.99
C ALA FA 152 105.86 -66.14 7.08
N ILE FA 153 105.97 -65.56 8.26
CA ILE FA 153 105.20 -65.98 9.46
C ILE FA 153 104.61 -64.80 10.23
N THR FA 154 103.42 -64.94 10.78
CA THR FA 154 102.83 -63.90 11.64
C THR FA 154 103.46 -63.88 13.03
N GLU FA 155 103.55 -62.69 13.61
CA GLU FA 155 104.26 -62.47 14.88
C GLU FA 155 103.64 -63.24 16.06
N ALA FA 156 102.31 -63.47 16.05
CA ALA FA 156 101.59 -64.22 17.07
C ALA FA 156 101.74 -65.76 17.00
N PHE FA 157 102.10 -66.34 15.84
CA PHE FA 157 102.17 -67.80 15.61
C PHE FA 157 103.58 -68.33 15.26
N LYS FA 158 104.63 -67.53 15.40
CA LYS FA 158 106.02 -67.94 15.14
C LYS FA 158 106.56 -69.01 16.12
N GLU FA 159 106.09 -69.09 17.36
CA GLU FA 159 106.46 -70.21 18.25
C GLU FA 159 105.81 -71.53 17.79
N ARG FA 160 104.61 -71.49 17.22
CA ARG FA 160 103.95 -72.66 16.59
C ARG FA 160 104.70 -73.17 15.37
N LEU FA 161 105.32 -72.28 14.58
CA LEU FA 161 106.24 -72.67 13.51
C LEU FA 161 107.45 -73.43 14.06
N TYR FA 162 108.11 -72.86 15.08
CA TYR FA 162 109.24 -73.48 15.77
C TYR FA 162 108.91 -74.86 16.32
N SER FA 163 107.73 -75.03 16.96
CA SER FA 163 107.32 -76.26 17.65
C SER FA 163 106.68 -77.31 16.74
N GLY FA 164 106.51 -77.06 15.44
CA GLY FA 164 105.99 -78.06 14.48
C GLY FA 164 104.47 -78.24 14.51
N ASN FA 165 103.72 -77.21 14.93
CA ASN FA 165 102.28 -77.22 15.14
C ASN FA 165 101.45 -76.51 14.03
N LEU FA 166 102.06 -76.04 12.95
CA LEU FA 166 101.34 -75.54 11.76
C LEU FA 166 101.10 -76.65 10.74
N VAL FA 167 100.09 -76.47 9.89
CA VAL FA 167 99.71 -77.35 8.78
C VAL FA 167 99.82 -76.59 7.46
N ALA FA 168 100.53 -77.12 6.45
CA ALA FA 168 100.53 -76.59 5.08
C ALA FA 168 99.42 -77.24 4.23
N ILE FA 169 98.79 -76.46 3.34
CA ILE FA 169 97.67 -76.93 2.50
C ILE FA 169 97.96 -76.68 1.01
N PRO FA 170 98.78 -77.53 0.34
CA PRO FA 170 99.20 -77.33 -1.05
C PRO FA 170 98.10 -77.10 -2.09
N SER FA 171 96.89 -77.63 -1.92
CA SER FA 171 95.78 -77.43 -2.86
C SER FA 171 95.32 -75.97 -2.95
N LEU FA 172 95.53 -75.20 -1.89
CA LEU FA 172 95.24 -73.76 -1.84
C LEU FA 172 96.39 -72.89 -2.40
N LYS FA 173 97.26 -73.42 -3.27
CA LYS FA 173 98.32 -72.64 -3.92
C LYS FA 173 97.80 -71.36 -4.59
N GLN FA 174 98.63 -70.33 -4.62
CA GLN FA 174 98.42 -69.10 -5.39
C GLN FA 174 99.68 -68.75 -6.17
N GLU FA 175 99.55 -68.36 -7.43
CA GLU FA 175 100.67 -67.95 -8.28
C GLU FA 175 100.86 -66.44 -8.18
N VAL FA 176 102.09 -65.99 -7.94
CA VAL FA 176 102.44 -64.60 -7.60
C VAL FA 176 103.74 -64.18 -8.28
N ALA FA 177 103.83 -62.93 -8.72
CA ALA FA 177 105.04 -62.37 -9.33
C ALA FA 177 105.90 -61.69 -8.26
N VAL FA 178 107.15 -62.13 -8.10
CA VAL FA 178 108.11 -61.54 -7.14
C VAL FA 178 109.27 -60.93 -7.91
N GLY FA 179 109.21 -59.61 -8.11
CA GLY FA 179 110.05 -58.94 -9.11
C GLY FA 179 109.72 -59.45 -10.51
N GLN FA 180 110.71 -59.97 -11.23
CA GLN FA 180 110.49 -60.66 -12.51
C GLN FA 180 110.00 -62.10 -12.36
N SER FA 181 110.31 -62.78 -11.25
CA SER FA 181 110.20 -64.23 -11.14
C SER FA 181 108.79 -64.74 -10.89
N ALA FA 182 108.34 -65.69 -11.70
CA ALA FA 182 107.07 -66.41 -11.55
C ALA FA 182 107.15 -67.35 -10.33
N SER FA 183 106.60 -66.94 -9.19
CA SER FA 183 106.70 -67.66 -7.92
C SER FA 183 105.36 -68.31 -7.53
N VAL FA 184 105.36 -69.16 -6.51
CA VAL FA 184 104.14 -69.77 -5.96
C VAL FA 184 104.13 -69.59 -4.44
N ARG FA 185 102.97 -69.43 -3.80
CA ARG FA 185 102.84 -69.54 -2.34
C ARG FA 185 101.78 -70.55 -1.89
N VAL FA 186 102.02 -71.21 -0.77
CA VAL FA 186 101.09 -72.14 -0.08
C VAL FA 186 100.78 -71.59 1.32
N PRO FA 187 99.53 -71.60 1.79
CA PRO FA 187 99.19 -71.08 3.12
C PRO FA 187 99.56 -72.07 4.26
N LEU FA 188 99.80 -71.52 5.45
CA LEU FA 188 99.97 -72.24 6.72
C LEU FA 188 98.82 -71.95 7.71
N TYR FA 189 98.23 -72.96 8.32
CA TYR FA 189 97.20 -72.81 9.36
C TYR FA 189 97.60 -73.55 10.67
N ASP FA 190 97.28 -73.00 11.85
CA ASP FA 190 97.50 -73.70 13.12
C ASP FA 190 96.65 -74.99 13.21
N LYS FA 191 97.20 -76.10 13.69
CA LYS FA 191 96.47 -77.39 13.76
C LYS FA 191 95.15 -77.33 14.54
N GLU FA 192 94.94 -76.31 15.37
CA GLU FA 192 93.66 -76.03 16.03
C GLU FA 192 92.51 -75.60 15.10
N VAL FA 193 92.74 -75.38 13.80
CA VAL FA 193 91.64 -75.28 12.80
C VAL FA 193 91.07 -76.64 12.40
N PHE FA 194 91.64 -77.77 12.85
CA PHE FA 194 91.13 -79.11 12.59
C PHE FA 194 90.66 -79.78 13.90
N PRO FA 195 89.44 -79.50 14.39
CA PRO FA 195 88.95 -80.06 15.65
C PRO FA 195 88.89 -81.60 15.69
N GLU FA 196 88.67 -82.31 14.58
CA GLU FA 196 88.75 -83.78 14.57
C GLU FA 196 90.19 -84.32 14.60
N GLY FA 197 91.19 -83.44 14.51
CA GLY FA 197 92.62 -83.75 14.46
C GLY FA 197 93.12 -84.06 13.05
N VAL FA 198 94.44 -83.87 12.85
CA VAL FA 198 95.22 -84.34 11.69
C VAL FA 198 96.37 -85.23 12.19
N PRO FA 199 96.84 -86.24 11.44
CA PRO FA 199 97.95 -87.09 11.86
C PRO FA 199 99.23 -86.29 12.20
N GLN FA 200 100.01 -86.71 13.19
CA GLN FA 200 101.19 -85.98 13.64
C GLN FA 200 102.21 -85.71 12.52
N LEU FA 201 102.39 -86.62 11.56
CA LEU FA 201 103.26 -86.40 10.39
C LEU FA 201 102.65 -85.53 9.28
N ARG FA 202 101.36 -85.19 9.33
CA ARG FA 202 100.72 -84.25 8.40
C ARG FA 202 100.99 -82.78 8.74
N GLN FA 203 101.45 -82.48 9.94
CA GLN FA 203 101.94 -81.17 10.37
C GLN FA 203 103.30 -80.84 9.73
N PHE FA 204 103.60 -79.56 9.55
CA PHE FA 204 104.83 -79.08 8.94
C PHE FA 204 105.95 -78.90 9.96
N TYR FA 205 107.10 -79.53 9.74
CA TYR FA 205 108.29 -79.38 10.58
C TYR FA 205 109.58 -79.37 9.77
N ASN FA 206 110.50 -78.45 10.05
CA ASN FA 206 111.85 -78.51 9.52
C ASN FA 206 112.88 -78.22 10.62
N SER FA 207 113.76 -79.18 10.85
CA SER FA 207 114.74 -79.08 11.95
C SER FA 207 115.79 -77.99 11.74
N ASP FA 208 116.22 -77.73 10.50
CA ASP FA 208 117.16 -76.65 10.21
C ASP FA 208 116.53 -75.27 10.43
N LEU FA 209 115.26 -75.08 10.05
CA LEU FA 209 114.51 -73.86 10.32
C LEU FA 209 114.35 -73.62 11.83
N SER FA 210 113.91 -74.62 12.61
CA SER FA 210 113.75 -74.45 14.06
C SER FA 210 115.07 -74.14 14.76
N ARG FA 211 116.16 -74.84 14.41
CA ARG FA 211 117.52 -74.53 14.90
C ARG FA 211 117.98 -73.11 14.56
N CYS FA 212 117.74 -72.62 13.34
CA CYS FA 212 118.04 -71.26 12.96
C CYS FA 212 117.30 -70.21 13.83
N MET FA 213 115.97 -70.36 14.00
CA MET FA 213 115.20 -69.51 14.92
C MET FA 213 115.70 -69.55 16.38
N HIS FA 214 116.09 -70.72 16.88
CA HIS FA 214 116.64 -70.88 18.23
C HIS FA 214 117.85 -69.97 18.47
N GLU FA 215 118.79 -70.00 17.54
CA GLU FA 215 120.05 -69.27 17.59
C GLU FA 215 119.89 -67.79 17.20
N ALA FA 216 119.29 -67.50 16.04
CA ALA FA 216 119.23 -66.15 15.51
C ALA FA 216 118.12 -65.28 16.10
N LEU FA 217 117.03 -65.83 16.65
CA LEU FA 217 115.94 -65.07 17.25
C LEU FA 217 115.89 -65.19 18.78
N TYR FA 218 115.61 -66.37 19.31
CA TYR FA 218 115.26 -66.54 20.72
C TYR FA 218 116.42 -66.42 21.70
N THR FA 219 117.63 -66.82 21.34
CA THR FA 219 118.80 -66.72 22.24
C THR FA 219 119.14 -65.28 22.63
N GLY FA 220 119.02 -64.31 21.73
CA GLY FA 220 119.23 -62.91 22.03
C GLY FA 220 118.17 -62.31 22.95
N LEU FA 221 116.91 -62.76 22.86
CA LEU FA 221 115.84 -62.39 23.79
C LEU FA 221 116.09 -62.94 25.20
N ALA FA 222 116.57 -64.18 25.30
CA ALA FA 222 117.01 -64.77 26.55
C ALA FA 222 118.19 -63.98 27.17
N GLN FA 223 119.20 -63.60 26.38
CA GLN FA 223 120.30 -62.75 26.84
C GLN FA 223 119.80 -61.39 27.36
N ALA FA 224 118.83 -60.75 26.71
CA ALA FA 224 118.23 -59.49 27.18
C ALA FA 224 117.50 -59.59 28.54
N LEU FA 225 117.02 -60.77 28.93
CA LEU FA 225 116.39 -61.05 30.23
C LEU FA 225 117.36 -61.65 31.28
N ARG FA 226 118.59 -62.01 30.88
CA ARG FA 226 119.57 -62.83 31.63
C ARG FA 226 119.00 -64.21 32.05
N VAL FA 227 118.49 -64.94 31.06
CA VAL FA 227 118.00 -66.33 31.13
C VAL FA 227 118.89 -67.23 30.26
N ARG FA 228 119.26 -68.44 30.72
CA ARG FA 228 120.06 -69.44 29.97
C ARG FA 228 119.23 -70.52 29.27
N ARG FA 229 118.05 -70.82 29.82
CA ARG FA 229 117.12 -71.88 29.38
C ARG FA 229 116.24 -71.42 28.22
N VAL FA 230 116.81 -71.37 27.02
CA VAL FA 230 116.17 -70.80 25.81
C VAL FA 230 114.92 -71.59 25.41
N GLY FA 231 114.96 -72.93 25.41
CA GLY FA 231 113.81 -73.77 25.06
C GLY FA 231 112.60 -73.56 25.96
N LYS FA 232 112.79 -73.40 27.27
CA LYS FA 232 111.75 -73.01 28.23
C LYS FA 232 111.22 -71.59 28.02
N LEU FA 233 112.05 -70.63 27.62
CA LEU FA 233 111.56 -69.31 27.18
C LEU FA 233 110.65 -69.40 25.94
N VAL FA 234 110.97 -70.22 24.94
CA VAL FA 234 110.09 -70.41 23.78
C VAL FA 234 108.74 -71.03 24.18
N GLU FA 235 108.75 -72.05 25.05
CA GLU FA 235 107.52 -72.67 25.56
C GLU FA 235 106.59 -71.70 26.29
N LEU FA 236 107.12 -70.83 27.17
CA LEU FA 236 106.27 -69.87 27.87
C LEU FA 236 105.77 -68.72 26.98
N LEU FA 237 106.49 -68.31 25.93
CA LEU FA 237 106.00 -67.34 24.95
C LEU FA 237 104.86 -67.91 24.11
N GLU FA 238 104.91 -69.19 23.72
CA GLU FA 238 103.83 -69.85 22.98
C GLU FA 238 102.52 -69.88 23.77
N LYS FA 239 102.57 -70.37 25.02
CA LYS FA 239 101.40 -70.43 25.90
C LYS FA 239 100.83 -69.05 26.24
N GLN FA 240 101.68 -68.02 26.37
CA GLN FA 240 101.23 -66.64 26.51
C GLN FA 240 100.42 -66.16 25.29
N SER FA 241 100.82 -66.52 24.07
CA SER FA 241 100.09 -66.14 22.86
C SER FA 241 98.75 -66.90 22.73
N LEU FA 242 98.73 -68.21 22.99
CA LEU FA 242 97.55 -69.05 22.72
C LEU FA 242 96.52 -69.15 23.85
N GLN FA 243 96.90 -68.86 25.09
CA GLN FA 243 96.06 -69.06 26.29
C GLN FA 243 95.92 -67.79 27.14
N ASP FA 244 96.20 -66.62 26.55
CA ASP FA 244 95.96 -65.28 27.13
C ASP FA 244 96.64 -65.00 28.50
N GLN FA 245 97.81 -65.59 28.77
CA GLN FA 245 98.47 -65.57 30.08
C GLN FA 245 99.24 -64.27 30.42
N ALA FA 246 98.95 -63.14 29.76
CA ALA FA 246 99.72 -61.91 29.94
C ALA FA 246 99.78 -61.37 31.39
N LYS FA 247 98.71 -61.50 32.19
CA LYS FA 247 98.65 -61.08 33.60
C LYS FA 247 99.09 -62.16 34.61
N VAL FA 248 99.61 -63.30 34.17
CA VAL FA 248 100.16 -64.36 35.02
C VAL FA 248 101.69 -64.32 35.03
N ALA FA 249 102.33 -64.36 36.20
CA ALA FA 249 103.79 -64.43 36.29
C ALA FA 249 104.34 -65.77 35.78
N LYS FA 250 105.45 -65.77 35.06
CA LYS FA 250 105.95 -66.93 34.31
C LYS FA 250 107.47 -67.04 34.15
N VAL FA 251 108.23 -65.94 34.05
CA VAL FA 251 109.69 -66.01 33.87
C VAL FA 251 110.48 -66.16 35.17
N ALA FA 252 109.93 -65.74 36.32
CA ALA FA 252 110.67 -65.72 37.59
C ALA FA 252 111.42 -67.02 37.96
N PRO FA 253 110.87 -68.25 37.76
CA PRO FA 253 111.61 -69.50 38.00
C PRO FA 253 112.90 -69.67 37.17
N LEU FA 254 112.98 -69.09 35.97
CA LEU FA 254 114.15 -69.19 35.08
C LEU FA 254 115.28 -68.22 35.45
N LYS FA 255 115.05 -67.23 36.33
CA LYS FA 255 116.02 -66.19 36.70
C LYS FA 255 117.23 -66.73 37.47
N GLU FA 256 118.34 -66.03 37.37
CA GLU FA 256 119.63 -66.31 38.01
C GLU FA 256 120.31 -65.01 38.44
N PHE FA 257 121.07 -65.04 39.54
CA PHE FA 257 121.62 -63.85 40.20
C PHE FA 257 123.12 -63.98 40.49
N PRO FA 258 123.92 -62.91 40.33
CA PRO FA 258 125.34 -62.89 40.65
C PRO FA 258 125.62 -62.64 42.15
N ALA FA 259 126.85 -62.89 42.59
CA ALA FA 259 127.30 -62.72 43.96
C ALA FA 259 127.16 -61.27 44.50
N SER FA 260 127.28 -60.25 43.65
CA SER FA 260 127.02 -58.84 44.00
C SER FA 260 125.56 -58.57 44.36
N THR FA 261 124.61 -59.35 43.83
CA THR FA 261 123.18 -59.29 44.21
C THR FA 261 122.88 -60.15 45.44
N ILE FA 262 123.46 -61.34 45.54
CA ILE FA 262 123.23 -62.26 46.69
C ILE FA 262 123.85 -61.72 47.99
N SER FA 263 125.03 -61.10 47.93
CA SER FA 263 125.73 -60.50 49.08
C SER FA 263 125.20 -59.12 49.48
N HIS FA 264 124.21 -58.56 48.77
CA HIS FA 264 123.73 -57.20 48.97
C HIS FA 264 122.87 -57.06 50.25
N PRO FA 265 122.96 -55.94 51.01
CA PRO FA 265 122.12 -55.73 52.20
C PRO FA 265 120.62 -55.68 51.90
N ASP FA 266 120.23 -55.18 50.71
CA ASP FA 266 118.85 -55.20 50.22
C ASP FA 266 118.56 -56.35 49.22
N SER FA 267 119.34 -57.44 49.25
CA SER FA 267 119.24 -58.54 48.28
C SER FA 267 117.82 -59.08 48.07
N GLY FA 268 117.00 -59.23 49.13
CA GLY FA 268 115.62 -59.72 49.00
C GLY FA 268 114.72 -58.81 48.14
N ALA FA 269 114.81 -57.50 48.35
CA ALA FA 269 114.08 -56.50 47.56
C ALA FA 269 114.65 -56.39 46.13
N LEU FA 270 115.97 -56.50 45.97
CA LEU FA 270 116.62 -56.48 44.66
C LEU FA 270 116.22 -57.67 43.78
N MET FA 271 116.18 -58.89 44.33
CA MET FA 271 115.73 -60.07 43.59
C MET FA 271 114.25 -59.96 43.14
N ILE FA 272 113.37 -59.36 43.96
CA ILE FA 272 111.98 -59.08 43.59
C ILE FA 272 111.89 -58.01 42.50
N VAL FA 273 112.61 -56.88 42.59
CA VAL FA 273 112.55 -55.83 41.57
C VAL FA 273 113.11 -56.29 40.21
N ASP FA 274 114.26 -56.97 40.19
CA ASP FA 274 114.87 -57.53 38.98
C ASP FA 274 113.97 -58.57 38.29
N SER FA 275 113.32 -59.45 39.08
CA SER FA 275 112.36 -60.43 38.56
C SER FA 275 111.09 -59.77 37.99
N ALA FA 276 110.49 -58.81 38.71
CA ALA FA 276 109.28 -58.15 38.28
C ALA FA 276 109.48 -57.29 37.02
N ALA FA 277 110.63 -56.62 36.88
CA ALA FA 277 110.97 -55.91 35.66
C ALA FA 277 111.03 -56.84 34.42
N CYS FA 278 111.60 -58.04 34.54
CA CYS FA 278 111.65 -59.02 33.47
C CYS FA 278 110.26 -59.59 33.13
N GLU FA 279 109.43 -59.89 34.14
CA GLU FA 279 108.04 -60.33 33.92
C GLU FA 279 107.25 -59.31 33.10
N LEU FA 280 107.37 -58.02 33.44
CA LEU FA 280 106.67 -56.93 32.75
C LEU FA 280 107.15 -56.77 31.29
N ALA FA 281 108.46 -56.86 31.02
CA ALA FA 281 108.98 -56.84 29.65
C ALA FA 281 108.45 -58.00 28.80
N VAL FA 282 108.37 -59.22 29.34
CA VAL FA 282 107.76 -60.37 28.68
C VAL FA 282 106.24 -60.24 28.51
N SER FA 283 105.50 -59.60 29.42
CA SER FA 283 104.08 -59.30 29.23
C SER FA 283 103.83 -58.30 28.09
N TYR FA 284 104.57 -57.18 28.04
CA TYR FA 284 104.24 -56.06 27.16
C TYR FA 284 104.98 -56.01 25.81
N ALA FA 285 106.24 -56.46 25.69
CA ALA FA 285 106.97 -56.38 24.43
C ALA FA 285 106.32 -57.19 23.28
N PRO FA 286 105.94 -58.47 23.47
CA PRO FA 286 105.25 -59.23 22.42
C PRO FA 286 103.92 -58.60 21.97
N ALA FA 287 103.11 -58.07 22.89
CA ALA FA 287 101.86 -57.39 22.56
C ALA FA 287 102.07 -56.19 21.62
N MET FA 288 103.05 -55.34 21.92
CA MET FA 288 103.39 -54.21 21.07
C MET FA 288 104.00 -54.63 19.72
N LEU FA 289 104.79 -55.69 19.67
CA LEU FA 289 105.34 -56.22 18.42
C LEU FA 289 104.26 -56.86 17.51
N GLU FA 290 103.27 -57.55 18.08
CA GLU FA 290 102.14 -58.16 17.35
C GLU FA 290 101.12 -57.14 16.80
N ALA FA 291 101.04 -55.93 17.37
CA ALA FA 291 100.08 -54.91 17.00
C ALA FA 291 100.10 -54.55 15.49
N SER FA 292 99.03 -53.93 14.99
CA SER FA 292 98.95 -53.53 13.57
C SER FA 292 99.83 -52.29 13.32
N HIS FA 293 100.69 -52.32 12.30
CA HIS FA 293 101.68 -51.26 12.03
C HIS FA 293 101.42 -50.57 10.69
N GLU FA 294 101.78 -49.29 10.58
CA GLU FA 294 101.82 -48.57 9.29
C GLU FA 294 102.82 -49.21 8.32
N THR FA 295 102.53 -49.17 7.01
CA THR FA 295 103.43 -49.70 5.96
C THR FA 295 104.35 -48.58 5.44
N PRO FA 296 105.66 -48.57 5.71
CA PRO FA 296 106.58 -47.55 5.20
C PRO FA 296 106.80 -47.63 3.69
N ALA FA 297 107.12 -46.52 3.04
CA ALA FA 297 107.51 -46.51 1.62
C ALA FA 297 108.84 -47.22 1.34
N SER FA 298 109.69 -47.38 2.36
CA SER FA 298 110.98 -48.08 2.26
C SER FA 298 110.83 -49.60 2.11
N LEU FA 299 109.65 -50.17 2.35
CA LEU FA 299 109.39 -51.60 2.19
C LEU FA 299 109.26 -52.06 0.72
N ASN FA 300 109.19 -51.12 -0.21
CA ASN FA 300 109.04 -51.37 -1.65
C ASN FA 300 110.39 -51.31 -2.39
N TYR FA 301 111.02 -52.46 -2.62
CA TYR FA 301 112.40 -52.59 -3.12
C TYR FA 301 112.59 -52.07 -4.56
N ASP FA 302 111.55 -52.12 -5.40
CA ASP FA 302 111.62 -51.67 -6.79
C ASP FA 302 111.51 -50.13 -6.93
N SER FA 303 111.00 -49.40 -5.92
CA SER FA 303 111.07 -47.94 -5.87
C SER FA 303 112.27 -47.37 -5.11
N TRP FA 304 113.22 -48.19 -4.62
CA TRP FA 304 114.43 -47.67 -3.95
C TRP FA 304 115.26 -46.78 -4.89
N PRO FA 305 115.50 -45.50 -4.56
CA PRO FA 305 116.32 -44.61 -5.39
C PRO FA 305 117.76 -45.05 -5.63
N LEU FA 306 118.38 -45.81 -4.72
CA LEU FA 306 119.80 -46.17 -4.83
C LEU FA 306 120.17 -46.93 -6.12
N PHE FA 307 119.22 -47.62 -6.76
CA PHE FA 307 119.39 -48.32 -8.03
C PHE FA 307 119.24 -47.45 -9.30
N ALA FA 308 118.81 -46.18 -9.19
CA ALA FA 308 118.31 -45.42 -10.34
C ALA FA 308 119.29 -45.19 -11.49
N ASP FA 309 120.61 -45.18 -11.25
CA ASP FA 309 121.67 -45.08 -12.28
C ASP FA 309 122.30 -46.44 -12.67
N CYS FA 310 121.87 -47.56 -12.09
CA CYS FA 310 122.43 -48.89 -12.36
C CYS FA 310 121.99 -49.47 -13.71
N GLU FA 311 122.94 -50.04 -14.46
CA GLU FA 311 122.65 -50.90 -15.62
C GLU FA 311 123.25 -52.30 -15.42
N GLY FA 312 122.39 -53.32 -15.39
CA GLY FA 312 122.75 -54.73 -15.26
C GLY FA 312 123.04 -55.22 -13.83
N PRO FA 313 123.16 -56.55 -13.62
CA PRO FA 313 123.27 -57.16 -12.30
C PRO FA 313 124.52 -56.77 -11.49
N GLU FA 314 125.68 -56.55 -12.13
CA GLU FA 314 126.91 -56.18 -11.42
C GLU FA 314 126.81 -54.80 -10.77
N ALA FA 315 126.21 -53.83 -11.46
CA ALA FA 315 125.97 -52.50 -10.92
C ALA FA 315 124.99 -52.53 -9.75
N ARG FA 316 123.95 -53.38 -9.79
CA ARG FA 316 122.99 -53.54 -8.69
C ARG FA 316 123.61 -54.14 -7.44
N VAL FA 317 124.44 -55.19 -7.56
CA VAL FA 317 125.19 -55.76 -6.43
C VAL FA 317 126.20 -54.77 -5.84
N ALA FA 318 126.94 -54.04 -6.66
CA ALA FA 318 127.87 -53.02 -6.18
C ALA FA 318 127.18 -51.84 -5.47
N ALA FA 319 125.97 -51.45 -5.90
CA ALA FA 319 125.15 -50.46 -5.22
C ALA FA 319 124.68 -50.91 -3.83
N LEU FA 320 124.31 -52.19 -3.68
CA LEU FA 320 123.96 -52.78 -2.38
C LEU FA 320 125.16 -52.81 -1.43
N HIS FA 321 126.38 -53.11 -1.91
CA HIS FA 321 127.58 -53.05 -1.07
C HIS FA 321 127.88 -51.63 -0.56
N ARG FA 322 127.72 -50.57 -1.38
CA ARG FA 322 127.81 -49.17 -0.92
C ARG FA 322 126.72 -48.85 0.12
N TYR FA 323 125.49 -49.30 -0.10
CA TYR FA 323 124.42 -49.16 0.89
C TYR FA 323 124.79 -49.80 2.24
N ASN FA 324 125.30 -51.02 2.26
CA ASN FA 324 125.73 -51.71 3.48
C ASN FA 324 126.86 -50.97 4.22
N ALA FA 325 127.86 -50.45 3.51
CA ALA FA 325 128.93 -49.66 4.11
C ALA FA 325 128.41 -48.43 4.87
N SER FA 326 127.36 -47.77 4.37
CA SER FA 326 126.74 -46.62 5.06
C SER FA 326 126.01 -46.98 6.37
N LEU FA 327 125.65 -48.25 6.61
CA LEU FA 327 125.10 -48.76 7.87
C LEU FA 327 126.15 -49.30 8.85
N ALA FA 328 127.35 -49.68 8.40
CA ALA FA 328 128.36 -50.33 9.25
C ALA FA 328 128.69 -49.59 10.57
N PRO FA 329 128.81 -48.25 10.62
CA PRO FA 329 129.12 -47.56 11.89
C PRO FA 329 128.10 -47.78 13.00
N HIS FA 330 126.81 -47.98 12.67
CA HIS FA 330 125.78 -48.37 13.65
C HIS FA 330 126.09 -49.75 14.24
N VAL FA 331 126.41 -50.73 13.41
CA VAL FA 331 126.71 -52.10 13.84
C VAL FA 331 128.02 -52.19 14.61
N SER FA 332 129.10 -51.57 14.13
CA SER FA 332 130.39 -51.61 14.82
C SER FA 332 130.38 -50.85 16.15
N THR FA 333 129.58 -49.80 16.29
CA THR FA 333 129.40 -49.11 17.58
C THR FA 333 128.81 -50.03 18.64
N GLN FA 334 127.80 -50.83 18.29
CA GLN FA 334 127.24 -51.84 19.19
C GLN FA 334 128.21 -52.99 19.54
N ILE FA 335 129.30 -53.17 18.81
CA ILE FA 335 130.39 -54.09 19.20
C ILE FA 335 131.48 -53.39 20.02
N PHE FA 336 131.97 -52.22 19.60
CA PHE FA 336 133.11 -51.55 20.23
C PHE FA 336 132.77 -50.81 21.52
N ALA FA 337 131.53 -50.37 21.75
CA ALA FA 337 131.17 -49.58 22.92
C ALA FA 337 131.02 -50.41 24.20
N THR FA 338 131.70 -50.02 25.28
CA THR FA 338 131.63 -50.70 26.59
C THR FA 338 130.20 -50.73 27.14
N ASN FA 339 129.39 -49.72 26.84
CA ASN FA 339 128.00 -49.57 27.26
C ASN FA 339 126.97 -49.89 26.15
N SER FA 340 127.32 -50.77 25.21
CA SER FA 340 126.40 -51.37 24.25
C SER FA 340 125.26 -52.14 24.91
N VAL FA 341 124.07 -52.11 24.31
CA VAL FA 341 122.91 -52.93 24.73
C VAL FA 341 123.21 -54.42 24.74
N LEU FA 342 124.15 -54.91 23.91
CA LEU FA 342 124.59 -56.30 23.87
C LEU FA 342 125.34 -56.76 25.14
N TYR FA 343 125.82 -55.85 25.99
CA TYR FA 343 126.61 -56.14 27.20
C TYR FA 343 125.90 -55.79 28.53
N VAL FA 344 124.58 -55.55 28.51
CA VAL FA 344 123.78 -55.32 29.72
C VAL FA 344 123.83 -56.56 30.63
N SER FA 345 124.16 -56.37 31.90
CA SER FA 345 124.51 -57.43 32.86
C SER FA 345 123.44 -57.68 33.94
N GLY FA 346 122.47 -56.79 34.14
CA GLY FA 346 121.44 -56.93 35.17
C GLY FA 346 121.01 -55.63 35.84
N VAL FA 347 120.43 -55.75 37.03
CA VAL FA 347 119.94 -54.63 37.85
C VAL FA 347 120.73 -54.55 39.14
N SER FA 348 121.06 -53.34 39.61
CA SER FA 348 121.73 -53.12 40.89
C SER FA 348 121.13 -51.94 41.66
N LYS FA 349 121.45 -51.81 42.95
CA LYS FA 349 120.95 -50.75 43.83
C LYS FA 349 122.09 -49.93 44.44
N SER FA 350 121.89 -48.62 44.51
CA SER FA 350 122.85 -47.62 45.00
C SER FA 350 123.48 -47.95 46.35
N GLU FA 356 122.59 -41.79 44.19
CA GLU FA 356 121.32 -41.72 43.48
C GLU FA 356 120.16 -41.26 44.37
N SER FA 357 119.27 -40.43 43.81
CA SER FA 357 117.96 -40.10 44.42
C SER FA 357 117.02 -41.30 44.47
N LEU FA 358 115.94 -41.24 45.25
CA LEU FA 358 115.08 -42.38 45.56
C LEU FA 358 114.58 -43.14 44.33
N PHE FA 359 113.99 -42.46 43.35
CA PHE FA 359 113.46 -43.12 42.15
C PHE FA 359 114.55 -43.61 41.18
N ASN FA 360 115.76 -43.06 41.24
CA ASN FA 360 116.92 -43.52 40.48
C ASN FA 360 117.73 -44.64 41.18
N SER FA 361 117.40 -44.99 42.42
CA SER FA 361 118.24 -45.86 43.28
C SER FA 361 118.44 -47.28 42.75
N PHE FA 362 117.49 -47.87 42.04
CA PHE FA 362 117.67 -49.09 41.25
C PHE FA 362 117.97 -48.72 39.78
N TYR FA 363 118.95 -49.37 39.15
CA TYR FA 363 119.39 -49.07 37.79
C TYR FA 363 119.97 -50.27 37.02
N MET FA 364 120.01 -50.18 35.68
CA MET FA 364 120.63 -51.17 34.79
C MET FA 364 122.17 -51.09 34.82
N THR FA 365 122.84 -52.24 34.86
CA THR FA 365 124.32 -52.38 34.83
C THR FA 365 124.83 -53.02 33.54
N HIS FA 366 126.11 -52.83 33.21
CA HIS FA 366 126.80 -53.48 32.09
C HIS FA 366 128.14 -54.09 32.51
N GLY FA 367 128.59 -55.12 31.82
CA GLY FA 367 129.94 -55.67 31.98
C GLY FA 367 130.08 -57.13 31.58
N LEU FA 368 131.02 -57.42 30.68
CA LEU FA 368 131.35 -58.79 30.24
C LEU FA 368 131.99 -59.64 31.34
N GLY FA 369 132.76 -59.04 32.26
CA GLY FA 369 133.30 -59.74 33.42
C GLY FA 369 132.19 -60.32 34.29
N THR FA 370 131.14 -59.54 34.55
CA THR FA 370 129.95 -59.99 35.28
C THR FA 370 129.24 -61.14 34.56
N LEU FA 371 129.11 -61.06 33.23
CA LEU FA 371 128.48 -62.11 32.42
C LEU FA 371 129.26 -63.43 32.41
N GLN FA 372 130.56 -63.46 32.71
CA GLN FA 372 131.33 -64.71 32.87
C GLN FA 372 131.14 -65.41 34.23
N GLU FA 373 130.64 -64.74 35.26
CA GLU FA 373 130.61 -65.28 36.64
C GLU FA 373 129.58 -66.39 36.86
N GLY FA 374 129.79 -67.21 37.91
CA GLY FA 374 128.77 -68.12 38.43
C GLY FA 374 127.59 -67.39 39.07
N THR FA 375 126.47 -68.10 39.22
CA THR FA 375 125.17 -67.57 39.64
C THR FA 375 124.47 -68.47 40.67
N TRP FA 376 123.41 -67.93 41.29
CA TRP FA 376 122.50 -68.59 42.21
C TRP FA 376 121.04 -68.45 41.75
N ASP FA 377 120.19 -69.41 42.07
CA ASP FA 377 118.77 -69.46 41.69
C ASP FA 377 117.86 -68.60 42.60
N PRO FA 378 116.55 -68.44 42.32
CA PRO FA 378 115.62 -67.69 43.17
C PRO FA 378 115.47 -68.17 44.62
N CYS FA 379 115.93 -69.38 44.95
CA CYS FA 379 115.97 -69.94 46.31
C CYS FA 379 117.39 -69.94 46.89
N ARG FA 380 118.29 -69.10 46.35
CA ARG FA 380 119.68 -68.89 46.78
C ARG FA 380 120.56 -70.15 46.74
N ARG FA 381 120.20 -71.16 45.93
CA ARG FA 381 121.04 -72.35 45.69
C ARG FA 381 121.99 -72.10 44.51
N PRO FA 382 123.20 -72.69 44.47
CA PRO FA 382 124.12 -72.57 43.34
C PRO FA 382 123.48 -73.00 42.00
N CYS FA 383 123.80 -72.29 40.91
CA CYS FA 383 123.17 -72.49 39.60
C CYS FA 383 124.21 -72.71 38.48
N PHE FA 384 124.58 -71.68 37.71
CA PHE FA 384 125.73 -71.74 36.80
C PHE FA 384 127.05 -71.62 37.59
N SER FA 385 128.09 -72.36 37.21
CA SER FA 385 129.40 -72.34 37.89
C SER FA 385 130.38 -71.26 37.42
N GLY FA 386 130.09 -70.54 36.34
CA GLY FA 386 130.99 -69.54 35.76
C GLY FA 386 132.03 -70.10 34.79
N TRP FA 387 132.74 -69.20 34.12
CA TRP FA 387 133.82 -69.50 33.18
C TRP FA 387 135.07 -68.66 33.47
N GLY FA 388 136.24 -69.29 33.47
CA GLY FA 388 137.51 -68.63 33.78
C GLY FA 388 138.10 -67.77 32.65
N GLY FA 389 137.45 -67.74 31.48
CA GLY FA 389 137.97 -67.12 30.27
C GLY FA 389 138.89 -68.04 29.46
N PRO FA 390 139.44 -67.55 28.33
CA PRO FA 390 140.32 -68.31 27.43
C PRO FA 390 141.56 -68.87 28.14
N GLY FA 394 144.60 -66.14 23.15
CA GLY FA 394 144.49 -65.41 21.89
C GLY FA 394 145.35 -64.15 21.81
N THR FA 395 145.39 -63.52 20.63
CA THR FA 395 146.35 -62.45 20.29
C THR FA 395 146.16 -61.14 21.09
N ASN FA 396 145.01 -60.89 21.72
CA ASN FA 396 144.78 -59.69 22.58
C ASN FA 396 145.27 -59.88 24.03
N GLY FA 397 145.73 -61.07 24.42
CA GLY FA 397 146.33 -61.35 25.73
C GLY FA 397 145.36 -61.49 26.92
N PRO FA 398 145.89 -61.84 28.12
CA PRO FA 398 145.11 -62.15 29.32
C PRO FA 398 144.26 -60.99 29.86
N GLY FA 399 143.06 -61.28 30.34
CA GLY FA 399 142.13 -60.30 30.94
C GLY FA 399 141.46 -59.33 29.95
N ASN FA 400 141.80 -59.43 28.66
CA ASN FA 400 141.29 -58.58 27.59
C ASN FA 400 140.18 -59.28 26.78
N TYR FA 401 139.44 -58.51 25.98
CA TYR FA 401 138.40 -59.01 25.08
C TYR FA 401 138.99 -60.04 24.09
N ALA FA 402 138.29 -61.14 23.88
CA ALA FA 402 138.69 -62.27 23.05
C ALA FA 402 137.59 -62.60 22.03
N VAL FA 403 137.89 -63.45 21.04
CA VAL FA 403 136.91 -63.83 20.02
C VAL FA 403 135.64 -64.45 20.64
N GLU FA 404 135.73 -65.16 21.76
CA GLU FA 404 134.56 -65.67 22.48
C GLU FA 404 133.59 -64.56 22.92
N HIS FA 405 134.06 -63.37 23.28
CA HIS FA 405 133.18 -62.23 23.59
C HIS FA 405 132.43 -61.70 22.37
N LEU FA 406 133.04 -61.72 21.18
CA LEU FA 406 132.33 -61.44 19.93
C LEU FA 406 131.28 -62.52 19.64
N VAL FA 407 131.59 -63.80 19.87
CA VAL FA 407 130.61 -64.88 19.71
C VAL FA 407 129.42 -64.70 20.67
N TYR FA 408 129.68 -64.36 21.94
CA TYR FA 408 128.64 -63.98 22.91
C TYR FA 408 127.76 -62.78 22.48
N ALA FA 409 128.34 -61.72 21.91
CA ALA FA 409 127.60 -60.59 21.34
C ALA FA 409 126.67 -61.02 20.18
N ALA FA 410 127.08 -61.97 19.35
CA ALA FA 410 126.29 -62.56 18.27
C ALA FA 410 125.34 -63.70 18.70
N SER FA 411 125.02 -63.86 19.98
CA SER FA 411 124.09 -64.89 20.51
C SER FA 411 124.43 -66.33 20.16
N PHE FA 412 125.71 -66.65 19.99
CA PHE FA 412 126.21 -67.98 19.59
C PHE FA 412 125.57 -68.49 18.29
N SER FA 413 125.20 -67.58 17.39
CA SER FA 413 124.54 -67.86 16.12
C SER FA 413 125.53 -67.68 14.98
N PRO FA 414 125.86 -68.74 14.20
CA PRO FA 414 126.75 -68.59 13.05
C PRO FA 414 126.18 -67.67 11.96
N ASN FA 415 124.86 -67.62 11.79
CA ASN FA 415 124.19 -66.68 10.88
C ASN FA 415 124.42 -65.20 11.29
N LEU FA 416 124.14 -64.84 12.55
CA LEU FA 416 124.39 -63.47 13.04
C LEU FA 416 125.89 -63.12 13.03
N LEU FA 417 126.77 -64.04 13.48
CA LEU FA 417 128.22 -63.83 13.53
C LEU FA 417 128.83 -63.55 12.15
N ALA FA 418 128.41 -64.28 11.10
CA ALA FA 418 128.81 -64.02 9.74
C ALA FA 418 128.47 -62.59 9.28
N ARG FA 419 127.25 -62.09 9.54
CA ARG FA 419 126.89 -60.71 9.18
C ARG FA 419 127.60 -59.64 10.03
N TYR FA 420 127.86 -59.87 11.32
CA TYR FA 420 128.73 -59.00 12.12
C TYR FA 420 130.14 -58.90 11.53
N ALA FA 421 130.77 -60.02 11.16
CA ALA FA 421 132.09 -60.02 10.57
C ALA FA 421 132.14 -59.28 9.22
N TYR FA 422 131.12 -59.46 8.39
CA TYR FA 422 130.96 -58.67 7.17
C TYR FA 422 130.94 -57.15 7.42
N TYR FA 423 130.23 -56.64 8.42
CA TYR FA 423 130.26 -55.21 8.76
C TYR FA 423 131.62 -54.77 9.32
N LEU FA 424 132.27 -55.57 10.18
CA LEU FA 424 133.60 -55.28 10.72
C LEU FA 424 134.69 -55.19 9.63
N GLN FA 425 134.56 -55.89 8.51
CA GLN FA 425 135.46 -55.74 7.36
C GLN FA 425 135.48 -54.34 6.71
N PHE FA 426 134.50 -53.47 6.93
CA PHE FA 426 134.53 -52.06 6.51
C PHE FA 426 135.32 -51.13 7.46
N CYS FA 427 135.66 -51.59 8.67
CA CYS FA 427 136.29 -50.77 9.70
C CYS FA 427 137.82 -50.62 9.51
N GLN FA 428 138.33 -49.42 9.76
CA GLN FA 428 139.77 -49.12 9.82
C GLN FA 428 140.42 -49.73 11.07
N GLY FA 429 141.67 -50.19 10.93
CA GLY FA 429 142.52 -50.55 12.05
C GLY FA 429 143.12 -49.32 12.75
N GLN FA 430 143.30 -49.40 14.05
CA GLN FA 430 143.95 -48.37 14.87
C GLN FA 430 144.94 -49.04 15.82
N LYS FA 431 146.20 -49.15 15.40
CA LYS FA 431 147.29 -49.70 16.22
C LYS FA 431 147.52 -48.83 17.47
N SER FA 432 147.57 -49.46 18.65
CA SER FA 432 147.78 -48.80 19.95
C SER FA 432 149.16 -48.13 20.07
N VAL FA 437 153.84 -54.12 15.99
CA VAL FA 437 152.96 -55.17 15.44
C VAL FA 437 153.51 -55.66 14.10
N PRO FA 438 153.47 -56.98 13.79
CA PRO FA 438 153.82 -57.50 12.47
C PRO FA 438 153.07 -56.79 11.32
N GLU FA 439 153.74 -56.63 10.18
CA GLU FA 439 153.07 -56.15 8.96
C GLU FA 439 151.97 -57.11 8.51
N THR FA 440 150.92 -56.61 7.85
CA THR FA 440 149.74 -57.43 7.50
C THR FA 440 150.13 -58.68 6.71
N GLY FA 441 150.96 -58.55 5.68
CA GLY FA 441 151.38 -59.67 4.82
C GLY FA 441 152.29 -60.68 5.51
N SER FA 442 153.13 -60.26 6.46
CA SER FA 442 153.90 -61.21 7.28
C SER FA 442 153.07 -61.87 8.39
N TYR FA 443 151.94 -61.29 8.80
CA TYR FA 443 150.95 -62.00 9.62
C TYR FA 443 150.16 -63.02 8.79
N VAL FA 444 149.60 -62.62 7.63
CA VAL FA 444 148.82 -63.51 6.75
C VAL FA 444 149.64 -64.70 6.23
N ALA FA 445 150.90 -64.51 5.83
CA ALA FA 445 151.77 -65.62 5.41
C ALA FA 445 152.39 -66.38 6.60
N GLY FA 446 152.53 -65.74 7.76
CA GLY FA 446 153.08 -66.30 8.99
C GLY FA 446 152.02 -66.95 9.87
N ALA FA 447 151.80 -66.41 11.07
CA ALA FA 447 150.95 -67.03 12.10
C ALA FA 447 149.50 -67.33 11.69
N ALA FA 448 148.92 -66.61 10.72
CA ALA FA 448 147.58 -66.95 10.22
C ALA FA 448 147.49 -68.30 9.49
N ALA FA 449 148.60 -68.77 8.91
CA ALA FA 449 148.70 -69.99 8.12
C ALA FA 449 149.07 -71.25 8.95
N SER FA 450 149.14 -71.14 10.28
CA SER FA 450 149.48 -72.24 11.17
C SER FA 450 148.39 -73.33 11.22
N PRO FA 451 148.74 -74.63 11.14
CA PRO FA 451 147.76 -75.73 11.19
C PRO FA 451 147.07 -75.86 12.56
N MET FA 452 147.53 -75.15 13.59
CA MET FA 452 146.88 -75.06 14.90
C MET FA 452 145.54 -74.30 14.91
N CYS FA 453 145.21 -73.49 13.90
CA CYS FA 453 143.96 -72.73 13.85
C CYS FA 453 142.73 -73.65 13.74
N SER FA 454 141.86 -73.66 14.75
CA SER FA 454 140.63 -74.48 14.80
C SER FA 454 139.48 -73.99 13.90
N LEU FA 455 139.66 -72.88 13.17
CA LEU FA 455 138.67 -72.37 12.22
C LEU FA 455 138.97 -72.78 10.76
N CYS FA 456 140.19 -72.56 10.27
CA CYS FA 456 140.59 -72.81 8.87
C CYS FA 456 141.73 -73.80 8.67
N GLU FA 457 142.34 -74.37 9.72
CA GLU FA 457 143.53 -75.23 9.63
C GLU FA 457 144.72 -74.57 8.92
N GLY FA 458 144.76 -73.24 8.86
CA GLY FA 458 145.72 -72.46 8.07
C GLY FA 458 145.39 -72.38 6.57
N ARG FA 459 144.36 -73.08 6.08
CA ARG FA 459 144.00 -73.22 4.65
C ARG FA 459 143.15 -72.08 4.07
N ALA FA 460 142.84 -71.04 4.85
CA ALA FA 460 142.18 -69.80 4.38
C ALA FA 460 142.63 -68.56 5.19
N PRO FA 461 143.92 -68.17 5.15
CA PRO FA 461 144.48 -67.25 6.14
C PRO FA 461 144.01 -65.79 6.00
N ALA FA 462 143.62 -65.33 4.82
CA ALA FA 462 143.32 -63.92 4.58
C ALA FA 462 141.88 -63.50 5.00
N VAL FA 463 140.91 -64.41 4.89
CA VAL FA 463 139.50 -64.18 5.31
C VAL FA 463 139.14 -64.70 6.69
N CYS FA 464 139.97 -65.53 7.34
CA CYS FA 464 139.66 -66.13 8.63
C CYS FA 464 139.26 -65.09 9.70
N LEU FA 465 138.28 -65.43 10.55
CA LEU FA 465 137.77 -64.58 11.62
C LEU FA 465 138.88 -64.15 12.59
N ASN FA 466 139.84 -65.02 12.89
CA ASN FA 466 141.00 -64.68 13.71
C ASN FA 466 141.93 -63.63 13.06
N THR FA 467 142.02 -63.57 11.72
CA THR FA 467 142.76 -62.50 11.01
C THR FA 467 142.03 -61.16 11.13
N LEU FA 468 140.71 -61.14 10.94
CA LEU FA 468 139.89 -59.94 11.15
C LEU FA 468 139.97 -59.45 12.60
N PHE FA 469 139.88 -60.36 13.56
CA PHE FA 469 140.02 -60.05 14.99
C PHE FA 469 141.41 -59.45 15.31
N PHE FA 470 142.49 -60.03 14.78
CA PHE FA 470 143.84 -59.51 14.97
C PHE FA 470 144.00 -58.07 14.45
N ARG FA 471 143.42 -57.76 13.28
CA ARG FA 471 143.42 -56.44 12.65
C ARG FA 471 142.71 -55.37 13.48
N LEU FA 472 141.58 -55.69 14.13
CA LEU FA 472 140.73 -54.76 14.89
C LEU FA 472 140.94 -54.78 16.43
N ARG FA 473 141.93 -55.54 16.89
CA ARG FA 473 142.24 -55.89 18.29
C ARG FA 473 142.19 -54.74 19.31
N ASP FA 474 142.84 -53.63 19.01
CA ASP FA 474 142.91 -52.45 19.88
C ASP FA 474 141.62 -51.60 19.93
N ARG FA 475 140.58 -51.92 19.15
CA ARG FA 475 139.26 -51.25 19.18
C ARG FA 475 138.21 -51.94 20.03
N PHE FA 476 138.37 -53.21 20.40
CA PHE FA 476 137.43 -53.90 21.29
C PHE FA 476 137.45 -53.32 22.72
N PRO FA 477 136.33 -53.34 23.46
CA PRO FA 477 136.23 -52.74 24.79
C PRO FA 477 137.00 -53.53 25.87
N PRO FA 478 137.21 -52.97 27.07
CA PRO FA 478 137.70 -53.71 28.23
C PRO FA 478 136.64 -54.66 28.83
N VAL FA 479 137.05 -55.66 29.59
CA VAL FA 479 136.17 -56.64 30.25
C VAL FA 479 135.91 -56.23 31.70
N MET FA 480 134.67 -55.83 32.02
CA MET FA 480 134.31 -55.11 33.26
C MET FA 480 133.47 -55.93 34.25
N SER FA 481 133.76 -55.80 35.54
CA SER FA 481 133.05 -56.47 36.65
C SER FA 481 132.38 -55.51 37.65
N THR FA 482 132.33 -54.21 37.37
CA THR FA 482 131.76 -53.18 38.26
C THR FA 482 130.25 -52.94 38.07
N GLN FA 483 129.63 -52.17 38.97
CA GLN FA 483 128.17 -52.00 39.09
C GLN FA 483 127.72 -50.52 39.06
N ARG FA 484 128.45 -49.63 38.37
CA ARG FA 484 128.14 -48.19 38.20
C ARG FA 484 126.91 -47.91 37.32
N ARG FA 485 126.19 -46.82 37.59
CA ARG FA 485 125.02 -46.33 36.83
C ARG FA 485 125.42 -45.52 35.59
N ASP FA 486 125.58 -46.17 34.45
CA ASP FA 486 125.90 -45.55 33.16
C ASP FA 486 124.70 -45.58 32.17
N PRO FA 487 124.66 -44.70 31.16
CA PRO FA 487 123.78 -44.82 30.00
C PRO FA 487 124.09 -46.07 29.18
N TYR FA 488 123.12 -46.57 28.39
CA TYR FA 488 123.32 -47.66 27.42
C TYR FA 488 123.01 -47.21 25.99
N VAL FA 489 123.63 -47.85 25.00
CA VAL FA 489 123.58 -47.42 23.59
C VAL FA 489 122.49 -48.19 22.81
N ILE FA 490 121.60 -47.47 22.12
CA ILE FA 490 120.50 -48.03 21.31
C ILE FA 490 120.65 -47.67 19.83
N SER FA 491 120.10 -48.49 18.93
CA SER FA 491 120.13 -48.28 17.47
C SER FA 491 118.75 -48.50 16.86
N GLY FA 492 118.38 -47.73 15.82
CA GLY FA 492 117.15 -47.94 15.08
C GLY FA 492 116.71 -46.74 14.24
N ALA FA 493 115.54 -46.83 13.64
CA ALA FA 493 114.91 -45.76 12.86
C ALA FA 493 114.42 -44.60 13.73
N SER FA 494 114.58 -43.38 13.24
CA SER FA 494 114.00 -42.19 13.87
C SER FA 494 112.55 -41.95 13.42
N GLY FA 495 111.78 -41.27 14.26
CA GLY FA 495 110.40 -40.83 13.97
C GLY FA 495 110.34 -39.60 13.08
N SER FA 496 109.12 -39.16 12.77
CA SER FA 496 108.85 -38.08 11.81
C SER FA 496 109.10 -36.66 12.36
N TYR FA 497 108.96 -36.41 13.66
CA TYR FA 497 108.98 -35.05 14.23
C TYR FA 497 110.13 -34.86 15.25
N ASN FA 498 111.29 -34.43 14.75
CA ASN FA 498 112.50 -34.17 15.54
C ASN FA 498 112.74 -32.66 15.64
N GLU FA 499 113.20 -32.19 16.80
CA GLU FA 499 113.46 -30.78 17.09
C GLU FA 499 114.94 -30.60 17.48
N THR FA 500 115.80 -30.35 16.48
CA THR FA 500 117.25 -30.39 16.59
C THR FA 500 117.96 -29.18 15.97
N ASP FA 501 117.26 -28.08 15.67
CA ASP FA 501 117.88 -26.76 15.48
C ASP FA 501 118.44 -26.21 16.82
N PHE FA 502 119.23 -25.14 16.82
CA PHE FA 502 120.01 -24.66 17.98
C PHE FA 502 119.22 -24.45 19.27
N LEU FA 503 117.96 -24.01 19.24
CA LEU FA 503 117.08 -23.87 20.40
C LEU FA 503 116.01 -24.97 20.52
N GLY FA 504 116.17 -26.10 19.82
CA GLY FA 504 115.35 -27.29 20.03
C GLY FA 504 113.85 -27.04 19.88
N ASN FA 505 113.06 -27.43 20.87
CA ASN FA 505 111.60 -27.30 20.90
C ASN FA 505 111.06 -25.91 21.34
N PHE FA 506 111.90 -24.89 21.47
CA PHE FA 506 111.48 -23.50 21.71
C PHE FA 506 110.40 -23.04 20.71
N LEU FA 507 109.25 -22.53 21.17
CA LEU FA 507 108.15 -22.02 20.33
C LEU FA 507 107.77 -22.95 19.16
N ASN FA 508 107.71 -24.26 19.39
CA ASN FA 508 107.34 -25.24 18.35
C ASN FA 508 105.85 -25.12 17.94
N PHE FA 509 104.98 -24.73 18.88
CA PHE FA 509 103.55 -24.47 18.68
C PHE FA 509 103.12 -23.20 19.43
N ILE FA 510 101.97 -22.64 19.05
CA ILE FA 510 101.35 -21.47 19.70
C ILE FA 510 99.92 -21.82 20.14
N TYR FA 525 105.08 -15.92 15.65
CA TYR FA 525 105.06 -17.14 14.84
C TYR FA 525 105.99 -18.22 15.40
N THR FA 526 105.75 -19.50 15.07
CA THR FA 526 106.57 -20.62 15.57
C THR FA 526 108.02 -20.53 15.12
N TYR FA 527 108.94 -21.14 15.89
CA TYR FA 527 110.37 -21.22 15.54
C TYR FA 527 110.57 -21.97 14.22
N TRP FA 528 109.75 -22.98 13.93
CA TRP FA 528 109.73 -23.64 12.63
C TRP FA 528 109.40 -22.68 11.49
N GLN FA 529 108.36 -21.84 11.63
CA GLN FA 529 108.03 -20.82 10.65
C GLN FA 529 109.14 -19.77 10.49
N LEU FA 530 109.76 -19.32 11.58
CA LEU FA 530 110.90 -18.40 11.54
C LEU FA 530 112.06 -18.94 10.69
N ASN FA 531 112.37 -20.23 10.81
CA ASN FA 531 113.41 -20.85 10.00
C ASN FA 531 112.98 -20.96 8.52
N GLN FA 532 111.71 -21.27 8.23
CA GLN FA 532 111.19 -21.22 6.85
C GLN FA 532 111.25 -19.82 6.22
N ASN FA 533 110.98 -18.75 6.99
CA ASN FA 533 111.11 -17.37 6.50
C ASN FA 533 112.56 -17.05 6.11
N LEU FA 534 113.53 -17.43 6.95
CA LEU FA 534 114.95 -17.19 6.67
C LEU FA 534 115.41 -17.91 5.38
N LEU FA 535 115.05 -19.17 5.19
CA LEU FA 535 115.39 -19.90 3.96
C LEU FA 535 114.81 -19.24 2.69
N GLU FA 536 113.61 -18.67 2.75
CA GLU FA 536 113.04 -17.87 1.66
C GLU FA 536 113.85 -16.59 1.37
N ARG FA 537 114.26 -15.83 2.39
CA ARG FA 537 115.14 -14.66 2.18
C ARG FA 537 116.48 -15.08 1.55
N LEU FA 538 117.07 -16.20 2.00
CA LEU FA 538 118.31 -16.71 1.44
C LEU FA 538 118.16 -17.19 -0.01
N SER FA 539 116.97 -17.70 -0.40
CA SER FA 539 116.65 -18.02 -1.79
C SER FA 539 116.69 -16.79 -2.71
N ARG FA 540 116.15 -15.64 -2.26
CA ARG FA 540 116.28 -14.35 -2.97
C ARG FA 540 117.71 -13.83 -3.10
N LEU FA 541 118.63 -14.26 -2.23
CA LEU FA 541 120.08 -13.97 -2.35
C LEU FA 541 120.84 -14.99 -3.22
N GLY FA 542 120.18 -15.99 -3.78
CA GLY FA 542 120.80 -17.03 -4.63
C GLY FA 542 121.43 -18.21 -3.88
N ILE FA 543 121.06 -18.44 -2.61
CA ILE FA 543 121.60 -19.49 -1.74
C ILE FA 543 120.52 -20.57 -1.50
N ASP FA 544 120.82 -21.85 -1.74
CA ASP FA 544 119.88 -22.97 -1.49
C ASP FA 544 119.90 -23.50 -0.04
N ALA FA 545 119.03 -24.48 0.26
CA ALA FA 545 118.88 -25.08 1.60
C ALA FA 545 120.11 -25.82 2.15
N GLU FA 546 121.07 -26.19 1.31
CA GLU FA 546 122.36 -26.80 1.69
C GLU FA 546 123.53 -25.80 1.58
N GLY FA 547 123.22 -24.52 1.31
CA GLY FA 547 124.19 -23.43 1.26
C GLY FA 547 124.95 -23.29 -0.06
N LYS FA 548 124.54 -23.95 -1.16
CA LYS FA 548 125.16 -23.78 -2.48
C LYS FA 548 124.72 -22.47 -3.13
N LEU FA 549 125.64 -21.76 -3.78
CA LEU FA 549 125.36 -20.54 -4.55
C LEU FA 549 124.98 -20.88 -6.00
N GLU FA 550 124.01 -20.13 -6.56
CA GLU FA 550 123.78 -20.08 -8.00
C GLU FA 550 124.80 -19.20 -8.76
N LYS FA 551 125.55 -18.35 -8.05
CA LYS FA 551 126.66 -17.53 -8.58
C LYS FA 551 127.75 -17.30 -7.52
N GLU FA 552 128.92 -17.90 -7.73
CA GLU FA 552 130.07 -17.79 -6.80
C GLU FA 552 130.75 -16.40 -6.86
N PRO FA 553 131.34 -15.90 -5.75
CA PRO FA 553 131.92 -14.56 -5.68
C PRO FA 553 133.15 -14.38 -6.59
N HIS FA 554 133.17 -13.29 -7.34
CA HIS FA 554 134.19 -12.94 -8.33
C HIS FA 554 135.55 -12.47 -7.76
N GLY FA 555 135.57 -11.88 -6.57
CA GLY FA 555 136.71 -11.12 -6.03
C GLY FA 555 136.38 -10.44 -4.70
N PRO FA 556 137.26 -9.60 -4.14
CA PRO FA 556 137.08 -8.95 -2.85
C PRO FA 556 135.74 -8.21 -2.66
N ARG FA 557 135.32 -7.37 -3.62
CA ARG FA 557 134.04 -6.64 -3.55
C ARG FA 557 132.86 -7.61 -3.47
N ASP FA 558 132.85 -8.62 -4.33
CA ASP FA 558 131.78 -9.61 -4.40
C ASP FA 558 131.71 -10.49 -3.14
N PHE FA 559 132.86 -10.81 -2.54
CA PHE FA 559 132.94 -11.54 -1.28
C PHE FA 559 132.37 -10.73 -0.11
N VAL FA 560 132.72 -9.44 0.01
CA VAL FA 560 132.13 -8.56 1.03
C VAL FA 560 130.64 -8.38 0.81
N LYS FA 561 130.21 -8.09 -0.44
CA LYS FA 561 128.82 -7.92 -0.83
C LYS FA 561 127.96 -9.14 -0.46
N MET FA 562 128.44 -10.35 -0.78
CA MET FA 562 127.79 -11.61 -0.42
C MET FA 562 127.45 -11.70 1.08
N PHE FA 563 128.39 -11.40 1.98
CA PHE FA 563 128.13 -11.45 3.42
C PHE FA 563 127.25 -10.31 3.93
N LYS FA 564 127.46 -9.07 3.48
CA LYS FA 564 126.67 -7.92 3.96
C LYS FA 564 125.18 -8.08 3.63
N ASP FA 565 124.85 -8.68 2.49
CA ASP FA 565 123.46 -9.03 2.16
C ASP FA 565 122.85 -10.09 3.10
N VAL FA 566 123.57 -11.16 3.46
CA VAL FA 566 123.08 -12.16 4.41
C VAL FA 566 122.89 -11.56 5.81
N ASP FA 567 123.84 -10.76 6.30
CA ASP FA 567 123.71 -10.08 7.58
C ASP FA 567 122.47 -9.17 7.62
N ALA FA 568 122.26 -8.34 6.59
CA ALA FA 568 121.06 -7.49 6.50
C ALA FA 568 119.76 -8.32 6.43
N ALA FA 569 119.74 -9.45 5.70
CA ALA FA 569 118.58 -10.34 5.63
C ALA FA 569 118.24 -11.00 6.98
N VAL FA 570 119.23 -11.44 7.76
CA VAL FA 570 119.01 -11.98 9.11
C VAL FA 570 118.52 -10.90 10.06
N ASP FA 571 119.13 -9.71 10.02
CA ASP FA 571 118.81 -8.61 10.92
C ASP FA 571 117.38 -8.06 10.67
N ALA FA 572 116.90 -8.04 9.42
CA ALA FA 572 115.50 -7.78 9.10
C ALA FA 572 114.52 -8.79 9.74
N GLU FA 573 114.83 -10.10 9.68
CA GLU FA 573 113.94 -11.12 10.24
C GLU FA 573 113.90 -11.10 11.78
N VAL FA 574 114.99 -10.75 12.46
CA VAL FA 574 114.98 -10.60 13.93
C VAL FA 574 113.99 -9.51 14.38
N VAL FA 575 113.94 -8.38 13.67
CA VAL FA 575 113.00 -7.29 13.95
C VAL FA 575 111.55 -7.76 13.83
N GLN FA 576 111.16 -8.35 12.69
CA GLN FA 576 109.79 -8.84 12.51
C GLN FA 576 109.41 -9.90 13.56
N PHE FA 577 110.35 -10.77 13.94
CA PHE FA 577 110.11 -11.75 15.00
C PHE FA 577 109.91 -11.09 16.38
N MET FA 578 110.80 -10.19 16.81
CA MET FA 578 110.67 -9.51 18.11
C MET FA 578 109.39 -8.63 18.20
N ASN FA 579 108.95 -8.03 17.09
CA ASN FA 579 107.65 -7.36 17.01
C ASN FA 579 106.47 -8.32 17.29
N SER FA 580 106.51 -9.53 16.71
CA SER FA 580 105.49 -10.55 16.97
C SER FA 580 105.44 -10.94 18.46
N MET FA 581 106.60 -11.18 19.10
CA MET FA 581 106.62 -11.57 20.52
C MET FA 581 106.08 -10.46 21.43
N ALA FA 582 106.39 -9.19 21.12
CA ALA FA 582 105.95 -8.03 21.90
C ALA FA 582 104.42 -7.83 21.82
N LYS FA 583 103.84 -7.74 20.62
CA LYS FA 583 102.41 -7.40 20.46
C LYS FA 583 101.45 -8.47 21.01
N ASN FA 584 101.90 -9.72 21.09
CA ASN FA 584 101.15 -10.85 21.66
C ASN FA 584 101.42 -11.09 23.16
N ASN FA 585 102.26 -10.28 23.83
CA ASN FA 585 102.66 -10.47 25.24
C ASN FA 585 103.25 -11.87 25.55
N ILE FA 586 103.97 -12.50 24.60
CA ILE FA 586 104.52 -13.85 24.79
C ILE FA 586 105.78 -13.77 25.67
N THR FA 587 105.88 -14.59 26.71
CA THR FA 587 107.00 -14.60 27.67
C THR FA 587 108.24 -15.38 27.16
N TYR FA 588 108.71 -15.03 25.96
CA TYR FA 588 109.80 -15.74 25.25
C TYR FA 588 111.10 -15.84 26.07
N LYS FA 589 111.37 -14.79 26.85
CA LYS FA 589 112.49 -14.65 27.79
C LYS FA 589 112.55 -15.71 28.91
N ASP FA 590 111.41 -16.31 29.27
CA ASP FA 590 111.36 -17.49 30.16
C ASP FA 590 111.24 -18.80 29.37
N LEU FA 591 110.58 -18.83 28.21
CA LEU FA 591 110.48 -20.04 27.39
C LEU FA 591 111.84 -20.54 26.88
N VAL FA 592 112.83 -19.67 26.64
CA VAL FA 592 114.21 -20.09 26.34
C VAL FA 592 114.83 -20.96 27.44
N LYS FA 593 114.63 -20.62 28.72
CA LYS FA 593 115.24 -21.34 29.86
C LYS FA 593 114.87 -22.82 29.90
N SER FA 594 113.64 -23.16 29.51
CA SER FA 594 113.11 -24.53 29.55
C SER FA 594 113.11 -25.28 28.21
N CYS FA 595 113.81 -24.81 27.16
CA CYS FA 595 113.81 -25.53 25.88
C CYS FA 595 114.77 -26.75 25.86
N TYR FA 596 114.39 -27.79 25.12
CA TYR FA 596 115.14 -29.06 24.95
C TYR FA 596 115.31 -29.39 23.47
N HIS FA 597 116.42 -30.00 23.09
CA HIS FA 597 116.46 -30.80 21.85
C HIS FA 597 115.62 -32.07 22.04
N VAL FA 598 114.89 -32.47 21.00
CA VAL FA 598 114.07 -33.69 21.04
C VAL FA 598 114.34 -34.56 19.83
N MET FA 599 114.56 -35.86 20.04
CA MET FA 599 114.61 -36.88 18.99
C MET FA 599 113.59 -37.98 19.27
N GLN FA 600 112.93 -38.47 18.24
CA GLN FA 600 111.98 -39.58 18.34
C GLN FA 600 112.65 -40.88 17.88
N TYR FA 601 112.65 -41.90 18.73
CA TYR FA 601 113.02 -43.27 18.37
C TYR FA 601 111.74 -44.06 18.02
N SER FA 602 111.64 -44.56 16.80
CA SER FA 602 110.42 -45.21 16.29
C SER FA 602 110.19 -46.60 16.91
N CYS FA 603 108.93 -46.97 17.18
CA CYS FA 603 108.57 -48.30 17.67
C CYS FA 603 107.93 -49.22 16.60
N ASN FA 604 107.94 -48.84 15.32
CA ASN FA 604 107.51 -49.70 14.23
C ASN FA 604 108.65 -50.66 13.79
N PRO FA 605 108.51 -51.99 13.87
CA PRO FA 605 109.54 -52.91 13.39
C PRO FA 605 109.77 -52.85 11.87
N PHE FA 606 108.79 -52.44 11.07
CA PHE FA 606 108.94 -52.33 9.62
C PHE FA 606 109.65 -51.04 9.17
N ALA FA 607 109.79 -50.04 10.03
CA ALA FA 607 110.56 -48.82 9.77
C ALA FA 607 112.09 -49.01 9.84
N GLN FA 608 112.59 -50.09 10.43
CA GLN FA 608 114.02 -50.37 10.59
C GLN FA 608 114.70 -50.65 9.24
N PRO FA 609 116.01 -50.46 9.07
CA PRO FA 609 116.71 -50.76 7.82
C PRO FA 609 116.67 -52.27 7.49
N ALA FA 610 116.67 -52.63 6.20
CA ALA FA 610 116.54 -54.00 5.70
C ALA FA 610 117.79 -54.86 5.92
N CYS FA 611 118.12 -55.13 7.18
CA CYS FA 611 119.17 -56.01 7.66
C CYS FA 611 118.64 -56.86 8.84
N PRO FA 612 118.90 -58.18 8.86
CA PRO FA 612 118.54 -59.03 10.00
C PRO FA 612 119.24 -58.72 11.33
N ILE FA 613 120.39 -58.03 11.36
CA ILE FA 613 121.01 -57.57 12.63
C ILE FA 613 120.17 -56.49 13.30
N PHE FA 614 119.54 -55.60 12.54
CA PHE FA 614 118.65 -54.59 13.08
C PHE FA 614 117.36 -55.17 13.71
N THR FA 615 116.92 -56.37 13.34
CA THR FA 615 115.88 -57.10 14.08
C THR FA 615 116.29 -57.32 15.54
N GLN FA 616 117.48 -57.88 15.78
CA GLN FA 616 118.01 -58.10 17.14
C GLN FA 616 118.28 -56.79 17.89
N LEU FA 617 118.91 -55.79 17.26
CA LEU FA 617 119.16 -54.50 17.91
C LEU FA 617 117.85 -53.79 18.30
N PHE FA 618 116.81 -53.81 17.48
CA PHE FA 618 115.51 -53.21 17.81
C PHE FA 618 114.82 -53.93 18.99
N TYR FA 619 114.64 -55.26 18.91
CA TYR FA 619 113.98 -56.05 19.95
C TYR FA 619 114.69 -55.92 21.32
N ARG FA 620 116.03 -55.97 21.34
CA ARG FA 620 116.82 -55.85 22.58
C ARG FA 620 116.83 -54.42 23.14
N SER FA 621 116.78 -53.40 22.30
CA SER FA 621 116.59 -52.01 22.75
C SER FA 621 115.22 -51.83 23.42
N LEU FA 622 114.14 -52.35 22.82
CA LEU FA 622 112.79 -52.29 23.39
C LEU FA 622 112.67 -53.03 24.74
N LEU FA 623 113.15 -54.27 24.85
CA LEU FA 623 113.12 -55.04 26.10
C LEU FA 623 113.88 -54.32 27.22
N THR FA 624 115.02 -53.71 26.91
CA THR FA 624 115.84 -52.96 27.88
C THR FA 624 115.12 -51.70 28.38
N ILE FA 625 114.50 -50.94 27.49
CA ILE FA 625 113.79 -49.71 27.84
C ILE FA 625 112.57 -50.02 28.72
N LEU FA 626 111.82 -51.09 28.45
CA LEU FA 626 110.69 -51.49 29.29
C LEU FA 626 111.13 -51.93 30.70
N GLN FA 627 112.27 -52.61 30.84
CA GLN FA 627 112.83 -52.92 32.15
C GLN FA 627 113.20 -51.64 32.92
N ASP FA 628 113.95 -50.72 32.31
CA ASP FA 628 114.40 -49.49 32.96
C ASP FA 628 113.25 -48.57 33.41
N ILE FA 629 112.18 -48.45 32.61
CA ILE FA 629 110.95 -47.73 32.99
C ILE FA 629 110.25 -48.40 34.18
N SER FA 630 110.25 -49.72 34.28
CA SER FA 630 109.51 -50.45 35.33
C SER FA 630 110.13 -50.38 36.73
N LEU FA 631 111.42 -50.08 36.87
CA LEU FA 631 112.15 -50.21 38.14
C LEU FA 631 111.50 -49.45 39.33
N PRO FA 632 111.19 -48.14 39.25
CA PRO FA 632 110.61 -47.42 40.38
C PRO FA 632 109.16 -47.81 40.67
N ILE FA 633 108.41 -48.25 39.67
CA ILE FA 633 107.04 -48.75 39.82
C ILE FA 633 107.03 -50.02 40.70
N CYS FA 634 107.96 -50.94 40.45
CA CYS FA 634 108.16 -52.15 41.25
C CYS FA 634 108.65 -51.84 42.68
N MET FA 635 109.61 -50.92 42.82
CA MET FA 635 110.13 -50.48 44.12
C MET FA 635 109.04 -49.90 45.02
N CYS FA 636 108.20 -49.00 44.51
CA CYS FA 636 107.13 -48.40 45.33
C CYS FA 636 106.08 -49.44 45.75
N TYR FA 637 105.70 -50.36 44.86
CA TYR FA 637 104.78 -51.43 45.20
C TYR FA 637 105.37 -52.38 46.26
N GLU FA 638 106.65 -52.76 46.14
CA GLU FA 638 107.31 -53.63 47.12
C GLU FA 638 107.54 -52.93 48.48
N ASN FA 639 107.85 -51.64 48.51
CA ASN FA 639 107.91 -50.87 49.76
C ASN FA 639 106.58 -50.95 50.56
N ASP FA 640 105.43 -51.00 49.88
CA ASP FA 640 104.10 -51.15 50.48
C ASP FA 640 103.69 -52.61 50.75
N ASN FA 641 104.31 -53.57 50.07
CA ASN FA 641 103.97 -55.00 50.09
C ASN FA 641 105.27 -55.84 50.20
N PRO FA 642 105.98 -55.76 51.35
CA PRO FA 642 107.36 -56.24 51.45
C PRO FA 642 107.54 -57.74 51.22
N GLY FA 643 108.76 -58.13 50.82
CA GLY FA 643 109.12 -59.51 50.51
C GLY FA 643 109.09 -60.46 51.72
N LEU FA 644 109.44 -59.99 52.92
CA LEU FA 644 109.37 -60.75 54.19
C LEU FA 644 110.02 -62.16 54.11
N GLY FA 645 111.14 -62.26 53.39
CA GLY FA 645 111.89 -63.51 53.18
C GLY FA 645 111.31 -64.47 52.13
N GLN FA 646 110.19 -64.15 51.48
CA GLN FA 646 109.68 -64.92 50.34
C GLN FA 646 110.66 -64.88 49.15
N SER FA 647 110.75 -65.97 48.38
CA SER FA 647 111.40 -65.94 47.07
C SER FA 647 110.53 -65.17 46.05
N PRO FA 648 111.11 -64.58 44.99
CA PRO FA 648 110.31 -63.82 44.03
C PRO FA 648 109.15 -64.59 43.37
N PRO FA 649 109.26 -65.87 42.96
CA PRO FA 649 108.13 -66.61 42.43
C PRO FA 649 106.94 -66.76 43.40
N GLU FA 650 107.20 -66.93 44.69
CA GLU FA 650 106.15 -66.94 45.73
C GLU FA 650 105.49 -65.57 45.88
N TRP FA 651 106.27 -64.49 45.93
CA TRP FA 651 105.77 -63.12 46.06
C TRP FA 651 104.95 -62.69 44.83
N LEU FA 652 105.40 -63.03 43.62
CA LEU FA 652 104.72 -62.70 42.37
C LEU FA 652 103.38 -63.43 42.22
N LYS FA 653 103.23 -64.64 42.78
CA LYS FA 653 101.98 -65.43 42.72
C LYS FA 653 100.77 -64.65 43.26
N GLY FA 654 100.93 -63.94 44.37
CA GLY FA 654 99.91 -63.04 44.91
C GLY FA 654 99.82 -61.68 44.21
N HIS FA 655 100.95 -61.04 43.91
CA HIS FA 655 101.00 -59.61 43.56
C HIS FA 655 100.99 -59.25 42.07
N TYR FA 656 101.33 -60.16 41.15
CA TYR FA 656 101.66 -59.75 39.78
C TYR FA 656 100.49 -59.15 38.98
N GLN FA 657 99.28 -59.68 39.13
CA GLN FA 657 98.09 -59.16 38.42
C GLN FA 657 97.83 -57.68 38.73
N THR FA 658 98.07 -57.26 39.97
CA THR FA 658 97.97 -55.85 40.38
C THR FA 658 99.12 -55.02 39.79
N LEU FA 659 100.34 -55.52 39.84
CA LEU FA 659 101.53 -54.85 39.29
C LEU FA 659 101.45 -54.60 37.76
N CYS FA 660 100.84 -55.49 36.97
CA CYS FA 660 100.54 -55.24 35.54
C CYS FA 660 99.72 -53.97 35.32
N THR FA 661 98.70 -53.75 36.14
CA THR FA 661 97.76 -52.63 36.02
C THR FA 661 98.39 -51.31 36.48
N ASN FA 662 99.21 -51.34 37.54
CA ASN FA 662 100.06 -50.20 37.90
C ASN FA 662 101.00 -49.83 36.75
N PHE FA 663 101.69 -50.79 36.13
CA PHE FA 663 102.60 -50.50 35.02
C PHE FA 663 101.89 -49.82 33.85
N ARG FA 664 100.77 -50.38 33.36
CA ARG FA 664 99.97 -49.81 32.27
C ARG FA 664 99.53 -48.36 32.55
N SER FA 665 99.26 -48.01 33.81
CA SER FA 665 98.83 -46.67 34.22
C SER FA 665 99.98 -45.67 34.41
N LEU FA 666 101.19 -46.13 34.76
CA LEU FA 666 102.32 -45.29 35.18
C LEU FA 666 103.51 -45.27 34.20
N ALA FA 667 103.59 -46.20 33.25
CA ALA FA 667 104.67 -46.24 32.26
C ALA FA 667 104.38 -45.44 30.98
N ILE FA 668 103.12 -45.32 30.57
CA ILE FA 668 102.71 -44.81 29.26
C ILE FA 668 102.16 -43.38 29.37
N ASP FA 669 102.52 -42.49 28.45
CA ASP FA 669 102.22 -41.04 28.47
C ASP FA 669 102.84 -40.27 29.66
N LYS FA 670 103.88 -40.78 30.31
CA LYS FA 670 104.55 -40.14 31.46
C LYS FA 670 105.95 -39.57 31.15
N GLY FA 671 106.32 -39.48 29.88
CA GLY FA 671 107.45 -38.68 29.39
C GLY FA 671 108.50 -39.42 28.56
N VAL FA 672 108.42 -40.74 28.41
CA VAL FA 672 109.34 -41.54 27.57
C VAL FA 672 108.60 -42.29 26.49
N LEU FA 673 107.68 -43.19 26.88
CA LEU FA 673 107.00 -44.10 25.98
C LEU FA 673 105.57 -43.62 25.70
N THR FA 674 105.15 -43.62 24.45
CA THR FA 674 103.76 -43.38 24.05
C THR FA 674 103.19 -44.58 23.31
N ALA FA 675 101.95 -44.92 23.63
CA ALA FA 675 101.20 -46.02 23.01
C ALA FA 675 99.70 -45.71 23.09
N LYS FA 676 98.91 -46.22 22.14
CA LYS FA 676 97.47 -46.02 22.06
C LYS FA 676 96.75 -47.36 22.22
N GLU FA 677 95.85 -47.48 23.18
CA GLU FA 677 94.95 -48.63 23.24
C GLU FA 677 93.80 -48.50 22.22
N ALA FA 678 93.37 -49.63 21.67
CA ALA FA 678 92.31 -49.72 20.69
C ALA FA 678 91.51 -51.02 20.82
N LYS FA 679 90.23 -50.98 20.45
CA LYS FA 679 89.38 -52.17 20.25
C LYS FA 679 89.38 -52.57 18.78
N VAL FA 680 89.52 -53.86 18.50
CA VAL FA 680 89.49 -54.43 17.15
C VAL FA 680 88.14 -55.09 16.92
N VAL FA 681 87.47 -54.75 15.81
CA VAL FA 681 86.16 -55.32 15.44
C VAL FA 681 86.14 -55.79 13.99
N HIS FA 682 85.42 -56.88 13.73
CA HIS FA 682 85.13 -57.34 12.36
C HIS FA 682 83.68 -57.06 12.00
N GLY FA 683 83.43 -56.47 10.83
CA GLY FA 683 82.10 -55.97 10.45
C GLY FA 683 81.10 -57.06 10.06
N GLU FA 684 81.49 -57.98 9.19
CA GLU FA 684 80.61 -59.07 8.73
C GLU FA 684 80.47 -60.21 9.76
N PRO FA 685 79.31 -60.89 9.86
CA PRO FA 685 79.11 -62.04 10.74
C PRO FA 685 79.68 -63.36 10.17
N THR FA 686 79.91 -63.41 8.85
CA THR FA 686 80.52 -64.50 8.08
C THR FA 686 81.56 -63.94 7.10
N CYS FA 687 82.51 -64.72 6.61
CA CYS FA 687 83.39 -64.25 5.53
C CYS FA 687 83.77 -65.34 4.51
N ASP FA 688 84.12 -64.94 3.29
CA ASP FA 688 84.46 -65.85 2.18
C ASP FA 688 85.82 -66.53 2.43
N LEU FA 689 85.82 -67.82 2.72
CA LEU FA 689 87.02 -68.59 3.05
C LEU FA 689 86.98 -69.97 2.38
N PRO FA 690 88.14 -70.62 2.16
CA PRO FA 690 88.18 -71.96 1.57
C PRO FA 690 87.69 -73.03 2.56
N ASP FA 691 87.03 -74.07 2.06
CA ASP FA 691 86.60 -75.19 2.88
C ASP FA 691 87.82 -76.06 3.28
N LEU FA 692 88.35 -75.84 4.49
CA LEU FA 692 89.62 -76.43 4.91
C LEU FA 692 89.57 -77.96 5.04
N ASP FA 693 88.40 -78.54 5.31
CA ASP FA 693 88.20 -79.99 5.31
C ASP FA 693 88.31 -80.58 3.90
N ALA FA 694 87.69 -79.96 2.89
CA ALA FA 694 87.89 -80.35 1.50
C ALA FA 694 89.33 -80.09 1.00
N ALA FA 695 89.94 -78.97 1.40
CA ALA FA 695 91.29 -78.60 0.97
C ALA FA 695 92.36 -79.56 1.52
N LEU FA 696 92.20 -80.07 2.74
CA LEU FA 696 93.04 -81.14 3.31
C LEU FA 696 92.96 -82.41 2.47
N GLN FA 697 91.82 -82.71 1.85
CA GLN FA 697 91.65 -83.84 0.91
C GLN FA 697 91.85 -83.46 -0.56
N GLY FA 698 92.40 -82.27 -0.86
CA GLY FA 698 92.79 -81.86 -2.22
C GLY FA 698 91.69 -81.20 -3.08
N ARG FA 699 90.48 -80.99 -2.55
CA ARG FA 699 89.34 -80.36 -3.25
C ARG FA 699 89.18 -78.90 -2.84
N VAL FA 700 89.05 -77.99 -3.80
CA VAL FA 700 89.06 -76.53 -3.56
C VAL FA 700 87.70 -75.92 -3.88
N TYR FA 701 87.01 -75.38 -2.87
CA TYR FA 701 85.81 -74.53 -3.03
C TYR FA 701 85.55 -73.67 -1.79
N GLY FA 702 84.75 -72.62 -1.97
CA GLY FA 702 84.48 -71.60 -0.94
C GLY FA 702 83.30 -71.91 -0.01
N ARG FA 703 83.33 -71.31 1.18
CA ARG FA 703 82.27 -71.36 2.21
C ARG FA 703 82.20 -70.00 2.92
N ARG FA 704 81.00 -69.56 3.33
CA ARG FA 704 80.84 -68.38 4.20
C ARG FA 704 80.78 -68.79 5.67
N LEU FA 705 81.95 -69.02 6.25
CA LEU FA 705 82.14 -69.45 7.64
C LEU FA 705 81.76 -68.33 8.62
N PRO FA 706 80.91 -68.60 9.64
CA PRO FA 706 80.70 -67.69 10.77
C PRO FA 706 81.99 -67.40 11.54
N VAL FA 707 82.26 -66.14 11.89
CA VAL FA 707 83.52 -65.71 12.51
C VAL FA 707 83.33 -64.71 13.65
N ARG FA 708 84.22 -64.79 14.65
CA ARG FA 708 84.35 -63.79 15.74
C ARG FA 708 85.78 -63.63 16.25
N MET FA 709 86.10 -62.49 16.86
CA MET FA 709 87.45 -62.22 17.39
C MET FA 709 87.74 -63.02 18.66
N SER FA 710 88.92 -63.64 18.75
CA SER FA 710 89.42 -64.29 19.98
C SER FA 710 90.08 -63.32 20.97
N LYS FA 711 90.51 -62.15 20.50
CA LYS FA 711 91.02 -61.02 21.31
C LYS FA 711 90.54 -59.69 20.75
N VAL FA 712 90.14 -58.75 21.62
CA VAL FA 712 89.56 -57.46 21.21
C VAL FA 712 90.49 -56.28 21.50
N LEU FA 713 91.22 -56.29 22.62
CA LEU FA 713 92.15 -55.20 22.96
C LEU FA 713 93.49 -55.32 22.21
N MET FA 714 93.99 -54.19 21.71
CA MET FA 714 95.29 -54.03 21.05
C MET FA 714 96.03 -52.81 21.61
N LEU FA 715 97.35 -52.91 21.82
CA LEU FA 715 98.20 -51.84 22.32
C LEU FA 715 99.19 -51.40 21.25
N CYS FA 716 98.85 -50.37 20.50
CA CYS FA 716 99.64 -49.86 19.38
C CYS FA 716 100.79 -48.97 19.90
N PRO FA 717 102.07 -49.34 19.76
CA PRO FA 717 103.18 -48.49 20.19
C PRO FA 717 103.39 -47.34 19.20
N ARG FA 718 103.92 -46.20 19.67
CA ARG FA 718 104.16 -45.02 18.83
C ARG FA 718 105.64 -44.62 18.79
N ASN FA 719 106.14 -43.93 19.81
CA ASN FA 719 107.55 -43.51 19.88
C ASN FA 719 108.13 -43.65 21.29
N ILE FA 720 109.45 -43.73 21.36
CA ILE FA 720 110.26 -43.45 22.54
C ILE FA 720 110.93 -42.09 22.34
N LYS FA 721 110.86 -41.19 23.32
CA LYS FA 721 111.31 -39.78 23.20
C LYS FA 721 112.62 -39.53 23.94
N ILE FA 722 113.61 -38.98 23.25
CA ILE FA 722 114.93 -38.65 23.81
C ILE FA 722 115.05 -37.13 23.93
N LYS FA 723 115.51 -36.63 25.08
CA LYS FA 723 115.58 -35.19 25.42
C LYS FA 723 116.99 -34.76 25.80
N ASN FA 724 117.39 -33.54 25.47
CA ASN FA 724 118.63 -32.92 25.93
C ASN FA 724 118.45 -31.42 26.23
N ARG FA 725 118.76 -30.97 27.44
CA ARG FA 725 118.60 -29.57 27.87
C ARG FA 725 119.55 -28.62 27.12
N VAL FA 726 119.03 -27.50 26.65
CA VAL FA 726 119.78 -26.52 25.82
C VAL FA 726 120.57 -25.51 26.67
N VAL FA 727 119.95 -24.89 27.67
CA VAL FA 727 120.51 -23.75 28.41
C VAL FA 727 120.93 -24.17 29.81
N PHE FA 728 122.20 -23.92 30.13
CA PHE FA 728 122.72 -23.88 31.50
C PHE FA 728 122.41 -22.52 32.13
N THR FA 729 121.71 -22.49 33.26
CA THR FA 729 121.23 -21.25 33.92
C THR FA 729 122.17 -20.68 34.98
N GLY FA 730 123.36 -21.24 35.18
CA GLY FA 730 124.32 -20.76 36.19
C GLY FA 730 123.99 -21.13 37.64
N GLU FA 731 122.86 -21.79 37.91
CA GLU FA 731 122.38 -22.07 39.28
C GLU FA 731 123.25 -23.09 40.03
N ASN FA 732 123.65 -24.19 39.37
CA ASN FA 732 124.51 -25.21 39.96
C ASN FA 732 125.99 -24.75 39.93
N ALA FA 733 126.47 -24.20 41.04
CA ALA FA 733 127.76 -23.51 41.12
C ALA FA 733 128.99 -24.40 40.86
N ALA FA 734 128.86 -25.73 40.94
CA ALA FA 734 129.92 -26.68 40.64
C ALA FA 734 130.20 -26.82 39.12
N LEU FA 735 129.23 -26.48 38.26
CA LEU FA 735 129.30 -26.72 36.81
C LEU FA 735 129.87 -25.54 35.99
N GLN FA 736 129.83 -24.30 36.52
CA GLN FA 736 130.00 -23.07 35.74
C GLN FA 736 131.27 -23.05 34.88
N ASN FA 737 132.39 -23.61 35.36
CA ASN FA 737 133.68 -23.56 34.67
C ASN FA 737 133.68 -24.27 33.31
N SER FA 738 132.75 -25.20 33.07
CA SER FA 738 132.60 -25.84 31.76
C SER FA 738 131.81 -24.98 30.75
N PHE FA 739 130.92 -24.09 31.21
CA PHE FA 739 130.01 -23.30 30.36
C PHE FA 739 130.40 -21.83 30.18
N ILE FA 740 131.26 -21.26 31.03
CA ILE FA 740 131.47 -19.80 31.11
C ILE FA 740 132.05 -19.20 29.82
N LYS FA 741 131.44 -18.11 29.33
CA LYS FA 741 131.86 -17.32 28.18
C LYS FA 741 132.97 -16.32 28.57
N SER FA 742 134.15 -16.45 27.96
CA SER FA 742 135.23 -15.45 28.06
C SER FA 742 134.99 -14.25 27.13
N THR FA 743 135.52 -13.08 27.46
CA THR FA 743 135.33 -11.82 26.69
C THR FA 743 136.67 -11.18 26.24
N THR FA 744 137.84 -11.63 26.73
CA THR FA 744 139.14 -11.02 26.41
C THR FA 744 139.60 -11.27 24.97
N ARG FA 745 140.32 -10.31 24.39
CA ARG FA 745 140.75 -10.26 22.98
C ARG FA 745 141.90 -11.23 22.70
N ARG FA 746 141.62 -12.36 22.04
CA ARG FA 746 142.59 -13.39 21.66
C ARG FA 746 143.27 -13.11 20.33
N GLU FA 747 144.43 -13.73 20.08
CA GLU FA 747 145.12 -13.66 18.79
C GLU FA 747 144.52 -14.56 17.71
N ASN FA 748 143.82 -15.65 18.08
CA ASN FA 748 143.20 -16.59 17.13
C ASN FA 748 141.83 -16.13 16.55
N TYR FA 749 141.41 -14.90 16.81
CA TYR FA 749 140.04 -14.42 16.60
C TYR FA 749 139.59 -14.48 15.13
N ILE FA 750 140.49 -14.35 14.16
CA ILE FA 750 140.14 -14.51 12.74
C ILE FA 750 140.11 -16.01 12.38
N ILE FA 751 141.17 -16.75 12.66
CA ILE FA 751 141.30 -18.16 12.23
C ILE FA 751 140.34 -19.13 12.95
N ASN FA 752 139.92 -18.82 14.18
CA ASN FA 752 138.82 -19.48 14.89
C ASN FA 752 137.50 -18.67 14.82
N GLY FA 753 137.43 -17.68 13.94
CA GLY FA 753 136.27 -16.81 13.75
C GLY FA 753 135.27 -17.30 12.70
N PRO FA 754 134.25 -16.50 12.40
CA PRO FA 754 133.13 -16.93 11.54
C PRO FA 754 133.46 -17.04 10.04
N TYR FA 755 134.61 -16.53 9.57
CA TYR FA 755 134.91 -16.44 8.12
C TYR FA 755 135.98 -17.39 7.60
N MET FA 756 136.78 -18.05 8.44
CA MET FA 756 137.98 -18.78 8.00
C MET FA 756 137.70 -19.88 6.99
N LYS FA 757 136.62 -20.65 7.13
CA LYS FA 757 136.26 -21.70 6.16
C LYS FA 757 135.93 -21.13 4.77
N PHE FA 758 135.25 -19.99 4.68
CA PHE FA 758 134.98 -19.29 3.42
C PHE FA 758 136.24 -18.65 2.83
N LEU FA 759 137.07 -18.01 3.66
CA LEU FA 759 138.35 -17.46 3.24
C LEU FA 759 139.28 -18.53 2.65
N ASN FA 760 139.15 -19.78 3.10
CA ASN FA 760 139.84 -20.92 2.52
C ASN FA 760 139.17 -21.42 1.23
N THR FA 761 137.86 -21.65 1.22
CA THR FA 761 137.12 -22.11 0.02
C THR FA 761 137.32 -21.19 -1.19
N TYR FA 762 137.42 -19.87 -0.97
CA TYR FA 762 137.58 -18.85 -2.02
C TYR FA 762 139.01 -18.30 -2.15
N HIS FA 763 140.02 -18.93 -1.52
CA HIS FA 763 141.40 -18.43 -1.50
C HIS FA 763 141.98 -18.15 -2.89
N LYS FA 764 141.83 -19.08 -3.84
CA LYS FA 764 142.33 -18.93 -5.21
C LYS FA 764 141.64 -17.82 -6.02
N THR FA 765 140.42 -17.42 -5.68
CA THR FA 765 139.75 -16.25 -6.29
C THR FA 765 140.11 -14.93 -5.57
N LEU FA 766 140.31 -14.93 -4.24
CA LEU FA 766 140.77 -13.74 -3.51
C LEU FA 766 142.23 -13.39 -3.77
N PHE FA 767 143.15 -14.36 -3.82
CA PHE FA 767 144.59 -14.12 -3.98
C PHE FA 767 145.19 -15.00 -5.09
N PRO FA 768 144.96 -14.66 -6.38
CA PRO FA 768 145.40 -15.44 -7.54
C PRO FA 768 146.90 -15.78 -7.52
N ASP FA 769 147.21 -17.06 -7.68
CA ASP FA 769 148.55 -17.65 -7.73
C ASP FA 769 149.51 -17.31 -6.55
N THR FA 770 149.00 -16.99 -5.36
CA THR FA 770 149.87 -16.77 -4.18
C THR FA 770 150.44 -18.10 -3.63
N LYS FA 771 151.68 -18.08 -3.14
CA LYS FA 771 152.33 -19.26 -2.53
C LYS FA 771 151.84 -19.56 -1.12
N LEU FA 772 151.33 -18.54 -0.42
CA LEU FA 772 150.92 -18.58 1.00
C LEU FA 772 149.75 -19.54 1.25
N SER FA 773 149.77 -20.29 2.36
CA SER FA 773 148.57 -20.93 2.88
C SER FA 773 147.58 -19.88 3.41
N SER FA 774 146.28 -20.15 3.26
CA SER FA 774 145.23 -19.26 3.75
C SER FA 774 145.33 -19.02 5.27
N LEU FA 775 145.66 -20.05 6.04
CA LEU FA 775 145.91 -20.00 7.47
C LEU FA 775 147.06 -19.05 7.83
N TYR FA 776 148.20 -19.14 7.14
CA TYR FA 776 149.31 -18.23 7.40
C TYR FA 776 149.00 -16.78 6.97
N LEU FA 777 148.34 -16.56 5.83
CA LEU FA 777 147.99 -15.22 5.36
C LEU FA 777 147.17 -14.45 6.42
N TRP FA 778 146.11 -15.07 6.95
CA TRP FA 778 145.24 -14.47 7.95
C TRP FA 778 145.81 -14.45 9.37
N HIS FA 779 146.72 -15.35 9.73
CA HIS FA 779 147.45 -15.27 11.00
C HIS FA 779 148.53 -14.17 10.98
N ASN FA 780 149.23 -14.00 9.86
CA ASN FA 780 150.12 -12.88 9.61
C ASN FA 780 149.38 -11.56 9.69
N PHE FA 781 148.19 -11.44 9.08
CA PHE FA 781 147.34 -10.27 9.23
C PHE FA 781 146.93 -10.03 10.70
N SER FA 782 146.51 -11.09 11.40
CA SER FA 782 146.18 -11.10 12.83
C SER FA 782 147.32 -10.69 13.78
N ARG FA 783 148.56 -10.56 13.32
CA ARG FA 783 149.72 -10.19 14.17
C ARG FA 783 150.57 -9.02 13.64
N ARG FA 784 150.59 -8.78 12.33
CA ARG FA 784 151.41 -7.74 11.66
C ARG FA 784 150.61 -6.67 10.93
N ARG FA 785 149.29 -6.83 10.81
CA ARG FA 785 148.37 -5.86 10.15
C ARG FA 785 148.75 -5.57 8.69
N SER FA 786 148.97 -6.60 7.87
CA SER FA 786 149.29 -6.43 6.44
C SER FA 786 148.73 -7.52 5.53
N VAL FA 787 148.46 -7.18 4.26
CA VAL FA 787 147.75 -8.01 3.29
C VAL FA 787 148.37 -7.88 1.89
N PRO FA 788 148.57 -8.96 1.12
CA PRO FA 788 149.20 -8.89 -0.20
C PRO FA 788 148.21 -8.47 -1.29
N VAL FA 789 148.59 -7.57 -2.21
CA VAL FA 789 147.72 -7.13 -3.32
C VAL FA 789 148.20 -7.69 -4.66
N PRO FA 790 147.40 -8.51 -5.38
CA PRO FA 790 147.78 -9.09 -6.68
C PRO FA 790 148.24 -8.05 -7.73
N SER FA 791 149.07 -8.48 -8.68
CA SER FA 791 149.93 -7.60 -9.50
C SER FA 791 149.21 -6.44 -10.22
N GLY FA 792 148.02 -6.68 -10.77
CA GLY FA 792 147.18 -5.65 -11.40
C GLY FA 792 145.98 -5.17 -10.56
N ALA FA 793 145.71 -5.78 -9.41
CA ALA FA 793 144.58 -5.42 -8.55
C ALA FA 793 144.81 -4.11 -7.75
N SER FA 794 143.73 -3.51 -7.22
CA SER FA 794 143.77 -2.21 -6.55
C SER FA 794 144.02 -2.33 -5.03
N ALA FA 795 144.78 -1.42 -4.43
CA ALA FA 795 145.14 -1.52 -3.02
C ALA FA 795 143.95 -1.37 -2.07
N GLU FA 796 143.08 -0.39 -2.29
CA GLU FA 796 142.07 -0.03 -1.28
C GLU FA 796 140.97 -1.07 -1.14
N GLU FA 797 140.61 -1.72 -2.23
CA GLU FA 797 139.74 -2.91 -2.31
C GLU FA 797 140.17 -4.03 -1.35
N TYR FA 798 141.47 -4.31 -1.24
CA TYR FA 798 142.01 -5.27 -0.28
C TYR FA 798 142.10 -4.71 1.15
N SER FA 799 142.39 -3.41 1.32
CA SER FA 799 142.30 -2.80 2.65
C SER FA 799 140.89 -2.88 3.22
N ASP FA 800 139.85 -2.77 2.37
CA ASP FA 800 138.46 -2.95 2.79
C ASP FA 800 138.13 -4.39 3.20
N LEU FA 801 138.49 -5.38 2.37
CA LEU FA 801 138.37 -6.80 2.70
C LEU FA 801 138.95 -7.14 4.08
N ALA FA 802 140.16 -6.64 4.35
CA ALA FA 802 140.83 -6.83 5.62
C ALA FA 802 140.04 -6.24 6.80
N LEU FA 803 139.54 -5.00 6.67
CA LEU FA 803 138.73 -4.37 7.71
C LEU FA 803 137.37 -5.05 7.90
N PHE FA 804 136.77 -5.62 6.85
CA PHE FA 804 135.55 -6.42 7.00
C PHE FA 804 135.77 -7.69 7.86
N VAL FA 805 136.84 -8.44 7.56
CA VAL FA 805 137.22 -9.66 8.27
C VAL FA 805 137.55 -9.37 9.73
N ASP FA 806 138.34 -8.33 9.98
CA ASP FA 806 138.71 -7.89 11.32
C ASP FA 806 137.47 -7.48 12.15
N GLY FA 807 136.63 -6.60 11.59
CA GLY FA 807 135.45 -6.07 12.27
C GLY FA 807 134.48 -7.17 12.67
N GLY FA 808 134.07 -8.02 11.73
CA GLY FA 808 133.16 -9.12 12.03
C GLY FA 808 133.75 -10.16 12.97
N SER FA 809 135.05 -10.44 12.88
CA SER FA 809 135.69 -11.40 13.79
C SER FA 809 135.69 -10.90 15.24
N ARG FA 810 136.00 -9.63 15.53
CA ARG FA 810 135.88 -9.05 16.88
C ARG FA 810 134.44 -8.95 17.37
N ALA FA 811 133.48 -8.62 16.50
CA ALA FA 811 132.07 -8.59 16.89
C ALA FA 811 131.54 -9.98 17.28
N HIS FA 812 131.96 -11.03 16.54
CA HIS FA 812 131.67 -12.42 16.86
C HIS FA 812 132.34 -12.86 18.16
N GLU FA 813 133.60 -12.48 18.39
CA GLU FA 813 134.35 -12.77 19.62
C GLU FA 813 133.62 -12.23 20.85
N GLU FA 814 133.12 -10.99 20.80
CA GLU FA 814 132.29 -10.39 21.84
C GLU FA 814 130.95 -11.11 22.03
N SER FA 815 130.15 -11.27 20.97
CA SER FA 815 128.74 -11.66 21.08
C SER FA 815 128.43 -13.17 21.09
N ASN FA 816 129.30 -14.05 20.60
CA ASN FA 816 128.91 -15.45 20.31
C ASN FA 816 128.80 -16.38 21.54
N VAL FA 817 127.72 -17.16 21.62
CA VAL FA 817 127.50 -18.22 22.62
C VAL FA 817 127.21 -19.61 22.01
N ILE FA 818 127.43 -19.76 20.71
CA ILE FA 818 127.25 -21.00 19.93
C ILE FA 818 128.62 -21.46 19.42
N ASP FA 819 129.22 -22.48 20.04
CA ASP FA 819 130.63 -22.88 19.81
C ASP FA 819 130.85 -23.68 18.51
N VAL FA 820 130.63 -23.04 17.36
CA VAL FA 820 130.70 -23.60 16.00
C VAL FA 820 131.45 -22.64 15.08
N VAL FA 821 132.31 -23.17 14.20
CA VAL FA 821 132.86 -22.45 13.04
C VAL FA 821 132.06 -22.91 11.81
N PRO FA 822 131.18 -22.07 11.22
CA PRO FA 822 130.22 -22.52 10.23
C PRO FA 822 130.86 -22.84 8.86
N GLY FA 823 130.47 -23.96 8.24
CA GLY FA 823 131.00 -24.39 6.95
C GLY FA 823 130.28 -23.86 5.71
N ASN FA 824 129.03 -23.43 5.83
CA ASN FA 824 128.18 -22.97 4.73
C ASN FA 824 127.33 -21.76 5.15
N LEU FA 825 126.82 -21.00 4.16
CA LEU FA 825 126.09 -19.75 4.41
C LEU FA 825 124.78 -19.93 5.19
N VAL FA 826 124.09 -21.07 5.06
CA VAL FA 826 122.88 -21.37 5.85
C VAL FA 826 123.21 -21.57 7.32
N THR FA 827 124.29 -22.28 7.65
CA THR FA 827 124.74 -22.44 9.05
C THR FA 827 125.23 -21.11 9.60
N TYR FA 828 126.02 -20.34 8.83
CA TYR FA 828 126.42 -18.97 9.19
C TYR FA 828 125.22 -18.07 9.53
N ALA FA 829 124.20 -18.05 8.67
CA ALA FA 829 122.97 -17.28 8.87
C ALA FA 829 122.21 -17.71 10.13
N LYS FA 830 121.98 -19.02 10.32
CA LYS FA 830 121.30 -19.58 11.49
C LYS FA 830 122.05 -19.34 12.80
N GLN FA 831 123.38 -19.37 12.82
CA GLN FA 831 124.16 -18.98 13.99
C GLN FA 831 123.93 -17.48 14.33
N ARG FA 832 123.97 -16.57 13.34
CA ARG FA 832 123.71 -15.13 13.56
C ARG FA 832 122.32 -14.89 14.16
N LEU FA 833 121.30 -15.58 13.65
CA LEU FA 833 119.91 -15.48 14.14
C LEU FA 833 119.77 -15.94 15.60
N ASN FA 834 120.29 -17.12 15.96
CA ASN FA 834 120.10 -17.66 17.30
C ASN FA 834 120.93 -16.92 18.37
N ASN FA 835 122.12 -16.40 18.03
CA ASN FA 835 122.84 -15.46 18.89
C ASN FA 835 122.03 -14.17 19.16
N ALA FA 836 121.17 -13.73 18.25
CA ALA FA 836 120.32 -12.56 18.48
C ALA FA 836 119.16 -12.85 19.46
N ILE FA 837 118.51 -14.01 19.38
CA ILE FA 837 117.42 -14.40 20.30
C ILE FA 837 117.94 -14.54 21.73
N LEU FA 838 119.08 -15.22 21.92
CA LEU FA 838 119.70 -15.41 23.24
C LEU FA 838 120.08 -14.08 23.90
N LYS FA 839 120.53 -13.09 23.13
CA LYS FA 839 120.82 -11.75 23.63
C LYS FA 839 119.56 -11.01 24.10
N ALA FA 840 118.46 -11.07 23.34
CA ALA FA 840 117.18 -10.52 23.76
C ALA FA 840 116.62 -11.20 25.04
N CYS FA 841 116.95 -12.47 25.27
CA CYS FA 841 116.62 -13.19 26.51
C CYS FA 841 117.58 -12.94 27.68
N GLY FA 842 118.62 -12.11 27.52
CA GLY FA 842 119.65 -11.91 28.55
C GLY FA 842 120.63 -13.09 28.75
N GLN FA 843 120.63 -14.08 27.86
CA GLN FA 843 121.51 -15.26 27.93
C GLN FA 843 122.86 -14.96 27.27
N THR FA 844 123.79 -14.42 28.05
CA THR FA 844 125.08 -13.88 27.58
C THR FA 844 126.30 -14.39 28.35
N GLN FA 845 126.11 -15.03 29.50
CA GLN FA 845 127.20 -15.46 30.39
C GLN FA 845 127.76 -16.85 30.04
N PHE FA 846 127.00 -17.68 29.34
CA PHE FA 846 127.29 -19.10 29.13
C PHE FA 846 127.10 -19.54 27.67
N TYR FA 847 127.94 -20.46 27.19
CA TYR FA 847 127.66 -21.26 25.99
C TYR FA 847 126.42 -22.14 26.17
N ILE FA 848 125.67 -22.37 25.09
CA ILE FA 848 124.58 -23.36 25.06
C ILE FA 848 125.09 -24.80 24.80
N SER FA 849 124.34 -25.82 25.20
CA SER FA 849 124.62 -27.22 24.80
C SER FA 849 124.50 -27.40 23.27
N LEU FA 850 125.37 -28.22 22.68
CA LEU FA 850 125.29 -28.62 21.27
C LEU FA 850 125.08 -30.14 21.13
N ILE FA 851 124.33 -30.58 20.11
CA ILE FA 851 124.37 -31.96 19.60
C ILE FA 851 125.01 -31.95 18.21
N GLN FA 852 126.02 -32.78 17.98
CA GLN FA 852 126.65 -32.97 16.67
C GLN FA 852 126.39 -34.36 16.09
N GLY FA 853 126.04 -34.40 14.80
CA GLY FA 853 125.84 -35.65 14.06
C GLY FA 853 127.13 -36.17 13.45
N LEU FA 854 127.46 -37.44 13.66
CA LEU FA 854 128.53 -38.15 12.97
C LEU FA 854 127.94 -38.91 11.78
N VAL FA 855 128.33 -38.56 10.55
CA VAL FA 855 127.73 -39.08 9.31
C VAL FA 855 128.73 -39.95 8.52
N PRO FA 856 128.39 -41.19 8.15
CA PRO FA 856 129.28 -42.07 7.39
C PRO FA 856 129.65 -41.57 5.99
N ARG FA 857 130.95 -41.59 5.67
CA ARG FA 857 131.53 -41.37 4.32
C ARG FA 857 132.25 -42.62 3.85
N THR FA 858 131.93 -43.10 2.66
CA THR FA 858 132.49 -44.34 2.10
C THR FA 858 133.59 -44.01 1.11
N GLN FA 859 134.77 -44.64 1.23
CA GLN FA 859 135.98 -44.34 0.45
C GLN FA 859 136.70 -45.61 -0.02
N SER FA 860 137.30 -45.58 -1.22
CA SER FA 860 138.12 -46.68 -1.76
C SER FA 860 139.60 -46.44 -1.50
N VAL FA 861 140.31 -47.44 -0.97
CA VAL FA 861 141.71 -47.35 -0.50
C VAL FA 861 142.53 -48.53 -1.04
N PRO FA 862 143.88 -48.46 -1.09
CA PRO FA 862 144.69 -49.60 -1.50
C PRO FA 862 144.58 -50.77 -0.51
N ALA FA 863 144.38 -51.99 -1.02
CA ALA FA 863 143.99 -53.15 -0.20
C ALA FA 863 145.11 -53.78 0.65
N ARG FA 864 146.30 -53.19 0.67
CA ARG FA 864 147.51 -53.67 1.36
C ARG FA 864 147.28 -54.11 2.81
N ASP FA 865 146.52 -53.35 3.60
CA ASP FA 865 146.15 -53.68 4.98
C ASP FA 865 144.69 -54.14 5.14
N TYR FA 866 144.04 -54.61 4.08
CA TYR FA 866 142.65 -55.08 4.05
C TYR FA 866 142.57 -56.50 3.45
N PRO FA 867 143.12 -57.52 4.14
CA PRO FA 867 143.47 -58.81 3.54
C PRO FA 867 142.28 -59.63 3.04
N HIS FA 868 141.06 -59.37 3.51
CA HIS FA 868 139.86 -60.10 3.10
C HIS FA 868 139.52 -59.96 1.61
N VAL FA 869 140.08 -59.01 0.86
CA VAL FA 869 139.86 -58.94 -0.60
C VAL FA 869 140.45 -60.14 -1.35
N LEU FA 870 141.40 -60.89 -0.77
CA LEU FA 870 142.00 -62.06 -1.41
C LEU FA 870 141.11 -63.30 -1.43
N GLY FA 871 140.04 -63.36 -0.64
CA GLY FA 871 139.16 -64.51 -0.53
C GLY FA 871 139.76 -65.72 0.20
N THR FA 872 139.24 -66.92 -0.05
CA THR FA 872 139.66 -68.19 0.57
C THR FA 872 141.00 -68.73 0.05
N ARG FA 873 141.64 -68.01 -0.88
CA ARG FA 873 142.97 -68.24 -1.47
C ARG FA 873 144.02 -68.67 -0.45
N ALA FA 874 144.84 -69.67 -0.78
CA ALA FA 874 146.03 -70.02 0.00
C ALA FA 874 147.15 -68.99 -0.24
N VAL FA 875 147.77 -68.47 0.83
CA VAL FA 875 148.86 -67.48 0.76
C VAL FA 875 150.15 -68.13 1.27
N GLU FA 876 151.18 -68.16 0.43
CA GLU FA 876 152.42 -68.93 0.67
C GLU FA 876 153.61 -68.07 1.12
N SER FA 877 153.68 -66.80 0.73
CA SER FA 877 154.75 -65.88 1.14
C SER FA 877 154.28 -64.42 1.25
N ALA FA 878 155.01 -63.60 2.02
CA ALA FA 878 154.72 -62.17 2.13
C ALA FA 878 154.94 -61.43 0.79
N ALA FA 879 155.90 -61.87 -0.02
CA ALA FA 879 156.11 -61.36 -1.37
C ALA FA 879 154.92 -61.66 -2.30
N ALA FA 880 154.31 -62.84 -2.20
CA ALA FA 880 153.10 -63.18 -2.94
C ALA FA 880 151.88 -62.38 -2.45
N TYR FA 881 151.73 -62.16 -1.14
CA TYR FA 881 150.68 -61.30 -0.57
C TYR FA 881 150.79 -59.85 -1.09
N ALA FA 882 152.00 -59.28 -1.06
CA ALA FA 882 152.27 -57.95 -1.59
C ALA FA 882 152.00 -57.85 -3.10
N GLU FA 883 152.42 -58.85 -3.88
CA GLU FA 883 152.15 -58.89 -5.32
C GLU FA 883 150.63 -58.94 -5.60
N ALA FA 884 149.90 -59.87 -4.97
CA ALA FA 884 148.47 -60.07 -5.20
C ALA FA 884 147.60 -58.86 -4.81
N THR FA 885 147.98 -58.14 -3.74
CA THR FA 885 147.24 -56.94 -3.28
C THR FA 885 147.65 -55.64 -3.99
N SER FA 886 148.80 -55.59 -4.67
CA SER FA 886 149.34 -54.36 -5.30
C SER FA 886 148.41 -53.70 -6.33
N SER FA 887 147.51 -54.47 -6.96
CA SER FA 887 146.56 -54.01 -7.97
C SER FA 887 145.11 -53.90 -7.47
N LEU FA 888 144.84 -54.04 -6.17
CA LEU FA 888 143.50 -54.17 -5.59
C LEU FA 888 143.15 -53.04 -4.62
N THR FA 889 141.86 -52.69 -4.56
CA THR FA 889 141.31 -51.68 -3.65
C THR FA 889 140.19 -52.22 -2.78
N ALA FA 890 140.12 -51.74 -1.54
CA ALA FA 890 139.12 -52.09 -0.54
C ALA FA 890 138.20 -50.91 -0.25
N THR FA 891 136.91 -51.15 -0.05
CA THR FA 891 135.95 -50.15 0.44
C THR FA 891 136.07 -50.03 1.97
N THR FA 892 136.19 -48.81 2.49
CA THR FA 892 136.23 -48.53 3.93
C THR FA 892 135.31 -47.36 4.28
N VAL FA 893 134.94 -47.25 5.55
CA VAL FA 893 134.03 -46.21 6.05
C VAL FA 893 134.68 -45.43 7.20
N VAL FA 894 134.52 -44.12 7.18
CA VAL FA 894 134.85 -43.20 8.28
C VAL FA 894 133.68 -42.28 8.55
N CYS FA 895 133.57 -41.68 9.73
CA CYS FA 895 132.53 -40.71 10.06
C CYS FA 895 133.06 -39.27 10.07
N ALA FA 896 132.30 -38.35 9.48
CA ALA FA 896 132.58 -36.91 9.49
C ALA FA 896 131.58 -36.14 10.38
N ALA FA 897 132.07 -35.20 11.18
CA ALA FA 897 131.21 -34.38 12.03
C ALA FA 897 130.48 -33.31 11.19
N THR FA 898 129.16 -33.31 11.25
CA THR FA 898 128.30 -32.22 10.75
C THR FA 898 128.19 -31.11 11.80
N ASP FA 899 128.19 -29.86 11.37
CA ASP FA 899 127.97 -28.67 12.20
C ASP FA 899 126.48 -28.28 12.34
N CYS FA 900 125.57 -29.10 11.81
CA CYS FA 900 124.16 -28.78 11.62
C CYS FA 900 123.25 -30.04 11.59
N LEU FA 901 123.00 -30.65 12.76
CA LEU FA 901 122.17 -31.86 12.89
C LEU FA 901 120.78 -31.75 12.26
N SER FA 902 120.16 -30.56 12.26
CA SER FA 902 118.76 -30.40 11.81
C SER FA 902 118.52 -30.75 10.33
N GLN FA 903 119.44 -30.46 9.41
CA GLN FA 903 119.30 -30.88 8.01
C GLN FA 903 119.42 -32.40 7.83
N VAL FA 904 120.23 -33.09 8.65
CA VAL FA 904 120.29 -34.57 8.65
C VAL FA 904 118.97 -35.15 9.16
N CYS FA 905 118.38 -34.61 10.22
CA CYS FA 905 117.08 -35.06 10.73
C CYS FA 905 115.91 -34.91 9.74
N LYS FA 906 115.99 -33.99 8.77
CA LYS FA 906 115.02 -33.91 7.65
C LYS FA 906 115.07 -35.09 6.68
N ALA FA 907 116.20 -35.80 6.58
CA ALA FA 907 116.40 -36.97 5.71
C ALA FA 907 116.00 -38.32 6.35
N ARG FA 908 115.18 -38.29 7.41
CA ARG FA 908 114.61 -39.44 8.14
C ARG FA 908 115.68 -40.51 8.50
N PRO FA 909 116.70 -40.16 9.31
CA PRO FA 909 117.90 -40.98 9.45
C PRO FA 909 117.72 -42.24 10.30
N VAL FA 910 118.54 -43.26 10.04
CA VAL FA 910 118.86 -44.32 11.00
C VAL FA 910 119.83 -43.75 12.04
N VAL FA 911 119.57 -43.94 13.32
CA VAL FA 911 120.32 -43.31 14.42
C VAL FA 911 120.89 -44.30 15.44
N THR FA 912 122.03 -43.97 16.04
CA THR FA 912 122.60 -44.66 17.21
C THR FA 912 123.01 -43.65 18.27
N LEU FA 913 122.55 -43.82 19.51
CA LEU FA 913 122.75 -42.86 20.60
C LEU FA 913 122.78 -43.51 22.00
N PRO FA 914 123.43 -42.88 23.01
CA PRO FA 914 123.39 -43.31 24.40
C PRO FA 914 122.20 -42.72 25.17
N VAL FA 915 121.51 -43.48 26.01
CA VAL FA 915 120.40 -42.96 26.85
C VAL FA 915 120.46 -43.42 28.31
N THR FA 916 120.12 -42.53 29.24
CA THR FA 916 119.76 -42.85 30.64
C THR FA 916 118.29 -42.47 30.87
N ILE FA 917 117.46 -43.33 31.46
CA ILE FA 917 116.10 -42.95 31.85
C ILE FA 917 116.09 -42.51 33.31
N ASN FA 918 115.89 -41.22 33.54
CA ASN FA 918 115.83 -40.58 34.86
C ASN FA 918 114.38 -40.36 35.28
N LYS FA 919 114.07 -40.57 36.57
CA LYS FA 919 112.71 -40.53 37.10
C LYS FA 919 112.59 -39.53 38.26
N TYR FA 920 111.49 -38.80 38.33
CA TYR FA 920 111.30 -37.66 39.24
C TYR FA 920 109.82 -37.43 39.57
N THR FA 921 109.56 -36.75 40.68
CA THR FA 921 108.20 -36.40 41.15
C THR FA 921 107.59 -35.25 40.34
N GLY FA 922 106.27 -35.19 40.22
CA GLY FA 922 105.58 -34.01 39.67
C GLY FA 922 105.71 -32.75 40.53
N VAL FA 923 105.44 -31.57 39.94
CA VAL FA 923 105.43 -30.25 40.60
C VAL FA 923 104.06 -29.89 41.20
N ASN FA 924 103.94 -28.70 41.79
CA ASN FA 924 102.70 -28.12 42.31
C ASN FA 924 101.99 -29.05 43.33
N GLY FA 925 102.77 -29.67 44.20
CA GLY FA 925 102.28 -30.56 45.27
C GLY FA 925 101.95 -31.99 44.85
N ASN FA 926 102.16 -32.35 43.59
CA ASN FA 926 101.87 -33.71 43.09
C ASN FA 926 102.85 -34.77 43.63
N ASN FA 927 102.43 -36.04 43.63
CA ASN FA 927 103.20 -37.17 44.16
C ASN FA 927 103.41 -38.33 43.15
N GLN FA 928 102.99 -38.18 41.89
CA GLN FA 928 103.21 -39.18 40.85
C GLN FA 928 104.65 -39.12 40.28
N ILE FA 929 105.06 -40.19 39.61
CA ILE FA 929 106.39 -40.33 38.99
C ILE FA 929 106.31 -40.02 37.49
N PHE FA 930 107.22 -39.19 36.99
CA PHE FA 930 107.43 -38.86 35.58
C PHE FA 930 108.84 -39.28 35.14
N GLN FA 931 109.04 -39.53 33.85
CA GLN FA 931 110.34 -39.98 33.32
C GLN FA 931 110.87 -39.09 32.20
N ALA FA 932 112.18 -39.01 32.05
CA ALA FA 932 112.85 -38.48 30.87
C ALA FA 932 113.95 -39.43 30.41
N GLY FA 933 114.05 -39.67 29.10
CA GLY FA 933 115.18 -40.34 28.47
C GLY FA 933 116.21 -39.29 28.08
N ASN FA 934 117.19 -39.04 28.93
CA ASN FA 934 118.21 -38.03 28.69
C ASN FA 934 119.37 -38.58 27.84
N LEU FA 935 119.77 -37.85 26.80
CA LEU FA 935 120.91 -38.17 25.93
C LEU FA 935 122.23 -38.18 26.71
N GLY FA 936 123.01 -39.25 26.60
CA GLY FA 936 124.25 -39.46 27.34
C GLY FA 936 125.51 -39.55 26.47
N TYR FA 937 126.50 -40.31 26.93
CA TYR FA 937 127.84 -40.43 26.34
C TYR FA 937 128.20 -41.88 25.97
N PHE FA 938 129.03 -42.06 24.94
CA PHE FA 938 129.60 -43.35 24.56
C PHE FA 938 130.80 -43.72 25.45
N MET FA 939 130.92 -44.99 25.83
CA MET FA 939 132.09 -45.50 26.55
C MET FA 939 132.94 -46.42 25.66
N GLY FA 940 134.27 -46.32 25.78
CA GLY FA 940 135.25 -47.16 25.08
C GLY FA 940 135.98 -46.41 23.97
N ARG FA 941 137.33 -46.37 24.01
CA ARG FA 941 138.14 -45.56 23.10
C ARG FA 941 138.12 -46.05 21.64
N GLY FA 942 137.71 -47.28 21.38
CA GLY FA 942 137.63 -47.83 20.02
C GLY FA 942 136.43 -47.39 19.19
N VAL FA 943 135.43 -46.70 19.75
CA VAL FA 943 134.16 -46.38 19.07
C VAL FA 943 134.36 -45.49 17.84
N ASP FA 944 134.91 -44.27 17.97
CA ASP FA 944 135.21 -43.41 16.82
C ASP FA 944 136.27 -42.37 17.17
N ARG FA 945 137.23 -42.11 16.29
CA ARG FA 945 138.31 -41.13 16.52
C ARG FA 945 137.83 -39.72 16.82
N ASN FA 946 136.66 -39.29 16.34
CA ASN FA 946 136.11 -37.97 16.67
C ASN FA 946 135.70 -37.82 18.15
N LEU FA 947 135.48 -38.93 18.87
CA LEU FA 947 135.18 -38.93 20.30
C LEU FA 947 136.43 -38.90 21.20
N LEU FA 948 137.64 -39.02 20.65
CA LEU FA 948 138.90 -39.04 21.41
C LEU FA 948 139.30 -37.64 21.94
N GLN FA 949 139.31 -37.47 23.26
CA GLN FA 949 139.90 -36.30 23.93
C GLN FA 949 141.44 -36.41 24.03
N SER FA 963 132.91 -33.86 27.11
CA SER FA 963 132.55 -32.53 27.61
C SER FA 963 131.11 -32.48 28.12
N MET FA 964 130.84 -31.60 29.10
CA MET FA 964 129.48 -31.22 29.51
C MET FA 964 128.63 -30.70 28.34
N ARG FA 965 129.23 -29.92 27.42
CA ARG FA 965 128.48 -29.02 26.52
C ARG FA 965 128.43 -29.44 25.05
N LYS FA 966 129.06 -30.55 24.66
CA LYS FA 966 128.87 -31.20 23.35
C LYS FA 966 128.55 -32.69 23.49
N LYS FA 967 127.49 -33.14 22.84
CA LYS FA 967 127.08 -34.56 22.74
C LYS FA 967 126.99 -35.01 21.28
N PHE FA 968 127.14 -36.30 21.03
CA PHE FA 968 127.19 -36.88 19.68
C PHE FA 968 126.09 -37.94 19.46
N VAL FA 969 125.61 -38.01 18.22
CA VAL FA 969 124.73 -39.07 17.68
C VAL FA 969 125.30 -39.55 16.34
N PHE FA 970 125.30 -40.85 16.05
CA PHE FA 970 125.58 -41.34 14.69
C PHE FA 970 124.30 -41.30 13.84
N ALA FA 971 124.32 -40.77 12.62
CA ALA FA 971 123.17 -40.69 11.73
C ALA FA 971 123.49 -41.06 10.27
N THR FA 972 122.67 -41.92 9.65
CA THR FA 972 122.70 -42.22 8.19
C THR FA 972 121.36 -41.83 7.56
N PRO FA 973 121.29 -40.97 6.53
CA PRO FA 973 120.01 -40.59 5.90
C PRO FA 973 119.34 -41.72 5.10
N THR FA 974 118.01 -41.73 5.00
CA THR FA 974 117.26 -42.68 4.15
C THR FA 974 116.59 -42.07 2.91
N LEU FA 975 116.25 -40.78 2.91
CA LEU FA 975 115.79 -40.07 1.70
C LEU FA 975 116.89 -40.07 0.63
N GLY FA 976 116.57 -40.53 -0.58
CA GLY FA 976 117.51 -40.69 -1.69
C GLY FA 976 118.32 -41.98 -1.66
N LEU FA 977 118.10 -42.85 -0.66
CA LEU FA 977 118.64 -44.20 -0.61
C LEU FA 977 117.50 -45.22 -0.82
N THR FA 978 116.56 -45.32 0.12
CA THR FA 978 115.45 -46.27 0.09
C THR FA 978 114.07 -45.61 -0.03
N VAL FA 979 113.97 -44.29 0.18
CA VAL FA 979 112.74 -43.49 0.05
C VAL FA 979 112.97 -42.33 -0.92
N LYS FA 980 112.03 -42.08 -1.84
CA LYS FA 980 112.14 -41.06 -2.91
C LYS FA 980 111.81 -39.65 -2.39
N ARG FA 981 112.62 -38.64 -2.78
CA ARG FA 981 112.37 -37.22 -2.45
C ARG FA 981 111.13 -36.68 -3.17
N THR FA 988 105.27 -21.55 -13.03
CA THR FA 988 104.54 -20.44 -13.64
C THR FA 988 104.74 -20.34 -15.16
N TYR FA 989 103.79 -19.73 -15.85
CA TYR FA 989 104.00 -19.22 -17.21
C TYR FA 989 104.85 -17.94 -17.20
N GLU FA 990 105.62 -17.66 -18.25
CA GLU FA 990 106.43 -16.45 -18.32
C GLU FA 990 105.59 -15.15 -18.23
N ILE FA 991 104.38 -15.13 -18.79
CA ILE FA 991 103.45 -14.00 -18.64
C ILE FA 991 103.02 -13.73 -17.18
N GLU FA 992 103.05 -14.72 -16.29
CA GLU FA 992 102.84 -14.49 -14.85
C GLU FA 992 104.04 -13.80 -14.19
N ASN FA 993 105.26 -14.12 -14.64
CA ASN FA 993 106.49 -13.52 -14.11
C ASN FA 993 106.67 -12.07 -14.60
N ILE FA 994 106.36 -11.77 -15.88
CA ILE FA 994 106.33 -10.37 -16.36
C ILE FA 994 105.32 -9.56 -15.53
N ARG FA 995 104.09 -10.05 -15.35
CA ARG FA 995 103.03 -9.42 -14.55
C ARG FA 995 103.43 -9.19 -13.08
N ALA FA 996 104.00 -10.17 -12.40
CA ALA FA 996 104.50 -9.99 -11.04
C ALA FA 996 105.58 -8.89 -10.95
N GLY FA 997 106.53 -8.87 -11.89
CA GLY FA 997 107.58 -7.85 -11.94
C GLY FA 997 107.08 -6.43 -12.19
N LEU FA 998 106.03 -6.25 -12.99
CA LEU FA 998 105.38 -4.94 -13.16
C LEU FA 998 104.59 -4.50 -11.92
N GLU FA 999 103.82 -5.39 -11.28
CA GLU FA 999 103.15 -5.02 -10.03
C GLU FA 999 104.14 -4.66 -8.92
N ALA FA 1000 105.31 -5.32 -8.88
CA ALA FA 1000 106.39 -5.03 -7.94
C ALA FA 1000 107.04 -3.64 -8.16
N ILE FA 1001 107.19 -3.19 -9.41
CA ILE FA 1001 107.62 -1.81 -9.72
C ILE FA 1001 106.55 -0.79 -9.31
N ILE FA 1002 105.33 -0.92 -9.83
CA ILE FA 1002 104.30 0.12 -9.71
C ILE FA 1002 103.90 0.33 -8.23
N SER FA 1003 103.83 -0.75 -7.42
CA SER FA 1003 103.53 -0.70 -5.99
C SER FA 1003 104.62 -0.01 -5.14
N GLN FA 1004 105.84 0.17 -5.69
CA GLN FA 1004 106.96 0.80 -4.98
C GLN FA 1004 107.33 2.19 -5.49
N LYS FA 1005 107.13 2.48 -6.79
CA LYS FA 1005 107.55 3.75 -7.40
C LYS FA 1005 106.81 4.94 -6.78
N GLN FA 1006 107.54 5.86 -6.17
CA GLN FA 1006 107.03 7.03 -5.45
C GLN FA 1006 107.81 8.29 -5.84
N GLU FA 1007 107.13 9.44 -5.81
CA GLU FA 1007 107.67 10.77 -6.12
C GLU FA 1007 108.14 10.98 -7.58
N GLU FA 1008 107.86 10.03 -8.47
CA GLU FA 1008 108.12 10.10 -9.93
C GLU FA 1008 107.09 9.29 -10.73
N ASP FA 1009 106.76 9.72 -11.95
CA ASP FA 1009 105.84 8.99 -12.83
C ASP FA 1009 106.47 7.68 -13.40
N CYS FA 1010 105.76 6.56 -13.35
CA CYS FA 1010 106.33 5.22 -13.55
C CYS FA 1010 106.41 4.71 -15.01
N VAL FA 1011 105.84 5.40 -16.00
CA VAL FA 1011 105.63 4.83 -17.36
C VAL FA 1011 106.93 4.44 -18.06
N PHE FA 1012 107.99 5.24 -17.96
CA PHE FA 1012 109.29 4.92 -18.56
C PHE FA 1012 109.94 3.68 -17.94
N ASP FA 1013 109.81 3.47 -16.63
CA ASP FA 1013 110.35 2.27 -15.97
C ASP FA 1013 109.54 0.99 -16.27
N VAL FA 1014 108.23 1.11 -16.51
CA VAL FA 1014 107.39 0.01 -17.01
C VAL FA 1014 107.76 -0.34 -18.45
N VAL FA 1015 107.86 0.66 -19.33
CA VAL FA 1015 108.27 0.46 -20.72
C VAL FA 1015 109.67 -0.18 -20.84
N CYS FA 1016 110.63 0.22 -20.02
CA CYS FA 1016 111.96 -0.40 -20.05
C CYS FA 1016 111.92 -1.89 -19.65
N ASN FA 1017 111.13 -2.24 -18.63
CA ASN FA 1017 110.95 -3.63 -18.23
C ASN FA 1017 110.27 -4.49 -19.30
N LEU FA 1018 109.28 -3.96 -20.02
CA LEU FA 1018 108.67 -4.65 -21.17
C LEU FA 1018 109.66 -4.83 -22.34
N VAL FA 1019 110.40 -3.78 -22.72
CA VAL FA 1019 111.39 -3.85 -23.80
C VAL FA 1019 112.53 -4.81 -23.44
N ASP FA 1020 112.93 -4.91 -22.17
CA ASP FA 1020 113.85 -5.95 -21.71
C ASP FA 1020 113.27 -7.37 -21.88
N ALA FA 1021 112.07 -7.64 -21.37
CA ALA FA 1021 111.51 -9.00 -21.33
C ALA FA 1021 111.00 -9.53 -22.69
N MET FA 1022 110.55 -8.65 -23.58
CA MET FA 1022 109.93 -9.01 -24.86
C MET FA 1022 110.69 -8.51 -26.11
N GLY FA 1023 111.58 -7.54 -25.98
CA GLY FA 1023 112.33 -6.99 -27.11
C GLY FA 1023 111.43 -6.44 -28.22
N GLU FA 1024 111.72 -6.83 -29.46
CA GLU FA 1024 111.00 -6.42 -30.67
C GLU FA 1024 109.51 -6.78 -30.67
N ALA FA 1025 109.09 -7.80 -29.90
CA ALA FA 1025 107.69 -8.17 -29.76
C ALA FA 1025 106.82 -7.07 -29.08
N CYS FA 1026 107.42 -6.04 -28.47
CA CYS FA 1026 106.67 -4.87 -27.97
C CYS FA 1026 106.01 -4.05 -29.10
N ALA FA 1027 106.55 -4.10 -30.32
CA ALA FA 1027 106.09 -3.28 -31.46
C ALA FA 1027 104.62 -3.52 -31.84
N SER FA 1028 104.06 -4.68 -31.48
CA SER FA 1028 102.68 -5.10 -31.78
C SER FA 1028 101.89 -5.49 -30.53
N LEU FA 1029 102.30 -5.04 -29.33
CA LEU FA 1029 101.59 -5.32 -28.09
C LEU FA 1029 100.18 -4.74 -28.14
N THR FA 1030 99.15 -5.58 -28.05
CA THR FA 1030 97.74 -5.16 -28.08
C THR FA 1030 97.27 -4.66 -26.71
N ARG FA 1031 96.16 -3.93 -26.65
CA ARG FA 1031 95.59 -3.45 -25.37
C ARG FA 1031 95.14 -4.59 -24.46
N ASP FA 1032 94.59 -5.67 -25.02
CA ASP FA 1032 94.18 -6.84 -24.24
C ASP FA 1032 95.36 -7.56 -23.57
N ASP FA 1033 96.50 -7.71 -24.26
CA ASP FA 1033 97.72 -8.23 -23.64
C ASP FA 1033 98.30 -7.23 -22.62
N ALA FA 1034 98.40 -5.94 -22.95
CA ALA FA 1034 98.91 -4.92 -22.02
C ALA FA 1034 98.11 -4.85 -20.71
N GLU FA 1035 96.77 -4.84 -20.78
CA GLU FA 1035 95.90 -4.87 -19.60
C GLU FA 1035 96.10 -6.11 -18.73
N TYR FA 1036 96.31 -7.31 -19.29
CA TYR FA 1036 96.64 -8.51 -18.50
C TYR FA 1036 97.99 -8.37 -17.78
N LEU FA 1037 99.04 -7.90 -18.46
CA LEU FA 1037 100.38 -7.75 -17.89
C LEU FA 1037 100.45 -6.71 -16.77
N LEU FA 1038 99.71 -5.59 -16.89
CA LEU FA 1038 99.64 -4.55 -15.87
C LEU FA 1038 98.83 -4.95 -14.61
N GLY FA 1039 98.05 -6.03 -14.66
CA GLY FA 1039 97.34 -6.59 -13.50
C GLY FA 1039 96.38 -5.61 -12.82
N ARG FA 1040 96.59 -5.37 -11.52
CA ARG FA 1040 95.84 -4.39 -10.69
C ARG FA 1040 95.87 -2.98 -11.27
N PHE FA 1041 96.94 -2.60 -11.98
CA PHE FA 1041 97.17 -1.26 -12.51
C PHE FA 1041 96.81 -1.13 -13.99
N SER FA 1042 95.88 -1.94 -14.50
CA SER FA 1042 95.48 -1.98 -15.92
C SER FA 1042 95.04 -0.63 -16.51
N VAL FA 1043 94.68 0.35 -15.68
CA VAL FA 1043 94.40 1.72 -16.10
C VAL FA 1043 95.57 2.36 -16.88
N LEU FA 1044 96.81 1.94 -16.63
CA LEU FA 1044 98.02 2.51 -17.24
C LEU FA 1044 98.20 2.19 -18.74
N ALA FA 1045 97.43 1.24 -19.30
CA ALA FA 1045 97.67 0.65 -20.61
C ALA FA 1045 97.73 1.66 -21.78
N ASP FA 1046 96.83 2.64 -21.86
CA ASP FA 1046 96.84 3.63 -22.95
C ASP FA 1046 98.13 4.46 -23.01
N SER FA 1047 98.68 4.82 -21.85
CA SER FA 1047 99.92 5.60 -21.78
C SER FA 1047 101.16 4.77 -22.12
N VAL FA 1048 101.17 3.48 -21.75
CA VAL FA 1048 102.20 2.51 -22.18
C VAL FA 1048 102.18 2.31 -23.70
N LEU FA 1049 101.02 2.09 -24.32
CA LEU FA 1049 100.92 1.86 -25.76
C LEU FA 1049 101.30 3.10 -26.58
N GLU FA 1050 100.89 4.30 -26.15
CA GLU FA 1050 101.36 5.55 -26.77
C GLU FA 1050 102.90 5.69 -26.65
N THR FA 1051 103.48 5.35 -25.50
CA THR FA 1051 104.94 5.37 -25.30
C THR FA 1051 105.67 4.35 -26.20
N LEU FA 1052 105.19 3.12 -26.33
CA LEU FA 1052 105.81 2.10 -27.20
C LEU FA 1052 105.77 2.47 -28.69
N ALA FA 1053 104.69 3.12 -29.17
CA ALA FA 1053 104.64 3.70 -30.52
C ALA FA 1053 105.74 4.75 -30.78
N THR FA 1054 106.13 5.58 -29.79
CA THR FA 1054 107.24 6.52 -29.98
C THR FA 1054 108.61 5.83 -30.14
N ILE FA 1055 108.84 4.68 -29.49
CA ILE FA 1055 110.06 3.87 -29.70
C ILE FA 1055 110.02 3.22 -31.09
N ALA FA 1056 108.91 2.60 -31.46
CA ALA FA 1056 108.71 1.98 -32.77
C ALA FA 1056 108.96 2.93 -33.95
N SER FA 1057 108.34 4.12 -33.93
CA SER FA 1057 108.39 5.10 -35.02
C SER FA 1057 109.69 5.93 -35.07
N SER FA 1058 110.43 6.07 -33.97
CA SER FA 1058 111.71 6.80 -33.94
C SER FA 1058 112.91 5.97 -34.44
N GLY FA 1059 112.73 4.66 -34.71
CA GLY FA 1059 113.72 3.83 -35.41
C GLY FA 1059 114.95 3.40 -34.59
N ILE FA 1060 114.97 3.65 -33.29
CA ILE FA 1060 115.99 3.07 -32.39
C ILE FA 1060 115.79 1.56 -32.23
N GLU FA 1061 116.83 0.84 -31.84
CA GLU FA 1061 116.77 -0.60 -31.56
C GLU FA 1061 115.92 -0.91 -30.31
N TRP FA 1062 115.26 -2.07 -30.29
CA TRP FA 1062 114.46 -2.55 -29.16
C TRP FA 1062 115.34 -3.14 -28.05
N THR FA 1063 116.01 -2.27 -27.29
CA THR FA 1063 116.79 -2.65 -26.10
C THR FA 1063 116.65 -1.60 -25.00
N ALA FA 1064 116.74 -2.00 -23.73
CA ALA FA 1064 116.53 -1.14 -22.57
C ALA FA 1064 117.47 0.09 -22.52
N GLU FA 1065 118.71 -0.04 -23.00
CA GLU FA 1065 119.68 1.06 -23.07
C GLU FA 1065 119.27 2.12 -24.11
N ALA FA 1066 118.90 1.69 -25.32
CA ALA FA 1066 118.43 2.58 -26.39
C ALA FA 1066 117.08 3.24 -26.04
N ALA FA 1067 116.19 2.52 -25.34
CA ALA FA 1067 114.90 3.06 -24.89
C ALA FA 1067 115.09 4.27 -23.97
N ARG FA 1068 115.96 4.18 -22.96
CA ARG FA 1068 116.30 5.32 -22.09
C ARG FA 1068 116.98 6.45 -22.85
N ASP FA 1069 117.96 6.14 -23.72
CA ASP FA 1069 118.65 7.16 -24.53
C ASP FA 1069 117.69 7.99 -25.41
N PHE FA 1070 116.61 7.40 -25.93
CA PHE FA 1070 115.57 8.17 -26.62
C PHE FA 1070 114.64 8.91 -25.63
N LEU FA 1071 114.02 8.21 -24.68
CA LEU FA 1071 112.97 8.79 -23.81
C LEU FA 1071 113.47 9.95 -22.94
N GLU FA 1072 114.65 9.79 -22.32
CA GLU FA 1072 115.21 10.78 -21.40
C GLU FA 1072 115.82 12.01 -22.11
N GLY FA 1073 116.04 11.94 -23.43
CA GLY FA 1073 116.35 13.10 -24.28
C GLY FA 1073 115.08 13.79 -24.80
N VAL FA 1074 114.11 13.01 -25.29
CA VAL FA 1074 112.76 13.46 -25.65
C VAL FA 1074 111.94 13.72 -24.39
N ASP FA 1083 105.13 22.06 -12.65
CA ASP FA 1083 103.76 22.36 -13.10
C ASP FA 1083 102.99 23.19 -12.04
N ASN FA 1084 101.84 23.76 -12.41
CA ASN FA 1084 101.02 24.62 -11.56
C ASN FA 1084 100.22 23.84 -10.50
N PHE FA 1085 100.88 23.10 -9.61
CA PHE FA 1085 100.24 22.37 -8.52
C PHE FA 1085 99.70 23.30 -7.43
N ILE FA 1086 98.38 23.39 -7.28
CA ILE FA 1086 97.73 24.02 -6.11
C ILE FA 1086 97.53 22.98 -5.00
N SER FA 1087 97.67 23.39 -3.74
CA SER FA 1087 97.39 22.54 -2.57
C SER FA 1087 95.89 22.55 -2.22
N VAL FA 1088 95.37 21.46 -1.64
CA VAL FA 1088 93.94 21.24 -1.37
C VAL FA 1088 93.71 20.89 0.10
N ALA FA 1089 92.62 21.41 0.70
CA ALA FA 1089 92.34 21.32 2.13
C ALA FA 1089 92.28 19.88 2.67
N ASP HA 9 153.50 -11.95 90.76
CA ASP HA 9 152.84 -11.57 92.00
C ASP HA 9 151.42 -11.05 91.77
N ASN HA 10 150.59 -10.95 92.82
CA ASN HA 10 149.17 -10.62 92.70
C ASN HA 10 148.59 -9.85 93.91
N LEU HA 11 147.44 -9.19 93.72
CA LEU HA 11 146.77 -8.37 94.74
C LEU HA 11 146.38 -9.16 96.01
N GLY HA 12 146.14 -10.47 95.89
CA GLY HA 12 145.86 -11.35 97.03
C GLY HA 12 147.06 -11.53 97.95
N SER HA 13 148.21 -11.93 97.38
CA SER HA 13 149.49 -12.06 98.09
C SER HA 13 149.91 -10.77 98.79
N GLN HA 14 149.64 -9.62 98.18
CA GLN HA 14 150.01 -8.29 98.69
C GLN HA 14 149.10 -7.74 99.80
N SER HA 15 147.89 -8.29 99.99
CA SER HA 15 146.94 -7.80 101.01
C SER HA 15 147.39 -8.15 102.44
N GLN HA 16 147.10 -7.29 103.42
CA GLN HA 16 147.53 -7.42 104.82
C GLN HA 16 146.54 -8.23 105.70
N PRO HA 17 147.01 -8.88 106.78
CA PRO HA 17 146.18 -9.37 107.88
C PRO HA 17 145.18 -8.35 108.44
N GLY HA 18 144.02 -8.83 108.92
CA GLY HA 18 143.00 -8.01 109.56
C GLY HA 18 141.77 -8.79 110.04
N PRO HA 19 140.76 -8.10 110.59
CA PRO HA 19 139.50 -8.69 111.08
C PRO HA 19 138.56 -9.12 109.94
N CYS HA 20 137.48 -9.84 110.28
CA CYS HA 20 136.47 -10.32 109.34
C CYS HA 20 135.48 -9.22 108.87
N GLY HA 21 135.40 -8.10 109.60
CA GLY HA 21 134.57 -6.93 109.32
C GLY HA 21 134.75 -5.83 110.38
N TYR HA 22 133.98 -4.75 110.28
CA TYR HA 22 133.96 -3.63 111.25
C TYR HA 22 132.53 -3.15 111.55
N ILE HA 23 132.30 -2.68 112.77
CA ILE HA 23 131.18 -1.81 113.10
C ILE HA 23 131.68 -0.35 113.07
N TYR HA 24 131.09 0.52 112.26
CA TYR HA 24 131.35 1.97 112.27
C TYR HA 24 130.30 2.71 113.09
N PHE HA 25 130.74 3.67 113.91
CA PHE HA 25 129.89 4.60 114.66
C PHE HA 25 130.11 6.05 114.18
N TYR HA 26 129.07 6.72 113.69
CA TYR HA 26 129.14 8.11 113.19
C TYR HA 26 128.38 9.10 114.09
N PRO HA 27 128.93 10.26 114.44
CA PRO HA 27 128.25 11.23 115.31
C PRO HA 27 127.07 11.93 114.62
N LEU HA 28 125.89 11.84 115.21
CA LEU HA 28 124.66 12.42 114.67
C LEU HA 28 124.68 13.96 114.57
N ALA HA 29 125.42 14.66 115.43
CA ALA HA 29 125.50 16.12 115.41
C ALA HA 29 126.15 16.70 114.14
N THR HA 30 127.06 15.96 113.47
CA THR HA 30 127.84 16.45 112.33
C THR HA 30 127.74 15.63 111.04
N TYR HA 31 127.29 14.37 111.08
CA TYR HA 31 127.23 13.50 109.90
C TYR HA 31 126.19 13.97 108.86
N PRO HA 32 126.48 13.93 107.53
CA PRO HA 32 125.60 14.47 106.49
C PRO HA 32 124.43 13.51 106.12
N LEU HA 33 123.43 13.43 107.00
CA LEU HA 33 122.30 12.48 106.91
C LEU HA 33 121.47 12.61 105.62
N ARG HA 34 121.23 13.82 105.08
CA ARG HA 34 120.47 13.99 103.82
C ARG HA 34 121.24 13.56 102.58
N GLU HA 35 122.58 13.68 102.56
CA GLU HA 35 123.39 13.15 101.47
C GLU HA 35 123.32 11.63 101.41
N VAL HA 36 123.61 10.90 102.51
CA VAL HA 36 123.55 9.43 102.49
C VAL HA 36 122.16 8.91 102.14
N ALA HA 37 121.09 9.58 102.57
CA ALA HA 37 119.73 9.18 102.21
C ALA HA 37 119.49 9.15 100.69
N THR HA 38 120.10 10.04 99.88
CA THR HA 38 119.96 10.00 98.42
C THR HA 38 120.62 8.78 97.76
N LEU HA 39 121.61 8.17 98.41
CA LEU HA 39 122.25 6.93 97.95
C LEU HA 39 121.69 5.67 98.63
N GLY HA 40 120.74 5.80 99.56
CA GLY HA 40 120.21 4.70 100.37
C GLY HA 40 118.94 4.01 99.85
N THR HA 41 118.52 2.97 100.57
CA THR HA 41 117.29 2.18 100.32
C THR HA 41 116.22 2.36 101.41
N GLY HA 42 116.12 3.55 102.01
CA GLY HA 42 115.18 3.81 103.11
C GLY HA 42 113.71 3.91 102.68
N TYR HA 43 112.83 3.18 103.35
CA TYR HA 43 111.37 3.30 103.23
C TYR HA 43 110.77 3.92 104.49
N ALA HA 44 109.55 4.44 104.45
CA ALA HA 44 108.89 5.03 105.63
C ALA HA 44 108.58 3.97 106.71
N GLY HA 45 109.10 4.17 107.92
CA GLY HA 45 108.98 3.23 109.04
C GLY HA 45 110.10 2.19 109.17
N HIS HA 46 111.17 2.27 108.38
CA HIS HA 46 112.27 1.29 108.40
C HIS HA 46 112.98 1.19 109.76
N ARG HA 47 113.56 0.03 110.04
CA ARG HA 47 114.43 -0.24 111.21
C ARG HA 47 115.86 -0.58 110.79
N CYS HA 48 116.08 -0.84 109.50
CA CYS HA 48 117.37 -1.05 108.86
C CYS HA 48 117.34 -0.57 107.39
N LEU HA 49 118.49 -0.20 106.81
CA LEU HA 49 118.65 0.11 105.38
C LEU HA 49 120.08 -0.13 104.88
N THR HA 50 120.24 -0.22 103.56
CA THR HA 50 121.53 -0.33 102.88
C THR HA 50 121.97 0.98 102.23
N VAL HA 51 123.27 1.20 102.24
CA VAL HA 51 124.00 2.31 101.61
C VAL HA 51 125.29 1.74 100.95
N PRO HA 52 125.88 2.42 99.95
CA PRO HA 52 127.13 1.98 99.34
C PRO HA 52 128.36 2.17 100.25
N LEU HA 53 129.39 1.33 100.11
CA LEU HA 53 130.73 1.54 100.68
C LEU HA 53 131.51 2.59 99.85
N LEU HA 54 131.78 3.76 100.40
CA LEU HA 54 132.47 4.89 99.75
C LEU HA 54 133.46 5.60 100.70
N CYS HA 55 134.69 5.82 100.23
CA CYS HA 55 135.70 6.57 100.97
C CYS HA 55 135.31 8.05 101.10
N GLY HA 56 135.26 8.55 102.32
CA GLY HA 56 134.91 9.94 102.61
C GLY HA 56 133.43 10.19 102.95
N ILE HA 57 132.58 9.18 102.95
CA ILE HA 57 131.19 9.32 103.47
C ILE HA 57 130.71 8.10 104.28
N THR HA 58 131.08 6.87 103.95
CA THR HA 58 130.71 5.69 104.75
C THR HA 58 131.91 4.93 105.32
N VAL HA 59 133.11 5.05 104.73
CA VAL HA 59 134.39 4.59 105.32
C VAL HA 59 135.45 5.68 105.21
N GLU HA 60 136.51 5.62 106.00
CA GLU HA 60 137.58 6.63 105.98
C GLU HA 60 138.43 6.53 104.69
N PRO HA 61 139.04 7.63 104.22
CA PRO HA 61 140.00 7.61 103.12
C PRO HA 61 141.12 6.58 103.33
N GLY HA 62 141.47 5.85 102.28
CA GLY HA 62 142.51 4.82 102.33
C GLY HA 62 142.07 3.46 102.87
N PHE HA 63 140.77 3.21 103.00
CA PHE HA 63 140.21 1.90 103.35
C PHE HA 63 140.71 0.80 102.41
N SER HA 64 141.23 -0.30 102.95
CA SER HA 64 141.65 -1.46 102.17
C SER HA 64 140.46 -2.36 101.83
N ILE HA 65 140.06 -2.44 100.57
CA ILE HA 65 138.98 -3.35 100.13
C ILE HA 65 139.41 -4.82 100.07
N ASN HA 66 140.71 -5.13 99.98
CA ASN HA 66 141.25 -6.49 100.00
C ASN HA 66 141.99 -6.76 101.32
N VAL HA 67 141.80 -7.93 101.93
CA VAL HA 67 142.41 -8.31 103.22
C VAL HA 67 142.71 -9.80 103.31
N LYS HA 68 143.64 -10.18 104.19
CA LYS HA 68 143.74 -11.53 104.76
C LYS HA 68 143.00 -11.55 106.09
N ALA HA 69 141.84 -12.19 106.16
CA ALA HA 69 141.01 -12.24 107.37
C ALA HA 69 141.49 -13.36 108.31
N LEU HA 70 141.80 -13.03 109.56
CA LEU HA 70 142.08 -14.02 110.62
C LEU HA 70 140.77 -14.63 111.13
N HIS HA 71 140.46 -15.87 110.74
CA HIS HA 71 139.13 -16.45 110.96
C HIS HA 71 139.09 -17.70 111.86
N ARG HA 72 140.21 -18.40 112.06
CA ARG HA 72 140.29 -19.60 112.90
C ARG HA 72 141.62 -19.67 113.64
N ARG HA 73 141.60 -19.98 114.95
CA ARG HA 73 142.79 -20.42 115.70
C ARG HA 73 142.64 -21.90 116.04
N PRO HA 74 143.32 -22.84 115.35
CA PRO HA 74 143.24 -24.28 115.65
C PRO HA 74 143.67 -24.64 117.09
N ASP HA 75 144.61 -23.87 117.63
CA ASP HA 75 144.95 -23.78 119.05
C ASP HA 75 145.38 -22.33 119.36
N PRO HA 76 145.46 -21.89 120.63
CA PRO HA 76 145.82 -20.52 121.03
C PRO HA 76 147.12 -19.93 120.44
N ASN HA 77 147.98 -20.74 119.79
CA ASN HA 77 149.30 -20.35 119.31
C ASN HA 77 149.44 -20.41 117.77
N CYS HA 78 148.37 -20.69 117.02
CA CYS HA 78 148.38 -20.69 115.56
C CYS HA 78 147.16 -19.96 114.98
N GLY HA 79 147.36 -19.12 113.97
CA GLY HA 79 146.29 -18.47 113.20
C GLY HA 79 146.17 -18.96 111.77
N LEU HA 80 144.95 -19.01 111.23
CA LEU HA 80 144.69 -19.26 109.82
C LEU HA 80 144.13 -18.02 109.10
N LEU HA 81 144.61 -17.76 107.89
CA LEU HA 81 144.27 -16.59 107.08
C LEU HA 81 143.49 -16.96 105.79
N ARG HA 82 142.39 -16.26 105.52
CA ARG HA 82 141.60 -16.34 104.29
C ARG HA 82 141.70 -15.03 103.52
N ALA HA 83 142.12 -15.06 102.25
CA ALA HA 83 142.15 -13.87 101.40
C ALA HA 83 140.76 -13.56 100.83
N THR HA 84 140.25 -12.35 101.05
CA THR HA 84 138.90 -11.94 100.62
C THR HA 84 138.83 -10.44 100.38
N SER HA 85 138.03 -10.03 99.42
CA SER HA 85 137.56 -8.65 99.30
C SER HA 85 136.35 -8.36 100.21
N TYR HA 86 136.08 -7.09 100.43
CA TYR HA 86 134.87 -6.61 101.11
C TYR HA 86 133.57 -6.83 100.31
N HIS HA 87 132.45 -6.93 101.01
CA HIS HA 87 131.12 -6.81 100.41
C HIS HA 87 130.83 -5.35 100.06
N ARG HA 88 130.22 -5.15 98.90
CA ARG HA 88 129.92 -3.85 98.29
C ARG HA 88 128.95 -2.94 99.08
N ASP HA 89 127.96 -3.50 99.77
CA ASP HA 89 126.97 -2.76 100.55
C ASP HA 89 127.32 -2.70 102.05
N ILE HA 90 126.99 -1.58 102.69
CA ILE HA 90 127.01 -1.34 104.14
C ILE HA 90 125.57 -1.35 104.69
N TYR HA 91 125.36 -2.03 105.82
CA TYR HA 91 124.06 -2.19 106.48
C TYR HA 91 123.96 -1.29 107.72
N VAL HA 92 123.04 -0.32 107.72
CA VAL HA 92 122.83 0.68 108.77
C VAL HA 92 121.72 0.24 109.73
N PHE HA 93 122.06 -0.13 110.96
CA PHE HA 93 121.17 -0.91 111.87
C PHE HA 93 120.85 -0.27 113.23
N HIS HA 94 121.64 0.68 113.73
CA HIS HA 94 121.43 1.36 115.02
C HIS HA 94 121.12 2.86 114.82
N ASN HA 95 120.03 3.37 115.38
CA ASN HA 95 119.43 4.69 115.14
C ASN HA 95 119.06 4.98 113.67
N ALA HA 96 118.76 3.95 112.88
CA ALA HA 96 118.46 4.04 111.45
C ALA HA 96 117.28 4.96 111.09
N HIS HA 97 116.35 5.21 112.02
CA HIS HA 97 115.24 6.18 111.90
C HIS HA 97 115.72 7.62 111.65
N MET HA 98 116.97 7.95 111.99
CA MET HA 98 117.59 9.25 111.72
C MET HA 98 117.97 9.48 110.24
N VAL HA 99 118.05 8.45 109.40
CA VAL HA 99 118.31 8.60 107.96
C VAL HA 99 116.97 8.74 107.21
N PRO HA 100 116.71 9.84 106.48
CA PRO HA 100 115.48 10.00 105.69
C PRO HA 100 115.22 8.86 104.68
N PRO HA 101 113.95 8.52 104.38
CA PRO HA 101 113.60 7.58 103.32
C PRO HA 101 113.89 8.14 101.91
N ILE HA 102 114.13 7.25 100.94
CA ILE HA 102 114.26 7.60 99.51
C ILE HA 102 112.89 7.78 98.83
N PHE HA 103 111.83 7.16 99.36
CA PHE HA 103 110.46 7.18 98.84
C PHE HA 103 109.44 7.38 99.95
N GLU HA 104 108.46 8.26 99.77
CA GLU HA 104 107.54 8.68 100.84
C GLU HA 104 106.29 7.81 101.01
N GLY HA 105 105.95 6.95 100.04
CA GLY HA 105 104.71 6.18 100.07
C GLY HA 105 104.65 5.19 101.25
N PRO HA 106 103.54 5.15 102.02
CA PRO HA 106 103.37 4.25 103.16
C PRO HA 106 102.98 2.80 102.79
N GLY HA 107 103.08 1.88 103.76
CA GLY HA 107 102.49 0.53 103.70
C GLY HA 107 103.29 -0.55 102.97
N LEU HA 108 104.58 -0.34 102.66
CA LEU HA 108 105.34 -1.26 101.82
C LEU HA 108 105.69 -2.59 102.49
N GLU HA 109 105.91 -2.57 103.81
CA GLU HA 109 106.34 -3.75 104.56
C GLU HA 109 105.27 -4.86 104.60
N ALA HA 110 104.01 -4.50 104.81
CA ALA HA 110 102.86 -5.40 104.75
C ALA HA 110 102.56 -5.90 103.34
N LEU HA 111 102.65 -5.03 102.31
CA LEU HA 111 102.51 -5.42 100.91
C LEU HA 111 103.55 -6.48 100.49
N CYS HA 112 104.81 -6.28 100.87
CA CYS HA 112 105.88 -7.26 100.65
C CYS HA 112 105.59 -8.59 101.36
N GLY HA 113 105.10 -8.55 102.60
CA GLY HA 113 104.81 -9.74 103.41
C GLY HA 113 103.69 -10.59 102.83
N GLU HA 114 102.61 -9.95 102.41
CA GLU HA 114 101.46 -10.58 101.74
C GLU HA 114 101.88 -11.23 100.41
N THR HA 115 102.65 -10.52 99.57
CA THR HA 115 103.03 -10.99 98.23
C THR HA 115 104.06 -12.13 98.29
N ARG HA 116 104.98 -12.12 99.26
CA ARG HA 116 105.94 -13.21 99.50
C ARG HA 116 105.23 -14.54 99.79
N GLU HA 117 104.12 -14.50 100.51
CA GLU HA 117 103.34 -15.69 100.87
C GLU HA 117 102.60 -16.30 99.66
N VAL HA 118 101.96 -15.49 98.80
CA VAL HA 118 101.24 -16.02 97.62
C VAL HA 118 102.18 -16.64 96.57
N PHE HA 119 103.41 -16.16 96.44
CA PHE HA 119 104.45 -16.80 95.61
C PHE HA 119 105.15 -17.99 96.30
N GLY HA 120 104.82 -18.31 97.55
CA GLY HA 120 105.37 -19.44 98.30
C GLY HA 120 106.80 -19.25 98.81
N TYR HA 121 107.27 -18.02 98.96
CA TYR HA 121 108.64 -17.71 99.41
C TYR HA 121 108.81 -17.68 100.93
N ASP HA 122 109.99 -18.11 101.36
CA ASP HA 122 110.45 -18.18 102.75
C ASP HA 122 110.72 -16.80 103.39
N ALA HA 123 110.03 -16.44 104.47
CA ALA HA 123 110.28 -15.24 105.28
C ALA HA 123 111.44 -15.42 106.27
N TYR HA 124 112.09 -14.33 106.72
CA TYR HA 124 113.15 -14.44 107.72
C TYR HA 124 112.62 -14.98 109.06
N SER HA 125 113.23 -16.03 109.58
CA SER HA 125 112.92 -16.57 110.91
C SER HA 125 114.00 -16.18 111.91
N ALA HA 126 113.64 -15.40 112.93
CA ALA HA 126 114.55 -14.91 113.94
C ALA HA 126 115.10 -16.02 114.86
N LEU HA 127 116.34 -15.84 115.34
CA LEU HA 127 116.91 -16.67 116.40
C LEU HA 127 116.08 -16.53 117.71
N PRO HA 128 116.13 -17.52 118.62
CA PRO HA 128 115.42 -17.44 119.91
C PRO HA 128 116.02 -16.45 120.93
N ARG HA 129 117.28 -16.03 120.79
CA ARG HA 129 117.88 -14.93 121.59
C ARG HA 129 117.32 -13.54 121.26
N GLU HA 130 117.47 -12.58 122.16
CA GLU HA 130 117.37 -11.15 121.82
C GLU HA 130 118.55 -10.65 120.98
N SER HA 131 118.36 -9.55 120.25
CA SER HA 131 119.45 -8.73 119.69
C SER HA 131 120.45 -8.26 120.76
N SER HA 132 121.73 -8.15 120.40
CA SER HA 132 122.79 -7.59 121.25
C SER HA 132 122.43 -6.19 121.72
N LYS HA 133 122.47 -5.95 123.04
CA LYS HA 133 122.29 -4.64 123.66
C LYS HA 133 123.45 -3.71 123.33
N PRO HA 134 123.24 -2.39 123.17
CA PRO HA 134 124.29 -1.43 122.83
C PRO HA 134 125.58 -1.56 123.67
N GLY HA 135 125.45 -1.66 125.00
CA GLY HA 135 126.59 -1.81 125.91
C GLY HA 135 127.50 -3.03 125.66
N ASP HA 136 127.04 -4.03 124.90
CA ASP HA 136 127.83 -5.19 124.49
C ASP HA 136 128.77 -4.90 123.31
N PHE HA 137 128.44 -3.98 122.40
CA PHE HA 137 129.22 -3.74 121.17
C PHE HA 137 129.74 -2.31 121.01
N PHE HA 138 129.21 -1.32 121.73
CA PHE HA 138 129.74 0.03 121.78
C PHE HA 138 131.11 0.11 122.47
N PRO HA 139 132.05 0.94 121.98
CA PRO HA 139 133.24 1.36 122.72
C PRO HA 139 132.92 1.93 124.12
N GLU HA 140 133.91 1.94 125.00
CA GLU HA 140 133.82 2.53 126.34
C GLU HA 140 133.49 4.04 126.31
N GLY HA 141 132.46 4.45 127.05
CA GLY HA 141 132.12 5.85 127.30
C GLY HA 141 131.26 6.56 126.25
N LEU HA 142 131.20 6.08 125.00
CA LEU HA 142 130.29 6.64 123.99
C LEU HA 142 128.81 6.40 124.34
N ASP HA 143 128.00 7.44 124.20
CA ASP HA 143 126.55 7.40 124.40
C ASP HA 143 125.82 6.78 123.19
N PRO HA 144 125.10 5.65 123.34
CA PRO HA 144 124.37 5.03 122.23
C PRO HA 144 123.34 5.94 121.56
N SER HA 145 122.77 6.94 122.26
CA SER HA 145 121.80 7.88 121.70
C SER HA 145 122.43 8.94 120.78
N ALA HA 146 123.75 9.14 120.84
CA ALA HA 146 124.47 10.18 120.09
C ALA HA 146 125.04 9.73 118.73
N TYR HA 147 124.98 8.44 118.41
CA TYR HA 147 125.66 7.85 117.25
C TYR HA 147 124.74 7.03 116.33
N LEU HA 148 125.08 6.97 115.05
CA LEU HA 148 124.50 6.09 114.03
C LEU HA 148 125.41 4.86 113.86
N GLY HA 149 124.88 3.63 113.87
CA GLY HA 149 125.68 2.40 113.77
C GLY HA 149 125.45 1.56 112.51
N ALA HA 150 126.52 1.13 111.85
CA ALA HA 150 126.48 0.38 110.60
C ALA HA 150 127.61 -0.67 110.48
N VAL HA 151 127.40 -1.77 109.75
CA VAL HA 151 128.38 -2.85 109.54
C VAL HA 151 128.96 -2.83 108.12
N ALA HA 152 130.28 -2.92 108.02
CA ALA HA 152 131.01 -3.28 106.81
C ALA HA 152 131.56 -4.71 106.97
N ILE HA 153 131.38 -5.58 105.96
CA ILE HA 153 131.59 -7.03 106.10
C ILE HA 153 132.37 -7.61 104.92
N THR HA 154 133.25 -8.57 105.16
CA THR HA 154 133.95 -9.27 104.08
C THR HA 154 133.07 -10.28 103.37
N GLU HA 155 133.28 -10.45 102.06
CA GLU HA 155 132.41 -11.25 101.19
C GLU HA 155 132.37 -12.74 101.59
N ALA HA 156 133.45 -13.28 102.17
CA ALA HA 156 133.55 -14.66 102.64
C ALA HA 156 132.86 -14.96 103.99
N PHE HA 157 132.61 -13.97 104.84
CA PHE HA 157 132.05 -14.12 106.20
C PHE HA 157 130.69 -13.42 106.42
N LYS HA 158 130.01 -12.95 105.36
CA LYS HA 158 128.69 -12.32 105.46
C LYS HA 158 127.55 -13.27 105.86
N GLU HA 159 127.62 -14.58 105.58
CA GLU HA 159 126.64 -15.53 106.13
C GLU HA 159 126.82 -15.72 107.64
N ARG HA 160 128.07 -15.65 108.14
CA ARG HA 160 128.36 -15.66 109.59
C ARG HA 160 127.80 -14.44 110.30
N LEU HA 161 127.80 -13.26 109.67
CA LEU HA 161 127.12 -12.06 110.17
C LEU HA 161 125.60 -12.31 110.28
N TYR HA 162 124.98 -12.80 109.22
CA TYR HA 162 123.56 -13.18 109.18
C TYR HA 162 123.18 -14.17 110.30
N SER HA 163 124.00 -15.20 110.52
CA SER HA 163 123.71 -16.30 111.45
C SER HA 163 124.11 -16.02 112.91
N GLY HA 164 124.68 -14.85 113.24
CA GLY HA 164 125.00 -14.47 114.62
C GLY HA 164 126.28 -15.11 115.16
N ASN HA 165 127.21 -15.49 114.30
CA ASN HA 165 128.44 -16.22 114.63
C ASN HA 165 129.72 -15.35 114.67
N LEU HA 166 129.64 -14.03 114.51
CA LEU HA 166 130.77 -13.11 114.73
C LEU HA 166 130.81 -12.59 116.17
N VAL HA 167 131.98 -12.17 116.62
CA VAL HA 167 132.27 -11.55 117.92
C VAL HA 167 132.79 -10.13 117.70
N ALA HA 168 132.23 -9.12 118.36
CA ALA HA 168 132.77 -7.77 118.41
C ALA HA 168 133.71 -7.58 119.61
N ILE HA 169 134.82 -6.85 119.44
CA ILE HA 169 135.83 -6.62 120.50
C ILE HA 169 136.01 -5.12 120.76
N PRO HA 170 135.13 -4.47 121.54
CA PRO HA 170 135.17 -3.03 121.80
C PRO HA 170 136.49 -2.45 122.32
N SER HA 171 137.33 -3.21 123.02
CA SER HA 171 138.63 -2.72 123.52
C SER HA 171 139.60 -2.39 122.39
N LEU HA 172 139.46 -3.03 121.23
CA LEU HA 172 140.27 -2.79 120.03
C LEU HA 172 139.76 -1.63 119.16
N LYS HA 173 138.99 -0.68 119.71
CA LYS HA 173 138.50 0.50 118.97
C LYS HA 173 139.61 1.27 118.27
N GLN HA 174 139.29 1.88 117.14
CA GLN HA 174 140.15 2.80 116.41
C GLN HA 174 139.36 4.06 116.03
N GLU HA 175 139.97 5.24 116.18
CA GLU HA 175 139.34 6.51 115.85
C GLU HA 175 139.74 6.94 114.44
N VAL HA 176 138.74 7.28 113.61
CA VAL HA 176 138.88 7.49 112.16
C VAL HA 176 138.07 8.69 111.69
N ALA HA 177 138.60 9.47 110.75
CA ALA HA 177 137.88 10.60 110.16
C ALA HA 177 137.09 10.15 108.92
N VAL HA 178 135.77 10.36 108.90
CA VAL HA 178 134.90 10.02 107.76
C VAL HA 178 134.31 11.31 107.19
N GLY HA 179 134.94 11.84 106.14
CA GLY HA 179 134.70 13.21 105.69
C GLY HA 179 135.11 14.20 106.79
N GLN HA 180 134.19 15.06 107.22
CA GLN HA 180 134.43 15.95 108.38
C GLN HA 180 134.28 15.25 109.73
N SER HA 181 133.49 14.17 109.81
CA SER HA 181 133.00 13.63 111.10
C SER HA 181 134.02 12.74 111.81
N ALA HA 182 134.28 13.05 113.09
CA ALA HA 182 135.09 12.24 113.98
C ALA HA 182 134.36 10.94 114.35
N SER HA 183 134.70 9.83 113.70
CA SER HA 183 134.01 8.54 113.84
C SER HA 183 134.84 7.51 114.59
N VAL HA 184 134.25 6.36 114.94
CA VAL HA 184 134.96 5.26 115.62
C VAL HA 184 134.65 3.94 114.90
N ARG HA 185 135.57 3.00 114.85
CA ARG HA 185 135.28 1.61 114.43
C ARG HA 185 135.74 0.56 115.43
N VAL HA 186 134.99 -0.54 115.51
CA VAL HA 186 135.27 -1.74 116.32
C VAL HA 186 135.40 -2.95 115.41
N PRO HA 187 136.40 -3.83 115.56
CA PRO HA 187 136.56 -5.00 114.69
C PRO HA 187 135.57 -6.14 115.01
N LEU HA 188 135.28 -6.97 114.01
CA LEU HA 188 134.53 -8.23 114.11
C LEU HA 188 135.41 -9.45 113.77
N TYR HA 189 135.36 -10.50 114.59
CA TYR HA 189 136.08 -11.76 114.36
C TYR HA 189 135.12 -12.98 114.39
N ASP HA 190 135.32 -13.99 113.57
CA ASP HA 190 134.54 -15.23 113.63
C ASP HA 190 134.77 -15.96 114.97
N LYS HA 191 133.72 -16.48 115.62
CA LYS HA 191 133.85 -17.19 116.91
C LYS HA 191 134.86 -18.36 116.90
N GLU HA 192 135.23 -18.88 115.75
CA GLU HA 192 136.31 -19.86 115.58
C GLU HA 192 137.74 -19.34 115.89
N VAL HA 193 137.94 -18.04 116.14
CA VAL HA 193 139.21 -17.55 116.73
C VAL HA 193 139.29 -17.77 118.26
N PHE HA 194 138.25 -18.29 118.90
CA PHE HA 194 138.26 -18.62 120.33
C PHE HA 194 138.06 -20.13 120.54
N PRO HA 195 139.11 -20.97 120.40
CA PRO HA 195 138.98 -22.42 120.53
C PRO HA 195 138.45 -22.89 121.89
N GLU HA 196 138.67 -22.16 122.99
CA GLU HA 196 138.09 -22.51 124.31
C GLU HA 196 136.60 -22.11 124.45
N GLY HA 197 136.05 -21.42 123.46
CA GLY HA 197 134.68 -20.92 123.40
C GLY HA 197 134.47 -19.55 124.05
N VAL HA 198 133.47 -18.83 123.56
CA VAL HA 198 132.87 -17.63 124.18
C VAL HA 198 131.37 -17.90 124.44
N PRO HA 199 130.73 -17.35 125.50
CA PRO HA 199 129.31 -17.56 125.77
C PRO HA 199 128.40 -17.17 124.59
N GLN HA 200 127.30 -17.89 124.38
CA GLN HA 200 126.42 -17.65 123.21
C GLN HA 200 125.89 -16.20 123.14
N LEU HA 201 125.62 -15.53 124.26
CA LEU HA 201 125.21 -14.12 124.29
C LEU HA 201 126.37 -13.11 124.10
N ARG HA 202 127.64 -13.53 124.15
CA ARG HA 202 128.81 -12.69 123.85
C ARG HA 202 129.05 -12.49 122.35
N GLN HA 203 128.46 -13.32 121.50
CA GLN HA 203 128.42 -13.16 120.04
C GLN HA 203 127.50 -12.01 119.62
N PHE HA 204 127.78 -11.38 118.48
CA PHE HA 204 127.03 -10.24 117.95
C PHE HA 204 125.83 -10.69 117.11
N TYR HA 205 124.64 -10.23 117.46
CA TYR HA 205 123.42 -10.49 116.68
C TYR HA 205 122.50 -9.27 116.62
N ASN HA 206 121.97 -8.95 115.44
CA ASN HA 206 120.88 -8.00 115.31
C ASN HA 206 119.81 -8.52 114.34
N SER HA 207 118.59 -8.69 114.84
CA SER HA 207 117.50 -9.28 114.08
C SER HA 207 117.04 -8.40 112.91
N ASP HA 208 117.04 -7.08 113.05
CA ASP HA 208 116.69 -6.18 111.93
C ASP HA 208 117.73 -6.22 110.81
N LEU HA 209 119.02 -6.28 111.13
CA LEU HA 209 120.09 -6.48 110.16
C LEU HA 209 119.96 -7.82 109.41
N SER HA 210 119.78 -8.93 110.12
CA SER HA 210 119.62 -10.25 109.48
C SER HA 210 118.38 -10.31 108.57
N ARG HA 211 117.23 -9.79 109.01
CA ARG HA 211 116.02 -9.65 108.19
C ARG HA 211 116.25 -8.78 106.93
N CYS HA 212 116.96 -7.65 107.03
CA CYS HA 212 117.30 -6.83 105.89
C CYS HA 212 118.16 -7.59 104.85
N MET HA 213 119.22 -8.28 105.26
CA MET HA 213 119.99 -9.17 104.37
C MET HA 213 119.16 -10.28 103.72
N HIS HA 214 118.24 -10.90 104.46
CA HIS HA 214 117.35 -11.95 103.93
C HIS HA 214 116.57 -11.46 102.71
N GLU HA 215 115.97 -10.28 102.83
CA GLU HA 215 115.12 -9.66 101.82
C GLU HA 215 115.93 -8.98 100.71
N ALA HA 216 116.86 -8.09 101.04
CA ALA HA 216 117.58 -7.26 100.08
C ALA HA 216 118.75 -7.96 99.40
N LEU HA 217 119.36 -9.01 99.97
CA LEU HA 217 120.47 -9.75 99.38
C LEU HA 217 120.08 -11.15 98.91
N TYR HA 218 119.74 -12.05 99.82
CA TYR HA 218 119.64 -13.48 99.54
C TYR HA 218 118.40 -13.89 98.73
N THR HA 219 117.26 -13.22 98.88
CA THR HA 219 116.04 -13.56 98.14
C THR HA 219 116.20 -13.41 96.62
N GLY HA 220 116.91 -12.39 96.15
CA GLY HA 220 117.19 -12.19 94.72
C GLY HA 220 118.13 -13.24 94.14
N LEU HA 221 119.09 -13.75 94.92
CA LEU HA 221 119.97 -14.86 94.52
C LEU HA 221 119.18 -16.18 94.40
N ALA HA 222 118.26 -16.43 95.32
CA ALA HA 222 117.31 -17.54 95.23
C ALA HA 222 116.41 -17.44 94.00
N GLN HA 223 115.84 -16.27 93.70
CA GLN HA 223 115.09 -16.04 92.46
C GLN HA 223 115.92 -16.32 91.19
N ALA HA 224 117.20 -15.93 91.15
CA ALA HA 224 118.10 -16.23 90.02
C ALA HA 224 118.38 -17.74 89.80
N LEU HA 225 118.21 -18.60 90.81
CA LEU HA 225 118.35 -20.06 90.73
C LEU HA 225 117.00 -20.81 90.61
N ARG HA 226 115.86 -20.10 90.71
CA ARG HA 226 114.49 -20.64 90.88
C ARG HA 226 114.35 -21.58 92.09
N VAL HA 227 114.81 -21.11 93.24
CA VAL HA 227 114.70 -21.71 94.59
C VAL HA 227 113.78 -20.84 95.46
N ARG HA 228 112.86 -21.43 96.24
CA ARG HA 228 111.96 -20.73 97.20
C ARG HA 228 112.44 -20.70 98.64
N ARG HA 229 113.23 -21.70 99.05
CA ARG HA 229 113.75 -21.92 100.41
C ARG HA 229 115.00 -21.09 100.68
N VAL HA 230 114.83 -19.80 100.94
CA VAL HA 230 115.91 -18.80 101.07
C VAL HA 230 116.83 -19.13 102.27
N GLY HA 231 116.28 -19.48 103.43
CA GLY HA 231 117.04 -19.82 104.63
C GLY HA 231 117.98 -21.02 104.45
N LYS HA 232 117.53 -22.07 103.73
CA LYS HA 232 118.37 -23.20 103.32
C LYS HA 232 119.43 -22.84 102.28
N LEU HA 233 119.17 -21.90 101.36
CA LEU HA 233 120.23 -21.35 100.50
C LEU HA 233 121.31 -20.62 101.32
N VAL HA 234 120.95 -19.82 102.33
CA VAL HA 234 121.96 -19.17 103.19
C VAL HA 234 122.82 -20.18 103.95
N GLU HA 235 122.21 -21.23 104.52
CA GLU HA 235 122.96 -22.29 105.21
C GLU HA 235 123.96 -23.02 104.32
N LEU HA 236 123.61 -23.37 103.08
CA LEU HA 236 124.54 -24.05 102.18
C LEU HA 236 125.65 -23.14 101.64
N LEU HA 237 125.43 -21.82 101.50
CA LEU HA 237 126.48 -20.87 101.15
C LEU HA 237 127.50 -20.70 102.30
N GLU HA 238 127.05 -20.69 103.56
CA GLU HA 238 127.94 -20.61 104.72
C GLU HA 238 128.90 -21.81 104.81
N LYS HA 239 128.35 -23.04 104.74
CA LYS HA 239 129.15 -24.27 104.76
C LYS HA 239 130.09 -24.39 103.56
N GLN HA 240 129.70 -23.90 102.39
CA GLN HA 240 130.60 -23.82 101.23
C GLN HA 240 131.80 -22.90 101.49
N SER HA 241 131.62 -21.77 102.19
CA SER HA 241 132.71 -20.87 102.54
C SER HA 241 133.63 -21.46 103.62
N LEU HA 242 133.09 -22.05 104.69
CA LEU HA 242 133.88 -22.47 105.85
C LEU HA 242 134.47 -23.88 105.79
N GLN HA 243 133.93 -24.77 104.95
CA GLN HA 243 134.29 -26.20 104.90
C GLN HA 243 134.68 -26.66 103.48
N ASP HA 244 135.05 -25.72 102.60
CA ASP HA 244 135.64 -25.96 101.27
C ASP HA 244 134.81 -26.83 100.30
N GLN HA 245 133.48 -26.82 100.40
CA GLN HA 245 132.57 -27.74 99.71
C GLN HA 245 132.30 -27.40 98.22
N ALA HA 246 133.15 -26.62 97.54
CA ALA HA 246 132.89 -26.15 96.17
C ALA HA 246 132.68 -27.28 95.14
N LYS HA 247 133.40 -28.41 95.24
CA LYS HA 247 133.26 -29.58 94.35
C LYS HA 247 132.18 -30.59 94.78
N VAL HA 248 131.40 -30.31 95.82
CA VAL HA 248 130.29 -31.17 96.30
C VAL HA 248 128.95 -30.60 95.82
N ALA HA 249 128.07 -31.42 95.24
CA ALA HA 249 126.72 -31.00 94.85
C ALA HA 249 125.84 -30.69 96.08
N LYS HA 250 125.04 -29.63 96.03
CA LYS HA 250 124.33 -29.09 97.20
C LYS HA 250 122.97 -28.42 96.93
N VAL HA 251 122.75 -27.75 95.79
CA VAL HA 251 121.46 -27.09 95.53
C VAL HA 251 120.39 -28.01 94.95
N ALA HA 252 120.75 -29.12 94.30
CA ALA HA 252 119.80 -29.98 93.59
C ALA HA 252 118.53 -30.37 94.40
N PRO HA 253 118.59 -30.71 95.71
CA PRO HA 253 117.39 -30.99 96.51
C PRO HA 253 116.38 -29.84 96.62
N LEU HA 254 116.84 -28.58 96.55
CA LEU HA 254 115.98 -27.39 96.65
C LEU HA 254 115.27 -27.03 95.34
N LYS HA 255 115.65 -27.63 94.21
CA LYS HA 255 115.08 -27.33 92.87
C LYS HA 255 113.61 -27.72 92.73
N GLU HA 256 112.92 -27.04 91.83
CA GLU HA 256 111.50 -27.21 91.49
C GLU HA 256 111.27 -26.97 89.99
N PHE HA 257 110.31 -27.68 89.39
CA PHE HA 257 110.12 -27.71 87.94
C PHE HA 257 108.67 -27.44 87.52
N PRO HA 258 108.41 -26.73 86.42
CA PRO HA 258 107.07 -26.48 85.89
C PRO HA 258 106.56 -27.64 85.01
N ALA HA 259 105.25 -27.65 84.72
CA ALA HA 259 104.58 -28.67 83.92
C ALA HA 259 105.13 -28.81 82.49
N SER HA 260 105.63 -27.74 81.87
CA SER HA 260 106.31 -27.78 80.57
C SER HA 260 107.61 -28.59 80.59
N THR HA 261 108.31 -28.64 81.72
CA THR HA 261 109.50 -29.49 81.91
C THR HA 261 109.12 -30.92 82.31
N ILE HA 262 108.12 -31.12 83.16
CA ILE HA 262 107.68 -32.46 83.59
C ILE HA 262 107.00 -33.26 82.45
N SER HA 263 106.24 -32.61 81.59
CA SER HA 263 105.56 -33.22 80.42
C SER HA 263 106.47 -33.43 79.19
N HIS HA 264 107.73 -32.98 79.25
CA HIS HA 264 108.63 -32.96 78.10
C HIS HA 264 109.12 -34.37 77.71
N PRO HA 265 109.27 -34.70 76.40
CA PRO HA 265 109.78 -36.00 75.97
C PRO HA 265 111.21 -36.30 76.46
N ASP HA 266 112.05 -35.27 76.61
CA ASP HA 266 113.40 -35.33 77.19
C ASP HA 266 113.47 -34.88 78.67
N SER HA 267 112.35 -34.90 79.41
CA SER HA 267 112.26 -34.35 80.77
C SER HA 267 113.35 -34.83 81.74
N GLY HA 268 113.76 -36.10 81.68
CA GLY HA 268 114.80 -36.63 82.57
C GLY HA 268 116.18 -35.99 82.34
N ALA HA 269 116.57 -35.77 81.08
CA ALA HA 269 117.79 -35.06 80.71
C ALA HA 269 117.70 -33.55 81.00
N LEU HA 270 116.52 -32.94 80.78
CA LEU HA 270 116.28 -31.54 81.09
C LEU HA 270 116.39 -31.24 82.59
N MET HA 271 115.83 -32.08 83.46
CA MET HA 271 115.96 -31.92 84.91
C MET HA 271 117.42 -32.03 85.39
N ILE HA 272 118.24 -32.89 84.79
CA ILE HA 272 119.68 -33.00 85.07
C ILE HA 272 120.44 -31.77 84.57
N VAL HA 273 120.22 -31.28 83.35
CA VAL HA 273 120.92 -30.10 82.82
C VAL HA 273 120.59 -28.82 83.59
N ASP HA 274 119.31 -28.56 83.87
CA ASP HA 274 118.84 -27.41 84.67
C ASP HA 274 119.43 -27.41 86.09
N SER HA 275 119.48 -28.58 86.74
CA SER HA 275 120.10 -28.74 88.06
C SER HA 275 121.61 -28.54 88.05
N ALA HA 276 122.34 -29.13 87.10
CA ALA HA 276 123.78 -29.01 87.00
C ALA HA 276 124.24 -27.58 86.70
N ALA HA 277 123.52 -26.84 85.84
CA ALA HA 277 123.79 -25.43 85.59
C ALA HA 277 123.69 -24.56 86.87
N CYS HA 278 122.68 -24.79 87.71
CA CYS HA 278 122.53 -24.08 88.99
C CYS HA 278 123.64 -24.45 89.99
N GLU HA 279 123.99 -25.74 90.10
CA GLU HA 279 125.11 -26.19 90.95
C GLU HA 279 126.41 -25.48 90.58
N LEU HA 280 126.74 -25.39 89.29
CA LEU HA 280 127.95 -24.73 88.80
C LEU HA 280 127.94 -23.22 89.08
N ALA HA 281 126.80 -22.53 88.90
CA ALA HA 281 126.69 -21.12 89.26
C ALA HA 281 126.94 -20.87 90.75
N VAL HA 282 126.40 -21.71 91.64
CA VAL HA 282 126.67 -21.66 93.08
C VAL HA 282 128.11 -22.03 93.46
N SER HA 283 128.78 -22.93 92.74
CA SER HA 283 130.20 -23.20 92.96
C SER HA 283 131.09 -22.02 92.58
N TYR HA 284 130.89 -21.40 91.41
CA TYR HA 284 131.83 -20.43 90.85
C TYR HA 284 131.54 -18.95 91.13
N ALA HA 285 130.27 -18.50 91.21
CA ALA HA 285 129.99 -17.08 91.42
C ALA HA 285 130.52 -16.52 92.76
N PRO HA 286 130.31 -17.16 93.93
CA PRO HA 286 130.92 -16.71 95.18
C PRO HA 286 132.44 -16.64 95.16
N ALA HA 287 133.14 -17.61 94.54
CA ALA HA 287 134.59 -17.59 94.40
C ALA HA 287 135.10 -16.35 93.65
N MET HA 288 134.50 -16.02 92.50
CA MET HA 288 134.83 -14.82 91.74
C MET HA 288 134.48 -13.52 92.47
N LEU HA 289 133.38 -13.47 93.22
CA LEU HA 289 133.01 -12.29 94.02
C LEU HA 289 133.94 -12.07 95.21
N GLU HA 290 134.40 -13.12 95.88
CA GLU HA 290 135.35 -13.06 97.02
C GLU HA 290 136.79 -12.68 96.61
N ALA HA 291 137.18 -12.86 95.35
CA ALA HA 291 138.53 -12.60 94.85
C ALA HA 291 139.04 -11.17 95.13
N SER HA 292 140.34 -10.95 95.04
CA SER HA 292 140.92 -9.61 95.24
C SER HA 292 140.68 -8.73 94.01
N HIS HA 293 140.16 -7.52 94.18
CA HIS HA 293 139.76 -6.61 93.09
C HIS HA 293 140.59 -5.34 93.07
N GLU HA 294 140.81 -4.76 91.89
CA GLU HA 294 141.37 -3.40 91.76
C GLU HA 294 140.47 -2.34 92.42
N THR HA 295 141.06 -1.27 92.97
CA THR HA 295 140.33 -0.15 93.59
C THR HA 295 140.08 0.96 92.56
N PRO HA 296 138.85 1.18 92.08
CA PRO HA 296 138.56 2.25 91.11
C PRO HA 296 138.70 3.65 91.70
N ALA HA 297 139.01 4.66 90.88
CA ALA HA 297 139.04 6.06 91.30
C ALA HA 297 137.64 6.62 91.66
N SER HA 298 136.57 5.98 91.16
CA SER HA 298 135.18 6.34 91.47
C SER HA 298 134.76 6.02 92.90
N LEU HA 299 135.54 5.23 93.65
CA LEU HA 299 135.25 4.87 95.04
C LEU HA 299 135.57 6.00 96.05
N ASN HA 300 136.21 7.08 95.60
CA ASN HA 300 136.61 8.22 96.41
C ASN HA 300 135.63 9.40 96.28
N TYR HA 301 134.70 9.53 97.22
CA TYR HA 301 133.55 10.44 97.14
C TYR HA 301 133.93 11.93 97.17
N ASP HA 302 135.04 12.30 97.82
CA ASP HA 302 135.49 13.68 97.92
C ASP HA 302 136.21 14.19 96.65
N SER HA 303 136.71 13.29 95.78
CA SER HA 303 137.20 13.66 94.44
C SER HA 303 136.16 13.58 93.32
N TRP HA 304 134.88 13.27 93.59
CA TRP HA 304 133.85 13.25 92.55
C TRP HA 304 133.69 14.63 91.89
N PRO HA 305 133.90 14.78 90.57
CA PRO HA 305 133.72 16.07 89.89
C PRO HA 305 132.33 16.69 89.98
N LEU HA 306 131.26 15.91 90.14
CA LEU HA 306 129.89 16.45 90.11
C LEU HA 306 129.61 17.51 91.19
N PHE HA 307 130.34 17.53 92.30
CA PHE HA 307 130.24 18.53 93.37
C PHE HA 307 131.03 19.84 93.13
N ALA HA 308 131.84 19.95 92.07
CA ALA HA 308 132.86 21.00 91.95
C ALA HA 308 132.35 22.44 91.97
N ASP HA 309 131.14 22.71 91.47
CA ASP HA 309 130.50 24.04 91.50
C ASP HA 309 129.54 24.27 92.69
N CYS HA 310 129.38 23.30 93.61
CA CYS HA 310 128.43 23.38 94.73
C CYS HA 310 128.90 24.30 95.87
N GLU HA 311 128.00 25.13 96.39
CA GLU HA 311 128.20 25.85 97.65
C GLU HA 311 127.11 25.49 98.67
N GLY HA 312 127.50 24.84 99.76
CA GLY HA 312 126.63 24.46 100.88
C GLY HA 312 125.80 23.17 100.67
N PRO HA 313 125.12 22.69 101.74
CA PRO HA 313 124.44 21.39 101.73
C PRO HA 313 123.30 21.23 100.72
N GLU HA 314 122.50 22.28 100.46
CA GLU HA 314 121.37 22.21 99.53
C GLU HA 314 121.83 21.97 98.09
N ALA HA 315 122.90 22.65 97.66
CA ALA HA 315 123.50 22.45 96.35
C ALA HA 315 124.06 21.04 96.19
N ARG HA 316 124.66 20.45 97.23
CA ARG HA 316 125.18 19.08 97.20
C ARG HA 316 124.07 18.04 97.08
N VAL HA 317 122.96 18.18 97.82
CA VAL HA 317 121.80 17.28 97.69
C VAL HA 317 121.13 17.38 96.31
N ALA HA 318 120.95 18.60 95.78
CA ALA HA 318 120.40 18.80 94.44
C ALA HA 318 121.29 18.22 93.32
N ALA HA 319 122.62 18.25 93.48
CA ALA HA 319 123.57 17.61 92.57
C ALA HA 319 123.46 16.08 92.58
N LEU HA 320 123.24 15.46 93.74
CA LEU HA 320 123.00 14.02 93.85
C LEU HA 320 121.68 13.61 93.19
N HIS HA 321 120.61 14.39 93.31
CA HIS HA 321 119.36 14.09 92.60
C HIS HA 321 119.51 14.14 91.07
N ARG HA 322 120.26 15.10 90.50
CA ARG HA 322 120.61 15.11 89.05
C ARG HA 322 121.44 13.89 88.65
N TYR HA 323 122.42 13.51 89.47
CA TYR HA 323 123.18 12.27 89.28
C TYR HA 323 122.27 11.04 89.21
N ASN HA 324 121.33 10.87 90.15
CA ASN HA 324 120.40 9.75 90.15
C ASN HA 324 119.48 9.71 88.92
N ALA HA 325 118.97 10.85 88.45
CA ALA HA 325 118.17 10.91 87.23
C ALA HA 325 118.94 10.39 85.99
N SER HA 326 120.24 10.64 85.88
CA SER HA 326 121.08 10.10 84.79
C SER HA 326 121.24 8.56 84.81
N LEU HA 327 121.02 7.89 85.93
CA LEU HA 327 121.02 6.42 86.04
C LEU HA 327 119.64 5.77 85.86
N ALA HA 328 118.53 6.51 86.04
CA ALA HA 328 117.17 5.96 86.02
C ALA HA 328 116.82 5.11 84.78
N PRO HA 329 117.20 5.44 83.53
CA PRO HA 329 116.84 4.64 82.36
C PRO HA 329 117.38 3.20 82.41
N HIS HA 330 118.53 2.96 83.04
CA HIS HA 330 119.06 1.61 83.29
C HIS HA 330 118.12 0.82 84.21
N VAL HA 331 117.66 1.43 85.30
CA VAL HA 331 116.77 0.79 86.27
C VAL HA 331 115.38 0.57 85.70
N SER HA 332 114.77 1.57 85.04
CA SER HA 332 113.43 1.42 84.46
C SER HA 332 113.39 0.44 83.29
N THR HA 333 114.48 0.30 82.52
CA THR HA 333 114.58 -0.72 81.47
C THR HA 333 114.49 -2.14 82.04
N GLN HA 334 115.16 -2.42 83.16
CA GLN HA 334 115.05 -3.70 83.86
C GLN HA 334 113.66 -3.97 84.46
N ILE HA 335 112.80 -2.97 84.62
CA ILE HA 335 111.38 -3.16 84.99
C ILE HA 335 110.48 -3.31 83.75
N PHE HA 336 110.61 -2.44 82.75
CA PHE HA 336 109.71 -2.38 81.60
C PHE HA 336 109.97 -3.45 80.53
N ALA HA 337 111.18 -3.99 80.39
CA ALA HA 337 111.51 -4.96 79.34
C ALA HA 337 110.99 -6.36 79.63
N THR HA 338 110.26 -6.97 78.69
CA THR HA 338 109.72 -8.34 78.82
C THR HA 338 110.84 -9.38 79.02
N ASN HA 339 112.03 -9.14 78.46
CA ASN HA 339 113.21 -9.99 78.55
C ASN HA 339 114.28 -9.48 79.54
N SER HA 340 113.86 -8.75 80.58
CA SER HA 340 114.71 -8.39 81.73
C SER HA 340 115.26 -9.62 82.48
N VAL HA 341 116.48 -9.52 83.01
CA VAL HA 341 117.09 -10.55 83.87
C VAL HA 341 116.24 -10.88 85.12
N LEU HA 342 115.43 -9.92 85.59
CA LEU HA 342 114.50 -10.10 86.71
C LEU HA 342 113.32 -11.05 86.42
N TYR HA 343 113.05 -11.38 85.15
CA TYR HA 343 111.93 -12.23 84.72
C TYR HA 343 112.36 -13.58 84.10
N VAL HA 344 113.61 -13.98 84.25
CA VAL HA 344 114.11 -15.30 83.83
C VAL HA 344 113.36 -16.42 84.57
N SER HA 345 112.79 -17.36 83.81
CA SER HA 345 111.85 -18.37 84.28
C SER HA 345 112.43 -19.79 84.39
N GLY HA 346 113.60 -20.09 83.80
CA GLY HA 346 114.21 -21.41 83.81
C GLY HA 346 114.92 -21.81 82.52
N VAL HA 347 115.11 -23.12 82.34
CA VAL HA 347 115.78 -23.73 81.18
C VAL HA 347 114.78 -24.58 80.39
N SER HA 348 114.83 -24.55 79.06
CA SER HA 348 114.00 -25.38 78.18
C SER HA 348 114.80 -25.94 77.00
N LYS HA 349 114.23 -26.90 76.28
CA LYS HA 349 114.86 -27.58 75.14
C LYS HA 349 114.02 -27.46 73.87
N SER HA 350 114.71 -27.24 72.75
CA SER HA 350 114.14 -27.04 71.41
C SER HA 350 113.13 -28.12 70.98
N GLU HA 356 116.81 -24.97 66.63
CA GLU HA 356 118.14 -24.74 67.19
C GLU HA 356 119.14 -25.85 66.81
N SER HA 357 120.40 -25.47 66.56
CA SER HA 357 121.53 -26.40 66.41
C SER HA 357 121.86 -27.12 67.72
N LEU HA 358 122.65 -28.20 67.65
CA LEU HA 358 122.91 -29.10 68.78
C LEU HA 358 123.35 -28.37 70.07
N PHE HA 359 124.37 -27.53 70.00
CA PHE HA 359 124.88 -26.83 71.17
C PHE HA 359 123.99 -25.69 71.67
N ASN HA 360 123.11 -25.14 70.82
CA ASN HA 360 122.09 -24.17 71.19
C ASN HA 360 120.76 -24.81 71.68
N SER HA 361 120.61 -26.13 71.62
CA SER HA 361 119.33 -26.81 71.83
C SER HA 361 118.72 -26.66 73.24
N PHE HA 362 119.54 -26.54 74.28
CA PHE HA 362 119.10 -26.09 75.61
C PHE HA 362 119.34 -24.58 75.76
N TYR HA 363 118.39 -23.84 76.32
CA TYR HA 363 118.45 -22.39 76.44
C TYR HA 363 117.65 -21.81 77.62
N MET HA 364 117.98 -20.58 78.03
CA MET HA 364 117.28 -19.82 79.09
C MET HA 364 115.94 -19.25 78.59
N THR HA 365 114.89 -19.33 79.41
CA THR HA 365 113.53 -18.82 79.14
C THR HA 365 113.13 -17.67 80.06
N HIS HA 366 112.16 -16.86 79.67
CA HIS HA 366 111.57 -15.78 80.48
C HIS HA 366 110.04 -15.83 80.49
N GLY HA 367 109.41 -15.34 81.55
CA GLY HA 367 107.96 -15.12 81.59
C GLY HA 367 107.37 -15.11 82.99
N LEU HA 368 106.66 -14.03 83.34
CA LEU HA 368 105.95 -13.90 84.62
C LEU HA 368 104.79 -14.88 84.77
N GLY HA 369 104.12 -15.26 83.68
CA GLY HA 369 103.07 -16.28 83.72
C GLY HA 369 103.61 -17.63 84.19
N THR HA 370 104.78 -18.04 83.68
CA THR HA 370 105.47 -19.25 84.14
C THR HA 370 105.83 -19.18 85.61
N LEU HA 371 106.30 -18.02 86.09
CA LEU HA 371 106.67 -17.83 87.49
C LEU HA 371 105.48 -17.88 88.46
N GLN HA 372 104.24 -17.69 88.01
CA GLN HA 372 103.03 -17.87 88.84
C GLN HA 372 102.58 -19.34 88.99
N GLU HA 373 102.99 -20.26 88.12
CA GLU HA 373 102.46 -21.64 88.08
C GLU HA 373 102.88 -22.51 89.26
N GLY HA 374 102.13 -23.58 89.53
CA GLY HA 374 102.55 -24.67 90.42
C GLY HA 374 103.73 -25.47 89.86
N THR HA 375 104.42 -26.20 90.73
CA THR HA 375 105.67 -26.90 90.46
C THR HA 375 105.71 -28.32 91.04
N TRP HA 376 106.71 -29.10 90.63
CA TRP HA 376 107.03 -30.46 91.11
C TRP HA 376 108.49 -30.55 91.56
N ASP HA 377 108.77 -31.41 92.53
CA ASP HA 377 110.11 -31.62 93.10
C ASP HA 377 111.00 -32.54 92.23
N PRO HA 378 112.30 -32.73 92.55
CA PRO HA 378 113.21 -33.61 91.82
C PRO HA 378 112.78 -35.09 91.73
N CYS HA 379 111.82 -35.55 92.55
CA CYS HA 379 111.24 -36.89 92.51
C CYS HA 379 109.83 -36.91 91.88
N ARG HA 380 109.50 -35.86 91.10
CA ARG HA 380 108.22 -35.69 90.37
C ARG HA 380 106.98 -35.64 91.25
N ARG HA 381 107.10 -35.30 92.53
CA ARG HA 381 105.96 -35.09 93.44
C ARG HA 381 105.50 -33.62 93.41
N PRO HA 382 104.22 -33.31 93.62
CA PRO HA 382 103.74 -31.93 93.73
C PRO HA 382 104.49 -31.12 94.79
N CYS HA 383 104.75 -29.83 94.54
CA CYS HA 383 105.56 -28.97 95.41
C CYS HA 383 104.83 -27.65 95.74
N PHE HA 384 105.11 -26.53 95.05
CA PHE HA 384 104.28 -25.32 95.15
C PHE HA 384 102.99 -25.50 94.32
N SER HA 385 101.85 -25.00 94.81
CA SER HA 385 100.54 -25.14 94.16
C SER HA 385 100.16 -24.02 93.17
N GLY HA 386 100.98 -22.98 93.03
CA GLY HA 386 100.72 -21.86 92.12
C GLY HA 386 99.90 -20.73 92.73
N TRP HA 387 99.75 -19.65 91.96
CA TRP HA 387 98.92 -18.49 92.29
C TRP HA 387 98.06 -18.07 91.09
N GLY HA 388 96.77 -17.79 91.32
CA GLY HA 388 95.82 -17.44 90.27
C GLY HA 388 95.87 -15.98 89.79
N GLY HA 389 96.74 -15.15 90.37
CA GLY HA 389 96.79 -13.71 90.14
C GLY HA 389 95.83 -12.91 91.06
N PRO HA 390 95.83 -11.58 90.93
CA PRO HA 390 95.01 -10.67 91.74
C PRO HA 390 93.51 -10.98 91.71
N GLY HA 394 93.11 -4.76 90.11
CA GLY HA 394 93.76 -3.46 90.07
C GLY HA 394 93.53 -2.70 88.75
N THR HA 395 94.03 -1.47 88.67
CA THR HA 395 93.69 -0.52 87.59
C THR HA 395 94.15 -0.92 86.18
N ASN HA 396 95.12 -1.83 86.02
CA ASN HA 396 95.56 -2.33 84.71
C ASN HA 396 94.71 -3.51 84.18
N GLY HA 397 93.79 -4.05 84.98
CA GLY HA 397 92.80 -5.07 84.55
C GLY HA 397 93.29 -6.52 84.44
N PRO HA 398 92.38 -7.46 84.12
CA PRO HA 398 92.63 -8.91 84.13
C PRO HA 398 93.70 -9.40 83.15
N GLY HA 399 94.54 -10.34 83.59
CA GLY HA 399 95.61 -10.95 82.78
C GLY HA 399 96.81 -10.04 82.49
N ASN HA 400 96.80 -8.81 82.98
CA ASN HA 400 97.84 -7.81 82.76
C ASN HA 400 98.76 -7.68 83.99
N TYR HA 401 99.93 -7.06 83.80
CA TYR HA 401 100.90 -6.77 84.86
C TYR HA 401 100.24 -5.93 85.97
N ALA HA 402 100.46 -6.32 87.23
CA ALA HA 402 99.88 -5.72 88.42
C ALA HA 402 100.98 -5.31 89.42
N VAL HA 403 100.63 -4.55 90.45
CA VAL HA 403 101.61 -4.11 91.45
C VAL HA 403 102.36 -5.29 92.11
N GLU HA 404 101.72 -6.46 92.28
CA GLU HA 404 102.39 -7.66 92.78
C GLU HA 404 103.57 -8.12 91.91
N HIS HA 405 103.53 -7.93 90.58
CA HIS HA 405 104.66 -8.24 89.70
C HIS HA 405 105.85 -7.29 89.91
N LEU HA 406 105.60 -6.02 90.20
CA LEU HA 406 106.65 -5.08 90.63
C LEU HA 406 107.23 -5.51 91.99
N VAL HA 407 106.40 -5.95 92.94
CA VAL HA 407 106.89 -6.47 94.23
C VAL HA 407 107.76 -7.71 94.03
N TYR HA 408 107.37 -8.66 93.16
CA TYR HA 408 108.19 -9.79 92.75
C TYR HA 408 109.54 -9.40 92.10
N ALA HA 409 109.57 -8.39 91.21
CA ALA HA 409 110.81 -7.85 90.65
C ALA HA 409 111.76 -7.29 91.71
N ALA HA 410 111.24 -6.66 92.76
CA ALA HA 410 111.98 -6.13 93.89
C ALA HA 410 112.29 -7.16 95.00
N SER HA 411 112.18 -8.47 94.74
CA SER HA 411 112.48 -9.57 95.70
C SER HA 411 111.70 -9.51 97.02
N PHE HA 412 110.48 -8.99 97.02
CA PHE HA 412 109.64 -8.83 98.22
C PHE HA 412 110.34 -8.03 99.34
N SER HA 413 111.24 -7.12 98.97
CA SER HA 413 112.03 -6.32 99.90
C SER HA 413 111.50 -4.89 99.90
N PRO HA 414 111.01 -4.36 101.04
CA PRO HA 414 110.57 -2.97 101.10
C PRO HA 414 111.70 -1.97 100.87
N ASN HA 415 112.95 -2.29 101.25
CA ASN HA 415 114.12 -1.46 100.95
C ASN HA 415 114.39 -1.35 99.43
N LEU HA 416 114.45 -2.46 98.70
CA LEU HA 416 114.63 -2.44 97.25
C LEU HA 416 113.43 -1.79 96.54
N LEU HA 417 112.19 -2.13 96.93
CA LEU HA 417 110.97 -1.59 96.32
C LEU HA 417 110.87 -0.06 96.43
N ALA HA 418 111.24 0.51 97.58
CA ALA HA 418 111.33 1.96 97.78
C ALA HA 418 112.30 2.63 96.79
N ARG HA 419 113.51 2.11 96.59
CA ARG HA 419 114.46 2.68 95.61
C ARG HA 419 114.03 2.47 94.15
N TYR HA 420 113.39 1.36 93.78
CA TYR HA 420 112.76 1.20 92.47
C TYR HA 420 111.68 2.26 92.22
N ALA HA 421 110.79 2.52 93.18
CA ALA HA 421 109.75 3.53 93.06
C ALA HA 421 110.32 4.94 92.91
N TYR HA 422 111.38 5.27 93.65
CA TYR HA 422 112.13 6.50 93.46
C TYR HA 422 112.67 6.69 92.04
N TYR HA 423 113.26 5.67 91.40
CA TYR HA 423 113.69 5.77 90.00
C TYR HA 423 112.50 5.87 89.02
N LEU HA 424 111.41 5.13 89.23
CA LEU HA 424 110.21 5.23 88.39
C LEU HA 424 109.55 6.62 88.42
N GLN HA 425 109.66 7.38 89.50
CA GLN HA 425 109.21 8.78 89.57
C GLN HA 425 109.90 9.75 88.58
N PHE HA 426 111.05 9.43 88.00
CA PHE HA 426 111.66 10.20 86.91
C PHE HA 426 111.08 9.90 85.51
N CYS HA 427 110.31 8.82 85.34
CA CYS HA 427 109.82 8.37 84.05
C CYS HA 427 108.58 9.15 83.58
N GLN HA 428 108.52 9.44 82.27
CA GLN HA 428 107.33 9.99 81.60
C GLN HA 428 106.22 8.95 81.48
N GLY HA 429 104.96 9.40 81.61
CA GLY HA 429 103.79 8.60 81.27
C GLY HA 429 103.54 8.56 79.77
N GLN HA 430 103.05 7.42 79.27
CA GLN HA 430 102.66 7.24 77.88
C GLN HA 430 101.28 6.59 77.82
N LYS HA 431 100.22 7.40 77.73
CA LYS HA 431 98.83 6.92 77.61
C LYS HA 431 98.63 6.14 76.30
N SER HA 432 98.03 4.95 76.37
CA SER HA 432 97.71 4.09 75.22
C SER HA 432 96.67 4.72 74.27
N VAL HA 437 91.43 8.33 79.76
CA VAL HA 437 91.92 8.21 81.13
C VAL HA 437 91.57 9.48 81.92
N PRO HA 438 91.17 9.39 83.22
CA PRO HA 438 90.99 10.54 84.09
C PRO HA 438 92.20 11.49 84.11
N GLU HA 439 91.96 12.79 84.24
CA GLU HA 439 93.04 13.77 84.45
C GLU HA 439 93.76 13.52 85.79
N THR HA 440 95.04 13.86 85.89
CA THR HA 440 95.85 13.49 87.07
C THR HA 440 95.23 14.00 88.37
N GLY HA 441 94.79 15.25 88.42
CA GLY HA 441 94.20 15.86 89.60
C GLY HA 441 92.84 15.30 90.00
N SER HA 442 92.01 14.87 89.05
CA SER HA 442 90.77 14.16 89.37
C SER HA 442 90.98 12.69 89.75
N TYR HA 443 92.10 12.06 89.39
CA TYR HA 443 92.51 10.78 89.97
C TYR HA 443 93.02 10.96 91.41
N VAL HA 444 93.94 11.90 91.66
CA VAL HA 444 94.51 12.17 92.99
C VAL HA 444 93.46 12.62 94.02
N ALA HA 445 92.54 13.51 93.66
CA ALA HA 445 91.43 13.88 94.55
C ALA HA 445 90.29 12.84 94.58
N GLY HA 446 90.14 12.04 93.52
CA GLY HA 446 89.14 10.99 93.39
C GLY HA 446 89.61 9.64 93.93
N ALA HA 447 89.70 8.62 93.08
CA ALA HA 447 89.93 7.23 93.49
C ALA HA 447 91.20 6.98 94.34
N ALA HA 448 92.26 7.79 94.21
CA ALA HA 448 93.45 7.63 95.06
C ALA HA 448 93.20 7.93 96.56
N ALA HA 449 92.19 8.75 96.88
CA ALA HA 449 91.83 9.16 98.24
C ALA HA 449 90.79 8.24 98.91
N SER HA 450 90.41 7.13 98.27
CA SER HA 450 89.45 6.16 98.79
C SER HA 450 89.97 5.42 100.04
N PRO HA 451 89.16 5.23 101.09
CA PRO HA 451 89.58 4.50 102.30
C PRO HA 451 89.88 3.01 102.05
N MET HA 452 89.58 2.49 100.86
CA MET HA 452 89.86 1.11 100.45
C MET HA 452 91.33 0.83 100.09
N CYS HA 453 92.20 1.85 99.89
CA CYS HA 453 93.63 1.64 99.60
C CYS HA 453 94.31 0.90 100.77
N SER HA 454 94.89 -0.28 100.50
CA SER HA 454 95.62 -1.08 101.50
C SER HA 454 97.03 -0.56 101.80
N LEU HA 455 97.43 0.60 101.26
CA LEU HA 455 98.75 1.20 101.46
C LEU HA 455 98.67 2.51 102.26
N CYS HA 456 97.89 3.50 101.80
CA CYS HA 456 97.78 4.82 102.41
C CYS HA 456 96.46 5.08 103.16
N GLU HA 457 95.48 4.18 103.08
CA GLU HA 457 94.10 4.40 103.54
C GLU HA 457 93.43 5.64 102.90
N GLY HA 458 93.94 6.11 101.75
CA GLY HA 458 93.55 7.37 101.14
C GLY HA 458 94.20 8.62 101.76
N ARG HA 459 95.04 8.47 102.80
CA ARG HA 459 95.62 9.58 103.57
C ARG HA 459 96.98 10.10 103.04
N ALA HA 460 97.50 9.58 101.94
CA ALA HA 460 98.70 10.08 101.25
C ALA HA 460 98.61 9.95 99.70
N PRO HA 461 97.56 10.46 99.05
CA PRO HA 461 97.16 10.02 97.71
C PRO HA 461 98.13 10.41 96.58
N ALA HA 462 98.92 11.49 96.74
CA ALA HA 462 99.81 11.97 95.68
C ALA HA 462 101.12 11.17 95.56
N VAL HA 463 101.66 10.64 96.67
CA VAL HA 463 102.88 9.81 96.68
C VAL HA 463 102.66 8.30 96.72
N CYS HA 464 101.44 7.83 96.99
CA CYS HA 464 101.12 6.39 97.07
C CYS HA 464 101.64 5.58 95.87
N LEU HA 465 102.16 4.39 96.13
CA LEU HA 465 102.66 3.46 95.11
C LEU HA 465 101.58 3.13 94.07
N ASN HA 466 100.32 3.00 94.47
CA ASN HA 466 99.21 2.77 93.52
C ASN HA 466 98.99 3.96 92.57
N THR HA 467 99.28 5.19 92.99
CA THR HA 467 99.22 6.39 92.13
C THR HA 467 100.36 6.39 91.11
N LEU HA 468 101.59 6.07 91.53
CA LEU HA 468 102.72 5.92 90.61
C LEU HA 468 102.47 4.80 89.60
N PHE HA 469 101.96 3.66 90.05
CA PHE HA 469 101.60 2.54 89.20
C PHE HA 469 100.51 2.92 88.18
N PHE HA 470 99.47 3.64 88.60
CA PHE HA 470 98.42 4.12 87.69
C PHE HA 470 98.97 5.04 86.58
N ARG HA 471 99.90 5.93 86.90
CA ARG HA 471 100.56 6.84 85.97
C ARG HA 471 101.40 6.14 84.89
N LEU HA 472 102.11 5.07 85.24
CA LEU HA 472 103.05 4.33 84.37
C LEU HA 472 102.47 3.04 83.73
N ARG HA 473 101.18 2.79 83.95
CA ARG HA 473 100.42 1.56 83.66
C ARG HA 473 100.64 0.94 82.26
N ASP HA 474 100.56 1.74 81.21
CA ASP HA 474 100.73 1.28 79.82
C ASP HA 474 102.18 0.98 79.41
N ARG HA 475 103.17 1.21 80.28
CA ARG HA 475 104.59 0.88 80.02
C ARG HA 475 105.06 -0.45 80.59
N PHE HA 476 104.34 -1.06 81.52
CA PHE HA 476 104.68 -2.38 82.06
C PHE HA 476 104.54 -3.49 81.01
N PRO HA 477 105.36 -4.55 81.05
CA PRO HA 477 105.34 -5.61 80.04
C PRO HA 477 104.08 -6.50 80.11
N PRO HA 478 103.80 -7.33 79.09
CA PRO HA 478 102.78 -8.39 79.18
C PRO HA 478 103.22 -9.57 80.07
N VAL HA 479 102.28 -10.39 80.53
CA VAL HA 479 102.52 -11.56 81.39
C VAL HA 479 102.53 -12.84 80.56
N MET HA 480 103.70 -13.49 80.43
CA MET HA 480 103.97 -14.51 79.40
C MET HA 480 104.16 -15.93 79.97
N SER HA 481 103.62 -16.93 79.28
CA SER HA 481 103.69 -18.37 79.65
C SER HA 481 104.39 -19.25 78.61
N THR HA 482 105.08 -18.68 77.61
CA THR HA 482 105.74 -19.39 76.50
C THR HA 482 107.21 -19.72 76.75
N GLN HA 483 107.84 -20.54 75.90
CA GLN HA 483 109.17 -21.11 76.11
C GLN HA 483 110.16 -20.84 74.95
N ARG HA 484 110.02 -19.72 74.23
CA ARG HA 484 110.90 -19.30 73.11
C ARG HA 484 112.33 -18.90 73.54
N ARG HA 485 113.33 -19.12 72.67
CA ARG HA 485 114.74 -18.74 72.85
C ARG HA 485 115.00 -17.26 72.48
N ASP HA 486 114.89 -16.36 73.46
CA ASP HA 486 115.16 -14.93 73.33
C ASP HA 486 116.45 -14.49 74.06
N PRO HA 487 117.07 -13.36 73.67
CA PRO HA 487 118.11 -12.69 74.47
C PRO HA 487 117.58 -12.19 75.82
N TYR HA 488 118.44 -11.99 76.81
CA TYR HA 488 118.09 -11.37 78.10
C TYR HA 488 118.88 -10.07 78.33
N VAL HA 489 118.34 -9.13 79.10
CA VAL HA 489 118.90 -7.78 79.28
C VAL HA 489 119.76 -7.68 80.55
N ILE HA 490 120.99 -7.20 80.43
CA ILE HA 490 121.96 -7.04 81.53
C ILE HA 490 122.35 -5.58 81.74
N SER HA 491 122.74 -5.20 82.96
CA SER HA 491 123.18 -3.83 83.33
C SER HA 491 124.47 -3.87 84.13
N GLY HA 492 125.36 -2.90 83.93
CA GLY HA 492 126.57 -2.74 84.74
C GLY HA 492 127.62 -1.82 84.12
N ALA HA 493 128.77 -1.73 84.78
CA ALA HA 493 129.94 -0.99 84.31
C ALA HA 493 130.60 -1.62 83.08
N SER HA 494 131.07 -0.78 82.16
CA SER HA 494 131.91 -1.21 81.03
C SER HA 494 133.39 -1.30 81.40
N GLY HA 495 134.13 -2.16 80.68
CA GLY HA 495 135.57 -2.34 80.82
C GLY HA 495 136.39 -1.27 80.09
N SER HA 496 137.71 -1.41 80.13
CA SER HA 496 138.66 -0.41 79.62
C SER HA 496 138.75 -0.32 78.10
N TYR HA 497 138.61 -1.42 77.35
CA TYR HA 497 138.93 -1.49 75.92
C TYR HA 497 137.73 -1.90 75.07
N ASN HA 498 136.98 -0.91 74.62
CA ASN HA 498 135.81 -1.08 73.75
C ASN HA 498 136.16 -0.70 72.31
N GLU HA 499 135.68 -1.44 71.32
CA GLU HA 499 135.95 -1.23 69.90
C GLU HA 499 134.63 -0.99 69.17
N THR HA 500 134.20 0.27 69.09
CA THR HA 500 132.85 0.70 68.67
C THR HA 500 132.84 1.85 67.65
N ASP HA 501 133.97 2.18 67.01
CA ASP HA 501 133.98 2.92 65.74
C ASP HA 501 133.35 2.09 64.60
N PHE HA 502 133.05 2.69 63.44
CA PHE HA 502 132.25 2.07 62.37
C PHE HA 502 132.71 0.68 61.90
N LEU HA 503 134.02 0.37 61.88
CA LEU HA 503 134.55 -0.96 61.54
C LEU HA 503 135.05 -1.76 62.76
N GLY HA 504 134.65 -1.40 63.98
CA GLY HA 504 134.89 -2.20 65.18
C GLY HA 504 136.36 -2.55 65.42
N ASN HA 505 136.66 -3.84 65.59
CA ASN HA 505 138.00 -4.36 65.85
C ASN HA 505 138.89 -4.57 64.59
N PHE HA 506 138.50 -4.08 63.40
CA PHE HA 506 139.34 -4.10 62.19
C PHE HA 506 140.72 -3.47 62.47
N LEU HA 507 141.82 -4.18 62.14
CA LEU HA 507 143.21 -3.71 62.34
C LEU HA 507 143.47 -3.06 63.72
N ASN HA 508 142.96 -3.66 64.80
CA ASN HA 508 143.18 -3.13 66.15
C ASN HA 508 144.65 -3.24 66.59
N PHE HA 509 145.34 -4.30 66.16
CA PHE HA 509 146.76 -4.58 66.39
C PHE HA 509 147.44 -5.08 65.10
N ILE HA 510 148.77 -5.03 65.06
CA ILE HA 510 149.63 -5.45 63.94
C ILE HA 510 150.65 -6.49 64.42
N TYR HA 525 149.44 0.89 59.59
CA TYR HA 525 149.21 1.26 60.99
C TYR HA 525 147.82 0.83 61.49
N THR HA 526 147.63 0.74 62.81
CA THR HA 526 146.35 0.31 63.40
C THR HA 526 145.21 1.28 63.09
N TYR HA 527 143.98 0.79 63.08
CA TYR HA 527 142.77 1.61 62.89
C TYR HA 527 142.63 2.66 64.00
N TRP HA 528 143.04 2.34 65.22
CA TRP HA 528 143.15 3.32 66.31
C TRP HA 528 144.09 4.48 65.97
N GLN HA 529 145.30 4.18 65.45
CA GLN HA 529 146.24 5.21 65.03
C GLN HA 529 145.71 6.04 63.85
N LEU HA 530 145.04 5.42 62.86
CA LEU HA 530 144.38 6.13 61.78
C LEU HA 530 143.35 7.15 62.26
N ASN HA 531 142.55 6.79 63.27
CA ASN HA 531 141.59 7.73 63.84
C ASN HA 531 142.28 8.85 64.62
N GLN HA 532 143.36 8.57 65.36
CA GLN HA 532 144.18 9.62 65.99
C GLN HA 532 144.82 10.59 64.97
N ASN HA 533 145.30 10.10 63.83
CA ASN HA 533 145.83 10.95 62.75
C ASN HA 533 144.75 11.89 62.19
N LEU HA 534 143.53 11.40 61.98
CA LEU HA 534 142.43 12.23 61.49
C LEU HA 534 142.07 13.35 62.47
N LEU HA 535 141.97 13.07 63.77
CA LEU HA 535 141.72 14.11 64.79
C LEU HA 535 142.83 15.18 64.83
N GLU HA 536 144.09 14.80 64.61
CA GLU HA 536 145.20 15.77 64.46
C GLU HA 536 145.02 16.69 63.24
N ARG HA 537 144.67 16.15 62.07
CA ARG HA 537 144.36 16.99 60.89
C ARG HA 537 143.18 17.93 61.15
N LEU HA 538 142.12 17.45 61.79
CA LEU HA 538 140.94 18.26 62.13
C LEU HA 538 141.28 19.37 63.16
N SER HA 539 142.24 19.15 64.06
CA SER HA 539 142.75 20.18 64.97
C SER HA 539 143.42 21.33 64.21
N ARG HA 540 144.24 21.05 63.17
CA ARG HA 540 144.81 22.09 62.28
C ARG HA 540 143.77 22.88 61.48
N LEU HA 541 142.57 22.33 61.27
CA LEU HA 541 141.42 23.04 60.68
C LEU HA 541 140.57 23.83 61.70
N GLY HA 542 140.91 23.79 63.00
CA GLY HA 542 140.17 24.48 64.06
C GLY HA 542 138.96 23.73 64.62
N ILE HA 543 138.90 22.40 64.47
CA ILE HA 543 137.80 21.53 64.92
C ILE HA 543 138.28 20.62 66.06
N ASP HA 544 137.58 20.59 67.21
CA ASP HA 544 137.93 19.70 68.34
C ASP HA 544 137.32 18.27 68.25
N ALA HA 545 137.65 17.40 69.21
CA ALA HA 545 137.20 16.01 69.25
C ALA HA 545 135.68 15.79 69.38
N GLU HA 546 134.91 16.82 69.78
CA GLU HA 546 133.44 16.81 69.83
C GLU HA 546 132.82 17.61 68.66
N GLY HA 547 133.64 18.07 67.72
CA GLY HA 547 133.22 18.79 66.52
C GLY HA 547 132.93 20.28 66.72
N LYS HA 548 133.34 20.90 67.84
CA LYS HA 548 133.18 22.36 68.06
C LYS HA 548 134.24 23.14 67.27
N LEU HA 549 133.83 24.24 66.64
CA LEU HA 549 134.73 25.14 65.90
C LEU HA 549 135.34 26.22 66.80
N GLU HA 550 136.61 26.54 66.58
CA GLU HA 550 137.21 27.78 67.10
C GLU HA 550 136.76 29.05 66.36
N LYS HA 551 136.23 28.91 65.14
CA LYS HA 551 135.66 30.02 64.34
C LYS HA 551 134.50 29.56 63.47
N GLU HA 552 133.30 30.08 63.74
CA GLU HA 552 132.08 29.74 63.01
C GLU HA 552 132.04 30.39 61.61
N PRO HA 553 131.49 29.72 60.57
CA PRO HA 553 131.50 30.24 59.20
C PRO HA 553 130.69 31.53 59.05
N HIS HA 554 131.30 32.53 58.40
CA HIS HA 554 130.76 33.88 58.22
C HIS HA 554 129.64 34.01 57.18
N GLY HA 555 129.54 33.11 56.20
CA GLY HA 555 128.69 33.26 55.01
C GLY HA 555 128.93 32.14 53.98
N PRO HA 556 128.31 32.21 52.79
CA PRO HA 556 128.39 31.17 51.76
C PRO HA 556 129.81 30.71 51.41
N ARG HA 557 130.75 31.62 51.14
CA ARG HA 557 132.15 31.26 50.81
C ARG HA 557 132.80 30.49 51.94
N ASP HA 558 132.63 30.97 53.17
CA ASP HA 558 133.24 30.39 54.36
C ASP HA 558 132.64 29.01 54.69
N PHE HA 559 131.34 28.80 54.43
CA PHE HA 559 130.66 27.52 54.60
C PHE HA 559 131.17 26.47 53.59
N VAL HA 560 131.33 26.84 52.32
CA VAL HA 560 131.94 25.96 51.31
C VAL HA 560 133.40 25.66 51.65
N LYS HA 561 134.19 26.69 51.96
CA LYS HA 561 135.61 26.57 52.33
C LYS HA 561 135.82 25.61 53.50
N MET HA 562 135.03 25.75 54.57
CA MET HA 562 135.04 24.86 55.72
C MET HA 562 134.94 23.37 55.33
N PHE HA 563 133.98 22.99 54.49
CA PHE HA 563 133.83 21.59 54.06
C PHE HA 563 134.94 21.13 53.10
N LYS HA 564 135.33 21.94 52.10
CA LYS HA 564 136.33 21.51 51.11
C LYS HA 564 137.68 21.21 51.78
N ASP HA 565 138.05 21.95 52.81
CA ASP HA 565 139.23 21.64 53.63
C ASP HA 565 139.12 20.31 54.39
N VAL HA 566 137.97 19.98 54.98
CA VAL HA 566 137.77 18.67 55.64
C VAL HA 566 137.82 17.53 54.63
N ASP HA 567 137.15 17.65 53.49
CA ASP HA 567 137.19 16.64 52.43
C ASP HA 567 138.63 16.38 51.95
N ALA HA 568 139.40 17.42 51.67
CA ALA HA 568 140.80 17.30 51.28
C ALA HA 568 141.66 16.67 52.40
N ALA HA 569 141.44 17.02 53.67
CA ALA HA 569 142.14 16.44 54.80
C ALA HA 569 141.84 14.93 55.00
N VAL HA 570 140.60 14.49 54.81
CA VAL HA 570 140.24 13.05 54.85
C VAL HA 570 140.86 12.31 53.66
N ASP HA 571 140.76 12.87 52.46
CA ASP HA 571 141.26 12.24 51.23
C ASP HA 571 142.80 12.10 51.24
N ALA HA 572 143.53 13.04 51.85
CA ALA HA 572 144.96 12.90 52.11
C ALA HA 572 145.30 11.70 53.02
N GLU HA 573 144.55 11.49 54.11
CA GLU HA 573 144.81 10.38 55.04
C GLU HA 573 144.47 9.01 54.44
N VAL HA 574 143.44 8.90 53.59
CA VAL HA 574 143.13 7.65 52.88
C VAL HA 574 144.32 7.17 52.04
N VAL HA 575 145.00 8.09 51.33
CA VAL HA 575 146.17 7.77 50.52
C VAL HA 575 147.31 7.22 51.39
N GLN HA 576 147.70 7.91 52.46
CA GLN HA 576 148.78 7.46 53.33
C GLN HA 576 148.47 6.10 53.97
N PHE HA 577 147.22 5.85 54.35
CA PHE HA 577 146.79 4.54 54.84
C PHE HA 577 146.86 3.44 53.77
N MET HA 578 146.29 3.66 52.57
CA MET HA 578 146.32 2.66 51.48
C MET HA 578 147.75 2.34 51.02
N ASN HA 579 148.67 3.32 51.05
CA ASN HA 579 150.11 3.07 50.82
C ASN HA 579 150.70 2.13 51.88
N SER HA 580 150.38 2.31 53.16
CA SER HA 580 150.84 1.40 54.21
C SER HA 580 150.35 -0.03 54.00
N MET HA 581 149.05 -0.23 53.69
CA MET HA 581 148.51 -1.57 53.47
C MET HA 581 149.16 -2.27 52.25
N ALA HA 582 149.42 -1.51 51.19
CA ALA HA 582 150.07 -2.02 49.98
C ALA HA 582 151.52 -2.47 50.21
N LYS HA 583 152.39 -1.61 50.77
CA LYS HA 583 153.82 -1.92 50.91
C LYS HA 583 154.13 -3.07 51.88
N ASN HA 584 153.20 -3.37 52.79
CA ASN HA 584 153.28 -4.48 53.75
C ASN HA 584 152.57 -5.76 53.28
N ASN HA 585 151.93 -5.77 52.10
CA ASN HA 585 151.13 -6.88 51.57
C ASN HA 585 150.03 -7.38 52.55
N ILE HA 586 149.45 -6.49 53.37
CA ILE HA 586 148.41 -6.87 54.36
C ILE HA 586 147.09 -7.16 53.62
N THR HA 587 146.42 -8.26 53.96
CA THR HA 587 145.19 -8.72 53.29
C THR HA 587 143.92 -8.00 53.82
N TYR HA 588 143.96 -6.66 53.85
CA TYR HA 588 142.90 -5.82 54.44
C TYR HA 588 141.51 -6.07 53.82
N LYS HA 589 141.49 -6.38 52.53
CA LYS HA 589 140.31 -6.76 51.73
C LYS HA 589 139.58 -8.01 52.24
N ASP HA 590 140.25 -8.93 52.93
CA ASP HA 590 139.62 -10.06 53.64
C ASP HA 590 139.44 -9.78 55.14
N LEU HA 591 140.31 -8.98 55.78
CA LEU HA 591 140.15 -8.61 57.19
C LEU HA 591 138.89 -7.76 57.47
N VAL HA 592 138.39 -6.97 56.52
CA VAL HA 592 137.10 -6.28 56.66
C VAL HA 592 135.93 -7.25 56.83
N LYS HA 593 135.90 -8.37 56.09
CA LYS HA 593 134.79 -9.35 56.13
C LYS HA 593 134.54 -9.94 57.52
N SER HA 594 135.59 -10.10 58.32
CA SER HA 594 135.51 -10.72 59.65
C SER HA 594 135.55 -9.75 60.84
N CYS HA 595 135.40 -8.43 60.63
CA CYS HA 595 135.44 -7.48 61.76
C CYS HA 595 134.13 -7.43 62.58
N TYR HA 596 134.25 -7.22 63.89
CA TYR HA 596 133.16 -7.13 64.88
C TYR HA 596 133.24 -5.84 65.70
N HIS HA 597 132.11 -5.25 66.07
CA HIS HA 597 132.07 -4.35 67.24
C HIS HA 597 132.27 -5.16 68.52
N VAL HA 598 133.02 -4.62 69.48
CA VAL HA 598 133.26 -5.28 70.78
C VAL HA 598 132.98 -4.34 71.93
N MET HA 599 132.25 -4.81 72.95
CA MET HA 599 132.08 -4.13 74.24
C MET HA 599 132.48 -5.05 75.39
N GLN HA 600 133.13 -4.51 76.41
CA GLN HA 600 133.52 -5.25 77.60
C GLN HA 600 132.55 -4.96 78.74
N TYR HA 601 131.90 -5.98 79.29
CA TYR HA 601 131.15 -5.91 80.55
C TYR HA 601 132.09 -6.27 81.70
N SER HA 602 132.33 -5.34 82.63
CA SER HA 602 133.28 -5.52 83.74
C SER HA 602 132.79 -6.54 84.77
N CYS HA 603 133.69 -7.35 85.34
CA CYS HA 603 133.39 -8.30 86.42
C CYS HA 603 133.85 -7.83 87.81
N ASN HA 604 134.28 -6.59 87.98
CA ASN HA 604 134.61 -6.02 89.28
C ASN HA 604 133.34 -5.47 89.98
N PRO HA 605 132.97 -5.94 91.18
CA PRO HA 605 131.82 -5.39 91.90
C PRO HA 605 132.00 -3.93 92.36
N PHE HA 606 133.24 -3.47 92.56
CA PHE HA 606 133.53 -2.09 92.97
C PHE HA 606 133.50 -1.08 91.82
N ALA HA 607 133.52 -1.52 90.55
CA ALA HA 607 133.37 -0.68 89.37
C ALA HA 607 131.93 -0.22 89.09
N GLN HA 608 130.92 -0.86 89.69
CA GLN HA 608 129.50 -0.53 89.49
C GLN HA 608 129.14 0.85 90.07
N PRO HA 609 128.08 1.54 89.61
CA PRO HA 609 127.66 2.82 90.18
C PRO HA 609 127.20 2.70 91.64
N ALA HA 610 127.38 3.74 92.44
CA ALA HA 610 127.05 3.79 93.87
C ALA HA 610 125.55 3.82 94.18
N CYS HA 611 124.87 2.72 93.90
CA CYS HA 611 123.47 2.44 94.14
C CYS HA 611 123.31 0.98 94.60
N PRO HA 612 122.59 0.68 95.69
CA PRO HA 612 122.30 -0.68 96.10
C PRO HA 612 121.47 -1.53 95.12
N ILE HA 613 120.70 -0.94 94.19
CA ILE HA 613 120.01 -1.72 93.14
C ILE HA 613 121.00 -2.33 92.16
N PHE HA 614 122.09 -1.64 91.85
CA PHE HA 614 123.14 -2.18 90.98
C PHE HA 614 123.90 -3.37 91.59
N THR HA 615 123.91 -3.55 92.92
CA THR HA 615 124.39 -4.79 93.55
C THR HA 615 123.57 -5.99 93.07
N GLN HA 616 122.25 -5.93 93.16
CA GLN HA 616 121.36 -6.99 92.69
C GLN HA 616 121.41 -7.20 91.17
N LEU HA 617 121.40 -6.14 90.36
CA LEU HA 617 121.52 -6.27 88.91
C LEU HA 617 122.85 -6.92 88.49
N PHE HA 618 123.98 -6.56 89.10
CA PHE HA 618 125.27 -7.18 88.81
C PHE HA 618 125.32 -8.67 89.18
N TYR HA 619 124.97 -9.02 90.43
CA TYR HA 619 124.98 -10.41 90.92
C TYR HA 619 124.06 -11.33 90.09
N ARG HA 620 122.85 -10.88 89.76
CA ARG HA 620 121.90 -11.66 88.94
C ARG HA 620 122.31 -11.76 87.47
N SER HA 621 122.97 -10.76 86.91
CA SER HA 621 123.56 -10.85 85.56
C SER HA 621 124.67 -11.91 85.53
N LEU HA 622 125.58 -11.90 86.50
CA LEU HA 622 126.66 -12.90 86.61
C LEU HA 622 126.13 -14.33 86.79
N LEU HA 623 125.20 -14.58 87.70
CA LEU HA 623 124.62 -15.92 87.90
C LEU HA 623 123.93 -16.44 86.64
N THR HA 624 123.24 -15.57 85.89
CA THR HA 624 122.56 -15.95 84.64
C THR HA 624 123.55 -16.30 83.53
N ILE HA 625 124.63 -15.54 83.38
CA ILE HA 625 125.65 -15.81 82.36
C ILE HA 625 126.39 -17.11 82.62
N LEU HA 626 126.70 -17.44 83.88
CA LEU HA 626 127.33 -18.71 84.23
C LEU HA 626 126.43 -19.92 83.95
N GLN HA 627 125.13 -19.82 84.19
CA GLN HA 627 124.17 -20.86 83.80
C GLN HA 627 124.15 -21.06 82.29
N ASP HA 628 124.00 -20.00 81.50
CA ASP HA 628 123.90 -20.06 80.05
C ASP HA 628 125.18 -20.61 79.38
N ILE HA 629 126.37 -20.27 79.88
CA ILE HA 629 127.64 -20.86 79.43
C ILE HA 629 127.70 -22.37 79.75
N SER HA 630 127.17 -22.83 80.88
CA SER HA 630 127.28 -24.23 81.29
C SER HA 630 126.39 -25.21 80.52
N LEU HA 631 125.33 -24.77 79.85
CA LEU HA 631 124.32 -25.66 79.27
C LEU HA 631 124.88 -26.74 78.32
N PRO HA 632 125.70 -26.45 77.29
CA PRO HA 632 126.19 -27.48 76.40
C PRO HA 632 127.27 -28.37 77.04
N ILE HA 633 128.01 -27.88 78.03
CA ILE HA 633 128.98 -28.66 78.80
C ILE HA 633 128.28 -29.79 79.58
N CYS HA 634 127.17 -29.46 80.23
CA CYS HA 634 126.32 -30.42 80.93
C CYS HA 634 125.65 -31.42 79.98
N MET HA 635 125.12 -30.94 78.84
CA MET HA 635 124.50 -31.79 77.82
C MET HA 635 125.46 -32.84 77.26
N CYS HA 636 126.69 -32.46 76.89
CA CYS HA 636 127.65 -33.41 76.34
C CYS HA 636 128.10 -34.45 77.38
N TYR HA 637 128.31 -34.05 78.63
CA TYR HA 637 128.62 -34.99 79.70
C TYR HA 637 127.46 -35.96 79.97
N GLU HA 638 126.21 -35.49 79.98
CA GLU HA 638 125.05 -36.36 80.19
C GLU HA 638 124.76 -37.28 78.99
N ASN HA 639 124.99 -36.85 77.75
CA ASN HA 639 124.93 -37.72 76.57
C ASN HA 639 125.89 -38.93 76.69
N ASP HA 640 127.06 -38.75 77.31
CA ASP HA 640 128.03 -39.82 77.58
C ASP HA 640 127.74 -40.63 78.86
N ASN HA 641 126.98 -40.07 79.80
CA ASN HA 641 126.71 -40.63 81.13
C ASN HA 641 125.21 -40.50 81.47
N PRO HA 642 124.32 -41.22 80.79
CA PRO HA 642 122.88 -40.95 80.78
C PRO HA 642 122.21 -41.05 82.16
N GLY HA 643 121.09 -40.34 82.32
CA GLY HA 643 120.33 -40.32 83.56
C GLY HA 643 119.67 -41.66 83.93
N LEU HA 644 119.22 -42.45 82.95
CA LEU HA 644 118.65 -43.80 83.14
C LEU HA 644 117.56 -43.86 84.25
N GLY HA 645 116.71 -42.83 84.31
CA GLY HA 645 115.63 -42.72 85.29
C GLY HA 645 116.05 -42.27 86.70
N GLN HA 646 117.33 -42.01 86.97
CA GLN HA 646 117.78 -41.40 88.22
C GLN HA 646 117.23 -39.97 88.37
N SER HA 647 116.93 -39.57 89.61
CA SER HA 647 116.68 -38.15 89.92
C SER HA 647 118.00 -37.36 89.89
N PRO HA 648 117.98 -36.04 89.62
CA PRO HA 648 119.21 -35.25 89.55
C PRO HA 648 120.12 -35.32 90.80
N PRO HA 649 119.61 -35.26 92.06
CA PRO HA 649 120.45 -35.41 93.24
C PRO HA 649 121.21 -36.75 93.34
N GLU HA 650 120.61 -37.85 92.88
CA GLU HA 650 121.28 -39.15 92.78
C GLU HA 650 122.37 -39.16 91.70
N TRP HA 651 122.07 -38.64 90.51
CA TRP HA 651 123.02 -38.58 89.39
C TRP HA 651 124.22 -37.67 89.69
N LEU HA 652 124.00 -36.51 90.32
CA LEU HA 652 125.05 -35.56 90.70
C LEU HA 652 126.00 -36.12 91.77
N LYS HA 653 125.52 -37.01 92.65
CA LYS HA 653 126.33 -37.62 93.72
C LYS HA 653 127.58 -38.34 93.19
N GLY HA 654 127.44 -39.07 92.10
CA GLY HA 654 128.56 -39.68 91.38
C GLY HA 654 129.31 -38.71 90.45
N HIS HA 655 128.60 -37.88 89.68
CA HIS HA 655 129.20 -37.17 88.54
C HIS HA 655 129.70 -35.75 88.79
N TYR HA 656 129.30 -35.05 89.85
CA TYR HA 656 129.52 -33.59 89.93
C TYR HA 656 130.98 -33.16 90.05
N GLN HA 657 131.84 -33.87 90.79
CA GLN HA 657 133.26 -33.54 90.92
C GLN HA 657 133.97 -33.48 89.55
N THR HA 658 133.67 -34.41 88.66
CA THR HA 658 134.19 -34.42 87.29
C THR HA 658 133.62 -33.27 86.47
N LEU HA 659 132.33 -32.99 86.57
CA LEU HA 659 131.68 -31.89 85.87
C LEU HA 659 132.23 -30.50 86.25
N CYS HA 660 132.61 -30.24 87.51
CA CYS HA 660 133.32 -29.02 87.91
C CYS HA 660 134.60 -28.75 87.11
N THR HA 661 135.38 -29.82 86.86
CA THR HA 661 136.69 -29.74 86.20
C THR HA 661 136.54 -29.55 84.69
N ASN HA 662 135.55 -30.20 84.07
CA ASN HA 662 135.13 -29.88 82.71
C ASN HA 662 134.72 -28.40 82.58
N PHE HA 663 133.88 -27.88 83.49
CA PHE HA 663 133.48 -26.47 83.43
C PHE HA 663 134.68 -25.52 83.48
N ARG HA 664 135.59 -25.67 84.45
CA ARG HA 664 136.79 -24.83 84.57
C ARG HA 664 137.65 -24.84 83.29
N SER HA 665 137.72 -25.96 82.59
CA SER HA 665 138.50 -26.10 81.34
C SER HA 665 137.79 -25.55 80.09
N LEU HA 666 136.46 -25.58 80.05
CA LEU HA 666 135.65 -25.29 78.85
C LEU HA 666 134.84 -23.97 78.91
N ALA HA 667 134.65 -23.37 80.08
CA ALA HA 667 133.93 -22.11 80.22
C ALA HA 667 134.81 -20.86 80.04
N ILE HA 668 136.10 -20.95 80.36
CA ILE HA 668 137.01 -19.81 80.49
C ILE HA 668 138.01 -19.77 79.33
N ASP HA 669 138.27 -18.58 78.79
CA ASP HA 669 139.09 -18.32 77.58
C ASP HA 669 138.53 -18.92 76.27
N LYS HA 670 137.26 -19.34 76.23
CA LYS HA 670 136.60 -19.91 75.05
C LYS HA 670 135.67 -18.95 74.29
N GLY HA 671 135.68 -17.66 74.62
CA GLY HA 671 135.14 -16.58 73.79
C GLY HA 671 134.15 -15.62 74.47
N VAL HA 672 133.73 -15.85 75.72
CA VAL HA 672 132.85 -14.96 76.48
C VAL HA 672 133.50 -14.47 77.76
N LEU HA 673 133.86 -15.39 78.65
CA LEU HA 673 134.35 -15.09 80.00
C LEU HA 673 135.86 -15.25 80.06
N THR HA 674 136.56 -14.26 80.61
CA THR HA 674 137.98 -14.36 80.94
C THR HA 674 138.21 -14.23 82.44
N ALA HA 675 139.06 -15.10 82.98
CA ALA HA 675 139.45 -15.13 84.38
C ALA HA 675 140.86 -15.67 84.52
N LYS HA 676 141.61 -15.22 85.52
CA LYS HA 676 142.99 -15.64 85.79
C LYS HA 676 143.06 -16.40 87.11
N GLU HA 677 143.56 -17.62 87.10
CA GLU HA 677 143.91 -18.33 88.33
C GLU HA 677 145.26 -17.86 88.90
N ALA HA 678 145.36 -17.83 90.23
CA ALA HA 678 146.55 -17.41 90.94
C ALA HA 678 146.70 -18.14 92.28
N LYS HA 679 147.93 -18.24 92.77
CA LYS HA 679 148.23 -18.70 94.14
C LYS HA 679 148.49 -17.53 95.07
N VAL HA 680 147.91 -17.57 96.25
CA VAL HA 680 148.07 -16.53 97.29
C VAL HA 680 149.08 -17.03 98.32
N VAL HA 681 150.08 -16.20 98.62
CA VAL HA 681 151.14 -16.52 99.60
C VAL HA 681 151.34 -15.38 100.58
N HIS HA 682 151.63 -15.71 101.84
CA HIS HA 682 152.02 -14.74 102.86
C HIS HA 682 153.52 -14.80 103.15
N GLY HA 683 154.19 -13.66 103.19
CA GLY HA 683 155.65 -13.58 103.24
C GLY HA 683 156.28 -13.89 104.60
N GLU HA 684 155.76 -13.30 105.69
CA GLU HA 684 156.27 -13.53 107.05
C GLU HA 684 155.71 -14.81 107.70
N PRO HA 685 156.47 -15.51 108.57
CA PRO HA 685 155.99 -16.68 109.30
C PRO HA 685 155.10 -16.32 110.51
N THR HA 686 155.13 -15.07 110.95
CA THR HA 686 154.34 -14.49 112.05
C THR HA 686 153.87 -13.08 111.64
N CYS HA 687 152.88 -12.50 112.31
CA CYS HA 687 152.52 -11.09 112.06
C CYS HA 687 152.07 -10.35 113.32
N ASP HA 688 152.23 -9.02 113.35
CA ASP HA 688 151.86 -8.19 114.50
C ASP HA 688 150.33 -8.08 114.62
N LEU HA 689 149.77 -8.69 115.66
CA LEU HA 689 148.32 -8.75 115.89
C LEU HA 689 148.01 -8.54 117.39
N PRO HA 690 146.81 -8.09 117.75
CA PRO HA 690 146.43 -7.94 119.14
C PRO HA 690 146.21 -9.30 119.82
N ASP HA 691 146.51 -9.39 121.11
CA ASP HA 691 146.23 -10.58 121.91
C ASP HA 691 144.72 -10.71 122.17
N LEU HA 692 144.04 -11.53 121.36
CA LEU HA 692 142.57 -11.58 121.34
C LEU HA 692 141.98 -12.12 122.64
N ASP HA 693 142.70 -12.97 123.37
CA ASP HA 693 142.31 -13.45 124.69
C ASP HA 693 142.35 -12.30 125.72
N ALA HA 694 143.38 -11.47 125.73
CA ALA HA 694 143.43 -10.27 126.56
C ALA HA 694 142.37 -9.21 126.15
N ALA HA 695 142.15 -9.04 124.84
CA ALA HA 695 141.22 -8.07 124.30
C ALA HA 695 139.76 -8.39 124.65
N LEU HA 696 139.39 -9.68 124.66
CA LEU HA 696 138.09 -10.15 125.16
C LEU HA 696 137.86 -9.78 126.64
N GLN HA 697 138.93 -9.71 127.45
CA GLN HA 697 138.88 -9.25 128.85
C GLN HA 697 139.21 -7.76 129.04
N GLY HA 698 139.31 -6.97 127.95
CA GLY HA 698 139.47 -5.51 128.00
C GLY HA 698 140.91 -4.99 128.03
N ARG HA 699 141.93 -5.85 127.98
CA ARG HA 699 143.37 -5.49 128.00
C ARG HA 699 143.95 -5.52 126.59
N VAL HA 700 144.64 -4.46 126.18
CA VAL HA 700 145.12 -4.28 124.79
C VAL HA 700 146.65 -4.30 124.73
N TYR HA 701 147.23 -5.29 124.07
CA TYR HA 701 148.66 -5.35 123.74
C TYR HA 701 148.96 -6.33 122.59
N GLY HA 702 150.11 -6.17 121.93
CA GLY HA 702 150.49 -6.90 120.72
C GLY HA 702 151.19 -8.25 120.96
N ARG HA 703 151.11 -9.13 119.96
CA ARG HA 703 151.76 -10.45 119.88
C ARG HA 703 152.14 -10.78 118.44
N ARG HA 704 153.21 -11.53 118.22
CA ARG HA 704 153.60 -12.04 116.89
C ARG HA 704 153.14 -13.48 116.69
N LEU HA 705 151.86 -13.64 116.39
CA LEU HA 705 151.20 -14.93 116.20
C LEU HA 705 151.72 -15.63 114.92
N PRO HA 706 152.13 -16.91 114.98
CA PRO HA 706 152.36 -17.75 113.80
C PRO HA 706 151.13 -17.86 112.89
N VAL HA 707 151.30 -17.71 111.57
CA VAL HA 707 150.18 -17.68 110.60
C VAL HA 707 150.45 -18.50 109.35
N ARG HA 708 149.39 -19.08 108.78
CA ARG HA 708 149.40 -19.74 107.46
C ARG HA 708 148.06 -19.62 106.73
N MET HA 709 148.05 -19.71 105.41
CA MET HA 709 146.82 -19.60 104.62
C MET HA 709 145.92 -20.84 104.76
N SER HA 710 144.61 -20.67 104.94
CA SER HA 710 143.62 -21.77 104.91
C SER HA 710 143.15 -22.14 103.49
N LYS HA 711 143.34 -21.24 102.51
CA LYS HA 711 143.13 -21.49 101.07
C LYS HA 711 144.23 -20.81 100.25
N VAL HA 712 144.73 -21.48 99.22
CA VAL HA 712 145.84 -21.00 98.37
C VAL HA 712 145.37 -20.55 97.00
N LEU HA 713 144.43 -21.24 96.37
CA LEU HA 713 143.92 -20.91 95.03
C LEU HA 713 142.90 -19.76 95.06
N MET HA 714 143.02 -18.84 94.11
CA MET HA 714 142.10 -17.72 93.86
C MET HA 714 141.78 -17.62 92.36
N LEU HA 715 140.51 -17.36 92.01
CA LEU HA 715 140.03 -17.22 90.65
C LEU HA 715 139.60 -15.77 90.40
N CYS HA 716 140.49 -14.94 89.88
CA CYS HA 716 140.26 -13.52 89.65
C CYS HA 716 139.46 -13.32 88.35
N PRO HA 717 138.21 -12.82 88.37
CA PRO HA 717 137.45 -12.57 87.15
C PRO HA 717 137.95 -11.30 86.45
N ARG HA 718 137.81 -11.22 85.13
CA ARG HA 718 138.28 -10.06 84.34
C ARG HA 718 137.16 -9.37 83.57
N ASN HA 719 136.71 -9.91 82.44
CA ASN HA 719 135.61 -9.34 81.64
C ASN HA 719 134.69 -10.40 81.04
N ILE HA 720 133.46 -10.00 80.76
CA ILE HA 720 132.55 -10.66 79.83
C ILE HA 720 132.53 -9.86 78.52
N LYS HA 721 132.68 -10.52 77.38
CA LYS HA 721 132.89 -9.87 76.07
C LYS HA 721 131.65 -9.99 75.20
N ILE HA 722 131.13 -8.86 74.71
CA ILE HA 722 129.94 -8.78 73.86
C ILE HA 722 130.36 -8.41 72.42
N LYS HA 723 129.87 -9.12 71.41
CA LYS HA 723 130.27 -8.99 70.00
C LYS HA 723 129.08 -8.72 69.07
N ASN HA 724 129.26 -7.89 68.06
CA ASN HA 724 128.28 -7.69 66.98
C ASN HA 724 128.94 -7.64 65.59
N ARG HA 725 128.47 -8.43 64.62
CA ARG HA 725 129.08 -8.53 63.29
C ARG HA 725 128.81 -7.28 62.44
N VAL HA 726 129.84 -6.76 61.77
CA VAL HA 726 129.76 -5.51 61.01
C VAL HA 726 129.25 -5.71 59.58
N VAL HA 727 129.79 -6.67 58.83
CA VAL HA 727 129.56 -6.79 57.38
C VAL HA 727 128.67 -7.99 57.06
N PHE HA 728 127.56 -7.72 56.39
CA PHE HA 728 126.76 -8.71 55.68
C PHE HA 728 127.38 -8.99 54.30
N THR HA 729 127.71 -10.26 54.01
CA THR HA 729 128.44 -10.70 52.81
C THR HA 729 127.56 -11.16 51.65
N GLY HA 730 126.23 -11.07 51.76
CA GLY HA 730 125.31 -11.53 50.71
C GLY HA 730 125.11 -13.05 50.61
N GLU HA 731 125.81 -13.86 51.42
CA GLU HA 731 125.81 -15.33 51.33
C GLU HA 731 124.47 -15.97 51.75
N ASN HA 732 123.81 -15.44 52.78
CA ASN HA 732 122.51 -15.93 53.24
C ASN HA 732 121.36 -15.27 52.43
N ALA HA 733 120.89 -15.95 51.40
CA ALA HA 733 119.98 -15.42 50.38
C ALA HA 733 118.61 -14.96 50.91
N ALA HA 734 118.16 -15.46 52.07
CA ALA HA 734 116.91 -15.03 52.70
C ALA HA 734 116.96 -13.60 53.26
N LEU HA 735 118.16 -13.08 53.57
CA LEU HA 735 118.34 -11.84 54.34
C LEU HA 735 118.58 -10.57 53.50
N GLN HA 736 118.97 -10.72 52.23
CA GLN HA 736 119.52 -9.61 51.41
C GLN HA 736 118.64 -8.37 51.38
N ASN HA 737 117.31 -8.51 51.38
CA ASN HA 737 116.37 -7.38 51.26
C ASN HA 737 116.44 -6.39 52.43
N SER HA 738 116.96 -6.80 53.60
CA SER HA 738 117.19 -5.89 54.72
C SER HA 738 118.49 -5.06 54.57
N PHE HA 739 119.49 -5.53 53.82
CA PHE HA 739 120.81 -4.90 53.69
C PHE HA 739 121.08 -4.20 52.35
N ILE HA 740 120.34 -4.50 51.28
CA ILE HA 740 120.71 -4.09 49.91
C ILE HA 740 120.73 -2.56 49.69
N LYS HA 741 121.79 -2.07 49.04
CA LYS HA 741 122.01 -0.66 48.68
C LYS HA 741 121.36 -0.33 47.32
N SER HA 742 120.38 0.57 47.33
CA SER HA 742 119.80 1.16 46.11
C SER HA 742 120.70 2.24 45.50
N THR HA 743 120.55 2.51 44.20
CA THR HA 743 121.38 3.50 43.46
C THR HA 743 120.55 4.56 42.71
N THR HA 744 119.23 4.44 42.61
CA THR HA 744 118.40 5.37 41.83
C THR HA 744 118.26 6.75 42.50
N ARG HA 745 118.16 7.80 41.66
CA ARG HA 745 118.17 9.21 42.05
C ARG HA 745 116.85 9.65 42.72
N ARG HA 746 116.85 9.73 44.05
CA ARG HA 746 115.70 10.15 44.88
C ARG HA 746 115.52 11.67 44.90
N GLU HA 747 114.31 12.15 45.21
CA GLU HA 747 114.04 13.57 45.45
C GLU HA 747 114.49 14.06 46.84
N ASN HA 748 114.60 13.17 47.84
CA ASN HA 748 115.02 13.54 49.20
C ASN HA 748 116.55 13.68 49.39
N TYR HA 749 117.34 13.62 48.32
CA TYR HA 749 118.79 13.45 48.38
C TYR HA 749 119.54 14.59 49.09
N ILE HA 750 119.03 15.82 49.09
CA ILE HA 750 119.62 16.92 49.88
C ILE HA 750 119.17 16.81 51.34
N ILE HA 751 117.85 16.74 51.59
CA ILE HA 751 117.30 16.81 52.96
C ILE HA 751 117.59 15.54 53.81
N ASN HA 752 117.78 14.38 53.18
CA ASN HA 752 118.31 13.15 53.78
C ASN HA 752 119.81 12.93 53.46
N GLY HA 753 120.48 13.96 52.95
CA GLY HA 753 121.90 13.93 52.60
C GLY HA 753 122.83 14.42 53.72
N PRO HA 754 124.14 14.51 53.45
CA PRO HA 754 125.15 14.77 54.47
C PRO HA 754 125.20 16.21 54.99
N TYR HA 755 124.54 17.17 54.35
CA TYR HA 755 124.66 18.60 54.71
C TYR HA 755 123.48 19.19 55.49
N MET HA 756 122.30 18.54 55.54
CA MET HA 756 121.07 19.17 56.02
C MET HA 756 121.15 19.68 57.46
N LYS HA 757 121.77 18.93 58.38
CA LYS HA 757 121.95 19.38 59.77
C LYS HA 757 122.81 20.64 59.89
N PHE HA 758 123.87 20.77 59.10
CA PHE HA 758 124.68 21.98 59.04
C PHE HA 758 123.96 23.14 58.35
N LEU HA 759 123.25 22.88 57.25
CA LEU HA 759 122.43 23.89 56.57
C LEU HA 759 121.32 24.45 57.48
N ASN HA 760 120.85 23.67 58.46
CA ASN HA 760 119.95 24.15 59.51
C ASN HA 760 120.69 24.93 60.61
N THR HA 761 121.76 24.38 61.19
CA THR HA 761 122.56 25.05 62.24
C THR HA 761 123.05 26.44 61.83
N TYR HA 762 123.41 26.63 60.56
CA TYR HA 762 123.92 27.90 60.02
C TYR HA 762 122.90 28.70 59.19
N HIS HA 763 121.60 28.35 59.23
CA HIS HA 763 120.56 28.98 58.39
C HIS HA 763 120.50 30.50 58.53
N LYS HA 764 120.52 31.05 59.76
CA LYS HA 764 120.46 32.50 60.00
C LYS HA 764 121.72 33.26 59.53
N THR HA 765 122.87 32.60 59.38
CA THR HA 765 124.07 33.20 58.76
C THR HA 765 124.10 33.04 57.23
N LEU HA 766 123.57 31.94 56.67
CA LEU HA 766 123.45 31.78 55.21
C LEU HA 766 122.34 32.64 54.60
N PHE HA 767 121.17 32.76 55.22
CA PHE HA 767 120.03 33.51 54.69
C PHE HA 767 119.46 34.48 55.73
N PRO HA 768 120.15 35.61 56.01
CA PRO HA 768 119.77 36.59 57.02
C PRO HA 768 118.30 37.05 56.90
N ASP HA 769 117.56 36.93 58.00
CA ASP HA 769 116.15 37.31 58.14
C ASP HA 769 115.14 36.70 57.14
N THR HA 770 115.41 35.54 56.54
CA THR HA 770 114.41 34.87 55.68
C THR HA 770 113.26 34.26 56.49
N LYS HA 771 112.02 34.31 55.97
CA LYS HA 771 110.84 33.70 56.61
C LYS HA 771 110.77 32.18 56.43
N LEU HA 772 111.42 31.65 55.40
CA LEU HA 772 111.40 30.24 54.99
C LEU HA 772 112.03 29.32 56.04
N SER HA 773 111.45 28.15 56.27
CA SER HA 773 112.15 27.06 56.97
C SER HA 773 113.30 26.53 56.12
N SER HA 774 114.38 26.09 56.76
CA SER HA 774 115.53 25.48 56.08
C SER HA 774 115.15 24.24 55.28
N LEU HA 775 114.25 23.42 55.81
CA LEU HA 775 113.68 22.24 55.15
C LEU HA 775 112.95 22.61 53.85
N TYR HA 776 112.08 23.62 53.88
CA TYR HA 776 111.39 24.04 52.66
C TYR HA 776 112.33 24.70 51.65
N LEU HA 777 113.29 25.53 52.07
CA LEU HA 777 114.24 26.17 51.16
C LEU HA 777 114.99 25.15 50.30
N TRP HA 778 115.58 24.13 50.94
CA TRP HA 778 116.34 23.08 50.26
C TRP HA 778 115.48 22.03 49.55
N HIS HA 779 114.23 21.81 49.95
CA HIS HA 779 113.29 20.96 49.21
C HIS HA 779 112.75 21.65 47.94
N ASN HA 780 112.48 22.97 48.02
CA ASN HA 780 112.17 23.81 46.88
C ASN HA 780 113.34 23.82 45.89
N PHE HA 781 114.58 23.95 46.35
CA PHE HA 781 115.75 23.82 45.49
C PHE HA 781 115.84 22.44 44.83
N SER HA 782 115.63 21.38 45.62
CA SER HA 782 115.56 19.97 45.17
C SER HA 782 114.48 19.67 44.12
N ARG HA 783 113.55 20.58 43.82
CA ARG HA 783 112.46 20.35 42.85
C ARG HA 783 112.29 21.46 41.81
N ARG HA 784 112.70 22.69 42.08
CA ARG HA 784 112.54 23.86 41.21
C ARG HA 784 113.84 24.51 40.76
N ARG HA 785 114.99 24.10 41.30
CA ARG HA 785 116.33 24.61 40.95
C ARG HA 785 116.47 26.13 41.15
N SER HA 786 116.05 26.67 42.29
CA SER HA 786 116.21 28.11 42.60
C SER HA 786 116.52 28.40 44.08
N VAL HA 787 117.21 29.52 44.33
CA VAL HA 787 117.77 29.89 45.64
C VAL HA 787 117.61 31.40 45.89
N PRO HA 788 117.23 31.84 47.10
CA PRO HA 788 117.03 33.26 47.37
C PRO HA 788 118.34 33.99 47.69
N VAL HA 789 118.54 35.21 47.17
CA VAL HA 789 119.77 36.00 47.40
C VAL HA 789 119.46 37.21 48.29
N PRO HA 790 120.04 37.31 49.51
CA PRO HA 790 119.83 38.43 50.42
C PRO HA 790 120.10 39.81 49.80
N SER HA 791 119.47 40.85 50.32
CA SER HA 791 119.26 42.14 49.63
C SER HA 791 120.54 42.83 49.11
N GLY HA 792 121.64 42.77 49.86
CA GLY HA 792 122.96 43.27 49.45
C GLY HA 792 123.96 42.21 48.99
N ALA HA 793 123.68 40.92 49.19
CA ALA HA 793 124.60 39.83 48.84
C ALA HA 793 124.70 39.58 47.33
N SER HA 794 125.77 38.93 46.88
CA SER HA 794 126.05 38.73 45.44
C SER HA 794 125.38 37.46 44.89
N ALA HA 795 124.86 37.50 43.66
CA ALA HA 795 124.12 36.36 43.10
C ALA HA 795 124.99 35.11 42.89
N GLU HA 796 126.20 35.26 42.35
CA GLU HA 796 126.96 34.09 41.90
C GLU HA 796 127.54 33.27 43.06
N GLU HA 797 127.87 33.94 44.16
CA GLU HA 797 128.20 33.34 45.45
C GLU HA 797 127.15 32.34 45.96
N TYR HA 798 125.85 32.64 45.81
CA TYR HA 798 124.77 31.70 46.13
C TYR HA 798 124.56 30.64 45.06
N SER HA 799 124.78 30.95 43.78
CA SER HA 799 124.76 29.90 42.75
C SER HA 799 125.85 28.84 43.00
N ASP HA 800 127.02 29.23 43.52
CA ASP HA 800 128.07 28.27 43.89
C ASP HA 800 127.69 27.42 45.12
N LEU HA 801 127.20 28.04 46.20
CA LEU HA 801 126.69 27.32 47.38
C LEU HA 801 125.69 26.21 47.00
N ALA HA 802 124.74 26.54 46.13
CA ALA HA 802 123.75 25.59 45.64
C ALA HA 802 124.40 24.42 44.89
N LEU HA 803 125.36 24.68 44.01
CA LEU HA 803 126.07 23.63 43.27
C LEU HA 803 126.98 22.78 44.18
N PHE HA 804 127.56 23.32 45.25
CA PHE HA 804 128.28 22.51 46.23
C PHE HA 804 127.37 21.48 46.93
N VAL HA 805 126.20 21.93 47.39
CA VAL HA 805 125.20 21.11 48.09
C VAL HA 805 124.66 20.03 47.18
N ASP HA 806 124.28 20.37 45.95
CA ASP HA 806 123.81 19.43 44.94
C ASP HA 806 124.87 18.35 44.61
N GLY HA 807 126.09 18.81 44.30
CA GLY HA 807 127.19 17.93 43.92
C GLY HA 807 127.52 16.89 44.99
N GLY HA 808 127.80 17.34 46.21
CA GLY HA 808 128.12 16.43 47.30
C GLY HA 808 126.96 15.52 47.69
N SER HA 809 125.72 16.00 47.63
CA SER HA 809 124.55 15.17 47.94
C SER HA 809 124.37 14.02 46.93
N ARG HA 810 124.51 14.25 45.60
CA ARG HA 810 124.50 13.17 44.61
C ARG HA 810 125.71 12.23 44.72
N ALA HA 811 126.91 12.73 45.01
CA ALA HA 811 128.07 11.88 45.27
C ALA HA 811 127.88 10.97 46.50
N HIS HA 812 127.28 11.49 47.57
CA HIS HA 812 126.92 10.72 48.76
C HIS HA 812 125.84 9.67 48.46
N GLU HA 813 124.81 10.02 47.69
CA GLU HA 813 123.73 9.11 47.27
C GLU HA 813 124.27 7.88 46.53
N GLU HA 814 125.21 8.08 45.62
CA GLU HA 814 125.97 7.03 44.92
C GLU HA 814 126.85 6.19 45.87
N SER HA 815 127.74 6.83 46.63
CA SER HA 815 128.82 6.12 47.34
C SER HA 815 128.49 5.56 48.74
N ASN HA 816 127.48 6.06 49.45
CA ASN HA 816 127.33 5.80 50.89
C ASN HA 816 126.78 4.40 51.25
N VAL HA 817 127.43 3.71 52.19
CA VAL HA 817 126.95 2.45 52.80
C VAL HA 817 126.82 2.50 54.33
N ILE HA 818 126.90 3.70 54.91
CA ILE HA 818 126.78 3.97 56.35
C ILE HA 818 125.51 4.80 56.59
N ASP HA 819 124.44 4.21 57.13
CA ASP HA 819 123.09 4.81 57.16
C ASP HA 819 122.89 5.86 58.27
N VAL HA 820 123.61 6.97 58.19
CA VAL HA 820 123.68 8.04 59.19
C VAL HA 820 123.62 9.41 58.51
N VAL HA 821 122.90 10.35 59.11
CA VAL HA 821 122.95 11.78 58.76
C VAL HA 821 123.79 12.49 59.84
N PRO HA 822 125.04 12.90 59.57
CA PRO HA 822 125.98 13.30 60.61
C PRO HA 822 125.64 14.65 61.25
N GLY HA 823 125.75 14.77 62.57
CA GLY HA 823 125.45 16.00 63.31
C GLY HA 823 126.60 16.99 63.51
N ASN HA 824 127.85 16.55 63.39
CA ASN HA 824 129.05 17.34 63.63
C ASN HA 824 130.17 16.97 62.64
N LEU HA 825 131.15 17.86 62.47
CA LEU HA 825 132.22 17.68 61.46
C LEU HA 825 133.12 16.46 61.72
N VAL HA 826 133.31 16.03 62.97
CA VAL HA 826 134.05 14.80 63.28
C VAL HA 826 133.32 13.55 62.78
N THR HA 827 132.01 13.48 62.99
CA THR HA 827 131.20 12.36 62.48
C THR HA 827 131.10 12.40 60.96
N TYR HA 828 130.91 13.59 60.36
CA TYR HA 828 130.97 13.77 58.90
C TYR HA 828 132.30 13.27 58.30
N ALA HA 829 133.43 13.65 58.89
CA ALA HA 829 134.77 13.22 58.48
C ALA HA 829 134.96 11.70 58.61
N LYS HA 830 134.62 11.11 59.76
CA LYS HA 830 134.71 9.66 59.99
C LYS HA 830 133.81 8.84 59.07
N GLN HA 831 132.62 9.32 58.70
CA GLN HA 831 131.79 8.67 57.71
C GLN HA 831 132.48 8.66 56.33
N ARG HA 832 133.02 9.81 55.88
CA ARG HA 832 133.74 9.92 54.59
C ARG HA 832 134.93 8.97 54.52
N LEU HA 833 135.69 8.86 55.60
CA LEU HA 833 136.85 7.96 55.74
C LEU HA 833 136.45 6.47 55.61
N ASN HA 834 135.45 6.01 56.35
CA ASN HA 834 135.07 4.60 56.36
C ASN HA 834 134.35 4.15 55.08
N ASN HA 835 133.58 5.04 54.43
CA ASN HA 835 133.08 4.80 53.07
C ASN HA 835 134.22 4.61 52.05
N ALA HA 836 135.39 5.24 52.23
CA ALA HA 836 136.54 5.04 51.35
C ALA HA 836 137.20 3.67 51.53
N ILE HA 837 137.37 3.20 52.77
CA ILE HA 837 137.98 1.91 53.08
C ILE HA 837 137.10 0.76 52.56
N LEU HA 838 135.79 0.83 52.77
CA LEU HA 838 134.85 -0.19 52.28
C LEU HA 838 134.85 -0.30 50.75
N LYS HA 839 135.02 0.81 50.03
CA LYS HA 839 135.14 0.82 48.57
C LYS HA 839 136.42 0.16 48.07
N ALA HA 840 137.57 0.41 48.71
CA ALA HA 840 138.81 -0.29 48.42
C ALA HA 840 138.71 -1.81 48.69
N CYS HA 841 137.89 -2.23 49.64
CA CYS HA 841 137.60 -3.64 49.90
C CYS HA 841 136.53 -4.26 48.97
N GLY HA 842 135.97 -3.51 48.02
CA GLY HA 842 134.87 -3.97 47.17
C GLY HA 842 133.51 -4.16 47.86
N GLN HA 843 133.30 -3.57 49.05
CA GLN HA 843 132.04 -3.63 49.79
C GLN HA 843 131.13 -2.45 49.39
N THR HA 844 130.28 -2.68 48.40
CA THR HA 844 129.47 -1.63 47.73
C THR HA 844 127.99 -1.99 47.57
N GLN HA 845 127.62 -3.25 47.75
CA GLN HA 845 126.27 -3.77 47.49
C GLN HA 845 125.32 -3.68 48.71
N PHE HA 846 125.87 -3.54 49.92
CA PHE HA 846 125.13 -3.63 51.18
C PHE HA 846 125.49 -2.52 52.16
N TYR HA 847 124.51 -2.05 52.93
CA TYR HA 847 124.75 -1.33 54.17
C TYR HA 847 125.48 -2.21 55.22
N ILE HA 848 126.35 -1.60 56.01
CA ILE HA 848 126.93 -2.25 57.21
C ILE HA 848 125.98 -2.20 58.42
N SER HA 849 126.15 -3.07 59.41
CA SER HA 849 125.46 -2.96 60.71
C SER HA 849 125.89 -1.71 61.48
N LEU HA 850 124.97 -1.10 62.23
CA LEU HA 850 125.22 0.02 63.13
C LEU HA 850 124.86 -0.33 64.58
N ILE HA 851 125.62 0.17 65.56
CA ILE HA 851 125.16 0.26 66.95
C ILE HA 851 124.93 1.74 67.30
N GLN HA 852 123.77 2.09 67.84
CA GLN HA 852 123.46 3.44 68.33
C GLN HA 852 123.34 3.47 69.87
N GLY HA 853 123.97 4.46 70.50
CA GLY HA 853 123.85 4.71 71.92
C GLY HA 853 122.64 5.59 72.26
N LEU HA 854 121.82 5.19 73.21
CA LEU HA 854 120.76 5.98 73.80
C LEU HA 854 121.28 6.63 75.09
N VAL HA 855 121.37 7.95 75.14
CA VAL HA 855 122.02 8.70 76.24
C VAL HA 855 121.01 9.54 77.02
N PRO HA 856 120.90 9.40 78.37
CA PRO HA 856 119.95 10.18 79.19
C PRO HA 856 120.18 11.69 79.18
N ARG HA 857 119.09 12.45 78.98
CA ARG HA 857 119.02 13.92 79.13
C ARG HA 857 117.99 14.28 80.21
N THR HA 858 118.39 15.10 81.18
CA THR HA 858 117.57 15.46 82.33
C THR HA 858 116.95 16.84 82.15
N GLN HA 859 115.64 16.99 82.34
CA GLN HA 859 114.88 18.22 82.07
C GLN HA 859 113.86 18.56 83.17
N SER HA 860 113.67 19.85 83.46
CA SER HA 860 112.65 20.34 84.42
C SER HA 860 111.36 20.72 83.69
N VAL HA 861 110.22 20.23 84.16
CA VAL HA 861 108.90 20.37 83.52
C VAL HA 861 107.85 20.82 84.54
N PRO HA 862 106.70 21.39 84.13
CA PRO HA 862 105.64 21.77 85.07
C PRO HA 862 105.02 20.52 85.74
N ALA HA 863 104.81 20.59 87.06
CA ALA HA 863 104.47 19.42 87.89
C ALA HA 863 103.04 18.86 87.73
N ARG HA 864 102.20 19.46 86.88
CA ARG HA 864 100.77 19.14 86.70
C ARG HA 864 100.47 17.63 86.60
N ASP HA 865 101.26 16.87 85.84
CA ASP HA 865 101.13 15.41 85.70
C ASP HA 865 102.21 14.60 86.45
N TYR HA 866 102.86 15.19 87.46
CA TYR HA 866 103.92 14.58 88.26
C TYR HA 866 103.60 14.69 89.76
N PRO HA 867 102.52 14.01 90.23
CA PRO HA 867 101.87 14.34 91.51
C PRO HA 867 102.74 14.11 92.74
N HIS HA 868 103.80 13.31 92.67
CA HIS HA 868 104.68 13.03 93.80
C HIS HA 868 105.41 14.25 94.38
N VAL HA 869 105.49 15.38 93.67
CA VAL HA 869 106.10 16.60 94.23
C VAL HA 869 105.31 17.20 95.41
N LEU HA 870 104.04 16.85 95.57
CA LEU HA 870 103.18 17.32 96.68
C LEU HA 870 103.49 16.67 98.02
N GLY HA 871 104.21 15.55 98.06
CA GLY HA 871 104.53 14.83 99.29
C GLY HA 871 103.36 14.05 99.90
N THR HA 872 103.44 13.73 101.19
CA THR HA 872 102.40 13.01 101.96
C THR HA 872 101.16 13.84 102.31
N ARG HA 873 101.11 15.10 101.87
CA ARG HA 873 99.99 16.05 101.91
C ARG HA 873 98.63 15.41 101.61
N ALA HA 874 97.59 15.75 102.37
CA ALA HA 874 96.22 15.41 102.04
C ALA HA 874 95.68 16.31 100.92
N VAL HA 875 94.99 15.72 99.93
CA VAL HA 875 94.41 16.43 98.78
C VAL HA 875 92.89 16.29 98.81
N GLU HA 876 92.18 17.42 98.89
CA GLU HA 876 90.73 17.45 99.13
C GLU HA 876 89.89 17.70 97.86
N SER HA 877 90.42 18.42 96.87
CA SER HA 877 89.73 18.67 95.60
C SER HA 877 90.69 18.82 94.42
N ALA HA 878 90.20 18.63 93.20
CA ALA HA 878 90.97 18.80 91.98
C ALA HA 878 91.41 20.27 91.77
N ALA HA 879 90.59 21.23 92.19
CA ALA HA 879 90.96 22.65 92.18
C ALA HA 879 92.14 22.95 93.12
N ALA HA 880 92.18 22.35 94.30
CA ALA HA 880 93.32 22.46 95.20
C ALA HA 880 94.59 21.77 94.66
N TYR HA 881 94.46 20.62 94.00
CA TYR HA 881 95.59 19.96 93.30
C TYR HA 881 96.17 20.84 92.18
N ALA HA 882 95.29 21.44 91.35
CA ALA HA 882 95.70 22.37 90.31
C ALA HA 882 96.38 23.62 90.88
N GLU HA 883 95.85 24.20 91.96
CA GLU HA 883 96.46 25.35 92.64
C GLU HA 883 97.85 25.00 93.20
N ALA HA 884 97.96 23.91 93.97
CA ALA HA 884 99.21 23.51 94.60
C ALA HA 884 100.32 23.13 93.60
N THR HA 885 99.98 22.55 92.44
CA THR HA 885 100.96 22.22 91.40
C THR HA 885 101.29 23.40 90.46
N SER HA 886 100.45 24.45 90.37
CA SER HA 886 100.62 25.54 89.39
C SER HA 886 101.98 26.27 89.45
N SER HA 887 102.61 26.31 90.63
CA SER HA 887 103.90 26.98 90.86
C SER HA 887 105.11 26.04 90.95
N LEU HA 888 104.95 24.74 90.70
CA LEU HA 888 105.95 23.70 90.96
C LEU HA 888 106.47 23.02 89.69
N THR HA 889 107.73 22.56 89.73
CA THR HA 889 108.39 21.82 88.65
C THR HA 889 108.92 20.46 89.11
N ALA HA 890 108.87 19.47 88.22
CA ALA HA 890 109.37 18.12 88.41
C ALA HA 890 110.56 17.85 87.48
N THR HA 891 111.58 17.16 87.96
CA THR HA 891 112.67 16.63 87.14
C THR HA 891 112.24 15.35 86.44
N THR HA 892 112.47 15.25 85.13
CA THR HA 892 112.18 14.05 84.33
C THR HA 892 113.36 13.71 83.42
N VAL HA 893 113.41 12.49 82.91
CA VAL HA 893 114.48 12.01 82.04
C VAL HA 893 113.92 11.42 80.76
N VAL HA 894 114.55 11.73 79.63
CA VAL HA 894 114.33 11.13 78.31
C VAL HA 894 115.67 10.71 77.72
N CYS HA 895 115.70 9.78 76.78
CA CYS HA 895 116.92 9.36 76.09
C CYS HA 895 117.00 9.94 74.67
N ALA HA 896 118.19 10.41 74.27
CA ALA HA 896 118.49 10.87 72.91
C ALA HA 896 119.45 9.94 72.17
N ALA HA 897 119.21 9.67 70.90
CA ALA HA 897 120.07 8.83 70.09
C ALA HA 897 121.33 9.59 69.65
N THR HA 898 122.49 9.08 70.01
CA THR HA 898 123.78 9.50 69.45
C THR HA 898 124.02 8.82 68.10
N ASP HA 899 124.65 9.52 67.16
CA ASP HA 899 125.10 9.01 65.86
C ASP HA 899 126.55 8.47 65.89
N CYS HA 900 127.17 8.39 67.08
CA CYS HA 900 128.60 8.18 67.28
C CYS HA 900 128.93 7.53 68.64
N LEU HA 901 128.63 6.23 68.79
CA LEU HA 901 128.85 5.47 70.03
C LEU HA 901 130.30 5.53 70.55
N SER HA 902 131.31 5.61 69.68
CA SER HA 902 132.71 5.52 70.10
C SER HA 902 133.17 6.66 71.03
N GLN HA 903 132.69 7.90 70.88
CA GLN HA 903 132.99 8.98 71.83
C GLN HA 903 132.34 8.76 73.20
N VAL HA 904 131.16 8.16 73.26
CA VAL HA 904 130.52 7.76 74.54
C VAL HA 904 131.34 6.68 75.23
N CYS HA 905 131.83 5.66 74.52
CA CYS HA 905 132.68 4.62 75.09
C CYS HA 905 134.02 5.12 75.66
N LYS HA 906 134.56 6.25 75.19
CA LYS HA 906 135.74 6.89 75.81
C LYS HA 906 135.47 7.48 77.21
N ALA HA 907 134.22 7.80 77.54
CA ALA HA 907 133.81 8.33 78.84
C ALA HA 907 133.47 7.27 79.91
N ARG HA 908 133.94 6.02 79.72
CA ARG HA 908 133.80 4.85 80.62
C ARG HA 908 132.36 4.63 81.13
N PRO HA 909 131.39 4.36 80.23
CA PRO HA 909 129.97 4.44 80.57
C PRO HA 909 129.44 3.29 81.42
N VAL HA 910 128.39 3.55 82.19
CA VAL HA 910 127.44 2.54 82.68
C VAL HA 910 126.54 2.13 81.50
N VAL HA 911 126.37 0.84 81.25
CA VAL HA 911 125.67 0.32 80.06
C VAL HA 911 124.54 -0.66 80.39
N THR HA 912 123.50 -0.69 79.54
CA THR HA 912 122.44 -1.72 79.54
C THR HA 912 122.19 -2.22 78.14
N LEU HA 913 122.21 -3.54 77.94
CA LEU HA 913 122.14 -4.18 76.61
C LEU HA 913 121.51 -5.58 76.64
N PRO HA 914 120.93 -6.08 75.53
CA PRO HA 914 120.45 -7.45 75.39
C PRO HA 914 121.55 -8.42 74.90
N VAL HA 915 121.63 -9.63 75.43
CA VAL HA 915 122.60 -10.65 74.95
C VAL HA 915 121.99 -12.04 74.79
N THR HA 916 122.41 -12.76 73.74
CA THR HA 916 122.27 -14.23 73.61
C THR HA 916 123.66 -14.85 73.58
N ILE HA 917 123.92 -15.91 74.34
CA ILE HA 917 125.19 -16.65 74.23
C ILE HA 917 125.02 -17.84 73.27
N ASN HA 918 125.61 -17.75 72.08
CA ASN HA 918 125.60 -18.78 71.05
C ASN HA 918 126.86 -19.65 71.15
N LYS HA 919 126.73 -20.96 70.89
CA LYS HA 919 127.82 -21.93 71.01
C LYS HA 919 128.01 -22.73 69.73
N TYR HA 920 129.25 -23.00 69.35
CA TYR HA 920 129.60 -23.57 68.06
C TYR HA 920 130.91 -24.37 68.11
N THR HA 921 131.11 -25.26 67.14
CA THR HA 921 132.33 -26.09 67.00
C THR HA 921 133.51 -25.28 66.48
N GLY HA 922 134.74 -25.65 66.82
CA GLY HA 922 135.94 -25.11 66.19
C GLY HA 922 136.11 -25.45 64.70
N VAL HA 923 137.02 -24.76 64.02
CA VAL HA 923 137.40 -25.00 62.61
C VAL HA 923 138.55 -26.00 62.44
N ASN HA 924 138.93 -26.31 61.20
CA ASN HA 924 140.10 -27.12 60.84
C ASN HA 924 140.09 -28.51 61.50
N GLY HA 925 138.92 -29.14 61.57
CA GLY HA 925 138.74 -30.47 62.14
C GLY HA 925 138.68 -30.53 63.67
N ASN HA 926 138.74 -29.39 64.37
CA ASN HA 926 138.61 -29.33 65.82
C ASN HA 926 137.20 -29.75 66.31
N ASN HA 927 137.10 -30.38 67.49
CA ASN HA 927 135.85 -30.85 68.07
C ASN HA 927 135.45 -30.15 69.39
N GLN HA 928 136.19 -29.11 69.82
CA GLN HA 928 135.84 -28.31 71.00
C GLN HA 928 134.66 -27.37 70.75
N ILE HA 929 134.03 -26.89 71.83
CA ILE HA 929 132.96 -25.91 71.82
C ILE HA 929 133.53 -24.52 72.16
N PHE HA 930 133.19 -23.51 71.35
CA PHE HA 930 133.50 -22.09 71.56
C PHE HA 930 132.21 -21.29 71.69
N GLN HA 931 132.25 -20.13 72.35
CA GLN HA 931 131.08 -19.28 72.59
C GLN HA 931 131.23 -17.84 72.10
N ALA HA 932 130.13 -17.20 71.73
CA ALA HA 932 130.04 -15.76 71.54
C ALA HA 932 128.82 -15.19 72.27
N GLY HA 933 128.98 -14.07 72.96
CA GLY HA 933 127.88 -13.29 73.50
C GLY HA 933 127.47 -12.26 72.47
N ASN HA 934 126.39 -12.50 71.74
CA ASN HA 934 125.97 -11.64 70.65
C ASN HA 934 124.91 -10.63 71.09
N LEU HA 935 125.10 -9.38 70.71
CA LEU HA 935 124.18 -8.27 70.96
C LEU HA 935 122.84 -8.52 70.28
N GLY HA 936 121.76 -8.46 71.05
CA GLY HA 936 120.39 -8.72 70.61
C GLY HA 936 119.47 -7.51 70.67
N TYR HA 937 118.19 -7.74 70.93
CA TYR HA 937 117.11 -6.75 70.90
C TYR HA 937 116.33 -6.69 72.23
N PHE HA 938 115.78 -5.52 72.54
CA PHE HA 938 114.87 -5.31 73.67
C PHE HA 938 113.44 -5.76 73.32
N MET HA 939 112.75 -6.40 74.25
CA MET HA 939 111.33 -6.75 74.13
C MET HA 939 110.45 -5.89 75.03
N GLY HA 940 109.30 -5.48 74.53
CA GLY HA 940 108.28 -4.72 75.26
C GLY HA 940 108.20 -3.26 74.82
N ARG HA 941 107.00 -2.79 74.45
CA ARG HA 941 106.79 -1.45 73.85
C ARG HA 941 106.96 -0.30 74.84
N GLY HA 942 107.01 -0.54 76.15
CA GLY HA 942 107.19 0.51 77.16
C GLY HA 942 108.64 0.92 77.44
N VAL HA 943 109.64 0.26 76.86
CA VAL HA 943 111.06 0.46 77.21
C VAL HA 943 111.56 1.86 76.85
N ASP HA 944 111.50 2.28 75.59
CA ASP HA 944 111.84 3.65 75.16
C ASP HA 944 111.21 3.98 73.81
N ARG HA 945 110.66 5.19 73.66
CA ARG HA 945 110.02 5.64 72.41
C ARG HA 945 110.91 5.60 71.17
N ASN HA 946 112.23 5.71 71.29
CA ASN HA 946 113.15 5.58 70.16
C ASN HA 946 113.19 4.16 69.55
N LEU HA 947 112.78 3.14 70.31
CA LEU HA 947 112.71 1.75 69.85
C LEU HA 947 111.39 1.43 69.10
N LEU HA 948 110.37 2.30 69.13
CA LEU HA 948 109.08 2.08 68.49
C LEU HA 948 109.16 2.15 66.96
N GLN HA 949 108.85 1.05 66.27
CA GLN HA 949 108.68 1.00 64.81
C GLN HA 949 107.26 1.43 64.39
N SER HA 963 114.99 -3.63 63.65
CA SER HA 963 115.69 -3.86 62.40
C SER HA 963 116.83 -4.88 62.52
N MET HA 964 117.14 -5.57 61.42
CA MET HA 964 118.37 -6.35 61.28
C MET HA 964 119.63 -5.51 61.46
N ARG HA 965 119.67 -4.31 60.87
CA ARG HA 965 120.91 -3.56 60.62
C ARG HA 965 121.17 -2.37 61.57
N LYS HA 966 120.27 -2.07 62.50
CA LYS HA 966 120.50 -1.16 63.63
C LYS HA 966 120.17 -1.83 64.97
N LYS HA 967 121.10 -1.79 65.92
CA LYS HA 967 120.94 -2.24 67.31
C LYS HA 967 121.25 -1.12 68.30
N PHE HA 968 120.67 -1.19 69.50
CA PHE HA 968 120.75 -0.14 70.52
C PHE HA 968 121.38 -0.63 71.84
N VAL HA 969 122.10 0.27 72.50
CA VAL HA 969 122.62 0.16 73.88
C VAL HA 969 122.26 1.43 74.64
N PHE HA 970 121.83 1.35 75.90
CA PHE HA 970 121.73 2.54 76.77
C PHE HA 970 123.09 2.83 77.41
N ALA HA 971 123.56 4.07 77.43
CA ALA HA 971 124.85 4.46 78.02
C ALA HA 971 124.78 5.77 78.84
N THR HA 972 125.34 5.79 80.05
CA THR HA 972 125.56 7.02 80.86
C THR HA 972 127.06 7.17 81.14
N PRO HA 973 127.72 8.28 80.76
CA PRO HA 973 129.16 8.48 81.01
C PRO HA 973 129.53 8.66 82.50
N THR HA 974 130.73 8.27 82.91
CA THR HA 974 131.23 8.50 84.29
C THR HA 974 132.38 9.51 84.40
N LEU HA 975 133.18 9.75 83.34
CA LEU HA 975 134.13 10.87 83.32
C LEU HA 975 133.42 12.22 83.44
N GLY HA 976 133.84 13.06 84.38
CA GLY HA 976 133.20 14.34 84.70
C GLY HA 976 131.98 14.25 85.60
N LEU HA 977 131.57 13.04 86.02
CA LEU HA 977 130.57 12.82 87.07
C LEU HA 977 131.26 12.30 88.33
N THR HA 978 131.82 11.10 88.31
CA THR HA 978 132.46 10.43 89.47
C THR HA 978 133.96 10.22 89.31
N VAL HA 979 134.52 10.36 88.11
CA VAL HA 979 135.96 10.23 87.79
C VAL HA 979 136.46 11.51 87.07
N LYS HA 980 137.62 12.03 87.48
CA LYS HA 980 138.18 13.30 86.95
C LYS HA 980 138.90 13.10 85.61
N ARG HA 981 138.70 14.00 84.65
CA ARG HA 981 139.40 14.01 83.35
C ARG HA 981 140.89 14.33 83.50
N THR HA 988 152.94 24.62 75.62
CA THR HA 988 154.19 25.19 75.09
C THR HA 988 154.41 26.65 75.49
N TYR HA 989 155.67 27.10 75.51
CA TYR HA 989 156.00 28.51 75.48
C TYR HA 989 155.74 29.11 74.08
N GLU HA 990 155.38 30.38 73.99
CA GLU HA 990 155.14 31.03 72.69
C GLU HA 990 156.38 31.02 71.76
N ILE HA 991 157.59 31.10 72.31
CA ILE HA 991 158.83 30.95 71.53
C ILE HA 991 158.99 29.56 70.88
N GLU HA 992 158.36 28.50 71.40
CA GLU HA 992 158.31 27.19 70.74
C GLU HA 992 157.36 27.21 69.53
N ASN HA 993 156.25 27.93 69.61
CA ASN HA 993 155.26 28.03 68.54
C ASN HA 993 155.78 28.91 67.39
N ILE HA 994 156.46 30.05 67.68
CA ILE HA 994 157.14 30.83 66.63
C ILE HA 994 158.16 29.94 65.90
N ARG HA 995 159.02 29.24 66.65
CA ARG HA 995 160.04 28.32 66.10
C ARG HA 995 159.45 27.21 65.23
N ALA HA 996 158.38 26.54 65.66
CA ALA HA 996 157.70 25.53 64.84
C ALA HA 996 157.14 26.12 63.53
N GLY HA 997 156.51 27.30 63.58
CA GLY HA 997 155.96 27.95 62.39
C GLY HA 997 157.02 28.38 61.38
N LEU HA 998 158.21 28.81 61.83
CA LEU HA 998 159.34 29.09 60.95
C LEU HA 998 159.94 27.83 60.32
N GLU HA 999 160.15 26.75 61.08
CA GLU HA 999 160.60 25.49 60.49
C GLU HA 999 159.58 24.91 59.51
N ALA HA 1000 158.28 25.13 59.72
CA ALA HA 1000 157.22 24.75 58.78
C ALA HA 1000 157.26 25.54 57.47
N ILE HA 1001 157.58 26.85 57.49
CA ILE HA 1001 157.80 27.64 56.27
C ILE HA 1001 159.05 27.19 55.53
N ILE HA 1002 160.21 27.20 56.19
CA ILE HA 1002 161.51 27.00 55.52
C ILE HA 1002 161.60 25.59 54.91
N SER HA 1003 161.03 24.57 55.56
CA SER HA 1003 160.98 23.18 55.05
C SER HA 1003 160.07 23.00 53.82
N GLN HA 1004 159.21 23.96 53.49
CA GLN HA 1004 158.27 23.88 52.36
C GLN HA 1004 158.60 24.85 51.20
N LYS HA 1005 159.15 26.03 51.46
CA LYS HA 1005 159.40 27.06 50.45
C LYS HA 1005 160.41 26.55 49.40
N GLN HA 1006 159.99 26.43 48.16
CA GLN HA 1006 160.77 25.93 47.02
C GLN HA 1006 160.68 26.85 45.81
N GLU HA 1007 161.75 26.91 45.02
CA GLU HA 1007 161.89 27.73 43.81
C GLU HA 1007 161.86 29.27 44.06
N GLU HA 1008 161.96 29.71 45.31
CA GLU HA 1008 162.08 31.11 45.73
C GLU HA 1008 162.87 31.24 47.04
N ASP HA 1009 163.59 32.34 47.22
CA ASP HA 1009 164.31 32.65 48.46
C ASP HA 1009 163.35 33.03 49.61
N CYS HA 1010 163.53 32.47 50.81
CA CYS HA 1010 162.54 32.50 51.90
C CYS HA 1010 162.62 33.70 52.87
N VAL HA 1011 163.64 34.56 52.82
CA VAL HA 1011 163.91 35.55 53.87
C VAL HA 1011 162.77 36.56 54.07
N PHE HA 1012 162.11 37.02 53.01
CA PHE HA 1012 160.96 37.92 53.12
C PHE HA 1012 159.74 37.25 53.78
N ASP HA 1013 159.47 35.99 53.50
CA ASP HA 1013 158.37 35.25 54.14
C ASP HA 1013 158.65 34.91 55.62
N VAL HA 1014 159.91 34.70 55.99
CA VAL HA 1014 160.33 34.55 57.40
C VAL HA 1014 160.21 35.89 58.15
N VAL HA 1015 160.72 36.98 57.57
CA VAL HA 1015 160.61 38.32 58.16
C VAL HA 1015 159.16 38.75 58.36
N CYS HA 1016 158.25 38.45 57.43
CA CYS HA 1016 156.84 38.76 57.61
C CYS HA 1016 156.19 37.97 58.75
N ASN HA 1017 156.52 36.69 58.92
CA ASN HA 1017 156.03 35.91 60.05
C ASN HA 1017 156.55 36.41 61.41
N LEU HA 1018 157.82 36.86 61.50
CA LEU HA 1018 158.35 37.51 62.70
C LEU HA 1018 157.65 38.84 63.00
N VAL HA 1019 157.51 39.71 62.00
CA VAL HA 1019 156.83 41.01 62.19
C VAL HA 1019 155.35 40.82 62.56
N ASP HA 1020 154.67 39.78 62.06
CA ASP HA 1020 153.32 39.44 62.51
C ASP HA 1020 153.30 38.99 63.99
N ALA HA 1021 154.19 38.09 64.41
CA ALA HA 1021 154.18 37.51 65.76
C ALA HA 1021 154.76 38.42 66.86
N MET HA 1022 155.68 39.33 66.53
CA MET HA 1022 156.38 40.18 67.50
C MET HA 1022 156.22 41.68 67.27
N GLY HA 1023 155.80 42.13 66.08
CA GLY HA 1023 155.59 43.56 65.79
C GLY HA 1023 156.83 44.42 66.05
N GLU HA 1024 156.64 45.49 66.81
CA GLU HA 1024 157.68 46.45 67.18
C GLU HA 1024 158.87 45.83 67.93
N ALA HA 1025 158.67 44.70 68.62
CA ALA HA 1025 159.74 43.99 69.31
C ALA HA 1025 160.80 43.37 68.36
N CYS HA 1026 160.55 43.29 67.04
CA CYS HA 1026 161.57 42.90 66.07
C CYS HA 1026 162.72 43.92 65.96
N ALA HA 1027 162.48 45.19 66.27
CA ALA HA 1027 163.43 46.29 66.09
C ALA HA 1027 164.76 46.10 66.87
N SER HA 1028 164.75 45.27 67.93
CA SER HA 1028 165.91 44.96 68.76
C SER HA 1028 166.20 43.46 68.87
N LEU HA 1029 165.68 42.63 67.95
CA LEU HA 1029 165.92 41.19 67.96
C LEU HA 1029 167.42 40.88 67.84
N THR HA 1030 167.98 40.21 68.84
CA THR HA 1030 169.42 39.89 68.90
C THR HA 1030 169.73 38.61 68.11
N ARG HA 1031 171.01 38.37 67.76
CA ARG HA 1031 171.41 37.17 67.03
C ARG HA 1031 171.20 35.87 67.84
N ASP HA 1032 171.40 35.89 69.15
CA ASP HA 1032 171.14 34.73 70.00
C ASP HA 1032 169.65 34.35 70.04
N ASP HA 1033 168.74 35.33 70.12
CA ASP HA 1033 167.30 35.07 69.98
C ASP HA 1033 166.93 34.61 68.57
N ALA HA 1034 167.42 35.28 67.52
CA ALA HA 1034 167.14 34.89 66.13
C ALA HA 1034 167.60 33.46 65.80
N GLU HA 1035 168.82 33.06 66.21
CA GLU HA 1035 169.31 31.70 66.04
C GLU HA 1035 168.44 30.65 66.73
N TYR HA 1036 167.94 30.90 67.96
CA TYR HA 1036 167.01 29.98 68.61
C TYR HA 1036 165.69 29.82 67.84
N LEU HA 1037 165.08 30.91 67.39
CA LEU HA 1037 163.80 30.90 66.67
C LEU HA 1037 163.90 30.20 65.30
N LEU HA 1038 165.01 30.36 64.58
CA LEU HA 1038 165.25 29.68 63.30
C LEU HA 1038 165.54 28.17 63.43
N GLY HA 1039 165.83 27.67 64.64
CA GLY HA 1039 165.98 26.25 64.91
C GLY HA 1039 167.05 25.57 64.06
N ARG HA 1040 166.68 24.53 63.30
CA ARG HA 1040 167.53 23.79 62.35
C ARG HA 1040 168.21 24.69 61.30
N PHE HA 1041 167.57 25.79 60.92
CA PHE HA 1041 168.00 26.69 59.86
C PHE HA 1041 168.70 27.95 60.38
N SER HA 1042 169.33 27.90 61.55
CA SER HA 1042 169.97 29.04 62.23
C SER HA 1042 171.02 29.77 61.39
N VAL HA 1043 171.54 29.15 60.34
CA VAL HA 1043 172.42 29.79 59.35
C VAL HA 1043 171.79 31.05 58.72
N LEU HA 1044 170.46 31.15 58.64
CA LEU HA 1044 169.75 32.26 58.03
C LEU HA 1044 169.81 33.59 58.81
N ALA HA 1045 170.24 33.56 60.09
CA ALA HA 1045 170.10 34.67 61.05
C ALA HA 1045 170.69 36.01 60.58
N ASP HA 1046 171.89 36.04 60.01
CA ASP HA 1046 172.51 37.30 59.54
C ASP HA 1046 171.67 38.01 58.46
N SER HA 1047 171.08 37.25 57.55
CA SER HA 1047 170.25 37.79 56.47
C SER HA 1047 168.89 38.29 56.96
N VAL HA 1048 168.30 37.62 57.96
CA VAL HA 1048 167.10 38.10 58.67
C VAL HA 1048 167.38 39.43 59.38
N LEU HA 1049 168.47 39.53 60.16
CA LEU HA 1049 168.78 40.75 60.92
C LEU HA 1049 169.15 41.93 60.01
N GLU HA 1050 169.91 41.71 58.94
CA GLU HA 1050 170.14 42.74 57.91
C GLU HA 1050 168.82 43.20 57.27
N THR HA 1051 167.88 42.29 57.02
CA THR HA 1051 166.54 42.64 56.49
C THR HA 1051 165.70 43.45 57.50
N LEU HA 1052 165.67 43.07 58.78
CA LEU HA 1052 164.91 43.80 59.82
C LEU HA 1052 165.43 45.23 60.07
N ALA HA 1053 166.75 45.46 60.00
CA ALA HA 1053 167.33 46.80 60.00
C ALA HA 1053 166.83 47.69 58.85
N THR HA 1054 166.57 47.16 57.65
CA THR HA 1054 165.98 47.98 56.55
C THR HA 1054 164.54 48.40 56.84
N ILE HA 1055 163.74 47.58 57.52
CA ILE HA 1055 162.38 47.95 57.95
C ILE HA 1055 162.45 49.01 59.05
N ALA HA 1056 163.30 48.80 60.06
CA ALA HA 1056 163.52 49.75 61.15
C ALA HA 1056 163.94 51.15 60.67
N SER HA 1057 164.92 51.24 59.78
CA SER HA 1057 165.49 52.51 59.28
C SER HA 1057 164.67 53.21 58.20
N SER HA 1058 163.86 52.48 57.42
CA SER HA 1058 162.96 53.08 56.41
C SER HA 1058 161.68 53.70 57.01
N GLY HA 1059 161.45 53.57 58.32
CA GLY HA 1059 160.42 54.32 59.05
C GLY HA 1059 158.96 53.91 58.79
N ILE HA 1060 158.73 52.80 58.09
CA ILE HA 1060 157.39 52.17 58.05
C ILE HA 1060 157.03 51.55 59.41
N GLU HA 1061 155.74 51.42 59.69
CA GLU HA 1061 155.24 50.78 60.91
C GLU HA 1061 155.40 49.24 60.87
N TRP HA 1062 155.52 48.62 62.05
CA TRP HA 1062 155.75 47.18 62.20
C TRP HA 1062 154.47 46.34 62.03
N THR HA 1063 154.07 46.12 60.78
CA THR HA 1063 152.98 45.19 60.43
C THR HA 1063 153.28 44.45 59.13
N ALA HA 1064 152.77 43.22 58.98
CA ALA HA 1064 153.05 42.35 57.84
C ALA HA 1064 152.64 42.98 56.49
N GLU HA 1065 151.56 43.77 56.46
CA GLU HA 1065 151.11 44.49 55.27
C GLU HA 1065 152.09 45.59 54.83
N ALA HA 1066 152.59 46.40 55.76
CA ALA HA 1066 153.60 47.42 55.50
C ALA HA 1066 154.97 46.80 55.16
N ALA HA 1067 155.34 45.68 55.78
CA ALA HA 1067 156.60 44.98 55.52
C ALA HA 1067 156.69 44.52 54.06
N ARG HA 1068 155.65 43.87 53.53
CA ARG HA 1068 155.59 43.52 52.10
C ARG HA 1068 155.62 44.76 51.19
N ASP HA 1069 154.82 45.79 51.49
CA ASP HA 1069 154.79 47.02 50.69
C ASP HA 1069 156.17 47.71 50.58
N PHE HA 1070 157.01 47.68 51.62
CA PHE HA 1070 158.40 48.14 51.51
C PHE HA 1070 159.30 47.12 50.77
N LEU HA 1071 159.35 45.86 51.22
CA LEU HA 1071 160.30 44.86 50.71
C LEU HA 1071 160.11 44.56 49.22
N GLU HA 1072 158.88 44.37 48.77
CA GLU HA 1072 158.58 44.01 47.37
C GLU HA 1072 158.70 45.20 46.40
N GLY HA 1073 158.73 46.45 46.89
CA GLY HA 1073 159.09 47.64 46.12
C GLY HA 1073 160.61 47.84 46.02
N VAL HA 1074 161.30 47.73 47.16
CA VAL HA 1074 162.78 47.68 47.25
C VAL HA 1074 163.30 46.33 46.76
N ASP HA 1083 169.69 36.16 37.11
CA ASP HA 1083 171.13 36.19 37.34
C ASP HA 1083 171.88 35.26 36.37
N ASN HA 1084 173.21 35.38 36.27
CA ASN HA 1084 174.04 34.33 35.68
C ASN HA 1084 173.88 33.04 36.49
N PHE HA 1085 173.80 31.89 35.84
CA PHE HA 1085 173.68 30.56 36.48
C PHE HA 1085 174.20 29.47 35.53
N ILE HA 1086 175.40 28.96 35.77
CA ILE HA 1086 175.95 27.82 35.00
C ILE HA 1086 175.46 26.49 35.58
N SER HA 1087 175.19 25.51 34.72
CA SER HA 1087 174.84 24.14 35.11
C SER HA 1087 176.10 23.29 35.39
N VAL HA 1088 176.00 22.30 36.29
CA VAL HA 1088 177.11 21.48 36.80
C VAL HA 1088 176.83 19.99 36.59
N ALA HA 1089 177.86 19.23 36.23
CA ALA HA 1089 177.76 17.81 35.84
C ALA HA 1089 177.07 16.93 36.89
N ASP JA 9 128.43 -42.42 59.22
CA ASP JA 9 128.47 -43.87 59.39
C ASP JA 9 129.91 -44.40 59.59
N ASN JA 10 130.08 -45.65 60.07
CA ASN JA 10 131.40 -46.20 60.43
C ASN JA 10 131.51 -47.73 60.28
N LEU JA 11 132.75 -48.24 60.23
CA LEU JA 11 133.07 -49.67 60.09
C LEU JA 11 132.51 -50.54 61.22
N GLY JA 12 132.32 -50.00 62.42
CA GLY JA 12 131.70 -50.71 63.55
C GLY JA 12 130.23 -51.02 63.29
N SER JA 13 129.42 -50.01 62.97
CA SER JA 13 128.00 -50.14 62.59
C SER JA 13 127.79 -51.11 61.44
N GLN JA 14 128.69 -51.15 60.46
CA GLN JA 14 128.60 -51.99 59.26
C GLN JA 14 128.99 -53.46 59.47
N SER JA 15 129.69 -53.82 60.56
CA SER JA 15 130.11 -55.21 60.82
C SER JA 15 128.93 -56.14 61.19
N GLN JA 16 128.99 -57.40 60.81
CA GLN JA 16 127.93 -58.40 61.00
C GLN JA 16 128.04 -59.18 62.33
N PRO JA 17 126.91 -59.66 62.89
CA PRO JA 17 126.88 -60.69 63.93
C PRO JA 17 127.77 -61.92 63.67
N GLY JA 18 128.31 -62.53 64.72
CA GLY JA 18 129.11 -63.75 64.66
C GLY JA 18 129.62 -64.25 66.02
N PRO JA 19 130.43 -65.34 66.03
CA PRO JA 19 130.98 -65.94 67.24
C PRO JA 19 132.14 -65.12 67.85
N CYS JA 20 132.59 -65.49 69.05
CA CYS JA 20 133.70 -64.85 69.77
C CYS JA 20 135.10 -65.22 69.20
N GLY JA 21 135.19 -66.31 68.43
CA GLY JA 21 136.39 -66.83 67.77
C GLY JA 21 136.10 -68.11 66.97
N TYR JA 22 137.13 -68.73 66.39
CA TYR JA 22 137.06 -70.00 65.65
C TYR JA 22 138.23 -70.93 65.98
N ILE JA 23 138.00 -72.24 65.94
CA ILE JA 23 139.05 -73.25 65.80
C ILE JA 23 139.14 -73.65 64.31
N TYR JA 24 140.30 -73.49 63.69
CA TYR JA 24 140.59 -73.98 62.33
C TYR JA 24 141.29 -75.35 62.39
N PHE JA 25 140.86 -76.28 61.55
CA PHE JA 25 141.50 -77.58 61.32
C PHE JA 25 142.05 -77.67 59.88
N TYR JA 26 143.36 -77.88 59.70
CA TYR JA 26 144.02 -77.99 58.38
C TYR JA 26 144.55 -79.39 58.10
N PRO JA 27 144.33 -79.98 56.91
CA PRO JA 27 144.79 -81.33 56.59
C PRO JA 27 146.31 -81.44 56.43
N LEU JA 28 146.94 -82.32 57.18
CA LEU JA 28 148.40 -82.51 57.16
C LEU JA 28 148.94 -83.01 55.80
N ALA JA 29 148.14 -83.75 55.02
CA ALA JA 29 148.57 -84.30 53.74
C ALA JA 29 148.87 -83.23 52.67
N THR JA 30 148.21 -82.07 52.70
CA THR JA 30 148.33 -81.01 51.67
C THR JA 30 148.80 -79.64 52.17
N TYR JA 31 148.68 -79.33 53.46
CA TYR JA 31 149.00 -78.00 54.01
C TYR JA 31 150.52 -77.66 53.91
N PRO JA 32 150.92 -76.43 53.53
CA PRO JA 32 152.32 -76.05 53.30
C PRO JA 32 153.10 -75.74 54.60
N LEU JA 33 153.46 -76.78 55.35
CA LEU JA 33 154.10 -76.70 56.68
C LEU JA 33 155.43 -75.92 56.69
N ARG JA 34 156.30 -76.04 55.68
CA ARG JA 34 157.56 -75.29 55.63
C ARG JA 34 157.38 -73.80 55.36
N GLU JA 35 156.34 -73.40 54.62
CA GLU JA 35 156.02 -71.98 54.45
C GLU JA 35 155.58 -71.33 55.78
N VAL JA 36 154.59 -71.90 56.49
CA VAL JA 36 154.15 -71.31 57.77
C VAL JA 36 155.27 -71.28 58.81
N ALA JA 37 156.16 -72.27 58.83
CA ALA JA 37 157.30 -72.27 59.74
C ALA JA 37 158.23 -71.04 59.57
N THR JA 38 158.41 -70.49 58.37
CA THR JA 38 159.23 -69.28 58.15
C THR JA 38 158.60 -68.01 58.73
N LEU JA 39 157.28 -67.96 58.90
CA LEU JA 39 156.54 -66.88 59.54
C LEU JA 39 156.23 -67.14 61.03
N GLY JA 40 156.61 -68.29 61.58
CA GLY JA 40 156.26 -68.72 62.94
C GLY JA 40 157.31 -68.47 64.02
N THR JA 41 156.96 -68.82 65.26
CA THR JA 41 157.80 -68.71 66.47
C THR JA 41 158.19 -70.07 67.07
N GLY JA 42 158.37 -71.09 66.24
CA GLY JA 42 158.68 -72.45 66.70
C GLY JA 42 160.11 -72.63 67.22
N TYR JA 43 160.27 -73.20 68.41
CA TYR JA 43 161.54 -73.66 68.99
C TYR JA 43 161.63 -75.19 69.00
N ALA JA 44 162.81 -75.78 69.15
CA ALA JA 44 162.98 -77.24 69.21
C ALA JA 44 162.30 -77.84 70.46
N GLY JA 45 161.37 -78.79 70.27
CA GLY JA 45 160.59 -79.41 71.34
C GLY JA 45 159.30 -78.70 71.74
N HIS JA 46 158.86 -77.67 71.00
CA HIS JA 46 157.62 -76.93 71.30
C HIS JA 46 156.36 -77.82 71.33
N ARG JA 47 155.35 -77.38 72.10
CA ARG JA 47 154.01 -77.98 72.17
C ARG JA 47 152.93 -77.01 71.67
N CYS JA 48 153.28 -75.73 71.52
CA CYS JA 48 152.47 -74.67 70.92
C CYS JA 48 153.36 -73.61 70.24
N LEU JA 49 152.85 -72.88 69.24
CA LEU JA 49 153.52 -71.72 68.62
C LEU JA 49 152.52 -70.71 68.03
N THR JA 50 153.00 -69.49 67.76
CA THR JA 50 152.26 -68.43 67.10
C THR JA 50 152.67 -68.23 65.64
N VAL JA 51 151.68 -67.88 64.83
CA VAL JA 51 151.77 -67.53 63.41
C VAL JA 51 150.88 -66.30 63.13
N PRO JA 52 151.10 -65.52 62.06
CA PRO JA 52 150.23 -64.40 61.72
C PRO JA 52 148.86 -64.84 61.15
N LEU JA 53 147.81 -64.04 61.36
CA LEU JA 53 146.54 -64.14 60.63
C LEU JA 53 146.68 -63.60 59.19
N LEU JA 54 146.60 -64.45 58.17
CA LEU JA 54 146.74 -64.12 56.74
C LEU JA 54 145.73 -64.87 55.86
N CYS JA 55 145.07 -64.15 54.96
CA CYS JA 55 144.12 -64.73 54.01
C CYS JA 55 144.86 -65.56 52.96
N GLY JA 56 144.50 -66.84 52.82
CA GLY JA 56 145.10 -67.78 51.87
C GLY JA 56 146.23 -68.65 52.43
N ILE JA 57 146.59 -68.53 53.71
CA ILE JA 57 147.48 -69.49 54.38
C ILE JA 57 147.07 -69.85 55.81
N THR JA 58 146.49 -68.95 56.59
CA THR JA 58 146.00 -69.29 57.95
C THR JA 58 144.49 -69.06 58.12
N VAL JA 59 143.85 -68.18 57.35
CA VAL JA 59 142.39 -68.07 57.22
C VAL JA 59 141.98 -68.07 55.75
N GLU JA 60 140.71 -68.36 55.45
CA GLU JA 60 140.21 -68.37 54.09
C GLU JA 60 140.13 -66.96 53.49
N PRO JA 61 140.24 -66.80 52.15
CA PRO JA 61 140.01 -65.52 51.49
C PRO JA 61 138.65 -64.92 51.84
N GLY JA 62 138.60 -63.61 52.09
CA GLY JA 62 137.37 -62.92 52.46
C GLY JA 62 137.00 -62.99 53.95
N PHE JA 63 137.91 -63.46 54.81
CA PHE JA 63 137.73 -63.41 56.27
C PHE JA 63 137.43 -61.99 56.75
N SER JA 64 136.41 -61.80 57.57
CA SER JA 64 136.07 -60.50 58.14
C SER JA 64 136.78 -60.26 59.48
N ILE JA 65 137.70 -59.29 59.51
CA ILE JA 65 138.47 -58.95 60.72
C ILE JA 65 137.65 -58.15 61.75
N ASN JA 66 136.54 -57.50 61.37
CA ASN JA 66 135.63 -56.78 62.26
C ASN JA 66 134.31 -57.55 62.41
N VAL JA 67 133.75 -57.65 63.62
CA VAL JA 67 132.51 -58.40 63.91
C VAL JA 67 131.71 -57.79 65.05
N LYS JA 68 130.41 -58.09 65.09
CA LYS JA 68 129.60 -57.99 66.31
C LYS JA 68 129.53 -59.37 66.96
N ALA JA 69 130.23 -59.58 68.07
CA ALA JA 69 130.30 -60.86 68.74
C ALA JA 69 129.08 -61.06 69.67
N LEU JA 70 128.33 -62.16 69.50
CA LEU JA 70 127.26 -62.55 70.44
C LEU JA 70 127.89 -63.19 71.68
N HIS JA 71 127.90 -62.48 72.81
CA HIS JA 71 128.67 -62.88 73.99
C HIS JA 71 127.84 -63.18 75.24
N ARG JA 72 126.59 -62.70 75.33
CA ARG JA 72 125.71 -62.92 76.49
C ARG JA 72 124.25 -63.08 76.07
N ARG JA 73 123.54 -64.06 76.62
CA ARG JA 73 122.06 -64.14 76.58
C ARG JA 73 121.52 -63.91 78.00
N PRO JA 74 121.00 -62.71 78.33
CA PRO JA 74 120.44 -62.43 79.67
C PRO JA 74 119.28 -63.37 80.05
N ASP JA 75 118.49 -63.78 79.06
CA ASP JA 75 117.55 -64.90 79.09
C ASP JA 75 117.55 -65.57 77.70
N PRO JA 76 117.01 -66.79 77.54
CA PRO JA 76 117.02 -67.53 76.27
C PRO JA 76 116.47 -66.80 75.04
N ASN JA 77 115.79 -65.67 75.20
CA ASN JA 77 115.10 -64.94 74.13
C ASN JA 77 115.69 -63.56 73.81
N CYS JA 78 116.84 -63.19 74.39
CA CYS JA 78 117.54 -61.94 74.09
C CYS JA 78 119.06 -62.15 73.93
N GLY JA 79 119.66 -61.54 72.91
CA GLY JA 79 121.12 -61.53 72.72
C GLY JA 79 121.74 -60.15 72.90
N LEU JA 80 122.97 -60.10 73.44
CA LEU JA 80 123.78 -58.89 73.48
C LEU JA 80 125.00 -58.97 72.57
N LEU JA 81 125.27 -57.89 71.82
CA LEU JA 81 126.33 -57.79 70.82
C LEU JA 81 127.43 -56.81 71.23
N ARG JA 82 128.70 -57.23 71.11
CA ARG JA 82 129.91 -56.42 71.33
C ARG JA 82 130.67 -56.24 70.01
N ALA JA 83 130.94 -55.02 69.58
CA ALA JA 83 131.73 -54.76 68.38
C ALA JA 83 133.24 -54.88 68.67
N THR JA 84 133.96 -55.71 67.92
CA THR JA 84 135.39 -55.95 68.13
C THR JA 84 136.08 -56.35 66.84
N SER JA 85 137.33 -55.97 66.68
CA SER JA 85 138.24 -56.58 65.71
C SER JA 85 138.87 -57.89 66.23
N TYR JA 86 139.42 -58.68 65.32
CA TYR JA 86 140.22 -59.87 65.64
C TYR JA 86 141.58 -59.53 66.27
N HIS JA 87 142.12 -60.47 67.06
CA HIS JA 87 143.52 -60.47 67.47
C HIS JA 87 144.41 -60.88 66.30
N ARG JA 88 145.54 -60.18 66.16
CA ARG JA 88 146.51 -60.28 65.06
C ARG JA 88 147.25 -61.63 64.94
N ASP JA 89 147.50 -62.33 66.04
CA ASP JA 89 148.17 -63.64 66.07
C ASP JA 89 147.19 -64.81 66.14
N ILE JA 90 147.53 -65.92 65.49
CA ILE JA 90 146.88 -67.23 65.58
C ILE JA 90 147.76 -68.19 66.39
N TYR JA 91 147.16 -68.95 67.31
CA TYR JA 91 147.83 -69.89 68.20
C TYR JA 91 147.63 -71.35 67.75
N VAL JA 92 148.71 -72.03 67.36
CA VAL JA 92 148.72 -73.39 66.80
C VAL JA 92 149.01 -74.42 67.91
N PHE JA 93 148.02 -75.22 68.31
CA PHE JA 93 148.04 -75.97 69.59
C PHE JA 93 147.86 -77.50 69.50
N HIS JA 94 147.29 -78.04 68.42
CA HIS JA 94 147.05 -79.48 68.21
C HIS JA 94 147.91 -80.03 67.07
N ASN JA 95 148.68 -81.08 67.31
CA ASN JA 95 149.74 -81.61 66.42
C ASN JA 95 150.83 -80.59 66.04
N ALA JA 96 151.13 -79.61 66.90
CA ALA JA 96 152.09 -78.53 66.64
C ALA JA 96 153.52 -79.00 66.34
N HIS JA 97 153.92 -80.20 66.77
CA HIS JA 97 155.21 -80.83 66.45
C HIS JA 97 155.44 -81.02 64.93
N MET JA 98 154.36 -81.03 64.13
CA MET JA 98 154.42 -81.10 62.66
C MET JA 98 154.92 -79.82 61.98
N VAL JA 99 154.93 -78.66 62.65
CA VAL JA 99 155.46 -77.41 62.10
C VAL JA 99 156.95 -77.28 62.47
N PRO JA 100 157.89 -77.18 61.51
CA PRO JA 100 159.31 -76.99 61.80
C PRO JA 100 159.62 -75.76 62.69
N PRO JA 101 160.67 -75.82 63.54
CA PRO JA 101 161.14 -74.65 64.29
C PRO JA 101 161.79 -73.59 63.38
N ILE JA 102 161.77 -72.33 63.80
CA ILE JA 102 162.47 -71.21 63.15
C ILE JA 102 163.97 -71.15 63.52
N PHE JA 103 164.35 -71.69 64.69
CA PHE JA 103 165.71 -71.72 65.22
C PHE JA 103 166.07 -73.11 65.78
N GLU JA 104 167.24 -73.64 65.44
CA GLU JA 104 167.62 -75.04 65.75
C GLU JA 104 168.26 -75.26 67.12
N GLY JA 105 168.65 -74.20 67.84
CA GLY JA 105 169.37 -74.32 69.10
C GLY JA 105 168.53 -74.98 70.21
N PRO JA 106 169.03 -76.01 70.92
CA PRO JA 106 168.30 -76.69 71.99
C PRO JA 106 168.31 -75.95 73.34
N GLY JA 107 167.46 -76.37 74.28
CA GLY JA 107 167.50 -75.98 75.70
C GLY JA 107 166.83 -74.67 76.11
N LEU JA 108 166.03 -74.02 75.25
CA LEU JA 108 165.53 -72.67 75.51
C LEU JA 108 164.46 -72.60 76.60
N GLU JA 109 163.65 -73.65 76.76
CA GLU JA 109 162.54 -73.68 77.70
C GLU JA 109 163.01 -73.64 79.17
N ALA JA 110 164.05 -74.40 79.52
CA ALA JA 110 164.70 -74.36 80.82
C ALA JA 110 165.45 -73.05 81.09
N LEU JA 111 166.14 -72.50 80.08
CA LEU JA 111 166.82 -71.20 80.18
C LEU JA 111 165.83 -70.07 80.51
N CYS JA 112 164.67 -70.05 79.84
CA CYS JA 112 163.60 -69.09 80.13
C CYS JA 112 163.04 -69.24 81.56
N GLY JA 113 162.83 -70.47 82.02
CA GLY JA 113 162.29 -70.75 83.35
C GLY JA 113 163.21 -70.31 84.49
N GLU JA 114 164.50 -70.60 84.37
CA GLU JA 114 165.53 -70.17 85.32
C GLU JA 114 165.63 -68.64 85.38
N THR JA 115 165.64 -67.97 84.23
CA THR JA 115 165.79 -66.52 84.14
C THR JA 115 164.55 -65.77 84.64
N ARG JA 116 163.35 -66.28 84.38
CA ARG JA 116 162.08 -65.72 84.89
C ARG JA 116 162.06 -65.69 86.43
N GLU JA 117 162.62 -66.71 87.07
CA GLU JA 117 162.67 -66.80 88.53
C GLU JA 117 163.65 -65.80 89.14
N VAL JA 118 164.87 -65.61 88.61
CA VAL JA 118 165.83 -64.64 89.17
C VAL JA 118 165.37 -63.18 89.04
N PHE JA 119 164.58 -62.82 88.02
CA PHE JA 119 163.93 -61.51 87.91
C PHE JA 119 162.63 -61.39 88.74
N GLY JA 120 162.19 -62.45 89.42
CA GLY JA 120 160.99 -62.44 90.27
C GLY JA 120 159.66 -62.43 89.52
N TYR JA 121 159.61 -62.88 88.27
CA TYR JA 121 158.41 -62.91 87.45
C TYR JA 121 157.55 -64.17 87.66
N ASP JA 122 156.24 -63.98 87.50
CA ASP JA 122 155.18 -64.98 87.63
C ASP JA 122 155.13 -65.98 86.45
N ALA JA 123 155.30 -67.28 86.71
CA ALA JA 123 155.12 -68.37 85.75
C ALA JA 123 153.63 -68.73 85.54
N TYR JA 124 153.28 -69.34 84.40
CA TYR JA 124 151.90 -69.77 84.17
C TYR JA 124 151.46 -70.86 85.16
N SER JA 125 150.35 -70.66 85.86
CA SER JA 125 149.76 -71.67 86.75
C SER JA 125 148.56 -72.32 86.08
N ALA JA 126 148.66 -73.61 85.81
CA ALA JA 126 147.63 -74.39 85.14
C ALA JA 126 146.36 -74.56 86.01
N LEU JA 127 145.20 -74.60 85.36
CA LEU JA 127 143.93 -74.99 85.99
C LEU JA 127 144.01 -76.43 86.56
N PRO JA 128 143.20 -76.79 87.56
CA PRO JA 128 143.18 -78.16 88.11
C PRO JA 128 142.54 -79.21 87.19
N ARG JA 129 141.72 -78.83 86.19
CA ARG JA 129 141.22 -79.75 85.15
C ARG JA 129 142.30 -80.22 84.15
N GLU JA 130 142.08 -81.31 83.45
CA GLU JA 130 142.83 -81.63 82.21
C GLU JA 130 142.44 -80.73 81.02
N SER JA 131 143.33 -80.59 80.03
CA SER JA 131 143.00 -80.07 78.70
C SER JA 131 141.84 -80.84 78.03
N SER JA 132 141.02 -80.15 77.24
CA SER JA 132 139.94 -80.75 76.45
C SER JA 132 140.47 -81.87 75.55
N LYS JA 133 139.86 -83.04 75.62
CA LYS JA 133 140.15 -84.18 74.74
C LYS JA 133 139.71 -83.87 73.29
N PRO JA 134 140.43 -84.33 72.25
CA PRO JA 134 140.08 -84.05 70.86
C PRO JA 134 138.60 -84.27 70.49
N GLY JA 135 138.00 -85.40 70.88
CA GLY JA 135 136.60 -85.72 70.64
C GLY JA 135 135.57 -84.72 71.22
N ASP JA 136 135.96 -83.83 72.13
CA ASP JA 136 135.12 -82.75 72.64
C ASP JA 136 135.00 -81.54 71.70
N PHE JA 137 136.04 -81.24 70.90
CA PHE JA 137 136.08 -80.02 70.07
C PHE JA 137 136.22 -80.27 68.56
N PHE JA 138 136.67 -81.46 68.13
CA PHE JA 138 136.69 -81.85 66.73
C PHE JA 138 135.28 -82.01 66.14
N PRO JA 139 135.04 -81.60 64.87
CA PRO JA 139 133.87 -81.97 64.10
C PRO JA 139 133.62 -83.48 64.05
N GLU JA 140 132.39 -83.88 63.72
CA GLU JA 140 132.01 -85.29 63.52
C GLU JA 140 132.79 -85.99 62.40
N GLY JA 141 133.38 -87.15 62.71
CA GLY JA 141 134.01 -88.05 61.72
C GLY JA 141 135.47 -87.72 61.35
N LEU JA 142 135.97 -86.50 61.52
CA LEU JA 142 137.38 -86.17 61.27
C LEU JA 142 138.33 -86.90 62.24
N ASP JA 143 139.41 -87.47 61.71
CA ASP JA 143 140.46 -88.11 62.48
C ASP JA 143 141.42 -87.07 63.12
N PRO JA 144 141.53 -86.98 64.46
CA PRO JA 144 142.45 -86.04 65.10
C PRO JA 144 143.91 -86.20 64.70
N SER JA 145 144.36 -87.39 64.32
CA SER JA 145 145.74 -87.63 63.86
C SER JA 145 146.04 -87.08 62.46
N ALA JA 146 145.02 -86.77 61.65
CA ALA JA 146 145.16 -86.30 60.27
C ALA JA 146 145.22 -84.76 60.10
N TYR JA 147 145.01 -84.00 61.18
CA TYR JA 147 144.82 -82.54 61.13
C TYR JA 147 145.72 -81.75 62.08
N LEU JA 148 146.03 -80.51 61.70
CA LEU JA 148 146.68 -79.48 62.50
C LEU JA 148 145.59 -78.55 63.08
N GLY JA 149 145.60 -78.26 64.39
CA GLY JA 149 144.57 -77.40 65.02
C GLY JA 149 145.11 -76.07 65.57
N ALA JA 150 144.39 -74.97 65.30
CA ALA JA 150 144.77 -73.61 65.70
C ALA JA 150 143.55 -72.72 66.03
N VAL JA 151 143.72 -71.72 66.90
CA VAL JA 151 142.67 -70.76 67.31
C VAL JA 151 142.89 -69.38 66.71
N ALA JA 152 141.84 -68.80 66.13
CA ALA JA 152 141.70 -67.37 65.84
C ALA JA 152 140.70 -66.75 66.83
N ILE JA 153 141.04 -65.61 67.44
CA ILE JA 153 140.30 -65.07 68.60
C ILE JA 153 140.04 -63.57 68.48
N THR JA 154 138.89 -63.09 68.93
CA THR JA 154 138.61 -61.65 68.97
C THR JA 154 139.35 -60.94 70.10
N GLU JA 155 139.73 -59.69 69.87
CA GLU JA 155 140.57 -58.91 70.78
C GLU JA 155 139.90 -58.68 72.16
N ALA JA 156 138.57 -58.58 72.21
CA ALA JA 156 137.79 -58.40 73.43
C ALA JA 156 137.62 -59.66 74.30
N PHE JA 157 137.74 -60.88 73.75
CA PHE JA 157 137.49 -62.15 74.43
C PHE JA 157 138.72 -63.08 74.56
N LYS JA 158 139.94 -62.60 74.25
CA LYS JA 158 141.18 -63.38 74.37
C LYS JA 158 141.56 -63.74 75.82
N GLU JA 159 141.19 -62.96 76.83
CA GLU JA 159 141.40 -63.39 78.23
C GLU JA 159 140.46 -64.54 78.62
N ARG JA 160 139.24 -64.59 78.08
CA ARG JA 160 138.30 -65.72 78.23
C ARG JA 160 138.83 -67.00 77.60
N LEU JA 161 139.55 -66.92 76.47
CA LEU JA 161 140.27 -68.06 75.90
C LEU JA 161 141.34 -68.58 76.86
N TYR JA 162 142.18 -67.68 77.38
CA TYR JA 162 143.23 -67.98 78.37
C TYR JA 162 142.65 -68.66 79.62
N SER JA 163 141.54 -68.15 80.15
CA SER JA 163 140.93 -68.60 81.41
C SER JA 163 140.02 -69.83 81.29
N GLY JA 164 139.78 -70.36 80.09
CA GLY JA 164 139.00 -71.59 79.90
C GLY JA 164 137.48 -71.39 79.93
N ASN JA 165 137.01 -70.19 79.61
CA ASN JA 165 135.60 -69.76 79.70
C ASN JA 165 134.85 -69.69 78.35
N LEU JA 166 135.46 -70.10 77.22
CA LEU JA 166 134.76 -70.26 75.95
C LEU JA 166 134.20 -71.68 75.77
N VAL JA 167 133.19 -71.83 74.93
CA VAL JA 167 132.54 -73.09 74.55
C VAL JA 167 132.69 -73.31 73.04
N ALA JA 168 133.18 -74.47 72.60
CA ALA JA 168 133.19 -74.89 71.19
C ALA JA 168 131.90 -75.65 70.83
N ILE JA 169 131.36 -75.44 69.62
CA ILE JA 169 130.10 -76.06 69.17
C ILE JA 169 130.32 -76.82 67.84
N PRO JA 170 130.88 -78.04 67.86
CA PRO JA 170 131.22 -78.81 66.65
C PRO JA 170 130.11 -79.01 65.62
N SER JA 171 128.83 -79.07 66.01
CA SER JA 171 127.71 -79.24 65.06
C SER JA 171 127.55 -78.05 64.11
N LEU JA 172 128.00 -76.86 64.49
CA LEU JA 172 128.03 -75.66 63.66
C LEU JA 172 129.27 -75.57 62.76
N LYS JA 173 129.94 -76.69 62.43
CA LYS JA 173 131.09 -76.70 61.50
C LYS JA 173 130.78 -76.00 60.17
N GLN JA 174 131.80 -75.39 59.58
CA GLN JA 174 131.78 -74.85 58.22
C GLN JA 174 133.03 -75.31 57.46
N GLU JA 175 132.87 -75.75 56.21
CA GLU JA 175 133.97 -76.17 55.35
C GLU JA 175 134.49 -74.98 54.53
N VAL JA 176 135.80 -74.76 54.53
CA VAL JA 176 136.46 -73.56 53.99
C VAL JA 176 137.75 -73.91 53.27
N ALA JA 177 138.06 -73.22 52.17
CA ALA JA 177 139.30 -73.42 51.42
C ALA JA 177 140.37 -72.44 51.91
N VAL JA 178 141.52 -72.95 52.37
CA VAL JA 178 142.64 -72.13 52.85
C VAL JA 178 143.85 -72.37 51.94
N GLY JA 179 144.04 -71.46 50.98
CA GLY JA 179 144.91 -71.70 49.84
C GLY JA 179 144.37 -72.87 49.00
N GLN JA 180 145.16 -73.91 48.79
CA GLN JA 180 144.69 -75.17 48.17
C GLN JA 180 143.92 -76.09 49.12
N SER JA 181 144.19 -76.01 50.43
CA SER JA 181 143.80 -77.05 51.38
C SER JA 181 142.33 -76.98 51.81
N ALA JA 182 141.63 -78.11 51.70
CA ALA JA 182 140.26 -78.29 52.18
C ALA JA 182 140.24 -78.33 53.72
N SER JA 183 139.89 -77.21 54.36
CA SER JA 183 139.94 -77.04 55.82
C SER JA 183 138.54 -77.02 56.43
N VAL JA 184 138.45 -77.07 57.76
CA VAL JA 184 137.18 -76.94 58.48
C VAL JA 184 137.34 -75.90 59.59
N ARG JA 185 136.29 -75.15 59.94
CA ARG JA 185 136.27 -74.34 61.18
C ARG JA 185 135.06 -74.62 62.06
N VAL JA 186 135.25 -74.52 63.38
CA VAL JA 186 134.22 -74.63 64.43
C VAL JA 186 134.14 -73.30 65.21
N PRO JA 187 132.96 -72.75 65.51
CA PRO JA 187 132.85 -71.49 66.25
C PRO JA 187 133.11 -71.65 67.77
N LEU JA 188 133.55 -70.58 68.41
CA LEU JA 188 133.67 -70.42 69.87
C LEU JA 188 132.70 -69.34 70.41
N TYR JA 189 131.96 -69.64 71.47
CA TYR JA 189 131.09 -68.68 72.17
C TYR JA 189 131.43 -68.56 73.67
N ASP JA 190 131.34 -67.37 74.26
CA ASP JA 190 131.50 -67.20 75.71
C ASP JA 190 130.42 -67.95 76.49
N LYS JA 191 130.77 -68.66 77.58
CA LYS JA 191 129.80 -69.45 78.36
C LYS JA 191 128.59 -68.66 78.88
N GLU JA 192 128.67 -67.33 78.92
CA GLU JA 192 127.53 -66.45 79.21
C GLU JA 192 126.43 -66.41 78.14
N VAL JA 193 126.58 -67.07 76.98
CA VAL JA 193 125.44 -67.35 76.07
C VAL JA 193 124.58 -68.53 76.53
N PHE JA 194 124.93 -69.25 77.59
CA PHE JA 194 124.13 -70.33 78.15
C PHE JA 194 123.66 -69.97 79.57
N PRO JA 195 122.57 -69.19 79.73
CA PRO JA 195 122.09 -68.77 81.05
C PRO JA 195 121.70 -69.92 82.00
N GLU JA 196 121.25 -71.09 81.52
CA GLU JA 196 121.01 -72.25 82.40
C GLU JA 196 122.32 -72.97 82.83
N GLY JA 197 123.47 -72.55 82.29
CA GLY JA 197 124.79 -73.13 82.51
C GLY JA 197 125.10 -74.32 81.60
N VAL JA 198 126.39 -74.57 81.40
CA VAL JA 198 126.97 -75.79 80.80
C VAL JA 198 127.95 -76.43 81.80
N PRO JA 199 128.13 -77.76 81.83
CA PRO JA 199 129.08 -78.41 82.74
C PRO JA 199 130.51 -77.87 82.60
N GLN JA 200 131.26 -77.77 83.70
CA GLN JA 200 132.61 -77.19 83.69
C GLN JA 200 133.57 -77.87 82.69
N LEU JA 201 133.47 -79.19 82.47
CA LEU JA 201 134.27 -79.90 81.45
C LEU JA 201 133.76 -79.75 80.01
N ARG JA 202 132.57 -79.19 79.78
CA ARG JA 202 132.06 -78.87 78.43
C ARG JA 202 132.66 -77.59 77.84
N GLN JA 203 133.27 -76.74 78.65
CA GLN JA 203 134.06 -75.57 78.24
C GLN JA 203 135.40 -75.99 77.61
N PHE JA 204 135.94 -75.17 76.70
CA PHE JA 204 137.19 -75.43 76.00
C PHE JA 204 138.41 -74.93 76.79
N TYR JA 205 139.37 -75.80 77.05
CA TYR JA 205 140.63 -75.44 77.70
C TYR JA 205 141.82 -76.19 77.12
N ASN JA 206 142.93 -75.51 76.83
CA ASN JA 206 144.19 -76.16 76.53
C ASN JA 206 145.35 -75.52 77.29
N SER JA 207 146.04 -76.29 78.11
CA SER JA 207 147.10 -75.79 78.98
C SER JA 207 148.33 -75.30 78.21
N ASP JA 208 148.70 -75.92 77.10
CA ASP JA 208 149.81 -75.45 76.28
C ASP JA 208 149.51 -74.13 75.59
N LEU JA 209 148.27 -73.93 75.10
CA LEU JA 209 147.82 -72.66 74.55
C LEU JA 209 147.84 -71.55 75.59
N SER JA 210 147.27 -71.76 76.79
CA SER JA 210 147.27 -70.74 77.84
C SER JA 210 148.69 -70.35 78.29
N ARG JA 211 149.57 -71.34 78.49
CA ARG JA 211 151.00 -71.11 78.78
C ARG JA 211 151.71 -70.31 77.69
N CYS JA 212 151.47 -70.61 76.41
CA CYS JA 212 152.03 -69.84 75.29
C CYS JA 212 151.59 -68.36 75.33
N MET JA 213 150.27 -68.08 75.48
CA MET JA 213 149.78 -66.71 75.67
C MET JA 213 150.38 -65.99 76.88
N HIS JA 214 150.57 -66.68 78.00
CA HIS JA 214 151.18 -66.11 79.21
C HIS JA 214 152.57 -65.54 78.93
N GLU JA 215 153.40 -66.31 78.25
CA GLU JA 215 154.78 -65.98 77.93
C GLU JA 215 154.90 -65.03 76.72
N ALA JA 216 154.29 -65.37 75.59
CA ALA JA 216 154.46 -64.62 74.35
C ALA JA 216 153.60 -63.36 74.24
N LEU JA 217 152.48 -63.23 74.94
CA LEU JA 217 151.62 -62.05 74.90
C LEU JA 217 151.68 -61.21 76.19
N TYR JA 218 151.21 -61.76 77.31
CA TYR JA 218 150.94 -60.97 78.52
C TYR JA 218 152.18 -60.54 79.29
N THR JA 219 153.25 -61.34 79.31
CA THR JA 219 154.49 -60.98 80.04
C THR JA 219 155.14 -59.70 79.51
N GLY JA 220 155.14 -59.46 78.20
CA GLY JA 220 155.68 -58.24 77.62
C GLY JA 220 154.85 -56.99 77.94
N LEU JA 221 153.52 -57.13 78.06
CA LEU JA 221 152.63 -56.06 78.52
C LEU JA 221 152.87 -55.70 79.99
N ALA JA 222 153.09 -56.70 80.84
CA ALA JA 222 153.51 -56.50 82.22
C ALA JA 222 154.87 -55.79 82.31
N GLN JA 223 155.88 -56.18 81.52
CA GLN JA 223 157.16 -55.48 81.43
C GLN JA 223 157.00 -54.01 81.00
N ALA JA 224 156.12 -53.70 80.05
CA ALA JA 224 155.84 -52.32 79.63
C ALA JA 224 155.23 -51.42 80.74
N LEU JA 225 154.55 -52.00 81.73
CA LEU JA 225 153.99 -51.30 82.90
C LEU JA 225 154.89 -51.36 84.16
N ARG JA 226 155.98 -52.14 84.12
CA ARG JA 226 156.83 -52.53 85.27
C ARG JA 226 156.04 -53.24 86.39
N VAL JA 227 155.30 -54.27 86.01
CA VAL JA 227 154.54 -55.21 86.87
C VAL JA 227 155.16 -56.61 86.77
N ARG JA 228 155.30 -57.34 87.88
CA ARG JA 228 155.80 -58.74 87.92
C ARG JA 228 154.71 -59.81 87.96
N ARG JA 229 153.55 -59.47 88.51
CA ARG JA 229 152.39 -60.36 88.75
C ARG JA 229 151.53 -60.50 87.48
N VAL JA 230 152.00 -61.30 86.52
CA VAL JA 230 151.38 -61.44 85.18
C VAL JA 230 149.96 -62.02 85.27
N GLY JA 231 149.73 -63.05 86.06
CA GLY JA 231 148.41 -63.68 86.22
C GLY JA 231 147.34 -62.72 86.75
N LYS JA 232 147.68 -61.85 87.72
CA LYS JA 232 146.82 -60.75 88.19
C LYS JA 232 146.59 -59.66 87.15
N LEU JA 233 147.56 -59.33 86.29
CA LEU JA 233 147.32 -58.46 85.13
C LEU JA 233 146.30 -59.08 84.14
N VAL JA 234 146.36 -60.38 83.85
CA VAL JA 234 145.36 -61.03 82.99
C VAL JA 234 143.97 -60.98 83.60
N GLU JA 235 143.83 -61.25 84.90
CA GLU JA 235 142.54 -61.17 85.60
C GLU JA 235 141.90 -59.78 85.56
N LEU JA 236 142.67 -58.70 85.77
CA LEU JA 236 142.10 -57.35 85.70
C LEU JA 236 141.77 -56.88 84.28
N LEU JA 237 142.48 -57.35 83.24
CA LEU JA 237 142.11 -57.07 81.84
C LEU JA 237 140.80 -57.76 81.45
N GLU JA 238 140.56 -59.00 81.90
CA GLU JA 238 139.31 -59.72 81.64
C GLU JA 238 138.09 -58.99 82.22
N LYS JA 239 138.15 -58.63 83.51
CA LYS JA 239 137.08 -57.91 84.19
C LYS JA 239 136.83 -56.52 83.60
N GLN JA 240 137.88 -55.82 83.14
CA GLN JA 240 137.74 -54.57 82.40
C GLN JA 240 136.95 -54.76 81.09
N SER JA 241 137.15 -55.84 80.36
CA SER JA 241 136.42 -56.11 79.12
C SER JA 241 134.96 -56.49 79.39
N LEU JA 242 134.69 -57.34 80.39
CA LEU JA 242 133.34 -57.90 80.60
C LEU JA 242 132.41 -57.09 81.51
N GLN JA 243 132.94 -56.21 82.35
CA GLN JA 243 132.19 -55.47 83.38
C GLN JA 243 132.39 -53.94 83.29
N ASP JA 244 132.85 -53.44 82.13
CA ASP JA 244 132.94 -52.01 81.77
C ASP JA 244 133.78 -51.13 82.74
N GLN JA 245 134.81 -51.67 83.38
CA GLN JA 245 135.57 -51.02 84.46
C GLN JA 245 136.62 -49.98 83.99
N ALA JA 246 136.52 -49.43 82.78
CA ALA JA 246 137.53 -48.54 82.22
C ALA JA 246 137.83 -47.28 83.07
N LYS JA 247 136.82 -46.67 83.72
CA LYS JA 247 136.98 -45.49 84.59
C LYS JA 247 137.27 -45.82 86.07
N VAL JA 248 137.50 -47.08 86.43
CA VAL JA 248 137.88 -47.51 87.78
C VAL JA 248 139.39 -47.81 87.83
N ALA JA 249 140.10 -47.28 88.83
CA ALA JA 249 141.52 -47.60 89.04
C ALA JA 249 141.73 -49.06 89.47
N LYS JA 250 142.77 -49.72 88.95
CA LYS JA 250 142.94 -51.18 89.08
C LYS JA 250 144.39 -51.68 89.11
N VAL JA 251 145.35 -51.06 88.41
CA VAL JA 251 146.74 -51.54 88.39
C VAL JA 251 147.59 -51.05 89.56
N ALA JA 252 147.24 -49.93 90.21
CA ALA JA 252 148.06 -49.31 91.25
C ALA JA 252 148.56 -50.26 92.36
N PRO JA 253 147.77 -51.21 92.90
CA PRO JA 253 148.24 -52.19 93.88
C PRO JA 253 149.39 -53.10 93.40
N LEU JA 254 149.49 -53.39 92.10
CA LEU JA 254 150.53 -54.23 91.52
C LEU JA 254 151.87 -53.51 91.30
N LYS JA 255 151.92 -52.17 91.39
CA LYS JA 255 153.11 -51.35 91.12
C LYS JA 255 154.24 -51.57 92.12
N GLU JA 256 155.47 -51.33 91.70
CA GLU JA 256 156.72 -51.45 92.45
C GLU JA 256 157.69 -50.32 92.06
N PHE JA 257 158.52 -49.86 93.00
CA PHE JA 257 159.35 -48.68 92.84
C PHE JA 257 160.81 -48.92 93.23
N PRO JA 258 161.79 -48.36 92.51
CA PRO JA 258 163.22 -48.47 92.85
C PRO JA 258 163.67 -47.44 93.90
N ALA JA 259 164.86 -47.63 94.47
CA ALA JA 259 165.44 -46.78 95.50
C ALA JA 259 165.65 -45.32 95.06
N SER JA 260 165.90 -45.06 93.77
CA SER JA 260 165.97 -43.71 93.19
C SER JA 260 164.63 -42.95 93.23
N THR JA 261 163.50 -43.66 93.22
CA THR JA 261 162.16 -43.08 93.41
C THR JA 261 161.79 -42.96 94.88
N ILE JA 262 162.12 -43.94 95.73
CA ILE JA 262 161.80 -43.92 97.16
C ILE JA 262 162.62 -42.87 97.92
N SER JA 263 163.90 -42.68 97.57
CA SER JA 263 164.80 -41.68 98.18
C SER JA 263 164.61 -40.25 97.64
N HIS JA 264 163.70 -40.04 96.68
CA HIS JA 264 163.53 -38.76 96.00
C HIS JA 264 162.82 -37.70 96.88
N PRO JA 265 163.21 -36.41 96.83
CA PRO JA 265 162.54 -35.35 97.61
C PRO JA 265 161.06 -35.16 97.24
N ASP JA 266 160.69 -35.41 95.98
CA ASP JA 266 159.29 -35.41 95.51
C ASP JA 266 158.68 -36.83 95.39
N SER JA 267 159.22 -37.82 96.11
CA SER JA 267 158.81 -39.23 95.99
C SER JA 267 157.31 -39.46 96.06
N GLY JA 268 156.56 -38.77 96.94
CA GLY JA 268 155.11 -38.94 97.05
C GLY JA 268 154.34 -38.55 95.79
N ALA JA 269 154.71 -37.43 95.17
CA ALA JA 269 154.15 -36.98 93.89
C ALA JA 269 154.61 -37.86 92.71
N LEU JA 270 155.85 -38.32 92.73
CA LEU JA 270 156.39 -39.24 91.71
C LEU JA 270 155.67 -40.58 91.70
N MET JA 271 155.43 -41.20 92.86
CA MET JA 271 154.67 -42.45 92.95
C MET JA 271 153.23 -42.31 92.45
N ILE JA 272 152.56 -41.18 92.69
CA ILE JA 272 151.22 -40.88 92.14
C ILE JA 272 151.26 -40.68 90.62
N VAL JA 273 152.20 -39.91 90.07
CA VAL JA 273 152.29 -39.68 88.61
C VAL JA 273 152.62 -40.97 87.84
N ASP JA 274 153.59 -41.76 88.30
CA ASP JA 274 153.98 -43.05 87.70
C ASP JA 274 152.82 -44.07 87.72
N SER JA 275 152.08 -44.14 88.84
CA SER JA 275 150.89 -45.00 88.95
C SER JA 275 149.75 -44.54 88.03
N ALA JA 276 149.43 -43.26 88.00
CA ALA JA 276 148.34 -42.73 87.18
C ALA JA 276 148.60 -42.86 85.67
N ALA JA 277 149.85 -42.68 85.23
CA ALA JA 277 150.23 -42.93 83.85
C ALA JA 277 149.99 -44.39 83.42
N CYS JA 278 150.31 -45.37 84.27
CA CYS JA 278 150.06 -46.78 84.00
C CYS JA 278 148.57 -47.12 83.99
N GLU JA 279 147.78 -46.58 84.93
CA GLU JA 279 146.32 -46.74 84.94
C GLU JA 279 145.69 -46.27 83.62
N LEU JA 280 146.09 -45.09 83.13
CA LEU JA 280 145.58 -44.53 81.88
C LEU JA 280 145.96 -45.36 80.66
N ALA JA 281 147.19 -45.88 80.57
CA ALA JA 281 147.59 -46.79 79.49
C ALA JA 281 146.75 -48.08 79.48
N VAL JA 282 146.48 -48.68 80.64
CA VAL JA 282 145.58 -49.85 80.75
C VAL JA 282 144.12 -49.51 80.47
N SER JA 283 143.61 -48.32 80.76
CA SER JA 283 142.26 -47.89 80.34
C SER JA 283 142.14 -47.74 78.82
N TYR JA 284 143.08 -47.06 78.16
CA TYR JA 284 142.91 -46.65 76.76
C TYR JA 284 143.54 -47.58 75.70
N ALA JA 285 144.66 -48.26 75.95
CA ALA JA 285 145.28 -49.11 74.92
C ALA JA 285 144.38 -50.27 74.46
N PRO JA 286 143.77 -51.08 75.35
CA PRO JA 286 142.85 -52.13 74.93
C PRO JA 286 141.64 -51.63 74.12
N ALA JA 287 141.04 -50.50 74.49
CA ALA JA 287 139.93 -49.90 73.74
C ALA JA 287 140.31 -49.57 72.28
N MET JA 288 141.46 -48.94 72.08
CA MET JA 288 141.96 -48.65 70.73
C MET JA 288 142.35 -49.91 69.95
N LEU JA 289 142.90 -50.94 70.59
CA LEU JA 289 143.21 -52.21 69.93
C LEU JA 289 141.96 -53.01 69.53
N GLU JA 290 140.89 -53.00 70.34
CA GLU JA 290 139.61 -53.65 70.06
C GLU JA 290 138.78 -52.97 68.96
N ALA JA 291 139.00 -51.68 68.68
CA ALA JA 291 138.23 -50.90 67.71
C ALA JA 291 138.20 -51.52 66.30
N SER JA 292 137.24 -51.12 65.46
CA SER JA 292 137.14 -51.62 64.08
C SER JA 292 138.22 -51.01 63.19
N HIS JA 293 138.97 -51.82 62.45
CA HIS JA 293 140.13 -51.39 61.65
C HIS JA 293 139.92 -51.58 60.16
N GLU JA 294 140.51 -50.75 59.32
CA GLU JA 294 140.59 -50.96 57.87
C GLU JA 294 141.36 -52.25 57.52
N THR JA 295 140.97 -52.93 56.44
CA THR JA 295 141.65 -54.15 55.97
C THR JA 295 142.73 -53.81 54.93
N PRO JA 296 144.04 -53.93 55.23
CA PRO JA 296 145.09 -53.64 54.26
C PRO JA 296 145.17 -54.64 53.11
N ALA JA 297 145.66 -54.23 51.94
CA ALA JA 297 145.91 -55.16 50.82
C ALA JA 297 147.03 -56.16 51.12
N SER JA 298 147.92 -55.86 52.06
CA SER JA 298 149.02 -56.74 52.48
C SER JA 298 148.55 -57.98 53.26
N LEU JA 299 147.31 -58.03 53.71
CA LEU JA 299 146.74 -59.17 54.44
C LEU JA 299 146.41 -60.38 53.53
N ASN JA 300 146.44 -60.19 52.21
CA ASN JA 300 146.12 -61.19 51.20
C ASN JA 300 147.39 -61.89 50.65
N TYR JA 301 147.75 -63.04 51.21
CA TYR JA 301 149.02 -63.73 50.95
C TYR JA 301 149.18 -64.24 49.50
N ASP JA 302 148.09 -64.54 48.80
CA ASP JA 302 148.14 -65.04 47.43
C ASP JA 302 148.33 -63.90 46.39
N SER JA 303 148.08 -62.63 46.72
CA SER JA 303 148.44 -61.48 45.89
C SER JA 303 149.81 -60.86 46.24
N TRP JA 304 150.60 -61.39 47.17
CA TRP JA 304 151.94 -60.86 47.46
C TRP JA 304 152.86 -60.91 46.23
N PRO JA 305 153.39 -59.78 45.74
CA PRO JA 305 154.29 -59.76 44.59
C PRO JA 305 155.59 -60.56 44.75
N LEU JA 306 156.12 -60.74 45.97
CA LEU JA 306 157.42 -61.39 46.16
C LEU JA 306 157.51 -62.82 45.62
N PHE JA 307 156.38 -63.53 45.46
CA PHE JA 307 156.30 -64.88 44.87
C PHE JA 307 156.22 -64.91 43.34
N ALA JA 308 156.08 -63.79 42.64
CA ALA JA 308 155.65 -63.75 41.23
C ALA JA 308 156.57 -64.49 40.23
N ASP JA 309 157.87 -64.62 40.49
CA ASP JA 309 158.83 -65.38 39.67
C ASP JA 309 159.13 -66.80 40.20
N CYS JA 310 158.53 -67.24 41.32
CA CYS JA 310 158.78 -68.54 41.93
C CYS JA 310 158.12 -69.71 41.17
N GLU JA 311 158.85 -70.79 40.96
CA GLU JA 311 158.31 -72.09 40.55
C GLU JA 311 158.61 -73.18 41.58
N GLY JA 312 157.57 -73.77 42.16
CA GLY JA 312 157.64 -74.86 43.13
C GLY JA 312 157.94 -74.45 44.59
N PRO JA 313 157.80 -75.38 45.54
CA PRO JA 313 157.90 -75.09 46.98
C PRO JA 313 159.26 -74.57 47.46
N GLU JA 314 160.37 -75.04 46.88
CA GLU JA 314 161.71 -74.60 47.30
C GLU JA 314 161.96 -73.12 47.00
N ALA JA 315 161.53 -72.65 45.82
CA ALA JA 315 161.60 -71.24 45.44
C ALA JA 315 160.75 -70.35 46.35
N ARG JA 316 159.56 -70.81 46.76
CA ARG JA 316 158.67 -70.07 47.68
C ARG JA 316 159.26 -69.94 49.09
N VAL JA 317 159.85 -70.99 49.65
CA VAL JA 317 160.55 -70.93 50.95
C VAL JA 317 161.79 -70.02 50.88
N ALA JA 318 162.59 -70.10 49.83
CA ALA JA 318 163.75 -69.24 49.66
C ALA JA 318 163.39 -67.76 49.48
N ALA JA 319 162.25 -67.45 48.83
CA ALA JA 319 161.71 -66.10 48.73
C ALA JA 319 161.27 -65.52 50.09
N LEU JA 320 160.66 -66.33 50.95
CA LEU JA 320 160.31 -65.95 52.32
C LEU JA 320 161.56 -65.66 53.17
N HIS JA 321 162.64 -66.44 53.03
CA HIS JA 321 163.89 -66.15 53.74
C HIS JA 321 164.52 -64.81 53.31
N ARG JA 322 164.52 -64.46 52.02
CA ARG JA 322 164.92 -63.11 51.55
C ARG JA 322 164.03 -62.00 52.12
N TYR JA 323 162.72 -62.22 52.15
CA TYR JA 323 161.78 -61.30 52.80
C TYR JA 323 162.13 -61.06 54.29
N ASN JA 324 162.37 -62.11 55.06
CA ASN JA 324 162.76 -62.00 56.47
C ASN JA 324 164.06 -61.24 56.68
N ALA JA 325 165.09 -61.48 55.86
CA ALA JA 325 166.36 -60.75 55.93
C ALA JA 325 166.17 -59.23 55.77
N SER JA 326 165.23 -58.78 54.91
CA SER JA 326 164.92 -57.35 54.74
C SER JA 326 164.25 -56.69 55.96
N LEU JA 327 163.66 -57.46 56.89
CA LEU JA 327 163.12 -56.97 58.17
C LEU JA 327 164.11 -57.04 59.34
N ALA JA 328 165.17 -57.86 59.28
CA ALA JA 328 166.09 -58.08 60.41
C ALA JA 328 166.68 -56.79 61.03
N PRO JA 329 167.08 -55.74 60.28
CA PRO JA 329 167.63 -54.53 60.90
C PRO JA 329 166.68 -53.81 61.86
N HIS JA 330 165.36 -53.89 61.64
CA HIS JA 330 164.37 -53.39 62.59
C HIS JA 330 164.41 -54.17 63.92
N VAL JA 331 164.46 -55.50 63.85
CA VAL JA 331 164.51 -56.36 65.04
C VAL JA 331 165.83 -56.25 65.78
N SER JA 332 166.98 -56.30 65.08
CA SER JA 332 168.28 -56.20 65.74
C SER JA 332 168.54 -54.82 66.34
N THR JA 333 167.98 -53.74 65.79
CA THR JA 333 168.06 -52.40 66.38
C THR JA 333 167.39 -52.35 67.75
N GLN JA 334 166.21 -52.97 67.90
CA GLN JA 334 165.53 -53.09 69.19
C GLN JA 334 166.26 -53.97 70.21
N ILE JA 335 167.23 -54.80 69.80
CA ILE JA 335 168.14 -55.51 70.72
C ILE JA 335 169.41 -54.71 71.02
N PHE JA 336 170.10 -54.17 70.02
CA PHE JA 336 171.40 -53.52 70.18
C PHE JA 336 171.33 -52.10 70.75
N ALA JA 337 170.23 -51.35 70.61
CA ALA JA 337 170.15 -49.96 71.04
C ALA JA 337 169.94 -49.82 72.55
N THR JA 338 170.77 -49.02 73.23
CA THR JA 338 170.67 -48.75 74.67
C THR JA 338 169.32 -48.15 75.05
N ASN JA 339 168.71 -47.36 74.16
CA ASN JA 339 167.43 -46.69 74.32
C ASN JA 339 166.26 -47.38 73.58
N SER JA 340 166.35 -48.69 73.37
CA SER JA 340 165.24 -49.54 72.90
C SER JA 340 164.03 -49.49 73.83
N VAL JA 341 162.81 -49.57 73.26
CA VAL JA 341 161.56 -49.69 74.02
C VAL JA 341 161.54 -50.92 74.94
N LEU JA 342 162.29 -51.98 74.62
CA LEU JA 342 162.43 -53.18 75.45
C LEU JA 342 163.17 -52.95 76.78
N TYR JA 343 163.90 -51.84 76.94
CA TYR JA 343 164.70 -51.51 78.13
C TYR JA 343 164.20 -50.30 78.94
N VAL JA 344 162.96 -49.83 78.70
CA VAL JA 344 162.33 -48.77 79.49
C VAL JA 344 162.20 -49.20 80.96
N SER JA 345 162.67 -48.37 81.88
CA SER JA 345 162.86 -48.69 83.29
C SER JA 345 161.87 -48.02 84.25
N GLY JA 346 161.13 -47.00 83.82
CA GLY JA 346 160.18 -46.26 84.68
C GLY JA 346 160.09 -44.77 84.41
N VAL JA 347 159.60 -44.02 85.39
CA VAL JA 347 159.42 -42.57 85.34
C VAL JA 347 160.33 -41.90 86.38
N SER JA 348 160.93 -40.77 86.06
CA SER JA 348 161.74 -39.98 86.98
C SER JA 348 161.45 -38.47 86.85
N LYS JA 349 161.91 -37.68 87.82
CA LYS JA 349 161.71 -36.22 87.87
C LYS JA 349 163.05 -35.48 87.93
N SER JA 350 163.13 -34.38 87.19
CA SER JA 350 164.31 -33.52 87.03
C SER JA 350 164.97 -33.09 88.36
N GLU JA 356 165.21 -29.43 82.89
CA GLU JA 356 163.92 -29.52 82.20
C GLU JA 356 162.95 -28.38 82.56
N SER JA 357 162.20 -27.88 81.57
CA SER JA 357 161.06 -26.99 81.79
C SER JA 357 159.89 -27.68 82.50
N LEU JA 358 158.92 -26.93 83.02
CA LEU JA 358 157.86 -27.44 83.90
C LEU JA 358 157.12 -28.66 83.35
N PHE JA 359 156.60 -28.59 82.12
CA PHE JA 359 155.85 -29.70 81.52
C PHE JA 359 156.72 -30.89 81.12
N ASN JA 360 158.02 -30.69 80.90
CA ASN JA 360 158.99 -31.76 80.63
C ASN JA 360 159.61 -32.37 81.90
N SER JA 361 159.33 -31.84 83.09
CA SER JA 361 160.04 -32.19 84.34
C SER JA 361 159.90 -33.64 84.78
N PHE JA 362 158.78 -34.32 84.51
CA PHE JA 362 158.64 -35.77 84.61
C PHE JA 362 158.89 -36.42 83.24
N TYR JA 363 159.65 -37.50 83.19
CA TYR JA 363 160.02 -38.19 81.94
C TYR JA 363 160.28 -39.70 82.09
N MET JA 364 160.22 -40.42 80.96
CA MET JA 364 160.56 -41.86 80.87
C MET JA 364 162.07 -42.12 80.94
N THR JA 365 162.49 -43.12 81.69
CA THR JA 365 163.90 -43.56 81.84
C THR JA 365 164.15 -44.95 81.23
N HIS JA 366 165.41 -45.27 80.92
CA HIS JA 366 165.86 -46.58 80.45
C HIS JA 366 167.07 -47.09 81.23
N GLY JA 367 167.24 -48.41 81.32
CA GLY JA 367 168.45 -49.03 81.85
C GLY JA 367 168.26 -50.43 82.42
N LEU JA 368 169.03 -51.39 81.92
CA LEU JA 368 169.04 -52.78 82.41
C LEU JA 368 169.59 -52.92 83.84
N GLY JA 369 170.53 -52.08 84.26
CA GLY JA 369 171.01 -52.04 85.64
C GLY JA 369 169.88 -51.73 86.61
N THR JA 370 169.04 -50.75 86.29
CA THR JA 370 167.85 -50.41 87.08
C THR JA 370 166.85 -51.56 87.15
N LEU JA 371 166.65 -52.28 86.03
CA LEU JA 371 165.74 -53.42 85.97
C LEU JA 371 166.22 -54.63 86.80
N GLN JA 372 167.51 -54.75 87.14
CA GLN JA 372 168.02 -55.79 88.05
C GLN JA 372 167.81 -55.48 89.55
N GLU JA 373 167.54 -54.25 89.95
CA GLU JA 373 167.52 -53.84 91.37
C GLU JA 373 166.30 -54.33 92.15
N GLY JA 374 166.42 -54.39 93.48
CA GLY JA 374 165.29 -54.57 94.39
C GLY JA 374 164.33 -53.37 94.40
N THR JA 375 163.12 -53.60 94.88
CA THR JA 375 161.99 -52.65 94.83
C THR JA 375 161.22 -52.59 96.14
N TRP JA 376 160.35 -51.58 96.25
CA TRP JA 376 159.39 -51.34 97.34
C TRP JA 376 157.97 -51.19 96.80
N ASP JA 377 156.97 -51.55 97.59
CA ASP JA 377 155.54 -51.51 97.22
C ASP JA 377 154.91 -50.10 97.39
N PRO JA 378 153.64 -49.87 96.99
CA PRO JA 378 152.96 -48.58 97.16
C PRO JA 378 152.84 -48.06 98.61
N CYS JA 379 153.07 -48.90 99.62
CA CYS JA 379 153.11 -48.53 101.04
C CYS JA 379 154.54 -48.49 101.59
N ARG JA 380 155.54 -48.36 100.70
CA ARG JA 380 156.98 -48.23 101.01
C ARG JA 380 157.57 -49.42 101.77
N ARG JA 381 156.95 -50.61 101.71
CA ARG JA 381 157.49 -51.85 102.28
C ARG JA 381 158.38 -52.56 101.25
N PRO JA 382 159.43 -53.31 101.64
CA PRO JA 382 160.26 -54.09 100.70
C PRO JA 382 159.43 -55.07 99.86
N CYS JA 383 159.79 -55.25 98.59
CA CYS JA 383 159.03 -56.05 97.63
C CYS JA 383 159.89 -57.10 96.92
N PHE JA 384 160.40 -56.85 95.70
CA PHE JA 384 161.44 -57.69 95.08
C PHE JA 384 162.82 -57.40 95.71
N SER JA 385 163.65 -58.43 95.91
CA SER JA 385 164.99 -58.30 96.52
C SER JA 385 166.12 -57.96 95.56
N GLY JA 386 165.90 -57.98 94.24
CA GLY JA 386 166.94 -57.74 93.23
C GLY JA 386 167.75 -58.97 92.85
N TRP JA 387 168.57 -58.83 91.81
CA TRP JA 387 169.48 -59.85 91.31
C TRP JA 387 170.90 -59.30 91.11
N GLY JA 388 171.90 -60.04 91.56
CA GLY JA 388 173.31 -59.62 91.48
C GLY JA 388 173.96 -59.75 90.10
N GLY JA 389 173.24 -60.29 89.11
CA GLY JA 389 173.77 -60.64 87.80
C GLY JA 389 174.41 -62.04 87.75
N PRO JA 390 174.95 -62.45 86.60
CA PRO JA 390 175.57 -63.75 86.38
C PRO JA 390 176.73 -64.04 87.35
N GLY JA 394 179.83 -65.54 81.90
CA GLY JA 394 179.77 -65.71 80.46
C GLY JA 394 180.87 -64.97 79.69
N THR JA 395 180.93 -65.20 78.37
CA THR JA 395 182.06 -64.77 77.52
C THR JA 395 182.22 -63.25 77.35
N ASN JA 396 181.20 -62.42 77.64
CA ASN JA 396 181.30 -60.95 77.60
C ASN JA 396 181.86 -60.33 78.90
N GLY JA 397 182.09 -61.11 79.95
CA GLY JA 397 182.72 -60.69 81.21
C GLY JA 397 181.85 -59.87 82.18
N PRO JA 398 182.39 -59.54 83.38
CA PRO JA 398 181.67 -58.90 84.48
C PRO JA 398 181.13 -57.50 84.16
N GLY JA 399 179.93 -57.18 84.66
CA GLY JA 399 179.30 -55.86 84.49
C GLY JA 399 178.76 -55.56 83.08
N ASN JA 400 178.95 -56.47 82.13
CA ASN JA 400 178.54 -56.33 80.74
C ASN JA 400 177.26 -57.13 80.45
N TYR JA 401 176.62 -56.85 79.31
CA TYR JA 401 175.43 -57.54 78.83
C TYR JA 401 175.70 -59.05 78.68
N ALA JA 402 174.78 -59.89 79.12
CA ALA JA 402 174.86 -61.34 79.17
C ALA JA 402 173.64 -61.97 78.49
N VAL JA 403 173.68 -63.27 78.23
CA VAL JA 403 172.54 -63.96 77.58
C VAL JA 403 171.23 -63.81 78.36
N GLU JA 404 171.27 -63.70 79.70
CA GLU JA 404 170.09 -63.41 80.52
C GLU JA 404 169.40 -62.08 80.15
N HIS JA 405 170.14 -61.05 79.74
CA HIS JA 405 169.55 -59.79 79.27
C HIS JA 405 168.82 -59.94 77.93
N LEU JA 406 169.31 -60.80 77.03
CA LEU JA 406 168.57 -61.18 75.81
C LEU JA 406 167.30 -61.97 76.16
N VAL JA 407 167.35 -62.88 77.13
CA VAL JA 407 166.16 -63.60 77.60
C VAL JA 407 165.12 -62.64 78.20
N TYR JA 408 165.54 -61.67 79.02
CA TYR JA 408 164.71 -60.57 79.52
C TYR JA 408 164.06 -59.72 78.39
N ALA JA 409 164.80 -59.35 77.33
CA ALA JA 409 164.25 -58.66 76.16
C ALA JA 409 163.17 -59.48 75.44
N ALA JA 410 163.29 -60.80 75.38
CA ALA JA 410 162.31 -61.73 74.81
C ALA JA 410 161.18 -62.15 75.78
N SER JA 411 160.95 -61.44 76.89
CA SER JA 411 159.88 -61.72 77.87
C SER JA 411 159.87 -63.12 78.47
N PHE JA 412 161.05 -63.75 78.60
CA PHE JA 412 161.22 -65.12 79.12
C PHE JA 412 160.39 -66.15 78.33
N SER JA 413 160.15 -65.90 77.04
CA SER JA 413 159.33 -66.73 76.17
C SER JA 413 160.24 -67.50 75.21
N PRO JA 414 160.28 -68.84 75.23
CA PRO JA 414 161.07 -69.60 74.28
C PRO JA 414 160.61 -69.42 72.83
N ASN JA 415 159.32 -69.19 72.57
CA ASN JA 415 158.79 -68.86 71.25
C ASN JA 415 159.35 -67.53 70.70
N LEU JA 416 159.26 -66.43 71.46
CA LEU JA 416 159.82 -65.14 71.07
C LEU JA 416 161.36 -65.20 70.94
N LEU JA 417 162.07 -65.83 71.89
CA LEU JA 417 163.53 -65.94 71.89
C LEU JA 417 164.06 -66.69 70.66
N ALA JA 418 163.42 -67.78 70.24
CA ALA JA 418 163.74 -68.49 69.01
C ALA JA 418 163.66 -67.58 67.77
N ARG JA 419 162.61 -66.77 67.60
CA ARG JA 419 162.51 -65.84 66.47
C ARG JA 419 163.49 -64.65 66.55
N TYR JA 420 163.81 -64.13 67.74
CA TYR JA 420 164.91 -63.15 67.90
C TYR JA 420 166.25 -63.73 67.46
N ALA JA 421 166.59 -64.96 67.87
CA ALA JA 421 167.84 -65.61 67.47
C ALA JA 421 167.92 -65.84 65.96
N TYR JA 422 166.82 -66.25 65.33
CA TYR JA 422 166.73 -66.33 63.88
C TYR JA 422 167.04 -65.00 63.16
N TYR JA 423 166.54 -63.85 63.63
CA TYR JA 423 166.90 -62.55 63.04
C TYR JA 423 168.36 -62.18 63.31
N LEU JA 424 168.89 -62.43 64.52
CA LEU JA 424 170.30 -62.17 64.84
C LEU JA 424 171.29 -62.98 63.99
N GLN JA 425 170.93 -64.16 63.49
CA GLN JA 425 171.73 -64.93 62.53
C GLN JA 425 172.00 -64.22 61.18
N PHE JA 426 171.22 -63.21 60.78
CA PHE JA 426 171.53 -62.37 59.61
C PHE JA 426 172.56 -61.27 59.85
N CYS JA 427 172.90 -60.96 61.11
CA CYS JA 427 173.77 -59.86 61.49
C CYS JA 427 175.27 -60.19 61.32
N GLN JA 428 176.05 -59.22 60.84
CA GLN JA 428 177.51 -59.27 60.79
C GLN JA 428 178.13 -59.13 62.19
N GLY JA 429 179.24 -59.84 62.42
CA GLY JA 429 180.09 -59.64 63.59
C GLY JA 429 180.99 -58.41 63.44
N GLN JA 430 181.26 -57.72 64.55
CA GLN JA 430 182.17 -56.58 64.62
C GLN JA 430 183.08 -56.74 65.83
N LYS JA 431 184.24 -57.37 65.64
CA LYS JA 431 185.27 -57.53 66.69
C LYS JA 431 185.78 -56.16 67.18
N SER JA 432 185.80 -55.95 68.49
CA SER JA 432 186.25 -54.72 69.15
C SER JA 432 187.75 -54.43 68.94
N VAL JA 437 190.71 -62.50 69.53
CA VAL JA 437 189.60 -63.44 69.66
C VAL JA 437 189.92 -64.76 68.91
N PRO JA 438 189.58 -65.95 69.45
CA PRO JA 438 189.70 -67.21 68.72
C PRO JA 438 189.03 -67.17 67.35
N GLU JA 439 189.59 -67.88 66.38
CA GLU JA 439 188.96 -68.09 65.08
C GLU JA 439 187.65 -68.87 65.23
N THR JA 440 186.67 -68.65 64.33
CA THR JA 440 185.33 -69.24 64.48
C THR JA 440 185.36 -70.76 64.63
N GLY JA 441 186.12 -71.45 63.77
CA GLY JA 441 186.23 -72.91 63.78
C GLY JA 441 186.96 -73.48 64.99
N SER JA 442 187.94 -72.77 65.54
CA SER JA 442 188.58 -73.19 66.81
C SER JA 442 187.71 -72.86 68.04
N TYR JA 443 186.77 -71.92 67.96
CA TYR JA 443 185.73 -71.77 68.99
C TYR JA 443 184.68 -72.89 68.88
N VAL JA 444 184.12 -73.15 67.69
CA VAL JA 444 183.10 -74.19 67.47
C VAL JA 444 183.61 -75.60 67.81
N ALA JA 445 184.84 -75.96 67.45
CA ALA JA 445 185.43 -77.26 67.83
C ALA JA 445 185.98 -77.27 69.27
N GLY JA 446 186.34 -76.11 69.82
CA GLY JA 446 186.86 -75.93 71.17
C GLY JA 446 185.76 -75.68 72.21
N ALA JA 447 185.76 -74.50 72.84
CA ALA JA 447 184.91 -74.19 73.98
C ALA JA 447 183.39 -74.35 73.74
N ALA JA 448 182.89 -74.24 72.50
CA ALA JA 448 181.47 -74.51 72.23
C ALA JA 448 181.06 -75.99 72.45
N ALA JA 449 181.99 -76.93 72.32
CA ALA JA 449 181.76 -78.37 72.43
C ALA JA 449 181.92 -78.92 73.87
N SER JA 450 182.13 -78.06 74.87
CA SER JA 450 182.32 -78.46 76.26
C SER JA 450 181.03 -79.04 76.88
N PRO JA 451 181.09 -80.16 77.62
CA PRO JA 451 179.93 -80.76 78.27
C PRO JA 451 179.32 -79.91 79.39
N MET JA 452 180.01 -78.85 79.82
CA MET JA 452 179.51 -77.86 80.79
C MET JA 452 178.37 -76.97 80.26
N CYS JA 453 178.13 -76.87 78.94
CA CYS JA 453 177.06 -76.04 78.38
C CYS JA 453 175.66 -76.56 78.76
N SER JA 454 174.90 -75.78 79.54
CA SER JA 454 173.54 -76.12 79.99
C SER JA 454 172.44 -76.02 78.92
N LEU JA 455 172.78 -75.64 77.68
CA LEU JA 455 171.83 -75.60 76.55
C LEU JA 455 171.92 -76.84 75.65
N CYS JA 456 173.12 -77.24 75.21
CA CYS JA 456 173.33 -78.34 74.26
C CYS JA 456 174.23 -79.48 74.75
N GLU JA 457 174.79 -79.42 75.96
CA GLU JA 457 175.76 -80.40 76.47
C GLU JA 457 177.00 -80.58 75.58
N GLY JA 458 177.32 -79.58 74.74
CA GLY JA 458 178.34 -79.66 73.69
C GLY JA 458 177.90 -80.42 72.43
N ARG JA 459 176.72 -81.03 72.40
CA ARG JA 459 176.21 -81.92 71.33
C ARG JA 459 175.56 -81.19 70.14
N ALA JA 460 175.55 -79.85 70.11
CA ALA JA 460 175.13 -79.03 68.96
C ALA JA 460 175.89 -77.68 68.88
N PRO JA 461 177.22 -77.68 68.70
CA PRO JA 461 178.04 -76.50 68.97
C PRO JA 461 177.87 -75.35 67.96
N ALA JA 462 177.51 -75.61 66.71
CA ALA JA 462 177.47 -74.61 65.66
C ALA JA 462 176.19 -73.72 65.67
N VAL JA 463 175.04 -74.27 66.07
CA VAL JA 463 173.76 -73.55 66.18
C VAL JA 463 173.41 -73.04 67.58
N CYS JA 464 174.11 -73.49 68.64
CA CYS JA 464 173.79 -73.12 70.02
C CYS JA 464 173.70 -71.59 70.22
N LEU JA 465 172.75 -71.14 71.05
CA LEU JA 465 172.52 -69.73 71.36
C LEU JA 465 173.78 -69.06 71.95
N ASN JA 466 174.55 -69.77 72.77
CA ASN JA 466 175.82 -69.26 73.28
C ASN JA 466 176.89 -69.04 72.18
N THR JA 467 176.88 -69.81 71.09
CA THR JA 467 177.75 -69.56 69.92
C THR JA 467 177.34 -68.29 69.17
N LEU JA 468 176.04 -68.11 68.93
CA LEU JA 468 175.50 -66.88 68.34
C LEU JA 468 175.81 -65.65 69.20
N PHE JA 469 175.61 -65.76 70.52
CA PHE JA 469 175.94 -64.71 71.48
C PHE JA 469 177.43 -64.35 71.46
N PHE JA 470 178.32 -65.35 71.44
CA PHE JA 470 179.77 -65.13 71.36
C PHE JA 470 180.18 -64.35 70.08
N ARG JA 471 179.57 -64.69 68.93
CA ARG JA 471 179.79 -64.04 67.65
C ARG JA 471 179.39 -62.55 67.62
N LEU JA 472 178.29 -62.17 68.27
CA LEU JA 472 177.71 -60.82 68.28
C LEU JA 472 178.03 -59.97 69.53
N ARG JA 473 178.89 -60.49 70.41
CA ARG JA 473 179.24 -60.01 71.75
C ARG JA 473 179.51 -58.49 71.88
N ASP JA 474 180.35 -57.95 71.00
CA ASP JA 474 180.74 -56.54 71.00
C ASP JA 474 179.66 -55.57 70.46
N ARG JA 475 178.51 -56.06 69.98
CA ARG JA 475 177.37 -55.24 69.51
C ARG JA 475 176.27 -55.03 70.55
N PHE JA 476 176.19 -55.83 71.62
CA PHE JA 476 175.21 -55.63 72.68
C PHE JA 476 175.47 -54.34 73.48
N PRO JA 477 174.44 -53.67 74.02
CA PRO JA 477 174.58 -52.40 74.72
C PRO JA 477 175.26 -52.53 76.10
N PRO JA 478 175.68 -51.43 76.74
CA PRO JA 478 176.11 -51.42 78.14
C PRO JA 478 174.92 -51.57 79.11
N VAL JA 479 175.19 -51.98 80.35
CA VAL JA 479 174.17 -52.16 81.41
C VAL JA 479 174.13 -50.91 82.31
N MET JA 480 173.03 -50.14 82.25
CA MET JA 480 172.95 -48.78 82.79
C MET JA 480 172.04 -48.64 84.02
N SER JA 481 172.46 -47.84 85.01
CA SER JA 481 171.72 -47.54 86.24
C SER JA 481 171.35 -46.06 86.43
N THR JA 482 171.54 -45.20 85.43
CA THR JA 482 171.28 -43.75 85.49
C THR JA 482 169.84 -43.35 85.11
N GLN JA 483 169.48 -42.09 85.33
CA GLN JA 483 168.10 -41.58 85.25
C GLN JA 483 167.97 -40.34 84.30
N ARG JA 484 168.79 -40.22 83.27
CA ARG JA 484 168.78 -39.15 82.25
C ARG JA 484 167.55 -39.19 81.31
N ARG JA 485 167.10 -38.03 80.83
CA ARG JA 485 166.01 -37.84 79.86
C ARG JA 485 166.47 -38.04 78.40
N ASP JA 486 166.38 -39.27 77.89
CA ASP JA 486 166.71 -39.62 76.50
C ASP JA 486 165.46 -39.97 75.67
N PRO JA 487 165.51 -39.88 74.33
CA PRO JA 487 164.53 -40.47 73.42
C PRO JA 487 164.50 -42.00 73.54
N TYR JA 488 163.39 -42.63 73.15
CA TYR JA 488 163.27 -44.10 73.05
C TYR JA 488 162.94 -44.55 71.61
N VAL JA 489 163.34 -45.76 71.23
CA VAL JA 489 163.24 -46.27 69.85
C VAL JA 489 161.97 -47.08 69.62
N ILE JA 490 161.19 -46.76 68.59
CA ILE JA 490 159.93 -47.42 68.21
C ILE JA 490 160.03 -48.06 66.82
N SER JA 491 159.25 -49.11 66.56
CA SER JA 491 159.18 -49.83 65.28
C SER JA 491 157.75 -50.06 64.83
N GLY JA 492 157.46 -50.00 63.53
CA GLY JA 492 156.16 -50.34 62.99
C GLY JA 492 155.90 -49.82 61.58
N ALA JA 493 154.69 -50.00 61.08
CA ALA JA 493 154.24 -49.49 59.79
C ALA JA 493 154.07 -47.97 59.76
N SER JA 494 154.45 -47.34 58.65
CA SER JA 494 154.17 -45.93 58.39
C SER JA 494 152.77 -45.70 57.81
N GLY JA 495 152.22 -44.50 58.03
CA GLY JA 495 150.96 -44.04 57.46
C GLY JA 495 151.07 -43.60 56.00
N SER JA 496 149.95 -43.18 55.42
CA SER JA 496 149.83 -42.85 53.99
C SER JA 496 150.41 -41.48 53.60
N TYR JA 497 150.43 -40.48 54.49
CA TYR JA 497 150.79 -39.10 54.13
C TYR JA 497 152.02 -38.61 54.89
N ASN JA 498 153.20 -38.81 54.30
CA ASN JA 498 154.50 -38.41 54.85
C ASN JA 498 155.07 -37.22 54.05
N GLU JA 499 155.71 -36.27 54.72
CA GLU JA 499 156.29 -35.06 54.12
C GLU JA 499 157.79 -35.02 54.40
N THR JA 500 158.58 -35.59 53.51
CA THR JA 500 160.01 -35.88 53.71
C THR JA 500 160.90 -35.46 52.52
N ASP JA 501 160.41 -34.64 51.58
CA ASP JA 501 161.29 -33.85 50.68
C ASP JA 501 162.05 -32.76 51.46
N PHE JA 502 163.05 -32.09 50.85
CA PHE JA 502 163.99 -31.21 51.54
C PHE JA 502 163.39 -30.10 52.41
N LEU JA 503 162.24 -29.53 52.05
CA LEU JA 503 161.52 -28.52 52.85
C LEU JA 503 160.25 -29.07 53.53
N GLY JA 504 160.12 -30.39 53.66
CA GLY JA 504 159.08 -31.02 54.48
C GLY JA 504 157.66 -30.59 54.12
N ASN JA 505 156.90 -30.13 55.11
CA ASN JA 505 155.51 -29.69 54.98
C ASN JA 505 155.31 -28.24 54.46
N PHE JA 506 156.35 -27.56 54.00
CA PHE JA 506 156.25 -26.24 53.34
C PHE JA 506 155.21 -26.25 52.20
N LEU JA 507 154.22 -25.33 52.20
CA LEU JA 507 153.18 -25.20 51.16
C LEU JA 507 152.52 -26.53 50.76
N ASN JA 508 152.21 -27.41 51.72
CA ASN JA 508 151.56 -28.70 51.46
C ASN JA 508 150.10 -28.53 50.97
N PHE JA 509 149.42 -27.48 51.43
CA PHE JA 509 148.06 -27.09 51.05
C PHE JA 509 147.97 -25.57 50.86
N ILE JA 510 146.93 -25.11 50.17
CA ILE JA 510 146.61 -23.68 49.93
C ILE JA 510 145.18 -23.39 50.42
N TYR JA 525 151.06 -22.60 43.59
CA TYR JA 525 150.71 -24.02 43.67
C TYR JA 525 151.46 -24.73 44.82
N THR JA 526 150.93 -25.86 45.30
CA THR JA 526 151.53 -26.61 46.43
C THR JA 526 152.93 -27.12 46.10
N TYR JA 527 153.76 -27.33 47.12
CA TYR JA 527 155.10 -27.92 46.98
C TYR JA 527 155.03 -29.32 46.38
N TRP JA 528 154.00 -30.10 46.72
CA TRP JA 528 153.74 -31.39 46.07
C TRP JA 528 153.52 -31.25 44.56
N GLN JA 529 152.70 -30.29 44.11
CA GLN JA 529 152.50 -30.00 42.69
C GLN JA 529 153.78 -29.53 42.00
N LEU JA 530 154.56 -28.67 42.65
CA LEU JA 530 155.87 -28.23 42.12
C LEU JA 530 156.82 -29.40 41.84
N ASN JA 531 156.87 -30.39 42.72
CA ASN JA 531 157.68 -31.59 42.51
C ASN JA 531 157.11 -32.46 41.37
N GLN JA 532 155.79 -32.60 41.24
CA GLN JA 532 155.17 -33.27 40.09
C GLN JA 532 155.47 -32.57 38.74
N ASN JA 533 155.48 -31.23 38.70
CA ASN JA 533 155.86 -30.48 37.50
C ASN JA 533 157.31 -30.78 37.08
N LEU JA 534 158.25 -30.77 38.03
CA LEU JA 534 159.65 -31.06 37.74
C LEU JA 534 159.85 -32.48 37.17
N LEU JA 535 159.22 -33.51 37.76
CA LEU JA 535 159.30 -34.87 37.22
C LEU JA 535 158.77 -34.99 35.78
N GLU JA 536 157.72 -34.25 35.42
CA GLU JA 536 157.23 -34.16 34.05
C GLU JA 536 158.26 -33.52 33.09
N ARG JA 537 158.90 -32.40 33.47
CA ARG JA 537 159.98 -31.83 32.66
C ARG JA 537 161.14 -32.81 32.48
N LEU JA 538 161.53 -33.53 33.53
CA LEU JA 538 162.60 -34.54 33.47
C LEU JA 538 162.22 -35.74 32.59
N SER JA 539 160.93 -36.10 32.51
CA SER JA 539 160.43 -37.11 31.58
C SER JA 539 160.65 -36.70 30.11
N ARG JA 540 160.39 -35.43 29.74
CA ARG JA 540 160.72 -34.89 28.41
C ARG JA 540 162.22 -34.87 28.08
N LEU JA 541 163.10 -34.89 29.08
CA LEU JA 541 164.55 -35.05 28.91
C LEU JA 541 165.02 -36.52 28.86
N GLY JA 542 164.11 -37.49 28.98
CA GLY JA 542 164.43 -38.93 28.95
C GLY JA 542 164.87 -39.53 30.30
N ILE JA 543 164.58 -38.87 31.42
CA ILE JA 543 164.96 -39.28 32.79
C ILE JA 543 163.70 -39.75 33.56
N ASP JA 544 163.70 -40.95 34.14
CA ASP JA 544 162.58 -41.45 34.97
C ASP JA 544 162.60 -41.01 36.45
N ALA JA 545 161.59 -41.40 37.22
CA ALA JA 545 161.42 -41.03 38.64
C ALA JA 545 162.52 -41.55 39.59
N GLU JA 546 163.31 -42.55 39.19
CA GLU JA 546 164.47 -43.06 39.94
C GLU JA 546 165.80 -42.61 39.31
N GLY JA 547 165.75 -41.71 38.32
CA GLY JA 547 166.91 -41.11 37.68
C GLY JA 547 167.57 -41.95 36.59
N LYS JA 548 166.94 -43.02 36.09
CA LYS JA 548 167.47 -43.82 34.96
C LYS JA 548 167.25 -43.09 33.63
N LEU JA 549 168.25 -43.12 32.74
CA LEU JA 549 168.15 -42.58 31.38
C LEU JA 549 167.59 -43.62 30.40
N GLU JA 550 166.77 -43.16 29.45
CA GLU JA 550 166.42 -43.94 28.26
C GLU JA 550 167.52 -43.92 27.18
N LYS JA 551 168.50 -43.01 27.28
CA LYS JA 551 169.71 -42.94 26.43
C LYS JA 551 170.91 -42.36 27.21
N GLU JA 552 171.91 -43.19 27.46
CA GLU JA 552 173.12 -42.81 28.21
C GLU JA 552 174.07 -41.91 27.37
N PRO JA 553 174.85 -41.00 27.99
CA PRO JA 553 175.69 -40.04 27.27
C PRO JA 553 176.85 -40.71 26.51
N HIS JA 554 177.03 -40.31 25.26
CA HIS JA 554 178.03 -40.86 24.32
C HIS JA 554 179.49 -40.44 24.56
N GLY JA 555 179.72 -39.28 25.18
CA GLY JA 555 181.04 -38.62 25.21
C GLY JA 555 180.97 -37.22 25.85
N PRO JA 556 182.06 -36.44 25.84
CA PRO JA 556 182.12 -35.12 26.48
C PRO JA 556 180.99 -34.16 26.10
N ARG JA 557 180.67 -33.99 24.81
CA ARG JA 557 179.58 -33.11 24.35
C ARG JA 557 178.24 -33.55 24.94
N ASP JA 558 177.95 -34.84 24.85
CA ASP JA 558 176.69 -35.41 25.33
C ASP JA 558 176.55 -35.33 26.85
N PHE JA 559 177.66 -35.47 27.59
CA PHE JA 559 177.69 -35.31 29.04
C PHE JA 559 177.40 -33.86 29.46
N VAL JA 560 178.03 -32.86 28.81
CA VAL JA 560 177.72 -31.44 29.07
C VAL JA 560 176.27 -31.11 28.68
N LYS JA 561 175.82 -31.55 27.50
CA LYS JA 561 174.45 -31.34 27.00
C LYS JA 561 173.41 -31.89 27.97
N MET JA 562 173.59 -33.11 28.48
CA MET JA 562 172.72 -33.73 29.49
C MET JA 562 172.50 -32.84 30.71
N PHE JA 563 173.56 -32.28 31.30
CA PHE JA 563 173.41 -31.40 32.47
C PHE JA 563 172.83 -30.03 32.14
N LYS JA 564 173.26 -29.37 31.04
CA LYS JA 564 172.76 -28.02 30.70
C LYS JA 564 171.25 -28.03 30.46
N ASP JA 565 170.70 -29.09 29.87
CA ASP JA 565 169.26 -29.26 29.75
C ASP JA 565 168.52 -29.40 31.09
N VAL JA 566 169.04 -30.16 32.06
CA VAL JA 566 168.43 -30.26 33.40
C VAL JA 566 168.48 -28.93 34.15
N ASP JA 567 169.62 -28.24 34.10
CA ASP JA 567 169.74 -26.91 34.71
C ASP JA 567 168.72 -25.91 34.14
N ALA JA 568 168.60 -25.83 32.80
CA ALA JA 568 167.61 -24.98 32.16
C ALA JA 568 166.16 -25.38 32.51
N ALA JA 569 165.85 -26.68 32.61
CA ALA JA 569 164.53 -27.16 33.02
C ALA JA 569 164.16 -26.80 34.47
N VAL JA 570 165.11 -26.89 35.42
CA VAL JA 570 164.89 -26.46 36.81
C VAL JA 570 164.72 -24.94 36.89
N ASP JA 571 165.57 -24.18 36.18
CA ASP JA 571 165.55 -22.73 36.23
C ASP JA 571 164.26 -22.14 35.62
N ALA JA 572 163.68 -22.77 34.58
CA ALA JA 572 162.34 -22.44 34.09
C ALA JA 572 161.24 -22.65 35.16
N GLU JA 573 161.25 -23.75 35.90
CA GLU JA 573 160.23 -24.02 36.91
C GLU JA 573 160.32 -23.09 38.12
N VAL JA 574 161.51 -22.64 38.52
CA VAL JA 574 161.67 -21.64 39.60
C VAL JA 574 160.97 -20.32 39.25
N VAL JA 575 161.09 -19.86 38.01
CA VAL JA 575 160.42 -18.63 37.53
C VAL JA 575 158.90 -18.76 37.62
N GLN JA 576 158.31 -19.82 37.05
CA GLN JA 576 156.85 -20.01 37.13
C GLN JA 576 156.34 -20.12 38.57
N PHE JA 577 157.11 -20.77 39.45
CA PHE JA 577 156.76 -20.84 40.86
C PHE JA 577 156.83 -19.48 41.56
N MET JA 578 157.92 -18.71 41.42
CA MET JA 578 158.04 -17.38 42.04
C MET JA 578 156.99 -16.38 41.52
N ASN JA 579 156.58 -16.48 40.24
CA ASN JA 579 155.44 -15.71 39.70
C ASN JA 579 154.13 -16.05 40.42
N SER JA 580 153.86 -17.33 40.69
CA SER JA 580 152.68 -17.74 41.47
C SER JA 580 152.68 -17.15 42.88
N MET JA 581 153.80 -17.21 43.60
CA MET JA 581 153.88 -16.67 44.96
C MET JA 581 153.65 -15.16 45.00
N ALA JA 582 154.20 -14.43 44.02
CA ALA JA 582 154.06 -12.97 43.91
C ALA JA 582 152.62 -12.52 43.65
N LYS JA 583 151.96 -13.05 42.61
CA LYS JA 583 150.63 -12.57 42.19
C LYS JA 583 149.51 -12.87 43.20
N ASN JA 584 149.70 -13.88 44.05
CA ASN JA 584 148.79 -14.26 45.13
C ASN JA 584 149.14 -13.60 46.50
N ASN JA 585 150.17 -12.77 46.59
CA ASN JA 585 150.64 -12.16 47.86
C ASN JA 585 150.95 -13.20 48.98
N ILE JA 586 151.44 -14.39 48.64
CA ILE JA 586 151.72 -15.45 49.63
C ILE JA 586 153.04 -15.13 50.36
N THR JA 587 153.04 -15.17 51.68
CA THR JA 587 154.22 -14.84 52.52
C THR JA 587 155.23 -16.02 52.64
N TYR JA 588 155.66 -16.57 51.50
CA TYR JA 588 156.50 -17.78 51.43
C TYR JA 588 157.82 -17.64 52.21
N LYS JA 589 158.38 -16.42 52.23
CA LYS JA 589 159.58 -15.99 52.96
C LYS JA 589 159.50 -16.17 54.48
N ASP JA 590 158.31 -16.16 55.08
CA ASP JA 590 158.09 -16.55 56.48
C ASP JA 590 157.64 -18.00 56.64
N LEU JA 591 156.88 -18.57 55.68
CA LEU JA 591 156.47 -19.97 55.75
C LEU JA 591 157.65 -20.96 55.72
N VAL JA 592 158.77 -20.63 55.07
CA VAL JA 592 160.01 -21.44 55.15
C VAL JA 592 160.52 -21.58 56.59
N LYS JA 593 160.51 -20.52 57.41
CA LYS JA 593 161.05 -20.53 58.78
C LYS JA 593 160.38 -21.59 59.67
N SER JA 594 159.08 -21.82 59.49
CA SER JA 594 158.29 -22.72 60.32
C SER JA 594 158.01 -24.11 59.69
N CYS JA 595 158.70 -24.52 58.61
CA CYS JA 595 158.45 -25.84 58.02
C CYS JA 595 159.13 -27.01 58.78
N TYR JA 596 158.47 -28.17 58.81
CA TYR JA 596 158.93 -29.41 59.46
C TYR JA 596 158.92 -30.59 58.48
N HIS JA 597 159.84 -31.53 58.61
CA HIS JA 597 159.61 -32.89 58.12
C HIS JA 597 158.53 -33.58 58.96
N VAL JA 598 157.66 -34.35 58.34
CA VAL JA 598 156.60 -35.10 59.05
C VAL JA 598 156.59 -36.55 58.61
N MET JA 599 156.55 -37.48 59.58
CA MET JA 599 156.30 -38.91 59.36
C MET JA 599 155.10 -39.37 60.18
N GLN JA 600 154.26 -40.22 59.61
CA GLN JA 600 153.13 -40.81 60.29
C GLN JA 600 153.47 -42.22 60.75
N TYR JA 601 153.32 -42.52 62.04
CA TYR JA 601 153.37 -43.87 62.59
C TYR JA 601 151.94 -44.41 62.71
N SER JA 602 151.62 -45.50 62.02
CA SER JA 602 150.26 -46.06 61.94
C SER JA 602 149.81 -46.70 63.25
N CYS JA 603 148.53 -46.56 63.62
CA CYS JA 603 147.93 -47.23 64.78
C CYS JA 603 147.04 -48.43 64.44
N ASN JA 604 147.02 -48.90 63.19
CA ASN JA 604 146.31 -50.12 62.81
C ASN JA 604 147.20 -51.36 63.10
N PRO JA 605 146.78 -52.33 63.95
CA PRO JA 605 147.56 -53.55 64.18
C PRO JA 605 147.68 -54.45 62.95
N PHE JA 606 146.73 -54.40 62.00
CA PHE JA 606 146.78 -55.22 60.78
C PHE JA 606 147.71 -54.64 59.69
N ALA JA 607 148.13 -53.38 59.80
CA ALA JA 607 149.10 -52.75 58.90
C ALA JA 607 150.55 -53.19 59.16
N GLN JA 608 150.87 -53.78 60.30
CA GLN JA 608 152.22 -54.21 60.68
C GLN JA 608 152.70 -55.38 59.80
N PRO JA 609 154.02 -55.61 59.63
CA PRO JA 609 154.52 -56.75 58.85
C PRO JA 609 154.14 -58.10 59.48
N ALA JA 610 153.97 -59.14 58.68
CA ALA JA 610 153.51 -60.47 59.09
C ALA JA 610 154.57 -61.29 59.85
N CYS JA 611 154.93 -60.82 61.04
CA CYS JA 611 155.83 -61.43 62.01
C CYS JA 611 155.24 -61.28 63.43
N PRO JA 612 155.21 -62.34 64.25
CA PRO JA 612 154.78 -62.26 65.64
C PRO JA 612 155.65 -61.36 66.56
N ILE JA 613 156.92 -61.05 66.25
CA ILE JA 613 157.72 -60.08 67.02
C ILE JA 613 157.17 -58.66 66.86
N PHE JA 614 156.68 -58.30 65.67
CA PHE JA 614 156.06 -57.00 65.46
C PHE JA 614 154.75 -56.79 66.23
N THR JA 615 154.04 -57.84 66.63
CA THR JA 615 152.93 -57.75 67.60
C THR JA 615 153.42 -57.14 68.92
N GLN JA 616 154.48 -57.68 69.52
CA GLN JA 616 155.06 -57.16 70.76
C GLN JA 616 155.68 -55.76 70.60
N LEU JA 617 156.43 -55.50 69.53
CA LEU JA 617 157.00 -54.16 69.29
C LEU JA 617 155.90 -53.09 69.10
N PHE JA 618 154.81 -53.38 68.40
CA PHE JA 618 153.70 -52.44 68.23
C PHE JA 618 152.97 -52.15 69.56
N TYR JA 619 152.52 -53.18 70.29
CA TYR JA 619 151.81 -53.04 71.56
C TYR JA 619 152.64 -52.27 72.61
N ARG JA 620 153.93 -52.59 72.74
CA ARG JA 620 154.83 -51.92 73.69
C ARG JA 620 155.18 -50.48 73.29
N SER JA 621 155.27 -50.18 72.00
CA SER JA 621 155.41 -48.80 71.52
C SER JA 621 154.18 -47.97 71.87
N LEU JA 622 152.97 -48.49 71.64
CA LEU JA 622 151.71 -47.82 71.98
C LEU JA 622 151.57 -47.56 73.49
N LEU JA 623 151.77 -48.56 74.35
CA LEU JA 623 151.68 -48.40 75.82
C LEU JA 623 152.68 -47.34 76.32
N THR JA 624 153.89 -47.30 75.77
CA THR JA 624 154.91 -46.31 76.14
C THR JA 624 154.53 -44.90 75.75
N ILE JA 625 154.00 -44.70 74.54
CA ILE JA 625 153.59 -43.39 74.06
C ILE JA 625 152.42 -42.84 74.87
N LEU JA 626 151.45 -43.67 75.26
CA LEU JA 626 150.34 -43.24 76.11
C LEU JA 626 150.79 -42.83 77.51
N GLN JA 627 151.77 -43.52 78.10
CA GLN JA 627 152.37 -43.10 79.37
C GLN JA 627 153.06 -41.73 79.23
N ASP JA 628 153.92 -41.55 78.25
CA ASP JA 628 154.67 -40.31 78.04
C ASP JA 628 153.77 -39.07 77.79
N ILE JA 629 152.69 -39.22 77.03
CA ILE JA 629 151.67 -38.18 76.83
C ILE JA 629 150.96 -37.83 78.14
N SER JA 630 150.68 -38.81 79.00
CA SER JA 630 149.91 -38.58 80.23
C SER JA 630 150.64 -37.83 81.35
N LEU JA 631 151.98 -37.79 81.35
CA LEU JA 631 152.76 -37.29 82.49
C LEU JA 631 152.39 -35.86 82.95
N PRO JA 632 152.35 -34.83 82.08
CA PRO JA 632 152.04 -33.47 82.52
C PRO JA 632 150.56 -33.28 82.91
N ILE JA 633 149.65 -34.06 82.32
CA ILE JA 633 148.22 -34.06 82.67
C ILE JA 633 148.03 -34.51 84.13
N CYS JA 634 148.74 -35.58 84.54
CA CYS JA 634 148.74 -36.08 85.91
C CYS JA 634 149.41 -35.10 86.88
N MET JA 635 150.54 -34.50 86.51
CA MET JA 635 151.25 -33.51 87.31
C MET JA 635 150.39 -32.28 87.62
N CYS JA 636 149.71 -31.70 86.64
CA CYS JA 636 148.86 -30.53 86.86
C CYS JA 636 147.66 -30.86 87.76
N TYR JA 637 147.03 -32.02 87.57
CA TYR JA 637 145.94 -32.44 88.44
C TYR JA 637 146.41 -32.68 89.89
N GLU JA 638 147.56 -33.31 90.09
CA GLU JA 638 148.10 -33.54 91.44
C GLU JA 638 148.59 -32.26 92.11
N ASN JA 639 149.16 -31.29 91.38
CA ASN JA 639 149.49 -29.97 91.94
C ASN JA 639 148.24 -29.27 92.54
N ASP JA 640 147.06 -29.46 91.97
CA ASP JA 640 145.77 -28.94 92.45
C ASP JA 640 145.10 -29.81 93.52
N ASN JA 641 145.45 -31.10 93.58
CA ASN JA 641 144.82 -32.12 94.43
C ASN JA 641 145.92 -32.98 95.10
N PRO JA 642 146.72 -32.40 96.02
CA PRO JA 642 147.98 -33.00 96.46
C PRO JA 642 147.82 -34.35 97.18
N GLY JA 643 148.90 -35.14 97.17
CA GLY JA 643 148.93 -36.47 97.77
C GLY JA 643 148.82 -36.48 99.31
N LEU JA 644 149.36 -35.48 100.00
CA LEU JA 644 149.24 -35.30 101.46
C LEU JA 644 149.58 -36.58 102.27
N GLY JA 645 150.58 -37.33 101.83
CA GLY JA 645 151.03 -38.58 102.45
C GLY JA 645 150.19 -39.83 102.16
N GLN JA 646 149.11 -39.72 101.38
CA GLN JA 646 148.35 -40.89 100.90
C GLN JA 646 149.22 -41.77 99.97
N SER JA 647 149.02 -43.09 100.02
CA SER JA 647 149.53 -44.00 98.99
C SER JA 647 148.76 -43.83 97.67
N PRO JA 648 149.35 -44.11 96.50
CA PRO JA 648 148.67 -43.93 95.23
C PRO JA 648 147.31 -44.66 95.11
N PRO JA 649 147.12 -45.92 95.55
CA PRO JA 649 145.81 -46.58 95.50
C PRO JA 649 144.71 -45.85 96.30
N GLU JA 650 145.04 -45.26 97.45
CA GLU JA 650 144.10 -44.43 98.22
C GLU JA 650 143.75 -43.13 97.48
N TRP JA 651 144.74 -42.43 96.92
CA TRP JA 651 144.54 -41.20 96.18
C TRP JA 651 143.73 -41.40 94.89
N LEU JA 652 144.01 -42.49 94.15
CA LEU JA 652 143.29 -42.84 92.92
C LEU JA 652 141.82 -43.20 93.15
N LYS JA 653 141.48 -43.77 94.32
CA LYS JA 653 140.10 -44.15 94.67
C LYS JA 653 139.13 -42.97 94.57
N GLY JA 654 139.52 -41.79 95.05
CA GLY JA 654 138.75 -40.55 94.86
C GLY JA 654 138.90 -39.90 93.50
N HIS JA 655 140.10 -39.83 92.94
CA HIS JA 655 140.40 -38.93 91.81
C HIS JA 655 140.36 -39.54 90.40
N TYR JA 656 140.42 -40.86 90.23
CA TYR JA 656 140.71 -41.44 88.90
C TYR JA 656 139.62 -41.21 87.84
N GLN JA 657 138.35 -41.26 88.21
CA GLN JA 657 137.24 -41.02 87.26
C GLN JA 657 137.32 -39.63 86.62
N THR JA 658 137.74 -38.61 87.36
CA THR JA 658 137.97 -37.26 86.84
C THR JA 658 139.20 -37.21 85.93
N LEU JA 659 140.31 -37.84 86.34
CA LEU JA 659 141.56 -37.91 85.57
C LEU JA 659 141.39 -38.60 84.20
N CYS JA 660 140.55 -39.64 84.07
CA CYS JA 660 140.20 -40.23 82.76
C CYS JA 660 139.64 -39.20 81.77
N THR JA 661 138.76 -38.32 82.24
CA THR JA 661 138.06 -37.32 81.42
C THR JA 661 138.99 -36.16 81.04
N ASN JA 662 139.87 -35.72 81.95
CA ASN JA 662 140.97 -34.82 81.61
C ASN JA 662 141.86 -35.42 80.50
N PHE JA 663 142.28 -36.67 80.63
CA PHE JA 663 143.13 -37.31 79.62
C PHE JA 663 142.48 -37.33 78.24
N ARG JA 664 141.24 -37.81 78.12
CA ARG JA 664 140.48 -37.84 76.86
C ARG JA 664 140.38 -36.46 76.19
N SER JA 665 140.30 -35.39 76.97
CA SER JA 665 140.18 -34.01 76.48
C SER JA 665 141.53 -33.37 76.09
N LEU JA 666 142.63 -33.78 76.72
CA LEU JA 666 143.95 -33.12 76.62
C LEU JA 666 145.04 -33.94 75.89
N ALA JA 667 144.84 -35.24 75.68
CA ALA JA 667 145.80 -36.10 74.99
C ALA JA 667 145.58 -36.18 73.46
N ILE JA 668 144.33 -36.06 73.00
CA ILE JA 668 143.93 -36.36 71.62
C ILE JA 668 143.70 -35.06 70.82
N ASP JA 669 144.16 -35.01 69.57
CA ASP JA 669 144.16 -33.82 68.71
C ASP JA 669 145.02 -32.63 69.22
N LYS JA 670 145.98 -32.86 70.12
CA LYS JA 670 146.88 -31.83 70.69
C LYS JA 670 148.32 -31.88 70.18
N GLY JA 671 148.61 -32.65 69.13
CA GLY JA 671 149.83 -32.56 68.33
C GLY JA 671 150.63 -33.86 68.17
N VAL JA 672 150.26 -34.95 68.83
CA VAL JA 672 150.93 -36.26 68.70
C VAL JA 672 149.95 -37.33 68.24
N LEU JA 673 148.91 -37.59 69.03
CA LEU JA 673 147.97 -38.69 68.83
C LEU JA 673 146.66 -38.17 68.23
N THR JA 674 146.14 -38.83 67.20
CA THR JA 674 144.81 -38.57 66.67
C THR JA 674 143.95 -39.83 66.76
N ALA JA 675 142.69 -39.64 67.14
CA ALA JA 675 141.68 -40.68 67.26
C ALA JA 675 140.29 -40.07 67.06
N LYS JA 676 139.34 -40.86 66.55
CA LYS JA 676 137.96 -40.44 66.28
C LYS JA 676 137.01 -41.23 67.18
N GLU JA 677 136.18 -40.55 67.96
CA GLU JA 677 135.06 -41.21 68.65
C GLU JA 677 133.89 -41.48 67.69
N ALA JA 678 133.19 -42.59 67.90
CA ALA JA 678 132.05 -43.01 67.11
C ALA JA 678 131.01 -43.77 67.95
N LYS JA 679 129.74 -43.69 67.56
CA LYS JA 679 128.66 -44.55 68.05
C LYS JA 679 128.44 -45.73 67.12
N VAL JA 680 128.29 -46.91 67.68
CA VAL JA 680 128.03 -48.15 66.94
C VAL JA 680 126.55 -48.51 67.07
N VAL JA 681 125.87 -48.76 65.95
CA VAL JA 681 124.46 -49.14 65.92
C VAL JA 681 124.23 -50.36 65.04
N HIS JA 682 123.27 -51.20 65.43
CA HIS JA 682 122.77 -52.31 64.61
C HIS JA 682 121.38 -52.00 64.06
N GLY JA 683 121.16 -52.19 62.75
CA GLY JA 683 119.95 -51.74 62.07
C GLY JA 683 118.71 -52.59 62.37
N GLU JA 684 118.82 -53.92 62.25
CA GLU JA 684 117.70 -54.83 62.48
C GLU JA 684 117.42 -55.08 63.98
N PRO JA 685 116.15 -55.29 64.40
CA PRO JA 685 115.79 -55.62 65.78
C PRO JA 685 116.03 -57.11 66.14
N THR JA 686 116.13 -57.97 65.12
CA THR JA 686 116.43 -59.41 65.21
C THR JA 686 117.47 -59.77 64.14
N CYS JA 687 118.20 -60.89 64.26
CA CYS JA 687 119.07 -61.36 63.17
C CYS JA 687 119.11 -62.89 63.04
N ASP JA 688 119.44 -63.38 61.85
CA ASP JA 688 119.50 -64.82 61.52
C ASP JA 688 120.70 -65.48 62.20
N LEU JA 689 120.46 -66.31 63.21
CA LEU JA 689 121.50 -66.97 64.00
C LEU JA 689 121.13 -68.44 64.29
N PRO JA 690 122.09 -69.32 64.57
CA PRO JA 690 121.80 -70.71 64.90
C PRO JA 690 121.19 -70.84 66.30
N ASP JA 691 120.30 -71.81 66.49
CA ASP JA 691 119.71 -72.09 67.79
C ASP JA 691 120.75 -72.80 68.69
N LEU JA 692 121.41 -72.02 69.56
CA LEU JA 692 122.57 -72.49 70.32
C LEU JA 692 122.22 -73.59 71.35
N ASP JA 693 120.98 -73.63 71.84
CA ASP JA 693 120.49 -74.71 72.69
C ASP JA 693 120.35 -76.03 71.93
N ALA JA 694 119.79 -76.01 70.72
CA ALA JA 694 119.79 -77.18 69.84
C ALA JA 694 121.20 -77.60 69.38
N ALA JA 695 122.07 -76.63 69.06
CA ALA JA 695 123.41 -76.89 68.58
C ALA JA 695 124.30 -77.53 69.65
N LEU JA 696 124.15 -77.16 70.92
CA LEU JA 696 124.78 -77.83 72.06
C LEU JA 696 124.38 -79.30 72.15
N GLN JA 697 123.15 -79.66 71.77
CA GLN JA 697 122.67 -81.05 71.68
C GLN JA 697 122.83 -81.67 70.29
N GLY JA 698 123.58 -81.05 69.38
CA GLY JA 698 123.92 -81.62 68.07
C GLY JA 698 122.92 -81.39 66.92
N ARG JA 699 121.84 -80.65 67.14
CA ARG JA 699 120.79 -80.34 66.14
C ARG JA 699 120.97 -78.92 65.59
N VAL JA 700 120.96 -78.77 64.27
CA VAL JA 700 121.28 -77.49 63.59
C VAL JA 700 120.06 -76.91 62.88
N TYR JA 701 119.58 -75.75 63.33
CA TYR JA 701 118.57 -74.94 62.63
C TYR JA 701 118.59 -73.46 63.09
N GLY JA 702 118.02 -72.58 62.28
CA GLY JA 702 118.06 -71.13 62.47
C GLY JA 702 116.93 -70.56 63.33
N ARG JA 703 117.18 -69.39 63.92
CA ARG JA 703 116.23 -68.59 64.71
C ARG JA 703 116.49 -67.11 64.47
N ARG JA 704 115.45 -66.26 64.46
CA ARG JA 704 115.61 -64.79 64.44
C ARG JA 704 115.59 -64.22 65.85
N LEU JA 705 116.74 -64.31 66.52
CA LEU JA 705 116.95 -63.86 67.90
C LEU JA 705 116.89 -62.31 68.00
N PRO JA 706 116.10 -61.73 68.91
CA PRO JA 706 116.18 -60.32 69.27
C PRO JA 706 117.56 -59.91 69.78
N VAL JA 707 118.10 -58.79 69.32
CA VAL JA 707 119.48 -58.36 69.64
C VAL JA 707 119.61 -56.87 69.94
N ARG JA 708 120.53 -56.52 70.83
CA ARG JA 708 120.96 -55.14 71.12
C ARG JA 708 122.44 -55.01 71.50
N MET JA 709 123.04 -53.84 71.34
CA MET JA 709 124.44 -53.60 71.67
C MET JA 709 124.68 -53.53 73.18
N SER JA 710 125.71 -54.21 73.69
CA SER JA 710 126.16 -54.09 75.10
C SER JA 710 127.10 -52.89 75.35
N LYS JA 711 127.71 -52.35 74.29
CA LYS JA 711 128.51 -51.12 74.30
C LYS JA 711 128.27 -50.31 73.02
N VAL JA 712 128.15 -48.99 73.14
CA VAL JA 712 127.81 -48.10 72.00
C VAL JA 712 128.99 -47.22 71.58
N LEU JA 713 129.79 -46.72 72.52
CA LEU JA 713 130.95 -45.87 72.20
C LEU JA 713 132.18 -46.69 71.75
N MET JA 714 132.86 -46.23 70.70
CA MET JA 714 134.10 -46.78 70.15
C MET JA 714 135.12 -45.66 69.91
N LEU JA 715 136.40 -45.90 70.21
CA LEU JA 715 137.49 -44.94 70.03
C LEU JA 715 138.46 -45.47 68.96
N CYS JA 716 138.27 -45.04 67.71
CA CYS JA 716 139.06 -45.48 66.57
C CYS JA 716 140.40 -44.73 66.52
N PRO JA 717 141.56 -45.38 66.70
CA PRO JA 717 142.85 -44.71 66.61
C PRO JA 717 143.22 -44.45 65.13
N ARG JA 718 144.00 -43.39 64.86
CA ARG JA 718 144.41 -43.04 63.49
C ARG JA 718 145.93 -43.08 63.30
N ASN JA 719 146.66 -42.04 63.73
CA ASN JA 719 148.12 -41.98 63.62
C ASN JA 719 148.78 -41.36 64.86
N ILE JA 720 150.06 -41.68 65.05
CA ILE JA 720 151.01 -40.93 65.88
C ILE JA 720 151.92 -40.14 64.93
N LYS JA 721 152.12 -38.84 65.18
CA LYS JA 721 152.83 -37.93 64.27
C LYS JA 721 154.23 -37.58 64.78
N ILE JA 722 155.25 -37.78 63.95
CA ILE JA 722 156.66 -37.47 64.28
C ILE JA 722 157.10 -36.25 63.47
N LYS JA 723 157.75 -35.28 64.12
CA LYS JA 723 158.14 -33.97 63.53
C LYS JA 723 159.64 -33.73 63.67
N ASN JA 724 160.24 -33.06 62.69
CA ASN JA 724 161.62 -32.57 62.76
C ASN JA 724 161.79 -31.20 62.09
N ARG JA 725 162.28 -30.19 62.81
CA ARG JA 725 162.45 -28.81 62.31
C ARG JA 725 163.52 -28.74 61.20
N VAL JA 726 163.19 -28.03 60.11
CA VAL JA 726 164.06 -27.93 58.92
C VAL JA 726 165.11 -26.81 59.03
N VAL JA 727 164.71 -25.61 59.42
CA VAL JA 727 165.56 -24.41 59.36
C VAL JA 727 166.01 -23.98 60.76
N PHE JA 728 167.31 -23.88 60.94
CA PHE JA 728 167.95 -23.15 62.04
C PHE JA 728 167.99 -21.65 61.70
N THR JA 729 167.40 -20.80 62.56
CA THR JA 729 167.24 -19.35 62.32
C THR JA 729 168.38 -18.47 62.86
N GLY JA 730 169.43 -19.05 63.44
CA GLY JA 730 170.55 -18.29 64.02
C GLY JA 730 170.28 -17.64 65.37
N GLU JA 731 169.06 -17.75 65.92
CA GLU JA 731 168.66 -17.04 67.15
C GLU JA 731 169.35 -17.58 68.41
N ASN JA 732 169.45 -18.90 68.56
CA ASN JA 732 170.14 -19.52 69.70
C ASN JA 732 171.67 -19.51 69.48
N ALA JA 733 172.36 -18.52 70.06
CA ALA JA 733 173.76 -18.22 69.79
C ALA JA 733 174.76 -19.33 70.19
N ALA JA 734 174.35 -20.27 71.05
CA ALA JA 734 175.16 -21.43 71.42
C ALA JA 734 175.28 -22.50 70.31
N LEU JA 735 174.33 -22.53 69.36
CA LEU JA 735 174.24 -23.60 68.35
C LEU JA 735 174.95 -23.29 67.03
N GLN JA 736 175.21 -22.02 66.72
CA GLN JA 736 175.57 -21.57 65.36
C GLN JA 736 176.74 -22.33 64.73
N ASN JA 737 177.75 -22.71 65.51
CA ASN JA 737 178.96 -23.38 65.02
C ASN JA 737 178.71 -24.74 64.35
N SER JA 738 177.59 -25.40 64.65
CA SER JA 738 177.20 -26.65 64.00
C SER JA 738 176.52 -26.41 62.62
N PHE JA 739 175.88 -25.26 62.40
CA PHE JA 739 175.09 -24.95 61.20
C PHE JA 739 175.75 -24.00 60.21
N ILE JA 740 176.78 -23.24 60.60
CA ILE JA 740 177.28 -22.11 59.79
C ILE JA 740 177.87 -22.54 58.42
N LYS JA 741 177.46 -21.84 57.36
CA LYS JA 741 177.94 -22.02 55.99
C LYS JA 741 179.25 -21.25 55.77
N SER JA 742 180.32 -21.96 55.43
CA SER JA 742 181.59 -21.37 54.96
C SER JA 742 181.52 -20.94 53.49
N THR JA 743 182.32 -19.95 53.08
CA THR JA 743 182.34 -19.40 51.70
C THR JA 743 183.73 -19.45 51.03
N THR JA 744 184.81 -19.76 51.77
CA THR JA 744 186.19 -19.76 51.21
C THR JA 744 186.46 -20.91 50.24
N ARG JA 745 187.31 -20.67 49.25
CA ARG JA 745 187.62 -21.56 48.11
C ARG JA 745 188.52 -22.73 48.54
N ARG JA 746 187.95 -23.93 48.66
CA ARG JA 746 188.66 -25.16 49.04
C ARG JA 746 189.26 -25.89 47.84
N GLU JA 747 190.23 -26.76 48.08
CA GLU JA 747 190.83 -27.63 47.04
C GLU JA 747 189.95 -28.85 46.69
N ASN JA 748 189.08 -29.31 47.59
CA ASN JA 748 188.20 -30.48 47.36
C ASN JA 748 186.92 -30.17 46.56
N TYR JA 749 186.79 -28.96 46.00
CA TYR JA 749 185.53 -28.43 45.47
C TYR JA 749 184.95 -29.25 44.30
N ILE JA 750 185.76 -29.92 43.49
CA ILE JA 750 185.28 -30.82 42.44
C ILE JA 750 184.90 -32.17 43.04
N ILE JA 751 185.82 -32.83 43.78
CA ILE JA 751 185.62 -34.20 44.28
C ILE JA 751 184.54 -34.31 45.38
N ASN JA 752 184.29 -33.25 46.16
CA ASN JA 752 183.15 -33.09 47.06
C ASN JA 752 182.03 -32.23 46.44
N GLY JA 753 182.08 -31.97 45.13
CA GLY JA 753 181.12 -31.16 44.39
C GLY JA 753 179.95 -31.96 43.80
N PRO JA 754 179.08 -31.29 43.02
CA PRO JA 754 177.85 -31.88 42.52
C PRO JA 754 178.02 -32.93 41.41
N TYR JA 755 179.20 -33.09 40.80
CA TYR JA 755 179.39 -33.92 39.61
C TYR JA 755 180.19 -35.20 39.81
N MET JA 756 180.90 -35.38 40.93
CA MET JA 756 181.89 -36.47 41.08
C MET JA 756 181.31 -37.87 40.91
N LYS JA 757 180.10 -38.15 41.43
CA LYS JA 757 179.45 -39.46 41.25
C LYS JA 757 179.13 -39.76 39.79
N PHE JA 758 178.69 -38.78 39.00
CA PHE JA 758 178.47 -38.95 37.56
C PHE JA 758 179.77 -39.07 36.77
N LEU JA 759 180.78 -38.27 37.10
CA LEU JA 759 182.12 -38.36 36.51
C LEU JA 759 182.75 -39.75 36.74
N ASN JA 760 182.41 -40.42 37.84
CA ASN JA 760 182.79 -41.80 38.09
C ASN JA 760 181.93 -42.81 37.31
N THR JA 761 180.60 -42.71 37.37
CA THR JA 761 179.68 -43.61 36.64
C THR JA 761 179.96 -43.66 35.14
N TYR JA 762 180.36 -42.54 34.52
CA TYR JA 762 180.64 -42.41 33.09
C TYR JA 762 182.13 -42.36 32.75
N HIS JA 763 183.04 -42.70 33.68
CA HIS JA 763 184.49 -42.59 33.46
C HIS JA 763 184.99 -43.33 32.23
N LYS JA 764 184.57 -44.58 32.02
CA LYS JA 764 184.97 -45.40 30.86
C LYS JA 764 184.47 -44.87 29.51
N THR JA 765 183.38 -44.10 29.47
CA THR JA 765 182.93 -43.39 28.24
C THR JA 765 183.60 -42.03 28.05
N LEU JA 766 183.92 -41.29 29.13
CA LEU JA 766 184.67 -40.02 29.04
C LEU JA 766 186.15 -40.21 28.70
N PHE JA 767 186.84 -41.20 29.29
CA PHE JA 767 188.28 -41.42 29.10
C PHE JA 767 188.58 -42.90 28.77
N PRO JA 768 188.32 -43.35 27.52
CA PRO JA 768 188.49 -44.74 27.09
C PRO JA 768 189.89 -45.31 27.39
N ASP JA 769 189.91 -46.47 28.05
CA ASP JA 769 191.10 -47.24 28.45
C ASP JA 769 192.19 -46.49 29.24
N THR JA 770 191.87 -45.42 29.97
CA THR JA 770 192.86 -44.74 30.83
C THR JA 770 193.18 -45.56 32.08
N LYS JA 771 194.45 -45.53 32.54
CA LYS JA 771 194.89 -46.22 33.77
C LYS JA 771 194.47 -45.49 35.06
N LEU JA 772 194.23 -44.18 34.97
CA LEU JA 772 193.96 -43.28 36.11
C LEU JA 772 192.64 -43.61 36.82
N SER JA 773 192.59 -43.55 38.15
CA SER JA 773 191.34 -43.47 38.88
C SER JA 773 190.63 -42.13 38.62
N SER JA 774 189.30 -42.15 38.59
CA SER JA 774 188.49 -40.94 38.39
C SER JA 774 188.77 -39.87 39.46
N LEU JA 775 188.95 -40.29 40.72
CA LEU JA 775 189.32 -39.45 41.85
C LEU JA 775 190.66 -38.75 41.63
N TYR JA 776 191.70 -39.47 41.19
CA TYR JA 776 192.99 -38.85 40.92
C TYR JA 776 192.96 -37.92 39.70
N LEU JA 777 192.26 -38.29 38.62
CA LEU JA 777 192.15 -37.45 37.41
C LEU JA 777 191.61 -36.04 37.75
N TRP JA 778 190.50 -35.99 38.48
CA TRP JA 778 189.86 -34.74 38.87
C TRP JA 778 190.53 -34.00 40.03
N HIS JA 779 191.27 -34.68 40.91
CA HIS JA 779 192.10 -34.02 41.92
C HIS JA 779 193.38 -33.41 41.31
N ASN JA 780 193.99 -34.10 40.35
CA ASN JA 780 195.09 -33.57 39.53
C ASN JA 780 194.63 -32.34 38.76
N PHE JA 781 193.45 -32.37 38.14
CA PHE JA 781 192.87 -31.18 37.51
C PHE JA 781 192.65 -30.04 38.52
N SER JA 782 192.08 -30.34 39.69
CA SER JA 782 191.88 -29.42 40.82
C SER JA 782 193.16 -28.79 41.39
N ARG JA 783 194.36 -29.24 41.03
CA ARG JA 783 195.63 -28.68 41.54
C ARG JA 783 196.65 -28.28 40.47
N ARG JA 784 196.62 -28.89 39.28
CA ARG JA 784 197.57 -28.66 38.18
C ARG JA 784 196.95 -28.08 36.90
N ARG JA 785 195.62 -27.98 36.82
CA ARG JA 785 194.87 -27.45 35.67
C ARG JA 785 195.17 -28.17 34.35
N SER JA 786 195.12 -29.49 34.32
CA SER JA 786 195.34 -30.28 33.09
C SER JA 786 194.48 -31.55 32.99
N VAL JA 787 194.19 -31.98 31.76
CA VAL JA 787 193.23 -33.06 31.44
C VAL JA 787 193.76 -33.92 30.27
N PRO JA 788 193.66 -35.26 30.31
CA PRO JA 788 194.18 -36.13 29.26
C PRO JA 788 193.19 -36.23 28.08
N VAL JA 789 193.68 -36.17 26.83
CA VAL JA 789 192.82 -36.29 25.62
C VAL JA 789 193.06 -37.63 24.92
N PRO JA 790 192.07 -38.52 24.79
CA PRO JA 790 192.20 -39.82 24.11
C PRO JA 790 192.78 -39.74 22.68
N SER JA 791 193.41 -40.82 22.21
CA SER JA 791 194.36 -40.82 21.09
C SER JA 791 193.84 -40.19 19.78
N GLY JA 792 192.57 -40.45 19.41
CA GLY JA 792 191.92 -39.83 18.25
C GLY JA 792 190.93 -38.71 18.56
N ALA JA 793 190.64 -38.44 19.83
CA ALA JA 793 189.68 -37.41 20.24
C ALA JA 793 190.24 -35.97 20.10
N SER JA 794 189.36 -34.97 20.11
CA SER JA 794 189.71 -33.56 19.88
C SER JA 794 190.06 -32.80 21.17
N ALA JA 795 191.06 -31.90 21.14
CA ALA JA 795 191.51 -31.22 22.36
C ALA JA 795 190.46 -30.28 22.96
N GLU JA 796 189.79 -29.47 22.15
CA GLU JA 796 188.98 -28.36 22.68
C GLU JA 796 187.68 -28.84 23.35
N GLU JA 797 187.11 -29.93 22.84
CA GLU JA 797 186.02 -30.70 23.45
C GLU JA 797 186.28 -31.10 24.91
N TYR JA 798 187.50 -31.52 25.24
CA TYR JA 798 187.90 -31.81 26.61
C TYR JA 798 188.24 -30.55 27.41
N SER JA 799 188.79 -29.51 26.80
CA SER JA 799 188.95 -28.23 27.50
C SER JA 799 187.60 -27.64 27.91
N ASP JA 800 186.54 -27.83 27.11
CA ASP JA 800 185.19 -27.42 27.47
C ASP JA 800 184.60 -28.22 28.64
N LEU JA 801 184.68 -29.56 28.59
CA LEU JA 801 184.29 -30.44 29.69
C LEU JA 801 184.92 -30.01 31.04
N ALA JA 802 186.22 -29.72 31.02
CA ALA JA 802 186.94 -29.26 32.20
C ALA JA 802 186.38 -27.93 32.73
N LEU JA 803 186.14 -26.94 31.86
CA LEU JA 803 185.57 -25.66 32.26
C LEU JA 803 184.13 -25.77 32.74
N PHE JA 804 183.33 -26.71 32.22
CA PHE JA 804 181.99 -26.98 32.75
C PHE JA 804 182.02 -27.50 34.21
N VAL JA 805 182.87 -28.49 34.47
CA VAL JA 805 183.05 -29.10 35.80
C VAL JA 805 183.57 -28.07 36.80
N ASP JA 806 184.58 -27.29 36.43
CA ASP JA 806 185.13 -26.22 37.26
C ASP JA 806 184.08 -25.16 37.61
N GLY JA 807 183.40 -24.62 36.58
CA GLY JA 807 182.41 -23.56 36.74
C GLY JA 807 181.27 -23.95 37.67
N GLY JA 808 180.61 -25.08 37.40
CA GLY JA 808 179.52 -25.56 38.24
C GLY JA 808 179.96 -25.93 39.65
N SER JA 809 181.16 -26.49 39.82
CA SER JA 809 181.67 -26.82 41.16
C SER JA 809 181.90 -25.57 42.03
N ARG JA 810 182.49 -24.48 41.51
CA ARG JA 810 182.61 -23.20 42.25
C ARG JA 810 181.27 -22.52 42.48
N ALA JA 811 180.33 -22.57 41.54
CA ALA JA 811 178.98 -22.02 41.74
C ALA JA 811 178.21 -22.75 42.85
N HIS JA 812 178.35 -24.09 42.92
CA HIS JA 812 177.80 -24.92 44.00
C HIS JA 812 178.48 -24.62 45.34
N GLU JA 813 179.81 -24.46 45.37
CA GLU JA 813 180.58 -24.13 46.57
C GLU JA 813 180.09 -22.82 47.19
N GLU JA 814 179.85 -21.78 46.38
CA GLU JA 814 179.25 -20.51 46.79
C GLU JA 814 177.81 -20.67 47.30
N SER JA 815 176.91 -21.26 46.50
CA SER JA 815 175.45 -21.18 46.75
C SER JA 815 174.84 -22.28 47.64
N ASN JA 816 175.47 -23.45 47.82
CA ASN JA 816 174.79 -24.62 48.40
C ASN JA 816 174.58 -24.58 49.93
N VAL JA 817 173.37 -24.90 50.40
CA VAL JA 817 173.03 -25.08 51.82
C VAL JA 817 172.41 -26.46 52.16
N ILE JA 818 172.49 -27.40 51.21
CA ILE JA 818 171.98 -28.77 51.33
C ILE JA 818 173.18 -29.73 51.27
N ASP JA 819 173.60 -30.29 52.41
CA ASP JA 819 174.88 -31.03 52.55
C ASP JA 819 174.82 -32.48 52.01
N VAL JA 820 174.64 -32.61 50.69
CA VAL JA 820 174.47 -33.87 49.94
C VAL JA 820 175.32 -33.84 48.66
N VAL JA 821 175.98 -34.96 48.34
CA VAL JA 821 176.57 -35.21 47.01
C VAL JA 821 175.59 -36.13 46.25
N PRO JA 822 174.86 -35.64 45.23
CA PRO JA 822 173.73 -36.38 44.65
C PRO JA 822 174.18 -37.57 43.80
N GLY JA 823 173.51 -38.71 43.95
CA GLY JA 823 173.84 -39.94 43.20
C GLY JA 823 173.14 -40.11 41.85
N ASN JA 824 172.02 -39.43 41.61
CA ASN JA 824 171.20 -39.55 40.41
C ASN JA 824 170.65 -38.18 39.96
N LEU JA 825 170.23 -38.07 38.69
CA LEU JA 825 169.79 -36.79 38.10
C LEU JA 825 168.54 -36.20 38.76
N VAL JA 826 167.63 -37.00 39.30
CA VAL JA 826 166.46 -36.50 40.04
C VAL JA 826 166.85 -35.85 41.36
N THR JA 827 167.79 -36.43 42.10
CA THR JA 827 168.31 -35.83 43.34
C THR JA 827 169.12 -34.57 43.02
N TYR JA 828 169.98 -34.60 41.99
CA TYR JA 828 170.68 -33.42 41.49
C TYR JA 828 169.72 -32.26 41.15
N ALA JA 829 168.67 -32.53 40.39
CA ALA JA 829 167.64 -31.56 40.02
C ALA JA 829 166.92 -30.98 41.24
N LYS JA 830 166.44 -31.83 42.15
CA LYS JA 830 165.76 -31.42 43.39
C LYS JA 830 166.65 -30.62 44.34
N GLN JA 831 167.94 -30.91 44.45
CA GLN JA 831 168.88 -30.07 45.19
C GLN JA 831 168.99 -28.67 44.56
N ARG JA 832 169.14 -28.56 43.23
CA ARG JA 832 169.20 -27.27 42.52
C ARG JA 832 167.96 -26.42 42.78
N LEU JA 833 166.77 -27.03 42.72
CA LEU JA 833 165.48 -26.37 42.97
C LEU JA 833 165.37 -25.82 44.41
N ASN JA 834 165.66 -26.63 45.43
CA ASN JA 834 165.48 -26.21 46.82
C ASN JA 834 166.54 -25.19 47.28
N ASN JA 835 167.77 -25.24 46.76
CA ASN JA 835 168.75 -24.16 46.93
C ASN JA 835 168.24 -22.83 46.33
N ALA JA 836 167.41 -22.83 45.29
CA ALA JA 836 166.84 -21.61 44.72
C ALA JA 836 165.74 -21.01 45.61
N ILE JA 837 164.86 -21.81 46.21
CA ILE JA 837 163.79 -21.32 47.11
C ILE JA 837 164.39 -20.70 48.38
N LEU JA 838 165.39 -21.35 48.99
CA LEU JA 838 166.05 -20.85 50.20
C LEU JA 838 166.76 -19.51 49.95
N LYS JA 839 167.34 -19.31 48.76
CA LYS JA 839 167.95 -18.03 48.37
C LYS JA 839 166.91 -16.90 48.24
N ALA JA 840 165.76 -17.16 47.61
CA ALA JA 840 164.65 -16.20 47.54
C ALA JA 840 164.08 -15.86 48.94
N CYS JA 841 164.16 -16.77 49.90
CA CYS JA 841 163.80 -16.52 51.30
C CYS JA 841 164.88 -15.84 52.15
N GLY JA 842 166.05 -15.51 51.58
CA GLY JA 842 167.18 -14.97 52.34
C GLY JA 842 167.91 -15.97 53.27
N GLN JA 843 167.63 -17.27 53.15
CA GLN JA 843 168.24 -18.33 53.96
C GLN JA 843 169.56 -18.78 53.33
N THR JA 844 170.66 -18.11 53.69
CA THR JA 844 171.98 -18.25 53.06
C THR JA 844 173.13 -18.45 54.04
N GLN JA 845 172.91 -18.22 55.34
CA GLN JA 845 173.96 -18.25 56.37
C GLN JA 845 174.19 -19.66 56.96
N PHE JA 846 173.22 -20.56 56.85
CA PHE JA 846 173.19 -21.85 57.55
C PHE JA 846 172.79 -23.01 56.63
N TYR JA 847 173.38 -24.18 56.85
CA TYR JA 847 172.84 -25.45 56.35
C TYR JA 847 171.46 -25.76 56.95
N ILE JA 848 170.59 -26.42 56.17
CA ILE JA 848 169.32 -26.97 56.69
C ILE JA 848 169.51 -28.34 57.37
N SER JA 849 168.59 -28.75 58.26
CA SER JA 849 168.55 -30.13 58.78
C SER JA 849 168.27 -31.15 57.67
N LEU JA 850 168.88 -32.32 57.74
CA LEU JA 850 168.61 -33.45 56.85
C LEU JA 850 168.08 -34.67 57.63
N ILE JA 851 167.17 -35.45 57.03
CA ILE JA 851 166.88 -36.83 57.46
C ILE JA 851 167.39 -37.79 56.38
N GLN JA 852 168.19 -38.79 56.75
CA GLN JA 852 168.65 -39.86 55.85
C GLN JA 852 168.05 -41.22 56.19
N GLY JA 853 167.59 -41.95 55.17
CA GLY JA 853 167.08 -43.31 55.33
C GLY JA 853 168.18 -44.35 55.21
N LEU JA 854 168.25 -45.28 56.16
CA LEU JA 854 169.10 -46.47 56.10
C LEU JA 854 168.27 -47.64 55.57
N VAL JA 855 168.61 -48.18 54.41
CA VAL JA 855 167.82 -49.20 53.69
C VAL JA 855 168.54 -50.55 53.63
N PRO JA 856 167.93 -51.66 54.06
CA PRO JA 856 168.54 -53.00 54.03
C PRO JA 856 168.89 -53.52 52.63
N ARG JA 857 170.12 -54.00 52.46
CA ARG JA 857 170.61 -54.76 51.28
C ARG JA 857 171.02 -56.17 51.71
N THR JA 858 170.51 -57.17 51.02
CA THR JA 858 170.75 -58.59 51.34
C THR JA 858 171.81 -59.16 50.40
N GLN JA 859 172.83 -59.83 50.96
CA GLN JA 859 174.01 -60.32 50.23
C GLN JA 859 174.41 -61.75 50.65
N SER JA 860 174.91 -62.57 49.72
CA SER JA 860 175.44 -63.92 49.98
C SER JA 860 176.95 -63.89 50.14
N VAL JA 861 177.47 -64.50 51.20
CA VAL JA 861 178.90 -64.46 51.60
C VAL JA 861 179.41 -65.86 51.92
N PRO JA 862 180.73 -66.12 51.92
CA PRO JA 862 181.25 -67.44 52.31
C PRO JA 862 180.99 -67.73 53.80
N ALA JA 863 180.49 -68.93 54.12
CA ALA JA 863 179.94 -69.26 55.44
C ALA JA 863 180.98 -69.49 56.56
N ARG JA 864 182.26 -69.28 56.29
CA ARG JA 864 183.40 -69.49 57.20
C ARG JA 864 183.20 -68.92 58.61
N ASP JA 865 182.70 -67.70 58.74
CA ASP JA 865 182.38 -67.05 60.02
C ASP JA 865 180.87 -66.99 60.34
N TYR JA 866 180.05 -67.86 59.73
CA TYR JA 866 178.59 -67.93 59.92
C TYR JA 866 178.17 -69.37 60.28
N PRO JA 867 178.57 -69.87 61.47
CA PRO JA 867 178.59 -71.30 61.78
C PRO JA 867 177.22 -71.98 61.80
N HIS JA 868 176.12 -71.23 61.95
CA HIS JA 868 174.77 -71.78 61.99
C HIS JA 868 174.33 -72.49 60.70
N VAL JA 869 175.01 -72.32 59.56
CA VAL JA 869 174.69 -73.08 58.34
C VAL JA 869 174.95 -74.59 58.50
N LEU JA 870 175.76 -75.03 59.46
CA LEU JA 870 176.06 -76.44 59.68
C LEU JA 870 174.94 -77.22 60.36
N GLY JA 871 173.95 -76.56 60.97
CA GLY JA 871 172.85 -77.21 61.69
C GLY JA 871 173.26 -77.84 63.03
N THR JA 872 172.48 -78.80 63.51
CA THR JA 872 172.68 -79.51 64.81
C THR JA 872 173.83 -80.53 64.79
N ARG JA 873 174.53 -80.67 63.65
CA ARG JA 873 175.72 -81.48 63.39
C ARG JA 873 176.75 -81.43 64.53
N ALA JA 874 177.31 -82.57 64.91
CA ALA JA 874 178.46 -82.64 65.81
C ALA JA 874 179.75 -82.22 65.06
N VAL JA 875 180.54 -81.32 65.65
CA VAL JA 875 181.81 -80.83 65.06
C VAL JA 875 182.97 -81.30 65.92
N GLU JA 876 183.90 -82.06 65.33
CA GLU JA 876 184.97 -82.77 66.06
C GLU JA 876 186.36 -82.10 65.98
N SER JA 877 186.64 -81.36 64.90
CA SER JA 877 187.91 -80.63 64.74
C SER JA 877 187.77 -79.34 63.93
N ALA JA 878 188.71 -78.41 64.09
CA ALA JA 878 188.74 -77.17 63.31
C ALA JA 878 189.00 -77.44 61.81
N ALA JA 879 189.77 -78.48 61.48
CA ALA JA 879 189.96 -78.93 60.11
C ALA JA 879 188.66 -79.45 59.48
N ALA JA 880 187.84 -80.19 60.23
CA ALA JA 880 186.52 -80.62 59.77
C ALA JA 880 185.54 -79.44 59.60
N TYR JA 881 185.54 -78.46 60.52
CA TYR JA 881 184.75 -77.23 60.40
C TYR JA 881 185.11 -76.44 59.13
N ALA JA 882 186.41 -76.24 58.88
CA ALA JA 882 186.91 -75.59 57.68
C ALA JA 882 186.53 -76.35 56.40
N GLU JA 883 186.67 -77.67 56.39
CA GLU JA 883 186.27 -78.51 55.25
C GLU JA 883 184.77 -78.39 54.97
N ALA JA 884 183.92 -78.58 55.99
CA ALA JA 884 182.46 -78.55 55.84
C ALA JA 884 181.90 -77.19 55.38
N THR JA 885 182.50 -76.08 55.82
CA THR JA 885 182.06 -74.74 55.43
C THR JA 885 182.68 -74.23 54.11
N SER JA 886 183.76 -74.83 53.61
CA SER JA 886 184.47 -74.38 52.39
C SER JA 886 183.62 -74.29 51.12
N SER JA 887 182.54 -75.06 51.02
CA SER JA 887 181.61 -75.10 49.88
C SER JA 887 180.26 -74.41 50.14
N LEU JA 888 180.09 -73.69 51.25
CA LEU JA 888 178.80 -73.15 51.71
C LEU JA 888 178.77 -71.62 51.78
N THR JA 889 177.59 -71.04 51.55
CA THR JA 889 177.36 -69.58 51.64
C THR JA 889 176.21 -69.25 52.61
N ALA JA 890 176.35 -68.12 53.30
CA ALA JA 890 175.39 -67.59 54.26
C ALA JA 890 174.76 -66.29 53.73
N THR JA 891 173.47 -66.09 53.95
CA THR JA 891 172.79 -64.82 53.70
C THR JA 891 173.06 -63.85 54.84
N THR JA 892 173.47 -62.62 54.54
CA THR JA 892 173.69 -61.55 55.53
C THR JA 892 173.06 -60.23 55.05
N VAL JA 893 172.83 -59.32 55.99
CA VAL JA 893 172.20 -58.02 55.71
C VAL JA 893 173.09 -56.87 56.20
N VAL JA 894 173.21 -55.83 55.39
CA VAL JA 894 173.82 -54.54 55.73
C VAL JA 894 172.88 -53.41 55.33
N CYS JA 895 173.01 -52.22 55.92
CA CYS JA 895 172.21 -51.05 55.54
C CYS JA 895 173.03 -50.05 54.71
N ALA JA 896 172.43 -49.52 53.64
CA ALA JA 896 173.00 -48.45 52.80
C ALA JA 896 172.27 -47.11 53.00
N ALA JA 897 173.00 -46.02 53.11
CA ALA JA 897 172.41 -44.69 53.25
C ALA JA 897 171.85 -44.20 51.90
N THR JA 898 170.56 -43.88 51.87
CA THR JA 898 169.92 -43.16 50.77
C THR JA 898 170.12 -41.65 50.94
N ASP JA 899 170.34 -40.94 49.83
CA ASP JA 899 170.44 -39.47 49.77
C ASP JA 899 169.08 -38.77 49.57
N CYS JA 900 167.98 -39.51 49.59
CA CYS JA 900 166.66 -39.08 49.16
C CYS JA 900 165.51 -39.88 49.84
N LEU JA 901 165.23 -39.58 51.12
CA LEU JA 901 164.19 -40.28 51.91
C LEU JA 901 162.79 -40.26 51.26
N SER JA 902 162.44 -39.21 50.51
CA SER JA 902 161.08 -39.05 49.98
C SER JA 902 160.64 -40.14 48.99
N GLN JA 903 161.53 -40.67 48.13
CA GLN JA 903 161.18 -41.80 47.26
C GLN JA 903 160.97 -43.12 48.03
N VAL JA 904 161.68 -43.33 49.14
CA VAL JA 904 161.43 -44.48 50.03
C VAL JA 904 160.08 -44.35 50.72
N CYS JA 905 159.70 -43.17 51.19
CA CYS JA 905 158.38 -42.93 51.81
C CYS JA 905 157.19 -43.16 50.85
N LYS JA 906 157.37 -43.05 49.53
CA LYS JA 906 156.34 -43.43 48.54
C LYS JA 906 156.08 -44.94 48.47
N ALA JA 907 157.02 -45.79 48.88
CA ALA JA 907 156.90 -47.25 48.90
C ALA JA 907 156.28 -47.83 50.19
N ARG JA 908 155.58 -46.99 50.97
CA ARG JA 908 154.85 -47.34 52.22
C ARG JA 908 155.70 -48.19 53.20
N PRO JA 909 156.84 -47.65 53.70
CA PRO JA 909 157.85 -48.47 54.37
C PRO JA 909 157.48 -48.89 55.80
N VAL JA 910 158.05 -50.01 56.24
CA VAL JA 910 158.23 -50.34 57.66
C VAL JA 910 159.37 -49.48 58.20
N VAL JA 911 159.19 -48.81 59.34
CA VAL JA 911 160.15 -47.82 59.87
C VAL JA 911 160.59 -48.11 61.32
N THR JA 912 161.82 -47.75 61.65
CA THR JA 912 162.32 -47.70 63.04
C THR JA 912 163.03 -46.38 63.31
N LEU JA 913 162.66 -45.68 64.38
CA LEU JA 913 163.13 -44.33 64.68
C LEU JA 913 163.15 -43.99 66.19
N PRO JA 914 164.00 -43.06 66.66
CA PRO JA 914 163.98 -42.56 68.04
C PRO JA 914 163.01 -41.38 68.21
N VAL JA 915 162.25 -41.31 69.31
CA VAL JA 915 161.35 -40.17 69.61
C VAL JA 915 161.44 -39.68 71.06
N THR JA 916 161.37 -38.36 71.24
CA THR JA 916 161.06 -37.70 72.52
C THR JA 916 159.74 -36.95 72.40
N ILE JA 917 158.80 -37.10 73.33
CA ILE JA 917 157.59 -36.27 73.33
C ILE JA 917 157.79 -35.05 74.26
N ASN JA 918 157.89 -33.87 73.65
CA ASN JA 918 158.06 -32.59 74.31
C ASN JA 918 156.73 -31.85 74.44
N LYS JA 919 156.49 -31.18 75.58
CA LYS JA 919 155.22 -30.53 75.90
C LYS JA 919 155.40 -29.05 76.23
N TYR JA 920 154.50 -28.20 75.77
CA TYR JA 920 154.63 -26.73 75.81
C TYR JA 920 153.26 -26.04 75.85
N THR JA 921 153.23 -24.79 76.32
CA THR JA 921 152.01 -23.97 76.41
C THR JA 921 151.60 -23.42 75.04
N GLY JA 922 150.31 -23.15 74.83
CA GLY JA 922 149.84 -22.42 73.65
C GLY JA 922 150.31 -20.96 73.58
N VAL JA 923 150.23 -20.35 72.38
CA VAL JA 923 150.55 -18.93 72.14
C VAL JA 923 149.35 -17.99 72.32
N ASN JA 924 149.53 -16.69 72.06
CA ASN JA 924 148.48 -15.67 72.06
C ASN JA 924 147.68 -15.63 73.39
N GLY JA 925 148.38 -15.75 74.51
CA GLY JA 925 147.82 -15.70 75.86
C GLY JA 925 147.15 -16.99 76.36
N ASN JA 926 147.18 -18.07 75.58
CA ASN JA 926 146.58 -19.35 75.97
C ASN JA 926 147.36 -20.06 77.10
N ASN JA 927 146.69 -20.95 77.85
CA ASN JA 927 147.25 -21.68 78.99
C ASN JA 927 147.13 -23.22 78.88
N GLN JA 928 146.65 -23.77 77.77
CA GLN JA 928 146.56 -25.22 77.54
C GLN JA 928 147.93 -25.81 77.13
N ILE JA 929 148.06 -27.13 77.26
CA ILE JA 929 149.28 -27.89 76.93
C ILE JA 929 149.12 -28.52 75.54
N PHE JA 930 150.14 -28.38 74.70
CA PHE JA 930 150.29 -29.01 73.38
C PHE JA 930 151.54 -29.90 73.37
N GLN JA 931 151.58 -30.91 72.50
CA GLN JA 931 152.71 -31.86 72.42
C GLN JA 931 153.31 -31.94 71.01
N ALA JA 932 154.60 -32.24 70.92
CA ALA JA 932 155.26 -32.69 69.70
C ALA JA 932 156.10 -33.94 69.95
N GLY JA 933 156.03 -34.92 69.07
CA GLY JA 933 156.94 -36.05 69.02
C GLY JA 933 158.13 -35.70 68.15
N ASN JA 934 159.21 -35.22 68.74
CA ASN JA 934 160.40 -34.79 68.00
C ASN JA 934 161.34 -35.98 67.72
N LEU JA 935 161.79 -36.12 66.47
CA LEU JA 935 162.76 -37.12 66.03
C LEU JA 935 164.11 -36.95 66.74
N GLY JA 936 164.64 -38.02 67.33
CA GLY JA 936 165.87 -38.02 68.12
C GLY JA 936 167.00 -38.87 67.55
N TYR JA 937 167.85 -39.40 68.43
CA TYR JA 937 169.09 -40.13 68.11
C TYR JA 937 169.10 -41.55 68.69
N PHE JA 938 169.79 -42.48 68.04
CA PHE JA 938 170.05 -43.83 68.53
C PHE JA 938 171.21 -43.85 69.54
N MET JA 939 171.10 -44.62 70.60
CA MET JA 939 172.19 -44.86 71.56
C MET JA 939 172.77 -46.27 71.44
N GLY JA 940 174.08 -46.42 71.56
CA GLY JA 940 174.81 -47.69 71.55
C GLY JA 940 175.59 -47.93 70.26
N ARG JA 941 176.90 -48.16 70.35
CA ARG JA 941 177.79 -48.26 69.18
C ARG JA 941 177.53 -49.50 68.30
N GLY JA 942 176.86 -50.53 68.81
CA GLY JA 942 176.55 -51.74 68.05
C GLY JA 942 175.42 -51.63 67.04
N VAL JA 943 174.62 -50.55 67.04
CA VAL JA 943 173.39 -50.43 66.23
C VAL JA 943 173.67 -50.51 64.71
N ASP JA 944 174.46 -49.62 64.13
CA ASP JA 944 174.84 -49.69 62.72
C ASP JA 944 176.12 -48.90 62.43
N ARG JA 945 177.03 -49.45 61.63
CA ARG JA 945 178.31 -48.79 61.29
C ARG JA 945 178.16 -47.40 60.64
N ASN JA 946 177.07 -47.10 59.94
CA ASN JA 946 176.82 -45.76 59.39
C ASN JA 946 176.59 -44.68 60.46
N LEU JA 947 176.22 -45.06 61.67
CA LEU JA 947 176.03 -44.15 62.81
C LEU JA 947 177.34 -43.86 63.57
N LEU JA 948 178.45 -44.55 63.28
CA LEU JA 948 179.73 -44.37 63.98
C LEU JA 948 180.45 -43.07 63.58
N GLN JA 949 180.62 -42.15 64.52
CA GLN JA 949 181.49 -40.98 64.41
C GLN JA 949 182.96 -41.33 64.63
N SER JA 963 175.45 -35.68 65.08
CA SER JA 963 175.42 -34.29 64.67
C SER JA 963 174.06 -33.62 64.97
N MET JA 964 174.07 -32.31 65.20
CA MET JA 964 172.86 -31.47 65.22
C MET JA 964 172.03 -31.59 63.94
N ARG JA 965 172.69 -31.66 62.77
CA ARG JA 965 172.07 -31.34 61.47
C ARG JA 965 171.82 -32.52 60.53
N LYS JA 966 172.17 -33.75 60.93
CA LYS JA 966 171.75 -34.99 60.25
C LYS JA 966 171.13 -35.99 61.25
N LYS JA 967 169.96 -36.51 60.92
CA LYS JA 967 169.25 -37.56 61.68
C LYS JA 967 168.94 -38.76 60.77
N PHE JA 968 168.81 -39.95 61.35
CA PHE JA 968 168.62 -41.20 60.62
C PHE JA 968 167.32 -41.92 61.01
N VAL JA 969 166.71 -42.61 60.05
CA VAL JA 969 165.60 -43.56 60.20
C VAL JA 969 165.95 -44.85 59.44
N PHE JA 970 165.65 -46.03 59.99
CA PHE JA 970 165.70 -47.28 59.20
C PHE JA 970 164.39 -47.47 58.43
N ALA JA 971 164.42 -47.79 57.15
CA ALA JA 971 163.24 -48.02 56.32
C ALA JA 971 163.34 -49.25 55.39
N THR JA 972 162.32 -50.10 55.36
CA THR JA 972 162.17 -51.20 54.37
C THR JA 972 160.89 -51.00 53.56
N PRO JA 973 160.91 -50.92 52.23
CA PRO JA 973 159.69 -50.72 51.43
C PRO JA 973 158.74 -51.93 51.42
N THR JA 974 157.43 -51.72 51.27
CA THR JA 974 156.42 -52.80 51.11
C THR JA 974 155.79 -52.91 49.72
N LEU JA 975 155.72 -51.83 48.93
CA LEU JA 975 155.32 -51.91 47.51
C LEU JA 975 156.30 -52.79 46.71
N GLY JA 976 155.79 -53.79 46.00
CA GLY JA 976 156.58 -54.78 45.27
C GLY JA 976 157.10 -55.94 46.12
N LEU JA 977 156.80 -55.96 47.42
CA LEU JA 977 157.05 -57.11 48.31
C LEU JA 977 155.72 -57.77 48.67
N THR JA 978 154.86 -57.08 49.43
CA THR JA 978 153.57 -57.60 49.92
C THR JA 978 152.35 -56.86 49.34
N VAL JA 979 152.55 -55.70 48.72
CA VAL JA 979 151.51 -54.87 48.06
C VAL JA 979 151.88 -54.62 46.60
N LYS JA 980 150.94 -54.77 45.66
CA LYS JA 980 151.17 -54.64 44.22
C LYS JA 980 151.19 -53.16 43.76
N ARG JA 981 152.14 -52.78 42.90
CA ARG JA 981 152.23 -51.44 42.29
C ARG JA 981 151.06 -51.18 41.31
N THR JA 988 147.62 -44.30 24.22
CA THR JA 988 147.08 -43.63 23.03
C THR JA 988 147.17 -44.50 21.77
N TYR JA 989 146.32 -44.24 20.78
CA TYR JA 989 146.52 -44.70 19.41
C TYR JA 989 147.61 -43.88 18.71
N GLU JA 990 148.32 -44.45 17.75
CA GLU JA 990 149.36 -43.73 17.01
C GLU JA 990 148.82 -42.49 16.25
N ILE JA 991 147.59 -42.55 15.73
CA ILE JA 991 146.93 -41.38 15.12
C ILE JA 991 146.69 -40.22 16.10
N GLU JA 992 146.58 -40.45 17.41
CA GLU JA 992 146.55 -39.38 18.41
C GLU JA 992 147.93 -38.72 18.58
N ASN JA 993 149.00 -39.49 18.50
CA ASN JA 993 150.37 -38.97 18.62
C ASN JA 993 150.80 -38.18 17.38
N ILE JA 994 150.46 -38.64 16.16
CA ILE JA 994 150.67 -37.83 14.94
C ILE JA 994 149.93 -36.49 15.07
N ARG JA 995 148.65 -36.51 15.44
CA ARG JA 995 147.81 -35.32 15.64
C ARG JA 995 148.36 -34.35 16.69
N ALA JA 996 148.79 -34.83 17.85
CA ALA JA 996 149.41 -33.98 18.86
C ALA JA 996 150.70 -33.32 18.35
N GLY JA 997 151.55 -34.06 17.63
CA GLY JA 997 152.79 -33.52 17.05
C GLY JA 997 152.57 -32.46 15.97
N LEU JA 998 151.52 -32.57 15.16
CA LEU JA 998 151.14 -31.53 14.20
C LEU JA 998 150.56 -30.29 14.88
N GLU JA 999 149.68 -30.42 15.88
CA GLU JA 999 149.20 -29.24 16.62
C GLU JA 999 150.34 -28.52 17.36
N ALA JA 1000 151.34 -29.25 17.85
CA ALA JA 1000 152.54 -28.69 18.48
C ALA JA 1000 153.44 -27.90 17.52
N ILE JA 1001 153.57 -28.32 16.25
CA ILE JA 1001 154.25 -27.53 15.21
C ILE JA 1001 153.45 -26.27 14.87
N ILE JA 1002 152.19 -26.41 14.46
CA ILE JA 1002 151.41 -25.30 13.87
C ILE JA 1002 151.18 -24.18 14.91
N SER JA 1003 150.96 -24.53 16.19
CA SER JA 1003 150.80 -23.57 17.30
C SER JA 1003 152.07 -22.77 17.61
N GLN JA 1004 153.25 -23.21 17.15
CA GLN JA 1004 154.54 -22.56 17.41
C GLN JA 1004 155.14 -21.86 16.18
N LYS JA 1005 154.90 -22.36 14.96
CA LYS JA 1005 155.52 -21.84 13.74
C LYS JA 1005 155.09 -20.38 13.48
N GLN JA 1006 156.05 -19.46 13.45
CA GLN JA 1006 155.85 -18.01 13.30
C GLN JA 1006 156.84 -17.43 12.28
N GLU JA 1007 156.40 -16.38 11.59
CA GLU JA 1007 157.19 -15.65 10.57
C GLU JA 1007 157.56 -16.45 9.30
N GLU JA 1008 157.02 -17.68 9.14
CA GLU JA 1008 157.17 -18.53 7.95
C GLU JA 1008 155.93 -19.41 7.73
N ASP JA 1009 155.60 -19.75 6.49
CA ASP JA 1009 154.48 -20.63 6.16
C ASP JA 1009 154.77 -22.12 6.52
N CYS JA 1010 153.85 -22.80 7.20
CA CYS JA 1010 154.12 -24.09 7.87
C CYS JA 1010 153.97 -25.37 7.02
N VAL JA 1011 153.47 -25.29 5.77
CA VAL JA 1011 153.02 -26.50 5.02
C VAL JA 1011 154.16 -27.50 4.76
N PHE JA 1012 155.38 -27.04 4.43
CA PHE JA 1012 156.52 -27.93 4.21
C PHE JA 1012 156.95 -28.66 5.50
N ASP JA 1013 156.90 -28.02 6.66
CA ASP JA 1013 157.23 -28.67 7.94
C ASP JA 1013 156.15 -29.67 8.40
N VAL JA 1014 154.87 -29.43 8.07
CA VAL JA 1014 153.78 -30.40 8.28
C VAL JA 1014 153.95 -31.61 7.36
N VAL JA 1015 154.20 -31.38 6.07
CA VAL JA 1015 154.43 -32.45 5.10
C VAL JA 1015 155.64 -33.31 5.45
N CYS JA 1016 156.75 -32.73 5.93
CA CYS JA 1016 157.91 -33.51 6.36
C CYS JA 1016 157.60 -34.41 7.56
N ASN JA 1017 156.83 -33.91 8.53
CA ASN JA 1017 156.41 -34.71 9.68
C ASN JA 1017 155.49 -35.87 9.30
N LEU JA 1018 154.56 -35.68 8.35
CA LEU JA 1018 153.73 -36.76 7.80
C LEU JA 1018 154.56 -37.80 7.05
N VAL JA 1019 155.47 -37.37 6.16
CA VAL JA 1019 156.33 -38.29 5.38
C VAL JA 1019 157.27 -39.07 6.31
N ASP JA 1020 157.74 -38.48 7.41
CA ASP JA 1020 158.47 -39.20 8.45
C ASP JA 1020 157.60 -40.28 9.13
N ALA JA 1021 156.42 -39.93 9.64
CA ALA JA 1021 155.60 -40.85 10.44
C ALA JA 1021 154.87 -41.94 9.64
N MET JA 1022 154.54 -41.70 8.37
CA MET JA 1022 153.76 -42.60 7.54
C MET JA 1022 154.50 -43.13 6.29
N GLY JA 1023 155.59 -42.48 5.86
CA GLY JA 1023 156.33 -42.89 4.67
C GLY JA 1023 155.47 -42.94 3.40
N GLU JA 1024 155.58 -44.04 2.66
CA GLU JA 1024 154.86 -44.29 1.41
C GLU JA 1024 153.32 -44.25 1.54
N ALA JA 1025 152.77 -44.49 2.74
CA ALA JA 1025 151.34 -44.39 2.99
C ALA JA 1025 150.77 -42.95 2.83
N CYS JA 1026 151.62 -41.91 2.74
CA CYS JA 1026 151.16 -40.56 2.39
C CYS JA 1026 150.61 -40.45 0.96
N ALA JA 1027 151.02 -41.33 0.04
CA ALA JA 1027 150.65 -41.28 -1.37
C ALA JA 1027 149.12 -41.36 -1.63
N SER JA 1028 148.37 -41.94 -0.68
CA SER JA 1028 146.92 -42.14 -0.76
C SER JA 1028 146.17 -41.53 0.44
N LEU JA 1029 146.76 -40.56 1.15
CA LEU JA 1029 146.11 -39.89 2.27
C LEU JA 1029 144.85 -39.16 1.79
N THR JA 1030 143.68 -39.54 2.32
CA THR JA 1030 142.40 -38.92 1.94
C THR JA 1030 142.15 -37.63 2.73
N ARG JA 1031 141.23 -36.78 2.27
CA ARG JA 1031 140.88 -35.53 2.97
C ARG JA 1031 140.29 -35.78 4.35
N ASP JA 1032 139.47 -36.83 4.52
CA ASP JA 1032 138.90 -37.18 5.83
C ASP JA 1032 139.96 -37.59 6.86
N ASP JA 1033 140.98 -38.37 6.47
CA ASP JA 1033 142.11 -38.66 7.34
C ASP JA 1033 142.97 -37.41 7.60
N ALA JA 1034 143.31 -36.62 6.57
CA ALA JA 1034 144.10 -35.40 6.74
C ALA JA 1034 143.42 -34.38 7.70
N GLU JA 1035 142.12 -34.13 7.55
CA GLU JA 1035 141.37 -33.27 8.46
C GLU JA 1035 141.38 -33.76 9.92
N TYR JA 1036 141.30 -35.06 10.20
CA TYR JA 1036 141.44 -35.58 11.56
C TYR JA 1036 142.84 -35.35 12.14
N LEU JA 1037 143.90 -35.60 11.37
CA LEU JA 1037 145.28 -35.44 11.82
C LEU JA 1037 145.66 -33.98 12.07
N LEU JA 1038 145.16 -33.04 11.28
CA LEU JA 1038 145.39 -31.59 11.47
C LEU JA 1038 144.63 -30.99 12.66
N GLY JA 1039 143.64 -31.68 13.23
CA GLY JA 1039 142.93 -31.28 14.45
C GLY JA 1039 142.25 -29.91 14.35
N ARG JA 1040 142.61 -29.00 15.26
CA ARG JA 1040 142.16 -27.59 15.29
C ARG JA 1040 142.42 -26.84 13.99
N PHE JA 1041 143.48 -27.20 13.26
CA PHE JA 1041 143.94 -26.52 12.05
C PHE JA 1041 143.50 -27.22 10.76
N SER JA 1042 142.38 -27.95 10.78
CA SER JA 1042 141.86 -28.75 9.64
C SER JA 1042 141.67 -27.96 8.35
N VAL JA 1043 141.59 -26.62 8.40
CA VAL JA 1043 141.55 -25.76 7.23
C VAL JA 1043 142.76 -25.97 6.29
N LEU JA 1044 143.91 -26.42 6.81
CA LEU JA 1044 145.15 -26.60 6.07
C LEU JA 1044 145.13 -27.77 5.05
N ALA JA 1045 144.15 -28.67 5.14
CA ALA JA 1045 144.14 -29.97 4.45
C ALA JA 1045 144.32 -29.89 2.92
N ASP JA 1046 143.63 -28.98 2.22
CA ASP JA 1046 143.75 -28.87 0.75
C ASP JA 1046 145.17 -28.54 0.28
N SER JA 1047 145.89 -27.69 1.03
CA SER JA 1047 147.25 -27.30 0.69
C SER JA 1047 148.27 -28.42 0.99
N VAL JA 1048 148.04 -29.21 2.05
CA VAL JA 1048 148.81 -30.42 2.35
C VAL JA 1048 148.64 -31.48 1.25
N LEU JA 1049 147.40 -31.78 0.83
CA LEU JA 1049 147.14 -32.78 -0.19
C LEU JA 1049 147.69 -32.39 -1.57
N GLU JA 1050 147.58 -31.12 -1.97
CA GLU JA 1050 148.25 -30.62 -3.18
C GLU JA 1050 149.77 -30.77 -3.08
N THR JA 1051 150.37 -30.47 -1.92
CA THR JA 1051 151.81 -30.66 -1.70
C THR JA 1051 152.25 -32.13 -1.77
N LEU JA 1052 151.51 -33.06 -1.16
CA LEU JA 1052 151.83 -34.51 -1.21
C LEU JA 1052 151.74 -35.10 -2.63
N ALA JA 1053 150.80 -34.64 -3.46
CA ALA JA 1053 150.74 -34.99 -4.89
C ALA JA 1053 152.01 -34.56 -5.66
N THR JA 1054 152.64 -33.43 -5.34
CA THR JA 1054 153.91 -33.04 -6.00
C THR JA 1054 155.09 -33.97 -5.63
N ILE JA 1055 155.13 -34.52 -4.42
CA ILE JA 1055 156.12 -35.52 -4.02
C ILE JA 1055 155.85 -36.85 -4.75
N ALA JA 1056 154.60 -37.32 -4.73
CA ALA JA 1056 154.17 -38.53 -5.43
C ALA JA 1056 154.51 -38.54 -6.93
N SER JA 1057 154.15 -37.48 -7.65
CA SER JA 1057 154.32 -37.38 -9.11
C SER JA 1057 155.75 -37.05 -9.57
N SER JA 1058 156.58 -36.45 -8.73
CA SER JA 1058 157.99 -36.14 -9.08
C SER JA 1058 158.95 -37.33 -8.90
N GLY JA 1059 158.48 -38.46 -8.35
CA GLY JA 1059 159.21 -39.74 -8.35
C GLY JA 1059 160.40 -39.85 -7.38
N ILE JA 1060 160.58 -38.89 -6.48
CA ILE JA 1060 161.52 -39.03 -5.35
C ILE JA 1060 161.02 -40.06 -4.33
N GLU JA 1061 161.94 -40.60 -3.53
CA GLU JA 1061 161.60 -41.54 -2.45
C GLU JA 1061 160.82 -40.86 -1.31
N TRP JA 1062 159.92 -41.60 -0.65
CA TRP JA 1062 159.15 -41.13 0.51
C TRP JA 1062 159.98 -41.11 1.79
N THR JA 1063 160.87 -40.13 1.92
CA THR JA 1063 161.65 -39.88 3.15
C THR JA 1063 161.82 -38.38 3.39
N ALA JA 1064 161.94 -37.96 4.65
CA ALA JA 1064 162.01 -36.56 5.05
C ALA JA 1064 163.17 -35.78 4.41
N GLU JA 1065 164.32 -36.43 4.17
CA GLU JA 1065 165.49 -35.83 3.50
C GLU JA 1065 165.21 -35.53 2.02
N ALA JA 1066 164.67 -36.51 1.29
CA ALA JA 1066 164.31 -36.35 -0.12
C ALA JA 1066 163.15 -35.34 -0.31
N ALA JA 1067 162.19 -35.30 0.62
CA ALA JA 1067 161.08 -34.35 0.58
C ALA JA 1067 161.59 -32.89 0.61
N ARG JA 1068 162.50 -32.55 1.53
CA ARG JA 1068 163.14 -31.23 1.56
C ARG JA 1068 163.98 -30.95 0.31
N ASP JA 1069 164.80 -31.90 -0.13
CA ASP JA 1069 165.61 -31.74 -1.36
C ASP JA 1069 164.78 -31.42 -2.61
N PHE JA 1070 163.57 -31.97 -2.74
CA PHE JA 1070 162.63 -31.55 -3.81
C PHE JA 1070 161.98 -30.19 -3.52
N LEU JA 1071 161.30 -30.02 -2.37
CA LEU JA 1071 160.47 -28.84 -2.08
C LEU JA 1071 161.27 -27.53 -2.05
N GLU JA 1072 162.44 -27.53 -1.39
CA GLU JA 1072 163.27 -26.34 -1.22
C GLU JA 1072 164.05 -25.95 -2.49
N GLY JA 1073 164.15 -26.82 -3.49
CA GLY JA 1073 164.61 -26.50 -4.84
C GLY JA 1073 163.48 -26.00 -5.75
N VAL JA 1074 162.33 -26.69 -5.72
CA VAL JA 1074 161.07 -26.27 -6.35
C VAL JA 1074 160.43 -25.14 -5.55
N ASP JA 1083 156.48 -10.24 -1.54
CA ASP JA 1083 155.18 -9.98 -2.16
C ASP JA 1083 154.68 -8.55 -1.85
N ASN JA 1084 153.65 -8.08 -2.56
CA ASN JA 1084 153.10 -6.73 -2.44
C ASN JA 1084 152.24 -6.53 -1.17
N PHE JA 1085 152.82 -6.72 0.01
CA PHE JA 1085 152.12 -6.50 1.29
C PHE JA 1085 151.89 -5.01 1.57
N ILE JA 1086 150.63 -4.57 1.56
CA ILE JA 1086 150.22 -3.25 2.09
C ILE JA 1086 149.91 -3.35 3.58
N SER JA 1087 150.23 -2.32 4.36
CA SER JA 1087 149.87 -2.22 5.78
C SER JA 1087 148.44 -1.68 5.97
N VAL JA 1088 147.77 -2.06 7.05
CA VAL JA 1088 146.35 -1.76 7.32
C VAL JA 1088 146.16 -1.11 8.69
N ALA JA 1089 145.27 -0.13 8.80
CA ALA JA 1089 145.09 0.72 9.97
C ALA JA 1089 144.78 -0.06 11.27
N ASP LA 9 205.40 14.81 103.78
CA ASP LA 9 204.94 16.00 104.50
C ASP LA 9 203.65 16.58 103.91
N ASN LA 10 202.95 17.46 104.63
CA ASN LA 10 201.62 17.96 104.26
C ASN LA 10 201.33 19.40 104.71
N LEU LA 11 200.33 20.04 104.11
CA LEU LA 11 199.94 21.43 104.39
C LEU LA 11 199.49 21.66 105.84
N GLY LA 12 198.97 20.64 106.53
CA GLY LA 12 198.61 20.71 107.94
C GLY LA 12 199.82 20.85 108.85
N SER LA 13 200.80 19.95 108.72
CA SER LA 13 202.08 19.99 109.43
C SER LA 13 202.83 21.32 109.25
N GLN LA 14 202.76 21.90 108.06
CA GLN LA 14 203.44 23.14 107.68
C GLN LA 14 202.76 24.43 108.18
N SER LA 15 201.49 24.40 108.58
CA SER LA 15 200.76 25.58 109.05
C SER LA 15 201.23 26.07 110.44
N GLN LA 16 201.22 27.38 110.67
CA GLN LA 16 201.73 28.02 111.89
C GLN LA 16 200.67 28.15 113.02
N PRO LA 17 201.07 28.18 114.30
CA PRO LA 17 200.27 28.65 115.43
C PRO LA 17 199.54 29.99 115.21
N GLY LA 18 198.36 30.16 115.80
CA GLY LA 18 197.58 31.40 115.75
C GLY LA 18 196.27 31.35 116.52
N PRO LA 19 195.47 32.44 116.49
CA PRO LA 19 194.17 32.55 117.15
C PRO LA 19 193.07 31.74 116.45
N CYS LA 20 191.89 31.63 117.09
CA CYS LA 20 190.72 30.92 116.56
C CYS LA 20 189.95 31.70 115.47
N GLY LA 21 190.17 33.01 115.37
CA GLY LA 21 189.59 33.94 114.40
C GLY LA 21 190.09 35.37 114.59
N TYR LA 22 189.56 36.32 113.82
CA TYR LA 22 189.85 37.76 113.91
C TYR LA 22 188.59 38.62 113.77
N ILE LA 23 188.56 39.76 114.46
CA ILE LA 23 187.68 40.89 114.12
C ILE LA 23 188.49 41.88 113.26
N TYR LA 24 188.02 42.19 112.06
CA TYR LA 24 188.58 43.25 111.20
C TYR LA 24 187.78 44.56 111.36
N PHE LA 25 188.48 45.68 111.46
CA PHE LA 25 187.91 47.03 111.44
C PHE LA 25 188.40 47.82 110.20
N TYR LA 26 187.48 48.27 109.34
CA TYR LA 26 187.80 49.03 108.12
C TYR LA 26 187.34 50.50 108.19
N PRO LA 27 188.16 51.49 107.81
CA PRO LA 27 187.77 52.89 107.87
C PRO LA 27 186.71 53.28 106.83
N LEU LA 28 185.58 53.83 107.29
CA LEU LA 28 184.46 54.22 106.43
C LEU LA 28 184.81 55.33 105.43
N ALA LA 29 185.75 56.22 105.74
CA ALA LA 29 186.14 57.33 104.85
C ALA LA 29 186.79 56.87 103.53
N THR LA 30 187.45 55.70 103.49
CA THR LA 30 188.23 55.23 102.34
C THR LA 30 187.85 53.85 101.79
N TYR LA 31 187.15 53.01 102.56
CA TYR LA 31 186.80 51.63 102.14
C TYR LA 31 185.80 51.60 100.96
N PRO LA 32 185.96 50.72 99.94
CA PRO LA 32 185.13 50.70 98.74
C PRO LA 32 183.77 50.00 98.95
N LEU LA 33 182.84 50.68 99.64
CA LEU LA 33 181.53 50.14 100.06
C LEU LA 33 180.64 49.65 98.90
N ARG LA 34 180.63 50.30 97.73
CA ARG LA 34 179.81 49.86 96.59
C ARG LA 34 180.37 48.62 95.90
N GLU LA 35 181.69 48.41 95.90
CA GLU LA 35 182.28 47.17 95.39
C GLU LA 35 181.89 45.97 96.25
N VAL LA 36 182.10 46.01 97.58
CA VAL LA 36 181.73 44.87 98.45
C VAL LA 36 180.24 44.56 98.40
N ALA LA 37 179.37 45.57 98.27
CA ALA LA 37 177.94 45.35 98.14
C ALA LA 37 177.57 44.47 96.93
N THR LA 38 178.28 44.54 95.80
CA THR LA 38 178.01 43.66 94.64
C THR LA 38 178.34 42.19 94.89
N LEU LA 39 179.23 41.89 95.83
CA LEU LA 39 179.56 40.53 96.25
C LEU LA 39 178.80 40.08 97.51
N GLY LA 40 177.97 40.93 98.12
CA GLY LA 40 177.30 40.69 99.40
C GLY LA 40 175.88 40.13 99.32
N THR LA 41 175.30 39.85 100.49
CA THR LA 41 173.91 39.36 100.69
C THR LA 41 173.01 40.37 101.39
N GLY LA 42 173.21 41.67 101.15
CA GLY LA 42 172.46 42.74 101.80
C GLY LA 42 171.00 42.89 101.32
N TYR LA 43 170.05 42.92 102.24
CA TYR LA 43 168.64 43.25 101.97
C TYR LA 43 168.29 44.62 102.58
N ALA LA 44 167.21 45.27 102.17
CA ALA LA 44 166.80 46.57 102.70
C ALA LA 44 166.36 46.46 104.17
N GLY LA 45 167.01 47.23 105.06
CA GLY LA 45 166.78 47.20 106.51
C GLY LA 45 167.67 46.23 107.31
N HIS LA 46 168.66 45.58 106.69
CA HIS LA 46 169.54 44.60 107.36
C HIS LA 46 170.32 45.19 108.55
N ARG LA 47 170.66 44.33 109.50
CA ARG LA 47 171.54 44.63 110.65
C ARG LA 47 172.83 43.80 110.61
N CYS LA 48 172.88 42.77 109.76
CA CYS LA 48 174.05 41.96 109.44
C CYS LA 48 173.98 41.45 107.98
N LEU LA 49 175.13 41.14 107.36
CA LEU LA 49 175.23 40.48 106.05
C LEU LA 49 176.54 39.69 105.88
N THR LA 50 176.56 38.79 104.90
CA THR LA 50 177.74 38.02 104.50
C THR LA 50 178.38 38.54 103.22
N VAL LA 51 179.70 38.43 103.18
CA VAL LA 51 180.60 38.76 102.06
C VAL LA 51 181.67 37.65 101.95
N PRO LA 52 182.30 37.44 100.78
CA PRO LA 52 183.38 36.46 100.63
C PRO LA 52 184.69 36.89 101.31
N LEU LA 53 185.51 35.92 101.78
CA LEU LA 53 186.90 36.13 102.17
C LEU LA 53 187.82 36.28 100.94
N LEU LA 54 188.37 37.46 100.69
CA LEU LA 54 189.23 37.78 99.54
C LEU LA 54 190.41 38.68 99.93
N CYS LA 55 191.63 38.30 99.50
CA CYS LA 55 192.84 39.09 99.70
C CYS LA 55 192.78 40.39 98.89
N GLY LA 56 192.93 41.54 99.56
CA GLY LA 56 192.91 42.86 98.94
C GLY LA 56 191.56 43.58 98.96
N ILE LA 57 190.50 42.99 99.51
CA ILE LA 57 189.24 43.70 99.77
C ILE LA 57 188.57 43.36 101.10
N THR LA 58 188.65 42.13 101.61
CA THR LA 58 188.11 41.78 102.95
C THR LA 58 189.17 41.27 103.92
N VAL LA 59 190.31 40.74 103.46
CA VAL LA 59 191.51 40.46 104.28
C VAL LA 59 192.76 41.01 103.59
N GLU LA 60 193.86 41.20 104.33
CA GLU LA 60 195.11 41.72 103.77
C GLU LA 60 195.79 40.70 102.85
N PRO LA 61 196.59 41.14 101.86
CA PRO LA 61 197.41 40.25 101.05
C PRO LA 61 198.30 39.34 101.90
N GLY LA 62 198.41 38.06 101.53
CA GLY LA 62 199.21 37.08 102.24
C GLY LA 62 198.54 36.45 103.47
N PHE LA 63 197.23 36.61 103.64
CA PHE LA 63 196.45 35.94 104.68
C PHE LA 63 196.63 34.42 104.61
N SER LA 64 196.94 33.78 105.74
CA SER LA 64 197.03 32.32 105.84
C SER LA 64 195.66 31.69 106.04
N ILE LA 65 195.14 30.96 105.06
CA ILE LA 65 193.86 30.23 105.20
C ILE LA 65 193.97 28.96 106.05
N ASN LA 66 195.15 28.38 106.25
CA ASN LA 66 195.40 27.23 107.12
C ASN LA 66 196.17 27.65 108.37
N VAL LA 67 195.80 27.16 109.55
CA VAL LA 67 196.42 27.51 110.84
C VAL LA 67 196.40 26.34 111.84
N LYS LA 68 197.30 26.38 112.81
CA LYS LA 68 197.16 25.65 114.07
C LYS LA 68 196.54 26.60 115.12
N ALA LA 69 195.28 26.39 115.48
CA ALA LA 69 194.58 27.26 116.42
C ALA LA 69 194.88 26.87 117.87
N LEU LA 70 195.36 27.79 118.70
CA LEU LA 70 195.51 27.59 120.15
C LEU LA 70 194.15 27.72 120.85
N HIS LA 71 193.56 26.60 121.26
CA HIS LA 71 192.16 26.56 121.71
C HIS LA 71 191.94 26.16 123.16
N ARG LA 72 192.89 25.49 123.82
CA ARG LA 72 192.79 25.05 125.21
C ARG LA 72 194.13 25.15 125.93
N ARG LA 73 194.16 25.69 127.15
CA ARG LA 73 195.28 25.55 128.09
C ARG LA 73 194.86 24.64 129.25
N PRO LA 74 195.27 23.36 129.30
CA PRO LA 74 194.91 22.44 130.39
C PRO LA 74 195.37 22.93 131.77
N ASP LA 75 196.49 23.65 131.81
CA ASP LA 75 196.95 24.49 132.91
C ASP LA 75 197.71 25.69 132.30
N PRO LA 76 197.99 26.77 133.07
CA PRO LA 76 198.66 27.98 132.57
C PRO LA 76 200.00 27.81 131.84
N ASN LA 77 200.61 26.61 131.86
CA ASN LA 77 201.94 26.32 131.31
C ASN LA 77 201.94 25.33 130.14
N CYS LA 78 200.77 24.91 129.64
CA CYS LA 78 200.67 24.03 128.48
C CYS LA 78 199.58 24.51 127.50
N GLY LA 79 199.86 24.51 126.19
CA GLY LA 79 198.89 24.79 125.14
C GLY LA 79 198.56 23.57 124.29
N LEU LA 80 197.31 23.49 123.81
CA LEU LA 80 196.88 22.51 122.82
C LEU LA 80 196.54 23.16 121.48
N LEU LA 81 196.96 22.52 120.37
CA LEU LA 81 196.80 23.02 119.00
C LEU LA 81 195.87 22.14 118.16
N ARG LA 82 194.92 22.76 117.46
CA ARG LA 82 194.02 22.13 116.47
C ARG LA 82 194.33 22.66 115.08
N ALA LA 83 194.63 21.79 114.11
CA ALA LA 83 194.84 22.18 112.72
C ALA LA 83 193.50 22.39 111.99
N THR LA 84 193.28 23.57 111.41
CA THR LA 84 192.02 23.92 110.74
C THR LA 84 192.25 24.94 109.63
N SER LA 85 191.47 24.86 108.57
CA SER LA 85 191.30 25.96 107.63
C SER LA 85 190.26 26.99 108.10
N TYR LA 86 190.27 28.17 107.50
CA TYR LA 86 189.25 29.21 107.68
C TYR LA 86 187.88 28.84 107.09
N HIS LA 87 186.81 29.42 107.65
CA HIS LA 87 185.51 29.44 107.02
C HIS LA 87 185.50 30.43 105.84
N ARG LA 88 184.85 30.03 104.75
CA ARG LA 88 184.78 30.73 103.47
C ARG LA 88 184.09 32.11 103.49
N ASP LA 89 183.08 32.31 104.32
CA ASP LA 89 182.33 33.57 104.44
C ASP LA 89 182.81 34.44 105.61
N ILE LA 90 182.77 35.76 105.43
CA ILE LA 90 182.96 36.79 106.45
C ILE LA 90 181.62 37.43 106.80
N TYR LA 91 181.36 37.62 108.10
CA TYR LA 91 180.12 38.19 108.64
C TYR LA 91 180.32 39.65 109.09
N VAL LA 92 179.62 40.58 108.45
CA VAL LA 92 179.71 42.04 108.67
C VAL LA 92 178.63 42.51 109.64
N PHE LA 93 178.97 42.90 110.86
CA PHE LA 93 178.03 43.03 111.98
C PHE LA 93 177.96 44.40 112.67
N HIS LA 94 178.97 45.27 112.54
CA HIS LA 94 179.03 46.62 113.15
C HIS LA 94 179.02 47.71 112.07
N ASN LA 95 178.11 48.68 112.16
CA ASN LA 95 177.78 49.69 111.13
C ASN LA 95 177.37 49.11 109.76
N ALA LA 96 176.79 47.90 109.73
CA ALA LA 96 176.39 47.19 108.51
C ALA LA 96 175.41 47.95 107.61
N HIS LA 97 174.64 48.89 108.14
CA HIS LA 97 173.76 49.81 107.39
C HIS LA 97 174.50 50.67 106.36
N MET LA 98 175.81 50.85 106.50
CA MET LA 98 176.67 51.55 105.55
C MET LA 98 176.97 50.77 104.26
N VAL LA 99 176.75 49.46 104.20
CA VAL LA 99 176.92 48.65 102.99
C VAL LA 99 175.58 48.61 102.22
N PRO LA 100 175.49 49.07 100.96
CA PRO LA 100 174.27 48.99 100.17
C PRO LA 100 173.68 47.57 100.02
N PRO LA 101 172.35 47.41 99.92
CA PRO LA 101 171.72 46.13 99.62
C PRO LA 101 172.00 45.65 98.18
N ILE LA 102 171.98 44.33 97.94
CA ILE LA 102 172.06 43.72 96.61
C ILE LA 102 170.69 43.74 95.87
N PHE LA 103 169.58 43.82 96.60
CA PHE LA 103 168.21 43.81 96.09
C PHE LA 103 167.34 44.86 96.79
N GLU LA 104 166.55 45.64 96.06
CA GLU LA 104 165.85 46.82 96.60
C GLU LA 104 164.46 46.51 97.18
N GLY LA 105 163.86 45.35 96.90
CA GLY LA 105 162.49 45.05 97.32
C GLY LA 105 162.33 45.00 98.84
N PRO LA 106 161.30 45.66 99.42
CA PRO LA 106 161.05 45.69 100.86
C PRO LA 106 160.33 44.44 101.42
N GLY LA 107 160.30 44.30 102.74
CA GLY LA 107 159.45 43.35 103.46
C GLY LA 107 159.94 41.90 103.59
N LEU LA 108 161.20 41.60 103.30
CA LEU LA 108 161.68 40.21 103.22
C LEU LA 108 161.82 39.52 104.57
N GLU LA 109 162.13 40.27 105.64
CA GLU LA 109 162.37 39.71 106.97
C GLU LA 109 161.10 39.12 107.59
N ALA LA 110 159.96 39.80 107.47
CA ALA LA 110 158.64 39.32 107.89
C ALA LA 110 158.12 38.15 107.05
N LEU LA 111 158.32 38.19 105.73
CA LEU LA 111 157.98 37.08 104.82
C LEU LA 111 158.73 35.80 105.19
N CYS LA 112 160.03 35.89 105.45
CA CYS LA 112 160.84 34.78 105.92
C CYS LA 112 160.35 34.24 107.28
N GLY LA 113 159.98 35.12 108.21
CA GLY LA 113 159.51 34.74 109.54
C GLY LA 113 158.19 33.98 109.54
N GLU LA 114 157.23 34.47 108.75
CA GLU LA 114 155.93 33.83 108.52
C GLU LA 114 156.09 32.44 107.88
N THR LA 115 156.93 32.33 106.84
CA THR LA 115 157.08 31.08 106.08
C THR LA 115 157.84 30.01 106.85
N ARG LA 116 158.83 30.39 107.68
CA ARG LA 116 159.56 29.48 108.58
C ARG LA 116 158.61 28.78 109.57
N GLU LA 117 157.58 29.49 110.05
CA GLU LA 117 156.62 28.95 111.02
C GLU LA 117 155.67 27.94 110.37
N VAL LA 118 155.13 28.18 109.17
CA VAL LA 118 154.23 27.22 108.50
C VAL LA 118 154.92 25.92 108.10
N PHE LA 119 156.21 25.94 107.78
CA PHE LA 119 157.02 24.72 107.56
C PHE LA 119 157.51 24.05 108.87
N GLY LA 120 157.23 24.63 110.03
CA GLY LA 120 157.58 24.08 111.34
C GLY LA 120 159.06 24.22 111.72
N TYR LA 121 159.80 25.16 111.12
CA TYR LA 121 161.23 25.36 111.39
C TYR LA 121 161.53 26.26 112.59
N ASP LA 122 162.62 25.94 113.27
CA ASP LA 122 163.17 26.60 114.45
C ASP LA 122 163.79 28.00 114.15
N ALA LA 123 163.27 29.07 114.74
CA ALA LA 123 163.83 30.42 114.68
C ALA LA 123 165.02 30.62 115.66
N TYR LA 124 165.91 31.58 115.39
CA TYR LA 124 167.00 31.88 116.32
C TYR LA 124 166.49 32.37 117.68
N SER LA 125 166.91 31.74 118.77
CA SER LA 125 166.61 32.19 120.13
C SER LA 125 167.83 32.84 120.76
N ALA LA 126 167.72 34.13 121.08
CA ALA LA 126 168.80 34.93 121.66
C ALA LA 126 169.18 34.51 123.08
N LEU LA 127 170.46 34.65 123.43
CA LEU LA 127 170.93 34.52 124.81
C LEU LA 127 170.27 35.58 125.73
N PRO LA 128 170.18 35.37 127.04
CA PRO LA 128 169.61 36.35 127.97
C PRO LA 128 170.50 37.59 128.24
N ARG LA 129 171.80 37.55 127.94
CA ARG LA 129 172.68 38.74 127.97
C ARG LA 129 172.40 39.74 126.83
N GLU LA 130 172.83 40.99 126.98
CA GLU LA 130 173.00 41.92 125.85
C GLU LA 130 174.20 41.54 124.95
N SER LA 131 174.17 41.98 123.69
CA SER LA 131 175.36 42.05 122.82
C SER LA 131 176.52 42.84 123.45
N SER LA 132 177.76 42.42 123.17
CA SER LA 132 178.99 43.13 123.57
C SER LA 132 178.97 44.58 123.10
N LYS LA 133 179.17 45.53 124.01
CA LYS LA 133 179.32 46.95 123.70
C LYS LA 133 180.62 47.22 122.95
N PRO LA 134 180.68 48.20 122.01
CA PRO LA 134 181.89 48.50 121.24
C PRO LA 134 183.17 48.62 122.06
N GLY LA 135 183.15 49.37 123.17
CA GLY LA 135 184.30 49.54 124.05
C GLY LA 135 184.90 48.25 124.65
N ASP LA 136 184.18 47.13 124.61
CA ASP LA 136 184.68 45.82 125.02
C ASP LA 136 185.55 45.13 123.98
N PHE LA 137 185.35 45.38 122.67
CA PHE LA 137 186.05 44.65 121.60
C PHE LA 137 186.85 45.54 120.64
N PHE LA 138 186.59 46.85 120.59
CA PHE LA 138 187.41 47.81 119.84
C PHE LA 138 188.82 47.98 120.44
N PRO LA 139 189.86 48.12 119.61
CA PRO LA 139 191.17 48.63 120.02
C PRO LA 139 191.10 49.96 120.77
N GLU LA 140 192.14 50.29 121.53
CA GLU LA 140 192.29 51.57 122.23
C GLU LA 140 192.28 52.79 121.28
N GLY LA 141 191.44 53.77 121.57
CA GLY LA 141 191.42 55.08 120.91
C GLY LA 141 190.64 55.18 119.58
N LEU LA 142 190.38 54.07 118.87
CA LEU LA 142 189.53 54.11 117.67
C LEU LA 142 188.07 54.45 118.01
N ASP LA 143 187.47 55.34 117.22
CA ASP LA 143 186.08 55.75 117.31
C ASP LA 143 185.14 54.70 116.69
N PRO LA 144 184.20 54.09 117.44
CA PRO LA 144 183.27 53.11 116.88
C PRO LA 144 182.40 53.64 115.74
N SER LA 145 182.12 54.94 115.66
CA SER LA 145 181.33 55.55 114.58
C SER LA 145 182.08 55.68 113.25
N ALA LA 146 183.42 55.58 113.26
CA ALA LA 146 184.27 55.77 112.08
C ALA LA 146 184.62 54.49 111.30
N TYR LA 147 184.26 53.31 111.82
CA TYR LA 147 184.70 52.02 111.29
C TYR LA 147 183.55 51.04 111.00
N LEU LA 148 183.76 50.15 110.02
CA LEU LA 148 182.93 48.99 109.70
C LEU LA 148 183.55 47.74 110.36
N GLY LA 149 182.76 46.92 111.08
CA GLY LA 149 183.28 45.73 111.79
C GLY LA 149 182.76 44.38 111.27
N ALA LA 150 183.67 43.42 111.08
CA ALA LA 150 183.36 42.10 110.53
C ALA LA 150 184.23 40.99 111.13
N VAL LA 151 183.73 39.74 111.20
CA VAL LA 151 184.44 38.56 111.74
C VAL LA 151 184.89 37.60 110.63
N ALA LA 152 186.14 37.18 110.69
CA ALA LA 152 186.69 36.02 109.99
C ALA LA 152 186.92 34.89 110.99
N ILE LA 153 186.48 33.67 110.71
CA ILE LA 153 186.40 32.59 111.70
C ILE LA 153 186.93 31.26 111.16
N THR LA 154 187.60 30.46 111.99
CA THR LA 154 188.05 29.13 111.59
C THR LA 154 186.91 28.11 111.57
N GLU LA 155 186.98 27.16 110.64
CA GLU LA 155 185.89 26.21 110.38
C GLU LA 155 185.57 25.31 111.59
N ALA LA 156 186.55 25.00 112.45
CA ALA LA 156 186.41 24.20 113.65
C ALA LA 156 185.77 24.93 114.87
N PHE LA 157 185.81 26.25 114.93
CA PHE LA 157 185.36 27.06 116.07
C PHE LA 157 184.19 28.03 115.74
N LYS LA 158 183.55 27.91 114.58
CA LYS LA 158 182.40 28.75 114.19
C LYS LA 158 181.12 28.50 115.02
N GLU LA 159 180.88 27.32 115.57
CA GLU LA 159 179.78 27.13 116.53
C GLU LA 159 180.05 27.85 117.86
N ARG LA 160 181.32 27.93 118.29
CA ARG LA 160 181.72 28.71 119.47
C ARG LA 160 181.49 30.21 119.28
N LEU LA 161 181.69 30.74 118.06
CA LEU LA 161 181.31 32.10 117.70
C LEU LA 161 179.80 32.33 117.85
N TYR LA 162 178.99 31.43 117.25
CA TYR LA 162 177.53 31.44 117.36
C TYR LA 162 177.06 31.42 118.82
N SER LA 163 177.65 30.58 119.67
CA SER LA 163 177.22 30.36 121.07
C SER LA 163 177.78 31.36 122.08
N GLY LA 164 178.61 32.33 121.67
CA GLY LA 164 179.13 33.38 122.56
C GLY LA 164 180.28 32.94 123.47
N ASN LA 165 181.04 31.92 123.06
CA ASN LA 165 182.11 31.29 123.83
C ASN LA 165 183.55 31.70 123.41
N LEU LA 166 183.73 32.64 122.49
CA LEU LA 166 185.04 33.24 122.19
C LEU LA 166 185.31 34.49 123.03
N VAL LA 167 186.57 34.81 123.20
CA VAL LA 167 187.10 36.01 123.89
C VAL LA 167 187.89 36.87 122.89
N ALA LA 168 187.60 38.16 122.77
CA ALA LA 168 188.43 39.12 122.03
C ALA LA 168 189.49 39.77 122.93
N ILE LA 169 190.70 40.00 122.42
CA ILE LA 169 191.82 40.58 123.19
C ILE LA 169 192.35 41.86 122.52
N PRO LA 170 191.68 43.01 122.69
CA PRO LA 170 192.05 44.28 122.04
C PRO LA 170 193.50 44.74 122.18
N SER LA 171 194.21 44.39 123.25
CA SER LA 171 195.63 44.78 123.43
C SER LA 171 196.55 44.15 122.39
N LEU LA 172 196.19 42.99 121.85
CA LEU LA 172 196.92 42.28 120.79
C LEU LA 172 196.60 42.76 119.37
N LYS LA 173 196.08 43.99 119.20
CA LYS LA 173 195.80 44.56 117.87
C LYS LA 173 196.99 44.51 116.91
N GLN LA 174 196.70 44.37 115.62
CA GLN LA 174 197.68 44.45 114.54
C GLN LA 174 197.14 45.37 113.44
N GLU LA 175 197.99 46.23 112.88
CA GLU LA 175 197.62 47.16 111.81
C GLU LA 175 197.98 46.56 110.45
N VAL LA 176 197.00 46.54 109.54
CA VAL LA 176 197.06 45.80 108.26
C VAL LA 176 196.48 46.63 107.11
N ALA LA 177 197.08 46.55 105.93
CA ALA LA 177 196.58 47.22 104.73
C ALA LA 177 195.61 46.31 103.96
N VAL LA 178 194.38 46.75 103.75
CA VAL LA 178 193.36 45.99 102.99
C VAL LA 178 193.00 46.77 101.73
N GLY LA 179 193.64 46.42 100.61
CA GLY LA 179 193.66 47.26 99.41
C GLY LA 179 194.36 48.59 99.72
N GLN LA 180 193.69 49.72 99.50
CA GLN LA 180 194.19 51.04 99.89
C GLN LA 180 194.02 51.34 101.38
N SER LA 181 193.03 50.73 102.05
CA SER LA 181 192.55 51.19 103.36
C SER LA 181 193.42 50.71 104.53
N ALA LA 182 193.84 51.65 105.37
CA ALA LA 182 194.53 51.38 106.63
C ALA LA 182 193.58 50.76 107.66
N SER LA 183 193.62 49.44 107.82
CA SER LA 183 192.68 48.68 108.66
C SER LA 183 193.35 48.16 109.94
N VAL LA 184 192.56 47.61 110.87
CA VAL LA 184 193.07 47.01 112.11
C VAL LA 184 192.43 45.64 112.32
N ARG LA 185 193.13 44.67 112.90
CA ARG LA 185 192.51 43.42 113.37
C ARG LA 185 192.82 43.10 114.83
N VAL LA 186 191.86 42.47 115.52
CA VAL LA 186 191.96 41.97 116.90
C VAL LA 186 191.75 40.45 116.90
N PRO LA 187 192.55 39.65 117.62
CA PRO LA 187 192.39 38.19 117.64
C PRO LA 187 191.21 37.72 118.52
N LEU LA 188 190.67 36.54 118.21
CA LEU LA 188 189.68 35.80 118.98
C LEU LA 188 190.24 34.47 119.51
N TYR LA 189 190.06 34.15 120.79
CA TYR LA 189 190.46 32.89 121.40
C TYR LA 189 189.28 32.19 122.11
N ASP LA 190 189.19 30.86 122.07
CA ASP LA 190 188.18 30.11 122.82
C ASP LA 190 188.36 30.30 124.34
N LYS LA 191 187.28 30.51 125.10
CA LYS LA 191 187.36 30.72 126.57
C LYS LA 191 188.10 29.59 127.32
N GLU LA 192 188.25 28.41 126.73
CA GLU LA 192 189.08 27.32 127.27
C GLU LA 192 190.60 27.59 127.28
N VAL LA 193 191.11 28.70 126.72
CA VAL LA 193 192.49 29.16 126.97
C VAL LA 193 192.65 29.87 128.31
N PHE LA 194 191.59 30.10 129.08
CA PHE LA 194 191.64 30.69 130.42
C PHE LA 194 191.14 29.70 131.49
N PRO LA 195 191.99 28.74 131.94
CA PRO LA 195 191.56 27.72 132.91
C PRO LA 195 191.06 28.29 134.25
N GLU LA 196 191.52 29.47 134.69
CA GLU LA 196 190.99 30.11 135.92
C GLU LA 196 189.64 30.84 135.70
N GLY LA 197 189.16 30.89 134.46
CA GLY LA 197 187.92 31.54 134.02
C GLY LA 197 188.07 33.03 133.71
N VAL LA 198 187.20 33.51 132.83
CA VAL LA 198 186.92 34.94 132.57
C VAL LA 198 185.43 35.22 132.84
N PRO LA 199 185.02 36.41 133.32
CA PRO LA 199 183.61 36.72 133.57
C PRO LA 199 182.71 36.52 132.35
N GLN LA 200 181.46 36.08 132.53
CA GLN LA 200 180.57 35.76 131.41
C GLN LA 200 180.35 36.95 130.45
N LEU LA 201 180.31 38.20 130.93
CA LEU LA 201 180.23 39.38 130.07
C LEU LA 201 181.55 39.80 129.39
N ARG LA 202 182.69 39.22 129.75
CA ARG LA 202 183.99 39.45 129.08
C ARG LA 202 184.13 38.65 127.78
N GLN LA 203 183.32 37.62 127.57
CA GLN LA 203 183.19 36.87 126.31
C GLN LA 203 182.49 37.72 125.22
N PHE LA 204 182.81 37.47 123.96
CA PHE LA 204 182.27 38.19 122.81
C PHE LA 204 180.94 37.60 122.33
N TYR LA 205 179.90 38.43 122.25
CA TYR LA 205 178.60 38.03 121.72
C TYR LA 205 177.96 39.13 120.89
N ASN LA 206 177.41 38.79 119.72
CA ASN LA 206 176.53 39.68 118.97
C ASN LA 206 175.30 38.94 118.45
N SER LA 207 174.12 39.37 118.88
CA SER LA 207 172.87 38.69 118.56
C SER LA 207 172.51 38.78 117.08
N ASP LA 208 172.81 39.88 116.37
CA ASP LA 208 172.55 39.98 114.94
C ASP LA 208 173.46 39.06 114.12
N LEU LA 209 174.74 38.91 114.50
CA LEU LA 209 175.66 37.95 113.90
C LEU LA 209 175.18 36.51 114.11
N SER LA 210 174.83 36.11 115.33
CA SER LA 210 174.35 34.74 115.60
C SER LA 210 173.05 34.42 114.84
N ARG LA 211 172.08 35.34 114.81
CA ARG LA 211 170.86 35.22 113.99
C ARG LA 211 171.16 35.09 112.48
N CYS LA 212 172.09 35.86 111.93
CA CYS LA 212 172.51 35.74 110.54
C CYS LA 212 173.08 34.35 110.22
N MET LA 213 174.01 33.82 111.04
CA MET LA 213 174.50 32.43 110.91
C MET LA 213 173.41 31.38 111.01
N HIS LA 214 172.43 31.53 111.92
CA HIS LA 214 171.31 30.61 112.06
C HIS LA 214 170.54 30.42 110.75
N GLU LA 215 170.22 31.54 110.10
CA GLU LA 215 169.44 31.60 108.87
C GLU LA 215 170.28 31.28 107.62
N ALA LA 216 171.41 31.96 107.42
CA ALA LA 216 172.19 31.87 106.19
C ALA LA 216 173.13 30.67 106.14
N LEU LA 217 173.55 30.08 107.27
CA LEU LA 217 174.43 28.90 107.30
C LEU LA 217 173.71 27.62 107.75
N TYR LA 218 173.25 27.56 109.00
CA TYR LA 218 172.84 26.29 109.62
C TYR LA 218 171.48 25.76 109.14
N THR LA 219 170.53 26.63 108.80
CA THR LA 219 169.20 26.19 108.33
C THR LA 219 169.26 25.37 107.04
N GLY LA 220 170.14 25.72 106.10
CA GLY LA 220 170.32 24.95 104.86
C GLY LA 220 170.96 23.58 105.08
N LEU LA 221 171.86 23.45 106.07
CA LEU LA 221 172.45 22.16 106.47
C LEU LA 221 171.39 21.26 107.12
N ALA LA 222 170.51 21.82 107.95
CA ALA LA 222 169.36 21.11 108.49
C ALA LA 222 168.40 20.63 107.39
N GLN LA 223 168.06 21.48 106.41
CA GLN LA 223 167.27 21.09 105.24
C GLN LA 223 167.92 19.93 104.45
N ALA LA 224 169.24 19.92 104.26
CA ALA LA 224 169.95 18.82 103.59
C ALA LA 224 169.90 17.46 104.34
N LEU LA 225 169.64 17.45 105.65
CA LEU LA 225 169.45 16.24 106.47
C LEU LA 225 167.97 15.89 106.75
N ARG LA 226 167.02 16.74 106.33
CA ARG LA 226 165.58 16.73 106.70
C ARG LA 226 165.36 16.76 108.22
N VAL LA 227 166.00 17.71 108.88
CA VAL LA 227 165.88 18.08 110.31
C VAL LA 227 165.23 19.47 110.43
N ARG LA 228 164.29 19.68 111.36
CA ARG LA 228 163.63 20.99 111.64
C ARG LA 228 164.24 21.78 112.80
N ARG LA 229 164.82 21.08 113.77
CA ARG LA 229 165.40 21.60 115.03
C ARG LA 229 166.81 22.13 114.82
N VAL LA 230 166.94 23.31 114.24
CA VAL LA 230 168.22 23.92 113.82
C VAL LA 230 169.14 24.19 115.02
N GLY LA 231 168.63 24.73 116.13
CA GLY LA 231 169.41 25.02 117.33
C GLY LA 231 170.05 23.79 117.97
N LYS LA 232 169.33 22.65 117.99
CA LYS LA 232 169.86 21.34 118.40
C LYS LA 232 170.90 20.77 117.42
N LEU LA 233 170.76 20.99 116.11
CA LEU LA 233 171.84 20.67 115.16
C LEU LA 233 173.11 21.49 115.43
N VAL LA 234 173.01 22.79 115.75
CA VAL LA 234 174.20 23.59 116.09
C VAL LA 234 174.89 23.09 117.36
N GLU LA 235 174.13 22.74 118.41
CA GLU LA 235 174.68 22.17 119.64
C GLU LA 235 175.45 20.86 119.42
N LEU LA 236 174.91 19.93 118.62
CA LEU LA 236 175.61 18.65 118.37
C LEU LA 236 176.83 18.79 117.46
N LEU LA 237 176.88 19.77 116.55
CA LEU LA 237 178.08 20.06 115.76
C LEU LA 237 179.20 20.67 116.63
N GLU LA 238 178.88 21.53 117.61
CA GLU LA 238 179.86 22.08 118.54
C GLU LA 238 180.54 21.00 119.40
N LYS LA 239 179.75 20.13 120.04
CA LYS LA 239 180.26 19.03 120.85
C LYS LA 239 181.06 18.00 120.02
N GLN LA 240 180.68 17.77 118.77
CA GLN LA 240 181.48 16.94 117.85
C GLN LA 240 182.87 17.54 117.59
N SER LA 241 182.98 18.86 117.46
CA SER LA 241 184.27 19.53 117.25
C SER LA 241 185.13 19.53 118.52
N LEU LA 242 184.56 19.82 119.70
CA LEU LA 242 185.34 20.03 120.92
C LEU LA 242 185.61 18.77 121.76
N GLN LA 243 184.84 17.71 121.59
CA GLN LA 243 184.88 16.50 122.42
C GLN LA 243 185.04 15.20 121.59
N ASP LA 244 185.53 15.32 120.36
CA ASP LA 244 185.94 14.21 119.47
C ASP LA 244 184.86 13.14 119.18
N GLN LA 245 183.58 13.50 119.17
CA GLN LA 245 182.44 12.57 119.11
C GLN LA 245 182.13 12.00 117.70
N ALA LA 246 183.05 12.01 116.75
CA ALA LA 246 182.79 11.61 115.36
C ALA LA 246 182.26 10.17 115.20
N LYS LA 247 182.72 9.21 116.00
CA LYS LA 247 182.27 7.80 115.99
C LYS LA 247 181.05 7.52 116.87
N VAL LA 248 180.42 8.52 117.48
CA VAL LA 248 179.21 8.39 118.31
C VAL LA 248 177.98 8.83 117.51
N ALA LA 249 176.90 8.05 117.49
CA ALA LA 249 175.64 8.43 116.84
C ALA LA 249 174.97 9.61 117.58
N LYS LA 250 174.40 10.58 116.85
CA LYS LA 250 173.92 11.85 117.43
C LYS LA 250 172.72 12.50 116.72
N VAL LA 251 172.55 12.37 115.41
CA VAL LA 251 171.41 13.01 114.71
C VAL LA 251 170.13 12.18 114.73
N ALA LA 252 170.18 10.86 114.91
CA ALA LA 252 169.01 9.99 114.81
C ALA LA 252 167.77 10.44 115.61
N PRO LA 253 167.86 10.95 116.86
CA PRO LA 253 166.70 11.48 117.59
C PRO LA 253 165.97 12.65 116.92
N LEU LA 254 166.67 13.48 116.14
CA LEU LA 254 166.11 14.64 115.45
C LEU LA 254 165.37 14.30 114.15
N LYS LA 255 165.51 13.07 113.62
CA LYS LA 255 164.93 12.63 112.35
C LYS LA 255 163.39 12.58 112.38
N GLU LA 256 162.79 12.70 111.20
CA GLU LA 256 161.35 12.68 110.96
C GLU LA 256 161.05 12.02 109.61
N PHE LA 257 159.91 11.33 109.50
CA PHE LA 257 159.59 10.48 108.35
C PHE LA 257 158.20 10.75 107.77
N PRO LA 258 158.01 10.70 106.43
CA PRO LA 258 156.71 10.87 105.78
C PRO LA 258 155.89 9.55 105.75
N ALA LA 259 154.60 9.67 105.44
CA ALA LA 259 153.66 8.54 105.38
C ALA LA 259 154.04 7.45 104.36
N SER LA 260 154.70 7.80 103.25
CA SER LA 260 155.24 6.84 102.28
C SER LA 260 156.34 5.94 102.86
N THR LA 261 157.10 6.43 103.84
CA THR LA 261 158.10 5.63 104.58
C THR LA 261 157.47 4.85 105.72
N ILE LA 262 156.52 5.43 106.46
CA ILE LA 262 155.84 4.75 107.58
C ILE LA 262 154.92 3.59 107.12
N SER LA 263 154.23 3.74 105.98
CA SER LA 263 153.36 2.73 105.38
C SER LA 263 154.09 1.64 104.58
N HIS LA 264 155.41 1.74 104.44
CA HIS LA 264 156.20 0.87 103.57
C HIS LA 264 156.35 -0.56 104.13
N PRO LA 265 156.31 -1.62 103.29
CA PRO LA 265 156.50 -3.01 103.76
C PRO LA 265 157.87 -3.25 104.42
N ASP LA 266 158.92 -2.54 103.97
CA ASP LA 266 160.27 -2.55 104.56
C ASP LA 266 160.55 -1.32 105.46
N SER LA 267 159.53 -0.66 106.00
CA SER LA 267 159.66 0.60 106.75
C SER LA 267 160.71 0.58 107.87
N GLY LA 268 160.84 -0.53 108.62
CA GLY LA 268 161.82 -0.65 109.71
C GLY LA 268 163.28 -0.58 109.22
N ALA LA 269 163.59 -1.25 108.11
CA ALA LA 269 164.90 -1.19 107.47
C ALA LA 269 165.15 0.17 106.78
N LEU LA 270 164.12 0.76 106.16
CA LEU LA 270 164.20 2.08 105.55
C LEU LA 270 164.51 3.19 106.58
N MET LA 271 163.85 3.18 107.75
CA MET LA 271 164.14 4.14 108.81
C MET LA 271 165.58 4.03 109.35
N ILE LA 272 166.14 2.81 109.44
CA ILE LA 272 167.55 2.60 109.83
C ILE LA 272 168.51 3.08 108.73
N VAL LA 273 168.28 2.78 107.44
CA VAL LA 273 169.18 3.21 106.36
C VAL LA 273 169.19 4.73 106.17
N ASP LA 274 168.01 5.38 106.17
CA ASP LA 274 167.88 6.85 106.09
C ASP LA 274 168.56 7.56 107.27
N SER LA 275 168.41 7.04 108.48
CA SER LA 275 169.10 7.57 109.67
C SER LA 275 170.61 7.39 109.63
N ALA LA 276 171.11 6.21 109.27
CA ALA LA 276 172.55 5.93 109.22
C ALA LA 276 173.27 6.75 108.13
N ALA LA 277 172.65 6.96 106.97
CA ALA LA 277 173.18 7.84 105.93
C ALA LA 277 173.38 9.28 106.43
N CYS LA 278 172.42 9.84 107.17
CA CYS LA 278 172.54 11.18 107.76
C CYS LA 278 173.61 11.26 108.84
N GLU LA 279 173.70 10.25 109.73
CA GLU LA 279 174.76 10.17 110.75
C GLU LA 279 176.15 10.21 110.11
N LEU LA 280 176.37 9.42 109.04
CA LEU LA 280 177.65 9.39 108.33
C LEU LA 280 177.98 10.72 107.65
N ALA LA 281 177.01 11.39 107.02
CA ALA LA 281 177.23 12.72 106.44
C ALA LA 281 177.65 13.75 107.50
N VAL LA 282 177.01 13.74 108.68
CA VAL LA 282 177.41 14.60 109.82
C VAL LA 282 178.77 14.22 110.43
N SER LA 283 179.17 12.95 110.44
CA SER LA 283 180.53 12.56 110.87
C SER LA 283 181.61 13.05 109.91
N TYR LA 284 181.43 12.88 108.59
CA TYR LA 284 182.52 13.08 107.61
C TYR LA 284 182.56 14.45 106.93
N ALA LA 285 181.44 15.12 106.65
CA ALA LA 285 181.47 16.41 105.94
C ALA LA 285 182.23 17.52 106.71
N PRO LA 286 181.98 17.77 108.02
CA PRO LA 286 182.77 18.74 108.79
C PRO LA 286 184.28 18.44 108.81
N ALA LA 287 184.69 17.17 108.94
CA ALA LA 287 186.10 16.78 108.91
C ALA LA 287 186.79 17.18 107.59
N MET LA 288 186.18 16.88 106.45
CA MET LA 288 186.69 17.28 105.14
C MET LA 288 186.69 18.79 104.92
N LEU LA 289 185.69 19.52 105.42
CA LEU LA 289 185.64 20.98 105.33
C LEU LA 289 186.71 21.68 106.20
N GLU LA 290 186.99 21.16 107.40
CA GLU LA 290 188.02 21.67 108.32
C GLU LA 290 189.47 21.41 107.86
N ALA LA 291 189.70 20.43 106.99
CA ALA LA 291 191.03 20.03 106.51
C ALA LA 291 191.85 21.19 105.90
N SER LA 292 193.16 21.03 105.79
CA SER LA 292 194.03 22.06 105.17
C SER LA 292 193.88 22.05 103.64
N HIS LA 293 193.63 23.22 103.02
CA HIS LA 293 193.33 23.33 101.59
C HIS LA 293 194.43 24.12 100.86
N GLU LA 294 194.65 23.83 99.58
CA GLU LA 294 195.48 24.67 98.69
C GLU LA 294 194.88 26.08 98.53
N THR LA 295 195.72 27.10 98.36
CA THR LA 295 195.31 28.49 98.13
C THR LA 295 195.21 28.80 96.63
N PRO LA 296 194.01 28.94 96.04
CA PRO LA 296 193.88 29.24 94.61
C PRO LA 296 194.35 30.65 94.25
N ALA LA 297 194.80 30.87 93.01
CA ALA LA 297 195.15 32.20 92.50
C ALA LA 297 193.94 33.14 92.37
N SER LA 298 192.73 32.59 92.29
CA SER LA 298 191.47 33.36 92.23
C SER LA 298 191.13 34.06 93.54
N LEU LA 299 191.77 33.72 94.67
CA LEU LA 299 191.55 34.34 95.97
C LEU LA 299 192.17 35.75 96.11
N ASN LA 300 192.99 36.17 95.14
CA ASN LA 300 193.68 37.44 95.13
C ASN LA 300 192.97 38.49 94.27
N TYR LA 301 192.16 39.36 94.88
CA TYR LA 301 191.24 40.27 94.18
C TYR LA 301 191.93 41.36 93.34
N ASP LA 302 193.13 41.78 93.71
CA ASP LA 302 193.86 42.81 92.98
C ASP LA 302 194.57 42.27 91.72
N SER LA 303 194.79 40.96 91.58
CA SER LA 303 195.25 40.34 90.32
C SER LA 303 194.11 39.83 89.42
N TRP LA 304 192.83 40.03 89.74
CA TRP LA 304 191.73 39.62 88.86
C TRP LA 304 191.81 40.33 87.50
N PRO LA 305 191.93 39.61 86.37
CA PRO LA 305 191.98 40.23 85.04
C PRO LA 305 190.76 41.08 84.65
N LEU LA 306 189.56 40.80 85.18
CA LEU LA 306 188.35 41.50 84.75
C LEU LA 306 188.38 43.02 84.95
N PHE LA 307 189.21 43.55 85.88
CA PHE LA 307 189.40 44.98 86.12
C PHE LA 307 190.41 45.66 85.19
N ALA LA 308 191.14 44.94 84.34
CA ALA LA 308 192.35 45.44 83.67
C ALA LA 308 192.16 46.69 82.78
N ASP LA 309 190.99 46.86 82.15
CA ASP LA 309 190.66 48.04 81.34
C ASP LA 309 189.87 49.14 82.09
N CYS LA 310 189.59 48.98 83.39
CA CYS LA 310 188.77 49.92 84.17
C CYS LA 310 189.51 51.20 84.57
N GLU LA 311 188.86 52.36 84.43
CA GLU LA 311 189.31 53.63 85.02
C GLU LA 311 188.26 54.20 85.98
N GLY LA 312 188.60 54.27 87.27
CA GLY LA 312 187.76 54.82 88.32
C GLY LA 312 186.67 53.90 88.88
N PRO LA 313 186.00 54.30 89.98
CA PRO LA 313 185.06 53.44 90.71
C PRO LA 313 183.82 52.98 89.92
N GLU LA 314 183.25 53.80 89.05
CA GLU LA 314 182.06 53.43 88.28
C GLU LA 314 182.33 52.29 87.30
N ALA LA 315 183.47 52.32 86.62
CA ALA LA 315 183.91 51.25 85.73
C ALA LA 315 184.14 49.94 86.48
N ARG LA 316 184.70 49.98 87.70
CA ARG LA 316 184.91 48.79 88.54
C ARG LA 316 183.59 48.16 89.00
N VAL LA 317 182.62 48.95 89.43
CA VAL LA 317 181.28 48.45 89.81
C VAL LA 317 180.55 47.84 88.60
N ALA LA 318 180.58 48.50 87.43
CA ALA LA 318 179.96 47.97 86.21
C ALA LA 318 180.61 46.67 85.72
N ALA LA 319 181.93 46.49 85.92
CA ALA LA 319 182.64 45.25 85.62
C ALA LA 319 182.22 44.10 86.55
N LEU LA 320 181.97 44.37 87.84
CA LEU LA 320 181.44 43.36 88.78
C LEU LA 320 180.02 42.94 88.41
N HIS LA 321 179.14 43.85 87.98
CA HIS LA 321 177.81 43.47 87.50
C HIS LA 321 177.84 42.55 86.26
N ARG LA 322 178.72 42.79 85.28
CA ARG LA 322 178.93 41.87 84.16
C ARG LA 322 179.46 40.50 84.62
N TYR LA 323 180.39 40.47 85.56
CA TYR LA 323 180.86 39.25 86.18
C TYR LA 323 179.71 38.46 86.83
N ASN LA 324 178.84 39.09 87.61
CA ASN LA 324 177.68 38.43 88.23
C ASN LA 324 176.68 37.86 87.22
N ALA LA 325 176.39 38.57 86.13
CA ALA LA 325 175.52 38.06 85.07
C ALA LA 325 176.06 36.76 84.44
N SER LA 326 177.37 36.61 84.28
CA SER LA 326 177.98 35.35 83.79
C SER LA 326 177.81 34.13 84.73
N LEU LA 327 177.55 34.33 86.03
CA LEU LA 327 177.24 33.27 86.99
C LEU LA 327 175.75 32.97 87.15
N ALA LA 328 174.84 33.88 86.78
CA ALA LA 328 173.41 33.75 87.02
C ALA LA 328 172.77 32.43 86.52
N PRO LA 329 173.11 31.85 85.35
CA PRO LA 329 172.49 30.61 84.88
C PRO LA 329 172.72 29.41 85.81
N HIS LA 330 173.85 29.35 86.52
CA HIS LA 330 174.08 28.36 87.57
C HIS LA 330 173.09 28.49 88.71
N VAL LA 331 172.86 29.71 89.20
CA VAL LA 331 171.94 30.00 90.30
C VAL LA 331 170.48 29.79 89.88
N SER LA 332 170.05 30.31 88.73
CA SER LA 332 168.66 30.13 88.28
C SER LA 332 168.33 28.68 87.92
N THR LA 333 169.28 27.88 87.46
CA THR LA 333 169.08 26.44 87.24
C THR LA 333 168.74 25.71 88.55
N GLN LA 334 169.43 26.02 89.65
CA GLN LA 334 169.11 25.46 90.97
C GLN LA 334 167.76 25.93 91.53
N ILE LA 335 167.13 26.98 91.00
CA ILE LA 335 165.75 27.36 91.32
C ILE LA 335 164.73 26.71 90.36
N PHE LA 336 164.97 26.75 89.05
CA PHE LA 336 164.00 26.30 88.05
C PHE LA 336 163.93 24.78 87.85
N ALA LA 337 164.99 24.02 88.13
CA ALA LA 337 165.02 22.57 87.90
C ALA LA 337 164.23 21.78 88.95
N THR LA 338 163.31 20.91 88.53
CA THR LA 338 162.52 20.05 89.42
C THR LA 338 163.40 19.12 90.27
N ASN LA 339 164.56 18.71 89.75
CA ASN LA 339 165.55 17.85 90.40
C ASN LA 339 166.79 18.60 90.95
N SER LA 340 166.62 19.87 91.31
CA SER LA 340 167.61 20.66 92.07
C SER LA 340 167.95 20.04 93.44
N VAL LA 341 169.20 20.15 93.87
CA VAL LA 341 169.66 19.76 95.23
C VAL LA 341 168.87 20.43 96.35
N LEU LA 342 168.31 21.62 96.12
CA LEU LA 342 167.47 22.36 97.04
C LEU LA 342 166.10 21.71 97.31
N TYR LA 343 165.65 20.76 96.49
CA TYR LA 343 164.35 20.09 96.59
C TYR LA 343 164.43 18.59 96.93
N VAL LA 344 165.58 18.09 97.37
CA VAL LA 344 165.75 16.71 97.86
C VAL LA 344 164.85 16.45 99.07
N SER LA 345 164.03 15.41 99.00
CA SER LA 345 162.93 15.11 99.93
C SER LA 345 163.21 13.95 100.89
N GLY LA 346 164.23 13.12 100.67
CA GLY LA 346 164.56 11.97 101.53
C GLY LA 346 165.05 10.74 100.78
N VAL LA 347 164.94 9.57 101.42
CA VAL LA 347 165.36 8.26 100.91
C VAL LA 347 164.15 7.36 100.74
N SER LA 348 164.10 6.57 99.66
CA SER LA 348 163.05 5.59 99.41
C SER LA 348 163.59 4.27 98.84
N LYS LA 349 162.78 3.22 98.81
CA LYS LA 349 163.15 1.88 98.36
C LYS LA 349 162.25 1.40 97.21
N SER LA 350 162.87 0.76 96.23
CA SER LA 350 162.25 0.23 95.01
C SER LA 350 161.01 -0.65 95.25
N GLU LA 356 164.89 -1.63 90.11
CA GLU LA 356 166.28 -1.40 90.52
C GLU LA 356 166.99 -2.70 90.93
N SER LA 357 168.27 -2.82 90.58
CA SER LA 357 169.16 -3.88 91.09
C SER LA 357 169.44 -3.73 92.59
N LEU LA 358 169.98 -4.77 93.23
CA LEU LA 358 170.13 -4.85 94.69
C LEU LA 358 170.82 -3.61 95.30
N PHE LA 359 171.99 -3.23 94.81
CA PHE LA 359 172.74 -2.09 95.36
C PHE LA 359 172.15 -0.73 95.01
N ASN LA 360 171.33 -0.63 93.95
CA ASN LA 360 170.58 0.57 93.61
C ASN LA 360 169.19 0.66 94.28
N SER LA 361 168.77 -0.36 95.02
CA SER LA 361 167.39 -0.48 95.53
C SER LA 361 166.96 0.61 96.51
N PHE LA 362 167.86 1.15 97.32
CA PHE LA 362 167.64 2.39 98.09
C PHE LA 362 168.20 3.59 97.32
N TYR LA 363 167.47 4.70 97.27
CA TYR LA 363 167.85 5.89 96.49
C TYR LA 363 167.30 7.21 97.03
N MET LA 364 167.92 8.33 96.64
CA MET LA 364 167.47 9.70 96.98
C MET LA 364 166.25 10.14 96.17
N THR LA 365 165.28 10.79 96.80
CA THR LA 365 164.04 11.31 96.19
C THR LA 365 163.98 12.85 96.21
N HIS LA 366 163.17 13.45 95.35
CA HIS LA 366 162.89 14.89 95.32
C HIS LA 366 161.39 15.19 95.26
N GLY LA 367 160.97 16.35 95.78
CA GLY LA 367 159.61 16.85 95.59
C GLY LA 367 159.16 17.83 96.66
N LEU LA 368 158.72 19.02 96.25
CA LEU LA 368 158.17 20.05 97.15
C LEU LA 368 156.83 19.65 97.78
N GLY LA 369 156.01 18.84 97.11
CA GLY LA 369 154.78 18.31 97.68
C GLY LA 369 155.06 17.43 98.89
N THR LA 370 156.07 16.55 98.82
CA THR LA 370 156.53 15.74 99.94
C THR LA 370 157.02 16.60 101.11
N LEU LA 371 157.76 17.67 100.82
CA LEU LA 371 158.28 18.59 101.84
C LEU LA 371 157.18 19.38 102.57
N GLN LA 372 155.98 19.53 102.02
CA GLN LA 372 154.84 20.15 102.72
C GLN LA 372 154.10 19.21 103.70
N GLU LA 373 154.22 17.88 103.57
CA GLU LA 373 153.41 16.92 104.34
C GLU LA 373 153.75 16.85 105.84
N GLY LA 374 152.81 16.36 106.65
CA GLY LA 374 153.07 15.96 108.03
C GLY LA 374 154.00 14.75 108.13
N THR LA 375 154.59 14.56 109.30
CA THR LA 375 155.65 13.57 109.60
C THR LA 375 155.43 12.83 110.92
N TRP LA 376 156.20 11.76 111.12
CA TRP LA 376 156.26 10.93 112.32
C TRP LA 376 157.70 10.80 112.83
N ASP LA 377 157.88 10.67 114.14
CA ASP LA 377 159.19 10.56 114.81
C ASP LA 377 159.79 9.13 114.72
N PRO LA 378 161.04 8.89 115.18
CA PRO LA 378 161.67 7.57 115.17
C PRO LA 378 160.94 6.47 115.95
N CYS LA 379 159.99 6.81 116.83
CA CYS LA 379 159.13 5.88 117.57
C CYS LA 379 157.71 5.80 116.99
N ARG LA 380 157.53 6.22 115.73
CA ARG LA 380 156.27 6.18 114.96
C ARG LA 380 155.13 7.03 115.55
N ARG LA 381 155.43 8.03 116.38
CA ARG LA 381 154.44 8.98 116.91
C ARG LA 381 154.31 10.20 115.97
N PRO LA 382 153.14 10.85 115.88
CA PRO LA 382 152.97 12.09 115.10
C PRO LA 382 153.96 13.19 115.51
N CYS LA 383 154.47 13.96 114.55
CA CYS LA 383 155.52 14.96 114.77
C CYS LA 383 155.11 16.34 114.20
N PHE LA 384 155.56 16.73 113.00
CA PHE LA 384 155.02 17.90 112.29
C PHE LA 384 153.65 17.55 111.67
N SER LA 385 152.69 18.48 111.69
CA SER LA 385 151.32 18.28 111.17
C SER LA 385 151.11 18.63 109.69
N GLY LA 386 152.12 19.17 109.00
CA GLY LA 386 152.02 19.54 107.59
C GLY LA 386 151.51 20.96 107.34
N TRP LA 387 151.53 21.37 106.08
CA TRP LA 387 151.00 22.64 105.59
C TRP LA 387 150.14 22.44 104.33
N GLY LA 388 148.97 23.07 104.26
CA GLY LA 388 148.02 22.92 103.16
C GLY LA 388 148.35 23.75 101.90
N GLY LA 389 149.42 24.54 101.93
CA GLY LA 389 149.75 25.50 100.88
C GLY LA 389 149.06 26.87 101.06
N PRO LA 390 149.32 27.84 100.16
CA PRO LA 390 148.80 29.19 100.21
C PRO LA 390 147.26 29.27 100.29
N GLY LA 394 148.05 33.19 95.25
CA GLY LA 394 148.96 34.03 94.47
C GLY LA 394 148.78 33.87 92.96
N THR LA 395 149.52 34.67 92.18
CA THR LA 395 149.30 34.83 90.72
C THR LA 395 149.54 33.59 89.87
N ASN LA 396 150.29 32.57 90.35
CA ASN LA 396 150.49 31.30 89.63
C ASN LA 396 149.38 30.26 89.87
N GLY LA 397 148.42 30.52 90.77
CA GLY LA 397 147.22 29.71 90.98
C GLY LA 397 147.38 28.40 91.80
N PRO LA 398 146.27 27.68 92.05
CA PRO LA 398 146.20 26.52 92.94
C PRO LA 398 147.05 25.32 92.52
N GLY LA 399 147.72 24.68 93.49
CA GLY LA 399 148.56 23.49 93.27
C GLY LA 399 149.90 23.75 92.58
N ASN LA 400 150.19 25.00 92.22
CA ASN LA 400 151.39 25.42 91.51
C ASN LA 400 152.42 26.04 92.46
N TYR LA 401 153.67 26.15 92.01
CA TYR LA 401 154.76 26.81 92.74
C TYR LA 401 154.40 28.25 93.09
N ALA LA 402 154.63 28.66 94.33
CA ALA LA 402 154.30 29.96 94.89
C ALA LA 402 155.54 30.64 95.49
N VAL LA 403 155.45 31.92 95.85
CA VAL LA 403 156.58 32.63 96.44
C VAL LA 403 157.11 31.96 97.72
N GLU LA 404 156.27 31.30 98.52
CA GLU LA 404 156.69 30.51 99.68
C GLU LA 404 157.67 29.39 99.33
N HIS LA 405 157.57 28.75 98.16
CA HIS LA 405 158.53 27.74 97.72
C HIS LA 405 159.90 28.33 97.39
N LEU LA 406 159.96 29.55 96.84
CA LEU LA 406 161.21 30.29 96.68
C LEU LA 406 161.80 30.66 98.06
N VAL LA 407 160.98 31.05 99.03
CA VAL LA 407 161.46 31.32 100.40
C VAL LA 407 162.03 30.05 101.05
N TYR LA 408 161.38 28.89 100.89
CA TYR LA 408 161.90 27.58 101.30
C TYR LA 408 163.23 27.21 100.62
N ALA LA 409 163.40 27.45 99.32
CA ALA LA 409 164.68 27.25 98.61
C ALA LA 409 165.82 28.12 99.19
N ALA LA 410 165.52 29.35 99.60
CA ALA LA 410 166.46 30.27 100.24
C ALA LA 410 166.63 30.06 101.76
N SER LA 411 166.22 28.92 102.34
CA SER LA 411 166.37 28.59 103.77
C SER LA 411 165.74 29.58 104.75
N PHE LA 412 164.65 30.26 104.35
CA PHE LA 412 163.97 31.28 105.16
C PHE LA 412 164.91 32.41 105.62
N SER LA 413 165.95 32.71 104.84
CA SER LA 413 166.98 33.71 105.14
C SER LA 413 166.76 34.92 104.26
N PRO LA 414 166.49 36.12 104.82
CA PRO LA 414 166.36 37.33 104.01
C PRO LA 414 167.65 37.71 103.28
N ASN LA 415 168.82 37.42 103.85
CA ASN LA 415 170.12 37.62 103.19
C ASN LA 415 170.27 36.74 101.93
N LEU LA 416 170.04 35.42 102.01
CA LEU LA 416 170.10 34.54 100.85
C LEU LA 416 169.00 34.87 99.83
N LEU LA 417 167.76 35.12 100.26
CA LEU LA 417 166.64 35.44 99.38
C LEU LA 417 166.88 36.71 98.55
N ALA LA 418 167.44 37.76 99.15
CA ALA LA 418 167.86 38.96 98.44
C ALA LA 418 168.86 38.68 97.31
N ARG LA 419 169.91 37.89 97.53
CA ARG LA 419 170.88 37.54 96.47
C ARG LA 419 170.30 36.61 95.40
N TYR LA 420 169.39 35.67 95.74
CA TYR LA 420 168.64 34.89 94.75
C TYR LA 420 167.79 35.80 93.84
N ALA LA 421 167.06 36.77 94.40
CA ALA LA 421 166.25 37.72 93.63
C ALA LA 421 167.10 38.58 92.71
N TYR LA 422 168.26 39.04 93.16
CA TYR LA 422 169.24 39.72 92.32
C TYR LA 422 169.68 38.88 91.10
N TYR LA 423 169.98 37.59 91.24
CA TYR LA 423 170.31 36.73 90.09
C TYR LA 423 169.09 36.50 89.17
N LEU LA 424 167.89 36.29 89.72
CA LEU LA 424 166.67 36.12 88.92
C LEU LA 424 166.31 37.36 88.07
N GLN LA 425 166.68 38.57 88.48
CA GLN LA 425 166.54 39.79 87.67
C GLN LA 425 167.33 39.79 86.33
N PHE LA 426 168.33 38.94 86.14
CA PHE LA 426 169.00 38.76 84.84
C PHE LA 426 168.27 37.82 83.87
N CYS LA 427 167.27 37.05 84.33
CA CYS LA 427 166.57 36.04 83.55
C CYS LA 427 165.50 36.62 82.62
N GLN LA 428 165.38 36.08 81.41
CA GLN LA 428 164.30 36.37 80.47
C GLN LA 428 162.98 35.74 80.93
N GLY LA 429 161.87 36.43 80.69
CA GLY LA 429 160.52 35.87 80.82
C GLY LA 429 160.14 35.00 79.64
N GLN LA 430 159.38 33.94 79.89
CA GLN LA 430 158.85 33.04 78.87
C GLN LA 430 157.36 32.81 79.14
N LYS LA 431 156.49 33.61 78.52
CA LYS LA 431 155.03 33.46 78.62
C LYS LA 431 154.56 32.12 78.03
N SER LA 432 153.73 31.38 78.76
CA SER LA 432 153.14 30.11 78.34
C SER LA 432 152.18 30.24 77.15
N VAL LA 437 148.31 37.46 79.03
CA VAL LA 437 148.87 38.09 80.22
C VAL LA 437 148.87 39.62 80.08
N PRO LA 438 148.57 40.40 81.14
CA PRO LA 438 148.71 41.86 81.13
C PRO LA 438 150.09 42.34 80.64
N GLU LA 439 150.14 43.47 79.95
CA GLU LA 439 151.41 44.11 79.60
C GLU LA 439 152.16 44.56 80.86
N THR LA 440 153.50 44.60 80.82
CA THR LA 440 154.31 44.85 82.02
C THR LA 440 153.93 46.15 82.72
N GLY LA 441 153.76 47.25 81.98
CA GLY LA 441 153.42 48.56 82.52
C GLY LA 441 152.01 48.67 83.09
N SER LA 442 151.03 47.93 82.54
CA SER LA 442 149.69 47.85 83.15
C SER LA 442 149.62 46.90 84.34
N TYR LA 443 150.57 45.96 84.51
CA TYR LA 443 150.73 45.23 85.77
C TYR LA 443 151.39 46.11 86.83
N VAL LA 444 152.51 46.78 86.52
CA VAL LA 444 153.23 47.66 87.46
C VAL LA 444 152.39 48.85 87.94
N ALA LA 445 151.65 49.53 87.07
CA ALA LA 445 150.72 50.59 87.48
C ALA LA 445 149.40 50.06 88.07
N GLY LA 446 148.99 48.84 87.69
CA GLY LA 446 147.78 48.16 88.15
C GLY LA 446 148.00 47.35 89.42
N ALA LA 447 147.80 46.03 89.37
CA ALA LA 447 147.77 45.15 90.55
C ALA LA 447 149.03 45.19 91.45
N ALA LA 448 150.22 45.52 90.93
CA ALA LA 448 151.42 45.63 91.77
C ALA LA 448 151.36 46.82 92.76
N ALA LA 449 150.58 47.86 92.47
CA ALA LA 449 150.42 49.07 93.28
C ALA LA 449 149.27 48.99 94.31
N SER LA 450 148.61 47.82 94.44
CA SER LA 450 147.52 47.60 95.39
C SER LA 450 147.98 47.66 96.85
N PRO LA 451 147.25 48.32 97.76
CA PRO LA 451 147.59 48.40 99.18
C PRO LA 451 147.55 47.04 99.90
N MET LA 452 147.05 45.99 99.25
CA MET LA 452 146.99 44.62 99.75
C MET LA 452 148.34 43.86 99.72
N CYS LA 453 149.38 44.33 99.02
CA CYS LA 453 150.70 43.69 99.00
C CYS LA 453 151.32 43.66 100.42
N SER LA 454 151.60 42.46 100.95
CA SER LA 454 152.23 42.28 102.27
C SER LA 454 153.74 42.57 102.29
N LEU LA 455 154.33 43.05 101.18
CA LEU LA 455 155.76 43.34 101.06
C LEU LA 455 156.03 44.85 100.90
N CYS LA 456 155.43 45.50 99.90
CA CYS LA 456 155.66 46.92 99.58
C CYS LA 456 154.50 47.85 99.94
N GLU LA 457 153.34 47.33 100.36
CA GLU LA 457 152.07 48.07 100.50
C GLU LA 457 151.64 48.79 99.22
N GLY LA 458 152.14 48.35 98.04
CA GLY LA 458 151.97 49.04 96.78
C GLY LA 458 152.91 50.23 96.56
N ARG LA 459 153.79 50.56 97.52
CA ARG LA 459 154.66 51.75 97.52
C ARG LA 459 156.04 51.54 96.87
N ALA LA 460 156.35 50.35 96.33
CA ALA LA 460 157.57 50.07 95.54
C ALA LA 460 157.33 49.06 94.39
N PRO LA 461 156.35 49.30 93.50
CA PRO LA 461 155.76 48.25 92.67
C PRO LA 461 156.69 47.67 91.60
N ALA LA 462 157.69 48.41 91.12
CA ALA LA 462 158.57 47.96 90.05
C ALA LA 462 159.67 46.98 90.50
N VAL LA 463 160.17 47.11 91.74
CA VAL LA 463 161.20 46.22 92.33
C VAL LA 463 160.66 45.13 93.25
N CYS LA 464 159.39 45.18 93.67
CA CYS LA 464 158.79 44.21 94.58
C CYS LA 464 159.02 42.74 94.14
N LEU LA 465 159.30 41.87 95.10
CA LEU LA 465 159.52 40.43 94.88
C LEU LA 465 158.31 39.79 94.18
N ASN LA 466 157.08 40.20 94.50
CA ASN LA 466 155.88 39.70 93.82
C ASN LA 466 155.83 40.10 92.33
N THR LA 467 156.40 41.24 91.95
CA THR LA 467 156.52 41.66 90.54
C THR LA 467 157.55 40.80 89.79
N LEU LA 468 158.71 40.54 90.38
CA LEU LA 468 159.71 39.62 89.82
C LEU LA 468 159.15 38.20 89.66
N PHE LA 469 158.44 37.71 90.69
CA PHE LA 469 157.78 36.42 90.65
C PHE LA 469 156.71 36.35 89.55
N PHE LA 470 155.89 37.38 89.38
CA PHE LA 470 154.89 37.44 88.31
C PHE LA 470 155.52 37.35 86.91
N ARG LA 471 156.65 38.03 86.69
CA ARG LA 471 157.40 38.04 85.44
C ARG LA 471 157.98 36.67 85.05
N LEU LA 472 158.48 35.89 86.01
CA LEU LA 472 159.16 34.59 85.81
C LEU LA 472 158.28 33.34 86.04
N ARG LA 473 156.99 33.56 86.29
CA ARG LA 473 155.96 32.61 86.74
C ARG LA 473 155.92 31.24 86.02
N ASP LA 474 155.92 31.25 84.71
CA ASP LA 474 155.87 30.03 83.88
C ASP LA 474 157.19 29.24 83.82
N ARG LA 475 158.29 29.71 84.43
CA ARG LA 475 159.58 29.01 84.51
C ARG LA 475 159.80 28.20 85.80
N PHE LA 476 159.03 28.44 86.86
CA PHE LA 476 159.14 27.68 88.11
C PHE LA 476 158.68 26.23 87.92
N PRO LA 477 159.26 25.25 88.65
CA PRO LA 477 158.93 23.84 88.48
C PRO LA 477 157.52 23.47 88.98
N PRO LA 478 156.98 22.28 88.66
CA PRO LA 478 155.78 21.75 89.30
C PRO LA 478 156.03 21.27 90.75
N VAL LA 479 154.98 21.12 91.55
CA VAL LA 479 155.05 20.68 92.97
C VAL LA 479 154.71 19.18 93.06
N MET LA 480 155.70 18.36 93.41
CA MET LA 480 155.67 16.89 93.24
C MET LA 480 155.59 16.10 94.55
N SER LA 481 154.81 15.02 94.57
CA SER LA 481 154.61 14.13 95.73
C SER LA 481 155.00 12.67 95.46
N THR LA 482 155.71 12.37 94.38
CA THR LA 482 156.11 11.01 93.96
C THR LA 482 157.50 10.59 94.45
N GLN LA 483 157.86 9.31 94.30
CA GLN LA 483 159.07 8.69 94.90
C GLN LA 483 159.98 8.00 93.86
N ARG LA 484 160.03 8.46 92.61
CA ARG LA 484 160.87 7.91 91.52
C ARG LA 484 162.39 8.17 91.71
N ARG LA 485 163.24 7.26 91.21
CA ARG LA 485 164.71 7.36 91.20
C ARG LA 485 165.24 8.22 90.05
N ASP LA 486 165.41 9.52 90.28
CA ASP LA 486 165.96 10.49 89.32
C ASP LA 486 167.37 10.99 89.73
N PRO LA 487 168.19 11.49 88.78
CA PRO LA 487 169.41 12.25 89.07
C PRO LA 487 169.10 13.56 89.81
N TYR LA 488 170.06 14.11 90.54
CA TYR LA 488 169.96 15.45 91.17
C TYR LA 488 171.03 16.41 90.62
N VAL LA 489 170.76 17.72 90.64
CA VAL LA 489 171.62 18.74 90.01
C VAL LA 489 172.58 19.39 91.01
N ILE LA 490 173.87 19.42 90.70
CA ILE LA 490 174.94 19.99 91.54
C ILE LA 490 175.66 21.16 90.85
N SER LA 491 176.22 22.09 91.62
CA SER LA 491 176.95 23.27 91.13
C SER LA 491 178.28 23.44 91.86
N GLY LA 492 179.33 23.88 91.17
CA GLY LA 492 180.60 24.21 91.80
C GLY LA 492 181.78 24.32 90.83
N ALA LA 493 182.97 24.54 91.36
CA ALA LA 493 184.23 24.58 90.61
C ALA LA 493 184.63 23.20 90.04
N SER LA 494 185.19 23.19 88.83
CA SER LA 494 185.81 22.01 88.24
C SER LA 494 187.28 21.83 88.68
N GLY LA 495 187.74 20.59 88.69
CA GLY LA 495 189.13 20.21 88.98
C GLY LA 495 190.09 20.42 87.80
N SER LA 496 191.34 20.04 88.01
CA SER LA 496 192.45 20.30 87.06
C SER LA 496 192.42 19.44 85.79
N TYR LA 497 191.99 18.18 85.86
CA TYR LA 497 192.17 17.20 84.78
C TYR LA 497 190.84 16.64 84.27
N ASN LA 498 190.27 17.29 83.27
CA ASN LA 498 189.02 16.90 82.60
C ASN LA 498 189.33 16.26 81.25
N GLU LA 499 188.61 15.20 80.87
CA GLU LA 499 188.81 14.46 79.63
C GLU LA 499 187.51 14.50 78.83
N THR LA 500 187.35 15.50 77.98
CA THR LA 500 186.10 15.88 77.31
C THR LA 500 186.24 16.16 75.81
N ASP LA 501 187.36 15.78 75.17
CA ASP LA 501 187.41 15.61 73.70
C ASP LA 501 186.53 14.41 73.26
N PHE LA 502 186.27 14.24 71.96
CA PHE LA 502 185.27 13.30 71.42
C PHE LA 502 185.38 11.84 71.91
N LEU LA 503 186.58 11.32 72.17
CA LEU LA 503 186.80 9.97 72.73
C LEU LA 503 187.22 9.97 74.21
N GLY LA 504 187.01 11.07 74.94
CA GLY LA 504 187.18 11.12 76.39
C GLY LA 504 188.56 10.67 76.88
N ASN LA 505 188.59 9.71 77.81
CA ASN LA 505 189.81 9.18 78.40
C ASN LA 505 190.52 8.06 77.58
N PHE LA 506 190.14 7.81 76.32
CA PHE LA 506 190.86 6.89 75.42
C PHE LA 506 192.36 7.23 75.34
N LEU LA 507 193.25 6.27 75.58
CA LEU LA 507 194.72 6.43 75.54
C LEU LA 507 195.22 7.70 76.26
N ASN LA 508 194.70 8.00 77.45
CA ASN LA 508 195.14 9.16 78.23
C ASN LA 508 196.58 9.02 78.74
N PHE LA 509 196.99 7.79 79.07
CA PHE LA 509 198.33 7.40 79.50
C PHE LA 509 198.79 6.11 78.82
N ILE LA 510 200.09 5.83 78.85
CA ILE LA 510 200.73 4.65 78.25
C ILE LA 510 201.55 3.90 79.32
N TYR LA 525 201.52 6.98 70.97
CA TYR LA 525 201.49 8.14 71.84
C TYR LA 525 200.10 8.41 72.42
N THR LA 526 200.00 9.17 73.51
CA THR LA 526 198.71 9.47 74.17
C THR LA 526 197.79 10.30 73.26
N TYR LA 527 196.48 10.17 73.48
CA TYR LA 527 195.46 10.96 72.76
C TYR LA 527 195.64 12.47 73.00
N TRP LA 528 196.08 12.86 74.19
CA TRP LA 528 196.47 14.25 74.48
C TRP LA 528 197.61 14.71 73.56
N GLN LA 529 198.68 13.92 73.41
CA GLN LA 529 199.78 14.24 72.51
C GLN LA 529 199.33 14.31 71.04
N LEU LA 530 198.47 13.38 70.59
CA LEU LA 530 197.88 13.42 69.25
C LEU LA 530 197.14 14.74 68.96
N ASN LA 531 196.36 15.23 69.93
CA ASN LA 531 195.68 16.50 69.77
C ASN LA 531 196.66 17.68 69.75
N GLN LA 532 197.70 17.68 70.57
CA GLN LA 532 198.78 18.68 70.50
C GLN LA 532 199.52 18.68 69.15
N ASN LA 533 199.79 17.51 68.56
CA ASN LA 533 200.39 17.40 67.23
C ASN LA 533 199.50 18.04 66.15
N LEU LA 534 198.19 17.80 66.19
CA LEU LA 534 197.25 18.37 65.24
C LEU LA 534 197.22 19.92 65.32
N LEU LA 535 197.17 20.50 66.52
CA LEU LA 535 197.23 21.95 66.70
C LEU LA 535 198.54 22.57 66.15
N GLU LA 536 199.67 21.87 66.28
CA GLU LA 536 200.94 22.28 65.65
C GLU LA 536 200.86 22.31 64.12
N ARG LA 537 200.30 21.26 63.47
CA ARG LA 537 200.09 21.27 62.02
C ARG LA 537 199.15 22.41 61.60
N LEU LA 538 198.07 22.65 62.33
CA LEU LA 538 197.13 23.74 62.04
C LEU LA 538 197.77 25.13 62.20
N SER LA 539 198.74 25.29 63.11
CA SER LA 539 199.53 26.52 63.25
C SER LA 539 200.37 26.81 62.00
N ARG LA 540 201.02 25.80 61.39
CA ARG LA 540 201.71 25.93 60.09
C ARG LA 540 200.80 26.29 58.91
N LEU LA 541 199.50 26.01 59.01
CA LEU LA 541 198.48 26.46 58.04
C LEU LA 541 197.91 27.86 58.33
N GLY LA 542 198.34 28.53 59.39
CA GLY LA 542 197.85 29.87 59.79
C GLY LA 542 196.56 29.88 60.62
N ILE LA 543 196.21 28.78 61.29
CA ILE LA 543 194.98 28.62 62.10
C ILE LA 543 195.35 28.49 63.59
N ASP LA 544 194.78 29.31 64.48
CA ASP LA 544 195.02 29.23 65.93
C ASP LA 544 194.13 28.20 66.69
N ALA LA 545 194.33 28.04 67.99
CA ALA LA 545 193.61 27.08 68.84
C ALA LA 545 192.09 27.33 68.97
N GLU LA 546 191.60 28.53 68.64
CA GLU LA 546 190.17 28.87 68.59
C GLU LA 546 189.63 28.93 67.14
N GLY LA 547 190.45 28.55 66.16
CA GLY LA 547 190.10 28.47 64.75
C GLY LA 547 190.14 29.80 63.99
N LYS LA 548 190.76 30.86 64.53
CA LYS LA 548 190.94 32.14 63.83
C LYS LA 548 192.06 32.04 62.79
N LEU LA 549 191.85 32.62 61.61
CA LEU LA 549 192.85 32.66 60.53
C LEU LA 549 193.74 33.90 60.63
N GLU LA 550 195.03 33.74 60.34
CA GLU LA 550 195.93 34.87 60.05
C GLU LA 550 195.69 35.51 58.68
N LYS LA 551 195.04 34.80 57.74
CA LYS LA 551 194.66 35.28 56.41
C LYS LA 551 193.34 34.67 55.92
N GLU LA 552 192.32 35.49 55.75
CA GLU LA 552 190.99 35.07 55.29
C GLU LA 552 190.98 34.72 53.79
N PRO LA 553 190.20 33.72 53.33
CA PRO LA 553 190.22 33.30 51.92
C PRO LA 553 189.69 34.37 50.98
N HIS LA 554 190.43 34.62 49.89
CA HIS LA 554 190.18 35.67 48.91
C HIS LA 554 189.02 35.40 47.94
N GLY LA 555 188.65 34.14 47.69
CA GLY LA 555 187.77 33.73 46.61
C GLY LA 555 187.66 32.21 46.46
N PRO LA 556 186.98 31.68 45.43
CA PRO LA 556 186.75 30.24 45.25
C PRO LA 556 188.00 29.37 45.35
N ARG LA 557 189.10 29.70 44.62
CA ARG LA 557 190.35 28.93 44.66
C ARG LA 557 190.92 28.87 46.07
N ASP LA 558 190.97 30.00 46.75
CA ASP LA 558 191.53 30.14 48.09
C ASP LA 558 190.67 29.39 49.14
N PHE LA 559 189.35 29.38 48.98
CA PHE LA 559 188.44 28.63 49.84
C PHE LA 559 188.63 27.11 49.70
N VAL LA 560 188.75 26.60 48.47
CA VAL LA 560 189.07 25.18 48.24
C VAL LA 560 190.47 24.83 48.77
N LYS LA 561 191.47 25.64 48.45
CA LYS LA 561 192.86 25.45 48.90
C LYS LA 561 192.97 25.39 50.43
N MET LA 562 192.31 26.30 51.15
CA MET LA 562 192.23 26.28 52.61
C MET LA 562 191.79 24.93 53.18
N PHE LA 563 190.70 24.34 52.68
CA PHE LA 563 190.23 23.05 53.16
C PHE LA 563 191.12 21.88 52.74
N LYS LA 564 191.59 21.82 51.49
CA LYS LA 564 192.40 20.67 51.02
C LYS LA 564 193.69 20.53 51.82
N ASP LA 565 194.30 21.65 52.21
CA ASP LA 565 195.46 21.64 53.12
C ASP LA 565 195.14 21.10 54.53
N VAL LA 566 193.99 21.44 55.13
CA VAL LA 566 193.57 20.88 56.42
C VAL LA 566 193.30 19.38 56.31
N ASP LA 567 192.57 18.94 55.29
CA ASP LA 567 192.31 17.51 55.06
C ASP LA 567 193.61 16.71 54.92
N ALA LA 568 194.56 17.18 54.10
CA ALA LA 568 195.87 16.55 53.96
C ALA LA 568 196.67 16.54 55.28
N ALA LA 569 196.63 17.62 56.06
CA ALA LA 569 197.29 17.69 57.36
C ALA LA 569 196.70 16.71 58.40
N VAL LA 570 195.38 16.53 58.45
CA VAL LA 570 194.73 15.52 59.31
C VAL LA 570 195.07 14.10 58.86
N ASP LA 571 195.01 13.84 57.55
CA ASP LA 571 195.25 12.51 56.98
C ASP LA 571 196.71 12.08 57.17
N ALA LA 572 197.67 13.01 57.14
CA ALA LA 572 199.06 12.74 57.52
C ALA LA 572 199.22 12.29 58.98
N GLU LA 573 198.53 12.94 59.93
CA GLU LA 573 198.63 12.59 61.36
C GLU LA 573 197.96 11.25 61.68
N VAL LA 574 196.87 10.87 61.00
CA VAL LA 574 196.24 9.55 61.17
C VAL LA 574 197.22 8.42 60.86
N VAL LA 575 198.02 8.56 59.79
CA VAL LA 575 199.03 7.57 59.41
C VAL LA 575 200.10 7.41 60.49
N GLN LA 576 200.71 8.51 60.96
CA GLN LA 576 201.74 8.44 61.99
C GLN LA 576 201.21 7.84 63.30
N PHE LA 577 199.96 8.15 63.67
CA PHE LA 577 199.31 7.53 64.82
C PHE LA 577 199.06 6.03 64.63
N MET LA 578 198.44 5.60 63.51
CA MET LA 578 198.17 4.17 63.25
C MET LA 578 199.46 3.34 63.16
N ASN LA 579 200.57 3.90 62.65
CA ASN LA 579 201.89 3.27 62.71
C ASN LA 579 202.37 3.04 64.15
N SER LA 580 202.20 4.02 65.05
CA SER LA 580 202.54 3.85 66.47
C SER LA 580 201.74 2.72 67.12
N MET LA 581 200.41 2.67 66.92
CA MET LA 581 199.58 1.61 67.51
C MET LA 581 199.96 0.22 67.01
N ALA LA 582 200.28 0.10 65.71
CA ALA LA 582 200.70 -1.15 65.08
C ALA LA 582 202.05 -1.68 65.63
N LYS LA 583 203.12 -0.88 65.61
CA LYS LA 583 204.47 -1.35 66.01
C LYS LA 583 204.60 -1.72 67.49
N ASN LA 584 203.71 -1.20 68.34
CA ASN LA 584 203.63 -1.51 69.77
C ASN LA 584 202.63 -2.61 70.13
N ASN LA 585 201.92 -3.19 69.14
CA ASN LA 585 200.85 -4.18 69.34
C ASN LA 585 199.76 -3.74 70.35
N ILE LA 586 199.45 -2.44 70.44
CA ILE LA 586 198.45 -1.92 71.39
C ILE LA 586 197.04 -2.30 70.91
N THR LA 587 196.17 -2.80 71.80
CA THR LA 587 194.82 -3.27 71.46
C THR LA 587 193.79 -2.13 71.37
N TYR LA 588 194.11 -1.09 70.59
CA TYR LA 588 193.31 0.15 70.49
C TYR LA 588 191.85 -0.11 70.06
N LYS LA 589 191.64 -1.12 69.23
CA LYS LA 589 190.35 -1.63 68.74
C LYS LA 589 189.41 -2.13 69.86
N ASP LA 590 189.94 -2.58 70.99
CA ASP LA 590 189.15 -2.88 72.20
C ASP LA 590 189.17 -1.73 73.22
N LEU LA 591 190.23 -0.93 73.31
CA LEU LA 591 190.27 0.25 74.19
C LEU LA 591 189.25 1.34 73.84
N VAL LA 592 188.85 1.49 72.57
CA VAL LA 592 187.74 2.39 72.18
C VAL LA 592 186.42 2.00 72.83
N LYS LA 593 186.08 0.71 72.92
CA LYS LA 593 184.81 0.21 73.46
C LYS LA 593 184.56 0.64 74.90
N SER LA 594 185.61 0.77 75.72
CA SER LA 594 185.51 1.09 77.15
C SER LA 594 185.85 2.56 77.49
N CYS LA 595 185.97 3.48 76.54
CA CYS LA 595 186.31 4.88 76.87
C CYS LA 595 185.10 5.70 77.41
N TYR LA 596 185.38 6.62 78.33
CA TYR LA 596 184.42 7.51 79.01
C TYR LA 596 184.84 8.98 78.89
N HIS LA 597 183.90 9.91 78.76
CA HIS LA 597 184.14 11.30 79.15
C HIS LA 597 184.29 11.40 80.68
N VAL LA 598 185.20 12.23 81.16
CA VAL LA 598 185.40 12.44 82.60
C VAL LA 598 185.43 13.92 82.94
N MET LA 599 184.71 14.33 83.99
CA MET LA 599 184.79 15.66 84.60
C MET LA 599 185.09 15.54 86.09
N GLN LA 600 185.91 16.43 86.61
CA GLN LA 600 186.24 16.49 88.04
C GLN LA 600 185.45 17.61 88.71
N TYR LA 601 184.66 17.29 89.73
CA TYR LA 601 184.05 18.26 90.64
C TYR LA 601 184.98 18.47 91.84
N SER LA 602 185.49 19.69 92.03
CA SER LA 602 186.47 20.00 93.08
C SER LA 602 185.87 19.94 94.48
N CYS LA 603 186.62 19.46 95.48
CA CYS LA 603 186.22 19.45 96.89
C CYS LA 603 186.88 20.53 97.76
N ASN LA 604 187.57 21.50 97.15
CA ASN LA 604 188.13 22.65 97.88
C ASN LA 604 187.08 23.76 98.02
N PRO LA 605 186.70 24.19 99.24
CA PRO LA 605 185.76 25.31 99.42
C PRO LA 605 186.29 26.66 98.91
N PHE LA 606 187.61 26.87 98.87
CA PHE LA 606 188.21 28.12 98.39
C PHE LA 606 188.30 28.21 96.86
N ALA LA 607 188.12 27.11 96.13
CA ALA LA 607 188.07 27.08 94.66
C ALA LA 607 186.72 27.58 94.08
N GLN LA 608 185.66 27.67 94.87
CA GLN LA 608 184.33 28.12 94.44
C GLN LA 608 184.32 29.62 94.05
N PRO LA 609 183.39 30.10 93.20
CA PRO LA 609 183.30 31.52 92.86
C PRO LA 609 182.95 32.40 94.07
N ALA LA 610 183.42 33.64 94.09
CA ALA LA 610 183.23 34.61 95.17
C ALA LA 610 181.79 35.15 95.31
N CYS LA 611 180.88 34.27 95.71
CA CYS LA 611 179.47 34.51 95.99
C CYS LA 611 179.05 33.69 97.22
N PRO LA 612 178.37 34.27 98.22
CA PRO LA 612 177.85 33.53 99.36
C PRO LA 612 176.77 32.47 99.04
N ILE LA 613 176.06 32.53 97.89
CA ILE LA 613 175.14 31.46 97.49
C ILE LA 613 175.90 30.18 97.13
N PHE LA 614 177.08 30.30 96.52
CA PHE LA 614 177.92 29.14 96.23
C PHE LA 614 178.45 28.42 97.47
N THR LA 615 178.55 29.07 98.65
CA THR LA 615 178.79 28.38 99.92
C THR LA 615 177.71 27.35 100.21
N GLN LA 616 176.44 27.73 100.16
CA GLN LA 616 175.30 26.83 100.37
C GLN LA 616 175.18 25.75 99.28
N LEU LA 617 175.33 26.09 98.01
CA LEU LA 617 175.30 25.09 96.93
C LEU LA 617 176.43 24.05 97.06
N PHE LA 618 177.64 24.44 97.42
CA PHE LA 618 178.75 23.51 97.62
C PHE LA 618 178.51 22.58 98.83
N TYR LA 619 178.20 23.13 100.01
CA TYR LA 619 177.96 22.34 101.24
C TYR LA 619 176.81 21.35 101.06
N ARG LA 620 175.69 21.76 100.46
CA ARG LA 620 174.53 20.87 100.22
C ARG LA 620 174.78 19.82 99.14
N SER LA 621 175.60 20.12 98.13
CA SER LA 621 176.03 19.11 97.14
C SER LA 621 176.89 18.03 97.82
N LEU LA 622 177.86 18.42 98.65
CA LEU LA 622 178.71 17.48 99.40
C LEU LA 622 177.91 16.59 100.36
N LEU LA 623 177.02 17.16 101.19
CA LEU LA 623 176.19 16.38 102.12
C LEU LA 623 175.30 15.37 101.37
N THR LA 624 174.75 15.74 100.22
CA THR LA 624 173.91 14.85 99.40
C THR LA 624 174.70 13.70 98.80
N ILE LA 625 175.90 13.95 98.28
CA ILE LA 625 176.76 12.92 97.68
C ILE LA 625 177.22 11.91 98.73
N LEU LA 626 177.56 12.33 99.94
CA LEU LA 626 177.94 11.42 101.03
C LEU LA 626 176.78 10.53 101.48
N GLN LA 627 175.55 11.04 101.52
CA GLN LA 627 174.37 10.21 101.79
C GLN LA 627 174.18 9.15 100.70
N ASP LA 628 174.19 9.53 99.43
CA ASP LA 628 173.96 8.64 98.30
C ASP LA 628 175.03 7.53 98.17
N ILE LA 629 176.31 7.83 98.45
CA ILE LA 629 177.38 6.84 98.52
C ILE LA 629 177.15 5.84 99.68
N SER LA 630 176.63 6.29 100.82
CA SER LA 630 176.47 5.43 102.00
C SER LA 630 175.33 4.40 101.93
N LEU LA 631 174.34 4.58 101.05
CA LEU LA 631 173.12 3.76 101.07
C LEU LA 631 173.36 2.24 101.01
N PRO LA 632 174.12 1.68 100.04
CA PRO LA 632 174.32 0.24 99.99
C PRO LA 632 175.22 -0.31 101.10
N ILE LA 633 176.14 0.50 101.64
CA ILE LA 633 176.99 0.14 102.78
C ILE LA 633 176.14 -0.09 104.03
N CYS LA 634 175.17 0.78 104.29
CA CYS LA 634 174.20 0.65 105.37
C CYS LA 634 173.26 -0.54 105.16
N MET LA 635 172.75 -0.74 103.94
CA MET LA 635 171.88 -1.87 103.60
C MET LA 635 172.55 -3.23 103.85
N CYS LA 636 173.79 -3.42 103.40
CA CYS LA 636 174.49 -4.70 103.60
C CYS LA 636 174.78 -4.97 105.08
N TYR LA 637 175.18 -3.96 105.85
CA TYR LA 637 175.38 -4.12 107.29
C TYR LA 637 174.07 -4.46 108.01
N GLU LA 638 172.95 -3.81 107.66
CA GLU LA 638 171.65 -4.09 108.27
C GLU LA 638 171.07 -5.46 107.85
N ASN LA 639 171.28 -5.92 106.62
CA ASN LA 639 170.94 -7.29 106.21
C ASN LA 639 171.63 -8.35 107.08
N ASP LA 640 172.86 -8.10 107.54
CA ASP LA 640 173.60 -8.98 108.45
C ASP LA 640 173.26 -8.77 109.94
N ASN LA 641 172.71 -7.61 110.31
CA ASN LA 641 172.44 -7.18 111.69
C ASN LA 641 171.04 -6.56 111.80
N PRO LA 642 169.95 -7.33 111.63
CA PRO LA 642 168.62 -6.81 111.37
C PRO LA 642 168.06 -5.92 112.49
N GLY LA 643 167.15 -5.03 112.12
CA GLY LA 643 166.50 -4.10 113.05
C GLY LA 643 165.61 -4.76 114.11
N LEU LA 644 164.92 -5.86 113.78
CA LEU LA 644 164.10 -6.66 114.71
C LEU LA 644 163.11 -5.81 115.56
N GLY LA 645 162.50 -4.80 114.94
CA GLY LA 645 161.56 -3.88 115.59
C GLY LA 645 162.18 -2.79 116.46
N GLN LA 646 163.52 -2.71 116.60
CA GLN LA 646 164.18 -1.59 117.25
C GLN LA 646 163.96 -0.28 116.49
N SER LA 647 163.86 0.84 117.21
CA SER LA 647 163.94 2.18 116.60
C SER LA 647 165.39 2.48 116.17
N PRO LA 648 165.63 3.34 115.17
CA PRO LA 648 166.99 3.63 114.71
C PRO LA 648 167.95 4.13 115.81
N PRO LA 649 167.58 5.04 116.74
CA PRO LA 649 168.47 5.45 117.83
C PRO LA 649 168.94 4.30 118.75
N GLU LA 650 168.07 3.31 119.01
CA GLU LA 650 168.45 2.11 119.76
C GLU LA 650 169.42 1.21 118.97
N TRP LA 651 169.14 0.97 117.68
CA TRP LA 651 169.98 0.13 116.82
C TRP LA 651 171.37 0.76 116.58
N LEU LA 652 171.45 2.07 116.37
CA LEU LA 652 172.71 2.80 116.18
C LEU LA 652 173.61 2.80 117.42
N LYS LA 653 173.03 2.74 118.63
CA LYS LA 653 173.78 2.75 119.90
C LYS LA 653 174.80 1.61 119.97
N GLY LA 654 174.41 0.41 119.55
CA GLY LA 654 175.31 -0.73 119.41
C GLY LA 654 176.17 -0.71 118.13
N HIS LA 655 175.58 -0.37 116.97
CA HIS LA 655 176.22 -0.63 115.67
C HIS LA 655 177.04 0.50 115.04
N TYR LA 656 176.88 1.76 115.45
CA TYR LA 656 177.40 2.88 114.65
C TYR LA 656 178.94 2.97 114.57
N GLN LA 657 179.67 2.67 115.65
CA GLN LA 657 181.15 2.69 115.63
C GLN LA 657 181.73 1.77 114.55
N THR LA 658 181.17 0.58 114.37
CA THR LA 658 181.56 -0.36 113.33
C THR LA 658 181.18 0.16 111.94
N LEU LA 659 179.98 0.72 111.79
CA LEU LA 659 179.53 1.29 110.52
C LEU LA 659 180.39 2.48 110.02
N CYS LA 660 180.92 3.34 110.89
CA CYS LA 660 181.90 4.38 110.52
C CYS LA 660 183.14 3.81 109.81
N THR LA 661 183.65 2.68 110.30
CA THR LA 661 184.89 2.06 109.81
C THR LA 661 184.66 1.33 108.48
N ASN LA 662 183.49 0.68 108.31
CA ASN LA 662 183.05 0.20 107.00
C ASN LA 662 182.95 1.35 105.99
N PHE LA 663 182.33 2.48 106.35
CA PHE LA 663 182.23 3.62 105.43
C PHE LA 663 183.59 4.13 104.98
N ARG LA 664 184.52 4.38 105.90
CA ARG LA 664 185.89 4.84 105.57
C ARG LA 664 186.61 3.89 104.60
N SER LA 665 186.38 2.58 104.71
CA SER LA 665 187.00 1.56 103.85
C SER LA 665 186.33 1.40 102.48
N LEU LA 666 185.02 1.64 102.38
CA LEU LA 666 184.20 1.32 101.20
C LEU LA 666 183.69 2.54 100.42
N ALA LA 667 183.73 3.75 100.96
CA ALA LA 667 183.31 4.97 100.28
C ALA LA 667 184.41 5.63 99.45
N ILE LA 668 185.68 5.47 99.83
CA ILE LA 668 186.82 6.23 99.30
C ILE LA 668 187.70 5.34 98.41
N ASP LA 669 188.16 5.88 97.29
CA ASP LA 669 188.91 5.19 96.22
C ASP LA 669 188.13 4.06 95.50
N LYS LA 670 186.80 3.99 95.64
CA LYS LA 670 185.94 2.98 95.00
C LYS LA 670 185.16 3.48 93.76
N GLY LA 671 185.47 4.66 93.24
CA GLY LA 671 185.11 5.13 91.90
C GLY LA 671 184.40 6.49 91.81
N VAL LA 672 184.05 7.14 92.93
CA VAL LA 672 183.44 8.49 92.93
C VAL LA 672 184.29 9.48 93.70
N LEU LA 673 184.53 9.23 94.99
CA LEU LA 673 185.17 10.17 95.91
C LEU LA 673 186.62 9.74 96.15
N THR LA 674 187.56 10.68 96.03
CA THR LA 674 188.96 10.48 96.44
C THR LA 674 189.32 11.43 97.58
N ALA LA 675 190.01 10.90 98.58
CA ALA LA 675 190.50 11.63 99.74
C ALA LA 675 191.78 10.98 100.27
N LYS LA 676 192.69 11.76 100.84
CA LYS LA 676 193.97 11.31 101.38
C LYS LA 676 193.99 11.49 102.90
N GLU LA 677 194.22 10.43 103.66
CA GLU LA 677 194.50 10.56 105.09
C GLU LA 677 195.96 10.96 105.34
N ALA LA 678 196.19 11.74 106.39
CA ALA LA 678 197.49 12.24 106.77
C ALA LA 678 197.60 12.44 108.28
N LYS LA 679 198.82 12.39 108.82
CA LYS LA 679 199.12 12.78 110.20
C LYS LA 679 199.70 14.19 110.25
N VAL LA 680 199.24 14.99 111.19
CA VAL LA 680 199.70 16.37 111.40
C VAL LA 680 200.66 16.39 112.57
N VAL LA 681 201.83 16.98 112.39
CA VAL LA 681 202.88 17.09 113.43
C VAL LA 681 203.39 18.52 113.53
N HIS LA 682 203.72 18.95 114.75
CA HIS LA 682 204.39 20.23 115.00
C HIS LA 682 205.86 20.01 115.37
N GLY LA 683 206.76 20.79 114.76
CA GLY LA 683 208.21 20.55 114.84
C GLY LA 683 208.86 21.00 116.14
N GLU LA 684 208.58 22.20 116.62
CA GLU LA 684 209.14 22.73 117.87
C GLU LA 684 208.38 22.26 119.13
N PRO LA 685 209.05 22.08 120.29
CA PRO LA 685 208.39 21.72 121.55
C PRO LA 685 207.69 22.90 122.24
N THR LA 686 208.03 24.13 121.85
CA THR LA 686 207.48 25.41 122.32
C THR LA 686 207.29 26.35 121.13
N CYS LA 687 206.50 27.42 121.24
CA CYS LA 687 206.43 28.43 120.17
C CYS LA 687 206.25 29.85 120.72
N ASP LA 688 206.69 30.86 119.95
CA ASP LA 688 206.60 32.27 120.34
C ASP LA 688 205.14 32.76 120.27
N LEU LA 689 204.56 33.04 121.43
CA LEU LA 689 203.16 33.45 121.57
C LEU LA 689 203.02 34.56 122.61
N PRO LA 690 201.97 35.40 122.56
CA PRO LA 690 201.76 36.43 123.55
C PRO LA 690 201.31 35.83 124.90
N ASP LA 691 201.69 36.48 126.00
CA ASP LA 691 201.25 36.09 127.33
C ASP LA 691 199.76 36.47 127.53
N LEU LA 692 198.85 35.51 127.34
CA LEU LA 692 197.41 35.79 127.25
C LEU LA 692 196.83 36.28 128.59
N ASP LA 693 197.41 35.90 129.72
CA ASP LA 693 197.05 36.41 131.04
C ASP LA 693 197.41 37.89 131.17
N ALA LA 694 198.60 38.31 130.74
CA ALA LA 694 198.96 39.73 130.69
C ALA LA 694 198.12 40.52 129.66
N ALA LA 695 197.84 39.93 128.50
CA ALA LA 695 197.09 40.55 127.41
C ALA LA 695 195.62 40.82 127.81
N LEU LA 696 194.99 39.94 128.57
CA LEU LA 696 193.67 40.14 129.17
C LEU LA 696 193.66 41.36 130.12
N GLN LA 697 194.77 41.67 130.79
CA GLN LA 697 194.94 42.87 131.62
C GLN LA 697 195.60 44.06 130.89
N GLY LA 698 195.77 44.00 129.57
CA GLY LA 698 196.24 45.12 128.74
C GLY LA 698 197.76 45.23 128.53
N ARG LA 699 198.56 44.31 129.07
CA ARG LA 699 200.03 44.28 128.96
C ARG LA 699 200.48 43.29 127.88
N VAL LA 700 201.34 43.72 126.97
CA VAL LA 700 201.73 42.91 125.79
C VAL LA 700 203.21 42.53 125.82
N TYR LA 701 203.51 41.23 125.95
CA TYR LA 701 204.86 40.69 125.79
C TYR LA 701 204.85 39.17 125.49
N GLY LA 702 205.94 38.66 124.94
CA GLY LA 702 206.06 37.29 124.44
C GLY LA 702 206.48 36.24 125.48
N ARG LA 703 206.13 34.97 125.20
CA ARG LA 703 206.47 33.77 125.98
C ARG LA 703 206.65 32.57 125.05
N ARG LA 704 207.52 31.62 125.40
CA ARG LA 704 207.68 30.35 124.66
C ARG LA 704 206.91 29.22 125.34
N LEU LA 705 205.61 29.21 125.12
CA LEU LA 705 204.68 28.23 125.70
C LEU LA 705 204.92 26.82 125.14
N PRO LA 706 205.05 25.77 125.98
CA PRO LA 706 205.01 24.37 125.56
C PRO LA 706 203.70 24.02 124.82
N VAL LA 707 203.79 23.31 123.70
CA VAL LA 707 202.62 23.00 122.84
C VAL LA 707 202.61 21.55 122.34
N ARG LA 708 201.41 20.99 122.16
CA ARG LA 708 201.18 19.70 121.51
C ARG LA 708 199.82 19.65 120.78
N MET LA 709 199.68 18.78 119.78
CA MET LA 709 198.45 18.66 119.00
C MET LA 709 197.32 17.99 119.81
N SER LA 710 196.09 18.52 119.77
CA SER LA 710 194.90 17.88 120.34
C SER LA 710 194.25 16.84 119.41
N LYS LA 711 194.53 16.90 118.10
CA LYS LA 711 194.16 15.91 117.08
C LYS LA 711 195.31 15.69 116.10
N VAL LA 712 195.56 14.44 115.71
CA VAL LA 712 196.67 14.07 114.81
C VAL LA 712 196.20 13.70 113.42
N LEU LA 713 195.07 13.00 113.27
CA LEU LA 713 194.54 12.56 111.97
C LEU LA 713 193.79 13.69 111.24
N MET LA 714 194.03 13.79 109.93
CA MET LA 714 193.34 14.71 109.02
C MET LA 714 192.92 13.96 107.74
N LEU LA 715 191.72 14.24 107.24
CA LEU LA 715 191.17 13.63 106.01
C LEU LA 715 191.02 14.70 104.93
N CYS LA 716 192.03 14.84 104.08
CA CYS LA 716 192.09 15.84 103.02
C CYS LA 716 191.23 15.39 101.81
N PRO LA 717 190.13 16.07 101.46
CA PRO LA 717 189.34 15.70 100.29
C PRO LA 717 190.04 16.15 99.00
N ARG LA 718 189.79 15.46 97.88
CA ARG LA 718 190.44 15.76 96.58
C ARG LA 718 189.42 16.09 95.49
N ASN LA 719 188.77 15.09 94.88
CA ASN LA 719 187.76 15.30 93.84
C ASN LA 719 186.59 14.33 93.95
N ILE LA 720 185.44 14.73 93.40
CA ILE LA 720 184.34 13.86 93.00
C ILE LA 720 184.38 13.70 91.48
N LYS LA 721 184.30 12.47 90.97
CA LYS LA 721 184.53 12.15 89.56
C LYS LA 721 183.21 11.81 88.85
N ILE LA 722 182.91 12.50 87.76
CA ILE LA 722 181.69 12.31 86.94
C ILE LA 722 182.06 11.65 85.62
N LYS LA 723 181.34 10.60 85.21
CA LYS LA 723 181.65 9.77 84.03
C LYS LA 723 180.47 9.69 83.06
N ASN LA 724 180.73 9.68 81.76
CA ASN LA 724 179.72 9.40 80.72
C ASN LA 724 180.26 8.47 79.63
N ARG LA 725 179.57 7.39 79.30
CA ARG LA 725 180.02 6.37 78.33
C ARG LA 725 179.95 6.89 76.89
N VAL LA 726 181.01 6.67 76.10
CA VAL LA 726 181.13 7.20 74.74
C VAL LA 726 180.47 6.30 73.69
N VAL LA 727 180.73 4.98 73.70
CA VAL LA 727 180.36 4.08 72.61
C VAL LA 727 179.21 3.16 73.02
N PHE LA 728 178.13 3.21 72.25
CA PHE LA 728 177.08 2.19 72.23
C PHE LA 728 177.51 1.02 71.34
N THR LA 729 177.53 -0.20 71.89
CA THR LA 729 178.06 -1.42 71.24
C THR LA 729 177.00 -2.29 70.54
N GLY LA 730 175.73 -1.87 70.49
CA GLY LA 730 174.65 -2.63 69.88
C GLY LA 730 174.14 -3.83 70.70
N GLU LA 731 174.72 -4.11 71.87
CA GLU LA 731 174.39 -5.30 72.68
C GLU LA 731 172.99 -5.25 73.32
N ASN LA 732 172.55 -4.08 73.78
CA ASN LA 732 171.21 -3.91 74.37
C ASN LA 732 170.17 -3.62 73.26
N ALA LA 733 169.47 -4.67 72.81
CA ALA LA 733 168.62 -4.66 71.62
C ALA LA 733 167.41 -3.70 71.69
N ALA LA 734 166.98 -3.28 72.88
CA ALA LA 734 165.91 -2.30 73.05
C ALA LA 734 166.30 -0.87 72.64
N LEU LA 735 167.61 -0.56 72.66
CA LEU LA 735 168.11 0.83 72.53
C LEU LA 735 168.53 1.24 71.12
N GLN LA 736 168.78 0.28 70.20
CA GLN LA 736 169.48 0.53 68.93
C GLN LA 736 168.88 1.67 68.10
N ASN LA 737 167.55 1.84 68.10
CA ASN LA 737 166.88 2.85 67.28
C ASN LA 737 167.25 4.30 67.62
N SER LA 738 167.76 4.56 68.83
CA SER LA 738 168.28 5.88 69.19
C SER LA 738 169.70 6.16 68.65
N PHE LA 739 170.51 5.12 68.39
CA PHE LA 739 171.92 5.25 67.99
C PHE LA 739 172.22 4.92 66.52
N ILE LA 740 171.35 4.22 65.80
CA ILE LA 740 171.68 3.64 64.48
C ILE LA 740 172.00 4.68 63.39
N LYS LA 741 173.08 4.44 62.64
CA LYS LA 741 173.56 5.25 61.52
C LYS LA 741 172.88 4.84 60.21
N SER LA 742 172.13 5.75 59.61
CA SER LA 742 171.57 5.61 58.26
C SER LA 742 172.62 5.87 57.17
N THR LA 743 172.44 5.34 55.95
CA THR LA 743 173.39 5.48 54.82
C THR LA 743 172.74 6.02 53.53
N THR LA 744 171.42 6.16 53.45
CA THR LA 744 170.74 6.60 52.22
C THR LA 744 170.95 8.09 51.91
N ARG LA 745 171.00 8.43 50.62
CA ARG LA 745 171.35 9.75 50.07
C ARG LA 745 170.22 10.77 50.27
N ARG LA 746 170.34 11.63 51.27
CA ARG LA 746 169.38 12.70 51.61
C ARG LA 746 169.53 13.93 50.70
N GLU LA 747 168.48 14.73 50.60
CA GLU LA 747 168.53 16.04 49.92
C GLU LA 747 169.19 17.15 50.76
N ASN LA 748 169.19 17.04 52.09
CA ASN LA 748 169.80 18.04 52.99
C ASN LA 748 171.34 17.93 53.14
N TYR LA 749 172.00 17.08 52.37
CA TYR LA 749 173.38 16.66 52.61
C TYR LA 749 174.41 17.80 52.54
N ILE LA 750 174.18 18.86 51.77
CA ILE LA 750 175.05 20.05 51.77
C ILE LA 750 174.70 20.93 52.98
N ILE LA 751 173.44 21.33 53.14
CA ILE LA 751 173.02 22.31 54.16
C ILE LA 751 173.12 21.77 55.61
N ASN LA 752 173.00 20.47 55.81
CA ASN LA 752 173.30 19.76 57.07
C ASN LA 752 174.69 19.07 57.03
N GLY LA 753 175.52 19.41 56.05
CA GLY LA 753 176.87 18.88 55.88
C GLY LA 753 177.97 19.71 56.54
N PRO LA 754 179.24 19.33 56.35
CA PRO LA 754 180.36 19.92 57.06
C PRO LA 754 180.77 21.34 56.63
N TYR LA 755 180.28 21.85 55.49
CA TYR LA 755 180.71 23.13 54.93
C TYR LA 755 179.75 24.31 55.12
N MET LA 756 178.48 24.10 55.46
CA MET LA 756 177.45 25.13 55.40
C MET LA 756 177.75 26.38 56.26
N LYS LA 757 178.29 26.21 57.47
CA LYS LA 757 178.67 27.35 58.32
C LYS LA 757 179.78 28.20 57.71
N PHE LA 758 180.78 27.61 57.07
CA PHE LA 758 181.82 28.33 56.34
C PHE LA 758 181.30 28.97 55.05
N LEU LA 759 180.46 28.27 54.29
CA LEU LA 759 179.81 28.81 53.10
C LEU LA 759 178.93 30.03 53.42
N ASN LA 760 178.40 30.13 54.64
CA ASN LA 760 177.71 31.31 55.13
C ASN LA 760 178.68 32.41 55.58
N THR LA 761 179.65 32.10 56.44
CA THR LA 761 180.67 33.07 56.92
C THR LA 761 181.40 33.79 55.78
N TYR LA 762 181.69 33.10 54.69
CA TYR LA 762 182.41 33.64 53.52
C TYR LA 762 181.51 33.98 52.32
N HIS LA 763 180.17 34.03 52.48
CA HIS LA 763 179.23 34.24 51.38
C HIS LA 763 179.50 35.51 50.57
N LYS LA 764 179.73 36.65 51.22
CA LYS LA 764 180.01 37.93 50.53
C LYS LA 764 181.35 37.96 49.77
N THR LA 765 182.32 37.11 50.13
CA THR LA 765 183.57 36.94 49.35
C THR LA 765 183.42 35.89 48.23
N LEU LA 766 182.64 34.82 48.40
CA LEU LA 766 182.36 33.86 47.33
C LEU LA 766 181.41 34.39 46.26
N PHE LA 767 180.34 35.12 46.61
CA PHE LA 767 179.35 35.63 45.66
C PHE LA 767 179.09 37.12 45.88
N PRO LA 768 180.02 38.01 45.46
CA PRO LA 768 179.93 39.46 45.66
C PRO LA 768 178.60 40.06 45.19
N ASP LA 769 177.94 40.79 46.10
CA ASP LA 769 176.67 41.49 45.90
C ASP LA 769 175.47 40.63 45.41
N THR LA 770 175.44 39.31 45.64
CA THR LA 770 174.25 38.51 45.29
C THR LA 770 173.07 38.77 46.25
N LYS LA 771 171.83 38.77 45.72
CA LYS LA 771 170.61 38.93 46.52
C LYS LA 771 170.20 37.68 47.29
N LEU LA 772 170.64 36.50 46.83
CA LEU LA 772 170.29 35.17 47.34
C LEU LA 772 170.80 34.96 48.77
N SER LA 773 170.00 34.31 49.62
CA SER LA 773 170.51 33.74 50.88
C SER LA 773 171.45 32.57 50.59
N SER LA 774 172.46 32.39 51.44
CA SER LA 774 173.41 31.26 51.32
C SER LA 774 172.69 29.90 51.41
N LEU LA 775 171.68 29.78 52.27
CA LEU LA 775 170.84 28.60 52.42
C LEU LA 775 170.09 28.27 51.12
N TYR LA 776 169.46 29.26 50.48
CA TYR LA 776 168.76 29.00 49.22
C TYR LA 776 169.73 28.71 48.06
N LEU LA 777 170.88 29.38 47.96
CA LEU LA 777 171.87 29.14 46.91
C LEU LA 777 172.32 27.66 46.89
N TRP LA 778 172.72 27.12 48.03
CA TRP LA 778 173.18 25.75 48.17
C TRP LA 778 172.06 24.70 48.20
N HIS LA 779 170.83 25.05 48.56
CA HIS LA 779 169.68 24.15 48.42
C HIS LA 779 169.19 24.05 46.96
N ASN LA 780 169.22 25.16 46.23
CA ASN LA 780 169.00 25.20 44.79
C ASN LA 780 170.05 24.36 44.06
N PHE LA 781 171.32 24.46 44.43
CA PHE LA 781 172.36 23.59 43.89
C PHE LA 781 172.11 22.11 44.21
N SER LA 782 171.74 21.81 45.46
CA SER LA 782 171.35 20.48 45.93
C SER LA 782 170.14 19.84 45.22
N ARG LA 783 169.40 20.58 44.37
CA ARG LA 783 168.21 20.06 43.67
C ARG LA 783 168.18 20.33 42.17
N ARG LA 784 168.87 21.36 41.67
CA ARG LA 784 168.88 21.77 40.27
C ARG LA 784 170.25 21.72 39.59
N ARG LA 785 171.33 21.46 40.34
CA ARG LA 785 172.72 21.36 39.84
C ARG LA 785 173.19 22.62 39.08
N SER LA 786 173.00 23.82 39.65
CA SER LA 786 173.47 25.08 39.04
C SER LA 786 173.96 26.11 40.05
N VAL LA 787 174.88 26.98 39.64
CA VAL LA 787 175.62 27.92 40.49
C VAL LA 787 175.81 29.27 39.78
N PRO LA 788 175.63 30.42 40.45
CA PRO LA 788 175.75 31.72 39.80
C PRO LA 788 177.22 32.18 39.70
N VAL LA 789 177.62 32.76 38.56
CA VAL LA 789 179.00 33.24 38.34
C VAL LA 789 179.04 34.78 38.31
N PRO LA 790 179.73 35.46 39.26
CA PRO LA 790 179.83 36.92 39.30
C PRO LA 790 180.34 37.55 37.98
N SER LA 791 179.98 38.81 37.74
CA SER LA 791 179.99 39.42 36.40
C SER LA 791 181.34 39.36 35.66
N GLY LA 792 182.47 39.53 36.36
CA GLY LA 792 183.82 39.38 35.81
C GLY LA 792 184.54 38.07 36.14
N ALA LA 793 184.01 37.26 37.05
CA ALA LA 793 184.64 36.01 37.49
C ALA LA 793 184.57 34.89 36.44
N SER LA 794 185.42 33.88 36.53
CA SER LA 794 185.53 32.80 35.53
C SER LA 794 184.57 31.64 35.81
N ALA LA 795 183.96 31.05 34.78
CA ALA LA 795 182.96 30.00 34.96
C ALA LA 795 183.53 28.72 35.60
N GLU LA 796 184.69 28.24 35.15
CA GLU LA 796 185.15 26.91 35.54
C GLU LA 796 185.63 26.85 37.00
N GLU LA 797 186.18 27.94 37.50
CA GLU LA 797 186.50 28.20 38.91
C GLU LA 797 185.30 27.95 39.84
N TYR LA 798 184.08 28.37 39.47
CA TYR LA 798 182.87 28.09 40.22
C TYR LA 798 182.35 26.67 39.99
N SER LA 799 182.52 26.09 38.80
CA SER LA 799 182.19 24.68 38.61
C SER LA 799 183.05 23.76 39.51
N ASP LA 800 184.32 24.12 39.76
CA ASP LA 800 185.16 23.38 40.69
C ASP LA 800 184.73 23.54 42.17
N LEU LA 801 184.47 24.77 42.63
CA LEU LA 801 183.92 25.03 43.97
C LEU LA 801 182.68 24.18 44.27
N ALA LA 802 181.75 24.11 43.32
CA ALA LA 802 180.55 23.30 43.44
C ALA LA 802 180.85 21.80 43.58
N LEU LA 803 181.77 21.26 42.78
CA LEU LA 803 182.18 19.86 42.87
C LEU LA 803 182.96 19.55 44.16
N PHE LA 804 183.73 20.49 44.72
CA PHE LA 804 184.36 20.28 46.04
C PHE LA 804 183.30 20.10 47.15
N VAL LA 805 182.30 20.99 47.19
CA VAL LA 805 181.22 20.99 48.17
C VAL LA 805 180.38 19.73 48.06
N ASP LA 806 179.98 19.34 46.85
CA ASP LA 806 179.24 18.12 46.59
C ASP LA 806 180.02 16.86 47.03
N GLY LA 807 181.28 16.75 46.59
CA GLY LA 807 182.13 15.60 46.88
C GLY LA 807 182.32 15.38 48.38
N GLY LA 808 182.79 16.39 49.10
CA GLY LA 808 183.01 16.28 50.54
C GLY LA 808 181.71 16.06 51.32
N SER LA 809 180.60 16.67 50.90
CA SER LA 809 179.32 16.46 51.57
C SER LA 809 178.81 15.01 51.45
N ARG LA 810 178.89 14.37 50.27
CA ARG LA 810 178.57 12.93 50.12
C ARG LA 810 179.55 12.02 50.85
N ALA LA 811 180.84 12.32 50.85
CA ALA LA 811 181.82 11.56 51.64
C ALA LA 811 181.54 11.63 53.15
N HIS LA 812 181.15 12.81 53.66
CA HIS LA 812 180.75 13.00 55.05
C HIS LA 812 179.45 12.26 55.38
N GLU LA 813 178.46 12.29 54.49
CA GLU LA 813 177.17 11.58 54.64
C GLU LA 813 177.38 10.06 54.82
N GLU LA 814 178.27 9.46 54.03
CA GLU LA 814 178.72 8.07 54.15
C GLU LA 814 179.48 7.81 55.46
N SER LA 815 180.55 8.55 55.74
CA SER LA 815 181.51 8.19 56.81
C SER LA 815 181.19 8.67 58.23
N ASN LA 816 180.37 9.70 58.44
CA ASN LA 816 180.30 10.39 59.73
C ASN LA 816 179.49 9.66 60.83
N VAL LA 817 180.06 9.54 62.03
CA VAL LA 817 179.38 9.03 63.24
C VAL LA 817 179.39 10.03 64.42
N ILE LA 818 179.77 11.28 64.18
CA ILE LA 818 179.82 12.37 65.15
C ILE LA 818 178.79 13.44 64.77
N ASP LA 819 177.67 13.53 65.48
CA ASP LA 819 176.48 14.30 65.07
C ASP LA 819 176.60 15.82 65.31
N VAL LA 820 177.54 16.48 64.63
CA VAL LA 820 177.92 17.88 64.78
C VAL LA 820 178.09 18.55 63.41
N VAL LA 821 177.63 19.79 63.27
CA VAL LA 821 177.95 20.67 62.15
C VAL LA 821 179.01 21.68 62.64
N PRO LA 822 180.29 21.56 62.24
CA PRO LA 822 181.38 22.28 62.89
C PRO LA 822 181.39 23.78 62.57
N GLY LA 823 181.63 24.64 63.56
CA GLY LA 823 181.66 26.11 63.38
C GLY LA 823 183.00 26.73 63.03
N ASN LA 824 184.12 26.04 63.27
CA ASN LA 824 185.48 26.53 63.06
C ASN LA 824 186.41 25.42 62.57
N LEU LA 825 187.54 25.78 61.94
CA LEU LA 825 188.45 24.81 61.32
C LEU LA 825 189.09 23.82 62.31
N VAL LA 826 189.30 24.20 63.58
CA VAL LA 826 189.79 23.27 64.61
C VAL LA 826 188.77 22.18 64.92
N THR LA 827 187.49 22.52 65.05
CA THR LA 827 186.42 21.53 65.27
C THR LA 827 186.21 20.68 64.02
N TYR LA 828 186.22 21.28 62.82
CA TYR LA 828 186.20 20.53 61.55
C TYR LA 828 187.33 19.50 61.46
N ALA LA 829 188.57 19.90 61.77
CA ALA LA 829 189.73 19.03 61.78
C ALA LA 829 189.61 17.89 62.81
N LYS LA 830 189.26 18.20 64.07
CA LYS LA 830 189.06 17.20 65.13
C LYS LA 830 187.93 16.21 64.83
N GLN LA 831 186.85 16.63 64.17
CA GLN LA 831 185.82 15.71 63.71
C GLN LA 831 186.37 14.73 62.66
N ARG LA 832 187.10 15.22 61.65
CA ARG LA 832 187.72 14.39 60.60
C ARG LA 832 188.67 13.34 61.18
N LEU LA 833 189.49 13.74 62.16
CA LEU LA 833 190.42 12.87 62.88
C LEU LA 833 189.71 11.74 63.65
N ASN LA 834 188.70 12.05 64.46
CA ASN LA 834 188.04 11.05 65.29
C ASN LA 834 187.14 10.10 64.49
N ASN LA 835 186.52 10.56 63.39
CA ASN LA 835 185.87 9.66 62.42
C ASN LA 835 186.86 8.67 61.79
N ALA LA 836 188.14 9.01 61.62
CA ALA LA 836 189.14 8.07 61.11
C ALA LA 836 189.51 6.97 62.13
N ILE LA 837 189.68 7.33 63.40
CA ILE LA 837 190.03 6.38 64.47
C ILE LA 837 188.89 5.37 64.68
N LEU LA 838 187.64 5.82 64.73
CA LEU LA 838 186.47 4.96 64.89
C LEU LA 838 186.31 3.96 63.74
N LYS LA 839 186.65 4.35 62.50
CA LYS LA 839 186.65 3.46 61.35
C LYS LA 839 187.72 2.36 61.43
N ALA LA 840 188.94 2.70 61.85
CA ALA LA 840 189.98 1.71 62.13
C ALA LA 840 189.59 0.73 63.25
N CYS LA 841 188.77 1.16 64.21
CA CYS LA 841 188.22 0.28 65.24
C CYS LA 841 186.97 -0.52 64.81
N GLY LA 842 186.50 -0.38 63.56
CA GLY LA 842 185.26 -1.02 63.10
C GLY LA 842 183.96 -0.44 63.67
N GLN LA 843 183.97 0.75 64.26
CA GLN LA 843 182.80 1.44 64.81
C GLN LA 843 182.13 2.31 63.73
N THR LA 844 181.16 1.73 63.02
CA THR LA 844 180.55 2.30 61.82
C THR LA 844 179.02 2.27 61.81
N GLN LA 845 178.39 1.47 62.69
CA GLN LA 845 176.95 1.21 62.71
C GLN LA 845 176.16 2.22 63.56
N PHE LA 846 176.82 2.93 64.47
CA PHE LA 846 176.18 3.78 65.49
C PHE LA 846 176.85 5.14 65.64
N TYR LA 847 176.06 6.18 65.90
CA TYR LA 847 176.56 7.43 66.47
C TYR LA 847 177.16 7.22 67.87
N ILE LA 848 178.21 7.97 68.20
CA ILE LA 848 178.74 8.06 69.58
C ILE LA 848 177.93 9.03 70.46
N SER LA 849 177.99 8.90 71.78
CA SER LA 849 177.46 9.93 72.71
C SER LA 849 178.20 11.25 72.59
N LEU LA 850 177.50 12.37 72.77
CA LEU LA 850 178.05 13.72 72.84
C LEU LA 850 177.75 14.39 74.18
N ILE LA 851 178.67 15.20 74.70
CA ILE LA 851 178.38 16.21 75.73
C ILE LA 851 178.49 17.60 75.11
N GLN LA 852 177.47 18.45 75.25
CA GLN LA 852 177.51 19.85 74.82
C GLN LA 852 177.52 20.82 76.01
N GLY LA 853 178.39 21.82 75.96
CA GLY LA 853 178.45 22.90 76.94
C GLY LA 853 177.49 24.04 76.60
N LEU LA 854 176.68 24.47 77.56
CA LEU LA 854 175.87 25.68 77.48
C LEU LA 854 176.62 26.83 78.16
N VAL LA 855 176.99 27.86 77.40
CA VAL LA 855 177.88 28.95 77.87
C VAL LA 855 177.13 30.29 77.93
N PRO LA 856 177.11 31.01 79.07
CA PRO LA 856 176.42 32.30 79.21
C PRO LA 856 176.95 33.42 78.31
N ARG LA 857 176.05 34.12 77.62
CA ARG LA 857 176.29 35.36 76.86
C ARG LA 857 175.46 36.51 77.44
N THR LA 858 176.11 37.63 77.73
CA THR LA 858 175.48 38.79 78.40
C THR LA 858 175.15 39.86 77.38
N GLN LA 859 173.92 40.38 77.37
CA GLN LA 859 173.43 41.35 76.36
C GLN LA 859 172.60 42.48 76.97
N SER LA 860 172.70 43.70 76.42
CA SER LA 860 171.89 44.86 76.83
C SER LA 860 170.66 45.01 75.94
N VAL LA 861 169.48 45.15 76.53
CA VAL LA 861 168.17 45.16 75.86
C VAL LA 861 167.33 46.36 76.35
N PRO LA 862 166.30 46.80 75.60
CA PRO LA 862 165.42 47.88 76.06
C PRO LA 862 164.62 47.47 77.30
N ALA LA 863 164.54 48.35 78.31
CA ALA LA 863 164.03 48.03 79.64
C ALA LA 863 162.51 47.81 79.76
N ARG LA 864 161.74 47.95 78.68
CA ARG LA 864 160.27 47.91 78.65
C ARG LA 864 159.65 46.76 79.45
N ASP LA 865 160.19 45.54 79.35
CA ASP LA 865 159.75 44.35 80.10
C ASP LA 865 160.69 43.95 81.26
N TYR LA 866 161.54 44.86 81.74
CA TYR LA 866 162.51 44.63 82.82
C TYR LA 866 162.33 45.69 83.92
N PRO LA 867 161.20 45.69 84.64
CA PRO LA 867 160.73 46.84 85.42
C PRO LA 867 161.64 47.21 86.60
N HIS LA 868 162.49 46.31 87.08
CA HIS LA 868 163.38 46.59 88.21
C HIS LA 868 164.40 47.70 87.98
N VAL LA 869 164.66 48.15 86.74
CA VAL LA 869 165.55 49.28 86.49
C VAL LA 869 165.02 50.62 87.02
N LEU LA 870 163.71 50.73 87.28
CA LEU LA 870 163.07 51.94 87.82
C LEU LA 870 163.34 52.18 89.32
N GLY LA 871 163.81 51.17 90.06
CA GLY LA 871 164.08 51.28 91.50
C GLY LA 871 162.83 51.31 92.37
N THR LA 872 162.95 51.82 93.60
CA THR LA 872 161.84 51.94 94.59
C THR LA 872 160.84 53.07 94.28
N ARG LA 873 161.03 53.79 93.18
CA ARG LA 873 160.14 54.79 92.57
C ARG LA 873 158.65 54.41 92.63
N ALA LA 874 157.78 55.36 92.97
CA ALA LA 874 156.33 55.19 92.83
C ALA LA 874 155.91 55.34 91.36
N VAL LA 875 155.03 54.45 90.89
CA VAL LA 875 154.52 54.43 89.50
C VAL LA 875 153.02 54.67 89.52
N GLU LA 876 152.57 55.75 88.87
CA GLU LA 876 151.18 56.23 88.95
C GLU LA 876 150.31 55.86 87.74
N SER LA 877 150.89 55.70 86.55
CA SER LA 877 150.17 55.28 85.34
C SER LA 877 151.04 54.48 84.37
N ALA LA 878 150.40 53.71 83.48
CA ALA LA 878 151.10 52.94 82.44
C ALA LA 878 151.82 53.85 81.43
N ALA LA 879 151.26 55.03 81.14
CA ALA LA 879 151.91 56.03 80.30
C ALA LA 879 153.20 56.57 80.93
N ALA LA 880 153.22 56.80 82.25
CA ALA LA 880 154.44 57.18 82.97
C ALA LA 880 155.47 56.04 83.02
N TYR LA 881 155.04 54.79 83.19
CA TYR LA 881 155.95 53.62 83.09
C TYR LA 881 156.60 53.51 81.70
N ALA LA 882 155.81 53.66 80.64
CA ALA LA 882 156.32 53.66 79.26
C ALA LA 882 157.29 54.83 79.01
N GLU LA 883 156.98 56.03 79.50
CA GLU LA 883 157.87 57.19 79.38
C GLU LA 883 159.20 56.95 80.12
N ALA LA 884 159.15 56.55 81.39
CA ALA LA 884 160.34 56.34 82.22
C ALA LA 884 161.25 55.21 81.71
N THR LA 885 160.70 54.14 81.12
CA THR LA 885 161.49 53.05 80.54
C THR LA 885 161.99 53.33 79.11
N SER LA 886 161.38 54.26 78.36
CA SER LA 886 161.69 54.49 76.93
C SER LA 886 163.17 54.79 76.63
N SER LA 887 163.90 55.38 77.57
CA SER LA 887 165.32 55.76 77.43
C SER LA 887 166.31 54.82 78.14
N LEU LA 888 165.85 53.69 78.71
CA LEU LA 888 166.63 52.83 79.61
C LEU LA 888 166.89 51.43 79.04
N THR LA 889 168.02 50.83 79.43
CA THR LA 889 168.40 49.47 79.05
C THR LA 889 168.69 48.58 80.27
N ALA LA 890 168.35 47.30 80.15
CA ALA LA 890 168.57 46.26 81.13
C ALA LA 890 169.60 45.24 80.63
N THR LA 891 170.47 44.77 81.50
CA THR LA 891 171.37 43.64 81.23
C THR LA 891 170.61 42.32 81.40
N THR LA 892 170.70 41.41 80.44
CA THR LA 892 170.10 40.07 80.50
C THR LA 892 171.10 39.00 80.05
N VAL LA 893 170.85 37.75 80.38
CA VAL LA 893 171.72 36.62 80.05
C VAL LA 893 170.94 35.52 79.34
N VAL LA 894 171.53 34.95 78.30
CA VAL LA 894 171.07 33.74 77.59
C VAL LA 894 172.24 32.78 77.45
N CYS LA 895 171.99 31.49 77.27
CA CYS LA 895 173.04 30.49 77.04
C CYS LA 895 173.12 30.06 75.57
N ALA LA 896 174.33 29.92 75.04
CA ALA LA 896 174.61 29.41 73.70
C ALA LA 896 175.29 28.04 73.73
N ALA LA 897 174.88 27.12 72.86
CA ALA LA 897 175.48 25.80 72.78
C ALA LA 897 176.83 25.85 72.04
N THR LA 898 177.89 25.41 72.71
CA THR LA 898 179.19 25.12 72.08
C THR LA 898 179.16 23.74 71.43
N ASP LA 899 179.84 23.58 70.31
CA ASP LA 899 180.07 22.31 69.60
C ASP LA 899 181.36 21.59 70.04
N CYS LA 900 182.05 22.10 71.06
CA CYS LA 900 183.42 21.74 71.44
C CYS LA 900 183.72 21.99 72.94
N LEU LA 901 183.16 21.14 73.81
CA LEU LA 901 183.32 21.25 75.28
C LEU LA 901 184.79 21.30 75.75
N SER LA 902 185.71 20.62 75.06
CA SER LA 902 187.10 20.50 75.54
C SER LA 902 187.86 21.82 75.63
N GLN LA 903 187.64 22.80 74.73
CA GLN LA 903 188.25 24.13 74.85
C GLN LA 903 187.69 24.92 76.04
N VAL LA 904 186.41 24.75 76.39
CA VAL LA 904 185.81 25.35 77.59
C VAL LA 904 186.44 24.75 78.85
N CYS LA 905 186.64 23.43 78.92
CA CYS LA 905 187.30 22.79 80.06
C CYS LA 905 188.75 23.22 80.30
N LYS LA 906 189.48 23.69 79.28
CA LYS LA 906 190.82 24.30 79.45
C LYS LA 906 190.80 25.64 80.19
N ALA LA 907 189.67 26.36 80.20
CA ALA LA 907 189.49 27.64 80.88
C ALA LA 907 189.03 27.54 82.36
N ARG LA 908 189.21 26.36 82.98
CA ARG LA 908 188.91 26.03 84.39
C ARG LA 908 187.50 26.47 84.85
N PRO LA 909 186.42 25.95 84.24
CA PRO LA 909 185.08 26.52 84.36
C PRO LA 909 184.39 26.25 85.70
N VAL LA 910 183.49 27.15 86.11
CA VAL LA 910 182.39 26.86 87.03
C VAL LA 910 181.35 26.05 86.29
N VAL LA 911 180.88 24.93 86.85
CA VAL LA 911 179.99 23.97 86.17
C VAL LA 911 178.70 23.67 86.95
N THR LA 912 177.62 23.36 86.24
CA THR LA 912 176.37 22.81 86.79
C THR LA 912 175.89 21.62 85.96
N LEU LA 913 175.62 20.48 86.59
CA LEU LA 913 175.31 19.22 85.92
C LEU LA 913 174.39 18.28 86.74
N PRO LA 914 173.64 17.36 86.12
CA PRO LA 914 172.86 16.33 86.80
C PRO LA 914 173.68 15.05 87.05
N VAL LA 915 173.56 14.41 88.22
CA VAL LA 915 174.25 13.13 88.51
C VAL LA 915 173.34 12.09 89.18
N THR LA 916 173.51 10.83 88.79
CA THR LA 916 173.06 9.65 89.56
C THR LA 916 174.28 8.84 90.00
N ILE LA 917 174.37 8.41 91.26
CA ILE LA 917 175.45 7.50 91.69
C ILE LA 917 174.94 6.05 91.63
N ASN LA 918 175.44 5.29 90.66
CA ASN LA 918 175.12 3.88 90.46
C ASN LA 918 176.17 2.98 91.14
N LYS LA 919 175.75 1.86 91.71
CA LYS LA 919 176.61 0.94 92.46
C LYS LA 919 176.52 -0.49 91.93
N TYR LA 920 177.64 -1.19 91.87
CA TYR LA 920 177.76 -2.50 91.19
C TYR LA 920 178.87 -3.36 91.80
N THR LA 921 178.80 -4.68 91.58
CA THR LA 921 179.79 -5.66 92.04
C THR LA 921 181.07 -5.60 91.21
N GLY LA 922 182.22 -5.96 91.78
CA GLY LA 922 183.46 -6.18 91.01
C GLY LA 922 183.41 -7.37 90.05
N VAL LA 923 184.39 -7.44 89.15
CA VAL LA 923 184.58 -8.56 88.18
C VAL LA 923 185.48 -9.67 88.73
N ASN LA 924 185.68 -10.74 87.94
CA ASN LA 924 186.62 -11.83 88.22
C ASN LA 924 186.38 -12.51 89.58
N GLY LA 925 185.12 -12.70 89.94
CA GLY LA 925 184.71 -13.35 91.19
C GLY LA 925 184.76 -12.46 92.44
N ASN LA 926 185.11 -11.17 92.31
CA ASN LA 926 185.12 -10.24 93.43
C ASN LA 926 183.71 -9.97 93.99
N ASN LA 927 183.58 -9.72 95.29
CA ASN LA 927 182.30 -9.46 95.97
C ASN LA 927 182.18 -8.04 96.57
N GLN LA 928 183.14 -7.14 96.34
CA GLN LA 928 183.08 -5.75 96.78
C GLN LA 928 182.11 -4.91 95.94
N ILE LA 929 181.69 -3.77 96.48
CA ILE LA 929 180.85 -2.77 95.80
C ILE LA 929 181.72 -1.63 95.27
N PHE LA 930 181.54 -1.26 94.01
CA PHE LA 930 182.16 -0.11 93.34
C PHE LA 930 181.09 0.89 92.89
N GLN LA 931 181.43 2.16 92.72
CA GLN LA 931 180.48 3.21 92.33
C GLN LA 931 180.90 4.00 91.08
N ALA LA 932 179.93 4.51 90.33
CA ALA LA 932 180.12 5.52 89.31
C ALA LA 932 179.11 6.66 89.47
N GLY LA 933 179.57 7.90 89.36
CA GLY LA 933 178.71 9.08 89.26
C GLY LA 933 178.44 9.35 87.79
N ASN LA 934 177.27 8.96 87.29
CA ASN LA 934 176.96 9.06 85.88
C ASN LA 934 176.17 10.33 85.56
N LEU LA 935 176.60 11.03 84.51
CA LEU LA 935 175.96 12.24 83.99
C LEU LA 935 174.54 11.93 83.52
N GLY LA 936 173.56 12.67 84.03
CA GLY LA 936 172.13 12.51 83.75
C GLY LA 936 171.50 13.68 83.02
N TYR LA 937 170.22 13.93 83.28
CA TYR LA 937 169.38 14.91 82.60
C TYR LA 937 168.75 15.93 83.57
N PHE LA 938 168.48 17.14 83.08
CA PHE LA 938 167.74 18.17 83.80
C PHE LA 938 166.22 17.92 83.70
N MET LA 939 165.49 18.14 84.79
CA MET LA 939 164.03 18.11 84.81
C MET LA 939 163.43 19.51 84.97
N GLY LA 940 162.35 19.79 84.25
CA GLY LA 940 161.57 21.03 84.31
C GLY LA 940 161.77 21.91 83.08
N ARG LA 941 160.67 22.30 82.43
CA ARG LA 941 160.69 23.02 81.15
C ARG LA 941 161.20 24.48 81.24
N GLY LA 942 161.30 25.05 82.43
CA GLY LA 942 161.78 26.43 82.62
C GLY LA 942 163.30 26.60 82.69
N VAL LA 943 164.09 25.52 82.68
CA VAL LA 943 165.54 25.58 82.92
C VAL LA 943 166.29 26.34 81.83
N ASP LA 944 166.22 25.91 80.57
CA ASP LA 944 166.81 26.64 79.43
C ASP LA 944 166.14 26.22 78.11
N ARG LA 945 165.85 27.18 77.22
CA ARG LA 945 165.21 26.93 75.93
C ARG LA 945 165.97 25.96 75.01
N ASN LA 946 167.29 25.83 75.12
CA ASN LA 946 168.06 24.85 74.36
C ASN LA 946 167.75 23.38 74.72
N LEU LA 947 167.20 23.14 75.92
CA LEU LA 947 166.79 21.81 76.38
C LEU LA 947 165.39 21.40 75.90
N LEU LA 948 164.58 22.31 75.34
CA LEU LA 948 163.21 22.04 74.88
C LEU LA 948 163.18 21.17 73.62
N GLN LA 949 162.59 19.97 73.72
CA GLN LA 949 162.29 19.10 72.56
C GLN LA 949 160.97 19.49 71.89
N SER LA 963 167.36 13.45 74.82
CA SER LA 963 167.89 12.37 73.99
C SER LA 963 168.79 11.41 74.78
N MET LA 964 168.86 10.15 74.33
CA MET LA 964 169.88 9.20 74.77
C MET LA 964 171.31 9.68 74.48
N ARG LA 965 171.54 10.24 73.28
CA ARG LA 965 172.89 10.41 72.72
C ARG LA 965 173.48 11.83 72.78
N LYS LA 966 172.73 12.81 73.29
CA LYS LA 966 173.25 14.14 73.65
C LYS LA 966 172.90 14.50 75.10
N LYS LA 967 173.90 14.90 75.88
CA LYS LA 967 173.76 15.42 77.26
C LYS LA 967 174.37 16.81 77.40
N PHE LA 968 173.91 17.59 78.35
CA PHE LA 968 174.29 19.00 78.55
C PHE LA 968 174.92 19.26 79.92
N VAL LA 969 175.86 20.20 79.96
CA VAL LA 969 176.46 20.82 81.16
C VAL LA 969 176.44 22.34 80.98
N PHE LA 970 176.12 23.12 82.00
CA PHE LA 970 176.34 24.58 81.98
C PHE LA 970 177.77 24.89 82.40
N ALA LA 971 178.49 25.75 81.70
CA ALA LA 971 179.88 26.13 82.02
C ALA LA 971 180.16 27.64 81.86
N THR LA 972 180.82 28.26 82.86
CA THR LA 972 181.36 29.64 82.78
C THR LA 972 182.88 29.60 82.99
N PRO LA 973 183.72 30.08 82.07
CA PRO LA 973 185.19 30.06 82.24
C PRO LA 973 185.70 31.02 83.34
N THR LA 974 186.83 30.70 83.98
CA THR LA 974 187.48 31.59 84.98
C THR LA 974 188.82 32.19 84.52
N LEU LA 975 189.56 31.57 83.59
CA LEU LA 975 190.72 32.20 82.96
C LEU LA 975 190.32 33.47 82.19
N GLY LA 976 190.99 34.59 82.46
CA GLY LA 976 190.67 35.91 81.90
C GLY LA 976 189.54 36.65 82.61
N LEU LA 977 188.93 36.06 83.65
CA LEU LA 977 187.98 36.73 84.55
C LEU LA 977 188.65 36.94 85.91
N THR LA 978 188.94 35.87 86.65
CA THR LA 978 189.51 35.92 88.01
C THR LA 978 190.93 35.32 88.10
N VAL LA 979 191.39 34.59 87.09
CA VAL LA 979 192.74 33.98 87.00
C VAL LA 979 193.44 34.42 85.71
N LYS LA 980 194.72 34.82 85.77
CA LYS LA 980 195.48 35.36 84.64
C LYS LA 980 196.03 34.24 83.73
N ARG LA 981 195.94 34.42 82.41
CA ARG LA 981 196.52 33.49 81.41
C ARG LA 981 198.05 33.49 81.43
N THR LA 988 211.42 33.81 69.38
CA THR LA 988 212.71 33.65 68.70
C THR LA 988 213.26 34.97 68.14
N TYR LA 989 214.58 35.04 67.95
CA TYR LA 989 215.20 36.04 67.10
C TYR LA 989 214.95 35.70 65.62
N GLU LA 990 214.87 36.71 64.74
CA GLU LA 990 214.66 36.47 63.30
C GLU LA 990 215.78 35.63 62.65
N ILE LA 991 217.02 35.75 63.11
CA ILE LA 991 218.13 34.89 62.66
C ILE LA 991 217.92 33.39 63.00
N GLU LA 992 217.14 33.05 64.02
CA GLU LA 992 216.75 31.65 64.27
C GLU LA 992 215.74 31.15 63.25
N ASN LA 993 214.80 31.99 62.82
CA ASN LA 993 213.77 31.65 61.84
C ASN LA 993 214.36 31.51 60.43
N ILE LA 994 215.28 32.40 60.01
CA ILE LA 994 216.02 32.22 58.75
C ILE LA 994 216.77 30.87 58.77
N ARG LA 995 217.52 30.59 59.84
CA ARG LA 995 218.27 29.33 60.02
C ARG LA 995 217.38 28.08 59.97
N ALA LA 996 216.24 28.07 60.66
CA ALA LA 996 215.29 26.96 60.58
C ALA LA 996 214.75 26.75 59.15
N GLY LA 997 214.39 27.81 58.44
CA GLY LA 997 213.89 27.71 57.07
C GLY LA 997 214.92 27.19 56.06
N LEU LA 998 216.20 27.53 56.23
CA LEU LA 998 217.29 26.97 55.43
C LEU LA 998 217.55 25.49 55.74
N GLU LA 999 217.60 25.08 57.02
CA GLU LA 999 217.73 23.65 57.33
C GLU LA 999 216.52 22.84 56.84
N ALA LA 1000 215.31 23.42 56.80
CA ALA LA 1000 214.12 22.80 56.23
C ALA LA 1000 214.21 22.61 54.70
N ILE LA 1001 214.80 23.54 53.95
CA ILE LA 1001 215.06 23.37 52.51
C ILE LA 1001 216.13 22.29 52.27
N ILE LA 1002 217.32 22.44 52.87
CA ILE LA 1002 218.49 21.61 52.53
C ILE LA 1002 218.23 20.13 52.91
N SER LA 1003 217.51 19.87 54.01
CA SER LA 1003 217.13 18.52 54.44
C SER LA 1003 216.09 17.84 53.53
N GLN LA 1004 215.42 18.56 52.63
CA GLN LA 1004 214.40 18.02 51.72
C GLN LA 1004 214.80 17.99 50.24
N LYS LA 1005 215.63 18.94 49.77
CA LYS LA 1005 216.00 19.05 48.36
C LYS LA 1005 216.78 17.81 47.89
N GLN LA 1006 216.23 17.06 46.95
CA GLN LA 1006 216.79 15.81 46.40
C GLN LA 1006 216.79 15.82 44.88
N GLU LA 1007 217.79 15.15 44.28
CA GLU LA 1007 217.98 15.02 42.83
C GLU LA 1007 218.30 16.34 42.09
N GLU LA 1008 218.59 17.42 42.83
CA GLU LA 1008 219.05 18.72 42.31
C GLU LA 1008 219.95 19.44 43.33
N ASP LA 1009 220.91 20.23 42.83
CA ASP LA 1009 221.79 21.05 43.68
C ASP LA 1009 221.03 22.25 44.29
N CYS LA 1010 221.20 22.51 45.60
CA CYS LA 1010 220.33 23.41 46.38
C CYS LA 1010 220.75 24.89 46.43
N VAL LA 1011 221.92 25.29 45.93
CA VAL LA 1011 222.49 26.64 46.18
C VAL LA 1011 221.60 27.77 45.66
N PHE LA 1012 220.97 27.63 44.49
CA PHE LA 1012 220.05 28.65 43.95
C PHE LA 1012 218.79 28.80 44.82
N ASP LA 1013 218.22 27.72 45.35
CA ASP LA 1013 217.05 27.79 46.24
C ASP LA 1013 217.38 28.36 47.64
N VAL LA 1014 218.60 28.15 48.14
CA VAL LA 1014 219.10 28.79 49.36
C VAL LA 1014 219.32 30.29 49.14
N VAL LA 1015 220.00 30.66 48.05
CA VAL LA 1015 220.24 32.08 47.69
C VAL LA 1015 218.93 32.84 47.50
N CYS LA 1016 217.91 32.26 46.89
CA CYS LA 1016 216.61 32.91 46.75
C CYS LA 1016 215.92 33.13 48.11
N ASN LA 1017 215.97 32.18 49.04
CA ASN LA 1017 215.43 32.37 50.38
C ASN LA 1017 216.18 33.47 51.18
N LEU LA 1018 217.51 33.58 51.06
CA LEU LA 1018 218.27 34.69 51.66
C LEU LA 1018 217.90 36.04 51.03
N VAL LA 1019 217.85 36.15 49.71
CA VAL LA 1019 217.48 37.39 49.02
C VAL LA 1019 216.04 37.80 49.35
N ASP LA 1020 215.11 36.86 49.54
CA ASP LA 1020 213.77 37.16 50.02
C ASP LA 1020 213.78 37.73 51.47
N ALA LA 1021 214.50 37.09 52.39
CA ALA LA 1021 214.48 37.47 53.81
C ALA LA 1021 215.33 38.69 54.18
N MET LA 1022 216.39 38.99 53.42
CA MET LA 1022 217.34 40.07 53.72
C MET LA 1022 217.48 41.12 52.61
N GLY LA 1023 217.06 40.85 51.37
CA GLY LA 1023 217.13 41.79 50.27
C GLY LA 1023 218.53 42.34 50.02
N GLU LA 1024 218.64 43.67 49.96
CA GLU LA 1024 219.91 44.39 49.72
C GLU LA 1024 220.99 44.11 50.77
N ALA LA 1025 220.62 43.70 51.99
CA ALA LA 1025 221.58 43.33 53.03
C ALA LA 1025 222.39 42.05 52.72
N CYS LA 1026 222.01 41.26 51.71
CA CYS LA 1026 222.84 40.14 51.24
C CYS LA 1026 224.16 40.60 50.60
N ALA LA 1027 224.22 41.81 50.06
CA ALA LA 1027 225.37 42.34 49.32
C ALA LA 1027 226.69 42.38 50.13
N SER LA 1028 226.60 42.38 51.46
CA SER LA 1028 227.74 42.38 52.38
C SER LA 1028 227.70 41.24 53.40
N LEU LA 1029 226.95 40.16 53.14
CA LEU LA 1029 226.88 39.00 54.04
C LEU LA 1029 228.26 38.38 54.22
N THR LA 1030 228.76 38.34 55.46
CA THR LA 1030 230.10 37.81 55.78
C THR LA 1030 230.05 36.29 55.95
N ARG LA 1031 231.22 35.61 55.90
CA ARG LA 1031 231.28 34.15 56.08
C ARG LA 1031 230.88 33.70 57.48
N ASP LA 1032 231.20 34.47 58.52
CA ASP LA 1032 230.77 34.15 59.89
C ASP LA 1032 229.25 34.21 60.07
N ASP LA 1033 228.57 35.20 59.48
CA ASP LA 1033 227.10 35.25 59.44
C ASP LA 1033 226.53 34.11 58.58
N ALA LA 1034 227.04 33.89 57.37
CA ALA LA 1034 226.57 32.81 56.49
C ALA LA 1034 226.68 31.42 57.12
N GLU LA 1035 227.82 31.09 57.75
CA GLU LA 1035 228.00 29.83 58.47
C GLU LA 1035 226.99 29.63 59.62
N TYR LA 1036 226.67 30.68 60.40
CA TYR LA 1036 225.62 30.57 61.43
C TYR LA 1036 224.24 30.28 60.83
N LEU LA 1037 223.83 30.98 59.77
CA LEU LA 1037 222.52 30.82 59.13
C LEU LA 1037 222.36 29.44 58.49
N LEU LA 1038 223.41 28.88 57.89
CA LEU LA 1038 223.38 27.53 57.30
C LEU LA 1038 223.35 26.39 58.33
N GLY LA 1039 223.63 26.67 59.60
CA GLY LA 1039 223.51 25.71 60.70
C GLY LA 1039 224.33 24.44 60.50
N ARG LA 1040 223.68 23.27 60.51
CA ARG LA 1040 224.27 21.94 60.25
C ARG LA 1040 225.03 21.85 58.91
N PHE LA 1041 224.61 22.61 57.91
CA PHE LA 1041 225.11 22.55 56.54
C PHE LA 1041 226.11 23.68 56.23
N SER LA 1042 226.82 24.22 57.24
CA SER LA 1042 227.74 25.35 57.11
C SER LA 1042 228.85 25.18 56.07
N VAL LA 1043 229.14 23.94 55.64
CA VAL LA 1043 230.04 23.65 54.52
C VAL LA 1043 229.63 24.37 53.22
N LEU LA 1044 228.36 24.69 53.03
CA LEU LA 1044 227.84 25.33 51.81
C LEU LA 1044 228.25 26.81 51.64
N ALA LA 1045 228.78 27.47 52.69
CA ALA LA 1045 228.96 28.92 52.76
C ALA LA 1045 229.77 29.53 51.62
N ASP LA 1046 230.90 28.95 51.22
CA ASP LA 1046 231.73 29.49 50.12
C ASP LA 1046 230.97 29.57 48.79
N SER LA 1047 230.14 28.56 48.49
CA SER LA 1047 229.36 28.51 47.25
C SER LA 1047 228.18 29.49 47.26
N VAL LA 1048 227.56 29.71 48.42
CA VAL LA 1048 226.55 30.78 48.62
C VAL LA 1048 227.17 32.17 48.40
N LEU LA 1049 228.31 32.47 49.01
CA LEU LA 1049 228.95 33.78 48.89
C LEU LA 1049 229.48 34.07 47.48
N GLU LA 1050 230.08 33.08 46.81
CA GLU LA 1050 230.42 33.19 45.40
C GLU LA 1050 229.18 33.45 44.53
N THR LA 1051 228.04 32.81 44.81
CA THR LA 1051 226.78 33.06 44.11
C THR LA 1051 226.22 34.47 44.36
N LEU LA 1052 226.22 34.97 45.61
CA LEU LA 1052 225.73 36.32 45.94
C LEU LA 1052 226.57 37.44 45.29
N ALA LA 1053 227.88 37.29 45.19
CA ALA LA 1053 228.73 38.19 44.42
C ALA LA 1053 228.33 38.29 42.93
N THR LA 1054 227.85 37.22 42.28
CA THR LA 1054 227.37 37.30 40.89
C THR LA 1054 226.08 38.13 40.76
N ILE LA 1055 225.18 38.08 41.75
CA ILE LA 1055 223.98 38.93 41.78
C ILE LA 1055 224.37 40.39 42.02
N ALA LA 1056 225.24 40.65 43.00
CA ALA LA 1056 225.74 41.99 43.30
C ALA LA 1056 226.41 42.68 42.09
N SER LA 1057 227.31 41.98 41.39
CA SER LA 1057 228.09 42.53 40.26
C SER LA 1057 227.33 42.60 38.93
N SER LA 1058 226.33 41.75 38.70
CA SER LA 1058 225.49 41.81 37.49
C SER LA 1058 224.44 42.92 37.50
N GLY LA 1059 224.29 43.66 38.62
CA GLY LA 1059 223.52 44.91 38.67
C GLY LA 1059 221.99 44.76 38.63
N ILE LA 1060 221.45 43.53 38.74
CA ILE LA 1060 220.02 43.31 39.00
C ILE LA 1060 219.66 43.75 40.43
N GLU LA 1061 218.40 44.11 40.66
CA GLU LA 1061 217.88 44.45 41.99
C GLU LA 1061 217.72 43.22 42.91
N TRP LA 1062 217.80 43.44 44.22
CA TRP LA 1062 217.73 42.37 45.23
C TRP LA 1062 216.30 41.91 45.52
N THR LA 1063 215.75 41.08 44.64
CA THR LA 1063 214.46 40.39 44.86
C THR LA 1063 214.48 38.97 44.29
N ALA LA 1064 213.72 38.05 44.90
CA ALA LA 1064 213.71 36.64 44.53
C ALA LA 1064 213.32 36.39 43.06
N GLU LA 1065 212.44 37.22 42.49
CA GLU LA 1065 212.04 37.15 41.07
C GLU LA 1065 213.18 37.51 40.13
N ALA LA 1066 213.93 38.59 40.41
CA ALA LA 1066 215.11 38.98 39.64
C ALA LA 1066 216.28 38.00 39.83
N ALA LA 1067 216.45 37.44 41.03
CA ALA LA 1067 217.51 36.47 41.32
C ALA LA 1067 217.37 35.22 40.45
N ARG LA 1068 216.17 34.62 40.36
CA ARG LA 1068 215.92 33.51 39.42
C ARG LA 1068 216.12 33.89 37.96
N ASP LA 1069 215.60 35.04 37.53
CA ASP LA 1069 215.75 35.52 36.15
C ASP LA 1069 217.22 35.66 35.72
N PHE LA 1070 218.13 36.08 36.62
CA PHE LA 1070 219.57 36.06 36.34
C PHE LA 1070 220.17 34.64 36.41
N LEU LA 1071 219.99 33.93 37.54
CA LEU LA 1071 220.66 32.65 37.81
C LEU LA 1071 220.29 31.57 36.79
N GLU LA 1072 219.00 31.42 36.47
CA GLU LA 1072 218.52 30.37 35.57
C GLU LA 1072 218.80 30.66 34.08
N GLY LA 1073 219.13 31.90 33.73
CA GLY LA 1073 219.66 32.27 32.41
C GLY LA 1073 221.18 32.03 32.30
N VAL LA 1074 221.93 32.47 33.31
CA VAL LA 1074 223.36 32.17 33.49
C VAL LA 1074 223.54 30.73 33.95
N ASP LA 1083 226.76 15.70 32.87
CA ASP LA 1083 228.19 15.55 33.12
C ASP LA 1083 228.64 14.08 32.97
N ASN LA 1084 229.95 13.82 32.89
CA ASN LA 1084 230.48 12.48 33.11
C ASN LA 1084 230.13 12.00 34.53
N PHE LA 1085 229.74 10.75 34.71
CA PHE LA 1085 229.41 10.15 36.01
C PHE LA 1085 229.59 8.63 35.95
N ILE LA 1086 230.67 8.11 36.53
CA ILE LA 1086 230.90 6.66 36.64
C ILE LA 1086 230.20 6.09 37.87
N SER LA 1087 229.65 4.88 37.77
CA SER LA 1087 229.06 4.14 38.90
C SER LA 1087 230.13 3.39 39.71
N VAL LA 1088 229.90 3.20 41.01
CA VAL LA 1088 230.86 2.62 41.98
C VAL LA 1088 230.25 1.42 42.71
N ALA LA 1089 231.06 0.39 42.95
CA ALA LA 1089 230.63 -0.91 43.50
C ALA LA 1089 229.85 -0.79 44.83
N ASP NA 9 171.89 -22.04 95.40
CA ASP NA 9 171.64 -23.08 96.41
C ASP NA 9 172.95 -23.68 96.98
N ASN NA 10 172.89 -24.39 98.12
CA ASN NA 10 174.09 -24.89 98.83
C ASN NA 10 173.86 -26.19 99.63
N LEU NA 11 174.95 -26.88 99.97
CA LEU NA 11 174.96 -28.13 100.73
C LEU NA 11 174.32 -28.01 102.13
N GLY NA 12 174.35 -26.83 102.75
CA GLY NA 12 173.69 -26.57 104.03
C GLY NA 12 172.18 -26.64 103.93
N SER NA 13 171.58 -25.89 103.01
CA SER NA 13 170.14 -25.89 102.70
C SER NA 13 169.61 -27.28 102.36
N GLN NA 14 170.41 -28.09 101.66
CA GLN NA 14 170.05 -29.44 101.20
C GLN NA 14 170.13 -30.53 102.28
N SER NA 15 170.82 -30.31 103.40
CA SER NA 15 170.97 -31.33 104.47
C SER NA 15 169.65 -31.55 105.25
N GLN NA 16 169.42 -32.78 105.71
CA GLN NA 16 168.18 -33.19 106.39
C GLN NA 16 168.24 -33.03 107.93
N PRO NA 17 167.08 -32.82 108.60
CA PRO NA 17 166.92 -32.98 110.05
C PRO NA 17 167.50 -34.28 110.62
N GLY NA 18 168.00 -34.24 111.86
CA GLY NA 18 168.53 -35.39 112.59
C GLY NA 18 169.02 -35.08 114.01
N PRO NA 19 169.57 -36.08 114.72
CA PRO NA 19 170.09 -35.94 116.08
C PRO NA 19 171.45 -35.21 116.15
N CYS NA 20 171.90 -34.87 117.36
CA CYS NA 20 173.19 -34.20 117.61
C CYS NA 20 174.41 -35.13 117.46
N GLY NA 21 174.21 -36.44 117.52
CA GLY NA 21 175.22 -37.50 117.37
C GLY NA 21 174.60 -38.90 117.49
N TYR NA 22 175.42 -39.95 117.45
CA TYR NA 22 175.02 -41.36 117.63
C TYR NA 22 176.00 -42.13 118.52
N ILE NA 23 175.49 -43.12 119.25
CA ILE NA 23 176.29 -44.21 119.82
C ILE NA 23 176.16 -45.43 118.88
N TYR NA 24 177.27 -45.93 118.36
CA TYR NA 24 177.34 -47.19 117.60
C TYR NA 24 177.74 -48.35 118.51
N PHE NA 25 177.05 -49.49 118.36
CA PHE NA 25 177.38 -50.77 119.00
C PHE NA 25 177.77 -51.82 117.95
N TYR NA 26 178.99 -52.37 118.01
CA TYR NA 26 179.50 -53.38 117.06
C TYR NA 26 179.70 -54.76 117.71
N PRO NA 27 179.25 -55.87 117.10
CA PRO NA 27 179.39 -57.21 117.69
C PRO NA 27 180.84 -57.71 117.71
N LEU NA 28 181.33 -58.08 118.88
CA LEU NA 28 182.71 -58.56 119.07
C LEU NA 28 183.00 -59.88 118.32
N ALA NA 29 182.02 -60.74 118.10
CA ALA NA 29 182.21 -62.02 117.43
C ALA NA 29 182.63 -61.91 115.94
N THR NA 30 182.24 -60.85 115.24
CA THR NA 30 182.50 -60.67 113.80
C THR NA 30 183.29 -59.42 113.40
N TYR NA 31 183.34 -58.38 114.23
CA TYR NA 31 183.98 -57.09 113.88
C TYR NA 31 185.52 -57.23 113.70
N PRO NA 32 186.13 -56.59 112.68
CA PRO NA 32 187.56 -56.75 112.35
C PRO NA 32 188.49 -55.90 113.25
N LEU NA 33 188.70 -56.34 114.49
CA LEU NA 33 189.44 -55.62 115.54
C LEU NA 33 190.91 -55.30 115.17
N ARG NA 34 191.63 -56.19 114.48
CA ARG NA 34 193.02 -55.92 114.07
C ARG NA 34 193.13 -54.90 112.95
N GLU NA 35 192.16 -54.79 112.05
CA GLU NA 35 192.12 -53.72 111.05
C GLU NA 35 191.94 -52.35 111.69
N VAL NA 36 190.92 -52.14 112.54
CA VAL NA 36 190.73 -50.82 113.19
C VAL NA 36 191.91 -50.43 114.05
N ALA NA 37 192.57 -51.37 114.72
CA ALA NA 37 193.75 -51.07 115.51
C ALA NA 37 194.90 -50.43 114.70
N THR NA 38 195.09 -50.77 113.42
CA THR NA 38 196.13 -50.14 112.58
C THR NA 38 195.83 -48.66 112.24
N LEU NA 39 194.57 -48.25 112.27
CA LEU NA 39 194.13 -46.87 112.07
C LEU NA 39 193.91 -46.11 113.40
N GLY NA 40 194.07 -46.76 114.55
CA GLY NA 40 193.76 -46.21 115.87
C GLY NA 40 194.92 -45.59 116.65
N THR NA 41 194.62 -45.04 117.83
CA THR NA 41 195.56 -44.41 118.78
C THR NA 41 195.71 -45.19 120.09
N GLY NA 42 195.59 -46.51 120.05
CA GLY NA 42 195.65 -47.35 121.26
C GLY NA 42 197.05 -47.49 121.88
N TYR NA 43 197.18 -47.26 123.17
CA TYR NA 43 198.37 -47.54 123.98
C TYR NA 43 198.14 -48.73 124.91
N ALA NA 44 199.17 -49.36 125.47
CA ALA NA 44 199.03 -50.48 126.40
C ALA NA 44 198.35 -50.05 127.71
N GLY NA 45 197.23 -50.69 128.08
CA GLY NA 45 196.44 -50.36 129.25
C GLY NA 45 195.35 -49.29 129.06
N HIS NA 46 195.07 -48.85 127.83
CA HIS NA 46 194.06 -47.82 127.55
C HIS NA 46 192.64 -48.21 128.03
N ARG NA 47 191.82 -47.20 128.32
CA ARG NA 47 190.40 -47.33 128.66
C ARG NA 47 189.50 -46.63 127.62
N CYS NA 48 190.10 -45.82 126.74
CA CYS NA 48 189.49 -45.18 125.58
C CYS NA 48 190.53 -44.96 124.45
N LEU NA 49 190.10 -44.88 123.18
CA LEU NA 49 190.94 -44.51 122.03
C LEU NA 49 190.13 -43.87 120.89
N THR NA 50 190.84 -43.19 119.98
CA THR NA 50 190.27 -42.61 118.76
C THR NA 50 190.59 -43.42 117.52
N VAL NA 51 189.65 -43.42 116.59
CA VAL NA 51 189.68 -44.02 115.25
C VAL NA 51 189.04 -43.04 114.25
N PRO NA 52 189.34 -43.12 112.94
CA PRO NA 52 188.69 -42.27 111.94
C PRO NA 52 187.23 -42.65 111.66
N LEU NA 53 186.38 -41.67 111.28
CA LEU NA 53 185.07 -41.92 110.70
C LEU NA 53 185.20 -42.38 109.22
N LEU NA 54 184.85 -43.64 108.92
CA LEU NA 54 184.94 -44.26 107.58
C LEU NA 54 183.72 -45.16 107.27
N CYS NA 55 183.15 -44.98 106.09
CA CYS NA 55 182.03 -45.79 105.61
C CYS NA 55 182.48 -47.24 105.32
N GLY NA 56 181.85 -48.22 105.96
CA GLY NA 56 182.16 -49.64 105.81
C GLY NA 56 183.12 -50.23 106.83
N ILE NA 57 183.59 -49.45 107.81
CA ILE NA 57 184.33 -49.99 108.98
C ILE NA 57 183.98 -49.32 110.30
N THR NA 58 183.66 -48.03 110.36
CA THR NA 58 183.22 -47.37 111.61
C THR NA 58 181.82 -46.76 111.51
N VAL NA 59 181.32 -46.41 110.33
CA VAL NA 59 179.90 -46.07 110.08
C VAL NA 59 179.38 -46.87 108.88
N GLU NA 60 178.06 -46.99 108.74
CA GLU NA 60 177.45 -47.71 107.62
C GLU NA 60 177.62 -46.96 106.29
N PRO NA 61 177.66 -47.66 105.14
CA PRO NA 61 177.64 -47.02 103.83
C PRO NA 61 176.47 -46.05 103.67
N GLY NA 62 176.73 -44.88 103.08
CA GLY NA 62 175.70 -43.85 102.88
C GLY NA 62 175.45 -42.94 104.09
N PHE NA 63 176.31 -42.98 105.12
CA PHE NA 63 176.28 -42.04 106.23
C PHE NA 63 176.32 -40.58 105.73
N SER NA 64 175.44 -39.71 106.23
CA SER NA 64 175.43 -38.31 105.87
C SER NA 64 176.28 -37.48 106.84
N ILE NA 65 177.38 -36.91 106.34
CA ILE NA 65 178.30 -36.09 107.15
C ILE NA 65 177.77 -34.68 107.43
N ASN NA 66 176.79 -34.17 106.67
CA ASN NA 66 176.13 -32.88 106.90
C ASN NA 66 174.69 -33.09 107.40
N VAL NA 67 174.24 -32.32 108.39
CA VAL NA 67 172.90 -32.46 108.99
C VAL NA 67 172.34 -31.13 109.48
N LYS NA 68 171.02 -31.05 109.62
CA LYS NA 68 170.35 -30.07 110.48
C LYS NA 68 170.04 -30.73 111.83
N ALA NA 69 170.78 -30.38 112.87
CA ALA NA 69 170.62 -30.99 114.20
C ALA NA 69 169.47 -30.32 114.97
N LEU NA 70 168.49 -31.09 115.45
CA LEU NA 70 167.45 -30.61 116.37
C LEU NA 70 168.03 -30.50 117.78
N HIS NA 71 168.29 -29.27 118.25
CA HIS NA 71 169.05 -29.04 119.49
C HIS NA 71 168.28 -28.34 120.62
N ARG NA 72 167.18 -27.66 120.32
CA ARG NA 72 166.37 -26.93 121.31
C ARG NA 72 164.88 -26.99 120.99
N ARG NA 73 164.04 -27.26 121.98
CA ARG NA 73 162.58 -27.02 121.90
C ARG NA 73 162.22 -25.87 122.86
N PRO NA 74 161.99 -24.63 122.38
CA PRO NA 74 161.62 -23.50 123.25
C PRO NA 74 160.32 -23.74 124.04
N ASP NA 75 159.38 -24.48 123.45
CA ASP NA 75 158.24 -25.11 124.09
C ASP NA 75 157.97 -26.46 123.39
N PRO NA 76 157.17 -27.38 123.95
CA PRO NA 76 156.92 -28.72 123.39
C PRO NA 76 156.44 -28.77 121.93
N ASN NA 77 156.02 -27.65 121.33
CA ASN NA 77 155.41 -27.58 120.01
C ASN NA 77 156.26 -26.83 118.95
N CYS NA 78 157.50 -26.46 119.26
CA CYS NA 78 158.43 -25.82 118.32
C CYS NA 78 159.84 -26.41 118.41
N GLY NA 79 160.48 -26.68 117.27
CA GLY NA 79 161.88 -27.11 117.20
C GLY NA 79 162.79 -26.08 116.56
N LEU NA 80 164.04 -25.98 117.02
CA LEU NA 80 165.09 -25.20 116.39
C LEU NA 80 166.19 -26.08 115.78
N LEU NA 81 166.62 -25.75 114.56
CA LEU NA 81 167.58 -26.51 113.76
C LEU NA 81 168.90 -25.74 113.56
N ARG NA 82 170.03 -26.41 113.80
CA ARG NA 82 171.41 -25.93 113.56
C ARG NA 82 172.07 -26.74 112.45
N ALA NA 83 172.55 -26.12 111.39
CA ALA NA 83 173.28 -26.81 110.32
C ALA NA 83 174.74 -27.05 110.71
N THR NA 84 175.20 -28.30 110.67
CA THR NA 84 176.57 -28.68 111.07
C THR NA 84 177.04 -29.92 110.31
N SER NA 85 178.35 -29.98 110.04
CA SER NA 85 179.01 -31.24 109.69
C SER NA 85 179.38 -32.07 110.93
N TYR NA 86 179.68 -33.34 110.71
CA TYR NA 86 180.24 -34.25 111.72
C TYR NA 86 181.69 -33.90 112.11
N HIS NA 87 182.07 -34.27 113.34
CA HIS NA 87 183.47 -34.34 113.74
C HIS NA 87 184.16 -35.55 113.11
N ARG NA 88 185.39 -35.34 112.65
CA ARG NA 88 186.22 -36.29 111.90
C ARG NA 88 186.64 -37.56 112.66
N ASP NA 89 186.84 -37.49 113.97
CA ASP NA 89 187.22 -38.63 114.82
C ASP NA 89 186.02 -39.28 115.52
N ILE NA 90 186.06 -40.60 115.69
CA ILE NA 90 185.16 -41.42 116.51
C ILE NA 90 185.89 -41.87 117.79
N TYR NA 91 185.22 -41.76 118.94
CA TYR NA 91 185.75 -42.10 120.26
C TYR NA 91 185.21 -43.46 120.76
N VAL NA 92 186.08 -44.45 120.92
CA VAL NA 92 185.75 -45.84 121.30
C VAL NA 92 185.92 -46.02 122.81
N PHE NA 93 184.83 -46.20 123.56
CA PHE NA 93 184.79 -46.01 125.02
C PHE NA 93 184.28 -47.20 125.86
N HIS NA 94 183.52 -48.14 125.30
CA HIS NA 94 182.96 -49.32 125.98
C HIS NA 94 183.59 -50.61 125.44
N ASN NA 95 184.14 -51.46 126.32
CA ASN NA 95 184.99 -52.63 125.98
C ASN NA 95 186.23 -52.31 125.13
N ALA NA 96 186.79 -51.10 125.25
CA ALA NA 96 187.94 -50.64 124.46
C ALA NA 96 189.21 -51.48 124.59
N HIS NA 97 189.39 -52.25 125.67
CA HIS NA 97 190.48 -53.20 125.88
C HIS NA 97 190.53 -54.31 124.80
N MET NA 98 189.42 -54.57 124.09
CA MET NA 98 189.34 -55.51 122.99
C MET NA 98 190.03 -55.03 121.70
N VAL NA 99 190.35 -53.74 121.54
CA VAL NA 99 191.08 -53.22 120.37
C VAL NA 99 192.59 -53.23 120.68
N PRO NA 100 193.44 -53.93 119.92
CA PRO NA 100 194.90 -53.92 120.13
C PRO NA 100 195.53 -52.51 120.11
N PRO NA 101 196.61 -52.28 120.88
CA PRO NA 101 197.37 -51.03 120.82
C PRO NA 101 198.15 -50.90 119.49
N ILE NA 102 198.44 -49.67 119.06
CA ILE NA 102 199.30 -49.35 117.91
C ILE NA 102 200.80 -49.41 118.27
N PHE NA 103 201.16 -49.22 119.55
CA PHE NA 103 202.52 -49.22 120.07
C PHE NA 103 202.63 -50.03 121.36
N GLU NA 104 203.63 -50.90 121.50
CA GLU NA 104 203.73 -51.87 122.60
C GLU NA 104 204.43 -51.37 123.87
N GLY NA 105 205.08 -50.20 123.83
CA GLY NA 105 205.86 -49.69 124.95
C GLY NA 105 205.00 -49.36 126.18
N PRO NA 106 205.34 -49.84 127.40
CA PRO NA 106 204.57 -49.56 128.61
C PRO NA 106 204.85 -48.18 129.24
N GLY NA 107 204.01 -47.76 130.19
CA GLY NA 107 204.25 -46.62 131.09
C GLY NA 107 203.91 -45.22 130.59
N LEU NA 108 203.20 -45.06 129.46
CA LEU NA 108 203.02 -43.75 128.83
C LEU NA 108 202.08 -42.82 129.58
N GLU NA 109 201.08 -43.35 130.30
CA GLU NA 109 200.07 -42.56 131.00
C GLU NA 109 200.66 -41.76 132.18
N ALA NA 110 201.54 -42.37 132.98
CA ALA NA 110 202.29 -41.70 134.03
C ALA NA 110 203.33 -40.69 133.50
N LEU NA 111 204.04 -41.02 132.41
CA LEU NA 111 204.97 -40.11 131.75
C LEU NA 111 204.27 -38.83 131.27
N CYS NA 112 203.09 -38.95 130.66
CA CYS NA 112 202.28 -37.81 130.24
C CYS NA 112 201.83 -36.95 131.43
N GLY NA 113 201.40 -37.57 132.54
CA GLY NA 113 200.93 -36.87 133.73
C GLY NA 113 202.01 -36.06 134.43
N GLU NA 114 203.20 -36.64 134.58
CA GLU NA 114 204.37 -35.97 135.15
C GLU NA 114 204.79 -34.76 134.29
N THR NA 115 204.84 -34.94 132.96
CA THR NA 115 205.30 -33.90 132.04
C THR NA 115 204.28 -32.76 131.90
N ARG NA 116 202.98 -33.04 131.93
CA ARG NA 116 201.91 -32.03 131.93
C ARG NA 116 202.03 -31.08 133.13
N GLU NA 117 202.42 -31.61 134.29
CA GLU NA 117 202.57 -30.82 135.50
C GLU NA 117 203.79 -29.89 135.46
N VAL NA 118 204.96 -30.34 134.99
CA VAL NA 118 206.15 -29.46 134.91
C VAL NA 118 206.01 -28.31 133.91
N PHE NA 119 205.23 -28.48 132.84
CA PHE NA 119 204.86 -27.38 131.93
C PHE NA 119 203.68 -26.51 132.42
N GLY NA 120 203.09 -26.82 133.58
CA GLY NA 120 202.00 -26.05 134.18
C GLY NA 120 200.64 -26.19 133.49
N TYR NA 121 200.40 -27.28 132.76
CA TYR NA 121 199.14 -27.53 132.05
C TYR NA 121 198.06 -28.18 132.91
N ASP NA 122 196.82 -27.85 132.59
CA ASP NA 122 195.58 -28.32 133.24
C ASP NA 122 195.22 -29.78 132.90
N ALA NA 123 195.14 -30.66 133.90
CA ALA NA 123 194.65 -32.04 133.77
C ALA NA 123 193.10 -32.12 133.73
N TYR NA 124 192.53 -33.18 133.16
CA TYR NA 124 191.08 -33.35 133.15
C TYR NA 124 190.52 -33.51 134.58
N SER NA 125 189.53 -32.70 134.94
CA SER NA 125 188.82 -32.80 136.22
C SER NA 125 187.45 -33.44 136.01
N ALA NA 126 187.26 -34.63 136.56
CA ALA NA 126 186.03 -35.39 136.45
C ALA NA 126 184.84 -34.74 137.16
N LEU NA 127 183.63 -34.91 136.59
CA LEU NA 127 182.38 -34.55 137.26
C LEU NA 127 182.20 -35.33 138.58
N PRO NA 128 181.41 -34.83 139.55
CA PRO NA 128 181.16 -35.56 140.80
C PRO NA 128 180.23 -36.79 140.66
N ARG NA 129 179.44 -36.91 139.60
CA ARG NA 129 178.66 -38.13 139.29
C ARG NA 129 179.54 -39.32 138.83
N GLU NA 130 179.02 -40.54 138.91
CA GLU NA 130 179.58 -41.68 138.17
C GLU NA 130 179.29 -41.61 136.64
N SER NA 131 180.11 -42.30 135.84
CA SER NA 131 179.78 -42.62 134.44
C SER NA 131 178.43 -43.36 134.30
N SER NA 132 177.71 -43.12 133.21
CA SER NA 132 176.46 -43.82 132.87
C SER NA 132 176.67 -45.33 132.85
N LYS NA 133 175.83 -46.07 133.58
CA LYS NA 133 175.80 -47.54 133.57
C LYS NA 133 175.32 -48.07 132.22
N PRO NA 134 175.82 -49.20 131.70
CA PRO NA 134 175.43 -49.74 130.41
C PRO NA 134 173.92 -49.80 130.15
N GLY NA 135 173.14 -50.31 131.11
CA GLY NA 135 171.68 -50.39 131.02
C GLY NA 135 170.94 -49.06 130.82
N ASP NA 136 171.58 -47.90 131.04
CA ASP NA 136 171.02 -46.58 130.74
C ASP NA 136 171.10 -46.18 129.26
N PHE NA 137 172.09 -46.67 128.50
CA PHE NA 137 172.32 -46.22 127.11
C PHE NA 137 172.28 -47.35 126.07
N PHE NA 138 172.43 -48.62 126.47
CA PHE NA 138 172.25 -49.77 125.58
C PHE NA 138 170.79 -49.94 125.13
N PRO NA 139 170.55 -50.32 123.85
CA PRO NA 139 169.25 -50.82 123.38
C PRO NA 139 168.68 -51.96 124.24
N GLU NA 140 167.39 -52.20 124.14
CA GLU NA 140 166.68 -53.31 124.81
C GLU NA 140 167.21 -54.70 124.39
N GLY NA 141 167.56 -55.55 125.36
CA GLY NA 141 167.92 -56.95 125.16
C GLY NA 141 169.37 -57.25 124.76
N LEU NA 142 170.13 -56.30 124.18
CA LEU NA 142 171.55 -56.52 123.88
C LEU NA 142 172.41 -56.70 125.14
N ASP NA 143 173.28 -57.69 125.12
CA ASP NA 143 174.25 -57.96 126.19
C ASP NA 143 175.45 -56.99 126.13
N PRO NA 144 175.69 -56.14 127.15
CA PRO NA 144 176.83 -55.23 127.15
C PRO NA 144 178.19 -55.92 127.02
N SER NA 145 178.34 -57.17 127.46
CA SER NA 145 179.61 -57.92 127.32
C SER NA 145 179.89 -58.40 125.89
N ALA NA 146 178.89 -58.42 125.00
CA ALA NA 146 179.02 -58.92 123.62
C ALA NA 146 179.38 -57.84 122.58
N TYR NA 147 179.43 -56.57 122.96
CA TYR NA 147 179.54 -55.44 122.04
C TYR NA 147 180.67 -54.46 122.37
N LEU NA 148 181.21 -53.80 121.34
CA LEU NA 148 182.12 -52.66 121.40
C LEU NA 148 181.31 -51.36 121.24
N GLY NA 149 181.49 -50.35 122.11
CA GLY NA 149 180.73 -49.08 122.04
C GLY NA 149 181.56 -47.84 121.70
N ALA NA 150 181.08 -47.01 120.78
CA ALA NA 150 181.76 -45.79 120.31
C ALA NA 150 180.81 -44.65 119.95
N VAL NA 151 181.24 -43.39 120.07
CA VAL NA 151 180.47 -42.18 119.75
C VAL NA 151 180.92 -41.52 118.44
N ALA NA 152 179.97 -41.19 117.58
CA ALA NA 152 180.11 -40.24 116.48
C ALA NA 152 179.35 -38.94 116.84
N ILE NA 153 179.97 -37.78 116.67
CA ILE NA 153 179.46 -36.50 117.21
C ILE NA 153 179.52 -35.36 116.20
N THR NA 154 178.54 -34.47 116.21
CA THR NA 154 178.57 -33.27 115.35
C THR NA 154 179.53 -32.22 115.86
N GLU NA 155 180.15 -31.47 114.96
CA GLU NA 155 181.22 -30.51 115.27
C GLU NA 155 180.72 -29.36 116.18
N ALA NA 156 179.45 -28.97 116.09
CA ALA NA 156 178.83 -27.92 116.90
C ALA NA 156 178.48 -28.33 118.35
N PHE NA 157 178.30 -29.62 118.64
CA PHE NA 157 177.84 -30.15 119.95
C PHE NA 157 178.86 -31.06 120.67
N LYS NA 158 180.10 -31.14 120.21
CA LYS NA 158 181.16 -31.95 120.86
C LYS NA 158 181.58 -31.44 122.25
N GLU NA 159 181.47 -30.14 122.56
CA GLU NA 159 181.70 -29.68 123.95
C GLU NA 159 180.58 -30.13 124.90
N ARG NA 160 179.33 -30.24 124.41
CA ARG NA 160 178.20 -30.80 125.16
C ARG NA 160 178.38 -32.29 125.46
N LEU NA 161 179.01 -33.06 124.56
CA LEU NA 161 179.42 -34.44 124.83
C LEU NA 161 180.44 -34.49 125.98
N TYR NA 162 181.49 -33.68 125.90
CA TYR NA 162 182.52 -33.55 126.93
C TYR NA 162 181.92 -33.20 128.30
N SER NA 163 181.00 -32.24 128.36
CA SER NA 163 180.42 -31.70 129.60
C SER NA 163 179.26 -32.52 130.17
N GLY NA 164 178.82 -33.61 129.53
CA GLY NA 164 177.78 -34.49 130.05
C GLY NA 164 176.34 -33.98 129.87
N ASN NA 165 176.11 -33.14 128.87
CA ASN NA 165 174.84 -32.45 128.59
C ASN NA 165 174.01 -33.05 127.43
N LEU NA 166 174.42 -34.16 126.82
CA LEU NA 166 173.59 -34.90 125.84
C LEU NA 166 172.74 -35.97 126.53
N VAL NA 167 171.65 -36.37 125.89
CA VAL NA 167 170.72 -37.43 126.30
C VAL NA 167 170.70 -38.54 125.23
N ALA NA 168 170.89 -39.80 125.61
CA ALA NA 168 170.68 -40.96 124.74
C ALA NA 168 169.24 -41.48 124.83
N ILE NA 169 168.66 -41.93 123.72
CA ILE NA 169 167.26 -42.41 123.65
C ILE NA 169 167.20 -43.83 123.06
N PRO NA 170 167.50 -44.89 123.84
CA PRO NA 170 167.56 -46.27 123.37
C PRO NA 170 166.35 -46.81 122.60
N SER NA 171 165.13 -46.33 122.86
CA SER NA 171 163.92 -46.78 122.14
C SER NA 171 163.93 -46.42 120.65
N LEU NA 172 164.66 -45.36 120.28
CA LEU NA 172 164.86 -44.94 118.89
C LEU NA 172 166.02 -45.67 118.19
N LYS NA 173 166.41 -46.88 118.64
CA LYS NA 173 167.44 -47.69 117.97
C LYS NA 173 167.18 -47.89 116.47
N GLN NA 174 168.24 -47.99 115.70
CA GLN NA 174 168.24 -48.39 114.30
C GLN NA 174 169.28 -49.47 114.04
N GLU NA 175 168.93 -50.51 113.30
CA GLU NA 175 169.85 -51.60 112.94
C GLU NA 175 170.52 -51.29 111.60
N VAL NA 176 171.85 -51.40 111.55
CA VAL NA 176 172.70 -50.94 110.43
C VAL NA 176 173.82 -51.93 110.15
N ALA NA 177 174.17 -52.12 108.88
CA ALA NA 177 175.27 -52.99 108.48
C ALA NA 177 176.57 -52.18 108.35
N VAL NA 178 177.62 -52.55 109.10
CA VAL NA 178 178.93 -51.87 109.05
C VAL NA 178 179.97 -52.87 108.53
N GLY NA 179 180.27 -52.78 107.24
CA GLY NA 179 180.96 -53.85 106.53
C GLY NA 179 180.12 -55.12 106.53
N GLN NA 180 180.66 -56.23 107.04
CA GLN NA 180 179.89 -57.46 107.26
C GLN NA 180 179.02 -57.43 108.53
N SER NA 181 179.41 -56.65 109.54
CA SER NA 181 178.89 -56.80 110.91
C SER NA 181 177.51 -56.18 111.11
N ALA NA 182 176.58 -56.95 111.66
CA ALA NA 182 175.25 -56.51 112.07
C ALA NA 182 175.35 -55.61 113.31
N SER NA 183 175.30 -54.29 113.13
CA SER NA 183 175.50 -53.30 114.19
C SER NA 183 174.20 -52.61 114.58
N VAL NA 184 174.21 -51.83 115.66
CA VAL NA 184 173.07 -51.01 116.10
C VAL NA 184 173.53 -49.59 116.36
N ARG NA 185 172.70 -48.57 116.12
CA ARG NA 185 172.96 -47.21 116.62
C ARG NA 185 171.80 -46.63 117.43
N VAL NA 186 172.12 -45.79 118.42
CA VAL NA 186 171.17 -45.03 119.27
C VAL NA 186 171.45 -43.53 119.08
N PRO NA 187 170.44 -42.67 118.92
CA PRO NA 187 170.66 -41.23 118.74
C PRO NA 187 171.00 -40.50 120.06
N LEU NA 188 171.71 -39.38 119.96
CA LEU NA 188 172.00 -38.41 121.04
C LEU NA 188 171.32 -37.05 120.76
N TYR NA 189 170.62 -36.49 121.74
CA TYR NA 189 170.03 -35.14 121.66
C TYR NA 189 170.51 -34.22 122.81
N ASP NA 190 170.72 -32.93 122.56
CA ASP NA 190 171.05 -31.97 123.62
C ASP NA 190 169.90 -31.84 124.64
N LYS NA 191 170.19 -31.81 125.95
CA LYS NA 191 169.14 -31.75 127.00
C LYS NA 191 168.17 -30.56 126.84
N GLU NA 192 168.53 -29.53 126.08
CA GLU NA 192 167.64 -28.43 125.72
C GLU NA 192 166.47 -28.80 124.78
N VAL NA 193 166.38 -30.03 124.26
CA VAL NA 193 165.15 -30.54 123.63
C VAL NA 193 164.09 -30.98 124.65
N PHE NA 194 164.38 -30.98 125.95
CA PHE NA 194 163.42 -31.31 127.00
C PHE NA 194 163.14 -30.08 127.89
N PRO NA 195 162.27 -29.15 127.48
CA PRO NA 195 162.00 -27.92 128.25
C PRO NA 195 161.47 -28.16 129.68
N GLU NA 196 160.73 -29.24 129.96
CA GLU NA 196 160.34 -29.57 131.35
C GLU NA 196 161.49 -30.15 132.20
N GLY NA 197 162.65 -30.41 131.59
CA GLY NA 197 163.83 -31.00 132.20
C GLY NA 197 163.80 -32.53 132.20
N VAL NA 198 164.99 -33.13 132.28
CA VAL NA 198 165.25 -34.55 132.57
C VAL NA 198 166.16 -34.67 133.81
N PRO NA 199 166.05 -35.71 134.64
CA PRO NA 199 166.92 -35.87 135.81
C PRO NA 199 168.41 -35.85 135.47
N GLN NA 200 169.26 -35.29 136.33
CA GLN NA 200 170.70 -35.14 136.05
C GLN NA 200 171.40 -36.48 135.72
N LEU NA 201 171.00 -37.60 136.33
CA LEU NA 201 171.55 -38.93 136.00
C LEU NA 201 170.97 -39.57 134.74
N ARG NA 202 169.91 -39.01 134.13
CA ARG NA 202 169.36 -39.46 132.84
C ARG NA 202 170.16 -38.96 131.64
N GLN NA 203 171.01 -37.95 131.81
CA GLN NA 203 171.98 -37.48 130.83
C GLN NA 203 173.15 -38.46 130.66
N PHE NA 204 173.78 -38.49 129.49
CA PHE NA 204 174.88 -39.38 129.16
C PHE NA 204 176.23 -38.80 129.55
N TYR NA 205 177.01 -39.53 130.34
CA TYR NA 205 178.37 -39.13 130.72
C TYR NA 205 179.32 -40.32 130.78
N ASN NA 206 180.52 -40.20 130.22
CA ASN NA 206 181.59 -41.17 130.45
C ASN NA 206 182.92 -40.47 130.73
N SER NA 207 183.48 -40.72 131.89
CA SER NA 207 184.70 -40.04 132.35
C SER NA 207 185.94 -40.39 131.51
N ASP NA 208 186.08 -41.63 131.03
CA ASP NA 208 187.18 -42.00 130.16
C ASP NA 208 187.11 -41.32 128.78
N LEU NA 209 185.91 -41.19 128.22
CA LEU NA 209 185.69 -40.44 126.98
C LEU NA 209 186.03 -38.96 127.14
N SER NA 210 185.53 -38.29 128.19
CA SER NA 210 185.84 -36.87 128.40
C SER NA 210 187.33 -36.62 128.63
N ARG NA 211 188.01 -37.45 129.43
CA ARG NA 211 189.47 -37.41 129.61
C ARG NA 211 190.25 -37.61 128.30
N CYS NA 212 189.84 -38.55 127.44
CA CYS NA 212 190.45 -38.74 126.14
C CYS NA 212 190.33 -37.49 125.24
N MET NA 213 189.13 -36.90 125.12
CA MET NA 213 188.94 -35.62 124.41
C MET NA 213 189.79 -34.47 124.98
N HIS NA 214 189.92 -34.36 126.30
CA HIS NA 214 190.74 -33.35 126.96
C HIS NA 214 192.19 -33.37 126.48
N GLU NA 215 192.78 -34.56 126.45
CA GLU NA 215 194.17 -34.80 126.09
C GLU NA 215 194.38 -34.81 124.56
N ALA NA 216 193.61 -35.61 123.81
CA ALA NA 216 193.83 -35.82 122.40
C ALA NA 216 193.25 -34.72 121.49
N LEU NA 217 192.25 -33.96 121.91
CA LEU NA 217 191.65 -32.88 121.12
C LEU NA 217 192.00 -31.48 121.64
N TYR NA 218 191.52 -31.12 122.85
CA TYR NA 218 191.53 -29.74 123.32
C TYR NA 218 192.90 -29.22 123.75
N THR NA 219 193.77 -30.06 124.31
CA THR NA 219 195.11 -29.62 124.74
C THR NA 219 195.97 -29.08 123.60
N GLY NA 220 195.92 -29.68 122.41
CA GLY NA 220 196.64 -29.22 121.24
C GLY NA 220 196.13 -27.87 120.70
N LEU NA 221 194.81 -27.61 120.80
CA LEU NA 221 194.21 -26.32 120.46
C LEU NA 221 194.65 -25.22 121.43
N ALA NA 222 194.72 -25.53 122.72
CA ALA NA 222 195.29 -24.64 123.73
C ALA NA 222 196.77 -24.34 123.46
N GLN NA 223 197.60 -25.34 123.12
CA GLN NA 223 199.00 -25.12 122.71
C GLN NA 223 199.10 -24.21 121.48
N ALA NA 224 198.24 -24.36 120.47
CA ALA NA 224 198.22 -23.47 119.29
C ALA NA 224 197.90 -21.99 119.61
N LEU NA 225 197.21 -21.68 120.70
CA LEU NA 225 196.91 -20.33 121.18
C LEU NA 225 197.88 -19.83 122.27
N ARG NA 226 198.78 -20.69 122.77
CA ARG NA 226 199.62 -20.48 123.98
C ARG NA 226 198.80 -20.19 125.24
N VAL NA 227 197.82 -21.05 125.52
CA VAL NA 227 196.96 -21.09 126.72
C VAL NA 227 197.25 -22.37 127.52
N ARG NA 228 197.33 -22.30 128.86
CA ARG NA 228 197.53 -23.46 129.76
C ARG NA 228 196.24 -24.03 130.36
N ARG NA 229 195.23 -23.18 130.53
CA ARG NA 229 193.94 -23.46 131.18
C ARG NA 229 192.96 -24.14 130.20
N VAL NA 230 193.16 -25.44 129.95
CA VAL NA 230 192.42 -26.21 128.94
C VAL NA 230 190.93 -26.30 129.26
N GLY NA 231 190.55 -26.57 130.50
CA GLY NA 231 189.15 -26.66 130.92
C GLY NA 231 188.35 -25.37 130.70
N LYS NA 232 188.94 -24.21 130.97
CA LYS NA 232 188.38 -22.89 130.64
C LYS NA 232 188.29 -22.62 129.13
N LEU NA 233 189.24 -23.09 128.31
CA LEU NA 233 189.09 -23.06 126.85
C LEU NA 233 187.88 -23.91 126.37
N VAL NA 234 187.65 -25.09 126.93
CA VAL NA 234 186.46 -25.89 126.57
C VAL NA 234 185.15 -25.19 126.94
N GLU NA 235 185.08 -24.58 128.12
CA GLU NA 235 183.91 -23.82 128.56
C GLU NA 235 183.58 -22.64 127.65
N LEU NA 236 184.56 -21.84 127.21
CA LEU NA 236 184.29 -20.71 126.32
C LEU NA 236 183.95 -21.14 124.89
N LEU NA 237 184.45 -22.26 124.38
CA LEU NA 237 184.03 -22.81 123.08
C LEU NA 237 182.58 -23.30 123.10
N GLU NA 238 182.13 -23.93 124.18
CA GLU NA 238 180.73 -24.37 124.34
C GLU NA 238 179.75 -23.18 124.29
N LYS NA 239 179.99 -22.15 125.09
CA LYS NA 239 179.15 -20.94 125.14
C LYS NA 239 179.16 -20.17 123.82
N GLN NA 240 180.29 -20.15 123.11
CA GLN NA 240 180.35 -19.59 121.75
C GLN NA 240 179.42 -20.34 120.76
N SER NA 241 179.34 -21.67 120.85
CA SER NA 241 178.46 -22.46 119.99
C SER NA 241 176.98 -22.26 120.34
N LEU NA 242 176.62 -22.26 121.62
CA LEU NA 242 175.21 -22.27 122.04
C LEU NA 242 174.56 -20.90 122.23
N GLN NA 243 175.33 -19.83 122.40
CA GLN NA 243 174.84 -18.49 122.73
C GLN NA 243 175.34 -17.41 121.75
N ASP NA 244 175.80 -17.81 120.56
CA ASP NA 244 176.17 -16.95 119.42
C ASP NA 244 177.25 -15.87 119.71
N GLN NA 245 178.20 -16.14 120.62
CA GLN NA 245 179.17 -15.16 121.13
C GLN NA 245 180.36 -14.86 120.19
N ALA NA 246 180.28 -15.14 118.89
CA ALA NA 246 181.41 -15.00 117.97
C ALA NA 246 182.03 -13.59 117.91
N LYS NA 247 181.24 -12.52 118.00
CA LYS NA 247 181.71 -11.12 118.00
C LYS NA 247 182.04 -10.54 119.39
N VAL NA 248 182.05 -11.36 120.44
CA VAL NA 248 182.44 -10.96 121.81
C VAL NA 248 183.85 -11.48 122.13
N ALA NA 249 184.74 -10.64 122.65
CA ALA NA 249 186.06 -11.07 123.08
C ALA NA 249 185.99 -11.99 124.31
N LYS NA 250 186.82 -13.05 124.37
CA LYS NA 250 186.70 -14.13 125.36
C LYS NA 250 188.00 -14.81 125.77
N VAL NA 251 189.01 -14.96 124.89
CA VAL NA 251 190.26 -15.64 125.25
C VAL NA 251 191.29 -14.75 125.94
N ALA NA 252 191.24 -13.43 125.76
CA ALA NA 252 192.26 -12.51 126.27
C ALA NA 252 192.64 -12.68 127.76
N PRO NA 253 191.71 -12.91 128.71
CA PRO NA 253 192.05 -13.19 130.12
C PRO NA 253 192.94 -14.43 130.35
N LEU NA 254 192.86 -15.45 129.49
CA LEU NA 254 193.65 -16.69 129.60
C LEU NA 254 195.09 -16.55 129.07
N LYS NA 255 195.42 -15.47 128.34
CA LYS NA 255 196.73 -15.26 127.71
C LYS NA 255 197.88 -15.07 128.72
N GLU NA 256 199.09 -15.42 128.29
CA GLU NA 256 200.34 -15.33 129.04
C GLU NA 256 201.49 -14.92 128.12
N PHE NA 257 202.47 -14.18 128.64
CA PHE NA 257 203.52 -13.54 127.85
C PHE NA 257 204.92 -13.82 128.40
N PRO NA 258 205.95 -14.02 127.55
CA PRO NA 258 207.33 -14.22 127.96
C PRO NA 258 208.07 -12.88 128.22
N ALA NA 259 209.24 -12.96 128.86
CA ALA NA 259 210.09 -11.81 129.21
C ALA NA 259 210.55 -11.00 127.98
N SER NA 260 210.75 -11.62 126.81
CA SER NA 260 211.05 -10.94 125.55
C SER NA 260 209.91 -10.05 125.05
N THR NA 261 208.65 -10.36 125.40
CA THR NA 261 207.48 -9.50 125.11
C THR NA 261 207.27 -8.44 126.19
N ILE NA 262 207.46 -8.77 127.48
CA ILE NA 262 207.27 -7.83 128.59
C ILE NA 262 208.36 -6.73 128.61
N SER NA 263 209.62 -7.08 128.29
CA SER NA 263 210.76 -6.15 128.23
C SER NA 263 210.82 -5.32 126.93
N HIS NA 264 209.90 -5.53 125.99
CA HIS NA 264 209.95 -4.92 124.66
C HIS NA 264 209.56 -3.42 124.69
N PRO NA 265 210.21 -2.54 123.90
CA PRO NA 265 209.84 -1.12 123.84
C PRO NA 265 208.40 -0.86 123.35
N ASP NA 266 207.88 -1.72 122.46
CA ASP NA 266 206.49 -1.70 122.01
C ASP NA 266 205.59 -2.73 122.73
N SER NA 267 205.96 -3.18 123.93
CA SER NA 267 205.25 -4.26 124.65
C SER NA 267 203.74 -4.06 124.76
N GLY NA 268 203.24 -2.84 125.01
CA GLY NA 268 201.80 -2.58 125.10
C GLY NA 268 201.03 -2.88 123.81
N ALA NA 269 201.57 -2.45 122.66
CA ALA NA 269 201.02 -2.74 121.34
C ALA NA 269 201.16 -4.23 120.97
N LEU NA 270 202.29 -4.85 121.33
CA LEU NA 270 202.53 -6.28 121.10
C LEU NA 270 201.55 -7.17 121.86
N MET NA 271 201.28 -6.89 123.14
CA MET NA 271 200.29 -7.64 123.92
C MET NA 271 198.86 -7.53 123.34
N ILE NA 272 198.47 -6.36 122.82
CA ILE NA 272 197.19 -6.17 122.12
C ILE NA 272 197.15 -6.93 120.78
N VAL NA 273 198.18 -6.87 119.94
CA VAL NA 273 198.19 -7.58 118.64
C VAL NA 273 198.17 -9.11 118.83
N ASP NA 274 198.99 -9.66 119.72
CA ASP NA 274 199.04 -11.09 120.04
C ASP NA 274 197.71 -11.61 120.61
N SER NA 275 197.07 -10.85 121.49
CA SER NA 275 195.73 -11.18 122.02
C SER NA 275 194.63 -11.13 120.95
N ALA NA 276 194.58 -10.07 120.13
CA ALA NA 276 193.57 -9.92 119.10
C ALA NA 276 193.68 -10.99 117.99
N ALA NA 277 194.89 -11.38 117.60
CA ALA NA 277 195.10 -12.49 116.67
C ALA NA 277 194.51 -13.82 117.20
N CYS NA 278 194.70 -14.14 118.49
CA CYS NA 278 194.12 -15.34 119.10
C CYS NA 278 192.60 -15.27 119.21
N GLU NA 279 192.03 -14.12 119.58
CA GLU NA 279 190.57 -13.92 119.60
C GLU NA 279 189.95 -14.21 118.23
N LEU NA 280 190.54 -13.68 117.15
CA LEU NA 280 190.07 -13.87 115.79
C LEU NA 280 190.15 -15.34 115.33
N ALA NA 281 191.23 -16.06 115.65
CA ALA NA 281 191.34 -17.49 115.36
C ALA NA 281 190.26 -18.31 116.07
N VAL NA 282 189.95 -18.02 117.34
CA VAL NA 282 188.84 -18.65 118.07
C VAL NA 282 187.46 -18.25 117.55
N SER NA 283 187.25 -17.04 117.05
CA SER NA 283 185.99 -16.66 116.38
C SER NA 283 185.77 -17.43 115.07
N TYR NA 284 186.77 -17.51 114.19
CA TYR NA 284 186.59 -17.99 112.81
C TYR NA 284 186.91 -19.48 112.56
N ALA NA 285 187.88 -20.10 113.24
CA ALA NA 285 188.22 -21.50 112.97
C ALA NA 285 187.06 -22.48 113.25
N PRO NA 286 186.36 -22.43 114.40
CA PRO NA 286 185.21 -23.30 114.64
C PRO NA 286 184.07 -23.13 113.63
N ALA NA 287 183.76 -21.91 113.20
CA ALA NA 287 182.74 -21.66 112.18
C ALA NA 287 183.05 -22.35 110.84
N MET NA 288 184.29 -22.25 110.37
CA MET NA 288 184.73 -22.94 109.16
C MET NA 288 184.77 -24.45 109.30
N LEU NA 289 185.15 -24.98 110.46
CA LEU NA 289 185.12 -26.42 110.73
C LEU NA 289 183.71 -27.01 110.81
N GLU NA 290 182.74 -26.28 111.39
CA GLU NA 290 181.31 -26.67 111.47
C GLU NA 290 180.57 -26.63 110.14
N ALA NA 291 181.03 -25.85 109.15
CA ALA NA 291 180.37 -25.66 107.87
C ALA NA 291 180.08 -26.98 107.12
N SER NA 292 179.16 -26.95 106.14
CA SER NA 292 178.83 -28.14 105.34
C SER NA 292 179.95 -28.44 104.33
N HIS NA 293 180.45 -29.67 104.28
CA HIS NA 293 181.61 -30.07 103.45
C HIS NA 293 181.22 -31.07 102.36
N GLU NA 294 181.91 -31.05 101.23
CA GLU NA 294 181.82 -32.10 100.20
C GLU NA 294 182.26 -33.47 100.74
N THR NA 295 181.65 -34.56 100.27
CA THR NA 295 182.02 -35.94 100.68
C THR NA 295 183.05 -36.52 99.70
N PRO NA 296 184.33 -36.73 100.10
CA PRO NA 296 185.33 -37.31 99.20
C PRO NA 296 185.10 -38.79 98.90
N ALA NA 297 185.56 -39.28 97.75
CA ALA NA 297 185.52 -40.71 97.43
C ALA NA 297 186.42 -41.57 98.34
N SER NA 298 187.44 -40.96 98.97
CA SER NA 298 188.35 -41.63 99.89
C SER NA 298 187.70 -42.01 101.23
N LEU NA 299 186.52 -41.50 101.55
CA LEU NA 299 185.79 -41.83 102.78
C LEU NA 299 185.13 -43.23 102.76
N ASN NA 300 185.09 -43.88 101.59
CA ASN NA 300 184.48 -45.19 101.38
C ASN NA 300 185.53 -46.33 101.43
N TYR NA 301 185.68 -46.97 102.58
CA TYR NA 301 186.75 -47.94 102.88
C TYR NA 301 186.68 -49.22 102.03
N ASP NA 302 185.49 -49.64 101.60
CA ASP NA 302 185.33 -50.85 100.80
C ASP NA 302 185.66 -50.65 99.30
N SER NA 303 185.69 -49.41 98.79
CA SER NA 303 186.24 -49.09 97.46
C SER NA 303 187.72 -48.71 97.44
N TRP NA 304 188.46 -48.74 98.56
CA TRP NA 304 189.91 -48.45 98.55
C TRP NA 304 190.69 -49.42 97.66
N PRO NA 305 191.40 -48.96 96.61
CA PRO NA 305 192.19 -49.83 95.74
C PRO NA 305 193.30 -50.64 96.42
N LEU NA 306 193.87 -50.16 97.53
CA LEU NA 306 195.02 -50.83 98.17
C LEU NA 306 194.76 -52.28 98.60
N PHE NA 307 193.50 -52.67 98.84
CA PHE NA 307 193.08 -54.04 99.16
C PHE NA 307 192.87 -54.97 97.96
N ALA NA 308 192.91 -54.49 96.72
CA ALA NA 308 192.38 -55.21 95.55
C ALA NA 308 193.03 -56.58 95.25
N ASP NA 309 194.30 -56.80 95.62
CA ASP NA 309 194.99 -58.09 95.48
C ASP NA 309 195.04 -58.94 96.77
N CYS NA 310 194.45 -58.47 97.88
CA CYS NA 310 194.47 -59.17 99.17
C CYS NA 310 193.53 -60.38 99.23
N GLU NA 311 194.00 -61.50 99.76
CA GLU NA 311 193.16 -62.63 100.17
C GLU NA 311 193.31 -62.92 101.67
N GLY NA 312 192.22 -62.79 102.42
CA GLY NA 312 192.14 -63.08 103.85
C GLY NA 312 192.64 -61.95 104.78
N PRO NA 313 192.38 -62.06 106.10
CA PRO NA 313 192.66 -61.01 107.08
C PRO NA 313 194.14 -60.63 107.23
N GLU NA 314 195.07 -61.56 107.12
CA GLU NA 314 196.51 -61.27 107.27
C GLU NA 314 197.03 -60.36 106.15
N ALA NA 315 196.61 -60.61 104.91
CA ALA NA 315 196.95 -59.78 103.77
C ALA NA 315 196.38 -58.36 103.90
N ARG NA 316 195.16 -58.20 104.44
CA ARG NA 316 194.53 -56.90 104.67
C ARG NA 316 195.26 -56.07 105.74
N VAL NA 317 195.65 -56.67 106.86
CA VAL NA 317 196.46 -56.01 107.90
C VAL NA 317 197.85 -55.62 107.38
N ALA NA 318 198.53 -56.49 106.64
CA ALA NA 318 199.83 -56.18 106.05
C ALA NA 318 199.77 -55.06 104.99
N ALA NA 319 198.68 -54.96 104.23
CA ALA NA 319 198.41 -53.86 103.30
C ALA NA 319 198.23 -52.51 104.01
N LEU NA 320 197.54 -52.49 105.16
CA LEU NA 320 197.40 -51.29 105.99
C LEU NA 320 198.74 -50.84 106.57
N HIS NA 321 199.62 -51.75 107.00
CA HIS NA 321 200.95 -51.39 107.46
C HIS NA 321 201.81 -50.75 106.35
N ARG NA 322 201.78 -51.24 105.10
CA ARG NA 322 202.42 -50.57 103.96
C ARG NA 322 201.83 -49.18 103.69
N TYR NA 323 200.51 -49.04 103.76
CA TYR NA 323 199.85 -47.74 103.67
C TYR NA 323 200.36 -46.75 104.73
N ASN NA 324 200.43 -47.16 106.00
CA ASN NA 324 200.96 -46.31 107.08
C ASN NA 324 202.41 -45.88 106.86
N ALA NA 325 203.30 -46.78 106.42
CA ALA NA 325 204.68 -46.45 106.11
C ALA NA 325 204.80 -45.33 105.05
N SER NA 326 203.93 -45.29 104.05
CA SER NA 326 203.90 -44.22 103.04
C SER NA 326 203.49 -42.83 103.57
N LEU NA 327 202.83 -42.74 104.73
CA LEU NA 327 202.51 -41.49 105.44
C LEU NA 327 203.56 -41.06 106.46
N ALA NA 328 204.42 -41.95 106.97
CA ALA NA 328 205.37 -41.66 108.06
C ALA NA 328 206.27 -40.42 107.82
N PRO NA 329 206.81 -40.14 106.63
CA PRO NA 329 207.66 -38.96 106.40
C PRO NA 329 206.95 -37.63 106.69
N HIS NA 330 205.64 -37.52 106.48
CA HIS NA 330 204.86 -36.35 106.88
C HIS NA 330 204.85 -36.17 108.41
N VAL NA 331 204.61 -37.24 109.15
CA VAL NA 331 204.57 -37.22 110.62
C VAL NA 331 205.95 -36.98 111.23
N SER NA 332 206.99 -37.68 110.77
CA SER NA 332 208.35 -37.49 111.31
C SER NA 332 208.94 -36.13 110.98
N THR NA 333 208.58 -35.50 109.85
CA THR NA 333 208.99 -34.14 109.53
C THR NA 333 208.45 -33.13 110.55
N GLN NA 334 207.20 -33.26 110.96
CA GLN NA 334 206.61 -32.43 112.03
C GLN NA 334 207.23 -32.67 113.42
N ILE NA 335 207.97 -33.76 113.64
CA ILE NA 335 208.77 -33.95 114.87
C ILE NA 335 210.21 -33.44 114.70
N PHE NA 336 210.90 -33.76 113.62
CA PHE NA 336 212.32 -33.45 113.43
C PHE NA 336 212.60 -32.01 113.03
N ALA NA 337 211.68 -31.28 112.40
CA ALA NA 337 211.92 -29.93 111.90
C ALA NA 337 211.88 -28.87 113.01
N THR NA 338 212.92 -28.03 113.12
CA THR NA 338 213.00 -26.94 114.11
C THR NA 338 211.84 -25.94 113.96
N ASN NA 339 211.34 -25.74 112.74
CA ASN NA 339 210.24 -24.85 112.39
C ASN NA 339 208.90 -25.57 112.13
N SER NA 340 208.68 -26.72 112.77
CA SER NA 340 207.40 -27.41 112.83
C SER NA 340 206.29 -26.56 113.47
N VAL NA 341 205.05 -26.68 112.99
CA VAL NA 341 203.86 -26.06 113.60
C VAL NA 341 203.66 -26.45 115.07
N LEU NA 342 204.15 -27.62 115.50
CA LEU NA 342 204.10 -28.09 116.88
C LEU NA 342 204.98 -27.27 117.85
N TYR NA 343 205.94 -26.48 117.36
CA TYR NA 343 206.89 -25.69 118.15
C TYR NA 343 206.73 -24.17 118.04
N VAL NA 344 205.60 -23.68 117.51
CA VAL NA 344 205.28 -22.25 117.45
C VAL NA 344 205.17 -21.67 118.87
N SER NA 345 205.90 -20.59 119.13
CA SER NA 345 206.14 -20.03 120.47
C SER NA 345 205.40 -18.72 120.76
N GLY NA 346 204.85 -18.02 119.76
CA GLY NA 346 204.15 -16.74 119.95
C GLY NA 346 204.35 -15.73 118.83
N VAL NA 347 204.11 -14.46 119.14
CA VAL NA 347 204.24 -13.32 118.21
C VAL NA 347 205.35 -12.39 118.70
N SER NA 348 206.15 -11.84 117.79
CA SER NA 348 207.19 -10.85 118.10
C SER NA 348 207.22 -9.71 117.07
N LYS NA 349 207.91 -8.62 117.40
CA LYS NA 349 208.03 -7.42 116.55
C LYS NA 349 209.49 -7.10 116.23
N SER NA 350 209.74 -6.72 114.98
CA SER NA 350 211.06 -6.41 114.42
C SER NA 350 211.90 -5.44 115.26
N GLU NA 356 212.44 -5.92 108.71
CA GLU NA 356 211.11 -6.13 108.14
C GLU NA 356 210.45 -4.82 107.69
N SER NA 357 209.73 -4.86 106.56
CA SER NA 357 208.83 -3.79 106.11
C SER NA 357 207.60 -3.65 107.03
N LEU NA 358 206.86 -2.55 106.93
CA LEU NA 358 205.80 -2.18 107.88
C LEU NA 358 204.77 -3.30 108.12
N PHE NA 359 204.18 -3.86 107.07
CA PHE NA 359 203.16 -4.91 107.22
C PHE NA 359 203.72 -6.26 107.66
N ASN NA 360 205.02 -6.53 107.45
CA ASN NA 360 205.71 -7.71 107.93
C ASN NA 360 206.30 -7.55 109.36
N SER NA 361 206.23 -6.37 109.97
CA SER NA 361 206.96 -6.06 111.21
C SER NA 361 206.54 -6.87 112.43
N PHE NA 362 205.30 -7.32 112.55
CA PHE NA 362 204.86 -8.34 113.50
C PHE NA 362 204.85 -9.72 112.81
N TYR NA 363 205.35 -10.76 113.47
CA TYR NA 363 205.48 -12.11 112.91
C TYR NA 363 205.42 -13.25 113.94
N MET NA 364 205.11 -14.46 113.48
CA MET NA 364 205.12 -15.70 114.29
C MET NA 364 206.54 -16.19 114.59
N THR NA 365 206.81 -16.61 115.83
CA THR NA 365 208.10 -17.16 116.29
C THR NA 365 208.01 -18.66 116.65
N HIS NA 366 209.14 -19.36 116.68
CA HIS NA 366 209.26 -20.75 117.12
C HIS NA 366 210.40 -20.95 118.12
N GLY NA 367 210.29 -21.95 118.99
CA GLY NA 367 211.39 -22.36 119.86
C GLY NA 367 210.95 -23.06 121.14
N LEU NA 368 211.45 -24.28 121.38
CA LEU NA 368 211.22 -25.06 122.60
C LEU NA 368 211.84 -24.43 123.85
N GLY NA 369 212.97 -23.74 123.73
CA GLY NA 369 213.56 -23.00 124.85
C GLY NA 369 212.61 -21.93 125.37
N THR NA 370 211.96 -21.18 124.47
CA THR NA 370 210.94 -20.18 124.82
C THR NA 370 209.74 -20.81 125.51
N LEU NA 371 209.29 -21.97 125.04
CA LEU NA 371 208.16 -22.70 125.62
C LEU NA 371 208.45 -23.24 127.04
N GLN NA 372 209.70 -23.41 127.46
CA GLN NA 372 210.06 -23.78 128.85
C GLN NA 372 210.04 -22.61 129.83
N GLU NA 373 210.08 -21.35 129.39
CA GLU NA 373 210.27 -20.18 130.28
C GLU NA 373 209.04 -19.84 131.13
N GLY NA 374 209.25 -19.11 132.23
CA GLY NA 374 208.19 -18.46 132.99
C GLY NA 374 207.52 -17.32 132.22
N THR NA 375 206.32 -16.93 132.66
CA THR NA 375 205.42 -16.00 131.99
C THR NA 375 204.79 -14.98 132.95
N TRP NA 376 204.17 -13.95 132.38
CA TRP NA 376 203.38 -12.91 133.04
C TRP NA 376 201.98 -12.81 132.43
N ASP NA 377 201.00 -12.39 133.22
CA ASP NA 377 199.58 -12.27 132.81
C ASP NA 377 199.29 -10.94 132.06
N PRO NA 378 198.06 -10.72 131.53
CA PRO NA 378 197.69 -9.48 130.85
C PRO NA 378 197.80 -8.19 131.68
N CYS NA 379 197.93 -8.28 133.01
CA CYS NA 379 198.16 -7.16 133.92
C CYS NA 379 199.62 -7.11 134.42
N ARG NA 380 200.54 -7.76 133.70
CA ARG NA 380 201.99 -7.79 133.95
C ARG NA 380 202.39 -8.38 135.31
N ARG NA 381 201.52 -9.19 135.94
CA ARG NA 381 201.84 -9.94 137.17
C ARG NA 381 202.47 -11.30 136.82
N PRO NA 382 203.36 -11.87 137.66
CA PRO NA 382 203.92 -13.20 137.43
C PRO NA 382 202.84 -14.29 137.30
N CYS NA 383 203.05 -15.28 136.42
CA CYS NA 383 202.05 -16.28 136.08
C CYS NA 383 202.61 -17.72 136.19
N PHE NA 384 203.06 -18.36 135.11
CA PHE NA 384 203.84 -19.60 135.18
C PHE NA 384 205.30 -19.32 135.60
N SER NA 385 205.91 -20.17 136.42
CA SER NA 385 207.28 -19.99 136.92
C SER NA 385 208.39 -20.55 136.01
N GLY NA 386 208.05 -21.30 134.95
CA GLY NA 386 209.03 -21.95 134.08
C GLY NA 386 209.53 -23.30 134.57
N TRP NA 387 210.27 -23.99 133.70
CA TRP NA 387 210.89 -25.29 133.97
C TRP NA 387 212.37 -25.29 133.56
N GLY NA 388 213.25 -25.81 134.42
CA GLY NA 388 214.70 -25.85 134.19
C GLY NA 388 215.18 -26.92 133.21
N GLY NA 389 214.29 -27.76 132.71
CA GLY NA 389 214.61 -28.93 131.90
C GLY NA 389 214.94 -30.18 132.75
N PRO NA 390 215.28 -31.30 132.10
CA PRO NA 390 215.59 -32.57 132.76
C PRO NA 390 216.74 -32.46 133.77
N GLY NA 394 218.98 -37.57 130.52
CA GLY NA 394 218.77 -38.54 129.46
C GLY NA 394 219.93 -38.67 128.47
N THR NA 395 219.82 -39.65 127.56
CA THR NA 395 220.94 -40.07 126.69
C THR NA 395 221.41 -39.04 125.66
N ASN NA 396 220.61 -38.00 125.33
CA ASN NA 396 221.02 -36.92 124.42
C ASN NA 396 221.80 -35.78 125.11
N GLY NA 397 221.96 -35.81 126.44
CA GLY NA 397 222.77 -34.87 127.23
C GLY NA 397 222.17 -33.47 127.46
N PRO NA 398 222.87 -32.62 128.24
CA PRO NA 398 222.40 -31.31 128.70
C PRO NA 398 222.15 -30.30 127.57
N GLY NA 399 221.09 -29.49 127.69
CA GLY NA 399 220.72 -28.44 126.73
C GLY NA 399 220.14 -28.93 125.40
N ASN NA 400 220.07 -30.24 125.20
CA ASN NA 400 219.57 -30.88 123.98
C ASN NA 400 218.13 -31.38 124.15
N TYR NA 401 217.48 -31.71 123.03
CA TYR NA 401 216.12 -32.28 122.99
C TYR NA 401 216.06 -33.58 123.80
N ALA NA 402 215.03 -33.76 124.60
CA ALA NA 402 214.80 -34.87 125.51
C ALA NA 402 213.42 -35.50 125.28
N VAL NA 403 213.16 -36.68 125.85
CA VAL NA 403 211.86 -37.34 125.68
C VAL NA 403 210.68 -36.46 126.13
N GLU NA 404 210.85 -35.59 127.13
CA GLU NA 404 209.84 -34.63 127.54
C GLU NA 404 209.42 -33.66 126.41
N HIS NA 405 210.32 -33.27 125.50
CA HIS NA 405 209.96 -32.46 124.34
C HIS NA 405 209.11 -33.21 123.32
N LEU NA 406 209.33 -34.52 123.14
CA LEU NA 406 208.42 -35.38 122.35
C LEU NA 406 207.04 -35.50 123.03
N VAL NA 407 206.99 -35.63 124.35
CA VAL NA 407 205.72 -35.64 125.09
C VAL NA 407 204.97 -34.32 124.92
N TYR NA 408 205.65 -33.17 125.01
CA TYR NA 408 205.10 -31.85 124.70
C TYR NA 408 204.56 -31.72 123.26
N ALA NA 409 205.27 -32.23 122.25
CA ALA NA 409 204.78 -32.29 120.86
C ALA NA 409 203.49 -33.11 120.71
N ALA NA 410 203.34 -34.19 121.46
CA ALA NA 410 202.13 -35.03 121.50
C ALA NA 410 201.03 -34.53 122.46
N SER NA 411 201.04 -33.27 122.91
CA SER NA 411 200.02 -32.66 123.78
C SER NA 411 199.77 -33.39 125.11
N PHE NA 412 200.79 -34.04 125.66
CA PHE NA 412 200.71 -34.84 126.90
C PHE NA 412 199.62 -35.91 126.84
N SER NA 413 199.33 -36.43 125.65
CA SER NA 413 198.28 -37.43 125.41
C SER NA 413 198.92 -38.78 125.15
N PRO NA 414 198.68 -39.81 125.99
CA PRO NA 414 199.21 -41.15 125.74
C PRO NA 414 198.69 -41.77 124.43
N ASN NA 415 197.45 -41.46 124.02
CA ASN NA 415 196.90 -41.89 122.73
C ASN NA 415 197.68 -41.31 121.53
N LEU NA 416 197.89 -39.99 121.48
CA LEU NA 416 198.68 -39.35 120.42
C LEU NA 416 200.15 -39.81 120.45
N LEU NA 417 200.78 -39.89 121.62
CA LEU NA 417 202.18 -40.30 121.78
C LEU NA 417 202.43 -41.72 121.28
N ALA NA 418 201.54 -42.67 121.57
CA ALA NA 418 201.61 -44.03 121.03
C ALA NA 418 201.62 -44.05 119.48
N ARG NA 419 200.75 -43.30 118.81
CA ARG NA 419 200.75 -43.23 117.34
C ARG NA 419 201.97 -42.49 116.75
N TYR NA 420 202.49 -41.44 117.40
CA TYR NA 420 203.77 -40.83 117.02
C TYR NA 420 204.92 -41.84 117.09
N ALA NA 421 205.04 -42.61 118.17
CA ALA NA 421 206.08 -43.62 118.32
C ALA NA 421 205.98 -44.72 117.26
N TYR NA 422 204.77 -45.17 116.94
CA TYR NA 422 204.53 -46.07 115.82
C TYR NA 422 205.06 -45.55 114.47
N TYR NA 423 204.85 -44.28 114.12
CA TYR NA 423 205.43 -43.71 112.90
C TYR NA 423 206.95 -43.58 112.97
N LEU NA 424 207.52 -43.17 114.11
CA LEU NA 424 208.97 -43.08 114.31
C LEU NA 424 209.70 -44.43 114.17
N GLN NA 425 209.05 -45.56 114.47
CA GLN NA 425 209.59 -46.90 114.22
C GLN NA 425 209.88 -47.23 112.73
N PHE NA 426 209.32 -46.51 111.75
CA PHE NA 426 209.68 -46.64 110.34
C PHE NA 426 210.95 -45.86 109.93
N CYS NA 427 211.44 -44.95 110.78
CA CYS NA 427 212.57 -44.07 110.46
C CYS NA 427 213.94 -44.75 110.63
N GLN NA 428 214.86 -44.45 109.70
CA GLN NA 428 216.27 -44.85 109.78
C GLN NA 428 217.02 -44.04 110.85
N GLY NA 429 217.97 -44.69 111.52
CA GLY NA 429 218.93 -44.02 112.39
C GLY NA 429 220.06 -43.36 111.58
N GLN NA 430 220.56 -42.22 112.07
CA GLN NA 430 221.69 -41.50 111.50
C GLN NA 430 222.65 -41.10 112.62
N LYS NA 431 223.64 -41.95 112.91
CA LYS NA 431 224.68 -41.67 113.91
C LYS NA 431 225.51 -40.43 113.51
N SER NA 432 225.68 -39.49 114.44
CA SER NA 432 226.44 -38.25 114.24
C SER NA 432 227.94 -38.48 113.99
N VAL NA 437 229.17 -45.00 119.49
CA VAL NA 437 227.90 -45.41 120.10
C VAL NA 437 227.88 -46.93 120.30
N PRO NA 438 227.34 -47.45 121.42
CA PRO NA 438 227.13 -48.88 121.61
C PRO NA 438 226.37 -49.54 120.46
N GLU NA 439 226.69 -50.79 120.15
CA GLU NA 439 225.91 -51.58 119.19
C GLU NA 439 224.49 -51.80 119.70
N THR NA 440 223.51 -51.97 118.80
CA THR NA 440 222.09 -52.03 119.19
C THR NA 440 221.81 -53.13 120.22
N GLY NA 441 222.34 -54.35 120.00
CA GLY NA 441 222.13 -55.49 120.89
C GLY NA 441 222.82 -55.37 122.24
N SER NA 442 223.98 -54.70 122.32
CA SER NA 442 224.61 -54.40 123.62
C SER NA 442 223.95 -53.22 124.34
N TYR NA 443 223.22 -52.34 123.66
CA TYR NA 443 222.33 -51.38 124.32
C TYR NA 443 221.06 -52.08 124.84
N VAL NA 444 220.36 -52.86 124.02
CA VAL NA 444 219.13 -53.59 124.40
C VAL NA 444 219.36 -54.58 125.56
N ALA NA 445 220.45 -55.34 125.56
CA ALA NA 445 220.77 -56.24 126.67
C ALA NA 445 221.43 -55.51 127.87
N GLY NA 446 222.07 -54.36 127.64
CA GLY NA 446 222.73 -53.54 128.64
C GLY NA 446 221.81 -52.48 129.24
N ALA NA 447 222.11 -51.20 129.03
CA ALA NA 447 221.43 -50.08 129.71
C ALA NA 447 219.91 -50.02 129.52
N ALA NA 448 219.33 -50.56 128.44
CA ALA NA 448 217.88 -50.63 128.30
C ALA NA 448 217.17 -51.54 129.32
N ALA NA 449 217.88 -52.55 129.86
CA ALA NA 449 217.35 -53.53 130.80
C ALA NA 449 217.53 -53.14 132.28
N SER NA 450 217.99 -51.92 132.57
CA SER NA 450 218.20 -51.43 133.94
C SER NA 450 216.87 -51.23 134.70
N PRO NA 451 216.77 -51.67 135.97
CA PRO NA 451 215.55 -51.50 136.77
C PRO NA 451 215.25 -50.03 137.12
N MET NA 452 216.18 -49.11 136.86
CA MET NA 452 215.98 -47.66 137.01
C MET NA 452 215.01 -47.03 135.98
N CYS NA 453 214.68 -47.70 134.87
CA CYS NA 453 213.77 -47.16 133.84
C CYS NA 453 212.33 -47.03 134.38
N SER NA 454 211.82 -45.79 134.48
CA SER NA 454 210.46 -45.49 134.97
C SER NA 454 209.32 -45.81 133.99
N LEU NA 455 209.63 -46.34 132.78
CA LEU NA 455 208.62 -46.77 131.80
C LEU NA 455 208.37 -48.28 131.84
N CYS NA 456 209.41 -49.12 131.79
CA CYS NA 456 209.31 -50.58 131.72
C CYS NA 456 209.99 -51.36 132.84
N GLU NA 457 210.64 -50.72 133.81
CA GLU NA 457 211.43 -51.38 134.88
C GLU NA 457 212.53 -52.32 134.34
N GLY NA 458 212.97 -52.12 133.09
CA GLY NA 458 213.86 -53.03 132.37
C GLY NA 458 213.17 -54.28 131.79
N ARG NA 459 211.88 -54.51 132.07
CA ARG NA 459 211.12 -55.72 131.70
C ARG NA 459 210.54 -55.73 130.28
N ALA NA 460 210.81 -54.71 129.45
CA ALA NA 460 210.47 -54.67 128.02
C ALA NA 460 211.49 -53.85 127.19
N PRO NA 461 212.76 -54.25 127.13
CA PRO NA 461 213.84 -53.36 126.69
C PRO NA 461 213.84 -53.04 125.18
N ALA NA 462 213.31 -53.90 124.32
CA ALA NA 462 213.40 -53.75 122.87
C ALA NA 462 212.34 -52.78 122.27
N VAL NA 463 211.14 -52.71 122.85
CA VAL NA 463 210.06 -51.81 122.43
C VAL NA 463 209.95 -50.51 123.23
N CYS NA 464 210.62 -50.38 124.37
CA CYS NA 464 210.51 -49.19 125.22
C CYS NA 464 210.75 -47.87 124.47
N LEU NA 465 209.99 -46.83 124.79
CA LEU NA 465 210.09 -45.50 124.19
C LEU NA 465 211.50 -44.91 124.33
N ASN NA 466 212.19 -45.12 125.45
CA ASN NA 466 213.57 -44.71 125.63
C ASN NA 466 214.56 -45.43 124.69
N THR NA 467 214.29 -46.68 124.27
CA THR NA 467 215.10 -47.37 123.25
C THR NA 467 214.90 -46.76 121.88
N LEU NA 468 213.65 -46.47 121.48
CA LEU NA 468 213.34 -45.75 120.24
C LEU NA 468 213.97 -44.36 120.22
N PHE NA 469 213.87 -43.62 121.32
CA PHE NA 469 214.49 -42.30 121.47
C PHE NA 469 216.02 -42.37 121.33
N PHE NA 470 216.68 -43.34 121.97
CA PHE NA 470 218.12 -43.54 121.86
C PHE NA 470 218.57 -43.80 120.40
N ARG NA 471 217.82 -44.60 119.65
CA ARG NA 471 218.06 -44.92 118.24
C ARG NA 471 217.99 -43.70 117.31
N LEU NA 472 217.05 -42.78 117.53
CA LEU NA 472 216.77 -41.60 116.68
C LEU NA 472 217.37 -40.27 117.19
N ARG NA 473 218.16 -40.34 118.26
CA ARG NA 473 218.72 -39.23 119.06
C ARG NA 473 219.32 -38.05 118.27
N ASP NA 474 220.17 -38.33 117.30
CA ASP NA 474 220.84 -37.33 116.47
C ASP NA 474 219.95 -36.67 115.39
N ARG NA 475 218.70 -37.09 115.23
CA ARG NA 475 217.72 -36.49 114.31
C ARG NA 475 216.77 -35.47 114.94
N PHE NA 476 216.62 -35.43 116.26
CA PHE NA 476 215.80 -34.42 116.94
C PHE NA 476 216.40 -33.01 116.81
N PRO NA 477 215.57 -31.95 116.77
CA PRO NA 477 216.04 -30.57 116.58
C PRO NA 477 216.79 -30.00 117.79
N PRO NA 478 217.49 -28.87 117.67
CA PRO NA 478 218.01 -28.10 118.80
C PRO NA 478 216.92 -27.38 119.60
N VAL NA 479 217.19 -27.01 120.84
CA VAL NA 479 216.26 -26.30 121.74
C VAL NA 479 216.56 -24.80 121.70
N MET NA 480 215.65 -24.00 121.13
CA MET NA 480 215.89 -22.59 120.73
C MET NA 480 215.15 -21.56 121.57
N SER NA 481 215.81 -20.44 121.90
CA SER NA 481 215.26 -19.32 122.67
C SER NA 481 215.22 -17.98 121.91
N THR NA 482 215.49 -17.96 120.60
CA THR NA 482 215.56 -16.75 119.76
C THR NA 482 214.21 -16.35 119.13
N GLN NA 483 214.13 -15.17 118.53
CA GLN NA 483 212.90 -14.52 118.06
C GLN NA 483 212.95 -14.10 116.57
N ARG NA 484 213.69 -14.81 115.72
CA ARG NA 484 213.82 -14.59 114.26
C ARG NA 484 212.54 -14.91 113.46
N ARG NA 485 212.31 -14.20 112.35
CA ARG NA 485 211.19 -14.40 111.41
C ARG NA 485 211.47 -15.52 110.40
N ASP NA 486 211.09 -16.76 110.71
CA ASP NA 486 211.22 -17.93 109.84
C ASP NA 486 209.86 -18.43 109.32
N PRO NA 487 209.82 -19.17 108.19
CA PRO NA 487 208.66 -19.96 107.77
C PRO NA 487 208.32 -21.06 108.76
N TYR NA 488 207.07 -21.54 108.78
CA TYR NA 488 206.64 -22.70 109.56
C TYR NA 488 206.10 -23.83 108.67
N VAL NA 489 206.20 -25.08 109.12
CA VAL NA 489 205.89 -26.28 108.31
C VAL NA 489 204.45 -26.77 108.54
N ILE NA 490 203.68 -26.96 107.47
CA ILE NA 490 202.27 -27.42 107.51
C ILE NA 490 202.11 -28.76 106.77
N SER NA 491 201.11 -29.56 107.16
CA SER NA 491 200.79 -30.87 106.56
C SER NA 491 199.30 -31.00 106.26
N GLY NA 492 198.93 -31.67 105.17
CA GLY NA 492 197.54 -31.97 104.86
C GLY NA 492 197.28 -32.35 103.41
N ALA NA 493 196.02 -32.52 103.04
CA ALA NA 493 195.57 -32.80 101.69
C ALA NA 493 195.74 -31.61 100.73
N SER NA 494 196.14 -31.88 99.50
CA SER NA 494 196.15 -30.88 98.42
C SER NA 494 194.79 -30.75 97.74
N GLY NA 495 194.53 -29.57 97.16
CA GLY NA 495 193.34 -29.28 96.36
C GLY NA 495 193.42 -29.84 94.93
N SER NA 496 192.36 -29.61 94.16
CA SER NA 496 192.21 -30.19 92.81
C SER NA 496 193.02 -29.49 91.71
N TYR NA 497 193.33 -28.20 91.81
CA TYR NA 497 193.94 -27.42 90.73
C TYR NA 497 195.31 -26.86 91.10
N ASN NA 498 196.37 -27.62 90.84
CA ASN NA 498 197.76 -27.27 91.11
C ASN NA 498 198.49 -26.96 89.79
N GLU NA 499 199.38 -25.97 89.79
CA GLU NA 499 200.14 -25.53 88.62
C GLU NA 499 201.64 -25.64 88.91
N THR NA 500 202.22 -26.79 88.59
CA THR NA 500 203.57 -27.21 89.00
C THR NA 500 204.42 -27.80 87.87
N ASP NA 501 204.04 -27.62 86.60
CA ASP NA 501 204.97 -27.74 85.47
C ASP NA 501 206.02 -26.59 85.47
N PHE NA 502 207.07 -26.66 84.65
CA PHE NA 502 208.25 -25.79 84.72
C PHE NA 502 207.96 -24.28 84.72
N LEU NA 503 206.94 -23.79 84.01
CA LEU NA 503 206.51 -22.38 83.99
C LEU NA 503 205.23 -22.12 84.80
N GLY NA 504 204.82 -23.03 85.68
CA GLY NA 504 203.75 -22.80 86.65
C GLY NA 504 202.43 -22.37 86.03
N ASN NA 505 201.86 -21.26 86.49
CA ASN NA 505 200.59 -20.70 86.04
C ASN NA 505 200.66 -19.85 84.75
N PHE NA 506 201.78 -19.83 84.02
CA PHE NA 506 201.90 -19.18 82.70
C PHE NA 506 200.78 -19.64 81.73
N LEU NA 507 200.03 -18.72 81.12
CA LEU NA 507 198.95 -19.00 80.15
C LEU NA 507 197.99 -20.13 80.59
N ASN NA 508 197.59 -20.16 81.86
CA ASN NA 508 196.66 -21.17 82.39
C ASN NA 508 195.24 -21.01 81.81
N PHE NA 509 194.83 -19.78 81.51
CA PHE NA 509 193.56 -19.41 80.88
C PHE NA 509 193.77 -18.32 79.81
N ILE NA 510 192.79 -18.16 78.92
CA ILE NA 510 192.77 -17.13 77.86
C ILE NA 510 191.48 -16.30 77.98
N TYR NA 525 196.80 -21.07 72.43
CA TYR NA 525 196.17 -22.03 73.32
C TYR NA 525 196.83 -22.05 74.71
N THR NA 526 196.13 -22.52 75.74
CA THR NA 526 196.65 -22.56 77.12
C THR NA 526 197.87 -23.47 77.26
N TYR NA 527 198.73 -23.20 78.25
CA TYR NA 527 199.90 -24.02 78.56
C TYR NA 527 199.48 -25.45 78.94
N TRP NA 528 198.33 -25.62 79.60
CA TRP NA 528 197.76 -26.94 79.84
C TRP NA 528 197.45 -27.69 78.55
N GLN NA 529 196.81 -27.04 77.56
CA GLN NA 529 196.55 -27.63 76.25
C GLN NA 529 197.85 -27.95 75.49
N LEU NA 530 198.85 -27.08 75.53
CA LEU NA 530 200.16 -27.33 74.94
C LEU NA 530 200.82 -28.62 75.47
N ASN NA 531 200.73 -28.86 76.77
CA ASN NA 531 201.25 -30.09 77.36
C ASN NA 531 200.42 -31.32 76.95
N GLN NA 532 199.10 -31.21 76.85
CA GLN NA 532 198.26 -32.29 76.29
C GLN NA 532 198.58 -32.61 74.82
N ASN NA 533 198.87 -31.61 73.98
CA ASN NA 533 199.30 -31.83 72.60
C ASN NA 533 200.60 -32.63 72.52
N LEU NA 534 201.60 -32.26 73.34
CA LEU NA 534 202.89 -32.97 73.37
C LEU NA 534 202.72 -34.44 73.78
N LEU NA 535 201.95 -34.75 74.82
CA LEU NA 535 201.69 -36.14 75.22
C LEU NA 535 201.02 -36.97 74.11
N GLU NA 536 200.12 -36.38 73.32
CA GLU NA 536 199.56 -37.03 72.14
C GLU NA 536 200.61 -37.33 71.05
N ARG NA 537 201.50 -36.39 70.72
CA ARG NA 537 202.62 -36.66 69.80
C ARG NA 537 203.53 -37.78 70.32
N LEU NA 538 203.83 -37.80 71.61
CA LEU NA 538 204.66 -38.84 72.23
C LEU NA 538 203.95 -40.21 72.23
N SER NA 539 202.62 -40.26 72.31
CA SER NA 539 201.84 -41.49 72.13
C SER NA 539 202.02 -42.09 70.74
N ARG NA 540 202.01 -41.28 69.67
CA ARG NA 540 202.33 -41.73 68.29
C ARG NA 540 203.76 -42.24 68.12
N LEU NA 541 204.70 -41.85 68.98
CA LEU NA 541 206.07 -42.40 69.02
C LEU NA 541 206.21 -43.66 69.91
N GLY NA 542 205.13 -44.14 70.51
CA GLY NA 542 205.14 -45.32 71.38
C GLY NA 542 205.55 -45.09 72.85
N ILE NA 543 205.49 -43.84 73.32
CA ILE NA 543 205.89 -43.42 74.68
C ILE NA 543 204.64 -43.05 75.51
N ASP NA 544 204.44 -43.62 76.69
CA ASP NA 544 203.30 -43.28 77.58
C ASP NA 544 203.55 -42.06 78.49
N ALA NA 545 202.54 -41.66 79.29
CA ALA NA 545 202.58 -40.51 80.18
C ALA NA 545 203.61 -40.58 81.32
N GLU NA 546 204.14 -41.75 81.66
CA GLU NA 546 205.23 -41.96 82.63
C GLU NA 546 206.57 -42.27 81.94
N GLY NA 547 206.63 -42.16 80.61
CA GLY NA 547 207.82 -42.34 79.80
C GLY NA 547 208.20 -43.79 79.47
N LYS NA 548 207.32 -44.77 79.69
CA LYS NA 548 207.57 -46.18 79.29
C LYS NA 548 207.40 -46.36 77.78
N LEU NA 549 208.29 -47.14 77.16
CA LEU NA 549 208.20 -47.52 75.75
C LEU NA 549 207.34 -48.78 75.54
N GLU NA 550 206.56 -48.80 74.47
CA GLU NA 550 205.95 -50.05 73.96
C GLU NA 550 206.95 -50.92 73.15
N LYS NA 551 208.10 -50.37 72.75
CA LYS NA 551 209.22 -51.08 72.10
C LYS NA 551 210.57 -50.44 72.45
N GLU NA 552 211.39 -51.15 73.21
CA GLU NA 552 212.72 -50.67 73.65
C GLU NA 552 213.77 -50.69 72.50
N PRO NA 553 214.76 -49.79 72.50
CA PRO NA 553 215.72 -49.66 71.40
C PRO NA 553 216.65 -50.88 71.26
N HIS NA 554 216.80 -51.37 70.04
CA HIS NA 554 217.57 -52.57 69.68
C HIS NA 554 219.10 -52.42 69.71
N GLY NA 555 219.64 -51.20 69.51
CA GLY NA 555 221.06 -50.97 69.23
C GLY NA 555 221.34 -49.50 68.90
N PRO NA 556 222.56 -49.14 68.48
CA PRO NA 556 222.96 -47.74 68.20
C PRO NA 556 222.03 -46.98 67.25
N ARG NA 557 221.65 -47.56 66.10
CA ARG NA 557 220.72 -46.91 65.15
C ARG NA 557 219.38 -46.61 65.79
N ASP NA 558 218.82 -47.59 66.48
CA ASP NA 558 217.51 -47.47 67.13
C ASP NA 558 217.52 -46.46 68.29
N PHE NA 559 218.63 -46.37 69.03
CA PHE NA 559 218.81 -45.39 70.09
C PHE NA 559 218.89 -43.96 69.53
N VAL NA 560 219.63 -43.72 68.45
CA VAL NA 560 219.66 -42.40 67.79
C VAL NA 560 218.28 -42.06 67.19
N LYS NA 561 217.66 -43.00 66.48
CA LYS NA 561 216.33 -42.84 65.88
C LYS NA 561 215.27 -42.46 66.92
N MET NA 562 215.24 -43.14 68.06
CA MET NA 562 214.34 -42.82 69.19
C MET NA 562 214.42 -41.36 69.61
N PHE NA 563 215.62 -40.80 69.81
CA PHE NA 563 215.77 -39.39 70.21
C PHE NA 563 215.46 -38.40 69.09
N LYS NA 564 215.93 -38.64 67.85
CA LYS NA 564 215.69 -37.70 66.74
C LYS NA 564 214.21 -37.52 66.44
N ASP NA 565 213.40 -38.57 66.60
CA ASP NA 565 211.94 -38.46 66.51
C ASP NA 565 211.31 -37.60 67.62
N VAL NA 566 211.73 -37.73 68.87
CA VAL NA 566 211.23 -36.87 69.97
C VAL NA 566 211.63 -35.41 69.77
N ASP NA 567 212.88 -35.14 69.38
CA ASP NA 567 213.33 -33.78 69.08
C ASP NA 567 212.50 -33.14 67.96
N ALA NA 568 212.28 -33.84 66.84
CA ALA NA 568 211.43 -33.35 65.75
C ALA NA 568 209.97 -33.13 66.20
N ALA NA 569 209.41 -34.00 67.03
CA ALA NA 569 208.06 -33.84 67.56
C ALA NA 569 207.90 -32.62 68.48
N VAL NA 570 208.89 -32.33 69.34
CA VAL NA 570 208.87 -31.12 70.19
C VAL NA 570 209.04 -29.86 69.33
N ASP NA 571 209.96 -29.89 68.36
CA ASP NA 571 210.25 -28.73 67.52
C ASP NA 571 209.07 -28.37 66.60
N ALA NA 572 208.29 -29.34 66.12
CA ALA NA 572 207.01 -29.09 65.45
C ALA NA 572 205.99 -28.38 66.35
N GLU NA 573 205.83 -28.78 67.60
CA GLU NA 573 204.86 -28.17 68.51
C GLU NA 573 205.24 -26.73 68.92
N VAL NA 574 206.54 -26.41 69.04
CA VAL NA 574 206.99 -25.03 69.32
C VAL NA 574 206.56 -24.07 68.20
N VAL NA 575 206.67 -24.48 66.94
CA VAL NA 575 206.24 -23.68 65.78
C VAL NA 575 204.74 -23.38 65.85
N GLN NA 576 203.89 -24.41 65.98
CA GLN NA 576 202.43 -24.20 66.06
C GLN NA 576 202.04 -23.32 67.26
N PHE NA 577 202.72 -23.45 68.39
CA PHE NA 577 202.49 -22.59 69.54
C PHE NA 577 202.90 -21.13 69.28
N MET NA 578 204.11 -20.86 68.77
CA MET NA 578 204.56 -19.49 68.48
C MET NA 578 203.70 -18.81 67.39
N ASN NA 579 203.18 -19.55 66.40
CA ASN NA 579 202.19 -19.04 65.46
C ASN NA 579 200.90 -18.58 66.15
N SER NA 580 200.39 -19.34 67.13
CA SER NA 580 199.22 -18.95 67.91
C SER NA 580 199.46 -17.65 68.69
N MET NA 581 200.61 -17.50 69.36
CA MET NA 581 200.90 -16.29 70.13
C MET NA 581 201.01 -15.04 69.23
N ALA NA 582 201.60 -15.19 68.05
CA ALA NA 582 201.77 -14.10 67.08
C ALA NA 582 200.44 -13.60 66.50
N LYS NA 583 199.60 -14.48 65.96
CA LYS NA 583 198.37 -14.07 65.26
C LYS NA 583 197.31 -13.45 66.17
N ASN NA 584 197.35 -13.77 67.47
CA ASN NA 584 196.47 -13.20 68.50
C ASN NA 584 197.06 -11.97 69.22
N ASN NA 585 198.26 -11.49 68.85
CA ASN NA 585 198.95 -10.37 69.53
C ASN NA 585 199.13 -10.56 71.06
N ILE NA 586 199.32 -11.80 71.54
CA ILE NA 586 199.45 -12.08 72.97
C ILE NA 586 200.86 -11.69 73.44
N THR NA 587 200.98 -10.93 74.53
CA THR NA 587 202.26 -10.44 75.07
C THR NA 587 203.00 -11.48 75.95
N TYR NA 588 203.22 -12.68 75.39
CA TYR NA 588 203.77 -13.84 76.11
C TYR NA 588 205.16 -13.56 76.74
N LYS NA 589 205.96 -12.73 76.05
CA LYS NA 589 207.28 -12.23 76.44
C LYS NA 589 207.29 -11.44 77.76
N ASP NA 590 206.18 -10.82 78.16
CA ASP NA 590 206.01 -10.23 79.49
C ASP NA 590 205.26 -11.15 80.46
N LEU NA 591 204.34 -11.99 80.00
CA LEU NA 591 203.64 -12.95 80.87
C LEU NA 591 204.57 -13.99 81.51
N VAL NA 592 205.69 -14.38 80.87
CA VAL NA 592 206.73 -15.21 81.49
C VAL NA 592 207.32 -14.58 82.75
N LYS NA 593 207.60 -13.27 82.76
CA LYS NA 593 208.23 -12.58 83.90
C LYS NA 593 207.44 -12.71 85.20
N SER NA 594 206.11 -12.71 85.12
CA SER NA 594 205.22 -12.74 86.27
C SER NA 594 204.61 -14.12 86.59
N CYS NA 595 205.09 -15.24 86.02
CA CYS NA 595 204.52 -16.55 86.33
C CYS NA 595 205.01 -17.14 87.68
N TYR NA 596 204.13 -17.89 88.35
CA TYR NA 596 204.37 -18.55 89.65
C TYR NA 596 204.02 -20.04 89.57
N HIS NA 597 204.73 -20.89 90.30
CA HIS NA 597 204.17 -22.18 90.70
C HIS NA 597 203.06 -21.98 91.73
N VAL NA 598 201.98 -22.75 91.65
CA VAL NA 598 200.86 -22.67 92.59
C VAL NA 598 200.50 -24.06 93.12
N MET NA 599 200.35 -24.17 94.44
CA MET NA 599 199.79 -25.35 95.10
C MET NA 599 198.59 -24.96 95.96
N GLN NA 600 197.54 -25.77 95.97
CA GLN NA 600 196.37 -25.57 96.80
C GLN NA 600 196.45 -26.47 98.04
N TYR NA 601 196.36 -25.89 99.23
CA TYR NA 601 196.16 -26.61 100.50
C TYR NA 601 194.65 -26.64 100.82
N SER NA 602 194.06 -27.83 100.91
CA SER NA 602 192.61 -28.00 101.09
C SER NA 602 192.14 -27.62 102.50
N CYS NA 603 190.96 -27.01 102.63
CA CYS NA 603 190.34 -26.70 103.92
C CYS NA 603 189.19 -27.63 104.32
N ASN NA 604 188.97 -28.74 103.60
CA ASN NA 604 187.99 -29.75 103.99
C ASN NA 604 188.61 -30.74 105.02
N PRO NA 605 188.07 -30.88 106.24
CA PRO NA 605 188.59 -31.85 107.22
C PRO NA 605 188.41 -33.31 106.78
N PHE NA 606 187.43 -33.63 105.94
CA PHE NA 606 187.19 -35.00 105.46
C PHE NA 606 188.12 -35.41 104.30
N ALA NA 607 188.81 -34.47 103.65
CA ALA NA 607 189.82 -34.73 102.62
C ALA NA 607 191.16 -35.23 103.17
N GLN NA 608 191.44 -35.07 104.46
CA GLN NA 608 192.70 -35.48 105.11
C GLN NA 608 192.85 -37.00 105.14
N PRO NA 609 194.06 -37.57 105.22
CA PRO NA 609 194.25 -39.03 105.32
C PRO NA 609 193.65 -39.61 106.61
N ALA NA 610 193.18 -40.86 106.58
CA ALA NA 610 192.50 -41.53 107.68
C ALA NA 610 193.42 -41.94 108.84
N CYS NA 611 193.97 -40.95 109.53
CA CYS NA 611 194.80 -41.04 110.73
C CYS NA 611 194.38 -39.94 111.73
N PRO NA 612 194.19 -40.27 113.02
CA PRO NA 612 193.92 -39.27 114.06
C PRO NA 612 195.02 -38.23 114.30
N ILE NA 613 196.30 -38.45 113.94
CA ILE NA 613 197.35 -37.42 114.02
C ILE NA 613 197.10 -36.29 113.01
N PHE NA 614 196.60 -36.62 111.82
CA PHE NA 614 196.26 -35.60 110.82
C PHE NA 614 195.09 -34.70 111.23
N THR NA 615 194.20 -35.12 112.15
CA THR NA 615 193.23 -34.21 112.79
C THR NA 615 193.94 -33.07 113.51
N GLN NA 616 194.91 -33.36 114.38
CA GLN NA 616 195.70 -32.35 115.09
C GLN NA 616 196.57 -31.50 114.15
N LEU NA 617 197.27 -32.09 113.19
CA LEU NA 617 198.08 -31.34 112.23
C LEU NA 617 197.24 -30.38 111.37
N PHE NA 618 196.04 -30.79 110.92
CA PHE NA 618 195.15 -29.91 110.16
C PHE NA 618 194.61 -28.74 110.99
N TYR NA 619 194.02 -29.00 112.16
CA TYR NA 619 193.45 -27.97 113.05
C TYR NA 619 194.52 -26.94 113.48
N ARG NA 620 195.72 -27.38 113.84
CA ARG NA 620 196.82 -26.49 114.26
C ARG NA 620 197.43 -25.71 113.10
N SER NA 621 197.48 -26.27 111.90
CA SER NA 621 197.86 -25.52 110.69
C SER NA 621 196.86 -24.40 110.40
N LEU NA 622 195.56 -24.67 110.46
CA LEU NA 622 194.50 -23.67 110.24
C LEU NA 622 194.54 -22.54 111.29
N LEU NA 623 194.60 -22.84 112.58
CA LEU NA 623 194.68 -21.82 113.64
C LEU NA 623 195.91 -20.92 113.48
N THR NA 624 197.05 -21.48 113.09
CA THR NA 624 198.29 -20.73 112.86
C THR NA 624 198.19 -19.78 111.66
N ILE NA 625 197.61 -20.24 110.56
CA ILE NA 625 197.44 -19.43 109.35
C ILE NA 625 196.48 -18.26 109.60
N LEU NA 626 195.39 -18.46 110.34
CA LEU NA 626 194.48 -17.37 110.70
C LEU NA 626 195.12 -16.33 111.60
N GLN NA 627 195.98 -16.72 112.54
CA GLN NA 627 196.76 -15.76 113.33
C GLN NA 627 197.71 -14.94 112.45
N ASP NA 628 198.50 -15.57 111.60
CA ASP NA 628 199.49 -14.91 110.74
C ASP NA 628 198.85 -13.91 109.74
N ILE NA 629 197.70 -14.25 109.16
CA ILE NA 629 196.91 -13.33 108.32
C ILE NA 629 196.39 -12.13 109.11
N SER NA 630 195.99 -12.30 110.37
CA SER NA 630 195.39 -11.22 111.17
C SER NA 630 196.36 -10.14 111.65
N LEU NA 631 197.68 -10.40 111.71
CA LEU NA 631 198.64 -9.50 112.37
C LEU NA 631 198.62 -8.05 111.84
N PRO NA 632 198.73 -7.76 110.52
CA PRO NA 632 198.74 -6.37 110.04
C PRO NA 632 197.38 -5.68 110.15
N ILE NA 633 196.27 -6.43 110.09
CA ILE NA 633 194.91 -5.92 110.28
C ILE NA 633 194.76 -5.36 111.71
N CYS NA 634 195.24 -6.08 112.72
CA CYS NA 634 195.27 -5.65 114.11
C CYS NA 634 196.20 -4.45 114.34
N MET NA 635 197.40 -4.47 113.76
CA MET NA 635 198.37 -3.37 113.84
C MET NA 635 197.81 -2.06 113.30
N CYS NA 636 197.19 -2.05 112.12
CA CYS NA 636 196.63 -0.83 111.54
C CYS NA 636 195.47 -0.27 112.39
N TYR NA 637 194.59 -1.14 112.89
CA TYR NA 637 193.51 -0.72 113.77
C TYR NA 637 194.04 -0.13 115.09
N GLU NA 638 195.05 -0.75 115.71
CA GLU NA 638 195.63 -0.25 116.95
C GLU NA 638 196.44 1.05 116.75
N ASN NA 639 197.14 1.23 115.63
CA ASN NA 639 197.78 2.50 115.28
C ASN NA 639 196.77 3.67 115.27
N ASP NA 640 195.52 3.44 114.86
CA ASP NA 640 194.43 4.42 114.85
C ASP NA 640 193.68 4.53 116.19
N ASN NA 641 193.74 3.50 117.04
CA ASN NA 641 193.00 3.36 118.29
C ASN NA 641 193.94 2.86 119.40
N PRO NA 642 194.93 3.67 119.84
CA PRO NA 642 196.06 3.21 120.63
C PRO NA 642 195.69 2.64 122.00
N GLY NA 643 196.56 1.78 122.53
CA GLY NA 643 196.37 1.11 123.81
C GLY NA 643 196.38 2.04 125.03
N LEU NA 644 197.18 3.11 125.02
CA LEU NA 644 197.23 4.15 126.07
C LEU NA 644 197.36 3.58 127.51
N GLY NA 645 198.13 2.51 127.67
CA GLY NA 645 198.36 1.81 128.94
C GLY NA 645 197.25 0.87 129.40
N GLN NA 646 196.15 0.71 128.65
CA GLN NA 646 195.13 -0.30 128.92
C GLN NA 646 195.71 -1.73 128.77
N SER NA 647 195.24 -2.67 129.59
CA SER NA 647 195.47 -4.10 129.35
C SER NA 647 194.64 -4.59 128.15
N PRO NA 648 195.07 -5.64 127.42
CA PRO NA 648 194.33 -6.11 126.25
C PRO NA 648 192.84 -6.46 126.51
N PRO NA 649 192.43 -7.11 127.61
CA PRO NA 649 191.01 -7.36 127.88
C PRO NA 649 190.16 -6.09 128.02
N GLU NA 650 190.69 -5.01 128.60
CA GLU NA 650 190.03 -3.71 128.66
C GLU NA 650 189.89 -3.07 127.27
N TRP NA 651 190.96 -3.08 126.47
CA TRP NA 651 190.96 -2.53 125.11
C TRP NA 651 190.01 -3.29 124.16
N LEU NA 652 189.99 -4.62 124.24
CA LEU NA 652 189.12 -5.48 123.43
C LEU NA 652 187.63 -5.29 123.75
N LYS NA 653 187.28 -4.96 124.99
CA LYS NA 653 185.88 -4.74 125.42
C LYS NA 653 185.17 -3.68 124.57
N GLY NA 654 185.84 -2.57 124.26
CA GLY NA 654 185.34 -1.55 123.33
C GLY NA 654 185.51 -1.89 121.85
N HIS NA 655 186.65 -2.44 121.44
CA HIS NA 655 187.04 -2.49 120.02
C HIS NA 655 186.74 -3.79 119.25
N TYR NA 656 186.52 -4.92 119.92
CA TYR NA 656 186.56 -6.23 119.23
C TYR NA 656 185.47 -6.45 118.17
N GLN NA 657 184.24 -5.99 118.42
CA GLN NA 657 183.14 -6.13 117.46
C GLN NA 657 183.45 -5.46 116.11
N THR NA 658 184.14 -4.32 116.12
CA THR NA 658 184.61 -3.64 114.90
C THR NA 658 185.74 -4.42 114.23
N LEU NA 659 186.71 -4.90 115.01
CA LEU NA 659 187.85 -5.68 114.50
C LEU NA 659 187.43 -7.01 113.82
N CYS NA 660 186.38 -7.71 114.28
CA CYS NA 660 185.80 -8.86 113.57
C CYS NA 660 185.39 -8.54 112.13
N THR NA 661 184.76 -7.37 111.92
CA THR NA 661 184.23 -6.95 110.62
C THR NA 661 185.34 -6.50 109.68
N ASN NA 662 186.36 -5.80 110.20
CA ASN NA 662 187.59 -5.55 109.45
C ASN NA 662 188.24 -6.85 108.99
N PHE NA 663 188.40 -7.84 109.87
CA PHE NA 663 189.01 -9.12 109.50
C PHE NA 663 188.25 -9.82 108.36
N ARG NA 664 186.93 -9.99 108.48
CA ARG NA 664 186.08 -10.61 107.44
C ARG NA 664 186.21 -9.93 106.08
N SER NA 665 186.43 -8.61 106.05
CA SER NA 665 186.57 -7.81 104.83
C SER NA 665 187.98 -7.84 104.22
N LEU NA 666 189.03 -8.03 105.04
CA LEU NA 666 190.43 -7.87 104.64
C LEU NA 666 191.26 -9.17 104.62
N ALA NA 667 190.78 -10.26 105.22
CA ALA NA 667 191.47 -11.55 105.23
C ALA NA 667 191.11 -12.47 104.06
N ILE NA 668 189.89 -12.39 103.54
CA ILE NA 668 189.32 -13.36 102.59
C ILE NA 668 189.30 -12.78 101.17
N ASP NA 669 189.65 -13.58 100.17
CA ASP NA 669 189.84 -13.18 98.76
C ASP NA 669 190.96 -12.15 98.51
N LYS NA 670 191.93 -12.01 99.42
CA LYS NA 670 193.06 -11.07 99.32
C LYS NA 670 194.42 -11.72 99.03
N GLY NA 671 194.45 -13.00 98.67
CA GLY NA 671 195.57 -13.68 98.05
C GLY NA 671 196.08 -14.95 98.75
N VAL NA 672 195.54 -15.32 99.92
CA VAL NA 672 195.91 -16.56 100.62
C VAL NA 672 194.69 -17.44 100.86
N LEU NA 673 193.69 -16.95 101.57
CA LEU NA 673 192.52 -17.71 102.01
C LEU NA 673 191.30 -17.37 101.14
N THR NA 674 190.58 -18.39 100.69
CA THR NA 674 189.28 -18.21 100.03
C THR NA 674 188.18 -18.94 100.80
N ALA NA 675 187.04 -18.28 100.92
CA ALA NA 675 185.84 -18.80 101.58
C ALA NA 675 184.59 -18.15 100.97
N LYS NA 676 183.46 -18.84 100.98
CA LYS NA 676 182.19 -18.39 100.43
C LYS NA 676 181.17 -18.25 101.56
N GLU NA 677 180.57 -17.08 101.73
CA GLU NA 677 179.40 -16.93 102.60
C GLU NA 677 178.12 -17.45 101.93
N ALA NA 678 177.23 -18.03 102.72
CA ALA NA 678 175.96 -18.58 102.27
C ALA NA 678 174.86 -18.44 103.33
N LYS NA 679 173.61 -18.33 102.89
CA LYS NA 679 172.41 -18.45 103.74
C LYS NA 679 171.87 -19.87 103.70
N VAL NA 680 171.52 -20.43 104.84
CA VAL NA 680 170.94 -21.77 104.98
C VAL NA 680 169.45 -21.64 105.22
N VAL NA 681 168.64 -22.35 104.43
CA VAL NA 681 167.17 -22.35 104.54
C VAL NA 681 166.62 -23.77 104.56
N HIS NA 682 165.54 -23.98 105.32
CA HIS NA 682 164.76 -25.22 105.30
C HIS NA 682 163.41 -25.00 104.58
N GLY NA 683 163.06 -25.87 103.65
CA GLY NA 683 161.91 -25.67 102.76
C GLY NA 683 160.56 -25.88 103.44
N GLU NA 684 160.36 -27.00 104.13
CA GLU NA 684 159.10 -27.32 104.81
C GLU NA 684 158.90 -26.55 106.14
N PRO NA 685 157.66 -26.19 106.52
CA PRO NA 685 157.36 -25.54 107.79
C PRO NA 685 157.30 -26.52 108.98
N THR NA 686 157.14 -27.82 108.70
CA THR NA 686 157.13 -28.94 109.66
C THR NA 686 157.98 -30.08 109.09
N CYS NA 687 158.46 -31.03 109.90
CA CYS NA 687 159.12 -32.24 109.36
C CYS NA 687 158.83 -33.51 110.17
N ASP NA 688 158.95 -34.67 109.54
CA ASP NA 688 158.66 -35.98 110.15
C ASP NA 688 159.75 -36.36 111.16
N LEU NA 689 159.42 -36.34 112.45
CA LEU NA 689 160.37 -36.60 113.54
C LEU NA 689 159.71 -37.47 114.63
N PRO NA 690 160.49 -38.20 115.45
CA PRO NA 690 159.95 -39.01 116.53
C PRO NA 690 159.44 -38.14 117.68
N ASP NA 691 158.38 -38.58 118.36
CA ASP NA 691 157.86 -37.90 119.53
C ASP NA 691 158.80 -38.12 120.73
N LEU NA 692 159.68 -37.15 121.01
CA LEU NA 692 160.77 -37.31 121.96
C LEU NA 692 160.28 -37.47 123.42
N ASP NA 693 159.11 -36.93 123.76
CA ASP NA 693 158.48 -37.15 125.06
C ASP NA 693 158.01 -38.59 125.23
N ALA NA 694 157.36 -39.19 124.22
CA ALA NA 694 157.03 -40.61 124.23
C ALA NA 694 158.29 -41.52 124.19
N ALA NA 695 159.31 -41.15 123.41
CA ALA NA 695 160.53 -41.93 123.26
C ALA NA 695 161.35 -41.98 124.56
N LEU NA 696 161.38 -40.90 125.34
CA LEU NA 696 161.96 -40.88 126.69
C LEU NA 696 161.26 -41.87 127.63
N GLN NA 697 159.96 -42.10 127.46
CA GLN NA 697 159.19 -43.12 128.19
C GLN NA 697 159.08 -44.48 127.47
N GLY NA 698 159.88 -44.71 126.41
CA GLY NA 698 159.98 -46.00 125.72
C GLY NA 698 158.96 -46.29 124.62
N ARG NA 699 158.07 -45.35 124.28
CA ARG NA 699 157.04 -45.47 123.24
C ARG NA 699 157.47 -44.76 121.96
N VAL NA 700 157.37 -45.42 120.80
CA VAL NA 700 157.90 -44.92 119.52
C VAL NA 700 156.77 -44.62 118.53
N TYR NA 701 156.59 -43.35 118.17
CA TYR NA 701 155.72 -42.93 117.05
C TYR NA 701 156.10 -41.52 116.54
N GLY NA 702 155.65 -41.20 115.33
CA GLY NA 702 156.01 -39.97 114.61
C GLY NA 702 155.10 -38.77 114.89
N ARG NA 703 155.64 -37.57 114.68
CA ARG NA 703 154.96 -36.27 114.77
C ARG NA 703 155.50 -35.33 113.68
N ARG NA 704 154.66 -34.46 113.11
CA ARG NA 704 155.13 -33.37 112.22
C ARG NA 704 155.34 -32.08 113.01
N LEU NA 705 156.51 -32.00 113.66
CA LEU NA 705 156.92 -30.87 114.50
C LEU NA 705 157.20 -29.61 113.65
N PRO NA 706 156.63 -28.44 113.99
CA PRO NA 706 157.03 -27.16 113.42
C PRO NA 706 158.51 -26.84 113.68
N VAL NA 707 159.24 -26.37 112.66
CA VAL NA 707 160.69 -26.15 112.75
C VAL NA 707 161.16 -24.85 112.09
N ARG NA 708 162.22 -24.24 112.65
CA ARG NA 708 162.94 -23.10 112.07
C ARG NA 708 164.44 -23.10 112.40
N MET NA 709 165.26 -22.42 111.59
CA MET NA 709 166.70 -22.35 111.80
C MET NA 709 167.07 -21.44 112.98
N SER NA 710 167.98 -21.89 113.85
CA SER NA 710 168.56 -21.05 114.93
C SER NA 710 169.74 -20.19 114.47
N LYS NA 711 170.38 -20.54 113.35
CA LYS NA 711 171.41 -19.75 112.65
C LYS NA 711 171.23 -19.84 111.14
N VAL NA 712 171.41 -18.73 110.42
CA VAL NA 712 171.17 -18.66 108.97
C VAL NA 712 172.47 -18.48 108.18
N LEU NA 713 173.44 -17.71 108.67
CA LEU NA 713 174.72 -17.51 107.98
C LEU NA 713 175.69 -18.67 108.20
N MET NA 714 176.37 -19.09 107.11
CA MET NA 714 177.42 -20.11 107.08
C MET NA 714 178.62 -19.62 106.28
N LEU NA 715 179.85 -19.91 106.74
CA LEU NA 715 181.09 -19.52 106.09
C LEU NA 715 181.84 -20.77 105.61
N CYS NA 716 181.64 -21.14 104.36
CA CYS NA 716 182.23 -22.34 103.75
C CYS NA 716 183.68 -22.09 103.34
N PRO NA 717 184.70 -22.73 103.95
CA PRO NA 717 186.08 -22.56 103.55
C PRO NA 717 186.37 -23.31 102.25
N ARG NA 718 187.32 -22.83 101.44
CA ARG NA 718 187.69 -23.47 100.16
C ARG NA 718 189.15 -23.94 100.13
N ASN NA 719 190.11 -23.05 99.88
CA ASN NA 719 191.53 -23.39 99.86
C ASN NA 719 192.40 -22.32 100.52
N ILE NA 720 193.60 -22.72 100.93
CA ILE NA 720 194.76 -21.86 101.19
C ILE NA 720 195.73 -22.01 100.02
N LYS NA 721 196.22 -20.91 99.45
CA LYS NA 721 197.03 -20.91 98.22
C LYS NA 721 198.50 -20.64 98.51
N ILE NA 722 199.40 -21.51 98.03
CA ILE NA 722 200.85 -21.39 98.20
C ILE NA 722 201.47 -21.02 96.84
N LYS NA 723 202.37 -20.03 96.81
CA LYS NA 723 202.97 -19.46 95.59
C LYS NA 723 204.49 -19.51 95.63
N ASN NA 724 205.14 -19.71 94.49
CA ASN NA 724 206.59 -19.61 94.34
C ASN NA 724 206.99 -18.98 92.99
N ARG NA 725 207.74 -17.88 92.99
CA ARG NA 725 208.16 -17.16 91.77
C ARG NA 725 209.11 -17.99 90.91
N VAL NA 726 208.86 -18.03 89.60
CA VAL NA 726 209.62 -18.85 88.64
C VAL NA 726 210.89 -18.16 88.12
N VAL NA 727 210.79 -16.91 87.68
CA VAL NA 727 211.87 -16.19 86.97
C VAL NA 727 212.51 -15.13 87.85
N PHE NA 728 213.82 -15.23 88.02
CA PHE NA 728 214.68 -14.15 88.49
C PHE NA 728 215.01 -13.20 87.33
N THR NA 729 214.70 -11.91 87.46
CA THR NA 729 214.82 -10.91 86.38
C THR NA 729 216.16 -10.15 86.36
N GLY NA 730 217.10 -10.48 87.24
CA GLY NA 730 218.41 -9.80 87.31
C GLY NA 730 218.40 -8.42 87.98
N GLU NA 731 217.24 -7.91 88.41
CA GLU NA 731 217.09 -6.54 88.95
C GLU NA 731 217.76 -6.35 90.31
N ASN NA 732 217.60 -7.31 91.23
CA ASN NA 732 218.23 -7.25 92.55
C ASN NA 732 219.70 -7.70 92.46
N ALA NA 733 220.63 -6.75 92.37
CA ALA NA 733 222.04 -6.99 92.07
C ALA NA 733 222.81 -7.82 93.11
N ALA NA 734 222.29 -7.96 94.34
CA ALA NA 734 222.87 -8.79 95.38
C ALA NA 734 222.66 -10.30 95.14
N LEU NA 735 221.65 -10.70 94.35
CA LEU NA 735 221.24 -12.10 94.18
C LEU NA 735 221.90 -12.82 92.99
N GLN NA 736 222.40 -12.07 91.99
CA GLN NA 736 222.72 -12.61 90.66
C GLN NA 736 223.64 -13.84 90.69
N ASN NA 737 224.61 -13.89 91.60
CA ASN NA 737 225.62 -14.96 91.68
C ASN NA 737 225.02 -16.36 91.94
N SER NA 738 223.81 -16.44 92.52
CA SER NA 738 223.11 -17.71 92.71
C SER NA 738 222.38 -18.19 91.43
N PHE NA 739 221.99 -17.29 90.54
CA PHE NA 739 221.18 -17.60 89.34
C PHE NA 739 221.95 -17.61 88.01
N ILE NA 740 223.14 -17.02 87.93
CA ILE NA 740 223.81 -16.74 86.64
C ILE NA 740 224.18 -18.01 85.84
N LYS NA 741 223.82 -18.02 84.56
CA LYS NA 741 224.15 -19.09 83.59
C LYS NA 741 225.56 -18.91 83.04
N SER NA 742 226.43 -19.90 83.27
CA SER NA 742 227.74 -19.99 82.62
C SER NA 742 227.64 -20.53 81.17
N THR NA 743 228.59 -20.19 80.31
CA THR NA 743 228.61 -20.59 78.87
C THR NA 743 229.90 -21.33 78.46
N THR NA 744 230.95 -21.37 79.29
CA THR NA 744 232.24 -22.00 78.94
C THR NA 744 232.17 -23.54 78.88
N ARG NA 745 232.98 -24.13 77.98
CA ARG NA 745 233.00 -25.56 77.64
C ARG NA 745 233.66 -26.41 78.73
N ARG NA 746 232.87 -27.13 79.52
CA ARG NA 746 233.32 -28.01 80.62
C ARG NA 746 233.66 -29.42 80.12
N GLU NA 747 234.45 -30.16 80.90
CA GLU NA 747 234.75 -31.58 80.62
C GLU NA 747 233.61 -32.54 81.03
N ASN NA 748 232.75 -32.17 81.97
CA ASN NA 748 231.62 -33.01 82.43
C ASN NA 748 230.37 -32.98 81.52
N TYR NA 749 230.45 -32.35 80.35
CA TYR NA 749 229.29 -31.98 79.53
C TYR NA 749 228.45 -33.18 79.06
N ILE NA 750 229.04 -34.37 78.86
CA ILE NA 750 228.28 -35.58 78.54
C ILE NA 750 227.69 -36.18 79.81
N ILE NA 751 228.50 -36.45 80.84
CA ILE NA 751 228.05 -37.16 82.05
C ILE NA 751 227.08 -36.35 82.93
N ASN NA 752 227.13 -35.01 82.89
CA ASN NA 752 226.12 -34.11 83.45
C ASN NA 752 225.15 -33.56 82.37
N GLY NA 753 225.16 -34.16 81.18
CA GLY NA 753 224.33 -33.76 80.05
C GLY NA 753 222.98 -34.48 79.98
N PRO NA 754 222.21 -34.25 78.90
CA PRO NA 754 220.83 -34.72 78.79
C PRO NA 754 220.69 -36.24 78.54
N TYR NA 755 221.74 -36.98 78.21
CA TYR NA 755 221.66 -38.38 77.79
C TYR NA 755 222.18 -39.42 78.77
N MET NA 756 222.94 -39.04 79.80
CA MET NA 756 223.67 -40.00 80.64
C MET NA 756 222.80 -41.07 81.31
N LYS NA 757 221.62 -40.70 81.82
CA LYS NA 757 220.69 -41.67 82.42
C LYS NA 757 220.18 -42.71 81.42
N PHE NA 758 219.90 -42.34 80.18
CA PHE NA 758 219.53 -43.28 79.11
C PHE NA 758 220.71 -44.13 78.64
N LEU NA 759 221.89 -43.53 78.48
CA LEU NA 759 223.12 -44.25 78.15
C LEU NA 759 223.46 -45.32 79.19
N ASN NA 760 223.08 -45.10 80.46
CA ASN NA 760 223.18 -46.10 81.50
C ASN NA 760 222.06 -47.15 81.45
N THR NA 761 220.79 -46.75 81.34
CA THR NA 761 219.64 -47.69 81.26
C THR NA 761 219.78 -48.69 80.10
N TYR NA 762 220.36 -48.27 78.98
CA TYR NA 762 220.54 -49.08 77.77
C TYR NA 762 221.97 -49.59 77.55
N HIS NA 763 222.86 -49.49 78.55
CA HIS NA 763 224.27 -49.85 78.41
C HIS NA 763 224.50 -51.27 77.89
N LYS NA 764 223.81 -52.27 78.45
CA LYS NA 764 223.94 -53.68 78.05
C LYS NA 764 223.44 -53.97 76.62
N THR NA 765 222.54 -53.16 76.05
CA THR NA 765 222.15 -53.25 74.63
C THR NA 765 223.07 -52.46 73.70
N LEU NA 766 223.63 -51.31 74.12
CA LEU NA 766 224.62 -50.56 73.34
C LEU NA 766 226.00 -51.23 73.28
N PHE NA 767 226.50 -51.79 74.38
CA PHE NA 767 227.84 -52.39 74.45
C PHE NA 767 227.80 -53.79 75.10
N PRO NA 768 227.35 -54.82 74.35
CA PRO NA 768 227.18 -56.19 74.86
C PRO NA 768 228.44 -56.76 75.53
N ASP NA 769 228.28 -57.26 76.76
CA ASP NA 769 229.30 -57.88 77.60
C ASP NA 769 230.60 -57.07 77.85
N THR NA 770 230.57 -55.73 77.77
CA THR NA 770 231.74 -54.92 78.11
C THR NA 770 232.00 -54.86 79.61
N LYS NA 771 233.27 -54.84 80.04
CA LYS NA 771 233.66 -54.73 81.46
C LYS NA 771 233.52 -53.32 82.03
N LEU NA 772 233.56 -52.30 81.16
CA LEU NA 772 233.58 -50.88 81.50
C LEU NA 772 232.27 -50.42 82.19
N SER NA 773 232.36 -49.56 83.20
CA SER NA 773 231.21 -48.79 83.67
C SER NA 773 230.79 -47.76 82.61
N SER NA 774 229.48 -47.50 82.52
CA SER NA 774 228.94 -46.51 81.58
C SER NA 774 229.53 -45.11 81.82
N LEU NA 775 229.72 -44.72 83.07
CA LEU NA 775 230.36 -43.46 83.49
C LEU NA 775 231.79 -43.36 82.98
N TYR NA 776 232.61 -44.40 83.13
CA TYR NA 776 233.98 -44.37 82.62
C TYR NA 776 234.03 -44.38 81.09
N LEU NA 777 233.18 -45.14 80.40
CA LEU NA 777 233.16 -45.20 78.93
C LEU NA 777 232.95 -43.80 78.33
N TRP NA 778 231.95 -43.07 78.80
CA TRP NA 778 231.61 -41.74 78.32
C TRP NA 778 232.52 -40.62 78.85
N HIS NA 779 233.17 -40.79 80.00
CA HIS NA 779 234.21 -39.86 80.46
C HIS NA 779 235.53 -40.03 79.69
N ASN NA 780 235.91 -41.26 79.37
CA ASN NA 780 237.00 -41.59 78.47
C ASN NA 780 236.76 -41.00 77.09
N PHE NA 781 235.56 -41.13 76.54
CA PHE NA 781 235.19 -40.47 75.29
C PHE NA 781 235.29 -38.94 75.38
N SER NA 782 234.77 -38.35 76.47
CA SER NA 782 234.87 -36.92 76.81
C SER NA 782 236.29 -36.36 76.97
N ARG NA 783 237.35 -37.19 77.01
CA ARG NA 783 238.74 -36.74 77.17
C ARG NA 783 239.73 -37.29 76.14
N ARG NA 784 239.47 -38.45 75.54
CA ARG NA 784 240.36 -39.15 74.59
C ARG NA 784 239.76 -39.34 73.19
N ARG NA 785 238.48 -39.02 72.98
CA ARG NA 785 237.77 -39.12 71.70
C ARG NA 785 237.80 -40.54 71.10
N SER NA 786 237.45 -41.57 71.87
CA SER NA 786 237.41 -42.95 71.37
C SER NA 786 236.29 -43.81 72.00
N VAL NA 787 235.82 -44.81 71.26
CA VAL NA 787 234.63 -45.62 71.59
C VAL NA 787 234.87 -47.10 71.21
N PRO NA 788 234.49 -48.08 72.05
CA PRO NA 788 234.72 -49.50 71.76
C PRO NA 788 233.64 -50.08 70.82
N VAL NA 789 234.01 -50.87 69.82
CA VAL NA 789 233.06 -51.51 68.88
C VAL NA 789 232.95 -53.02 69.14
N PRO NA 790 231.78 -53.56 69.51
CA PRO NA 790 231.58 -55.00 69.76
C PRO NA 790 232.03 -55.92 68.61
N SER NA 791 232.39 -57.16 68.92
CA SER NA 791 233.22 -58.04 68.08
C SER NA 791 232.73 -58.23 66.63
N GLY NA 792 231.42 -58.36 66.40
CA GLY NA 792 230.81 -58.45 65.07
C GLY NA 792 230.10 -57.18 64.58
N ALA NA 793 229.99 -56.14 65.42
CA ALA NA 793 229.32 -54.89 65.07
C ALA NA 793 230.14 -53.99 64.13
N SER NA 794 229.50 -53.01 63.48
CA SER NA 794 230.13 -52.15 62.47
C SER NA 794 230.73 -50.88 63.07
N ALA NA 795 231.88 -50.41 62.57
CA ALA NA 795 232.57 -49.25 63.16
C ALA NA 795 231.80 -47.94 63.00
N GLU NA 796 231.25 -47.65 61.83
CA GLU NA 796 230.74 -46.31 61.53
C GLU NA 796 229.44 -46.00 62.28
N GLU NA 797 228.60 -47.00 62.49
CA GLU NA 797 227.43 -47.01 63.37
C GLU NA 797 227.72 -46.49 64.79
N TYR NA 798 228.85 -46.90 65.39
CA TYR NA 798 229.30 -46.38 66.67
C TYR NA 798 229.95 -45.00 66.58
N SER NA 799 230.67 -44.69 65.50
CA SER NA 799 231.15 -43.32 65.29
C SER NA 799 229.99 -42.32 65.18
N ASP NA 800 228.85 -42.72 64.60
CA ASP NA 800 227.65 -41.89 64.55
C ASP NA 800 227.01 -41.68 65.93
N LEU NA 801 226.80 -42.76 66.70
CA LEU NA 801 226.33 -42.69 68.09
C LEU NA 801 227.14 -41.69 68.93
N ALA NA 802 228.47 -41.77 68.83
CA ALA NA 802 229.37 -40.85 69.53
C ALA NA 802 229.15 -39.40 69.12
N LEU NA 803 229.06 -39.10 67.83
CA LEU NA 803 228.80 -37.75 67.34
C LEU NA 803 227.40 -37.23 67.70
N PHE NA 804 226.38 -38.09 67.80
CA PHE NA 804 225.08 -37.69 68.30
C PHE NA 804 225.12 -37.23 69.77
N VAL NA 805 225.76 -38.01 70.64
CA VAL NA 805 225.92 -37.73 72.07
C VAL NA 805 226.72 -36.46 72.28
N ASP NA 806 227.84 -36.29 71.58
CA ASP NA 806 228.67 -35.10 71.63
C ASP NA 806 227.90 -33.84 71.21
N GLY NA 807 227.28 -33.89 70.03
CA GLY NA 807 226.54 -32.76 69.46
C GLY NA 807 225.44 -32.26 70.36
N GLY NA 808 224.53 -33.14 70.78
CA GLY NA 808 223.43 -32.78 71.68
C GLY NA 808 223.90 -32.30 73.05
N SER NA 809 224.97 -32.89 73.59
CA SER NA 809 225.51 -32.47 74.88
C SER NA 809 226.07 -31.04 74.84
N ARG NA 810 226.83 -30.64 73.82
CA ARG NA 810 227.28 -29.25 73.64
C ARG NA 810 226.13 -28.27 73.34
N ALA NA 811 225.13 -28.67 72.56
CA ALA NA 811 223.95 -27.83 72.31
C ALA NA 811 223.14 -27.57 73.59
N HIS NA 812 223.00 -28.58 74.45
CA HIS NA 812 222.38 -28.47 75.77
C HIS NA 812 223.21 -27.58 76.71
N GLU NA 813 224.55 -27.74 76.71
CA GLU NA 813 225.47 -26.93 77.52
C GLU NA 813 225.32 -25.43 77.20
N GLU NA 814 225.24 -25.07 75.91
CA GLU NA 814 224.96 -23.72 75.45
C GLU NA 814 223.56 -23.21 75.85
N SER NA 815 222.50 -23.94 75.52
CA SER NA 815 221.12 -23.43 75.58
C SER NA 815 220.37 -23.60 76.92
N ASN NA 816 220.74 -24.52 77.80
CA ASN NA 816 219.88 -24.93 78.92
C ASN NA 816 219.82 -23.95 80.10
N VAL NA 817 218.61 -23.65 80.59
CA VAL NA 817 218.36 -22.86 81.82
C VAL NA 817 217.49 -23.59 82.88
N ILE NA 818 217.28 -24.89 82.69
CA ILE NA 818 216.51 -25.78 83.57
C ILE NA 818 217.47 -26.81 84.19
N ASP NA 819 217.87 -26.65 85.44
CA ASP NA 819 218.96 -27.42 86.09
C ASP NA 819 218.56 -28.85 86.51
N VAL NA 820 218.23 -29.70 85.54
CA VAL NA 820 217.75 -31.08 85.68
C VAL NA 820 218.48 -32.01 84.70
N VAL NA 821 218.86 -33.20 85.16
CA VAL NA 821 219.26 -34.33 84.29
C VAL NA 821 218.06 -35.27 84.16
N PRO NA 822 217.35 -35.35 83.02
CA PRO NA 822 216.05 -36.01 82.92
C PRO NA 822 216.17 -37.55 82.99
N GLY NA 823 215.29 -38.20 83.76
CA GLY NA 823 215.28 -39.65 83.92
C GLY NA 823 214.45 -40.44 82.90
N ASN NA 824 213.49 -39.81 82.25
CA ASN NA 824 212.56 -40.44 81.29
C ASN NA 824 212.28 -39.53 80.08
N LEU NA 825 211.79 -40.12 78.99
CA LEU NA 825 211.58 -39.39 77.72
C LEU NA 825 210.54 -38.26 77.81
N VAL NA 826 209.54 -38.36 78.67
CA VAL NA 826 208.56 -37.27 78.89
C VAL NA 826 209.20 -36.07 79.57
N THR NA 827 210.05 -36.28 80.58
CA THR NA 827 210.78 -35.18 81.22
C THR NA 827 211.81 -34.59 80.27
N TYR NA 828 212.55 -35.41 79.52
CA TYR NA 828 213.44 -34.96 78.45
C TYR NA 828 212.73 -34.06 77.42
N ALA NA 829 211.58 -34.50 76.91
CA ALA NA 829 210.76 -33.74 75.97
C ALA NA 829 210.28 -32.40 76.56
N LYS NA 830 209.70 -32.41 77.77
CA LYS NA 830 209.23 -31.19 78.46
C LYS NA 830 210.36 -30.21 78.79
N GLN NA 831 211.55 -30.66 79.13
CA GLN NA 831 212.72 -29.77 79.28
C GLN NA 831 213.06 -29.09 77.94
N ARG NA 832 213.12 -29.84 76.82
CA ARG NA 832 213.39 -29.27 75.49
C ARG NA 832 212.37 -28.19 75.10
N LEU NA 833 211.08 -28.44 75.35
CA LEU NA 833 209.99 -27.50 75.08
C LEU NA 833 210.11 -26.19 75.88
N ASN NA 834 210.32 -26.27 77.20
CA ASN NA 834 210.35 -25.07 78.05
C ASN NA 834 211.63 -24.25 77.86
N ASN NA 835 212.78 -24.86 77.56
CA ASN NA 835 213.97 -24.14 77.10
C ASN NA 835 213.70 -23.35 75.80
N ALA NA 836 212.81 -23.81 74.91
CA ALA NA 836 212.47 -23.08 73.70
C ALA NA 836 211.60 -21.84 73.97
N ILE NA 837 210.62 -21.91 74.88
CA ILE NA 837 209.76 -20.77 75.23
C ILE NA 837 210.59 -19.66 75.91
N LEU NA 838 211.46 -20.01 76.85
CA LEU NA 838 212.31 -19.05 77.55
C LEU NA 838 213.27 -18.32 76.59
N LYS NA 839 213.78 -18.99 75.56
CA LYS NA 839 214.61 -18.38 74.52
C LYS NA 839 213.82 -17.36 73.68
N ALA NA 840 212.60 -17.69 73.25
CA ALA NA 840 211.71 -16.75 72.56
C ALA NA 840 211.34 -15.52 73.43
N CYS NA 841 211.32 -15.66 74.76
CA CYS NA 841 211.12 -14.55 75.69
C CYS NA 841 212.40 -13.77 76.03
N GLY NA 842 213.56 -14.10 75.45
CA GLY NA 842 214.85 -13.48 75.81
C GLY NA 842 215.41 -13.87 77.18
N GLN NA 843 214.86 -14.87 77.85
CA GLN NA 843 215.31 -15.34 79.18
C GLN NA 843 216.44 -16.35 79.03
N THR NA 844 217.67 -15.85 78.97
CA THR NA 844 218.89 -16.63 78.63
C THR NA 844 220.04 -16.45 79.61
N GLN NA 845 220.00 -15.44 80.49
CA GLN NA 845 221.09 -15.09 81.40
C GLN NA 845 221.08 -15.87 82.72
N PHE NA 846 219.92 -16.41 83.11
CA PHE NA 846 219.69 -16.99 84.44
C PHE NA 846 218.97 -18.34 84.39
N TYR NA 847 219.31 -19.25 85.31
CA TYR NA 847 218.47 -20.40 85.64
C TYR NA 847 217.12 -19.99 86.21
N ILE NA 848 216.07 -20.75 85.95
CA ILE NA 848 214.75 -20.61 86.61
C ILE NA 848 214.71 -21.29 87.99
N SER NA 849 213.81 -20.87 88.88
CA SER NA 849 213.51 -21.61 90.12
C SER NA 849 212.93 -22.99 89.83
N LEU NA 850 213.29 -24.00 90.63
CA LEU NA 850 212.72 -25.35 90.59
C LEU NA 850 212.00 -25.71 91.91
N ILE NA 851 210.91 -26.46 91.84
CA ILE NA 851 210.37 -27.21 92.99
C ILE NA 851 210.58 -28.71 92.75
N GLN NA 852 211.16 -29.43 93.69
CA GLN NA 852 211.32 -30.88 93.63
C GLN NA 852 210.47 -31.61 94.69
N GLY NA 853 209.79 -32.67 94.29
CA GLY NA 853 209.02 -33.52 95.20
C GLY NA 853 209.86 -34.63 95.80
N LEU NA 854 209.81 -34.81 97.11
CA LEU NA 854 210.38 -35.93 97.84
C LEU NA 854 209.27 -36.98 98.07
N VAL NA 855 209.41 -38.17 97.48
CA VAL NA 855 208.35 -39.20 97.47
C VAL NA 855 208.77 -40.44 98.29
N PRO NA 856 207.96 -40.91 99.26
CA PRO NA 856 208.29 -42.08 100.08
C PRO NA 856 208.40 -43.40 99.29
N ARG NA 857 209.48 -44.15 99.52
CA ARG NA 857 209.71 -45.53 99.07
C ARG NA 857 209.84 -46.47 100.27
N THR NA 858 209.06 -47.55 100.31
CA THR NA 858 209.03 -48.49 101.44
C THR NA 858 209.87 -49.72 101.10
N GLN NA 859 210.76 -50.13 102.00
CA GLN NA 859 211.74 -51.20 101.78
C GLN NA 859 211.88 -52.15 103.00
N SER NA 860 212.11 -53.44 102.77
CA SER NA 860 212.35 -54.43 103.83
C SER NA 860 213.84 -54.65 104.03
N VAL NA 861 214.31 -54.60 105.28
CA VAL NA 861 215.74 -54.64 105.65
C VAL NA 861 215.98 -55.65 106.79
N PRO NA 862 217.21 -56.15 107.03
CA PRO NA 862 217.47 -57.03 108.16
C PRO NA 862 217.28 -56.31 109.50
N ALA NA 863 216.57 -56.94 110.45
CA ALA NA 863 216.08 -56.28 111.66
C ALA NA 863 217.13 -56.01 112.75
N ARG NA 864 218.41 -56.29 112.49
CA ARG NA 864 219.54 -56.16 113.42
C ARG NA 864 219.58 -54.84 114.18
N ASP NA 865 219.36 -53.71 113.52
CA ASP NA 865 219.30 -52.37 114.14
C ASP NA 865 217.87 -51.80 114.27
N TYR NA 866 216.84 -52.66 114.25
CA TYR NA 866 215.42 -52.29 114.35
C TYR NA 866 214.74 -53.08 115.48
N PRO NA 867 215.11 -52.84 116.75
CA PRO NA 867 214.86 -53.77 117.86
C PRO NA 867 213.38 -53.97 118.21
N HIS NA 868 212.49 -53.07 117.80
CA HIS NA 868 211.05 -53.17 118.08
C HIS NA 868 210.37 -54.40 117.46
N VAL NA 869 210.97 -55.10 116.49
CA VAL NA 869 210.40 -56.35 115.96
C VAL NA 869 210.34 -57.47 116.99
N LEU NA 870 211.13 -57.41 118.08
CA LEU NA 870 211.15 -58.43 119.13
C LEU NA 870 209.93 -58.38 120.07
N GLY NA 871 209.17 -57.29 120.10
CA GLY NA 871 208.02 -57.11 120.99
C GLY NA 871 208.40 -56.89 122.46
N THR NA 872 207.47 -57.17 123.38
CA THR NA 872 207.64 -57.00 124.84
C THR NA 872 208.53 -58.05 125.51
N ARG NA 873 209.09 -58.97 124.73
CA ARG NA 873 210.06 -60.02 125.09
C ARG NA 873 211.17 -59.53 126.03
N ALA NA 874 211.50 -60.30 127.05
CA ALA NA 874 212.69 -60.07 127.87
C ALA NA 874 213.96 -60.48 127.11
N VAL NA 875 214.98 -59.61 127.09
CA VAL NA 875 216.26 -59.85 126.40
C VAL NA 875 217.37 -59.96 127.44
N GLU NA 876 218.06 -61.11 127.48
CA GLU NA 876 219.01 -61.44 128.55
C GLU NA 876 220.50 -61.28 128.16
N SER NA 877 220.84 -61.42 126.88
CA SER NA 877 222.23 -61.24 126.40
C SER NA 877 222.29 -60.69 124.97
N ALA NA 878 223.41 -60.08 124.60
CA ALA NA 878 223.63 -59.60 123.23
C ALA NA 878 223.70 -60.75 122.21
N ALA NA 879 224.21 -61.93 122.62
CA ALA NA 879 224.19 -63.13 121.82
C ALA NA 879 222.76 -63.63 121.54
N ALA NA 880 221.86 -63.57 122.53
CA ALA NA 880 220.45 -63.89 122.34
C ALA NA 880 219.73 -62.87 121.45
N TYR NA 881 220.02 -61.56 121.59
CA TYR NA 881 219.49 -60.51 120.69
C TYR NA 881 219.90 -60.74 119.24
N ALA NA 882 221.18 -61.02 118.99
CA ALA NA 882 221.71 -61.35 117.67
C ALA NA 882 221.07 -62.61 117.09
N GLU NA 883 220.93 -63.67 117.89
CA GLU NA 883 220.28 -64.91 117.46
C GLU NA 883 218.81 -64.65 117.06
N ALA NA 884 218.02 -64.00 117.94
CA ALA NA 884 216.60 -63.75 117.72
C ALA NA 884 216.30 -62.86 116.50
N THR NA 885 217.16 -61.88 116.22
CA THR NA 885 216.99 -60.96 115.07
C THR NA 885 217.57 -61.51 113.77
N SER NA 886 218.46 -62.51 113.78
CA SER NA 886 219.15 -63.05 112.59
C SER NA 886 218.23 -63.55 111.46
N SER NA 887 217.01 -63.96 111.79
CA SER NA 887 216.00 -64.47 110.85
C SER NA 887 214.85 -63.49 110.55
N LEU NA 888 214.93 -62.23 110.99
CA LEU NA 888 213.83 -61.26 110.96
C LEU NA 888 214.13 -60.02 110.10
N THR NA 889 213.08 -59.46 109.49
CA THR NA 889 213.16 -58.23 108.68
C THR NA 889 212.20 -57.15 109.17
N ALA NA 890 212.63 -55.90 109.06
CA ALA NA 890 211.88 -54.70 109.44
C ALA NA 890 211.51 -53.88 108.20
N THR NA 891 210.32 -53.31 108.19
CA THR NA 891 209.90 -52.33 107.17
C THR NA 891 210.46 -50.95 107.51
N THR NA 892 211.10 -50.27 106.56
CA THR NA 892 211.62 -48.91 106.72
C THR NA 892 211.25 -48.05 105.52
N VAL NA 893 211.30 -46.73 105.70
CA VAL NA 893 210.93 -45.76 104.65
C VAL NA 893 212.08 -44.78 104.41
N VAL NA 894 212.34 -44.47 103.14
CA VAL NA 894 213.24 -43.41 102.67
C VAL NA 894 212.53 -42.57 101.62
N CYS NA 895 212.95 -41.35 101.38
CA CYS NA 895 212.40 -40.48 100.34
C CYS NA 895 213.34 -40.38 99.12
N ALA NA 896 212.78 -40.49 97.91
CA ALA NA 896 213.49 -40.29 96.64
C ALA NA 896 213.06 -38.99 95.95
N ALA NA 897 214.02 -38.23 95.41
CA ALA NA 897 213.73 -37.00 94.70
C ALA NA 897 213.18 -37.31 93.30
N THR NA 898 212.00 -36.79 93.00
CA THR NA 898 211.42 -36.76 91.65
C THR NA 898 211.95 -35.53 90.89
N ASP NA 899 212.23 -35.69 89.59
CA ASP NA 899 212.63 -34.62 88.67
C ASP NA 899 211.44 -33.90 88.00
N CYS NA 900 210.21 -34.22 88.40
CA CYS NA 900 208.97 -33.85 87.71
C CYS NA 900 207.75 -33.81 88.67
N LEU NA 901 207.64 -32.76 89.49
CA LEU NA 901 206.56 -32.60 90.47
C LEU NA 901 205.14 -32.67 89.86
N SER NA 902 204.95 -32.22 88.61
CA SER NA 902 203.62 -32.12 88.01
C SER NA 902 202.87 -33.46 87.85
N GLN NA 903 203.56 -34.57 87.54
CA GLN NA 903 202.90 -35.90 87.50
C GLN NA 903 202.49 -36.39 88.89
N VAL NA 904 203.23 -36.06 89.95
CA VAL NA 904 202.82 -36.36 91.34
C VAL NA 904 201.58 -35.55 91.72
N CYS NA 905 201.51 -34.26 91.37
CA CYS NA 905 200.32 -33.44 91.65
C CYS NA 905 199.04 -33.92 90.94
N LYS NA 906 199.12 -34.66 89.82
CA LYS NA 906 197.96 -35.32 89.21
C LYS NA 906 197.38 -36.48 90.04
N ALA NA 907 198.15 -37.09 90.94
CA ALA NA 907 197.73 -38.18 91.82
C ALA NA 907 197.11 -37.72 93.16
N ARG NA 908 196.67 -36.46 93.24
CA ARG NA 908 196.00 -35.82 94.40
C ARG NA 908 196.73 -36.06 95.73
N PRO NA 909 197.98 -35.60 95.90
CA PRO NA 909 198.86 -36.05 96.98
C PRO NA 909 198.53 -35.44 98.34
N VAL NA 910 198.89 -36.16 99.40
CA VAL NA 910 199.11 -35.60 100.74
C VAL NA 910 200.45 -34.87 100.73
N VAL NA 911 200.52 -33.64 101.22
CA VAL NA 911 201.70 -32.76 101.11
C VAL NA 911 202.18 -32.23 102.46
N THR NA 912 203.49 -32.00 102.59
CA THR NA 912 204.11 -31.25 103.70
C THR NA 912 205.09 -30.23 103.16
N LEU NA 913 204.96 -28.97 103.56
CA LEU NA 913 205.75 -27.85 103.03
C LEU NA 913 205.96 -26.70 104.03
N PRO NA 914 207.01 -25.88 103.89
CA PRO NA 914 207.23 -24.67 104.69
C PRO NA 914 206.55 -23.44 104.06
N VAL NA 915 205.92 -22.56 104.85
CA VAL NA 915 205.30 -21.32 104.35
C VAL NA 915 205.62 -20.09 105.21
N THR NA 916 205.84 -18.94 104.56
CA THR NA 916 205.79 -17.59 105.17
C THR NA 916 204.65 -16.80 104.53
N ILE NA 917 203.79 -16.15 105.32
CA ILE NA 917 202.78 -15.24 104.75
C ILE NA 917 203.31 -13.80 104.76
N ASN NA 918 203.60 -13.28 103.57
CA ASN NA 918 204.10 -11.93 103.34
C ASN NA 918 202.98 -10.99 102.91
N LYS NA 919 202.98 -9.74 103.41
CA LYS NA 919 201.90 -8.78 103.19
C LYS NA 919 202.42 -7.48 102.58
N TYR NA 920 201.67 -6.90 101.65
CA TYR NA 920 202.12 -5.77 100.81
C TYR NA 920 200.93 -4.91 100.34
N THR NA 921 201.21 -3.66 99.96
CA THR NA 921 200.21 -2.70 99.46
C THR NA 921 199.80 -3.01 98.02
N GLY NA 922 198.59 -2.65 97.61
CA GLY NA 922 198.18 -2.69 96.20
C GLY NA 922 198.95 -1.70 95.29
N VAL NA 923 198.89 -1.93 93.98
CA VAL NA 923 199.49 -1.06 92.93
C VAL NA 923 198.52 0.04 92.45
N ASN NA 924 198.95 0.86 91.48
CA ASN NA 924 198.14 1.87 90.80
C ASN NA 924 197.48 2.87 91.78
N GLY NA 925 198.24 3.28 92.79
CA GLY NA 925 197.82 4.26 93.80
C GLY NA 925 196.95 3.71 94.93
N ASN NA 926 196.67 2.41 94.96
CA ASN NA 926 195.85 1.79 96.01
C ASN NA 926 196.56 1.74 97.39
N ASN NA 927 195.78 1.65 98.47
CA ASN NA 927 196.27 1.64 99.86
C ASN NA 927 195.82 0.41 100.70
N GLN NA 928 195.13 -0.56 100.10
CA GLN NA 928 194.73 -1.80 100.78
C GLN NA 928 195.89 -2.80 100.90
N ILE NA 929 195.75 -3.77 101.80
CA ILE NA 929 196.76 -4.82 102.07
C ILE NA 929 196.36 -6.11 101.33
N PHE NA 930 197.30 -6.72 100.63
CA PHE NA 930 197.20 -8.02 99.98
C PHE NA 930 198.24 -8.99 100.58
N GLN NA 931 197.99 -10.30 100.50
CA GLN NA 931 198.88 -11.32 101.06
C GLN NA 931 199.34 -12.36 100.02
N ALA NA 932 200.52 -12.93 100.22
CA ALA NA 932 200.95 -14.15 99.56
C ALA NA 932 201.53 -15.15 100.56
N GLY NA 933 201.18 -16.42 100.44
CA GLY NA 933 201.83 -17.52 101.14
C GLY NA 933 202.98 -18.02 100.30
N ASN NA 934 204.19 -17.54 100.55
CA ASN NA 934 205.37 -17.92 99.77
C ASN NA 934 206.01 -19.20 100.32
N LEU NA 935 206.33 -20.16 99.44
CA LEU NA 935 207.02 -21.40 99.76
C LEU NA 935 208.43 -21.14 100.29
N GLY NA 936 208.77 -21.73 101.45
CA GLY NA 936 210.03 -21.52 102.14
C GLY NA 936 210.91 -22.77 102.27
N TYR NA 937 211.70 -22.84 103.34
CA TYR NA 937 212.71 -23.87 103.60
C TYR NA 937 212.47 -24.62 104.92
N PHE NA 938 212.90 -25.87 105.00
CA PHE NA 938 212.91 -26.67 106.22
C PHE NA 938 214.12 -26.35 107.10
N MET NA 939 213.95 -26.28 108.42
CA MET NA 939 215.04 -26.13 109.38
C MET NA 939 215.29 -27.41 110.17
N GLY NA 940 216.55 -27.75 110.42
CA GLY NA 940 216.99 -28.89 111.23
C GLY NA 940 217.58 -30.02 110.39
N ARG NA 941 218.83 -30.43 110.69
CA ARG NA 941 219.58 -31.41 109.87
C ARG NA 941 218.99 -32.83 109.90
N GLY NA 942 218.16 -33.17 110.88
CA GLY NA 942 217.54 -34.48 110.99
C GLY NA 942 216.36 -34.76 110.05
N VAL NA 943 215.83 -33.75 109.34
CA VAL NA 943 214.59 -33.88 108.55
C VAL NA 943 214.71 -34.90 107.40
N ASP NA 944 215.62 -34.73 106.46
CA ASP NA 944 215.85 -35.72 105.39
C ASP NA 944 217.25 -35.56 104.77
N ARG NA 945 217.95 -36.67 104.51
CA ARG NA 945 219.29 -36.64 103.93
C ARG NA 945 219.39 -35.92 102.57
N ASN NA 946 218.33 -35.86 101.76
CA ASN NA 946 218.33 -35.12 100.50
C ASN NA 946 218.42 -33.60 100.70
N LEU NA 947 218.08 -33.08 101.87
CA LEU NA 947 218.18 -31.66 102.22
C LEU NA 947 219.59 -31.26 102.73
N LEU NA 948 220.49 -32.21 102.98
CA LEU NA 948 221.84 -31.94 103.50
C LEU NA 948 222.78 -31.33 102.45
N GLN NA 949 223.22 -30.09 102.67
CA GLN NA 949 224.31 -29.44 101.91
C GLN NA 949 225.70 -29.90 102.40
N SER NA 963 219.60 -23.64 98.90
CA SER NA 963 219.83 -22.80 97.73
C SER NA 963 218.67 -21.82 97.49
N MET NA 964 218.98 -20.66 96.88
CA MET NA 964 217.97 -19.74 96.33
C MET NA 964 217.04 -20.41 95.32
N ARG NA 965 217.57 -21.31 94.47
CA ARG NA 965 216.93 -21.71 93.21
C ARG NA 965 216.35 -23.12 93.16
N LYS NA 966 216.46 -23.92 94.23
CA LYS NA 966 215.73 -25.18 94.41
C LYS NA 966 215.00 -25.23 95.76
N LYS NA 967 213.72 -25.55 95.75
CA LYS NA 967 212.87 -25.77 96.94
C LYS NA 967 212.25 -27.17 96.92
N PHE NA 968 211.91 -27.70 98.08
CA PHE NA 968 211.40 -29.07 98.25
C PHE NA 968 210.02 -29.10 98.92
N VAL NA 969 209.21 -30.08 98.52
CA VAL NA 969 207.93 -30.48 99.14
C VAL NA 969 207.93 -32.00 99.34
N PHE NA 970 207.44 -32.52 100.46
CA PHE NA 970 207.16 -33.96 100.59
C PHE NA 970 205.78 -34.28 100.01
N ALA NA 971 205.64 -35.31 99.18
CA ALA NA 971 204.36 -35.71 98.58
C ALA NA 971 204.13 -37.25 98.59
N THR NA 972 202.95 -37.69 99.02
CA THR NA 972 202.49 -39.10 98.88
C THR NA 972 201.22 -39.14 98.03
N PRO NA 973 201.13 -39.89 96.93
CA PRO NA 973 199.93 -39.95 96.09
C PRO NA 973 198.74 -40.68 96.76
N THR NA 974 197.50 -40.32 96.43
CA THR NA 974 196.28 -41.03 96.89
C THR NA 974 195.52 -41.80 95.81
N LEU NA 975 195.62 -41.44 94.52
CA LEU NA 975 195.09 -42.25 93.42
C LEU NA 975 195.80 -43.62 93.36
N GLY NA 976 195.03 -44.71 93.37
CA GLY NA 976 195.52 -46.08 93.44
C GLY NA 976 195.85 -46.58 94.84
N LEU NA 977 195.66 -45.76 95.88
CA LEU NA 977 195.74 -46.16 97.28
C LEU NA 977 194.34 -46.16 97.88
N THR NA 978 193.71 -44.99 98.03
CA THR NA 978 192.38 -44.81 98.65
C THR NA 978 191.31 -44.33 97.67
N VAL NA 979 191.69 -43.84 96.49
CA VAL NA 979 190.79 -43.37 95.40
C VAL NA 979 191.10 -44.13 94.11
N LYS NA 980 190.07 -44.60 93.39
CA LYS NA 980 190.20 -45.42 92.18
C LYS NA 980 190.48 -44.57 90.93
N ARG NA 981 191.42 -44.99 90.07
CA ARG NA 981 191.73 -44.33 88.78
C ARG NA 981 190.57 -44.46 87.78
N THR NA 988 187.38 -48.65 69.87
CA THR NA 988 186.90 -48.74 68.48
C THR NA 988 186.70 -50.18 68.00
N TYR NA 989 185.82 -50.38 67.02
CA TYR NA 989 185.81 -51.60 66.20
C TYR NA 989 186.99 -51.61 65.21
N GLU NA 990 187.48 -52.79 64.83
CA GLU NA 990 188.58 -52.90 63.86
C GLU NA 990 188.24 -52.26 62.49
N ILE NA 991 186.99 -52.35 62.03
CA ILE NA 991 186.53 -51.67 60.81
C ILE NA 991 186.63 -50.13 60.88
N GLU NA 992 186.59 -49.51 62.06
CA GLU NA 992 186.87 -48.08 62.21
C GLU NA 992 188.35 -47.76 62.05
N ASN NA 993 189.25 -48.64 62.50
CA ASN NA 993 190.69 -48.46 62.37
C ASN NA 993 191.16 -48.68 60.92
N ILE NA 994 190.64 -49.69 60.21
CA ILE NA 994 190.91 -49.84 58.75
C ILE NA 994 190.48 -48.56 58.02
N ARG NA 995 189.25 -48.08 58.24
CA ARG NA 995 188.70 -46.85 57.64
C ARG NA 995 189.53 -45.60 57.93
N ALA NA 996 189.93 -45.36 59.18
CA ALA NA 996 190.81 -44.24 59.51
C ALA NA 996 192.16 -44.32 58.77
N GLY NA 997 192.77 -45.50 58.69
CA GLY NA 997 194.04 -45.70 57.98
C GLY NA 997 193.96 -45.47 56.47
N LEU NA 998 192.84 -45.82 55.83
CA LEU NA 998 192.60 -45.49 54.42
C LEU NA 998 192.35 -44.00 54.18
N GLU NA 999 191.55 -43.33 55.01
CA GLU NA 999 191.39 -41.87 54.87
C GLU NA 999 192.72 -41.11 55.10
N ALA NA 1000 193.58 -41.61 55.99
CA ALA NA 1000 194.91 -41.05 56.24
C ALA NA 1000 195.87 -41.21 55.03
N ILE NA 1001 195.81 -42.32 54.28
CA ILE NA 1001 196.55 -42.47 53.01
C ILE NA 1001 196.00 -41.53 51.94
N ILE NA 1002 194.70 -41.62 51.62
CA ILE NA 1002 194.13 -40.94 50.45
C ILE NA 1002 194.22 -39.40 50.60
N SER NA 1003 194.05 -38.86 51.81
CA SER NA 1003 194.18 -37.42 52.11
C SER NA 1003 195.61 -36.89 51.96
N GLN NA 1004 196.63 -37.76 51.92
CA GLN NA 1004 198.04 -37.37 51.81
C GLN NA 1004 198.67 -37.69 50.44
N LYS NA 1005 198.23 -38.76 49.75
CA LYS NA 1005 198.83 -39.21 48.49
C LYS NA 1005 198.70 -38.14 47.40
N GLN NA 1006 199.82 -37.65 46.89
CA GLN NA 1006 199.91 -36.58 45.89
C GLN NA 1006 200.91 -36.95 44.78
N GLU NA 1007 200.65 -36.45 43.57
CA GLU NA 1007 201.48 -36.67 42.36
C GLU NA 1007 201.56 -38.13 41.86
N GLU NA 1008 200.77 -39.05 42.43
CA GLU NA 1008 200.64 -40.45 42.00
C GLU NA 1008 199.23 -41.00 42.28
N ASP NA 1009 198.74 -41.93 41.46
CA ASP NA 1009 197.43 -42.56 41.67
C ASP NA 1009 197.44 -43.56 42.87
N CYS NA 1010 196.45 -43.49 43.76
CA CYS NA 1010 196.50 -44.14 45.08
C CYS NA 1010 196.03 -45.62 45.15
N VAL NA 1011 195.45 -46.19 44.09
CA VAL NA 1011 194.71 -47.48 44.18
C VAL NA 1011 195.58 -48.65 44.64
N PHE NA 1012 196.83 -48.75 44.16
CA PHE NA 1012 197.75 -49.81 44.59
C PHE NA 1012 198.13 -49.72 46.08
N ASP NA 1013 198.30 -48.52 46.63
CA ASP NA 1013 198.59 -48.32 48.05
C ASP NA 1013 197.38 -48.59 48.96
N VAL NA 1014 196.16 -48.33 48.48
CA VAL NA 1014 194.92 -48.71 49.17
C VAL NA 1014 194.75 -50.24 49.16
N VAL NA 1015 194.92 -50.88 48.00
CA VAL NA 1015 194.85 -52.35 47.88
C VAL NA 1015 195.89 -53.06 48.76
N CYS NA 1016 197.13 -52.56 48.85
CA CYS NA 1016 198.13 -53.16 49.72
C CYS NA 1016 197.75 -53.07 51.20
N ASN NA 1017 197.19 -51.94 51.65
CA ASN NA 1017 196.71 -51.78 53.02
C ASN NA 1017 195.52 -52.71 53.35
N LEU NA 1018 194.58 -52.93 52.42
CA LEU NA 1018 193.51 -53.91 52.59
C LEU NA 1018 194.04 -55.35 52.65
N VAL NA 1019 194.93 -55.75 51.73
CA VAL NA 1019 195.52 -57.10 51.72
C VAL NA 1019 196.35 -57.35 52.98
N ASP NA 1020 197.03 -56.34 53.53
CA ASP NA 1020 197.67 -56.43 54.84
C ASP NA 1020 196.66 -56.69 55.98
N ALA NA 1021 195.62 -55.86 56.11
CA ALA NA 1021 194.70 -55.90 57.24
C ALA NA 1021 193.71 -57.08 57.23
N MET NA 1022 193.32 -57.57 56.04
CA MET NA 1022 192.30 -58.60 55.88
C MET NA 1022 192.81 -59.90 55.24
N GLY NA 1023 193.96 -59.90 54.57
CA GLY NA 1023 194.51 -61.08 53.90
C GLY NA 1023 193.55 -61.69 52.87
N GLU NA 1024 193.37 -63.01 52.94
CA GLU NA 1024 192.50 -63.79 52.04
C GLU NA 1024 191.03 -63.34 52.04
N ALA NA 1025 190.54 -62.70 53.11
CA ALA NA 1025 189.19 -62.16 53.16
C ALA NA 1025 188.92 -61.02 52.15
N CYS NA 1026 189.96 -60.46 51.50
CA CYS NA 1026 189.76 -59.51 50.38
C CYS NA 1026 189.12 -60.16 49.14
N ALA NA 1027 189.26 -61.48 48.96
CA ALA NA 1027 188.79 -62.20 47.78
C ALA NA 1027 187.26 -62.09 47.54
N SER NA 1028 186.49 -61.81 48.60
CA SER NA 1028 185.03 -61.70 48.57
C SER NA 1028 184.53 -60.35 49.11
N LEU NA 1029 185.36 -59.31 49.14
CA LEU NA 1029 184.98 -57.98 49.60
C LEU NA 1029 183.85 -57.43 48.71
N THR NA 1030 182.67 -57.16 49.28
CA THR NA 1030 181.52 -56.62 48.56
C THR NA 1030 181.62 -55.10 48.39
N ARG NA 1031 180.85 -54.52 47.45
CA ARG NA 1031 180.83 -53.06 47.25
C ARG NA 1031 180.31 -52.30 48.48
N ASP NA 1032 179.33 -52.84 49.19
CA ASP NA 1032 178.79 -52.21 50.41
C ASP NA 1032 179.83 -52.15 51.54
N ASP NA 1033 180.62 -53.19 51.75
CA ASP NA 1033 181.75 -53.15 52.68
C ASP NA 1033 182.87 -52.22 52.18
N ALA NA 1034 183.27 -52.29 50.92
CA ALA NA 1034 184.31 -51.41 50.36
C ALA NA 1034 183.95 -49.92 50.49
N GLU NA 1035 182.71 -49.52 50.14
CA GLU NA 1035 182.23 -48.14 50.31
C GLU NA 1035 182.28 -47.66 51.77
N TYR NA 1036 181.94 -48.49 52.77
CA TYR NA 1036 182.08 -48.11 54.18
C TYR NA 1036 183.55 -47.88 54.58
N LEU NA 1037 184.46 -48.77 54.17
CA LEU NA 1037 185.89 -48.68 54.52
C LEU NA 1037 186.57 -47.46 53.88
N LEU NA 1038 186.22 -47.11 52.64
CA LEU NA 1038 186.75 -45.93 51.94
C LEU NA 1038 186.23 -44.58 52.49
N GLY NA 1039 185.17 -44.58 53.30
CA GLY NA 1039 184.67 -43.38 54.00
C GLY NA 1039 184.28 -42.23 53.06
N ARG NA 1040 184.90 -41.06 53.26
CA ARG NA 1040 184.75 -39.86 52.42
C ARG NA 1040 185.06 -40.11 50.94
N PHE NA 1041 185.95 -41.05 50.64
CA PHE NA 1041 186.44 -41.35 49.29
C PHE NA 1041 185.75 -42.56 48.66
N SER NA 1042 184.51 -42.87 49.04
CA SER NA 1042 183.75 -44.05 48.58
C SER NA 1042 183.61 -44.16 47.06
N VAL NA 1043 183.81 -43.09 46.30
CA VAL NA 1043 183.87 -43.11 44.84
C VAL NA 1043 184.91 -44.09 44.29
N LEU NA 1044 185.98 -44.37 45.04
CA LEU NA 1044 187.10 -45.23 44.62
C LEU NA 1044 186.75 -46.73 44.52
N ALA NA 1045 185.61 -47.17 45.07
CA ALA NA 1045 185.28 -48.58 45.30
C ALA NA 1045 185.33 -49.48 44.03
N ASP NA 1046 184.80 -49.04 42.89
CA ASP NA 1046 184.81 -49.85 41.65
C ASP NA 1046 186.23 -50.18 41.17
N SER NA 1047 187.15 -49.23 41.29
CA SER NA 1047 188.55 -49.43 40.87
C SER NA 1047 189.34 -50.33 41.84
N VAL NA 1048 189.04 -50.26 43.14
CA VAL NA 1048 189.56 -51.20 44.15
C VAL NA 1048 189.07 -52.62 43.90
N LEU NA 1049 187.78 -52.83 43.66
CA LEU NA 1049 187.23 -54.17 43.44
C LEU NA 1049 187.73 -54.81 42.13
N GLU NA 1050 187.84 -54.04 41.04
CA GLU NA 1050 188.50 -54.51 39.82
C GLU NA 1050 189.96 -54.90 40.08
N THR NA 1051 190.71 -54.11 40.86
CA THR NA 1051 192.09 -54.43 41.23
C THR NA 1051 192.21 -55.70 42.08
N LEU NA 1052 191.34 -55.91 43.09
CA LEU NA 1052 191.35 -57.12 43.93
C LEU NA 1052 191.02 -58.40 43.14
N ALA NA 1053 190.13 -58.34 42.15
CA ALA NA 1053 189.89 -59.45 41.22
C ALA NA 1053 191.14 -59.85 40.42
N THR NA 1054 192.02 -58.92 40.03
CA THR NA 1054 193.28 -59.28 39.34
C THR NA 1054 194.26 -60.04 40.25
N ILE NA 1055 194.29 -59.75 41.56
CA ILE NA 1055 195.10 -60.51 42.53
C ILE NA 1055 194.49 -61.92 42.73
N ALA NA 1056 193.18 -61.99 42.95
CA ALA NA 1056 192.44 -63.25 43.10
C ALA NA 1056 192.65 -64.23 41.93
N SER NA 1057 192.46 -63.76 40.70
CA SER NA 1057 192.51 -64.59 39.47
C SER NA 1057 193.93 -64.91 38.98
N SER NA 1058 194.95 -64.12 39.35
CA SER NA 1058 196.35 -64.40 38.97
C SER NA 1058 197.05 -65.42 39.88
N GLY NA 1059 196.42 -65.87 40.97
CA GLY NA 1059 196.86 -67.02 41.78
C GLY NA 1059 198.07 -66.78 42.68
N ILE NA 1060 198.53 -65.54 42.84
CA ILE NA 1060 199.52 -65.17 43.88
C ILE NA 1060 198.90 -65.26 45.28
N GLU NA 1061 199.75 -65.40 46.30
CA GLU NA 1061 199.32 -65.41 47.71
C GLU NA 1061 198.79 -64.04 48.16
N TRP NA 1062 197.82 -64.02 49.08
CA TRP NA 1062 197.27 -62.81 49.69
C TRP NA 1062 198.19 -62.21 50.74
N THR NA 1063 199.28 -61.56 50.32
CA THR NA 1063 200.19 -60.81 51.19
C THR NA 1063 200.69 -59.54 50.48
N ALA NA 1064 200.98 -58.50 51.26
CA ALA NA 1064 201.38 -57.19 50.74
C ALA NA 1064 202.62 -57.22 49.83
N GLU NA 1065 203.59 -58.11 50.10
CA GLU NA 1065 204.79 -58.29 49.27
C GLU NA 1065 204.46 -58.88 47.89
N ALA NA 1066 203.66 -59.96 47.86
CA ALA NA 1066 203.22 -60.59 46.62
C ALA NA 1066 202.29 -59.68 45.79
N ALA NA 1067 201.45 -58.88 46.45
CA ALA NA 1067 200.56 -57.93 45.79
C ALA NA 1067 201.36 -56.89 44.98
N ARG NA 1068 202.39 -56.28 45.56
CA ARG NA 1068 203.30 -55.37 44.82
C ARG NA 1068 204.06 -56.09 43.71
N ASP NA 1069 204.62 -57.27 43.97
CA ASP NA 1069 205.34 -58.05 42.95
C ASP NA 1069 204.49 -58.36 41.70
N PHE NA 1070 203.19 -58.59 41.85
CA PHE NA 1070 202.28 -58.71 40.70
C PHE NA 1070 201.94 -57.34 40.08
N LEU NA 1071 201.41 -56.39 40.86
CA LEU NA 1071 200.87 -55.13 40.33
C LEU NA 1071 201.93 -54.26 39.63
N GLU NA 1072 203.12 -54.12 40.21
CA GLU NA 1072 204.20 -53.27 39.69
C GLU NA 1072 204.93 -53.89 38.48
N GLY NA 1073 204.76 -55.19 38.22
CA GLY NA 1073 205.16 -55.84 36.97
C GLY NA 1073 204.08 -55.75 35.88
N VAL NA 1074 202.82 -56.02 36.25
CA VAL NA 1074 201.63 -55.80 35.42
C VAL NA 1074 201.30 -54.31 35.34
N ASP NA 1083 200.88 -39.54 29.41
CA ASP NA 1083 199.61 -39.43 28.69
C ASP NA 1083 199.44 -38.03 28.05
N ASN NA 1084 198.47 -37.85 27.14
CA ASN NA 1084 198.23 -36.62 26.39
C ASN NA 1084 197.54 -35.53 27.25
N PHE NA 1085 198.16 -35.10 28.33
CA PHE NA 1085 197.65 -34.02 29.18
C PHE NA 1085 197.74 -32.64 28.50
N ILE NA 1086 196.61 -32.04 28.16
CA ILE NA 1086 196.53 -30.61 27.77
C ILE NA 1086 196.32 -29.74 29.01
N SER NA 1087 196.92 -28.55 29.03
CA SER NA 1087 196.72 -27.55 30.08
C SER NA 1087 195.45 -26.71 29.83
N VAL NA 1088 194.80 -26.21 30.89
CA VAL NA 1088 193.51 -25.51 30.83
C VAL NA 1088 193.58 -24.15 31.53
N ALA NA 1089 192.92 -23.13 30.97
CA ALA NA 1089 193.01 -21.74 31.40
C ALA NA 1089 192.66 -21.51 32.89
N ASP PA 9 262.89 31.70 100.80
CA ASP PA 9 262.76 33.15 100.63
C ASP PA 9 261.56 33.53 99.73
N ASN PA 10 261.14 34.80 99.73
CA ASN PA 10 259.91 35.24 99.04
C ASN PA 10 259.98 36.68 98.52
N LEU PA 11 259.10 37.03 97.58
CA LEU PA 11 259.02 38.35 96.94
C LEU PA 11 258.77 39.50 97.93
N GLY PA 12 258.11 39.25 99.06
CA GLY PA 12 257.90 40.23 100.12
C GLY PA 12 259.18 40.63 100.82
N SER PA 13 259.93 39.65 101.32
CA SER PA 13 261.25 39.82 101.94
C SER PA 13 262.24 40.55 101.04
N GLN PA 14 262.19 40.29 99.73
CA GLN PA 14 263.08 40.87 98.72
C GLN PA 14 262.75 42.31 98.29
N SER PA 15 261.53 42.81 98.56
CA SER PA 15 261.11 44.17 98.16
C SER PA 15 261.80 45.27 99.00
N GLN PA 16 262.08 46.42 98.38
CA GLN PA 16 262.82 47.53 99.00
C GLN PA 16 261.91 48.54 99.74
N PRO PA 17 262.44 49.25 100.76
CA PRO PA 17 261.83 50.47 101.33
C PRO PA 17 261.40 51.52 100.29
N GLY PA 18 260.34 52.27 100.58
CA GLY PA 18 259.85 53.36 99.74
C GLY PA 18 258.62 54.08 100.31
N PRO PA 19 258.07 55.08 99.57
CA PRO PA 19 256.89 55.85 99.95
C PRO PA 19 255.57 55.05 99.83
N CYS PA 20 254.47 55.60 100.34
CA CYS PA 20 253.13 55.00 100.27
C CYS PA 20 252.46 55.11 98.89
N GLY PA 21 252.93 56.01 98.02
CA GLY PA 21 252.48 56.26 96.66
C GLY PA 21 253.28 57.36 95.96
N TYR PA 22 252.90 57.74 94.75
CA TYR PA 22 253.50 58.84 93.97
C TYR PA 22 252.45 59.69 93.25
N ILE PA 23 252.71 60.99 93.11
CA ILE PA 23 252.07 61.83 92.10
C ILE PA 23 252.98 61.90 90.86
N TYR PA 24 252.50 61.51 89.70
CA TYR PA 24 253.18 61.69 88.40
C TYR PA 24 252.70 62.96 87.69
N PHE PA 25 253.63 63.72 87.12
CA PHE PA 25 253.35 64.88 86.26
C PHE PA 25 253.87 64.63 84.83
N TYR PA 26 253.01 64.66 83.82
CA TYR PA 26 253.37 64.42 82.40
C TYR PA 26 253.24 65.69 81.55
N PRO PA 27 254.22 66.04 80.70
CA PRO PA 27 254.14 67.24 79.86
C PRO PA 27 253.11 67.15 78.74
N LEU PA 28 252.16 68.09 78.70
CA LEU PA 28 251.08 68.11 77.72
C LEU PA 28 251.55 68.29 76.27
N ALA PA 29 252.69 68.95 76.03
CA ALA PA 29 253.22 69.18 74.68
C ALA PA 29 253.65 67.88 73.95
N THR PA 30 254.04 66.82 74.67
CA THR PA 30 254.59 65.59 74.08
C THR PA 30 253.87 64.29 74.48
N TYR PA 31 253.09 64.25 75.55
CA TYR PA 31 252.43 63.04 76.03
C TYR PA 31 251.35 62.51 75.05
N PRO PA 32 251.22 61.20 74.80
CA PRO PA 32 250.30 60.62 73.80
C PRO PA 32 248.84 60.53 74.31
N LEU PA 33 248.15 61.66 74.39
CA LEU PA 33 246.80 61.80 74.97
C LEU PA 33 245.72 60.92 74.29
N ARG PA 34 245.75 60.72 72.97
CA ARG PA 34 244.75 59.86 72.29
C ARG PA 34 244.98 58.38 72.53
N GLU PA 35 246.22 57.91 72.73
CA GLU PA 35 246.49 56.53 73.12
C GLU PA 35 245.93 56.23 74.51
N VAL PA 36 246.26 57.00 75.56
CA VAL PA 36 245.73 56.75 76.91
C VAL PA 36 244.22 56.81 76.97
N ALA PA 37 243.57 57.69 76.20
CA ALA PA 37 242.12 57.76 76.15
C ALA PA 37 241.46 56.45 75.70
N THR PA 38 242.07 55.65 74.80
CA THR PA 38 241.52 54.35 74.40
C THR PA 38 241.56 53.29 75.51
N LEU PA 39 242.44 53.43 76.50
CA LEU PA 39 242.51 52.57 77.68
C LEU PA 39 241.79 53.15 78.91
N GLY PA 40 241.22 54.36 78.82
CA GLY PA 40 240.62 55.09 79.94
C GLY PA 40 239.11 54.93 80.13
N THR PA 41 238.60 55.54 81.19
CA THR PA 41 237.16 55.60 81.57
C THR PA 41 236.55 57.00 81.43
N GLY PA 42 237.00 57.80 80.48
CA GLY PA 42 236.54 59.19 80.31
C GLY PA 42 235.12 59.33 79.75
N TYR PA 43 234.28 60.12 80.39
CA TYR PA 43 232.96 60.53 79.90
C TYR PA 43 232.96 62.01 79.52
N ALA PA 44 232.01 62.49 78.73
CA ALA PA 44 231.94 63.91 78.35
C ALA PA 44 231.61 64.82 79.55
N GLY PA 45 232.49 65.79 79.83
CA GLY PA 45 232.38 66.70 80.97
C GLY PA 45 233.11 66.24 82.26
N HIS PA 46 233.89 65.15 82.22
CA HIS PA 46 234.60 64.61 83.39
C HIS PA 46 235.58 65.61 84.03
N ARG PA 47 235.83 65.44 85.33
CA ARG PA 47 236.84 66.18 86.11
C ARG PA 47 237.92 65.23 86.66
N CYS PA 48 237.68 63.92 86.60
CA CYS PA 48 238.61 62.85 86.93
C CYS PA 48 238.31 61.58 86.07
N LEU PA 49 239.31 60.72 85.84
CA LEU PA 49 239.15 59.41 85.21
C LEU PA 49 240.24 58.42 85.63
N THR PA 50 239.99 57.13 85.40
CA THR PA 50 240.94 56.03 85.62
C THR PA 50 241.56 55.52 84.33
N VAL PA 51 242.82 55.12 84.43
CA VAL PA 51 243.66 54.48 83.40
C VAL PA 51 244.46 53.34 84.06
N PRO PA 52 244.93 52.34 83.30
CA PRO PA 52 245.75 51.26 83.85
C PRO PA 52 247.18 51.70 84.22
N LEU PA 53 247.81 51.07 85.20
CA LEU PA 53 249.25 51.16 85.48
C LEU PA 53 250.06 50.32 84.47
N LEU PA 54 250.82 50.95 83.58
CA LEU PA 54 251.64 50.32 82.53
C LEU PA 54 253.01 50.97 82.36
N CYS PA 55 254.07 50.16 82.33
CA CYS PA 55 255.43 50.62 82.07
C CYS PA 55 255.58 51.13 80.63
N GLY PA 56 256.03 52.38 80.48
CA GLY PA 56 256.23 53.03 79.19
C GLY PA 56 255.08 53.89 78.68
N ILE PA 57 253.97 54.01 79.42
CA ILE PA 57 252.91 54.98 79.12
C ILE PA 57 252.31 55.67 80.34
N THR PA 58 252.16 55.02 81.50
CA THR PA 58 251.68 55.67 82.73
C THR PA 58 252.69 55.64 83.87
N VAL PA 59 253.65 54.71 83.90
CA VAL PA 59 254.83 54.73 84.79
C VAL PA 59 256.11 54.46 83.99
N GLU PA 60 257.27 54.80 84.52
CA GLU PA 60 258.55 54.58 83.84
C GLU PA 60 258.93 53.09 83.77
N PRO PA 61 259.70 52.66 82.77
CA PRO PA 61 260.26 51.30 82.72
C PRO PA 61 261.01 50.92 84.00
N GLY PA 62 260.80 49.69 84.48
CA GLY PA 62 261.43 49.20 85.70
C GLY PA 62 260.76 49.61 87.02
N PHE PA 63 259.54 50.13 86.97
CA PHE PA 63 258.72 50.41 88.15
C PHE PA 63 258.56 49.16 89.04
N SER PA 64 258.84 49.29 90.33
CA SER PA 64 258.64 48.21 91.31
C SER PA 64 257.18 48.15 91.77
N ILE PA 65 256.43 47.11 91.40
CA ILE PA 65 255.04 46.92 91.87
C ILE PA 65 254.95 46.44 93.33
N ASN PA 66 256.01 45.86 93.90
CA ASN PA 66 256.07 45.44 95.31
C ASN PA 66 257.02 46.36 96.10
N VAL PA 67 256.65 46.77 97.31
CA VAL PA 67 257.45 47.68 98.16
C VAL PA 67 257.27 47.39 99.65
N LYS PA 68 258.25 47.80 100.45
CA LYS PA 68 258.07 48.05 101.89
C LYS PA 68 257.76 49.53 102.10
N ALA PA 69 256.53 49.88 102.43
CA ALA PA 69 256.10 51.26 102.61
C ALA PA 69 256.45 51.77 104.02
N LEU PA 70 257.18 52.87 104.14
CA LEU PA 70 257.41 53.57 105.42
C LEU PA 70 256.17 54.38 105.81
N HIS PA 71 255.39 53.90 106.78
CA HIS PA 71 254.06 54.46 107.07
C HIS PA 71 253.89 55.07 108.47
N ARG PA 72 254.73 54.74 109.45
CA ARG PA 72 254.67 55.27 110.81
C ARG PA 72 256.06 55.49 111.40
N ARG PA 73 256.30 56.64 112.03
CA ARG PA 73 257.45 56.84 112.93
C ARG PA 73 256.95 56.94 114.39
N PRO PA 74 257.08 55.89 115.23
CA PRO PA 74 256.64 55.93 116.63
C PRO PA 74 257.32 57.04 117.46
N ASP PA 75 258.56 57.37 117.11
CA ASP PA 75 259.28 58.57 117.50
C ASP PA 75 260.22 58.96 116.34
N PRO PA 76 260.79 60.19 116.30
CA PRO PA 76 261.65 60.67 115.22
C PRO PA 76 262.86 59.79 114.82
N ASN PA 77 263.19 58.76 115.60
CA ASN PA 77 264.39 57.92 115.43
C ASN PA 77 264.06 56.44 115.09
N CYS PA 78 262.80 56.08 114.89
CA CYS PA 78 262.40 54.73 114.49
C CYS PA 78 261.37 54.74 113.36
N GLY PA 79 261.53 53.89 112.35
CA GLY PA 79 260.55 53.68 111.28
C GLY PA 79 259.88 52.31 111.32
N LEU PA 80 258.61 52.24 110.92
CA LEU PA 80 257.90 50.98 110.71
C LEU PA 80 257.59 50.74 109.22
N LEU PA 81 257.76 49.50 108.76
CA LEU PA 81 257.60 49.08 107.36
C LEU PA 81 256.42 48.10 107.17
N ARG PA 82 255.57 48.36 106.18
CA ARG PA 82 254.47 47.48 105.73
C ARG PA 82 254.77 46.97 104.32
N ALA PA 83 254.79 45.66 104.11
CA ALA PA 83 254.95 45.09 102.78
C ALA PA 83 253.63 45.09 101.99
N THR PA 84 253.60 45.70 100.81
CA THR PA 84 252.40 45.84 99.99
C THR PA 84 252.75 45.91 98.50
N SER PA 85 251.87 45.37 97.66
CA SER PA 85 251.85 45.69 96.24
C SER PA 85 251.10 46.99 95.93
N TYR PA 86 251.31 47.52 94.73
CA TYR PA 86 250.56 48.65 94.18
C TYR PA 86 249.09 48.33 93.86
N HIS PA 87 248.23 49.33 93.88
CA HIS PA 87 246.91 49.26 93.28
C HIS PA 87 246.99 49.30 91.76
N ARG PA 88 246.19 48.49 91.11
CA ARG PA 88 246.16 48.26 89.66
C ARG PA 88 245.78 49.49 88.78
N ASP PA 89 244.90 50.36 89.27
CA ASP PA 89 244.46 51.57 88.56
C ASP PA 89 245.21 52.84 88.98
N ILE PA 90 245.43 53.74 88.04
CA ILE PA 90 245.93 55.11 88.22
C ILE PA 90 244.78 56.12 88.05
N TYR PA 91 244.69 57.10 88.93
CA TYR PA 91 243.65 58.14 88.95
C TYR PA 91 244.19 59.48 88.43
N VAL PA 92 243.65 59.97 87.30
CA VAL PA 92 244.07 61.19 86.59
C VAL PA 92 243.20 62.38 87.01
N PHE PA 93 243.73 63.33 87.77
CA PHE PA 93 242.93 64.32 88.53
C PHE PA 93 243.22 65.81 88.22
N HIS PA 94 244.38 66.17 87.67
CA HIS PA 94 244.77 67.55 87.33
C HIS PA 94 244.91 67.75 85.81
N ASN PA 95 244.22 68.74 85.25
CA ASN PA 95 244.03 68.96 83.79
C ASN PA 95 243.39 67.78 83.03
N ALA PA 96 242.56 66.97 83.71
CA ALA PA 96 241.92 65.77 83.15
C ALA PA 96 241.04 66.02 81.91
N HIS PA 97 240.52 67.24 81.71
CA HIS PA 97 239.81 67.69 80.52
C HIS PA 97 240.62 67.56 79.22
N MET PA 98 241.95 67.50 79.30
CA MET PA 98 242.85 67.27 78.17
C MET PA 98 242.85 65.83 77.64
N VAL PA 99 242.37 64.83 78.38
CA VAL PA 99 242.24 63.44 77.91
C VAL PA 99 240.87 63.25 77.26
N PRO PA 100 240.78 62.85 75.97
CA PRO PA 100 239.50 62.58 75.32
C PRO PA 100 238.61 61.54 76.03
N PRO PA 101 237.27 61.64 75.96
CA PRO PA 101 236.37 60.62 76.47
C PRO PA 101 236.40 59.33 75.63
N ILE PA 102 236.07 58.18 76.25
CA ILE PA 102 235.91 56.89 75.56
C ILE PA 102 234.53 56.77 74.88
N PHE PA 103 233.51 57.51 75.35
CA PHE PA 103 232.14 57.50 74.87
C PHE PA 103 231.58 58.93 74.73
N GLU PA 104 230.91 59.25 73.63
CA GLU PA 104 230.52 60.63 73.31
C GLU PA 104 229.15 61.06 73.87
N GLY PA 105 228.31 60.14 74.32
CA GLY PA 105 226.95 60.45 74.75
C GLY PA 105 226.91 61.37 75.97
N PRO PA 106 226.11 62.45 75.97
CA PRO PA 106 225.99 63.40 77.07
C PRO PA 106 225.07 62.94 78.23
N GLY PA 107 225.14 63.63 79.37
CA GLY PA 107 224.17 63.53 80.46
C GLY PA 107 224.35 62.38 81.48
N LEU PA 108 225.50 61.70 81.50
CA LEU PA 108 225.65 60.48 82.31
C LEU PA 108 225.75 60.75 83.82
N GLU PA 109 226.32 61.88 84.22
CA GLU PA 109 226.55 62.21 85.62
C GLU PA 109 225.24 62.42 86.41
N ALA PA 110 224.27 63.11 85.83
CA ALA PA 110 222.93 63.30 86.38
C ALA PA 110 222.10 62.00 86.38
N LEU PA 111 222.17 61.19 85.32
CA LEU PA 111 221.53 59.88 85.26
C LEU PA 111 222.01 58.94 86.37
N CYS PA 112 223.33 58.89 86.60
CA CYS PA 112 223.92 58.14 87.71
C CYS PA 112 223.45 58.66 89.08
N GLY PA 113 223.36 59.97 89.26
CA GLY PA 113 222.94 60.60 90.52
C GLY PA 113 221.50 60.30 90.89
N GLU PA 114 220.60 60.40 89.91
CA GLU PA 114 219.19 60.07 90.04
C GLU PA 114 218.97 58.58 90.38
N THR PA 115 219.67 57.68 89.68
CA THR PA 115 219.49 56.23 89.84
C THR PA 115 220.08 55.71 91.16
N ARG PA 116 221.19 56.29 91.64
CA ARG PA 116 221.79 55.98 92.95
C ARG PA 116 220.81 56.25 94.10
N GLU PA 117 220.01 57.31 93.99
CA GLU PA 117 219.04 57.69 95.02
C GLU PA 117 217.84 56.73 95.06
N VAL PA 118 217.26 56.32 93.93
CA VAL PA 118 216.12 55.37 93.94
C VAL PA 118 216.47 53.98 94.45
N PHE PA 119 217.72 53.50 94.26
CA PHE PA 119 218.22 52.27 94.88
C PHE PA 119 218.67 52.44 96.35
N GLY PA 120 218.62 53.65 96.90
CA GLY PA 120 218.96 53.94 98.29
C GLY PA 120 220.47 53.96 98.60
N TYR PA 121 221.33 54.15 97.60
CA TYR PA 121 222.79 54.15 97.78
C TYR PA 121 223.38 55.50 98.20
N ASP PA 122 224.43 55.41 99.00
CA ASP PA 122 225.20 56.52 99.56
C ASP PA 122 226.08 57.26 98.51
N ALA PA 123 225.86 58.56 98.30
CA ALA PA 123 226.69 59.43 97.47
C ALA PA 123 227.97 59.91 98.19
N TYR PA 124 229.02 60.30 97.46
CA TYR PA 124 230.23 60.84 98.07
C TYR PA 124 229.95 62.14 98.82
N SER PA 125 230.32 62.23 100.09
CA SER PA 125 230.23 63.47 100.88
C SER PA 125 231.63 64.07 101.05
N ALA PA 126 231.82 65.28 100.52
CA ALA PA 126 233.09 65.99 100.56
C ALA PA 126 233.50 66.44 101.96
N LEU PA 127 234.81 66.49 102.23
CA LEU PA 127 235.36 67.12 103.43
C LEU PA 127 235.02 68.63 103.46
N PRO PA 128 235.00 69.28 104.64
CA PRO PA 128 234.74 70.72 104.74
C PRO PA 128 235.89 71.63 104.26
N ARG PA 129 237.12 71.14 104.12
CA ARG PA 129 238.23 71.88 103.47
C ARG PA 129 238.08 72.01 101.94
N GLU PA 130 238.77 72.96 101.33
CA GLU PA 130 239.02 72.95 99.88
C GLU PA 130 240.03 71.85 99.47
N SER PA 131 240.00 71.45 98.20
CA SER PA 131 241.08 70.71 97.55
C SER PA 131 242.44 71.44 97.64
N SER PA 132 243.54 70.67 97.74
CA SER PA 132 244.91 71.19 97.70
C SER PA 132 245.16 72.01 96.44
N LYS PA 133 245.63 73.24 96.60
CA LYS PA 133 246.05 74.12 95.50
C LYS PA 133 247.32 73.57 94.82
N PRO PA 134 247.49 73.75 93.50
CA PRO PA 134 248.67 73.24 92.77
C PRO PA 134 250.01 73.55 93.42
N GLY PA 135 250.25 74.79 93.85
CA GLY PA 135 251.49 75.22 94.51
C GLY PA 135 251.85 74.45 95.80
N ASP PA 136 250.90 73.73 96.40
CA ASP PA 136 251.15 72.86 97.56
C ASP PA 136 251.76 71.50 97.21
N PHE PA 137 251.50 70.95 96.02
CA PHE PA 137 251.93 69.59 95.64
C PHE PA 137 252.81 69.52 94.38
N PHE PA 138 252.83 70.55 93.53
CA PHE PA 138 253.77 70.65 92.41
C PHE PA 138 255.23 70.84 92.87
N PRO PA 139 256.20 70.20 92.18
CA PRO PA 139 257.63 70.55 92.28
C PRO PA 139 257.89 72.05 92.05
N GLU PA 140 259.05 72.53 92.53
CA GLU PA 140 259.52 73.90 92.32
C GLU PA 140 259.70 74.25 90.82
N GLY PA 141 259.10 75.37 90.40
CA GLY PA 141 259.30 75.97 89.09
C GLY PA 141 258.45 75.42 87.93
N LEU PA 142 257.90 74.21 88.02
CA LEU PA 142 256.97 73.70 86.99
C LEU PA 142 255.66 74.49 86.97
N ASP PA 143 255.20 74.83 85.77
CA ASP PA 143 253.93 75.50 85.51
C ASP PA 143 252.74 74.53 85.59
N PRO PA 144 251.77 74.71 86.50
CA PRO PA 144 250.61 73.84 86.60
C PRO PA 144 249.76 73.75 85.32
N SER PA 145 249.76 74.76 84.45
CA SER PA 145 249.02 74.75 83.18
C SER PA 145 249.66 73.87 82.10
N ALA PA 146 250.94 73.51 82.24
CA ALA PA 146 251.71 72.77 81.24
C ALA PA 146 251.71 71.23 81.42
N TYR PA 147 251.16 70.72 82.53
CA TYR PA 147 251.26 69.32 82.92
C TYR PA 147 249.92 68.64 83.21
N LEU PA 148 249.85 67.33 83.00
CA LEU PA 148 248.77 66.43 83.39
C LEU PA 148 249.16 65.74 84.72
N GLY PA 149 248.28 65.71 85.73
CA GLY PA 149 248.60 65.12 87.05
C GLY PA 149 247.77 63.88 87.42
N ALA PA 150 248.42 62.83 87.91
CA ALA PA 150 247.80 61.55 88.25
C ALA PA 150 248.46 60.87 89.47
N VAL PA 151 247.72 60.07 90.24
CA VAL PA 151 248.21 59.33 91.43
C VAL PA 151 248.35 57.84 91.16
N ALA PA 152 249.49 57.26 91.54
CA ALA PA 152 249.71 55.83 91.72
C ALA PA 152 249.78 55.52 93.22
N ILE PA 153 249.07 54.52 93.72
CA ILE PA 153 248.84 54.30 95.16
C ILE PA 153 249.03 52.84 95.57
N THR PA 154 249.59 52.59 96.74
CA THR PA 154 249.71 51.22 97.26
C THR PA 154 248.40 50.68 97.79
N GLU PA 155 248.17 49.38 97.64
CA GLU PA 155 246.89 48.74 97.94
C GLU PA 155 246.49 48.84 99.43
N ALA PA 156 247.46 48.91 100.35
CA ALA PA 156 247.26 49.05 101.79
C ALA PA 156 246.90 50.48 102.27
N PHE PA 157 247.22 51.53 101.51
CA PHE PA 157 247.05 52.94 101.90
C PHE PA 157 246.10 53.74 100.97
N LYS PA 158 245.35 53.09 100.09
CA LYS PA 158 244.36 53.75 99.21
C LYS PA 158 243.14 54.35 99.94
N GLU PA 159 242.71 53.83 101.08
CA GLU PA 159 241.68 54.50 101.89
C GLU PA 159 242.21 55.79 102.52
N ARG PA 160 243.49 55.84 102.89
CA ARG PA 160 244.16 57.07 103.37
C ARG PA 160 244.24 58.15 102.30
N LEU PA 161 244.44 57.76 101.03
CA LEU PA 161 244.33 58.68 99.89
C LEU PA 161 242.92 59.27 99.78
N TYR PA 162 241.90 58.42 99.80
CA TYR PA 162 240.48 58.80 99.80
C TYR PA 162 240.14 59.78 100.94
N SER PA 163 240.61 59.52 102.16
CA SER PA 163 240.27 60.28 103.36
C SER PA 163 241.12 61.53 103.60
N GLY PA 164 242.09 61.85 102.74
CA GLY PA 164 242.89 63.07 102.83
C GLY PA 164 244.00 63.02 103.89
N ASN PA 165 244.50 61.83 104.23
CA ASN PA 165 245.47 61.58 105.29
C ASN PA 165 246.92 61.33 104.80
N LEU PA 166 247.21 61.45 103.50
CA LEU PA 166 248.58 61.43 102.98
C LEU PA 166 249.19 62.83 102.90
N VAL PA 167 250.51 62.91 102.91
CA VAL PA 167 251.32 64.13 102.76
C VAL PA 167 252.19 64.00 101.51
N ALA PA 168 252.18 64.99 100.61
CA ALA PA 168 253.11 65.09 99.49
C ALA PA 168 254.37 65.90 99.87
N ILE PA 169 255.54 65.51 99.40
CA ILE PA 169 256.82 66.16 99.72
C ILE PA 169 257.55 66.62 98.44
N PRO PA 170 257.16 67.75 97.83
CA PRO PA 170 257.73 68.24 96.58
C PRO PA 170 259.26 68.37 96.50
N SER PA 171 259.97 68.59 97.60
CA SER PA 171 261.44 68.69 97.59
C SER PA 171 262.12 67.37 97.20
N LEU PA 172 261.47 66.23 97.46
CA LEU PA 172 261.94 64.90 97.10
C LEU PA 172 261.59 64.48 95.66
N LYS PA 173 261.35 65.43 94.74
CA LYS PA 173 261.08 65.13 93.32
C LYS PA 173 262.14 64.24 92.67
N GLN PA 174 261.72 63.42 91.72
CA GLN PA 174 262.59 62.61 90.87
C GLN PA 174 262.16 62.77 89.41
N GLU PA 175 263.12 62.90 88.49
CA GLU PA 175 262.87 63.05 87.07
C GLU PA 175 262.96 61.69 86.38
N VAL PA 176 261.93 61.33 85.60
CA VAL PA 176 261.73 59.99 85.04
C VAL PA 176 261.24 60.06 83.58
N ALA PA 177 261.69 59.15 82.73
CA ALA PA 177 261.24 59.05 81.36
C ALA PA 177 260.04 58.10 81.23
N VAL PA 178 258.91 58.58 80.72
CA VAL PA 178 257.69 57.77 80.52
C VAL PA 178 257.39 57.68 79.03
N GLY PA 179 257.84 56.60 78.39
CA GLY PA 179 257.94 56.52 76.94
C GLY PA 179 258.93 57.56 76.41
N GLN PA 180 258.49 58.44 75.51
CA GLN PA 180 259.30 59.58 75.06
C GLN PA 180 259.32 60.76 76.05
N SER PA 181 258.29 60.90 76.88
CA SER PA 181 258.04 62.15 77.61
C SER PA 181 258.88 62.31 78.88
N ALA PA 182 259.56 63.44 79.01
CA ALA PA 182 260.29 63.83 80.21
C ALA PA 182 259.33 64.20 81.34
N SER PA 183 259.10 63.27 82.28
CA SER PA 183 258.10 63.41 83.34
C SER PA 183 258.76 63.63 84.72
N VAL PA 184 257.96 63.94 85.73
CA VAL PA 184 258.43 64.13 87.12
C VAL PA 184 257.53 63.33 88.07
N ARG PA 185 258.06 62.79 89.17
CA ARG PA 185 257.24 62.26 90.26
C ARG PA 185 257.60 62.83 91.64
N VAL PA 186 256.60 62.96 92.50
CA VAL PA 186 256.71 63.40 93.91
C VAL PA 186 256.18 62.29 94.82
N PRO PA 187 256.85 61.93 95.92
CA PRO PA 187 256.39 60.86 96.81
C PRO PA 187 255.22 61.29 97.73
N LEU PA 188 254.41 60.31 98.15
CA LEU PA 188 253.36 60.44 99.17
C LEU PA 188 253.68 59.61 100.42
N TYR PA 189 253.54 60.18 101.61
CA TYR PA 189 253.72 59.50 102.90
C TYR PA 189 252.49 59.64 103.81
N ASP PA 190 252.11 58.62 104.57
CA ASP PA 190 251.04 58.73 105.56
C ASP PA 190 251.38 59.76 106.67
N LYS PA 191 250.45 60.62 107.08
CA LYS PA 191 250.69 61.63 108.12
C LYS PA 191 251.24 61.07 109.44
N GLU PA 192 251.10 59.77 109.70
CA GLU PA 192 251.72 59.07 110.83
C GLU PA 192 253.26 58.95 110.76
N VAL PA 193 253.93 59.35 109.69
CA VAL PA 193 255.39 59.55 109.69
C VAL PA 193 255.83 60.87 110.33
N PHE PA 194 254.90 61.74 110.73
CA PHE PA 194 255.20 62.99 111.45
C PHE PA 194 254.60 62.98 112.86
N PRO PA 195 255.25 62.34 113.85
CA PRO PA 195 254.72 62.25 115.21
C PRO PA 195 254.47 63.59 115.90
N GLU PA 196 255.20 64.66 115.56
CA GLU PA 196 254.93 66.01 116.11
C GLU PA 196 253.75 66.73 115.42
N GLY PA 197 253.19 66.13 114.37
CA GLY PA 197 252.08 66.64 113.56
C GLY PA 197 252.52 67.56 112.41
N VAL PA 198 251.69 67.59 111.37
CA VAL PA 198 251.70 68.59 110.28
C VAL PA 198 250.33 69.30 110.24
N PRO PA 199 250.23 70.58 109.86
CA PRO PA 199 248.94 71.30 109.80
C PRO PA 199 247.91 70.59 108.90
N GLN PA 200 246.62 70.64 109.24
CA GLN PA 200 245.58 69.92 108.48
C GLN PA 200 245.53 70.30 106.99
N LEU PA 201 245.82 71.55 106.61
CA LEU PA 201 245.90 71.96 105.20
C LEU PA 201 247.20 71.57 104.49
N ARG PA 202 248.24 71.10 105.20
CA ARG PA 202 249.49 70.58 104.61
C ARG PA 202 249.35 69.15 104.06
N GLN PA 203 248.32 68.42 104.47
CA GLN PA 203 247.92 67.12 103.92
C GLN PA 203 247.33 67.25 102.50
N PHE PA 204 247.48 66.23 101.68
CA PHE PA 204 247.00 66.22 100.29
C PHE PA 204 245.54 65.77 100.20
N TYR PA 205 244.69 66.58 99.58
CA TYR PA 205 243.28 66.25 99.31
C TYR PA 205 242.82 66.72 97.94
N ASN PA 206 242.11 65.88 97.19
CA ASN PA 206 241.39 66.31 96.00
C ASN PA 206 239.99 65.70 95.97
N SER PA 207 238.96 66.55 95.97
CA SER PA 207 237.58 66.11 96.05
C SER PA 207 237.10 65.36 94.81
N ASP PA 208 237.58 65.72 93.61
CA ASP PA 208 237.22 64.98 92.39
C ASP PA 208 237.84 63.58 92.35
N LEU PA 209 239.09 63.42 92.82
CA LEU PA 209 239.73 62.12 92.99
C LEU PA 209 238.97 61.24 94.00
N SER PA 210 238.65 61.75 95.18
CA SER PA 210 237.91 60.98 96.20
C SER PA 210 236.52 60.55 95.71
N ARG PA 211 235.76 61.45 95.07
CA ARG PA 211 234.48 61.14 94.43
C ARG PA 211 234.60 60.06 93.33
N CYS PA 212 235.63 60.11 92.48
CA CYS PA 212 235.89 59.09 91.48
C CYS PA 212 236.13 57.70 92.11
N MET PA 213 237.00 57.58 93.12
CA MET PA 213 237.17 56.34 93.89
C MET PA 213 235.89 55.83 94.55
N HIS PA 214 235.06 56.71 95.11
CA HIS PA 214 233.77 56.34 95.73
C HIS PA 214 232.87 55.57 94.75
N GLU PA 215 232.74 56.11 93.55
CA GLU PA 215 231.89 55.59 92.49
C GLU PA 215 232.53 54.41 91.74
N ALA PA 216 233.74 54.56 91.23
CA ALA PA 216 234.38 53.56 90.36
C ALA PA 216 235.04 52.40 91.11
N LEU PA 217 235.42 52.55 92.38
CA LEU PA 217 236.03 51.47 93.18
C LEU PA 217 235.10 50.92 94.26
N TYR PA 218 234.75 51.72 95.27
CA TYR PA 218 234.14 51.22 96.50
C TYR PA 218 232.66 50.84 96.36
N THR PA 219 231.88 51.50 95.51
CA THR PA 219 230.45 51.17 95.33
C THR PA 219 230.23 49.75 94.80
N GLY PA 220 231.07 49.25 93.91
CA GLY PA 220 230.97 47.89 93.40
C GLY PA 220 231.34 46.82 94.44
N LEU PA 221 232.27 47.12 95.36
CA LEU PA 221 232.60 46.25 96.50
C LEU PA 221 231.44 46.17 97.49
N ALA PA 222 230.78 47.30 97.76
CA ALA PA 222 229.55 47.34 98.55
C ALA PA 222 228.42 46.53 97.90
N GLN PA 223 228.19 46.65 96.59
CA GLN PA 223 227.23 45.82 95.86
C GLN PA 223 227.54 44.32 95.97
N ALA PA 224 228.81 43.90 95.91
CA ALA PA 224 229.22 42.51 96.10
C ALA PA 224 228.93 41.92 97.50
N LEU PA 225 228.80 42.76 98.53
CA LEU PA 225 228.44 42.38 99.91
C LEU PA 225 226.95 42.60 100.25
N ARG PA 226 226.16 43.21 99.35
CA ARG PA 226 224.79 43.73 99.56
C ARG PA 226 224.71 44.73 100.74
N VAL PA 227 225.60 45.73 100.72
CA VAL PA 227 225.68 46.89 101.63
C VAL PA 227 225.36 48.17 100.84
N ARG PA 228 224.57 49.10 101.39
CA ARG PA 228 224.23 50.42 100.77
C ARG PA 228 225.09 51.58 101.26
N ARG PA 229 225.60 51.50 102.48
CA ARG PA 229 226.37 52.54 103.19
C ARG PA 229 227.86 52.51 102.79
N VAL PA 230 228.17 53.03 101.62
CA VAL PA 230 229.51 52.97 100.99
C VAL PA 230 230.57 53.69 101.83
N GLY PA 231 230.28 54.89 102.35
CA GLY PA 231 231.21 55.67 103.18
C GLY PA 231 231.63 54.96 104.47
N LYS PA 232 230.69 54.27 105.14
CA LYS PA 232 230.97 53.38 106.28
C LYS PA 232 231.77 52.14 105.91
N LEU PA 233 231.57 51.54 104.73
CA LEU PA 233 232.45 50.48 104.24
C LEU PA 233 233.90 51.00 104.04
N VAL PA 234 234.11 52.20 103.49
CA VAL PA 234 235.46 52.76 103.35
C VAL PA 234 236.14 52.98 104.71
N GLU PA 235 235.42 53.52 105.71
CA GLU PA 235 235.94 53.70 107.06
C GLU PA 235 236.38 52.40 107.73
N LEU PA 236 235.60 51.32 107.63
CA LEU PA 236 235.98 50.05 108.25
C LEU PA 236 237.13 49.33 107.51
N LEU PA 237 237.30 49.51 106.19
CA LEU PA 237 238.47 49.00 105.46
C LEU PA 237 239.75 49.74 105.86
N GLU PA 238 239.71 51.05 106.09
CA GLU PA 238 240.87 51.84 106.55
C GLU PA 238 241.37 51.37 107.92
N LYS PA 239 240.48 51.27 108.91
CA LYS PA 239 240.82 50.80 110.26
C LYS PA 239 241.30 49.34 110.27
N GLN PA 240 240.78 48.48 109.40
CA GLN PA 240 241.29 47.13 109.23
C GLN PA 240 242.74 47.11 108.72
N SER PA 241 243.13 48.02 107.83
CA SER PA 241 244.50 48.12 107.35
C SER PA 241 245.45 48.70 108.40
N LEU PA 242 245.07 49.77 109.12
CA LEU PA 242 245.97 50.49 110.02
C LEU PA 242 246.05 49.96 111.45
N GLN PA 243 245.06 49.22 111.92
CA GLN PA 243 244.91 48.79 113.32
C GLN PA 243 244.73 47.26 113.46
N ASP PA 244 245.11 46.49 112.44
CA ASP PA 244 245.20 45.03 112.43
C ASP PA 244 243.90 44.27 112.79
N GLN PA 245 242.73 44.82 112.48
CA GLN PA 245 241.41 44.32 112.93
C GLN PA 245 240.87 43.10 112.14
N ALA PA 246 241.69 42.33 111.43
CA ALA PA 246 241.22 41.25 110.56
C ALA PA 246 240.38 40.17 111.28
N LYS PA 247 240.71 39.81 112.52
CA LYS PA 247 239.97 38.82 113.34
C LYS PA 247 238.79 39.41 114.15
N VAL PA 248 238.46 40.68 113.98
CA VAL PA 248 237.32 41.35 114.65
C VAL PA 248 236.14 41.48 113.67
N ALA PA 249 234.93 41.11 114.06
CA ALA PA 249 233.73 41.28 113.24
C ALA PA 249 233.38 42.78 113.08
N LYS PA 250 232.96 43.21 111.87
CA LYS PA 250 232.81 44.63 111.53
C LYS PA 250 231.73 44.96 110.50
N VAL PA 251 231.41 44.12 109.52
CA VAL PA 251 230.38 44.44 108.51
C VAL PA 251 228.96 44.10 108.96
N ALA PA 252 228.76 43.19 109.91
CA ALA PA 252 227.42 42.72 110.28
C ALA PA 252 226.37 43.82 110.56
N PRO PA 253 226.68 44.94 111.26
CA PRO PA 253 225.73 46.05 111.45
C PRO PA 253 225.21 46.70 110.16
N LEU PA 254 226.00 46.71 109.08
CA LEU PA 254 225.62 47.32 107.79
C LEU PA 254 224.73 46.42 106.92
N LYS PA 255 224.56 45.14 107.26
CA LYS PA 255 223.78 44.16 106.49
C LYS PA 255 222.28 44.47 106.45
N GLU PA 256 221.62 44.00 105.41
CA GLU PA 256 220.18 44.15 105.13
C GLU PA 256 219.64 42.89 104.46
N PHE PA 257 218.37 42.55 104.72
CA PHE PA 257 217.79 41.27 104.30
C PHE PA 257 216.43 41.44 103.60
N PRO PA 258 216.12 40.64 102.55
CA PRO PA 258 214.83 40.66 101.85
C PRO PA 258 213.75 39.81 102.58
N ALA PA 259 212.49 40.00 102.19
CA ALA PA 259 211.33 39.31 102.77
C ALA PA 259 211.39 37.77 102.65
N SER PA 260 212.02 37.23 101.59
CA SER PA 260 212.25 35.79 101.44
C SER PA 260 213.17 35.20 102.51
N THR PA 261 214.10 36.00 103.04
CA THR PA 261 214.98 35.62 104.17
C THR PA 261 214.30 35.84 105.51
N ILE PA 262 213.55 36.93 105.69
CA ILE PA 262 212.86 37.24 106.95
C ILE PA 262 211.67 36.29 107.22
N SER PA 263 210.95 35.87 106.19
CA SER PA 263 209.80 34.93 106.28
C SER PA 263 210.22 33.45 106.35
N HIS PA 264 211.52 33.14 106.26
CA HIS PA 264 212.03 31.78 106.15
C HIS PA 264 211.92 30.99 107.47
N PRO PA 265 211.59 29.68 107.45
CA PRO PA 265 211.52 28.86 108.67
C PRO PA 265 212.86 28.77 109.42
N ASP PA 266 213.98 28.81 108.70
CA ASP PA 266 215.35 28.86 109.24
C ASP PA 266 215.97 30.28 109.24
N SER PA 267 215.16 31.34 109.20
CA SER PA 267 215.62 32.73 109.03
C SER PA 267 216.73 33.15 110.00
N GLY PA 268 216.69 32.74 111.27
CA GLY PA 268 217.72 33.08 112.27
C GLY PA 268 219.10 32.52 111.93
N ALA PA 269 219.17 31.26 111.47
CA ALA PA 269 220.40 30.63 111.00
C ALA PA 269 220.87 31.19 109.65
N LEU PA 270 219.95 31.51 108.75
CA LEU PA 270 220.25 32.13 107.47
C LEU PA 270 220.87 33.53 107.63
N MET PA 271 220.34 34.38 108.51
CA MET PA 271 220.91 35.70 108.78
C MET PA 271 222.33 35.61 109.38
N ILE PA 272 222.63 34.61 110.22
CA ILE PA 272 223.98 34.37 110.73
C ILE PA 272 224.93 33.86 109.63
N VAL PA 273 224.53 32.90 108.79
CA VAL PA 273 225.40 32.38 107.71
C VAL PA 273 225.71 33.44 106.65
N ASP PA 274 224.71 34.19 106.18
CA ASP PA 274 224.88 35.29 105.22
C ASP PA 274 225.81 36.39 105.75
N SER PA 275 225.66 36.77 107.03
CA SER PA 275 226.54 37.75 107.69
C SER PA 275 227.98 37.24 107.85
N ALA PA 276 228.18 36.01 108.32
CA ALA PA 276 229.50 35.44 108.53
C ALA PA 276 230.29 35.26 107.22
N ALA PA 277 229.62 34.86 106.13
CA ALA PA 277 230.24 34.79 104.81
C ALA PA 277 230.78 36.16 104.33
N CYS PA 278 230.03 37.24 104.52
CA CYS PA 278 230.48 38.59 104.19
C CYS PA 278 231.64 39.06 105.06
N GLU PA 279 231.59 38.82 106.38
CA GLU PA 279 232.69 39.13 107.30
C GLU PA 279 234.01 38.47 106.85
N LEU PA 280 233.96 37.18 106.50
CA LEU PA 280 235.13 36.43 106.04
C LEU PA 280 235.67 36.97 104.71
N ALA PA 281 234.82 37.31 103.74
CA ALA PA 281 235.25 37.94 102.49
C ALA PA 281 235.98 39.28 102.73
N VAL PA 282 235.46 40.12 103.63
CA VAL PA 282 236.13 41.37 104.03
C VAL PA 282 237.42 41.15 104.83
N SER PA 283 237.55 40.09 105.64
CA SER PA 283 238.82 39.76 106.29
C SER PA 283 239.89 39.31 105.30
N TYR PA 284 239.58 38.42 104.35
CA TYR PA 284 240.58 37.75 103.52
C TYR PA 284 240.86 38.38 102.14
N ALA PA 285 239.88 38.97 101.45
CA ALA PA 285 240.13 39.52 100.11
C ALA PA 285 241.16 40.66 100.09
N PRO PA 286 241.09 41.70 100.96
CA PRO PA 286 242.13 42.73 101.02
C PRO PA 286 243.54 42.19 101.31
N ALA PA 287 243.69 41.21 102.21
CA ALA PA 287 244.98 40.58 102.51
C ALA PA 287 245.61 39.93 101.26
N MET PA 288 244.85 39.16 100.51
CA MET PA 288 245.32 38.55 99.26
C MET PA 288 245.62 39.58 98.16
N LEU PA 289 244.84 40.65 98.06
CA LEU PA 289 245.09 41.73 97.10
C LEU PA 289 246.35 42.56 97.43
N GLU PA 290 246.63 42.82 98.71
CA GLU PA 290 247.82 43.54 99.19
C GLU PA 290 249.13 42.74 99.07
N ALA PA 291 249.07 41.41 99.00
CA ALA PA 291 250.24 40.54 98.94
C ALA PA 291 251.23 40.87 97.79
N SER PA 292 252.46 40.38 97.88
CA SER PA 292 253.47 40.61 96.82
C SER PA 292 253.19 39.72 95.61
N HIS PA 293 253.14 40.28 94.40
CA HIS PA 293 252.76 39.57 93.17
C HIS PA 293 253.91 39.50 92.17
N GLU PA 294 253.96 38.45 91.36
CA GLU PA 294 254.86 38.38 90.19
C GLU PA 294 254.56 39.49 89.17
N THR PA 295 255.59 39.98 88.47
CA THR PA 295 255.45 41.01 87.42
C THR PA 295 255.29 40.35 86.04
N PRO PA 296 254.11 40.37 85.41
CA PRO PA 296 253.91 39.77 84.08
C PRO PA 296 254.64 40.52 82.96
N ALA PA 297 255.02 39.84 81.89
CA ALA PA 297 255.60 40.48 80.69
C ALA PA 297 254.60 41.39 79.95
N SER PA 298 253.30 41.19 80.14
CA SER PA 298 252.24 42.03 79.55
C SER PA 298 252.15 43.43 80.15
N LEU PA 299 252.82 43.70 81.28
CA LEU PA 299 252.84 45.01 81.92
C LEU PA 299 253.75 46.04 81.22
N ASN PA 300 254.55 45.59 80.25
CA ASN PA 300 255.51 46.41 79.51
C ASN PA 300 254.95 46.84 78.14
N TYR PA 301 254.40 48.06 78.05
CA TYR PA 301 253.64 48.54 76.89
C TYR PA 301 254.46 48.71 75.61
N ASP PA 302 255.75 48.98 75.72
CA ASP PA 302 256.62 49.18 74.56
C ASP PA 302 257.09 47.85 73.92
N SER PA 303 257.01 46.71 74.62
CA SER PA 303 257.21 45.38 74.04
C SER PA 303 255.92 44.69 73.56
N TRP PA 304 254.74 45.32 73.62
CA TRP PA 304 253.50 44.72 73.10
C TRP PA 304 253.62 44.43 71.59
N PRO PA 305 253.49 43.16 71.14
CA PRO PA 305 253.54 42.82 69.72
C PRO PA 305 252.50 43.50 68.83
N LEU PA 306 251.33 43.88 69.33
CA LEU PA 306 250.26 44.43 68.50
C LEU PA 306 250.63 45.71 67.74
N PHE PA 307 251.62 46.49 68.20
CA PHE PA 307 252.13 47.69 67.54
C PHE PA 307 253.18 47.43 66.45
N ALA PA 308 253.66 46.20 66.25
CA ALA PA 308 254.89 45.91 65.49
C ALA PA 308 254.88 46.37 64.02
N ASP PA 309 253.73 46.38 63.34
CA ASP PA 309 253.59 46.87 61.97
C ASP PA 309 253.13 48.34 61.85
N CYS PA 310 252.92 49.07 62.96
CA CYS PA 310 252.39 50.44 62.95
C CYS PA 310 253.42 51.49 62.53
N GLU PA 311 253.02 52.44 61.69
CA GLU PA 311 253.79 53.66 61.40
C GLU PA 311 252.96 54.91 61.76
N GLY PA 312 253.42 55.66 62.75
CA GLY PA 312 252.82 56.93 63.20
C GLY PA 312 251.61 56.79 64.15
N PRO PA 313 251.13 57.90 64.73
CA PRO PA 313 250.10 57.89 65.77
C PRO PA 313 248.73 57.33 65.36
N GLU PA 314 248.28 57.57 64.12
CA GLU PA 314 246.97 57.08 63.67
C GLU PA 314 246.91 55.56 63.61
N ALA PA 315 247.96 54.92 63.11
CA ALA PA 315 248.09 53.47 63.08
C ALA PA 315 248.09 52.86 64.50
N ARG PA 316 248.76 53.51 65.46
CA ARG PA 316 248.79 53.06 66.87
C ARG PA 316 247.41 53.15 67.54
N VAL PA 317 246.66 54.23 67.34
CA VAL PA 317 245.29 54.36 67.85
C VAL PA 317 244.34 53.34 67.22
N ALA PA 318 244.40 53.12 65.91
CA ALA PA 318 243.59 52.12 65.22
C ALA PA 318 243.91 50.67 65.66
N ALA PA 319 245.16 50.38 66.01
CA ALA PA 319 245.56 49.09 66.57
C ALA PA 319 245.00 48.86 67.97
N LEU PA 320 244.93 49.89 68.82
CA LEU PA 320 244.28 49.82 70.13
C LEU PA 320 242.77 49.58 70.02
N HIS PA 321 242.08 50.21 69.07
CA HIS PA 321 240.65 49.93 68.85
C HIS PA 321 240.39 48.48 68.42
N ARG PA 322 241.20 47.87 67.56
CA ARG PA 322 241.11 46.43 67.24
C ARG PA 322 241.37 45.55 68.46
N TYR PA 323 242.37 45.89 69.28
CA TYR PA 323 242.61 45.22 70.56
C TYR PA 323 241.38 45.26 71.47
N ASN PA 324 240.74 46.41 71.66
CA ASN PA 324 239.53 46.54 72.48
C ASN PA 324 238.35 45.71 71.96
N ALA PA 325 238.11 45.66 70.65
CA ALA PA 325 237.07 44.82 70.07
C ALA PA 325 237.26 43.32 70.40
N SER PA 326 238.49 42.81 70.44
CA SER PA 326 238.77 41.43 70.84
C SER PA 326 238.43 41.10 72.33
N LEU PA 327 238.34 42.09 73.21
CA LEU PA 327 237.90 41.93 74.60
C LEU PA 327 236.39 42.13 74.83
N ALA PA 328 235.68 42.81 73.93
CA ALA PA 328 234.27 43.17 74.11
C ALA PA 328 233.33 41.99 74.48
N PRO PA 329 233.43 40.77 73.91
CA PRO PA 329 232.52 39.67 74.26
C PRO PA 329 232.58 39.26 75.74
N HIS PA 330 233.72 39.41 76.41
CA HIS PA 330 233.84 39.21 77.86
C HIS PA 330 233.00 40.23 78.62
N VAL PA 331 233.08 41.51 78.25
CA VAL PA 331 232.34 42.60 78.89
C VAL PA 331 230.84 42.51 78.60
N SER PA 332 230.43 42.30 77.35
CA SER PA 332 229.00 42.20 77.02
C SER PA 332 228.34 40.95 77.58
N THR PA 333 229.06 39.85 77.77
CA THR PA 333 228.53 38.66 78.47
C THR PA 333 228.17 38.96 79.91
N GLN PA 334 228.99 39.71 80.64
CA GLN PA 334 228.69 40.15 82.00
C GLN PA 334 227.51 41.14 82.08
N ILE PA 335 227.08 41.77 80.99
CA ILE PA 335 225.85 42.56 80.93
C ILE PA 335 224.63 41.71 80.51
N PHE PA 336 224.75 40.89 79.46
CA PHE PA 336 223.63 40.17 78.87
C PHE PA 336 223.23 38.89 79.64
N ALA PA 337 224.12 38.25 80.40
CA ALA PA 337 223.82 36.99 81.08
C ALA PA 337 222.98 37.19 82.36
N THR PA 338 221.86 36.46 82.49
CA THR PA 338 220.99 36.53 83.67
C THR PA 338 221.72 36.13 84.96
N ASN PA 339 222.73 35.25 84.86
CA ASN PA 339 223.56 34.77 85.97
C ASN PA 339 224.97 35.40 86.01
N SER PA 340 225.11 36.63 85.52
CA SER PA 340 226.30 37.47 85.70
C SER PA 340 226.62 37.74 87.18
N VAL PA 341 227.91 37.82 87.53
CA VAL PA 341 228.39 38.23 88.88
C VAL PA 341 227.86 39.61 89.31
N LEU PA 342 227.55 40.50 88.36
CA LEU PA 342 226.97 41.81 88.61
C LEU PA 342 225.52 41.77 89.13
N TYR PA 343 224.81 40.65 89.03
CA TYR PA 343 223.41 40.48 89.43
C TYR PA 343 223.20 39.52 90.62
N VAL PA 344 224.25 39.15 91.34
CA VAL PA 344 224.17 38.35 92.58
C VAL PA 344 223.34 39.09 93.64
N SER PA 345 222.32 38.42 94.17
CA SER PA 345 221.27 38.99 95.02
C SER PA 345 221.39 38.63 96.51
N GLY PA 346 222.18 37.63 96.90
CA GLY PA 346 222.32 37.20 98.28
C GLY PA 346 222.49 35.69 98.48
N VAL PA 347 222.19 35.22 99.68
CA VAL PA 347 222.28 33.80 100.10
C VAL PA 347 220.88 33.27 100.43
N SER PA 348 220.58 32.03 100.06
CA SER PA 348 219.33 31.37 100.39
C SER PA 348 219.53 29.90 100.78
N LYS PA 349 218.52 29.25 101.34
CA LYS PA 349 218.55 27.87 101.82
C LYS PA 349 217.47 27.01 101.15
N SER PA 350 217.85 25.78 100.80
CA SER PA 350 217.03 24.78 100.12
C SER PA 350 215.65 24.54 100.77
N GLU PA 356 218.77 19.83 97.53
CA GLU PA 356 220.21 19.94 97.79
C GLU PA 356 220.65 19.03 98.94
N SER PA 357 221.85 18.44 98.83
CA SER PA 357 222.53 17.74 99.92
C SER PA 357 222.97 18.70 101.03
N LEU PA 358 223.33 18.17 102.21
CA LEU PA 358 223.60 18.96 103.42
C LEU PA 358 224.58 20.11 103.21
N PHE PA 359 225.76 19.85 102.64
CA PHE PA 359 226.78 20.89 102.44
C PHE PA 359 226.45 21.86 101.29
N ASN PA 360 225.60 21.47 100.34
CA ASN PA 360 225.08 22.36 99.30
C ASN PA 360 223.82 23.14 99.70
N SER PA 361 223.24 22.89 100.88
CA SER PA 361 221.92 23.42 101.26
C SER PA 361 221.83 24.94 101.36
N PHE PA 362 222.90 25.65 101.73
CA PHE PA 362 223.01 27.10 101.57
C PHE PA 362 223.73 27.43 100.26
N TYR PA 363 223.26 28.41 99.50
CA TYR PA 363 223.81 28.77 98.20
C TYR PA 363 223.60 30.23 97.79
N MET PA 364 224.39 30.73 96.83
CA MET PA 364 224.28 32.07 96.25
C MET PA 364 223.12 32.19 95.26
N THR PA 365 222.37 33.28 95.31
CA THR PA 365 221.22 33.60 94.43
C THR PA 365 221.48 34.79 93.52
N HIS PA 366 220.75 34.92 92.41
CA HIS PA 366 220.78 36.06 91.49
C HIS PA 366 219.37 36.59 91.17
N GLY PA 367 219.26 37.87 90.86
CA GLY PA 367 218.02 38.45 90.32
C GLY PA 367 217.88 39.95 90.55
N LEU PA 368 217.67 40.70 89.48
CA LEU PA 368 217.44 42.15 89.52
C LEU PA 368 216.10 42.52 90.20
N GLY PA 369 215.07 41.68 90.10
CA GLY PA 369 213.82 41.89 90.81
C GLY PA 369 214.02 41.89 92.32
N THR PA 370 214.80 40.95 92.84
CA THR PA 370 215.18 40.91 94.26
C THR PA 370 215.94 42.16 94.69
N LEU PA 371 216.86 42.64 93.86
CA LEU PA 371 217.65 43.84 94.14
C LEU PA 371 216.81 45.14 94.18
N GLN PA 372 215.63 45.19 93.58
CA GLN PA 372 214.71 46.33 93.68
C GLN PA 372 213.88 46.37 94.98
N GLU PA 373 213.71 45.25 95.69
CA GLU PA 373 212.78 45.15 96.84
C GLU PA 373 213.22 45.93 98.09
N GLY PA 374 212.27 46.25 98.97
CA GLY PA 374 212.56 46.72 100.33
C GLY PA 374 213.22 45.65 101.20
N THR PA 375 213.86 46.08 102.29
CA THR PA 375 214.71 45.27 103.17
C THR PA 375 214.46 45.54 104.66
N TRP PA 376 215.00 44.68 105.52
CA TRP PA 376 214.99 44.76 106.98
C TRP PA 376 216.41 44.65 107.55
N ASP PA 377 216.67 45.29 108.68
CA ASP PA 377 217.98 45.32 109.36
C ASP PA 377 218.25 44.04 110.19
N PRO PA 378 219.46 43.86 110.76
CA PRO PA 378 219.80 42.70 111.60
C PRO PA 378 218.92 42.50 112.85
N CYS PA 379 218.14 43.49 113.27
CA CYS PA 379 217.18 43.42 114.37
C CYS PA 379 215.72 43.32 113.88
N ARG PA 380 215.52 42.92 112.61
CA ARG PA 380 214.22 42.71 111.95
C ARG PA 380 213.34 43.97 111.83
N ARG PA 381 213.93 45.17 111.90
CA ARG PA 381 213.21 46.43 111.68
C ARG PA 381 213.25 46.82 110.20
N PRO PA 382 212.25 47.53 109.66
CA PRO PA 382 212.28 48.04 108.28
C PRO PA 382 213.52 48.91 108.00
N CYS PA 383 214.08 48.82 106.79
CA CYS PA 383 215.33 49.48 106.41
C CYS PA 383 215.18 50.28 105.11
N PHE PA 384 215.59 49.76 103.94
CA PHE PA 384 215.25 50.35 102.64
C PHE PA 384 213.79 50.01 102.28
N SER PA 385 213.05 50.94 101.68
CA SER PA 385 211.63 50.78 101.31
C SER PA 385 211.37 50.20 99.91
N GLY PA 386 212.41 49.97 99.09
CA GLY PA 386 212.28 49.43 97.74
C GLY PA 386 212.05 50.48 96.65
N TRP PA 387 212.04 50.03 95.40
CA TRP PA 387 211.75 50.82 94.22
C TRP PA 387 210.77 50.10 93.29
N GLY PA 388 209.75 50.80 92.78
CA GLY PA 388 208.70 50.22 91.94
C GLY PA 388 209.08 50.04 90.46
N GLY PA 389 210.29 50.42 90.06
CA GLY PA 389 210.72 50.45 88.66
C GLY PA 389 210.36 51.76 87.94
N PRO PA 390 210.74 51.89 86.66
CA PRO PA 390 210.52 53.09 85.84
C PRO PA 390 209.05 53.52 85.76
N GLY PA 394 210.20 53.31 79.44
CA GLY PA 394 211.18 53.28 78.36
C GLY PA 394 210.85 52.28 77.25
N THR PA 395 211.67 52.27 76.19
CA THR PA 395 211.36 51.57 74.93
C THR PA 395 211.25 50.03 75.03
N ASN PA 396 211.81 49.39 76.07
CA ASN PA 396 211.68 47.93 76.29
C ASN PA 396 210.39 47.52 77.04
N GLY PA 397 209.60 48.48 77.53
CA GLY PA 397 208.27 48.25 78.13
C GLY PA 397 208.23 47.71 79.57
N PRO PA 398 207.01 47.55 80.14
CA PRO PA 398 206.78 47.22 81.55
C PRO PA 398 207.32 45.85 81.99
N GLY PA 399 207.92 45.80 83.19
CA GLY PA 399 208.47 44.58 83.79
C GLY PA 399 209.77 44.06 83.17
N ASN PA 400 210.28 44.74 82.15
CA ASN PA 400 211.48 44.35 81.40
C ASN PA 400 212.69 45.20 81.83
N TYR PA 401 213.90 44.72 81.49
CA TYR PA 401 215.16 45.42 81.73
C TYR PA 401 215.14 46.82 81.11
N ALA PA 402 215.57 47.83 81.86
CA ALA PA 402 215.56 49.24 81.49
C ALA PA 402 216.97 49.85 81.64
N VAL PA 403 217.19 51.06 81.14
CA VAL PA 403 218.49 51.73 81.24
C VAL PA 403 218.97 51.85 82.70
N GLU PA 404 218.08 52.02 83.67
CA GLU PA 404 218.43 52.03 85.09
C GLU PA 404 219.12 50.73 85.57
N HIS PA 405 218.78 49.56 85.01
CA HIS PA 405 219.47 48.31 85.34
C HIS PA 405 220.90 48.26 84.80
N LEU PA 406 221.16 48.85 83.62
CA LEU PA 406 222.52 49.04 83.13
C LEU PA 406 223.29 50.03 84.03
N VAL PA 407 222.67 51.10 84.50
CA VAL PA 407 223.31 52.03 85.47
C VAL PA 407 223.65 51.31 86.78
N TYR PA 408 222.75 50.49 87.32
CA TYR PA 408 223.02 49.61 88.47
C TYR PA 408 224.18 48.61 88.24
N ALA PA 409 224.29 47.97 87.08
CA ALA PA 409 225.42 47.12 86.70
C ALA PA 409 226.76 47.87 86.71
N ALA PA 410 226.78 49.13 86.27
CA ALA PA 410 227.94 50.02 86.28
C ALA PA 410 228.19 50.74 87.61
N SER PA 411 227.61 50.31 88.75
CA SER PA 411 227.81 50.88 90.09
C SER PA 411 227.49 52.38 90.22
N PHE PA 412 226.55 52.90 89.43
CA PHE PA 412 226.16 54.32 89.41
C PHE PA 412 227.36 55.25 89.13
N SER PA 413 228.37 54.77 88.41
CA SER PA 413 229.60 55.49 88.10
C SER PA 413 229.57 55.94 86.65
N PRO PA 414 229.61 57.25 86.34
CA PRO PA 414 229.67 57.72 84.97
C PRO PA 414 230.94 57.29 84.23
N ASN PA 415 232.08 57.14 84.94
CA ASN PA 415 233.32 56.62 84.37
C ASN PA 415 233.17 55.15 83.91
N LEU PA 416 232.68 54.25 84.77
CA LEU PA 416 232.44 52.85 84.39
C LEU PA 416 231.36 52.73 83.30
N LEU PA 417 230.24 53.45 83.42
CA LEU PA 417 229.13 53.41 82.47
C LEU PA 417 229.56 53.84 81.06
N ALA PA 418 230.38 54.87 80.92
CA ALA PA 418 230.98 55.28 79.65
C ALA PA 418 231.80 54.16 78.98
N ARG PA 419 232.67 53.45 79.71
CA ARG PA 419 233.45 52.33 79.14
C ARG PA 419 232.58 51.10 78.82
N TYR PA 420 231.55 50.79 79.60
CA TYR PA 420 230.55 49.76 79.24
C TYR PA 420 229.84 50.10 77.92
N ALA PA 421 229.38 51.34 77.74
CA ALA PA 421 228.72 51.78 76.51
C ALA PA 421 229.65 51.70 75.29
N TYR PA 422 230.92 52.07 75.44
CA TYR PA 422 231.94 51.86 74.42
C TYR PA 422 232.09 50.38 73.99
N TYR PA 423 232.12 49.41 74.92
CA TYR PA 423 232.15 47.99 74.54
C TYR PA 423 230.84 47.53 73.88
N LEU PA 424 229.67 47.96 74.36
CA LEU PA 424 228.38 47.62 73.77
C LEU PA 424 228.22 48.13 72.32
N GLN PA 425 228.87 49.22 71.93
CA GLN PA 425 228.92 49.70 70.53
C GLN PA 425 229.57 48.72 69.52
N PHE PA 426 230.36 47.72 69.94
CA PHE PA 426 230.85 46.65 69.07
C PHE PA 426 229.84 45.51 68.83
N CYS PA 427 228.76 45.43 69.61
CA CYS PA 427 227.80 44.33 69.55
C CYS PA 427 226.79 44.46 68.40
N GLN PA 428 226.46 43.34 67.77
CA GLN PA 428 225.38 43.23 66.78
C GLN PA 428 224.00 43.32 67.44
N GLY PA 429 223.04 43.94 66.76
CA GLY PA 429 221.64 43.91 67.14
C GLY PA 429 220.97 42.59 66.70
N GLN PA 430 220.03 42.10 67.50
CA GLN PA 430 219.23 40.92 67.20
C GLN PA 430 217.76 41.23 67.46
N LYS PA 431 217.03 41.66 66.44
CA LYS PA 431 215.58 41.93 66.51
C LYS PA 431 214.79 40.65 66.83
N SER PA 432 213.89 40.72 67.81
CA SER PA 432 213.01 39.62 68.22
C SER PA 432 211.99 39.21 67.13
N VAL PA 437 209.92 46.73 64.01
CA VAL PA 437 210.71 47.81 64.61
C VAL PA 437 211.02 48.89 63.56
N PRO PA 438 210.98 50.20 63.91
CA PRO PA 438 211.43 51.27 63.03
C PRO PA 438 212.82 51.04 62.44
N GLU PA 439 213.05 51.49 61.21
CA GLU PA 439 214.40 51.48 60.61
C GLU PA 439 215.33 52.42 61.38
N THR PA 440 216.64 52.14 61.41
CA THR PA 440 217.60 52.88 62.26
C THR PA 440 217.55 54.38 62.00
N GLY PA 441 217.56 54.81 60.74
CA GLY PA 441 217.55 56.21 60.34
C GLY PA 441 216.26 56.95 60.65
N SER PA 442 215.10 56.27 60.59
CA SER PA 442 213.84 56.87 61.05
C SER PA 442 213.67 56.87 62.57
N TYR PA 443 214.39 56.04 63.33
CA TYR PA 443 214.52 56.21 64.78
C TYR PA 443 215.44 57.39 65.13
N VAL PA 444 216.64 57.47 64.54
CA VAL PA 444 217.61 58.54 64.79
C VAL PA 444 217.09 59.93 64.40
N ALA PA 445 216.43 60.10 63.25
CA ALA PA 445 215.79 61.36 62.88
C ALA PA 445 214.44 61.60 63.60
N GLY PA 446 213.76 60.53 64.01
CA GLY PA 446 212.48 60.55 64.71
C GLY PA 446 212.62 60.65 66.23
N ALA PA 447 212.15 59.65 66.97
CA ALA PA 447 212.04 59.70 68.44
C ALA PA 447 213.35 59.99 69.20
N ALA PA 448 214.53 59.66 68.66
CA ALA PA 448 215.80 60.00 69.33
C ALA PA 448 216.09 61.51 69.40
N ALA PA 449 215.52 62.31 68.48
CA ALA PA 449 215.70 63.76 68.38
C ALA PA 449 214.65 64.57 69.19
N SER PA 450 213.78 63.91 69.94
CA SER PA 450 212.74 64.54 70.77
C SER PA 450 213.34 65.38 71.91
N PRO PA 451 212.83 66.60 72.19
CA PRO PA 451 213.32 67.43 73.29
C PRO PA 451 213.05 66.83 74.69
N MET PA 452 212.28 65.75 74.77
CA MET PA 452 211.98 65.02 76.00
C MET PA 452 213.12 64.12 76.53
N CYS PA 453 214.18 63.83 75.74
CA CYS PA 453 215.33 63.03 76.20
C CYS PA 453 216.05 63.73 77.37
N SER PA 454 216.12 63.07 78.54
CA SER PA 454 216.81 63.59 79.73
C SER PA 454 218.34 63.48 79.66
N LEU PA 455 218.91 63.06 78.53
CA LEU PA 455 220.36 62.88 78.35
C LEU PA 455 220.93 63.88 77.32
N CYS PA 456 220.40 63.92 76.09
CA CYS PA 456 220.88 64.75 74.99
C CYS PA 456 219.98 65.95 74.64
N GLU PA 457 218.78 66.05 75.22
CA GLU PA 457 217.73 67.00 74.81
C GLU PA 457 217.34 66.86 73.32
N GLY PA 458 217.63 65.71 72.69
CA GLY PA 458 217.50 65.50 71.26
C GLY PA 458 218.65 66.08 70.42
N ARG PA 459 219.66 66.72 71.04
CA ARG PA 459 220.76 67.44 70.36
C ARG PA 459 222.01 66.57 70.06
N ALA PA 460 222.00 65.27 70.37
CA ALA PA 460 223.06 64.31 70.00
C ALA PA 460 222.51 62.90 69.68
N PRO PA 461 221.52 62.76 68.77
CA PRO PA 461 220.66 61.58 68.72
C PRO PA 461 221.36 60.28 68.27
N ALA PA 462 222.43 60.35 67.51
CA ALA PA 462 223.10 59.16 66.99
C ALA PA 462 224.00 58.45 68.01
N VAL PA 463 224.63 59.17 68.93
CA VAL PA 463 225.50 58.62 70.00
C VAL PA 463 224.82 58.46 71.36
N CYS PA 464 223.64 59.04 71.59
CA CYS PA 464 222.92 58.97 72.87
C CYS PA 464 222.80 57.54 73.43
N LEU PA 465 222.97 57.38 74.74
CA LEU PA 465 222.85 56.10 75.43
C LEU PA 465 221.48 55.46 75.20
N ASN PA 466 220.40 56.23 75.13
CA ASN PA 466 219.06 55.72 74.82
C ASN PA 466 218.97 55.12 73.40
N THR PA 467 219.73 55.63 72.44
CA THR PA 467 219.82 55.08 71.08
C THR PA 467 220.57 53.75 71.06
N LEU PA 468 221.71 53.64 71.76
CA LEU PA 468 222.43 52.38 71.93
C LEU PA 468 221.57 51.33 72.64
N PHE PA 469 220.87 51.72 73.71
CA PHE PA 469 219.94 50.86 74.42
C PHE PA 469 218.80 50.37 73.53
N PHE PA 470 218.19 51.24 72.72
CA PHE PA 470 217.13 50.86 71.77
C PHE PA 470 217.61 49.81 70.75
N ARG PA 471 218.84 49.95 70.23
CA ARG PA 471 219.46 49.03 69.28
C ARG PA 471 219.70 47.63 69.84
N LEU PA 472 220.11 47.49 71.11
CA LEU PA 472 220.47 46.22 71.78
C LEU PA 472 219.37 45.61 72.67
N ARG PA 473 218.19 46.21 72.66
CA ARG PA 473 217.03 45.98 73.53
C ARG PA 473 216.63 44.51 73.78
N ASP PA 474 216.52 43.71 72.74
CA ASP PA 474 216.14 42.30 72.82
C ASP PA 474 217.24 41.36 73.34
N ARG PA 475 218.47 41.86 73.59
CA ARG PA 475 219.58 41.08 74.17
C ARG PA 475 219.74 41.19 75.68
N PHE PA 476 219.15 42.19 76.34
CA PHE PA 476 219.21 42.33 77.80
C PHE PA 476 218.43 41.21 78.50
N PRO PA 477 218.84 40.77 79.70
CA PRO PA 477 218.22 39.65 80.41
C PRO PA 477 216.82 39.99 80.95
N PRO PA 478 216.01 39.01 81.39
CA PRO PA 478 214.78 39.25 82.15
C PRO PA 478 215.06 39.70 83.59
N VAL PA 479 214.06 40.30 84.25
CA VAL PA 479 214.16 40.80 85.64
C VAL PA 479 213.53 39.79 86.61
N MET PA 480 214.35 39.15 87.44
CA MET PA 480 213.99 37.93 88.20
C MET PA 480 213.86 38.13 89.71
N SER PA 481 212.87 37.50 90.34
CA SER PA 481 212.59 37.55 91.78
C SER PA 481 212.64 36.19 92.49
N THR PA 482 213.18 35.14 91.85
CA THR PA 482 213.23 33.76 92.37
C THR PA 482 214.55 33.43 93.10
N GLN PA 483 214.61 32.28 93.79
CA GLN PA 483 215.71 31.90 94.69
C GLN PA 483 216.36 30.54 94.36
N ARG PA 484 216.39 30.13 93.09
CA ARG PA 484 217.01 28.87 92.60
C ARG PA 484 218.55 28.85 92.69
N ARG PA 485 219.14 27.67 92.89
CA ARG PA 485 220.60 27.40 92.91
C ARG PA 485 221.19 27.24 91.50
N ASP PA 486 221.65 28.35 90.92
CA ASP PA 486 222.32 28.39 89.60
C ASP PA 486 223.82 28.70 89.71
N PRO PA 487 224.64 28.33 88.70
CA PRO PA 487 226.01 28.82 88.54
C PRO PA 487 226.06 30.34 88.32
N TYR PA 488 227.18 31.00 88.62
CA TYR PA 488 227.42 32.41 88.29
C TYR PA 488 228.61 32.58 87.34
N VAL PA 489 228.63 33.65 86.54
CA VAL PA 489 229.62 33.87 85.47
C VAL PA 489 230.79 34.76 85.93
N ILE PA 490 232.02 34.31 85.74
CA ILE PA 490 233.25 35.02 86.14
C ILE PA 490 234.13 35.33 84.92
N SER PA 491 234.95 36.39 84.99
CA SER PA 491 235.87 36.84 83.94
C SER PA 491 237.26 37.12 84.49
N GLY PA 492 238.31 36.80 83.75
CA GLY PA 492 239.69 37.15 84.11
C GLY PA 492 240.76 36.39 83.34
N ALA PA 493 242.02 36.61 83.71
CA ALA PA 493 243.18 35.91 83.17
C ALA PA 493 243.24 34.43 83.58
N SER PA 494 243.67 33.57 82.66
CA SER PA 494 243.97 32.16 82.95
C SER PA 494 245.39 31.98 83.50
N GLY PA 495 245.59 30.91 84.27
CA GLY PA 495 246.88 30.50 84.82
C GLY PA 495 247.76 29.75 83.82
N SER PA 496 248.92 29.30 84.28
CA SER PA 496 249.97 28.68 83.44
C SER PA 496 249.64 27.26 82.96
N TYR PA 497 248.96 26.43 83.76
CA TYR PA 497 248.83 24.99 83.51
C TYR PA 497 247.38 24.55 83.36
N ASN PA 498 246.87 24.57 82.13
CA ASN PA 498 245.52 24.14 81.77
C ASN PA 498 245.57 22.76 81.10
N GLU PA 499 244.62 21.88 81.41
CA GLU PA 499 244.53 20.52 80.89
C GLU PA 499 243.20 20.35 80.15
N THR PA 500 243.19 20.65 78.86
CA THR PA 500 241.99 20.81 78.02
C THR PA 500 242.06 20.09 76.67
N ASP PA 501 243.01 19.17 76.46
CA ASP PA 501 242.89 18.13 75.41
C ASP PA 501 241.74 17.15 75.74
N PHE PA 502 241.34 16.29 74.79
CA PHE PA 502 240.12 15.47 74.87
C PHE PA 502 239.96 14.62 76.15
N LEU PA 503 241.04 14.11 76.74
CA LEU PA 503 241.01 13.36 78.02
C LEU PA 503 241.56 14.16 79.22
N GLY PA 504 241.65 15.49 79.12
CA GLY PA 504 241.96 16.37 80.25
C GLY PA 504 243.24 16.02 81.00
N ASN PA 505 243.16 15.84 82.31
CA ASN PA 505 244.28 15.51 83.18
C ASN PA 505 244.66 14.01 83.25
N PHE PA 506 244.13 13.14 82.39
CA PHE PA 506 244.56 11.73 82.27
C PHE PA 506 246.09 11.62 82.10
N LEU PA 507 246.76 10.82 82.92
CA LEU PA 507 248.23 10.59 82.88
C LEU PA 507 249.05 11.89 82.71
N ASN PA 508 248.70 12.96 83.44
CA ASN PA 508 249.45 14.22 83.38
C ASN PA 508 250.87 14.10 83.97
N PHE PA 509 251.03 13.27 84.99
CA PHE PA 509 252.30 12.95 85.65
C PHE PA 509 252.40 11.43 85.92
N ILE PA 510 253.61 10.95 86.19
CA ILE PA 510 253.94 9.54 86.47
C ILE PA 510 254.67 9.44 87.82
N TYR PA 525 254.56 6.75 79.33
CA TYR PA 525 254.86 8.18 79.32
C TYR PA 525 253.60 9.04 79.52
N THR PA 526 253.77 10.31 79.92
CA THR PA 526 252.63 11.22 80.18
C THR PA 526 251.82 11.50 78.92
N TYR PA 527 250.54 11.83 79.08
CA TYR PA 527 249.66 12.22 77.97
C TYR PA 527 250.17 13.49 77.27
N TRP PA 528 250.79 14.41 77.99
CA TRP PA 528 251.50 15.55 77.40
C TRP PA 528 252.62 15.11 76.46
N GLN PA 529 253.47 14.18 76.89
CA GLN PA 529 254.54 13.64 76.04
C GLN PA 529 253.98 12.89 74.81
N LEU PA 530 252.92 12.10 74.96
CA LEU PA 530 252.23 11.45 73.85
C LEU PA 530 251.76 12.45 72.77
N ASN PA 531 251.19 13.58 73.19
CA ASN PA 531 250.77 14.62 72.25
C ASN PA 531 251.98 15.29 71.58
N GLN PA 532 253.08 15.55 72.29
CA GLN PA 532 254.33 16.03 71.69
C GLN PA 532 254.93 15.06 70.68
N ASN PA 533 254.89 13.75 70.93
CA ASN PA 533 255.33 12.73 69.97
C ASN PA 533 254.51 12.77 68.68
N LEU PA 534 253.18 12.89 68.78
CA LEU PA 534 252.31 12.96 67.61
C LEU PA 534 252.61 14.21 66.74
N LEU PA 535 252.80 15.39 67.34
CA LEU PA 535 253.18 16.60 66.60
C LEU PA 535 254.54 16.45 65.88
N GLU PA 536 255.50 15.74 66.46
CA GLU PA 536 256.76 15.39 65.80
C GLU PA 536 256.56 14.50 64.56
N ARG PA 537 255.74 13.44 64.65
CA ARG PA 537 255.40 12.62 63.48
C ARG PA 537 254.70 13.44 62.39
N LEU PA 538 253.76 14.32 62.77
CA LEU PA 538 253.04 15.17 61.82
C LEU PA 538 253.98 16.20 61.14
N SER PA 539 255.03 16.65 61.83
CA SER PA 539 256.08 17.50 61.24
C SER PA 539 256.84 16.78 60.12
N ARG PA 540 257.21 15.50 60.29
CA ARG PA 540 257.80 14.66 59.22
C ARG PA 540 256.88 14.42 58.01
N LEU PA 541 255.56 14.55 58.18
CA LEU PA 541 254.58 14.54 57.08
C LEU PA 541 254.34 15.91 56.41
N GLY PA 542 255.00 16.98 56.89
CA GLY PA 542 254.84 18.35 56.36
C GLY PA 542 253.66 19.15 56.93
N ILE PA 543 253.15 18.78 58.11
CA ILE PA 543 252.00 19.41 58.78
C ILE PA 543 252.46 20.15 60.06
N ASP PA 544 252.15 21.42 60.23
CA ASP PA 544 252.49 22.19 61.45
C ASP PA 544 251.48 22.06 62.61
N ALA PA 545 251.76 22.67 63.76
CA ALA PA 545 250.92 22.61 64.96
C ALA PA 545 249.51 23.22 64.83
N GLU PA 546 249.24 24.04 63.80
CA GLU PA 546 247.93 24.60 63.47
C GLU PA 546 247.29 23.89 62.26
N GLY PA 547 247.92 22.81 61.76
CA GLY PA 547 247.43 21.98 60.67
C GLY PA 547 247.69 22.54 59.26
N LYS PA 548 248.57 23.53 59.09
CA LYS PA 548 248.94 24.06 57.75
C LYS PA 548 249.93 23.10 57.06
N LEU PA 549 249.74 22.87 55.77
CA LEU PA 549 250.63 22.04 54.94
C LEU PA 549 251.77 22.86 54.33
N GLU PA 550 252.96 22.27 54.28
CA GLU PA 550 254.05 22.77 53.42
C GLU PA 550 253.83 22.47 51.91
N LYS PA 551 252.96 21.51 51.58
CA LYS PA 551 252.59 21.16 50.19
C LYS PA 551 251.13 20.69 50.11
N GLU PA 552 250.29 21.44 49.42
CA GLU PA 552 248.87 21.13 49.22
C GLU PA 552 248.65 19.96 48.24
N PRO PA 553 247.65 19.09 48.43
CA PRO PA 553 247.44 17.91 47.59
C PRO PA 553 247.07 18.29 46.15
N HIS PA 554 247.75 17.66 45.19
CA HIS PA 554 247.64 17.92 43.76
C HIS PA 554 246.37 17.38 43.07
N GLY PA 555 245.73 16.36 43.63
CA GLY PA 555 244.68 15.58 42.96
C GLY PA 555 244.25 14.35 43.77
N PRO PA 556 243.38 13.48 43.23
CA PRO PA 556 242.84 12.31 43.94
C PRO PA 556 243.88 11.41 44.63
N ARG PA 557 244.95 11.00 43.92
CA ARG PA 557 246.01 10.15 44.49
C ARG PA 557 246.68 10.83 45.68
N ASP PA 558 247.02 12.10 45.52
CA ASP PA 558 247.71 12.88 46.55
C ASP PA 558 246.82 13.14 47.78
N PHE PA 559 245.51 13.32 47.58
CA PHE PA 559 244.54 13.48 48.67
C PHE PA 559 244.39 12.19 49.48
N VAL PA 560 244.29 11.02 48.83
CA VAL PA 560 244.28 9.72 49.53
C VAL PA 560 245.61 9.48 50.24
N LYS PA 561 246.74 9.68 49.56
CA LYS PA 561 248.09 9.49 50.11
C LYS PA 561 248.31 10.34 51.37
N MET PA 562 247.93 11.61 51.35
CA MET PA 562 247.98 12.52 52.50
C MET PA 562 247.32 11.91 53.75
N PHE PA 563 246.09 11.40 53.65
CA PHE PA 563 245.40 10.80 54.80
C PHE PA 563 245.98 9.45 55.22
N LYS PA 564 246.31 8.55 54.29
CA LYS PA 564 246.81 7.21 54.66
C LYS PA 564 248.11 7.31 55.46
N ASP PA 565 248.98 8.27 55.14
CA ASP PA 565 250.18 8.55 55.93
C ASP PA 565 249.88 9.05 57.35
N VAL PA 566 248.89 9.93 57.54
CA VAL PA 566 248.48 10.37 58.89
C VAL PA 566 247.88 9.22 59.69
N ASP PA 567 246.99 8.42 59.10
CA ASP PA 567 246.41 7.25 59.78
C ASP PA 567 247.51 6.26 60.24
N ALA PA 568 248.46 5.92 59.35
CA ALA PA 568 249.58 5.06 59.71
C ALA PA 568 250.48 5.68 60.80
N ALA PA 569 250.74 6.99 60.76
CA ALA PA 569 251.51 7.68 61.80
C ALA PA 569 250.82 7.69 63.18
N VAL PA 570 249.50 7.86 63.24
CA VAL PA 570 248.73 7.77 64.50
C VAL PA 570 248.72 6.33 65.02
N ASP PA 571 248.49 5.36 64.14
CA ASP PA 571 248.39 3.95 64.51
C ASP PA 571 249.74 3.39 65.01
N ALA PA 572 250.87 3.88 64.48
CA ALA PA 572 252.20 3.59 65.04
C ALA PA 572 252.38 4.10 66.47
N GLU PA 573 251.94 5.32 66.79
CA GLU PA 573 252.09 5.88 68.14
C GLU PA 573 251.18 5.20 69.17
N VAL PA 574 249.98 4.75 68.79
CA VAL PA 574 249.11 3.98 69.69
C VAL PA 574 249.79 2.71 70.18
N VAL PA 575 250.50 1.99 69.30
CA VAL PA 575 251.24 0.77 69.67
C VAL PA 575 252.34 1.08 70.69
N GLN PA 576 253.20 2.06 70.42
CA GLN PA 576 254.29 2.40 71.35
C GLN PA 576 253.76 2.86 72.72
N PHE PA 577 252.65 3.58 72.75
CA PHE PA 577 251.98 3.96 74.00
C PHE PA 577 251.39 2.75 74.74
N MET PA 578 250.61 1.88 74.09
CA MET PA 578 250.03 0.69 74.72
C MET PA 578 251.10 -0.30 75.23
N ASN PA 579 252.25 -0.41 74.55
CA ASN PA 579 253.40 -1.16 75.06
C ASN PA 579 253.95 -0.57 76.37
N SER PA 580 254.07 0.76 76.48
CA SER PA 580 254.50 1.41 77.73
C SER PA 580 253.53 1.12 78.89
N MET PA 581 252.22 1.24 78.67
CA MET PA 581 251.24 0.99 79.73
C MET PA 581 251.27 -0.47 80.20
N ALA PA 582 251.44 -1.42 79.27
CA ALA PA 582 251.53 -2.85 79.56
C ALA PA 582 252.77 -3.22 80.40
N LYS PA 583 253.98 -2.85 79.96
CA LYS PA 583 255.23 -3.27 80.63
C LYS PA 583 255.41 -2.69 82.05
N ASN PA 584 254.73 -1.58 82.34
CA ASN PA 584 254.72 -0.94 83.66
C ASN PA 584 253.54 -1.35 84.56
N ASN PA 585 252.64 -2.21 84.08
CA ASN PA 585 251.40 -2.63 84.78
C ASN PA 585 250.52 -1.44 85.25
N ILE PA 586 250.51 -0.32 84.52
CA ILE PA 586 249.72 0.88 84.89
C ILE PA 586 248.23 0.61 84.64
N THR PA 587 247.37 0.95 85.60
CA THR PA 587 245.92 0.69 85.54
C THR PA 587 245.15 1.73 84.71
N TYR PA 588 245.61 1.99 83.49
CA TYR PA 588 245.08 3.05 82.61
C TYR PA 588 243.57 2.92 82.33
N LYS PA 589 243.08 1.68 82.27
CA LYS PA 589 241.67 1.28 82.13
C LYS PA 589 240.75 1.78 83.25
N ASP PA 590 241.27 2.01 84.47
CA ASP PA 590 240.54 2.68 85.55
C ASP PA 590 240.89 4.18 85.66
N LEU PA 591 242.11 4.61 85.31
CA LEU PA 591 242.47 6.03 85.30
C LEU PA 591 241.67 6.88 84.29
N VAL PA 592 241.21 6.32 83.17
CA VAL PA 592 240.29 7.02 82.25
C VAL PA 592 238.97 7.41 82.92
N LYS PA 593 238.38 6.54 83.76
CA LYS PA 593 237.08 6.77 84.41
C LYS PA 593 237.06 8.03 85.29
N SER PA 594 238.18 8.38 85.91
CA SER PA 594 238.28 9.52 86.83
C SER PA 594 238.96 10.78 86.25
N CYS PA 595 239.18 10.88 84.93
CA CYS PA 595 239.83 12.07 84.36
C CYS PA 595 238.88 13.29 84.23
N TYR PA 596 239.43 14.49 84.41
CA TYR PA 596 238.73 15.79 84.35
C TYR PA 596 239.45 16.75 83.38
N HIS PA 597 238.71 17.59 82.67
CA HIS PA 597 239.28 18.85 82.15
C HIS PA 597 239.57 19.82 83.30
N VAL PA 598 240.68 20.54 83.24
CA VAL PA 598 241.06 21.52 84.26
C VAL PA 598 241.43 22.86 83.63
N MET PA 599 240.90 23.96 84.17
CA MET PA 599 241.31 25.33 83.85
C MET PA 599 241.71 26.07 85.12
N GLN PA 600 242.75 26.88 85.05
CA GLN PA 600 243.20 27.72 86.17
C GLN PA 600 242.73 29.16 85.97
N TYR PA 601 241.98 29.71 86.92
CA TYR PA 601 241.67 31.14 87.01
C TYR PA 601 242.74 31.80 87.89
N SER PA 602 243.49 32.75 87.34
CA SER PA 602 244.61 33.41 88.04
C SER PA 602 244.14 34.34 89.16
N CYS PA 603 244.86 34.40 90.28
CA CYS PA 603 244.59 35.34 91.39
C CYS PA 603 245.54 36.54 91.44
N ASN PA 604 246.37 36.77 90.42
CA ASN PA 604 247.22 37.96 90.33
C ASN PA 604 246.44 39.13 89.70
N PRO PA 605 246.27 40.29 90.38
CA PRO PA 605 245.60 41.46 89.79
C PRO PA 605 246.36 42.07 88.61
N PHE PA 606 247.69 41.92 88.53
CA PHE PA 606 248.50 42.44 87.42
C PHE PA 606 248.46 41.57 86.16
N ALA PA 607 248.00 40.32 86.23
CA ALA PA 607 247.81 39.44 85.09
C ALA PA 607 246.55 39.76 84.24
N GLN PA 608 245.61 40.54 84.75
CA GLN PA 608 244.37 40.92 84.06
C GLN PA 608 244.63 41.83 82.84
N PRO PA 609 243.77 41.89 81.82
CA PRO PA 609 243.94 42.79 80.68
C PRO PA 609 243.90 44.27 81.08
N ALA PA 610 244.62 45.14 80.37
CA ALA PA 610 244.74 46.58 80.64
C ALA PA 610 243.46 47.39 80.33
N CYS PA 611 242.42 47.16 81.13
CA CYS PA 611 241.12 47.82 81.11
C CYS PA 611 240.65 48.02 82.57
N PRO PA 612 240.20 49.23 82.96
CA PRO PA 612 239.63 49.46 84.28
C PRO PA 612 238.33 48.70 84.61
N ILE PA 613 237.56 48.21 83.62
CA ILE PA 613 236.40 47.35 83.89
C ILE PA 613 236.84 45.99 84.43
N PHE PA 614 237.96 45.45 83.95
CA PHE PA 614 238.50 44.19 84.48
C PHE PA 614 238.98 44.27 85.93
N THR PA 615 239.30 45.45 86.46
CA THR PA 615 239.52 45.65 87.91
C THR PA 615 238.26 45.27 88.70
N GLN PA 616 237.11 45.83 88.34
CA GLN PA 616 235.83 45.51 88.99
C GLN PA 616 235.39 44.04 88.78
N LEU PA 617 235.49 43.51 87.57
CA LEU PA 617 235.15 42.10 87.34
C LEU PA 617 236.04 41.14 88.13
N PHE PA 618 237.35 41.37 88.24
CA PHE PA 618 238.24 40.54 89.05
C PHE PA 618 237.93 40.61 90.55
N TYR PA 619 237.83 41.81 91.14
CA TYR PA 619 237.55 42.00 92.56
C TYR PA 619 236.19 41.40 92.97
N ARG PA 620 235.14 41.59 92.18
CA ARG PA 620 233.80 41.02 92.44
C ARG PA 620 233.74 39.51 92.24
N SER PA 621 234.50 38.94 91.31
CA SER PA 621 234.63 37.49 91.17
C SER PA 621 235.29 36.87 92.41
N LEU PA 622 236.39 37.46 92.90
CA LEU PA 622 237.08 37.00 94.11
C LEU PA 622 236.20 37.09 95.36
N LEU PA 623 235.53 38.21 95.63
CA LEU PA 623 234.64 38.35 96.79
C LEU PA 623 233.50 37.33 96.75
N THR PA 624 232.94 37.04 95.58
CA THR PA 624 231.85 36.06 95.42
C THR PA 624 232.33 34.62 95.69
N ILE PA 625 233.51 34.26 95.21
CA ILE PA 625 234.06 32.91 95.40
C ILE PA 625 234.40 32.66 96.87
N LEU PA 626 234.92 33.65 97.59
CA LEU PA 626 235.20 33.52 99.03
C LEU PA 626 233.92 33.36 99.87
N GLN PA 627 232.83 34.05 99.52
CA GLN PA 627 231.54 33.83 100.16
C GLN PA 627 231.03 32.41 99.92
N ASP PA 628 231.00 31.94 98.69
CA ASP PA 628 230.49 30.61 98.33
C ASP PA 628 231.29 29.47 98.96
N ILE PA 629 232.62 29.58 99.07
CA ILE PA 629 233.46 28.62 99.80
C ILE PA 629 233.13 28.60 101.30
N SER PA 630 232.81 29.75 101.90
CA SER PA 630 232.59 29.84 103.35
C SER PA 630 231.26 29.27 103.85
N LEU PA 631 230.25 29.09 102.99
CA LEU PA 631 228.89 28.75 103.43
C LEU PA 631 228.80 27.49 104.31
N PRO PA 632 229.34 26.31 103.94
CA PRO PA 632 229.22 25.12 104.79
C PRO PA 632 230.08 25.18 106.05
N ILE PA 633 231.19 25.93 106.05
CA ILE PA 633 232.05 26.15 107.21
C ILE PA 633 231.28 26.91 108.30
N CYS PA 634 230.53 27.95 107.91
CA CYS PA 634 229.66 28.72 108.79
C CYS PA 634 228.48 27.88 109.30
N MET PA 635 227.82 27.12 108.42
CA MET PA 635 226.71 26.23 108.77
C MET PA 635 227.10 25.20 109.84
N CYS PA 636 228.23 24.51 109.68
CA CYS PA 636 228.65 23.49 110.65
C CYS PA 636 229.01 24.11 112.01
N TYR PA 637 229.69 25.26 112.02
CA TYR PA 637 229.97 25.96 113.27
C TYR PA 637 228.68 26.43 113.97
N GLU PA 638 227.70 26.95 113.23
CA GLU PA 638 226.43 27.40 113.81
C GLU PA 638 225.54 26.22 114.28
N ASN PA 639 225.55 25.08 113.59
CA ASN PA 639 224.88 23.86 114.08
C ASN PA 639 225.40 23.42 115.45
N ASP PA 640 226.69 23.61 115.74
CA ASP PA 640 227.32 23.34 117.05
C ASP PA 640 227.16 24.47 118.08
N ASN PA 641 226.90 25.70 117.63
CA ASN PA 641 226.85 26.92 118.45
C ASN PA 641 225.63 27.77 118.07
N PRO PA 642 224.40 27.32 118.34
CA PRO PA 642 223.18 27.86 117.73
C PRO PA 642 222.92 29.34 118.05
N GLY PA 643 222.18 30.01 117.16
CA GLY PA 643 221.84 31.43 117.30
C GLY PA 643 220.93 31.75 118.49
N LEU PA 644 220.00 30.86 118.85
CA LEU PA 644 219.11 30.99 120.02
C LEU PA 644 218.41 32.36 120.12
N GLY PA 645 217.96 32.91 118.98
CA GLY PA 645 217.30 34.21 118.88
C GLY PA 645 218.22 35.44 118.94
N GLN PA 646 219.54 35.28 119.09
CA GLN PA 646 220.49 36.39 118.95
C GLN PA 646 220.49 36.98 117.54
N SER PA 647 220.68 38.30 117.43
CA SER PA 647 221.00 38.93 116.14
C SER PA 647 222.43 38.59 115.71
N PRO PA 648 222.75 38.59 114.40
CA PRO PA 648 224.09 38.24 113.95
C PRO PA 648 225.24 39.07 114.57
N PRO PA 649 225.15 40.41 114.74
CA PRO PA 649 226.20 41.18 115.41
C PRO PA 649 226.49 40.76 116.86
N GLU PA 650 225.47 40.35 117.61
CA GLU PA 650 225.64 39.79 118.96
C GLU PA 650 226.33 38.42 118.93
N TRP PA 651 225.89 37.51 118.05
CA TRP PA 651 226.45 36.18 117.92
C TRP PA 651 227.92 36.20 117.44
N LEU PA 652 228.25 37.06 116.48
CA LEU PA 652 229.62 37.22 115.96
C LEU PA 652 230.59 37.77 116.99
N LYS PA 653 230.13 38.59 117.95
CA LYS PA 653 230.97 39.19 118.99
C LYS PA 653 231.73 38.14 119.82
N GLY PA 654 231.07 37.04 120.18
CA GLY PA 654 231.69 35.89 120.82
C GLY PA 654 232.41 34.95 119.84
N HIS PA 655 231.81 34.64 118.69
CA HIS PA 655 232.26 33.51 117.85
C HIS PA 655 233.24 33.82 116.71
N TYR PA 656 233.40 35.06 116.27
CA TYR PA 656 234.06 35.32 114.98
C TYR PA 656 235.57 35.00 114.96
N GLN PA 657 236.32 35.26 116.03
CA GLN PA 657 237.76 34.94 116.09
C GLN PA 657 238.05 33.45 115.83
N THR PA 658 237.22 32.56 116.38
CA THR PA 658 237.32 31.12 116.14
C THR PA 658 236.94 30.77 114.71
N LEU PA 659 235.88 31.38 114.17
CA LEU PA 659 235.44 31.15 112.80
C LEU PA 659 236.49 31.56 111.73
N CYS PA 660 237.27 32.63 111.94
CA CYS PA 660 238.41 32.99 111.07
C CYS PA 660 239.43 31.84 110.92
N THR PA 661 239.72 31.16 112.02
CA THR PA 661 240.75 30.10 112.10
C THR PA 661 240.26 28.81 111.47
N ASN PA 662 238.98 28.47 111.66
CA ASN PA 662 238.32 27.40 110.88
C ASN PA 662 238.38 27.70 109.38
N PHE PA 663 238.05 28.92 108.94
CA PHE PA 663 238.10 29.25 107.52
C PHE PA 663 239.50 29.07 106.93
N ARG PA 664 240.55 29.62 107.56
CA ARG PA 664 241.94 29.47 107.10
C ARG PA 664 242.36 27.98 106.95
N SER PA 665 241.87 27.10 107.82
CA SER PA 665 242.18 25.67 107.80
C SER PA 665 241.37 24.86 106.77
N LEU PA 666 240.14 25.29 106.47
CA LEU PA 666 239.17 24.50 105.69
C LEU PA 666 238.86 25.08 104.28
N ALA PA 667 239.21 26.33 103.99
CA ALA PA 667 238.99 26.94 102.68
C ALA PA 667 240.13 26.69 101.68
N ILE PA 668 241.37 26.52 102.16
CA ILE PA 668 242.59 26.54 101.35
C ILE PA 668 243.18 25.13 101.24
N ASP PA 669 243.65 24.76 100.04
CA ASP PA 669 244.14 23.41 99.67
C ASP PA 669 243.07 22.29 99.74
N LYS PA 670 241.77 22.62 99.81
CA LYS PA 670 240.66 21.66 99.86
C LYS PA 670 239.91 21.45 98.54
N GLY PA 671 240.43 21.97 97.42
CA GLY PA 671 240.03 21.61 96.06
C GLY PA 671 239.63 22.75 95.11
N VAL PA 672 239.53 24.00 95.58
CA VAL PA 672 239.22 25.16 94.73
C VAL PA 672 240.32 26.20 94.79
N LEU PA 673 240.61 26.74 95.97
CA LEU PA 673 241.52 27.86 96.18
C LEU PA 673 242.87 27.37 96.71
N THR PA 674 243.96 27.80 96.10
CA THR PA 674 245.32 27.60 96.63
C THR PA 674 245.97 28.93 96.98
N ALA PA 675 246.62 28.98 98.14
CA ALA PA 675 247.35 30.13 98.65
C ALA PA 675 248.51 29.66 99.54
N LYS PA 676 249.62 30.41 99.56
CA LYS PA 676 250.81 30.11 100.35
C LYS PA 676 251.00 31.16 101.44
N GLU PA 677 251.07 30.74 102.70
CA GLU PA 677 251.49 31.64 103.77
C GLU PA 677 253.03 31.78 103.82
N ALA PA 678 253.49 32.96 104.18
CA ALA PA 678 254.91 33.29 104.26
C ALA PA 678 255.18 34.33 105.35
N LYS PA 679 256.41 34.35 105.87
CA LYS PA 679 256.91 35.41 106.75
C LYS PA 679 257.78 36.39 105.97
N VAL PA 680 257.58 37.68 106.20
CA VAL PA 680 258.33 38.76 105.56
C VAL PA 680 259.38 39.27 106.54
N VAL PA 681 260.63 39.36 106.09
CA VAL PA 681 261.77 39.83 106.91
C VAL PA 681 262.58 40.88 106.17
N HIS PA 682 263.10 41.87 106.88
CA HIS PA 682 264.04 42.86 106.34
C HIS PA 682 265.45 42.59 106.85
N GLY PA 683 266.45 42.61 105.96
CA GLY PA 683 267.81 42.15 106.24
C GLY PA 683 268.66 43.14 107.06
N GLU PA 684 268.67 44.42 106.68
CA GLU PA 684 269.45 45.45 107.38
C GLU PA 684 268.71 46.02 108.63
N PRO PA 685 269.42 46.43 109.69
CA PRO PA 685 268.82 47.06 110.88
C PRO PA 685 268.46 48.54 110.65
N THR PA 686 269.02 49.17 109.62
CA THR PA 686 268.78 50.55 109.18
C THR PA 686 268.69 50.60 107.66
N CYS PA 687 268.16 51.65 107.05
CA CYS PA 687 268.21 51.81 105.58
C CYS PA 687 268.39 53.26 105.14
N ASP PA 688 268.96 53.47 103.95
CA ASP PA 688 269.20 54.80 103.39
C ASP PA 688 267.88 55.47 102.96
N LEU PA 689 267.47 56.51 103.67
CA LEU PA 689 266.20 57.21 103.45
C LEU PA 689 266.40 58.73 103.59
N PRO PA 690 265.55 59.57 102.98
CA PRO PA 690 265.66 61.01 103.12
C PRO PA 690 265.22 61.46 104.53
N ASP PA 691 265.81 62.54 105.04
CA ASP PA 691 265.42 63.14 106.30
C ASP PA 691 264.07 63.88 106.13
N LEU PA 692 262.96 63.23 106.51
CA LEU PA 692 261.62 63.70 106.19
C LEU PA 692 261.27 65.01 106.91
N ASP PA 693 261.86 65.28 108.08
CA ASP PA 693 261.73 66.55 108.79
C ASP PA 693 262.41 67.68 108.01
N ALA PA 694 263.62 67.49 107.49
CA ALA PA 694 264.26 68.46 106.61
C ALA PA 694 263.52 68.62 105.26
N ALA PA 695 263.02 67.53 104.69
CA ALA PA 695 262.32 67.53 103.41
C ALA PA 695 260.99 68.30 103.46
N LEU PA 696 260.26 68.22 104.58
CA LEU PA 696 259.07 69.03 104.83
C LEU PA 696 259.40 70.54 104.84
N GLN PA 697 260.61 70.93 105.25
CA GLN PA 697 261.10 72.32 105.21
C GLN PA 697 261.92 72.65 103.93
N GLY PA 698 261.96 71.76 102.93
CA GLY PA 698 262.58 72.01 101.62
C GLY PA 698 264.07 71.63 101.48
N ARG PA 699 264.70 71.07 102.52
CA ARG PA 699 266.12 70.67 102.53
C ARG PA 699 266.25 69.16 102.32
N VAL PA 700 267.09 68.73 101.38
CA VAL PA 700 267.20 67.33 100.95
C VAL PA 700 268.56 66.73 101.31
N TYR PA 701 268.59 65.74 102.21
CA TYR PA 701 269.78 64.93 102.50
C TYR PA 701 269.41 63.59 103.18
N GLY PA 702 270.33 62.62 103.13
CA GLY PA 702 270.11 61.25 103.57
C GLY PA 702 270.38 60.98 105.06
N ARG PA 703 269.75 59.92 105.58
CA ARG PA 703 269.90 59.40 106.94
C ARG PA 703 269.74 57.87 106.95
N ARG PA 704 270.42 57.16 107.85
CA ARG PA 704 270.24 55.71 108.05
C ARG PA 704 269.31 55.42 109.23
N LEU PA 705 268.01 55.57 108.98
CA LEU PA 705 266.96 55.38 109.98
C LEU PA 705 266.85 53.90 110.41
N PRO PA 706 266.83 53.57 111.72
CA PRO PA 706 266.44 52.26 112.23
C PRO PA 706 265.04 51.84 111.79
N VAL PA 707 264.88 50.59 111.32
CA VAL PA 707 263.60 50.09 110.76
C VAL PA 707 263.25 48.69 111.25
N ARG PA 708 261.94 48.42 111.39
CA ARG PA 708 261.37 47.09 111.64
C ARG PA 708 259.98 46.91 111.00
N MET PA 709 259.58 45.68 110.73
CA MET PA 709 258.27 45.38 110.11
C MET PA 709 257.11 45.60 111.09
N SER PA 710 256.03 46.26 110.66
CA SER PA 710 254.78 46.37 111.44
C SER PA 710 253.84 45.17 111.28
N LYS PA 711 254.01 44.35 110.23
CA LYS PA 711 253.34 43.06 110.01
C LYS PA 711 254.33 42.04 109.42
N VAL PA 712 254.29 40.80 109.89
CA VAL PA 712 255.21 39.73 109.48
C VAL PA 712 254.55 38.70 108.57
N LEU PA 713 253.29 38.33 108.81
CA LEU PA 713 252.57 37.33 108.01
C LEU PA 713 252.01 37.92 106.70
N MET PA 714 252.15 37.16 105.62
CA MET PA 714 251.59 37.46 104.29
C MET PA 714 250.91 36.21 103.70
N LEU PA 715 249.75 36.38 103.07
CA LEU PA 715 248.99 35.30 102.43
C LEU PA 715 248.96 35.49 100.91
N CYS PA 716 249.91 34.86 100.22
CA CYS PA 716 250.07 34.98 98.77
C CYS PA 716 249.04 34.10 98.05
N PRO PA 717 248.08 34.64 97.29
CA PRO PA 717 247.13 33.82 96.54
C PRO PA 717 247.79 33.24 95.27
N ARG PA 718 247.31 32.08 94.80
CA ARG PA 718 247.88 31.40 93.63
C ARG PA 718 246.87 31.21 92.50
N ASN PA 719 245.97 30.23 92.59
CA ASN PA 719 244.94 29.99 91.58
C ASN PA 719 243.61 29.55 92.19
N ILE PA 720 242.53 29.78 91.43
CA ILE PA 720 241.23 29.13 91.59
C ILE PA 720 241.11 28.08 90.48
N LYS PA 721 240.72 26.85 90.81
CA LYS PA 721 240.75 25.70 89.90
C LYS PA 721 239.35 25.30 89.47
N ILE PA 722 239.09 25.24 88.17
CA ILE PA 722 237.80 24.87 87.56
C ILE PA 722 237.91 23.47 86.93
N LYS PA 723 236.95 22.58 87.20
CA LYS PA 723 236.96 21.17 86.79
C LYS PA 723 235.71 20.79 86.00
N ASN PA 724 235.84 19.93 84.99
CA ASN PA 724 234.72 19.32 84.27
C ASN PA 724 234.95 17.83 84.01
N ARG PA 725 234.01 16.95 84.36
CA ARG PA 725 234.15 15.49 84.24
C ARG PA 725 234.07 15.02 82.77
N VAL PA 726 234.98 14.16 82.36
CA VAL PA 726 235.09 13.70 80.96
C VAL PA 726 234.16 12.53 80.64
N VAL PA 727 234.14 11.47 81.45
CA VAL PA 727 233.48 10.20 81.11
C VAL PA 727 232.21 10.00 81.94
N PHE PA 728 231.10 9.81 81.23
CA PHE PA 728 229.87 9.25 81.77
C PHE PA 728 229.97 7.71 81.81
N THR PA 729 229.77 7.11 82.98
CA THR PA 729 229.97 5.66 83.24
C THR PA 729 228.69 4.82 83.14
N GLY PA 730 227.55 5.40 82.77
CA GLY PA 730 226.28 4.67 82.69
C GLY PA 730 225.60 4.37 84.03
N GLU PA 731 226.20 4.74 85.17
CA GLU PA 731 225.71 4.38 86.51
C GLU PA 731 224.41 5.12 86.91
N ASN PA 732 224.26 6.39 86.53
CA ASN PA 732 223.05 7.17 86.81
C ASN PA 732 222.00 6.95 85.69
N ALA PA 733 221.06 6.03 85.94
CA ALA PA 733 220.13 5.51 84.93
C ALA PA 733 219.17 6.56 84.33
N ALA PA 734 218.94 7.69 85.00
CA ALA PA 734 218.11 8.78 84.48
C ALA PA 734 218.77 9.54 83.31
N LEU PA 735 220.10 9.50 83.20
CA LEU PA 735 220.87 10.38 82.30
C LEU PA 735 221.25 9.74 80.94
N GLN PA 736 221.20 8.41 80.83
CA GLN PA 736 221.82 7.67 79.71
C GLN PA 736 221.41 8.17 78.31
N ASN PA 737 220.17 8.60 78.13
CA ASN PA 737 219.64 9.02 76.83
C ASN PA 737 220.34 10.26 76.24
N SER PA 738 221.00 11.07 77.07
CA SER PA 738 221.82 12.20 76.59
C SER PA 738 223.21 11.76 76.08
N PHE PA 739 223.75 10.63 76.56
CA PHE PA 739 225.13 10.17 76.25
C PHE PA 739 225.21 8.97 75.29
N ILE PA 740 224.15 8.19 75.10
CA ILE PA 740 224.23 6.88 74.43
C ILE PA 740 224.67 6.95 72.96
N LYS PA 741 225.60 6.07 72.57
CA LYS PA 741 226.15 5.91 71.22
C LYS PA 741 225.29 4.95 70.39
N SER PA 742 224.68 5.45 69.32
CA SER PA 742 223.99 4.64 68.29
C SER PA 742 224.99 3.97 67.33
N THR PA 743 224.58 2.86 66.69
CA THR PA 743 225.43 2.08 65.77
C THR PA 743 224.81 1.86 64.37
N THR PA 744 223.54 2.21 64.14
CA THR PA 744 222.86 1.95 62.86
C THR PA 744 223.36 2.86 61.72
N ARG PA 745 223.36 2.32 60.50
CA ARG PA 745 223.93 2.94 59.27
C ARG PA 745 223.07 4.09 58.74
N ARG PA 746 223.46 5.33 59.03
CA ARG PA 746 222.77 6.56 58.59
C ARG PA 746 223.10 6.91 57.14
N GLU PA 747 222.24 7.70 56.49
CA GLU PA 747 222.51 8.27 55.17
C GLU PA 747 223.45 9.50 55.20
N ASN PA 748 223.56 10.22 56.32
CA ASN PA 748 224.44 11.39 56.47
C ASN PA 748 225.92 11.05 56.75
N TYR PA 749 226.32 9.78 56.69
CA TYR PA 749 227.59 9.30 57.21
C TYR PA 749 228.83 9.91 56.53
N ILE PA 750 228.77 10.32 55.26
CA ILE PA 750 229.86 11.03 54.60
C ILE PA 750 229.82 12.51 54.99
N ILE PA 751 228.69 13.19 54.80
CA ILE PA 751 228.58 14.65 54.99
C ILE PA 751 228.68 15.09 56.47
N ASN PA 752 228.31 14.24 57.42
CA ASN PA 752 228.57 14.39 58.86
C ASN PA 752 229.77 13.54 59.34
N GLY PA 753 230.57 13.02 58.40
CA GLY PA 753 231.74 12.21 58.68
C GLY PA 753 233.06 13.01 58.75
N PRO PA 754 234.20 12.31 58.90
CA PRO PA 754 235.48 12.95 59.19
C PRO PA 754 236.13 13.68 57.99
N TYR PA 755 235.66 13.50 56.77
CA TYR PA 755 236.31 14.05 55.57
C TYR PA 755 235.64 15.27 54.94
N MET PA 756 234.39 15.60 55.27
CA MET PA 756 233.60 16.59 54.53
C MET PA 756 234.23 17.98 54.47
N LYS PA 757 234.82 18.48 55.56
CA LYS PA 757 235.51 19.77 55.57
C LYS PA 757 236.71 19.81 54.63
N PHE PA 758 237.50 18.75 54.55
CA PHE PA 758 238.62 18.63 53.59
C PHE PA 758 238.12 18.46 52.16
N LEU PA 759 237.10 17.64 51.93
CA LEU PA 759 236.47 17.49 50.61
C LEU PA 759 235.90 18.80 50.07
N ASN PA 760 235.51 19.73 50.94
CA ASN PA 760 235.14 21.09 50.58
C ASN PA 760 236.35 21.99 50.32
N THR PA 761 237.31 22.06 51.26
CA THR PA 761 238.53 22.87 51.11
C THR PA 761 239.30 22.57 49.81
N TYR PA 762 239.35 21.32 49.38
CA TYR PA 762 240.05 20.87 48.18
C TYR PA 762 239.15 20.61 46.95
N HIS PA 763 237.88 21.03 46.98
CA HIS PA 763 236.90 20.74 45.92
C HIS PA 763 237.35 21.16 44.52
N LYS PA 764 237.89 22.37 44.35
CA LYS PA 764 238.37 22.88 43.05
C LYS PA 764 239.61 22.15 42.52
N THR PA 765 240.41 21.50 43.37
CA THR PA 765 241.51 20.61 42.93
C THR PA 765 241.06 19.18 42.67
N LEU PA 766 240.08 18.63 43.41
CA LEU PA 766 239.50 17.31 43.13
C LEU PA 766 238.60 17.28 41.90
N PHE PA 767 237.76 18.28 41.68
CA PHE PA 767 236.80 18.32 40.56
C PHE PA 767 236.89 19.66 39.79
N PRO PA 768 237.94 19.87 38.99
CA PRO PA 768 238.19 21.12 38.27
C PRO PA 768 236.98 21.59 37.45
N ASP PA 769 236.57 22.84 37.68
CA ASP PA 769 235.46 23.54 37.03
C ASP PA 769 234.06 22.85 37.09
N THR PA 770 233.78 21.99 38.06
CA THR PA 770 232.42 21.43 38.21
C THR PA 770 231.41 22.47 38.73
N LYS PA 771 230.16 22.42 38.24
CA LYS PA 771 229.07 23.31 38.70
C LYS PA 771 228.47 22.89 40.05
N LEU PA 772 228.62 21.62 40.42
CA LEU PA 772 228.04 20.99 41.61
C LEU PA 772 228.61 21.58 42.91
N SER PA 773 227.78 21.77 43.94
CA SER PA 773 228.27 21.97 45.30
C SER PA 773 228.90 20.70 45.84
N SER PA 774 229.92 20.85 46.68
CA SER PA 774 230.59 19.71 47.33
C SER PA 774 229.62 18.88 48.18
N LEU PA 775 228.68 19.53 48.88
CA LEU PA 775 227.62 18.89 49.66
C LEU PA 775 226.72 18.03 48.79
N TYR PA 776 226.25 18.53 47.64
CA TYR PA 776 225.42 17.73 46.75
C TYR PA 776 226.19 16.59 46.08
N LEU PA 777 227.45 16.79 45.66
CA LEU PA 777 228.26 15.75 45.03
C LEU PA 777 228.39 14.51 45.94
N TRP PA 778 228.76 14.71 47.20
CA TRP PA 778 228.93 13.63 48.17
C TRP PA 778 227.62 13.09 48.76
N HIS PA 779 226.53 13.86 48.76
CA HIS PA 779 225.21 13.33 49.13
C HIS PA 779 224.59 12.48 48.01
N ASN PA 780 224.78 12.89 46.75
CA ASN PA 780 224.45 12.10 45.57
C ASN PA 780 225.23 10.78 45.57
N PHE PA 781 226.52 10.80 45.87
CA PHE PA 781 227.30 9.58 46.03
C PHE PA 781 226.77 8.69 47.17
N SER PA 782 226.47 9.29 48.32
CA SER PA 782 225.83 8.65 49.49
C SER PA 782 224.46 8.00 49.24
N ARG PA 783 223.83 8.21 48.07
CA ARG PA 783 222.50 7.66 47.76
C ARG PA 783 222.39 6.96 46.40
N ARG PA 784 223.24 7.30 45.43
CA ARG PA 784 223.21 6.76 44.06
C ARG PA 784 224.48 6.02 43.64
N ARG PA 785 225.54 6.04 44.46
CA ARG PA 785 226.81 5.34 44.20
C ARG PA 785 227.48 5.76 42.87
N SER PA 786 227.60 7.05 42.58
CA SER PA 786 228.26 7.54 41.36
C SER PA 786 229.05 8.84 41.57
N VAL PA 787 230.10 9.04 40.77
CA VAL PA 787 231.09 10.12 40.91
C VAL PA 787 231.50 10.67 39.54
N PRO PA 788 231.62 12.00 39.36
CA PRO PA 788 231.96 12.58 38.06
C PRO PA 788 233.48 12.55 37.79
N VAL PA 789 233.90 12.22 36.56
CA VAL PA 789 235.32 12.15 36.18
C VAL PA 789 235.67 13.30 35.23
N PRO PA 790 236.57 14.24 35.61
CA PRO PA 790 236.99 15.35 34.76
C PRO PA 790 237.50 14.94 33.37
N SER PA 791 237.39 15.83 32.38
CA SER PA 791 237.43 15.50 30.94
C SER PA 791 238.65 14.70 30.47
N GLY PA 792 239.85 15.00 31.01
CA GLY PA 792 241.08 14.26 30.73
C GLY PA 792 241.53 13.29 31.84
N ALA PA 793 240.92 13.35 33.02
CA ALA PA 793 241.32 12.51 34.16
C ALA PA 793 240.91 11.03 34.01
N SER PA 794 241.54 10.13 34.75
CA SER PA 794 241.33 8.67 34.62
C SER PA 794 240.18 8.17 35.48
N ALA PA 795 239.37 7.23 34.98
CA ALA PA 795 238.18 6.75 35.71
C ALA PA 795 238.53 6.04 37.03
N GLU PA 796 239.51 5.14 37.03
CA GLU PA 796 239.71 4.25 38.18
C GLU PA 796 240.30 4.98 39.40
N GLU PA 797 241.12 6.00 39.16
CA GLU PA 797 241.59 6.97 40.15
C GLU PA 797 240.47 7.61 40.96
N TYR PA 798 239.34 7.97 40.34
CA TYR PA 798 238.15 8.48 41.04
C TYR PA 798 237.33 7.37 41.69
N SER PA 799 237.27 6.17 41.10
CA SER PA 799 236.64 5.05 41.79
C SER PA 799 237.35 4.71 43.10
N ASP PA 800 238.68 4.85 43.16
CA ASP PA 800 239.43 4.66 44.41
C ASP PA 800 239.17 5.75 45.44
N LEU PA 801 239.22 7.04 45.05
CA LEU PA 801 238.86 8.17 45.91
C LEU PA 801 237.50 7.97 46.60
N ALA PA 802 236.50 7.55 45.83
CA ALA PA 802 235.17 7.27 46.35
C ALA PA 802 235.16 6.15 47.40
N LEU PA 803 235.88 5.04 47.14
CA LEU PA 803 235.99 3.93 48.09
C LEU PA 803 236.79 4.30 49.34
N PHE PA 804 237.79 5.19 49.26
CA PHE PA 804 238.47 5.69 50.46
C PHE PA 804 237.50 6.45 51.40
N VAL PA 805 236.72 7.37 50.82
CA VAL PA 805 235.75 8.22 51.54
C VAL PA 805 234.66 7.36 52.17
N ASP PA 806 234.08 6.43 51.42
CA ASP PA 806 233.08 5.49 51.92
C ASP PA 806 233.61 4.63 53.08
N GLY PA 807 234.77 4.00 52.87
CA GLY PA 807 235.39 3.11 53.85
C GLY PA 807 235.65 3.79 55.18
N GLY PA 808 236.40 4.90 55.17
CA GLY PA 808 236.70 5.64 56.39
C GLY PA 808 235.46 6.23 57.06
N SER PA 809 234.47 6.69 56.30
CA SER PA 809 233.25 7.22 56.88
C SER PA 809 232.43 6.14 57.63
N ARG PA 810 232.27 4.92 57.08
CA ARG PA 810 231.64 3.81 57.82
C ARG PA 810 232.46 3.33 59.02
N ALA PA 811 233.79 3.26 58.91
CA ALA PA 811 234.65 2.95 60.05
C ALA PA 811 234.53 3.98 61.19
N HIS PA 812 234.44 5.27 60.85
CA HIS PA 812 234.21 6.35 61.81
C HIS PA 812 232.82 6.26 62.46
N GLU PA 813 231.78 5.97 61.67
CA GLU PA 813 230.40 5.80 62.14
C GLU PA 813 230.28 4.70 63.22
N GLU PA 814 230.96 3.56 63.00
CA GLU PA 814 231.11 2.48 63.97
C GLU PA 814 231.91 2.89 65.22
N SER PA 815 233.13 3.41 65.06
CA SER PA 815 234.09 3.55 66.17
C SER PA 815 234.00 4.86 66.99
N ASN PA 816 233.44 5.95 66.48
CA ASN PA 816 233.63 7.27 67.08
C ASN PA 816 232.79 7.56 68.34
N VAL PA 817 233.42 8.06 69.40
CA VAL PA 817 232.75 8.56 70.63
C VAL PA 817 233.09 10.04 70.96
N ILE PA 818 233.70 10.75 70.03
CA ILE PA 818 234.07 12.17 70.15
C ILE PA 818 233.26 12.98 69.13
N ASP PA 819 232.24 13.73 69.57
CA ASP PA 819 231.22 14.34 68.70
C ASP PA 819 231.68 15.62 67.98
N VAL PA 820 232.66 15.50 67.10
CA VAL PA 820 233.35 16.59 66.38
C VAL PA 820 233.53 16.23 64.91
N VAL PA 821 233.33 17.20 64.01
CA VAL PA 821 233.73 17.12 62.61
C VAL PA 821 235.02 17.95 62.46
N PRO PA 822 236.20 17.35 62.29
CA PRO PA 822 237.48 18.06 62.43
C PRO PA 822 237.78 19.00 61.26
N GLY PA 823 238.29 20.21 61.54
CA GLY PA 823 238.60 21.21 60.51
C GLY PA 823 240.01 21.18 59.94
N ASN PA 824 240.97 20.55 60.62
CA ASN PA 824 242.39 20.51 60.23
C ASN PA 824 243.01 19.14 60.57
N LEU PA 825 244.13 18.80 59.93
CA LEU PA 825 244.76 17.48 60.08
C LEU PA 825 245.25 17.18 61.50
N VAL PA 826 245.65 18.18 62.29
CA VAL PA 826 246.03 17.98 63.69
C VAL PA 826 244.83 17.56 64.55
N THR PA 827 243.68 18.20 64.37
CA THR PA 827 242.44 17.80 65.08
C THR PA 827 241.94 16.44 64.59
N TYR PA 828 241.97 16.17 63.28
CA TYR PA 828 241.68 14.84 62.72
C TYR PA 828 242.56 13.74 63.34
N ALA PA 829 243.87 13.96 63.42
CA ALA PA 829 244.82 13.04 64.03
C ALA PA 829 244.56 12.82 65.53
N LYS PA 830 244.38 13.89 66.31
CA LYS PA 830 244.08 13.80 67.75
C LYS PA 830 242.75 13.12 68.05
N GLN PA 831 241.72 13.28 67.21
CA GLN PA 831 240.48 12.53 67.34
C GLN PA 831 240.72 11.02 67.13
N ARG PA 832 241.45 10.62 66.07
CA ARG PA 832 241.78 9.21 65.79
C ARG PA 832 242.54 8.55 66.95
N LEU PA 833 243.51 9.27 67.53
CA LEU PA 833 244.29 8.84 68.68
C LEU PA 833 243.43 8.59 69.93
N ASN PA 834 242.59 9.54 70.32
CA ASN PA 834 241.80 9.42 71.55
C ASN PA 834 240.64 8.41 71.44
N ASN PA 835 240.04 8.24 70.25
CA ASN PA 835 239.14 7.11 69.99
C ASN PA 835 239.83 5.75 70.15
N ALA PA 836 241.14 5.63 69.89
CA ALA PA 836 241.87 4.38 70.11
C ALA PA 836 242.08 4.07 71.61
N ILE PA 837 242.44 5.06 72.42
CA ILE PA 837 242.67 4.90 73.86
C ILE PA 837 241.37 4.52 74.57
N LEU PA 838 240.26 5.17 74.25
CA LEU PA 838 238.95 4.87 74.84
C LEU PA 838 238.48 3.44 74.52
N LYS PA 839 238.79 2.92 73.33
CA LYS PA 839 238.49 1.54 72.96
C LYS PA 839 239.31 0.51 73.75
N ALA PA 840 240.61 0.75 73.96
CA ALA PA 840 241.44 -0.07 74.84
C ALA PA 840 240.94 -0.06 76.29
N CYS PA 841 240.32 1.03 76.75
CA CYS PA 841 239.68 1.11 78.06
C CYS PA 841 238.27 0.51 78.13
N GLY PA 842 237.72 -0.03 77.03
CA GLY PA 842 236.35 -0.54 76.97
C GLY PA 842 235.25 0.54 77.00
N GLN PA 843 235.57 1.82 76.74
CA GLN PA 843 234.62 2.93 76.69
C GLN PA 843 234.06 3.09 75.27
N THR PA 844 232.94 2.44 75.01
CA THR PA 844 232.35 2.28 73.66
C THR PA 844 230.85 2.59 73.59
N GLN PA 845 230.16 2.65 74.73
CA GLN PA 845 228.70 2.78 74.81
C GLN PA 845 228.22 4.24 74.83
N PHE PA 846 229.09 5.19 75.17
CA PHE PA 846 228.74 6.59 75.42
C PHE PA 846 229.69 7.58 74.74
N TYR PA 847 229.16 8.71 74.28
CA TYR PA 847 229.96 9.90 74.00
C TYR PA 847 230.62 10.44 75.27
N ILE PA 848 231.84 10.99 75.14
CA ILE PA 848 232.49 11.77 76.20
C ILE PA 848 231.98 13.23 76.26
N SER PA 849 232.13 13.92 77.39
CA SER PA 849 231.91 15.38 77.47
C SER PA 849 232.91 16.16 76.62
N LEU PA 850 232.47 17.27 76.05
CA LEU PA 850 233.30 18.23 75.30
C LEU PA 850 233.27 19.63 75.94
N ILE PA 851 234.38 20.36 75.93
CA ILE PA 851 234.40 21.82 76.12
C ILE PA 851 234.75 22.48 74.77
N GLN PA 852 233.96 23.44 74.32
CA GLN PA 852 234.24 24.25 73.13
C GLN PA 852 234.57 25.70 73.48
N GLY PA 853 235.62 26.25 72.88
CA GLY PA 853 235.99 27.65 73.01
C GLY PA 853 235.28 28.53 71.99
N LEU PA 854 234.66 29.62 72.44
CA LEU PA 854 234.11 30.68 71.59
C LEU PA 854 235.15 31.81 71.47
N VAL PA 855 235.67 32.06 70.28
CA VAL PA 855 236.80 32.98 70.04
C VAL PA 855 236.36 34.21 69.23
N PRO PA 856 236.60 35.45 69.69
CA PRO PA 856 236.21 36.68 68.98
C PRO PA 856 236.88 36.87 67.61
N ARG PA 857 236.09 37.19 66.60
CA ARG PA 857 236.52 37.63 65.25
C ARG PA 857 236.02 39.03 64.96
N THR PA 858 236.91 39.94 64.56
CA THR PA 858 236.60 41.36 64.34
C THR PA 858 236.42 41.64 62.86
N GLN PA 859 235.33 42.30 62.46
CA GLN PA 859 234.96 42.54 61.06
C GLN PA 859 234.44 43.98 60.79
N SER PA 860 234.75 44.54 59.62
CA SER PA 860 234.25 45.86 59.18
C SER PA 860 233.00 45.70 58.32
N VAL PA 861 231.94 46.43 58.63
CA VAL PA 861 230.61 46.33 58.01
C VAL PA 861 230.07 47.72 57.62
N PRO PA 862 229.11 47.84 56.70
CA PRO PA 862 228.52 49.14 56.35
C PRO PA 862 227.76 49.75 57.55
N ALA PA 863 227.96 51.05 57.80
CA ALA PA 863 227.51 51.72 59.03
C ALA PA 863 226.00 51.96 59.16
N ARG PA 864 225.19 51.58 58.17
CA ARG PA 864 223.74 51.85 58.08
C ARG PA 864 222.96 51.59 59.39
N ASP PA 865 223.23 50.49 60.07
CA ASP PA 865 222.61 50.13 61.36
C ASP PA 865 223.54 50.31 62.59
N TYR PA 866 224.60 51.12 62.47
CA TYR PA 866 225.59 51.37 63.52
C TYR PA 866 225.74 52.90 63.74
N PRO PA 867 224.70 53.58 64.24
CA PRO PA 867 224.56 55.02 64.13
C PRO PA 867 225.62 55.83 64.89
N HIS PA 868 226.32 55.24 65.87
CA HIS PA 868 227.33 55.93 66.66
C HIS PA 868 228.54 56.42 65.85
N VAL PA 869 228.78 55.95 64.62
CA VAL PA 869 229.87 56.48 63.78
C VAL PA 869 229.67 57.94 63.36
N LEU PA 870 228.45 58.47 63.42
CA LEU PA 870 228.13 59.86 63.07
C LEU PA 870 228.57 60.89 64.12
N GLY PA 871 228.89 60.47 65.36
CA GLY PA 871 229.30 61.36 66.44
C GLY PA 871 228.16 62.19 67.05
N THR PA 872 228.49 63.29 67.72
CA THR PA 872 227.53 64.22 68.35
C THR PA 872 226.77 65.13 67.38
N ARG PA 873 227.01 64.97 66.07
CA ARG PA 873 226.30 65.56 64.93
C ARG PA 873 224.77 65.65 65.12
N ALA PA 874 224.16 66.76 64.76
CA ALA PA 874 222.70 66.88 64.67
C ALA PA 874 222.19 66.19 63.38
N VAL PA 875 221.11 65.41 63.49
CA VAL PA 875 220.49 64.68 62.38
C VAL PA 875 219.07 65.21 62.15
N GLU PA 876 218.80 65.73 60.96
CA GLU PA 876 217.56 66.47 60.65
C GLU PA 876 216.53 65.64 59.87
N SER PA 877 216.95 64.67 59.06
CA SER PA 877 216.05 63.78 58.29
C SER PA 877 216.65 62.39 58.06
N ALA PA 878 215.79 61.40 57.80
CA ALA PA 878 216.21 60.03 57.49
C ALA PA 878 217.01 59.96 56.17
N ALA PA 879 216.70 60.81 55.19
CA ALA PA 879 217.47 60.93 53.95
C ALA PA 879 218.89 61.44 54.22
N ALA PA 880 219.07 62.40 55.11
CA ALA PA 880 220.40 62.86 55.51
C ALA PA 880 221.18 61.79 56.32
N TYR PA 881 220.51 61.02 57.19
CA TYR PA 881 221.13 59.88 57.88
C TYR PA 881 221.63 58.80 56.88
N ALA PA 882 220.79 58.46 55.90
CA ALA PA 882 221.17 57.51 54.84
C ALA PA 882 222.34 58.03 54.00
N GLU PA 883 222.33 59.31 53.63
CA GLU PA 883 223.43 59.94 52.89
C GLU PA 883 224.74 59.91 53.70
N ALA PA 884 224.72 60.37 54.95
CA ALA PA 884 225.90 60.46 55.80
C ALA PA 884 226.51 59.09 56.14
N THR PA 885 225.69 58.04 56.28
CA THR PA 885 226.19 56.67 56.53
C THR PA 885 226.60 55.91 55.27
N SER PA 886 226.14 56.31 54.07
CA SER PA 886 226.37 55.55 52.81
C SER PA 886 227.84 55.27 52.48
N SER PA 887 228.76 56.13 52.91
CA SER PA 887 230.21 56.02 52.66
C SER PA 887 231.03 55.51 53.85
N LEU PA 888 230.40 55.10 54.96
CA LEU PA 888 231.05 54.80 56.24
C LEU PA 888 230.97 53.33 56.65
N THR PA 889 231.97 52.86 57.39
CA THR PA 889 232.02 51.49 57.94
C THR PA 889 232.22 51.49 59.46
N ALA PA 890 231.60 50.52 60.13
CA ALA PA 890 231.69 50.26 61.55
C ALA PA 890 232.43 48.95 61.84
N THR PA 891 233.26 48.93 62.87
CA THR PA 891 233.87 47.69 63.39
C THR PA 891 232.87 46.95 64.29
N THR PA 892 232.68 45.66 64.08
CA THR PA 892 231.82 44.79 64.90
C THR PA 892 232.53 43.49 65.25
N VAL PA 893 232.04 42.79 66.27
CA VAL PA 893 232.62 41.52 66.73
C VAL PA 893 231.56 40.43 66.80
N VAL PA 894 231.93 39.24 66.35
CA VAL PA 894 231.17 37.99 66.49
C VAL PA 894 232.09 36.90 67.05
N CYS PA 895 231.55 35.86 67.67
CA CYS PA 895 232.35 34.72 68.16
C CYS PA 895 232.20 33.50 67.25
N ALA PA 896 233.30 32.79 66.99
CA ALA PA 896 233.35 31.53 66.25
C ALA PA 896 233.73 30.35 67.17
N ALA PA 897 233.06 29.21 67.00
CA ALA PA 897 233.36 28.02 67.77
C ALA PA 897 234.61 27.31 67.24
N THR PA 898 235.61 27.15 68.09
CA THR PA 898 236.75 26.26 67.86
C THR PA 898 236.37 24.81 68.19
N ASP PA 899 236.91 23.87 67.42
CA ASP PA 899 236.80 22.41 67.65
C ASP PA 899 237.94 21.84 68.52
N CYS PA 900 238.81 22.70 69.05
CA CYS PA 900 240.11 22.35 69.65
C CYS PA 900 240.58 23.38 70.71
N LEU PA 901 239.93 23.39 71.89
CA LEU PA 901 240.25 24.31 72.99
C LEU PA 901 241.72 24.30 73.41
N SER PA 902 242.41 23.16 73.34
CA SER PA 902 243.78 23.05 73.88
C SER PA 902 244.82 23.96 73.19
N GLN PA 903 244.72 24.20 71.88
CA GLN PA 903 245.61 25.17 71.20
C GLN PA 903 245.34 26.62 71.62
N VAL PA 904 244.09 26.97 71.93
CA VAL PA 904 243.74 28.30 72.48
C VAL PA 904 244.34 28.46 73.88
N CYS PA 905 244.25 27.45 74.75
CA CYS PA 905 244.85 27.49 76.08
C CYS PA 905 246.39 27.65 76.09
N LYS PA 906 247.11 27.23 75.04
CA LYS PA 906 248.56 27.50 74.89
C LYS PA 906 248.88 28.99 74.67
N ALA PA 907 247.94 29.79 74.16
CA ALA PA 907 248.10 31.23 73.92
C ALA PA 907 247.75 32.13 75.12
N ARG PA 908 247.73 31.57 76.34
CA ARG PA 908 247.50 32.24 77.64
C ARG PA 908 246.26 33.16 77.65
N PRO PA 909 245.05 32.64 77.42
CA PRO PA 909 243.87 33.45 77.10
C PRO PA 909 243.26 34.20 78.28
N VAL PA 910 242.61 35.32 78.00
CA VAL PA 910 241.56 35.91 78.84
C VAL PA 910 240.30 35.07 78.68
N VAL PA 911 239.67 34.66 79.77
CA VAL PA 911 238.54 33.71 79.77
C VAL PA 911 237.28 34.23 80.49
N THR PA 912 236.11 33.80 80.04
CA THR PA 912 234.81 33.99 80.75
C THR PA 912 234.03 32.69 80.77
N LEU PA 913 233.58 32.26 81.95
CA LEU PA 913 232.95 30.95 82.17
C LEU PA 913 231.94 30.94 83.34
N PRO PA 914 230.96 30.02 83.34
CA PRO PA 914 230.04 29.81 84.47
C PRO PA 914 230.59 28.81 85.50
N VAL PA 915 230.44 29.04 86.80
CA VAL PA 915 230.86 28.08 87.85
C VAL PA 915 229.82 27.90 88.96
N THR PA 916 229.68 26.66 89.43
CA THR PA 916 229.06 26.31 90.73
C THR PA 916 230.12 25.70 91.64
N ILE PA 917 230.23 26.11 92.90
CA ILE PA 917 231.12 25.43 93.86
C ILE PA 917 230.31 24.40 94.67
N ASN PA 918 230.56 23.11 94.40
CA ASN PA 918 229.94 21.99 95.08
C ASN PA 918 230.82 21.48 96.22
N LYS PA 919 230.22 21.04 97.33
CA LYS PA 919 230.94 20.61 98.53
C LYS PA 919 230.49 19.22 98.98
N TYR PA 920 231.43 18.39 99.43
CA TYR PA 920 231.21 16.96 99.68
C TYR PA 920 232.16 16.41 100.75
N THR PA 921 231.80 15.30 101.37
CA THR PA 921 232.59 14.60 102.39
C THR PA 921 233.78 13.86 101.77
N GLY PA 922 234.88 13.68 102.51
CA GLY PA 922 235.96 12.78 102.12
C GLY PA 922 235.58 11.29 102.07
N VAL PA 923 236.44 10.47 101.46
CA VAL PA 923 236.31 9.00 101.39
C VAL PA 923 236.99 8.27 102.56
N ASN PA 924 236.89 6.93 102.59
CA ASN PA 924 237.60 6.06 103.53
C ASN PA 924 237.34 6.41 105.00
N GLY PA 925 236.10 6.76 105.33
CA GLY PA 925 235.68 7.11 106.69
C GLY PA 925 236.02 8.54 107.13
N ASN PA 926 236.64 9.36 106.28
CA ASN PA 926 236.94 10.75 106.60
C ASN PA 926 235.67 11.61 106.79
N ASN PA 927 235.72 12.62 107.66
CA ASN PA 927 234.59 13.51 107.96
C ASN PA 927 234.82 14.98 107.57
N GLN PA 928 235.93 15.32 106.91
CA GLN PA 928 236.20 16.67 106.40
C GLN PA 928 235.36 17.01 105.17
N ILE PA 929 235.24 18.31 104.87
CA ILE PA 929 234.57 18.85 103.68
C ILE PA 929 235.62 19.21 102.63
N PHE PA 930 235.40 18.77 101.39
CA PHE PA 930 236.19 19.11 100.20
C PHE PA 930 235.31 19.84 99.17
N GLN PA 931 235.90 20.64 98.27
CA GLN PA 931 235.16 21.42 97.28
C GLN PA 931 235.63 21.18 95.84
N ALA PA 932 234.73 21.32 94.88
CA ALA PA 932 235.04 21.45 93.45
C ALA PA 932 234.32 22.64 92.84
N GLY PA 933 235.01 23.43 92.02
CA GLY PA 933 234.42 24.45 91.18
C GLY PA 933 234.08 23.83 89.84
N ASN PA 934 232.82 23.48 89.61
CA ASN PA 934 232.41 22.78 88.40
C ASN PA 934 231.88 23.73 87.33
N LEU PA 935 232.35 23.54 86.11
CA LEU PA 935 231.94 24.30 84.93
C LEU PA 935 230.44 24.08 84.64
N GLY PA 936 229.70 25.18 84.54
CA GLY PA 936 228.25 25.20 84.33
C GLY PA 936 227.82 25.79 83.00
N TYR PA 937 226.65 26.43 82.98
CA TYR PA 937 225.99 26.97 81.80
C TYR PA 937 225.66 28.46 81.91
N PHE PA 938 225.62 29.16 80.77
CA PHE PA 938 225.18 30.55 80.67
C PHE PA 938 223.64 30.64 80.65
N MET PA 939 223.07 31.61 81.34
CA MET PA 939 221.63 31.92 81.28
C MET PA 939 221.36 33.22 80.53
N GLY PA 940 220.31 33.25 79.72
CA GLY PA 940 219.83 34.41 78.98
C GLY PA 940 220.09 34.29 77.47
N ARG PA 941 219.05 34.45 76.66
CA ARG PA 941 219.12 34.21 75.20
C ARG PA 941 219.91 35.27 74.43
N GLY PA 942 220.24 36.41 75.02
CA GLY PA 942 221.02 37.46 74.36
C GLY PA 942 222.54 37.31 74.40
N VAL PA 943 223.08 36.30 75.10
CA VAL PA 943 224.52 36.16 75.35
C VAL PA 943 225.32 35.92 74.07
N ASP PA 944 225.05 34.86 73.32
CA ASP PA 944 225.67 34.59 72.02
C ASP PA 944 224.83 33.63 71.17
N ARG PA 945 224.67 33.89 69.88
CA ARG PA 945 223.87 33.05 68.96
C ARG PA 945 224.33 31.60 68.87
N ASN PA 946 225.60 31.26 69.12
CA ASN PA 946 226.07 29.88 69.15
C ASN PA 946 225.49 29.05 70.32
N LEU PA 947 225.01 29.70 71.39
CA LEU PA 947 224.37 29.05 72.52
C LEU PA 947 222.87 28.77 72.31
N LEU PA 948 222.23 29.30 71.27
CA LEU PA 948 220.80 29.13 70.99
C LEU PA 948 220.48 27.70 70.51
N GLN PA 949 219.65 26.97 71.28
CA GLN PA 949 219.08 25.68 70.87
C GLN PA 949 217.81 25.86 70.03
N SER PA 963 223.02 21.59 76.40
CA SER PA 963 223.23 20.14 76.43
C SER PA 963 223.97 19.68 77.69
N MET PA 964 223.74 18.43 78.10
CA MET PA 964 224.57 17.75 79.09
C MET PA 964 226.02 17.62 78.66
N ARG PA 965 226.28 17.28 77.38
CA ARG PA 965 227.57 16.77 76.92
C ARG PA 965 228.45 17.76 76.14
N LYS PA 966 227.98 18.99 75.90
CA LYS PA 966 228.80 20.11 75.41
C LYS PA 966 228.66 21.34 76.32
N LYS PA 967 229.79 21.89 76.75
CA LYS PA 967 229.88 23.16 77.53
C LYS PA 967 230.78 24.16 76.83
N PHE PA 968 230.58 25.44 77.08
CA PHE PA 968 231.27 26.55 76.41
C PHE PA 968 232.05 27.45 77.37
N VAL PA 969 233.18 27.98 76.88
CA VAL PA 969 233.99 29.04 77.50
C VAL PA 969 234.29 30.10 76.43
N PHE PA 970 234.21 31.40 76.74
CA PHE PA 970 234.75 32.45 75.85
C PHE PA 970 236.24 32.62 76.09
N ALA PA 971 237.06 32.70 75.04
CA ALA PA 971 238.52 32.88 75.16
C ALA PA 971 239.10 33.88 74.14
N THR PA 972 239.96 34.81 74.59
CA THR PA 972 240.77 35.70 73.72
C THR PA 972 242.26 35.47 74.00
N PRO PA 973 243.10 35.09 73.03
CA PRO PA 973 244.53 34.85 73.26
C PRO PA 973 245.33 36.13 73.58
N THR PA 974 246.43 36.03 74.35
CA THR PA 974 247.33 37.16 74.64
C THR PA 974 248.72 37.06 74.00
N LEU PA 975 249.23 35.86 73.69
CA LEU PA 975 250.44 35.70 72.86
C LEU PA 975 250.25 36.30 71.46
N GLY PA 976 251.17 37.17 71.04
CA GLY PA 976 251.08 37.92 69.77
C GLY PA 976 250.19 39.15 69.82
N LEU PA 977 249.56 39.47 70.96
CA LEU PA 977 248.88 40.73 71.21
C LEU PA 977 249.69 41.57 72.20
N THR PA 978 249.81 41.13 73.46
CA THR PA 978 250.50 41.86 74.55
C THR PA 978 251.76 41.16 75.06
N VAL PA 979 251.97 39.87 74.74
CA VAL PA 979 253.15 39.07 75.11
C VAL PA 979 253.80 38.46 73.86
N LYS PA 980 255.12 38.53 73.75
CA LYS PA 980 255.89 38.08 72.56
C LYS PA 980 256.11 36.56 72.56
N ARG PA 981 255.94 35.91 71.40
CA ARG PA 981 256.21 34.47 71.21
C ARG PA 981 257.71 34.15 71.31
N ASP RA 9 221.74 5.82 114.53
CA ASP RA 9 221.36 5.71 115.94
C ASP RA 9 222.55 5.30 116.84
N ASN RA 10 222.46 5.45 118.17
CA ASN RA 10 223.57 5.23 119.10
C ASN RA 10 223.15 4.77 120.52
N LEU RA 11 224.10 4.20 121.26
CA LEU RA 11 223.90 3.71 122.64
C LEU RA 11 223.43 4.79 123.63
N GLY RA 12 223.77 6.06 123.40
CA GLY RA 12 223.30 7.18 124.22
C GLY RA 12 221.79 7.39 124.10
N SER RA 13 221.29 7.55 122.87
CA SER RA 13 219.86 7.68 122.54
C SER RA 13 219.03 6.52 123.09
N GLN RA 14 219.57 5.30 123.06
CA GLN RA 14 218.88 4.08 123.49
C GLN RA 14 218.84 3.86 125.02
N SER RA 15 219.66 4.56 125.82
CA SER RA 15 219.67 4.40 127.29
C SER RA 15 218.42 4.98 127.97
N GLN RA 16 217.96 4.39 129.07
CA GLN RA 16 216.73 4.74 129.78
C GLN RA 16 216.96 5.79 130.91
N PRO RA 17 215.94 6.60 131.24
CA PRO RA 17 215.87 7.39 132.47
C PRO RA 17 216.22 6.62 133.76
N GLY RA 18 216.82 7.29 134.74
CA GLY RA 18 217.15 6.73 136.05
C GLY RA 18 217.82 7.71 137.02
N PRO RA 19 218.22 7.26 138.22
CA PRO RA 19 218.88 8.06 139.25
C PRO RA 19 220.35 8.37 138.94
N CYS RA 20 220.97 9.26 139.72
CA CYS RA 20 222.38 9.64 139.58
C CYS RA 20 223.37 8.57 140.12
N GLY RA 21 222.91 7.63 140.94
CA GLY RA 21 223.64 6.52 141.52
C GLY RA 21 222.76 5.65 142.42
N TYR RA 22 223.33 4.65 143.08
CA TYR RA 22 222.65 3.76 144.06
C TYR RA 22 223.53 3.49 145.30
N ILE RA 23 222.88 3.30 146.45
CA ILE RA 23 223.48 2.62 147.61
C ILE RA 23 223.02 1.14 147.58
N TYR RA 24 223.95 0.20 147.55
CA TYR RA 24 223.68 -1.24 147.71
C TYR RA 24 223.90 -1.67 149.16
N PHE RA 25 222.98 -2.47 149.70
CA PHE RA 25 223.08 -3.14 151.00
C PHE RA 25 223.15 -4.67 150.82
N TYR RA 26 224.23 -5.32 151.28
CA TYR RA 26 224.43 -6.78 151.17
C TYR RA 26 224.38 -7.48 152.54
N PRO RA 27 223.67 -8.61 152.70
CA PRO RA 27 223.57 -9.30 153.98
C PRO RA 27 224.87 -10.00 154.40
N LEU RA 28 225.38 -9.69 155.59
CA LEU RA 28 226.63 -10.25 156.11
C LEU RA 28 226.58 -11.77 156.32
N ALA RA 29 225.41 -12.35 156.61
CA ALA RA 29 225.26 -13.78 156.88
C ALA RA 29 225.57 -14.68 155.66
N THR RA 30 225.35 -14.20 154.43
CA THR RA 30 225.51 -15.00 153.20
C THR RA 30 226.51 -14.45 152.17
N TYR RA 31 226.87 -13.17 152.20
CA TYR RA 31 227.72 -12.54 151.18
C TYR RA 31 229.17 -13.09 151.20
N PRO RA 32 229.82 -13.36 150.05
CA PRO RA 32 231.15 -13.99 149.97
C PRO RA 32 232.31 -13.00 150.22
N LEU RA 33 232.53 -12.62 151.49
CA LEU RA 33 233.49 -11.61 151.93
C LEU RA 33 234.96 -11.91 151.53
N ARG RA 34 235.42 -13.16 151.57
CA ARG RA 34 236.80 -13.53 151.16
C ARG RA 34 237.01 -13.43 149.66
N GLU RA 35 236.01 -13.68 148.83
CA GLU RA 35 236.11 -13.47 147.38
C GLU RA 35 236.28 -11.99 147.04
N VAL RA 36 235.41 -11.08 147.53
CA VAL RA 36 235.55 -9.65 147.22
C VAL RA 36 236.87 -9.08 147.74
N ALA RA 37 237.37 -9.53 148.89
CA ALA RA 37 238.66 -9.09 149.40
C ALA RA 37 239.83 -9.35 148.44
N THR RA 38 239.84 -10.42 147.64
CA THR RA 38 240.90 -10.67 146.65
C THR RA 38 240.90 -9.70 145.47
N LEU RA 39 239.75 -9.07 145.17
CA LEU RA 39 239.60 -8.04 144.15
C LEU RA 39 239.67 -6.61 144.73
N GLY RA 40 239.79 -6.44 146.04
CA GLY RA 40 239.72 -5.15 146.73
C GLY RA 40 241.05 -4.46 147.04
N THR RA 41 240.98 -3.26 147.62
CA THR RA 41 242.11 -2.42 148.06
C THR RA 41 242.20 -2.26 149.57
N GLY RA 42 241.80 -3.26 150.35
CA GLY RA 42 241.79 -3.19 151.81
C GLY RA 42 243.18 -3.24 152.47
N TYR RA 43 243.46 -2.30 153.36
CA TYR RA 43 244.64 -2.30 154.25
C TYR RA 43 244.24 -2.60 155.70
N ALA RA 44 245.16 -2.98 156.58
CA ALA RA 44 244.87 -3.24 157.98
C ALA RA 44 244.42 -1.97 158.73
N GLY RA 45 243.24 -1.99 159.34
CA GLY RA 45 242.62 -0.85 160.03
C GLY RA 45 241.78 0.10 159.15
N HIS RA 46 241.49 -0.24 157.89
CA HIS RA 46 240.69 0.60 156.99
C HIS RA 46 239.28 0.90 157.52
N ARG RA 47 238.72 2.02 157.09
CA ARG RA 47 237.33 2.45 157.34
C ARG RA 47 236.52 2.55 156.04
N CYS RA 48 237.19 2.51 154.89
CA CYS RA 48 236.63 2.44 153.54
C CYS RA 48 237.59 1.69 152.58
N LEU RA 49 237.08 1.08 151.51
CA LEU RA 49 237.87 0.49 150.41
C LEU RA 49 237.13 0.47 149.08
N THR RA 50 237.87 0.28 147.98
CA THR RA 50 237.34 0.12 146.63
C THR RA 50 237.37 -1.32 146.15
N VAL RA 51 236.36 -1.67 145.36
CA VAL RA 51 236.16 -2.95 144.67
C VAL RA 51 235.65 -2.67 143.24
N PRO RA 52 235.81 -3.58 142.27
CA PRO RA 52 235.27 -3.40 140.92
C PRO RA 52 233.74 -3.53 140.84
N LEU RA 53 233.09 -2.82 139.91
CA LEU RA 53 231.70 -3.08 139.50
C LEU RA 53 231.61 -4.35 138.64
N LEU RA 54 230.98 -5.42 139.13
CA LEU RA 54 230.81 -6.72 138.46
C LEU RA 54 229.42 -7.33 138.68
N CYS RA 55 228.78 -7.77 137.60
CA CYS RA 55 227.47 -8.44 137.66
C CYS RA 55 227.59 -9.82 138.32
N GLY RA 56 226.83 -10.04 139.39
CA GLY RA 56 226.81 -11.29 140.14
C GLY RA 56 227.72 -11.34 141.38
N ILE RA 57 228.43 -10.26 141.70
CA ILE RA 57 229.13 -10.13 142.99
C ILE RA 57 229.04 -8.73 143.62
N THR RA 58 229.02 -7.64 142.86
CA THR RA 58 228.84 -6.30 143.44
C THR RA 58 227.60 -5.58 142.90
N VAL RA 59 227.08 -5.90 141.72
CA VAL RA 59 225.75 -5.49 141.23
C VAL RA 59 224.97 -6.70 140.73
N GLU RA 60 223.65 -6.59 140.62
CA GLU RA 60 222.81 -7.68 140.13
C GLU RA 60 223.00 -7.95 138.63
N PRO RA 61 222.79 -9.19 138.15
CA PRO RA 61 222.80 -9.48 136.72
C PRO RA 61 221.85 -8.58 135.93
N GLY RA 62 222.29 -8.09 134.77
CA GLY RA 62 221.50 -7.20 133.93
C GLY RA 62 221.55 -5.72 134.31
N PHE RA 63 222.47 -5.31 135.21
CA PHE RA 63 222.73 -3.91 135.51
C PHE RA 63 223.04 -3.10 134.24
N SER RA 64 222.41 -1.96 134.05
CA SER RA 64 222.67 -1.09 132.91
C SER RA 64 223.75 -0.07 133.23
N ILE RA 65 224.90 -0.16 132.55
CA ILE RA 65 226.05 0.74 132.75
C ILE RA 65 225.84 2.11 132.09
N ASN RA 66 224.93 2.26 131.12
CA ASN RA 66 224.59 3.53 130.47
C ASN RA 66 223.18 3.99 130.91
N VAL RA 67 222.99 5.27 131.20
CA VAL RA 67 221.71 5.83 131.69
C VAL RA 67 221.50 7.27 131.23
N LYS RA 68 220.24 7.71 131.21
CA LYS RA 68 219.87 9.13 131.26
C LYS RA 68 219.55 9.51 132.71
N ALA RA 69 220.43 10.24 133.37
CA ALA RA 69 220.26 10.61 134.77
C ALA RA 69 219.35 11.84 134.91
N LEU RA 70 218.29 11.76 135.71
CA LEU RA 70 217.46 12.91 136.07
C LEU RA 70 218.17 13.72 137.17
N HIS RA 71 218.72 14.89 136.81
CA HIS RA 71 219.61 15.63 137.70
C HIS RA 71 219.12 17.02 138.11
N ARG RA 72 218.17 17.62 137.40
CA ARG RA 72 217.62 18.94 137.70
C ARG RA 72 216.13 19.03 137.39
N ARG RA 73 215.33 19.61 138.28
CA ARG RA 73 213.96 20.08 137.99
C ARG RA 73 213.93 21.61 138.03
N PRO RA 74 213.94 22.32 136.88
CA PRO RA 74 213.89 23.79 136.86
C PRO RA 74 212.64 24.37 137.56
N ASP RA 75 211.52 23.66 137.48
CA ASP RA 75 210.32 23.82 138.30
C ASP RA 75 209.72 22.42 138.55
N PRO RA 76 208.80 22.23 139.51
CA PRO RA 76 208.22 20.92 139.85
C PRO RA 76 207.62 20.11 138.71
N ASN RA 77 207.40 20.70 137.53
CA ASN RA 77 206.69 20.08 136.40
C ASN RA 77 207.58 19.83 135.16
N CYS RA 78 208.90 20.03 135.26
CA CYS RA 78 209.85 19.75 134.17
C CYS RA 78 211.12 19.04 134.69
N GLY RA 79 211.58 18.00 133.99
CA GLY RA 79 212.85 17.32 134.28
C GLY RA 79 213.89 17.53 133.19
N LEU RA 80 215.17 17.60 133.58
CA LEU RA 80 216.31 17.59 132.66
C LEU RA 80 217.14 16.30 132.78
N LEU RA 81 217.51 15.72 131.64
CA LEU RA 81 218.22 14.45 131.53
C LEU RA 81 219.65 14.62 130.99
N ARG RA 82 220.63 14.00 131.65
CA ARG RA 82 222.05 13.93 131.24
C ARG RA 82 222.41 12.48 130.90
N ALA RA 83 222.92 12.21 129.70
CA ALA RA 83 223.39 10.88 129.33
C ALA RA 83 224.81 10.61 129.87
N THR RA 84 224.99 9.52 130.62
CA THR RA 84 226.27 9.17 131.25
C THR RA 84 226.41 7.67 131.44
N SER RA 85 227.62 7.15 131.34
CA SER RA 85 227.97 5.83 131.86
C SER RA 85 228.28 5.86 133.36
N TYR RA 86 228.28 4.70 134.00
CA TYR RA 86 228.72 4.49 135.38
C TYR RA 86 230.24 4.66 135.56
N HIS RA 87 230.64 5.04 136.77
CA HIS RA 87 232.03 4.93 137.22
C HIS RA 87 232.39 3.47 137.50
N ARG RA 88 233.59 3.08 137.08
CA ARG RA 88 234.13 1.72 137.12
C ARG RA 88 234.34 1.10 138.52
N ASP RA 89 234.66 1.90 139.52
CA ASP RA 89 234.86 1.45 140.92
C ASP RA 89 233.62 1.65 141.78
N ILE RA 90 233.40 0.74 142.73
CA ILE RA 90 232.42 0.80 143.81
C ILE RA 90 233.14 1.07 145.14
N TYR RA 91 232.61 1.99 145.96
CA TYR RA 91 233.17 2.41 147.24
C TYR RA 91 232.40 1.80 148.42
N VAL RA 92 233.05 0.93 149.21
CA VAL RA 92 232.49 0.17 150.32
C VAL RA 92 232.74 0.90 151.65
N PHE RA 93 231.70 1.46 152.28
CA PHE RA 93 231.84 2.50 153.33
C PHE RA 93 231.16 2.21 154.68
N HIS RA 94 230.17 1.32 154.76
CA HIS RA 94 229.45 0.95 155.99
C HIS RA 94 229.73 -0.51 156.38
N ASN RA 95 230.16 -0.74 157.62
CA ASN RA 95 230.71 -2.03 158.12
C ASN RA 95 231.92 -2.57 157.33
N ALA RA 96 232.73 -1.70 156.72
CA ALA RA 96 233.87 -2.07 155.88
C ALA RA 96 234.95 -2.93 156.57
N HIS RA 97 235.05 -2.89 157.90
CA HIS RA 97 235.93 -3.75 158.71
C HIS RA 97 235.65 -5.25 158.53
N MET RA 98 234.46 -5.63 158.07
CA MET RA 98 234.08 -7.00 157.75
C MET RA 98 234.74 -7.57 156.49
N VAL RA 99 235.30 -6.75 155.60
CA VAL RA 99 236.02 -7.22 154.39
C VAL RA 99 237.52 -7.37 154.74
N PRO RA 100 238.13 -8.56 154.60
CA PRO RA 100 239.57 -8.75 154.86
C PRO RA 100 240.48 -7.82 154.03
N PRO RA 101 241.65 -7.41 154.56
CA PRO RA 101 242.64 -6.67 153.80
C PRO RA 101 243.32 -7.54 152.71
N ILE RA 102 243.82 -6.91 151.64
CA ILE RA 102 244.63 -7.55 150.60
C ILE RA 102 246.10 -7.72 151.01
N PHE RA 103 246.60 -6.88 151.92
CA PHE RA 103 247.98 -6.86 152.41
C PHE RA 103 248.02 -6.73 153.94
N GLU RA 104 248.83 -7.53 154.63
CA GLU RA 104 248.81 -7.64 156.11
C GLU RA 104 249.71 -6.63 156.84
N GLY RA 105 250.60 -5.91 156.14
CA GLY RA 105 251.56 -5.03 156.78
C GLY RA 105 250.90 -3.83 157.49
N PRO RA 106 251.23 -3.54 158.76
CA PRO RA 106 250.65 -2.42 159.53
C PRO RA 106 251.28 -1.05 159.19
N GLY RA 107 250.63 0.03 159.64
CA GLY RA 107 251.19 1.39 159.68
C GLY RA 107 251.11 2.24 158.40
N LEU RA 108 250.35 1.84 157.38
CA LEU RA 108 250.39 2.51 156.06
C LEU RA 108 249.74 3.89 156.05
N GLU RA 109 248.72 4.13 156.87
CA GLU RA 109 247.97 5.37 156.89
C GLU RA 109 248.81 6.57 157.37
N ALA RA 110 249.62 6.39 158.42
CA ALA RA 110 250.59 7.37 158.91
C ALA RA 110 251.75 7.60 157.93
N LEU RA 111 252.27 6.53 157.31
CA LEU RA 111 253.33 6.62 156.28
C LEU RA 111 252.88 7.48 155.08
N CYS RA 112 251.65 7.27 154.61
CA CYS RA 112 251.06 8.07 153.53
C CYS RA 112 250.90 9.55 153.93
N GLY RA 113 250.45 9.83 155.16
CA GLY RA 113 250.24 11.19 155.65
C GLY RA 113 251.54 12.00 155.78
N GLU RA 114 252.58 11.39 156.32
CA GLU RA 114 253.91 11.99 156.43
C GLU RA 114 254.50 12.29 155.05
N THR RA 115 254.39 11.34 154.11
CA THR RA 115 254.98 11.48 152.77
C THR RA 115 254.22 12.50 151.90
N ARG RA 116 252.90 12.58 152.02
CA ARG RA 116 252.06 13.60 151.34
C ARG RA 116 252.48 15.02 151.72
N GLU RA 117 252.86 15.24 152.98
CA GLU RA 117 253.28 16.54 153.48
C GLU RA 117 254.65 16.96 152.94
N VAL RA 118 255.67 16.06 152.92
CA VAL RA 118 257.00 16.43 152.40
C VAL RA 118 257.01 16.73 150.90
N PHE RA 119 256.12 16.13 150.10
CA PHE RA 119 255.92 16.50 148.69
C PHE RA 119 255.01 17.73 148.48
N GLY RA 120 254.46 18.31 149.56
CA GLY RA 120 253.62 19.51 149.49
C GLY RA 120 252.21 19.29 148.95
N TYR RA 121 251.67 18.07 149.02
CA TYR RA 121 250.33 17.73 148.53
C TYR RA 121 249.21 17.99 149.55
N ASP RA 122 248.05 18.33 149.02
CA ASP RA 122 246.81 18.63 149.74
C ASP RA 122 246.12 17.38 150.34
N ALA RA 123 245.94 17.33 151.66
CA ALA RA 123 245.16 16.31 152.37
C ALA RA 123 243.64 16.56 152.30
N TYR RA 124 242.80 15.53 152.46
CA TYR RA 124 241.35 15.71 152.47
C TYR RA 124 240.90 16.57 153.65
N SER RA 125 240.13 17.64 153.39
CA SER RA 125 239.54 18.49 154.43
C SER RA 125 238.05 18.18 154.56
N ALA RA 126 237.67 17.64 155.71
CA ALA RA 126 236.29 17.26 156.00
C ALA RA 126 235.34 18.45 156.10
N LEU RA 127 234.08 18.25 155.69
CA LEU RA 127 232.99 19.21 155.92
C LEU RA 127 232.77 19.44 157.43
N PRO RA 128 232.19 20.58 157.85
CA PRO RA 128 231.90 20.84 159.26
C PRO RA 128 230.73 20.02 159.85
N ARG RA 129 229.83 19.46 159.03
CA ARG RA 129 228.80 18.50 159.48
C ARG RA 129 229.36 17.13 159.89
N GLU RA 130 228.60 16.35 160.66
CA GLU RA 130 228.84 14.90 160.80
C GLU RA 130 228.44 14.11 159.53
N SER RA 131 229.01 12.91 159.36
CA SER RA 131 228.51 11.90 158.43
C SER RA 131 227.03 11.53 158.69
N SER RA 132 226.27 11.23 157.63
CA SER RA 132 224.89 10.76 157.71
C SER RA 132 224.76 9.54 158.63
N LYS RA 133 223.86 9.61 159.60
CA LYS RA 133 223.53 8.49 160.48
C LYS RA 133 222.81 7.37 159.71
N PRO RA 134 223.02 6.08 160.02
CA PRO RA 134 222.41 4.96 159.29
C PRO RA 134 220.91 5.10 159.04
N GLY RA 135 220.12 5.46 160.06
CA GLY RA 135 218.67 5.67 159.95
C GLY RA 135 218.22 6.73 158.93
N ASP RA 136 219.11 7.61 158.45
CA ASP RA 136 218.82 8.56 157.38
C ASP RA 136 218.84 7.95 155.97
N PHE RA 137 219.65 6.92 155.71
CA PHE RA 137 219.84 6.36 154.36
C PHE RA 137 219.47 4.87 154.22
N PHE RA 138 219.39 4.11 155.32
CA PHE RA 138 218.89 2.73 155.30
C PHE RA 138 217.39 2.65 154.95
N PRO RA 139 216.96 1.64 154.17
CA PRO RA 139 215.55 1.27 154.01
C PRO RA 139 214.83 1.04 155.35
N GLU RA 140 213.51 1.08 155.34
CA GLU RA 140 212.66 0.79 156.50
C GLU RA 140 212.83 -0.65 157.03
N GLY RA 141 213.08 -0.79 158.33
CA GLY RA 141 213.11 -2.07 159.06
C GLY RA 141 214.43 -2.85 159.01
N LEU RA 142 215.31 -2.65 158.03
CA LEU RA 142 216.63 -3.31 158.00
C LEU RA 142 217.52 -2.88 159.16
N ASP RA 143 218.18 -3.84 159.80
CA ASP RA 143 219.14 -3.61 160.88
C ASP RA 143 220.52 -3.17 160.31
N PRO RA 144 221.02 -1.96 160.63
CA PRO RA 144 222.33 -1.52 160.14
C PRO RA 144 223.50 -2.43 160.53
N SER RA 145 223.42 -3.14 161.64
CA SER RA 145 224.47 -4.08 162.07
C SER RA 145 224.52 -5.39 161.24
N ALA RA 146 223.48 -5.71 160.49
CA ALA RA 146 223.37 -6.95 159.71
C ALA RA 146 223.85 -6.84 158.24
N TYR RA 147 224.20 -5.64 157.78
CA TYR RA 147 224.48 -5.36 156.36
C TYR RA 147 225.81 -4.65 156.11
N LEU RA 148 226.38 -4.89 154.92
CA LEU RA 148 227.52 -4.18 154.33
C LEU RA 148 226.99 -3.10 153.37
N GLY RA 149 227.45 -1.85 153.45
CA GLY RA 149 226.97 -0.76 152.57
C GLY RA 149 228.01 -0.19 151.61
N ALA RA 150 227.65 0.00 150.35
CA ALA RA 150 228.52 0.49 149.28
C ALA RA 150 227.80 1.37 148.24
N VAL RA 151 228.50 2.29 147.60
CA VAL RA 151 227.97 3.21 146.57
C VAL RA 151 228.44 2.83 145.16
N ALA RA 152 227.50 2.76 144.21
CA ALA RA 152 227.75 2.80 142.77
C ALA RA 152 227.32 4.18 142.22
N ILE RA 153 228.15 4.83 141.41
CA ILE RA 153 227.98 6.25 141.04
C ILE RA 153 228.18 6.51 139.55
N THR RA 154 227.41 7.40 138.95
CA THR RA 154 227.62 7.79 137.55
C THR RA 154 228.83 8.71 137.38
N GLU RA 155 229.51 8.59 136.25
CA GLU RA 155 230.77 9.28 135.97
C GLU RA 155 230.62 10.82 135.97
N ALA RA 156 229.46 11.34 135.57
CA ALA RA 156 229.15 12.77 135.55
C ALA RA 156 228.84 13.41 136.93
N PHE RA 157 228.42 12.64 137.94
CA PHE RA 157 227.97 13.12 139.25
C PHE RA 157 228.84 12.64 140.44
N LYS RA 158 229.99 12.02 140.20
CA LYS RA 158 230.91 11.56 141.26
C LYS RA 158 231.56 12.70 142.08
N GLU RA 159 231.74 13.91 141.56
CA GLU RA 159 232.19 15.05 142.37
C GLU RA 159 231.08 15.52 143.34
N ARG RA 160 229.81 15.42 142.94
CA ARG RA 160 228.65 15.69 143.81
C ARG RA 160 228.54 14.70 144.96
N LEU RA 161 228.90 13.43 144.74
CA LEU RA 161 229.04 12.44 145.82
C LEU RA 161 230.12 12.86 146.83
N TYR RA 162 231.31 13.20 146.33
CA TYR RA 162 232.43 13.70 147.14
C TYR RA 162 232.05 14.93 147.97
N SER RA 163 231.36 15.90 147.37
CA SER RA 163 231.01 17.20 148.00
C SER RA 163 229.75 17.17 148.89
N GLY RA 164 229.04 16.04 149.00
CA GLY RA 164 227.89 15.91 149.89
C GLY RA 164 226.58 16.51 149.36
N ASN RA 165 226.45 16.60 148.04
CA ASN RA 165 225.34 17.24 147.33
C ASN RA 165 224.30 16.27 146.71
N LEU RA 166 224.40 14.96 146.93
CA LEU RA 166 223.36 13.99 146.57
C LEU RA 166 222.36 13.76 147.70
N VAL RA 167 221.16 13.31 147.37
CA VAL RA 167 220.07 12.96 148.29
C VAL RA 167 219.71 11.47 148.11
N ALA RA 168 219.67 10.69 149.19
CA ALA RA 168 219.15 9.32 149.19
C ALA RA 168 217.64 9.29 149.49
N ILE RA 169 216.89 8.41 148.84
CA ILE RA 169 215.42 8.30 149.00
C ILE RA 169 215.00 6.87 149.39
N PRO RA 170 215.13 6.48 150.66
CA PRO RA 170 214.86 5.11 151.14
C PRO RA 170 213.50 4.51 150.77
N SER RA 171 212.43 5.29 150.62
CA SER RA 171 211.10 4.79 150.26
C SER RA 171 211.06 4.17 148.86
N LEU RA 172 211.95 4.59 147.96
CA LEU RA 172 212.13 4.03 146.62
C LEU RA 172 213.03 2.79 146.58
N LYS RA 173 213.20 2.05 147.69
CA LYS RA 173 213.97 0.79 147.72
C LYS RA 173 213.54 -0.20 146.64
N GLN RA 174 214.49 -0.98 146.16
CA GLN RA 174 214.27 -2.13 145.28
C GLN RA 174 215.04 -3.34 145.79
N GLU RA 175 214.42 -4.52 145.82
CA GLU RA 175 215.04 -5.77 146.25
C GLU RA 175 215.65 -6.49 145.03
N VAL RA 176 216.91 -6.90 145.14
CA VAL RA 176 217.74 -7.40 144.03
C VAL RA 176 218.60 -8.58 144.47
N ALA RA 177 218.78 -9.57 143.61
CA ALA RA 177 219.64 -10.73 143.88
C ALA RA 177 221.06 -10.47 143.37
N VAL RA 178 222.07 -10.54 144.25
CA VAL RA 178 223.49 -10.34 143.89
C VAL RA 178 224.23 -11.64 144.14
N GLY RA 179 224.43 -12.42 143.08
CA GLY RA 179 224.83 -13.83 143.20
C GLY RA 179 223.73 -14.61 143.92
N GLN RA 180 224.07 -15.27 145.04
CA GLN RA 180 223.08 -15.91 145.92
C GLN RA 180 222.36 -14.93 146.86
N SER RA 181 222.99 -13.80 147.20
CA SER RA 181 222.56 -12.98 148.34
C SER RA 181 221.37 -12.08 148.04
N ALA RA 182 220.36 -12.13 148.89
CA ALA RA 182 219.19 -11.24 148.87
C ALA RA 182 219.59 -9.83 149.31
N SER RA 183 219.79 -8.92 148.37
CA SER RA 183 220.30 -7.57 148.61
C SER RA 183 219.21 -6.51 148.42
N VAL RA 184 219.49 -5.27 148.80
CA VAL RA 184 218.58 -4.13 148.59
C VAL RA 184 219.36 -2.97 147.96
N ARG RA 185 218.74 -2.16 147.10
CA ARG RA 185 219.33 -0.87 146.68
C ARG RA 185 218.39 0.31 146.90
N VAL RA 186 218.96 1.48 147.21
CA VAL RA 186 218.28 2.79 147.35
C VAL RA 186 218.85 3.76 146.32
N PRO RA 187 218.04 4.55 145.59
CA PRO RA 187 218.53 5.50 144.60
C PRO RA 187 219.14 6.78 145.23
N LEU RA 188 220.07 7.41 144.51
CA LEU RA 188 220.63 8.74 144.78
C LEU RA 188 220.25 9.77 143.71
N TYR RA 189 219.77 10.96 144.09
CA TYR RA 189 219.47 12.07 143.18
C TYR RA 189 220.24 13.34 143.55
N ASP RA 190 220.69 14.15 142.59
CA ASP RA 190 221.31 15.45 142.86
C ASP RA 190 220.30 16.42 143.53
N LYS RA 191 220.70 17.17 144.56
CA LYS RA 191 219.80 18.08 145.28
C LYS RA 191 219.09 19.11 144.39
N GLU RA 192 219.59 19.36 143.19
CA GLU RA 192 218.91 20.19 142.16
C GLU RA 192 217.62 19.59 141.58
N VAL RA 193 217.23 18.35 141.91
CA VAL RA 193 215.87 17.86 141.65
C VAL RA 193 214.83 18.36 142.66
N PHE RA 194 215.23 19.09 143.71
CA PHE RA 194 214.31 19.69 144.68
C PHE RA 194 214.39 21.22 144.63
N PRO RA 195 213.70 21.89 143.68
CA PRO RA 195 213.75 23.34 143.54
C PRO RA 195 213.31 24.14 144.77
N GLU RA 196 212.40 23.65 145.62
CA GLU RA 196 212.07 24.32 146.89
C GLU RA 196 213.14 24.13 147.98
N GLY RA 197 214.16 23.32 147.72
CA GLY RA 197 215.24 22.96 148.65
C GLY RA 197 214.89 21.80 149.57
N VAL RA 198 215.93 21.13 150.06
CA VAL RA 198 215.91 20.15 151.17
C VAL RA 198 216.87 20.61 152.27
N PRO RA 199 216.62 20.34 153.56
CA PRO RA 199 217.53 20.73 154.65
C PRO RA 199 218.97 20.21 154.45
N GLN RA 200 219.99 20.97 154.84
CA GLN RA 200 221.40 20.60 154.63
C GLN RA 200 221.76 19.22 155.21
N LEU RA 201 221.19 18.82 156.35
CA LEU RA 201 221.41 17.49 156.93
C LEU RA 201 220.60 16.35 156.27
N ARG RA 202 219.63 16.65 155.40
CA ARG RA 202 218.89 15.65 154.62
C ARG RA 202 219.68 15.13 153.40
N GLN RA 203 220.72 15.82 152.98
CA GLN RA 203 221.69 15.37 151.97
C GLN RA 203 222.60 14.26 152.51
N PHE RA 204 223.10 13.39 151.63
CA PHE RA 204 223.95 12.26 151.98
C PHE RA 204 225.43 12.65 152.02
N TYR RA 205 226.10 12.40 153.13
CA TYR RA 205 227.54 12.63 153.27
C TYR RA 205 228.23 11.55 154.11
N ASN RA 206 229.37 11.03 153.66
CA ASN RA 206 230.22 10.19 154.49
C ASN RA 206 231.68 10.60 154.36
N SER RA 207 232.29 10.99 155.48
CA SER RA 207 233.66 11.52 155.51
C SER RA 207 234.71 10.47 155.12
N ASP RA 208 234.54 9.20 155.51
CA ASP RA 208 235.47 8.14 155.10
C ASP RA 208 235.42 7.85 153.60
N LEU RA 209 234.23 7.86 153.00
CA LEU RA 209 234.06 7.75 151.55
C LEU RA 209 234.72 8.91 150.80
N SER RA 210 234.47 10.16 151.19
CA SER RA 210 235.08 11.32 150.52
C SER RA 210 236.61 11.31 150.63
N ARG RA 211 237.17 11.01 151.81
CA ARG RA 211 238.62 10.82 152.02
C ARG RA 211 239.21 9.71 151.15
N CYS RA 212 238.55 8.56 151.02
CA CYS RA 212 238.98 7.49 150.14
C CYS RA 212 239.05 7.93 148.66
N MET RA 213 238.00 8.59 148.13
CA MET RA 213 238.02 9.18 146.78
C MET RA 213 239.14 10.21 146.58
N HIS RA 214 239.41 11.06 147.58
CA HIS RA 214 240.47 12.06 147.53
C HIS RA 214 241.83 11.43 147.24
N GLU RA 215 242.16 10.37 147.98
CA GLU RA 215 243.43 9.66 147.92
C GLU RA 215 243.49 8.69 146.74
N ALA RA 216 242.52 7.80 146.59
CA ALA RA 216 242.56 6.72 145.60
C ALA RA 216 242.15 7.14 144.18
N LEU RA 217 241.37 8.21 143.99
CA LEU RA 217 240.95 8.68 142.67
C LEU RA 217 241.63 10.00 142.26
N TYR RA 218 241.34 11.10 142.96
CA TYR RA 218 241.69 12.44 142.50
C TYR RA 218 243.16 12.80 142.61
N THR RA 219 243.89 12.30 143.61
CA THR RA 219 245.32 12.61 143.77
C THR RA 219 246.18 12.13 142.59
N GLY RA 220 245.90 10.97 142.01
CA GLY RA 220 246.60 10.46 140.84
C GLY RA 220 246.32 11.27 139.57
N LEU RA 221 245.11 11.82 139.41
CA LEU RA 221 244.77 12.74 138.32
C LEU RA 221 245.52 14.08 138.45
N ALA RA 222 245.64 14.61 139.67
CA ALA RA 222 246.46 15.77 139.97
C ALA RA 222 247.95 15.51 139.65
N GLN RA 223 248.50 14.35 140.04
CA GLN RA 223 249.88 13.97 139.67
C GLN RA 223 250.07 13.90 138.14
N ALA RA 224 249.11 13.37 137.37
CA ALA RA 224 249.17 13.34 135.91
C ALA RA 224 249.20 14.73 135.24
N LEU RA 225 248.68 15.78 135.88
CA LEU RA 225 248.73 17.17 135.42
C LEU RA 225 249.88 18.00 136.04
N ARG RA 226 250.61 17.45 137.00
CA ARG RA 226 251.58 18.14 137.90
C ARG RA 226 250.94 19.32 138.67
N VAL RA 227 249.84 19.03 139.35
CA VAL RA 227 249.10 19.93 140.28
C VAL RA 227 249.18 19.36 141.70
N ARG RA 228 249.40 20.21 142.73
CA ARG RA 228 249.42 19.81 144.16
C ARG RA 228 248.10 20.03 144.91
N ARG RA 229 247.32 21.00 144.45
CA ARG RA 229 246.05 21.46 145.06
C ARG RA 229 244.87 20.58 144.65
N VAL RA 230 244.78 19.38 145.25
CA VAL RA 230 243.80 18.34 144.86
C VAL RA 230 242.35 18.80 145.08
N GLY RA 231 242.04 19.42 146.21
CA GLY RA 231 240.69 19.93 146.52
C GLY RA 231 240.16 20.95 145.51
N LYS RA 232 241.01 21.87 145.05
CA LYS RA 232 240.71 22.81 143.95
C LYS RA 232 240.55 22.12 142.59
N LEU RA 233 241.31 21.06 142.28
CA LEU RA 233 241.04 20.23 141.09
C LEU RA 233 239.64 19.56 141.16
N VAL RA 234 239.20 19.04 142.31
CA VAL RA 234 237.85 18.47 142.43
C VAL RA 234 236.77 19.52 142.22
N GLU RA 235 236.93 20.72 142.79
CA GLU RA 235 235.99 21.84 142.60
C GLU RA 235 235.82 22.26 141.14
N LEU RA 236 236.92 22.39 140.38
CA LEU RA 236 236.81 22.78 138.96
C LEU RA 236 236.26 21.66 138.06
N LEU RA 237 236.47 20.38 138.38
CA LEU RA 237 235.84 19.27 137.66
C LEU RA 237 234.32 19.23 137.88
N GLU RA 238 233.83 19.50 139.09
CA GLU RA 238 232.40 19.57 139.40
C GLU RA 238 231.69 20.66 138.58
N LYS RA 239 232.21 21.89 138.61
CA LYS RA 239 231.66 23.02 137.87
C LYS RA 239 231.72 22.81 136.35
N GLN RA 240 232.75 22.15 135.83
CA GLN RA 240 232.81 21.74 134.43
C GLN RA 240 231.67 20.78 134.05
N SER RA 241 231.31 19.83 134.91
CA SER RA 241 230.22 18.89 134.65
C SER RA 241 228.85 19.59 134.72
N LEU RA 242 228.60 20.44 135.72
CA LEU RA 242 227.27 21.00 135.98
C LEU RA 242 226.94 22.31 135.24
N GLN RA 243 227.93 23.07 134.79
CA GLN RA 243 227.76 24.40 134.20
C GLN RA 243 228.41 24.52 132.80
N ASP RA 244 228.66 23.39 132.13
CA ASP RA 244 229.09 23.29 130.72
C ASP RA 244 230.40 24.05 130.37
N GLN RA 245 231.34 24.18 131.31
CA GLN RA 245 232.54 25.03 131.16
C GLN RA 245 233.69 24.43 130.32
N ALA RA 246 233.43 23.45 129.46
CA ALA RA 246 234.48 22.74 128.70
C ALA RA 246 235.38 23.65 127.84
N LYS RA 247 234.84 24.70 127.21
CA LYS RA 247 235.60 25.67 126.39
C LYS RA 247 236.17 26.87 127.16
N VAL RA 248 236.08 26.89 128.50
CA VAL RA 248 236.67 27.93 129.36
C VAL RA 248 237.96 27.41 130.01
N ALA RA 249 239.05 28.17 129.98
CA ALA RA 249 240.29 27.81 130.65
C ALA RA 249 240.14 27.86 132.19
N LYS RA 250 240.73 26.91 132.91
CA LYS RA 250 240.46 26.70 134.35
C LYS RA 250 241.63 26.14 135.17
N VAL RA 251 242.50 25.28 134.63
CA VAL RA 251 243.61 24.69 135.40
C VAL RA 251 244.85 25.57 135.46
N ALA RA 252 245.07 26.48 134.51
CA ALA RA 252 246.31 27.27 134.43
C ALA RA 252 246.76 27.95 135.73
N PRO RA 253 245.89 28.56 136.57
CA PRO RA 253 246.29 29.11 137.87
C PRO RA 253 246.92 28.10 138.86
N LEU RA 254 246.55 26.82 138.79
CA LEU RA 254 247.07 25.77 139.68
C LEU RA 254 248.45 25.24 139.26
N LYS RA 255 248.93 25.55 138.05
CA LYS RA 255 250.20 25.03 137.50
C LYS RA 255 251.45 25.53 138.26
N GLU RA 256 252.51 24.75 138.19
CA GLU RA 256 253.82 24.99 138.82
C GLU RA 256 254.94 24.50 137.90
N PHE RA 257 256.10 25.16 137.93
CA PHE RA 257 257.19 24.94 136.97
C PHE RA 257 258.54 24.75 137.66
N PRO RA 258 259.42 23.85 137.18
CA PRO RA 258 260.76 23.64 137.71
C PRO RA 258 261.79 24.66 137.15
N ALA RA 259 262.97 24.73 137.78
CA ALA RA 259 264.06 25.62 137.40
C ALA RA 259 264.57 25.42 135.97
N SER RA 260 264.53 24.19 135.43
CA SER RA 260 264.85 23.88 134.03
C SER RA 260 263.89 24.51 133.02
N THR RA 261 262.64 24.77 133.40
CA THR RA 261 261.65 25.50 132.60
C THR RA 261 261.77 27.02 132.80
N ILE RA 262 261.99 27.49 134.02
CA ILE RA 262 262.11 28.94 134.32
C ILE RA 262 263.40 29.54 133.74
N SER RA 263 264.52 28.81 133.77
CA SER RA 263 265.82 29.23 133.23
C SER RA 263 265.95 29.06 131.70
N HIS RA 264 264.93 28.54 131.03
CA HIS RA 264 264.98 28.19 129.59
C HIS RA 264 264.93 29.44 128.69
N PRO RA 265 265.67 29.51 127.57
CA PRO RA 265 265.61 30.64 126.64
C PRO RA 265 264.23 30.84 126.01
N ASP RA 266 263.46 29.78 125.80
CA ASP RA 266 262.06 29.82 125.34
C ASP RA 266 261.03 29.67 126.48
N SER RA 267 261.41 29.96 127.73
CA SER RA 267 260.55 29.74 128.91
C SER RA 267 259.13 30.29 128.79
N GLY RA 268 258.92 31.48 128.20
CA GLY RA 268 257.59 32.05 128.04
C GLY RA 268 256.66 31.22 127.15
N ALA RA 269 257.18 30.72 126.03
CA ALA RA 269 256.45 29.83 125.12
C ALA RA 269 256.26 28.43 125.72
N LEU RA 270 257.25 27.93 126.47
CA LEU RA 270 257.16 26.64 127.16
C LEU RA 270 256.08 26.64 128.24
N MET RA 271 255.99 27.68 129.08
CA MET RA 271 254.93 27.79 130.09
C MET RA 271 253.53 27.85 129.48
N ILE RA 272 253.35 28.51 128.33
CA ILE RA 272 252.08 28.53 127.58
C ILE RA 272 251.76 27.15 126.98
N VAL RA 273 252.70 26.45 126.34
CA VAL RA 273 252.44 25.12 125.75
C VAL RA 273 252.12 24.06 126.82
N ASP RA 274 252.88 24.01 127.91
CA ASP RA 274 252.66 23.09 129.04
C ASP RA 274 251.29 23.32 129.72
N SER RA 275 250.91 24.60 129.92
CA SER RA 275 249.59 24.95 130.45
C SER RA 275 248.44 24.59 129.51
N ALA RA 276 248.54 24.91 128.22
CA ALA RA 276 247.50 24.62 127.25
C ALA RA 276 247.27 23.11 127.02
N ALA RA 277 248.34 22.32 127.03
CA ALA RA 277 248.22 20.86 126.98
C ALA RA 277 247.41 20.28 128.16
N CYS RA 278 247.65 20.79 129.39
CA CYS RA 278 246.88 20.36 130.56
C CYS RA 278 245.43 20.82 130.52
N GLU RA 279 245.15 22.04 130.09
CA GLU RA 279 243.78 22.53 129.89
C GLU RA 279 242.98 21.62 128.94
N LEU RA 280 243.58 21.24 127.80
CA LEU RA 280 242.95 20.38 126.81
C LEU RA 280 242.68 18.97 127.35
N ALA RA 281 243.61 18.36 128.10
CA ALA RA 281 243.39 17.06 128.74
C ALA RA 281 242.22 17.10 129.74
N VAL RA 282 242.10 18.16 130.55
CA VAL RA 282 240.96 18.37 131.46
C VAL RA 282 239.65 18.67 130.71
N SER RA 283 239.66 19.34 129.56
CA SER RA 283 238.46 19.49 128.73
C SER RA 283 237.96 18.16 128.14
N TYR RA 284 238.84 17.35 127.56
CA TYR RA 284 238.43 16.19 126.75
C TYR RA 284 238.40 14.84 127.47
N ALA RA 285 239.28 14.55 128.45
CA ALA RA 285 239.29 13.23 129.10
C ALA RA 285 237.98 12.91 129.85
N PRO RA 286 237.41 13.80 130.69
CA PRO RA 286 236.13 13.54 131.34
C PRO RA 286 234.98 13.30 130.36
N ALA RA 287 234.89 14.06 129.26
CA ALA RA 287 233.86 13.86 128.24
C ALA RA 287 233.89 12.45 127.62
N MET RA 288 235.08 11.98 127.26
CA MET RA 288 235.25 10.62 126.73
C MET RA 288 234.99 9.53 127.79
N LEU RA 289 235.35 9.74 129.05
CA LEU RA 289 235.05 8.80 130.13
C LEU RA 289 233.54 8.72 130.46
N GLU RA 290 232.81 9.83 130.42
CA GLU RA 290 231.35 9.90 130.64
C GLU RA 290 230.51 9.30 129.51
N ALA RA 291 231.04 9.20 128.29
CA ALA RA 291 230.32 8.71 127.11
C ALA RA 291 229.70 7.32 127.30
N SER RA 292 228.73 6.95 126.46
CA SER RA 292 228.08 5.62 126.53
C SER RA 292 229.01 4.53 125.98
N HIS RA 293 229.23 3.45 126.71
CA HIS RA 293 230.21 2.40 126.36
C HIS RA 293 229.53 1.05 126.08
N GLU RA 294 230.11 0.23 125.22
CA GLU RA 294 229.70 -1.17 125.03
C GLU RA 294 229.89 -1.99 126.32
N THR RA 295 229.02 -2.97 126.58
CA THR RA 295 229.12 -3.87 127.74
C THR RA 295 229.92 -5.13 127.40
N PRO RA 296 231.15 -5.34 127.90
CA PRO RA 296 231.93 -6.54 127.62
C PRO RA 296 231.35 -7.80 128.26
N ALA RA 297 231.60 -8.98 127.68
CA ALA RA 297 231.24 -10.26 128.29
C ALA RA 297 232.01 -10.57 129.59
N SER RA 298 233.19 -9.94 129.78
CA SER RA 298 234.01 -10.10 130.97
C SER RA 298 233.42 -9.44 132.23
N LEU RA 299 232.40 -8.60 132.10
CA LEU RA 299 231.73 -7.94 133.22
C LEU RA 299 230.79 -8.88 134.01
N ASN RA 300 230.51 -10.08 133.48
CA ASN RA 300 229.63 -11.08 134.07
C ASN RA 300 230.41 -12.15 134.87
N TYR RA 301 230.52 -11.98 136.19
CA TYR RA 301 231.38 -12.78 137.07
C TYR RA 301 230.98 -14.26 137.18
N ASP RA 302 229.69 -14.57 137.02
CA ASP RA 302 229.20 -15.95 137.11
C ASP RA 302 229.44 -16.76 135.82
N SER RA 303 229.69 -16.13 134.66
CA SER RA 303 230.17 -16.82 133.45
C SER RA 303 231.69 -16.87 133.29
N TRP RA 304 232.51 -16.38 134.23
CA TRP RA 304 233.96 -16.47 134.14
C TRP RA 304 234.45 -17.94 134.07
N PRO RA 305 235.14 -18.37 133.00
CA PRO RA 305 235.65 -19.74 132.89
C PRO RA 305 236.62 -20.19 133.99
N LEU RA 306 237.37 -19.28 134.62
CA LEU RA 306 238.41 -19.66 135.59
C LEU RA 306 237.88 -20.45 136.79
N PHE RA 307 236.60 -20.33 137.14
CA PHE RA 307 235.93 -21.09 138.21
C PHE RA 307 235.42 -22.49 137.81
N ALA RA 308 235.45 -22.88 136.53
CA ALA RA 308 234.68 -24.02 136.03
C ALA RA 308 235.00 -25.39 136.65
N ASP RA 309 236.21 -25.62 137.15
CA ASP RA 309 236.61 -26.85 137.87
C ASP RA 309 236.59 -26.72 139.40
N CYS RA 310 236.22 -25.57 139.97
CA CYS RA 310 236.20 -25.32 141.42
C CYS RA 310 235.03 -26.01 142.13
N GLU RA 311 235.30 -26.65 143.27
CA GLU RA 311 234.27 -27.08 144.23
C GLU RA 311 234.49 -26.44 145.60
N GLY RA 312 233.52 -25.64 146.06
CA GLY RA 312 233.52 -24.97 147.36
C GLY RA 312 234.32 -23.66 147.44
N PRO RA 313 234.17 -22.90 148.54
CA PRO RA 313 234.75 -21.56 148.69
C PRO RA 313 236.28 -21.50 148.67
N GLU RA 314 236.98 -22.50 149.21
CA GLU RA 314 238.45 -22.49 149.22
C GLU RA 314 239.05 -22.59 147.83
N ALA RA 315 238.48 -23.43 146.97
CA ALA RA 315 238.89 -23.57 145.58
C ALA RA 315 238.64 -22.27 144.78
N ARG RA 316 237.54 -21.56 145.05
CA ARG RA 316 237.23 -20.28 144.39
C ARG RA 316 238.21 -19.16 144.79
N VAL RA 317 238.55 -19.02 146.07
CA VAL RA 317 239.57 -18.07 146.54
C VAL RA 317 240.96 -18.39 145.97
N ALA RA 318 241.37 -19.66 145.96
CA ALA RA 318 242.65 -20.06 145.37
C ALA RA 318 242.73 -19.83 143.84
N ALA RA 319 241.63 -19.97 143.12
CA ALA RA 319 241.53 -19.64 141.70
C ALA RA 319 241.70 -18.13 141.43
N LEU RA 320 241.12 -17.27 142.29
CA LEU RA 320 241.31 -15.82 142.21
C LEU RA 320 242.77 -15.42 142.47
N HIS RA 321 243.46 -16.06 143.42
CA HIS RA 321 244.89 -15.80 143.66
C HIS RA 321 245.76 -16.16 142.44
N ARG RA 322 245.51 -17.29 141.75
CA ARG RA 322 246.18 -17.61 140.47
C ARG RA 322 245.87 -16.58 139.38
N TYR RA 323 244.62 -16.14 139.27
CA TYR RA 323 244.24 -15.05 138.37
C TYR RA 323 245.05 -13.76 138.64
N ASN RA 324 245.15 -13.31 139.89
CA ASN RA 324 245.92 -12.13 140.26
C ASN RA 324 247.42 -12.25 139.93
N ALA RA 325 248.04 -13.41 140.16
CA ALA RA 325 249.44 -13.65 139.80
C ALA RA 325 249.70 -13.46 138.30
N SER RA 326 248.76 -13.85 137.43
CA SER RA 326 248.88 -13.63 135.97
C SER RA 326 248.83 -12.15 135.53
N LEU RA 327 248.30 -11.23 136.35
CA LEU RA 327 248.32 -9.78 136.13
C LEU RA 327 249.52 -9.05 136.75
N ALA RA 328 250.21 -9.63 137.74
CA ALA RA 328 251.29 -8.96 138.48
C ALA RA 328 252.41 -8.34 137.60
N PRO RA 329 252.89 -8.98 136.50
CA PRO RA 329 253.94 -8.39 135.67
C PRO RA 329 253.57 -7.04 135.05
N HIS RA 330 252.29 -6.80 134.73
CA HIS RA 330 251.82 -5.49 134.30
C HIS RA 330 251.99 -4.43 135.40
N VAL RA 331 251.59 -4.75 136.62
CA VAL RA 331 251.68 -3.83 137.77
C VAL RA 331 253.13 -3.59 138.18
N SER RA 332 253.95 -4.63 138.31
CA SER RA 332 255.36 -4.46 138.71
C SER RA 332 256.20 -3.74 137.65
N THR RA 333 255.87 -3.87 136.37
CA THR RA 333 256.53 -3.10 135.29
C THR RA 333 256.31 -1.60 135.46
N GLN RA 334 255.10 -1.17 135.79
CA GLN RA 334 254.80 0.24 136.10
C GLN RA 334 255.47 0.75 137.38
N ILE RA 335 255.98 -0.11 138.27
CA ILE RA 335 256.83 0.30 139.40
C ILE RA 335 258.33 0.29 139.04
N PHE RA 336 258.83 -0.77 138.42
CA PHE RA 336 260.26 -0.96 138.17
C PHE RA 336 260.81 -0.16 137.00
N ALA RA 337 260.01 0.22 136.00
CA ALA RA 337 260.50 0.91 134.80
C ALA RA 337 260.77 2.40 135.03
N THR RA 338 261.97 2.87 134.67
CA THR RA 338 262.36 4.29 134.79
C THR RA 338 261.44 5.21 134.00
N ASN RA 339 260.88 4.74 132.88
CA ASN RA 339 259.97 5.46 132.00
C ASN RA 339 258.49 5.05 132.16
N SER RA 340 258.10 4.60 133.34
CA SER RA 340 256.70 4.39 133.73
C SER RA 340 255.86 5.67 133.66
N VAL RA 341 254.58 5.55 133.28
CA VAL RA 341 253.62 6.67 133.31
C VAL RA 341 253.47 7.30 134.70
N LEU RA 342 253.73 6.55 135.78
CA LEU RA 342 253.71 7.05 137.15
C LEU RA 342 254.82 8.06 137.48
N TYR RA 343 255.87 8.15 136.66
CA TYR RA 343 257.04 9.04 136.88
C TYR RA 343 257.18 10.18 135.85
N VAL RA 344 256.16 10.46 135.06
CA VAL RA 344 256.15 11.61 134.12
C VAL RA 344 256.29 12.92 134.90
N SER RA 345 257.24 13.76 134.49
CA SER RA 345 257.71 14.94 135.23
C SER RA 345 257.29 16.27 134.62
N GLY RA 346 256.82 16.33 133.37
CA GLY RA 346 256.42 17.57 132.69
C GLY RA 346 256.74 17.63 131.21
N VAL RA 347 256.79 18.84 130.67
CA VAL RA 347 257.09 19.12 129.25
C VAL RA 347 258.40 19.89 129.14
N SER RA 348 259.22 19.59 128.13
CA SER RA 348 260.46 20.30 127.84
C SER RA 348 260.64 20.54 126.35
N LYS RA 349 261.58 21.43 125.97
CA LYS RA 349 261.87 21.80 124.58
C LYS RA 349 263.33 21.53 124.22
N SER RA 350 263.55 21.03 123.02
CA SER RA 350 264.85 20.63 122.47
C SER RA 350 265.95 21.70 122.59
N GLU RA 356 265.80 17.24 117.74
CA GLU RA 356 264.40 17.03 117.32
C GLU RA 356 263.99 17.91 116.12
N SER RA 357 263.19 17.36 115.21
CA SER RA 357 262.49 18.11 114.16
C SER RA 357 261.41 19.04 114.73
N LEU RA 358 260.91 19.99 113.93
CA LEU RA 358 260.05 21.08 114.39
C LEU RA 358 258.83 20.60 115.21
N PHE RA 359 258.04 19.66 114.67
CA PHE RA 359 256.84 19.17 115.37
C PHE RA 359 257.14 18.28 116.57
N ASN RA 360 258.32 17.66 116.64
CA ASN RA 360 258.80 16.90 117.79
C ASN RA 360 259.52 17.74 118.86
N SER RA 361 259.76 19.03 118.62
CA SER RA 361 260.65 19.87 119.46
C SER RA 361 260.19 20.07 120.90
N PHE RA 362 258.88 20.07 121.18
CA PHE RA 362 258.32 19.95 122.54
C PHE RA 362 257.96 18.49 122.82
N TYR RA 363 258.29 17.98 124.01
CA TYR RA 363 258.07 16.58 124.39
C TYR RA 363 257.87 16.35 125.90
N MET RA 364 257.27 15.20 126.25
CA MET RA 364 257.09 14.74 127.64
C MET RA 364 258.40 14.23 128.26
N THR RA 365 258.68 14.60 129.52
CA THR RA 365 259.85 14.18 130.30
C THR RA 365 259.49 13.26 131.48
N HIS RA 366 260.44 12.49 131.99
CA HIS RA 366 260.29 11.66 133.20
C HIS RA 366 261.46 11.87 134.18
N GLY RA 367 261.21 11.66 135.47
CA GLY RA 367 262.27 11.62 136.48
C GLY RA 367 261.81 11.95 137.90
N LEU RA 368 262.07 11.06 138.85
CA LEU RA 368 261.77 11.24 140.27
C LEU RA 368 262.62 12.35 140.93
N GLY RA 369 263.87 12.55 140.48
CA GLY RA 369 264.69 13.67 140.95
C GLY RA 369 264.04 15.01 140.65
N THR RA 370 263.50 15.18 139.44
CA THR RA 370 262.73 16.38 139.06
C THR RA 370 261.49 16.58 139.92
N LEU RA 371 260.76 15.50 140.22
CA LEU RA 371 259.57 15.55 141.06
C LEU RA 371 259.85 15.93 142.52
N GLN RA 372 261.08 15.77 143.03
CA GLN RA 372 261.47 16.25 144.37
C GLN RA 372 261.79 17.75 144.45
N GLU RA 373 262.05 18.44 143.33
CA GLU RA 373 262.56 19.83 143.34
C GLU RA 373 261.51 20.87 143.73
N GLY RA 374 261.98 22.05 144.18
CA GLY RA 374 261.14 23.25 144.32
C GLY RA 374 260.66 23.80 142.98
N THR RA 375 259.62 24.62 143.02
CA THR RA 375 258.88 25.14 141.86
C THR RA 375 258.57 26.63 141.97
N TRP RA 376 258.13 27.21 140.85
CA TRP RA 376 257.64 28.59 140.70
C TRP RA 376 256.24 28.61 140.07
N ASP RA 377 255.44 29.61 140.38
CA ASP RA 377 254.06 29.78 139.90
C ASP RA 377 253.98 30.41 138.49
N PRO RA 378 252.79 30.52 137.85
CA PRO RA 378 252.63 31.15 136.54
C PRO RA 378 253.09 32.62 136.42
N CYS RA 379 253.31 33.32 137.53
CA CYS RA 379 253.86 34.68 137.59
C CYS RA 379 255.32 34.70 138.04
N ARG RA 380 256.02 33.56 137.92
CA ARG RA 380 257.45 33.37 138.22
C ARG RA 380 257.83 33.64 139.68
N ARG RA 381 256.88 33.59 140.63
CA ARG RA 381 257.13 33.70 142.08
C ARG RA 381 257.42 32.31 142.66
N PRO RA 382 258.25 32.18 143.72
CA PRO RA 382 258.49 30.89 144.38
C PRO RA 382 257.20 30.22 144.88
N CYS RA 383 257.11 28.89 144.78
CA CYS RA 383 255.89 28.12 145.07
C CYS RA 383 256.15 26.98 146.08
N PHE RA 384 256.37 25.73 145.62
CA PHE RA 384 256.86 24.65 146.48
C PHE RA 384 258.38 24.80 146.73
N SER RA 385 258.87 24.52 147.94
CA SER RA 385 260.29 24.65 148.30
C SER RA 385 261.16 23.41 147.99
N GLY RA 386 260.58 22.28 147.60
CA GLY RA 386 261.32 21.04 147.34
C GLY RA 386 261.56 20.18 148.59
N TRP RA 387 262.06 18.97 148.36
CA TRP RA 387 262.42 18.01 149.40
C TRP RA 387 263.82 17.43 149.17
N GLY RA 388 264.63 17.35 150.23
CA GLY RA 388 266.02 16.88 150.15
C GLY RA 388 266.18 15.35 150.04
N GLY RA 389 265.08 14.60 150.11
CA GLY RA 389 265.08 13.14 150.20
C GLY RA 389 265.22 12.63 151.65
N PRO RA 390 265.25 11.30 151.84
CA PRO RA 390 265.34 10.65 153.15
C PRO RA 390 266.58 11.09 153.96
N GLY RA 394 267.39 4.73 154.61
CA GLY RA 394 266.88 3.39 154.35
C GLY RA 394 267.90 2.43 153.72
N THR RA 395 267.52 1.16 153.58
CA THR RA 395 268.43 0.06 153.22
C THR RA 395 269.01 0.14 151.79
N ASN RA 396 268.42 0.90 150.86
CA ASN RA 396 268.97 1.09 149.50
C ASN RA 396 270.04 2.20 149.41
N GLY RA 397 270.29 2.96 150.49
CA GLY RA 397 271.36 3.96 150.58
C GLY RA 397 271.09 5.32 149.89
N PRO RA 398 272.03 6.29 150.04
CA PRO RA 398 271.88 7.67 149.58
C PRO RA 398 271.74 7.82 148.05
N GLY RA 399 270.89 8.74 147.59
CA GLY RA 399 270.68 9.05 146.17
C GLY RA 399 269.89 7.99 145.37
N ASN RA 400 269.53 6.89 146.01
CA ASN RA 400 268.80 5.77 145.40
C ASN RA 400 267.31 5.81 145.75
N TYR RA 401 266.50 5.03 145.03
CA TYR RA 401 265.07 4.88 145.26
C TYR RA 401 264.79 4.37 146.70
N ALA RA 402 263.82 4.96 147.37
CA ALA RA 402 263.45 4.69 148.75
C ALA RA 402 261.95 4.37 148.87
N VAL RA 403 261.50 3.88 150.02
CA VAL RA 403 260.08 3.55 150.21
C VAL RA 403 259.16 4.77 149.96
N GLU RA 404 259.59 5.99 150.24
CA GLU RA 404 258.84 7.20 149.91
C GLU RA 404 258.54 7.35 148.40
N HIS RA 405 259.42 6.91 147.51
CA HIS RA 405 259.14 6.90 146.07
C HIS RA 405 258.06 5.89 145.67
N LEU RA 406 257.98 4.74 146.33
CA LEU RA 406 256.85 3.81 146.18
C LEU RA 406 255.55 4.43 146.71
N VAL RA 407 255.58 5.14 147.83
CA VAL RA 407 254.40 5.85 148.35
C VAL RA 407 253.93 6.93 147.36
N TYR RA 408 254.85 7.72 146.78
CA TYR RA 408 254.57 8.67 145.70
C TYR RA 408 253.95 8.01 144.44
N ALA RA 409 254.43 6.85 143.99
CA ALA RA 409 253.83 6.09 142.90
C ALA RA 409 252.38 5.65 143.20
N ALA RA 410 252.07 5.30 144.44
CA ALA RA 410 250.73 4.95 144.91
C ALA RA 410 249.84 6.16 145.30
N SER RA 411 250.16 7.39 144.88
CA SER RA 411 249.37 8.61 145.16
C SER RA 411 249.10 8.91 146.63
N PHE RA 412 250.00 8.51 147.53
CA PHE RA 412 249.87 8.68 148.99
C PHE RA 412 248.56 8.06 149.53
N SER RA 413 248.07 7.01 148.89
CA SER RA 413 246.82 6.33 149.23
C SER RA 413 247.13 5.00 149.90
N PRO RA 414 246.75 4.76 151.17
CA PRO RA 414 246.97 3.46 151.80
C PRO RA 414 246.20 2.32 151.12
N ASN RA 415 245.04 2.57 150.54
CA ASN RA 415 244.29 1.60 149.75
C ASN RA 415 245.07 1.15 148.48
N LEU RA 416 245.54 2.08 147.64
CA LEU RA 416 246.35 1.75 146.48
C LEU RA 416 247.69 1.10 146.86
N LEU RA 417 248.39 1.61 147.87
CA LEU RA 417 249.68 1.08 148.33
C LEU RA 417 249.59 -0.36 148.82
N ALA RA 418 248.55 -0.73 149.57
CA ALA RA 418 248.27 -2.11 149.96
C ALA RA 418 248.14 -3.06 148.76
N ARG RA 419 247.40 -2.69 147.71
CA ARG RA 419 247.28 -3.54 146.51
C ARG RA 419 248.57 -3.59 145.66
N TYR RA 420 249.35 -2.52 145.57
CA TYR RA 420 250.70 -2.56 144.98
C TYR RA 420 251.62 -3.54 145.72
N ALA RA 421 251.65 -3.50 147.06
CA ALA RA 421 252.47 -4.41 147.85
C ALA RA 421 252.04 -5.87 147.67
N TYR RA 422 250.75 -6.14 147.62
CA TYR RA 422 250.23 -7.46 147.27
C TYR RA 422 250.73 -8.00 145.91
N TYR RA 423 250.76 -7.19 144.85
CA TYR RA 423 251.35 -7.61 143.57
C TYR RA 423 252.87 -7.81 143.64
N LEU RA 424 253.61 -6.93 144.33
CA LEU RA 424 255.06 -7.07 144.51
C LEU RA 424 255.46 -8.34 145.27
N GLN RA 425 254.62 -8.88 146.15
CA GLN RA 425 254.84 -10.18 146.80
C GLN RA 425 254.92 -11.39 145.83
N PHE RA 426 254.44 -11.32 144.60
CA PHE RA 426 254.64 -12.35 143.57
C PHE RA 426 256.00 -12.28 142.85
N CYS RA 427 256.75 -11.18 143.00
CA CYS RA 427 258.00 -10.94 142.28
C CYS RA 427 259.20 -11.67 142.90
N GLN RA 428 260.09 -12.20 142.06
CA GLN RA 428 261.38 -12.77 142.44
C GLN RA 428 262.37 -11.67 142.84
N GLY RA 429 263.22 -11.97 143.83
CA GLY RA 429 264.38 -11.15 144.16
C GLY RA 429 265.55 -11.37 143.19
N GLN RA 430 266.31 -10.32 142.92
CA GLN RA 430 267.51 -10.36 142.09
C GLN RA 430 268.63 -9.60 142.80
N LYS RA 431 269.44 -10.29 143.59
CA LYS RA 431 270.61 -9.70 144.28
C LYS RA 431 271.64 -9.18 143.27
N SER RA 432 272.09 -7.94 143.43
CA SER RA 432 273.07 -7.26 142.58
C SER RA 432 274.45 -7.93 142.60
N VAL RA 437 274.76 -9.87 151.01
CA VAL RA 437 273.49 -9.55 151.65
C VAL RA 437 273.17 -10.57 152.74
N PRO RA 438 272.63 -10.18 153.92
CA PRO RA 438 272.15 -11.11 154.92
C PRO RA 438 271.16 -12.14 154.35
N GLU RA 439 271.18 -13.37 154.89
CA GLU RA 439 270.17 -14.38 154.57
C GLU RA 439 268.78 -13.92 155.02
N THR RA 440 267.72 -14.37 154.34
CA THR RA 440 266.35 -13.87 154.60
C THR RA 440 265.95 -14.04 156.07
N GLY RA 441 266.18 -15.21 156.66
CA GLY RA 441 265.81 -15.50 158.05
C GLY RA 441 266.64 -14.75 159.09
N SER RA 442 267.90 -14.45 158.82
CA SER RA 442 268.70 -13.58 159.71
C SER RA 442 268.36 -12.09 159.53
N TYR RA 443 267.79 -11.66 158.40
CA TYR RA 443 267.18 -10.33 158.29
C TYR RA 443 265.84 -10.27 159.05
N VAL RA 444 264.93 -11.22 158.83
CA VAL RA 444 263.61 -11.25 159.50
C VAL RA 444 263.72 -11.38 161.03
N ALA RA 445 264.62 -12.20 161.56
CA ALA RA 445 264.85 -12.29 163.00
C ALA RA 445 265.75 -11.16 163.56
N GLY RA 446 266.59 -10.56 162.71
CA GLY RA 446 267.50 -9.47 163.04
C GLY RA 446 266.87 -8.09 162.82
N ALA RA 447 267.42 -7.30 161.90
CA ALA RA 447 267.06 -5.89 161.71
C ALA RA 447 265.57 -5.62 161.44
N ALA RA 448 264.79 -6.56 160.88
CA ALA RA 448 263.35 -6.36 160.71
C ALA RA 448 262.57 -6.29 162.04
N ALA RA 449 263.08 -6.90 163.12
CA ALA RA 449 262.46 -6.98 164.43
C ALA RA 449 262.84 -5.81 165.37
N SER RA 450 263.56 -4.81 164.89
CA SER RA 450 263.99 -3.66 165.69
C SER RA 450 262.82 -2.75 166.09
N PRO RA 451 262.74 -2.29 167.36
CA PRO RA 451 261.66 -1.41 167.81
C PRO RA 451 261.71 -0.01 167.19
N MET RA 452 262.78 0.34 166.48
CA MET RA 452 262.90 1.58 165.70
C MET RA 452 262.00 1.65 164.45
N CYS RA 453 261.45 0.54 163.95
CA CYS RA 453 260.59 0.54 162.76
C CYS RA 453 259.26 1.28 163.01
N SER RA 454 259.03 2.41 162.31
CA SER RA 454 257.81 3.23 162.43
C SER RA 454 256.55 2.64 161.79
N LEU RA 455 256.63 1.45 161.18
CA LEU RA 455 255.48 0.75 160.60
C LEU RA 455 254.91 -0.34 161.53
N CYS RA 456 255.74 -1.24 162.05
CA CYS RA 456 255.33 -2.38 162.88
C CYS RA 456 255.92 -2.44 164.29
N GLU RA 457 256.78 -1.51 164.71
CA GLU RA 457 257.50 -1.55 165.99
C GLU RA 457 258.32 -2.84 166.21
N GLY RA 458 258.69 -3.54 165.13
CA GLY RA 458 259.30 -4.87 165.16
C GLY RA 458 258.32 -6.02 165.42
N ARG RA 459 257.03 -5.74 165.69
CA ARG RA 459 256.00 -6.72 166.09
C ARG RA 459 255.30 -7.46 164.94
N ALA RA 460 255.70 -7.23 163.69
CA ALA RA 460 255.26 -8.00 162.50
C ALA RA 460 256.36 -8.09 161.41
N PRO RA 461 257.51 -8.72 161.68
CA PRO RA 461 258.70 -8.54 160.85
C PRO RA 461 258.64 -9.21 159.46
N ALA RA 462 257.87 -10.28 159.28
CA ALA RA 462 257.86 -11.05 158.03
C ALA RA 462 256.98 -10.44 156.92
N VAL RA 463 255.88 -9.78 157.26
CA VAL RA 463 254.97 -9.09 156.31
C VAL RA 463 255.21 -7.59 156.15
N CYS RA 464 255.99 -6.95 157.01
CA CYS RA 464 256.21 -5.50 156.96
C CYS RA 464 256.66 -5.00 155.57
N LEU RA 465 256.18 -3.83 155.16
CA LEU RA 465 256.50 -3.21 153.88
C LEU RA 465 258.01 -2.98 153.71
N ASN RA 466 258.72 -2.62 154.78
CA ASN RA 466 260.18 -2.49 154.76
C ASN RA 466 260.91 -3.83 154.50
N THR RA 467 260.35 -4.98 154.92
CA THR RA 467 260.90 -6.31 154.58
C THR RA 467 260.71 -6.62 153.09
N LEU RA 468 259.52 -6.37 152.53
CA LEU RA 468 259.26 -6.50 151.10
C LEU RA 468 260.16 -5.59 150.27
N PHE RA 469 260.32 -4.33 150.69
CA PHE RA 469 261.22 -3.37 150.05
C PHE RA 469 262.67 -3.84 150.07
N PHE RA 470 263.17 -4.35 151.20
CA PHE RA 470 264.53 -4.88 151.32
C PHE RA 470 264.78 -6.06 150.36
N ARG RA 471 263.81 -6.96 150.21
CA ARG RA 471 263.86 -8.11 149.30
C ARG RA 471 263.96 -7.72 147.81
N LEU RA 472 263.26 -6.68 147.38
CA LEU RA 472 263.16 -6.23 145.97
C LEU RA 472 264.08 -5.03 145.60
N ARG RA 473 264.92 -4.61 146.53
CA ARG RA 473 265.77 -3.40 146.53
C ARG RA 473 266.54 -3.11 145.23
N ASP RA 474 267.22 -4.11 144.68
CA ASP RA 474 268.02 -3.99 143.45
C ASP RA 474 267.19 -3.93 142.14
N ARG RA 475 265.86 -4.07 142.19
CA ARG RA 475 264.96 -3.95 141.03
C ARG RA 475 264.31 -2.58 140.87
N PHE RA 476 264.29 -1.72 141.87
CA PHE RA 476 263.75 -0.36 141.75
C PHE RA 476 264.63 0.51 140.84
N PRO RA 477 264.05 1.48 140.10
CA PRO RA 477 264.78 2.32 139.14
C PRO RA 477 265.73 3.33 139.80
N PRO RA 478 266.64 3.96 139.05
CA PRO RA 478 267.42 5.11 139.53
C PRO RA 478 266.57 6.39 139.64
N VAL RA 479 267.02 7.37 140.43
CA VAL RA 479 266.35 8.66 140.65
C VAL RA 479 266.95 9.73 139.72
N MET RA 480 266.18 10.20 138.73
CA MET RA 480 266.69 10.97 137.58
C MET RA 480 266.25 12.44 137.57
N SER RA 481 267.15 13.35 137.20
CA SER RA 481 266.92 14.80 137.09
C SER RA 481 267.11 15.36 135.66
N THR RA 482 267.26 14.53 134.64
CA THR RA 482 267.51 14.94 133.24
C THR RA 482 266.22 15.16 132.42
N GLN RA 483 266.35 15.73 131.22
CA GLN RA 483 265.25 16.20 130.38
C GLN RA 483 265.24 15.62 128.95
N ARG RA 484 265.75 14.39 128.76
CA ARG RA 484 265.79 13.66 127.47
C ARG RA 484 264.41 13.21 126.95
N ARG RA 485 264.23 13.13 125.63
CA ARG RA 485 263.02 12.66 124.93
C ARG RA 485 262.96 11.12 124.83
N ASP RA 486 262.37 10.46 125.81
CA ASP RA 486 262.16 9.00 125.84
C ASP RA 486 260.68 8.60 125.64
N PRO RA 487 260.39 7.37 125.20
CA PRO RA 487 259.06 6.77 125.27
C PRO RA 487 258.57 6.60 126.72
N TYR RA 488 257.27 6.52 126.93
CA TYR RA 488 256.66 6.20 128.24
C TYR RA 488 255.83 4.90 128.18
N VAL RA 489 255.69 4.21 129.31
CA VAL RA 489 255.07 2.86 129.38
C VAL RA 489 253.59 2.95 129.77
N ILE RA 490 252.70 2.33 129.00
CA ILE RA 490 251.23 2.30 129.21
C ILE RA 490 250.73 0.87 129.44
N SER RA 491 249.63 0.71 130.17
CA SER RA 491 248.98 -0.59 130.47
C SER RA 491 247.48 -0.54 130.21
N GLY RA 492 246.89 -1.62 129.73
CA GLY RA 492 245.43 -1.73 129.59
C GLY RA 492 244.98 -2.85 128.66
N ALA RA 493 243.69 -2.92 128.40
CA ALA RA 493 243.07 -3.86 127.47
C ALA RA 493 243.39 -3.56 126.00
N SER RA 494 243.62 -4.60 125.20
CA SER RA 494 243.75 -4.48 123.75
C SER RA 494 242.39 -4.49 123.04
N GLY RA 495 242.34 -3.88 121.86
CA GLY RA 495 241.17 -3.88 120.97
C GLY RA 495 241.01 -5.19 120.19
N SER RA 496 239.96 -5.25 119.37
CA SER RA 496 239.56 -6.46 118.64
C SER RA 496 240.41 -6.78 117.39
N TYR RA 497 240.98 -5.80 116.71
CA TYR RA 497 241.64 -5.99 115.41
C TYR RA 497 243.14 -5.63 115.46
N ASN RA 498 243.98 -6.62 115.77
CA ASN RA 498 245.43 -6.49 115.86
C ASN RA 498 246.10 -7.21 114.67
N GLU RA 499 247.17 -6.65 114.12
CA GLU RA 499 247.90 -7.18 112.96
C GLU RA 499 249.36 -7.43 113.36
N THR RA 500 249.65 -8.63 113.84
CA THR RA 500 250.92 -9.00 114.51
C THR RA 500 251.52 -10.32 114.01
N ASP RA 501 251.08 -10.86 112.87
CA ASP RA 501 251.86 -11.85 112.11
C ASP RA 501 253.12 -11.20 111.47
N PHE RA 502 254.06 -11.98 110.94
CA PHE RA 502 255.39 -11.52 110.54
C PHE RA 502 255.43 -10.30 109.59
N LEU RA 503 254.48 -10.14 108.67
CA LEU RA 503 254.36 -8.97 107.78
C LEU RA 503 253.23 -8.00 108.17
N GLY RA 504 252.73 -8.08 109.41
CA GLY RA 504 251.82 -7.07 109.98
C GLY RA 504 250.56 -6.83 109.13
N ASN RA 505 250.29 -5.57 108.80
CA ASN RA 505 249.12 -5.15 108.02
C ASN RA 505 249.26 -5.28 106.48
N PHE RA 506 250.29 -5.96 105.95
CA PHE RA 506 250.43 -6.29 104.53
C PHE RA 506 249.16 -6.97 103.98
N LEU RA 507 248.57 -6.47 102.89
CA LEU RA 507 247.37 -7.04 102.23
C LEU RA 507 246.24 -7.42 103.21
N ASN RA 508 245.96 -6.59 104.21
CA ASN RA 508 244.89 -6.84 105.18
C ASN RA 508 243.48 -6.75 104.54
N PHE RA 509 243.31 -5.90 103.53
CA PHE RA 509 242.10 -5.71 102.73
C PHE RA 509 242.44 -5.58 101.24
N ILE RA 510 241.45 -5.78 100.37
CA ILE RA 510 241.55 -5.61 98.91
C ILE RA 510 240.49 -4.62 98.42
N TYR RA 525 244.16 -12.80 97.23
CA TYR RA 525 243.42 -12.86 98.48
C TYR RA 525 244.18 -12.19 99.64
N THR RA 526 243.49 -11.76 100.70
CA THR RA 526 244.11 -11.08 101.85
C THR RA 526 245.13 -11.96 102.58
N TYR RA 527 246.10 -11.34 103.25
CA TYR RA 527 247.09 -12.04 104.07
C TYR RA 527 246.42 -12.82 105.21
N TRP RA 528 245.33 -12.30 105.78
CA TRP RA 528 244.50 -13.04 106.73
C TRP RA 528 243.93 -14.33 106.14
N GLN RA 529 243.37 -14.27 104.93
CA GLN RA 529 242.87 -15.47 104.23
C GLN RA 529 244.00 -16.46 103.91
N LEU RA 530 245.16 -15.98 103.46
CA LEU RA 530 246.33 -16.84 103.22
C LEU RA 530 246.75 -17.64 104.47
N ASN RA 531 246.72 -17.02 105.64
CA ASN RA 531 247.02 -17.71 106.89
C ASN RA 531 245.92 -18.72 107.25
N GLN RA 532 244.64 -18.42 107.04
CA GLN RA 532 243.55 -19.38 107.19
C GLN RA 532 243.67 -20.59 106.24
N ASN RA 533 244.08 -20.39 104.99
CA ASN RA 533 244.33 -21.50 104.05
C ASN RA 533 245.44 -22.44 104.55
N LEU RA 534 246.55 -21.89 105.04
CA LEU RA 534 247.65 -22.69 105.57
C LEU RA 534 247.23 -23.54 106.78
N LEU RA 535 246.49 -22.98 107.74
CA LEU RA 535 245.98 -23.74 108.89
C LEU RA 535 245.06 -24.91 108.48
N GLU RA 536 244.24 -24.73 107.44
CA GLU RA 536 243.44 -25.82 106.87
C GLU RA 536 244.31 -26.94 106.25
N ARG RA 537 245.36 -26.60 105.47
CA ARG RA 537 246.30 -27.63 104.97
C ARG RA 537 246.98 -28.37 106.12
N LEU RA 538 247.40 -27.66 107.17
CA LEU RA 538 248.03 -28.27 108.34
C LEU RA 538 247.06 -29.17 109.13
N SER RA 539 245.76 -28.86 109.14
CA SER RA 539 244.72 -29.73 109.70
C SER RA 539 244.64 -31.08 108.97
N ARG RA 540 244.71 -31.10 107.63
CA ARG RA 540 244.81 -32.34 106.83
C ARG RA 540 246.08 -33.16 107.09
N LEU RA 541 247.16 -32.55 107.59
CA LEU RA 541 248.38 -33.24 108.04
C LEU RA 541 248.32 -33.71 109.51
N GLY RA 542 247.22 -33.46 110.23
CA GLY RA 542 247.05 -33.85 111.64
C GLY RA 542 247.64 -32.89 112.67
N ILE RA 543 247.89 -31.63 112.30
CA ILE RA 543 248.48 -30.57 113.15
C ILE RA 543 247.42 -29.51 113.49
N ASP RA 544 247.21 -29.19 114.77
CA ASP RA 544 246.25 -28.15 115.19
C ASP RA 544 246.83 -26.71 115.19
N ALA RA 545 246.00 -25.70 115.52
CA ALA RA 545 246.36 -24.29 115.52
C ALA RA 545 247.45 -23.88 116.54
N GLU RA 546 247.75 -24.70 117.54
CA GLU RA 546 248.84 -24.51 118.51
C GLU RA 546 250.03 -25.47 118.23
N GLY RA 547 249.99 -26.20 117.11
CA GLY RA 547 251.04 -27.08 116.65
C GLY RA 547 251.08 -28.47 117.30
N LYS RA 548 250.02 -28.91 118.00
CA LYS RA 548 249.94 -30.27 118.56
C LYS RA 548 249.61 -31.29 117.47
N LEU RA 549 250.25 -32.45 117.50
CA LEU RA 549 249.95 -33.58 116.61
C LEU RA 549 248.84 -34.47 117.16
N GLU RA 550 247.97 -34.97 116.28
CA GLU RA 550 247.08 -36.10 116.59
C GLU RA 550 247.79 -37.48 116.55
N LYS RA 551 249.00 -37.55 115.96
CA LYS RA 551 249.87 -38.73 115.95
C LYS RA 551 251.35 -38.33 115.92
N GLU RA 552 252.08 -38.60 117.00
CA GLU RA 552 253.50 -38.26 117.14
C GLU RA 552 254.41 -39.19 116.31
N PRO RA 553 255.59 -38.72 115.81
CA PRO RA 553 256.45 -39.50 114.92
C PRO RA 553 257.07 -40.73 115.61
N HIS RA 554 257.01 -41.87 114.94
CA HIS RA 554 257.48 -43.17 115.43
C HIS RA 554 259.00 -43.38 115.45
N GLY RA 555 259.76 -42.70 114.60
CA GLY RA 555 261.17 -42.99 114.32
C GLY RA 555 261.73 -42.13 113.17
N PRO RA 556 262.95 -42.38 112.70
CA PRO RA 556 263.60 -41.57 111.66
C PRO RA 556 262.78 -41.35 110.39
N ARG RA 557 262.19 -42.40 109.80
CA ARG RA 557 261.34 -42.28 108.60
C ARG RA 557 260.16 -41.36 108.84
N ASP RA 558 259.46 -41.57 109.95
CA ASP RA 558 258.27 -40.80 110.31
C ASP RA 558 258.59 -39.33 110.62
N PHE RA 559 259.76 -39.07 111.22
CA PHE RA 559 260.24 -37.71 111.47
C PHE RA 559 260.55 -36.96 110.16
N VAL RA 560 261.25 -37.59 109.21
CA VAL RA 560 261.50 -37.00 107.89
C VAL RA 560 260.18 -36.79 107.13
N LYS RA 561 259.30 -37.81 107.10
CA LYS RA 561 258.00 -37.75 106.45
C LYS RA 561 257.13 -36.59 106.97
N MET RA 562 257.06 -36.42 108.29
CA MET RA 562 256.35 -35.30 108.93
C MET RA 562 256.78 -33.93 108.38
N PHE RA 563 258.08 -33.65 108.28
CA PHE RA 563 258.56 -32.37 107.75
C PHE RA 563 258.37 -32.22 106.23
N LYS RA 564 258.66 -33.25 105.43
CA LYS RA 564 258.53 -33.16 103.96
C LYS RA 564 257.10 -32.86 103.53
N ASP RA 565 256.11 -33.40 104.24
CA ASP RA 565 254.71 -33.05 104.02
C ASP RA 565 254.37 -31.58 104.33
N VAL RA 566 254.86 -31.01 105.43
CA VAL RA 566 254.65 -29.58 105.74
C VAL RA 566 255.33 -28.67 104.72
N ASP RA 567 256.57 -28.97 104.34
CA ASP RA 567 257.27 -28.21 103.30
C ASP RA 567 256.50 -28.22 101.97
N ALA RA 568 256.04 -29.38 101.49
CA ALA RA 568 255.22 -29.47 100.29
C ALA RA 568 253.89 -28.72 100.41
N ALA RA 569 253.22 -28.77 101.57
CA ALA RA 569 251.99 -28.02 101.81
C ALA RA 569 252.18 -26.48 101.79
N VAL RA 570 253.27 -25.96 102.35
CA VAL RA 570 253.60 -24.53 102.29
C VAL RA 570 253.94 -24.12 100.85
N ASP RA 571 254.75 -24.92 100.16
CA ASP RA 571 255.21 -24.61 98.80
C ASP RA 571 254.04 -24.62 97.78
N ALA RA 572 253.04 -25.49 97.95
CA ALA RA 572 251.79 -25.42 97.19
C ALA RA 572 251.02 -24.10 97.40
N GLU RA 573 250.90 -23.61 98.64
CA GLU RA 573 250.17 -22.39 98.93
C GLU RA 573 250.88 -21.13 98.40
N VAL RA 574 252.22 -21.09 98.39
CA VAL RA 574 252.97 -19.97 97.79
C VAL RA 574 252.65 -19.81 96.30
N VAL RA 575 252.56 -20.91 95.56
CA VAL RA 575 252.21 -20.89 94.13
C VAL RA 575 250.82 -20.31 93.90
N GLN RA 576 249.78 -20.82 94.59
CA GLN RA 576 248.42 -20.28 94.43
C GLN RA 576 248.34 -18.80 94.82
N PHE RA 577 249.07 -18.37 95.84
CA PHE RA 577 249.13 -16.97 96.21
C PHE RA 577 249.81 -16.10 95.14
N MET RA 578 250.99 -16.47 94.65
CA MET RA 578 251.70 -15.69 93.61
C MET RA 578 250.92 -15.64 92.29
N ASN RA 579 250.16 -16.69 91.93
CA ASN RA 579 249.22 -16.65 90.81
C ASN RA 579 248.13 -15.59 90.99
N SER RA 580 247.55 -15.48 92.20
CA SER RA 580 246.57 -14.44 92.51
C SER RA 580 247.14 -13.03 92.36
N MET RA 581 248.35 -12.76 92.87
CA MET RA 581 248.97 -11.44 92.76
C MET RA 581 249.26 -11.05 91.30
N ALA RA 582 249.70 -12.01 90.48
CA ALA RA 582 250.01 -11.79 89.07
C ALA RA 582 248.76 -11.46 88.23
N LYS RA 583 247.71 -12.29 88.28
CA LYS RA 583 246.53 -12.13 87.40
C LYS RA 583 245.72 -10.85 87.69
N ASN RA 584 245.80 -10.32 88.91
CA ASN RA 584 245.16 -9.08 89.33
C ASN RA 584 246.05 -7.83 89.18
N ASN RA 585 247.29 -7.95 88.67
CA ASN RA 585 248.26 -6.84 88.57
C ASN RA 585 248.52 -6.10 89.91
N ILE RA 586 248.50 -6.79 91.05
CA ILE RA 586 248.70 -6.17 92.37
C ILE RA 586 250.20 -5.90 92.59
N THR RA 587 250.57 -4.69 92.99
CA THR RA 587 251.96 -4.27 93.21
C THR RA 587 252.53 -4.71 94.57
N TYR RA 588 252.44 -6.01 94.87
CA TYR RA 588 252.81 -6.58 96.18
C TYR RA 588 254.26 -6.31 96.58
N LYS RA 589 255.16 -6.26 95.59
CA LYS RA 589 256.58 -5.93 95.68
C LYS RA 589 256.88 -4.53 96.24
N ASP RA 590 255.96 -3.56 96.12
CA ASP RA 590 256.04 -2.27 96.80
C ASP RA 590 255.21 -2.23 98.09
N LEU RA 591 254.09 -2.95 98.18
CA LEU RA 591 253.28 -3.00 99.40
C LEU RA 591 254.04 -3.62 100.60
N VAL RA 592 254.97 -4.54 100.39
CA VAL RA 592 255.86 -5.04 101.46
C VAL RA 592 256.68 -3.93 102.11
N LYS RA 593 257.24 -2.98 101.34
CA LYS RA 593 258.10 -1.89 101.85
C LYS RA 593 257.41 -1.04 102.92
N SER RA 594 256.11 -0.79 102.77
CA SER RA 594 255.34 0.07 103.66
C SER RA 594 254.48 -0.66 104.71
N CYS RA 595 254.67 -1.97 104.96
CA CYS RA 595 253.86 -2.66 105.96
C CYS RA 595 254.33 -2.40 107.42
N TYR RA 596 253.38 -2.37 108.36
CA TYR RA 596 253.58 -2.15 109.80
C TYR RA 596 252.91 -3.26 110.62
N HIS RA 597 253.49 -3.62 111.77
CA HIS RA 597 252.72 -4.26 112.84
C HIS RA 597 251.76 -3.23 113.46
N VAL RA 598 250.55 -3.63 113.79
CA VAL RA 598 249.55 -2.75 114.42
C VAL RA 598 248.96 -3.41 115.67
N MET RA 599 248.90 -2.67 116.77
CA MET RA 599 248.16 -3.05 117.98
C MET RA 599 247.16 -1.97 118.35
N GLN RA 600 245.98 -2.36 118.78
CA GLN RA 600 244.94 -1.44 119.25
C GLN RA 600 244.93 -1.39 120.79
N TYR RA 601 245.07 -0.21 121.38
CA TYR RA 601 244.84 0.04 122.80
C TYR RA 601 243.40 0.55 122.97
N SER RA 602 242.58 -0.18 123.74
CA SER RA 602 241.15 0.12 123.90
C SER RA 602 240.90 1.36 124.76
N CYS RA 603 239.89 2.17 124.42
CA CYS RA 603 239.46 3.33 125.21
C CYS RA 603 238.17 3.11 126.02
N ASN RA 604 237.66 1.88 126.11
CA ASN RA 604 236.54 1.55 126.99
C ASN RA 604 237.02 1.28 128.43
N PRO RA 605 236.58 2.04 129.46
CA PRO RA 605 236.97 1.76 130.84
C PRO RA 605 236.44 0.42 131.38
N PHE RA 606 235.34 -0.12 130.85
CA PHE RA 606 234.78 -1.42 131.28
C PHE RA 606 235.50 -2.62 130.67
N ALA RA 607 236.31 -2.45 129.62
CA ALA RA 607 237.13 -3.49 129.03
C ALA RA 607 238.40 -3.84 129.85
N GLN RA 608 238.81 -3.00 130.80
CA GLN RA 608 240.01 -3.20 131.63
C GLN RA 608 239.83 -4.39 132.59
N PRO RA 609 240.90 -5.05 133.08
CA PRO RA 609 240.78 -6.14 134.05
C PRO RA 609 240.19 -5.68 135.39
N ALA RA 610 239.47 -6.54 136.10
CA ALA RA 610 238.75 -6.24 137.33
C ALA RA 610 239.68 -6.06 138.55
N CYS RA 611 240.48 -5.00 138.53
CA CYS RA 611 241.37 -4.54 139.58
C CYS RA 611 241.28 -2.99 139.68
N PRO RA 612 241.15 -2.42 140.89
CA PRO RA 612 241.18 -0.97 141.10
C PRO RA 612 242.50 -0.27 140.72
N ILE RA 613 243.66 -0.94 140.64
CA ILE RA 613 244.91 -0.33 140.15
C ILE RA 613 244.82 -0.03 138.65
N PHE RA 614 244.15 -0.89 137.87
CA PHE RA 614 243.95 -0.63 136.45
C PHE RA 614 243.04 0.56 136.15
N THR RA 615 242.17 0.99 137.08
CA THR RA 615 241.47 2.28 136.98
C THR RA 615 242.47 3.44 136.89
N GLN RA 616 243.42 3.53 137.82
CA GLN RA 616 244.46 4.56 137.82
C GLN RA 616 245.42 4.46 136.61
N LEU RA 617 245.88 3.26 136.25
CA LEU RA 617 246.75 3.08 135.09
C LEU RA 617 246.05 3.48 133.77
N PHE RA 618 244.77 3.17 133.58
CA PHE RA 618 244.01 3.57 132.39
C PHE RA 618 243.81 5.09 132.31
N TYR RA 619 243.28 5.73 133.36
CA TYR RA 619 243.04 7.17 133.41
C TYR RA 619 244.32 7.99 133.18
N ARG RA 620 245.43 7.60 133.82
CA ARG RA 620 246.73 8.29 133.68
C ARG RA 620 247.38 8.06 132.32
N SER RA 621 247.20 6.89 131.70
CA SER RA 621 247.63 6.66 130.32
C SER RA 621 246.87 7.56 129.35
N LEU RA 622 245.54 7.67 129.47
CA LEU RA 622 244.72 8.55 128.64
C LEU RA 622 245.08 10.03 128.78
N LEU RA 623 245.20 10.57 129.99
CA LEU RA 623 245.58 11.97 130.23
C LEU RA 623 246.94 12.29 129.62
N THR RA 624 247.91 11.37 129.71
CA THR RA 624 249.26 11.53 129.15
C THR RA 624 249.24 11.56 127.62
N ILE RA 625 248.48 10.67 126.99
CA ILE RA 625 248.39 10.60 125.53
C ILE RA 625 247.72 11.86 124.96
N LEU RA 626 246.69 12.40 125.61
CA LEU RA 626 246.06 13.65 125.18
C LEU RA 626 246.99 14.85 125.29
N GLN RA 627 247.83 14.93 126.33
CA GLN RA 627 248.85 15.97 126.41
C GLN RA 627 249.87 15.85 125.28
N ASP RA 628 250.44 14.68 125.03
CA ASP RA 628 251.46 14.45 124.01
C ASP RA 628 250.96 14.76 122.58
N ILE RA 629 249.72 14.40 122.25
CA ILE RA 629 249.07 14.76 120.97
C ILE RA 629 248.89 16.28 120.84
N SER RA 630 248.58 17.00 121.92
CA SER RA 630 248.28 18.44 121.86
C SER RA 630 249.50 19.34 121.64
N LEU RA 631 250.73 18.89 121.93
CA LEU RA 631 251.91 19.76 121.96
C LEU RA 631 252.15 20.57 120.66
N PRO RA 632 252.21 19.97 119.46
CA PRO RA 632 252.48 20.73 118.23
C PRO RA 632 251.30 21.62 117.81
N ILE RA 633 250.07 21.26 118.15
CA ILE RA 633 248.87 22.08 117.92
C ILE RA 633 248.96 23.40 118.68
N CYS RA 634 249.38 23.35 119.96
CA CYS RA 634 249.61 24.51 120.80
C CYS RA 634 250.79 25.36 120.32
N MET RA 635 251.90 24.74 119.93
CA MET RA 635 253.08 25.40 119.39
C MET RA 635 252.77 26.21 118.13
N CYS RA 636 252.06 25.64 117.16
CA CYS RA 636 251.73 26.36 115.93
C CYS RA 636 250.79 27.54 116.19
N TYR RA 637 249.80 27.38 117.06
CA TYR RA 637 248.91 28.48 117.43
C TYR RA 637 249.67 29.60 118.16
N GLU RA 638 250.58 29.27 119.09
CA GLU RA 638 251.36 30.29 119.80
C GLU RA 638 252.40 30.97 118.90
N ASN RA 639 253.02 30.28 117.94
CA ASN RA 639 253.88 30.91 116.93
C ASN RA 639 253.14 32.03 116.15
N ASP RA 640 251.85 31.86 115.90
CA ASP RA 640 250.99 32.86 115.22
C ASP RA 640 250.40 33.92 116.18
N ASN RA 641 250.32 33.62 117.47
CA ASN RA 641 249.68 34.44 118.51
C ASN RA 641 250.59 34.52 119.75
N PRO RA 642 251.75 35.18 119.66
CA PRO RA 642 252.83 35.05 120.64
C PRO RA 642 252.47 35.53 122.05
N GLY RA 643 253.19 34.99 123.04
CA GLY RA 643 252.97 35.30 124.45
C GLY RA 643 253.28 36.75 124.85
N LEU RA 644 254.29 37.38 124.25
CA LEU RA 644 254.64 38.80 124.45
C LEU RA 644 254.77 39.20 125.94
N GLY RA 645 255.32 38.31 126.77
CA GLY RA 645 255.51 38.50 128.21
C GLY RA 645 254.26 38.29 129.08
N GLN RA 646 253.10 37.97 128.51
CA GLN RA 646 251.91 37.58 129.29
C GLN RA 646 252.16 36.27 130.07
N SER RA 647 251.57 36.14 131.26
CA SER RA 647 251.47 34.85 131.95
C SER RA 647 250.46 33.93 131.24
N PRO RA 648 250.58 32.60 131.33
CA PRO RA 648 249.66 31.71 130.65
C PRO RA 648 248.17 31.92 130.97
N PRO RA 649 247.72 32.17 132.22
CA PRO RA 649 246.31 32.46 132.50
C PRO RA 649 245.76 33.70 131.78
N GLU RA 650 246.57 34.76 131.63
CA GLU RA 650 246.20 35.94 130.84
C GLU RA 650 246.08 35.61 129.35
N TRP RA 651 247.05 34.88 128.78
CA TRP RA 651 247.05 34.49 127.37
C TRP RA 651 245.88 33.55 127.03
N LEU RA 652 245.58 32.58 127.89
CA LEU RA 652 244.48 31.63 127.72
C LEU RA 652 243.10 32.29 127.77
N LYS RA 653 242.94 33.38 128.52
CA LYS RA 653 241.66 34.11 128.65
C LYS RA 653 241.12 34.57 127.28
N GLY RA 654 241.98 35.07 126.40
CA GLY RA 654 241.63 35.42 125.03
C GLY RA 654 241.58 34.21 124.07
N HIS RA 655 242.55 33.30 124.14
CA HIS RA 655 242.79 32.31 123.08
C HIS RA 655 242.16 30.92 123.24
N TYR RA 656 241.76 30.51 124.44
CA TYR RA 656 241.46 29.08 124.69
C TYR RA 656 240.26 28.52 123.92
N GLN RA 657 239.17 29.29 123.76
CA GLN RA 657 238.00 28.85 123.02
C GLN RA 657 238.32 28.48 121.56
N THR RA 658 239.23 29.21 120.92
CA THR RA 658 239.72 28.88 119.58
C THR RA 658 240.60 27.63 119.57
N LEU RA 659 241.52 27.51 120.54
CA LEU RA 659 242.41 26.36 120.69
C LEU RA 659 241.67 25.03 120.92
N CYS RA 660 240.54 25.01 121.65
CA CYS RA 660 239.67 23.82 121.76
C CYS RA 660 239.21 23.29 120.39
N THR RA 661 238.82 24.19 119.48
CA THR RA 661 238.28 23.85 118.16
C THR RA 661 239.38 23.38 117.21
N ASN RA 662 240.56 24.00 117.26
CA ASN RA 662 241.76 23.47 116.58
C ASN RA 662 242.06 22.05 117.05
N PHE RA 663 242.08 21.79 118.37
CA PHE RA 663 242.37 20.45 118.88
C PHE RA 663 241.39 19.40 118.37
N ARG RA 664 240.08 19.63 118.49
CA ARG RA 664 239.03 18.72 117.98
C ARG RA 664 239.18 18.39 116.49
N SER RA 665 239.66 19.33 115.69
CA SER RA 665 239.87 19.17 114.24
C SER RA 665 241.19 18.47 113.86
N LEU RA 666 242.23 18.59 114.68
CA LEU RA 666 243.60 18.16 114.36
C LEU RA 666 244.13 16.97 115.19
N ALA RA 667 243.48 16.61 116.29
CA ALA RA 667 243.88 15.47 117.13
C ALA RA 667 243.24 14.13 116.73
N ILE RA 668 242.02 14.16 116.20
CA ILE RA 668 241.17 12.97 116.00
C ILE RA 668 241.15 12.57 114.52
N ASP RA 669 241.23 11.26 114.24
CA ASP RA 669 241.37 10.68 112.88
C ASP RA 669 242.66 11.07 112.13
N LYS RA 670 243.71 11.51 112.83
CA LYS RA 670 245.01 11.92 112.24
C LYS RA 670 246.17 10.95 112.48
N GLY RA 671 245.89 9.74 112.99
CA GLY RA 671 246.79 8.59 112.97
C GLY RA 671 247.07 7.94 114.33
N VAL RA 672 246.58 8.48 115.45
CA VAL RA 672 246.73 7.87 116.79
C VAL RA 672 245.38 7.61 117.42
N LEU RA 673 244.57 8.64 117.63
CA LEU RA 673 243.31 8.58 118.38
C LEU RA 673 242.12 8.58 117.42
N THR RA 674 241.16 7.69 117.62
CA THR RA 674 239.89 7.71 116.91
C THR RA 674 238.73 7.87 117.91
N ALA RA 675 237.76 8.69 117.53
CA ALA RA 675 236.54 8.96 118.30
C ALA RA 675 235.42 9.36 117.34
N LYS RA 676 234.17 9.08 117.70
CA LYS RA 676 232.98 9.39 116.91
C LYS RA 676 232.11 10.40 117.66
N GLU RA 677 231.79 11.54 117.06
CA GLU RA 677 230.76 12.44 117.58
C GLU RA 677 229.35 11.90 117.29
N ALA RA 678 228.42 12.15 118.21
CA ALA RA 678 227.04 11.73 118.12
C ALA RA 678 226.09 12.72 118.80
N LYS RA 679 224.85 12.82 118.31
CA LYS RA 679 223.74 13.50 118.99
C LYS RA 679 222.91 12.50 119.78
N VAL RA 680 222.56 12.85 121.00
CA VAL RA 680 221.72 12.04 121.89
C VAL RA 680 220.30 12.60 121.91
N VAL RA 681 219.30 11.76 121.67
CA VAL RA 681 217.88 12.15 121.67
C VAL RA 681 217.04 11.20 122.51
N HIS RA 682 216.02 11.74 123.18
CA HIS RA 682 214.99 10.95 123.87
C HIS RA 682 213.67 10.98 123.09
N GLY RA 683 213.06 9.83 122.86
CA GLY RA 683 211.90 9.70 121.97
C GLY RA 683 210.60 10.25 122.55
N GLU RA 684 210.23 9.86 123.77
CA GLU RA 684 209.00 10.29 124.42
C GLU RA 684 209.08 11.73 125.00
N PRO RA 685 207.98 12.50 124.99
CA PRO RA 685 207.94 13.85 125.59
C PRO RA 685 207.79 13.83 127.13
N THR RA 686 207.33 12.70 127.69
CA THR RA 686 207.18 12.41 129.12
C THR RA 686 207.70 11.01 129.43
N CYS RA 687 208.04 10.67 130.67
CA CYS RA 687 208.38 9.28 131.01
C CYS RA 687 207.90 8.87 132.41
N ASP RA 688 207.70 7.55 132.63
CA ASP RA 688 207.21 6.98 133.89
C ASP RA 688 208.28 7.06 134.98
N LEU RA 689 208.08 7.93 135.97
CA LEU RA 689 209.03 8.18 137.05
C LEU RA 689 208.32 8.31 138.40
N PRO RA 690 208.99 8.07 139.54
CA PRO RA 690 208.39 8.23 140.85
C PRO RA 690 208.17 9.70 141.21
N ASP RA 691 207.11 10.01 141.95
CA ASP RA 691 206.86 11.36 142.43
C ASP RA 691 207.83 11.71 143.57
N LEU RA 692 208.92 12.42 143.26
CA LEU RA 692 210.03 12.63 144.18
C LEU RA 692 209.65 13.49 145.40
N ASP RA 693 208.66 14.37 145.28
CA ASP RA 693 208.11 15.13 146.39
C ASP RA 693 207.36 14.23 147.38
N ALA RA 694 206.51 13.32 146.90
CA ALA RA 694 205.89 12.30 147.75
C ALA RA 694 206.92 11.30 148.35
N ALA RA 695 207.92 10.89 147.57
CA ALA RA 695 208.93 9.93 148.00
C ALA RA 695 209.83 10.49 149.11
N LEU RA 696 210.15 11.78 149.07
CA LEU RA 696 210.84 12.50 150.15
C LEU RA 696 210.04 12.45 151.47
N GLN RA 697 208.71 12.46 151.39
CA GLN RA 697 207.81 12.30 152.54
C GLN RA 697 207.35 10.84 152.79
N GLY RA 698 207.98 9.85 152.14
CA GLY RA 698 207.75 8.43 152.39
C GLY RA 698 206.59 7.76 151.63
N ARG RA 699 205.91 8.47 150.73
CA ARG RA 699 204.77 7.98 149.92
C ARG RA 699 205.23 7.65 148.49
N VAL RA 700 204.90 6.47 147.98
CA VAL RA 700 205.40 5.97 146.69
C VAL RA 700 204.28 5.85 145.66
N TYR RA 701 204.34 6.63 144.59
CA TYR RA 701 203.49 6.49 143.39
C TYR RA 701 204.11 7.16 142.16
N GLY RA 702 203.63 6.78 140.97
CA GLY RA 702 204.18 7.20 139.68
C GLY RA 702 203.57 8.50 139.12
N ARG RA 703 204.33 9.17 138.24
CA ARG RA 703 203.94 10.36 137.49
C ARG RA 703 204.58 10.31 136.10
N ARG RA 704 203.91 10.82 135.06
CA ARG RA 704 204.51 11.01 133.73
C ARG RA 704 205.07 12.43 133.59
N LEU RA 705 206.27 12.63 134.12
CA LEU RA 705 206.98 13.90 134.13
C LEU RA 705 207.44 14.29 132.70
N PRO RA 706 207.16 15.52 132.22
CA PRO RA 706 207.78 16.08 131.02
C PRO RA 706 209.31 16.15 131.12
N VAL RA 707 210.03 15.73 130.07
CA VAL RA 707 211.50 15.63 130.09
C VAL RA 707 212.17 16.13 128.81
N ARG RA 708 213.37 16.70 128.95
CA ARG RA 708 214.27 17.06 127.84
C ARG RA 708 215.76 16.93 128.19
N MET RA 709 216.62 16.78 127.19
CA MET RA 709 218.07 16.64 127.40
C MET RA 709 218.72 17.97 127.81
N SER RA 710 219.59 17.96 128.83
CA SER RA 710 220.43 19.12 129.20
C SER RA 710 221.72 19.24 128.38
N LYS RA 711 222.16 18.15 127.74
CA LYS RA 711 223.28 18.10 126.78
C LYS RA 711 222.95 17.16 125.63
N VAL RA 712 223.29 17.53 124.39
CA VAL RA 712 222.95 16.77 123.18
C VAL RA 712 224.18 16.15 122.52
N LEU RA 713 225.33 16.81 122.51
CA LEU RA 713 226.55 16.27 121.91
C LEU RA 713 227.28 15.29 122.85
N MET RA 714 227.75 14.18 122.28
CA MET RA 714 228.56 13.13 122.95
C MET RA 714 229.77 12.77 122.08
N LEU RA 715 230.93 12.56 122.69
CA LEU RA 715 232.18 12.18 122.02
C LEU RA 715 232.60 10.77 122.45
N CYS RA 716 232.21 9.76 121.66
CA CYS RA 716 232.47 8.36 121.95
C CYS RA 716 233.91 7.98 121.55
N PRO RA 717 234.80 7.64 122.49
CA PRO RA 717 236.15 7.22 122.16
C PRO RA 717 236.17 5.79 121.59
N ARG RA 718 237.13 5.45 120.72
CA ARG RA 718 237.23 4.11 120.12
C ARG RA 718 238.54 3.42 120.45
N ASN RA 719 239.64 3.74 119.79
CA ASN RA 719 240.96 3.14 120.06
C ASN RA 719 242.10 4.17 119.98
N ILE RA 720 243.21 3.84 120.63
CA ILE RA 720 244.54 4.41 120.38
C ILE RA 720 245.36 3.37 119.60
N LYS RA 721 246.02 3.76 118.52
CA LYS RA 721 246.69 2.84 117.59
C LYS RA 721 248.21 2.89 117.74
N ILE RA 722 248.85 1.75 117.94
CA ILE RA 722 250.31 1.61 118.08
C ILE RA 722 250.88 0.94 116.83
N LYS RA 723 251.95 1.49 116.26
CA LYS RA 723 252.55 1.04 114.98
C LYS RA 723 254.03 0.70 115.14
N ASN RA 724 254.51 -0.29 114.39
CA ASN RA 724 255.94 -0.62 114.29
C ASN RA 724 256.34 -1.04 112.87
N ARG RA 725 257.31 -0.37 112.24
CA ARG RA 725 257.76 -0.64 110.87
C ARG RA 725 258.43 -2.02 110.74
N VAL RA 726 258.06 -2.78 109.72
CA VAL RA 726 258.54 -4.15 109.50
C VAL RA 726 259.87 -4.22 108.75
N VAL RA 727 260.02 -3.50 107.64
CA VAL RA 727 261.14 -3.63 106.70
C VAL RA 727 262.06 -2.42 106.80
N PHE RA 728 263.34 -2.69 107.07
CA PHE RA 728 264.45 -1.76 106.83
C PHE RA 728 264.86 -1.80 105.36
N THR RA 729 264.84 -0.67 104.66
CA THR RA 729 265.08 -0.58 103.20
C THR RA 729 266.55 -0.30 102.81
N GLY RA 730 267.47 -0.24 103.76
CA GLY RA 730 268.89 0.04 103.48
C GLY RA 730 269.23 1.50 103.17
N GLU RA 731 268.24 2.41 103.13
CA GLU RA 731 268.45 3.80 102.71
C GLU RA 731 269.25 4.63 103.73
N ASN RA 732 268.98 4.49 105.03
CA ASN RA 732 269.72 5.19 106.09
C ASN RA 732 271.05 4.46 106.38
N ALA RA 733 272.14 4.94 105.77
CA ALA RA 733 273.44 4.26 105.76
C ALA RA 733 274.10 4.08 107.14
N ALA RA 734 273.68 4.83 108.17
CA ALA RA 734 274.15 4.69 109.54
C ALA RA 734 273.61 3.44 110.26
N LEU RA 735 272.48 2.88 109.80
CA LEU RA 735 271.77 1.79 110.50
C LEU RA 735 272.15 0.38 110.02
N GLN RA 736 272.70 0.23 108.81
CA GLN RA 736 272.79 -1.05 108.10
C GLN RA 736 273.43 -2.18 108.92
N ASN RA 737 274.45 -1.88 109.74
CA ASN RA 737 275.20 -2.87 110.50
C ASN RA 737 274.35 -3.65 111.53
N SER RA 738 273.22 -3.10 111.96
CA SER RA 738 272.28 -3.80 112.85
C SER RA 738 271.35 -4.77 112.09
N PHE RA 739 271.08 -4.55 110.80
CA PHE RA 739 270.12 -5.33 110.00
C PHE RA 739 270.75 -6.31 109.00
N ILE RA 740 272.02 -6.17 108.64
CA ILE RA 740 272.62 -6.88 107.49
C ILE RA 740 272.64 -8.42 107.65
N LYS RA 741 272.18 -9.12 106.62
CA LYS RA 741 272.18 -10.58 106.52
C LYS RA 741 273.56 -11.10 106.06
N SER RA 742 274.20 -11.92 106.89
CA SER RA 742 275.41 -12.68 106.52
C SER RA 742 275.07 -13.93 105.69
N THR RA 743 276.00 -14.40 104.85
CA THR RA 743 275.80 -15.58 103.97
C THR RA 743 276.86 -16.68 104.17
N THR RA 744 277.95 -16.44 104.91
CA THR RA 744 279.04 -17.42 105.09
C THR RA 744 278.65 -18.62 105.97
N ARG RA 745 279.22 -19.79 105.67
CA ARG RA 745 278.91 -21.10 106.27
C ARG RA 745 279.47 -21.24 107.69
N ARG RA 746 278.61 -21.14 108.71
CA ARG RA 746 278.97 -21.25 110.13
C ARG RA 746 278.96 -22.70 110.62
N GLU RA 747 279.63 -22.98 111.73
CA GLU RA 747 279.60 -24.29 112.40
C GLU RA 747 278.33 -24.54 113.23
N ASN RA 748 277.64 -23.49 113.70
CA ASN RA 748 276.42 -23.61 114.51
C ASN RA 748 275.12 -23.85 113.69
N TYR RA 749 275.23 -24.10 112.38
CA TYR RA 749 274.11 -24.07 111.44
C TYR RA 749 273.00 -25.08 111.75
N ILE RA 750 273.29 -26.24 112.35
CA ILE RA 750 272.28 -27.19 112.78
C ILE RA 750 271.68 -26.75 114.12
N ILE RA 751 272.51 -26.52 115.14
CA ILE RA 751 272.03 -26.23 116.51
C ILE RA 751 271.33 -24.87 116.66
N ASN RA 752 271.66 -23.87 115.82
CA ASN RA 752 270.92 -22.62 115.65
C ASN RA 752 270.00 -22.64 114.41
N GLY RA 753 269.77 -23.82 113.82
CA GLY RA 753 268.95 -24.01 112.63
C GLY RA 753 267.48 -24.30 112.93
N PRO RA 754 266.67 -24.61 111.89
CA PRO RA 754 265.23 -24.73 112.01
C PRO RA 754 264.74 -26.01 112.73
N TYR RA 755 265.60 -27.00 112.98
CA TYR RA 755 265.17 -28.33 113.48
C TYR RA 755 265.55 -28.65 114.93
N MET RA 756 266.45 -27.90 115.56
CA MET RA 756 267.05 -28.29 116.85
C MET RA 756 266.03 -28.50 117.98
N LYS RA 757 265.00 -27.66 118.09
CA LYS RA 757 263.95 -27.83 119.10
C LYS RA 757 263.13 -29.12 118.91
N PHE RA 758 262.84 -29.53 117.68
CA PHE RA 758 262.18 -30.80 117.39
C PHE RA 758 263.11 -32.00 117.60
N LEU RA 759 264.36 -31.90 117.17
CA LEU RA 759 265.38 -32.93 117.42
C LEU RA 759 265.59 -33.19 118.92
N ASN RA 760 265.37 -32.17 119.77
CA ASN RA 760 265.34 -32.33 121.21
C ASN RA 760 264.03 -32.93 121.74
N THR RA 761 262.87 -32.39 121.34
CA THR RA 761 261.55 -32.91 121.76
C THR RA 761 261.37 -34.40 121.46
N TYR RA 762 261.91 -34.89 120.36
CA TYR RA 762 261.81 -36.29 119.90
C TYR RA 762 263.08 -37.12 120.13
N HIS RA 763 264.06 -36.63 120.91
CA HIS RA 763 265.35 -37.31 121.10
C HIS RA 763 265.23 -38.76 121.57
N LYS RA 764 264.39 -39.03 122.58
CA LYS RA 764 264.18 -40.39 123.12
C LYS RA 764 263.51 -41.36 122.14
N THR RA 765 262.75 -40.88 121.14
CA THR RA 765 262.22 -41.73 120.04
C THR RA 765 263.22 -41.88 118.88
N LEU RA 766 264.04 -40.87 118.56
CA LEU RA 766 265.09 -40.99 117.53
C LEU RA 766 266.28 -41.85 117.98
N PHE RA 767 266.76 -41.72 119.23
CA PHE RA 767 267.94 -42.43 119.72
C PHE RA 767 267.65 -43.11 121.08
N PRO RA 768 266.93 -44.24 121.10
CA PRO RA 768 266.53 -44.95 122.31
C PRO RA 768 267.69 -45.26 123.26
N ASP RA 769 267.53 -44.87 124.53
CA ASP RA 769 268.48 -45.07 125.64
C ASP RA 769 269.93 -44.58 125.42
N THR RA 770 270.18 -43.60 124.54
CA THR RA 770 271.53 -43.02 124.39
C THR RA 770 271.91 -42.13 125.57
N LYS RA 771 273.19 -42.14 125.96
CA LYS RA 771 273.72 -41.29 127.05
C LYS RA 771 273.93 -39.83 126.63
N LEU RA 772 274.11 -39.58 125.33
CA LEU RA 772 274.45 -38.28 124.74
C LEU RA 772 273.35 -37.23 124.93
N SER RA 773 273.71 -35.99 125.22
CA SER RA 773 272.79 -34.85 125.04
C SER RA 773 272.50 -34.61 123.56
N SER RA 774 271.28 -34.18 123.24
CA SER RA 774 270.87 -33.86 121.87
C SER RA 774 271.76 -32.78 121.23
N LEU RA 775 272.15 -31.77 122.01
CA LEU RA 775 273.06 -30.70 121.62
C LEU RA 775 274.44 -31.24 121.23
N TYR RA 776 275.03 -32.13 122.04
CA TYR RA 776 276.32 -32.71 121.69
C TYR RA 776 276.24 -33.67 120.49
N LEU RA 777 275.19 -34.48 120.36
CA LEU RA 777 275.02 -35.40 119.23
C LEU RA 777 275.06 -34.64 117.88
N TRP RA 778 274.28 -33.58 117.75
CA TRP RA 778 274.20 -32.77 116.55
C TRP RA 778 275.36 -31.79 116.35
N HIS RA 779 276.07 -31.37 117.40
CA HIS RA 779 277.31 -30.61 117.25
C HIS RA 779 278.50 -31.51 116.83
N ASN RA 780 278.57 -32.73 117.35
CA ASN RA 780 279.50 -33.76 116.90
C ASN RA 780 279.25 -34.09 115.43
N PHE RA 781 278.00 -34.26 115.00
CA PHE RA 781 277.69 -34.42 113.59
C PHE RA 781 278.12 -33.21 112.75
N SER RA 782 277.82 -32.00 113.22
CA SER RA 782 278.26 -30.71 112.63
C SER RA 782 279.77 -30.51 112.49
N ARG RA 783 280.63 -31.35 113.09
CA ARG RA 783 282.09 -31.22 113.02
C ARG RA 783 282.85 -32.48 112.61
N ARG RA 784 282.29 -33.68 112.83
CA ARG RA 784 282.93 -34.98 112.55
C ARG RA 784 282.19 -35.84 111.51
N ARG RA 785 280.99 -35.42 111.08
CA ARG RA 785 280.16 -36.13 110.08
C ARG RA 785 279.83 -37.58 110.46
N SER RA 786 279.35 -37.83 111.69
CA SER RA 786 278.97 -39.18 112.13
C SER RA 786 277.76 -39.21 113.08
N VAL RA 787 277.01 -40.32 113.08
CA VAL RA 787 275.73 -40.48 113.76
C VAL RA 787 275.60 -41.89 114.37
N PRO RA 788 275.10 -42.05 115.60
CA PRO RA 788 275.00 -43.37 116.24
C PRO RA 788 273.74 -44.14 115.79
N VAL RA 789 273.85 -45.44 115.50
CA VAL RA 789 272.71 -46.27 115.08
C VAL RA 789 272.31 -47.25 116.20
N PRO RA 790 271.09 -47.18 116.75
CA PRO RA 790 270.61 -48.09 117.81
C PRO RA 790 270.75 -49.59 117.48
N SER RA 791 270.87 -50.43 118.52
CA SER RA 791 271.41 -51.80 118.42
C SER RA 791 270.77 -52.71 117.36
N GLY RA 792 269.45 -52.65 117.19
CA GLY RA 792 268.71 -53.39 116.16
C GLY RA 792 268.25 -52.56 114.95
N ALA RA 793 268.43 -51.24 114.98
CA ALA RA 793 268.01 -50.34 113.90
C ALA RA 793 268.92 -50.40 112.65
N SER RA 794 268.45 -49.91 111.51
CA SER RA 794 269.16 -49.99 110.22
C SER RA 794 270.07 -48.78 109.96
N ALA RA 795 271.23 -48.98 109.35
CA ALA RA 795 272.20 -47.90 109.15
C ALA RA 795 271.72 -46.81 108.19
N GLU RA 796 271.14 -47.18 107.04
CA GLU RA 796 270.90 -46.22 105.96
C GLU RA 796 269.76 -45.24 106.29
N GLU RA 797 268.75 -45.70 107.02
CA GLU RA 797 267.70 -44.91 107.65
C GLU RA 797 268.21 -43.72 108.48
N TYR RA 798 269.28 -43.93 109.26
CA TYR RA 798 269.93 -42.84 110.01
C TYR RA 798 270.85 -42.00 109.13
N SER RA 799 271.52 -42.57 108.12
CA SER RA 799 272.26 -41.75 107.16
C SER RA 799 271.34 -40.79 106.39
N ASP RA 800 270.09 -41.20 106.11
CA ASP RA 800 269.10 -40.32 105.49
C ASP RA 800 268.64 -39.19 106.42
N LEU RA 801 268.28 -39.50 107.67
CA LEU RA 801 267.95 -38.51 108.71
C LEU RA 801 269.03 -37.42 108.81
N ALA RA 802 270.30 -37.82 108.85
CA ALA RA 802 271.43 -36.91 108.91
C ALA RA 802 271.49 -35.98 107.69
N LEU RA 803 271.34 -36.52 106.48
CA LEU RA 803 271.34 -35.72 105.26
C LEU RA 803 270.12 -34.80 105.14
N PHE RA 804 268.95 -35.18 105.69
CA PHE RA 804 267.81 -34.28 105.75
C PHE RA 804 268.08 -33.04 106.65
N VAL RA 805 268.62 -33.27 107.85
CA VAL RA 805 268.96 -32.22 108.82
C VAL RA 805 270.02 -31.29 108.26
N ASP RA 806 271.08 -31.85 107.67
CA ASP RA 806 272.15 -31.08 107.05
C ASP RA 806 271.63 -30.20 105.89
N GLY RA 807 270.90 -30.80 104.95
CA GLY RA 807 270.38 -30.13 103.77
C GLY RA 807 269.48 -28.95 104.11
N GLY RA 808 268.46 -29.18 104.93
CA GLY RA 808 267.55 -28.11 105.35
C GLY RA 808 268.23 -27.03 106.18
N SER RA 809 269.19 -27.39 107.04
CA SER RA 809 269.92 -26.41 107.83
C SER RA 809 270.76 -25.45 106.97
N ARG RA 810 271.49 -25.93 105.95
CA ARG RA 810 272.21 -25.08 104.99
C ARG RA 810 271.26 -24.26 104.10
N ALA RA 811 270.13 -24.81 103.66
CA ALA RA 811 269.15 -24.06 102.88
C ALA RA 811 268.53 -22.91 103.68
N HIS RA 812 268.26 -23.13 104.98
CA HIS RA 812 267.80 -22.10 105.91
C HIS RA 812 268.87 -21.04 106.17
N GLU RA 813 270.14 -21.45 106.35
CA GLU RA 813 271.28 -20.56 106.55
C GLU RA 813 271.43 -19.57 105.37
N GLU RA 814 271.31 -20.06 104.14
CA GLU RA 814 271.28 -19.24 102.93
C GLU RA 814 270.06 -18.30 102.86
N SER RA 815 268.84 -18.82 102.98
CA SER RA 815 267.61 -18.08 102.62
C SER RA 815 266.97 -17.25 103.74
N ASN RA 816 267.22 -17.50 105.03
CA ASN RA 816 266.38 -16.95 106.10
C ASN RA 816 266.64 -15.47 106.45
N VAL RA 817 265.57 -14.67 106.59
CA VAL RA 817 265.60 -13.27 107.06
C VAL RA 817 264.70 -13.00 108.28
N ILE RA 818 264.19 -14.06 108.92
CA ILE RA 818 263.34 -14.03 110.11
C ILE RA 818 264.10 -14.68 111.28
N ASP RA 819 264.64 -13.88 112.21
CA ASP RA 819 265.60 -14.32 113.24
C ASP RA 819 264.94 -15.07 114.43
N VAL RA 820 264.36 -16.24 114.15
CA VAL RA 820 263.62 -17.10 115.08
C VAL RA 820 264.03 -18.56 114.91
N VAL RA 821 264.19 -19.29 116.01
CA VAL RA 821 264.26 -20.75 116.03
C VAL RA 821 262.88 -21.29 116.44
N PRO RA 822 262.08 -21.88 115.53
CA PRO RA 822 260.67 -22.17 115.78
C PRO RA 822 260.46 -23.32 116.77
N GLY RA 823 259.54 -23.16 117.73
CA GLY RA 823 259.24 -24.19 118.73
C GLY RA 823 258.18 -25.22 118.36
N ASN RA 824 257.31 -24.92 117.39
CA ASN RA 824 256.19 -25.76 116.97
C ASN RA 824 256.00 -25.74 115.44
N LEU RA 825 255.30 -26.74 114.90
CA LEU RA 825 255.14 -26.90 113.44
C LEU RA 825 254.38 -25.76 112.76
N VAL RA 826 253.45 -25.09 113.45
CA VAL RA 826 252.75 -23.91 112.90
C VAL RA 826 253.68 -22.72 112.75
N THR RA 827 254.55 -22.46 113.72
CA THR RA 827 255.55 -21.40 113.62
C THR RA 827 256.60 -21.74 112.55
N TYR RA 828 257.08 -22.99 112.50
CA TYR RA 828 257.96 -23.48 111.43
C TYR RA 828 257.36 -23.26 110.04
N ALA RA 829 256.10 -23.65 109.82
CA ALA RA 829 255.38 -23.45 108.57
C ALA RA 829 255.25 -21.96 108.19
N LYS RA 830 254.80 -21.12 109.12
CA LYS RA 830 254.66 -19.67 108.91
C LYS RA 830 255.98 -18.96 108.63
N GLN RA 831 257.09 -19.36 109.25
CA GLN RA 831 258.42 -18.85 108.90
C GLN RA 831 258.78 -19.22 107.45
N ARG RA 832 258.58 -20.47 107.01
CA ARG RA 832 258.85 -20.91 105.63
C ARG RA 832 258.05 -20.08 104.62
N LEU RA 833 256.77 -19.84 104.88
CA LEU RA 833 255.88 -19.04 104.03
C LEU RA 833 256.34 -17.58 103.89
N ASN RA 834 256.64 -16.89 104.99
CA ASN RA 834 257.00 -15.47 104.93
C ASN RA 834 258.41 -15.23 104.37
N ASN RA 835 259.37 -16.15 104.56
CA ASN RA 835 260.64 -16.13 103.84
C ASN RA 835 260.44 -16.26 102.31
N ALA RA 836 259.39 -16.94 101.84
CA ALA RA 836 259.10 -17.05 100.40
C ALA RA 836 258.54 -15.73 99.81
N ILE RA 837 257.66 -15.02 100.52
CA ILE RA 837 257.09 -13.74 100.05
C ILE RA 837 258.19 -12.67 99.97
N LEU RA 838 259.05 -12.56 100.98
CA LEU RA 838 260.14 -11.60 101.01
C LEU RA 838 261.14 -11.82 99.86
N LYS RA 839 261.41 -13.07 99.49
CA LYS RA 839 262.24 -13.41 98.33
C LYS RA 839 261.62 -12.97 97.00
N ALA RA 840 260.33 -13.20 96.78
CA ALA RA 840 259.60 -12.71 95.61
C ALA RA 840 259.59 -11.16 95.53
N CYS RA 841 259.64 -10.47 96.67
CA CYS RA 841 259.77 -9.01 96.73
C CYS RA 841 261.21 -8.48 96.59
N GLY RA 842 262.22 -9.35 96.41
CA GLY RA 842 263.63 -8.94 96.39
C GLY RA 842 264.22 -8.53 97.75
N GLN RA 843 263.53 -8.77 98.86
CA GLN RA 843 263.98 -8.43 100.21
C GLN RA 843 264.87 -9.55 100.78
N THR RA 844 266.17 -9.47 100.50
CA THR RA 844 267.15 -10.54 100.79
C THR RA 844 268.40 -10.07 101.52
N GLN RA 845 268.64 -8.75 101.60
CA GLN RA 845 269.87 -8.17 102.17
C GLN RA 845 269.80 -7.98 103.70
N PHE RA 846 268.60 -7.90 104.27
CA PHE RA 846 268.37 -7.48 105.66
C PHE RA 846 267.38 -8.39 106.40
N TYR RA 847 267.60 -8.61 107.69
CA TYR RA 847 266.57 -9.11 108.61
C TYR RA 847 265.39 -8.15 108.71
N ILE RA 848 264.18 -8.66 108.91
CA ILE RA 848 263.00 -7.85 109.26
C ILE RA 848 262.93 -7.54 110.77
N SER RA 849 262.21 -6.48 111.17
CA SER RA 849 261.88 -6.22 112.59
C SER RA 849 260.99 -7.34 113.17
N LEU RA 850 261.20 -7.70 114.43
CA LEU RA 850 260.35 -8.64 115.18
C LEU RA 850 259.70 -7.95 116.40
N ILE RA 851 258.47 -8.33 116.74
CA ILE RA 851 257.88 -8.09 118.07
C ILE RA 851 257.75 -9.44 118.80
N GLN RA 852 258.25 -9.54 120.02
CA GLN RA 852 258.10 -10.73 120.87
C GLN RA 852 257.21 -10.46 122.10
N GLY RA 853 256.28 -11.36 122.39
CA GLY RA 853 255.43 -11.29 123.57
C GLY RA 853 256.06 -11.96 124.78
N LEU RA 854 256.10 -11.29 125.92
CA LEU RA 854 256.48 -11.85 127.21
C LEU RA 854 255.21 -12.27 127.96
N VAL RA 855 255.02 -13.56 128.23
CA VAL RA 855 253.78 -14.12 128.78
C VAL RA 855 254.00 -14.67 130.20
N PRO RA 856 253.20 -14.27 131.21
CA PRO RA 856 253.34 -14.74 132.60
C PRO RA 856 253.10 -16.25 132.78
N ARG RA 857 254.01 -16.93 133.47
CA ARG RA 857 253.90 -18.31 133.98
C ARG RA 857 253.94 -18.32 135.50
N THR RA 858 252.97 -18.96 136.13
CA THR RA 858 252.82 -19.00 137.60
C THR RA 858 253.35 -20.33 138.13
N GLN RA 859 254.22 -20.30 139.14
CA GLN RA 859 254.92 -21.47 139.68
C GLN RA 859 254.96 -21.48 141.22
N SER RA 860 254.89 -22.66 141.85
CA SER RA 860 255.01 -22.84 143.31
C SER RA 860 256.44 -23.21 143.69
N VAL RA 861 257.02 -22.53 144.67
CA VAL RA 861 258.43 -22.65 145.08
C VAL RA 861 258.55 -22.78 146.61
N PRO RA 862 259.65 -23.29 147.17
CA PRO RA 862 259.83 -23.35 148.62
C PRO RA 862 259.91 -21.94 149.24
N ALA RA 863 259.17 -21.69 150.33
CA ALA RA 863 258.93 -20.34 150.86
C ALA RA 863 260.12 -19.71 151.62
N ARG RA 864 261.28 -20.37 151.66
CA ARG RA 864 262.50 -19.96 152.38
C ARG RA 864 262.88 -18.50 152.20
N ASP RA 865 262.84 -17.98 150.97
CA ASP RA 865 263.13 -16.57 150.64
C ASP RA 865 261.86 -15.74 150.31
N TYR RA 866 260.68 -16.17 150.76
CA TYR RA 866 259.38 -15.52 150.52
C TYR RA 866 258.65 -15.29 151.86
N PRO RA 867 259.18 -14.43 152.74
CA PRO RA 867 258.84 -14.41 154.17
C PRO RA 867 257.39 -14.03 154.48
N HIS RA 868 256.67 -13.38 153.56
CA HIS RA 868 255.27 -12.98 153.76
C HIS RA 868 254.30 -14.14 153.97
N VAL RA 869 254.65 -15.39 153.65
CA VAL RA 869 253.78 -16.54 153.96
C VAL RA 869 253.58 -16.77 155.47
N LEU RA 870 254.45 -16.24 156.33
CA LEU RA 870 254.34 -16.39 157.78
C LEU RA 870 253.25 -15.52 158.43
N GLY RA 871 252.74 -14.50 157.74
CA GLY RA 871 251.74 -13.58 158.27
C GLY RA 871 252.29 -12.60 159.32
N THR RA 872 251.41 -12.05 160.17
CA THR RA 872 251.73 -11.07 161.22
C THR RA 872 252.44 -11.67 162.45
N ARG RA 873 252.72 -12.97 162.42
CA ARG RA 873 253.48 -13.78 163.40
C ARG RA 873 254.74 -13.08 163.92
N ALA RA 874 254.99 -13.13 165.22
CA ALA RA 874 256.27 -12.72 165.80
C ALA RA 874 257.35 -13.77 165.52
N VAL RA 875 258.53 -13.34 165.04
CA VAL RA 875 259.67 -14.22 164.72
C VAL RA 875 260.82 -13.93 165.68
N GLU RA 876 261.25 -14.93 166.44
CA GLU RA 876 262.20 -14.75 167.55
C GLU RA 876 263.64 -15.19 167.24
N SER RA 877 263.85 -16.14 166.33
CA SER RA 877 265.18 -16.60 165.91
C SER RA 877 265.23 -17.06 164.45
N ALA RA 878 266.43 -17.07 163.85
CA ALA RA 878 266.62 -17.58 162.50
C ALA RA 878 266.34 -19.09 162.39
N ALA RA 879 266.63 -19.85 163.46
CA ALA RA 879 266.28 -21.26 163.55
C ALA RA 879 264.76 -21.49 163.55
N ALA RA 880 263.99 -20.65 164.24
CA ALA RA 880 262.53 -20.70 164.20
C ALA RA 880 261.96 -20.29 162.83
N TYR RA 881 262.54 -19.27 162.16
CA TYR RA 881 262.17 -18.88 160.79
C TYR RA 881 262.38 -20.03 159.80
N ALA RA 882 263.56 -20.68 159.86
CA ALA RA 882 263.88 -21.84 159.04
C ALA RA 882 262.95 -23.03 159.31
N GLU RA 883 262.65 -23.32 160.57
CA GLU RA 883 261.71 -24.39 160.94
C GLU RA 883 260.31 -24.10 160.39
N ALA RA 884 259.75 -22.91 160.64
CA ALA RA 884 258.40 -22.53 160.23
C ALA RA 884 258.20 -22.51 158.70
N THR RA 885 259.21 -22.12 157.94
CA THR RA 885 259.14 -22.08 156.46
C THR RA 885 259.48 -23.41 155.78
N SER RA 886 260.13 -24.36 156.47
CA SER RA 886 260.58 -25.64 155.88
C SER RA 886 259.49 -26.50 155.24
N SER RA 887 258.23 -26.35 155.68
CA SER RA 887 257.07 -27.10 155.18
C SER RA 887 256.13 -26.27 154.28
N LEU RA 888 256.51 -25.05 153.87
CA LEU RA 888 255.63 -24.09 153.19
C LEU RA 888 256.12 -23.73 151.77
N THR RA 889 255.16 -23.43 150.89
CA THR RA 889 255.43 -23.00 149.51
C THR RA 889 254.77 -21.66 149.18
N ALA RA 890 255.44 -20.86 148.35
CA ALA RA 890 255.00 -19.55 147.89
C ALA RA 890 254.69 -19.59 146.39
N THR RA 891 253.65 -18.90 145.95
CA THR RA 891 253.36 -18.67 144.53
C THR RA 891 254.24 -17.52 144.01
N THR RA 892 254.91 -17.73 142.88
CA THR RA 892 255.72 -16.70 142.19
C THR RA 892 255.44 -16.68 140.70
N VAL RA 893 255.78 -15.58 140.04
CA VAL RA 893 255.54 -15.39 138.60
C VAL RA 893 256.84 -15.03 137.89
N VAL RA 894 257.04 -15.63 136.72
CA VAL RA 894 258.11 -15.28 135.76
C VAL RA 894 257.50 -15.13 134.37
N CYS RA 895 258.16 -14.42 133.46
CA CYS RA 895 257.70 -14.27 132.07
C CYS RA 895 258.53 -15.13 131.11
N ALA RA 896 257.86 -15.82 130.18
CA ALA RA 896 258.47 -16.59 129.09
C ALA RA 896 258.28 -15.92 127.72
N ALA RA 897 259.32 -15.87 126.90
CA ALA RA 897 259.23 -15.30 125.57
C ALA RA 897 258.51 -16.26 124.62
N THR RA 898 257.44 -15.79 123.99
CA THR RA 898 256.78 -16.44 122.86
C THR RA 898 257.48 -16.08 121.55
N ASP RA 899 257.60 -17.05 120.64
CA ASP RA 899 258.14 -16.87 119.28
C ASP RA 899 257.07 -16.46 118.24
N CYS RA 900 255.84 -16.20 118.68
CA CYS RA 900 254.66 -16.05 117.84
C CYS RA 900 253.56 -15.18 118.50
N LEU RA 901 253.75 -13.85 118.51
CA LEU RA 901 252.81 -12.89 119.12
C LEU RA 901 251.37 -13.00 118.60
N SER RA 902 251.17 -13.38 117.32
CA SER RA 902 249.84 -13.37 116.69
C SER RA 902 248.82 -14.32 117.34
N GLN RA 903 249.21 -15.52 117.81
CA GLN RA 903 248.30 -16.40 118.55
C GLN RA 903 247.91 -15.86 119.93
N VAL RA 904 248.79 -15.13 120.60
CA VAL RA 904 248.47 -14.43 121.87
C VAL RA 904 247.45 -13.30 121.61
N CYS RA 905 247.62 -12.51 120.54
CA CYS RA 905 246.67 -11.45 120.18
C CYS RA 905 245.25 -11.97 119.84
N LYS RA 906 245.09 -13.22 119.42
CA LYS RA 906 243.75 -13.85 119.26
C LYS RA 906 243.02 -14.10 120.58
N ALA RA 907 243.72 -14.19 121.70
CA ALA RA 907 243.16 -14.41 123.04
C ALA RA 907 242.77 -13.10 123.78
N ARG RA 908 242.61 -11.99 123.06
CA ARG RA 908 242.20 -10.65 123.54
C ARG RA 908 242.99 -10.19 124.80
N PRO RA 909 244.31 -10.03 124.72
CA PRO RA 909 245.17 -9.91 125.91
C PRO RA 909 245.09 -8.55 126.60
N VAL RA 910 245.38 -8.54 127.89
CA VAL RA 910 245.83 -7.35 128.63
C VAL RA 910 247.29 -7.10 128.25
N VAL RA 911 247.65 -5.87 127.90
CA VAL RA 911 248.99 -5.52 127.35
C VAL RA 911 249.69 -4.40 128.12
N THR RA 912 251.02 -4.45 128.17
CA THR RA 912 251.87 -3.34 128.64
C THR RA 912 253.01 -3.10 127.65
N LEU RA 913 253.19 -1.86 127.19
CA LEU RA 913 254.13 -1.50 126.13
C LEU RA 913 254.67 -0.06 126.24
N PRO RA 914 255.86 0.25 125.70
CA PRO RA 914 256.40 1.62 125.61
C PRO RA 914 255.94 2.32 124.33
N VAL RA 915 255.59 3.61 124.38
CA VAL RA 915 255.21 4.40 123.19
C VAL RA 915 255.85 5.80 123.15
N THR RA 916 256.25 6.23 121.94
CA THR RA 916 256.54 7.63 121.61
C THR RA 916 255.54 8.12 120.56
N ILE RA 917 254.91 9.27 120.72
CA ILE RA 917 254.07 9.85 119.66
C ILE RA 917 254.88 10.84 118.83
N ASN RA 918 255.18 10.46 117.59
CA ASN RA 918 255.93 11.25 116.62
C ASN RA 918 254.99 11.96 115.64
N LYS RA 919 255.30 13.21 115.28
CA LYS RA 919 254.43 14.07 114.45
C LYS RA 919 255.17 14.57 113.21
N TYR RA 920 254.48 14.62 112.08
CA TYR RA 920 255.07 14.88 110.75
C TYR RA 920 254.06 15.51 109.78
N THR RA 921 254.56 16.18 108.74
CA THR RA 921 253.75 16.83 107.70
C THR RA 921 253.16 15.82 106.73
N GLY RA 922 252.01 16.12 106.11
CA GLY RA 922 251.49 15.32 104.99
C GLY RA 922 252.36 15.36 103.71
N VAL RA 923 252.14 14.40 102.81
CA VAL RA 923 252.82 14.32 101.49
C VAL RA 923 252.07 15.07 100.39
N ASN RA 924 252.57 15.02 99.15
CA ASN RA 924 251.93 15.57 97.94
C ASN RA 924 251.60 17.06 98.08
N GLY RA 925 252.51 17.83 98.67
CA GLY RA 925 252.39 19.27 98.85
C GLY RA 925 251.53 19.73 100.03
N ASN RA 926 250.98 18.82 100.83
CA ASN RA 926 250.15 19.15 101.99
C ASN RA 926 250.94 19.79 103.15
N ASN RA 927 250.27 20.55 104.01
CA ASN RA 927 250.87 21.27 105.15
C ASN RA 927 250.25 20.93 106.52
N GLN RA 928 249.32 19.98 106.61
CA GLN RA 928 248.72 19.53 107.87
C GLN RA 928 249.65 18.58 108.65
N ILE RA 929 249.39 18.41 109.94
CA ILE RA 929 250.17 17.55 110.84
C ILE RA 929 249.44 16.20 111.02
N PHE RA 930 250.17 15.11 110.90
CA PHE RA 930 249.74 13.73 111.17
C PHE RA 930 250.59 13.13 112.29
N GLN RA 931 250.07 12.13 113.00
CA GLN RA 931 250.78 11.50 114.13
C GLN RA 931 250.90 9.98 113.96
N ALA RA 932 251.95 9.40 114.54
CA ALA RA 932 252.06 7.95 114.77
C ALA RA 932 252.51 7.68 116.21
N GLY RA 933 251.89 6.70 116.86
CA GLY RA 933 252.34 6.14 118.12
C GLY RA 933 253.28 4.99 117.84
N ASN RA 934 254.59 5.24 117.81
CA ASN RA 934 255.58 4.23 117.50
C ASN RA 934 255.99 3.43 118.75
N LEU RA 935 256.01 2.10 118.65
CA LEU RA 935 256.44 1.18 119.71
C LEU RA 935 257.93 1.39 120.06
N GLY RA 936 258.24 1.56 121.34
CA GLY RA 936 259.58 1.86 121.85
C GLY RA 936 260.17 0.80 122.75
N TYR RA 937 261.03 1.21 123.70
CA TYR RA 937 261.81 0.36 124.59
C TYR RA 937 261.54 0.63 126.08
N PHE RA 938 261.69 -0.38 126.92
CA PHE RA 938 261.63 -0.25 128.38
C PHE RA 938 262.97 0.26 128.95
N MET RA 939 262.92 1.13 129.94
CA MET RA 939 264.11 1.60 130.69
C MET RA 939 264.15 1.03 132.11
N GLY RA 940 265.33 0.65 132.59
CA GLY RA 940 265.58 0.17 133.94
C GLY RA 940 265.85 -1.33 134.00
N ARG RA 941 267.00 -1.74 134.56
CA ARG RA 941 267.44 -3.14 134.55
C ARG RA 941 266.58 -4.08 135.39
N GLY RA 942 265.78 -3.57 136.33
CA GLY RA 942 264.92 -4.38 137.18
C GLY RA 942 263.63 -4.89 136.52
N VAL RA 943 263.26 -4.44 135.33
CA VAL RA 943 261.96 -4.74 134.70
C VAL RA 943 261.76 -6.24 134.43
N ASP RA 944 262.58 -6.88 133.62
CA ASP RA 944 262.51 -8.34 133.40
C ASP RA 944 263.85 -8.90 132.89
N ARG RA 945 264.28 -10.05 133.40
CA ARG RA 945 265.55 -10.68 133.00
C ARG RA 945 265.67 -10.97 131.50
N ASN RA 946 264.58 -11.18 130.76
CA ASN RA 946 264.63 -11.38 129.30
C ASN RA 946 265.06 -10.11 128.54
N LEU RA 947 264.93 -8.93 129.13
CA LEU RA 947 265.36 -7.66 128.55
C LEU RA 947 266.86 -7.35 128.80
N LEU RA 948 267.57 -8.12 129.62
CA LEU RA 948 268.98 -7.90 129.97
C LEU RA 948 269.94 -8.28 128.81
N GLN RA 949 270.64 -7.30 128.26
CA GLN RA 949 271.77 -7.50 127.33
C GLN RA 949 273.06 -7.87 128.08
N SER RA 963 268.15 -3.83 121.15
CA SER RA 963 268.44 -3.94 119.72
C SER RA 963 267.51 -3.08 118.87
N MET RA 964 267.99 -2.63 117.70
CA MET RA 964 267.17 -2.03 116.63
C MET RA 964 266.02 -2.96 116.19
N ARG RA 965 266.28 -4.27 116.09
CA ARG RA 965 265.45 -5.21 115.30
C ARG RA 965 264.58 -6.19 116.08
N LYS RA 966 264.62 -6.16 117.42
CA LYS RA 966 263.66 -6.87 118.29
C LYS RA 966 263.06 -5.93 119.35
N LYS RA 967 261.74 -5.89 119.45
CA LYS RA 967 260.98 -5.16 120.48
C LYS RA 967 260.07 -6.10 121.27
N PHE RA 968 259.73 -5.73 122.50
CA PHE RA 968 258.96 -6.57 123.43
C PHE RA 968 257.67 -5.89 123.89
N VAL RA 969 256.64 -6.70 124.12
CA VAL RA 969 255.36 -6.34 124.78
C VAL RA 969 255.06 -7.39 125.85
N PHE RA 970 254.57 -7.00 127.04
CA PHE RA 970 254.00 -7.97 128.00
C PHE RA 970 252.55 -8.25 127.65
N ALA RA 971 252.11 -9.52 127.61
CA ALA RA 971 250.73 -9.90 127.30
C ALA RA 971 250.18 -11.01 128.22
N THR RA 972 248.97 -10.84 128.77
CA THR RA 972 248.22 -11.90 129.48
C THR RA 972 246.90 -12.17 128.76
N PRO RA 973 246.56 -13.39 128.33
CA PRO RA 973 245.29 -13.68 127.64
C PRO RA 973 244.05 -13.56 128.54
N THR RA 974 242.88 -13.22 127.97
CA THR RA 974 241.59 -13.20 128.70
C THR RA 974 240.59 -14.29 128.27
N LEU RA 975 240.65 -14.80 127.04
CA LEU RA 975 239.87 -15.98 126.62
C LEU RA 975 240.26 -17.21 127.45
N GLY RA 976 239.29 -17.87 128.08
CA GLY RA 976 239.48 -18.99 128.99
C GLY RA 976 239.83 -18.61 130.43
N LEU RA 977 239.91 -17.31 130.73
CA LEU RA 977 240.02 -16.79 132.09
C LEU RA 977 238.70 -16.10 132.49
N THR RA 978 238.35 -14.99 131.85
CA THR RA 978 237.16 -14.18 132.16
C THR RA 978 236.13 -14.16 131.02
N VAL RA 979 236.49 -14.59 129.81
CA VAL RA 979 235.63 -14.69 128.63
C VAL RA 979 235.65 -16.12 128.07
N LYS RA 980 234.49 -16.68 127.73
CA LYS RA 980 234.33 -18.07 127.27
C LYS RA 980 234.67 -18.22 125.78
N ARG RA 981 235.42 -19.28 125.41
CA ARG RA 981 235.75 -19.63 124.01
C ARG RA 981 234.51 -20.08 123.23
N THR RA 988 228.89 -33.40 111.24
CA THR RA 988 228.28 -34.18 110.16
C THR RA 988 227.74 -35.54 110.63
N TYR RA 989 226.77 -36.08 109.91
CA TYR RA 989 226.42 -37.51 109.99
C TYR RA 989 227.49 -38.37 109.28
N GLU RA 990 227.68 -39.61 109.71
CA GLU RA 990 228.66 -40.51 109.07
C GLU RA 990 228.34 -40.78 107.58
N ILE RA 991 227.07 -40.84 107.19
CA ILE RA 991 226.66 -40.95 105.78
C ILE RA 991 227.09 -39.74 104.91
N GLU RA 992 227.28 -38.55 105.49
CA GLU RA 992 227.85 -37.42 104.76
C GLU RA 992 229.36 -37.59 104.52
N ASN RA 993 230.08 -38.20 105.47
CA ASN RA 993 231.52 -38.45 105.35
C ASN RA 993 231.81 -39.59 104.35
N ILE RA 994 231.02 -40.67 104.35
CA ILE RA 994 231.14 -41.72 103.31
C ILE RA 994 230.92 -41.09 101.92
N ARG RA 995 229.84 -40.31 101.74
CA ARG RA 995 229.51 -39.61 100.49
C ARG RA 995 230.61 -38.64 100.03
N ALA RA 996 231.16 -37.81 100.90
CA ALA RA 996 232.28 -36.93 100.54
C ALA RA 996 233.52 -37.73 100.09
N GLY RA 997 233.86 -38.83 100.77
CA GLY RA 997 234.99 -39.68 100.40
C GLY RA 997 234.84 -40.39 99.05
N LEU RA 998 233.61 -40.79 98.68
CA LEU RA 998 233.33 -41.33 97.35
C LEU RA 998 233.39 -40.27 96.25
N GLU RA 999 232.82 -39.08 96.45
CA GLU RA 999 232.96 -38.00 95.45
C GLU RA 999 234.42 -37.57 95.27
N ALA RA 1000 235.24 -37.61 96.32
CA ALA RA 1000 236.67 -37.33 96.26
C ALA RA 1000 237.47 -38.38 95.46
N ILE RA 1001 237.12 -39.67 95.52
CA ILE RA 1001 237.69 -40.71 94.65
C ILE RA 1001 237.27 -40.51 93.19
N ILE RA 1002 235.97 -40.47 92.91
CA ILE RA 1002 235.45 -40.52 91.54
C ILE RA 1002 235.87 -39.27 90.74
N SER RA 1003 235.92 -38.10 91.37
CA SER RA 1003 236.38 -36.84 90.76
C SER RA 1003 237.88 -36.83 90.41
N GLN RA 1004 238.67 -37.75 90.95
CA GLN RA 1004 240.12 -37.83 90.72
C GLN RA 1004 240.55 -39.02 89.87
N LYS RA 1005 239.84 -40.16 89.92
CA LYS RA 1005 240.24 -41.40 89.23
C LYS RA 1005 240.23 -41.20 87.71
N GLN RA 1006 241.38 -41.37 87.07
CA GLN RA 1006 241.62 -41.17 85.64
C GLN RA 1006 242.41 -42.33 85.03
N GLU RA 1007 242.16 -42.62 83.76
CA GLU RA 1007 242.82 -43.68 82.98
C GLU RA 1007 242.55 -45.12 83.46
N GLU RA 1008 241.64 -45.33 84.42
CA GLU RA 1008 241.18 -46.64 84.91
C GLU RA 1008 239.70 -46.58 85.37
N ASP RA 1009 238.96 -47.68 85.25
CA ASP RA 1009 237.57 -47.76 85.72
C ASP RA 1009 237.48 -47.81 87.27
N CYS RA 1010 236.61 -47.00 87.88
CA CYS RA 1010 236.63 -46.73 89.33
C CYS RA 1010 235.86 -47.72 90.24
N VAL RA 1011 235.08 -48.67 89.71
CA VAL RA 1011 234.11 -49.44 90.51
C VAL RA 1011 234.75 -50.28 91.63
N PHE RA 1012 235.90 -50.91 91.39
CA PHE RA 1012 236.60 -51.68 92.43
C PHE RA 1012 237.12 -50.79 93.57
N ASP RA 1013 237.59 -49.58 93.30
CA ASP RA 1013 238.03 -48.64 94.33
C ASP RA 1013 236.87 -48.04 95.15
N VAL RA 1014 235.70 -47.85 94.53
CA VAL RA 1014 234.46 -47.46 95.24
C VAL RA 1014 233.98 -48.61 96.13
N VAL RA 1015 233.92 -49.83 95.62
CA VAL RA 1015 233.52 -51.01 96.39
C VAL RA 1015 234.46 -51.27 97.58
N CYS RA 1016 235.78 -51.10 97.43
CA CYS RA 1016 236.70 -51.27 98.55
C CYS RA 1016 236.47 -50.23 99.65
N ASN RA 1017 236.20 -48.96 99.29
CA ASN RA 1017 235.88 -47.92 100.26
C ASN RA 1017 234.56 -48.17 101.01
N LEU RA 1018 233.53 -48.70 100.34
CA LEU RA 1018 232.29 -49.12 101.00
C LEU RA 1018 232.50 -50.31 101.95
N VAL RA 1019 233.21 -51.35 101.51
CA VAL RA 1019 233.49 -52.53 102.34
C VAL RA 1019 234.36 -52.16 103.55
N ASP RA 1020 235.28 -51.20 103.42
CA ASP RA 1020 236.01 -50.63 104.57
C ASP RA 1020 235.05 -49.92 105.56
N ALA RA 1021 234.23 -48.98 105.09
CA ALA RA 1021 233.42 -48.13 105.98
C ALA RA 1021 232.20 -48.83 106.61
N MET RA 1022 231.63 -49.84 105.94
CA MET RA 1022 230.40 -50.50 106.36
C MET RA 1022 230.56 -52.01 106.66
N GLY RA 1023 231.63 -52.66 106.19
CA GLY RA 1023 231.85 -54.09 106.41
C GLY RA 1023 230.70 -54.96 105.89
N GLU RA 1024 230.25 -55.88 106.73
CA GLU RA 1024 229.17 -56.84 106.44
C GLU RA 1024 227.83 -56.18 106.08
N ALA RA 1025 227.59 -54.94 106.52
CA ALA RA 1025 226.39 -54.19 106.15
C ALA RA 1025 226.28 -53.86 104.64
N CYS RA 1026 227.35 -54.04 103.84
CA CYS RA 1026 227.27 -53.94 102.38
C CYS RA 1026 226.40 -55.03 101.75
N ALA RA 1027 226.25 -56.19 102.39
CA ALA RA 1027 225.54 -57.35 101.85
C ALA RA 1027 224.05 -57.08 101.51
N SER RA 1028 223.44 -56.06 102.13
CA SER RA 1028 222.05 -55.67 101.96
C SER RA 1028 221.89 -54.19 101.55
N LEU RA 1029 222.93 -53.56 101.00
CA LEU RA 1029 222.86 -52.17 100.54
C LEU RA 1029 221.81 -52.04 99.44
N THR RA 1030 220.77 -51.22 99.66
CA THR RA 1030 219.70 -51.00 98.68
C THR RA 1030 220.09 -49.94 97.64
N ARG RA 1031 219.39 -49.88 96.51
CA ARG RA 1031 219.66 -48.88 95.46
C ARG RA 1031 219.43 -47.44 95.94
N ASP RA 1032 218.41 -47.22 96.78
CA ASP RA 1032 218.13 -45.89 97.35
C ASP RA 1032 219.25 -45.39 98.26
N ASP RA 1033 219.82 -46.25 99.11
CA ASP RA 1033 221.00 -45.90 99.90
C ASP RA 1033 222.25 -45.72 99.01
N ALA RA 1034 222.52 -46.63 98.06
CA ALA RA 1034 223.66 -46.50 97.16
C ALA RA 1034 223.63 -45.20 96.34
N GLU RA 1035 222.49 -44.84 95.75
CA GLU RA 1035 222.32 -43.57 95.03
C GLU RA 1035 222.59 -42.33 95.90
N TYR RA 1036 222.17 -42.30 97.17
CA TYR RA 1036 222.52 -41.19 98.08
C TYR RA 1036 224.02 -41.10 98.36
N LEU RA 1037 224.69 -42.22 98.63
CA LEU RA 1037 226.12 -42.26 98.93
C LEU RA 1037 227.00 -41.86 97.74
N LEU RA 1038 226.63 -42.25 96.51
CA LEU RA 1038 227.34 -41.86 95.28
C LEU RA 1038 227.17 -40.39 94.88
N GLY RA 1039 226.20 -39.67 95.45
CA GLY RA 1039 226.01 -38.23 95.26
C GLY RA 1039 225.80 -37.81 93.80
N ARG RA 1040 226.67 -36.92 93.29
CA ARG RA 1040 226.71 -36.47 91.89
C ARG RA 1040 226.83 -37.61 90.88
N PHE RA 1041 227.47 -38.71 91.25
CA PHE RA 1041 227.77 -39.85 90.39
C PHE RA 1041 226.79 -41.02 90.57
N SER RA 1042 225.55 -40.76 91.00
CA SER RA 1042 224.52 -41.78 91.28
C SER RA 1042 224.24 -42.75 90.14
N VAL RA 1043 224.60 -42.40 88.90
CA VAL RA 1043 224.52 -43.31 87.75
C VAL RA 1043 225.29 -44.63 87.96
N LEU RA 1044 226.34 -44.63 88.79
CA LEU RA 1044 227.20 -45.79 89.04
C LEU RA 1044 226.53 -46.93 89.83
N ALA RA 1045 225.38 -46.69 90.48
CA ALA RA 1045 224.78 -47.57 91.49
C ALA RA 1045 224.54 -49.01 91.01
N ASP RA 1046 224.01 -49.26 89.81
CA ASP RA 1046 223.75 -50.61 89.31
C ASP RA 1046 225.02 -51.47 89.20
N SER RA 1047 226.14 -50.87 88.79
CA SER RA 1047 227.41 -51.58 88.66
C SER RA 1047 228.07 -51.87 90.03
N VAL RA 1048 227.90 -50.97 91.00
CA VAL RA 1048 228.30 -51.20 92.40
C VAL RA 1048 227.50 -52.35 93.03
N LEU RA 1049 226.18 -52.37 92.89
CA LEU RA 1049 225.34 -53.42 93.47
C LEU RA 1049 225.58 -54.80 92.85
N GLU RA 1050 225.76 -54.88 91.53
CA GLU RA 1050 226.19 -56.12 90.88
C GLU RA 1050 227.56 -56.58 91.40
N THR RA 1051 228.52 -55.67 91.60
CA THR RA 1051 229.83 -55.99 92.17
C THR RA 1051 229.76 -56.50 93.62
N LEU RA 1052 228.95 -55.87 94.49
CA LEU RA 1052 228.77 -56.30 95.88
C LEU RA 1052 228.12 -57.69 96.02
N ALA RA 1053 227.18 -58.04 95.14
CA ALA RA 1053 226.63 -59.39 95.05
C ALA RA 1053 227.69 -60.46 94.72
N THR RA 1054 228.72 -60.16 93.90
CA THR RA 1054 229.81 -61.13 93.65
C THR RA 1054 230.68 -61.38 94.89
N ILE RA 1055 230.89 -60.38 95.77
CA ILE RA 1055 231.59 -60.56 97.05
C ILE RA 1055 230.72 -61.40 98.01
N ALA RA 1056 229.44 -61.04 98.15
CA ALA RA 1056 228.48 -61.76 98.98
C ALA RA 1056 228.38 -63.26 98.65
N SER RA 1057 228.17 -63.60 97.37
CA SER RA 1057 227.95 -64.98 96.90
C SER RA 1057 229.23 -65.83 96.79
N SER RA 1058 230.42 -65.23 96.67
CA SER RA 1058 231.70 -65.97 96.62
C SER RA 1058 232.24 -66.37 98.00
N GLY RA 1059 231.61 -65.92 99.11
CA GLY RA 1059 231.87 -66.42 100.45
C GLY RA 1059 233.18 -65.95 101.12
N ILE RA 1060 233.90 -65.01 100.52
CA ILE RA 1060 235.02 -64.32 101.19
C ILE RA 1060 234.53 -63.42 102.33
N GLU RA 1061 235.41 -63.11 103.27
CA GLU RA 1061 235.10 -62.18 104.37
C GLU RA 1061 234.92 -60.73 103.88
N TRP RA 1062 234.06 -59.96 104.55
CA TRP RA 1062 233.83 -58.54 104.26
C TRP RA 1062 234.93 -57.64 104.80
N THR RA 1063 236.09 -57.64 104.14
CA THR RA 1063 237.21 -56.74 104.44
C THR RA 1063 237.91 -56.29 103.15
N ALA RA 1064 238.50 -55.09 103.15
CA ALA RA 1064 239.10 -54.47 101.97
C ALA RA 1064 240.23 -55.31 101.34
N GLU RA 1065 241.00 -56.05 102.15
CA GLU RA 1065 242.07 -56.94 101.68
C GLU RA 1065 241.50 -58.15 100.92
N ALA RA 1066 240.50 -58.83 101.48
CA ALA RA 1066 239.83 -59.96 100.85
C ALA RA 1066 239.05 -59.55 99.59
N ALA RA 1067 238.44 -58.36 99.59
CA ALA RA 1067 237.73 -57.83 98.43
C ALA RA 1067 238.65 -57.70 97.20
N ARG RA 1068 239.85 -57.10 97.36
CA ARG RA 1068 240.85 -57.03 96.29
C ARG RA 1068 241.35 -58.41 95.87
N ASP RA 1069 241.67 -59.29 96.83
CA ASP RA 1069 242.13 -60.66 96.52
C ASP RA 1069 241.12 -61.46 95.67
N PHE RA 1070 239.81 -61.27 95.84
CA PHE RA 1070 238.81 -61.84 94.95
C PHE RA 1070 238.72 -61.09 93.61
N LEU RA 1071 238.47 -59.78 93.63
CA LEU RA 1071 238.16 -59.00 92.41
C LEU RA 1071 239.32 -58.98 91.39
N GLU RA 1072 240.56 -58.79 91.85
CA GLU RA 1072 241.74 -58.68 90.99
C GLU RA 1072 242.22 -60.04 90.44
N GLY RA 1073 241.75 -61.16 91.00
CA GLY RA 1073 241.90 -62.50 90.42
C GLY RA 1073 240.78 -62.84 89.44
N VAL RA 1074 239.54 -62.56 89.81
CA VAL RA 1074 238.35 -62.62 88.94
C VAL RA 1074 238.34 -61.44 87.97
N ASP RA 1083 240.54 -53.52 74.34
CA ASP RA 1083 239.27 -53.58 73.61
C ASP RA 1083 239.35 -52.85 72.26
N ASN RA 1084 238.36 -53.04 71.38
CA ASN RA 1084 238.32 -52.48 70.02
C ASN RA 1084 237.95 -50.99 70.00
N PHE RA 1085 238.74 -50.13 70.65
CA PHE RA 1085 238.53 -48.68 70.65
C PHE RA 1085 238.87 -48.05 69.28
N ILE RA 1086 237.86 -47.54 68.58
CA ILE RA 1086 238.05 -46.66 67.41
C ILE RA 1086 238.14 -45.20 67.85
N SER RA 1087 238.98 -44.40 67.18
CA SER RA 1087 239.07 -42.95 67.41
C SER RA 1087 238.00 -42.18 66.63
N VAL RA 1088 237.56 -41.02 67.14
CA VAL RA 1088 236.44 -40.23 66.60
C VAL RA 1088 236.85 -38.78 66.35
N ALA RA 1089 236.38 -38.19 65.25
CA ALA RA 1089 236.80 -36.87 64.75
C ALA RA 1089 236.64 -35.73 65.78
N THR SA 988 276.21 -5.91 137.40
CA THR SA 988 275.36 -7.02 136.98
C THR SA 988 274.59 -7.66 138.15
N TYR SA 989 273.47 -8.31 137.84
CA TYR SA 989 272.84 -9.26 138.76
C TYR SA 989 273.62 -10.58 138.78
N GLU SA 990 273.59 -11.33 139.89
CA GLU SA 990 274.28 -12.62 139.99
C GLU SA 990 273.80 -13.65 138.94
N ILE SA 991 272.51 -13.65 138.60
CA ILE SA 991 271.97 -14.50 137.52
C ILE SA 991 272.56 -14.18 136.13
N GLU SA 992 273.05 -12.97 135.87
CA GLU SA 992 273.79 -12.66 134.64
C GLU SA 992 275.19 -13.28 134.66
N ASN SA 993 275.85 -13.32 135.82
CA ASN SA 993 277.18 -13.92 135.96
C ASN SA 993 277.14 -15.44 135.88
N ILE SA 994 276.15 -16.11 136.50
CA ILE SA 994 275.94 -17.57 136.31
C ILE SA 994 275.74 -17.87 134.81
N ARG SA 995 274.84 -17.15 134.13
CA ARG SA 995 274.56 -17.28 132.69
C ARG SA 995 275.79 -17.07 131.81
N ALA SA 996 276.58 -16.02 132.03
CA ALA SA 996 277.82 -15.82 131.27
C ALA SA 996 278.82 -16.98 131.47
N GLY SA 997 278.98 -17.48 132.70
CA GLY SA 997 279.87 -18.61 132.99
C GLY SA 997 279.45 -19.93 132.34
N LEU SA 998 278.13 -20.20 132.23
CA LEU SA 998 277.64 -21.36 131.48
C LEU SA 998 277.81 -21.21 129.96
N GLU SA 999 277.54 -20.06 129.37
CA GLU SA 999 277.81 -19.86 127.93
C GLU SA 999 279.31 -19.98 127.61
N ALA SA 1000 280.19 -19.55 128.53
CA ALA SA 1000 281.63 -19.68 128.39
C ALA SA 1000 282.13 -21.14 128.44
N ILE SA 1001 281.51 -22.02 129.25
CA ILE SA 1001 281.78 -23.47 129.23
C ILE SA 1001 281.27 -24.10 127.92
N ILE SA 1002 279.99 -23.95 127.60
CA ILE SA 1002 279.35 -24.71 126.51
C ILE SA 1002 279.96 -24.33 125.14
N SER SA 1003 280.31 -23.06 124.93
CA SER SA 1003 280.97 -22.56 123.70
C SER SA 1003 282.40 -23.10 123.51
N GLN SA 1004 283.03 -23.65 124.56
CA GLN SA 1004 284.41 -24.17 124.50
C GLN SA 1004 284.49 -25.70 124.58
N LYS SA 1005 283.57 -26.38 125.28
CA LYS SA 1005 283.62 -27.82 125.50
C LYS SA 1005 283.53 -28.60 124.17
N GLN SA 1006 284.56 -29.37 123.85
CA GLN SA 1006 284.70 -30.12 122.60
C GLN SA 1006 285.17 -31.56 122.88
N GLU SA 1007 284.76 -32.50 122.02
CA GLU SA 1007 285.10 -33.92 122.09
C GLU SA 1007 284.58 -34.68 123.33
N GLU SA 1008 283.74 -34.07 124.16
CA GLU SA 1008 283.05 -34.66 125.31
C GLU SA 1008 281.68 -34.01 125.55
N ASP SA 1009 280.71 -34.77 126.08
CA ASP SA 1009 279.38 -34.23 126.42
C ASP SA 1009 279.41 -33.32 127.67
N CYS SA 1010 278.79 -32.14 127.62
CA CYS SA 1010 279.01 -31.06 128.60
C CYS SA 1010 278.12 -31.10 129.88
N VAL SA 1011 277.11 -31.98 129.98
CA VAL SA 1011 276.06 -31.87 131.03
C VAL SA 1011 276.62 -31.97 132.46
N PHE SA 1012 277.58 -32.85 132.73
CA PHE SA 1012 278.20 -32.97 134.05
C PHE SA 1012 278.98 -31.71 134.45
N ASP SA 1013 279.68 -31.05 133.53
CA ASP SA 1013 280.40 -29.81 133.81
C ASP SA 1013 279.47 -28.60 134.01
N VAL SA 1014 278.31 -28.57 133.34
CA VAL SA 1014 277.26 -27.57 133.60
C VAL SA 1014 276.62 -27.79 134.97
N VAL SA 1015 276.25 -29.04 135.30
CA VAL SA 1015 275.69 -29.39 136.61
C VAL SA 1015 276.65 -29.07 137.76
N CYS SA 1016 277.96 -29.33 137.62
CA CYS SA 1016 278.92 -28.98 138.66
C CYS SA 1016 279.01 -27.47 138.90
N ASN SA 1017 278.98 -26.66 137.83
CA ASN SA 1017 278.98 -25.21 137.94
C ASN SA 1017 277.71 -24.66 138.62
N LEU SA 1018 276.53 -25.24 138.34
CA LEU SA 1018 275.29 -24.89 139.04
C LEU SA 1018 275.34 -25.27 140.52
N VAL SA 1019 275.76 -26.50 140.85
CA VAL SA 1019 275.86 -26.95 142.25
C VAL SA 1019 276.90 -26.12 143.03
N ASP SA 1020 277.98 -25.67 142.40
CA ASP SA 1020 278.90 -24.71 143.01
C ASP SA 1020 278.22 -23.36 143.30
N ALA SA 1021 277.57 -22.73 142.32
CA ALA SA 1021 277.05 -21.37 142.45
C ALA SA 1021 275.76 -21.26 143.31
N MET SA 1022 274.93 -22.30 143.35
CA MET SA 1022 273.63 -22.29 144.01
C MET SA 1022 273.50 -23.29 145.18
N GLY SA 1023 274.37 -24.30 145.27
CA GLY SA 1023 274.29 -25.33 146.32
C GLY SA 1023 272.95 -26.05 146.37
N GLU SA 1024 272.39 -26.15 147.57
CA GLU SA 1024 271.11 -26.83 147.85
C GLU SA 1024 269.91 -26.24 147.09
N ALA SA 1025 269.97 -24.97 146.66
CA ALA SA 1025 268.93 -24.35 145.84
C ALA SA 1025 268.77 -24.99 144.45
N CYS SA 1026 269.69 -25.84 143.98
CA CYS SA 1026 269.51 -26.63 142.76
C CYS SA 1026 268.37 -27.66 142.87
N ALA SA 1027 268.03 -28.12 144.08
CA ALA SA 1027 267.05 -29.18 144.31
C ALA SA 1027 265.63 -28.86 143.78
N SER SA 1028 265.32 -27.57 143.62
CA SER SA 1028 264.03 -27.06 143.16
C SER SA 1028 264.15 -26.14 141.93
N LEU SA 1029 265.24 -26.22 141.16
CA LEU SA 1029 265.43 -25.41 139.96
C LEU SA 1029 264.34 -25.74 138.94
N THR SA 1030 263.52 -24.75 138.56
CA THR SA 1030 262.43 -24.94 137.58
C THR SA 1030 262.95 -24.85 136.15
N ARG SA 1031 262.19 -25.33 135.17
CA ARG SA 1031 262.57 -25.25 133.74
C ARG SA 1031 262.67 -23.81 133.24
N ASP SA 1032 261.81 -22.91 133.71
CA ASP SA 1032 261.87 -21.49 133.33
C ASP SA 1032 263.15 -20.79 133.82
N ASP SA 1033 263.60 -21.07 135.06
CA ASP SA 1033 264.89 -20.58 135.53
C ASP SA 1033 266.07 -21.26 134.79
N ALA SA 1034 266.05 -22.58 134.61
CA ALA SA 1034 267.11 -23.29 133.89
C ALA SA 1034 267.29 -22.78 132.44
N GLU SA 1035 266.21 -22.61 131.69
CA GLU SA 1035 266.25 -22.03 130.34
C GLU SA 1035 266.84 -20.62 130.29
N TYR SA 1036 266.56 -19.73 131.26
CA TYR SA 1036 267.21 -18.42 131.33
C TYR SA 1036 268.72 -18.51 131.58
N LEU SA 1037 269.15 -19.35 132.51
CA LEU SA 1037 270.56 -19.52 132.86
C LEU SA 1037 271.40 -20.13 131.72
N LEU SA 1038 270.84 -21.08 130.97
CA LEU SA 1038 271.50 -21.69 129.81
C LEU SA 1038 271.62 -20.76 128.58
N GLY SA 1039 270.88 -19.65 128.54
CA GLY SA 1039 270.99 -18.62 127.50
C GLY SA 1039 270.74 -19.14 126.07
N ARG SA 1040 271.73 -18.95 125.19
CA ARG SA 1040 271.74 -19.46 123.80
C ARG SA 1040 271.53 -20.97 123.70
N PHE SA 1041 271.95 -21.73 124.71
CA PHE SA 1041 271.93 -23.18 124.73
C PHE SA 1041 270.74 -23.76 125.53
N SER SA 1042 269.62 -23.04 125.63
CA SER SA 1042 268.43 -23.40 126.41
C SER SA 1042 267.85 -24.78 126.08
N VAL SA 1043 268.16 -25.35 124.91
CA VAL SA 1043 267.79 -26.72 124.54
C VAL SA 1043 268.28 -27.77 125.55
N LEU SA 1044 269.37 -27.49 126.29
CA LEU SA 1044 269.99 -28.42 127.23
C LEU SA 1044 269.17 -28.67 128.52
N ALA SA 1045 268.16 -27.85 128.81
CA ALA SA 1045 267.48 -27.78 130.10
C ALA SA 1045 266.89 -29.12 130.60
N ASP SA 1046 266.23 -29.91 129.76
CA ASP SA 1046 265.64 -31.20 130.17
C ASP SA 1046 266.68 -32.19 130.69
N SER SA 1047 267.86 -32.23 130.06
CA SER SA 1047 268.94 -33.13 130.47
C SER SA 1047 269.64 -32.69 131.75
N VAL SA 1048 269.75 -31.37 131.98
CA VAL SA 1048 270.22 -30.78 133.25
C VAL SA 1048 269.25 -31.12 134.40
N LEU SA 1049 267.94 -30.92 134.22
CA LEU SA 1049 266.96 -31.18 135.27
C LEU SA 1049 266.85 -32.67 135.62
N GLU SA 1050 266.89 -33.57 134.64
CA GLU SA 1050 267.00 -35.01 134.90
C GLU SA 1050 268.27 -35.35 135.68
N THR SA 1051 269.41 -34.74 135.34
CA THR SA 1051 270.68 -34.94 136.07
C THR SA 1051 270.61 -34.43 137.52
N LEU SA 1052 270.04 -33.24 137.78
CA LEU SA 1052 269.90 -32.69 139.13
C LEU SA 1052 268.98 -33.54 140.04
N ALA SA 1053 267.91 -34.12 139.50
CA ALA SA 1053 267.09 -35.10 140.21
C ALA SA 1053 267.87 -36.34 140.67
N THR SA 1054 268.86 -36.84 139.91
CA THR SA 1054 269.70 -37.97 140.36
C THR SA 1054 270.60 -37.61 141.55
N ILE SA 1055 271.09 -36.36 141.65
CA ILE SA 1055 271.85 -35.89 142.82
C ILE SA 1055 270.91 -35.75 144.03
N ALA SA 1056 269.75 -35.10 143.84
CA ALA SA 1056 268.74 -34.94 144.88
C ALA SA 1056 268.28 -36.26 145.52
N SER SA 1057 267.91 -37.25 144.70
CA SER SA 1057 267.37 -38.55 145.16
C SER SA 1057 268.42 -39.55 145.67
N SER SA 1058 269.68 -39.41 145.28
CA SER SA 1058 270.77 -40.30 145.77
C SER SA 1058 271.33 -39.89 147.13
N GLY SA 1059 270.92 -38.75 147.70
CA GLY SA 1059 271.18 -38.38 149.09
C GLY SA 1059 272.61 -37.90 149.41
N ILE SA 1060 273.46 -37.70 148.40
CA ILE SA 1060 274.75 -37.03 148.59
C ILE SA 1060 274.57 -35.53 148.91
N GLU SA 1061 275.57 -34.91 149.52
CA GLU SA 1061 275.57 -33.48 149.81
C GLU SA 1061 275.65 -32.62 148.53
N TRP SA 1062 275.04 -31.43 148.53
CA TRP SA 1062 275.08 -30.48 147.43
C TRP SA 1062 276.41 -29.70 147.38
N THR SA 1063 277.48 -30.36 146.93
CA THR SA 1063 278.78 -29.74 146.68
C THR SA 1063 279.44 -30.32 145.43
N ALA SA 1064 280.26 -29.53 144.74
CA ALA SA 1064 280.87 -29.90 143.47
C ALA SA 1064 281.75 -31.17 143.54
N GLU SA 1065 282.41 -31.42 144.68
CA GLU SA 1065 283.22 -32.63 144.91
C GLU SA 1065 282.35 -33.89 145.01
N ALA SA 1066 281.28 -33.85 145.81
CA ALA SA 1066 280.33 -34.95 145.96
C ALA SA 1066 279.54 -35.22 144.66
N ALA SA 1067 279.21 -34.18 143.89
CA ALA SA 1067 278.53 -34.31 142.62
C ALA SA 1067 279.34 -35.15 141.62
N ARG SA 1068 280.65 -34.86 141.45
CA ARG SA 1068 281.54 -35.68 140.62
C ARG SA 1068 281.70 -37.10 141.16
N ASP SA 1069 281.91 -37.27 142.47
CA ASP SA 1069 282.04 -38.60 143.09
C ASP SA 1069 280.82 -39.51 142.83
N PHE SA 1070 279.60 -38.97 142.78
CA PHE SA 1070 278.43 -39.73 142.35
C PHE SA 1070 278.37 -39.94 140.83
N LEU SA 1071 278.41 -38.86 140.03
CA LEU SA 1071 278.17 -38.93 138.58
C LEU SA 1071 279.21 -39.79 137.84
N GLU SA 1072 280.49 -39.63 138.15
CA GLU SA 1072 281.58 -40.34 137.48
C GLU SA 1072 281.72 -41.82 137.90
N GLY SA 1073 281.07 -42.23 139.00
CA GLY SA 1073 280.89 -43.65 139.36
C GLY SA 1073 279.64 -44.26 138.72
N VAL SA 1074 278.51 -43.53 138.76
CA VAL SA 1074 277.28 -43.84 138.04
C VAL SA 1074 277.43 -43.53 136.56
N ASP SA 1083 280.04 -46.16 121.08
CA ASP SA 1083 278.73 -46.38 120.47
C ASP SA 1083 278.84 -46.65 118.95
N ASN SA 1084 277.76 -47.12 118.32
CA ASN SA 1084 277.72 -47.50 116.90
C ASN SA 1084 277.68 -46.28 115.95
N PHE SA 1085 278.69 -45.40 116.00
CA PHE SA 1085 278.79 -44.25 115.10
C PHE SA 1085 279.12 -44.67 113.66
N ILE SA 1086 278.19 -44.48 112.73
CA ILE SA 1086 278.45 -44.55 111.28
C ILE SA 1086 278.90 -43.18 110.74
N SER SA 1087 279.81 -43.16 109.78
CA SER SA 1087 280.24 -41.94 109.09
C SER SA 1087 279.30 -41.57 107.94
N VAL SA 1088 279.15 -40.29 107.61
CA VAL SA 1088 278.18 -39.76 106.64
C VAL SA 1088 278.86 -38.89 105.58
N ALA SA 1089 278.44 -39.00 104.31
CA ALA SA 1089 279.08 -38.39 103.15
C ALA SA 1089 279.25 -36.86 103.26
ZN ZN UA . -295.53 47.12 -66.32
ZN ZN VA . -235.80 -39.91 -20.59
ZN ZN WA . -231.52 64.15 -85.53
ZN ZN XA . -189.38 10.17 6.90
ZN ZN YA . -167.36 50.74 -107.26
ZN ZN ZA . -131.37 54.73 1.92
ZN ZN AB . -109.78 12.84 -112.06
ZN ZN BB . -65.79 73.25 -24.60
ZN ZN CB . -62.35 -31.95 -89.02
ZN ZN DB . -0.43 57.79 -52.34
ZN ZN EB . -23.83 -62.80 -40.40
ZN ZN FB . 57.64 15.77 -60.96
ZN ZN GB . 11.18 -65.51 19.55
ZN ZN HB . 104.97 -33.94 -39.11
ZN ZN IB . 49.55 -38.82 71.12
ZN ZN JB . 142.60 -69.33 10.77
ZN ZN KB . 96.90 4.67 98.44
ZN ZN LB . 176.17 -74.96 73.81
ZN ZN MB . 154.43 44.62 96.45
ZN ZN NB . 212.76 -48.87 129.49
ZN ZN OB . 218.93 61.38 73.84
ZN ZN PB . 258.84 -3.17 160.29
#